data_8JYW
#
_entry.id   8JYW
#
_cell.length_a   1.00
_cell.length_b   1.00
_cell.length_c   1.00
_cell.angle_alpha   90.00
_cell.angle_beta   90.00
_cell.angle_gamma   90.00
#
_symmetry.space_group_name_H-M   'P 1'
#
_entity_poly.entity_id   1
_entity_poly.type   'polypeptide(L)'
_entity_poly.pdbx_seq_one_letter_code
;SGRPMFAVAVNEFIRSAGQDSLCGVPDINSSGDFMPLHIIVKEVPKVLPCCRRPKIKRTPYTLNDILDEPCPNQLKSSDL
VTFTEPLVSNVKASSSIGLQILKHFDSGAKGSKNFITSASLGTVVKAETIDITKVLAKVRTAKAKVENDLVSRVMKTKRL
CLGLVVETACVAAAGKLTEADNWEISGHTNANIGEAVVTATAELDKNLSRKIEIPPGTALAYSFMDLEILEDRSLRVSSS
AGAMFDSGKAESTV
;
_entity_poly.pdbx_strand_id   A,B,C,D,E,F,G,H,I,J,K,L,M,N,O,P,Q,R,S,T,V,W,X,Y,Z,AA,BA,CA,DA,EA,FA,GA,HA,IA,JA,KA,LA,MA,NA,OA,PA,QA,RA,SA,TA,UA,VA,WA,XA,YA,ZA,AB,BB,CB,DB,EB,FB,GB,HB,IB,JB,KB,LB,MB,NB,OB,PB,QB,RB,SB,TB,UB,VB,WB,XB,YB,ZB,AC,BC,CC,DC,EC,FC,GC,HC,IC,JC,KC
#
# COMPACT_ATOMS: atom_id res chain seq x y z
CA ARG A 3 93.13 25.04 130.00
C ARG A 3 92.67 26.25 129.18
N PRO A 4 93.07 27.44 129.61
CA PRO A 4 92.69 28.65 128.88
C PRO A 4 93.21 28.63 127.45
N MET A 5 92.39 29.17 126.54
CA MET A 5 92.79 29.21 125.14
C MET A 5 94.04 30.04 124.93
N PHE A 6 94.15 31.16 125.65
CA PHE A 6 95.34 32.00 125.52
C PHE A 6 96.59 31.23 125.95
N ALA A 7 96.51 30.49 127.06
CA ALA A 7 97.66 29.71 127.51
C ALA A 7 98.00 28.61 126.50
N VAL A 8 96.98 27.94 125.95
CA VAL A 8 97.23 26.90 124.96
C VAL A 8 97.92 27.49 123.73
N ALA A 9 97.42 28.63 123.24
CA ALA A 9 98.02 29.25 122.07
C ALA A 9 99.45 29.71 122.36
N VAL A 10 99.69 30.23 123.56
CA VAL A 10 101.05 30.65 123.92
C VAL A 10 101.98 29.45 123.93
N ASN A 11 101.53 28.34 124.49
CA ASN A 11 102.36 27.13 124.49
C ASN A 11 102.63 26.64 123.07
N GLU A 12 101.61 26.66 122.22
CA GLU A 12 101.80 26.23 120.83
C GLU A 12 102.83 27.12 120.13
N PHE A 13 102.70 28.43 120.31
CA PHE A 13 103.64 29.36 119.67
C PHE A 13 105.06 29.14 120.19
N ILE A 14 105.21 29.02 121.51
CA ILE A 14 106.55 28.89 122.07
C ILE A 14 107.18 27.55 121.68
N ARG A 15 106.37 26.52 121.49
CA ARG A 15 106.91 25.26 121.00
C ARG A 15 107.34 25.37 119.53
N SER A 16 106.48 25.95 118.69
CA SER A 16 106.79 26.05 117.27
C SER A 16 108.02 26.91 117.04
N ALA A 17 108.12 28.04 117.73
CA ALA A 17 109.24 28.96 117.59
C ALA A 17 109.75 29.34 118.96
N GLY A 18 111.08 29.35 119.13
CA GLY A 18 111.68 29.75 120.38
C GLY A 18 111.37 28.86 121.55
N GLN A 19 111.51 27.54 121.37
CA GLN A 19 111.27 26.62 122.48
C GLN A 19 112.26 26.85 123.61
N ASP A 20 113.44 27.36 123.30
CA ASP A 20 114.44 27.72 124.30
C ASP A 20 114.55 29.24 124.40
N SER A 21 114.95 29.70 125.58
CA SER A 21 115.16 31.13 125.86
C SER A 21 113.88 31.93 125.59
N LEU A 22 112.77 31.46 126.13
CA LEU A 22 111.49 32.15 125.97
C LEU A 22 110.56 31.73 127.09
N CYS A 23 109.85 32.70 127.66
CA CYS A 23 108.94 32.47 128.78
C CYS A 23 107.53 32.85 128.36
N GLY A 24 106.59 31.94 128.61
CA GLY A 24 105.20 32.22 128.28
C GLY A 24 104.60 33.32 129.14
N VAL A 25 103.58 33.96 128.59
CA VAL A 25 102.87 35.03 129.29
C VAL A 25 101.73 34.42 130.10
N PRO A 26 101.60 34.76 131.39
CA PRO A 26 100.57 34.12 132.21
C PRO A 26 99.15 34.38 131.76
N ASP A 27 98.81 35.62 131.40
CA ASP A 27 97.44 35.93 131.02
C ASP A 27 97.41 37.20 130.19
N ILE A 28 96.28 37.41 129.53
CA ILE A 28 96.12 38.57 128.65
C ILE A 28 96.24 39.87 129.43
N ASN A 29 95.65 39.91 130.63
CA ASN A 29 95.67 41.13 131.41
C ASN A 29 97.09 41.55 131.76
N SER A 30 97.92 40.59 132.16
CA SER A 30 99.30 40.88 132.55
C SER A 30 100.27 40.81 131.39
N SER A 31 99.78 40.54 130.18
CA SER A 31 100.67 40.51 129.02
C SER A 31 101.35 41.85 128.79
N GLY A 32 100.65 42.95 129.05
CA GLY A 32 101.21 44.27 128.79
C GLY A 32 102.31 44.70 129.75
N ASP A 33 102.53 43.95 130.83
CA ASP A 33 103.56 44.28 131.79
C ASP A 33 104.90 43.63 131.49
N PHE A 34 105.01 42.90 130.38
CA PHE A 34 106.23 42.20 130.02
C PHE A 34 106.84 42.76 128.73
N MET A 35 106.67 44.06 128.51
CA MET A 35 107.32 44.73 127.40
C MET A 35 108.80 44.96 127.71
N PRO A 36 109.61 45.23 126.69
CA PRO A 36 111.05 45.41 126.93
C PRO A 36 111.33 46.54 127.90
N LEU A 37 112.42 46.40 128.65
CA LEU A 37 112.86 47.36 129.65
C LEU A 37 111.86 47.44 130.81
N HIS A 38 111.45 46.28 131.29
CA HIS A 38 110.58 46.17 132.47
C HIS A 38 111.27 45.31 133.52
N ILE A 39 111.06 45.65 134.78
CA ILE A 39 111.65 44.93 135.91
C ILE A 39 110.68 43.85 136.36
N ILE A 40 111.20 42.65 136.59
CA ILE A 40 110.42 41.53 137.12
C ILE A 40 111.20 40.93 138.29
N VAL A 41 110.47 40.20 139.13
CA VAL A 41 111.05 39.58 140.32
C VAL A 41 110.98 38.07 140.14
N LYS A 42 112.08 37.40 140.45
CA LYS A 42 112.17 35.94 140.36
C LYS A 42 112.34 35.36 141.76
N GLU A 43 111.53 34.35 142.07
CA GLU A 43 111.55 33.68 143.36
C GLU A 43 111.93 32.23 143.15
N VAL A 44 112.89 31.76 143.95
CA VAL A 44 113.40 30.40 143.85
C VAL A 44 112.35 29.41 144.38
N PRO A 45 112.34 28.16 143.91
CA PRO A 45 111.34 27.20 144.42
C PRO A 45 111.42 26.95 145.91
N LYS A 46 112.63 27.00 146.49
CA LYS A 46 112.92 26.77 147.90
C LYS A 46 112.71 25.32 148.33
N VAL A 47 112.25 24.45 147.44
CA VAL A 47 112.05 23.04 147.78
C VAL A 47 112.96 22.20 146.90
N LEU A 48 112.79 22.29 145.59
CA LEU A 48 113.63 21.60 144.61
C LEU A 48 114.10 22.62 143.58
N PRO A 49 115.05 23.49 143.95
CA PRO A 49 115.46 24.55 143.02
C PRO A 49 115.99 24.03 141.69
N CYS A 50 116.70 22.90 141.69
CA CYS A 50 117.23 22.33 140.46
C CYS A 50 116.22 21.49 139.70
N CYS A 51 115.06 21.21 140.29
CA CYS A 51 114.05 20.38 139.65
C CYS A 51 112.77 21.14 139.29
N ARG A 52 112.57 22.34 139.84
CA ARG A 52 111.35 23.10 139.61
C ARG A 52 111.71 24.47 139.06
N ARG A 53 110.93 24.95 138.09
CA ARG A 53 111.17 26.26 137.52
C ARG A 53 110.75 27.35 138.51
N PRO A 54 111.45 28.47 138.54
CA PRO A 54 111.14 29.53 139.52
C PRO A 54 109.82 30.24 139.24
N LYS A 55 109.45 31.17 140.10
CA LYS A 55 108.21 31.92 140.00
C LYS A 55 108.51 33.36 139.59
N ILE A 56 107.79 33.85 138.59
CA ILE A 56 108.05 35.17 138.02
C ILE A 56 106.89 36.09 138.38
N LYS A 57 107.22 37.25 138.94
CA LYS A 57 106.25 38.24 139.40
C LYS A 57 106.47 39.54 138.64
N ARG A 58 105.39 40.09 138.10
CA ARG A 58 105.45 41.37 137.40
C ARG A 58 105.46 42.52 138.38
N THR A 59 106.09 43.62 137.97
CA THR A 59 106.15 44.83 138.78
C THR A 59 105.83 46.04 137.92
N PRO A 60 105.26 47.08 138.50
CA PRO A 60 104.93 48.30 137.73
C PRO A 60 106.11 49.29 137.70
N TYR A 61 107.24 48.83 137.19
CA TYR A 61 108.44 49.64 137.14
C TYR A 61 109.15 49.45 135.81
N THR A 62 109.81 50.52 135.36
CA THR A 62 110.72 50.47 134.23
C THR A 62 112.14 50.71 134.72
N LEU A 63 113.10 50.52 133.81
CA LEU A 63 114.50 50.68 134.19
C LEU A 63 114.80 52.11 134.63
N ASN A 64 114.28 53.10 133.90
CA ASN A 64 114.54 54.49 134.23
C ASN A 64 113.92 54.87 135.57
N ASP A 65 112.75 54.31 135.89
CA ASP A 65 112.15 54.59 137.19
C ASP A 65 112.94 53.92 138.31
N ILE A 66 113.38 52.67 138.10
CA ILE A 66 114.08 51.96 139.16
C ILE A 66 115.47 52.51 139.38
N LEU A 67 116.05 53.16 138.36
CA LEU A 67 117.42 53.67 138.44
C LEU A 67 117.42 55.16 138.72
N ASP A 68 118.34 55.59 139.58
CA ASP A 68 118.54 57.02 139.80
C ASP A 68 119.01 57.70 138.51
N GLU A 69 119.93 57.07 137.79
CA GLU A 69 120.45 57.63 136.55
C GLU A 69 119.70 57.02 135.36
N PRO A 70 119.09 57.83 134.50
CA PRO A 70 118.34 57.27 133.37
C PRO A 70 119.26 56.66 132.32
N CYS A 71 118.67 55.80 131.51
CA CYS A 71 119.34 55.11 130.42
C CYS A 71 118.53 55.29 129.14
N PRO A 72 119.18 55.20 127.98
CA PRO A 72 118.41 55.25 126.72
C PRO A 72 117.41 54.10 126.65
N ASN A 73 116.25 54.38 126.06
CA ASN A 73 115.13 53.45 126.08
C ASN A 73 114.47 53.26 124.71
N GLN A 74 115.10 53.71 123.64
CA GLN A 74 114.50 53.55 122.32
C GLN A 74 114.40 52.08 121.95
N LEU A 75 113.36 51.74 121.18
CA LEU A 75 113.06 50.36 120.81
C LEU A 75 112.99 50.22 119.30
N LYS A 76 112.95 48.97 118.84
CA LYS A 76 112.78 48.65 117.45
C LYS A 76 112.13 47.28 117.34
N SER A 77 111.40 47.06 116.25
CA SER A 77 110.67 45.82 116.04
C SER A 77 110.95 45.28 114.65
N SER A 78 110.90 43.95 114.55
CA SER A 78 111.12 43.26 113.28
C SER A 78 110.38 41.94 113.28
N ASP A 79 110.07 41.44 112.09
CA ASP A 79 109.28 40.22 111.98
C ASP A 79 110.04 39.02 112.53
N LEU A 80 109.29 38.10 113.13
CA LEU A 80 109.86 36.89 113.71
C LEU A 80 109.36 35.62 113.04
N VAL A 81 108.04 35.44 112.95
CA VAL A 81 107.45 34.24 112.35
C VAL A 81 106.06 34.60 111.84
N THR A 82 105.54 33.79 110.93
CA THR A 82 104.26 34.04 110.28
C THR A 82 103.50 32.73 110.17
N PHE A 83 102.36 32.64 110.85
CA PHE A 83 101.48 31.47 110.75
C PHE A 83 100.51 31.70 109.61
N THR A 84 100.80 31.09 108.46
CA THR A 84 99.99 31.33 107.26
C THR A 84 98.58 30.79 107.42
N GLU A 85 98.43 29.65 108.09
CA GLU A 85 97.12 29.04 108.27
C GLU A 85 96.88 28.75 109.74
N PRO A 86 95.62 28.74 110.17
CA PRO A 86 95.33 28.53 111.59
C PRO A 86 95.76 27.15 112.06
N LEU A 87 96.24 27.09 113.30
CA LEU A 87 96.50 25.82 113.96
C LEU A 87 95.17 25.19 114.33
N VAL A 88 94.89 24.01 113.78
CA VAL A 88 93.62 23.33 113.95
C VAL A 88 93.87 22.00 114.65
N SER A 89 93.08 21.72 115.68
CA SER A 89 93.18 20.48 116.43
C SER A 89 91.81 19.86 116.61
N ASN A 90 91.72 18.54 116.43
CA ASN A 90 90.49 17.80 116.59
C ASN A 90 90.76 16.56 117.44
N VAL A 91 89.89 16.32 118.41
CA VAL A 91 89.94 15.12 119.25
C VAL A 91 88.53 14.54 119.29
N LYS A 92 88.42 13.24 119.10
CA LYS A 92 87.12 12.57 119.09
C LYS A 92 87.28 11.22 119.77
N ALA A 93 86.64 11.06 120.94
CA ALA A 93 86.70 9.83 121.69
C ALA A 93 85.31 9.27 121.89
N SER A 94 85.21 7.94 121.93
CA SER A 94 83.94 7.27 122.16
C SER A 94 84.22 5.91 122.77
N SER A 95 83.52 5.59 123.86
CA SER A 95 83.75 4.34 124.58
C SER A 95 82.44 3.79 125.09
N SER A 96 82.41 2.49 125.32
CA SER A 96 81.24 1.80 125.85
C SER A 96 81.70 0.65 126.73
N ILE A 97 80.98 0.45 127.84
CA ILE A 97 81.28 -0.59 128.81
C ILE A 97 80.01 -1.39 129.09
N GLY A 98 80.13 -2.71 129.13
CA GLY A 98 79.01 -3.56 129.47
C GLY A 98 79.39 -4.63 130.47
N LEU A 99 78.75 -4.63 131.64
CA LEU A 99 79.04 -5.57 132.71
C LEU A 99 77.80 -6.38 133.00
N GLN A 100 77.96 -7.70 133.12
CA GLN A 100 76.85 -8.58 133.47
C GLN A 100 77.32 -9.58 134.52
N ILE A 101 76.55 -9.70 135.59
CA ILE A 101 76.78 -10.71 136.63
C ILE A 101 75.55 -11.60 136.64
N LEU A 102 75.66 -12.77 136.01
CA LEU A 102 74.62 -13.80 135.96
C LEU A 102 73.36 -13.16 135.41
N LYS A 103 72.19 -13.40 136.01
CA LYS A 103 70.98 -12.65 135.71
C LYS A 103 70.60 -11.70 136.83
N HIS A 104 71.58 -11.31 137.65
CA HIS A 104 71.35 -10.45 138.80
C HIS A 104 71.83 -9.02 138.61
N PHE A 105 72.90 -8.80 137.84
CA PHE A 105 73.40 -7.46 137.61
C PHE A 105 73.61 -7.25 136.12
N ASP A 106 73.23 -6.07 135.62
CA ASP A 106 73.44 -5.76 134.20
C ASP A 106 73.57 -4.25 134.05
N SER A 107 74.78 -3.77 133.78
CA SER A 107 75.04 -2.35 133.63
C SER A 107 75.61 -2.07 132.24
N GLY A 108 75.11 -1.02 131.60
CA GLY A 108 75.65 -0.58 130.33
C GLY A 108 75.88 0.91 130.30
N ALA A 109 77.13 1.32 130.12
CA ALA A 109 77.50 2.72 130.10
C ALA A 109 78.16 3.06 128.77
N LYS A 110 78.09 4.33 128.39
CA LYS A 110 78.73 4.77 127.16
C LYS A 110 78.99 6.26 127.26
N GLY A 111 80.05 6.70 126.61
CA GLY A 111 80.43 8.10 126.62
C GLY A 111 81.06 8.50 125.31
N SER A 112 80.96 9.79 125.00
CA SER A 112 81.56 10.32 123.79
C SER A 112 81.97 11.77 124.03
N LYS A 113 82.99 12.21 123.29
CA LYS A 113 83.52 13.55 123.44
C LYS A 113 84.09 14.01 122.11
N ASN A 114 83.81 15.26 121.76
CA ASN A 114 84.31 15.88 120.53
C ASN A 114 84.83 17.27 120.87
N PHE A 115 86.10 17.51 120.63
CA PHE A 115 86.79 18.73 121.02
C PHE A 115 87.49 19.31 119.81
N ILE A 116 87.23 20.58 119.49
CA ILE A 116 87.80 21.24 118.33
C ILE A 116 88.41 22.57 118.74
N THR A 117 89.61 22.84 118.25
CA THR A 117 90.33 24.07 118.58
C THR A 117 90.90 24.68 117.31
N SER A 118 90.87 26.01 117.22
CA SER A 118 91.46 26.74 116.11
C SER A 118 92.09 28.02 116.62
N ALA A 119 93.35 28.25 116.26
CA ALA A 119 94.06 29.45 116.66
C ALA A 119 94.68 30.11 115.43
N SER A 120 94.39 31.39 115.23
CA SER A 120 94.91 32.18 114.12
C SER A 120 95.68 33.34 114.72
N LEU A 121 97.01 33.22 114.73
CA LEU A 121 97.89 34.24 115.29
C LEU A 121 98.42 35.21 114.26
N GLY A 122 98.20 34.96 112.98
CA GLY A 122 98.66 35.89 111.96
C GLY A 122 100.17 36.00 111.96
N THR A 123 100.67 37.23 112.09
CA THR A 123 102.10 37.53 112.09
C THR A 123 102.54 37.91 113.49
N VAL A 124 103.69 37.39 113.91
CA VAL A 124 104.27 37.70 115.22
C VAL A 124 105.57 38.44 114.98
N VAL A 125 105.73 39.59 115.64
CA VAL A 125 106.93 40.39 115.55
C VAL A 125 107.65 40.36 116.89
N LYS A 126 108.91 40.79 116.88
CA LYS A 126 109.73 40.87 118.07
C LYS A 126 110.19 42.30 118.26
N ALA A 127 110.06 42.79 119.49
CA ALA A 127 110.44 44.15 119.84
C ALA A 127 111.54 44.09 120.90
N GLU A 128 112.55 44.94 120.72
CA GLU A 128 113.72 44.94 121.59
C GLU A 128 114.43 46.28 121.47
N THR A 129 115.27 46.56 122.46
CA THR A 129 116.04 47.79 122.46
C THR A 129 116.93 47.88 121.23
N ILE A 130 117.09 49.09 120.70
CA ILE A 130 117.93 49.28 119.52
C ILE A 130 119.38 48.89 119.82
N ASP A 131 119.90 49.30 120.97
CA ASP A 131 121.24 48.96 121.40
C ASP A 131 121.18 48.50 122.84
N ILE A 132 121.54 47.24 123.09
CA ILE A 132 121.51 46.70 124.44
C ILE A 132 122.83 46.93 125.16
N THR A 133 123.93 47.05 124.43
CA THR A 133 125.23 47.25 125.06
C THR A 133 125.27 48.57 125.84
N LYS A 134 124.71 49.64 125.25
CA LYS A 134 124.68 50.93 125.94
C LYS A 134 123.82 50.84 127.21
N VAL A 135 122.68 50.17 127.12
CA VAL A 135 121.81 50.01 128.28
C VAL A 135 122.55 49.25 129.38
N LEU A 136 123.24 48.18 129.01
CA LEU A 136 123.98 47.40 130.00
C LEU A 136 125.09 48.23 130.64
N ALA A 137 125.82 49.00 129.84
CA ALA A 137 126.89 49.83 130.38
C ALA A 137 126.34 50.84 131.38
N LYS A 138 125.28 51.55 130.99
CA LYS A 138 124.68 52.54 131.87
C LYS A 138 124.13 51.91 133.15
N VAL A 139 123.52 50.72 133.03
CA VAL A 139 123.04 50.02 134.22
C VAL A 139 124.20 49.75 135.17
N ARG A 140 125.28 49.20 134.63
CA ARG A 140 126.43 48.86 135.46
C ARG A 140 127.03 50.09 136.13
N THR A 141 127.00 51.23 135.44
CA THR A 141 127.56 52.45 136.01
C THR A 141 126.53 53.29 136.77
N ALA A 142 125.28 52.84 136.87
CA ALA A 142 124.22 53.61 137.49
C ALA A 142 123.76 52.95 138.79
N LYS A 143 123.34 53.77 139.74
CA LYS A 143 122.82 53.30 141.02
C LYS A 143 121.29 53.30 141.04
N ALA A 144 120.73 52.35 141.77
CA ALA A 144 119.28 52.23 141.88
C ALA A 144 118.70 53.36 142.74
N LYS A 145 117.39 53.47 142.72
CA LYS A 145 116.70 54.50 143.47
C LYS A 145 116.67 54.14 144.95
N VAL A 146 117.24 55.01 145.79
CA VAL A 146 117.27 54.76 147.23
C VAL A 146 115.86 54.77 147.79
N GLU A 147 115.00 55.67 147.30
CA GLU A 147 113.62 55.74 147.77
C GLU A 147 112.86 54.45 147.52
N ASN A 148 113.12 53.77 146.41
CA ASN A 148 112.36 52.58 146.05
C ASN A 148 112.47 51.51 147.13
N ASP A 149 111.33 50.90 147.46
CA ASP A 149 111.27 49.87 148.49
C ASP A 149 111.52 48.47 147.93
N LEU A 150 111.08 48.22 146.69
CA LEU A 150 111.27 46.92 146.07
C LEU A 150 112.74 46.55 146.00
N VAL A 151 113.59 47.50 145.59
CA VAL A 151 115.03 47.24 145.50
C VAL A 151 115.59 46.83 146.86
N SER A 152 115.20 47.57 147.90
CA SER A 152 115.68 47.25 149.24
C SER A 152 115.22 45.88 149.67
N ARG A 153 113.95 45.55 149.40
CA ARG A 153 113.44 44.23 149.73
C ARG A 153 114.27 43.13 149.06
N VAL A 154 114.50 43.28 147.75
CA VAL A 154 115.27 42.28 147.01
C VAL A 154 116.69 42.20 147.54
N MET A 155 117.27 43.34 147.93
CA MET A 155 118.63 43.35 148.47
C MET A 155 118.70 42.59 149.79
N LYS A 156 117.75 42.82 150.68
CA LYS A 156 117.81 42.18 151.99
C LYS A 156 117.46 40.70 151.90
N THR A 157 116.54 40.33 151.01
CA THR A 157 116.18 38.93 150.86
C THR A 157 117.18 38.22 149.94
N LYS A 158 117.30 36.91 150.13
CA LYS A 158 118.23 36.10 149.35
C LYS A 158 117.55 35.33 148.24
N ARG A 159 116.27 34.98 148.40
CA ARG A 159 115.57 34.24 147.34
C ARG A 159 115.25 35.14 146.16
N LEU A 160 114.82 36.38 146.42
CA LEU A 160 114.37 37.26 145.37
C LEU A 160 115.53 37.71 144.49
N CYS A 161 115.26 37.78 143.18
CA CYS A 161 116.22 38.29 142.22
C CYS A 161 115.51 39.22 141.25
N LEU A 162 116.26 40.15 140.66
CA LEU A 162 115.70 41.11 139.73
C LEU A 162 116.04 40.72 138.29
N GLY A 163 115.11 40.95 137.38
CA GLY A 163 115.34 40.66 135.98
C GLY A 163 114.83 41.75 135.06
N LEU A 164 115.63 42.12 134.07
CA LEU A 164 115.27 43.15 133.10
C LEU A 164 114.85 42.46 131.81
N VAL A 165 113.64 42.76 131.35
CA VAL A 165 113.12 42.16 130.12
C VAL A 165 113.75 42.87 128.92
N VAL A 166 114.25 42.08 127.97
CA VAL A 166 115.02 42.64 126.87
C VAL A 166 114.39 42.39 125.50
N GLU A 167 113.50 41.42 125.35
CA GLU A 167 112.85 41.19 124.06
C GLU A 167 111.47 40.61 124.29
N THR A 168 110.53 40.99 123.43
CA THR A 168 109.15 40.56 123.58
C THR A 168 108.53 40.22 122.23
N ALA A 169 107.75 39.15 122.19
CA ALA A 169 107.06 38.72 120.98
C ALA A 169 105.60 39.16 121.07
N CYS A 170 105.15 39.91 120.07
CA CYS A 170 103.81 40.49 120.07
C CYS A 170 103.14 40.25 118.72
N VAL A 171 101.82 40.07 118.75
CA VAL A 171 101.06 39.86 117.53
C VAL A 171 100.92 41.19 116.79
N ALA A 172 101.20 41.17 115.49
CA ALA A 172 101.08 42.40 114.71
C ALA A 172 99.63 42.79 114.48
N ALA A 173 98.76 41.81 114.26
CA ALA A 173 97.35 42.05 114.00
C ALA A 173 96.51 41.26 114.99
N ALA A 174 95.19 41.38 114.85
CA ALA A 174 94.28 40.71 115.76
C ALA A 174 94.39 39.19 115.62
N GLY A 175 94.33 38.50 116.75
CA GLY A 175 94.42 37.04 116.78
C GLY A 175 93.11 36.43 117.24
N LYS A 176 92.70 35.36 116.56
CA LYS A 176 91.40 34.74 116.80
C LYS A 176 91.57 33.35 117.41
N LEU A 177 90.86 33.09 118.50
CA LEU A 177 90.92 31.81 119.19
C LEU A 177 89.51 31.26 119.33
N THR A 178 89.27 30.05 118.80
CA THR A 178 87.96 29.43 118.82
C THR A 178 88.05 28.02 119.39
N GLU A 179 87.09 27.65 120.22
CA GLU A 179 87.03 26.34 120.86
C GLU A 179 85.60 25.85 120.90
N ALA A 180 85.40 24.57 120.59
CA ALA A 180 84.09 23.93 120.64
C ALA A 180 84.20 22.59 121.35
N ASP A 181 83.24 22.32 122.24
CA ASP A 181 83.23 21.11 123.03
C ASP A 181 81.83 20.51 123.00
N ASN A 182 81.73 19.20 122.79
CA ASN A 182 80.45 18.50 122.83
C ASN A 182 80.70 17.13 123.42
N TRP A 183 80.19 16.88 124.63
CA TRP A 183 80.38 15.55 125.21
C TRP A 183 79.08 15.04 125.81
N GLU A 184 78.98 13.71 125.90
CA GLU A 184 77.72 13.05 126.23
C GLU A 184 78.00 11.77 127.01
N ILE A 185 77.15 11.50 128.01
CA ILE A 185 77.23 10.32 128.84
C ILE A 185 75.85 9.68 128.91
N SER A 186 75.78 8.36 128.70
CA SER A 186 74.53 7.62 128.81
C SER A 186 74.79 6.33 129.58
N GLY A 187 74.13 6.19 130.73
CA GLY A 187 74.33 5.03 131.58
C GLY A 187 73.02 4.38 131.96
N HIS A 188 73.09 3.07 132.19
CA HIS A 188 71.93 2.27 132.54
C HIS A 188 72.34 1.17 133.50
N THR A 189 71.50 0.91 134.50
CA THR A 189 71.78 -0.08 135.53
C THR A 189 70.52 -0.90 135.79
N ASN A 190 70.67 -2.22 135.88
CA ASN A 190 69.56 -3.12 136.16
C ASN A 190 70.02 -4.12 137.22
N ALA A 191 69.48 -3.99 138.42
CA ALA A 191 69.75 -4.90 139.52
C ALA A 191 68.50 -5.75 139.75
N ASN A 192 68.55 -7.01 139.32
CA ASN A 192 67.44 -7.94 139.48
C ASN A 192 67.75 -8.88 140.64
N ILE A 193 66.84 -8.90 141.61
CA ILE A 193 66.95 -9.79 142.76
C ILE A 193 65.63 -10.53 142.89
N GLY A 194 65.65 -11.63 143.66
CA GLY A 194 64.47 -12.45 143.80
C GLY A 194 63.25 -11.69 144.30
N GLU A 195 63.46 -10.70 145.16
CA GLU A 195 62.36 -9.90 145.70
C GLU A 195 62.50 -8.42 145.40
N ALA A 196 63.44 -8.02 144.55
CA ALA A 196 63.64 -6.61 144.25
C ALA A 196 64.13 -6.46 142.82
N VAL A 197 63.59 -5.45 142.12
CA VAL A 197 64.00 -5.11 140.76
C VAL A 197 64.23 -3.61 140.71
N VAL A 198 65.44 -3.20 140.34
CA VAL A 198 65.80 -1.79 140.23
C VAL A 198 66.29 -1.53 138.81
N THR A 199 65.73 -0.51 138.16
CA THR A 199 66.11 -0.13 136.81
C THR A 199 66.34 1.37 136.77
N ALA A 200 67.60 1.78 136.65
CA ALA A 200 67.97 3.19 136.63
C ALA A 200 68.60 3.54 135.29
N THR A 201 68.38 4.78 134.86
CA THR A 201 68.91 5.26 133.59
C THR A 201 69.22 6.75 133.72
N ALA A 202 70.32 7.18 133.13
CA ALA A 202 70.71 8.58 133.19
C ALA A 202 71.43 8.99 131.91
N GLU A 203 70.95 10.06 131.29
CA GLU A 203 71.55 10.61 130.08
C GLU A 203 71.82 12.08 130.26
N LEU A 204 72.99 12.53 129.82
CA LEU A 204 73.29 13.96 129.84
C LEU A 204 74.28 14.29 128.73
N ASP A 205 74.31 15.56 128.34
CA ASP A 205 75.22 16.01 127.30
C ASP A 205 75.41 17.51 127.43
N LYS A 206 76.65 17.96 127.31
CA LYS A 206 77.02 19.36 127.43
C LYS A 206 77.68 19.84 126.15
N ASN A 207 77.32 21.06 125.74
CA ASN A 207 77.87 21.70 124.56
C ASN A 207 78.34 23.10 124.93
N LEU A 208 79.58 23.43 124.56
CA LEU A 208 80.17 24.73 124.84
C LEU A 208 80.88 25.25 123.59
N SER A 209 80.96 26.57 123.49
CA SER A 209 81.68 27.21 122.39
C SER A 209 82.17 28.57 122.86
N ARG A 210 83.48 28.81 122.74
CA ARG A 210 84.09 30.05 123.16
C ARG A 210 84.94 30.61 122.04
N LYS A 211 84.72 31.88 121.68
CA LYS A 211 85.45 32.52 120.59
C LYS A 211 85.86 33.91 121.04
N ILE A 212 87.18 34.18 121.03
CA ILE A 212 87.71 35.46 121.45
C ILE A 212 88.70 35.96 120.41
N GLU A 213 89.06 37.24 120.55
CA GLU A 213 89.96 37.91 119.61
C GLU A 213 90.85 38.87 120.38
N ILE A 214 92.13 38.52 120.52
CA ILE A 214 93.09 39.40 121.16
C ILE A 214 93.47 40.53 120.21
N PRO A 215 93.64 41.75 120.70
CA PRO A 215 93.92 42.88 119.82
C PRO A 215 95.39 42.95 119.45
N PRO A 216 95.75 43.74 118.43
CA PRO A 216 97.16 43.89 118.07
C PRO A 216 97.97 44.47 119.23
N GLY A 217 99.22 44.00 119.34
CA GLY A 217 100.13 44.46 120.37
C GLY A 217 100.19 43.59 121.60
N THR A 218 99.32 42.59 121.72
CA THR A 218 99.34 41.72 122.88
C THR A 218 100.62 40.91 122.92
N ALA A 219 101.29 40.93 124.07
CA ALA A 219 102.54 40.19 124.22
C ALA A 219 102.26 38.70 124.37
N LEU A 220 103.17 37.89 123.83
CA LEU A 220 103.06 36.43 123.91
C LEU A 220 104.15 35.79 124.75
N ALA A 221 105.39 36.23 124.61
CA ALA A 221 106.51 35.62 125.31
C ALA A 221 107.63 36.64 125.44
N TYR A 222 108.58 36.34 126.32
CA TYR A 222 109.63 37.30 126.62
C TYR A 222 110.87 36.57 127.12
N SER A 223 111.99 37.29 127.12
CA SER A 223 113.24 36.82 127.69
C SER A 223 113.85 37.94 128.51
N PHE A 224 114.58 37.58 129.57
CA PHE A 224 115.08 38.58 130.50
C PHE A 224 116.50 38.23 130.93
N MET A 225 117.19 39.24 131.44
CA MET A 225 118.55 39.13 131.95
C MET A 225 118.57 39.42 133.43
N ASP A 226 119.34 38.65 134.19
CA ASP A 226 119.37 38.79 135.63
C ASP A 226 120.18 40.01 136.06
N LEU A 227 119.93 40.46 137.29
CA LEU A 227 120.63 41.59 137.88
C LEU A 227 121.00 41.25 139.32
N GLU A 228 121.82 42.12 139.91
CA GLU A 228 122.29 41.93 141.28
C GLU A 228 122.52 43.29 141.93
N ILE A 229 121.92 43.49 143.10
CA ILE A 229 122.08 44.73 143.85
C ILE A 229 123.38 44.64 144.65
N LEU A 230 124.27 45.61 144.46
CA LEU A 230 125.46 45.69 145.29
C LEU A 230 125.09 46.12 146.71
N GLU A 231 126.10 46.20 147.57
CA GLU A 231 125.90 46.76 148.91
C GLU A 231 125.29 48.15 148.82
N ASP A 232 125.84 48.99 147.95
CA ASP A 232 125.26 50.29 147.64
C ASP A 232 124.07 50.12 146.70
N ARG A 233 123.50 51.24 146.26
CA ARG A 233 122.42 51.20 145.28
C ARG A 233 122.89 50.77 143.90
N SER A 234 124.19 50.60 143.69
CA SER A 234 124.73 50.19 142.40
C SER A 234 124.17 48.83 141.97
N LEU A 235 124.00 48.66 140.67
CA LEU A 235 123.49 47.43 140.09
C LEU A 235 124.54 46.80 139.19
N ARG A 236 124.54 45.46 139.14
CA ARG A 236 125.46 44.71 138.31
C ARG A 236 124.69 43.64 137.55
N VAL A 237 125.26 43.18 136.45
CA VAL A 237 124.64 42.12 135.66
C VAL A 237 125.31 40.81 136.00
N SER A 238 124.53 39.73 136.05
CA SER A 238 125.01 38.43 136.45
C SER A 238 124.71 37.40 135.36
N SER A 239 125.65 36.50 135.11
CA SER A 239 125.52 35.50 134.06
C SER A 239 125.79 34.12 134.65
N SER A 240 124.78 33.26 134.63
CA SER A 240 124.95 31.87 135.02
C SER A 240 125.62 31.11 133.89
N ALA A 241 126.89 30.77 134.08
CA ALA A 241 127.70 30.11 133.05
C ALA A 241 127.77 30.94 131.77
N GLY A 242 127.73 32.27 131.91
CA GLY A 242 127.81 33.17 130.78
C GLY A 242 126.57 33.18 129.90
N ALA A 243 125.43 32.73 130.39
CA ALA A 243 124.23 32.68 129.56
C ALA A 243 123.75 34.09 129.21
N MET A 244 123.58 34.94 130.21
CA MET A 244 123.04 36.30 130.06
C MET A 244 121.66 36.31 129.40
N PHE A 245 120.98 35.16 129.39
CA PHE A 245 119.63 35.07 128.83
C PHE A 245 118.89 34.01 129.65
N ASP A 246 118.07 34.44 130.59
CA ASP A 246 117.39 33.52 131.48
C ASP A 246 115.98 33.28 130.99
N SER A 247 115.59 32.01 130.90
CA SER A 247 114.26 31.61 130.45
C SER A 247 113.42 31.06 131.59
N GLY A 248 113.78 31.35 132.83
CA GLY A 248 113.06 30.81 133.97
C GLY A 248 113.12 29.30 134.04
N LYS A 249 114.28 28.72 133.73
CA LYS A 249 114.47 27.27 133.72
C LYS A 249 115.22 26.84 134.97
N ALA A 250 114.95 25.60 135.39
CA ALA A 250 115.66 25.04 136.53
C ALA A 250 117.13 24.82 136.20
N GLU A 251 117.97 24.90 137.23
CA GLU A 251 119.40 24.73 137.03
C GLU A 251 119.73 23.33 136.52
N SER A 252 119.05 22.31 137.06
CA SER A 252 119.24 20.92 136.66
C SER A 252 120.70 20.49 136.77
CA ARG B 3 110.26 17.58 117.18
C ARG B 3 109.78 18.83 116.44
N PRO B 4 110.31 19.99 116.82
CA PRO B 4 109.91 21.23 116.15
C PRO B 4 110.25 21.19 114.66
N MET B 5 109.36 21.79 113.86
CA MET B 5 109.56 21.82 112.43
C MET B 5 110.84 22.57 112.06
N PHE B 6 111.11 23.68 112.76
CA PHE B 6 112.33 24.44 112.49
C PHE B 6 113.57 23.59 112.75
N ALA B 7 113.58 22.85 113.86
CA ALA B 7 114.72 21.98 114.15
C ALA B 7 114.86 20.88 113.11
N VAL B 8 113.74 20.29 112.69
CA VAL B 8 113.80 19.24 111.67
C VAL B 8 114.35 19.80 110.37
N ALA B 9 113.88 20.97 109.95
CA ALA B 9 114.37 21.57 108.72
C ALA B 9 115.85 21.94 108.82
N VAL B 10 116.27 22.43 109.99
CA VAL B 10 117.69 22.76 110.18
C VAL B 10 118.53 21.50 110.06
N ASN B 11 118.09 20.40 110.66
CA ASN B 11 118.83 19.15 110.56
C ASN B 11 118.89 18.65 109.11
N GLU B 12 117.77 18.75 108.39
CA GLU B 12 117.76 18.33 106.99
C GLU B 12 118.74 19.16 106.17
N PHE B 13 118.72 20.47 106.37
CA PHE B 13 119.63 21.34 105.61
C PHE B 13 121.09 21.04 105.95
N ILE B 14 121.40 20.88 107.24
CA ILE B 14 122.79 20.66 107.63
C ILE B 14 123.27 19.30 107.16
N ARG B 15 122.38 18.31 107.06
CA ARG B 15 122.78 17.03 106.51
C ARG B 15 123.02 17.14 105.00
N SER B 16 122.10 17.78 104.28
CA SER B 16 122.24 17.87 102.83
C SER B 16 123.48 18.65 102.44
N ALA B 17 123.73 19.77 103.12
CA ALA B 17 124.89 20.62 102.84
C ALA B 17 125.60 20.95 104.15
N GLY B 18 126.92 20.87 104.13
CA GLY B 18 127.70 21.22 105.31
C GLY B 18 127.49 20.34 106.51
N GLN B 19 127.52 19.01 106.30
CA GLN B 19 127.37 18.09 107.43
C GLN B 19 128.51 18.25 108.42
N ASP B 20 129.67 18.69 107.97
CA ASP B 20 130.80 18.97 108.83
C ASP B 20 131.02 20.48 108.92
N SER B 21 131.59 20.90 110.04
CA SER B 21 131.92 22.31 110.29
C SER B 21 130.68 23.20 110.20
N LEU B 22 129.62 22.79 110.87
CA LEU B 22 128.38 23.56 110.87
C LEU B 22 127.57 23.19 112.11
N CYS B 23 127.01 24.19 112.77
CA CYS B 23 126.23 24.01 113.99
C CYS B 23 124.81 24.48 113.76
N GLY B 24 123.85 23.63 114.12
CA GLY B 24 122.46 24.00 113.98
C GLY B 24 122.04 25.13 114.91
N VAL B 25 121.00 25.84 114.50
CA VAL B 25 120.45 26.95 115.27
C VAL B 25 119.38 26.40 116.22
N PRO B 26 119.44 26.73 117.52
CA PRO B 26 118.49 26.15 118.47
C PRO B 26 117.04 26.50 118.19
N ASP B 27 116.74 27.77 117.90
CA ASP B 27 115.36 28.17 117.69
C ASP B 27 115.30 29.45 116.88
N ILE B 28 114.11 29.74 116.37
CA ILE B 28 113.93 30.91 115.51
C ILE B 28 114.22 32.19 116.28
N ASN B 29 113.79 32.26 117.54
CA ASN B 29 113.98 33.47 118.32
C ASN B 29 115.47 33.79 118.48
N SER B 30 116.28 32.78 118.78
CA SER B 30 117.71 32.97 118.99
C SER B 30 118.52 32.85 117.71
N SER B 31 117.87 32.63 116.57
CA SER B 31 118.59 32.55 115.30
C SER B 31 119.33 33.85 115.00
N GLY B 32 118.74 34.99 115.36
CA GLY B 32 119.35 36.27 115.02
C GLY B 32 120.58 36.62 115.84
N ASP B 33 120.88 35.85 116.88
CA ASP B 33 122.05 36.11 117.70
C ASP B 33 123.30 35.37 117.23
N PHE B 34 123.21 34.64 116.11
CA PHE B 34 124.34 33.88 115.59
C PHE B 34 124.81 34.42 114.25
N MET B 35 124.70 35.73 114.05
CA MET B 35 125.24 36.37 112.87
C MET B 35 126.75 36.49 112.98
N PRO B 36 127.46 36.72 111.87
CA PRO B 36 128.92 36.81 111.93
C PRO B 36 129.40 37.92 112.86
N LEU B 37 130.56 37.69 113.46
CA LEU B 37 131.18 38.61 114.41
C LEU B 37 130.35 38.74 115.68
N HIS B 38 129.92 37.60 116.21
CA HIS B 38 129.22 37.53 117.48
C HIS B 38 129.97 36.62 118.43
N ILE B 39 129.95 36.96 119.71
CA ILE B 39 130.62 36.19 120.76
C ILE B 39 129.65 35.17 121.32
N ILE B 40 130.11 33.93 121.49
CA ILE B 40 129.34 32.86 122.10
C ILE B 40 130.21 32.20 123.16
N VAL B 41 129.56 31.51 124.09
CA VAL B 41 130.24 30.84 125.20
C VAL B 41 130.05 29.34 125.02
N LYS B 42 131.14 28.59 125.19
CA LYS B 42 131.12 27.14 125.08
C LYS B 42 131.43 26.53 126.45
N GLU B 43 130.60 25.57 126.85
CA GLU B 43 130.73 24.88 128.13
C GLU B 43 131.00 23.42 127.87
N VAL B 44 132.01 22.87 128.53
CA VAL B 44 132.41 21.48 128.36
C VAL B 44 131.39 20.57 129.03
N PRO B 45 131.23 19.32 128.56
CA PRO B 45 130.25 18.42 129.18
C PRO B 45 130.51 18.15 130.65
N LYS B 46 131.78 18.11 131.07
CA LYS B 46 132.23 17.85 132.43
C LYS B 46 131.98 16.41 132.88
N VAL B 47 131.35 15.58 132.05
CA VAL B 47 131.11 14.18 132.41
C VAL B 47 131.85 13.29 131.42
N LEU B 48 131.52 13.42 130.14
CA LEU B 48 132.19 12.68 129.06
C LEU B 48 132.58 13.68 127.99
N PRO B 49 133.63 14.49 128.23
CA PRO B 49 133.99 15.52 127.25
C PRO B 49 134.31 14.98 125.87
N CYS B 50 134.93 13.82 125.78
CA CYS B 50 135.27 13.23 124.49
C CYS B 50 134.12 12.47 123.87
N CYS B 51 133.02 12.25 124.59
CA CYS B 51 131.89 11.50 124.08
C CYS B 51 130.63 12.34 123.89
N ARG B 52 130.57 13.54 124.46
CA ARG B 52 129.39 14.38 124.40
C ARG B 52 129.77 15.74 123.81
N ARG B 53 128.90 16.27 122.94
CA ARG B 53 129.14 17.57 122.36
C ARG B 53 128.92 18.67 123.40
N PRO B 54 129.69 19.75 123.34
CA PRO B 54 129.58 20.81 124.36
C PRO B 54 128.28 21.61 124.25
N LYS B 55 128.09 22.56 125.16
CA LYS B 55 126.90 23.38 125.20
C LYS B 55 127.24 24.80 124.77
N ILE B 56 126.43 25.35 123.87
CA ILE B 56 126.69 26.65 123.27
C ILE B 56 125.65 27.65 123.78
N LYS B 57 126.12 28.78 124.30
CA LYS B 57 125.28 29.82 124.89
C LYS B 57 125.49 31.11 124.11
N ARG B 58 124.39 31.73 123.71
CA ARG B 58 124.45 33.01 123.01
C ARG B 58 124.65 34.15 123.99
N THR B 59 125.29 35.21 123.52
CA THR B 59 125.53 36.41 124.31
C THR B 59 125.18 37.64 123.49
N PRO B 60 124.76 38.72 124.16
CA PRO B 60 124.42 39.96 123.44
C PRO B 60 125.64 40.87 123.26
N TYR B 61 126.67 40.35 122.60
CA TYR B 61 127.91 41.08 122.40
C TYR B 61 128.42 40.86 121.00
N THR B 62 129.09 41.89 120.47
CA THR B 62 129.85 41.79 119.24
C THR B 62 131.33 41.94 119.54
N LEU B 63 132.15 41.70 118.52
CA LEU B 63 133.60 41.77 118.71
C LEU B 63 134.03 43.17 119.12
N ASN B 64 133.49 44.19 118.46
CA ASN B 64 133.89 45.57 118.76
C ASN B 64 133.47 45.97 120.17
N ASP B 65 132.32 45.48 120.63
CA ASP B 65 131.90 45.78 122.00
C ASP B 65 132.78 45.05 123.01
N ILE B 66 133.11 43.79 122.74
CA ILE B 66 133.88 43.01 123.70
C ILE B 66 135.33 43.47 123.74
N LEU B 67 135.82 44.09 122.66
CA LEU B 67 137.21 44.52 122.57
C LEU B 67 137.35 46.00 122.84
N ASP B 68 138.39 46.36 123.59
CA ASP B 68 138.71 47.77 123.78
C ASP B 68 139.06 48.44 122.45
N GLU B 69 139.85 47.76 121.61
CA GLU B 69 140.22 48.29 120.32
C GLU B 69 139.30 47.75 119.24
N PRO B 70 138.64 48.61 118.46
CA PRO B 70 137.72 48.11 117.43
C PRO B 70 138.46 47.46 116.27
N CYS B 71 137.71 46.63 115.53
CA CYS B 71 138.19 45.92 114.37
C CYS B 71 137.24 46.17 113.21
N PRO B 72 137.73 46.05 111.97
CA PRO B 72 136.82 46.16 110.82
C PRO B 72 135.74 45.09 110.88
N ASN B 73 134.54 45.44 110.44
CA ASN B 73 133.38 44.58 110.60
C ASN B 73 132.53 44.45 109.33
N GLN B 74 133.05 44.87 108.17
CA GLN B 74 132.28 44.77 106.95
C GLN B 74 132.03 43.31 106.58
N LEU B 75 130.89 43.05 105.96
CA LEU B 75 130.46 41.70 105.63
C LEU B 75 130.17 41.58 104.13
N LYS B 76 130.01 40.34 103.68
CA LYS B 76 129.64 40.04 102.31
C LYS B 76 128.88 38.72 102.29
N SER B 77 128.02 38.56 101.29
CA SER B 77 127.19 37.37 101.18
C SER B 77 127.26 36.82 99.77
N SER B 78 127.10 35.50 99.67
CA SER B 78 127.13 34.82 98.38
C SER B 78 126.31 33.55 98.47
N ASP B 79 125.82 33.09 97.33
CA ASP B 79 124.94 31.92 97.31
C ASP B 79 125.69 30.67 97.76
N LEU B 80 124.96 29.79 98.44
CA LEU B 80 125.52 28.53 98.94
C LEU B 80 124.86 27.31 98.34
N VAL B 81 123.52 27.21 98.41
CA VAL B 81 122.79 26.06 97.89
C VAL B 81 121.37 26.51 97.56
N THR B 82 120.70 25.75 96.72
CA THR B 82 119.36 26.09 96.25
C THR B 82 118.50 24.83 96.22
N PHE B 83 117.46 24.80 97.04
CA PHE B 83 116.51 23.70 97.06
C PHE B 83 115.41 24.00 96.05
N THR B 84 115.51 23.39 94.86
CA THR B 84 114.57 23.69 93.78
C THR B 84 113.16 23.24 94.13
N GLU B 85 113.02 22.10 94.79
CA GLU B 85 111.71 21.57 95.14
C GLU B 85 111.65 21.29 96.63
N PRO B 86 110.45 21.35 97.22
CA PRO B 86 110.32 21.14 98.67
C PRO B 86 110.73 19.73 99.07
N LEU B 87 111.36 19.63 100.24
CA LEU B 87 111.61 18.34 100.86
C LEU B 87 110.30 17.79 101.39
N VAL B 88 109.89 16.63 100.88
CA VAL B 88 108.60 16.03 101.20
C VAL B 88 108.85 14.68 101.85
N SER B 89 108.18 14.44 102.98
CA SER B 89 108.29 13.18 103.70
C SER B 89 106.92 12.66 104.06
N ASN B 90 106.73 11.34 103.88
CA ASN B 90 105.48 10.68 104.20
C ASN B 90 105.78 9.42 105.01
N VAL B 91 105.02 9.22 106.09
CA VAL B 91 105.10 8.01 106.90
C VAL B 91 103.68 7.52 107.11
N LYS B 92 103.46 6.23 106.94
CA LYS B 92 102.13 5.65 107.09
C LYS B 92 102.28 4.29 107.74
N ALA B 93 101.78 4.15 108.98
CA ALA B 93 101.86 2.91 109.72
C ALA B 93 100.47 2.44 110.09
N SER B 94 100.30 1.11 110.13
CA SER B 94 99.03 0.53 110.52
C SER B 94 99.29 -0.86 111.08
N SER B 95 98.71 -1.15 112.26
CA SER B 95 98.95 -2.42 112.93
C SER B 95 97.68 -2.88 113.61
N SER B 96 97.60 -4.19 113.83
CA SER B 96 96.47 -4.80 114.51
C SER B 96 96.95 -5.99 115.33
N ILE B 97 96.37 -6.16 116.50
CA ILE B 97 96.73 -7.22 117.43
C ILE B 97 95.45 -7.94 117.86
N GLY B 98 95.49 -9.27 117.88
CA GLY B 98 94.38 -10.05 118.36
C GLY B 98 94.81 -11.16 119.31
N LEU B 99 94.32 -11.12 120.54
CA LEU B 99 94.69 -12.10 121.56
C LEU B 99 93.44 -12.83 122.01
N GLN B 100 93.53 -14.16 122.10
CA GLN B 100 92.42 -14.97 122.59
C GLN B 100 92.95 -16.01 123.56
N ILE B 101 92.31 -16.10 124.72
CA ILE B 101 92.61 -17.13 125.72
C ILE B 101 91.34 -17.94 125.89
N LEU B 102 91.30 -19.11 125.24
CA LEU B 102 90.20 -20.07 125.32
C LEU B 102 88.91 -19.35 124.94
N LYS B 103 87.82 -19.51 125.69
CA LYS B 103 86.63 -18.69 125.53
C LYS B 103 86.46 -17.73 126.71
N HIS B 104 87.55 -17.41 127.40
CA HIS B 104 87.53 -16.55 128.57
C HIS B 104 88.07 -15.15 128.32
N PHE B 105 89.04 -14.99 127.43
CA PHE B 105 89.59 -13.68 127.14
C PHE B 105 89.64 -13.47 125.63
N ASP B 106 89.27 -12.27 125.18
CA ASP B 106 89.31 -11.95 123.76
C ASP B 106 89.52 -10.45 123.60
N SER B 107 90.71 -10.05 123.17
CA SER B 107 91.04 -8.64 123.00
C SER B 107 91.46 -8.39 121.55
N GLY B 108 90.95 -7.30 120.98
CA GLY B 108 91.34 -6.88 119.65
C GLY B 108 91.67 -5.40 119.60
N ALA B 109 92.91 -5.07 119.26
CA ALA B 109 93.36 -3.69 119.20
C ALA B 109 93.87 -3.39 117.80
N LYS B 110 93.83 -2.11 117.43
CA LYS B 110 94.34 -1.70 116.13
C LYS B 110 94.71 -0.22 116.20
N GLY B 111 95.70 0.15 115.42
CA GLY B 111 96.17 1.53 115.40
C GLY B 111 96.65 1.90 114.01
N SER B 112 96.59 3.19 113.73
CA SER B 112 97.07 3.70 112.44
C SER B 112 97.60 5.12 112.64
N LYS B 113 98.54 5.50 111.78
CA LYS B 113 99.17 6.80 111.87
C LYS B 113 99.60 7.24 110.47
N ASN B 114 99.36 8.51 110.16
CA ASN B 114 99.74 9.12 108.89
C ASN B 114 100.38 10.47 109.17
N PHE B 115 101.63 10.62 108.76
CA PHE B 115 102.44 11.80 109.07
C PHE B 115 103.03 12.34 107.77
N ILE B 116 102.80 13.63 107.50
CA ILE B 116 103.25 14.26 106.27
C ILE B 116 104.00 15.55 106.61
N THR B 117 105.14 15.75 105.97
CA THR B 117 105.97 16.92 106.21
C THR B 117 106.42 17.52 104.88
N SER B 118 106.47 18.85 104.81
CA SER B 118 106.95 19.55 103.63
C SER B 118 107.73 20.78 104.05
N ALA B 119 108.94 20.93 103.54
CA ALA B 119 109.77 22.08 103.85
C ALA B 119 110.27 22.72 102.57
N SER B 120 110.04 24.01 102.41
CA SER B 120 110.47 24.77 101.24
C SER B 120 111.38 25.88 101.73
N LEU B 121 112.69 25.68 101.57
CA LEU B 121 113.70 26.63 102.03
C LEU B 121 114.16 27.58 100.94
N GLY B 122 113.76 27.36 99.70
CA GLY B 122 114.15 28.27 98.62
C GLY B 122 115.66 28.28 98.44
N THR B 123 116.24 29.48 98.51
CA THR B 123 117.67 29.68 98.32
C THR B 123 118.31 30.03 99.66
N VAL B 124 119.46 29.43 99.94
CA VAL B 124 120.23 29.68 101.15
C VAL B 124 121.53 30.35 100.76
N VAL B 125 121.85 31.47 101.40
CA VAL B 125 123.07 32.19 101.15
C VAL B 125 123.96 32.10 102.39
N LYS B 126 125.23 32.45 102.22
CA LYS B 126 126.21 32.46 103.30
C LYS B 126 126.77 33.87 103.43
N ALA B 127 126.82 34.35 104.67
CA ALA B 127 127.34 35.68 104.98
C ALA B 127 128.55 35.54 105.89
N GLU B 128 129.58 36.32 105.59
CA GLU B 128 130.86 36.23 106.29
C GLU B 128 131.62 37.53 106.10
N THR B 129 132.61 37.74 106.97
CA THR B 129 133.45 38.92 106.88
C THR B 129 134.18 38.97 105.53
N ILE B 130 134.35 40.17 105.00
CA ILE B 130 135.04 40.33 103.72
C ILE B 130 136.49 39.84 103.84
N ASP B 131 137.17 40.21 104.92
CA ASP B 131 138.54 39.77 105.16
C ASP B 131 138.64 39.30 106.61
N ILE B 132 138.94 38.01 106.79
CA ILE B 132 139.04 37.46 108.13
C ILE B 132 140.46 37.60 108.69
N THR B 133 141.46 37.65 107.82
CA THR B 133 142.84 37.77 108.29
C THR B 133 143.06 39.07 109.04
N LYS B 134 142.51 40.19 108.54
CA LYS B 134 142.64 41.46 109.23
C LYS B 134 141.96 41.41 110.60
N VAL B 135 140.76 40.81 110.65
CA VAL B 135 140.04 40.70 111.92
C VAL B 135 140.86 39.88 112.91
N LEU B 136 141.43 38.78 112.45
CA LEU B 136 142.23 37.95 113.34
C LEU B 136 143.46 38.70 113.85
N ALA B 137 144.14 39.42 112.95
CA ALA B 137 145.33 40.17 113.36
C ALA B 137 144.96 41.21 114.41
N LYS B 138 143.90 41.99 114.17
CA LYS B 138 143.49 43.01 115.12
C LYS B 138 143.08 42.39 116.46
N VAL B 139 142.38 41.25 116.42
CA VAL B 139 142.01 40.57 117.65
C VAL B 139 143.25 40.21 118.45
N ARG B 140 144.23 39.60 117.77
CA ARG B 140 145.45 39.18 118.45
C ARG B 140 146.20 40.36 119.04
N THR B 141 146.17 41.52 118.37
CA THR B 141 146.87 42.69 118.86
C THR B 141 146.00 43.58 119.75
N ALA B 142 144.75 43.21 120.01
CA ALA B 142 143.83 44.04 120.77
C ALA B 142 143.50 43.40 122.10
N LYS B 143 143.24 44.23 123.10
CA LYS B 143 142.87 43.78 124.44
C LYS B 143 141.36 43.87 124.65
N ALA B 144 140.82 42.95 125.45
CA ALA B 144 139.41 42.92 125.74
C ALA B 144 139.01 44.07 126.67
N LYS B 145 137.71 44.27 126.81
CA LYS B 145 137.19 45.34 127.65
C LYS B 145 137.33 44.96 129.12
N VAL B 146 138.07 45.78 129.88
CA VAL B 146 138.25 45.52 131.31
C VAL B 146 136.92 45.60 132.04
N GLU B 147 136.07 46.56 131.66
CA GLU B 147 134.78 46.72 132.31
C GLU B 147 133.90 45.48 132.16
N ASN B 148 133.98 44.80 131.01
CA ASN B 148 133.11 43.66 130.75
C ASN B 148 133.28 42.58 131.80
N ASP B 149 132.15 42.04 132.27
CA ASP B 149 132.15 41.00 133.30
C ASP B 149 132.24 39.60 132.71
N LEU B 150 131.62 39.39 131.54
CA LEU B 150 131.66 38.09 130.89
C LEU B 150 133.09 37.62 130.63
N VAL B 151 133.94 38.52 130.13
CA VAL B 151 135.33 38.16 129.85
C VAL B 151 136.02 37.71 131.12
N SER B 152 135.84 38.46 132.21
CA SER B 152 136.45 38.10 133.48
C SER B 152 135.95 36.75 133.96
N ARG B 153 134.65 36.51 133.86
CA ARG B 153 134.09 35.21 134.24
C ARG B 153 134.76 34.08 133.47
N VAL B 154 134.84 34.22 132.14
CA VAL B 154 135.44 33.19 131.30
C VAL B 154 136.92 33.01 131.64
N MET B 155 137.60 34.11 131.97
CA MET B 155 139.01 34.03 132.33
C MET B 155 139.21 33.24 133.62
N LYS B 156 138.38 33.53 134.63
CA LYS B 156 138.57 32.87 135.92
C LYS B 156 138.12 31.42 135.87
N THR B 157 137.08 31.12 135.11
CA THR B 157 136.62 29.74 134.99
C THR B 157 137.45 28.99 133.96
N LYS B 158 137.51 27.67 134.13
CA LYS B 158 138.26 26.80 133.23
C LYS B 158 137.40 26.09 132.21
N ARG B 159 136.14 25.82 132.52
CA ARG B 159 135.27 25.14 131.57
C ARG B 159 134.85 26.07 130.43
N LEU B 160 134.55 27.33 130.76
CA LEU B 160 134.02 28.26 129.78
C LEU B 160 135.08 28.64 128.75
N CYS B 161 134.66 28.74 127.49
CA CYS B 161 135.52 29.20 126.41
C CYS B 161 134.74 30.19 125.55
N LEU B 162 135.47 31.08 124.88
CA LEU B 162 134.87 32.08 124.02
C LEU B 162 135.00 31.68 122.55
N GLY B 163 133.97 31.99 121.77
CA GLY B 163 134.01 31.70 120.35
C GLY B 163 133.46 32.83 119.50
N LEU B 164 134.15 33.16 118.42
CA LEU B 164 133.74 34.21 117.50
C LEU B 164 133.11 33.56 116.27
N VAL B 165 131.87 33.95 115.98
CA VAL B 165 131.17 33.40 114.82
C VAL B 165 131.68 34.08 113.56
N VAL B 166 132.01 33.28 112.55
CA VAL B 166 132.67 33.79 111.35
C VAL B 166 131.85 33.60 110.08
N GLU B 167 130.88 32.69 110.04
CA GLU B 167 130.06 32.52 108.84
C GLU B 167 128.69 32.03 109.25
N THR B 168 127.67 32.47 108.51
CA THR B 168 126.29 32.13 108.84
C THR B 168 125.50 31.84 107.57
N ALA B 169 124.65 30.82 107.63
CA ALA B 169 123.79 30.46 106.52
C ALA B 169 122.39 30.98 106.79
N CYS B 170 121.86 31.78 105.86
CA CYS B 170 120.57 32.44 106.03
C CYS B 170 119.71 32.26 104.78
N VAL B 171 118.41 32.16 104.98
CA VAL B 171 117.47 32.01 103.86
C VAL B 171 117.33 33.36 103.16
N ALA B 172 117.45 33.34 101.82
CA ALA B 172 117.31 34.58 101.06
C ALA B 172 115.87 35.06 101.03
N ALA B 173 114.92 34.14 100.91
CA ALA B 173 113.50 34.47 100.83
C ALA B 173 112.75 33.73 101.92
N ALA B 174 111.44 33.94 101.95
CA ALA B 174 110.60 33.31 102.98
C ALA B 174 110.60 31.80 102.82
N GLY B 175 110.63 31.09 103.93
CA GLY B 175 110.63 29.63 103.96
C GLY B 175 109.36 29.10 104.57
N LYS B 176 108.80 28.07 103.95
CA LYS B 176 107.50 27.53 104.35
C LYS B 176 107.65 26.13 104.93
N LEU B 177 107.08 25.90 106.10
CA LEU B 177 107.14 24.60 106.76
C LEU B 177 105.72 24.14 107.09
N THR B 178 105.35 22.96 106.59
CA THR B 178 104.00 22.42 106.76
C THR B 178 104.08 21.00 107.31
N GLU B 179 103.20 20.69 108.27
CA GLU B 179 103.15 19.37 108.90
C GLU B 179 101.71 18.98 109.13
N ALA B 180 101.39 17.72 108.83
CA ALA B 180 100.06 17.16 109.04
C ALA B 180 100.16 15.81 109.73
N ASP B 181 99.31 15.59 110.74
CA ASP B 181 99.33 14.37 111.52
C ASP B 181 97.90 13.87 111.67
N ASN B 182 97.69 12.57 111.47
CA ASN B 182 96.38 11.95 111.67
C ASN B 182 96.61 10.55 112.22
N TRP B 183 96.24 10.32 113.48
CA TRP B 183 96.42 8.98 114.03
C TRP B 183 95.18 8.54 114.78
N GLU B 184 95.00 7.22 114.89
CA GLU B 184 93.76 6.64 115.37
C GLU B 184 94.05 5.34 116.11
N ILE B 185 93.32 5.11 117.20
CA ILE B 185 93.42 3.91 118.01
C ILE B 185 92.02 3.36 118.25
N SER B 186 91.84 2.06 118.05
CA SER B 186 90.57 1.39 118.31
C SER B 186 90.85 0.09 119.04
N GLY B 187 90.33 -0.03 120.26
CA GLY B 187 90.56 -1.21 121.07
C GLY B 187 89.27 -1.78 121.62
N HIS B 188 89.28 -3.09 121.84
CA HIS B 188 88.12 -3.82 122.33
C HIS B 188 88.58 -4.96 123.22
N THR B 189 87.86 -5.18 124.32
CA THR B 189 88.21 -6.19 125.30
C THR B 189 86.93 -6.93 125.71
N ASN B 190 87.01 -8.26 125.78
CA ASN B 190 85.89 -9.09 126.21
C ASN B 190 86.42 -10.13 127.19
N ALA B 191 86.04 -9.98 128.46
CA ALA B 191 86.39 -10.92 129.51
C ALA B 191 85.13 -11.69 129.89
N ASN B 192 85.05 -12.94 129.46
CA ASN B 192 83.91 -13.81 129.74
C ASN B 192 84.29 -14.77 130.86
N ILE B 193 83.53 -14.75 131.94
CA ILE B 193 83.72 -15.66 133.06
C ILE B 193 82.38 -16.32 133.35
N GLY B 194 82.43 -17.42 134.11
CA GLY B 194 81.22 -18.17 134.40
C GLY B 194 80.13 -17.34 135.05
N GLU B 195 80.50 -16.37 135.88
CA GLU B 195 79.54 -15.51 136.56
C GLU B 195 79.73 -14.03 136.25
N ALA B 196 80.58 -13.69 135.28
CA ALA B 196 80.83 -12.29 134.96
C ALA B 196 81.14 -12.15 133.49
N VAL B 197 80.59 -11.11 132.86
CA VAL B 197 80.84 -10.78 131.46
C VAL B 197 81.16 -9.29 131.40
N VAL B 198 82.34 -8.95 130.87
CA VAL B 198 82.77 -7.57 130.72
C VAL B 198 83.10 -7.32 129.25
N THR B 199 82.53 -6.27 128.68
CA THR B 199 82.76 -5.89 127.29
C THR B 199 83.07 -4.41 127.22
N ALA B 200 84.33 -4.08 126.96
CA ALA B 200 84.78 -2.70 126.89
C ALA B 200 85.26 -2.38 125.48
N THR B 201 85.07 -1.12 125.08
CA THR B 201 85.46 -0.65 123.76
C THR B 201 85.88 0.81 123.86
N ALA B 202 86.94 1.18 123.13
CA ALA B 202 87.42 2.55 123.15
C ALA B 202 87.97 2.93 121.79
N GLU B 203 87.50 4.03 121.24
CA GLU B 203 87.98 4.55 119.96
C GLU B 203 88.36 6.00 120.11
N LEU B 204 89.50 6.38 119.52
CA LEU B 204 89.88 7.79 119.51
C LEU B 204 90.74 8.06 118.28
N ASP B 205 90.81 9.34 117.90
CA ASP B 205 91.61 9.74 116.75
C ASP B 205 91.91 11.23 116.86
N LYS B 206 93.16 11.60 116.59
CA LYS B 206 93.61 12.97 116.67
C LYS B 206 94.14 13.42 115.32
N ASN B 207 93.82 14.66 114.96
CA ASN B 207 94.25 15.28 113.72
C ASN B 207 94.85 16.65 114.03
N LEU B 208 96.05 16.90 113.52
CA LEU B 208 96.75 18.16 113.71
C LEU B 208 97.34 18.65 112.40
N SER B 209 97.49 19.96 112.28
CA SER B 209 98.10 20.56 111.10
C SER B 209 98.74 21.89 111.50
N ARG B 210 100.03 22.04 111.23
CA ARG B 210 100.77 23.24 111.57
C ARG B 210 101.50 23.75 110.35
N LYS B 211 101.32 25.04 110.03
CA LYS B 211 101.94 25.65 108.86
C LYS B 211 102.51 27.00 109.26
N ILE B 212 103.81 27.18 109.07
CA ILE B 212 104.49 28.42 109.44
C ILE B 212 105.36 28.88 108.28
N GLU B 213 105.82 30.13 108.37
CA GLU B 213 106.63 30.75 107.33
C GLU B 213 107.67 31.64 107.98
N ILE B 214 108.93 31.21 107.95
CA ILE B 214 110.03 32.02 108.48
C ILE B 214 110.36 33.13 107.48
N PRO B 215 110.67 34.33 107.95
CA PRO B 215 110.90 35.46 107.04
C PRO B 215 112.31 35.43 106.49
N PRO B 216 112.59 36.21 105.44
CA PRO B 216 113.95 36.28 104.91
C PRO B 216 114.94 36.79 105.95
N GLY B 217 116.15 36.25 105.91
CA GLY B 217 117.22 36.63 106.81
C GLY B 217 117.38 35.75 108.02
N THR B 218 116.47 34.80 108.24
CA THR B 218 116.57 33.92 109.39
C THR B 218 117.80 33.02 109.27
N ALA B 219 118.61 32.99 110.32
CA ALA B 219 119.81 32.17 110.31
C ALA B 219 119.46 30.70 110.49
N LEU B 220 120.24 29.84 109.84
CA LEU B 220 120.05 28.39 109.93
C LEU B 220 121.19 27.67 110.61
N ALA B 221 122.44 28.03 110.31
CA ALA B 221 123.60 27.35 110.87
C ALA B 221 124.78 28.30 110.86
N TYR B 222 125.81 27.93 111.62
CA TYR B 222 126.96 28.81 111.79
C TYR B 222 128.20 28.00 112.12
N SER B 223 129.35 28.65 111.98
CA SER B 223 130.64 28.09 112.37
C SER B 223 131.41 29.16 113.12
N PHE B 224 132.24 28.74 114.07
CA PHE B 224 132.93 29.69 114.93
C PHE B 224 134.35 29.25 115.18
N MET B 225 135.17 30.21 115.60
CA MET B 225 136.58 30.00 115.93
C MET B 225 136.80 30.29 117.41
N ASP B 226 137.61 29.46 118.06
CA ASP B 226 137.83 29.58 119.48
C ASP B 226 138.77 30.74 119.82
N LEU B 227 138.70 31.19 121.07
CA LEU B 227 139.54 32.27 121.56
C LEU B 227 140.07 31.89 122.94
N GLU B 228 141.01 32.69 123.43
CA GLU B 228 141.63 32.46 124.72
C GLU B 228 142.04 33.79 125.35
N ILE B 229 141.61 34.02 126.58
CA ILE B 229 141.94 35.23 127.31
C ILE B 229 143.32 35.06 127.94
N LEU B 230 144.24 35.97 127.64
CA LEU B 230 145.53 35.97 128.31
C LEU B 230 145.37 36.40 129.77
N GLU B 231 146.49 36.41 130.50
CA GLU B 231 146.49 36.97 131.85
C GLU B 231 145.97 38.40 131.85
N ASP B 232 146.46 39.21 130.91
CA ASP B 232 145.92 40.54 130.68
C ASP B 232 144.62 40.45 129.90
N ARG B 233 144.08 41.61 129.54
CA ARG B 233 142.88 41.66 128.71
C ARG B 233 143.13 41.21 127.27
N SER B 234 144.39 40.96 126.90
CA SER B 234 144.72 40.53 125.55
C SER B 234 144.03 39.22 125.20
N LEU B 235 143.69 39.07 123.92
CA LEU B 235 143.03 37.88 123.41
C LEU B 235 143.92 37.20 122.38
N ARG B 236 143.83 35.87 122.33
CA ARG B 236 144.59 35.06 121.38
C ARG B 236 143.65 34.06 120.73
N VAL B 237 144.05 33.57 119.56
CA VAL B 237 143.27 32.57 118.85
C VAL B 237 143.90 31.21 119.10
N SER B 238 143.05 30.19 119.25
CA SER B 238 143.50 28.85 119.58
C SER B 238 142.99 27.86 118.53
N SER B 239 143.83 26.90 118.16
CA SER B 239 143.51 25.92 117.13
C SER B 239 143.76 24.52 117.67
N SER B 240 142.71 23.73 117.78
CA SER B 240 142.83 22.33 118.15
C SER B 240 143.30 21.54 116.93
N ALA B 241 144.57 21.11 116.96
CA ALA B 241 145.19 20.41 115.83
C ALA B 241 145.15 21.26 114.56
N GLY B 242 145.21 22.58 114.71
CA GLY B 242 145.21 23.48 113.58
C GLY B 242 143.88 23.59 112.86
N ALA B 243 142.77 23.20 113.49
CA ALA B 243 141.48 23.24 112.82
C ALA B 243 141.04 24.68 112.54
N MET B 244 141.07 25.53 113.57
CA MET B 244 140.60 26.92 113.48
C MET B 244 139.16 27.02 113.00
N PHE B 245 138.39 25.93 113.08
CA PHE B 245 136.99 25.93 112.70
C PHE B 245 136.30 24.91 113.59
N ASP B 246 135.62 25.38 114.63
CA ASP B 246 135.00 24.49 115.60
C ASP B 246 133.52 24.34 115.29
N SER B 247 133.06 23.10 115.25
CA SER B 247 131.65 22.80 114.97
C SER B 247 130.93 22.29 116.20
N GLY B 248 131.47 22.54 117.39
CA GLY B 248 130.86 22.03 118.60
C GLY B 248 130.83 20.52 118.67
N LYS B 249 131.90 19.88 118.21
CA LYS B 249 131.99 18.42 118.17
C LYS B 249 132.87 17.92 119.31
N ALA B 250 132.58 16.70 119.77
CA ALA B 250 133.38 16.09 120.81
C ALA B 250 134.78 15.78 120.29
N GLU B 251 135.75 15.79 121.20
CA GLU B 251 137.13 15.52 120.82
C GLU B 251 137.30 14.12 120.27
N SER B 252 136.64 13.13 120.89
CA SER B 252 136.69 11.74 120.46
C SER B 252 138.11 11.21 120.39
CA ARG C 3 125.12 9.19 102.26
C ARG C 3 124.62 10.48 101.59
N PRO C 4 125.28 11.60 101.90
CA PRO C 4 124.88 12.87 101.29
C PRO C 4 125.01 12.83 99.78
N MET C 5 124.07 13.49 99.10
CA MET C 5 124.11 13.52 97.64
C MET C 5 125.37 14.20 97.13
N PHE C 6 125.79 15.28 97.79
CA PHE C 6 127.01 15.96 97.37
C PHE C 6 128.22 15.03 97.47
N ALA C 7 128.32 14.28 98.56
CA ALA C 7 129.44 13.34 98.70
C ALA C 7 129.37 12.24 97.65
N VAL C 8 128.17 11.73 97.37
CA VAL C 8 128.04 10.69 96.35
C VAL C 8 128.45 11.22 94.99
N ALA C 9 128.01 12.43 94.64
CA ALA C 9 128.37 13.01 93.36
C ALA C 9 129.87 13.28 93.27
N VAL C 10 130.47 13.73 94.37
CA VAL C 10 131.91 13.97 94.38
C VAL C 10 132.66 12.66 94.15
N ASN C 11 132.22 11.59 94.81
CA ASN C 11 132.86 10.29 94.60
C ASN C 11 132.70 9.81 93.17
N GLU C 12 131.51 9.98 92.59
CA GLU C 12 131.30 9.59 91.20
C GLU C 12 132.22 10.36 90.26
N PHE C 13 132.32 11.67 90.46
CA PHE C 13 133.17 12.49 89.61
C PHE C 13 134.64 12.09 89.76
N ILE C 14 135.10 11.90 91.00
CA ILE C 14 136.50 11.59 91.21
C ILE C 14 136.83 10.20 90.67
N ARG C 15 135.88 9.27 90.68
CA ARG C 15 136.12 7.97 90.07
C ARG C 15 136.18 8.08 88.56
N SER C 16 135.22 8.79 87.95
CA SER C 16 135.17 8.89 86.50
C SER C 16 136.40 9.60 85.96
N ALA C 17 136.82 10.68 86.61
CA ALA C 17 137.98 11.46 86.19
C ALA C 17 138.86 11.73 87.39
N GLY C 18 140.17 11.57 87.21
CA GLY C 18 141.12 11.86 88.27
C GLY C 18 141.00 10.97 89.49
N GLN C 19 140.91 9.65 89.28
CA GLN C 19 140.85 8.73 90.40
C GLN C 19 142.11 8.80 91.25
N ASP C 20 143.23 9.18 90.65
CA ASP C 20 144.48 9.37 91.37
C ASP C 20 144.81 10.87 91.43
N SER C 21 145.55 11.24 92.48
CA SER C 21 145.99 12.62 92.69
C SER C 21 144.81 13.58 92.75
N LEU C 22 143.82 13.24 93.55
CA LEU C 22 142.64 14.08 93.72
C LEU C 22 141.96 13.75 95.04
N CYS C 23 141.56 14.78 95.78
CA CYS C 23 140.93 14.64 97.08
C CYS C 23 139.53 15.20 97.03
N GLY C 24 138.57 14.41 97.52
CA GLY C 24 137.19 14.86 97.54
C GLY C 24 136.98 16.01 98.52
N VAL C 25 135.94 16.79 98.26
CA VAL C 25 135.57 17.92 99.10
C VAL C 25 134.60 17.43 100.18
N PRO C 26 134.85 17.74 101.45
CA PRO C 26 133.98 17.21 102.51
C PRO C 26 132.53 17.65 102.43
N ASP C 27 132.28 18.94 102.18
CA ASP C 27 130.91 19.43 102.15
C ASP C 27 130.84 20.72 101.35
N ILE C 28 129.61 21.09 101.00
CA ILE C 28 129.39 22.29 100.18
C ILE C 28 129.86 23.53 100.91
N ASN C 29 129.59 23.61 102.21
CA ASN C 29 129.98 24.80 102.97
C ASN C 29 131.48 25.02 102.94
N SER C 30 132.26 23.96 103.12
CA SER C 30 133.71 24.06 103.15
C SER C 30 134.35 23.90 101.78
N SER C 31 133.54 23.74 100.73
CA SER C 31 134.09 23.63 99.38
C SER C 31 134.86 24.88 99.00
N GLY C 32 134.40 26.05 99.43
CA GLY C 32 135.04 27.29 99.02
C GLY C 32 136.39 27.55 99.67
N ASP C 33 136.78 26.75 100.67
CA ASP C 33 138.05 26.93 101.34
C ASP C 33 139.17 26.12 100.71
N PHE C 34 138.91 25.41 99.61
CA PHE C 34 139.90 24.58 98.95
C PHE C 34 140.23 25.11 97.56
N MET C 35 140.19 26.42 97.37
CA MET C 35 140.61 27.04 96.14
C MET C 35 142.13 27.07 96.06
N PRO C 36 142.70 27.27 94.87
CA PRO C 36 144.16 27.26 94.74
C PRO C 36 144.82 28.32 95.61
N LEU C 37 146.03 28.02 96.06
CA LEU C 37 146.84 28.89 96.92
C LEU C 37 146.18 29.05 98.29
N HIS C 38 145.74 27.93 98.86
CA HIS C 38 145.21 27.89 100.21
C HIS C 38 146.01 26.92 101.05
N ILE C 39 146.17 27.26 102.33
CA ILE C 39 146.92 26.43 103.28
C ILE C 39 145.97 25.47 103.97
N ILE C 40 146.36 24.20 104.06
CA ILE C 40 145.62 23.18 104.77
C ILE C 40 146.57 22.45 105.70
N VAL C 41 145.99 21.79 106.70
CA VAL C 41 146.75 21.06 107.71
C VAL C 41 146.46 19.58 107.56
N LYS C 42 147.50 18.77 107.58
CA LYS C 42 147.39 17.32 107.47
C LYS C 42 147.82 16.67 108.78
N GLU C 43 146.99 15.77 109.29
CA GLU C 43 147.24 15.06 110.54
C GLU C 43 147.37 13.58 110.24
N VAL C 44 148.43 12.96 110.77
CA VAL C 44 148.72 11.55 110.54
C VAL C 44 147.72 10.70 111.33
N PRO C 45 147.43 9.47 110.88
CA PRO C 45 146.48 8.63 111.62
C PRO C 45 146.90 8.32 113.04
N LYS C 46 148.21 8.19 113.29
CA LYS C 46 148.82 7.89 114.59
C LYS C 46 148.53 6.47 115.07
N VAL C 47 147.75 5.69 114.32
CA VAL C 47 147.46 4.30 114.70
C VAL C 47 148.01 3.38 113.62
N LEU C 48 147.54 3.54 112.39
CA LEU C 48 148.01 2.78 111.24
C LEU C 48 148.32 3.77 110.13
N PRO C 49 149.45 4.50 110.24
CA PRO C 49 149.74 5.52 109.23
C PRO C 49 149.85 4.98 107.82
N CYS C 50 150.38 3.77 107.64
CA CYS C 50 150.52 3.19 106.32
C CYS C 50 149.25 2.51 105.84
N CYS C 51 148.24 2.35 106.70
CA CYS C 51 147.01 1.68 106.34
C CYS C 51 145.80 2.59 106.31
N ARG C 52 145.88 3.79 106.89
CA ARG C 52 144.76 4.70 106.97
C ARG C 52 145.15 6.04 106.35
N ARG C 53 144.21 6.63 105.60
CA ARG C 53 144.47 7.93 105.00
C ARG C 53 144.45 9.03 106.06
N PRO C 54 145.27 10.06 105.90
CA PRO C 54 145.35 11.11 106.93
C PRO C 54 144.11 11.99 106.99
N LYS C 55 144.10 12.93 107.92
CA LYS C 55 142.97 13.83 108.12
C LYS C 55 143.35 15.23 107.64
N ILE C 56 142.47 15.84 106.86
CA ILE C 56 142.74 17.14 106.25
C ILE C 56 141.83 18.19 106.88
N LYS C 57 142.44 19.28 107.34
CA LYS C 57 141.75 20.36 108.03
C LYS C 57 141.94 21.65 107.25
N ARG C 58 140.84 22.35 106.99
CA ARG C 58 140.90 23.63 106.29
C ARG C 58 141.29 24.74 107.24
N THR C 59 141.94 25.76 106.68
CA THR C 59 142.35 26.93 107.45
C THR C 59 141.99 28.19 106.69
N PRO C 60 141.71 29.28 107.40
CA PRO C 60 141.37 30.55 106.73
C PRO C 60 142.60 31.39 106.41
N TYR C 61 143.52 30.81 105.62
CA TYR C 61 144.76 31.47 105.27
C TYR C 61 145.08 31.23 103.81
N THR C 62 145.74 32.22 103.20
CA THR C 62 146.33 32.09 101.88
C THR C 62 147.85 32.14 102.00
N LEU C 63 148.51 31.86 100.88
CA LEU C 63 149.97 31.83 100.88
C LEU C 63 150.55 33.20 101.24
N ASN C 64 149.99 34.26 100.66
CA ASN C 64 150.51 35.61 100.92
C ASN C 64 150.30 36.01 102.37
N ASP C 65 149.18 35.60 102.97
CA ASP C 65 148.96 35.91 104.38
C ASP C 65 149.91 35.11 105.26
N ILE C 66 150.12 33.83 104.95
CA ILE C 66 150.96 33.00 105.81
C ILE C 66 152.43 33.37 105.66
N LEU C 67 152.82 33.97 104.53
CA LEU C 67 154.22 34.30 104.27
C LEU C 67 154.48 35.77 104.52
N ASP C 68 155.64 36.05 105.13
CA ASP C 68 156.07 37.44 105.28
C ASP C 68 156.28 38.10 103.92
N GLU C 69 156.90 37.38 102.99
CA GLU C 69 157.15 37.91 101.66
C GLU C 69 156.07 37.43 100.71
N PRO C 70 155.37 38.34 100.02
CA PRO C 70 154.29 37.91 99.12
C PRO C 70 154.84 37.23 97.87
N CYS C 71 153.95 36.47 97.24
CA CYS C 71 154.23 35.73 96.01
C CYS C 71 153.16 36.06 94.98
N PRO C 72 153.48 35.92 93.69
CA PRO C 72 152.44 36.10 92.67
C PRO C 72 151.32 35.10 92.85
N ASN C 73 150.08 35.54 92.58
CA ASN C 73 148.90 34.75 92.88
C ASN C 73 147.90 34.69 91.73
N GLN C 74 148.30 35.08 90.52
CA GLN C 74 147.36 35.04 89.39
C GLN C 74 146.98 33.61 89.06
N LEU C 75 145.76 33.43 88.58
CA LEU C 75 145.20 32.11 88.31
C LEU C 75 144.72 32.03 86.87
N LYS C 76 144.43 30.81 86.44
CA LYS C 76 143.86 30.55 85.12
C LYS C 76 143.03 29.28 85.19
N SER C 77 142.04 29.19 84.32
CA SER C 77 141.12 28.05 84.30
C SER C 77 140.98 27.51 82.88
N SER C 78 140.72 26.21 82.80
CA SER C 78 140.54 25.54 81.52
C SER C 78 139.66 24.32 81.71
N ASP C 79 139.00 23.91 80.63
CA ASP C 79 138.05 22.80 80.72
C ASP C 79 138.77 21.50 81.07
N LEU C 80 138.07 20.66 81.84
CA LEU C 80 138.61 19.36 82.25
C LEU C 80 137.80 18.19 81.74
N VAL C 81 136.49 18.18 81.99
CA VAL C 81 135.62 17.08 81.56
C VAL C 81 134.21 17.63 81.41
N THR C 82 133.38 16.92 80.66
CA THR C 82 132.02 17.35 80.37
C THR C 82 131.09 16.14 80.44
N PHE C 83 130.15 16.17 81.39
CA PHE C 83 129.14 15.13 81.52
C PHE C 83 127.95 15.51 80.65
N THR C 84 127.86 14.91 79.47
CA THR C 84 126.81 15.29 78.52
C THR C 84 125.43 14.92 79.04
N GLU C 85 125.31 13.78 79.72
CA GLU C 85 124.02 13.34 80.22
C GLU C 85 124.13 13.04 81.71
N PRO C 86 123.02 13.17 82.45
CA PRO C 86 123.06 12.96 83.89
C PRO C 86 123.43 11.52 84.24
N LEU C 87 124.19 11.36 85.31
CA LEU C 87 124.43 10.05 85.90
C LEU C 87 123.17 9.58 86.59
N VAL C 88 122.62 8.46 86.13
CA VAL C 88 121.35 7.93 86.61
C VAL C 88 121.59 6.57 87.22
N SER C 89 121.05 6.35 88.42
CA SER C 89 121.19 5.09 89.13
C SER C 89 119.83 4.64 89.64
N ASN C 90 119.53 3.35 89.49
CA ASN C 90 118.30 2.76 89.97
C ASN C 90 118.61 1.48 90.72
N VAL C 91 117.99 1.31 91.88
CA VAL C 91 118.08 0.09 92.68
C VAL C 91 116.68 -0.31 93.08
N LYS C 92 116.35 -1.58 92.92
CA LYS C 92 115.02 -2.08 93.24
C LYS C 92 115.17 -3.46 93.87
N ALA C 93 114.83 -3.57 95.15
CA ALA C 93 114.92 -4.83 95.88
C ALA C 93 113.55 -5.22 96.42
N SER C 94 113.30 -6.53 96.48
CA SER C 94 112.05 -7.03 97.02
C SER C 94 112.29 -8.44 97.55
N SER C 95 111.86 -8.71 98.78
CA SER C 95 112.10 -9.99 99.42
C SER C 95 110.89 -10.39 100.25
N SER C 96 110.76 -11.69 100.48
CA SER C 96 109.69 -12.23 101.29
C SER C 96 110.19 -13.46 102.03
N ILE C 97 109.75 -13.61 103.27
CA ILE C 97 110.15 -14.71 104.14
C ILE C 97 108.90 -15.34 104.74
N GLY C 98 108.86 -16.67 104.74
CA GLY C 98 107.76 -17.38 105.36
C GLY C 98 108.24 -18.53 106.23
N LEU C 99 107.91 -18.48 107.52
CA LEU C 99 108.34 -19.49 108.48
C LEU C 99 107.11 -20.14 109.08
N GLN C 100 107.13 -21.48 109.16
CA GLN C 100 106.04 -22.22 109.78
C GLN C 100 106.63 -23.30 110.68
N ILE C 101 106.14 -23.36 111.90
CA ILE C 101 106.49 -24.42 112.86
C ILE C 101 105.20 -25.15 113.19
N LEU C 102 105.00 -26.30 112.55
CA LEU C 102 103.86 -27.20 112.75
C LEU C 102 102.59 -26.39 112.54
N LYS C 103 101.59 -26.49 113.42
CA LYS C 103 100.44 -25.60 113.43
C LYS C 103 100.49 -24.64 114.62
N HIS C 104 101.68 -24.40 115.16
CA HIS C 104 101.86 -23.55 116.33
C HIS C 104 102.45 -22.19 116.01
N PHE C 105 103.31 -22.08 115.01
CA PHE C 105 103.91 -20.80 114.66
C PHE C 105 103.77 -20.57 113.16
N ASP C 106 103.43 -19.35 112.77
CA ASP C 106 103.31 -19.02 111.35
C ASP C 106 103.59 -17.53 111.17
N SER C 107 104.74 -17.21 110.59
CA SER C 107 105.14 -15.82 110.38
C SER C 107 105.39 -15.58 108.89
N GLY C 108 104.88 -14.45 108.39
CA GLY C 108 105.13 -14.04 107.03
C GLY C 108 105.55 -12.59 106.94
N ALA C 109 106.75 -12.33 106.45
CA ALA C 109 107.27 -10.99 106.33
C ALA C 109 107.62 -10.69 104.89
N LYS C 110 107.61 -9.42 104.53
CA LYS C 110 107.99 -9.02 103.18
C LYS C 110 108.45 -7.57 103.21
N GLY C 111 109.36 -7.25 102.31
CA GLY C 111 109.91 -5.91 102.23
C GLY C 111 110.23 -5.55 100.79
N SER C 112 110.23 -4.26 100.52
CA SER C 112 110.57 -3.77 99.20
C SER C 112 111.21 -2.39 99.32
N LYS C 113 112.06 -2.06 98.35
CA LYS C 113 112.78 -0.79 98.36
C LYS C 113 113.05 -0.37 96.92
N ASN C 114 112.86 0.92 96.65
CA ASN C 114 113.11 1.51 95.34
C ASN C 114 113.86 2.81 95.54
N PHE C 115 115.06 2.90 94.98
CA PHE C 115 115.97 4.01 95.19
C PHE C 115 116.42 4.53 93.83
N ILE C 116 116.26 5.84 93.59
CA ILE C 116 116.59 6.45 92.31
C ILE C 116 117.46 7.68 92.56
N THR C 117 118.52 7.82 91.78
CA THR C 117 119.44 8.94 91.92
C THR C 117 119.76 9.51 90.54
N SER C 118 119.88 10.84 90.47
CA SER C 118 120.26 11.52 89.24
C SER C 118 121.15 12.70 89.57
N ALA C 119 122.29 12.78 88.90
CA ALA C 119 123.23 13.87 89.11
C ALA C 119 123.61 14.49 87.77
N SER C 120 123.44 15.79 87.65
CA SER C 120 123.76 16.54 86.44
C SER C 120 124.81 17.58 86.82
N LEU C 121 126.07 17.30 86.50
CA LEU C 121 127.18 18.18 86.82
C LEU C 121 127.56 19.11 85.68
N GLY C 122 127.00 18.93 84.50
CA GLY C 122 127.30 19.83 83.40
C GLY C 122 128.77 19.74 83.00
N THR C 123 129.44 20.90 83.01
CA THR C 123 130.85 21.01 82.65
C THR C 123 131.67 21.30 83.89
N VAL C 124 132.80 20.62 84.02
CA VAL C 124 133.73 20.82 85.13
C VAL C 124 135.02 21.40 84.57
N VAL C 125 135.47 22.50 85.18
CA VAL C 125 136.71 23.14 84.77
C VAL C 125 137.73 22.99 85.90
N LYS C 126 138.99 23.25 85.57
CA LYS C 126 140.10 23.19 86.51
C LYS C 126 140.77 24.55 86.57
N ALA C 127 141.00 25.02 87.79
CA ALA C 127 141.65 26.31 88.05
C ALA C 127 142.95 26.08 88.79
N GLU C 128 143.98 26.80 88.36
CA GLU C 128 145.33 26.63 88.90
C GLU C 128 146.14 27.87 88.61
N THR C 129 147.25 28.01 89.35
CA THR C 129 148.14 29.14 89.16
C THR C 129 148.69 29.15 87.74
N ILE C 130 148.88 30.35 87.19
CA ILE C 130 149.41 30.47 85.83
C ILE C 130 150.82 29.89 85.76
N ASP C 131 151.66 30.21 86.75
CA ASP C 131 153.01 29.68 86.82
C ASP C 131 153.26 29.19 88.23
N ILE C 132 153.50 27.88 88.38
CA ILE C 132 153.74 27.31 89.69
C ILE C 132 155.22 27.35 90.06
N THR C 133 156.12 27.35 89.07
CA THR C 133 157.54 27.38 89.35
C THR C 133 157.94 28.65 90.09
N LYS C 134 157.40 29.80 89.66
CA LYS C 134 157.70 31.06 90.34
C LYS C 134 157.19 31.04 91.77
N VAL C 135 155.97 30.52 91.99
CA VAL C 135 155.42 30.44 93.33
C VAL C 135 156.30 29.56 94.21
N LEU C 136 156.73 28.42 93.68
CA LEU C 136 157.59 27.53 94.45
C LEU C 136 158.93 28.20 94.79
N ALA C 137 159.53 28.89 93.83
CA ALA C 137 160.80 29.56 94.08
C ALA C 137 160.64 30.60 95.18
N LYS C 138 159.61 31.45 95.07
CA LYS C 138 159.39 32.48 96.08
C LYS C 138 159.10 31.88 97.45
N VAL C 139 158.34 30.78 97.49
CA VAL C 139 158.09 30.12 98.77
C VAL C 139 159.40 29.67 99.39
N ARG C 140 160.24 29.01 98.60
CA ARG C 140 161.49 28.50 99.12
C ARG C 140 162.39 29.63 99.61
N THR C 141 162.35 30.79 98.95
CA THR C 141 163.18 31.91 99.35
C THR C 141 162.49 32.84 100.34
N ALA C 142 161.27 32.55 100.76
CA ALA C 142 160.50 33.42 101.63
C ALA C 142 160.30 32.79 103.00
N LYS C 143 160.23 33.63 104.03
CA LYS C 143 160.00 33.19 105.40
C LYS C 143 158.54 33.37 105.80
N ALA C 144 158.05 32.48 106.66
CA ALA C 144 156.68 32.53 107.12
C ALA C 144 156.49 33.70 108.09
N LYS C 145 155.22 33.97 108.41
CA LYS C 145 154.89 35.06 109.31
C LYS C 145 155.18 34.66 110.76
N VAL C 146 156.07 35.42 111.41
CA VAL C 146 156.41 35.13 112.81
C VAL C 146 155.20 35.30 113.70
N GLU C 147 154.36 36.31 113.43
CA GLU C 147 153.17 36.54 114.25
C GLU C 147 152.22 35.36 114.20
N ASN C 148 152.10 34.69 113.06
CA ASN C 148 151.13 33.61 112.90
C ASN C 148 151.37 32.51 113.91
N ASP C 149 150.27 32.04 114.53
CA ASP C 149 150.34 30.99 115.54
C ASP C 149 150.26 29.59 114.94
N LEU C 150 149.49 29.44 113.86
CA LEU C 150 149.36 28.14 113.20
C LEU C 150 150.70 27.59 112.77
N VAL C 151 151.54 28.44 112.15
CA VAL C 151 152.86 28.00 111.70
C VAL C 151 153.68 27.49 112.88
N SER C 152 153.68 28.23 113.97
CA SER C 152 154.43 27.82 115.15
C SER C 152 153.91 26.50 115.70
N ARG C 153 152.59 26.34 115.75
CA ARG C 153 152.01 25.08 116.21
C ARG C 153 152.49 23.92 115.35
N VAL C 154 152.41 24.07 114.03
CA VAL C 154 152.84 23.01 113.12
C VAL C 154 154.32 22.73 113.26
N MET C 155 155.12 23.78 113.49
CA MET C 155 156.56 23.61 113.68
C MET C 155 156.86 22.80 114.93
N LYS C 156 156.19 23.13 116.04
CA LYS C 156 156.51 22.44 117.30
C LYS C 156 155.96 21.02 117.30
N THR C 157 154.80 20.79 116.67
CA THR C 157 154.24 19.45 116.62
C THR C 157 154.88 18.66 115.48
N LYS C 158 154.88 17.34 115.63
CA LYS C 158 155.47 16.44 114.65
C LYS C 158 154.44 15.79 113.74
N ARG C 159 153.20 15.60 114.21
CA ARG C 159 152.18 14.99 113.37
C ARG C 159 151.68 15.96 112.30
N LEU C 160 151.50 17.23 112.67
CA LEU C 160 150.91 18.20 111.77
C LEU C 160 151.87 18.53 110.61
N CYS C 161 151.29 18.66 109.42
CA CYS C 161 152.03 19.08 108.24
C CYS C 161 151.23 20.13 107.49
N LEU C 162 151.92 20.98 106.73
CA LEU C 162 151.27 22.02 105.95
C LEU C 162 151.19 21.64 104.49
N GLY C 163 150.10 22.01 103.83
CA GLY C 163 149.94 21.74 102.43
C GLY C 163 149.35 22.91 101.66
N LEU C 164 149.92 23.21 100.50
CA LEU C 164 149.46 24.30 99.65
C LEU C 164 148.65 23.71 98.51
N VAL C 165 147.41 24.17 98.37
CA VAL C 165 146.53 23.68 97.31
C VAL C 165 146.93 24.34 95.99
N VAL C 166 147.07 23.53 94.95
CA VAL C 166 147.60 24.01 93.68
C VAL C 166 146.63 23.89 92.52
N GLU C 167 145.60 23.05 92.60
CA GLU C 167 144.63 22.94 91.52
C GLU C 167 143.28 22.54 92.10
N THR C 168 142.21 23.05 91.49
CA THR C 168 140.87 22.80 92.00
C THR C 168 139.91 22.57 90.84
N ALA C 169 139.01 21.60 91.00
CA ALA C 169 137.99 21.31 90.00
C ALA C 169 136.66 21.92 90.46
N CYS C 170 136.07 22.75 89.60
CA CYS C 170 134.87 23.49 89.93
C CYS C 170 133.85 23.38 88.80
N VAL C 171 132.58 23.37 89.16
CA VAL C 171 131.50 23.29 88.17
C VAL C 171 131.35 24.65 87.50
N ALA C 172 131.30 24.64 86.17
CA ALA C 172 131.15 25.90 85.43
C ALA C 172 129.75 26.47 85.58
N ALA C 173 128.74 25.61 85.59
CA ALA C 173 127.35 26.03 85.69
C ALA C 173 126.69 25.33 86.86
N ALA C 174 125.40 25.62 87.06
CA ALA C 174 124.66 25.03 88.17
C ALA C 174 124.54 23.52 88.01
N GLY C 175 124.68 22.80 89.12
CA GLY C 175 124.59 21.35 89.13
C GLY C 175 123.37 20.89 89.90
N LYS C 176 122.66 19.90 89.35
CA LYS C 176 121.41 19.44 89.91
C LYS C 176 121.53 18.03 90.46
N LEU C 177 121.09 17.82 91.70
CA LEU C 177 121.16 16.52 92.35
C LEU C 177 119.77 16.15 92.84
N THR C 178 119.25 14.99 92.39
CA THR C 178 117.92 14.54 92.74
C THR C 178 117.97 13.11 93.26
N GLU C 179 117.20 12.85 94.33
CA GLU C 179 117.15 11.53 94.95
C GLU C 179 115.72 11.22 95.36
N ALA C 180 115.28 9.99 95.11
CA ALA C 180 113.96 9.52 95.48
C ALA C 180 114.07 8.15 96.15
N ASP C 181 113.34 7.97 97.24
CA ASP C 181 113.37 6.75 98.02
C ASP C 181 111.94 6.33 98.35
N ASN C 182 111.62 5.05 98.17
CA ASN C 182 110.32 4.52 98.54
C ASN C 182 110.53 3.10 99.05
N TRP C 183 110.30 2.88 100.34
CA TRP C 183 110.47 1.52 100.87
C TRP C 183 109.30 1.16 101.76
N GLU C 184 109.06 -0.15 101.88
CA GLU C 184 107.85 -0.65 102.52
C GLU C 184 108.15 -1.98 103.21
N ILE C 185 107.55 -2.17 104.39
CA ILE C 185 107.67 -3.39 105.18
C ILE C 185 106.28 -3.85 105.59
N SER C 186 106.00 -5.14 105.40
CA SER C 186 104.73 -5.72 105.83
C SER C 186 105.00 -7.05 106.52
N GLY C 187 104.65 -7.15 107.79
CA GLY C 187 104.90 -8.35 108.56
C GLY C 187 103.66 -8.84 109.26
N HIS C 188 103.61 -10.16 109.47
CA HIS C 188 102.48 -10.81 110.11
C HIS C 188 102.97 -11.99 110.92
N THR C 189 102.39 -12.18 112.11
CA THR C 189 102.78 -13.22 113.03
C THR C 189 101.54 -13.89 113.60
N ASN C 190 101.54 -15.21 113.66
CA ASN C 190 100.42 -15.98 114.21
C ASN C 190 101.01 -17.06 115.12
N ALA C 191 100.79 -16.90 116.43
CA ALA C 191 101.22 -17.88 117.42
C ALA C 191 99.97 -18.57 117.95
N ASN C 192 99.76 -19.81 117.54
CA ASN C 192 98.60 -20.60 117.96
C ASN C 192 99.06 -21.60 119.02
N ILE C 193 98.44 -21.55 120.18
CA ILE C 193 98.71 -22.47 121.28
C ILE C 193 97.38 -23.05 121.73
N GLY C 194 97.45 -24.16 122.47
CA GLY C 194 96.24 -24.84 122.90
C GLY C 194 95.30 -23.95 123.69
N GLU C 195 95.85 -23.01 124.47
CA GLU C 195 95.03 -22.10 125.27
C GLU C 195 95.28 -20.63 124.94
N ALA C 196 96.02 -20.34 123.88
CA ALA C 196 96.32 -18.95 123.53
C ALA C 196 96.44 -18.82 122.03
N VAL C 197 95.89 -17.73 121.49
CA VAL C 197 95.98 -17.40 120.07
C VAL C 197 96.38 -15.94 119.97
N VAL C 198 97.50 -15.67 119.30
CA VAL C 198 98.00 -14.32 119.10
C VAL C 198 98.15 -14.08 117.60
N THR C 199 97.58 -12.97 117.12
CA THR C 199 97.66 -12.60 115.70
C THR C 199 98.06 -11.14 115.60
N ALA C 200 99.29 -10.89 115.18
CA ALA C 200 99.83 -9.54 115.07
C ALA C 200 100.13 -9.23 113.61
N THR C 201 99.98 -7.96 113.24
CA THR C 201 100.23 -7.51 111.87
C THR C 201 100.75 -6.07 111.93
N ALA C 202 101.72 -5.76 111.07
CA ALA C 202 102.30 -4.43 111.03
C ALA C 202 102.70 -4.07 109.61
N GLU C 203 102.23 -2.93 109.13
CA GLU C 203 102.57 -2.43 107.80
C GLU C 203 103.07 -1.00 107.91
N LEU C 204 104.14 -0.69 107.19
CA LEU C 204 104.61 0.69 107.13
C LEU C 204 105.32 0.92 105.80
N ASP C 205 105.43 2.20 105.42
CA ASP C 205 106.10 2.56 104.18
C ASP C 205 106.50 4.02 104.26
N LYS C 206 107.72 4.32 103.83
CA LYS C 206 108.28 5.65 103.85
C LYS C 206 108.66 6.09 102.45
N ASN C 207 108.37 7.35 102.14
CA ASN C 207 108.69 7.96 100.85
C ASN C 207 109.41 9.28 101.09
N LEU C 208 110.55 9.46 100.42
CA LEU C 208 111.35 10.67 100.54
C LEU C 208 111.79 11.14 99.16
N SER C 209 112.00 12.44 99.03
CA SER C 209 112.51 13.02 97.79
C SER C 209 113.27 14.29 98.11
N ARG C 210 114.52 14.36 97.67
CA ARG C 210 115.38 15.51 97.92
C ARG C 210 115.97 15.99 96.61
N LYS C 211 115.84 17.28 96.32
CA LYS C 211 116.35 17.87 95.09
C LYS C 211 117.04 19.18 95.42
N ILE C 212 118.33 19.28 95.07
CA ILE C 212 119.12 20.47 95.34
C ILE C 212 119.87 20.88 94.08
N GLU C 213 120.41 22.10 94.12
CA GLU C 213 121.13 22.68 92.99
C GLU C 213 122.30 23.50 93.51
N ILE C 214 123.51 22.99 93.33
CA ILE C 214 124.72 23.72 93.70
C ILE C 214 124.99 24.82 92.68
N PRO C 215 125.43 25.99 93.10
CA PRO C 215 125.62 27.11 92.18
C PRO C 215 126.94 27.00 91.46
N PRO C 216 127.14 27.77 90.38
CA PRO C 216 128.43 27.76 89.68
C PRO C 216 129.56 28.19 90.59
N GLY C 217 130.73 27.58 90.38
CA GLY C 217 131.92 27.88 91.15
C GLY C 217 132.18 26.98 92.33
N THR C 218 131.24 26.09 92.65
CA THR C 218 131.43 25.19 93.78
C THR C 218 132.57 24.22 93.50
N ALA C 219 133.51 24.12 94.45
CA ALA C 219 134.64 23.23 94.28
C ALA C 219 134.23 21.79 94.50
N LEU C 220 134.86 20.88 93.75
CA LEU C 220 134.59 19.45 93.85
C LEU C 220 135.76 18.65 94.39
N ALA C 221 136.97 18.93 93.94
CA ALA C 221 138.15 18.17 94.33
C ALA C 221 139.38 19.04 94.18
N TYR C 222 140.48 18.60 94.79
CA TYR C 222 141.69 19.40 94.82
C TYR C 222 142.90 18.51 94.99
N SER C 223 144.07 19.08 94.70
CA SER C 223 145.36 18.44 94.93
C SER C 223 146.29 19.45 95.58
N PHE C 224 147.20 18.97 96.42
CA PHE C 224 148.04 19.87 97.19
C PHE C 224 149.46 19.34 97.25
N MET C 225 150.39 20.24 97.57
CA MET C 225 151.81 19.93 97.71
C MET C 225 152.24 20.19 99.15
N ASP C 226 153.07 19.30 99.69
CA ASP C 226 153.47 19.39 101.08
C ASP C 226 154.51 20.48 101.29
N LEU C 227 154.64 20.92 102.54
CA LEU C 227 155.61 21.94 102.93
C LEU C 227 156.28 21.51 104.23
N GLU C 228 157.33 22.25 104.59
CA GLU C 228 158.09 21.96 105.80
C GLU C 228 158.65 23.26 106.36
N ILE C 229 158.39 23.50 107.65
CA ILE C 229 158.90 24.69 108.34
C ILE C 229 160.33 24.41 108.78
N LEU C 230 161.26 25.28 108.38
CA LEU C 230 162.63 25.18 108.87
C LEU C 230 162.67 25.60 110.34
N GLU C 231 163.88 25.53 110.92
CA GLU C 231 164.08 26.07 112.27
C GLU C 231 163.66 27.53 112.33
N ASP C 232 164.08 28.32 111.34
CA ASP C 232 163.60 29.69 111.20
C ASP C 232 162.21 29.69 110.58
N ARG C 233 161.70 30.89 110.30
CA ARG C 233 160.41 31.02 109.62
C ARG C 233 160.46 30.57 108.16
N SER C 234 161.64 30.25 107.64
CA SER C 234 161.77 29.81 106.25
C SER C 234 160.95 28.55 105.99
N LEU C 235 160.45 28.44 104.76
CA LEU C 235 159.65 27.30 104.33
C LEU C 235 160.36 26.57 103.20
N ARG C 236 160.18 25.25 103.16
CA ARG C 236 160.76 24.42 102.12
C ARG C 236 159.68 23.48 101.59
N VAL C 237 159.89 22.98 100.37
CA VAL C 237 158.96 22.03 99.77
C VAL C 237 159.53 20.63 99.92
N SER C 238 158.65 19.67 100.18
CA SER C 238 159.05 18.30 100.44
C SER C 238 158.35 17.36 99.48
N SER C 239 159.07 16.35 98.99
CA SER C 239 158.56 15.41 98.01
C SER C 239 158.79 13.99 98.52
N SER C 240 157.70 13.26 98.74
CA SER C 240 157.79 11.85 99.09
C SER C 240 158.05 11.05 97.82
N ALA C 241 159.27 10.54 97.69
CA ALA C 241 159.71 9.82 96.49
C ALA C 241 159.56 10.68 95.23
N GLY C 242 159.72 12.00 95.38
CA GLY C 242 159.63 12.91 94.27
C GLY C 242 158.23 13.11 93.72
N ALA C 243 157.20 12.78 94.48
CA ALA C 243 155.84 12.91 93.98
C ALA C 243 155.46 14.38 93.76
N MET C 244 155.67 15.22 94.78
CA MET C 244 155.29 16.63 94.76
C MET C 244 153.80 16.83 94.47
N PHE C 245 152.99 15.78 94.64
CA PHE C 245 151.54 15.88 94.45
C PHE C 245 150.90 14.89 95.41
N ASP C 246 150.41 15.39 96.53
CA ASP C 246 149.86 14.54 97.56
C ASP C 246 148.34 14.49 97.45
N SER C 247 147.79 13.28 97.46
CA SER C 247 146.35 13.07 97.35
C SER C 247 145.75 12.59 98.68
N GLY C 248 146.45 12.79 99.79
CA GLY C 248 145.98 12.31 101.07
C GLY C 248 145.86 10.80 101.13
N LYS C 249 146.81 10.10 100.53
CA LYS C 249 146.81 8.64 100.48
C LYS C 249 147.79 8.07 101.50
N ALA C 250 147.48 6.86 101.98
CA ALA C 250 148.37 6.19 102.91
C ALA C 250 149.66 5.80 102.21
N GLU C 251 150.74 5.74 103.00
CA GLU C 251 152.05 5.40 102.44
C GLU C 251 152.04 3.98 101.87
N SER C 252 151.41 3.04 102.56
CA SER C 252 151.31 1.65 102.13
C SER C 252 152.69 1.04 101.88
CA ARG D 3 137.39 0.07 85.56
C ARG D 3 136.91 1.38 84.96
N PRO D 4 137.66 2.46 85.20
CA PRO D 4 137.27 3.76 84.64
C PRO D 4 137.21 3.73 83.12
N MET D 5 136.24 4.46 82.57
CA MET D 5 136.08 4.50 81.13
C MET D 5 137.32 5.10 80.46
N PHE D 6 137.89 6.15 81.06
CA PHE D 6 139.09 6.75 80.49
C PHE D 6 140.23 5.75 80.43
N ALA D 7 140.43 4.98 81.50
CA ALA D 7 141.49 3.97 81.50
C ALA D 7 141.22 2.89 80.46
N VAL D 8 139.97 2.45 80.34
CA VAL D 8 139.63 1.44 79.34
C VAL D 8 139.90 1.96 77.92
N ALA D 9 139.50 3.20 77.65
CA ALA D 9 139.74 3.77 76.33
C ALA D 9 141.22 3.94 76.05
N VAL D 10 141.99 4.34 77.07
CA VAL D 10 143.43 4.49 76.89
C VAL D 10 144.06 3.13 76.57
N ASN D 11 143.64 2.09 77.27
CA ASN D 11 144.17 0.75 76.98
C ASN D 11 143.80 0.30 75.58
N GLU D 12 142.56 0.56 75.16
CA GLU D 12 142.14 0.19 73.81
C GLU D 12 142.98 0.92 72.76
N PHE D 13 143.18 2.21 72.95
CA PHE D 13 143.99 2.98 72.00
C PHE D 13 145.42 2.49 71.96
N ILE D 14 146.02 2.26 73.13
CA ILE D 14 147.42 1.85 73.16
C ILE D 14 147.60 0.45 72.58
N ARG D 15 146.59 -0.41 72.71
CA ARG D 15 146.66 -1.71 72.06
C ARG D 15 146.53 -1.59 70.56
N SER D 16 145.55 -0.82 70.08
CA SER D 16 145.33 -0.70 68.65
C SER D 16 146.53 -0.06 67.96
N ALA D 17 147.09 0.99 68.55
CA ALA D 17 148.24 1.69 67.99
C ALA D 17 149.28 1.90 69.07
N GLY D 18 150.54 1.65 68.73
CA GLY D 18 151.64 1.86 69.66
C GLY D 18 151.62 0.98 70.88
N GLN D 19 151.41 -0.34 70.68
CA GLN D 19 151.44 -1.26 71.80
C GLN D 19 152.80 -1.28 72.48
N ASP D 20 153.85 -0.97 71.75
CA ASP D 20 155.20 -0.86 72.30
C ASP D 20 155.62 0.61 72.32
N SER D 21 156.51 0.92 73.27
CA SER D 21 157.07 2.27 73.43
C SER D 21 155.97 3.31 73.64
N LEU D 22 155.06 3.02 74.57
CA LEU D 22 153.97 3.93 74.88
C LEU D 22 153.46 3.62 76.27
N CYS D 23 153.22 4.67 77.06
CA CYS D 23 152.76 4.55 78.43
C CYS D 23 151.39 5.20 78.57
N GLY D 24 150.44 4.47 79.16
CA GLY D 24 149.12 5.01 79.37
C GLY D 24 149.11 6.15 80.37
N VAL D 25 148.09 7.00 80.24
CA VAL D 25 147.90 8.14 81.13
C VAL D 25 147.05 7.70 82.32
N PRO D 26 147.47 7.99 83.56
CA PRO D 26 146.71 7.49 84.71
C PRO D 26 145.30 8.03 84.82
N ASP D 27 145.10 9.33 84.60
CA ASP D 27 143.78 9.92 84.75
C ASP D 27 143.69 11.21 83.98
N ILE D 28 142.45 11.67 83.78
CA ILE D 28 142.21 12.88 82.99
C ILE D 28 142.84 14.09 83.66
N ASN D 29 142.76 14.17 84.99
CA ASN D 29 143.30 15.32 85.70
C ASN D 29 144.80 15.45 85.49
N SER D 30 145.52 14.33 85.56
CA SER D 30 146.97 14.34 85.41
C SER D 30 147.41 14.16 83.96
N SER D 31 146.47 14.06 83.02
CA SER D 31 146.84 13.93 81.61
C SER D 31 147.65 15.13 81.14
N GLY D 32 147.31 16.33 81.63
CA GLY D 32 147.98 17.53 81.15
C GLY D 32 149.40 17.70 81.63
N ASP D 33 149.87 16.86 82.55
CA ASP D 33 151.22 16.95 83.06
C ASP D 33 152.20 16.08 82.29
N PHE D 34 151.75 15.41 81.24
CA PHE D 34 152.61 14.52 80.45
C PHE D 34 152.79 15.04 79.03
N MET D 35 152.80 16.35 78.86
CA MET D 35 153.10 16.96 77.58
C MET D 35 154.61 16.89 77.31
N PRO D 36 155.03 17.07 76.06
CA PRO D 36 156.46 16.97 75.74
C PRO D 36 157.28 17.98 76.52
N LEU D 37 158.53 17.59 76.80
CA LEU D 37 159.48 18.40 77.57
C LEU D 37 159.02 18.59 79.01
N HIS D 38 158.59 17.50 79.63
CA HIS D 38 158.22 17.47 81.04
C HIS D 38 159.07 16.45 81.77
N ILE D 39 159.42 16.75 83.02
CA ILE D 39 160.22 15.87 83.85
C ILE D 39 159.30 14.96 84.66
N ILE D 40 159.62 13.67 84.69
CA ILE D 40 158.90 12.69 85.49
C ILE D 40 159.91 11.89 86.29
N VAL D 41 159.44 11.26 87.36
CA VAL D 41 160.27 10.47 88.25
C VAL D 41 159.87 9.01 88.14
N LYS D 42 160.85 8.13 88.02
CA LYS D 42 160.63 6.70 87.93
C LYS D 42 161.18 6.01 89.17
N GLU D 43 160.36 5.16 89.78
CA GLU D 43 160.72 4.42 90.97
C GLU D 43 160.72 2.93 90.66
N VAL D 44 161.79 2.25 91.05
CA VAL D 44 161.96 0.83 90.78
C VAL D 44 161.02 0.02 91.68
N PRO D 45 160.60 -1.18 91.28
CA PRO D 45 159.69 -1.96 92.13
C PRO D 45 160.27 -2.31 93.48
N LYS D 46 161.59 -2.52 93.57
CA LYS D 46 162.33 -2.88 94.78
C LYS D 46 162.02 -4.29 95.27
N VAL D 47 161.10 -5.01 94.64
CA VAL D 47 160.78 -6.38 95.04
C VAL D 47 161.13 -7.32 93.90
N LEU D 48 160.51 -7.12 92.74
CA LEU D 48 160.78 -7.90 91.54
C LEU D 48 161.01 -6.92 90.39
N PRO D 49 162.19 -6.26 90.36
CA PRO D 49 162.43 -5.25 89.33
C PRO D 49 162.31 -5.78 87.91
N CYS D 50 162.74 -7.01 87.67
CA CYS D 50 162.67 -7.59 86.33
C CYS D 50 161.30 -8.18 86.02
N CYS D 51 160.41 -8.29 87.01
CA CYS D 51 159.09 -8.88 86.79
C CYS D 51 157.95 -7.88 86.93
N ARG D 52 158.19 -6.70 87.49
CA ARG D 52 157.15 -5.72 87.72
C ARG D 52 157.54 -4.40 87.06
N ARG D 53 156.56 -3.74 86.44
CA ARG D 53 156.82 -2.46 85.81
C ARG D 53 157.00 -1.37 86.88
N PRO D 54 157.87 -0.39 86.62
CA PRO D 54 158.15 0.64 87.63
C PRO D 54 156.98 1.59 87.85
N LYS D 55 157.15 2.53 88.77
CA LYS D 55 156.12 3.49 89.12
C LYS D 55 156.52 4.87 88.61
N ILE D 56 155.59 5.54 87.94
CA ILE D 56 155.85 6.83 87.30
C ILE D 56 155.11 7.92 88.05
N LYS D 57 155.84 8.97 88.43
CA LYS D 57 155.32 10.09 89.21
C LYS D 57 155.48 11.36 88.40
N ARG D 58 154.41 12.14 88.30
CA ARG D 58 154.46 13.41 87.59
C ARG D 58 155.04 14.49 88.49
N THR D 59 155.68 15.48 87.87
CA THR D 59 156.25 16.61 88.57
C THR D 59 155.88 17.90 87.88
N PRO D 60 155.77 19.00 88.62
CA PRO D 60 155.43 20.29 88.00
C PRO D 60 156.67 21.06 87.52
N TYR D 61 157.42 20.43 86.63
CA TYR D 61 158.65 21.01 86.13
C TYR D 61 158.78 20.77 84.63
N THR D 62 159.41 21.72 83.96
CA THR D 62 159.82 21.57 82.56
C THR D 62 161.34 21.52 82.49
N LEU D 63 161.84 21.22 81.30
CA LEU D 63 163.28 21.09 81.11
C LEU D 63 163.98 22.42 81.39
N ASN D 64 163.43 23.52 80.89
CA ASN D 64 164.06 24.83 81.09
C ASN D 64 164.07 25.23 82.55
N ASP D 65 163.01 24.88 83.29
CA ASP D 65 162.99 25.18 84.71
C ASP D 65 163.99 24.32 85.48
N ILE D 66 164.08 23.03 85.13
CA ILE D 66 164.96 22.14 85.87
C ILE D 66 166.42 22.42 85.55
N LEU D 67 166.70 23.00 84.38
CA LEU D 67 168.07 23.25 83.94
C LEU D 67 168.46 24.70 84.16
N ASP D 68 169.70 24.90 84.62
CA ASP D 68 170.23 26.25 84.72
C ASP D 68 170.32 26.91 83.35
N GLU D 69 170.77 26.16 82.34
CA GLU D 69 170.88 26.69 80.99
C GLU D 69 169.65 26.29 80.18
N PRO D 70 168.93 27.25 79.59
CA PRO D 70 167.73 26.91 78.83
C PRO D 70 168.06 26.21 77.52
N CYS D 71 167.07 25.51 77.00
CA CYS D 71 167.14 24.77 75.75
C CYS D 71 165.96 25.18 74.87
N PRO D 72 166.10 25.03 73.55
CA PRO D 72 164.96 25.30 72.67
C PRO D 72 163.81 24.36 72.99
N ASN D 73 162.58 24.88 72.88
CA ASN D 73 161.39 24.16 73.32
C ASN D 73 160.25 24.18 72.30
N GLN D 74 160.51 24.57 71.06
CA GLN D 74 159.45 24.59 70.05
C GLN D 74 158.94 23.19 69.77
N LEU D 75 157.66 23.09 69.45
CA LEU D 75 156.98 21.82 69.24
C LEU D 75 156.33 21.78 67.87
N LYS D 76 155.89 20.59 67.48
CA LYS D 76 155.15 20.38 66.25
C LYS D 76 154.26 19.16 66.42
N SER D 77 153.16 19.14 65.68
CA SER D 77 152.17 18.07 65.78
C SER D 77 151.82 17.56 64.39
N SER D 78 151.48 16.28 64.34
CA SER D 78 151.09 15.64 63.08
C SER D 78 150.16 14.47 63.38
N ASP D 79 149.35 14.12 62.40
CA ASP D 79 148.35 13.07 62.60
C ASP D 79 149.01 11.72 62.85
N LEU D 80 148.37 10.92 63.70
CA LEU D 80 148.88 9.59 64.04
C LEU D 80 147.94 8.47 63.63
N VAL D 81 146.67 8.54 64.03
CA VAL D 81 145.68 7.51 63.72
C VAL D 81 144.30 8.14 63.76
N THR D 82 143.34 7.49 63.11
CA THR D 82 141.98 8.02 62.99
C THR D 82 140.99 6.87 63.19
N PHE D 83 140.19 6.95 64.24
CA PHE D 83 139.14 5.97 64.51
C PHE D 83 137.87 6.44 63.80
N THR D 84 137.59 5.86 62.63
CA THR D 84 136.46 6.31 61.82
C THR D 84 135.14 6.03 62.50
N GLU D 85 135.03 4.89 63.19
CA GLU D 85 133.79 4.52 63.86
C GLU D 85 134.05 4.20 65.31
N PRO D 86 133.07 4.39 66.19
CA PRO D 86 133.28 4.16 67.62
C PRO D 86 133.58 2.70 67.91
N LEU D 87 134.48 2.48 68.88
CA LEU D 87 134.70 1.15 69.42
C LEU D 87 133.51 0.75 70.27
N VAL D 88 132.84 -0.33 69.87
CA VAL D 88 131.60 -0.77 70.51
C VAL D 88 131.84 -2.16 71.08
N SER D 89 131.43 -2.36 72.34
CA SER D 89 131.58 -3.63 73.02
C SER D 89 130.26 -4.00 73.71
N ASN D 90 129.88 -5.27 73.59
CA ASN D 90 128.67 -5.78 74.21
C ASN D 90 129.00 -7.09 74.92
N VAL D 91 128.52 -7.23 76.16
CA VAL D 91 128.64 -8.46 76.92
C VAL D 91 127.27 -8.78 77.50
N LYS D 92 126.84 -10.02 77.38
CA LYS D 92 125.54 -10.44 77.86
C LYS D 92 125.67 -11.83 78.46
N ALA D 93 125.48 -11.94 79.77
CA ALA D 93 125.59 -13.21 80.48
C ALA D 93 124.28 -13.52 81.19
N SER D 94 123.96 -14.81 81.28
CA SER D 94 122.76 -15.24 81.98
C SER D 94 122.97 -16.67 82.46
N SER D 95 122.68 -16.92 83.73
CA SER D 95 122.91 -18.22 84.33
C SER D 95 121.80 -18.55 85.31
N SER D 96 121.62 -19.84 85.55
CA SER D 96 120.61 -20.33 86.49
C SER D 96 121.13 -21.60 87.15
N ILE D 97 120.85 -21.72 88.44
CA ILE D 97 121.29 -22.85 89.26
C ILE D 97 120.07 -23.42 90.00
N GLY D 98 119.95 -24.74 90.00
CA GLY D 98 118.90 -25.40 90.75
C GLY D 98 119.41 -26.58 91.56
N LEU D 99 119.25 -26.52 92.88
CA LEU D 99 119.73 -27.56 93.78
C LEU D 99 118.54 -28.15 94.52
N GLN D 100 118.50 -29.48 94.59
CA GLN D 100 117.45 -30.16 95.34
C GLN D 100 118.07 -31.29 96.15
N ILE D 101 117.73 -31.33 97.43
CA ILE D 101 118.14 -32.42 98.33
C ILE D 101 116.85 -33.07 98.82
N LEU D 102 116.51 -34.20 98.21
CA LEU D 102 115.34 -35.02 98.56
C LEU D 102 114.11 -34.13 98.51
N LYS D 103 113.23 -34.18 99.51
CA LYS D 103 112.15 -33.22 99.66
C LYS D 103 112.41 -32.28 100.84
N HIS D 104 113.67 -32.12 101.23
CA HIS D 104 114.05 -31.30 102.36
C HIS D 104 114.68 -29.97 101.99
N PHE D 105 115.42 -29.91 100.88
CA PHE D 105 116.04 -28.67 100.46
C PHE D 105 115.73 -28.41 98.99
N ASP D 106 115.42 -27.16 98.65
CA ASP D 106 115.14 -26.81 97.26
C ASP D 106 115.50 -25.34 97.04
N SER D 107 116.59 -25.08 96.34
CA SER D 107 117.04 -23.72 96.07
C SER D 107 117.11 -23.47 94.57
N GLY D 108 116.62 -22.31 94.15
CA GLY D 108 116.72 -21.91 92.76
C GLY D 108 117.21 -20.48 92.62
N ALA D 109 118.36 -20.30 91.99
CA ALA D 109 118.95 -18.99 91.81
C ALA D 109 119.12 -18.70 90.32
N LYS D 110 119.16 -17.42 89.98
CA LYS D 110 119.39 -17.03 88.60
C LYS D 110 119.94 -15.62 88.56
N GLY D 111 120.75 -15.35 87.56
CA GLY D 111 121.36 -14.04 87.42
C GLY D 111 121.53 -13.69 85.96
N SER D 112 121.57 -12.39 85.69
CA SER D 112 121.77 -11.91 84.32
C SER D 112 122.51 -10.57 84.37
N LYS D 113 123.25 -10.29 83.31
CA LYS D 113 124.04 -9.08 83.23
C LYS D 113 124.16 -8.65 81.77
N ASN D 114 124.02 -7.35 81.53
CA ASN D 114 124.14 -6.76 80.20
C ASN D 114 125.00 -5.51 80.31
N PHE D 115 126.12 -5.50 79.60
CA PHE D 115 127.11 -4.45 79.69
C PHE D 115 127.42 -3.93 78.29
N ILE D 116 127.31 -2.62 78.08
CA ILE D 116 127.51 -2.02 76.77
C ILE D 116 128.48 -0.85 76.91
N THR D 117 129.45 -0.76 76.01
CA THR D 117 130.44 0.29 76.03
C THR D 117 130.63 0.86 74.62
N SER D 118 130.82 2.17 74.54
CA SER D 118 131.08 2.84 73.27
C SER D 118 132.08 3.96 73.50
N ALA D 119 133.14 3.98 72.69
CA ALA D 119 134.17 5.00 72.78
C ALA D 119 134.41 5.61 71.40
N SER D 120 134.31 6.93 71.31
CA SER D 120 134.53 7.67 70.07
C SER D 120 135.67 8.63 70.31
N LEU D 121 136.87 8.28 69.84
CA LEU D 121 138.06 9.08 70.02
C LEU D 121 138.36 10.00 68.85
N GLY D 122 137.63 9.87 67.74
CA GLY D 122 137.87 10.75 66.61
C GLY D 122 139.26 10.59 66.04
N THR D 123 139.99 11.69 65.96
CA THR D 123 141.34 11.72 65.42
C THR D 123 142.33 11.94 66.55
N VAL D 124 143.43 11.20 66.53
CA VAL D 124 144.50 11.31 67.51
C VAL D 124 145.74 11.82 66.80
N VAL D 125 146.34 12.88 67.34
CA VAL D 125 147.56 13.45 66.80
C VAL D 125 148.70 13.21 67.76
N LYS D 126 149.93 13.41 67.29
CA LYS D 126 151.13 13.27 68.08
C LYS D 126 151.89 14.58 68.06
N ALA D 127 152.31 15.02 69.25
CA ALA D 127 153.06 16.26 69.42
C ALA D 127 154.43 15.94 69.99
N GLU D 128 155.44 16.60 69.44
CA GLU D 128 156.83 16.33 69.80
C GLU D 128 157.69 17.52 69.41
N THR D 129 158.88 17.58 70.01
CA THR D 129 159.81 18.65 69.70
C THR D 129 160.19 18.65 68.22
N ILE D 130 160.37 19.84 67.66
CA ILE D 130 160.73 19.94 66.25
C ILE D 130 162.08 19.28 66.00
N ASP D 131 163.06 19.52 66.87
CA ASP D 131 164.38 18.91 66.76
C ASP D 131 164.77 18.39 68.13
N ILE D 132 164.93 17.07 68.25
CA ILE D 132 165.30 16.47 69.52
C ILE D 132 166.82 16.42 69.70
N THR D 133 167.58 16.37 68.60
CA THR D 133 169.03 16.30 68.70
C THR D 133 169.60 17.54 69.38
N LYS D 134 169.08 18.73 69.03
CA LYS D 134 169.55 19.95 69.67
C LYS D 134 169.22 19.95 71.15
N VAL D 135 168.02 19.50 71.52
CA VAL D 135 167.62 19.44 72.92
C VAL D 135 168.56 18.50 73.68
N LEU D 136 168.85 17.35 73.09
CA LEU D 136 169.74 16.39 73.75
C LEU D 136 171.14 16.97 73.92
N ALA D 137 171.66 17.63 72.89
CA ALA D 137 172.99 18.21 72.98
C ALA D 137 173.05 19.25 74.09
N LYS D 138 172.06 20.16 74.12
CA LYS D 138 172.04 21.20 75.15
C LYS D 138 171.89 20.60 76.54
N VAL D 139 171.07 19.55 76.69
CA VAL D 139 170.94 18.89 77.97
C VAL D 139 172.29 18.35 78.43
N ARG D 140 172.98 17.65 77.53
CA ARG D 140 174.25 17.06 77.89
C ARG D 140 175.28 18.12 78.26
N THR D 141 175.22 19.29 77.61
CA THR D 141 176.18 20.34 77.91
C THR D 141 175.67 21.31 78.99
N ALA D 142 174.49 21.09 79.56
CA ALA D 142 173.90 22.00 80.51
C ALA D 142 173.84 21.37 81.90
N LYS D 143 173.95 22.20 82.93
CA LYS D 143 173.87 21.76 84.32
C LYS D 143 172.49 22.03 84.90
N ALA D 144 172.06 21.15 85.81
CA ALA D 144 170.76 21.30 86.45
C ALA D 144 170.77 22.46 87.44
N LYS D 145 169.57 22.81 87.92
CA LYS D 145 169.43 23.91 88.86
C LYS D 145 169.87 23.47 90.25
N VAL D 146 170.88 24.17 90.79
CA VAL D 146 171.39 23.84 92.13
C VAL D 146 170.30 24.07 93.18
N GLU D 147 169.51 25.14 93.02
CA GLU D 147 168.45 25.44 93.98
C GLU D 147 167.42 24.32 94.05
N ASN D 148 167.12 23.67 92.92
CA ASN D 148 166.06 22.66 92.89
C ASN D 148 166.36 21.53 93.86
N ASP D 149 165.33 21.13 94.61
CA ASP D 149 165.44 20.06 95.60
C ASP D 149 165.21 18.68 95.01
N LEU D 150 164.30 18.59 94.03
CA LEU D 150 164.00 17.31 93.40
C LEU D 150 165.24 16.67 92.79
N VAL D 151 166.04 17.48 92.08
CA VAL D 151 167.26 16.96 91.46
C VAL D 151 168.20 16.39 92.52
N SER D 152 168.38 17.12 93.61
CA SER D 152 169.25 16.65 94.69
C SER D 152 168.72 15.35 95.29
N ARG D 153 167.41 15.28 95.51
CA ARG D 153 166.80 14.05 96.03
C ARG D 153 167.10 12.87 95.12
N VAL D 154 166.86 13.05 93.82
CA VAL D 154 167.10 11.97 92.85
C VAL D 154 168.58 11.59 92.80
N MET D 155 169.46 12.59 92.94
CA MET D 155 170.90 12.32 92.94
C MET D 155 171.30 11.48 94.14
N LYS D 156 170.81 11.84 95.32
CA LYS D 156 171.23 11.12 96.52
C LYS D 156 170.59 9.73 96.60
N THR D 157 169.36 9.59 96.12
CA THR D 157 168.71 8.28 96.13
C THR D 157 169.14 7.47 94.92
N LYS D 158 169.07 6.15 95.07
CA LYS D 158 169.48 5.22 94.01
C LYS D 158 168.30 4.65 93.24
N ARG D 159 167.13 4.53 93.87
CA ARG D 159 165.97 4.00 93.16
C ARG D 159 165.41 5.01 92.17
N LEU D 160 165.36 6.29 92.56
CA LEU D 160 164.73 7.30 91.74
C LEU D 160 165.53 7.58 90.47
N CYS D 161 164.83 7.77 89.36
CA CYS D 161 165.44 8.15 88.10
C CYS D 161 164.60 9.26 87.47
N LEU D 162 165.26 10.07 86.62
CA LEU D 162 164.58 11.16 85.94
C LEU D 162 164.30 10.80 84.49
N GLY D 163 163.15 11.25 83.99
CA GLY D 163 162.80 11.00 82.61
C GLY D 163 162.19 12.22 81.93
N LEU D 164 162.63 12.50 80.71
CA LEU D 164 162.14 13.62 79.93
C LEU D 164 161.15 13.10 78.90
N VAL D 165 159.94 13.64 78.92
CA VAL D 165 158.90 13.22 77.98
C VAL D 165 159.17 13.87 76.63
N VAL D 166 159.13 13.06 75.57
CA VAL D 166 159.52 13.52 74.23
C VAL D 166 158.40 13.47 73.21
N GLU D 167 157.34 12.70 73.42
CA GLU D 167 156.24 12.67 72.47
C GLU D 167 154.95 12.34 73.21
N THR D 168 153.85 12.93 72.76
CA THR D 168 152.56 12.75 73.41
C THR D 168 151.45 12.60 72.39
N ALA D 169 150.52 11.70 72.66
CA ALA D 169 149.36 11.48 71.81
C ALA D 169 148.15 12.16 72.42
N CYS D 170 147.51 13.05 71.66
CA CYS D 170 146.41 13.86 72.14
C CYS D 170 145.25 13.82 71.15
N VAL D 171 144.03 13.88 71.67
CA VAL D 171 142.84 13.88 70.82
C VAL D 171 142.70 15.26 70.18
N ALA D 172 142.48 15.27 68.86
CA ALA D 172 142.32 16.54 68.15
C ALA D 172 140.98 17.20 68.48
N ALA D 173 139.92 16.41 68.62
CA ALA D 173 138.59 16.92 68.89
C ALA D 173 138.04 16.25 70.15
N ALA D 174 136.81 16.61 70.50
CA ALA D 174 136.19 16.06 71.70
C ALA D 174 135.94 14.56 71.55
N GLY D 175 136.18 13.83 72.63
CA GLY D 175 135.99 12.38 72.65
C GLY D 175 134.85 11.99 73.57
N LYS D 176 134.03 11.05 73.10
CA LYS D 176 132.81 10.67 73.82
C LYS D 176 132.92 9.24 74.34
N LEU D 177 132.63 9.05 75.63
CA LEU D 177 132.69 7.74 76.25
C LEU D 177 131.36 7.45 76.93
N THR D 178 130.72 6.34 76.54
CA THR D 178 129.41 5.97 77.05
C THR D 178 129.44 4.53 77.57
N GLU D 179 128.80 4.30 78.71
CA GLU D 179 128.73 2.99 79.34
C GLU D 179 127.35 2.76 79.92
N ALA D 180 126.81 1.56 79.72
CA ALA D 180 125.51 1.17 80.26
C ALA D 180 125.61 -0.21 80.90
N ASP D 181 125.03 -0.35 82.08
CA ASP D 181 125.08 -1.58 82.85
C ASP D 181 123.68 -1.91 83.35
N ASN D 182 123.26 -3.17 83.21
CA ASN D 182 121.97 -3.62 83.73
C ASN D 182 122.15 -5.05 84.21
N TRP D 183 122.09 -5.27 85.52
CA TRP D 183 122.22 -6.65 86.01
C TRP D 183 121.16 -6.95 87.05
N GLU D 184 120.85 -8.23 87.20
CA GLU D 184 119.70 -8.67 87.98
C GLU D 184 120.00 -10.02 88.63
N ILE D 185 119.54 -10.19 89.87
CA ILE D 185 119.70 -11.42 90.63
C ILE D 185 118.33 -11.79 91.22
N SER D 186 117.94 -13.06 91.06
CA SER D 186 116.71 -13.57 91.64
C SER D 186 116.99 -14.92 92.29
N GLY D 187 116.78 -15.01 93.59
CA GLY D 187 117.06 -16.23 94.32
C GLY D 187 115.88 -16.65 95.18
N HIS D 188 115.78 -17.97 95.38
CA HIS D 188 114.69 -18.56 96.15
C HIS D 188 115.21 -19.77 96.90
N THR D 189 114.77 -19.93 98.15
CA THR D 189 115.21 -21.01 99.02
C THR D 189 114.00 -21.60 99.74
N ASN D 190 113.92 -22.92 99.79
CA ASN D 190 112.85 -23.63 100.48
C ASN D 190 113.47 -24.75 101.30
N ALA D 191 113.43 -24.60 102.62
CA ALA D 191 113.92 -25.61 103.55
C ALA D 191 112.70 -26.22 104.24
N ASN D 192 112.36 -27.44 103.85
CA ASN D 192 111.22 -28.16 104.41
C ASN D 192 111.74 -29.21 105.39
N ILE D 193 111.28 -29.12 106.64
CA ILE D 193 111.63 -30.07 107.68
C ILE D 193 110.33 -30.57 108.30
N GLY D 194 110.43 -31.69 109.02
CA GLY D 194 109.24 -32.30 109.60
C GLY D 194 108.46 -31.36 110.50
N GLU D 195 109.16 -30.47 111.21
CA GLU D 195 108.51 -29.52 112.11
C GLU D 195 108.81 -28.07 111.76
N ALA D 196 109.44 -27.81 110.61
CA ALA D 196 109.77 -26.43 110.24
C ALA D 196 109.72 -26.30 108.72
N VAL D 197 109.16 -25.17 108.26
CA VAL D 197 109.11 -24.83 106.84
C VAL D 197 109.58 -23.40 106.69
N VAL D 198 110.62 -23.19 105.89
CA VAL D 198 111.17 -21.87 105.64
C VAL D 198 111.15 -21.62 104.13
N THR D 199 110.60 -20.48 103.73
CA THR D 199 110.51 -20.10 102.31
C THR D 199 110.99 -18.66 102.17
N ALA D 200 112.18 -18.48 101.59
CA ALA D 200 112.78 -17.17 101.41
C ALA D 200 112.92 -16.86 99.93
N THR D 201 112.80 -15.58 99.60
CA THR D 201 112.91 -15.13 98.22
C THR D 201 113.52 -13.74 98.20
N ALA D 202 114.39 -13.48 97.23
CA ALA D 202 115.04 -12.18 97.12
C ALA D 202 115.29 -11.83 95.66
N GLU D 203 114.83 -10.66 95.25
CA GLU D 203 115.03 -10.17 93.89
C GLU D 203 115.63 -8.77 93.94
N LEU D 204 116.62 -8.52 93.08
CA LEU D 204 117.17 -7.17 92.97
C LEU D 204 117.72 -6.97 91.57
N ASP D 205 117.85 -5.71 91.17
CA ASP D 205 118.38 -5.37 89.86
C ASP D 205 118.89 -3.94 89.89
N LYS D 206 120.06 -3.71 89.31
CA LYS D 206 120.71 -2.42 89.27
C LYS D 206 120.93 -1.99 87.83
N ASN D 207 120.68 -0.71 87.56
CA ASN D 207 120.87 -0.11 86.26
C ASN D 207 121.70 1.16 86.40
N LEU D 208 122.76 1.28 85.60
CA LEU D 208 123.64 2.43 85.62
C LEU D 208 123.93 2.89 84.19
N SER D 209 124.22 4.17 84.04
CA SER D 209 124.59 4.73 82.74
C SER D 209 125.47 5.95 82.97
N ARG D 210 126.66 5.95 82.37
CA ARG D 210 127.62 7.03 82.52
C ARG D 210 128.07 7.49 81.14
N LYS D 211 127.98 8.80 80.88
CA LYS D 211 128.37 9.36 79.60
C LYS D 211 129.18 10.62 79.84
N ILE D 212 130.42 10.64 79.33
CA ILE D 212 131.31 11.78 79.50
C ILE D 212 131.92 12.15 78.16
N GLU D 213 132.54 13.34 78.13
CA GLU D 213 133.14 13.88 76.92
C GLU D 213 134.42 14.62 77.29
N ILE D 214 135.56 14.03 76.95
CA ILE D 214 136.85 14.69 77.18
C ILE D 214 137.06 15.77 76.12
N PRO D 215 137.63 16.91 76.50
CA PRO D 215 137.77 18.02 75.56
C PRO D 215 138.99 17.84 74.67
N PRO D 216 139.08 18.61 73.59
CA PRO D 216 140.27 18.52 72.72
C PRO D 216 141.54 18.88 73.48
N GLY D 217 142.63 18.19 73.13
CA GLY D 217 143.92 18.41 73.74
C GLY D 217 144.26 17.48 74.87
N THR D 218 143.33 16.65 75.31
CA THR D 218 143.60 15.72 76.41
C THR D 218 144.63 14.68 75.98
N ALA D 219 145.67 14.52 76.79
CA ALA D 219 146.72 13.56 76.48
C ALA D 219 146.24 12.14 76.74
N LEU D 220 146.71 11.20 75.92
CA LEU D 220 146.37 9.79 76.05
C LEU D 220 147.55 8.91 76.43
N ALA D 221 148.71 9.12 75.83
CA ALA D 221 149.86 8.28 76.08
C ALA D 221 151.12 9.08 75.77
N TYR D 222 152.26 8.56 76.23
CA TYR D 222 153.51 9.29 76.11
C TYR D 222 154.68 8.32 76.12
N SER D 223 155.83 8.82 75.69
CA SER D 223 157.10 8.09 75.75
C SER D 223 158.17 9.03 76.27
N PHE D 224 159.14 8.48 76.99
CA PHE D 224 160.13 9.32 77.65
C PHE D 224 161.53 8.70 77.53
N MET D 225 162.54 9.53 77.73
CA MET D 225 163.93 9.14 77.70
C MET D 225 164.56 9.35 79.07
N ASP D 226 165.39 8.40 79.49
CA ASP D 226 165.97 8.46 80.82
C ASP D 226 167.11 9.47 80.89
N LEU D 227 167.41 9.89 82.12
CA LEU D 227 168.48 10.84 82.40
C LEU D 227 169.28 10.36 83.60
N GLU D 228 170.41 11.02 83.83
CA GLU D 228 171.31 10.67 84.92
C GLU D 228 172.01 11.92 85.42
N ILE D 229 171.94 12.17 86.73
CA ILE D 229 172.61 13.31 87.34
C ILE D 229 174.06 12.94 87.61
N LEU D 230 174.99 13.74 87.08
CA LEU D 230 176.38 13.56 87.41
C LEU D 230 176.66 13.96 88.86
N GLU D 231 177.91 13.81 89.28
CA GLU D 231 178.32 14.32 90.59
C GLU D 231 178.01 15.80 90.72
N ASP D 232 178.35 16.57 89.68
CA ASP D 232 177.95 17.96 89.60
C ASP D 232 176.49 18.07 89.16
N ARG D 233 176.02 19.30 88.95
CA ARG D 233 174.68 19.52 88.44
C ARG D 233 174.51 19.09 86.99
N SER D 234 175.58 18.70 86.32
CA SER D 234 175.51 18.27 84.93
C SER D 234 174.58 17.07 84.77
N LEU D 235 173.92 17.00 83.61
CA LEU D 235 173.01 15.91 83.29
C LEU D 235 173.52 15.16 82.06
N ARG D 236 173.25 13.86 82.05
CA ARG D 236 173.63 12.99 80.94
C ARG D 236 172.44 12.13 80.54
N VAL D 237 172.48 11.63 79.31
CA VAL D 237 171.41 10.76 78.83
C VAL D 237 171.90 9.32 78.91
N SER D 238 171.00 8.42 79.28
CA SER D 238 171.34 7.02 79.48
C SER D 238 170.46 6.13 78.60
N SER D 239 171.05 5.09 78.02
CA SER D 239 170.36 4.19 77.11
C SER D 239 170.56 2.75 77.58
N SER D 240 169.47 2.09 77.95
CA SER D 240 169.51 0.68 78.28
C SER D 240 169.55 -0.12 76.98
N ALA D 241 170.71 -0.71 76.69
CA ALA D 241 170.95 -1.44 75.44
C ALA D 241 170.70 -0.56 74.22
N GLY D 242 170.96 0.75 74.35
CA GLY D 242 170.79 1.67 73.25
C GLY D 242 169.35 1.97 72.89
N ALA D 243 168.40 1.70 73.78
CA ALA D 243 166.99 1.92 73.46
C ALA D 243 166.69 3.41 73.29
N MET D 244 167.08 4.22 74.28
CA MET D 244 166.78 5.66 74.31
C MET D 244 165.29 5.95 74.22
N PHE D 245 164.45 4.96 74.48
CA PHE D 245 163.00 5.15 74.47
C PHE D 245 162.42 4.19 75.51
N ASP D 246 162.10 4.71 76.68
CA ASP D 246 161.63 3.88 77.78
C ASP D 246 160.12 3.93 77.85
N SER D 247 159.49 2.76 77.93
CA SER D 247 158.04 2.64 78.01
C SER D 247 157.59 2.18 79.39
N GLY D 248 158.44 2.33 80.40
CA GLY D 248 158.09 1.86 81.73
C GLY D 248 157.89 0.36 81.81
N LYS D 249 158.72 -0.39 81.09
CA LYS D 249 158.61 -1.85 81.04
C LYS D 249 159.67 -2.48 81.92
N ALA D 250 159.34 -3.68 82.44
CA ALA D 250 160.30 -4.42 83.24
C ALA D 250 161.47 -4.88 82.38
N GLU D 251 162.64 -5.02 83.02
CA GLU D 251 163.84 -5.44 82.31
C GLU D 251 163.67 -6.84 81.73
N SER D 252 163.07 -7.75 82.50
CA SER D 252 162.83 -9.13 82.08
C SER D 252 164.12 -9.82 81.64
CA ARG E 3 146.84 -9.65 67.38
C ARG E 3 146.37 -8.30 66.84
N PRO E 4 147.21 -7.27 66.99
CA PRO E 4 146.84 -5.95 66.49
C PRO E 4 146.59 -5.96 64.99
N MET E 5 145.60 -5.16 64.57
CA MET E 5 145.27 -5.09 63.15
C MET E 5 146.44 -4.56 62.34
N PHE E 6 147.15 -3.56 62.87
CA PHE E 6 148.30 -3.03 62.15
C PHE E 6 149.36 -4.10 61.94
N ALA E 7 149.65 -4.90 62.98
CA ALA E 7 150.62 -5.97 62.84
C ALA E 7 150.16 -7.02 61.83
N VAL E 8 148.87 -7.37 61.87
CA VAL E 8 148.35 -8.35 60.92
C VAL E 8 148.48 -7.83 59.49
N ALA E 9 148.12 -6.56 59.27
CA ALA E 9 148.22 -6.00 57.93
C ALA E 9 149.67 -5.91 57.47
N VAL E 10 150.59 -5.57 58.38
CA VAL E 10 152.00 -5.52 58.03
C VAL E 10 152.50 -6.91 57.62
N ASN E 11 152.10 -7.94 58.37
CA ASN E 11 152.50 -9.29 58.01
C ASN E 11 151.93 -9.71 56.66
N GLU E 12 150.66 -9.37 56.40
CA GLU E 12 150.06 -9.69 55.11
C GLU E 12 150.81 -9.01 53.97
N PHE E 13 151.11 -7.73 54.15
CA PHE E 13 151.83 -7.00 53.09
C PHE E 13 153.22 -7.58 52.87
N ILE E 14 153.94 -7.87 53.95
CA ILE E 14 155.31 -8.36 53.80
C ILE E 14 155.32 -9.76 53.21
N ARG E 15 154.29 -10.56 53.46
CA ARG E 15 154.19 -11.86 52.80
C ARG E 15 153.88 -11.71 51.33
N SER E 16 152.90 -10.87 50.99
CA SER E 16 152.51 -10.72 49.59
C SER E 16 153.64 -10.16 48.75
N ALA E 17 154.35 -9.15 49.28
CA ALA E 17 155.45 -8.51 48.57
C ALA E 17 156.64 -8.39 49.52
N GLY E 18 157.82 -8.71 49.01
CA GLY E 18 159.03 -8.57 49.80
C GLY E 18 159.12 -9.47 51.01
N GLN E 19 158.81 -10.77 50.83
CA GLN E 19 158.91 -11.71 51.93
C GLN E 19 160.35 -11.82 52.44
N ASP E 20 161.32 -11.57 51.58
CA ASP E 20 162.72 -11.55 51.95
C ASP E 20 163.24 -10.11 51.93
N SER E 21 164.26 -9.87 52.75
CA SER E 21 164.93 -8.56 52.84
C SER E 21 163.93 -7.46 53.20
N LEU E 22 163.12 -7.70 54.23
CA LEU E 22 162.15 -6.72 54.68
C LEU E 22 161.80 -7.01 56.13
N CYS E 23 161.72 -5.96 56.95
CA CYS E 23 161.43 -6.07 58.37
C CYS E 23 160.13 -5.33 58.67
N GLY E 24 159.23 -6.01 59.39
CA GLY E 24 157.98 -5.39 59.76
C GLY E 24 158.17 -4.26 60.75
N VAL E 25 157.20 -3.35 60.76
CA VAL E 25 157.20 -2.21 61.67
C VAL E 25 156.47 -2.60 62.96
N PRO E 26 157.07 -2.36 64.12
CA PRO E 26 156.44 -2.82 65.37
C PRO E 26 155.09 -2.19 65.66
N ASP E 27 154.94 -0.88 65.47
CA ASP E 27 153.69 -0.21 65.80
C ASP E 27 153.59 1.09 65.04
N ILE E 28 152.37 1.63 65.01
CA ILE E 28 152.10 2.86 64.26
C ILE E 28 152.89 4.02 64.85
N ASN E 29 152.98 4.09 66.17
CA ASN E 29 153.69 5.20 66.81
C ASN E 29 155.16 5.23 66.41
N SER E 30 155.81 4.07 66.38
CA SER E 30 157.22 3.99 66.05
C SER E 30 157.46 3.80 64.56
N SER E 31 156.40 3.77 63.75
CA SER E 31 156.58 3.63 62.31
C SER E 31 157.39 4.79 61.74
N GLY E 32 157.20 6.00 62.27
CA GLY E 32 157.88 7.16 61.72
C GLY E 32 159.37 7.23 62.00
N ASP E 33 159.88 6.36 62.86
CA ASP E 33 161.30 6.35 63.19
C ASP E 33 162.12 5.43 62.31
N PHE E 34 161.49 4.80 61.31
CA PHE E 34 162.18 3.87 60.42
C PHE E 34 162.22 4.39 58.98
N MET E 35 162.29 5.70 58.82
CA MET E 35 162.47 6.30 57.51
C MET E 35 163.92 6.15 57.06
N PRO E 36 164.18 6.30 55.76
CA PRO E 36 165.56 6.12 55.27
C PRO E 36 166.54 7.07 55.94
N LEU E 37 167.78 6.60 56.06
CA LEU E 37 168.88 7.34 56.70
C LEU E 37 168.61 7.54 58.20
N HIS E 38 168.19 6.47 58.86
CA HIS E 38 168.00 6.45 60.30
C HIS E 38 168.87 5.36 60.91
N ILE E 39 169.38 5.63 62.11
CA ILE E 39 170.23 4.69 62.83
C ILE E 39 169.36 3.83 63.74
N ILE E 40 169.61 2.53 63.73
CA ILE E 40 168.93 1.58 64.61
C ILE E 40 169.99 0.72 65.28
N VAL E 41 169.60 0.10 66.39
CA VAL E 41 170.49 -0.75 67.17
C VAL E 41 169.98 -2.17 67.11
N LYS E 42 170.89 -3.11 66.86
CA LYS E 42 170.56 -4.53 66.79
C LYS E 42 171.23 -5.26 67.95
N GLU E 43 170.44 -6.07 68.66
CA GLU E 43 170.89 -6.85 69.80
C GLU E 43 170.76 -8.32 69.48
N VAL E 44 171.82 -9.08 69.73
CA VAL E 44 171.87 -10.51 69.43
C VAL E 44 171.00 -11.26 70.45
N PRO E 45 170.45 -12.43 70.09
CA PRO E 45 169.61 -13.17 71.04
C PRO E 45 170.33 -13.57 72.31
N LYS E 46 171.63 -13.86 72.24
CA LYS E 46 172.50 -14.28 73.33
C LYS E 46 172.16 -15.67 73.86
N VAL E 47 171.13 -16.32 73.34
CA VAL E 47 170.76 -17.67 73.79
C VAL E 47 170.91 -18.62 72.61
N LEU E 48 170.16 -18.36 71.54
CA LEU E 48 170.23 -19.15 70.31
C LEU E 48 170.38 -18.17 69.14
N PRO E 49 171.58 -17.59 68.96
CA PRO E 49 171.75 -16.58 67.91
C PRO E 49 171.42 -17.09 66.52
N CYS E 50 171.74 -18.34 66.22
CA CYS E 50 171.46 -18.90 64.90
C CYS E 50 170.03 -19.40 64.76
N CYS E 51 169.26 -19.46 65.85
CA CYS E 51 167.90 -19.96 65.81
C CYS E 51 166.85 -18.90 66.08
N ARG E 52 167.23 -17.74 66.62
CA ARG E 52 166.29 -16.70 66.99
C ARG E 52 166.68 -15.40 66.28
N ARG E 53 165.68 -14.67 65.80
CA ARG E 53 165.93 -13.40 65.14
C ARG E 53 166.31 -12.34 66.18
N PRO E 54 167.21 -11.42 65.81
CA PRO E 54 167.68 -10.42 66.79
C PRO E 54 166.62 -9.40 67.15
N LYS E 55 166.96 -8.48 68.06
CA LYS E 55 166.04 -7.46 68.54
C LYS E 55 166.46 -6.10 67.98
N ILE E 56 165.50 -5.37 67.44
CA ILE E 56 165.77 -4.09 66.77
C ILE E 56 165.20 -2.96 67.61
N LYS E 57 166.03 -1.97 67.90
CA LYS E 57 165.68 -0.83 68.75
C LYS E 57 165.84 0.45 67.93
N ARG E 58 164.81 1.28 67.96
CA ARG E 58 164.85 2.57 67.26
C ARG E 58 165.60 3.60 68.09
N THR E 59 166.22 4.54 67.39
CA THR E 59 166.96 5.63 68.02
C THR E 59 166.58 6.95 67.37
N PRO E 60 166.63 8.04 68.13
CA PRO E 60 166.30 9.37 67.57
C PRO E 60 167.52 10.05 66.94
N TYR E 61 168.12 9.39 65.96
CA TYR E 61 169.31 9.89 65.30
C TYR E 61 169.21 9.66 63.81
N THR E 62 169.83 10.58 63.05
CA THR E 62 170.04 10.42 61.63
C THR E 62 171.54 10.28 61.35
N LEU E 63 171.86 9.95 60.10
CA LEU E 63 173.25 9.75 59.74
C LEU E 63 174.07 11.01 59.93
N ASN E 64 173.53 12.16 59.51
CA ASN E 64 174.27 13.42 59.63
C ASN E 64 174.48 13.80 61.08
N ASP E 65 173.51 13.51 61.95
CA ASP E 65 173.69 13.80 63.37
C ASP E 65 174.72 12.86 63.99
N ILE E 66 174.68 11.58 63.63
CA ILE E 66 175.60 10.62 64.25
C ILE E 66 177.02 10.81 63.74
N LEU E 67 177.18 11.39 62.55
CA LEU E 67 178.49 11.56 61.94
C LEU E 67 179.00 12.97 62.12
N ASP E 68 180.29 13.09 62.41
CA ASP E 68 180.92 14.41 62.45
C ASP E 68 180.88 15.08 61.08
N GLU E 69 181.15 14.31 60.02
CA GLU E 69 181.13 14.85 58.67
C GLU E 69 179.77 14.54 58.02
N PRO E 70 179.05 15.55 57.54
CA PRO E 70 177.74 15.29 56.93
C PRO E 70 177.86 14.58 55.59
N CYS E 71 176.76 13.95 55.19
CA CYS E 71 176.63 13.23 53.94
C CYS E 71 175.39 13.72 53.21
N PRO E 72 175.35 13.58 51.89
CA PRO E 72 174.11 13.93 51.16
C PRO E 72 172.95 13.06 51.63
N ASN E 73 171.77 13.66 51.67
CA ASN E 73 170.60 13.01 52.25
C ASN E 73 169.34 13.11 51.39
N GLN E 74 169.47 13.50 50.13
CA GLN E 74 168.29 13.61 49.27
C GLN E 74 167.66 12.24 49.05
N LEU E 75 166.34 12.23 48.90
CA LEU E 75 165.57 11.00 48.77
C LEU E 75 164.74 11.02 47.50
N LYS E 76 164.18 9.87 47.16
CA LYS E 76 163.28 9.72 46.03
C LYS E 76 162.34 8.56 46.31
N SER E 77 161.15 8.62 45.71
CA SER E 77 160.13 7.61 45.93
C SER E 77 159.56 7.14 44.60
N SER E 78 159.14 5.88 44.59
CA SER E 78 158.55 5.28 43.39
C SER E 78 157.60 4.18 43.80
N ASP E 79 156.64 3.88 42.92
CA ASP E 79 155.62 2.89 43.26
C ASP E 79 156.21 1.50 43.41
N LEU E 80 155.64 0.73 44.33
CA LEU E 80 156.10 -0.63 44.60
C LEU E 80 155.03 -1.68 44.31
N VAL E 81 153.84 -1.53 44.88
CA VAL E 81 152.76 -2.50 44.68
C VAL E 81 151.43 -1.78 44.90
N THR E 82 150.36 -2.35 44.38
CA THR E 82 149.03 -1.75 44.44
C THR E 82 148.00 -2.83 44.75
N PHE E 83 147.35 -2.72 45.90
CA PHE E 83 146.28 -3.62 46.29
C PHE E 83 144.97 -3.07 45.75
N THR E 84 144.51 -3.62 44.62
CA THR E 84 143.31 -3.09 43.96
C THR E 84 142.07 -3.29 44.81
N GLU E 85 141.97 -4.43 45.50
CA GLU E 85 140.81 -4.72 46.32
C GLU E 85 141.24 -5.08 47.73
N PRO E 86 140.38 -4.83 48.72
CA PRO E 86 140.76 -5.10 50.11
C PRO E 86 141.01 -6.58 50.36
N LEU E 87 141.99 -6.86 51.21
CA LEU E 87 142.21 -8.21 51.71
C LEU E 87 141.10 -8.54 52.70
N VAL E 88 140.31 -9.57 52.39
CA VAL E 88 139.15 -9.95 53.18
C VAL E 88 139.36 -11.35 53.72
N SER E 89 139.11 -11.53 55.01
CA SER E 89 139.25 -12.83 55.66
C SER E 89 138.02 -13.12 56.50
N ASN E 90 137.54 -14.36 56.43
CA ASN E 90 136.39 -14.80 57.20
C ASN E 90 136.72 -16.14 57.86
N VAL E 91 136.39 -16.26 59.15
CA VAL E 91 136.53 -17.50 59.90
C VAL E 91 135.23 -17.74 60.64
N LYS E 92 134.71 -18.96 60.56
CA LYS E 92 133.45 -19.30 61.21
C LYS E 92 133.57 -20.70 61.78
N ALA E 93 133.55 -20.81 63.11
CA ALA E 93 133.66 -22.09 63.79
C ALA E 93 132.43 -22.32 64.65
N SER E 94 132.04 -23.59 64.79
CA SER E 94 130.91 -23.95 65.63
C SER E 94 131.09 -25.40 66.07
N SER E 95 130.95 -25.64 67.38
CA SER E 95 131.17 -26.97 67.93
C SER E 95 130.17 -27.23 69.04
N SER E 96 129.94 -28.51 69.30
CA SER E 96 129.03 -28.95 70.36
C SER E 96 129.55 -30.25 70.95
N ILE E 97 129.42 -30.37 72.27
CA ILE E 97 129.89 -31.54 73.01
C ILE E 97 128.75 -32.04 73.90
N GLY E 98 128.54 -33.35 73.92
CA GLY E 98 127.55 -33.94 74.78
C GLY E 98 128.08 -35.16 75.52
N LEU E 99 128.10 -35.11 76.84
CA LEU E 99 128.62 -36.20 77.67
C LEU E 99 127.51 -36.71 78.56
N GLN E 100 127.37 -38.04 78.63
CA GLN E 100 126.39 -38.66 79.50
C GLN E 100 127.03 -39.83 80.23
N ILE E 101 126.86 -39.87 81.55
CA ILE E 101 127.31 -40.99 82.38
C ILE E 101 126.06 -41.57 83.02
N LEU E 102 125.56 -42.66 82.46
CA LEU E 102 124.39 -43.42 82.94
C LEU E 102 123.22 -42.45 83.07
N LYS E 103 122.48 -42.45 84.16
CA LYS E 103 121.49 -41.42 84.46
C LYS E 103 121.96 -40.52 85.59
N HIS E 104 123.27 -40.44 85.82
CA HIS E 104 123.84 -39.66 86.91
C HIS E 104 124.50 -38.37 86.45
N PHE E 105 125.09 -38.35 85.26
CA PHE E 105 125.75 -37.14 84.77
C PHE E 105 125.27 -36.85 83.35
N ASP E 106 125.00 -35.58 83.06
CA ASP E 106 124.57 -35.19 81.71
C ASP E 106 124.99 -33.75 81.47
N SER E 107 125.98 -33.55 80.62
CA SER E 107 126.49 -32.22 80.31
C SER E 107 126.39 -31.96 78.81
N GLY E 108 125.93 -30.77 78.46
CA GLY E 108 125.87 -30.35 77.07
C GLY E 108 126.43 -28.96 76.87
N ALA E 109 127.50 -28.84 76.10
CA ALA E 109 128.14 -27.56 75.85
C ALA E 109 128.16 -27.28 74.36
N LYS E 110 128.23 -25.99 74.01
CA LYS E 110 128.30 -25.61 72.61
C LYS E 110 128.93 -24.23 72.52
N GLY E 111 129.63 -24.00 71.42
CA GLY E 111 130.30 -22.73 71.20
C GLY E 111 130.30 -22.38 69.73
N SER E 112 130.40 -21.08 69.46
CA SER E 112 130.45 -20.60 68.09
C SER E 112 131.27 -19.31 68.06
N LYS E 113 131.88 -19.06 66.91
CA LYS E 113 132.74 -17.90 66.73
C LYS E 113 132.70 -17.46 65.27
N ASN E 114 132.61 -16.15 65.06
CA ASN E 114 132.60 -15.56 63.72
C ASN E 114 133.54 -14.37 63.72
N PHE E 115 134.56 -14.42 62.87
CA PHE E 115 135.63 -13.43 62.84
C PHE E 115 135.79 -12.93 61.41
N ILE E 116 135.74 -11.60 61.23
CA ILE E 116 135.81 -11.00 59.91
C ILE E 116 136.86 -9.89 59.93
N THR E 117 137.70 -9.86 58.90
CA THR E 117 138.78 -8.88 58.80
C THR E 117 138.80 -8.30 57.39
N SER E 118 139.08 -7.00 57.28
CA SER E 118 139.22 -6.34 56.00
C SER E 118 140.31 -5.29 56.09
N ALA E 119 141.25 -5.33 55.16
CA ALA E 119 142.35 -4.37 55.12
C ALA E 119 142.45 -3.77 53.72
N SER E 120 142.42 -2.44 53.66
CA SER E 120 142.53 -1.71 52.39
C SER E 120 143.76 -0.82 52.50
N LEU E 121 144.85 -1.25 51.87
CA LEU E 121 146.11 -0.52 51.90
C LEU E 121 146.32 0.39 50.71
N GLY E 122 145.45 0.32 49.70
CA GLY E 122 145.59 1.20 48.55
C GLY E 122 146.89 0.95 47.81
N THR E 123 147.68 2.01 47.64
CA THR E 123 148.94 1.96 46.94
C THR E 123 150.09 2.11 47.93
N VAL E 124 151.12 1.29 47.77
CA VAL E 124 152.32 1.33 48.60
C VAL E 124 153.49 1.77 47.74
N VAL E 125 154.22 2.78 48.21
CA VAL E 125 155.38 3.28 47.51
C VAL E 125 156.63 2.96 48.33
N LYS E 126 157.79 3.08 47.70
CA LYS E 126 159.07 2.85 48.33
C LYS E 126 159.91 4.11 48.22
N ALA E 127 160.51 4.51 49.34
CA ALA E 127 161.34 5.70 49.42
C ALA E 127 162.75 5.29 49.82
N GLU E 128 163.73 5.89 49.14
CA GLU E 128 165.13 5.53 49.33
C GLU E 128 166.00 6.67 48.84
N THR E 129 167.26 6.65 49.27
CA THR E 129 168.22 7.66 48.86
C THR E 129 168.40 7.65 47.34
N ILE E 130 168.59 8.83 46.77
CA ILE E 130 168.78 8.93 45.32
C ILE E 130 170.04 8.18 44.89
N ASP E 131 171.13 8.35 45.63
CA ASP E 131 172.38 7.66 45.36
C ASP E 131 172.90 7.10 46.67
N ILE E 132 173.00 5.77 46.75
CA ILE E 132 173.49 5.13 47.96
C ILE E 132 175.01 4.98 47.95
N THR E 133 175.62 4.90 46.77
CA THR E 133 177.07 4.74 46.69
C THR E 133 177.80 5.93 47.29
N LYS E 134 177.31 7.15 47.01
CA LYS E 134 177.94 8.34 47.59
C LYS E 134 177.80 8.34 49.11
N VAL E 135 176.62 7.97 49.61
CA VAL E 135 176.42 7.91 51.06
C VAL E 135 177.36 6.91 51.69
N LEU E 136 177.51 5.74 51.06
CA LEU E 136 178.41 4.73 51.60
C LEU E 136 179.85 5.21 51.59
N ALA E 137 180.28 5.85 50.51
CA ALA E 137 181.65 6.35 50.43
C ALA E 137 181.92 7.37 51.54
N LYS E 138 181.01 8.34 51.68
CA LYS E 138 181.17 9.36 52.70
C LYS E 138 181.17 8.75 54.11
N VAL E 139 180.30 7.76 54.35
CA VAL E 139 180.29 7.09 55.65
C VAL E 139 181.64 6.47 55.92
N ARG E 140 182.17 5.73 54.94
CA ARG E 140 183.45 5.06 55.13
C ARG E 140 184.57 6.05 55.38
N THR E 141 184.52 7.22 54.74
CA THR E 141 185.56 8.22 54.93
C THR E 141 185.27 9.19 56.06
N ALA E 142 184.15 9.05 56.77
CA ALA E 142 183.75 9.98 57.80
C ALA E 142 183.83 9.34 59.18
N LYS E 143 184.12 10.15 60.19
CA LYS E 143 184.18 9.69 61.58
C LYS E 143 182.91 10.05 62.33
N ALA E 144 182.54 9.19 63.28
CA ALA E 144 181.34 9.41 64.09
C ALA E 144 181.55 10.56 65.07
N LYS E 145 180.45 10.98 65.69
CA LYS E 145 180.50 12.07 66.65
C LYS E 145 181.09 11.60 67.98
N VAL E 146 182.20 12.22 68.38
CA VAL E 146 182.84 11.84 69.64
C VAL E 146 181.93 12.13 70.82
N GLU E 147 181.19 13.24 70.76
CA GLU E 147 180.28 13.60 71.85
C GLU E 147 179.19 12.55 72.05
N ASN E 148 178.72 11.94 70.98
CA ASN E 148 177.60 10.99 71.07
C ASN E 148 177.94 9.84 71.99
N ASP E 149 177.00 9.49 72.87
CA ASP E 149 177.17 8.41 73.83
C ASP E 149 176.76 7.05 73.27
N LEU E 150 175.74 7.03 72.42
CA LEU E 150 175.27 5.78 71.82
C LEU E 150 176.39 5.07 71.06
N VAL E 151 177.14 5.83 70.25
CA VAL E 151 178.24 5.24 69.48
C VAL E 151 179.26 4.60 70.42
N SER E 152 179.62 5.31 71.48
CA SER E 152 180.60 4.77 72.44
C SER E 152 180.06 3.51 73.09
N ARG E 153 178.78 3.51 73.48
CA ARG E 153 178.18 2.32 74.07
C ARG E 153 178.28 1.13 73.12
N VAL E 154 177.89 1.34 71.86
CA VAL E 154 177.93 0.26 70.87
C VAL E 154 179.37 -0.20 70.64
N MET E 155 180.32 0.73 70.66
CA MET E 155 181.72 0.37 70.47
C MET E 155 182.22 -0.51 71.61
N LYS E 156 181.91 -0.14 72.85
CA LYS E 156 182.43 -0.89 73.98
C LYS E 156 181.72 -2.24 74.13
N THR E 157 180.42 -2.30 73.81
CA THR E 157 179.70 -3.55 73.91
C THR E 157 179.93 -4.38 72.64
N LYS E 158 179.80 -5.70 72.79
CA LYS E 158 179.99 -6.64 71.70
C LYS E 158 178.70 -7.12 71.07
N ARG E 159 177.61 -7.17 71.85
CA ARG E 159 176.34 -7.63 71.29
C ARG E 159 175.72 -6.57 70.38
N LEU E 160 175.80 -5.30 70.78
CA LEU E 160 175.14 -4.23 70.06
C LEU E 160 175.80 -3.99 68.70
N CYS E 161 174.97 -3.74 67.69
CA CYS E 161 175.44 -3.39 66.36
C CYS E 161 174.61 -2.23 65.83
N LEU E 162 175.19 -1.45 64.92
CA LEU E 162 174.51 -0.30 64.34
C LEU E 162 174.03 -0.63 62.93
N GLY E 163 172.86 -0.11 62.58
CA GLY E 163 172.31 -0.31 61.26
C GLY E 163 171.71 0.94 60.66
N LEU E 164 172.01 1.21 59.40
CA LEU E 164 171.50 2.37 58.68
C LEU E 164 170.35 1.92 57.79
N VAL E 165 169.19 2.54 57.97
CA VAL E 165 168.01 2.20 57.16
C VAL E 165 168.15 2.85 55.78
N VAL E 166 167.92 2.05 54.74
CA VAL E 166 168.17 2.51 53.38
C VAL E 166 166.93 2.54 52.50
N GLU E 167 165.86 1.83 52.84
CA GLU E 167 164.65 1.88 52.04
C GLU E 167 163.44 1.63 52.93
N THR E 168 162.33 2.29 52.62
CA THR E 168 161.13 2.19 53.44
C THR E 168 159.90 2.12 52.57
N ALA E 169 158.95 1.27 52.95
CA ALA E 169 157.68 1.14 52.25
C ALA E 169 156.60 1.89 53.02
N CYS E 170 155.93 2.82 52.34
CA CYS E 170 154.95 3.70 52.97
C CYS E 170 153.68 3.74 52.13
N VAL E 171 152.54 3.88 52.80
CA VAL E 171 151.26 3.96 52.11
C VAL E 171 151.12 5.35 51.49
N ALA E 172 150.74 5.39 50.21
CA ALA E 172 150.56 6.68 49.54
C ALA E 172 149.33 7.42 50.04
N ALA E 173 148.25 6.69 50.30
CA ALA E 173 147.00 7.28 50.74
C ALA E 173 146.57 6.63 52.05
N ALA E 174 145.42 7.07 52.57
CA ALA E 174 144.92 6.55 53.83
C ALA E 174 144.56 5.07 53.71
N GLY E 175 144.88 4.31 54.75
CA GLY E 175 144.61 2.87 54.78
C GLY E 175 143.57 2.55 55.84
N LYS E 176 142.63 1.67 55.49
CA LYS E 176 141.51 1.36 56.35
C LYS E 176 141.58 -0.08 56.84
N LEU E 177 141.44 -0.27 58.15
CA LEU E 177 141.50 -1.59 58.77
C LEU E 177 140.24 -1.80 59.60
N THR E 178 139.50 -2.86 59.29
CA THR E 178 138.24 -3.16 59.97
C THR E 178 138.23 -4.60 60.47
N GLU E 179 137.73 -4.79 61.69
CA GLU E 179 137.67 -6.11 62.31
C GLU E 179 136.36 -6.25 63.06
N ALA E 180 135.72 -7.42 62.92
CA ALA E 180 134.49 -7.73 63.63
C ALA E 180 134.58 -9.12 64.25
N ASP E 181 134.13 -9.24 65.50
CA ASP E 181 134.19 -10.48 66.24
C ASP E 181 132.85 -10.72 66.91
N ASN E 182 132.34 -11.95 66.83
CA ASN E 182 131.11 -12.33 67.51
C ASN E 182 131.25 -13.77 67.96
N TRP E 183 131.34 -14.01 69.26
CA TRP E 183 131.45 -15.39 69.73
C TRP E 183 130.51 -15.63 70.90
N GLU E 184 130.13 -16.90 71.08
CA GLU E 184 129.08 -17.27 72.00
C GLU E 184 129.36 -18.65 72.60
N ILE E 185 129.05 -18.80 73.88
CA ILE E 185 129.23 -20.04 74.61
C ILE E 185 127.92 -20.34 75.37
N SER E 186 127.44 -21.57 75.26
CA SER E 186 126.25 -22.01 75.99
C SER E 186 126.52 -23.39 76.59
N GLY E 187 126.48 -23.48 77.91
CA GLY E 187 126.77 -24.73 78.59
C GLY E 187 125.69 -25.08 79.59
N HIS E 188 125.53 -26.38 79.81
CA HIS E 188 124.51 -26.91 80.71
C HIS E 188 125.05 -28.17 81.38
N THR E 189 124.75 -28.31 82.67
CA THR E 189 125.23 -29.43 83.47
C THR E 189 124.08 -29.95 84.34
N ASN E 190 123.93 -31.27 84.39
CA ASN E 190 122.90 -31.91 85.21
C ASN E 190 123.56 -33.08 85.94
N ALA E 191 123.70 -32.94 87.26
CA ALA E 191 124.23 -33.98 88.12
C ALA E 191 123.07 -34.53 88.95
N ASN E 192 122.60 -35.72 88.60
CA ASN E 192 121.50 -36.38 89.30
C ASN E 192 122.08 -37.46 90.20
N ILE E 193 121.78 -37.36 91.50
CA ILE E 193 122.20 -38.35 92.48
C ILE E 193 120.95 -38.77 93.26
N GLY E 194 121.07 -39.90 93.97
CA GLY E 194 119.93 -40.44 94.68
C GLY E 194 119.34 -39.46 95.69
N GLU E 195 120.17 -38.62 96.31
CA GLU E 195 119.71 -37.65 97.27
C GLU E 195 120.06 -36.21 96.90
N ALA E 196 120.54 -35.98 95.69
CA ALA E 196 120.91 -34.63 95.27
C ALA E 196 120.67 -34.47 93.78
N VAL E 197 120.15 -33.30 93.40
CA VAL E 197 119.93 -32.94 92.00
C VAL E 197 120.47 -31.54 91.79
N VAL E 198 121.41 -31.39 90.86
CA VAL E 198 122.02 -30.11 90.54
C VAL E 198 121.82 -29.84 89.05
N THR E 199 121.29 -28.66 88.72
CA THR E 199 121.06 -28.26 87.34
C THR E 199 121.61 -26.86 87.14
N ALA E 200 122.72 -26.74 86.42
CA ALA E 200 123.37 -25.47 86.17
C ALA E 200 123.34 -25.16 84.68
N THR E 201 123.26 -23.87 84.36
CA THR E 201 123.22 -23.40 82.98
C THR E 201 123.92 -22.06 82.89
N ALA E 202 124.68 -21.84 81.83
CA ALA E 202 125.38 -20.59 81.64
C ALA E 202 125.47 -20.24 80.16
N GLU E 203 125.04 -19.03 79.82
CA GLU E 203 125.10 -18.54 78.44
C GLU E 203 125.79 -17.19 78.41
N LEU E 204 126.68 -16.99 77.45
CA LEU E 204 127.29 -15.68 77.27
C LEU E 204 127.67 -15.49 75.81
N ASP E 205 127.83 -14.24 75.41
CA ASP E 205 128.21 -13.91 74.04
C ASP E 205 128.81 -12.52 74.00
N LYS E 206 129.92 -12.37 73.28
CA LYS E 206 130.63 -11.11 73.17
C LYS E 206 130.69 -10.68 71.71
N ASN E 207 130.50 -9.38 71.48
CA ASN E 207 130.56 -8.79 70.16
C ASN E 207 131.48 -7.57 70.20
N LEU E 208 132.43 -7.51 69.28
CA LEU E 208 133.39 -6.42 69.18
C LEU E 208 133.52 -5.97 67.73
N SER E 209 133.87 -4.70 67.55
CA SER E 209 134.11 -4.15 66.22
C SER E 209 135.09 -2.99 66.34
N ARG E 210 136.19 -3.06 65.59
CA ARG E 210 137.22 -2.04 65.62
C ARG E 210 137.54 -1.60 64.21
N LYS E 211 137.49 -0.29 63.95
CA LYS E 211 137.75 0.27 62.63
C LYS E 211 138.66 1.47 62.77
N ILE E 212 139.83 1.42 62.11
CA ILE E 212 140.81 2.49 62.18
C ILE E 212 141.27 2.85 60.77
N GLU E 213 141.96 3.99 60.66
CA GLU E 213 142.43 4.50 59.38
C GLU E 213 143.79 5.16 59.60
N ILE E 214 144.83 4.50 59.10
CA ILE E 214 146.18 5.07 59.17
C ILE E 214 146.33 6.15 58.11
N PRO E 215 147.01 7.25 58.41
CA PRO E 215 147.10 8.37 57.47
C PRO E 215 148.18 8.11 56.43
N PRO E 216 148.20 8.89 55.34
CA PRO E 216 149.25 8.73 54.33
C PRO E 216 150.63 8.99 54.92
N GLY E 217 151.62 8.25 54.44
CA GLY E 217 152.99 8.37 54.88
C GLY E 217 153.41 7.41 55.95
N THR E 218 152.49 6.64 56.51
CA THR E 218 152.84 5.69 57.56
C THR E 218 153.73 4.59 57.00
N ALA E 219 154.85 4.35 57.67
CA ALA E 219 155.79 3.33 57.22
C ALA E 219 155.25 1.94 57.54
N LEU E 220 155.56 0.98 56.66
CA LEU E 220 155.14 -0.41 56.84
C LEU E 220 156.30 -1.36 57.05
N ALA E 221 157.39 -1.22 56.31
CA ALA E 221 158.52 -2.13 56.41
C ALA E 221 159.77 -1.42 55.94
N TYR E 222 160.92 -2.01 56.26
CA TYR E 222 162.19 -1.36 55.98
C TYR E 222 163.28 -2.41 55.84
N SER E 223 164.41 -1.97 55.26
CA SER E 223 165.62 -2.77 55.17
C SER E 223 166.80 -1.91 55.55
N PHE E 224 167.83 -2.53 56.14
CA PHE E 224 168.94 -1.77 56.67
C PHE E 224 170.26 -2.48 56.37
N MET E 225 171.34 -1.71 56.44
CA MET E 225 172.69 -2.19 56.23
C MET E 225 173.50 -2.04 57.51
N ASP E 226 174.32 -3.04 57.82
CA ASP E 226 175.07 -3.04 59.07
C ASP E 226 176.26 -2.09 59.00
N LEU E 227 176.75 -1.71 60.18
CA LEU E 227 177.90 -0.83 60.32
C LEU E 227 178.82 -1.38 61.41
N GLU E 228 180.02 -0.79 61.49
CA GLU E 228 181.01 -1.21 62.46
C GLU E 228 181.85 -0.01 62.87
N ILE E 229 181.95 0.22 64.17
CA ILE E 229 182.77 1.31 64.70
C ILE E 229 184.21 0.85 64.78
N LEU E 230 185.13 1.60 64.15
CA LEU E 230 186.54 1.32 64.29
C LEU E 230 187.01 1.68 65.70
N GLU E 231 188.30 1.45 65.96
CA GLU E 231 188.91 1.92 67.20
C GLU E 231 188.71 3.41 67.37
N ASP E 232 188.96 4.18 66.31
CA ASP E 232 188.65 5.60 66.28
C ASP E 232 187.15 5.80 66.04
N ARG E 233 186.75 7.06 65.89
CA ARG E 233 185.36 7.36 65.56
C ARG E 233 184.98 6.96 64.14
N SER E 234 185.94 6.51 63.34
CA SER E 234 185.66 6.10 61.96
C SER E 234 184.65 4.96 61.92
N LEU E 235 183.84 4.96 60.85
CA LEU E 235 182.83 3.93 60.65
C LEU E 235 183.12 3.16 59.36
N ARG E 236 182.77 1.88 59.38
CA ARG E 236 182.96 1.00 58.23
C ARG E 236 181.68 0.23 57.98
N VAL E 237 181.52 -0.26 56.76
CA VAL E 237 180.35 -1.06 56.40
C VAL E 237 180.75 -2.52 56.42
N SER E 238 179.85 -3.38 56.89
CA SER E 238 180.12 -4.80 57.04
C SER E 238 179.08 -5.61 56.28
N SER E 239 179.53 -6.68 55.64
CA SER E 239 178.67 -7.53 54.82
C SER E 239 178.83 -8.98 55.25
N SER E 240 177.75 -9.58 55.74
CA SER E 240 177.74 -10.99 56.07
C SER E 240 177.58 -11.78 54.77
N ALA E 241 178.65 -12.43 54.34
CA ALA E 241 178.68 -13.17 53.06
C ALA E 241 178.33 -12.25 51.89
N GLY E 242 178.69 -10.97 51.99
CA GLY E 242 178.43 -10.02 50.93
C GLY E 242 176.99 -9.64 50.75
N ALA E 243 176.14 -9.86 51.75
CA ALA E 243 174.72 -9.54 51.61
C ALA E 243 174.50 -8.03 51.49
N MET E 244 175.05 -7.26 52.42
CA MET E 244 174.87 -5.81 52.50
C MET E 244 173.40 -5.41 52.59
N PHE E 245 172.52 -6.35 52.96
CA PHE E 245 171.10 -6.07 53.14
C PHE E 245 170.60 -7.00 54.23
N ASP E 246 170.47 -6.48 55.44
CA ASP E 246 170.10 -7.29 56.59
C ASP E 246 168.61 -7.15 56.86
N SER E 247 167.92 -8.27 57.01
CA SER E 247 166.49 -8.30 57.27
C SER E 247 166.19 -8.75 58.70
N GLY E 248 167.17 -8.67 59.59
CA GLY E 248 166.96 -9.12 60.95
C GLY E 248 166.67 -10.61 61.05
N LYS E 249 167.35 -11.41 60.22
CA LYS E 249 167.14 -12.85 60.18
C LYS E 249 168.26 -13.57 60.92
N ALA E 250 167.93 -14.74 61.47
CA ALA E 250 168.93 -15.55 62.14
C ALA E 250 169.96 -16.08 61.15
N GLU E 251 171.18 -16.29 61.64
CA GLU E 251 172.24 -16.78 60.76
C GLU E 251 171.91 -18.16 60.21
N SER E 252 171.36 -19.04 61.05
CA SER E 252 170.98 -20.40 60.66
C SER E 252 172.16 -21.17 60.06
CA ARG F 3 153.28 -19.71 48.14
C ARG F 3 152.84 -18.33 47.69
N PRO F 4 153.75 -17.36 47.72
CA PRO F 4 153.41 -16.01 47.28
C PRO F 4 152.98 -15.99 45.83
N MET F 5 152.00 -15.12 45.54
CA MET F 5 151.49 -15.01 44.18
C MET F 5 152.58 -14.55 43.22
N PHE F 6 153.41 -13.61 43.66
CA PHE F 6 154.49 -13.14 42.80
C PHE F 6 155.45 -14.27 42.46
N ALA F 7 155.81 -15.10 43.45
CA ALA F 7 156.69 -16.22 43.18
C ALA F 7 156.04 -17.23 42.24
N VAL F 8 154.75 -17.51 42.44
CA VAL F 8 154.05 -18.44 41.55
C VAL F 8 154.03 -17.91 40.12
N ALA F 9 153.73 -16.62 39.96
CA ALA F 9 153.69 -16.05 38.62
C ALA F 9 155.08 -16.05 37.97
N VAL F 10 156.11 -15.78 38.77
CA VAL F 10 157.48 -15.81 38.23
C VAL F 10 157.83 -17.23 37.76
N ASN F 11 157.46 -18.23 38.55
CA ASN F 11 157.73 -19.61 38.14
C ASN F 11 156.95 -19.96 36.88
N GLU F 12 155.70 -19.55 36.78
CA GLU F 12 154.91 -19.82 35.58
C GLU F 12 155.55 -19.17 34.35
N PHE F 13 155.96 -17.92 34.49
CA PHE F 13 156.58 -17.22 33.36
C PHE F 13 157.89 -17.89 32.96
N ILE F 14 158.73 -18.23 33.94
CA ILE F 14 160.03 -18.81 33.61
C ILE F 14 159.87 -20.20 33.01
N ARG F 15 158.83 -20.93 33.39
CA ARG F 15 158.57 -22.21 32.76
C ARG F 15 158.09 -22.03 31.33
N SER F 16 157.12 -21.13 31.12
CA SER F 16 156.57 -20.94 29.78
C SER F 16 157.62 -20.43 28.82
N ALA F 17 158.45 -19.48 29.24
CA ALA F 17 159.49 -18.91 28.41
C ALA F 17 160.80 -18.87 29.20
N GLY F 18 161.89 -19.26 28.54
CA GLY F 18 163.19 -19.21 29.17
C GLY F 18 163.38 -20.13 30.35
N GLN F 19 162.96 -21.40 30.21
CA GLN F 19 163.14 -22.35 31.29
C GLN F 19 164.62 -22.56 31.61
N ASP F 20 165.49 -22.37 30.63
CA ASP F 20 166.92 -22.44 30.82
C ASP F 20 167.53 -21.04 30.74
N SER F 21 168.66 -20.87 31.43
CA SER F 21 169.41 -19.61 31.43
C SER F 21 168.54 -18.45 31.92
N LEU F 22 167.86 -18.65 33.04
CA LEU F 22 167.02 -17.62 33.62
C LEU F 22 166.83 -17.90 35.10
N CYS F 23 166.93 -16.86 35.93
CA CYS F 23 166.81 -16.96 37.37
C CYS F 23 165.61 -16.15 37.84
N GLY F 24 164.77 -16.77 38.66
CA GLY F 24 163.62 -16.08 39.20
C GLY F 24 164.00 -14.98 40.16
N VAL F 25 163.11 -14.01 40.29
CA VAL F 25 163.29 -12.88 41.20
C VAL F 25 162.72 -13.24 42.57
N PRO F 26 163.47 -13.05 43.65
CA PRO F 26 162.97 -13.48 44.97
C PRO F 26 161.71 -12.78 45.42
N ASP F 27 161.63 -11.45 45.26
CA ASP F 27 160.47 -10.71 45.74
C ASP F 27 160.36 -9.40 45.01
N ILE F 28 159.18 -8.78 45.14
CA ILE F 28 158.91 -7.53 44.43
C ILE F 28 159.84 -6.43 44.92
N ASN F 29 160.10 -6.38 46.22
CA ASN F 29 160.95 -5.32 46.77
C ASN F 29 162.36 -5.38 46.18
N SER F 30 162.92 -6.58 46.07
CA SER F 30 164.27 -6.74 45.56
C SER F 30 164.31 -6.93 44.05
N SER F 31 163.16 -6.89 43.38
CA SER F 31 163.14 -7.02 41.92
C SER F 31 163.94 -5.91 41.26
N GLY F 32 163.91 -4.70 41.82
CA GLY F 32 164.57 -3.57 41.19
C GLY F 32 166.09 -3.60 41.28
N ASP F 33 166.66 -4.52 42.07
CA ASP F 33 168.10 -4.62 42.21
C ASP F 33 168.74 -5.58 41.22
N PHE F 34 167.95 -6.16 40.31
CA PHE F 34 168.45 -7.12 39.34
C PHE F 34 168.34 -6.58 37.92
N MET F 35 168.48 -5.28 37.75
CA MET F 35 168.54 -4.67 36.43
C MET F 35 169.90 -4.92 35.80
N PRO F 36 170.01 -4.76 34.48
CA PRO F 36 171.30 -5.02 33.81
C PRO F 36 172.41 -4.15 34.36
N LEU F 37 173.62 -4.70 34.32
CA LEU F 37 174.84 -4.04 34.82
C LEU F 37 174.77 -3.83 36.33
N HIS F 38 174.38 -4.89 37.04
CA HIS F 38 174.38 -4.91 38.50
C HIS F 38 175.24 -6.06 38.98
N ILE F 39 175.92 -5.83 40.11
CA ILE F 39 176.79 -6.83 40.72
C ILE F 39 175.98 -7.65 41.72
N ILE F 40 176.15 -8.97 41.68
CA ILE F 40 175.52 -9.87 42.63
C ILE F 40 176.60 -10.82 43.16
N VAL F 41 176.32 -11.42 44.31
CA VAL F 41 177.25 -12.33 44.97
C VAL F 41 176.65 -13.72 44.96
N LYS F 42 177.44 -14.71 44.60
CA LYS F 42 177.02 -16.11 44.57
C LYS F 42 177.77 -16.89 45.63
N GLU F 43 177.03 -17.66 46.42
CA GLU F 43 177.59 -18.48 47.50
C GLU F 43 177.32 -19.94 47.19
N VAL F 44 178.35 -20.76 47.30
CA VAL F 44 178.27 -22.18 47.00
C VAL F 44 177.48 -22.89 48.12
N PRO F 45 176.82 -24.02 47.83
CA PRO F 45 176.06 -24.71 48.88
C PRO F 45 176.91 -25.17 50.04
N LYS F 46 178.17 -25.55 49.80
CA LYS F 46 179.14 -26.03 50.78
C LYS F 46 178.79 -27.40 51.34
N VAL F 47 177.65 -27.98 50.96
CA VAL F 47 177.27 -29.31 51.43
C VAL F 47 177.20 -30.26 50.24
N LEU F 48 176.33 -29.94 49.28
CA LEU F 48 176.19 -30.71 48.04
C LEU F 48 176.26 -29.73 46.88
N PRO F 49 177.46 -29.23 46.55
CA PRO F 49 177.56 -28.22 45.49
C PRO F 49 177.03 -28.69 44.14
N CYS F 50 177.22 -29.96 43.81
CA CYS F 50 176.74 -30.48 42.53
C CYS F 50 175.28 -30.89 42.57
N CYS F 51 174.66 -30.91 43.76
CA CYS F 51 173.27 -31.33 43.88
C CYS F 51 172.33 -30.20 44.29
N ARG F 52 172.85 -29.07 44.78
CA ARG F 52 172.04 -27.98 45.27
C ARG F 52 172.42 -26.70 44.53
N ARG F 53 171.40 -25.90 44.17
CA ARG F 53 171.65 -24.64 43.49
C ARG F 53 172.25 -23.62 44.47
N PRO F 54 173.13 -22.76 44.00
CA PRO F 54 173.79 -21.80 44.91
C PRO F 54 172.84 -20.72 45.42
N LYS F 55 173.36 -19.83 46.27
CA LYS F 55 172.58 -18.76 46.87
C LYS F 55 173.01 -17.43 46.26
N ILE F 56 172.04 -16.62 45.86
CA ILE F 56 172.31 -15.36 45.16
C ILE F 56 171.91 -14.21 46.08
N LYS F 57 172.84 -13.27 46.26
CA LYS F 57 172.68 -12.12 47.14
C LYS F 57 172.80 -10.85 46.32
N ARG F 58 171.84 -9.95 46.48
CA ARG F 58 171.88 -8.66 45.79
C ARG F 58 172.81 -7.69 46.51
N THR F 59 173.38 -6.78 45.75
CA THR F 59 174.26 -5.75 46.28
C THR F 59 173.89 -4.40 45.70
N PRO F 60 174.11 -3.32 46.44
CA PRO F 60 173.80 -1.97 45.94
C PRO F 60 174.97 -1.36 45.15
N TYR F 61 175.39 -2.05 44.10
CA TYR F 61 176.52 -1.61 43.30
C TYR F 61 176.23 -1.82 41.82
N THR F 62 176.78 -0.93 41.00
CA THR F 62 176.81 -1.09 39.56
C THR F 62 178.25 -1.32 39.11
N LEU F 63 178.39 -1.66 37.82
CA LEU F 63 179.71 -1.95 37.28
C LEU F 63 180.63 -0.73 37.37
N ASN F 64 180.11 0.44 37.02
CA ASN F 64 180.94 1.65 37.05
C ASN F 64 181.36 2.01 38.47
N ASP F 65 180.48 1.77 39.45
CA ASP F 65 180.86 2.03 40.83
C ASP F 65 181.90 1.02 41.32
N ILE F 66 181.74 -0.25 40.97
CA ILE F 66 182.65 -1.27 41.46
C ILE F 66 184.01 -1.17 40.77
N LEU F 67 184.06 -0.59 39.57
CA LEU F 67 185.29 -0.50 38.81
C LEU F 67 185.91 0.88 38.92
N ASP F 68 187.24 0.91 39.05
CA ASP F 68 187.95 2.19 39.01
C ASP F 68 187.77 2.87 37.65
N GLU F 69 187.85 2.11 36.57
CA GLU F 69 187.70 2.65 35.23
C GLU F 69 186.26 2.44 34.76
N PRO F 70 185.54 3.50 34.38
CA PRO F 70 184.16 3.33 33.94
C PRO F 70 184.06 2.63 32.59
N CYS F 71 182.87 2.08 32.34
CA CYS F 71 182.54 1.38 31.11
C CYS F 71 181.25 1.96 30.55
N PRO F 72 181.03 1.84 29.24
CA PRO F 72 179.75 2.26 28.67
C PRO F 72 178.61 1.47 29.28
N ASN F 73 177.47 2.14 29.48
CA ASN F 73 176.35 1.57 30.21
C ASN F 73 175.00 1.76 29.51
N GLN F 74 174.99 2.14 28.23
CA GLN F 74 173.72 2.34 27.54
C GLN F 74 172.98 1.02 27.40
N LEU F 75 171.65 1.10 27.41
CA LEU F 75 170.80 -0.08 27.38
C LEU F 75 169.81 0.01 26.22
N LYS F 76 169.15 -1.11 25.95
CA LYS F 76 168.10 -1.18 24.95
C LYS F 76 167.13 -2.29 25.34
N SER F 77 165.88 -2.14 24.90
CA SER F 77 164.83 -3.09 25.24
C SER F 77 164.07 -3.51 23.99
N SER F 78 163.57 -4.73 24.03
CA SER F 78 162.80 -5.28 22.92
C SER F 78 161.83 -6.33 23.45
N ASP F 79 160.75 -6.56 22.69
CA ASP F 79 159.72 -7.47 23.15
C ASP F 79 160.25 -8.91 23.22
N LEU F 80 159.74 -9.65 24.20
CA LEU F 80 160.14 -11.04 24.41
C LEU F 80 158.99 -12.01 24.25
N VAL F 81 157.88 -11.80 24.97
CA VAL F 81 156.72 -12.69 24.92
C VAL F 81 155.49 -11.89 25.30
N THR F 82 154.32 -12.39 24.92
CA THR F 82 153.05 -11.70 25.14
C THR F 82 152.01 -12.72 25.58
N PHE F 83 151.52 -12.58 26.81
CA PHE F 83 150.45 -13.42 27.32
C PHE F 83 149.12 -12.78 26.96
N THR F 84 148.48 -13.28 25.90
CA THR F 84 147.25 -12.67 25.40
C THR F 84 146.11 -12.80 26.40
N GLU F 85 146.03 -13.94 27.09
CA GLU F 85 144.96 -14.17 28.04
C GLU F 85 145.54 -14.57 29.40
N PRO F 86 144.84 -14.28 30.49
CA PRO F 86 145.37 -14.59 31.81
C PRO F 86 145.56 -16.08 32.02
N LEU F 87 146.61 -16.43 32.74
CA LEU F 87 146.80 -17.80 33.21
C LEU F 87 145.82 -18.07 34.33
N VAL F 88 144.93 -19.05 34.12
CA VAL F 88 143.85 -19.36 35.05
C VAL F 88 144.04 -20.78 35.55
N SER F 89 143.95 -20.96 36.86
CA SER F 89 144.09 -22.27 37.49
C SER F 89 142.95 -22.49 38.48
N ASN F 90 142.39 -23.70 38.46
CA ASN F 90 141.32 -24.07 39.37
C ASN F 90 141.65 -25.43 39.98
N VAL F 91 141.48 -25.55 41.30
CA VAL F 91 141.62 -26.81 42.01
C VAL F 91 140.42 -26.97 42.91
N LYS F 92 139.81 -28.15 42.90
CA LYS F 92 138.62 -28.42 43.71
C LYS F 92 138.73 -29.83 44.26
N ALA F 93 138.86 -29.96 45.57
CA ALA F 93 138.97 -31.25 46.23
C ALA F 93 137.86 -31.41 47.25
N SER F 94 137.41 -32.65 47.42
CA SER F 94 136.37 -32.95 48.40
C SER F 94 136.51 -34.41 48.81
N SER F 95 136.52 -34.66 50.12
CA SER F 95 136.73 -36.00 50.64
C SER F 95 135.87 -36.22 51.87
N SER F 96 135.59 -37.49 52.15
CA SER F 96 134.80 -37.88 53.31
C SER F 96 135.29 -39.21 53.82
N ILE F 97 135.33 -39.35 55.15
CA ILE F 97 135.80 -40.55 55.82
C ILE F 97 134.77 -40.98 56.85
N GLY F 98 134.47 -42.28 56.89
CA GLY F 98 133.56 -42.81 57.88
C GLY F 98 134.10 -44.07 58.53
N LEU F 99 134.29 -44.04 59.85
CA LEU F 99 134.84 -45.16 60.59
C LEU F 99 133.82 -45.62 61.62
N GLN F 100 133.61 -46.93 61.70
CA GLN F 100 132.71 -47.50 62.69
C GLN F 100 133.36 -48.72 63.33
N ILE F 101 133.36 -48.76 64.65
CA ILE F 101 133.83 -49.92 65.41
C ILE F 101 132.64 -50.42 66.21
N LEU F 102 132.00 -51.48 65.71
CA LEU F 102 130.87 -52.16 66.34
C LEU F 102 129.79 -51.12 66.61
N LYS F 103 129.18 -51.09 67.80
CA LYS F 103 128.31 -50.00 68.22
C LYS F 103 128.97 -49.14 69.28
N HIS F 104 130.31 -49.16 69.34
CA HIS F 104 131.05 -48.43 70.35
C HIS F 104 131.74 -47.18 69.81
N PHE F 105 132.18 -47.17 68.56
CA PHE F 105 132.83 -46.01 67.99
C PHE F 105 132.20 -45.67 66.65
N ASP F 106 131.98 -44.38 66.40
CA ASP F 106 131.41 -43.95 65.12
C ASP F 106 131.88 -42.53 64.82
N SER F 107 132.79 -42.39 63.86
CA SER F 107 133.33 -41.09 63.49
C SER F 107 133.04 -40.81 62.02
N GLY F 108 132.62 -39.58 61.73
CA GLY F 108 132.43 -39.15 60.36
C GLY F 108 133.04 -37.79 60.10
N ALA F 109 134.01 -37.73 59.20
CA ALA F 109 134.70 -36.50 58.87
C ALA F 109 134.53 -36.19 57.40
N LYS F 110 134.64 -34.92 57.05
CA LYS F 110 134.56 -34.52 55.65
C LYS F 110 135.27 -33.18 55.49
N GLY F 111 135.83 -32.98 54.30
CA GLY F 111 136.56 -31.76 54.01
C GLY F 111 136.39 -31.39 52.55
N SER F 112 136.53 -30.10 52.28
CA SER F 112 136.45 -29.60 50.92
C SER F 112 137.33 -28.37 50.77
N LYS F 113 137.82 -28.15 49.56
CA LYS F 113 138.71 -27.04 49.28
C LYS F 113 138.51 -26.59 47.83
N ASN F 114 138.48 -25.27 47.63
CA ASN F 114 138.35 -24.66 46.32
C ASN F 114 139.35 -23.54 46.20
N PHE F 115 140.25 -23.64 45.23
CA PHE F 115 141.36 -22.72 45.07
C PHE F 115 141.39 -22.21 43.63
N ILE F 116 141.39 -20.89 43.46
CA ILE F 116 141.34 -20.27 42.14
C ILE F 116 142.45 -19.24 42.03
N THR F 117 143.15 -19.25 40.91
CA THR F 117 144.26 -18.33 40.68
C THR F 117 144.16 -17.74 39.27
N SER F 118 144.50 -16.46 39.14
CA SER F 118 144.50 -15.79 37.84
C SER F 118 145.67 -14.82 37.80
N ALA F 119 146.48 -14.91 36.76
CA ALA F 119 147.62 -14.02 36.58
C ALA F 119 147.59 -13.41 35.19
N SER F 120 147.63 -12.09 35.12
CA SER F 120 147.63 -11.34 33.87
C SER F 120 148.92 -10.53 33.82
N LEU F 121 149.90 -11.02 33.05
CA LEU F 121 151.19 -10.37 32.93
C LEU F 121 151.30 -9.46 31.72
N GLY F 122 150.31 -9.47 30.83
CA GLY F 122 150.36 -8.59 29.68
C GLY F 122 151.53 -8.91 28.77
N THR F 123 152.36 -7.90 28.51
CA THR F 123 153.52 -8.02 27.64
C THR F 123 154.79 -7.97 28.49
N VAL F 124 155.75 -8.84 28.19
CA VAL F 124 157.03 -8.89 28.88
C VAL F 124 158.11 -8.51 27.87
N VAL F 125 158.96 -7.56 28.24
CA VAL F 125 160.06 -7.13 27.40
C VAL F 125 161.37 -7.53 28.06
N LYS F 126 162.45 -7.48 27.28
CA LYS F 126 163.79 -7.80 27.75
C LYS F 126 164.68 -6.59 27.54
N ALA F 127 165.43 -6.24 28.57
CA ALA F 127 166.35 -5.11 28.55
C ALA F 127 167.78 -5.61 28.76
N GLU F 128 168.69 -5.07 27.96
CA GLU F 128 170.08 -5.52 27.97
C GLU F 128 170.96 -4.43 27.38
N THR F 129 172.26 -4.54 27.65
CA THR F 129 173.21 -3.59 27.12
C THR F 129 173.20 -3.59 25.60
N ILE F 130 173.38 -2.42 25.01
CA ILE F 130 173.40 -2.31 23.54
C ILE F 130 174.54 -3.13 22.96
N ASP F 131 175.73 -3.04 23.55
CA ASP F 131 176.89 -3.81 23.12
C ASP F 131 177.55 -4.42 24.35
N ILE F 132 177.56 -5.75 24.42
CA ILE F 132 178.15 -6.43 25.56
C ILE F 132 179.65 -6.68 25.35
N THR F 133 180.09 -6.79 24.10
CA THR F 133 181.50 -7.04 23.83
C THR F 133 182.38 -5.90 24.34
N LYS F 134 181.96 -4.65 24.12
CA LYS F 134 182.71 -3.51 24.63
C LYS F 134 182.78 -3.52 26.15
N VAL F 135 181.65 -3.82 26.80
CA VAL F 135 181.62 -3.88 28.26
C VAL F 135 182.57 -4.95 28.76
N LEU F 136 182.56 -6.11 28.12
CA LEU F 136 183.46 -7.19 28.53
C LEU F 136 184.92 -6.80 28.34
N ALA F 137 185.24 -6.18 27.21
CA ALA F 137 186.62 -5.77 26.97
C ALA F 137 187.09 -4.78 28.03
N LYS F 138 186.27 -3.75 28.29
CA LYS F 138 186.64 -2.75 29.30
C LYS F 138 186.77 -3.38 30.68
N VAL F 139 185.88 -4.32 31.03
CA VAL F 139 185.99 -4.99 32.32
C VAL F 139 187.32 -5.71 32.41
N ARG F 140 187.68 -6.47 31.38
CA ARG F 140 188.92 -7.23 31.39
C ARG F 140 190.13 -6.31 31.50
N THR F 141 190.06 -5.12 30.89
CA THR F 141 191.18 -4.20 30.93
C THR F 141 191.11 -3.22 32.10
N ALA F 142 190.08 -3.30 32.94
CA ALA F 142 189.87 -2.36 34.02
C ALA F 142 190.08 -3.02 35.38
N LYS F 143 190.55 -2.24 36.35
CA LYS F 143 190.76 -2.72 37.71
C LYS F 143 189.61 -2.29 38.62
N ALA F 144 189.32 -3.13 39.61
CA ALA F 144 188.26 -2.85 40.56
C ALA F 144 188.66 -1.73 41.52
N LYS F 145 187.67 -1.24 42.27
CA LYS F 145 187.91 -0.16 43.23
C LYS F 145 188.63 -0.69 44.45
N VAL F 146 189.83 -0.15 44.72
CA VAL F 146 190.60 -0.58 45.89
C VAL F 146 189.85 -0.24 47.18
N GLU F 147 189.20 0.91 47.22
CA GLU F 147 188.46 1.31 48.41
C GLU F 147 187.33 0.33 48.74
N ASN F 148 186.68 -0.24 47.74
CA ASN F 148 185.53 -1.11 47.97
C ASN F 148 185.91 -2.29 48.84
N ASP F 149 185.06 -2.59 49.83
CA ASP F 149 185.28 -3.70 50.75
C ASP F 149 184.74 -5.02 50.24
N LEU F 150 183.60 -4.96 49.53
CA LEU F 150 182.98 -6.17 48.99
C LEU F 150 183.95 -6.94 48.09
N VAL F 151 184.64 -6.22 47.20
CA VAL F 151 185.60 -6.87 46.29
C VAL F 151 186.68 -7.58 47.09
N SER F 152 187.22 -6.92 48.10
CA SER F 152 188.26 -7.53 48.92
C SER F 152 187.75 -8.76 49.64
N ARG F 153 186.53 -8.67 50.18
CA ARG F 153 185.93 -9.83 50.84
C ARG F 153 185.83 -11.02 49.88
N VAL F 154 185.29 -10.77 48.68
CA VAL F 154 185.15 -11.84 47.70
C VAL F 154 186.50 -12.39 47.27
N MET F 155 187.51 -11.52 47.18
CA MET F 155 188.85 -11.96 46.82
C MET F 155 189.43 -12.89 47.88
N LYS F 156 189.30 -12.51 49.15
CA LYS F 156 189.92 -13.31 50.20
C LYS F 156 189.15 -14.60 50.44
N THR F 157 187.82 -14.58 50.29
CA THR F 157 187.03 -15.79 50.46
C THR F 157 187.05 -16.62 49.18
N LYS F 158 186.85 -17.93 49.35
CA LYS F 158 186.85 -18.86 48.23
C LYS F 158 185.44 -19.25 47.77
N ARG F 159 184.47 -19.25 48.68
CA ARG F 159 183.11 -19.61 48.29
C ARG F 159 182.45 -18.50 47.47
N LEU F 160 182.66 -17.24 47.86
CA LEU F 160 181.98 -16.13 47.23
C LEU F 160 182.49 -15.92 45.79
N CYS F 161 181.55 -15.61 44.89
CA CYS F 161 181.87 -15.27 43.52
C CYS F 161 181.06 -14.05 43.11
N LEU F 162 181.56 -13.30 42.13
CA LEU F 162 180.89 -12.11 41.64
C LEU F 162 180.21 -12.39 40.32
N GLY F 163 179.04 -11.78 40.12
CA GLY F 163 178.32 -11.95 38.87
C GLY F 163 177.73 -10.64 38.36
N LEU F 164 177.89 -10.38 37.07
CA LEU F 164 177.37 -9.18 36.43
C LEU F 164 176.09 -9.55 35.69
N VAL F 165 174.99 -8.86 36.01
CA VAL F 165 173.72 -9.11 35.36
C VAL F 165 173.71 -8.46 33.98
N VAL F 166 173.30 -9.23 32.97
CA VAL F 166 173.41 -8.78 31.59
C VAL F 166 172.07 -8.65 30.88
N GLU F 167 171.00 -9.29 31.35
CA GLU F 167 169.71 -9.16 30.72
C GLU F 167 168.61 -9.34 31.75
N THR F 168 167.52 -8.62 31.58
CA THR F 168 166.44 -8.65 32.55
C THR F 168 165.09 -8.62 31.84
N ALA F 169 164.15 -9.42 32.34
CA ALA F 169 162.79 -9.46 31.80
C ALA F 169 161.87 -8.65 32.70
N CYS F 170 161.18 -7.67 32.12
CA CYS F 170 160.34 -6.74 32.87
C CYS F 170 158.98 -6.61 32.20
N VAL F 171 157.95 -6.41 33.01
CA VAL F 171 156.60 -6.23 32.50
C VAL F 171 156.48 -4.83 31.91
N ALA F 172 155.93 -4.75 30.68
CA ALA F 172 155.77 -3.45 30.04
C ALA F 172 154.66 -2.64 30.69
N ALA F 173 153.56 -3.30 31.09
CA ALA F 173 152.42 -2.63 31.70
C ALA F 173 152.12 -3.27 33.04
N ALA F 174 151.08 -2.77 33.70
CA ALA F 174 150.71 -3.27 35.01
C ALA F 174 150.25 -4.72 34.93
N GLY F 175 150.64 -5.52 35.91
CA GLY F 175 150.28 -6.93 35.98
C GLY F 175 149.38 -7.20 37.16
N LYS F 176 148.34 -8.01 36.93
CA LYS F 176 147.32 -8.27 37.93
C LYS F 176 147.36 -9.71 38.41
N LEU F 177 147.38 -9.90 39.73
CA LEU F 177 147.43 -11.23 40.32
C LEU F 177 146.28 -11.37 41.30
N THR F 178 145.43 -12.38 41.10
CA THR F 178 144.25 -12.60 41.92
C THR F 178 144.22 -14.05 42.41
N GLU F 179 143.86 -14.23 43.68
CA GLU F 179 143.79 -15.55 44.30
C GLU F 179 142.57 -15.61 45.22
N ALA F 180 141.86 -16.73 45.16
CA ALA F 180 140.70 -16.97 46.02
C ALA F 180 140.78 -18.37 46.61
N ASP F 181 140.50 -18.47 47.90
CA ASP F 181 140.57 -19.72 48.63
C ASP F 181 139.32 -19.89 49.47
N ASN F 182 138.72 -21.08 49.44
CA ASN F 182 137.55 -21.39 50.28
C ASN F 182 137.66 -22.84 50.70
N TRP F 183 137.90 -23.10 51.98
CA TRP F 183 137.98 -24.49 52.43
C TRP F 183 137.18 -24.69 53.70
N GLU F 184 136.75 -25.93 53.92
CA GLU F 184 135.79 -26.24 54.98
C GLU F 184 136.06 -27.64 55.52
N ILE F 185 135.91 -27.79 56.84
CA ILE F 185 136.09 -29.05 57.54
C ILE F 185 134.88 -29.27 58.45
N SER F 186 134.31 -30.47 58.40
CA SER F 186 133.21 -30.84 59.28
C SER F 186 133.45 -32.24 59.83
N GLY F 187 133.58 -32.34 61.14
CA GLY F 187 133.86 -33.61 61.78
C GLY F 187 132.90 -33.90 62.91
N HIS F 188 132.68 -35.20 63.14
CA HIS F 188 131.75 -35.67 64.16
C HIS F 188 132.29 -36.97 64.75
N THR F 189 132.15 -37.11 66.07
CA THR F 189 132.65 -38.26 66.80
C THR F 189 131.60 -38.72 67.80
N ASN F 190 131.37 -40.03 67.87
CA ASN F 190 130.41 -40.61 68.81
C ASN F 190 131.07 -41.82 69.46
N ALA F 191 131.40 -41.71 70.74
CA ALA F 191 131.96 -42.80 71.52
C ALA F 191 130.89 -43.27 72.50
N ASN F 192 130.31 -44.43 72.20
CA ASN F 192 129.27 -45.02 73.04
C ASN F 192 129.87 -46.15 73.86
N ILE F 193 129.74 -46.05 75.18
CA ILE F 193 130.22 -47.07 76.10
C ILE F 193 129.07 -47.43 77.02
N GLY F 194 129.20 -48.57 77.70
CA GLY F 194 128.13 -49.04 78.56
C GLY F 194 127.73 -48.04 79.63
N GLU F 195 128.69 -47.27 80.14
CA GLU F 195 128.41 -46.27 81.17
C GLU F 195 128.80 -44.85 80.76
N ALA F 196 129.15 -44.64 79.49
CA ALA F 196 129.56 -43.31 79.03
C ALA F 196 129.13 -43.12 77.59
N VAL F 197 128.64 -41.92 77.29
CA VAL F 197 128.27 -41.53 75.92
C VAL F 197 128.87 -40.16 75.66
N VAL F 198 129.69 -40.07 74.61
CA VAL F 198 130.33 -38.82 74.22
C VAL F 198 129.96 -38.52 72.77
N THR F 199 129.48 -37.31 72.51
CA THR F 199 129.09 -36.87 71.17
C THR F 199 129.70 -35.50 70.91
N ALA F 200 130.71 -35.46 70.05
CA ALA F 200 131.42 -34.23 69.73
C ALA F 200 131.22 -33.89 68.26
N THR F 201 131.19 -32.59 67.96
CA THR F 201 131.00 -32.12 66.59
C THR F 201 131.76 -30.81 66.42
N ALA F 202 132.39 -30.63 65.27
CA ALA F 202 133.16 -29.43 64.99
C ALA F 202 133.07 -29.07 63.52
N GLU F 203 132.68 -27.83 63.23
CA GLU F 203 132.60 -27.33 61.86
C GLU F 203 133.36 -26.02 61.75
N LEU F 204 134.12 -25.87 60.68
CA LEU F 204 134.80 -24.60 60.43
C LEU F 204 135.01 -24.42 58.93
N ASP F 205 135.19 -23.17 58.52
CA ASP F 205 135.42 -22.86 57.12
C ASP F 205 136.09 -21.51 57.02
N LYS F 206 137.11 -21.42 56.15
CA LYS F 206 137.88 -20.21 55.95
C LYS F 206 137.79 -19.77 54.50
N ASN F 207 137.65 -18.46 54.30
CA ASN F 207 137.58 -17.85 52.99
C ASN F 207 138.57 -16.70 52.91
N LEU F 208 139.40 -16.69 51.87
CA LEU F 208 140.41 -15.65 51.66
C LEU F 208 140.38 -15.20 50.21
N SER F 209 140.79 -13.95 49.99
CA SER F 209 140.89 -13.40 48.64
C SER F 209 141.95 -12.31 48.64
N ARG F 210 142.94 -12.44 47.76
CA ARG F 210 144.03 -11.49 47.66
C ARG F 210 144.19 -11.05 46.22
N LYS F 211 144.20 -9.73 45.98
CA LYS F 211 144.32 -9.19 44.64
C LYS F 211 145.32 -8.04 44.66
N ILE F 212 146.39 -8.16 43.86
CA ILE F 212 147.44 -7.15 43.81
C ILE F 212 147.73 -6.81 42.35
N GLU F 213 148.47 -5.72 42.17
CA GLU F 213 148.81 -5.22 40.84
C GLU F 213 150.23 -4.65 40.87
N ILE F 214 151.17 -5.37 40.25
CA ILE F 214 152.54 -4.89 40.14
C ILE F 214 152.62 -3.80 39.08
N PRO F 215 153.41 -2.75 39.29
CA PRO F 215 153.45 -1.64 38.34
C PRO F 215 154.37 -1.94 37.18
N PRO F 216 154.29 -1.16 36.10
CA PRO F 216 155.20 -1.37 34.97
C PRO F 216 156.66 -1.20 35.38
N GLY F 217 157.52 -2.01 34.77
CA GLY F 217 158.95 -1.97 35.03
C GLY F 217 159.45 -2.97 36.04
N THR F 218 158.55 -3.69 36.71
CA THR F 218 158.96 -4.68 37.70
C THR F 218 159.71 -5.82 37.03
N ALA F 219 160.89 -6.14 37.56
CA ALA F 219 161.69 -7.21 36.98
C ALA F 219 161.11 -8.57 37.36
N LEU F 220 161.24 -9.53 36.45
CA LEU F 220 160.76 -10.90 36.67
C LEU F 220 161.87 -11.92 36.74
N ALA F 221 162.86 -11.84 35.86
CA ALA F 221 163.93 -12.82 35.81
C ALA F 221 165.16 -12.19 35.19
N TYR F 222 166.30 -12.86 35.36
CA TYR F 222 167.57 -12.28 34.93
C TYR F 222 168.56 -13.40 34.63
N SER F 223 169.63 -13.03 33.93
CA SER F 223 170.76 -13.91 33.68
C SER F 223 172.04 -13.12 33.91
N PHE F 224 173.09 -13.81 34.36
CA PHE F 224 174.32 -13.13 34.74
C PHE F 224 175.54 -13.91 34.28
N MET F 225 176.66 -13.22 34.21
CA MET F 225 177.94 -13.78 33.82
C MET F 225 178.92 -13.70 34.99
N ASP F 226 179.70 -14.75 35.19
CA ASP F 226 180.60 -14.81 36.33
C ASP F 226 181.83 -13.95 36.12
N LEU F 227 182.49 -13.60 37.24
CA LEU F 227 183.70 -12.81 37.23
C LEU F 227 184.71 -13.42 38.19
N GLU F 228 185.94 -12.91 38.12
CA GLU F 228 187.02 -13.40 38.96
C GLU F 228 187.99 -12.27 39.26
N ILE F 229 188.27 -12.05 40.54
CA ILE F 229 189.22 -11.03 40.97
C ILE F 229 190.63 -11.58 40.85
N LEU F 230 191.49 -10.88 40.12
CA LEU F 230 192.90 -11.26 40.07
C LEU F 230 193.57 -10.94 41.41
N GLU F 231 194.86 -11.26 41.50
CA GLU F 231 195.65 -10.84 42.66
C GLU F 231 195.57 -9.34 42.86
N ASP F 232 195.73 -8.58 41.78
CA ASP F 232 195.51 -7.15 41.79
C ASP F 232 194.01 -6.85 41.75
N ARG F 233 193.68 -5.56 41.66
CA ARG F 233 192.28 -5.16 41.50
C ARG F 233 191.70 -5.52 40.14
N SER F 234 192.51 -6.02 39.22
CA SER F 234 192.04 -6.40 37.89
C SER F 234 190.96 -7.47 37.97
N LEU F 235 190.02 -7.41 37.02
CA LEU F 235 188.93 -8.37 36.94
C LEU F 235 189.01 -9.14 35.63
N ARG F 236 188.58 -10.40 35.68
CA ARG F 236 188.56 -11.27 34.51
C ARG F 236 187.21 -11.96 34.43
N VAL F 237 186.87 -12.42 33.24
CA VAL F 237 185.62 -13.14 33.04
C VAL F 237 185.92 -14.63 32.99
N SER F 238 185.03 -15.43 33.57
CA SER F 238 185.22 -16.87 33.68
C SER F 238 184.04 -17.60 33.06
N SER F 239 184.35 -18.70 32.35
CA SER F 239 183.33 -19.47 31.65
C SER F 239 183.46 -20.94 32.06
N SER F 240 182.41 -21.47 32.68
CA SER F 240 182.35 -22.89 32.99
C SER F 240 181.97 -23.65 31.74
N ALA F 241 182.93 -24.36 31.15
CA ALA F 241 182.75 -25.08 29.89
C ALA F 241 182.31 -24.14 28.77
N GLY F 242 182.78 -22.88 28.83
CA GLY F 242 182.45 -21.91 27.81
C GLY F 242 181.02 -21.42 27.82
N ALA F 243 180.29 -21.60 28.92
CA ALA F 243 178.89 -21.19 28.97
C ALA F 243 178.75 -19.67 28.88
N MET F 244 179.48 -18.95 29.73
CA MET F 244 179.39 -17.49 29.84
C MET F 244 177.97 -17.01 30.12
N PHE F 245 177.09 -17.89 30.59
CA PHE F 245 175.73 -17.52 30.95
C PHE F 245 175.31 -18.43 32.10
N ASP F 246 175.37 -17.91 33.32
CA ASP F 246 175.08 -18.71 34.50
C ASP F 246 173.65 -18.48 34.95
N SER F 247 172.93 -19.56 35.19
CA SER F 247 171.55 -19.51 35.63
C SER F 247 171.39 -19.94 37.08
N GLY F 248 172.47 -19.93 37.85
CA GLY F 248 172.42 -20.39 39.22
C GLY F 248 172.05 -21.86 39.34
N LYS F 249 172.56 -22.69 38.45
CA LYS F 249 172.26 -24.12 38.42
C LYS F 249 173.41 -24.91 39.01
N ALA F 250 173.09 -26.06 39.59
CA ALA F 250 174.11 -26.94 40.13
C ALA F 250 174.96 -27.52 39.00
N GLU F 251 176.22 -27.82 39.34
CA GLU F 251 177.13 -28.37 38.34
C GLU F 251 176.65 -29.72 37.82
N SER F 252 176.15 -30.57 38.72
CA SER F 252 175.63 -31.90 38.37
C SER F 252 176.68 -32.73 37.63
CA ARG G 3 156.54 -29.96 28.18
C ARG G 3 156.13 -28.55 27.78
N PRO G 4 157.09 -27.64 27.71
CA PRO G 4 156.79 -26.26 27.32
C PRO G 4 156.18 -26.20 25.93
N MET G 5 155.22 -25.27 25.76
CA MET G 5 154.55 -25.11 24.49
C MET G 5 155.54 -24.71 23.40
N PHE G 6 156.48 -23.83 23.73
CA PHE G 6 157.48 -23.41 22.75
C PHE G 6 158.32 -24.61 22.28
N ALA G 7 158.74 -25.47 23.21
CA ALA G 7 159.50 -26.64 22.83
C ALA G 7 158.68 -27.59 21.98
N VAL G 8 157.40 -27.79 22.34
CA VAL G 8 156.54 -28.66 21.55
C VAL G 8 156.37 -28.12 20.13
N ALA G 9 156.13 -26.82 20.00
CA ALA G 9 155.97 -26.23 18.68
C ALA G 9 157.25 -26.30 17.88
N VAL G 10 158.41 -26.11 18.53
CA VAL G 10 159.68 -26.23 17.82
C VAL G 10 159.88 -27.65 17.32
N ASN G 11 159.55 -28.64 18.13
CA ASN G 11 159.67 -30.03 17.69
C ASN G 11 158.73 -30.32 16.53
N GLU G 12 157.49 -29.82 16.60
CA GLU G 12 156.55 -30.03 15.50
C GLU G 12 157.06 -29.41 14.21
N PHE G 13 157.57 -28.18 14.30
CA PHE G 13 158.09 -27.52 13.10
C PHE G 13 159.29 -28.26 12.53
N ILE G 14 160.22 -28.67 13.40
CA ILE G 14 161.43 -29.32 12.91
C ILE G 14 161.10 -30.69 12.33
N ARG G 15 160.08 -31.36 12.84
CA ARG G 15 159.66 -32.62 12.23
C ARG G 15 159.01 -32.39 10.88
N SER G 16 158.08 -31.42 10.80
CA SER G 16 157.38 -31.19 9.54
C SER G 16 158.34 -30.74 8.45
N ALA G 17 159.27 -29.84 8.77
CA ALA G 17 160.24 -29.33 7.82
C ALA G 17 161.63 -29.38 8.42
N GLY G 18 162.60 -29.83 7.64
CA GLY G 18 163.98 -29.88 8.10
C GLY G 18 164.24 -30.82 9.24
N GLN G 19 163.73 -32.05 9.15
CA GLN G 19 163.99 -33.03 10.20
C GLN G 19 165.48 -33.34 10.32
N ASP G 20 166.23 -33.18 9.25
CA ASP G 20 167.67 -33.36 9.25
C ASP G 20 168.35 -31.99 9.09
N SER G 21 169.56 -31.90 9.64
CA SER G 21 170.38 -30.69 9.55
C SER G 21 169.66 -29.49 10.15
N LEU G 22 169.12 -29.66 11.35
CA LEU G 22 168.42 -28.58 12.03
C LEU G 22 168.41 -28.86 13.53
N CYS G 23 168.68 -27.84 14.33
CA CYS G 23 168.74 -27.95 15.78
C CYS G 23 167.67 -27.07 16.41
N GLY G 24 166.89 -27.65 17.32
CA GLY G 24 165.86 -26.89 18.00
C GLY G 24 166.43 -25.83 18.91
N VAL G 25 165.63 -24.80 19.16
CA VAL G 25 166.00 -23.70 20.03
C VAL G 25 165.58 -24.04 21.46
N PRO G 26 166.48 -23.91 22.45
CA PRO G 26 166.12 -24.32 23.81
C PRO G 26 164.98 -23.54 24.43
N ASP G 27 164.96 -22.22 24.28
CA ASP G 27 163.92 -21.41 24.91
C ASP G 27 163.80 -20.08 24.20
N ILE G 28 162.69 -19.40 24.47
CA ILE G 28 162.41 -18.12 23.82
C ILE G 28 163.47 -17.09 24.18
N ASN G 29 163.90 -17.07 25.45
CA ASN G 29 164.87 -16.07 25.89
C ASN G 29 166.18 -16.21 25.13
N SER G 30 166.66 -17.44 24.94
CA SER G 30 167.92 -17.69 24.26
C SER G 30 167.76 -17.86 22.76
N SER G 31 166.52 -17.74 22.24
CA SER G 31 166.32 -17.85 20.80
C SER G 31 167.11 -16.79 20.04
N GLY G 32 167.21 -15.58 20.60
CA GLY G 32 167.87 -14.49 19.89
C GLY G 32 169.38 -14.62 19.80
N ASP G 33 169.98 -15.58 20.50
CA ASP G 33 171.42 -15.77 20.46
C ASP G 33 171.86 -16.76 19.40
N PHE G 34 170.93 -17.28 18.59
CA PHE G 34 171.25 -18.26 17.56
C PHE G 34 170.99 -17.70 16.17
N MET G 35 171.19 -16.40 15.98
CA MET G 35 171.12 -15.79 14.68
C MET G 35 172.37 -16.11 13.87
N PRO G 36 172.32 -15.94 12.54
CA PRO G 36 173.49 -16.28 11.72
C PRO G 36 174.72 -15.49 12.12
N LEU G 37 175.88 -16.12 11.93
CA LEU G 37 177.19 -15.54 12.27
C LEU G 37 177.33 -15.34 13.78
N HIS G 38 176.96 -16.38 14.53
CA HIS G 38 177.14 -16.42 15.97
C HIS G 38 177.98 -17.62 16.35
N ILE G 39 178.82 -17.46 17.37
CA ILE G 39 179.68 -18.52 17.86
C ILE G 39 178.97 -19.29 18.96
N ILE G 40 179.03 -20.62 18.89
CA ILE G 40 178.49 -21.49 19.92
C ILE G 40 179.55 -22.51 20.29
N VAL G 41 179.39 -23.11 21.47
CA VAL G 41 180.34 -24.08 22.00
C VAL G 41 179.64 -25.43 22.07
N LYS G 42 180.33 -26.46 21.61
CA LYS G 42 179.81 -27.83 21.62
C LYS G 42 180.64 -28.68 22.58
N GLU G 43 179.95 -29.40 23.46
CA GLU G 43 180.59 -30.26 24.45
C GLU G 43 180.18 -31.70 24.18
N VAL G 44 181.17 -32.59 24.15
CA VAL G 44 180.95 -34.00 23.86
C VAL G 44 180.28 -34.67 25.06
N PRO G 45 179.52 -35.75 24.86
CA PRO G 45 178.85 -36.40 25.99
C PRO G 45 179.81 -36.93 27.05
N LYS G 46 181.00 -37.38 26.63
CA LYS G 46 182.06 -37.94 27.48
C LYS G 46 181.69 -39.30 28.08
N VAL G 47 180.48 -39.80 27.84
CA VAL G 47 180.07 -41.10 28.36
C VAL G 47 179.79 -42.02 27.19
N LEU G 48 178.84 -41.65 26.34
CA LEU G 48 178.49 -42.39 25.12
C LEU G 48 178.47 -41.41 23.96
N PRO G 49 179.65 -40.97 23.49
CA PRO G 49 179.68 -39.96 22.43
C PRO G 49 178.96 -40.38 21.17
N CYS G 50 179.02 -41.66 20.79
CA CYS G 50 178.36 -42.13 19.59
C CYS G 50 176.89 -42.45 19.82
N CYS G 51 176.41 -42.45 21.06
CA CYS G 51 175.03 -42.77 21.37
C CYS G 51 174.22 -41.59 21.90
N ARG G 52 174.87 -40.51 22.32
CA ARG G 52 174.20 -39.37 22.91
C ARG G 52 174.56 -38.11 22.13
N ARG G 53 173.57 -37.25 21.90
CA ARG G 53 173.81 -36.00 21.21
C ARG G 53 174.58 -35.03 22.11
N PRO G 54 175.46 -34.21 21.54
CA PRO G 54 176.29 -33.31 22.36
C PRO G 54 175.49 -32.18 22.98
N LYS G 55 176.16 -31.34 23.76
CA LYS G 55 175.53 -30.22 24.46
C LYS G 55 175.97 -28.91 23.81
N ILE G 56 175.01 -28.05 23.53
CA ILE G 56 175.26 -26.79 22.82
C ILE G 56 175.08 -25.63 23.78
N LYS G 57 176.07 -24.76 23.84
CA LYS G 57 176.09 -23.61 24.74
C LYS G 57 176.19 -22.34 23.91
N ARG G 58 175.33 -21.38 24.20
CA ARG G 58 175.35 -20.09 23.52
C ARG G 58 176.42 -19.19 24.12
N THR G 59 176.96 -18.30 23.29
CA THR G 59 177.96 -17.34 23.70
C THR G 59 177.60 -15.96 23.18
N PRO G 60 177.99 -14.91 23.89
CA PRO G 60 177.70 -13.54 23.43
C PRO G 60 178.80 -12.99 22.52
N TYR G 61 179.04 -13.70 21.41
CA TYR G 61 180.09 -13.32 20.48
C TYR G 61 179.60 -13.50 19.05
N THR G 62 180.10 -12.63 18.17
CA THR G 62 179.94 -12.78 16.73
C THR G 62 181.29 -13.10 16.09
N LEU G 63 181.25 -13.42 14.80
CA LEU G 63 182.47 -13.79 14.10
C LEU G 63 183.46 -12.64 14.07
N ASN G 64 182.97 -11.42 13.81
CA ASN G 64 183.87 -10.27 13.73
C ASN G 64 184.49 -9.96 15.08
N ASP G 65 183.74 -10.15 16.17
CA ASP G 65 184.31 -9.93 17.49
C ASP G 65 185.33 -11.01 17.84
N ILE G 66 185.04 -12.27 17.51
CA ILE G 66 185.95 -13.35 17.87
C ILE G 66 187.21 -13.32 17.03
N LEU G 67 187.14 -12.73 15.82
CA LEU G 67 188.27 -12.71 14.91
C LEU G 67 188.99 -11.37 14.95
N ASP G 68 190.32 -11.43 14.91
CA ASP G 68 191.10 -10.20 14.79
C ASP G 68 190.80 -9.49 13.47
N GLU G 69 190.70 -10.25 12.38
CA GLU G 69 190.40 -9.68 11.07
C GLU G 69 188.91 -9.79 10.78
N PRO G 70 188.22 -8.69 10.50
CA PRO G 70 186.78 -8.77 10.24
C PRO G 70 186.46 -9.44 8.91
N CYS G 71 185.23 -9.91 8.81
CA CYS G 71 184.70 -10.57 7.64
C CYS G 71 183.38 -9.91 7.24
N PRO G 72 183.00 -10.00 5.97
CA PRO G 72 181.68 -9.49 5.57
C PRO G 72 180.57 -10.21 6.32
N ASN G 73 179.51 -9.47 6.66
CA ASN G 73 178.46 -9.99 7.52
C ASN G 73 177.05 -9.70 7.01
N GLN G 74 176.90 -9.30 5.74
CA GLN G 74 175.58 -9.02 5.22
C GLN G 74 174.74 -10.29 5.16
N LEU G 75 173.43 -10.12 5.35
CA LEU G 75 172.50 -11.25 5.42
C LEU G 75 171.39 -11.08 4.39
N LYS G 76 170.63 -12.15 4.21
CA LYS G 76 169.45 -12.15 3.34
C LYS G 76 168.48 -13.19 3.86
N SER G 77 167.20 -12.97 3.58
CA SER G 77 166.14 -13.84 4.05
C SER G 77 165.20 -14.20 2.90
N SER G 78 164.63 -15.39 3.00
CA SER G 78 163.69 -15.88 1.99
C SER G 78 162.73 -16.87 2.63
N ASP G 79 161.56 -17.02 2.02
CA ASP G 79 160.53 -17.87 2.61
C ASP G 79 160.96 -19.34 2.60
N LEU G 80 160.54 -20.05 3.65
CA LEU G 80 160.87 -21.47 3.79
C LEU G 80 159.65 -22.37 3.78
N VAL G 81 158.65 -22.09 4.63
CA VAL G 81 157.45 -22.91 4.72
C VAL G 81 156.33 -22.03 5.26
N THR G 82 155.09 -22.46 5.03
CA THR G 82 153.91 -21.69 5.42
C THR G 82 152.87 -22.65 5.98
N PHE G 83 152.54 -22.48 7.26
CA PHE G 83 151.49 -23.27 7.91
C PHE G 83 150.17 -22.54 7.71
N THR G 84 149.37 -22.99 6.74
CA THR G 84 148.14 -22.29 6.41
C THR G 84 147.13 -22.36 7.55
N GLU G 85 147.06 -23.50 8.24
CA GLU G 85 146.11 -23.67 9.32
C GLU G 85 146.83 -24.12 10.58
N PRO G 86 146.29 -23.81 11.75
CA PRO G 86 146.97 -24.16 13.00
C PRO G 86 147.07 -25.67 13.18
N LEU G 87 148.19 -26.09 13.76
CA LEU G 87 148.35 -27.48 14.19
C LEU G 87 147.50 -27.70 15.43
N VAL G 88 146.53 -28.61 15.32
CA VAL G 88 145.55 -28.86 16.39
C VAL G 88 145.72 -30.30 16.85
N SER G 89 145.78 -30.49 18.17
CA SER G 89 145.91 -31.81 18.76
C SER G 89 144.91 -31.97 19.90
N ASN G 90 144.27 -33.14 19.95
CA ASN G 90 143.30 -33.45 20.99
C ASN G 90 143.61 -34.84 21.54
N VAL G 91 143.61 -34.96 22.86
CA VAL G 91 143.76 -36.23 23.56
C VAL G 91 142.67 -36.33 24.60
N LYS G 92 141.99 -37.47 24.66
CA LYS G 92 140.90 -37.67 25.61
C LYS G 92 140.98 -39.09 26.13
N ALA G 93 141.27 -39.24 27.42
CA ALA G 93 141.39 -40.55 28.05
C ALA G 93 140.40 -40.65 29.20
N SER G 94 139.89 -41.86 29.43
CA SER G 94 138.97 -42.11 30.53
C SER G 94 139.08 -43.58 30.91
N SER G 95 139.23 -43.84 32.21
CA SER G 95 139.42 -45.20 32.70
C SER G 95 138.70 -45.37 34.03
N SER G 96 138.37 -46.63 34.33
CA SER G 96 137.72 -46.98 35.59
C SER G 96 138.19 -48.35 36.04
N ILE G 97 138.38 -48.50 37.34
CA ILE G 97 138.86 -49.74 37.94
C ILE G 97 137.93 -50.11 39.09
N GLY G 98 137.56 -51.39 39.16
CA GLY G 98 136.75 -51.88 40.26
C GLY G 98 137.29 -53.18 40.83
N LEU G 99 137.65 -53.17 42.11
CA LEU G 99 138.22 -54.33 42.78
C LEU G 99 137.30 -54.73 43.93
N GLN G 100 137.02 -56.03 44.03
CA GLN G 100 136.22 -56.56 45.12
C GLN G 100 136.87 -57.83 45.67
N ILE G 101 137.03 -57.88 46.98
CA ILE G 101 137.52 -59.07 47.67
C ILE G 101 136.40 -59.51 48.61
N LEU G 102 135.64 -60.52 48.19
CA LEU G 102 134.56 -61.13 48.96
C LEU G 102 133.59 -60.03 49.37
N LYS G 103 133.15 -59.98 50.62
CA LYS G 103 132.40 -58.84 51.15
C LYS G 103 133.24 -58.03 52.14
N HIS G 104 134.58 -58.13 52.02
CA HIS G 104 135.50 -57.46 52.93
C HIS G 104 136.18 -56.25 52.31
N PHE G 105 136.45 -56.26 51.01
CA PHE G 105 137.11 -55.13 50.38
C PHE G 105 136.34 -54.74 49.12
N ASP G 106 136.17 -53.44 48.91
CA ASP G 106 135.46 -52.95 47.72
C ASP G 106 136.00 -51.57 47.36
N SER G 107 136.77 -51.47 46.29
CA SER G 107 137.34 -50.21 45.86
C SER G 107 136.90 -49.89 44.44
N GLY G 108 136.52 -48.64 44.21
CA GLY G 108 136.18 -48.18 42.88
C GLY G 108 136.85 -46.86 42.55
N ALA G 109 137.69 -46.85 41.53
CA ALA G 109 138.42 -45.66 41.12
C ALA G 109 138.08 -45.33 39.68
N LYS G 110 138.23 -44.06 39.33
CA LYS G 110 138.00 -43.64 37.95
C LYS G 110 138.76 -42.35 37.70
N GLY G 111 139.19 -42.17 36.45
CA GLY G 111 139.94 -40.99 36.08
C GLY G 111 139.62 -40.59 34.65
N SER G 112 139.80 -39.31 34.37
CA SER G 112 139.58 -38.80 33.03
C SER G 112 140.52 -37.62 32.78
N LYS G 113 140.86 -37.42 31.51
CA LYS G 113 141.78 -36.37 31.12
C LYS G 113 141.43 -35.89 29.72
N ASN G 114 141.46 -34.57 29.53
CA ASN G 114 141.19 -33.94 28.24
C ASN G 114 142.25 -32.87 28.01
N PHE G 115 143.01 -33.02 26.93
CA PHE G 115 144.15 -32.18 26.63
C PHE G 115 144.02 -31.65 25.20
N ILE G 116 144.10 -30.33 25.03
CA ILE G 116 143.91 -29.69 23.74
C ILE G 116 145.06 -28.73 23.49
N THR G 117 145.63 -28.78 22.28
CA THR G 117 146.75 -27.92 21.92
C THR G 117 146.50 -27.32 20.54
N SER G 118 146.90 -26.06 20.37
CA SER G 118 146.79 -25.37 19.09
C SER G 118 148.00 -24.48 18.90
N ALA G 119 148.67 -24.61 17.76
CA ALA G 119 149.84 -23.79 17.45
C ALA G 119 149.67 -23.16 16.07
N SER G 120 149.79 -21.84 16.01
CA SER G 120 149.67 -21.09 14.76
C SER G 120 150.99 -20.36 14.55
N LEU G 121 151.83 -20.90 13.66
CA LEU G 121 153.14 -20.34 13.38
C LEU G 121 153.15 -19.42 12.17
N GLY G 122 152.05 -19.36 11.41
CA GLY G 122 152.02 -18.46 10.27
C GLY G 122 153.05 -18.85 9.22
N THR G 123 153.90 -17.89 8.86
CA THR G 123 154.94 -18.08 7.85
C THR G 123 156.29 -18.11 8.52
N VAL G 124 157.14 -19.04 8.11
CA VAL G 124 158.50 -19.18 8.62
C VAL G 124 159.47 -18.86 7.49
N VAL G 125 160.42 -17.97 7.75
CA VAL G 125 161.42 -17.59 6.78
C VAL G 125 162.78 -18.09 7.27
N LYS G 126 163.75 -18.10 6.36
CA LYS G 126 165.11 -18.50 6.65
C LYS G 126 166.05 -17.35 6.33
N ALA G 127 166.95 -17.07 7.26
CA ALA G 127 167.92 -16.00 7.13
C ALA G 127 169.32 -16.59 7.15
N GLU G 128 170.17 -16.10 6.25
CA GLU G 128 171.51 -16.63 6.07
C GLU G 128 172.37 -15.60 5.38
N THR G 129 173.69 -15.79 5.49
CA THR G 129 174.63 -14.89 4.84
C THR G 129 174.43 -14.88 3.33
N ILE G 130 174.62 -13.71 2.73
CA ILE G 130 174.45 -13.59 1.27
C ILE G 130 175.45 -14.48 0.55
N ASP G 131 176.71 -14.46 0.99
CA ASP G 131 177.75 -15.30 0.41
C ASP G 131 178.52 -15.96 1.54
N ILE G 132 178.46 -17.29 1.61
CA ILE G 132 179.15 -18.03 2.65
C ILE G 132 180.58 -18.37 2.26
N THR G 133 180.86 -18.49 0.96
CA THR G 133 182.21 -18.83 0.52
C THR G 133 183.21 -17.75 0.91
N LYS G 134 182.84 -16.47 0.76
CA LYS G 134 183.73 -15.39 1.16
C LYS G 134 183.98 -15.43 2.66
N VAL G 135 182.94 -15.66 3.46
CA VAL G 135 183.08 -15.73 4.91
C VAL G 135 184.03 -16.87 5.28
N LEU G 136 183.85 -18.02 4.64
CA LEU G 136 184.73 -19.16 4.93
C LEU G 136 186.18 -18.86 4.57
N ALA G 137 186.39 -18.24 3.40
CA ALA G 137 187.75 -17.92 2.99
C ALA G 137 188.41 -16.97 3.98
N LYS G 138 187.70 -15.90 4.35
CA LYS G 138 188.25 -14.94 5.30
C LYS G 138 188.52 -15.59 6.65
N VAL G 139 187.62 -16.47 7.11
CA VAL G 139 187.85 -17.17 8.37
C VAL G 139 189.14 -17.97 8.29
N ARG G 140 189.30 -18.73 7.22
CA ARG G 140 190.48 -19.57 7.07
C ARG G 140 191.76 -18.73 7.03
N THR G 141 191.69 -17.54 6.43
CA THR G 141 192.87 -16.69 6.34
C THR G 141 193.00 -15.72 7.51
N ALA G 142 192.09 -15.75 8.47
CA ALA G 142 192.08 -14.80 9.58
C ALA G 142 192.41 -15.49 10.89
N LYS G 143 193.05 -14.76 11.79
CA LYS G 143 193.40 -15.26 13.12
C LYS G 143 192.42 -14.77 14.18
N ALA G 144 192.19 -15.60 15.19
CA ALA G 144 191.27 -15.26 16.27
C ALA G 144 191.87 -14.18 17.17
N LYS G 145 191.02 -13.65 18.04
CA LYS G 145 191.44 -12.60 18.96
C LYS G 145 192.28 -13.19 20.09
N VAL G 146 193.53 -12.72 20.20
CA VAL G 146 194.41 -13.21 21.26
C VAL G 146 193.86 -12.84 22.64
N GLU G 147 193.29 -11.65 22.76
CA GLU G 147 192.73 -11.22 24.05
C GLU G 147 191.61 -12.13 24.51
N ASN G 148 190.79 -12.64 23.59
CA ASN G 148 189.63 -13.44 23.96
C ASN G 148 190.04 -14.66 24.78
N ASP G 149 189.30 -14.91 25.86
CA ASP G 149 189.57 -16.04 26.76
C ASP G 149 188.87 -17.32 26.31
N LEU G 150 187.67 -17.18 25.75
CA LEU G 150 186.91 -18.35 25.28
C LEU G 150 187.71 -19.16 24.27
N VAL G 151 188.33 -18.48 23.30
CA VAL G 151 189.11 -19.17 22.28
C VAL G 151 190.24 -19.97 22.93
N SER G 152 190.95 -19.35 23.86
CA SER G 152 192.04 -20.03 24.54
C SER G 152 191.53 -21.24 25.32
N ARG G 153 190.41 -21.08 26.01
CA ARG G 153 189.82 -22.21 26.73
C ARG G 153 189.53 -23.37 25.79
N VAL G 154 188.85 -23.08 24.67
CA VAL G 154 188.52 -24.13 23.71
C VAL G 154 189.77 -24.75 23.12
N MET G 155 190.81 -23.95 22.90
CA MET G 155 192.07 -24.47 22.36
C MET G 155 192.72 -25.44 23.34
N LYS G 156 192.78 -25.07 24.62
CA LYS G 156 193.46 -25.92 25.59
C LYS G 156 192.65 -27.17 25.91
N THR G 157 191.32 -27.06 25.93
CA THR G 157 190.49 -28.22 26.21
C THR G 157 190.29 -29.03 24.92
N LYS G 158 190.03 -30.32 25.11
CA LYS G 158 189.82 -31.24 23.99
C LYS G 158 188.36 -31.54 23.73
N ARG G 159 187.50 -31.48 24.74
CA ARG G 159 186.08 -31.75 24.53
C ARG G 159 185.39 -30.60 23.80
N LEU G 160 185.73 -29.36 24.17
CA LEU G 160 185.06 -28.21 23.62
C LEU G 160 185.38 -28.00 22.15
N CYS G 161 184.36 -27.63 21.37
CA CYS G 161 184.53 -27.29 19.97
C CYS G 161 183.75 -26.02 19.67
N LEU G 162 184.19 -25.29 18.64
CA LEU G 162 183.53 -24.05 18.24
C LEU G 162 182.66 -24.28 17.01
N GLY G 163 181.53 -23.59 16.96
CA GLY G 163 180.64 -23.69 15.83
C GLY G 163 180.08 -22.35 15.39
N LEU G 164 180.09 -22.09 14.09
CA LEU G 164 179.57 -20.85 13.53
C LEU G 164 178.18 -21.13 12.95
N VAL G 165 177.19 -20.37 13.42
CA VAL G 165 175.82 -20.54 12.94
C VAL G 165 175.69 -19.87 11.57
N VAL G 166 175.10 -20.60 10.62
CA VAL G 166 175.07 -20.14 9.23
C VAL G 166 173.66 -19.92 8.70
N GLU G 167 172.63 -20.50 9.30
CA GLU G 167 171.27 -20.28 8.83
C GLU G 167 170.30 -20.40 10.00
N THR G 168 169.24 -19.60 9.98
CA THR G 168 168.29 -19.58 11.07
C THR G 168 166.87 -19.46 10.55
N ALA G 169 165.94 -20.20 11.15
CA ALA G 169 164.53 -20.15 10.79
C ALA G 169 163.79 -19.29 11.80
N CYS G 170 163.10 -18.27 11.32
CA CYS G 170 162.42 -17.29 12.17
C CYS G 170 161.00 -17.06 11.68
N VAL G 171 160.10 -16.81 12.62
CA VAL G 171 158.71 -16.54 12.28
C VAL G 171 158.60 -15.12 11.71
N ALA G 172 157.91 -15.00 10.57
CA ALA G 172 157.74 -13.68 9.96
C ALA G 172 156.78 -12.81 10.75
N ALA G 173 155.71 -13.41 11.27
CA ALA G 173 154.70 -12.68 12.02
C ALA G 173 154.53 -13.31 13.40
N ALA G 174 153.62 -12.75 14.18
CA ALA G 174 153.38 -13.24 15.53
C ALA G 174 152.82 -14.66 15.51
N GLY G 175 153.28 -15.49 16.43
CA GLY G 175 152.85 -16.88 16.54
C GLY G 175 152.08 -17.11 17.82
N LYS G 176 150.99 -17.85 17.72
CA LYS G 176 150.07 -18.04 18.84
C LYS G 176 150.08 -19.50 19.30
N LEU G 177 150.25 -19.70 20.61
CA LEU G 177 150.29 -21.03 21.19
C LEU G 177 149.28 -21.12 22.30
N THR G 178 148.33 -22.07 22.20
CA THR G 178 147.26 -22.22 23.17
C THR G 178 147.20 -23.67 23.66
N GLU G 179 147.00 -23.84 24.97
CA GLU G 179 146.92 -25.16 25.58
C GLU G 179 145.83 -25.16 26.65
N ALA G 180 145.03 -26.22 26.68
CA ALA G 180 143.98 -26.40 27.67
C ALA G 180 144.05 -27.81 28.24
N ASP G 181 143.93 -27.91 29.56
CA ASP G 181 144.01 -29.18 30.27
C ASP G 181 142.86 -29.27 31.27
N ASN G 182 142.18 -30.42 31.31
CA ASN G 182 141.12 -30.66 32.28
C ASN G 182 141.19 -32.12 32.68
N TRP G 183 141.57 -32.41 33.92
CA TRP G 183 141.62 -33.81 34.35
C TRP G 183 140.97 -33.97 35.72
N GLU G 184 140.50 -35.18 35.99
CA GLU G 184 139.67 -35.45 37.15
C GLU G 184 139.91 -36.87 37.65
N ILE G 185 139.92 -37.02 38.98
CA ILE G 185 140.10 -38.30 39.65
C ILE G 185 139.02 -38.45 40.70
N SER G 186 138.36 -39.62 40.72
CA SER G 186 137.35 -39.92 41.73
C SER G 186 137.58 -41.34 42.25
N GLY G 187 137.86 -41.47 43.53
CA GLY G 187 138.14 -42.76 44.12
C GLY G 187 137.32 -43.00 45.36
N HIS G 188 137.04 -44.28 45.61
CA HIS G 188 136.23 -44.71 46.74
C HIS G 188 136.74 -46.04 47.26
N THR G 189 136.76 -46.19 48.59
CA THR G 189 137.28 -47.38 49.24
C THR G 189 136.33 -47.78 50.36
N ASN G 190 136.03 -49.07 50.46
CA ASN G 190 135.17 -49.60 51.51
C ASN G 190 135.83 -50.86 52.07
N ALA G 191 136.31 -50.79 53.30
CA ALA G 191 136.90 -51.91 54.00
C ALA G 191 135.93 -52.34 55.09
N ASN G 192 135.24 -53.45 54.88
CA ASN G 192 134.27 -53.99 55.83
C ASN G 192 134.91 -55.16 56.56
N ILE G 193 134.96 -55.07 57.89
CA ILE G 193 135.48 -56.13 58.74
C ILE G 193 134.44 -56.42 59.80
N GLY G 194 134.57 -57.58 60.45
CA GLY G 194 133.60 -57.98 61.45
C GLY G 194 133.40 -56.97 62.56
N GLU G 195 134.46 -56.27 62.95
CA GLU G 195 134.39 -55.27 64.00
C GLU G 195 134.81 -53.88 63.55
N ALA G 196 135.01 -53.67 62.25
CA ALA G 196 135.43 -52.36 61.75
C ALA G 196 134.85 -52.13 60.37
N VAL G 197 134.39 -50.90 60.13
CA VAL G 197 133.88 -50.47 58.83
C VAL G 197 134.52 -49.14 58.50
N VAL G 198 135.22 -49.08 57.35
CA VAL G 198 135.88 -47.87 56.89
C VAL G 198 135.35 -47.53 55.50
N THR G 199 134.92 -46.29 55.31
CA THR G 199 134.40 -45.82 54.03
C THR G 199 135.05 -44.49 53.70
N ALA G 200 135.95 -44.50 52.72
CA ALA G 200 136.68 -43.31 52.31
C ALA G 200 136.33 -42.95 50.88
N THR G 201 136.34 -41.64 50.59
CA THR G 201 136.01 -41.14 49.26
C THR G 201 136.83 -39.88 49.00
N ALA G 202 137.31 -39.74 47.77
CA ALA G 202 138.11 -38.57 47.41
C ALA G 202 137.86 -38.19 45.96
N GLU G 203 137.53 -36.93 45.73
CA GLU G 203 137.30 -36.41 44.38
C GLU G 203 138.13 -35.15 44.19
N LEU G 204 138.76 -35.04 43.02
CA LEU G 204 139.47 -33.81 42.70
C LEU G 204 139.50 -33.63 41.18
N ASP G 205 139.72 -32.39 40.76
CA ASP G 205 139.79 -32.08 39.33
C ASP G 205 140.53 -30.77 39.15
N LYS G 206 141.42 -30.73 38.17
CA LYS G 206 142.24 -29.57 37.88
C LYS G 206 141.99 -29.11 36.45
N ASN G 207 141.92 -27.79 36.27
CA ASN G 207 141.72 -27.16 34.98
C ASN G 207 142.78 -26.08 34.79
N LEU G 208 143.46 -26.11 33.65
CA LEU G 208 144.49 -25.14 33.32
C LEU G 208 144.32 -24.66 31.87
N SER G 209 144.76 -23.44 31.62
CA SER G 209 144.74 -22.89 30.27
C SER G 209 145.85 -21.87 30.13
N ARG G 210 146.71 -22.05 29.14
CA ARG G 210 147.85 -21.17 28.90
C ARG G 210 147.85 -20.72 27.45
N LYS G 211 147.91 -19.40 27.22
CA LYS G 211 147.89 -18.85 25.87
C LYS G 211 148.96 -17.77 25.77
N ILE G 212 149.90 -17.95 24.84
CA ILE G 212 151.00 -17.01 24.66
C ILE G 212 151.13 -16.67 23.18
N GLU G 213 151.91 -15.62 22.90
CA GLU G 213 152.12 -15.13 21.55
C GLU G 213 153.55 -14.66 21.39
N ILE G 214 154.36 -15.42 20.67
CA ILE G 214 155.74 -15.03 20.38
C ILE G 214 155.76 -13.94 19.32
N PRO G 215 156.63 -12.94 19.44
CA PRO G 215 156.62 -11.83 18.49
C PRO G 215 157.36 -12.18 17.22
N PRO G 216 157.20 -11.38 16.16
CA PRO G 216 157.94 -11.63 14.93
C PRO G 216 159.45 -11.56 15.15
N GLY G 217 160.17 -12.41 14.43
CA GLY G 217 161.62 -12.47 14.51
C GLY G 217 162.17 -13.51 15.45
N THR G 218 161.33 -14.18 16.22
CA THR G 218 161.79 -15.20 17.14
C THR G 218 162.38 -16.38 16.38
N ALA G 219 163.59 -16.78 16.75
CA ALA G 219 164.25 -17.90 16.08
C ALA G 219 163.64 -19.22 16.53
N LEU G 220 163.58 -20.17 15.60
CA LEU G 220 163.05 -21.51 15.88
C LEU G 220 164.09 -22.60 15.80
N ALA G 221 164.97 -22.58 14.80
CA ALA G 221 165.96 -23.63 14.61
C ALA G 221 167.14 -23.06 13.84
N TYR G 222 168.25 -23.80 13.86
CA TYR G 222 169.48 -23.31 13.27
C TYR G 222 170.36 -24.48 12.85
N SER G 223 171.35 -24.17 12.02
CA SER G 223 172.38 -25.11 11.62
C SER G 223 173.72 -24.41 11.70
N PHE G 224 174.77 -25.17 12.00
CA PHE G 224 176.08 -24.57 12.23
C PHE G 224 177.17 -25.43 11.61
N MET G 225 178.33 -24.80 11.41
CA MET G 225 179.51 -25.44 10.86
C MET G 225 180.63 -25.43 11.90
N ASP G 226 181.36 -26.54 11.99
CA ASP G 226 182.39 -26.67 13.01
C ASP G 226 183.64 -25.88 12.65
N LEU G 227 184.46 -25.60 13.67
CA LEU G 227 185.71 -24.87 13.51
C LEU G 227 186.80 -25.57 14.32
N GLU G 228 188.03 -25.13 14.11
CA GLU G 228 189.18 -25.70 14.80
C GLU G 228 190.24 -24.63 14.97
N ILE G 229 190.70 -24.45 16.21
CA ILE G 229 191.75 -23.49 16.53
C ILE G 229 193.10 -24.13 16.23
N LEU G 230 193.91 -23.48 15.39
CA LEU G 230 195.27 -23.95 15.16
C LEU G 230 196.13 -23.68 16.41
N GLU G 231 197.40 -24.08 16.34
CA GLU G 231 198.35 -23.74 17.39
C GLU G 231 198.39 -22.23 17.60
N ASP G 232 198.46 -21.47 16.50
CA ASP G 232 198.33 -20.03 16.56
C ASP G 232 196.86 -19.63 16.70
N ARG G 233 196.60 -18.33 16.66
CA ARG G 233 195.23 -17.84 16.69
C ARG G 233 194.46 -18.15 15.40
N SER G 234 195.12 -18.69 14.38
CA SER G 234 194.45 -19.01 13.13
C SER G 234 193.32 -20.02 13.35
N LEU G 235 192.29 -19.89 12.52
CA LEU G 235 191.13 -20.77 12.57
C LEU G 235 190.99 -21.54 11.26
N ARG G 236 190.49 -22.77 11.36
CA ARG G 236 190.27 -23.62 10.21
C ARG G 236 188.88 -24.22 10.29
N VAL G 237 188.36 -24.65 9.15
CA VAL G 237 187.05 -25.29 9.11
C VAL G 237 187.25 -26.79 9.02
N SER G 238 186.39 -27.54 9.70
CA SER G 238 186.50 -28.98 9.78
C SER G 238 185.21 -29.64 9.31
N SER G 239 185.35 -30.74 8.57
CA SER G 239 184.20 -31.44 8.00
C SER G 239 184.28 -32.92 8.38
N SER G 240 183.30 -33.38 9.14
CA SER G 240 183.18 -34.80 9.45
C SER G 240 182.59 -35.52 8.24
N ALA G 241 183.43 -36.29 7.55
CA ALA G 241 183.05 -36.98 6.31
C ALA G 241 182.53 -36.00 5.26
N GLY G 242 183.07 -34.77 5.26
CA GLY G 242 182.69 -33.77 4.30
C GLY G 242 181.30 -33.20 4.49
N ALA G 243 180.72 -33.34 5.68
CA ALA G 243 179.36 -32.84 5.90
C ALA G 243 179.30 -31.32 5.83
N MET G 244 180.17 -30.65 6.59
CA MET G 244 180.20 -29.19 6.71
C MET G 244 178.86 -28.62 7.17
N PHE G 245 178.00 -29.46 7.75
CA PHE G 245 176.72 -29.00 8.28
C PHE G 245 176.39 -29.90 9.46
N ASP G 246 176.63 -29.40 10.67
CA ASP G 246 176.45 -30.19 11.87
C ASP G 246 175.11 -29.87 12.51
N SER G 247 174.34 -30.91 12.82
CA SER G 247 173.03 -30.77 13.44
C SER G 247 173.04 -31.21 14.90
N GLY G 248 174.21 -31.28 15.52
CA GLY G 248 174.30 -31.75 16.89
C GLY G 248 173.85 -33.19 17.06
N LYS G 249 174.20 -34.04 16.09
CA LYS G 249 173.81 -35.45 16.11
C LYS G 249 174.97 -36.32 16.54
N ALA G 250 174.64 -37.46 17.15
CA ALA G 250 175.66 -38.41 17.55
C ALA G 250 176.33 -39.03 16.33
N GLU G 251 177.60 -39.41 16.49
CA GLU G 251 178.34 -40.00 15.39
C GLU G 251 177.71 -41.31 14.94
N SER G 252 177.28 -42.14 15.89
CA SER G 252 176.64 -43.43 15.60
C SER G 252 177.51 -44.32 14.74
CA ARG H 3 156.61 -40.16 7.96
C ARG H 3 156.24 -38.71 7.62
N PRO H 4 157.26 -37.87 7.43
CA PRO H 4 156.99 -36.47 7.08
C PRO H 4 156.21 -36.35 5.79
N MET H 5 155.31 -35.36 5.76
CA MET H 5 154.50 -35.15 4.56
C MET H 5 155.36 -34.79 3.37
N PHE H 6 156.40 -33.98 3.57
CA PHE H 6 157.28 -33.62 2.47
C PHE H 6 157.96 -34.86 1.90
N ALA H 7 158.45 -35.75 2.77
CA ALA H 7 159.09 -36.97 2.28
C ALA H 7 158.10 -37.85 1.55
N VAL H 8 156.87 -37.97 2.06
CA VAL H 8 155.86 -38.78 1.39
C VAL H 8 155.55 -38.21 0.01
N ALA H 9 155.38 -36.89 -0.09
CA ALA H 9 155.09 -36.28 -1.36
C ALA H 9 156.25 -36.43 -2.34
N VAL H 10 157.48 -36.32 -1.84
CA VAL H 10 158.65 -36.50 -2.69
C VAL H 10 158.69 -37.93 -3.23
N ASN H 11 158.41 -38.91 -2.37
CA ASN H 11 158.38 -40.30 -2.84
C ASN H 11 157.28 -40.52 -3.87
N GLU H 12 156.10 -39.94 -3.64
CA GLU H 12 155.02 -40.07 -4.61
C GLU H 12 155.40 -39.47 -5.96
N PHE H 13 155.99 -38.29 -5.94
CA PHE H 13 156.40 -37.64 -7.18
C PHE H 13 157.47 -38.45 -7.90
N ILE H 14 158.47 -38.92 -7.16
CA ILE H 14 159.56 -39.65 -7.80
C ILE H 14 159.08 -40.99 -8.34
N ARG H 15 158.09 -41.60 -7.71
CA ARG H 15 157.51 -42.82 -8.26
C ARG H 15 156.71 -42.53 -9.52
N SER H 16 155.85 -41.51 -9.49
CA SER H 16 155.01 -41.21 -10.64
C SER H 16 155.84 -40.81 -11.84
N ALA H 17 156.86 -39.98 -11.63
CA ALA H 17 157.73 -39.52 -12.71
C ALA H 17 159.18 -39.67 -12.28
N GLY H 18 160.02 -40.18 -13.18
CA GLY H 18 161.44 -40.31 -12.90
C GLY H 18 161.78 -41.28 -11.80
N GLN H 19 161.19 -42.48 -11.84
CA GLN H 19 161.52 -43.49 -10.83
C GLN H 19 162.98 -43.88 -10.89
N ASP H 20 163.60 -43.76 -12.06
CA ASP H 20 165.02 -44.03 -12.24
C ASP H 20 165.76 -42.71 -12.48
N SER H 21 167.03 -42.71 -12.09
CA SER H 21 167.91 -41.55 -12.27
C SER H 21 167.35 -40.30 -11.59
N LEU H 22 166.96 -40.46 -10.33
CA LEU H 22 166.42 -39.34 -9.56
C LEU H 22 166.58 -39.64 -8.08
N CYS H 23 167.01 -38.65 -7.31
CA CYS H 23 167.26 -38.78 -5.88
C CYS H 23 166.32 -37.84 -5.13
N GLY H 24 165.64 -38.38 -4.12
CA GLY H 24 164.75 -37.57 -3.32
C GLY H 24 165.50 -36.55 -2.48
N VAL H 25 164.80 -35.48 -2.13
CA VAL H 25 165.35 -34.41 -1.30
C VAL H 25 165.10 -34.74 0.17
N PRO H 26 166.11 -34.68 1.03
CA PRO H 26 165.90 -35.09 2.43
C PRO H 26 164.91 -34.24 3.18
N ASP H 27 164.96 -32.91 3.05
CA ASP H 27 164.06 -32.06 3.80
C ASP H 27 163.94 -30.71 3.12
N ILE H 28 162.91 -29.96 3.54
CA ILE H 28 162.64 -28.65 2.93
C ILE H 28 163.80 -27.70 3.15
N ASN H 29 164.38 -27.73 4.35
CA ASN H 29 165.47 -26.80 4.67
C ASN H 29 166.66 -27.01 3.75
N SER H 30 167.03 -28.26 3.51
CA SER H 30 168.17 -28.59 2.66
C SER H 30 167.81 -28.73 1.20
N SER H 31 166.54 -28.52 0.84
CA SER H 31 166.15 -28.60 -0.57
C SER H 31 166.89 -27.58 -1.41
N GLY H 32 167.15 -26.39 -0.87
CA GLY H 32 167.78 -25.34 -1.65
C GLY H 32 169.25 -25.56 -1.93
N ASP H 33 169.87 -26.56 -1.32
CA ASP H 33 171.28 -26.84 -1.53
C ASP H 33 171.52 -27.85 -2.65
N PHE H 34 170.47 -28.30 -3.34
CA PHE H 34 170.58 -29.28 -4.41
C PHE H 34 170.18 -28.70 -5.76
N MET H 35 170.44 -27.41 -5.96
CA MET H 35 170.25 -26.78 -7.24
C MET H 35 171.36 -27.17 -8.20
N PRO H 36 171.16 -26.99 -9.51
CA PRO H 36 172.19 -27.39 -10.48
C PRO H 36 173.51 -26.68 -10.24
N LEU H 37 174.60 -27.38 -10.57
CA LEU H 37 175.96 -26.89 -10.40
C LEU H 37 176.32 -26.73 -8.92
N HIS H 38 175.98 -27.74 -8.14
CA HIS H 38 176.33 -27.80 -6.72
C HIS H 38 177.14 -29.07 -6.46
N ILE H 39 178.10 -28.96 -5.55
CA ILE H 39 178.96 -30.08 -5.18
C ILE H 39 178.34 -30.82 -4.00
N ILE H 40 178.30 -32.15 -4.08
CA ILE H 40 177.84 -33.00 -2.99
C ILE H 40 178.88 -34.09 -2.76
N VAL H 41 178.83 -34.68 -1.57
CA VAL H 41 179.76 -35.72 -1.17
C VAL H 41 179.00 -37.03 -1.02
N LYS H 42 179.55 -38.10 -1.57
CA LYS H 42 178.96 -39.43 -1.49
C LYS H 42 179.85 -40.34 -0.66
N GLU H 43 179.24 -41.03 0.30
CA GLU H 43 179.92 -41.94 1.21
C GLU H 43 179.40 -43.34 0.98
N VAL H 44 180.32 -44.29 0.82
CA VAL H 44 179.98 -45.69 0.56
C VAL H 44 179.41 -46.32 1.84
N PRO H 45 178.56 -47.35 1.73
CA PRO H 45 178.01 -47.97 2.93
C PRO H 45 179.05 -48.57 3.85
N LYS H 46 180.15 -49.10 3.29
CA LYS H 46 181.27 -49.73 3.99
C LYS H 46 180.90 -51.06 4.63
N VAL H 47 179.64 -51.48 4.55
CA VAL H 47 179.21 -52.77 5.11
C VAL H 47 178.72 -53.66 3.97
N LEU H 48 177.70 -53.20 3.26
CA LEU H 48 177.15 -53.92 2.10
C LEU H 48 177.05 -52.92 0.96
N PRO H 49 178.18 -52.56 0.33
CA PRO H 49 178.15 -51.54 -0.71
C PRO H 49 177.24 -51.89 -1.88
N CYS H 50 177.18 -53.17 -2.26
CA CYS H 50 176.33 -53.59 -3.37
C CYS H 50 174.89 -53.81 -2.96
N CYS H 51 174.58 -53.79 -1.67
CA CYS H 51 173.23 -54.03 -1.19
C CYS H 51 172.57 -52.81 -0.55
N ARG H 52 173.34 -51.78 -0.22
CA ARG H 52 172.82 -50.60 0.46
C ARG H 52 173.16 -49.36 -0.36
N ARG H 53 172.21 -48.43 -0.45
CA ARG H 53 172.44 -47.19 -1.17
C ARG H 53 173.38 -46.28 -0.37
N PRO H 54 174.24 -45.52 -1.05
CA PRO H 54 175.21 -44.68 -0.34
C PRO H 54 174.57 -43.51 0.38
N LYS H 55 175.39 -42.72 1.08
CA LYS H 55 174.93 -41.57 1.86
C LYS H 55 175.36 -40.29 1.16
N ILE H 56 174.43 -39.36 1.01
CA ILE H 56 174.67 -38.12 0.27
C ILE H 56 174.68 -36.96 1.25
N LYS H 57 175.74 -36.15 1.19
CA LYS H 57 175.94 -35.02 2.08
C LYS H 57 176.03 -33.75 1.25
N ARG H 58 175.26 -32.74 1.66
CA ARG H 58 175.29 -31.44 0.97
C ARG H 58 176.47 -30.62 1.43
N THR H 59 176.96 -29.76 0.55
CA THR H 59 178.07 -28.87 0.84
C THR H 59 177.74 -27.46 0.37
N PRO H 60 178.28 -26.44 1.03
CA PRO H 60 178.02 -25.05 0.62
C PRO H 60 179.02 -24.57 -0.44
N TYR H 61 179.08 -25.27 -1.56
CA TYR H 61 180.02 -24.95 -2.62
C TYR H 61 179.34 -25.08 -3.97
N THR H 62 179.79 -24.24 -4.91
CA THR H 62 179.43 -24.36 -6.31
C THR H 62 180.67 -24.76 -7.11
N LEU H 63 180.44 -25.06 -8.39
CA LEU H 63 181.53 -25.50 -9.24
C LEU H 63 182.59 -24.41 -9.39
N ASN H 64 182.16 -23.17 -9.60
CA ASN H 64 183.11 -22.07 -9.78
C ASN H 64 183.92 -21.82 -8.52
N ASP H 65 183.30 -21.98 -7.35
CA ASP H 65 184.03 -21.81 -6.11
C ASP H 65 185.02 -22.95 -5.89
N ILE H 66 184.62 -24.19 -6.19
CA ILE H 66 185.49 -25.32 -5.95
C ILE H 66 186.63 -25.37 -6.95
N LEU H 67 186.45 -24.76 -8.13
CA LEU H 67 187.45 -24.81 -9.19
C LEU H 67 188.25 -23.52 -9.23
N ASP H 68 189.56 -23.65 -9.44
CA ASP H 68 190.40 -22.48 -9.66
C ASP H 68 189.99 -21.74 -10.93
N GLU H 69 189.69 -22.47 -11.99
CA GLU H 69 189.27 -21.87 -13.25
C GLU H 69 187.75 -21.88 -13.34
N PRO H 70 187.10 -20.73 -13.54
CA PRO H 70 185.64 -20.72 -13.61
C PRO H 70 185.12 -21.35 -14.89
N CYS H 71 183.85 -21.74 -14.84
CA CYS H 71 183.12 -22.36 -15.93
C CYS H 71 181.83 -21.61 -16.16
N PRO H 72 181.28 -21.66 -17.37
CA PRO H 72 179.95 -21.06 -17.59
C PRO H 72 178.91 -21.72 -16.71
N ASN H 73 177.95 -20.92 -16.24
CA ASN H 73 176.99 -21.37 -15.25
C ASN H 73 175.55 -21.00 -15.58
N GLN H 74 175.26 -20.57 -16.81
CA GLN H 74 173.90 -20.20 -17.17
C GLN H 74 172.98 -21.41 -17.12
N LEU H 75 171.72 -21.17 -16.76
CA LEU H 75 170.74 -22.23 -16.58
C LEU H 75 169.51 -21.98 -17.45
N LYS H 76 168.67 -23.00 -17.54
CA LYS H 76 167.40 -22.91 -18.25
C LYS H 76 166.43 -23.89 -17.62
N SER H 77 165.13 -23.59 -17.74
CA SER H 77 164.09 -24.40 -17.14
C SER H 77 163.00 -24.68 -18.16
N SER H 78 162.37 -25.84 -17.99
CA SER H 78 161.28 -26.25 -18.87
C SER H 78 160.34 -27.19 -18.12
N ASP H 79 159.10 -27.25 -18.57
CA ASP H 79 158.11 -28.05 -17.87
C ASP H 79 158.44 -29.54 -17.93
N LEU H 80 158.11 -30.24 -16.85
CA LEU H 80 158.36 -31.67 -16.75
C LEU H 80 157.09 -32.49 -16.61
N VAL H 81 156.23 -32.17 -15.64
CA VAL H 81 155.00 -32.90 -15.40
C VAL H 81 154.01 -31.96 -14.71
N THR H 82 152.73 -32.31 -14.79
CA THR H 82 151.66 -31.47 -14.26
C THR H 82 150.63 -32.37 -13.57
N PHE H 83 150.49 -32.20 -12.25
CA PHE H 83 149.48 -32.92 -11.49
C PHE H 83 148.19 -32.10 -11.50
N THR H 84 147.25 -32.50 -12.37
CA THR H 84 146.03 -31.71 -12.53
C THR H 84 145.17 -31.74 -11.28
N GLU H 85 145.12 -32.88 -10.59
CA GLU H 85 144.30 -33.00 -9.39
C GLU H 85 145.15 -33.51 -8.24
N PRO H 86 144.78 -33.17 -7.01
CA PRO H 86 145.59 -33.58 -5.85
C PRO H 86 145.62 -35.09 -5.69
N LEU H 87 146.78 -35.60 -5.27
CA LEU H 87 146.89 -36.99 -4.86
C LEU H 87 146.20 -37.17 -3.53
N VAL H 88 145.17 -38.02 -3.50
CA VAL H 88 144.32 -38.22 -2.33
C VAL H 88 144.44 -39.67 -1.89
N SER H 89 144.67 -39.88 -0.60
CA SER H 89 144.79 -41.21 -0.03
C SER H 89 143.92 -41.32 1.22
N ASN H 90 143.22 -42.45 1.35
CA ASN H 90 142.38 -42.71 2.50
C ASN H 90 142.66 -44.12 3.01
N VAL H 91 142.81 -44.26 4.32
CA VAL H 91 142.97 -45.55 4.98
C VAL H 91 142.02 -45.58 6.16
N LYS H 92 141.29 -46.68 6.30
CA LYS H 92 140.32 -46.82 7.38
C LYS H 92 140.37 -48.25 7.88
N ALA H 93 140.81 -48.43 9.13
CA ALA H 93 140.92 -49.75 9.74
C ALA H 93 140.08 -49.80 11.00
N SER H 94 139.53 -50.98 11.29
CA SER H 94 138.75 -51.19 12.48
C SER H 94 138.80 -52.66 12.85
N SER H 95 139.10 -52.95 14.12
CA SER H 95 139.26 -54.32 14.57
C SER H 95 138.71 -54.47 15.99
N SER H 96 138.35 -55.70 16.32
CA SER H 96 137.83 -56.02 17.65
C SER H 96 138.27 -57.43 18.03
N ILE H 97 138.62 -57.60 19.29
CA ILE H 97 139.08 -58.87 19.83
C ILE H 97 138.28 -59.20 21.08
N GLY H 98 137.85 -60.46 21.20
CA GLY H 98 137.15 -60.90 22.39
C GLY H 98 137.67 -62.25 22.88
N LEU H 99 138.19 -62.28 24.10
CA LEU H 99 138.76 -63.48 24.70
C LEU H 99 137.97 -63.83 25.95
N GLN H 100 137.63 -65.12 26.08
CA GLN H 100 136.94 -65.60 27.27
C GLN H 100 137.56 -66.91 27.71
N ILE H 101 137.89 -66.99 28.99
CA ILE H 101 138.39 -68.22 29.62
C ILE H 101 137.37 -68.59 30.69
N LEU H 102 136.50 -69.55 30.37
CA LEU H 102 135.48 -70.10 31.27
C LEU H 102 134.65 -68.95 31.80
N LYS H 103 134.37 -68.87 33.11
CA LYS H 103 133.78 -67.70 33.73
C LYS H 103 134.78 -66.96 34.59
N HIS H 104 136.08 -67.14 34.31
CA HIS H 104 137.15 -66.54 35.09
C HIS H 104 137.83 -65.37 34.41
N PHE H 105 137.94 -65.39 33.08
CA PHE H 105 138.57 -64.29 32.37
C PHE H 105 137.67 -63.84 31.22
N ASP H 106 137.56 -62.52 31.04
CA ASP H 106 136.75 -61.98 29.94
C ASP H 106 137.32 -60.63 29.54
N SER H 107 137.96 -60.57 28.37
CA SER H 107 138.55 -59.34 27.88
C SER H 107 137.95 -58.98 26.53
N GLY H 108 137.63 -57.71 26.34
CA GLY H 108 137.15 -57.20 25.08
C GLY H 108 137.86 -55.93 24.67
N ALA H 109 138.56 -55.96 23.55
CA ALA H 109 139.30 -54.82 23.06
C ALA H 109 138.82 -54.45 21.67
N LYS H 110 139.00 -53.18 21.30
CA LYS H 110 138.62 -52.73 19.97
C LYS H 110 139.43 -51.49 19.63
N GLY H 111 139.70 -51.33 18.34
CA GLY H 111 140.47 -50.20 17.87
C GLY H 111 140.00 -49.76 16.50
N SER H 112 140.24 -48.49 16.20
CA SER H 112 139.87 -47.95 14.90
C SER H 112 140.86 -46.83 14.54
N LYS H 113 141.03 -46.64 13.24
CA LYS H 113 141.97 -45.64 12.74
C LYS H 113 141.48 -45.12 11.39
N ASN H 114 141.56 -43.81 11.21
CA ASN H 114 141.18 -43.15 9.96
C ASN H 114 142.26 -42.15 9.60
N PHE H 115 142.87 -42.33 8.44
CA PHE H 115 144.02 -41.56 8.00
C PHE H 115 143.74 -41.01 6.60
N ILE H 116 143.88 -39.69 6.43
CA ILE H 116 143.57 -39.03 5.17
C ILE H 116 144.74 -38.14 4.77
N THR H 117 145.14 -38.21 3.51
CA THR H 117 146.26 -37.43 3.01
C THR H 117 145.88 -36.79 1.67
N SER H 118 146.34 -35.56 1.46
CA SER H 118 146.11 -34.85 0.20
C SER H 118 147.34 -34.03 -0.14
N ALA H 119 147.85 -34.19 -1.36
CA ALA H 119 149.02 -33.45 -1.81
C ALA H 119 148.71 -32.79 -3.15
N SER H 120 148.91 -31.48 -3.23
CA SER H 120 148.68 -30.70 -4.44
C SER H 120 150.01 -30.06 -4.82
N LEU H 121 150.70 -30.65 -5.81
CA LEU H 121 151.99 -30.16 -6.25
C LEU H 121 151.91 -29.24 -7.46
N GLY H 122 150.74 -29.09 -8.06
CA GLY H 122 150.61 -28.18 -9.19
C GLY H 122 151.47 -28.62 -10.36
N THR H 123 152.33 -27.72 -10.82
CA THR H 123 153.22 -27.96 -11.95
C THR H 123 154.65 -28.09 -11.46
N VAL H 124 155.37 -29.07 -11.99
CA VAL H 124 156.77 -29.29 -11.65
C VAL H 124 157.60 -29.03 -12.90
N VAL H 125 158.64 -28.19 -12.75
CA VAL H 125 159.53 -27.88 -13.84
C VAL H 125 160.90 -28.46 -13.53
N LYS H 126 161.75 -28.53 -14.56
CA LYS H 126 163.11 -29.02 -14.45
C LYS H 126 164.07 -27.92 -14.88
N ALA H 127 165.10 -27.71 -14.06
CA ALA H 127 166.12 -26.70 -14.32
C ALA H 127 167.47 -27.38 -14.48
N GLU H 128 168.23 -26.93 -15.48
CA GLU H 128 169.50 -27.55 -15.82
C GLU H 128 170.33 -26.56 -16.62
N THR H 129 171.63 -26.84 -16.68
CA THR H 129 172.54 -25.99 -17.44
C THR H 129 172.14 -25.95 -18.91
N ILE H 130 172.33 -24.80 -19.53
CA ILE H 130 171.99 -24.65 -20.95
C ILE H 130 172.83 -25.59 -21.80
N ASP H 131 174.14 -25.66 -21.52
CA ASP H 131 175.04 -26.55 -22.23
C ASP H 131 175.90 -27.27 -21.21
N ILE H 132 175.76 -28.60 -21.15
CA ILE H 132 176.53 -29.39 -20.19
C ILE H 132 177.88 -29.81 -20.77
N THR H 133 177.98 -29.94 -22.09
CA THR H 133 179.23 -30.35 -22.70
C THR H 133 180.35 -29.35 -22.43
N LYS H 134 180.04 -28.05 -22.54
CA LYS H 134 181.05 -27.03 -22.25
C LYS H 134 181.48 -27.09 -20.79
N VAL H 135 180.53 -27.27 -19.87
CA VAL H 135 180.85 -27.37 -18.45
C VAL H 135 181.77 -28.57 -18.20
N LEU H 136 181.44 -29.70 -18.83
CA LEU H 136 182.27 -30.89 -18.65
C LEU H 136 183.67 -30.68 -19.20
N ALA H 137 183.77 -30.07 -20.38
CA ALA H 137 185.09 -29.83 -20.96
C ALA H 137 185.93 -28.94 -20.05
N LYS H 138 185.34 -27.83 -19.59
CA LYS H 138 186.07 -26.92 -18.72
C LYS H 138 186.47 -27.59 -17.40
N VAL H 139 185.58 -28.42 -16.84
CA VAL H 139 185.92 -29.15 -15.63
C VAL H 139 187.13 -30.03 -15.87
N ARG H 140 187.11 -30.79 -16.97
CA ARG H 140 188.22 -31.69 -17.25
C ARG H 140 189.52 -30.94 -17.46
N THR H 141 189.45 -29.74 -18.04
CA THR H 141 190.66 -28.97 -18.28
C THR H 141 191.01 -28.02 -17.13
N ALA H 142 190.22 -28.00 -16.06
CA ALA H 142 190.41 -27.07 -14.96
C ALA H 142 190.87 -27.80 -13.70
N LYS H 143 191.66 -27.11 -12.88
CA LYS H 143 192.14 -27.65 -11.62
C LYS H 143 191.32 -27.11 -10.44
N ALA H 144 191.19 -27.94 -9.41
CA ALA H 144 190.43 -27.56 -8.23
C ALA H 144 191.21 -26.53 -7.41
N LYS H 145 190.51 -25.95 -6.43
CA LYS H 145 191.12 -24.93 -5.57
C LYS H 145 192.05 -25.59 -4.56
N VAL H 146 193.33 -25.20 -4.59
CA VAL H 146 194.30 -25.76 -3.66
C VAL H 146 193.96 -25.38 -2.23
N GLU H 147 193.49 -24.15 -2.02
CA GLU H 147 193.13 -23.70 -0.68
C GLU H 147 192.01 -24.54 -0.07
N ASN H 148 191.06 -25.00 -0.89
CA ASN H 148 189.91 -25.72 -0.37
C ASN H 148 190.33 -26.97 0.37
N ASP H 149 189.72 -27.19 1.54
CA ASP H 149 190.03 -28.34 2.39
C ASP H 149 189.20 -29.57 2.04
N LEU H 150 187.95 -29.35 1.63
CA LEU H 150 187.06 -30.46 1.27
C LEU H 150 187.66 -31.31 0.15
N VAL H 151 188.20 -30.66 -0.89
CA VAL H 151 188.80 -31.39 -2.00
C VAL H 151 189.95 -32.26 -1.51
N SER H 152 190.82 -31.70 -0.67
CA SER H 152 191.94 -32.46 -0.13
C SER H 152 191.46 -33.63 0.70
N ARG H 153 190.44 -33.42 1.52
CA ARG H 153 189.88 -34.51 2.32
C ARG H 153 189.39 -35.64 1.42
N VAL H 154 188.61 -35.30 0.39
CA VAL H 154 188.08 -36.31 -0.53
C VAL H 154 189.21 -37.01 -1.27
N MET H 155 190.26 -36.27 -1.62
CA MET H 155 191.40 -36.86 -2.31
C MET H 155 192.10 -37.88 -1.42
N LYS H 156 192.35 -37.53 -0.17
CA LYS H 156 193.10 -38.44 0.70
C LYS H 156 192.25 -39.64 1.12
N THR H 157 190.94 -39.44 1.32
CA THR H 157 190.08 -40.55 1.68
C THR H 157 189.67 -41.33 0.44
N LYS H 158 189.35 -42.61 0.66
CA LYS H 158 188.94 -43.50 -0.43
C LYS H 158 187.44 -43.70 -0.51
N ARG H 159 186.72 -43.60 0.61
CA ARG H 159 185.28 -43.78 0.57
C ARG H 159 184.58 -42.57 -0.05
N LEU H 160 185.05 -41.36 0.27
CA LEU H 160 184.37 -40.16 -0.18
C LEU H 160 184.53 -39.96 -1.68
N CYS H 161 183.45 -39.51 -2.32
CA CYS H 161 183.45 -39.17 -3.74
C CYS H 161 182.73 -37.85 -3.93
N LEU H 162 183.07 -37.14 -5.00
CA LEU H 162 182.45 -35.86 -5.31
C LEU H 162 181.43 -36.01 -6.42
N GLY H 163 180.34 -35.26 -6.32
CA GLY H 163 179.31 -35.28 -7.34
C GLY H 163 178.79 -33.91 -7.69
N LEU H 164 178.64 -33.63 -8.98
CA LEU H 164 178.13 -32.35 -9.47
C LEU H 164 176.68 -32.53 -9.86
N VAL H 165 175.80 -31.72 -9.27
CA VAL H 165 174.38 -31.80 -9.58
C VAL H 165 174.11 -31.11 -10.92
N VAL H 166 173.37 -31.78 -11.79
CA VAL H 166 173.19 -31.31 -13.15
C VAL H 166 171.73 -31.00 -13.50
N GLU H 167 170.75 -31.51 -12.77
CA GLU H 167 169.36 -31.20 -13.07
C GLU H 167 168.54 -31.28 -11.79
N THR H 168 167.54 -30.42 -11.68
CA THR H 168 166.74 -30.34 -10.47
C THR H 168 165.28 -30.13 -10.81
N ALA H 169 164.40 -30.81 -10.09
CA ALA H 169 162.95 -30.67 -10.27
C ALA H 169 162.41 -29.78 -9.16
N CYS H 170 161.73 -28.70 -9.55
CA CYS H 170 161.22 -27.70 -8.63
C CYS H 170 159.78 -27.38 -8.93
N VAL H 171 159.01 -27.07 -7.88
CA VAL H 171 157.60 -26.71 -8.04
C VAL H 171 157.51 -25.29 -8.58
N ALA H 172 156.71 -25.11 -9.63
CA ALA H 172 156.55 -23.77 -10.21
C ALA H 172 155.75 -22.85 -9.30
N ALA H 173 154.72 -23.38 -8.64
CA ALA H 173 153.86 -22.60 -7.77
C ALA H 173 153.83 -23.24 -6.38
N ALA H 174 153.05 -22.63 -5.49
CA ALA H 174 152.96 -23.12 -4.13
C ALA H 174 152.31 -24.50 -4.09
N GLY H 175 152.84 -25.37 -3.22
CA GLY H 175 152.33 -26.73 -3.08
C GLY H 175 151.72 -26.92 -1.70
N LYS H 176 150.56 -27.59 -1.66
CA LYS H 176 149.80 -27.74 -0.44
C LYS H 176 149.77 -29.19 0.02
N LEU H 177 150.10 -29.43 1.28
CA LEU H 177 150.12 -30.77 1.85
C LEU H 177 149.25 -30.80 3.09
N THR H 178 148.25 -31.68 3.11
CA THR H 178 147.30 -31.79 4.20
C THR H 178 147.20 -33.23 4.69
N GLU H 179 147.16 -33.40 6.01
CA GLU H 179 147.07 -34.72 6.63
C GLU H 179 146.13 -34.66 7.82
N ALA H 180 145.28 -35.68 7.95
CA ALA H 180 144.36 -35.80 9.06
C ALA H 180 144.39 -37.21 9.62
N ASP H 181 144.43 -37.32 10.95
CA ASP H 181 144.52 -38.60 11.64
C ASP H 181 143.51 -38.63 12.76
N ASN H 182 142.78 -39.73 12.89
CA ASN H 182 141.84 -39.92 13.99
C ASN H 182 141.86 -41.39 14.38
N TRP H 183 142.38 -41.71 15.56
CA TRP H 183 142.38 -43.12 15.97
C TRP H 183 141.91 -43.25 17.41
N GLU H 184 141.40 -44.44 17.73
CA GLU H 184 140.70 -44.66 18.99
C GLU H 184 140.92 -46.10 19.45
N ILE H 185 141.08 -46.26 20.76
CA ILE H 185 141.26 -47.56 21.40
C ILE H 185 140.30 -47.66 22.58
N SER H 186 139.59 -48.77 22.69
CA SER H 186 138.70 -49.03 23.81
C SER H 186 138.90 -50.46 24.29
N GLY H 187 139.33 -50.62 25.53
CA GLY H 187 139.60 -51.94 26.07
C GLY H 187 138.92 -52.14 27.41
N HIS H 188 138.60 -53.41 27.68
CA HIS H 188 137.91 -53.79 28.91
C HIS H 188 138.40 -55.16 29.35
N THR H 189 138.58 -55.33 30.66
CA THR H 189 139.09 -56.56 31.24
C THR H 189 138.28 -56.91 32.48
N ASN H 190 137.90 -58.18 32.61
CA ASN H 190 137.15 -58.66 33.76
C ASN H 190 137.80 -59.97 34.22
N ALA H 191 138.44 -59.94 35.38
CA ALA H 191 139.04 -61.11 35.99
C ALA H 191 138.18 -61.48 37.21
N ASN H 192 137.40 -62.54 37.08
CA ASN H 192 136.54 -63.03 38.15
C ASN H 192 137.18 -64.25 38.78
N ILE H 193 137.41 -64.18 40.09
CA ILE H 193 137.96 -65.28 40.86
C ILE H 193 137.04 -65.51 42.05
N GLY H 194 137.19 -66.68 42.68
CA GLY H 194 136.32 -67.04 43.79
C GLY H 194 136.33 -66.03 44.92
N GLU H 195 137.48 -65.40 45.17
CA GLU H 195 137.60 -64.41 46.23
C GLU H 195 138.05 -63.04 45.73
N ALA H 196 138.09 -62.83 44.41
CA ALA H 196 138.54 -61.55 43.87
C ALA H 196 137.80 -61.26 42.58
N VAL H 197 137.40 -60.00 42.41
CA VAL H 197 136.75 -59.53 41.18
C VAL H 197 137.44 -58.24 40.76
N VAL H 198 137.98 -58.21 39.55
CA VAL H 198 138.65 -57.04 39.01
C VAL H 198 137.98 -56.66 37.70
N THR H 199 137.61 -55.39 37.57
CA THR H 199 136.96 -54.87 36.37
C THR H 199 137.65 -53.58 35.96
N ALA H 200 138.42 -53.63 34.87
CA ALA H 200 139.16 -52.49 34.38
C ALA H 200 138.65 -52.08 33.01
N THR H 201 138.71 -50.79 32.72
CA THR H 201 138.24 -50.25 31.45
C THR H 201 139.11 -49.04 31.09
N ALA H 202 139.44 -48.91 29.81
CA ALA H 202 140.26 -47.80 29.36
C ALA H 202 139.86 -47.38 27.95
N GLU H 203 139.57 -46.10 27.76
CA GLU H 203 139.22 -45.55 26.46
C GLU H 203 140.08 -44.35 26.17
N LEU H 204 140.57 -44.26 24.93
CA LEU H 204 141.32 -43.07 24.52
C LEU H 204 141.16 -42.88 23.01
N ASP H 205 141.41 -41.65 22.57
CA ASP H 205 141.31 -41.33 21.15
C ASP H 205 142.11 -40.06 20.88
N LYS H 206 142.88 -40.08 19.79
CA LYS H 206 143.71 -38.96 19.40
C LYS H 206 143.32 -38.47 18.02
N ASN H 207 143.31 -37.15 17.86
CA ASN H 207 143.00 -36.50 16.60
C ASN H 207 144.08 -35.48 16.28
N LEU H 208 144.60 -35.54 15.06
CA LEU H 208 145.65 -34.63 14.61
C LEU H 208 145.33 -34.13 13.20
N SER H 209 145.82 -32.94 12.89
CA SER H 209 145.66 -32.37 11.55
C SER H 209 146.80 -31.41 11.29
N ARG H 210 147.52 -31.64 10.18
CA ARG H 210 148.67 -30.83 9.82
C ARG H 210 148.51 -30.37 8.37
N LYS H 211 148.64 -29.06 8.14
CA LYS H 211 148.49 -28.49 6.81
C LYS H 211 149.60 -27.48 6.57
N ILE H 212 150.40 -27.70 5.54
CA ILE H 212 151.53 -26.83 5.22
C ILE H 212 151.49 -26.49 3.73
N GLU H 213 152.29 -25.49 3.36
CA GLU H 213 152.35 -24.99 2.00
C GLU H 213 153.79 -24.62 1.66
N ILE H 214 154.44 -25.42 0.83
CA ILE H 214 155.80 -25.11 0.38
C ILE H 214 155.75 -24.01 -0.67
N PRO H 215 156.69 -23.08 -0.66
CA PRO H 215 156.63 -21.95 -1.59
C PRO H 215 157.19 -22.33 -2.95
N PRO H 216 156.94 -21.51 -3.98
CA PRO H 216 157.51 -21.79 -5.30
C PRO H 216 159.03 -21.83 -5.27
N GLY H 217 159.61 -22.71 -6.08
CA GLY H 217 161.04 -22.86 -6.19
C GLY H 217 161.64 -23.95 -5.34
N THR H 218 160.85 -24.57 -4.45
CA THR H 218 161.37 -25.63 -3.61
C THR H 218 161.77 -26.84 -4.44
N ALA H 219 163.00 -27.32 -4.23
CA ALA H 219 163.49 -28.47 -4.98
C ALA H 219 162.85 -29.75 -4.46
N LEU H 220 162.63 -30.69 -5.38
CA LEU H 220 162.04 -31.99 -5.04
C LEU H 220 162.99 -33.15 -5.26
N ALA H 221 163.75 -33.16 -6.35
CA ALA H 221 164.63 -34.27 -6.67
C ALA H 221 165.74 -33.77 -7.58
N TYR H 222 166.78 -34.58 -7.71
CA TYR H 222 167.96 -34.16 -8.46
C TYR H 222 168.71 -35.38 -8.98
N SER H 223 169.60 -35.13 -9.93
CA SER H 223 170.51 -36.13 -10.46
C SER H 223 171.89 -35.52 -10.56
N PHE H 224 172.92 -36.35 -10.39
CA PHE H 224 174.28 -35.83 -10.32
C PHE H 224 175.24 -36.75 -11.08
N MET H 225 176.39 -36.20 -11.43
CA MET H 225 177.46 -36.90 -12.12
C MET H 225 178.69 -36.98 -11.24
N ASP H 226 179.35 -38.13 -11.24
CA ASP H 226 180.49 -38.34 -10.36
C ASP H 226 181.74 -37.63 -10.88
N LEU H 227 182.68 -37.40 -9.97
CA LEU H 227 183.95 -36.76 -10.29
C LEU H 227 185.08 -37.53 -9.62
N GLU H 228 186.31 -37.17 -9.98
CA GLU H 228 187.50 -37.82 -9.45
C GLU H 228 188.64 -36.83 -9.41
N ILE H 229 189.27 -36.69 -8.24
CA ILE H 229 190.41 -35.80 -8.06
C ILE H 229 191.67 -36.52 -8.52
N LEU H 230 192.40 -35.92 -9.46
CA LEU H 230 193.69 -36.46 -9.86
C LEU H 230 194.71 -36.26 -8.72
N GLU H 231 195.93 -36.75 -8.96
CA GLU H 231 197.03 -36.47 -8.05
C GLU H 231 197.20 -34.97 -7.83
N ASP H 232 197.18 -34.21 -8.92
CA ASP H 232 197.15 -32.76 -8.85
C ASP H 232 195.74 -32.28 -8.52
N ARG H 233 195.56 -30.96 -8.53
CA ARG H 233 194.23 -30.38 -8.32
C ARG H 233 193.29 -30.63 -9.49
N SER H 234 193.78 -31.20 -10.59
CA SER H 234 192.94 -31.47 -11.76
C SER H 234 191.79 -32.40 -11.40
N LEU H 235 190.66 -32.20 -12.09
CA LEU H 235 189.47 -33.00 -11.89
C LEU H 235 189.12 -33.74 -13.18
N ARG H 236 188.56 -34.94 -13.02
CA ARG H 236 188.13 -35.76 -14.14
C ARG H 236 186.73 -36.28 -13.88
N VAL H 237 186.04 -36.65 -14.95
CA VAL H 237 184.69 -37.21 -14.82
C VAL H 237 184.79 -38.72 -14.94
N SER H 238 183.98 -39.42 -14.15
CA SER H 238 184.00 -40.87 -14.10
C SER H 238 182.63 -41.44 -14.40
N SER H 239 182.60 -42.53 -15.16
CA SER H 239 181.34 -43.16 -15.58
C SER H 239 181.38 -44.63 -15.22
N SER H 240 180.46 -45.05 -14.35
CA SER H 240 180.30 -46.46 -14.02
C SER H 240 179.52 -47.13 -15.15
N ALA H 241 180.21 -47.94 -15.95
CA ALA H 241 179.63 -48.59 -17.12
C ALA H 241 179.05 -47.56 -18.10
N GLY H 242 179.66 -46.38 -18.17
CA GLY H 242 179.22 -45.34 -19.07
C GLY H 242 177.92 -44.68 -18.70
N ALA H 243 177.48 -44.80 -17.45
CA ALA H 243 176.19 -44.22 -17.05
C ALA H 243 176.23 -42.70 -17.11
N MET H 244 177.23 -42.09 -16.45
CA MET H 244 177.36 -40.64 -16.34
C MET H 244 176.13 -39.99 -15.71
N PHE H 245 175.30 -40.77 -15.03
CA PHE H 245 174.12 -40.25 -14.34
C PHE H 245 173.89 -41.13 -13.12
N ASP H 246 174.32 -40.66 -11.96
CA ASP H 246 174.24 -41.46 -10.75
C ASP H 246 173.01 -41.06 -9.94
N SER H 247 172.23 -42.06 -9.54
CA SER H 247 171.02 -41.84 -8.75
C SER H 247 171.19 -42.30 -7.31
N GLY H 248 172.42 -42.45 -6.85
CA GLY H 248 172.65 -42.94 -5.50
C GLY H 248 172.13 -44.35 -5.29
N LYS H 249 172.30 -45.21 -6.29
CA LYS H 249 171.82 -46.59 -6.23
C LYS H 249 172.98 -47.53 -5.95
N ALA H 250 172.65 -48.66 -5.30
CA ALA H 250 173.66 -49.67 -5.04
C ALA H 250 174.11 -50.32 -6.34
N GLU H 251 175.36 -50.79 -6.34
CA GLU H 251 175.93 -51.41 -7.53
C GLU H 251 175.16 -52.67 -7.90
N SER H 252 174.79 -53.48 -6.91
CA SER H 252 174.04 -54.72 -7.11
C SER H 252 174.75 -55.66 -8.09
CA ARG I 3 153.43 -50.10 -12.15
C ARG I 3 153.11 -48.64 -12.44
N PRO I 4 154.15 -47.86 -12.76
CA PRO I 4 153.92 -46.44 -13.06
C PRO I 4 153.00 -46.26 -14.25
N MET I 5 152.16 -45.21 -14.17
CA MET I 5 151.22 -44.93 -15.23
C MET I 5 151.95 -44.62 -16.54
N PHE I 6 153.05 -43.88 -16.46
CA PHE I 6 153.81 -43.56 -17.66
C PHE I 6 154.33 -44.83 -18.32
N ALA I 7 154.87 -45.76 -17.53
CA ALA I 7 155.36 -47.02 -18.08
C ALA I 7 154.23 -47.83 -18.70
N VAL I 8 153.07 -47.87 -18.03
CA VAL I 8 151.94 -48.61 -18.57
C VAL I 8 151.48 -48.01 -19.90
N ALA I 9 151.39 -46.68 -19.97
CA ALA I 9 150.98 -46.03 -21.20
C ALA I 9 152.00 -46.25 -22.31
N VAL I 10 153.29 -46.22 -21.97
CA VAL I 10 154.33 -46.47 -22.97
C VAL I 10 154.20 -47.89 -23.51
N ASN I 11 153.97 -48.86 -22.64
CA ASN I 11 153.80 -50.23 -23.09
C ASN I 11 152.56 -50.37 -23.97
N GLU I 12 151.46 -49.72 -23.60
CA GLU I 12 150.26 -49.78 -24.42
C GLU I 12 150.50 -49.19 -25.81
N PHE I 13 151.17 -48.04 -25.86
CA PHE I 13 151.46 -47.41 -27.15
C PHE I 13 152.37 -48.28 -27.99
N ILE I 14 153.43 -48.82 -27.39
CA ILE I 14 154.39 -49.61 -28.17
C ILE I 14 153.75 -50.91 -28.64
N ARG I 15 152.80 -51.46 -27.89
CA ARG I 15 152.09 -52.64 -28.37
C ARG I 15 151.16 -52.28 -29.51
N SER I 16 150.37 -51.21 -29.37
CA SER I 16 149.41 -50.85 -30.41
C SER I 16 150.11 -50.49 -31.70
N ALA I 17 151.21 -49.73 -31.62
CA ALA I 17 151.96 -49.31 -32.80
C ALA I 17 153.44 -49.55 -32.56
N GLY I 18 154.11 -50.10 -33.56
CA GLY I 18 155.55 -50.33 -33.47
C GLY I 18 155.96 -51.32 -32.42
N GLN I 19 155.30 -52.49 -32.38
CA GLN I 19 155.68 -53.52 -31.42
C GLN I 19 157.10 -54.01 -31.68
N ASP I 20 157.57 -53.92 -32.91
CA ASP I 20 158.93 -54.27 -33.27
C ASP I 20 159.72 -53.00 -33.59
N SER I 21 161.03 -53.08 -33.38
CA SER I 21 161.96 -51.98 -33.67
C SER I 21 161.57 -50.71 -32.91
N LEU I 22 161.33 -50.85 -31.61
CA LEU I 22 160.96 -49.72 -30.78
C LEU I 22 161.29 -50.04 -29.33
N CYS I 23 161.88 -49.08 -28.62
CA CYS I 23 162.29 -49.25 -27.24
C CYS I 23 161.52 -48.26 -26.36
N GLY I 24 160.94 -48.77 -25.28
CA GLY I 24 160.22 -47.91 -24.36
C GLY I 24 161.14 -46.95 -23.63
N VAL I 25 160.55 -45.84 -23.19
CA VAL I 25 161.27 -44.82 -22.43
C VAL I 25 161.18 -45.15 -20.95
N PRO I 26 162.30 -45.17 -20.22
CA PRO I 26 162.25 -45.57 -18.81
C PRO I 26 161.41 -44.67 -17.92
N ASP I 27 161.53 -43.35 -18.07
CA ASP I 27 160.79 -42.45 -17.20
C ASP I 27 160.67 -41.09 -17.85
N ILE I 28 159.76 -40.28 -17.31
CA ILE I 28 159.49 -38.95 -17.87
C ILE I 28 160.73 -38.08 -17.79
N ASN I 29 161.46 -38.15 -16.67
CA ASN I 29 162.63 -37.30 -16.50
C ASN I 29 163.68 -37.57 -17.56
N SER I 30 163.93 -38.85 -17.86
CA SER I 30 164.94 -39.23 -18.84
C SER I 30 164.39 -39.34 -20.25
N SER I 31 163.10 -39.04 -20.44
CA SER I 31 162.53 -39.08 -21.78
C SER I 31 163.22 -38.10 -22.72
N GLY I 32 163.62 -36.94 -22.21
CA GLY I 32 164.22 -35.92 -23.06
C GLY I 32 165.62 -36.23 -23.53
N ASP I 33 166.25 -37.27 -22.99
CA ASP I 33 167.59 -37.65 -23.40
C ASP I 33 167.63 -38.65 -24.54
N PHE I 34 166.47 -39.03 -25.09
CA PHE I 34 166.38 -40.00 -26.16
C PHE I 34 165.86 -39.37 -27.45
N MET I 35 166.18 -38.11 -27.68
CA MET I 35 165.85 -37.45 -28.92
C MET I 35 166.81 -37.90 -30.02
N PRO I 36 166.46 -37.69 -31.29
CA PRO I 36 167.33 -38.14 -32.38
C PRO I 36 168.72 -37.52 -32.30
N LEU I 37 169.70 -38.28 -32.78
CA LEU I 37 171.11 -37.88 -32.78
C LEU I 37 171.65 -37.76 -31.36
N HIS I 38 171.36 -38.76 -30.54
CA HIS I 38 171.88 -38.86 -29.19
C HIS I 38 172.64 -40.17 -29.03
N ILE I 39 173.71 -40.15 -28.25
CA ILE I 39 174.53 -41.32 -28.00
C ILE I 39 174.02 -42.03 -26.75
N ILE I 40 173.89 -43.36 -26.83
CA ILE I 40 173.51 -44.19 -25.70
C ILE I 40 174.50 -45.34 -25.60
N VAL I 41 174.56 -45.95 -24.42
CA VAL I 41 175.47 -47.05 -24.14
C VAL I 41 174.64 -48.30 -23.90
N LYS I 42 175.06 -49.40 -24.52
CA LYS I 42 174.39 -50.69 -24.37
C LYS I 42 175.32 -51.66 -23.66
N GLU I 43 174.80 -52.32 -22.63
CA GLU I 43 175.52 -53.28 -21.82
C GLU I 43 174.89 -54.65 -21.98
N VAL I 44 175.72 -55.66 -22.26
CA VAL I 44 175.26 -57.02 -22.48
C VAL I 44 174.82 -57.63 -21.15
N PRO I 45 173.90 -58.61 -21.16
CA PRO I 45 173.46 -59.21 -19.89
C PRO I 45 174.58 -59.88 -19.12
N LYS I 46 175.56 -60.47 -19.81
CA LYS I 46 176.71 -61.18 -19.26
C LYS I 46 176.34 -62.49 -18.58
N VAL I 47 175.05 -62.83 -18.51
CA VAL I 47 174.62 -64.09 -17.90
C VAL I 47 173.94 -64.94 -18.97
N LEU I 48 172.86 -64.41 -19.55
CA LEU I 48 172.13 -65.07 -20.62
C LEU I 48 171.95 -64.06 -21.75
N PRO I 49 173.02 -63.76 -22.51
CA PRO I 49 172.91 -62.73 -23.54
C PRO I 49 171.84 -63.01 -24.58
N CYS I 50 171.65 -64.28 -24.96
CA CYS I 50 170.65 -64.63 -25.95
C CYS I 50 169.25 -64.77 -25.36
N CYS I 51 169.11 -64.74 -24.03
CA CYS I 51 167.82 -64.90 -23.39
C CYS I 51 167.33 -63.65 -22.67
N ARG I 52 168.20 -62.67 -22.43
CA ARG I 52 167.85 -61.47 -21.69
C ARG I 52 168.16 -60.25 -22.54
N ARG I 53 167.26 -59.26 -22.51
CA ARG I 53 167.49 -58.03 -23.25
C ARG I 53 168.57 -57.19 -22.57
N PRO I 54 169.38 -56.47 -23.35
CA PRO I 54 170.49 -55.71 -22.77
C PRO I 54 170.03 -54.50 -21.96
N LYS I 55 170.97 -53.78 -21.37
CA LYS I 55 170.69 -52.61 -20.54
C LYS I 55 171.11 -51.35 -21.28
N ILE I 56 170.24 -50.36 -21.32
CA ILE I 56 170.46 -49.13 -22.08
C ILE I 56 170.66 -47.98 -21.09
N LYS I 57 171.76 -47.24 -21.28
CA LYS I 57 172.15 -46.14 -20.43
C LYS I 57 172.20 -44.86 -21.25
N ARG I 58 171.56 -43.81 -20.76
CA ARG I 58 171.58 -42.52 -21.43
C ARG I 58 172.87 -41.77 -21.12
N THR I 59 173.30 -40.94 -22.06
CA THR I 59 174.49 -40.12 -21.90
C THR I 59 174.19 -38.69 -22.33
N PRO I 60 174.87 -37.72 -21.74
CA PRO I 60 174.66 -36.31 -22.11
C PRO I 60 175.55 -35.87 -23.28
N TYR I 61 175.42 -36.57 -24.41
CA TYR I 61 176.24 -36.30 -25.57
C TYR I 61 175.38 -36.36 -26.83
N THR I 62 175.76 -35.55 -27.82
CA THR I 62 175.22 -35.62 -29.16
C THR I 62 176.32 -36.09 -30.12
N LEU I 63 175.91 -36.36 -31.35
CA LEU I 63 176.86 -36.86 -32.34
C LEU I 63 177.95 -35.85 -32.62
N ASN I 64 177.58 -34.57 -32.76
CA ASN I 64 178.57 -33.54 -33.06
C ASN I 64 179.55 -33.35 -31.91
N ASP I 65 179.07 -33.48 -30.67
CA ASP I 65 179.97 -33.37 -29.53
C ASP I 65 180.90 -34.58 -29.45
N ILE I 66 180.38 -35.78 -29.70
CA ILE I 66 181.20 -36.98 -29.57
C ILE I 66 182.20 -37.08 -30.71
N LEU I 67 181.91 -36.45 -31.85
CA LEU I 67 182.77 -36.55 -33.03
C LEU I 67 183.64 -35.31 -33.17
N ASP I 68 184.90 -35.53 -33.56
CA ASP I 68 185.78 -34.40 -33.86
C ASP I 68 185.25 -33.62 -35.07
N GLU I 69 184.78 -34.33 -36.10
CA GLU I 69 184.25 -33.68 -37.28
C GLU I 69 182.73 -33.60 -37.18
N PRO I 70 182.13 -32.41 -37.29
CA PRO I 70 180.68 -32.30 -37.18
C PRO I 70 179.96 -32.89 -38.38
N CYS I 71 178.69 -33.20 -38.17
CA CYS I 71 177.80 -33.75 -39.16
C CYS I 71 176.52 -32.92 -39.22
N PRO I 72 175.82 -32.92 -40.35
CA PRO I 72 174.52 -32.23 -40.41
C PRO I 72 173.56 -32.84 -39.40
N ASN I 73 172.72 -31.98 -38.80
CA ASN I 73 171.86 -32.39 -37.70
C ASN I 73 170.42 -31.92 -37.85
N GLN I 74 170.01 -31.46 -39.03
CA GLN I 74 168.64 -31.00 -39.21
C GLN I 74 167.66 -32.15 -39.05
N LEU I 75 166.47 -31.83 -38.54
CA LEU I 75 165.45 -32.83 -38.23
C LEU I 75 164.15 -32.49 -38.94
N LYS I 76 163.23 -33.46 -38.93
CA LYS I 76 161.89 -33.28 -39.48
C LYS I 76 160.95 -34.21 -38.72
N SER I 77 159.68 -33.81 -38.67
CA SER I 77 158.67 -34.57 -37.95
C SER I 77 157.44 -34.77 -38.82
N SER I 78 156.75 -35.88 -38.58
CA SER I 78 155.54 -36.22 -39.32
C SER I 78 154.66 -37.10 -38.46
N ASP I 79 153.36 -37.08 -38.74
CA ASP I 79 152.41 -37.83 -37.93
C ASP I 79 152.64 -39.32 -38.03
N LEU I 80 152.40 -40.02 -36.93
CA LEU I 80 152.58 -41.47 -36.86
C LEU I 80 151.28 -42.21 -36.56
N VAL I 81 150.58 -41.84 -35.49
CA VAL I 81 149.34 -42.50 -35.09
C VAL I 81 148.50 -41.51 -34.29
N THR I 82 147.20 -41.77 -34.20
CA THR I 82 146.27 -40.87 -33.53
C THR I 82 145.28 -41.71 -32.72
N PHE I 83 145.31 -41.55 -31.40
CA PHE I 83 144.37 -42.21 -30.51
C PHE I 83 143.15 -41.31 -30.36
N THR I 84 142.08 -41.63 -31.11
CA THR I 84 140.90 -40.77 -31.11
C THR I 84 140.20 -40.76 -29.76
N GLU I 85 140.17 -41.90 -29.07
CA GLU I 85 139.50 -41.98 -27.78
C GLU I 85 140.45 -42.56 -26.74
N PRO I 86 140.27 -42.21 -25.47
CA PRO I 86 141.18 -42.68 -24.43
C PRO I 86 141.14 -44.20 -24.29
N LEU I 87 142.30 -44.78 -24.02
CA LEU I 87 142.38 -46.18 -23.63
C LEU I 87 141.85 -46.34 -22.22
N VAL I 88 140.78 -47.12 -22.06
CA VAL I 88 140.08 -47.28 -20.80
C VAL I 88 140.17 -48.73 -20.38
N SER I 89 140.53 -48.98 -19.13
CA SER I 89 140.63 -50.32 -18.58
C SER I 89 139.93 -50.39 -17.24
N ASN I 90 139.18 -51.47 -17.02
CA ASN I 90 138.47 -51.69 -15.77
C ASN I 90 138.73 -53.13 -15.31
N VAL I 91 139.04 -53.28 -14.03
CA VAL I 91 139.20 -54.59 -13.40
C VAL I 91 138.40 -54.58 -12.11
N LYS I 92 137.62 -55.63 -11.88
CA LYS I 92 136.79 -55.71 -10.68
C LYS I 92 136.82 -57.15 -10.19
N ALA I 93 137.40 -57.38 -9.02
CA ALA I 93 137.49 -58.71 -8.44
C ALA I 93 136.82 -58.72 -7.08
N SER I 94 136.23 -59.87 -6.73
CA SER I 94 135.60 -60.03 -5.44
C SER I 94 135.61 -61.51 -5.07
N SER I 95 136.05 -61.83 -3.86
CA SER I 95 136.17 -63.22 -3.44
C SER I 95 135.79 -63.34 -1.97
N SER I 96 135.40 -64.55 -1.59
CA SER I 96 135.03 -64.85 -0.21
C SER I 96 135.42 -66.29 0.10
N ILE I 97 135.92 -66.50 1.32
CA ILE I 97 136.37 -67.81 1.78
C ILE I 97 135.71 -68.10 3.13
N GLY I 98 135.21 -69.32 3.29
CA GLY I 98 134.65 -69.74 4.56
C GLY I 98 135.15 -71.12 4.98
N LEU I 99 135.80 -71.19 6.13
CA LEU I 99 136.37 -72.44 6.64
C LEU I 99 135.73 -72.76 7.97
N GLN I 100 135.32 -74.02 8.15
CA GLN I 100 134.75 -74.47 9.41
C GLN I 100 135.35 -75.82 9.78
N ILE I 101 135.82 -75.94 11.00
CA ILE I 101 136.32 -77.20 11.55
C ILE I 101 135.42 -77.52 12.75
N LEU I 102 134.46 -78.42 12.53
CA LEU I 102 133.53 -78.91 13.55
C LEU I 102 132.84 -77.71 14.18
N LYS I 103 132.74 -77.64 15.52
CA LYS I 103 132.31 -76.44 16.21
C LYS I 103 133.47 -75.77 16.95
N HIS I 104 134.70 -76.04 16.50
CA HIS I 104 135.90 -75.51 17.15
C HIS I 104 136.56 -74.38 16.38
N PHE I 105 136.49 -74.38 15.05
CA PHE I 105 137.10 -73.33 14.26
C PHE I 105 136.10 -72.81 13.25
N ASP I 106 136.05 -71.48 13.08
CA ASP I 106 135.14 -70.88 12.10
C ASP I 106 135.74 -69.56 11.63
N SER I 107 136.22 -69.53 10.40
CA SER I 107 136.84 -68.33 9.84
C SER I 107 136.09 -67.92 8.57
N GLY I 108 135.84 -66.62 8.44
CA GLY I 108 135.23 -66.08 7.24
C GLY I 108 135.95 -64.85 6.75
N ALA I 109 136.52 -64.91 5.55
CA ALA I 109 137.26 -63.81 4.97
C ALA I 109 136.63 -63.40 3.65
N LYS I 110 136.84 -62.14 3.27
CA LYS I 110 136.33 -61.65 2.00
C LYS I 110 137.16 -60.46 1.57
N GLY I 111 137.27 -60.30 0.26
CA GLY I 111 138.06 -59.22 -0.31
C GLY I 111 137.45 -58.73 -1.60
N SER I 112 137.72 -57.48 -1.93
CA SER I 112 137.23 -56.90 -3.17
C SER I 112 138.22 -55.84 -3.65
N LYS I 113 138.25 -55.64 -4.96
CA LYS I 113 139.18 -54.70 -5.57
C LYS I 113 138.55 -54.14 -6.84
N ASN I 114 138.70 -52.83 -7.04
CA ASN I 114 138.21 -52.13 -8.22
C ASN I 114 139.30 -51.20 -8.71
N PHE I 115 139.74 -51.41 -9.95
CA PHE I 115 140.87 -50.70 -10.53
C PHE I 115 140.46 -50.13 -11.88
N ILE I 116 140.65 -48.82 -12.06
CA ILE I 116 140.23 -48.12 -13.27
C ILE I 116 141.40 -47.31 -13.80
N THR I 117 141.63 -47.38 -15.11
CA THR I 117 142.73 -46.67 -15.75
C THR I 117 142.22 -45.99 -17.02
N SER I 118 142.72 -44.79 -17.29
CA SER I 118 142.39 -44.06 -18.50
C SER I 118 143.62 -43.31 -18.99
N ALA I 119 143.95 -43.49 -20.27
CA ALA I 119 145.09 -42.82 -20.86
C ALA I 119 144.68 -42.13 -22.15
N SER I 120 144.94 -40.83 -22.24
CA SER I 120 144.61 -40.03 -23.42
C SER I 120 145.92 -39.47 -23.96
N LEU I 121 146.43 -40.08 -25.02
CA LEU I 121 147.69 -39.67 -25.63
C LEU I 121 147.52 -38.73 -26.81
N GLY I 122 146.29 -38.51 -27.26
CA GLY I 122 146.08 -37.58 -28.37
C GLY I 122 146.76 -38.06 -29.64
N THR I 123 147.61 -37.21 -30.20
CA THR I 123 148.33 -37.49 -31.44
C THR I 123 149.80 -37.71 -31.13
N VAL I 124 150.38 -38.73 -31.75
CA VAL I 124 151.80 -39.05 -31.59
C VAL I 124 152.49 -38.82 -32.93
N VAL I 125 153.58 -38.06 -32.91
CA VAL I 125 154.35 -37.79 -34.11
C VAL I 125 155.71 -38.46 -33.98
N LYS I 126 156.41 -38.56 -35.10
CA LYS I 126 157.74 -39.15 -35.17
C LYS I 126 158.70 -38.11 -35.71
N ALA I 127 159.84 -37.97 -35.03
CA ALA I 127 160.88 -37.02 -35.42
C ALA I 127 162.15 -37.79 -35.75
N GLU I 128 162.80 -37.38 -36.84
CA GLU I 128 163.97 -38.07 -37.34
C GLU I 128 164.76 -37.13 -38.23
N THR I 129 166.03 -37.49 -38.46
CA THR I 129 166.89 -36.69 -39.33
C THR I 129 166.31 -36.61 -40.73
N ILE I 130 166.49 -35.46 -41.37
CA ILE I 130 165.99 -35.27 -42.73
C ILE I 130 166.65 -36.26 -43.69
N ASP I 131 167.97 -36.41 -43.58
CA ASP I 131 168.72 -37.35 -44.40
C ASP I 131 169.65 -38.14 -43.49
N ILE I 132 169.44 -39.46 -43.42
CA ILE I 132 170.27 -40.30 -42.58
C ILE I 132 171.50 -40.80 -43.32
N THR I 133 171.42 -40.92 -44.64
CA THR I 133 172.57 -41.40 -45.41
C THR I 133 173.77 -40.48 -45.29
N LYS I 134 173.53 -39.16 -45.34
CA LYS I 134 174.63 -38.21 -45.18
C LYS I 134 175.24 -38.32 -43.79
N VAL I 135 174.40 -38.44 -42.75
CA VAL I 135 174.90 -38.58 -41.39
C VAL I 135 175.75 -39.84 -41.28
N LEU I 136 175.29 -40.94 -41.84
CA LEU I 136 176.04 -42.19 -41.78
C LEU I 136 177.38 -42.06 -42.50
N ALA I 137 177.38 -41.44 -43.68
CA ALA I 137 178.62 -41.27 -44.43
C ALA I 137 179.63 -40.45 -43.64
N LYS I 138 179.17 -39.31 -43.09
CA LYS I 138 180.06 -38.45 -42.32
C LYS I 138 180.57 -39.17 -41.07
N VAL I 139 179.71 -39.95 -40.41
CA VAL I 139 180.16 -40.71 -39.25
C VAL I 139 181.28 -41.66 -39.64
N ARG I 140 181.06 -42.41 -40.72
CA ARG I 140 182.06 -43.38 -41.15
C ARG I 140 183.38 -42.71 -41.52
N THR I 141 183.31 -41.50 -42.09
CA THR I 141 184.52 -40.80 -42.47
C THR I 141 185.08 -39.89 -41.38
N ALA I 142 184.43 -39.83 -40.21
CA ALA I 142 184.82 -38.93 -39.14
C ALA I 142 185.38 -39.70 -37.96
N LYS I 143 186.32 -39.08 -37.24
CA LYS I 143 186.92 -39.65 -36.05
C LYS I 143 186.30 -39.08 -34.78
N ALA I 144 186.24 -39.91 -33.74
CA ALA I 144 185.66 -39.49 -32.47
C ALA I 144 186.60 -38.52 -31.75
N LYS I 145 186.07 -37.91 -30.69
CA LYS I 145 186.84 -36.95 -29.91
C LYS I 145 187.85 -37.67 -29.03
N VAL I 146 189.15 -37.37 -29.23
CA VAL I 146 190.19 -38.00 -28.43
C VAL I 146 190.06 -37.61 -26.96
N GLU I 147 189.69 -36.36 -26.70
CA GLU I 147 189.53 -35.90 -25.32
C GLU I 147 188.45 -36.67 -24.57
N ASN I 148 187.38 -37.06 -25.26
CA ASN I 148 186.26 -37.72 -24.61
C ASN I 148 186.69 -39.00 -23.92
N ASP I 149 186.22 -39.19 -22.69
CA ASP I 149 186.55 -40.37 -21.88
C ASP I 149 185.61 -41.54 -22.14
N LEU I 150 184.34 -41.24 -22.38
CA LEU I 150 183.35 -42.28 -22.63
C LEU I 150 183.74 -43.16 -23.82
N VAL I 151 184.18 -42.53 -24.91
CA VAL I 151 184.59 -43.28 -26.09
C VAL I 151 185.73 -44.23 -25.76
N SER I 152 186.73 -43.73 -25.03
CA SER I 152 187.86 -44.57 -24.65
C SER I 152 187.41 -45.73 -23.77
N ARG I 153 186.53 -45.46 -22.82
CA ARG I 153 186.00 -46.52 -21.96
C ARG I 153 185.33 -47.61 -22.80
N VAL I 154 184.45 -47.20 -23.72
CA VAL I 154 183.74 -48.17 -24.56
C VAL I 154 184.73 -48.93 -25.44
N MET I 155 185.77 -48.25 -25.92
CA MET I 155 186.78 -48.91 -26.75
C MET I 155 187.52 -49.98 -25.97
N LYS I 156 187.94 -49.66 -24.75
CA LYS I 156 188.73 -50.62 -23.98
C LYS I 156 187.87 -51.77 -23.46
N THR I 157 186.62 -51.50 -23.11
CA THR I 157 185.73 -52.55 -22.64
C THR I 157 185.11 -53.29 -23.82
N LYS I 158 184.74 -54.54 -23.57
CA LYS I 158 184.15 -55.40 -24.59
C LYS I 158 182.64 -55.50 -24.49
N ARG I 159 182.08 -55.37 -23.28
CA ARG I 159 180.63 -55.46 -23.14
C ARG I 159 179.95 -54.20 -23.67
N LEU I 160 180.52 -53.03 -23.41
CA LEU I 160 179.88 -51.78 -23.76
C LEU I 160 179.85 -51.57 -25.27
N CYS I 161 178.73 -51.05 -25.76
CA CYS I 161 178.58 -50.69 -27.16
C CYS I 161 177.92 -49.32 -27.26
N LEU I 162 178.16 -48.62 -28.36
CA LEU I 162 177.59 -47.30 -28.58
C LEU I 162 176.43 -47.38 -29.56
N GLY I 163 175.42 -46.56 -29.32
CA GLY I 163 174.27 -46.51 -30.20
C GLY I 163 173.80 -45.10 -30.48
N LEU I 164 173.51 -44.79 -31.74
CA LEU I 164 173.03 -43.49 -32.16
C LEU I 164 171.52 -43.57 -32.36
N VAL I 165 170.78 -42.71 -31.66
CA VAL I 165 169.33 -42.69 -31.78
C VAL I 165 168.94 -41.97 -33.07
N VAL I 166 168.05 -42.59 -33.84
CA VAL I 166 167.72 -42.09 -35.17
C VAL I 166 166.27 -41.68 -35.34
N GLU I 167 165.35 -42.14 -34.50
CA GLU I 167 163.96 -41.74 -34.61
C GLU I 167 163.31 -41.78 -33.23
N THR I 168 162.39 -40.85 -32.98
CA THR I 168 161.76 -40.74 -31.68
C THR I 168 160.27 -40.43 -31.84
N ALA I 169 159.45 -41.07 -31.02
CA ALA I 169 158.01 -40.83 -31.01
C ALA I 169 157.66 -39.92 -29.84
N CYS I 170 157.01 -38.80 -30.14
CA CYS I 170 156.69 -37.78 -29.15
C CYS I 170 155.24 -37.36 -29.27
N VAL I 171 154.64 -37.02 -28.13
CA VAL I 171 153.25 -36.57 -28.11
C VAL I 171 153.19 -35.14 -28.64
N ALA I 172 152.26 -34.89 -29.56
CA ALA I 172 152.11 -33.55 -30.12
C ALA I 172 151.50 -32.59 -29.11
N ALA I 173 150.53 -33.06 -28.33
CA ALA I 173 149.83 -32.23 -27.35
C ALA I 173 149.94 -32.88 -25.98
N ALA I 174 149.32 -32.23 -24.99
CA ALA I 174 149.38 -32.74 -23.63
C ALA I 174 148.66 -34.07 -23.50
N GLY I 175 149.23 -34.98 -22.73
CA GLY I 175 148.66 -36.31 -22.51
C GLY I 175 148.20 -36.48 -21.07
N LYS I 176 147.03 -37.07 -20.89
CA LYS I 176 146.41 -37.19 -19.58
C LYS I 176 146.36 -38.64 -19.13
N LEU I 177 146.82 -38.91 -17.91
CA LEU I 177 146.83 -40.26 -17.36
C LEU I 177 146.12 -40.25 -16.02
N THR I 178 145.07 -41.06 -15.88
CA THR I 178 144.26 -41.12 -14.68
C THR I 178 144.14 -42.56 -14.18
N GLU I 179 144.25 -42.74 -12.86
CA GLU I 179 144.16 -44.06 -12.24
C GLU I 179 143.39 -43.95 -10.95
N ALA I 180 142.49 -44.91 -10.71
CA ALA I 180 141.71 -44.99 -9.48
C ALA I 180 141.73 -46.41 -8.94
N ASP I 181 141.93 -46.54 -7.63
CA ASP I 181 142.03 -47.82 -6.97
C ASP I 181 141.16 -47.81 -5.72
N ASN I 182 140.39 -48.86 -5.50
CA ASN I 182 139.58 -49.00 -4.29
C ASN I 182 139.55 -50.47 -3.93
N TRP I 183 140.19 -50.84 -2.82
CA TRP I 183 140.16 -52.25 -2.41
C TRP I 183 139.86 -52.37 -0.93
N GLU I 184 139.32 -53.52 -0.54
CA GLU I 184 138.77 -53.72 0.79
C GLU I 184 138.95 -55.17 1.22
N ILE I 185 139.28 -55.36 2.50
CA ILE I 185 139.46 -56.67 3.10
C ILE I 185 138.65 -56.73 4.39
N SER I 186 137.88 -57.80 4.58
CA SER I 186 137.13 -58.01 5.81
C SER I 186 137.29 -59.45 6.26
N GLY I 187 137.87 -59.66 7.43
CA GLY I 187 138.12 -60.99 7.93
C GLY I 187 137.60 -61.17 9.34
N HIS I 188 137.24 -62.42 9.65
CA HIS I 188 136.69 -62.77 10.95
C HIS I 188 137.15 -64.17 11.33
N THR I 189 137.47 -64.36 12.60
CA THR I 189 137.98 -65.63 13.11
C THR I 189 137.31 -65.94 14.43
N ASN I 190 136.88 -67.18 14.61
CA ASN I 190 136.24 -67.63 15.85
C ASN I 190 136.84 -68.98 16.22
N ALA I 191 137.63 -69.01 17.29
CA ALA I 191 138.23 -70.22 17.82
C ALA I 191 137.51 -70.55 19.13
N ASN I 192 136.65 -71.56 19.09
CA ASN I 192 135.90 -72.01 20.26
C ASN I 192 136.54 -73.27 20.81
N ILE I 193 136.94 -73.23 22.07
CA ILE I 193 137.51 -74.37 22.77
C ILE I 193 136.74 -74.56 24.06
N GLY I 194 136.88 -75.74 24.67
CA GLY I 194 136.14 -76.06 25.87
C GLY I 194 136.36 -75.07 26.99
N GLU I 195 137.56 -74.51 27.09
CA GLU I 195 137.89 -73.54 28.14
C GLU I 195 138.36 -72.20 27.59
N ALA I 196 138.25 -71.98 26.28
CA ALA I 196 138.70 -70.72 25.69
C ALA I 196 137.82 -70.37 24.50
N VAL I 197 137.48 -69.09 24.39
CA VAL I 197 136.72 -68.56 23.26
C VAL I 197 137.43 -67.31 22.76
N VAL I 198 137.82 -67.31 21.49
CA VAL I 198 138.50 -66.17 20.88
C VAL I 198 137.69 -65.73 19.66
N THR I 199 137.38 -64.44 19.58
CA THR I 199 136.62 -63.87 18.47
C THR I 199 137.33 -62.62 17.99
N ALA I 200 137.96 -62.71 16.81
CA ALA I 200 138.70 -61.61 16.23
C ALA I 200 138.05 -61.16 14.93
N THR I 201 138.15 -59.86 14.64
CA THR I 201 137.57 -59.28 13.45
C THR I 201 138.45 -58.13 12.98
N ALA I 202 138.63 -58.00 11.67
CA ALA I 202 139.45 -56.94 11.12
C ALA I 202 138.90 -56.48 9.78
N GLU I 203 138.67 -55.19 9.63
CA GLU I 203 138.20 -54.59 8.39
C GLU I 203 139.10 -53.45 7.99
N LEU I 204 139.43 -53.38 6.70
CA LEU I 204 140.19 -52.24 6.20
C LEU I 204 139.86 -52.02 4.73
N ASP I 205 140.12 -50.80 4.26
CA ASP I 205 139.87 -50.46 2.87
C ASP I 205 140.70 -49.24 2.51
N LYS I 206 141.33 -49.29 1.32
CA LYS I 206 142.19 -48.23 0.84
C LYS I 206 141.65 -47.70 -0.48
N ASN I 207 141.70 -46.38 -0.64
CA ASN I 207 141.28 -45.69 -1.84
C ASN I 207 142.37 -44.74 -2.29
N LEU I 208 142.74 -44.82 -3.57
CA LEU I 208 143.77 -43.97 -4.16
C LEU I 208 143.31 -43.44 -5.50
N SER I 209 143.83 -42.27 -5.87
CA SER I 209 143.53 -41.68 -7.17
C SER I 209 144.70 -40.80 -7.58
N ARG I 210 145.25 -41.06 -8.76
CA ARG I 210 146.39 -40.32 -9.28
C ARG I 210 146.09 -39.83 -10.69
N LYS I 211 146.26 -38.53 -10.92
CA LYS I 211 145.98 -37.93 -12.22
C LYS I 211 147.12 -37.00 -12.60
N ILE I 212 147.77 -37.26 -13.74
CA ILE I 212 148.90 -36.46 -14.19
C ILE I 212 148.70 -36.10 -15.66
N GLU I 213 149.51 -35.14 -16.12
CA GLU I 213 149.43 -34.64 -17.49
C GLU I 213 150.84 -34.35 -17.99
N ILE I 214 151.32 -35.18 -18.90
CA ILE I 214 152.63 -34.96 -19.52
C ILE I 214 152.52 -33.84 -20.55
N PRO I 215 153.51 -32.97 -20.66
CA PRO I 215 153.41 -31.83 -21.58
C PRO I 215 153.76 -32.23 -22.99
N PRO I 216 153.44 -31.39 -23.98
CA PRO I 216 153.82 -31.69 -25.36
C PRO I 216 155.32 -31.81 -25.53
N GLY I 217 155.73 -32.73 -26.40
CA GLY I 217 157.13 -32.96 -26.69
C GLY I 217 157.76 -34.10 -25.93
N THR I 218 157.05 -34.68 -24.96
CA THR I 218 157.60 -35.78 -24.19
C THR I 218 157.83 -37.00 -25.07
N ALA I 219 159.03 -37.56 -25.02
CA ALA I 219 159.35 -38.73 -25.83
C ALA I 219 158.70 -39.97 -25.24
N LEU I 220 158.30 -40.89 -26.12
CA LEU I 220 157.69 -42.15 -25.72
C LEU I 220 158.53 -43.37 -26.05
N ALA I 221 159.11 -43.42 -27.24
CA ALA I 221 159.88 -44.57 -27.67
C ALA I 221 160.90 -44.14 -28.71
N TYR I 222 161.87 -45.01 -28.97
CA TYR I 222 162.97 -44.66 -29.85
C TYR I 222 163.55 -45.91 -30.48
N SER I 223 164.34 -45.71 -31.54
CA SER I 223 165.11 -46.76 -32.18
C SER I 223 166.51 -46.24 -32.45
N PHE I 224 167.49 -47.13 -32.42
CA PHE I 224 168.88 -46.70 -32.52
C PHE I 224 169.66 -47.67 -33.39
N MET I 225 170.80 -47.19 -33.89
CA MET I 225 171.72 -47.95 -34.72
C MET I 225 173.05 -48.11 -33.99
N ASP I 226 173.64 -49.31 -34.09
CA ASP I 226 174.86 -49.59 -33.36
C ASP I 226 176.07 -48.96 -34.03
N LEU I 227 177.14 -48.81 -33.25
CA LEU I 227 178.40 -48.25 -33.73
C LEU I 227 179.55 -49.09 -33.20
N GLU I 228 180.74 -48.81 -33.72
CA GLU I 228 181.94 -49.54 -33.34
C GLU I 228 183.15 -48.61 -33.44
N ILE I 229 183.92 -48.53 -32.37
CA ILE I 229 185.13 -47.72 -32.33
C ILE I 229 186.27 -48.52 -32.95
N LEU I 230 186.92 -47.95 -33.97
CA LEU I 230 188.11 -48.57 -34.53
C LEU I 230 189.28 -48.45 -33.54
N GLU I 231 190.42 -49.00 -33.93
CA GLU I 231 191.65 -48.81 -33.15
C GLU I 231 191.93 -47.33 -32.97
N ASP I 232 191.83 -46.55 -34.04
CA ASP I 232 191.90 -45.10 -33.96
C ASP I 232 190.58 -44.54 -33.46
N ARG I 233 190.49 -43.21 -33.44
CA ARG I 233 189.23 -42.55 -33.06
C ARG I 233 188.13 -42.72 -34.09
N SER I 234 188.44 -43.31 -35.25
CA SER I 234 187.45 -43.51 -36.30
C SER I 234 186.30 -44.37 -35.81
N LEU I 235 185.11 -44.09 -36.35
CA LEU I 235 183.89 -44.83 -36.00
C LEU I 235 183.34 -45.53 -37.23
N ARG I 236 182.72 -46.69 -37.01
CA ARG I 236 182.12 -47.47 -38.07
C ARG I 236 180.72 -47.90 -37.64
N VAL I 237 179.88 -48.21 -38.60
CA VAL I 237 178.53 -48.68 -38.31
C VAL I 237 178.50 -50.19 -38.45
N SER I 238 177.76 -50.85 -37.57
CA SER I 238 177.70 -52.30 -37.52
C SER I 238 176.26 -52.78 -37.65
N SER I 239 176.06 -53.86 -38.39
CA SER I 239 174.73 -54.40 -38.66
C SER I 239 174.71 -55.88 -38.31
N SER I 240 173.89 -56.24 -37.33
CA SER I 240 173.68 -57.65 -36.99
C SER I 240 172.73 -58.25 -38.01
N ALA I 241 173.26 -59.10 -38.90
CA ALA I 241 172.49 -59.70 -40.00
C ALA I 241 171.86 -58.63 -40.89
N GLY I 242 172.54 -57.48 -41.02
CA GLY I 242 172.06 -56.40 -41.86
C GLY I 242 170.84 -55.67 -41.32
N ALA I 243 170.55 -55.77 -40.02
CA ALA I 243 169.37 -55.12 -39.47
C ALA I 243 169.51 -53.60 -39.52
N MET I 244 170.62 -53.07 -39.01
CA MET I 244 170.86 -51.62 -38.89
C MET I 244 169.76 -50.91 -38.12
N PHE I 245 168.97 -51.65 -37.34
CA PHE I 245 167.93 -51.05 -36.50
C PHE I 245 167.80 -51.94 -35.27
N ASP I 246 168.40 -51.51 -34.17
CA ASP I 246 168.43 -52.31 -32.96
C ASP I 246 167.33 -51.85 -32.01
N SER I 247 166.54 -52.79 -31.50
CA SER I 247 165.47 -52.51 -30.57
C SER I 247 165.78 -52.99 -29.16
N GLY I 248 167.05 -53.23 -28.86
CA GLY I 248 167.42 -53.75 -27.56
C GLY I 248 166.84 -55.13 -27.29
N LYS I 249 166.83 -55.98 -28.29
CA LYS I 249 166.27 -57.32 -28.18
C LYS I 249 167.39 -58.35 -28.06
N ALA I 250 167.07 -59.46 -27.38
CA ALA I 250 168.03 -60.54 -27.25
C ALA I 250 168.29 -61.20 -28.60
N GLU I 251 169.50 -61.74 -28.76
CA GLU I 251 169.86 -62.39 -30.02
C GLU I 251 168.97 -63.59 -30.29
N SER I 252 168.68 -64.39 -29.26
CA SER I 252 167.84 -65.58 -29.37
C SER I 252 168.35 -66.54 -30.43
CA ARG J 3 147.10 -59.60 -31.72
C ARG J 3 146.86 -58.11 -31.96
N PRO J 4 147.89 -57.40 -32.41
CA PRO J 4 147.73 -55.97 -32.68
C PRO J 4 146.67 -55.71 -33.74
N MET J 5 145.92 -54.61 -33.54
CA MET J 5 144.88 -54.27 -34.49
C MET J 5 145.45 -53.99 -35.87
N PHE J 6 146.60 -53.31 -35.93
CA PHE J 6 147.21 -53.03 -37.23
C PHE J 6 147.57 -54.32 -37.94
N ALA J 7 148.14 -55.30 -37.22
CA ALA J 7 148.48 -56.57 -37.85
C ALA J 7 147.22 -57.30 -38.31
N VAL J 8 146.16 -57.28 -37.50
CA VAL J 8 144.91 -57.94 -37.90
C VAL J 8 144.34 -57.30 -39.16
N ALA J 9 144.33 -55.96 -39.21
CA ALA J 9 143.81 -55.28 -40.38
C ALA J 9 144.67 -55.54 -41.61
N VAL J 10 145.99 -55.60 -41.44
CA VAL J 10 146.86 -55.90 -42.56
C VAL J 10 146.58 -57.31 -43.09
N ASN J 11 146.40 -58.27 -42.19
CA ASN J 11 146.09 -59.63 -42.63
C ASN J 11 144.74 -59.68 -43.35
N GLU J 12 143.73 -58.96 -42.83
CA GLU J 12 142.44 -58.93 -43.49
C GLU J 12 142.55 -58.34 -44.89
N PHE J 13 143.27 -57.24 -45.03
CA PHE J 13 143.43 -56.61 -46.34
C PHE J 13 144.17 -57.53 -47.29
N ILE J 14 145.26 -58.15 -46.84
CA ILE J 14 146.05 -58.98 -47.73
C ILE J 14 145.29 -60.23 -48.13
N ARG J 15 144.41 -60.73 -47.26
CA ARG J 15 143.57 -61.85 -47.65
C ARG J 15 142.52 -61.43 -48.67
N SER J 16 141.84 -60.31 -48.41
CA SER J 16 140.78 -59.88 -49.32
C SER J 16 141.33 -59.55 -50.70
N ALA J 17 142.47 -58.86 -50.76
CA ALA J 17 143.10 -58.47 -52.01
C ALA J 17 144.58 -58.82 -51.97
N GLY J 18 145.08 -59.39 -53.05
CA GLY J 18 146.50 -59.71 -53.13
C GLY J 18 146.98 -60.74 -52.15
N GLN J 19 146.25 -61.86 -52.04
CA GLN J 19 146.68 -62.93 -51.15
C GLN J 19 148.02 -63.51 -51.58
N ASP J 20 148.34 -63.43 -52.86
CA ASP J 20 149.61 -63.86 -53.39
C ASP J 20 150.44 -62.64 -53.80
N SER J 21 151.75 -62.81 -53.76
CA SER J 21 152.70 -61.76 -54.16
C SER J 21 152.50 -60.48 -53.35
N LEU J 22 152.42 -60.62 -52.04
CA LEU J 22 152.23 -59.48 -51.16
C LEU J 22 152.72 -59.84 -49.76
N CYS J 23 153.45 -58.93 -49.13
CA CYS J 23 154.03 -59.14 -47.81
C CYS J 23 153.45 -58.11 -46.84
N GLY J 24 152.98 -58.59 -45.70
CA GLY J 24 152.43 -57.70 -44.70
C GLY J 24 153.49 -56.81 -44.08
N VAL J 25 153.04 -55.67 -43.57
CA VAL J 25 153.91 -54.71 -42.91
C VAL J 25 154.00 -55.05 -41.41
N PRO J 26 155.19 -55.14 -40.84
CA PRO J 26 155.30 -55.56 -39.44
C PRO J 26 154.63 -54.62 -38.45
N ASP J 27 154.82 -53.31 -38.60
CA ASP J 27 154.25 -52.37 -37.65
C ASP J 27 154.14 -51.00 -38.28
N ILE J 28 153.37 -50.14 -37.62
CA ILE J 28 153.11 -48.79 -38.14
C ILE J 28 154.40 -48.00 -38.21
N ASN J 29 155.26 -48.13 -37.19
CA ASN J 29 156.50 -47.36 -37.17
C ASN J 29 157.39 -47.69 -38.36
N SER J 30 157.51 -48.97 -38.69
CA SER J 30 158.36 -49.40 -39.78
C SER J 30 157.63 -49.46 -41.12
N SER J 31 156.34 -49.08 -41.14
CA SER J 31 155.60 -49.07 -42.41
C SER J 31 156.24 -48.12 -43.41
N GLY J 32 156.78 -46.99 -42.95
CA GLY J 32 157.32 -46.01 -43.87
C GLY J 32 158.63 -46.40 -44.52
N ASP J 33 159.25 -47.49 -44.07
CA ASP J 33 160.52 -47.94 -44.64
C ASP J 33 160.34 -48.93 -45.78
N PHE J 34 159.10 -49.22 -46.18
CA PHE J 34 158.82 -50.18 -47.24
C PHE J 34 158.18 -49.51 -48.45
N MET J 35 158.54 -48.26 -48.71
CA MET J 35 158.10 -47.56 -49.90
C MET J 35 158.88 -48.06 -51.11
N PRO J 36 158.39 -47.81 -52.32
CA PRO J 36 159.08 -48.32 -53.53
C PRO J 36 160.51 -47.78 -53.62
N LEU J 37 161.37 -48.60 -54.22
CA LEU J 37 162.79 -48.29 -54.40
C LEU J 37 163.52 -48.21 -53.05
N HIS J 38 163.26 -49.21 -52.21
CA HIS J 38 163.95 -49.36 -50.94
C HIS J 38 164.62 -50.72 -50.88
N ILE J 39 165.78 -50.76 -50.24
CA ILE J 39 166.56 -51.99 -50.10
C ILE J 39 166.16 -52.68 -48.80
N ILE J 40 165.94 -53.99 -48.87
CA ILE J 40 165.65 -54.81 -47.70
C ILE J 40 166.57 -56.02 -47.73
N VAL J 41 166.74 -56.65 -46.57
CA VAL J 41 167.61 -57.81 -46.41
C VAL J 41 166.74 -59.01 -46.07
N LYS J 42 167.00 -60.13 -46.74
CA LYS J 42 166.28 -61.37 -46.52
C LYS J 42 167.22 -62.41 -45.93
N GLU J 43 166.79 -63.05 -44.85
CA GLU J 43 167.56 -64.06 -44.14
C GLU J 43 166.81 -65.39 -44.23
N VAL J 44 167.54 -66.44 -44.61
CA VAL J 44 166.96 -67.77 -44.78
C VAL J 44 166.67 -68.37 -43.40
N PRO J 45 165.69 -69.28 -43.29
CA PRO J 45 165.37 -69.87 -41.98
C PRO J 45 166.54 -70.62 -41.36
N LYS J 46 167.39 -71.26 -42.17
CA LYS J 46 168.55 -72.04 -41.77
C LYS J 46 168.18 -73.34 -41.06
N VAL J 47 166.89 -73.60 -40.82
CA VAL J 47 166.46 -74.84 -40.17
C VAL J 47 165.60 -75.63 -41.15
N LEU J 48 164.49 -75.03 -41.57
CA LEU J 48 163.59 -75.63 -42.56
C LEU J 48 163.33 -74.59 -43.65
N PRO J 49 164.31 -74.35 -44.53
CA PRO J 49 164.14 -73.30 -45.54
C PRO J 49 162.93 -73.51 -46.45
N CYS J 50 162.62 -74.75 -46.79
CA CYS J 50 161.48 -75.03 -47.65
C CYS J 50 160.15 -75.09 -46.89
N CYS J 51 160.19 -75.06 -45.55
CA CYS J 51 158.98 -75.15 -44.75
C CYS J 51 158.67 -73.88 -43.97
N ARG J 52 159.62 -72.96 -43.84
CA ARG J 52 159.44 -71.75 -43.06
C ARG J 52 159.72 -70.54 -43.94
N ARG J 53 158.91 -69.49 -43.79
CA ARG J 53 159.11 -68.27 -44.55
C ARG J 53 160.32 -67.51 -44.01
N PRO J 54 161.07 -66.84 -44.88
CA PRO J 54 162.30 -66.15 -44.44
C PRO J 54 162.01 -64.93 -43.58
N LYS J 55 163.07 -64.27 -43.12
CA LYS J 55 162.97 -63.10 -42.26
C LYS J 55 163.39 -61.86 -43.03
N ILE J 56 162.57 -60.82 -42.96
CA ILE J 56 162.77 -59.59 -43.73
C ILE J 56 163.18 -58.47 -42.78
N LYS J 57 164.28 -57.80 -43.12
CA LYS J 57 164.85 -56.73 -42.30
C LYS J 57 164.88 -55.46 -43.12
N ARG J 58 164.38 -54.37 -42.55
CA ARG J 58 164.40 -53.07 -43.21
C ARG J 58 165.77 -52.42 -43.07
N THR J 59 166.11 -51.60 -44.06
CA THR J 59 167.36 -50.86 -44.04
C THR J 59 167.11 -49.41 -44.43
N PRO J 60 167.93 -48.49 -43.92
CA PRO J 60 167.75 -47.07 -44.26
C PRO J 60 168.52 -46.67 -45.53
N TYR J 61 168.20 -47.35 -46.63
CA TYR J 61 168.88 -47.12 -47.90
C TYR J 61 167.87 -47.11 -49.03
N THR J 62 168.17 -46.31 -50.06
CA THR J 62 167.47 -46.34 -51.32
C THR J 62 168.39 -46.86 -52.41
N LEU J 63 167.82 -47.10 -53.59
CA LEU J 63 168.60 -47.64 -54.69
C LEU J 63 169.72 -46.69 -55.10
N ASN J 64 169.42 -45.40 -55.19
CA ASN J 64 170.42 -44.42 -55.62
C ASN J 64 171.54 -44.31 -54.59
N ASP J 65 171.21 -44.43 -53.30
CA ASP J 65 172.26 -44.39 -52.29
C ASP J 65 173.12 -45.65 -52.33
N ILE J 66 172.48 -46.81 -52.51
CA ILE J 66 173.24 -48.06 -52.50
C ILE J 66 174.08 -48.22 -53.76
N LEU J 67 173.69 -47.56 -54.85
CA LEU J 67 174.38 -47.69 -56.12
C LEU J 67 175.30 -46.51 -56.37
N ASP J 68 176.50 -46.81 -56.91
CA ASP J 68 177.39 -45.74 -57.32
C ASP J 68 176.77 -44.91 -58.45
N GLU J 69 176.13 -45.57 -59.41
CA GLU J 69 175.49 -44.88 -60.52
C GLU J 69 174.01 -44.70 -60.23
N PRO J 70 173.49 -43.48 -60.26
CA PRO J 70 172.06 -43.28 -59.96
C PRO J 70 171.16 -43.80 -61.06
N CYS J 71 169.90 -44.03 -60.68
CA CYS J 71 168.87 -44.52 -61.57
C CYS J 71 167.65 -43.61 -61.46
N PRO J 72 166.81 -43.55 -62.49
CA PRO J 72 165.57 -42.78 -62.37
C PRO J 72 164.70 -43.33 -61.26
N ASN J 73 164.00 -42.44 -60.56
CA ASN J 73 163.26 -42.80 -59.36
C ASN J 73 161.84 -42.24 -59.32
N GLN J 74 161.32 -41.73 -60.43
CA GLN J 74 159.97 -41.19 -60.44
C GLN J 74 158.94 -42.27 -60.16
N LEU J 75 157.85 -41.89 -59.49
CA LEU J 75 156.82 -42.83 -59.07
C LEU J 75 155.46 -42.40 -59.61
N LYS J 76 154.50 -43.30 -59.48
CA LYS J 76 153.12 -43.03 -59.85
C LYS J 76 152.21 -43.91 -58.99
N SER J 77 150.99 -43.43 -58.77
CA SER J 77 150.04 -44.13 -57.93
C SER J 77 148.69 -44.24 -58.64
N SER J 78 147.97 -45.32 -58.32
CA SER J 78 146.66 -45.57 -58.90
C SER J 78 145.84 -46.40 -57.93
N ASP J 79 144.51 -46.29 -58.05
CA ASP J 79 143.63 -46.98 -57.12
C ASP J 79 143.75 -48.50 -57.26
N LEU J 80 143.60 -49.19 -56.13
CA LEU J 80 143.69 -50.64 -56.10
C LEU J 80 142.40 -51.30 -55.64
N VAL J 81 141.86 -50.90 -54.49
CA VAL J 81 140.64 -51.49 -53.94
C VAL J 81 139.99 -50.45 -53.03
N THR J 82 138.70 -50.63 -52.77
CA THR J 82 137.91 -49.68 -51.99
C THR J 82 136.98 -50.46 -51.07
N PHE J 83 137.19 -50.32 -49.76
CA PHE J 83 136.33 -50.93 -48.75
C PHE J 83 135.19 -49.96 -48.45
N THR J 84 134.02 -50.21 -49.05
CA THR J 84 132.91 -49.27 -48.91
C THR J 84 132.39 -49.23 -47.48
N GLU J 85 132.37 -50.37 -46.79
CA GLU J 85 131.88 -50.43 -45.43
C GLU J 85 132.91 -51.08 -44.53
N PRO J 86 132.91 -50.74 -43.24
CA PRO J 86 133.91 -51.27 -42.32
C PRO J 86 133.80 -52.79 -42.18
N LEU J 87 134.94 -53.44 -42.06
CA LEU J 87 134.98 -54.85 -41.70
C LEU J 87 134.62 -54.99 -40.22
N VAL J 88 133.53 -55.70 -39.94
CA VAL J 88 132.99 -55.83 -38.59
C VAL J 88 133.03 -57.30 -38.20
N SER J 89 133.53 -57.57 -37.00
CA SER J 89 133.62 -58.93 -36.48
C SER J 89 133.10 -58.97 -35.05
N ASN J 90 132.31 -60.00 -34.74
CA ASN J 90 131.75 -60.20 -33.43
C ASN J 90 131.97 -61.64 -33.00
N VAL J 91 132.43 -61.83 -31.77
CA VAL J 91 132.58 -63.16 -31.17
C VAL J 91 131.95 -63.11 -29.79
N LYS J 92 131.15 -64.11 -29.46
CA LYS J 92 130.47 -64.16 -28.18
C LYS J 92 130.46 -65.60 -27.70
N ALA J 93 131.17 -65.88 -26.61
CA ALA J 93 131.26 -67.21 -26.04
C ALA J 93 130.76 -67.20 -24.61
N SER J 94 130.16 -68.31 -24.19
CA SER J 94 129.68 -68.45 -22.83
C SER J 94 129.63 -69.93 -22.48
N SER J 95 130.20 -70.29 -21.33
CA SER J 95 130.29 -71.69 -20.93
C SER J 95 130.10 -71.81 -19.43
N SER J 96 129.68 -72.99 -19.01
CA SER J 96 129.47 -73.29 -17.59
C SER J 96 129.80 -74.75 -17.33
N ILE J 97 130.43 -75.01 -16.19
CA ILE J 97 130.85 -76.34 -15.80
C ILE J 97 130.36 -76.61 -14.38
N GLY J 98 129.80 -77.80 -14.15
CA GLY J 98 129.38 -78.19 -12.83
C GLY J 98 129.83 -79.60 -12.48
N LEU J 99 130.63 -79.73 -11.42
CA LEU J 99 131.17 -81.02 -10.99
C LEU J 99 130.68 -81.31 -9.59
N GLN J 100 130.22 -82.54 -9.37
CA GLN J 100 129.78 -82.97 -8.05
C GLN J 100 130.33 -84.37 -7.77
N ILE J 101 130.96 -84.53 -6.61
CA ILE J 101 131.43 -85.83 -6.13
C ILE J 101 130.68 -86.10 -4.83
N LEU J 102 129.64 -86.93 -4.93
CA LEU J 102 128.82 -87.38 -3.79
C LEU J 102 128.30 -86.15 -3.07
N LYS J 103 128.36 -86.08 -1.74
CA LYS J 103 128.10 -84.86 -1.00
C LYS J 103 129.39 -84.28 -0.41
N HIS J 104 130.54 -84.62 -1.01
CA HIS J 104 131.84 -84.18 -0.52
C HIS J 104 132.47 -83.08 -1.36
N PHE J 105 132.23 -83.07 -2.68
CA PHE J 105 132.80 -82.04 -3.53
C PHE J 105 131.72 -81.44 -4.40
N ASP J 106 131.73 -80.12 -4.57
CA ASP J 106 130.74 -79.45 -5.41
C ASP J 106 131.36 -78.17 -5.96
N SER J 107 131.69 -78.15 -7.24
CA SER J 107 132.31 -76.99 -7.88
C SER J 107 131.43 -76.51 -9.03
N GLY J 108 131.24 -75.20 -9.12
CA GLY J 108 130.53 -74.61 -10.23
C GLY J 108 131.27 -73.42 -10.81
N ALA J 109 131.65 -73.51 -12.08
CA ALA J 109 132.40 -72.45 -12.74
C ALA J 109 131.63 -71.98 -13.96
N LYS J 110 131.88 -70.74 -14.36
CA LYS J 110 131.24 -70.20 -15.55
C LYS J 110 132.09 -69.06 -16.09
N GLY J 111 132.03 -68.89 -17.40
CA GLY J 111 132.81 -67.85 -18.05
C GLY J 111 132.07 -67.32 -19.26
N SER J 112 132.38 -66.08 -19.61
CA SER J 112 131.78 -65.45 -20.78
C SER J 112 132.77 -64.46 -21.38
N LYS J 113 132.64 -64.25 -22.69
CA LYS J 113 133.55 -63.36 -23.41
C LYS J 113 132.80 -62.74 -24.58
N ASN J 114 133.01 -61.45 -24.79
CA ASN J 114 132.41 -60.71 -25.90
C ASN J 114 133.49 -59.84 -26.52
N PHE J 115 133.76 -60.06 -27.80
CA PHE J 115 134.85 -59.42 -28.52
C PHE J 115 134.30 -58.80 -29.80
N ILE J 116 134.56 -57.50 -30.00
CA ILE J 116 134.04 -56.78 -31.15
C ILE J 116 135.18 -56.03 -31.83
N THR J 117 135.24 -56.10 -33.15
CA THR J 117 136.28 -55.45 -33.92
C THR J 117 135.67 -54.73 -35.11
N SER J 118 136.21 -53.55 -35.44
CA SER J 118 135.77 -52.79 -36.60
C SER J 118 136.97 -52.12 -37.24
N ALA J 119 137.14 -52.30 -38.55
CA ALA J 119 138.23 -51.70 -39.28
C ALA J 119 137.69 -50.97 -40.50
N SER J 120 138.03 -49.69 -40.63
CA SER J 120 137.61 -48.86 -41.75
C SER J 120 138.87 -48.37 -42.45
N LEU J 121 139.21 -49.00 -43.57
CA LEU J 121 140.41 -48.67 -44.34
C LEU J 121 140.13 -47.71 -45.48
N GLY J 122 138.88 -47.40 -45.77
CA GLY J 122 138.59 -46.45 -46.83
C GLY J 122 139.07 -46.96 -48.19
N THR J 123 139.89 -46.15 -48.85
CA THR J 123 140.43 -46.47 -50.17
C THR J 123 141.91 -46.78 -50.04
N VAL J 124 142.35 -47.83 -50.74
CA VAL J 124 143.75 -48.24 -50.76
C VAL J 124 144.27 -48.04 -52.18
N VAL J 125 145.40 -47.35 -52.30
CA VAL J 125 146.04 -47.11 -53.58
C VAL J 125 147.35 -47.88 -53.63
N LYS J 126 147.89 -48.01 -54.84
CA LYS J 126 149.17 -48.67 -55.07
C LYS J 126 150.12 -47.69 -55.73
N ALA J 127 151.34 -47.63 -55.20
CA ALA J 127 152.38 -46.75 -55.71
C ALA J 127 153.55 -47.59 -56.20
N GLU J 128 154.08 -47.21 -57.36
CA GLU J 128 155.14 -47.97 -58.02
C GLU J 128 155.87 -47.07 -59.00
N THR J 129 157.06 -47.51 -59.39
CA THR J 129 157.86 -46.76 -60.34
C THR J 129 157.11 -46.62 -61.67
N ILE J 130 157.28 -45.48 -62.32
CA ILE J 130 156.62 -45.25 -63.61
C ILE J 130 157.10 -46.26 -64.64
N ASP J 131 158.40 -46.50 -64.70
CA ASP J 131 158.98 -47.47 -65.62
C ASP J 131 159.97 -48.33 -64.84
N ILE J 132 159.69 -49.63 -64.75
CA ILE J 132 160.55 -50.54 -64.02
C ILE J 132 161.65 -51.11 -64.91
N THR J 133 161.40 -51.20 -66.22
CA THR J 133 162.40 -51.75 -67.13
C THR J 133 163.66 -50.90 -67.15
N LYS J 134 163.51 -49.57 -67.17
CA LYS J 134 164.68 -48.70 -67.14
C LYS J 134 165.46 -48.86 -65.84
N VAL J 135 164.75 -48.94 -64.71
CA VAL J 135 165.41 -49.13 -63.43
C VAL J 135 166.18 -50.44 -63.41
N LEU J 136 165.57 -51.50 -63.93
CA LEU J 136 166.26 -52.79 -63.96
C LEU J 136 167.49 -52.74 -64.85
N ALA J 137 167.38 -52.11 -66.02
CA ALA J 137 168.52 -52.01 -66.92
C ALA J 137 169.67 -51.26 -66.25
N LYS J 138 169.37 -50.11 -65.66
CA LYS J 138 170.40 -49.32 -64.99
C LYS J 138 171.02 -50.08 -63.82
N VAL J 139 170.20 -50.81 -63.06
CA VAL J 139 170.75 -51.61 -61.97
C VAL J 139 171.73 -52.62 -62.50
N ARG J 140 171.34 -53.34 -63.56
CA ARG J 140 172.21 -54.37 -64.11
C ARG J 140 173.51 -53.78 -64.64
N THR J 141 173.45 -52.57 -65.19
CA THR J 141 174.65 -51.94 -65.72
C THR J 141 175.39 -51.08 -64.71
N ALA J 142 174.91 -51.00 -63.47
CA ALA J 142 175.49 -50.13 -62.46
C ALA J 142 176.14 -50.95 -61.35
N LYS J 143 177.20 -50.39 -60.76
CA LYS J 143 177.90 -51.02 -59.65
C LYS J 143 177.49 -50.43 -58.32
N ALA J 144 177.50 -51.26 -57.28
CA ALA J 144 177.13 -50.82 -55.95
C ALA J 144 178.21 -49.92 -55.35
N LYS J 145 177.86 -49.29 -54.23
CA LYS J 145 178.78 -48.39 -53.55
C LYS J 145 179.86 -49.19 -52.80
N VAL J 146 181.12 -48.96 -53.17
CA VAL J 146 182.22 -49.67 -52.51
C VAL J 146 182.30 -49.29 -51.04
N GLU J 147 182.05 -48.02 -50.72
CA GLU J 147 182.10 -47.57 -49.33
C GLU J 147 181.07 -48.28 -48.46
N ASN J 148 179.90 -48.59 -49.00
CA ASN J 148 178.82 -49.18 -48.21
C ASN J 148 179.26 -50.50 -47.59
N ASP J 149 178.94 -50.67 -46.31
CA ASP J 149 179.30 -51.88 -45.57
C ASP J 149 178.25 -52.98 -45.70
N LEU J 150 176.97 -52.60 -45.78
CA LEU J 150 175.90 -53.58 -45.90
C LEU J 150 176.09 -54.46 -47.13
N VAL J 151 176.42 -53.85 -48.27
CA VAL J 151 176.63 -54.61 -49.50
C VAL J 151 177.75 -55.63 -49.31
N SER J 152 178.86 -55.21 -48.72
CA SER J 152 179.97 -56.12 -48.49
C SER J 152 179.56 -57.26 -47.56
N ARG J 153 178.83 -56.94 -46.50
CA ARG J 153 178.34 -57.98 -45.59
C ARG J 153 177.51 -59.01 -46.34
N VAL J 154 176.54 -58.54 -47.13
CA VAL J 154 175.68 -59.45 -47.88
C VAL J 154 176.48 -60.26 -48.89
N MET J 155 177.50 -59.65 -49.50
CA MET J 155 178.35 -60.36 -50.45
C MET J 155 179.11 -61.49 -49.77
N LYS J 156 179.70 -61.20 -48.61
CA LYS J 156 180.53 -62.22 -47.95
C LYS J 156 179.67 -63.32 -47.34
N THR J 157 178.49 -62.97 -46.82
CA THR J 157 177.60 -63.97 -46.24
C THR J 157 176.79 -64.66 -47.34
N LYS J 158 176.38 -65.89 -47.05
CA LYS J 158 175.61 -66.69 -48.00
C LYS J 158 174.11 -66.70 -47.70
N ARG J 159 173.72 -66.54 -46.43
CA ARG J 159 172.30 -66.54 -46.10
C ARG J 159 171.64 -65.24 -46.54
N LEU J 160 172.31 -64.11 -46.34
CA LEU J 160 171.72 -62.81 -46.61
C LEU J 160 171.51 -62.59 -48.10
N CYS J 161 170.37 -61.99 -48.45
CA CYS J 161 170.06 -61.61 -49.82
C CYS J 161 169.49 -60.20 -49.82
N LEU J 162 169.63 -59.51 -50.95
CA LEU J 162 169.14 -58.15 -51.09
C LEU J 162 167.85 -58.14 -51.92
N GLY J 163 166.93 -57.26 -51.54
CA GLY J 163 165.69 -57.13 -52.27
C GLY J 163 165.27 -55.68 -52.48
N LEU J 164 164.84 -55.35 -53.69
CA LEU J 164 164.40 -54.01 -54.04
C LEU J 164 162.88 -53.99 -54.05
N VAL J 165 162.29 -53.10 -53.26
CA VAL J 165 160.83 -52.98 -53.20
C VAL J 165 160.34 -52.23 -54.42
N VAL J 166 159.32 -52.78 -55.09
CA VAL J 166 158.87 -52.24 -56.36
C VAL J 166 157.42 -51.74 -56.33
N GLU J 167 156.59 -52.15 -55.37
CA GLU J 167 155.23 -51.66 -55.31
C GLU J 167 154.76 -51.68 -53.87
N THR J 168 153.94 -50.69 -53.50
CA THR J 168 153.48 -50.56 -52.13
C THR J 168 152.02 -50.15 -52.09
N ALA J 169 151.26 -50.75 -51.18
CA ALA J 169 149.85 -50.42 -50.98
C ALA J 169 149.71 -49.50 -49.78
N CYS J 170 149.10 -48.34 -49.99
CA CYS J 170 148.99 -47.31 -48.96
C CYS J 170 147.55 -46.80 -48.89
N VAL J 171 147.13 -46.44 -47.69
CA VAL J 171 145.78 -45.90 -47.49
C VAL J 171 145.74 -44.46 -47.99
N ALA J 172 144.73 -44.14 -48.80
CA ALA J 172 144.60 -42.79 -49.33
C ALA J 172 144.18 -41.80 -48.24
N ALA J 173 143.29 -42.22 -47.34
CA ALA J 173 142.78 -41.36 -46.28
C ALA J 173 143.02 -42.03 -44.94
N ALA J 174 142.58 -41.36 -43.87
CA ALA J 174 142.77 -41.88 -42.53
C ALA J 174 141.98 -43.17 -42.33
N GLY J 175 142.59 -44.12 -41.63
CA GLY J 175 141.96 -45.41 -41.35
C GLY J 175 141.69 -45.56 -39.86
N LYS J 176 140.51 -46.09 -39.55
CA LYS J 176 140.05 -46.18 -38.16
C LYS J 176 139.97 -47.63 -37.72
N LEU J 177 140.56 -47.94 -36.57
CA LEU J 177 140.56 -49.29 -36.02
C LEU J 177 140.03 -49.25 -34.60
N THR J 178 138.95 -50.01 -34.33
CA THR J 178 138.30 -50.02 -33.03
C THR J 178 138.15 -51.45 -32.53
N GLU J 179 138.41 -51.66 -31.24
CA GLU J 179 138.32 -52.98 -30.62
C GLU J 179 137.73 -52.84 -29.23
N ALA J 180 136.81 -53.74 -28.89
CA ALA J 180 136.18 -53.78 -27.57
C ALA J 180 136.18 -55.21 -27.05
N ASP J 181 136.54 -55.36 -25.77
CA ASP J 181 136.63 -56.66 -25.13
C ASP J 181 135.93 -56.60 -23.78
N ASN J 182 135.12 -57.61 -23.47
CA ASN J 182 134.47 -57.71 -22.17
C ASN J 182 134.39 -59.18 -21.80
N TRP J 183 135.15 -59.60 -20.79
CA TRP J 183 135.07 -61.01 -20.39
C TRP J 183 134.96 -61.13 -18.87
N GLU J 184 134.40 -62.25 -18.43
CA GLU J 184 134.01 -62.42 -17.04
C GLU J 184 134.15 -63.89 -16.64
N ILE J 185 134.63 -64.11 -15.41
CA ILE J 185 134.79 -65.44 -14.84
C ILE J 185 134.15 -65.46 -13.46
N SER J 186 133.35 -66.48 -13.18
CA SER J 186 132.74 -66.65 -11.86
C SER J 186 132.88 -68.12 -11.45
N GLY J 187 133.58 -68.37 -10.35
CA GLY J 187 133.81 -69.72 -9.90
C GLY J 187 133.46 -69.88 -8.43
N HIS J 188 133.05 -71.10 -8.08
CA HIS J 188 132.65 -71.44 -6.72
C HIS J 188 133.06 -72.87 -6.41
N THR J 189 133.54 -73.10 -5.20
CA THR J 189 134.02 -74.40 -4.76
C THR J 189 133.50 -74.68 -3.35
N ASN J 190 133.02 -75.90 -3.13
CA ASN J 190 132.51 -76.32 -1.83
C ASN J 190 133.07 -77.72 -1.55
N ALA J 191 133.98 -77.80 -0.58
CA ALA J 191 134.56 -79.06 -0.14
C ALA J 191 134.01 -79.35 1.25
N ASN J 192 133.08 -80.31 1.32
CA ASN J 192 132.46 -80.72 2.57
C ASN J 192 133.08 -82.02 3.04
N ILE J 193 133.64 -82.02 4.24
CA ILE J 193 134.22 -83.20 4.85
C ILE J 193 133.60 -83.36 6.23
N GLY J 194 133.74 -84.56 6.81
CA GLY J 194 133.14 -84.83 8.10
C GLY J 194 133.57 -83.87 9.19
N GLU J 195 134.82 -83.40 9.14
CA GLU J 195 135.33 -82.47 10.13
C GLU J 195 135.81 -81.15 9.54
N ALA J 196 135.54 -80.90 8.26
CA ALA J 196 136.00 -79.67 7.61
C ALA J 196 135.01 -79.26 6.55
N VAL J 197 134.74 -77.95 6.48
CA VAL J 197 133.87 -77.36 5.46
C VAL J 197 134.59 -76.16 4.88
N VAL J 198 134.82 -76.16 3.56
CA VAL J 198 135.48 -75.07 2.87
C VAL J 198 134.55 -74.56 1.77
N THR J 199 134.32 -73.25 1.74
CA THR J 199 133.46 -72.62 0.74
C THR J 199 134.20 -71.41 0.17
N ALA J 200 134.65 -71.53 -1.08
CA ALA J 200 135.40 -70.47 -1.75
C ALA J 200 134.60 -69.96 -2.94
N THR J 201 134.76 -68.68 -3.24
CA THR J 201 134.06 -68.04 -4.36
C THR J 201 134.96 -66.94 -4.92
N ALA J 202 134.97 -66.82 -6.24
CA ALA J 202 135.79 -65.80 -6.90
C ALA J 202 135.10 -65.30 -8.16
N GLU J 203 134.95 -63.99 -8.26
CA GLU J 203 134.34 -63.35 -9.43
C GLU J 203 135.27 -62.26 -9.94
N LEU J 204 135.44 -62.19 -11.25
CA LEU J 204 136.20 -61.10 -11.85
C LEU J 204 135.70 -60.84 -13.26
N ASP J 205 135.97 -59.64 -13.76
CA ASP J 205 135.58 -59.26 -15.10
C ASP J 205 136.43 -58.10 -15.57
N LYS J 206 136.90 -58.17 -16.81
CA LYS J 206 137.75 -57.17 -17.42
C LYS J 206 137.08 -56.58 -18.65
N ASN J 207 137.21 -55.27 -18.81
CA ASN J 207 136.66 -54.54 -19.94
C ASN J 207 137.77 -53.65 -20.52
N LEU J 208 137.96 -53.75 -21.84
CA LEU J 208 138.96 -52.96 -22.55
C LEU J 208 138.36 -52.38 -23.82
N SER J 209 138.91 -51.25 -24.25
CA SER J 209 138.49 -50.62 -25.50
C SER J 209 139.66 -49.81 -26.06
N ARG J 210 140.03 -50.09 -27.30
CA ARG J 210 141.15 -49.42 -27.95
C ARG J 210 140.69 -48.90 -29.30
N LYS J 211 140.92 -47.60 -29.56
CA LYS J 211 140.52 -46.98 -30.82
C LYS J 211 141.66 -46.11 -31.32
N ILE J 212 142.14 -46.41 -32.53
CA ILE J 212 143.25 -45.67 -33.13
C ILE J 212 142.89 -45.28 -34.55
N GLU J 213 143.70 -44.37 -35.11
CA GLU J 213 143.47 -43.85 -36.46
C GLU J 213 144.83 -43.65 -37.14
N ILE J 214 145.13 -44.50 -38.11
CA ILE J 214 146.36 -44.35 -38.89
C ILE J 214 146.19 -43.22 -39.89
N PRO J 215 147.21 -42.41 -40.12
CA PRO J 215 147.08 -41.25 -41.01
C PRO J 215 147.22 -41.66 -42.46
N PRO J 216 146.83 -40.78 -43.40
CA PRO J 216 147.01 -41.10 -44.82
C PRO J 216 148.47 -41.31 -45.17
N GLY J 217 148.71 -42.24 -46.10
CA GLY J 217 150.04 -42.57 -46.57
C GLY J 217 150.69 -43.74 -45.89
N THR J 218 150.07 -44.29 -44.84
CA THR J 218 150.65 -45.43 -44.15
C THR J 218 150.67 -46.65 -45.06
N ALA J 219 151.84 -47.29 -45.16
CA ALA J 219 151.97 -48.46 -46.01
C ALA J 219 151.33 -49.67 -45.34
N LEU J 220 150.76 -50.55 -46.17
CA LEU J 220 150.11 -51.78 -45.70
C LEU J 220 150.83 -53.04 -46.15
N ALA J 221 151.27 -53.11 -47.39
CA ALA J 221 151.89 -54.31 -47.92
C ALA J 221 152.79 -53.93 -49.08
N TYR J 222 153.67 -54.86 -49.46
CA TYR J 222 154.66 -54.56 -50.48
C TYR J 222 155.08 -55.85 -51.18
N SER J 223 155.74 -55.68 -52.33
CA SER J 223 156.35 -56.77 -53.06
C SER J 223 157.73 -56.34 -53.51
N PHE J 224 158.66 -57.29 -53.61
CA PHE J 224 160.04 -56.96 -53.89
C PHE J 224 160.65 -57.96 -54.86
N MET J 225 161.74 -57.54 -55.48
CA MET J 225 162.50 -58.36 -56.43
C MET J 225 163.89 -58.61 -55.88
N ASP J 226 164.38 -59.83 -56.05
CA ASP J 226 165.67 -60.21 -55.49
C ASP J 226 166.82 -59.64 -56.30
N LEU J 227 167.99 -59.57 -55.66
CA LEU J 227 169.22 -59.08 -56.29
C LEU J 227 170.37 -60.00 -55.92
N GLU J 228 171.50 -59.79 -56.59
CA GLU J 228 172.69 -60.60 -56.37
C GLU J 228 173.92 -59.75 -56.62
N ILE J 229 174.83 -59.73 -55.65
CA ILE J 229 176.09 -59.00 -55.76
C ILE J 229 177.10 -59.86 -56.53
N LEU J 230 177.64 -59.32 -57.62
CA LEU J 230 178.71 -60.01 -58.33
C LEU J 230 179.99 -59.98 -57.49
N GLU J 231 181.05 -60.60 -58.03
CA GLU J 231 182.36 -60.49 -57.42
C GLU J 231 182.77 -59.04 -57.26
N ASP J 232 182.57 -58.24 -58.31
CA ASP J 232 182.75 -56.80 -58.24
C ASP J 232 181.55 -56.16 -57.56
N ARG J 233 181.54 -54.83 -57.53
CA ARG J 233 180.39 -54.09 -56.98
C ARG J 233 179.16 -54.19 -57.89
N SER J 234 179.29 -54.78 -59.07
CA SER J 234 178.15 -54.91 -59.99
C SER J 234 177.02 -55.70 -59.35
N LEU J 235 175.79 -55.33 -59.73
CA LEU J 235 174.59 -55.99 -59.24
C LEU J 235 173.84 -56.64 -60.39
N ARG J 236 173.18 -57.76 -60.09
CA ARG J 236 172.40 -58.49 -61.07
C ARG J 236 171.04 -58.83 -60.47
N VAL J 237 170.06 -59.09 -61.33
CA VAL J 237 168.73 -59.48 -60.87
C VAL J 237 168.59 -60.98 -61.00
N SER J 238 167.92 -61.60 -60.03
CA SER J 238 167.78 -63.04 -59.98
C SER J 238 166.31 -63.42 -59.93
N SER J 239 165.95 -64.48 -60.65
CA SER J 239 164.56 -64.93 -60.75
C SER J 239 164.49 -66.42 -60.40
N SER J 240 163.78 -66.74 -59.33
CA SER J 240 163.53 -68.13 -58.97
C SER J 240 162.41 -68.66 -59.86
N ALA J 241 162.77 -69.53 -60.81
CA ALA J 241 161.84 -70.06 -61.80
C ALA J 241 161.17 -68.94 -62.59
N GLY J 242 161.90 -67.84 -62.81
CA GLY J 242 161.37 -66.73 -63.58
C GLY J 242 160.30 -65.92 -62.89
N ALA J 243 160.17 -66.02 -61.57
CA ALA J 243 159.11 -65.31 -60.87
C ALA J 243 159.34 -63.79 -60.93
N MET J 244 160.53 -63.34 -60.56
CA MET J 244 160.87 -61.91 -60.48
C MET J 244 159.94 -61.14 -59.56
N PHE J 245 159.20 -61.84 -58.69
CA PHE J 245 158.31 -61.19 -57.73
C PHE J 245 158.29 -62.07 -56.49
N ASP J 246 159.05 -61.70 -55.47
CA ASP J 246 159.18 -62.51 -54.28
C ASP J 246 158.25 -61.99 -53.19
N SER J 247 157.48 -62.89 -52.59
CA SER J 247 156.54 -62.55 -51.54
C SER J 247 156.99 -63.07 -50.18
N GLY J 248 158.27 -63.39 -50.05
CA GLY J 248 158.77 -63.94 -48.79
C GLY J 248 158.15 -65.28 -48.45
N LYS J 249 157.95 -66.13 -49.47
CA LYS J 249 157.33 -67.44 -49.29
C LYS J 249 158.38 -68.53 -49.31
N ALA J 250 158.09 -69.63 -48.60
CA ALA J 250 158.98 -70.76 -48.59
C ALA J 250 159.02 -71.42 -49.97
N GLU J 251 160.17 -72.04 -50.28
CA GLU J 251 160.32 -72.69 -51.58
C GLU J 251 159.33 -73.84 -51.75
N SER J 252 159.13 -74.63 -50.69
CA SER J 252 158.20 -75.76 -50.69
C SER J 252 158.50 -76.74 -51.81
CA ARG K 3 137.74 -68.45 -50.37
C ARG K 3 137.56 -66.94 -50.57
N PRO K 4 138.57 -66.30 -51.15
CA PRO K 4 138.48 -64.85 -51.39
C PRO K 4 137.31 -64.52 -52.30
N MET K 5 136.66 -63.38 -52.01
CA MET K 5 135.53 -62.95 -52.81
C MET K 5 135.94 -62.69 -54.25
N PHE K 6 137.12 -62.09 -54.46
CA PHE K 6 137.58 -61.84 -55.81
C PHE K 6 137.76 -63.14 -56.58
N ALA K 7 138.35 -64.16 -55.95
CA ALA K 7 138.52 -65.44 -56.61
C ALA K 7 137.17 -66.09 -56.92
N VAL K 8 136.23 -66.01 -55.98
CA VAL K 8 134.90 -66.59 -56.22
C VAL K 8 134.22 -65.89 -57.38
N ALA K 9 134.29 -64.56 -57.43
CA ALA K 9 133.66 -63.83 -58.53
C ALA K 9 134.33 -64.13 -59.86
N VAL K 10 135.66 -64.28 -59.85
CA VAL K 10 136.38 -64.62 -61.08
C VAL K 10 135.94 -66.00 -61.57
N ASN K 11 135.81 -66.96 -60.66
CA ASN K 11 135.35 -68.29 -61.06
C ASN K 11 133.93 -68.24 -61.61
N GLU K 12 133.04 -67.47 -60.96
CA GLU K 12 131.68 -67.35 -61.45
C GLU K 12 131.64 -66.75 -62.85
N PHE K 13 132.42 -65.70 -63.07
CA PHE K 13 132.46 -65.06 -64.38
C PHE K 13 133.00 -66.02 -65.44
N ILE K 14 134.10 -66.71 -65.12
CA ILE K 14 134.72 -67.58 -66.11
C ILE K 14 133.83 -68.78 -66.42
N ARG K 15 133.04 -69.23 -65.44
CA ARG K 15 132.08 -70.29 -65.73
C ARG K 15 130.94 -69.79 -66.61
N SER K 16 130.37 -68.63 -66.26
CA SER K 16 129.24 -68.12 -67.02
C SER K 16 129.62 -67.81 -68.45
N ALA K 17 130.79 -67.20 -68.66
CA ALA K 17 131.28 -66.84 -69.98
C ALA K 17 132.73 -67.27 -70.12
N GLY K 18 133.06 -67.87 -71.26
CA GLY K 18 134.42 -68.27 -71.53
C GLY K 18 134.96 -69.35 -70.63
N GLN K 19 134.18 -70.42 -70.42
CA GLN K 19 134.65 -71.52 -69.59
C GLN K 19 135.89 -72.18 -70.19
N ASP K 20 136.04 -72.11 -71.51
CA ASP K 20 137.21 -72.62 -72.20
C ASP K 20 138.05 -71.45 -72.71
N SER K 21 139.36 -71.69 -72.83
CA SER K 21 140.31 -70.71 -73.34
C SER K 21 140.29 -69.43 -72.52
N LEU K 22 140.36 -69.57 -71.20
CA LEU K 22 140.38 -68.43 -70.31
C LEU K 22 141.00 -68.84 -68.98
N CYS K 23 141.87 -67.98 -68.44
CA CYS K 23 142.59 -68.24 -67.20
C CYS K 23 142.20 -67.20 -66.18
N GLY K 24 141.85 -67.66 -64.97
CA GLY K 24 141.50 -66.74 -63.91
C GLY K 24 142.68 -65.93 -63.42
N VAL K 25 142.38 -64.77 -62.86
CA VAL K 25 143.38 -63.87 -62.31
C VAL K 25 143.63 -64.23 -60.85
N PRO K 26 144.88 -64.41 -60.43
CA PRO K 26 145.14 -64.85 -59.05
C PRO K 26 144.66 -63.88 -57.98
N ASP K 27 144.91 -62.58 -58.15
CA ASP K 27 144.54 -61.62 -57.13
C ASP K 27 144.43 -60.23 -57.74
N ILE K 28 143.80 -59.34 -56.98
CA ILE K 28 143.57 -57.97 -57.46
C ILE K 28 144.89 -57.26 -57.69
N ASN K 29 145.86 -57.46 -56.80
CA ASN K 29 147.15 -56.77 -56.93
C ASN K 29 147.85 -57.13 -58.22
N SER K 30 147.85 -58.42 -58.57
CA SER K 30 148.53 -58.90 -59.77
C SER K 30 147.63 -58.89 -60.99
N SER K 31 146.38 -58.43 -60.86
CA SER K 31 145.48 -58.36 -62.01
C SER K 31 146.05 -57.44 -63.09
N GLY K 32 146.71 -56.35 -62.70
CA GLY K 32 147.19 -55.39 -63.68
C GLY K 32 148.39 -55.86 -64.48
N ASP K 33 148.99 -56.99 -64.13
CA ASP K 33 150.14 -57.52 -64.85
C ASP K 33 149.75 -58.48 -65.96
N PHE K 34 148.45 -58.69 -66.20
CA PHE K 34 147.98 -59.62 -67.22
C PHE K 34 147.23 -58.89 -68.34
N MET K 35 147.65 -57.66 -68.63
CA MET K 35 147.10 -56.93 -69.76
C MET K 35 147.69 -57.46 -71.06
N PRO K 36 147.07 -57.17 -72.20
CA PRO K 36 147.57 -57.70 -73.48
C PRO K 36 149.00 -57.26 -73.75
N LEU K 37 149.72 -58.12 -74.46
CA LEU K 37 151.13 -57.90 -74.82
C LEU K 37 152.02 -57.89 -73.59
N HIS K 38 151.81 -58.87 -72.71
CA HIS K 38 152.64 -59.08 -71.53
C HIS K 38 153.23 -60.48 -71.58
N ILE K 39 154.46 -60.60 -71.08
CA ILE K 39 155.16 -61.88 -71.04
C ILE K 39 154.89 -62.56 -69.71
N ILE K 40 154.58 -63.86 -69.75
CA ILE K 40 154.39 -64.67 -68.56
C ILE K 40 155.21 -65.94 -68.71
N VAL K 41 155.49 -66.58 -67.58
CA VAL K 41 156.29 -67.79 -67.54
C VAL K 41 155.40 -68.95 -67.10
N LYS K 42 155.50 -70.07 -67.80
CA LYS K 42 154.73 -71.27 -67.49
C LYS K 42 155.68 -72.37 -67.02
N GLU K 43 155.34 -72.99 -65.90
CA GLU K 43 156.13 -74.06 -65.31
C GLU K 43 155.31 -75.33 -65.30
N VAL K 44 155.90 -76.42 -65.77
CA VAL K 44 155.22 -77.71 -65.87
C VAL K 44 155.06 -78.31 -64.48
N PRO K 45 154.05 -79.15 -64.24
CA PRO K 45 153.88 -79.74 -62.90
C PRO K 45 155.05 -80.57 -62.43
N LYS K 46 155.74 -81.25 -63.35
CA LYS K 46 156.90 -82.11 -63.10
C LYS K 46 156.54 -83.39 -62.35
N VAL K 47 155.28 -83.57 -61.96
CA VAL K 47 154.85 -84.79 -61.26
C VAL K 47 153.82 -85.51 -62.12
N LEU K 48 152.72 -84.84 -62.41
CA LEU K 48 151.66 -85.37 -63.27
C LEU K 48 151.33 -84.30 -64.31
N PRO K 49 152.20 -84.12 -65.31
CA PRO K 49 151.98 -83.05 -66.29
C PRO K 49 150.66 -83.16 -67.03
N CYS K 50 150.22 -84.38 -67.34
CA CYS K 50 148.96 -84.58 -68.04
C CYS K 50 147.75 -84.56 -67.13
N CYS K 51 147.95 -84.55 -65.80
CA CYS K 51 146.85 -84.57 -64.86
C CYS K 51 146.72 -83.29 -64.04
N ARG K 52 147.74 -82.44 -64.03
CA ARG K 52 147.73 -81.23 -63.23
C ARG K 52 147.99 -80.02 -64.13
N ARG K 53 147.26 -78.93 -63.88
CA ARG K 53 147.44 -77.72 -64.65
C ARG K 53 148.76 -77.04 -64.27
N PRO K 54 149.43 -76.41 -65.23
CA PRO K 54 150.74 -75.80 -64.94
C PRO K 54 150.66 -74.58 -64.05
N LYS K 55 151.81 -74.00 -63.72
CA LYS K 55 151.89 -72.83 -62.84
C LYS K 55 152.28 -71.61 -63.67
N ILE K 56 151.55 -70.52 -63.48
CA ILE K 56 151.73 -69.30 -64.27
C ILE K 56 152.33 -68.22 -63.38
N LYS K 57 153.42 -67.62 -63.84
CA LYS K 57 154.16 -66.60 -63.11
C LYS K 57 154.17 -65.31 -63.92
N ARG K 58 153.81 -64.20 -63.28
CA ARG K 58 153.83 -62.90 -63.95
C ARG K 58 155.24 -62.34 -63.97
N THR K 59 155.52 -61.53 -64.99
CA THR K 59 156.80 -60.88 -65.14
C THR K 59 156.60 -59.41 -65.48
N PRO K 60 157.53 -58.54 -65.08
CA PRO K 60 157.40 -57.11 -65.39
C PRO K 60 158.02 -56.75 -66.74
N TYR K 61 157.53 -57.39 -67.80
CA TYR K 61 158.05 -57.19 -69.14
C TYR K 61 156.91 -57.11 -70.14
N THR K 62 157.13 -56.32 -71.19
CA THR K 62 156.27 -56.28 -72.36
C THR K 62 157.02 -56.85 -73.55
N LEU K 63 156.28 -57.03 -74.65
CA LEU K 63 156.88 -57.62 -75.85
C LEU K 63 158.01 -56.74 -76.39
N ASN K 64 157.77 -55.42 -76.44
CA ASN K 64 158.77 -54.51 -76.98
C ASN K 64 160.03 -54.48 -76.11
N ASP K 65 159.86 -54.59 -74.78
CA ASP K 65 161.03 -54.63 -73.91
C ASP K 65 161.78 -55.95 -74.07
N ILE K 66 161.06 -57.06 -74.17
CA ILE K 66 161.73 -58.36 -74.26
C ILE K 66 162.39 -58.55 -75.62
N LEU K 67 161.91 -57.86 -76.65
CA LEU K 67 162.43 -58.02 -78.00
C LEU K 67 163.38 -56.90 -78.35
N ASP K 68 164.47 -57.26 -79.04
CA ASP K 68 165.37 -56.25 -79.57
C ASP K 68 164.67 -55.37 -80.60
N GLU K 69 163.87 -55.97 -81.48
CA GLU K 69 163.14 -55.23 -82.49
C GLU K 69 161.72 -54.96 -82.01
N PRO K 70 161.28 -53.71 -81.97
CA PRO K 70 159.92 -53.42 -81.49
C PRO K 70 158.86 -53.87 -82.47
N CYS K 71 157.65 -54.03 -81.95
CA CYS K 71 156.47 -54.44 -82.70
C CYS K 71 155.35 -53.45 -82.42
N PRO K 72 154.39 -53.33 -83.35
CA PRO K 72 153.22 -52.49 -83.07
C PRO K 72 152.47 -52.99 -81.84
N ASN K 73 151.92 -52.06 -81.06
CA ASN K 73 151.32 -52.39 -79.78
C ASN K 73 149.95 -51.74 -79.56
N GLN K 74 149.33 -51.20 -80.60
CA GLN K 74 148.03 -50.56 -80.43
C GLN K 74 146.98 -51.58 -80.02
N LEU K 75 146.01 -51.14 -79.23
CA LEU K 75 144.98 -52.01 -78.68
C LEU K 75 143.60 -51.50 -79.04
N LYS K 76 142.59 -52.34 -78.79
CA LYS K 76 141.20 -51.98 -78.97
C LYS K 76 140.36 -52.80 -78.02
N SER K 77 139.21 -52.26 -77.65
CA SER K 77 138.32 -52.90 -76.69
C SER K 77 136.89 -52.92 -77.22
N SER K 78 136.15 -53.95 -76.82
CA SER K 78 134.76 -54.10 -77.22
C SER K 78 134.02 -54.89 -76.16
N ASP K 79 132.70 -54.71 -76.12
CA ASP K 79 131.90 -55.35 -75.07
C ASP K 79 131.90 -56.86 -75.24
N LEU K 80 131.86 -57.56 -74.10
CA LEU K 80 131.86 -59.02 -74.08
C LEU K 80 130.60 -59.60 -73.47
N VAL K 81 130.23 -59.17 -72.25
CA VAL K 81 129.06 -59.69 -71.56
C VAL K 81 128.60 -58.63 -70.58
N THR K 82 127.34 -58.72 -70.15
CA THR K 82 126.71 -57.74 -69.28
C THR K 82 125.87 -58.47 -68.24
N PHE K 83 126.25 -58.35 -66.97
CA PHE K 83 125.47 -58.92 -65.87
C PHE K 83 124.45 -57.88 -65.42
N THR K 84 123.20 -58.05 -65.87
CA THR K 84 122.18 -57.05 -65.58
C THR K 84 121.85 -56.99 -64.10
N GLU K 85 121.85 -58.14 -63.42
CA GLU K 85 121.52 -58.18 -62.01
C GLU K 85 122.62 -58.90 -61.23
N PRO K 86 122.80 -58.57 -59.96
CA PRO K 86 123.88 -59.18 -59.18
C PRO K 86 123.68 -60.69 -59.03
N LEU K 87 124.80 -61.41 -59.06
CA LEU K 87 124.79 -62.83 -58.70
C LEU K 87 124.61 -62.96 -57.20
N VAL K 88 123.52 -63.60 -56.78
CA VAL K 88 123.14 -63.72 -55.38
C VAL K 88 123.14 -65.18 -55.00
N SER K 89 123.78 -65.51 -53.88
CA SER K 89 123.84 -66.87 -53.37
C SER K 89 123.50 -66.89 -51.89
N ASN K 90 122.70 -67.88 -51.50
CA ASN K 90 122.29 -68.05 -50.11
C ASN K 90 122.47 -69.51 -49.72
N VAL K 91 123.07 -69.75 -48.56
CA VAL K 91 123.21 -71.08 -47.98
C VAL K 91 122.77 -71.01 -46.54
N LYS K 92 121.95 -71.96 -46.12
CA LYS K 92 121.43 -71.98 -44.75
C LYS K 92 121.39 -73.43 -44.29
N ALA K 93 122.22 -73.76 -43.29
CA ALA K 93 122.29 -75.11 -42.75
C ALA K 93 121.98 -75.08 -41.26
N SER K 94 121.36 -76.15 -40.77
CA SER K 94 121.05 -76.28 -39.36
C SER K 94 120.95 -77.76 -39.02
N SER K 95 121.64 -78.17 -37.95
CA SER K 95 121.69 -79.57 -37.57
C SER K 95 121.68 -79.70 -36.06
N SER K 96 121.24 -80.85 -35.58
CA SER K 96 121.20 -81.15 -34.15
C SER K 96 121.46 -82.64 -33.95
N ILE K 97 122.21 -82.94 -32.90
CA ILE K 97 122.59 -84.31 -32.56
C ILE K 97 122.26 -84.56 -31.09
N GLY K 98 121.67 -85.71 -30.80
CA GLY K 98 121.40 -86.10 -29.44
C GLY K 98 121.80 -87.54 -29.15
N LEU K 99 122.71 -87.73 -28.21
CA LEU K 99 123.22 -89.05 -27.86
C LEU K 99 122.90 -89.33 -26.40
N GLN K 100 122.38 -90.53 -26.13
CA GLN K 100 122.09 -90.95 -24.77
C GLN K 100 122.59 -92.38 -24.56
N ILE K 101 123.35 -92.59 -23.49
CA ILE K 101 123.78 -93.92 -23.08
C ILE K 101 123.18 -94.17 -21.70
N LEU K 102 122.09 -94.93 -21.67
CA LEU K 102 121.40 -95.33 -20.44
C LEU K 102 121.05 -94.07 -19.65
N LYS K 103 121.29 -94.03 -18.34
CA LYS K 103 121.21 -92.80 -17.56
C LYS K 103 122.58 -92.32 -17.14
N HIS K 104 123.62 -92.72 -17.88
CA HIS K 104 125.00 -92.37 -17.56
C HIS K 104 125.59 -91.30 -18.47
N PHE K 105 125.19 -91.25 -19.74
CA PHE K 105 125.72 -90.26 -20.67
C PHE K 105 124.57 -89.58 -21.39
N ASP K 106 124.65 -88.27 -21.55
CA ASP K 106 123.60 -87.52 -22.26
C ASP K 106 124.23 -86.27 -22.87
N SER K 107 124.40 -86.27 -24.20
CA SER K 107 124.99 -85.14 -24.89
C SER K 107 124.02 -84.59 -25.93
N GLY K 108 123.90 -83.27 -25.99
CA GLY K 108 123.09 -82.62 -27.00
C GLY K 108 123.83 -81.48 -27.66
N ALA K 109 124.05 -81.58 -28.97
CA ALA K 109 124.76 -80.55 -29.71
C ALA K 109 123.88 -80.02 -30.82
N LYS K 110 124.15 -78.79 -31.25
CA LYS K 110 123.41 -78.21 -32.35
C LYS K 110 124.24 -77.12 -32.99
N GLY K 111 124.04 -76.93 -34.28
CA GLY K 111 124.79 -75.94 -35.02
C GLY K 111 123.94 -75.34 -36.12
N SER K 112 124.28 -74.12 -36.51
CA SER K 112 123.59 -73.45 -37.59
C SER K 112 124.55 -72.51 -38.31
N LYS K 113 124.28 -72.27 -39.58
CA LYS K 113 125.14 -71.44 -40.41
C LYS K 113 124.29 -70.76 -41.48
N ASN K 114 124.55 -69.48 -41.71
CA ASN K 114 123.87 -68.68 -42.73
C ASN K 114 124.92 -67.88 -43.48
N PHE K 115 125.00 -68.11 -44.79
CA PHE K 115 126.04 -67.53 -45.64
C PHE K 115 125.37 -66.86 -46.83
N ILE K 116 125.68 -65.58 -47.06
CA ILE K 116 125.06 -64.81 -48.14
C ILE K 116 126.16 -64.12 -48.94
N THR K 117 126.04 -64.19 -50.26
CA THR K 117 127.03 -63.60 -51.16
C THR K 117 126.31 -62.83 -52.27
N SER K 118 126.87 -61.68 -52.65
CA SER K 118 126.35 -60.88 -53.74
C SER K 118 127.51 -60.28 -54.53
N ALA K 119 127.48 -60.46 -55.85
CA ALA K 119 128.52 -59.91 -56.72
C ALA K 119 127.87 -59.14 -57.86
N SER K 120 128.28 -57.89 -58.02
CA SER K 120 127.77 -57.01 -59.08
C SER K 120 128.96 -56.60 -59.93
N LEU K 121 129.11 -57.24 -61.09
CA LEU K 121 130.21 -56.98 -61.99
C LEU K 121 129.87 -55.98 -63.09
N GLY K 122 128.61 -55.59 -63.22
CA GLY K 122 128.25 -54.62 -64.24
C GLY K 122 128.52 -55.13 -65.63
N THR K 123 129.31 -54.38 -66.40
CA THR K 123 129.65 -54.71 -67.77
C THR K 123 131.11 -55.12 -67.85
N VAL K 124 131.39 -56.18 -68.58
CA VAL K 124 132.75 -56.68 -68.79
C VAL K 124 133.10 -56.50 -70.26
N VAL K 125 134.24 -55.88 -70.53
CA VAL K 125 134.72 -55.67 -71.88
C VAL K 125 135.97 -56.52 -72.10
N LYS K 126 136.35 -56.67 -73.36
CA LYS K 126 137.54 -57.41 -73.76
C LYS K 126 138.45 -56.48 -74.53
N ALA K 127 139.74 -56.51 -74.16
CA ALA K 127 140.76 -55.68 -74.79
C ALA K 127 141.80 -56.59 -75.43
N GLU K 128 142.20 -56.23 -76.64
CA GLU K 128 143.12 -57.05 -77.43
C GLU K 128 143.78 -56.19 -78.50
N THR K 129 144.88 -56.70 -79.04
CA THR K 129 145.60 -55.99 -80.09
C THR K 129 144.69 -55.79 -81.31
N ILE K 130 144.85 -54.65 -81.97
CA ILE K 130 144.05 -54.36 -83.16
C ILE K 130 144.33 -55.39 -84.25
N ASP K 131 145.60 -55.71 -84.48
CA ASP K 131 145.99 -56.72 -85.46
C ASP K 131 147.01 -57.64 -84.82
N ILE K 132 146.65 -58.92 -84.69
CA ILE K 132 147.55 -59.89 -84.08
C ILE K 132 148.49 -60.52 -85.11
N THR K 133 148.07 -60.58 -86.38
CA THR K 133 148.91 -61.18 -87.40
C THR K 133 150.21 -60.42 -87.58
N LYS K 134 150.14 -59.08 -87.59
CA LYS K 134 151.36 -58.28 -87.70
C LYS K 134 152.28 -58.51 -86.51
N VAL K 135 151.72 -58.56 -85.30
CA VAL K 135 152.52 -58.80 -84.11
C VAL K 135 153.20 -60.15 -84.20
N LEU K 136 152.47 -61.17 -84.64
CA LEU K 136 153.06 -62.50 -84.76
C LEU K 136 154.17 -62.52 -85.80
N ALA K 137 153.96 -61.87 -86.94
CA ALA K 137 154.98 -61.84 -87.98
C ALA K 137 156.25 -61.17 -87.46
N LYS K 138 156.09 -60.00 -86.83
CA LYS K 138 157.26 -59.29 -86.30
C LYS K 138 157.97 -60.10 -85.22
N VAL K 139 157.21 -60.78 -84.36
CA VAL K 139 157.82 -61.63 -83.34
C VAL K 139 158.68 -62.70 -84.01
N ARG K 140 158.11 -63.38 -85.01
CA ARG K 140 158.83 -64.46 -85.68
C ARG K 140 160.09 -63.94 -86.36
N THR K 141 160.04 -62.72 -86.89
CA THR K 141 161.20 -62.16 -87.58
C THR K 141 162.11 -61.36 -86.66
N ALA K 142 161.80 -61.26 -85.36
CA ALA K 142 162.56 -60.45 -84.43
C ALA K 142 163.29 -61.31 -83.42
N LYS K 143 164.45 -60.84 -82.97
CA LYS K 143 165.25 -61.53 -81.97
C LYS K 143 165.04 -60.92 -80.58
N ALA K 144 165.14 -61.76 -79.56
CA ALA K 144 164.96 -61.32 -78.18
C ALA K 144 166.17 -60.50 -77.73
N LYS K 145 166.01 -59.86 -76.57
CA LYS K 145 167.06 -59.02 -76.01
C LYS K 145 168.16 -59.90 -75.41
N VAL K 146 169.38 -59.75 -75.93
CA VAL K 146 170.51 -60.53 -75.42
C VAL K 146 170.79 -60.17 -73.97
N GLU K 147 170.68 -58.89 -73.61
CA GLU K 147 170.92 -58.46 -72.24
C GLU K 147 169.97 -59.12 -71.26
N ASN K 148 168.72 -59.34 -71.65
CA ASN K 148 167.73 -59.87 -70.72
C ASN K 148 168.15 -61.23 -70.18
N ASP K 149 167.98 -61.39 -68.86
CA ASP K 149 168.36 -62.63 -68.17
C ASP K 149 167.23 -63.66 -68.17
N LEU K 150 165.98 -63.20 -68.09
CA LEU K 150 164.84 -64.10 -68.08
C LEU K 150 164.81 -64.98 -69.32
N VAL K 151 165.04 -64.38 -70.50
CA VAL K 151 165.04 -65.14 -71.74
C VAL K 151 166.10 -66.24 -71.70
N SER K 152 167.30 -65.89 -71.24
CA SER K 152 168.38 -66.87 -71.16
C SER K 152 168.02 -67.99 -70.19
N ARG K 153 167.44 -67.63 -69.04
CA ARG K 153 167.02 -68.65 -68.09
C ARG K 153 166.02 -69.62 -68.72
N VAL K 154 165.00 -69.08 -69.40
CA VAL K 154 163.99 -69.92 -70.03
C VAL K 154 164.61 -70.78 -71.14
N MET K 155 165.59 -70.22 -71.86
CA MET K 155 166.25 -70.98 -72.92
C MET K 155 167.02 -72.15 -72.34
N LYS K 156 167.78 -71.93 -71.27
CA LYS K 156 168.60 -73.00 -70.73
C LYS K 156 167.75 -74.05 -70.00
N THR K 157 166.67 -73.63 -69.35
CA THR K 157 165.81 -74.58 -68.67
C THR K 157 164.83 -75.20 -69.66
N LYS K 158 164.38 -76.41 -69.32
CA LYS K 158 163.44 -77.14 -70.16
C LYS K 158 162.00 -77.07 -69.68
N ARG K 159 161.79 -76.90 -68.37
CA ARG K 159 160.42 -76.81 -67.86
C ARG K 159 159.79 -75.46 -68.20
N LEU K 160 160.56 -74.38 -68.09
CA LEU K 160 160.01 -73.05 -68.27
C LEU K 160 159.63 -72.80 -69.74
N CYS K 161 158.50 -72.12 -69.92
CA CYS K 161 158.05 -71.70 -71.24
C CYS K 161 157.57 -70.26 -71.17
N LEU K 162 157.62 -69.57 -72.30
CA LEU K 162 157.19 -68.18 -72.38
C LEU K 162 155.82 -68.08 -73.03
N GLY K 163 155.01 -67.15 -72.54
CA GLY K 163 153.70 -66.93 -73.10
C GLY K 163 153.35 -65.46 -73.25
N LEU K 164 152.80 -65.08 -74.40
CA LEU K 164 152.40 -63.71 -74.68
C LEU K 164 150.89 -63.60 -74.50
N VAL K 165 150.47 -62.68 -73.64
CA VAL K 165 149.05 -62.47 -73.40
C VAL K 165 148.45 -61.67 -74.54
N VAL K 166 147.32 -62.15 -75.07
CA VAL K 166 146.73 -61.57 -76.27
C VAL K 166 145.35 -60.98 -76.06
N GLU K 167 144.63 -61.35 -75.01
CA GLU K 167 143.31 -60.77 -74.78
C GLU K 167 143.03 -60.78 -73.28
N THR K 168 142.32 -59.75 -72.81
CA THR K 168 142.05 -59.60 -71.39
C THR K 168 140.64 -59.10 -71.17
N ALA K 169 139.96 -59.66 -70.17
CA ALA K 169 138.62 -59.25 -69.80
C ALA K 169 138.69 -58.33 -68.58
N CYS K 170 138.13 -57.13 -68.71
CA CYS K 170 138.22 -56.11 -67.67
C CYS K 170 136.84 -55.51 -67.41
N VAL K 171 136.59 -55.13 -66.17
CA VAL K 171 135.32 -54.52 -65.80
C VAL K 171 135.31 -53.07 -66.29
N ALA K 172 134.23 -52.68 -66.95
CA ALA K 172 134.12 -51.31 -67.45
C ALA K 172 133.91 -50.31 -66.33
N ALA K 173 133.11 -50.68 -65.33
CA ALA K 173 132.80 -49.81 -64.21
C ALA K 173 133.16 -50.51 -62.90
N ALA K 174 132.90 -49.82 -61.79
CA ALA K 174 133.23 -50.37 -60.48
C ALA K 174 132.39 -51.60 -60.18
N GLY K 175 133.02 -52.60 -59.57
CA GLY K 175 132.35 -53.85 -59.22
C GLY K 175 132.26 -54.01 -57.71
N LYS K 176 131.11 -54.46 -57.24
CA LYS K 176 130.82 -54.53 -55.81
C LYS K 176 130.69 -55.99 -55.37
N LEU K 177 131.41 -56.34 -54.30
CA LEU K 177 131.38 -57.70 -53.77
C LEU K 177 131.04 -57.64 -52.29
N THR K 178 129.96 -58.33 -51.89
CA THR K 178 129.48 -58.31 -50.51
C THR K 178 129.30 -59.74 -50.01
N GLU K 179 129.72 -59.98 -48.76
CA GLU K 179 129.61 -61.30 -48.14
C GLU K 179 129.21 -61.14 -46.69
N ALA K 180 128.29 -61.98 -46.23
CA ALA K 180 127.83 -62.00 -44.84
C ALA K 180 127.81 -63.43 -44.33
N ASP K 181 128.31 -63.62 -43.11
CA ASP K 181 128.40 -64.93 -42.49
C ASP K 181 127.88 -64.84 -41.06
N ASN K 182 127.05 -65.80 -40.66
CA ASN K 182 126.57 -65.87 -39.28
C ASN K 182 126.45 -67.34 -38.91
N TRP K 183 127.29 -67.81 -38.00
CA TRP K 183 127.19 -69.22 -37.60
C TRP K 183 127.25 -69.35 -36.09
N GLU K 184 126.68 -70.44 -35.58
CA GLU K 184 126.47 -70.60 -34.15
C GLU K 184 126.56 -72.08 -33.78
N ILE K 185 127.16 -72.35 -32.62
CA ILE K 185 127.32 -73.69 -32.08
C ILE K 185 126.86 -73.68 -30.63
N SER K 186 126.04 -74.66 -30.25
CA SER K 186 125.59 -74.81 -28.87
C SER K 186 125.68 -76.28 -28.48
N GLY K 187 126.50 -76.59 -27.49
CA GLY K 187 126.69 -77.96 -27.07
C GLY K 187 126.52 -78.11 -25.57
N HIS K 188 126.10 -79.31 -25.18
CA HIS K 188 125.85 -79.63 -23.77
C HIS K 188 126.19 -81.09 -23.53
N THR K 189 126.81 -81.36 -22.37
CA THR K 189 127.25 -82.70 -22.02
C THR K 189 126.90 -82.96 -20.55
N ASN K 190 126.37 -84.15 -20.28
CA ASN K 190 126.01 -84.55 -18.92
C ASN K 190 126.52 -85.98 -18.71
N ALA K 191 127.54 -86.14 -17.88
CA ALA K 191 128.07 -87.43 -17.51
C ALA K 191 127.68 -87.71 -16.07
N ASN K 192 126.72 -88.60 -15.88
CA ASN K 192 126.23 -88.99 -14.56
C ASN K 192 126.82 -90.33 -14.19
N ILE K 193 127.52 -90.38 -13.06
CA ILE K 193 128.11 -91.61 -12.53
C ILE K 193 127.65 -91.74 -11.09
N GLY K 194 127.80 -92.95 -10.54
CA GLY K 194 127.34 -93.20 -9.18
C GLY K 194 127.97 -92.28 -8.15
N GLU K 195 129.22 -91.89 -8.36
CA GLU K 195 129.91 -91.00 -7.43
C GLU K 195 130.39 -89.71 -8.08
N ALA K 196 129.99 -89.43 -9.32
CA ALA K 196 130.45 -88.23 -10.01
C ALA K 196 129.35 -87.73 -10.93
N VAL K 197 129.16 -86.42 -10.97
CA VAL K 197 128.22 -85.76 -11.87
C VAL K 197 128.94 -84.60 -12.53
N VAL K 198 128.99 -84.60 -13.86
CA VAL K 198 129.62 -83.55 -14.63
C VAL K 198 128.60 -82.96 -15.60
N THR K 199 128.46 -81.65 -15.60
CA THR K 199 127.52 -80.95 -16.48
C THR K 199 128.24 -79.78 -17.13
N ALA K 200 128.53 -79.91 -18.43
CA ALA K 200 129.25 -78.90 -19.18
C ALA K 200 128.35 -78.33 -20.27
N THR K 201 128.55 -77.05 -20.58
CA THR K 201 127.76 -76.36 -21.60
C THR K 201 128.65 -75.32 -22.27
N ALA K 202 128.50 -75.18 -23.58
CA ALA K 202 129.29 -74.20 -24.32
C ALA K 202 128.48 -73.64 -25.48
N GLU K 203 128.40 -72.32 -25.57
CA GLU K 203 127.70 -71.64 -26.65
C GLU K 203 128.61 -70.60 -27.27
N LEU K 204 128.63 -70.53 -28.60
CA LEU K 204 129.38 -69.48 -29.27
C LEU K 204 128.71 -69.18 -30.61
N ASP K 205 129.00 -67.99 -31.14
CA ASP K 205 128.46 -67.57 -32.42
C ASP K 205 129.32 -66.46 -32.98
N LYS K 206 129.62 -66.55 -34.28
CA LYS K 206 130.46 -65.59 -34.97
C LYS K 206 129.68 -64.96 -36.12
N ASN K 207 129.86 -63.65 -36.29
CA ASN K 207 129.24 -62.87 -37.34
C ASN K 207 130.30 -62.05 -38.06
N LEU K 208 130.32 -62.14 -39.38
CA LEU K 208 131.27 -61.41 -40.21
C LEU K 208 130.56 -60.78 -41.40
N SER K 209 131.12 -59.68 -41.89
CA SER K 209 130.59 -59.01 -43.07
C SER K 209 131.72 -58.27 -43.77
N ARG K 210 131.92 -58.56 -45.05
CA ARG K 210 132.98 -57.95 -45.83
C ARG K 210 132.39 -57.39 -47.12
N LYS K 211 132.67 -56.12 -47.41
CA LYS K 211 132.15 -55.45 -48.59
C LYS K 211 133.28 -54.65 -49.24
N ILE K 212 133.58 -54.96 -50.50
CA ILE K 212 134.66 -54.29 -51.23
C ILE K 212 134.14 -53.86 -52.59
N GLU K 213 134.93 -53.00 -53.25
CA GLU K 213 134.57 -52.45 -54.56
C GLU K 213 135.83 -52.32 -55.40
N ILE K 214 135.96 -53.18 -56.40
CA ILE K 214 137.09 -53.10 -57.33
C ILE K 214 136.86 -51.95 -58.31
N PRO K 215 137.89 -51.20 -58.66
CA PRO K 215 137.73 -50.03 -59.51
C PRO K 215 137.66 -50.43 -60.98
N PRO K 216 137.22 -49.52 -61.85
CA PRO K 216 137.18 -49.82 -63.28
C PRO K 216 138.58 -50.14 -63.83
N GLY K 217 138.63 -51.07 -64.78
CA GLY K 217 139.87 -51.47 -65.41
C GLY K 217 140.52 -52.69 -64.83
N THR K 218 140.01 -53.21 -63.71
CA THR K 218 140.59 -54.39 -63.10
C THR K 218 140.42 -55.60 -64.01
N ALA K 219 141.52 -56.31 -64.26
CA ALA K 219 141.48 -57.48 -65.12
C ALA K 219 140.84 -58.66 -64.39
N LEU K 220 140.12 -59.48 -65.13
CA LEU K 220 139.47 -60.67 -64.58
C LEU K 220 140.03 -61.98 -65.13
N ALA K 221 140.29 -62.06 -66.42
CA ALA K 221 140.77 -63.29 -67.03
C ALA K 221 141.54 -62.95 -68.29
N TYR K 222 142.29 -63.93 -68.79
CA TYR K 222 143.17 -63.69 -69.93
C TYR K 222 143.42 -64.99 -70.67
N SER K 223 143.93 -64.85 -71.89
CA SER K 223 144.38 -65.97 -72.71
C SER K 223 145.71 -65.62 -73.33
N PHE K 224 146.55 -66.63 -73.54
CA PHE K 224 147.92 -66.38 -74.00
C PHE K 224 148.32 -67.41 -75.03
N MET K 225 149.36 -67.06 -75.80
CA MET K 225 149.93 -67.90 -76.82
C MET K 225 151.37 -68.25 -76.47
N ASP K 226 151.75 -69.50 -76.70
CA ASP K 226 153.08 -69.96 -76.31
C ASP K 226 154.15 -69.46 -77.26
N LEU K 227 155.40 -69.47 -76.77
CA LEU K 227 156.56 -69.06 -77.55
C LEU K 227 157.69 -70.05 -77.33
N GLU K 228 158.73 -69.90 -78.14
CA GLU K 228 159.88 -70.79 -78.08
C GLU K 228 161.13 -70.02 -78.47
N ILE K 229 162.16 -70.07 -77.62
CA ILE K 229 163.44 -69.42 -77.90
C ILE K 229 164.27 -70.33 -78.79
N LEU K 230 164.71 -69.81 -79.94
CA LEU K 230 165.63 -70.56 -80.78
C LEU K 230 167.01 -70.62 -80.12
N GLU K 231 167.94 -71.30 -80.78
CA GLU K 231 169.33 -71.28 -80.34
C GLU K 231 169.84 -69.85 -80.23
N ASP K 232 169.58 -69.04 -81.25
CA ASP K 232 169.86 -67.62 -81.20
C ASP K 232 168.79 -66.90 -80.37
N ARG K 233 168.87 -65.57 -80.32
CA ARG K 233 167.85 -64.78 -79.65
C ARG K 233 166.51 -64.78 -80.38
N SER K 234 166.44 -65.36 -81.57
CA SER K 234 165.20 -65.41 -82.33
C SER K 234 164.10 -66.13 -81.56
N LEU K 235 162.86 -65.69 -81.79
CA LEU K 235 161.70 -66.27 -81.14
C LEU K 235 160.77 -66.86 -82.20
N ARG K 236 160.08 -67.95 -81.83
CA ARG K 236 159.12 -68.61 -82.69
C ARG K 236 157.85 -68.88 -81.92
N VAL K 237 156.76 -69.05 -82.65
CA VAL K 237 155.47 -69.36 -82.03
C VAL K 237 155.22 -70.85 -82.15
N SER K 238 154.63 -71.44 -81.10
CA SER K 238 154.42 -72.88 -81.04
C SER K 238 152.94 -73.16 -80.80
N SER K 239 152.42 -74.18 -81.47
CA SER K 239 151.01 -74.55 -81.40
C SER K 239 150.89 -76.03 -81.06
N SER K 240 150.30 -76.32 -79.90
CA SER K 240 150.00 -77.69 -79.51
C SER K 240 148.76 -78.14 -80.25
N ALA K 241 148.93 -79.01 -81.24
CA ALA K 241 147.84 -79.47 -82.11
C ALA K 241 147.16 -78.31 -82.81
N GLY K 242 147.92 -77.25 -83.12
CA GLY K 242 147.38 -76.10 -83.80
C GLY K 242 146.45 -75.24 -82.98
N ALA K 243 146.49 -75.35 -81.66
CA ALA K 243 145.58 -74.57 -80.83
C ALA K 243 145.88 -73.08 -80.92
N MET K 244 147.15 -72.70 -80.69
CA MET K 244 147.59 -71.31 -80.66
C MET K 244 146.82 -70.48 -79.62
N PHE K 245 146.16 -71.14 -78.66
CA PHE K 245 145.45 -70.45 -77.60
C PHE K 245 145.52 -71.35 -76.37
N ASP K 246 146.43 -71.03 -75.45
CA ASP K 246 146.65 -71.87 -74.29
C ASP K 246 145.90 -71.30 -73.09
N SER K 247 145.16 -72.15 -72.40
CA SER K 247 144.38 -71.77 -71.24
C SER K 247 144.98 -72.33 -69.95
N GLY K 248 146.24 -72.73 -69.97
CA GLY K 248 146.85 -73.33 -68.80
C GLY K 248 146.19 -74.63 -68.39
N LYS K 249 145.81 -75.45 -69.37
CA LYS K 249 145.13 -76.72 -69.11
C LYS K 249 146.10 -77.87 -69.27
N ALA K 250 145.83 -78.96 -68.54
CA ALA K 250 146.65 -80.15 -68.66
C ALA K 250 146.47 -80.80 -70.02
N GLU K 251 147.52 -81.48 -70.48
CA GLU K 251 147.47 -82.13 -71.79
C GLU K 251 146.39 -83.21 -71.83
N SER K 252 146.28 -83.99 -70.75
CA SER K 252 145.28 -85.06 -70.65
C SER K 252 145.38 -86.05 -71.80
CA ARG L 3 125.56 -76.47 -67.71
C ARG L 3 125.45 -74.96 -67.88
N PRO L 4 126.42 -74.37 -68.57
CA PRO L 4 126.39 -72.92 -68.80
C PRO L 4 125.13 -72.50 -69.55
N MET L 5 124.61 -71.33 -69.18
CA MET L 5 123.41 -70.82 -69.84
C MET L 5 123.65 -70.57 -71.31
N PHE L 6 124.83 -70.05 -71.67
CA PHE L 6 125.13 -69.81 -73.07
C PHE L 6 125.13 -71.11 -73.86
N ALA L 7 125.73 -72.17 -73.30
CA ALA L 7 125.73 -73.46 -73.99
C ALA L 7 124.31 -74.01 -74.12
N VAL L 8 123.51 -73.88 -73.07
CA VAL L 8 122.12 -74.36 -73.14
C VAL L 8 121.34 -73.62 -74.22
N ALA L 9 121.49 -72.29 -74.26
CA ALA L 9 120.78 -71.51 -75.26
C ALA L 9 121.26 -71.84 -76.67
N VAL L 10 122.56 -72.07 -76.83
CA VAL L 10 123.10 -72.45 -78.14
C VAL L 10 122.51 -73.79 -78.58
N ASN L 11 122.44 -74.74 -77.66
CA ASN L 11 121.84 -76.04 -78.01
C ASN L 11 120.37 -75.90 -78.36
N GLU L 12 119.63 -75.08 -77.61
CA GLU L 12 118.22 -74.86 -77.92
C GLU L 12 118.05 -74.25 -79.31
N PHE L 13 118.86 -73.24 -79.62
CA PHE L 13 118.77 -72.60 -80.93
C PHE L 13 119.11 -73.57 -82.05
N ILE L 14 120.20 -74.33 -81.87
CA ILE L 14 120.63 -75.24 -82.94
C ILE L 14 119.63 -76.37 -83.13
N ARG L 15 118.94 -76.78 -82.06
CA ARG L 15 117.89 -77.78 -82.23
C ARG L 15 116.68 -77.20 -82.95
N SER L 16 116.23 -76.01 -82.53
CA SER L 16 115.05 -75.42 -83.14
C SER L 16 115.28 -75.11 -84.61
N ALA L 17 116.44 -74.57 -84.96
CA ALA L 17 116.78 -74.23 -86.33
C ALA L 17 118.16 -74.75 -86.66
N GLY L 18 118.31 -75.36 -87.84
CA GLY L 18 119.60 -75.85 -88.28
C GLY L 18 120.17 -76.96 -87.45
N GLN L 19 119.36 -77.99 -87.15
CA GLN L 19 119.87 -79.12 -86.39
C GLN L 19 120.96 -79.85 -87.15
N ASP L 20 120.95 -79.78 -88.46
CA ASP L 20 122.00 -80.35 -89.30
C ASP L 20 122.84 -79.23 -89.92
N SER L 21 124.10 -79.55 -90.20
CA SER L 21 125.05 -78.63 -90.83
C SER L 21 125.21 -77.36 -90.00
N LEU L 22 125.44 -77.53 -88.71
CA LEU L 22 125.64 -76.39 -87.81
C LEU L 22 126.41 -76.86 -86.59
N CYS L 23 127.38 -76.06 -86.16
CA CYS L 23 128.23 -76.38 -85.02
C CYS L 23 128.06 -75.32 -83.95
N GLY L 24 127.82 -75.78 -82.72
CA GLY L 24 127.67 -74.85 -81.61
C GLY L 24 128.95 -74.12 -81.28
N VAL L 25 128.79 -72.95 -80.67
CA VAL L 25 129.93 -72.13 -80.26
C VAL L 25 130.33 -72.52 -78.84
N PRO L 26 131.62 -72.78 -78.58
CA PRO L 26 132.01 -73.25 -77.24
C PRO L 26 131.74 -72.27 -76.12
N ASP L 27 132.05 -70.98 -76.32
CA ASP L 27 131.87 -70.01 -75.25
C ASP L 27 131.77 -68.62 -75.83
N ILE L 28 131.30 -67.69 -75.00
CA ILE L 28 131.11 -66.31 -75.44
C ILE L 28 132.43 -65.68 -75.84
N ASN L 29 133.49 -65.95 -75.08
CA ASN L 29 134.79 -65.34 -75.36
C ASN L 29 135.29 -65.73 -76.74
N SER L 30 135.17 -67.01 -77.09
CA SER L 30 135.65 -67.52 -78.37
C SER L 30 134.61 -67.44 -79.47
N SER L 31 133.42 -66.91 -79.17
CA SER L 31 132.40 -66.76 -80.21
C SER L 31 132.87 -65.87 -81.34
N GLY L 32 133.65 -64.83 -81.03
CA GLY L 32 134.07 -63.89 -82.06
C GLY L 32 135.12 -64.42 -83.02
N ASP L 33 135.68 -65.60 -82.74
CA ASP L 33 136.69 -66.18 -83.61
C ASP L 33 136.11 -67.11 -84.67
N PHE L 34 134.79 -67.23 -84.74
CA PHE L 34 134.12 -68.11 -85.69
C PHE L 34 133.29 -67.33 -86.70
N MET L 35 133.74 -66.13 -87.04
CA MET L 35 133.11 -65.35 -88.09
C MET L 35 133.50 -65.91 -89.46
N PRO L 36 132.74 -65.56 -90.51
CA PRO L 36 133.05 -66.10 -91.84
C PRO L 36 134.45 -65.75 -92.29
N LEU L 37 135.03 -66.65 -93.09
CA LEU L 37 136.38 -66.51 -93.63
C LEU L 37 137.43 -66.57 -92.51
N HIS L 38 137.27 -67.55 -91.62
CA HIS L 38 138.23 -67.82 -90.56
C HIS L 38 138.72 -69.26 -90.68
N ILE L 39 139.99 -69.47 -90.35
CA ILE L 39 140.61 -70.79 -90.41
C ILE L 39 140.46 -71.46 -89.05
N ILE L 40 140.07 -72.73 -89.06
CA ILE L 40 139.97 -73.55 -87.86
C ILE L 40 140.69 -74.87 -88.12
N VAL L 41 141.06 -75.54 -87.03
CA VAL L 41 141.78 -76.80 -87.10
C VAL L 41 140.88 -77.90 -86.55
N LYS L 42 140.83 -79.01 -87.26
CA LYS L 42 140.02 -80.17 -86.85
C LYS L 42 140.95 -81.33 -86.52
N GLU L 43 140.72 -81.95 -85.36
CA GLU L 43 141.51 -83.07 -84.88
C GLU L 43 140.60 -84.29 -84.77
N VAL L 44 141.06 -85.41 -85.32
CA VAL L 44 140.30 -86.65 -85.34
C VAL L 44 140.28 -87.25 -83.93
N PRO L 45 139.25 -88.03 -83.57
CA PRO L 45 139.21 -88.62 -82.23
C PRO L 45 140.38 -89.53 -81.91
N LYS L 46 140.91 -90.24 -82.92
CA LYS L 46 142.02 -91.18 -82.82
C LYS L 46 141.68 -92.44 -82.03
N VAL L 47 140.47 -92.55 -81.49
CA VAL L 47 140.07 -93.74 -80.74
C VAL L 47 138.89 -94.38 -81.46
N LEU L 48 137.80 -93.64 -81.61
CA LEU L 48 136.61 -94.09 -82.33
C LEU L 48 136.22 -93.00 -83.32
N PRO L 49 136.97 -92.86 -84.42
CA PRO L 49 136.69 -91.76 -85.35
C PRO L 49 135.28 -91.79 -85.92
N CYS L 50 134.73 -92.97 -86.18
CA CYS L 50 133.38 -93.08 -86.72
C CYS L 50 132.29 -92.99 -85.65
N CYS L 51 132.67 -93.01 -84.37
CA CYS L 51 131.70 -92.97 -83.29
C CYS L 51 131.75 -91.70 -82.46
N ARG L 52 132.82 -90.91 -82.57
CA ARG L 52 132.99 -89.71 -81.77
C ARG L 52 133.20 -88.51 -82.69
N ARG L 53 132.60 -87.38 -82.34
CA ARG L 53 132.75 -86.18 -83.13
C ARG L 53 134.16 -85.59 -82.92
N PRO L 54 134.73 -84.99 -83.96
CA PRO L 54 136.11 -84.47 -83.84
C PRO L 54 136.22 -83.25 -82.93
N LYS L 55 137.43 -82.75 -82.75
CA LYS L 55 137.70 -81.60 -81.89
C LYS L 55 138.06 -80.40 -82.76
N ILE L 56 137.43 -79.26 -82.47
CA ILE L 56 137.59 -78.06 -83.28
C ILE L 56 138.36 -77.02 -82.47
N LYS L 57 139.42 -76.48 -83.06
CA LYS L 57 140.31 -75.52 -82.43
C LYS L 57 140.29 -74.23 -83.24
N ARG L 58 140.10 -73.11 -82.55
CA ARG L 58 140.12 -71.80 -83.20
C ARG L 58 141.55 -71.33 -83.40
N THR L 59 141.74 -70.53 -84.44
CA THR L 59 143.04 -69.96 -84.76
C THR L 59 142.89 -68.48 -85.07
N PRO L 60 143.91 -67.68 -84.78
CA PRO L 60 143.84 -66.24 -85.07
C PRO L 60 144.31 -65.90 -86.49
N TYR L 61 143.64 -66.49 -87.47
CA TYR L 61 144.00 -66.31 -88.87
C TYR L 61 142.76 -66.15 -89.71
N THR L 62 142.89 -65.36 -90.78
CA THR L 62 141.89 -65.26 -91.83
C THR L 62 142.45 -65.86 -93.11
N LEU L 63 141.57 -65.98 -94.11
CA LEU L 63 141.97 -66.59 -95.37
C LEU L 63 143.06 -65.77 -96.05
N ASN L 64 142.92 -64.45 -96.07
CA ASN L 64 143.90 -63.59 -96.73
C ASN L 64 145.25 -63.65 -96.02
N ASP L 65 145.25 -63.77 -94.69
CA ASP L 65 146.51 -63.89 -93.97
C ASP L 65 147.16 -65.25 -94.23
N ILE L 66 146.35 -66.32 -94.25
CA ILE L 66 146.92 -67.65 -94.42
C ILE L 66 147.39 -67.87 -95.85
N LEU L 67 146.83 -67.14 -96.81
CA LEU L 67 147.16 -67.32 -98.22
C LEU L 67 148.14 -66.25 -98.69
N ASP L 68 149.10 -66.67 -99.51
CA ASP L 68 150.00 -65.71 -100.14
C ASP L 68 149.22 -64.78 -101.08
N GLU L 69 148.29 -65.32 -101.84
CA GLU L 69 147.48 -64.53 -102.76
C GLU L 69 146.15 -64.18 -102.10
N PRO L 70 145.80 -62.89 -102.00
CA PRO L 70 144.54 -62.53 -101.35
C PRO L 70 143.33 -62.90 -102.19
N CYS L 71 142.19 -62.99 -101.51
CA CYS L 71 140.91 -63.31 -102.10
C CYS L 71 139.89 -62.26 -101.69
N PRO L 72 138.84 -62.07 -102.48
CA PRO L 72 137.76 -61.15 -102.05
C PRO L 72 137.14 -61.62 -100.75
N ASN L 73 136.76 -60.67 -99.90
CA ASN L 73 136.30 -60.97 -98.55
C ASN L 73 135.03 -60.24 -98.15
N GLN L 74 134.31 -59.64 -99.11
CA GLN L 74 133.09 -58.93 -98.77
C GLN L 74 132.03 -59.89 -98.24
N LEU L 75 131.20 -59.39 -97.32
CA LEU L 75 130.20 -60.20 -96.64
C LEU L 75 128.81 -59.60 -96.83
N LYS L 76 127.79 -60.37 -96.46
CA LYS L 76 126.42 -59.93 -96.47
C LYS L 76 125.65 -60.71 -95.41
N SER L 77 124.59 -60.09 -94.89
CA SER L 77 123.79 -60.69 -93.83
C SER L 77 122.32 -60.61 -94.18
N SER L 78 121.57 -61.60 -93.69
CA SER L 78 120.13 -61.66 -93.91
C SER L 78 119.47 -62.42 -92.77
N ASP L 79 118.19 -62.14 -92.56
CA ASP L 79 117.49 -62.74 -91.43
C ASP L 79 117.37 -64.25 -91.59
N LEU L 80 117.43 -64.96 -90.46
CA LEU L 80 117.33 -66.41 -90.45
C LEU L 80 116.13 -66.92 -89.68
N VAL L 81 115.95 -66.49 -88.43
CA VAL L 81 114.84 -66.94 -87.59
C VAL L 81 114.57 -65.86 -86.55
N THR L 82 113.38 -65.88 -85.98
CA THR L 82 112.94 -64.87 -85.02
C THR L 82 112.19 -65.56 -83.89
N PHE L 83 112.72 -65.48 -82.68
CA PHE L 83 112.06 -66.01 -81.49
C PHE L 83 111.18 -64.91 -80.91
N THR L 84 109.88 -64.99 -81.20
CA THR L 84 108.96 -63.93 -80.78
C THR L 84 108.83 -63.87 -79.27
N GLU L 85 108.83 -65.02 -78.59
CA GLU L 85 108.69 -65.06 -77.15
C GLU L 85 109.83 -65.86 -76.53
N PRO L 86 110.19 -65.56 -75.29
CA PRO L 86 111.31 -66.25 -74.66
C PRO L 86 111.04 -67.73 -74.48
N LEU L 87 112.09 -68.53 -74.65
CA LEU L 87 112.05 -69.95 -74.31
C LEU L 87 112.04 -70.08 -72.80
N VAL L 88 110.97 -70.66 -72.24
CA VAL L 88 110.78 -70.77 -70.81
C VAL L 88 110.73 -72.24 -70.44
N SER L 89 111.48 -72.61 -69.40
CA SER L 89 111.52 -73.98 -68.91
C SER L 89 111.36 -74.00 -67.41
N ASN L 90 110.55 -74.93 -66.90
CA ASN L 90 110.32 -75.10 -65.48
C ASN L 90 110.46 -76.58 -65.13
N VAL L 91 111.18 -76.86 -64.04
CA VAL L 91 111.31 -78.21 -63.50
C VAL L 91 111.05 -78.12 -62.01
N LYS L 92 110.23 -79.02 -61.49
CA LYS L 92 109.89 -79.03 -60.07
C LYS L 92 109.83 -80.47 -59.60
N ALA L 93 110.75 -80.87 -58.73
CA ALA L 93 110.80 -82.22 -58.20
C ALA L 93 110.68 -82.19 -56.69
N SER L 94 110.06 -83.23 -56.13
CA SER L 94 109.92 -83.35 -54.69
C SER L 94 109.78 -84.83 -54.34
N SER L 95 110.57 -85.29 -53.38
CA SER L 95 110.57 -86.70 -53.01
C SER L 95 110.74 -86.84 -51.51
N SER L 96 110.29 -87.98 -50.99
CA SER L 96 110.41 -88.29 -49.57
C SER L 96 110.61 -89.79 -49.40
N ILE L 97 111.46 -90.16 -48.46
CA ILE L 97 111.79 -91.55 -48.17
C ILE L 97 111.64 -91.79 -46.68
N GLY L 98 111.02 -92.91 -46.32
CA GLY L 98 110.89 -93.29 -44.93
C GLY L 98 111.23 -94.75 -44.70
N LEU L 99 112.24 -95.02 -43.88
CA LEU L 99 112.71 -96.37 -43.60
C LEU L 99 112.55 -96.65 -42.12
N GLN L 100 112.01 -97.82 -41.79
CA GLN L 100 111.86 -98.23 -40.39
C GLN L 100 112.28 -99.69 -40.26
N ILE L 101 113.15 -99.96 -39.30
CA ILE L 101 113.55 -101.32 -38.95
C ILE L 101 113.12 -101.54 -37.50
N LEU L 102 112.00 -102.23 -37.33
CA LEU L 102 111.43 -102.61 -36.03
C LEU L 102 111.27 -101.34 -35.21
N LYS L 103 111.67 -101.33 -33.93
CA LYS L 103 111.78 -100.11 -33.15
C LYS L 103 113.22 -99.71 -32.91
N HIS L 104 114.13 -100.17 -33.77
CA HIS L 104 115.56 -99.91 -33.62
C HIS L 104 116.10 -98.87 -34.60
N PHE L 105 115.55 -98.79 -35.81
CA PHE L 105 116.02 -97.82 -36.79
C PHE L 105 114.82 -97.06 -37.36
N ASP L 106 114.97 -95.75 -37.52
CA ASP L 106 113.89 -94.94 -38.10
C ASP L 106 114.51 -93.72 -38.78
N SER L 107 114.52 -93.71 -40.11
CA SER L 107 115.09 -92.61 -40.87
C SER L 107 114.03 -92.00 -41.77
N GLY L 108 113.99 -90.67 -41.81
CA GLY L 108 113.10 -89.96 -42.71
C GLY L 108 113.82 -88.85 -43.46
N ALA L 109 113.87 -88.95 -44.78
CA ALA L 109 114.54 -87.97 -45.61
C ALA L 109 113.56 -87.37 -46.60
N LYS L 110 113.86 -86.16 -47.05
CA LYS L 110 113.01 -85.51 -48.04
C LYS L 110 113.84 -84.47 -48.78
N GLY L 111 113.49 -84.25 -50.04
CA GLY L 111 114.20 -83.30 -50.86
C GLY L 111 113.26 -82.64 -51.84
N SER L 112 113.63 -81.44 -52.27
CA SER L 112 112.84 -80.71 -53.24
C SER L 112 113.77 -79.83 -54.08
N LYS L 113 113.35 -79.56 -55.31
CA LYS L 113 114.14 -78.77 -56.24
C LYS L 113 113.22 -78.03 -57.19
N ASN L 114 113.54 -76.76 -57.44
CA ASN L 114 112.78 -75.92 -58.37
C ASN L 114 113.77 -75.18 -59.25
N PHE L 115 113.67 -75.39 -60.55
CA PHE L 115 114.62 -74.87 -61.52
C PHE L 115 113.86 -74.14 -62.62
N ILE L 116 114.22 -72.89 -62.89
CA ILE L 116 113.53 -72.06 -63.87
C ILE L 116 114.55 -71.44 -64.80
N THR L 117 114.26 -71.48 -66.10
CA THR L 117 115.16 -70.95 -67.12
C THR L 117 114.36 -70.11 -68.11
N SER L 118 114.95 -69.00 -68.56
CA SER L 118 114.34 -68.16 -69.58
C SER L 118 115.42 -67.62 -70.51
N ALA L 119 115.22 -67.78 -71.81
CA ALA L 119 116.17 -67.30 -72.80
C ALA L 119 115.44 -66.47 -73.84
N SER L 120 115.90 -65.25 -74.05
CA SER L 120 115.32 -64.33 -75.04
C SER L 120 116.42 -63.98 -76.03
N LEU L 121 116.38 -64.62 -77.20
CA LEU L 121 117.37 -64.41 -78.24
C LEU L 121 116.96 -63.39 -79.28
N GLY L 122 115.72 -62.92 -79.25
CA GLY L 122 115.29 -61.91 -80.20
C GLY L 122 115.35 -62.42 -81.63
N THR L 123 116.08 -61.71 -82.49
CA THR L 123 116.23 -62.05 -83.89
C THR L 123 117.63 -62.55 -84.15
N VAL L 124 117.75 -63.62 -84.93
CA VAL L 124 119.03 -64.20 -85.31
C VAL L 124 119.21 -64.02 -86.80
N VAL L 125 120.35 -63.48 -87.22
CA VAL L 125 120.67 -63.28 -88.61
C VAL L 125 121.82 -64.20 -88.99
N LYS L 126 122.02 -64.37 -90.30
CA LYS L 126 123.10 -65.17 -90.84
C LYS L 126 123.98 -64.30 -91.72
N ALA L 127 125.28 -64.41 -91.52
CA ALA L 127 126.28 -63.65 -92.27
C ALA L 127 127.16 -64.62 -93.04
N GLU L 128 127.43 -64.27 -94.30
CA GLU L 128 128.19 -65.13 -95.20
C GLU L 128 128.75 -64.30 -96.33
N THR L 129 129.75 -64.87 -97.01
CA THR L 129 130.36 -64.20 -98.14
C THR L 129 129.33 -63.93 -99.24
N ILE L 130 129.48 -62.79 -99.91
CA ILE L 130 128.56 -62.44 -100.98
C ILE L 130 128.62 -63.47 -102.11
N ASP L 131 129.84 -63.87 -102.49
CA ASP L 131 130.03 -64.88 -103.52
C ASP L 131 131.06 -65.88 -103.02
N ILE L 132 130.64 -67.14 -102.85
CA ILE L 132 131.55 -68.17 -102.37
C ILE L 132 132.30 -68.84 -103.50
N THR L 133 131.72 -68.86 -104.70
CA THR L 133 132.38 -69.50 -105.84
C THR L 133 133.70 -68.82 -106.17
N LYS L 134 133.72 -67.48 -106.16
CA LYS L 134 134.96 -66.76 -106.43
C LYS L 134 136.01 -67.06 -105.37
N VAL L 135 135.60 -67.09 -104.10
CA VAL L 135 136.53 -67.40 -103.02
C VAL L 135 137.11 -68.79 -103.20
N LEU L 136 136.26 -69.75 -103.54
CA LEU L 136 136.74 -71.12 -103.75
C LEU L 136 137.71 -71.19 -104.92
N ALA L 137 137.40 -70.52 -106.02
CA ALA L 137 138.28 -70.54 -107.18
C ALA L 137 139.64 -69.96 -106.83
N LYS L 138 139.65 -68.79 -106.18
CA LYS L 138 140.91 -68.16 -105.80
C LYS L 138 141.70 -69.02 -104.82
N VAL L 139 141.01 -69.67 -103.87
CA VAL L 139 141.70 -70.57 -102.95
C VAL L 139 142.39 -71.68 -103.72
N ARG L 140 141.65 -72.31 -104.63
CA ARG L 140 142.21 -73.42 -105.40
C ARG L 140 143.40 -72.98 -106.24
N THR L 141 143.37 -71.75 -106.75
CA THR L 141 144.47 -71.27 -107.58
C THR L 141 145.54 -70.53 -106.77
N ALA L 142 145.40 -70.43 -105.45
CA ALA L 142 146.33 -69.67 -104.62
C ALA L 142 147.12 -70.59 -103.71
N LYS L 143 148.36 -70.20 -103.41
CA LYS L 143 149.23 -70.95 -102.52
C LYS L 143 149.24 -70.34 -101.12
N ALA L 144 149.40 -71.21 -100.12
CA ALA L 144 149.43 -70.77 -98.73
C ALA L 144 150.74 -70.03 -98.42
N LYS L 145 150.77 -69.40 -97.26
CA LYS L 145 151.94 -68.63 -96.84
C LYS L 145 153.04 -69.58 -96.39
N VAL L 146 154.20 -69.50 -97.05
CA VAL L 146 155.33 -70.36 -96.69
C VAL L 146 155.82 -70.04 -95.29
N GLU L 147 155.83 -68.76 -94.92
CA GLU L 147 156.27 -68.36 -93.59
C GLU L 147 155.42 -68.97 -92.49
N ASN L 148 154.12 -69.11 -92.72
CA ASN L 148 153.21 -69.58 -91.68
C ASN L 148 153.62 -70.97 -91.19
N ASP L 149 153.61 -71.14 -89.86
CA ASP L 149 153.98 -72.40 -89.24
C ASP L 149 152.80 -73.36 -89.10
N LEU L 150 151.60 -72.82 -88.86
CA LEU L 150 150.42 -73.65 -88.71
C LEU L 150 150.18 -74.52 -89.93
N VAL L 151 150.29 -73.91 -91.12
CA VAL L 151 150.09 -74.66 -92.37
C VAL L 151 151.07 -75.82 -92.47
N SER L 152 152.34 -75.55 -92.16
CA SER L 152 153.34 -76.60 -92.22
C SER L 152 153.05 -77.71 -91.22
N ARG L 153 152.64 -77.33 -90.01
CA ARG L 153 152.27 -78.33 -89.01
C ARG L 153 151.15 -79.23 -89.52
N VAL L 154 150.08 -78.62 -90.05
CA VAL L 154 148.95 -79.39 -90.55
C VAL L 154 149.37 -80.26 -91.72
N MET L 155 150.28 -79.76 -92.57
CA MET L 155 150.75 -80.55 -93.71
C MET L 155 151.52 -81.78 -93.24
N LYS L 156 152.42 -81.61 -92.27
CA LYS L 156 153.23 -82.74 -91.84
C LYS L 156 152.42 -83.74 -91.02
N THR L 157 151.46 -83.26 -90.22
CA THR L 157 150.63 -84.16 -89.44
C THR L 157 149.49 -84.71 -90.30
N LYS L 158 149.01 -85.89 -89.91
CA LYS L 158 147.92 -86.56 -90.64
C LYS L 158 146.57 -86.39 -89.97
N ARG L 159 146.53 -86.22 -88.64
CA ARG L 159 145.25 -86.05 -87.96
C ARG L 159 144.67 -84.67 -88.22
N LEU L 160 145.51 -83.63 -88.21
CA LEU L 160 145.03 -82.27 -88.31
C LEU L 160 144.49 -81.98 -89.71
N CYS L 161 143.39 -81.23 -89.75
CA CYS L 161 142.81 -80.77 -91.00
C CYS L 161 142.44 -79.30 -90.86
N LEU L 162 142.38 -78.60 -92.00
CA LEU L 162 142.04 -77.19 -92.01
C LEU L 162 140.60 -76.99 -92.48
N GLY L 163 139.93 -76.02 -91.89
CA GLY L 163 138.57 -75.71 -92.28
C GLY L 163 138.31 -74.22 -92.38
N LEU L 164 137.63 -73.80 -93.45
CA LEU L 164 137.29 -72.40 -93.67
C LEU L 164 135.83 -72.19 -93.30
N VAL L 165 135.58 -71.26 -92.39
CA VAL L 165 134.21 -70.96 -91.96
C VAL L 165 133.53 -70.11 -93.02
N VAL L 166 132.31 -70.51 -93.40
CA VAL L 166 131.63 -69.88 -94.52
C VAL L 166 130.31 -69.21 -94.13
N GLU L 167 129.70 -69.55 -93.01
CA GLU L 167 128.48 -68.89 -92.60
C GLU L 167 128.38 -68.89 -91.08
N THR L 168 127.81 -67.83 -90.52
CA THR L 168 127.73 -67.68 -89.08
C THR L 168 126.39 -67.09 -88.67
N ALA L 169 125.82 -67.61 -87.59
CA ALA L 169 124.56 -67.12 -87.06
C ALA L 169 124.84 -66.23 -85.85
N CYS L 170 124.35 -64.99 -85.91
CA CYS L 170 124.63 -63.99 -84.89
C CYS L 170 123.34 -63.31 -84.45
N VAL L 171 123.27 -62.93 -83.18
CA VAL L 171 122.11 -62.24 -82.66
C VAL L 171 122.13 -60.79 -83.14
N ALA L 172 120.99 -60.32 -83.66
CA ALA L 172 120.91 -58.95 -84.14
C ALA L 172 120.90 -57.95 -82.98
N ALA L 173 120.22 -58.28 -81.89
CA ALA L 173 120.11 -57.40 -80.74
C ALA L 173 120.58 -58.13 -79.49
N ALA L 174 120.51 -57.45 -78.36
CA ALA L 174 120.97 -58.03 -77.11
C ALA L 174 120.10 -59.21 -76.71
N GLY L 175 120.73 -60.25 -76.18
CA GLY L 175 120.04 -61.46 -75.75
C GLY L 175 120.13 -61.63 -74.25
N LYS L 176 119.01 -62.01 -73.63
CA LYS L 176 118.91 -62.09 -72.17
C LYS L 176 118.75 -63.53 -71.72
N LEU L 177 119.57 -63.95 -70.77
CA LEU L 177 119.52 -65.31 -70.24
C LEU L 177 119.37 -65.24 -68.73
N THR L 178 118.31 -65.86 -68.19
CA THR L 178 118.02 -65.84 -66.77
C THR L 178 117.81 -67.25 -66.25
N GLU L 179 118.36 -67.53 -65.07
CA GLU L 179 118.26 -68.84 -64.43
C GLU L 179 118.05 -68.67 -62.94
N ALA L 180 117.14 -69.47 -62.38
CA ALA L 180 116.86 -69.47 -60.95
C ALA L 180 116.81 -70.90 -60.43
N ASP L 181 117.45 -71.14 -59.29
CA ASP L 181 117.54 -72.46 -58.69
C ASP L 181 117.21 -72.35 -57.21
N ASN L 182 116.38 -73.26 -56.70
CA ASN L 182 116.06 -73.32 -55.28
C ASN L 182 115.90 -74.78 -54.91
N TRP L 183 116.82 -75.32 -54.11
CA TRP L 183 116.67 -76.72 -53.70
C TRP L 183 116.93 -76.87 -52.21
N GLU L 184 116.36 -77.93 -51.63
CA GLU L 184 116.31 -78.09 -50.20
C GLU L 184 116.35 -79.58 -49.84
N ILE L 185 117.08 -79.90 -48.77
CA ILE L 185 117.22 -81.25 -48.26
C ILE L 185 116.95 -81.23 -46.76
N SER L 186 116.12 -82.16 -46.28
CA SER L 186 115.85 -82.30 -44.86
C SER L 186 115.88 -83.77 -44.49
N GLY L 187 116.80 -84.15 -43.61
CA GLY L 187 116.96 -85.53 -43.22
C GLY L 187 116.97 -85.69 -41.71
N HIS L 188 116.52 -86.86 -41.27
CA HIS L 188 116.43 -87.19 -39.86
C HIS L 188 116.71 -88.66 -39.65
N THR L 189 117.45 -88.99 -38.60
CA THR L 189 117.85 -90.35 -38.30
C THR L 189 117.67 -90.61 -36.81
N ASN L 190 117.10 -91.77 -36.47
CA ASN L 190 116.89 -92.16 -35.08
C ASN L 190 117.32 -93.62 -34.94
N ALA L 191 118.43 -93.85 -34.24
CA ALA L 191 118.93 -95.18 -33.96
C ALA L 191 118.70 -95.45 -32.47
N ASN L 192 117.72 -96.28 -32.16
CA ASN L 192 117.38 -96.65 -30.79
C ASN L 192 117.92 -98.04 -30.51
N ILE L 193 118.75 -98.14 -29.47
CA ILE L 193 119.32 -99.40 -29.03
C ILE L 193 119.05 -99.52 -27.54
N GLY L 194 119.18 -100.75 -27.02
CA GLY L 194 118.89 -100.99 -25.62
C GLY L 194 119.69 -100.12 -24.67
N GLU L 195 120.93 -99.81 -25.04
CA GLU L 195 121.80 -98.98 -24.20
C GLU L 195 122.28 -97.71 -24.90
N ALA L 196 121.74 -97.39 -26.07
CA ALA L 196 122.17 -96.21 -26.81
C ALA L 196 121.00 -95.64 -27.60
N VAL L 197 120.90 -94.31 -27.60
CA VAL L 197 119.89 -93.59 -28.36
C VAL L 197 120.59 -92.47 -29.11
N VAL L 198 120.48 -92.46 -30.44
CA VAL L 198 121.08 -91.43 -31.28
C VAL L 198 119.98 -90.78 -32.10
N THR L 199 119.92 -89.45 -32.08
CA THR L 199 118.93 -88.69 -32.84
C THR L 199 119.64 -87.57 -33.58
N ALA L 200 119.74 -87.70 -34.89
CA ALA L 200 120.42 -86.72 -35.73
C ALA L 200 119.43 -86.09 -36.70
N THR L 201 119.68 -84.82 -37.02
CA THR L 201 118.81 -84.07 -37.93
C THR L 201 119.67 -83.07 -38.70
N ALA L 202 119.37 -82.91 -39.98
CA ALA L 202 120.12 -81.98 -40.81
C ALA L 202 119.21 -81.36 -41.87
N GLU L 203 119.20 -80.03 -41.93
CA GLU L 203 118.42 -79.30 -42.92
C GLU L 203 119.31 -78.31 -43.64
N LEU L 204 119.15 -78.22 -44.96
CA LEU L 204 119.88 -77.22 -45.72
C LEU L 204 119.08 -76.85 -46.97
N ASP L 205 119.38 -75.68 -47.52
CA ASP L 205 118.70 -75.21 -48.72
C ASP L 205 119.55 -74.16 -49.39
N LYS L 206 119.68 -74.24 -50.71
CA LYS L 206 120.48 -73.34 -51.51
C LYS L 206 119.61 -72.64 -52.54
N ASN L 207 119.85 -71.34 -52.71
CA ASN L 207 119.14 -70.52 -53.68
C ASN L 207 120.16 -69.76 -54.52
N LEU L 208 120.01 -69.83 -55.85
CA LEU L 208 120.90 -69.16 -56.79
C LEU L 208 120.08 -68.47 -57.87
N SER L 209 120.64 -67.40 -58.43
CA SER L 209 120.01 -66.69 -59.53
C SER L 209 121.09 -66.01 -60.36
N ARG L 210 121.10 -66.30 -61.67
CA ARG L 210 122.10 -65.75 -62.57
C ARG L 210 121.39 -65.14 -63.77
N LYS L 211 121.71 -63.88 -64.08
CA LYS L 211 121.09 -63.17 -65.19
C LYS L 211 122.17 -62.43 -65.97
N ILE L 212 122.29 -62.75 -67.26
CA ILE L 212 123.30 -62.13 -68.11
C ILE L 212 122.65 -61.66 -69.41
N GLU L 213 123.40 -60.85 -70.15
CA GLU L 213 122.92 -60.26 -71.40
C GLU L 213 124.06 -60.20 -72.40
N ILE L 214 124.01 -61.06 -73.41
CA ILE L 214 125.01 -61.03 -74.48
C ILE L 214 124.75 -59.86 -75.41
N PRO L 215 125.77 -59.18 -75.89
CA PRO L 215 125.57 -57.99 -76.72
C PRO L 215 125.28 -58.36 -78.16
N PRO L 216 124.80 -57.42 -78.97
CA PRO L 216 124.56 -57.71 -80.39
C PRO L 216 125.85 -58.10 -81.10
N GLY L 217 125.72 -59.02 -82.05
CA GLY L 217 126.85 -59.49 -82.84
C GLY L 217 127.48 -60.76 -82.35
N THR L 218 127.09 -61.26 -81.18
CA THR L 218 127.67 -62.48 -80.65
C THR L 218 127.31 -63.67 -81.53
N ALA L 219 128.32 -64.44 -81.93
CA ALA L 219 128.09 -65.60 -82.77
C ALA L 219 127.48 -66.74 -81.97
N LEU L 220 126.61 -67.51 -82.63
CA LEU L 220 125.95 -68.66 -82.00
C LEU L 220 126.37 -69.99 -82.61
N ALA L 221 126.46 -70.07 -83.93
CA ALA L 221 126.77 -71.33 -84.60
C ALA L 221 127.41 -71.02 -85.95
N TYR L 222 128.02 -72.04 -86.54
CA TYR L 222 128.76 -71.84 -87.78
C TYR L 222 128.83 -73.15 -88.55
N SER L 223 129.19 -73.03 -89.83
CA SER L 223 129.45 -74.16 -90.70
C SER L 223 130.72 -73.89 -91.47
N PHE L 224 131.46 -74.95 -91.80
CA PHE L 224 132.77 -74.78 -92.42
C PHE L 224 132.97 -75.82 -93.52
N MET L 225 133.93 -75.53 -94.40
CA MET L 225 134.31 -76.40 -95.50
C MET L 225 135.75 -76.84 -95.32
N ASP L 226 136.03 -78.11 -95.60
CA ASP L 226 137.35 -78.66 -95.39
C ASP L 226 138.33 -78.22 -96.47
N LEU L 227 139.62 -78.31 -96.14
CA LEU L 227 140.69 -77.96 -97.06
C LEU L 227 141.78 -79.03 -96.99
N GLU L 228 142.72 -78.94 -97.92
CA GLU L 228 143.82 -79.90 -98.01
C GLU L 228 145.05 -79.21 -98.57
N ILE L 229 146.17 -79.33 -97.85
CA ILE L 229 147.43 -78.75 -98.28
C ILE L 229 148.10 -79.71 -99.27
N LEU L 230 148.42 -79.20 -100.46
CA LEU L 230 149.18 -80.00 -101.42
C LEU L 230 150.62 -80.16 -100.94
N GLU L 231 151.41 -80.89 -101.72
CA GLU L 231 152.85 -80.96 -101.46
C GLU L 231 153.47 -79.57 -101.41
N ASP L 232 153.12 -78.73 -102.38
CA ASP L 232 153.49 -77.33 -102.37
C ASP L 232 152.58 -76.56 -101.40
N ARG L 233 152.76 -75.24 -101.37
CA ARG L 233 151.89 -74.39 -100.56
C ARG L 233 150.47 -74.30 -101.12
N SER L 234 150.21 -74.86 -102.29
CA SER L 234 148.89 -74.82 -102.90
C SER L 234 147.85 -75.48 -101.99
N LEU L 235 146.63 -74.96 -102.06
CA LEU L 235 145.51 -75.47 -101.27
C LEU L 235 144.42 -75.99 -102.20
N ARG L 236 143.71 -77.03 -101.74
CA ARG L 236 142.62 -77.62 -102.49
C ARG L 236 141.44 -77.81 -101.56
N VAL L 237 140.25 -77.91 -102.14
CA VAL L 237 139.04 -78.15 -101.36
C VAL L 237 138.68 -79.62 -101.46
N SER L 238 138.19 -80.18 -100.35
CA SER L 238 137.89 -81.59 -100.26
C SER L 238 136.44 -81.79 -99.84
N SER L 239 135.77 -82.77 -100.44
CA SER L 239 134.36 -83.04 -100.19
C SER L 239 134.19 -84.52 -99.83
N SER L 240 133.75 -84.78 -98.62
CA SER L 240 133.40 -86.14 -98.21
C SER L 240 132.04 -86.50 -98.78
N ALA L 241 132.04 -87.37 -99.79
CA ALA L 241 130.82 -87.75 -100.51
C ALA L 241 130.13 -86.54 -101.12
N GLY L 242 130.91 -85.53 -101.51
CA GLY L 242 130.37 -84.34 -102.13
C GLY L 242 129.60 -83.43 -101.19
N ALA L 243 129.80 -83.55 -99.88
CA ALA L 243 129.06 -82.73 -98.93
C ALA L 243 129.45 -81.26 -99.05
N MET L 244 130.75 -80.96 -98.99
CA MET L 244 131.28 -79.60 -99.01
C MET L 244 130.71 -78.74 -97.88
N PHE L 245 130.13 -79.37 -96.85
CA PHE L 245 129.61 -78.64 -95.69
C PHE L 245 129.78 -79.56 -94.49
N ASP L 246 130.80 -79.31 -93.70
CA ASP L 246 131.13 -80.18 -92.58
C ASP L 246 130.57 -79.58 -91.30
N SER L 247 129.86 -80.39 -90.52
CA SER L 247 129.27 -79.96 -89.26
C SER L 247 129.98 -80.58 -88.06
N GLY L 248 131.21 -81.06 -88.24
CA GLY L 248 131.93 -81.71 -87.17
C GLY L 248 131.24 -82.97 -86.68
N LYS L 249 130.68 -83.75 -87.60
CA LYS L 249 129.97 -84.98 -87.27
C LYS L 249 130.83 -86.20 -87.56
N ALA L 250 130.59 -87.27 -86.79
CA ALA L 250 131.30 -88.51 -87.01
C ALA L 250 130.91 -89.12 -88.35
N GLU L 251 131.85 -89.87 -88.94
CA GLU L 251 131.59 -90.49 -90.23
C GLU L 251 130.45 -91.50 -90.14
N SER L 252 130.42 -92.29 -89.06
CA SER L 252 129.38 -93.29 -88.83
C SER L 252 129.27 -94.27 -90.00
CA ARG M 3 110.78 -83.51 -83.39
C ARG M 3 110.74 -81.99 -83.53
N PRO M 4 111.65 -81.45 -84.35
CA PRO M 4 111.68 -80.00 -84.55
C PRO M 4 110.38 -79.49 -85.15
N MET M 5 109.97 -78.29 -84.71
CA MET M 5 108.74 -77.71 -85.20
C MET M 5 108.81 -77.46 -86.69
N PHE M 6 109.97 -77.00 -87.19
CA PHE M 6 110.10 -76.76 -88.62
C PHE M 6 109.91 -78.06 -89.41
N ALA M 7 110.51 -79.15 -88.93
CA ALA M 7 110.34 -80.44 -89.62
C ALA M 7 108.89 -80.90 -89.58
N VAL M 8 108.23 -80.73 -88.43
CA VAL M 8 106.82 -81.12 -88.33
C VAL M 8 105.97 -80.31 -89.29
N ALA M 9 106.19 -79.00 -89.35
CA ALA M 9 105.41 -78.16 -90.24
C ALA M 9 105.69 -78.51 -91.70
N VAL M 10 106.94 -78.82 -92.03
CA VAL M 10 107.28 -79.21 -93.40
C VAL M 10 106.55 -80.51 -93.77
N ASN M 11 106.54 -81.47 -92.85
CA ASN M 11 105.82 -82.72 -93.12
C ASN M 11 104.32 -82.48 -93.29
N GLU M 12 103.74 -81.63 -92.44
CA GLU M 12 102.32 -81.32 -92.57
C GLU M 12 102.02 -80.68 -93.92
N PHE M 13 102.84 -79.72 -94.33
CA PHE M 13 102.62 -79.06 -95.62
C PHE M 13 102.77 -80.04 -96.77
N ILE M 14 103.81 -80.87 -96.74
CA ILE M 14 104.05 -81.78 -97.86
C ILE M 14 102.96 -82.85 -97.92
N ARG M 15 102.38 -83.23 -96.78
CA ARG M 15 101.26 -84.15 -96.81
C ARG M 15 100.02 -83.49 -97.37
N SER M 16 99.69 -82.28 -96.89
CA SER M 16 98.49 -81.60 -97.34
C SER M 16 98.54 -81.31 -98.84
N ALA M 17 99.69 -80.83 -99.32
CA ALA M 17 99.86 -80.50 -100.73
C ALA M 17 101.16 -81.11 -101.23
N GLY M 18 101.12 -81.70 -102.42
CA GLY M 18 102.31 -82.27 -103.02
C GLY M 18 102.92 -83.43 -102.27
N GLN M 19 102.08 -84.40 -101.87
CA GLN M 19 102.60 -85.58 -101.19
C GLN M 19 103.55 -86.37 -102.09
N ASP M 20 103.38 -86.27 -103.40
CA ASP M 20 104.27 -86.90 -104.36
C ASP M 20 105.09 -85.83 -105.07
N SER M 21 106.28 -86.23 -105.52
CA SER M 21 107.20 -85.36 -106.26
C SER M 21 107.55 -84.11 -105.45
N LEU M 22 107.93 -84.31 -104.20
CA LEU M 22 108.31 -83.20 -103.33
C LEU M 22 109.19 -83.73 -102.21
N CYS M 23 110.27 -83.00 -101.91
CA CYS M 23 111.23 -83.39 -100.90
C CYS M 23 111.26 -82.33 -99.80
N GLY M 24 111.15 -82.78 -98.55
CA GLY M 24 111.20 -81.86 -97.43
C GLY M 24 112.56 -81.22 -97.26
N VAL M 25 112.57 -80.05 -96.63
CA VAL M 25 113.79 -79.30 -96.37
C VAL M 25 114.34 -79.74 -95.01
N PRO M 26 115.63 -80.08 -94.92
CA PRO M 26 116.16 -80.59 -93.65
C PRO M 26 116.09 -79.60 -92.50
N ASP M 27 116.47 -78.34 -92.73
CA ASP M 27 116.49 -77.37 -91.65
C ASP M 27 116.41 -75.97 -92.21
N ILE M 28 116.10 -75.02 -91.31
CA ILE M 28 115.94 -73.62 -91.72
C ILE M 28 117.24 -73.07 -92.28
N ASN M 29 118.37 -73.42 -91.66
CA ASN M 29 119.65 -72.89 -92.11
C ASN M 29 119.95 -73.31 -93.54
N SER M 30 119.70 -74.57 -93.88
CA SER M 30 119.99 -75.09 -95.20
C SER M 30 118.82 -74.93 -96.16
N SER M 31 117.72 -74.33 -95.72
CA SER M 31 116.59 -74.10 -96.61
C SER M 31 116.97 -73.24 -97.80
N GLY M 32 117.85 -72.25 -97.59
CA GLY M 32 118.19 -71.33 -98.66
C GLY M 32 119.07 -71.91 -99.74
N ASP M 33 119.59 -73.13 -99.55
CA ASP M 33 120.44 -73.76 -100.54
C ASP M 33 119.67 -74.64 -101.52
N PHE M 34 118.34 -74.68 -101.41
CA PHE M 34 117.51 -75.50 -102.28
C PHE M 34 116.61 -74.65 -103.16
N MET M 35 117.08 -73.48 -103.57
CA MET M 35 116.38 -72.65 -104.52
C MET M 35 116.55 -73.21 -105.93
N PRO M 36 115.70 -72.81 -106.88
CA PRO M 36 115.80 -73.36 -108.23
C PRO M 36 117.16 -73.09 -108.86
N LEU M 37 117.57 -74.01 -109.73
CA LEU M 37 118.85 -73.96 -110.44
C LEU M 37 120.02 -74.10 -109.46
N HIS M 38 119.91 -75.07 -108.56
CA HIS M 38 120.97 -75.42 -107.63
C HIS M 38 121.35 -76.88 -107.82
N ILE M 39 122.64 -77.18 -107.66
CA ILE M 39 123.16 -78.53 -107.79
C ILE M 39 123.14 -79.21 -106.43
N ILE M 40 122.67 -80.45 -106.39
CA ILE M 40 122.68 -81.27 -105.19
C ILE M 40 123.27 -82.63 -105.54
N VAL M 41 123.73 -83.33 -104.51
CA VAL M 41 124.36 -84.64 -104.67
C VAL M 41 123.47 -85.69 -104.02
N LYS M 42 123.25 -86.79 -104.73
CA LYS M 42 122.43 -87.89 -104.22
C LYS M 42 123.31 -89.11 -104.01
N GLU M 43 123.20 -89.73 -102.84
CA GLU M 43 123.96 -90.91 -102.47
C GLU M 43 123.01 -92.06 -102.25
N VAL M 44 123.31 -93.21 -102.85
CA VAL M 44 122.48 -94.39 -102.77
C VAL M 44 122.60 -95.01 -101.37
N PRO M 45 121.57 -95.73 -100.90
CA PRO M 45 121.67 -96.33 -99.56
C PRO M 45 122.81 -97.31 -99.40
N LYS M 46 123.15 -98.05 -100.46
CA LYS M 46 124.22 -99.05 -100.51
C LYS M 46 123.89 -100.30 -99.69
N VAL M 47 122.75 -100.33 -98.99
CA VAL M 47 122.37 -101.51 -98.21
C VAL M 47 121.07 -102.07 -98.78
N LEU M 48 120.02 -101.26 -98.78
CA LEU M 48 118.72 -101.62 -99.34
C LEU M 48 118.28 -100.49 -100.27
N PRO M 49 118.90 -100.39 -101.46
CA PRO M 49 118.57 -99.27 -102.35
C PRO M 49 117.10 -99.20 -102.73
N CYS M 50 116.45 -100.34 -102.92
CA CYS M 50 115.04 -100.36 -103.29
C CYS M 50 114.11 -100.21 -102.09
N CYS M 51 114.63 -100.28 -100.86
CA CYS M 51 113.81 -100.19 -99.67
C CYS M 51 114.06 -98.92 -98.85
N ARG M 52 115.15 -98.21 -99.10
CA ARG M 52 115.51 -97.03 -98.32
C ARG M 52 115.67 -95.84 -99.25
N ARG M 53 115.18 -94.68 -98.83
CA ARG M 53 115.32 -93.47 -99.63
C ARG M 53 116.77 -92.98 -99.59
N PRO M 54 117.25 -92.40 -100.69
CA PRO M 54 118.66 -91.98 -100.75
C PRO M 54 118.95 -90.77 -99.86
N LYS M 55 120.22 -90.35 -99.84
CA LYS M 55 120.66 -89.24 -99.02
C LYS M 55 120.99 -88.04 -99.91
N ILE M 56 120.47 -86.88 -99.55
CA ILE M 56 120.61 -85.67 -100.36
C ILE M 56 121.54 -84.70 -99.65
N LYS M 57 122.55 -84.22 -100.37
CA LYS M 57 123.56 -83.32 -99.85
C LYS M 57 123.54 -82.02 -100.64
N ARG M 58 123.50 -80.91 -99.94
CA ARG M 58 123.52 -79.59 -100.58
C ARG M 58 124.94 -79.21 -100.96
N THR M 59 125.06 -78.41 -102.02
CA THR M 59 126.33 -77.92 -102.49
C THR M 59 126.24 -76.43 -102.77
N PRO M 60 127.35 -75.70 -102.61
CA PRO M 60 127.34 -74.25 -102.89
C PRO M 60 127.64 -73.93 -104.36
N TYR M 61 126.82 -74.47 -105.26
CA TYR M 61 127.01 -74.29 -106.68
C TYR M 61 125.68 -74.04 -107.36
N THR M 62 125.73 -73.25 -108.43
CA THR M 62 124.61 -73.07 -109.34
C THR M 62 124.96 -73.69 -110.69
N LEU M 63 123.95 -73.75 -111.57
CA LEU M 63 124.16 -74.36 -112.87
C LEU M 63 125.20 -73.61 -113.69
N ASN M 64 125.14 -72.28 -113.68
CA ASN M 64 126.08 -71.49 -114.46
C ASN M 64 127.51 -71.64 -113.93
N ASP M 65 127.67 -71.77 -112.61
CA ASP M 65 128.99 -71.98 -112.05
C ASP M 65 129.51 -73.37 -112.40
N ILE M 66 128.66 -74.39 -112.32
CA ILE M 66 129.11 -75.75 -112.56
C ILE M 66 129.37 -75.99 -114.05
N LEU M 67 128.75 -75.20 -114.92
CA LEU M 67 128.88 -75.38 -116.35
C LEU M 67 129.85 -74.38 -116.94
N ASP M 68 130.68 -74.86 -117.88
CA ASP M 68 131.55 -73.95 -118.62
C ASP M 68 130.73 -72.96 -119.45
N GLU M 69 129.66 -73.43 -120.09
CA GLU M 69 128.81 -72.58 -120.89
C GLU M 69 127.60 -72.15 -120.07
N PRO M 70 127.34 -70.84 -119.92
CA PRO M 70 126.20 -70.41 -119.12
C PRO M 70 124.87 -70.69 -119.79
N CYS M 71 123.82 -70.72 -118.98
CA CYS M 71 122.45 -70.95 -119.40
C CYS M 71 121.57 -69.84 -118.86
N PRO M 72 120.43 -69.57 -119.50
CA PRO M 72 119.49 -68.60 -118.94
C PRO M 72 119.01 -69.04 -117.57
N ASN M 73 118.80 -68.08 -116.68
CA ASN M 73 118.50 -68.37 -115.29
C ASN M 73 117.33 -67.56 -114.73
N GLN M 74 116.54 -66.91 -115.58
CA GLN M 74 115.42 -66.12 -115.08
C GLN M 74 114.38 -67.02 -114.43
N LEU M 75 113.71 -66.48 -113.42
CA LEU M 75 112.74 -67.24 -112.62
C LEU M 75 111.39 -66.54 -112.62
N LYS M 76 110.39 -67.25 -112.13
CA LYS M 76 109.04 -66.72 -111.96
C LYS M 76 108.37 -67.46 -110.81
N SER M 77 107.42 -66.79 -110.17
CA SER M 77 106.74 -67.35 -109.02
C SER M 77 105.24 -67.17 -109.17
N SER M 78 104.50 -68.11 -108.59
CA SER M 78 103.04 -68.08 -108.64
C SER M 78 102.49 -68.80 -107.42
N ASP M 79 101.26 -68.46 -107.04
CA ASP M 79 100.66 -69.02 -105.84
C ASP M 79 100.43 -70.52 -105.99
N LEU M 80 100.59 -71.24 -104.87
CA LEU M 80 100.40 -72.68 -104.86
C LEU M 80 99.27 -73.12 -103.94
N VAL M 81 99.29 -72.70 -102.68
CA VAL M 81 98.26 -73.08 -101.70
C VAL M 81 98.19 -72.00 -100.64
N THR M 82 97.08 -71.95 -99.91
CA THR M 82 96.84 -70.93 -98.91
C THR M 82 96.19 -71.58 -97.69
N PHE M 83 96.88 -71.55 -96.55
CA PHE M 83 96.34 -72.05 -95.30
C PHE M 83 95.62 -70.91 -94.61
N THR M 84 94.28 -70.90 -94.72
CA THR M 84 93.49 -69.79 -94.19
C THR M 84 93.57 -69.73 -92.67
N GLU M 85 93.58 -70.89 -92.01
CA GLU M 85 93.62 -70.94 -90.56
C GLU M 85 94.77 -71.81 -90.09
N PRO M 86 95.31 -71.55 -88.91
CA PRO M 86 96.45 -72.32 -88.43
C PRO M 86 96.11 -73.79 -88.23
N LEU M 87 97.08 -74.65 -88.53
CA LEU M 87 96.98 -76.06 -88.19
C LEU M 87 97.16 -76.21 -86.68
N VAL M 88 96.14 -76.73 -86.00
CA VAL M 88 96.12 -76.84 -84.55
C VAL M 88 96.02 -78.30 -84.18
N SER M 89 96.87 -78.74 -83.25
CA SER M 89 96.89 -80.12 -82.78
C SER M 89 96.93 -80.14 -81.26
N ASN M 90 96.12 -81.02 -80.67
CA ASN M 90 96.06 -81.19 -79.23
C ASN M 90 96.14 -82.68 -78.90
N VAL M 91 96.97 -83.02 -77.93
CA VAL M 91 97.08 -84.38 -77.40
C VAL M 91 97.03 -84.30 -75.89
N LYS M 92 96.23 -85.16 -75.28
CA LYS M 92 96.07 -85.15 -73.82
C LYS M 92 95.97 -86.59 -73.36
N ALA M 93 96.96 -87.06 -72.60
CA ALA M 93 97.00 -88.42 -72.10
C ALA M 93 97.07 -88.40 -70.57
N SER M 94 96.46 -89.40 -69.95
CA SER M 94 96.50 -89.53 -68.50
C SER M 94 96.31 -91.00 -68.15
N SER M 95 97.18 -91.53 -67.29
CA SER M 95 97.14 -92.93 -66.93
C SER M 95 97.50 -93.10 -65.46
N SER M 96 97.04 -94.21 -64.89
CA SER M 96 97.32 -94.54 -63.50
C SER M 96 97.44 -96.05 -63.36
N ILE M 97 98.38 -96.49 -62.54
CA ILE M 97 98.66 -97.90 -62.30
C ILE M 97 98.67 -98.15 -60.80
N GLY M 98 98.03 -99.23 -60.37
CA GLY M 98 98.06 -99.62 -58.97
C GLY M 98 98.33 -101.10 -58.79
N LEU M 99 99.42 -101.44 -58.11
CA LEU M 99 99.82 -102.82 -57.90
C LEU M 99 99.84 -103.10 -56.40
N GLN M 100 99.27 -104.24 -56.01
CA GLN M 100 99.27 -104.66 -54.63
C GLN M 100 99.61 -106.14 -54.54
N ILE M 101 100.58 -106.48 -53.70
CA ILE M 101 100.94 -107.87 -53.41
C ILE M 101 100.68 -108.08 -51.92
N LEU M 102 99.53 -108.70 -51.61
CA LEU M 102 99.12 -109.05 -50.25
C LEU M 102 99.15 -107.79 -49.41
N LYS M 103 99.71 -107.82 -48.20
CA LYS M 103 99.98 -106.61 -47.42
C LYS M 103 101.48 -106.31 -47.36
N HIS M 104 102.24 -106.82 -48.34
CA HIS M 104 103.68 -106.65 -48.38
C HIS M 104 104.16 -105.64 -49.41
N PHE M 105 103.47 -105.51 -50.54
CA PHE M 105 103.87 -104.55 -51.56
C PHE M 105 102.66 -103.72 -51.99
N ASP M 106 102.87 -102.42 -52.15
CA ASP M 106 101.79 -101.53 -52.59
C ASP M 106 102.40 -100.35 -53.33
N SER M 107 102.23 -100.32 -54.66
CA SER M 107 102.77 -99.25 -55.48
C SER M 107 101.64 -98.56 -56.24
N GLY M 108 101.69 -97.24 -56.27
CA GLY M 108 100.74 -96.46 -57.05
C GLY M 108 101.42 -95.39 -57.87
N ALA M 109 101.30 -95.48 -59.19
CA ALA M 109 101.93 -94.53 -60.10
C ALA M 109 100.87 -93.86 -60.94
N LYS M 110 101.18 -92.66 -61.43
CA LYS M 110 100.27 -91.96 -62.31
C LYS M 110 101.05 -90.96 -63.14
N GLY M 111 100.57 -90.71 -64.35
CA GLY M 111 101.22 -89.79 -65.25
C GLY M 111 100.21 -89.06 -66.10
N SER M 112 100.60 -87.88 -66.57
CA SER M 112 99.74 -87.09 -67.43
C SER M 112 100.62 -86.26 -68.37
N LYS M 113 100.06 -85.95 -69.54
CA LYS M 113 100.79 -85.21 -70.56
C LYS M 113 99.79 -84.40 -71.38
N ASN M 114 100.15 -83.15 -71.67
CA ASN M 114 99.35 -82.25 -72.49
C ASN M 114 100.26 -81.56 -73.48
N PHE M 115 99.98 -81.75 -74.77
CA PHE M 115 100.84 -81.28 -75.85
C PHE M 115 99.99 -80.50 -76.84
N ILE M 116 100.39 -79.26 -77.14
CA ILE M 116 99.64 -78.38 -78.02
C ILE M 116 100.57 -77.82 -79.08
N THR M 117 100.12 -77.82 -80.33
CA THR M 117 100.91 -77.33 -81.45
C THR M 117 100.05 -76.45 -82.34
N SER M 118 100.64 -75.37 -82.86
CA SER M 118 99.96 -74.48 -83.79
C SER M 118 100.95 -74.00 -84.83
N ALA M 119 100.58 -74.13 -86.10
CA ALA M 119 101.43 -73.70 -87.21
C ALA M 119 100.62 -72.81 -88.15
N SER M 120 101.13 -71.61 -88.40
CA SER M 120 100.49 -70.65 -89.30
C SER M 120 101.48 -70.37 -90.43
N LEU M 121 101.24 -70.98 -91.59
CA LEU M 121 102.11 -70.83 -92.75
C LEU M 121 101.64 -69.77 -93.72
N GLY M 122 100.45 -69.22 -93.53
CA GLY M 122 99.97 -68.18 -94.42
C GLY M 122 99.81 -68.68 -95.84
N THR M 123 100.47 -68.00 -96.78
CA THR M 123 100.42 -68.33 -98.20
C THR M 123 101.75 -68.92 -98.64
N VAL M 124 101.69 -69.99 -99.42
CA VAL M 124 102.87 -70.64 -99.96
C VAL M 124 102.87 -70.46 -101.48
N VAL M 125 103.98 -69.99 -102.02
CA VAL M 125 104.13 -69.80 -103.45
C VAL M 125 105.16 -70.78 -103.98
N LYS M 126 105.20 -70.94 -105.29
CA LYS M 126 106.14 -71.81 -105.97
C LYS M 126 106.94 -70.98 -106.95
N ALA M 127 108.27 -71.18 -106.92
CA ALA M 127 109.20 -70.47 -107.79
C ALA M 127 109.92 -71.48 -108.67
N GLU M 128 110.05 -71.14 -109.95
CA GLU M 128 110.62 -72.04 -110.94
C GLU M 128 111.09 -71.24 -112.14
N THR M 129 111.96 -71.86 -112.93
CA THR M 129 112.47 -71.21 -114.13
C THR M 129 111.33 -70.86 -115.08
N ILE M 130 111.46 -69.73 -115.77
CA ILE M 130 110.42 -69.31 -116.72
C ILE M 130 110.29 -70.33 -117.84
N ASP M 131 111.41 -70.80 -118.38
CA ASP M 131 111.41 -71.81 -119.43
C ASP M 131 112.44 -72.88 -119.06
N ILE M 132 111.96 -74.11 -118.85
CA ILE M 132 112.85 -75.20 -118.49
C ILE M 132 113.41 -75.91 -119.72
N THR M 133 112.68 -75.88 -120.84
CA THR M 133 113.15 -76.55 -122.05
C THR M 133 114.45 -75.95 -122.55
N LYS M 134 114.56 -74.61 -122.53
CA LYS M 134 115.80 -73.96 -122.95
C LYS M 134 116.96 -74.34 -122.03
N VAL M 135 116.71 -74.36 -120.72
CA VAL M 135 117.75 -74.74 -119.77
C VAL M 135 118.21 -76.17 -120.03
N LEU M 136 117.26 -77.07 -120.26
CA LEU M 136 117.63 -78.46 -120.53
C LEU M 136 118.43 -78.58 -121.81
N ALA M 137 118.02 -77.88 -122.87
CA ALA M 137 118.75 -77.94 -124.13
C ALA M 137 120.18 -77.45 -123.95
N LYS M 138 120.34 -76.29 -123.30
CA LYS M 138 121.68 -75.75 -123.09
C LYS M 138 122.53 -76.67 -122.22
N VAL M 139 121.93 -77.28 -121.20
CA VAL M 139 122.67 -78.23 -120.37
C VAL M 139 123.18 -79.38 -121.23
N ARG M 140 122.30 -79.95 -122.04
CA ARG M 140 122.68 -81.09 -122.87
C ARG M 140 123.78 -80.71 -123.85
N THR M 141 123.76 -79.48 -124.36
CA THR M 141 124.78 -79.05 -125.31
C THR M 141 126.00 -78.40 -124.65
N ALA M 142 126.03 -78.30 -123.32
CA ALA M 142 127.09 -77.61 -122.61
C ALA M 142 127.94 -78.60 -121.81
N LYS M 143 129.22 -78.29 -121.67
CA LYS M 143 130.15 -79.10 -120.90
C LYS M 143 130.38 -78.51 -119.51
N ALA M 144 130.62 -79.39 -118.54
CA ALA M 144 130.85 -78.97 -117.17
C ALA M 144 132.23 -78.32 -117.03
N LYS M 145 132.44 -77.70 -115.87
CA LYS M 145 133.70 -77.03 -115.60
C LYS M 145 134.79 -78.04 -115.29
N VAL M 146 135.86 -78.03 -116.10
CA VAL M 146 136.96 -78.97 -115.90
C VAL M 146 137.64 -78.69 -114.56
N GLU M 147 137.79 -77.42 -114.20
CA GLU M 147 138.42 -77.07 -112.93
C GLU M 147 137.68 -77.63 -111.73
N ASN M 148 136.34 -77.68 -111.79
CA ASN M 148 135.55 -78.11 -110.65
C ASN M 148 135.92 -79.53 -110.23
N ASP M 149 136.07 -79.71 -108.91
CA ASP M 149 136.44 -81.00 -108.33
C ASP M 149 135.24 -81.89 -108.05
N LEU M 150 134.12 -81.27 -107.65
CA LEU M 150 132.90 -82.03 -107.36
C LEU M 150 132.45 -82.86 -108.55
N VAL M 151 132.46 -82.25 -109.74
CA VAL M 151 132.04 -82.97 -110.95
C VAL M 151 132.93 -84.19 -111.18
N SER M 152 134.24 -84.01 -111.04
CA SER M 152 135.17 -85.12 -111.23
C SER M 152 134.92 -86.22 -110.20
N ARG M 153 134.70 -85.83 -108.95
CA ARG M 153 134.40 -86.81 -107.91
C ARG M 153 133.16 -87.63 -108.27
N VAL M 154 132.08 -86.94 -108.66
CA VAL M 154 130.84 -87.64 -109.02
C VAL M 154 131.05 -88.52 -110.24
N MET M 155 131.88 -88.08 -111.20
CA MET M 155 132.16 -88.87 -112.39
C MET M 155 132.89 -90.16 -112.03
N LYS M 156 133.92 -90.06 -111.17
CA LYS M 156 134.70 -91.24 -110.85
C LYS M 156 133.94 -92.20 -109.94
N THR M 157 133.13 -91.66 -109.03
CA THR M 157 132.34 -92.52 -108.15
C THR M 157 131.07 -92.98 -108.85
N LYS M 158 130.56 -94.13 -108.42
CA LYS M 158 129.36 -94.73 -109.00
C LYS M 158 128.11 -94.48 -108.17
N ARG M 159 128.25 -94.33 -106.84
CA ARG M 159 127.08 -94.08 -106.00
C ARG M 159 126.56 -92.66 -106.18
N LEU M 160 127.47 -91.68 -106.27
CA LEU M 160 127.07 -90.29 -106.32
C LEU M 160 126.37 -89.95 -107.63
N CYS M 161 125.33 -89.13 -107.53
CA CYS M 161 124.62 -88.62 -108.69
C CYS M 161 124.36 -87.14 -108.51
N LEU M 162 124.22 -86.42 -109.62
CA LEU M 162 123.97 -84.98 -109.58
C LEU M 162 122.50 -84.69 -109.87
N GLY M 163 121.96 -83.68 -109.19
CA GLY M 163 120.59 -83.29 -109.41
C GLY M 163 120.41 -81.78 -109.47
N LEU M 164 119.63 -81.31 -110.44
CA LEU M 164 119.36 -79.88 -110.61
C LEU M 164 117.97 -79.59 -110.06
N VAL M 165 117.90 -78.66 -109.12
CA VAL M 165 116.62 -78.28 -108.52
C VAL M 165 115.86 -77.37 -109.48
N VAL M 166 114.59 -77.69 -109.70
CA VAL M 166 113.81 -77.00 -110.72
C VAL M 166 112.61 -76.26 -110.17
N GLU M 167 112.12 -76.56 -108.97
CA GLU M 167 111.00 -75.83 -108.41
C GLU M 167 111.09 -75.85 -106.89
N THR M 168 110.68 -74.76 -106.27
CA THR M 168 110.79 -74.62 -104.82
C THR M 168 109.55 -73.96 -104.25
N ALA M 169 109.08 -74.45 -103.11
CA ALA M 169 107.93 -73.89 -102.41
C ALA M 169 108.42 -73.03 -101.25
N CYS M 170 108.01 -71.76 -101.23
CA CYS M 170 108.48 -70.79 -100.25
C CYS M 170 107.30 -70.03 -99.67
N VAL M 171 107.43 -69.67 -98.39
CA VAL M 171 106.38 -68.91 -97.72
C VAL M 171 106.44 -67.46 -98.19
N ALA M 172 105.27 -66.92 -98.57
CA ALA M 172 105.22 -65.53 -99.03
C ALA M 172 105.42 -64.55 -97.88
N ALA M 173 104.87 -64.85 -96.71
CA ALA M 173 104.96 -63.98 -95.55
C ALA M 173 105.54 -64.76 -94.38
N ALA M 174 105.66 -64.08 -93.24
CA ALA M 174 106.24 -64.70 -92.05
C ALA M 174 105.35 -65.83 -91.55
N GLY M 175 105.97 -66.92 -91.11
CA GLY M 175 105.27 -68.09 -90.61
C GLY M 175 105.53 -68.28 -89.13
N LYS M 176 104.47 -68.59 -88.37
CA LYS M 176 104.56 -68.68 -86.92
C LYS M 176 104.35 -70.11 -86.45
N LEU M 177 105.26 -70.59 -85.61
CA LEU M 177 105.20 -71.95 -85.09
C LEU M 177 105.25 -71.89 -83.56
N THR M 178 104.22 -72.45 -82.91
CA THR M 178 104.11 -72.42 -81.45
C THR M 178 103.88 -73.83 -80.92
N GLU M 179 104.56 -74.16 -79.82
CA GLU M 179 104.45 -75.47 -79.18
C GLU M 179 104.45 -75.30 -77.67
N ALA M 180 103.57 -76.05 -77.01
CA ALA M 180 103.47 -76.05 -75.55
C ALA M 180 103.40 -77.48 -75.04
N ASP M 181 104.15 -77.77 -73.98
CA ASP M 181 104.24 -79.09 -73.40
C ASP M 181 104.11 -78.98 -71.89
N ASN M 182 103.29 -79.85 -71.29
CA ASN M 182 103.15 -79.90 -69.84
C ASN M 182 102.94 -81.35 -69.45
N TRP M 183 103.92 -81.96 -68.77
CA TRP M 183 103.74 -83.35 -68.36
C TRP M 183 104.17 -83.54 -66.92
N GLU M 184 103.61 -84.56 -66.27
CA GLU M 184 103.73 -84.74 -64.84
C GLU M 184 103.72 -86.23 -64.50
N ILE M 185 104.56 -86.61 -63.53
CA ILE M 185 104.68 -87.97 -63.05
C ILE M 185 104.60 -87.95 -61.52
N SER M 186 103.78 -88.83 -60.95
CA SER M 186 103.68 -88.96 -59.50
C SER M 186 103.66 -90.44 -59.14
N GLY M 187 104.66 -90.88 -58.38
CA GLY M 187 104.79 -92.28 -58.03
C GLY M 187 104.98 -92.46 -56.54
N HIS M 188 104.50 -93.60 -56.04
CA HIS M 188 104.58 -93.94 -54.63
C HIS M 188 104.79 -95.43 -54.47
N THR M 189 105.63 -95.82 -53.51
CA THR M 189 105.98 -97.21 -53.27
C THR M 189 105.97 -97.47 -51.77
N ASN M 190 105.38 -98.59 -51.37
CA ASN M 190 105.32 -98.99 -49.97
C ASN M 190 105.67 -100.47 -49.89
N ALA M 191 106.84 -100.78 -49.34
CA ALA M 191 107.29 -102.14 -49.12
C ALA M 191 107.23 -102.42 -47.62
N ASN M 192 106.23 -103.18 -47.19
CA ASN M 192 106.05 -103.55 -45.79
C ASN M 192 106.54 -104.97 -45.58
N ILE M 193 107.49 -105.13 -44.66
CA ILE M 193 108.02 -106.44 -44.30
C ILE M 193 107.93 -106.56 -42.79
N GLY M 194 108.05 -107.80 -42.29
CA GLY M 194 107.93 -108.03 -40.86
C GLY M 194 108.90 -107.23 -40.02
N GLU M 195 110.10 -106.99 -40.53
CA GLU M 195 111.11 -106.22 -39.82
C GLU M 195 111.57 -104.98 -40.57
N ALA M 196 110.91 -104.62 -41.67
CA ALA M 196 111.33 -103.46 -42.45
C ALA M 196 110.10 -102.80 -43.07
N VAL M 197 110.09 -101.47 -43.06
CA VAL M 197 109.04 -100.68 -43.69
C VAL M 197 109.71 -99.60 -44.52
N VAL M 198 109.43 -99.56 -45.82
CA VAL M 198 109.99 -98.57 -46.72
C VAL M 198 108.84 -97.84 -47.40
N THR M 199 108.87 -96.51 -47.37
CA THR M 199 107.84 -95.67 -47.99
C THR M 199 108.52 -94.59 -48.81
N ALA M 200 108.46 -94.71 -50.13
CA ALA M 200 109.08 -93.78 -51.04
C ALA M 200 108.02 -93.07 -51.87
N THR M 201 108.30 -91.81 -52.22
CA THR M 201 107.38 -91.00 -53.00
C THR M 201 108.20 -90.05 -53.88
N ALA M 202 107.75 -89.85 -55.11
CA ALA M 202 108.44 -88.96 -56.03
C ALA M 202 107.44 -88.27 -56.96
N GLU M 203 107.52 -86.95 -57.02
CA GLU M 203 106.67 -86.15 -57.89
C GLU M 203 107.52 -85.22 -58.72
N LEU M 204 107.20 -85.11 -60.01
CA LEU M 204 107.88 -84.14 -60.86
C LEU M 204 106.96 -83.71 -61.98
N ASP M 205 107.26 -82.55 -62.56
CA ASP M 205 106.47 -82.03 -63.67
C ASP M 205 107.30 -81.02 -64.44
N LYS M 206 107.25 -81.10 -65.76
CA LYS M 206 108.01 -80.24 -66.65
C LYS M 206 107.05 -79.48 -67.56
N ASN M 207 107.35 -78.20 -67.77
CA ASN M 207 106.58 -77.32 -68.63
C ASN M 207 107.53 -76.61 -69.59
N LEU M 208 107.21 -76.66 -70.88
CA LEU M 208 108.01 -76.04 -71.93
C LEU M 208 107.12 -75.28 -72.90
N SER M 209 107.66 -74.25 -73.52
CA SER M 209 106.94 -73.48 -74.53
C SER M 209 107.95 -72.87 -75.49
N ARG M 210 107.79 -73.14 -76.78
CA ARG M 210 108.68 -72.65 -77.81
C ARG M 210 107.87 -71.97 -78.90
N LYS M 211 108.24 -70.73 -79.24
CA LYS M 211 107.52 -69.97 -80.27
C LYS M 211 108.54 -69.30 -81.18
N ILE M 212 108.47 -69.61 -82.48
CA ILE M 212 109.41 -69.05 -83.45
C ILE M 212 108.63 -68.52 -84.64
N GLU M 213 109.33 -67.75 -85.48
CA GLU M 213 108.74 -67.12 -86.65
C GLU M 213 109.75 -67.12 -87.79
N ILE M 214 109.51 -67.95 -88.78
CA ILE M 214 110.38 -67.99 -89.97
C ILE M 214 110.06 -66.79 -90.86
N PRO M 215 111.07 -66.17 -91.47
CA PRO M 215 110.83 -64.96 -92.25
C PRO M 215 110.34 -65.30 -93.66
N PRO M 216 109.82 -64.31 -94.38
CA PRO M 216 109.40 -64.57 -95.77
C PRO M 216 110.56 -65.03 -96.64
N GLY M 217 110.24 -65.93 -97.57
CA GLY M 217 111.23 -66.46 -98.49
C GLY M 217 111.84 -67.78 -98.09
N THR M 218 111.56 -68.26 -96.88
CA THR M 218 112.13 -69.53 -96.43
C THR M 218 111.58 -70.68 -97.27
N ALA M 219 112.48 -71.51 -97.79
CA ALA M 219 112.07 -72.64 -98.61
C ALA M 219 111.49 -73.75 -97.74
N LEU M 220 110.50 -74.46 -98.28
CA LEU M 220 109.86 -75.57 -97.59
C LEU M 220 110.11 -76.91 -98.24
N ALA M 221 110.03 -77.00 -99.57
CA ALA M 221 110.17 -78.25 -100.27
C ALA M 221 110.64 -77.98 -101.69
N TYR M 222 111.11 -79.03 -102.36
CA TYR M 222 111.70 -78.86 -103.68
C TYR M 222 111.59 -80.15 -104.46
N SER M 223 111.78 -80.05 -105.77
CA SER M 223 111.86 -81.18 -106.67
C SER M 223 113.04 -80.98 -107.60
N PHE M 224 113.66 -82.08 -108.02
CA PHE M 224 114.89 -81.99 -108.81
C PHE M 224 114.89 -83.03 -109.92
N MET M 225 115.74 -82.79 -110.91
CA MET M 225 115.92 -83.67 -112.06
C MET M 225 117.34 -84.20 -112.07
N ASP M 226 117.50 -85.48 -112.39
CA ASP M 226 118.80 -86.12 -112.34
C ASP M 226 119.66 -85.73 -113.53
N LEU M 227 120.97 -85.90 -113.38
CA LEU M 227 121.94 -85.61 -114.43
C LEU M 227 122.95 -86.75 -114.50
N GLU M 228 123.78 -86.71 -115.54
CA GLU M 228 124.79 -87.74 -115.77
C GLU M 228 125.98 -87.12 -116.47
N ILE M 229 127.17 -87.32 -115.91
CA ILE M 229 128.41 -86.82 -116.50
C ILE M 229 128.88 -87.80 -117.57
N LEU M 230 129.07 -87.31 -118.79
CA LEU M 230 129.65 -88.14 -119.83
C LEU M 230 131.13 -88.39 -119.54
N GLU M 231 131.77 -89.16 -120.42
CA GLU M 231 133.22 -89.33 -120.34
C GLU M 231 133.93 -87.98 -120.37
N ASP M 232 133.52 -87.11 -121.29
CA ASP M 232 133.98 -85.74 -121.31
C ASP M 232 133.25 -84.92 -120.24
N ARG M 233 133.51 -83.61 -120.22
CA ARG M 233 132.81 -82.72 -119.30
C ARG M 233 131.34 -82.53 -119.68
N SER M 234 130.90 -83.07 -120.82
CA SER M 234 129.51 -82.93 -121.24
C SER M 234 128.56 -83.53 -120.21
N LEU M 235 127.37 -82.94 -120.13
CA LEU M 235 126.34 -83.39 -119.20
C LEU M 235 125.10 -83.82 -119.98
N ARG M 236 124.40 -84.82 -119.45
CA ARG M 236 123.18 -85.34 -120.05
C ARG M 236 122.12 -85.46 -118.98
N VAL M 237 120.86 -85.48 -119.41
CA VAL M 237 119.74 -85.65 -118.48
C VAL M 237 119.28 -87.09 -118.54
N SER M 238 118.91 -87.63 -117.38
CA SER M 238 118.53 -89.03 -117.26
C SER M 238 117.13 -89.13 -116.65
N SER M 239 116.33 -90.07 -117.17
CA SER M 239 114.95 -90.25 -116.74
C SER M 239 114.73 -91.71 -116.37
N SER M 240 114.42 -91.96 -115.10
CA SER M 240 114.05 -93.30 -114.65
C SER M 240 112.61 -93.56 -115.06
N ALA M 241 112.42 -94.43 -116.06
CA ALA M 241 111.10 -94.72 -116.62
C ALA M 241 110.42 -93.46 -117.13
N GLY M 242 111.20 -92.49 -117.62
CA GLY M 242 110.67 -91.27 -118.16
C GLY M 242 110.09 -90.32 -117.13
N ALA M 243 110.44 -90.47 -115.85
CA ALA M 243 109.88 -89.61 -114.82
C ALA M 243 110.35 -88.17 -114.98
N MET M 244 111.66 -87.96 -115.08
CA MET M 244 112.27 -86.63 -115.16
C MET M 244 111.90 -85.75 -113.97
N PHE M 245 111.42 -86.35 -112.88
CA PHE M 245 111.09 -85.61 -111.66
C PHE M 245 111.36 -86.55 -110.49
N ASP M 246 112.49 -86.38 -109.84
CA ASP M 246 112.89 -87.27 -108.77
C ASP M 246 112.55 -86.65 -107.42
N SER M 247 111.89 -87.42 -106.56
CA SER M 247 111.50 -86.98 -105.24
C SER M 247 112.32 -87.65 -104.14
N GLY M 248 113.47 -88.21 -104.49
CA GLY M 248 114.27 -88.92 -103.51
C GLY M 248 113.58 -90.14 -102.94
N LYS M 249 112.87 -90.87 -103.79
CA LYS M 249 112.11 -92.05 -103.37
C LYS M 249 112.85 -93.31 -103.77
N ALA M 250 112.64 -94.37 -102.98
CA ALA M 250 113.25 -95.66 -103.30
C ALA M 250 112.64 -96.23 -104.58
N GLU M 251 113.45 -97.03 -105.29
CA GLU M 251 112.99 -97.62 -106.53
C GLU M 251 111.81 -98.56 -106.30
N SER M 252 111.86 -99.36 -105.24
CA SER M 252 110.79 -100.29 -104.88
C SER M 252 110.48 -101.25 -106.02
CA ARG N 3 93.71 -89.41 -97.08
C ARG N 3 93.77 -87.89 -97.21
N PRO N 4 94.59 -87.40 -98.13
CA PRO N 4 94.69 -85.96 -98.34
C PRO N 4 93.36 -85.36 -98.76
N MET N 5 93.09 -84.14 -98.27
CA MET N 5 91.84 -83.47 -98.60
C MET N 5 91.74 -83.21 -100.08
N PHE N 6 92.85 -82.82 -100.72
CA PHE N 6 92.82 -82.58 -102.16
C PHE N 6 92.45 -83.85 -102.92
N ALA N 7 93.02 -84.99 -102.53
CA ALA N 7 92.69 -86.24 -103.19
C ALA N 7 91.23 -86.62 -102.97
N VAL N 8 90.73 -86.42 -101.75
CA VAL N 8 89.33 -86.72 -101.46
C VAL N 8 88.41 -85.85 -102.31
N ALA N 9 88.71 -84.56 -102.40
CA ALA N 9 87.87 -83.66 -103.19
C ALA N 9 87.94 -84.00 -104.66
N VAL N 10 89.13 -84.39 -105.15
CA VAL N 10 89.25 -84.78 -106.55
C VAL N 10 88.41 -86.03 -106.83
N ASN N 11 88.45 -87.00 -105.92
CA ASN N 11 87.62 -88.20 -106.10
C ASN N 11 86.14 -87.86 -106.08
N GLU N 12 85.72 -86.98 -105.16
CA GLU N 12 84.32 -86.59 -105.11
C GLU N 12 83.89 -85.91 -106.41
N PHE N 13 84.71 -85.01 -106.92
CA PHE N 13 84.39 -84.31 -108.16
C PHE N 13 84.32 -85.29 -109.32
N ILE N 14 85.30 -86.18 -109.43
CA ILE N 14 85.32 -87.10 -110.57
C ILE N 14 84.18 -88.09 -110.50
N ARG N 15 83.73 -88.45 -109.30
CA ARG N 15 82.55 -89.30 -109.19
C ARG N 15 81.29 -88.55 -109.59
N SER N 16 81.11 -87.33 -109.06
CA SER N 16 79.90 -86.57 -109.36
C SER N 16 79.79 -86.26 -110.84
N ALA N 17 80.89 -85.86 -111.47
CA ALA N 17 80.91 -85.51 -112.88
C ALA N 17 82.09 -86.20 -113.55
N GLY N 18 81.86 -86.78 -114.72
CA GLY N 18 82.93 -87.41 -115.47
C GLY N 18 83.55 -88.62 -114.81
N GLN N 19 82.71 -89.54 -114.32
CA GLN N 19 83.23 -90.75 -113.71
C GLN N 19 84.00 -91.59 -114.72
N ASP N 20 83.68 -91.47 -116.00
CA ASP N 20 84.39 -92.14 -117.07
C ASP N 20 85.20 -91.12 -117.88
N SER N 21 86.28 -91.59 -118.47
CA SER N 21 87.15 -90.77 -119.31
C SER N 21 87.69 -89.55 -118.56
N LEU N 22 88.21 -89.79 -117.36
CA LEU N 22 88.77 -88.72 -116.55
C LEU N 22 89.75 -89.31 -115.55
N CYS N 23 90.90 -88.66 -115.39
CA CYS N 23 91.96 -89.12 -114.50
C CYS N 23 92.19 -88.08 -113.42
N GLY N 24 92.21 -88.54 -112.17
CA GLY N 24 92.46 -87.64 -111.06
C GLY N 24 93.87 -87.08 -111.06
N VAL N 25 94.03 -85.92 -110.43
CA VAL N 25 95.32 -85.26 -110.33
C VAL N 25 96.02 -85.74 -109.05
N PRO N 26 97.28 -86.17 -109.12
CA PRO N 26 97.93 -86.73 -107.93
C PRO N 26 98.08 -85.75 -106.78
N ASP N 27 98.49 -84.51 -107.05
CA ASP N 27 98.71 -83.55 -105.97
C ASP N 27 98.66 -82.15 -106.52
N ILE N 28 98.52 -81.19 -105.59
CA ILE N 28 98.40 -79.78 -105.98
C ILE N 28 99.66 -79.31 -106.70
N ASN N 29 100.82 -79.73 -106.22
CA ASN N 29 102.08 -79.28 -106.83
C ASN N 29 102.17 -79.70 -108.29
N SER N 30 101.80 -80.94 -108.59
CA SER N 30 101.88 -81.46 -109.95
C SER N 30 100.61 -81.22 -110.75
N SER N 31 99.62 -80.55 -110.16
CA SER N 31 98.39 -80.25 -110.91
C SER N 31 98.68 -79.39 -112.13
N GLY N 32 99.64 -78.46 -112.03
CA GLY N 32 99.90 -77.55 -113.13
C GLY N 32 100.60 -78.18 -114.32
N ASP N 33 101.06 -79.42 -114.19
CA ASP N 33 101.74 -80.10 -115.28
C ASP N 33 100.79 -80.92 -116.16
N PHE N 34 99.49 -80.87 -115.89
CA PHE N 34 98.51 -81.63 -116.65
C PHE N 34 97.56 -80.72 -117.42
N MET N 35 98.05 -79.57 -117.87
CA MET N 35 97.29 -78.69 -118.72
C MET N 35 97.24 -79.25 -120.14
N PRO N 36 96.30 -78.78 -120.97
CA PRO N 36 96.19 -79.31 -122.33
C PRO N 36 97.47 -79.13 -123.13
N LEU N 37 97.70 -80.06 -124.04
CA LEU N 37 98.89 -80.08 -124.90
C LEU N 37 100.17 -80.31 -124.09
N HIS N 38 100.11 -81.28 -123.18
CA HIS N 38 101.26 -81.71 -122.39
C HIS N 38 101.51 -83.18 -122.63
N ILE N 39 102.79 -83.56 -122.63
CA ILE N 39 103.20 -84.95 -122.85
C ILE N 39 103.32 -85.64 -121.49
N ILE N 40 102.77 -86.85 -121.40
CA ILE N 40 102.88 -87.68 -120.21
C ILE N 40 103.33 -89.07 -120.63
N VAL N 41 103.88 -89.82 -119.68
CA VAL N 41 104.39 -91.16 -119.92
C VAL N 41 103.52 -92.16 -119.17
N LYS N 42 103.14 -93.23 -119.84
CA LYS N 42 102.33 -94.29 -119.25
C LYS N 42 103.15 -95.57 -119.15
N GLU N 43 103.14 -96.18 -117.97
CA GLU N 43 103.87 -97.41 -117.70
C GLU N 43 102.87 -98.51 -117.37
N VAL N 44 103.03 -99.66 -118.01
CA VAL N 44 102.14 -100.80 -117.84
C VAL N 44 102.40 -101.43 -116.46
N PRO N 45 101.40 -102.09 -115.86
CA PRO N 45 101.62 -102.71 -114.54
C PRO N 45 102.70 -103.77 -114.54
N LYS N 46 102.86 -104.51 -115.64
CA LYS N 46 103.84 -105.58 -115.83
C LYS N 46 103.55 -106.82 -114.98
N VAL N 47 102.51 -106.78 -114.14
CA VAL N 47 102.15 -107.94 -113.32
C VAL N 47 100.76 -108.41 -113.72
N LEU N 48 99.77 -107.53 -113.58
CA LEU N 48 98.40 -107.81 -113.98
C LEU N 48 97.92 -106.65 -114.84
N PRO N 49 98.37 -106.56 -116.09
CA PRO N 49 98.01 -105.42 -116.93
C PRO N 49 96.52 -105.25 -117.13
N CYS N 50 95.77 -106.34 -117.23
CA CYS N 50 94.33 -106.27 -117.42
C CYS N 50 93.57 -106.08 -116.11
N CYS N 51 94.23 -106.19 -114.96
CA CYS N 51 93.59 -106.06 -113.67
C CYS N 51 94.01 -104.83 -112.88
N ARG N 52 95.11 -104.17 -113.27
CA ARG N 52 95.63 -103.03 -112.54
C ARG N 52 95.75 -101.85 -113.49
N ARG N 53 95.39 -100.65 -112.99
CA ARG N 53 95.51 -99.45 -113.79
C ARG N 53 96.98 -99.05 -113.94
N PRO N 54 97.36 -98.50 -115.09
CA PRO N 54 98.77 -98.16 -115.33
C PRO N 54 99.26 -96.99 -114.49
N LYS N 55 100.53 -96.65 -114.62
CA LYS N 55 101.15 -95.58 -113.86
C LYS N 55 101.44 -94.40 -114.78
N ILE N 56 101.05 -93.21 -114.36
CA ILE N 56 101.16 -92.00 -115.17
C ILE N 56 102.23 -91.09 -114.58
N LYS N 57 103.17 -90.67 -115.43
CA LYS N 57 104.30 -89.85 -115.04
C LYS N 57 104.26 -88.54 -115.81
N ARG N 58 104.38 -87.43 -115.11
CA ARG N 58 104.41 -86.12 -115.74
C ARG N 58 105.79 -85.82 -116.30
N THR N 59 105.81 -85.02 -117.36
CA THR N 59 107.05 -84.60 -117.99
C THR N 59 107.02 -83.11 -118.25
N PRO N 60 108.18 -82.45 -118.24
CA PRO N 60 108.23 -81.00 -118.50
C PRO N 60 108.37 -80.68 -119.99
N TYR N 61 107.40 -81.16 -120.78
CA TYR N 61 107.42 -80.98 -122.21
C TYR N 61 106.03 -80.64 -122.72
N THR N 62 106.00 -79.84 -123.79
CA THR N 62 104.79 -79.58 -124.56
C THR N 62 104.92 -80.21 -125.94
N LEU N 63 103.82 -80.19 -126.67
CA LEU N 63 103.81 -80.80 -128.00
C LEU N 63 104.80 -80.11 -128.94
N ASN N 64 104.82 -78.77 -128.91
CA ASN N 64 105.71 -78.03 -129.80
C ASN N 64 107.17 -78.28 -129.46
N ASP N 65 107.49 -78.43 -128.17
CA ASP N 65 108.86 -78.74 -127.79
C ASP N 65 109.23 -80.15 -128.20
N ILE N 66 108.33 -81.12 -128.02
CA ILE N 66 108.67 -82.50 -128.32
C ILE N 66 108.73 -82.73 -129.82
N LEU N 67 108.04 -81.90 -130.61
CA LEU N 67 107.98 -82.08 -132.06
C LEU N 67 108.93 -81.13 -132.77
N ASP N 68 109.60 -81.65 -133.79
CA ASP N 68 110.42 -80.79 -134.64
C ASP N 68 109.57 -79.74 -135.35
N GLU N 69 108.40 -80.14 -135.86
CA GLU N 69 107.52 -79.22 -136.54
C GLU N 69 106.45 -78.72 -135.57
N PRO N 70 106.30 -77.41 -135.38
CA PRO N 70 105.30 -76.91 -134.43
C PRO N 70 103.88 -77.10 -134.94
N CYS N 71 102.94 -77.07 -134.00
CA CYS N 71 101.52 -77.21 -134.24
C CYS N 71 100.79 -76.05 -133.59
N PRO N 72 99.60 -75.71 -134.09
CA PRO N 72 98.80 -74.68 -133.41
C PRO N 72 98.46 -75.11 -131.99
N ASN N 73 98.43 -74.14 -131.07
CA ASN N 73 98.29 -74.42 -129.65
C ASN N 73 97.27 -73.55 -128.95
N GLN N 74 96.41 -72.84 -129.69
CA GLN N 74 95.41 -71.99 -129.06
C GLN N 74 94.41 -72.83 -128.27
N LEU N 75 93.90 -72.26 -127.18
CA LEU N 75 93.01 -72.96 -126.27
C LEU N 75 91.71 -72.18 -126.10
N LYS N 76 90.74 -72.83 -125.48
CA LYS N 76 89.46 -72.22 -125.15
C LYS N 76 88.90 -72.93 -123.93
N SER N 77 88.09 -72.21 -123.16
CA SER N 77 87.51 -72.73 -121.93
C SER N 77 86.01 -72.46 -121.90
N SER N 78 85.29 -73.36 -121.23
CA SER N 78 83.84 -73.24 -121.09
C SER N 78 83.41 -73.93 -119.81
N ASP N 79 82.27 -73.51 -119.28
CA ASP N 79 81.79 -74.06 -118.01
C ASP N 79 81.44 -75.53 -118.14
N LEU N 80 81.70 -76.27 -117.06
CA LEU N 80 81.42 -77.71 -117.02
C LEU N 80 80.39 -78.08 -115.97
N VAL N 81 80.59 -77.67 -114.72
CA VAL N 81 79.67 -78.00 -113.63
C VAL N 81 79.81 -76.93 -112.55
N THR N 82 78.81 -76.82 -111.69
CA THR N 82 78.77 -75.80 -110.66
C THR N 82 78.23 -76.41 -109.37
N PHE N 83 79.06 -76.44 -108.34
CA PHE N 83 78.66 -76.92 -107.02
C PHE N 83 78.10 -75.75 -106.24
N THR N 84 76.77 -75.66 -106.19
CA THR N 84 76.13 -74.50 -105.55
C THR N 84 76.38 -74.47 -104.05
N GLU N 85 76.41 -75.63 -103.41
CA GLU N 85 76.63 -75.70 -101.97
C GLU N 85 77.76 -76.65 -101.66
N PRO N 86 78.47 -76.44 -100.55
CA PRO N 86 79.62 -77.28 -100.22
C PRO N 86 79.21 -78.73 -99.99
N LEU N 87 80.07 -79.64 -100.41
CA LEU N 87 79.93 -81.05 -100.06
C LEU N 87 80.29 -81.23 -98.60
N VAL N 88 79.33 -81.69 -97.80
CA VAL N 88 79.49 -81.81 -96.35
C VAL N 88 79.34 -83.27 -95.97
N SER N 89 80.28 -83.77 -95.16
CA SER N 89 80.26 -85.15 -94.70
C SER N 89 80.48 -85.19 -93.20
N ASN N 90 79.71 -86.03 -92.51
CA ASN N 90 79.83 -86.22 -91.08
C ASN N 90 79.85 -87.71 -90.76
N VAL N 91 80.78 -88.11 -89.90
CA VAL N 91 80.86 -89.48 -89.41
C VAL N 91 81.01 -89.41 -87.90
N LYS N 92 80.23 -90.22 -87.19
CA LYS N 92 80.26 -90.23 -85.73
C LYS N 92 80.12 -91.67 -85.26
N ALA N 93 81.18 -92.20 -84.65
CA ALA N 93 81.19 -93.56 -84.14
C ALA N 93 81.45 -93.57 -82.65
N SER N 94 80.87 -94.54 -81.96
CA SER N 94 81.08 -94.69 -80.53
C SER N 94 80.85 -96.14 -80.15
N SER N 95 81.78 -96.73 -79.41
CA SER N 95 81.69 -98.14 -79.05
C SER N 95 82.22 -98.34 -77.64
N SER N 96 81.77 -99.43 -77.02
CA SER N 96 82.20 -99.80 -75.68
C SER N 96 82.24 -101.31 -75.56
N ILE N 97 83.25 -101.82 -74.87
CA ILE N 97 83.46 -103.25 -74.67
C ILE N 97 83.65 -103.52 -73.18
N GLY N 98 82.99 -104.56 -72.68
CA GLY N 98 83.18 -104.96 -71.30
C GLY N 98 83.37 -106.46 -71.16
N LEU N 99 84.52 -106.87 -70.62
CA LEU N 99 84.85 -108.28 -70.47
C LEU N 99 85.04 -108.58 -68.99
N GLN N 100 84.46 -109.68 -68.53
CA GLN N 100 84.61 -110.12 -67.15
C GLN N 100 84.86 -111.62 -67.12
N ILE N 101 85.90 -112.03 -66.42
CA ILE N 101 86.20 -113.44 -66.18
C ILE N 101 86.12 -113.65 -64.67
N LEU N 102 84.99 -114.20 -64.22
CA LEU N 102 84.73 -114.55 -62.82
C LEU N 102 84.94 -113.30 -61.98
N LYS N 103 85.65 -113.37 -60.85
CA LYS N 103 86.10 -112.20 -60.11
C LYS N 103 87.60 -111.99 -60.24
N HIS N 104 88.19 -112.53 -61.31
CA HIS N 104 89.63 -112.46 -61.53
C HIS N 104 90.03 -111.47 -62.62
N PHE N 105 89.22 -111.28 -63.65
CA PHE N 105 89.55 -110.34 -64.70
C PHE N 105 88.36 -109.43 -64.97
N ASP N 106 88.63 -108.14 -65.16
CA ASP N 106 87.56 -107.18 -65.45
C ASP N 106 88.14 -106.03 -66.27
N SER N 107 87.81 -105.98 -67.55
CA SER N 107 88.31 -104.94 -68.43
C SER N 107 87.14 -104.17 -69.04
N GLY N 108 87.27 -102.85 -69.08
CA GLY N 108 86.29 -102.00 -69.72
C GLY N 108 86.93 -100.97 -70.63
N ALA N 109 86.63 -101.03 -71.92
CA ALA N 109 87.20 -100.12 -72.89
C ALA N 109 86.08 -99.37 -73.60
N LYS N 110 86.40 -98.19 -74.12
CA LYS N 110 85.43 -97.41 -74.87
C LYS N 110 86.18 -96.46 -75.79
N GLY N 111 85.56 -96.17 -76.92
CA GLY N 111 86.15 -95.28 -77.90
C GLY N 111 85.09 -94.48 -78.61
N SER N 112 85.49 -93.33 -79.12
CA SER N 112 84.58 -92.47 -79.87
C SER N 112 85.38 -91.69 -80.91
N LYS N 113 84.70 -91.33 -81.99
CA LYS N 113 85.34 -90.62 -83.09
C LYS N 113 84.30 -89.74 -83.78
N ASN N 114 84.71 -88.52 -84.11
CA ASN N 114 83.85 -87.55 -84.81
C ASN N 114 84.69 -86.91 -85.91
N PHE N 115 84.24 -87.07 -87.15
CA PHE N 115 84.98 -86.65 -88.33
C PHE N 115 84.05 -85.80 -89.20
N ILE N 116 84.50 -84.59 -89.55
CA ILE N 116 83.69 -83.65 -90.33
C ILE N 116 84.52 -83.14 -91.50
N THR N 117 83.91 -83.10 -92.68
CA THR N 117 84.59 -82.65 -93.88
C THR N 117 83.68 -81.70 -94.66
N SER N 118 84.28 -80.66 -95.24
CA SER N 118 83.54 -79.71 -96.07
C SER N 118 84.42 -79.28 -97.24
N ALA N 119 83.88 -79.38 -98.44
CA ALA N 119 84.61 -78.98 -99.65
C ALA N 119 83.75 -78.04 -100.47
N SER N 120 84.29 -76.88 -100.80
CA SER N 120 83.61 -75.86 -101.60
C SER N 120 84.46 -75.63 -102.84
N LEU N 121 84.05 -76.21 -103.96
CA LEU N 121 84.77 -76.11 -105.22
C LEU N 121 84.24 -75.00 -106.12
N GLY N 122 83.12 -74.38 -105.78
CA GLY N 122 82.61 -73.30 -106.60
C GLY N 122 82.23 -73.78 -107.99
N THR N 123 82.81 -73.13 -109.00
CA THR N 123 82.56 -73.44 -110.41
C THR N 123 83.78 -74.11 -111.01
N VAL N 124 83.56 -75.16 -111.79
CA VAL N 124 84.63 -75.88 -112.48
C VAL N 124 84.44 -75.69 -113.98
N VAL N 125 85.50 -75.27 -114.65
CA VAL N 125 85.47 -75.07 -116.09
C VAL N 125 86.38 -76.12 -116.74
N LYS N 126 86.22 -76.27 -118.06
CA LYS N 126 87.01 -77.18 -118.85
C LYS N 126 87.75 -76.40 -119.92
N ALA N 127 89.04 -76.68 -120.06
CA ALA N 127 89.90 -76.02 -121.04
C ALA N 127 90.43 -77.07 -122.01
N GLU N 128 90.42 -76.72 -123.29
CA GLU N 128 90.80 -77.64 -124.35
C GLU N 128 91.18 -76.86 -125.60
N THR N 129 91.89 -77.52 -126.50
CA THR N 129 92.28 -76.89 -127.75
C THR N 129 91.06 -76.46 -128.55
N ILE N 130 91.17 -75.34 -129.24
CA ILE N 130 90.06 -74.84 -130.05
C ILE N 130 89.71 -75.84 -131.16
N ASP N 131 90.73 -76.37 -131.83
CA ASP N 131 90.53 -77.37 -132.87
C ASP N 131 91.52 -78.50 -132.65
N ILE N 132 91.00 -79.70 -132.37
CA ILE N 132 91.85 -80.85 -132.13
C ILE N 132 92.20 -81.58 -133.43
N THR N 133 91.34 -81.49 -134.44
CA THR N 133 91.61 -82.18 -135.71
C THR N 133 92.88 -81.65 -136.36
N LYS N 134 93.07 -80.33 -136.36
CA LYS N 134 94.29 -79.75 -136.93
C LYS N 134 95.52 -80.22 -136.17
N VAL N 135 95.45 -80.23 -134.83
CA VAL N 135 96.57 -80.68 -134.02
C VAL N 135 96.91 -82.13 -134.34
N LEU N 136 95.88 -82.97 -134.46
CA LEU N 136 96.11 -84.38 -134.77
C LEU N 136 96.74 -84.54 -136.15
N ALA N 137 96.24 -83.80 -137.14
CA ALA N 137 96.80 -83.89 -138.48
C ALA N 137 98.28 -83.50 -138.49
N LYS N 138 98.60 -82.36 -137.86
CA LYS N 138 99.98 -81.90 -137.81
C LYS N 138 100.87 -82.89 -137.07
N VAL N 139 100.37 -83.47 -135.97
CA VAL N 139 101.14 -84.48 -135.25
C VAL N 139 101.46 -85.64 -136.17
N ARG N 140 100.45 -86.15 -136.88
CA ARG N 140 100.66 -87.30 -137.74
C ARG N 140 101.64 -86.99 -138.86
N THR N 141 101.64 -85.74 -139.35
CA THR N 141 102.55 -85.37 -140.43
C THR N 141 103.87 -84.80 -139.92
N ALA N 142 104.08 -84.73 -138.61
CA ALA N 142 105.27 -84.11 -138.03
C ALA N 142 106.15 -85.16 -137.36
N LYS N 143 107.46 -84.93 -137.37
CA LYS N 143 108.42 -85.81 -136.74
C LYS N 143 108.86 -85.25 -135.38
N ALA N 144 109.16 -86.16 -134.46
CA ALA N 144 109.59 -85.77 -133.13
C ALA N 144 111.01 -85.21 -133.16
N LYS N 145 111.42 -84.62 -132.04
CA LYS N 145 112.74 -84.03 -131.93
C LYS N 145 113.80 -85.12 -131.76
N VAL N 146 114.75 -85.17 -132.71
CA VAL N 146 115.81 -86.17 -132.64
C VAL N 146 116.67 -85.95 -131.40
N GLU N 147 116.94 -84.69 -131.05
CA GLU N 147 117.76 -84.40 -129.88
C GLU N 147 117.13 -84.93 -128.60
N ASN N 148 115.80 -84.90 -128.49
CA ASN N 148 115.13 -85.29 -127.26
C ASN N 148 115.46 -86.72 -126.88
N ASP N 149 115.77 -86.94 -125.60
CA ASP N 149 116.12 -88.26 -125.08
C ASP N 149 114.90 -89.06 -124.64
N LEU N 150 113.89 -88.39 -124.11
CA LEU N 150 112.67 -89.07 -123.66
C LEU N 150 112.02 -89.86 -124.79
N VAL N 151 111.91 -89.23 -125.97
CA VAL N 151 111.31 -89.91 -127.12
C VAL N 151 112.08 -91.18 -127.46
N SER N 152 113.40 -91.08 -127.49
CA SER N 152 114.23 -92.25 -127.80
C SER N 152 114.04 -93.34 -126.76
N ARG N 153 114.01 -92.95 -125.48
CA ARG N 153 113.78 -93.93 -124.42
C ARG N 153 112.46 -94.66 -124.63
N VAL N 154 111.39 -93.90 -124.87
CA VAL N 154 110.07 -94.51 -125.07
C VAL N 154 110.06 -95.39 -126.31
N MET N 155 110.78 -94.99 -127.36
CA MET N 155 110.86 -95.79 -128.58
C MET N 155 111.55 -97.12 -128.32
N LYS N 156 112.68 -97.09 -127.60
CA LYS N 156 113.43 -98.33 -127.39
C LYS N 156 112.72 -99.24 -126.39
N THR N 157 112.06 -98.68 -125.38
CA THR N 157 111.34 -99.49 -124.42
C THR N 157 109.97 -99.86 -124.96
N LYS N 158 109.45 -100.98 -124.46
CA LYS N 158 108.14 -101.49 -124.88
C LYS N 158 107.03 -101.18 -123.90
N ARG N 159 107.34 -101.05 -122.61
CA ARG N 159 106.31 -100.74 -121.63
C ARG N 159 105.86 -99.29 -121.72
N LEU N 160 106.81 -98.37 -121.93
CA LEU N 160 106.50 -96.95 -121.91
C LEU N 160 105.67 -96.55 -123.12
N CYS N 161 104.70 -95.67 -122.90
CA CYS N 161 103.88 -95.10 -123.96
C CYS N 161 103.74 -93.60 -123.73
N LEU N 162 103.51 -92.87 -124.82
CA LEU N 162 103.35 -91.42 -124.74
C LEU N 162 101.89 -91.04 -124.84
N GLY N 163 101.50 -90.00 -124.10
CA GLY N 163 100.14 -89.52 -124.14
C GLY N 163 100.06 -88.00 -124.16
N LEU N 164 99.20 -87.47 -125.03
CA LEU N 164 99.00 -86.03 -125.16
C LEU N 164 97.72 -85.65 -124.43
N VAL N 165 97.82 -84.73 -123.49
CA VAL N 165 96.65 -84.28 -122.74
C VAL N 165 95.84 -83.32 -123.59
N VAL N 166 94.53 -83.55 -123.65
CA VAL N 166 93.67 -82.80 -124.56
C VAL N 166 92.59 -81.98 -123.85
N GLU N 167 92.25 -82.27 -122.61
CA GLU N 167 91.25 -81.48 -121.90
C GLU N 167 91.54 -81.52 -120.41
N THR N 168 91.27 -80.41 -119.73
CA THR N 168 91.58 -80.30 -118.32
C THR N 168 90.47 -79.56 -117.58
N ALA N 169 90.12 -80.04 -116.40
CA ALA N 169 89.11 -79.41 -115.56
C ALA N 169 89.80 -78.60 -114.46
N CYS N 170 89.47 -77.31 -114.39
CA CYS N 170 90.13 -76.38 -113.48
C CYS N 170 89.08 -75.56 -112.74
N VAL N 171 89.38 -75.21 -111.49
CA VAL N 171 88.49 -74.40 -110.69
C VAL N 171 88.57 -72.95 -111.16
N ALA N 172 87.41 -72.33 -111.38
CA ALA N 172 87.39 -70.94 -111.82
C ALA N 172 87.80 -69.99 -110.71
N ALA N 173 87.38 -70.26 -109.48
CA ALA N 173 87.68 -69.41 -108.34
C ALA N 173 88.34 -70.24 -107.25
N ALA N 174 88.65 -69.58 -106.14
CA ALA N 174 89.33 -70.26 -105.04
C ALA N 174 88.44 -71.33 -104.43
N GLY N 175 89.04 -72.46 -104.08
CA GLY N 175 88.34 -73.59 -103.49
C GLY N 175 88.77 -73.81 -102.05
N LYS N 176 87.80 -74.07 -101.18
CA LYS N 176 88.06 -74.18 -99.74
C LYS N 176 87.83 -75.60 -99.26
N LEU N 177 88.81 -76.15 -98.54
CA LEU N 177 88.72 -77.50 -98.02
C LEU N 177 88.97 -77.47 -96.51
N THR N 178 88.00 -77.97 -95.73
CA THR N 178 88.07 -77.95 -94.28
C THR N 178 87.82 -79.35 -93.72
N GLU N 179 88.61 -79.73 -92.71
CA GLU N 179 88.50 -81.04 -92.08
C GLU N 179 88.70 -80.89 -90.58
N ALA N 180 87.86 -81.58 -89.81
CA ALA N 180 87.96 -81.59 -88.35
C ALA N 180 87.85 -83.02 -87.83
N ASP N 181 88.72 -83.37 -86.89
CA ASP N 181 88.79 -84.70 -86.33
C ASP N 181 88.86 -84.61 -84.82
N ASN N 182 88.07 -85.42 -84.11
CA ASN N 182 88.12 -85.49 -82.66
C ASN N 182 87.86 -86.92 -82.25
N TRP N 183 88.88 -87.60 -81.71
CA TRP N 183 88.66 -88.98 -81.28
C TRP N 183 89.25 -89.21 -79.90
N GLU N 184 88.71 -90.20 -79.20
CA GLU N 184 89.01 -90.41 -77.80
C GLU N 184 88.95 -91.90 -77.46
N ILE N 185 89.88 -92.34 -76.60
CA ILE N 185 89.96 -93.71 -76.14
C ILE N 185 90.09 -93.71 -74.62
N SER N 186 89.29 -94.53 -73.95
CA SER N 186 89.36 -94.68 -72.50
C SER N 186 89.30 -96.16 -72.15
N GLY N 187 90.35 -96.67 -71.53
CA GLY N 187 90.43 -98.07 -71.19
C GLY N 187 90.80 -98.28 -69.74
N HIS N 188 90.32 -99.41 -69.20
CA HIS N 188 90.55 -99.76 -67.79
C HIS N 188 90.68 -101.26 -67.68
N THR N 189 91.61 -101.71 -66.84
CA THR N 189 91.90 -103.12 -66.65
C THR N 189 92.06 -103.40 -65.15
N ASN N 190 91.45 -104.49 -64.69
CA ASN N 190 91.55 -104.90 -63.29
C ASN N 190 91.80 -106.40 -63.26
N ALA N 191 93.01 -106.79 -62.86
CA ALA N 191 93.39 -108.18 -62.71
C ALA N 191 93.51 -108.47 -61.22
N ASN N 192 92.53 -109.18 -60.67
CA ASN N 192 92.51 -109.54 -59.26
C ASN N 192 92.93 -110.99 -59.11
N ILE N 193 93.97 -111.23 -58.33
CA ILE N 193 94.46 -112.57 -58.03
C ILE N 193 94.56 -112.70 -56.52
N GLY N 194 94.66 -113.95 -56.05
CA GLY N 194 94.69 -114.19 -54.62
C GLY N 194 95.82 -113.46 -53.91
N GLU N 195 96.95 -113.29 -54.57
CA GLU N 195 98.10 -112.60 -53.98
C GLU N 195 98.54 -111.39 -54.79
N ALA N 196 97.77 -110.97 -55.79
CA ALA N 196 98.16 -109.83 -56.61
C ALA N 196 96.91 -109.09 -57.08
N VAL N 197 96.98 -107.76 -57.05
CA VAL N 197 95.92 -106.89 -57.55
C VAL N 197 96.55 -105.85 -58.44
N VAL N 198 96.11 -105.78 -59.70
CA VAL N 198 96.61 -104.81 -60.66
C VAL N 198 95.42 -104.00 -61.19
N THR N 199 95.55 -102.68 -61.15
CA THR N 199 94.50 -101.77 -61.63
C THR N 199 95.14 -100.72 -62.53
N ALA N 200 94.91 -100.83 -63.83
CA ALA N 200 95.47 -99.92 -64.82
C ALA N 200 94.37 -99.14 -65.50
N THR N 201 94.68 -97.90 -65.88
CA THR N 201 93.72 -97.02 -66.54
C THR N 201 94.47 -96.12 -67.50
N ALA N 202 93.89 -95.88 -68.68
CA ALA N 202 94.51 -95.02 -69.67
C ALA N 202 93.46 -94.26 -70.46
N GLU N 203 93.60 -92.94 -70.52
CA GLU N 203 92.70 -92.08 -71.28
C GLU N 203 93.51 -91.20 -72.21
N LEU N 204 93.03 -91.05 -73.44
CA LEU N 204 93.67 -90.12 -74.37
C LEU N 204 92.63 -89.62 -75.37
N ASP N 205 92.93 -88.47 -75.97
CA ASP N 205 92.05 -87.89 -76.97
C ASP N 205 92.83 -86.93 -77.83
N LYS N 206 92.61 -86.99 -79.15
CA LYS N 206 93.29 -86.17 -80.12
C LYS N 206 92.29 -85.34 -80.90
N ASN N 207 92.65 -84.07 -81.13
CA ASN N 207 91.83 -83.14 -81.89
C ASN N 207 92.69 -82.49 -82.96
N LEU N 208 92.21 -82.50 -84.21
CA LEU N 208 92.91 -81.91 -85.34
C LEU N 208 91.95 -81.09 -86.19
N SER N 209 92.48 -80.09 -86.86
CA SER N 209 91.68 -79.26 -87.77
C SER N 209 92.60 -78.71 -88.85
N ARG N 210 92.25 -78.95 -90.11
CA ARG N 210 93.05 -78.51 -91.25
C ARG N 210 92.16 -77.77 -92.22
N LYS N 211 92.55 -76.55 -92.61
CA LYS N 211 91.76 -75.73 -93.52
C LYS N 211 92.70 -75.12 -94.55
N ILE N 212 92.45 -75.40 -95.84
CA ILE N 212 93.28 -74.90 -96.93
C ILE N 212 92.39 -74.31 -98.01
N GLU N 213 93.03 -73.57 -98.92
CA GLU N 213 92.34 -72.89 -100.01
C GLU N 213 93.19 -72.94 -101.25
N ILE N 214 92.78 -73.75 -102.22
CA ILE N 214 93.48 -73.82 -103.51
C ILE N 214 93.14 -72.60 -104.35
N PRO N 215 94.09 -72.04 -105.08
CA PRO N 215 93.84 -70.81 -105.83
C PRO N 215 93.16 -71.09 -107.15
N PRO N 216 92.61 -70.07 -107.81
CA PRO N 216 92.00 -70.28 -109.12
C PRO N 216 93.01 -70.81 -110.13
N GLY N 217 92.53 -71.68 -111.02
CA GLY N 217 93.34 -72.26 -112.06
C GLY N 217 93.92 -73.61 -111.74
N THR N 218 93.76 -74.09 -110.51
CA THR N 218 94.30 -75.40 -110.15
C THR N 218 93.58 -76.50 -110.91
N ALA N 219 94.35 -77.38 -111.55
CA ALA N 219 93.77 -78.47 -112.31
C ALA N 219 93.24 -79.55 -111.37
N LEU N 220 92.14 -80.19 -111.78
CA LEU N 220 91.52 -81.27 -111.02
C LEU N 220 91.59 -82.62 -111.71
N ALA N 221 91.34 -82.68 -113.01
CA ALA N 221 91.31 -83.94 -113.73
C ALA N 221 91.61 -83.67 -115.19
N TYR N 222 91.92 -84.74 -115.92
CA TYR N 222 92.36 -84.60 -117.31
C TYR N 222 92.06 -85.88 -118.08
N SER N 223 92.10 -85.76 -119.40
CA SER N 223 91.99 -86.89 -120.30
C SER N 223 93.05 -86.76 -121.39
N PHE N 224 93.55 -87.89 -121.88
CA PHE N 224 94.66 -87.87 -122.81
C PHE N 224 94.45 -88.89 -123.92
N MET N 225 95.18 -88.69 -125.01
CA MET N 225 95.16 -89.57 -126.17
C MET N 225 96.53 -90.19 -126.37
N ASP N 226 96.56 -91.48 -126.71
CA ASP N 226 97.82 -92.19 -126.83
C ASP N 226 98.54 -91.84 -128.12
N LEU N 227 99.85 -92.11 -128.13
CA LEU N 227 100.70 -91.86 -129.29
C LEU N 227 101.62 -93.07 -129.50
N GLU N 228 102.31 -93.06 -130.64
CA GLU N 228 103.20 -94.15 -131.00
C GLU N 228 104.34 -93.60 -131.84
N ILE N 229 105.58 -93.88 -131.43
CA ILE N 229 106.76 -93.46 -132.17
C ILE N 229 107.02 -94.46 -133.30
N LEU N 230 107.10 -93.96 -134.53
CA LEU N 230 107.48 -94.81 -135.64
C LEU N 230 108.97 -95.16 -135.54
N GLU N 231 109.44 -95.96 -136.50
CA GLU N 231 110.87 -96.22 -136.61
C GLU N 231 111.65 -94.93 -136.72
N ASP N 232 111.19 -94.02 -137.58
CA ASP N 232 111.74 -92.67 -137.65
C ASP N 232 111.20 -91.83 -136.50
N ARG N 233 111.55 -90.54 -136.51
CA ARG N 233 111.02 -89.61 -135.51
C ARG N 233 109.53 -89.33 -135.69
N SER N 234 108.92 -89.82 -136.76
CA SER N 234 107.50 -89.59 -137.01
C SER N 234 106.64 -90.14 -135.87
N LEU N 235 105.52 -89.47 -135.62
CA LEU N 235 104.59 -89.87 -134.58
C LEU N 235 103.24 -90.21 -135.20
N ARG N 236 102.55 -91.17 -134.58
CA ARG N 236 101.23 -91.60 -135.03
C ARG N 236 100.31 -91.67 -133.83
N VAL N 237 99.00 -91.61 -134.10
CA VAL N 237 98.01 -91.71 -133.04
C VAL N 237 97.45 -93.13 -133.04
N SER N 238 97.19 -93.65 -131.84
CA SER N 238 96.74 -95.02 -131.68
C SER N 238 95.43 -95.05 -130.90
N SER N 239 94.52 -95.92 -131.32
CA SER N 239 93.19 -96.02 -130.72
C SER N 239 92.93 -97.47 -130.33
N SER N 240 92.76 -97.72 -129.03
CA SER N 240 92.37 -99.03 -128.55
C SER N 240 90.87 -99.20 -128.77
N ALA N 241 90.50 -100.04 -129.73
CA ALA N 241 89.11 -100.24 -130.12
C ALA N 241 88.44 -98.93 -130.54
N GLY N 242 89.22 -98.01 -131.12
CA GLY N 242 88.70 -96.74 -131.57
C GLY N 242 88.32 -95.78 -130.48
N ALA N 243 88.82 -95.97 -129.26
CA ALA N 243 88.45 -95.09 -128.16
C ALA N 243 88.98 -93.67 -128.38
N MET N 244 90.28 -93.55 -128.65
CA MET N 244 90.96 -92.26 -128.79
C MET N 244 90.82 -91.37 -127.57
N PHE N 245 90.43 -91.95 -126.42
CA PHE N 245 90.31 -91.20 -125.17
C PHE N 245 90.66 -92.17 -124.05
N ASP N 246 91.88 -92.08 -123.55
CA ASP N 246 92.35 -93.01 -122.54
C ASP N 246 92.22 -92.38 -121.15
N SER N 247 91.63 -93.13 -120.23
CA SER N 247 91.43 -92.67 -118.86
C SER N 247 92.34 -93.41 -117.88
N GLY N 248 93.41 -94.03 -118.36
CA GLY N 248 94.28 -94.80 -117.49
C GLY N 248 93.58 -95.98 -116.85
N LYS N 249 92.72 -96.66 -117.60
CA LYS N 249 91.95 -97.79 -117.10
C LYS N 249 92.56 -99.10 -117.59
N ALA N 250 92.37 -100.15 -116.79
CA ALA N 250 92.85 -101.46 -117.18
C ALA N 250 92.06 -101.98 -118.37
N GLU N 251 92.71 -102.82 -119.18
CA GLU N 251 92.06 -103.37 -120.37
C GLU N 251 90.86 -104.23 -119.99
N SER N 252 91.00 -105.04 -118.94
CA SER N 252 89.93 -105.91 -118.45
C SER N 252 89.41 -106.84 -119.55
CA ARG O 3 74.70 -94.05 -108.50
C ARG O 3 74.82 -92.54 -108.64
N PRO O 4 75.56 -92.10 -109.65
CA PRO O 4 75.72 -90.65 -109.86
C PRO O 4 74.39 -89.97 -110.10
N MET O 5 74.27 -88.74 -109.58
CA MET O 5 73.04 -87.99 -109.74
C MET O 5 72.76 -87.71 -111.21
N PHE O 6 73.80 -87.38 -111.98
CA PHE O 6 73.61 -87.12 -113.41
C PHE O 6 73.06 -88.36 -114.11
N ALA O 7 73.61 -89.53 -113.80
CA ALA O 7 73.12 -90.76 -114.43
C ALA O 7 71.67 -91.04 -114.01
N VAL O 8 71.34 -90.83 -112.74
CA VAL O 8 69.98 -91.04 -112.28
C VAL O 8 69.01 -90.10 -112.99
N ALA O 9 69.38 -88.83 -113.12
CA ALA O 9 68.52 -87.88 -113.79
C ALA O 9 68.37 -88.21 -115.27
N VAL O 10 69.46 -88.66 -115.91
CA VAL O 10 69.37 -89.05 -117.31
C VAL O 10 68.43 -90.23 -117.48
N ASN O 11 68.51 -91.21 -116.59
CA ASN O 11 67.60 -92.35 -116.67
C ASN O 11 66.16 -91.92 -116.45
N GLU O 12 65.92 -91.04 -115.49
CA GLU O 12 64.56 -90.55 -115.26
C GLU O 12 64.01 -89.83 -116.49
N PHE O 13 64.82 -88.97 -117.09
CA PHE O 13 64.39 -88.25 -118.28
C PHE O 13 64.11 -89.20 -119.43
N ILE O 14 65.01 -90.16 -119.67
CA ILE O 14 64.83 -91.06 -120.80
C ILE O 14 63.64 -91.98 -120.59
N ARG O 15 63.32 -92.32 -119.34
CA ARG O 15 62.12 -93.09 -119.08
C ARG O 15 60.87 -92.26 -119.31
N SER O 16 60.84 -91.04 -118.78
CA SER O 16 59.65 -90.21 -118.91
C SER O 16 59.37 -89.87 -120.37
N ALA O 17 60.41 -89.53 -121.13
CA ALA O 17 60.27 -89.17 -122.54
C ALA O 17 61.31 -89.92 -123.35
N GLY O 18 60.90 -90.47 -124.48
CA GLY O 18 61.82 -91.16 -125.37
C GLY O 18 62.44 -92.41 -124.80
N GLN O 19 61.61 -93.28 -124.19
CA GLN O 19 62.13 -94.54 -123.66
C GLN O 19 62.71 -95.41 -124.77
N ASP O 20 62.23 -95.26 -125.99
CA ASP O 20 62.76 -95.96 -127.15
C ASP O 20 63.52 -94.97 -128.04
N SER O 21 64.49 -95.51 -128.77
CA SER O 21 65.30 -94.74 -129.72
C SER O 21 66.00 -93.57 -129.03
N LEU O 22 66.65 -93.85 -127.92
CA LEU O 22 67.38 -92.82 -127.17
C LEU O 22 68.44 -93.49 -126.31
N CYS O 23 69.64 -92.92 -126.30
CA CYS O 23 70.77 -93.45 -125.56
C CYS O 23 71.21 -92.44 -124.51
N GLY O 24 71.36 -92.91 -123.27
CA GLY O 24 71.80 -92.04 -122.20
C GLY O 24 73.24 -91.58 -122.38
N VAL O 25 73.55 -90.44 -121.77
CA VAL O 25 74.88 -89.86 -121.83
C VAL O 25 75.69 -90.40 -120.65
N PRO O 26 76.91 -90.91 -120.89
CA PRO O 26 77.66 -91.52 -119.79
C PRO O 26 78.02 -90.57 -118.67
N ASP O 27 78.47 -89.35 -118.98
CA ASP O 27 78.89 -88.43 -117.94
C ASP O 27 78.86 -87.01 -118.47
N ILE O 28 78.92 -86.06 -117.53
CA ILE O 28 78.84 -84.64 -117.89
C ILE O 28 80.01 -84.24 -118.75
N ASN O 29 81.21 -84.74 -118.43
CA ASN O 29 82.39 -84.36 -119.20
C ASN O 29 82.28 -84.77 -120.66
N SER O 30 81.78 -85.98 -120.91
CA SER O 30 81.67 -86.49 -122.27
C SER O 30 80.32 -86.16 -122.90
N SER O 31 79.45 -85.44 -122.20
CA SER O 31 78.16 -85.05 -122.78
C SER O 31 78.35 -84.20 -124.03
N GLY O 32 79.37 -83.33 -124.04
CA GLY O 32 79.55 -82.43 -125.17
C GLY O 32 80.05 -83.09 -126.43
N ASP O 33 80.45 -84.36 -126.37
CA ASP O 33 80.93 -85.07 -127.55
C ASP O 33 79.83 -85.80 -128.29
N PHE O 34 78.58 -85.68 -127.86
CA PHE O 34 77.47 -86.37 -128.49
C PHE O 34 76.48 -85.39 -129.13
N MET O 35 76.99 -84.27 -129.63
CA MET O 35 76.17 -83.33 -130.38
C MET O 35 75.92 -83.87 -131.78
N PRO O 36 74.91 -83.34 -132.48
CA PRO O 36 74.60 -83.84 -133.82
C PRO O 36 75.78 -83.73 -134.77
N LEU O 37 75.84 -84.67 -135.71
CA LEU O 37 76.90 -84.76 -136.72
C LEU O 37 78.25 -85.07 -136.07
N HIS O 38 78.24 -86.05 -135.17
CA HIS O 38 79.46 -86.55 -134.54
C HIS O 38 79.58 -88.04 -134.81
N ILE O 39 80.82 -88.51 -134.98
CA ILE O 39 81.11 -89.91 -135.24
C ILE O 39 81.35 -90.62 -133.92
N ILE O 40 80.75 -91.80 -133.76
CA ILE O 40 80.95 -92.65 -132.60
C ILE O 40 81.26 -94.05 -133.08
N VAL O 41 81.86 -94.85 -132.21
CA VAL O 41 82.25 -96.22 -132.52
C VAL O 41 81.43 -97.16 -131.66
N LYS O 42 80.90 -98.20 -132.28
CA LYS O 42 80.10 -99.21 -131.60
C LYS O 42 80.84 -100.54 -131.61
N GLU O 43 80.95 -101.17 -130.44
CA GLU O 43 81.62 -102.44 -130.26
C GLU O 43 80.61 -103.48 -129.82
N VAL O 44 80.61 -104.64 -130.48
CA VAL O 44 79.67 -105.71 -130.19
C VAL O 44 80.05 -106.38 -128.87
N PRO O 45 79.10 -106.98 -128.15
CA PRO O 45 79.45 -107.63 -126.87
C PRO O 45 80.45 -108.75 -127.01
N LYS O 46 80.43 -109.49 -128.12
CA LYS O 46 81.30 -110.62 -128.43
C LYS O 46 81.04 -111.84 -127.56
N VAL O 47 80.13 -111.75 -126.60
CA VAL O 47 79.79 -112.89 -125.74
C VAL O 47 78.34 -113.27 -125.96
N LEU O 48 77.43 -112.33 -125.70
CA LEU O 48 76.00 -112.52 -125.91
C LEU O 48 75.50 -111.31 -126.70
N PRO O 49 75.80 -111.25 -128.01
CA PRO O 49 75.40 -110.07 -128.79
C PRO O 49 73.91 -109.80 -128.79
N CYS O 50 73.08 -110.85 -128.80
CA CYS O 50 71.64 -110.68 -128.80
C CYS O 50 71.07 -110.46 -127.41
N CYS O 51 71.87 -110.63 -126.36
CA CYS O 51 71.40 -110.47 -124.99
C CYS O 51 72.00 -109.28 -124.26
N ARG O 52 73.07 -108.69 -124.78
CA ARG O 52 73.76 -107.59 -124.13
C ARG O 52 73.84 -106.40 -125.07
N ARG O 53 73.62 -105.20 -124.53
CA ARG O 53 73.72 -104.00 -125.34
C ARG O 53 75.18 -103.69 -125.68
N PRO O 54 75.44 -103.15 -126.86
CA PRO O 54 76.82 -102.90 -127.27
C PRO O 54 77.49 -101.77 -126.50
N LYS O 55 78.75 -101.51 -126.78
CA LYS O 55 79.54 -100.49 -126.11
C LYS O 55 79.78 -99.32 -127.06
N ILE O 56 79.53 -98.11 -126.57
CA ILE O 56 79.60 -96.90 -127.40
C ILE O 56 80.80 -96.07 -126.95
N LYS O 57 81.66 -95.71 -127.90
CA LYS O 57 82.88 -94.96 -127.66
C LYS O 57 82.82 -93.64 -128.42
N ARG O 58 83.10 -92.55 -127.73
CA ARG O 58 83.13 -91.23 -128.35
C ARG O 58 84.45 -91.01 -129.08
N THR O 59 84.39 -90.21 -130.14
CA THR O 59 85.56 -89.86 -130.92
C THR O 59 85.60 -88.36 -131.17
N PRO O 60 86.78 -87.78 -131.30
CA PRO O 60 86.89 -86.34 -131.56
C PRO O 60 86.86 -86.02 -133.06
N TYR O 61 85.77 -86.42 -133.71
CA TYR O 61 85.62 -86.22 -135.14
C TYR O 61 84.21 -85.79 -135.47
N THR O 62 84.10 -84.97 -136.52
CA THR O 62 82.81 -84.63 -137.12
C THR O 62 82.73 -85.25 -138.52
N LEU O 63 81.54 -85.15 -139.11
CA LEU O 63 81.33 -85.75 -140.42
C LEU O 63 82.23 -85.11 -141.47
N ASN O 64 82.34 -83.78 -141.45
CA ASN O 64 83.15 -83.08 -142.44
C ASN O 64 84.63 -83.43 -142.29
N ASP O 65 85.09 -83.62 -141.05
CA ASP O 65 86.49 -84.01 -140.85
C ASP O 65 86.71 -85.45 -141.31
N ILE O 66 85.78 -86.35 -141.01
CA ILE O 66 85.98 -87.75 -141.36
C ILE O 66 85.84 -87.97 -142.86
N LEU O 67 85.12 -87.09 -143.56
CA LEU O 67 84.86 -87.24 -144.99
C LEU O 67 85.77 -86.35 -145.80
N ASP O 68 86.27 -86.89 -146.91
CA ASP O 68 87.04 -86.08 -147.85
C ASP O 68 86.17 -84.97 -148.44
N GLU O 69 84.93 -85.29 -148.79
CA GLU O 69 84.01 -84.30 -149.35
C GLU O 69 83.12 -83.75 -148.25
N PRO O 70 83.08 -82.44 -148.05
CA PRO O 70 82.24 -81.88 -146.98
C PRO O 70 80.75 -81.98 -147.30
N CYS O 71 79.96 -81.90 -146.25
CA CYS O 71 78.51 -81.95 -146.31
C CYS O 71 77.93 -80.75 -145.56
N PRO O 72 76.72 -80.33 -145.91
CA PRO O 72 76.08 -79.26 -145.13
C PRO O 72 75.90 -79.68 -143.68
N ASN O 73 76.05 -78.73 -142.76
CA ASN O 73 76.07 -79.02 -141.34
C ASN O 73 75.19 -78.09 -140.50
N GLN O 74 74.30 -77.32 -141.13
CA GLN O 74 73.46 -76.41 -140.37
C GLN O 74 72.50 -77.20 -139.47
N LEU O 75 72.19 -76.61 -138.32
CA LEU O 75 71.36 -77.26 -137.31
C LEU O 75 70.15 -76.40 -136.97
N LYS O 76 69.22 -77.00 -136.24
CA LYS O 76 68.04 -76.31 -135.73
C LYS O 76 67.58 -76.99 -134.46
N SER O 77 66.93 -76.23 -133.59
CA SER O 77 66.48 -76.73 -132.30
C SER O 77 65.02 -76.36 -132.08
N SER O 78 64.34 -77.22 -131.33
CA SER O 78 62.93 -77.01 -131.00
C SER O 78 62.62 -77.70 -129.68
N ASP O 79 61.58 -77.21 -129.01
CA ASP O 79 61.23 -77.74 -127.70
C ASP O 79 60.78 -79.19 -127.78
N LEU O 80 61.12 -79.95 -126.74
CA LEU O 80 60.76 -81.36 -126.67
C LEU O 80 59.85 -81.69 -125.51
N VAL O 81 60.23 -81.31 -124.28
CA VAL O 81 59.44 -81.59 -123.08
C VAL O 81 59.79 -80.54 -122.04
N THR O 82 58.91 -80.38 -121.06
CA THR O 82 59.05 -79.36 -120.03
C THR O 82 58.65 -79.96 -118.68
N PHE O 83 59.60 -80.06 -117.76
CA PHE O 83 59.34 -80.53 -116.41
C PHE O 83 58.96 -79.32 -115.55
N THR O 84 57.65 -79.15 -115.33
CA THR O 84 57.17 -77.96 -114.62
C THR O 84 57.63 -77.96 -113.16
N GLU O 85 57.66 -79.14 -112.53
CA GLU O 85 58.05 -79.23 -111.13
C GLU O 85 59.16 -80.25 -110.96
N PRO O 86 60.01 -80.10 -109.96
CA PRO O 86 61.13 -81.02 -109.78
C PRO O 86 60.66 -82.43 -109.49
N LEU O 87 61.40 -83.40 -110.04
CA LEU O 87 61.21 -84.80 -109.67
C LEU O 87 61.75 -85.02 -108.27
N VAL O 88 60.87 -85.43 -107.35
CA VAL O 88 61.19 -85.58 -105.94
C VAL O 88 61.01 -87.03 -105.56
N SER O 89 62.00 -87.59 -104.86
CA SER O 89 61.96 -88.98 -104.42
C SER O 89 62.37 -89.05 -102.95
N ASN O 90 61.64 -89.85 -102.18
CA ASN O 90 61.91 -90.05 -100.77
C ASN O 90 61.89 -91.55 -100.46
N VAL O 91 62.89 -92.02 -99.73
CA VAL O 91 62.94 -93.40 -99.25
C VAL O 91 63.28 -93.36 -97.78
N LYS O 92 62.56 -94.12 -96.98
CA LYS O 92 62.77 -94.15 -95.53
C LYS O 92 62.60 -95.58 -95.06
N ALA O 93 63.68 -96.19 -94.58
CA ALA O 93 63.67 -97.55 -94.09
C ALA O 93 64.12 -97.59 -92.63
N SER O 94 63.57 -98.53 -91.88
CA SER O 94 63.95 -98.71 -90.49
C SER O 94 63.67 -100.15 -90.08
N SER O 95 64.65 -100.80 -89.47
CA SER O 95 64.52 -102.21 -89.12
C SER O 95 65.20 -102.46 -87.78
N SER O 96 64.77 -103.53 -87.12
CA SER O 96 65.34 -103.94 -85.84
C SER O 96 65.30 -105.45 -85.73
N ILE O 97 66.36 -106.02 -85.17
CA ILE O 97 66.50 -107.47 -85.02
C ILE O 97 66.86 -107.76 -83.56
N GLY O 98 66.20 -108.77 -82.99
CA GLY O 98 66.53 -109.20 -81.64
C GLY O 98 66.64 -110.71 -81.53
N LEU O 99 67.82 -111.20 -81.15
CA LEU O 99 68.08 -112.63 -81.04
C LEU O 99 68.44 -112.96 -79.60
N GLN O 100 67.84 -114.03 -79.07
CA GLN O 100 68.15 -114.49 -77.73
C GLN O 100 68.30 -116.00 -77.73
N ILE O 101 69.39 -116.48 -77.15
CA ILE O 101 69.63 -117.92 -76.97
C ILE O 101 69.72 -118.14 -75.47
N LEU O 102 68.63 -118.62 -74.88
CA LEU O 102 68.52 -118.96 -73.46
C LEU O 102 68.92 -117.73 -72.64
N LYS O 103 69.77 -117.87 -71.62
CA LYS O 103 70.38 -116.73 -70.94
C LYS O 103 71.86 -116.62 -71.26
N HIS O 104 72.28 -117.19 -72.40
CA HIS O 104 73.67 -117.20 -72.80
C HIS O 104 74.00 -116.23 -73.92
N PHE O 105 73.08 -115.98 -74.84
CA PHE O 105 73.33 -115.05 -75.93
C PHE O 105 72.18 -114.06 -76.03
N ASP O 106 72.50 -112.78 -76.24
CA ASP O 106 71.47 -111.76 -76.40
C ASP O 106 72.02 -110.64 -77.28
N SER O 107 71.53 -110.55 -78.51
CA SER O 107 71.97 -109.53 -79.45
C SER O 107 70.80 -108.68 -79.90
N GLY O 108 71.00 -107.37 -79.95
CA GLY O 108 70.00 -106.46 -80.46
C GLY O 108 70.58 -105.46 -81.43
N ALA O 109 70.12 -105.49 -82.68
CA ALA O 109 70.62 -104.60 -83.71
C ALA O 109 69.47 -103.78 -84.27
N LYS O 110 69.81 -102.62 -84.82
CA LYS O 110 68.80 -101.77 -85.44
C LYS O 110 69.49 -100.86 -86.44
N GLY O 111 68.74 -100.51 -87.48
CA GLY O 111 69.27 -99.66 -88.53
C GLY O 111 68.17 -98.78 -89.10
N SER O 112 68.58 -97.64 -89.64
CA SER O 112 67.65 -96.73 -90.27
C SER O 112 68.35 -95.98 -91.40
N LYS O 113 67.57 -95.57 -92.40
CA LYS O 113 68.10 -94.89 -93.56
C LYS O 113 67.05 -93.94 -94.11
N ASN O 114 67.48 -92.74 -94.48
CA ASN O 114 66.62 -91.72 -95.07
C ASN O 114 67.33 -91.12 -96.27
N PHE O 115 66.73 -91.24 -97.44
CA PHE O 115 67.33 -90.84 -98.70
C PHE O 115 66.37 -89.93 -99.44
N ILE O 116 66.84 -88.74 -99.84
CA ILE O 116 66.01 -87.75 -100.50
C ILE O 116 66.71 -87.27 -101.77
N THR O 117 65.96 -87.18 -102.86
CA THR O 117 66.51 -86.76 -104.14
C THR O 117 65.57 -85.74 -104.79
N SER O 118 66.15 -84.74 -105.44
CA SER O 118 65.38 -83.74 -106.17
C SER O 118 66.13 -83.35 -107.43
N ALA O 119 65.44 -83.40 -108.57
CA ALA O 119 66.03 -83.04 -109.85
C ALA O 119 65.13 -82.03 -110.56
N SER O 120 65.71 -80.90 -110.94
CA SER O 120 65.00 -79.84 -111.66
C SER O 120 65.69 -79.64 -112.99
N LEU O 121 65.11 -80.19 -114.05
CA LEU O 121 65.67 -80.12 -115.39
C LEU O 121 65.11 -78.97 -116.22
N GLY O 122 64.08 -78.29 -115.73
CA GLY O 122 63.53 -77.16 -116.47
C GLY O 122 62.97 -77.60 -117.81
N THR O 123 63.45 -76.98 -118.89
CA THR O 123 62.99 -77.25 -120.24
C THR O 123 64.09 -77.99 -121.00
N VAL O 124 63.70 -79.02 -121.75
CA VAL O 124 64.62 -79.80 -122.57
C VAL O 124 64.25 -79.57 -124.03
N VAL O 125 65.25 -79.22 -124.84
CA VAL O 125 65.06 -79.01 -126.26
C VAL O 125 65.79 -80.10 -127.02
N LYS O 126 65.47 -80.22 -128.31
CA LYS O 126 66.10 -81.18 -129.20
C LYS O 126 66.73 -80.43 -130.36
N ALA O 127 67.98 -80.79 -130.66
CA ALA O 127 68.74 -80.18 -131.74
C ALA O 127 69.09 -81.24 -132.76
N GLU O 128 68.93 -80.88 -134.04
CA GLU O 128 69.12 -81.81 -135.14
C GLU O 128 69.38 -81.04 -136.42
N THR O 129 69.93 -81.74 -137.41
CA THR O 129 70.20 -81.12 -138.70
C THR O 129 68.92 -80.61 -139.34
N ILE O 130 69.02 -79.48 -140.03
CA ILE O 130 67.84 -78.90 -140.68
C ILE O 130 67.30 -79.86 -141.74
N ASP O 131 68.17 -80.45 -142.54
CA ASP O 131 67.78 -81.43 -143.56
C ASP O 131 68.72 -82.62 -143.47
N ILE O 132 68.16 -83.79 -143.13
CA ILE O 132 68.97 -84.99 -143.00
C ILE O 132 69.10 -85.73 -144.33
N THR O 133 68.13 -85.57 -145.23
CA THR O 133 68.19 -86.26 -146.52
C THR O 133 69.40 -85.81 -147.33
N LYS O 134 69.68 -84.50 -147.34
CA LYS O 134 70.84 -84.00 -148.07
C LYS O 134 72.13 -84.54 -147.47
N VAL O 135 72.22 -84.57 -146.14
CA VAL O 135 73.41 -85.10 -145.47
C VAL O 135 73.61 -86.57 -145.84
N LEU O 136 72.52 -87.34 -145.83
CA LEU O 136 72.61 -88.76 -146.18
C LEU O 136 73.06 -88.94 -147.62
N ALA O 137 72.49 -88.16 -148.54
CA ALA O 137 72.86 -88.27 -149.94
C ALA O 137 74.34 -87.97 -150.13
N LYS O 138 74.81 -86.86 -149.55
CA LYS O 138 76.22 -86.49 -149.68
C LYS O 138 77.13 -87.54 -149.05
N VAL O 139 76.74 -88.11 -147.91
CA VAL O 139 77.53 -89.17 -147.29
C VAL O 139 77.66 -90.34 -148.25
N ARG O 140 76.53 -90.77 -148.81
CA ARG O 140 76.55 -91.92 -149.71
C ARG O 140 77.40 -91.66 -150.94
N THR O 141 77.42 -90.41 -151.42
CA THR O 141 78.22 -90.09 -152.60
C THR O 141 79.62 -89.61 -152.27
N ALA O 142 80.00 -89.56 -151.00
CA ALA O 142 81.29 -89.03 -150.58
C ALA O 142 82.17 -90.14 -150.02
N LYS O 143 83.48 -89.99 -150.20
CA LYS O 143 84.47 -90.94 -149.69
C LYS O 143 85.11 -90.43 -148.41
N ALA O 144 85.46 -91.36 -147.53
CA ALA O 144 86.08 -91.02 -146.26
C ALA O 144 87.52 -90.55 -146.47
N LYS O 145 88.10 -90.00 -145.40
CA LYS O 145 89.47 -89.49 -145.46
C LYS O 145 90.46 -90.65 -145.44
N VAL O 146 91.28 -90.74 -146.49
CA VAL O 146 92.27 -91.82 -146.57
C VAL O 146 93.30 -91.67 -145.45
N GLU O 147 93.69 -90.43 -145.13
CA GLU O 147 94.66 -90.20 -144.07
C GLU O 147 94.17 -90.71 -142.72
N ASN O 148 92.87 -90.59 -142.44
CA ASN O 148 92.34 -90.95 -141.14
C ASN O 148 92.62 -92.41 -140.81
N ASP O 149 93.07 -92.66 -139.58
CA ASP O 149 93.40 -94.00 -139.11
C ASP O 149 92.21 -94.74 -138.54
N LEU O 150 91.30 -94.00 -137.87
CA LEU O 150 90.12 -94.61 -137.27
C LEU O 150 89.28 -95.34 -138.31
N VAL O 151 89.07 -94.70 -139.47
CA VAL O 151 88.27 -95.32 -140.53
C VAL O 151 88.92 -96.64 -140.98
N SER O 152 90.22 -96.62 -141.17
CA SER O 152 90.93 -97.84 -141.59
C SER O 152 90.81 -98.93 -140.54
N ARG O 153 90.96 -98.55 -139.26
CA ARG O 153 90.80 -99.52 -138.17
C ARG O 153 89.42 -100.17 -138.22
N VAL O 154 88.38 -99.34 -138.32
CA VAL O 154 87.01 -99.86 -138.36
C VAL O 154 86.79 -100.73 -139.59
N MET O 155 87.40 -100.36 -140.73
CA MET O 155 87.27 -101.15 -141.95
C MET O 155 87.90 -102.52 -141.78
N LYS O 156 89.10 -102.58 -141.21
CA LYS O 156 89.78 -103.86 -141.10
C LYS O 156 89.16 -104.74 -140.02
N THR O 157 88.67 -104.14 -138.94
CA THR O 157 88.03 -104.92 -137.89
C THR O 157 86.58 -105.20 -138.25
N LYS O 158 86.05 -106.29 -137.69
CA LYS O 158 84.68 -106.71 -137.95
C LYS O 158 83.72 -106.34 -136.83
N ARG O 159 84.20 -106.24 -135.59
CA ARG O 159 83.32 -105.88 -134.48
C ARG O 159 82.97 -104.40 -134.52
N LEU O 160 83.93 -103.54 -134.85
CA LEU O 160 83.73 -102.11 -134.78
C LEU O 160 82.77 -101.64 -135.88
N CYS O 161 81.90 -100.70 -135.52
CA CYS O 161 80.99 -100.07 -136.47
C CYS O 161 80.98 -98.57 -136.22
N LEU O 162 80.65 -97.81 -137.27
CA LEU O 162 80.61 -96.36 -137.17
C LEU O 162 79.16 -95.88 -137.08
N GLY O 163 78.95 -94.83 -136.29
CA GLY O 163 77.63 -94.26 -136.15
C GLY O 163 77.63 -92.74 -136.17
N LEU O 164 76.72 -92.14 -136.91
CA LEU O 164 76.59 -90.69 -137.01
C LEU O 164 75.43 -90.25 -136.13
N VAL O 165 75.71 -89.34 -135.20
CA VAL O 165 74.69 -88.82 -134.30
C VAL O 165 73.84 -87.80 -135.04
N VAL O 166 72.52 -87.95 -134.94
CA VAL O 166 71.60 -87.14 -135.72
C VAL O 166 70.67 -86.26 -134.89
N GLU O 167 70.47 -86.55 -133.61
CA GLU O 167 69.62 -85.70 -132.78
C GLU O 167 70.11 -85.77 -131.33
N THR O 168 69.99 -84.66 -130.63
CA THR O 168 70.48 -84.58 -129.25
C THR O 168 69.51 -83.78 -128.39
N ALA O 169 69.29 -84.25 -127.17
CA ALA O 169 68.44 -83.57 -126.20
C ALA O 169 69.32 -82.82 -125.21
N CYS O 170 69.09 -81.51 -125.09
CA CYS O 170 69.90 -80.64 -124.26
C CYS O 170 69.03 -79.76 -123.39
N VAL O 171 69.50 -79.45 -122.20
CA VAL O 171 68.77 -78.58 -121.28
C VAL O 171 68.89 -77.14 -121.76
N ALA O 172 67.75 -76.45 -121.82
CA ALA O 172 67.75 -75.05 -122.26
C ALA O 172 68.38 -74.14 -121.20
N ALA O 173 68.09 -74.40 -119.93
CA ALA O 173 68.58 -73.59 -118.84
C ALA O 173 69.33 -74.47 -117.84
N ALA O 174 69.82 -73.84 -116.77
CA ALA O 174 70.59 -74.57 -115.77
C ALA O 174 69.71 -75.60 -115.05
N GLY O 175 70.28 -76.76 -114.79
CA GLY O 175 69.58 -77.85 -114.11
C GLY O 175 70.18 -78.12 -112.75
N LYS O 176 69.32 -78.32 -111.76
CA LYS O 176 69.74 -78.46 -110.37
C LYS O 176 69.49 -79.87 -109.87
N LEU O 177 70.51 -80.49 -109.28
CA LEU O 177 70.41 -81.84 -108.75
C LEU O 177 70.84 -81.84 -107.30
N THR O 178 69.95 -82.29 -106.39
CA THR O 178 70.21 -82.29 -104.97
C THR O 178 69.94 -83.67 -104.38
N GLU O 179 70.83 -84.12 -103.49
CA GLU O 179 70.71 -85.42 -102.85
C GLU O 179 71.11 -85.30 -101.38
N ALA O 180 70.34 -85.95 -100.51
CA ALA O 180 70.60 -85.99 -99.08
C ALA O 180 70.48 -87.41 -98.56
N ASP O 181 71.44 -87.83 -97.74
CA ASP O 181 71.48 -89.17 -97.19
C ASP O 181 71.76 -89.09 -95.70
N ASN O 182 71.01 -89.86 -94.91
CA ASN O 182 71.24 -89.95 -93.47
C ASN O 182 70.95 -91.37 -93.03
N TRP O 183 71.98 -92.12 -92.63
CA TRP O 183 71.72 -93.49 -92.18
C TRP O 183 72.48 -93.76 -90.89
N GLU O 184 71.97 -94.73 -90.13
CA GLU O 184 72.43 -94.97 -88.77
C GLU O 184 72.31 -96.46 -88.44
N ILE O 185 73.30 -96.97 -87.71
CA ILE O 185 73.36 -98.35 -87.27
C ILE O 185 73.68 -98.37 -85.78
N SER O 186 72.91 -99.15 -85.01
CA SER O 186 73.16 -99.32 -83.58
C SER O 186 73.06 -100.80 -83.23
N GLY O 187 74.15 -101.38 -82.75
CA GLY O 187 74.17 -102.79 -82.43
C GLY O 187 74.70 -103.04 -81.04
N HIS O 188 74.23 -104.13 -80.44
CA HIS O 188 74.61 -104.51 -79.08
C HIS O 188 74.65 -106.03 -78.99
N THR O 189 75.65 -106.54 -78.28
CA THR O 189 75.87 -107.97 -78.13
C THR O 189 76.20 -108.28 -76.67
N ASN O 190 75.59 -109.33 -76.13
CA ASN O 190 75.84 -109.76 -74.76
C ASN O 190 76.00 -111.28 -74.77
N ALA O 191 77.22 -111.74 -74.52
CA ALA O 191 77.53 -113.16 -74.43
C ALA O 191 77.82 -113.47 -72.96
N ASN O 192 76.87 -114.12 -72.30
CA ASN O 192 77.00 -114.50 -70.89
C ASN O 192 77.33 -115.98 -70.81
N ILE O 193 78.45 -116.29 -70.17
CA ILE O 193 78.89 -117.66 -69.94
C ILE O 193 79.17 -117.81 -68.45
N GLY O 194 79.25 -119.07 -68.01
CA GLY O 194 79.45 -119.33 -66.59
C GLY O 194 80.70 -118.68 -66.02
N GLU O 195 81.75 -118.58 -66.83
CA GLU O 195 83.00 -117.97 -66.38
C GLU O 195 83.42 -116.77 -67.23
N ALA O 196 82.56 -116.30 -68.13
CA ALA O 196 82.92 -115.18 -68.99
C ALA O 196 81.67 -114.36 -69.29
N VAL O 197 81.83 -113.03 -69.27
CA VAL O 197 80.76 -112.09 -69.62
C VAL O 197 81.34 -111.08 -70.59
N VAL O 198 80.75 -110.97 -71.77
CA VAL O 198 81.18 -110.03 -72.80
C VAL O 198 80.00 -109.14 -73.17
N THR O 199 80.21 -107.82 -73.14
CA THR O 199 79.17 -106.85 -73.48
C THR O 199 79.76 -105.83 -74.45
N ALA O 200 79.35 -105.91 -75.72
CA ALA O 200 79.85 -105.03 -76.76
C ALA O 200 78.71 -104.17 -77.30
N THR O 201 79.06 -102.94 -77.70
CA THR O 201 78.08 -102.00 -78.22
C THR O 201 78.76 -101.13 -79.28
N ALA O 202 78.05 -100.84 -80.37
CA ALA O 202 78.61 -100.02 -81.43
C ALA O 202 77.50 -99.18 -82.08
N GLU O 203 77.73 -97.88 -82.15
CA GLU O 203 76.79 -96.95 -82.78
C GLU O 203 77.53 -96.11 -83.80
N LEU O 204 76.91 -95.92 -84.97
CA LEU O 204 77.49 -95.02 -85.97
C LEU O 204 76.36 -94.44 -86.82
N ASP O 205 76.66 -93.31 -87.46
CA ASP O 205 75.69 -92.66 -88.33
C ASP O 205 76.43 -91.74 -89.29
N LYS O 206 76.03 -91.77 -90.55
CA LYS O 206 76.64 -90.99 -91.61
C LYS O 206 75.60 -90.08 -92.25
N ASN O 207 76.01 -88.84 -92.53
CA ASN O 207 75.16 -87.85 -93.17
C ASN O 207 75.92 -87.24 -94.35
N LEU O 208 75.29 -87.21 -95.52
CA LEU O 208 75.88 -86.66 -96.73
C LEU O 208 74.87 -85.77 -97.44
N SER O 209 75.37 -84.79 -98.18
CA SER O 209 74.52 -83.91 -98.97
C SER O 209 75.33 -83.40 -100.16
N ARG O 210 74.81 -83.61 -101.37
CA ARG O 210 75.49 -83.20 -102.59
C ARG O 210 74.52 -82.39 -103.44
N LYS O 211 74.93 -81.20 -103.87
CA LYS O 211 74.10 -80.32 -104.68
C LYS O 211 74.93 -79.76 -105.82
N ILE O 212 74.50 -80.01 -107.06
CA ILE O 212 75.22 -79.55 -108.24
C ILE O 212 74.25 -78.89 -109.20
N GLU O 213 74.81 -78.18 -110.18
CA GLU O 213 74.03 -77.44 -111.17
C GLU O 213 74.72 -77.54 -112.52
N ILE O 214 74.13 -78.31 -113.43
CA ILE O 214 74.66 -78.41 -114.79
C ILE O 214 74.29 -77.15 -115.57
N PRO O 215 75.17 -76.65 -116.42
CA PRO O 215 74.92 -75.39 -117.12
C PRO O 215 74.05 -75.63 -118.35
N PRO O 216 73.49 -74.56 -118.93
CA PRO O 216 72.70 -74.72 -120.16
C PRO O 216 73.54 -75.29 -121.29
N GLY O 217 72.90 -76.12 -122.12
CA GLY O 217 73.54 -76.74 -123.25
C GLY O 217 74.06 -78.13 -123.02
N THR O 218 74.03 -78.62 -121.78
CA THR O 218 74.52 -79.96 -121.49
C THR O 218 73.64 -81.01 -122.16
N ALA O 219 74.27 -81.92 -122.88
CA ALA O 219 73.52 -82.97 -123.57
C ALA O 219 73.04 -84.03 -122.59
N LEU O 220 71.87 -84.58 -122.85
CA LEU O 220 71.29 -85.63 -122.02
C LEU O 220 71.18 -86.97 -122.72
N ALA O 221 70.76 -87.00 -123.98
CA ALA O 221 70.56 -88.25 -124.69
C ALA O 221 70.69 -87.99 -126.18
N TYR O 222 70.85 -89.07 -126.95
CA TYR O 222 71.10 -88.94 -128.37
C TYR O 222 70.63 -90.18 -129.10
N SER O 223 70.51 -90.05 -130.42
CA SER O 223 70.21 -91.17 -131.31
C SER O 223 71.13 -91.09 -132.51
N PHE O 224 71.48 -92.24 -133.07
CA PHE O 224 72.47 -92.28 -134.13
C PHE O 224 72.07 -93.28 -135.21
N MET O 225 72.66 -93.11 -136.38
CA MET O 225 72.44 -93.97 -137.54
C MET O 225 73.73 -94.68 -137.91
N ASP O 226 73.63 -95.96 -138.25
CA ASP O 226 74.81 -96.75 -138.53
C ASP O 226 75.39 -96.43 -139.91
N LEU O 227 76.66 -96.78 -140.09
CA LEU O 227 77.37 -96.58 -141.35
C LEU O 227 78.18 -97.83 -141.67
N GLU O 228 78.71 -97.86 -142.89
CA GLU O 228 79.49 -98.99 -143.36
C GLU O 228 80.54 -98.51 -144.35
N ILE O 229 81.80 -98.87 -144.10
CA ILE O 229 82.91 -98.52 -144.98
C ILE O 229 82.96 -99.52 -146.13
N LEU O 230 82.91 -99.01 -147.36
CA LEU O 230 83.09 -99.87 -148.51
C LEU O 230 84.56 -100.32 -148.61
N GLU O 231 84.85 -101.14 -149.62
CA GLU O 231 86.23 -101.49 -149.91
C GLU O 231 87.08 -100.24 -150.11
N ASP O 232 86.56 -99.29 -150.90
CA ASP O 232 87.18 -97.99 -151.04
C ASP O 232 86.85 -97.12 -149.83
N ARG O 233 87.28 -95.86 -149.87
CA ARG O 233 86.95 -94.91 -148.81
C ARG O 233 85.47 -94.53 -148.81
N SER O 234 84.70 -94.97 -149.79
CA SER O 234 83.27 -94.65 -149.85
C SER O 234 82.54 -95.16 -148.62
N LEU O 235 81.50 -94.42 -148.23
CA LEU O 235 80.67 -94.77 -147.08
C LEU O 235 79.25 -95.02 -147.52
N ARG O 236 78.58 -95.95 -146.83
CA ARG O 236 77.19 -96.28 -147.10
C ARG O 236 76.42 -96.31 -145.79
N VAL O 237 75.10 -96.16 -145.90
CA VAL O 237 74.24 -96.21 -144.72
C VAL O 237 73.60 -97.59 -144.65
N SER O 238 73.47 -98.11 -143.44
CA SER O 238 72.95 -99.45 -143.22
C SER O 238 71.74 -99.40 -142.28
N SER O 239 70.73 -100.21 -142.58
CA SER O 239 69.48 -100.23 -141.81
C SER O 239 69.18 -101.67 -141.40
N SER O 240 69.17 -101.92 -140.10
CA SER O 240 68.76 -103.21 -139.57
C SER O 240 67.24 -103.28 -139.60
N ALA O 241 66.69 -104.08 -140.51
CA ALA O 241 65.25 -104.19 -140.72
C ALA O 241 64.63 -102.84 -141.05
N GLY O 242 65.38 -101.96 -141.71
CA GLY O 242 64.89 -100.66 -142.11
C GLY O 242 64.72 -99.68 -140.96
N ALA O 243 65.36 -99.92 -139.82
CA ALA O 243 65.18 -99.03 -138.67
C ALA O 243 65.77 -97.64 -138.95
N MET O 244 67.04 -97.60 -139.39
CA MET O 244 67.78 -96.36 -139.61
C MET O 244 67.84 -95.47 -138.37
N PHE O 245 67.57 -96.05 -137.20
CA PHE O 245 67.66 -95.31 -135.94
C PHE O 245 68.07 -96.30 -134.87
N ASP O 246 69.35 -96.30 -134.53
CA ASP O 246 69.89 -97.26 -133.58
C ASP O 246 69.98 -96.65 -132.20
N SER O 247 69.46 -97.36 -131.20
CA SER O 247 69.47 -96.91 -129.82
C SER O 247 70.44 -97.72 -128.97
N GLY O 248 71.40 -98.40 -129.59
CA GLY O 248 72.32 -99.23 -128.84
C GLY O 248 71.64 -100.37 -128.11
N LYS O 249 70.64 -100.99 -128.76
CA LYS O 249 69.87 -102.08 -128.16
C LYS O 249 70.33 -103.41 -128.73
N ALA O 250 70.18 -104.46 -127.91
CA ALA O 250 70.51 -105.80 -128.37
C ALA O 250 69.54 -106.25 -129.45
N GLU O 251 70.04 -107.12 -130.34
CA GLU O 251 69.21 -107.61 -131.44
C GLU O 251 68.02 -108.40 -130.91
N SER O 252 68.23 -109.23 -129.89
CA SER O 252 67.18 -110.04 -129.27
C SER O 252 66.47 -110.92 -130.29
CA ARG P 3 54.15 -97.37 -117.45
C ARG P 3 54.35 -95.86 -117.59
N PRO P 4 54.99 -95.45 -118.69
CA PRO P 4 55.21 -94.02 -118.91
C PRO P 4 53.90 -93.25 -118.98
N MET P 5 53.93 -92.02 -118.44
CA MET P 5 52.73 -91.19 -118.45
C MET P 5 52.29 -90.87 -119.87
N PHE P 6 53.26 -90.61 -120.76
CA PHE P 6 52.90 -90.32 -122.15
C PHE P 6 52.19 -91.51 -122.79
N ALA P 7 52.69 -92.72 -122.56
CA ALA P 7 52.05 -93.91 -123.11
C ALA P 7 50.65 -94.10 -122.52
N VAL P 8 50.50 -93.88 -121.21
CA VAL P 8 49.19 -94.02 -120.59
C VAL P 8 48.21 -93.01 -121.17
N ALA P 9 48.64 -91.76 -121.33
CA ALA P 9 47.76 -90.74 -121.89
C ALA P 9 47.40 -91.05 -123.34
N VAL P 10 48.37 -91.56 -124.11
CA VAL P 10 48.09 -91.93 -125.49
C VAL P 10 47.05 -93.05 -125.55
N ASN P 11 47.19 -94.05 -124.68
CA ASN P 11 46.21 -95.12 -124.64
C ASN P 11 44.83 -94.61 -124.24
N GLU P 12 44.77 -93.71 -123.25
CA GLU P 12 43.49 -93.14 -122.85
C GLU P 12 42.84 -92.38 -124.00
N PHE P 13 43.62 -91.57 -124.69
CA PHE P 13 43.07 -90.80 -125.82
C PHE P 13 42.59 -91.73 -126.93
N ILE P 14 43.40 -92.73 -127.28
CA ILE P 14 43.03 -93.61 -128.39
C ILE P 14 41.81 -94.45 -128.03
N ARG P 15 41.64 -94.78 -126.75
CA ARG P 15 40.42 -95.48 -126.34
C ARG P 15 39.21 -94.57 -126.41
N SER P 16 39.33 -93.36 -125.87
CA SER P 16 38.18 -92.45 -125.85
C SER P 16 37.74 -92.08 -127.26
N ALA P 17 38.70 -91.79 -128.14
CA ALA P 17 38.41 -91.41 -129.51
C ALA P 17 39.29 -92.22 -130.46
N GLY P 18 38.70 -92.73 -131.53
CA GLY P 18 39.45 -93.47 -132.53
C GLY P 18 40.05 -94.76 -132.04
N GLN P 19 39.26 -95.58 -131.35
CA GLN P 19 39.76 -96.88 -130.89
C GLN P 19 40.13 -97.77 -132.06
N ASP P 20 39.52 -97.57 -133.22
CA ASP P 20 39.85 -98.29 -134.42
C ASP P 20 40.55 -97.35 -135.42
N SER P 21 41.39 -97.94 -136.27
CA SER P 21 42.11 -97.21 -137.31
C SER P 21 42.97 -96.09 -136.71
N LEU P 22 43.74 -96.43 -135.68
CA LEU P 22 44.61 -95.46 -135.04
C LEU P 22 45.73 -96.20 -134.32
N CYS P 23 46.96 -95.70 -134.45
CA CYS P 23 48.14 -96.32 -133.86
C CYS P 23 48.77 -95.35 -132.87
N GLY P 24 49.05 -95.84 -131.66
CA GLY P 24 49.68 -95.02 -130.66
C GLY P 24 51.11 -94.64 -131.02
N VAL P 25 51.55 -93.53 -130.46
CA VAL P 25 52.91 -93.03 -130.67
C VAL P 25 53.83 -93.64 -129.61
N PRO P 26 54.97 -94.22 -130.00
CA PRO P 26 55.82 -94.89 -129.02
C PRO P 26 56.38 -93.98 -127.94
N ASP P 27 56.87 -92.79 -128.30
CA ASP P 27 57.47 -91.90 -127.32
C ASP P 27 57.46 -90.48 -127.83
N ILE P 28 57.70 -89.55 -126.91
CA ILE P 28 57.66 -88.12 -127.25
C ILE P 28 58.74 -87.79 -128.26
N ASN P 29 59.93 -88.37 -128.10
CA ASN P 29 61.04 -88.06 -129.00
C ASN P 29 60.71 -88.44 -130.44
N SER P 30 60.12 -89.61 -130.63
CA SER P 30 59.79 -90.10 -131.97
C SER P 30 58.40 -89.67 -132.42
N SER P 31 57.68 -88.91 -131.60
CA SER P 31 56.36 -88.43 -132.02
C SER P 31 56.44 -87.58 -133.27
N GLY P 32 57.50 -86.78 -133.42
CA GLY P 32 57.60 -85.88 -134.55
C GLY P 32 57.88 -86.55 -135.88
N ASP P 33 58.20 -87.84 -135.87
CA ASP P 33 58.49 -88.57 -137.10
C ASP P 33 57.26 -89.23 -137.71
N PHE P 34 56.08 -89.03 -137.11
CA PHE P 34 54.85 -89.64 -137.60
C PHE P 34 53.86 -88.59 -138.10
N MET P 35 54.38 -87.50 -138.66
CA MET P 35 53.54 -86.51 -139.30
C MET P 35 53.07 -87.01 -140.66
N PRO P 36 52.02 -86.41 -141.23
CA PRO P 36 51.50 -86.88 -142.52
C PRO P 36 52.56 -86.83 -143.61
N LEU P 37 52.44 -87.76 -144.56
CA LEU P 37 53.36 -87.90 -145.69
C LEU P 37 54.76 -88.30 -145.22
N HIS P 38 54.80 -89.29 -144.32
CA HIS P 38 56.05 -89.88 -143.86
C HIS P 38 56.03 -91.37 -144.15
N ILE P 39 57.21 -91.91 -144.48
CA ILE P 39 57.37 -93.32 -144.77
C ILE P 39 57.74 -94.07 -143.49
N ILE P 40 57.08 -95.20 -143.26
CA ILE P 40 57.37 -96.08 -142.14
C ILE P 40 57.53 -97.50 -142.67
N VAL P 41 58.19 -98.34 -141.88
CA VAL P 41 58.45 -99.72 -142.24
C VAL P 41 57.68 -100.62 -141.28
N LYS P 42 57.01 -101.62 -141.84
CA LYS P 42 56.24 -102.59 -141.06
C LYS P 42 56.89 -103.96 -141.17
N GLU P 43 57.10 -104.61 -140.02
CA GLU P 43 57.71 -105.93 -139.94
C GLU P 43 56.70 -106.90 -139.37
N VAL P 44 56.54 -108.05 -140.04
CA VAL P 44 55.58 -109.06 -139.63
C VAL P 44 56.08 -109.77 -138.37
N PRO P 45 55.19 -110.32 -137.53
CA PRO P 45 55.66 -111.00 -136.31
C PRO P 45 56.56 -112.18 -136.58
N LYS P 46 56.35 -112.90 -137.68
CA LYS P 46 57.10 -114.08 -138.11
C LYS P 46 56.87 -115.30 -137.21
N VAL P 47 56.09 -115.16 -136.14
CA VAL P 47 55.81 -116.29 -135.25
C VAL P 47 54.31 -116.57 -135.29
N LEU P 48 53.51 -115.58 -134.91
CA LEU P 48 52.05 -115.67 -134.95
C LEU P 48 51.52 -114.43 -135.67
N PRO P 49 51.65 -114.37 -137.00
CA PRO P 49 51.25 -113.16 -137.71
C PRO P 49 49.79 -112.80 -137.52
N CYS P 50 48.90 -113.79 -137.43
CA CYS P 50 47.48 -113.52 -137.25
C CYS P 50 47.10 -113.28 -135.79
N CYS P 51 48.02 -113.52 -134.86
CA CYS P 51 47.73 -113.34 -133.44
C CYS P 51 48.50 -112.20 -132.79
N ARG P 52 49.54 -111.68 -133.44
CA ARG P 52 50.37 -110.63 -132.86
C ARG P 52 50.40 -109.44 -133.81
N ARG P 53 50.34 -108.23 -133.25
CA ARG P 53 50.40 -107.03 -134.06
C ARG P 53 51.83 -106.81 -134.58
N PRO P 54 51.97 -106.27 -135.78
CA PRO P 54 53.31 -106.11 -136.36
C PRO P 54 54.13 -105.03 -135.67
N LYS P 55 55.37 -104.85 -136.12
CA LYS P 55 56.30 -103.88 -135.54
C LYS P 55 56.49 -102.73 -136.52
N ILE P 56 56.38 -101.51 -136.00
CA ILE P 56 56.43 -100.30 -136.82
C ILE P 56 57.73 -99.55 -136.53
N LYS P 57 58.47 -99.23 -137.59
CA LYS P 57 59.76 -98.56 -137.48
C LYS P 57 59.69 -97.24 -138.24
N ARG P 58 60.13 -96.17 -137.58
CA ARG P 58 60.15 -94.85 -138.21
C ARG P 58 61.39 -94.71 -139.10
N THR P 59 61.25 -93.89 -140.13
CA THR P 59 62.34 -93.61 -141.05
C THR P 59 62.43 -92.11 -141.29
N PRO P 60 63.63 -91.61 -141.58
CA PRO P 60 63.80 -90.17 -141.84
C PRO P 60 63.60 -89.83 -143.32
N TYR P 61 62.41 -90.16 -143.84
CA TYR P 61 62.10 -89.93 -145.24
C TYR P 61 60.68 -89.40 -145.37
N THR P 62 60.49 -88.58 -146.41
CA THR P 62 59.17 -88.15 -146.84
C THR P 62 58.86 -88.74 -148.21
N LEU P 63 57.62 -88.56 -148.64
CA LEU P 63 57.21 -89.13 -149.92
C LEU P 63 58.00 -88.53 -151.08
N ASN P 64 58.20 -87.22 -151.07
CA ASN P 64 58.93 -86.56 -152.15
C ASN P 64 60.38 -87.00 -152.19
N ASP P 65 60.99 -87.23 -151.02
CA ASP P 65 62.37 -87.72 -151.00
C ASP P 65 62.44 -89.16 -151.49
N ILE P 66 61.50 -90.00 -151.08
CA ILE P 66 61.56 -91.41 -151.46
C ILE P 66 61.22 -91.60 -152.93
N LEU P 67 60.47 -90.67 -153.52
CA LEU P 67 60.03 -90.79 -154.90
C LEU P 67 60.89 -89.95 -155.83
N ASP P 68 61.21 -90.51 -156.99
CA ASP P 68 61.89 -89.73 -158.02
C ASP P 68 61.03 -88.57 -158.49
N GLU P 69 59.73 -88.80 -158.68
CA GLU P 69 58.83 -87.76 -159.12
C GLU P 69 58.11 -87.16 -157.92
N PRO P 70 58.18 -85.85 -157.70
CA PRO P 70 57.52 -85.25 -156.53
C PRO P 70 56.01 -85.26 -156.67
N CYS P 71 55.35 -85.13 -155.52
CA CYS P 71 53.91 -85.09 -155.40
C CYS P 71 53.51 -83.87 -154.58
N PRO P 72 52.30 -83.36 -154.76
CA PRO P 72 51.83 -82.26 -153.90
C PRO P 72 51.81 -82.69 -152.44
N ASN P 73 52.13 -81.76 -151.55
CA ASN P 73 52.31 -82.07 -150.15
C ASN P 73 51.62 -81.10 -149.21
N GLN P 74 50.71 -80.26 -149.71
CA GLN P 74 50.02 -79.31 -148.84
C GLN P 74 49.14 -80.04 -147.83
N LEU P 75 49.01 -79.45 -146.65
CA LEU P 75 48.28 -80.06 -145.54
C LEU P 75 47.18 -79.13 -145.04
N LYS P 76 46.32 -79.68 -144.20
CA LYS P 76 45.26 -78.92 -143.55
C LYS P 76 44.92 -79.59 -142.24
N SER P 77 44.42 -78.79 -141.29
CA SER P 77 44.12 -79.28 -139.95
C SER P 77 42.73 -78.82 -139.54
N SER P 78 42.09 -79.65 -138.71
CA SER P 78 40.75 -79.35 -138.21
C SER P 78 40.56 -80.03 -136.87
N ASP P 79 39.65 -79.48 -136.06
CA ASP P 79 39.44 -80.01 -134.72
C ASP P 79 38.89 -81.42 -134.75
N LEU P 80 39.31 -82.22 -133.77
CA LEU P 80 38.87 -83.61 -133.66
C LEU P 80 38.09 -83.88 -132.38
N VAL P 81 38.65 -83.54 -131.22
CA VAL P 81 38.00 -83.79 -129.93
C VAL P 81 38.54 -82.78 -128.93
N THR P 82 37.80 -82.57 -127.85
CA THR P 82 38.15 -81.57 -126.84
C THR P 82 37.88 -82.16 -125.46
N PHE P 83 38.94 -82.33 -124.66
CA PHE P 83 38.82 -82.80 -123.29
C PHE P 83 38.62 -81.58 -122.39
N THR P 84 37.37 -81.33 -122.01
CA THR P 84 37.06 -80.12 -121.23
C THR P 84 37.69 -80.17 -119.85
N GLU P 85 37.73 -81.35 -119.23
CA GLU P 85 38.29 -81.48 -117.90
C GLU P 85 39.34 -82.58 -117.87
N PRO P 86 40.32 -82.49 -116.98
CA PRO P 86 41.40 -83.48 -116.96
C PRO P 86 40.88 -84.87 -116.61
N LEU P 87 41.48 -85.87 -117.24
CA LEU P 87 41.25 -87.26 -116.87
C LEU P 87 41.94 -87.53 -115.54
N VAL P 88 41.16 -87.89 -114.52
CA VAL P 88 41.65 -88.07 -113.16
C VAL P 88 41.42 -89.52 -112.76
N SER P 89 42.46 -90.15 -112.21
CA SER P 89 42.38 -91.53 -111.75
C SER P 89 42.97 -91.65 -110.36
N ASN P 90 42.29 -92.41 -109.49
CA ASN P 90 42.73 -92.65 -108.14
C ASN P 90 42.64 -94.14 -107.84
N VAL P 91 43.70 -94.68 -107.24
CA VAL P 91 43.73 -96.07 -106.78
C VAL P 91 44.25 -96.06 -105.35
N LYS P 92 43.58 -96.79 -104.47
CA LYS P 92 43.98 -96.85 -103.07
C LYS P 92 43.78 -98.27 -102.57
N ALA P 93 44.87 -98.95 -102.24
CA ALA P 93 44.83 -100.32 -101.76
C ALA P 93 45.46 -100.40 -100.38
N SER P 94 44.95 -101.32 -99.56
CA SER P 94 45.49 -101.53 -98.23
C SER P 94 45.17 -102.96 -97.81
N SER P 95 46.18 -103.68 -97.32
CA SER P 95 46.01 -105.08 -96.96
C SER P 95 46.83 -105.39 -95.72
N SER P 96 46.42 -106.43 -95.01
CA SER P 96 47.13 -106.89 -93.81
C SER P 96 46.99 -108.40 -93.71
N ILE P 97 48.08 -109.05 -93.29
CA ILE P 97 48.14 -110.50 -93.16
C ILE P 97 48.67 -110.84 -91.76
N GLY P 98 48.02 -111.80 -91.11
CA GLY P 98 48.49 -112.27 -89.82
C GLY P 98 48.52 -113.78 -89.73
N LEU P 99 49.70 -114.35 -89.50
CA LEU P 99 49.88 -115.80 -89.43
C LEU P 99 50.39 -116.16 -88.05
N GLN P 100 49.80 -117.20 -87.45
CA GLN P 100 50.24 -117.69 -86.16
C GLN P 100 50.30 -119.21 -86.19
N ILE P 101 51.42 -119.77 -85.76
CA ILE P 101 51.58 -121.21 -85.61
C ILE P 101 51.85 -121.46 -84.13
N LEU P 102 50.82 -121.88 -83.41
CA LEU P 102 50.88 -122.23 -81.98
C LEU P 102 51.45 -121.04 -81.22
N LYS P 103 52.40 -121.24 -80.32
CA LYS P 103 53.16 -120.15 -79.71
C LYS P 103 54.60 -120.13 -80.22
N HIS P 104 54.84 -120.71 -81.40
CA HIS P 104 56.17 -120.81 -81.98
C HIS P 104 56.41 -119.84 -83.13
N PHE P 105 55.39 -119.52 -83.92
CA PHE P 105 55.57 -118.60 -85.04
C PHE P 105 54.48 -117.54 -84.99
N ASP P 106 54.86 -116.29 -85.24
CA ASP P 106 53.87 -115.19 -85.26
C ASP P 106 54.38 -114.10 -86.19
N SER P 107 53.75 -113.97 -87.35
CA SER P 107 54.14 -112.97 -88.34
C SER P 107 52.97 -112.04 -88.63
N GLY P 108 53.25 -110.75 -88.70
CA GLY P 108 52.25 -109.77 -89.07
C GLY P 108 52.77 -108.80 -90.12
N ALA P 109 52.16 -108.78 -91.29
CA ALA P 109 52.58 -107.92 -92.37
C ALA P 109 51.42 -107.01 -92.78
N LYS P 110 51.76 -105.87 -93.36
CA LYS P 110 50.74 -104.95 -93.85
C LYS P 110 51.33 -104.07 -94.93
N GLY P 111 50.50 -103.67 -95.87
CA GLY P 111 50.94 -102.84 -96.97
C GLY P 111 49.85 -101.89 -97.39
N SER P 112 50.25 -100.78 -97.98
CA SER P 112 49.30 -99.79 -98.48
C SER P 112 49.91 -99.08 -99.69
N LYS P 113 49.04 -98.61 -100.57
CA LYS P 113 49.46 -97.95 -101.79
C LYS P 113 48.41 -96.93 -102.20
N ASN P 114 48.87 -95.75 -102.62
CA ASN P 114 48.01 -94.67 -103.09
C ASN P 114 48.60 -94.10 -104.36
N PHE P 115 47.84 -94.17 -105.45
CA PHE P 115 48.30 -93.80 -106.78
C PHE P 115 47.32 -92.82 -107.39
N ILE P 116 47.81 -91.66 -107.84
CA ILE P 116 46.97 -90.61 -108.39
C ILE P 116 47.54 -90.16 -109.73
N THR P 117 46.66 -90.02 -110.72
CA THR P 117 47.06 -89.62 -112.06
C THR P 117 46.13 -88.54 -112.58
N SER P 118 46.67 -87.56 -113.30
CA SER P 118 45.89 -86.51 -113.92
C SER P 118 46.50 -86.16 -115.27
N ALA P 119 45.66 -86.15 -116.31
CA ALA P 119 46.11 -85.81 -117.65
C ALA P 119 45.20 -84.74 -118.24
N SER P 120 45.79 -83.64 -118.68
CA SER P 120 45.06 -82.53 -119.29
C SER P 120 45.59 -82.36 -120.71
N LEU P 121 44.84 -82.86 -121.69
CA LEU P 121 45.24 -82.80 -123.09
C LEU P 121 44.65 -81.62 -123.83
N GLY P 122 43.74 -80.87 -123.22
CA GLY P 122 43.18 -79.71 -123.89
C GLY P 122 42.41 -80.09 -125.14
N THR P 123 42.79 -79.49 -126.26
CA THR P 123 42.16 -79.72 -127.54
C THR P 123 43.10 -80.52 -128.44
N VAL P 124 42.56 -81.51 -129.14
CA VAL P 124 43.31 -82.34 -130.07
C VAL P 124 42.78 -82.07 -131.47
N VAL P 125 43.69 -81.77 -132.40
CA VAL P 125 43.33 -81.53 -133.79
C VAL P 125 43.89 -82.66 -134.65
N LYS P 126 43.40 -82.74 -135.87
CA LYS P 126 43.84 -83.73 -136.84
C LYS P 126 44.37 -83.01 -138.07
N ALA P 127 45.55 -83.44 -138.53
CA ALA P 127 46.21 -82.87 -139.69
C ALA P 127 46.35 -83.94 -140.76
N GLU P 128 46.06 -83.56 -142.00
CA GLU P 128 46.05 -84.49 -143.12
C GLU P 128 46.19 -83.71 -144.41
N THR P 129 46.56 -84.43 -145.47
CA THR P 129 46.71 -83.83 -146.78
C THR P 129 45.38 -83.22 -147.25
N ILE P 130 45.47 -82.10 -147.95
CA ILE P 130 44.26 -81.44 -148.45
C ILE P 130 43.53 -82.35 -149.43
N ASP P 131 44.26 -82.99 -150.34
CA ASP P 131 43.68 -83.92 -151.30
C ASP P 131 44.55 -85.17 -151.33
N ILE P 132 43.95 -86.30 -150.93
CA ILE P 132 44.70 -87.56 -150.91
C ILE P 132 44.61 -88.28 -152.25
N THR P 133 43.54 -88.06 -153.01
CA THR P 133 43.40 -88.73 -154.30
C THR P 133 44.51 -88.35 -155.26
N LYS P 134 44.88 -87.06 -155.30
CA LYS P 134 45.97 -86.63 -156.17
C LYS P 134 47.29 -87.26 -155.74
N VAL P 135 47.54 -87.32 -154.44
CA VAL P 135 48.76 -87.93 -153.93
C VAL P 135 48.82 -89.39 -154.32
N LEU P 136 47.70 -90.09 -154.17
CA LEU P 136 47.66 -91.51 -154.53
C LEU P 136 47.90 -91.70 -156.02
N ALA P 137 47.27 -90.87 -156.86
CA ALA P 137 47.46 -91.00 -158.30
C ALA P 137 48.92 -90.79 -158.68
N LYS P 138 49.53 -89.72 -158.15
CA LYS P 138 50.92 -89.44 -158.45
C LYS P 138 51.85 -90.55 -157.96
N VAL P 139 51.56 -91.10 -156.77
CA VAL P 139 52.36 -92.22 -156.26
C VAL P 139 52.29 -93.39 -157.23
N ARG P 140 51.07 -93.74 -157.65
CA ARG P 140 50.90 -94.87 -158.55
C ARG P 140 51.61 -94.65 -159.87
N THR P 141 51.64 -93.41 -160.36
CA THR P 141 52.30 -93.12 -161.63
C THR P 141 53.77 -92.74 -161.47
N ALA P 142 54.31 -92.73 -160.25
CA ALA P 142 55.66 -92.29 -160.00
C ALA P 142 56.54 -93.45 -159.57
N LYS P 143 57.83 -93.39 -159.91
CA LYS P 143 58.80 -94.40 -159.53
C LYS P 143 59.63 -93.95 -158.34
N ALA P 144 60.03 -94.91 -157.52
CA ALA P 144 60.83 -94.62 -156.33
C ALA P 144 62.26 -94.24 -156.73
N LYS P 145 63.01 -93.74 -155.74
CA LYS P 145 64.38 -93.32 -155.97
C LYS P 145 65.30 -94.54 -156.08
N VAL P 146 65.96 -94.67 -157.22
CA VAL P 146 66.87 -95.80 -157.43
C VAL P 146 68.04 -95.74 -156.45
N GLU P 147 68.54 -94.53 -156.18
CA GLU P 147 69.65 -94.38 -155.25
C GLU P 147 69.30 -94.86 -153.85
N ASN P 148 68.06 -94.67 -153.41
CA ASN P 148 67.68 -95.02 -152.05
C ASN P 148 67.90 -96.49 -151.77
N ASP P 149 68.49 -96.78 -150.61
CA ASP P 149 68.79 -98.14 -150.19
C ASP P 149 67.62 -98.81 -149.46
N LEU P 150 66.87 -98.03 -148.69
CA LEU P 150 65.73 -98.56 -147.95
C LEU P 150 64.72 -99.23 -148.88
N VAL P 151 64.41 -98.56 -149.99
CA VAL P 151 63.45 -99.13 -150.95
C VAL P 151 63.94 -100.47 -151.47
N SER P 152 65.23 -100.54 -151.84
CA SER P 152 65.79 -101.79 -152.34
C SER P 152 65.73 -102.88 -151.28
N ARG P 153 66.06 -102.53 -150.04
CA ARG P 153 65.98 -103.50 -148.95
C ARG P 153 64.57 -104.06 -148.81
N VAL P 154 63.57 -103.17 -148.79
CA VAL P 154 62.18 -103.60 -148.65
C VAL P 154 61.75 -104.43 -149.85
N MET P 155 62.24 -104.09 -151.04
CA MET P 155 61.90 -104.85 -152.24
C MET P 155 62.46 -106.27 -152.16
N LYS P 156 63.72 -106.41 -151.75
CA LYS P 156 64.32 -107.73 -151.73
C LYS P 156 63.78 -108.58 -150.58
N THR P 157 63.47 -107.96 -149.44
CA THR P 157 62.93 -108.72 -148.32
C THR P 157 61.42 -108.90 -148.50
N LYS P 158 60.90 -109.96 -147.89
CA LYS P 158 59.49 -110.28 -147.96
C LYS P 158 58.70 -109.86 -146.73
N ARG P 159 59.34 -109.82 -145.56
CA ARG P 159 58.63 -109.41 -144.36
C ARG P 159 58.37 -107.91 -144.34
N LEU P 160 59.35 -107.11 -144.77
CA LEU P 160 59.24 -105.67 -144.69
C LEU P 160 58.18 -105.13 -145.65
N CYS P 161 57.42 -104.14 -145.19
CA CYS P 161 56.45 -103.45 -146.01
C CYS P 161 56.57 -101.95 -145.76
N LEU P 162 56.16 -101.16 -146.75
CA LEU P 162 56.22 -99.71 -146.64
C LEU P 162 54.83 -99.14 -146.36
N GLY P 163 54.79 -98.09 -145.56
CA GLY P 163 53.54 -97.43 -145.25
C GLY P 163 53.64 -95.92 -145.25
N LEU P 164 52.67 -95.25 -145.87
CA LEU P 164 52.62 -93.80 -145.96
C LEU P 164 51.63 -93.29 -144.93
N VAL P 165 52.08 -92.41 -144.04
CA VAL P 165 51.21 -91.84 -143.02
C VAL P 165 50.33 -90.76 -143.64
N VAL P 166 49.04 -90.83 -143.36
CA VAL P 166 48.08 -89.95 -144.03
C VAL P 166 47.33 -89.03 -143.09
N GLU P 167 47.27 -89.31 -141.79
CA GLU P 167 46.60 -88.42 -140.85
C GLU P 167 47.24 -88.55 -139.49
N THR P 168 47.29 -87.43 -138.76
CA THR P 168 47.96 -87.40 -137.47
C THR P 168 47.16 -86.56 -136.48
N ALA P 169 47.07 -87.03 -135.25
CA ALA P 169 46.39 -86.30 -134.18
C ALA P 169 47.43 -85.62 -133.30
N CYS P 170 47.30 -84.30 -133.14
CA CYS P 170 48.28 -83.49 -132.43
C CYS P 170 47.57 -82.56 -131.45
N VAL P 171 48.21 -82.30 -130.32
CA VAL P 171 47.65 -81.40 -129.32
C VAL P 171 47.80 -79.96 -129.79
N ALA P 172 46.71 -79.20 -129.72
CA ALA P 172 46.77 -77.80 -130.14
C ALA P 172 47.57 -76.95 -129.18
N ALA P 173 47.43 -77.20 -127.88
CA ALA P 173 48.11 -76.43 -126.85
C ALA P 173 48.91 -77.37 -125.96
N ALA P 174 49.57 -76.79 -124.96
CA ALA P 174 50.41 -77.57 -124.07
C ALA P 174 49.57 -78.55 -123.25
N GLY P 175 50.10 -79.75 -123.06
CA GLY P 175 49.41 -80.80 -122.31
C GLY P 175 50.16 -81.12 -121.03
N LYS P 176 49.43 -81.28 -119.94
CA LYS P 176 50.01 -81.47 -118.62
C LYS P 176 49.73 -82.87 -118.09
N LEU P 177 50.78 -83.56 -117.65
CA LEU P 177 50.66 -84.90 -117.11
C LEU P 177 51.28 -84.95 -115.72
N THR P 178 50.47 -85.35 -114.72
CA THR P 178 50.91 -85.38 -113.33
C THR P 178 50.64 -86.75 -112.73
N GLU P 179 51.58 -87.26 -111.95
CA GLU P 179 51.48 -88.56 -111.30
C GLU P 179 52.06 -88.48 -109.90
N ALA P 180 51.36 -89.10 -108.95
CA ALA P 180 51.81 -89.16 -107.56
C ALA P 180 51.66 -90.58 -107.03
N ASP P 181 52.69 -91.06 -106.33
CA ASP P 181 52.72 -92.41 -105.81
C ASP P 181 53.18 -92.38 -104.36
N ASN P 182 52.49 -93.10 -103.48
CA ASN P 182 52.89 -93.22 -102.08
C ASN P 182 52.57 -94.62 -101.62
N TRP P 183 53.58 -95.44 -101.35
CA TRP P 183 53.31 -96.79 -100.88
C TRP P 183 54.20 -97.14 -99.70
N GLU P 184 53.72 -98.07 -98.88
CA GLU P 184 54.34 -98.36 -97.59
C GLU P 184 54.18 -99.84 -97.26
N ILE P 185 55.21 -100.42 -96.66
CA ILE P 185 55.23 -101.81 -96.24
C ILE P 185 55.74 -101.86 -94.79
N SER P 186 55.03 -102.60 -93.94
CA SER P 186 55.45 -102.81 -92.56
C SER P 186 55.29 -104.28 -92.20
N GLY P 187 56.39 -104.94 -91.87
CA GLY P 187 56.36 -106.35 -91.56
C GLY P 187 57.05 -106.64 -90.24
N HIS P 188 56.59 -107.71 -89.59
CA HIS P 188 57.11 -108.13 -88.29
C HIS P 188 57.07 -109.65 -88.21
N THR P 189 58.12 -110.23 -87.62
CA THR P 189 58.26 -111.68 -87.51
C THR P 189 58.75 -112.02 -86.11
N ASN P 190 58.15 -113.03 -85.50
CA ASN P 190 58.54 -113.50 -84.17
C ASN P 190 58.60 -115.02 -84.21
N ALA P 191 59.80 -115.56 -84.12
CA ALA P 191 60.04 -117.00 -84.08
C ALA P 191 60.49 -117.34 -82.65
N ASN P 192 59.59 -117.94 -81.88
CA ASN P 192 59.88 -118.34 -80.51
C ASN P 192 60.12 -119.84 -80.47
N ILE P 193 61.29 -120.23 -79.97
CA ILE P 193 61.66 -121.63 -79.81
C ILE P 193 62.12 -121.82 -78.38
N GLY P 194 62.17 -123.08 -77.94
CA GLY P 194 62.54 -123.38 -76.57
C GLY P 194 63.88 -122.81 -76.16
N GLU P 195 64.84 -122.76 -77.09
CA GLU P 195 66.17 -122.24 -76.81
C GLU P 195 66.55 -121.07 -77.71
N ALA P 196 65.61 -120.53 -78.48
CA ALA P 196 65.92 -119.42 -79.38
C ALA P 196 64.71 -118.52 -79.51
N VAL P 197 64.95 -117.20 -79.51
CA VAL P 197 63.91 -116.20 -79.72
C VAL P 197 64.43 -115.21 -80.75
N VAL P 198 63.70 -115.05 -81.85
CA VAL P 198 64.06 -114.12 -82.91
C VAL P 198 62.90 -113.15 -83.12
N THR P 199 63.19 -111.86 -83.13
CA THR P 199 62.19 -110.81 -83.32
C THR P 199 62.71 -109.83 -84.36
N ALA P 200 62.15 -109.86 -85.56
CA ALA P 200 62.56 -109.00 -86.65
C ALA P 200 61.42 -108.06 -87.03
N THR P 201 61.79 -106.87 -87.48
CA THR P 201 60.82 -105.85 -87.87
C THR P 201 61.41 -105.02 -89.01
N ALA P 202 60.59 -104.67 -89.99
CA ALA P 202 61.06 -103.88 -91.12
C ALA P 202 59.94 -102.96 -91.61
N GLU P 203 60.24 -101.67 -91.71
CA GLU P 203 59.29 -100.68 -92.21
C GLU P 203 59.94 -99.87 -93.32
N LEU P 204 59.20 -99.64 -94.40
CA LEU P 204 59.70 -98.76 -95.45
C LEU P 204 58.52 -98.11 -96.16
N ASP P 205 58.80 -96.99 -96.83
CA ASP P 205 57.78 -96.27 -97.57
C ASP P 205 58.44 -95.39 -98.61
N LYS P 206 57.88 -95.38 -99.81
CA LYS P 206 58.41 -94.62 -100.93
C LYS P 206 57.36 -93.64 -101.44
N ASN P 207 57.80 -92.43 -101.75
CA ASN P 207 56.95 -91.38 -102.28
C ASN P 207 57.59 -90.81 -103.54
N LEU P 208 56.82 -90.72 -104.62
CA LEU P 208 57.28 -90.19 -105.90
C LEU P 208 56.25 -89.23 -106.47
N SER P 209 56.72 -88.28 -107.26
CA SER P 209 55.83 -87.34 -107.94
C SER P 209 56.51 -86.86 -109.22
N ARG P 210 55.84 -87.03 -110.35
CA ARG P 210 56.38 -86.65 -111.65
C ARG P 210 55.36 -85.78 -112.37
N LYS P 211 55.79 -84.60 -112.84
CA LYS P 211 54.92 -83.67 -113.54
C LYS P 211 55.64 -83.14 -114.76
N ILE P 212 55.04 -83.35 -115.95
CA ILE P 212 55.64 -82.92 -117.21
C ILE P 212 54.59 -82.19 -118.03
N GLU P 213 55.08 -81.51 -119.08
CA GLU P 213 54.22 -80.71 -119.95
C GLU P 213 54.73 -80.84 -121.38
N ILE P 214 53.98 -81.56 -122.21
CA ILE P 214 54.32 -81.67 -123.63
C ILE P 214 53.93 -80.39 -124.36
N PRO P 215 54.74 -79.93 -125.30
CA PRO P 215 54.48 -78.65 -125.96
C PRO P 215 53.45 -78.82 -127.08
N PRO P 216 52.89 -77.72 -127.58
CA PRO P 216 51.94 -77.81 -128.70
C PRO P 216 52.60 -78.42 -129.93
N GLY P 217 51.80 -79.20 -130.67
CA GLY P 217 52.24 -79.85 -131.88
C GLY P 217 52.70 -81.27 -131.71
N THR P 218 52.80 -81.77 -130.48
CA THR P 218 53.24 -83.14 -130.26
C THR P 218 52.22 -84.12 -130.82
N ALA P 219 52.68 -85.07 -131.62
CA ALA P 219 51.79 -86.05 -132.21
C ALA P 219 51.38 -87.09 -131.18
N LEU P 220 50.14 -87.57 -131.29
CA LEU P 220 49.61 -88.59 -130.40
C LEU P 220 49.32 -89.91 -131.07
N ALA P 221 48.75 -89.90 -132.27
CA ALA P 221 48.38 -91.12 -132.96
C ALA P 221 48.34 -90.85 -134.46
N TYR P 222 48.32 -91.93 -135.23
CA TYR P 222 48.41 -91.80 -136.68
C TYR P 222 47.76 -93.00 -137.35
N SER P 223 47.48 -92.85 -138.64
CA SER P 223 47.01 -93.94 -139.49
C SER P 223 47.77 -93.90 -140.80
N PHE P 224 47.97 -95.07 -141.40
CA PHE P 224 48.82 -95.16 -142.59
C PHE P 224 48.21 -96.11 -143.60
N MET P 225 48.65 -95.97 -144.84
CA MET P 225 48.24 -96.80 -145.96
C MET P 225 49.43 -97.59 -146.49
N ASP P 226 49.20 -98.85 -146.83
CA ASP P 226 50.29 -99.72 -147.26
C ASP P 226 50.70 -99.42 -148.69
N LEU P 227 51.92 -99.84 -149.04
CA LEU P 227 52.48 -99.67 -150.38
C LEU P 227 53.16 -100.97 -150.80
N GLU P 228 53.52 -101.02 -152.08
CA GLU P 228 54.16 -102.20 -152.65
C GLU P 228 55.11 -101.77 -153.76
N ILE P 229 56.35 -102.21 -153.67
CA ILE P 229 57.36 -101.92 -154.69
C ILE P 229 57.20 -102.91 -155.84
N LEU P 230 57.03 -102.39 -157.05
CA LEU P 230 57.02 -103.25 -158.23
C LEU P 230 58.42 -103.78 -158.51
N GLU P 231 58.54 -104.61 -159.55
CA GLU P 231 59.85 -105.04 -160.01
C GLU P 231 60.73 -103.84 -160.31
N ASP P 232 60.19 -102.86 -161.02
CA ASP P 232 60.87 -101.59 -161.24
C ASP P 232 60.76 -100.72 -159.99
N ARG P 233 61.25 -99.49 -160.09
CA ARG P 233 61.11 -98.53 -158.99
C ARG P 233 59.67 -98.06 -158.79
N SER P 234 58.76 -98.44 -159.67
CA SER P 234 57.36 -98.03 -159.55
C SER P 234 56.76 -98.51 -158.24
N LEU P 235 55.82 -97.71 -157.72
CA LEU P 235 55.14 -98.01 -156.47
C LEU P 235 53.64 -98.17 -156.74
N ARG P 236 53.02 -99.06 -155.96
CA ARG P 236 51.58 -99.30 -156.06
C ARG P 236 50.98 -99.29 -154.67
N VAL P 237 49.68 -99.06 -154.60
CA VAL P 237 48.97 -99.07 -153.32
C VAL P 237 48.26 -100.40 -153.17
N SER P 238 48.24 -100.93 -151.96
CA SER P 238 47.67 -102.23 -151.67
C SER P 238 46.60 -102.12 -150.60
N SER P 239 45.51 -102.86 -150.77
CA SER P 239 44.38 -102.82 -149.85
C SER P 239 44.04 -104.23 -149.41
N SER P 240 44.17 -104.50 -148.11
CA SER P 240 43.74 -105.76 -147.53
C SER P 240 42.23 -105.74 -147.37
N ALA P 241 41.53 -106.49 -148.21
CA ALA P 241 40.06 -106.51 -148.24
C ALA P 241 39.50 -105.11 -148.48
N GLY P 242 40.22 -104.28 -149.23
CA GLY P 242 39.77 -102.95 -149.55
C GLY P 242 39.79 -101.97 -148.40
N ALA P 243 40.56 -102.26 -147.34
CA ALA P 243 40.59 -101.37 -146.18
C ALA P 243 41.23 -100.03 -146.53
N MET P 244 42.43 -100.06 -147.12
CA MET P 244 43.21 -98.87 -147.44
C MET P 244 43.48 -98.00 -146.21
N PHE P 245 43.33 -98.57 -145.01
CA PHE P 245 43.62 -97.85 -143.77
C PHE P 245 44.11 -98.88 -142.76
N ASP P 246 45.42 -98.96 -142.59
CA ASP P 246 46.02 -99.97 -141.73
C ASP P 246 46.31 -99.38 -140.36
N SER P 247 45.88 -100.07 -139.31
CA SER P 247 46.09 -99.64 -137.94
C SER P 247 47.11 -100.51 -137.21
N GLY P 248 47.93 -101.25 -137.96
CA GLY P 248 48.89 -102.14 -137.33
C GLY P 248 48.23 -103.25 -136.54
N LYS P 249 47.12 -103.79 -137.05
CA LYS P 249 46.37 -104.83 -136.35
C LYS P 249 46.66 -106.19 -136.99
N ALA P 250 46.55 -107.24 -136.17
CA ALA P 250 46.74 -108.59 -136.66
C ALA P 250 45.61 -108.97 -137.61
N GLU P 251 45.94 -109.86 -138.56
CA GLU P 251 44.94 -110.28 -139.54
C GLU P 251 43.77 -111.00 -138.88
N SER P 252 44.06 -111.85 -137.88
CA SER P 252 43.05 -112.60 -137.15
C SER P 252 42.16 -113.42 -138.07
CA ARG Q 3 32.46 -99.24 -123.68
C ARG Q 3 32.75 -97.75 -123.85
N PRO Q 4 33.26 -97.37 -125.02
CA PRO Q 4 33.55 -95.96 -125.27
C PRO Q 4 32.30 -95.10 -125.17
N MET Q 5 32.47 -93.89 -124.63
CA MET Q 5 31.34 -92.98 -124.47
C MET Q 5 30.74 -92.62 -125.83
N PHE Q 6 31.59 -92.41 -126.84
CA PHE Q 6 31.09 -92.08 -128.17
C PHE Q 6 30.22 -93.21 -128.71
N ALA Q 7 30.68 -94.46 -128.56
CA ALA Q 7 29.89 -95.59 -129.02
C ALA Q 7 28.57 -95.71 -128.26
N VAL Q 8 28.60 -95.49 -126.94
CA VAL Q 8 27.37 -95.55 -126.16
C VAL Q 8 26.39 -94.48 -126.61
N ALA Q 9 26.88 -93.25 -126.82
CA ALA Q 9 26.01 -92.18 -127.26
C ALA Q 9 25.45 -92.44 -128.65
N VAL Q 10 26.28 -93.01 -129.54
CA VAL Q 10 25.80 -93.34 -130.88
C VAL Q 10 24.70 -94.39 -130.80
N ASN Q 11 24.87 -95.40 -129.96
CA ASN Q 11 23.84 -96.42 -129.80
C ASN Q 11 22.56 -95.82 -129.23
N GLU Q 12 22.68 -94.94 -128.24
CA GLU Q 12 21.50 -94.29 -127.67
C GLU Q 12 20.76 -93.48 -128.73
N PHE Q 13 21.50 -92.71 -129.52
CA PHE Q 13 20.87 -91.90 -130.56
C PHE Q 13 20.19 -92.77 -131.61
N ILE Q 14 20.87 -93.82 -132.05
CA ILE Q 14 20.31 -94.66 -133.10
C ILE Q 14 19.10 -95.43 -132.60
N ARG Q 15 19.06 -95.77 -131.32
CA ARG Q 15 17.87 -96.39 -130.76
C ARG Q 15 16.73 -95.41 -130.66
N SER Q 16 16.99 -94.20 -130.14
CA SER Q 16 15.92 -93.22 -129.97
C SER Q 16 15.33 -92.81 -131.30
N ALA Q 17 16.18 -92.58 -132.31
CA ALA Q 17 15.74 -92.17 -133.63
C ALA Q 17 16.45 -93.02 -134.68
N GLY Q 18 15.68 -93.47 -135.68
CA GLY Q 18 16.26 -94.25 -136.76
C GLY Q 18 16.83 -95.58 -136.36
N GLN Q 19 16.08 -96.36 -135.58
CA GLN Q 19 16.55 -97.69 -135.19
C GLN Q 19 16.72 -98.59 -136.40
N ASP Q 20 15.98 -98.34 -137.46
CA ASP Q 20 16.11 -99.07 -138.72
C ASP Q 20 16.73 -98.16 -139.78
N SER Q 21 17.42 -98.79 -140.73
CA SER Q 21 18.05 -98.09 -141.85
C SER Q 21 19.04 -97.04 -141.37
N LEU Q 22 19.92 -97.44 -140.44
CA LEU Q 22 20.93 -96.53 -139.91
C LEU Q 22 22.08 -97.36 -139.35
N CYS Q 23 23.30 -96.93 -139.63
CA CYS Q 23 24.51 -97.63 -139.20
C CYS Q 23 25.31 -96.71 -138.29
N GLY Q 24 25.72 -97.24 -137.14
CA GLY Q 24 26.52 -96.46 -136.21
C GLY Q 24 27.91 -96.18 -136.75
N VAL Q 25 28.50 -95.10 -136.25
CA VAL Q 25 29.84 -94.69 -136.63
C VAL Q 25 30.85 -95.37 -135.70
N PRO Q 26 31.89 -96.01 -136.23
CA PRO Q 26 32.82 -96.75 -135.36
C PRO Q 26 33.56 -95.89 -134.37
N ASP Q 27 34.07 -94.73 -134.79
CA ASP Q 27 34.85 -93.89 -133.88
C ASP Q 27 34.87 -92.47 -134.39
N ILE Q 28 35.28 -91.56 -133.50
CA ILE Q 28 35.30 -90.13 -133.82
C ILE Q 28 36.26 -89.85 -134.97
N ASN Q 29 37.42 -90.51 -134.96
CA ASN Q 29 38.42 -90.26 -135.99
C ASN Q 29 37.89 -90.60 -137.38
N SER Q 30 37.20 -91.74 -137.50
CA SER Q 30 36.68 -92.18 -138.78
C SER Q 30 35.27 -91.67 -139.05
N SER Q 31 34.71 -90.87 -138.16
CA SER Q 31 33.38 -90.30 -138.39
C SER Q 31 33.36 -89.44 -139.65
N GLY Q 32 34.44 -88.71 -139.92
CA GLY Q 32 34.45 -87.80 -141.06
C GLY Q 32 34.52 -88.48 -142.40
N ASP Q 33 34.75 -89.79 -142.45
CA ASP Q 33 34.84 -90.52 -143.70
C ASP Q 33 33.51 -91.09 -144.15
N PHE Q 34 32.42 -90.83 -143.42
CA PHE Q 34 31.10 -91.35 -143.74
C PHE Q 34 30.13 -90.23 -144.11
N MET Q 35 30.63 -89.18 -144.73
CA MET Q 35 29.79 -88.12 -145.25
C MET Q 35 29.12 -88.58 -146.54
N PRO Q 36 28.05 -87.90 -146.97
CA PRO Q 36 27.34 -88.32 -148.18
C PRO Q 36 28.26 -88.33 -149.40
N LEU Q 37 27.95 -89.24 -150.33
CA LEU Q 37 28.71 -89.42 -151.56
C LEU Q 37 30.13 -89.92 -151.27
N HIS Q 38 30.22 -90.92 -150.40
CA HIS Q 38 31.48 -91.59 -150.10
C HIS Q 38 31.34 -93.08 -150.39
N ILE Q 39 32.43 -93.68 -150.86
CA ILE Q 39 32.46 -95.10 -151.18
C ILE Q 39 32.94 -95.88 -149.97
N ILE Q 40 32.23 -96.98 -149.66
CA ILE Q 40 32.62 -97.88 -148.59
C ILE Q 40 32.60 -99.30 -149.13
N VAL Q 41 33.31 -100.19 -148.43
CA VAL Q 41 33.43 -101.59 -148.83
C VAL Q 41 32.74 -102.45 -147.79
N LYS Q 42 31.94 -103.40 -148.26
CA LYS Q 42 31.20 -104.32 -147.39
C LYS Q 42 31.74 -105.73 -147.59
N GLU Q 43 32.05 -106.40 -146.48
CA GLU Q 43 32.58 -107.75 -146.48
C GLU Q 43 31.60 -108.67 -145.79
N VAL Q 44 31.28 -109.79 -146.43
CA VAL Q 44 30.31 -110.75 -145.91
C VAL Q 44 30.93 -111.50 -144.72
N PRO Q 45 30.12 -112.00 -143.78
CA PRO Q 45 30.69 -112.73 -142.64
C PRO Q 45 31.48 -113.96 -143.02
N LYS Q 46 31.07 -114.66 -144.09
CA LYS Q 46 31.69 -115.88 -144.61
C LYS Q 46 31.50 -117.08 -143.69
N VAL Q 47 30.87 -116.91 -142.53
CA VAL Q 47 30.62 -118.03 -141.62
C VAL Q 47 29.12 -118.21 -141.47
N LEU Q 48 28.44 -117.18 -140.99
CA LEU Q 48 26.99 -117.18 -140.84
C LEU Q 48 26.46 -115.89 -141.47
N PRO Q 49 26.42 -115.83 -142.82
CA PRO Q 49 26.01 -114.58 -143.46
C PRO Q 49 24.61 -114.14 -143.09
N CYS Q 50 23.68 -115.07 -142.89
CA CYS Q 50 22.32 -114.72 -142.53
C CYS Q 50 22.15 -114.47 -141.04
N CYS Q 51 23.16 -114.77 -140.22
CA CYS Q 51 23.06 -114.60 -138.78
C CYS Q 51 23.98 -113.51 -138.24
N ARG Q 52 24.95 -113.05 -139.00
CA ARG Q 52 25.92 -112.07 -138.54
C ARG Q 52 25.91 -110.87 -139.48
N ARG Q 53 25.99 -109.66 -138.91
CA ARG Q 53 26.03 -108.46 -139.72
C ARG Q 53 27.38 -108.33 -140.41
N PRO Q 54 27.41 -107.78 -141.62
CA PRO Q 54 28.68 -107.70 -142.37
C PRO Q 54 29.65 -106.69 -141.79
N LYS Q 55 30.83 -106.58 -142.39
CA LYS Q 55 31.88 -105.68 -141.93
C LYS Q 55 32.02 -104.52 -142.91
N ILE Q 56 32.06 -103.31 -142.39
CA ILE Q 56 32.08 -102.09 -143.21
C ILE Q 56 33.45 -101.44 -143.08
N LYS Q 57 34.07 -101.14 -144.21
CA LYS Q 57 35.41 -100.56 -144.28
C LYS Q 57 35.32 -99.23 -145.01
N ARG Q 58 35.91 -98.20 -144.41
CA ARG Q 58 35.95 -96.88 -145.03
C ARG Q 58 37.06 -96.81 -146.07
N THR Q 59 36.85 -95.96 -147.07
CA THR Q 59 37.82 -95.75 -148.13
C THR Q 59 37.98 -94.26 -148.37
N PRO Q 60 39.17 -93.82 -148.80
CA PRO Q 60 39.39 -92.40 -149.09
C PRO Q 60 39.02 -92.03 -150.53
N TYR Q 61 37.77 -92.27 -150.89
CA TYR Q 61 37.29 -92.01 -152.24
C TYR Q 61 35.90 -91.39 -152.19
N THR Q 62 35.64 -90.54 -153.19
CA THR Q 62 34.30 -90.02 -153.44
C THR Q 62 33.80 -90.58 -154.76
N LEU Q 63 32.51 -90.32 -155.04
CA LEU Q 63 31.91 -90.85 -156.26
C LEU Q 63 32.59 -90.29 -157.50
N ASN Q 64 32.88 -88.98 -157.50
CA ASN Q 64 33.49 -88.36 -158.68
C ASN Q 64 34.90 -88.90 -158.91
N ASP Q 65 35.64 -89.18 -157.82
CA ASP Q 65 36.97 -89.75 -157.97
C ASP Q 65 36.90 -91.19 -158.48
N ILE Q 66 35.95 -91.98 -157.96
CA ILE Q 66 35.88 -93.38 -158.34
C ILE Q 66 35.34 -93.53 -159.76
N LEU Q 67 34.59 -92.55 -160.24
CA LEU Q 67 33.96 -92.62 -161.56
C LEU Q 67 34.76 -91.83 -162.59
N ASP Q 68 34.88 -92.40 -163.79
CA ASP Q 68 35.48 -91.65 -164.89
C ASP Q 68 34.65 -90.42 -165.24
N GLU Q 69 33.32 -90.57 -165.26
CA GLU Q 69 32.43 -89.47 -165.58
C GLU Q 69 31.92 -88.85 -164.29
N PRO Q 70 32.10 -87.54 -164.08
CA PRO Q 70 31.64 -86.92 -162.84
C PRO Q 70 30.12 -86.83 -162.78
N CYS Q 71 29.63 -86.67 -161.56
CA CYS Q 71 28.21 -86.54 -161.26
C CYS Q 71 28.00 -85.31 -160.39
N PRO Q 72 26.80 -84.72 -160.41
CA PRO Q 72 26.52 -83.60 -159.50
C PRO Q 72 26.66 -84.05 -158.05
N ASN Q 73 27.15 -83.15 -157.20
CA ASN Q 73 27.49 -83.49 -155.83
C ASN Q 73 26.98 -82.48 -154.81
N GLN Q 74 26.08 -81.59 -155.19
CA GLN Q 74 25.56 -80.61 -154.24
C GLN Q 74 24.78 -81.29 -153.12
N LEU Q 75 24.82 -80.70 -151.94
CA LEU Q 75 24.21 -81.28 -150.75
C LEU Q 75 23.25 -80.29 -150.12
N LYS Q 76 22.46 -80.79 -149.17
CA LYS Q 76 21.55 -79.97 -148.39
C LYS Q 76 21.33 -80.63 -147.03
N SER Q 77 21.02 -79.82 -146.04
CA SER Q 77 20.86 -80.30 -144.68
C SER Q 77 19.55 -79.76 -144.09
N SER Q 78 18.97 -80.55 -143.19
CA SER Q 78 17.73 -80.18 -142.52
C SER Q 78 17.67 -80.86 -141.17
N ASP Q 79 16.91 -80.27 -140.25
CA ASP Q 79 16.84 -80.79 -138.89
C ASP Q 79 16.19 -82.17 -138.85
N LEU Q 80 16.68 -83.00 -137.93
CA LEU Q 80 16.17 -84.36 -137.78
C LEU Q 80 15.55 -84.60 -136.42
N VAL Q 81 16.27 -84.31 -135.33
CA VAL Q 81 15.78 -84.52 -133.97
C VAL Q 81 16.50 -83.56 -133.04
N THR Q 82 15.93 -83.32 -131.88
CA THR Q 82 16.46 -82.36 -130.92
C THR Q 82 16.33 -82.95 -129.51
N PHE Q 83 17.47 -83.19 -128.86
CA PHE Q 83 17.49 -83.67 -127.48
C PHE Q 83 17.49 -82.45 -126.56
N THR Q 84 16.32 -82.12 -126.02
CA THR Q 84 16.19 -80.91 -125.21
C THR Q 84 16.99 -81.01 -123.91
N GLU Q 85 17.02 -82.20 -123.31
CA GLU Q 85 17.73 -82.38 -122.06
C GLU Q 85 18.71 -83.54 -122.18
N PRO Q 86 19.80 -83.52 -121.41
CA PRO Q 86 20.80 -84.58 -121.53
C PRO Q 86 20.24 -85.94 -121.13
N LEU Q 87 20.70 -86.97 -121.84
CA LEU Q 87 20.42 -88.35 -121.44
C LEU Q 87 21.26 -88.67 -120.21
N VAL Q 88 20.59 -89.00 -119.10
CA VAL Q 88 21.24 -89.23 -117.82
C VAL Q 88 20.97 -90.66 -117.40
N SER Q 89 22.02 -91.36 -116.98
CA SER Q 89 21.91 -92.74 -116.53
C SER Q 89 22.67 -92.91 -115.22
N ASN Q 90 22.05 -93.64 -114.28
CA ASN Q 90 22.65 -93.92 -112.98
C ASN Q 90 22.50 -95.41 -112.68
N VAL Q 91 23.59 -96.02 -112.22
CA VAL Q 91 23.59 -97.41 -111.78
C VAL Q 91 24.28 -97.46 -110.43
N LYS Q 92 23.69 -98.15 -109.47
CA LYS Q 92 24.25 -98.25 -108.13
C LYS Q 92 24.03 -99.66 -107.62
N ALA Q 93 25.11 -100.41 -107.43
CA ALA Q 93 25.05 -101.78 -106.96
C ALA Q 93 25.84 -101.92 -105.66
N SER Q 94 25.37 -102.81 -104.79
CA SER Q 94 26.06 -103.07 -103.54
C SER Q 94 25.71 -104.48 -103.08
N SER Q 95 26.72 -105.27 -102.74
CA SER Q 95 26.51 -106.66 -102.35
C SER Q 95 27.47 -107.04 -101.23
N SER Q 96 27.08 -108.06 -100.48
CA SER Q 96 27.89 -108.57 -99.38
C SER Q 96 27.68 -110.08 -99.28
N ILE Q 97 28.76 -110.79 -98.99
CA ILE Q 97 28.75 -112.25 -98.87
C ILE Q 97 29.42 -112.63 -97.56
N GLY Q 98 28.81 -113.56 -96.83
CA GLY Q 98 29.40 -114.07 -95.62
C GLY Q 98 29.35 -115.59 -95.54
N LEU Q 99 30.51 -116.23 -95.45
CA LEU Q 99 30.61 -117.69 -95.42
C LEU Q 99 31.26 -118.10 -94.11
N GLN Q 100 30.68 -119.10 -93.45
CA GLN Q 100 31.26 -119.64 -92.22
C GLN Q 100 31.20 -121.16 -92.27
N ILE Q 101 32.34 -121.79 -91.99
CA ILE Q 101 32.43 -123.25 -91.86
C ILE Q 101 32.87 -123.53 -90.43
N LEU Q 102 31.91 -123.88 -89.58
CA LEU Q 102 32.11 -124.25 -88.18
C LEU Q 102 32.86 -123.11 -87.49
N LYS Q 103 33.91 -123.38 -86.71
CA LYS Q 103 34.80 -122.36 -86.22
C LYS Q 103 36.16 -122.42 -86.90
N HIS Q 104 36.21 -123.00 -88.10
CA HIS Q 104 37.45 -123.18 -88.85
C HIS Q 104 37.61 -122.22 -90.01
N PHE Q 105 36.52 -121.82 -90.66
CA PHE Q 105 36.61 -120.90 -91.79
C PHE Q 105 35.61 -119.77 -91.60
N ASP Q 106 36.02 -118.54 -91.90
CA ASP Q 106 35.13 -117.39 -91.78
C ASP Q 106 35.58 -116.32 -92.77
N SER Q 107 34.81 -116.13 -93.84
CA SER Q 107 35.14 -115.15 -94.86
C SER Q 107 34.00 -114.15 -95.01
N GLY Q 108 34.35 -112.87 -95.10
CA GLY Q 108 33.38 -111.83 -95.34
C GLY Q 108 33.83 -110.88 -96.44
N ALA Q 109 33.08 -110.81 -97.53
CA ALA Q 109 33.41 -109.97 -98.66
C ALA Q 109 32.27 -108.98 -98.91
N LYS Q 110 32.60 -107.85 -99.52
CA LYS Q 110 31.59 -106.87 -99.88
C LYS Q 110 32.11 -106.02 -101.01
N GLY Q 111 31.18 -105.55 -101.84
CA GLY Q 111 31.54 -104.74 -102.99
C GLY Q 111 30.45 -103.71 -103.26
N SER Q 112 30.86 -102.62 -103.89
CA SER Q 112 29.92 -101.58 -104.26
C SER Q 112 30.41 -100.89 -105.54
N LYS Q 113 29.46 -100.35 -106.30
CA LYS Q 113 29.76 -99.71 -107.57
C LYS Q 113 28.74 -98.62 -107.83
N ASN Q 114 29.22 -97.47 -108.30
CA ASN Q 114 28.38 -96.33 -108.65
C ASN Q 114 28.84 -95.79 -110.00
N PHE Q 115 27.95 -95.80 -110.98
CA PHE Q 115 28.27 -95.44 -112.35
C PHE Q 115 27.27 -94.39 -112.83
N ILE Q 116 27.78 -93.26 -113.34
CA ILE Q 116 26.93 -92.15 -113.77
C ILE Q 116 27.36 -91.73 -115.17
N THR Q 117 26.38 -91.51 -116.03
CA THR Q 117 26.64 -91.12 -117.41
C THR Q 117 25.70 -89.98 -117.81
N SER Q 118 26.23 -89.03 -118.59
CA SER Q 118 25.43 -87.92 -119.10
C SER Q 118 25.89 -87.60 -120.52
N ALA Q 119 24.94 -87.52 -121.43
CA ALA Q 119 25.23 -87.20 -122.83
C ALA Q 119 24.32 -86.07 -123.29
N SER Q 120 24.92 -85.00 -123.81
CA SER Q 120 24.20 -83.84 -124.31
C SER Q 120 24.56 -83.69 -125.79
N LEU Q 121 23.65 -84.13 -126.66
CA LEU Q 121 23.87 -84.08 -128.10
C LEU Q 121 23.27 -82.85 -128.76
N GLY Q 122 22.49 -82.06 -128.03
CA GLY Q 122 21.93 -80.85 -128.62
C GLY Q 122 20.99 -81.17 -129.77
N THR Q 123 21.27 -80.59 -130.93
CA THR Q 123 20.46 -80.76 -132.12
C THR Q 123 21.22 -81.60 -133.13
N VAL Q 124 20.53 -82.55 -133.75
CA VAL Q 124 21.10 -83.41 -134.78
C VAL Q 124 20.43 -83.10 -136.10
N VAL Q 125 21.22 -82.85 -137.14
CA VAL Q 125 20.70 -82.57 -138.46
C VAL Q 125 21.08 -83.72 -139.39
N LYS Q 126 20.44 -83.76 -140.54
CA LYS Q 126 20.69 -84.76 -141.57
C LYS Q 126 21.11 -84.06 -142.85
N ALA Q 127 22.18 -84.56 -143.46
CA ALA Q 127 22.73 -84.02 -144.69
C ALA Q 127 22.66 -85.09 -145.77
N GLU Q 128 22.24 -84.67 -146.96
CA GLU Q 128 22.02 -85.58 -148.07
C GLU Q 128 22.05 -84.81 -149.38
N THR Q 129 22.24 -85.54 -150.47
CA THR Q 129 22.26 -84.92 -151.79
C THR Q 129 20.93 -84.23 -152.08
N ILE Q 130 21.00 -83.10 -152.78
CA ILE Q 130 19.78 -82.37 -153.13
C ILE Q 130 18.87 -83.22 -154.01
N ASP Q 131 19.44 -83.89 -155.00
CA ASP Q 131 18.69 -84.77 -155.88
C ASP Q 131 19.45 -86.07 -156.02
N ILE Q 132 18.84 -87.17 -155.56
CA ILE Q 132 19.50 -88.47 -155.64
C ILE Q 132 19.20 -89.17 -156.96
N THR Q 133 18.06 -88.88 -157.59
CA THR Q 133 17.71 -89.52 -158.84
C THR Q 133 18.71 -89.20 -159.93
N LYS Q 134 19.15 -87.94 -160.02
CA LYS Q 134 20.15 -87.56 -161.02
C LYS Q 134 21.47 -88.29 -160.76
N VAL Q 135 21.89 -88.37 -159.49
CA VAL Q 135 23.12 -89.06 -159.15
C VAL Q 135 23.03 -90.53 -159.56
N LEU Q 136 21.90 -91.16 -159.26
CA LEU Q 136 21.73 -92.56 -159.62
C LEU Q 136 21.76 -92.75 -161.13
N ALA Q 137 21.08 -91.88 -161.88
CA ALA Q 137 21.08 -91.99 -163.33
C ALA Q 137 22.49 -91.87 -163.89
N LYS Q 138 23.23 -90.85 -163.45
CA LYS Q 138 24.59 -90.66 -163.93
C LYS Q 138 25.49 -91.83 -163.55
N VAL Q 139 25.32 -92.38 -162.33
CA VAL Q 139 26.10 -93.55 -161.94
C VAL Q 139 25.84 -94.69 -162.89
N ARG Q 140 24.56 -94.97 -163.16
CA ARG Q 140 24.21 -96.08 -164.03
C ARG Q 140 24.76 -95.89 -165.44
N THR Q 141 24.80 -94.64 -165.91
CA THR Q 141 25.31 -94.38 -167.25
C THR Q 141 26.81 -94.09 -167.28
N ALA Q 142 27.49 -94.13 -166.15
CA ALA Q 142 28.91 -93.78 -166.07
C ALA Q 142 29.76 -95.01 -165.75
N LYS Q 143 30.98 -95.02 -166.26
CA LYS Q 143 31.92 -96.09 -166.01
C LYS Q 143 32.94 -95.71 -164.93
N ALA Q 144 33.37 -96.71 -164.17
CA ALA Q 144 34.33 -96.48 -163.10
C ALA Q 144 35.72 -96.19 -163.67
N LYS Q 145 36.61 -95.75 -162.78
CA LYS Q 145 37.98 -95.42 -163.18
C LYS Q 145 38.78 -96.69 -163.41
N VAL Q 146 39.29 -96.85 -164.64
CA VAL Q 146 40.10 -98.04 -164.96
C VAL Q 146 41.37 -98.05 -164.13
N GLU Q 147 41.98 -96.89 -163.93
CA GLU Q 147 43.21 -96.81 -163.15
C GLU Q 147 43.02 -97.29 -161.72
N ASN Q 148 41.85 -97.02 -161.12
CA ASN Q 148 41.62 -97.36 -159.72
C ASN Q 148 41.79 -98.85 -159.48
N ASP Q 149 42.50 -99.19 -158.39
CA ASP Q 149 42.76 -100.58 -158.03
C ASP Q 149 41.66 -101.17 -157.16
N LEU Q 150 41.06 -100.35 -156.29
CA LEU Q 150 39.99 -100.83 -155.42
C LEU Q 150 38.84 -101.41 -156.21
N VAL Q 151 38.41 -100.72 -157.28
CA VAL Q 151 37.31 -101.20 -158.11
C VAL Q 151 37.65 -102.57 -158.69
N SER Q 152 38.86 -102.72 -159.21
CA SER Q 152 39.27 -103.99 -159.79
C SER Q 152 39.29 -105.09 -158.74
N ARG Q 153 39.79 -104.78 -157.54
CA ARG Q 153 39.79 -105.75 -156.46
C ARG Q 153 38.37 -106.22 -156.15
N VAL Q 154 37.44 -105.27 -155.98
CA VAL Q 154 36.06 -105.61 -155.67
C VAL Q 154 35.42 -106.41 -156.81
N MET Q 155 35.78 -106.08 -158.06
CA MET Q 155 35.24 -106.81 -159.20
C MET Q 155 35.71 -108.26 -159.20
N LYS Q 156 37.01 -108.48 -158.95
CA LYS Q 156 37.53 -109.84 -159.02
C LYS Q 156 37.09 -110.67 -157.82
N THR Q 157 36.96 -110.05 -156.65
CA THR Q 157 36.51 -110.77 -155.47
C THR Q 157 34.99 -110.85 -155.45
N LYS Q 158 34.48 -111.89 -154.78
CA LYS Q 158 33.05 -112.12 -154.68
C LYS Q 158 32.45 -111.67 -153.35
N ARG Q 159 33.24 -111.67 -152.27
CA ARG Q 159 32.72 -111.24 -150.98
C ARG Q 159 32.56 -109.73 -150.93
N LEU Q 160 33.52 -108.99 -151.49
CA LEU Q 160 33.52 -107.54 -151.38
C LEU Q 160 32.39 -106.92 -152.20
N CYS Q 161 31.76 -105.90 -151.64
CA CYS Q 161 30.73 -105.13 -152.32
C CYS Q 161 30.97 -103.65 -152.09
N LEU Q 162 30.50 -102.82 -153.02
CA LEU Q 162 30.66 -101.37 -152.91
C LEU Q 162 29.37 -100.72 -152.45
N GLY Q 163 29.49 -99.68 -151.65
CA GLY Q 163 28.33 -98.95 -151.18
C GLY Q 163 28.53 -97.45 -151.20
N LEU Q 164 27.54 -96.72 -151.69
CA LEU Q 164 27.57 -95.26 -151.76
C LEU Q 164 26.75 -94.70 -150.61
N VAL Q 165 27.37 -93.86 -149.79
CA VAL Q 165 26.67 -93.25 -148.66
C VAL Q 165 25.79 -92.11 -149.16
N VAL Q 166 24.54 -92.10 -148.72
CA VAL Q 166 23.56 -91.16 -149.26
C VAL Q 166 23.00 -90.20 -148.22
N GLU Q 167 23.10 -90.49 -146.93
CA GLU Q 167 22.60 -89.57 -145.91
C GLU Q 167 23.41 -89.75 -144.64
N THR Q 168 23.62 -88.65 -143.92
CA THR Q 168 24.44 -88.68 -142.72
C THR Q 168 23.83 -87.80 -141.65
N ALA Q 169 23.86 -88.27 -140.40
CA ALA Q 169 23.37 -87.52 -139.26
C ALA Q 169 24.56 -86.91 -138.51
N CYS Q 170 24.54 -85.59 -138.34
CA CYS Q 170 25.64 -84.85 -137.75
C CYS Q 170 25.13 -83.90 -136.69
N VAL Q 171 25.93 -83.69 -135.65
CA VAL Q 171 25.56 -82.77 -134.58
C VAL Q 171 25.75 -81.33 -135.07
N ALA Q 172 24.72 -80.50 -134.86
CA ALA Q 172 24.81 -79.11 -135.28
C ALA Q 172 25.78 -78.31 -134.41
N ALA Q 173 25.79 -78.58 -133.11
CA ALA Q 173 26.64 -77.86 -132.17
C ALA Q 173 27.50 -78.86 -131.40
N ALA Q 174 28.31 -78.33 -130.49
CA ALA Q 174 29.20 -79.18 -129.71
C ALA Q 174 28.41 -80.11 -128.80
N GLY Q 175 28.88 -81.35 -128.68
CA GLY Q 175 28.23 -82.36 -127.86
C GLY Q 175 29.12 -82.74 -126.69
N LYS Q 176 28.51 -82.87 -125.51
CA LYS Q 176 29.25 -83.11 -124.28
C LYS Q 176 28.95 -84.49 -123.72
N LEU Q 177 29.99 -85.25 -123.41
CA LEU Q 177 29.86 -86.59 -122.87
C LEU Q 177 30.64 -86.69 -121.56
N THR Q 178 29.94 -87.05 -120.47
CA THR Q 178 30.56 -87.12 -119.15
C THR Q 178 30.26 -88.48 -118.52
N GLU Q 179 31.28 -89.06 -117.88
CA GLU Q 179 31.16 -90.36 -117.23
C GLU Q 179 31.93 -90.34 -115.91
N ALA Q 180 31.32 -90.91 -114.87
CA ALA Q 180 31.94 -91.02 -113.55
C ALA Q 180 31.76 -92.44 -113.02
N ASP Q 181 32.83 -92.99 -112.46
CA ASP Q 181 32.84 -94.35 -111.94
C ASP Q 181 33.48 -94.35 -110.57
N ASN Q 182 32.87 -95.05 -109.62
CA ASN Q 182 33.43 -95.20 -108.27
C ASN Q 182 33.09 -96.59 -107.78
N TRP Q 183 34.07 -97.47 -107.65
CA TRP Q 183 33.77 -98.81 -107.15
C TRP Q 183 34.78 -99.22 -106.08
N GLU Q 184 34.35 -100.14 -105.22
CA GLU Q 184 35.10 -100.48 -104.03
C GLU Q 184 34.89 -101.95 -103.67
N ILE Q 185 35.95 -102.60 -103.21
CA ILE Q 185 35.95 -103.99 -102.79
C ILE Q 185 36.62 -104.10 -101.44
N SER Q 186 35.98 -104.80 -100.50
CA SER Q 186 36.56 -105.04 -99.18
C SER Q 186 36.35 -106.50 -98.81
N GLY Q 187 37.44 -107.23 -98.62
CA GLY Q 187 37.36 -108.64 -98.31
C GLY Q 187 38.18 -109.00 -97.10
N HIS Q 188 37.75 -110.04 -96.40
CA HIS Q 188 38.40 -110.51 -95.18
C HIS Q 188 38.27 -112.02 -95.10
N THR Q 189 39.34 -112.68 -94.66
CA THR Q 189 39.41 -114.13 -94.56
C THR Q 189 40.05 -114.52 -93.25
N ASN Q 190 39.46 -115.50 -92.56
CA ASN Q 190 39.99 -116.01 -91.30
C ASN Q 190 39.95 -117.53 -91.35
N ALA Q 191 41.12 -118.15 -91.42
CA ALA Q 191 41.26 -119.60 -91.40
C ALA Q 191 41.86 -119.98 -90.05
N ASN Q 192 41.04 -120.53 -89.17
CA ASN Q 192 41.46 -120.97 -87.85
C ASN Q 192 41.61 -122.48 -87.84
N ILE Q 193 42.81 -122.95 -87.50
CA ILE Q 193 43.10 -124.37 -87.40
C ILE Q 193 43.73 -124.60 -86.03
N GLY Q 194 43.75 -125.87 -85.61
CA GLY Q 194 44.27 -126.20 -84.29
C GLY Q 194 45.70 -125.73 -84.06
N GLU Q 195 46.52 -125.73 -85.10
CA GLU Q 195 47.90 -125.30 -84.99
C GLU Q 195 48.24 -124.14 -85.92
N ALA Q 196 47.25 -123.53 -86.57
CA ALA Q 196 47.52 -122.43 -87.50
C ALA Q 196 46.36 -121.45 -87.47
N VAL Q 197 46.68 -120.17 -87.50
CA VAL Q 197 45.70 -119.09 -87.57
C VAL Q 197 46.14 -118.12 -88.65
N VAL Q 198 45.29 -117.90 -89.65
CA VAL Q 198 45.57 -116.99 -90.75
C VAL Q 198 44.46 -115.95 -90.81
N THR Q 199 44.83 -114.68 -90.84
CA THR Q 199 43.88 -113.57 -90.91
C THR Q 199 44.34 -112.61 -91.99
N ALA Q 200 43.62 -112.59 -93.12
CA ALA Q 200 43.95 -111.75 -94.25
C ALA Q 200 42.83 -110.73 -94.48
N THR Q 201 43.21 -109.55 -94.97
CA THR Q 201 42.27 -108.48 -95.23
C THR Q 201 42.77 -107.67 -96.42
N ALA Q 202 41.85 -107.26 -97.30
CA ALA Q 202 42.22 -106.48 -98.47
C ALA Q 202 41.12 -105.49 -98.81
N GLU Q 203 41.48 -104.22 -98.95
CA GLU Q 203 40.54 -103.17 -99.32
C GLU Q 203 41.10 -102.40 -100.50
N LEU Q 204 40.24 -102.10 -101.48
CA LEU Q 204 40.66 -101.24 -102.58
C LEU Q 204 39.45 -100.51 -103.13
N ASP Q 205 39.70 -99.41 -103.83
CA ASP Q 205 38.64 -98.61 -104.42
C ASP Q 205 39.22 -97.76 -105.53
N LYS Q 206 38.53 -97.70 -106.67
CA LYS Q 206 38.95 -96.96 -107.84
C LYS Q 206 37.91 -95.92 -108.20
N ASN Q 207 38.39 -94.73 -108.57
CA ASN Q 207 37.54 -93.62 -108.98
C ASN Q 207 38.06 -93.07 -110.31
N LEU Q 208 37.15 -92.93 -111.28
CA LEU Q 208 37.49 -92.42 -112.60
C LEU Q 208 36.46 -91.38 -113.03
N SER Q 209 36.89 -90.46 -113.88
CA SER Q 209 35.99 -89.45 -114.44
C SER Q 209 36.53 -89.01 -115.80
N ARG Q 210 35.70 -89.12 -116.83
CA ARG Q 210 36.09 -88.76 -118.19
C ARG Q 210 35.05 -87.81 -118.77
N LYS Q 211 35.50 -86.66 -119.29
CA LYS Q 211 34.61 -85.67 -119.86
C LYS Q 211 35.20 -85.18 -121.18
N ILE Q 212 34.45 -85.33 -122.26
CA ILE Q 212 34.91 -84.93 -123.58
C ILE Q 212 33.81 -84.12 -124.27
N GLU Q 213 34.20 -83.46 -125.36
CA GLU Q 213 33.29 -82.60 -126.12
C GLU Q 213 33.60 -82.74 -127.61
N ILE Q 214 32.71 -83.40 -128.34
CA ILE Q 214 32.86 -83.53 -129.80
C ILE Q 214 32.47 -82.21 -130.46
N PRO Q 215 33.18 -81.79 -131.50
CA PRO Q 215 32.91 -80.50 -132.12
C PRO Q 215 31.75 -80.58 -133.08
N PRO Q 216 31.20 -79.44 -133.50
CA PRO Q 216 30.13 -79.46 -134.50
C PRO Q 216 30.56 -80.10 -135.80
N GLY Q 217 29.63 -80.81 -136.44
CA GLY Q 217 29.88 -81.47 -137.70
C GLY Q 217 30.26 -82.93 -137.60
N THR Q 218 30.49 -83.44 -136.39
CA THR Q 218 30.86 -84.84 -136.23
C THR Q 218 29.71 -85.75 -136.65
N ALA Q 219 30.01 -86.71 -137.51
CA ALA Q 219 28.99 -87.64 -137.99
C ALA Q 219 28.65 -88.65 -136.91
N LEU Q 220 27.38 -89.06 -136.88
CA LEU Q 220 26.89 -90.04 -135.92
C LEU Q 220 26.44 -91.34 -136.56
N ALA Q 221 25.72 -91.28 -137.68
CA ALA Q 221 25.20 -92.47 -138.32
C ALA Q 221 24.98 -92.18 -139.80
N TYR Q 222 24.79 -93.24 -140.57
CA TYR Q 222 24.70 -93.10 -142.01
C TYR Q 222 23.91 -94.26 -142.60
N SER Q 223 23.48 -94.08 -143.84
CA SER Q 223 22.82 -95.11 -144.62
C SER Q 223 23.42 -95.11 -146.03
N PHE Q 224 23.47 -96.28 -146.65
CA PHE Q 224 24.14 -96.41 -147.93
C PHE Q 224 23.36 -97.32 -148.87
N MET Q 225 23.65 -97.19 -150.16
CA MET Q 225 23.04 -97.98 -151.21
C MET Q 225 24.10 -98.83 -151.89
N ASP Q 226 23.75 -100.07 -152.20
CA ASP Q 226 24.72 -101.00 -152.77
C ASP Q 226 24.96 -100.72 -154.25
N LEU Q 227 26.10 -101.21 -154.74
CA LEU Q 227 26.49 -101.06 -156.14
C LEU Q 227 27.02 -102.39 -156.65
N GLU Q 228 27.23 -102.45 -157.97
CA GLU Q 228 27.71 -103.66 -158.61
C GLU Q 228 28.53 -103.28 -159.84
N ILE Q 229 29.75 -103.80 -159.91
CA ILE Q 229 30.63 -103.56 -161.04
C ILE Q 229 30.27 -104.52 -162.17
N LEU Q 230 29.97 -103.98 -163.35
CA LEU Q 230 29.75 -104.82 -164.51
C LEU Q 230 31.08 -105.45 -164.98
N GLU Q 231 31.01 -106.26 -166.03
CA GLU Q 231 32.22 -106.78 -166.66
C GLU Q 231 33.14 -105.63 -167.07
N ASP Q 232 32.57 -104.61 -167.70
CA ASP Q 232 33.29 -103.39 -167.99
C ASP Q 232 33.40 -102.52 -166.73
N ARG Q 233 33.95 -101.32 -166.89
CA ARG Q 233 34.02 -100.37 -165.78
C ARG Q 233 32.66 -99.81 -165.40
N SER Q 234 31.60 -100.12 -166.16
CA SER Q 234 30.27 -99.62 -165.86
C SER Q 234 29.81 -100.08 -164.48
N LEU Q 235 29.00 -99.23 -163.84
CA LEU Q 235 28.45 -99.51 -162.52
C LEU Q 235 26.93 -99.56 -162.59
N ARG Q 236 26.36 -100.42 -161.75
CA ARG Q 236 24.91 -100.57 -161.67
C ARG Q 236 24.49 -100.54 -160.21
N VAL Q 237 23.22 -100.22 -159.97
CA VAL Q 237 22.69 -100.20 -158.61
C VAL Q 237 21.92 -101.49 -158.38
N SER Q 238 22.02 -102.03 -157.17
CA SER Q 238 21.40 -103.30 -156.83
C SER Q 238 20.49 -103.13 -155.62
N SER Q 239 19.34 -103.80 -155.65
CA SER Q 239 18.34 -103.69 -154.60
C SER Q 239 17.96 -105.09 -154.12
N SER Q 240 18.25 -105.37 -152.85
CA SER Q 240 17.82 -106.62 -152.23
C SER Q 240 16.34 -106.50 -151.88
N ALA Q 241 15.49 -107.20 -152.63
CA ALA Q 241 14.04 -107.12 -152.47
C ALA Q 241 13.53 -105.69 -152.63
N GLY Q 242 14.20 -104.90 -153.47
CA GLY Q 242 13.80 -103.53 -153.71
C GLY Q 242 14.04 -102.57 -152.57
N ALA Q 243 14.92 -102.92 -151.62
CA ALA Q 243 15.14 -102.06 -150.48
C ALA Q 243 15.83 -100.75 -150.90
N MET Q 244 16.93 -100.85 -151.63
CA MET Q 244 17.74 -99.70 -152.04
C MET Q 244 18.22 -98.88 -150.86
N PHE Q 245 18.20 -99.44 -149.65
CA PHE Q 245 18.68 -98.76 -148.46
C PHE Q 245 19.22 -99.83 -147.53
N ASP Q 246 20.54 -99.99 -147.52
CA ASP Q 246 21.17 -101.05 -146.74
C ASP Q 246 21.67 -100.50 -145.42
N SER Q 247 21.33 -101.17 -144.33
CA SER Q 247 21.74 -100.77 -142.99
C SER Q 247 22.80 -101.71 -142.41
N GLY Q 248 23.47 -102.49 -143.25
CA GLY Q 248 24.43 -103.45 -142.76
C GLY Q 248 23.81 -104.52 -141.88
N LYS Q 249 22.62 -104.99 -142.25
CA LYS Q 249 21.89 -105.99 -141.47
C LYS Q 249 22.01 -107.35 -142.14
N ALA Q 250 21.94 -108.40 -141.32
CA ALA Q 250 21.97 -109.75 -141.84
C ALA Q 250 20.72 -110.05 -142.64
N GLU Q 251 20.85 -110.94 -143.62
CA GLU Q 251 19.72 -111.29 -144.47
C GLU Q 251 18.60 -111.94 -143.66
N SER Q 252 18.96 -112.83 -142.73
CA SER Q 252 18.00 -113.51 -141.86
C SER Q 252 16.95 -114.26 -142.67
CA ARG R 3 10.05 -99.68 -127.15
C ARG R 3 10.41 -98.21 -127.35
N PRO R 4 10.79 -97.85 -128.57
CA PRO R 4 11.14 -96.45 -128.85
C PRO R 4 9.96 -95.53 -128.59
N MET R 5 10.28 -94.33 -128.08
CA MET R 5 9.24 -93.36 -127.78
C MET R 5 8.51 -92.94 -129.04
N PHE R 6 9.23 -92.77 -130.15
CA PHE R 6 8.58 -92.40 -131.40
C PHE R 6 7.59 -93.47 -131.84
N ALA R 7 7.97 -94.74 -131.74
CA ALA R 7 7.06 -95.82 -132.11
C ALA R 7 5.84 -95.86 -131.19
N VAL R 8 6.06 -95.66 -129.88
CA VAL R 8 4.94 -95.65 -128.95
C VAL R 8 3.98 -94.51 -129.27
N ALA R 9 4.51 -93.31 -129.53
CA ALA R 9 3.66 -92.18 -129.86
C ALA R 9 2.92 -92.40 -131.16
N VAL R 10 3.58 -93.00 -132.15
CA VAL R 10 2.92 -93.29 -133.42
C VAL R 10 1.77 -94.27 -133.21
N ASN R 11 1.98 -95.30 -132.40
CA ASN R 11 0.92 -96.24 -132.11
C ASN R 11 -0.24 -95.57 -131.38
N GLU R 12 0.07 -94.71 -130.42
CA GLU R 12 -0.99 -94.00 -129.70
C GLU R 12 -1.81 -93.13 -130.65
N PHE R 13 -1.13 -92.40 -131.53
CA PHE R 13 -1.83 -91.53 -132.48
C PHE R 13 -2.69 -92.35 -133.42
N ILE R 14 -2.13 -93.44 -133.96
CA ILE R 14 -2.88 -94.23 -134.94
C ILE R 14 -4.07 -94.93 -134.28
N ARG R 15 -3.96 -95.28 -133.00
CA ARG R 15 -5.10 -95.83 -132.30
C ARG R 15 -6.18 -94.78 -132.07
N SER R 16 -5.77 -93.60 -131.58
CA SER R 16 -6.74 -92.56 -131.27
C SER R 16 -7.46 -92.09 -132.51
N ALA R 17 -6.73 -91.90 -133.62
CA ALA R 17 -7.31 -91.45 -134.87
C ALA R 17 -6.80 -92.33 -136.01
N GLY R 18 -7.71 -92.72 -136.90
CA GLY R 18 -7.33 -93.52 -138.05
C GLY R 18 -6.79 -94.89 -137.73
N GLN R 19 -7.49 -95.63 -136.85
CA GLN R 19 -7.07 -96.99 -136.53
C GLN R 19 -7.11 -97.88 -137.76
N ASP R 20 -7.96 -97.58 -138.72
CA ASP R 20 -8.04 -98.29 -139.98
C ASP R 20 -7.49 -97.42 -141.11
N SER R 21 -6.98 -98.08 -142.15
CA SER R 21 -6.44 -97.41 -143.34
C SER R 21 -5.34 -96.43 -142.97
N LEU R 22 -4.38 -96.89 -142.18
CA LEU R 22 -3.25 -96.06 -141.78
C LEU R 22 -2.10 -96.96 -141.37
N CYS R 23 -0.90 -96.61 -141.80
CA CYS R 23 0.32 -97.39 -141.53
C CYS R 23 1.29 -96.54 -140.73
N GLY R 24 1.79 -97.10 -139.64
CA GLY R 24 2.75 -96.39 -138.82
C GLY R 24 4.08 -96.19 -139.53
N VAL R 25 4.80 -95.16 -139.09
CA VAL R 25 6.11 -94.83 -139.65
C VAL R 25 7.18 -95.57 -138.85
N PRO R 26 8.10 -96.28 -139.52
CA PRO R 26 9.07 -97.08 -138.77
C PRO R 26 9.99 -96.28 -137.87
N ASP R 27 10.53 -95.15 -138.36
CA ASP R 27 11.47 -94.38 -137.56
C ASP R 27 11.51 -92.95 -138.06
N ILE R 28 12.09 -92.08 -137.22
CA ILE R 28 12.15 -90.65 -137.54
C ILE R 28 12.99 -90.43 -138.80
N ASN R 29 14.09 -91.16 -138.94
CA ASN R 29 14.96 -90.96 -140.09
C ASN R 29 14.24 -91.25 -141.39
N SER R 30 13.47 -92.33 -141.44
CA SER R 30 12.76 -92.73 -142.64
C SER R 30 11.37 -92.13 -142.73
N SER R 31 10.98 -91.30 -141.76
CA SER R 31 9.67 -90.65 -141.82
C SER R 31 9.54 -89.78 -143.07
N GLY R 32 10.62 -89.12 -143.48
CA GLY R 32 10.55 -88.20 -144.60
C GLY R 32 10.41 -88.86 -145.95
N ASP R 33 10.55 -90.18 -146.03
CA ASP R 33 10.42 -90.90 -147.28
C ASP R 33 9.01 -91.38 -147.56
N PHE R 34 8.05 -91.05 -146.68
CA PHE R 34 6.66 -91.49 -146.84
C PHE R 34 5.73 -90.31 -147.09
N MET R 35 6.22 -89.28 -147.76
CA MET R 35 5.38 -88.17 -148.17
C MET R 35 4.53 -88.56 -149.37
N PRO R 36 3.46 -87.81 -149.65
CA PRO R 36 2.58 -88.18 -150.77
C PRO R 36 3.33 -88.23 -152.09
N LEU R 37 2.85 -89.11 -152.98
CA LEU R 37 3.44 -89.33 -154.30
C LEU R 37 4.85 -89.92 -154.20
N HIS R 38 4.98 -90.93 -153.35
CA HIS R 38 6.22 -91.69 -153.21
C HIS R 38 5.95 -93.15 -153.48
N ILE R 39 6.93 -93.82 -154.09
CA ILE R 39 6.83 -95.24 -154.42
C ILE R 39 7.40 -96.06 -153.27
N ILE R 40 6.68 -97.11 -152.89
CA ILE R 40 7.13 -98.05 -151.87
C ILE R 40 6.96 -99.46 -152.41
N VAL R 41 7.69 -100.40 -151.81
CA VAL R 41 7.67 -101.80 -152.23
C VAL R 41 7.05 -102.62 -151.12
N LYS R 42 6.14 -103.51 -151.47
CA LYS R 42 5.48 -104.39 -150.52
C LYS R 42 5.90 -105.84 -150.80
N GLU R 43 6.29 -106.54 -149.74
CA GLU R 43 6.73 -107.92 -149.81
C GLU R 43 5.78 -108.78 -149.00
N VAL R 44 5.32 -109.88 -149.60
CA VAL R 44 4.36 -110.78 -148.96
C VAL R 44 5.08 -111.58 -147.87
N PRO R 45 4.36 -112.04 -146.84
CA PRO R 45 5.03 -112.81 -145.77
C PRO R 45 5.67 -114.09 -146.26
N LYS R 46 5.10 -114.74 -147.27
CA LYS R 46 5.56 -115.99 -147.87
C LYS R 46 5.41 -117.20 -146.94
N VAL R 47 4.95 -117.00 -145.70
CA VAL R 47 4.75 -118.11 -144.78
C VAL R 47 3.27 -118.20 -144.43
N LEU R 48 2.72 -117.13 -143.87
CA LEU R 48 1.30 -117.03 -143.53
C LEU R 48 0.78 -115.72 -144.09
N PRO R 49 0.58 -115.63 -145.41
CA PRO R 49 0.16 -114.36 -146.01
C PRO R 49 -1.15 -113.82 -145.46
N CYS R 50 -2.09 -114.70 -145.15
CA CYS R 50 -3.38 -114.27 -144.61
C CYS R 50 -3.34 -114.03 -143.11
N CYS R 51 -2.26 -114.40 -142.43
CA CYS R 51 -2.16 -114.24 -140.98
C CYS R 51 -1.12 -113.22 -140.56
N ARG R 52 -0.22 -112.81 -141.45
CA ARG R 52 0.86 -111.90 -141.11
C ARG R 52 0.81 -110.68 -142.02
N ARG R 53 1.04 -109.50 -141.47
CA ARG R 53 1.06 -108.29 -142.27
C ARG R 53 2.32 -108.24 -143.13
N PRO R 54 2.22 -107.68 -144.33
CA PRO R 54 3.38 -107.67 -145.24
C PRO R 54 4.49 -106.73 -144.78
N LYS R 55 5.59 -106.69 -145.53
CA LYS R 55 6.75 -105.86 -145.20
C LYS R 55 6.84 -104.70 -146.19
N ILE R 56 7.02 -103.50 -145.67
CA ILE R 56 7.01 -102.28 -146.48
C ILE R 56 8.42 -101.71 -146.52
N LYS R 57 8.92 -101.45 -147.73
CA LYS R 57 10.27 -100.95 -147.96
C LYS R 57 10.18 -99.61 -148.67
N ARG R 58 10.91 -98.63 -148.15
CA ARG R 58 10.94 -97.30 -148.76
C ARG R 58 11.91 -97.29 -149.93
N THR R 59 11.63 -96.42 -150.90
CA THR R 59 12.48 -96.25 -152.06
C THR R 59 12.70 -94.78 -152.33
N PRO R 60 13.85 -94.41 -152.91
CA PRO R 60 14.12 -93.00 -153.21
C PRO R 60 13.60 -92.59 -154.59
N TYR R 61 12.30 -92.75 -154.79
CA TYR R 61 11.67 -92.45 -156.07
C TYR R 61 10.35 -91.74 -155.84
N THR R 62 10.01 -90.86 -156.79
CA THR R 62 8.70 -90.26 -156.88
C THR R 62 7.99 -90.77 -158.12
N LEU R 63 6.71 -90.42 -158.24
CA LEU R 63 5.91 -90.89 -159.37
C LEU R 63 6.47 -90.37 -160.69
N ASN R 64 6.83 -89.08 -160.72
CA ASN R 64 7.33 -88.49 -161.96
C ASN R 64 8.67 -89.11 -162.37
N ASP R 65 9.51 -89.45 -161.39
CA ASP R 65 10.78 -90.10 -161.71
C ASP R 65 10.54 -91.53 -162.21
N ILE R 66 9.63 -92.26 -161.57
CA ILE R 66 9.42 -93.65 -161.94
C ILE R 66 8.69 -93.76 -163.28
N LEU R 67 7.95 -92.72 -163.66
CA LEU R 67 7.16 -92.74 -164.89
C LEU R 67 7.86 -91.98 -166.00
N ASP R 68 7.80 -92.55 -167.21
CA ASP R 68 8.30 -91.83 -168.38
C ASP R 68 7.52 -90.55 -168.63
N GLU R 69 6.19 -90.61 -168.48
CA GLU R 69 5.34 -89.45 -168.67
C GLU R 69 5.03 -88.81 -167.33
N PRO R 70 5.32 -87.52 -167.14
CA PRO R 70 5.06 -86.88 -165.84
C PRO R 70 3.57 -86.69 -165.59
N CYS R 71 3.25 -86.53 -164.32
CA CYS R 71 1.89 -86.31 -163.84
C CYS R 71 1.88 -85.07 -162.94
N PRO R 72 0.73 -84.41 -162.82
CA PRO R 72 0.64 -83.29 -161.87
C PRO R 72 0.93 -83.76 -160.45
N ASN R 73 1.58 -82.90 -159.67
CA ASN R 73 2.08 -83.28 -158.36
C ASN R 73 1.76 -82.25 -157.27
N GLN R 74 0.87 -81.30 -157.53
CA GLN R 74 0.54 -80.30 -156.52
C GLN R 74 -0.13 -80.94 -155.32
N LEU R 75 0.11 -80.38 -154.14
CA LEU R 75 -0.39 -80.93 -152.89
C LEU R 75 -1.20 -79.88 -152.13
N LYS R 76 -1.89 -80.34 -151.10
CA LYS R 76 -2.64 -79.48 -150.21
C LYS R 76 -2.72 -80.14 -148.84
N SER R 77 -2.86 -79.32 -147.80
CA SER R 77 -2.88 -79.80 -146.43
C SER R 77 -4.06 -79.19 -145.69
N SER R 78 -4.57 -79.95 -144.72
CA SER R 78 -5.70 -79.51 -143.90
C SER R 78 -5.63 -80.20 -142.54
N ASP R 79 -6.23 -79.56 -141.54
CA ASP R 79 -6.15 -80.10 -140.19
C ASP R 79 -6.87 -81.44 -140.08
N LEU R 80 -6.34 -82.31 -139.23
CA LEU R 80 -6.90 -83.63 -139.01
C LEU R 80 -7.36 -83.85 -137.58
N VAL R 81 -6.50 -83.62 -136.60
CA VAL R 81 -6.82 -83.82 -135.18
C VAL R 81 -5.93 -82.91 -134.36
N THR R 82 -6.34 -82.65 -133.12
CA THR R 82 -5.63 -81.74 -132.24
C THR R 82 -5.61 -82.33 -130.83
N PHE R 83 -4.42 -82.65 -130.33
CA PHE R 83 -4.25 -83.14 -128.96
C PHE R 83 -4.06 -81.94 -128.05
N THR R 84 -5.13 -81.54 -127.36
CA THR R 84 -5.08 -80.34 -126.54
C THR R 84 -4.13 -80.50 -125.36
N GLU R 85 -4.09 -81.69 -124.76
CA GLU R 85 -3.24 -81.94 -123.61
C GLU R 85 -2.37 -83.16 -123.86
N PRO R 86 -1.19 -83.22 -123.24
CA PRO R 86 -0.28 -84.34 -123.48
C PRO R 86 -0.87 -85.66 -123.02
N LEU R 87 -0.58 -86.71 -123.78
CA LEU R 87 -0.89 -88.07 -123.35
C LEU R 87 0.08 -88.47 -122.25
N VAL R 88 -0.46 -88.76 -121.07
CA VAL R 88 0.32 -89.05 -119.88
C VAL R 88 0.02 -90.46 -119.42
N SER R 89 1.07 -91.23 -119.15
CA SER R 89 0.93 -92.61 -118.69
C SER R 89 1.83 -92.84 -117.49
N ASN R 90 1.30 -93.54 -116.48
CA ASN R 90 2.03 -93.87 -115.28
C ASN R 90 1.83 -95.35 -114.97
N VAL R 91 2.93 -96.04 -114.65
CA VAL R 91 2.89 -97.43 -114.21
C VAL R 91 3.75 -97.53 -112.96
N LYS R 92 3.23 -98.20 -111.94
CA LYS R 92 3.95 -98.35 -110.68
C LYS R 92 3.71 -99.75 -110.14
N ALA R 93 4.75 -100.57 -110.10
CA ALA R 93 4.66 -101.94 -109.62
C ALA R 93 5.60 -102.14 -108.45
N SER R 94 5.20 -103.01 -107.52
CA SER R 94 6.02 -103.33 -106.37
C SER R 94 5.63 -104.71 -105.87
N SER R 95 6.62 -105.57 -105.66
CA SER R 95 6.38 -106.95 -105.26
C SER R 95 7.44 -107.40 -104.27
N SER R 96 7.09 -108.40 -103.47
CA SER R 96 8.00 -108.98 -102.50
C SER R 96 7.70 -110.47 -102.36
N ILE R 97 8.77 -111.26 -102.23
CA ILE R 97 8.68 -112.71 -102.11
C ILE R 97 9.49 -113.15 -100.89
N GLY R 98 8.91 -114.05 -100.10
CA GLY R 98 9.62 -114.61 -98.97
C GLY R 98 9.47 -116.12 -98.90
N LEU R 99 10.59 -116.84 -98.96
CA LEU R 99 10.60 -118.30 -98.94
C LEU R 99 11.39 -118.76 -97.73
N GLN R 100 10.84 -119.74 -97.01
CA GLN R 100 11.52 -120.32 -95.86
C GLN R 100 11.37 -121.84 -95.91
N ILE R 101 12.48 -122.54 -95.77
CA ILE R 101 12.50 -124.00 -95.66
C ILE R 101 13.10 -124.32 -94.30
N LEU R 102 12.22 -124.63 -93.34
CA LEU R 102 12.58 -125.03 -91.97
C LEU R 102 13.49 -123.94 -91.39
N LYS R 103 14.60 -124.29 -90.75
CA LYS R 103 15.63 -123.33 -90.36
C LYS R 103 16.87 -123.47 -91.22
N HIS R 104 16.73 -124.03 -92.41
CA HIS R 104 17.85 -124.28 -93.31
C HIS R 104 17.93 -123.32 -94.49
N PHE R 105 16.79 -122.85 -95.00
CA PHE R 105 16.79 -121.92 -96.11
C PHE R 105 15.90 -120.73 -95.80
N ASP R 106 16.36 -119.53 -96.14
CA ASP R 106 15.56 -118.32 -95.90
C ASP R 106 15.95 -117.28 -96.94
N SER R 107 15.07 -117.03 -97.91
CA SER R 107 15.32 -116.06 -98.95
C SER R 107 14.24 -114.98 -98.95
N GLY R 108 14.66 -113.73 -99.09
CA GLY R 108 13.73 -112.62 -99.20
C GLY R 108 14.10 -111.69 -100.34
N ALA R 109 13.21 -111.56 -101.32
CA ALA R 109 13.46 -110.73 -102.48
C ALA R 109 12.37 -109.67 -102.59
N LYS R 110 12.69 -108.56 -103.24
CA LYS R 110 11.71 -107.51 -103.45
C LYS R 110 12.13 -106.68 -104.65
N GLY R 111 11.14 -106.15 -105.34
CA GLY R 111 11.40 -105.34 -106.52
C GLY R 111 10.36 -104.25 -106.65
N SER R 112 10.74 -103.18 -107.33
CA SER R 112 9.83 -102.07 -107.57
C SER R 112 10.20 -101.40 -108.89
N LYS R 113 9.20 -100.80 -109.53
CA LYS R 113 9.39 -100.17 -110.83
C LYS R 113 8.41 -99.00 -110.95
N ASN R 114 8.90 -97.88 -111.47
CA ASN R 114 8.09 -96.69 -111.72
C ASN R 114 8.41 -96.16 -113.10
N PHE R 115 7.41 -96.10 -113.96
CA PHE R 115 7.57 -95.75 -115.37
C PHE R 115 6.60 -94.63 -115.71
N ILE R 116 7.11 -93.54 -116.27
CA ILE R 116 6.29 -92.37 -116.59
C ILE R 116 6.56 -91.96 -118.03
N THR R 117 5.49 -91.67 -118.77
CA THR R 117 5.60 -91.28 -120.17
C THR R 117 4.70 -90.08 -120.43
N SER R 118 5.18 -89.16 -121.27
CA SER R 118 4.40 -87.99 -121.67
C SER R 118 4.69 -87.68 -123.13
N ALA R 119 3.63 -87.53 -123.92
CA ALA R 119 3.77 -87.21 -125.34
C ALA R 119 2.89 -86.02 -125.68
N SER R 120 3.48 -84.99 -126.27
CA SER R 120 2.78 -83.78 -126.67
C SER R 120 2.95 -83.64 -128.18
N LEU R 121 1.93 -84.00 -128.93
CA LEU R 121 1.95 -83.95 -130.39
C LEU R 121 1.36 -82.69 -130.97
N GLY R 122 0.73 -81.85 -130.14
CA GLY R 122 0.18 -80.60 -130.65
C GLY R 122 -0.92 -80.85 -131.66
N THR R 123 -0.76 -80.27 -132.85
CA THR R 123 -1.71 -80.38 -133.94
C THR R 123 -1.14 -81.26 -135.04
N VAL R 124 -1.96 -82.15 -135.57
CA VAL R 124 -1.58 -83.04 -136.66
C VAL R 124 -2.41 -82.67 -137.88
N VAL R 125 -1.74 -82.45 -139.01
CA VAL R 125 -2.39 -82.13 -140.26
C VAL R 125 -2.21 -83.29 -141.23
N LYS R 126 -3.00 -83.28 -142.30
CA LYS R 126 -2.95 -84.28 -143.35
C LYS R 126 -2.64 -83.59 -144.67
N ALA R 127 -1.68 -84.15 -145.41
CA ALA R 127 -1.27 -83.63 -146.70
C ALA R 127 -1.55 -84.68 -147.77
N GLU R 128 -2.08 -84.22 -148.90
CA GLU R 128 -2.49 -85.11 -149.97
C GLU R 128 -2.58 -84.32 -151.27
N THR R 129 -2.59 -85.05 -152.38
CA THR R 129 -2.70 -84.42 -153.69
C THR R 129 -4.00 -83.64 -153.80
N ILE R 130 -3.95 -82.52 -154.51
CA ILE R 130 -5.15 -81.70 -154.69
C ILE R 130 -6.22 -82.48 -155.45
N ASP R 131 -5.83 -83.17 -156.51
CA ASP R 131 -6.74 -84.00 -157.29
C ASP R 131 -6.08 -85.35 -157.54
N ILE R 132 -6.69 -86.41 -157.00
CA ILE R 132 -6.14 -87.75 -157.17
C ILE R 132 -6.64 -88.41 -158.44
N THR R 133 -7.84 -88.03 -158.91
CA THR R 133 -8.39 -88.64 -160.12
C THR R 133 -7.50 -88.37 -161.33
N LYS R 134 -7.01 -87.14 -161.47
CA LYS R 134 -6.11 -86.82 -162.57
C LYS R 134 -4.82 -87.63 -162.50
N VAL R 135 -4.26 -87.75 -161.29
CA VAL R 135 -3.03 -88.53 -161.12
C VAL R 135 -3.27 -89.97 -161.50
N LEU R 136 -4.40 -90.54 -161.08
CA LEU R 136 -4.71 -91.92 -161.41
C LEU R 136 -4.88 -92.10 -162.92
N ALA R 137 -5.58 -91.17 -163.57
CA ALA R 137 -5.78 -91.27 -165.01
C ALA R 137 -4.44 -91.23 -165.74
N LYS R 138 -3.58 -90.27 -165.39
CA LYS R 138 -2.28 -90.16 -166.04
C LYS R 138 -1.43 -91.39 -165.78
N VAL R 139 -1.47 -91.94 -164.56
CA VAL R 139 -0.73 -93.16 -164.27
C VAL R 139 -1.18 -94.27 -165.19
N ARG R 140 -2.50 -94.46 -165.29
CA ARG R 140 -3.04 -95.54 -166.12
C ARG R 140 -2.66 -95.37 -167.57
N THR R 141 -2.59 -94.12 -168.06
CA THR R 141 -2.24 -93.88 -169.44
C THR R 141 -0.73 -93.69 -169.67
N ALA R 142 0.09 -93.78 -168.63
CA ALA R 142 1.51 -93.52 -168.73
C ALA R 142 2.30 -94.80 -168.53
N LYS R 143 3.46 -94.89 -169.19
CA LYS R 143 4.35 -96.02 -169.06
C LYS R 143 5.51 -95.72 -168.12
N ALA R 144 5.99 -96.74 -167.41
CA ALA R 144 7.08 -96.60 -166.48
C ALA R 144 8.40 -96.38 -167.21
N LYS R 145 9.42 -96.01 -166.45
CA LYS R 145 10.75 -95.76 -167.02
C LYS R 145 11.44 -97.08 -167.36
N VAL R 146 11.78 -97.26 -168.63
CA VAL R 146 12.45 -98.49 -169.06
C VAL R 146 13.82 -98.60 -168.41
N GLU R 147 14.53 -97.47 -168.27
CA GLU R 147 15.85 -97.48 -167.65
C GLU R 147 15.81 -97.97 -166.21
N ASN R 148 14.74 -97.63 -165.47
CA ASN R 148 14.68 -97.97 -164.06
C ASN R 148 14.78 -99.47 -163.84
N ASP R 149 15.59 -99.87 -162.86
CA ASP R 149 15.80 -101.27 -162.53
C ASP R 149 14.78 -101.81 -161.53
N LEU R 150 14.35 -100.96 -160.59
CA LEU R 150 13.38 -101.38 -159.59
C LEU R 150 12.10 -101.88 -160.23
N VAL R 151 11.59 -101.15 -161.24
CA VAL R 151 10.37 -101.55 -161.92
C VAL R 151 10.53 -102.93 -162.55
N SER R 152 11.66 -103.15 -163.22
CA SER R 152 11.91 -104.44 -163.85
C SER R 152 11.99 -105.55 -162.81
N ARG R 153 12.66 -105.28 -161.69
CA ARG R 153 12.73 -106.27 -160.61
C ARG R 153 11.34 -106.65 -160.13
N VAL R 154 10.50 -105.64 -159.85
CA VAL R 154 9.15 -105.90 -159.36
C VAL R 154 8.32 -106.64 -160.41
N MET R 155 8.54 -106.32 -161.69
CA MET R 155 7.82 -107.00 -162.77
C MET R 155 8.19 -108.48 -162.82
N LYS R 156 9.49 -108.78 -162.75
CA LYS R 156 9.90 -110.18 -162.88
C LYS R 156 9.56 -110.98 -161.63
N THR R 157 9.63 -110.37 -160.46
CA THR R 157 9.29 -111.08 -159.24
C THR R 157 7.78 -111.07 -159.02
N LYS R 158 7.29 -112.08 -158.30
CA LYS R 158 5.87 -112.22 -158.01
C LYS R 158 5.48 -111.74 -156.62
N ARG R 159 6.40 -111.81 -155.65
CA ARG R 159 6.07 -111.36 -154.30
C ARG R 159 6.02 -109.84 -154.23
N LEU R 160 6.94 -109.16 -154.90
CA LEU R 160 7.04 -107.71 -154.78
C LEU R 160 5.86 -107.02 -155.45
N CYS R 161 5.38 -105.96 -154.82
CA CYS R 161 4.33 -105.12 -155.36
C CYS R 161 4.70 -103.66 -155.16
N LEU R 162 4.16 -102.79 -156.01
CA LEU R 162 4.43 -101.36 -155.92
C LEU R 162 3.24 -100.63 -155.31
N GLY R 163 3.53 -99.61 -154.51
CA GLY R 163 2.49 -98.82 -153.90
C GLY R 163 2.79 -97.32 -153.93
N LEU R 164 1.79 -96.53 -154.30
CA LEU R 164 1.91 -95.08 -154.37
C LEU R 164 1.27 -94.48 -153.12
N VAL R 165 2.04 -93.69 -152.37
CA VAL R 165 1.54 -93.05 -151.16
C VAL R 165 0.68 -91.85 -151.56
N VAL R 166 -0.51 -91.76 -150.96
CA VAL R 166 -1.48 -90.75 -151.36
C VAL R 166 -1.84 -89.77 -150.25
N GLU R 167 -1.61 -90.09 -148.99
CA GLU R 167 -1.91 -89.15 -147.92
C GLU R 167 -0.96 -89.40 -146.76
N THR R 168 -0.58 -88.32 -146.07
CA THR R 168 0.38 -88.41 -144.98
C THR R 168 -0.03 -87.51 -143.83
N ALA R 169 0.13 -88.00 -142.61
CA ALA R 169 -0.16 -87.23 -141.40
C ALA R 169 1.15 -86.71 -140.82
N CYS R 170 1.23 -85.39 -140.64
CA CYS R 170 2.44 -84.73 -140.20
C CYS R 170 2.13 -83.75 -139.07
N VAL R 171 3.07 -83.61 -138.14
CA VAL R 171 2.90 -82.68 -137.03
C VAL R 171 3.11 -81.25 -137.54
N ALA R 172 2.19 -80.36 -137.19
CA ALA R 172 2.29 -78.97 -137.61
C ALA R 172 3.42 -78.25 -136.88
N ALA R 173 3.58 -78.53 -135.58
CA ALA R 173 4.59 -77.88 -134.76
C ALA R 173 5.46 -78.94 -134.11
N ALA R 174 6.42 -78.48 -133.31
CA ALA R 174 7.35 -79.39 -132.65
C ALA R 174 6.62 -80.28 -131.65
N GLY R 175 7.02 -81.54 -131.59
CA GLY R 175 6.42 -82.52 -130.70
C GLY R 175 7.42 -82.97 -129.65
N LYS R 176 6.96 -83.07 -128.41
CA LYS R 176 7.83 -83.37 -127.27
C LYS R 176 7.51 -84.74 -126.69
N LEU R 177 8.54 -85.56 -126.52
CA LEU R 177 8.39 -86.90 -125.97
C LEU R 177 9.32 -87.06 -124.78
N THR R 178 8.76 -87.39 -123.61
CA THR R 178 9.52 -87.52 -122.37
C THR R 178 9.22 -88.87 -121.71
N GLU R 179 10.26 -89.51 -121.21
CA GLU R 179 10.15 -90.81 -120.54
C GLU R 179 11.08 -90.85 -119.34
N ALA R 180 10.57 -91.40 -118.24
CA ALA R 180 11.33 -91.56 -117.01
C ALA R 180 11.14 -92.97 -116.46
N ASP R 181 12.24 -93.60 -116.04
CA ASP R 181 12.22 -94.95 -115.54
C ASP R 181 13.03 -95.02 -114.25
N ASN R 182 12.51 -95.68 -113.23
CA ASN R 182 13.23 -95.89 -111.98
C ASN R 182 12.85 -97.26 -111.45
N TRP R 183 13.79 -98.20 -111.45
CA TRP R 183 13.46 -99.53 -110.91
C TRP R 183 14.57 -100.01 -109.99
N GLU R 184 14.20 -100.91 -109.08
CA GLU R 184 15.08 -101.31 -107.99
C GLU R 184 14.81 -102.76 -107.61
N ILE R 185 15.89 -103.49 -107.30
CA ILE R 185 15.84 -104.88 -106.89
C ILE R 185 16.67 -105.04 -105.63
N SER R 186 16.11 -105.71 -104.62
CA SER R 186 16.83 -106.01 -103.38
C SER R 186 16.57 -107.46 -102.99
N GLY R 187 17.64 -108.26 -102.95
CA GLY R 187 17.51 -109.67 -102.64
C GLY R 187 18.46 -110.09 -101.54
N HIS R 188 18.03 -111.11 -100.80
CA HIS R 188 18.80 -111.63 -99.67
C HIS R 188 18.59 -113.13 -99.58
N THR R 189 19.67 -113.86 -99.28
CA THR R 189 19.64 -115.31 -99.20
C THR R 189 20.43 -115.76 -97.98
N ASN R 190 19.87 -116.71 -97.22
CA ASN R 190 20.52 -117.26 -96.04
C ASN R 190 20.38 -118.78 -96.09
N ALA R 191 21.48 -119.47 -96.32
CA ALA R 191 21.53 -120.92 -96.32
C ALA R 191 22.28 -121.36 -95.06
N ASN R 192 21.53 -121.87 -94.08
CA ASN R 192 22.09 -122.34 -92.82
C ASN R 192 22.15 -123.86 -92.85
N ILE R 193 23.35 -124.41 -92.65
CA ILE R 193 23.57 -125.85 -92.60
C ILE R 193 24.34 -126.13 -91.32
N GLY R 194 24.33 -127.41 -90.91
CA GLY R 194 24.99 -127.79 -89.67
C GLY R 194 26.45 -127.41 -89.62
N GLU R 195 27.14 -127.45 -90.76
CA GLU R 195 28.56 -127.11 -90.82
C GLU R 195 28.85 -125.96 -91.78
N ALA R 196 27.83 -125.29 -92.30
CA ALA R 196 28.04 -124.19 -93.25
C ALA R 196 26.96 -123.15 -93.07
N VAL R 197 27.37 -121.88 -93.13
CA VAL R 197 26.45 -120.74 -93.08
C VAL R 197 26.81 -119.80 -94.21
N VAL R 198 25.85 -119.51 -95.08
CA VAL R 198 26.06 -118.61 -96.21
C VAL R 198 25.01 -117.49 -96.12
N THR R 199 25.46 -116.25 -96.20
CA THR R 199 24.58 -115.08 -96.14
C THR R 199 24.96 -114.14 -97.28
N ALA R 200 24.10 -114.06 -98.30
CA ALA R 200 24.34 -113.23 -99.46
C ALA R 200 23.27 -112.14 -99.54
N THR R 201 23.66 -110.98 -100.07
CA THR R 201 22.76 -109.84 -100.21
C THR R 201 23.16 -109.06 -101.46
N ALA R 202 22.17 -108.58 -102.20
CA ALA R 202 22.43 -107.82 -103.40
C ALA R 202 21.36 -106.76 -103.61
N GLU R 203 21.78 -105.51 -103.78
CA GLU R 203 20.87 -104.40 -104.03
C GLU R 203 21.33 -103.64 -105.27
N LEU R 204 20.38 -103.28 -106.12
CA LEU R 204 20.70 -102.44 -107.27
C LEU R 204 19.48 -101.62 -107.65
N ASP R 205 19.73 -100.53 -108.37
CA ASP R 205 18.65 -99.67 -108.83
C ASP R 205 19.14 -98.84 -110.00
N LYS R 206 18.30 -98.73 -111.03
CA LYS R 206 18.63 -98.00 -112.26
C LYS R 206 17.62 -96.89 -112.47
N ASN R 207 18.11 -95.73 -112.90
CA ASN R 207 17.30 -94.57 -113.20
C ASN R 207 17.68 -94.04 -114.58
N LEU R 208 16.68 -93.82 -115.42
CA LEU R 208 16.87 -93.31 -116.77
C LEU R 208 15.86 -92.22 -117.07
N SER R 209 16.23 -91.31 -117.97
CA SER R 209 15.34 -90.24 -118.40
C SER R 209 15.74 -89.82 -119.81
N ARG R 210 14.77 -89.86 -120.73
CA ARG R 210 15.02 -89.51 -122.12
C ARG R 210 13.97 -88.50 -122.57
N LYS R 211 14.43 -87.37 -123.13
CA LYS R 211 13.53 -86.32 -123.59
C LYS R 211 13.98 -85.85 -124.96
N ILE R 212 13.09 -85.94 -125.95
CA ILE R 212 13.40 -85.55 -127.32
C ILE R 212 12.28 -84.67 -127.86
N GLU R 213 12.56 -84.03 -128.99
CA GLU R 213 11.62 -83.10 -129.62
C GLU R 213 11.74 -83.24 -131.14
N ILE R 214 10.72 -83.84 -131.75
CA ILE R 214 10.68 -83.96 -133.21
C ILE R 214 10.30 -82.61 -133.81
N PRO R 215 10.89 -82.22 -134.93
CA PRO R 215 10.64 -80.91 -135.51
C PRO R 215 9.36 -80.91 -136.33
N PRO R 216 8.83 -79.73 -136.67
CA PRO R 216 7.63 -79.67 -137.51
C PRO R 216 7.86 -80.32 -138.87
N GLY R 217 6.83 -80.97 -139.38
CA GLY R 217 6.87 -81.63 -140.67
C GLY R 217 7.16 -83.10 -140.62
N THR R 218 7.51 -83.64 -139.45
CA THR R 218 7.80 -85.06 -139.35
C THR R 218 6.55 -85.89 -139.63
N ALA R 219 6.67 -86.87 -140.52
CA ALA R 219 5.54 -87.71 -140.86
C ALA R 219 5.27 -88.72 -139.76
N LEU R 220 4.00 -89.04 -139.56
CA LEU R 220 3.58 -90.01 -138.55
C LEU R 220 2.97 -91.27 -139.14
N ALA R 221 2.12 -91.15 -140.15
CA ALA R 221 1.44 -92.29 -140.72
C ALA R 221 1.05 -91.98 -142.17
N TYR R 222 0.70 -93.02 -142.91
CA TYR R 222 0.44 -92.85 -144.33
C TYR R 222 -0.50 -93.95 -144.81
N SER R 223 -1.07 -93.72 -145.99
CA SER R 223 -1.88 -94.71 -146.68
C SER R 223 -1.47 -94.73 -148.15
N PHE R 224 -1.58 -95.90 -148.79
CA PHE R 224 -1.08 -96.05 -150.14
C PHE R 224 -2.03 -96.90 -150.97
N MET R 225 -1.89 -96.77 -152.28
CA MET R 225 -2.68 -97.50 -153.25
C MET R 225 -1.78 -98.42 -154.07
N ASP R 226 -2.25 -99.63 -154.34
CA ASP R 226 -1.42 -100.61 -155.02
C ASP R 226 -1.35 -100.33 -156.52
N LEU R 227 -0.31 -100.89 -157.16
CA LEU R 227 -0.10 -100.75 -158.59
C LEU R 227 0.28 -102.11 -159.17
N GLU R 228 0.31 -102.16 -160.50
CA GLU R 228 0.63 -103.39 -161.22
C GLU R 228 1.32 -103.05 -162.53
N ILE R 229 2.48 -103.65 -162.76
CA ILE R 229 3.23 -103.45 -163.99
C ILE R 229 2.66 -104.37 -165.06
N LEU R 230 2.25 -103.80 -166.20
CA LEU R 230 1.84 -104.61 -167.33
C LEU R 230 3.05 -105.31 -167.95
N GLU R 231 2.79 -106.11 -168.99
CA GLU R 231 3.88 -106.69 -169.77
C GLU R 231 4.81 -105.60 -170.29
N ASP R 232 4.24 -104.54 -170.84
CA ASP R 232 4.99 -103.36 -171.23
C ASP R 232 5.30 -102.52 -169.98
N ARG R 233 5.92 -101.36 -170.21
CA ARG R 233 6.19 -100.43 -169.11
C ARG R 233 4.92 -99.78 -168.55
N SER R 234 3.76 -100.02 -169.18
CA SER R 234 2.51 -99.44 -168.71
C SER R 234 2.19 -99.88 -167.28
N LEU R 235 1.54 -98.99 -166.55
CA LEU R 235 1.14 -99.24 -165.17
C LEU R 235 -0.37 -99.21 -165.05
N ARG R 236 -0.89 -100.03 -164.14
CA ARG R 236 -2.33 -100.09 -163.87
C ARG R 236 -2.56 -100.05 -162.37
N VAL R 237 -3.75 -99.66 -161.97
CA VAL R 237 -4.12 -99.62 -160.56
C VAL R 237 -4.93 -100.86 -160.24
N SER R 238 -4.72 -101.42 -159.05
CA SER R 238 -5.36 -102.65 -158.64
C SER R 238 -6.10 -102.44 -157.32
N SER R 239 -7.29 -103.03 -157.21
CA SER R 239 -8.14 -102.87 -156.04
C SER R 239 -8.53 -104.24 -155.51
N SER R 240 -8.11 -104.56 -154.30
CA SER R 240 -8.54 -105.79 -153.64
C SER R 240 -9.94 -105.58 -153.09
N ALA R 241 -10.94 -106.21 -153.73
CA ALA R 241 -12.35 -106.05 -153.39
C ALA R 241 -12.78 -104.58 -153.48
N GLY R 242 -12.17 -103.82 -154.39
CA GLY R 242 -12.50 -102.43 -154.58
C GLY R 242 -12.06 -101.51 -153.48
N ALA R 243 -11.10 -101.92 -152.65
CA ALA R 243 -10.67 -101.08 -151.53
C ALA R 243 -9.97 -99.82 -152.04
N MET R 244 -8.97 -99.98 -152.91
CA MET R 244 -8.15 -98.88 -153.42
C MET R 244 -7.47 -98.10 -152.30
N PHE R 245 -7.38 -98.68 -151.10
CA PHE R 245 -6.70 -98.04 -149.97
C PHE R 245 -6.12 -99.16 -149.12
N ASP R 246 -4.82 -99.40 -149.28
CA ASP R 246 -4.17 -100.51 -148.60
C ASP R 246 -3.47 -100.00 -147.35
N SER R 247 -3.70 -100.66 -146.22
CA SER R 247 -3.10 -100.30 -144.94
C SER R 247 -2.06 -101.32 -144.51
N GLY R 248 -1.55 -102.13 -145.43
CA GLY R 248 -0.59 -103.15 -145.06
C GLY R 248 -1.17 -104.19 -144.12
N LYS R 249 -2.42 -104.57 -144.33
CA LYS R 249 -3.11 -105.54 -143.48
C LYS R 249 -3.16 -106.90 -144.16
N ALA R 250 -3.19 -107.95 -143.33
CA ALA R 250 -3.31 -109.30 -143.86
C ALA R 250 -4.68 -109.50 -144.50
N GLU R 251 -4.72 -110.39 -145.49
CA GLU R 251 -5.98 -110.66 -146.19
C GLU R 251 -7.02 -111.25 -145.25
N SER R 252 -6.61 -112.16 -144.37
CA SER R 252 -7.49 -112.80 -143.39
C SER R 252 -8.68 -113.47 -144.07
CA ARG S 3 -12.56 -98.64 -127.69
C ARG S 3 -12.15 -97.18 -127.93
N PRO S 4 -11.90 -96.84 -129.19
CA PRO S 4 -11.50 -95.46 -129.50
C PRO S 4 -12.57 -94.46 -129.09
N MET S 5 -12.11 -93.29 -128.61
CA MET S 5 -13.04 -92.27 -128.19
C MET S 5 -13.90 -91.79 -129.34
N PHE S 6 -13.32 -91.65 -130.53
CA PHE S 6 -14.09 -91.22 -131.69
C PHE S 6 -15.21 -92.22 -132.00
N ALA S 7 -14.90 -93.52 -131.96
CA ALA S 7 -15.90 -94.53 -132.22
C ALA S 7 -16.99 -94.50 -131.14
N VAL S 8 -16.61 -94.33 -129.88
CA VAL S 8 -17.60 -94.26 -128.81
C VAL S 8 -18.52 -93.06 -129.00
N ALA S 9 -17.95 -91.90 -129.32
CA ALA S 9 -18.75 -90.71 -129.53
C ALA S 9 -19.67 -90.87 -130.74
N VAL S 10 -19.17 -91.50 -131.81
CA VAL S 10 -20.01 -91.73 -132.98
C VAL S 10 -21.18 -92.64 -132.63
N ASN S 11 -20.93 -93.68 -131.85
CA ASN S 11 -22.02 -94.57 -131.44
C ASN S 11 -23.03 -93.83 -130.56
N GLU S 12 -22.54 -93.00 -129.64
CA GLU S 12 -23.45 -92.23 -128.79
C GLU S 12 -24.32 -91.30 -129.63
N PHE S 13 -23.72 -90.60 -130.58
CA PHE S 13 -24.47 -89.69 -131.43
C PHE S 13 -25.49 -90.44 -132.27
N ILE S 14 -25.09 -91.56 -132.88
CA ILE S 14 -26.00 -92.28 -133.75
C ILE S 14 -27.14 -92.91 -132.95
N ARG S 15 -26.89 -93.28 -131.70
CA ARG S 15 -27.98 -93.77 -130.86
C ARG S 15 -28.93 -92.65 -130.49
N SER S 16 -28.40 -91.51 -130.04
CA SER S 16 -29.26 -90.41 -129.61
C SER S 16 -30.10 -89.88 -130.75
N ALA S 17 -29.50 -89.73 -131.94
CA ALA S 17 -30.20 -89.23 -133.11
C ALA S 17 -29.90 -90.12 -134.30
N GLY S 18 -30.94 -90.45 -135.07
CA GLY S 18 -30.76 -91.25 -136.26
C GLY S 18 -30.28 -92.66 -136.02
N GLN S 19 -30.91 -93.36 -135.06
CA GLN S 19 -30.53 -94.75 -134.81
C GLN S 19 -30.77 -95.63 -136.03
N ASP S 20 -31.72 -95.26 -136.87
CA ASP S 20 -32.00 -95.95 -138.11
C ASP S 20 -31.56 -95.10 -139.30
N SER S 21 -31.22 -95.78 -140.39
CA SER S 21 -30.80 -95.13 -141.63
C SER S 21 -29.59 -94.23 -141.42
N LEU S 22 -28.58 -94.76 -140.74
CA LEU S 22 -27.36 -94.00 -140.49
C LEU S 22 -26.22 -94.98 -140.23
N CYS S 23 -25.06 -94.71 -140.82
CA CYS S 23 -23.89 -95.56 -140.70
C CYS S 23 -22.76 -94.78 -140.03
N GLY S 24 -22.16 -95.39 -139.01
CA GLY S 24 -21.06 -94.75 -138.32
C GLY S 24 -19.82 -94.62 -139.20
N VAL S 25 -18.99 -93.65 -138.85
CA VAL S 25 -17.74 -93.40 -139.57
C VAL S 25 -16.63 -94.22 -138.91
N PRO S 26 -15.85 -94.97 -139.70
CA PRO S 26 -14.84 -95.84 -139.08
C PRO S 26 -13.77 -95.11 -138.31
N ASP S 27 -13.22 -94.01 -138.85
CA ASP S 27 -12.14 -93.31 -138.18
C ASP S 27 -12.07 -91.88 -138.67
N ILE S 28 -11.34 -91.06 -137.91
CA ILE S 28 -11.22 -89.64 -138.24
C ILE S 28 -10.54 -89.45 -139.58
N ASN S 29 -9.51 -90.24 -139.86
CA ASN S 29 -8.78 -90.09 -141.12
C ASN S 29 -9.68 -90.32 -142.32
N SER S 30 -10.52 -91.35 -142.26
CA SER S 30 -11.40 -91.69 -143.38
C SER S 30 -12.75 -91.00 -143.29
N SER S 31 -12.97 -90.16 -142.27
CA SER S 31 -14.22 -89.43 -142.16
C SER S 31 -14.45 -88.53 -143.38
N GLY S 32 -13.39 -87.94 -143.92
CA GLY S 32 -13.55 -87.00 -145.02
C GLY S 32 -13.90 -87.64 -146.34
N ASP S 33 -13.85 -88.96 -146.43
CA ASP S 33 -14.18 -89.66 -147.68
C ASP S 33 -15.65 -90.05 -147.77
N PHE S 34 -16.47 -89.67 -146.78
CA PHE S 34 -17.88 -90.02 -146.77
C PHE S 34 -18.76 -88.78 -146.88
N MET S 35 -18.30 -87.77 -147.61
CA MET S 35 -19.10 -86.60 -147.90
C MET S 35 -20.13 -86.93 -148.99
N PRO S 36 -21.17 -86.11 -149.12
CA PRO S 36 -22.21 -86.41 -150.13
C PRO S 36 -21.65 -86.49 -151.53
N LEU S 37 -22.28 -87.33 -152.35
CA LEU S 37 -21.89 -87.57 -153.74
C LEU S 37 -20.52 -88.25 -153.82
N HIS S 38 -20.34 -89.28 -152.99
CA HIS S 38 -19.14 -90.11 -153.01
C HIS S 38 -19.54 -91.55 -153.26
N ILE S 39 -18.70 -92.27 -153.99
CA ILE S 39 -18.93 -93.68 -154.31
C ILE S 39 -18.28 -94.55 -153.24
N ILE S 40 -19.01 -95.56 -152.77
CA ILE S 40 -18.48 -96.53 -151.82
C ILE S 40 -18.82 -97.92 -152.35
N VAL S 41 -18.08 -98.91 -151.85
CA VAL S 41 -18.24 -100.30 -152.27
C VAL S 41 -18.76 -101.10 -151.08
N LYS S 42 -19.77 -101.93 -151.33
CA LYS S 42 -20.36 -102.78 -150.30
C LYS S 42 -20.08 -104.24 -150.63
N GLU S 43 -19.60 -104.98 -149.63
CA GLU S 43 -19.26 -106.39 -149.77
C GLU S 43 -20.15 -107.19 -148.85
N VAL S 44 -20.76 -108.25 -149.38
CA VAL S 44 -21.68 -109.10 -148.64
C VAL S 44 -20.89 -109.96 -147.65
N PRO S 45 -21.49 -110.37 -146.53
CA PRO S 45 -20.76 -111.20 -145.56
C PRO S 45 -20.26 -112.51 -146.13
N LYS S 46 -21.00 -113.12 -147.07
CA LYS S 46 -20.70 -114.39 -147.72
C LYS S 46 -20.80 -115.59 -146.79
N VAL S 47 -21.09 -115.37 -145.50
CA VAL S 47 -21.24 -116.48 -144.55
C VAL S 47 -22.67 -116.48 -144.03
N LEU S 48 -23.07 -115.38 -143.39
CA LEU S 48 -24.43 -115.20 -142.88
C LEU S 48 -24.92 -113.85 -143.36
N PRO S 49 -25.29 -113.74 -144.65
CA PRO S 49 -25.69 -112.43 -145.18
C PRO S 49 -26.88 -111.83 -144.47
N CYS S 50 -27.85 -112.64 -144.05
CA CYS S 50 -29.02 -112.13 -143.35
C CYS S 50 -28.78 -111.91 -141.86
N CYS S 51 -27.64 -112.36 -141.33
CA CYS S 51 -27.35 -112.23 -139.91
C CYS S 51 -26.20 -111.28 -139.61
N ARG S 52 -25.39 -110.92 -140.61
CA ARG S 52 -24.22 -110.07 -140.40
C ARG S 52 -24.32 -108.86 -141.31
N ARG S 53 -23.93 -107.69 -140.78
CA ARG S 53 -23.95 -106.48 -141.57
C ARG S 53 -22.80 -106.49 -142.58
N PRO S 54 -23.00 -105.92 -143.76
CA PRO S 54 -21.97 -105.97 -144.81
C PRO S 54 -20.77 -105.10 -144.49
N LYS S 55 -19.77 -105.13 -145.37
CA LYS S 55 -18.53 -104.38 -145.19
C LYS S 55 -18.49 -103.22 -146.18
N ILE S 56 -18.17 -102.03 -145.68
CA ILE S 56 -18.19 -100.81 -146.48
C ILE S 56 -16.77 -100.33 -146.70
N LYS S 57 -16.41 -100.09 -147.96
CA LYS S 57 -15.08 -99.67 -148.36
C LYS S 57 -15.17 -98.32 -149.05
N ARG S 58 -14.32 -97.39 -148.62
CA ARG S 58 -14.27 -96.07 -149.23
C ARG S 58 -13.46 -96.10 -150.52
N THR S 59 -13.80 -95.21 -151.43
CA THR S 59 -13.10 -95.08 -152.70
C THR S 59 -12.82 -93.61 -152.98
N PRO S 60 -11.73 -93.32 -153.70
CA PRO S 60 -11.40 -91.93 -154.03
C PRO S 60 -12.07 -91.47 -155.33
N TYR S 61 -13.40 -91.54 -155.37
CA TYR S 61 -14.16 -91.19 -156.56
C TYR S 61 -15.39 -90.40 -156.16
N THR S 62 -15.79 -89.49 -157.05
CA THR S 62 -17.07 -88.80 -156.97
C THR S 62 -17.96 -89.25 -158.12
N LEU S 63 -19.22 -88.82 -158.06
CA LEU S 63 -20.19 -89.23 -159.09
C LEU S 63 -19.76 -88.72 -160.46
N ASN S 64 -19.33 -87.47 -160.54
CA ASN S 64 -18.94 -86.90 -161.83
C ASN S 64 -17.72 -87.59 -162.41
N ASP S 65 -16.78 -88.00 -161.54
CA ASP S 65 -15.62 -88.72 -162.03
C ASP S 65 -16.00 -90.13 -162.50
N ILE S 66 -16.87 -90.81 -161.74
CA ILE S 66 -17.22 -92.18 -162.10
C ILE S 66 -18.11 -92.22 -163.33
N LEU S 67 -18.83 -91.13 -163.62
CA LEU S 67 -19.77 -91.09 -164.73
C LEU S 67 -19.16 -90.37 -165.93
N ASP S 68 -19.42 -90.91 -167.11
CA ASP S 68 -19.02 -90.21 -168.34
C ASP S 68 -19.75 -88.88 -168.47
N GLU S 69 -21.04 -88.86 -168.17
CA GLU S 69 -21.83 -87.64 -168.24
C GLU S 69 -21.93 -87.00 -166.87
N PRO S 70 -21.53 -85.74 -166.71
CA PRO S 70 -21.59 -85.11 -165.40
C PRO S 70 -23.02 -84.82 -164.95
N CYS S 71 -23.17 -84.64 -163.64
CA CYS S 71 -24.43 -84.34 -162.99
C CYS S 71 -24.26 -83.12 -162.11
N PRO S 72 -25.33 -82.39 -161.83
CA PRO S 72 -25.23 -81.28 -160.87
C PRO S 72 -24.80 -81.78 -159.50
N ASN S 73 -23.99 -80.98 -158.82
CA ASN S 73 -23.36 -81.39 -157.57
C ASN S 73 -23.47 -80.36 -156.45
N GLN S 74 -24.32 -79.36 -156.59
CA GLN S 74 -24.45 -78.35 -155.55
C GLN S 74 -25.01 -78.97 -154.28
N LEU S 75 -24.59 -78.42 -153.13
CA LEU S 75 -24.96 -78.96 -151.83
C LEU S 75 -25.59 -77.87 -150.97
N LYS S 76 -26.18 -78.29 -149.85
CA LYS S 76 -26.76 -77.40 -148.87
C LYS S 76 -26.70 -78.07 -147.51
N SER S 77 -26.66 -77.25 -146.46
CA SER S 77 -26.54 -77.75 -145.10
C SER S 77 -27.57 -77.08 -144.21
N SER S 78 -28.00 -77.81 -143.19
CA SER S 78 -28.97 -77.31 -142.23
C SER S 78 -28.78 -78.02 -140.90
N ASP S 79 -29.21 -77.36 -139.83
CA ASP S 79 -29.00 -77.91 -138.50
C ASP S 79 -29.79 -79.20 -138.30
N LEU S 80 -29.20 -80.12 -137.53
CA LEU S 80 -29.82 -81.40 -137.24
C LEU S 80 -30.10 -81.61 -135.77
N VAL S 81 -29.10 -81.44 -134.90
CA VAL S 81 -29.27 -81.64 -133.46
C VAL S 81 -28.21 -80.81 -132.75
N THR S 82 -28.45 -80.53 -131.47
CA THR S 82 -27.57 -79.68 -130.68
C THR S 82 -27.42 -80.28 -129.29
N PHE S 83 -26.20 -80.68 -128.94
CA PHE S 83 -25.89 -81.20 -127.62
C PHE S 83 -25.50 -80.02 -126.73
N THR S 84 -26.46 -79.57 -125.91
CA THR S 84 -26.21 -78.37 -125.09
C THR S 84 -25.14 -78.61 -124.04
N GLU S 85 -25.11 -79.81 -123.46
CA GLU S 85 -24.13 -80.13 -122.43
C GLU S 85 -23.38 -81.39 -122.79
N PRO S 86 -22.14 -81.54 -122.33
CA PRO S 86 -21.34 -82.71 -122.69
C PRO S 86 -21.95 -84.00 -122.16
N LEU S 87 -21.83 -85.05 -122.95
CA LEU S 87 -22.16 -86.40 -122.49
C LEU S 87 -21.10 -86.86 -121.52
N VAL S 88 -21.50 -87.13 -120.27
CA VAL S 88 -20.59 -87.49 -119.20
C VAL S 88 -20.92 -88.88 -118.72
N SER S 89 -19.90 -89.72 -118.58
CA SER S 89 -20.06 -91.10 -118.12
C SER S 89 -19.04 -91.40 -117.04
N ASN S 90 -19.49 -92.07 -115.98
CA ASN S 90 -18.62 -92.46 -114.87
C ASN S 90 -18.88 -93.93 -114.54
N VAL S 91 -17.80 -94.69 -114.36
CA VAL S 91 -17.87 -96.08 -113.93
C VAL S 91 -16.87 -96.25 -112.81
N LYS S 92 -17.29 -96.90 -111.73
CA LYS S 92 -16.43 -97.11 -110.57
C LYS S 92 -16.70 -98.49 -110.02
N ALA S 93 -15.70 -99.38 -110.11
CA ALA S 93 -15.83 -100.74 -109.62
C ALA S 93 -14.76 -101.02 -108.58
N SER S 94 -15.10 -101.87 -107.61
CA SER S 94 -14.15 -102.25 -106.57
C SER S 94 -14.56 -103.62 -106.04
N SER S 95 -13.61 -104.54 -105.96
CA SER S 95 -13.90 -105.91 -105.53
C SER S 95 -12.75 -106.43 -104.69
N SER S 96 -13.07 -107.42 -103.86
CA SER S 96 -12.08 -108.07 -103.01
C SER S 96 -12.44 -109.53 -102.84
N ILE S 97 -11.43 -110.39 -102.84
CA ILE S 97 -11.59 -111.83 -102.72
C ILE S 97 -10.67 -112.34 -101.62
N GLY S 98 -11.20 -113.21 -100.76
CA GLY S 98 -10.38 -113.83 -99.74
C GLY S 98 -10.61 -115.33 -99.64
N LEU S 99 -9.56 -116.11 -99.85
CA LEU S 99 -9.65 -117.57 -99.84
C LEU S 99 -8.74 -118.10 -98.74
N GLN S 100 -9.26 -119.04 -97.96
CA GLN S 100 -8.47 -119.68 -96.91
C GLN S 100 -8.73 -121.18 -96.94
N ILE S 101 -7.65 -121.96 -96.95
CA ILE S 101 -7.72 -123.42 -96.84
C ILE S 101 -6.98 -123.80 -95.58
N LEU S 102 -7.74 -124.06 -94.51
CA LEU S 102 -7.23 -124.49 -93.21
C LEU S 102 -6.20 -123.48 -92.74
N LYS S 103 -5.03 -123.90 -92.24
CA LYS S 103 -3.91 -123.00 -91.98
C LYS S 103 -2.79 -123.22 -92.99
N HIS S 104 -3.12 -123.76 -94.16
CA HIS S 104 -2.14 -124.07 -95.20
C HIS S 104 -2.16 -123.10 -96.37
N PHE S 105 -3.31 -122.55 -96.73
CA PHE S 105 -3.39 -121.61 -97.84
C PHE S 105 -4.16 -120.37 -97.41
N ASP S 106 -3.67 -119.20 -97.80
CA ASP S 106 -4.35 -117.95 -97.46
C ASP S 106 -4.04 -116.92 -98.54
N SER S 107 -5.02 -116.60 -99.38
CA SER S 107 -4.83 -115.64 -100.45
C SER S 107 -5.83 -114.49 -100.30
N GLY S 108 -5.35 -113.27 -100.49
CA GLY S 108 -6.21 -112.10 -100.48
C GLY S 108 -5.94 -111.19 -101.65
N ALA S 109 -6.92 -110.99 -102.51
CA ALA S 109 -6.77 -110.16 -103.69
C ALA S 109 -7.80 -109.04 -103.66
N LYS S 110 -7.50 -107.94 -104.33
CA LYS S 110 -8.43 -106.83 -104.42
C LYS S 110 -8.10 -106.01 -105.66
N GLY S 111 -9.15 -105.40 -106.22
CA GLY S 111 -8.99 -104.61 -107.42
C GLY S 111 -9.96 -103.45 -107.42
N SER S 112 -9.60 -102.40 -108.13
CA SER S 112 -10.45 -101.23 -108.25
C SER S 112 -10.22 -100.57 -109.61
N LYS S 113 -11.24 -99.90 -110.11
CA LYS S 113 -11.19 -99.26 -111.42
C LYS S 113 -12.09 -98.04 -111.41
N ASN S 114 -11.60 -96.95 -111.99
CA ASN S 114 -12.36 -95.70 -112.12
C ASN S 114 -12.17 -95.18 -113.53
N PHE S 115 -13.27 -95.04 -114.26
CA PHE S 115 -13.28 -94.69 -115.67
C PHE S 115 -14.21 -93.51 -115.89
N ILE S 116 -13.71 -92.44 -116.50
CA ILE S 116 -14.48 -91.22 -116.71
C ILE S 116 -14.37 -90.81 -118.18
N THR S 117 -15.50 -90.45 -118.77
CA THR S 117 -15.55 -90.05 -120.17
C THR S 117 -16.40 -88.79 -120.32
N SER S 118 -15.97 -87.89 -121.21
CA SER S 118 -16.71 -86.67 -121.50
C SER S 118 -16.59 -86.36 -122.98
N ALA S 119 -17.73 -86.14 -123.64
CA ALA S 119 -17.75 -85.81 -125.06
C ALA S 119 -18.59 -84.56 -125.27
N SER S 120 -18.01 -83.57 -125.93
CA SER S 120 -18.68 -82.31 -126.24
C SER S 120 -18.68 -82.16 -127.75
N LEU S 121 -19.82 -82.45 -128.37
CA LEU S 121 -19.97 -82.39 -129.82
C LEU S 121 -20.56 -81.08 -130.31
N GLY S 122 -21.02 -80.21 -129.40
CA GLY S 122 -21.55 -78.93 -129.83
C GLY S 122 -22.78 -79.10 -130.71
N THR S 123 -22.73 -78.51 -131.90
CA THR S 123 -23.83 -78.55 -132.85
C THR S 123 -23.46 -79.45 -134.02
N VAL S 124 -24.40 -80.28 -134.45
CA VAL S 124 -24.21 -81.18 -135.58
C VAL S 124 -25.17 -80.74 -136.70
N VAL S 125 -24.62 -80.56 -137.90
CA VAL S 125 -25.41 -80.18 -139.05
C VAL S 125 -25.43 -81.33 -140.04
N LYS S 126 -26.35 -81.26 -141.00
CA LYS S 126 -26.49 -82.25 -142.05
C LYS S 126 -26.31 -81.57 -143.40
N ALA S 127 -25.50 -82.18 -144.25
CA ALA S 127 -25.22 -81.67 -145.58
C ALA S 127 -25.69 -82.69 -146.61
N GLU S 128 -26.34 -82.19 -147.67
CA GLU S 128 -26.94 -83.03 -148.68
C GLU S 128 -27.14 -82.22 -149.95
N THR S 129 -27.33 -82.94 -151.05
CA THR S 129 -27.56 -82.29 -152.34
C THR S 129 -28.82 -81.43 -152.29
N ILE S 130 -28.79 -80.30 -152.98
CA ILE S 130 -29.95 -79.41 -153.01
C ILE S 130 -31.15 -80.11 -153.63
N ASP S 131 -30.95 -80.81 -154.73
CA ASP S 131 -32.00 -81.57 -155.40
C ASP S 131 -31.46 -82.95 -155.72
N ILE S 132 -32.07 -83.98 -155.13
CA ILE S 132 -31.62 -85.35 -155.36
C ILE S 132 -32.34 -85.97 -156.56
N THR S 133 -33.54 -85.51 -156.88
CA THR S 133 -34.28 -86.07 -158.00
C THR S 133 -33.54 -85.84 -159.32
N LYS S 134 -32.99 -84.64 -159.51
CA LYS S 134 -32.23 -84.36 -160.72
C LYS S 134 -30.99 -85.25 -160.81
N VAL S 135 -30.29 -85.43 -159.70
CA VAL S 135 -29.10 -86.28 -159.67
C VAL S 135 -29.48 -87.71 -160.04
N LEU S 136 -30.58 -88.20 -159.47
CA LEU S 136 -31.02 -89.56 -159.77
C LEU S 136 -31.39 -89.71 -161.25
N ALA S 137 -32.11 -88.73 -161.79
CA ALA S 137 -32.49 -88.80 -163.20
C ALA S 137 -31.26 -88.84 -164.09
N LYS S 138 -30.31 -87.93 -163.85
CA LYS S 138 -29.10 -87.90 -164.66
C LYS S 138 -28.29 -89.18 -164.52
N VAL S 139 -28.22 -89.74 -163.30
CA VAL S 139 -27.52 -91.01 -163.11
C VAL S 139 -28.16 -92.09 -163.97
N ARG S 140 -29.49 -92.19 -163.91
CA ARG S 140 -30.19 -93.22 -164.65
C ARG S 140 -29.99 -93.06 -166.15
N THR S 141 -29.90 -91.81 -166.63
CA THR S 141 -29.72 -91.58 -168.06
C THR S 141 -28.25 -91.48 -168.46
N ALA S 142 -27.32 -91.64 -167.54
CA ALA S 142 -25.89 -91.47 -167.82
C ALA S 142 -25.17 -92.80 -167.72
N LYS S 143 -24.11 -92.95 -168.53
CA LYS S 143 -23.28 -94.14 -168.53
C LYS S 143 -21.99 -93.91 -167.73
N ALA S 144 -21.51 -94.98 -167.10
CA ALA S 144 -20.29 -94.91 -166.31
C ALA S 144 -19.07 -94.77 -167.21
N LYS S 145 -17.93 -94.48 -166.58
CA LYS S 145 -16.68 -94.30 -167.31
C LYS S 145 -16.13 -95.66 -167.73
N VAL S 146 -15.96 -95.85 -169.05
CA VAL S 146 -15.43 -97.11 -169.55
C VAL S 146 -14.00 -97.32 -169.08
N GLU S 147 -13.21 -96.24 -169.04
CA GLU S 147 -11.82 -96.34 -168.59
C GLU S 147 -11.71 -96.84 -167.16
N ASN S 148 -12.65 -96.45 -166.30
CA ASN S 148 -12.56 -96.79 -164.87
C ASN S 148 -12.53 -98.30 -164.68
N ASP S 149 -11.63 -98.76 -163.81
CA ASP S 149 -11.46 -100.18 -163.52
C ASP S 149 -12.38 -100.66 -162.40
N LEU S 150 -12.63 -99.80 -161.41
CA LEU S 150 -13.49 -100.16 -160.30
C LEU S 150 -14.89 -100.58 -160.77
N VAL S 151 -15.46 -99.80 -161.70
CA VAL S 151 -16.79 -100.12 -162.22
C VAL S 151 -16.79 -101.50 -162.87
N SER S 152 -15.78 -101.78 -163.69
CA SER S 152 -15.69 -103.08 -164.35
C SER S 152 -15.55 -104.20 -163.32
N ARG S 153 -14.73 -103.99 -162.30
CA ARG S 153 -14.59 -104.99 -161.24
C ARG S 153 -15.93 -105.29 -160.59
N VAL S 154 -16.65 -104.23 -160.19
CA VAL S 154 -17.94 -104.41 -159.55
C VAL S 154 -18.93 -105.09 -160.49
N MET S 155 -18.87 -104.77 -161.78
CA MET S 155 -19.76 -105.39 -162.75
C MET S 155 -19.50 -106.88 -162.87
N LYS S 156 -18.23 -107.27 -162.95
CA LYS S 156 -17.92 -108.69 -163.15
C LYS S 156 -18.15 -109.48 -161.87
N THR S 157 -17.89 -108.89 -160.71
CA THR S 157 -18.13 -109.59 -159.46
C THR S 157 -19.59 -109.48 -159.05
N LYS S 158 -20.04 -110.47 -158.27
CA LYS S 158 -21.43 -110.53 -157.81
C LYS S 158 -21.60 -110.04 -156.38
N ARG S 159 -20.58 -110.18 -155.54
CA ARG S 159 -20.70 -109.72 -154.16
C ARG S 159 -20.65 -108.20 -154.07
N LEU S 160 -19.77 -107.57 -154.84
CA LEU S 160 -19.56 -106.14 -154.74
C LEU S 160 -20.77 -105.36 -155.26
N CYS S 161 -21.11 -104.28 -154.55
CA CYS S 161 -22.17 -103.37 -154.96
C CYS S 161 -21.68 -101.94 -154.80
N LEU S 162 -22.26 -101.03 -155.57
CA LEU S 162 -21.89 -99.62 -155.52
C LEU S 162 -22.94 -98.82 -154.75
N GLY S 163 -22.48 -97.83 -154.00
CA GLY S 163 -23.38 -96.98 -153.26
C GLY S 163 -23.01 -95.51 -153.33
N LEU S 164 -23.99 -94.65 -153.55
CA LEU S 164 -23.78 -93.21 -153.63
C LEU S 164 -24.21 -92.59 -152.31
N VAL S 165 -23.30 -91.86 -151.68
CA VAL S 165 -23.61 -91.20 -150.40
C VAL S 165 -24.44 -89.94 -150.67
N VAL S 166 -25.52 -89.79 -149.94
CA VAL S 166 -26.47 -88.71 -150.20
C VAL S 166 -26.63 -87.73 -149.06
N GLU S 167 -26.26 -88.07 -147.83
CA GLU S 167 -26.37 -87.13 -146.73
C GLU S 167 -25.29 -87.44 -145.70
N THR S 168 -24.77 -86.40 -145.06
CA THR S 168 -23.68 -86.57 -144.11
C THR S 168 -23.88 -85.65 -142.91
N ALA S 169 -23.59 -86.17 -141.72
CA ALA S 169 -23.68 -85.39 -140.49
C ALA S 169 -22.28 -84.96 -140.06
N CYS S 170 -22.09 -83.65 -139.90
CA CYS S 170 -20.79 -83.08 -139.61
C CYS S 170 -20.89 -82.10 -138.45
N VAL S 171 -19.84 -82.02 -137.65
CA VAL S 171 -19.80 -81.10 -136.52
C VAL S 171 -19.56 -79.68 -137.04
N ALA S 172 -20.39 -78.74 -136.57
CA ALA S 172 -20.23 -77.35 -137.01
C ALA S 172 -18.98 -76.71 -136.42
N ALA S 173 -18.68 -77.01 -135.16
CA ALA S 173 -17.54 -76.44 -134.47
C ALA S 173 -16.65 -77.56 -133.94
N ALA S 174 -15.57 -77.17 -133.26
CA ALA S 174 -14.63 -78.15 -132.74
C ALA S 174 -15.28 -79.00 -131.65
N GLY S 175 -14.97 -80.28 -131.65
CA GLY S 175 -15.50 -81.23 -130.68
C GLY S 175 -14.42 -81.76 -129.78
N LYS S 176 -14.71 -81.84 -128.48
CA LYS S 176 -13.73 -82.21 -127.48
C LYS S 176 -14.05 -83.56 -126.86
N LEU S 177 -13.07 -84.45 -126.82
CA LEU S 177 -13.24 -85.79 -126.26
C LEU S 177 -12.18 -86.02 -125.20
N THR S 178 -12.61 -86.33 -123.96
CA THR S 178 -11.71 -86.52 -122.85
C THR S 178 -12.00 -87.85 -122.15
N GLU S 179 -10.94 -88.57 -121.79
CA GLU S 179 -11.05 -89.86 -121.12
C GLU S 179 -10.00 -89.98 -120.05
N ALA S 180 -10.39 -90.50 -118.89
CA ALA S 180 -9.49 -90.73 -117.77
C ALA S 180 -9.70 -92.13 -117.20
N ASP S 181 -8.60 -92.83 -116.93
CA ASP S 181 -8.64 -94.19 -116.43
C ASP S 181 -7.68 -94.32 -115.27
N ASN S 182 -8.11 -94.96 -114.18
CA ASN S 182 -7.26 -95.23 -113.04
C ASN S 182 -7.65 -96.57 -112.46
N TRP S 183 -6.78 -97.57 -112.58
CA TRP S 183 -7.13 -98.88 -112.01
C TRP S 183 -5.94 -99.45 -111.24
N GLU S 184 -6.25 -100.33 -110.29
CA GLU S 184 -5.28 -100.80 -109.33
C GLU S 184 -5.58 -102.24 -108.93
N ILE S 185 -4.52 -103.03 -108.76
CA ILE S 185 -4.61 -104.42 -108.35
C ILE S 185 -3.64 -104.65 -107.20
N SER S 186 -4.11 -105.30 -106.14
CA SER S 186 -3.26 -105.65 -105.01
C SER S 186 -3.55 -107.08 -104.59
N GLY S 187 -2.55 -107.95 -104.68
CA GLY S 187 -2.73 -109.35 -104.36
C GLY S 187 -1.67 -109.85 -103.39
N HIS S 188 -2.06 -110.85 -102.61
CA HIS S 188 -1.19 -111.43 -101.59
C HIS S 188 -1.48 -112.92 -101.48
N THR S 189 -0.43 -113.72 -101.32
CA THR S 189 -0.53 -115.16 -101.24
C THR S 189 0.37 -115.67 -100.13
N ASN S 190 -0.15 -116.59 -99.31
CA ASN S 190 0.61 -117.20 -98.22
C ASN S 190 0.35 -118.70 -98.25
N ALA S 191 1.38 -119.46 -98.63
CA ALA S 191 1.34 -120.91 -98.64
C ALA S 191 2.21 -121.41 -97.48
N ASN S 192 1.57 -121.88 -96.43
CA ASN S 192 2.25 -122.41 -95.24
C ASN S 192 2.20 -123.93 -95.28
N ILE S 193 3.37 -124.55 -95.25
CA ILE S 193 3.49 -126.00 -95.22
C ILE S 193 4.41 -126.35 -94.05
N GLY S 194 4.38 -127.63 -93.66
CA GLY S 194 5.16 -128.06 -92.50
C GLY S 194 6.65 -127.78 -92.64
N GLU S 195 7.17 -127.85 -93.86
CA GLU S 195 8.59 -127.59 -94.10
C GLU S 195 8.83 -126.46 -95.09
N ALA S 196 7.79 -125.71 -95.47
CA ALA S 196 7.96 -124.63 -96.44
C ALA S 196 6.98 -123.52 -96.12
N VAL S 197 7.45 -122.27 -96.23
CA VAL S 197 6.62 -121.08 -96.05
C VAL S 197 6.91 -120.15 -97.21
N VAL S 198 5.86 -119.79 -97.97
CA VAL S 198 5.97 -118.89 -99.10
C VAL S 198 5.02 -117.72 -98.88
N THR S 199 5.54 -116.50 -99.01
CA THR S 199 4.75 -115.28 -98.84
C THR S 199 5.04 -114.35 -100.00
N ALA S 200 4.08 -114.21 -100.91
CA ALA S 200 4.21 -113.38 -102.09
C ALA S 200 3.22 -112.22 -102.03
N THR S 201 3.62 -111.09 -102.60
CA THR S 201 2.77 -109.89 -102.62
C THR S 201 3.06 -109.12 -103.90
N ALA S 202 2.02 -108.57 -104.51
CA ALA S 202 2.18 -107.81 -105.74
C ALA S 202 1.15 -106.68 -105.80
N GLU S 203 1.63 -105.47 -106.02
CA GLU S 203 0.77 -104.29 -106.15
C GLU S 203 1.12 -103.55 -107.43
N LEU S 204 0.09 -103.12 -108.16
CA LEU S 204 0.32 -102.29 -109.33
C LEU S 204 -0.89 -101.39 -109.56
N ASP S 205 -0.67 -100.31 -110.31
CA ASP S 205 -1.74 -99.37 -110.62
C ASP S 205 -1.34 -98.57 -111.84
N LYS S 206 -2.30 -98.39 -112.75
CA LYS S 206 -2.08 -97.67 -114.00
C LYS S 206 -3.04 -96.49 -114.08
N ASN S 207 -2.52 -95.37 -114.57
CA ASN S 207 -3.29 -94.15 -114.75
C ASN S 207 -3.06 -93.63 -116.17
N LEU S 208 -4.14 -93.34 -116.88
CA LEU S 208 -4.09 -92.83 -118.24
C LEU S 208 -5.06 -91.67 -118.41
N SER S 209 -4.74 -90.78 -119.34
CA SER S 209 -5.61 -89.65 -119.65
C SER S 209 -5.38 -89.24 -121.10
N ARG S 210 -6.45 -89.21 -121.90
CA ARG S 210 -6.36 -88.85 -123.30
C ARG S 210 -7.38 -87.78 -123.61
N LYS S 211 -6.93 -86.68 -124.22
CA LYS S 211 -7.81 -85.56 -124.56
C LYS S 211 -7.52 -85.10 -125.97
N ILE S 212 -8.52 -85.13 -126.83
CA ILE S 212 -8.36 -84.75 -128.24
C ILE S 212 -9.48 -83.79 -128.62
N GLU S 213 -9.31 -83.15 -129.78
CA GLU S 213 -10.25 -82.16 -130.28
C GLU S 213 -10.34 -82.29 -131.81
N ILE S 214 -11.46 -82.81 -132.29
CA ILE S 214 -11.70 -82.91 -133.72
C ILE S 214 -12.07 -81.54 -134.27
N PRO S 215 -11.60 -81.18 -135.46
CA PRO S 215 -11.84 -79.84 -135.99
C PRO S 215 -13.21 -79.75 -136.64
N PRO S 216 -13.69 -78.53 -136.91
CA PRO S 216 -14.99 -78.39 -137.59
C PRO S 216 -14.97 -79.04 -138.97
N GLY S 217 -16.11 -79.61 -139.35
CA GLY S 217 -16.27 -80.26 -140.63
C GLY S 217 -16.07 -81.75 -140.63
N THR S 218 -15.62 -82.32 -139.51
CA THR S 218 -15.40 -83.76 -139.45
C THR S 218 -16.72 -84.51 -139.57
N ALA S 219 -16.78 -85.48 -140.47
CA ALA S 219 -17.99 -86.25 -140.68
C ALA S 219 -18.18 -87.25 -139.55
N LEU S 220 -19.44 -87.49 -139.19
CA LEU S 220 -19.80 -88.44 -138.14
C LEU S 220 -20.56 -89.65 -138.65
N ALA S 221 -21.52 -89.46 -139.54
CA ALA S 221 -22.34 -90.56 -140.03
C ALA S 221 -22.89 -90.20 -141.40
N TYR S 222 -23.39 -91.21 -142.11
CA TYR S 222 -23.83 -91.01 -143.48
C TYR S 222 -24.88 -92.04 -143.84
N SER S 223 -25.58 -91.77 -144.95
CA SER S 223 -26.54 -92.69 -145.53
C SER S 223 -26.31 -92.72 -147.03
N PHE S 224 -26.58 -93.87 -147.65
CA PHE S 224 -26.26 -94.04 -149.06
C PHE S 224 -27.37 -94.81 -149.77
N MET S 225 -27.39 -94.68 -151.09
CA MET S 225 -28.35 -95.35 -151.95
C MET S 225 -27.61 -96.31 -152.88
N ASP S 226 -28.18 -97.49 -153.09
CA ASP S 226 -27.52 -98.51 -153.88
C ASP S 226 -27.61 -98.21 -155.37
N LEU S 227 -26.71 -98.83 -156.14
CA LEU S 227 -26.66 -98.69 -157.59
C LEU S 227 -26.46 -100.06 -158.22
N GLU S 228 -26.59 -100.11 -159.54
CA GLU S 228 -26.45 -101.34 -160.29
C GLU S 228 -25.91 -101.03 -161.67
N ILE S 229 -24.83 -101.70 -162.06
CA ILE S 229 -24.24 -101.54 -163.38
C ILE S 229 -24.99 -102.41 -164.38
N LEU S 230 -25.50 -101.80 -165.44
CA LEU S 230 -26.11 -102.57 -166.52
C LEU S 230 -25.03 -103.34 -167.29
N GLU S 231 -25.47 -104.11 -168.29
CA GLU S 231 -24.54 -104.75 -169.20
C GLU S 231 -23.61 -103.71 -169.83
N ASP S 232 -24.18 -102.61 -170.30
CA ASP S 232 -23.40 -101.48 -170.77
C ASP S 232 -22.88 -100.67 -169.59
N ARG S 233 -22.23 -99.55 -169.87
CA ARG S 233 -21.76 -98.65 -168.82
C ARG S 233 -22.91 -97.93 -168.10
N SER S 234 -24.14 -98.08 -168.57
CA SER S 234 -25.29 -97.44 -167.95
C SER S 234 -25.44 -97.87 -166.49
N LEU S 235 -25.95 -96.95 -165.68
CA LEU S 235 -26.18 -97.19 -164.26
C LEU S 235 -27.66 -97.06 -163.95
N ARG S 236 -28.12 -97.86 -162.99
CA ARG S 236 -29.50 -97.84 -162.54
C ARG S 236 -29.53 -97.80 -161.02
N VAL S 237 -30.65 -97.33 -160.47
CA VAL S 237 -30.82 -97.29 -159.02
C VAL S 237 -31.67 -98.47 -158.60
N SER S 238 -31.34 -99.06 -157.45
CA SER S 238 -32.01 -100.25 -156.97
C SER S 238 -32.56 -100.01 -155.57
N SER S 239 -33.76 -100.53 -155.31
CA SER S 239 -34.44 -100.33 -154.04
C SER S 239 -34.86 -101.68 -153.47
N SER S 240 -34.30 -102.04 -152.32
CA SER S 240 -34.72 -103.24 -151.61
C SER S 240 -36.04 -102.94 -150.89
N ALA S 241 -37.13 -103.51 -151.41
CA ALA S 241 -38.48 -103.26 -150.89
C ALA S 241 -38.81 -101.77 -150.91
N GLY S 242 -38.27 -101.04 -151.89
CA GLY S 242 -38.55 -99.63 -152.04
C GLY S 242 -37.91 -98.75 -151.00
N ALA S 243 -36.89 -99.23 -150.29
CA ALA S 243 -36.26 -98.44 -149.25
C ALA S 243 -35.55 -97.21 -149.83
N MET S 244 -34.69 -97.43 -150.82
CA MET S 244 -33.86 -96.38 -151.42
C MET S 244 -32.99 -95.65 -150.40
N PHE S 245 -32.79 -96.25 -149.22
CA PHE S 245 -31.94 -95.67 -148.19
C PHE S 245 -31.32 -96.83 -147.42
N ASP S 246 -30.08 -97.15 -147.74
CA ASP S 246 -29.41 -98.31 -147.15
C ASP S 246 -28.53 -97.86 -146.00
N SER S 247 -28.67 -98.52 -144.86
CA SER S 247 -27.88 -98.21 -143.67
C SER S 247 -26.86 -99.29 -143.36
N GLY S 248 -26.53 -100.12 -144.35
CA GLY S 248 -25.60 -101.22 -144.11
C GLY S 248 -26.11 -102.23 -143.11
N LYS S 249 -27.41 -102.53 -143.17
CA LYS S 249 -28.04 -103.46 -142.24
C LYS S 249 -28.27 -104.80 -142.90
N ALA S 250 -28.26 -105.86 -142.08
CA ALA S 250 -28.54 -107.18 -142.59
C ALA S 250 -29.98 -107.30 -143.06
N GLU S 251 -30.21 -108.17 -144.04
CA GLU S 251 -31.55 -108.35 -144.57
C GLU S 251 -32.50 -108.88 -143.50
N SER S 252 -32.04 -109.83 -142.69
CA SER S 252 -32.84 -110.42 -141.61
C SER S 252 -34.15 -111.01 -142.13
CA ARG T 3 -35.00 -96.17 -125.40
C ARG T 3 -34.51 -94.75 -125.68
N PRO T 4 -34.41 -94.40 -126.96
CA PRO T 4 -33.96 -93.05 -127.32
C PRO T 4 -34.90 -91.99 -126.78
N MET T 5 -34.32 -90.86 -126.36
CA MET T 5 -35.12 -89.78 -125.81
C MET T 5 -36.09 -89.24 -126.85
N PHE T 6 -35.64 -89.12 -128.10
CA PHE T 6 -36.54 -88.63 -129.15
C PHE T 6 -37.73 -89.56 -129.32
N ALA T 7 -37.50 -90.87 -129.32
CA ALA T 7 -38.61 -91.81 -129.45
C ALA T 7 -39.55 -91.73 -128.25
N VAL T 8 -38.99 -91.60 -127.04
CA VAL T 8 -39.83 -91.48 -125.86
C VAL T 8 -40.69 -90.22 -125.92
N ALA T 9 -40.09 -89.09 -126.31
CA ALA T 9 -40.84 -87.85 -126.42
C ALA T 9 -41.91 -87.93 -127.50
N VAL T 10 -41.60 -88.58 -128.62
CA VAL T 10 -42.59 -88.75 -129.68
C VAL T 10 -43.76 -89.58 -129.18
N ASN T 11 -43.48 -90.66 -128.45
CA ASN T 11 -44.56 -91.47 -127.90
C ASN T 11 -45.40 -90.69 -126.91
N GLU T 12 -44.75 -89.90 -126.05
CA GLU T 12 -45.49 -89.08 -125.09
C GLU T 12 -46.41 -88.09 -125.81
N PHE T 13 -45.88 -87.42 -126.83
CA PHE T 13 -46.67 -86.45 -127.57
C PHE T 13 -47.84 -87.12 -128.27
N ILE T 14 -47.59 -88.26 -128.93
CA ILE T 14 -48.65 -88.91 -129.68
C ILE T 14 -49.71 -89.48 -128.75
N ARG T 15 -49.34 -89.88 -127.54
CA ARG T 15 -50.33 -90.30 -126.57
C ARG T 15 -51.16 -89.13 -126.07
N SER T 16 -50.50 -88.03 -125.70
CA SER T 16 -51.22 -86.88 -125.16
C SER T 16 -52.17 -86.29 -126.19
N ALA T 17 -51.72 -86.16 -127.43
CA ALA T 17 -52.53 -85.60 -128.51
C ALA T 17 -52.44 -86.50 -129.73
N GLY T 18 -53.58 -86.75 -130.36
CA GLY T 18 -53.61 -87.56 -131.57
C GLY T 18 -53.19 -88.99 -131.40
N GLN T 19 -53.73 -89.66 -130.37
CA GLN T 19 -53.42 -91.07 -130.16
C GLN T 19 -53.88 -91.92 -131.35
N ASP T 20 -54.90 -91.48 -132.06
CA ASP T 20 -55.38 -92.15 -133.26
C ASP T 20 -55.04 -91.31 -134.49
N SER T 21 -54.88 -92.00 -135.62
CA SER T 21 -54.58 -91.36 -136.90
C SER T 21 -53.30 -90.54 -136.84
N LEU T 22 -52.25 -91.14 -136.30
CA LEU T 22 -50.96 -90.47 -136.20
C LEU T 22 -49.86 -91.52 -136.09
N CYS T 23 -48.77 -91.31 -136.82
CA CYS T 23 -47.65 -92.24 -136.86
C CYS T 23 -46.40 -91.54 -136.33
N GLY T 24 -45.71 -92.20 -135.40
CA GLY T 24 -44.49 -91.64 -134.86
C GLY T 24 -43.37 -91.58 -135.88
N VAL T 25 -42.45 -90.66 -135.64
CA VAL T 25 -41.28 -90.48 -136.50
C VAL T 25 -40.16 -91.38 -136.01
N PRO T 26 -39.53 -92.17 -136.88
CA PRO T 26 -38.51 -93.11 -136.40
C PRO T 26 -37.29 -92.46 -135.77
N ASP T 27 -36.76 -91.39 -136.37
CA ASP T 27 -35.56 -90.77 -135.83
C ASP T 27 -35.45 -89.34 -136.33
N ILE T 28 -34.58 -88.58 -135.67
CA ILE T 28 -34.42 -87.16 -136.00
C ILE T 28 -33.91 -87.00 -137.42
N ASN T 29 -32.97 -87.86 -137.84
CA ASN T 29 -32.40 -87.73 -139.17
C ASN T 29 -33.46 -87.89 -140.26
N SER T 30 -34.34 -88.87 -140.10
CA SER T 30 -35.38 -89.14 -141.08
C SER T 30 -36.66 -88.36 -140.83
N SER T 31 -36.68 -87.52 -139.79
CA SER T 31 -37.88 -86.71 -139.52
C SER T 31 -38.19 -85.79 -140.69
N GLY T 32 -37.17 -85.26 -141.36
CA GLY T 32 -37.41 -84.30 -142.43
C GLY T 32 -37.96 -84.90 -143.70
N ASP T 33 -38.02 -86.23 -143.80
CA ASP T 33 -38.55 -86.88 -144.99
C ASP T 33 -40.03 -87.18 -144.90
N PHE T 34 -40.70 -86.76 -143.82
CA PHE T 34 -42.12 -87.02 -143.62
C PHE T 34 -42.93 -85.72 -143.61
N MET T 35 -42.50 -84.74 -144.39
CA MET T 35 -43.25 -83.52 -144.58
C MET T 35 -44.43 -83.77 -145.52
N PRO T 36 -45.42 -82.89 -145.53
CA PRO T 36 -46.60 -83.11 -146.39
C PRO T 36 -46.21 -83.21 -147.86
N LEU T 37 -47.00 -83.99 -148.59
CA LEU T 37 -46.81 -84.24 -150.02
C LEU T 37 -45.51 -85.00 -150.27
N HIS T 38 -45.29 -86.05 -149.48
CA HIS T 38 -44.16 -86.96 -149.65
C HIS T 38 -44.68 -88.37 -149.85
N ILE T 39 -43.98 -89.14 -150.69
CA ILE T 39 -44.34 -90.52 -150.98
C ILE T 39 -43.62 -91.44 -150.01
N ILE T 40 -44.34 -92.41 -149.46
CA ILE T 40 -43.77 -93.42 -148.58
C ILE T 40 -44.26 -94.79 -149.07
N VAL T 41 -43.53 -95.83 -148.67
CA VAL T 41 -43.83 -97.20 -149.06
C VAL T 41 -44.25 -97.97 -147.83
N LYS T 42 -45.33 -98.73 -147.95
CA LYS T 42 -45.84 -99.55 -146.85
C LYS T 42 -45.70 -101.03 -147.22
N GLU T 43 -45.14 -101.80 -146.30
CA GLU T 43 -44.91 -103.23 -146.47
C GLU T 43 -45.73 -103.99 -145.45
N VAL T 44 -46.47 -105.00 -145.92
CA VAL T 44 -47.34 -105.80 -145.06
C VAL T 44 -46.48 -106.71 -144.18
N PRO T 45 -46.97 -107.11 -142.99
CA PRO T 45 -46.17 -107.99 -142.13
C PRO T 45 -45.82 -109.32 -142.76
N LYS T 46 -46.71 -109.87 -143.59
CA LYS T 46 -46.58 -111.15 -144.29
C LYS T 46 -46.66 -112.35 -143.36
N VAL T 47 -46.76 -112.13 -142.04
CA VAL T 47 -46.87 -113.24 -141.09
C VAL T 47 -48.21 -113.15 -140.39
N LEU T 48 -48.46 -112.04 -139.70
CA LEU T 48 -49.72 -111.78 -139.02
C LEU T 48 -50.19 -110.39 -139.43
N PRO T 49 -50.70 -110.25 -140.66
CA PRO T 49 -51.09 -108.91 -141.13
C PRO T 49 -52.14 -108.24 -140.27
N CYS T 50 -53.09 -108.99 -139.73
CA CYS T 50 -54.13 -108.42 -138.89
C CYS T 50 -53.69 -108.24 -137.44
N CYS T 51 -52.52 -108.76 -137.05
CA CYS T 51 -52.04 -108.66 -135.69
C CYS T 51 -50.81 -107.79 -135.53
N ARG T 52 -50.11 -107.47 -136.62
CA ARG T 52 -48.87 -106.71 -136.57
C ARG T 52 -49.01 -105.47 -137.45
N ARG T 53 -48.49 -104.34 -136.97
CA ARG T 53 -48.52 -103.12 -137.75
C ARG T 53 -47.52 -103.20 -138.90
N PRO T 54 -47.83 -102.60 -140.04
CA PRO T 54 -46.94 -102.70 -141.21
C PRO T 54 -45.65 -101.92 -141.05
N LYS T 55 -44.77 -101.99 -142.05
CA LYS T 55 -43.48 -101.33 -142.03
C LYS T 55 -43.50 -100.16 -143.00
N ILE T 56 -43.04 -99.01 -142.55
CA ILE T 56 -43.08 -97.77 -143.33
C ILE T 56 -41.66 -97.38 -143.73
N LYS T 57 -41.46 -97.15 -145.02
CA LYS T 57 -40.16 -96.82 -145.59
C LYS T 57 -40.25 -95.45 -146.26
N ARG T 58 -39.30 -94.58 -145.94
CA ARG T 58 -39.24 -93.25 -146.54
C ARG T 58 -38.60 -93.33 -147.92
N THR T 59 -39.00 -92.40 -148.78
CA THR T 59 -38.46 -92.30 -150.12
C THR T 59 -38.12 -90.86 -150.45
N PRO T 60 -37.12 -90.62 -151.29
CA PRO T 60 -36.75 -89.25 -151.66
C PRO T 60 -37.54 -88.73 -152.86
N TYR T 61 -38.86 -88.72 -152.73
CA TYR T 61 -39.75 -88.31 -153.81
C TYR T 61 -40.87 -87.45 -153.25
N THR T 62 -41.32 -86.51 -154.08
CA THR T 62 -42.52 -85.74 -153.84
C THR T 62 -43.59 -86.12 -154.87
N LEU T 63 -44.80 -85.61 -154.65
CA LEU T 63 -45.90 -85.95 -155.55
C LEU T 63 -45.63 -85.45 -156.96
N ASN T 64 -45.12 -84.22 -157.09
CA ASN T 64 -44.87 -83.66 -158.42
C ASN T 64 -43.78 -84.43 -159.15
N ASP T 65 -42.77 -84.90 -158.41
CA ASP T 65 -41.72 -85.70 -159.04
C ASP T 65 -42.25 -87.06 -159.46
N ILE T 66 -43.06 -87.70 -158.61
CA ILE T 66 -43.54 -89.04 -158.92
C ILE T 66 -44.58 -89.01 -160.03
N LEU T 67 -45.26 -87.88 -160.22
CA LEU T 67 -46.32 -87.76 -161.21
C LEU T 67 -45.83 -87.07 -162.46
N ASP T 68 -46.26 -87.57 -163.61
CA ASP T 68 -45.98 -86.89 -164.87
C ASP T 68 -46.64 -85.52 -164.91
N GLU T 69 -47.88 -85.42 -164.44
CA GLU T 69 -48.60 -84.15 -164.41
C GLU T 69 -48.47 -83.52 -163.03
N PRO T 70 -47.98 -82.29 -162.92
CA PRO T 70 -47.83 -81.67 -161.61
C PRO T 70 -49.17 -81.30 -160.99
N CYS T 71 -49.14 -81.13 -159.68
CA CYS T 71 -50.28 -80.75 -158.86
C CYS T 71 -49.92 -79.56 -158.00
N PRO T 72 -50.90 -78.76 -157.59
CA PRO T 72 -50.62 -77.67 -156.65
C PRO T 72 -50.04 -78.22 -155.35
N ASN T 73 -49.11 -77.47 -154.77
CA ASN T 73 -48.36 -77.94 -153.61
C ASN T 73 -48.25 -76.92 -152.49
N GLN T 74 -49.05 -75.86 -152.52
CA GLN T 74 -48.98 -74.85 -151.45
C GLN T 74 -49.41 -75.45 -150.12
N LEU T 75 -48.81 -74.95 -149.04
CA LEU T 75 -49.04 -75.47 -147.70
C LEU T 75 -49.50 -74.36 -146.77
N LYS T 76 -49.96 -74.76 -145.59
CA LYS T 76 -50.35 -73.83 -144.54
C LYS T 76 -50.17 -74.53 -143.19
N SER T 77 -49.94 -73.73 -142.16
CA SER T 77 -49.68 -74.25 -140.83
C SER T 77 -50.54 -73.52 -139.81
N SER T 78 -50.89 -74.24 -138.74
CA SER T 78 -51.70 -73.68 -137.67
C SER T 78 -51.39 -74.42 -136.38
N ASP T 79 -51.63 -73.75 -135.25
CA ASP T 79 -51.29 -74.33 -133.96
C ASP T 79 -52.13 -75.57 -133.67
N LEU T 80 -51.50 -76.53 -132.99
CA LEU T 80 -52.17 -77.78 -132.63
C LEU T 80 -52.28 -77.98 -131.12
N VAL T 81 -51.17 -77.89 -130.40
CA VAL T 81 -51.16 -78.08 -128.94
C VAL T 81 -49.97 -77.33 -128.37
N THR T 82 -50.03 -77.05 -127.07
CA THR T 82 -49.01 -76.27 -126.40
C THR T 82 -48.71 -76.90 -125.03
N PHE T 83 -47.49 -77.38 -124.85
CA PHE T 83 -47.04 -77.93 -123.58
C PHE T 83 -46.48 -76.79 -122.74
N THR T 84 -47.28 -76.28 -121.80
CA THR T 84 -46.87 -75.12 -121.02
C THR T 84 -45.69 -75.44 -120.12
N GLU T 85 -45.65 -76.64 -119.55
CA GLU T 85 -44.58 -77.03 -118.65
C GLU T 85 -43.96 -78.34 -119.11
N PRO T 86 -42.68 -78.56 -118.81
CA PRO T 86 -42.01 -79.78 -119.27
C PRO T 86 -42.64 -81.03 -118.67
N LEU T 87 -42.69 -82.09 -119.48
CA LEU T 87 -43.05 -83.41 -118.98
C LEU T 87 -41.90 -83.96 -118.16
N VAL T 88 -42.16 -84.21 -116.87
CA VAL T 88 -41.14 -84.63 -115.92
C VAL T 88 -41.50 -86.02 -115.41
N SER T 89 -40.53 -86.92 -115.40
CA SER T 89 -40.72 -88.28 -114.92
C SER T 89 -39.59 -88.66 -113.98
N ASN T 90 -39.93 -89.32 -112.88
CA ASN T 90 -38.97 -89.78 -111.90
C ASN T 90 -39.27 -91.23 -111.54
N VAL T 91 -38.24 -92.06 -111.51
CA VAL T 91 -38.33 -93.44 -111.07
C VAL T 91 -37.22 -93.70 -110.08
N LYS T 92 -37.54 -94.32 -108.96
CA LYS T 92 -36.55 -94.60 -107.92
C LYS T 92 -36.83 -95.97 -107.34
N ALA T 93 -35.92 -96.92 -107.57
CA ALA T 93 -36.07 -98.28 -107.07
C ALA T 93 -34.89 -98.63 -106.17
N SER T 94 -35.17 -99.47 -105.17
CA SER T 94 -34.12 -99.93 -104.27
C SER T 94 -34.55 -101.27 -103.69
N SER T 95 -33.66 -102.25 -103.74
CA SER T 95 -33.98 -103.60 -103.28
C SER T 95 -32.77 -104.21 -102.59
N SER T 96 -33.03 -105.18 -101.73
CA SER T 96 -31.98 -105.90 -101.01
C SER T 96 -32.42 -107.34 -100.81
N ILE T 97 -31.47 -108.26 -100.94
CA ILE T 97 -31.72 -109.69 -100.81
C ILE T 97 -30.69 -110.27 -99.83
N GLY T 98 -31.16 -111.11 -98.91
CA GLY T 98 -30.27 -111.80 -98.00
C GLY T 98 -30.58 -113.27 -97.88
N LEU T 99 -29.62 -114.12 -98.23
CA LEU T 99 -29.80 -115.57 -98.21
C LEU T 99 -28.79 -116.18 -97.24
N GLN T 100 -29.26 -117.09 -96.40
CA GLN T 100 -28.40 -117.79 -95.47
C GLN T 100 -28.75 -119.27 -95.46
N ILE T 101 -27.74 -120.11 -95.61
CA ILE T 101 -27.89 -121.57 -95.51
C ILE T 101 -27.01 -122.00 -94.34
N LEU T 102 -27.64 -122.23 -93.19
CA LEU T 102 -27.01 -122.71 -91.96
C LEU T 102 -25.86 -121.76 -91.62
N LYS T 103 -24.67 -122.27 -91.28
CA LYS T 103 -23.48 -121.45 -91.16
C LYS T 103 -22.50 -121.73 -92.31
N HIS T 104 -23.01 -122.23 -93.43
CA HIS T 104 -22.20 -122.58 -94.58
C HIS T 104 -22.30 -121.60 -95.74
N PHE T 105 -23.45 -120.98 -95.94
CA PHE T 105 -23.61 -120.03 -97.04
C PHE T 105 -24.23 -118.75 -96.50
N ASP T 106 -23.73 -117.60 -96.95
CA ASP T 106 -24.29 -116.31 -96.53
C ASP T 106 -24.03 -115.29 -97.63
N SER T 107 -25.09 -114.90 -98.34
CA SER T 107 -24.98 -113.94 -99.43
C SER T 107 -25.88 -112.74 -99.15
N GLY T 108 -25.34 -111.55 -99.39
CA GLY T 108 -26.12 -110.33 -99.27
C GLY T 108 -25.94 -109.42 -100.46
N ALA T 109 -27.01 -109.15 -101.19
CA ALA T 109 -26.96 -108.31 -102.37
C ALA T 109 -27.90 -107.13 -102.20
N LYS T 110 -27.61 -106.05 -102.91
CA LYS T 110 -28.48 -104.88 -102.87
C LYS T 110 -28.26 -104.07 -104.14
N GLY T 111 -29.32 -103.39 -104.56
CA GLY T 111 -29.26 -102.59 -105.77
C GLY T 111 -30.15 -101.38 -105.64
N SER T 112 -29.81 -100.34 -106.39
CA SER T 112 -30.60 -99.12 -106.40
C SER T 112 -30.50 -98.46 -107.77
N LYS T 113 -31.54 -97.72 -108.13
CA LYS T 113 -31.60 -97.07 -109.43
C LYS T 113 -32.42 -95.79 -109.31
N ASN T 114 -31.94 -94.73 -109.94
CA ASN T 114 -32.63 -93.44 -109.98
C ASN T 114 -32.59 -92.91 -111.40
N PHE T 115 -33.76 -92.70 -111.98
CA PHE T 115 -33.92 -92.33 -113.38
C PHE T 115 -34.80 -91.09 -113.46
N ILE T 116 -34.31 -90.05 -114.14
CA ILE T 116 -35.02 -88.78 -114.25
C ILE T 116 -35.07 -88.36 -115.71
N THR T 117 -36.25 -87.92 -116.15
CA THR T 117 -36.44 -87.51 -117.54
C THR T 117 -37.21 -86.19 -117.57
N SER T 118 -36.85 -85.31 -118.50
CA SER T 118 -37.54 -84.05 -118.70
C SER T 118 -37.59 -83.72 -120.18
N ALA T 119 -38.79 -83.42 -120.68
CA ALA T 119 -38.97 -83.08 -122.08
C ALA T 119 -39.74 -81.78 -122.20
N SER T 120 -39.19 -80.81 -122.91
CA SER T 120 -39.81 -79.51 -123.13
C SER T 120 -40.00 -79.34 -124.63
N LEU T 121 -41.22 -79.56 -125.10
CA LEU T 121 -41.55 -79.47 -126.52
C LEU T 121 -42.11 -78.11 -126.92
N GLY T 122 -42.39 -77.23 -125.97
CA GLY T 122 -42.89 -75.91 -126.32
C GLY T 122 -44.23 -75.99 -127.03
N THR T 123 -44.29 -75.39 -128.21
CA THR T 123 -45.51 -75.35 -129.02
C THR T 123 -45.34 -76.26 -130.24
N VAL T 124 -46.37 -77.03 -130.54
CA VAL T 124 -46.40 -77.92 -131.70
C VAL T 124 -47.44 -77.41 -132.68
N VAL T 125 -47.05 -77.25 -133.94
CA VAL T 125 -47.96 -76.81 -134.98
C VAL T 125 -48.18 -77.95 -135.96
N LYS T 126 -49.20 -77.81 -136.79
CA LYS T 126 -49.54 -78.77 -137.82
C LYS T 126 -49.49 -78.09 -139.17
N ALA T 127 -48.83 -78.74 -140.13
CA ALA T 127 -48.69 -78.24 -141.49
C ALA T 127 -49.35 -79.21 -142.45
N GLU T 128 -50.10 -78.65 -143.41
CA GLU T 128 -50.88 -79.45 -144.34
C GLU T 128 -51.18 -78.61 -145.57
N THR T 129 -51.55 -79.31 -146.65
CA THR T 129 -51.91 -78.63 -147.89
C THR T 129 -53.09 -77.69 -147.67
N ILE T 130 -53.08 -76.56 -148.36
CA ILE T 130 -54.17 -75.59 -148.25
C ILE T 130 -55.49 -76.21 -148.71
N ASP T 131 -55.46 -76.92 -149.84
CA ASP T 131 -56.64 -77.59 -150.36
C ASP T 131 -56.24 -79.00 -150.76
N ILE T 132 -56.83 -80.00 -150.08
CA ILE T 132 -56.51 -81.39 -150.38
C ILE T 132 -57.40 -81.95 -151.48
N THR T 133 -58.61 -81.41 -151.64
CA THR T 133 -59.52 -81.90 -152.66
C THR T 133 -58.94 -81.71 -154.06
N LYS T 134 -58.34 -80.54 -154.32
CA LYS T 134 -57.73 -80.30 -155.63
C LYS T 134 -56.57 -81.27 -155.87
N VAL T 135 -55.73 -81.50 -154.85
CA VAL T 135 -54.62 -82.43 -154.98
C VAL T 135 -55.13 -83.82 -155.30
N LEU T 136 -56.18 -84.25 -154.60
CA LEU T 136 -56.73 -85.58 -154.85
C LEU T 136 -57.29 -85.69 -156.26
N ALA T 137 -58.02 -84.66 -156.71
CA ALA T 137 -58.58 -84.69 -158.06
C ALA T 137 -57.47 -84.80 -159.11
N LYS T 138 -56.44 -83.95 -158.98
CA LYS T 138 -55.34 -83.98 -159.94
C LYS T 138 -54.62 -85.32 -159.91
N VAL T 139 -54.43 -85.90 -158.71
CA VAL T 139 -53.79 -87.21 -158.62
C VAL T 139 -54.60 -88.24 -159.39
N ARG T 140 -55.91 -88.25 -159.15
CA ARG T 140 -56.77 -89.23 -159.81
C ARG T 140 -56.76 -89.06 -161.33
N THR T 141 -56.64 -87.82 -161.80
CA THR T 141 -56.63 -87.58 -163.23
C THR T 141 -55.22 -87.57 -163.84
N ALA T 142 -54.18 -87.80 -163.03
CA ALA T 142 -52.81 -87.72 -163.49
C ALA T 142 -52.15 -89.09 -163.49
N LYS T 143 -51.23 -89.30 -164.42
CA LYS T 143 -50.47 -90.54 -164.53
C LYS T 143 -49.09 -90.41 -163.90
N ALA T 144 -48.59 -91.51 -163.35
CA ALA T 144 -47.29 -91.52 -162.71
C ALA T 144 -46.18 -91.46 -163.76
N LYS T 145 -44.96 -91.24 -163.28
CA LYS T 145 -43.80 -91.14 -164.16
C LYS T 145 -43.39 -92.52 -164.66
N VAL T 146 -43.41 -92.71 -165.99
CA VAL T 146 -43.03 -93.99 -166.56
C VAL T 146 -41.57 -94.30 -166.28
N GLU T 147 -40.71 -93.27 -166.33
CA GLU T 147 -39.28 -93.47 -166.06
C GLU T 147 -39.03 -93.98 -164.65
N ASN T 148 -39.83 -93.54 -163.67
CA ASN T 148 -39.57 -93.91 -162.28
C ASN T 148 -39.62 -95.42 -162.10
N ASP T 149 -38.65 -95.94 -161.35
CA ASP T 149 -38.53 -97.37 -161.09
C ASP T 149 -39.34 -97.81 -159.86
N LEU T 150 -39.40 -96.94 -158.84
CA LEU T 150 -40.14 -97.26 -157.63
C LEU T 150 -41.60 -97.59 -157.92
N VAL T 151 -42.24 -96.76 -158.77
CA VAL T 151 -43.64 -96.99 -159.12
C VAL T 151 -43.81 -98.36 -159.77
N SER T 152 -42.93 -98.70 -160.71
CA SER T 152 -43.01 -99.99 -161.37
C SER T 152 -42.82 -101.13 -160.38
N ARG T 153 -41.85 -100.99 -159.48
CA ARG T 153 -41.65 -102.01 -158.45
C ARG T 153 -42.92 -102.22 -157.62
N VAL T 154 -43.51 -101.13 -157.14
CA VAL T 154 -44.73 -101.23 -156.33
C VAL T 154 -45.88 -101.83 -157.14
N MET T 155 -45.94 -101.50 -158.43
CA MET T 155 -47.00 -102.05 -159.29
C MET T 155 -46.84 -103.56 -159.44
N LYS T 156 -45.62 -104.03 -159.69
CA LYS T 156 -45.43 -105.46 -159.93
C LYS T 156 -45.55 -106.26 -158.63
N THR T 157 -45.12 -105.69 -157.50
CA THR T 157 -45.23 -106.39 -156.24
C THR T 157 -46.62 -106.19 -155.65
N LYS T 158 -47.03 -107.16 -154.82
CA LYS T 158 -48.34 -107.13 -154.19
C LYS T 158 -48.30 -106.65 -152.75
N ARG T 159 -47.19 -106.87 -152.04
CA ARG T 159 -47.11 -106.42 -150.65
C ARG T 159 -46.95 -104.90 -150.57
N LEU T 160 -46.14 -104.32 -151.45
CA LEU T 160 -45.83 -102.91 -151.37
C LEU T 160 -47.04 -102.05 -151.72
N CYS T 161 -47.22 -100.96 -150.98
CA CYS T 161 -48.25 -99.98 -151.25
C CYS T 161 -47.65 -98.58 -151.14
N LEU T 162 -48.27 -97.63 -151.84
CA LEU T 162 -47.81 -96.24 -151.82
C LEU T 162 -48.70 -95.39 -150.93
N GLY T 163 -48.09 -94.44 -150.24
CA GLY T 163 -48.83 -93.54 -149.38
C GLY T 163 -48.36 -92.10 -149.50
N LEU T 164 -49.32 -91.18 -149.59
CA LEU T 164 -49.02 -89.75 -149.69
C LEU T 164 -49.25 -89.12 -148.32
N VAL T 165 -48.22 -88.45 -147.80
CA VAL T 165 -48.33 -87.80 -146.51
C VAL T 165 -49.09 -86.49 -146.66
N VAL T 166 -50.07 -86.27 -145.79
CA VAL T 166 -50.97 -85.13 -145.94
C VAL T 166 -50.92 -84.15 -144.77
N GLU T 167 -50.41 -84.53 -143.61
CA GLU T 167 -50.32 -83.60 -142.49
C GLU T 167 -49.15 -83.99 -141.61
N THR T 168 -48.47 -83.00 -141.05
CA THR T 168 -47.29 -83.24 -140.23
C THR T 168 -47.28 -82.32 -139.02
N ALA T 169 -46.88 -82.87 -137.88
CA ALA T 169 -46.76 -82.11 -136.64
C ALA T 169 -45.30 -81.77 -136.41
N CYS T 170 -45.01 -80.48 -136.26
CA CYS T 170 -43.64 -79.99 -136.12
C CYS T 170 -43.52 -79.02 -134.96
N VAL T 171 -42.37 -79.02 -134.30
CA VAL T 171 -42.14 -78.11 -133.18
C VAL T 171 -41.89 -76.71 -133.72
N ALA T 172 -42.58 -75.72 -133.15
CA ALA T 172 -42.39 -74.34 -133.61
C ALA T 172 -41.04 -73.79 -133.17
N ALA T 173 -40.60 -74.12 -131.96
CA ALA T 173 -39.34 -73.63 -131.42
C ALA T 173 -38.47 -74.81 -131.01
N ALA T 174 -37.29 -74.50 -130.47
CA ALA T 174 -36.35 -75.54 -130.07
C ALA T 174 -36.92 -76.36 -128.92
N GLY T 175 -36.68 -77.66 -128.97
CA GLY T 175 -37.16 -78.59 -127.94
C GLY T 175 -36.00 -79.19 -127.18
N LYS T 176 -36.14 -79.27 -125.87
CA LYS T 176 -35.06 -79.71 -124.99
C LYS T 176 -35.39 -81.05 -124.34
N LEU T 177 -34.47 -82.00 -124.43
CA LEU T 177 -34.65 -83.33 -123.85
C LEU T 177 -33.48 -83.64 -122.93
N THR T 178 -33.77 -83.93 -121.67
CA THR T 178 -32.75 -84.19 -120.66
C THR T 178 -33.05 -85.51 -119.94
N GLU T 179 -31.99 -86.30 -119.72
CA GLU T 179 -32.10 -87.59 -119.05
C GLU T 179 -30.92 -87.78 -118.11
N ALA T 180 -31.20 -88.30 -116.92
CA ALA T 180 -30.18 -88.59 -115.92
C ALA T 180 -30.41 -89.98 -115.34
N ASP T 181 -29.33 -90.75 -115.21
CA ASP T 181 -29.39 -92.12 -114.72
C ASP T 181 -28.30 -92.31 -113.68
N ASN T 182 -28.64 -92.94 -112.55
CA ASN T 182 -27.66 -93.27 -111.52
C ASN T 182 -28.07 -94.60 -110.91
N TRP T 183 -27.28 -95.65 -111.15
CA TRP T 183 -27.64 -96.94 -110.55
C TRP T 183 -26.41 -97.59 -109.93
N GLU T 184 -26.65 -98.47 -108.96
CA GLU T 184 -25.59 -99.00 -108.12
C GLU T 184 -25.93 -100.43 -107.69
N ILE T 185 -24.92 -101.29 -107.66
CA ILE T 185 -25.04 -102.68 -107.25
C ILE T 185 -23.95 -102.98 -106.23
N SER T 186 -24.32 -103.61 -105.12
CA SER T 186 -23.35 -104.03 -104.11
C SER T 186 -23.68 -105.44 -103.66
N GLY T 187 -22.76 -106.37 -103.88
CA GLY T 187 -22.99 -107.76 -103.55
C GLY T 187 -21.86 -108.33 -102.73
N HIS T 188 -22.20 -109.32 -101.89
CA HIS T 188 -21.25 -109.97 -101.00
C HIS T 188 -21.62 -111.43 -100.85
N THR T 189 -20.61 -112.29 -100.83
CA THR T 189 -20.80 -113.74 -100.76
C THR T 189 -19.79 -114.31 -99.76
N ASN T 190 -20.27 -115.20 -98.89
CA ASN T 190 -19.42 -115.87 -97.91
C ASN T 190 -19.76 -117.36 -97.92
N ALA T 191 -18.84 -118.18 -98.41
CA ALA T 191 -18.98 -119.62 -98.43
C ALA T 191 -18.01 -120.19 -97.40
N ASN T 192 -18.55 -120.63 -96.26
CA ASN T 192 -17.76 -121.21 -95.18
C ASN T 192 -17.90 -122.72 -95.22
N ILE T 193 -16.77 -123.42 -95.34
CA ILE T 193 -16.74 -124.87 -95.33
C ILE T 193 -15.71 -125.29 -94.28
N GLY T 194 -15.78 -126.57 -93.89
CA GLY T 194 -14.89 -127.07 -92.86
C GLY T 194 -13.41 -126.88 -93.18
N GLU T 195 -13.05 -126.97 -94.45
CA GLU T 195 -11.66 -126.80 -94.88
C GLU T 195 -11.48 -125.67 -95.89
N ALA T 196 -12.49 -124.86 -96.12
CA ALA T 196 -12.39 -123.78 -97.10
C ALA T 196 -13.25 -122.60 -96.65
N VAL T 197 -12.71 -121.39 -96.82
CA VAL T 197 -13.44 -120.15 -96.53
C VAL T 197 -13.25 -119.23 -97.71
N VAL T 198 -14.35 -118.80 -98.32
CA VAL T 198 -14.32 -117.89 -99.47
C VAL T 198 -15.16 -116.66 -99.12
N THR T 199 -14.59 -115.48 -99.31
CA THR T 199 -15.27 -114.22 -99.04
C THR T 199 -15.07 -113.29 -100.22
N ALA T 200 -16.13 -113.08 -101.00
CA ALA T 200 -16.09 -112.24 -102.18
C ALA T 200 -17.00 -111.03 -102.01
N THR T 201 -16.61 -109.91 -102.61
CA THR T 201 -17.36 -108.67 -102.52
C THR T 201 -17.18 -107.90 -103.83
N ALA T 202 -18.26 -107.28 -104.30
CA ALA T 202 -18.21 -106.52 -105.54
C ALA T 202 -19.16 -105.32 -105.45
N GLU T 203 -18.64 -104.14 -105.73
CA GLU T 203 -19.42 -102.91 -105.75
C GLU T 203 -19.20 -102.18 -107.06
N LEU T 204 -20.28 -101.68 -107.65
CA LEU T 204 -20.14 -100.85 -108.84
C LEU T 204 -21.32 -99.87 -108.91
N ASP T 205 -21.12 -98.80 -109.67
CA ASP T 205 -22.16 -97.80 -109.85
C ASP T 205 -21.87 -97.00 -111.10
N LYS T 206 -22.92 -96.75 -111.90
CA LYS T 206 -22.82 -96.04 -113.15
C LYS T 206 -23.70 -94.80 -113.11
N ASN T 207 -23.18 -93.70 -113.65
CA ASN T 207 -23.89 -92.43 -113.73
C ASN T 207 -23.80 -91.92 -115.17
N LEU T 208 -24.95 -91.55 -115.73
CA LEU T 208 -25.04 -91.03 -117.09
C LEU T 208 -25.93 -89.81 -117.13
N SER T 209 -25.68 -88.93 -118.09
CA SER T 209 -26.51 -87.74 -118.28
C SER T 209 -26.43 -87.33 -119.75
N ARG T 210 -27.59 -87.22 -120.40
CA ARG T 210 -27.66 -86.86 -121.80
C ARG T 210 -28.65 -85.71 -121.98
N LYS T 211 -28.21 -84.64 -122.64
CA LYS T 211 -29.04 -83.46 -122.85
C LYS T 211 -28.90 -83.01 -124.29
N ILE T 212 -30.01 -82.96 -125.02
CA ILE T 212 -30.01 -82.57 -126.43
C ILE T 212 -31.11 -81.54 -126.67
N GLU T 213 -31.04 -80.90 -127.84
CA GLU T 213 -31.96 -79.85 -128.22
C GLU T 213 -32.26 -79.96 -129.71
N ILE T 214 -33.46 -80.40 -130.04
CA ILE T 214 -33.89 -80.47 -131.45
C ILE T 214 -34.23 -79.07 -131.94
N PRO T 215 -33.89 -78.73 -133.18
CA PRO T 215 -34.11 -77.37 -133.66
C PRO T 215 -35.55 -77.18 -134.14
N PRO T 216 -35.98 -75.94 -134.33
CA PRO T 216 -37.33 -75.70 -134.85
C PRO T 216 -37.54 -76.34 -136.22
N GLY T 217 -38.75 -76.83 -136.46
CA GLY T 217 -39.11 -77.45 -137.70
C GLY T 217 -39.00 -78.95 -137.74
N THR T 218 -38.46 -79.57 -136.69
CA THR T 218 -38.33 -81.02 -136.65
C THR T 218 -39.71 -81.67 -136.61
N ALA T 219 -39.93 -82.63 -137.51
CA ALA T 219 -41.21 -83.32 -137.55
C ALA T 219 -41.32 -84.32 -136.41
N LEU T 220 -42.54 -84.48 -135.90
CA LEU T 220 -42.82 -85.42 -134.82
C LEU T 220 -43.71 -86.58 -135.23
N ALA T 221 -44.77 -86.31 -135.99
CA ALA T 221 -45.71 -87.35 -136.38
C ALA T 221 -46.39 -86.94 -137.67
N TYR T 222 -47.05 -87.91 -138.31
CA TYR T 222 -47.64 -87.67 -139.61
C TYR T 222 -48.80 -88.62 -139.84
N SER T 223 -49.62 -88.30 -140.84
CA SER T 223 -50.69 -89.15 -141.31
C SER T 223 -50.66 -89.18 -142.82
N PHE T 224 -51.08 -90.30 -143.40
CA PHE T 224 -50.96 -90.47 -144.85
C PHE T 224 -52.19 -91.16 -145.40
N MET T 225 -52.38 -91.02 -146.71
CA MET T 225 -53.47 -91.62 -147.45
C MET T 225 -52.92 -92.61 -148.47
N ASP T 226 -53.59 -93.75 -148.61
CA ASP T 226 -53.10 -94.80 -149.48
C ASP T 226 -53.36 -94.48 -150.95
N LEU T 227 -52.60 -95.15 -151.82
CA LEU T 227 -52.74 -94.99 -153.26
C LEU T 227 -52.70 -96.37 -153.92
N GLU T 228 -53.01 -96.38 -155.21
CA GLU T 228 -53.04 -97.62 -155.98
C GLU T 228 -52.66 -97.33 -157.43
N ILE T 229 -51.68 -98.06 -157.94
CA ILE T 229 -51.25 -97.92 -159.33
C ILE T 229 -52.18 -98.73 -160.22
N LEU T 230 -52.77 -98.08 -161.22
CA LEU T 230 -53.57 -98.80 -162.20
C LEU T 230 -52.65 -99.62 -163.11
N GLU T 231 -53.26 -100.35 -164.05
CA GLU T 231 -52.49 -101.04 -165.08
C GLU T 231 -51.59 -100.06 -165.81
N ASP T 232 -52.14 -98.91 -166.21
CA ASP T 232 -51.35 -97.83 -166.77
C ASP T 232 -50.64 -97.07 -165.65
N ARG T 233 -49.95 -95.99 -166.02
CA ARG T 233 -49.31 -95.13 -165.03
C ARG T 233 -50.30 -94.35 -164.18
N SER T 234 -51.59 -94.42 -164.49
CA SER T 234 -52.60 -93.71 -163.72
C SER T 234 -52.60 -94.15 -162.26
N LEU T 235 -52.94 -93.20 -161.38
CA LEU T 235 -53.00 -93.45 -159.94
C LEU T 235 -54.43 -93.23 -159.45
N ARG T 236 -54.80 -94.01 -158.42
CA ARG T 236 -56.12 -93.90 -157.81
C ARG T 236 -55.95 -93.88 -156.30
N VAL T 237 -56.96 -93.35 -155.61
CA VAL T 237 -56.94 -93.31 -154.16
C VAL T 237 -57.81 -94.45 -153.64
N SER T 238 -57.37 -95.07 -152.54
CA SER T 238 -58.05 -96.22 -151.98
C SER T 238 -58.40 -95.96 -150.52
N SER T 239 -59.58 -96.40 -150.11
CA SER T 239 -60.09 -96.17 -148.76
C SER T 239 -60.52 -97.50 -148.16
N SER T 240 -59.85 -97.91 -147.08
CA SER T 240 -60.25 -99.09 -146.33
C SER T 240 -61.44 -98.72 -145.45
N ALA T 241 -62.63 -99.21 -145.82
CA ALA T 241 -63.87 -98.88 -145.13
C ALA T 241 -64.11 -97.37 -145.11
N GLY T 242 -63.67 -96.67 -146.15
CA GLY T 242 -63.86 -95.24 -146.26
C GLY T 242 -63.04 -94.41 -145.29
N ALA T 243 -61.96 -94.97 -144.73
CA ALA T 243 -61.16 -94.22 -143.77
C ALA T 243 -60.45 -93.04 -144.43
N MET T 244 -59.73 -93.30 -145.53
CA MET T 244 -58.93 -92.29 -146.22
C MET T 244 -57.90 -91.64 -145.32
N PHE T 245 -57.59 -92.26 -144.18
CA PHE T 245 -56.57 -91.75 -143.26
C PHE T 245 -55.95 -92.96 -142.59
N ASP T 246 -54.77 -93.36 -143.07
CA ASP T 246 -54.12 -94.56 -142.57
C ASP T 246 -53.06 -94.17 -141.53
N SER T 247 -53.10 -94.84 -140.38
CA SER T 247 -52.15 -94.60 -139.31
C SER T 247 -51.16 -95.75 -139.14
N GLY T 248 -51.01 -96.58 -140.16
CA GLY T 248 -50.13 -97.73 -140.05
C GLY T 248 -50.59 -98.72 -138.99
N LYS T 249 -51.89 -98.94 -138.88
CA LYS T 249 -52.46 -99.84 -137.88
C LYS T 249 -52.86 -101.15 -138.51
N ALA T 250 -52.82 -102.22 -137.71
CA ALA T 250 -53.24 -103.52 -138.19
C ALA T 250 -54.73 -103.54 -138.46
N GLU T 251 -55.15 -104.38 -139.40
CA GLU T 251 -56.55 -104.47 -139.76
C GLU T 251 -57.39 -104.95 -138.59
N SER T 252 -56.89 -105.94 -137.84
CA SER T 252 -57.57 -106.49 -136.67
C SER T 252 -58.98 -106.99 -137.02
CA ARG U 3 -56.71 -92.30 -120.24
C ARG U 3 -56.18 -90.92 -120.58
N PRO U 4 -56.21 -90.56 -121.86
CA PRO U 4 -55.73 -89.24 -122.27
C PRO U 4 -56.53 -88.13 -121.61
N MET U 5 -55.82 -87.04 -121.26
CA MET U 5 -56.47 -85.92 -120.62
C MET U 5 -57.53 -85.30 -121.52
N PHE U 6 -57.24 -85.20 -122.82
CA PHE U 6 -58.22 -84.64 -123.75
C PHE U 6 -59.49 -85.48 -123.76
N ALA U 7 -59.35 -86.81 -123.79
CA ALA U 7 -60.52 -87.68 -123.79
C ALA U 7 -61.29 -87.54 -122.47
N VAL U 8 -60.58 -87.47 -121.35
CA VAL U 8 -61.26 -87.31 -120.06
C VAL U 8 -62.03 -86.00 -120.02
N ALA U 9 -61.41 -84.91 -120.48
CA ALA U 9 -62.09 -83.62 -120.47
C ALA U 9 -63.29 -83.62 -121.42
N VAL U 10 -63.16 -84.28 -122.57
CA VAL U 10 -64.28 -84.37 -123.50
C VAL U 10 -65.44 -85.13 -122.85
N ASN U 11 -65.13 -86.23 -122.17
CA ASN U 11 -66.19 -86.98 -121.50
C ASN U 11 -66.85 -86.15 -120.39
N GLU U 12 -66.04 -85.42 -119.63
CA GLU U 12 -66.60 -84.57 -118.58
C GLU U 12 -67.53 -83.51 -119.17
N PHE U 13 -67.10 -82.86 -120.24
CA PHE U 13 -67.92 -81.83 -120.87
C PHE U 13 -69.21 -82.43 -121.42
N ILE U 14 -69.12 -83.57 -122.11
CA ILE U 14 -70.30 -84.14 -122.73
C ILE U 14 -71.27 -84.65 -121.67
N ARG U 15 -70.77 -85.09 -120.52
CA ARG U 15 -71.66 -85.46 -119.43
C ARG U 15 -72.34 -84.24 -118.82
N SER U 16 -71.56 -83.19 -118.54
CA SER U 16 -72.14 -82.01 -117.91
C SER U 16 -73.17 -81.35 -118.80
N ALA U 17 -72.88 -81.23 -120.10
CA ALA U 17 -73.77 -80.61 -121.06
C ALA U 17 -73.90 -81.50 -122.28
N GLY U 18 -75.12 -81.67 -122.76
CA GLY U 18 -75.35 -82.45 -123.97
C GLY U 18 -75.02 -83.91 -123.85
N GLN U 19 -75.47 -84.57 -122.77
CA GLN U 19 -75.23 -85.99 -122.61
C GLN U 19 -75.88 -86.79 -123.72
N ASP U 20 -76.96 -86.28 -124.30
CA ASP U 20 -77.62 -86.90 -125.42
C ASP U 20 -77.38 -86.07 -126.69
N SER U 21 -77.42 -86.76 -127.83
CA SER U 21 -77.25 -86.13 -129.14
C SER U 21 -75.91 -85.39 -129.23
N LEU U 22 -74.84 -86.06 -128.85
CA LEU U 22 -73.51 -85.47 -128.90
C LEU U 22 -72.48 -86.59 -128.93
N CYS U 23 -71.48 -86.45 -129.80
CA CYS U 23 -70.43 -87.45 -129.99
C CYS U 23 -69.09 -86.83 -129.62
N GLY U 24 -68.33 -87.54 -128.78
CA GLY U 24 -67.02 -87.06 -128.39
C GLY U 24 -66.03 -87.07 -129.55
N VAL U 25 -65.02 -86.22 -129.44
CA VAL U 25 -63.97 -86.10 -130.44
C VAL U 25 -62.85 -87.08 -130.09
N PRO U 26 -62.39 -87.89 -131.03
CA PRO U 26 -61.38 -88.90 -130.70
C PRO U 26 -60.06 -88.33 -130.22
N ASP U 27 -59.54 -87.30 -130.88
CA ASP U 27 -58.24 -86.76 -130.51
C ASP U 27 -58.11 -85.34 -131.01
N ILE U 28 -57.11 -84.64 -130.46
CA ILE U 28 -56.90 -83.23 -130.80
C ILE U 28 -56.56 -83.08 -132.28
N ASN U 29 -55.75 -83.99 -132.81
CA ASN U 29 -55.34 -83.89 -134.20
C ASN U 29 -56.54 -83.97 -135.15
N SER U 30 -57.45 -84.89 -134.88
CA SER U 30 -58.62 -85.08 -135.72
C SER U 30 -59.81 -84.23 -135.30
N SER U 31 -59.64 -83.40 -134.27
CA SER U 31 -60.74 -82.52 -133.85
C SER U 31 -61.14 -81.57 -134.96
N GLY U 32 -60.18 -81.09 -135.75
CA GLY U 32 -60.49 -80.11 -136.78
C GLY U 32 -61.24 -80.66 -137.98
N ASP U 33 -61.39 -81.98 -138.07
CA ASP U 33 -62.10 -82.59 -139.19
C ASP U 33 -63.59 -82.79 -138.91
N PHE U 34 -64.08 -82.34 -137.75
CA PHE U 34 -65.48 -82.51 -137.37
C PHE U 34 -66.19 -81.17 -137.27
N MET U 35 -65.80 -80.20 -138.09
CA MET U 35 -66.49 -78.94 -138.17
C MET U 35 -67.79 -79.10 -138.96
N PRO U 36 -68.72 -78.15 -138.83
CA PRO U 36 -70.01 -78.29 -139.54
C PRO U 36 -69.83 -78.40 -141.04
N LEU U 37 -70.75 -79.12 -141.67
CA LEU U 37 -70.75 -79.37 -143.12
C LEU U 37 -69.54 -80.21 -143.54
N HIS U 38 -69.30 -81.28 -142.78
CA HIS U 38 -68.27 -82.25 -143.10
C HIS U 38 -68.89 -83.63 -143.24
N ILE U 39 -68.35 -84.42 -144.15
CA ILE U 39 -68.84 -85.78 -144.41
C ILE U 39 -68.06 -86.75 -143.54
N ILE U 40 -68.77 -87.68 -142.90
CA ILE U 40 -68.16 -88.74 -142.11
C ILE U 40 -68.78 -90.06 -142.53
N VAL U 41 -68.08 -91.15 -142.24
CA VAL U 41 -68.52 -92.49 -142.59
C VAL U 41 -68.82 -93.26 -141.31
N LYS U 42 -69.95 -93.94 -141.29
CA LYS U 42 -70.38 -94.75 -140.15
C LYS U 42 -70.38 -96.22 -140.54
N GLU U 43 -69.76 -97.04 -139.70
CA GLU U 43 -69.65 -98.48 -139.91
C GLU U 43 -70.38 -99.20 -138.79
N VAL U 44 -71.23 -100.15 -139.16
CA VAL U 44 -72.03 -100.90 -138.20
C VAL U 44 -71.14 -101.88 -137.44
N PRO U 45 -71.50 -102.26 -136.21
CA PRO U 45 -70.65 -103.19 -135.45
C PRO U 45 -70.48 -104.54 -136.13
N LYS U 46 -71.50 -105.02 -136.84
CA LYS U 46 -71.54 -106.30 -137.56
C LYS U 46 -71.57 -107.50 -136.61
N VAL U 47 -71.49 -107.30 -135.31
CA VAL U 47 -71.54 -108.40 -134.34
C VAL U 47 -72.77 -108.24 -133.48
N LEU U 48 -72.87 -107.12 -132.76
CA LEU U 48 -74.02 -106.79 -131.92
C LEU U 48 -74.45 -105.37 -132.27
N PRO U 49 -75.10 -105.17 -133.42
CA PRO U 49 -75.45 -103.81 -133.84
C PRO U 49 -76.34 -103.08 -132.85
N CYS U 50 -77.26 -103.79 -132.19
CA CYS U 50 -78.15 -103.16 -131.23
C CYS U 50 -77.52 -103.02 -129.85
N CYS U 51 -76.34 -103.62 -129.61
CA CYS U 51 -75.69 -103.56 -128.31
C CYS U 51 -74.39 -102.78 -128.32
N ARG U 52 -73.82 -102.49 -129.48
CA ARG U 52 -72.54 -101.81 -129.58
C ARG U 52 -72.70 -100.56 -130.44
N ARG U 53 -72.05 -99.47 -130.03
CA ARG U 53 -72.11 -98.24 -130.79
C ARG U 53 -71.26 -98.36 -132.06
N PRO U 54 -71.69 -97.73 -133.15
CA PRO U 54 -70.96 -97.88 -134.43
C PRO U 54 -69.60 -97.18 -134.42
N LYS U 55 -68.88 -97.30 -135.52
CA LYS U 55 -67.54 -96.72 -135.67
C LYS U 55 -67.61 -95.54 -136.63
N ILE U 56 -67.02 -94.42 -136.23
CA ILE U 56 -67.08 -93.18 -137.00
C ILE U 56 -65.71 -92.88 -137.58
N LYS U 57 -65.65 -92.64 -138.88
CA LYS U 57 -64.42 -92.39 -139.62
C LYS U 57 -64.50 -91.01 -140.26
N ARG U 58 -63.47 -90.21 -140.06
CA ARG U 58 -63.40 -88.88 -140.66
C ARG U 58 -62.95 -88.98 -142.11
N THR U 59 -63.40 -88.02 -142.91
CA THR U 59 -63.02 -87.94 -144.32
C THR U 59 -62.63 -86.51 -144.66
N PRO U 60 -61.73 -86.34 -145.63
CA PRO U 60 -61.32 -84.98 -146.04
C PRO U 60 -62.23 -84.41 -147.13
N TYR U 61 -63.52 -84.31 -146.82
CA TYR U 61 -64.50 -83.83 -147.78
C TYR U 61 -65.49 -82.91 -147.09
N THR U 62 -65.98 -81.93 -147.85
CA THR U 62 -67.09 -81.09 -147.46
C THR U 62 -68.30 -81.39 -148.34
N LEU U 63 -69.44 -80.81 -147.97
CA LEU U 63 -70.66 -81.06 -148.72
C LEU U 63 -70.54 -80.57 -150.16
N ASN U 64 -69.98 -79.38 -150.35
CA ASN U 64 -69.87 -78.81 -151.69
C ASN U 64 -68.92 -79.64 -152.55
N ASP U 65 -67.85 -80.19 -151.96
CA ASP U 65 -66.96 -81.04 -152.72
C ASP U 65 -67.61 -82.36 -153.07
N ILE U 66 -68.35 -82.95 -152.12
CA ILE U 66 -68.96 -84.26 -152.38
C ILE U 66 -70.13 -84.15 -153.35
N LEU U 67 -70.75 -82.97 -153.44
CA LEU U 67 -71.92 -82.78 -154.29
C LEU U 67 -71.54 -82.11 -155.59
N ASP U 68 -72.15 -82.57 -156.68
CA ASP U 68 -71.98 -81.89 -157.96
C ASP U 68 -72.55 -80.48 -157.91
N GLU U 69 -73.72 -80.31 -157.28
CA GLU U 69 -74.34 -79.00 -157.16
C GLU U 69 -74.00 -78.39 -155.81
N PRO U 70 -73.42 -77.19 -155.77
CA PRO U 70 -73.06 -76.60 -154.47
C PRO U 70 -74.28 -76.15 -153.69
N CYS U 71 -74.08 -76.00 -152.38
CA CYS U 71 -75.09 -75.57 -151.44
C CYS U 71 -74.54 -74.40 -150.63
N PRO U 72 -75.41 -73.55 -150.08
CA PRO U 72 -74.93 -72.49 -149.19
C PRO U 72 -74.24 -73.09 -147.98
N ASN U 73 -73.19 -72.41 -147.51
CA ASN U 73 -72.33 -72.94 -146.46
C ASN U 73 -72.02 -71.94 -145.35
N GLN U 74 -72.74 -70.83 -145.27
CA GLN U 74 -72.48 -69.85 -144.23
C GLN U 74 -72.78 -70.42 -142.86
N LEU U 75 -72.02 -69.98 -141.86
CA LEU U 75 -72.11 -70.50 -140.50
C LEU U 75 -72.38 -69.37 -139.51
N LYS U 76 -72.71 -69.75 -138.29
CA LYS U 76 -72.90 -68.82 -137.19
C LYS U 76 -72.59 -69.54 -135.89
N SER U 77 -72.17 -68.77 -134.89
CA SER U 77 -71.79 -69.32 -133.61
C SER U 77 -72.47 -68.54 -132.48
N SER U 78 -72.72 -69.25 -131.38
CA SER U 78 -73.35 -68.66 -130.21
C SER U 78 -72.92 -69.43 -128.97
N ASP U 79 -72.98 -68.76 -127.82
CA ASP U 79 -72.51 -69.37 -126.59
C ASP U 79 -73.39 -70.56 -126.20
N LEU U 80 -72.75 -71.56 -125.59
CA LEU U 80 -73.44 -72.77 -125.16
C LEU U 80 -73.37 -72.98 -123.66
N VAL U 81 -72.17 -72.97 -123.07
CA VAL U 81 -71.99 -73.19 -121.64
C VAL U 81 -70.70 -72.52 -121.22
N THR U 82 -70.56 -72.25 -119.93
CA THR U 82 -69.42 -71.54 -119.38
C THR U 82 -69.00 -72.20 -118.07
N PHE U 83 -67.79 -72.77 -118.04
CA PHE U 83 -67.23 -73.36 -116.84
C PHE U 83 -66.49 -72.26 -116.07
N THR U 84 -67.13 -71.72 -115.04
CA THR U 84 -66.55 -70.59 -114.31
C THR U 84 -65.29 -71.00 -113.57
N GLU U 85 -65.26 -72.21 -113.01
CA GLU U 85 -64.11 -72.67 -112.26
C GLU U 85 -63.64 -74.01 -112.80
N PRO U 86 -62.35 -74.32 -112.66
CA PRO U 86 -61.83 -75.57 -113.21
C PRO U 86 -62.45 -76.79 -112.55
N LEU U 87 -62.66 -77.83 -113.34
CA LEU U 87 -63.05 -79.13 -112.81
C LEU U 87 -61.83 -79.76 -112.14
N VAL U 88 -61.94 -80.02 -110.84
CA VAL U 88 -60.84 -80.51 -110.02
C VAL U 88 -61.23 -81.87 -109.47
N SER U 89 -60.32 -82.84 -109.59
CA SER U 89 -60.54 -84.19 -109.09
C SER U 89 -59.32 -84.65 -108.31
N ASN U 90 -59.57 -85.30 -107.17
CA ASN U 90 -58.51 -85.82 -106.32
C ASN U 90 -58.87 -87.26 -105.93
N VAL U 91 -57.89 -88.15 -106.04
CA VAL U 91 -58.03 -89.54 -105.60
C VAL U 91 -56.80 -89.87 -104.76
N LYS U 92 -57.02 -90.49 -103.61
CA LYS U 92 -55.93 -90.84 -102.70
C LYS U 92 -56.23 -92.20 -102.10
N ALA U 93 -55.42 -93.20 -102.43
CA ALA U 93 -55.59 -94.55 -101.94
C ALA U 93 -54.34 -94.99 -101.19
N SER U 94 -54.53 -95.82 -100.17
CA SER U 94 -53.42 -96.35 -99.41
C SER U 94 -53.85 -97.67 -98.78
N SER U 95 -53.03 -98.71 -98.94
CA SER U 95 -53.38 -100.03 -98.45
C SER U 95 -52.12 -100.73 -97.93
N SER U 96 -52.35 -101.70 -97.05
CA SER U 96 -51.27 -102.49 -96.47
C SER U 96 -51.76 -103.90 -96.22
N ILE U 97 -50.90 -104.87 -96.47
CA ILE U 97 -51.22 -106.29 -96.31
C ILE U 97 -50.12 -106.94 -95.48
N GLY U 98 -50.51 -107.77 -94.51
CA GLY U 98 -49.56 -108.51 -93.71
C GLY U 98 -49.96 -109.97 -93.57
N LEU U 99 -49.10 -110.88 -94.04
CA LEU U 99 -49.37 -112.31 -94.00
C LEU U 99 -48.29 -112.98 -93.16
N GLN U 100 -48.71 -113.87 -92.27
CA GLN U 100 -47.78 -114.64 -91.45
C GLN U 100 -48.23 -116.10 -91.41
N ILE U 101 -47.30 -117.00 -91.70
CA ILE U 101 -47.52 -118.44 -91.58
C ILE U 101 -46.53 -118.95 -90.53
N LEU U 102 -47.04 -119.14 -89.31
CA LEU U 102 -46.27 -119.68 -88.17
C LEU U 102 -45.04 -118.81 -87.98
N LYS U 103 -43.85 -119.40 -87.80
CA LYS U 103 -42.60 -118.66 -87.83
C LYS U 103 -41.80 -118.98 -89.10
N HIS U 104 -42.48 -119.44 -90.15
CA HIS U 104 -41.83 -119.83 -91.39
C HIS U 104 -42.02 -118.83 -92.52
N PHE U 105 -43.14 -118.13 -92.57
CA PHE U 105 -43.38 -117.16 -93.63
C PHE U 105 -43.85 -115.85 -93.02
N ASP U 106 -43.34 -114.73 -93.52
CA ASP U 106 -43.75 -113.42 -93.03
C ASP U 106 -43.58 -112.40 -94.15
N SER U 107 -44.68 -111.94 -94.72
CA SER U 107 -44.66 -110.97 -95.81
C SER U 107 -45.43 -109.72 -95.41
N GLY U 108 -44.85 -108.56 -95.71
CA GLY U 108 -45.53 -107.30 -95.49
C GLY U 108 -45.44 -106.39 -96.70
N ALA U 109 -46.58 -106.04 -97.29
CA ALA U 109 -46.63 -105.20 -98.46
C ALA U 109 -47.45 -103.96 -98.17
N LYS U 110 -47.19 -102.89 -98.91
CA LYS U 110 -47.96 -101.67 -98.75
C LYS U 110 -47.86 -100.86 -100.03
N GLY U 111 -48.91 -100.11 -100.32
CA GLY U 111 -48.96 -99.30 -101.51
C GLY U 111 -49.75 -98.03 -101.27
N SER U 112 -49.44 -97.01 -102.06
CA SER U 112 -50.14 -95.74 -101.96
C SER U 112 -50.17 -95.08 -103.33
N LYS U 113 -51.20 -94.27 -103.57
CA LYS U 113 -51.38 -93.60 -104.84
C LYS U 113 -52.10 -92.28 -104.61
N ASN U 114 -51.64 -91.24 -105.29
CA ASN U 114 -52.23 -89.91 -105.24
C ASN U 114 -52.34 -89.36 -106.64
N PHE U 115 -53.57 -89.07 -107.07
CA PHE U 115 -53.87 -88.68 -108.44
C PHE U 115 -54.68 -87.38 -108.41
N ILE U 116 -54.21 -86.37 -109.14
CA ILE U 116 -54.85 -85.05 -109.15
C ILE U 116 -55.05 -84.62 -110.60
N THR U 117 -56.24 -84.10 -110.88
CA THR U 117 -56.58 -83.65 -112.23
C THR U 117 -57.27 -82.29 -112.16
N SER U 118 -56.96 -81.43 -113.13
CA SER U 118 -57.60 -80.12 -113.22
C SER U 118 -57.81 -79.78 -114.69
N ALA U 119 -59.04 -79.40 -115.04
CA ALA U 119 -59.38 -79.02 -116.40
C ALA U 119 -60.08 -77.67 -116.40
N SER U 120 -59.55 -76.74 -117.19
CA SER U 120 -60.11 -75.40 -117.32
C SER U 120 -60.48 -75.20 -118.78
N LEU U 121 -61.76 -75.33 -119.10
CA LEU U 121 -62.26 -75.21 -120.46
C LEU U 121 -62.77 -73.81 -120.78
N GLY U 122 -62.88 -72.93 -119.80
CA GLY U 122 -63.33 -71.58 -120.09
C GLY U 122 -64.75 -71.56 -120.62
N THR U 123 -64.93 -70.95 -121.79
CA THR U 123 -66.23 -70.82 -122.44
C THR U 123 -66.28 -71.73 -123.66
N VAL U 124 -67.40 -72.42 -123.84
CA VAL U 124 -67.61 -73.30 -124.97
C VAL U 124 -68.75 -72.71 -125.80
N VAL U 125 -68.51 -72.56 -127.10
CA VAL U 125 -69.50 -72.05 -128.03
C VAL U 125 -69.92 -73.16 -128.98
N LYS U 126 -71.03 -72.94 -129.67
CA LYS U 126 -71.56 -73.88 -130.65
C LYS U 126 -71.64 -73.19 -132.00
N ALA U 127 -71.15 -73.87 -133.03
CA ALA U 127 -71.15 -73.35 -134.39
C ALA U 127 -71.99 -74.27 -135.27
N GLU U 128 -72.80 -73.66 -136.12
CA GLU U 128 -73.75 -74.39 -136.95
C GLU U 128 -74.16 -73.53 -138.13
N THR U 129 -74.71 -74.18 -139.16
CA THR U 129 -75.17 -73.47 -140.34
C THR U 129 -76.25 -72.46 -139.97
N ILE U 130 -76.25 -71.32 -140.65
CA ILE U 130 -77.25 -70.29 -140.39
C ILE U 130 -78.65 -70.82 -140.69
N ASP U 131 -78.82 -71.50 -141.80
CA ASP U 131 -80.09 -72.10 -142.18
C ASP U 131 -79.84 -73.53 -142.63
N ILE U 132 -80.41 -74.50 -141.90
CA ILE U 132 -80.22 -75.90 -142.23
C ILE U 132 -81.28 -76.39 -143.22
N THR U 133 -82.46 -75.77 -143.22
CA THR U 133 -83.52 -76.20 -144.12
C THR U 133 -83.11 -76.02 -145.58
N LYS U 134 -82.48 -74.89 -145.91
CA LYS U 134 -82.01 -74.68 -147.27
C LYS U 134 -80.96 -75.71 -147.67
N VAL U 135 -80.02 -76.01 -146.76
CA VAL U 135 -79.00 -77.00 -147.04
C VAL U 135 -79.63 -78.36 -147.29
N LEU U 136 -80.61 -78.73 -146.47
CA LEU U 136 -81.28 -80.01 -146.65
C LEU U 136 -82.02 -80.07 -147.98
N ALA U 137 -82.72 -78.99 -148.33
CA ALA U 137 -83.45 -78.97 -149.59
C ALA U 137 -82.50 -79.14 -150.77
N LYS U 138 -81.41 -78.36 -150.78
CA LYS U 138 -80.44 -78.45 -151.87
C LYS U 138 -79.80 -79.84 -151.93
N VAL U 139 -79.50 -80.43 -150.77
CA VAL U 139 -78.95 -81.79 -150.77
C VAL U 139 -79.91 -82.75 -151.42
N ARG U 140 -81.18 -82.69 -151.03
CA ARG U 140 -82.17 -83.60 -151.58
C ARG U 140 -82.34 -83.42 -153.08
N THR U 141 -82.21 -82.17 -153.56
CA THR U 141 -82.36 -81.92 -154.99
C THR U 141 -81.05 -81.99 -155.76
N ALA U 142 -79.93 -82.30 -155.09
CA ALA U 142 -78.63 -82.30 -155.72
C ALA U 142 -78.06 -83.71 -155.82
N LYS U 143 -77.27 -83.97 -156.85
CA LYS U 143 -76.62 -85.25 -157.06
C LYS U 143 -75.17 -85.21 -156.62
N ALA U 144 -74.69 -86.35 -156.13
CA ALA U 144 -73.31 -86.46 -155.67
C ALA U 144 -72.34 -86.45 -156.85
N LYS U 145 -71.05 -86.32 -156.53
CA LYS U 145 -70.02 -86.27 -157.55
C LYS U 145 -69.76 -87.68 -158.10
N VAL U 146 -69.96 -87.84 -159.41
CA VAL U 146 -69.74 -89.15 -160.03
C VAL U 146 -68.27 -89.54 -159.94
N GLU U 147 -67.36 -88.58 -160.09
CA GLU U 147 -65.93 -88.87 -160.02
C GLU U 147 -65.53 -89.41 -158.65
N ASN U 148 -66.16 -88.94 -157.58
CA ASN U 148 -65.77 -89.33 -156.23
C ASN U 148 -65.89 -90.84 -156.04
N ASP U 149 -64.86 -91.43 -155.44
CA ASP U 149 -64.81 -92.87 -155.19
C ASP U 149 -65.48 -93.27 -153.87
N LEU U 150 -65.36 -92.42 -152.86
CA LEU U 150 -65.96 -92.70 -151.56
C LEU U 150 -67.45 -92.92 -151.67
N VAL U 151 -68.15 -92.05 -152.42
CA VAL U 151 -69.59 -92.19 -152.59
C VAL U 151 -69.93 -93.54 -153.21
N SER U 152 -69.20 -93.92 -154.26
CA SER U 152 -69.45 -95.20 -154.92
C SER U 152 -69.20 -96.36 -153.96
N ARG U 153 -68.13 -96.28 -153.18
CA ARG U 153 -67.85 -97.33 -152.19
C ARG U 153 -69.02 -97.47 -151.22
N VAL U 154 -69.48 -96.35 -150.66
CA VAL U 154 -70.58 -96.38 -149.70
C VAL U 154 -71.86 -96.90 -150.37
N MET U 155 -72.08 -96.55 -151.63
CA MET U 155 -73.26 -97.02 -152.35
C MET U 155 -73.23 -98.54 -152.52
N LYS U 156 -72.07 -99.07 -152.92
CA LYS U 156 -72.01 -100.51 -153.19
C LYS U 156 -72.02 -101.32 -151.89
N THR U 157 -71.40 -100.80 -150.83
CA THR U 157 -71.40 -101.50 -149.56
C THR U 157 -72.69 -101.22 -148.80
N LYS U 158 -73.05 -102.16 -147.93
CA LYS U 158 -74.28 -102.06 -147.14
C LYS U 158 -74.03 -101.60 -145.71
N ARG U 159 -72.85 -101.89 -145.15
CA ARG U 159 -72.56 -101.47 -143.79
C ARG U 159 -72.30 -99.97 -143.71
N LEU U 160 -71.57 -99.43 -144.69
CA LEU U 160 -71.16 -98.04 -144.65
C LEU U 160 -72.35 -97.10 -144.84
N CYS U 161 -72.35 -96.01 -144.07
CA CYS U 161 -73.35 -94.96 -144.20
C CYS U 161 -72.66 -93.61 -144.17
N LEU U 162 -73.29 -92.61 -144.77
CA LEU U 162 -72.75 -91.26 -144.82
C LEU U 162 -73.46 -90.37 -143.81
N GLY U 163 -72.70 -89.46 -143.20
CA GLY U 163 -73.27 -88.53 -142.26
C GLY U 163 -72.74 -87.12 -142.42
N LEU U 164 -73.63 -86.13 -142.39
CA LEU U 164 -73.27 -84.73 -142.52
C LEU U 164 -73.27 -84.10 -141.14
N VAL U 165 -72.15 -83.51 -140.75
CA VAL U 165 -72.04 -82.86 -139.45
C VAL U 165 -72.73 -81.50 -139.51
N VAL U 166 -73.57 -81.23 -138.51
CA VAL U 166 -74.42 -80.04 -138.54
C VAL U 166 -74.15 -79.07 -137.39
N GLU U 167 -73.53 -79.50 -136.29
CA GLU U 167 -73.23 -78.59 -135.20
C GLU U 167 -71.99 -79.07 -134.48
N THR U 168 -71.18 -78.12 -134.00
CA THR U 168 -69.93 -78.45 -133.35
C THR U 168 -69.70 -77.55 -132.14
N ALA U 169 -69.20 -78.13 -131.06
CA ALA U 169 -68.87 -77.40 -129.85
C ALA U 169 -67.38 -77.15 -129.79
N CYS U 170 -66.98 -75.89 -129.68
CA CYS U 170 -65.58 -75.49 -129.73
C CYS U 170 -65.26 -74.53 -128.58
N VAL U 171 -64.04 -74.62 -128.07
CA VAL U 171 -63.61 -73.74 -126.99
C VAL U 171 -63.33 -72.35 -127.55
N ALA U 172 -63.88 -71.33 -126.90
CA ALA U 172 -63.67 -69.96 -127.37
C ALA U 172 -62.23 -69.49 -127.10
N ALA U 173 -61.66 -69.87 -125.96
CA ALA U 173 -60.32 -69.47 -125.59
C ALA U 173 -59.48 -70.70 -125.29
N ALA U 174 -58.22 -70.47 -124.91
CA ALA U 174 -57.32 -71.58 -124.64
C ALA U 174 -57.78 -72.37 -123.42
N GLY U 175 -57.65 -73.69 -123.50
CA GLY U 175 -58.05 -74.59 -122.43
C GLY U 175 -56.83 -75.28 -121.82
N LYS U 176 -56.82 -75.36 -120.50
CA LYS U 176 -55.65 -75.88 -119.77
C LYS U 176 -56.00 -77.20 -119.09
N LEU U 177 -55.14 -78.21 -119.30
CA LEU U 177 -55.34 -79.53 -118.71
C LEU U 177 -54.09 -79.92 -117.95
N THR U 178 -54.24 -80.21 -116.65
CA THR U 178 -53.12 -80.55 -115.79
C THR U 178 -53.39 -81.85 -115.05
N GLU U 179 -52.38 -82.71 -114.95
CA GLU U 179 -52.49 -84.00 -114.28
C GLU U 179 -51.21 -84.28 -113.51
N ALA U 180 -51.37 -84.78 -112.28
CA ALA U 180 -50.25 -85.16 -111.43
C ALA U 180 -50.50 -86.53 -110.83
N ASP U 181 -49.46 -87.37 -110.84
CA ASP U 181 -49.55 -88.74 -110.35
C ASP U 181 -48.35 -89.02 -109.46
N ASN U 182 -48.59 -89.63 -108.30
CA ASN U 182 -47.51 -90.04 -107.40
C ASN U 182 -47.91 -91.35 -106.75
N TRP U 183 -47.24 -92.44 -107.09
CA TRP U 183 -47.59 -93.72 -106.45
C TRP U 183 -46.33 -94.45 -106.00
N GLU U 184 -46.51 -95.31 -105.00
CA GLU U 184 -45.39 -95.93 -104.31
C GLU U 184 -45.77 -97.33 -103.84
N ILE U 185 -44.81 -98.26 -103.95
CA ILE U 185 -44.97 -99.64 -103.52
C ILE U 185 -43.78 -100.02 -102.66
N SER U 186 -44.05 -100.64 -101.50
CA SER U 186 -42.99 -101.13 -100.62
C SER U 186 -43.36 -102.53 -100.15
N GLY U 187 -42.53 -103.51 -100.49
CA GLY U 187 -42.80 -104.88 -100.13
C GLY U 187 -41.61 -105.53 -99.46
N HIS U 188 -41.91 -106.50 -98.59
CA HIS U 188 -40.90 -107.22 -97.83
C HIS U 188 -41.34 -108.66 -97.65
N THR U 189 -40.40 -109.59 -97.76
CA THR U 189 -40.66 -111.02 -97.66
C THR U 189 -39.58 -111.67 -96.80
N ASN U 190 -39.99 -112.54 -95.89
CA ASN U 190 -39.08 -113.27 -95.02
C ASN U 190 -39.52 -114.73 -94.99
N ALA U 191 -38.72 -115.60 -95.60
CA ALA U 191 -38.96 -117.03 -95.59
C ALA U 191 -37.89 -117.67 -94.70
N ASN U 192 -38.31 -118.09 -93.51
CA ASN U 192 -37.43 -118.73 -92.54
C ASN U 192 -37.68 -120.23 -92.56
N ILE U 193 -36.62 -121.00 -92.83
CA ILE U 193 -36.68 -122.45 -92.83
C ILE U 193 -35.56 -122.95 -91.93
N GLY U 194 -35.66 -124.22 -91.53
CA GLY U 194 -34.67 -124.78 -90.62
C GLY U 194 -33.25 -124.68 -91.13
N GLU U 195 -33.05 -124.79 -92.44
CA GLU U 195 -31.72 -124.70 -93.03
C GLU U 195 -31.59 -123.58 -94.05
N ALA U 196 -32.58 -122.70 -94.15
CA ALA U 196 -32.52 -121.61 -95.13
C ALA U 196 -33.25 -120.40 -94.59
N VAL U 197 -32.66 -119.22 -94.81
CA VAL U 197 -33.26 -117.94 -94.42
C VAL U 197 -33.16 -117.01 -95.62
N VAL U 198 -34.31 -116.51 -96.09
CA VAL U 198 -34.36 -115.59 -97.22
C VAL U 198 -35.07 -114.31 -96.77
N THR U 199 -34.44 -113.17 -97.02
CA THR U 199 -35.00 -111.86 -96.66
C THR U 199 -34.90 -110.94 -97.86
N ALA U 200 -36.04 -110.65 -98.49
CA ALA U 200 -36.09 -109.81 -99.68
C ALA U 200 -36.88 -108.55 -99.37
N THR U 201 -36.50 -107.45 -100.03
CA THR U 201 -37.16 -106.16 -99.83
C THR U 201 -37.10 -105.39 -101.15
N ALA U 202 -38.19 -104.69 -101.47
CA ALA U 202 -38.25 -103.92 -102.71
C ALA U 202 -39.10 -102.67 -102.50
N GLU U 203 -38.53 -101.52 -102.84
CA GLU U 203 -39.24 -100.25 -102.76
C GLU U 203 -39.13 -99.52 -104.08
N LEU U 204 -40.25 -98.94 -104.52
CA LEU U 204 -40.22 -98.11 -105.73
C LEU U 204 -41.32 -97.06 -105.64
N ASP U 205 -41.15 -95.99 -106.42
CA ASP U 205 -42.13 -94.92 -106.45
C ASP U 205 -41.96 -94.13 -107.73
N LYS U 206 -43.07 -93.81 -108.38
CA LYS U 206 -43.10 -93.08 -109.64
C LYS U 206 -43.88 -91.79 -109.49
N ASN U 207 -43.37 -90.72 -110.08
CA ASN U 207 -43.99 -89.41 -110.07
C ASN U 207 -44.05 -88.89 -111.50
N LEU U 208 -45.24 -88.44 -111.92
CA LEU U 208 -45.47 -87.90 -113.25
C LEU U 208 -46.29 -86.62 -113.16
N SER U 209 -46.10 -85.75 -114.14
CA SER U 209 -46.87 -84.51 -114.23
C SER U 209 -46.95 -84.09 -115.69
N ARG U 210 -48.17 -83.90 -116.19
CA ARG U 210 -48.40 -83.52 -117.57
C ARG U 210 -49.31 -82.31 -117.62
N LYS U 211 -48.89 -81.26 -118.33
CA LYS U 211 -49.67 -80.03 -118.42
C LYS U 211 -49.69 -79.57 -119.88
N ILE U 212 -50.88 -79.45 -120.46
CA ILE U 212 -51.03 -79.04 -121.85
C ILE U 212 -52.07 -77.94 -121.94
N GLU U 213 -52.11 -77.29 -123.11
CA GLU U 213 -53.02 -76.18 -123.36
C GLU U 213 -53.50 -76.25 -124.81
N ILE U 214 -54.77 -76.61 -124.99
CA ILE U 214 -55.36 -76.64 -126.33
C ILE U 214 -55.68 -75.21 -126.76
N PRO U 215 -55.48 -74.87 -128.03
CA PRO U 215 -55.67 -73.50 -128.49
C PRO U 215 -57.14 -73.22 -128.77
N PRO U 216 -57.51 -71.94 -128.91
CA PRO U 216 -58.90 -71.62 -129.25
C PRO U 216 -59.32 -72.22 -130.58
N GLY U 217 -60.58 -72.64 -130.66
CA GLY U 217 -61.14 -73.22 -131.86
C GLY U 217 -61.13 -74.73 -131.91
N THR U 218 -60.50 -75.39 -130.94
CA THR U 218 -60.46 -76.84 -130.93
C THR U 218 -61.86 -77.41 -130.71
N ALA U 219 -62.25 -78.34 -131.58
CA ALA U 219 -63.57 -78.94 -131.46
C ALA U 219 -63.60 -79.95 -130.31
N LEU U 220 -64.76 -80.04 -129.65
CA LEU U 220 -64.95 -80.97 -128.55
C LEU U 220 -65.96 -82.06 -128.84
N ALA U 221 -67.09 -81.73 -129.48
CA ALA U 221 -68.14 -82.69 -129.73
C ALA U 221 -68.96 -82.23 -130.93
N TYR U 222 -69.74 -83.15 -131.48
CA TYR U 222 -70.48 -82.85 -132.70
C TYR U 222 -71.72 -83.73 -132.78
N SER U 223 -72.63 -83.34 -133.66
CA SER U 223 -73.81 -84.12 -133.99
C SER U 223 -73.98 -84.13 -135.50
N PHE U 224 -74.53 -85.22 -136.04
CA PHE U 224 -74.61 -85.38 -137.48
C PHE U 224 -75.94 -85.98 -137.88
N MET U 225 -76.28 -85.81 -139.15
CA MET U 225 -77.50 -86.33 -139.75
C MET U 225 -77.15 -87.34 -140.83
N ASP U 226 -77.90 -88.44 -140.89
CA ASP U 226 -77.59 -89.51 -141.81
C ASP U 226 -78.02 -89.16 -143.23
N LEU U 227 -77.42 -89.86 -144.20
CA LEU U 227 -77.73 -89.68 -145.62
C LEU U 227 -77.86 -91.05 -146.28
N GLU U 228 -78.33 -91.03 -147.52
CA GLU U 228 -78.53 -92.26 -148.29
C GLU U 228 -78.33 -91.97 -149.76
N ILE U 229 -77.47 -92.75 -150.40
CA ILE U 229 -77.21 -92.63 -151.83
C ILE U 229 -78.30 -93.37 -152.60
N LEU U 230 -78.98 -92.66 -153.51
CA LEU U 230 -79.93 -93.32 -154.39
C LEU U 230 -79.18 -94.19 -155.41
N GLU U 231 -79.96 -94.87 -156.26
CA GLU U 231 -79.37 -95.59 -157.38
C GLU U 231 -78.50 -94.67 -158.23
N ASP U 232 -79.02 -93.48 -158.54
CA ASP U 232 -78.25 -92.44 -159.19
C ASP U 232 -77.34 -91.75 -158.18
N ARG U 233 -76.66 -90.70 -158.62
CA ARG U 233 -75.83 -89.90 -157.73
C ARG U 233 -76.66 -89.07 -156.75
N SER U 234 -77.98 -89.06 -156.89
CA SER U 234 -78.84 -88.29 -156.00
C SER U 234 -78.68 -88.75 -154.55
N LEU U 235 -78.83 -87.79 -153.63
CA LEU U 235 -78.74 -88.05 -152.20
C LEU U 235 -80.06 -87.74 -151.53
N ARG U 236 -80.36 -88.51 -150.48
CA ARG U 236 -81.58 -88.33 -149.70
C ARG U 236 -81.22 -88.33 -148.22
N VAL U 237 -82.10 -87.75 -147.41
CA VAL U 237 -81.90 -87.73 -145.97
C VAL U 237 -82.75 -88.81 -145.34
N SER U 238 -82.22 -89.46 -144.31
CA SER U 238 -82.90 -90.58 -143.67
C SER U 238 -83.04 -90.32 -142.18
N SER U 239 -84.20 -90.69 -141.62
CA SER U 239 -84.50 -90.45 -140.22
C SER U 239 -84.94 -91.75 -139.57
N SER U 240 -84.17 -92.21 -138.59
CA SER U 240 -84.55 -93.37 -137.80
C SER U 240 -85.59 -92.94 -136.77
N ALA U 241 -86.84 -93.34 -136.99
CA ALA U 241 -87.97 -92.95 -136.15
C ALA U 241 -88.11 -91.43 -136.09
N GLY U 242 -87.75 -90.74 -137.18
CA GLY U 242 -87.86 -89.30 -137.25
C GLY U 242 -86.87 -88.54 -136.40
N ALA U 243 -85.77 -89.17 -135.98
CA ALA U 243 -84.82 -88.49 -135.12
C ALA U 243 -84.12 -87.35 -135.87
N MET U 244 -83.57 -87.64 -137.05
CA MET U 244 -82.79 -86.68 -137.84
C MET U 244 -81.61 -86.10 -137.07
N PHE U 245 -81.20 -86.75 -135.98
CA PHE U 245 -80.04 -86.31 -135.19
C PHE U 245 -79.41 -87.57 -134.61
N ASP U 246 -78.34 -88.03 -135.23
CA ASP U 246 -77.70 -89.28 -134.83
C ASP U 246 -76.50 -88.98 -133.94
N SER U 247 -76.44 -89.66 -132.80
CA SER U 247 -75.35 -89.48 -131.85
C SER U 247 -74.43 -90.70 -131.81
N GLY U 248 -74.46 -91.53 -132.85
CA GLY U 248 -73.65 -92.74 -132.85
C GLY U 248 -74.02 -93.71 -131.75
N LYS U 249 -75.32 -93.84 -131.47
CA LYS U 249 -75.82 -94.71 -130.41
C LYS U 249 -76.37 -95.99 -130.99
N ALA U 250 -76.30 -97.07 -130.20
CA ALA U 250 -76.85 -98.33 -130.62
C ALA U 250 -78.38 -98.26 -130.71
N GLU U 251 -78.95 -99.06 -131.60
CA GLU U 251 -80.40 -99.06 -131.78
C GLU U 251 -81.12 -99.49 -130.50
N SER U 252 -80.59 -100.52 -129.83
CA SER U 252 -81.15 -101.04 -128.58
C SER U 252 -82.62 -101.44 -128.75
CA ARG V 3 -77.33 -87.13 -112.37
C ARG V 3 -76.74 -85.78 -112.77
N PRO V 4 -76.92 -85.41 -114.04
CA PRO V 4 -76.41 -84.11 -114.49
C PRO V 4 -77.05 -82.96 -113.73
N MET V 5 -76.23 -81.92 -113.47
CA MET V 5 -76.73 -80.77 -112.74
C MET V 5 -77.84 -80.07 -113.50
N PHE V 6 -77.72 -79.98 -114.83
CA PHE V 6 -78.78 -79.35 -115.62
C PHE V 6 -80.08 -80.11 -115.48
N ALA V 7 -80.03 -81.45 -115.54
CA ALA V 7 -81.24 -82.23 -115.38
C ALA V 7 -81.83 -82.07 -113.99
N VAL V 8 -80.98 -82.05 -112.96
CA VAL V 8 -81.48 -81.86 -111.60
C VAL V 8 -82.16 -80.51 -111.45
N ALA V 9 -81.53 -79.45 -111.98
CA ALA V 9 -82.12 -78.12 -111.89
C ALA V 9 -83.42 -78.04 -112.67
N VAL V 10 -83.49 -78.69 -113.83
CA VAL V 10 -84.72 -78.69 -114.61
C VAL V 10 -85.84 -79.39 -113.83
N ASN V 11 -85.52 -80.51 -113.19
CA ASN V 11 -86.52 -81.20 -112.39
C ASN V 11 -86.98 -80.35 -111.21
N GLU V 12 -86.04 -79.67 -110.54
CA GLU V 12 -86.41 -78.80 -109.43
C GLU V 12 -87.33 -77.68 -109.89
N PHE V 13 -86.99 -77.06 -111.02
CA PHE V 13 -87.83 -75.97 -111.54
C PHE V 13 -89.21 -76.47 -111.92
N ILE V 14 -89.28 -77.60 -112.61
CA ILE V 14 -90.57 -78.10 -113.08
C ILE V 14 -91.42 -78.56 -111.91
N ARG V 15 -90.81 -79.04 -110.83
CA ARG V 15 -91.58 -79.37 -109.64
C ARG V 15 -92.10 -78.11 -108.95
N SER V 16 -91.23 -77.12 -108.76
CA SER V 16 -91.64 -75.91 -108.06
C SER V 16 -92.73 -75.17 -108.80
N ALA V 17 -92.59 -75.06 -110.14
CA ALA V 17 -93.57 -74.37 -110.97
C ALA V 17 -93.90 -75.24 -112.17
N GLY V 18 -95.19 -75.32 -112.49
CA GLY V 18 -95.62 -76.08 -113.65
C GLY V 18 -95.36 -77.56 -113.59
N GLN V 19 -95.71 -78.19 -112.46
CA GLN V 19 -95.55 -79.64 -112.35
C GLN V 19 -96.39 -80.38 -113.36
N ASP V 20 -97.49 -79.79 -113.80
CA ASP V 20 -98.33 -80.36 -114.84
C ASP V 20 -98.20 -79.53 -116.11
N SER V 21 -98.43 -80.20 -117.24
CA SER V 21 -98.39 -79.57 -118.57
C SER V 21 -97.03 -78.91 -118.83
N LEU V 22 -95.96 -79.65 -118.57
CA LEU V 22 -94.61 -79.15 -118.80
C LEU V 22 -93.67 -80.33 -118.97
N CYS V 23 -92.77 -80.25 -119.95
CA CYS V 23 -91.83 -81.30 -120.27
C CYS V 23 -90.41 -80.78 -120.08
N GLY V 24 -89.60 -81.55 -119.34
CA GLY V 24 -88.22 -81.16 -119.13
C GLY V 24 -87.39 -81.21 -120.40
N VAL V 25 -86.33 -80.42 -120.41
CA VAL V 25 -85.40 -80.36 -121.54
C VAL V 25 -84.31 -81.41 -121.33
N PRO V 26 -84.04 -82.25 -122.34
CA PRO V 26 -83.05 -83.32 -122.13
C PRO V 26 -81.65 -82.84 -121.82
N ASP V 27 -81.15 -81.83 -122.54
CA ASP V 27 -79.78 -81.38 -122.33
C ASP V 27 -79.62 -79.97 -122.84
N ILE V 28 -78.53 -79.34 -122.42
CA ILE V 28 -78.27 -77.94 -122.79
C ILE V 28 -78.12 -77.80 -124.29
N ASN V 29 -77.42 -78.76 -124.93
CA ASN V 29 -77.19 -78.67 -126.37
C ASN V 29 -78.50 -78.65 -127.14
N SER V 30 -79.44 -79.52 -126.76
CA SER V 30 -80.71 -79.63 -127.46
C SER V 30 -81.78 -78.71 -126.88
N SER V 31 -81.44 -77.90 -125.88
CA SER V 31 -82.40 -76.96 -125.32
C SER V 31 -82.89 -75.97 -126.37
N GLY V 32 -82.00 -75.55 -127.27
CA GLY V 32 -82.37 -74.54 -128.26
C GLY V 32 -83.30 -75.02 -129.35
N ASP V 33 -83.56 -76.33 -129.42
CA ASP V 33 -84.44 -76.88 -130.44
C ASP V 33 -85.89 -76.98 -129.98
N PHE V 34 -86.19 -76.52 -128.76
CA PHE V 34 -87.54 -76.61 -128.22
C PHE V 34 -88.15 -75.22 -128.01
N MET V 35 -87.80 -74.28 -128.87
CA MET V 35 -88.42 -72.96 -128.86
C MET V 35 -89.81 -73.04 -129.48
N PRO V 36 -90.66 -72.04 -129.24
CA PRO V 36 -92.03 -72.08 -129.77
C PRO V 36 -92.05 -72.18 -131.28
N LEU V 37 -93.09 -72.84 -131.80
CA LEU V 37 -93.29 -73.07 -133.23
C LEU V 37 -92.20 -73.98 -133.80
N HIS V 38 -91.93 -75.07 -133.09
CA HIS V 38 -91.01 -76.11 -133.54
C HIS V 38 -91.74 -77.44 -133.60
N ILE V 39 -91.38 -78.26 -134.58
CA ILE V 39 -91.97 -79.57 -134.78
C ILE V 39 -91.15 -80.61 -134.01
N ILE V 40 -91.82 -81.49 -133.30
CA ILE V 40 -91.19 -82.60 -132.59
C ILE V 40 -91.96 -83.87 -132.93
N VAL V 41 -91.29 -85.01 -132.73
CA VAL V 41 -91.86 -86.32 -133.04
C VAL V 41 -92.04 -87.08 -131.73
N LYS V 42 -93.21 -87.69 -131.57
CA LYS V 42 -93.53 -88.47 -130.39
C LYS V 42 -93.67 -89.94 -130.77
N GLU V 43 -93.01 -90.81 -130.02
CA GLU V 43 -93.02 -92.25 -130.25
C GLU V 43 -93.65 -92.93 -129.05
N VAL V 44 -94.60 -93.82 -129.31
CA VAL V 44 -95.32 -94.53 -128.27
C VAL V 44 -94.41 -95.58 -127.63
N PRO V 45 -94.63 -95.94 -126.35
CA PRO V 45 -93.76 -96.94 -125.72
C PRO V 45 -93.75 -98.29 -126.41
N LYS V 46 -94.88 -98.70 -127.00
CA LYS V 46 -95.10 -99.96 -127.70
C LYS V 46 -95.08 -101.17 -126.77
N VAL V 47 -94.83 -100.98 -125.47
CA VAL V 47 -94.82 -102.10 -124.53
C VAL V 47 -95.93 -101.87 -123.51
N LEU V 48 -95.86 -100.75 -122.78
CA LEU V 48 -96.87 -100.36 -121.81
C LEU V 48 -97.24 -98.91 -122.09
N PRO V 49 -98.02 -98.66 -123.15
CA PRO V 49 -98.34 -97.28 -123.51
C PRO V 49 -99.04 -96.50 -122.41
N CYS V 50 -99.92 -97.15 -121.65
CA CYS V 50 -100.63 -96.48 -120.57
C CYS V 50 -99.83 -96.39 -119.28
N CYS V 51 -98.68 -97.07 -119.21
CA CYS V 51 -97.87 -97.07 -118.00
C CYS V 51 -96.52 -96.37 -118.16
N ARG V 52 -96.09 -96.11 -119.39
CA ARG V 52 -94.79 -95.51 -119.65
C ARG V 52 -94.98 -94.24 -120.48
N ARG V 53 -94.21 -93.20 -120.15
CA ARG V 53 -94.28 -91.96 -120.90
C ARG V 53 -93.61 -92.12 -122.26
N PRO V 54 -94.14 -91.45 -123.28
CA PRO V 54 -93.58 -91.63 -124.64
C PRO V 54 -92.20 -91.02 -124.81
N LYS V 55 -91.62 -91.17 -126.00
CA LYS V 55 -90.28 -90.68 -126.30
C LYS V 55 -90.40 -89.49 -127.25
N ILE V 56 -89.70 -88.41 -126.93
CA ILE V 56 -89.78 -87.16 -127.68
C ILE V 56 -88.46 -86.94 -128.42
N LYS V 57 -88.56 -86.69 -129.72
CA LYS V 57 -87.42 -86.51 -130.60
C LYS V 57 -87.50 -85.12 -131.23
N ARG V 58 -86.39 -84.39 -131.15
CA ARG V 58 -86.32 -83.06 -131.76
C ARG V 58 -86.05 -83.17 -133.25
N THR V 59 -86.54 -82.18 -133.99
CA THR V 59 -86.34 -82.10 -135.42
C THR V 59 -85.91 -80.70 -135.82
N PRO V 60 -85.12 -80.57 -136.89
CA PRO V 60 -84.69 -79.24 -137.34
C PRO V 60 -85.69 -78.59 -138.31
N TYR V 61 -86.92 -78.42 -137.84
CA TYR V 61 -87.98 -77.86 -138.67
C TYR V 61 -88.81 -76.89 -137.86
N THR V 62 -89.33 -75.88 -138.55
CA THR V 62 -90.33 -74.97 -138.01
C THR V 62 -91.65 -75.18 -138.73
N LEU V 63 -92.70 -74.54 -138.21
CA LEU V 63 -94.02 -74.70 -138.80
C LEU V 63 -94.05 -74.20 -140.24
N ASN V 64 -93.44 -73.04 -140.49
CA ASN V 64 -93.47 -72.48 -141.85
C ASN V 64 -92.69 -73.35 -142.83
N ASP V 65 -91.59 -73.97 -142.37
CA ASP V 65 -90.85 -74.87 -143.24
C ASP V 65 -91.64 -76.15 -143.51
N ILE V 66 -92.28 -76.70 -142.48
CA ILE V 66 -93.00 -77.96 -142.66
C ILE V 66 -94.27 -77.77 -143.47
N LEU V 67 -94.82 -76.55 -143.48
CA LEU V 67 -96.07 -76.28 -144.17
C LEU V 67 -95.82 -75.61 -145.51
N ASP V 68 -96.60 -76.02 -146.51
CA ASP V 68 -96.55 -75.34 -147.81
C ASP V 68 -97.01 -73.89 -147.67
N GLU V 69 -98.08 -73.66 -146.91
CA GLU V 69 -98.59 -72.31 -146.70
C GLU V 69 -98.05 -71.75 -145.41
N PRO V 70 -97.39 -70.59 -145.43
CA PRO V 70 -96.83 -70.03 -144.19
C PRO V 70 -97.92 -69.52 -143.25
N CYS V 71 -97.54 -69.39 -141.99
CA CYS V 71 -98.39 -68.91 -140.92
C CYS V 71 -97.67 -67.79 -140.18
N PRO V 72 -98.41 -66.89 -139.53
CA PRO V 72 -97.76 -65.87 -138.69
C PRO V 72 -96.95 -66.52 -137.58
N ASN V 73 -95.80 -65.92 -137.25
CA ASN V 73 -94.86 -66.52 -136.33
C ASN V 73 -94.34 -65.55 -135.27
N GLN V 74 -94.98 -64.40 -135.09
CA GLN V 74 -94.52 -63.45 -134.08
C GLN V 74 -94.68 -64.02 -132.68
N LEU V 75 -93.78 -63.64 -131.80
CA LEU V 75 -93.73 -64.16 -130.43
C LEU V 75 -93.79 -63.03 -129.42
N LYS V 76 -93.99 -63.41 -128.17
CA LYS V 76 -93.98 -62.48 -127.04
C LYS V 76 -93.56 -63.23 -125.79
N SER V 77 -92.97 -62.50 -124.85
CA SER V 77 -92.46 -63.09 -123.63
C SER V 77 -92.93 -62.28 -122.43
N SER V 78 -93.10 -62.99 -121.30
CA SER V 78 -93.54 -62.37 -120.06
C SER V 78 -93.00 -63.18 -118.89
N ASP V 79 -92.88 -62.52 -117.74
CA ASP V 79 -92.30 -63.18 -116.58
C ASP V 79 -93.19 -64.31 -116.08
N LEU V 80 -92.54 -65.36 -115.57
CA LEU V 80 -93.25 -66.52 -115.05
C LEU V 80 -93.01 -66.76 -113.57
N VAL V 81 -91.75 -66.83 -113.14
CA VAL V 81 -91.40 -67.07 -111.74
C VAL V 81 -90.02 -66.49 -111.50
N THR V 82 -89.71 -66.25 -110.22
CA THR V 82 -88.45 -65.62 -109.83
C THR V 82 -87.92 -66.32 -108.59
N PHE V 83 -86.76 -66.96 -108.71
CA PHE V 83 -86.08 -67.60 -107.58
C PHE V 83 -85.18 -66.56 -106.92
N THR V 84 -85.66 -65.99 -105.82
CA THR V 84 -84.92 -64.91 -105.17
C THR V 84 -83.60 -65.40 -104.59
N GLU V 85 -83.58 -66.62 -104.05
CA GLU V 85 -82.37 -67.17 -103.45
C GLU V 85 -82.07 -68.53 -104.04
N PRO V 86 -80.78 -68.92 -104.07
CA PRO V 86 -80.42 -70.19 -104.69
C PRO V 86 -81.03 -71.37 -103.95
N LEU V 87 -81.41 -72.39 -104.72
CA LEU V 87 -81.81 -73.67 -104.15
C LEU V 87 -80.57 -74.38 -103.63
N VAL V 88 -80.52 -74.64 -102.32
CA VAL V 88 -79.36 -75.22 -101.67
C VAL V 88 -79.75 -76.56 -101.07
N SER V 89 -78.94 -77.58 -101.31
CA SER V 89 -79.18 -78.92 -100.79
C SER V 89 -77.91 -79.47 -100.18
N ASN V 90 -78.05 -80.11 -99.02
CA ASN V 90 -76.94 -80.71 -98.31
C ASN V 90 -77.32 -82.12 -97.88
N VAL V 91 -76.43 -83.08 -98.11
CA VAL V 91 -76.60 -84.46 -97.67
C VAL V 91 -75.30 -84.87 -96.99
N LYS V 92 -75.41 -85.49 -95.82
CA LYS V 92 -74.24 -85.92 -95.07
C LYS V 92 -74.55 -87.26 -94.43
N ALA V 93 -73.85 -88.31 -94.87
CA ALA V 93 -74.04 -89.66 -94.36
C ALA V 93 -72.74 -90.18 -93.78
N SER V 94 -72.85 -91.01 -92.75
CA SER V 94 -71.68 -91.62 -92.13
C SER V 94 -72.12 -92.92 -91.46
N SER V 95 -71.40 -94.00 -91.73
CA SER V 95 -71.76 -95.31 -91.21
C SER V 95 -70.51 -96.09 -90.85
N SER V 96 -70.67 -97.05 -89.94
CA SER V 96 -69.59 -97.92 -89.52
C SER V 96 -70.14 -99.29 -89.20
N ILE V 97 -69.38 -100.32 -89.57
CA ILE V 97 -69.75 -101.71 -89.38
C ILE V 97 -68.61 -102.44 -88.68
N GLY V 98 -68.94 -103.25 -87.68
CA GLY V 98 -67.94 -104.06 -87.02
C GLY V 98 -68.40 -105.50 -86.83
N LEU V 99 -67.67 -106.45 -87.40
CA LEU V 99 -68.02 -107.86 -87.34
C LEU V 99 -66.89 -108.62 -86.65
N GLN V 100 -67.25 -109.49 -85.72
CA GLN V 100 -66.27 -110.32 -85.03
C GLN V 100 -66.80 -111.75 -84.93
N ILE V 101 -65.98 -112.71 -85.34
CA ILE V 101 -66.28 -114.13 -85.19
C ILE V 101 -65.21 -114.71 -84.28
N LEU V 102 -65.55 -114.89 -83.01
CA LEU V 102 -64.70 -115.48 -81.98
C LEU V 102 -63.40 -114.70 -81.95
N LYS V 103 -62.23 -115.36 -81.91
CA LYS V 103 -60.94 -114.70 -82.11
C LYS V 103 -60.34 -115.06 -83.46
N HIS V 104 -61.17 -115.46 -84.42
CA HIS V 104 -60.72 -115.88 -85.73
C HIS V 104 -60.98 -114.86 -86.82
N PHE V 105 -62.06 -114.09 -86.73
CA PHE V 105 -62.36 -113.09 -87.76
C PHE V 105 -62.67 -111.76 -87.08
N ASP V 106 -62.15 -110.67 -87.65
CA ASP V 106 -62.40 -109.34 -87.09
C ASP V 106 -62.32 -108.32 -88.23
N SER V 107 -63.46 -107.78 -88.65
CA SER V 107 -63.50 -106.81 -89.73
C SER V 107 -64.13 -105.51 -89.23
N GLY V 108 -63.53 -104.39 -89.60
CA GLY V 108 -64.09 -103.09 -89.29
C GLY V 108 -64.09 -102.17 -90.50
N ALA V 109 -65.28 -101.75 -90.93
CA ALA V 109 -65.42 -100.89 -92.09
C ALA V 109 -66.12 -99.61 -91.69
N LYS V 110 -65.88 -98.55 -92.45
CA LYS V 110 -66.55 -97.28 -92.20
C LYS V 110 -66.56 -96.46 -93.47
N GLY V 111 -67.59 -95.65 -93.62
CA GLY V 111 -67.73 -94.83 -94.81
C GLY V 111 -68.40 -93.51 -94.46
N SER V 112 -68.13 -92.50 -95.27
CA SER V 112 -68.73 -91.19 -95.08
C SER V 112 -68.88 -90.51 -96.44
N LYS V 113 -69.89 -89.64 -96.53
CA LYS V 113 -70.18 -88.94 -97.77
C LYS V 113 -70.78 -87.58 -97.45
N ASN V 114 -70.33 -86.56 -98.19
CA ASN V 114 -70.84 -85.20 -98.05
C ASN V 114 -71.09 -84.63 -99.43
N PHE V 115 -72.34 -84.26 -99.69
CA PHE V 115 -72.79 -83.83 -101.01
C PHE V 115 -73.49 -82.49 -100.88
N ILE V 116 -73.06 -81.49 -101.65
CA ILE V 116 -73.61 -80.14 -101.58
C ILE V 116 -73.96 -79.68 -102.99
N THR V 117 -75.15 -79.08 -103.12
CA THR V 117 -75.63 -78.60 -104.40
C THR V 117 -76.21 -77.20 -104.24
N SER V 118 -75.97 -76.35 -105.24
CA SER V 118 -76.53 -75.00 -105.25
C SER V 118 -76.90 -74.63 -106.68
N ALA V 119 -78.14 -74.17 -106.86
CA ALA V 119 -78.62 -73.76 -108.17
C ALA V 119 -79.23 -72.36 -108.09
N SER V 120 -78.75 -71.46 -108.92
CA SER V 120 -79.23 -70.08 -108.98
C SER V 120 -79.77 -69.85 -110.38
N LEU V 121 -81.09 -69.89 -110.54
CA LEU V 121 -81.74 -69.72 -111.82
C LEU V 121 -82.20 -68.29 -112.08
N GLY V 122 -82.13 -67.41 -111.08
CA GLY V 122 -82.53 -66.03 -111.29
C GLY V 122 -84.00 -65.92 -111.65
N THR V 123 -84.28 -65.29 -112.79
CA THR V 123 -85.64 -65.06 -113.26
C THR V 123 -85.91 -65.95 -114.47
N VAL V 124 -87.07 -66.57 -114.50
CA VAL V 124 -87.49 -67.42 -115.61
C VAL V 124 -88.68 -66.75 -116.29
N VAL V 125 -88.60 -66.60 -117.61
CA VAL V 125 -89.67 -66.02 -118.40
C VAL V 125 -90.28 -67.09 -119.29
N LYS V 126 -91.45 -66.80 -119.83
CA LYS V 126 -92.16 -67.68 -120.74
C LYS V 126 -92.37 -66.97 -122.07
N ALA V 127 -92.05 -67.67 -123.15
CA ALA V 127 -92.20 -67.14 -124.50
C ALA V 127 -93.19 -68.00 -125.27
N GLU V 128 -94.07 -67.32 -126.01
CA GLU V 128 -95.16 -67.98 -126.72
C GLU V 128 -95.65 -67.08 -127.84
N THR V 129 -96.37 -67.68 -128.78
CA THR V 129 -96.93 -66.94 -129.89
C THR V 129 -97.89 -65.86 -129.39
N ILE V 130 -97.90 -64.72 -130.06
CA ILE V 130 -98.79 -63.63 -129.67
C ILE V 130 -100.25 -64.06 -129.79
N ASP V 131 -100.61 -64.73 -130.88
CA ASP V 131 -101.96 -65.24 -131.09
C ASP V 131 -101.85 -66.67 -131.57
N ILE V 132 -102.37 -67.61 -130.77
CA ILE V 132 -102.33 -69.02 -131.13
C ILE V 132 -103.53 -69.43 -131.98
N THR V 133 -104.66 -68.74 -131.83
CA THR V 133 -105.85 -69.09 -132.59
C THR V 133 -105.62 -68.93 -134.09
N LYS V 134 -104.96 -67.84 -134.50
CA LYS V 134 -104.65 -67.63 -135.91
C LYS V 134 -103.74 -68.72 -136.43
N VAL V 135 -102.71 -69.09 -135.66
CA VAL V 135 -101.79 -70.14 -136.07
C VAL V 135 -102.55 -71.45 -136.24
N LEU V 136 -103.42 -71.77 -135.30
CA LEU V 136 -104.20 -73.01 -135.40
C LEU V 136 -105.10 -73.00 -136.62
N ALA V 137 -105.77 -71.88 -136.88
CA ALA V 137 -106.65 -71.79 -138.04
C ALA V 137 -105.87 -72.01 -139.33
N LYS V 138 -104.74 -71.31 -139.47
CA LYS V 138 -103.94 -71.44 -140.67
C LYS V 138 -103.39 -72.86 -140.82
N VAL V 139 -102.99 -73.49 -139.72
CA VAL V 139 -102.53 -74.88 -139.78
C VAL V 139 -103.63 -75.77 -140.32
N ARG V 140 -104.83 -75.63 -139.76
CA ARG V 140 -105.95 -76.47 -140.18
C ARG V 140 -106.28 -76.26 -141.65
N THR V 141 -106.13 -75.03 -142.14
CA THR V 141 -106.45 -74.74 -143.53
C THR V 141 -105.25 -74.89 -144.47
N ALA V 142 -104.08 -75.27 -143.95
CA ALA V 142 -102.86 -75.35 -144.75
C ALA V 142 -102.41 -76.80 -144.91
N LYS V 143 -101.78 -77.09 -146.04
CA LYS V 143 -101.25 -78.41 -146.33
C LYS V 143 -99.75 -78.47 -146.07
N ALA V 144 -99.28 -79.64 -145.66
CA ALA V 144 -97.86 -79.84 -145.37
C ALA V 144 -97.06 -79.88 -146.67
N LYS V 145 -95.73 -79.83 -146.52
CA LYS V 145 -94.83 -79.85 -147.67
C LYS V 145 -94.74 -81.25 -148.24
N VAL V 146 -95.11 -81.39 -149.52
CA VAL V 146 -95.05 -82.70 -150.17
C VAL V 146 -93.61 -83.19 -150.27
N GLU V 147 -92.68 -82.28 -150.53
CA GLU V 147 -91.28 -82.66 -150.64
C GLU V 147 -90.74 -83.25 -149.34
N ASN V 148 -91.20 -82.75 -148.19
CA ASN V 148 -90.66 -83.18 -146.90
C ASN V 148 -90.85 -84.68 -146.71
N ASP V 149 -89.80 -85.34 -146.23
CA ASP V 149 -89.80 -86.78 -146.00
C ASP V 149 -90.32 -87.15 -144.62
N LEU V 150 -90.03 -86.32 -143.62
CA LEU V 150 -90.46 -86.58 -142.26
C LEU V 150 -91.98 -86.71 -142.18
N VAL V 151 -92.70 -85.79 -142.84
CA VAL V 151 -94.17 -85.83 -142.81
C VAL V 151 -94.67 -87.15 -143.39
N SER V 152 -94.10 -87.56 -144.52
CA SER V 152 -94.51 -88.81 -145.15
C SER V 152 -94.22 -90.00 -144.24
N ARG V 153 -93.06 -90.00 -143.60
CA ARG V 153 -92.72 -91.07 -142.66
C ARG V 153 -93.77 -91.15 -141.54
N VAL V 154 -94.08 -90.01 -140.93
CA VAL V 154 -95.05 -89.98 -139.84
C VAL V 154 -96.43 -90.41 -140.33
N MET V 155 -96.79 -90.04 -141.56
CA MET V 155 -98.08 -90.42 -142.12
C MET V 155 -98.16 -91.93 -142.30
N LYS V 156 -97.11 -92.54 -142.86
CA LYS V 156 -97.17 -93.98 -143.13
C LYS V 156 -97.06 -94.79 -141.84
N THR V 157 -96.29 -94.32 -140.87
CA THR V 157 -96.17 -95.04 -139.61
C THR V 157 -97.34 -94.69 -138.69
N LYS V 158 -97.65 -95.62 -137.79
CA LYS V 158 -98.74 -95.45 -136.84
C LYS V 158 -98.29 -95.02 -135.46
N ARG V 159 -97.07 -95.40 -135.05
CA ARG V 159 -96.59 -95.00 -133.73
C ARG V 159 -96.22 -93.53 -133.69
N LEU V 160 -95.59 -93.02 -134.75
CA LEU V 160 -95.08 -91.66 -134.75
C LEU V 160 -96.23 -90.65 -134.79
N CYS V 161 -96.07 -89.57 -134.03
CA CYS V 161 -97.01 -88.46 -134.03
C CYS V 161 -96.23 -87.15 -134.08
N LEU V 162 -96.86 -86.10 -134.59
CA LEU V 162 -96.24 -84.79 -134.70
C LEU V 162 -96.76 -83.87 -133.61
N GLY V 163 -95.88 -83.02 -133.10
CA GLY V 163 -96.27 -82.06 -132.09
C GLY V 163 -95.67 -80.69 -132.31
N LEU V 164 -96.48 -79.64 -132.16
CA LEU V 164 -96.04 -78.27 -132.34
C LEU V 164 -95.84 -77.65 -130.96
N VAL V 165 -94.64 -77.14 -130.72
CA VAL V 165 -94.32 -76.51 -129.44
C VAL V 165 -94.92 -75.11 -129.40
N VAL V 166 -95.62 -74.80 -128.31
CA VAL V 166 -96.37 -73.56 -128.23
C VAL V 166 -95.90 -72.63 -127.12
N GLU V 167 -95.18 -73.11 -126.12
CA GLU V 167 -94.69 -72.23 -125.07
C GLU V 167 -93.39 -72.79 -124.50
N THR V 168 -92.48 -71.90 -124.12
CA THR V 168 -91.18 -72.32 -123.64
C THR V 168 -90.74 -71.45 -122.47
N ALA V 169 -90.15 -72.07 -121.46
CA ALA V 169 -89.62 -71.37 -120.30
C ALA V 169 -88.11 -71.23 -120.43
N CYS V 170 -87.63 -69.99 -120.37
CA CYS V 170 -86.22 -69.68 -120.59
C CYS V 170 -85.70 -68.76 -119.49
N VAL V 171 -84.44 -68.93 -119.14
CA VAL V 171 -83.82 -68.09 -118.12
C VAL V 171 -83.52 -66.72 -118.72
N ALA V 172 -83.91 -65.67 -117.99
CA ALA V 172 -83.67 -64.31 -118.47
C ALA V 172 -82.20 -63.94 -118.40
N ALA V 173 -81.51 -64.37 -117.34
CA ALA V 173 -80.10 -64.05 -117.13
C ALA V 173 -79.32 -65.34 -116.95
N ALA V 174 -78.02 -65.20 -116.74
CA ALA V 174 -77.15 -66.36 -116.58
C ALA V 174 -77.50 -67.14 -115.31
N GLY V 175 -77.46 -68.46 -115.42
CA GLY V 175 -77.78 -69.35 -114.31
C GLY V 175 -76.55 -70.12 -113.86
N LYS V 176 -76.37 -70.22 -112.55
CA LYS V 176 -75.16 -70.82 -111.98
C LYS V 176 -75.50 -72.12 -111.26
N LEU V 177 -74.75 -73.17 -111.58
CA LEU V 177 -74.96 -74.48 -110.97
C LEU V 177 -73.64 -74.97 -110.38
N THR V 178 -73.65 -75.26 -109.08
CA THR V 178 -72.45 -75.68 -108.37
C THR V 178 -72.72 -76.98 -107.61
N GLU V 179 -71.75 -77.89 -107.64
CA GLU V 179 -71.85 -79.18 -106.97
C GLU V 179 -70.52 -79.55 -106.36
N ALA V 180 -70.55 -80.06 -105.13
CA ALA V 180 -69.36 -80.52 -104.43
C ALA V 180 -69.61 -81.88 -103.80
N ASP V 181 -68.64 -82.78 -103.95
CA ASP V 181 -68.76 -84.14 -103.45
C ASP V 181 -67.47 -84.51 -102.72
N ASN V 182 -67.60 -85.12 -101.55
CA ASN V 182 -66.44 -85.61 -100.80
C ASN V 182 -66.84 -86.89 -100.10
N TRP V 183 -66.29 -88.02 -100.52
CA TRP V 183 -66.64 -89.28 -99.85
C TRP V 183 -65.38 -90.10 -99.57
N GLU V 184 -65.49 -90.96 -98.55
CA GLU V 184 -64.33 -91.65 -98.02
C GLU V 184 -64.74 -93.03 -97.51
N ILE V 185 -63.86 -94.02 -97.74
CA ILE V 185 -64.06 -95.39 -97.30
C ILE V 185 -62.79 -95.86 -96.60
N SER V 186 -62.96 -96.47 -95.42
CA SER V 186 -61.83 -97.03 -94.68
C SER V 186 -62.22 -98.41 -94.17
N GLY V 187 -61.51 -99.44 -94.61
CA GLY V 187 -61.82 -100.80 -94.23
C GLY V 187 -60.59 -101.53 -93.72
N HIS V 188 -60.86 -102.49 -92.83
CA HIS V 188 -59.79 -103.28 -92.20
C HIS V 188 -60.30 -104.69 -91.97
N THR V 189 -59.44 -105.68 -92.20
CA THR V 189 -59.78 -107.09 -92.08
C THR V 189 -58.65 -107.82 -91.36
N ASN V 190 -59.00 -108.67 -90.40
CA ASN V 190 -58.02 -109.46 -89.66
C ASN V 190 -58.54 -110.89 -89.58
N ALA V 191 -57.89 -111.80 -90.29
CA ALA V 191 -58.22 -113.22 -90.27
C ALA V 191 -57.11 -113.93 -89.51
N ASN V 192 -57.39 -114.34 -88.28
CA ASN V 192 -56.43 -115.05 -87.44
C ASN V 192 -56.78 -116.53 -87.43
N ILE V 193 -55.82 -117.35 -87.83
CA ILE V 193 -55.97 -118.80 -87.83
C ILE V 193 -54.77 -119.38 -87.08
N GLY V 194 -54.90 -120.65 -86.67
CA GLY V 194 -53.85 -121.29 -85.90
C GLY V 194 -52.49 -121.27 -86.58
N GLU V 195 -52.47 -121.37 -87.91
CA GLU V 195 -51.22 -121.36 -88.66
C GLU V 195 -51.16 -120.24 -89.69
N ALA V 196 -52.09 -119.30 -89.67
CA ALA V 196 -52.09 -118.20 -90.63
C ALA V 196 -52.66 -116.95 -89.99
N VAL V 197 -52.03 -115.81 -90.29
CA VAL V 197 -52.49 -114.50 -89.83
C VAL V 197 -52.49 -113.57 -91.03
N VAL V 198 -53.65 -112.99 -91.35
CA VAL V 198 -53.79 -112.05 -92.45
C VAL V 198 -54.35 -110.74 -91.91
N THR V 199 -53.69 -109.64 -92.24
CA THR V 199 -54.11 -108.30 -91.81
C THR V 199 -54.10 -107.37 -93.00
N ALA V 200 -55.29 -107.01 -93.48
CA ALA V 200 -55.44 -106.15 -94.65
C ALA V 200 -56.10 -104.84 -94.25
N THR V 201 -55.73 -103.76 -94.94
CA THR V 201 -56.27 -102.44 -94.66
C THR V 201 -56.34 -101.66 -95.97
N ALA V 202 -57.41 -100.89 -96.15
CA ALA V 202 -57.57 -100.10 -97.36
C ALA V 202 -58.30 -98.80 -97.05
N GLU V 203 -57.72 -97.68 -97.45
CA GLU V 203 -58.33 -96.37 -97.27
C GLU V 203 -58.35 -95.64 -98.60
N LEU V 204 -59.47 -94.98 -98.89
CA LEU V 204 -59.53 -94.14 -100.08
C LEU V 204 -60.54 -93.02 -99.85
N ASP V 205 -60.41 -91.96 -100.64
CA ASP V 205 -61.32 -90.82 -100.55
C ASP V 205 -61.26 -90.03 -101.84
N LYS V 206 -62.43 -89.64 -102.34
CA LYS V 206 -62.56 -88.90 -103.59
C LYS V 206 -63.23 -87.56 -103.33
N ASN V 207 -62.72 -86.52 -103.99
CA ASN V 207 -63.26 -85.17 -103.89
C ASN V 207 -63.47 -84.63 -105.29
N LEU V 208 -64.67 -84.10 -105.55
CA LEU V 208 -65.02 -83.53 -106.84
C LEU V 208 -65.75 -82.21 -106.65
N SER V 209 -65.62 -81.34 -107.65
CA SER V 209 -66.32 -80.05 -107.63
C SER V 209 -66.56 -79.60 -109.06
N ARG V 210 -67.82 -79.33 -109.40
CA ARG V 210 -68.19 -78.93 -110.76
C ARG V 210 -69.02 -77.66 -110.66
N LYS V 211 -68.64 -76.63 -111.43
CA LYS V 211 -69.34 -75.35 -111.43
C LYS V 211 -69.50 -74.88 -112.86
N ILE V 212 -70.75 -74.67 -113.28
CA ILE V 212 -71.05 -74.24 -114.65
C ILE V 212 -72.02 -73.07 -114.60
N GLU V 213 -72.16 -72.41 -115.75
CA GLU V 213 -73.03 -71.24 -115.88
C GLU V 213 -73.69 -71.26 -117.25
N ILE V 214 -74.99 -71.55 -117.28
CA ILE V 214 -75.75 -71.51 -118.52
C ILE V 214 -76.03 -70.07 -118.92
N PRO V 215 -75.96 -69.73 -120.19
CA PRO V 215 -76.14 -68.34 -120.62
C PRO V 215 -77.60 -67.96 -120.71
N PRO V 216 -77.90 -66.67 -120.80
CA PRO V 216 -79.31 -66.25 -120.95
C PRO V 216 -79.92 -66.81 -122.23
N GLY V 217 -81.21 -67.14 -122.14
CA GLY V 217 -81.95 -67.68 -123.26
C GLY V 217 -82.05 -69.18 -123.32
N THR V 218 -81.34 -69.89 -122.44
CA THR V 218 -81.39 -71.34 -122.44
C THR V 218 -82.78 -71.83 -122.05
N ALA V 219 -83.35 -72.72 -122.86
CA ALA V 219 -84.68 -73.24 -122.58
C ALA V 219 -84.63 -74.25 -121.44
N LEU V 220 -85.69 -74.28 -120.64
CA LEU V 220 -85.80 -75.21 -119.52
C LEU V 220 -86.92 -76.23 -119.69
N ALA V 221 -88.08 -75.81 -120.16
CA ALA V 221 -89.22 -76.71 -120.29
C ALA V 221 -90.14 -76.18 -121.38
N TYR V 222 -91.06 -77.04 -121.83
CA TYR V 222 -91.93 -76.69 -122.94
C TYR V 222 -93.22 -77.48 -122.86
N SER V 223 -94.21 -77.02 -123.63
CA SER V 223 -95.47 -77.72 -123.81
C SER V 223 -95.83 -77.71 -125.28
N PHE V 224 -96.51 -78.75 -125.74
CA PHE V 224 -96.78 -78.89 -127.16
C PHE V 224 -98.19 -79.41 -127.40
N MET V 225 -98.67 -79.20 -128.62
CA MET V 225 -99.99 -79.63 -129.05
C MET V 225 -99.84 -80.66 -130.18
N ASP V 226 -100.67 -81.70 -130.14
CA ASP V 226 -100.55 -82.77 -131.10
C ASP V 226 -101.13 -82.38 -132.46
N LEU V 227 -100.71 -83.11 -133.49
CA LEU V 227 -101.17 -82.89 -134.86
C LEU V 227 -101.47 -84.24 -135.50
N GLU V 228 -102.10 -84.18 -136.68
CA GLU V 228 -102.48 -85.38 -137.40
C GLU V 228 -102.45 -85.09 -138.90
N ILE V 229 -101.73 -85.92 -139.65
CA ILE V 229 -101.64 -85.79 -141.10
C ILE V 229 -102.86 -86.45 -141.72
N LEU V 230 -103.60 -85.70 -142.54
CA LEU V 230 -104.69 -86.28 -143.29
C LEU V 230 -104.15 -87.19 -144.39
N GLU V 231 -105.07 -87.81 -145.15
CA GLU V 231 -104.67 -88.55 -146.34
C GLU V 231 -103.85 -87.67 -147.28
N ASP V 232 -104.34 -86.45 -147.52
CA ASP V 232 -103.59 -85.46 -148.27
C ASP V 232 -102.52 -84.83 -147.37
N ARG V 233 -101.82 -83.83 -147.90
CA ARG V 233 -100.84 -83.09 -147.10
C ARG V 233 -101.48 -82.22 -146.03
N SER V 234 -102.81 -82.12 -146.01
CA SER V 234 -103.49 -81.31 -145.01
C SER V 234 -103.19 -81.79 -143.59
N LEU V 235 -103.16 -80.84 -142.66
CA LEU V 235 -102.90 -81.13 -141.26
C LEU V 235 -104.11 -80.74 -140.41
N ARG V 236 -104.32 -81.50 -139.34
CA ARG V 236 -105.41 -81.25 -138.41
C ARG V 236 -104.88 -81.29 -136.99
N VAL V 237 -105.60 -80.66 -136.07
CA VAL V 237 -105.22 -80.67 -134.66
C VAL V 237 -106.06 -81.71 -133.94
N SER V 238 -105.45 -82.41 -132.99
CA SER V 238 -106.10 -83.49 -132.27
C SER V 238 -106.04 -83.23 -130.77
N SER V 239 -107.14 -83.53 -130.08
CA SER V 239 -107.25 -83.29 -128.65
C SER V 239 -107.68 -84.57 -127.95
N SER V 240 -106.82 -85.09 -127.08
CA SER V 240 -107.18 -86.23 -126.25
C SER V 240 -108.04 -85.75 -125.10
N ALA V 241 -109.33 -86.07 -125.15
CA ALA V 241 -110.33 -85.61 -124.17
C ALA V 241 -110.36 -84.08 -124.09
N GLY V 242 -110.09 -83.41 -125.22
CA GLY V 242 -110.12 -81.97 -125.27
C GLY V 242 -108.99 -81.28 -124.55
N ALA V 243 -107.88 -81.98 -124.28
CA ALA V 243 -106.78 -81.37 -123.55
C ALA V 243 -106.11 -80.27 -124.37
N MET V 244 -105.73 -80.58 -125.61
CA MET V 244 -105.01 -79.66 -126.49
C MET V 244 -103.70 -79.17 -125.87
N PHE V 245 -103.20 -79.86 -124.84
CA PHE V 245 -101.93 -79.50 -124.22
C PHE V 245 -101.31 -80.80 -123.72
N ASP V 246 -100.35 -81.33 -124.48
CA ASP V 246 -99.76 -82.62 -124.15
C ASP V 246 -98.45 -82.40 -123.42
N SER V 247 -98.27 -83.09 -122.30
CA SER V 247 -97.07 -83.00 -121.49
C SER V 247 -96.23 -84.27 -121.58
N GLY V 248 -96.44 -85.09 -122.60
CA GLY V 248 -95.72 -86.34 -122.72
C GLY V 248 -96.01 -87.30 -121.57
N LYS V 249 -97.27 -87.36 -121.15
CA LYS V 249 -97.68 -88.20 -120.03
C LYS V 249 -98.39 -89.44 -120.54
N ALA V 250 -98.28 -90.53 -119.78
CA ALA V 250 -98.97 -91.75 -120.12
C ALA V 250 -100.48 -91.58 -120.02
N GLU V 251 -101.22 -92.33 -120.83
CA GLU V 251 -102.67 -92.24 -120.82
C GLU V 251 -103.25 -92.64 -119.47
N SER V 252 -102.70 -93.71 -118.87
CA SER V 252 -103.14 -94.20 -117.56
C SER V 252 -104.64 -94.51 -117.54
CA ARG W 3 -96.38 -80.76 -101.92
C ARG W 3 -95.77 -79.44 -102.38
N PRO W 4 -96.08 -79.04 -103.61
CA PRO W 4 -95.55 -77.77 -104.14
C PRO W 4 -96.01 -76.59 -103.29
N MET W 5 -95.10 -75.62 -103.14
CA MET W 5 -95.42 -74.44 -102.35
C MET W 5 -96.58 -73.67 -102.95
N PHE W 6 -96.62 -73.56 -104.28
CA PHE W 6 -97.72 -72.86 -104.93
C PHE W 6 -99.05 -73.54 -104.63
N ALA W 7 -99.10 -74.87 -104.70
CA ALA W 7 -100.32 -75.58 -104.39
C ALA W 7 -100.73 -75.40 -102.93
N VAL W 8 -99.75 -75.45 -102.03
CA VAL W 8 -100.05 -75.24 -100.61
C VAL W 8 -100.62 -73.84 -100.37
N ALA W 9 -100.00 -72.83 -100.97
CA ALA W 9 -100.48 -71.47 -100.80
C ALA W 9 -101.87 -71.29 -101.41
N VAL W 10 -102.12 -71.92 -102.55
CA VAL W 10 -103.45 -71.84 -103.17
C VAL W 10 -104.49 -72.47 -102.26
N ASN W 11 -104.17 -73.62 -101.67
CA ASN W 11 -105.11 -74.25 -100.75
C ASN W 11 -105.35 -73.39 -99.52
N GLU W 12 -104.30 -72.78 -98.98
CA GLU W 12 -104.47 -71.90 -97.82
C GLU W 12 -105.36 -70.71 -98.16
N PHE W 13 -105.13 -70.10 -99.32
CA PHE W 13 -105.95 -68.96 -99.72
C PHE W 13 -107.40 -69.37 -99.92
N ILE W 14 -107.63 -70.49 -100.62
CA ILE W 14 -108.99 -70.89 -100.91
C ILE W 14 -109.73 -71.31 -99.64
N ARG W 15 -109.01 -71.84 -98.65
CA ARG W 15 -109.65 -72.14 -97.38
C ARG W 15 -110.00 -70.86 -96.62
N SER W 16 -109.04 -69.92 -96.54
CA SER W 16 -109.28 -68.70 -95.79
C SER W 16 -110.41 -67.88 -96.40
N ALA W 17 -110.44 -67.77 -97.72
CA ALA W 17 -111.45 -67.01 -98.42
C ALA W 17 -112.00 -67.83 -99.57
N GLY W 18 -113.32 -67.84 -99.74
CA GLY W 18 -113.94 -68.55 -100.83
C GLY W 18 -113.77 -70.04 -100.80
N GLN W 19 -114.02 -70.66 -99.64
CA GLN W 19 -113.93 -72.11 -99.55
C GLN W 19 -114.94 -72.79 -100.46
N ASP W 20 -116.05 -72.13 -100.74
CA ASP W 20 -117.05 -72.63 -101.67
C ASP W 20 -117.03 -71.80 -102.95
N SER W 21 -117.44 -72.44 -104.04
CA SER W 21 -117.52 -71.80 -105.36
C SER W 21 -116.17 -71.23 -105.79
N LEU W 22 -115.13 -72.04 -105.68
CA LEU W 22 -113.79 -71.62 -106.08
C LEU W 22 -112.95 -72.86 -106.37
N CYS W 23 -112.19 -72.81 -107.45
CA CYS W 23 -111.35 -73.93 -107.89
C CYS W 23 -109.90 -73.50 -107.88
N GLY W 24 -109.05 -74.32 -107.26
CA GLY W 24 -107.64 -74.03 -107.22
C GLY W 24 -106.98 -74.11 -108.58
N VAL W 25 -105.87 -73.39 -108.72
CA VAL W 25 -105.10 -73.38 -109.97
C VAL W 25 -104.06 -74.50 -109.90
N PRO W 26 -103.96 -75.34 -110.94
CA PRO W 26 -103.04 -76.48 -110.87
C PRO W 26 -101.58 -76.10 -110.74
N ASP W 27 -101.11 -75.11 -111.50
CA ASP W 27 -99.70 -74.75 -111.47
C ASP W 27 -99.52 -73.34 -111.99
N ILE W 28 -98.34 -72.78 -111.71
CA ILE W 28 -98.04 -71.41 -112.10
C ILE W 28 -98.06 -71.26 -113.61
N ASN W 29 -97.53 -72.25 -114.34
CA ASN W 29 -97.48 -72.15 -115.78
C ASN W 29 -98.87 -72.05 -116.40
N SER W 30 -99.80 -72.86 -115.91
CA SER W 30 -101.16 -72.88 -116.43
C SER W 30 -102.09 -71.90 -115.73
N SER W 31 -101.56 -71.13 -114.77
CA SER W 31 -102.39 -70.14 -114.09
C SER W 31 -102.94 -69.10 -115.06
N GLY W 32 -102.15 -68.72 -116.07
CA GLY W 32 -102.58 -67.69 -117.00
C GLY W 32 -103.67 -68.09 -117.95
N ASP W 33 -104.01 -69.38 -118.01
CA ASP W 33 -105.05 -69.86 -118.91
C ASP W 33 -106.43 -69.88 -118.26
N PHE W 34 -106.55 -69.42 -117.02
CA PHE W 34 -107.82 -69.42 -116.30
C PHE W 34 -108.31 -68.00 -116.02
N MET W 35 -108.01 -67.07 -116.91
CA MET W 35 -108.54 -65.73 -116.82
C MET W 35 -110.00 -65.71 -117.26
N PRO W 36 -110.74 -64.65 -116.90
CA PRO W 36 -112.16 -64.60 -117.26
C PRO W 36 -112.38 -64.68 -118.76
N LEU W 37 -113.52 -65.27 -119.14
CA LEU W 37 -113.91 -65.47 -120.53
C LEU W 37 -112.97 -66.44 -121.24
N HIS W 38 -112.68 -67.56 -120.57
CA HIS W 38 -111.89 -68.64 -121.15
C HIS W 38 -112.71 -69.92 -121.11
N ILE W 39 -112.52 -70.75 -122.14
CA ILE W 39 -113.23 -72.03 -122.26
C ILE W 39 -112.38 -73.12 -121.61
N ILE W 40 -113.02 -73.97 -120.81
CA ILE W 40 -112.38 -75.12 -120.20
C ILE W 40 -113.26 -76.34 -120.45
N VAL W 41 -112.65 -77.52 -120.33
CA VAL W 41 -113.33 -78.78 -120.57
C VAL W 41 -113.40 -79.54 -119.25
N LYS W 42 -114.57 -80.08 -118.95
CA LYS W 42 -114.79 -80.86 -117.73
C LYS W 42 -115.08 -82.31 -118.11
N GLU W 43 -114.38 -83.23 -117.45
CA GLU W 43 -114.51 -84.66 -117.67
C GLU W 43 -115.02 -85.31 -116.41
N VAL W 44 -116.06 -86.14 -116.55
CA VAL W 44 -116.69 -86.81 -115.42
C VAL W 44 -115.76 -87.92 -114.90
N PRO W 45 -115.85 -88.29 -113.62
CA PRO W 45 -114.96 -89.35 -113.11
C PRO W 45 -115.14 -90.68 -113.80
N LYS W 46 -116.36 -91.01 -114.23
CA LYS W 46 -116.74 -92.25 -114.91
C LYS W 46 -116.68 -93.47 -113.99
N VAL W 47 -116.26 -93.31 -112.74
CA VAL W 47 -116.21 -94.44 -111.81
C VAL W 47 -117.16 -94.15 -110.65
N LEU W 48 -116.92 -93.05 -109.94
CA LEU W 48 -117.77 -92.61 -108.84
C LEU W 48 -118.09 -91.13 -109.07
N PRO W 49 -118.98 -90.82 -110.02
CA PRO W 49 -119.25 -89.42 -110.34
C PRO W 49 -119.76 -88.61 -109.15
N CYS W 50 -120.57 -89.21 -108.28
CA CYS W 50 -121.09 -88.51 -107.12
C CYS W 50 -120.12 -88.49 -105.94
N CYS W 51 -119.02 -89.24 -106.01
CA CYS W 51 -118.06 -89.31 -104.92
C CYS W 51 -116.71 -88.69 -105.25
N ARG W 52 -116.42 -88.44 -106.53
CA ARG W 52 -115.13 -87.92 -106.95
C ARG W 52 -115.33 -86.63 -107.74
N ARG W 53 -114.47 -85.65 -107.51
CA ARG W 53 -114.56 -84.39 -108.23
C ARG W 53 -114.07 -84.59 -109.68
N PRO W 54 -114.68 -83.88 -110.63
CA PRO W 54 -114.32 -84.07 -112.04
C PRO W 54 -112.93 -83.55 -112.38
N LYS W 55 -112.52 -83.72 -113.63
CA LYS W 55 -111.20 -83.31 -114.11
C LYS W 55 -111.36 -82.11 -115.03
N ILE W 56 -110.55 -81.08 -114.78
CA ILE W 56 -110.64 -79.82 -115.52
C ILE W 56 -109.43 -79.67 -116.42
N LYS W 57 -109.67 -79.40 -117.70
CA LYS W 57 -108.63 -79.28 -118.72
C LYS W 57 -108.70 -77.88 -119.32
N ARG W 58 -107.55 -77.23 -119.39
CA ARG W 58 -107.47 -75.90 -120.00
C ARG W 58 -107.41 -76.00 -121.51
N THR W 59 -107.92 -74.98 -122.18
CA THR W 59 -107.90 -74.90 -123.63
C THR W 59 -107.44 -73.52 -124.07
N PRO W 60 -106.79 -73.43 -125.23
CA PRO W 60 -106.32 -72.13 -125.73
C PRO W 60 -107.39 -71.40 -126.55
N TYR W 61 -108.54 -71.16 -125.94
CA TYR W 61 -109.66 -70.53 -126.62
C TYR W 61 -110.32 -69.51 -125.70
N THR W 62 -110.85 -68.46 -126.32
CA THR W 62 -111.71 -67.50 -125.65
C THR W 62 -113.13 -67.62 -126.21
N LEU W 63 -114.06 -66.91 -125.56
CA LEU W 63 -115.45 -66.98 -125.97
C LEU W 63 -115.64 -66.47 -127.39
N ASN W 64 -114.99 -65.35 -127.73
CA ASN W 64 -115.14 -64.77 -129.06
C ASN W 64 -114.55 -65.68 -130.13
N ASP W 65 -113.45 -66.37 -129.81
CA ASP W 65 -112.89 -67.30 -130.78
C ASP W 65 -113.79 -68.53 -130.95
N ILE W 66 -114.33 -69.05 -129.85
CA ILE W 66 -115.14 -70.26 -129.94
C ILE W 66 -116.49 -69.98 -130.58
N LEU W 67 -116.96 -68.73 -130.52
CA LEU W 67 -118.27 -68.36 -131.04
C LEU W 67 -118.14 -67.70 -132.40
N ASP W 68 -119.07 -68.06 -133.30
CA ASP W 68 -119.14 -67.36 -134.58
C ASP W 68 -119.49 -65.89 -134.39
N GLU W 69 -120.43 -65.60 -133.50
CA GLU W 69 -120.83 -64.23 -133.22
C GLU W 69 -120.09 -63.71 -132.00
N PRO W 70 -119.36 -62.59 -132.10
CA PRO W 70 -118.62 -62.09 -130.95
C PRO W 70 -119.54 -61.51 -129.87
N CYS W 71 -119.00 -61.43 -128.67
CA CYS W 71 -119.67 -60.90 -127.50
C CYS W 71 -118.79 -59.84 -126.85
N PRO W 72 -119.39 -58.91 -126.11
CA PRO W 72 -118.57 -57.94 -125.37
C PRO W 72 -117.68 -58.65 -124.36
N ASN W 73 -116.46 -58.13 -124.17
CA ASN W 73 -115.44 -58.80 -123.39
C ASN W 73 -114.74 -57.88 -122.39
N GLN W 74 -115.27 -56.69 -122.14
CA GLN W 74 -114.63 -55.78 -121.19
C GLN W 74 -114.65 -56.36 -119.79
N LEU W 75 -113.61 -56.04 -119.02
CA LEU W 75 -113.42 -56.59 -117.68
C LEU W 75 -113.29 -55.47 -116.66
N LYS W 76 -113.35 -55.84 -115.38
CA LYS W 76 -113.14 -54.93 -114.28
C LYS W 76 -112.62 -55.71 -113.09
N SER W 77 -111.86 -55.03 -112.23
CA SER W 77 -111.24 -55.67 -111.08
C SER W 77 -111.51 -54.85 -109.82
N SER W 78 -111.57 -55.56 -108.70
CA SER W 78 -111.81 -54.92 -107.40
C SER W 78 -111.19 -55.78 -106.31
N ASP W 79 -110.87 -55.14 -105.19
CA ASP W 79 -110.19 -55.85 -104.10
C ASP W 79 -111.08 -56.93 -103.51
N LEU W 80 -110.45 -58.02 -103.09
CA LEU W 80 -111.16 -59.15 -102.49
C LEU W 80 -110.75 -59.41 -101.05
N VAL W 81 -109.45 -59.57 -100.79
CA VAL W 81 -108.94 -59.85 -99.45
C VAL W 81 -107.50 -59.36 -99.37
N THR W 82 -107.02 -59.15 -98.15
CA THR W 82 -105.69 -58.60 -97.91
C THR W 82 -105.04 -59.36 -96.75
N PHE W 83 -103.96 -60.07 -97.03
CA PHE W 83 -103.19 -60.76 -96.00
C PHE W 83 -102.15 -59.80 -95.46
N THR W 84 -102.44 -59.21 -94.29
CA THR W 84 -101.55 -58.18 -93.73
C THR W 84 -100.21 -58.76 -93.33
N GLU W 85 -100.19 -59.99 -92.80
CA GLU W 85 -98.96 -60.61 -92.37
C GLU W 85 -98.81 -61.98 -93.00
N PRO W 86 -97.59 -62.45 -93.19
CA PRO W 86 -97.38 -63.74 -93.85
C PRO W 86 -97.96 -64.89 -93.05
N LEU W 87 -98.50 -65.87 -93.76
CA LEU W 87 -98.91 -67.14 -93.16
C LEU W 87 -97.66 -67.93 -92.80
N VAL W 88 -97.47 -68.21 -91.51
CA VAL W 88 -96.27 -68.86 -91.00
C VAL W 88 -96.67 -70.18 -90.37
N SER W 89 -95.96 -71.25 -90.72
CA SER W 89 -96.22 -72.58 -90.18
C SER W 89 -94.91 -73.21 -89.72
N ASN W 90 -94.95 -73.85 -88.56
CA ASN W 90 -93.80 -74.53 -88.00
C ASN W 90 -94.23 -75.92 -87.53
N VAL W 91 -93.42 -76.93 -87.88
CA VAL W 91 -93.62 -78.30 -87.42
C VAL W 91 -92.28 -78.81 -86.91
N LYS W 92 -92.28 -79.43 -85.75
CA LYS W 92 -91.05 -79.94 -85.15
C LYS W 92 -91.36 -81.27 -84.48
N ALA W 93 -90.80 -82.36 -85.02
CA ALA W 93 -91.01 -83.69 -84.48
C ALA W 93 -89.68 -84.30 -84.08
N SER W 94 -89.72 -85.13 -83.04
CA SER W 94 -88.52 -85.83 -82.58
C SER W 94 -88.95 -87.10 -81.87
N SER W 95 -88.34 -88.23 -82.23
CA SER W 95 -88.72 -89.51 -81.66
C SER W 95 -87.48 -90.37 -81.47
N SER W 96 -87.59 -91.33 -80.56
CA SER W 96 -86.52 -92.27 -80.27
C SER W 96 -87.12 -93.61 -79.89
N ILE W 97 -86.48 -94.68 -80.36
CA ILE W 97 -86.92 -96.05 -80.12
C ILE W 97 -85.74 -96.86 -79.59
N GLY W 98 -85.99 -97.66 -78.56
CA GLY W 98 -84.96 -98.54 -78.03
C GLY W 98 -85.49 -99.94 -77.78
N LEU W 99 -84.91 -100.93 -78.45
CA LEU W 99 -85.34 -102.32 -78.35
C LEU W 99 -84.19 -103.15 -77.81
N GLN W 100 -84.48 -104.01 -76.84
CA GLN W 100 -83.47 -104.91 -76.28
C GLN W 100 -84.08 -106.30 -76.13
N ILE W 101 -83.38 -107.31 -76.64
CA ILE W 101 -83.75 -108.71 -76.46
C ILE W 101 -82.60 -109.36 -75.69
N LEU W 102 -82.80 -109.54 -74.39
CA LEU W 102 -81.86 -110.20 -73.48
C LEU W 102 -80.51 -109.50 -73.60
N LYS W 103 -79.40 -110.23 -73.72
CA LYS W 103 -78.11 -109.65 -74.08
C LYS W 103 -77.70 -110.03 -75.50
N HIS W 104 -78.68 -110.37 -76.34
CA HIS W 104 -78.42 -110.80 -77.71
C HIS W 104 -78.76 -109.75 -78.75
N PHE W 105 -79.76 -108.92 -78.53
CA PHE W 105 -80.13 -107.89 -79.49
C PHE W 105 -80.25 -106.55 -78.78
N ASP W 106 -79.74 -105.49 -79.40
CA ASP W 106 -79.84 -104.15 -78.82
C ASP W 106 -79.83 -103.13 -79.95
N SER W 107 -80.98 -102.51 -80.22
CA SER W 107 -81.09 -101.53 -81.29
C SER W 107 -81.58 -100.20 -80.71
N GLY W 108 -80.95 -99.11 -81.15
CA GLY W 108 -81.38 -97.79 -80.77
C GLY W 108 -81.48 -96.85 -81.96
N ALA W 109 -82.68 -96.35 -82.24
CA ALA W 109 -82.91 -95.47 -83.36
C ALA W 109 -83.48 -94.15 -82.87
N LYS W 110 -83.26 -93.10 -83.66
CA LYS W 110 -83.81 -91.80 -83.31
C LYS W 110 -83.93 -90.97 -84.58
N GLY W 111 -84.92 -90.09 -84.59
CA GLY W 111 -85.16 -89.24 -85.74
C GLY W 111 -85.69 -87.89 -85.31
N SER W 112 -85.46 -86.89 -86.15
CA SER W 112 -85.94 -85.55 -85.88
C SER W 112 -86.23 -84.85 -87.21
N LYS W 113 -87.17 -83.91 -87.17
CA LYS W 113 -87.58 -83.18 -88.35
C LYS W 113 -88.04 -81.79 -87.96
N ASN W 114 -87.63 -80.80 -88.74
CA ASN W 114 -88.02 -79.40 -88.53
C ASN W 114 -88.41 -78.81 -89.86
N PHE W 115 -89.65 -78.35 -89.97
CA PHE W 115 -90.24 -77.88 -91.22
C PHE W 115 -90.83 -76.50 -91.00
N ILE W 116 -90.44 -75.52 -91.81
CA ILE W 116 -90.88 -74.14 -91.67
C ILE W 116 -91.38 -73.63 -93.01
N THR W 117 -92.53 -72.96 -92.99
CA THR W 117 -93.15 -72.44 -94.21
C THR W 117 -93.60 -71.00 -93.97
N SER W 118 -93.44 -70.16 -94.98
CA SER W 118 -93.91 -68.78 -94.93
C SER W 118 -94.44 -68.37 -96.29
N ALA W 119 -95.65 -67.83 -96.32
CA ALA W 119 -96.27 -67.38 -97.56
C ALA W 119 -96.77 -65.95 -97.38
N SER W 120 -96.35 -65.06 -98.27
CA SER W 120 -96.74 -63.66 -98.26
C SER W 120 -97.43 -63.38 -99.59
N LEU W 121 -98.76 -63.33 -99.56
CA LEU W 121 -99.57 -63.10 -100.75
C LEU W 121 -99.96 -61.65 -100.94
N GLY W 122 -99.70 -60.79 -99.96
CA GLY W 122 -100.03 -59.38 -100.12
C GLY W 122 -101.52 -59.17 -100.28
N THR W 123 -101.91 -58.51 -101.37
CA THR W 123 -103.30 -58.20 -101.67
C THR W 123 -103.77 -59.05 -102.84
N VAL W 124 -104.98 -59.59 -102.73
CA VAL W 124 -105.59 -60.40 -103.78
C VAL W 124 -106.81 -59.65 -104.30
N VAL W 125 -106.89 -59.49 -105.62
CA VAL W 125 -108.00 -58.83 -106.26
C VAL W 125 -108.78 -59.86 -107.07
N LYS W 126 -110.00 -59.48 -107.46
CA LYS W 126 -110.87 -60.31 -108.28
C LYS W 126 -111.19 -59.57 -109.56
N ALA W 127 -111.07 -60.27 -110.68
CA ALA W 127 -111.34 -59.72 -112.00
C ALA W 127 -112.49 -60.50 -112.63
N GLU W 128 -113.41 -59.77 -113.26
CA GLU W 128 -114.61 -60.35 -113.83
C GLU W 128 -115.19 -59.41 -114.86
N THR W 129 -116.05 -59.95 -115.71
CA THR W 129 -116.70 -59.15 -116.74
C THR W 129 -117.52 -58.03 -116.11
N ILE W 130 -117.54 -56.88 -116.78
CA ILE W 130 -118.31 -55.74 -116.27
C ILE W 130 -119.79 -56.08 -116.20
N ASP W 131 -120.32 -56.71 -117.25
CA ASP W 131 -121.72 -57.13 -117.29
C ASP W 131 -121.77 -58.56 -117.78
N ILE W 132 -122.25 -59.47 -116.92
CA ILE W 132 -122.34 -60.88 -117.30
C ILE W 132 -123.66 -61.20 -117.97
N THR W 133 -124.71 -60.44 -117.68
CA THR W 133 -126.01 -60.70 -118.29
C THR W 133 -125.96 -60.54 -119.81
N LYS W 134 -125.29 -59.49 -120.29
CA LYS W 134 -125.15 -59.29 -121.73
C LYS W 134 -124.38 -60.43 -122.37
N VAL W 135 -123.30 -60.87 -121.73
CA VAL W 135 -122.51 -61.97 -122.25
C VAL W 135 -123.36 -63.23 -122.34
N LEU W 136 -124.13 -63.50 -121.29
CA LEU W 136 -124.99 -64.69 -121.30
C LEU W 136 -126.04 -64.61 -122.39
N ALA W 137 -126.66 -63.45 -122.57
CA ALA W 137 -127.67 -63.29 -123.60
C ALA W 137 -127.08 -63.54 -124.98
N LYS W 138 -125.93 -62.91 -125.26
CA LYS W 138 -125.28 -63.08 -126.56
C LYS W 138 -124.87 -64.53 -126.78
N VAL W 139 -124.36 -65.20 -125.74
CA VAL W 139 -124.00 -66.61 -125.86
C VAL W 139 -125.22 -67.42 -126.26
N ARG W 140 -126.33 -67.21 -125.55
CA ARG W 140 -127.55 -67.98 -125.83
C ARG W 140 -128.05 -67.73 -127.24
N THR W 141 -127.89 -66.50 -127.75
CA THR W 141 -128.36 -66.19 -129.09
C THR W 141 -127.29 -66.40 -130.16
N ALA W 142 -126.10 -66.86 -129.81
CA ALA W 142 -125.00 -67.00 -130.74
C ALA W 142 -124.67 -68.47 -130.97
N LYS W 143 -124.20 -68.79 -132.17
CA LYS W 143 -123.80 -70.14 -132.53
C LYS W 143 -122.28 -70.30 -132.48
N ALA W 144 -121.84 -71.50 -132.12
CA ALA W 144 -120.42 -71.80 -132.02
C ALA W 144 -119.78 -71.87 -133.41
N LYS W 145 -118.45 -71.91 -133.43
CA LYS W 145 -117.71 -71.97 -134.68
C LYS W 145 -117.79 -73.37 -135.26
N VAL W 146 -118.32 -73.47 -136.49
CA VAL W 146 -118.43 -74.77 -137.15
C VAL W 146 -117.05 -75.35 -137.42
N GLU W 147 -116.10 -74.50 -137.81
CA GLU W 147 -114.74 -74.97 -138.08
C GLU W 147 -114.09 -75.60 -136.87
N ASN W 148 -114.37 -75.09 -135.67
CA ASN W 148 -113.70 -75.57 -134.47
C ASN W 148 -113.96 -77.05 -134.26
N ASP W 149 -112.90 -77.78 -133.91
CA ASP W 149 -112.98 -79.23 -133.69
C ASP W 149 -113.33 -79.58 -132.26
N LEU W 150 -112.86 -78.78 -131.30
CA LEU W 150 -113.13 -79.03 -129.89
C LEU W 150 -114.64 -79.06 -129.62
N VAL W 151 -115.37 -78.09 -130.18
CA VAL W 151 -116.82 -78.04 -129.98
C VAL W 151 -117.48 -79.31 -130.49
N SER W 152 -117.08 -79.75 -131.69
CA SER W 152 -117.65 -80.96 -132.25
C SER W 152 -117.33 -82.17 -131.39
N ARG W 153 -116.09 -82.26 -130.91
CA ARG W 153 -115.72 -83.36 -130.02
C ARG W 153 -116.61 -83.39 -128.77
N VAL W 154 -116.77 -82.23 -128.12
CA VAL W 154 -117.59 -82.16 -126.92
C VAL W 154 -119.04 -82.49 -127.23
N MET W 155 -119.53 -82.08 -128.42
CA MET W 155 -120.90 -82.38 -128.80
C MET W 155 -121.11 -83.88 -128.98
N LYS W 156 -120.18 -84.55 -129.67
CA LYS W 156 -120.36 -85.97 -129.93
C LYS W 156 -120.15 -86.81 -128.67
N THR W 157 -119.22 -86.40 -127.80
CA THR W 157 -118.99 -87.14 -126.57
C THR W 157 -120.01 -86.72 -125.50
N LYS W 158 -120.26 -87.64 -124.58
CA LYS W 158 -121.21 -87.41 -123.50
C LYS W 158 -120.56 -87.03 -122.18
N ARG W 159 -119.33 -87.49 -121.94
CA ARG W 159 -118.66 -87.14 -120.69
C ARG W 159 -118.19 -85.69 -120.69
N LEU W 160 -117.67 -85.21 -121.82
CA LEU W 160 -117.09 -83.89 -121.88
C LEU W 160 -118.16 -82.81 -121.77
N CYS W 161 -117.83 -81.75 -121.03
CA CYS W 161 -118.69 -80.58 -120.91
C CYS W 161 -117.84 -79.32 -121.05
N LEU W 162 -118.48 -78.23 -121.48
CA LEU W 162 -117.79 -76.97 -121.66
C LEU W 162 -118.10 -76.02 -120.51
N GLY W 163 -117.10 -75.24 -120.11
CA GLY W 163 -117.30 -74.27 -119.05
C GLY W 163 -116.65 -72.93 -119.35
N LEU W 164 -117.37 -71.84 -119.10
CA LEU W 164 -116.86 -70.49 -119.32
C LEU W 164 -116.45 -69.91 -117.98
N VAL W 165 -115.19 -69.48 -117.89
CA VAL W 165 -114.68 -68.88 -116.65
C VAL W 165 -115.18 -67.45 -116.53
N VAL W 166 -115.71 -67.11 -115.37
CA VAL W 166 -116.38 -65.82 -115.18
C VAL W 166 -115.71 -64.93 -114.14
N GLU W 167 -114.89 -65.46 -113.23
CA GLU W 167 -114.22 -64.63 -112.25
C GLU W 167 -112.91 -65.28 -111.86
N THR W 168 -111.89 -64.46 -111.60
CA THR W 168 -110.56 -64.96 -111.29
C THR W 168 -109.93 -64.14 -110.18
N ALA W 169 -109.25 -64.81 -109.26
CA ALA W 169 -108.54 -64.16 -108.17
C ALA W 169 -107.05 -64.11 -108.50
N CYS W 170 -106.48 -62.90 -108.49
CA CYS W 170 -105.10 -62.68 -108.89
C CYS W 170 -104.39 -61.81 -107.86
N VAL W 171 -103.10 -62.06 -107.67
CA VAL W 171 -102.30 -61.28 -106.74
C VAL W 171 -102.01 -59.92 -107.37
N ALA W 172 -102.23 -58.85 -106.58
CA ALA W 172 -101.96 -57.51 -107.09
C ALA W 172 -100.47 -57.24 -107.20
N ALA W 173 -99.69 -57.72 -106.24
CA ALA W 173 -98.25 -57.50 -106.22
C ALA W 173 -97.53 -58.83 -106.14
N ALA W 174 -96.20 -58.77 -106.09
CA ALA W 174 -95.40 -59.99 -106.05
C ALA W 174 -95.65 -60.76 -104.75
N GLY W 175 -95.70 -62.08 -104.87
CA GLY W 175 -95.93 -62.96 -103.72
C GLY W 175 -94.71 -63.81 -103.44
N LYS W 176 -94.36 -63.94 -102.17
CA LYS W 176 -93.14 -64.61 -101.75
C LYS W 176 -93.46 -65.91 -101.01
N LEU W 177 -92.83 -67.00 -101.42
CA LEU W 177 -93.05 -68.30 -100.80
C LEU W 177 -91.70 -68.87 -100.38
N THR W 178 -91.55 -69.18 -99.08
CA THR W 178 -90.31 -69.69 -98.54
C THR W 178 -90.55 -70.97 -97.75
N GLU W 179 -89.67 -71.94 -97.91
CA GLU W 179 -89.76 -73.23 -97.23
C GLU W 179 -88.38 -73.69 -96.80
N ALA W 180 -88.30 -74.21 -95.58
CA ALA W 180 -87.05 -74.75 -95.04
C ALA W 180 -87.32 -76.10 -94.39
N ASP W 181 -86.44 -77.06 -94.66
CA ASP W 181 -86.58 -78.42 -94.16
C ASP W 181 -85.23 -78.87 -93.59
N ASN W 182 -85.25 -79.49 -92.41
CA ASN W 182 -84.04 -80.06 -91.82
C ASN W 182 -84.44 -81.32 -91.08
N TRP W 183 -84.01 -82.48 -91.58
CA TRP W 183 -84.36 -83.72 -90.86
C TRP W 183 -83.13 -84.62 -90.75
N GLU W 184 -83.16 -85.48 -89.73
CA GLU W 184 -81.99 -86.25 -89.35
C GLU W 184 -82.42 -87.61 -88.80
N ILE W 185 -81.64 -88.65 -89.14
CA ILE W 185 -81.87 -90.01 -88.69
C ILE W 185 -80.56 -90.56 -88.15
N SER W 186 -80.61 -91.18 -86.97
CA SER W 186 -79.43 -91.83 -86.38
C SER W 186 -79.85 -93.18 -85.82
N GLY W 187 -79.27 -94.25 -86.36
CA GLY W 187 -79.62 -95.59 -85.95
C GLY W 187 -78.39 -96.40 -85.59
N HIS W 188 -78.59 -97.36 -84.68
CA HIS W 188 -77.52 -98.21 -84.20
C HIS W 188 -78.08 -99.59 -83.91
N THR W 189 -77.32 -100.63 -84.25
CA THR W 189 -77.73 -102.01 -84.09
C THR W 189 -76.57 -102.82 -83.53
N ASN W 190 -76.84 -103.66 -82.53
CA ASN W 190 -75.84 -104.52 -81.93
C ASN W 190 -76.44 -105.92 -81.78
N ALA W 191 -75.94 -106.86 -82.57
CA ALA W 191 -76.35 -108.25 -82.51
C ALA W 191 -75.20 -109.05 -81.91
N ASN W 192 -75.35 -109.45 -80.65
CA ASN W 192 -74.34 -110.23 -79.94
C ASN W 192 -74.77 -111.68 -79.89
N ILE W 193 -73.93 -112.56 -80.41
CA ILE W 193 -74.16 -114.00 -80.40
C ILE W 193 -72.93 -114.66 -79.81
N GLY W 194 -73.09 -115.92 -79.40
CA GLY W 194 -72.00 -116.63 -78.76
C GLY W 194 -70.74 -116.69 -79.61
N GLU W 195 -70.89 -116.78 -80.93
CA GLU W 195 -69.75 -116.84 -81.84
C GLU W 195 -69.74 -115.71 -82.86
N ALA W 196 -70.59 -114.71 -82.72
CA ALA W 196 -70.65 -113.61 -83.68
C ALA W 196 -71.05 -112.33 -82.96
N VAL W 197 -70.39 -111.23 -83.33
CA VAL W 197 -70.70 -109.90 -82.81
C VAL W 197 -70.79 -108.96 -84.00
N VAL W 198 -71.95 -108.30 -84.16
CA VAL W 198 -72.16 -107.35 -85.24
C VAL W 198 -72.56 -106.01 -84.63
N THR W 199 -71.88 -104.94 -85.03
CA THR W 199 -72.16 -103.59 -84.55
C THR W 199 -72.24 -102.65 -85.73
N ALA W 200 -73.45 -102.20 -86.06
CA ALA W 200 -73.70 -101.32 -87.19
C ALA W 200 -74.22 -99.98 -86.70
N THR W 201 -73.87 -98.92 -87.43
CA THR W 201 -74.29 -97.57 -87.08
C THR W 201 -74.47 -96.77 -88.37
N ALA W 202 -75.50 -95.94 -88.41
CA ALA W 202 -75.76 -95.12 -89.59
C ALA W 202 -76.36 -93.78 -89.18
N GLU W 203 -75.77 -92.70 -89.65
CA GLU W 203 -76.26 -91.35 -89.39
C GLU W 203 -76.40 -90.60 -90.70
N LEU W 204 -77.50 -89.87 -90.85
CA LEU W 204 -77.66 -89.02 -92.02
C LEU W 204 -78.57 -87.84 -91.66
N ASP W 205 -78.46 -86.78 -92.46
CA ASP W 205 -79.28 -85.59 -92.24
C ASP W 205 -79.33 -84.79 -93.53
N LYS W 206 -80.52 -84.32 -93.88
CA LYS W 206 -80.76 -83.56 -95.09
C LYS W 206 -81.31 -82.18 -94.74
N ASN W 207 -80.82 -81.17 -95.46
CA ASN W 207 -81.26 -79.79 -95.29
C ASN W 207 -81.61 -79.21 -96.65
N LEU W 208 -82.80 -78.61 -96.75
CA LEU W 208 -83.27 -78.01 -98.00
C LEU W 208 -83.88 -76.64 -97.70
N SER W 209 -83.83 -75.77 -98.70
CA SER W 209 -84.43 -74.44 -98.60
C SER W 209 -84.82 -73.97 -99.99
N ARG W 210 -86.09 -73.61 -100.17
CA ARG W 210 -86.60 -73.16 -101.44
C ARG W 210 -87.34 -71.85 -101.26
N LYS W 211 -86.99 -70.83 -102.05
CA LYS W 211 -87.60 -69.52 -101.95
C LYS W 211 -87.91 -69.02 -103.36
N ILE W 212 -89.19 -68.72 -103.62
CA ILE W 212 -89.63 -68.26 -104.93
C ILE W 212 -90.51 -67.04 -104.76
N GLU W 213 -90.75 -66.35 -105.88
CA GLU W 213 -91.55 -65.13 -105.90
C GLU W 213 -92.38 -65.09 -107.17
N ILE W 214 -93.69 -65.29 -107.03
CA ILE W 214 -94.60 -65.20 -108.17
C ILE W 214 -94.83 -63.73 -108.52
N PRO W 215 -94.90 -63.39 -109.80
CA PRO W 215 -95.03 -61.99 -110.19
C PRO W 215 -96.47 -61.51 -110.09
N PRO W 216 -96.70 -60.20 -110.13
CA PRO W 216 -98.08 -59.69 -110.11
C PRO W 216 -98.89 -60.20 -111.30
N GLY W 217 -100.17 -60.45 -111.05
CA GLY W 217 -101.09 -60.92 -112.07
C GLY W 217 -101.29 -62.41 -112.12
N THR W 218 -100.52 -63.18 -111.35
CA THR W 218 -100.67 -64.62 -111.34
C THR W 218 -102.02 -65.02 -110.77
N ALA W 219 -102.75 -65.87 -111.51
CA ALA W 219 -104.06 -66.30 -111.06
C ALA W 219 -103.93 -67.33 -109.95
N LEU W 220 -104.88 -67.30 -109.02
CA LEU W 220 -104.91 -68.23 -107.89
C LEU W 220 -106.10 -69.18 -107.93
N ALA W 221 -107.29 -68.69 -108.25
CA ALA W 221 -108.49 -69.51 -108.23
C ALA W 221 -109.51 -68.91 -109.18
N TYR W 222 -110.52 -69.70 -109.51
CA TYR W 222 -111.50 -69.28 -110.51
C TYR W 222 -112.81 -69.99 -110.28
N SER W 223 -113.86 -69.47 -110.91
CA SER W 223 -115.18 -70.08 -110.93
C SER W 223 -115.72 -70.03 -112.34
N PHE W 224 -116.52 -71.02 -112.72
CA PHE W 224 -116.98 -71.13 -114.10
C PHE W 224 -118.44 -71.55 -114.14
N MET W 225 -119.06 -71.30 -115.30
CA MET W 225 -120.44 -71.64 -115.56
C MET W 225 -120.50 -72.65 -116.69
N ASP W 226 -121.38 -73.64 -116.55
CA ASP W 226 -121.46 -74.72 -117.54
C ASP W 226 -122.18 -74.27 -118.80
N LEU W 227 -121.94 -75.01 -119.88
CA LEU W 227 -122.56 -74.75 -121.18
C LEU W 227 -123.03 -76.07 -121.78
N GLU W 228 -123.79 -75.95 -122.86
CA GLU W 228 -124.34 -77.12 -123.55
C GLU W 228 -124.47 -76.82 -125.04
N ILE W 229 -123.91 -77.69 -125.87
CA ILE W 229 -124.00 -77.55 -127.32
C ILE W 229 -125.33 -78.12 -127.78
N LEU W 230 -126.12 -77.31 -128.49
CA LEU W 230 -127.34 -77.82 -129.11
C LEU W 230 -126.99 -78.74 -130.28
N GLU W 231 -128.03 -79.29 -130.90
CA GLU W 231 -127.84 -80.05 -132.14
C GLU W 231 -127.10 -79.21 -133.17
N ASP W 232 -127.53 -77.96 -133.35
CA ASP W 232 -126.82 -77.01 -134.18
C ASP W 232 -125.60 -76.46 -133.42
N ARG W 233 -124.92 -75.50 -134.04
CA ARG W 233 -123.80 -74.84 -133.37
C ARG W 233 -124.24 -73.94 -132.22
N SER W 234 -125.54 -73.75 -132.03
CA SER W 234 -126.05 -72.91 -130.95
C SER W 234 -125.59 -73.43 -129.59
N LEU W 235 -125.39 -72.49 -128.66
CA LEU W 235 -124.96 -72.81 -127.30
C LEU W 235 -126.03 -72.36 -126.31
N ARG W 236 -126.15 -73.11 -125.21
CA ARG W 236 -127.10 -72.80 -124.15
C ARG W 236 -126.39 -72.89 -122.81
N VAL W 237 -126.95 -72.24 -121.81
CA VAL W 237 -126.39 -72.28 -120.46
C VAL W 237 -127.21 -73.27 -119.64
N SER W 238 -126.53 -74.02 -118.78
CA SER W 238 -127.15 -75.06 -117.99
C SER W 238 -126.89 -74.82 -116.51
N SER W 239 -127.89 -75.07 -115.68
CA SER W 239 -127.81 -74.83 -114.24
C SER W 239 -128.24 -76.09 -113.50
N SER W 240 -127.31 -76.68 -112.75
CA SER W 240 -127.63 -77.80 -111.88
C SER W 240 -128.31 -77.27 -110.63
N ALA W 241 -129.62 -77.52 -110.53
CA ALA W 241 -130.44 -77.00 -109.42
C ALA W 241 -130.36 -75.48 -109.33
N GLY W 242 -130.21 -74.81 -110.48
CA GLY W 242 -130.15 -73.37 -110.53
C GLY W 242 -128.88 -72.76 -109.95
N ALA W 243 -127.81 -73.54 -109.83
CA ALA W 243 -126.58 -73.01 -109.24
C ALA W 243 -125.95 -71.94 -110.14
N MET W 244 -125.75 -72.26 -111.41
CA MET W 244 -125.09 -71.38 -112.38
C MET W 244 -123.68 -70.98 -111.93
N PHE W 245 -123.11 -71.71 -110.98
CA PHE W 245 -121.75 -71.44 -110.51
C PHE W 245 -121.15 -72.79 -110.11
N ASP W 246 -120.34 -73.36 -110.98
CA ASP W 246 -119.78 -74.69 -110.75
C ASP W 246 -118.38 -74.57 -110.18
N SER W 247 -118.11 -75.28 -109.10
CA SER W 247 -116.81 -75.28 -108.45
C SER W 247 -116.07 -76.60 -108.64
N GLY W 248 -116.46 -77.39 -109.64
CA GLY W 248 -115.84 -78.68 -109.84
C GLY W 248 -116.06 -79.63 -108.68
N LYS W 249 -117.25 -79.61 -108.09
CA LYS W 249 -117.57 -80.45 -106.93
C LYS W 249 -118.42 -81.63 -107.36
N ALA W 250 -118.28 -82.73 -106.61
CA ALA W 250 -119.09 -83.90 -106.87
C ALA W 250 -120.56 -83.63 -106.57
N GLU W 251 -121.44 -84.33 -107.29
CA GLU W 251 -122.86 -84.14 -107.09
C GLU W 251 -123.29 -84.53 -105.68
N SER W 252 -122.75 -85.63 -105.16
CA SER W 252 -123.04 -86.11 -103.81
C SER W 252 -124.54 -86.32 -103.60
CA ARG X 3 -113.53 -73.30 -89.11
C ARG X 3 -112.89 -72.02 -89.64
N PRO X 4 -113.34 -71.59 -90.83
CA PRO X 4 -112.80 -70.35 -91.40
C PRO X 4 -113.06 -69.16 -90.50
N MET X 5 -112.09 -68.24 -90.46
CA MET X 5 -112.22 -67.05 -89.63
C MET X 5 -113.40 -66.20 -90.09
N PHE X 6 -113.60 -66.08 -91.40
CA PHE X 6 -114.73 -65.30 -91.90
C PHE X 6 -116.05 -65.90 -91.44
N ALA X 7 -116.18 -67.22 -91.50
CA ALA X 7 -117.42 -67.86 -91.05
C ALA X 7 -117.61 -67.67 -89.55
N VAL X 8 -116.53 -67.78 -88.76
CA VAL X 8 -116.64 -67.58 -87.32
C VAL X 8 -117.08 -66.15 -87.01
N ALA X 9 -116.48 -65.17 -87.68
CA ALA X 9 -116.85 -63.78 -87.45
C ALA X 9 -118.29 -63.51 -87.87
N VAL X 10 -118.73 -64.11 -88.98
CA VAL X 10 -120.10 -63.94 -89.42
C VAL X 10 -121.07 -64.52 -88.39
N ASN X 11 -120.75 -65.69 -87.85
CA ASN X 11 -121.59 -66.27 -86.81
C ASN X 11 -121.63 -65.41 -85.57
N GLU X 12 -120.47 -64.88 -85.16
CA GLU X 12 -120.44 -63.99 -83.98
C GLU X 12 -121.29 -62.75 -84.20
N PHE X 13 -121.18 -62.14 -85.37
CA PHE X 13 -121.96 -60.94 -85.67
C PHE X 13 -123.45 -61.26 -85.69
N ILE X 14 -123.84 -62.35 -86.35
CA ILE X 14 -125.26 -62.67 -86.47
C ILE X 14 -125.84 -63.05 -85.11
N ARG X 15 -125.04 -63.64 -84.23
CA ARG X 15 -125.52 -63.91 -82.88
C ARG X 15 -125.69 -62.62 -82.09
N SER X 16 -124.67 -61.75 -82.13
CA SER X 16 -124.75 -60.52 -81.34
C SER X 16 -125.88 -59.63 -81.80
N ALA X 17 -126.07 -59.49 -83.11
CA ALA X 17 -127.12 -58.66 -83.68
C ALA X 17 -127.86 -59.44 -84.76
N GLY X 18 -129.19 -59.36 -84.74
CA GLY X 18 -129.98 -60.01 -85.76
C GLY X 18 -129.91 -61.52 -85.76
N GLN X 19 -130.04 -62.14 -84.58
CA GLN X 19 -130.05 -63.59 -84.50
C GLN X 19 -131.21 -64.19 -85.27
N ASP X 20 -132.29 -63.46 -85.41
CA ASP X 20 -133.44 -63.88 -86.21
C ASP X 20 -133.52 -63.04 -87.48
N SER X 21 -134.11 -63.64 -88.51
CA SER X 21 -134.31 -62.98 -89.80
C SER X 21 -132.99 -62.49 -90.40
N LEU X 22 -132.00 -63.37 -90.43
CA LEU X 22 -130.70 -63.03 -90.99
C LEU X 22 -129.99 -64.32 -91.39
N CYS X 23 -129.36 -64.31 -92.56
CA CYS X 23 -128.67 -65.47 -93.11
C CYS X 23 -127.20 -65.13 -93.28
N GLY X 24 -126.34 -66.02 -92.78
CA GLY X 24 -124.91 -65.81 -92.91
C GLY X 24 -124.44 -65.92 -94.35
N VAL X 25 -123.32 -65.27 -94.63
CA VAL X 25 -122.70 -65.30 -95.96
C VAL X 25 -121.74 -66.48 -96.04
N PRO X 26 -121.83 -67.31 -97.07
CA PRO X 26 -120.98 -68.51 -97.12
C PRO X 26 -119.49 -68.22 -97.18
N ASP X 27 -119.07 -67.26 -98.00
CA ASP X 27 -117.64 -66.98 -98.14
C ASP X 27 -117.43 -65.58 -98.68
N ILE X 28 -116.20 -65.11 -98.55
CA ILE X 28 -115.86 -63.75 -98.97
C ILE X 28 -116.07 -63.58 -100.46
N ASN X 29 -115.69 -64.59 -101.24
CA ASN X 29 -115.81 -64.49 -102.70
C ASN X 29 -117.27 -64.29 -103.12
N SER X 30 -118.18 -65.04 -102.52
CA SER X 30 -119.59 -64.97 -102.86
C SER X 30 -120.36 -63.94 -102.04
N SER X 31 -119.67 -63.22 -101.16
CA SER X 31 -120.33 -62.18 -100.38
C SER X 31 -120.93 -61.10 -101.27
N GLY X 32 -120.26 -60.77 -102.37
CA GLY X 32 -120.73 -59.69 -103.23
C GLY X 32 -121.95 -60.02 -104.04
N ASP X 33 -122.39 -61.28 -104.06
CA ASP X 33 -123.56 -61.69 -104.82
C ASP X 33 -124.84 -61.63 -104.01
N PHE X 34 -124.78 -61.17 -102.75
CA PHE X 34 -125.95 -61.10 -101.88
C PHE X 34 -126.30 -59.65 -101.53
N MET X 35 -126.06 -58.73 -102.46
CA MET X 35 -126.48 -57.36 -102.29
C MET X 35 -127.98 -57.24 -102.54
N PRO X 36 -128.61 -56.15 -102.09
CA PRO X 36 -130.06 -56.00 -102.26
C PRO X 36 -130.47 -56.05 -103.72
N LEU X 37 -131.68 -56.56 -103.96
CA LEU X 37 -132.26 -56.72 -105.29
C LEU X 37 -131.48 -57.74 -106.12
N HIS X 38 -131.18 -58.88 -105.50
CA HIS X 38 -130.54 -60.00 -106.16
C HIS X 38 -131.43 -61.23 -106.03
N ILE X 39 -131.43 -62.06 -107.07
CA ILE X 39 -132.22 -63.28 -107.10
C ILE X 39 -131.37 -64.44 -106.58
N ILE X 40 -131.96 -65.25 -105.71
CA ILE X 40 -131.32 -66.45 -105.19
C ILE X 40 -132.29 -67.61 -105.32
N VAL X 41 -131.75 -68.83 -105.30
CA VAL X 41 -132.54 -70.04 -105.44
C VAL X 41 -132.49 -70.81 -104.14
N LYS X 42 -133.65 -71.28 -103.68
CA LYS X 42 -133.76 -72.05 -102.45
C LYS X 42 -134.18 -73.47 -102.79
N GLU X 43 -133.47 -74.45 -102.24
CA GLU X 43 -133.72 -75.86 -102.45
C GLU X 43 -134.11 -76.50 -101.12
N VAL X 44 -135.20 -77.26 -101.14
CA VAL X 44 -135.73 -77.90 -99.93
C VAL X 44 -134.82 -79.07 -99.55
N PRO X 45 -134.76 -79.45 -98.26
CA PRO X 45 -133.89 -80.57 -97.87
C PRO X 45 -134.24 -81.88 -98.53
N LYS X 46 -135.53 -82.12 -98.81
CA LYS X 46 -136.07 -83.33 -99.44
C LYS X 46 -135.98 -84.56 -98.54
N VAL X 47 -135.39 -84.45 -97.36
CA VAL X 47 -135.28 -85.58 -96.44
C VAL X 47 -136.06 -85.25 -95.17
N LEU X 48 -135.67 -84.17 -94.49
CA LEU X 48 -136.34 -83.69 -93.29
C LEU X 48 -136.59 -82.20 -93.47
N PRO X 49 -137.57 -81.82 -94.30
CA PRO X 49 -137.79 -80.40 -94.58
C PRO X 49 -138.08 -79.57 -93.33
N CYS X 50 -138.82 -80.13 -92.38
CA CYS X 50 -139.15 -79.41 -91.16
C CYS X 50 -138.04 -79.46 -90.11
N CYS X 51 -137.00 -80.28 -90.32
CA CYS X 51 -135.92 -80.42 -89.36
C CYS X 51 -134.58 -79.89 -89.86
N ARG X 52 -134.45 -79.64 -91.16
CA ARG X 52 -133.19 -79.20 -91.74
C ARG X 52 -133.41 -77.90 -92.50
N ARG X 53 -132.46 -76.97 -92.36
CA ARG X 53 -132.55 -75.71 -93.08
C ARG X 53 -132.28 -75.91 -94.56
N PRO X 54 -132.95 -75.15 -95.43
CA PRO X 54 -132.78 -75.36 -96.88
C PRO X 54 -131.41 -74.92 -97.39
N LYS X 55 -131.18 -75.10 -98.68
CA LYS X 55 -129.91 -74.77 -99.32
C LYS X 55 -130.09 -73.54 -100.21
N ILE X 56 -129.20 -72.58 -100.07
CA ILE X 56 -129.31 -71.30 -100.78
C ILE X 56 -128.21 -71.22 -101.84
N LYS X 57 -128.60 -70.92 -103.06
CA LYS X 57 -127.70 -70.86 -104.21
C LYS X 57 -127.75 -69.45 -104.79
N ARG X 58 -126.57 -68.87 -105.01
CA ARG X 58 -126.49 -67.54 -105.61
C ARG X 58 -126.62 -67.64 -107.13
N THR X 59 -127.14 -66.57 -107.72
CA THR X 59 -127.31 -66.48 -109.16
C THR X 59 -126.81 -65.13 -109.64
N PRO X 60 -126.31 -65.06 -110.88
CA PRO X 60 -125.83 -63.78 -111.43
C PRO X 60 -126.94 -62.99 -112.12
N TYR X 61 -127.99 -62.68 -111.35
CA TYR X 61 -129.14 -61.97 -111.89
C TYR X 61 -129.61 -60.92 -110.89
N THR X 62 -130.16 -59.83 -111.43
CA THR X 62 -130.86 -58.83 -110.65
C THR X 62 -132.33 -58.85 -111.03
N LEU X 63 -133.13 -58.09 -110.26
CA LEU X 63 -134.56 -58.07 -110.49
C LEU X 63 -134.89 -57.53 -111.88
N ASN X 64 -134.23 -56.45 -112.28
CA ASN X 64 -134.51 -55.84 -113.59
C ASN X 64 -134.12 -56.78 -114.73
N ASP X 65 -133.04 -57.54 -114.56
CA ASP X 65 -132.66 -58.50 -115.60
C ASP X 65 -133.64 -59.66 -115.65
N ILE X 66 -134.08 -60.16 -114.49
CA ILE X 66 -134.97 -61.31 -114.48
C ILE X 66 -136.37 -60.94 -114.95
N LEU X 67 -136.74 -59.66 -114.82
CA LEU X 67 -138.09 -59.21 -115.17
C LEU X 67 -138.10 -58.54 -116.53
N ASP X 68 -139.14 -58.82 -117.30
CA ASP X 68 -139.33 -58.11 -118.57
C ASP X 68 -139.56 -56.62 -118.33
N GLU X 69 -140.35 -56.28 -117.31
CA GLU X 69 -140.63 -54.89 -116.99
C GLU X 69 -139.71 -54.44 -115.87
N PRO X 70 -138.94 -53.37 -116.06
CA PRO X 70 -138.02 -52.92 -115.01
C PRO X 70 -138.75 -52.31 -113.83
N CYS X 71 -138.05 -52.27 -112.70
CA CYS X 71 -138.55 -51.72 -111.45
C CYS X 71 -137.53 -50.72 -110.92
N PRO X 72 -137.96 -49.76 -110.11
CA PRO X 72 -136.98 -48.86 -109.47
C PRO X 72 -136.03 -49.64 -108.59
N ASN X 73 -134.76 -49.19 -108.56
CA ASN X 73 -133.70 -49.93 -107.90
C ASN X 73 -132.82 -49.07 -107.01
N GLN X 74 -133.24 -47.85 -106.67
CA GLN X 74 -132.43 -46.99 -105.82
C GLN X 74 -132.30 -47.59 -104.43
N LEU X 75 -131.16 -47.35 -103.79
CA LEU X 75 -130.84 -47.92 -102.49
C LEU X 75 -130.50 -46.82 -101.49
N LYS X 76 -130.43 -47.21 -100.22
CA LYS X 76 -130.02 -46.32 -99.15
C LYS X 76 -129.39 -47.15 -98.04
N SER X 77 -128.50 -46.53 -97.28
CA SER X 77 -127.78 -47.22 -96.23
C SER X 77 -127.84 -46.40 -94.94
N SER X 78 -127.80 -47.11 -93.81
CA SER X 78 -127.83 -46.48 -92.50
C SER X 78 -127.13 -47.39 -91.50
N ASP X 79 -126.63 -46.78 -90.42
CA ASP X 79 -125.87 -47.54 -89.44
C ASP X 79 -126.74 -48.57 -88.73
N LEU X 80 -126.14 -49.71 -88.40
CA LEU X 80 -126.83 -50.80 -87.73
C LEU X 80 -126.26 -51.10 -86.35
N VAL X 81 -124.95 -51.34 -86.25
CA VAL X 81 -124.30 -51.67 -84.99
C VAL X 81 -122.83 -51.27 -85.09
N THR X 82 -122.19 -51.11 -83.94
CA THR X 82 -120.81 -50.65 -83.88
C THR X 82 -120.07 -51.46 -82.80
N PHE X 83 -119.07 -52.23 -83.23
CA PHE X 83 -118.22 -52.98 -82.30
C PHE X 83 -117.06 -52.09 -81.89
N THR X 84 -117.16 -51.49 -80.70
CA THR X 84 -116.16 -50.54 -80.26
C THR X 84 -114.80 -51.21 -80.03
N GLU X 85 -114.81 -52.44 -79.51
CA GLU X 85 -113.57 -53.14 -79.23
C GLU X 85 -113.60 -54.51 -79.89
N PRO X 86 -112.43 -55.06 -80.24
CA PRO X 86 -112.40 -56.35 -80.92
C PRO X 86 -112.95 -57.47 -80.05
N LEU X 87 -113.64 -58.41 -80.70
CA LEU X 87 -114.04 -59.65 -80.05
C LEU X 87 -112.81 -60.52 -79.86
N VAL X 88 -112.48 -60.83 -78.60
CA VAL X 88 -111.28 -61.56 -78.26
C VAL X 88 -111.67 -62.86 -77.58
N SER X 89 -111.08 -63.97 -78.01
CA SER X 89 -111.35 -65.28 -77.45
C SER X 89 -110.04 -66.00 -77.17
N ASN X 90 -109.97 -66.65 -76.01
CA ASN X 90 -108.81 -67.42 -75.62
C ASN X 90 -109.25 -68.78 -75.10
N VAL X 91 -108.58 -69.83 -75.55
CA VAL X 91 -108.80 -71.19 -75.07
C VAL X 91 -107.44 -71.79 -74.74
N LYS X 92 -107.34 -72.42 -73.58
CA LYS X 92 -106.07 -73.01 -73.14
C LYS X 92 -106.38 -74.33 -72.46
N ALA X 93 -105.96 -75.45 -73.06
CA ALA X 93 -106.19 -76.77 -72.50
C ALA X 93 -104.87 -77.47 -72.28
N SER X 94 -104.82 -78.31 -71.24
CA SER X 94 -103.62 -79.08 -70.94
C SER X 94 -104.04 -80.33 -70.18
N SER X 95 -103.56 -81.49 -70.62
CA SER X 95 -103.94 -82.76 -70.02
C SER X 95 -102.74 -83.70 -69.99
N SER X 96 -102.80 -84.66 -69.07
CA SER X 96 -101.76 -85.67 -68.93
C SER X 96 -102.39 -86.97 -68.48
N ILE X 97 -101.89 -88.07 -69.03
CA ILE X 97 -102.38 -89.41 -68.74
C ILE X 97 -101.20 -90.30 -68.37
N GLY X 98 -101.36 -91.09 -67.31
CA GLY X 98 -100.35 -92.04 -66.92
C GLY X 98 -100.92 -93.42 -66.61
N LEU X 99 -100.50 -94.43 -67.35
CA LEU X 99 -100.99 -95.79 -67.20
C LEU X 99 -99.84 -96.70 -66.81
N GLN X 100 -100.06 -97.55 -65.82
CA GLN X 100 -99.06 -98.52 -65.40
C GLN X 100 -99.73 -99.87 -65.17
N ILE X 101 -99.16 -100.91 -65.77
CA ILE X 101 -99.60 -102.29 -65.55
C ILE X 101 -98.41 -103.03 -64.95
N LEU X 102 -98.45 -103.20 -63.63
CA LEU X 102 -97.45 -103.93 -62.85
C LEU X 102 -96.08 -103.32 -63.14
N LYS X 103 -95.05 -104.11 -63.40
CA LYS X 103 -93.77 -103.62 -63.91
C LYS X 103 -93.57 -104.00 -65.37
N HIS X 104 -94.67 -104.27 -66.08
CA HIS X 104 -94.61 -104.70 -67.47
C HIS X 104 -95.02 -103.62 -68.47
N PHE X 105 -95.93 -102.73 -68.11
CA PHE X 105 -96.34 -101.67 -69.02
C PHE X 105 -96.30 -100.33 -68.30
N ASP X 106 -95.79 -99.30 -68.98
CA ASP X 106 -95.73 -97.96 -68.38
C ASP X 106 -95.81 -96.93 -69.50
N SER X 107 -96.93 -96.24 -69.63
CA SER X 107 -97.12 -95.24 -70.65
C SER X 107 -97.44 -93.89 -70.02
N GLY X 108 -96.81 -92.84 -70.53
CA GLY X 108 -97.10 -91.49 -70.09
C GLY X 108 -97.28 -90.54 -71.26
N ALA X 109 -98.47 -89.96 -71.38
CA ALA X 109 -98.79 -89.06 -72.47
C ALA X 109 -99.19 -87.70 -71.90
N LYS X 110 -99.03 -86.66 -72.71
CA LYS X 110 -99.44 -85.33 -72.29
C LYS X 110 -99.66 -84.48 -73.53
N GLY X 111 -100.58 -83.54 -73.41
CA GLY X 111 -100.92 -82.67 -74.52
C GLY X 111 -101.29 -81.29 -74.02
N SER X 112 -101.11 -80.30 -74.88
CA SER X 112 -101.48 -78.94 -74.54
C SER X 112 -101.88 -78.20 -75.82
N LYS X 113 -102.74 -77.20 -75.65
CA LYS X 113 -103.26 -76.44 -76.78
C LYS X 113 -103.56 -75.02 -76.32
N ASN X 114 -103.20 -74.05 -77.15
CA ASN X 114 -103.47 -72.63 -76.89
C ASN X 114 -103.99 -72.00 -78.16
N PHE X 115 -105.20 -71.46 -78.10
CA PHE X 115 -105.90 -70.94 -79.27
C PHE X 115 -106.37 -69.53 -78.96
N ILE X 116 -106.02 -68.57 -79.83
CA ILE X 116 -106.36 -67.17 -79.61
C ILE X 116 -106.99 -66.62 -80.89
N THR X 117 -108.08 -65.87 -80.72
CA THR X 117 -108.81 -65.29 -81.84
C THR X 117 -109.14 -63.84 -81.54
N SER X 118 -109.06 -62.99 -82.56
CA SER X 118 -109.42 -61.58 -82.44
C SER X 118 -110.09 -61.13 -83.73
N ALA X 119 -111.26 -60.51 -83.60
CA ALA X 119 -112.01 -60.00 -84.74
C ALA X 119 -112.38 -58.55 -84.51
N SER X 120 -112.01 -57.68 -85.44
CA SER X 120 -112.32 -56.25 -85.37
C SER X 120 -113.15 -55.92 -86.61
N LEU X 121 -114.46 -55.79 -86.41
CA LEU X 121 -115.39 -55.49 -87.49
C LEU X 121 -115.71 -54.01 -87.62
N GLY X 122 -115.28 -53.18 -86.68
CA GLY X 122 -115.54 -51.76 -86.80
C GLY X 122 -117.03 -51.45 -86.76
N THR X 123 -117.50 -50.75 -87.79
CA THR X 123 -118.89 -50.35 -87.91
C THR X 123 -119.56 -51.16 -89.01
N VAL X 124 -120.77 -51.63 -88.75
CA VAL X 124 -121.57 -52.38 -89.72
C VAL X 124 -122.79 -51.55 -90.07
N VAL X 125 -123.02 -51.37 -91.37
CA VAL X 125 -124.17 -50.63 -91.86
C VAL X 125 -125.11 -51.60 -92.57
N LYS X 126 -126.33 -51.14 -92.80
CA LYS X 126 -127.35 -51.90 -93.50
C LYS X 126 -127.80 -51.13 -94.73
N ALA X 127 -127.86 -51.83 -95.86
CA ALA X 127 -128.26 -51.25 -97.13
C ALA X 127 -129.53 -51.95 -97.62
N GLU X 128 -130.46 -51.14 -98.12
CA GLU X 128 -131.76 -51.65 -98.53
C GLU X 128 -132.41 -50.65 -99.48
N THR X 129 -133.41 -51.13 -100.21
CA THR X 129 -134.12 -50.28 -101.15
C THR X 129 -134.79 -49.11 -100.42
N ILE X 130 -134.82 -47.96 -101.08
CA ILE X 130 -135.44 -46.78 -100.47
C ILE X 130 -136.92 -47.02 -100.21
N ASP X 131 -137.62 -47.61 -101.19
CA ASP X 131 -139.03 -47.94 -101.04
C ASP X 131 -139.24 -49.36 -101.54
N ILE X 132 -139.66 -50.25 -100.63
CA ILE X 132 -139.89 -51.64 -100.99
C ILE X 132 -141.31 -51.87 -101.50
N THR X 133 -142.26 -51.05 -101.07
CA THR X 133 -143.64 -51.22 -101.51
C THR X 133 -143.77 -51.04 -103.02
N LYS X 134 -143.11 -50.03 -103.58
CA LYS X 134 -143.14 -49.83 -105.03
C LYS X 134 -142.52 -51.01 -105.77
N VAL X 135 -141.40 -51.52 -105.27
CA VAL X 135 -140.75 -52.67 -105.90
C VAL X 135 -141.69 -53.87 -105.88
N LEU X 136 -142.34 -54.10 -104.74
CA LEU X 136 -143.26 -55.23 -104.63
C LEU X 136 -144.43 -55.07 -105.59
N ALA X 137 -145.00 -53.87 -105.68
CA ALA X 137 -146.12 -53.64 -106.57
C ALA X 137 -145.72 -53.91 -108.02
N LYS X 138 -144.59 -53.35 -108.44
CA LYS X 138 -144.13 -53.55 -109.81
C LYS X 138 -143.83 -55.02 -110.09
N VAL X 139 -143.25 -55.73 -109.12
CA VAL X 139 -143.00 -57.16 -109.30
C VAL X 139 -144.30 -57.89 -109.54
N ARG X 140 -145.29 -57.62 -108.70
CA ARG X 140 -146.58 -58.30 -108.82
C ARG X 140 -147.24 -58.00 -110.15
N THR X 141 -147.07 -56.78 -110.67
CA THR X 141 -147.68 -56.42 -111.95
C THR X 141 -146.79 -56.69 -113.15
N ALA X 142 -145.59 -57.23 -112.94
CA ALA X 142 -144.62 -57.43 -114.01
C ALA X 142 -144.42 -58.91 -114.28
N LYS X 143 -144.13 -59.25 -115.54
CA LYS X 143 -143.87 -60.61 -115.95
C LYS X 143 -142.37 -60.87 -116.09
N ALA X 144 -141.96 -62.11 -115.80
CA ALA X 144 -140.56 -62.49 -115.88
C ALA X 144 -140.11 -62.59 -117.34
N LYS X 145 -138.80 -62.71 -117.52
CA LYS X 145 -138.22 -62.80 -118.86
C LYS X 145 -138.46 -64.19 -119.44
N VAL X 146 -139.15 -64.24 -120.58
CA VAL X 146 -139.44 -65.53 -121.23
C VAL X 146 -138.13 -66.19 -121.68
N GLU X 147 -137.19 -65.39 -122.17
CA GLU X 147 -135.91 -65.94 -122.63
C GLU X 147 -135.15 -66.63 -121.51
N ASN X 148 -135.24 -66.11 -120.28
CA ASN X 148 -134.46 -66.65 -119.17
C ASN X 148 -134.79 -68.12 -118.93
N ASP X 149 -133.74 -68.92 -118.74
CA ASP X 149 -133.87 -70.36 -118.51
C ASP X 149 -134.07 -70.70 -117.03
N LEU X 150 -133.43 -69.94 -116.15
CA LEU X 150 -133.55 -70.19 -114.72
C LEU X 150 -134.99 -70.13 -114.26
N VAL X 151 -135.74 -69.11 -114.71
CA VAL X 151 -137.14 -68.97 -114.33
C VAL X 151 -137.94 -70.19 -114.76
N SER X 152 -137.72 -70.64 -116.00
CA SER X 152 -138.44 -71.81 -116.49
C SER X 152 -138.09 -73.05 -115.68
N ARG X 153 -136.81 -73.22 -115.36
CA ARG X 153 -136.39 -74.35 -114.53
C ARG X 153 -137.12 -74.33 -113.18
N VAL X 154 -137.12 -73.18 -112.52
CA VAL X 154 -137.78 -73.07 -111.22
C VAL X 154 -139.29 -73.30 -111.34
N MET X 155 -139.88 -72.85 -112.45
CA MET X 155 -141.31 -73.06 -112.66
C MET X 155 -141.63 -74.54 -112.82
N LYS X 156 -140.84 -75.25 -113.61
CA LYS X 156 -141.15 -76.66 -113.85
C LYS X 156 -140.83 -77.52 -112.64
N THR X 157 -139.79 -77.19 -111.89
CA THR X 157 -139.44 -77.95 -110.71
C THR X 157 -140.29 -77.49 -109.52
N LYS X 158 -140.48 -78.40 -108.57
CA LYS X 158 -141.27 -78.12 -107.38
C LYS X 158 -140.44 -77.80 -106.15
N ARG X 159 -139.21 -78.33 -106.06
CA ARG X 159 -138.37 -78.04 -104.91
C ARG X 159 -137.82 -76.63 -104.97
N LEU X 160 -137.41 -76.17 -106.16
CA LEU X 160 -136.76 -74.89 -106.29
C LEU X 160 -137.73 -73.74 -106.03
N CYS X 161 -137.25 -72.71 -105.34
CA CYS X 161 -138.01 -71.49 -105.10
C CYS X 161 -137.10 -70.29 -105.35
N LEU X 162 -137.71 -69.16 -105.69
CA LEU X 162 -136.97 -67.93 -105.95
C LEU X 162 -137.08 -66.98 -104.77
N GLY X 163 -135.99 -66.27 -104.50
CA GLY X 163 -135.99 -65.30 -103.42
C GLY X 163 -135.29 -64.01 -103.80
N LEU X 164 -135.90 -62.88 -103.45
CA LEU X 164 -135.35 -61.56 -103.73
C LEU X 164 -134.73 -61.02 -102.45
N VAL X 165 -133.45 -60.66 -102.51
CA VAL X 165 -132.74 -60.12 -101.36
C VAL X 165 -133.14 -58.66 -101.17
N VAL X 166 -133.49 -58.30 -99.94
CA VAL X 166 -134.04 -56.97 -99.67
C VAL X 166 -133.19 -56.14 -98.72
N GLU X 167 -132.30 -56.74 -97.93
CA GLU X 167 -131.45 -55.96 -97.03
C GLU X 167 -130.14 -56.70 -96.82
N THR X 168 -129.06 -55.94 -96.68
CA THR X 168 -127.74 -56.53 -96.54
C THR X 168 -126.91 -55.76 -95.52
N ALA X 169 -126.17 -56.49 -94.69
CA ALA X 169 -125.28 -55.89 -93.70
C ALA X 169 -123.85 -55.94 -94.22
N CYS X 170 -123.21 -54.77 -94.28
CA CYS X 170 -121.87 -54.63 -94.85
C CYS X 170 -120.99 -53.82 -93.92
N VAL X 171 -119.71 -54.15 -93.90
CA VAL X 171 -118.74 -53.43 -93.07
C VAL X 171 -118.44 -52.08 -93.72
N ALA X 172 -118.49 -51.02 -92.92
CA ALA X 172 -118.21 -49.69 -93.46
C ALA X 172 -116.73 -49.51 -93.75
N ALA X 173 -115.86 -50.05 -92.90
CA ALA X 173 -114.42 -49.92 -93.05
C ALA X 173 -113.78 -51.30 -93.08
N ALA X 174 -112.46 -51.32 -93.19
CA ALA X 174 -111.75 -52.59 -93.26
C ALA X 174 -111.87 -53.36 -91.95
N GLY X 175 -112.02 -54.67 -92.06
CA GLY X 175 -112.17 -55.55 -90.90
C GLY X 175 -110.97 -56.48 -90.78
N LYS X 176 -110.48 -56.64 -89.56
CA LYS X 176 -109.26 -57.40 -89.30
C LYS X 176 -109.56 -58.67 -88.52
N LEU X 177 -109.06 -59.80 -89.02
CA LEU X 177 -109.28 -61.10 -88.38
C LEU X 177 -107.94 -61.76 -88.13
N THR X 178 -107.64 -62.09 -86.87
CA THR X 178 -106.37 -62.68 -86.48
C THR X 178 -106.60 -63.95 -85.67
N GLU X 179 -105.81 -64.98 -85.96
CA GLU X 179 -105.91 -66.26 -85.27
C GLU X 179 -104.51 -66.81 -85.02
N ALA X 180 -104.30 -67.35 -83.82
CA ALA X 180 -103.03 -67.98 -83.44
C ALA X 180 -103.30 -69.32 -82.77
N ASP X 181 -102.53 -70.33 -83.15
CA ASP X 181 -102.68 -71.68 -82.64
C ASP X 181 -101.31 -72.23 -82.26
N ASN X 182 -101.23 -72.85 -81.09
CA ASN X 182 -99.99 -73.50 -80.66
C ASN X 182 -100.37 -74.75 -79.88
N TRP X 183 -100.09 -75.92 -80.42
CA TRP X 183 -100.41 -77.15 -79.68
C TRP X 183 -99.25 -78.12 -79.73
N GLU X 184 -99.20 -79.00 -78.72
CA GLU X 184 -98.05 -79.85 -78.49
C GLU X 184 -98.49 -81.18 -77.89
N ILE X 185 -97.83 -82.25 -78.33
CA ILE X 185 -98.09 -83.60 -77.86
C ILE X 185 -96.76 -84.25 -77.50
N SER X 186 -96.69 -84.87 -76.32
CA SER X 186 -95.50 -85.60 -75.89
C SER X 186 -95.92 -86.93 -75.29
N GLY X 187 -95.49 -88.03 -75.90
CA GLY X 187 -95.86 -89.35 -75.44
C GLY X 187 -94.66 -90.24 -75.25
N HIS X 188 -94.81 -91.19 -74.33
CA HIS X 188 -93.74 -92.12 -73.99
C HIS X 188 -94.34 -93.47 -73.63
N THR X 189 -93.70 -94.55 -74.07
CA THR X 189 -94.18 -95.90 -73.86
C THR X 189 -93.01 -96.79 -73.45
N ASN X 190 -93.21 -97.62 -72.44
CA ASN X 190 -92.19 -98.55 -71.97
C ASN X 190 -92.86 -99.91 -71.75
N ALA X 191 -92.53 -100.87 -72.61
CA ALA X 191 -93.02 -102.23 -72.49
C ALA X 191 -91.84 -103.11 -72.05
N ASN X 192 -91.86 -103.52 -70.79
CA ASN X 192 -90.82 -104.36 -70.21
C ASN X 192 -91.34 -105.78 -70.11
N ILE X 193 -90.62 -106.71 -70.73
CA ILE X 193 -90.96 -108.13 -70.70
C ILE X 193 -89.70 -108.88 -70.28
N GLY X 194 -89.88 -110.13 -69.85
CA GLY X 194 -88.76 -110.91 -69.36
C GLY X 194 -87.63 -111.05 -70.36
N GLU X 195 -87.96 -111.11 -71.65
CA GLU X 195 -86.94 -111.24 -72.70
C GLU X 195 -86.99 -110.09 -73.71
N ALA X 196 -87.76 -109.04 -73.45
CA ALA X 196 -87.87 -107.93 -74.39
C ALA X 196 -88.09 -106.64 -73.63
N VAL X 197 -87.41 -105.58 -74.08
CA VAL X 197 -87.57 -104.24 -73.52
C VAL X 197 -87.75 -103.27 -74.68
N VAL X 198 -88.85 -102.54 -74.69
CA VAL X 198 -89.15 -101.57 -75.73
C VAL X 198 -89.39 -100.21 -75.07
N THR X 199 -88.70 -99.18 -75.55
CA THR X 199 -88.82 -97.82 -75.03
C THR X 199 -88.99 -96.86 -76.19
N ALA X 200 -90.20 -96.34 -76.36
CA ALA X 200 -90.53 -95.44 -77.45
C ALA X 200 -90.90 -94.07 -76.89
N THR X 201 -90.58 -93.03 -77.66
CA THR X 201 -90.86 -91.65 -77.25
C THR X 201 -91.15 -90.83 -78.50
N ALA X 202 -92.13 -89.93 -78.41
CA ALA X 202 -92.49 -89.09 -79.55
C ALA X 202 -92.94 -87.72 -79.06
N GLU X 203 -92.34 -86.67 -79.60
CA GLU X 203 -92.70 -85.29 -79.27
C GLU X 203 -92.96 -84.52 -80.56
N LEU X 204 -94.02 -83.72 -80.56
CA LEU X 204 -94.28 -82.85 -81.70
C LEU X 204 -95.05 -81.62 -81.23
N ASP X 205 -94.97 -80.56 -82.02
CA ASP X 205 -95.68 -79.32 -81.70
C ASP X 205 -95.84 -78.51 -82.97
N LYS X 206 -97.04 -77.95 -83.16
CA LYS X 206 -97.38 -77.16 -84.33
C LYS X 206 -97.79 -75.76 -83.91
N ASN X 207 -97.33 -74.77 -84.68
CA ASN X 207 -97.66 -73.38 -84.45
C ASN X 207 -98.14 -72.76 -85.76
N LEU X 208 -99.28 -72.08 -85.71
CA LEU X 208 -99.88 -71.44 -86.88
C LEU X 208 -100.35 -70.03 -86.50
N SER X 209 -100.37 -69.16 -87.50
CA SER X 209 -100.87 -67.80 -87.31
C SER X 209 -101.40 -67.28 -88.64
N ARG X 210 -102.65 -66.85 -88.66
CA ARG X 210 -103.30 -66.35 -89.86
C ARG X 210 -103.92 -64.99 -89.56
N LYS X 211 -103.60 -63.99 -90.40
CA LYS X 211 -104.12 -62.64 -90.23
C LYS X 211 -104.57 -62.10 -91.57
N ILE X 212 -105.85 -61.73 -91.67
CA ILE X 212 -106.42 -61.23 -92.92
C ILE X 212 -107.19 -59.95 -92.62
N GLU X 213 -107.53 -59.24 -93.70
CA GLU X 213 -108.24 -57.96 -93.61
C GLU X 213 -109.22 -57.86 -94.77
N ILE X 214 -110.51 -57.98 -94.47
CA ILE X 214 -111.55 -57.81 -95.48
C ILE X 214 -111.73 -56.34 -95.80
N PRO X 215 -111.95 -55.97 -97.06
CA PRO X 215 -112.04 -54.56 -97.42
C PRO X 215 -113.41 -54.00 -97.14
N PRO X 216 -113.56 -52.67 -97.14
CA PRO X 216 -114.89 -52.08 -96.95
C PRO X 216 -115.88 -52.52 -98.02
N GLY X 217 -117.13 -52.69 -97.62
CA GLY X 217 -118.19 -53.09 -98.51
C GLY X 217 -118.50 -54.56 -98.54
N THR X 218 -117.68 -55.38 -97.87
CA THR X 218 -117.92 -56.82 -97.85
C THR X 218 -119.22 -57.14 -97.12
N ALA X 219 -120.08 -57.93 -97.76
CA ALA X 219 -121.36 -58.29 -97.15
C ALA X 219 -121.15 -59.33 -96.07
N LEU X 220 -121.97 -59.25 -95.03
CA LEU X 220 -121.92 -60.20 -93.91
C LEU X 220 -123.16 -61.06 -93.79
N ALA X 221 -124.35 -60.49 -93.96
CA ALA X 221 -125.58 -61.24 -93.80
C ALA X 221 -126.68 -60.56 -94.60
N TYR X 222 -127.78 -61.28 -94.81
CA TYR X 222 -128.84 -60.79 -95.67
C TYR X 222 -130.17 -61.42 -95.27
N SER X 223 -131.24 -60.82 -95.76
CA SER X 223 -132.59 -61.36 -95.62
C SER X 223 -133.31 -61.24 -96.95
N PHE X 224 -134.21 -62.18 -97.23
CA PHE X 224 -134.84 -62.24 -98.54
C PHE X 224 -136.32 -62.57 -98.39
N MET X 225 -137.06 -62.26 -99.45
CA MET X 225 -138.48 -62.52 -99.55
C MET X 225 -138.76 -63.52 -100.67
N ASP X 226 -139.68 -64.45 -100.42
CA ASP X 226 -139.94 -65.50 -101.39
C ASP X 226 -140.78 -65.00 -102.55
N LEU X 227 -140.73 -65.74 -103.66
CA LEU X 227 -141.49 -65.43 -104.87
C LEU X 227 -142.12 -66.71 -105.41
N GLU X 228 -143.00 -66.53 -106.39
CA GLU X 228 -143.70 -67.65 -107.00
C GLU X 228 -144.00 -67.32 -108.45
N ILE X 229 -143.61 -68.21 -109.35
CA ILE X 229 -143.87 -68.05 -110.78
C ILE X 229 -145.29 -68.54 -111.07
N LEU X 230 -146.10 -67.67 -111.68
CA LEU X 230 -147.42 -68.09 -112.13
C LEU X 230 -147.29 -69.02 -113.34
N GLU X 231 -148.43 -69.50 -113.83
CA GLU X 231 -148.45 -70.25 -115.08
C GLU X 231 -147.80 -69.45 -116.20
N ASP X 232 -148.16 -68.17 -116.32
CA ASP X 232 -147.49 -67.26 -117.23
C ASP X 232 -146.17 -66.80 -116.62
N ARG X 233 -145.50 -65.87 -117.32
CA ARG X 233 -144.27 -65.29 -116.80
C ARG X 233 -144.50 -64.38 -115.60
N SER X 234 -145.75 -64.12 -115.24
CA SER X 234 -146.06 -63.25 -114.10
C SER X 234 -145.47 -63.82 -112.81
N LEU X 235 -145.10 -62.90 -111.91
CA LEU X 235 -144.53 -63.26 -110.62
C LEU X 235 -145.43 -62.75 -109.50
N ARG X 236 -145.45 -63.51 -108.40
CA ARG X 236 -146.25 -63.16 -107.23
C ARG X 236 -145.38 -63.31 -105.99
N VAL X 237 -145.76 -62.63 -104.92
CA VAL X 237 -145.03 -62.73 -103.66
C VAL X 237 -145.80 -63.67 -102.75
N SER X 238 -145.07 -64.47 -101.98
CA SER X 238 -145.66 -65.48 -101.12
C SER X 238 -145.18 -65.28 -99.68
N SER X 239 -146.10 -65.47 -98.73
CA SER X 239 -145.82 -65.25 -97.32
C SER X 239 -146.22 -66.49 -96.53
N SER X 240 -145.25 -67.14 -95.91
CA SER X 240 -145.53 -68.25 -95.01
C SER X 240 -146.01 -67.70 -93.68
N ALA X 241 -147.30 -67.86 -93.41
CA ALA X 241 -147.95 -67.31 -92.21
C ALA X 241 -147.77 -65.79 -92.12
N GLY X 242 -147.71 -65.13 -93.29
CA GLY X 242 -147.57 -63.69 -93.33
C GLY X 242 -146.21 -63.17 -92.92
N ALA X 243 -145.17 -64.01 -92.93
CA ALA X 243 -143.85 -63.57 -92.50
C ALA X 243 -143.27 -62.53 -93.47
N MET X 244 -143.26 -62.85 -94.76
CA MET X 244 -142.67 -62.01 -95.81
C MET X 244 -141.20 -61.70 -95.53
N PHE X 245 -140.55 -62.47 -94.67
CA PHE X 245 -139.12 -62.30 -94.38
C PHE X 245 -138.58 -63.68 -94.05
N ASP X 246 -137.91 -64.30 -95.02
CA ASP X 246 -137.42 -65.66 -94.86
C ASP X 246 -135.95 -65.63 -94.49
N SER X 247 -135.59 -66.37 -93.44
CA SER X 247 -134.22 -66.46 -92.97
C SER X 247 -133.60 -67.82 -93.26
N GLY X 248 -134.17 -68.58 -94.20
CA GLY X 248 -133.67 -69.91 -94.49
C GLY X 248 -133.79 -70.85 -93.31
N LYS X 249 -134.89 -70.76 -92.57
CA LYS X 249 -135.12 -71.59 -91.38
C LYS X 249 -136.08 -72.71 -91.71
N ALA X 250 -135.92 -73.82 -90.98
CA ALA X 250 -136.84 -74.94 -91.15
C ALA X 250 -138.23 -74.58 -90.66
N GLU X 251 -139.24 -75.22 -91.26
CA GLU X 251 -140.62 -74.94 -90.89
C GLU X 251 -140.88 -75.31 -89.43
N SER X 252 -140.35 -76.45 -88.99
CA SER X 252 -140.51 -76.93 -87.62
C SER X 252 -141.97 -77.05 -87.21
CA ARG Y 3 -128.37 -64.93 -74.20
C ARG Y 3 -127.74 -63.67 -74.80
N PRO Y 4 -128.29 -63.21 -75.92
CA PRO Y 4 -127.76 -62.00 -76.56
C PRO Y 4 -127.83 -60.80 -75.63
N MET Y 5 -126.80 -59.95 -75.71
CA MET Y 5 -126.75 -58.77 -74.87
C MET Y 5 -127.91 -57.84 -75.17
N PHE Y 6 -128.27 -57.69 -76.45
CA PHE Y 6 -129.41 -56.83 -76.79
C PHE Y 6 -130.69 -57.35 -76.17
N ALA Y 7 -130.92 -58.66 -76.22
CA ALA Y 7 -132.12 -59.23 -75.61
C ALA Y 7 -132.11 -59.04 -74.09
N VAL Y 8 -130.96 -59.23 -73.46
CA VAL Y 8 -130.86 -59.04 -72.01
C VAL Y 8 -131.17 -57.59 -71.65
N ALA Y 9 -130.60 -56.64 -72.39
CA ALA Y 9 -130.84 -55.24 -72.10
C ALA Y 9 -132.30 -54.87 -72.34
N VAL Y 10 -132.91 -55.43 -73.39
CA VAL Y 10 -134.32 -55.16 -73.64
C VAL Y 10 -135.18 -55.69 -72.50
N ASN Y 11 -134.87 -56.88 -72.01
CA ASN Y 11 -135.62 -57.42 -70.88
C ASN Y 11 -135.44 -56.57 -69.64
N GLU Y 12 -134.21 -56.12 -69.37
CA GLU Y 12 -133.97 -55.26 -68.22
C GLU Y 12 -134.77 -53.96 -68.32
N PHE Y 13 -134.76 -53.35 -69.49
CA PHE Y 13 -135.50 -52.09 -69.68
C PHE Y 13 -136.99 -52.32 -69.51
N ILE Y 14 -137.53 -53.38 -70.12
CA ILE Y 14 -138.96 -53.60 -70.06
C ILE Y 14 -139.40 -53.96 -68.64
N ARG Y 15 -138.54 -54.61 -67.87
CA ARG Y 15 -138.86 -54.86 -66.47
C ARG Y 15 -138.84 -53.58 -65.66
N SER Y 16 -137.78 -52.77 -65.82
CA SER Y 16 -137.67 -51.55 -65.04
C SER Y 16 -138.80 -50.58 -65.34
N ALA Y 17 -139.14 -50.42 -66.62
CA ALA Y 17 -140.20 -49.51 -67.04
C ALA Y 17 -141.12 -50.23 -68.02
N GLY Y 18 -142.42 -50.07 -67.84
CA GLY Y 18 -143.38 -50.66 -68.75
C GLY Y 18 -143.41 -52.16 -68.75
N GLN Y 19 -143.44 -52.79 -67.57
CA GLN Y 19 -143.51 -54.24 -67.50
C GLN Y 19 -144.80 -54.76 -68.12
N ASP Y 20 -145.85 -53.96 -68.12
CA ASP Y 20 -147.11 -54.30 -68.76
C ASP Y 20 -147.31 -53.43 -70.01
N SER Y 21 -148.05 -53.98 -70.96
CA SER Y 21 -148.37 -53.30 -72.22
C SER Y 21 -147.11 -52.89 -72.98
N LEU Y 22 -146.19 -53.83 -73.13
CA LEU Y 22 -144.95 -53.57 -73.85
C LEU Y 22 -144.38 -54.89 -74.34
N CYS Y 23 -143.91 -54.91 -75.59
CA CYS Y 23 -143.36 -56.10 -76.22
C CYS Y 23 -141.91 -55.86 -76.58
N GLY Y 24 -141.05 -56.80 -76.19
CA GLY Y 24 -139.64 -56.68 -76.50
C GLY Y 24 -139.36 -56.81 -77.99
N VAL Y 25 -138.24 -56.23 -78.41
CA VAL Y 25 -137.81 -56.28 -79.80
C VAL Y 25 -136.95 -57.52 -80.00
N PRO Y 26 -137.22 -58.33 -81.02
CA PRO Y 26 -136.46 -59.57 -81.19
C PRO Y 26 -134.98 -59.38 -81.43
N ASP Y 27 -134.59 -58.44 -82.30
CA ASP Y 27 -133.18 -58.26 -82.62
C ASP Y 27 -132.96 -56.87 -83.17
N ILE Y 28 -131.68 -56.47 -83.20
CA ILE Y 28 -131.32 -55.13 -83.65
C ILE Y 28 -131.70 -54.94 -85.11
N ASN Y 29 -131.49 -55.96 -85.94
CA ASN Y 29 -131.80 -55.83 -87.36
C ASN Y 29 -133.27 -55.53 -87.60
N SER Y 30 -134.15 -56.23 -86.88
CA SER Y 30 -135.59 -56.07 -87.05
C SER Y 30 -136.17 -55.00 -86.14
N SER Y 31 -135.32 -54.34 -85.34
CA SER Y 31 -135.82 -53.27 -84.48
C SER Y 31 -136.47 -52.14 -85.28
N GLY Y 32 -135.92 -51.84 -86.46
CA GLY Y 32 -136.41 -50.72 -87.25
C GLY Y 32 -137.76 -50.96 -87.90
N ASP Y 33 -138.26 -52.20 -87.87
CA ASP Y 33 -139.54 -52.51 -88.47
C ASP Y 33 -140.71 -52.38 -87.50
N PHE Y 34 -140.47 -51.94 -86.27
CA PHE Y 34 -141.50 -51.81 -85.25
C PHE Y 34 -141.72 -50.36 -84.86
N MET Y 35 -141.54 -49.44 -85.80
CA MET Y 35 -141.84 -48.04 -85.58
C MET Y 35 -143.35 -47.82 -85.64
N PRO Y 36 -143.84 -46.70 -85.11
CA PRO Y 36 -145.29 -46.46 -85.09
C PRO Y 36 -145.89 -46.47 -86.49
N LEU Y 37 -147.15 -46.89 -86.56
CA LEU Y 37 -147.90 -47.00 -87.82
C LEU Y 37 -147.30 -48.06 -88.74
N HIS Y 38 -147.00 -49.22 -88.17
CA HIS Y 38 -146.52 -50.38 -88.91
C HIS Y 38 -147.45 -51.55 -88.68
N ILE Y 39 -147.64 -52.36 -89.71
CA ILE Y 39 -148.52 -53.53 -89.64
C ILE Y 39 -147.68 -54.75 -89.24
N ILE Y 40 -148.20 -55.53 -88.29
CA ILE Y 40 -147.58 -56.78 -87.87
C ILE Y 40 -148.64 -57.86 -87.88
N VAL Y 41 -148.18 -59.11 -87.93
CA VAL Y 41 -149.05 -60.28 -87.98
C VAL Y 41 -148.89 -61.06 -86.69
N LYS Y 42 -150.00 -61.46 -86.10
CA LYS Y 42 -150.02 -62.24 -84.87
C LYS Y 42 -150.57 -63.63 -85.15
N GLU Y 43 -149.85 -64.65 -84.69
CA GLU Y 43 -150.22 -66.05 -84.87
C GLU Y 43 -150.48 -66.67 -83.51
N VAL Y 44 -151.61 -67.36 -83.39
CA VAL Y 44 -152.02 -67.98 -82.14
C VAL Y 44 -151.15 -69.21 -81.87
N PRO Y 45 -150.95 -69.60 -80.60
CA PRO Y 45 -150.11 -70.78 -80.33
C PRO Y 45 -150.63 -72.06 -80.95
N LYS Y 46 -151.95 -72.22 -81.06
CA LYS Y 46 -152.65 -73.38 -81.62
C LYS Y 46 -152.52 -74.63 -80.74
N VAL Y 47 -151.78 -74.57 -79.65
CA VAL Y 47 -151.64 -75.72 -78.75
C VAL Y 47 -152.22 -75.35 -77.39
N LEU Y 48 -151.67 -74.31 -76.76
CA LEU Y 48 -152.16 -73.79 -75.48
C LEU Y 48 -152.33 -72.29 -75.63
N PRO Y 49 -153.38 -71.84 -76.32
CA PRO Y 49 -153.54 -70.40 -76.56
C PRO Y 49 -153.63 -69.58 -75.30
N CYS Y 50 -154.26 -70.10 -74.24
CA CYS Y 50 -154.39 -69.37 -73.00
C CYS Y 50 -153.16 -69.51 -72.10
N CYS Y 51 -152.22 -70.39 -72.44
CA CYS Y 51 -151.03 -70.60 -71.63
C CYS Y 51 -149.74 -70.15 -72.29
N ARG Y 52 -149.75 -69.90 -73.60
CA ARG Y 52 -148.55 -69.53 -74.33
C ARG Y 52 -148.78 -68.21 -75.05
N ARG Y 53 -147.76 -67.34 -75.04
CA ARG Y 53 -147.87 -66.07 -75.72
C ARG Y 53 -147.79 -66.28 -77.24
N PRO Y 54 -148.51 -65.47 -78.01
CA PRO Y 54 -148.55 -65.66 -79.46
C PRO Y 54 -147.24 -65.31 -80.14
N LYS Y 55 -147.18 -65.49 -81.46
CA LYS Y 55 -145.98 -65.23 -82.26
C LYS Y 55 -146.20 -63.99 -83.11
N ILE Y 56 -145.23 -63.08 -83.08
CA ILE Y 56 -145.35 -61.79 -83.76
C ILE Y 56 -144.39 -61.77 -84.95
N LYS Y 57 -144.91 -61.44 -86.12
CA LYS Y 57 -144.16 -61.41 -87.37
C LYS Y 57 -144.19 -60.00 -87.94
N ARG Y 58 -143.02 -59.49 -88.30
CA ARG Y 58 -142.92 -58.16 -88.90
C ARG Y 58 -143.26 -58.23 -90.39
N THR Y 59 -143.77 -57.13 -90.91
CA THR Y 59 -144.12 -57.01 -92.32
C THR Y 59 -143.60 -55.69 -92.86
N PRO Y 60 -143.26 -55.64 -94.15
CA PRO Y 60 -142.77 -54.39 -94.75
C PRO Y 60 -143.90 -53.52 -95.29
N TYR Y 61 -144.83 -53.15 -94.40
CA TYR Y 61 -145.98 -52.36 -94.77
C TYR Y 61 -146.26 -51.30 -93.72
N THR Y 62 -146.79 -50.17 -94.19
CA THR Y 62 -147.33 -49.13 -93.32
C THR Y 62 -148.84 -49.06 -93.50
N LEU Y 63 -149.48 -48.26 -92.64
CA LEU Y 63 -150.93 -48.15 -92.69
C LEU Y 63 -151.40 -47.57 -94.03
N ASN Y 64 -150.71 -46.53 -94.51
CA ASN Y 64 -151.12 -45.89 -95.76
C ASN Y 64 -150.94 -46.83 -96.94
N ASP Y 65 -149.90 -47.66 -96.91
CA ASP Y 65 -149.71 -48.63 -97.99
C ASP Y 65 -150.77 -49.73 -97.93
N ILE Y 66 -151.09 -50.21 -96.72
CA ILE Y 66 -152.05 -51.31 -96.60
C ILE Y 66 -153.46 -50.84 -96.89
N LEU Y 67 -153.74 -49.55 -96.71
CA LEU Y 67 -155.07 -49.01 -96.88
C LEU Y 67 -155.22 -48.32 -98.23
N ASP Y 68 -156.37 -48.53 -98.87
CA ASP Y 68 -156.67 -47.79 -100.09
C ASP Y 68 -156.77 -46.30 -99.82
N GLU Y 69 -157.41 -45.92 -98.72
CA GLU Y 69 -157.55 -44.51 -98.36
C GLU Y 69 -156.46 -44.13 -97.35
N PRO Y 70 -155.65 -43.11 -97.65
CA PRO Y 70 -154.59 -42.74 -96.71
C PRO Y 70 -155.13 -42.09 -95.45
N CYS Y 71 -154.29 -42.11 -94.41
CA CYS Y 71 -154.58 -41.54 -93.11
C CYS Y 71 -153.44 -40.62 -92.71
N PRO Y 72 -153.70 -39.64 -91.85
CA PRO Y 72 -152.60 -38.81 -91.33
C PRO Y 72 -151.59 -39.66 -90.58
N ASN Y 73 -150.31 -39.29 -90.71
CA ASN Y 73 -149.22 -40.11 -90.20
C ASN Y 73 -148.18 -39.31 -89.42
N GLN Y 74 -148.48 -38.07 -89.04
CA GLN Y 74 -147.50 -37.28 -88.29
C GLN Y 74 -147.24 -37.90 -86.93
N LEU Y 75 -146.02 -37.74 -86.44
CA LEU Y 75 -145.57 -38.34 -85.19
C LEU Y 75 -145.04 -37.28 -84.24
N LYS Y 76 -144.83 -37.69 -83.00
CA LYS Y 76 -144.24 -36.84 -81.98
C LYS Y 76 -143.54 -37.72 -80.96
N SER Y 77 -142.51 -37.17 -80.32
CA SER Y 77 -141.71 -37.91 -79.36
C SER Y 77 -141.54 -37.10 -78.08
N SER Y 78 -141.41 -37.83 -76.97
CA SER Y 78 -141.23 -37.22 -75.66
C SER Y 78 -140.47 -38.17 -74.76
N ASP Y 79 -139.81 -37.61 -73.75
CA ASP Y 79 -138.97 -38.43 -72.88
C ASP Y 79 -139.82 -39.41 -72.07
N LEU Y 80 -139.25 -40.59 -71.82
CA LEU Y 80 -139.92 -41.64 -71.06
C LEU Y 80 -139.20 -42.00 -69.78
N VAL Y 81 -137.91 -42.32 -69.85
CA VAL Y 81 -137.12 -42.70 -68.68
C VAL Y 81 -135.66 -42.40 -68.96
N THR Y 82 -134.87 -42.29 -67.91
CA THR Y 82 -133.47 -41.92 -68.01
C THR Y 82 -132.65 -42.78 -67.05
N PHE Y 83 -131.76 -43.61 -67.59
CA PHE Y 83 -130.86 -44.43 -66.79
C PHE Y 83 -129.60 -43.62 -66.52
N THR Y 84 -129.52 -43.03 -65.33
CA THR Y 84 -128.39 -42.14 -65.01
C THR Y 84 -127.07 -42.90 -64.97
N GLU Y 85 -127.09 -44.13 -64.45
CA GLU Y 85 -125.87 -44.92 -64.34
C GLU Y 85 -126.07 -46.28 -64.98
N PRO Y 86 -125.00 -46.90 -65.49
CA PRO Y 86 -125.13 -48.18 -66.18
C PRO Y 86 -125.64 -49.27 -65.24
N LEU Y 87 -126.46 -50.15 -65.80
CA LEU Y 87 -126.85 -51.37 -65.11
C LEU Y 87 -125.68 -52.33 -65.08
N VAL Y 88 -125.21 -52.67 -63.88
CA VAL Y 88 -124.02 -53.48 -63.68
C VAL Y 88 -124.41 -54.76 -62.97
N SER Y 89 -123.95 -55.89 -63.48
CA SER Y 89 -124.24 -57.19 -62.89
C SER Y 89 -122.95 -58.00 -62.79
N ASN Y 90 -122.77 -58.67 -61.64
CA ASN Y 90 -121.62 -59.51 -61.39
C ASN Y 90 -122.08 -60.85 -60.84
N VAL Y 91 -121.53 -61.93 -61.37
CA VAL Y 91 -121.78 -63.28 -60.86
C VAL Y 91 -120.44 -63.97 -60.72
N LYS Y 92 -120.22 -64.62 -59.59
CA LYS Y 92 -118.96 -65.30 -59.32
C LYS Y 92 -119.26 -66.60 -58.60
N ALA Y 93 -119.00 -67.73 -59.25
CA ALA Y 93 -119.23 -69.04 -58.67
C ALA Y 93 -117.94 -69.83 -58.62
N SER Y 94 -117.82 -70.68 -57.61
CA SER Y 94 -116.65 -71.53 -57.46
C SER Y 94 -117.04 -72.76 -56.66
N SER Y 95 -116.69 -73.94 -57.16
CA SER Y 95 -117.08 -75.19 -56.53
C SER Y 95 -115.95 -76.20 -56.65
N SER Y 96 -115.95 -77.16 -55.73
CA SER Y 96 -114.97 -78.24 -55.72
C SER Y 96 -115.62 -79.51 -55.21
N ILE Y 97 -115.26 -80.64 -55.82
CA ILE Y 97 -115.80 -81.94 -55.47
C ILE Y 97 -114.64 -82.91 -55.25
N GLY Y 98 -114.72 -83.70 -54.19
CA GLY Y 98 -113.73 -84.72 -53.93
C GLY Y 98 -114.35 -86.05 -53.56
N LEU Y 99 -114.08 -87.09 -54.36
CA LEU Y 99 -114.65 -88.42 -54.15
C LEU Y 99 -113.51 -89.40 -53.92
N GLN Y 100 -113.66 -90.24 -52.89
CA GLN Y 100 -112.68 -91.28 -52.61
C GLN Y 100 -113.40 -92.59 -52.30
N ILE Y 101 -112.98 -93.66 -52.97
CA ILE Y 101 -113.47 -95.01 -52.71
C ILE Y 101 -112.27 -95.82 -52.25
N LEU Y 102 -112.15 -96.01 -50.94
CA LEU Y 102 -111.11 -96.81 -50.30
C LEU Y 102 -109.76 -96.28 -50.76
N LYS Y 103 -108.81 -97.14 -51.16
CA LYS Y 103 -107.59 -96.72 -51.83
C LYS Y 103 -107.59 -97.11 -53.30
N HIS Y 104 -108.79 -97.29 -53.87
CA HIS Y 104 -108.94 -97.71 -55.26
C HIS Y 104 -109.39 -96.60 -56.19
N PHE Y 105 -110.20 -95.65 -55.71
CA PHE Y 105 -110.64 -94.55 -56.56
C PHE Y 105 -110.43 -93.23 -55.84
N ASP Y 106 -109.95 -92.23 -56.57
CA ASP Y 106 -109.73 -90.90 -55.99
C ASP Y 106 -109.87 -89.86 -57.09
N SER Y 107 -110.95 -89.09 -57.06
CA SER Y 107 -111.21 -88.07 -58.06
C SER Y 107 -111.36 -86.71 -57.38
N GLY Y 108 -110.73 -85.69 -57.96
CA GLY Y 108 -110.88 -84.33 -57.49
C GLY Y 108 -111.14 -83.37 -58.62
N ALA Y 109 -112.30 -82.71 -58.59
CA ALA Y 109 -112.69 -81.77 -59.62
C ALA Y 109 -112.94 -80.40 -59.00
N LYS Y 110 -112.80 -79.36 -59.82
CA LYS Y 110 -113.07 -78.02 -59.35
C LYS Y 110 -113.40 -77.14 -60.55
N GLY Y 111 -114.24 -76.14 -60.31
CA GLY Y 111 -114.65 -75.24 -61.37
C GLY Y 111 -114.87 -73.85 -60.82
N SER Y 112 -114.74 -72.86 -61.69
CA SER Y 112 -114.96 -71.48 -61.30
C SER Y 112 -115.48 -70.70 -62.52
N LYS Y 113 -116.24 -69.66 -62.24
CA LYS Y 113 -116.85 -68.85 -63.29
C LYS Y 113 -117.01 -67.42 -62.79
N ASN Y 114 -116.69 -66.46 -63.66
CA ASN Y 114 -116.82 -65.03 -63.35
C ASN Y 114 -117.46 -64.36 -64.55
N PHE Y 115 -118.62 -63.74 -64.34
CA PHE Y 115 -119.43 -63.17 -65.40
C PHE Y 115 -119.77 -61.73 -65.04
N ILE Y 116 -119.47 -60.79 -65.94
CA ILE Y 116 -119.68 -59.37 -65.68
C ILE Y 116 -120.43 -58.76 -66.85
N THR Y 117 -121.45 -57.95 -66.55
CA THR Y 117 -122.27 -57.32 -67.57
C THR Y 117 -122.47 -55.85 -67.23
N SER Y 118 -122.46 -54.99 -68.24
CA SER Y 118 -122.71 -53.57 -68.07
C SER Y 118 -123.52 -53.06 -69.27
N ALA Y 119 -124.61 -52.37 -68.98
CA ALA Y 119 -125.46 -51.80 -70.03
C ALA Y 119 -125.71 -50.33 -69.74
N SER Y 120 -125.42 -49.48 -70.71
CA SER Y 120 -125.61 -48.03 -70.60
C SER Y 120 -126.57 -47.63 -71.71
N LEU Y 121 -127.84 -47.42 -71.35
CA LEU Y 121 -128.87 -47.06 -72.31
C LEU Y 121 -129.11 -45.56 -72.39
N GLY Y 122 -128.51 -44.77 -71.50
CA GLY Y 122 -128.69 -43.32 -71.58
C GLY Y 122 -130.13 -42.93 -71.36
N THR Y 123 -130.69 -42.19 -72.32
CA THR Y 123 -132.06 -41.70 -72.26
C THR Y 123 -132.91 -42.45 -73.26
N VAL Y 124 -134.11 -42.84 -72.85
CA VAL Y 124 -135.06 -43.54 -73.72
C VAL Y 124 -136.27 -42.62 -73.91
N VAL Y 125 -136.65 -42.41 -75.16
CA VAL Y 125 -137.80 -41.60 -75.50
C VAL Y 125 -138.88 -42.49 -76.09
N LYS Y 126 -140.10 -41.95 -76.16
CA LYS Y 126 -141.24 -42.65 -76.73
C LYS Y 126 -141.78 -41.83 -77.89
N ALA Y 127 -142.03 -42.51 -79.01
CA ALA Y 127 -142.55 -41.89 -80.22
C ALA Y 127 -143.91 -42.50 -80.54
N GLU Y 128 -144.85 -41.64 -80.92
CA GLU Y 128 -146.23 -42.05 -81.16
C GLU Y 128 -146.92 -41.01 -82.02
N THR Y 129 -148.03 -41.41 -82.62
CA THR Y 129 -148.81 -40.51 -83.45
C THR Y 129 -149.29 -39.31 -82.64
N ILE Y 130 -149.33 -38.15 -83.28
CA ILE Y 130 -149.80 -36.94 -82.60
C ILE Y 130 -151.25 -37.09 -82.16
N ASP Y 131 -152.10 -37.61 -83.03
CA ASP Y 131 -153.50 -37.86 -82.72
C ASP Y 131 -153.86 -39.26 -83.18
N ILE Y 132 -154.23 -40.13 -82.23
CA ILE Y 132 -154.57 -41.50 -82.57
C ILE Y 132 -156.06 -41.63 -82.90
N THR Y 133 -156.90 -40.76 -82.34
CA THR Y 133 -158.34 -40.84 -82.60
C THR Y 133 -158.64 -40.63 -84.08
N LYS Y 134 -157.98 -39.66 -84.72
CA LYS Y 134 -158.19 -39.43 -86.15
C LYS Y 134 -157.76 -40.65 -86.96
N VAL Y 135 -156.61 -41.23 -86.62
CA VAL Y 135 -156.13 -42.42 -87.33
C VAL Y 135 -157.12 -43.55 -87.18
N LEU Y 136 -157.64 -43.76 -85.98
CA LEU Y 136 -158.61 -44.83 -85.77
C LEU Y 136 -159.88 -44.58 -86.56
N ALA Y 137 -160.38 -43.34 -86.57
CA ALA Y 137 -161.58 -43.03 -87.32
C ALA Y 137 -161.39 -43.31 -88.81
N LYS Y 138 -160.29 -42.82 -89.36
CA LYS Y 138 -160.01 -43.03 -90.78
C LYS Y 138 -159.85 -44.51 -91.10
N VAL Y 139 -159.19 -45.27 -90.22
CA VAL Y 139 -159.06 -46.71 -90.43
C VAL Y 139 -160.43 -47.35 -90.50
N ARG Y 140 -161.30 -47.03 -89.54
CA ARG Y 140 -162.62 -47.63 -89.50
C ARG Y 140 -163.43 -47.28 -90.75
N THR Y 141 -163.24 -46.06 -91.27
CA THR Y 141 -163.99 -45.65 -92.46
C THR Y 141 -163.27 -45.96 -93.76
N ALA Y 142 -162.09 -46.58 -93.72
CA ALA Y 142 -161.29 -46.83 -94.90
C ALA Y 142 -161.22 -48.32 -95.21
N LYS Y 143 -161.11 -48.66 -96.48
CA LYS Y 143 -160.99 -50.03 -96.93
C LYS Y 143 -159.54 -50.38 -97.25
N ALA Y 144 -159.18 -51.64 -97.02
CA ALA Y 144 -157.83 -52.11 -97.28
C ALA Y 144 -157.57 -52.22 -98.79
N LYS Y 145 -156.31 -52.43 -99.14
CA LYS Y 145 -155.92 -52.54 -100.54
C LYS Y 145 -156.32 -53.90 -101.08
N VAL Y 146 -157.15 -53.90 -102.13
CA VAL Y 146 -157.59 -55.15 -102.74
C VAL Y 146 -156.40 -55.89 -103.35
N GLU Y 147 -155.47 -55.16 -103.97
CA GLU Y 147 -154.31 -55.78 -104.57
C GLU Y 147 -153.46 -56.53 -103.56
N ASN Y 148 -153.36 -56.01 -102.33
CA ASN Y 148 -152.48 -56.62 -101.34
C ASN Y 148 -152.87 -58.06 -101.07
N ASP Y 149 -151.85 -58.93 -101.00
CA ASP Y 149 -152.05 -60.36 -100.77
C ASP Y 149 -152.08 -60.71 -99.29
N LEU Y 150 -151.29 -60.00 -98.49
CA LEU Y 150 -151.24 -60.26 -97.05
C LEU Y 150 -152.61 -60.11 -96.40
N VAL Y 151 -153.34 -59.04 -96.76
CA VAL Y 151 -154.66 -58.81 -96.20
C VAL Y 151 -155.59 -59.98 -96.54
N SER Y 152 -155.56 -60.42 -97.79
CA SER Y 152 -156.41 -61.54 -98.19
C SER Y 152 -156.04 -62.81 -97.44
N ARG Y 153 -154.74 -63.06 -97.28
CA ARG Y 153 -154.30 -64.23 -96.51
C ARG Y 153 -154.85 -64.19 -95.09
N VAL Y 154 -154.69 -63.04 -94.42
CA VAL Y 154 -155.16 -62.90 -93.05
C VAL Y 154 -156.68 -63.04 -92.98
N MET Y 155 -157.39 -62.53 -94.00
CA MET Y 155 -158.85 -62.64 -94.03
C MET Y 155 -159.28 -64.10 -94.15
N LYS Y 156 -158.64 -64.86 -95.04
CA LYS Y 156 -159.07 -66.24 -95.25
C LYS Y 156 -158.66 -67.13 -94.09
N THR Y 157 -157.50 -66.87 -93.47
CA THR Y 157 -157.06 -67.67 -92.35
C THR Y 157 -157.72 -67.17 -91.06
N LYS Y 158 -157.85 -68.08 -90.10
CA LYS Y 158 -158.47 -67.76 -88.81
C LYS Y 158 -157.46 -67.51 -87.71
N ARG Y 159 -156.27 -68.12 -87.77
CA ARG Y 159 -155.28 -67.90 -86.74
C ARG Y 159 -154.64 -66.52 -86.86
N LEU Y 160 -154.36 -66.08 -88.09
CA LEU Y 160 -153.65 -64.83 -88.29
C LEU Y 160 -154.50 -63.63 -87.92
N CYS Y 161 -153.87 -62.64 -87.29
CA CYS Y 161 -154.51 -61.38 -86.95
C CYS Y 161 -153.58 -60.24 -87.31
N LEU Y 162 -154.15 -59.06 -87.56
CA LEU Y 162 -153.37 -57.89 -87.91
C LEU Y 162 -153.27 -56.94 -86.72
N GLY Y 163 -152.11 -56.30 -86.59
CA GLY Y 163 -151.90 -55.35 -85.52
C GLY Y 163 -151.18 -54.10 -85.97
N LEU Y 164 -151.67 -52.94 -85.55
CA LEU Y 164 -151.07 -51.65 -85.89
C LEU Y 164 -150.26 -51.16 -84.70
N VAL Y 165 -148.98 -50.90 -84.93
CA VAL Y 165 -148.10 -50.41 -83.87
C VAL Y 165 -148.37 -48.93 -83.63
N VAL Y 166 -148.54 -48.56 -82.36
CA VAL Y 166 -148.96 -47.21 -82.01
C VAL Y 166 -147.95 -46.44 -81.18
N GLU Y 167 -147.01 -47.10 -80.51
CA GLU Y 167 -146.00 -46.39 -79.73
C GLU Y 167 -144.73 -47.21 -79.68
N THR Y 168 -143.59 -46.53 -79.68
CA THR Y 168 -142.31 -47.20 -79.72
C THR Y 168 -141.31 -46.50 -78.80
N ALA Y 169 -140.52 -47.28 -78.08
CA ALA Y 169 -139.48 -46.76 -77.21
C ALA Y 169 -138.12 -46.88 -77.90
N CYS Y 170 -137.42 -45.76 -78.04
CA CYS Y 170 -136.17 -45.69 -78.77
C CYS Y 170 -135.11 -44.95 -77.96
N VAL Y 171 -133.87 -45.37 -78.11
CA VAL Y 171 -132.76 -44.72 -77.41
C VAL Y 171 -132.46 -43.39 -78.09
N ALA Y 172 -132.34 -42.33 -77.28
CA ALA Y 172 -132.05 -41.01 -77.84
C ALA Y 172 -130.60 -40.93 -78.32
N ALA Y 173 -129.67 -41.53 -77.58
CA ALA Y 173 -128.26 -41.49 -77.92
C ALA Y 173 -127.72 -42.91 -78.04
N ALA Y 174 -126.42 -43.02 -78.32
CA ALA Y 174 -125.80 -44.32 -78.47
C ALA Y 174 -125.81 -45.10 -77.17
N GLY Y 175 -126.06 -46.40 -77.26
CA GLY Y 175 -126.11 -47.27 -76.09
C GLY Y 175 -124.98 -48.28 -76.13
N LYS Y 176 -124.34 -48.48 -74.97
CA LYS Y 176 -123.15 -49.33 -74.88
C LYS Y 176 -123.44 -50.58 -74.07
N LEU Y 177 -123.08 -51.74 -74.64
CA LEU Y 177 -123.30 -53.02 -73.98
C LEU Y 177 -121.97 -53.77 -73.91
N THR Y 178 -121.55 -54.13 -72.69
CA THR Y 178 -120.28 -54.81 -72.48
C THR Y 178 -120.49 -56.07 -71.65
N GLU Y 179 -119.80 -57.14 -72.03
CA GLU Y 179 -119.89 -58.43 -71.35
C GLU Y 179 -118.52 -59.07 -71.28
N ALA Y 180 -118.19 -59.64 -70.11
CA ALA Y 180 -116.93 -60.34 -69.90
C ALA Y 180 -117.19 -61.67 -69.20
N ASP Y 181 -116.55 -62.72 -69.69
CA ASP Y 181 -116.72 -64.06 -69.16
C ASP Y 181 -115.36 -64.71 -68.96
N ASN Y 182 -115.15 -65.35 -67.82
CA ASN Y 182 -113.93 -66.08 -67.54
C ASN Y 182 -114.27 -67.31 -66.72
N TRP Y 183 -114.14 -68.50 -67.31
CA TRP Y 183 -114.45 -69.71 -66.54
C TRP Y 183 -113.37 -70.75 -66.73
N GLU Y 184 -113.25 -71.64 -65.74
CA GLU Y 184 -112.13 -72.56 -65.66
C GLU Y 184 -112.58 -73.87 -65.02
N ILE Y 185 -112.05 -74.98 -65.54
CA ILE Y 185 -112.33 -76.32 -65.05
C ILE Y 185 -111.01 -77.05 -64.86
N SER Y 186 -110.84 -77.69 -63.70
CA SER Y 186 -109.65 -78.49 -63.42
C SER Y 186 -110.08 -79.80 -62.78
N GLY Y 187 -109.79 -80.92 -63.44
CA GLY Y 187 -110.19 -82.22 -62.95
C GLY Y 187 -109.04 -83.19 -62.92
N HIS Y 188 -109.12 -84.14 -61.99
CA HIS Y 188 -108.08 -85.14 -61.79
C HIS Y 188 -108.73 -86.44 -61.36
N THR Y 189 -108.22 -87.56 -61.88
CA THR Y 189 -108.75 -88.88 -61.62
C THR Y 189 -107.59 -89.84 -61.36
N ASN Y 190 -107.72 -90.68 -60.34
CA ASN Y 190 -106.71 -91.67 -60.00
C ASN Y 190 -107.43 -92.99 -59.71
N ALA Y 191 -107.27 -93.96 -60.60
CA ALA Y 191 -107.83 -95.29 -60.43
C ALA Y 191 -106.68 -96.24 -60.14
N ASN Y 192 -106.56 -96.66 -58.88
CA ASN Y 192 -105.51 -97.58 -58.45
C ASN Y 192 -106.10 -98.96 -58.29
N ILE Y 193 -105.54 -99.93 -59.01
CA ILE Y 193 -105.95 -101.32 -58.92
C ILE Y 193 -104.69 -102.15 -58.66
N GLY Y 194 -104.91 -103.40 -58.23
CA GLY Y 194 -103.78 -104.26 -57.89
C GLY Y 194 -102.80 -104.45 -59.03
N GLU Y 195 -103.29 -104.48 -60.27
CA GLU Y 195 -102.43 -104.65 -61.43
C GLU Y 195 -102.53 -103.50 -62.43
N ALA Y 196 -103.19 -102.41 -62.07
CA ALA Y 196 -103.34 -101.28 -62.99
C ALA Y 196 -103.38 -99.98 -62.20
N VAL Y 197 -102.70 -98.96 -62.72
CA VAL Y 197 -102.70 -97.62 -62.14
C VAL Y 197 -102.96 -96.63 -63.27
N VAL Y 198 -104.01 -95.84 -63.14
CA VAL Y 198 -104.38 -94.83 -64.13
C VAL Y 198 -104.43 -93.47 -63.44
N THR Y 199 -103.75 -92.48 -64.00
CA THR Y 199 -103.72 -91.12 -63.46
C THR Y 199 -103.98 -90.15 -64.60
N ALA Y 200 -105.16 -89.54 -64.60
CA ALA Y 200 -105.56 -88.60 -65.64
C ALA Y 200 -105.77 -87.23 -65.04
N THR Y 201 -105.48 -86.19 -65.82
CA THR Y 201 -105.63 -84.81 -65.39
C THR Y 201 -106.01 -83.95 -66.58
N ALA Y 202 -106.91 -83.00 -66.37
CA ALA Y 202 -107.36 -82.13 -67.45
C ALA Y 202 -107.66 -80.74 -66.91
N GLU Y 203 -107.06 -79.72 -67.51
CA GLU Y 203 -107.29 -78.33 -67.14
C GLU Y 203 -107.66 -77.52 -68.37
N LEU Y 204 -108.66 -76.66 -68.24
CA LEU Y 204 -109.00 -75.76 -69.33
C LEU Y 204 -109.62 -74.49 -68.76
N ASP Y 205 -109.58 -73.42 -69.55
CA ASP Y 205 -110.16 -72.15 -69.14
C ASP Y 205 -110.43 -71.31 -70.37
N LYS Y 206 -111.60 -70.68 -70.42
CA LYS Y 206 -112.04 -69.86 -71.53
C LYS Y 206 -112.31 -68.44 -71.05
N ASN Y 207 -111.89 -67.47 -71.87
CA ASN Y 207 -112.08 -66.06 -71.60
C ASN Y 207 -112.68 -65.40 -72.84
N LEU Y 208 -113.77 -64.66 -72.64
CA LEU Y 208 -114.47 -63.96 -73.72
C LEU Y 208 -114.79 -62.53 -73.29
N SER Y 209 -114.88 -61.64 -74.26
CA SER Y 209 -115.27 -60.26 -74.01
C SER Y 209 -115.92 -59.69 -75.25
N ARG Y 210 -117.15 -59.18 -75.12
CA ARG Y 210 -117.90 -58.63 -76.22
C ARG Y 210 -118.39 -57.24 -75.85
N LYS Y 211 -118.11 -56.25 -76.71
CA LYS Y 211 -118.51 -54.87 -76.47
C LYS Y 211 -119.10 -54.29 -77.75
N ILE Y 212 -120.35 -53.84 -77.68
CA ILE Y 212 -121.05 -53.28 -78.84
C ILE Y 212 -121.69 -51.96 -78.45
N GLU Y 213 -122.12 -51.22 -79.48
CA GLU Y 213 -122.73 -49.90 -79.29
C GLU Y 213 -123.84 -49.73 -80.32
N ILE Y 214 -125.08 -49.77 -79.85
CA ILE Y 214 -126.23 -49.52 -80.73
C ILE Y 214 -126.35 -48.03 -81.01
N PRO Y 215 -126.70 -47.64 -82.22
CA PRO Y 215 -126.74 -46.22 -82.58
C PRO Y 215 -128.04 -45.58 -82.12
N PRO Y 216 -128.11 -44.25 -82.11
CA PRO Y 216 -129.35 -43.57 -81.74
C PRO Y 216 -130.49 -43.93 -82.68
N GLY Y 217 -131.69 -44.03 -82.12
CA GLY Y 217 -132.89 -44.35 -82.87
C GLY Y 217 -133.28 -45.80 -82.86
N THR Y 218 -132.45 -46.68 -82.31
CA THR Y 218 -132.78 -48.10 -82.26
C THR Y 218 -133.98 -48.34 -81.38
N ALA Y 219 -134.98 -49.07 -81.90
CA ALA Y 219 -136.18 -49.35 -81.14
C ALA Y 219 -135.90 -50.42 -80.09
N LEU Y 220 -136.58 -50.30 -78.95
CA LEU Y 220 -136.45 -51.26 -77.86
C LEU Y 220 -137.72 -52.05 -77.58
N ALA Y 221 -138.88 -51.40 -77.60
CA ALA Y 221 -140.13 -52.07 -77.28
C ALA Y 221 -141.27 -51.32 -77.95
N TYR Y 222 -142.43 -51.96 -78.00
CA TYR Y 222 -143.56 -51.40 -78.73
C TYR Y 222 -144.86 -51.95 -78.17
N SER Y 223 -145.95 -51.27 -78.51
CA SER Y 223 -147.31 -51.72 -78.20
C SER Y 223 -148.17 -51.55 -79.43
N PHE Y 224 -149.16 -52.42 -79.58
CA PHE Y 224 -149.95 -52.43 -80.81
C PHE Y 224 -151.42 -52.66 -80.48
N MET Y 225 -152.27 -52.30 -81.44
CA MET Y 225 -153.71 -52.46 -81.35
C MET Y 225 -154.19 -53.43 -82.43
N ASP Y 226 -155.12 -54.30 -82.07
CA ASP Y 226 -155.57 -55.32 -82.99
C ASP Y 226 -156.52 -54.76 -84.05
N LEU Y 227 -156.66 -55.49 -85.16
CA LEU Y 227 -157.55 -55.11 -86.25
C LEU Y 227 -158.32 -56.34 -86.71
N GLU Y 228 -159.31 -56.10 -87.57
CA GLU Y 228 -160.15 -57.16 -88.09
C GLU Y 228 -160.61 -56.80 -89.49
N ILE Y 229 -160.39 -57.71 -90.44
CA ILE Y 229 -160.82 -57.51 -91.82
C ILE Y 229 -162.29 -57.90 -91.94
N LEU Y 230 -163.12 -56.98 -92.43
CA LEU Y 230 -164.51 -57.31 -92.71
C LEU Y 230 -164.58 -58.23 -93.93
N GLU Y 231 -165.81 -58.63 -94.27
CA GLU Y 231 -166.03 -59.36 -95.52
C GLU Y 231 -165.49 -58.59 -96.71
N ASP Y 232 -165.78 -57.30 -96.77
CA ASP Y 232 -165.18 -56.41 -97.75
C ASP Y 232 -163.75 -56.04 -97.32
N ARG Y 233 -163.12 -55.16 -98.10
CA ARG Y 233 -161.80 -54.66 -97.73
C ARG Y 233 -161.82 -53.75 -96.51
N SER Y 234 -163.00 -53.41 -96.00
CA SER Y 234 -163.10 -52.55 -94.82
C SER Y 234 -162.39 -53.16 -93.62
N LEU Y 235 -161.85 -52.28 -92.77
CA LEU Y 235 -161.14 -52.69 -91.57
C LEU Y 235 -161.85 -52.14 -90.34
N ARG Y 236 -161.79 -52.91 -89.24
CA ARG Y 236 -162.40 -52.51 -87.98
C ARG Y 236 -161.40 -52.74 -86.86
N VAL Y 237 -161.60 -52.05 -85.75
CA VAL Y 237 -160.73 -52.21 -84.60
C VAL Y 237 -161.43 -53.11 -83.59
N SER Y 238 -160.66 -53.96 -82.93
CA SER Y 238 -161.20 -54.95 -82.00
C SER Y 238 -160.54 -54.79 -80.64
N SER Y 239 -161.33 -54.93 -79.59
CA SER Y 239 -160.86 -54.75 -78.21
C SER Y 239 -161.25 -55.97 -77.39
N SER Y 240 -160.25 -56.69 -76.89
CA SER Y 240 -160.48 -57.79 -75.97
C SER Y 240 -160.75 -57.22 -74.59
N ALA Y 241 -162.01 -57.30 -74.15
CA ALA Y 241 -162.46 -56.72 -72.88
C ALA Y 241 -162.17 -55.23 -72.82
N GLY Y 242 -162.21 -54.55 -73.97
CA GLY Y 242 -161.98 -53.12 -74.03
C GLY Y 242 -160.55 -52.69 -73.79
N ALA Y 243 -159.59 -53.60 -73.94
CA ALA Y 243 -158.19 -53.25 -73.69
C ALA Y 243 -157.68 -52.24 -74.71
N MET Y 244 -157.85 -52.54 -76.00
CA MET Y 244 -157.33 -51.72 -77.10
C MET Y 244 -155.84 -51.51 -77.02
N PHE Y 245 -155.12 -52.34 -76.24
CA PHE Y 245 -153.67 -52.26 -76.14
C PHE Y 245 -153.17 -53.68 -75.89
N ASP Y 246 -152.69 -54.33 -76.94
CA ASP Y 246 -152.27 -55.71 -76.85
C ASP Y 246 -150.76 -55.79 -76.67
N SER Y 247 -150.32 -56.56 -75.68
CA SER Y 247 -148.91 -56.74 -75.38
C SER Y 247 -148.42 -58.13 -75.75
N GLY Y 248 -149.15 -58.84 -76.61
CA GLY Y 248 -148.77 -60.19 -76.96
C GLY Y 248 -148.81 -61.14 -75.78
N LYS Y 249 -149.79 -60.99 -74.91
CA LYS Y 249 -149.92 -61.82 -73.71
C LYS Y 249 -150.99 -62.88 -73.91
N ALA Y 250 -150.82 -64.01 -73.22
CA ALA Y 250 -151.81 -65.06 -73.27
C ALA Y 250 -153.11 -64.62 -72.60
N GLU Y 251 -154.22 -65.18 -73.08
CA GLU Y 251 -155.52 -64.82 -72.53
C GLU Y 251 -155.62 -65.19 -71.05
N SER Y 252 -155.12 -66.37 -70.68
CA SER Y 252 -155.13 -66.85 -69.30
C SER Y 252 -156.54 -66.88 -68.73
CA ARG Z 3 -140.67 -55.78 -57.48
C ARG Z 3 -140.04 -54.57 -58.15
N PRO Z 4 -140.69 -54.05 -59.18
CA PRO Z 4 -140.16 -52.87 -59.88
C PRO Z 4 -140.04 -51.68 -58.95
N MET Z 5 -138.98 -50.90 -59.16
CA MET Z 5 -138.75 -49.73 -58.33
C MET Z 5 -139.88 -48.72 -58.47
N PHE Z 6 -140.38 -48.54 -59.69
CA PHE Z 6 -141.49 -47.61 -59.89
C PHE Z 6 -142.72 -48.05 -59.10
N ALA Z 7 -143.04 -49.35 -59.14
CA ALA Z 7 -144.18 -49.84 -58.37
C ALA Z 7 -143.97 -49.67 -56.88
N VAL Z 8 -142.75 -49.94 -56.39
CA VAL Z 8 -142.47 -49.77 -54.97
C VAL Z 8 -142.63 -48.31 -54.56
N ALA Z 9 -142.10 -47.39 -55.37
CA ALA Z 9 -142.21 -45.98 -55.05
C ALA Z 9 -143.67 -45.52 -55.10
N VAL Z 10 -144.44 -46.02 -56.06
CA VAL Z 10 -145.86 -45.66 -56.13
C VAL Z 10 -146.59 -46.15 -54.89
N ASN Z 11 -146.31 -47.37 -54.45
CA ASN Z 11 -146.94 -47.87 -53.23
C ASN Z 11 -146.54 -47.05 -52.01
N GLU Z 12 -145.26 -46.68 -51.91
CA GLU Z 12 -144.83 -45.85 -50.79
C GLU Z 12 -145.54 -44.50 -50.79
N PHE Z 13 -145.64 -43.87 -51.95
CA PHE Z 13 -146.31 -42.58 -52.04
C PHE Z 13 -147.79 -42.71 -51.69
N ILE Z 14 -148.46 -43.72 -52.22
CA ILE Z 14 -149.89 -43.85 -51.98
C ILE Z 14 -150.17 -44.20 -50.52
N ARG Z 15 -149.25 -44.91 -49.87
CA ARG Z 15 -149.42 -45.16 -48.44
C ARG Z 15 -149.21 -43.89 -47.64
N SER Z 16 -148.14 -43.14 -47.92
CA SER Z 16 -147.85 -41.94 -47.16
C SER Z 16 -148.94 -40.90 -47.31
N ALA Z 17 -149.43 -40.70 -48.53
CA ALA Z 17 -150.48 -39.73 -48.81
C ALA Z 17 -151.55 -40.38 -49.67
N GLY Z 18 -152.80 -40.14 -49.33
CA GLY Z 18 -153.92 -40.66 -50.11
C GLY Z 18 -154.03 -42.16 -50.12
N GLN Z 19 -153.95 -42.79 -48.94
CA GLN Z 19 -154.12 -44.23 -48.86
C GLN Z 19 -155.50 -44.66 -49.33
N ASP Z 20 -156.49 -43.80 -49.19
CA ASP Z 20 -157.84 -44.05 -49.66
C ASP Z 20 -158.13 -43.16 -50.87
N SER Z 21 -159.03 -43.65 -51.72
CA SER Z 21 -159.46 -42.93 -52.93
C SER Z 21 -158.28 -42.59 -53.84
N LEU Z 22 -157.45 -43.59 -54.11
CA LEU Z 22 -156.30 -43.40 -54.98
C LEU Z 22 -155.88 -44.75 -55.55
N CYS Z 23 -155.58 -44.78 -56.84
CA CYS Z 23 -155.20 -46.00 -57.54
C CYS Z 23 -153.77 -45.84 -58.08
N GLY Z 24 -152.94 -46.84 -57.80
CA GLY Z 24 -151.58 -46.81 -58.30
C GLY Z 24 -151.51 -46.94 -59.81
N VAL Z 25 -150.41 -46.43 -60.36
CA VAL Z 25 -150.16 -46.48 -61.80
C VAL Z 25 -149.41 -47.78 -62.12
N PRO Z 26 -149.86 -48.56 -63.10
CA PRO Z 26 -149.21 -49.85 -63.36
C PRO Z 26 -147.75 -49.74 -63.78
N ASP Z 27 -147.43 -48.82 -64.69
CA ASP Z 27 -146.07 -48.72 -65.19
C ASP Z 27 -145.82 -47.34 -65.76
N ILE Z 28 -144.54 -47.03 -65.95
CA ILE Z 28 -144.14 -45.71 -66.44
C ILE Z 28 -144.70 -45.47 -67.84
N ASN Z 29 -144.67 -46.50 -68.69
CA ASN Z 29 -145.14 -46.33 -70.06
C ASN Z 29 -146.61 -45.95 -70.11
N SER Z 30 -147.43 -46.59 -69.29
CA SER Z 30 -148.86 -46.34 -69.28
C SER Z 30 -149.25 -45.24 -68.29
N SER Z 31 -148.28 -44.64 -67.60
CA SER Z 31 -148.59 -43.55 -66.68
C SER Z 31 -149.25 -42.38 -67.39
N GLY Z 32 -148.84 -42.10 -68.63
CA GLY Z 32 -149.37 -40.95 -69.34
C GLY Z 32 -150.79 -41.10 -69.83
N ASP Z 33 -151.36 -42.29 -69.73
CA ASP Z 33 -152.74 -42.52 -70.17
C ASP Z 33 -153.76 -42.33 -69.05
N PHE Z 34 -153.32 -41.92 -67.87
CA PHE Z 34 -154.21 -41.73 -66.72
C PHE Z 34 -154.28 -40.27 -66.30
N MET Z 35 -154.17 -39.36 -67.25
CA MET Z 35 -154.35 -37.94 -66.99
C MET Z 35 -155.84 -37.63 -66.85
N PRO Z 36 -156.18 -36.48 -66.26
CA PRO Z 36 -157.60 -36.15 -66.06
C PRO Z 36 -158.36 -36.11 -67.38
N LEU Z 37 -159.65 -36.45 -67.29
CA LEU Z 37 -160.56 -36.50 -68.44
C LEU Z 37 -160.15 -37.58 -69.43
N HIS Z 38 -159.85 -38.77 -68.90
CA HIS Z 38 -159.56 -39.94 -69.71
C HIS Z 38 -160.53 -41.06 -69.36
N ILE Z 39 -160.89 -41.84 -70.36
CA ILE Z 39 -161.82 -42.96 -70.19
C ILE Z 39 -161.03 -44.23 -69.90
N ILE Z 40 -161.47 -44.99 -68.90
CA ILE Z 40 -160.89 -46.27 -68.56
C ILE Z 40 -162.00 -47.29 -68.44
N VAL Z 41 -161.64 -48.57 -68.55
CA VAL Z 41 -162.58 -49.67 -68.49
C VAL Z 41 -162.31 -50.48 -67.24
N LYS Z 42 -163.36 -50.81 -66.51
CA LYS Z 42 -163.27 -51.61 -65.29
C LYS Z 42 -163.94 -52.95 -65.50
N GLU Z 43 -163.23 -54.02 -65.15
CA GLU Z 43 -163.71 -55.39 -65.29
C GLU Z 43 -163.84 -56.01 -63.91
N VAL Z 44 -164.99 -56.63 -63.64
CA VAL Z 44 -165.27 -57.24 -62.35
C VAL Z 44 -164.45 -58.52 -62.20
N PRO Z 45 -164.12 -58.94 -60.97
CA PRO Z 45 -163.34 -60.17 -60.81
C PRO Z 45 -164.01 -61.41 -61.36
N LYS Z 46 -165.34 -61.49 -61.31
CA LYS Z 46 -166.17 -62.59 -61.78
C LYS Z 46 -166.02 -63.86 -60.93
N VAL Z 47 -165.14 -63.85 -59.93
CA VAL Z 47 -164.97 -65.02 -59.06
C VAL Z 47 -165.35 -64.63 -57.64
N LEU Z 48 -164.66 -63.63 -57.08
CA LEU Z 48 -164.94 -63.10 -55.75
C LEU Z 48 -165.03 -61.59 -55.86
N PRO Z 49 -166.14 -61.07 -56.43
CA PRO Z 49 -166.23 -59.62 -56.63
C PRO Z 49 -166.10 -58.80 -55.36
N CYS Z 50 -166.63 -59.30 -54.25
CA CYS Z 50 -166.55 -58.58 -52.99
C CYS Z 50 -165.23 -58.80 -52.26
N CYS Z 51 -164.40 -59.74 -52.72
CA CYS Z 51 -163.14 -60.04 -52.07
C CYS Z 51 -161.91 -59.66 -52.88
N ARG Z 52 -162.07 -59.39 -54.17
CA ARG Z 52 -160.95 -59.10 -55.05
C ARG Z 52 -161.18 -57.75 -55.73
N ARG Z 53 -160.12 -56.96 -55.85
CA ARG Z 53 -160.22 -55.67 -56.51
C ARG Z 53 -160.36 -55.86 -58.02
N PRO Z 54 -161.12 -55.00 -58.69
CA PRO Z 54 -161.35 -55.17 -60.13
C PRO Z 54 -160.11 -54.90 -60.97
N LYS Z 55 -160.24 -55.07 -62.29
CA LYS Z 55 -159.13 -54.88 -63.22
C LYS Z 55 -159.38 -53.61 -64.04
N ILE Z 56 -158.36 -52.77 -64.14
CA ILE Z 56 -158.48 -51.47 -64.79
C ILE Z 56 -157.67 -51.49 -66.09
N LYS Z 57 -158.32 -51.11 -67.18
CA LYS Z 57 -157.72 -51.12 -68.52
C LYS Z 57 -157.74 -49.71 -69.08
N ARG Z 58 -156.59 -49.26 -69.57
CA ARG Z 58 -156.49 -47.94 -70.19
C ARG Z 58 -157.01 -47.97 -71.62
N THR Z 59 -157.52 -46.83 -72.06
CA THR Z 59 -158.03 -46.67 -73.41
C THR Z 59 -157.50 -45.38 -74.02
N PRO Z 60 -157.33 -45.34 -75.33
CA PRO Z 60 -156.84 -44.12 -75.99
C PRO Z 60 -157.97 -43.17 -76.37
N TYR Z 61 -158.75 -42.75 -75.37
CA TYR Z 61 -159.90 -41.89 -75.59
C TYR Z 61 -159.97 -40.83 -74.52
N THR Z 62 -160.48 -39.66 -74.91
CA THR Z 62 -160.83 -38.60 -73.97
C THR Z 62 -162.35 -38.43 -73.97
N LEU Z 63 -162.81 -37.60 -73.03
CA LEU Z 63 -164.25 -37.39 -72.89
C LEU Z 63 -164.85 -36.77 -74.15
N ASN Z 64 -164.17 -35.77 -74.71
CA ASN Z 64 -164.68 -35.09 -75.90
C ASN Z 64 -164.72 -36.03 -77.10
N ASP Z 65 -163.74 -36.93 -77.21
CA ASP Z 65 -163.76 -37.89 -78.30
C ASP Z 65 -164.87 -38.92 -78.11
N ILE Z 66 -165.06 -39.40 -76.88
CA ILE Z 66 -166.06 -40.43 -76.64
C ILE Z 66 -167.46 -39.87 -76.74
N LEU Z 67 -167.64 -38.57 -76.52
CA LEU Z 67 -168.94 -37.94 -76.52
C LEU Z 67 -169.21 -37.23 -77.84
N ASP Z 68 -170.44 -37.36 -78.32
CA ASP Z 68 -170.86 -36.59 -79.50
C ASP Z 68 -170.82 -35.09 -79.21
N GLU Z 69 -171.29 -34.68 -78.03
CA GLU Z 69 -171.29 -33.28 -77.66
C GLU Z 69 -170.06 -32.98 -76.81
N PRO Z 70 -169.23 -32.01 -77.19
CA PRO Z 70 -168.04 -31.72 -76.39
C PRO Z 70 -168.37 -31.05 -75.07
N CYS Z 71 -167.40 -31.14 -74.15
CA CYS Z 71 -167.49 -30.56 -72.82
C CYS Z 71 -166.25 -29.72 -72.57
N PRO Z 72 -166.34 -28.74 -71.67
CA PRO Z 72 -165.14 -27.98 -71.30
C PRO Z 72 -164.09 -28.90 -70.69
N ASN Z 73 -162.82 -28.62 -70.98
CA ASN Z 73 -161.73 -29.51 -70.61
C ASN Z 73 -160.55 -28.79 -69.96
N GLN Z 74 -160.71 -27.54 -69.55
CA GLN Z 74 -159.61 -26.82 -68.92
C GLN Z 74 -159.22 -27.47 -67.61
N LEU Z 75 -157.93 -27.39 -67.28
CA LEU Z 75 -157.37 -28.03 -66.10
C LEU Z 75 -156.66 -27.02 -65.22
N LYS Z 76 -156.32 -27.45 -64.01
CA LYS Z 76 -155.54 -26.65 -63.08
C LYS Z 76 -154.77 -27.59 -62.16
N SER Z 77 -153.65 -27.11 -61.65
CA SER Z 77 -152.77 -27.91 -60.81
C SER Z 77 -152.40 -27.14 -59.55
N SER Z 78 -152.18 -27.88 -58.48
CA SER Z 78 -151.79 -27.30 -57.20
C SER Z 78 -150.99 -28.31 -56.40
N ASP Z 79 -150.16 -27.81 -55.49
CA ASP Z 79 -149.29 -28.68 -54.72
C ASP Z 79 -150.08 -29.62 -53.82
N LEU Z 80 -149.56 -30.83 -53.66
CA LEU Z 80 -150.20 -31.84 -52.82
C LEU Z 80 -149.34 -32.26 -51.63
N VAL Z 81 -148.10 -32.66 -51.86
CA VAL Z 81 -147.20 -33.11 -50.81
C VAL Z 81 -145.76 -32.89 -51.28
N THR Z 82 -144.84 -32.85 -50.33
CA THR Z 82 -143.43 -32.57 -50.61
C THR Z 82 -142.56 -33.50 -49.76
N PHE Z 83 -141.81 -34.37 -50.41
CA PHE Z 83 -140.86 -35.25 -49.74
C PHE Z 83 -139.53 -34.53 -49.63
N THR Z 84 -139.26 -33.96 -48.46
CA THR Z 84 -138.05 -33.15 -48.28
C THR Z 84 -136.79 -33.99 -48.40
N GLU Z 85 -136.81 -35.23 -47.90
CA GLU Z 85 -135.65 -36.09 -47.94
C GLU Z 85 -136.01 -37.42 -48.56
N PRO Z 86 -135.06 -38.10 -49.19
CA PRO Z 86 -135.36 -39.36 -49.87
C PRO Z 86 -135.81 -40.43 -48.88
N LEU Z 87 -136.75 -41.25 -49.33
CA LEU Z 87 -137.14 -42.45 -48.60
C LEU Z 87 -136.02 -43.48 -48.73
N VAL Z 88 -135.43 -43.87 -47.60
CA VAL Z 88 -134.27 -44.75 -47.56
C VAL Z 88 -134.66 -46.01 -46.80
N SER Z 89 -134.34 -47.17 -47.38
CA SER Z 89 -134.63 -48.46 -46.76
C SER Z 89 -133.40 -49.34 -46.82
N ASN Z 90 -133.13 -50.04 -45.72
CA ASN Z 90 -132.00 -50.95 -45.61
C ASN Z 90 -132.48 -52.26 -45.01
N VAL Z 91 -132.08 -53.38 -45.61
CA VAL Z 91 -132.35 -54.71 -45.08
C VAL Z 91 -131.05 -55.48 -45.11
N LYS Z 92 -130.73 -56.16 -44.02
CA LYS Z 92 -129.49 -56.92 -43.91
C LYS Z 92 -129.77 -58.21 -43.16
N ALA Z 93 -129.67 -59.34 -43.84
CA ALA Z 93 -129.92 -60.65 -43.25
C ALA Z 93 -128.67 -61.51 -43.36
N SER Z 94 -128.49 -62.38 -42.37
CA SER Z 94 -127.36 -63.31 -42.38
C SER Z 94 -127.73 -64.52 -41.54
N SER Z 95 -127.52 -65.72 -42.09
CA SER Z 95 -127.91 -66.94 -41.41
C SER Z 95 -126.87 -68.02 -41.68
N SER Z 96 -126.82 -69.00 -40.78
CA SER Z 96 -125.92 -70.13 -40.90
C SER Z 96 -126.58 -71.36 -40.30
N ILE Z 97 -126.37 -72.50 -40.96
CA ILE Z 97 -126.95 -73.78 -40.56
C ILE Z 97 -125.83 -74.82 -40.49
N GLY Z 98 -125.82 -75.62 -39.42
CA GLY Z 98 -124.88 -76.70 -39.30
C GLY Z 98 -125.53 -78.00 -38.86
N LEU Z 99 -125.44 -79.03 -39.68
CA LEU Z 99 -126.05 -80.33 -39.40
C LEU Z 99 -124.96 -81.38 -39.32
N GLN Z 100 -125.03 -82.23 -38.30
CA GLN Z 100 -124.09 -83.33 -38.15
C GLN Z 100 -124.85 -84.59 -37.75
N ILE Z 101 -124.59 -85.67 -38.47
CA ILE Z 101 -125.13 -86.99 -38.15
C ILE Z 101 -123.94 -87.89 -37.86
N LEU Z 102 -123.67 -88.10 -36.57
CA LEU Z 102 -122.59 -88.97 -36.06
C LEU Z 102 -121.29 -88.53 -36.70
N LYS Z 103 -120.46 -89.44 -37.21
CA LYS Z 103 -119.30 -89.09 -38.03
C LYS Z 103 -119.52 -89.45 -39.49
N HIS Z 104 -120.79 -89.55 -39.91
CA HIS Z 104 -121.14 -89.95 -41.26
C HIS Z 104 -121.63 -88.80 -42.13
N PHE Z 105 -122.30 -87.81 -41.55
CA PHE Z 105 -122.79 -86.68 -42.33
C PHE Z 105 -122.39 -85.38 -41.64
N ASP Z 106 -121.95 -84.40 -42.43
CA ASP Z 106 -121.57 -83.10 -41.87
C ASP Z 106 -121.78 -82.03 -42.94
N SER Z 107 -122.81 -81.20 -42.77
CA SER Z 107 -123.12 -80.15 -43.72
C SER Z 107 -123.10 -78.80 -43.03
N GLY Z 108 -122.48 -77.81 -43.68
CA GLY Z 108 -122.48 -76.45 -43.19
C GLY Z 108 -122.83 -75.45 -44.27
N ALA Z 109 -123.93 -74.73 -44.09
CA ALA Z 109 -124.38 -73.75 -45.06
C ALA Z 109 -124.46 -72.38 -44.42
N LYS Z 110 -124.36 -71.34 -45.24
CA LYS Z 110 -124.48 -69.98 -44.74
C LYS Z 110 -124.90 -69.08 -45.88
N GLY Z 111 -125.64 -68.03 -45.54
CA GLY Z 111 -126.12 -67.09 -46.53
C GLY Z 111 -126.18 -65.70 -45.94
N SER Z 112 -126.09 -64.71 -46.83
CA SER Z 112 -126.18 -63.32 -46.41
C SER Z 112 -126.80 -62.50 -47.54
N LYS Z 113 -127.45 -61.41 -47.17
CA LYS Z 113 -128.12 -60.55 -48.14
C LYS Z 113 -128.13 -59.12 -47.61
N ASN Z 114 -127.85 -58.17 -48.50
CA ASN Z 114 -127.86 -56.75 -48.19
C ASN Z 114 -128.60 -56.02 -49.29
N PHE Z 115 -129.69 -55.34 -48.94
CA PHE Z 115 -130.58 -54.69 -49.88
C PHE Z 115 -130.78 -53.24 -49.47
N ILE Z 116 -130.54 -52.31 -50.39
CA ILE Z 116 -130.62 -50.88 -50.10
C ILE Z 116 -131.48 -50.22 -51.17
N THR Z 117 -132.39 -49.35 -50.74
CA THR Z 117 -133.29 -48.66 -51.65
C THR Z 117 -133.35 -47.17 -51.27
N SER Z 118 -133.42 -46.31 -52.29
CA SER Z 118 -133.55 -44.88 -52.08
C SER Z 118 -134.46 -44.30 -53.16
N ALA Z 119 -135.48 -43.55 -52.74
CA ALA Z 119 -136.41 -42.92 -53.66
C ALA Z 119 -136.52 -41.43 -53.34
N SER Z 120 -136.29 -40.59 -54.33
CA SER Z 120 -136.38 -39.14 -54.20
C SER Z 120 -137.45 -38.66 -55.17
N LEU Z 121 -138.64 -38.38 -54.66
CA LEU Z 121 -139.77 -37.94 -55.47
C LEU Z 121 -139.92 -36.43 -55.52
N GLY Z 122 -139.16 -35.69 -54.72
CA GLY Z 122 -139.25 -34.24 -54.76
C GLY Z 122 -140.62 -33.75 -54.36
N THR Z 123 -141.25 -32.96 -55.23
CA THR Z 123 -142.57 -32.39 -55.00
C THR Z 123 -143.59 -33.07 -55.90
N VAL Z 124 -144.74 -33.39 -55.33
CA VAL Z 124 -145.85 -34.02 -56.07
C VAL Z 124 -147.01 -33.03 -56.11
N VAL Z 125 -147.53 -32.78 -57.30
CA VAL Z 125 -148.66 -31.89 -57.49
C VAL Z 125 -149.86 -32.71 -57.94
N LYS Z 126 -151.04 -32.09 -57.86
CA LYS Z 126 -152.29 -32.70 -58.28
C LYS Z 126 -152.92 -31.84 -59.35
N ALA Z 127 -153.35 -32.49 -60.44
CA ALA Z 127 -153.99 -31.82 -61.56
C ALA Z 127 -155.40 -32.34 -61.71
N GLU Z 128 -156.33 -31.42 -61.96
CA GLU Z 128 -157.75 -31.73 -62.02
C GLU Z 128 -158.47 -30.65 -62.79
N THR Z 129 -159.68 -30.97 -63.25
CA THR Z 129 -160.50 -30.01 -63.97
C THR Z 129 -160.79 -28.79 -63.10
N ILE Z 130 -160.84 -27.63 -63.73
CA ILE Z 130 -161.13 -26.39 -62.98
C ILE Z 130 -162.52 -26.46 -62.37
N ASP Z 131 -163.51 -26.92 -63.13
CA ASP Z 131 -164.88 -27.08 -62.64
C ASP Z 131 -165.37 -28.44 -63.05
N ILE Z 132 -165.67 -29.30 -62.07
CA ILE Z 132 -166.15 -30.64 -62.36
C ILE Z 132 -167.68 -30.68 -62.50
N THR Z 133 -168.38 -29.76 -61.84
CA THR Z 133 -169.84 -29.74 -61.92
C THR Z 133 -170.32 -29.50 -63.35
N LYS Z 134 -169.68 -28.57 -64.06
CA LYS Z 134 -170.06 -28.31 -65.44
C LYS Z 134 -169.81 -29.54 -66.31
N VAL Z 135 -168.66 -30.20 -66.12
CA VAL Z 135 -168.35 -31.40 -66.88
C VAL Z 135 -169.39 -32.48 -66.62
N LEU Z 136 -169.77 -32.66 -65.37
CA LEU Z 136 -170.77 -33.67 -65.03
C LEU Z 136 -172.12 -33.34 -65.66
N ALA Z 137 -172.52 -32.07 -65.60
CA ALA Z 137 -173.80 -31.67 -66.19
C ALA Z 137 -173.81 -31.95 -67.69
N LYS Z 138 -172.75 -31.52 -68.38
CA LYS Z 138 -172.68 -31.73 -69.83
C LYS Z 138 -172.65 -33.22 -70.17
N VAL Z 139 -171.93 -34.03 -69.38
CA VAL Z 139 -171.93 -35.47 -69.61
C VAL Z 139 -173.33 -36.02 -69.51
N ARG Z 140 -174.04 -35.66 -68.44
CA ARG Z 140 -175.39 -36.17 -68.24
C ARG Z 140 -176.33 -35.75 -69.36
N THR Z 141 -176.13 -34.55 -69.91
CA THR Z 141 -176.99 -34.07 -70.99
C THR Z 141 -176.46 -34.41 -72.37
N ALA Z 142 -175.33 -35.10 -72.48
CA ALA Z 142 -174.70 -35.39 -73.76
C ALA Z 142 -174.76 -36.88 -74.07
N LYS Z 143 -174.85 -37.21 -75.36
CA LYS Z 143 -174.86 -38.59 -75.82
C LYS Z 143 -173.50 -39.02 -76.33
N ALA Z 144 -173.20 -40.31 -76.15
CA ALA Z 144 -171.93 -40.86 -76.58
C ALA Z 144 -171.88 -40.97 -78.11
N LYS Z 145 -170.67 -41.25 -78.62
CA LYS Z 145 -170.47 -41.37 -80.06
C LYS Z 145 -171.02 -42.70 -80.55
N VAL Z 146 -171.98 -42.63 -81.48
CA VAL Z 146 -172.57 -43.84 -82.03
C VAL Z 146 -171.53 -44.65 -82.80
N GLU Z 147 -170.64 -43.97 -83.52
CA GLU Z 147 -169.60 -44.66 -84.28
C GLU Z 147 -168.67 -45.47 -83.38
N ASN Z 148 -168.39 -44.98 -82.17
CA ASN Z 148 -167.43 -45.65 -81.30
C ASN Z 148 -167.87 -47.07 -80.98
N ASP Z 149 -166.92 -48.00 -81.05
CA ASP Z 149 -167.18 -49.41 -80.80
C ASP Z 149 -167.04 -49.78 -79.32
N LEU Z 150 -166.10 -49.13 -78.63
CA LEU Z 150 -165.89 -49.41 -77.21
C LEU Z 150 -167.16 -49.18 -76.40
N VAL Z 151 -167.85 -48.06 -76.66
CA VAL Z 151 -169.08 -47.76 -75.93
C VAL Z 151 -170.12 -48.86 -76.15
N SER Z 152 -170.28 -49.29 -77.39
CA SER Z 152 -171.23 -50.35 -77.70
C SER Z 152 -170.86 -51.64 -77.00
N ARG Z 153 -169.57 -51.98 -77.00
CA ARG Z 153 -169.11 -53.18 -76.30
C ARG Z 153 -169.47 -53.12 -74.83
N VAL Z 154 -169.16 -52.00 -74.18
CA VAL Z 154 -169.45 -51.84 -72.75
C VAL Z 154 -170.95 -51.89 -72.50
N MET Z 155 -171.74 -51.32 -73.41
CA MET Z 155 -173.19 -51.34 -73.26
C MET Z 155 -173.73 -52.77 -73.33
N LYS Z 156 -173.26 -53.55 -74.30
CA LYS Z 156 -173.81 -54.90 -74.45
C LYS Z 156 -173.30 -55.84 -73.36
N THR Z 157 -172.07 -55.66 -72.90
CA THR Z 157 -171.54 -56.49 -71.83
C THR Z 157 -172.00 -55.96 -70.47
N LYS Z 158 -172.06 -56.87 -69.50
CA LYS Z 158 -172.49 -56.54 -68.15
C LYS Z 158 -171.33 -56.35 -67.17
N ARG Z 159 -170.21 -57.04 -67.40
CA ARG Z 159 -169.08 -56.89 -66.49
C ARG Z 159 -168.37 -55.55 -66.69
N LEU Z 160 -168.22 -55.12 -67.94
CA LEU Z 160 -167.46 -53.92 -68.24
C LEU Z 160 -168.18 -52.67 -67.75
N CYS Z 161 -167.41 -51.73 -67.20
CA CYS Z 161 -167.93 -50.44 -66.79
C CYS Z 161 -166.97 -49.35 -67.26
N LEU Z 162 -167.50 -48.14 -67.43
CA LEU Z 162 -166.69 -47.01 -67.87
C LEU Z 162 -166.38 -46.09 -66.70
N GLY Z 163 -165.18 -45.53 -66.71
CA GLY Z 163 -164.77 -44.60 -65.67
C GLY Z 163 -164.04 -43.39 -66.21
N LEU Z 164 -164.39 -42.20 -65.72
CA LEU Z 164 -163.76 -40.96 -66.14
C LEU Z 164 -162.77 -40.54 -65.06
N VAL Z 165 -161.51 -40.35 -65.44
CA VAL Z 165 -160.48 -39.94 -64.51
C VAL Z 165 -160.63 -38.44 -64.23
N VAL Z 166 -160.60 -38.08 -62.95
CA VAL Z 166 -160.89 -36.71 -62.55
C VAL Z 166 -159.74 -36.01 -61.84
N GLU Z 167 -158.76 -36.74 -61.30
CA GLU Z 167 -157.62 -36.10 -60.65
C GLU Z 167 -156.41 -37.00 -60.77
N THR Z 168 -155.23 -36.39 -60.92
CA THR Z 168 -154.01 -37.14 -61.11
C THR Z 168 -152.87 -36.52 -60.33
N ALA Z 169 -152.04 -37.36 -59.72
CA ALA Z 169 -150.87 -36.91 -58.98
C ALA Z 169 -149.63 -37.11 -59.84
N CYS Z 170 -148.87 -36.03 -60.07
CA CYS Z 170 -147.72 -36.04 -60.95
C CYS Z 170 -146.53 -35.38 -60.28
N VAL Z 171 -145.34 -35.87 -60.58
CA VAL Z 171 -144.12 -35.30 -60.02
C VAL Z 171 -143.81 -33.98 -60.73
N ALA Z 172 -143.53 -32.95 -59.95
CA ALA Z 172 -143.21 -31.64 -60.53
C ALA Z 172 -141.85 -31.64 -61.20
N ALA Z 173 -140.87 -32.31 -60.59
CA ALA Z 173 -139.51 -32.36 -61.10
C ALA Z 173 -139.09 -33.81 -61.29
N ALA Z 174 -137.85 -34.00 -61.74
CA ALA Z 174 -137.33 -35.34 -61.98
C ALA Z 174 -137.23 -36.12 -60.68
N GLY Z 175 -137.57 -37.40 -60.73
CA GLY Z 175 -137.53 -38.29 -59.58
C GLY Z 175 -136.47 -39.36 -59.76
N LYS Z 176 -135.72 -39.62 -58.70
CA LYS Z 176 -134.58 -40.54 -58.76
C LYS Z 176 -134.84 -41.79 -57.93
N LEU Z 177 -134.63 -42.95 -58.53
CA LEU Z 177 -134.84 -44.23 -57.87
C LEU Z 177 -133.57 -45.06 -57.96
N THR Z 178 -133.02 -45.47 -56.81
CA THR Z 178 -131.78 -46.22 -56.76
C THR Z 178 -131.96 -47.47 -55.91
N GLU Z 179 -131.39 -48.59 -56.39
CA GLU Z 179 -131.48 -49.87 -55.70
C GLU Z 179 -130.16 -50.60 -55.80
N ALA Z 180 -129.73 -51.20 -54.70
CA ALA Z 180 -128.50 -51.98 -54.65
C ALA Z 180 -128.76 -53.30 -53.93
N ASP Z 181 -128.25 -54.39 -54.50
CA ASP Z 181 -128.43 -55.72 -53.96
C ASP Z 181 -127.09 -56.45 -53.93
N ASN Z 182 -126.80 -57.12 -52.82
CA ASN Z 182 -125.59 -57.93 -52.71
C ASN Z 182 -125.92 -59.14 -51.86
N TRP Z 183 -125.93 -60.32 -52.45
CA TRP Z 183 -126.22 -61.52 -51.66
C TRP Z 183 -125.24 -62.63 -51.99
N GLU Z 184 -125.06 -63.53 -51.03
CA GLU Z 184 -124.00 -64.53 -51.09
C GLU Z 184 -124.44 -65.82 -50.41
N ILE Z 185 -124.07 -66.95 -50.99
CA ILE Z 185 -124.36 -68.27 -50.47
C ILE Z 185 -123.08 -69.09 -50.45
N SER Z 186 -122.80 -69.75 -49.33
CA SER Z 186 -121.65 -70.63 -49.21
C SER Z 186 -122.07 -71.92 -48.52
N GLY Z 187 -121.94 -73.04 -49.22
CA GLY Z 187 -122.36 -74.32 -48.69
C GLY Z 187 -121.27 -75.36 -48.81
N HIS Z 188 -121.30 -76.31 -47.87
CA HIS Z 188 -120.31 -77.38 -47.81
C HIS Z 188 -120.98 -78.65 -47.30
N THR Z 189 -120.60 -79.79 -47.89
CA THR Z 189 -121.18 -81.08 -47.56
C THR Z 189 -120.08 -82.11 -47.46
N ASN Z 190 -120.12 -82.95 -46.44
CA ASN Z 190 -119.15 -84.01 -46.23
C ASN Z 190 -119.90 -85.28 -45.85
N ALA Z 191 -119.93 -86.25 -46.76
CA ALA Z 191 -120.54 -87.54 -46.53
C ALA Z 191 -119.42 -88.57 -46.39
N ASN Z 192 -119.17 -89.01 -45.16
CA ASN Z 192 -118.14 -90.00 -44.87
C ASN Z 192 -118.80 -91.35 -44.64
N ILE Z 193 -118.38 -92.34 -45.42
CA ILE Z 193 -118.88 -93.71 -45.30
C ILE Z 193 -117.65 -94.62 -45.21
N GLY Z 194 -117.89 -95.85 -44.74
CA GLY Z 194 -116.79 -96.78 -44.55
C GLY Z 194 -115.98 -97.02 -45.80
N GLU Z 195 -116.62 -97.00 -46.97
CA GLU Z 195 -115.93 -97.22 -48.24
C GLU Z 195 -116.07 -96.05 -49.21
N ALA Z 196 -116.62 -94.92 -48.76
CA ALA Z 196 -116.80 -93.78 -49.66
C ALA Z 196 -116.66 -92.49 -48.86
N VAL Z 197 -115.99 -91.51 -49.46
CA VAL Z 197 -115.83 -90.17 -48.88
C VAL Z 197 -116.17 -89.16 -49.97
N VAL Z 198 -117.15 -88.30 -49.70
CA VAL Z 198 -117.56 -87.27 -50.64
C VAL Z 198 -117.45 -85.91 -49.94
N THR Z 199 -116.77 -84.96 -50.58
CA THR Z 199 -116.59 -83.61 -50.04
C THR Z 199 -116.92 -82.61 -51.13
N ALA Z 200 -118.07 -81.93 -50.99
CA ALA Z 200 -118.53 -80.96 -51.96
C ALA Z 200 -118.56 -79.57 -51.33
N THR Z 201 -118.31 -78.56 -52.15
CA THR Z 201 -118.31 -77.17 -51.69
C THR Z 201 -118.79 -76.28 -52.83
N ALA Z 202 -119.59 -75.27 -52.50
CA ALA Z 202 -120.11 -74.36 -53.51
C ALA Z 202 -120.25 -72.95 -52.92
N GLU Z 203 -119.67 -71.97 -53.60
CA GLU Z 203 -119.77 -70.57 -53.19
C GLU Z 203 -120.24 -69.74 -54.37
N LEU Z 204 -121.16 -68.81 -54.11
CA LEU Z 204 -121.56 -67.88 -55.14
C LEU Z 204 -122.03 -66.58 -54.49
N ASP Z 205 -122.03 -65.51 -55.28
CA ASP Z 205 -122.46 -64.21 -54.80
C ASP Z 205 -122.83 -63.33 -55.98
N LYS Z 206 -123.95 -62.63 -55.87
CA LYS Z 206 -124.47 -61.77 -56.92
C LYS Z 206 -124.58 -60.34 -56.41
N ASN Z 207 -124.21 -59.40 -57.27
CA ASN Z 207 -124.28 -57.98 -56.98
C ASN Z 207 -124.99 -57.26 -58.11
N LEU Z 208 -125.99 -56.45 -57.78
CA LEU Z 208 -126.77 -55.70 -58.76
C LEU Z 208 -126.95 -54.27 -58.29
N SER Z 209 -127.10 -53.36 -59.24
CA SER Z 209 -127.37 -51.95 -58.93
C SER Z 209 -128.15 -51.34 -60.09
N ARG Z 210 -129.30 -50.75 -59.79
CA ARG Z 210 -130.16 -50.14 -60.79
C ARG Z 210 -130.50 -48.72 -60.35
N LYS Z 211 -130.27 -47.75 -61.24
CA LYS Z 211 -130.55 -46.35 -60.95
C LYS Z 211 -131.25 -45.72 -62.14
N ILE Z 212 -132.45 -45.18 -61.91
CA ILE Z 212 -133.25 -44.57 -62.97
C ILE Z 212 -133.76 -43.22 -62.50
N GLU Z 213 -134.26 -42.44 -63.46
CA GLU Z 213 -134.75 -41.09 -63.20
C GLU Z 213 -135.97 -40.83 -64.07
N ILE Z 214 -137.15 -40.80 -63.45
CA ILE Z 214 -138.38 -40.47 -64.17
C ILE Z 214 -138.44 -38.97 -64.42
N PRO Z 215 -138.91 -38.54 -65.58
CA PRO Z 215 -138.90 -37.12 -65.92
C PRO Z 215 -140.09 -36.40 -65.31
N PRO Z 216 -140.07 -35.07 -65.28
CA PRO Z 216 -141.21 -34.32 -64.75
C PRO Z 216 -142.48 -34.60 -65.55
N GLY Z 217 -143.61 -34.63 -64.84
CA GLY Z 217 -144.90 -34.87 -65.44
C GLY Z 217 -145.39 -36.29 -65.38
N THR Z 218 -144.55 -37.22 -64.93
CA THR Z 218 -144.96 -38.62 -64.86
C THR Z 218 -146.06 -38.79 -63.82
N ALA Z 219 -147.15 -39.45 -64.22
CA ALA Z 219 -148.26 -39.67 -63.31
C ALA Z 219 -147.94 -40.76 -62.31
N LEU Z 220 -148.45 -40.61 -61.10
CA LEU Z 220 -148.25 -41.59 -60.03
C LEU Z 220 -149.52 -42.30 -59.60
N ALA Z 221 -150.62 -41.58 -59.46
CA ALA Z 221 -151.86 -42.17 -58.99
C ALA Z 221 -153.03 -41.34 -59.50
N TYR Z 222 -154.22 -41.91 -59.41
CA TYR Z 222 -155.40 -41.26 -59.99
C TYR Z 222 -156.65 -41.74 -59.27
N SER Z 223 -157.73 -40.99 -59.47
CA SER Z 223 -159.06 -41.35 -58.99
C SER Z 223 -160.05 -41.11 -60.09
N PHE Z 224 -161.12 -41.92 -60.13
CA PHE Z 224 -162.06 -41.86 -61.24
C PHE Z 224 -163.48 -42.01 -60.73
N MET Z 225 -164.42 -41.58 -61.57
CA MET Z 225 -165.85 -41.65 -61.31
C MET Z 225 -166.52 -42.57 -62.31
N ASP Z 226 -167.46 -43.39 -61.85
CA ASP Z 226 -168.09 -44.37 -62.71
C ASP Z 226 -169.12 -43.73 -63.63
N LEU Z 227 -169.44 -44.44 -64.71
CA LEU Z 227 -170.44 -43.99 -65.68
C LEU Z 227 -171.34 -45.17 -66.05
N GLU Z 228 -172.41 -44.85 -66.77
CA GLU Z 228 -173.38 -45.86 -67.18
C GLU Z 228 -173.99 -45.45 -68.52
N ILE Z 229 -173.95 -46.36 -69.49
CA ILE Z 229 -174.54 -46.12 -70.80
C ILE Z 229 -176.03 -46.42 -70.73
N LEU Z 230 -176.86 -45.44 -71.11
CA LEU Z 230 -178.28 -45.67 -71.21
C LEU Z 230 -178.58 -46.57 -72.41
N GLU Z 231 -179.87 -46.89 -72.60
CA GLU Z 231 -180.29 -47.59 -73.81
C GLU Z 231 -179.84 -46.85 -75.06
N ASP Z 232 -180.06 -45.53 -75.08
CA ASP Z 232 -179.53 -44.68 -76.12
C ASP Z 232 -178.05 -44.41 -75.88
N ARG Z 233 -177.46 -43.55 -76.72
CA ARG Z 233 -176.07 -43.15 -76.53
C ARG Z 233 -175.87 -42.25 -75.31
N SER Z 234 -176.95 -41.84 -74.65
CA SER Z 234 -176.86 -40.99 -73.47
C SER Z 234 -176.04 -41.66 -72.37
N LEU Z 235 -175.33 -40.83 -71.60
CA LEU Z 235 -174.52 -41.29 -70.49
C LEU Z 235 -175.03 -40.71 -69.18
N ARG Z 236 -174.88 -41.49 -68.11
CA ARG Z 236 -175.29 -41.08 -66.78
C ARG Z 236 -174.17 -41.38 -65.80
N VAL Z 237 -174.18 -40.69 -64.67
CA VAL Z 237 -173.19 -40.91 -63.62
C VAL Z 237 -173.82 -41.78 -62.55
N SER Z 238 -173.02 -42.69 -61.99
CA SER Z 238 -173.50 -43.65 -61.00
C SER Z 238 -172.67 -43.55 -59.73
N SER Z 239 -173.33 -43.65 -58.59
CA SER Z 239 -172.68 -43.51 -57.28
C SER Z 239 -173.04 -44.72 -56.42
N SER Z 240 -172.02 -45.50 -56.06
CA SER Z 240 -172.20 -46.60 -55.12
C SER Z 240 -172.26 -46.03 -53.71
N ALA Z 241 -173.47 -46.04 -53.12
CA ALA Z 241 -173.71 -45.45 -51.81
C ALA Z 241 -173.32 -43.97 -51.77
N GLY Z 242 -173.46 -43.28 -52.91
CA GLY Z 242 -173.15 -41.87 -52.98
C GLY Z 242 -171.68 -41.54 -52.94
N ALA Z 243 -170.79 -42.50 -53.21
CA ALA Z 243 -169.36 -42.24 -53.13
C ALA Z 243 -168.92 -41.25 -54.21
N MET Z 244 -169.28 -41.53 -55.47
CA MET Z 244 -168.85 -40.74 -56.63
C MET Z 244 -167.33 -40.62 -56.74
N PHE Z 245 -166.60 -41.50 -56.06
CA PHE Z 245 -165.13 -41.51 -56.14
C PHE Z 245 -164.70 -42.96 -55.96
N ASP Z 246 -164.40 -43.63 -57.06
CA ASP Z 246 -164.06 -45.04 -57.03
C ASP Z 246 -162.55 -45.21 -57.04
N SER Z 247 -162.04 -46.02 -56.12
CA SER Z 247 -160.61 -46.30 -56.01
C SER Z 247 -160.27 -47.71 -56.44
N GLY Z 248 -161.14 -48.36 -57.20
CA GLY Z 248 -160.90 -49.73 -57.60
C GLY Z 248 -160.85 -50.69 -56.44
N LYS Z 249 -161.70 -50.49 -55.44
CA LYS Z 249 -161.73 -51.32 -54.24
C LYS Z 249 -162.88 -52.30 -54.30
N ALA Z 250 -162.70 -53.45 -53.64
CA ALA Z 250 -163.76 -54.44 -53.57
C ALA Z 250 -164.93 -53.92 -52.74
N GLU Z 251 -166.13 -54.41 -53.07
CA GLU Z 251 -167.32 -53.97 -52.36
C GLU Z 251 -167.25 -54.35 -50.89
N SER Z 252 -166.78 -55.56 -50.59
CA SER Z 252 -166.65 -56.06 -49.22
C SER Z 252 -167.98 -56.00 -48.46
CA ARG AA 3 -150.09 -46.09 -39.34
C ARG AA 3 -149.47 -44.91 -40.08
N PRO AA 4 -150.23 -44.35 -41.03
CA PRO AA 4 -149.71 -43.19 -41.78
C PRO AA 4 -149.39 -42.02 -40.86
N MET AA 5 -148.32 -41.31 -41.21
CA MET AA 5 -147.91 -40.16 -40.40
C MET AA 5 -148.98 -39.09 -40.40
N PHE AA 6 -149.63 -38.86 -41.55
CA PHE AA 6 -150.70 -37.86 -41.60
C PHE AA 6 -151.83 -38.23 -40.67
N ALA AA 7 -152.24 -39.50 -40.66
CA ALA AA 7 -153.31 -39.93 -39.77
C ALA AA 7 -152.89 -39.79 -38.30
N VAL AA 8 -151.65 -40.15 -37.98
CA VAL AA 8 -151.17 -40.01 -36.61
C VAL AA 8 -151.19 -38.55 -36.17
N ALA AA 9 -150.70 -37.66 -37.04
CA ALA AA 9 -150.69 -36.24 -36.70
C ALA AA 9 -152.10 -35.68 -36.56
N VAL AA 10 -153.02 -36.13 -37.42
CA VAL AA 10 -154.41 -35.68 -37.32
C VAL AA 10 -155.01 -36.14 -35.99
N ASN AA 11 -154.75 -37.37 -35.59
CA ASN AA 11 -155.26 -37.85 -34.31
C ASN AA 11 -154.66 -37.07 -33.15
N GLU AA 12 -153.35 -36.78 -33.20
CA GLU AA 12 -152.73 -35.99 -32.15
C GLU AA 12 -153.35 -34.60 -32.05
N PHE AA 13 -153.55 -33.96 -33.19
CA PHE AA 13 -154.15 -32.62 -33.18
C PHE AA 13 -155.57 -32.66 -32.65
N ILE AA 14 -156.36 -33.62 -33.10
CA ILE AA 14 -157.76 -33.67 -32.68
C ILE AA 14 -157.88 -34.01 -31.20
N ARG AA 15 -156.93 -34.79 -30.67
CA ARG AA 15 -156.93 -35.04 -29.23
C ARG AA 15 -156.54 -33.79 -28.45
N SER AA 16 -155.47 -33.12 -28.87
CA SER AA 16 -155.00 -31.94 -28.14
C SER AA 16 -156.04 -30.84 -28.16
N ALA AA 17 -156.67 -30.59 -29.30
CA ALA AA 17 -157.67 -29.55 -29.45
C ALA AA 17 -158.89 -30.12 -30.16
N GLY AA 18 -160.07 -29.80 -29.66
CA GLY AA 18 -161.30 -30.24 -30.30
C GLY AA 18 -161.52 -31.73 -30.30
N GLN AA 19 -161.33 -32.38 -29.14
CA GLN AA 19 -161.57 -33.82 -29.06
C GLN AA 19 -163.03 -34.15 -29.33
N ASP AA 20 -163.93 -33.23 -29.07
CA ASP AA 20 -165.34 -33.38 -29.36
C ASP AA 20 -165.73 -32.46 -30.52
N SER AA 21 -166.76 -32.89 -31.26
CA SER AA 21 -167.30 -32.13 -32.40
C SER AA 21 -166.23 -31.85 -33.44
N LEU AA 22 -165.50 -32.90 -33.83
CA LEU AA 22 -164.45 -32.77 -34.84
C LEU AA 22 -164.20 -34.14 -35.46
N CYS AA 23 -164.06 -34.18 -36.78
CA CYS AA 23 -163.85 -35.41 -37.53
C CYS AA 23 -162.51 -35.34 -38.24
N GLY AA 24 -161.70 -36.39 -38.08
CA GLY AA 24 -160.42 -36.44 -38.74
C GLY AA 24 -160.55 -36.56 -40.25
N VAL AA 25 -159.50 -36.11 -40.94
CA VAL AA 25 -159.44 -36.16 -42.39
C VAL AA 25 -158.81 -37.50 -42.80
N PRO AA 26 -159.44 -38.24 -43.73
CA PRO AA 26 -158.92 -39.56 -44.07
C PRO AA 26 -157.52 -39.55 -44.68
N ASP AA 27 -157.25 -38.63 -45.62
CA ASP AA 27 -155.95 -38.62 -46.28
C ASP AA 27 -155.70 -37.25 -46.87
N ILE AA 28 -154.43 -37.02 -47.23
CA ILE AA 28 -154.02 -35.72 -47.76
C ILE AA 28 -154.73 -35.43 -49.07
N ASN AA 29 -154.87 -36.45 -49.93
CA ASN AA 29 -155.50 -36.24 -51.23
C ASN AA 29 -156.94 -35.75 -51.08
N SER AA 30 -157.69 -36.36 -50.17
CA SER AA 30 -159.09 -36.01 -49.97
C SER AA 30 -159.28 -34.91 -48.94
N SER AA 31 -158.19 -34.38 -48.38
CA SER AA 31 -158.32 -33.28 -47.42
C SER AA 31 -158.99 -32.07 -48.05
N GLY AA 32 -158.71 -31.79 -49.32
CA GLY AA 32 -159.25 -30.60 -49.96
C GLY AA 32 -160.73 -30.65 -50.25
N ASP AA 33 -161.37 -31.81 -50.09
CA ASP AA 33 -162.80 -31.95 -50.35
C ASP AA 33 -163.65 -31.71 -49.12
N PHE AA 34 -163.04 -31.34 -47.99
CA PHE AA 34 -163.77 -31.11 -46.74
C PHE AA 34 -163.69 -29.65 -46.31
N MET AA 35 -163.63 -28.74 -47.27
CA MET AA 35 -163.70 -27.32 -46.98
C MET AA 35 -165.13 -26.91 -46.65
N PRO AA 36 -165.33 -25.75 -46.02
CA PRO AA 36 -166.68 -25.34 -45.64
C PRO AA 36 -167.60 -25.23 -46.84
N LEU AA 37 -168.88 -25.49 -46.60
CA LEU AA 37 -169.94 -25.46 -47.62
C LEU AA 37 -169.72 -26.56 -48.66
N HIS AA 38 -169.43 -27.77 -48.18
CA HIS AA 38 -169.32 -28.95 -49.02
C HIS AA 38 -170.31 -30.00 -48.55
N ILE AA 39 -170.85 -30.75 -49.50
CA ILE AA 39 -171.82 -31.81 -49.22
C ILE AA 39 -171.07 -33.12 -49.03
N ILE AA 40 -171.44 -33.87 -47.99
CA ILE AA 40 -170.89 -35.19 -47.73
C ILE AA 40 -172.06 -36.14 -47.48
N VAL AA 41 -171.78 -37.43 -47.63
CA VAL AA 41 -172.78 -38.48 -47.46
C VAL AA 41 -172.40 -39.32 -46.25
N LYS AA 42 -173.38 -39.59 -45.40
CA LYS AA 42 -173.19 -40.40 -44.20
C LYS AA 42 -173.97 -41.70 -44.34
N GLU AA 43 -173.29 -42.82 -44.07
CA GLU AA 43 -173.87 -44.15 -44.16
C GLU AA 43 -173.86 -44.78 -42.78
N VAL AA 44 -175.01 -45.32 -42.37
CA VAL AA 44 -175.16 -45.93 -41.05
C VAL AA 44 -174.41 -47.26 -41.01
N PRO AA 45 -173.96 -47.72 -39.83
CA PRO AA 45 -173.24 -49.00 -39.78
C PRO AA 45 -174.05 -50.19 -40.25
N LYS AA 46 -175.37 -50.18 -40.02
CA LYS AA 46 -176.33 -51.22 -40.38
C LYS AA 46 -176.14 -52.50 -39.56
N VAL AA 47 -175.15 -52.56 -38.68
CA VAL AA 47 -174.94 -53.75 -37.85
C VAL AA 47 -175.11 -53.35 -36.39
N LEU AA 48 -174.30 -52.41 -35.93
CA LEU AA 48 -174.38 -51.88 -34.57
C LEU AA 48 -174.38 -50.36 -34.67
N PRO AA 49 -175.51 -49.76 -35.08
CA PRO AA 49 -175.53 -48.31 -35.27
C PRO AA 49 -175.19 -47.52 -34.02
N CYS AA 50 -175.61 -47.99 -32.85
CA CYS AA 50 -175.33 -47.29 -31.60
C CYS AA 50 -173.94 -47.61 -31.05
N CYS AA 51 -173.24 -48.59 -31.62
CA CYS AA 51 -171.92 -48.98 -31.12
C CYS AA 51 -170.79 -48.67 -32.10
N ARG AA 52 -171.10 -48.38 -33.36
CA ARG AA 52 -170.08 -48.14 -34.37
C ARG AA 52 -170.31 -46.78 -35.00
N ARG AA 53 -169.22 -46.05 -35.25
CA ARG AA 53 -169.33 -44.75 -35.89
C ARG AA 53 -169.67 -44.92 -37.38
N PRO AA 54 -170.45 -44.00 -37.94
CA PRO AA 54 -170.86 -44.14 -39.35
C PRO AA 54 -169.73 -43.93 -40.33
N LYS AA 55 -170.03 -44.08 -41.62
CA LYS AA 55 -169.04 -43.95 -42.69
C LYS AA 55 -169.31 -42.67 -43.46
N ILE AA 56 -168.26 -41.88 -43.68
CA ILE AA 56 -168.37 -40.57 -44.32
C ILE AA 56 -167.74 -40.64 -45.71
N LYS AA 57 -168.50 -40.20 -46.72
CA LYS AA 57 -168.08 -40.23 -48.11
C LYS AA 57 -168.08 -38.81 -48.65
N ARG AA 58 -166.97 -38.44 -49.30
CA ARG AA 58 -166.86 -37.12 -49.91
C ARG AA 58 -167.57 -37.10 -51.27
N THR AA 59 -168.06 -35.92 -51.63
CA THR AA 59 -168.71 -35.72 -52.91
C THR AA 59 -168.18 -34.46 -53.57
N PRO AA 60 -168.18 -34.41 -54.90
CA PRO AA 60 -167.69 -33.22 -55.61
C PRO AA 60 -168.81 -32.19 -55.84
N TYR AA 61 -169.42 -31.74 -54.75
CA TYR AA 61 -170.53 -30.80 -54.82
C TYR AA 61 -170.40 -29.75 -53.74
N THR AA 62 -170.88 -28.55 -54.05
CA THR AA 62 -171.04 -27.48 -53.09
C THR AA 62 -172.52 -27.21 -52.88
N LEU AA 63 -172.82 -26.36 -51.88
CA LEU AA 63 -174.21 -26.07 -51.57
C LEU AA 63 -174.91 -25.40 -52.74
N ASN AA 64 -174.25 -24.43 -53.38
CA ASN AA 64 -174.87 -23.71 -54.49
C ASN AA 64 -175.11 -24.63 -55.68
N ASP AA 65 -174.22 -25.59 -55.92
CA ASP AA 65 -174.43 -26.54 -57.00
C ASP AA 65 -175.57 -27.49 -56.67
N ILE AA 66 -175.64 -27.97 -55.43
CA ILE AA 66 -176.67 -28.94 -55.07
C ILE AA 66 -178.04 -28.29 -54.98
N LEU AA 67 -178.09 -26.98 -54.74
CA LEU AA 67 -179.35 -26.27 -54.58
C LEU AA 67 -179.73 -25.54 -55.85
N ASP AA 68 -181.03 -25.58 -56.18
CA ASP AA 68 -181.53 -24.77 -57.28
C ASP AA 68 -181.36 -23.28 -56.99
N GLU AA 69 -181.65 -22.86 -55.77
CA GLU AA 69 -181.51 -21.47 -55.39
C GLU AA 69 -180.17 -21.25 -54.69
N PRO AA 70 -179.33 -20.33 -55.18
CA PRO AA 70 -178.02 -20.12 -54.55
C PRO AA 70 -178.14 -19.45 -53.18
N CYS AA 71 -177.09 -19.61 -52.40
CA CYS AA 71 -176.97 -19.05 -51.06
C CYS AA 71 -175.66 -18.29 -50.96
N PRO AA 72 -175.56 -17.31 -50.07
CA PRO AA 72 -174.27 -16.64 -49.84
C PRO AA 72 -173.22 -17.63 -49.38
N ASN AA 73 -171.99 -17.42 -49.82
CA ASN AA 73 -170.91 -18.39 -49.61
C ASN AA 73 -169.62 -17.75 -49.11
N GLN AA 74 -169.65 -16.50 -48.67
CA GLN AA 74 -168.42 -15.86 -48.19
C GLN AA 74 -167.91 -16.54 -46.94
N LEU AA 75 -166.59 -16.55 -46.78
CA LEU AA 75 -165.93 -17.25 -45.67
C LEU AA 75 -165.05 -16.29 -44.89
N LYS AA 76 -164.59 -16.75 -43.74
CA LYS AA 76 -163.65 -16.02 -42.91
C LYS AA 76 -162.83 -17.01 -42.10
N SER AA 77 -161.62 -16.61 -41.73
CA SER AA 77 -160.70 -17.48 -41.01
C SER AA 77 -160.12 -16.74 -39.82
N SER AA 78 -159.82 -17.51 -38.78
CA SER AA 78 -159.24 -16.96 -37.55
C SER AA 78 -158.40 -18.04 -36.87
N ASP AA 79 -157.44 -17.60 -36.06
CA ASP AA 79 -156.53 -18.54 -35.43
C ASP AA 79 -157.26 -19.43 -34.43
N LEU AA 80 -156.80 -20.68 -34.34
CA LEU AA 80 -157.40 -21.65 -33.43
C LEU AA 80 -156.42 -22.14 -32.36
N VAL AA 81 -155.25 -22.62 -32.76
CA VAL AA 81 -154.25 -23.13 -31.82
C VAL AA 81 -152.88 -23.00 -32.47
N THR AA 82 -151.84 -23.03 -31.64
CA THR AA 82 -150.47 -22.84 -32.10
C THR AA 82 -149.56 -23.82 -31.38
N PHE AA 83 -148.95 -24.74 -32.12
CA PHE AA 83 -147.99 -25.68 -31.57
C PHE AA 83 -146.61 -25.04 -31.63
N THR AA 84 -146.15 -24.51 -30.50
CA THR AA 84 -144.88 -23.78 -30.48
C THR AA 84 -143.70 -24.70 -30.77
N GLU AA 85 -143.75 -25.93 -30.26
CA GLU AA 85 -142.65 -26.87 -30.46
C GLU AA 85 -143.18 -28.17 -31.03
N PRO AA 86 -142.36 -28.90 -31.78
CA PRO AA 86 -142.82 -30.13 -32.41
C PRO AA 86 -143.21 -31.18 -31.38
N LEU AA 87 -144.26 -31.94 -31.71
CA LEU AA 87 -144.62 -33.12 -30.94
C LEU AA 87 -143.60 -34.21 -31.21
N VAL AA 88 -142.90 -34.65 -30.16
CA VAL AA 88 -141.80 -35.61 -30.28
C VAL AA 88 -142.18 -36.85 -29.48
N SER AA 89 -142.00 -38.02 -30.10
CA SER AA 89 -142.29 -39.29 -29.45
C SER AA 89 -141.15 -40.25 -29.67
N ASN AA 90 -140.77 -40.97 -28.61
CA ASN AA 90 -139.71 -41.96 -28.66
C ASN AA 90 -140.19 -43.25 -28.00
N VAL AA 91 -139.93 -44.37 -28.65
CA VAL AA 91 -140.22 -45.70 -28.10
C VAL AA 91 -138.98 -46.55 -28.30
N LYS AA 92 -138.58 -47.26 -27.25
CA LYS AA 92 -137.38 -48.10 -27.31
C LYS AA 92 -137.66 -49.37 -26.53
N ALA AA 93 -137.70 -50.50 -27.23
CA ALA AA 93 -137.97 -51.79 -26.62
C ALA AA 93 -136.81 -52.74 -26.88
N SER AA 94 -136.55 -53.63 -25.93
CA SER AA 94 -135.49 -54.62 -26.09
C SER AA 94 -135.84 -55.82 -25.21
N SER AA 95 -135.77 -57.02 -25.78
CA SER AA 95 -136.15 -58.23 -25.06
C SER AA 95 -135.23 -59.37 -25.46
N SER AA 96 -135.12 -60.35 -24.58
CA SER AA 96 -134.31 -61.54 -24.82
C SER AA 96 -134.98 -62.73 -24.15
N ILE AA 97 -134.92 -63.88 -24.83
CA ILE AA 97 -135.53 -65.12 -24.36
C ILE AA 97 -134.49 -66.23 -24.44
N GLY AA 98 -134.40 -67.04 -23.39
CA GLY AA 98 -133.51 -68.18 -23.39
C GLY AA 98 -134.19 -69.43 -22.87
N LEU AA 99 -134.26 -70.46 -23.70
CA LEU AA 99 -134.91 -71.72 -23.36
C LEU AA 99 -133.90 -72.84 -23.41
N GLN AA 100 -133.89 -73.69 -22.39
CA GLN AA 100 -133.01 -74.85 -22.36
C GLN AA 100 -133.79 -76.07 -21.89
N ILE AA 101 -133.70 -77.16 -22.64
CA ILE AA 101 -134.28 -78.45 -22.25
C ILE AA 101 -133.12 -79.42 -22.12
N LEU AA 102 -132.70 -79.66 -20.88
CA LEU AA 102 -131.64 -80.61 -20.52
C LEU AA 102 -130.38 -80.24 -21.30
N LYS AA 103 -129.69 -81.19 -21.91
CA LYS AA 103 -128.63 -80.91 -22.87
C LYS AA 103 -129.06 -81.24 -24.29
N HIS AA 104 -130.37 -81.26 -24.55
CA HIS AA 104 -130.92 -81.61 -25.86
C HIS AA 104 -131.43 -80.42 -26.64
N PHE AA 105 -131.97 -79.40 -25.99
CA PHE AA 105 -132.48 -78.23 -26.69
C PHE AA 105 -131.91 -76.97 -26.06
N ASP AA 106 -131.51 -76.01 -26.89
CA ASP AA 106 -130.98 -74.74 -26.38
C ASP AA 106 -131.26 -73.65 -27.40
N SER AA 107 -132.20 -72.76 -27.11
CA SER AA 107 -132.55 -71.68 -28.01
C SER AA 107 -132.35 -70.34 -27.32
N GLY AA 108 -131.77 -69.39 -28.04
CA GLY AA 108 -131.61 -68.04 -27.55
C GLY AA 108 -132.04 -67.01 -28.58
N ALA AA 109 -133.04 -66.22 -28.25
CA ALA AA 109 -133.56 -65.21 -29.16
C ALA AA 109 -133.47 -63.84 -28.50
N LYS AA 110 -133.41 -62.80 -29.33
CA LYS AA 110 -133.38 -61.44 -28.81
C LYS AA 110 -133.87 -60.50 -29.89
N GLY AA 111 -134.49 -59.41 -29.45
CA GLY AA 111 -135.03 -58.43 -30.36
C GLY AA 111 -134.93 -57.04 -29.78
N SER AA 112 -134.90 -56.05 -30.66
CA SER AA 112 -134.84 -54.66 -30.23
C SER AA 112 -135.54 -53.79 -31.28
N LYS AA 113 -136.07 -52.67 -30.82
CA LYS AA 113 -136.81 -51.76 -31.69
C LYS AA 113 -136.66 -50.34 -31.16
N ASN AA 114 -136.44 -49.40 -32.08
CA ASN AA 114 -136.31 -47.98 -31.76
C ASN AA 114 -137.14 -47.19 -32.76
N PHE AA 115 -138.11 -46.44 -32.26
CA PHE AA 115 -139.08 -45.73 -33.08
C PHE AA 115 -139.13 -44.28 -32.65
N ILE AA 116 -138.95 -43.35 -33.59
CA ILE AA 116 -138.90 -41.93 -33.29
C ILE AA 116 -139.85 -41.20 -34.24
N THR AA 117 -140.64 -40.28 -33.69
CA THR AA 117 -141.60 -39.51 -34.47
C THR AA 117 -141.52 -38.04 -34.10
N SER AA 118 -141.65 -37.16 -35.08
CA SER AA 118 -141.67 -35.73 -34.86
C SER AA 118 -142.67 -35.08 -35.81
N ALA AA 119 -143.57 -34.27 -35.26
CA ALA AA 119 -144.57 -33.57 -36.05
C ALA AA 119 -144.55 -32.09 -35.71
N SER AA 120 -144.39 -31.25 -36.73
CA SER AA 120 -144.36 -29.80 -36.58
C SER AA 120 -145.52 -29.24 -37.40
N LEU AA 121 -146.61 -28.89 -36.74
CA LEU AA 121 -147.80 -28.36 -37.40
C LEU AA 121 -147.86 -26.85 -37.43
N GLY AA 122 -146.96 -26.17 -36.73
CA GLY AA 122 -146.96 -24.71 -36.75
C GLY AA 122 -148.25 -24.14 -36.18
N THR AA 123 -148.92 -23.32 -36.97
CA THR AA 123 -150.16 -22.66 -36.56
C THR AA 123 -151.33 -23.26 -37.32
N VAL AA 124 -152.42 -23.52 -36.62
CA VAL AA 124 -153.64 -24.06 -37.21
C VAL AA 124 -154.73 -23.00 -37.10
N VAL AA 125 -155.38 -22.71 -38.22
CA VAL AA 125 -156.47 -21.74 -38.26
C VAL AA 125 -157.77 -22.48 -38.55
N LYS AA 126 -158.88 -21.79 -38.32
CA LYS AA 126 -160.21 -22.31 -38.58
C LYS AA 126 -160.92 -21.40 -39.57
N ALA AA 127 -161.53 -22.01 -40.58
CA ALA AA 127 -162.25 -21.30 -41.63
C ALA AA 127 -163.71 -21.72 -41.59
N GLU AA 128 -164.60 -20.73 -41.72
CA GLU AA 128 -166.03 -20.96 -41.60
C GLU AA 128 -166.77 -19.82 -42.26
N THR AA 129 -168.05 -20.06 -42.56
CA THR AA 129 -168.88 -19.04 -43.18
C THR AA 129 -168.99 -17.82 -42.27
N ILE AA 130 -169.04 -16.64 -42.88
CA ILE AA 130 -169.16 -15.40 -42.10
C ILE AA 130 -170.46 -15.39 -41.31
N ASP AA 131 -171.56 -15.78 -41.94
CA ASP AA 131 -172.86 -15.85 -41.28
C ASP AA 131 -173.50 -17.18 -41.65
N ILE AA 132 -173.72 -18.03 -40.63
CA ILE AA 132 -174.32 -19.33 -40.87
C ILE AA 132 -175.84 -19.27 -40.80
N THR AA 133 -176.40 -18.31 -40.06
CA THR AA 133 -177.85 -18.21 -39.95
C THR AA 133 -178.50 -17.92 -41.30
N LYS AA 134 -177.89 -17.02 -42.09
CA LYS AA 134 -178.43 -16.72 -43.42
C LYS AA 134 -178.36 -17.95 -44.32
N VAL AA 135 -177.25 -18.69 -44.26
CA VAL AA 135 -177.12 -19.90 -45.07
C VAL AA 135 -178.18 -20.91 -44.69
N LEU AA 136 -178.40 -21.09 -43.39
CA LEU AA 136 -179.42 -22.03 -42.94
C LEU AA 136 -180.81 -21.60 -43.38
N ALA AA 137 -181.12 -20.32 -43.27
CA ALA AA 137 -182.44 -19.83 -43.69
C ALA AA 137 -182.66 -20.09 -45.18
N LYS AA 138 -181.67 -19.72 -46.00
CA LYS AA 138 -181.79 -19.92 -47.43
C LYS AA 138 -181.91 -21.41 -47.79
N VAL AA 139 -181.15 -22.27 -47.10
CA VAL AA 139 -181.26 -23.70 -47.33
C VAL AA 139 -182.68 -24.16 -47.06
N ARG AA 140 -183.23 -23.77 -45.91
CA ARG AA 140 -184.57 -24.20 -45.54
C ARG AA 140 -185.61 -23.71 -46.53
N THR AA 141 -185.41 -22.51 -47.09
CA THR AA 141 -186.36 -21.97 -48.05
C THR AA 141 -186.03 -22.33 -49.50
N ALA AA 142 -184.97 -23.09 -49.75
CA ALA AA 142 -184.53 -23.40 -51.10
C ALA AA 142 -184.73 -24.88 -51.40
N LYS AA 143 -185.00 -25.18 -52.67
CA LYS AA 143 -185.17 -26.55 -53.13
C LYS AA 143 -183.90 -27.07 -53.81
N ALA AA 144 -183.66 -28.37 -53.67
CA ALA AA 144 -182.49 -29.00 -54.27
C ALA AA 144 -182.64 -29.09 -55.79
N LYS AA 145 -181.54 -29.44 -56.44
CA LYS AA 145 -181.52 -29.56 -57.90
C LYS AA 145 -182.22 -30.85 -58.33
N VAL AA 146 -183.27 -30.70 -59.12
CA VAL AA 146 -184.01 -31.87 -59.60
C VAL AA 146 -183.13 -32.74 -60.49
N GLU AA 147 -182.29 -32.10 -61.32
CA GLU AA 147 -181.41 -32.85 -62.20
C GLU AA 147 -180.43 -33.72 -61.43
N ASN AA 148 -179.96 -33.27 -60.28
CA ASN AA 148 -178.95 -34.01 -59.53
C ASN AA 148 -179.43 -35.40 -59.16
N ASP AA 149 -178.56 -36.39 -59.37
CA ASP AA 149 -178.88 -37.79 -59.08
C ASP AA 149 -178.58 -38.18 -57.63
N LEU AA 150 -177.52 -37.60 -57.06
CA LEU AA 150 -177.15 -37.90 -55.68
C LEU AA 150 -178.29 -37.61 -54.72
N VAL AA 151 -178.93 -36.44 -54.88
CA VAL AA 151 -180.05 -36.07 -54.00
C VAL AA 151 -181.16 -37.10 -54.09
N SER AA 152 -181.51 -37.51 -55.32
CA SER AA 152 -182.57 -38.50 -55.49
C SER AA 152 -182.18 -39.82 -54.85
N ARG AA 153 -180.94 -40.24 -55.02
CA ARG AA 153 -180.46 -41.48 -54.39
C ARG AA 153 -180.63 -41.41 -52.88
N VAL AA 154 -180.17 -40.31 -52.27
CA VAL AA 154 -180.26 -40.16 -50.82
C VAL AA 154 -181.72 -40.11 -50.38
N MET AA 155 -182.59 -39.49 -51.18
CA MET AA 155 -184.01 -39.42 -50.85
C MET AA 155 -184.63 -40.81 -50.85
N LYS AA 156 -184.34 -41.61 -51.88
CA LYS AA 156 -184.98 -42.92 -51.96
C LYS AA 156 -184.41 -43.89 -50.94
N THR AA 157 -183.11 -43.79 -50.64
CA THR AA 157 -182.52 -44.68 -49.66
C THR AA 157 -182.77 -44.13 -48.25
N LYS AA 158 -182.76 -45.05 -47.28
CA LYS AA 158 -182.99 -44.70 -45.88
C LYS AA 158 -181.72 -44.61 -45.06
N ARG AA 159 -180.68 -45.36 -45.43
CA ARG AA 159 -179.43 -45.30 -44.67
C ARG AA 159 -178.67 -44.00 -44.96
N LEU AA 160 -178.65 -43.57 -46.22
CA LEU AA 160 -177.86 -42.41 -46.60
C LEU AA 160 -178.43 -41.12 -46.02
N CYS AA 161 -177.54 -40.24 -45.58
CA CYS AA 161 -177.91 -38.92 -45.09
C CYS AA 161 -176.95 -37.90 -45.67
N LEU AA 162 -177.42 -36.65 -45.78
CA LEU AA 162 -176.60 -35.57 -46.31
C LEU AA 162 -176.09 -34.68 -45.19
N GLY AA 163 -174.86 -34.20 -45.34
CA GLY AA 163 -174.27 -33.31 -44.37
C GLY AA 163 -173.53 -32.15 -45.00
N LEU AA 164 -173.74 -30.95 -44.46
CA LEU AA 164 -173.10 -29.74 -44.94
C LEU AA 164 -171.95 -29.40 -44.00
N VAL AA 165 -170.75 -29.28 -44.54
CA VAL AA 165 -169.58 -28.94 -43.74
C VAL AA 165 -169.59 -27.44 -43.44
N VAL AA 166 -169.38 -27.10 -42.18
CA VAL AA 166 -169.53 -25.71 -41.74
C VAL AA 166 -168.25 -25.11 -41.18
N GLU AA 167 -167.26 -25.90 -40.77
CA GLU AA 167 -166.01 -25.34 -40.27
C GLU AA 167 -164.89 -26.32 -40.55
N THR AA 168 -163.70 -25.78 -40.83
CA THR AA 168 -162.57 -26.61 -41.19
C THR AA 168 -161.29 -26.06 -40.56
N ALA AA 169 -160.45 -26.96 -40.06
CA ALA AA 169 -159.17 -26.59 -39.47
C ALA AA 169 -158.06 -26.87 -40.49
N CYS AA 170 -157.27 -25.84 -40.80
CA CYS AA 170 -156.25 -25.91 -41.83
C CYS AA 170 -154.94 -25.33 -41.31
N VAL AA 171 -153.83 -25.89 -41.76
CA VAL AA 171 -152.51 -25.41 -41.36
C VAL AA 171 -152.21 -24.10 -42.10
N ALA AA 172 -151.77 -23.09 -41.35
CA ALA AA 172 -151.45 -21.81 -41.97
C ALA AA 172 -150.18 -21.89 -42.81
N ALA AA 173 -149.18 -22.62 -42.33
CA ALA AA 173 -147.90 -22.75 -43.01
C ALA AA 173 -147.60 -24.22 -43.24
N ALA AA 174 -146.44 -24.48 -43.84
CA ALA AA 174 -146.05 -25.85 -44.16
C ALA AA 174 -145.82 -26.66 -42.88
N GLY AA 175 -146.26 -27.91 -42.91
CA GLY AA 175 -146.12 -28.81 -41.77
C GLY AA 175 -145.17 -29.95 -42.08
N LYS AA 176 -144.30 -30.27 -41.13
CA LYS AA 176 -143.25 -31.25 -41.34
C LYS AA 176 -143.48 -32.49 -40.48
N LEU AA 177 -143.42 -33.66 -41.11
CA LEU AA 177 -143.63 -34.93 -40.42
C LEU AA 177 -142.45 -35.84 -40.69
N THR AA 178 -141.78 -36.29 -39.62
CA THR AA 178 -140.59 -37.12 -39.72
C THR AA 178 -140.75 -38.37 -38.87
N GLU AA 179 -140.32 -39.51 -39.41
CA GLU AA 179 -140.41 -40.80 -38.73
C GLU AA 179 -139.15 -41.61 -39.01
N ALA AA 180 -138.63 -42.24 -37.96
CA ALA AA 180 -137.45 -43.11 -38.07
C ALA AA 180 -137.70 -44.41 -37.33
N ASP AA 181 -137.32 -45.52 -37.96
CA ASP AA 181 -137.54 -46.85 -37.41
C ASP AA 181 -136.26 -47.66 -37.55
N ASN AA 182 -135.86 -48.36 -36.49
CA ASN AA 182 -134.70 -49.24 -36.53
C ASN AA 182 -135.00 -50.44 -35.65
N TRP AA 183 -135.17 -51.62 -36.25
CA TRP AA 183 -135.43 -52.80 -35.43
C TRP AA 183 -134.57 -53.97 -35.88
N GLU AA 184 -134.32 -54.90 -34.95
CA GLU AA 184 -133.35 -55.95 -35.16
C GLU AA 184 -133.78 -57.22 -34.42
N ILE AA 185 -133.56 -58.36 -35.05
CA ILE AA 185 -133.88 -59.68 -34.51
C ILE AA 185 -132.65 -60.57 -34.65
N SER AA 186 -132.28 -61.26 -33.58
CA SER AA 186 -131.18 -62.22 -33.61
C SER AA 186 -131.60 -63.48 -32.88
N GLY AA 187 -131.63 -64.60 -33.59
CA GLY AA 187 -132.05 -65.85 -33.01
C GLY AA 187 -131.06 -66.96 -33.26
N HIS AA 188 -131.03 -67.92 -32.34
CA HIS AA 188 -130.11 -69.05 -32.41
C HIS AA 188 -130.79 -70.28 -31.83
N THR AA 189 -130.57 -71.43 -32.47
CA THR AA 189 -131.19 -72.69 -32.07
C THR AA 189 -130.15 -73.79 -32.12
N ASN AA 190 -130.11 -74.63 -31.09
CA ASN AA 190 -129.19 -75.76 -31.01
C ASN AA 190 -129.98 -76.98 -30.54
N ALA AA 191 -130.18 -77.94 -31.45
CA ALA AA 191 -130.84 -79.19 -31.14
C ALA AA 191 -129.77 -80.29 -31.15
N ASN AA 192 -129.40 -80.76 -29.96
CA ASN AA 192 -128.41 -81.81 -29.81
C ASN AA 192 -129.11 -83.12 -29.50
N ILE AA 193 -128.87 -84.13 -30.34
CA ILE AA 193 -129.42 -85.46 -30.15
C ILE AA 193 -128.27 -86.45 -30.22
N GLY AA 194 -128.52 -87.67 -29.74
CA GLY AA 194 -127.47 -88.67 -29.70
C GLY AA 194 -126.83 -88.95 -31.04
N GLU AA 195 -127.61 -88.87 -32.12
CA GLU AA 195 -127.10 -89.12 -33.46
C GLU AA 195 -127.30 -87.94 -34.40
N ALA AA 196 -127.71 -86.78 -33.89
CA ALA AA 196 -127.94 -85.61 -34.74
C ALA AA 196 -127.61 -84.35 -33.97
N VAL AA 197 -126.96 -83.41 -34.65
CA VAL AA 197 -126.64 -82.09 -34.09
C VAL AA 197 -127.04 -81.04 -35.11
N VAL AA 198 -127.92 -80.12 -34.72
CA VAL AA 198 -128.39 -79.05 -35.59
C VAL AA 198 -128.09 -77.72 -34.91
N THR AA 199 -127.45 -76.81 -35.63
CA THR AA 199 -127.11 -75.48 -35.12
C THR AA 199 -127.51 -74.44 -36.16
N ALA AA 200 -128.58 -73.70 -35.87
CA ALA AA 200 -129.10 -72.69 -36.77
C ALA AA 200 -128.98 -71.31 -36.13
N THR AA 201 -128.77 -70.30 -36.97
CA THR AA 201 -128.61 -68.92 -36.51
C THR AA 201 -129.18 -67.99 -37.58
N ALA AA 202 -129.86 -66.93 -37.15
CA ALA AA 202 -130.44 -65.98 -38.07
C ALA AA 202 -130.42 -64.58 -37.47
N GLU AA 203 -129.87 -63.63 -38.22
CA GLU AA 203 -129.82 -62.23 -37.80
C GLU AA 203 -130.37 -61.35 -38.90
N LEU AA 204 -131.19 -60.37 -38.52
CA LEU AA 204 -131.67 -59.40 -39.49
C LEU AA 204 -131.97 -58.08 -38.79
N ASP AA 205 -131.99 -57.01 -39.56
CA ASP AA 205 -132.27 -55.69 -39.02
C ASP AA 205 -132.75 -54.78 -40.15
N LYS AA 206 -133.79 -54.00 -39.89
CA LYS AA 206 -134.38 -53.11 -40.87
C LYS AA 206 -134.33 -51.68 -40.34
N ASN AA 207 -134.01 -50.75 -41.24
CA ASN AA 207 -133.95 -49.33 -40.93
C ASN AA 207 -134.76 -48.56 -41.97
N LEU AA 208 -135.65 -47.69 -41.51
CA LEU AA 208 -136.50 -46.88 -42.37
C LEU AA 208 -136.52 -45.44 -41.88
N SER AA 209 -136.74 -44.52 -42.81
CA SER AA 209 -136.87 -43.10 -42.47
C SER AA 209 -137.74 -42.42 -43.51
N ARG AA 210 -138.81 -41.76 -43.06
CA ARG AA 210 -139.74 -41.09 -43.95
C ARG AA 210 -139.94 -39.66 -43.47
N LYS AA 211 -139.77 -38.69 -44.37
CA LYS AA 211 -139.91 -37.28 -44.04
C LYS AA 211 -140.71 -36.59 -45.13
N ILE AA 212 -141.84 -35.99 -44.74
CA ILE AA 212 -142.73 -35.32 -45.69
C ILE AA 212 -143.08 -33.94 -45.16
N GLU AA 213 -143.65 -33.12 -46.05
CA GLU AA 213 -144.01 -31.74 -45.72
C GLU AA 213 -145.32 -31.40 -46.43
N ILE AA 214 -146.40 -31.29 -45.66
CA ILE AA 214 -147.69 -30.88 -46.22
C ILE AA 214 -147.69 -29.38 -46.46
N PRO AA 215 -148.28 -28.91 -47.55
CA PRO AA 215 -148.22 -27.49 -47.88
C PRO AA 215 -149.27 -26.70 -47.11
N PRO AA 216 -149.16 -25.37 -47.09
CA PRO AA 216 -150.18 -24.56 -46.41
C PRO AA 216 -151.55 -24.75 -47.05
N GLY AA 217 -152.58 -24.71 -46.20
CA GLY AA 217 -153.95 -24.86 -46.63
C GLY AA 217 -154.51 -26.25 -46.52
N THR AA 218 -153.69 -27.24 -46.18
CA THR AA 218 -154.17 -28.61 -46.06
C THR AA 218 -155.15 -28.73 -44.89
N ALA AA 219 -156.31 -29.30 -45.15
CA ALA AA 219 -157.32 -29.46 -44.11
C ALA AA 219 -156.93 -30.59 -43.16
N LEU AA 220 -157.28 -30.42 -41.89
CA LEU AA 220 -157.01 -31.42 -40.86
C LEU AA 220 -158.25 -32.05 -40.28
N ALA AA 221 -159.29 -31.27 -40.00
CA ALA AA 221 -160.50 -31.78 -39.37
C ALA AA 221 -161.66 -30.87 -39.73
N TYR AA 222 -162.86 -31.37 -39.50
CA TYR AA 222 -164.06 -30.64 -39.91
C TYR AA 222 -165.24 -31.04 -39.04
N SER AA 223 -166.29 -30.22 -39.09
CA SER AA 223 -167.56 -30.51 -38.45
C SER AA 223 -168.68 -30.20 -39.43
N PHE AA 224 -169.78 -30.93 -39.33
CA PHE AA 224 -170.85 -30.81 -40.31
C PHE AA 224 -172.21 -30.86 -39.62
N MET AA 225 -173.21 -30.37 -40.34
CA MET AA 225 -174.59 -30.35 -39.89
C MET AA 225 -175.45 -31.22 -40.81
N ASP AA 226 -176.36 -31.98 -40.23
CA ASP AA 226 -177.17 -32.91 -41.01
C ASP AA 226 -178.26 -32.19 -41.78
N LEU AA 227 -178.77 -32.87 -42.82
CA LEU AA 227 -179.85 -32.35 -43.66
C LEU AA 227 -180.85 -33.46 -43.91
N GLU AA 228 -181.99 -33.07 -44.49
CA GLU AA 228 -183.06 -34.00 -44.77
C GLU AA 228 -183.81 -33.54 -46.02
N ILE AA 229 -183.95 -34.43 -46.98
CA ILE AA 229 -184.69 -34.15 -48.22
C ILE AA 229 -186.18 -34.35 -47.96
N LEU AA 230 -186.97 -33.32 -48.23
CA LEU AA 230 -188.42 -33.46 -48.15
C LEU AA 230 -188.93 -34.33 -49.31
N GLU AA 231 -190.24 -34.56 -49.33
CA GLU AA 231 -190.86 -35.22 -50.48
C GLU AA 231 -190.52 -34.49 -51.76
N ASP AA 232 -190.65 -33.16 -51.76
CA ASP AA 232 -190.21 -32.33 -52.86
C ASP AA 232 -188.69 -32.16 -52.81
N ARG AA 233 -188.16 -31.33 -53.71
CA ARG AA 233 -186.74 -31.01 -53.69
C ARG AA 233 -186.33 -30.15 -52.50
N SER AA 234 -187.29 -29.68 -51.71
CA SER AA 234 -186.99 -28.85 -50.56
C SER AA 234 -186.09 -29.58 -49.57
N LEU AA 235 -185.24 -28.81 -48.89
CA LEU AA 235 -184.31 -29.34 -47.90
C LEU AA 235 -184.62 -28.74 -46.53
N ARG AA 236 -184.39 -29.54 -45.49
CA ARG AA 236 -184.60 -29.12 -44.11
C ARG AA 236 -183.39 -29.50 -43.28
N VAL AA 237 -183.21 -28.82 -42.16
CA VAL AA 237 -182.10 -29.12 -41.26
C VAL AA 237 -182.65 -29.96 -40.11
N SER AA 238 -181.85 -30.92 -39.66
CA SER AA 238 -182.25 -31.86 -38.62
C SER AA 238 -181.27 -31.83 -37.47
N SER AA 239 -181.79 -31.90 -36.25
CA SER AA 239 -180.96 -31.82 -35.04
C SER AA 239 -181.29 -33.01 -34.14
N SER AA 240 -180.29 -33.86 -33.92
CA SER AA 240 -180.42 -34.96 -32.96
C SER AA 240 -180.27 -34.40 -31.56
N ALA AA 241 -181.38 -34.34 -30.82
CA ALA AA 241 -181.42 -33.75 -29.48
C ALA AA 241 -180.93 -32.30 -29.49
N GLY AA 242 -181.17 -31.59 -30.60
CA GLY AA 242 -180.78 -30.20 -30.71
C GLY AA 242 -179.30 -29.96 -30.85
N ALA AA 243 -178.52 -30.97 -31.23
CA ALA AA 243 -177.07 -30.81 -31.34
C ALA AA 243 -176.71 -29.84 -32.46
N MET AA 244 -177.24 -30.08 -33.67
CA MET AA 244 -176.92 -29.30 -34.86
C MET AA 244 -175.42 -29.28 -35.16
N PHE AA 245 -174.66 -30.21 -34.59
CA PHE AA 245 -173.23 -30.32 -34.85
C PHE AA 245 -172.87 -31.79 -34.74
N ASP AA 246 -172.75 -32.46 -35.87
CA ASP AA 246 -172.50 -33.90 -35.89
C ASP AA 246 -171.02 -34.17 -36.09
N SER AA 247 -170.45 -35.02 -35.25
CA SER AA 247 -169.04 -35.38 -35.31
C SER AA 247 -168.85 -36.81 -35.79
N GLY AA 248 -169.85 -37.39 -36.44
CA GLY AA 248 -169.75 -38.77 -36.87
C GLY AA 248 -169.61 -39.75 -35.73
N LYS AA 249 -170.33 -39.50 -34.63
CA LYS AA 249 -170.24 -40.34 -33.43
C LYS AA 249 -171.46 -41.25 -33.35
N ALA AA 250 -171.27 -42.41 -32.73
CA ALA AA 250 -172.37 -43.33 -32.52
C ALA AA 250 -173.39 -42.75 -31.56
N GLU AA 251 -174.65 -43.16 -31.73
CA GLU AA 251 -175.72 -42.65 -30.87
C GLU AA 251 -175.50 -43.05 -29.42
N SER AA 252 -175.06 -44.30 -29.19
CA SER AA 252 -174.79 -44.82 -27.85
C SER AA 252 -176.00 -44.69 -26.93
CA ARG BA 3 -156.49 -36.01 -20.06
C ARG BA 3 -155.90 -34.86 -20.88
N PRO BA 4 -156.72 -34.24 -21.72
CA PRO BA 4 -156.23 -33.11 -22.53
C PRO BA 4 -155.73 -31.98 -21.66
N MET BA 5 -154.66 -31.32 -22.13
CA MET BA 5 -154.08 -30.22 -21.38
C MET BA 5 -155.08 -29.08 -21.23
N PHE BA 6 -155.84 -28.79 -22.29
CA PHE BA 6 -156.84 -27.73 -22.21
C PHE BA 6 -157.87 -28.04 -21.14
N ALA BA 7 -158.35 -29.28 -21.08
CA ALA BA 7 -159.33 -29.65 -20.06
C ALA BA 7 -158.73 -29.55 -18.66
N VAL BA 8 -157.48 -29.99 -18.50
CA VAL BA 8 -156.82 -29.90 -17.19
C VAL BA 8 -156.69 -28.45 -16.76
N ALA BA 9 -156.26 -27.58 -17.68
CA ALA BA 9 -156.11 -26.17 -17.34
C ALA BA 9 -157.46 -25.53 -17.02
N VAL BA 10 -158.50 -25.91 -17.76
CA VAL BA 10 -159.84 -25.37 -17.48
C VAL BA 10 -160.28 -25.80 -16.09
N ASN BA 11 -160.06 -27.05 -15.73
CA ASN BA 11 -160.42 -27.52 -14.39
C ASN BA 11 -159.64 -26.78 -13.32
N GLU BA 12 -158.34 -26.58 -13.54
CA GLU BA 12 -157.53 -25.84 -12.57
C GLU BA 12 -158.04 -24.42 -12.38
N PHE BA 13 -158.35 -23.75 -13.49
CA PHE BA 13 -158.85 -22.38 -13.40
C PHE BA 13 -160.19 -22.33 -12.69
N ILE BA 14 -161.11 -23.24 -13.04
CA ILE BA 14 -162.44 -23.20 -12.45
C ILE BA 14 -162.38 -23.56 -10.96
N ARG BA 15 -161.43 -24.39 -10.55
CA ARG BA 15 -161.26 -24.66 -9.14
C ARG BA 15 -160.69 -23.45 -8.41
N SER BA 16 -159.64 -22.84 -8.96
CA SER BA 16 -159.01 -21.71 -8.29
C SER BA 16 -159.97 -20.54 -8.17
N ALA BA 17 -160.72 -20.24 -9.23
CA ALA BA 17 -161.67 -19.14 -9.24
C ALA BA 17 -163.00 -19.62 -9.80
N GLY BA 18 -164.09 -19.23 -9.14
CA GLY BA 18 -165.41 -19.58 -9.62
C GLY BA 18 -165.72 -21.06 -9.60
N GLN BA 19 -165.43 -21.73 -8.47
CA GLN BA 19 -165.75 -23.15 -8.36
C GLN BA 19 -167.25 -23.39 -8.46
N ASP BA 20 -168.06 -22.41 -8.08
CA ASP BA 20 -169.50 -22.47 -8.19
C ASP BA 20 -169.97 -21.52 -9.29
N SER BA 21 -171.11 -21.87 -9.89
CA SER BA 21 -171.73 -21.06 -10.95
C SER BA 21 -170.79 -20.84 -12.12
N LEU BA 22 -170.18 -21.93 -12.60
CA LEU BA 22 -169.27 -21.86 -13.73
C LEU BA 22 -169.18 -23.23 -14.38
N CYS BA 23 -169.22 -23.26 -15.71
CA CYS BA 23 -169.19 -24.49 -16.48
C CYS BA 23 -167.94 -24.50 -17.35
N GLY BA 24 -167.20 -25.60 -17.30
CA GLY BA 24 -166.01 -25.73 -18.13
C GLY BA 24 -166.34 -25.82 -19.61
N VAL BA 25 -165.36 -25.43 -20.41
CA VAL BA 25 -165.49 -25.47 -21.87
C VAL BA 25 -165.01 -26.84 -22.37
N PRO BA 26 -165.79 -27.53 -23.21
CA PRO BA 26 -165.39 -28.88 -23.61
C PRO BA 26 -164.10 -28.94 -24.39
N ASP BA 27 -163.89 -28.04 -25.35
CA ASP BA 27 -162.69 -28.10 -26.18
C ASP BA 27 -162.43 -26.74 -26.79
N ILE BA 28 -161.19 -26.59 -27.31
CA ILE BA 28 -160.77 -25.31 -27.88
C ILE BA 28 -161.62 -24.96 -29.09
N ASN BA 29 -161.94 -25.96 -29.92
CA ASN BA 29 -162.71 -25.69 -31.14
C ASN BA 29 -164.08 -25.12 -30.80
N SER BA 30 -164.76 -25.69 -29.80
CA SER BA 30 -166.09 -25.25 -29.43
C SER BA 30 -166.08 -24.15 -28.38
N SER BA 31 -164.90 -23.70 -27.96
CA SER BA 31 -164.83 -22.61 -27.00
C SER BA 31 -165.49 -21.35 -27.52
N GLY BA 32 -165.37 -21.08 -28.82
CA GLY BA 32 -165.90 -19.85 -29.38
C GLY BA 32 -167.41 -19.80 -29.49
N ASP BA 33 -168.09 -20.92 -29.24
CA ASP BA 33 -169.55 -20.96 -29.32
C ASP BA 33 -170.22 -20.68 -27.99
N PHE BA 34 -169.45 -20.36 -26.94
CA PHE BA 34 -170.00 -20.10 -25.62
C PHE BA 34 -169.77 -18.65 -25.19
N MET BA 35 -169.78 -17.73 -26.15
CA MET BA 35 -169.71 -16.32 -25.85
C MET BA 35 -171.06 -15.83 -25.34
N PRO BA 36 -171.10 -14.66 -24.68
CA PRO BA 36 -172.37 -14.17 -24.13
C PRO BA 36 -173.42 -13.99 -25.21
N LEU BA 37 -174.68 -14.17 -24.81
CA LEU BA 37 -175.85 -14.06 -25.69
C LEU BA 37 -175.84 -15.16 -26.75
N HIS BA 38 -175.58 -16.39 -26.31
CA HIS BA 38 -175.65 -17.57 -27.17
C HIS BA 38 -176.63 -18.56 -26.58
N ILE BA 39 -177.34 -19.27 -27.46
CA ILE BA 39 -178.33 -20.26 -27.06
C ILE BA 39 -177.65 -21.63 -26.97
N ILE BA 40 -177.92 -22.35 -25.89
CA ILE BA 40 -177.44 -23.71 -25.71
C ILE BA 40 -178.61 -24.59 -25.31
N VAL BA 41 -178.46 -25.90 -25.51
CA VAL BA 41 -179.49 -26.88 -25.21
C VAL BA 41 -179.01 -27.75 -24.06
N LYS BA 42 -179.89 -27.97 -23.09
CA LYS BA 42 -179.59 -28.80 -21.93
C LYS BA 42 -180.47 -30.05 -21.97
N GLU BA 43 -179.84 -31.21 -21.79
CA GLU BA 43 -180.50 -32.51 -21.81
C GLU BA 43 -180.36 -33.15 -20.45
N VAL BA 44 -181.48 -33.63 -19.90
CA VAL BA 44 -181.50 -34.23 -18.57
C VAL BA 44 -180.85 -35.61 -18.63
N PRO BA 45 -180.29 -36.11 -17.53
CA PRO BA 45 -179.64 -37.43 -17.56
C PRO BA 45 -180.58 -38.56 -17.94
N LYS BA 46 -181.86 -38.47 -17.54
CA LYS BA 46 -182.91 -39.45 -17.78
C LYS BA 46 -182.72 -40.75 -17.00
N VAL BA 47 -181.63 -40.89 -16.25
CA VAL BA 47 -181.38 -42.09 -15.45
C VAL BA 47 -181.35 -41.70 -13.99
N LEU BA 48 -180.42 -40.82 -13.62
CA LEU BA 48 -180.29 -40.30 -12.27
C LEU BA 48 -180.21 -38.78 -12.36
N PRO BA 49 -181.34 -38.10 -12.62
CA PRO BA 49 -181.30 -36.65 -12.80
C PRO BA 49 -180.76 -35.90 -11.61
N CYS BA 50 -181.05 -36.36 -10.39
CA CYS BA 50 -180.56 -35.70 -9.19
C CYS BA 50 -179.14 -36.10 -8.81
N CYS BA 51 -178.58 -37.12 -9.47
CA CYS BA 51 -177.24 -37.60 -9.16
C CYS BA 51 -176.22 -37.35 -10.26
N ARG BA 52 -176.66 -37.03 -11.47
CA ARG BA 52 -175.78 -36.84 -12.60
C ARG BA 52 -175.99 -35.46 -13.20
N ARG BA 53 -174.90 -34.80 -13.58
CA ARG BA 53 -175.00 -33.49 -14.20
C ARG BA 53 -175.53 -33.61 -15.63
N PRO BA 54 -176.32 -32.64 -16.08
CA PRO BA 54 -176.92 -32.74 -17.42
C PRO BA 54 -175.91 -32.60 -18.55
N LYS BA 55 -176.38 -32.71 -19.79
CA LYS BA 55 -175.53 -32.63 -20.97
C LYS BA 55 -175.81 -31.32 -21.70
N ILE BA 56 -174.75 -30.61 -22.05
CA ILE BA 56 -174.86 -29.28 -22.66
C ILE BA 56 -174.41 -29.37 -24.12
N LYS BA 57 -175.26 -28.87 -25.02
CA LYS BA 57 -175.02 -28.92 -26.45
C LYS BA 57 -175.00 -27.50 -26.99
N ARG BA 58 -173.96 -27.19 -27.77
CA ARG BA 58 -173.85 -25.87 -28.39
C ARG BA 58 -174.71 -25.79 -29.64
N THR BA 59 -175.17 -24.58 -29.94
CA THR BA 59 -175.97 -24.32 -31.12
C THR BA 59 -175.45 -23.09 -31.84
N PRO BA 60 -175.60 -23.03 -33.17
CA PRO BA 60 -175.14 -21.85 -33.92
C PRO BA 60 -176.21 -20.75 -34.00
N TYR BA 61 -176.64 -20.28 -32.84
CA TYR BA 61 -177.69 -19.27 -32.77
C TYR BA 61 -177.36 -18.24 -31.71
N THR BA 62 -177.79 -17.01 -31.96
CA THR BA 62 -177.76 -15.94 -30.97
C THR BA 62 -179.19 -15.58 -30.58
N LEU BA 63 -179.30 -14.73 -29.55
CA LEU BA 63 -180.62 -14.35 -29.06
C LEU BA 63 -181.42 -13.63 -30.14
N ASN BA 64 -180.78 -12.70 -30.85
CA ASN BA 64 -181.49 -11.93 -31.87
C ASN BA 64 -181.94 -12.82 -33.02
N ASP BA 65 -181.14 -13.83 -33.38
CA ASP BA 65 -181.56 -14.75 -34.43
C ASP BA 65 -182.70 -15.63 -33.95
N ILE BA 66 -182.64 -16.12 -32.71
CA ILE BA 66 -183.68 -17.03 -32.23
C ILE BA 66 -184.98 -16.29 -31.97
N LEU BA 67 -184.91 -14.98 -31.72
CA LEU BA 67 -186.10 -14.20 -31.40
C LEU BA 67 -186.59 -13.42 -32.60
N ASP BA 68 -187.91 -13.38 -32.76
CA ASP BA 68 -188.50 -12.53 -33.79
C ASP BA 68 -188.20 -11.06 -33.53
N GLU BA 69 -188.31 -10.63 -32.27
CA GLU BA 69 -188.03 -9.25 -31.90
C GLU BA 69 -186.60 -9.13 -31.39
N PRO BA 70 -185.78 -8.26 -31.97
CA PRO BA 70 -184.39 -8.15 -31.51
C PRO BA 70 -184.29 -7.48 -30.14
N CYS BA 71 -183.16 -7.72 -29.50
CA CYS BA 71 -182.83 -7.18 -28.18
C CYS BA 71 -181.48 -6.50 -28.25
N PRO BA 72 -181.21 -5.55 -27.37
CA PRO BA 72 -179.86 -4.96 -27.32
C PRO BA 72 -178.82 -6.02 -26.99
N ASN BA 73 -177.64 -5.89 -27.59
CA ASN BA 73 -176.61 -6.92 -27.50
C ASN BA 73 -175.23 -6.38 -27.18
N GLN BA 74 -175.11 -5.13 -26.74
CA GLN BA 74 -173.81 -4.57 -26.41
C GLN BA 74 -173.19 -5.30 -25.24
N LEU BA 75 -171.86 -5.40 -25.25
CA LEU BA 75 -171.12 -6.14 -24.24
C LEU BA 75 -170.07 -5.25 -23.58
N LYS BA 76 -169.50 -5.76 -22.49
CA LYS BA 76 -168.42 -5.10 -21.78
C LYS BA 76 -167.58 -6.15 -21.09
N SER BA 77 -166.30 -5.83 -20.88
CA SER BA 77 -165.36 -6.76 -20.29
C SER BA 77 -164.59 -6.07 -19.16
N SER BA 78 -164.19 -6.88 -18.17
CA SER BA 78 -163.43 -6.38 -17.04
C SER BA 78 -162.60 -7.51 -16.47
N ASP BA 79 -161.51 -7.14 -15.79
CA ASP BA 79 -160.59 -8.15 -15.28
C ASP BA 79 -161.25 -9.01 -14.20
N LEU BA 80 -160.86 -10.27 -14.16
CA LEU BA 80 -161.40 -11.22 -13.19
C LEU BA 80 -160.33 -11.78 -12.26
N VAL BA 81 -159.24 -12.33 -12.80
CA VAL BA 81 -158.17 -12.92 -12.01
C VAL BA 81 -156.89 -12.87 -12.82
N THR BA 82 -155.76 -12.97 -12.13
CA THR BA 82 -154.44 -12.86 -12.76
C THR BA 82 -153.52 -13.91 -12.16
N PHE BA 83 -153.07 -14.85 -12.98
CA PHE BA 83 -152.10 -15.86 -12.56
C PHE BA 83 -150.71 -15.31 -12.80
N THR BA 84 -150.07 -14.83 -11.73
CA THR BA 84 -148.77 -14.18 -11.87
C THR BA 84 -147.70 -15.17 -12.31
N GLU BA 85 -147.76 -16.40 -11.80
CA GLU BA 85 -146.76 -17.40 -12.13
C GLU BA 85 -147.44 -18.66 -12.65
N PRO BA 86 -146.77 -19.43 -13.50
CA PRO BA 86 -147.38 -20.62 -14.07
C PRO BA 86 -147.71 -21.66 -13.00
N LEU BA 87 -148.83 -22.34 -13.20
CA LEU BA 87 -149.17 -23.51 -12.39
C LEU BA 87 -148.27 -24.66 -12.79
N VAL BA 88 -147.46 -25.15 -11.84
CA VAL BA 88 -146.46 -26.18 -12.10
C VAL BA 88 -146.81 -27.40 -11.27
N SER BA 89 -146.80 -28.57 -11.90
CA SER BA 89 -147.09 -29.83 -11.23
C SER BA 89 -146.02 -30.86 -11.60
N ASN BA 90 -145.57 -31.61 -10.59
CA ASN BA 90 -144.59 -32.66 -10.78
C ASN BA 90 -145.06 -33.92 -10.07
N VAL BA 91 -144.97 -35.06 -10.76
CA VAL BA 91 -145.27 -36.37 -10.17
C VAL BA 91 -144.12 -37.29 -10.52
N LYS BA 92 -143.63 -38.04 -9.54
CA LYS BA 92 -142.51 -38.95 -9.76
C LYS BA 92 -142.77 -40.22 -8.96
N ALA BA 93 -142.98 -41.34 -9.65
CA ALA BA 93 -143.24 -42.61 -9.01
C ALA BA 93 -142.19 -43.63 -9.43
N SER BA 94 -141.87 -44.54 -8.52
CA SER BA 94 -140.91 -45.60 -8.81
C SER BA 94 -141.21 -46.78 -7.89
N SER BA 95 -141.30 -47.98 -8.48
CA SER BA 95 -141.65 -49.17 -7.72
C SER BA 95 -140.87 -50.36 -8.24
N SER BA 96 -140.72 -51.36 -7.38
CA SER BA 96 -140.03 -52.59 -7.72
C SER BA 96 -140.68 -53.75 -6.98
N ILE BA 97 -140.78 -54.88 -7.66
CA ILE BA 97 -141.40 -56.09 -7.12
C ILE BA 97 -140.45 -57.26 -7.34
N GLY BA 98 -140.28 -58.09 -6.31
CA GLY BA 98 -139.47 -59.28 -6.42
C GLY BA 98 -140.16 -60.50 -5.83
N LEU BA 99 -140.41 -61.52 -6.66
CA LEU BA 99 -141.09 -62.73 -6.23
C LEU BA 99 -140.17 -63.92 -6.42
N GLN BA 100 -140.09 -64.78 -5.41
CA GLN BA 100 -139.29 -65.99 -5.50
C GLN BA 100 -140.08 -67.16 -4.92
N ILE BA 101 -140.14 -68.24 -5.68
CA ILE BA 101 -140.75 -69.50 -5.24
C ILE BA 101 -139.64 -70.55 -5.25
N LEU BA 102 -139.09 -70.82 -4.07
CA LEU BA 102 -138.05 -71.84 -3.85
C LEU BA 102 -136.89 -71.54 -4.80
N LYS BA 103 -136.35 -72.53 -5.50
CA LYS BA 103 -135.40 -72.30 -6.58
C LYS BA 103 -136.03 -72.59 -7.94
N HIS BA 104 -137.35 -72.52 -8.02
CA HIS BA 104 -138.09 -72.83 -9.25
C HIS BA 104 -138.62 -71.60 -9.96
N PHE BA 105 -138.99 -70.55 -9.24
CA PHE BA 105 -139.52 -69.34 -9.86
C PHE BA 105 -138.80 -68.13 -9.31
N ASP BA 106 -138.45 -67.18 -10.17
CA ASP BA 106 -137.78 -65.96 -9.74
C ASP BA 106 -138.10 -64.84 -10.72
N SER BA 107 -138.94 -63.90 -10.30
CA SER BA 107 -139.35 -62.79 -11.15
C SER BA 107 -138.97 -61.47 -10.48
N GLY BA 108 -138.42 -60.55 -11.27
CA GLY BA 108 -138.12 -59.22 -10.79
C GLY BA 108 -138.60 -58.15 -11.76
N ALA BA 109 -139.51 -57.30 -11.31
CA ALA BA 109 -140.07 -56.25 -12.13
C ALA BA 109 -139.80 -54.89 -11.49
N LYS BA 110 -139.78 -53.85 -12.31
CA LYS BA 110 -139.60 -52.51 -11.80
C LYS BA 110 -140.17 -51.52 -12.80
N GLY BA 111 -140.65 -50.40 -12.28
CA GLY BA 111 -141.24 -49.38 -13.12
C GLY BA 111 -140.97 -48.00 -12.54
N SER BA 112 -140.98 -47.01 -13.42
CA SER BA 112 -140.79 -45.63 -13.00
C SER BA 112 -141.55 -44.71 -13.95
N LYS BA 113 -141.96 -43.56 -13.42
CA LYS BA 113 -142.74 -42.59 -14.18
C LYS BA 113 -142.43 -41.19 -13.68
N ASN BA 114 -142.26 -40.26 -14.61
CA ASN BA 114 -142.01 -38.85 -14.31
C ASN BA 114 -142.90 -38.00 -15.19
N PHE BA 115 -143.76 -37.20 -14.57
CA PHE BA 115 -144.77 -36.43 -15.26
C PHE BA 115 -144.67 -34.97 -14.81
N ILE BA 116 -144.55 -34.05 -15.77
CA ILE BA 116 -144.38 -32.63 -15.48
C ILE BA 116 -145.39 -31.83 -16.29
N THR BA 117 -146.04 -30.87 -15.65
CA THR BA 117 -147.04 -30.04 -16.30
C THR BA 117 -146.82 -28.58 -15.92
N SER BA 118 -147.02 -27.68 -16.89
CA SER BA 118 -146.91 -26.25 -16.65
C SER BA 118 -147.98 -25.53 -17.47
N ALA BA 119 -148.74 -24.67 -16.81
CA ALA BA 119 -149.79 -23.90 -17.47
C ALA BA 119 -149.63 -22.43 -17.13
N SER BA 120 -149.56 -21.59 -18.15
CA SER BA 120 -149.42 -20.14 -18.00
C SER BA 120 -150.63 -19.51 -18.68
N LEU BA 121 -151.61 -19.09 -17.88
CA LEU BA 121 -152.83 -18.49 -18.38
C LEU BA 121 -152.80 -16.97 -18.39
N GLY BA 122 -151.77 -16.35 -17.81
CA GLY BA 122 -151.68 -14.90 -17.83
C GLY BA 122 -152.84 -14.26 -17.09
N THR BA 123 -153.56 -13.38 -17.79
CA THR BA 123 -154.69 -12.65 -17.22
C THR BA 123 -155.98 -13.17 -17.83
N VAL BA 124 -157.00 -13.36 -17.00
CA VAL BA 124 -158.32 -13.82 -17.43
C VAL BA 124 -159.30 -12.70 -17.18
N VAL BA 125 -160.08 -12.35 -18.21
CA VAL BA 125 -161.09 -11.32 -18.10
C VAL BA 125 -162.47 -11.96 -18.23
N LYS BA 126 -163.50 -11.21 -17.86
CA LYS BA 126 -164.87 -11.65 -17.95
C LYS BA 126 -165.64 -10.68 -18.83
N ALA BA 127 -166.41 -11.24 -19.76
CA ALA BA 127 -167.21 -10.46 -20.70
C ALA BA 127 -168.68 -10.80 -20.49
N GLU BA 128 -169.51 -9.75 -20.50
CA GLU BA 128 -170.93 -9.89 -20.20
C GLU BA 128 -171.67 -8.69 -20.76
N THR BA 129 -172.99 -8.86 -20.89
CA THR BA 129 -173.83 -7.78 -21.40
C THR BA 129 -173.75 -6.56 -20.48
N ILE BA 130 -173.80 -5.38 -21.08
CA ILE BA 130 -173.73 -4.14 -20.28
C ILE BA 130 -174.92 -4.05 -19.33
N ASP BA 131 -176.11 -4.37 -19.82
CA ASP BA 131 -177.32 -4.37 -19.01
C ASP BA 131 -178.09 -5.65 -19.28
N ILE BA 132 -178.23 -6.49 -18.25
CA ILE BA 132 -178.94 -7.75 -18.41
C ILE BA 132 -180.44 -7.59 -18.16
N THR BA 133 -180.83 -6.61 -17.34
CA THR BA 133 -182.24 -6.41 -17.05
C THR BA 133 -183.04 -6.07 -18.31
N LYS BA 134 -182.48 -5.20 -19.17
CA LYS BA 134 -183.15 -4.85 -20.41
C LYS BA 134 -183.29 -6.08 -21.31
N VAL BA 135 -182.23 -6.89 -21.41
CA VAL BA 135 -182.27 -8.09 -22.23
C VAL BA 135 -183.35 -9.03 -21.71
N LEU BA 136 -183.41 -9.21 -20.40
CA LEU BA 136 -184.43 -10.10 -19.83
C LEU BA 136 -185.83 -9.58 -20.10
N ALA BA 137 -186.04 -8.27 -19.93
CA ALA BA 137 -187.36 -7.70 -20.18
C ALA BA 137 -187.79 -7.92 -21.63
N LYS BA 138 -186.88 -7.61 -22.57
CA LYS BA 138 -187.20 -7.79 -23.98
C LYS BA 138 -187.46 -9.25 -24.32
N VAL BA 139 -186.67 -10.17 -23.73
CA VAL BA 139 -186.90 -11.59 -23.96
C VAL BA 139 -188.31 -11.97 -23.51
N ARG BA 140 -188.67 -11.55 -22.29
CA ARG BA 140 -189.99 -11.90 -21.76
C ARG BA 140 -191.11 -11.33 -22.61
N THR BA 141 -190.91 -10.14 -23.19
CA THR BA 141 -191.94 -9.53 -24.01
C THR BA 141 -191.82 -9.89 -25.49
N ALA BA 142 -190.85 -10.71 -25.87
CA ALA BA 142 -190.61 -11.04 -27.28
C ALA BA 142 -190.93 -12.50 -27.56
N LYS BA 143 -191.38 -12.77 -28.77
CA LYS BA 143 -191.69 -14.12 -29.22
C LYS BA 143 -190.56 -14.71 -30.06
N ALA BA 144 -190.39 -16.03 -29.95
CA ALA BA 144 -189.35 -16.72 -30.70
C ALA BA 144 -189.69 -16.79 -32.18
N LYS BA 145 -188.71 -17.20 -32.98
CA LYS BA 145 -188.88 -17.30 -34.42
C LYS BA 145 -189.71 -18.53 -34.76
N VAL BA 146 -190.85 -18.31 -35.41
CA VAL BA 146 -191.71 -19.44 -35.80
C VAL BA 146 -191.00 -20.34 -36.80
N GLU BA 147 -190.24 -19.75 -37.72
CA GLU BA 147 -189.53 -20.54 -38.72
C GLU BA 147 -188.52 -21.49 -38.09
N ASN BA 148 -187.87 -21.08 -36.99
CA ASN BA 148 -186.82 -21.88 -36.38
C ASN BA 148 -187.35 -23.25 -35.96
N ASP BA 149 -186.58 -24.29 -36.27
CA ASP BA 149 -186.95 -25.67 -35.96
C ASP BA 149 -186.49 -26.09 -34.57
N LEU BA 150 -185.34 -25.59 -34.13
CA LEU BA 150 -184.81 -25.93 -32.81
C LEU BA 150 -185.80 -25.58 -31.71
N VAL BA 151 -186.38 -24.37 -31.78
CA VAL BA 151 -187.34 -23.94 -30.77
C VAL BA 151 -188.53 -24.90 -30.72
N SER BA 152 -189.06 -25.26 -31.88
CA SER BA 152 -190.19 -26.18 -31.93
C SER BA 152 -189.81 -27.54 -31.35
N ARG BA 153 -188.62 -28.03 -31.68
CA ARG BA 153 -188.17 -29.30 -31.12
C ARG BA 153 -188.13 -29.24 -29.59
N VAL BA 154 -187.52 -28.18 -29.04
CA VAL BA 154 -187.42 -28.04 -27.60
C VAL BA 154 -188.81 -27.90 -26.97
N MET BA 155 -189.73 -27.22 -27.66
CA MET BA 155 -191.08 -27.06 -27.15
C MET BA 155 -191.80 -28.41 -27.07
N LYS BA 156 -191.69 -29.22 -28.13
CA LYS BA 156 -192.41 -30.48 -28.14
C LYS BA 156 -191.78 -31.50 -27.20
N THR BA 157 -190.46 -31.49 -27.07
CA THR BA 157 -189.80 -32.42 -26.17
C THR BA 157 -189.83 -31.88 -24.74
N LYS BA 158 -189.76 -32.80 -23.78
CA LYS BA 158 -189.79 -32.45 -22.37
C LYS BA 158 -188.42 -32.45 -21.72
N ARG BA 159 -187.49 -33.26 -22.21
CA ARG BA 159 -186.15 -33.29 -21.63
C ARG BA 159 -185.35 -32.05 -22.00
N LEU BA 160 -185.46 -31.59 -23.24
CA LEU BA 160 -184.65 -30.49 -23.73
C LEU BA 160 -185.07 -29.18 -23.08
N CYS BA 161 -184.06 -28.36 -22.74
CA CYS BA 161 -184.29 -27.02 -22.21
C CYS BA 161 -183.35 -26.05 -22.90
N LEU BA 162 -183.74 -24.78 -22.94
CA LEU BA 162 -182.94 -23.74 -23.58
C LEU BA 162 -182.22 -22.91 -22.53
N GLY BA 163 -181.00 -22.50 -22.84
CA GLY BA 163 -180.24 -21.66 -21.94
C GLY BA 163 -179.51 -20.54 -22.65
N LEU BA 164 -179.58 -19.33 -22.09
CA LEU BA 164 -178.91 -18.16 -22.64
C LEU BA 164 -177.64 -17.90 -21.85
N VAL BA 165 -176.50 -17.86 -22.55
CA VAL BA 165 -175.22 -17.61 -21.90
C VAL BA 165 -175.10 -16.12 -21.59
N VAL BA 166 -174.71 -15.79 -20.36
CA VAL BA 166 -174.71 -14.41 -19.90
C VAL BA 166 -173.34 -13.89 -19.51
N GLU BA 167 -172.36 -14.75 -19.24
CA GLU BA 167 -171.03 -14.28 -18.90
C GLU BA 167 -170.00 -15.32 -19.32
N THR BA 168 -168.84 -14.85 -19.75
CA THR BA 168 -167.81 -15.75 -20.25
C THR BA 168 -166.44 -15.29 -19.78
N ALA BA 169 -165.60 -16.25 -19.40
CA ALA BA 169 -164.23 -15.97 -18.98
C ALA BA 169 -163.28 -16.30 -20.13
N CYS BA 170 -162.47 -15.32 -20.53
CA CYS BA 170 -161.59 -15.45 -21.68
C CYS BA 170 -160.20 -14.96 -21.33
N VAL BA 171 -159.19 -15.58 -21.92
CA VAL BA 171 -157.81 -15.19 -21.70
C VAL BA 171 -157.52 -13.90 -22.46
N ALA BA 172 -156.92 -12.93 -21.77
CA ALA BA 172 -156.60 -11.66 -22.42
C ALA BA 172 -155.45 -11.81 -23.42
N ALA BA 173 -154.45 -12.61 -23.07
CA ALA BA 173 -153.28 -12.81 -23.91
C ALA BA 173 -153.10 -14.30 -24.19
N ALA BA 174 -152.05 -14.62 -24.93
CA ALA BA 174 -151.79 -16.01 -25.29
C ALA BA 174 -151.46 -16.84 -24.06
N GLY BA 175 -151.97 -18.07 -24.04
CA GLY BA 175 -151.75 -18.99 -22.92
C GLY BA 175 -150.93 -20.18 -23.36
N LYS BA 176 -149.97 -20.56 -22.53
CA LYS BA 176 -149.01 -21.61 -22.87
C LYS BA 176 -149.22 -22.84 -22.00
N LEU BA 177 -149.32 -24.01 -22.63
CA LEU BA 177 -149.51 -25.27 -21.93
C LEU BA 177 -148.44 -26.25 -22.34
N THR BA 178 -147.67 -26.75 -21.37
CA THR BA 178 -146.55 -27.66 -21.63
C THR BA 178 -146.68 -28.90 -20.76
N GLU BA 179 -146.40 -30.06 -21.36
CA GLU BA 179 -146.48 -31.35 -20.67
C GLU BA 179 -145.32 -32.23 -21.11
N ALA BA 180 -144.71 -32.91 -20.14
CA ALA BA 180 -143.62 -33.85 -20.41
C ALA BA 180 -143.86 -35.14 -19.64
N ASP BA 181 -143.64 -36.27 -20.31
CA ASP BA 181 -143.87 -37.58 -19.75
C ASP BA 181 -142.67 -38.47 -20.06
N ASN BA 182 -142.19 -39.20 -19.06
CA ASN BA 182 -141.11 -40.16 -19.25
C ASN BA 182 -141.36 -41.35 -18.35
N TRP BA 183 -141.68 -42.51 -18.92
CA TRP BA 183 -141.91 -43.68 -18.07
C TRP BA 183 -141.20 -44.90 -18.64
N GLU BA 184 -140.90 -45.84 -17.75
CA GLU BA 184 -140.02 -46.96 -18.08
C GLU BA 184 -140.44 -48.20 -17.30
N ILE BA 185 -140.37 -49.35 -17.96
CA ILE BA 185 -140.70 -50.65 -17.38
C ILE BA 185 -139.56 -51.62 -17.68
N SER BA 186 -139.10 -52.34 -16.67
CA SER BA 186 -138.07 -53.36 -16.84
C SER BA 186 -138.48 -54.61 -16.07
N GLY BA 187 -138.68 -55.72 -16.77
CA GLY BA 187 -139.10 -56.95 -16.15
C GLY BA 187 -138.22 -58.11 -16.54
N HIS BA 188 -138.14 -59.08 -15.63
CA HIS BA 188 -137.31 -60.27 -15.81
C HIS BA 188 -137.99 -61.46 -15.15
N THR BA 189 -137.93 -62.61 -15.81
CA THR BA 189 -138.57 -63.83 -15.35
C THR BA 189 -137.61 -65.00 -15.54
N ASN BA 190 -137.50 -65.85 -14.52
CA ASN BA 190 -136.66 -67.03 -14.56
C ASN BA 190 -137.45 -68.21 -14.01
N ALA BA 191 -137.82 -69.14 -14.88
CA ALA BA 191 -138.52 -70.36 -14.50
C ALA BA 191 -137.54 -71.52 -14.64
N ASN BA 192 -137.05 -72.02 -13.52
CA ASN BA 192 -136.11 -73.14 -13.48
C ASN BA 192 -136.86 -74.41 -13.11
N ILE BA 193 -136.79 -75.41 -13.96
CA ILE BA 193 -137.41 -76.71 -13.71
C ILE BA 193 -136.33 -77.77 -13.93
N GLY BA 194 -136.60 -78.98 -13.42
CA GLY BA 194 -135.61 -80.04 -13.52
C GLY BA 194 -135.18 -80.35 -14.94
N GLU BA 195 -136.08 -80.21 -15.90
CA GLU BA 195 -135.77 -80.47 -17.30
C GLU BA 195 -136.01 -79.27 -18.20
N ALA BA 196 -136.26 -78.09 -17.64
CA ALA BA 196 -136.52 -76.91 -18.45
C ALA BA 196 -136.02 -75.68 -17.73
N VAL BA 197 -135.40 -74.76 -18.48
CA VAL BA 197 -134.93 -73.48 -17.97
C VAL BA 197 -135.39 -72.40 -18.92
N VAL BA 198 -136.16 -71.43 -18.42
CA VAL BA 198 -136.65 -70.33 -19.23
C VAL BA 198 -136.19 -69.02 -18.58
N THR BA 199 -135.59 -68.14 -19.37
CA THR BA 199 -135.11 -66.84 -18.90
C THR BA 199 -135.56 -65.77 -19.87
N ALA BA 200 -136.53 -64.96 -19.44
CA ALA BA 200 -137.10 -63.91 -20.27
C ALA BA 200 -136.81 -62.55 -19.65
N THR BA 201 -136.64 -61.54 -20.51
CA THR BA 201 -136.34 -60.19 -20.08
C THR BA 201 -136.97 -59.21 -21.06
N ALA BA 202 -137.53 -58.12 -20.53
CA ALA BA 202 -138.15 -57.12 -21.38
C ALA BA 202 -137.97 -55.73 -20.79
N GLU BA 203 -137.45 -54.80 -21.58
CA GLU BA 203 -137.27 -53.42 -21.17
C GLU BA 203 -137.90 -52.49 -22.19
N LEU BA 204 -138.60 -51.47 -21.70
CA LEU BA 204 -139.13 -50.46 -22.61
C LEU BA 204 -139.24 -49.13 -21.86
N ASP BA 205 -139.30 -48.05 -22.63
CA ASP BA 205 -139.43 -46.72 -22.05
C ASP BA 205 -139.98 -45.77 -23.11
N LYS BA 206 -140.93 -44.93 -22.71
CA LYS BA 206 -141.58 -43.99 -23.60
C LYS BA 206 -141.38 -42.57 -23.08
N ASN BA 207 -141.12 -41.65 -24.01
CA ASN BA 207 -140.93 -40.24 -23.71
C ASN BA 207 -141.81 -39.42 -24.64
N LEU BA 208 -142.58 -38.49 -24.06
CA LEU BA 208 -143.47 -37.62 -24.81
C LEU BA 208 -143.34 -36.19 -24.31
N SER BA 209 -143.61 -35.24 -25.20
CA SER BA 209 -143.60 -33.83 -24.84
C SER BA 209 -144.55 -33.08 -25.76
N ARG BA 210 -145.51 -32.36 -25.18
CA ARG BA 210 -146.50 -31.62 -25.93
C ARG BA 210 -146.55 -30.19 -25.43
N LYS BA 211 -146.43 -29.22 -26.35
CA LYS BA 211 -146.43 -27.81 -25.99
C LYS BA 211 -147.33 -27.06 -26.96
N ILE BA 212 -148.36 -26.39 -26.45
CA ILE BA 212 -149.31 -25.65 -27.28
C ILE BA 212 -149.50 -24.26 -26.69
N GLU BA 213 -150.13 -23.39 -27.50
CA GLU BA 213 -150.36 -22.00 -27.12
C GLU BA 213 -151.71 -21.56 -27.65
N ILE BA 214 -152.68 -21.40 -26.75
CA ILE BA 214 -154.00 -20.90 -27.14
C ILE BA 214 -153.93 -19.40 -27.38
N PRO BA 215 -154.62 -18.88 -28.38
CA PRO BA 215 -154.52 -17.46 -28.71
C PRO BA 215 -155.41 -16.62 -27.82
N PRO BA 216 -155.21 -15.30 -27.80
CA PRO BA 216 -156.08 -14.44 -27.01
C PRO BA 216 -157.53 -14.53 -27.45
N GLY BA 217 -158.44 -14.44 -26.48
CA GLY BA 217 -159.87 -14.49 -26.73
C GLY BA 217 -160.50 -15.85 -26.56
N THR BA 218 -159.69 -16.89 -26.33
CA THR BA 218 -160.25 -18.22 -26.15
C THR BA 218 -161.08 -18.29 -24.87
N ALA BA 219 -162.30 -18.80 -24.99
CA ALA BA 219 -163.17 -18.90 -23.82
C ALA BA 219 -162.74 -20.06 -22.93
N LEU BA 220 -162.91 -19.88 -21.62
CA LEU BA 220 -162.58 -20.91 -20.64
C LEU BA 220 -163.77 -21.47 -19.91
N ALA BA 221 -164.71 -20.62 -19.50
CA ALA BA 221 -165.86 -21.07 -18.73
C ALA BA 221 -167.00 -20.08 -18.93
N TYR BA 222 -168.21 -20.50 -18.55
CA TYR BA 222 -169.39 -19.70 -18.81
C TYR BA 222 -170.47 -20.03 -17.79
N SER BA 223 -171.46 -19.15 -17.71
CA SER BA 223 -172.66 -19.36 -16.91
C SER BA 223 -173.87 -18.96 -17.74
N PHE BA 224 -175.00 -19.63 -17.50
CA PHE BA 224 -176.18 -19.42 -18.34
C PHE BA 224 -177.43 -19.40 -17.49
N MET BA 225 -178.48 -18.83 -18.06
CA MET BA 225 -179.80 -18.74 -17.44
C MET BA 225 -180.81 -19.54 -18.26
N ASP BA 226 -181.70 -20.25 -17.56
CA ASP BA 226 -182.64 -21.11 -18.24
C ASP BA 226 -183.79 -20.32 -18.86
N LEU BA 227 -184.45 -20.95 -19.82
CA LEU BA 227 -185.59 -20.35 -20.52
C LEU BA 227 -186.70 -21.40 -20.64
N GLU BA 228 -187.87 -20.93 -21.07
CA GLU BA 228 -189.03 -21.79 -21.23
C GLU BA 228 -189.90 -21.26 -22.36
N ILE BA 229 -190.23 -22.14 -23.31
CA ILE BA 229 -191.09 -21.79 -24.43
C ILE BA 229 -192.54 -21.90 -23.99
N LEU BA 230 -193.30 -20.81 -24.15
CA LEU BA 230 -194.73 -20.87 -23.88
C LEU BA 230 -195.43 -21.69 -24.97
N GLU BA 231 -196.75 -21.83 -24.84
CA GLU BA 231 -197.54 -22.44 -25.89
C GLU BA 231 -197.33 -21.72 -27.22
N ASP BA 232 -197.37 -20.39 -27.18
CA ASP BA 232 -197.02 -19.57 -28.33
C ASP BA 232 -195.50 -19.50 -28.48
N ARG BA 233 -195.04 -18.70 -29.43
CA ARG BA 233 -193.61 -18.47 -29.60
C ARG BA 233 -192.99 -17.65 -28.47
N SER BA 234 -193.82 -17.13 -27.55
CA SER BA 234 -193.31 -16.33 -26.44
C SER BA 234 -192.35 -17.13 -25.58
N LEU BA 235 -191.37 -16.42 -25.01
CA LEU BA 235 -190.36 -17.01 -24.14
C LEU BA 235 -190.46 -16.42 -22.75
N ARG BA 236 -190.14 -17.25 -21.75
CA ARG BA 236 -190.16 -16.82 -20.36
C ARG BA 236 -188.87 -17.29 -19.69
N VAL BA 237 -188.51 -16.64 -18.59
CA VAL BA 237 -187.33 -17.02 -17.83
C VAL BA 237 -187.77 -17.83 -16.64
N SER BA 238 -186.98 -18.85 -16.30
CA SER BA 238 -187.32 -19.77 -15.22
C SER BA 238 -186.19 -19.82 -14.20
N SER BA 239 -186.54 -19.87 -12.92
CA SER BA 239 -185.59 -19.86 -11.83
C SER BA 239 -185.86 -21.03 -10.90
N SER BA 240 -184.90 -21.95 -10.81
CA SER BA 240 -184.99 -23.05 -9.86
C SER BA 240 -184.61 -22.51 -8.47
N ALA BA 241 -185.61 -22.39 -7.60
CA ALA BA 241 -185.44 -21.82 -6.27
C ALA BA 241 -184.87 -20.40 -6.33
N GLY BA 242 -185.21 -19.66 -7.39
CA GLY BA 242 -184.75 -18.30 -7.56
C GLY BA 242 -183.28 -18.16 -7.88
N ALA BA 243 -182.63 -19.21 -8.36
CA ALA BA 243 -181.20 -19.13 -8.64
C ALA BA 243 -180.91 -18.18 -9.81
N MET BA 244 -181.61 -18.37 -10.94
CA MET BA 244 -181.39 -17.60 -12.16
C MET BA 244 -179.95 -17.67 -12.64
N PHE BA 245 -179.18 -18.66 -12.18
CA PHE BA 245 -177.80 -18.85 -12.62
C PHE BA 245 -177.53 -20.35 -12.56
N ASP BA 246 -177.59 -21.01 -13.70
CA ASP BA 246 -177.44 -22.46 -13.75
C ASP BA 246 -176.02 -22.81 -14.14
N SER BA 247 -175.40 -23.71 -13.37
CA SER BA 247 -174.04 -24.16 -13.62
C SER BA 247 -174.00 -25.60 -14.14
N GLY BA 248 -175.12 -26.10 -14.65
CA GLY BA 248 -175.16 -27.48 -15.09
C GLY BA 248 -174.94 -28.48 -13.98
N LYS BA 249 -175.49 -28.20 -12.80
CA LYS BA 249 -175.32 -29.06 -11.63
C LYS BA 249 -176.57 -29.89 -11.40
N ALA BA 250 -176.37 -31.07 -10.80
CA ALA BA 250 -177.49 -31.92 -10.46
C ALA BA 250 -178.34 -31.29 -9.37
N GLU BA 251 -179.64 -31.61 -9.38
CA GLU BA 251 -180.55 -31.05 -8.40
C GLU BA 251 -180.18 -31.48 -6.98
N SER BA 252 -179.80 -32.75 -6.81
CA SER BA 252 -179.39 -33.30 -5.52
C SER BA 252 -180.47 -33.11 -4.47
CA ARG CA 3 -159.81 -25.78 -0.14
C ARG CA 3 -159.24 -24.66 -1.02
N PRO CA 4 -160.13 -23.97 -1.74
CA PRO CA 4 -159.68 -22.88 -2.60
C PRO CA 4 -158.99 -21.78 -1.80
N MET CA 5 -157.95 -21.19 -2.40
CA MET CA 5 -157.22 -20.13 -1.73
C MET CA 5 -158.11 -18.93 -1.45
N PHE CA 6 -158.98 -18.59 -2.41
CA PHE CA 6 -159.89 -17.46 -2.19
C PHE CA 6 -160.80 -17.72 -1.00
N ALA CA 7 -161.35 -18.93 -0.89
CA ALA CA 7 -162.20 -19.25 0.25
C ALA CA 7 -161.42 -19.21 1.56
N VAL CA 8 -160.20 -19.73 1.56
CA VAL CA 8 -159.38 -19.69 2.77
C VAL CA 8 -159.10 -18.25 3.19
N ALA CA 9 -158.74 -17.40 2.23
CA ALA CA 9 -158.45 -16.01 2.55
C ALA CA 9 -159.71 -15.29 3.04
N VAL CA 10 -160.86 -15.59 2.44
CA VAL CA 10 -162.11 -14.98 2.89
C VAL CA 10 -162.40 -15.39 4.33
N ASN CA 11 -162.22 -16.66 4.64
CA ASN CA 11 -162.44 -17.11 6.02
C ASN CA 11 -161.48 -16.45 6.99
N GLU CA 12 -160.21 -16.32 6.61
CA GLU CA 12 -159.24 -15.65 7.47
C GLU CA 12 -159.63 -14.20 7.71
N PHE CA 13 -160.03 -13.50 6.66
CA PHE CA 13 -160.43 -12.10 6.81
C PHE CA 13 -161.66 -11.97 7.70
N ILE CA 14 -162.67 -12.82 7.46
CA ILE CA 14 -163.91 -12.70 8.22
C ILE CA 14 -163.68 -13.08 9.68
N ARG CA 15 -162.75 -13.98 9.96
CA ARG CA 15 -162.42 -14.27 11.35
C ARG CA 15 -161.68 -13.11 12.00
N SER CA 16 -160.68 -12.56 11.32
CA SER CA 16 -159.89 -11.48 11.91
C SER CA 16 -160.75 -10.25 12.16
N ALA CA 17 -161.62 -9.90 11.20
CA ALA CA 17 -162.48 -8.74 11.31
C ALA CA 17 -163.89 -9.12 10.94
N GLY CA 18 -164.86 -8.67 11.72
CA GLY CA 18 -166.26 -8.94 11.41
C GLY CA 18 -166.67 -10.39 11.47
N GLN CA 19 -166.28 -11.09 12.55
CA GLN CA 19 -166.67 -12.49 12.69
C GLN CA 19 -168.18 -12.63 12.79
N ASP CA 20 -168.87 -11.60 13.27
CA ASP CA 20 -170.31 -11.58 13.34
C ASP CA 20 -170.85 -10.58 12.31
N SER CA 21 -172.08 -10.85 11.85
CA SER CA 21 -172.78 -9.99 10.90
C SER CA 21 -171.98 -9.83 9.61
N LEU CA 22 -171.51 -10.94 9.05
CA LEU CA 22 -170.75 -10.91 7.82
C LEU CA 22 -170.83 -12.28 7.16
N CYS CA 23 -171.04 -12.29 5.85
CA CYS CA 23 -171.18 -13.52 5.07
C CYS CA 23 -170.06 -13.59 4.05
N GLY CA 24 -169.39 -14.75 3.99
CA GLY CA 24 -168.33 -14.93 3.04
C GLY CA 24 -168.84 -14.98 1.61
N VAL CA 25 -167.95 -14.65 0.68
CA VAL CA 25 -168.26 -14.67 -0.75
C VAL CA 25 -167.94 -16.05 -1.31
N PRO CA 26 -168.87 -16.68 -2.04
CA PRO CA 26 -168.62 -18.05 -2.50
C PRO CA 26 -167.44 -18.19 -3.45
N ASP CA 27 -167.29 -17.29 -4.42
CA ASP CA 27 -166.21 -17.41 -5.39
C ASP CA 27 -165.93 -16.08 -6.03
N ILE CA 28 -164.78 -15.99 -6.69
CA ILE CA 28 -164.35 -14.74 -7.31
C ILE CA 28 -165.32 -14.32 -8.40
N ASN CA 29 -165.80 -15.29 -9.19
CA ASN CA 29 -166.70 -14.96 -10.30
C ASN CA 29 -167.99 -14.30 -9.79
N SER CA 30 -168.56 -14.84 -8.72
CA SER CA 30 -169.81 -14.33 -8.17
C SER CA 30 -169.60 -13.24 -7.13
N SER CA 31 -168.34 -12.86 -6.86
CA SER CA 31 -168.07 -11.80 -5.91
C SER CA 31 -168.72 -10.48 -6.34
N GLY CA 32 -168.74 -10.21 -7.65
CA GLY CA 32 -169.26 -8.94 -8.13
C GLY CA 32 -170.76 -8.80 -8.04
N ASP CA 33 -171.48 -9.87 -7.72
CA ASP CA 33 -172.94 -9.83 -7.62
C ASP CA 33 -173.42 -9.51 -6.20
N PHE CA 34 -172.50 -9.26 -5.26
CA PHE CA 34 -172.86 -8.98 -3.88
C PHE CA 34 -172.48 -7.55 -3.48
N MET CA 35 -172.56 -6.63 -4.43
CA MET CA 35 -172.36 -5.22 -4.13
C MET CA 35 -173.60 -4.65 -3.45
N PRO CA 36 -173.48 -3.50 -2.80
CA PRO CA 36 -174.63 -2.93 -2.09
C PRO CA 36 -175.80 -2.67 -3.02
N LEU CA 37 -177.01 -2.77 -2.46
CA LEU CA 37 -178.27 -2.58 -3.18
C LEU CA 37 -178.47 -3.66 -4.24
N HIS CA 38 -178.23 -4.92 -3.85
CA HIS CA 38 -178.47 -6.08 -4.69
C HIS CA 38 -179.45 -7.01 -3.98
N ILE CA 39 -180.31 -7.66 -4.76
CA ILE CA 39 -181.29 -8.59 -4.24
C ILE CA 39 -180.70 -10.00 -4.25
N ILE CA 40 -180.89 -10.72 -3.14
CA ILE CA 40 -180.47 -12.11 -3.04
C ILE CA 40 -181.64 -12.92 -2.49
N VAL CA 41 -181.59 -14.23 -2.71
CA VAL CA 41 -182.64 -15.14 -2.29
C VAL CA 41 -182.08 -16.06 -1.21
N LYS CA 42 -182.84 -16.24 -0.14
CA LYS CA 42 -182.45 -17.10 0.97
C LYS CA 42 -183.40 -18.29 1.04
N GLU CA 43 -182.83 -19.49 1.12
CA GLU CA 43 -183.59 -20.73 1.19
C GLU CA 43 -183.31 -21.40 2.53
N VAL CA 44 -184.37 -21.81 3.22
CA VAL CA 44 -184.27 -22.43 4.53
C VAL CA 44 -183.71 -23.85 4.38
N PRO CA 45 -183.04 -24.39 5.41
CA PRO CA 45 -182.50 -25.76 5.28
C PRO CA 45 -183.55 -26.82 5.04
N LYS CA 46 -184.76 -26.65 5.58
CA LYS CA 46 -185.90 -27.56 5.47
C LYS CA 46 -185.69 -28.88 6.22
N VAL CA 47 -184.52 -29.09 6.82
CA VAL CA 47 -184.26 -30.32 7.58
C VAL CA 47 -184.02 -29.94 9.04
N LEU CA 48 -182.99 -29.13 9.28
CA LEU CA 48 -182.66 -28.63 10.61
C LEU CA 48 -182.49 -27.12 10.52
N PRO CA 49 -183.60 -26.38 10.40
CA PRO CA 49 -183.49 -24.93 10.22
C PRO CA 49 -182.75 -24.22 11.34
N CYS CA 50 -182.91 -24.68 12.58
CA CYS CA 50 -182.24 -24.06 13.71
C CYS CA 50 -180.82 -24.56 13.90
N CYS CA 51 -180.41 -25.60 13.17
CA CYS CA 51 -179.08 -26.17 13.32
C CYS CA 51 -178.19 -25.97 12.10
N ARG CA 52 -178.76 -25.61 10.95
CA ARG CA 52 -178.00 -25.47 9.71
C ARG CA 52 -178.21 -24.07 9.15
N ARG CA 53 -177.13 -23.47 8.64
CA ARG CA 53 -177.23 -22.15 8.04
C ARG CA 53 -177.94 -22.23 6.69
N PRO CA 54 -178.72 -21.20 6.34
CA PRO CA 54 -179.49 -21.25 5.08
C PRO CA 54 -178.62 -21.15 3.85
N LYS CA 55 -179.25 -21.23 2.68
CA LYS CA 55 -178.55 -21.18 1.39
C LYS CA 55 -178.84 -19.85 0.71
N ILE CA 56 -177.79 -19.20 0.23
CA ILE CA 56 -177.89 -17.86 -0.35
C ILE CA 56 -177.64 -17.96 -1.85
N LYS CA 57 -178.55 -17.41 -2.64
CA LYS CA 57 -178.51 -17.45 -4.10
C LYS CA 57 -178.46 -16.03 -4.63
N ARG CA 58 -177.51 -15.77 -5.53
CA ARG CA 58 -177.40 -14.46 -6.15
C ARG CA 58 -178.40 -14.31 -7.29
N THR CA 59 -178.81 -13.07 -7.52
CA THR CA 59 -179.74 -12.75 -8.59
C THR CA 59 -179.23 -11.54 -9.36
N PRO CA 60 -179.55 -11.46 -10.66
CA PRO CA 60 -179.12 -10.31 -11.47
C PRO CA 60 -180.12 -9.14 -11.41
N TYR CA 61 -180.37 -8.65 -10.20
CA TYR CA 61 -181.33 -7.59 -10.00
C TYR CA 61 -180.79 -6.59 -8.98
N THR CA 62 -181.18 -5.33 -9.17
CA THR CA 62 -180.96 -4.27 -8.19
C THR CA 62 -182.30 -3.83 -7.61
N LEU CA 63 -182.22 -2.99 -6.58
CA LEU CA 63 -183.43 -2.53 -5.92
C LEU CA 63 -184.32 -1.74 -6.88
N ASN CA 64 -183.71 -0.85 -7.67
CA ASN CA 64 -184.50 -0.02 -8.59
C ASN CA 64 -185.15 -0.86 -9.67
N ASP CA 65 -184.47 -1.92 -10.13
CA ASP CA 65 -185.07 -2.80 -11.12
C ASP CA 65 -186.21 -3.62 -10.52
N ILE CA 66 -186.02 -4.12 -9.30
CA ILE CA 66 -187.04 -4.97 -8.69
C ILE CA 66 -188.25 -4.15 -8.26
N LEU CA 67 -188.07 -2.85 -8.02
CA LEU CA 67 -189.15 -2.00 -7.53
C LEU CA 67 -189.74 -1.18 -8.67
N ASP CA 68 -191.07 -1.05 -8.66
CA ASP CA 68 -191.73 -0.16 -9.61
C ASP CA 68 -191.30 1.29 -9.38
N GLU CA 69 -191.21 1.71 -8.12
CA GLU CA 69 -190.81 3.06 -7.79
C GLU CA 69 -189.32 3.09 -7.45
N PRO CA 70 -188.52 3.91 -8.13
CA PRO CA 70 -187.08 3.93 -7.85
C PRO CA 70 -186.77 4.57 -6.50
N CYS CA 71 -185.58 4.26 -6.01
CA CYS CA 71 -185.06 4.76 -4.75
C CYS CA 71 -183.68 5.35 -4.98
N PRO CA 72 -183.24 6.27 -4.14
CA PRO CA 72 -181.86 6.77 -4.25
C PRO CA 72 -180.86 5.64 -4.07
N ASN CA 73 -179.76 5.71 -4.82
CA ASN CA 73 -178.79 4.62 -4.86
C ASN CA 73 -177.35 5.07 -4.72
N GLN CA 74 -177.10 6.30 -4.28
CA GLN CA 74 -175.73 6.77 -4.13
C GLN CA 74 -175.01 5.99 -3.04
N LEU CA 75 -173.70 5.81 -3.22
CA LEU CA 75 -172.89 5.01 -2.32
C LEU CA 75 -171.72 5.82 -1.79
N LYS CA 76 -171.04 5.27 -0.79
CA LYS CA 76 -169.85 5.85 -0.22
C LYS CA 76 -168.99 4.74 0.36
N SER CA 77 -167.69 4.97 0.40
CA SER CA 77 -166.73 3.98 0.87
C SER CA 77 -165.78 4.60 1.88
N SER CA 78 -165.32 3.77 2.82
CA SER CA 78 -164.39 4.20 3.85
C SER CA 78 -163.56 3.01 4.30
N ASP CA 79 -162.38 3.30 4.84
CA ASP CA 79 -161.47 2.24 5.23
C ASP CA 79 -162.03 1.41 6.38
N LEU CA 80 -161.73 0.12 6.36
CA LEU CA 80 -162.20 -0.81 7.39
C LEU CA 80 -161.06 -1.44 8.17
N VAL CA 81 -160.09 -2.06 7.49
CA VAL CA 81 -158.97 -2.72 8.15
C VAL CA 81 -157.80 -2.74 7.18
N THR CA 82 -156.60 -2.92 7.71
CA THR CA 82 -155.37 -2.88 6.93
C THR CA 82 -154.44 -4.00 7.40
N PHE CA 83 -154.16 -4.96 6.53
CA PHE CA 83 -153.23 -6.04 6.82
C PHE CA 83 -151.83 -5.57 6.41
N THR CA 84 -151.04 -5.14 7.38
CA THR CA 84 -149.72 -4.57 7.08
C THR CA 84 -148.77 -5.62 6.51
N GLU CA 85 -148.85 -6.86 7.01
CA GLU CA 85 -147.98 -7.91 6.55
C GLU CA 85 -148.79 -9.12 6.12
N PRO CA 86 -148.28 -9.92 5.19
CA PRO CA 86 -149.04 -11.07 4.70
C PRO CA 86 -149.30 -12.09 5.80
N LEU CA 87 -150.48 -12.70 5.75
CA LEU CA 87 -150.79 -13.85 6.59
C LEU CA 87 -150.02 -15.06 6.07
N VAL CA 88 -149.13 -15.60 6.91
CA VAL CA 88 -148.24 -16.69 6.52
C VAL CA 88 -148.55 -17.90 7.39
N SER CA 89 -148.70 -19.06 6.75
CA SER CA 89 -148.98 -20.31 7.45
C SER CA 89 -148.05 -21.40 6.95
N ASN CA 90 -147.52 -22.19 7.88
CA ASN CA 90 -146.64 -23.30 7.57
C ASN CA 90 -147.10 -24.54 8.33
N VAL CA 91 -147.16 -25.67 7.64
CA VAL CA 91 -147.47 -26.96 8.24
C VAL CA 91 -146.44 -27.95 7.74
N LYS CA 92 -145.88 -28.74 8.66
CA LYS CA 92 -144.86 -29.72 8.30
C LYS CA 92 -145.09 -30.97 9.12
N ALA CA 93 -145.46 -32.07 8.46
CA ALA CA 93 -145.72 -33.33 9.12
C ALA CA 93 -144.79 -34.41 8.57
N SER CA 94 -144.42 -35.35 9.43
CA SER CA 94 -143.57 -36.46 9.01
C SER CA 94 -143.84 -37.63 9.96
N SER CA 95 -144.08 -38.81 9.38
CA SER CA 95 -144.41 -39.99 10.18
C SER CA 95 -143.78 -41.22 9.55
N SER CA 96 -143.58 -42.24 10.39
CA SER CA 96 -143.02 -43.51 9.96
C SER CA 96 -143.64 -44.64 10.77
N ILE CA 97 -143.90 -45.75 10.10
CA ILE CA 97 -144.53 -46.92 10.71
C ILE CA 97 -143.69 -48.15 10.37
N GLY CA 98 -143.44 -48.99 11.38
CA GLY CA 98 -142.74 -50.23 11.15
C GLY CA 98 -143.42 -51.42 11.82
N LEU CA 99 -143.83 -52.41 11.03
CA LEU CA 99 -144.54 -53.58 11.54
C LEU CA 99 -143.72 -54.81 11.23
N GLN CA 100 -143.56 -55.69 12.22
CA GLN CA 100 -142.87 -56.95 12.03
C GLN CA 100 -143.65 -58.08 12.68
N ILE CA 101 -143.88 -59.15 11.93
CA ILE CA 101 -144.51 -60.36 12.46
C ILE CA 101 -143.48 -61.48 12.30
N LEU CA 102 -142.80 -61.81 13.39
CA LEU CA 102 -141.82 -62.89 13.47
C LEU CA 102 -140.77 -62.65 12.40
N LYS CA 103 -140.38 -63.67 11.63
CA LYS CA 103 -139.56 -63.49 10.44
C LYS CA 103 -140.37 -63.72 9.16
N HIS CA 104 -141.69 -63.56 9.25
CA HIS CA 104 -142.58 -63.81 8.13
C HIS CA 104 -143.14 -62.54 7.49
N PHE CA 105 -143.34 -61.48 8.26
CA PHE CA 105 -143.87 -60.23 7.71
C PHE CA 105 -143.00 -59.07 8.18
N ASP CA 106 -142.70 -58.15 7.27
CA ASP CA 106 -141.90 -56.97 7.63
C ASP CA 106 -142.29 -55.82 6.70
N SER CA 107 -142.99 -54.83 7.23
CA SER CA 107 -143.43 -53.69 6.44
C SER CA 107 -142.89 -52.40 7.05
N GLY CA 108 -142.39 -51.51 6.21
CA GLY CA 108 -141.94 -50.21 6.65
C GLY CA 108 -142.47 -49.10 5.76
N ALA CA 109 -143.26 -48.20 6.32
CA ALA CA 109 -143.85 -47.10 5.58
C ALA CA 109 -143.43 -45.78 6.19
N LYS CA 110 -143.44 -44.74 5.36
CA LYS CA 110 -143.10 -43.41 5.86
C LYS CA 110 -143.73 -42.37 4.94
N GLY CA 111 -144.07 -41.23 5.52
CA GLY CA 111 -144.70 -40.16 4.77
C GLY CA 111 -144.27 -38.82 5.31
N SER CA 112 -144.33 -37.81 4.45
CA SER CA 112 -144.00 -36.45 4.84
C SER CA 112 -144.81 -35.47 4.01
N LYS CA 113 -145.06 -34.31 4.58
CA LYS CA 113 -145.87 -33.29 3.93
C LYS CA 113 -145.41 -31.91 4.39
N ASN CA 114 -145.31 -30.98 3.45
CA ASN CA 114 -144.92 -29.60 3.72
C ASN CA 114 -145.86 -28.68 2.96
N PHE CA 115 -146.59 -27.84 3.69
CA PHE CA 115 -147.63 -26.99 3.13
C PHE CA 115 -147.38 -25.55 3.57
N ILE CA 116 -147.32 -24.62 2.61
CA ILE CA 116 -147.02 -23.22 2.89
C ILE CA 116 -148.07 -22.35 2.21
N THR CA 117 -148.57 -21.36 2.93
CA THR CA 117 -149.60 -20.46 2.42
C THR CA 117 -149.23 -19.02 2.76
N SER CA 118 -149.50 -18.11 1.83
CA SER CA 118 -149.27 -16.68 2.05
C SER CA 118 -150.38 -15.89 1.39
N ALA CA 119 -151.00 -14.99 2.14
CA ALA CA 119 -152.07 -14.14 1.63
C ALA CA 119 -151.77 -12.69 1.95
N SER CA 120 -151.77 -11.85 0.93
CA SER CA 120 -151.52 -10.41 1.07
C SER CA 120 -152.77 -9.69 0.55
N LEU CA 121 -153.61 -9.22 1.47
CA LEU CA 121 -154.85 -8.54 1.12
C LEU CA 121 -154.72 -7.03 1.12
N GLY CA 122 -153.59 -6.48 1.57
CA GLY CA 122 -153.41 -5.04 1.54
C GLY CA 122 -154.42 -4.34 2.42
N THR CA 123 -155.16 -3.41 1.82
CA THR CA 123 -156.16 -2.61 2.53
C THR CA 123 -157.55 -3.04 2.09
N VAL CA 124 -158.46 -3.18 3.05
CA VAL CA 124 -159.85 -3.55 2.78
C VAL CA 124 -160.73 -2.36 3.16
N VAL CA 125 -161.60 -1.96 2.24
CA VAL CA 125 -162.53 -0.86 2.48
C VAL CA 125 -163.94 -1.42 2.52
N LYS CA 126 -164.87 -0.61 3.02
CA LYS CA 126 -166.28 -0.95 3.11
C LYS CA 126 -167.08 0.07 2.33
N ALA CA 127 -167.99 -0.43 1.50
CA ALA CA 127 -168.86 0.41 0.68
C ALA CA 127 -170.31 0.17 1.08
N GLU CA 128 -171.06 1.26 1.18
CA GLU CA 128 -172.43 1.20 1.65
C GLU CA 128 -173.17 2.46 1.20
N THR CA 129 -174.50 2.38 1.23
CA THR CA 129 -175.32 3.51 0.85
C THR CA 129 -175.05 4.71 1.74
N ILE CA 130 -175.09 5.90 1.17
CA ILE CA 130 -174.85 7.12 1.94
C ILE CA 130 -175.90 7.27 3.04
N ASP CA 131 -177.16 7.05 2.71
CA ASP CA 131 -178.26 7.11 3.67
C ASP CA 131 -179.13 5.89 3.49
N ILE CA 132 -179.20 5.04 4.53
CA ILE CA 132 -180.00 3.83 4.46
C ILE CA 132 -181.44 4.08 4.89
N THR CA 133 -181.67 5.08 5.75
CA THR CA 133 -183.02 5.36 6.22
C THR CA 133 -183.93 5.77 5.08
N LYS CA 134 -183.43 6.61 4.16
CA LYS CA 134 -184.24 7.01 3.01
C LYS CA 134 -184.57 5.81 2.13
N VAL CA 135 -183.58 4.94 1.90
CA VAL CA 135 -183.81 3.75 1.08
C VAL CA 135 -184.87 2.87 1.73
N LEU CA 136 -184.77 2.68 3.04
CA LEU CA 136 -185.76 1.86 3.74
C LEU CA 136 -187.15 2.47 3.66
N ALA CA 137 -187.26 3.78 3.85
CA ALA CA 137 -188.56 4.44 3.77
C ALA CA 137 -189.17 4.25 2.38
N LYS CA 138 -188.38 4.52 1.34
CA LYS CA 138 -188.89 4.38 -0.02
C LYS CA 138 -189.28 2.94 -0.33
N VAL CA 139 -188.49 1.97 0.16
CA VAL CA 139 -188.84 0.57 -0.05
C VAL CA 139 -190.20 0.27 0.57
N ARG CA 140 -190.38 0.70 1.82
CA ARG CA 140 -191.62 0.43 2.52
C ARG CA 140 -192.81 1.08 1.82
N THR CA 141 -192.60 2.26 1.22
CA THR CA 141 -193.69 2.94 0.54
C THR CA 141 -193.79 2.59 -0.94
N ALA CA 142 -192.93 1.71 -1.45
CA ALA CA 142 -192.89 1.39 -2.87
C ALA CA 142 -193.33 -0.04 -3.11
N LYS CA 143 -193.95 -0.27 -4.27
CA LYS CA 143 -194.40 -1.60 -4.67
C LYS CA 143 -193.42 -2.25 -5.65
N ALA CA 144 -193.33 -3.57 -5.57
CA ALA CA 144 -192.44 -4.32 -6.44
C ALA CA 144 -192.97 -4.35 -7.87
N LYS CA 145 -192.12 -4.81 -8.79
CA LYS CA 145 -192.48 -4.88 -10.20
C LYS CA 145 -193.43 -6.06 -10.44
N VAL CA 146 -194.63 -5.76 -10.94
CA VAL CA 146 -195.61 -6.82 -11.21
C VAL CA 146 -195.08 -7.76 -12.30
N GLU CA 147 -194.42 -7.20 -13.31
CA GLU CA 147 -193.88 -8.03 -14.39
C GLU CA 147 -192.86 -9.04 -13.89
N ASN CA 148 -192.06 -8.69 -12.89
CA ASN CA 148 -191.00 -9.57 -12.42
C ASN CA 148 -191.55 -10.90 -11.94
N ASP CA 149 -190.89 -11.98 -12.35
CA ASP CA 149 -191.30 -13.34 -12.00
C ASP CA 149 -190.71 -13.81 -10.68
N LEU CA 150 -189.48 -13.39 -10.39
CA LEU CA 150 -188.81 -13.78 -9.15
C LEU CA 150 -189.63 -13.37 -7.92
N VAL CA 151 -190.13 -12.13 -7.92
CA VAL CA 151 -190.93 -11.65 -6.80
C VAL CA 151 -192.16 -12.53 -6.59
N SER CA 152 -192.85 -12.85 -7.69
CA SER CA 152 -194.04 -13.70 -7.60
C SER CA 152 -193.68 -15.08 -7.06
N ARG CA 153 -192.58 -15.64 -7.55
CA ARG CA 153 -192.12 -16.94 -7.05
C ARG CA 153 -191.90 -16.90 -5.55
N VAL CA 154 -191.15 -15.89 -5.07
CA VAL CA 154 -190.87 -15.78 -3.65
C VAL CA 154 -192.15 -15.55 -2.85
N MET CA 155 -193.10 -14.81 -3.42
CA MET CA 155 -194.37 -14.57 -2.73
C MET CA 155 -195.16 -15.87 -2.57
N LYS CA 156 -195.24 -16.67 -3.64
CA LYS CA 156 -196.04 -17.89 -3.56
C LYS CA 156 -195.36 -18.95 -2.71
N THR CA 157 -194.04 -19.03 -2.76
CA THR CA 157 -193.33 -20.01 -1.94
C THR CA 157 -193.14 -19.48 -0.52
N LYS CA 158 -193.01 -20.42 0.41
CA LYS CA 158 -192.84 -20.09 1.82
C LYS CA 158 -191.39 -20.18 2.30
N ARG CA 159 -190.59 -21.05 1.68
CA ARG CA 159 -189.19 -21.16 2.10
C ARG CA 159 -188.37 -19.97 1.63
N LEU CA 160 -188.61 -19.49 0.40
CA LEU CA 160 -187.80 -18.44 -0.17
C LEU CA 160 -188.04 -17.10 0.54
N CYS CA 161 -186.95 -16.36 0.74
CA CYS CA 161 -187.02 -15.02 1.30
C CYS CA 161 -186.11 -14.10 0.49
N LEU CA 162 -186.42 -12.81 0.51
CA LEU CA 162 -185.65 -11.82 -0.22
C LEU CA 162 -184.75 -11.04 0.74
N GLY CA 163 -183.55 -10.71 0.27
CA GLY CA 163 -182.63 -9.93 1.07
C GLY CA 163 -181.92 -8.85 0.28
N LEU CA 164 -181.84 -7.65 0.84
CA LEU CA 164 -181.18 -6.51 0.22
C LEU CA 164 -179.81 -6.34 0.84
N VAL CA 165 -178.77 -6.36 0.01
CA VAL CA 165 -177.40 -6.20 0.49
C VAL CA 165 -177.15 -4.73 0.77
N VAL CA 166 -176.59 -4.45 1.95
CA VAL CA 166 -176.44 -3.07 2.41
C VAL CA 166 -175.00 -2.64 2.62
N GLU CA 167 -174.04 -3.56 2.78
CA GLU CA 167 -172.65 -3.18 2.94
C GLU CA 167 -171.77 -4.28 2.39
N THR CA 168 -170.63 -3.89 1.81
CA THR CA 168 -169.73 -4.84 1.18
C THR CA 168 -168.29 -4.47 1.47
N ALA CA 169 -167.46 -5.49 1.74
CA ALA CA 169 -166.04 -5.30 1.99
C ALA CA 169 -165.27 -5.68 0.73
N CYS CA 170 -164.46 -4.74 0.23
CA CYS CA 170 -163.74 -4.91 -1.03
C CYS CA 170 -162.29 -4.52 -0.86
N VAL CA 171 -161.41 -5.20 -1.58
CA VAL CA 171 -159.98 -4.90 -1.51
C VAL CA 171 -159.71 -3.62 -2.30
N ALA CA 172 -158.96 -2.69 -1.70
CA ALA CA 172 -158.65 -1.44 -2.38
C ALA CA 172 -157.64 -1.65 -3.51
N ALA CA 173 -156.67 -2.52 -3.30
CA ALA CA 173 -155.62 -2.79 -4.28
C ALA CA 173 -155.58 -4.28 -4.58
N ALA CA 174 -154.66 -4.66 -5.46
CA ALA CA 174 -154.53 -6.06 -5.86
C ALA CA 174 -154.11 -6.92 -4.68
N GLY CA 175 -154.68 -8.11 -4.59
CA GLY CA 175 -154.39 -9.05 -3.51
C GLY CA 175 -153.70 -10.29 -4.06
N LYS CA 176 -152.67 -10.75 -3.36
CA LYS CA 176 -151.84 -11.85 -3.83
C LYS CA 176 -152.01 -13.07 -2.94
N LEU CA 177 -152.25 -14.22 -3.55
CA LEU CA 177 -152.45 -15.47 -2.83
C LEU CA 177 -151.50 -16.52 -3.39
N THR CA 178 -150.64 -17.08 -2.52
CA THR CA 178 -149.63 -18.05 -2.93
C THR CA 178 -149.73 -19.30 -2.05
N GLU CA 179 -149.60 -20.47 -2.69
CA GLU CA 179 -149.68 -21.75 -1.99
C GLU CA 179 -148.65 -22.70 -2.58
N ALA CA 180 -147.96 -23.43 -1.71
CA ALA CA 180 -146.97 -24.43 -2.11
C ALA CA 180 -147.19 -25.71 -1.32
N ASP CA 181 -147.13 -26.84 -2.02
CA ASP CA 181 -147.38 -28.15 -1.43
C ASP CA 181 -146.29 -29.11 -1.89
N ASN CA 182 -145.73 -29.88 -0.97
CA ASN CA 182 -144.74 -30.91 -1.30
C ASN CA 182 -144.96 -32.09 -0.38
N TRP CA 183 -145.42 -33.21 -0.90
CA TRP CA 183 -145.62 -34.38 -0.05
C TRP CA 183 -145.06 -35.63 -0.70
N GLU CA 184 -144.71 -36.61 0.14
CA GLU CA 184 -143.96 -37.77 -0.30
C GLU CA 184 -144.36 -38.99 0.52
N ILE CA 185 -144.45 -40.14 -0.15
CA ILE CA 185 -144.78 -41.42 0.47
C ILE CA 185 -143.75 -42.45 0.02
N SER CA 186 -143.22 -43.22 0.97
CA SER CA 186 -142.29 -44.30 0.66
C SER CA 186 -142.67 -45.53 1.48
N GLY CA 187 -143.02 -46.61 0.80
CA GLY CA 187 -143.45 -47.82 1.47
C GLY CA 187 -142.70 -49.03 0.97
N HIS CA 188 -142.57 -50.02 1.85
CA HIS CA 188 -141.85 -51.25 1.56
C HIS CA 188 -142.51 -52.40 2.29
N THR CA 189 -142.61 -53.55 1.63
CA THR CA 189 -143.26 -54.73 2.17
C THR CA 189 -142.41 -55.96 1.86
N ASN CA 190 -142.23 -56.82 2.85
CA ASN CA 190 -141.48 -58.06 2.69
C ASN CA 190 -142.27 -59.19 3.35
N ALA CA 191 -142.80 -60.09 2.52
CA ALA CA 191 -143.53 -61.25 2.99
C ALA CA 191 -142.65 -62.48 2.71
N ASN CA 192 -142.06 -63.02 3.77
CA ASN CA 192 -141.19 -64.20 3.67
C ASN CA 192 -141.97 -65.42 4.14
N ILE CA 193 -142.08 -66.42 3.28
CA ILE CA 193 -142.73 -67.68 3.60
C ILE CA 193 -141.76 -68.80 3.24
N GLY CA 194 -142.04 -69.99 3.78
CA GLY CA 194 -141.14 -71.12 3.55
C GLY CA 194 -140.92 -71.43 2.09
N GLU CA 195 -141.92 -71.23 1.25
CA GLU CA 195 -141.81 -71.49 -0.18
C GLU CA 195 -142.08 -70.27 -1.04
N ALA CA 196 -142.19 -69.08 -0.45
CA ALA CA 196 -142.47 -67.87 -1.21
C ALA CA 196 -141.80 -66.68 -0.55
N VAL CA 197 -141.22 -65.81 -1.38
CA VAL CA 197 -140.61 -64.56 -0.92
C VAL CA 197 -141.12 -63.44 -1.81
N VAL CA 198 -141.75 -62.43 -1.21
CA VAL CA 198 -142.27 -61.29 -1.94
C VAL CA 198 -141.65 -60.02 -1.36
N THR CA 199 -141.10 -59.17 -2.22
CA THR CA 199 -140.48 -57.92 -1.81
C THR CA 199 -140.99 -56.80 -2.71
N ALA CA 200 -141.84 -55.94 -2.15
CA ALA CA 200 -142.43 -54.84 -2.90
C ALA CA 200 -141.98 -53.51 -2.32
N THR CA 201 -141.85 -52.51 -3.19
CA THR CA 201 -141.42 -51.18 -2.79
C THR CA 201 -142.10 -50.15 -3.67
N ALA CA 202 -142.52 -49.03 -3.09
CA ALA CA 202 -143.19 -47.99 -3.85
C ALA CA 202 -142.84 -46.62 -3.27
N GLU CA 203 -142.36 -45.72 -4.13
CA GLU CA 203 -142.04 -44.36 -3.74
C GLU CA 203 -142.74 -43.38 -4.66
N LEU CA 204 -143.30 -42.32 -4.09
CA LEU CA 204 -143.88 -41.26 -4.91
C LEU CA 204 -143.81 -39.95 -4.16
N ASP CA 205 -143.90 -38.85 -4.91
CA ASP CA 205 -143.86 -37.52 -4.31
C ASP CA 205 -144.48 -36.53 -5.29
N LYS CA 206 -145.32 -35.64 -4.77
CA LYS CA 206 -146.01 -34.64 -5.57
C LYS CA 206 -145.65 -33.25 -5.08
N ASN CA 207 -145.45 -32.34 -6.03
CA ASN CA 207 -145.13 -30.94 -5.74
C ASN CA 207 -146.07 -30.05 -6.55
N LEU CA 208 -146.69 -29.09 -5.88
CA LEU CA 208 -147.62 -28.16 -6.51
C LEU CA 208 -147.34 -26.74 -6.02
N SER CA 209 -147.66 -25.77 -6.86
CA SER CA 209 -147.51 -24.36 -6.51
C SER CA 209 -148.52 -23.55 -7.30
N ARG CA 210 -149.36 -22.77 -6.59
CA ARG CA 210 -150.38 -21.96 -7.21
C ARG CA 210 -150.27 -20.54 -6.71
N LYS CA 211 -150.20 -19.57 -7.63
CA LYS CA 211 -150.07 -18.16 -7.27
C LYS CA 211 -151.04 -17.34 -8.11
N ILE CA 212 -151.95 -16.62 -7.47
CA ILE CA 212 -152.94 -15.81 -8.16
C ILE CA 212 -152.97 -14.41 -7.55
N GLU CA 213 -153.63 -13.50 -8.27
CA GLU CA 213 -153.73 -12.11 -7.87
C GLU CA 213 -155.11 -11.58 -8.22
N ILE CA 214 -155.94 -11.37 -7.21
CA ILE CA 214 -157.27 -10.78 -7.42
C ILE CA 214 -157.13 -9.28 -7.67
N PRO CA 215 -157.92 -8.70 -8.57
CA PRO CA 215 -157.76 -7.29 -8.91
C PRO CA 215 -158.47 -6.41 -7.90
N PRO CA 216 -158.18 -5.11 -7.91
CA PRO CA 216 -158.89 -4.19 -7.00
C PRO CA 216 -160.39 -4.19 -7.26
N GLY CA 217 -161.16 -4.05 -6.18
CA GLY CA 217 -162.60 -4.01 -6.25
C GLY CA 217 -163.30 -5.32 -6.00
N THR CA 218 -162.54 -6.42 -5.88
CA THR CA 218 -163.16 -7.72 -5.64
C THR CA 218 -163.81 -7.75 -4.27
N ALA CA 219 -165.07 -8.17 -4.22
CA ALA CA 219 -165.80 -8.23 -2.96
C ALA CA 219 -165.33 -9.42 -2.13
N LEU CA 220 -165.32 -9.26 -0.82
CA LEU CA 220 -164.93 -10.31 0.12
C LEU CA 220 -166.06 -10.80 0.99
N ALA CA 221 -166.89 -9.91 1.52
CA ALA CA 221 -167.96 -10.28 2.43
C ALA CA 221 -169.04 -9.23 2.37
N TYR CA 222 -170.22 -9.57 2.90
CA TYR CA 222 -171.37 -8.69 2.81
C TYR CA 222 -172.33 -8.97 3.95
N SER CA 223 -173.24 -8.03 4.16
CA SER CA 223 -174.34 -8.17 5.10
C SER CA 223 -175.62 -7.69 4.44
N PHE CA 224 -176.75 -8.29 4.81
CA PHE CA 224 -178.00 -8.00 4.13
C PHE CA 224 -179.14 -7.91 5.14
N MET CA 225 -180.22 -7.27 4.70
CA MET CA 225 -181.44 -7.09 5.48
C MET CA 225 -182.59 -7.81 4.81
N ASP CA 226 -183.43 -8.47 5.61
CA ASP CA 226 -184.51 -9.27 5.05
C ASP CA 226 -185.67 -8.40 4.58
N LEU CA 227 -186.50 -8.97 3.70
CA LEU CA 227 -187.67 -8.30 3.17
C LEU CA 227 -188.84 -9.27 3.18
N GLU CA 228 -190.03 -8.72 2.91
CA GLU CA 228 -191.25 -9.50 2.90
C GLU CA 228 -192.22 -8.92 1.88
N ILE CA 229 -192.71 -9.76 0.98
CA ILE CA 229 -193.69 -9.34 -0.02
C ILE CA 229 -195.08 -9.36 0.61
N LEU CA 230 -195.78 -8.23 0.54
CA LEU CA 230 -197.17 -8.20 0.98
C LEU CA 230 -198.05 -8.96 -0.01
N GLU CA 231 -199.35 -9.02 0.30
CA GLU CA 231 -200.32 -9.57 -0.66
C GLU CA 231 -200.22 -8.84 -1.99
N ASP CA 232 -200.17 -7.51 -1.95
CA ASP CA 232 -199.91 -6.71 -3.13
C ASP CA 232 -198.42 -6.73 -3.46
N ARG CA 233 -198.04 -5.94 -4.46
CA ARG CA 233 -196.63 -5.81 -4.81
C ARG CA 233 -195.83 -5.04 -3.77
N SER CA 234 -196.50 -4.48 -2.76
CA SER CA 234 -195.81 -3.72 -1.71
C SER CA 234 -194.78 -4.59 -0.99
N LEU CA 235 -193.70 -3.95 -0.54
CA LEU CA 235 -192.63 -4.63 0.18
C LEU CA 235 -192.51 -4.04 1.59
N ARG CA 236 -192.13 -4.89 2.53
CA ARG CA 236 -191.93 -4.49 3.92
C ARG CA 236 -190.61 -5.05 4.41
N VAL CA 237 -190.08 -4.43 5.45
CA VAL CA 237 -188.83 -4.89 6.05
C VAL CA 237 -189.16 -5.69 7.30
N SER CA 238 -188.41 -6.76 7.53
CA SER CA 238 -188.66 -7.67 8.64
C SER CA 238 -187.42 -7.80 9.51
N SER CA 239 -187.62 -7.85 10.82
CA SER CA 239 -186.52 -7.90 11.79
C SER CA 239 -186.76 -9.07 12.73
N SER CA 240 -185.86 -10.05 12.71
CA SER CA 240 -185.89 -11.14 13.66
C SER CA 240 -185.31 -10.66 14.98
N ALA CA 241 -186.19 -10.47 15.98
CA ALA CA 241 -185.81 -9.93 17.28
C ALA CA 241 -185.16 -8.55 17.15
N GLY CA 242 -185.58 -7.79 16.13
CA GLY CA 242 -185.06 -6.45 15.92
C GLY CA 242 -183.63 -6.40 15.41
N ALA CA 243 -183.11 -7.49 14.85
CA ALA CA 243 -181.74 -7.50 14.39
C ALA CA 243 -181.54 -6.55 13.21
N MET CA 244 -182.38 -6.68 12.17
CA MET CA 244 -182.27 -5.91 10.93
C MET CA 244 -180.91 -6.07 10.26
N PHE CA 245 -180.16 -7.11 10.63
CA PHE CA 245 -178.85 -7.38 10.01
C PHE CA 245 -178.67 -8.89 10.04
N ASP CA 246 -178.93 -9.54 8.91
CA ASP CA 246 -178.88 -10.99 8.83
C ASP CA 246 -177.54 -11.43 8.27
N SER CA 247 -176.89 -12.38 8.94
CA SER CA 247 -175.61 -12.91 8.52
C SER CA 247 -175.72 -14.34 8.00
N GLY CA 248 -176.92 -14.77 7.63
CA GLY CA 248 -177.12 -16.14 7.19
C GLY CA 248 -176.82 -17.16 8.27
N LYS CA 249 -177.19 -16.86 9.51
CA LYS CA 249 -176.93 -17.74 10.64
C LYS CA 249 -178.19 -18.49 11.03
N ALA CA 250 -178.00 -19.69 11.59
CA ALA CA 250 -179.12 -20.47 12.07
C ALA CA 250 -179.79 -19.80 13.26
N GLU CA 251 -181.09 -20.04 13.41
CA GLU CA 251 -181.83 -19.43 14.51
C GLU CA 251 -181.31 -19.90 15.86
N SER CA 252 -181.00 -21.19 15.98
CA SER CA 252 -180.47 -21.78 17.21
C SER CA 252 -181.38 -21.53 18.40
CA ARG DA 3 -159.82 -15.55 20.15
C ARG DA 3 -159.31 -14.46 19.21
N PRO DA 4 -160.24 -13.71 18.61
CA PRO DA 4 -159.82 -12.64 17.70
C PRO DA 4 -158.98 -11.60 18.42
N MET DA 5 -157.98 -11.07 17.69
CA MET DA 5 -157.10 -10.07 18.26
C MET DA 5 -157.88 -8.82 18.65
N PHE DA 6 -158.83 -8.41 17.82
CA PHE DA 6 -159.63 -7.23 18.15
C PHE DA 6 -160.40 -7.44 19.45
N ALA DA 7 -161.00 -8.61 19.63
CA ALA DA 7 -161.73 -8.89 20.86
C ALA DA 7 -160.79 -8.91 22.06
N VAL DA 8 -159.61 -9.51 21.90
CA VAL DA 8 -158.64 -9.54 23.00
C VAL DA 8 -158.22 -8.13 23.38
N ALA DA 9 -157.93 -7.29 22.38
CA ALA DA 9 -157.51 -5.92 22.68
C ALA DA 9 -158.65 -5.13 23.32
N VAL DA 10 -159.88 -5.35 22.87
CA VAL DA 10 -161.02 -4.66 23.48
C VAL DA 10 -161.17 -5.08 24.94
N ASN DA 11 -161.02 -6.36 25.23
CA ASN DA 11 -161.09 -6.81 26.62
C ASN DA 11 -159.97 -6.22 27.46
N GLU DA 12 -158.75 -6.17 26.92
CA GLU DA 12 -157.64 -5.57 27.65
C GLU DA 12 -157.91 -4.10 27.96
N PHE DA 13 -158.39 -3.37 26.96
CA PHE DA 13 -158.68 -1.94 27.17
C PHE DA 13 -159.78 -1.75 28.20
N ILE DA 14 -160.86 -2.53 28.09
CA ILE DA 14 -161.98 -2.34 29.00
C ILE DA 14 -161.60 -2.75 30.42
N ARG DA 15 -160.69 -3.71 30.57
CA ARG DA 15 -160.21 -4.04 31.91
C ARG DA 15 -159.33 -2.94 32.47
N SER DA 16 -158.38 -2.44 31.67
CA SER DA 16 -157.46 -1.42 32.16
C SER DA 16 -158.20 -0.14 32.52
N ALA DA 17 -159.15 0.28 31.68
CA ALA DA 17 -159.92 1.49 31.91
C ALA DA 17 -161.40 1.20 31.71
N GLY DA 18 -162.23 1.70 32.61
CA GLY DA 18 -163.66 1.53 32.48
C GLY DA 18 -164.15 0.11 32.58
N GLN DA 19 -163.67 -0.63 33.60
CA GLN DA 19 -164.13 -2.00 33.79
C GLN DA 19 -165.63 -2.05 34.08
N ASP DA 20 -166.17 -0.99 34.65
CA ASP DA 20 -167.60 -0.87 34.90
C ASP DA 20 -168.21 0.17 33.95
N SER DA 21 -169.49 -0.02 33.66
CA SER DA 21 -170.25 0.90 32.80
C SER DA 21 -169.61 1.03 31.42
N LEU DA 22 -169.29 -0.11 30.81
CA LEU DA 22 -168.69 -0.11 29.49
C LEU DA 22 -168.95 -1.47 28.83
N CYS DA 23 -169.31 -1.45 27.55
CA CYS DA 23 -169.63 -2.66 26.80
C CYS DA 23 -168.66 -2.79 25.64
N GLY DA 24 -168.08 -3.98 25.50
CA GLY DA 24 -167.16 -4.23 24.41
C GLY DA 24 -167.85 -4.23 23.06
N VAL DA 25 -167.07 -3.94 22.03
CA VAL DA 25 -167.56 -3.93 20.65
C VAL DA 25 -167.39 -5.32 20.06
N PRO DA 26 -168.45 -5.88 19.45
CA PRO DA 26 -168.35 -7.26 18.95
C PRO DA 26 -167.31 -7.46 17.87
N ASP DA 27 -167.23 -6.56 16.88
CA ASP DA 27 -166.29 -6.74 15.78
C ASP DA 27 -166.01 -5.41 15.12
N ILE DA 28 -164.95 -5.40 14.31
CA ILE DA 28 -164.53 -4.16 13.65
C ILE DA 28 -165.60 -3.68 12.69
N ASN DA 29 -166.23 -4.60 11.97
CA ASN DA 29 -167.24 -4.20 10.99
C ASN DA 29 -168.41 -3.47 11.66
N SER DA 30 -168.87 -3.99 12.79
CA SER DA 30 -170.00 -3.40 13.49
C SER DA 30 -169.59 -2.34 14.51
N SER DA 31 -168.29 -2.05 14.61
CA SER DA 31 -167.84 -1.01 15.53
C SER DA 31 -168.45 0.34 15.18
N GLY DA 32 -168.61 0.64 13.89
CA GLY DA 32 -169.11 1.94 13.48
C GLY DA 32 -170.58 2.17 13.76
N ASP DA 33 -171.32 1.15 14.17
CA ASP DA 33 -172.74 1.28 14.46
C ASP DA 33 -173.01 1.61 15.92
N PHE DA 34 -171.97 1.79 16.73
CA PHE DA 34 -172.14 2.08 18.16
C PHE DA 34 -171.62 3.47 18.51
N MET DA 35 -171.76 4.42 17.59
CA MET DA 35 -171.43 5.80 17.86
C MET DA 35 -172.54 6.44 18.68
N PRO DA 36 -172.26 7.58 19.33
CA PRO DA 36 -173.28 8.21 20.18
C PRO DA 36 -174.54 8.56 19.40
N LEU DA 37 -175.67 8.52 20.12
CA LEU DA 37 -176.99 8.80 19.55
C LEU DA 37 -177.39 7.74 18.53
N HIS DA 38 -177.18 6.48 18.89
CA HIS DA 38 -177.61 5.35 18.08
C HIS DA 38 -178.54 4.46 18.90
N ILE DA 39 -179.53 3.88 18.23
CA ILE DA 39 -180.50 3.01 18.87
C ILE DA 39 -180.02 1.56 18.78
N ILE DA 40 -180.10 0.84 19.90
CA ILE DA 40 -179.76 -0.57 19.96
C ILE DA 40 -180.91 -1.30 20.64
N VAL DA 41 -180.96 -2.62 20.41
CA VAL DA 41 -182.01 -3.47 20.95
C VAL DA 41 -181.38 -4.43 21.95
N LYS DA 42 -182.00 -4.57 23.11
CA LYS DA 42 -181.54 -5.47 24.16
C LYS DA 42 -182.54 -6.60 24.34
N GLU DA 43 -182.05 -7.83 24.35
CA GLU DA 43 -182.86 -9.03 24.51
C GLU DA 43 -182.46 -9.73 25.80
N VAL DA 44 -183.45 -10.08 26.61
CA VAL DA 44 -183.23 -10.72 27.90
C VAL DA 44 -182.80 -12.17 27.68
N PRO DA 45 -182.03 -12.76 28.61
CA PRO DA 45 -181.60 -14.16 28.41
C PRO DA 45 -182.74 -15.14 28.30
N LYS DA 46 -183.86 -14.91 28.99
CA LYS DA 46 -185.05 -15.74 29.03
C LYS DA 46 -184.83 -17.08 29.74
N VAL DA 47 -183.62 -17.37 30.19
CA VAL DA 47 -183.35 -18.62 30.90
C VAL DA 47 -182.89 -18.28 32.31
N LEU DA 48 -181.80 -17.53 32.43
CA LEU DA 48 -181.27 -17.07 33.72
C LEU DA 48 -181.02 -15.58 33.59
N PRO DA 49 -182.08 -14.76 33.63
CA PRO DA 49 -181.89 -13.32 33.44
C PRO DA 49 -180.98 -12.68 34.46
N CYS DA 50 -181.02 -13.14 35.71
CA CYS DA 50 -180.16 -12.57 36.74
C CYS DA 50 -178.76 -13.17 36.75
N CYS DA 51 -178.52 -14.22 35.97
CA CYS DA 51 -177.22 -14.88 35.94
C CYS DA 51 -176.48 -14.72 34.62
N ARG DA 52 -177.17 -14.31 33.55
CA ARG DA 52 -176.57 -14.20 32.24
C ARG DA 52 -176.75 -12.78 31.71
N ARG DA 53 -175.72 -12.25 31.07
CA ARG DA 53 -175.80 -10.92 30.49
C ARG DA 53 -176.68 -10.94 29.25
N PRO DA 54 -177.43 -9.86 29.00
CA PRO DA 54 -178.36 -9.85 27.85
C PRO DA 54 -177.64 -9.79 26.51
N LYS DA 55 -178.42 -9.81 25.43
CA LYS DA 55 -177.89 -9.79 24.07
C LYS DA 55 -178.17 -8.44 23.43
N ILE DA 56 -177.15 -7.85 22.83
CA ILE DA 56 -177.24 -6.51 22.26
C ILE DA 56 -177.19 -6.61 20.74
N LYS DA 57 -178.17 -5.98 20.08
CA LYS DA 57 -178.30 -6.01 18.63
C LYS DA 57 -178.22 -4.59 18.10
N ARG DA 58 -177.39 -4.38 17.09
CA ARG DA 58 -177.26 -3.07 16.46
C ARG DA 58 -178.39 -2.85 15.46
N THR DA 59 -178.75 -1.58 15.28
CA THR DA 59 -179.78 -1.19 14.34
C THR DA 59 -179.30 -0.01 13.52
N PRO DA 60 -179.77 0.11 12.28
CA PRO DA 60 -179.38 1.24 11.43
C PRO DA 60 -180.28 2.46 11.61
N TYR DA 61 -180.35 2.96 12.85
CA TYR DA 61 -181.21 4.08 13.17
C TYR DA 61 -180.48 5.03 14.12
N THR DA 62 -180.80 6.31 13.98
CA THR DA 62 -180.39 7.34 14.93
C THR DA 62 -181.61 7.86 15.67
N LEU DA 63 -181.36 8.69 16.69
CA LEU DA 63 -182.45 9.21 17.49
C LEU DA 63 -183.40 10.07 16.66
N ASN DA 64 -182.84 10.93 15.80
CA ASN DA 64 -183.68 11.82 15.00
C ASN DA 64 -184.52 11.02 13.99
N ASP DA 65 -183.96 9.93 13.45
CA ASP DA 65 -184.74 9.10 12.54
C ASP DA 65 -185.84 8.35 13.28
N ILE DA 66 -185.53 7.83 14.48
CA ILE DA 66 -186.52 7.04 15.20
C ILE DA 66 -187.62 7.92 15.78
N LEU DA 67 -187.33 9.21 16.01
CA LEU DA 67 -188.27 10.12 16.62
C LEU DA 67 -188.95 10.99 15.57
N ASP DA 68 -190.25 11.20 15.76
CA ASP DA 68 -190.97 12.15 14.90
C ASP DA 68 -190.42 13.56 15.08
N GLU DA 69 -190.16 13.96 16.32
CA GLU DA 69 -189.62 15.28 16.61
C GLU DA 69 -188.11 15.21 16.74
N PRO DA 70 -187.35 15.99 15.97
CA PRO DA 70 -185.88 15.92 16.07
C PRO DA 70 -185.36 16.52 17.36
N CYS DA 71 -184.14 16.12 17.71
CA CYS DA 71 -183.43 16.58 18.89
C CYS DA 71 -182.06 17.08 18.48
N PRO DA 72 -181.45 17.96 19.27
CA PRO DA 72 -180.08 18.38 18.98
C PRO DA 72 -179.14 17.18 19.03
N ASN DA 73 -178.14 17.19 18.16
CA ASN DA 73 -177.26 16.04 17.98
C ASN DA 73 -175.78 16.39 17.94
N GLN DA 74 -175.41 17.61 18.35
CA GLN DA 74 -173.99 17.98 18.32
C GLN DA 74 -173.20 17.14 19.31
N LEU DA 75 -171.93 16.89 18.97
CA LEU DA 75 -171.07 16.02 19.75
C LEU DA 75 -169.79 16.75 20.13
N LYS DA 76 -169.03 16.15 21.04
CA LYS DA 76 -167.73 16.65 21.45
C LYS DA 76 -166.88 15.47 21.91
N SER DA 77 -165.57 15.63 21.79
CA SER DA 77 -164.63 14.57 22.13
C SER DA 77 -163.53 15.12 23.02
N SER DA 78 -163.01 14.24 23.88
CA SER DA 78 -161.93 14.60 24.79
C SER DA 78 -161.12 13.36 25.13
N ASP DA 79 -159.87 13.57 25.51
CA ASP DA 79 -158.98 12.44 25.77
C ASP DA 79 -159.45 11.64 26.98
N LEU DA 80 -159.24 10.33 26.92
CA LEU DA 80 -159.63 9.43 28.00
C LEU DA 80 -158.45 8.71 28.63
N VAL DA 81 -157.61 8.05 27.83
CA VAL DA 81 -156.45 7.30 28.34
C VAL DA 81 -155.42 7.22 27.23
N THR DA 82 -154.18 6.96 27.60
CA THR DA 82 -153.07 6.92 26.66
C THR DA 82 -152.15 5.75 27.01
N PHE DA 83 -152.05 4.78 26.11
CA PHE DA 83 -151.15 3.65 26.27
C PHE DA 83 -149.80 4.03 25.69
N THR DA 84 -148.86 4.40 26.56
CA THR DA 84 -147.57 4.88 26.10
C THR DA 84 -146.76 3.78 25.41
N GLU DA 85 -146.86 2.55 25.91
CA GLU DA 85 -146.12 1.45 25.34
C GLU DA 85 -147.05 0.29 25.02
N PRO DA 86 -146.72 -0.53 24.02
CA PRO DA 86 -147.60 -1.62 23.63
C PRO DA 86 -147.79 -2.64 24.74
N LEU DA 87 -149.00 -3.17 24.84
CA LEU DA 87 -149.28 -4.30 25.71
C LEU DA 87 -148.65 -5.55 25.09
N VAL DA 88 -147.71 -6.16 25.81
CA VAL DA 88 -146.95 -7.30 25.31
C VAL DA 88 -147.22 -8.49 26.21
N SER DA 89 -147.52 -9.64 25.59
CA SER DA 89 -147.80 -10.87 26.32
C SER DA 89 -147.00 -12.01 25.69
N ASN DA 90 -146.42 -12.85 26.55
CA ASN DA 90 -145.65 -14.01 26.13
C ASN DA 90 -146.10 -15.22 26.94
N VAL DA 91 -146.31 -16.33 26.26
CA VAL DA 91 -146.63 -17.61 26.89
C VAL DA 91 -145.73 -18.67 26.25
N LYS DA 92 -145.12 -19.49 27.09
CA LYS DA 92 -144.21 -20.54 26.60
C LYS DA 92 -144.42 -21.78 27.44
N ALA DA 93 -144.94 -22.84 26.83
CA ALA DA 93 -145.19 -24.10 27.52
C ALA DA 93 -144.41 -25.22 26.84
N SER DA 94 -144.01 -26.20 27.65
CA SER DA 94 -143.29 -27.35 27.13
C SER DA 94 -143.51 -28.52 28.09
N SER DA 95 -143.89 -29.67 27.55
CA SER DA 95 -144.19 -30.83 28.37
C SER DA 95 -143.72 -32.10 27.68
N SER DA 96 -143.49 -33.13 28.48
CA SER DA 96 -143.07 -34.43 27.97
C SER DA 96 -143.65 -35.53 28.85
N ILE DA 97 -144.07 -36.61 28.22
CA ILE DA 97 -144.69 -37.75 28.90
C ILE DA 97 -143.98 -39.03 28.45
N GLY DA 98 -143.66 -39.90 29.41
CA GLY DA 98 -143.08 -41.18 29.09
C GLY DA 98 -143.74 -42.32 29.84
N LEU DA 99 -144.31 -43.27 29.11
CA LEU DA 99 -145.02 -44.40 29.70
C LEU DA 99 -144.33 -45.68 29.28
N GLN DA 100 -144.11 -46.58 30.24
CA GLN DA 100 -143.52 -47.88 29.96
C GLN DA 100 -144.29 -48.96 30.70
N ILE DA 101 -144.69 -50.00 29.99
CA ILE DA 101 -145.31 -51.18 30.58
C ILE DA 101 -144.40 -52.36 30.29
N LEU DA 102 -143.60 -52.74 31.29
CA LEU DA 102 -142.68 -53.89 31.24
C LEU DA 102 -141.77 -53.70 30.04
N LYS DA 103 -141.55 -54.73 29.22
CA LYS DA 103 -140.88 -54.59 27.94
C LYS DA 103 -141.86 -54.76 26.78
N HIS DA 104 -143.14 -54.52 27.03
CA HIS DA 104 -144.19 -54.70 26.03
C HIS DA 104 -144.73 -53.39 25.48
N PHE DA 105 -144.77 -52.32 26.27
CA PHE DA 105 -145.27 -51.05 25.78
C PHE DA 105 -144.28 -49.95 26.15
N ASP DA 106 -144.04 -49.03 25.21
CA ASP DA 106 -143.13 -47.91 25.47
C ASP DA 106 -143.55 -46.73 24.60
N SER DA 107 -144.13 -45.70 25.22
CA SER DA 107 -144.58 -44.52 24.50
C SER DA 107 -143.89 -43.28 25.04
N GLY DA 108 -143.44 -42.42 24.14
CA GLY DA 108 -142.85 -41.15 24.53
C GLY DA 108 -143.42 -40.00 23.71
N ALA DA 109 -144.08 -39.05 24.38
CA ALA DA 109 -144.69 -37.92 23.71
C ALA DA 109 -144.10 -36.63 24.26
N LYS DA 110 -144.14 -35.57 23.46
CA LYS DA 110 -143.67 -34.27 23.92
C LYS DA 110 -144.34 -33.19 23.09
N GLY DA 111 -144.52 -32.04 23.71
CA GLY DA 111 -145.18 -30.92 23.05
C GLY DA 111 -144.60 -29.62 23.53
N SER DA 112 -144.69 -28.60 22.68
CA SER DA 112 -144.23 -27.27 23.05
C SER DA 112 -145.08 -26.23 22.32
N LYS DA 113 -145.18 -25.05 22.92
CA LYS DA 113 -145.99 -23.98 22.39
C LYS DA 113 -145.39 -22.64 22.79
N ASN DA 114 -145.35 -21.71 21.84
CA ASN DA 114 -144.85 -20.36 22.07
C ASN DA 114 -145.82 -19.37 21.44
N PHE DA 115 -146.38 -18.49 22.26
CA PHE DA 115 -147.43 -17.57 21.85
C PHE DA 115 -147.04 -16.16 22.25
N ILE DA 116 -147.04 -15.23 21.29
CA ILE DA 116 -146.63 -13.85 21.53
C ILE DA 116 -147.69 -12.91 20.99
N THR DA 117 -148.03 -11.90 21.78
CA THR DA 117 -149.04 -10.93 21.40
C THR DA 117 -148.55 -9.52 21.70
N SER DA 118 -148.87 -8.57 20.82
CA SER DA 118 -148.53 -7.17 21.02
C SER DA 118 -149.67 -6.30 20.50
N ALA DA 119 -150.13 -5.37 21.33
CA ALA DA 119 -151.20 -4.46 20.95
C ALA DA 119 -150.77 -3.03 21.24
N SER DA 120 -150.84 -2.18 20.22
CA SER DA 120 -150.49 -0.76 20.34
C SER DA 120 -151.73 0.04 19.99
N LEU DA 121 -152.42 0.55 21.01
CA LEU DA 121 -153.65 1.32 20.83
C LEU DA 121 -153.42 2.82 20.80
N GLY DA 122 -152.21 3.28 21.11
CA GLY DA 122 -151.94 4.71 21.07
C GLY DA 122 -152.79 5.47 22.07
N THR DA 123 -153.54 6.46 21.58
CA THR DA 123 -154.38 7.30 22.40
C THR DA 123 -155.84 6.96 22.14
N VAL DA 124 -156.63 6.87 23.21
CA VAL DA 124 -158.06 6.60 23.12
C VAL DA 124 -158.81 7.83 23.61
N VAL DA 125 -159.77 8.30 22.81
CA VAL DA 125 -160.58 9.45 23.17
C VAL DA 125 -162.01 8.99 23.39
N LYS DA 126 -162.80 9.85 24.01
CA LYS DA 126 -164.21 9.59 24.27
C LYS DA 126 -165.05 10.67 23.61
N ALA DA 127 -166.08 10.24 22.90
CA ALA DA 127 -166.99 11.14 22.20
C ALA DA 127 -168.39 10.99 22.78
N GLU DA 128 -169.05 12.12 22.98
CA GLU DA 128 -170.35 12.15 23.62
C GLU DA 128 -171.06 13.45 23.26
N THR DA 129 -172.37 13.46 23.46
CA THR DA 129 -173.17 14.65 23.20
C THR DA 129 -172.70 15.82 24.06
N ILE DA 130 -172.75 17.02 23.49
CA ILE DA 130 -172.33 18.21 24.23
C ILE DA 130 -173.22 18.41 25.45
N ASP DA 131 -174.53 18.27 25.29
CA ASP DA 131 -175.48 18.39 26.38
C ASP DA 131 -176.45 17.23 26.31
N ILE DA 132 -176.44 16.38 27.34
CA ILE DA 132 -177.32 15.22 27.37
C ILE DA 132 -178.67 15.56 28.00
N THR DA 133 -178.72 16.56 28.88
CA THR DA 133 -179.98 16.92 29.52
C THR DA 133 -181.01 17.40 28.50
N LYS DA 134 -180.58 18.22 27.53
CA LYS DA 134 -181.49 18.68 26.49
C LYS DA 134 -182.01 17.52 25.66
N VAL DA 135 -181.12 16.58 25.29
CA VAL DA 135 -181.52 15.42 24.52
C VAL DA 135 -182.55 14.60 25.29
N LEU DA 136 -182.30 14.39 26.57
CA LEU DA 136 -183.24 13.63 27.39
C LEU DA 136 -184.60 14.32 27.48
N ALA DA 137 -184.59 15.64 27.69
CA ALA DA 137 -185.84 16.38 27.78
C ALA DA 137 -186.63 16.25 26.49
N LYS DA 138 -185.98 16.48 25.35
CA LYS DA 138 -186.66 16.39 24.06
C LYS DA 138 -187.17 14.98 23.81
N VAL DA 139 -186.39 13.95 24.18
CA VAL DA 139 -186.85 12.58 24.02
C VAL DA 139 -188.13 12.36 24.80
N ARG DA 140 -188.13 12.79 26.07
CA ARG DA 140 -189.29 12.59 26.93
C ARG DA 140 -190.52 13.32 26.38
N THR DA 141 -190.31 14.49 25.77
CA THR DA 141 -191.43 15.25 25.23
C THR DA 141 -191.73 14.93 23.78
N ALA DA 142 -191.01 14.00 23.15
CA ALA DA 142 -191.16 13.69 21.74
C ALA DA 142 -191.73 12.29 21.55
N LYS DA 143 -192.51 12.11 20.48
CA LYS DA 143 -193.08 10.83 20.14
C LYS DA 143 -192.29 10.13 19.05
N ALA DA 144 -192.26 8.80 19.09
CA ALA DA 144 -191.54 8.00 18.12
C ALA DA 144 -192.25 8.03 16.77
N LYS DA 145 -191.56 7.52 15.75
CA LYS DA 145 -192.10 7.49 14.40
C LYS DA 145 -193.13 6.38 14.28
N VAL DA 146 -194.38 6.76 13.93
CA VAL DA 146 -195.44 5.77 13.78
C VAL DA 146 -195.13 4.81 12.63
N GLU DA 147 -194.56 5.33 11.55
CA GLU DA 147 -194.21 4.49 10.40
C GLU DA 147 -193.21 3.40 10.77
N ASN DA 148 -192.26 3.70 11.66
CA ASN DA 148 -191.21 2.74 11.99
C ASN DA 148 -191.79 1.45 12.53
N ASP DA 149 -191.26 0.32 12.03
CA ASP DA 149 -191.71 -1.00 12.44
C ASP DA 149 -190.97 -1.52 13.67
N LEU DA 150 -189.69 -1.19 13.80
CA LEU DA 150 -188.90 -1.63 14.94
C LEU DA 150 -189.53 -1.19 16.26
N VAL DA 151 -189.95 0.08 16.34
CA VAL DA 151 -190.57 0.60 17.55
C VAL DA 151 -191.81 -0.20 17.91
N SER DA 152 -192.65 -0.47 16.91
CA SER DA 152 -193.87 -1.24 17.15
C SER DA 152 -193.54 -2.64 17.63
N ARG DA 153 -192.55 -3.28 17.00
CA ARG DA 153 -192.12 -4.61 17.43
C ARG DA 153 -191.70 -4.60 18.90
N VAL DA 154 -190.84 -3.64 19.28
CA VAL DA 154 -190.37 -3.56 20.65
C VAL DA 154 -191.53 -3.27 21.61
N MET DA 155 -192.49 -2.46 21.17
CA MET DA 155 -193.65 -2.14 22.01
C MET DA 155 -194.49 -3.39 22.27
N LYS DA 156 -194.75 -4.17 21.22
CA LYS DA 156 -195.62 -5.34 21.39
C LYS DA 156 -194.90 -6.46 22.14
N THR DA 157 -193.60 -6.62 21.93
CA THR DA 157 -192.86 -7.65 22.64
C THR DA 157 -192.46 -7.15 24.03
N LYS DA 158 -192.27 -8.10 24.94
CA LYS DA 158 -191.91 -7.80 26.32
C LYS DA 158 -190.42 -7.99 26.60
N ARG DA 159 -189.76 -8.90 25.88
CA ARG DA 159 -188.33 -9.11 26.11
C ARG DA 159 -187.50 -7.96 25.55
N LEU DA 160 -187.86 -7.46 24.38
CA LEU DA 160 -187.06 -6.45 23.71
C LEU DA 160 -187.12 -5.11 24.44
N CYS DA 161 -185.98 -4.44 24.51
CA CYS DA 161 -185.88 -3.11 25.07
C CYS DA 161 -185.03 -2.24 24.16
N LEU DA 162 -185.26 -0.93 24.22
CA LEU DA 162 -184.51 0.02 23.40
C LEU DA 162 -183.46 0.73 24.24
N GLY DA 163 -182.31 0.99 23.62
CA GLY DA 163 -181.24 1.70 24.31
C GLY DA 163 -180.57 2.74 23.43
N LEU DA 164 -180.35 3.93 23.98
CA LEU DA 164 -179.70 5.02 23.27
C LEU DA 164 -178.24 5.10 23.73
N VAL DA 165 -177.32 5.02 22.77
CA VAL DA 165 -175.89 5.09 23.07
C VAL DA 165 -175.51 6.55 23.33
N VAL DA 166 -174.80 6.78 24.43
CA VAL DA 166 -174.50 8.14 24.87
C VAL DA 166 -173.02 8.47 24.90
N GLU DA 167 -172.12 7.49 24.93
CA GLU DA 167 -170.69 7.78 24.91
C GLU DA 167 -169.95 6.63 24.25
N THR DA 168 -168.88 6.96 23.53
CA THR DA 168 -168.13 5.95 22.79
C THR DA 168 -166.64 6.22 22.89
N ALA DA 169 -165.86 5.16 23.05
CA ALA DA 169 -164.41 5.25 23.12
C ALA DA 169 -163.82 4.84 21.77
N CYS DA 170 -163.03 5.73 21.17
CA CYS DA 170 -162.49 5.53 19.84
C CYS DA 170 -160.99 5.83 19.82
N VAL DA 171 -160.26 5.09 18.99
CA VAL DA 171 -158.83 5.31 18.87
C VAL DA 171 -158.58 6.58 18.06
N ALA DA 172 -157.71 7.44 18.56
CA ALA DA 172 -157.39 8.69 17.86
C ALA DA 172 -156.56 8.42 16.61
N ALA DA 173 -155.61 7.49 16.69
CA ALA DA 173 -154.72 7.17 15.59
C ALA DA 173 -154.82 5.68 15.27
N ALA DA 174 -154.03 5.25 14.28
CA ALA DA 174 -154.06 3.86 13.87
C ALA DA 174 -153.54 2.95 14.99
N GLY DA 175 -154.18 1.80 15.14
CA GLY DA 175 -153.81 0.83 16.17
C GLY DA 175 -153.28 -0.44 15.53
N LYS DA 176 -152.20 -0.97 16.10
CA LYS DA 176 -151.50 -2.12 15.52
C LYS DA 176 -151.64 -3.34 16.42
N LEU DA 177 -152.04 -4.47 15.84
CA LEU DA 177 -152.22 -5.71 16.57
C LEU DA 177 -151.41 -6.80 15.90
N THR DA 178 -150.49 -7.43 16.65
CA THR DA 178 -149.61 -8.46 16.11
C THR DA 178 -149.67 -9.71 16.99
N GLU DA 179 -149.71 -10.87 16.34
CA GLU DA 179 -149.77 -12.16 17.03
C GLU DA 179 -148.89 -13.17 16.31
N ALA DA 180 -148.14 -13.95 17.09
CA ALA DA 180 -147.29 -15.00 16.57
C ALA DA 180 -147.49 -16.28 17.38
N ASP DA 181 -147.60 -17.40 16.66
CA ASP DA 181 -147.84 -18.70 17.28
C ASP DA 181 -146.88 -19.72 16.67
N ASN DA 182 -146.27 -20.54 17.52
CA ASN DA 182 -145.39 -21.62 17.06
C ASN DA 182 -145.56 -22.79 18.00
N TRP DA 183 -146.16 -23.88 17.53
CA TRP DA 183 -146.33 -25.04 18.41
C TRP DA 183 -145.93 -26.32 17.68
N GLU DA 184 -145.54 -27.32 18.47
CA GLU DA 184 -144.93 -28.53 17.93
C GLU DA 184 -145.30 -29.73 18.79
N ILE DA 185 -145.54 -30.87 18.14
CA ILE DA 185 -145.88 -32.12 18.79
C ILE DA 185 -144.99 -33.22 18.20
N SER DA 186 -144.39 -34.02 19.08
CA SER DA 186 -143.57 -35.16 18.65
C SER DA 186 -143.93 -36.37 19.50
N GLY DA 187 -144.44 -37.42 18.87
CA GLY DA 187 -144.85 -38.61 19.59
C GLY DA 187 -144.26 -39.86 19.00
N HIS DA 188 -144.07 -40.86 19.85
CA HIS DA 188 -143.47 -42.14 19.46
C HIS DA 188 -144.11 -43.25 20.27
N THR DA 189 -144.37 -44.38 19.62
CA THR DA 189 -145.02 -45.53 20.23
C THR DA 189 -144.30 -46.80 19.81
N ASN DA 190 -144.05 -47.69 20.78
CA ASN DA 190 -143.41 -48.97 20.51
C ASN DA 190 -144.18 -50.05 21.26
N ALA DA 191 -144.87 -50.90 20.51
CA ALA DA 191 -145.60 -52.03 21.06
C ALA DA 191 -144.85 -53.30 20.67
N ASN DA 192 -144.17 -53.89 21.64
CA ASN DA 192 -143.40 -55.12 21.43
C ASN DA 192 -144.18 -56.29 21.99
N ILE DA 193 -144.46 -57.27 21.15
CA ILE DA 193 -145.15 -58.49 21.54
C ILE DA 193 -144.31 -59.67 21.06
N GLY DA 194 -144.60 -60.85 21.62
CA GLY DA 194 -143.81 -62.03 21.29
C GLY DA 194 -143.79 -62.34 19.81
N GLU DA 195 -144.87 -62.06 19.10
CA GLU DA 195 -144.96 -62.32 17.67
C GLU DA 195 -145.25 -61.06 16.85
N ALA DA 196 -145.21 -59.89 17.46
CA ALA DA 196 -145.51 -58.65 16.74
C ALA DA 196 -144.70 -57.51 17.31
N VAL DA 197 -144.17 -56.67 16.42
CA VAL DA 197 -143.43 -55.47 16.80
C VAL DA 197 -143.97 -54.31 15.98
N VAL DA 198 -144.46 -53.27 16.66
CA VAL DA 198 -144.99 -52.08 16.01
C VAL DA 198 -144.22 -50.87 16.52
N THR DA 199 -143.73 -50.05 15.59
CA THR DA 199 -142.97 -48.84 15.93
C THR DA 199 -143.52 -47.68 15.10
N ALA DA 200 -144.24 -46.77 15.76
CA ALA DA 200 -144.86 -45.63 15.10
C ALA DA 200 -144.24 -44.34 15.62
N THR DA 201 -144.16 -43.34 14.75
CA THR DA 201 -143.60 -42.04 15.09
C THR DA 201 -144.32 -40.96 14.31
N ALA DA 202 -144.59 -39.83 14.95
CA ALA DA 202 -145.28 -38.73 14.29
C ALA DA 202 -144.76 -37.40 14.81
N GLU DA 203 -144.36 -36.52 13.91
CA GLU DA 203 -143.89 -35.18 14.26
C GLU DA 203 -144.64 -34.15 13.43
N LEU DA 204 -145.05 -33.07 14.07
CA LEU DA 204 -145.66 -31.97 13.33
C LEU DA 204 -145.42 -30.66 14.08
N ASP DA 205 -145.53 -29.56 13.35
CA ASP DA 205 -145.34 -28.24 13.94
C ASP DA 205 -146.00 -27.20 13.05
N LYS DA 206 -146.71 -26.26 13.67
CA LYS DA 206 -147.43 -25.21 12.98
C LYS DA 206 -146.92 -23.85 13.43
N ASN DA 207 -146.78 -22.94 12.46
CA ASN DA 207 -146.35 -21.58 12.71
C ASN DA 207 -147.31 -20.62 12.02
N LEU DA 208 -147.79 -19.63 12.78
CA LEU DA 208 -148.72 -18.63 12.28
C LEU DA 208 -148.29 -17.24 12.72
N SER DA 209 -148.66 -16.24 11.93
CA SER DA 209 -148.37 -14.85 12.28
C SER DA 209 -149.42 -13.96 11.62
N ARG DA 210 -150.10 -13.15 12.42
CA ARG DA 210 -151.15 -12.26 11.95
C ARG DA 210 -150.88 -10.85 12.44
N LYS DA 211 -150.88 -9.88 11.52
CA LYS DA 211 -150.60 -8.49 11.86
C LYS DA 211 -151.61 -7.60 11.15
N ILE DA 212 -152.38 -6.83 11.91
CA ILE DA 212 -153.40 -5.95 11.35
C ILE DA 212 -153.27 -4.57 11.95
N GLU DA 213 -153.96 -3.60 11.34
CA GLU DA 213 -153.90 -2.21 11.76
C GLU DA 213 -155.29 -1.59 11.58
N ILE DA 214 -155.97 -1.34 12.69
CA ILE DA 214 -157.27 -0.66 12.65
C ILE DA 214 -157.06 0.82 12.40
N PRO DA 215 -157.92 1.46 11.60
CA PRO DA 215 -157.72 2.86 11.25
C PRO DA 215 -158.24 3.78 12.34
N PRO DA 216 -157.87 5.06 12.30
CA PRO DA 216 -158.39 6.01 13.30
C PRO DA 216 -159.91 6.11 13.23
N GLY DA 217 -160.53 6.28 14.40
CA GLY DA 217 -161.96 6.41 14.51
C GLY DA 217 -162.70 5.14 14.85
N THR DA 218 -162.02 4.00 14.87
CA THR DA 218 -162.67 2.74 15.18
C THR DA 218 -163.15 2.74 16.63
N ALA DA 219 -164.42 2.40 16.83
CA ALA DA 219 -164.99 2.37 18.17
C ALA DA 219 -164.50 1.14 18.93
N LEU DA 220 -164.31 1.29 20.23
CA LEU DA 220 -163.87 0.20 21.10
C LEU DA 220 -164.91 -0.23 22.11
N ALA DA 221 -165.60 0.71 22.74
CA ALA DA 221 -166.57 0.40 23.79
C ALA DA 221 -167.58 1.52 23.87
N TYR DA 222 -168.70 1.25 24.55
CA TYR DA 222 -169.79 2.20 24.60
C TYR DA 222 -170.61 1.97 25.85
N SER DA 223 -171.44 2.96 26.18
CA SER DA 223 -172.41 2.88 27.25
C SER DA 223 -173.73 3.45 26.76
N PHE DA 224 -174.84 2.92 27.27
CA PHE DA 224 -176.15 3.30 26.76
C PHE DA 224 -177.14 3.45 27.90
N MET DA 225 -178.23 4.16 27.61
CA MET DA 225 -179.31 4.40 28.54
C MET DA 225 -180.59 3.76 28.01
N ASP DA 226 -181.36 3.15 28.90
CA ASP DA 226 -182.55 2.43 28.49
C ASP DA 226 -183.70 3.38 28.18
N LEU DA 227 -184.67 2.87 27.41
CA LEU DA 227 -185.86 3.62 27.03
C LEU DA 227 -187.08 2.73 27.19
N GLU DA 228 -188.26 3.35 27.07
CA GLU DA 228 -189.52 2.65 27.22
C GLU DA 228 -190.57 3.31 26.34
N ILE DA 229 -191.23 2.51 25.50
CA ILE DA 229 -192.29 3.00 24.63
C ILE DA 229 -193.59 3.06 25.42
N LEU DA 230 -194.22 4.23 25.46
CA LEU DA 230 -195.53 4.35 26.07
C LEU DA 230 -196.58 3.66 25.20
N GLU DA 231 -197.83 3.67 25.66
CA GLU DA 231 -198.94 3.20 24.85
C GLU DA 231 -198.97 3.93 23.51
N ASP DA 232 -198.83 5.26 23.55
CA ASP DA 232 -198.68 6.05 22.35
C ASP DA 232 -197.24 5.95 21.83
N ARG DA 233 -196.94 6.71 20.78
CA ARG DA 233 -195.58 6.76 20.26
C ARG DA 233 -194.60 7.47 21.20
N SER DA 234 -195.09 8.06 22.29
CA SER DA 234 -194.23 8.76 23.24
C SER DA 234 -193.18 7.82 23.83
N LEU DA 235 -192.01 8.38 24.13
CA LEU DA 235 -190.91 7.64 24.72
C LEU DA 235 -190.58 8.20 26.09
N ARG DA 236 -190.14 7.31 26.98
CA ARG DA 236 -189.74 7.68 28.33
C ARG DA 236 -188.40 7.04 28.65
N VAL DA 237 -187.70 7.61 29.62
CA VAL DA 237 -186.42 7.06 30.06
C VAL DA 237 -186.64 6.27 31.33
N SER DA 238 -185.94 5.15 31.47
CA SER DA 238 -186.11 4.25 32.59
C SER DA 238 -184.77 4.03 33.29
N SER DA 239 -184.81 3.98 34.62
CA SER DA 239 -183.61 3.84 35.44
C SER DA 239 -183.79 2.68 36.40
N SER DA 240 -182.96 1.65 36.25
CA SER DA 240 -182.95 0.55 37.20
C SER DA 240 -182.18 0.98 38.44
N ALA DA 241 -182.90 1.21 39.54
CA ALA DA 241 -182.33 1.71 40.79
C ALA DA 241 -181.62 3.04 40.58
N GLY DA 242 -182.11 3.85 39.63
CA GLY DA 242 -181.53 5.15 39.36
C GLY DA 242 -180.19 5.12 38.67
N ALA DA 243 -179.82 4.01 38.04
CA ALA DA 243 -178.51 3.91 37.40
C ALA DA 243 -178.41 4.86 36.21
N MET DA 244 -179.37 4.79 35.30
CA MET DA 244 -179.38 5.57 34.05
C MET DA 244 -178.12 5.33 33.22
N PHE DA 245 -177.40 4.25 33.48
CA PHE DA 245 -176.21 3.90 32.70
C PHE DA 245 -176.12 2.38 32.70
N ASP DA 246 -176.56 1.76 31.61
CA ASP DA 246 -176.61 0.31 31.52
C ASP DA 246 -175.39 -0.21 30.79
N SER DA 247 -174.72 -1.20 31.37
CA SER DA 247 -173.54 -1.81 30.79
C SER DA 247 -173.81 -3.22 30.29
N GLY DA 248 -175.08 -3.57 30.07
CA GLY DA 248 -175.40 -4.92 29.66
C GLY DA 248 -175.04 -5.97 30.68
N LYS DA 249 -175.24 -5.66 31.96
CA LYS DA 249 -174.88 -6.57 33.05
C LYS DA 249 -176.13 -7.24 33.59
N ALA DA 250 -175.95 -8.45 34.13
CA ALA DA 250 -177.05 -9.17 34.73
C ALA DA 250 -177.51 -8.47 36.00
N GLU DA 251 -178.80 -8.63 36.32
CA GLU DA 251 -179.35 -7.99 37.50
C GLU DA 251 -178.70 -8.51 38.78
N SER DA 252 -178.46 -9.82 38.85
CA SER DA 252 -177.81 -10.46 39.99
C SER DA 252 -178.56 -10.16 41.29
CA ARG EA 3 -156.69 -5.61 40.24
C ARG EA 3 -156.23 -4.55 39.24
N PRO EA 4 -157.17 -3.73 38.77
CA PRO EA 4 -156.81 -2.68 37.82
C PRO EA 4 -155.82 -1.70 38.42
N MET EA 5 -154.89 -1.23 37.58
CA MET EA 5 -153.88 -0.29 38.03
C MET EA 5 -154.51 1.00 38.53
N PHE EA 6 -155.55 1.48 37.83
CA PHE EA 6 -156.22 2.71 38.26
C PHE EA 6 -156.83 2.53 39.64
N ALA EA 7 -157.48 1.39 39.90
CA ALA EA 7 -158.06 1.15 41.21
C ALA EA 7 -156.98 1.05 42.28
N VAL EA 8 -155.87 0.38 41.97
CA VAL EA 8 -154.77 0.28 42.94
C VAL EA 8 -154.21 1.66 43.27
N ALA EA 9 -154.00 2.49 42.25
CA ALA EA 9 -153.47 3.82 42.48
C ALA EA 9 -154.45 4.68 43.27
N VAL EA 10 -155.74 4.54 42.98
CA VAL EA 10 -156.75 5.29 43.73
C VAL EA 10 -156.74 4.87 45.20
N ASN EA 11 -156.64 3.58 45.47
CA ASN EA 11 -156.56 3.12 46.85
C ASN EA 11 -155.31 3.63 47.55
N GLU EA 12 -154.17 3.61 46.85
CA GLU EA 12 -152.94 4.12 47.44
C GLU EA 12 -153.07 5.60 47.78
N PHE EA 13 -153.62 6.38 46.86
CA PHE EA 13 -153.79 7.82 47.10
C PHE EA 13 -154.74 8.06 48.27
N ILE EA 14 -155.87 7.36 48.29
CA ILE EA 14 -156.85 7.61 49.34
C ILE EA 14 -156.32 7.16 50.70
N ARG EA 15 -155.47 6.14 50.74
CA ARG EA 15 -154.85 5.77 52.00
C ARG EA 15 -153.82 6.81 52.44
N SER EA 16 -152.96 7.25 51.53
CA SER EA 16 -151.92 8.21 51.90
C SER EA 16 -152.52 9.52 52.35
N ALA EA 17 -153.54 10.01 51.65
CA ALA EA 17 -154.20 11.26 51.97
C ALA EA 17 -155.71 11.07 51.96
N GLY EA 18 -156.38 11.61 52.96
CA GLY EA 18 -157.84 11.54 53.02
C GLY EA 18 -158.39 10.14 53.18
N GLN EA 19 -157.84 9.37 54.12
CA GLN EA 19 -158.35 8.03 54.36
C GLN EA 19 -159.80 8.07 54.84
N ASP EA 20 -160.20 9.16 55.48
CA ASP EA 20 -161.58 9.36 55.91
C ASP EA 20 -162.23 10.45 55.05
N SER EA 21 -163.55 10.35 54.92
CA SER EA 21 -164.35 11.32 54.16
C SER EA 21 -163.89 11.42 52.72
N LEU EA 22 -163.71 10.28 52.07
CA LEU EA 22 -163.29 10.25 50.68
C LEU EA 22 -163.71 8.92 50.06
N CYS EA 23 -164.24 8.97 48.84
CA CYS EA 23 -164.73 7.80 48.13
C CYS EA 23 -163.92 7.62 46.85
N GLY EA 24 -163.44 6.39 46.64
CA GLY EA 24 -162.68 6.11 45.45
C GLY EA 24 -163.54 6.16 44.19
N VAL EA 25 -162.88 6.41 43.07
CA VAL EA 25 -163.53 6.48 41.76
C VAL EA 25 -163.54 5.08 41.15
N PRO EA 26 -164.69 4.59 40.67
CA PRO EA 26 -164.74 3.22 40.16
C PRO EA 26 -163.86 2.96 38.95
N ASP EA 27 -163.86 3.87 37.98
CA ASP EA 27 -163.08 3.64 36.76
C ASP EA 27 -162.81 4.95 36.07
N ILE EA 28 -161.84 4.91 35.14
CA ILE EA 28 -161.43 6.12 34.42
C ILE EA 28 -162.58 6.69 33.62
N ASN EA 29 -163.36 5.82 32.98
CA ASN EA 29 -164.46 6.29 32.13
C ASN EA 29 -165.49 7.08 32.94
N SER EA 30 -165.83 6.59 34.13
CA SER EA 30 -166.83 7.24 34.97
C SER EA 30 -166.22 8.26 35.93
N SER EA 31 -164.90 8.46 35.86
CA SER EA 31 -164.27 9.46 36.72
C SER EA 31 -164.83 10.85 36.46
N GLY EA 32 -165.15 11.17 35.20
CA GLY EA 32 -165.61 12.51 34.87
C GLY EA 32 -167.00 12.84 35.33
N ASP EA 33 -167.76 11.85 35.83
CA ASP EA 33 -169.11 12.07 36.29
C ASP EA 33 -169.18 12.40 37.77
N PHE EA 34 -168.03 12.51 38.46
CA PHE EA 34 -168.00 12.79 39.89
C PHE EA 34 -167.35 14.14 40.18
N MET EA 35 -167.54 15.10 39.28
CA MET EA 35 -167.10 16.46 39.51
C MET EA 35 -168.05 17.16 40.48
N PRO EA 36 -167.62 18.27 41.09
CA PRO EA 36 -168.48 18.96 42.06
C PRO EA 36 -169.80 19.39 41.45
N LEU EA 37 -170.83 19.42 42.30
CA LEU EA 37 -172.19 19.78 41.91
C LEU EA 37 -172.78 18.77 40.94
N HIS EA 38 -172.61 17.49 41.27
CA HIS EA 38 -173.21 16.39 40.52
C HIS EA 38 -174.09 15.57 41.45
N ILE EA 39 -175.19 15.06 40.91
CA ILE EA 39 -176.13 14.23 41.66
C ILE EA 39 -175.75 12.77 41.51
N ILE EA 40 -175.75 12.04 42.62
CA ILE EA 40 -175.49 10.61 42.63
C ILE EA 40 -176.59 9.94 43.45
N VAL EA 41 -176.76 8.64 43.23
CA VAL EA 41 -177.78 7.85 43.90
C VAL EA 41 -177.09 6.84 44.80
N LYS EA 42 -177.57 6.72 46.03
CA LYS EA 42 -177.03 5.78 47.01
C LYS EA 42 -178.08 4.72 47.32
N GLU EA 43 -177.66 3.46 47.26
CA GLU EA 43 -178.52 2.31 47.52
C GLU EA 43 -178.01 1.57 48.74
N VAL EA 44 -178.91 1.28 49.68
CA VAL EA 44 -178.57 0.61 50.92
C VAL EA 44 -178.26 -0.86 50.64
N PRO EA 45 -177.43 -1.52 51.46
CA PRO EA 45 -177.11 -2.93 51.20
C PRO EA 45 -178.32 -3.84 51.24
N LYS EA 46 -179.32 -3.54 52.07
CA LYS EA 46 -180.56 -4.30 52.26
C LYS EA 46 -180.33 -5.65 52.93
N VAL EA 47 -179.09 -6.03 53.21
CA VAL EA 47 -178.81 -7.30 53.89
C VAL EA 47 -178.16 -7.01 55.23
N LEU EA 48 -177.02 -6.34 55.21
CA LEU EA 48 -176.30 -5.93 56.41
C LEU EA 48 -175.97 -4.45 56.28
N PRO EA 49 -176.97 -3.56 56.44
CA PRO EA 49 -176.71 -2.14 56.23
C PRO EA 49 -175.64 -1.57 57.13
N CYS EA 50 -175.54 -2.03 58.38
CA CYS EA 50 -174.53 -1.54 59.30
C CYS EA 50 -173.18 -2.22 59.12
N CYS EA 51 -173.10 -3.28 58.31
CA CYS EA 51 -171.87 -4.01 58.13
C CYS EA 51 -171.29 -3.89 56.71
N ARG EA 52 -172.08 -3.43 55.74
CA ARG EA 52 -171.64 -3.34 54.36
C ARG EA 52 -171.81 -1.91 53.87
N ARG EA 53 -170.83 -1.43 53.10
CA ARG EA 53 -170.90 -0.10 52.54
C ARG EA 53 -171.93 -0.04 51.42
N PRO EA 54 -172.63 1.08 51.27
CA PRO EA 54 -173.69 1.17 50.26
C PRO EA 54 -173.15 1.19 48.84
N LYS EA 55 -174.06 1.24 47.86
CA LYS EA 55 -173.71 1.23 46.45
C LYS EA 55 -173.98 2.61 45.85
N ILE EA 56 -173.01 3.14 45.13
CA ILE EA 56 -173.08 4.49 44.57
C ILE EA 56 -173.23 4.41 43.06
N LYS EA 57 -174.23 5.10 42.53
CA LYS EA 57 -174.56 5.10 41.11
C LYS EA 57 -174.47 6.52 40.59
N ARG EA 58 -173.75 6.68 39.48
CA ARG EA 58 -173.62 7.99 38.84
C ARG EA 58 -174.85 8.30 37.99
N THR EA 59 -175.14 9.59 37.87
CA THR EA 59 -176.26 10.06 37.07
C THR EA 59 -175.81 11.21 36.19
N PRO EA 60 -176.43 11.38 35.02
CA PRO EA 60 -176.07 12.49 34.13
C PRO EA 60 -176.86 13.76 34.43
N TYR EA 61 -176.74 14.25 35.67
CA TYR EA 61 -177.47 15.42 36.11
C TYR EA 61 -176.58 16.31 36.95
N THR EA 62 -176.83 17.61 36.87
CA THR EA 62 -176.24 18.59 37.75
C THR EA 62 -177.33 19.19 38.64
N LEU EA 63 -176.89 19.98 39.62
CA LEU EA 63 -177.83 20.57 40.57
C LEU EA 63 -178.81 21.49 39.87
N ASN EA 64 -178.32 22.32 38.94
CA ASN EA 64 -179.20 23.27 38.25
C ASN EA 64 -180.19 22.55 37.37
N ASP EA 65 -179.79 21.43 36.75
CA ASP EA 65 -180.74 20.66 35.94
C ASP EA 65 -181.78 19.98 36.82
N ILE EA 66 -181.35 19.41 37.96
CA ILE EA 66 -182.29 18.68 38.80
C ILE EA 66 -183.24 19.63 39.52
N LEU EA 67 -182.85 20.89 39.71
CA LEU EA 67 -183.65 21.85 40.44
C LEU EA 67 -184.39 22.78 39.49
N ASP EA 68 -185.64 23.07 39.84
CA ASP EA 68 -186.40 24.07 39.09
C ASP EA 68 -185.75 25.44 39.20
N GLU EA 69 -185.30 25.81 40.40
CA GLU EA 69 -184.65 27.09 40.62
C GLU EA 69 -183.14 26.92 40.56
N PRO EA 70 -182.43 27.65 39.70
CA PRO EA 70 -180.98 27.49 39.61
C PRO EA 70 -180.26 28.04 40.84
N CYS EA 71 -179.03 27.57 41.02
CA CYS EA 71 -178.15 27.97 42.10
C CYS EA 71 -176.81 28.38 41.52
N PRO EA 72 -176.06 29.22 42.23
CA PRO EA 72 -174.70 29.55 41.77
C PRO EA 72 -173.84 28.29 41.70
N ASN EA 73 -172.96 28.25 40.70
CA ASN EA 73 -172.19 27.05 40.41
C ASN EA 73 -170.71 27.30 40.18
N GLN EA 74 -170.20 28.49 40.54
CA GLN EA 74 -168.79 28.77 40.34
C GLN EA 74 -167.93 27.87 41.21
N LEU EA 75 -166.75 27.54 40.71
CA LEU EA 75 -165.83 26.61 41.38
C LEU EA 75 -164.48 27.26 41.59
N LYS EA 76 -163.65 26.60 42.40
CA LYS EA 76 -162.28 27.01 42.65
C LYS EA 76 -161.46 25.78 42.99
N SER EA 77 -160.17 25.85 42.70
CA SER EA 77 -159.27 24.73 42.92
C SER EA 77 -158.02 25.20 43.66
N SER EA 78 -157.45 24.28 44.44
CA SER EA 78 -156.25 24.56 45.21
C SER EA 78 -155.48 23.27 45.44
N ASP EA 79 -154.18 23.39 45.66
CA ASP EA 79 -153.34 22.21 45.81
C ASP EA 79 -153.71 21.42 47.06
N LEU EA 80 -153.58 20.10 46.97
CA LEU EA 80 -153.90 19.21 48.09
C LEU EA 80 -152.69 18.42 48.56
N VAL EA 81 -152.00 17.71 47.66
CA VAL EA 81 -150.84 16.89 48.01
C VAL EA 81 -149.97 16.76 46.78
N THR EA 82 -148.71 16.41 46.99
CA THR EA 82 -147.72 16.32 45.92
C THR EA 82 -146.86 15.08 46.15
N PHE EA 83 -146.94 14.12 45.23
CA PHE EA 83 -146.09 12.93 45.28
C PHE EA 83 -144.80 13.23 44.53
N THR EA 84 -143.74 13.53 45.28
CA THR EA 84 -142.49 13.93 44.65
C THR EA 84 -141.86 12.80 43.86
N GLU EA 85 -141.96 11.56 44.36
CA GLU EA 85 -141.37 10.42 43.70
C GLU EA 85 -142.41 9.34 43.50
N PRO EA 86 -142.26 8.50 42.46
CA PRO EA 86 -143.26 7.48 42.18
C PRO EA 86 -143.36 6.46 43.31
N LEU EA 87 -144.59 6.01 43.56
CA LEU EA 87 -144.82 4.88 44.45
C LEU EA 87 -144.36 3.61 43.76
N VAL EA 88 -143.38 2.92 44.35
CA VAL EA 88 -142.76 1.75 43.75
C VAL EA 88 -143.00 0.56 44.67
N SER EA 89 -143.44 -0.55 44.09
CA SER EA 89 -143.70 -1.78 44.84
C SER EA 89 -143.07 -2.96 44.12
N ASN EA 90 -142.43 -3.84 44.89
CA ASN EA 90 -141.81 -5.04 44.37
C ASN EA 90 -142.22 -6.23 45.22
N VAL EA 91 -142.60 -7.32 44.58
CA VAL EA 91 -142.91 -8.58 45.24
C VAL EA 91 -142.17 -9.68 44.50
N LYS EA 92 -141.51 -10.56 45.24
CA LYS EA 92 -140.74 -11.65 44.64
C LYS EA 92 -140.92 -12.89 45.50
N ALA EA 93 -141.58 -13.91 44.95
CA ALA EA 93 -141.83 -15.15 45.66
C ALA EA 93 -141.22 -16.32 44.89
N SER EA 94 -140.76 -17.32 45.63
CA SER EA 94 -140.20 -18.51 45.03
C SER EA 94 -140.36 -19.68 46.00
N SER EA 95 -140.88 -20.80 45.51
CA SER EA 95 -141.16 -21.95 46.36
C SER EA 95 -140.87 -23.23 45.61
N SER EA 96 -140.60 -24.29 46.36
CA SER EA 96 -140.33 -25.61 45.80
C SER EA 96 -140.87 -26.67 46.75
N ILE EA 97 -141.43 -27.72 46.17
CA ILE EA 97 -142.03 -28.82 46.92
C ILE EA 97 -141.47 -30.14 46.38
N GLY EA 98 -141.09 -31.04 47.29
CA GLY EA 98 -140.63 -32.35 46.90
C GLY EA 98 -141.26 -33.45 47.72
N LEU EA 99 -141.99 -34.36 47.06
CA LEU EA 99 -142.69 -35.45 47.73
C LEU EA 99 -142.14 -36.77 47.23
N GLN EA 100 -141.86 -37.69 48.15
CA GLN EA 100 -141.39 -39.02 47.79
C GLN EA 100 -142.13 -40.05 48.63
N ILE EA 101 -142.67 -41.07 47.96
CA ILE EA 101 -143.30 -42.21 48.63
C ILE EA 101 -142.50 -43.44 48.21
N LEU EA 102 -141.62 -43.88 49.10
CA LEU EA 102 -140.79 -45.08 48.93
C LEU EA 102 -140.02 -44.94 47.63
N LYS EA 103 -139.98 -45.97 46.79
CA LYS EA 103 -139.46 -45.86 45.42
C LYS EA 103 -140.59 -45.95 44.40
N HIS EA 104 -141.82 -45.64 44.82
CA HIS EA 104 -142.99 -45.73 43.96
C HIS EA 104 -143.51 -44.39 43.48
N PHE EA 105 -143.38 -43.33 44.27
CA PHE EA 105 -143.86 -42.02 43.87
C PHE EA 105 -142.76 -40.99 44.11
N ASP EA 106 -142.58 -40.08 43.14
CA ASP EA 106 -141.58 -39.02 43.29
C ASP EA 106 -142.03 -37.81 42.48
N SER EA 107 -142.45 -36.75 43.17
CA SER EA 107 -142.91 -35.54 42.52
C SER EA 107 -142.08 -34.35 42.97
N GLY EA 108 -141.69 -33.50 42.03
CA GLY EA 108 -140.99 -32.28 42.34
C GLY EA 108 -141.58 -31.09 41.60
N ALA EA 109 -142.07 -30.11 42.35
CA ALA EA 109 -142.69 -28.93 41.77
C ALA EA 109 -141.95 -27.69 42.26
N LYS EA 110 -142.03 -26.63 41.47
CA LYS EA 110 -141.43 -25.37 41.86
C LYS EA 110 -142.13 -24.24 41.12
N GLY EA 111 -142.16 -23.08 41.77
CA GLY EA 111 -142.81 -21.91 41.20
C GLY EA 111 -142.10 -20.65 41.61
N SER EA 112 -142.24 -19.62 40.79
CA SER EA 112 -141.64 -18.33 41.08
C SER EA 112 -142.51 -17.23 40.48
N LYS EA 113 -142.46 -16.06 41.10
CA LYS EA 113 -143.26 -14.92 40.67
C LYS EA 113 -142.53 -13.64 41.00
N ASN EA 114 -142.55 -12.69 40.06
CA ASN EA 114 -141.93 -11.38 40.23
C ASN EA 114 -142.91 -10.33 39.72
N PHE EA 115 -143.31 -9.42 40.61
CA PHE EA 115 -144.35 -8.44 40.34
C PHE EA 115 -143.81 -7.05 40.70
N ILE EA 116 -143.88 -6.11 39.75
CA ILE EA 116 -143.33 -4.77 39.93
C ILE EA 116 -144.41 -3.75 39.54
N THR EA 117 -144.57 -2.73 40.37
CA THR EA 117 -145.56 -1.70 40.13
C THR EA 117 -144.95 -0.32 40.37
N SER EA 118 -145.32 0.65 39.54
CA SER EA 118 -144.86 2.02 39.69
C SER EA 118 -145.99 2.97 39.33
N ALA EA 119 -146.28 3.92 40.22
CA ALA EA 119 -147.33 4.90 39.98
C ALA EA 119 -146.78 6.30 40.22
N SER EA 120 -146.93 7.16 39.22
CA SER EA 120 -146.47 8.55 39.29
C SER EA 120 -147.70 9.44 39.10
N LEU EA 121 -148.22 9.98 40.20
CA LEU EA 121 -149.40 10.82 40.18
C LEU EA 121 -149.08 12.31 40.14
N GLY EA 122 -147.82 12.69 40.29
CA GLY EA 122 -147.47 14.10 40.21
C GLY EA 122 -148.12 14.90 41.32
N THR EA 123 -148.86 15.94 40.94
CA THR EA 123 -149.55 16.82 41.87
C THR EA 123 -151.05 16.58 41.78
N VAL EA 124 -151.70 16.53 42.94
CA VAL EA 124 -153.14 16.35 43.04
C VAL EA 124 -153.74 17.62 43.62
N VAL EA 125 -154.75 18.16 42.95
CA VAL EA 125 -155.44 19.35 43.42
C VAL EA 125 -156.86 18.98 43.82
N LYS EA 126 -157.52 19.88 44.53
CA LYS EA 126 -158.89 19.71 44.98
C LYS EA 126 -159.73 20.85 44.42
N ALA EA 127 -160.87 20.49 43.85
CA ALA EA 127 -161.81 21.46 43.27
C ALA EA 127 -163.14 21.39 44.03
N GLU EA 128 -163.69 22.56 44.31
CA GLU EA 128 -164.89 22.67 45.12
C GLU EA 128 -165.55 24.01 44.86
N THR EA 129 -166.83 24.10 45.22
CA THR EA 129 -167.57 25.34 45.06
C THR EA 129 -166.92 26.46 45.86
N ILE EA 130 -166.96 27.67 45.31
CA ILE EA 130 -166.38 28.83 46.00
C ILE EA 130 -167.09 29.07 47.32
N ASP EA 131 -168.42 29.02 47.32
CA ASP EA 131 -169.22 29.19 48.53
C ASP EA 131 -170.25 28.08 48.57
N ILE EA 132 -170.17 27.23 49.60
CA ILE EA 132 -171.12 26.13 49.73
C ILE EA 132 -172.36 26.54 50.52
N THR EA 133 -172.23 27.53 51.40
CA THR EA 133 -173.37 27.97 52.21
C THR EA 133 -174.48 28.52 51.32
N LYS EA 134 -174.13 29.32 50.31
CA LYS EA 134 -175.14 29.85 49.40
C LYS EA 134 -175.82 28.73 48.63
N VAL EA 135 -175.05 27.75 48.15
CA VAL EA 135 -175.63 26.62 47.43
C VAL EA 135 -176.59 25.86 48.32
N LEU EA 136 -176.20 25.63 49.58
CA LEU EA 136 -177.08 24.91 50.49
C LEU EA 136 -178.35 25.69 50.76
N ALA EA 137 -178.24 27.00 50.97
CA ALA EA 137 -179.42 27.81 51.23
C ALA EA 137 -180.38 27.75 50.04
N LYS EA 138 -179.86 27.95 48.83
CA LYS EA 138 -180.70 27.92 47.64
C LYS EA 138 -181.34 26.55 47.44
N VAL EA 139 -180.58 25.47 47.71
CA VAL EA 139 -181.15 24.13 47.60
C VAL EA 139 -182.32 23.99 48.56
N ARG EA 140 -182.13 24.40 49.81
CA ARG EA 140 -183.19 24.26 50.80
C ARG EA 140 -184.42 25.08 50.42
N THR EA 141 -184.23 26.24 49.79
CA THR EA 141 -185.35 27.07 49.40
C THR EA 141 -185.85 26.78 47.99
N ALA EA 142 -185.27 25.82 47.28
CA ALA EA 142 -185.63 25.54 45.90
C ALA EA 142 -186.31 24.18 45.78
N LYS EA 143 -187.22 24.07 44.82
CA LYS EA 143 -187.92 22.82 44.54
C LYS EA 143 -187.31 22.09 43.35
N ALA EA 144 -187.37 20.76 43.41
CA ALA EA 144 -186.82 19.93 42.34
C ALA EA 144 -187.70 20.01 41.09
N LYS EA 145 -187.17 19.48 39.99
CA LYS EA 145 -187.89 19.49 38.72
C LYS EA 145 -189.00 18.45 38.72
N VAL EA 146 -190.24 18.91 38.54
CA VAL EA 146 -191.38 18.00 38.53
C VAL EA 146 -191.27 17.04 37.35
N GLU EA 147 -190.81 17.53 36.20
CA GLU EA 147 -190.68 16.68 35.02
C GLU EA 147 -189.71 15.53 35.24
N ASN EA 148 -188.64 15.75 36.01
CA ASN EA 148 -187.62 14.73 36.20
C ASN EA 148 -188.20 13.47 36.80
N ASP EA 149 -187.81 12.32 36.24
CA ASP EA 149 -188.29 11.02 36.69
C ASP EA 149 -187.45 10.44 37.82
N LEU EA 150 -186.13 10.69 37.79
CA LEU EA 150 -185.24 10.19 38.83
C LEU EA 150 -185.66 10.65 40.21
N VAL EA 151 -185.99 11.94 40.33
CA VAL EA 151 -186.41 12.48 41.62
C VAL EA 151 -187.65 11.76 42.13
N SER EA 152 -188.63 11.56 41.25
CA SER EA 152 -189.85 10.87 41.64
C SER EA 152 -189.55 9.44 42.06
N ARG EA 153 -188.70 8.75 41.32
CA ARG EA 153 -188.30 7.39 41.69
C ARG EA 153 -187.70 7.36 43.09
N VAL EA 154 -186.74 8.25 43.35
CA VAL EA 154 -186.09 8.29 44.66
C VAL EA 154 -187.09 8.64 45.76
N MET EA 155 -188.06 9.52 45.45
CA MET EA 155 -189.07 9.89 46.43
C MET EA 155 -189.95 8.70 46.78
N LYS EA 156 -190.40 7.95 45.78
CA LYS EA 156 -191.31 6.84 46.05
C LYS EA 156 -190.57 5.67 46.71
N THR EA 157 -189.32 5.43 46.34
CA THR EA 157 -188.57 4.34 46.94
C THR EA 157 -187.97 4.80 48.26
N LYS EA 158 -187.73 3.82 49.14
CA LYS EA 158 -187.16 4.09 50.46
C LYS EA 158 -185.68 3.80 50.55
N ARG EA 159 -185.17 2.86 49.75
CA ARG EA 159 -183.74 2.56 49.81
C ARG EA 159 -182.92 3.66 49.15
N LEU EA 160 -183.39 4.20 48.03
CA LEU EA 160 -182.62 5.16 47.26
C LEU EA 160 -182.50 6.49 48.00
N CYS EA 161 -181.32 7.09 47.93
CA CYS EA 161 -181.07 8.41 48.48
C CYS EA 161 -180.28 9.23 47.47
N LEU EA 162 -180.41 10.55 47.56
CA LEU EA 162 -179.71 11.46 46.66
C LEU EA 162 -178.51 12.09 47.36
N GLY EA 163 -177.44 12.28 46.60
CA GLY EA 163 -176.25 12.91 47.14
C GLY EA 163 -175.64 13.93 46.20
N LEU EA 164 -175.26 15.09 46.72
CA LEU EA 164 -174.64 16.15 45.94
C LEU EA 164 -173.15 16.12 46.20
N VAL EA 165 -172.36 16.00 45.13
CA VAL EA 165 -170.91 15.98 45.26
C VAL EA 165 -170.40 17.40 45.47
N VAL EA 166 -169.53 17.57 46.46
CA VAL EA 166 -169.10 18.90 46.87
C VAL EA 166 -167.60 19.14 46.71
N GLU EA 167 -166.78 18.11 46.62
CA GLU EA 167 -165.35 18.31 46.42
C GLU EA 167 -164.77 17.12 45.67
N THR EA 168 -163.78 17.38 44.82
CA THR EA 168 -163.19 16.35 43.99
C THR EA 168 -161.69 16.52 43.90
N ALA EA 169 -160.97 15.41 43.96
CA ALA EA 169 -159.51 15.40 43.83
C ALA EA 169 -159.13 14.98 42.43
N CYS EA 170 -158.36 15.82 41.74
CA CYS EA 170 -158.01 15.60 40.34
C CYS EA 170 -156.51 15.80 40.14
N VAL EA 171 -155.94 15.04 39.22
CA VAL EA 171 -154.52 15.16 38.92
C VAL EA 171 -154.29 16.42 38.08
N ALA EA 172 -153.31 17.22 38.48
CA ALA EA 172 -153.02 18.45 37.74
C ALA EA 172 -152.37 18.15 36.40
N ALA EA 173 -151.48 17.15 36.35
CA ALA EA 173 -150.76 16.79 35.14
C ALA EA 173 -150.98 15.32 34.84
N ALA EA 174 -150.36 14.85 33.76
CA ALA EA 174 -150.53 13.47 33.35
C ALA EA 174 -149.93 12.52 34.38
N GLY EA 175 -150.63 11.41 34.61
CA GLY EA 175 -150.19 10.40 35.58
C GLY EA 175 -149.82 9.10 34.88
N LYS EA 176 -148.71 8.50 35.30
CA LYS EA 176 -148.18 7.32 34.64
C LYS EA 176 -148.27 6.10 35.55
N LEU EA 177 -148.82 5.01 35.01
CA LEU EA 177 -148.99 3.77 35.76
C LEU EA 177 -148.34 2.63 34.98
N THR EA 178 -147.37 1.94 35.61
CA THR EA 178 -146.63 0.87 34.97
C THR EA 178 -146.66 -0.39 35.84
N GLU EA 179 -146.86 -1.54 35.20
CA GLU EA 179 -146.92 -2.83 35.88
C GLU EA 179 -146.20 -3.88 35.05
N ALA EA 180 -145.41 -4.72 35.73
CA ALA EA 180 -144.70 -5.82 35.10
C ALA EA 180 -144.88 -7.09 35.91
N ASP EA 181 -145.15 -8.20 35.22
CA ASP EA 181 -145.39 -9.48 35.86
C ASP EA 181 -144.59 -10.55 35.14
N ASN EA 182 -143.92 -11.42 35.89
CA ASN EA 182 -143.18 -12.55 35.32
C ASN EA 182 -143.31 -13.71 36.28
N TRP EA 183 -144.04 -14.76 35.88
CA TRP EA 183 -144.16 -15.92 36.77
C TRP EA 183 -143.94 -17.21 36.00
N GLU EA 184 -143.53 -18.25 36.72
CA GLU EA 184 -143.07 -19.48 36.10
C GLU EA 184 -143.40 -20.67 37.00
N ILE EA 185 -143.80 -21.78 36.38
CA ILE EA 185 -144.13 -23.02 37.06
C ILE EA 185 -143.40 -24.16 36.37
N SER EA 186 -142.74 -25.01 37.15
CA SER EA 186 -142.06 -26.19 36.63
C SER EA 186 -142.38 -27.39 37.51
N GLY EA 187 -143.03 -28.40 36.94
CA GLY EA 187 -143.43 -29.56 37.70
C GLY EA 187 -142.99 -30.84 37.03
N HIS EA 188 -142.77 -31.86 37.86
CA HIS EA 188 -142.31 -33.17 37.40
C HIS EA 188 -142.90 -34.25 38.28
N THR EA 189 -143.31 -35.36 37.65
CA THR EA 189 -143.96 -36.46 38.35
C THR EA 189 -143.38 -37.77 37.84
N ASN EA 190 -143.07 -38.69 38.75
CA ASN EA 190 -142.54 -40.00 38.40
C ASN EA 190 -143.28 -41.04 39.24
N ALA EA 191 -144.11 -41.84 38.58
CA ALA EA 191 -144.84 -42.93 39.21
C ALA EA 191 -144.23 -44.24 38.73
N ASN EA 192 -143.47 -44.89 39.60
CA ASN EA 192 -142.82 -46.15 39.29
C ASN EA 192 -143.59 -47.28 39.95
N ILE EA 193 -144.05 -48.23 39.14
CA ILE EA 193 -144.76 -49.41 39.61
C ILE EA 193 -144.06 -50.63 39.03
N GLY EA 194 -144.35 -51.80 39.62
CA GLY EA 194 -143.69 -53.02 39.18
C GLY EA 194 -143.88 -53.32 37.71
N GLU EA 195 -145.03 -52.96 37.15
CA GLU EA 195 -145.30 -53.20 35.73
C GLU EA 195 -145.62 -51.92 34.96
N ALA EA 196 -145.42 -50.75 35.56
CA ALA EA 196 -145.73 -49.49 34.89
C ALA EA 196 -144.77 -48.41 35.36
N VAL EA 197 -144.31 -47.60 34.41
CA VAL EA 197 -143.45 -46.44 34.70
C VAL EA 197 -144.02 -45.25 33.97
N VAL EA 198 -144.34 -44.18 34.70
CA VAL EA 198 -144.88 -42.96 34.13
C VAL EA 198 -143.98 -41.80 34.54
N THR EA 199 -143.56 -41.00 33.56
CA THR EA 199 -142.69 -39.85 33.80
C THR EA 199 -143.26 -38.65 33.05
N ALA EA 200 -143.83 -37.70 33.80
CA ALA EA 200 -144.45 -36.52 33.23
C ALA EA 200 -143.70 -35.28 33.67
N THR EA 201 -143.66 -34.27 32.80
CA THR EA 201 -142.97 -33.02 33.08
C THR EA 201 -143.72 -31.89 32.39
N ALA EA 202 -143.84 -30.74 33.06
CA ALA EA 202 -144.53 -29.60 32.50
C ALA EA 202 -143.87 -28.30 32.96
N GLU EA 203 -143.52 -27.44 32.02
CA GLU EA 203 -142.92 -26.14 32.30
C GLU EA 203 -143.71 -25.06 31.58
N LEU EA 204 -143.97 -23.96 32.28
CA LEU EA 204 -144.59 -22.81 31.63
C LEU EA 204 -144.17 -21.54 32.34
N ASP EA 205 -144.30 -20.42 31.63
CA ASP EA 205 -143.95 -19.12 32.20
C ASP EA 205 -144.65 -18.03 31.40
N LYS EA 206 -145.22 -17.06 32.12
CA LYS EA 206 -145.96 -15.96 31.52
C LYS EA 206 -145.30 -14.64 31.90
N ASN EA 207 -145.23 -13.73 30.93
CA ASN EA 207 -144.68 -12.40 31.12
C ASN EA 207 -145.66 -11.37 30.58
N LEU EA 208 -145.98 -10.36 31.38
CA LEU EA 208 -146.90 -9.30 31.01
C LEU EA 208 -146.33 -7.95 31.40
N SER EA 209 -146.72 -6.91 30.67
CA SER EA 209 -146.31 -5.55 30.97
C SER EA 209 -147.37 -4.59 30.46
N ARG EA 210 -147.89 -3.74 31.35
CA ARG EA 210 -148.93 -2.79 31.01
C ARG EA 210 -148.52 -1.40 31.47
N LYS EA 211 -148.55 -0.42 30.56
CA LYS EA 211 -148.16 0.94 30.87
C LYS EA 211 -149.19 1.90 30.29
N ILE EA 212 -149.81 2.72 31.15
CA ILE EA 212 -150.83 3.66 30.72
C ILE EA 212 -150.53 5.03 31.32
N GLU EA 213 -151.23 6.04 30.80
CA GLU EA 213 -151.04 7.42 31.20
C GLU EA 213 -152.38 8.13 31.21
N ILE EA 214 -152.90 8.42 32.40
CA ILE EA 214 -154.15 9.17 32.53
C ILE EA 214 -153.89 10.64 32.26
N PRO EA 215 -154.79 11.34 31.58
CA PRO EA 215 -154.55 12.73 31.21
C PRO EA 215 -154.86 13.67 32.36
N PRO EA 216 -154.42 14.92 32.28
CA PRO EA 216 -154.76 15.89 33.34
C PRO EA 216 -156.26 16.09 33.47
N GLY EA 217 -156.71 16.29 34.70
CA GLY EA 217 -158.11 16.51 34.99
C GLY EA 217 -158.88 15.29 35.42
N THR EA 218 -158.28 14.10 35.34
CA THR EA 218 -158.96 12.88 35.74
C THR EA 218 -159.25 12.89 37.23
N ALA EA 219 -160.51 12.63 37.59
CA ALA EA 219 -160.90 12.62 38.99
C ALA EA 219 -160.40 11.35 39.67
N LEU EA 220 -160.04 11.48 40.95
CA LEU EA 220 -159.56 10.36 41.75
C LEU EA 220 -160.49 9.98 42.89
N ALA EA 221 -161.03 10.96 43.60
CA ALA EA 221 -161.88 10.69 44.75
C ALA EA 221 -162.80 11.88 44.97
N TYR EA 222 -163.83 11.66 45.79
CA TYR EA 222 -164.86 12.68 45.98
C TYR EA 222 -165.53 12.49 47.33
N SER EA 223 -166.23 13.54 47.76
CA SER EA 223 -167.07 13.50 48.94
C SER EA 223 -168.39 14.16 48.63
N PHE EA 224 -169.47 13.69 49.28
CA PHE EA 224 -170.80 14.16 48.93
C PHE EA 224 -171.63 14.36 50.19
N MET EA 225 -172.70 15.14 50.05
CA MET EA 225 -173.64 15.44 51.11
C MET EA 225 -175.01 14.89 50.75
N ASP EA 226 -175.70 14.32 51.73
CA ASP EA 226 -176.98 13.68 51.47
C ASP EA 226 -178.10 14.70 51.30
N LEU EA 227 -179.18 14.26 50.67
CA LEU EA 227 -180.35 15.09 50.44
C LEU EA 227 -181.61 14.28 50.75
N GLU EA 228 -182.74 14.98 50.78
CA GLU EA 228 -184.02 14.35 51.08
C GLU EA 228 -185.13 15.09 50.34
N ILE EA 229 -185.94 14.35 49.60
CA ILE EA 229 -187.07 14.91 48.87
C ILE EA 229 -188.25 15.04 49.82
N LEU EA 230 -188.79 16.25 49.94
CA LEU EA 230 -190.01 16.45 50.72
C LEU EA 230 -191.20 15.84 49.99
N GLU EA 231 -192.37 15.92 50.61
CA GLU EA 231 -193.61 15.53 49.93
C GLU EA 231 -193.76 16.28 48.62
N ASP EA 232 -193.53 17.59 48.65
CA ASP EA 232 -193.48 18.39 47.43
C ASP EA 232 -192.14 18.20 46.74
N ARG EA 233 -191.92 18.96 45.67
CA ARG EA 233 -190.64 18.93 44.97
C ARG EA 233 -189.50 19.56 45.78
N SER EA 234 -189.82 20.16 46.92
CA SER EA 234 -188.79 20.80 47.76
C SER EA 234 -187.75 19.78 48.21
N LEU EA 235 -186.52 20.27 48.36
CA LEU EA 235 -185.40 19.45 48.80
C LEU EA 235 -184.86 19.97 50.12
N ARG EA 236 -184.35 19.04 50.94
CA ARG EA 236 -183.77 19.38 52.23
C ARG EA 236 -182.45 18.65 52.38
N VAL EA 237 -181.59 19.16 53.25
CA VAL EA 237 -180.31 18.53 53.52
C VAL EA 237 -180.42 17.74 54.81
N SER EA 238 -179.78 16.57 54.85
CA SER EA 238 -179.86 15.67 55.98
C SER EA 238 -178.47 15.36 56.51
N SER EA 239 -178.34 15.30 57.83
CA SER EA 239 -177.05 15.08 58.49
C SER EA 239 -177.19 13.92 59.47
N SER EA 240 -176.45 12.84 59.21
CA SER EA 240 -176.38 11.72 60.14
C SER EA 240 -175.43 12.10 61.28
N ALA EA 241 -176.00 12.35 62.46
CA ALA EA 241 -175.25 12.81 63.63
C ALA EA 241 -174.49 14.09 63.34
N GLY EA 242 -175.03 14.94 62.46
CA GLY EA 242 -174.42 16.21 62.13
C GLY EA 242 -173.17 16.10 61.27
N ALA EA 243 -172.96 14.97 60.59
CA ALA EA 243 -171.75 14.80 59.79
C ALA EA 243 -171.73 15.75 58.60
N MET EA 244 -172.81 15.76 57.81
CA MET EA 244 -172.92 16.54 56.58
C MET EA 244 -171.81 16.24 55.60
N PHE EA 245 -171.12 15.11 55.77
CA PHE EA 245 -170.07 14.69 54.84
C PHE EA 245 -170.09 13.17 54.82
N ASP EA 246 -170.69 12.60 53.79
CA ASP EA 246 -170.85 11.15 53.71
C ASP EA 246 -169.76 10.56 52.82
N SER EA 247 -169.09 9.53 53.31
CA SER EA 247 -168.03 8.85 52.59
C SER EA 247 -168.46 7.46 52.11
N GLY EA 248 -169.76 7.20 52.06
CA GLY EA 248 -170.23 5.88 51.69
C GLY EA 248 -169.80 4.80 52.66
N LYS EA 249 -169.81 5.10 53.95
CA LYS EA 249 -169.39 4.16 54.98
C LYS EA 249 -170.60 3.56 55.68
N ALA EA 250 -170.43 2.33 56.17
CA ALA EA 250 -171.49 1.68 56.91
C ALA EA 250 -171.74 2.39 58.23
N GLU EA 251 -172.98 2.32 58.71
CA GLU EA 251 -173.35 2.98 59.96
C GLU EA 251 -172.56 2.40 61.14
N SER EA 252 -172.40 1.07 61.17
CA SER EA 252 -171.66 0.39 62.23
C SER EA 252 -172.21 0.71 63.62
CA ARG FA 3 -150.34 3.89 59.83
C ARG FA 3 -149.95 4.93 58.78
N PRO FA 4 -150.89 5.81 58.43
CA PRO FA 4 -150.58 6.85 57.45
C PRO FA 4 -149.46 7.76 57.93
N MET FA 5 -148.62 8.18 56.97
CA MET FA 5 -147.50 9.04 57.30
C MET FA 5 -147.98 10.37 57.87
N PHE FA 6 -149.06 10.92 57.31
CA PHE FA 6 -149.59 12.18 57.83
C PHE FA 6 -150.02 12.03 59.28
N ALA FA 7 -150.71 10.93 59.61
CA ALA FA 7 -151.14 10.71 60.98
C ALA FA 7 -149.93 10.53 61.91
N VAL FA 8 -148.92 9.79 61.45
CA VAL FA 8 -147.73 9.61 62.28
C VAL FA 8 -147.04 10.95 62.54
N ALA FA 9 -146.89 11.77 61.50
CA ALA FA 9 -146.26 13.07 61.67
C ALA FA 9 -147.08 13.98 62.58
N VAL FA 10 -148.41 13.93 62.46
CA VAL FA 10 -149.26 14.73 63.33
C VAL FA 10 -149.08 14.30 64.79
N ASN FA 11 -149.03 12.99 65.03
CA ASN FA 11 -148.82 12.51 66.39
C ASN FA 11 -147.45 12.94 66.93
N GLU FA 12 -146.42 12.85 66.09
CA GLU FA 12 -145.09 13.28 66.52
C GLU FA 12 -145.08 14.76 66.88
N PHE FA 13 -145.69 15.58 66.04
CA PHE FA 13 -145.74 17.02 66.31
C PHE FA 13 -146.51 17.32 67.58
N ILE FA 14 -147.67 16.69 67.76
CA ILE FA 14 -148.49 16.98 68.92
C ILE FA 14 -147.83 16.49 70.20
N ARG FA 15 -147.04 15.42 70.12
CA ARG FA 15 -146.29 14.99 71.29
C ARG FA 15 -145.17 15.96 71.61
N SER FA 16 -144.39 16.35 70.59
CA SER FA 16 -143.25 17.24 70.83
C SER FA 16 -143.71 18.59 71.36
N ALA FA 17 -144.77 19.15 70.80
CA ALA FA 17 -145.30 20.44 71.20
C ALA FA 17 -146.81 20.34 71.38
N GLY FA 18 -147.31 20.91 72.46
CA GLY FA 18 -148.75 20.92 72.70
C GLY FA 18 -149.36 19.57 72.93
N GLN FA 19 -148.75 18.75 73.79
CA GLN FA 19 -149.32 17.44 74.10
C GLN FA 19 -150.69 17.57 74.75
N ASP FA 20 -150.93 18.68 75.44
CA ASP FA 20 -152.22 18.96 76.04
C ASP FA 20 -152.91 20.09 75.27
N SER FA 21 -154.24 20.08 75.31
CA SER FA 21 -155.07 21.11 74.67
C SER FA 21 -154.78 21.20 73.17
N LEU FA 22 -154.77 20.06 72.51
CA LEU FA 22 -154.53 20.01 71.07
C LEU FA 22 -155.11 18.72 70.51
N CYS FA 23 -155.78 18.82 69.37
CA CYS FA 23 -156.44 17.69 68.72
C CYS FA 23 -155.80 17.47 67.35
N GLY FA 24 -155.44 16.22 67.07
CA GLY FA 24 -154.86 15.90 65.79
C GLY FA 24 -155.86 16.03 64.65
N VAL FA 25 -155.33 16.24 63.46
CA VAL FA 25 -156.15 16.37 62.25
C VAL FA 25 -156.32 14.98 61.63
N PRO FA 26 -157.55 14.57 61.31
CA PRO FA 26 -157.76 13.21 60.81
C PRO FA 26 -157.05 12.91 59.49
N ASP FA 27 -157.11 13.83 58.52
CA ASP FA 27 -156.52 13.57 57.22
C ASP FA 27 -156.24 14.87 56.51
N ILE FA 28 -155.42 14.78 55.46
CA ILE FA 28 -155.01 15.97 54.71
C ILE FA 28 -156.22 16.61 54.05
N ASN FA 29 -157.13 15.80 53.51
CA ASN FA 29 -158.29 16.35 52.82
C ASN FA 29 -159.15 17.20 53.75
N SER FA 30 -159.38 16.71 54.97
CA SER FA 30 -160.21 17.41 55.93
C SER FA 30 -159.43 18.38 56.81
N SER FA 31 -158.12 18.50 56.57
CA SER FA 31 -157.32 19.45 57.36
C SER FA 31 -157.82 20.88 57.17
N GLY FA 32 -158.27 21.23 55.96
CA GLY FA 32 -158.68 22.60 55.69
C GLY FA 32 -159.99 23.01 56.33
N ASP FA 33 -160.72 22.06 56.91
CA ASP FA 33 -162.00 22.37 57.55
C ASP FA 33 -161.86 22.68 59.03
N PHE FA 34 -160.63 22.71 59.56
CA PHE FA 34 -160.39 22.97 60.98
C PHE FA 34 -159.64 24.28 61.19
N MET FA 35 -159.87 25.26 60.32
CA MET FA 35 -159.31 26.58 60.50
C MET FA 35 -160.08 27.33 61.59
N PRO FA 36 -159.51 28.40 62.13
CA PRO FA 36 -160.19 29.13 63.21
C PRO FA 36 -161.55 29.66 62.78
N LEU FA 37 -162.46 29.74 63.75
CA LEU FA 37 -163.84 30.20 63.54
C LEU FA 37 -164.61 29.23 62.65
N HIS FA 38 -164.49 27.94 62.95
CA HIS FA 38 -165.24 26.90 62.28
C HIS FA 38 -166.04 26.11 63.31
N ILE FA 39 -167.23 25.68 62.91
CA ILE FA 39 -168.13 24.91 63.77
C ILE FA 39 -167.85 23.42 63.57
N ILE FA 40 -167.76 22.68 64.67
CA ILE FA 40 -167.60 21.24 64.65
C ILE FA 40 -168.62 20.63 65.59
N VAL FA 41 -168.91 19.35 65.39
CA VAL FA 41 -169.88 18.62 66.19
C VAL FA 41 -169.15 17.55 66.99
N LYS FA 42 -169.48 17.45 68.26
CA LYS FA 42 -168.88 16.47 69.17
C LYS FA 42 -169.95 15.47 69.60
N GLU FA 43 -169.63 14.19 69.49
CA GLU FA 43 -170.52 13.10 69.85
C GLU FA 43 -169.91 12.31 70.99
N VAL FA 44 -170.70 12.07 72.04
CA VAL FA 44 -170.25 11.36 73.23
C VAL FA 44 -170.07 9.88 72.90
N PRO FA 45 -169.18 9.16 73.61
CA PRO FA 45 -168.99 7.73 73.31
C PRO FA 45 -170.25 6.90 73.49
N LYS FA 46 -171.11 7.25 74.45
CA LYS FA 46 -172.36 6.57 74.78
C LYS FA 46 -172.14 5.20 75.42
N VAL FA 47 -170.90 4.74 75.54
CA VAL FA 47 -170.61 3.45 76.17
C VAL FA 47 -169.79 3.68 77.42
N LEU FA 48 -168.61 4.28 77.26
CA LEU FA 48 -167.72 4.63 78.36
C LEU FA 48 -167.32 6.09 78.19
N PRO FA 49 -168.22 7.03 78.48
CA PRO FA 49 -167.91 8.44 78.25
C PRO FA 49 -166.69 8.93 79.01
N CYS FA 50 -166.47 8.45 80.22
CA CYS FA 50 -165.33 8.87 81.01
C CYS FA 50 -164.06 8.10 80.67
N CYS FA 51 -164.15 7.05 79.85
CA CYS FA 51 -162.99 6.24 79.50
C CYS FA 51 -162.60 6.34 78.03
N ARG FA 52 -163.46 6.87 77.17
CA ARG FA 52 -163.21 6.94 75.74
C ARG FA 52 -163.34 8.39 75.28
N ARG FA 53 -162.44 8.80 74.39
CA ARG FA 53 -162.49 10.15 73.86
C ARG FA 53 -163.65 10.28 72.87
N PRO FA 54 -164.29 11.45 72.82
CA PRO FA 54 -165.47 11.62 71.95
C PRO FA 54 -165.12 11.63 70.47
N LYS FA 55 -166.12 11.74 69.62
CA LYS FA 55 -165.96 11.73 68.17
C LYS FA 55 -166.22 13.12 67.62
N ILE FA 56 -165.31 13.60 66.78
CA ILE FA 56 -165.36 14.96 66.24
C ILE FA 56 -165.71 14.91 64.76
N LYS FA 57 -166.73 15.67 64.37
CA LYS FA 57 -167.23 15.70 63.00
C LYS FA 57 -167.11 17.12 62.47
N ARG FA 58 -166.54 17.25 61.28
CA ARG FA 58 -166.40 18.55 60.64
C ARG FA 58 -167.70 18.95 59.96
N THR FA 59 -167.93 20.26 59.88
CA THR FA 59 -169.11 20.80 59.22
C THR FA 59 -168.70 21.94 58.30
N PRO FA 60 -169.45 22.15 57.21
CA PRO FA 60 -169.13 23.25 56.29
C PRO FA 60 -169.79 24.57 56.69
N TYR FA 61 -169.48 25.03 57.91
CA TYR FA 61 -170.08 26.24 58.44
C TYR FA 61 -169.03 27.06 59.17
N THR FA 62 -169.20 28.38 59.12
CA THR FA 62 -168.45 29.31 59.92
C THR FA 62 -169.37 29.96 60.95
N LEU FA 63 -168.76 30.72 61.87
CA LEU FA 63 -169.53 31.35 62.92
C LEU FA 63 -170.54 32.34 62.35
N ASN FA 64 -170.12 33.15 61.38
CA ASN FA 64 -171.00 34.16 60.81
C ASN FA 64 -172.15 33.51 60.06
N ASP FA 65 -171.91 32.38 59.39
CA ASP FA 65 -172.99 31.68 58.71
C ASP FA 65 -173.95 31.05 59.71
N ILE FA 66 -173.43 30.45 60.78
CA ILE FA 66 -174.30 29.77 61.74
C ILE FA 66 -175.09 30.77 62.58
N LEU FA 67 -174.59 32.00 62.72
CA LEU FA 67 -175.23 33.00 63.54
C LEU FA 67 -176.03 33.98 62.70
N ASP FA 68 -177.21 34.35 63.21
CA ASP FA 68 -177.98 35.40 62.56
C ASP FA 68 -177.23 36.73 62.59
N GLU FA 69 -176.61 37.06 63.73
CA GLU FA 69 -175.86 38.29 63.86
C GLU FA 69 -174.38 38.03 63.62
N PRO FA 70 -173.75 38.73 62.68
CA PRO FA 70 -172.33 38.47 62.41
C PRO FA 70 -171.43 38.96 63.52
N CYS FA 71 -170.22 38.41 63.55
CA CYS FA 71 -169.19 38.73 64.51
C CYS FA 71 -167.91 39.07 63.77
N PRO FA 72 -167.02 39.85 64.38
CA PRO FA 72 -165.71 40.10 63.75
C PRO FA 72 -164.95 38.79 63.56
N ASN FA 73 -164.21 38.70 62.47
CA ASN FA 73 -163.56 37.46 62.08
C ASN FA 73 -162.11 37.63 61.67
N GLN FA 74 -161.48 38.77 61.96
CA GLN FA 74 -160.09 38.97 61.58
C GLN FA 74 -159.18 38.00 62.33
N LEU FA 75 -158.10 37.60 61.69
CA LEU FA 75 -157.17 36.61 62.23
C LEU FA 75 -155.76 37.17 62.27
N LYS FA 76 -154.88 36.44 62.96
CA LYS FA 76 -153.47 36.77 63.03
C LYS FA 76 -152.69 35.48 63.26
N SER FA 77 -151.44 35.47 62.81
CA SER FA 77 -150.59 34.29 62.91
C SER FA 77 -149.24 34.68 63.49
N SER FA 78 -148.63 33.72 64.19
CA SER FA 78 -147.32 33.91 64.80
C SER FA 78 -146.63 32.57 64.93
N ASP FA 79 -145.30 32.61 64.98
CA ASP FA 79 -144.53 31.37 65.01
C ASP FA 79 -144.78 30.60 66.31
N LEU FA 80 -144.75 29.27 66.19
CA LEU FA 80 -144.98 28.39 67.34
C LEU FA 80 -143.78 27.52 67.65
N VAL FA 81 -143.26 26.78 66.67
CA VAL FA 81 -142.13 25.88 66.86
C VAL FA 81 -141.42 25.71 65.53
N THR FA 82 -140.17 25.28 65.58
CA THR FA 82 -139.33 25.13 64.39
C THR FA 82 -138.52 23.84 64.51
N PHE FA 83 -138.78 22.90 63.60
CA PHE FA 83 -138.02 21.65 63.53
C PHE FA 83 -136.81 21.88 62.63
N THR FA 84 -135.65 22.11 63.24
CA THR FA 84 -134.46 22.44 62.46
C THR FA 84 -134.01 21.27 61.60
N GLU FA 85 -134.13 20.04 62.10
CA GLU FA 85 -133.70 18.87 61.36
C GLU FA 85 -134.84 17.86 61.29
N PRO FA 86 -134.86 17.04 60.25
CA PRO FA 86 -135.95 16.07 60.09
C PRO FA 86 -135.99 15.05 61.22
N LEU FA 87 -137.19 14.68 61.62
CA LEU FA 87 -137.38 13.55 62.53
C LEU FA 87 -137.10 12.26 61.78
N VAL FA 88 -136.10 11.51 62.23
CA VAL FA 88 -135.63 10.31 61.56
C VAL FA 88 -135.83 9.13 62.50
N SER FA 89 -136.41 8.05 61.98
CA SER FA 89 -136.65 6.84 62.75
C SER FA 89 -136.20 5.63 61.96
N ASN FA 90 -135.53 4.70 62.64
CA ASN FA 90 -135.05 3.47 62.04
C ASN FA 90 -135.42 2.29 62.93
N VAL FA 91 -135.95 1.24 62.33
CA VAL FA 91 -136.26 -0.01 63.02
C VAL FA 91 -135.68 -1.15 62.19
N LYS FA 92 -135.00 -2.07 62.83
CA LYS FA 92 -134.38 -3.20 62.15
C LYS FA 92 -134.54 -4.43 63.01
N ALA FA 93 -135.32 -5.40 62.55
CA ALA FA 93 -135.56 -6.64 63.28
C ALA FA 93 -135.12 -7.83 62.44
N SER FA 94 -134.65 -8.88 63.11
CA SER FA 94 -134.25 -10.09 62.43
C SER FA 94 -134.36 -11.25 63.41
N SER FA 95 -135.01 -12.33 62.99
CA SER FA 95 -135.24 -13.47 63.87
C SER FA 95 -135.14 -14.76 63.07
N SER FA 96 -134.85 -15.84 63.79
CA SER FA 96 -134.73 -17.17 63.20
C SER FA 96 -135.22 -18.21 64.19
N ILE FA 97 -135.91 -19.21 63.69
CA ILE FA 97 -136.47 -20.28 64.51
C ILE FA 97 -136.08 -21.62 63.90
N GLY FA 98 -135.65 -22.56 64.74
CA GLY FA 98 -135.32 -23.89 64.29
C GLY FA 98 -135.92 -24.96 65.19
N LEU FA 99 -136.77 -25.81 64.63
CA LEU FA 99 -137.46 -26.86 65.38
C LEU FA 99 -137.06 -28.21 64.80
N GLN FA 100 -136.72 -29.16 65.68
CA GLN FA 100 -136.39 -30.51 65.25
C GLN FA 100 -137.08 -31.50 66.18
N ILE FA 101 -137.78 -32.47 65.59
CA ILE FA 101 -138.39 -33.58 66.32
C ILE FA 101 -137.73 -34.85 65.80
N LEU FA 102 -136.77 -35.36 66.58
CA LEU FA 102 -136.04 -36.61 66.30
C LEU FA 102 -135.44 -36.51 64.90
N LYS FA 103 -135.56 -37.53 64.06
CA LYS FA 103 -135.23 -37.43 62.65
C LYS FA 103 -136.48 -37.44 61.77
N HIS FA 104 -137.62 -37.05 62.34
CA HIS FA 104 -138.90 -37.06 61.64
C HIS FA 104 -139.39 -35.68 61.23
N PHE FA 105 -139.09 -34.64 62.01
CA PHE FA 105 -139.52 -33.30 61.67
C PHE FA 105 -138.35 -32.34 61.76
N ASP FA 106 -138.22 -31.44 60.80
CA ASP FA 106 -137.14 -30.45 60.82
C ASP FA 106 -137.61 -29.20 60.08
N SER FA 107 -137.88 -28.13 60.82
CA SER FA 107 -138.35 -26.88 60.23
C SER FA 107 -137.39 -25.75 60.59
N GLY FA 108 -137.07 -24.92 59.60
CA GLY FA 108 -136.26 -23.75 59.82
C GLY FA 108 -136.86 -22.51 59.18
N ALA FA 109 -137.19 -21.51 59.98
CA ALA FA 109 -137.79 -20.29 59.49
C ALA FA 109 -136.93 -19.10 59.88
N LYS FA 110 -137.04 -18.03 59.11
CA LYS FA 110 -136.30 -16.81 59.42
C LYS FA 110 -137.01 -15.63 58.79
N GLY FA 111 -136.90 -14.48 59.44
CA GLY FA 111 -137.53 -13.28 58.96
C GLY FA 111 -136.69 -12.06 59.29
N SER FA 112 -136.87 -11.02 58.49
CA SER FA 112 -136.16 -9.77 58.71
C SER FA 112 -137.02 -8.61 58.22
N LYS FA 113 -136.82 -7.45 58.84
CA LYS FA 113 -137.60 -6.26 58.51
C LYS FA 113 -136.74 -5.03 58.76
N ASN FA 114 -136.82 -4.07 57.83
CA ASN FA 114 -136.12 -2.80 57.92
C ASN FA 114 -137.07 -1.69 57.55
N PHE FA 115 -137.29 -0.77 58.48
CA PHE FA 115 -138.29 0.29 58.35
C PHE FA 115 -137.62 1.62 58.63
N ILE FA 116 -137.76 2.58 57.71
CA ILE FA 116 -137.11 3.88 57.83
C ILE FA 116 -138.15 4.97 57.58
N THR FA 117 -138.15 5.99 58.42
CA THR FA 117 -139.10 7.09 58.31
C THR FA 117 -138.36 8.42 58.48
N SER FA 118 -138.77 9.42 57.70
CA SER FA 118 -138.21 10.76 57.81
C SER FA 118 -139.31 11.78 57.59
N ALA FA 119 -139.43 12.74 58.51
CA ALA FA 119 -140.43 13.79 58.41
C ALA FA 119 -139.77 15.15 58.58
N SER FA 120 -139.99 16.03 57.62
CA SER FA 120 -139.44 17.39 57.64
C SER FA 120 -140.61 18.35 57.61
N LEU FA 121 -140.95 18.91 58.76
CA LEU FA 121 -142.08 19.83 58.90
C LEU FA 121 -141.66 21.28 58.82
N GLY FA 122 -140.37 21.58 58.80
CA GLY FA 122 -139.95 22.97 58.69
C GLY FA 122 -140.41 23.80 59.88
N THR FA 123 -141.12 24.88 59.59
CA THR FA 123 -141.63 25.80 60.60
C THR FA 123 -143.13 25.66 60.72
N VAL FA 124 -143.64 25.63 61.95
CA VAL FA 124 -145.06 25.54 62.22
C VAL FA 124 -145.49 26.84 62.89
N VAL FA 125 -146.56 27.45 62.35
CA VAL FA 125 -147.10 28.68 62.90
C VAL FA 125 -148.48 28.39 63.48
N LYS FA 126 -148.98 29.33 64.28
CA LYS FA 126 -150.29 29.24 64.89
C LYS FA 126 -151.12 30.44 64.45
N ALA FA 127 -152.35 30.16 64.03
CA ALA FA 127 -153.28 31.19 63.58
C ALA FA 127 -154.50 31.19 64.49
N GLU FA 128 -154.93 32.40 64.85
CA GLU FA 128 -156.02 32.57 65.80
C GLU FA 128 -156.62 33.96 65.64
N THR FA 129 -157.83 34.12 66.16
CA THR FA 129 -158.51 35.41 66.09
C THR FA 129 -157.69 36.48 66.81
N ILE FA 130 -157.72 37.69 66.27
CA ILE FA 130 -156.98 38.80 66.88
C ILE FA 130 -157.51 39.08 68.29
N ASP FA 131 -158.83 39.10 68.45
CA ASP FA 131 -159.44 39.31 69.75
C ASP FA 131 -160.55 38.28 69.93
N ILE FA 132 -160.39 37.41 70.93
CA ILE FA 132 -161.37 36.37 71.19
C ILE FA 132 -162.47 36.85 72.12
N THR FA 133 -162.17 37.82 72.99
CA THR FA 133 -163.17 38.32 73.93
C THR FA 133 -164.35 38.95 73.20
N LYS FA 134 -164.08 39.74 72.15
CA LYS FA 134 -165.15 40.34 71.38
C LYS FA 134 -166.01 39.27 70.70
N VAL FA 135 -165.36 38.25 70.12
CA VAL FA 135 -166.09 37.17 69.48
C VAL FA 135 -166.98 36.47 70.48
N LEU FA 136 -166.46 36.19 71.67
CA LEU FA 136 -167.25 35.52 72.69
C LEU FA 136 -168.43 36.38 73.12
N ALA FA 137 -168.21 37.67 73.32
CA ALA FA 137 -169.29 38.56 73.72
C ALA FA 137 -170.40 38.58 72.67
N LYS FA 138 -170.02 38.76 71.41
CA LYS FA 138 -171.01 38.79 70.33
C LYS FA 138 -171.75 37.46 70.21
N VAL FA 139 -171.03 36.34 70.38
CA VAL FA 139 -171.70 35.04 70.35
C VAL FA 139 -172.75 34.96 71.43
N ARG FA 140 -172.38 35.34 72.65
CA ARG FA 140 -173.31 35.26 73.77
C ARG FA 140 -174.53 36.15 73.55
N THR FA 141 -174.33 37.31 72.91
CA THR FA 141 -175.44 38.22 72.67
C THR FA 141 -176.14 37.98 71.33
N ALA FA 142 -175.71 36.99 70.55
CA ALA FA 142 -176.26 36.74 69.23
C ALA FA 142 -177.04 35.44 69.19
N LYS FA 143 -178.06 35.38 68.35
CA LYS FA 143 -178.87 34.19 68.16
C LYS FA 143 -178.47 33.44 66.90
N ALA FA 144 -178.61 32.11 66.95
CA ALA FA 144 -178.26 31.27 65.83
C ALA FA 144 -179.27 31.42 64.70
N LYS FA 145 -178.93 30.86 63.54
CA LYS FA 145 -179.79 30.94 62.37
C LYS FA 145 -180.97 29.97 62.51
N VAL FA 146 -182.19 30.51 62.49
CA VAL FA 146 -183.38 29.67 62.61
C VAL FA 146 -183.49 28.72 61.43
N GLU FA 147 -183.13 29.19 60.23
CA GLU FA 147 -183.21 28.35 59.04
C GLU FA 147 -182.29 27.13 59.14
N ASN FA 148 -181.13 27.28 59.76
CA ASN FA 148 -180.15 26.20 59.82
C ASN FA 148 -180.73 24.96 60.49
N ASP FA 149 -180.50 23.80 59.88
CA ASP FA 149 -180.99 22.53 60.38
C ASP FA 149 -180.06 21.88 61.39
N LEU FA 150 -178.75 22.06 61.19
CA LEU FA 150 -177.76 21.48 62.10
C LEU FA 150 -177.97 21.95 63.53
N VAL FA 151 -178.20 23.27 63.71
CA VAL FA 151 -178.42 23.82 65.04
C VAL FA 151 -179.63 23.16 65.70
N SER FA 152 -180.72 23.04 64.95
CA SER FA 152 -181.93 22.42 65.49
C SER FA 152 -181.67 20.97 65.86
N ARG FA 153 -180.95 20.24 65.01
CA ARG FA 153 -180.61 18.85 65.33
C ARG FA 153 -179.84 18.77 66.64
N VAL FA 154 -178.80 19.59 66.78
CA VAL FA 154 -177.99 19.58 68.00
C VAL FA 154 -178.83 19.98 69.21
N MET FA 155 -179.75 20.92 69.03
CA MET FA 155 -180.61 21.34 70.14
C MET FA 155 -181.51 20.20 70.60
N LYS FA 156 -182.13 19.49 69.65
CA LYS FA 156 -183.07 18.44 70.04
C LYS FA 156 -182.34 17.22 70.59
N THR FA 157 -181.16 16.91 70.06
CA THR FA 157 -180.40 15.77 70.56
C THR FA 157 -179.61 16.17 71.80
N LYS FA 158 -179.32 15.17 72.63
CA LYS FA 158 -178.59 15.38 73.88
C LYS FA 158 -177.12 15.00 73.78
N ARG FA 159 -176.77 14.04 72.91
CA ARG FA 159 -175.38 13.65 72.78
C ARG FA 159 -174.57 14.70 72.03
N LEU FA 160 -175.15 15.28 70.97
CA LEU FA 160 -174.42 16.20 70.12
C LEU FA 160 -174.13 17.51 70.84
N CYS FA 161 -172.92 18.03 70.62
CA CYS FA 161 -172.52 19.33 71.15
C CYS FA 161 -171.81 20.11 70.05
N LEU FA 162 -171.85 21.44 70.15
CA LEU FA 162 -171.22 22.31 69.18
C LEU FA 162 -169.90 22.85 69.72
N GLY FA 163 -168.92 22.99 68.83
CA GLY FA 163 -167.63 23.54 69.23
C GLY FA 163 -167.08 24.52 68.21
N LEU FA 164 -166.56 25.65 68.69
CA LEU FA 164 -165.98 26.68 67.84
C LEU FA 164 -164.47 26.55 67.90
N VAL FA 165 -163.84 26.39 66.75
CA VAL FA 165 -162.38 26.28 66.68
C VAL FA 165 -161.76 27.66 66.83
N VAL FA 166 -160.77 27.76 67.70
CA VAL FA 166 -160.21 29.06 68.06
C VAL FA 166 -158.72 29.21 67.71
N GLU FA 167 -157.98 28.12 67.51
CA GLU FA 167 -156.58 28.23 67.14
C GLU FA 167 -156.19 27.02 66.32
N THR FA 168 -155.30 27.23 65.35
CA THR FA 168 -154.89 26.17 64.45
C THR FA 168 -153.40 26.25 64.17
N ALA FA 169 -152.74 25.09 64.13
CA ALA FA 169 -151.33 25.00 63.82
C ALA FA 169 -151.16 24.56 62.38
N CYS FA 170 -150.43 25.36 61.59
CA CYS FA 170 -150.27 25.13 60.16
C CYS FA 170 -148.80 25.24 59.77
N VAL FA 171 -148.40 24.45 58.79
CA VAL FA 171 -147.02 24.49 58.31
C VAL FA 171 -146.82 25.74 57.45
N ALA FA 172 -145.75 26.48 57.73
CA ALA FA 172 -145.47 27.69 56.96
C ALA FA 172 -145.01 27.36 55.54
N ALA FA 173 -144.20 26.32 55.38
CA ALA FA 173 -143.67 25.92 54.09
C ALA FA 173 -144.03 24.47 53.81
N ALA FA 174 -143.58 23.98 52.66
CA ALA FA 174 -143.89 22.61 52.27
C ALA FA 174 -143.23 21.61 53.21
N GLY FA 175 -143.95 20.55 53.53
CA GLY FA 175 -143.46 19.51 54.43
C GLY FA 175 -143.27 18.20 53.68
N LYS FA 176 -142.16 17.52 53.96
CA LYS FA 176 -141.79 16.31 53.23
C LYS FA 176 -141.85 15.09 54.14
N LEU FA 177 -142.53 14.04 53.67
CA LEU FA 177 -142.68 12.81 54.43
C LEU FA 177 -142.21 11.64 53.58
N THR FA 178 -141.22 10.88 54.07
CA THR FA 178 -140.64 9.77 53.34
C THR FA 178 -140.64 8.51 54.20
N GLU FA 179 -140.98 7.38 53.58
CA GLU FA 179 -141.04 6.10 54.27
C GLU FA 179 -140.51 5.01 53.36
N ALA FA 180 -139.69 4.11 53.92
CA ALA FA 180 -139.14 2.98 53.20
C ALA FA 180 -139.29 1.71 54.02
N ASP FA 181 -139.72 0.63 53.38
CA ASP FA 181 -139.96 -0.64 54.03
C ASP FA 181 -139.33 -1.75 53.21
N ASN FA 182 -138.63 -2.67 53.88
CA ASN FA 182 -138.05 -3.83 53.21
C ASN FA 182 -138.13 -5.00 54.17
N TRP FA 183 -138.96 -5.99 53.87
CA TRP FA 183 -139.05 -7.15 54.76
C TRP FA 183 -139.01 -8.45 53.95
N GLU FA 184 -138.57 -9.52 54.62
CA GLU FA 184 -138.27 -10.77 53.94
C GLU FA 184 -138.56 -11.94 54.87
N ILE FA 185 -139.11 -13.02 54.30
CA ILE FA 185 -139.43 -14.24 55.02
C ILE FA 185 -138.87 -15.42 54.24
N SER FA 186 -138.17 -16.32 54.93
CA SER FA 186 -137.64 -17.54 54.31
C SER FA 186 -137.93 -18.72 55.23
N GLY FA 187 -138.70 -19.68 54.75
CA GLY FA 187 -139.08 -20.83 55.54
C GLY FA 187 -138.81 -22.13 54.82
N HIS FA 188 -138.54 -23.17 55.61
CA HIS FA 188 -138.24 -24.49 55.08
C HIS FA 188 -138.79 -25.54 56.03
N THR FA 189 -139.35 -26.61 55.46
CA THR FA 189 -139.96 -27.69 56.22
C THR FA 189 -139.54 -29.03 55.64
N ASN FA 190 -139.18 -29.97 56.50
CA ASN FA 190 -138.78 -31.31 56.09
C ASN FA 190 -139.48 -32.31 57.00
N ALA FA 191 -140.45 -33.05 56.46
CA ALA FA 191 -141.15 -34.09 57.18
C ALA FA 191 -140.69 -35.43 56.61
N ASN FA 192 -139.87 -36.14 57.38
CA ASN FA 192 -139.34 -37.44 56.99
C ASN FA 192 -140.10 -38.52 57.74
N ILE FA 193 -140.71 -39.44 56.98
CA ILE FA 193 -141.43 -40.57 57.54
C ILE FA 193 -140.89 -41.83 56.87
N GLY FA 194 -141.17 -42.98 57.48
CA GLY FA 194 -140.66 -44.24 56.96
C GLY FA 194 -141.05 -44.50 55.53
N GLU FA 195 -142.24 -44.07 55.11
CA GLU FA 195 -142.71 -44.27 53.74
C GLU FA 195 -143.04 -42.97 53.03
N ALA FA 196 -142.69 -41.82 53.61
CA ALA FA 196 -143.00 -40.53 52.98
C ALA FA 196 -141.93 -39.53 53.33
N VAL FA 197 -141.53 -38.72 52.34
CA VAL FA 197 -140.57 -37.64 52.52
C VAL FA 197 -141.15 -36.40 51.86
N VAL FA 198 -141.30 -35.33 52.63
CA VAL FA 198 -141.83 -34.06 52.14
C VAL FA 198 -140.81 -32.97 52.43
N THR FA 199 -140.46 -32.19 51.41
CA THR FA 199 -139.50 -31.09 51.54
C THR FA 199 -140.09 -29.85 50.88
N ALA FA 200 -140.50 -28.88 51.70
CA ALA FA 200 -141.11 -27.65 51.22
C ALA FA 200 -140.22 -26.47 51.56
N THR FA 201 -140.24 -25.45 50.70
CA THR FA 201 -139.44 -24.25 50.89
C THR FA 201 -140.20 -23.07 50.30
N ALA FA 202 -140.14 -21.93 50.99
CA ALA FA 202 -140.82 -20.74 50.52
C ALA FA 202 -140.03 -19.49 50.91
N GLU FA 203 -139.76 -18.64 49.92
CA GLU FA 203 -139.05 -17.38 50.14
C GLU FA 203 -139.84 -16.25 49.52
N LEU FA 204 -139.94 -15.14 50.25
CA LEU FA 204 -140.56 -13.95 49.68
C LEU FA 204 -139.98 -12.71 50.35
N ASP FA 205 -140.12 -11.57 49.66
CA ASP FA 205 -139.62 -10.31 50.18
C ASP FA 205 -140.34 -9.17 49.49
N LYS FA 206 -140.75 -8.17 50.27
CA LYS FA 206 -141.49 -7.02 49.78
C LYS FA 206 -140.72 -5.75 50.08
N ASN FA 207 -140.70 -4.83 49.11
CA ASN FA 207 -140.04 -3.54 49.23
C ASN FA 207 -141.03 -2.45 48.82
N LEU FA 208 -141.17 -1.43 49.67
CA LEU FA 208 -142.06 -0.31 49.41
C LEU FA 208 -141.35 1.00 49.74
N SER FA 209 -141.77 2.07 49.06
CA SER FA 209 -141.23 3.40 49.32
C SER FA 209 -142.29 4.43 48.95
N ARG FA 210 -142.63 5.30 49.90
CA ARG FA 210 -143.65 6.32 49.70
C ARG FA 210 -143.09 7.67 50.10
N LYS FA 211 -143.19 8.66 49.21
CA LYS FA 211 -142.66 9.99 49.47
C LYS FA 211 -143.69 11.02 49.03
N ILE FA 212 -144.15 11.87 49.96
CA ILE FA 212 -145.16 12.88 49.68
C ILE FA 212 -144.69 14.22 50.23
N GLU FA 213 -145.38 15.28 49.80
CA GLU FA 213 -145.05 16.64 50.19
C GLU FA 213 -146.34 17.44 50.37
N ILE FA 214 -146.68 17.73 51.61
CA ILE FA 214 -147.86 18.56 51.90
C ILE FA 214 -147.53 20.03 51.61
N PRO FA 215 -148.46 20.78 51.05
CA PRO FA 215 -148.18 22.16 50.66
C PRO FA 215 -148.29 23.10 51.84
N PRO FA 216 -147.78 24.33 51.71
CA PRO FA 216 -147.92 25.30 52.80
C PRO FA 216 -149.38 25.59 53.12
N GLY FA 217 -149.65 25.81 54.40
CA GLY FA 217 -150.99 26.11 54.88
C GLY FA 217 -151.77 24.94 55.39
N THR FA 218 -151.26 23.72 55.23
CA THR FA 218 -151.97 22.54 55.71
C THR FA 218 -152.06 22.55 57.23
N ALA FA 219 -153.28 22.36 57.74
CA ALA FA 219 -153.48 22.36 59.18
C ALA FA 219 -152.98 21.06 59.79
N LEU FA 220 -152.46 21.15 61.02
CA LEU FA 220 -151.97 19.98 61.74
C LEU FA 220 -152.76 19.66 62.99
N ALA FA 221 -153.15 20.66 63.77
CA ALA FA 221 -153.85 20.43 65.02
C ALA FA 221 -154.66 21.67 65.36
N TYR FA 222 -155.60 21.51 66.29
CA TYR FA 222 -156.51 22.59 66.62
C TYR FA 222 -157.02 22.43 68.04
N SER FA 223 -157.60 23.51 68.56
CA SER FA 223 -158.28 23.52 69.84
C SER FA 223 -159.59 24.26 69.70
N PHE FA 224 -160.60 23.86 70.48
CA PHE FA 224 -161.93 24.41 70.32
C PHE FA 224 -162.58 24.65 71.67
N MET FA 225 -163.60 25.50 71.66
CA MET FA 225 -164.39 25.85 72.83
C MET FA 225 -165.82 25.39 72.65
N ASP FA 226 -166.42 24.85 73.70
CA ASP FA 226 -167.75 24.30 73.61
C ASP FA 226 -168.82 25.39 73.59
N LEU FA 227 -170.00 25.03 73.09
CA LEU FA 227 -171.14 25.93 73.02
C LEU FA 227 -172.39 25.20 73.48
N GLU FA 228 -173.46 25.97 73.66
CA GLU FA 228 -174.73 25.42 74.12
C GLU FA 228 -175.87 26.23 73.53
N ILE FA 229 -176.82 25.55 72.89
CA ILE FA 229 -177.99 26.19 72.32
C ILE FA 229 -179.04 26.39 73.42
N LEU FA 230 -179.48 27.64 73.61
CA LEU FA 230 -180.57 27.90 74.54
C LEU FA 230 -181.88 27.37 73.95
N GLU FA 231 -182.96 27.53 74.73
CA GLU FA 231 -184.29 27.22 74.21
C GLU FA 231 -184.57 27.99 72.93
N ASP FA 232 -184.25 29.29 72.93
CA ASP FA 232 -184.30 30.10 71.73
C ASP FA 232 -183.07 29.82 70.86
N ARG FA 233 -182.94 30.58 69.77
CA ARG FA 233 -181.76 30.48 68.92
C ARG FA 233 -180.50 31.03 69.59
N SER FA 234 -180.62 31.64 70.76
CA SER FA 234 -179.47 32.19 71.46
C SER FA 234 -178.44 31.11 71.77
N LEU FA 235 -177.17 31.51 71.76
CA LEU FA 235 -176.05 30.62 72.05
C LEU FA 235 -175.32 31.09 73.29
N ARG FA 236 -174.78 30.13 74.05
CA ARG FA 236 -174.02 30.41 75.25
C ARG FA 236 -172.74 29.59 75.23
N VAL FA 237 -171.74 30.04 75.98
CA VAL FA 237 -170.48 29.32 76.08
C VAL FA 237 -170.47 28.53 77.38
N SER FA 238 -169.91 27.33 77.33
CA SER FA 238 -169.91 26.42 78.46
C SER FA 238 -168.48 26.01 78.81
N SER FA 239 -168.18 25.93 80.10
CA SER FA 239 -166.85 25.61 80.58
C SER FA 239 -166.93 24.46 81.57
N SER FA 240 -166.31 23.34 81.22
CA SER FA 240 -166.20 22.21 82.14
C SER FA 240 -165.09 22.51 83.14
N ALA FA 241 -165.48 22.79 84.39
CA ALA FA 241 -164.56 23.18 85.45
C ALA FA 241 -163.76 24.41 85.06
N GLY FA 242 -164.37 25.31 84.27
CA GLY FA 242 -163.71 26.53 83.86
C GLY FA 242 -162.59 26.35 82.86
N ALA FA 243 -162.54 25.22 82.15
CA ALA FA 243 -161.45 24.99 81.21
C ALA FA 243 -161.53 25.95 80.02
N MET FA 244 -162.70 26.03 79.38
CA MET FA 244 -162.91 26.84 78.18
C MET FA 244 -161.95 26.48 77.05
N PHE FA 245 -161.32 25.30 77.13
CA PHE FA 245 -160.43 24.83 76.07
C PHE FA 245 -160.54 23.31 76.05
N ASP FA 246 -161.30 22.79 75.10
CA ASP FA 246 -161.57 21.36 75.04
C ASP FA 246 -160.64 20.71 74.02
N SER FA 247 -159.99 19.63 74.42
CA SER FA 247 -159.07 18.89 73.56
C SER FA 247 -159.64 17.55 73.15
N GLY FA 248 -160.95 17.36 73.25
CA GLY FA 248 -161.55 16.08 72.94
C GLY FA 248 -161.08 14.96 73.84
N LYS FA 249 -160.90 15.25 75.13
CA LYS FA 249 -160.42 14.27 76.09
C LYS FA 249 -161.56 13.75 76.94
N ALA FA 250 -161.41 12.51 77.41
CA ALA FA 250 -162.40 11.91 78.27
C ALA FA 250 -162.45 12.63 79.62
N GLU FA 251 -163.62 12.62 80.25
CA GLU FA 251 -163.78 13.29 81.54
C GLU FA 251 -162.89 12.65 82.60
N SER FA 252 -162.80 11.32 82.61
CA SER FA 252 -161.98 10.57 83.56
C SER FA 252 -162.33 10.92 85.00
CA ARG GA 3 -141.00 12.73 78.46
C ARG GA 3 -140.68 13.76 77.38
N PRO GA 4 -141.60 14.70 77.16
CA PRO GA 4 -141.35 15.74 76.15
C PRO GA 4 -140.11 16.56 76.49
N MET GA 5 -139.39 16.94 75.43
CA MET GA 5 -138.17 17.73 75.62
C MET GA 5 -138.49 19.08 76.25
N PHE GA 6 -139.60 19.70 75.83
CA PHE GA 6 -139.97 20.98 76.42
C PHE GA 6 -140.24 20.84 77.92
N ALA GA 7 -140.95 19.79 78.32
CA ALA GA 7 -141.20 19.58 79.74
C ALA GA 7 -139.92 19.32 80.50
N VAL GA 8 -139.01 18.52 79.93
CA VAL GA 8 -137.73 18.25 80.58
C VAL GA 8 -136.93 19.54 80.76
N ALA GA 9 -136.87 20.37 79.72
CA ALA GA 9 -136.14 21.62 79.81
C ALA GA 9 -136.77 22.56 80.82
N VAL GA 10 -138.11 22.60 80.87
CA VAL GA 10 -138.78 23.45 81.85
C VAL GA 10 -138.46 22.99 83.26
N ASN GA 11 -138.47 21.68 83.49
CA ASN GA 11 -138.11 21.17 84.82
C ASN GA 11 -136.66 21.50 85.18
N GLU GA 12 -135.75 21.35 84.21
CA GLU GA 12 -134.35 21.70 84.47
C GLU GA 12 -134.20 23.17 84.83
N PHE GA 13 -134.86 24.04 84.08
CA PHE GA 13 -134.77 25.47 84.35
C PHE GA 13 -135.36 25.80 85.71
N ILE GA 14 -136.54 25.24 86.03
CA ILE GA 14 -137.19 25.58 87.29
C ILE GA 14 -136.39 25.03 88.47
N ARG GA 15 -135.69 23.91 88.29
CA ARG GA 15 -134.83 23.42 89.36
C ARG GA 15 -133.61 24.31 89.53
N SER GA 16 -132.95 24.67 88.43
CA SER GA 16 -131.73 25.48 88.52
C SER GA 16 -132.03 26.85 89.11
N ALA GA 17 -133.12 27.48 88.68
CA ALA GA 17 -133.50 28.80 89.17
C ALA GA 17 -134.98 28.79 89.53
N GLY GA 18 -135.31 29.38 90.67
CA GLY GA 18 -136.69 29.49 91.09
C GLY GA 18 -137.37 28.17 91.39
N GLN GA 19 -136.71 27.30 92.16
CA GLN GA 19 -137.31 26.03 92.53
C GLN GA 19 -138.57 26.24 93.36
N ASP GA 20 -138.66 27.35 94.08
CA ASP GA 20 -139.85 27.71 94.84
C ASP GA 20 -140.55 28.90 94.17
N SER GA 21 -141.86 28.97 94.38
CA SER GA 21 -142.69 30.05 93.85
C SER GA 21 -142.59 30.14 92.33
N LEU GA 22 -142.74 29.00 91.66
CA LEU GA 22 -142.69 28.96 90.21
C LEU GA 22 -143.42 27.71 89.71
N CYS GA 23 -144.22 27.87 88.67
CA CYS GA 23 -145.02 26.79 88.10
C CYS GA 23 -144.59 26.55 86.67
N GLY GA 24 -144.33 25.28 86.34
CA GLY GA 24 -143.94 24.94 84.99
C GLY GA 24 -145.07 25.14 83.99
N VAL GA 25 -144.68 25.34 82.74
CA VAL GA 25 -145.64 25.53 81.65
C VAL GA 25 -145.97 24.16 81.06
N PRO GA 26 -147.26 23.84 80.88
CA PRO GA 26 -147.61 22.50 80.41
C PRO GA 26 -147.11 22.17 79.02
N ASP GA 27 -147.23 23.10 78.06
CA ASP GA 27 -146.82 22.81 76.70
C ASP GA 27 -146.56 24.10 75.96
N ILE GA 28 -145.87 23.97 74.82
CA ILE GA 28 -145.50 25.14 74.01
C ILE GA 28 -146.73 25.87 73.52
N ASN GA 29 -147.76 25.13 73.10
CA ASN GA 29 -148.96 25.76 72.57
C ASN GA 29 -149.63 26.64 73.60
N SER GA 30 -149.74 26.16 74.84
CA SER GA 30 -150.40 26.91 75.91
C SER GA 30 -149.45 27.81 76.67
N SER GA 31 -148.17 27.85 76.29
CA SER GA 31 -147.23 28.74 76.95
C SER GA 31 -147.64 30.20 76.84
N GLY GA 32 -148.22 30.59 75.70
CA GLY GA 32 -148.58 31.98 75.49
C GLY GA 32 -149.76 32.47 76.29
N ASP GA 33 -150.48 31.57 76.96
CA ASP GA 33 -151.63 31.95 77.76
C ASP GA 33 -151.28 32.23 79.20
N PHE GA 34 -150.01 32.17 79.58
CA PHE GA 34 -149.58 32.40 80.95
C PHE GA 34 -148.72 33.65 81.06
N MET GA 35 -148.99 34.66 80.24
CA MET GA 35 -148.34 35.94 80.35
C MET GA 35 -148.91 36.73 81.53
N PRO GA 36 -148.20 37.75 82.00
CA PRO GA 36 -148.70 38.51 83.16
C PRO GA 36 -150.06 39.13 82.91
N LEU GA 37 -150.84 39.25 83.98
CA LEU GA 37 -152.19 39.80 83.96
C LEU GA 37 -153.13 38.90 83.16
N HIS GA 38 -153.06 37.60 83.45
CA HIS GA 38 -153.97 36.61 82.87
C HIS GA 38 -154.67 35.87 83.99
N ILE GA 39 -155.93 35.52 83.74
CA ILE GA 39 -156.75 34.79 84.71
C ILE GA 39 -156.60 33.30 84.47
N ILE GA 40 -156.42 32.54 85.55
CA ILE GA 40 -156.36 31.09 85.50
C ILE GA 40 -157.29 30.54 86.57
N VAL GA 41 -157.67 29.28 86.40
CA VAL GA 41 -158.59 28.60 87.31
C VAL GA 41 -157.83 27.48 88.01
N LYS GA 42 -158.01 27.39 89.32
CA LYS GA 42 -157.36 26.36 90.13
C LYS GA 42 -158.43 25.43 90.69
N GLU GA 43 -158.20 24.12 90.54
CA GLU GA 43 -159.11 23.09 91.01
C GLU GA 43 -158.41 22.26 92.06
N VAL GA 44 -159.08 22.05 93.19
CA VAL GA 44 -158.53 21.30 94.31
C VAL GA 44 -158.49 19.81 93.97
N PRO GA 45 -157.56 19.04 94.55
CA PRO GA 45 -157.50 17.60 94.22
C PRO GA 45 -158.78 16.85 94.56
N LYS GA 46 -159.49 17.24 95.62
CA LYS GA 46 -160.72 16.64 96.11
C LYS GA 46 -160.52 15.25 96.71
N VAL GA 47 -159.31 14.71 96.67
CA VAL GA 47 -159.03 13.39 97.25
C VAL GA 47 -158.03 13.56 98.39
N LEU GA 48 -156.85 14.09 98.08
CA LEU GA 48 -155.81 14.37 99.07
C LEU GA 48 -155.34 15.80 98.84
N PRO GA 49 -156.14 16.79 99.25
CA PRO GA 49 -155.77 18.19 98.99
C PRO GA 49 -154.43 18.59 99.59
N CYS GA 50 -154.09 18.07 100.77
CA CYS GA 50 -152.82 18.41 101.40
C CYS GA 50 -151.67 17.57 100.90
N CYS GA 51 -151.93 16.53 100.10
CA CYS GA 51 -150.88 15.66 99.60
C CYS GA 51 -150.67 15.75 98.09
N ARG GA 52 -151.61 16.34 97.35
CA ARG GA 52 -151.53 16.42 95.90
C ARG GA 52 -151.62 17.87 95.47
N ARG GA 53 -150.82 18.24 94.47
CA ARG GA 53 -150.85 19.60 93.95
C ARG GA 53 -152.12 19.81 93.12
N PRO GA 54 -152.68 21.01 93.15
CA PRO GA 54 -153.94 21.27 92.43
C PRO GA 54 -153.78 21.27 90.93
N LYS GA 55 -154.88 21.46 90.21
CA LYS GA 55 -154.90 21.45 88.75
C LYS GA 55 -155.13 22.87 88.25
N ILE GA 56 -154.31 23.29 87.29
CA ILE GA 56 -154.34 24.67 86.78
C ILE GA 56 -154.88 24.65 85.35
N LYS GA 57 -155.89 25.48 85.10
CA LYS GA 57 -156.55 25.56 83.80
C LYS GA 57 -156.41 26.97 83.26
N ARG GA 58 -155.98 27.08 82.01
CA ARG GA 58 -155.85 28.38 81.36
C ARG GA 58 -157.20 28.87 80.86
N THR GA 59 -157.35 30.18 80.81
CA THR GA 59 -158.57 30.81 80.31
C THR GA 59 -158.21 31.93 79.35
N PRO GA 60 -159.07 32.21 78.37
CA PRO GA 60 -158.80 33.29 77.41
C PRO GA 60 -159.33 34.64 77.90
N TYR GA 61 -158.83 35.07 79.06
CA TYR GA 61 -159.29 36.31 79.68
C TYR GA 61 -158.10 37.05 80.27
N THR GA 62 -158.19 38.38 80.24
CA THR GA 62 -157.28 39.26 80.95
C THR GA 62 -158.01 39.95 82.08
N LEU GA 63 -157.25 40.65 82.92
CA LEU GA 63 -157.84 41.32 84.07
C LEU GA 63 -158.85 42.39 83.64
N ASN GA 64 -158.50 43.18 82.62
CA ASN GA 64 -159.38 44.24 82.17
C ASN GA 64 -160.66 43.68 81.57
N ASP GA 65 -160.57 42.54 80.88
CA ASP GA 65 -161.77 41.92 80.33
C ASP GA 65 -162.64 41.35 81.45
N ILE GA 66 -162.02 40.70 82.44
CA ILE GA 66 -162.80 40.07 83.50
C ILE GA 66 -163.42 41.10 84.43
N LEU GA 67 -162.83 42.29 84.51
CA LEU GA 67 -163.29 43.33 85.42
C LEU GA 67 -164.13 44.36 84.68
N ASP GA 68 -165.20 44.80 85.34
CA ASP GA 68 -165.99 45.91 84.80
C ASP GA 68 -165.16 47.19 84.74
N GLU GA 69 -164.38 47.46 85.79
CA GLU GA 69 -163.53 48.64 85.83
C GLU GA 69 -162.12 48.28 85.39
N PRO GA 70 -161.57 48.95 84.39
CA PRO GA 70 -160.22 48.61 83.93
C PRO GA 70 -159.15 49.03 84.93
N CYS GA 71 -157.99 48.40 84.80
CA CYS GA 71 -156.82 48.65 85.63
C CYS GA 71 -155.62 48.91 84.73
N PRO GA 72 -154.62 49.63 85.23
CA PRO GA 72 -153.39 49.80 84.44
C PRO GA 72 -152.74 48.45 84.15
N ASN GA 73 -152.15 48.32 82.96
CA ASN GA 73 -151.64 47.05 82.49
C ASN GA 73 -150.24 47.13 81.90
N GLN GA 74 -149.52 48.23 82.12
CA GLN GA 74 -148.17 48.34 81.57
C GLN GA 74 -147.24 47.31 82.19
N LEU GA 75 -146.27 46.85 81.40
CA LEU GA 75 -145.36 45.80 81.83
C LEU GA 75 -143.91 46.26 81.69
N LYS GA 76 -143.01 45.48 82.26
CA LYS GA 76 -141.57 45.71 82.15
C LYS GA 76 -140.86 44.37 82.28
N SER GA 77 -139.67 44.29 81.67
CA SER GA 77 -138.90 43.06 81.66
C SER GA 77 -137.46 43.35 82.06
N SER GA 78 -136.84 42.34 82.68
CA SER GA 78 -135.45 42.45 83.11
C SER GA 78 -134.83 41.06 83.15
N ASP GA 79 -133.51 41.02 83.03
CA ASP GA 79 -132.82 39.73 82.96
C ASP GA 79 -132.95 38.96 84.28
N LEU GA 80 -133.04 37.64 84.15
CA LEU GA 80 -133.16 36.76 85.32
C LEU GA 80 -131.99 35.81 85.47
N VAL GA 81 -131.65 35.05 84.43
CA VAL GA 81 -130.56 34.08 84.48
C VAL GA 81 -130.04 33.87 83.06
N THR GA 82 -128.82 33.37 82.95
CA THR GA 82 -128.16 33.18 81.66
C THR GA 82 -127.43 31.85 81.67
N PHE GA 83 -127.85 30.93 80.81
CA PHE GA 83 -127.20 29.64 80.64
C PHE GA 83 -126.10 29.80 79.59
N THR GA 84 -124.86 29.94 80.04
CA THR GA 84 -123.76 30.21 79.12
C THR GA 84 -123.50 29.03 78.20
N GLU GA 85 -123.63 27.80 78.72
CA GLU GA 85 -123.38 26.61 77.92
C GLU GA 85 -124.56 25.68 77.99
N PRO GA 86 -124.78 24.86 76.96
CA PRO GA 86 -125.95 23.98 76.94
C PRO GA 86 -125.89 22.95 78.06
N LEU GA 87 -127.06 22.65 78.61
CA LEU GA 87 -127.21 21.52 79.53
C LEU GA 87 -127.11 20.23 78.75
N VAL GA 88 -126.11 19.41 79.07
CA VAL GA 88 -125.81 18.19 78.34
C VAL GA 88 -125.96 17.01 79.29
N SER GA 89 -126.67 15.98 78.84
CA SER GA 89 -126.90 14.78 79.63
C SER GA 89 -126.62 13.55 78.78
N ASN GA 90 -125.92 12.57 79.37
CA ASN GA 90 -125.62 11.32 78.71
C ASN GA 90 -125.94 10.16 79.64
N VAL GA 91 -126.61 9.15 79.11
CA VAL GA 91 -126.90 7.91 79.83
C VAL GA 91 -126.52 6.76 78.94
N LYS GA 92 -125.81 5.78 79.48
CA LYS GA 92 -125.37 4.62 78.71
C LYS GA 92 -125.49 3.39 79.59
N ALA GA 93 -126.39 2.47 79.22
CA ALA GA 93 -126.61 1.25 79.98
C ALA GA 93 -126.37 0.05 79.08
N SER GA 94 -125.87 -1.04 79.68
CA SER GA 94 -125.64 -2.27 78.96
C SER GA 94 -125.70 -3.43 79.94
N SER GA 95 -126.47 -4.46 79.61
CA SER GA 95 -126.66 -5.59 80.50
C SER GA 95 -126.74 -6.88 79.69
N SER GA 96 -126.43 -7.98 80.36
CA SER GA 96 -126.48 -9.31 79.75
C SER GA 96 -126.89 -10.32 80.81
N ILE GA 97 -127.72 -11.28 80.39
CA ILE GA 97 -128.25 -12.32 81.27
C ILE GA 97 -128.01 -13.68 80.61
N GLY GA 98 -127.53 -14.64 81.39
CA GLY GA 98 -127.36 -15.99 80.89
C GLY GA 98 -127.90 -17.03 81.86
N LEU GA 99 -128.88 -17.82 81.41
CA LEU GA 99 -129.52 -18.83 82.24
C LEU GA 99 -129.29 -20.20 81.60
N GLN GA 100 -128.92 -21.17 82.43
CA GLN GA 100 -128.73 -22.54 81.96
C GLN GA 100 -129.35 -23.50 82.96
N ILE GA 101 -130.18 -24.41 82.46
CA ILE GA 101 -130.76 -25.49 83.26
C ILE GA 101 -130.26 -26.80 82.66
N LEU GA 102 -129.24 -27.37 83.30
CA LEU GA 102 -128.64 -28.66 82.94
C LEU GA 102 -128.21 -28.58 81.47
N LYS GA 103 -128.51 -29.58 80.64
CA LYS GA 103 -128.35 -29.49 79.20
C LYS GA 103 -129.70 -29.41 78.49
N HIS GA 104 -130.73 -28.96 79.21
CA HIS GA 104 -132.08 -28.88 78.67
C HIS GA 104 -132.52 -27.46 78.33
N PHE GA 105 -132.06 -26.46 79.07
CA PHE GA 105 -132.46 -25.08 78.80
C PHE GA 105 -131.21 -24.20 78.75
N ASP GA 106 -131.16 -23.29 77.78
CA ASP GA 106 -130.02 -22.38 77.66
C ASP GA 106 -130.51 -21.10 76.99
N SER GA 107 -130.61 -20.02 77.75
CA SER GA 107 -131.06 -18.74 77.24
C SER GA 107 -129.99 -17.67 77.48
N GLY GA 108 -129.75 -16.86 76.46
CA GLY GA 108 -128.84 -15.74 76.58
C GLY GA 108 -129.43 -14.46 76.02
N ALA GA 109 -129.61 -13.45 76.86
CA ALA GA 109 -130.18 -12.19 76.45
C ALA GA 109 -129.20 -11.06 76.74
N LYS GA 110 -129.33 -9.97 75.99
CA LYS GA 110 -128.49 -8.81 76.22
C LYS GA 110 -129.20 -7.58 75.68
N GLY GA 111 -128.92 -6.45 76.31
CA GLY GA 111 -129.54 -5.20 75.92
C GLY GA 111 -128.59 -4.04 76.14
N SER GA 112 -128.80 -2.98 75.38
CA SER GA 112 -127.98 -1.78 75.51
C SER GA 112 -128.83 -0.56 75.14
N LYS GA 113 -128.47 0.57 75.72
CA LYS GA 113 -129.20 1.81 75.51
C LYS GA 113 -128.26 2.99 75.64
N ASN GA 114 -128.39 3.95 74.74
CA ASN GA 114 -127.59 5.18 74.74
C ASN GA 114 -128.51 6.35 74.50
N PHE GA 115 -128.57 7.28 75.46
CA PHE GA 115 -129.49 8.39 75.46
C PHE GA 115 -128.71 9.68 75.66
N ILE GA 116 -128.89 10.65 74.76
CA ILE GA 116 -128.16 11.91 74.80
C ILE GA 116 -129.15 13.06 74.69
N THR GA 117 -128.97 14.07 75.53
CA THR GA 117 -129.85 15.23 75.55
C THR GA 117 -129.03 16.51 75.62
N SER GA 118 -129.46 17.55 74.91
CA SER GA 118 -128.81 18.85 74.94
C SER GA 118 -129.86 19.94 74.87
N ALA GA 119 -129.80 20.89 75.80
CA ALA GA 119 -130.73 22.00 75.84
C ALA GA 119 -129.98 23.31 75.92
N SER GA 120 -130.25 24.22 75.00
CA SER GA 120 -129.61 25.54 74.95
C SER GA 120 -130.73 26.57 75.07
N LEU GA 121 -130.88 27.14 76.27
CA LEU GA 121 -131.91 28.12 76.55
C LEU GA 121 -131.43 29.56 76.42
N GLY GA 122 -130.13 29.77 76.25
CA GLY GA 122 -129.63 31.13 76.08
C GLY GA 122 -129.88 31.97 77.32
N THR GA 123 -130.55 33.10 77.13
CA THR GA 123 -130.87 34.04 78.20
C THR GA 123 -132.35 33.99 78.51
N VAL GA 124 -132.69 33.98 79.79
CA VAL GA 124 -134.08 33.98 80.25
C VAL GA 124 -134.34 35.30 80.96
N VAL GA 125 -135.41 35.98 80.57
CA VAL GA 125 -135.80 37.23 81.18
C VAL GA 125 -137.12 37.03 81.93
N LYS GA 126 -137.44 37.98 82.79
CA LYS GA 126 -138.68 37.98 83.57
C LYS GA 126 -139.48 39.22 83.24
N ALA GA 127 -140.76 39.03 82.98
CA ALA GA 127 -141.68 40.12 82.65
C ALA GA 127 -142.77 40.19 83.71
N GLU GA 128 -143.07 41.42 84.13
CA GLU GA 128 -144.02 41.65 85.21
C GLU GA 128 -144.55 43.07 85.13
N THR GA 129 -145.67 43.31 85.80
CA THR GA 129 -146.26 44.64 85.83
C THR GA 129 -145.30 45.65 86.43
N ILE GA 130 -145.31 46.87 85.91
CA ILE GA 130 -144.43 47.91 86.42
C ILE GA 130 -144.76 48.21 87.89
N ASP GA 131 -146.03 48.32 88.23
CA ASP GA 131 -146.47 48.56 89.60
C ASP GA 131 -147.60 47.59 89.90
N ILE GA 132 -147.37 46.69 90.87
CA ILE GA 132 -148.40 45.72 91.24
C ILE GA 132 -149.33 46.26 92.32
N THR GA 133 -148.86 47.20 93.14
CA THR GA 133 -149.70 47.74 94.20
C THR GA 133 -150.92 48.46 93.62
N LYS GA 134 -150.73 49.24 92.56
CA LYS GA 134 -151.85 49.92 91.93
C LYS GA 134 -152.86 48.92 91.36
N VAL GA 135 -152.35 47.87 90.71
CA VAL GA 135 -153.23 46.84 90.15
C VAL GA 135 -154.04 46.18 91.26
N LEU GA 136 -153.37 45.86 92.37
CA LEU GA 136 -154.07 45.23 93.49
C LEU GA 136 -155.14 46.15 94.06
N ALA GA 137 -154.80 47.43 94.23
CA ALA GA 137 -155.77 48.38 94.78
C ALA GA 137 -157.00 48.48 93.87
N LYS GA 138 -156.77 48.65 92.57
CA LYS GA 138 -157.88 48.75 91.63
C LYS GA 138 -158.71 47.48 91.60
N VAL GA 139 -158.06 46.31 91.68
CA VAL GA 139 -158.81 45.05 91.71
C VAL GA 139 -159.72 45.03 92.93
N ARG GA 140 -159.16 45.37 94.09
CA ARG GA 140 -159.96 45.34 95.33
C ARG GA 140 -161.12 46.31 95.26
N THR GA 141 -160.94 47.46 94.60
CA THR GA 141 -162.01 48.44 94.51
C THR GA 141 -162.89 48.26 93.27
N ALA GA 142 -162.62 47.25 92.44
CA ALA GA 142 -163.35 47.06 91.19
C ALA GA 142 -164.21 45.80 91.25
N LYS GA 143 -165.34 45.83 90.55
CA LYS GA 143 -166.24 44.70 90.46
C LYS GA 143 -166.05 43.93 89.16
N ALA GA 144 -166.26 42.62 89.23
CA ALA GA 144 -166.12 41.76 88.06
C ALA GA 144 -167.25 41.99 87.07
N LYS GA 145 -167.09 41.42 85.88
CA LYS GA 145 -168.09 41.57 84.82
C LYS GA 145 -169.29 40.68 85.11
N VAL GA 146 -170.47 41.29 85.24
CA VAL GA 146 -171.69 40.52 85.52
C VAL GA 146 -172.01 39.60 84.35
N GLU GA 147 -171.78 40.06 83.12
CA GLU GA 147 -172.06 39.24 81.94
C GLU GA 147 -171.22 37.97 81.93
N ASN GA 148 -169.98 38.04 82.40
CA ASN GA 148 -169.07 36.89 82.32
C ASN GA 148 -169.65 35.69 83.06
N ASP GA 149 -169.57 34.52 82.42
CA ASP GA 149 -170.07 33.27 82.97
C ASP GA 149 -169.06 32.56 83.86
N LEU GA 150 -167.78 32.65 83.50
CA LEU GA 150 -166.73 32.00 84.27
C LEU GA 150 -166.72 32.48 85.72
N VAL GA 151 -166.84 33.80 85.92
CA VAL GA 151 -166.85 34.35 87.28
C VAL GA 151 -168.01 33.76 88.07
N SER GA 152 -169.19 33.72 87.47
CA SER GA 152 -170.36 33.17 88.16
C SER GA 152 -170.15 31.70 88.50
N ARG GA 153 -169.59 30.94 87.56
CA ARG GA 153 -169.30 29.53 87.82
C ARG GA 153 -168.38 29.37 89.02
N VAL GA 154 -167.28 30.14 89.04
CA VAL GA 154 -166.32 30.05 90.14
C VAL GA 154 -166.97 30.49 91.45
N MET GA 155 -167.85 31.49 91.40
CA MET GA 155 -168.54 31.96 92.60
C MET GA 155 -169.44 30.87 93.17
N LYS GA 156 -170.22 30.22 92.31
CA LYS GA 156 -171.17 29.22 92.81
C LYS GA 156 -170.46 27.94 93.25
N THR GA 157 -169.38 27.57 92.58
CA THR GA 157 -168.64 26.38 92.97
C THR GA 157 -167.66 26.71 94.11
N LYS GA 158 -167.34 25.69 94.90
CA LYS GA 158 -166.44 25.84 96.03
C LYS GA 158 -165.03 25.37 95.75
N ARG GA 159 -164.86 24.39 94.84
CA ARG GA 159 -163.52 23.91 94.53
C ARG GA 159 -162.74 24.92 93.68
N LEU GA 160 -163.41 25.55 92.71
CA LEU GA 160 -162.74 26.43 91.78
C LEU GA 160 -162.27 27.71 92.46
N CYS GA 161 -161.08 28.16 92.09
CA CYS GA 161 -160.53 29.42 92.57
C CYS GA 161 -159.92 30.17 91.38
N LEU GA 162 -159.85 31.49 91.51
CA LEU GA 162 -159.29 32.33 90.46
C LEU GA 162 -157.88 32.79 90.83
N GLY GA 163 -157.02 32.87 89.83
CA GLY GA 163 -155.67 33.33 90.05
C GLY GA 163 -155.18 34.29 88.98
N LEU GA 164 -154.54 35.37 89.39
CA LEU GA 164 -154.00 36.38 88.47
C LEU GA 164 -152.51 36.16 88.35
N VAL GA 165 -152.03 35.97 87.12
CA VAL GA 165 -150.61 35.76 86.87
C VAL GA 165 -149.89 37.10 86.94
N VAL GA 166 -148.78 37.13 87.69
CA VAL GA 166 -148.10 38.39 87.97
C VAL GA 166 -146.68 38.44 87.44
N GLU GA 167 -146.04 37.32 87.15
CA GLU GA 167 -144.69 37.34 86.60
C GLU GA 167 -144.48 36.12 85.72
N THR GA 168 -143.70 36.28 84.65
CA THR GA 168 -143.48 35.21 83.70
C THR GA 168 -142.04 35.19 83.24
N ALA GA 169 -141.48 34.00 83.11
CA ALA GA 169 -140.11 33.82 82.63
C ALA GA 169 -140.16 33.39 81.16
N CYS GA 170 -139.49 34.15 80.30
CA CYS GA 170 -139.52 33.93 78.86
C CYS GA 170 -138.11 33.95 78.29
N VAL GA 171 -137.89 33.15 77.26
CA VAL GA 171 -136.58 33.10 76.60
C VAL GA 171 -136.42 34.35 75.74
N ALA GA 172 -135.26 35.01 75.87
CA ALA GA 172 -135.00 36.21 75.08
C ALA GA 172 -134.76 35.87 73.62
N ALA GA 173 -134.05 34.78 73.36
CA ALA GA 173 -133.71 34.37 72.00
C ALA GA 173 -134.19 32.95 71.77
N ALA GA 174 -133.92 32.44 70.57
CA ALA GA 174 -134.36 31.09 70.21
C ALA GA 174 -133.66 30.05 71.06
N GLY GA 175 -134.40 29.03 71.47
CA GLY GA 175 -133.88 27.94 72.29
C GLY GA 175 -133.87 26.64 71.52
N LYS GA 176 -132.78 25.89 71.66
CA LYS GA 176 -132.57 24.67 70.88
C LYS GA 176 -132.60 23.44 71.78
N LEU GA 177 -133.39 22.45 71.40
CA LEU GA 177 -133.52 21.21 72.17
C LEU GA 177 -133.24 20.03 71.26
N THR GA 178 -132.25 19.21 71.63
CA THR GA 178 -131.84 18.06 70.81
C THR GA 178 -131.82 16.80 71.66
N GLU GA 179 -132.30 15.70 71.10
CA GLU GA 179 -132.36 14.41 71.78
C GLU GA 179 -132.00 13.30 70.80
N ALA GA 180 -131.19 12.35 71.26
CA ALA GA 180 -130.80 11.19 70.46
C ALA GA 180 -130.94 9.93 71.30
N ASP GA 181 -131.51 8.89 70.71
CA ASP GA 181 -131.75 7.63 71.38
C ASP GA 181 -131.30 6.48 70.48
N ASN GA 182 -130.58 5.52 71.05
CA ASN GA 182 -130.17 4.33 70.31
C ASN GA 182 -130.20 3.15 71.27
N TRP GA 183 -131.12 2.22 71.07
CA TRP GA 183 -131.17 1.06 71.97
C TRP GA 183 -131.33 -0.22 71.16
N GLU GA 184 -130.88 -1.33 71.76
CA GLU GA 184 -130.75 -2.59 71.05
C GLU GA 184 -130.99 -3.75 72.01
N ILE GA 185 -131.67 -4.79 71.50
CA ILE GA 185 -131.98 -5.99 72.25
C ILE GA 185 -131.59 -7.20 71.40
N SER GA 186 -130.88 -8.15 71.99
CA SER GA 186 -130.52 -9.39 71.31
C SER GA 186 -130.75 -10.56 72.25
N GLY GA 187 -131.64 -11.46 71.87
CA GLY GA 187 -131.99 -12.59 72.71
C GLY GA 187 -131.90 -13.90 71.94
N HIS GA 188 -131.61 -14.96 72.70
CA HIS GA 188 -131.45 -16.30 72.13
C HIS GA 188 -131.95 -17.33 73.13
N THR GA 189 -132.63 -18.35 72.64
CA THR GA 189 -133.23 -19.39 73.47
C THR GA 189 -132.97 -20.75 72.83
N ASN GA 190 -132.56 -21.72 73.64
CA ASN GA 190 -132.30 -23.08 73.17
C ASN GA 190 -132.94 -24.05 74.17
N ALA GA 191 -134.01 -24.71 73.75
CA ALA GA 191 -134.69 -25.72 74.54
C ALA GA 191 -134.39 -27.08 73.92
N ASN GA 192 -133.53 -27.84 74.57
CA ASN GA 192 -133.13 -29.17 74.12
C ASN GA 192 -133.86 -30.22 74.94
N ILE GA 193 -134.62 -31.08 74.27
CA ILE GA 193 -135.34 -32.17 74.92
C ILE GA 193 -134.97 -33.45 74.18
N GLY GA 194 -135.25 -34.59 74.82
CA GLY GA 194 -134.89 -35.87 74.24
C GLY GA 194 -135.46 -36.10 72.85
N GLU GA 195 -136.67 -35.58 72.60
CA GLU GA 195 -137.32 -35.74 71.30
C GLU GA 195 -137.65 -34.41 70.64
N ALA GA 196 -137.16 -33.29 71.17
CA ALA GA 196 -137.46 -31.98 70.60
C ALA GA 196 -136.29 -31.05 70.80
N VAL GA 197 -135.98 -30.26 69.78
CA VAL GA 197 -134.93 -29.24 69.83
C VAL GA 197 -135.51 -27.96 69.26
N VAL GA 198 -135.50 -26.89 70.05
CA VAL GA 198 -136.01 -25.59 69.64
C VAL GA 198 -134.88 -24.56 69.80
N THR GA 199 -134.62 -23.80 68.75
CA THR GA 199 -133.58 -22.77 68.76
C THR GA 199 -134.16 -21.49 68.18
N ALA GA 200 -134.40 -20.50 69.04
CA ALA GA 200 -134.98 -19.23 68.65
C ALA GA 200 -133.99 -18.11 68.88
N THR GA 201 -134.05 -17.09 68.02
CA THR GA 201 -133.16 -15.94 68.12
C THR GA 201 -133.90 -14.70 67.64
N ALA GA 202 -133.69 -13.57 68.32
CA ALA GA 202 -134.35 -12.33 67.94
C ALA GA 202 -133.44 -11.14 68.22
N GLU GA 203 -133.22 -10.31 67.22
CA GLU GA 203 -132.42 -9.10 67.35
C GLU GA 203 -133.21 -7.91 66.84
N LEU GA 204 -133.14 -6.80 67.58
CA LEU GA 204 -133.76 -5.57 67.11
C LEU GA 204 -133.01 -4.37 67.69
N ASP GA 205 -133.17 -3.23 67.04
CA ASP GA 205 -132.52 -2.00 67.50
C ASP GA 205 -133.26 -0.81 66.90
N LYS GA 206 -133.49 0.20 67.73
CA LYS GA 206 -134.21 1.40 67.33
C LYS GA 206 -133.33 2.62 67.55
N ASN GA 207 -133.38 3.55 66.59
CA ASN GA 207 -132.63 4.79 66.62
C ASN GA 207 -133.58 5.95 66.34
N LEU GA 208 -133.55 6.96 67.20
CA LEU GA 208 -134.40 8.14 67.07
C LEU GA 208 -133.57 9.40 67.30
N SER GA 209 -134.00 10.50 66.69
CA SER GA 209 -133.35 11.79 66.88
C SER GA 209 -134.38 12.89 66.65
N ARG GA 210 -134.55 13.77 67.64
CA ARG GA 210 -135.51 14.85 67.57
C ARG GA 210 -134.81 16.16 67.91
N LYS GA 211 -134.96 17.17 67.05
CA LYS GA 211 -134.33 18.46 67.24
C LYS GA 211 -135.33 19.56 66.94
N ILE GA 212 -135.60 20.41 67.92
CA ILE GA 212 -136.57 21.50 67.77
C ILE GA 212 -135.96 22.79 68.26
N GLU GA 213 -136.63 23.90 67.93
CA GLU GA 213 -136.17 25.24 68.28
C GLU GA 213 -137.36 26.11 68.62
N ILE GA 214 -137.53 26.42 69.90
CA ILE GA 214 -138.61 27.31 70.34
C ILE GA 214 -138.23 28.75 70.01
N PRO GA 215 -139.17 29.57 69.57
CA PRO GA 215 -138.85 30.94 69.15
C PRO GA 215 -138.74 31.87 70.35
N PRO GA 216 -138.18 33.07 70.16
CA PRO GA 216 -138.11 34.03 71.26
C PRO GA 216 -139.50 34.41 71.77
N GLY GA 217 -139.59 34.63 73.07
CA GLY GA 217 -140.83 35.01 73.71
C GLY GA 217 -141.62 33.88 74.32
N THR GA 218 -141.22 32.63 74.10
CA THR GA 218 -141.93 31.50 74.65
C THR GA 218 -141.84 31.50 76.17
N ALA GA 219 -142.98 31.38 76.84
CA ALA GA 219 -143.01 31.38 78.30
C ALA GA 219 -142.52 30.04 78.83
N LEU GA 220 -141.84 30.08 79.97
CA LEU GA 220 -141.33 28.88 80.62
C LEU GA 220 -141.99 28.59 81.96
N ALA GA 221 -142.20 29.61 82.79
CA ALA GA 221 -142.75 29.41 84.12
C ALA GA 221 -143.44 30.69 84.56
N TYR GA 222 -144.25 30.58 85.61
CA TYR GA 222 -145.05 31.72 86.05
C TYR GA 222 -145.38 31.57 87.53
N SER GA 223 -145.82 32.68 88.12
CA SER GA 223 -146.32 32.71 89.48
C SER GA 223 -147.60 33.54 89.51
N PHE GA 224 -148.52 33.19 90.40
CA PHE GA 224 -149.83 33.83 90.41
C PHE GA 224 -150.28 34.09 91.83
N MET GA 225 -151.24 35.01 91.96
CA MET GA 225 -151.85 35.39 93.23
C MET GA 225 -153.32 35.03 93.22
N ASP GA 226 -153.81 34.51 94.35
CA ASP GA 226 -155.18 34.05 94.42
C ASP GA 226 -156.16 35.21 94.54
N LEU GA 227 -157.42 34.93 94.20
CA LEU GA 227 -158.50 35.91 94.28
C LEU GA 227 -159.72 35.24 94.89
N GLU GA 228 -160.72 36.08 95.20
CA GLU GA 228 -161.95 35.61 95.82
C GLU GA 228 -163.10 36.50 95.38
N ILE GA 229 -164.16 35.88 94.87
CA ILE GA 229 -165.36 36.61 94.45
C ILE GA 229 -166.24 36.86 95.67
N LEU GA 230 -166.57 38.13 95.92
CA LEU GA 230 -167.51 38.44 96.98
C LEU GA 230 -168.93 38.00 96.57
N GLU GA 231 -169.88 38.22 97.47
CA GLU GA 231 -171.28 38.01 97.12
C GLU GA 231 -171.67 38.81 95.89
N ASP GA 232 -171.27 40.08 95.86
CA ASP GA 232 -171.42 40.91 94.67
C ASP GA 232 -170.33 40.57 93.66
N ARG GA 233 -170.29 41.32 92.56
CA ARG GA 233 -169.23 41.16 91.57
C ARG GA 233 -167.87 41.62 92.07
N SER GA 234 -167.80 42.22 93.25
CA SER GA 234 -166.54 42.69 93.80
C SER GA 234 -165.54 41.55 93.98
N LEU GA 235 -164.27 41.87 93.81
CA LEU GA 235 -163.18 40.90 93.95
C LEU GA 235 -162.26 41.31 95.09
N ARG GA 236 -161.71 40.31 95.77
CA ARG GA 236 -160.78 40.53 96.86
C ARG GA 236 -159.56 39.63 96.68
N VAL GA 237 -158.46 40.01 97.30
CA VAL GA 237 -157.24 39.21 97.24
C VAL GA 237 -157.12 38.40 98.52
N SER GA 238 -156.65 37.16 98.39
CA SER GA 238 -156.56 36.24 99.51
C SER GA 238 -155.13 35.75 99.67
N SER GA 239 -154.68 35.63 100.91
CA SER GA 239 -153.32 35.23 101.23
C SER GA 239 -153.35 34.07 102.21
N SER GA 240 -152.85 32.91 101.78
CA SER GA 240 -152.69 31.77 102.67
C SER GA 240 -151.45 31.98 103.53
N ALA GA 241 -151.67 32.27 104.81
CA ALA GA 241 -150.58 32.59 105.75
C ALA GA 241 -149.76 33.78 105.27
N GLY GA 242 -150.41 34.72 104.57
CA GLY GA 242 -149.73 35.90 104.08
C GLY GA 242 -148.76 35.67 102.94
N ALA GA 243 -148.88 34.54 102.24
CA ALA GA 243 -147.94 34.25 101.16
C ALA GA 243 -148.10 35.23 99.99
N MET GA 244 -149.33 35.40 99.51
CA MET GA 244 -149.64 36.23 98.35
C MET GA 244 -148.86 35.82 97.10
N PHE GA 245 -148.31 34.60 97.09
CA PHE GA 245 -147.58 34.09 95.94
C PHE GA 245 -147.79 32.58 95.92
N ASP GA 246 -148.71 32.12 95.08
CA ASP GA 246 -149.06 30.71 95.05
C ASP GA 246 -148.32 30.01 93.91
N SER GA 247 -147.69 28.89 94.22
CA SER GA 247 -146.94 28.11 93.25
C SER GA 247 -147.64 26.80 92.91
N GLY GA 248 -148.93 26.70 93.18
CA GLY GA 248 -149.65 25.47 92.94
C GLY GA 248 -149.14 24.31 93.77
N LYS GA 249 -148.79 24.57 95.02
CA LYS GA 249 -148.24 23.55 95.92
C LYS GA 249 -149.31 23.09 96.90
N ALA GA 250 -149.18 21.84 97.34
CA ALA GA 250 -150.09 21.29 98.32
C ALA GA 250 -149.91 22.00 99.66
N GLU GA 251 -150.99 22.06 100.44
CA GLU GA 251 -150.95 22.72 101.74
C GLU GA 251 -149.98 22.01 102.67
N SER GA 252 -149.98 20.68 102.67
CA SER GA 252 -149.09 19.87 103.51
C SER GA 252 -149.23 20.22 104.99
CA ARG HA 3 -128.81 20.75 95.79
C ARG HA 3 -128.55 21.77 94.68
N PRO HA 4 -129.43 22.76 94.57
CA PRO HA 4 -129.25 23.80 93.54
C PRO HA 4 -127.93 24.54 93.72
N MET HA 5 -127.32 24.88 92.58
CA MET HA 5 -126.05 25.59 92.62
C MET HA 5 -126.19 26.94 93.29
N PHE HA 6 -127.30 27.64 93.02
CA PHE HA 6 -127.52 28.94 93.66
C PHE HA 6 -127.60 28.80 95.17
N ALA HA 7 -128.31 27.79 95.66
CA ALA HA 7 -128.40 27.58 97.11
C ALA HA 7 -127.04 27.23 97.70
N VAL HA 8 -126.27 26.38 97.00
CA VAL HA 8 -124.94 26.03 97.49
C VAL HA 8 -124.05 27.26 97.57
N ALA HA 9 -124.07 28.09 96.53
CA ALA HA 9 -123.24 29.29 96.53
C ALA HA 9 -123.69 30.27 97.62
N VAL HA 10 -125.00 30.39 97.84
CA VAL HA 10 -125.49 31.26 98.90
C VAL HA 10 -125.02 30.76 100.25
N ASN HA 11 -125.07 29.46 100.48
CA ASN HA 11 -124.59 28.91 101.75
C ASN HA 11 -123.09 29.15 101.92
N GLU HA 12 -122.32 28.96 100.85
CA GLU HA 12 -120.88 29.20 100.93
C GLU HA 12 -120.59 30.66 101.27
N PHE HA 13 -121.29 31.58 100.61
CA PHE HA 13 -121.08 33.00 100.88
C PHE HA 13 -121.46 33.35 102.31
N ILE HA 14 -122.62 32.86 102.77
CA ILE HA 14 -123.07 33.23 104.11
C ILE HA 14 -122.18 32.62 105.18
N ARG HA 15 -121.58 31.46 104.90
CA ARG HA 15 -120.63 30.90 105.84
C ARG HA 15 -119.33 31.71 105.87
N SER HA 16 -118.80 32.04 104.68
CA SER HA 16 -117.54 32.77 104.63
C SER HA 16 -117.66 34.14 105.26
N ALA HA 17 -118.76 34.85 104.97
CA ALA HA 17 -119.00 36.18 105.50
C ALA HA 17 -120.40 36.26 106.05
N GLY HA 18 -120.55 36.87 107.23
CA GLY HA 18 -121.86 37.05 107.82
C GLY HA 18 -122.57 35.78 108.20
N GLN HA 19 -121.87 34.86 108.88
CA GLN HA 19 -122.51 33.62 109.32
C GLN HA 19 -123.64 33.90 110.30
N ASP HA 20 -123.56 35.01 111.02
CA ASP HA 20 -124.61 35.44 111.93
C ASP HA 20 -125.32 36.67 111.36
N SER HA 21 -126.59 36.82 111.73
CA SER HA 21 -127.42 37.96 111.32
C SER HA 21 -127.50 38.06 109.80
N LEU HA 22 -127.81 36.95 109.15
CA LEU HA 22 -127.94 36.92 107.70
C LEU HA 22 -128.80 35.73 107.31
N CYS HA 23 -129.72 35.95 106.37
CA CYS HA 23 -130.65 34.93 105.91
C CYS HA 23 -130.43 34.67 104.43
N GLY HA 24 -130.29 33.40 104.07
CA GLY HA 24 -130.10 33.04 102.68
C GLY HA 24 -131.33 33.33 101.83
N VAL HA 25 -131.09 33.52 100.54
CA VAL HA 25 -132.17 33.78 99.58
C VAL HA 25 -132.66 32.44 99.03
N PRO HA 26 -133.98 32.20 99.02
CA PRO HA 26 -134.48 30.89 98.59
C PRO HA 26 -134.17 30.55 97.14
N ASP HA 27 -134.34 31.49 96.22
CA ASP HA 27 -134.13 31.20 94.81
C ASP HA 27 -133.88 32.48 94.04
N ILE HA 28 -133.36 32.32 92.82
CA ILE HA 28 -133.02 33.47 91.99
C ILE HA 28 -134.26 34.28 91.66
N ASN HA 29 -135.37 33.61 91.37
CA ASN HA 29 -136.59 34.32 91.00
C ASN HA 29 -137.07 35.24 92.12
N SER HA 30 -137.05 34.75 93.35
CA SER HA 30 -137.52 35.52 94.49
C SER HA 30 -136.42 36.35 95.14
N SER HA 31 -135.21 36.32 94.58
CA SER HA 31 -134.12 37.14 95.14
C SER HA 31 -134.46 38.62 95.08
N GLY HA 32 -135.15 39.06 94.02
CA GLY HA 32 -135.44 40.47 93.86
C GLY HA 32 -136.47 41.02 94.81
N ASP HA 33 -137.17 40.16 95.56
CA ASP HA 33 -138.18 40.60 96.49
C ASP HA 33 -137.64 40.85 97.90
N PHE HA 34 -136.33 40.71 98.10
CA PHE HA 34 -135.71 40.89 99.40
C PHE HA 34 -134.76 42.09 99.42
N MET HA 35 -135.08 43.12 98.64
CA MET HA 35 -134.33 44.36 98.67
C MET HA 35 -134.70 45.16 99.92
N PRO HA 36 -133.88 46.14 100.29
CA PRO HA 36 -134.17 46.91 101.51
C PRO HA 36 -135.51 47.61 101.43
N LEU HA 37 -136.12 47.78 102.60
CA LEU HA 37 -137.44 48.41 102.75
C LEU HA 37 -138.54 47.58 102.09
N HIS HA 38 -138.51 46.27 102.34
CA HIS HA 38 -139.54 45.35 101.88
C HIS HA 38 -140.14 44.64 103.08
N ILE HA 39 -141.45 44.37 102.99
CA ILE HA 39 -142.19 43.70 104.06
C ILE HA 39 -142.16 42.19 103.80
N ILE HA 40 -141.89 41.41 104.84
CA ILE HA 40 -141.93 39.96 104.78
C ILE HA 40 -142.75 39.46 105.96
N VAL HA 41 -143.24 38.22 105.83
CA VAL HA 41 -144.07 37.60 106.85
C VAL HA 41 -143.30 36.43 107.44
N LYS HA 42 -143.31 36.33 108.76
CA LYS HA 42 -142.64 35.25 109.48
C LYS HA 42 -143.69 34.38 110.18
N GLU HA 43 -143.57 33.07 109.99
CA GLU HA 43 -144.47 32.10 110.57
C GLU HA 43 -143.70 31.20 111.51
N VAL HA 44 -144.23 31.02 112.72
CA VAL HA 44 -143.59 30.23 113.76
C VAL HA 44 -143.69 28.75 113.40
N PRO HA 45 -142.75 27.91 113.87
CA PRO HA 45 -142.83 26.48 113.54
C PRO HA 45 -144.10 25.80 114.02
N LYS HA 46 -144.64 26.23 115.17
CA LYS HA 46 -145.84 25.70 115.81
C LYS HA 46 -145.65 24.29 116.37
N VAL HA 47 -144.49 23.68 116.18
CA VAL HA 47 -144.22 22.34 116.72
C VAL HA 47 -143.09 22.43 117.71
N LEU HA 48 -141.92 22.88 117.26
CA LEU HA 48 -140.75 23.08 118.10
C LEU HA 48 -140.22 24.49 117.84
N PRO HA 49 -140.89 25.52 118.35
CA PRO HA 49 -140.47 26.89 118.04
C PRO HA 49 -139.05 27.20 118.46
N CYS HA 50 -138.59 26.66 119.59
CA CYS HA 50 -137.24 26.90 120.06
C CYS HA 50 -136.20 25.99 119.40
N CYS HA 51 -136.63 24.99 118.64
CA CYS HA 51 -135.71 24.05 118.01
C CYS HA 51 -135.69 24.15 116.49
N ARG HA 52 -136.68 24.81 115.88
CA ARG HA 52 -136.77 24.89 114.43
C ARG HA 52 -136.83 26.35 114.01
N ARG HA 53 -136.13 26.69 112.93
CA ARG HA 53 -136.14 28.05 112.42
C ARG HA 53 -137.49 28.35 111.77
N PRO HA 54 -137.96 29.59 111.87
CA PRO HA 54 -139.29 29.93 111.32
C PRO HA 54 -139.31 29.94 109.80
N LYS HA 55 -140.49 30.20 109.23
CA LYS HA 55 -140.69 30.21 107.79
C LYS HA 55 -140.89 31.65 107.32
N ILE HA 56 -140.18 32.03 106.27
CA ILE HA 56 -140.19 33.41 105.77
C ILE HA 56 -140.90 33.44 104.42
N LYS HA 57 -141.88 34.33 104.30
CA LYS HA 57 -142.70 34.48 103.11
C LYS HA 57 -142.53 35.88 102.55
N ARG HA 58 -142.26 35.98 101.26
CA ARG HA 58 -142.13 37.27 100.59
C ARG HA 58 -143.49 37.85 100.27
N THR HA 59 -143.57 39.17 100.24
CA THR HA 59 -144.79 39.89 99.91
C THR HA 59 -144.49 40.99 98.91
N PRO HA 60 -145.45 41.33 98.06
CA PRO HA 60 -145.23 42.41 97.07
C PRO HA 60 -145.59 43.78 97.63
N TYR HA 61 -144.95 44.17 98.73
CA TYR HA 61 -145.22 45.42 99.39
C TYR HA 61 -143.92 46.08 99.83
N THR HA 62 -143.94 47.41 99.82
CA THR HA 62 -142.89 48.22 100.41
C THR HA 62 -143.43 48.95 101.63
N LEU HA 63 -142.52 49.59 102.37
CA LEU HA 63 -142.92 50.28 103.59
C LEU HA 63 -143.90 51.41 103.29
N ASN HA 64 -143.63 52.19 102.24
CA ASN HA 64 -144.49 53.32 101.91
C ASN HA 64 -145.88 52.84 101.47
N ASP HA 65 -145.95 51.71 100.77
CA ASP HA 65 -147.25 51.17 100.38
C ASP HA 65 -148.01 50.64 101.59
N ILE HA 66 -147.31 49.95 102.50
CA ILE HA 66 -147.99 49.35 103.64
C ILE HA 66 -148.41 50.41 104.65
N LEU HA 67 -147.73 51.56 104.66
CA LEU HA 67 -148.01 52.61 105.62
C LEU HA 67 -148.87 53.71 105.00
N ASP HA 68 -149.82 54.21 105.79
CA ASP HA 68 -150.60 55.37 105.36
C ASP HA 68 -149.70 56.59 105.20
N GLU HA 69 -148.77 56.80 106.14
CA GLU HA 69 -147.87 57.93 106.08
C GLU HA 69 -146.54 57.49 105.47
N PRO HA 70 -146.07 58.13 104.40
CA PRO HA 70 -144.81 57.71 103.78
C PRO HA 70 -143.61 58.05 104.63
N CYS HA 71 -142.52 57.35 104.35
CA CYS HA 71 -141.24 57.51 105.02
C CYS HA 71 -140.15 57.71 103.98
N PRO HA 72 -139.05 58.36 104.35
CA PRO HA 72 -137.92 58.46 103.41
C PRO HA 72 -137.39 57.08 103.04
N ASN HA 73 -136.97 56.93 101.79
CA ASN HA 73 -136.62 55.62 101.24
C ASN HA 73 -135.29 55.62 100.48
N GLN HA 74 -134.48 56.67 100.61
CA GLN HA 74 -133.21 56.70 99.89
C GLN HA 74 -132.28 55.61 100.39
N LEU HA 75 -131.45 55.10 99.49
CA LEU HA 75 -130.56 53.98 99.78
C LEU HA 75 -129.12 54.36 99.47
N LYS HA 76 -128.19 53.51 99.91
CA LYS HA 76 -126.78 53.65 99.63
C LYS HA 76 -126.14 52.27 99.66
N SER HA 77 -125.05 52.12 98.91
CA SER HA 77 -124.36 50.84 98.79
C SER HA 77 -122.87 51.03 99.01
N SER HA 78 -122.24 49.99 99.54
CA SER HA 78 -120.80 50.00 99.79
C SER HA 78 -120.28 48.57 99.74
N ASP HA 79 -118.99 48.44 99.46
CA ASP HA 79 -118.39 47.12 99.30
C ASP HA 79 -118.41 46.35 100.61
N LEU HA 80 -118.59 45.03 100.50
CA LEU HA 80 -118.63 44.15 101.67
C LEU HA 80 -117.51 43.13 101.67
N VAL HA 81 -117.36 42.36 100.59
CA VAL HA 81 -116.33 41.32 100.50
C VAL HA 81 -116.01 41.10 99.02
N THR HA 82 -114.85 40.52 98.76
CA THR HA 82 -114.36 40.31 97.39
C THR HA 82 -113.74 38.93 97.31
N PHE HA 83 -114.32 38.05 96.50
CA PHE HA 83 -113.77 36.72 96.24
C PHE HA 83 -112.82 36.82 95.06
N THR HA 84 -111.52 36.88 95.36
CA THR HA 84 -110.52 37.09 94.30
C THR HA 84 -110.46 35.90 93.36
N GLU HA 85 -110.60 34.68 93.88
CA GLU HA 85 -110.53 33.49 93.06
C GLU HA 85 -111.76 32.63 93.28
N PRO HA 86 -112.16 31.85 92.27
CA PRO HA 86 -113.37 31.04 92.40
C PRO HA 86 -113.24 29.99 93.50
N LEU HA 87 -114.35 29.75 94.19
CA LEU HA 87 -114.44 28.64 95.13
C LEU HA 87 -114.53 27.35 94.33
N VAL HA 88 -113.55 26.46 94.51
CA VAL HA 88 -113.43 25.23 93.75
C VAL HA 88 -113.53 24.06 94.71
N SER HA 89 -114.37 23.08 94.36
CA SER HA 89 -114.56 21.88 95.16
C SER HA 89 -114.47 20.65 94.29
N ASN HA 90 -113.78 19.62 94.77
CA ASN HA 90 -113.63 18.36 94.07
C ASN HA 90 -113.91 17.22 95.04
N VAL HA 91 -114.71 16.25 94.58
CA VAL HA 91 -114.99 15.03 95.34
C VAL HA 91 -114.80 13.86 94.39
N LYS HA 92 -114.10 12.84 94.85
CA LYS HA 92 -113.82 11.66 94.02
C LYS HA 92 -113.90 10.43 94.90
N ALA HA 93 -114.90 9.58 94.66
CA ALA HA 93 -115.10 8.36 95.42
C ALA HA 93 -115.06 7.16 94.50
N SER HA 94 -114.56 6.04 95.03
CA SER HA 94 -114.51 4.80 94.27
C SER HA 94 -114.51 3.64 95.26
N SER HA 95 -115.39 2.66 95.01
CA SER HA 95 -115.54 1.53 95.92
C SER HA 95 -115.79 0.26 95.13
N SER HA 96 -115.48 -0.87 95.75
CA SER HA 96 -115.69 -2.18 95.15
C SER HA 96 -116.03 -3.18 96.24
N ILE HA 97 -116.96 -4.08 95.93
CA ILE HA 97 -117.43 -5.09 96.86
C ILE HA 97 -117.37 -6.45 96.18
N GLY HA 98 -116.87 -7.46 96.89
CA GLY HA 98 -116.85 -8.81 96.37
C GLY HA 98 -117.33 -9.83 97.39
N LEU HA 99 -118.40 -10.54 97.07
CA LEU HA 99 -119.00 -11.52 97.96
C LEU HA 99 -118.94 -12.89 97.31
N GLN HA 100 -118.52 -13.90 98.07
CA GLN HA 100 -118.48 -15.27 97.58
C GLN HA 100 -119.04 -16.20 98.65
N ILE HA 101 -119.98 -17.05 98.25
CA ILE HA 101 -120.52 -18.10 99.12
C ILE HA 101 -120.18 -19.43 98.45
N LEU HA 102 -119.13 -20.08 98.95
CA LEU HA 102 -118.66 -21.39 98.51
C LEU HA 102 -118.42 -21.32 97.01
N LYS HA 103 -118.88 -22.30 96.22
CA LYS HA 103 -118.91 -22.20 94.77
C LYS HA 103 -120.32 -22.02 94.24
N HIS HA 104 -121.23 -21.51 95.08
CA HIS HA 104 -122.63 -21.34 94.72
C HIS HA 104 -123.02 -19.90 94.45
N PHE HA 105 -122.41 -18.93 95.13
CA PHE HA 105 -122.74 -17.53 94.91
C PHE HA 105 -121.46 -16.74 94.70
N ASP HA 106 -121.47 -15.82 93.73
CA ASP HA 106 -120.30 -14.97 93.48
C ASP HA 106 -120.78 -13.66 92.88
N SER HA 107 -120.71 -12.58 93.66
CA SER HA 107 -121.15 -11.27 93.21
C SER HA 107 -119.99 -10.28 93.31
N GLY HA 108 -119.83 -9.47 92.27
CA GLY HA 108 -118.84 -8.41 92.27
C GLY HA 108 -119.41 -7.09 91.80
N ALA HA 109 -119.41 -6.09 92.66
CA ALA HA 109 -119.95 -4.78 92.34
C ALA HA 109 -118.87 -3.72 92.50
N LYS HA 110 -119.03 -2.62 91.78
CA LYS HA 110 -118.09 -1.52 91.89
C LYS HA 110 -118.78 -0.24 91.46
N GLY HA 111 -118.36 0.87 92.05
CA GLY HA 111 -118.94 2.16 91.74
C GLY HA 111 -117.89 3.25 91.85
N SER HA 112 -118.12 4.33 91.12
CA SER HA 112 -117.23 5.47 91.15
C SER HA 112 -118.03 6.75 90.90
N LYS HA 113 -117.53 7.86 91.44
CA LYS HA 113 -118.20 9.14 91.32
C LYS HA 113 -117.17 10.25 91.34
N ASN HA 114 -117.36 11.23 90.46
CA ASN HA 114 -116.49 12.40 90.37
C ASN HA 114 -117.35 13.63 90.25
N PHE HA 115 -117.22 14.55 91.20
CA PHE HA 115 -118.07 15.72 91.32
C PHE HA 115 -117.19 16.96 91.43
N ILE HA 116 -117.42 17.95 90.57
CA ILE HA 116 -116.61 19.16 90.52
C ILE HA 116 -117.53 20.37 90.53
N THR HA 117 -117.18 21.36 91.35
CA THR HA 117 -117.98 22.57 91.49
C THR HA 117 -117.06 23.79 91.46
N SER HA 118 -117.52 24.86 90.81
CA SER HA 118 -116.78 26.12 90.77
C SER HA 118 -117.77 27.28 90.84
N ALA HA 119 -117.53 28.20 91.75
CA ALA HA 119 -118.38 29.38 91.91
C ALA HA 119 -117.52 30.63 91.90
N SER HA 120 -117.86 31.57 91.02
CA SER HA 120 -117.16 32.85 90.90
C SER HA 120 -118.17 33.94 91.16
N LEU HA 121 -118.13 34.51 92.37
CA LEU HA 121 -119.05 35.55 92.78
C LEU HA 121 -118.50 36.96 92.60
N GLY HA 122 -117.22 37.09 92.26
CA GLY HA 122 -116.66 38.41 92.04
C GLY HA 122 -116.70 39.25 93.30
N THR HA 123 -117.32 40.43 93.21
CA THR HA 123 -117.43 41.37 94.31
C THR HA 123 -118.86 41.41 94.80
N VAL HA 124 -119.04 41.42 96.12
CA VAL HA 124 -120.36 41.50 96.75
C VAL HA 124 -120.44 42.82 97.49
N VAL HA 125 -121.51 43.57 97.24
CA VAL HA 125 -121.74 44.84 97.90
C VAL HA 125 -122.95 44.71 98.81
N LYS HA 126 -123.11 45.67 99.71
CA LYS HA 126 -124.23 45.73 100.63
C LYS HA 126 -124.98 47.03 100.42
N ALA HA 127 -126.30 46.93 100.32
CA ALA HA 127 -127.17 48.08 100.12
C ALA HA 127 -128.12 48.21 101.31
N GLU HA 128 -128.29 49.44 101.77
CA GLU HA 128 -129.07 49.72 102.96
C GLU HA 128 -129.51 51.18 102.95
N THR HA 129 -130.53 51.47 103.75
CA THR HA 129 -131.02 52.84 103.87
C THR HA 129 -129.92 53.78 104.35
N ILE HA 130 -129.93 55.00 103.83
CA ILE HA 130 -128.93 55.98 104.24
C ILE HA 130 -129.04 56.28 105.73
N ASP HA 131 -130.26 56.47 106.23
CA ASP HA 131 -130.51 56.71 107.64
C ASP HA 131 -131.65 55.82 108.09
N ILE HA 132 -131.36 54.90 109.01
CA ILE HA 132 -132.38 53.99 109.51
C ILE HA 132 -133.13 54.57 110.69
N THR HA 133 -132.50 55.47 111.45
CA THR HA 133 -133.16 56.06 112.62
C THR HA 133 -134.40 56.85 112.20
N LYS HA 134 -134.30 57.64 111.13
CA LYS HA 134 -135.45 58.40 110.65
C LYS HA 134 -136.57 57.46 110.20
N VAL HA 135 -136.22 56.39 109.49
CA VAL HA 135 -137.23 55.43 109.05
C VAL HA 135 -137.92 54.81 110.25
N LEU HA 136 -137.15 54.43 111.26
CA LEU HA 136 -137.75 53.83 112.46
C LEU HA 136 -138.66 54.82 113.17
N ALA HA 137 -138.23 56.07 113.30
CA ALA HA 137 -139.06 57.07 113.96
C ALA HA 137 -140.38 57.26 113.23
N LYS HA 138 -140.31 57.43 111.90
CA LYS HA 138 -141.53 57.62 111.11
C LYS HA 138 -142.43 56.39 111.19
N VAL HA 139 -141.86 55.18 111.17
CA VAL HA 139 -142.67 53.98 111.30
C VAL HA 139 -143.42 54.00 112.62
N ARG HA 140 -142.69 54.29 113.71
CA ARG HA 140 -143.32 54.30 115.03
C ARG HA 140 -144.43 55.34 115.12
N THR HA 141 -144.26 56.48 114.44
CA THR HA 141 -145.27 57.53 114.49
C THR HA 141 -146.30 57.42 113.37
N ALA HA 142 -146.22 56.41 112.51
CA ALA HA 142 -147.10 56.28 111.37
C ALA HA 142 -148.02 55.08 111.53
N LYS HA 143 -149.23 55.18 110.98
CA LYS HA 143 -150.21 54.11 111.00
C LYS HA 143 -150.23 53.34 109.68
N ALA HA 144 -150.52 52.05 109.77
CA ALA HA 144 -150.57 51.20 108.59
C ALA HA 144 -151.82 51.51 107.76
N LYS HA 145 -151.85 50.95 106.55
CA LYS HA 145 -152.95 51.17 105.63
C LYS HA 145 -154.16 50.35 106.07
N VAL HA 146 -155.28 51.04 106.35
CA VAL HA 146 -156.49 50.35 106.78
C VAL HA 146 -157.02 49.46 105.66
N GLU HA 147 -156.92 49.92 104.41
CA GLU HA 147 -157.39 49.13 103.28
C GLU HA 147 -156.65 47.81 103.15
N ASN HA 148 -155.36 47.79 103.46
CA ASN HA 148 -154.55 46.59 103.26
C ASN HA 148 -155.10 45.42 104.06
N ASP HA 149 -155.17 44.26 103.41
CA ASP HA 149 -155.69 43.04 104.03
C ASP HA 149 -154.62 42.26 104.77
N LEU HA 150 -153.38 42.27 104.25
CA LEU HA 150 -152.29 41.55 104.88
C LEU HA 150 -152.07 42.00 106.31
N VAL HA 151 -152.08 43.32 106.53
CA VAL HA 151 -151.87 43.86 107.88
C VAL HA 151 -152.96 43.34 108.83
N SER HA 152 -154.21 43.38 108.37
CA SER HA 152 -155.31 42.89 109.20
C SER HA 152 -155.16 41.41 109.51
N ARG HA 153 -154.78 40.62 108.50
CA ARG HA 153 -154.55 39.20 108.73
C ARG HA 153 -153.49 38.98 109.81
N VAL HA 154 -152.35 39.66 109.68
CA VAL HA 154 -151.27 39.50 110.64
C VAL HA 154 -151.71 39.97 112.03
N MET HA 155 -152.53 41.02 112.09
CA MET HA 155 -153.03 41.52 113.37
C MET HA 155 -153.92 40.49 114.05
N LYS HA 156 -154.84 39.89 113.29
CA LYS HA 156 -155.78 38.95 113.90
C LYS HA 156 -155.11 37.63 114.25
N THR HA 157 -154.14 37.19 113.44
CA THR HA 157 -153.44 35.95 113.73
C THR HA 157 -152.31 36.21 114.74
N LYS HA 158 -151.96 35.16 115.47
CA LYS HA 158 -150.92 35.24 116.49
C LYS HA 158 -149.59 34.68 116.02
N ARG HA 159 -149.59 33.71 115.10
CA ARG HA 159 -148.33 33.15 114.62
C ARG HA 159 -147.61 34.12 113.69
N LEU HA 160 -148.36 34.80 112.81
CA LEU HA 160 -147.75 35.64 111.80
C LEU HA 160 -147.12 36.89 112.43
N CYS HA 161 -145.95 37.26 111.91
CA CYS HA 161 -145.27 38.48 112.31
C CYS HA 161 -144.77 39.20 111.07
N LEU HA 162 -144.60 40.52 111.19
CA LEU HA 162 -144.13 41.33 110.07
C LEU HA 162 -142.66 41.69 110.26
N GLY HA 163 -141.93 41.74 109.17
CA GLY HA 163 -140.52 42.10 109.21
C GLY HA 163 -140.13 43.04 108.09
N LEU HA 164 -139.36 44.08 108.42
CA LEU HA 164 -138.89 45.05 107.44
C LEU HA 164 -137.43 44.74 107.13
N VAL HA 165 -137.14 44.54 105.85
CA VAL HA 165 -135.77 44.25 105.43
C VAL HA 165 -134.95 45.53 105.41
N VAL HA 166 -133.77 45.49 106.01
CA VAL HA 166 -132.97 46.70 106.21
C VAL HA 166 -131.63 46.66 105.49
N GLU HA 167 -131.10 45.50 105.12
CA GLU HA 167 -129.83 45.45 104.41
C GLU HA 167 -129.82 44.22 103.51
N THR HA 168 -129.18 44.35 102.35
CA THR HA 168 -129.15 43.27 101.37
C THR HA 168 -127.78 43.17 100.73
N ALA HA 169 -127.31 41.94 100.52
CA ALA HA 169 -126.04 41.69 99.87
C ALA HA 169 -126.29 41.28 98.43
N CYS HA 170 -125.69 42.00 97.49
CA CYS HA 170 -125.92 41.80 96.06
C CYS HA 170 -124.60 41.74 95.32
N VAL HA 171 -124.55 40.94 94.26
CA VAL HA 171 -123.36 40.82 93.45
C VAL HA 171 -123.21 42.06 92.58
N ALA HA 172 -122.01 42.65 92.56
CA ALA HA 172 -121.79 43.84 91.75
C ALA HA 172 -121.75 43.50 90.27
N ALA HA 173 -121.15 42.37 89.91
CA ALA HA 173 -121.01 41.95 88.52
C ALA HA 173 -121.60 40.56 88.35
N ALA HA 174 -121.53 40.06 87.12
CA ALA HA 174 -122.10 38.75 86.82
C ALA HA 174 -121.35 37.65 87.57
N GLY HA 175 -122.11 36.67 88.06
CA GLY HA 175 -121.55 35.55 88.81
C GLY HA 175 -121.72 34.25 88.04
N LYS HA 176 -120.68 33.43 88.03
CA LYS HA 176 -120.65 32.21 87.23
C LYS HA 176 -120.65 30.98 88.12
N LEU HA 177 -121.54 30.04 87.85
CA LEU HA 177 -121.65 28.81 88.63
C LEU HA 177 -121.57 27.62 87.68
N THR HA 178 -120.59 26.73 87.91
CA THR HA 178 -120.36 25.58 87.05
C THR HA 178 -120.31 24.30 87.89
N GLU HA 179 -120.94 23.24 87.38
CA GLU HA 179 -120.98 21.95 88.06
C GLU HA 179 -120.84 20.84 87.04
N ALA HA 180 -120.03 19.83 87.39
CA ALA HA 180 -119.83 18.66 86.55
C ALA HA 180 -119.92 17.39 87.40
N ASP HA 181 -120.63 16.40 86.87
CA ASP HA 181 -120.88 15.15 87.57
C ASP HA 181 -120.61 13.99 86.61
N ASN HA 182 -119.89 12.97 87.08
CA ASN HA 182 -119.65 11.77 86.29
C ASN HA 182 -119.64 10.59 87.25
N TRP HA 183 -120.65 9.72 87.16
CA TRP HA 183 -120.64 8.55 88.05
C TRP HA 183 -120.99 7.29 87.27
N GLU HA 184 -120.53 6.15 87.80
CA GLU HA 184 -120.58 4.89 87.08
C GLU HA 184 -120.78 3.74 88.05
N ILE HA 185 -121.58 2.76 87.65
CA ILE HA 185 -121.87 1.56 88.41
C ILE HA 185 -121.67 0.34 87.51
N SER HA 186 -120.95 -0.66 88.01
CA SER HA 186 -120.76 -1.91 87.29
C SER HA 186 -120.94 -3.07 88.25
N GLY HA 187 -121.94 -3.91 87.98
CA GLY HA 187 -122.25 -5.03 88.85
C GLY HA 187 -122.33 -6.33 88.08
N HIS HA 188 -122.02 -7.42 88.78
CA HIS HA 188 -122.02 -8.75 88.20
C HIS HA 188 -122.45 -9.76 89.24
N THR HA 189 -123.26 -10.73 88.85
CA THR HA 189 -123.81 -11.74 89.74
C THR HA 189 -123.72 -13.11 89.07
N ASN HA 190 -123.28 -14.11 89.82
CA ASN HA 190 -123.17 -15.48 89.31
C ASN HA 190 -123.74 -16.41 90.38
N ALA HA 191 -124.89 -17.01 90.10
CA ALA HA 191 -125.53 -17.97 90.97
C ALA HA 191 -125.40 -19.35 90.31
N ASN HA 192 -124.50 -20.17 90.84
CA ASN HA 192 -124.27 -21.52 90.33
C ASN HA 192 -124.95 -22.52 91.25
N ILE HA 193 -125.84 -23.33 90.67
CA ILE HA 193 -126.53 -24.38 91.40
C ILE HA 193 -126.35 -25.67 90.62
N GLY HA 194 -126.62 -26.80 91.28
CA GLY HA 194 -126.42 -28.09 90.66
C GLY HA 194 -127.18 -28.26 89.36
N GLU HA 195 -128.37 -27.67 89.27
CA GLU HA 195 -129.19 -27.77 88.06
C GLU HA 195 -129.51 -26.41 87.45
N ALA HA 196 -128.89 -25.34 87.91
CA ALA HA 196 -129.18 -24.01 87.38
C ALA HA 196 -127.93 -23.15 87.45
N VAL HA 197 -127.70 -22.37 86.39
CA VAL HA 197 -126.59 -21.42 86.31
C VAL HA 197 -127.15 -20.10 85.83
N VAL HA 198 -126.97 -19.04 86.62
CA VAL HA 198 -127.44 -17.71 86.27
C VAL HA 198 -126.25 -16.76 86.29
N THR HA 199 -126.07 -16.00 85.21
CA THR HA 199 -124.98 -15.03 85.09
C THR HA 199 -125.54 -13.71 84.61
N ALA HA 200 -125.60 -12.72 85.49
CA ALA HA 200 -126.15 -11.42 85.18
C ALA HA 200 -125.06 -10.36 85.29
N THR HA 201 -125.16 -9.33 84.45
CA THR HA 201 -124.20 -8.24 84.43
C THR HA 201 -124.91 -6.95 84.06
N ALA HA 202 -124.55 -5.85 84.70
CA ALA HA 202 -125.17 -4.57 84.42
C ALA HA 202 -124.15 -3.44 84.59
N GLU HA 203 -124.02 -2.61 83.57
CA GLU HA 203 -123.13 -1.45 83.60
C GLU HA 203 -123.89 -0.21 83.20
N LEU HA 204 -123.66 0.88 83.93
CA LEU HA 204 -124.25 2.16 83.54
C LEU HA 204 -123.37 3.30 84.03
N ASP HA 205 -123.52 4.46 83.41
CA ASP HA 205 -122.76 5.63 83.78
C ASP HA 205 -123.48 6.88 83.29
N LYS HA 206 -123.54 7.89 84.14
CA LYS HA 206 -124.22 9.14 83.85
C LYS HA 206 -123.24 10.30 83.95
N ASN HA 207 -123.35 11.23 83.00
CA ASN HA 207 -122.53 12.43 82.96
C ASN HA 207 -123.43 13.64 82.80
N LEU HA 208 -123.22 14.65 83.65
CA LEU HA 208 -124.01 15.88 83.63
C LEU HA 208 -123.07 17.08 83.77
N SER HA 209 -123.50 18.21 83.21
CA SER HA 209 -122.76 19.46 83.32
C SER HA 209 -123.73 20.62 83.23
N ARG HA 210 -123.72 21.50 84.24
CA ARG HA 210 -124.60 22.64 84.29
C ARG HA 210 -123.80 23.90 84.55
N LYS HA 211 -123.98 24.92 83.71
CA LYS HA 211 -123.24 26.17 83.83
C LYS HA 211 -124.22 27.33 83.65
N ILE HA 212 -124.30 28.20 84.67
CA ILE HA 212 -125.21 29.33 84.64
C ILE HA 212 -124.46 30.59 85.06
N GLU HA 213 -125.09 31.74 84.82
CA GLU HA 213 -124.50 33.04 85.11
C GLU HA 213 -125.59 33.98 85.61
N ILE HA 214 -125.57 34.28 86.90
CA ILE HA 214 -126.52 35.24 87.47
C ILE HA 214 -126.10 36.66 87.10
N PRO HA 215 -127.04 37.55 86.80
CA PRO HA 215 -126.68 38.89 86.34
C PRO HA 215 -126.36 39.80 87.52
N PRO HA 216 -125.75 40.96 87.26
CA PRO HA 216 -125.48 41.90 88.35
C PRO HA 216 -126.77 42.36 89.02
N GLY HA 217 -126.68 42.57 90.34
CA GLY HA 217 -127.81 43.03 91.13
C GLY HA 217 -128.58 41.94 91.83
N THR HA 218 -128.28 40.67 91.55
CA THR HA 218 -129.00 39.58 92.19
C THR HA 218 -128.71 39.55 93.68
N ALA HA 219 -129.77 39.51 94.49
CA ALA HA 219 -129.60 39.48 95.93
C ALA HA 219 -129.15 38.11 96.40
N LEU HA 220 -128.32 38.10 97.45
CA LEU HA 220 -127.81 36.86 98.03
C LEU HA 220 -128.31 36.60 99.44
N ALA HA 221 -128.35 37.61 100.29
CA ALA HA 221 -128.75 37.44 101.67
C ALA HA 221 -129.28 38.76 102.21
N TYR HA 222 -129.96 38.69 103.35
CA TYR HA 222 -130.62 39.86 103.89
C TYR HA 222 -130.78 39.72 105.40
N SER HA 223 -131.06 40.85 106.04
CA SER HA 223 -131.39 40.90 107.46
C SER HA 223 -132.60 41.81 107.65
N PHE HA 224 -133.41 41.51 108.65
CA PHE HA 224 -134.67 42.23 108.82
C PHE HA 224 -134.92 42.50 110.30
N MET HA 225 -135.79 43.47 110.55
CA MET HA 225 -136.20 43.88 111.89
C MET HA 225 -137.69 43.61 112.07
N ASP HA 226 -138.06 43.11 113.24
CA ASP HA 226 -139.44 42.74 113.49
C ASP HA 226 -140.32 43.95 113.73
N LEU HA 227 -141.63 43.76 113.55
CA LEU HA 227 -142.63 44.80 113.77
C LEU HA 227 -143.80 44.21 114.53
N GLU HA 228 -144.69 45.10 114.97
CA GLU HA 228 -145.87 44.71 115.74
C GLU HA 228 -147.01 45.67 115.46
N ILE HA 229 -148.16 45.14 115.08
CA ILE HA 229 -149.35 45.93 114.82
C ILE HA 229 -150.04 46.23 116.14
N LEU HA 230 -150.26 47.51 116.44
CA LEU HA 230 -151.05 47.88 117.61
C LEU HA 230 -152.52 47.53 117.38
N GLU HA 231 -153.34 47.80 118.39
CA GLU HA 231 -154.79 47.68 118.23
C GLU HA 231 -155.27 48.52 117.06
N ASP HA 232 -154.81 49.76 116.98
CA ASP HA 232 -155.05 50.61 115.83
C ASP HA 232 -154.12 50.21 114.67
N ARG HA 233 -154.17 50.98 113.59
CA ARG HA 233 -153.26 50.75 112.47
C ARG HA 233 -151.82 51.13 112.79
N SER HA 234 -151.55 51.71 113.96
CA SER HA 234 -150.21 52.09 114.35
C SER HA 234 -149.28 50.88 114.39
N LEU HA 235 -148.01 51.13 114.06
CA LEU HA 235 -146.99 50.09 114.05
C LEU HA 235 -145.91 50.43 115.08
N ARG HA 236 -145.33 49.38 115.68
CA ARG HA 236 -144.25 49.53 116.64
C ARG HA 236 -143.13 48.56 116.30
N VAL HA 237 -141.94 48.86 116.78
CA VAL HA 237 -140.79 47.98 116.56
C VAL HA 237 -140.57 47.16 117.81
N SER HA 238 -140.19 45.90 117.63
CA SER HA 238 -140.02 44.96 118.72
C SER HA 238 -138.62 44.37 118.70
N SER HA 239 -138.02 44.21 119.87
CA SER HA 239 -136.65 43.71 120.00
C SER HA 239 -136.64 42.55 120.98
N SER HA 240 -136.28 41.37 120.49
CA SER HA 240 -136.08 40.21 121.35
C SER HA 240 -134.73 40.33 122.04
N ALA HA 241 -134.76 40.62 123.35
CA ALA HA 241 -133.56 40.86 124.13
C ALA HA 241 -132.72 42.00 123.56
N GLY HA 242 -133.39 42.99 122.95
CA GLY HA 242 -132.71 44.13 122.38
C GLY HA 242 -131.91 43.85 121.13
N ALA HA 243 -132.18 42.74 120.44
CA ALA HA 243 -131.41 42.40 119.25
C ALA HA 243 -131.65 43.41 118.12
N MET HA 244 -132.92 43.65 117.79
CA MET HA 244 -133.33 44.52 116.68
C MET HA 244 -132.73 44.07 115.35
N PHE HA 245 -132.26 42.82 115.27
CA PHE HA 245 -131.72 42.27 114.02
C PHE HA 245 -132.04 40.78 114.03
N ASP HA 246 -133.07 40.39 113.31
CA ASP HA 246 -133.52 39.01 113.32
C ASP HA 246 -132.98 38.28 112.10
N SER HA 247 -132.38 37.12 112.32
CA SER HA 247 -131.81 36.30 111.26
C SER HA 247 -132.64 35.04 111.00
N GLY HA 248 -133.90 35.03 111.45
CA GLY HA 248 -134.71 33.84 111.28
C GLY HA 248 -134.18 32.64 112.04
N LYS HA 249 -133.65 32.87 113.24
CA LYS HA 249 -133.07 31.81 114.06
C LYS HA 249 -134.02 31.40 115.16
N ALA HA 250 -133.92 30.13 115.58
CA ALA HA 250 -134.73 29.64 116.67
C ALA HA 250 -134.34 30.32 117.98
N GLU HA 251 -135.31 30.44 118.89
CA GLU HA 251 -135.05 31.08 120.17
C GLU HA 251 -134.02 30.30 120.98
N SER HA 252 -134.11 28.97 120.97
CA SER HA 252 -133.18 28.10 121.68
C SER HA 252 -133.11 28.44 123.17
CA ARG IA 3 -114.04 27.79 111.46
C ARG IA 3 -113.87 28.80 110.33
N PRO IA 4 -114.68 29.85 110.34
CA PRO IA 4 -114.57 30.88 109.30
C PRO IA 4 -113.20 31.53 109.31
N MET IA 5 -112.70 31.85 108.11
CA MET IA 5 -111.40 32.47 107.99
C MET IA 5 -111.37 33.83 108.67
N PHE IA 6 -112.46 34.60 108.54
CA PHE IA 6 -112.50 35.90 109.21
C PHE IA 6 -112.40 35.75 110.72
N ALA IA 7 -113.11 34.78 111.29
CA ALA IA 7 -113.03 34.56 112.73
C ALA IA 7 -111.64 34.11 113.14
N VAL IA 8 -111.02 33.23 112.36
CA VAL IA 8 -109.66 32.78 112.67
C VAL IA 8 -108.68 33.96 112.65
N ALA IA 9 -108.78 34.80 111.62
CA ALA IA 9 -107.89 35.95 111.52
C ALA IA 9 -108.13 36.93 112.65
N VAL IA 10 -109.39 37.13 113.04
CA VAL IA 10 -109.69 38.03 114.16
C VAL IA 10 -109.08 37.48 115.44
N ASN IA 11 -109.20 36.19 115.67
CA ASN IA 11 -108.59 35.59 116.86
C ASN IA 11 -107.07 35.73 116.85
N GLU IA 12 -106.45 35.50 115.68
CA GLU IA 12 -105.01 35.66 115.58
C GLU IA 12 -104.57 37.09 115.89
N PHE IA 13 -105.28 38.06 115.33
CA PHE IA 13 -104.95 39.46 115.57
C PHE IA 13 -105.13 39.82 117.04
N ILE IA 14 -106.25 39.40 117.63
CA ILE IA 14 -106.51 39.78 119.01
C ILE IA 14 -105.52 39.10 119.97
N ARG IA 15 -105.05 37.91 119.62
CA ARG IA 15 -104.01 37.28 120.43
C ARG IA 15 -102.68 38.01 120.29
N SER IA 16 -102.28 38.31 119.05
CA SER IA 16 -100.98 38.96 118.84
C SER IA 16 -100.95 40.33 119.47
N ALA IA 17 -102.03 41.11 119.34
CA ALA IA 17 -102.10 42.45 119.89
C ALA IA 17 -103.43 42.62 120.62
N GLY IA 18 -103.38 43.21 121.81
CA GLY IA 18 -104.59 43.47 122.57
C GLY IA 18 -105.33 42.25 123.03
N GLN IA 19 -104.62 41.27 123.61
CA GLN IA 19 -105.27 40.08 124.12
C GLN IA 19 -106.24 40.42 125.24
N ASP IA 20 -106.01 41.50 125.95
CA ASP IA 20 -106.90 41.98 126.98
C ASP IA 20 -107.59 43.27 126.51
N SER IA 21 -108.80 43.50 127.05
CA SER IA 21 -109.59 44.69 126.75
C SER IA 21 -109.86 44.82 125.25
N LEU IA 22 -110.31 43.73 124.64
CA LEU IA 22 -110.63 43.73 123.22
C LEU IA 22 -111.61 42.60 122.93
N CYS IA 23 -112.62 42.89 122.13
CA CYS IA 23 -113.67 41.94 121.78
C CYS IA 23 -113.65 41.68 120.28
N GLY IA 24 -113.65 40.40 119.90
CA GLY IA 24 -113.66 40.06 118.50
C GLY IA 24 -114.96 40.43 117.82
N VAL IA 25 -114.88 40.61 116.51
CA VAL IA 25 -116.04 40.95 115.68
C VAL IA 25 -116.70 39.66 115.21
N PRO IA 26 -118.01 39.51 115.37
CA PRO IA 26 -118.64 38.24 115.00
C PRO IA 26 -118.54 37.89 113.52
N ASP IA 27 -118.78 38.85 112.62
CA ASP IA 27 -118.76 38.56 111.20
C ASP IA 27 -118.54 39.83 110.41
N ILE IA 28 -118.18 39.65 109.14
CA ILE IA 28 -117.87 40.79 108.27
C ILE IA 28 -119.09 41.68 108.10
N ASN IA 29 -120.27 41.08 107.95
CA ASN IA 29 -121.48 41.88 107.74
C ASN IA 29 -121.75 42.81 108.91
N SER IA 30 -121.60 42.30 110.13
CA SER IA 30 -121.88 43.09 111.33
C SER IA 30 -120.66 43.84 111.83
N SER IA 31 -119.53 43.74 111.13
CA SER IA 31 -118.33 44.48 111.54
C SER IA 31 -118.58 45.98 111.53
N GLY IA 32 -119.36 46.48 110.58
CA GLY IA 32 -119.57 47.91 110.45
C GLY IA 32 -120.45 48.51 111.53
N ASP IA 33 -121.09 47.69 112.36
CA ASP IA 33 -121.96 48.19 113.42
C ASP IA 33 -121.22 48.38 114.74
N PHE IA 34 -119.91 48.15 114.78
CA PHE IA 34 -119.12 48.28 115.99
C PHE IA 34 -118.10 49.41 115.89
N MET IA 35 -118.45 50.47 115.16
CA MET IA 35 -117.62 51.66 115.10
C MET IA 35 -117.78 52.47 116.38
N PRO IA 36 -116.85 53.39 116.66
CA PRO IA 36 -116.94 54.17 117.90
C PRO IA 36 -118.24 54.95 118.00
N LEU IA 37 -118.69 55.14 119.24
CA LEU IA 37 -119.92 55.85 119.55
C LEU IA 37 -121.15 55.10 119.02
N HIS IA 38 -121.17 53.79 119.28
CA HIS IA 38 -122.31 52.94 118.95
C HIS IA 38 -122.80 52.26 120.21
N ILE IA 39 -124.12 52.08 120.29
CA ILE IA 39 -124.75 51.44 121.45
C ILE IA 39 -124.87 49.94 121.17
N ILE IA 40 -124.51 49.14 122.18
CA ILE IA 40 -124.66 47.68 122.10
C ILE IA 40 -125.35 47.22 123.38
N VAL IA 41 -125.93 46.02 123.31
CA VAL IA 41 -126.67 45.44 124.43
C VAL IA 41 -125.91 44.21 124.91
N LYS IA 42 -125.76 44.10 126.22
CA LYS IA 42 -125.07 42.98 126.85
C LYS IA 42 -126.06 42.17 127.67
N GLU IA 43 -126.06 40.85 127.46
CA GLU IA 43 -126.95 39.93 128.14
C GLU IA 43 -126.12 38.98 128.98
N VAL IA 44 -126.51 38.82 130.26
CA VAL IA 44 -125.78 37.98 131.20
C VAL IA 44 -126.02 36.51 130.86
N PRO IA 45 -125.10 35.60 131.19
CA PRO IA 45 -125.31 34.18 130.86
C PRO IA 45 -126.54 33.58 131.51
N LYS IA 46 -126.90 34.03 132.72
CA LYS IA 46 -128.04 33.58 133.50
C LYS IA 46 -127.87 32.15 134.03
N VAL IA 47 -126.79 31.47 133.69
CA VAL IA 47 -126.55 30.11 134.18
C VAL IA 47 -125.29 30.12 135.03
N LEU IA 48 -124.17 30.50 134.43
CA LEU IA 48 -122.88 30.61 135.12
C LEU IA 48 -122.30 31.98 134.79
N PRO IA 49 -122.84 33.06 135.39
CA PRO IA 49 -122.37 34.40 135.03
C PRO IA 49 -120.89 34.61 135.28
N CYS IA 50 -120.34 34.03 136.34
CA CYS IA 50 -118.91 34.18 136.62
C CYS IA 50 -118.03 33.22 135.85
N CYS IA 51 -118.62 32.25 135.14
CA CYS IA 51 -117.85 31.26 134.39
C CYS IA 51 -118.02 31.38 132.88
N ARG IA 52 -119.03 32.10 132.40
CA ARG IA 52 -119.30 32.21 130.98
C ARG IA 52 -119.32 33.68 130.57
N ARG IA 53 -118.74 33.97 129.41
CA ARG IA 53 -118.73 35.34 128.92
C ARG IA 53 -120.13 35.74 128.43
N PRO IA 54 -120.50 37.00 128.60
CA PRO IA 54 -121.86 37.43 128.23
C PRO IA 54 -122.08 37.46 126.73
N LYS IA 55 -123.30 37.81 126.31
CA LYS IA 55 -123.68 37.85 124.90
C LYS IA 55 -123.85 39.30 124.47
N ILE IA 56 -123.25 39.65 123.35
CA ILE IA 56 -123.23 41.03 122.86
C ILE IA 56 -124.10 41.12 121.60
N LYS IA 57 -125.03 42.07 121.61
CA LYS IA 57 -125.98 42.28 120.53
C LYS IA 57 -125.80 43.68 119.96
N ARG IA 58 -125.69 43.77 118.64
CA ARG IA 58 -125.55 45.06 117.98
C ARG IA 58 -126.91 45.73 117.83
N THR IA 59 -126.90 47.05 117.82
CA THR IA 59 -128.11 47.85 117.64
C THR IA 59 -127.87 48.94 116.62
N PRO IA 60 -128.90 49.35 115.89
CA PRO IA 60 -128.75 50.42 114.89
C PRO IA 60 -128.95 51.82 115.50
N TYR IA 61 -128.14 52.14 116.50
CA TYR IA 61 -128.25 53.40 117.20
C TYR IA 61 -126.86 53.98 117.48
N THR IA 62 -126.80 55.31 117.47
CA THR IA 62 -125.62 56.04 117.93
C THR IA 62 -125.97 56.79 119.21
N LEU IA 63 -124.92 57.36 119.83
CA LEU IA 63 -125.13 58.06 121.09
C LEU IA 63 -126.06 59.26 120.92
N ASN IA 64 -125.86 60.03 119.85
CA ASN IA 64 -126.70 61.21 119.63
C ASN IA 64 -128.16 60.83 119.37
N ASP IA 65 -128.39 59.71 118.68
CA ASP IA 65 -129.75 59.26 118.46
C ASP IA 65 -130.39 58.77 119.76
N ILE IA 66 -129.62 58.02 120.56
CA ILE IA 66 -130.19 57.45 121.78
C ILE IA 66 -130.41 58.52 122.84
N LEU IA 67 -129.67 59.63 122.77
CA LEU IA 67 -129.75 60.69 123.76
C LEU IA 67 -130.61 61.84 123.26
N ASP IA 68 -131.42 62.39 124.17
CA ASP IA 68 -132.16 63.61 123.84
C ASP IA 68 -131.23 64.77 123.57
N GLU IA 69 -130.18 64.91 124.38
CA GLU IA 69 -129.20 65.98 124.21
C GLU IA 69 -128.00 65.46 123.44
N PRO IA 70 -127.63 66.09 122.32
CA PRO IA 70 -126.50 65.59 121.54
C PRO IA 70 -125.17 65.85 122.24
N CYS IA 71 -124.17 65.08 121.82
CA CYS IA 71 -122.81 65.15 122.32
C CYS IA 71 -121.86 65.29 121.15
N PRO IA 72 -120.67 65.86 121.37
CA PRO IA 72 -119.67 65.90 120.30
C PRO IA 72 -119.28 64.50 119.87
N ASN IA 73 -119.04 64.33 118.57
CA ASN IA 73 -118.83 63.02 117.98
C ASN IA 73 -117.62 62.94 117.06
N GLN IA 74 -116.73 63.93 117.09
CA GLN IA 74 -115.56 63.89 116.21
C GLN IA 74 -114.65 62.74 116.59
N LEU IA 75 -113.97 62.18 115.58
CA LEU IA 75 -113.12 61.01 115.76
C LEU IA 75 -111.71 61.30 115.27
N LYS IA 76 -110.81 60.39 115.59
CA LYS IA 76 -109.43 60.44 115.12
C LYS IA 76 -108.88 59.03 115.07
N SER IA 77 -107.91 58.82 114.18
CA SER IA 77 -107.33 57.50 113.97
C SER IA 77 -105.80 57.59 114.00
N SER IA 78 -105.18 56.50 114.44
CA SER IA 78 -103.73 56.42 114.52
C SER IA 78 -103.30 54.97 114.39
N ASP IA 79 -102.07 54.76 113.94
CA ASP IA 79 -101.59 53.40 113.71
C ASP IA 79 -101.49 52.61 115.01
N LEU IA 80 -101.76 51.31 114.92
CA LEU IA 80 -101.72 50.43 116.07
C LEU IA 80 -100.68 49.33 115.93
N VAL IA 81 -100.70 48.57 114.83
CA VAL IA 81 -99.77 47.47 114.61
C VAL IA 81 -99.66 47.25 113.11
N THR IA 82 -98.58 46.59 112.69
CA THR IA 82 -98.29 46.37 111.28
C THR IA 82 -97.75 44.95 111.11
N PHE IA 83 -98.50 44.12 110.38
CA PHE IA 83 -98.07 42.76 110.06
C PHE IA 83 -97.27 42.82 108.76
N THR IA 84 -95.93 42.79 108.89
CA THR IA 84 -95.08 42.95 107.71
C THR IA 84 -95.21 41.77 106.76
N GLU IA 85 -95.37 40.56 107.30
CA GLU IA 85 -95.48 39.37 106.47
C GLU IA 85 -96.72 38.59 106.84
N PRO IA 86 -97.29 37.84 105.89
CA PRO IA 86 -98.53 37.11 106.17
C PRO IA 86 -98.32 36.04 107.24
N LEU IA 87 -99.35 35.87 108.07
CA LEU IA 87 -99.40 34.75 109.00
C LEU IA 87 -99.68 33.47 108.21
N VAL IA 88 -98.73 32.53 108.28
CA VAL IA 88 -98.79 31.30 107.50
C VAL IA 88 -98.84 30.13 108.46
N SER IA 89 -99.78 29.21 108.21
CA SER IA 89 -99.95 28.02 109.03
C SER IA 89 -100.05 26.79 108.14
N ASN IA 90 -99.36 25.72 108.54
CA ASN IA 90 -99.39 24.45 107.81
C ASN IA 90 -99.62 23.32 108.81
N VAL IA 91 -100.53 22.41 108.46
CA VAL IA 91 -100.79 21.20 109.23
C VAL IA 91 -100.80 20.04 108.27
N LYS IA 92 -100.10 18.96 108.62
CA LYS IA 92 -100.02 17.78 107.77
C LYS IA 92 -100.07 16.55 108.65
N ALA IA 93 -101.14 15.77 108.53
CA ALA IA 93 -101.32 14.56 109.31
C ALA IA 93 -101.47 13.36 108.38
N SER IA 94 -100.98 12.20 108.84
CA SER IA 94 -101.10 10.98 108.08
C SER IA 94 -101.07 9.81 109.06
N SER IA 95 -102.02 8.89 108.92
CA SER IA 95 -102.13 7.76 109.84
C SER IA 95 -102.57 6.52 109.08
N SER IA 96 -102.24 5.37 109.65
CA SER IA 96 -102.62 4.08 109.08
C SER IA 96 -102.88 3.09 110.21
N ILE IA 97 -103.89 2.26 110.02
CA ILE IA 97 -104.31 1.26 111.00
C ILE IA 97 -104.43 -0.09 110.30
N GLY IA 98 -103.90 -1.14 110.94
CA GLY IA 98 -104.02 -2.48 110.42
C GLY IA 98 -104.44 -3.47 111.49
N LEU IA 99 -105.59 -4.12 111.30
CA LEU IA 99 -106.13 -5.07 112.26
C LEU IA 99 -106.25 -6.43 111.60
N GLN IA 100 -105.80 -7.47 112.30
CA GLN IA 100 -105.91 -8.83 111.80
C GLN IA 100 -106.39 -9.74 112.94
N ILE IA 101 -107.42 -10.53 112.66
CA ILE IA 101 -107.92 -11.55 113.57
C ILE IA 101 -107.75 -12.89 112.87
N LEU IA 102 -106.69 -13.61 113.24
CA LEU IA 102 -106.37 -14.95 112.73
C LEU IA 102 -106.32 -14.87 111.21
N LYS IA 103 -106.95 -15.80 110.49
CA LYS IA 103 -107.14 -15.69 109.05
C LYS IA 103 -108.59 -15.42 108.70
N HIS IA 104 -109.35 -14.86 109.65
CA HIS IA 104 -110.77 -14.60 109.48
C HIS IA 104 -111.10 -13.13 109.26
N PHE IA 105 -110.35 -12.22 109.85
CA PHE IA 105 -110.61 -10.79 109.69
C PHE IA 105 -109.32 -10.08 109.32
N ASP IA 106 -109.40 -9.15 108.37
CA ASP IA 106 -108.22 -8.38 107.97
C ASP IA 106 -108.68 -7.03 107.44
N SER IA 107 -108.45 -5.97 108.20
CA SER IA 107 -108.84 -4.63 107.82
C SER IA 107 -107.63 -3.71 107.77
N GLY IA 108 -107.54 -2.90 106.73
CA GLY IA 108 -106.50 -1.91 106.61
C GLY IA 108 -107.04 -0.55 106.22
N ALA IA 109 -106.87 0.45 107.08
CA ALA IA 109 -107.36 1.78 106.82
C ALA IA 109 -106.20 2.77 106.85
N LYS IA 110 -106.38 3.89 106.16
CA LYS IA 110 -105.36 4.93 106.15
C LYS IA 110 -106.02 6.25 105.82
N GLY IA 111 -105.45 7.32 106.36
CA GLY IA 111 -105.98 8.65 106.13
C GLY IA 111 -104.86 9.67 106.10
N SER IA 112 -105.12 10.78 105.42
CA SER IA 112 -104.15 11.86 105.34
C SER IA 112 -104.89 13.18 105.19
N LYS IA 113 -104.26 14.25 105.67
CA LYS IA 113 -104.86 15.57 105.64
C LYS IA 113 -103.76 16.62 105.53
N ASN IA 114 -103.99 17.62 104.68
CA ASN IA 114 -103.06 18.73 104.49
C ASN IA 114 -103.86 20.02 104.49
N PHE IA 115 -103.55 20.91 105.42
CA PHE IA 115 -104.31 22.14 105.65
C PHE IA 115 -103.34 23.32 105.65
N ILE IA 116 -103.62 24.33 104.83
CA ILE IA 116 -102.73 25.48 104.68
C ILE IA 116 -103.57 26.75 104.81
N THR IA 117 -103.06 27.71 105.59
CA THR IA 117 -103.75 28.96 105.82
C THR IA 117 -102.77 30.13 105.68
N SER IA 118 -103.24 31.23 105.10
CA SER IA 118 -102.43 32.44 104.97
C SER IA 118 -103.33 33.65 105.16
N ALA IA 119 -102.91 34.55 106.04
CA ALA IA 119 -103.66 35.78 106.32
C ALA IA 119 -102.73 36.98 106.20
N SER IA 120 -103.11 37.94 105.38
CA SER IA 120 -102.34 39.17 105.17
C SER IA 120 -103.25 40.33 105.57
N LEU IA 121 -103.02 40.88 106.76
CA LEU IA 121 -103.82 41.97 107.29
C LEU IA 121 -103.20 43.34 107.04
N GLY IA 122 -101.96 43.40 106.54
CA GLY IA 122 -101.36 44.69 106.26
C GLY IA 122 -101.18 45.51 107.52
N THR IA 123 -101.72 46.72 107.50
CA THR IA 123 -101.64 47.66 108.62
C THR IA 123 -103.00 47.79 109.29
N VAL IA 124 -103.00 47.78 110.61
CA VAL IA 124 -104.22 47.94 111.40
C VAL IA 124 -104.12 49.26 112.17
N VAL IA 125 -105.16 50.08 112.05
CA VAL IA 125 -105.22 51.35 112.74
C VAL IA 125 -106.32 51.29 113.80
N LYS IA 126 -106.31 52.25 114.71
CA LYS IA 126 -107.28 52.37 115.77
C LYS IA 126 -107.97 53.72 115.65
N ALA IA 127 -109.30 53.70 115.73
CA ALA IA 127 -110.13 54.90 115.64
C ALA IA 127 -110.89 55.07 116.93
N GLU IA 128 -110.93 56.32 117.42
CA GLU IA 128 -111.54 56.63 118.70
C GLU IA 128 -111.87 58.11 118.75
N THR IA 129 -112.76 58.46 119.68
CA THR IA 129 -113.14 59.85 119.86
C THR IA 129 -111.94 60.71 120.20
N ILE IA 130 -111.93 61.94 119.70
CA ILE IA 130 -110.82 62.86 119.98
C ILE IA 130 -110.72 63.15 121.47
N ASP IA 131 -111.85 63.40 122.11
CA ASP IA 131 -111.90 63.65 123.55
C ASP IA 131 -113.03 62.82 124.14
N ILE IA 132 -112.69 61.87 125.02
CA ILE IA 132 -113.69 61.02 125.64
C ILE IA 132 -114.25 61.64 126.91
N THR IA 133 -113.47 62.49 127.59
CA THR IA 133 -113.94 63.10 128.82
C THR IA 133 -115.17 63.98 128.58
N LYS IA 134 -115.15 64.77 127.49
CA LYS IA 134 -116.30 65.60 127.16
C LYS IA 134 -117.54 64.75 126.87
N VAL IA 135 -117.35 63.66 126.12
CA VAL IA 135 -118.46 62.77 125.80
C VAL IA 135 -119.04 62.18 127.07
N LEU IA 136 -118.18 61.75 127.98
CA LEU IA 136 -118.65 61.18 129.24
C LEU IA 136 -119.40 62.21 130.06
N ALA IA 137 -118.88 63.43 130.14
CA ALA IA 137 -119.55 64.47 130.91
C ALA IA 137 -120.94 64.75 130.35
N LYS IA 138 -121.02 64.93 129.03
CA LYS IA 138 -122.31 65.20 128.40
C LYS IA 138 -123.28 64.04 128.58
N VAL IA 139 -122.78 62.80 128.49
CA VAL IA 139 -123.66 61.64 128.72
C VAL IA 139 -124.23 61.70 130.12
N ARG IA 140 -123.37 61.94 131.12
CA ARG IA 140 -123.82 61.96 132.50
C ARG IA 140 -124.83 63.07 132.74
N THR IA 141 -124.67 64.21 132.05
CA THR IA 141 -125.60 65.32 132.23
C THR IA 141 -126.77 65.29 131.25
N ALA IA 142 -126.86 64.28 130.38
CA ALA IA 142 -127.89 64.22 129.36
C ALA IA 142 -128.86 63.08 129.63
N LYS IA 143 -130.11 63.27 129.24
CA LYS IA 143 -131.14 62.26 129.38
C LYS IA 143 -131.39 61.51 128.08
N ALA IA 144 -131.75 60.24 128.20
CA ALA IA 144 -132.00 59.41 127.03
C ALA IA 144 -133.32 59.81 126.36
N LYS IA 145 -133.54 59.26 125.16
CA LYS IA 145 -134.74 59.56 124.39
C LYS IA 145 -135.93 58.82 124.98
N VAL IA 146 -136.95 59.57 125.41
CA VAL IA 146 -138.15 58.95 125.98
C VAL IA 146 -138.87 58.11 124.93
N GLU IA 147 -138.90 58.58 123.68
CA GLU IA 147 -139.56 57.84 122.62
C GLU IA 147 -138.93 56.48 122.39
N ASN IA 148 -137.60 56.37 122.53
CA ASN IA 148 -136.91 55.12 122.23
C ASN IA 148 -137.43 53.98 123.09
N ASP IA 149 -137.66 52.83 122.45
CA ASP IA 149 -138.17 51.64 123.12
C ASP IA 149 -137.06 50.78 123.73
N LEU IA 150 -135.91 50.72 123.05
CA LEU IA 150 -134.79 49.92 123.53
C LEU IA 150 -134.37 50.35 124.93
N VAL IA 151 -134.26 51.67 125.16
CA VAL IA 151 -133.86 52.17 126.47
C VAL IA 151 -134.85 51.71 127.54
N SER IA 152 -136.14 51.83 127.25
CA SER IA 152 -137.15 51.41 128.21
C SER IA 152 -137.06 49.92 128.49
N ARG IA 153 -136.86 49.12 127.44
CA ARG IA 153 -136.70 47.68 127.63
C ARG IA 153 -135.52 47.38 128.56
N VAL IA 154 -134.38 47.99 128.29
CA VAL IA 154 -133.19 47.76 129.11
C VAL IA 154 -133.42 48.23 130.55
N MET IA 155 -134.16 49.34 130.72
CA MET IA 155 -134.45 49.84 132.04
C MET IA 155 -135.32 48.87 132.83
N LYS IA 156 -136.36 48.34 132.20
CA LYS IA 156 -137.28 47.45 132.92
C LYS IA 156 -136.65 46.09 133.17
N THR IA 157 -135.82 45.60 132.25
CA THR IA 157 -135.17 44.31 132.44
C THR IA 157 -133.91 44.49 133.29
N LYS IA 158 -133.54 43.41 133.98
CA LYS IA 158 -132.37 43.41 134.84
C LYS IA 158 -131.14 42.77 134.21
N ARG IA 159 -131.33 41.82 133.30
CA ARG IA 159 -130.18 41.18 132.66
C ARG IA 159 -129.53 42.11 131.64
N LEU IA 160 -130.34 42.85 130.88
CA LEU IA 160 -129.81 43.67 129.80
C LEU IA 160 -129.02 44.86 130.35
N CYS IA 161 -127.91 45.16 129.68
CA CYS IA 161 -127.11 46.33 130.00
C CYS IA 161 -126.72 47.04 128.71
N LEU IA 162 -126.45 48.34 128.81
CA LEU IA 162 -126.07 49.13 127.65
C LEU IA 162 -124.57 49.40 127.65
N GLY IA 163 -123.98 49.40 126.47
CA GLY IA 163 -122.56 49.68 126.33
C GLY IA 163 -122.25 50.60 125.17
N LEU IA 164 -121.39 51.59 125.41
CA LEU IA 164 -120.97 52.54 124.39
C LEU IA 164 -119.60 52.15 123.89
N VAL IA 165 -119.47 51.94 122.58
CA VAL IA 165 -118.20 51.56 121.98
C VAL IA 165 -117.31 52.80 121.87
N VAL IA 166 -116.06 52.67 122.31
CA VAL IA 166 -115.18 53.82 122.40
C VAL IA 166 -113.93 53.71 121.53
N GLU IA 167 -113.54 52.52 121.09
CA GLU IA 167 -112.38 52.40 120.22
C GLU IA 167 -112.55 51.18 119.32
N THR IA 168 -112.05 51.28 118.09
CA THR IA 168 -112.22 50.22 117.12
C THR IA 168 -110.95 50.04 116.31
N ALA IA 169 -110.60 48.79 116.04
CA ALA IA 169 -109.44 48.45 115.23
C ALA IA 169 -109.90 48.08 113.83
N CYS IA 170 -109.37 48.77 112.82
CA CYS IA 170 -109.79 48.61 111.43
C CYS IA 170 -108.58 48.47 110.52
N VAL IA 171 -108.73 47.68 109.47
CA VAL IA 171 -107.64 47.49 108.51
C VAL IA 171 -107.54 48.73 107.63
N ALA IA 172 -106.32 49.24 107.47
CA ALA IA 172 -106.12 50.42 106.63
C ALA IA 172 -106.29 50.11 105.16
N ALA IA 173 -105.81 48.94 104.73
CA ALA IA 173 -105.88 48.53 103.33
C ALA IA 173 -106.58 47.19 103.23
N ALA IA 174 -106.69 46.69 102.00
CA ALA IA 174 -107.37 45.42 101.77
C ALA IA 174 -106.62 44.27 102.42
N GLY IA 175 -107.37 43.34 103.00
CA GLY IA 175 -106.79 42.17 103.66
C GLY IA 175 -107.14 40.90 102.92
N LYS IA 176 -106.16 40.01 102.77
CA LYS IA 176 -106.31 38.80 101.98
C LYS IA 176 -106.27 37.56 102.86
N LEU IA 177 -107.26 36.69 102.69
CA LEU IA 177 -107.34 35.45 103.47
C LEU IA 177 -107.47 34.28 102.52
N THR IA 178 -106.52 33.32 102.62
CA THR IA 178 -106.48 32.17 101.74
C THR IA 178 -106.40 30.88 102.56
N GLU IA 179 -107.15 29.87 102.13
CA GLU IA 179 -107.21 28.58 102.81
C GLU IA 179 -107.25 27.47 101.78
N ALA IA 180 -106.48 26.41 102.01
CA ALA IA 180 -106.45 25.23 101.15
C ALA IA 180 -106.53 23.97 102.00
N ASP IA 181 -107.37 23.03 101.57
CA ASP IA 181 -107.59 21.79 102.28
C ASP IA 181 -107.53 20.63 101.30
N ASN IA 182 -106.82 19.56 101.66
CA ASN IA 182 -106.76 18.35 100.85
C ASN IA 182 -106.71 17.16 101.78
N TRP IA 183 -107.76 16.36 101.83
CA TRP IA 183 -107.73 15.18 102.71
C TRP IA 183 -108.24 13.95 101.97
N GLU IA 184 -107.81 12.79 102.44
CA GLU IA 184 -108.02 11.54 101.72
C GLU IA 184 -108.17 10.39 102.71
N ILE IA 185 -109.08 9.46 102.40
CA ILE IA 185 -109.34 8.28 103.19
C ILE IA 185 -109.34 7.06 102.27
N SER IA 186 -108.62 6.01 102.67
CA SER IA 186 -108.60 4.76 101.92
C SER IA 186 -108.75 3.60 102.90
N GLY IA 187 -109.82 2.82 102.75
CA GLY IA 187 -110.08 1.72 103.66
C GLY IA 187 -110.35 0.44 102.90
N HIS IA 188 -110.02 -0.68 103.55
CA HIS IA 188 -110.18 -2.00 102.97
C HIS IA 188 -110.54 -2.99 104.06
N THR IA 189 -111.46 -3.90 103.76
CA THR IA 189 -111.95 -4.89 104.71
C THR IA 189 -112.03 -6.25 104.04
N ASN IA 190 -111.57 -7.29 104.71
CA ASN IA 190 -111.62 -8.65 104.21
C ASN IA 190 -112.10 -9.56 105.33
N ALA IA 191 -113.32 -10.08 105.18
CA ALA IA 191 -113.90 -11.01 106.13
C ALA IA 191 -113.94 -12.38 105.45
N ASN IA 192 -113.05 -13.27 105.87
CA ASN IA 192 -112.97 -14.62 105.33
C ASN IA 192 -113.58 -15.59 106.32
N ILE IA 193 -114.59 -16.33 105.87
CA ILE IA 193 -115.26 -17.35 106.67
C ILE IA 193 -115.26 -18.64 105.86
N GLY IA 194 -115.51 -19.75 106.56
CA GLY IA 194 -115.47 -21.05 105.90
C GLY IA 194 -116.41 -21.16 104.71
N GLU IA 195 -117.56 -20.49 104.77
CA GLU IA 195 -118.52 -20.52 103.68
C GLU IA 195 -118.84 -19.14 103.11
N ALA IA 196 -118.09 -18.11 103.51
CA ALA IA 196 -118.36 -16.76 103.02
C ALA IA 196 -117.06 -15.99 102.93
N VAL IA 197 -116.92 -15.21 101.85
CA VAL IA 197 -115.77 -14.33 101.64
C VAL IA 197 -116.30 -12.97 101.23
N VAL IA 198 -115.95 -11.93 101.99
CA VAL IA 198 -116.38 -10.57 101.72
C VAL IA 198 -115.12 -9.70 101.59
N THR IA 199 -115.03 -8.94 100.51
CA THR IA 199 -113.90 -8.04 100.25
C THR IA 199 -114.44 -6.68 99.84
N ALA IA 200 -114.33 -5.70 100.73
CA ALA IA 200 -114.83 -4.36 100.49
C ALA IA 200 -113.67 -3.37 100.47
N THR IA 201 -113.81 -2.33 99.65
CA THR IA 201 -112.79 -1.30 99.51
C THR IA 201 -113.46 0.03 99.24
N ALA IA 202 -112.95 1.10 99.83
CA ALA IA 202 -113.51 2.42 99.64
C ALA IA 202 -112.41 3.48 99.68
N GLU IA 203 -112.35 4.31 98.65
CA GLU IA 203 -111.39 5.41 98.57
C GLU IA 203 -112.12 6.70 98.28
N LEU IA 204 -111.73 7.77 98.97
CA LEU IA 204 -112.28 9.09 98.67
C LEU IA 204 -111.27 10.16 99.05
N ASP IA 205 -111.44 11.33 98.45
CA ASP IA 205 -110.55 12.46 98.73
C ASP IA 205 -111.24 13.74 98.34
N LYS IA 206 -111.13 14.75 99.20
CA LYS IA 206 -111.76 16.04 98.99
C LYS IA 206 -110.70 17.14 98.97
N ASN IA 207 -110.88 18.09 98.05
CA ASN IA 207 -109.99 19.23 97.90
C ASN IA 207 -110.82 20.50 97.87
N LEU IA 208 -110.44 21.48 98.69
CA LEU IA 208 -111.14 22.76 98.78
C LEU IA 208 -110.12 23.90 98.79
N SER IA 209 -110.55 25.06 98.30
CA SER IA 209 -109.71 26.25 98.32
C SER IA 209 -110.62 27.48 98.36
N ARG IA 210 -110.42 28.34 99.36
CA ARG IA 210 -111.22 29.54 99.53
C ARG IA 210 -110.30 30.74 99.68
N LYS IA 211 -110.52 31.78 98.87
CA LYS IA 211 -109.70 32.98 98.90
C LYS IA 211 -110.60 34.20 98.87
N ILE IA 212 -110.51 35.05 99.88
CA ILE IA 212 -111.34 36.25 99.98
C ILE IA 212 -110.46 37.45 100.30
N GLU IA 213 -111.04 38.64 100.14
CA GLU IA 213 -110.34 39.90 100.37
C GLU IA 213 -111.30 40.90 101.00
N ILE IA 214 -111.10 41.18 102.27
CA ILE IA 214 -111.89 42.20 102.97
C ILE IA 214 -111.43 43.59 102.55
N PRO IA 215 -112.34 44.53 102.37
CA PRO IA 215 -111.96 45.86 101.88
C PRO IA 215 -111.44 46.73 103.00
N PRO IA 216 -110.80 47.85 102.68
CA PRO IA 216 -110.33 48.77 103.73
C PRO IA 216 -111.49 49.30 104.56
N GLY IA 217 -111.22 49.49 105.85
CA GLY IA 217 -112.20 50.00 106.79
C GLY IA 217 -112.96 48.96 107.57
N THR IA 218 -112.79 47.68 107.25
CA THR IA 218 -113.48 46.63 107.98
C THR IA 218 -113.01 46.57 109.42
N ALA IA 219 -113.95 46.58 110.36
CA ALA IA 219 -113.61 46.53 111.77
C ALA IA 219 -113.18 45.12 112.17
N LEU IA 220 -112.24 45.04 113.10
CA LEU IA 220 -111.74 43.77 113.60
C LEU IA 220 -112.07 43.53 115.07
N ALA IA 221 -111.93 44.53 115.92
CA ALA IA 221 -112.17 44.37 117.35
C ALA IA 221 -112.54 45.71 117.95
N TYR IA 222 -113.07 45.67 119.16
CA TYR IA 222 -113.59 46.88 119.79
C TYR IA 222 -113.55 46.73 121.30
N SER IA 223 -113.68 47.87 121.99
CA SER IA 223 -113.82 47.92 123.43
C SER IA 223 -114.93 48.90 123.77
N PHE IA 224 -115.63 48.64 124.87
CA PHE IA 224 -116.81 49.44 125.21
C PHE IA 224 -116.86 49.71 126.70
N MET IA 225 -117.63 50.74 127.06
CA MET IA 225 -117.83 51.15 128.44
C MET IA 225 -119.30 50.98 128.81
N ASP IA 226 -119.55 50.49 130.02
CA ASP IA 226 -120.91 50.19 130.44
C ASP IA 226 -121.67 51.47 130.80
N LEU IA 227 -123.00 51.36 130.79
CA LEU IA 227 -123.90 52.46 131.13
C LEU IA 227 -125.00 51.94 132.04
N GLU IA 228 -125.77 52.88 132.59
CA GLU IA 228 -126.86 52.55 133.50
C GLU IA 228 -127.95 53.59 133.37
N ILE IA 229 -129.18 53.12 133.14
CA ILE IA 229 -130.34 54.00 133.03
C ILE IA 229 -130.84 54.32 134.43
N LEU IA 230 -130.94 55.62 134.76
CA LEU IA 230 -131.54 56.02 136.02
C LEU IA 230 -133.05 55.77 135.97
N GLU IA 231 -133.72 56.08 137.09
CA GLU IA 231 -135.18 56.05 137.11
C GLU IA 231 -135.75 56.93 136.01
N ASP IA 232 -135.22 58.14 135.88
CA ASP IA 232 -135.56 59.02 134.77
C ASP IA 232 -134.80 58.58 133.51
N ARG IA 233 -134.95 59.36 132.44
CA ARG IA 233 -134.20 59.09 131.22
C ARG IA 233 -132.70 59.36 131.35
N SER IA 234 -132.27 59.92 132.48
CA SER IA 234 -130.85 60.21 132.69
C SER IA 234 -130.01 58.94 132.61
N LEU IA 235 -128.78 59.11 132.12
CA LEU IA 235 -127.83 58.01 131.99
C LEU IA 235 -126.61 58.26 132.86
N ARG IA 236 -126.03 57.18 133.38
CA ARG IA 236 -124.84 57.24 134.20
C ARG IA 236 -123.83 56.21 133.71
N VAL IA 237 -122.57 56.43 134.05
CA VAL IA 237 -121.52 55.49 133.68
C VAL IA 237 -121.20 54.63 134.89
N SER IA 238 -120.92 53.35 134.65
CA SER IA 238 -120.68 52.39 135.71
C SER IA 238 -119.33 51.71 135.51
N SER IA 239 -118.60 51.51 136.60
CA SER IA 239 -117.27 50.92 136.55
C SER IA 239 -117.20 49.75 137.52
N SER IA 240 -116.98 48.55 136.98
CA SER IA 240 -116.75 47.37 137.80
C SER IA 240 -115.32 47.40 138.32
N ALA IA 241 -115.17 47.68 139.61
CA ALA IA 241 -113.86 47.83 140.25
C ALA IA 241 -113.04 48.92 139.57
N GLY IA 242 -113.71 49.95 139.05
CA GLY IA 242 -113.03 51.06 138.41
C GLY IA 242 -112.42 50.74 137.06
N ALA IA 243 -112.84 49.66 136.41
CA ALA IA 243 -112.25 49.29 135.14
C ALA IA 243 -112.57 50.32 134.05
N MET IA 244 -113.85 50.65 133.89
CA MET IA 244 -114.34 51.55 132.83
C MET IA 244 -113.94 51.08 131.44
N PHE IA 245 -113.57 49.80 131.29
CA PHE IA 245 -113.23 49.24 129.99
C PHE IA 245 -113.63 47.77 130.03
N ASP IA 246 -114.78 47.46 129.45
CA ASP IA 246 -115.32 46.10 129.51
C ASP IA 246 -114.97 45.36 128.22
N SER IA 247 -114.43 44.16 128.37
CA SER IA 247 -114.06 43.32 127.24
C SER IA 247 -114.98 42.12 127.08
N GLY IA 248 -116.18 42.17 127.68
CA GLY IA 248 -117.09 41.04 127.63
C GLY IA 248 -116.53 39.80 128.30
N LYS IA 249 -115.84 39.98 129.43
CA LYS IA 249 -115.22 38.88 130.16
C LYS IA 249 -116.07 38.52 131.38
N ALA IA 250 -115.99 37.25 131.77
CA ALA IA 250 -116.69 36.80 132.95
C ALA IA 250 -116.09 37.42 134.20
N GLU IA 251 -116.93 37.60 135.22
CA GLU IA 251 -116.47 38.21 136.47
C GLU IA 251 -115.40 37.36 137.14
N SER IA 252 -115.57 36.04 137.14
CA SER IA 252 -114.62 35.10 137.72
C SER IA 252 -114.34 35.42 139.19
CA ARG JA 3 -96.97 33.68 125.14
C ARG JA 3 -96.87 34.69 123.99
N PRO JA 4 -97.61 35.79 124.11
CA PRO JA 4 -97.56 36.82 123.07
C PRO JA 4 -96.17 37.39 122.91
N MET JA 5 -95.80 37.69 121.65
CA MET JA 5 -94.49 38.23 121.37
C MET JA 5 -94.30 39.57 122.05
N PHE JA 6 -95.33 40.41 122.06
CA PHE JA 6 -95.21 41.71 122.73
C PHE JA 6 -94.93 41.53 124.22
N ALA JA 7 -95.62 40.60 124.88
CA ALA JA 7 -95.38 40.36 126.29
C ALA JA 7 -93.98 39.82 126.52
N VAL JA 8 -93.51 38.91 125.66
CA VAL JA 8 -92.16 38.38 125.80
C VAL JA 8 -91.13 39.48 125.65
N ALA JA 9 -91.29 40.34 124.64
CA ALA JA 9 -90.35 41.43 124.44
C ALA JA 9 -90.38 42.42 125.60
N VAL JA 10 -91.56 42.69 126.14
CA VAL JA 10 -91.66 43.59 127.29
C VAL JA 10 -90.93 43.00 128.48
N ASN JA 11 -91.10 41.70 128.72
CA ASN JA 11 -90.38 41.06 129.82
C ASN JA 11 -88.87 41.10 129.61
N GLU JA 12 -88.42 40.85 128.38
CA GLU JA 12 -87.00 40.91 128.10
C GLU JA 12 -86.44 42.31 128.35
N PHE JA 13 -87.15 43.33 127.89
CA PHE JA 13 -86.70 44.70 128.09
C PHE JA 13 -86.67 45.06 129.57
N ILE JA 14 -87.72 44.71 130.31
CA ILE JA 14 -87.79 45.08 131.72
C ILE JA 14 -86.73 44.33 132.53
N ARG JA 15 -86.38 43.12 132.11
CA ARG JA 15 -85.29 42.41 132.78
C ARG JA 15 -83.95 43.06 132.48
N SER JA 16 -83.69 43.35 131.20
CA SER JA 16 -82.40 43.92 130.83
C SER JA 16 -82.19 45.28 131.46
N ALA JA 17 -83.22 46.12 131.46
CA ALA JA 17 -83.14 47.46 132.03
C ALA JA 17 -84.35 47.70 132.92
N GLY JA 18 -84.12 48.28 134.10
CA GLY JA 18 -85.19 48.61 135.00
C GLY JA 18 -85.95 47.42 135.54
N GLN JA 19 -85.22 46.40 136.03
CA GLN JA 19 -85.89 45.24 136.61
C GLN JA 19 -86.69 45.63 137.85
N ASP JA 20 -86.30 46.69 138.53
CA ASP JA 20 -87.02 47.22 139.67
C ASP JA 20 -87.68 48.55 139.30
N SER JA 21 -88.78 48.84 139.98
CA SER JA 21 -89.54 50.09 139.78
C SER JA 21 -89.99 50.25 138.33
N LEU JA 22 -90.59 49.20 137.79
CA LEU JA 22 -91.08 49.23 136.41
C LEU JA 22 -92.15 48.18 136.26
N CYS JA 23 -93.25 48.54 135.58
CA CYS JA 23 -94.39 47.66 135.37
C CYS JA 23 -94.57 47.42 133.88
N GLY JA 24 -94.70 46.15 133.50
CA GLY JA 24 -94.91 45.82 132.11
C GLY JA 24 -96.27 46.28 131.60
N VAL JA 25 -96.34 46.48 130.29
CA VAL JA 25 -97.57 46.90 129.62
C VAL JA 25 -98.35 45.65 129.22
N PRO JA 26 -99.65 45.58 129.55
CA PRO JA 26 -100.40 44.35 129.26
C PRO JA 26 -100.51 44.02 127.78
N ASP JA 27 -100.79 45.01 126.93
CA ASP JA 27 -100.99 44.73 125.51
C ASP JA 27 -100.77 46.00 124.70
N ILE JA 28 -100.60 45.81 123.40
CA ILE JA 28 -100.32 46.93 122.50
C ILE JA 28 -101.50 47.91 122.49
N ASN JA 29 -102.72 47.39 122.50
CA ASN JA 29 -103.90 48.25 122.43
C ASN JA 29 -103.96 49.19 123.64
N SER JA 30 -103.69 48.66 124.83
CA SER JA 30 -103.76 49.45 126.05
C SER JA 30 -102.43 50.12 126.39
N SER JA 31 -101.41 49.95 125.56
CA SER JA 31 -100.13 50.61 125.81
C SER JA 31 -100.27 52.12 125.84
N GLY JA 32 -101.15 52.68 124.99
CA GLY JA 32 -101.28 54.13 124.91
C GLY JA 32 -101.97 54.77 126.09
N ASP JA 33 -102.56 53.98 126.99
CA ASP JA 33 -103.24 54.52 128.15
C ASP JA 33 -102.33 54.65 129.37
N PHE JA 34 -101.04 54.34 129.23
CA PHE JA 34 -100.10 54.40 130.34
C PHE JA 34 -99.03 55.47 130.11
N MET JA 35 -99.40 56.55 129.44
CA MET JA 35 -98.51 57.69 129.28
C MET JA 35 -98.46 58.49 130.57
N PRO JA 36 -97.45 59.35 130.73
CA PRO JA 36 -97.32 60.11 131.98
C PRO JA 36 -98.54 60.98 132.24
N LEU JA 37 -98.82 61.19 133.54
CA LEU JA 37 -99.96 61.97 134.00
C LEU JA 37 -101.29 61.30 133.63
N HIS JA 38 -101.36 59.99 133.88
CA HIS JA 38 -102.58 59.22 133.70
C HIS JA 38 -102.96 58.56 135.01
N ILE JA 39 -104.26 58.46 135.26
CA ILE JA 39 -104.79 57.85 136.48
C ILE JA 39 -105.03 56.36 136.22
N ILE JA 40 -104.60 55.53 137.17
CA ILE JA 40 -104.85 54.09 137.11
C ILE JA 40 -105.40 53.66 138.46
N VAL JA 41 -106.06 52.50 138.46
CA VAL JA 41 -106.68 51.95 139.66
C VAL JA 41 -105.95 50.67 140.04
N LYS JA 42 -105.64 50.54 141.33
CA LYS JA 42 -104.96 49.36 141.85
C LYS JA 42 -105.89 48.61 142.78
N GLU JA 43 -106.00 47.30 142.58
CA GLU JA 43 -106.85 46.42 143.37
C GLU JA 43 -105.98 45.42 144.10
N VAL JA 44 -106.22 45.27 145.39
CA VAL JA 44 -105.44 44.37 146.24
C VAL JA 44 -105.81 42.92 145.92
N PRO JA 45 -104.91 41.95 146.13
CA PRO JA 45 -105.25 40.56 145.84
C PRO JA 45 -106.43 40.03 146.63
N LYS JA 46 -106.61 40.48 147.87
CA LYS JA 46 -107.67 40.09 148.80
C LYS JA 46 -107.53 38.65 149.29
N VAL JA 47 -106.54 37.90 148.81
CA VAL JA 47 -106.33 36.53 149.27
C VAL JA 47 -104.97 36.44 149.95
N LEU JA 48 -103.91 36.76 149.21
CA LEU JA 48 -102.54 36.79 149.74
C LEU JA 48 -101.93 38.12 149.34
N PRO JA 49 -102.31 39.22 150.01
CA PRO JA 49 -101.81 40.53 149.59
C PRO JA 49 -100.29 40.65 149.65
N CYS JA 50 -99.64 40.02 150.63
CA CYS JA 50 -98.20 40.08 150.74
C CYS JA 50 -97.49 39.07 149.84
N CYS JA 51 -98.22 38.15 149.22
CA CYS JA 51 -97.61 37.13 148.38
C CYS JA 51 -97.96 37.27 146.90
N ARG JA 52 -98.97 38.06 146.55
CA ARG JA 52 -99.42 38.21 145.18
C ARG JA 52 -99.39 39.67 144.79
N ARG JA 53 -98.95 39.95 143.56
CA ARG JA 53 -98.91 41.32 143.07
C ARG JA 53 -100.33 41.81 142.77
N PRO JA 54 -100.60 43.09 142.99
CA PRO JA 54 -101.97 43.61 142.79
C PRO JA 54 -102.37 43.67 141.33
N LYS JA 55 -103.61 44.09 141.07
CA LYS JA 55 -104.16 44.18 139.73
C LYS JA 55 -104.28 45.64 139.32
N ILE JA 56 -103.81 45.97 138.13
CA ILE JA 56 -103.78 47.35 137.65
C ILE JA 56 -104.78 47.51 136.51
N LYS JA 57 -105.64 48.52 136.65
CA LYS JA 57 -106.71 48.80 135.69
C LYS JA 57 -106.50 50.19 135.12
N ARG JA 58 -106.56 50.29 133.79
CA ARG JA 58 -106.42 51.58 133.12
C ARG JA 58 -107.74 52.33 133.15
N THR JA 59 -107.65 53.65 133.13
CA THR JA 59 -108.82 54.52 133.12
C THR JA 59 -108.64 55.61 132.08
N PRO JA 60 -109.73 56.09 131.49
CA PRO JA 60 -109.63 57.16 130.48
C PRO JA 60 -109.66 58.56 131.12
N TYR JA 61 -108.71 58.82 132.01
CA TYR JA 61 -108.65 60.08 132.72
C TYR JA 61 -107.21 60.56 132.81
N THR JA 62 -107.06 61.88 132.81
CA THR JA 62 -105.80 62.54 133.11
C THR JA 62 -105.92 63.29 134.43
N LEU JA 63 -104.78 63.79 134.91
CA LEU JA 63 -104.77 64.49 136.19
C LEU JA 63 -105.64 65.74 136.15
N ASN JA 64 -105.54 66.51 135.06
CA ASN JA 64 -106.31 67.75 134.96
C ASN JA 64 -107.81 67.46 134.89
N ASP JA 65 -108.19 66.36 134.22
CA ASP JA 65 -109.61 66.01 134.18
C ASP JA 65 -110.10 65.54 135.55
N ILE JA 66 -109.30 64.73 136.24
CA ILE JA 66 -109.74 64.19 137.52
C ILE JA 66 -109.76 65.26 138.60
N LEU JA 67 -108.96 66.32 138.43
CA LEU JA 67 -108.85 67.37 139.44
C LEU JA 67 -109.68 68.58 139.06
N ASP JA 68 -110.34 69.17 140.06
CA ASP JA 68 -111.04 70.43 139.84
C ASP JA 68 -110.06 71.54 139.45
N GLU JA 69 -108.91 71.60 140.13
CA GLU JA 69 -107.90 72.61 139.84
C GLU JA 69 -106.85 72.02 138.91
N PRO JA 70 -106.59 72.64 137.76
CA PRO JA 70 -105.59 72.08 136.84
C PRO JA 70 -104.17 72.24 137.36
N CYS JA 71 -103.28 71.42 136.82
CA CYS JA 71 -101.86 71.40 137.14
C CYS JA 71 -101.06 71.49 135.86
N PRO JA 72 -99.82 71.98 135.93
CA PRO JA 72 -98.96 71.97 134.74
C PRO JA 72 -98.73 70.55 134.26
N ASN JA 73 -98.66 70.38 132.94
CA ASN JA 73 -98.62 69.07 132.33
C ASN JA 73 -97.54 68.93 131.26
N GLN JA 74 -96.60 69.86 131.17
CA GLN JA 74 -95.55 69.75 130.15
C GLN JA 74 -94.67 68.54 130.41
N LEU JA 75 -94.16 67.95 129.32
CA LEU JA 75 -93.38 66.73 129.39
C LEU JA 75 -92.02 66.93 128.72
N LYS JA 76 -91.15 65.96 128.92
CA LYS JA 76 -89.84 65.93 128.29
C LYS JA 76 -89.39 64.49 128.16
N SER JA 77 -88.55 64.22 127.16
CA SER JA 77 -88.09 62.88 126.87
C SER JA 77 -86.58 62.87 126.70
N SER JA 78 -85.97 61.74 127.06
CA SER JA 78 -84.53 61.56 126.94
C SER JA 78 -84.23 60.09 126.77
N ASP JA 79 -83.06 59.80 126.16
CA ASP JA 79 -82.71 58.42 125.87
C ASP JA 79 -82.50 57.62 127.14
N LEU JA 80 -82.86 56.34 127.08
CA LEU JA 80 -82.73 55.44 128.22
C LEU JA 80 -81.79 54.28 127.94
N VAL JA 81 -82.00 53.53 126.86
CA VAL JA 81 -81.18 52.38 126.51
C VAL JA 81 -81.27 52.16 125.00
N THR JA 82 -80.30 51.45 124.46
CA THR JA 82 -80.20 51.22 123.02
C THR JA 82 -79.79 49.78 122.77
N PHE JA 83 -80.67 49.00 122.14
CA PHE JA 83 -80.38 47.63 121.76
C PHE JA 83 -79.74 47.64 120.37
N THR JA 84 -78.41 47.53 120.33
CA THR JA 84 -77.69 47.65 119.06
C THR JA 84 -78.03 46.49 118.13
N GLU JA 85 -78.19 45.28 118.67
CA GLU JA 85 -78.47 44.12 117.87
C GLU JA 85 -79.71 43.41 118.39
N PRO JA 86 -80.45 42.71 117.51
CA PRO JA 86 -81.69 42.06 117.95
C PRO JA 86 -81.42 40.97 118.98
N LEU JA 87 -82.34 40.85 119.93
CA LEU JA 87 -82.35 39.73 120.86
C LEU JA 87 -82.79 38.48 120.11
N VAL JA 88 -81.92 37.48 120.04
CA VAL JA 88 -82.14 36.26 119.27
C VAL JA 88 -82.16 35.09 120.23
N SER JA 89 -83.17 34.23 120.10
CA SER JA 89 -83.31 33.04 120.93
C SER JA 89 -83.61 31.83 120.06
N ASN JA 90 -82.94 30.72 120.37
CA ASN JA 90 -83.14 29.47 119.65
C ASN JA 90 -83.32 28.34 120.65
N VAL JA 91 -84.32 27.50 120.42
CA VAL JA 91 -84.56 26.30 121.22
C VAL JA 91 -84.76 25.14 120.26
N LYS JA 92 -84.11 24.02 120.52
CA LYS JA 92 -84.21 22.85 119.66
C LYS JA 92 -84.22 21.61 120.53
N ALA JA 93 -85.35 20.90 120.54
CA ALA JA 93 -85.51 19.70 121.34
C ALA JA 93 -85.84 18.52 120.44
N SER JA 94 -85.38 17.33 120.83
CA SER JA 94 -85.67 16.12 120.08
C SER JA 94 -85.58 14.94 121.04
N SER JA 95 -86.61 14.09 121.03
CA SER JA 95 -86.68 12.96 121.95
C SER JA 95 -87.28 11.75 121.24
N SER JA 96 -86.96 10.58 121.77
CA SER JA 96 -87.49 9.32 121.25
C SER JA 96 -87.67 8.34 122.39
N ILE JA 97 -88.75 7.57 122.32
CA ILE JA 97 -89.10 6.60 123.34
C ILE JA 97 -89.39 5.26 122.67
N GLY JA 98 -88.86 4.18 123.23
CA GLY JA 98 -89.14 2.85 122.72
C GLY JA 98 -89.48 1.88 123.84
N LEU JA 99 -90.69 1.31 123.79
CA LEU JA 99 -91.16 0.38 124.81
C LEU JA 99 -91.45 -0.96 124.17
N GLN JA 100 -90.97 -2.04 124.80
CA GLN JA 100 -91.24 -3.38 124.33
C GLN JA 100 -91.62 -4.27 125.50
N ILE JA 101 -92.73 -4.99 125.35
CA ILE JA 101 -93.17 -5.98 126.33
C ILE JA 101 -93.18 -7.32 125.60
N LEU JA 102 -92.13 -8.11 125.82
CA LEU JA 102 -91.97 -9.46 125.27
C LEU JA 102 -92.11 -9.38 123.76
N LYS JA 103 -92.88 -10.26 123.12
CA LYS JA 103 -93.24 -10.12 121.71
C LYS JA 103 -94.72 -9.75 121.56
N HIS JA 104 -95.31 -9.16 122.60
CA HIS JA 104 -96.71 -8.81 122.60
C HIS JA 104 -96.97 -7.32 122.44
N PHE JA 105 -96.10 -6.45 122.94
CA PHE JA 105 -96.29 -5.02 122.81
C PHE JA 105 -95.01 -4.38 122.29
N ASP JA 106 -95.14 -3.44 121.35
CA ASP JA 106 -93.98 -2.74 120.81
C ASP JA 106 -94.42 -1.36 120.34
N SER JA 107 -94.02 -0.32 121.09
CA SER JA 107 -94.37 1.05 120.75
C SER JA 107 -93.12 1.88 120.56
N GLY JA 108 -93.11 2.70 119.51
CA GLY JA 108 -92.02 3.62 119.27
C GLY JA 108 -92.54 5.02 118.95
N ALA JA 109 -92.18 5.99 119.78
CA ALA JA 109 -92.62 7.36 119.60
C ALA JA 109 -91.41 8.27 119.48
N LYS JA 110 -91.60 9.41 118.83
CA LYS JA 110 -90.52 10.38 118.70
C LYS JA 110 -91.13 11.75 118.44
N GLY JA 111 -90.43 12.78 118.92
CA GLY JA 111 -90.90 14.13 118.76
C GLY JA 111 -89.73 15.08 118.60
N SER JA 112 -90.00 16.21 117.94
CA SER JA 112 -88.98 17.23 117.75
C SER JA 112 -89.65 18.60 117.70
N LYS JA 113 -88.90 19.62 118.10
CA LYS JA 113 -89.40 20.98 118.16
C LYS JA 113 -88.27 21.95 117.91
N ASN JA 114 -88.54 22.97 117.10
CA ASN JA 114 -87.57 24.03 116.80
C ASN JA 114 -88.29 25.37 116.89
N PHE JA 115 -87.79 26.23 117.79
CA PHE JA 115 -88.43 27.49 118.12
C PHE JA 115 -87.40 28.61 118.00
N ILE JA 116 -87.72 29.64 117.21
CA ILE JA 116 -86.79 30.74 116.96
C ILE JA 116 -87.51 32.06 117.21
N THR JA 117 -86.85 32.97 117.91
CA THR JA 117 -87.42 34.27 118.24
C THR JA 117 -86.39 35.36 117.97
N SER JA 118 -86.85 36.50 117.46
CA SER JA 118 -86.00 37.66 117.23
C SER JA 118 -86.79 38.93 117.54
N ALA JA 119 -86.20 39.79 118.37
CA ALA JA 119 -86.83 41.05 118.74
C ALA JA 119 -85.85 42.20 118.51
N SER JA 120 -86.27 43.19 117.74
CA SER JA 120 -85.46 44.37 117.44
C SER JA 120 -86.22 45.58 117.95
N LEU JA 121 -85.82 46.10 119.11
CA LEU JA 121 -86.46 47.24 119.74
C LEU JA 121 -85.80 48.56 119.43
N GLY JA 122 -84.64 48.55 118.77
CA GLY JA 122 -83.98 49.80 118.42
C GLY JA 122 -83.60 50.60 119.65
N THR JA 123 -84.06 51.84 119.70
CA THR JA 123 -83.77 52.76 120.80
C THR JA 123 -85.02 52.96 121.64
N VAL JA 124 -84.86 52.94 122.95
CA VAL JA 124 -85.95 53.17 123.90
C VAL JA 124 -85.68 54.47 124.64
N VAL JA 125 -86.67 55.36 124.67
CA VAL JA 125 -86.56 56.62 125.36
C VAL JA 125 -87.51 56.61 126.55
N LYS JA 126 -87.32 57.56 127.45
CA LYS JA 126 -88.16 57.73 128.63
C LYS JA 126 -88.76 59.13 128.61
N ALA JA 127 -90.07 59.19 128.84
CA ALA JA 127 -90.82 60.44 128.87
C ALA JA 127 -91.40 60.65 130.25
N GLU JA 128 -91.29 61.89 130.75
CA GLU JA 128 -91.72 62.22 132.10
C GLU JA 128 -91.95 63.72 132.19
N THR JA 129 -92.68 64.12 133.23
CA THR JA 129 -92.96 65.53 133.46
C THR JA 129 -91.66 66.31 133.65
N ILE JA 130 -91.64 67.54 133.15
CA ILE JA 130 -90.44 68.37 133.28
C ILE JA 130 -90.14 68.64 134.75
N ASP JA 131 -91.16 68.96 135.54
CA ASP JA 131 -91.01 69.19 136.97
C ASP JA 131 -92.12 68.43 137.70
N ILE JA 132 -91.72 67.46 138.52
CA ILE JA 132 -92.69 66.66 139.26
C ILE JA 132 -93.05 67.30 140.60
N THR JA 133 -92.14 68.09 141.17
CA THR JA 133 -92.40 68.72 142.46
C THR JA 133 -93.59 69.68 142.38
N LYS JA 134 -93.66 70.47 141.30
CA LYS JA 134 -94.78 71.38 141.12
C LYS JA 134 -96.10 70.61 140.99
N VAL JA 135 -96.09 69.52 140.21
CA VAL JA 135 -97.28 68.71 140.03
C VAL JA 135 -97.73 68.14 141.37
N LEU JA 136 -96.78 67.64 142.16
CA LEU JA 136 -97.13 67.09 143.46
C LEU JA 136 -97.71 68.16 144.38
N ALA JA 137 -97.09 69.34 144.40
CA ALA JA 137 -97.60 70.42 145.25
C ALA JA 137 -99.03 70.79 144.87
N LYS JA 138 -99.26 70.99 143.57
CA LYS JA 138 -100.60 71.35 143.11
C LYS JA 138 -101.61 70.25 143.41
N VAL JA 139 -101.21 68.98 143.25
CA VAL JA 139 -102.11 67.88 143.59
C VAL JA 139 -102.50 67.96 145.06
N ARG JA 140 -101.51 68.13 145.93
CA ARG JA 140 -101.77 68.17 147.36
C ARG JA 140 -102.68 69.33 147.72
N THR JA 141 -102.54 70.47 147.03
CA THR JA 141 -103.36 71.63 147.32
C THR JA 141 -104.65 71.68 146.50
N ALA JA 142 -104.91 70.70 145.66
CA ALA JA 142 -106.06 70.71 144.77
C ALA JA 142 -107.06 69.63 145.16
N LYS JA 143 -108.34 69.90 144.93
CA LYS JA 143 -109.41 68.96 145.20
C LYS JA 143 -109.86 68.24 143.93
N ALA JA 144 -110.28 66.99 144.09
CA ALA JA 144 -110.74 66.19 142.96
C ALA JA 144 -112.10 66.69 142.47
N LYS JA 145 -112.51 66.17 141.30
CA LYS JA 145 -113.77 66.56 140.70
C LYS JA 145 -114.92 65.88 141.43
N VAL JA 146 -115.83 66.69 141.98
CA VAL JA 146 -116.98 66.15 142.70
C VAL JA 146 -117.89 65.36 141.75
N GLU JA 147 -118.04 65.85 140.53
CA GLU JA 147 -118.88 65.16 139.54
C GLU JA 147 -118.37 63.76 139.23
N ASN JA 148 -117.05 63.57 139.21
CA ASN JA 148 -116.48 62.29 138.82
C ASN JA 148 -116.96 61.17 139.73
N ASP JA 149 -117.33 60.05 139.12
CA ASP JA 149 -117.84 58.88 139.85
C ASP JA 149 -116.73 57.95 140.30
N LEU JA 150 -115.68 57.82 139.48
CA LEU JA 150 -114.55 56.95 139.82
C LEU JA 150 -113.93 57.33 141.15
N VAL JA 151 -113.71 58.63 141.37
CA VAL JA 151 -113.12 59.10 142.62
C VAL JA 151 -113.98 58.69 143.81
N SER JA 152 -115.29 58.90 143.69
CA SER JA 152 -116.20 58.53 144.77
C SER JA 152 -116.17 57.03 145.02
N ARG JA 153 -116.16 56.24 143.96
CA ARG JA 153 -116.07 54.78 144.11
C ARG JA 153 -114.82 54.40 144.89
N VAL JA 154 -113.66 54.94 144.48
CA VAL JA 154 -112.41 54.62 145.15
C VAL JA 154 -112.42 55.09 146.60
N MET JA 155 -113.05 56.24 146.86
CA MET JA 155 -113.14 56.75 148.22
C MET JA 155 -113.96 55.82 149.11
N LYS JA 156 -115.11 55.36 148.60
CA LYS JA 156 -115.98 54.54 149.44
C LYS JA 156 -115.41 53.13 149.60
N THR JA 157 -114.75 52.60 148.59
CA THR JA 157 -114.17 51.27 148.68
C THR JA 157 -112.80 51.36 149.37
N LYS JA 158 -112.41 50.25 149.99
CA LYS JA 158 -111.15 50.16 150.71
C LYS JA 158 -110.06 49.46 149.93
N ARG JA 159 -110.41 48.53 149.04
CA ARG JA 159 -109.40 47.83 148.26
C ARG JA 159 -108.82 48.73 147.18
N LEU JA 160 -109.67 49.52 146.52
CA LEU JA 160 -109.22 50.32 145.38
C LEU JA 160 -108.31 51.45 145.83
N CYS JA 161 -107.27 51.69 145.03
CA CYS JA 161 -106.35 52.80 145.24
C CYS JA 161 -106.09 53.50 143.92
N LEU JA 162 -105.73 54.78 143.98
CA LEU JA 162 -105.45 55.56 142.78
C LEU JA 162 -103.95 55.73 142.60
N GLY JA 163 -103.51 55.71 141.35
CA GLY JA 163 -102.11 55.90 141.04
C GLY JA 163 -101.89 56.81 139.86
N LEU JA 164 -100.94 57.74 139.98
CA LEU JA 164 -100.60 58.68 138.92
C LEU JA 164 -99.32 58.20 138.25
N VAL JA 165 -99.39 58.00 136.93
CA VAL JA 165 -98.22 57.55 136.17
C VAL JA 165 -97.28 58.73 135.95
N VAL JA 166 -96.00 58.51 136.24
CA VAL JA 166 -95.03 59.61 136.23
C VAL JA 166 -93.91 59.43 135.20
N GLU JA 167 -93.66 58.22 134.70
CA GLU JA 167 -92.63 58.03 133.69
C GLU JA 167 -92.99 56.84 132.82
N THR JA 168 -92.66 56.93 131.54
CA THR JA 168 -93.01 55.89 130.59
C THR JA 168 -91.87 55.64 129.62
N ALA JA 169 -91.62 54.36 129.31
CA ALA JA 169 -90.60 53.97 128.35
C ALA JA 169 -91.26 53.64 127.02
N CYS JA 170 -90.82 54.31 125.96
CA CYS JA 170 -91.42 54.19 124.64
C CYS JA 170 -90.35 53.99 123.59
N VAL JA 171 -90.68 53.22 122.55
CA VAL JA 171 -89.75 52.97 121.46
C VAL JA 171 -89.67 54.21 120.57
N ALA JA 172 -88.45 54.64 120.26
CA ALA JA 172 -88.28 55.82 119.42
C ALA JA 172 -88.66 55.53 117.98
N ALA JA 173 -88.32 54.34 117.48
CA ALA JA 173 -88.58 53.96 116.10
C ALA JA 173 -89.38 52.66 116.08
N ALA JA 174 -89.68 52.18 114.87
CA ALA JA 174 -90.46 50.96 114.73
C ALA JA 174 -89.71 49.76 115.27
N GLY JA 175 -90.43 48.87 115.94
CA GLY JA 175 -89.85 47.66 116.52
C GLY JA 175 -90.38 46.43 115.83
N LYS JA 176 -89.48 45.48 115.56
CA LYS JA 176 -89.81 44.29 114.78
C LYS JA 176 -89.75 43.04 115.64
N LEU JA 177 -90.80 42.23 115.60
CA LEU JA 177 -90.86 41.00 116.38
C LEU JA 177 -91.18 39.84 115.45
N THR JA 178 -90.29 38.83 115.43
CA THR JA 178 -90.43 37.68 114.54
C THR JA 178 -90.34 36.39 115.34
N GLU JA 179 -91.20 35.43 115.01
CA GLU JA 179 -91.25 34.13 115.68
C GLU JA 179 -91.50 33.04 114.66
N ALA JA 180 -90.77 31.94 114.80
CA ALA JA 180 -90.93 30.77 113.94
C ALA JA 180 -90.99 29.50 114.78
N ASP JA 181 -91.92 28.62 114.45
CA ASP JA 181 -92.14 27.39 115.19
C ASP JA 181 -92.28 26.24 114.20
N ASN JA 182 -91.60 25.13 114.47
CA ASN JA 182 -91.71 23.92 113.66
C ASN JA 182 -91.62 22.72 114.57
N TRP JA 183 -92.71 21.98 114.74
CA TRP JA 183 -92.65 20.80 115.60
C TRP JA 183 -93.32 19.62 114.94
N GLU JA 184 -92.91 18.42 115.34
CA GLU JA 184 -93.29 17.20 114.65
C GLU JA 184 -93.39 16.04 115.65
N ILE JA 185 -94.39 15.19 115.46
CA ILE JA 185 -94.62 14.01 116.28
C ILE JA 185 -94.82 12.80 115.35
N SER JA 186 -94.13 11.71 115.65
CA SER JA 186 -94.29 10.46 114.91
C SER JA 186 -94.38 9.30 115.88
N GLY JA 187 -95.50 8.60 115.88
CA GLY JA 187 -95.72 7.51 116.80
C GLY JA 187 -96.17 6.25 116.08
N HIS JA 188 -95.83 5.11 116.68
CA HIS JA 188 -96.15 3.81 116.12
C HIS JA 188 -96.43 2.83 117.25
N THR JA 189 -97.43 1.98 117.06
CA THR JA 189 -97.86 1.02 118.06
C THR JA 189 -98.12 -0.32 117.40
N ASN JA 190 -97.64 -1.40 118.01
CA ASN JA 190 -97.84 -2.75 117.51
C ASN JA 190 -98.23 -3.64 118.68
N ALA JA 191 -99.49 -4.08 118.70
CA ALA JA 191 -100.01 -4.98 119.70
C ALA JA 191 -100.22 -6.34 119.03
N ASN JA 192 -99.34 -7.29 119.33
CA ASN JA 192 -99.41 -8.64 118.77
C ASN JA 192 -99.96 -9.57 119.84
N ILE JA 193 -101.06 -10.25 119.51
CA ILE JA 193 -101.69 -11.22 120.39
C ILE JA 193 -101.87 -12.51 119.58
N GLY JA 194 -102.11 -13.61 120.30
CA GLY JA 194 -102.23 -14.90 119.64
C GLY JA 194 -103.32 -14.94 118.57
N GLU JA 195 -104.40 -14.20 118.78
CA GLU JA 195 -105.50 -14.16 117.82
C GLU JA 195 -105.80 -12.75 117.31
N ALA JA 196 -104.94 -11.77 117.61
CA ALA JA 196 -105.18 -10.40 117.16
C ALA JA 196 -103.85 -9.71 116.91
N VAL JA 197 -103.80 -8.94 115.83
CA VAL JA 197 -102.64 -8.13 115.47
C VAL JA 197 -103.12 -6.73 115.14
N VAL JA 198 -102.62 -5.73 115.86
CA VAL JA 198 -102.98 -4.34 115.64
C VAL JA 198 -101.71 -3.54 115.36
N THR JA 199 -101.71 -2.78 114.27
CA THR JA 199 -100.56 -1.96 113.88
C THR JA 199 -101.06 -0.56 113.54
N ALA JA 200 -100.77 0.40 114.42
CA ALA JA 200 -101.21 1.77 114.24
C ALA JA 200 -100.00 2.68 114.07
N THR JA 201 -100.17 3.75 113.29
CA THR JA 201 -99.11 4.71 113.03
C THR JA 201 -99.72 6.08 112.84
N ALA JA 202 -99.08 7.11 113.37
CA ALA JA 202 -99.57 8.47 113.26
C ALA JA 202 -98.42 9.45 113.16
N GLU JA 203 -98.44 10.30 112.14
CA GLU JA 203 -97.42 11.33 111.94
C GLU JA 203 -98.09 12.67 111.75
N LEU JA 204 -97.56 13.70 112.39
CA LEU JA 204 -98.06 15.05 112.16
C LEU JA 204 -96.93 16.05 112.40
N ASP JA 205 -97.09 17.25 111.85
CA ASP JA 205 -96.11 18.30 112.01
C ASP JA 205 -96.76 19.64 111.72
N LYS JA 206 -96.49 20.63 112.55
CA LYS JA 206 -97.05 21.96 112.44
C LYS JA 206 -95.94 22.99 112.29
N ASN JA 207 -96.16 23.95 111.40
CA ASN JA 207 -95.23 25.04 111.15
C ASN JA 207 -95.98 26.36 111.22
N LEU JA 208 -95.44 27.30 111.99
CA LEU JA 208 -96.03 28.62 112.16
C LEU JA 208 -94.95 29.70 112.05
N SER JA 209 -95.36 30.89 111.63
CA SER JA 209 -94.45 32.03 111.55
C SER JA 209 -95.26 33.31 111.71
N ARG JA 210 -94.88 34.14 112.67
CA ARG JA 210 -95.57 35.38 112.95
C ARG JA 210 -94.56 36.52 112.98
N LYS JA 211 -94.82 37.59 112.22
CA LYS JA 211 -93.92 38.73 112.15
C LYS JA 211 -94.75 40.01 112.23
N ILE JA 212 -94.47 40.84 113.22
CA ILE JA 212 -95.20 42.09 113.43
C ILE JA 212 -94.21 43.22 113.64
N GLU JA 213 -94.74 44.45 113.56
CA GLU JA 213 -93.93 45.66 113.70
C GLU JA 213 -94.74 46.71 114.45
N ILE JA 214 -94.35 46.97 115.70
CA ILE JA 214 -94.99 48.02 116.48
C ILE JA 214 -94.50 49.38 116.02
N PRO JA 215 -95.36 50.39 115.96
CA PRO JA 215 -94.96 51.69 115.43
C PRO JA 215 -94.25 52.52 116.48
N PRO JA 216 -93.58 53.60 116.08
CA PRO JA 216 -92.93 54.47 117.07
C PRO JA 216 -93.93 55.07 118.04
N GLY JA 217 -93.50 55.22 119.29
CA GLY JA 217 -94.31 55.79 120.34
C GLY JA 217 -95.02 54.79 121.21
N THR JA 218 -94.98 53.50 120.87
CA THR JA 218 -95.64 52.49 121.66
C THR JA 218 -94.99 52.38 123.04
N ALA JA 219 -95.81 52.44 124.09
CA ALA JA 219 -95.29 52.35 125.44
C ALA JA 219 -94.91 50.92 125.78
N LEU JA 220 -93.87 50.77 126.59
CA LEU JA 220 -93.39 49.46 127.02
C LEU JA 220 -93.54 49.22 128.51
N ALA JA 221 -93.24 50.21 129.35
CA ALA JA 221 -93.30 50.04 130.79
C ALA JA 221 -93.51 51.40 131.44
N TYR JA 222 -93.88 51.38 132.71
CA TYR JA 222 -94.23 52.61 133.40
C TYR JA 222 -94.02 52.44 134.89
N SER JA 223 -93.99 53.58 135.59
CA SER JA 223 -93.94 53.62 137.05
C SER JA 223 -94.93 54.66 137.53
N PHE JA 224 -95.50 54.44 138.71
CA PHE JA 224 -96.57 55.30 139.19
C PHE JA 224 -96.41 55.57 140.69
N MET JA 225 -97.05 56.63 141.14
CA MET JA 225 -97.06 57.04 142.53
C MET JA 225 -98.48 56.95 143.08
N ASP JA 226 -98.61 56.47 144.32
CA ASP JA 226 -99.93 56.26 144.90
C ASP JA 226 -100.56 57.57 145.37
N LEU JA 227 -101.88 57.55 145.52
CA LEU JA 227 -102.65 58.70 145.98
C LEU JA 227 -103.66 58.24 147.02
N GLU JA 228 -104.28 59.22 147.67
CA GLU JA 228 -105.27 58.95 148.70
C GLU JA 228 -106.30 60.06 148.72
N ILE JA 229 -107.57 59.68 148.64
CA ILE JA 229 -108.68 60.63 148.69
C ILE JA 229 -108.98 60.96 150.14
N LEU JA 230 -108.95 62.25 150.48
CA LEU JA 230 -109.37 62.68 151.81
C LEU JA 230 -110.89 62.53 151.96
N GLU JA 231 -111.38 62.87 153.16
CA GLU JA 231 -112.83 62.93 153.36
C GLU JA 231 -113.47 63.86 152.34
N ASP JA 232 -112.89 65.04 152.15
CA ASP JA 232 -113.30 65.94 151.09
C ASP JA 232 -112.74 65.47 149.75
N ARG JA 233 -112.97 66.27 148.70
CA ARG JA 233 -112.41 65.97 147.40
C ARG JA 233 -110.89 66.14 147.34
N SER JA 234 -110.28 66.66 148.41
CA SER JA 234 -108.83 66.86 148.44
C SER JA 234 -108.09 65.54 148.25
N LEU JA 235 -106.92 65.63 147.61
CA LEU JA 235 -106.08 64.48 147.35
C LEU JA 235 -104.74 64.65 148.06
N ARG JA 236 -104.17 63.52 148.50
CA ARG JA 236 -102.88 63.50 149.17
C ARG JA 236 -102.01 62.41 148.55
N VAL JA 237 -100.71 62.55 148.72
CA VAL JA 237 -99.78 61.54 148.22
C VAL JA 237 -99.35 60.65 149.37
N SER JA 238 -99.20 59.36 149.09
CA SER JA 238 -98.88 58.38 150.11
C SER JA 238 -97.62 57.62 149.74
N SER JA 239 -96.78 57.35 150.72
CA SER JA 239 -95.49 56.68 150.51
C SER JA 239 -95.38 55.49 151.45
N SER JA 240 -95.31 54.29 150.88
CA SER JA 240 -95.05 53.09 151.67
C SER JA 240 -93.57 53.03 152.00
N ALA JA 241 -93.23 53.28 153.27
CA ALA JA 241 -91.84 53.34 153.73
C ALA JA 241 -91.05 54.38 152.96
N GLY JA 242 -91.72 55.46 152.53
CA GLY JA 242 -91.06 56.53 151.81
C GLY JA 242 -90.63 56.19 150.40
N ALA JA 243 -91.21 55.15 149.80
CA ALA JA 243 -90.81 54.75 148.46
C ALA JA 243 -91.20 55.81 147.43
N MET JA 244 -92.47 56.22 147.43
CA MET JA 244 -93.02 57.17 146.46
C MET JA 244 -92.84 56.69 145.02
N PHE JA 245 -92.58 55.40 144.82
CA PHE JA 245 -92.44 54.83 143.48
C PHE JA 245 -92.93 53.39 143.57
N ASP JA 246 -94.16 53.15 143.14
CA ASP JA 246 -94.76 51.83 143.25
C ASP JA 246 -94.64 51.08 141.94
N SER JA 247 -94.16 49.84 142.01
CA SER JA 247 -93.99 49.00 140.83
C SER JA 247 -95.00 47.86 140.80
N GLY JA 248 -96.09 47.98 141.54
CA GLY JA 248 -97.08 46.92 141.60
C GLY JA 248 -96.52 45.64 142.19
N LYS JA 249 -95.69 45.76 143.23
CA LYS JA 249 -95.06 44.61 143.87
C LYS JA 249 -95.77 44.29 145.18
N ALA JA 250 -95.72 43.01 145.55
CA ALA JA 250 -96.29 42.59 146.82
C ALA JA 250 -95.50 43.17 147.99
N GLU JA 251 -96.19 43.38 149.10
CA GLU JA 251 -95.54 43.94 150.28
C GLU JA 251 -94.44 43.03 150.81
N SER JA 252 -94.70 41.71 150.82
CA SER JA 252 -93.74 40.71 151.28
C SER JA 252 -93.26 40.99 152.69
CA ARG KA 3 -77.96 38.34 136.58
C ARG KA 3 -77.95 39.36 135.44
N PRO KA 4 -78.60 40.50 135.66
CA PRO KA 4 -78.61 41.54 134.62
C PRO KA 4 -77.20 42.01 134.28
N MET KA 5 -77.00 42.30 132.99
CA MET KA 5 -75.69 42.76 132.54
C MET KA 5 -75.33 44.08 133.19
N PHE KA 6 -76.30 44.99 133.35
CA PHE KA 6 -76.01 46.26 134.00
C PHE KA 6 -75.55 46.05 135.44
N ALA KA 7 -76.23 45.16 136.17
CA ALA KA 7 -75.81 44.89 137.54
C ALA KA 7 -74.43 44.26 137.60
N VAL KA 8 -74.14 43.34 136.68
CA VAL KA 8 -72.81 42.71 136.65
C VAL KA 8 -71.73 43.75 136.36
N ALA KA 9 -71.98 44.64 135.40
CA ALA KA 9 -71.00 45.66 135.08
C ALA KA 9 -70.82 46.64 136.23
N VAL KA 10 -71.90 46.98 136.92
CA VAL KA 10 -71.80 47.87 138.07
C VAL KA 10 -70.96 47.22 139.16
N ASN KA 11 -71.18 45.93 139.42
CA ASN KA 11 -70.38 45.23 140.42
C ASN KA 11 -68.91 45.18 140.02
N GLU KA 12 -68.63 44.92 138.75
CA GLU KA 12 -67.25 44.89 138.27
C GLU KA 12 -66.58 46.25 138.47
N PHE KA 13 -67.28 47.31 138.09
CA PHE KA 13 -66.71 48.66 138.25
C PHE KA 13 -66.48 48.99 139.71
N ILE KA 14 -67.45 48.70 140.57
CA ILE KA 14 -67.31 49.06 141.97
C ILE KA 14 -66.22 48.23 142.65
N ARG KA 15 -65.99 47.00 142.18
CA ARG KA 15 -64.87 46.22 142.71
C ARG KA 15 -63.55 46.79 142.24
N SER KA 16 -63.43 47.08 140.94
CA SER KA 16 -62.15 47.57 140.41
C SER KA 16 -61.78 48.90 141.02
N ALA KA 17 -62.75 49.81 141.16
CA ALA KA 17 -62.51 51.13 141.71
C ALA KA 17 -63.58 51.44 142.75
N GLY KA 18 -63.16 51.99 143.89
CA GLY KA 18 -64.10 52.37 144.92
C GLY KA 18 -64.85 51.24 145.56
N GLN KA 19 -64.15 50.16 145.93
CA GLN KA 19 -64.80 49.04 146.60
C GLN KA 19 -65.41 49.47 147.93
N ASP KA 20 -64.86 50.49 148.56
CA ASP KA 20 -65.41 51.05 149.78
C ASP KA 20 -66.01 52.42 149.50
N SER KA 21 -67.01 52.78 150.31
CA SER KA 21 -67.69 54.08 150.23
C SER KA 21 -68.31 54.28 148.84
N LEU KA 22 -69.04 53.28 148.37
CA LEU KA 22 -69.71 53.36 147.08
C LEU KA 22 -70.86 52.37 147.05
N CYS KA 23 -72.00 52.81 146.52
CA CYS KA 23 -73.21 52.01 146.45
C CYS KA 23 -73.60 51.80 145.00
N GLY KA 24 -73.85 50.54 144.63
CA GLY KA 24 -74.27 50.24 143.27
C GLY KA 24 -75.64 50.80 142.95
N VAL KA 25 -75.86 51.01 141.66
CA VAL KA 25 -77.14 51.52 141.16
C VAL KA 25 -78.05 50.33 140.85
N PRO KA 26 -79.29 50.34 141.35
CA PRO KA 26 -80.16 49.16 141.14
C PRO KA 26 -80.48 48.86 139.70
N ASP KA 27 -80.80 49.87 138.88
CA ASP KA 27 -81.18 49.62 137.50
C ASP KA 27 -80.99 50.88 136.69
N ILE KA 28 -81.00 50.70 135.36
CA ILE KA 28 -80.76 51.81 134.44
C ILE KA 28 -81.86 52.85 134.58
N ASN KA 29 -83.11 52.41 134.74
CA ASN KA 29 -84.22 53.35 134.83
C ASN KA 29 -84.08 54.28 136.04
N SER KA 30 -83.69 53.72 137.18
CA SER KA 30 -83.56 54.50 138.40
C SER KA 30 -82.16 55.07 138.58
N SER KA 31 -81.26 54.85 137.62
CA SER KA 31 -79.92 55.43 137.71
C SER KA 31 -79.96 56.95 137.77
N GLY KA 32 -80.90 57.56 137.04
CA GLY KA 32 -80.94 59.02 136.97
C GLY KA 32 -81.44 59.69 138.23
N ASP KA 33 -81.95 58.93 139.20
CA ASP KA 33 -82.45 59.49 140.44
C ASP KA 33 -81.39 59.56 141.53
N PHE KA 34 -80.15 59.17 141.24
CA PHE KA 34 -79.07 59.16 142.21
C PHE KA 34 -77.97 60.16 141.85
N MET KA 35 -78.35 61.27 141.24
CA MET KA 35 -77.42 62.35 140.96
C MET KA 35 -77.15 63.13 142.25
N PRO KA 36 -76.07 63.92 142.28
CA PRO KA 36 -75.74 64.66 143.50
C PRO KA 36 -76.87 65.60 143.93
N LEU KA 37 -76.96 65.81 145.23
CA LEU KA 37 -77.98 66.66 145.85
C LEU KA 37 -79.38 66.08 145.65
N HIS KA 38 -79.51 64.78 145.90
CA HIS KA 38 -80.79 64.09 145.87
C HIS KA 38 -81.04 63.44 147.22
N ILE KA 39 -82.30 63.41 147.63
CA ILE KA 39 -82.71 62.82 148.90
C ILE KA 39 -83.08 61.36 148.68
N ILE KA 40 -82.59 60.48 149.55
CA ILE KA 40 -82.94 59.07 149.53
C ILE KA 40 -83.34 58.65 150.93
N VAL KA 41 -84.07 57.54 151.02
CA VAL KA 41 -84.56 57.02 152.28
C VAL KA 41 -83.87 55.70 152.57
N LYS KA 42 -83.41 55.53 153.80
CA LYS KA 42 -82.75 54.31 154.23
C LYS KA 42 -83.60 53.60 155.28
N GLU KA 43 -83.81 52.31 155.08
CA GLU KA 43 -84.62 51.48 155.97
C GLU KA 43 -83.72 50.41 156.57
N VAL KA 44 -83.81 50.26 157.89
CA VAL KA 44 -82.99 49.30 158.62
C VAL KA 44 -83.49 47.88 158.35
N PRO KA 45 -82.63 46.86 158.45
CA PRO KA 45 -83.10 45.49 158.19
C PRO KA 45 -84.20 45.03 159.13
N LYS KA 46 -84.19 45.48 160.38
CA LYS KA 46 -85.14 45.15 161.43
C LYS KA 46 -85.03 43.70 161.91
N VAL KA 47 -84.17 42.89 161.30
CA VAL KA 47 -83.98 41.50 161.72
C VAL KA 47 -82.56 41.32 162.22
N LEU KA 48 -81.58 41.58 161.36
CA LEU KA 48 -80.17 41.51 161.70
C LEU KA 48 -79.51 42.81 161.23
N PRO KA 49 -79.74 43.92 161.95
CA PRO KA 49 -79.21 45.21 161.49
C PRO KA 49 -77.69 45.23 161.34
N CYS KA 50 -76.98 44.54 162.22
CA CYS KA 50 -75.52 44.51 162.15
C CYS KA 50 -75.00 43.47 161.17
N CYS KA 51 -75.86 42.60 160.64
CA CYS KA 51 -75.43 41.55 159.73
C CYS KA 51 -75.96 41.73 158.31
N ARG KA 52 -76.95 42.59 158.10
CA ARG KA 52 -77.56 42.78 156.79
C ARG KA 52 -77.48 44.25 156.41
N ARG KA 53 -77.18 44.51 155.13
CA ARG KA 53 -77.12 45.88 154.65
C ARG KA 53 -78.54 46.46 154.52
N PRO KA 54 -78.69 47.75 154.78
CA PRO KA 54 -80.03 48.36 154.76
C PRO KA 54 -80.62 48.47 153.37
N LYS KA 55 -81.84 48.97 153.27
CA LYS KA 55 -82.55 49.10 152.00
C LYS KA 55 -82.65 50.58 151.63
N ILE KA 56 -82.30 50.88 150.38
CA ILE KA 56 -82.23 52.26 149.90
C ILE KA 56 -83.37 52.50 148.91
N LYS KA 57 -84.13 53.57 149.15
CA LYS KA 57 -85.30 53.92 148.35
C LYS KA 57 -85.07 55.30 147.75
N ARG KA 58 -85.29 55.42 146.45
CA ARG KA 58 -85.16 56.71 145.77
C ARG KA 58 -86.41 57.54 145.96
N THR KA 59 -86.24 58.86 145.95
CA THR KA 59 -87.34 59.79 146.08
C THR KA 59 -87.22 60.89 145.03
N PRO KA 60 -88.35 61.44 144.58
CA PRO KA 60 -88.31 62.52 143.58
C PRO KA 60 -88.17 63.90 144.21
N TYR KA 61 -87.09 64.09 144.98
CA TYR KA 61 -86.87 65.34 145.68
C TYR KA 61 -85.40 65.73 145.59
N THR KA 62 -85.16 67.04 145.58
CA THR KA 62 -83.83 67.60 145.71
C THR KA 62 -83.74 68.35 147.04
N LEU KA 63 -82.52 68.77 147.38
CA LEU KA 63 -82.30 69.45 148.65
C LEU KA 63 -83.09 70.75 148.71
N ASN KA 64 -83.08 71.53 147.63
CA ASN KA 64 -83.77 72.81 147.63
C ASN KA 64 -85.28 72.62 147.74
N ASP KA 65 -85.82 71.56 147.14
CA ASP KA 65 -87.24 71.30 147.27
C ASP KA 65 -87.59 70.84 148.68
N ILE KA 66 -86.75 69.98 149.27
CA ILE KA 66 -87.07 69.45 150.59
C ILE KA 66 -86.88 70.51 151.67
N LEU KA 67 -86.05 71.52 151.41
CA LEU KA 67 -85.74 72.55 152.40
C LEU KA 67 -86.53 73.82 152.12
N ASP KA 68 -87.02 74.44 153.21
CA ASP KA 68 -87.66 75.74 153.07
C ASP KA 68 -86.67 76.79 152.58
N GLU KA 69 -85.44 76.77 153.10
CA GLU KA 69 -84.42 77.71 152.69
C GLU KA 69 -83.52 77.07 151.63
N PRO KA 70 -83.38 77.68 150.45
CA PRO KA 70 -82.54 77.07 149.42
C PRO KA 70 -81.06 77.14 149.75
N CYS KA 71 -80.30 76.27 149.10
CA CYS KA 71 -78.87 76.16 149.24
C CYS KA 71 -78.21 76.21 147.87
N PRO KA 72 -76.96 76.62 147.78
CA PRO KA 72 -76.25 76.57 146.50
C PRO KA 72 -76.18 75.14 145.99
N ASN KA 73 -76.29 74.99 144.66
CA ASN KA 73 -76.41 73.67 144.04
C ASN KA 73 -75.49 73.47 142.84
N GLN KA 74 -74.50 74.35 142.64
CA GLN KA 74 -73.60 74.19 141.50
C GLN KA 74 -72.78 72.92 141.64
N LEU KA 75 -72.45 72.32 140.50
CA LEU KA 75 -71.74 71.04 140.45
C LEU KA 75 -70.47 71.17 139.62
N LYS KA 76 -69.64 70.14 139.70
CA LYS KA 76 -68.43 70.04 138.91
C LYS KA 76 -68.10 68.56 138.72
N SER KA 77 -67.42 68.26 137.62
CA SER KA 77 -67.08 66.89 137.27
C SER KA 77 -65.60 66.79 136.91
N SER KA 78 -65.04 65.62 137.19
CA SER KA 78 -63.64 65.35 136.89
C SER KA 78 -63.44 63.86 136.67
N ASP KA 79 -62.40 63.52 135.92
CA ASP KA 79 -62.17 62.12 135.58
C ASP KA 79 -61.84 61.29 136.82
N LEU KA 80 -62.30 60.04 136.79
CA LEU KA 80 -62.08 59.11 137.90
C LEU KA 80 -61.25 57.90 137.50
N VAL KA 81 -61.65 57.18 136.45
CA VAL KA 81 -60.95 55.98 136.00
C VAL KA 81 -61.25 55.79 134.52
N THR KA 82 -60.40 55.02 133.85
CA THR KA 82 -60.51 54.81 132.41
C THR KA 82 -60.23 53.34 132.11
N PHE KA 83 -61.22 52.63 131.59
CA PHE KA 83 -61.07 51.24 131.16
C PHE KA 83 -60.61 51.24 129.72
N THR KA 84 -59.31 51.04 129.50
CA THR KA 84 -58.76 51.12 128.15
C THR KA 84 -59.27 50.00 127.27
N GLU KA 85 -59.45 48.80 127.83
CA GLU KA 85 -59.91 47.66 127.05
C GLU KA 85 -61.12 47.03 127.73
N PRO KA 86 -61.99 46.39 126.95
CA PRO KA 86 -63.21 45.81 127.53
C PRO KA 86 -62.88 44.70 128.52
N LEU KA 87 -63.69 44.63 129.58
CA LEU KA 87 -63.64 43.50 130.50
C LEU KA 87 -64.25 42.29 129.81
N VAL KA 88 -63.46 41.24 129.64
CA VAL KA 88 -63.87 40.05 128.90
C VAL KA 88 -63.83 38.86 129.83
N SER KA 89 -64.91 38.07 129.83
CA SER KA 89 -65.02 36.88 130.68
C SER KA 89 -65.50 35.70 129.84
N ASN KA 90 -64.88 34.55 130.06
CA ASN KA 90 -65.25 33.32 129.37
C ASN KA 90 -65.37 32.19 130.38
N VAL KA 91 -66.45 31.42 130.27
CA VAL KA 91 -66.65 30.23 131.09
C VAL KA 91 -67.05 29.10 130.17
N LYS KA 92 -66.43 27.94 130.34
CA LYS KA 92 -66.72 26.79 129.49
C LYS KA 92 -66.71 25.54 130.36
N ALA KA 93 -67.87 24.90 130.51
CA ALA KA 93 -68.00 23.70 131.31
C ALA KA 93 -68.52 22.56 130.45
N SER KA 94 -68.09 21.34 130.79
CA SER KA 94 -68.56 20.16 130.08
C SER KA 94 -68.43 18.96 131.00
N SER KA 95 -69.49 18.17 131.12
CA SER KA 95 -69.51 17.04 132.04
C SER KA 95 -70.28 15.89 131.42
N SER KA 96 -69.98 14.69 131.89
CA SER KA 96 -70.64 13.47 131.43
C SER KA 96 -70.74 12.49 132.59
N ILE KA 97 -71.87 11.80 132.66
CA ILE KA 97 -72.16 10.83 133.72
C ILE KA 97 -72.61 9.53 133.07
N GLY KA 98 -72.08 8.41 133.57
CA GLY KA 98 -72.50 7.11 133.10
C GLY KA 98 -72.77 6.14 134.24
N LEU KA 99 -74.00 5.65 134.34
CA LEU KA 99 -74.40 4.74 135.41
C LEU KA 99 -74.85 3.43 134.80
N GLN KA 100 -74.38 2.32 135.37
CA GLN KA 100 -74.79 1.00 134.92
C GLN KA 100 -75.07 0.12 136.13
N ILE KA 101 -76.24 -0.52 136.13
CA ILE KA 101 -76.62 -1.49 137.15
C ILE KA 101 -76.80 -2.82 136.43
N LEU KA 102 -75.79 -3.68 136.51
CA LEU KA 102 -75.78 -5.03 135.94
C LEU KA 102 -76.10 -4.92 134.46
N LYS KA 103 -77.00 -5.75 133.92
CA LYS KA 103 -77.53 -5.56 132.57
C LYS KA 103 -78.98 -5.11 132.60
N HIS KA 104 -79.40 -4.49 133.72
CA HIS KA 104 -80.77 -4.04 133.90
C HIS KA 104 -80.96 -2.54 133.77
N PHE KA 105 -79.97 -1.74 134.16
CA PHE KA 105 -80.09 -0.29 134.06
C PHE KA 105 -78.84 0.27 133.38
N ASP KA 106 -79.03 1.22 132.47
CA ASP KA 106 -77.90 1.86 131.79
C ASP KA 106 -78.30 3.27 131.39
N SER KA 107 -77.74 4.27 132.08
CA SER KA 107 -78.06 5.66 131.80
C SER KA 107 -76.79 6.42 131.44
N GLY KA 108 -76.86 7.24 130.40
CA GLY KA 108 -75.76 8.10 130.03
C GLY KA 108 -76.21 9.53 129.78
N ALA KA 109 -75.69 10.46 130.57
CA ALA KA 109 -76.05 11.86 130.45
C ALA KA 109 -74.81 12.69 130.18
N LYS KA 110 -75.01 13.85 129.56
CA LYS KA 110 -73.90 14.75 129.30
C LYS KA 110 -74.44 16.16 129.13
N GLY KA 111 -73.63 17.13 129.51
CA GLY KA 111 -74.03 18.52 129.42
C GLY KA 111 -72.83 19.39 129.11
N SER KA 112 -73.11 20.54 128.50
CA SER KA 112 -72.05 21.50 128.19
C SER KA 112 -72.63 22.91 128.23
N LYS KA 113 -71.77 23.88 128.53
CA LYS KA 113 -72.18 25.26 128.66
C LYS KA 113 -71.02 26.17 128.27
N ASN KA 114 -71.33 27.21 127.51
CA ASN KA 114 -70.34 28.21 127.09
C ASN KA 114 -70.95 29.59 127.28
N PHE KA 115 -70.30 30.40 128.10
CA PHE KA 115 -70.80 31.70 128.51
C PHE KA 115 -69.73 32.75 128.26
N ILE KA 116 -70.07 33.81 127.53
CA ILE KA 116 -69.11 34.85 127.17
C ILE KA 116 -69.71 36.21 127.51
N THR KA 117 -68.91 37.07 128.12
CA THR KA 117 -69.35 38.40 128.52
C THR KA 117 -68.30 39.43 128.14
N SER KA 118 -68.74 40.60 127.69
CA SER KA 118 -67.86 41.70 127.36
C SER KA 118 -68.50 43.01 127.77
N ALA KA 119 -67.77 43.83 128.52
CA ALA KA 119 -68.26 45.13 128.97
C ALA KA 119 -67.25 46.21 128.62
N SER KA 120 -67.70 47.23 127.92
CA SER KA 120 -66.86 48.37 127.53
C SER KA 120 -67.47 49.62 128.14
N LEU KA 121 -66.89 50.09 129.23
CA LEU KA 121 -67.38 51.26 129.94
C LEU KA 121 -66.67 52.55 129.55
N GLY KA 122 -65.61 52.47 128.76
CA GLY KA 122 -64.93 53.68 128.32
C GLY KA 122 -64.33 54.44 129.50
N THR KA 123 -64.71 55.71 129.62
CA THR KA 123 -64.22 56.59 130.66
C THR KA 123 -65.34 56.87 131.67
N VAL KA 124 -65.01 56.82 132.95
CA VAL KA 124 -65.96 57.10 134.02
C VAL KA 124 -65.51 58.37 134.72
N VAL KA 125 -66.43 59.32 134.87
CA VAL KA 125 -66.16 60.57 135.56
C VAL KA 125 -66.95 60.61 136.86
N LYS KA 126 -66.59 61.53 137.74
CA LYS KA 126 -67.25 61.74 139.01
C LYS KA 126 -67.76 63.17 139.07
N ALA KA 127 -69.03 63.31 139.47
CA ALA KA 127 -69.68 64.61 139.59
C ALA KA 127 -70.07 64.84 141.04
N GLU KA 128 -69.82 66.06 141.52
CA GLU KA 128 -70.04 66.41 142.91
C GLU KA 128 -70.16 67.92 143.04
N THR KA 129 -70.73 68.35 144.17
CA THR KA 129 -70.88 69.77 144.43
C THR KA 129 -69.52 70.47 144.46
N ILE KA 130 -69.49 71.70 143.97
CA ILE KA 130 -68.24 72.45 143.95
C ILE KA 130 -67.74 72.68 145.37
N ASP KA 131 -68.63 73.06 146.28
CA ASP KA 131 -68.28 73.26 147.69
C ASP KA 131 -69.33 72.57 148.54
N ILE KA 132 -68.90 71.56 149.30
CA ILE KA 132 -69.82 70.82 150.15
C ILE KA 132 -69.95 71.46 151.53
N THR KA 133 -68.93 72.18 151.99
CA THR KA 133 -69.00 72.81 153.30
C THR KA 133 -70.11 73.85 153.37
N LYS KA 134 -70.27 74.66 152.31
CA LYS KA 134 -71.35 75.64 152.29
C LYS KA 134 -72.71 74.95 152.31
N VAL KA 135 -72.86 73.88 151.54
CA VAL KA 135 -74.13 73.15 151.52
C VAL KA 135 -74.44 72.59 152.90
N LEU KA 136 -73.44 72.02 153.56
CA LEU KA 136 -73.65 71.48 154.89
C LEU KA 136 -74.03 72.57 155.88
N ALA KA 137 -73.36 73.71 155.83
CA ALA KA 137 -73.67 74.81 156.74
C ALA KA 137 -75.11 75.27 156.54
N LYS KA 138 -75.50 75.50 155.28
CA LYS KA 138 -76.86 75.96 155.00
C LYS KA 138 -77.89 74.92 155.42
N VAL KA 139 -77.61 73.63 155.21
CA VAL KA 139 -78.52 72.58 155.66
C VAL KA 139 -78.71 72.67 157.16
N ARG KA 140 -77.61 72.76 157.89
CA ARG KA 140 -77.69 72.80 159.35
C ARG KA 140 -78.46 74.02 159.84
N THR KA 141 -78.34 75.15 159.12
CA THR KA 141 -79.03 76.36 159.54
C THR KA 141 -80.41 76.50 158.88
N ALA KA 142 -80.84 75.55 158.07
CA ALA KA 142 -82.09 75.65 157.34
C ALA KA 142 -83.10 74.63 157.84
N LYS KA 143 -84.38 74.98 157.78
CA LYS KA 143 -85.47 74.11 158.19
C LYS KA 143 -86.12 73.44 156.98
N ALA KA 144 -86.60 72.21 157.19
CA ALA KA 144 -87.25 71.46 156.13
C ALA KA 144 -88.62 72.04 155.81
N LYS KA 145 -89.20 71.56 154.71
CA LYS KA 145 -90.51 72.04 154.27
C LYS KA 145 -91.60 71.42 155.14
N VAL KA 146 -92.38 72.29 155.80
CA VAL KA 146 -93.46 71.81 156.66
C VAL KA 146 -94.52 71.09 155.83
N GLU KA 147 -94.80 71.60 154.63
CA GLU KA 147 -95.81 70.98 153.77
C GLU KA 147 -95.42 69.56 153.39
N ASN KA 148 -94.13 69.28 153.19
CA ASN KA 148 -93.70 67.97 152.73
C ASN KA 148 -94.14 66.88 153.69
N ASP KA 149 -94.66 65.78 153.13
CA ASP KA 149 -95.14 64.65 153.92
C ASP KA 149 -94.03 63.63 154.21
N LEU KA 150 -93.11 63.45 153.27
CA LEU KA 150 -92.02 62.51 153.46
C LEU KA 150 -91.20 62.83 154.71
N VAL KA 151 -90.88 64.12 154.89
CA VAL KA 151 -90.09 64.53 156.06
C VAL KA 151 -90.83 64.17 157.35
N SER KA 152 -92.12 64.45 157.40
CA SER KA 152 -92.92 64.14 158.59
C SER KA 152 -92.95 62.64 158.83
N ARG KA 153 -93.12 61.85 157.77
CA ARG KA 153 -93.11 60.40 157.91
C ARG KA 153 -91.79 59.92 158.51
N VAL KA 154 -90.67 60.39 157.96
CA VAL KA 154 -89.36 59.99 158.46
C VAL KA 154 -89.16 60.44 159.91
N MET KA 155 -89.68 61.62 160.25
CA MET KA 155 -89.57 62.13 161.62
C MET KA 155 -90.33 61.24 162.59
N LYS KA 156 -91.56 60.86 162.24
CA LYS KA 156 -92.36 60.08 163.17
C LYS KA 156 -91.88 58.64 163.26
N THR KA 157 -91.39 58.08 162.16
CA THR KA 157 -90.87 56.71 162.19
C THR KA 157 -89.43 56.70 162.69
N LYS KA 158 -89.03 55.57 163.26
CA LYS KA 158 -87.69 55.40 163.82
C LYS KA 158 -86.76 54.63 162.90
N ARG KA 159 -87.29 53.74 162.06
CA ARG KA 159 -86.43 52.98 161.15
C ARG KA 159 -85.93 53.86 160.00
N LEU KA 160 -86.81 54.71 159.46
CA LEU KA 160 -86.46 55.49 158.29
C LEU KA 160 -85.42 56.55 158.61
N CYS KA 161 -84.48 56.74 157.68
CA CYS KA 161 -83.48 57.79 157.79
C CYS KA 161 -83.34 58.48 156.44
N LEU KA 162 -82.89 59.73 156.46
CA LEU KA 162 -82.71 60.51 155.25
C LEU KA 162 -81.24 60.58 154.87
N GLY KA 163 -80.97 60.55 153.57
CA GLY KA 163 -79.61 60.66 153.10
C GLY KA 163 -79.48 61.57 151.88
N LEU KA 164 -78.46 62.43 151.89
CA LEU KA 164 -78.20 63.36 150.80
C LEU KA 164 -77.05 62.80 149.96
N VAL KA 165 -77.30 62.63 148.68
CA VAL KA 165 -76.26 62.11 147.77
C VAL KA 165 -75.28 63.23 147.44
N VAL KA 166 -74.00 62.93 147.55
CA VAL KA 166 -72.96 63.96 147.42
C VAL KA 166 -72.01 63.72 146.26
N GLU KA 167 -71.89 62.51 145.73
CA GLU KA 167 -71.01 62.27 144.59
C GLU KA 167 -71.56 61.11 143.78
N THR KA 168 -71.39 61.19 142.46
CA THR KA 168 -71.92 60.18 141.56
C THR KA 168 -70.94 59.87 140.46
N ALA KA 169 -70.81 58.59 140.11
CA ALA KA 169 -69.95 58.14 139.03
C ALA KA 169 -70.79 57.87 137.80
N CYS KA 170 -70.45 58.53 136.69
CA CYS KA 170 -71.22 58.46 135.45
C CYS KA 170 -70.30 58.20 134.27
N VAL KA 171 -70.81 57.46 133.28
CA VAL KA 171 -70.03 57.17 132.08
C VAL KA 171 -70.00 58.42 131.20
N ALA KA 172 -68.80 58.78 130.74
CA ALA KA 172 -68.66 59.95 129.88
C ALA KA 172 -69.23 59.70 128.49
N ALA KA 173 -69.04 58.50 127.95
CA ALA KA 173 -69.50 58.15 126.63
C ALA KA 173 -70.38 56.90 126.71
N ALA KA 174 -70.85 56.46 125.55
CA ALA KA 174 -71.73 55.30 125.49
C ALA KA 174 -70.98 54.04 125.93
N GLY KA 175 -71.68 53.19 126.68
CA GLY KA 175 -71.11 51.94 127.18
C GLY KA 175 -71.80 50.74 126.55
N LYS KA 176 -71.00 49.75 126.17
CA LYS KA 176 -71.51 48.59 125.43
C LYS KA 176 -71.41 47.33 126.28
N LEU KA 177 -72.51 46.59 126.37
CA LEU KA 177 -72.55 45.36 127.15
C LEU KA 177 -73.06 44.23 126.26
N THR KA 178 -72.26 43.16 126.12
CA THR KA 178 -72.58 42.04 125.26
C THR KA 178 -72.47 40.73 126.03
N GLU KA 179 -73.43 39.84 125.82
CA GLU KA 179 -73.47 38.54 126.48
C GLU KA 179 -73.92 37.47 125.49
N ALA KA 180 -73.25 36.32 125.53
CA ALA KA 180 -73.59 35.18 124.69
C ALA KA 180 -73.62 33.91 125.53
N ASP KA 181 -74.65 33.09 125.33
CA ASP KA 181 -74.85 31.86 126.07
C ASP KA 181 -75.19 30.74 125.11
N ASN KA 182 -74.55 29.58 125.29
CA ASN KA 182 -74.85 28.40 124.49
C ASN KA 182 -74.72 27.18 125.39
N TRP KA 183 -75.82 26.52 125.70
CA TRP KA 183 -75.72 25.32 126.54
C TRP KA 183 -76.55 24.19 125.96
N GLU KA 184 -76.17 22.96 126.30
CA GLU KA 184 -76.71 21.78 125.66
C GLU KA 184 -76.75 20.62 126.67
N ILE KA 185 -77.83 19.83 126.59
CA ILE KA 185 -78.03 18.66 127.43
C ILE KA 185 -78.41 17.49 126.54
N SER KA 186 -77.77 16.34 126.74
CA SER KA 186 -78.10 15.12 126.02
C SER KA 186 -78.14 13.96 127.00
N GLY KA 187 -79.30 13.33 127.13
CA GLY KA 187 -79.47 12.24 128.07
C GLY KA 187 -80.08 11.02 127.41
N HIS KA 188 -79.75 9.86 127.96
CA HIS KA 188 -80.22 8.58 127.44
C HIS KA 188 -80.42 7.61 128.59
N THR KA 189 -81.50 6.83 128.53
CA THR KA 189 -81.85 5.88 129.58
C THR KA 189 -82.27 4.57 128.94
N ASN KA 190 -81.79 3.45 129.48
CA ASN KA 190 -82.14 2.12 129.00
C ASN KA 190 -82.44 1.25 130.22
N ALA KA 191 -83.71 0.89 130.39
CA ALA KA 191 -84.15 0.01 131.45
C ALA KA 191 -84.54 -1.32 130.81
N ASN KA 192 -83.69 -2.33 130.98
CA ASN KA 192 -83.91 -3.66 130.44
C ASN KA 192 -84.39 -4.57 131.56
N ILE KA 193 -85.57 -5.17 131.38
CA ILE KA 193 -86.13 -6.12 132.32
C ILE KA 193 -86.49 -7.38 131.54
N GLY KA 194 -86.71 -8.47 132.28
CA GLY KA 194 -87.01 -9.74 131.64
C GLY KA 194 -88.21 -9.70 130.72
N GLU KA 195 -89.22 -8.89 131.07
CA GLU KA 195 -90.42 -8.77 130.26
C GLU KA 195 -90.68 -7.34 129.79
N ALA KA 196 -89.74 -6.43 129.98
CA ALA KA 196 -89.94 -5.04 129.58
C ALA KA 196 -88.62 -4.43 129.15
N VAL KA 197 -88.65 -3.65 128.08
CA VAL KA 197 -87.49 -2.91 127.58
C VAL KA 197 -87.93 -1.48 127.32
N VAL KA 198 -87.27 -0.52 127.96
CA VAL KA 198 -87.57 0.89 127.80
C VAL KA 198 -86.30 1.60 127.36
N THR KA 199 -86.39 2.38 126.28
CA THR KA 199 -85.24 3.13 125.75
C THR KA 199 -85.70 4.56 125.49
N ALA KA 200 -85.23 5.49 126.32
CA ALA KA 200 -85.60 6.89 126.21
C ALA KA 200 -84.36 7.73 125.90
N THR KA 201 -84.57 8.81 125.14
CA THR KA 201 -83.48 9.70 124.75
C THR KA 201 -84.04 11.12 124.65
N ALA KA 202 -83.25 12.09 125.09
CA ALA KA 202 -83.67 13.48 125.05
C ALA KA 202 -82.47 14.39 124.81
N GLU KA 203 -82.57 15.25 123.80
CA GLU KA 203 -81.53 16.21 123.48
C GLU KA 203 -82.13 17.60 123.38
N LEU KA 204 -81.45 18.59 123.95
CA LEU KA 204 -81.89 19.97 123.79
C LEU KA 204 -80.68 20.89 123.89
N ASP KA 205 -80.83 22.10 123.36
CA ASP KA 205 -79.77 23.09 123.40
C ASP KA 205 -80.37 24.47 123.20
N LYS KA 206 -79.92 25.43 124.00
CA LYS KA 206 -80.41 26.80 123.97
C LYS KA 206 -79.25 27.75 123.67
N ASN KA 207 -79.53 28.74 122.83
CA ASN KA 207 -78.57 29.76 122.45
C ASN KA 207 -79.22 31.14 122.63
N LEU KA 208 -78.53 32.03 123.33
CA LEU KA 208 -79.00 33.39 123.58
C LEU KA 208 -77.88 34.39 123.34
N SER KA 209 -78.26 35.60 122.97
CA SER KA 209 -77.30 36.68 122.78
C SER KA 209 -78.00 38.01 123.04
N ARG KA 210 -77.45 38.81 123.95
CA ARG KA 210 -78.02 40.09 124.32
C ARG KA 210 -76.94 41.16 124.23
N LYS KA 211 -77.23 42.25 123.50
CA LYS KA 211 -76.27 43.34 123.33
C LYS KA 211 -77.00 44.66 123.52
N ILE KA 212 -76.54 45.46 124.47
CA ILE KA 212 -77.16 46.75 124.78
C ILE KA 212 -76.08 47.82 124.86
N GLU KA 213 -76.53 49.08 124.85
CA GLU KA 213 -75.64 50.23 124.89
C GLU KA 213 -76.27 51.32 125.74
N ILE KA 214 -75.71 51.54 126.93
CA ILE KA 214 -76.18 52.63 127.80
C ILE KA 214 -75.66 53.96 127.28
N PRO KA 215 -76.46 55.02 127.33
CA PRO KA 215 -76.05 56.30 126.76
C PRO KA 215 -75.16 57.06 127.72
N PRO KA 216 -74.47 58.11 127.24
CA PRO KA 216 -73.65 58.92 128.13
C PRO KA 216 -74.48 59.57 129.23
N GLY KA 217 -73.88 59.68 130.41
CA GLY KA 217 -74.52 60.29 131.56
C GLY KA 217 -75.18 59.32 132.51
N THR KA 218 -75.25 58.04 132.16
CA THR KA 218 -75.88 57.06 133.03
C THR KA 218 -75.07 56.90 134.31
N ALA KA 219 -75.74 57.00 135.46
CA ALA KA 219 -75.07 56.86 136.74
C ALA KA 219 -74.74 55.40 137.02
N LEU KA 220 -73.60 55.18 137.69
CA LEU KA 220 -73.16 53.84 138.06
C LEU KA 220 -73.15 53.59 139.55
N ALA KA 221 -72.68 54.55 140.34
CA ALA KA 221 -72.56 54.36 141.77
C ALA KA 221 -72.59 55.73 142.45
N TYR KA 222 -72.81 55.72 143.77
CA TYR KA 222 -72.99 56.96 144.50
C TYR KA 222 -72.60 56.76 145.95
N SER KA 223 -72.40 57.89 146.64
CA SER KA 223 -72.17 57.91 148.08
C SER KA 223 -73.02 59.01 148.69
N PHE KA 224 -73.46 58.81 149.93
CA PHE KA 224 -74.40 59.73 150.54
C PHE KA 224 -74.03 59.96 152.00
N MET KA 225 -74.54 61.06 152.54
CA MET KA 225 -74.36 61.46 153.93
C MET KA 225 -75.69 61.45 154.66
N ASP KA 226 -75.69 60.97 155.90
CA ASP KA 226 -76.92 60.83 156.64
C ASP KA 226 -77.41 62.18 157.19
N LEU KA 227 -78.70 62.23 157.50
CA LEU KA 227 -79.33 63.43 158.06
C LEU KA 227 -80.23 63.02 159.22
N GLU KA 228 -80.71 64.03 159.94
CA GLU KA 228 -81.57 63.81 161.10
C GLU KA 228 -82.52 64.98 161.25
N ILE KA 229 -83.81 64.68 161.33
CA ILE KA 229 -84.84 65.71 161.53
C ILE KA 229 -84.92 66.04 163.01
N LEU KA 230 -84.77 67.32 163.34
CA LEU KA 230 -84.99 67.76 164.71
C LEU KA 230 -86.47 67.70 165.06
N GLU KA 231 -86.80 68.06 166.30
CA GLU KA 231 -88.20 68.21 166.69
C GLU KA 231 -88.91 69.19 165.77
N ASP KA 232 -88.28 70.33 165.51
CA ASP KA 232 -88.76 71.28 164.52
C ASP KA 232 -88.41 70.78 163.11
N ARG KA 233 -88.72 71.61 162.10
CA ARG KA 233 -88.34 71.29 160.74
C ARG KA 233 -86.84 71.37 160.49
N SER KA 234 -86.07 71.83 161.47
CA SER KA 234 -84.62 71.93 161.31
C SER KA 234 -83.99 70.57 161.02
N LEU KA 235 -82.91 70.60 160.25
CA LEU KA 235 -82.18 69.40 159.88
C LEU KA 235 -80.75 69.47 160.42
N ARG KA 236 -80.20 68.30 160.76
CA ARG KA 236 -78.85 68.20 161.27
C ARG KA 236 -78.14 67.06 160.54
N VAL KA 237 -76.81 67.11 160.55
CA VAL KA 237 -76.03 66.06 159.93
C VAL KA 237 -75.52 65.13 161.02
N SER KA 238 -75.48 63.84 160.72
CA SER KA 238 -75.11 62.82 161.69
C SER KA 238 -73.95 61.99 161.15
N SER KA 239 -73.01 61.65 162.02
CA SER KA 239 -71.80 60.91 161.64
C SER KA 239 -71.66 59.70 162.56
N SER KA 240 -71.73 58.51 161.98
CA SER KA 240 -71.46 57.29 162.72
C SER KA 240 -69.95 57.12 162.87
N ALA KA 241 -69.45 57.34 164.08
CA ALA KA 241 -68.01 57.30 164.36
C ALA KA 241 -67.25 58.31 163.50
N GLY KA 242 -67.89 59.43 163.16
CA GLY KA 242 -67.26 60.46 162.37
C GLY KA 242 -67.05 60.11 160.92
N ALA KA 243 -67.76 59.11 160.39
CA ALA KA 243 -67.56 58.71 159.01
C ALA KA 243 -68.00 59.80 158.03
N MET KA 244 -69.24 60.29 158.20
CA MET KA 244 -69.85 61.28 157.30
C MET KA 244 -69.87 60.81 155.85
N PHE KA 245 -69.73 59.51 155.62
CA PHE KA 245 -69.80 58.94 154.27
C PHE KA 245 -70.36 57.53 154.41
N ASP KA 246 -71.65 57.38 154.15
CA ASP KA 246 -72.32 56.10 154.33
C ASP KA 246 -72.41 55.36 153.01
N SER KA 247 -72.01 54.10 153.01
CA SER KA 247 -72.04 53.25 151.83
C SER KA 247 -73.12 52.19 151.92
N GLY KA 248 -74.10 52.37 152.79
CA GLY KA 248 -75.14 51.37 152.97
C GLY KA 248 -74.60 50.05 153.48
N LYS KA 249 -73.63 50.10 154.40
CA LYS KA 249 -73.00 48.91 154.96
C LYS KA 249 -73.54 48.62 156.35
N ALA KA 250 -73.53 47.34 156.71
CA ALA KA 250 -73.97 46.94 158.04
C ALA KA 250 -73.00 47.45 159.09
N GLU KA 251 -73.53 47.70 160.29
CA GLU KA 251 -72.70 48.21 161.38
C GLU KA 251 -71.60 47.21 161.76
N SER KA 252 -71.95 45.92 161.80
CA SER KA 252 -71.00 44.85 162.13
C SER KA 252 -70.33 45.09 163.48
CA ARG LA 3 -57.40 41.62 145.47
C ARG LA 3 -57.46 42.65 144.35
N PRO LA 4 -58.00 43.83 144.65
CA PRO LA 4 -58.08 44.87 143.62
C PRO LA 4 -56.70 45.26 143.11
N MET LA 5 -56.64 45.56 141.80
CA MET LA 5 -55.37 45.94 141.20
C MET LA 5 -54.84 47.22 141.81
N PHE LA 6 -55.73 48.19 142.08
CA PHE LA 6 -55.28 49.43 142.69
C PHE LA 6 -54.66 49.18 144.06
N ALA LA 7 -55.29 48.33 144.87
CA ALA LA 7 -54.73 48.01 146.19
C ALA LA 7 -53.38 47.29 146.05
N VAL LA 8 -53.27 46.36 145.10
CA VAL LA 8 -52.01 45.66 144.90
C VAL LA 8 -50.91 46.63 144.49
N ALA LA 9 -51.22 47.54 143.56
CA ALA LA 9 -50.23 48.50 143.12
C ALA LA 9 -49.83 49.45 144.24
N VAL LA 10 -50.80 49.86 145.07
CA VAL LA 10 -50.50 50.72 146.20
C VAL LA 10 -49.57 50.01 147.18
N ASN LA 11 -49.84 48.74 147.46
CA ASN LA 11 -48.96 47.98 148.34
C ASN LA 11 -47.56 47.84 147.76
N GLU LA 12 -47.46 47.56 146.45
CA GLU LA 12 -46.15 47.46 145.82
C GLU LA 12 -45.38 48.77 145.92
N PHE LA 13 -46.06 49.88 145.65
CA PHE LA 13 -45.38 51.18 145.73
C PHE LA 13 -44.94 51.48 147.16
N ILE LA 14 -45.82 51.24 148.14
CA ILE LA 14 -45.48 51.58 149.50
C ILE LA 14 -44.37 50.68 150.03
N ARG LA 15 -44.29 49.44 149.54
CA ARG LA 15 -43.16 48.59 149.92
C ARG LA 15 -41.86 49.07 149.28
N SER LA 16 -41.89 49.37 147.98
CA SER LA 16 -40.67 49.78 147.30
C SER LA 16 -40.13 51.09 147.86
N ALA LA 17 -41.02 52.05 148.11
CA ALA LA 17 -40.63 53.35 148.64
C ALA LA 17 -41.54 53.71 149.81
N GLY LA 18 -40.95 54.22 150.88
CA GLY LA 18 -41.72 54.65 152.03
C GLY LA 18 -42.46 53.55 152.75
N GLN LA 19 -41.77 52.44 153.04
CA GLN LA 19 -42.41 51.35 153.77
C GLN LA 19 -42.82 51.80 155.17
N ASP LA 20 -42.13 52.78 155.73
CA ASP LA 20 -42.47 53.36 157.01
C ASP LA 20 -43.03 54.77 156.81
N SER LA 21 -43.89 55.18 157.76
CA SER LA 21 -44.50 56.52 157.75
C SER LA 21 -45.27 56.78 156.47
N LEU LA 22 -46.11 55.82 156.08
CA LEU LA 22 -46.92 55.97 154.89
C LEU LA 22 -48.14 55.05 155.00
N CYS LA 23 -49.30 55.57 154.62
CA CYS LA 23 -50.56 54.84 154.71
C CYS LA 23 -51.14 54.68 153.31
N GLY LA 24 -51.53 53.44 152.98
CA GLY LA 24 -52.12 53.19 151.69
C GLY LA 24 -53.49 53.83 151.53
N VAL LA 25 -53.86 54.07 150.28
CA VAL LA 25 -55.15 54.67 149.95
C VAL LA 25 -56.17 53.54 149.76
N PRO LA 26 -57.34 53.62 150.41
CA PRO LA 26 -58.30 52.51 150.32
C PRO LA 26 -58.81 52.24 148.92
N ASP LA 27 -59.17 53.28 148.16
CA ASP LA 27 -59.74 53.07 146.83
C ASP LA 27 -59.57 54.32 146.00
N ILE LA 28 -59.76 54.16 144.69
CA ILE LA 28 -59.58 55.26 143.75
C ILE LA 28 -60.58 56.37 144.04
N ASN LA 29 -61.82 56.01 144.35
CA ASN LA 29 -62.85 57.02 144.59
C ASN LA 29 -62.49 57.92 145.77
N SER LA 30 -62.00 57.33 146.85
CA SER LA 30 -61.66 58.08 148.05
C SER LA 30 -60.22 58.56 148.05
N SER LA 31 -59.46 58.30 146.98
CA SER LA 31 -58.09 58.79 146.91
C SER LA 31 -58.03 60.30 146.97
N GLY LA 32 -59.00 60.99 146.36
CA GLY LA 32 -58.97 62.44 146.31
C GLY LA 32 -59.25 63.13 147.63
N ASP LA 33 -59.68 62.39 148.64
CA ASP LA 33 -59.98 62.97 149.94
C ASP LA 33 -58.80 62.96 150.89
N PHE LA 34 -57.63 62.49 150.44
CA PHE LA 34 -56.44 62.40 151.27
C PHE LA 34 -55.33 63.33 150.78
N MET LA 35 -55.72 64.47 150.21
CA MET LA 35 -54.77 65.49 149.84
C MET LA 35 -54.28 66.25 151.07
N PRO LA 36 -53.15 66.96 150.98
CA PRO LA 36 -52.62 67.67 152.15
C PRO LA 36 -53.62 68.67 152.71
N LEU LA 37 -53.54 68.87 154.02
CA LEU LA 37 -54.42 69.78 154.77
C LEU LA 37 -55.87 69.29 154.75
N HIS LA 38 -56.04 67.99 155.00
CA HIS LA 38 -57.36 67.39 155.14
C HIS LA 38 -57.47 66.74 156.51
N ILE LA 39 -58.68 66.79 157.07
CA ILE LA 39 -58.96 66.21 158.38
C ILE LA 39 -59.45 64.78 158.20
N ILE LA 40 -58.91 63.86 159.00
CA ILE LA 40 -59.34 62.47 159.02
C ILE LA 40 -59.60 62.07 160.46
N VAL LA 41 -60.37 61.01 160.64
CA VAL LA 41 -60.74 60.50 161.95
C VAL LA 41 -60.11 59.13 162.14
N LYS LA 42 -59.50 58.92 163.30
CA LYS LA 42 -58.86 57.66 163.64
C LYS LA 42 -59.63 57.00 164.79
N GLU LA 43 -59.95 55.71 164.61
CA GLU LA 43 -60.68 54.93 165.59
C GLU LA 43 -59.80 53.80 166.08
N VAL LA 44 -59.72 53.64 167.40
CA VAL LA 44 -58.87 52.63 168.02
C VAL LA 44 -59.50 51.24 167.80
N PRO LA 45 -58.70 50.17 167.79
CA PRO LA 45 -59.28 48.83 167.59
C PRO LA 45 -60.28 48.43 168.65
N LYS LA 46 -60.08 48.87 169.90
CA LYS LA 46 -60.92 48.59 171.06
C LYS LA 46 -60.84 47.12 171.51
N VAL LA 47 -60.11 46.27 170.80
CA VAL LA 47 -59.97 44.87 171.18
C VAL LA 47 -58.51 44.60 171.50
N LEU LA 48 -57.63 44.80 170.52
CA LEU LA 48 -56.19 44.64 170.68
C LEU LA 48 -55.53 45.90 170.14
N PRO LA 49 -55.58 47.02 170.88
CA PRO LA 49 -55.03 48.27 170.36
C PRO LA 49 -53.56 48.19 170.02
N CYS LA 50 -52.77 47.45 170.80
CA CYS LA 50 -51.34 47.33 170.55
C CYS LA 50 -51.02 46.27 169.51
N CYS LA 51 -51.99 45.47 169.09
CA CYS LA 51 -51.75 44.40 168.12
C CYS LA 51 -52.44 44.63 166.78
N ARG LA 52 -53.40 45.56 166.71
CA ARG LA 52 -54.16 45.79 165.48
C ARG LA 52 -54.03 47.26 165.09
N ARG LA 53 -53.88 47.52 163.79
CA ARG LA 53 -53.80 48.88 163.30
C ARG LA 53 -55.17 49.56 163.38
N PRO LA 54 -55.20 50.85 163.66
CA PRO LA 54 -56.50 51.54 163.80
C PRO LA 54 -57.24 51.70 162.50
N LYS LA 55 -58.44 52.28 162.56
CA LYS LA 55 -59.30 52.48 161.39
C LYS LA 55 -59.34 53.96 161.04
N ILE LA 56 -59.14 54.25 159.76
CA ILE LA 56 -59.04 55.63 159.28
C ILE LA 56 -60.27 55.96 158.44
N LYS LA 57 -60.93 57.06 158.77
CA LYS LA 57 -62.16 57.50 158.12
C LYS LA 57 -61.93 58.87 157.52
N ARG LA 58 -62.29 59.02 156.25
CA ARG LA 58 -62.18 60.30 155.56
C ARG LA 58 -63.34 61.21 155.92
N THR LA 59 -63.08 62.51 155.89
CA THR LA 59 -64.09 63.52 156.16
C THR LA 59 -64.03 64.61 155.10
N PRO LA 60 -65.17 65.24 154.80
CA PRO LA 60 -65.19 66.32 153.81
C PRO LA 60 -64.89 67.69 154.43
N TYR LA 61 -63.72 67.80 155.05
CA TYR LA 61 -63.32 69.03 155.72
C TYR LA 61 -61.85 69.32 155.44
N THR LA 62 -61.54 70.61 155.41
CA THR LA 62 -60.17 71.09 155.38
C THR LA 62 -59.85 71.81 156.69
N LEU LA 63 -58.58 72.15 156.86
CA LEU LA 63 -58.16 72.80 158.09
C LEU LA 63 -58.85 74.15 158.27
N ASN LA 64 -58.92 74.94 157.19
CA ASN LA 64 -59.53 76.27 157.29
C ASN LA 64 -61.02 76.17 157.59
N ASP LA 65 -61.70 75.16 157.06
CA ASP LA 65 -63.11 74.98 157.37
C ASP LA 65 -63.30 74.53 158.81
N ILE LA 66 -62.46 73.61 159.29
CA ILE LA 66 -62.63 73.09 160.64
C ILE LA 66 -62.24 74.12 161.69
N LEU LA 67 -61.38 75.08 161.33
CA LEU LA 67 -60.89 76.07 162.26
C LEU LA 67 -61.63 77.39 162.10
N ASP LA 68 -61.94 78.02 163.23
CA ASP LA 68 -62.50 79.37 163.19
C ASP LA 68 -61.52 80.36 162.57
N GLU LA 69 -60.23 80.25 162.94
CA GLU LA 69 -59.21 81.14 162.40
C GLU LA 69 -58.50 80.45 161.24
N PRO LA 70 -58.46 81.06 160.05
CA PRO LA 70 -57.81 80.42 158.91
C PRO LA 70 -56.29 80.38 159.07
N CYS LA 71 -55.68 79.48 158.32
CA CYS LA 71 -54.25 79.27 158.28
C CYS LA 71 -53.78 79.30 156.83
N PRO LA 72 -52.52 79.63 156.59
CA PRO LA 72 -51.99 79.55 155.21
C PRO LA 72 -52.07 78.12 154.69
N ASN LA 73 -52.35 77.99 153.40
CA ASN LA 73 -52.63 76.70 152.80
C ASN LA 73 -51.88 76.45 151.49
N GLN LA 74 -50.88 77.26 151.17
CA GLN LA 74 -50.15 77.06 149.92
C GLN LA 74 -49.40 75.74 149.94
N LEU LA 75 -49.26 75.13 148.77
CA LEU LA 75 -48.64 73.82 148.63
C LEU LA 75 -47.49 73.87 147.65
N LYS LA 76 -46.72 72.79 147.62
CA LYS LA 76 -45.63 72.62 146.67
C LYS LA 76 -45.41 71.13 146.44
N SER LA 77 -44.89 70.80 145.26
CA SER LA 77 -44.70 69.41 144.87
C SER LA 77 -43.29 69.22 144.32
N SER LA 78 -42.77 68.02 144.52
CA SER LA 78 -41.43 67.66 144.05
C SER LA 78 -41.37 66.17 143.80
N ASP LA 79 -40.45 65.76 142.92
CA ASP LA 79 -40.36 64.36 142.55
C ASP LA 79 -39.94 63.49 143.73
N LEU LA 80 -40.47 62.27 143.77
CA LEU LA 80 -40.17 61.33 144.84
C LEU LA 80 -39.49 60.07 144.33
N VAL LA 81 -40.06 59.39 143.34
CA VAL LA 81 -39.50 58.15 142.80
C VAL LA 81 -39.99 58.00 141.36
N THR LA 82 -39.29 57.18 140.59
CA THR LA 82 -39.59 56.99 139.17
C THR LA 82 -39.44 55.51 138.83
N PHE LA 83 -40.54 54.88 138.44
CA PHE LA 83 -40.53 53.49 138.00
C PHE LA 83 -40.26 53.47 136.51
N THR LA 84 -39.01 53.20 136.13
CA THR LA 84 -38.63 53.26 134.71
C THR LA 84 -39.33 52.18 133.90
N GLU LA 85 -39.50 50.98 134.47
CA GLU LA 85 -40.14 49.89 133.76
C GLU LA 85 -41.28 49.33 134.58
N PRO LA 86 -42.29 48.76 133.93
CA PRO LA 86 -43.45 48.25 134.65
C PRO LA 86 -43.08 47.10 135.58
N LEU LA 87 -43.74 47.07 136.74
CA LEU LA 87 -43.66 45.93 137.64
C LEU LA 87 -44.43 44.77 137.03
N VAL LA 88 -43.74 43.67 136.75
CA VAL LA 88 -44.31 42.52 136.06
C VAL LA 88 -44.24 41.32 137.00
N SER LA 89 -45.35 40.60 137.12
CA SER LA 89 -45.42 39.41 137.96
C SER LA 89 -46.08 38.28 137.20
N ASN LA 90 -45.52 37.08 137.32
CA ASN LA 90 -46.05 35.89 136.69
C ASN LA 90 -46.12 34.76 137.71
N VAL LA 91 -47.24 34.05 137.73
CA VAL LA 91 -47.42 32.87 138.57
C VAL LA 91 -48.01 31.78 137.69
N LYS LA 92 -47.45 30.58 137.78
CA LYS LA 92 -47.91 29.46 136.97
C LYS LA 92 -47.87 28.21 137.83
N ALA LA 93 -49.04 27.64 138.12
CA ALA LA 93 -49.15 26.44 138.94
C ALA LA 93 -49.85 25.34 138.14
N SER LA 94 -49.46 24.10 138.42
CA SER LA 94 -50.08 22.96 137.77
C SER LA 94 -49.91 21.74 138.68
N SER LA 95 -51.00 21.02 138.92
CA SER LA 95 -50.98 19.89 139.82
C SER LA 95 -51.89 18.79 139.31
N SER LA 96 -51.61 17.57 139.73
CA SER LA 96 -52.41 16.40 139.35
C SER LA 96 -52.42 15.42 140.51
N ILE LA 97 -53.58 14.79 140.72
CA ILE LA 97 -53.78 13.84 141.81
C ILE LA 97 -54.40 12.57 141.22
N GLY LA 98 -53.89 11.41 141.64
CA GLY LA 98 -54.45 10.15 141.22
C GLY LA 98 -54.62 9.19 142.38
N LEU LA 99 -55.86 8.77 142.64
CA LEU LA 99 -56.18 7.88 143.75
C LEU LA 99 -56.79 6.61 143.20
N GLN LA 100 -56.32 5.46 143.70
CA GLN LA 100 -56.86 4.18 143.30
C GLN LA 100 -57.06 3.31 144.54
N ILE LA 101 -58.25 2.74 144.68
CA ILE LA 101 -58.55 1.78 145.74
C ILE LA 101 -58.92 0.47 145.04
N LEU LA 102 -57.96 -0.45 144.99
CA LEU LA 102 -58.10 -1.79 144.43
C LEU LA 102 -58.61 -1.65 142.99
N LYS LA 103 -59.62 -2.40 142.57
CA LYS LA 103 -60.30 -2.17 141.30
C LYS LA 103 -61.70 -1.62 141.52
N HIS LA 104 -61.94 -0.99 142.67
CA HIS LA 104 -63.25 -0.46 143.03
C HIS LA 104 -63.34 1.05 142.93
N PHE LA 105 -62.27 1.78 143.20
CA PHE LA 105 -62.30 3.23 143.12
C PHE LA 105 -61.12 3.72 142.28
N ASP LA 106 -61.37 4.70 141.42
CA ASP LA 106 -60.29 5.26 140.59
C ASP LA 106 -60.65 6.71 140.26
N SER LA 107 -59.95 7.66 140.87
CA SER LA 107 -60.20 9.07 140.63
C SER LA 107 -58.94 9.75 140.12
N GLY LA 108 -59.09 10.59 139.11
CA GLY LA 108 -57.99 11.38 138.60
C GLY LA 108 -58.37 12.83 138.41
N ALA LA 109 -57.70 13.73 139.13
CA ALA LA 109 -57.99 15.15 139.06
C ALA LA 109 -56.74 15.90 138.64
N LYS LA 110 -56.94 17.08 138.05
CA LYS LA 110 -55.82 17.91 137.66
C LYS LA 110 -56.29 19.35 137.56
N GLY LA 111 -55.37 20.26 137.84
CA GLY LA 111 -55.68 21.68 137.81
C GLY LA 111 -54.48 22.48 137.35
N SER LA 112 -54.75 23.65 136.80
CA SER LA 112 -53.70 24.53 136.34
C SER LA 112 -54.18 25.98 136.47
N LYS LA 113 -53.22 26.88 136.65
CA LYS LA 113 -53.53 28.30 136.84
C LYS LA 113 -52.36 29.13 136.31
N ASN LA 114 -52.70 30.20 135.60
CA ASN LA 114 -51.71 31.13 135.05
C ASN LA 114 -52.19 32.55 135.33
N PHE LA 115 -51.39 33.31 136.07
CA PHE LA 115 -51.76 34.63 136.54
C PHE LA 115 -50.65 35.62 136.16
N ILE LA 116 -51.02 36.71 135.48
CA ILE LA 116 -50.05 37.69 135.00
C ILE LA 116 -50.52 39.08 135.42
N THR LA 117 -49.58 39.88 135.93
CA THR LA 117 -49.89 41.23 136.39
C THR LA 117 -48.83 42.19 135.88
N SER LA 118 -49.25 43.39 135.50
CA SER LA 118 -48.34 44.44 135.06
C SER LA 118 -48.85 45.79 135.55
N ALA LA 119 -47.97 46.54 136.20
CA ALA LA 119 -48.32 47.87 136.72
C ALA LA 119 -47.29 48.89 136.25
N SER LA 120 -47.76 49.94 135.61
CA SER LA 120 -46.90 51.03 135.12
C SER LA 120 -47.35 52.31 135.80
N LEU LA 121 -46.61 52.73 136.81
CA LEU LA 121 -46.93 53.92 137.58
C LEU LA 121 -46.19 55.16 137.11
N GLY LA 122 -45.24 55.03 136.19
CA GLY LA 122 -44.55 56.20 135.68
C GLY LA 122 -43.77 56.90 136.77
N THR LA 123 -44.04 58.19 136.94
CA THR LA 123 -43.37 59.03 137.92
C THR LA 123 -44.34 59.36 139.05
N VAL LA 124 -43.86 59.28 140.29
CA VAL LA 124 -44.64 59.61 141.47
C VAL LA 124 -44.02 60.84 142.12
N VAL LA 125 -44.85 61.85 142.39
CA VAL LA 125 -44.41 63.07 143.04
C VAL LA 125 -45.03 63.14 144.43
N LYS LA 126 -44.49 64.03 145.25
CA LYS LA 126 -44.98 64.27 146.60
C LYS LA 126 -45.38 65.72 146.73
N ALA LA 127 -46.57 65.94 147.29
CA ALA LA 127 -47.12 67.28 147.50
C ALA LA 127 -47.31 67.51 148.99
N GLU LA 128 -46.93 68.71 149.43
CA GLU LA 128 -46.95 69.06 150.84
C GLU LA 128 -46.96 70.56 150.99
N THR LA 129 -47.34 71.02 152.18
CA THR LA 129 -47.37 72.44 152.47
C THR LA 129 -45.98 73.05 152.32
N ILE LA 130 -45.93 74.28 151.84
CA ILE LA 130 -44.64 74.96 151.66
C ILE LA 130 -43.95 75.14 153.01
N ASP LA 131 -44.69 75.56 154.03
CA ASP LA 131 -44.17 75.73 155.37
C ASP LA 131 -45.14 75.09 156.35
N ILE LA 132 -44.67 74.05 157.05
CA ILE LA 132 -45.52 73.36 158.01
C ILE LA 132 -45.44 73.99 159.39
N THR LA 133 -44.33 74.64 159.72
CA THR LA 133 -44.18 75.26 161.03
C THR LA 133 -45.22 76.36 161.25
N LYS LA 134 -45.45 77.19 160.22
CA LYS LA 134 -46.46 78.24 160.34
C LYS LA 134 -47.85 77.65 160.53
N VAL LA 135 -48.17 76.59 159.79
CA VAL LA 135 -49.46 75.94 159.92
C VAL LA 135 -49.63 75.39 161.32
N LEU LA 136 -48.60 74.75 161.85
CA LEU LA 136 -48.67 74.20 163.20
C LEU LA 136 -48.86 75.31 164.24
N ALA LA 137 -48.12 76.41 164.09
CA ALA LA 137 -48.25 77.51 165.04
C ALA LA 137 -49.67 78.07 165.03
N LYS LA 138 -50.19 78.34 163.84
CA LYS LA 138 -51.54 78.88 163.72
C LYS LA 138 -52.58 77.90 164.28
N VAL LA 139 -52.40 76.60 164.02
CA VAL LA 139 -53.33 75.61 164.58
C VAL LA 139 -53.32 75.69 166.10
N ARG LA 140 -52.12 75.70 166.69
CA ARG LA 140 -52.02 75.73 168.14
C ARG LA 140 -52.64 76.99 168.72
N THR LA 141 -52.54 78.12 168.01
CA THR LA 141 -53.10 79.36 168.50
C THR LA 141 -54.54 79.61 168.03
N ALA LA 142 -55.13 78.69 167.27
CA ALA LA 142 -56.46 78.87 166.71
C ALA LA 142 -57.45 77.92 167.34
N LYS LA 143 -58.70 78.35 167.44
CA LYS LA 143 -59.79 77.54 167.98
C LYS LA 143 -60.63 76.93 166.86
N ALA LA 144 -61.15 75.73 167.12
CA ALA LA 144 -61.98 75.03 166.15
C ALA LA 144 -63.35 75.71 166.02
N LYS LA 145 -64.09 75.28 165.00
CA LYS LA 145 -65.41 75.84 164.73
C LYS LA 145 -66.42 75.29 165.73
N VAL LA 146 -67.04 76.20 166.49
CA VAL LA 146 -68.04 75.77 167.47
C VAL LA 146 -69.24 75.14 166.78
N GLU LA 147 -69.64 75.68 165.63
CA GLU LA 147 -70.77 75.13 164.90
C GLU LA 147 -70.54 73.69 164.47
N ASN LA 148 -69.31 73.34 164.11
CA ASN LA 148 -69.02 72.00 163.60
C ASN LA 148 -69.39 70.93 164.60
N ASP LA 149 -70.07 69.88 164.11
CA ASP LA 149 -70.51 68.76 164.94
C ASP LA 149 -69.44 67.68 165.09
N LEU LA 150 -68.66 67.45 164.04
CA LEU LA 150 -67.61 66.44 164.08
C LEU LA 150 -66.62 66.70 165.22
N VAL LA 151 -66.19 67.95 165.37
CA VAL LA 151 -65.25 68.30 166.43
C VAL LA 151 -65.84 67.97 167.80
N SER LA 152 -67.10 68.34 168.00
CA SER LA 152 -67.75 68.06 169.29
C SER LA 152 -67.85 66.56 169.53
N ARG LA 153 -68.20 65.80 168.49
CA ARG LA 153 -68.27 64.35 168.62
C ARG LA 153 -66.92 63.78 169.06
N VAL LA 154 -65.85 64.19 168.37
CA VAL LA 154 -64.51 63.69 168.70
C VAL LA 154 -64.11 64.12 170.11
N MET LA 155 -64.50 65.33 170.52
CA MET LA 155 -64.18 65.81 171.86
C MET LA 155 -64.87 64.96 172.92
N LYS LA 156 -66.16 64.67 172.73
CA LYS LA 156 -66.88 63.92 173.75
C LYS LA 156 -66.47 62.45 173.77
N THR LA 157 -66.16 61.87 172.62
CA THR LA 157 -65.75 60.48 172.58
C THR LA 157 -64.25 60.38 172.90
N LYS LA 158 -63.87 59.21 173.40
CA LYS LA 158 -62.48 58.95 173.78
C LYS LA 158 -61.72 58.14 172.75
N ARG LA 159 -62.41 57.29 171.98
CA ARG LA 159 -61.72 56.49 170.97
C ARG LA 159 -61.32 57.34 169.77
N LEU LA 160 -62.20 58.25 169.34
CA LEU LA 160 -61.96 59.02 168.14
C LEU LA 160 -60.82 60.02 168.33
N CYS LA 161 -59.99 60.16 167.30
CA CYS LA 161 -58.92 61.14 167.28
C CYS LA 161 -58.91 61.83 165.92
N LEU LA 162 -58.38 63.05 165.89
CA LEU LA 162 -58.31 63.83 164.66
C LEU LA 162 -56.89 63.82 164.11
N GLY LA 163 -56.79 63.79 162.79
CA GLY LA 163 -55.49 63.81 162.13
C GLY LA 163 -55.46 64.72 160.92
N LEU LA 164 -54.41 65.52 160.80
CA LEU LA 164 -54.22 66.44 159.69
C LEU LA 164 -53.23 65.82 158.72
N VAL LA 165 -53.64 65.67 157.47
CA VAL LA 165 -52.77 65.11 156.44
C VAL LA 165 -51.77 66.17 155.99
N VAL LA 166 -50.50 65.78 155.93
CA VAL LA 166 -49.43 66.75 155.67
C VAL LA 166 -48.64 66.46 154.40
N GLU LA 167 -48.67 65.25 153.86
CA GLU LA 167 -47.96 64.97 152.62
C GLU LA 167 -48.68 63.86 151.87
N THR LA 168 -48.67 63.94 150.55
CA THR LA 168 -49.38 62.98 149.72
C THR LA 168 -48.56 62.62 148.50
N ALA LA 169 -48.57 61.34 148.14
CA ALA LA 169 -47.87 60.85 146.96
C ALA LA 169 -48.89 60.64 145.83
N CYS LA 170 -48.65 61.29 144.69
CA CYS LA 170 -49.57 61.28 143.57
C CYS LA 170 -48.83 60.98 142.27
N VAL LA 171 -49.50 60.29 141.36
CA VAL LA 171 -48.90 59.96 140.07
C VAL LA 171 -48.90 61.21 139.19
N ALA LA 172 -47.75 61.50 138.58
CA ALA LA 172 -47.65 62.67 137.72
C ALA LA 172 -48.41 62.48 136.42
N ALA LA 173 -48.36 61.27 135.85
CA ALA LA 173 -49.01 60.96 134.59
C ALA LA 173 -49.94 59.78 134.78
N ALA LA 174 -50.59 59.38 133.68
CA ALA LA 174 -51.54 58.27 133.74
C ALA LA 174 -50.83 56.97 134.08
N GLY LA 175 -51.47 56.15 134.90
CA GLY LA 175 -50.93 54.87 135.33
C GLY LA 175 -51.76 53.72 134.79
N LYS LA 176 -51.09 52.69 134.30
CA LYS LA 176 -51.76 51.57 133.64
C LYS LA 176 -51.63 50.30 134.45
N LEU LA 177 -52.76 49.62 134.68
CA LEU LA 177 -52.79 48.39 135.45
C LEU LA 177 -53.47 47.30 134.62
N THR LA 178 -52.76 46.19 134.40
CA THR LA 178 -53.26 45.10 133.58
C THR LA 178 -53.14 43.78 134.33
N GLU LA 179 -54.18 42.95 134.22
CA GLU LA 179 -54.22 41.65 134.89
C GLU LA 179 -54.85 40.63 133.96
N ALA LA 180 -54.26 39.44 133.92
CA ALA LA 180 -54.78 38.33 133.12
C ALA LA 180 -54.78 37.05 133.95
N ASP LA 181 -55.88 36.30 133.87
CA ASP LA 181 -56.06 35.09 134.64
C ASP LA 181 -56.58 33.99 133.72
N ASN LA 182 -56.01 32.79 133.82
CA ASN LA 182 -56.48 31.64 133.05
C ASN LA 182 -56.32 30.41 133.92
N TRP LA 183 -57.41 29.81 134.37
CA TRP LA 183 -57.29 28.60 135.18
C TRP LA 183 -58.26 27.54 134.72
N GLU LA 184 -57.91 26.28 135.00
CA GLU LA 184 -58.61 25.14 134.44
C GLU LA 184 -58.60 23.98 135.42
N ILE LA 185 -59.72 23.26 135.49
CA ILE LA 185 -59.89 22.10 136.35
C ILE LA 185 -60.46 20.95 135.50
N SER LA 186 -59.87 19.77 135.62
CA SER LA 186 -60.36 18.58 134.94
C SER LA 186 -60.36 17.41 135.91
N GLY LA 187 -61.53 16.86 136.19
CA GLY LA 187 -61.65 15.77 137.14
C GLY LA 187 -62.42 14.60 136.56
N HIS LA 188 -62.09 13.41 137.06
CA HIS LA 188 -62.71 12.17 136.59
C HIS LA 188 -62.81 11.21 137.76
N THR LA 189 -63.94 10.49 137.83
CA THR LA 189 -64.22 9.56 138.91
C THR LA 189 -64.81 8.28 138.33
N ASN LA 190 -64.33 7.13 138.80
CA ASN LA 190 -64.82 5.83 138.37
C ASN LA 190 -65.03 4.97 139.61
N ALA LA 191 -66.27 4.69 139.94
CA ALA LA 191 -66.64 3.82 141.05
C ALA LA 191 -67.19 2.52 140.45
N ASN LA 192 -66.39 1.47 140.52
CA ASN LA 192 -66.77 0.16 140.01
C ASN LA 192 -67.15 -0.74 141.18
N ILE LA 193 -68.38 -1.26 141.13
CA ILE LA 193 -68.88 -2.18 142.14
C ILE LA 193 -69.42 -3.40 141.41
N GLY LA 194 -69.62 -4.49 142.17
CA GLY LA 194 -70.07 -5.73 141.57
C GLY LA 194 -71.38 -5.60 140.81
N GLU LA 195 -72.28 -4.74 141.28
CA GLU LA 195 -73.56 -4.53 140.63
C GLU LA 195 -73.79 -3.08 140.21
N ALA LA 196 -72.77 -2.23 140.28
CA ALA LA 196 -72.94 -0.82 139.91
C ALA LA 196 -71.64 -0.30 139.32
N VAL LA 197 -71.76 0.50 138.26
CA VAL LA 197 -70.63 1.17 137.63
C VAL LA 197 -71.00 2.62 137.42
N VAL LA 198 -70.21 3.53 137.99
CA VAL LA 198 -70.43 4.96 137.86
C VAL LA 198 -69.17 5.60 137.27
N THR LA 199 -69.35 6.39 136.22
CA THR LA 199 -68.24 7.07 135.54
C THR LA 199 -68.62 8.53 135.35
N ALA LA 200 -68.01 9.42 136.11
CA ALA LA 200 -68.29 10.85 136.06
C ALA LA 200 -67.05 11.60 135.59
N THR LA 201 -67.29 12.70 134.88
CA THR LA 201 -66.21 13.53 134.34
C THR LA 201 -66.66 14.98 134.32
N ALA LA 202 -65.77 15.90 134.67
CA ALA LA 202 -66.11 17.32 134.68
C ALA LA 202 -64.89 18.15 134.29
N GLU LA 203 -65.07 19.02 133.31
CA GLU LA 203 -64.01 19.92 132.86
C GLU LA 203 -64.53 21.34 132.83
N LEU LA 204 -63.72 22.28 133.32
CA LEU LA 204 -64.08 23.68 133.22
C LEU LA 204 -62.82 24.53 133.18
N ASP LA 205 -62.95 25.75 132.67
CA ASP LA 205 -61.84 26.67 132.59
C ASP LA 205 -62.36 28.08 132.46
N LYS LA 206 -61.76 29.01 133.20
CA LYS LA 206 -62.16 30.40 133.23
C LYS LA 206 -60.99 31.28 132.80
N ASN LA 207 -61.31 32.30 132.00
CA ASN LA 207 -60.34 33.26 131.51
C ASN LA 207 -60.87 34.67 131.77
N LEU LA 208 -60.04 35.51 132.38
CA LEU LA 208 -60.39 36.89 132.70
C LEU LA 208 -59.25 37.82 132.32
N SER LA 209 -59.59 39.07 132.01
CA SER LA 209 -58.59 40.09 131.70
C SER LA 209 -59.16 41.45 132.05
N ARG LA 210 -58.45 42.20 132.89
CA ARG LA 210 -58.89 43.52 133.33
C ARG LA 210 -57.77 44.52 133.11
N LYS LA 211 -58.07 45.63 132.43
CA LYS LA 211 -57.08 46.65 132.14
C LYS LA 211 -57.69 48.02 132.41
N ILE LA 212 -57.06 48.78 133.31
CA ILE LA 212 -57.55 50.10 133.70
C ILE LA 212 -56.41 51.10 133.65
N GLU LA 213 -56.78 52.38 133.70
CA GLU LA 213 -55.81 53.47 133.62
C GLU LA 213 -56.26 54.60 134.55
N ILE LA 214 -55.54 54.76 135.66
CA ILE LA 214 -55.83 55.86 136.58
C ILE LA 214 -55.29 57.17 136.01
N PRO LA 215 -56.00 58.27 136.16
CA PRO LA 215 -55.59 59.53 135.55
C PRO LA 215 -54.54 60.23 136.39
N PRO LA 216 -53.85 61.23 135.83
CA PRO LA 216 -52.87 61.99 136.62
C PRO LA 216 -53.51 62.67 137.82
N GLY LA 217 -52.76 62.73 138.91
CA GLY LA 217 -53.21 63.36 140.13
C GLY LA 217 -53.80 62.43 141.15
N THR LA 218 -54.00 61.16 140.81
CA THR LA 218 -54.58 60.21 141.76
C THR LA 218 -53.62 59.98 142.92
N ALA LA 219 -54.14 60.11 144.14
CA ALA LA 219 -53.32 59.92 145.33
C ALA LA 219 -53.05 58.44 145.56
N LEU LA 220 -51.86 58.14 146.07
CA LEU LA 220 -51.46 56.77 146.38
C LEU LA 220 -51.27 56.50 147.86
N ALA LA 221 -50.65 57.42 148.59
CA ALA LA 221 -50.36 57.21 150.00
C ALA LA 221 -50.23 58.57 150.68
N TYR LA 222 -50.26 58.55 152.00
CA TYR LA 222 -50.27 59.80 152.76
C TYR LA 222 -49.72 59.56 154.15
N SER LA 223 -49.36 60.66 154.81
CA SER LA 223 -48.95 60.65 156.21
C SER LA 223 -49.65 61.79 156.93
N PHE LA 224 -49.93 61.61 158.21
CA PHE LA 224 -50.72 62.58 158.95
C PHE LA 224 -50.16 62.77 160.35
N MET LA 225 -50.52 63.90 160.95
CA MET LA 225 -50.14 64.26 162.30
C MET LA 225 -51.37 64.34 163.20
N ASP LA 226 -51.24 63.83 164.42
CA ASP LA 226 -52.39 63.77 165.32
C ASP LA 226 -52.71 65.13 165.92
N LEU LA 227 -53.95 65.27 166.40
CA LEU LA 227 -54.41 66.49 167.03
C LEU LA 227 -55.19 66.13 168.30
N GLU LA 228 -55.50 67.16 169.09
CA GLU LA 228 -56.21 66.98 170.34
C GLU LA 228 -57.06 68.22 170.61
N ILE LA 229 -58.35 68.00 170.86
CA ILE LA 229 -59.28 69.08 171.17
C ILE LA 229 -59.16 69.41 172.67
N LEU LA 230 -58.89 70.67 172.98
CA LEU LA 230 -58.89 71.10 174.37
C LEU LA 230 -60.33 71.14 174.90
N GLU LA 231 -60.47 71.50 176.18
CA GLU LA 231 -61.79 71.73 176.74
C GLU LA 231 -62.55 72.77 175.92
N ASP LA 232 -61.88 73.87 175.58
CA ASP LA 232 -62.43 74.85 174.66
C ASP LA 232 -62.30 74.35 173.22
N ARG LA 233 -62.67 75.21 172.27
CA ARG LA 233 -62.49 74.88 170.86
C ARG LA 233 -61.03 74.87 170.43
N SER LA 234 -60.11 75.26 171.30
CA SER LA 234 -58.69 75.28 170.96
C SER LA 234 -58.19 73.89 170.60
N LEU LA 235 -57.22 73.86 169.68
CA LEU LA 235 -56.62 72.61 169.22
C LEU LA 235 -55.14 72.59 169.58
N ARG LA 236 -54.63 71.39 169.85
CA ARG LA 236 -53.22 71.19 170.17
C ARG LA 236 -52.69 70.02 169.37
N VAL LA 237 -51.37 69.98 169.20
CA VAL LA 237 -50.73 68.89 168.48
C VAL LA 237 -50.15 67.92 169.49
N SER LA 238 -50.24 66.63 169.19
CA SER LA 238 -49.81 65.58 170.09
C SER LA 238 -48.79 64.68 169.41
N SER LA 239 -47.77 64.28 170.16
CA SER LA 239 -46.68 63.47 169.62
C SER LA 239 -46.49 62.24 170.51
N SER LA 240 -46.71 61.06 169.94
CA SER LA 240 -46.42 59.81 170.64
C SER LA 240 -44.93 59.56 170.59
N ALA LA 241 -44.26 59.72 171.73
CA ALA LA 241 -42.80 59.60 171.83
C ALA LA 241 -42.10 60.56 170.88
N GLY LA 242 -42.70 61.72 170.63
CA GLY LA 242 -42.11 62.72 169.76
C GLY LA 242 -42.11 62.37 168.30
N ALA LA 243 -42.94 61.43 167.86
CA ALA LA 243 -42.95 61.03 166.46
C ALA LA 243 -43.44 62.16 165.56
N MET LA 244 -44.61 62.73 165.88
CA MET LA 244 -45.26 63.76 165.08
C MET LA 244 -45.51 63.31 163.64
N PHE LA 245 -45.47 62.00 163.38
CA PHE LA 245 -45.74 61.46 162.05
C PHE LA 245 -46.38 60.09 162.26
N ASP LA 246 -47.69 60.02 162.16
CA ASP LA 246 -48.42 58.79 162.43
C ASP LA 246 -48.72 58.07 161.12
N SER LA 247 -48.41 56.78 161.07
CA SER LA 247 -48.64 55.96 159.90
C SER LA 247 -49.77 54.95 160.12
N GLY LA 248 -50.62 55.19 161.11
CA GLY LA 248 -51.68 54.25 161.41
C GLY LA 248 -51.17 52.90 161.86
N LYS LA 249 -50.10 52.88 162.64
CA LYS LA 249 -49.47 51.64 163.10
C LYS LA 249 -49.86 51.38 164.56
N ALA LA 250 -49.89 50.09 164.91
CA ALA LA 250 -50.17 49.71 166.28
C ALA LA 250 -49.05 50.14 167.20
N GLU LA 251 -49.41 50.40 168.46
CA GLU LA 251 -48.41 50.85 169.44
C GLU LA 251 -47.34 49.78 169.66
N SER LA 252 -47.76 48.51 169.75
CA SER LA 252 -46.85 47.38 169.95
C SER LA 252 -46.00 47.56 171.21
CA ARG MA 3 -35.67 43.51 151.74
C ARG MA 3 -35.80 44.55 150.63
N PRO MA 4 -36.22 45.76 151.00
CA PRO MA 4 -36.37 46.82 150.00
C PRO MA 4 -35.05 47.13 149.32
N MET MA 5 -35.13 47.43 148.02
CA MET MA 5 -33.93 47.74 147.25
C MET MA 5 -33.25 48.98 147.79
N PHE MA 6 -34.02 49.99 148.18
CA PHE MA 6 -33.42 51.20 148.74
C PHE MA 6 -32.65 50.89 150.01
N ALA MA 7 -33.22 50.07 150.89
CA ALA MA 7 -32.51 49.71 152.12
C ALA MA 7 -31.26 48.91 151.82
N VAL MA 8 -31.33 47.98 150.86
CA VAL MA 8 -30.15 47.20 150.49
C VAL MA 8 -29.05 48.11 149.95
N ALA MA 9 -29.41 49.04 149.07
CA ALA MA 9 -28.43 49.95 148.51
C ALA MA 9 -27.83 50.86 149.59
N VAL MA 10 -28.66 51.31 150.52
CA VAL MA 10 -28.16 52.14 151.61
C VAL MA 10 -27.16 51.36 152.46
N ASN MA 11 -27.48 50.11 152.76
CA ASN MA 11 -26.54 49.28 153.53
C ASN MA 11 -25.24 49.06 152.77
N GLU MA 12 -25.32 48.80 151.46
CA GLU MA 12 -24.12 48.62 150.66
C GLU MA 12 -23.25 49.87 150.67
N PHE MA 13 -23.89 51.03 150.50
CA PHE MA 13 -23.13 52.28 150.49
C PHE MA 13 -22.49 52.54 151.85
N ILE MA 14 -23.25 52.34 152.93
CA ILE MA 14 -22.72 52.64 154.26
C ILE MA 14 -21.60 51.67 154.63
N ARG MA 15 -21.66 50.43 154.13
CA ARG MA 15 -20.56 49.51 154.36
C ARG MA 15 -19.33 49.91 153.56
N SER MA 16 -19.50 50.22 152.27
CA SER MA 16 -18.36 50.57 151.44
C SER MA 16 -17.67 51.83 151.94
N ALA MA 17 -18.45 52.85 152.30
CA ALA MA 17 -17.91 54.11 152.78
C ALA MA 17 -18.64 54.51 154.06
N GLY MA 18 -17.89 54.97 155.06
CA GLY MA 18 -18.48 55.44 156.29
C GLY MA 18 -19.19 54.38 157.09
N GLN MA 19 -18.55 53.22 157.28
CA GLN MA 19 -19.16 52.17 158.09
C GLN MA 19 -19.35 52.63 159.54
N ASP MA 20 -18.54 53.56 160.01
CA ASP MA 20 -18.68 54.14 161.32
C ASP MA 20 -19.16 55.59 161.20
N SER MA 21 -19.86 56.04 162.24
CA SER MA 21 -20.37 57.41 162.32
C SER MA 21 -21.29 57.73 161.14
N LEU MA 22 -22.23 56.84 160.87
CA LEU MA 22 -23.18 57.05 159.79
C LEU MA 22 -24.43 56.21 160.05
N CYS MA 23 -25.59 56.81 159.83
CA CYS MA 23 -26.88 56.16 160.07
C CYS MA 23 -27.64 56.05 158.75
N GLY MA 24 -28.13 54.85 158.47
CA GLY MA 24 -28.91 54.64 157.27
C GLY MA 24 -30.24 55.37 157.29
N VAL MA 25 -30.75 55.65 156.09
CA VAL MA 25 -32.04 56.33 155.94
C VAL MA 25 -33.14 55.28 155.88
N PRO MA 26 -34.21 55.42 156.66
CA PRO MA 26 -35.23 54.37 156.69
C PRO MA 26 -35.95 54.15 155.36
N ASP MA 27 -36.33 55.22 154.66
CA ASP MA 27 -37.07 55.07 153.43
C ASP MA 27 -36.94 56.32 152.58
N ILE MA 28 -37.29 56.18 151.30
CA ILE MA 28 -37.16 57.29 150.36
C ILE MA 28 -38.04 58.45 150.76
N ASN MA 29 -39.26 58.16 151.23
CA ASN MA 29 -40.18 59.23 151.61
C ASN MA 29 -39.62 60.09 152.72
N SER MA 30 -39.04 59.46 153.74
CA SER MA 30 -38.49 60.17 154.89
C SER MA 30 -37.03 60.57 154.71
N SER MA 31 -36.45 60.26 153.55
CA SER MA 31 -35.06 60.66 153.30
C SER MA 31 -34.89 62.18 153.36
N GLY MA 32 -35.89 62.93 152.89
CA GLY MA 32 -35.77 64.37 152.84
C GLY MA 32 -35.85 65.07 154.18
N ASP MA 33 -36.19 64.34 155.24
CA ASP MA 33 -36.29 64.93 156.57
C ASP MA 33 -34.98 64.82 157.36
N PHE MA 34 -33.92 64.29 156.76
CA PHE MA 34 -32.64 64.12 157.44
C PHE MA 34 -31.56 64.98 156.81
N MET MA 35 -31.93 66.15 156.30
CA MET MA 35 -30.97 67.11 155.80
C MET MA 35 -30.29 67.82 156.98
N PRO MA 36 -29.14 68.46 156.73
CA PRO MA 36 -28.42 69.12 157.84
C PRO MA 36 -29.27 70.18 158.52
N LEU MA 37 -29.01 70.35 159.81
CA LEU MA 37 -29.72 71.31 160.67
C LEU MA 37 -31.19 70.91 160.83
N HIS MA 38 -31.42 69.63 161.11
CA HIS MA 38 -32.74 69.11 161.41
C HIS MA 38 -32.73 68.45 162.77
N ILE MA 39 -33.84 68.58 163.49
CA ILE MA 39 -33.99 68.00 164.82
C ILE MA 39 -34.59 66.60 164.69
N ILE MA 40 -34.02 65.65 165.42
CA ILE MA 40 -34.53 64.28 165.48
C ILE MA 40 -34.62 63.88 166.94
N VAL MA 41 -35.44 62.87 167.22
CA VAL MA 41 -35.67 62.37 168.57
C VAL MA 41 -35.10 60.96 168.67
N LYS MA 42 -34.37 60.70 169.74
CA LYS MA 42 -33.78 59.39 169.99
C LYS MA 42 -34.44 58.77 171.22
N GLU MA 43 -34.86 57.51 171.09
CA GLU MA 43 -35.51 56.76 172.14
C GLU MA 43 -34.64 55.57 172.51
N VAL MA 44 -34.40 55.40 173.81
CA VAL MA 44 -33.56 54.32 174.31
C VAL MA 44 -34.29 52.99 174.19
N PRO MA 45 -33.58 51.87 174.06
CA PRO MA 45 -34.27 50.57 173.93
C PRO MA 45 -35.14 50.22 175.11
N LYS MA 46 -34.77 50.63 176.32
CA LYS MA 46 -35.46 50.39 177.59
C LYS MA 46 -35.42 48.92 178.02
N VAL MA 47 -34.84 48.03 177.22
CA VAL MA 47 -34.75 46.61 177.57
C VAL MA 47 -33.28 46.25 177.71
N LEU MA 48 -32.52 46.41 176.62
CA LEU MA 48 -31.08 46.16 176.60
C LEU MA 48 -30.41 47.37 175.98
N PRO MA 49 -30.31 48.48 176.72
CA PRO MA 49 -29.74 49.70 176.14
C PRO MA 49 -28.33 49.54 175.62
N CYS MA 50 -27.50 48.74 176.30
CA CYS MA 50 -26.13 48.53 175.86
C CYS MA 50 -26.00 47.47 174.78
N CYS MA 51 -27.07 46.73 174.48
CA CYS MA 51 -27.03 45.67 173.49
C CYS MA 51 -27.87 45.95 172.25
N ARG MA 52 -28.76 46.94 172.30
CA ARG MA 52 -29.66 47.24 171.19
C ARG MA 52 -29.49 48.69 170.78
N ARG MA 53 -29.48 48.96 169.48
CA ARG MA 53 -29.37 50.32 168.99
C ARG MA 53 -30.68 51.08 169.23
N PRO MA 54 -30.60 52.37 169.52
CA PRO MA 54 -31.81 53.14 169.83
C PRO MA 54 -32.71 53.36 168.63
N LYS MA 55 -33.85 54.02 168.85
CA LYS MA 55 -34.83 54.28 167.80
C LYS MA 55 -34.81 55.76 167.46
N ILE MA 56 -34.76 56.06 166.17
CA ILE MA 56 -34.64 57.43 165.68
C ILE MA 56 -35.95 57.85 165.01
N LYS MA 57 -36.49 58.99 165.43
CA LYS MA 57 -37.75 59.51 164.94
C LYS MA 57 -37.52 60.87 164.31
N ARG MA 58 -38.03 61.05 163.10
CA ARG MA 58 -37.91 62.34 162.41
C ARG MA 58 -38.96 63.31 162.92
N THR MA 59 -38.63 64.60 162.86
CA THR MA 59 -39.52 65.66 163.26
C THR MA 59 -39.53 66.76 162.21
N PRO MA 60 -40.65 67.47 162.06
CA PRO MA 60 -40.73 68.56 161.08
C PRO MA 60 -40.27 69.90 161.65
N TYR MA 61 -39.02 69.93 162.12
CA TYR MA 61 -38.46 71.11 162.74
C TYR MA 61 -37.03 71.32 162.29
N THR MA 62 -36.64 72.59 162.20
CA THR MA 62 -35.25 72.98 162.01
C THR MA 62 -34.73 73.66 163.27
N LEU MA 63 -33.43 73.92 163.28
CA LEU MA 63 -32.81 74.53 164.45
C LEU MA 63 -33.38 75.92 164.72
N ASN MA 64 -33.54 76.72 163.67
CA ASN MA 64 -34.05 78.08 163.84
C ASN MA 64 -35.49 78.08 164.33
N ASP MA 65 -36.29 77.11 163.88
CA ASP MA 65 -37.66 77.02 164.37
C ASP MA 65 -37.69 76.57 165.82
N ILE MA 66 -36.86 75.59 166.18
CA ILE MA 66 -36.89 75.07 167.55
C ILE MA 66 -36.30 76.06 168.53
N LEU MA 67 -35.44 76.97 168.08
CA LEU MA 67 -34.77 77.92 168.95
C LEU MA 67 -35.44 79.28 168.88
N ASP MA 68 -35.56 79.92 170.04
CA ASP MA 68 -36.03 81.30 170.08
C ASP MA 68 -35.07 82.23 169.35
N GLU MA 69 -33.77 82.04 169.55
CA GLU MA 69 -32.77 82.86 168.88
C GLU MA 69 -32.26 82.15 167.64
N PRO MA 70 -32.33 82.77 166.47
CA PRO MA 70 -31.86 82.09 165.25
C PRO MA 70 -30.35 81.96 165.20
N CYS MA 71 -29.90 81.03 164.38
CA CYS MA 71 -28.50 80.73 164.15
C CYS MA 71 -28.22 80.75 162.66
N PRO MA 72 -26.98 81.00 162.26
CA PRO MA 72 -26.63 80.90 160.84
C PRO MA 72 -26.87 79.49 160.32
N ASN MA 73 -27.33 79.39 159.08
CA ASN MA 73 -27.76 78.12 158.51
C ASN MA 73 -27.21 77.85 157.12
N GLN MA 74 -26.20 78.60 156.67
CA GLN MA 74 -25.65 78.37 155.35
C GLN MA 74 -24.98 77.00 155.27
N LEU MA 75 -25.03 76.40 154.09
CA LEU MA 75 -24.52 75.05 153.87
C LEU MA 75 -23.50 75.03 152.74
N LYS MA 76 -22.82 73.91 152.61
CA LYS MA 76 -21.86 73.68 151.54
C LYS MA 76 -21.79 72.19 151.27
N SER MA 77 -21.44 71.83 150.03
CA SER MA 77 -21.38 70.44 149.62
C SER MA 77 -20.07 70.17 148.89
N SER MA 78 -19.60 68.93 149.02
CA SER MA 78 -18.36 68.50 148.38
C SER MA 78 -18.43 67.01 148.12
N ASP MA 79 -17.65 66.55 147.13
CA ASP MA 79 -17.70 65.15 146.75
C ASP MA 79 -17.20 64.25 147.86
N LEU MA 80 -17.80 63.06 147.96
CA LEU MA 80 -17.43 62.09 148.98
C LEU MA 80 -16.89 60.79 148.38
N VAL MA 81 -17.63 60.16 147.47
CA VAL MA 81 -17.22 58.90 146.86
C VAL MA 81 -17.90 58.79 145.50
N THR MA 82 -17.35 57.95 144.64
CA THR MA 82 -17.84 57.79 143.27
C THR MA 82 -17.84 56.31 142.91
N PHE MA 83 -19.01 55.75 142.66
CA PHE MA 83 -19.15 54.36 142.22
C PHE MA 83 -19.08 54.35 140.70
N THR MA 84 -17.91 54.00 140.16
CA THR MA 84 -17.70 54.05 138.72
C THR MA 84 -18.57 53.03 137.99
N GLU MA 85 -18.75 51.85 138.58
CA GLU MA 85 -19.53 50.80 137.94
C GLU MA 85 -20.60 50.30 138.90
N PRO MA 86 -21.72 49.80 138.38
CA PRO MA 86 -22.80 49.36 139.25
C PRO MA 86 -22.40 48.19 140.13
N LEU MA 87 -22.91 48.18 141.35
CA LEU MA 87 -22.78 47.02 142.23
C LEU MA 87 -23.70 45.93 141.73
N VAL MA 88 -23.12 44.78 141.35
CA VAL MA 88 -23.85 43.68 140.74
C VAL MA 88 -23.73 42.47 141.65
N SER MA 89 -24.87 41.82 141.92
CA SER MA 89 -24.91 40.63 142.76
C SER MA 89 -25.73 39.55 142.08
N ASN MA 90 -25.23 38.31 142.13
CA ASN MA 90 -25.92 37.17 141.56
C ASN MA 90 -25.92 36.03 142.57
N VAL MA 91 -27.08 35.40 142.75
CA VAL MA 91 -27.23 34.22 143.59
C VAL MA 91 -27.99 33.18 142.80
N LYS MA 92 -27.50 31.95 142.80
CA LYS MA 92 -28.13 30.87 142.06
C LYS MA 92 -28.07 29.61 142.90
N ALA MA 93 -29.23 29.11 143.33
CA ALA MA 93 -29.30 27.91 144.15
C ALA MA 93 -30.17 26.87 143.46
N SER MA 94 -29.83 25.60 143.66
CA SER MA 94 -30.60 24.51 143.10
C SER MA 94 -30.40 23.27 143.97
N SER MA 95 -31.49 22.62 144.35
CA SER MA 95 -31.43 21.48 145.24
C SER MA 95 -32.46 20.45 144.84
N SER MA 96 -32.21 19.20 145.22
CA SER MA 96 -33.13 18.10 144.95
C SER MA 96 -33.06 17.10 146.09
N ILE MA 97 -34.22 16.55 146.45
CA ILE MA 97 -34.34 15.59 147.54
C ILE MA 97 -35.11 14.37 147.04
N GLY MA 98 -34.62 13.19 147.38
CA GLY MA 98 -35.32 11.96 147.03
C GLY MA 98 -35.40 11.00 148.21
N LEU MA 99 -36.62 10.67 148.63
CA LEU MA 99 -36.85 9.78 149.76
C LEU MA 99 -37.60 8.56 149.29
N GLN MA 100 -37.16 7.38 149.72
CA GLN MA 100 -37.83 6.13 149.40
C GLN MA 100 -37.92 5.27 150.64
N ILE MA 101 -39.11 4.77 150.93
CA ILE MA 101 -39.35 3.82 152.01
C ILE MA 101 -39.88 2.54 151.36
N LEU MA 102 -38.99 1.57 151.19
CA LEU MA 102 -39.30 0.24 150.63
C LEU MA 102 -39.96 0.44 149.28
N LYS MA 103 -41.07 -0.25 148.99
CA LYS MA 103 -41.90 0.04 147.82
C LYS MA 103 -43.22 0.68 148.22
N HIS MA 104 -43.26 1.30 149.39
CA HIS MA 104 -44.47 1.91 149.92
C HIS MA 104 -44.49 3.43 149.84
N PHE MA 105 -43.34 4.08 149.96
CA PHE MA 105 -43.29 5.54 149.89
C PHE MA 105 -42.19 5.96 148.92
N ASP MA 106 -42.49 6.96 148.09
CA ASP MA 106 -41.49 7.47 147.14
C ASP MA 106 -41.79 8.93 146.86
N SER MA 107 -40.96 9.83 147.38
CA SER MA 107 -41.15 11.26 147.19
C SER MA 107 -39.92 11.86 146.52
N GLY MA 108 -40.14 12.72 145.54
CA GLY MA 108 -39.07 13.45 144.89
C GLY MA 108 -39.38 14.93 144.77
N ALA MA 109 -38.57 15.77 145.39
CA ALA MA 109 -38.77 17.20 145.37
C ALA MA 109 -37.54 17.88 144.78
N LYS MA 110 -37.74 19.07 144.24
CA LYS MA 110 -36.62 19.84 143.70
C LYS MA 110 -37.00 21.30 143.68
N GLY MA 111 -36.00 22.16 143.84
CA GLY MA 111 -36.22 23.59 143.85
C GLY MA 111 -35.04 24.31 143.24
N SER MA 112 -35.31 25.50 142.73
CA SER MA 112 -34.25 26.33 142.15
C SER MA 112 -34.62 27.80 142.34
N LYS MA 113 -33.60 28.64 142.42
CA LYS MA 113 -33.78 30.07 142.64
C LYS MA 113 -32.65 30.83 141.97
N ASN MA 114 -33.00 31.93 141.30
CA ASN MA 114 -32.03 32.80 140.64
C ASN MA 114 -32.39 34.24 140.98
N PHE MA 115 -31.45 34.94 141.61
CA PHE MA 115 -31.67 36.28 142.13
C PHE MA 115 -30.55 37.19 141.62
N ILE MA 116 -30.94 38.31 141.00
CA ILE MA 116 -29.98 39.24 140.41
C ILE MA 116 -30.29 40.65 140.88
N THR MA 117 -29.25 41.38 141.27
CA THR MA 117 -29.41 42.74 141.77
C THR MA 117 -28.37 43.65 141.13
N SER MA 118 -28.76 44.87 140.81
CA SER MA 118 -27.84 45.87 140.26
C SER MA 118 -28.20 47.24 140.82
N ALA MA 119 -27.19 47.93 141.36
CA ALA MA 119 -27.39 49.26 141.91
C ALA MA 119 -26.37 50.22 141.32
N SER MA 120 -26.83 51.32 140.75
CA SER MA 120 -25.98 52.35 140.16
C SER MA 120 -26.26 53.64 140.90
N LEU MA 121 -25.36 54.01 141.82
CA LEU MA 121 -25.50 55.21 142.62
C LEU MA 121 -24.76 56.41 142.06
N GLY MA 122 -23.95 56.22 141.02
CA GLY MA 122 -23.25 57.35 140.43
C GLY MA 122 -22.30 57.99 141.42
N THR MA 123 -22.46 59.29 141.63
CA THR MA 123 -21.62 60.07 142.52
C THR MA 123 -22.41 60.46 143.76
N VAL MA 124 -21.78 60.33 144.93
CA VAL MA 124 -22.39 60.70 146.20
C VAL MA 124 -21.61 61.88 146.77
N VAL MA 125 -22.34 62.93 147.14
CA VAL MA 125 -21.74 64.11 147.74
C VAL MA 125 -22.17 64.21 149.19
N LYS MA 126 -21.48 65.06 149.95
CA LYS MA 126 -21.77 65.30 151.34
C LYS MA 126 -22.06 66.79 151.53
N ALA MA 127 -23.15 67.07 152.24
CA ALA MA 127 -23.58 68.44 152.52
C ALA MA 127 -23.56 68.66 154.02
N GLU MA 128 -23.06 69.83 154.41
CA GLU MA 128 -22.88 70.16 155.82
C GLU MA 128 -22.76 71.66 155.97
N THR MA 129 -22.97 72.13 157.20
CA THR MA 129 -22.87 73.55 157.50
C THR MA 129 -21.48 74.07 157.18
N ILE MA 130 -21.40 75.30 156.69
CA ILE MA 130 -20.11 75.90 156.36
C ILE MA 130 -19.24 76.02 157.61
N ASP MA 131 -19.82 76.47 158.71
CA ASP MA 131 -19.11 76.59 159.99
C ASP MA 131 -19.99 76.00 161.08
N ILE MA 132 -19.52 74.93 161.71
CA ILE MA 132 -20.27 74.28 162.76
C ILE MA 132 -19.98 74.90 164.13
N THR MA 133 -18.80 75.47 164.31
CA THR MA 133 -18.45 76.06 165.60
C THR MA 133 -19.37 77.22 165.95
N LYS MA 134 -19.68 78.08 164.97
CA LYS MA 134 -20.60 79.19 165.21
C LYS MA 134 -21.99 78.68 165.58
N VAL MA 135 -22.47 77.66 164.87
CA VAL MA 135 -23.78 77.08 165.16
C VAL MA 135 -23.80 76.53 166.58
N LEU MA 136 -22.74 75.83 166.97
CA LEU MA 136 -22.68 75.27 168.32
C LEU MA 136 -22.67 76.37 169.37
N ALA MA 137 -21.88 77.42 169.14
CA ALA MA 137 -21.82 78.51 170.10
C ALA MA 137 -23.19 79.16 170.27
N LYS MA 138 -23.84 79.48 169.15
CA LYS MA 138 -25.16 80.11 169.22
C LYS MA 138 -26.18 79.19 169.89
N VAL MA 139 -26.12 77.88 169.62
CA VAL MA 139 -27.02 76.95 170.29
C VAL MA 139 -26.82 77.01 171.78
N ARG MA 140 -25.56 76.94 172.22
CA ARG MA 140 -25.27 76.95 173.65
C ARG MA 140 -25.73 78.24 174.31
N THR MA 141 -25.65 79.36 173.59
CA THR MA 141 -26.06 80.64 174.15
C THR MA 141 -27.52 80.97 173.87
N ALA MA 142 -28.27 80.10 173.19
CA ALA MA 142 -29.64 80.38 172.81
C ALA MA 142 -30.61 79.48 173.55
N LYS MA 143 -31.81 79.99 173.81
CA LYS MA 143 -32.87 79.25 174.48
C LYS MA 143 -33.87 78.70 173.48
N ALA MA 144 -34.45 77.54 173.80
CA ALA MA 144 -35.42 76.90 172.94
C ALA MA 144 -36.75 77.66 172.98
N LYS MA 145 -37.65 77.30 172.06
CA LYS MA 145 -38.95 77.94 171.96
C LYS MA 145 -39.86 77.45 173.08
N VAL MA 146 -40.32 78.38 173.92
CA VAL MA 146 -41.21 78.01 175.02
C VAL MA 146 -42.53 77.46 174.48
N GLU MA 147 -43.03 78.04 173.40
CA GLU MA 147 -44.29 77.57 172.81
C GLU MA 147 -44.20 76.12 172.35
N ASN MA 148 -43.04 75.70 171.84
CA ASN MA 148 -42.91 74.35 171.28
C ASN MA 148 -43.23 73.29 172.33
N ASP MA 149 -44.01 72.29 171.92
CA ASP MA 149 -44.42 71.20 172.80
C ASP MA 149 -43.42 70.05 172.82
N LEU MA 150 -42.79 69.79 171.67
CA LEU MA 150 -41.81 68.71 171.58
C LEU MA 150 -40.68 68.89 172.58
N VAL MA 151 -40.16 70.12 172.67
CA VAL MA 151 -39.06 70.39 173.60
C VAL MA 151 -39.49 70.08 175.03
N SER MA 152 -40.70 70.53 175.41
CA SER MA 152 -41.19 70.27 176.76
C SER MA 152 -41.35 68.78 177.01
N ARG MA 153 -41.88 68.06 176.02
CA ARG MA 153 -42.03 66.61 176.16
C ARG MA 153 -40.67 65.95 176.41
N VAL MA 154 -39.67 66.30 175.59
CA VAL MA 154 -38.34 65.72 175.75
C VAL MA 154 -37.73 66.10 177.10
N MET MA 155 -38.00 67.33 177.56
CA MET MA 155 -37.47 67.77 178.85
C MET MA 155 -38.08 66.95 179.99
N LYS MA 156 -39.39 66.75 179.96
CA LYS MA 156 -40.03 66.04 181.06
C LYS MA 156 -39.72 64.55 181.03
N THR MA 157 -39.60 63.96 179.84
CA THR MA 157 -39.28 62.55 179.74
C THR MA 157 -37.77 62.35 179.87
N LYS MA 158 -37.39 61.15 180.32
CA LYS MA 158 -35.99 60.80 180.51
C LYS MA 158 -35.43 59.95 179.39
N ARG MA 159 -36.26 59.15 178.72
CA ARG MA 159 -35.76 58.33 177.62
C ARG MA 159 -35.45 59.16 176.38
N LEU MA 160 -36.32 60.13 176.07
CA LEU MA 160 -36.18 60.90 174.85
C LEU MA 160 -34.97 61.82 174.91
N CYS MA 161 -34.27 61.92 173.78
CA CYS MA 161 -33.15 62.83 173.62
C CYS MA 161 -33.27 63.54 172.27
N LEU MA 162 -32.67 64.72 172.18
CA LEU MA 162 -32.71 65.51 170.96
C LEU MA 162 -31.37 65.41 170.23
N GLY MA 163 -31.44 65.39 168.90
CA GLY MA 163 -30.24 65.34 168.09
C GLY MA 163 -30.30 66.26 166.89
N LEU MA 164 -29.22 66.99 166.65
CA LEU MA 164 -29.12 67.91 165.51
C LEU MA 164 -28.30 67.24 164.42
N VAL MA 165 -28.87 67.13 163.23
CA VAL MA 165 -28.19 66.53 162.10
C VAL MA 165 -27.19 67.52 161.53
N VAL MA 166 -25.95 67.06 161.31
CA VAL MA 166 -24.87 67.96 160.92
C VAL MA 166 -24.27 67.64 159.55
N GLU MA 167 -24.45 66.44 159.02
CA GLU MA 167 -23.92 66.12 157.71
C GLU MA 167 -24.80 65.07 157.05
N THR MA 168 -24.94 65.17 155.73
CA THR MA 168 -25.81 64.26 155.00
C THR MA 168 -25.19 63.87 153.68
N ALA MA 169 -25.32 62.59 153.32
CA ALA MA 169 -24.82 62.07 152.06
C ALA MA 169 -25.97 61.95 151.07
N CYS MA 170 -25.83 62.59 149.91
CA CYS MA 170 -26.90 62.65 148.91
C CYS MA 170 -26.34 62.32 147.53
N VAL MA 171 -27.17 61.68 146.71
CA VAL MA 171 -26.76 61.34 145.36
C VAL MA 171 -26.79 62.59 144.49
N ALA MA 172 -25.71 62.81 143.74
CA ALA MA 172 -25.64 63.99 142.88
C ALA MA 172 -26.57 63.86 141.68
N ALA MA 173 -26.67 62.65 141.11
CA ALA MA 173 -27.49 62.40 139.93
C ALA MA 173 -28.47 61.28 140.24
N ALA MA 174 -29.28 60.93 139.24
CA ALA MA 174 -30.28 59.89 139.41
C ALA MA 174 -29.62 58.54 139.65
N GLY MA 175 -30.21 57.76 140.55
CA GLY MA 175 -29.69 56.43 140.89
C GLY MA 175 -30.67 55.35 140.46
N LYS MA 176 -30.13 54.28 139.89
CA LYS MA 176 -30.95 53.21 139.30
C LYS MA 176 -30.80 51.93 140.10
N LEU MA 177 -31.93 51.32 140.47
CA LEU MA 177 -31.93 50.08 141.23
C LEU MA 177 -32.79 49.06 140.50
N THR MA 178 -32.19 47.91 140.18
CA THR MA 178 -32.86 46.86 139.42
C THR MA 178 -32.73 45.52 140.14
N GLU MA 179 -33.81 44.76 140.17
CA GLU MA 179 -33.86 43.46 140.83
C GLU MA 179 -34.67 42.49 139.99
N ALA MA 180 -34.17 41.26 139.86
CA ALA MA 180 -34.85 40.20 139.14
C ALA MA 180 -34.83 38.92 139.96
N ASP MA 181 -35.98 38.24 140.02
CA ASP MA 181 -36.14 37.03 140.81
C ASP MA 181 -36.85 35.98 139.95
N ASN MA 182 -36.34 34.75 139.97
CA ASN MA 182 -36.98 33.64 139.27
C ASN MA 182 -36.78 32.39 140.11
N TRP MA 183 -37.86 31.85 140.68
CA TRP MA 183 -37.70 30.63 141.47
C TRP MA 183 -38.79 29.63 141.13
N GLU MA 184 -38.50 28.36 141.37
CA GLU MA 184 -39.33 27.27 140.89
C GLU MA 184 -39.26 26.09 141.86
N ILE MA 185 -40.41 25.44 142.07
CA ILE MA 185 -40.55 24.29 142.94
C ILE MA 185 -41.29 23.19 142.17
N SER MA 186 -40.76 21.97 142.21
CA SER MA 186 -41.42 20.82 141.59
C SER MA 186 -41.36 19.64 142.55
N GLY MA 187 -42.53 19.16 142.97
CA GLY MA 187 -42.59 18.07 143.92
C GLY MA 187 -43.51 16.97 143.44
N HIS MA 188 -43.20 15.75 143.89
CA HIS MA 188 -43.94 14.56 143.51
C HIS MA 188 -43.97 13.59 144.67
N THR MA 189 -45.12 12.95 144.89
CA THR MA 189 -45.31 12.02 145.99
C THR MA 189 -46.05 10.79 145.49
N ASN MA 190 -45.60 9.61 145.89
CA ASN MA 190 -46.22 8.35 145.52
C ASN MA 190 -46.32 7.48 146.77
N ALA MA 191 -47.53 7.28 147.25
CA ALA MA 191 -47.81 6.43 148.40
C ALA MA 191 -48.52 5.17 147.88
N ASN MA 192 -47.79 4.06 147.83
CA ASN MA 192 -48.31 2.78 147.36
C ASN MA 192 -48.60 1.91 148.57
N ILE MA 193 -49.85 1.47 148.68
CA ILE MA 193 -50.28 0.57 149.75
C ILE MA 193 -50.98 -0.61 149.09
N GLY MA 194 -51.15 -1.69 149.86
CA GLY MA 194 -51.75 -2.89 149.31
C GLY MA 194 -53.13 -2.67 148.73
N GLU MA 195 -53.91 -1.76 149.32
CA GLU MA 195 -55.26 -1.46 148.84
C GLU MA 195 -55.44 0.00 148.45
N ALA MA 196 -54.37 0.78 148.39
CA ALA MA 196 -54.49 2.20 148.05
C ALA MA 196 -53.24 2.65 147.31
N VAL MA 197 -53.45 3.46 146.27
CA VAL MA 197 -52.36 4.07 145.50
C VAL MA 197 -52.67 5.55 145.35
N VAL MA 198 -51.74 6.40 145.81
CA VAL MA 198 -51.89 7.84 145.72
C VAL MA 198 -50.69 8.40 144.97
N THR MA 199 -50.94 9.22 143.96
CA THR MA 199 -49.89 9.84 143.16
C THR MA 199 -50.19 11.32 143.00
N ALA MA 200 -49.43 12.16 143.69
CA ALA MA 200 -49.62 13.60 143.68
C ALA MA 200 -48.42 14.28 143.06
N THR MA 201 -48.66 15.40 142.39
CA THR MA 201 -47.61 16.16 141.73
C THR MA 201 -47.97 17.64 141.77
N ALA MA 202 -46.99 18.50 142.00
CA ALA MA 202 -47.22 19.93 142.05
C ALA MA 202 -46.02 20.69 141.52
N GLU MA 203 -46.25 21.57 140.56
CA GLU MA 203 -45.21 22.41 139.99
C GLU MA 203 -45.64 23.87 140.04
N LEU MA 204 -44.71 24.74 140.42
CA LEU MA 204 -44.99 26.17 140.38
C LEU MA 204 -43.68 26.93 140.17
N ASP MA 205 -43.82 28.17 139.69
CA ASP MA 205 -42.66 29.02 139.46
C ASP MA 205 -43.11 30.47 139.42
N LYS MA 206 -42.35 31.34 140.08
CA LYS MA 206 -42.66 32.76 140.16
C LYS MA 206 -41.50 33.56 139.58
N ASN MA 207 -41.85 34.61 138.84
CA ASN MA 207 -40.89 35.52 138.24
C ASN MA 207 -41.28 36.95 138.57
N LEU MA 208 -40.33 37.73 139.07
CA LEU MA 208 -40.56 39.12 139.42
C LEU MA 208 -39.41 39.99 138.91
N SER MA 209 -39.71 41.25 138.65
CA SER MA 209 -38.69 42.21 138.22
C SER MA 209 -39.13 43.60 138.64
N ARG MA 210 -38.27 44.30 139.38
CA ARG MA 210 -38.56 45.63 139.88
C ARG MA 210 -37.41 46.56 139.53
N LYS MA 211 -37.73 47.70 138.90
CA LYS MA 211 -36.73 48.66 138.48
C LYS MA 211 -37.20 50.06 138.84
N ILE MA 212 -36.42 50.77 139.65
CA ILE MA 212 -36.77 52.12 140.10
C ILE MA 212 -35.57 53.04 139.91
N GLU MA 213 -35.84 54.34 140.02
CA GLU MA 213 -34.83 55.37 139.82
C GLU MA 213 -35.08 56.51 140.80
N ILE MA 214 -34.23 56.62 141.80
CA ILE MA 214 -34.32 57.72 142.77
C ILE MA 214 -33.77 59.00 142.13
N PRO MA 215 -34.39 60.14 142.38
CA PRO MA 215 -33.98 61.38 141.72
C PRO MA 215 -32.79 62.00 142.42
N PRO MA 216 -32.12 62.96 141.78
CA PRO MA 216 -30.99 63.64 142.44
C PRO MA 216 -31.43 64.36 143.71
N GLY MA 217 -30.55 64.36 144.71
CA GLY MA 217 -30.80 65.00 145.98
C GLY MA 217 -31.32 64.10 147.07
N THR MA 218 -31.64 62.85 146.75
CA THR MA 218 -32.15 61.92 147.75
C THR MA 218 -31.07 61.62 148.79
N ALA MA 219 -31.42 61.77 150.06
CA ALA MA 219 -30.47 61.51 151.13
C ALA MA 219 -30.26 60.01 151.32
N LEU MA 220 -29.05 59.63 151.68
CA LEU MA 220 -28.70 58.23 151.93
C LEU MA 220 -28.34 57.94 153.37
N ALA MA 221 -27.57 58.80 154.01
CA ALA MA 221 -27.12 58.57 155.38
C ALA MA 221 -26.81 59.90 156.03
N TYR MA 222 -26.69 59.88 157.36
CA TYR MA 222 -26.52 61.11 158.12
C TYR MA 222 -25.81 60.82 159.42
N SER MA 223 -25.30 61.89 160.04
CA SER MA 223 -24.72 61.84 161.37
C SER MA 223 -25.24 63.01 162.17
N PHE MA 224 -25.37 62.83 163.49
CA PHE MA 224 -26.00 63.85 164.32
C PHE MA 224 -25.25 63.98 165.63
N MET MA 225 -25.47 65.12 166.28
CA MET MA 225 -24.89 65.45 167.58
C MET MA 225 -25.99 65.59 168.62
N ASP MA 226 -25.74 65.07 169.82
CA ASP MA 226 -26.76 65.07 170.85
C ASP MA 226 -26.92 66.44 171.49
N LEU MA 227 -28.07 66.65 172.13
CA LEU MA 227 -28.37 67.89 172.83
C LEU MA 227 -29.00 67.57 174.18
N GLU MA 228 -29.15 68.60 175.00
CA GLU MA 228 -29.71 68.46 176.33
C GLU MA 228 -30.44 69.73 176.71
N ILE MA 229 -31.70 69.60 177.13
CA ILE MA 229 -32.51 70.73 177.57
C ILE MA 229 -32.17 71.03 179.02
N LEU MA 230 -31.78 72.27 179.30
CA LEU MA 230 -31.58 72.69 180.69
C LEU MA 230 -32.93 72.81 181.39
N GLU MA 231 -32.89 73.16 182.68
CA GLU MA 231 -34.11 73.48 183.41
C GLU MA 231 -34.90 74.57 182.69
N ASP MA 232 -34.21 75.63 182.27
CA ASP MA 232 -34.81 76.65 181.43
C ASP MA 232 -34.89 76.17 179.99
N ARG MA 233 -35.32 77.05 179.09
CA ARG MA 233 -35.35 76.73 177.67
C ARG MA 233 -33.96 76.63 177.05
N SER MA 234 -32.91 76.96 177.81
CA SER MA 234 -31.54 76.89 177.29
C SER MA 234 -31.19 75.47 176.86
N LEU MA 235 -30.35 75.39 175.83
CA LEU MA 235 -29.89 74.11 175.29
C LEU MA 235 -28.38 73.99 175.46
N ARG MA 236 -27.92 72.76 175.66
CA ARG MA 236 -26.50 72.47 175.80
C ARG MA 236 -26.14 71.27 174.92
N VAL MA 237 -24.87 71.15 174.59
CA VAL MA 237 -24.40 70.03 173.79
C VAL MA 237 -23.76 69.02 174.73
N SER MA 238 -23.97 67.73 174.43
CA SER MA 238 -23.50 66.65 175.27
C SER MA 238 -22.62 65.70 174.46
N SER MA 239 -21.54 65.22 175.06
CA SER MA 239 -20.58 64.35 174.40
C SER MA 239 -20.36 63.10 175.25
N SER MA 240 -20.73 61.95 174.71
CA SER MA 240 -20.45 60.68 175.36
C SER MA 240 -18.99 60.33 175.12
N ALA MA 241 -18.17 60.43 176.16
CA ALA MA 241 -16.72 60.22 176.08
C ALA MA 241 -16.08 61.14 175.04
N GLY MA 242 -16.64 62.34 174.88
CA GLY MA 242 -16.10 63.32 173.96
C GLY MA 242 -16.31 62.99 172.50
N ALA MA 243 -17.24 62.10 172.17
CA ALA MA 243 -17.45 61.71 170.78
C ALA MA 243 -17.98 62.89 169.95
N MET MA 244 -19.06 63.53 170.42
CA MET MA 244 -19.75 64.61 169.71
C MET MA 244 -20.20 64.19 168.31
N PHE MA 245 -20.27 62.88 168.05
CA PHE MA 245 -20.75 62.37 166.76
C PHE MA 245 -21.44 61.05 167.05
N ASP MA 246 -22.76 61.06 167.11
CA ASP MA 246 -23.52 59.87 167.47
C ASP MA 246 -24.04 59.19 166.20
N SER MA 247 -23.81 57.88 166.11
CA SER MA 247 -24.25 57.09 164.97
C SER MA 247 -25.40 56.16 165.33
N GLY MA 248 -26.10 56.44 166.43
CA GLY MA 248 -27.18 55.56 166.86
C GLY MA 248 -26.70 54.18 167.23
N LYS MA 249 -25.54 54.09 167.87
CA LYS MA 249 -24.94 52.81 168.25
C LYS MA 249 -25.16 52.54 169.73
N ALA MA 250 -25.22 51.25 170.08
CA ALA MA 250 -25.36 50.87 171.47
C ALA MA 250 -24.10 51.23 172.25
N GLU MA 251 -24.28 51.50 173.54
CA GLU MA 251 -23.15 51.87 174.39
C GLU MA 251 -22.13 50.73 174.48
N SER MA 252 -22.61 49.49 174.61
CA SER MA 252 -21.76 48.31 174.69
C SER MA 252 -20.74 48.42 175.83
CA ARG NA 3 -13.32 43.94 155.19
C ARG NA 3 -13.53 45.00 154.11
N PRO NA 4 -13.82 46.23 154.53
CA PRO NA 4 -14.03 47.32 153.57
C PRO NA 4 -12.78 47.54 152.72
N MET NA 5 -13.01 47.87 151.44
CA MET NA 5 -11.91 48.11 150.54
C MET NA 5 -11.08 49.30 150.99
N PHE NA 6 -11.73 50.35 151.48
CA PHE NA 6 -10.99 51.51 151.95
C PHE NA 6 -10.07 51.14 153.12
N ALA NA 7 -10.59 50.35 154.06
CA ALA NA 7 -9.76 49.92 155.19
C ALA NA 7 -8.59 49.05 154.73
N VAL NA 8 -8.85 48.14 153.79
CA VAL NA 8 -7.78 47.30 153.27
C VAL NA 8 -6.71 48.14 152.59
N ALA NA 9 -7.11 49.10 151.77
CA ALA NA 9 -6.15 49.95 151.09
C ALA NA 9 -5.37 50.80 152.08
N VAL NA 10 -6.03 51.30 153.12
CA VAL NA 10 -5.35 52.09 154.14
C VAL NA 10 -4.30 51.23 154.85
N ASN NA 11 -4.66 50.00 155.19
CA ASN NA 11 -3.69 49.11 155.83
C ASN NA 11 -2.51 48.81 154.91
N GLU NA 12 -2.79 48.57 153.62
CA GLU NA 12 -1.69 48.32 152.68
C GLU NA 12 -0.76 49.52 152.58
N PHE NA 13 -1.33 50.71 152.48
CA PHE NA 13 -0.51 51.92 152.40
C PHE NA 13 0.31 52.12 153.66
N ILE NA 14 -0.31 51.96 154.83
CA ILE NA 14 0.41 52.21 156.07
C ILE NA 14 1.49 51.16 156.29
N ARG NA 15 1.29 49.94 155.81
CA ARG NA 15 2.34 48.94 155.89
C ARG NA 15 3.50 49.27 154.95
N SER NA 16 3.18 49.61 153.69
CA SER NA 16 4.23 49.89 152.72
C SER NA 16 5.06 51.10 153.12
N ALA NA 17 4.39 52.16 153.59
CA ALA NA 17 5.07 53.38 154.00
C ALA NA 17 4.53 53.82 155.36
N GLY NA 18 5.44 54.22 156.25
CA GLY NA 18 5.04 54.71 157.56
C GLY NA 18 4.37 53.69 158.45
N GLN NA 19 4.95 52.48 158.54
CA GLN NA 19 4.39 51.47 159.43
C GLN NA 19 4.40 51.92 160.88
N ASP NA 20 5.33 52.79 161.25
CA ASP NA 20 5.39 53.37 162.57
C ASP NA 20 4.99 54.84 162.52
N SER NA 21 4.46 55.33 163.64
CA SER NA 21 4.06 56.73 163.79
C SER NA 21 3.02 57.12 162.74
N LEU NA 22 1.99 56.29 162.58
CA LEU NA 22 0.92 56.57 161.63
C LEU NA 22 -0.33 55.81 162.05
N CYS NA 23 -1.47 56.49 161.98
CA CYS NA 23 -2.75 55.92 162.38
C CYS NA 23 -3.68 55.87 161.17
N GLY NA 24 -4.29 54.71 160.95
CA GLY NA 24 -5.22 54.57 159.85
C GLY NA 24 -6.48 55.38 160.05
N VAL NA 25 -7.13 55.70 158.92
CA VAL NA 25 -8.37 56.46 158.93
C VAL NA 25 -9.54 55.48 159.01
N PRO NA 26 -10.49 55.68 159.92
CA PRO NA 26 -11.57 54.71 160.09
C PRO NA 26 -12.45 54.54 158.86
N ASP NA 27 -12.85 55.64 158.22
CA ASP NA 27 -13.76 55.55 157.08
C ASP NA 27 -13.65 56.80 156.23
N ILE NA 28 -14.18 56.69 155.00
CA ILE NA 28 -14.10 57.80 154.05
C ILE NA 28 -14.83 59.02 154.58
N ASN NA 29 -16.00 58.80 155.19
CA ASN NA 29 -16.80 59.92 155.68
C ASN NA 29 -16.04 60.73 156.72
N SER NA 30 -15.38 60.05 157.65
CA SER NA 30 -14.66 60.72 158.73
C SER NA 30 -13.20 61.02 158.36
N SER NA 31 -12.79 60.69 157.14
CA SER NA 31 -11.42 61.01 156.72
C SER NA 31 -11.15 62.50 156.76
N GLY NA 32 -12.15 63.32 156.42
CA GLY NA 32 -11.95 64.76 156.36
C GLY NA 32 -11.80 65.44 157.70
N ASP NA 33 -12.06 64.73 158.80
CA ASP NA 33 -11.94 65.30 160.13
C ASP NA 33 -10.56 65.11 160.75
N PHE NA 34 -9.62 64.52 160.02
CA PHE NA 34 -8.28 64.26 160.53
C PHE NA 34 -7.23 65.05 159.76
N MET NA 35 -7.58 66.25 159.32
CA MET NA 35 -6.63 67.16 158.71
C MET NA 35 -5.76 67.81 159.79
N PRO NA 36 -4.62 68.38 159.40
CA PRO NA 36 -3.72 68.97 160.40
C PRO NA 36 -4.41 70.07 161.19
N LEU NA 37 -3.98 70.22 162.45
CA LEU NA 37 -4.52 71.21 163.39
C LEU NA 37 -5.98 70.91 163.73
N HIS NA 38 -6.25 69.64 164.03
CA HIS NA 38 -7.56 69.19 164.49
C HIS NA 38 -7.41 68.52 165.84
N ILE NA 39 -8.42 68.70 166.69
CA ILE NA 39 -8.43 68.13 168.03
C ILE NA 39 -9.13 66.77 167.98
N ILE NA 40 -8.53 65.77 168.63
CA ILE NA 40 -9.12 64.45 168.76
C ILE NA 40 -9.05 64.04 170.22
N VAL NA 41 -9.89 63.07 170.58
CA VAL NA 41 -9.98 62.57 171.94
C VAL NA 41 -9.50 61.13 171.97
N LYS NA 42 -8.66 60.81 172.95
CA LYS NA 42 -8.12 59.47 173.12
C LYS NA 42 -8.65 58.87 174.41
N GLU NA 43 -9.17 57.65 174.33
CA GLU NA 43 -9.73 56.93 175.46
C GLU NA 43 -8.90 55.69 175.71
N VAL NA 44 -8.51 55.47 176.96
CA VAL NA 44 -7.68 54.35 177.36
C VAL NA 44 -8.51 53.06 177.31
N PRO NA 45 -7.89 51.89 177.10
CA PRO NA 45 -8.67 50.65 177.05
C PRO NA 45 -9.41 50.34 178.33
N LYS NA 46 -8.86 50.71 179.48
CA LYS NA 46 -9.40 50.50 180.82
C LYS NA 46 -9.41 49.02 181.24
N VAL NA 47 -8.99 48.12 180.37
CA VAL NA 47 -8.94 46.69 180.71
C VAL NA 47 -7.49 46.23 180.65
N LEU NA 48 -6.87 46.35 179.48
CA LEU NA 48 -5.47 46.01 179.27
C LEU NA 48 -4.80 47.19 178.57
N PRO NA 49 -4.53 48.28 179.31
CA PRO NA 49 -3.97 49.47 178.66
C PRO NA 49 -2.65 49.22 177.97
N CYS NA 50 -1.79 48.37 178.53
CA CYS NA 50 -0.51 48.08 177.92
C CYS NA 50 -0.58 47.02 176.83
N CYS NA 51 -1.74 46.35 176.67
CA CYS NA 51 -1.88 45.30 175.68
C CYS NA 51 -2.85 45.65 174.55
N ARG NA 52 -3.66 46.69 174.71
CA ARG NA 52 -4.67 47.06 173.73
C ARG NA 52 -4.46 48.51 173.32
N ARG NA 53 -4.61 48.78 172.01
CA ARG NA 53 -4.47 50.14 171.52
C ARG NA 53 -5.68 50.98 171.94
N PRO NA 54 -5.48 52.27 172.21
CA PRO NA 54 -6.59 53.11 172.69
C PRO NA 54 -7.62 53.39 171.60
N LYS NA 55 -8.68 54.12 171.97
CA LYS NA 55 -9.76 54.46 171.06
C LYS NA 55 -9.70 55.94 170.72
N ILE NA 56 -9.79 56.25 169.43
CA ILE NA 56 -9.64 57.62 168.94
C ILE NA 56 -10.99 58.12 168.44
N LYS NA 57 -11.40 59.29 168.93
CA LYS NA 57 -12.68 59.90 168.61
C LYS NA 57 -12.44 61.24 167.96
N ARG NA 58 -13.09 61.47 166.82
CA ARG NA 58 -12.99 62.76 166.13
C ARG NA 58 -13.89 63.79 166.77
N THR NA 59 -13.49 65.05 166.66
CA THR NA 59 -14.26 66.17 167.19
C THR NA 59 -14.33 67.27 166.14
N PRO NA 60 -15.41 68.05 166.14
CA PRO NA 60 -15.54 69.16 165.18
C PRO NA 60 -14.92 70.46 165.70
N TYR NA 61 -13.62 70.40 166.01
CA TYR NA 61 -12.92 71.54 166.55
C TYR NA 61 -11.55 71.66 165.92
N THR NA 62 -11.08 72.91 165.80
CA THR NA 62 -9.72 73.21 165.42
C THR NA 62 -9.00 73.85 166.61
N LEU NA 63 -7.68 74.02 166.46
CA LEU NA 63 -6.88 74.57 167.54
C LEU NA 63 -7.33 75.99 167.88
N ASN NA 64 -7.57 76.81 166.86
CA ASN NA 64 -7.96 78.20 167.10
C ASN NA 64 -9.32 78.28 167.77
N ASP NA 65 -10.24 77.38 167.43
CA ASP NA 65 -11.55 77.37 168.08
C ASP NA 65 -11.42 76.90 169.53
N ILE NA 66 -10.61 75.87 169.78
CA ILE NA 66 -10.51 75.34 171.13
C ILE NA 66 -9.74 76.28 172.04
N LEU NA 67 -8.88 77.13 171.48
CA LEU NA 67 -8.04 78.02 172.26
C LEU NA 67 -8.62 79.43 172.29
N ASP NA 68 -8.55 80.06 173.46
CA ASP NA 68 -8.93 81.47 173.56
C ASP NA 68 -8.01 82.35 172.71
N GLU NA 69 -6.71 82.07 172.74
CA GLU NA 69 -5.75 82.83 171.97
C GLU NA 69 -5.45 82.10 170.66
N PRO NA 70 -5.63 82.74 169.51
CA PRO NA 70 -5.36 82.06 168.24
C PRO NA 70 -3.88 81.83 168.00
N CYS NA 71 -3.60 80.87 167.12
CA CYS NA 71 -2.26 80.49 166.72
C CYS NA 71 -2.17 80.51 165.20
N PRO NA 72 -0.97 80.69 164.65
CA PRO NA 72 -0.82 80.58 163.19
C PRO NA 72 -1.21 79.19 162.71
N ASN NA 73 -1.83 79.14 161.53
CA ASN NA 73 -2.41 77.91 161.02
C ASN NA 73 -2.05 77.62 159.57
N GLN NA 74 -1.06 78.30 159.00
CA GLN NA 74 -0.70 78.05 157.61
C GLN NA 74 -0.15 76.65 157.45
N LEU NA 75 -0.38 76.06 156.27
CA LEU NA 75 0.00 74.68 155.99
C LEU NA 75 0.87 74.62 154.74
N LYS NA 76 1.48 73.45 154.52
CA LYS NA 76 2.26 73.18 153.34
C LYS NA 76 2.21 71.69 153.06
N SER NA 77 2.36 71.33 151.79
CA SER NA 77 2.29 69.94 151.36
C SER NA 77 3.48 69.60 150.48
N SER NA 78 3.87 68.32 150.53
CA SER NA 78 4.99 67.83 149.74
C SER NA 78 4.79 66.34 149.49
N ASP NA 79 5.40 65.85 148.41
CA ASP NA 79 5.22 64.46 148.03
C ASP NA 79 5.80 63.51 149.06
N LEU NA 80 5.15 62.37 149.23
CA LEU NA 80 5.58 61.36 150.19
C LEU NA 80 5.96 60.04 149.54
N VAL NA 81 5.06 59.47 148.72
CA VAL NA 81 5.30 58.19 148.06
C VAL NA 81 4.45 58.14 146.80
N THR NA 82 4.84 57.27 145.86
CA THR NA 82 4.17 57.16 144.57
C THR NA 82 4.03 55.69 144.21
N PHE NA 83 2.80 55.20 144.11
CA PHE NA 83 2.52 53.84 143.69
C PHE NA 83 2.39 53.83 142.17
N THR NA 84 3.47 53.42 141.49
CA THR NA 84 3.49 53.48 140.03
C THR NA 84 2.48 52.52 139.41
N GLU NA 85 2.30 51.34 140.01
CA GLU NA 85 1.37 50.36 139.49
C GLU NA 85 0.40 49.92 140.57
N PRO NA 86 -0.81 49.49 140.19
CA PRO NA 86 -1.79 49.11 141.19
C PRO NA 86 -1.35 47.90 142.01
N LEU NA 87 -1.71 47.92 143.29
CA LEU NA 87 -1.55 46.75 144.13
C LEU NA 87 -2.59 45.71 143.74
N VAL NA 88 -2.14 44.54 143.30
CA VAL NA 88 -3.01 43.49 142.78
C VAL NA 88 -2.85 42.27 143.66
N SER NA 89 -3.98 41.69 144.07
CA SER NA 89 -3.99 40.49 144.91
C SER NA 89 -4.96 39.47 144.33
N ASN NA 90 -4.54 38.21 144.32
CA ASN NA 90 -5.37 37.12 143.83
C ASN NA 90 -5.32 35.97 144.84
N VAL NA 91 -6.48 35.41 145.15
CA VAL NA 91 -6.60 34.24 146.01
C VAL NA 91 -7.53 33.26 145.31
N LYS NA 92 -7.12 31.99 145.26
CA LYS NA 92 -7.91 30.96 144.58
C LYS NA 92 -7.81 29.69 145.41
N ALA NA 93 -8.93 29.26 145.99
CA ALA NA 93 -8.99 28.06 146.80
C ALA NA 93 -10.00 27.08 146.22
N SER NA 94 -9.73 25.79 146.38
CA SER NA 94 -10.62 24.76 145.91
C SER NA 94 -10.40 23.51 146.75
N SER NA 95 -11.47 22.92 147.27
CA SER NA 95 -11.37 21.77 148.14
C SER NA 95 -12.52 20.81 147.87
N SER NA 96 -12.30 19.54 148.21
CA SER NA 96 -13.30 18.50 148.05
C SER NA 96 -13.16 17.49 149.17
N ILE NA 97 -14.29 17.01 149.67
CA ILE NA 97 -14.35 16.05 150.77
C ILE NA 97 -15.24 14.89 150.36
N GLY NA 98 -14.80 13.67 150.64
CA GLY NA 98 -15.60 12.50 150.38
C GLY NA 98 -15.60 11.53 151.55
N LEU NA 99 -16.77 11.26 152.11
CA LEU NA 99 -16.92 10.39 153.26
C LEU NA 99 -17.81 9.22 152.89
N GLN NA 100 -17.38 8.01 153.25
CA GLN NA 100 -18.17 6.81 153.01
C GLN NA 100 -18.15 5.93 154.26
N ILE NA 101 -19.34 5.52 154.70
CA ILE NA 101 -19.49 4.57 155.80
C ILE NA 101 -20.18 3.34 155.21
N LEU NA 102 -19.39 2.31 154.93
CA LEU NA 102 -19.85 1.01 154.42
C LEU NA 102 -20.67 1.27 153.16
N LYS NA 103 -21.84 0.65 153.00
CA LYS NA 103 -22.79 1.00 151.95
C LYS NA 103 -24.00 1.72 152.51
N HIS NA 104 -23.86 2.33 153.68
CA HIS NA 104 -24.95 3.01 154.36
C HIS NA 104 -24.88 4.53 154.29
N PHE NA 105 -23.68 5.11 154.27
CA PHE NA 105 -23.55 6.56 154.20
C PHE NA 105 -22.56 6.92 153.10
N ASP NA 106 -22.89 7.95 152.31
CA ASP NA 106 -22.00 8.40 151.25
C ASP NA 106 -22.23 9.88 151.01
N SER NA 107 -21.28 10.72 151.43
CA SER NA 107 -21.40 12.16 151.27
C SER NA 107 -20.23 12.69 150.45
N GLY NA 108 -20.53 13.58 149.50
CA GLY NA 108 -19.49 14.24 148.74
C GLY NA 108 -19.73 15.73 148.64
N ALA NA 109 -18.79 16.52 149.17
CA ALA NA 109 -18.90 17.96 149.17
C ALA NA 109 -17.71 18.56 148.44
N LYS NA 110 -17.89 19.77 147.93
CA LYS NA 110 -16.82 20.47 147.26
C LYS NA 110 -17.09 21.96 147.29
N GLY NA 111 -16.03 22.74 147.32
CA GLY NA 111 -16.15 24.19 147.37
C GLY NA 111 -15.02 24.85 146.62
N SER NA 112 -15.27 26.06 146.15
CA SER NA 112 -14.25 26.82 145.44
C SER NA 112 -14.50 28.31 145.68
N LYS NA 113 -13.41 29.08 145.63
CA LYS NA 113 -13.48 30.51 145.88
C LYS NA 113 -12.39 31.21 145.06
N ASN NA 114 -12.75 32.34 144.46
CA ASN NA 114 -11.82 33.16 143.68
C ASN NA 114 -12.03 34.61 144.07
N PHE NA 115 -10.98 35.24 144.58
CA PHE NA 115 -11.05 36.59 145.13
C PHE NA 115 -9.95 37.44 144.49
N ILE NA 116 -10.34 38.58 143.91
CA ILE NA 116 -9.40 39.45 143.21
C ILE NA 116 -9.56 40.88 143.73
N THR NA 117 -8.43 41.53 143.99
CA THR NA 117 -8.44 42.89 144.50
C THR NA 117 -7.42 43.74 143.75
N SER NA 118 -7.78 45.00 143.48
CA SER NA 118 -6.88 45.94 142.82
C SER NA 118 -7.07 47.32 143.43
N ALA NA 119 -5.97 47.94 143.84
CA ALA NA 119 -6.01 49.28 144.41
C ALA NA 119 -5.00 50.17 143.70
N SER NA 120 -5.47 51.30 143.20
CA SER NA 120 -4.64 52.28 142.50
C SER NA 120 -4.73 53.59 143.28
N LEU NA 121 -3.71 53.88 144.07
CA LEU NA 121 -3.67 55.08 144.90
C LEU NA 121 -2.93 56.23 144.25
N GLY NA 122 -2.27 56.01 143.12
CA GLY NA 122 -1.57 57.10 142.44
C GLY NA 122 -0.46 57.66 143.30
N THR NA 123 -0.51 58.98 143.54
CA THR NA 123 0.48 59.69 144.31
C THR NA 123 -0.12 60.11 145.65
N VAL NA 124 0.64 59.93 146.72
CA VAL NA 124 0.23 60.32 148.07
C VAL NA 124 1.14 61.44 148.54
N VAL NA 125 0.55 62.54 149.01
CA VAL NA 125 1.29 63.67 149.52
C VAL NA 125 1.05 63.77 151.01
N LYS NA 126 1.89 64.56 151.68
CA LYS NA 126 1.79 64.82 153.10
C LYS NA 126 1.62 66.31 153.33
N ALA NA 127 0.65 66.66 154.18
CA ALA NA 127 0.34 68.04 154.51
C ALA NA 127 0.56 68.25 156.00
N GLU NA 128 1.20 69.38 156.34
CA GLU NA 128 1.58 69.68 157.70
C GLU NA 128 1.79 71.18 157.84
N THR NA 129 1.78 71.64 159.10
CA THR NA 129 2.01 73.04 159.38
C THR NA 129 3.39 73.48 158.89
N ILE NA 130 3.48 74.71 158.40
CA ILE NA 130 4.75 75.23 157.91
C ILE NA 130 5.78 75.28 159.03
N ASP NA 131 5.37 75.75 160.20
CA ASP NA 131 6.24 75.81 161.38
C ASP NA 131 5.47 75.27 162.57
N ILE NA 132 5.95 74.16 163.13
CA ILE NA 132 5.29 73.55 164.27
C ILE NA 132 5.80 74.13 165.59
N THR NA 133 7.03 74.62 165.63
CA THR NA 133 7.58 75.18 166.86
C THR NA 133 6.78 76.39 167.33
N LYS NA 134 6.41 77.28 166.39
CA LYS NA 134 5.60 78.44 166.76
C LYS NA 134 4.24 78.01 167.30
N VAL NA 135 3.60 77.03 166.65
CA VAL NA 135 2.31 76.54 167.11
C VAL NA 135 2.43 75.98 168.52
N LEU NA 136 3.48 75.20 168.76
CA LEU NA 136 3.67 74.62 170.09
C LEU NA 136 3.90 75.71 171.13
N ALA NA 137 4.71 76.71 170.81
CA ALA NA 137 4.97 77.79 171.75
C ALA NA 137 3.68 78.52 172.11
N LYS NA 138 2.91 78.89 171.08
CA LYS NA 138 1.65 79.60 171.32
C LYS NA 138 0.66 78.74 172.11
N VAL NA 139 0.60 77.44 171.82
CA VAL NA 139 -0.27 76.55 172.60
C VAL NA 139 0.13 76.59 174.07
N ARG NA 140 1.43 76.43 174.33
CA ARG NA 140 1.90 76.40 175.71
C ARG NA 140 1.60 77.71 176.43
N THR NA 141 1.67 78.84 175.71
CA THR NA 141 1.41 80.13 176.33
C THR NA 141 -0.05 80.56 176.24
N ALA NA 142 -0.93 79.75 175.65
CA ALA NA 142 -2.32 80.12 175.45
C ALA NA 142 -3.23 79.27 176.30
N LYS NA 143 -4.36 79.85 176.71
CA LYS NA 143 -5.37 79.17 177.51
C LYS NA 143 -6.53 78.70 176.64
N ALA NA 144 -7.12 77.58 177.04
CA ALA NA 144 -8.25 77.01 176.30
C ALA NA 144 -9.51 77.85 176.51
N LYS NA 145 -10.53 77.56 175.71
CA LYS NA 145 -11.79 78.28 175.78
C LYS NA 145 -12.58 77.83 177.01
N VAL NA 146 -12.87 78.79 177.90
CA VAL NA 146 -13.64 78.46 179.10
C VAL NA 146 -15.05 78.00 178.74
N GLU NA 147 -15.66 78.62 177.73
CA GLU NA 147 -17.00 78.24 177.31
C GLU NA 147 -17.06 76.80 176.83
N ASN NA 148 -16.01 76.31 176.18
CA ASN NA 148 -16.04 74.96 175.60
C ASN NA 148 -16.28 73.91 176.67
N ASP NA 149 -17.18 72.97 176.37
CA ASP NA 149 -17.54 71.90 177.29
C ASP NA 149 -16.62 70.69 177.18
N LEU NA 150 -16.17 70.39 175.95
CA LEU NA 150 -15.27 69.25 175.74
C LEU NA 150 -14.02 69.35 176.58
N VAL NA 151 -13.40 70.54 176.61
CA VAL NA 151 -12.18 70.74 177.41
C VAL NA 151 -12.45 70.43 178.87
N SER NA 152 -13.56 70.95 179.40
CA SER NA 152 -13.90 70.72 180.80
C SER NA 152 -14.13 69.24 181.06
N ARG NA 153 -14.82 68.56 180.16
CA ARG NA 153 -15.03 67.12 180.29
C ARG NA 153 -13.70 66.38 180.37
N VAL NA 154 -12.80 66.67 179.44
CA VAL NA 154 -11.50 66.01 179.43
C VAL NA 154 -10.70 66.33 180.68
N MET NA 155 -10.82 67.57 181.18
CA MET NA 155 -10.12 67.96 182.39
C MET NA 155 -10.62 67.17 183.60
N LYS NA 156 -11.94 67.05 183.74
CA LYS NA 156 -12.48 66.37 184.92
C LYS NA 156 -12.28 64.86 184.83
N THR NA 157 -12.34 64.28 183.63
CA THR NA 157 -12.12 62.85 183.49
C THR NA 157 -10.63 62.55 183.43
N LYS NA 158 -10.28 61.33 183.82
CA LYS NA 158 -8.89 60.89 183.84
C LYS NA 158 -8.52 60.02 182.64
N ARG NA 159 -9.49 59.29 182.08
CA ARG NA 159 -9.18 58.44 180.93
C ARG NA 159 -8.99 59.27 179.66
N LEU NA 160 -9.81 60.30 179.47
CA LEU NA 160 -9.79 61.07 178.25
C LEU NA 160 -8.52 61.91 178.14
N CYS NA 161 -7.96 61.97 176.93
CA CYS NA 161 -6.81 62.81 176.64
C CYS NA 161 -7.05 63.54 175.32
N LEU NA 162 -6.41 64.69 175.16
CA LEU NA 162 -6.55 65.49 173.95
C LEU NA 162 -5.32 65.32 173.06
N GLY NA 163 -5.56 65.31 171.75
CA GLY NA 163 -4.48 65.19 170.80
C GLY NA 163 -4.63 66.13 169.61
N LEU NA 164 -3.55 66.80 169.23
CA LEU NA 164 -3.53 67.72 168.11
C LEU NA 164 -2.90 67.01 166.91
N VAL NA 165 -3.63 66.96 165.81
CA VAL NA 165 -3.12 66.32 164.60
C VAL NA 165 -2.14 67.26 163.90
N VAL NA 166 -0.98 66.73 163.54
CA VAL NA 166 0.11 67.55 163.01
C VAL NA 166 0.50 67.21 161.58
N GLU NA 167 0.18 66.03 161.06
CA GLU NA 167 0.52 65.70 159.69
C GLU NA 167 -0.50 64.71 159.15
N THR NA 168 -0.80 64.83 157.86
CA THR NA 168 -1.82 64.00 157.25
C THR NA 168 -1.39 63.57 155.85
N ALA NA 169 -1.65 62.31 155.51
CA ALA NA 169 -1.35 61.78 154.19
C ALA NA 169 -2.63 61.74 153.36
N CYS NA 170 -2.59 62.38 152.19
CA CYS NA 170 -3.76 62.52 151.34
C CYS NA 170 -3.41 62.17 149.90
N VAL NA 171 -4.37 61.60 149.18
CA VAL NA 171 -4.17 61.24 147.79
C VAL NA 171 -4.22 62.51 146.93
N ALA NA 172 -3.23 62.67 146.06
CA ALA NA 172 -3.20 63.85 145.19
C ALA NA 172 -4.28 63.79 144.12
N ALA NA 173 -4.54 62.60 143.57
CA ALA NA 173 -5.51 62.42 142.51
C ALA NA 173 -6.51 61.35 142.93
N ALA NA 174 -7.45 61.07 142.03
CA ALA NA 174 -8.50 60.09 142.32
C ALA NA 174 -7.90 58.69 142.47
N GLY NA 175 -8.41 57.95 143.45
CA GLY NA 175 -7.95 56.58 143.72
C GLY NA 175 -9.04 55.57 143.41
N LYS NA 176 -8.65 54.48 142.77
CA LYS NA 176 -9.59 53.47 142.29
C LYS NA 176 -9.44 52.17 143.06
N LEU NA 177 -10.55 51.63 143.56
CA LEU NA 177 -10.54 50.39 144.32
C LEU NA 177 -11.54 49.43 143.69
N THR NA 178 -11.05 48.24 143.29
CA THR NA 178 -11.88 47.25 142.63
C THR NA 178 -11.75 45.90 143.32
N GLU NA 179 -12.87 45.21 143.48
CA GLU NA 179 -12.92 43.90 144.14
C GLU NA 179 -13.89 42.99 143.40
N ALA NA 180 -13.49 41.74 143.21
CA ALA NA 180 -14.33 40.73 142.58
C ALA NA 180 -14.29 39.44 143.39
N ASP NA 181 -15.46 38.84 143.59
CA ASP NA 181 -15.60 37.63 144.38
C ASP NA 181 -16.47 36.64 143.63
N ASN NA 182 -16.04 35.38 143.57
CA ASN NA 182 -16.84 34.32 142.96
C ASN NA 182 -16.61 33.05 143.75
N TRP NA 183 -17.64 32.58 144.46
CA TRP NA 183 -17.47 31.34 145.23
C TRP NA 183 -18.65 30.42 145.02
N GLU NA 184 -18.41 29.12 145.21
CA GLU NA 184 -19.37 28.09 144.84
C GLU NA 184 -19.26 26.91 145.80
N ILE NA 185 -20.42 26.33 146.14
CA ILE NA 185 -20.51 25.17 147.02
C ILE NA 185 -21.41 24.14 146.34
N SER NA 186 -20.96 22.89 146.32
CA SER NA 186 -21.76 21.79 145.78
C SER NA 186 -21.67 20.60 146.72
N GLY NA 187 -22.79 20.18 147.29
CA GLY NA 187 -22.81 19.09 148.23
C GLY NA 187 -23.85 18.05 147.87
N HIS NA 188 -23.56 16.81 148.26
CA HIS NA 188 -24.43 15.68 147.99
C HIS NA 188 -24.36 14.69 149.14
N THR NA 189 -25.52 14.12 149.49
CA THR NA 189 -25.63 13.20 150.61
C THR NA 189 -26.51 12.02 150.20
N ASN NA 190 -26.07 10.81 150.54
CA ASN NA 190 -26.82 9.60 150.24
C ASN NA 190 -26.82 8.72 151.49
N ALA NA 191 -27.97 8.60 152.13
CA ALA NA 191 -28.16 7.75 153.29
C ALA NA 191 -28.99 6.55 152.87
N ASN NA 192 -28.35 5.40 152.72
CA ASN NA 192 -29.01 4.16 152.33
C ASN NA 192 -29.21 3.29 153.55
N ILE NA 193 -30.46 2.92 153.83
CA ILE NA 193 -30.80 2.04 154.93
C ILE NA 193 -31.66 0.92 154.36
N GLY NA 194 -31.80 -0.16 155.14
CA GLY NA 194 -32.54 -1.31 154.67
C GLY NA 194 -33.97 -0.99 154.28
N GLU NA 195 -34.60 -0.04 154.95
CA GLU NA 195 -35.98 0.34 154.65
C GLU NA 195 -36.11 1.82 154.30
N ALA NA 196 -35.02 2.53 154.10
CA ALA NA 196 -35.08 3.96 153.79
C ALA NA 196 -33.92 4.34 152.90
N VAL NA 197 -34.19 5.18 151.90
CA VAL NA 197 -33.18 5.71 150.99
C VAL NA 197 -33.40 7.21 150.89
N VAL NA 198 -32.39 8.00 151.23
CA VAL NA 198 -32.44 9.45 151.17
C VAL NA 198 -31.31 9.94 150.27
N THR NA 199 -31.64 10.78 149.30
CA THR NA 199 -30.66 11.34 148.37
C THR NA 199 -30.88 12.84 148.27
N ALA NA 200 -29.98 13.62 148.86
CA ALA NA 200 -30.09 15.07 148.87
C ALA NA 200 -28.93 15.69 148.11
N THR NA 201 -29.18 16.82 147.47
CA THR NA 201 -28.17 17.53 146.69
C THR NA 201 -28.43 19.02 146.77
N ALA NA 202 -27.37 19.81 146.88
CA ALA NA 202 -27.51 21.26 146.98
C ALA NA 202 -26.33 21.94 146.29
N GLU NA 203 -26.63 22.86 145.38
CA GLU NA 203 -25.61 23.64 144.68
C GLU NA 203 -25.94 25.11 144.79
N LEU NA 204 -24.91 25.92 145.05
CA LEU NA 204 -25.11 27.37 145.05
C LEU NA 204 -23.79 28.05 144.69
N ASP NA 205 -23.90 29.29 144.22
CA ASP NA 205 -22.73 30.07 143.85
C ASP NA 205 -23.09 31.54 143.87
N LYS NA 206 -22.20 32.36 144.44
CA LYS NA 206 -22.40 33.79 144.56
C LYS NA 206 -21.27 34.53 143.85
N ASN NA 207 -21.65 35.61 143.15
CA ASN NA 207 -20.72 36.46 142.43
C ASN NA 207 -20.98 37.91 142.81
N LEU NA 208 -19.91 38.62 143.19
CA LEU NA 208 -20.00 40.02 143.59
C LEU NA 208 -18.88 40.81 142.93
N SER NA 209 -19.13 42.10 142.71
CA SER NA 209 -18.11 43.00 142.16
C SER NA 209 -18.40 44.41 142.64
N ARG NA 210 -17.41 45.04 143.27
CA ARG NA 210 -17.56 46.38 143.80
C ARG NA 210 -16.40 47.24 143.31
N LYS NA 211 -16.72 48.40 142.73
CA LYS NA 211 -15.71 49.31 142.19
C LYS NA 211 -16.05 50.73 142.61
N ILE NA 212 -15.13 51.38 143.32
CA ILE NA 212 -15.34 52.74 143.81
C ILE NA 212 -14.12 53.58 143.48
N GLU NA 213 -14.28 54.90 143.62
CA GLU NA 213 -13.24 55.86 143.30
C GLU NA 213 -13.30 57.00 144.31
N ILE NA 214 -12.31 57.05 145.20
CA ILE NA 214 -12.21 58.15 146.17
C ILE NA 214 -11.68 59.39 145.46
N PRO NA 215 -12.18 60.58 145.80
CA PRO NA 215 -11.77 61.79 145.10
C PRO NA 215 -10.46 62.32 145.65
N PRO NA 216 -9.82 63.25 144.93
CA PRO NA 216 -8.58 63.85 145.44
C PRO NA 216 -8.80 64.57 146.76
N GLY NA 217 -7.80 64.50 147.63
CA GLY NA 217 -7.85 65.15 148.92
C GLY NA 217 -8.28 64.27 150.07
N THR NA 218 -8.72 63.04 149.79
CA THR NA 218 -9.16 62.14 150.85
C THR NA 218 -7.98 61.76 151.74
N ALA NA 219 -8.15 61.92 153.05
CA ALA NA 219 -7.09 61.59 153.99
C ALA NA 219 -6.97 60.08 154.14
N LEU NA 220 -5.74 59.61 154.34
CA LEU NA 220 -5.46 58.19 154.54
C LEU NA 220 -4.94 57.86 155.92
N ALA NA 221 -4.03 58.67 156.48
CA ALA NA 221 -3.43 58.39 157.76
C ALA NA 221 -2.96 59.69 158.38
N TYR NA 222 -2.67 59.64 159.68
CA TYR NA 222 -2.33 60.86 160.41
C TYR NA 222 -1.48 60.50 161.61
N SER NA 223 -0.82 61.53 162.17
CA SER NA 223 -0.08 61.43 163.42
C SER NA 223 -0.43 62.63 164.28
N PHE NA 224 -0.40 62.44 165.60
CA PHE NA 224 -0.85 63.48 166.51
C PHE NA 224 0.07 63.56 167.72
N MET NA 225 0.00 64.70 168.40
CA MET NA 225 0.77 64.97 169.61
C MET NA 225 -0.18 65.17 170.78
N ASP NA 226 0.18 64.62 171.94
CA ASP NA 226 -0.70 64.67 173.09
C ASP NA 226 -0.68 66.04 173.75
N LEU NA 227 -1.72 66.32 174.53
CA LEU NA 227 -1.86 67.57 175.26
C LEU NA 227 -2.34 67.27 176.68
N GLU NA 228 -2.31 68.31 177.51
CA GLU NA 228 -2.70 68.18 178.91
C GLU NA 228 -3.29 69.50 179.39
N ILE NA 229 -4.49 69.44 179.95
CA ILE NA 229 -5.17 70.62 180.50
C ILE NA 229 -4.64 70.88 181.90
N LEU NA 230 -4.13 72.09 182.14
CA LEU NA 230 -3.73 72.47 183.48
C LEU NA 230 -4.97 72.67 184.36
N GLU NA 231 -4.75 73.01 185.63
CA GLU NA 231 -5.84 73.39 186.51
C GLU NA 231 -6.64 74.53 185.90
N ASP NA 232 -5.95 75.56 185.40
CA ASP NA 232 -6.58 76.62 184.65
C ASP NA 232 -6.87 76.16 183.22
N ARG NA 233 -7.36 77.08 182.39
CA ARG NA 233 -7.58 76.78 180.98
C ARG NA 233 -6.29 76.60 180.20
N SER NA 234 -5.14 76.85 180.81
CA SER NA 234 -3.86 76.70 180.13
C SER NA 234 -3.66 75.27 179.64
N LEU NA 235 -2.95 75.14 178.52
CA LEU NA 235 -2.65 73.85 177.93
C LEU NA 235 -1.14 73.63 177.89
N ARG NA 236 -0.74 72.37 178.03
CA ARG NA 236 0.66 71.98 177.99
C ARG NA 236 0.83 70.78 177.07
N VAL NA 237 2.04 70.59 176.58
CA VAL NA 237 2.33 69.44 175.72
C VAL NA 237 3.02 68.38 176.56
N SER NA 238 2.69 67.12 176.29
CA SER NA 238 3.19 66.00 177.06
C SER NA 238 3.89 65.00 176.14
N SER NA 239 5.01 64.45 176.61
CA SER NA 239 5.82 63.52 175.82
C SER NA 239 6.07 62.26 176.63
N SER NA 240 5.56 61.13 176.13
CA SER NA 240 5.84 59.84 176.75
C SER NA 240 7.24 59.40 176.32
N ALA NA 241 8.18 59.45 177.25
CA ALA NA 241 9.59 59.14 176.98
C ALA NA 241 10.15 60.03 175.88
N GLY NA 242 9.66 61.27 175.79
CA GLY NA 242 10.14 62.21 174.80
C GLY NA 242 9.73 61.91 173.39
N ALA NA 243 8.70 61.09 173.17
CA ALA NA 243 8.29 60.74 171.82
C ALA NA 243 7.73 61.95 171.07
N MET NA 244 6.78 62.65 171.68
CA MET NA 244 6.08 63.78 171.06
C MET NA 244 5.42 63.41 169.73
N PHE NA 245 5.22 62.11 169.47
CA PHE NA 245 4.56 61.65 168.26
C PHE NA 245 3.83 60.36 168.62
N ASP NA 246 2.53 60.47 168.86
CA ASP NA 246 1.75 59.32 169.30
C ASP NA 246 1.03 58.69 168.11
N SER NA 247 1.16 57.38 167.99
CA SER NA 247 0.53 56.62 166.91
C SER NA 247 -0.62 55.76 167.41
N GLY NA 248 -1.16 56.07 168.59
CA GLY NA 248 -2.22 55.27 169.15
C GLY NA 248 -1.80 53.84 169.45
N LYS NA 249 -0.57 53.67 169.95
CA LYS NA 249 -0.01 52.35 170.23
C LYS NA 249 -0.06 52.09 171.73
N ALA NA 250 -0.17 50.80 172.08
CA ALA NA 250 -0.14 50.42 173.48
C ALA NA 250 1.22 50.68 174.09
N GLU NA 251 1.23 50.95 175.40
CA GLU NA 251 2.48 51.23 176.09
C GLU NA 251 3.42 50.03 176.05
N SER NA 252 2.89 48.83 176.24
CA SER NA 252 3.66 47.58 176.20
C SER NA 252 4.82 47.62 177.20
CA ARG OA 3 9.35 42.93 155.80
C ARG OA 3 9.07 44.01 154.76
N PRO OA 4 8.93 45.25 155.22
CA PRO OA 4 8.67 46.35 154.28
C PRO OA 4 9.81 46.51 153.29
N MET OA 5 9.44 46.87 152.06
CA MET OA 5 10.44 47.05 151.01
C MET OA 5 11.40 48.17 151.36
N PHE OA 6 10.88 49.27 151.93
CA PHE OA 6 11.74 50.37 152.31
C PHE OA 6 12.77 49.93 153.36
N ALA OA 7 12.33 49.16 154.36
CA ALA OA 7 13.27 48.67 155.36
C ALA OA 7 14.30 47.73 154.76
N VAL OA 8 13.87 46.85 153.85
CA VAL OA 8 14.81 45.94 153.20
C VAL OA 8 15.84 46.72 152.39
N ALA OA 9 15.40 47.72 151.63
CA ALA OA 9 16.33 48.51 150.84
C ALA OA 9 17.28 49.30 151.72
N VAL OA 10 16.78 49.83 152.84
CA VAL OA 10 17.65 50.56 153.77
C VAL OA 10 18.70 49.63 154.34
N ASN OA 11 18.32 48.42 154.71
CA ASN OA 11 19.30 47.46 155.21
C ASN OA 11 20.33 47.10 154.16
N GLU OA 12 19.88 46.89 152.92
CA GLU OA 12 20.82 46.59 151.84
C GLU OA 12 21.81 47.72 151.62
N PHE OA 13 21.32 48.95 151.61
CA PHE OA 13 22.20 50.11 151.42
C PHE OA 13 23.19 50.24 152.57
N ILE OA 14 22.71 50.10 153.80
CA ILE OA 14 23.59 50.29 154.95
C ILE OA 14 24.62 49.17 155.03
N ARG OA 15 24.27 47.98 154.57
CA ARG OA 15 25.27 46.91 154.51
C ARG OA 15 26.31 47.18 153.43
N SER OA 16 25.86 47.55 152.23
CA SER OA 16 26.80 47.78 151.13
C SER OA 16 27.74 48.93 151.44
N ALA OA 17 27.21 50.02 151.99
CA ALA OA 17 28.01 51.20 152.32
C ALA OA 17 27.69 51.65 153.73
N GLY OA 18 28.72 51.97 154.50
CA GLY OA 18 28.52 52.47 155.85
C GLY OA 18 27.90 51.49 156.81
N GLN OA 19 28.42 50.25 156.83
CA GLN OA 19 27.91 49.26 157.77
C GLN OA 19 28.14 49.70 159.21
N ASP OA 20 29.15 50.50 159.46
CA ASP OA 20 29.42 51.06 160.78
C ASP OA 20 29.11 52.55 160.77
N SER OA 21 28.76 53.06 161.95
CA SER OA 21 28.47 54.48 162.16
C SER OA 21 27.34 54.95 161.25
N LEU OA 22 26.24 54.20 161.23
CA LEU OA 22 25.09 54.55 160.42
C LEU OA 22 23.85 53.87 160.99
N CYS OA 23 22.76 54.61 161.07
CA CYS OA 23 21.50 54.12 161.63
C CYS OA 23 20.42 54.15 160.55
N GLY OA 24 19.72 53.03 160.40
CA GLY OA 24 18.65 52.96 159.42
C GLY OA 24 17.48 53.84 159.78
N VAL OA 25 16.73 54.22 158.75
CA VAL OA 25 15.54 55.06 158.92
C VAL OA 25 14.32 54.16 159.14
N PRO OA 26 13.52 54.41 160.18
CA PRO OA 26 12.40 53.50 160.47
C PRO OA 26 11.36 53.41 159.36
N ASP OA 27 10.96 54.54 158.78
CA ASP OA 27 9.91 54.51 157.76
C ASP OA 27 9.99 55.76 156.91
N ILE OA 28 9.31 55.71 155.76
CA ILE OA 28 9.35 56.82 154.81
C ILE OA 28 8.75 58.07 155.43
N ASN OA 29 7.66 57.93 156.19
CA ASN OA 29 7.00 59.09 156.78
C ASN OA 29 7.94 59.83 157.72
N SER OA 30 8.67 59.10 158.56
CA SER OA 30 9.57 59.71 159.53
C SER OA 30 10.97 59.92 158.99
N SER OA 31 11.21 59.59 157.72
CA SER OA 31 12.53 59.82 157.13
C SER OA 31 12.89 61.29 157.14
N GLY OA 32 11.92 62.18 156.94
CA GLY OA 32 12.21 63.60 156.86
C GLY OA 32 12.56 64.25 158.17
N ASP OA 33 12.41 63.55 159.29
CA ASP OA 33 12.73 64.10 160.60
C ASP OA 33 14.15 63.81 161.03
N PHE OA 34 14.95 63.17 160.18
CA PHE OA 34 16.34 62.81 160.51
C PHE OA 34 17.33 63.56 159.63
N MET OA 35 16.99 64.78 159.24
CA MET OA 35 17.92 65.63 158.52
C MET OA 35 18.95 66.20 159.47
N PRO OA 36 20.08 66.71 158.95
CA PRO OA 36 21.13 67.23 159.83
C PRO OA 36 20.62 68.37 160.70
N LEU OA 37 21.22 68.47 161.89
CA LEU OA 37 20.87 69.48 162.89
C LEU OA 37 19.45 69.27 163.42
N HIS OA 38 19.13 68.01 163.75
CA HIS OA 38 17.87 67.65 164.38
C HIS OA 38 18.14 66.95 165.69
N ILE OA 39 17.26 67.20 166.67
CA ILE OA 39 17.38 66.60 168.00
C ILE OA 39 16.60 65.29 168.03
N ILE OA 40 17.21 64.25 168.58
CA ILE OA 40 16.56 62.96 168.79
C ILE OA 40 16.78 62.53 170.23
N VAL OA 41 15.93 61.62 170.69
CA VAL OA 41 15.99 61.11 172.05
C VAL OA 41 16.37 59.65 172.01
N LYS OA 42 17.31 59.26 172.87
CA LYS OA 42 17.78 57.88 172.97
C LYS OA 42 17.37 57.31 174.32
N GLU OA 43 16.77 56.12 174.30
CA GLU OA 43 16.31 55.42 175.49
C GLU OA 43 17.08 54.12 175.62
N VAL OA 44 17.62 53.88 176.82
CA VAL OA 44 18.42 52.69 177.10
C VAL OA 44 17.51 51.46 177.16
N PRO OA 45 18.02 50.27 176.86
CA PRO OA 45 17.16 49.07 176.90
C PRO OA 45 16.57 48.80 178.28
N LYS OA 46 17.29 49.12 179.35
CA LYS OA 46 16.91 48.92 180.75
C LYS OA 46 16.86 47.45 181.16
N VAL OA 47 17.10 46.52 180.24
CA VAL OA 47 17.11 45.10 180.56
C VAL OA 47 18.50 44.54 180.31
N LEU OA 48 18.97 44.64 179.08
CA LEU OA 48 20.31 44.21 178.69
C LEU OA 48 20.96 45.36 177.92
N PRO OA 49 21.39 46.42 178.62
CA PRO OA 49 21.94 47.58 177.91
C PRO OA 49 23.15 47.25 177.04
N CYS OA 50 24.01 46.34 177.49
CA CYS OA 50 25.19 45.97 176.72
C CYS OA 50 24.90 44.94 175.65
N CYS OA 51 23.71 44.35 175.63
CA CYS OA 51 23.36 43.32 174.67
C CYS OA 51 22.28 43.75 173.68
N ARG OA 52 21.56 44.83 173.94
CA ARG OA 52 20.48 45.27 173.10
C ARG OA 52 20.72 46.71 172.66
N ARG OA 53 20.43 47.01 171.39
CA ARG OA 53 20.59 48.36 170.89
C ARG OA 53 19.50 49.27 171.46
N PRO OA 54 19.81 50.54 171.72
CA PRO OA 54 18.82 51.44 172.32
C PRO OA 54 17.68 51.81 171.39
N LYS OA 55 16.74 52.59 171.88
CA LYS OA 55 15.57 53.01 171.12
C LYS OA 55 15.69 54.49 170.78
N ILE OA 56 15.45 54.82 169.51
CA ILE OA 56 15.62 56.18 169.01
C ILE OA 56 14.26 56.77 168.69
N LYS OA 57 13.99 57.96 169.23
CA LYS OA 57 12.72 58.65 169.07
C LYS OA 57 12.96 59.99 168.41
N ARG OA 58 12.19 60.27 167.36
CA ARG OA 58 12.29 61.55 166.66
C ARG OA 58 11.53 62.64 167.42
N THR OA 59 12.01 63.87 167.27
CA THR OA 59 11.38 65.02 167.89
C THR OA 59 11.24 66.15 166.87
N PRO OA 60 10.23 66.99 167.01
CA PRO OA 60 10.05 68.11 166.07
C PRO OA 60 10.82 69.36 166.51
N TYR OA 61 12.13 69.22 166.65
CA TYR OA 61 12.97 70.31 167.11
C TYR OA 61 14.26 70.35 166.31
N THR OA 62 14.78 71.56 166.12
CA THR OA 62 16.11 71.78 165.58
C THR OA 62 17.01 72.36 166.68
N LEU OA 63 18.30 72.45 166.36
CA LEU OA 63 19.27 72.94 167.33
C LEU OA 63 18.97 74.38 167.73
N ASN OA 64 18.64 75.23 166.75
CA ASN OA 64 18.38 76.64 167.04
C ASN OA 64 17.12 76.80 167.88
N ASP OA 65 16.11 75.96 167.65
CA ASP OA 65 14.91 76.02 168.47
C ASP OA 65 15.18 75.53 169.89
N ILE OA 66 15.95 74.45 170.03
CA ILE OA 66 16.18 73.89 171.35
C ILE OA 66 17.13 74.77 172.16
N LEU OA 67 17.96 75.57 171.49
CA LEU OA 67 18.94 76.40 172.17
C LEU OA 67 18.46 77.84 172.27
N ASP OA 68 18.72 78.46 173.43
CA ASP OA 68 18.45 79.88 173.58
C ASP OA 68 19.30 80.71 172.63
N GLU OA 69 20.58 80.35 172.49
CA GLU OA 69 21.49 81.06 171.60
C GLU OA 69 21.57 80.33 170.27
N PRO OA 70 21.29 80.99 169.15
CA PRO OA 70 21.34 80.30 167.85
C PRO OA 70 22.76 79.98 167.43
N CYS OA 71 22.87 79.02 166.52
CA CYS OA 71 24.13 78.57 165.95
C CYS OA 71 24.02 78.59 164.44
N PRO OA 72 25.15 78.70 163.73
CA PRO OA 72 25.11 78.60 162.26
C PRO OA 72 24.57 77.25 161.83
N ASN OA 73 23.81 77.25 160.74
CA ASN OA 73 23.08 76.06 160.30
C ASN OA 73 23.23 75.76 158.82
N GLN OA 74 24.19 76.39 158.13
CA GLN OA 74 24.35 76.13 156.70
C GLN OA 74 24.80 74.70 156.46
N LEU OA 75 24.37 74.14 155.33
CA LEU OA 75 24.63 72.75 155.00
C LEU OA 75 25.33 72.64 153.65
N LYS OA 76 25.82 71.45 153.35
CA LYS OA 76 26.43 71.14 152.07
C LYS OA 76 26.25 69.65 151.80
N SER OA 77 26.22 69.30 150.52
CA SER OA 77 26.00 67.92 150.09
C SER OA 77 27.04 67.51 149.07
N SER OA 78 27.35 66.22 149.08
CA SER OA 78 28.33 65.66 148.14
C SER OA 78 28.01 64.19 147.91
N ASP OA 79 28.45 63.68 146.76
CA ASP OA 79 28.12 62.30 146.40
C ASP OA 79 28.77 61.31 147.35
N LEU OA 80 28.07 60.21 147.60
CA LEU OA 80 28.56 59.16 148.50
C LEU OA 80 28.76 57.83 147.79
N VAL OA 81 27.73 57.33 147.10
CA VAL OA 81 27.80 56.04 146.40
C VAL OA 81 26.80 56.06 145.26
N THR OA 82 27.00 55.18 144.28
CA THR OA 82 26.17 55.13 143.09
C THR OA 82 25.90 53.67 142.73
N PHE OA 83 24.63 53.27 142.80
CA PHE OA 83 24.21 51.93 142.40
C PHE OA 83 23.90 51.95 140.91
N THR OA 84 24.85 51.47 140.10
CA THR OA 84 24.69 51.55 138.65
C THR OA 84 23.54 50.66 138.17
N GLU OA 85 23.37 49.49 138.78
CA GLU OA 85 22.33 48.57 138.37
C GLU OA 85 21.47 48.18 139.57
N PRO OA 86 20.20 47.84 139.34
CA PRO OA 86 19.31 47.51 140.46
C PRO OA 86 19.79 46.27 141.21
N LEU OA 87 19.60 46.29 142.53
CA LEU OA 87 19.79 45.10 143.34
C LEU OA 87 18.63 44.14 143.09
N VAL OA 88 18.95 42.95 142.58
CA VAL OA 88 17.96 41.96 142.17
C VAL OA 88 18.15 40.72 143.02
N SER OA 89 17.05 40.21 143.57
CA SER OA 89 17.07 39.01 144.40
C SER OA 89 15.96 38.06 143.95
N ASN OA 90 16.29 36.77 143.87
CA ASN OA 90 15.35 35.74 143.50
C ASN OA 90 15.45 34.58 144.48
N VAL OA 91 14.30 34.10 144.94
CA VAL OA 91 14.22 32.92 145.80
C VAL OA 91 13.16 32.00 145.22
N LYS OA 92 13.47 30.72 145.11
CA LYS OA 92 12.53 29.75 144.55
C LYS OA 92 12.65 28.46 145.34
N ALA OA 93 11.59 28.10 146.06
CA ALA OA 93 11.56 26.90 146.88
C ALA OA 93 10.41 26.00 146.42
N SER OA 94 10.63 24.69 146.54
CA SER OA 94 9.61 23.72 146.19
C SER OA 94 9.87 22.44 146.98
N SER OA 95 8.82 21.92 147.64
CA SER OA 95 8.97 20.75 148.48
C SER OA 95 7.73 19.87 148.36
N SER OA 96 7.91 18.59 148.66
CA SER OA 96 6.83 17.62 148.63
C SER OA 96 7.05 16.59 149.72
N ILE OA 97 5.96 16.18 150.36
CA ILE OA 97 5.99 15.21 151.45
C ILE OA 97 4.97 14.12 151.16
N GLY OA 98 5.37 12.86 151.37
CA GLY OA 98 4.46 11.75 151.21
C GLY OA 98 4.55 10.76 152.36
N LEU OA 99 3.44 10.57 153.07
CA LEU OA 99 3.39 9.69 154.24
C LEU OA 99 2.39 8.58 153.97
N GLN OA 100 2.78 7.34 154.27
CA GLN OA 100 1.89 6.21 154.13
C GLN OA 100 2.00 5.31 155.36
N ILE OA 101 0.86 4.97 155.94
CA ILE OA 101 0.79 4.02 157.05
C ILE OA 101 -0.05 2.84 156.56
N LEU OA 102 0.63 1.76 156.17
CA LEU OA 102 0.03 0.51 155.72
C LEU OA 102 -0.92 0.83 154.57
N LYS OA 103 -2.14 0.29 154.57
CA LYS OA 103 -3.19 0.72 153.65
C LYS OA 103 -4.28 1.50 154.37
N HIS OA 104 -3.95 2.09 155.51
CA HIS OA 104 -4.90 2.83 156.33
C HIS OA 104 -4.73 4.34 156.25
N PHE OA 105 -3.52 4.84 156.08
CA PHE OA 105 -3.30 6.28 156.00
C PHE OA 105 -2.45 6.59 154.77
N ASP OA 106 -2.80 7.65 154.05
CA ASP OA 106 -2.02 8.05 152.88
C ASP OA 106 -2.19 9.55 152.67
N SER OA 107 -1.15 10.32 152.96
CA SER OA 107 -1.19 11.77 152.83
C SER OA 107 -0.10 12.23 151.87
N GLY OA 108 -0.45 13.15 150.97
CA GLY OA 108 0.51 13.75 150.08
C GLY OA 108 0.37 15.26 150.03
N ALA OA 109 1.42 15.97 150.43
CA ALA OA 109 1.40 17.42 150.46
C ALA OA 109 2.52 17.96 149.58
N LYS OA 110 2.35 19.18 149.10
CA LYS OA 110 3.39 19.82 148.30
C LYS OA 110 3.20 21.32 148.37
N GLY OA 111 4.31 22.04 148.27
CA GLY OA 111 4.29 23.48 148.33
C GLY OA 111 5.36 24.07 147.45
N SER OA 112 5.13 25.30 147.02
CA SER OA 112 6.09 26.01 146.19
C SER OA 112 5.98 27.51 146.47
N LYS OA 113 7.09 28.21 146.28
CA LYS OA 113 7.15 29.64 146.53
C LYS OA 113 8.17 30.28 145.60
N ASN OA 114 7.81 31.43 145.05
CA ASN OA 114 8.68 32.20 144.16
C ASN OA 114 8.62 33.66 144.58
N PHE OA 115 9.76 34.22 144.95
CA PHE OA 115 9.86 35.56 145.51
C PHE OA 115 10.92 36.34 144.73
N ILE OA 116 10.53 37.52 144.22
CA ILE OA 116 11.43 38.33 143.41
C ILE OA 116 11.42 39.76 143.95
N THR OA 117 12.62 40.34 144.06
CA THR OA 117 12.77 41.69 144.58
C THR OA 117 13.72 42.48 143.69
N SER OA 118 13.42 43.76 143.48
CA SER OA 118 14.29 44.65 142.71
C SER OA 118 14.27 46.03 143.34
N ALA OA 119 15.45 46.58 143.61
CA ALA OA 119 15.57 47.91 144.19
C ALA OA 119 16.54 48.74 143.36
N SER OA 120 16.08 49.91 142.93
CA SER OA 120 16.88 50.84 142.13
C SER OA 120 16.97 52.14 142.92
N LEU OA 121 18.11 52.36 143.58
CA LEU OA 121 18.33 53.54 144.39
C LEU OA 121 19.05 54.66 143.66
N GLY OA 122 19.55 54.40 142.46
CA GLY OA 122 20.22 55.46 141.71
C GLY OA 122 21.46 55.94 142.41
N THR OA 123 21.53 57.25 142.66
CA THR OA 123 22.66 57.89 143.31
C THR OA 123 22.26 58.33 144.71
N VAL OA 124 23.14 58.09 145.67
CA VAL OA 124 22.92 58.49 147.07
C VAL OA 124 23.96 59.55 147.42
N VAL OA 125 23.49 60.67 147.96
CA VAL OA 125 24.37 61.75 148.38
C VAL OA 125 24.33 61.85 149.90
N LYS OA 126 25.29 62.58 150.45
CA LYS OA 126 25.39 62.82 151.87
C LYS OA 126 25.35 64.32 152.13
N ALA OA 127 24.51 64.72 153.09
CA ALA OA 127 24.34 66.12 153.47
C ALA OA 127 24.77 66.30 154.92
N GLU OA 128 25.51 67.38 155.17
CA GLU OA 128 26.07 67.63 156.48
C GLU OA 128 26.41 69.11 156.60
N THR OA 129 26.59 69.56 157.84
CA THR OA 129 26.94 70.94 158.09
C THR OA 129 28.27 71.30 157.43
N ILE OA 130 28.37 72.52 156.95
CA ILE OA 130 29.60 72.97 156.30
C ILE OA 130 30.77 72.94 157.28
N ASP OA 131 30.54 73.43 158.50
CA ASP OA 131 31.55 73.41 159.55
C ASP OA 131 30.91 72.91 160.83
N ILE OA 132 31.39 71.76 161.32
CA ILE OA 132 30.84 71.18 162.54
C ILE OA 132 31.54 71.72 163.79
N THR OA 133 32.80 72.13 163.66
CA THR OA 133 33.53 72.64 164.82
C THR OA 133 32.88 73.89 165.39
N LYS OA 134 32.44 74.81 164.51
CA LYS OA 134 31.77 76.01 164.98
C LYS OA 134 30.47 75.67 165.69
N VAL OA 135 29.70 74.74 165.12
CA VAL OA 135 28.45 74.32 165.73
C VAL OA 135 28.71 73.74 167.12
N LEU OA 136 29.72 72.89 167.22
CA LEU OA 136 30.04 72.29 168.52
C LEU OA 136 30.46 73.35 169.53
N ALA OA 137 31.30 74.30 169.11
CA ALA OA 137 31.75 75.35 170.01
C ALA OA 137 30.55 76.16 170.53
N LYS OA 138 29.69 76.58 169.61
CA LYS OA 138 28.52 77.37 170.00
C LYS OA 138 27.59 76.57 170.92
N VAL OA 139 27.41 75.27 170.64
CA VAL OA 139 26.58 74.44 171.51
C VAL OA 139 27.17 74.43 172.91
N ARG OA 140 28.47 74.19 173.01
CA ARG OA 140 29.11 74.12 174.33
C ARG OA 140 29.00 75.43 175.07
N THR OA 141 29.05 76.56 174.35
CA THR OA 141 28.95 77.86 175.01
C THR OA 141 27.52 78.38 175.11
N ALA OA 142 26.53 77.63 174.64
CA ALA OA 142 25.15 78.09 174.60
C ALA OA 142 24.29 77.30 175.58
N LYS OA 143 23.27 77.94 176.13
CA LYS OA 143 22.33 77.32 177.04
C LYS OA 143 21.04 76.93 176.33
N ALA OA 144 20.43 75.84 176.79
CA ALA OA 144 19.19 75.36 176.20
C ALA OA 144 18.02 76.28 176.57
N LYS OA 145 16.89 76.05 175.90
CA LYS OA 145 15.69 76.86 176.14
C LYS OA 145 15.04 76.45 177.46
N VAL OA 146 14.92 77.40 178.38
CA VAL OA 146 14.30 77.12 179.68
C VAL OA 146 12.83 76.75 179.48
N GLU OA 147 12.15 77.42 178.56
CA GLU OA 147 10.73 77.13 178.31
C GLU OA 147 10.52 75.70 177.85
N ASN OA 148 11.44 75.15 177.06
CA ASN OA 148 11.25 73.82 176.50
C ASN OA 148 11.08 72.77 177.58
N ASP OA 149 10.09 71.89 177.39
CA ASP OA 149 9.78 70.83 178.34
C ASP OA 149 10.60 69.57 178.11
N LEU OA 150 10.88 69.26 176.84
CA LEU OA 150 11.66 68.07 176.51
C LEU OA 150 13.02 68.08 177.19
N VAL OA 151 13.71 69.23 177.15
CA VAL OA 151 15.03 69.33 177.77
C VAL OA 151 14.93 69.04 179.27
N SER OA 152 13.93 69.62 179.93
CA SER OA 152 13.75 69.39 181.36
C SER OA 152 13.47 67.92 181.65
N ARG OA 153 12.62 67.30 180.83
CA ARG OA 153 12.33 65.88 180.99
C ARG OA 153 13.61 65.05 180.90
N VAL OA 154 14.42 65.30 179.86
CA VAL OA 154 15.66 64.55 179.67
C VAL OA 154 16.62 64.81 180.82
N MET OA 155 16.64 66.04 181.33
CA MET OA 155 17.53 66.37 182.45
C MET OA 155 17.13 65.60 183.70
N LYS OA 156 15.83 65.57 184.01
CA LYS OA 156 15.40 64.91 185.24
C LYS OA 156 15.50 63.39 185.13
N THR OA 157 15.24 62.84 183.95
CA THR OA 157 15.34 61.40 183.78
C THR OA 157 16.80 61.00 183.52
N LYS OA 158 17.12 59.76 183.87
CA LYS OA 158 18.47 59.22 183.70
C LYS OA 158 18.62 58.35 182.47
N ARG OA 159 17.55 57.68 182.03
CA ARG OA 159 17.65 56.83 180.84
C ARG OA 159 17.74 57.67 179.57
N LEU OA 160 16.96 58.75 179.49
CA LEU OA 160 16.88 59.53 178.27
C LEU OA 160 18.18 60.29 178.01
N CYS OA 161 18.57 60.33 176.74
CA CYS OA 161 19.73 61.10 176.31
C CYS OA 161 19.37 61.86 175.03
N LEU OA 162 20.07 62.96 174.79
CA LEU OA 162 19.83 63.79 173.62
C LEU OA 162 20.92 63.54 172.57
N GLY OA 163 20.51 63.57 171.30
CA GLY OA 163 21.46 63.39 170.22
C GLY OA 163 21.22 64.35 169.07
N LEU OA 164 22.29 64.95 168.56
CA LEU OA 164 22.22 65.88 167.44
C LEU OA 164 22.65 65.15 166.18
N VAL OA 165 21.79 65.16 165.17
CA VAL OA 165 22.08 64.50 163.90
C VAL OA 165 23.03 65.38 163.10
N VAL OA 166 24.11 64.78 162.58
CA VAL OA 166 25.16 65.55 161.93
C VAL OA 166 25.35 65.19 160.45
N GLU OA 167 24.89 64.04 159.99
CA GLU OA 167 25.03 63.71 158.57
C GLU OA 167 23.89 62.79 158.16
N THR OA 168 23.43 62.94 156.92
CA THR OA 168 22.29 62.18 156.43
C THR OA 168 22.51 61.75 155.00
N ALA OA 169 22.13 60.51 154.69
CA ALA OA 169 22.23 59.98 153.34
C ALA OA 169 20.86 60.03 152.68
N CYS OA 170 20.78 60.68 151.52
CA CYS OA 170 19.52 60.91 150.82
C CYS OA 170 19.66 60.55 149.35
N VAL OA 171 18.59 60.04 148.76
CA VAL OA 171 18.59 59.69 147.35
C VAL OA 171 18.51 60.97 146.51
N ALA OA 172 19.38 61.08 145.52
CA ALA OA 172 19.39 62.26 144.66
C ALA OA 172 18.18 62.28 143.73
N ALA OA 173 17.78 61.12 143.21
CA ALA OA 173 16.67 61.01 142.29
C ALA OA 173 15.66 60.01 142.83
N ALA OA 174 14.60 59.79 142.06
CA ALA OA 174 13.54 58.88 142.48
C ALA OA 174 14.05 57.45 142.55
N GLY OA 175 13.63 56.72 143.57
CA GLY OA 175 14.03 55.34 143.78
C GLY OA 175 12.85 54.40 143.61
N LYS OA 176 13.08 53.29 142.92
CA LYS OA 176 12.02 52.35 142.56
C LYS OA 176 12.20 51.03 143.29
N LEU OA 177 11.12 50.56 143.94
CA LEU OA 177 11.15 49.31 144.68
C LEU OA 177 10.02 48.42 144.18
N THR OA 178 10.37 47.21 143.72
CA THR OA 178 9.40 46.28 143.16
C THR OA 178 9.54 44.92 143.83
N GLU OA 179 8.40 44.29 144.14
CA GLU OA 179 8.36 42.99 144.79
C GLU OA 179 7.24 42.15 144.18
N ALA OA 180 7.53 40.88 143.93
CA ALA OA 180 6.55 39.93 143.41
C ALA OA 180 6.62 38.63 144.20
N ASP OA 181 5.44 38.10 144.54
CA ASP OA 181 5.33 36.89 145.34
C ASP OA 181 4.30 35.97 144.70
N ASN OA 182 4.64 34.69 144.59
CA ASN OA 182 3.70 33.69 144.08
C ASN OA 182 3.94 32.40 144.84
N TRP OA 183 2.99 31.99 145.68
CA TRP OA 183 3.18 30.73 146.40
C TRP OA 183 1.91 29.88 146.34
N GLU OA 184 2.10 28.57 146.50
CA GLU OA 184 1.03 27.61 146.25
C GLU OA 184 1.19 26.41 147.18
N ILE OA 185 0.05 25.91 147.67
CA ILE OA 185 0.00 24.74 148.54
C ILE OA 185 -1.05 23.78 148.00
N SER OA 186 -0.69 22.50 147.90
CA SER OA 186 -1.62 21.46 147.47
C SER OA 186 -1.49 20.26 148.38
N GLY OA 187 -2.55 19.91 149.08
CA GLY OA 187 -2.52 18.81 150.02
C GLY OA 187 -3.65 17.84 149.79
N HIS OA 188 -3.41 16.58 150.14
CA HIS OA 188 -4.38 15.51 149.97
C HIS OA 188 -4.23 14.51 151.10
N THR OA 189 -5.36 14.01 151.60
CA THR OA 189 -5.38 13.08 152.72
C THR OA 189 -6.39 11.97 152.42
N ASN OA 190 -6.00 10.73 152.70
CA ASN OA 190 -6.85 9.57 152.49
C ASN OA 190 -6.74 8.68 153.73
N ALA OA 191 -7.82 8.62 154.51
CA ALA OA 191 -7.90 7.77 155.69
C ALA OA 191 -8.87 6.63 155.36
N ASN OA 192 -8.32 5.44 155.14
CA ASN OA 192 -9.10 4.26 154.82
C ASN OA 192 -9.19 3.38 156.06
N ILE OA 193 -10.43 3.10 156.48
CA ILE OA 193 -10.69 2.23 157.63
C ILE OA 193 -11.68 1.17 157.16
N GLY OA 194 -11.78 0.09 157.96
CA GLY OA 194 -12.65 -1.01 157.59
C GLY OA 194 -14.09 -0.60 157.37
N GLU OA 195 -14.58 0.39 158.13
CA GLU OA 195 -15.95 0.86 158.00
C GLU OA 195 -16.04 2.35 157.67
N ALA OA 196 -14.92 3.00 157.35
CA ALA OA 196 -14.94 4.43 157.04
C ALA OA 196 -13.88 4.74 156.01
N VAL OA 197 -14.23 5.60 155.06
CA VAL OA 197 -13.30 6.09 154.03
C VAL OA 197 -13.43 7.60 153.96
N VAL OA 198 -12.33 8.31 154.18
CA VAL OA 198 -12.31 9.76 154.12
C VAL OA 198 -11.27 10.20 153.10
N THR OA 199 -11.66 11.07 152.17
CA THR OA 199 -10.77 11.58 151.13
C THR OA 199 -10.92 13.09 151.07
N ALA OA 200 -9.89 13.80 151.54
CA ALA OA 200 -9.90 15.25 151.57
C ALA OA 200 -8.81 15.80 150.66
N THR OA 201 -9.07 16.96 150.07
CA THR OA 201 -8.13 17.61 149.17
C THR OA 201 -8.28 19.12 149.30
N ALA OA 202 -7.16 19.84 149.27
CA ALA OA 202 -7.19 21.28 149.38
C ALA OA 202 -6.07 21.90 148.56
N GLU OA 203 -6.42 22.84 147.69
CA GLU OA 203 -5.46 23.56 146.87
C GLU OA 203 -5.66 25.05 147.02
N LEU OA 204 -4.57 25.79 147.16
CA LEU OA 204 -4.67 27.25 147.18
C LEU OA 204 -3.37 27.85 146.66
N ASP OA 205 -3.45 29.10 146.22
CA ASP OA 205 -2.29 29.81 145.70
C ASP OA 205 -2.55 31.30 145.77
N LYS OA 206 -1.55 32.06 146.22
CA LYS OA 206 -1.63 33.50 146.38
C LYS OA 206 -0.56 34.17 145.53
N ASN OA 207 -0.95 35.27 144.89
CA ASN OA 207 -0.06 36.07 144.07
C ASN OA 207 -0.18 37.53 144.48
N LEU OA 208 0.97 38.17 144.72
CA LEU OA 208 1.02 39.57 145.13
C LEU OA 208 2.10 40.30 144.33
N SER OA 209 1.91 41.60 144.15
CA SER OA 209 2.89 42.44 143.49
C SER OA 209 2.77 43.86 144.00
N ARG OA 210 3.86 44.42 144.50
CA ARG OA 210 3.88 45.76 145.06
C ARG OA 210 5.02 46.55 144.42
N LYS OA 211 4.70 47.74 143.89
CA LYS OA 211 5.68 48.58 143.23
C LYS OA 211 5.50 50.02 143.70
N ILE OA 212 6.55 50.60 144.28
CA ILE OA 212 6.49 51.96 144.80
C ILE OA 212 7.70 52.73 144.31
N GLU OA 213 7.64 54.05 144.48
CA GLU OA 213 8.70 54.96 144.04
C GLU OA 213 8.85 56.08 145.05
N ILE OA 214 9.93 56.06 145.80
CA ILE OA 214 10.23 57.13 146.76
C ILE OA 214 10.75 58.35 146.00
N PRO OA 215 10.37 59.56 146.40
CA PRO OA 215 10.76 60.75 145.65
C PRO OA 215 12.17 61.20 146.03
N PRO OA 216 12.76 62.09 145.24
CA PRO OA 216 14.09 62.60 145.59
C PRO OA 216 14.08 63.32 146.93
N GLY OA 217 15.18 63.18 147.67
CA GLY OA 217 15.34 63.81 148.96
C GLY OA 217 15.00 62.95 150.14
N THR OA 218 14.45 61.76 149.92
CA THR OA 218 14.10 60.88 151.02
C THR OA 218 15.36 60.41 151.75
N ALA OA 219 15.35 60.56 153.08
CA ALA OA 219 16.51 60.15 153.87
C ALA OA 219 16.56 58.63 154.00
N LEU OA 220 17.77 58.09 154.05
CA LEU OA 220 17.98 56.65 154.20
C LEU OA 220 18.64 56.28 155.51
N ALA OA 221 19.65 57.02 155.94
CA ALA OA 221 20.40 56.68 157.14
C ALA OA 221 21.03 57.95 157.70
N TYR OA 222 21.48 57.87 158.95
CA TYR OA 222 21.99 59.05 159.64
C TYR OA 222 22.96 58.63 160.72
N SER OA 223 23.74 59.60 161.19
CA SER OA 223 24.62 59.44 162.33
C SER OA 223 24.48 60.65 163.23
N PHE OA 224 24.66 60.44 164.53
CA PHE OA 224 24.40 61.50 165.50
C PHE OA 224 25.46 61.51 166.59
N MET OA 225 25.56 62.64 167.27
CA MET OA 225 26.48 62.85 168.37
C MET OA 225 25.71 63.09 169.66
N ASP OA 226 26.18 62.51 170.76
CA ASP OA 226 25.45 62.60 172.01
C ASP OA 226 25.65 63.97 172.67
N LEU OA 227 24.72 64.30 173.57
CA LEU OA 227 24.77 65.55 174.33
C LEU OA 227 24.46 65.26 175.79
N GLU OA 228 24.66 66.28 176.62
CA GLU OA 228 24.44 66.17 178.05
C GLU OA 228 23.99 67.51 178.60
N ILE OA 229 22.87 67.52 179.32
CA ILE OA 229 22.35 68.73 179.94
C ILE OA 229 23.07 68.94 181.27
N LEU OA 230 23.68 70.12 181.44
CA LEU OA 230 24.27 70.46 182.73
C LEU OA 230 23.17 70.73 183.76
N GLU OA 231 23.57 71.03 184.99
CA GLU OA 231 22.63 71.48 186.00
C GLU OA 231 21.83 72.68 185.51
N ASP OA 232 22.52 73.66 184.93
CA ASP OA 232 21.88 74.77 184.27
C ASP OA 232 21.37 74.34 182.89
N ARG OA 233 20.85 75.30 182.13
CA ARG OA 233 20.43 75.03 180.76
C ARG OA 233 21.58 74.78 179.81
N SER OA 234 22.83 74.95 180.28
CA SER OA 234 24.00 74.72 179.43
C SER OA 234 24.05 73.29 178.93
N LEU OA 235 24.59 73.13 177.72
CA LEU OA 235 24.73 71.83 177.09
C LEU OA 235 26.20 71.51 176.86
N ARG OA 236 26.54 70.23 176.94
CA ARG OA 236 27.89 69.76 176.72
C ARG OA 236 27.86 68.56 175.79
N VAL OA 237 28.99 68.29 175.15
CA VAL OA 237 29.09 67.14 174.25
C VAL OA 237 29.81 66.03 175.00
N SER OA 238 29.37 64.79 174.77
CA SER OA 238 29.90 63.63 175.46
C SER OA 238 30.40 62.61 174.46
N SER OA 239 31.53 61.98 174.78
CA SER OA 239 32.18 61.01 173.89
C SER OA 239 32.44 59.73 174.66
N SER OA 240 31.80 58.64 174.22
CA SER OA 240 32.08 57.32 174.79
C SER OA 240 33.37 56.80 174.19
N ALA OA 241 34.44 56.78 175.00
CA ALA OA 241 35.78 56.38 174.54
C ALA OA 241 36.26 57.25 173.38
N GLY OA 242 35.83 58.52 173.36
CA GLY OA 242 36.24 59.44 172.33
C GLY OA 242 35.63 59.18 170.97
N ALA OA 243 34.53 58.44 170.89
CA ALA OA 243 33.94 58.12 169.60
C ALA OA 243 33.37 59.38 168.93
N MET OA 244 32.54 60.13 169.66
CA MET OA 244 31.84 61.31 169.13
C MET OA 244 31.01 60.99 167.90
N PHE OA 245 30.70 59.72 167.67
CA PHE OA 245 29.86 59.31 166.55
C PHE OA 245 29.10 58.07 166.99
N ASP OA 246 27.84 58.25 167.39
CA ASP OA 246 27.04 57.15 167.93
C ASP OA 246 26.15 56.58 166.84
N SER OA 247 26.18 55.26 166.69
CA SER OA 247 25.38 54.56 165.70
C SER OA 247 24.24 53.78 166.35
N GLY OA 248 23.87 54.10 167.58
CA GLY OA 248 22.84 53.36 168.27
C GLY OA 248 23.21 51.91 168.50
N LYS OA 249 24.47 51.65 168.84
CA LYS OA 249 24.97 50.30 169.06
C LYS OA 249 25.11 50.02 170.55
N ALA OA 250 24.97 48.74 170.91
CA ALA OA 250 25.13 48.34 172.29
C ALA OA 250 26.58 48.51 172.72
N GLU OA 251 26.78 48.76 174.02
CA GLU OA 251 28.12 48.96 174.55
C GLU OA 251 28.97 47.70 174.38
N SER OA 252 28.39 46.53 174.63
CA SER OA 252 29.06 45.24 174.49
C SER OA 252 30.34 45.19 175.33
CA ARG PA 3 31.72 40.46 153.49
C ARG PA 3 31.39 41.57 152.49
N PRO PA 4 31.37 42.81 152.98
CA PRO PA 4 31.07 43.94 152.08
C PRO PA 4 32.09 44.04 150.96
N MET PA 5 31.59 44.42 149.77
CA MET PA 5 32.46 44.55 148.61
C MET PA 5 33.52 45.61 148.84
N PHE PA 6 33.15 46.73 149.48
CA PHE PA 6 34.13 47.77 149.75
C PHE PA 6 35.25 47.25 150.65
N ALA PA 7 34.89 46.50 151.70
CA ALA PA 7 35.92 45.94 152.57
C ALA PA 7 36.80 44.95 151.84
N VAL PA 8 36.20 44.11 150.99
CA VAL PA 8 37.00 43.15 150.23
C VAL PA 8 37.97 43.87 149.29
N ALA PA 9 37.49 44.90 148.60
CA ALA PA 9 38.35 45.64 147.70
C ALA PA 9 39.46 46.36 148.46
N VAL PA 10 39.14 46.90 149.63
CA VAL PA 10 40.16 47.57 150.44
C VAL PA 10 41.23 46.57 150.87
N ASN PA 11 40.82 45.38 151.28
CA ASN PA 11 41.79 44.36 151.66
C ASN PA 11 42.65 43.94 150.48
N GLU PA 12 42.04 43.78 149.30
CA GLU PA 12 42.81 43.43 148.12
C GLU PA 12 43.84 44.50 147.78
N PHE PA 13 43.42 45.76 147.83
CA PHE PA 13 44.35 46.86 147.53
C PHE PA 13 45.48 46.91 148.55
N ILE PA 14 45.15 46.79 149.83
CA ILE PA 14 46.18 46.91 150.86
C ILE PA 14 47.14 45.73 150.81
N ARG PA 15 46.67 44.56 150.39
CA ARG PA 15 47.58 43.44 150.20
C ARG PA 15 48.49 43.66 149.00
N SER PA 16 47.91 44.07 147.86
CA SER PA 16 48.72 44.24 146.66
C SER PA 16 49.75 45.33 146.84
N ALA PA 17 49.38 46.45 147.46
CA ALA PA 17 50.29 47.56 147.69
C ALA PA 17 50.17 48.02 149.13
N GLY PA 18 51.31 48.27 149.76
CA GLY PA 18 51.32 48.77 151.13
C GLY PA 18 50.76 47.81 152.15
N GLN PA 19 51.20 46.54 152.11
CA GLN PA 19 50.75 45.58 153.10
C GLN PA 19 51.18 45.98 154.51
N ASP PA 20 52.28 46.72 154.62
CA ASP PA 20 52.74 47.24 155.90
C ASP PA 20 52.54 48.75 155.94
N SER PA 21 52.36 49.27 157.16
CA SER PA 21 52.20 50.70 157.41
C SER PA 21 50.99 51.25 156.65
N LEU PA 22 49.85 50.57 156.76
CA LEU PA 22 48.64 51.00 156.10
C LEU PA 22 47.43 50.40 156.83
N CYS PA 23 46.40 51.20 157.04
CA CYS PA 23 45.20 50.79 157.75
C CYS PA 23 44.01 50.90 156.82
N GLY PA 24 43.21 49.82 156.76
CA GLY PA 24 42.04 49.83 155.94
C GLY PA 24 40.97 50.79 156.44
N VAL PA 25 40.12 51.23 155.52
CA VAL PA 25 39.02 52.14 155.83
C VAL PA 25 37.79 51.31 156.21
N PRO PA 26 37.14 51.60 157.33
CA PRO PA 26 36.01 50.76 157.76
C PRO PA 26 34.83 50.75 156.80
N ASP PA 27 34.44 51.91 156.28
CA ASP PA 27 33.27 51.96 155.40
C ASP PA 27 33.33 53.21 154.55
N ILE PA 28 32.50 53.21 153.50
CA ILE PA 28 32.48 54.33 152.56
C ILE PA 28 32.06 55.61 153.25
N ASN PA 29 31.06 55.53 154.14
CA ASN PA 29 30.57 56.72 154.81
C ASN PA 29 31.66 57.40 155.64
N SER PA 30 32.44 56.61 156.37
CA SER PA 30 33.49 57.15 157.22
C SER PA 30 34.82 57.28 156.50
N SER PA 31 34.87 56.94 155.21
CA SER PA 31 36.12 57.10 154.46
C SER PA 31 36.59 58.55 154.43
N GLY PA 32 35.65 59.49 154.36
CA GLY PA 32 36.02 60.89 154.24
C GLY PA 32 36.57 61.51 155.50
N ASP PA 33 36.52 60.80 156.63
CA ASP PA 33 37.03 61.31 157.88
C ASP PA 33 38.48 60.93 158.14
N PHE PA 34 39.13 60.25 157.19
CA PHE PA 34 40.51 59.80 157.34
C PHE PA 34 41.43 60.49 156.34
N MET PA 35 41.13 61.74 156.00
CA MET PA 35 42.00 62.54 155.17
C MET PA 35 43.19 63.03 155.98
N PRO PA 36 44.27 63.47 155.33
CA PRO PA 36 45.45 63.92 156.07
C PRO PA 36 45.14 65.07 157.01
N LEU PA 37 45.89 65.12 158.11
CA LEU PA 37 45.73 66.14 159.15
C LEU PA 37 44.38 66.01 159.85
N HIS PA 38 44.02 64.78 160.21
CA HIS PA 38 42.83 64.49 160.99
C HIS PA 38 43.22 63.76 162.26
N ILE PA 39 42.50 64.05 163.34
CA ILE PA 39 42.74 63.43 164.64
C ILE PA 39 41.89 62.18 164.77
N ILE PA 40 42.49 61.09 165.25
CA ILE PA 40 41.79 59.84 165.51
C ILE PA 40 42.17 59.39 166.92
N VAL PA 41 41.33 58.52 167.48
CA VAL PA 41 41.52 58.00 168.83
C VAL PA 41 41.80 56.51 168.73
N LYS PA 42 42.81 56.06 169.46
CA LYS PA 42 43.20 54.65 169.49
C LYS PA 42 42.94 54.09 170.89
N GLU PA 43 42.26 52.94 170.93
CA GLU PA 43 41.92 52.26 172.17
C GLU PA 43 42.62 50.91 172.21
N VAL PA 44 43.27 50.62 173.33
CA VAL PA 44 44.02 49.38 173.50
C VAL PA 44 43.06 48.22 173.67
N PRO PA 45 43.45 46.99 173.30
CA PRO PA 45 42.53 45.85 173.45
C PRO PA 45 42.09 45.60 174.89
N LYS PA 46 42.96 45.86 175.86
CA LYS PA 46 42.75 45.68 177.29
C LYS PA 46 42.66 44.21 177.70
N VAL PA 47 42.72 43.27 176.75
CA VAL PA 47 42.68 41.84 177.07
C VAL PA 47 43.99 41.21 176.65
N LEU PA 48 44.31 41.29 175.36
CA LEU PA 48 45.56 40.78 174.81
C LEU PA 48 46.18 41.89 173.96
N PRO PA 49 46.75 42.92 174.60
CA PRO PA 49 47.28 44.04 173.82
C PRO PA 49 48.35 43.66 172.82
N CYS PA 50 49.20 42.68 173.15
CA CYS PA 50 50.25 42.25 172.24
C CYS PA 50 49.76 41.25 171.21
N CYS PA 51 48.54 40.74 171.34
CA CYS PA 51 48.01 39.74 170.42
C CYS PA 51 46.85 40.25 169.58
N ARG PA 52 46.24 41.37 169.94
CA ARG PA 52 45.08 41.90 169.24
C ARG PA 52 45.36 43.32 168.78
N ARG PA 53 44.93 43.65 167.56
CA ARG PA 53 45.10 45.00 167.05
C ARG PA 53 44.15 45.96 167.75
N PRO PA 54 44.58 47.20 167.97
CA PRO PA 54 43.74 48.16 168.71
C PRO PA 54 42.51 48.61 167.92
N LYS PA 55 41.68 49.45 168.53
CA LYS PA 55 40.46 49.95 167.93
C LYS PA 55 40.63 51.42 167.57
N ILE PA 56 40.26 51.78 166.36
CA ILE PA 56 40.46 53.13 165.84
C ILE PA 56 39.10 53.81 165.70
N LYS PA 57 38.97 55.01 166.27
CA LYS PA 57 37.74 55.78 166.28
C LYS PA 57 37.99 57.11 165.59
N ARG PA 58 37.11 57.45 164.66
CA ARG PA 58 37.21 58.73 163.95
C ARG PA 58 36.62 59.85 164.80
N THR PA 59 37.15 61.06 164.60
CA THR PA 59 36.69 62.24 165.29
C THR PA 59 36.50 63.38 164.31
N PRO PA 60 35.56 64.28 164.57
CA PRO PA 60 35.33 65.43 163.67
C PRO PA 60 36.24 66.62 164.02
N TYR PA 61 37.54 66.40 163.99
CA TYR PA 61 38.50 67.43 164.34
C TYR PA 61 39.68 67.39 163.37
N THR PA 62 40.25 68.57 163.13
CA THR PA 62 41.52 68.71 162.43
C THR PA 62 42.58 69.22 163.40
N LEU PA 63 43.83 69.23 162.92
CA LEU PA 63 44.93 69.65 163.77
C LEU PA 63 44.78 71.10 164.20
N ASN PA 64 44.39 71.98 163.28
CA ASN PA 64 44.25 73.39 163.61
C ASN PA 64 43.12 73.63 164.60
N ASP PA 65 42.04 72.85 164.50
CA ASP PA 65 40.95 72.98 165.46
C ASP PA 65 41.37 72.46 166.83
N ILE PA 66 42.08 71.33 166.87
CA ILE PA 66 42.46 70.74 168.15
C ILE PA 66 43.55 71.56 168.84
N LEU PA 67 44.34 72.31 168.07
CA LEU PA 67 45.44 73.07 168.62
C LEU PA 67 45.07 74.53 168.79
N ASP PA 68 45.52 75.11 169.90
CA ASP PA 68 45.36 76.56 170.10
C ASP PA 68 46.14 77.34 169.04
N GLU PA 69 47.37 76.90 168.74
CA GLU PA 69 48.19 77.56 167.75
C GLU PA 69 48.06 76.84 166.41
N PRO PA 70 47.68 77.53 165.33
CA PRO PA 70 47.52 76.86 164.04
C PRO PA 70 48.86 76.45 163.44
N CYS PA 71 48.79 75.50 162.52
CA CYS PA 71 49.93 74.96 161.79
C CYS PA 71 49.64 75.02 160.30
N PRO PA 72 50.67 75.06 159.47
CA PRO PA 72 50.43 74.99 158.02
C PRO PA 72 49.76 73.67 157.66
N ASN PA 73 48.86 73.73 156.66
CA ASN PA 73 48.02 72.60 156.32
C ASN PA 73 47.95 72.31 154.82
N GLN PA 74 48.85 72.88 154.02
CA GLN PA 74 48.83 72.64 152.59
C GLN PA 74 49.14 71.17 152.29
N LEU PA 75 48.54 70.66 151.22
CA LEU PA 75 48.67 69.26 150.85
C LEU PA 75 49.17 69.12 149.42
N LYS PA 76 49.55 67.90 149.06
CA LYS PA 76 49.97 67.56 147.71
C LYS PA 76 49.66 66.10 147.46
N SER PA 77 49.45 65.76 146.19
CA SER PA 77 49.09 64.41 145.80
C SER PA 77 49.96 63.95 144.65
N SER PA 78 50.19 62.63 144.60
CA SER PA 78 51.00 62.02 143.56
C SER PA 78 50.56 60.58 143.36
N ASP PA 79 50.82 60.06 142.17
CA ASP PA 79 50.36 58.71 141.84
C ASP PA 79 51.06 57.66 142.70
N LEU PA 80 50.33 56.61 143.04
CA LEU PA 80 50.85 55.52 143.85
C LEU PA 80 50.87 54.19 143.12
N VAL PA 81 49.74 53.76 142.56
CA VAL PA 81 49.65 52.48 141.86
C VAL PA 81 48.51 52.58 140.85
N THR PA 82 48.53 51.69 139.86
CA THR PA 82 47.55 51.71 138.78
C THR PA 82 47.14 50.28 138.46
N PHE PA 83 45.87 49.96 138.68
CA PHE PA 83 45.32 48.65 138.34
C PHE PA 83 44.82 48.71 136.90
N THR PA 84 45.63 48.18 135.97
CA THR PA 84 45.29 48.28 134.56
C THR PA 84 44.04 47.48 134.22
N GLU PA 85 43.87 46.31 134.84
CA GLU PA 85 42.71 45.47 134.57
C GLU PA 85 42.00 45.12 135.86
N PRO PA 86 40.69 44.86 135.80
CA PRO PA 86 39.94 44.57 137.02
C PRO PA 86 40.42 43.30 137.70
N LEU PA 87 40.40 43.32 139.03
CA LEU PA 87 40.61 42.11 139.81
C LEU PA 87 39.38 41.22 139.70
N VAL PA 88 39.56 40.02 139.15
CA VAL PA 88 38.46 39.10 138.88
C VAL PA 88 38.67 37.84 139.69
N SER PA 89 37.62 37.39 140.37
CA SER PA 89 37.66 36.19 141.19
C SER PA 89 36.45 35.32 140.87
N ASN PA 90 36.69 34.01 140.76
CA ASN PA 90 35.64 33.04 140.49
C ASN PA 90 35.79 31.87 141.46
N VAL PA 91 34.68 31.45 142.06
CA VAL PA 91 34.63 30.27 142.92
C VAL PA 91 33.44 29.44 142.47
N LYS PA 92 33.65 28.14 142.32
CA LYS PA 92 32.60 27.24 141.89
C LYS PA 92 32.73 25.94 142.65
N ALA PA 93 31.75 25.63 143.50
CA ALA PA 93 31.74 24.42 144.30
C ALA PA 93 30.50 23.60 143.99
N SER PA 94 30.64 22.28 144.08
CA SER PA 94 29.53 21.38 143.86
C SER PA 94 29.79 20.09 144.61
N SER PA 95 28.81 19.62 145.38
CA SER PA 95 28.98 18.43 146.20
C SER PA 95 27.69 17.64 146.23
N SER PA 96 27.83 16.35 146.51
CA SER PA 96 26.69 15.44 146.61
C SER PA 96 26.98 14.38 147.66
N ILE PA 97 25.95 14.03 148.43
CA ILE PA 97 26.05 13.06 149.51
C ILE PA 97 24.94 12.03 149.35
N GLY PA 98 25.28 10.75 149.49
CA GLY PA 98 24.29 9.71 149.45
C GLY PA 98 24.46 8.70 150.58
N LEU PA 99 23.44 8.57 151.43
CA LEU PA 99 23.48 7.68 152.58
C LEU PA 99 22.38 6.65 152.45
N GLN PA 100 22.73 5.39 152.70
CA GLN PA 100 21.76 4.30 152.66
C GLN PA 100 21.97 3.40 153.87
N ILE PA 101 20.90 3.11 154.58
CA ILE PA 101 20.90 2.16 155.69
C ILE PA 101 19.94 1.04 155.30
N LEU PA 102 20.49 -0.07 154.82
CA LEU PA 102 19.76 -1.28 154.45
C LEU PA 102 18.69 -0.89 153.43
N LYS PA 103 17.45 -1.35 153.58
CA LYS PA 103 16.31 -0.84 152.81
C LYS PA 103 15.37 0.00 153.66
N HIS PA 104 15.90 0.56 154.76
CA HIS PA 104 15.09 1.34 155.69
C HIS PA 104 15.35 2.84 155.59
N PHE PA 105 16.56 3.26 155.27
CA PHE PA 105 16.86 4.69 155.17
C PHE PA 105 17.58 4.96 153.85
N ASP PA 106 17.20 6.04 153.18
CA ASP PA 106 17.85 6.41 151.92
C ASP PA 106 17.75 7.92 151.74
N SER PA 107 18.87 8.62 151.90
CA SER PA 107 18.90 10.07 151.78
C SER PA 107 19.89 10.47 150.69
N GLY PA 108 19.49 11.42 149.85
CA GLY PA 108 20.36 11.97 148.84
C GLY PA 108 20.32 13.48 148.81
N ALA PA 109 21.44 14.12 149.08
CA ALA PA 109 21.53 15.57 149.12
C ALA PA 109 22.57 16.05 148.11
N LYS PA 110 22.41 17.28 147.65
CA LYS PA 110 23.37 17.86 146.73
C LYS PA 110 23.30 19.37 146.83
N GLY PA 111 24.44 20.01 146.59
CA GLY PA 111 24.51 21.46 146.67
C GLY PA 111 25.50 21.99 145.65
N SER PA 112 25.29 23.24 145.25
CA SER PA 112 26.20 23.89 144.32
C SER PA 112 26.21 25.39 144.60
N LYS PA 113 27.33 26.02 144.27
CA LYS PA 113 27.52 27.44 144.53
C LYS PA 113 28.45 28.02 143.47
N ASN PA 114 28.10 29.20 142.97
CA ASN PA 114 28.90 29.93 141.99
C ASN PA 114 28.98 31.38 142.41
N PHE PA 115 30.19 31.86 142.64
CA PHE PA 115 30.44 33.19 143.19
C PHE PA 115 31.44 33.91 142.29
N ILE PA 116 31.08 35.11 141.83
CA ILE PA 116 31.91 35.88 140.92
C ILE PA 116 32.07 37.30 141.45
N THR PA 117 33.30 37.80 141.41
CA THR PA 117 33.60 39.14 141.92
C THR PA 117 34.50 39.87 140.92
N SER PA 118 34.25 41.17 140.75
CA SER PA 118 35.06 42.01 139.89
C SER PA 118 35.21 43.38 140.51
N ALA PA 119 36.45 43.85 140.64
CA ALA PA 119 36.73 45.17 141.20
C ALA PA 119 37.63 45.95 140.26
N SER PA 120 37.20 47.15 139.89
CA SER PA 120 37.95 48.03 139.00
C SER PA 120 38.22 49.31 139.77
N LEU PA 121 39.44 49.45 140.28
CA LEU PA 121 39.85 50.61 141.07
C LEU PA 121 40.54 51.68 140.25
N GLY PA 122 40.86 51.41 138.99
CA GLY PA 122 41.50 52.43 138.16
C GLY PA 122 42.85 52.83 138.72
N THR PA 123 43.03 54.13 138.95
CA THR PA 123 44.27 54.69 139.46
C THR PA 123 44.09 55.14 140.90
N VAL PA 124 45.06 54.83 141.74
CA VAL PA 124 45.05 55.22 143.14
C VAL PA 124 46.19 56.21 143.37
N VAL PA 125 45.88 57.36 143.98
CA VAL PA 125 46.86 58.37 144.28
C VAL PA 125 47.02 58.46 145.79
N LYS PA 126 48.09 59.12 146.22
CA LYS PA 126 48.39 59.34 147.62
C LYS PA 126 48.47 60.83 147.89
N ALA PA 127 47.80 61.27 148.95
CA ALA PA 127 47.76 62.67 149.34
C ALA PA 127 48.38 62.81 150.73
N GLU PA 128 49.21 63.84 150.89
CA GLU PA 128 49.95 64.04 152.11
C GLU PA 128 50.39 65.49 152.19
N THR PA 129 50.76 65.92 153.41
CA THR PA 129 51.23 67.27 153.62
C THR PA 129 52.48 67.55 152.80
N ILE PA 130 52.59 68.77 152.31
CA ILE PA 130 53.77 69.14 151.51
C ILE PA 130 55.04 69.03 152.34
N ASP PA 131 55.00 69.52 153.58
CA ASP PA 131 56.14 69.43 154.49
C ASP PA 131 55.63 68.95 155.84
N ILE PA 132 56.09 67.77 156.26
CA ILE PA 132 55.66 67.21 157.53
C ILE PA 132 56.55 67.68 158.68
N THR PA 133 57.81 68.02 158.40
CA THR PA 133 58.72 68.46 159.45
C THR PA 133 58.23 69.75 160.11
N LYS PA 134 57.75 70.70 159.30
CA LYS PA 134 57.21 71.95 159.85
C LYS PA 134 55.99 71.68 160.72
N VAL PA 135 55.09 70.80 160.25
CA VAL PA 135 53.90 70.47 161.02
C VAL PA 135 54.30 69.85 162.36
N LEU PA 136 55.26 68.94 162.33
CA LEU PA 136 55.70 68.30 163.57
C LEU PA 136 56.32 69.32 164.53
N ALA PA 137 57.15 70.22 164.00
CA ALA PA 137 57.77 71.23 164.85
C ALA PA 137 56.72 72.11 165.52
N LYS PA 138 55.76 72.60 164.71
CA LYS PA 138 54.71 73.45 165.26
C LYS PA 138 53.86 72.70 166.28
N VAL PA 139 53.56 71.42 166.01
CA VAL PA 139 52.81 70.63 166.99
C VAL PA 139 53.55 70.57 168.30
N ARG PA 140 54.84 70.24 168.24
CA ARG PA 140 55.64 70.12 169.46
C ARG PA 140 55.70 71.43 170.22
N THR PA 141 55.73 72.56 169.50
CA THR PA 141 55.81 73.85 170.17
C THR PA 141 54.44 74.47 170.45
N ALA PA 142 53.35 73.78 170.11
CA ALA PA 142 52.00 74.33 170.25
C ALA PA 142 51.23 73.58 171.32
N LYS PA 143 50.33 74.29 172.00
CA LYS PA 143 49.48 73.71 173.02
C LYS PA 143 48.08 73.42 172.48
N ALA PA 144 47.46 72.36 173.01
CA ALA PA 144 46.13 71.96 172.58
C ALA PA 144 45.08 72.95 173.10
N LYS PA 145 43.86 72.80 172.58
CA LYS PA 145 42.76 73.68 172.97
C LYS PA 145 42.26 73.30 174.36
N VAL PA 146 42.32 74.25 175.29
CA VAL PA 146 41.85 73.99 176.65
C VAL PA 146 40.34 73.72 176.66
N GLU PA 147 39.59 74.44 175.82
CA GLU PA 147 38.15 74.24 175.76
C GLU PA 147 37.78 72.84 175.32
N ASN PA 148 38.56 72.24 174.43
CA ASN PA 148 38.22 70.93 173.88
C ASN PA 148 38.11 69.88 174.98
N ASP PA 149 37.06 69.07 174.90
CA ASP PA 149 36.80 68.02 175.89
C ASP PA 149 37.50 66.71 175.54
N LEU PA 150 37.59 66.40 174.26
CA LEU PA 150 38.25 65.17 173.82
C LEU PA 150 39.68 65.08 174.32
N VAL PA 151 40.43 66.18 174.19
CA VAL PA 151 41.82 66.20 174.65
C VAL PA 151 41.89 65.89 176.14
N SER PA 152 41.03 66.53 176.93
CA SER PA 152 41.03 66.29 178.37
C SER PA 152 40.67 64.84 178.69
N ARG PA 153 39.70 64.29 177.98
CA ARG PA 153 39.34 62.88 178.17
C ARG PA 153 40.54 61.97 177.92
N VAL PA 154 41.22 62.18 176.78
CA VAL PA 154 42.37 61.36 176.44
C VAL PA 154 43.50 61.54 177.45
N MET PA 155 43.67 62.77 177.97
CA MET PA 155 44.70 63.03 178.96
C MET PA 155 44.42 62.28 180.26
N LYS PA 156 43.17 62.31 180.72
CA LYS PA 156 42.85 61.67 182.00
C LYS PA 156 42.84 60.16 181.87
N THR PA 157 42.40 59.63 180.73
CA THR PA 157 42.39 58.18 180.54
C THR PA 157 43.76 57.70 180.10
N LYS PA 158 44.05 56.44 180.40
CA LYS PA 158 45.33 55.82 180.06
C LYS PA 158 45.27 54.95 178.81
N ARG PA 159 44.11 54.36 178.51
CA ARG PA 159 44.01 53.52 177.32
C ARG PA 159 43.98 54.36 176.05
N LEU PA 160 43.27 55.49 176.08
CA LEU PA 160 43.09 56.29 174.88
C LEU PA 160 44.39 56.96 174.45
N CYS PA 161 44.63 57.00 173.14
CA CYS PA 161 45.76 57.69 172.57
C CYS PA 161 45.30 58.49 171.36
N LEU PA 162 46.03 59.55 171.03
CA LEU PA 162 45.69 60.40 169.89
C LEU PA 162 46.62 60.10 168.72
N GLY PA 163 46.07 60.17 167.52
CA GLY PA 163 46.85 59.94 166.32
C GLY PA 163 46.53 60.93 165.22
N LEU PA 164 47.56 61.47 164.57
CA LEU PA 164 47.42 62.41 163.48
C LEU PA 164 47.63 61.67 162.17
N VAL PA 165 46.64 61.74 161.27
CA VAL PA 165 46.74 61.08 159.98
C VAL PA 165 47.63 61.91 159.06
N VAL PA 166 48.59 61.25 158.41
CA VAL PA 166 49.60 61.95 157.63
C VAL PA 166 49.58 61.61 156.14
N GLU PA 167 48.99 60.49 155.73
CA GLU PA 167 48.93 60.16 154.31
C GLU PA 167 47.68 59.33 154.05
N THR PA 168 47.09 59.53 152.88
CA THR PA 168 45.85 58.84 152.53
C THR PA 168 45.86 58.41 151.08
N ALA PA 169 45.36 57.21 150.82
CA ALA PA 169 45.26 56.68 149.47
C ALA PA 169 43.82 56.83 148.99
N CYS PA 170 43.64 57.50 147.85
CA CYS PA 170 42.32 57.81 147.31
C CYS PA 170 42.25 57.46 145.84
N VAL PA 171 41.08 57.04 145.39
CA VAL PA 171 40.88 56.70 143.99
C VAL PA 171 40.78 57.99 143.18
N ALA PA 172 41.52 58.05 142.07
CA ALA PA 172 41.49 59.24 141.23
C ALA PA 172 40.18 59.35 140.46
N ALA PA 173 39.65 58.22 139.99
CA ALA PA 173 38.42 58.19 139.21
C ALA PA 173 37.42 57.25 139.87
N ALA PA 174 36.25 57.11 139.25
CA ALA PA 174 35.21 56.26 139.80
C ALA PA 174 35.64 54.80 139.80
N GLY PA 175 35.29 54.09 140.86
CA GLY PA 175 35.63 52.68 141.01
C GLY PA 175 34.38 51.82 140.98
N LYS PA 176 34.45 50.70 140.27
CA LYS PA 176 33.29 49.84 140.05
C LYS PA 176 33.47 48.50 140.75
N LEU PA 177 32.46 48.10 141.52
CA LEU PA 177 32.51 46.84 142.25
C LEU PA 177 31.27 46.03 141.90
N THR PA 178 31.47 44.81 141.40
CA THR PA 178 30.38 43.94 140.95
C THR PA 178 30.51 42.57 141.60
N GLU PA 179 29.39 42.02 142.05
CA GLU PA 179 29.34 40.70 142.68
C GLU PA 179 28.11 39.96 142.24
N ALA PA 180 28.29 38.66 141.94
CA ALA PA 180 27.19 37.78 141.54
C ALA PA 180 27.27 36.48 142.31
N ASP PA 181 26.12 36.02 142.80
CA ASP PA 181 26.03 34.81 143.61
C ASP PA 181 24.88 33.96 143.10
N ASN PA 182 25.10 32.66 142.95
CA ASN PA 182 24.06 31.73 142.55
C ASN PA 182 24.30 30.41 143.27
N TRP PA 183 23.44 30.06 144.22
CA TRP PA 183 23.64 28.78 144.91
C TRP PA 183 22.32 28.02 145.00
N GLU PA 184 22.43 26.70 145.13
CA GLU PA 184 21.29 25.81 145.01
C GLU PA 184 21.49 24.59 145.92
N ILE PA 185 20.39 24.15 146.54
CA ILE PA 185 20.37 22.99 147.41
C ILE PA 185 19.21 22.10 147.00
N SER PA 186 19.46 20.80 146.85
CA SER PA 186 18.42 19.83 146.55
C SER PA 186 18.59 18.60 147.43
N GLY PA 187 17.60 18.32 148.26
CA GLY PA 187 17.68 17.21 149.19
C GLY PA 187 16.46 16.32 149.10
N HIS PA 188 16.68 15.04 149.41
CA HIS PA 188 15.63 14.03 149.35
C HIS PA 188 15.86 13.01 150.45
N THR PA 189 14.77 12.58 151.09
CA THR PA 189 14.81 11.65 152.21
C THR PA 189 13.73 10.60 152.03
N ASN PA 190 14.06 9.34 152.25
CA ASN PA 190 13.11 8.23 152.16
C ASN PA 190 13.32 7.33 153.37
N ALA PA 191 12.36 7.33 154.28
CA ALA PA 191 12.37 6.47 155.45
C ALA PA 191 11.29 5.40 155.25
N ASN PA 192 11.73 4.18 154.95
CA ASN PA 192 10.84 3.05 154.73
C ASN PA 192 10.85 2.17 155.97
N ILE PA 193 9.67 1.96 156.55
CA ILE PA 193 9.49 1.09 157.71
C ILE PA 193 8.39 0.11 157.38
N GLY PA 194 8.32 -0.97 158.17
CA GLY PA 194 7.33 -2.01 157.91
C GLY PA 194 5.91 -1.51 157.88
N GLU PA 195 5.59 -0.51 158.69
CA GLU PA 195 4.25 0.06 158.75
C GLU PA 195 4.21 1.56 158.44
N ALA PA 196 5.32 2.13 157.98
CA ALA PA 196 5.35 3.56 157.68
C ALA PA 196 6.30 3.82 156.52
N VAL PA 197 5.89 4.71 155.62
CA VAL PA 197 6.71 5.15 154.49
C VAL PA 197 6.66 6.66 154.44
N VAL PA 198 7.83 7.31 154.51
CA VAL PA 198 7.93 8.76 154.47
C VAL PA 198 8.86 9.13 153.31
N THR PA 199 8.41 10.03 152.45
CA THR PA 199 9.19 10.50 151.31
C THR PA 199 9.15 12.02 151.26
N ALA PA 200 10.26 12.66 151.60
CA ALA PA 200 10.35 14.11 151.64
C ALA PA 200 11.35 14.60 150.61
N THR PA 201 11.09 15.78 150.05
CA THR PA 201 11.96 16.37 149.04
C THR PA 201 11.91 17.89 149.20
N ALA PA 202 13.07 18.54 149.03
CA ALA PA 202 13.14 19.98 149.15
C ALA PA 202 14.19 20.53 148.19
N GLU PA 203 13.79 21.51 147.38
CA GLU PA 203 14.69 22.17 146.45
C GLU PA 203 14.60 23.67 146.63
N LEU PA 204 15.75 24.34 146.63
CA LEU PA 204 15.75 25.80 146.67
C LEU PA 204 17.00 26.32 145.98
N ASP PA 205 16.95 27.59 145.57
CA ASP PA 205 18.08 28.22 144.91
C ASP PA 205 17.93 29.73 145.01
N LYS PA 206 19.02 30.41 145.34
CA LYS PA 206 19.06 31.85 145.51
C LYS PA 206 20.05 32.47 144.53
N ASN PA 207 19.65 33.60 143.95
CA ASN PA 207 20.48 34.34 143.01
C ASN PA 207 20.50 35.81 143.45
N LEU PA 208 21.70 36.37 143.55
CA LEU PA 208 21.91 37.76 143.94
C LEU PA 208 22.92 38.43 143.03
N SER PA 209 22.80 39.74 142.89
CA SER PA 209 23.74 40.52 142.09
C SER PA 209 23.77 41.94 142.62
N ARG PA 210 24.96 42.42 142.98
CA ARG PA 210 25.13 43.76 143.54
C ARG PA 210 26.22 44.48 142.76
N LYS PA 211 25.91 45.69 142.28
CA LYS PA 211 26.86 46.47 141.50
C LYS PA 211 26.83 47.91 141.99
N ILE PA 212 27.98 48.42 142.44
CA ILE PA 212 28.07 49.78 142.97
C ILE PA 212 29.27 50.48 142.33
N GLU PA 213 29.31 51.80 142.51
CA GLU PA 213 30.36 52.64 141.94
C GLU PA 213 30.70 53.74 142.93
N ILE PA 214 31.87 53.64 143.55
CA ILE PA 214 32.36 54.68 144.46
C ILE PA 214 32.85 55.87 143.64
N PRO PA 215 32.60 57.10 144.09
CA PRO PA 215 32.98 58.27 143.30
C PRO PA 215 34.44 58.62 143.50
N PRO PA 216 35.00 59.48 142.64
CA PRO PA 216 36.39 59.91 142.83
C PRO PA 216 36.60 60.61 144.16
N GLY PA 217 37.77 60.39 144.75
CA GLY PA 217 38.13 60.99 146.01
C GLY PA 217 37.89 60.14 147.23
N THR PA 218 37.24 58.99 147.07
CA THR PA 218 36.97 58.12 148.20
C THR PA 218 38.28 57.56 148.76
N ALA PA 219 38.46 57.70 150.08
CA ALA PA 219 39.67 57.21 150.72
C ALA PA 219 39.64 55.70 150.85
N LEU PA 220 40.80 55.08 150.73
CA LEU PA 220 40.94 53.63 150.85
C LEU PA 220 41.74 53.19 152.06
N ALA PA 221 42.86 53.86 152.36
CA ALA PA 221 43.71 53.47 153.46
C ALA PA 221 44.49 54.68 153.93
N TYR PA 222 45.08 54.56 155.12
CA TYR PA 222 45.75 55.70 155.74
C TYR PA 222 46.83 55.20 156.69
N SER PA 223 47.72 56.13 157.06
CA SER PA 223 48.74 55.89 158.08
C SER PA 223 48.78 57.10 159.00
N PHE PA 224 49.11 56.86 160.27
CA PHE PA 224 49.04 57.93 161.26
C PHE PA 224 50.23 57.85 162.20
N MET PA 225 50.49 58.97 162.87
CA MET PA 225 51.56 59.11 163.85
C MET PA 225 50.96 59.39 165.22
N ASP PA 226 51.53 58.76 166.25
CA ASP PA 226 50.98 58.88 167.59
C ASP PA 226 51.34 60.23 168.22
N LEU PA 227 50.57 60.60 169.24
CA LEU PA 227 50.78 61.84 169.99
C LEU PA 227 50.64 61.56 171.47
N GLU PA 228 51.01 62.55 172.27
CA GLU PA 228 50.96 62.44 173.72
C GLU PA 228 50.69 63.80 174.33
N ILE PA 229 49.67 63.87 175.18
CA ILE PA 229 49.31 65.11 175.87
C ILE PA 229 50.21 65.26 177.10
N LEU PA 230 50.91 66.39 177.20
CA LEU PA 230 51.67 66.68 178.40
C LEU PA 230 50.73 67.01 179.56
N GLU PA 231 51.31 67.27 180.73
CA GLU PA 231 50.52 67.76 181.86
C GLU PA 231 49.75 69.01 181.47
N ASP PA 232 50.42 69.95 180.81
CA ASP PA 232 49.78 71.12 180.24
C ASP PA 232 49.08 70.73 178.93
N ARG PA 233 48.52 71.74 178.26
CA ARG PA 233 47.91 71.51 176.95
C ARG PA 233 48.93 71.19 175.86
N SER PA 234 50.22 71.28 176.16
CA SER PA 234 51.26 70.99 175.18
C SER PA 234 51.15 69.56 174.67
N LEU PA 235 51.53 69.38 173.40
CA LEU PA 235 51.51 68.08 172.74
C LEU PA 235 52.91 67.68 172.33
N ARG PA 236 53.17 66.37 172.37
CA ARG PA 236 54.45 65.82 171.98
C ARG PA 236 54.23 64.63 171.05
N VAL PA 237 55.24 64.30 170.26
CA VAL PA 237 55.16 63.16 169.36
C VAL PA 237 55.89 61.99 170.00
N SER PA 238 55.35 60.79 169.83
CA SER PA 238 55.88 59.59 170.44
C SER PA 238 56.20 58.54 169.39
N SER PA 239 57.32 57.85 169.55
CA SER PA 239 57.77 56.85 168.58
C SER PA 239 58.05 55.54 169.31
N SER PA 240 57.30 54.50 168.96
CA SER PA 240 57.56 53.16 169.48
C SER PA 240 58.72 52.57 168.72
N ALA PA 241 59.87 52.47 169.39
CA ALA PA 241 61.12 51.99 168.77
C ALA PA 241 61.50 52.84 167.56
N GLY PA 242 61.16 54.14 167.60
CA GLY PA 242 61.50 55.04 166.52
C GLY PA 242 60.71 54.84 165.24
N ALA PA 243 59.57 54.16 165.31
CA ALA PA 243 58.79 53.90 164.10
C ALA PA 243 58.22 55.20 163.51
N MET PA 244 57.54 55.99 164.34
CA MET PA 244 56.87 57.22 163.91
C MET PA 244 55.85 56.97 162.80
N PHE PA 245 55.44 55.72 162.60
CA PHE PA 245 54.43 55.38 161.60
C PHE PA 245 53.66 54.19 162.14
N ASP PA 246 52.48 54.44 162.68
CA ASP PA 246 51.69 53.40 163.32
C ASP PA 246 50.63 52.89 162.35
N SER PA 247 50.55 51.57 162.19
CA SER PA 247 49.58 50.94 161.31
C SER PA 247 48.49 50.22 162.09
N GLY PA 248 48.31 50.55 163.36
CA GLY PA 248 47.32 49.87 164.18
C GLY PA 248 47.63 48.39 164.36
N LYS PA 249 48.90 48.06 164.53
CA LYS PA 249 49.34 46.67 164.67
C LYS PA 249 49.64 46.37 166.14
N ALA PA 250 49.46 45.09 166.50
CA ALA PA 250 49.78 44.67 167.85
C ALA PA 250 51.28 44.74 168.10
N GLU PA 251 51.65 44.96 169.37
CA GLU PA 251 53.07 45.07 169.71
C GLU PA 251 53.80 43.76 169.44
N SER PA 252 53.18 42.63 169.76
CA SER PA 252 53.76 41.30 169.53
C SER PA 252 55.11 41.16 170.20
CA ARG QA 3 53.48 36.59 148.34
C ARG QA 3 53.09 37.74 147.40
N PRO QA 4 53.21 38.97 147.89
CA PRO QA 4 52.87 40.12 147.04
C PRO QA 4 53.74 40.17 145.80
N MET QA 5 53.12 40.61 144.69
CA MET QA 5 53.85 40.69 143.43
C MET QA 5 55.00 41.68 143.52
N PHE QA 6 54.78 42.81 144.20
CA PHE QA 6 55.84 43.79 144.35
C PHE QA 6 57.03 43.18 145.10
N ALA QA 7 56.77 42.44 146.18
CA ALA QA 7 57.85 41.81 146.92
C ALA QA 7 58.57 40.77 146.07
N VAL QA 8 57.82 39.98 145.31
CA VAL QA 8 58.45 38.98 144.45
C VAL QA 8 59.34 39.65 143.40
N ALA QA 9 58.84 40.72 142.77
CA ALA QA 9 59.64 41.42 141.78
C ALA QA 9 60.88 42.06 142.39
N VAL QA 10 60.74 42.61 143.60
CA VAL QA 10 61.89 43.19 144.27
C VAL QA 10 62.95 42.12 144.55
N ASN QA 11 62.51 40.95 145.01
CA ASN QA 11 63.45 39.87 145.26
C ASN QA 11 64.13 39.42 143.98
N GLU QA 12 63.36 39.30 142.89
CA GLU QA 12 63.95 38.91 141.61
C GLU QA 12 65.00 39.93 141.15
N PHE QA 13 64.68 41.21 141.26
CA PHE QA 13 65.62 42.25 140.85
C PHE QA 13 66.88 42.22 141.71
N ILE QA 14 66.71 42.11 143.03
CA ILE QA 14 67.86 42.15 143.91
C ILE QA 14 68.73 40.91 143.74
N ARG QA 15 68.14 39.77 143.37
CA ARG QA 15 68.94 38.60 143.07
C ARG QA 15 69.70 38.77 141.76
N SER QA 16 69.01 39.24 140.72
CA SER QA 16 69.67 39.37 139.42
C SER QA 16 70.80 40.39 139.47
N ALA QA 17 70.57 41.52 140.14
CA ALA QA 17 71.57 42.58 140.25
C ALA QA 17 71.66 43.02 141.70
N GLY QA 18 72.89 43.19 142.18
CA GLY QA 18 73.11 43.67 143.54
C GLY QA 18 72.63 42.74 144.62
N GLN QA 19 72.97 41.45 144.52
CA GLN QA 19 72.59 40.50 145.56
C GLN QA 19 73.22 40.86 146.89
N ASP QA 20 74.36 41.52 146.88
CA ASP QA 20 75.02 42.00 148.07
C ASP QA 20 74.91 43.53 148.15
N SER QA 21 74.94 44.03 149.39
CA SER QA 21 74.89 45.47 149.66
C SER QA 21 73.63 46.11 149.06
N LEU QA 22 72.49 45.50 149.31
CA LEU QA 22 71.22 46.02 148.82
C LEU QA 22 70.09 45.47 149.68
N CYS QA 23 69.15 46.34 150.03
CA CYS QA 23 68.02 46.00 150.90
C CYS QA 23 66.73 46.19 150.12
N GLY QA 24 65.87 45.18 150.16
CA GLY QA 24 64.59 45.27 149.49
C GLY QA 24 63.67 46.28 150.13
N VAL QA 25 62.74 46.79 149.33
CA VAL QA 25 61.74 47.76 149.79
C VAL QA 25 60.52 47.01 150.31
N PRO QA 26 60.04 47.32 151.50
CA PRO QA 26 58.92 46.55 152.06
C PRO QA 26 57.63 46.63 151.27
N ASP QA 27 57.25 47.82 150.80
CA ASP QA 27 55.98 47.95 150.07
C ASP QA 27 56.01 49.21 149.24
N ILE QA 28 55.06 49.28 148.30
CA ILE QA 28 55.00 50.40 147.36
C ILE QA 28 54.75 51.70 148.12
N ASN QA 29 53.87 51.67 149.12
CA ASN QA 29 53.54 52.88 149.85
C ASN QA 29 54.77 53.48 150.54
N SER QA 30 55.58 52.64 151.16
CA SER QA 30 56.77 53.09 151.87
C SER QA 30 58.01 53.15 150.99
N SER QA 31 57.87 52.82 149.70
CA SER QA 31 59.02 52.90 148.80
C SER QA 31 59.57 54.33 148.72
N GLY QA 32 58.69 55.33 148.76
CA GLY QA 32 59.13 56.70 148.60
C GLY QA 32 59.89 57.27 149.79
N ASP QA 33 59.92 56.55 150.91
CA ASP QA 33 60.62 57.02 152.10
C ASP QA 33 62.07 56.54 152.16
N PHE QA 34 62.54 55.83 151.13
CA PHE QA 34 63.91 55.30 151.11
C PHE QA 34 64.74 55.94 150.01
N MET QA 35 64.47 57.21 149.71
CA MET QA 35 65.28 57.95 148.77
C MET QA 35 66.60 58.37 149.43
N PRO QA 36 67.60 58.74 148.64
CA PRO QA 36 68.89 59.11 149.23
C PRO QA 36 68.78 60.27 150.21
N LEU QA 37 69.66 60.26 151.20
CA LEU QA 37 69.71 61.27 152.26
C LEU QA 37 68.44 61.22 153.13
N HIS QA 38 68.07 60.01 153.53
CA HIS QA 38 66.97 59.79 154.45
C HIS QA 38 67.47 59.02 155.66
N ILE QA 39 66.90 59.33 156.82
CA ILE QA 39 67.27 58.69 158.08
C ILE QA 39 66.36 57.49 158.31
N ILE QA 40 66.95 56.37 158.70
CA ILE QA 40 66.21 55.17 159.06
C ILE QA 40 66.73 54.66 160.39
N VAL QA 41 65.92 53.85 161.06
CA VAL QA 41 66.24 53.30 162.37
C VAL QA 41 66.41 51.80 162.23
N LYS QA 42 67.47 51.27 162.83
CA LYS QA 42 67.77 49.84 162.81
C LYS QA 42 67.65 49.28 164.22
N GLU QA 43 66.92 48.18 164.34
CA GLU QA 43 66.69 47.51 165.62
C GLU QA 43 67.29 46.12 165.56
N VAL QA 44 68.07 45.78 166.58
CA VAL QA 44 68.75 44.49 166.65
C VAL QA 44 67.74 43.39 166.94
N PRO QA 45 68.00 42.14 166.53
CA PRO QA 45 67.04 41.06 166.78
C PRO QA 45 66.78 40.82 168.26
N LYS QA 46 67.78 41.02 169.12
CA LYS QA 46 67.73 40.83 170.57
C LYS QA 46 67.60 39.36 170.98
N VAL QA 47 67.48 38.44 170.03
CA VAL QA 47 67.39 37.01 170.34
C VAL QA 47 68.60 36.30 169.76
N LEU QA 48 68.76 36.38 168.44
CA LEU QA 48 69.89 35.79 167.73
C LEU QA 48 70.46 36.87 166.81
N PRO QA 49 71.18 37.85 167.37
CA PRO QA 49 71.68 38.95 166.55
C PRO QA 49 72.59 38.51 165.41
N CYS QA 50 73.40 37.48 165.63
CA CYS QA 50 74.30 37.00 164.59
C CYS QA 50 73.62 36.04 163.63
N CYS QA 51 72.39 35.60 163.91
CA CYS QA 51 71.69 34.65 163.06
C CYS QA 51 70.46 35.24 162.37
N ARG QA 52 69.98 36.40 162.81
CA ARG QA 52 68.77 37.00 162.27
C ARG QA 52 69.09 38.41 161.78
N ARG QA 53 68.52 38.78 160.63
CA ARG QA 53 68.73 40.12 160.10
C ARG QA 53 67.93 41.14 160.92
N PRO QA 54 68.47 42.34 161.09
CA PRO QA 54 67.79 43.35 161.93
C PRO QA 54 66.50 43.88 161.31
N LYS QA 55 65.82 44.77 162.03
CA LYS QA 55 64.56 45.35 161.58
C LYS QA 55 64.77 46.81 161.22
N ILE QA 56 64.29 47.20 160.05
CA ILE QA 56 64.49 48.55 159.52
C ILE QA 56 63.18 49.32 159.56
N LYS QA 57 63.21 50.50 160.14
CA LYS QA 57 62.04 51.36 160.32
C LYS QA 57 62.28 52.68 159.60
N ARG QA 58 61.31 53.09 158.79
CA ARG QA 58 61.40 54.36 158.08
C ARG QA 58 61.01 55.51 159.00
N THR QA 59 61.58 56.67 158.73
CA THR QA 59 61.28 57.88 159.49
C THR QA 59 61.04 59.04 158.54
N PRO QA 60 60.20 60.00 158.93
CA PRO QA 60 59.94 61.17 158.06
C PRO QA 60 60.95 62.30 158.29
N TYR QA 61 62.23 61.99 158.10
CA TYR QA 61 63.29 62.95 158.33
C TYR QA 61 64.33 62.85 157.23
N THR QA 62 64.94 64.00 156.92
CA THR QA 62 66.11 64.07 156.06
C THR QA 62 67.32 64.49 156.88
N LEU QA 63 68.49 64.43 156.25
CA LEU QA 63 69.72 64.77 156.96
C LEU QA 63 69.72 66.22 157.41
N ASN QA 64 69.28 67.13 156.55
CA ASN QA 64 69.28 68.55 156.90
C ASN QA 64 68.30 68.84 158.02
N ASP QA 65 67.16 68.14 158.06
CA ASP QA 65 66.22 68.33 159.15
C ASP QA 65 66.77 67.77 160.45
N ILE QA 66 67.41 66.59 160.39
CA ILE QA 66 67.90 65.97 161.62
C ILE QA 66 69.12 66.70 162.17
N LEU QA 67 69.85 67.41 161.31
CA LEU QA 67 71.07 68.09 161.71
C LEU QA 67 70.83 69.58 161.93
N ASP QA 68 71.44 70.12 162.99
CA ASP QA 68 71.39 71.56 163.20
C ASP QA 68 72.09 72.30 162.05
N GLU QA 69 73.23 71.80 161.61
CA GLU QA 69 73.96 72.41 160.51
C GLU QA 69 73.63 71.72 159.20
N PRO QA 70 73.16 72.44 158.19
CA PRO QA 70 72.80 71.79 156.92
C PRO QA 70 74.01 71.31 156.15
N CYS QA 71 73.76 70.37 155.24
CA CYS QA 71 74.77 69.78 154.38
C CYS QA 71 74.29 69.87 152.94
N PRO QA 72 75.21 69.85 151.98
CA PRO QA 72 74.79 69.81 150.57
C PRO QA 72 73.99 68.55 150.29
N ASN QA 73 72.99 68.67 149.42
CA ASN QA 73 72.03 67.60 149.18
C ASN QA 73 71.76 67.34 147.71
N GLN QA 74 72.58 67.86 146.80
CA GLN QA 74 72.36 67.63 145.38
C GLN QA 74 72.54 66.15 145.04
N LEU QA 75 71.77 65.69 144.05
CA LEU QA 75 71.76 64.29 143.67
C LEU QA 75 72.07 64.14 142.18
N LYS QA 76 72.32 62.90 141.77
CA LYS QA 76 72.55 62.55 140.38
C LYS QA 76 72.11 61.11 140.16
N SER QA 77 71.72 60.80 138.93
CA SER QA 77 71.23 59.48 138.59
C SER QA 77 71.91 58.98 137.32
N SER QA 78 72.06 57.65 137.25
CA SER QA 78 72.68 57.01 136.11
C SER QA 78 72.13 55.60 135.97
N ASP QA 79 72.20 55.07 134.75
CA ASP QA 79 71.62 53.76 134.48
C ASP QA 79 72.36 52.66 135.24
N LEU QA 80 71.60 51.65 135.66
CA LEU QA 80 72.16 50.52 136.40
C LEU QA 80 72.00 49.20 135.67
N VAL QA 81 70.78 48.85 135.25
CA VAL QA 81 70.51 47.59 134.56
C VAL QA 81 69.26 47.77 133.71
N THR QA 82 69.10 46.90 132.73
CA THR QA 82 68.00 46.99 131.77
C THR QA 82 67.46 45.58 131.51
N PHE QA 83 66.20 45.34 131.88
CA PHE QA 83 65.53 44.08 131.61
C PHE QA 83 64.86 44.18 130.25
N THR QA 84 65.51 43.62 129.23
CA THR QA 84 65.00 43.76 127.86
C THR QA 84 63.67 43.04 127.69
N GLU QA 85 63.50 41.88 128.32
CA GLU QA 85 62.28 41.11 128.19
C GLU QA 85 61.71 40.80 129.57
N PRO QA 86 60.39 40.62 129.67
CA PRO QA 86 59.79 40.37 130.98
C PRO QA 86 60.26 39.06 131.59
N LEU QA 87 60.41 39.06 132.90
CA LEU QA 87 60.65 37.84 133.65
C LEU QA 87 59.35 37.03 133.69
N VAL QA 88 59.38 35.83 133.13
CA VAL QA 88 58.20 34.99 132.99
C VAL QA 88 58.43 33.70 133.76
N SER QA 89 57.44 33.32 134.57
CA SER QA 89 57.51 32.10 135.37
C SER QA 89 56.22 31.31 135.22
N ASN QA 90 56.35 29.99 135.06
CA ASN QA 90 55.22 29.10 134.93
C ASN QA 90 55.42 27.91 135.87
N VAL QA 91 54.37 27.55 136.60
CA VAL QA 91 54.35 26.37 137.45
C VAL QA 91 53.06 25.62 137.16
N LYS QA 92 53.18 24.31 136.98
CA LYS QA 92 52.02 23.48 136.67
C LYS QA 92 52.16 22.16 137.42
N ALA QA 93 51.27 21.92 138.38
CA ALA QA 93 51.29 20.70 139.17
C ALA QA 93 49.97 19.96 139.02
N SER QA 94 50.04 18.63 139.09
CA SER QA 94 48.84 17.81 139.01
C SER QA 94 49.12 16.49 139.71
N SER QA 95 48.22 16.08 140.60
CA SER QA 95 48.42 14.87 141.39
C SER QA 95 47.09 14.16 141.58
N SER QA 96 47.18 12.86 141.83
CA SER QA 96 46.00 12.03 142.08
C SER QA 96 46.35 10.95 143.08
N ILE QA 97 45.42 10.65 143.97
CA ILE QA 97 45.59 9.66 145.02
C ILE QA 97 44.40 8.71 145.00
N GLY QA 98 44.67 7.41 145.10
CA GLY QA 98 43.62 6.42 145.18
C GLY QA 98 43.87 5.41 146.28
N LEU QA 99 42.96 5.33 147.25
CA LEU QA 99 43.08 4.43 148.39
C LEU QA 99 41.91 3.46 148.38
N GLN QA 100 42.21 2.17 148.58
CA GLN QA 100 41.17 1.16 148.66
C GLN QA 100 41.48 0.22 149.83
N ILE QA 101 40.48 0.00 150.68
CA ILE QA 101 40.57 -0.96 151.78
C ILE QA 101 39.49 -2.01 151.51
N LEU QA 102 39.91 -3.15 150.96
CA LEU QA 102 39.05 -4.31 150.68
C LEU QA 102 37.89 -3.84 149.81
N LYS QA 103 36.65 -4.22 150.11
CA LYS QA 103 35.48 -3.64 149.48
C LYS QA 103 34.71 -2.74 150.46
N HIS QA 104 35.39 -2.23 151.48
CA HIS QA 104 34.77 -1.41 152.51
C HIS QA 104 35.10 0.07 152.39
N PHE QA 105 36.29 0.42 151.91
CA PHE QA 105 36.67 1.82 151.77
C PHE QA 105 37.22 2.06 150.38
N ASP QA 106 36.84 3.17 149.76
CA ASP QA 106 37.34 3.52 148.43
C ASP QA 106 37.32 5.03 148.27
N SER QA 107 38.49 5.66 148.30
CA SER QA 107 38.60 7.10 148.17
C SER QA 107 39.47 7.46 146.97
N GLY QA 108 39.02 8.43 146.19
CA GLY QA 108 39.80 8.94 145.08
C GLY QA 108 39.86 10.46 145.07
N ALA QA 109 41.05 11.02 145.19
CA ALA QA 109 41.22 12.46 145.21
C ALA QA 109 42.15 12.88 144.09
N LYS QA 110 42.02 14.13 143.66
CA LYS QA 110 42.90 14.65 142.63
C LYS QA 110 42.93 16.17 142.74
N GLY QA 111 44.06 16.73 142.35
CA GLY QA 111 44.24 18.17 142.42
C GLY QA 111 45.13 18.66 141.30
N SER QA 112 44.95 19.92 140.93
CA SER QA 112 45.77 20.52 139.89
C SER QA 112 45.92 22.01 140.18
N LYS QA 113 47.03 22.58 139.72
CA LYS QA 113 47.33 23.98 139.95
C LYS QA 113 48.16 24.51 138.79
N ASN QA 114 47.83 25.72 138.33
CA ASN QA 114 48.54 26.40 137.27
C ASN QA 114 48.76 27.84 137.68
N PHE QA 115 50.03 28.24 137.75
CA PHE QA 115 50.43 29.54 138.26
C PHE QA 115 51.35 30.21 137.24
N ILE QA 116 51.02 31.44 136.85
CA ILE QA 116 51.77 32.16 135.83
C ILE QA 116 52.09 33.56 136.34
N THR QA 117 53.33 33.99 136.16
CA THR QA 117 53.77 35.29 136.62
C THR QA 117 54.58 35.98 135.52
N SER QA 118 54.40 37.29 135.39
CA SER QA 118 55.16 38.09 134.43
C SER QA 118 55.47 39.44 135.04
N ALA QA 119 56.74 39.83 135.00
CA ALA QA 119 57.18 41.11 135.53
C ALA QA 119 58.00 41.85 134.48
N SER QA 120 57.60 43.08 134.18
CA SER QA 120 58.29 43.93 133.21
C SER QA 120 58.74 45.18 133.94
N LEU QA 121 60.02 45.24 134.29
CA LEU QA 121 60.59 46.36 135.03
C LEU QA 121 61.24 47.39 134.13
N GLY QA 122 61.39 47.12 132.84
CA GLY QA 122 61.97 48.10 131.94
C GLY QA 122 63.42 48.40 132.31
N THR QA 123 63.70 49.68 132.53
CA THR QA 123 65.04 50.16 132.87
C THR QA 123 65.06 50.60 134.33
N VAL QA 124 66.11 50.23 135.05
CA VAL QA 124 66.30 50.60 136.44
C VAL QA 124 67.52 51.51 136.51
N VAL QA 125 67.36 52.67 137.16
CA VAL QA 125 68.44 53.61 137.34
C VAL QA 125 68.79 53.68 138.82
N LYS QA 126 69.95 54.26 139.12
CA LYS QA 126 70.44 54.45 140.47
C LYS QA 126 70.65 55.93 140.72
N ALA QA 127 70.15 56.40 141.86
CA ALA QA 127 70.26 57.79 142.26
C ALA QA 127 71.04 57.87 143.56
N GLU QA 128 71.95 58.85 143.61
CA GLU QA 128 72.86 58.99 144.74
C GLU QA 128 73.41 60.41 144.77
N THR QA 129 73.94 60.79 145.93
CA THR QA 129 74.52 62.12 146.09
C THR QA 129 75.67 62.32 145.10
N ILE QA 130 75.81 63.54 144.60
CA ILE QA 130 76.89 63.84 143.66
C ILE QA 130 78.25 63.64 144.33
N ASP QA 131 78.40 64.12 145.56
CA ASP QA 131 79.63 63.94 146.32
C ASP QA 131 79.27 63.48 147.72
N ILE QA 132 79.71 62.27 148.08
CA ILE QA 132 79.41 61.73 149.40
C ILE QA 132 80.46 62.13 150.43
N THR QA 133 81.69 62.39 149.99
CA THR QA 133 82.75 62.76 150.92
C THR QA 133 82.43 64.07 151.63
N LYS QA 134 81.91 65.06 150.90
CA LYS QA 134 81.53 66.33 151.52
C LYS QA 134 80.41 66.13 152.53
N VAL QA 135 79.41 65.32 152.18
CA VAL QA 135 78.31 65.04 153.09
C VAL QA 135 78.83 64.39 154.36
N LEU QA 136 79.73 63.42 154.21
CA LEU QA 136 80.28 62.74 155.38
C LEU QA 136 81.07 63.70 156.25
N ALA QA 137 81.89 64.56 155.63
CA ALA QA 137 82.67 65.52 156.40
C ALA QA 137 81.77 66.45 157.19
N LYS QA 138 80.76 67.01 156.52
CA LYS QA 138 79.84 67.92 157.20
C LYS QA 138 79.07 67.22 158.32
N VAL QA 139 78.66 65.96 158.09
CA VAL QA 139 77.99 65.21 159.15
C VAL QA 139 78.89 65.09 160.36
N ARG QA 140 80.15 64.68 160.13
CA ARG QA 140 81.07 64.49 161.23
C ARG QA 140 81.32 65.79 161.99
N THR QA 141 81.34 66.92 161.28
CA THR QA 141 81.57 68.20 161.93
C THR QA 141 80.30 68.89 162.38
N ALA QA 142 79.13 68.29 162.18
CA ALA QA 142 77.85 68.92 162.50
C ALA QA 142 77.17 68.20 163.66
N LYS QA 143 76.41 68.96 164.44
CA LYS QA 143 75.66 68.42 165.56
C LYS QA 143 74.19 68.23 165.21
N ALA QA 144 73.57 67.21 165.80
CA ALA QA 144 72.18 66.90 165.55
C ALA QA 144 71.27 67.94 166.20
N LYS QA 145 69.99 67.89 165.85
CA LYS QA 145 69.01 68.83 166.38
C LYS QA 145 68.65 68.46 167.81
N VAL QA 146 68.90 69.39 168.74
CA VAL QA 146 68.58 69.15 170.15
C VAL QA 146 67.08 68.97 170.34
N GLU QA 147 66.28 69.75 169.61
CA GLU QA 147 64.83 69.65 169.73
C GLU QA 147 64.31 68.27 169.33
N ASN QA 148 64.93 67.63 168.34
CA ASN QA 148 64.45 66.35 167.84
C ASN QA 148 64.41 65.30 168.93
N ASP QA 149 63.31 64.56 169.00
CA ASP QA 149 63.12 63.52 170.00
C ASP QA 149 63.67 62.17 169.58
N LEU QA 150 63.59 61.87 168.28
CA LEU QA 150 64.10 60.60 167.75
C LEU QA 150 65.57 60.42 168.07
N VAL QA 151 66.37 61.48 167.86
CA VAL QA 151 67.81 61.40 168.13
C VAL QA 151 68.05 61.07 169.60
N SER QA 152 67.33 61.75 170.49
CA SER QA 152 67.50 61.50 171.93
C SER QA 152 67.10 60.07 172.28
N ARG QA 153 66.00 59.59 171.70
CA ARG QA 153 65.58 58.20 171.93
C ARG QA 153 66.69 57.23 171.53
N VAL QA 154 67.22 57.40 170.31
CA VAL QA 154 68.27 56.51 169.82
C VAL QA 154 69.52 56.61 170.68
N MET QA 155 69.83 57.82 171.17
CA MET QA 155 71.00 58.01 172.03
C MET QA 155 70.83 57.26 173.35
N LYS QA 156 69.65 57.37 173.97
CA LYS QA 156 69.47 56.73 175.27
C LYS QA 156 69.33 55.22 175.14
N THR QA 157 68.73 54.73 174.07
CA THR QA 157 68.60 53.30 173.87
C THR QA 157 69.88 52.74 173.26
N LYS QA 158 70.11 51.45 173.51
CA LYS QA 158 71.29 50.76 173.02
C LYS QA 158 71.02 49.90 171.78
N ARG QA 159 69.79 49.39 171.62
CA ARG QA 159 69.49 48.58 170.46
C ARG QA 159 69.36 49.43 169.21
N LEU QA 160 68.73 50.60 169.32
CA LEU QA 160 68.45 51.43 168.16
C LEU QA 160 69.73 52.02 167.58
N CYS QA 161 69.80 52.05 166.25
CA CYS QA 161 70.90 52.68 165.53
C CYS QA 161 70.33 53.52 164.39
N LEU QA 162 71.08 54.54 163.98
CA LEU QA 162 70.67 55.42 162.91
C LEU QA 162 71.42 55.08 161.62
N GLY QA 163 70.71 55.19 160.50
CA GLY QA 163 71.33 54.94 159.22
C GLY QA 163 70.93 55.95 158.16
N LEU QA 164 71.91 56.43 157.39
CA LEU QA 164 71.68 57.39 156.32
C LEU QA 164 71.68 56.66 154.99
N VAL QA 165 70.60 56.80 154.24
CA VAL QA 165 70.49 56.15 152.93
C VAL QA 165 71.30 56.93 151.91
N VAL QA 166 72.12 56.22 151.14
CA VAL QA 166 73.08 56.87 150.25
C VAL QA 166 72.85 56.54 148.78
N GLU QA 167 72.14 55.47 148.43
CA GLU QA 167 71.88 55.16 147.04
C GLU QA 167 70.55 54.41 146.93
N THR QA 168 69.83 54.66 145.85
CA THR QA 168 68.52 54.06 145.66
C THR QA 168 68.32 53.64 144.21
N ALA QA 169 67.71 52.48 144.01
CA ALA QA 169 67.40 51.97 142.68
C ALA QA 169 65.93 52.21 142.39
N CYS QA 170 65.65 52.91 141.29
CA CYS QA 170 64.29 53.31 140.93
C CYS QA 170 64.02 52.98 139.47
N VAL QA 171 62.77 52.64 139.17
CA VAL QA 171 62.37 52.33 137.80
C VAL QA 171 62.25 53.63 137.01
N ALA QA 172 62.86 53.66 135.83
CA ALA QA 172 62.80 54.86 135.00
C ALA QA 172 61.40 55.06 134.41
N ALA QA 173 60.75 53.97 134.00
CA ALA QA 173 59.43 54.03 133.39
C ALA QA 173 58.47 53.15 134.17
N ALA QA 174 57.22 53.09 133.70
CA ALA QA 174 56.20 52.31 134.37
C ALA QA 174 56.54 50.82 134.31
N GLY QA 175 56.28 50.12 135.41
CA GLY QA 175 56.55 48.69 135.51
C GLY QA 175 55.25 47.91 135.64
N LYS QA 176 55.16 46.80 134.91
CA LYS QA 176 53.92 46.02 134.85
C LYS QA 176 54.11 44.66 135.51
N LEU QA 177 53.18 44.31 136.41
CA LEU QA 177 53.23 43.04 137.12
C LEU QA 177 51.91 42.32 136.93
N THR QA 178 51.97 41.09 136.39
CA THR QA 178 50.78 40.30 136.09
C THR QA 178 50.90 38.91 136.71
N GLU QA 179 49.80 38.43 137.29
CA GLU QA 179 49.77 37.12 137.93
C GLU QA 179 48.44 36.45 137.64
N ALA QA 180 48.49 35.15 137.32
CA ALA QA 180 47.30 34.35 137.06
C ALA QA 180 47.39 33.04 137.81
N ASP QA 181 46.28 32.64 138.44
CA ASP QA 181 46.22 31.44 139.25
C ASP QA 181 44.96 30.67 138.88
N ASN QA 182 45.09 29.36 138.70
CA ASN QA 182 43.93 28.50 138.44
C ASN QA 182 44.18 27.16 139.11
N TRP QA 183 43.43 26.85 140.16
CA TRP QA 183 43.63 25.55 140.82
C TRP QA 183 42.29 24.88 141.08
N GLU QA 184 42.33 23.55 141.19
CA GLU QA 184 41.13 22.73 141.21
C GLU QA 184 41.35 21.50 142.08
N ILE QA 185 40.32 21.12 142.84
CA ILE QA 185 40.34 19.95 143.70
C ILE QA 185 39.08 19.14 143.44
N SER QA 186 39.23 17.83 143.25
CA SER QA 186 38.09 16.93 143.07
C SER QA 186 38.30 15.69 143.93
N GLY QA 187 37.41 15.46 144.88
CA GLY QA 187 37.53 14.34 145.78
C GLY QA 187 36.25 13.52 145.85
N HIS QA 188 36.42 12.23 146.13
CA HIS QA 188 35.31 11.29 146.20
C HIS QA 188 35.61 10.25 147.26
N THR QA 189 34.59 9.88 148.03
CA THR QA 189 34.72 8.93 149.12
C THR QA 189 33.54 7.96 149.08
N ASN QA 190 33.83 6.67 149.26
CA ASN QA 190 32.81 5.63 149.28
C ASN QA 190 33.10 4.70 150.45
N ALA QA 191 32.26 4.76 151.48
CA ALA QA 191 32.36 3.89 152.64
C ALA QA 191 31.21 2.89 152.57
N ASN QA 192 31.53 1.65 152.21
CA ASN QA 192 30.55 0.57 152.11
C ASN QA 192 30.66 -0.32 153.33
N ILE QA 193 29.55 -0.46 154.06
CA ILE QA 193 29.47 -1.33 155.22
C ILE QA 193 28.27 -2.24 155.03
N GLY QA 194 28.22 -3.32 155.82
CA GLY QA 194 27.15 -4.29 155.68
C GLY QA 194 25.77 -3.69 155.84
N GLU QA 195 25.62 -2.68 156.69
CA GLU QA 195 24.34 -2.03 156.92
C GLU QA 195 24.36 -0.54 156.62
N ALA QA 196 25.43 -0.03 156.02
CA ALA QA 196 25.52 1.40 155.73
C ALA QA 196 26.33 1.61 154.46
N VAL QA 197 25.87 2.54 153.62
CA VAL QA 197 26.56 2.94 152.40
C VAL QA 197 26.60 4.45 152.36
N VAL QA 198 27.81 5.02 152.29
CA VAL QA 198 28.01 6.46 152.23
C VAL QA 198 28.81 6.79 150.98
N THR QA 199 28.30 7.73 150.18
CA THR QA 199 28.96 8.16 148.95
C THR QA 199 29.00 9.67 148.92
N ALA QA 200 30.19 10.24 149.11
CA ALA QA 200 30.38 11.68 149.15
C ALA QA 200 31.27 12.11 147.99
N THR QA 201 31.01 13.32 147.48
CA THR QA 201 31.79 13.87 146.36
C THR QA 201 31.86 15.38 146.53
N ALA QA 202 33.02 15.95 146.22
CA ALA QA 202 33.21 17.39 146.34
C ALA QA 202 34.16 17.89 145.25
N GLU QA 203 33.73 18.89 144.51
CA GLU QA 203 34.54 19.51 143.47
C GLU QA 203 34.57 21.01 143.66
N LEU QA 204 35.75 21.61 143.52
CA LEU QA 204 35.84 23.06 143.56
C LEU QA 204 37.04 23.51 142.72
N ASP QA 205 37.00 24.78 142.33
CA ASP QA 205 38.09 25.35 141.53
C ASP QA 205 38.05 26.86 141.66
N LYS QA 206 39.22 27.47 141.84
CA LYS QA 206 39.37 28.90 142.01
C LYS QA 206 40.25 29.47 140.92
N ASN QA 207 39.87 30.62 140.39
CA ASN QA 207 40.61 31.33 139.37
C ASN QA 207 40.79 32.78 139.80
N LEU QA 208 42.04 33.27 139.75
CA LEU QA 208 42.37 34.63 140.12
C LEU QA 208 43.30 35.25 139.08
N SER QA 209 43.24 36.57 138.95
CA SER QA 209 44.13 37.29 138.05
C SER QA 209 44.32 38.70 138.58
N ARG QA 210 45.57 39.10 138.79
CA ARG QA 210 45.90 40.42 139.32
C ARG QA 210 46.92 41.08 138.42
N LYS QA 211 46.64 42.31 137.97
CA LYS QA 211 47.53 43.04 137.09
C LYS QA 211 47.65 44.48 137.58
N ILE QA 212 48.88 44.91 137.89
CA ILE QA 212 49.13 46.25 138.41
C ILE QA 212 50.27 46.88 137.62
N GLU QA 213 50.42 48.19 137.80
CA GLU QA 213 51.44 48.97 137.10
C GLU QA 213 51.98 50.04 138.04
N ILE QA 214 53.21 49.85 138.50
CA ILE QA 214 53.87 50.86 139.35
C ILE QA 214 54.34 52.01 138.48
N PRO QA 215 54.23 53.25 138.95
CA PRO QA 215 54.57 54.41 138.14
C PRO QA 215 56.07 54.66 138.15
N PRO QA 216 56.56 55.50 137.23
CA PRO QA 216 57.99 55.83 137.23
C PRO QA 216 58.41 56.50 138.53
N GLY QA 217 59.63 56.20 138.97
CA GLY QA 217 60.19 56.77 140.18
C GLY QA 217 60.05 55.92 141.41
N THR QA 218 59.31 54.81 141.33
CA THR QA 218 59.14 53.95 142.49
C THR QA 218 60.46 53.31 142.88
N ALA QA 219 60.81 53.42 144.16
CA ALA QA 219 62.06 52.84 144.64
C ALA QA 219 61.95 51.33 144.76
N LEU QA 220 63.06 50.64 144.50
CA LEU QA 220 63.11 49.18 144.60
C LEU QA 220 64.02 48.68 145.69
N ALA QA 221 65.21 49.28 145.85
CA ALA QA 221 66.17 48.82 146.83
C ALA QA 221 67.09 49.97 147.21
N TYR QA 222 67.81 49.80 148.31
CA TYR QA 222 68.62 50.88 148.83
C TYR QA 222 69.78 50.31 149.64
N SER QA 223 70.77 51.17 149.90
CA SER QA 223 71.88 50.87 150.78
C SER QA 223 72.12 52.05 151.69
N PHE QA 224 72.59 51.79 152.91
CA PHE QA 224 72.73 52.84 153.90
C PHE QA 224 74.01 52.68 154.69
N MET QA 225 74.42 53.77 155.32
CA MET QA 225 75.62 53.83 156.16
C MET QA 225 75.22 54.13 157.59
N ASP QA 226 75.87 53.46 158.54
CA ASP QA 226 75.51 53.60 159.94
C ASP QA 226 76.03 54.91 160.53
N LEU QA 227 75.42 55.32 161.63
CA LEU QA 227 75.80 56.53 162.35
C LEU QA 227 75.84 56.24 163.84
N GLU QA 228 76.37 57.21 164.59
CA GLU QA 228 76.49 57.08 166.04
C GLU QA 228 76.38 58.44 166.67
N ILE QA 229 75.49 58.57 167.65
CA ILE QA 229 75.31 59.82 168.39
C ILE QA 229 76.36 59.90 169.49
N LEU QA 230 77.13 60.98 169.50
CA LEU QA 230 78.07 61.21 170.60
C LEU QA 230 77.29 61.58 171.87
N GLU QA 231 78.04 61.79 172.96
CA GLU QA 231 77.44 62.32 174.17
C GLU QA 231 76.70 63.62 173.90
N ASP QA 232 77.35 64.53 173.16
CA ASP QA 232 76.70 65.74 172.68
C ASP QA 232 75.82 65.41 171.47
N ARG QA 233 75.25 66.45 170.87
CA ARG QA 233 74.47 66.28 169.66
C ARG QA 233 75.32 65.91 168.44
N SER QA 234 76.64 65.92 168.58
CA SER QA 234 77.52 65.58 167.48
C SER QA 234 77.26 64.16 166.97
N LEU QA 235 77.46 63.97 165.66
CA LEU QA 235 77.27 62.68 165.01
C LEU QA 235 78.58 62.20 164.43
N ARG QA 236 78.76 60.87 164.43
CA ARG QA 236 79.95 60.25 163.87
C ARG QA 236 79.53 59.09 162.98
N VAL QA 237 80.41 58.70 162.07
CA VAL QA 237 80.14 57.58 161.18
C VAL QA 237 80.87 56.36 161.71
N SER QA 238 80.23 55.20 161.61
CA SER QA 238 80.77 53.96 162.15
C SER QA 238 80.87 52.91 161.05
N SER QA 239 81.95 52.14 161.07
CA SER QA 239 82.22 51.13 160.06
C SER QA 239 82.51 49.79 160.74
N SER QA 240 81.65 48.81 160.49
CA SER QA 240 81.89 47.45 160.96
C SER QA 240 82.91 46.79 160.05
N ALA QA 241 84.13 46.60 160.56
CA ALA QA 241 85.25 46.06 159.80
C ALA QA 241 85.52 46.90 158.55
N GLY QA 242 85.28 48.21 158.64
CA GLY QA 242 85.53 49.11 157.53
C GLY QA 242 84.58 48.97 156.36
N ALA QA 243 83.41 48.37 156.57
CA ALA QA 243 82.47 48.17 155.47
C ALA QA 243 81.92 49.51 154.96
N MET QA 244 81.40 50.33 155.88
CA MET QA 244 80.75 51.60 155.54
C MET QA 244 79.60 51.44 154.56
N PHE QA 245 79.08 50.22 154.42
CA PHE QA 245 77.93 49.96 153.55
C PHE QA 245 77.16 48.80 154.17
N ASP QA 246 76.08 49.12 154.86
CA ASP QA 246 75.31 48.12 155.59
C ASP QA 246 74.11 47.70 154.77
N SER QA 247 73.92 46.39 154.62
CA SER QA 247 72.81 45.83 153.86
C SER QA 247 71.79 45.17 154.77
N GLY QA 248 71.79 45.51 156.06
CA GLY QA 248 70.87 44.87 156.99
C GLY QA 248 71.10 43.38 157.13
N LYS QA 249 72.37 42.96 157.13
CA LYS QA 249 72.72 41.55 157.22
C LYS QA 249 73.19 41.21 158.62
N ALA QA 250 72.98 39.95 159.01
CA ALA QA 250 73.43 39.48 160.30
C ALA QA 250 74.96 39.46 160.36
N GLU QA 251 75.50 39.64 161.57
CA GLU QA 251 76.95 39.65 161.74
C GLU QA 251 77.56 38.31 161.36
N SER QA 252 76.90 37.21 161.75
CA SER QA 252 77.36 35.85 161.45
C SER QA 252 78.78 35.62 161.95
CA ARG RA 3 74.06 31.42 140.46
C ARG RA 3 73.63 32.60 139.58
N PRO RA 4 73.90 33.82 140.05
CA PRO RA 4 73.54 35.00 139.26
C PRO RA 4 74.24 35.00 137.91
N MET RA 5 73.52 35.49 136.90
CA MET RA 5 74.07 35.54 135.55
C MET RA 5 75.28 36.45 135.50
N PHE RA 6 75.23 37.59 136.21
CA PHE RA 6 76.38 38.49 136.22
C PHE RA 6 77.61 37.81 136.82
N ALA RA 7 77.43 37.08 137.92
CA ALA RA 7 78.56 36.37 138.51
C ALA RA 7 79.10 35.29 137.58
N VAL RA 8 78.21 34.56 136.91
CA VAL RA 8 78.64 33.53 135.97
C VAL RA 8 79.44 34.16 134.82
N ALA RA 9 78.95 35.26 134.26
CA ALA RA 9 79.65 35.91 133.17
C ALA RA 9 80.99 36.47 133.63
N VAL RA 10 81.05 37.01 134.85
CA VAL RA 10 82.32 37.52 135.37
C VAL RA 10 83.32 36.38 135.52
N ASN RA 11 82.87 35.23 136.02
CA ASN RA 11 83.77 34.09 136.15
C ASN RA 11 84.25 33.61 134.78
N GLU RA 12 83.34 33.56 133.80
CA GLU RA 12 83.74 33.15 132.46
C GLU RA 12 84.78 34.10 131.88
N PHE RA 13 84.56 35.40 132.03
CA PHE RA 13 85.51 36.38 131.50
C PHE RA 13 86.85 36.26 132.20
N ILE RA 14 86.85 36.14 133.53
CA ILE RA 14 88.11 36.10 134.26
C ILE RA 14 88.86 34.81 133.97
N ARG RA 15 88.16 33.72 133.68
CA ARG RA 15 88.84 32.50 133.28
C ARG RA 15 89.44 32.64 131.88
N SER RA 16 88.66 33.16 130.93
CA SER RA 16 89.14 33.27 129.56
C SER RA 16 90.33 34.21 129.47
N ALA RA 17 90.27 35.35 130.17
CA ALA RA 17 91.34 36.33 130.15
C ALA RA 17 91.65 36.75 131.58
N GLY RA 18 92.94 36.84 131.90
CA GLY RA 18 93.35 37.29 133.22
C GLY RA 18 92.95 36.39 134.36
N GLN RA 19 93.19 35.07 134.20
CA GLN RA 19 92.88 34.14 135.28
C GLN RA 19 93.70 34.44 136.53
N ASP RA 20 94.88 35.03 136.37
CA ASP RA 20 95.71 35.45 137.48
C ASP RA 20 95.72 36.98 137.57
N SER RA 21 95.92 37.47 138.79
CA SER RA 21 96.00 38.91 139.07
C SER RA 21 94.72 39.63 138.64
N LEU RA 22 93.58 39.08 139.03
CA LEU RA 22 92.30 39.69 138.71
C LEU RA 22 91.25 39.22 139.71
N CYS RA 23 90.42 40.14 140.18
CA CYS RA 23 89.40 39.86 141.17
C CYS RA 23 88.02 40.14 140.57
N GLY RA 24 87.12 39.18 140.71
CA GLY RA 24 85.78 39.36 140.21
C GLY RA 24 85.00 40.43 140.97
N VAL RA 25 84.01 41.00 140.29
CA VAL RA 25 83.16 42.02 140.88
C VAL RA 25 81.97 41.34 141.54
N PRO RA 26 81.65 41.68 142.80
CA PRO RA 26 80.57 40.97 143.49
C PRO RA 26 79.21 41.13 142.86
N ASP RA 27 78.84 42.35 142.45
CA ASP RA 27 77.51 42.58 141.91
C ASP RA 27 77.51 43.84 141.07
N ILE RA 28 76.45 43.97 140.25
CA ILE RA 28 76.34 45.11 139.35
C ILE RA 28 76.27 46.42 140.12
N ASN RA 29 75.53 46.43 141.24
CA ASN RA 29 75.38 47.66 142.01
C ASN RA 29 76.71 48.16 142.52
N SER RA 30 77.55 47.26 143.04
CA SER RA 30 78.84 47.64 143.60
C SER RA 30 79.96 47.62 142.56
N SER RA 31 79.65 47.32 141.30
CA SER RA 31 80.66 47.34 140.26
C SER RA 31 81.29 48.72 140.12
N GLY RA 32 80.50 49.78 140.28
CA GLY RA 32 81.00 51.13 140.07
C GLY RA 32 81.93 51.63 141.15
N ASP RA 33 82.06 50.90 142.26
CA ASP RA 33 82.93 51.31 143.34
C ASP RA 33 84.34 50.74 143.22
N PHE RA 34 84.64 50.01 142.14
CA PHE RA 34 85.94 49.40 141.94
C PHE RA 34 86.66 49.99 140.74
N MET RA 35 86.46 51.28 140.48
CA MET RA 35 87.19 51.98 139.46
C MET RA 35 88.60 52.30 139.94
N PRO RA 36 89.52 52.62 139.04
CA PRO RA 36 90.89 52.90 139.46
C PRO RA 36 90.98 54.05 140.44
N LEU RA 37 91.98 53.97 141.32
CA LEU RA 37 92.22 54.97 142.37
C LEU RA 37 91.08 54.99 143.38
N HIS RA 38 90.67 53.80 143.82
CA HIS RA 38 89.69 53.64 144.88
C HIS RA 38 90.29 52.83 146.01
N ILE RA 39 89.90 53.17 147.24
CA ILE RA 39 90.38 52.49 148.44
C ILE RA 39 89.43 51.35 148.78
N ILE RA 40 90.00 50.18 149.08
CA ILE RA 40 89.23 49.02 149.53
C ILE RA 40 89.88 48.47 150.79
N VAL RA 41 89.10 47.70 151.54
CA VAL RA 41 89.56 47.12 152.80
C VAL RA 41 89.62 45.61 152.64
N LYS RA 42 90.71 45.01 153.09
CA LYS RA 42 90.91 43.57 153.03
C LYS RA 42 90.93 43.00 154.44
N GLU RA 43 90.15 41.95 154.66
CA GLU RA 43 90.03 41.28 155.95
C GLU RA 43 90.54 39.85 155.81
N VAL RA 44 91.42 39.45 156.72
CA VAL RA 44 92.03 38.12 156.71
C VAL RA 44 90.98 37.08 157.12
N PRO RA 45 91.11 35.82 156.66
CA PRO RA 45 90.12 34.81 157.04
C PRO RA 45 90.03 34.57 158.54
N LYS RA 46 91.14 34.69 159.27
CA LYS RA 46 91.27 34.49 160.70
C LYS RA 46 91.10 33.03 161.12
N VAL RA 47 90.81 32.13 160.20
CA VAL RA 47 90.65 30.71 160.52
C VAL RA 47 91.73 29.92 159.78
N LEU RA 48 91.73 30.00 158.45
CA LEU RA 48 92.71 29.36 157.60
C LEU RA 48 93.24 30.41 156.63
N PRO RA 49 94.09 31.33 157.09
CA PRO RA 49 94.55 32.41 156.21
C PRO RA 49 95.27 31.92 154.97
N CYS RA 50 96.04 30.85 155.08
CA CYS RA 50 96.76 30.31 153.93
C CYS RA 50 95.91 29.41 153.05
N CYS RA 51 94.70 29.05 153.50
CA CYS RA 51 93.84 28.16 152.74
C CYS RA 51 92.58 28.83 152.21
N ARG RA 52 92.23 30.01 152.72
CA ARG RA 52 91.00 30.70 152.33
C ARG RA 52 91.34 32.09 151.81
N ARG RA 53 90.66 32.51 150.74
CA ARG RA 53 90.88 33.84 150.20
C ARG RA 53 90.27 34.89 151.12
N PRO RA 54 90.89 36.06 151.22
CA PRO RA 54 90.39 37.10 152.14
C PRO RA 54 89.08 37.72 151.69
N LYS RA 55 88.55 38.63 152.49
CA LYS RA 55 87.28 39.30 152.21
C LYS RA 55 87.55 40.75 151.83
N ILE RA 56 86.93 41.19 150.74
CA ILE RA 56 87.17 42.52 150.19
C ILE RA 56 85.92 43.37 150.39
N LYS RA 57 86.10 44.55 150.97
CA LYS RA 57 85.01 45.47 151.30
C LYS RA 57 85.25 46.78 150.56
N ARG RA 58 84.21 47.26 149.88
CA ARG RA 58 84.29 48.54 149.17
C ARG RA 58 84.09 49.70 150.14
N THR RA 59 84.70 50.83 149.80
CA THR RA 59 84.58 52.04 150.59
C THR RA 59 84.30 53.22 149.68
N PRO RA 60 83.58 54.23 150.18
CA PRO RA 60 83.29 55.42 149.36
C PRO RA 60 84.38 56.49 149.47
N TYR RA 61 85.61 56.10 149.11
CA TYR RA 61 86.76 56.99 149.20
C TYR RA 61 87.63 56.83 147.98
N THR RA 62 88.27 57.94 147.60
CA THR RA 62 89.33 57.95 146.61
C THR RA 62 90.65 58.28 147.26
N LEU RA 63 91.73 58.16 146.49
CA LEU RA 63 93.06 58.41 147.03
C LEU RA 63 93.20 59.85 147.49
N ASN RA 64 92.72 60.80 146.68
CA ASN RA 64 92.85 62.21 147.04
C ASN RA 64 92.05 62.55 148.28
N ASP RA 65 90.88 61.92 148.46
CA ASP RA 65 90.10 62.16 149.67
C ASP RA 65 90.78 61.55 150.88
N ILE RA 66 91.32 60.33 150.74
CA ILE RA 66 91.92 59.67 151.89
C ILE RA 66 93.24 60.31 152.29
N LEU RA 67 93.90 60.99 151.35
CA LEU RA 67 95.21 61.59 151.59
C LEU RA 67 95.09 63.08 151.84
N ASP RA 68 95.87 63.56 152.81
CA ASP RA 68 95.94 65.01 153.04
C ASP RA 68 96.53 65.72 151.81
N GLU RA 69 97.58 65.14 151.22
CA GLU RA 69 98.20 65.72 150.04
C GLU RA 69 97.65 65.07 148.79
N PRO RA 70 97.10 65.83 147.84
CA PRO RA 70 96.55 65.22 146.63
C PRO RA 70 97.62 64.67 145.71
N CYS RA 71 97.20 63.77 144.84
CA CYS RA 71 98.04 63.12 143.85
C CYS RA 71 97.39 63.25 142.48
N PRO RA 72 98.18 63.19 141.41
CA PRO RA 72 97.59 63.19 140.06
C PRO RA 72 96.68 61.98 139.89
N ASN RA 73 95.58 62.18 139.16
CA ASN RA 73 94.54 61.18 139.04
C ASN RA 73 94.07 60.94 137.61
N GLN RA 74 94.81 61.43 136.61
CA GLN RA 74 94.39 61.23 135.22
C GLN RA 74 94.42 59.75 134.85
N LEU RA 75 93.51 59.35 133.98
CA LEU RA 75 93.37 57.95 133.58
C LEU RA 75 93.48 57.80 132.08
N LYS RA 76 93.59 56.55 131.64
CA LYS RA 76 93.61 56.21 130.22
C LYS RA 76 93.06 54.80 130.06
N SER RA 77 92.49 54.53 128.88
CA SER RA 77 91.88 53.25 128.60
C SER RA 77 92.37 52.71 127.27
N SER RA 78 92.41 51.39 127.18
CA SER RA 78 92.85 50.71 125.95
C SER RA 78 92.19 49.35 125.88
N ASP RA 79 92.06 48.83 124.65
CA ASP RA 79 91.37 47.56 124.46
C ASP RA 79 92.14 46.41 125.12
N LEU RA 80 91.38 45.44 125.62
CA LEU RA 80 91.95 44.27 126.29
C LEU RA 80 91.61 42.97 125.58
N VAL RA 81 90.33 42.70 125.32
CA VAL RA 81 89.90 41.47 124.67
C VAL RA 81 88.56 41.74 123.98
N THR RA 82 88.22 40.89 123.02
CA THR RA 82 87.01 41.06 122.22
C THR RA 82 86.36 39.70 122.02
N PHE RA 83 85.15 39.54 122.55
CA PHE RA 83 84.37 38.32 122.36
C PHE RA 83 83.54 38.48 121.09
N THR RA 84 84.01 37.89 120.00
CA THR RA 84 83.35 38.08 118.71
C THR RA 84 81.96 37.45 118.70
N GLU RA 85 81.80 36.29 119.35
CA GLU RA 85 80.52 35.60 119.37
C GLU RA 85 80.11 35.30 120.80
N PRO RA 86 78.81 35.22 121.08
CA PRO RA 86 78.35 34.99 122.44
C PRO RA 86 78.82 33.64 122.98
N LEU RA 87 79.14 33.62 124.27
CA LEU RA 87 79.38 32.37 124.98
C LEU RA 87 78.06 31.65 125.18
N VAL RA 88 77.94 30.45 124.61
CA VAL RA 88 76.70 29.69 124.63
C VAL RA 88 76.94 28.39 125.36
N SER RA 89 76.04 28.06 126.28
CA SER RA 89 76.13 26.83 127.06
C SER RA 89 74.78 26.13 127.07
N ASN RA 90 74.81 24.80 126.90
CA ASN RA 90 73.61 23.98 126.91
C ASN RA 90 73.85 22.77 127.81
N VAL RA 91 72.88 22.48 128.67
CA VAL RA 91 72.90 21.29 129.51
C VAL RA 91 71.55 20.62 129.38
N LYS RA 92 71.54 19.31 129.19
CA LYS RA 92 70.30 18.56 129.03
C LYS RA 92 70.44 17.23 129.74
N ALA RA 93 69.68 17.02 130.80
CA ALA RA 93 69.72 15.80 131.59
C ALA RA 93 68.34 15.15 131.60
N SER RA 94 68.33 13.82 131.66
CA SER RA 94 67.09 13.08 131.73
C SER RA 94 67.38 11.73 132.38
N SER RA 95 66.57 11.37 133.38
CA SER RA 95 66.78 10.15 134.13
C SER RA 95 65.44 9.52 134.49
N SER RA 96 65.48 8.21 134.72
CA SER RA 96 64.29 7.46 135.11
C SER RA 96 64.70 6.34 136.05
N ILE RA 97 63.86 6.10 137.06
CA ILE RA 97 64.11 5.08 138.08
C ILE RA 97 62.87 4.21 138.21
N GLY RA 98 63.07 2.89 138.27
CA GLY RA 98 61.97 1.98 138.48
C GLY RA 98 62.29 0.93 139.53
N LEU RA 99 61.50 0.90 140.61
CA LEU RA 99 61.71 -0.02 141.71
C LEU RA 99 60.49 -0.91 141.86
N GLN RA 100 60.73 -2.21 142.02
CA GLN RA 100 59.65 -3.16 142.23
C GLN RA 100 60.04 -4.13 143.34
N ILE RA 101 59.14 -4.30 144.31
CA ILE RA 101 59.31 -5.28 145.38
C ILE RA 101 58.14 -6.25 145.25
N LEU RA 102 58.41 -7.41 144.65
CA LEU RA 102 57.45 -8.51 144.47
C LEU RA 102 56.22 -7.95 143.76
N LYS RA 103 55.01 -8.26 144.22
CA LYS RA 103 53.80 -7.60 143.75
C LYS RA 103 53.23 -6.67 144.80
N HIS RA 104 54.06 -6.21 145.74
CA HIS RA 104 53.64 -5.37 146.84
C HIS RA 104 54.04 -3.91 146.69
N PHE RA 105 55.18 -3.63 146.06
CA PHE RA 105 55.62 -2.25 145.89
C PHE RA 105 56.02 -2.03 144.43
N ASP RA 106 55.62 -0.89 143.87
CA ASP RA 106 55.98 -0.56 142.49
C ASP RA 106 56.04 0.95 142.34
N SER RA 107 57.24 1.50 142.22
CA SER RA 107 57.43 2.94 142.08
C SER RA 107 58.16 3.25 140.78
N GLY RA 108 57.68 4.26 140.07
CA GLY RA 108 58.34 4.73 138.87
C GLY RA 108 58.49 6.24 138.86
N ALA RA 109 59.73 6.72 138.83
CA ALA RA 109 59.99 8.15 138.84
C ALA RA 109 60.80 8.52 137.60
N LYS RA 110 60.69 9.78 137.19
CA LYS RA 110 61.46 10.26 136.06
C LYS RA 110 61.61 11.77 136.17
N GLY RA 111 62.71 12.27 135.66
CA GLY RA 111 62.99 13.69 135.71
C GLY RA 111 63.76 14.13 134.48
N SER RA 112 63.62 15.40 134.14
CA SER RA 112 64.34 15.97 133.00
C SER RA 112 64.62 17.45 133.28
N LYS RA 113 65.69 17.94 132.67
CA LYS RA 113 66.12 19.32 132.87
C LYS RA 113 66.82 19.81 131.62
N ASN RA 114 66.51 21.04 131.22
CA ASN RA 114 67.12 21.69 130.06
C ASN RA 114 67.49 23.11 130.45
N PHE RA 115 68.77 23.42 130.36
CA PHE RA 115 69.32 24.69 130.82
C PHE RA 115 70.15 25.31 129.71
N ILE RA 116 69.84 26.56 129.35
CA ILE RA 116 70.50 27.25 128.25
C ILE RA 116 70.98 28.62 128.73
N THR RA 117 72.21 28.97 128.38
CA THR RA 117 72.80 30.24 128.79
C THR RA 117 73.50 30.88 127.60
N SER RA 118 73.39 32.21 127.50
CA SER RA 118 74.07 32.96 126.45
C SER RA 118 74.54 34.29 127.02
N ALA RA 119 75.81 34.60 126.82
CA ALA RA 119 76.40 35.84 127.30
C ALA RA 119 77.13 36.54 126.16
N SER RA 120 76.78 37.79 125.91
CA SER RA 120 77.39 38.61 124.86
C SER RA 120 78.01 39.82 125.53
N LEU RA 121 79.33 39.79 125.72
CA LEU RA 121 80.05 40.87 126.38
C LEU RA 121 80.66 41.87 125.41
N GLY RA 122 80.62 41.59 124.11
CA GLY RA 122 81.15 42.55 123.15
C GLY RA 122 82.63 42.76 123.33
N THR RA 123 83.03 44.02 123.52
CA THR RA 123 84.43 44.40 123.69
C THR RA 123 84.66 44.82 125.13
N VAL RA 124 85.77 44.38 125.71
CA VAL RA 124 86.17 44.72 127.07
C VAL RA 124 87.44 45.55 126.99
N VAL RA 125 87.43 46.71 127.65
CA VAL RA 125 88.58 47.58 127.70
C VAL RA 125 89.13 47.60 129.12
N LYS RA 126 90.35 48.11 129.27
CA LYS RA 126 91.01 48.25 130.55
C LYS RA 126 91.34 49.71 130.78
N ALA RA 127 91.02 50.20 131.98
CA ALA RA 127 91.27 51.58 132.36
C ALA RA 127 92.23 51.59 133.55
N GLU RA 128 93.20 52.51 133.49
CA GLU RA 128 94.25 52.58 134.50
C GLU RA 128 94.88 53.96 134.47
N THR RA 129 95.58 54.30 135.54
CA THR RA 129 96.26 55.58 135.63
C THR RA 129 97.29 55.72 134.52
N ILE RA 130 97.43 56.93 134.00
CA ILE RA 130 98.41 57.18 132.94
C ILE RA 130 99.82 56.88 133.42
N ASP RA 131 100.16 57.33 134.62
CA ASP RA 131 101.46 57.08 135.22
C ASP RA 131 101.26 56.62 136.65
N ILE RA 132 101.65 55.38 136.95
CA ILE RA 132 101.49 54.84 138.29
C ILE RA 132 102.69 55.17 139.18
N THR RA 133 103.86 55.35 138.59
CA THR RA 133 105.06 55.65 139.38
C THR RA 133 104.91 56.96 140.14
N LYS RA 134 104.37 58.00 139.47
CA LYS RA 134 104.16 59.27 140.14
C LYS RA 134 103.16 59.14 141.29
N VAL RA 135 102.08 58.39 141.06
CA VAL RA 135 101.09 58.18 142.11
C VAL RA 135 101.72 57.48 143.30
N LEU RA 136 102.53 56.46 143.04
CA LEU RA 136 103.18 55.73 144.12
C LEU RA 136 104.14 56.63 144.89
N ALA RA 137 104.92 57.44 144.17
CA ALA RA 137 105.86 58.34 144.84
C ALA RA 137 105.12 59.32 145.74
N LYS RA 138 104.07 59.95 145.21
CA LYS RA 138 103.31 60.91 146.00
C LYS RA 138 102.65 60.24 147.20
N VAL RA 139 102.13 59.02 147.03
CA VAL RA 139 101.55 58.29 148.15
C VAL RA 139 102.58 58.10 149.24
N ARG RA 140 103.77 57.62 148.85
CA ARG RA 140 104.82 57.36 149.83
C ARG RA 140 105.24 58.63 150.55
N THR RA 141 105.24 59.77 149.85
CA THR RA 141 105.64 61.02 150.47
C THR RA 141 104.48 61.79 151.09
N ALA RA 142 103.26 61.26 151.03
CA ALA RA 142 102.07 61.96 151.51
C ALA RA 142 101.50 61.29 152.75
N LYS RA 143 100.90 62.08 153.62
CA LYS RA 143 100.26 61.58 154.83
C LYS RA 143 98.75 61.48 154.65
N ALA RA 144 98.15 60.49 155.33
CA ALA RA 144 96.72 60.28 155.25
C ALA RA 144 95.96 61.37 156.01
N LYS RA 145 94.65 61.40 155.83
CA LYS RA 145 93.80 62.39 156.48
C LYS RA 145 93.61 62.03 157.95
N VAL RA 146 94.03 62.94 158.84
CA VAL RA 146 93.88 62.70 160.27
C VAL RA 146 92.41 62.62 160.65
N GLU RA 147 91.57 63.45 160.04
CA GLU RA 147 90.14 63.44 160.34
C GLU RA 147 89.50 62.10 160.01
N ASN RA 148 89.95 61.44 158.95
CA ASN RA 148 89.31 60.20 158.50
C ASN RA 148 89.35 59.14 159.60
N ASP RA 149 88.22 58.47 159.80
CA ASP RA 149 88.08 57.43 160.81
C ASP RA 149 88.50 56.05 160.30
N LEU RA 150 88.23 55.78 159.03
CA LEU RA 150 88.58 54.49 158.45
C LEU RA 150 90.08 54.20 158.58
N VAL RA 151 90.91 55.21 158.26
CA VAL RA 151 92.36 55.03 158.35
C VAL RA 151 92.76 54.67 159.77
N SER RA 152 92.21 55.39 160.75
CA SER RA 152 92.54 55.11 162.15
C SER RA 152 92.10 53.71 162.54
N ARG RA 153 90.90 53.30 162.11
CA ARG RA 153 90.44 51.95 162.39
C ARG RA 153 91.41 50.90 161.84
N VAL RA 154 91.80 51.06 160.57
CA VAL RA 154 92.72 50.11 159.95
C VAL RA 154 94.07 50.13 160.65
N MET RA 155 94.52 51.30 161.10
CA MET RA 155 95.79 51.40 161.80
C MET RA 155 95.74 50.65 163.12
N LYS RA 156 94.66 50.83 163.89
CA LYS RA 156 94.61 50.20 165.21
C LYS RA 156 94.37 48.69 165.09
N THR RA 157 93.59 48.26 164.10
CA THR RA 157 93.35 46.84 163.92
C THR RA 157 94.50 46.20 163.14
N LYS RA 158 94.68 44.90 163.36
CA LYS RA 158 95.74 44.14 162.71
C LYS RA 158 95.26 43.32 161.52
N ARG RA 159 94.00 42.89 161.53
CA ARG RA 159 93.50 42.11 160.41
C ARG RA 159 93.26 42.98 159.18
N LEU RA 160 92.73 44.19 159.37
CA LEU RA 160 92.36 45.04 158.26
C LEU RA 160 93.58 45.57 157.53
N CYS RA 161 93.49 45.61 156.20
CA CYS RA 161 94.53 46.17 155.35
C CYS RA 161 93.88 47.06 154.29
N LEU RA 162 94.64 48.03 153.80
CA LEU RA 162 94.14 48.95 152.78
C LEU RA 162 94.70 48.58 151.41
N GLY RA 163 93.87 48.75 150.39
CA GLY RA 163 94.29 48.47 149.03
C GLY RA 163 93.84 49.52 148.04
N LEU RA 164 94.73 49.94 147.16
CA LEU RA 164 94.44 50.93 146.13
C LEU RA 164 94.23 50.21 144.81
N VAL RA 165 93.06 50.43 144.19
CA VAL RA 165 92.75 49.80 142.92
C VAL RA 165 93.48 50.54 141.80
N VAL RA 166 94.15 49.79 140.93
CA VAL RA 166 95.02 50.38 139.93
C VAL RA 166 94.58 50.09 138.50
N GLU RA 167 93.77 49.07 138.24
CA GLU RA 167 93.31 48.80 136.89
C GLU RA 167 91.95 48.13 136.95
N THR RA 168 91.10 48.44 135.97
CA THR RA 168 89.75 47.92 135.95
C THR RA 168 89.34 47.54 134.54
N ALA RA 169 88.64 46.41 134.41
CA ALA RA 169 88.12 45.95 133.13
C ALA RA 169 86.65 46.28 133.02
N CYS RA 170 86.28 47.01 131.97
CA CYS RA 170 84.92 47.50 131.79
C CYS RA 170 84.44 47.21 130.37
N VAL RA 171 83.14 46.95 130.24
CA VAL RA 171 82.55 46.68 128.93
C VAL RA 171 82.42 48.00 128.17
N ALA RA 172 82.87 48.00 126.91
CA ALA RA 172 82.78 49.21 126.10
C ALA RA 172 81.34 49.51 125.70
N ALA RA 173 80.57 48.47 125.37
CA ALA RA 173 79.20 48.61 124.93
C ALA RA 173 78.29 47.78 125.82
N ALA RA 174 76.99 47.82 125.51
CA ALA RA 174 76.02 47.09 126.31
C ALA RA 174 76.24 45.58 126.19
N GLY RA 175 76.07 44.89 127.31
CA GLY RA 175 76.26 43.44 127.38
C GLY RA 175 74.95 42.75 127.68
N LYS RA 176 74.69 41.65 126.96
CA LYS RA 176 73.41 40.95 127.04
C LYS RA 176 73.59 39.58 127.68
N LEU RA 177 72.77 39.28 128.68
CA LEU RA 177 72.82 38.00 129.38
C LEU RA 177 71.44 37.36 129.35
N THR RA 178 71.35 36.14 128.81
CA THR RA 178 70.09 35.43 128.66
C THR RA 178 70.19 34.03 129.26
N GLU RA 179 69.16 33.61 129.97
CA GLU RA 179 69.11 32.30 130.61
C GLU RA 179 67.71 31.72 130.48
N ALA RA 180 67.64 30.43 130.16
CA ALA RA 180 66.38 29.71 130.05
C ALA RA 180 66.48 28.37 130.77
N ASP RA 181 65.44 28.05 131.54
CA ASP RA 181 65.40 26.84 132.34
C ASP RA 181 64.06 26.16 132.15
N ASN RA 182 64.08 24.84 131.94
CA ASN RA 182 62.84 24.06 131.83
C ASN RA 182 63.09 22.71 132.46
N TRP RA 183 62.45 22.43 133.59
CA TRP RA 183 62.65 21.11 134.21
C TRP RA 183 61.32 20.52 134.64
N GLU RA 184 61.30 19.19 134.73
CA GLU RA 184 60.05 18.46 134.92
C GLU RA 184 60.31 17.20 135.74
N ILE RA 185 59.36 16.88 136.62
CA ILE RA 185 59.41 15.70 137.47
C ILE RA 185 58.07 14.98 137.37
N SER RA 186 58.11 13.66 137.16
CA SER RA 186 56.91 12.83 137.12
C SER RA 186 57.14 11.57 137.94
N GLY RA 187 56.37 11.39 139.00
CA GLY RA 187 56.53 10.25 139.88
C GLY RA 187 55.22 9.52 140.10
N HIS RA 188 55.34 8.22 140.35
CA HIS RA 188 54.19 7.35 140.56
C HIS RA 188 54.55 6.28 141.57
N THR RA 189 53.61 5.96 142.46
CA THR RA 189 53.82 5.00 143.53
C THR RA 189 52.59 4.10 143.64
N ASN RA 190 52.82 2.80 143.76
CA ASN RA 190 51.74 1.82 143.91
C ASN RA 190 52.12 0.87 145.04
N ALA RA 191 51.42 0.96 146.16
CA ALA RA 191 51.61 0.07 147.30
C ALA RA 191 50.39 -0.85 147.37
N ASN RA 192 50.58 -2.11 146.97
CA ASN RA 192 49.53 -3.11 146.99
C ASN RA 192 49.73 -4.02 148.19
N ILE RA 193 48.72 -4.11 149.04
CA ILE RA 193 48.74 -4.97 150.21
C ILE RA 193 47.46 -5.80 150.18
N GLY RA 194 47.45 -6.89 150.96
CA GLY RA 194 46.31 -7.79 150.96
C GLY RA 194 45.00 -7.11 151.28
N GLU RA 195 45.03 -6.10 152.16
CA GLU RA 195 43.82 -5.37 152.54
C GLU RA 195 43.90 -3.88 152.25
N ALA RA 196 44.92 -3.43 151.52
CA ALA RA 196 45.07 -2.01 151.22
C ALA RA 196 45.72 -1.84 149.86
N VAL RA 197 45.21 -0.87 149.09
CA VAL RA 197 45.77 -0.50 147.80
C VAL RA 197 45.90 1.01 147.76
N VAL RA 198 47.13 1.50 147.54
CA VAL RA 198 47.41 2.92 147.46
C VAL RA 198 48.06 3.21 146.10
N THR RA 199 47.52 4.19 145.39
CA THR RA 199 48.06 4.59 144.08
C THR RA 199 48.18 6.10 144.05
N ALA RA 200 49.42 6.59 144.10
CA ALA RA 200 49.70 8.02 144.11
C ALA RA 200 50.47 8.41 142.86
N THR RA 201 50.23 9.63 142.38
CA THR RA 201 50.88 10.14 141.18
C THR RA 201 51.08 11.64 141.34
N ALA RA 202 52.23 12.14 140.89
CA ALA RA 202 52.52 13.57 140.98
C ALA RA 202 53.35 14.02 139.79
N GLU RA 203 52.89 15.05 139.10
CA GLU RA 203 53.61 15.63 137.97
C GLU RA 203 53.76 17.13 138.18
N LEU RA 204 54.95 17.65 137.88
CA LEU RA 204 55.15 19.09 137.92
C LEU RA 204 56.25 19.47 136.93
N ASP RA 205 56.25 20.74 136.54
CA ASP RA 205 57.25 21.25 135.62
C ASP RA 205 57.32 22.76 135.75
N LYS RA 206 58.54 23.29 135.79
CA LYS RA 206 58.80 24.71 135.94
C LYS RA 206 59.59 25.23 134.75
N ASN RA 207 59.20 26.42 134.28
CA ASN RA 207 59.86 27.09 133.17
C ASN RA 207 60.19 28.52 133.58
N LEU RA 208 61.44 28.93 133.38
CA LEU RA 208 61.91 30.27 133.71
C LEU RA 208 62.73 30.83 132.56
N SER RA 209 62.75 32.15 132.45
CA SER RA 209 63.56 32.83 131.44
C SER RA 209 63.90 34.22 131.96
N ARG RA 210 65.20 34.54 131.99
CA ARG RA 210 65.66 35.82 132.49
C ARG RA 210 66.61 36.43 131.46
N LYS RA 211 66.35 37.68 131.07
CA LYS RA 211 67.18 38.37 130.08
C LYS RA 211 67.45 39.78 130.56
N ILE RA 212 68.73 40.13 130.70
CA ILE RA 212 69.13 41.45 131.19
C ILE RA 212 70.20 42.01 130.27
N GLU RA 213 70.46 43.31 130.43
CA GLU RA 213 71.43 44.03 129.62
C GLU RA 213 72.16 45.05 130.47
N ILE RA 214 73.41 44.78 130.78
CA ILE RA 214 74.24 45.73 131.54
C ILE RA 214 74.67 46.87 130.62
N PRO RA 215 74.70 48.10 131.11
CA PRO RA 215 75.01 49.25 130.25
C PRO RA 215 76.50 49.40 130.07
N PRO RA 216 76.94 50.21 129.11
CA PRO RA 216 78.37 50.46 128.93
C PRO RA 216 78.99 51.09 130.16
N GLY RA 217 80.24 50.70 130.44
CA GLY RA 217 80.98 51.22 131.57
C GLY RA 217 80.94 50.37 132.81
N THR RA 218 80.13 49.31 132.83
CA THR RA 218 80.05 48.45 133.99
C THR RA 218 81.37 47.72 134.22
N ALA RA 219 81.89 47.79 135.44
CA ALA RA 219 83.14 47.13 135.75
C ALA RA 219 82.95 45.63 135.88
N LEU RA 220 83.97 44.87 135.48
CA LEU RA 220 83.94 43.41 135.56
C LEU RA 220 84.96 42.84 136.52
N ALA RA 221 86.18 43.36 136.54
CA ALA RA 221 87.24 42.83 137.39
C ALA RA 221 88.25 43.92 137.65
N TYR RA 222 89.11 43.69 138.65
CA TYR RA 222 90.04 44.72 139.07
C TYR RA 222 91.26 44.06 139.72
N SER RA 223 92.32 44.85 139.85
CA SER RA 223 93.52 44.47 140.58
C SER RA 223 93.95 45.63 141.47
N PHE RA 224 94.55 45.32 142.61
CA PHE RA 224 94.87 46.35 143.59
C PHE RA 224 96.24 46.10 144.20
N MET RA 225 96.79 47.15 144.78
CA MET RA 225 98.08 47.12 145.45
C MET RA 225 97.89 47.43 146.93
N ASP RA 226 98.61 46.71 147.78
CA ASP RA 226 98.45 46.86 149.22
C ASP RA 226 99.12 48.13 149.74
N LEU RA 227 98.68 48.56 150.91
CA LEU RA 227 99.23 49.74 151.58
C LEU RA 227 99.44 49.43 153.06
N GLU RA 228 100.12 50.35 153.73
CA GLU RA 228 100.42 50.20 155.16
C GLU RA 228 100.47 51.56 155.81
N ILE RA 229 99.72 51.74 156.89
CA ILE RA 229 99.72 52.98 157.65
C ILE RA 229 100.90 52.98 158.60
N LEU RA 230 101.73 54.01 158.52
CA LEU RA 230 102.81 54.17 159.49
C LEU RA 230 102.24 54.57 160.85
N GLU RA 231 103.12 54.73 161.83
CA GLU RA 231 102.71 55.28 163.12
C GLU RA 231 102.04 56.63 162.95
N ASP RA 232 102.64 57.50 162.13
CA ASP RA 232 102.02 58.75 161.74
C ASP RA 232 100.97 58.50 160.65
N ARG RA 233 100.40 59.58 160.13
CA ARG RA 233 99.46 59.47 159.03
C ARG RA 233 100.13 59.06 157.72
N SER RA 234 101.45 58.98 157.68
CA SER RA 234 102.16 58.60 156.47
C SER RA 234 101.74 57.20 156.00
N LEU RA 235 101.77 57.02 154.68
CA LEU RA 235 101.41 55.75 154.06
C LEU RA 235 102.61 55.19 153.31
N ARG RA 236 102.69 53.86 153.28
CA ARG RA 236 103.76 53.16 152.58
C ARG RA 236 103.15 52.05 151.74
N VAL RA 237 103.90 51.62 150.73
CA VAL RA 237 103.45 50.52 149.87
C VAL RA 237 104.16 49.25 150.31
N SER RA 238 103.43 48.13 150.28
CA SER RA 238 103.95 46.86 150.74
C SER RA 238 103.85 45.81 149.64
N SER RA 239 104.87 44.98 149.52
CA SER RA 239 104.95 43.97 148.48
C SER RA 239 105.22 42.61 149.11
N SER RA 240 104.28 41.68 148.97
CA SER RA 240 104.49 40.31 149.40
C SER RA 240 105.34 39.59 148.37
N ALA RA 241 106.60 39.33 148.72
CA ALA RA 241 107.58 38.72 147.81
C ALA RA 241 107.75 39.55 146.55
N GLY RA 242 107.60 40.88 146.67
CA GLY RA 242 107.77 41.77 145.54
C GLY RA 242 106.67 41.71 144.51
N ALA RA 243 105.50 41.18 144.86
CA ALA RA 243 104.42 41.05 143.88
C ALA RA 243 103.89 42.43 143.45
N MET RA 244 103.55 43.27 144.42
CA MET RA 244 102.95 44.58 144.18
C MET RA 244 101.67 44.50 143.36
N PHE RA 245 101.06 43.32 143.28
CA PHE RA 245 99.80 43.14 142.56
C PHE RA 245 99.05 42.03 143.27
N ASP RA 246 98.08 42.42 144.10
CA ASP RA 246 97.35 41.46 144.91
C ASP RA 246 96.02 41.12 144.24
N SER RA 247 95.74 39.83 144.12
CA SER RA 247 94.51 39.35 143.51
C SER RA 247 93.56 38.74 144.54
N GLY RA 248 93.75 39.06 145.81
CA GLY RA 248 92.92 38.48 146.85
C GLY RA 248 93.07 36.98 146.96
N LYS RA 249 94.29 36.48 146.80
CA LYS RA 249 94.57 35.04 146.83
C LYS RA 249 95.18 34.66 148.17
N ALA RA 250 94.94 33.41 148.58
CA ALA RA 250 95.53 32.90 149.79
C ALA RA 250 97.04 32.78 149.66
N GLU RA 251 97.74 32.91 150.78
CA GLU RA 251 99.20 32.83 150.77
C GLU RA 251 99.67 31.45 150.31
N SER RA 252 99.00 30.39 150.79
CA SER RA 252 99.33 29.01 150.42
C SER RA 252 100.79 28.68 150.73
CA ARG SA 3 157.36 7.09 -37.22
C ARG SA 3 156.77 5.75 -36.80
N PRO SA 4 157.61 4.72 -36.77
CA PRO SA 4 157.13 3.39 -36.36
C PRO SA 4 156.59 3.41 -34.94
N MET SA 5 155.52 2.63 -34.72
CA MET SA 5 154.92 2.57 -33.40
C MET SA 5 155.89 2.01 -32.36
N PHE SA 6 156.69 1.01 -32.75
CA PHE SA 6 157.66 0.46 -31.82
C PHE SA 6 158.68 1.51 -31.41
N ALA SA 7 159.17 2.30 -32.37
CA ALA SA 7 160.13 3.36 -32.03
C ALA SA 7 159.49 4.42 -31.14
N VAL SA 8 158.24 4.78 -31.43
CA VAL SA 8 157.56 5.78 -30.59
C VAL SA 8 157.39 5.26 -29.17
N ALA SA 9 156.98 4.00 -29.02
CA ALA SA 9 156.80 3.44 -27.69
C ALA SA 9 158.13 3.33 -26.96
N VAL SA 10 159.20 2.97 -27.67
CA VAL SA 10 160.52 2.89 -27.05
C VAL SA 10 160.95 4.27 -26.55
N ASN SA 11 160.73 5.30 -27.36
CA ASN SA 11 161.07 6.66 -26.93
C ASN SA 11 160.24 7.08 -25.71
N GLU SA 12 158.95 6.77 -25.71
CA GLU SA 12 158.11 7.10 -24.57
C GLU SA 12 158.61 6.41 -23.30
N PHE SA 13 158.92 5.12 -23.41
CA PHE SA 13 159.41 4.38 -22.25
C PHE SA 13 160.73 4.95 -21.75
N ILE SA 14 161.66 5.21 -22.67
CA ILE SA 14 162.98 5.69 -22.25
C ILE SA 14 162.89 7.08 -21.65
N ARG SA 15 161.94 7.90 -22.12
CA ARG SA 15 161.75 9.20 -21.49
C ARG SA 15 161.15 9.07 -20.09
N SER SA 16 160.10 8.24 -19.96
CA SER SA 16 159.45 8.10 -18.67
C SER SA 16 160.38 7.51 -17.63
N ALA SA 17 161.16 6.50 -18.00
CA ALA SA 17 162.09 5.84 -17.10
C ALA SA 17 163.43 5.70 -17.78
N GLY SA 18 164.51 6.00 -17.06
CA GLY SA 18 165.85 5.85 -17.59
C GLY SA 18 166.17 6.74 -18.76
N GLN SA 19 165.87 8.04 -18.64
CA GLN SA 19 166.20 8.97 -19.71
C GLN SA 19 167.70 9.07 -19.92
N ASP SA 20 168.48 8.80 -18.89
CA ASP SA 20 169.94 8.76 -18.98
C ASP SA 20 170.42 7.31 -18.85
N SER SA 21 171.57 7.05 -19.47
CA SER SA 21 172.22 5.73 -19.42
C SER SA 21 171.29 4.65 -19.97
N LEU SA 22 170.72 4.90 -21.13
CA LEU SA 22 169.83 3.93 -21.77
C LEU SA 22 169.78 4.23 -23.27
N CYS SA 23 169.84 3.18 -24.08
CA CYS SA 23 169.83 3.29 -25.53
C CYS SA 23 168.62 2.57 -26.09
N GLY SA 24 167.88 3.26 -26.96
CA GLY SA 24 166.72 2.66 -27.57
C GLY SA 24 167.07 1.53 -28.52
N VAL SA 25 166.11 0.63 -28.71
CA VAL SA 25 166.28 -0.51 -29.61
C VAL SA 25 165.83 -0.10 -31.00
N PRO SA 26 166.63 -0.36 -32.04
CA PRO SA 26 166.27 0.11 -33.39
C PRO SA 26 164.99 -0.49 -33.93
N ASP SA 27 164.79 -1.81 -33.78
CA ASP SA 27 163.61 -2.45 -34.35
C ASP SA 27 163.34 -3.75 -33.62
N ILE SA 28 162.13 -4.28 -33.82
CA ILE SA 28 161.70 -5.50 -33.16
C ILE SA 28 162.58 -6.67 -33.57
N ASN SA 29 162.92 -6.75 -34.86
CA ASN SA 29 163.72 -7.87 -35.35
C ASN SA 29 165.08 -7.92 -34.67
N SER SA 30 165.73 -6.78 -34.51
CA SER SA 30 167.05 -6.71 -33.91
C SER SA 30 167.01 -6.52 -32.40
N SER SA 31 165.81 -6.48 -31.81
CA SER SA 31 165.71 -6.34 -30.36
C SER SA 31 166.36 -7.51 -29.64
N GLY SA 32 166.26 -8.72 -30.21
CA GLY SA 32 166.80 -9.89 -29.53
C GLY SA 32 168.31 -9.98 -29.52
N ASP SA 33 169.00 -9.12 -30.26
CA ASP SA 33 170.45 -9.14 -30.31
C ASP SA 33 171.10 -8.23 -29.27
N PHE SA 34 170.30 -7.58 -28.42
CA PHE SA 34 170.81 -6.66 -27.41
C PHE SA 34 170.55 -7.18 -26.00
N MET SA 35 170.57 -8.50 -25.82
CA MET SA 35 170.49 -9.10 -24.51
C MET SA 35 171.82 -8.97 -23.78
N PRO SA 36 171.82 -9.13 -22.46
CA PRO SA 36 173.07 -8.97 -21.70
C PRO SA 36 174.15 -9.93 -22.17
N LEU SA 37 175.40 -9.48 -22.05
CA LEU SA 37 176.58 -10.23 -22.45
C LEU SA 37 176.61 -10.44 -23.97
N HIS SA 38 176.36 -9.36 -24.70
CA HIS SA 38 176.46 -9.35 -26.16
C HIS SA 38 177.44 -8.27 -26.58
N ILE SA 39 178.18 -8.55 -27.66
CA ILE SA 39 179.17 -7.63 -28.20
C ILE SA 39 178.50 -6.76 -29.25
N ILE SA 40 178.77 -5.45 -29.20
CA ILE SA 40 178.29 -4.50 -30.19
C ILE SA 40 179.48 -3.65 -30.63
N VAL SA 41 179.33 -3.03 -31.80
CA VAL SA 41 180.37 -2.20 -32.39
C VAL SA 41 179.88 -0.76 -32.42
N LYS SA 42 180.73 0.16 -32.01
CA LYS SA 42 180.42 1.59 -31.99
C LYS SA 42 181.31 2.31 -33.00
N GLU SA 43 180.69 3.13 -33.84
CA GLU SA 43 181.38 3.89 -34.88
C GLU SA 43 181.20 5.37 -34.59
N VAL SA 44 182.31 6.11 -34.62
CA VAL SA 44 182.32 7.54 -34.32
C VAL SA 44 181.67 8.30 -35.48
N PRO SA 45 181.09 9.47 -35.23
CA PRO SA 45 180.47 10.23 -36.34
C PRO SA 45 181.43 10.61 -37.45
N LYS SA 46 182.70 10.89 -37.11
CA LYS SA 46 183.77 11.29 -38.02
C LYS SA 46 183.57 12.68 -38.60
N VAL SA 47 182.46 13.36 -38.29
CA VAL SA 47 182.22 14.70 -38.79
C VAL SA 47 182.14 15.66 -37.61
N LEU SA 48 181.19 15.41 -36.71
CA LEU SA 48 181.03 16.20 -35.48
C LEU SA 48 180.93 15.22 -34.32
N PRO SA 49 182.06 14.62 -33.90
CA PRO SA 49 182.00 13.61 -32.85
C PRO SA 49 181.42 14.12 -31.54
N CYS SA 50 181.70 15.38 -31.19
CA CYS SA 50 181.17 15.94 -29.95
C CYS SA 50 179.74 16.47 -30.09
N CYS SA 51 179.21 16.53 -31.31
CA CYS SA 51 177.87 17.06 -31.53
C CYS SA 51 176.87 16.01 -32.01
N ARG SA 52 177.34 14.85 -32.46
CA ARG SA 52 176.47 13.81 -33.00
C ARG SA 52 176.69 12.52 -32.25
N ARG SA 53 175.60 11.81 -31.97
CA ARG SA 53 175.70 10.53 -31.27
C ARG SA 53 176.28 9.46 -32.22
N PRO SA 54 177.06 8.53 -31.68
CA PRO SA 54 177.69 7.52 -32.55
C PRO SA 54 176.70 6.52 -33.13
N LYS SA 55 177.20 5.59 -33.94
CA LYS SA 55 176.38 4.58 -34.60
C LYS SA 55 176.66 3.22 -33.97
N ILE SA 56 175.60 2.50 -33.63
CA ILE SA 56 175.71 1.23 -32.92
C ILE SA 56 175.30 0.10 -33.87
N LYS SA 57 176.16 -0.91 -33.99
CA LYS SA 57 175.97 -2.04 -34.88
C LYS SA 57 175.93 -3.31 -34.05
N ARG SA 58 174.91 -4.15 -34.28
CA ARG SA 58 174.79 -5.42 -33.60
C ARG SA 58 175.68 -6.47 -34.26
N THR SA 59 176.13 -7.42 -33.45
CA THR SA 59 176.96 -8.51 -33.93
C THR SA 59 176.44 -9.83 -33.37
N PRO SA 60 176.63 -10.94 -34.10
CA PRO SA 60 176.17 -12.25 -33.62
C PRO SA 60 177.23 -12.94 -32.76
N TYR SA 61 177.62 -12.29 -31.68
CA TYR SA 61 178.66 -12.82 -30.81
C TYR SA 61 178.28 -12.59 -29.36
N THR SA 62 178.71 -13.51 -28.50
CA THR SA 62 178.65 -13.35 -27.06
C THR SA 62 180.06 -13.23 -26.50
N LEU SA 63 180.14 -12.91 -25.21
CA LEU SA 63 181.44 -12.72 -24.58
C LEU SA 63 182.26 -14.01 -24.61
N ASN SA 64 181.63 -15.14 -24.31
CA ASN SA 64 182.35 -16.41 -24.28
C ASN SA 64 182.84 -16.80 -25.66
N ASP SA 65 182.05 -16.50 -26.70
CA ASP SA 65 182.51 -16.79 -28.06
C ASP SA 65 183.66 -15.87 -28.46
N ILE SA 66 183.57 -14.58 -28.12
CA ILE SA 66 184.60 -13.65 -28.54
C ILE SA 66 185.89 -13.86 -27.77
N LEU SA 67 185.81 -14.44 -26.56
CA LEU SA 67 186.98 -14.62 -25.71
C LEU SA 67 187.48 -16.05 -25.80
N ASP SA 68 188.81 -16.20 -25.82
CA ASP SA 68 189.41 -17.52 -25.74
C ASP SA 68 189.09 -18.18 -24.40
N GLU SA 69 189.16 -17.42 -23.32
CA GLU SA 69 188.86 -17.95 -21.99
C GLU SA 69 187.42 -17.62 -21.62
N PRO SA 70 186.59 -18.62 -21.29
CA PRO SA 70 185.20 -18.34 -20.95
C PRO SA 70 185.06 -17.63 -19.61
N CYS SA 71 183.92 -16.99 -19.44
CA CYS SA 71 183.55 -16.25 -18.24
C CYS SA 71 182.18 -16.72 -17.77
N PRO SA 72 181.89 -16.58 -16.48
CA PRO SA 72 180.53 -16.90 -16.00
C PRO SA 72 179.50 -16.02 -16.69
N ASN SA 73 178.33 -16.60 -16.96
CA ASN SA 73 177.31 -15.93 -17.77
C ASN SA 73 175.91 -16.02 -17.17
N GLN SA 74 175.78 -16.40 -15.90
CA GLN SA 74 174.46 -16.48 -15.30
C GLN SA 74 173.81 -15.11 -15.20
N LEU SA 75 172.49 -15.08 -15.31
CA LEU SA 75 171.72 -13.83 -15.34
C LEU SA 75 170.67 -13.84 -14.24
N LYS SA 76 170.07 -12.67 -14.02
CA LYS SA 76 168.97 -12.51 -13.09
C LYS SA 76 168.12 -11.33 -13.55
N SER SA 77 166.84 -11.37 -13.20
CA SER SA 77 165.89 -10.35 -13.61
C SER SA 77 165.09 -9.87 -12.42
N SER SA 78 164.69 -8.60 -12.48
CA SER SA 78 163.89 -7.99 -11.43
C SER SA 78 163.05 -6.87 -12.02
N ASP SA 79 161.94 -6.55 -11.34
CA ASP SA 79 161.02 -5.56 -11.87
C ASP SA 79 161.66 -4.17 -11.90
N LEU SA 80 161.29 -3.39 -12.91
CA LEU SA 80 161.82 -2.04 -13.08
C LEU SA 80 160.74 -0.97 -13.01
N VAL SA 81 159.67 -1.10 -13.80
CA VAL SA 81 158.59 -0.11 -13.82
C VAL SA 81 157.32 -0.83 -14.29
N THR SA 82 156.17 -0.22 -14.00
CA THR SA 82 154.87 -0.81 -14.32
C THR SA 82 153.95 0.29 -14.82
N PHE SA 83 153.53 0.19 -16.08
CA PHE SA 83 152.56 1.11 -16.66
C PHE SA 83 151.17 0.58 -16.40
N THR SA 84 150.51 1.14 -15.38
CA THR SA 84 149.20 0.62 -14.98
C THR SA 84 148.15 0.85 -16.04
N GLU SA 85 148.21 1.99 -16.74
CA GLU SA 85 147.24 2.30 -17.77
C GLU SA 85 147.94 2.65 -19.08
N PRO SA 86 147.29 2.41 -20.20
CA PRO SA 86 147.94 2.67 -21.49
C PRO SA 86 148.25 4.15 -21.69
N LEU SA 87 149.38 4.41 -22.33
CA LEU SA 87 149.72 5.76 -22.78
C LEU SA 87 148.84 6.11 -23.96
N VAL SA 88 148.02 7.15 -23.82
CA VAL SA 88 147.04 7.54 -24.82
C VAL SA 88 147.38 8.94 -25.30
N SER SA 89 147.39 9.13 -26.62
CA SER SA 89 147.68 10.42 -27.22
C SER SA 89 146.65 10.73 -28.29
N ASN SA 90 146.18 11.97 -28.31
CA ASN SA 90 145.21 12.44 -29.29
C ASN SA 90 145.69 13.76 -29.88
N VAL SA 91 145.61 13.88 -31.20
CA VAL SA 91 145.92 15.13 -31.90
C VAL SA 91 144.79 15.39 -32.88
N LYS SA 92 144.29 16.61 -32.91
CA LYS SA 92 143.18 16.97 -33.79
C LYS SA 92 143.44 18.37 -34.33
N ALA SA 93 143.68 18.47 -35.63
CA ALA SA 93 143.94 19.75 -36.28
C ALA SA 93 142.91 20.01 -37.36
N SER SA 94 142.58 21.27 -37.56
CA SER SA 94 141.64 21.66 -38.61
C SER SA 94 141.93 23.10 -39.02
N SER SA 95 142.05 23.35 -40.32
CA SER SA 95 142.40 24.67 -40.82
C SER SA 95 141.65 24.95 -42.10
N SER SA 96 141.49 26.23 -42.40
CA SER SA 96 140.81 26.68 -43.61
C SER SA 96 141.46 27.97 -44.09
N ILE SA 97 141.60 28.10 -45.40
CA ILE SA 97 142.21 29.26 -46.04
C ILE SA 97 141.28 29.76 -47.13
N GLY SA 98 141.10 31.08 -47.18
CA GLY SA 98 140.31 31.69 -48.24
C GLY SA 98 140.99 32.89 -48.85
N LEU SA 99 141.27 32.85 -50.15
CA LEU SA 99 141.97 33.92 -50.86
C LEU SA 99 141.05 34.46 -51.94
N GLN SA 100 140.96 35.78 -52.04
CA GLN SA 100 140.17 36.42 -53.09
C GLN SA 100 140.97 37.58 -53.67
N ILE SA 101 141.07 37.62 -54.99
CA ILE SA 101 141.68 38.73 -55.72
C ILE SA 101 140.59 39.33 -56.60
N LEU SA 102 140.00 40.43 -56.14
CA LEU SA 102 138.98 41.20 -56.85
C LEU SA 102 137.84 40.25 -57.19
N LYS SA 103 137.32 40.26 -58.41
CA LYS SA 103 136.40 39.25 -58.90
C LYS SA 103 137.06 38.34 -59.92
N HIS SA 104 138.39 38.25 -59.89
CA HIS SA 104 139.14 37.45 -60.84
C HIS SA 104 139.69 36.15 -60.27
N PHE SA 105 140.03 36.12 -58.98
CA PHE SA 105 140.56 34.90 -58.38
C PHE SA 105 139.80 34.62 -57.08
N ASP SA 106 139.46 33.35 -56.85
CA ASP SA 106 138.77 32.98 -55.61
C ASP SA 106 139.10 31.53 -55.29
N SER SA 107 139.92 31.31 -54.27
CA SER SA 107 140.33 29.98 -53.87
C SER SA 107 139.93 29.72 -52.42
N GLY SA 108 139.38 28.53 -52.16
CA GLY SA 108 139.05 28.12 -50.81
C GLY SA 108 139.54 26.72 -50.51
N ALA SA 109 140.43 26.59 -49.54
CA ALA SA 109 141.00 25.30 -49.17
C ALA SA 109 140.71 25.01 -47.71
N LYS SA 110 140.69 23.74 -47.36
CA LYS SA 110 140.47 23.35 -45.98
C LYS SA 110 141.06 21.96 -45.76
N GLY SA 111 141.52 21.72 -44.55
CA GLY SA 111 142.11 20.44 -44.20
C GLY SA 111 141.82 20.09 -42.76
N SER SA 112 141.84 18.79 -42.48
CA SER SA 112 141.61 18.30 -41.13
C SER SA 112 142.39 17.01 -40.93
N LYS SA 113 142.77 16.75 -39.68
CA LYS SA 113 143.55 15.58 -39.34
C LYS SA 113 143.21 15.15 -37.92
N ASN SA 114 143.06 13.84 -37.73
CA ASN SA 114 142.79 13.25 -36.42
C ASN SA 114 143.69 12.04 -36.24
N PHE SA 115 144.52 12.07 -35.21
CA PHE SA 115 145.54 11.06 -34.97
C PHE SA 115 145.42 10.56 -33.55
N ILE SA 116 145.30 9.24 -33.37
CA ILE SA 116 145.11 8.64 -32.06
C ILE SA 116 146.12 7.52 -31.88
N THR SA 117 146.75 7.47 -30.71
CA THR SA 117 147.76 6.47 -30.40
C THR SA 117 147.50 5.90 -29.01
N SER SA 118 147.72 4.59 -28.86
CA SER SA 118 147.60 3.93 -27.57
C SER SA 118 148.68 2.86 -27.44
N ALA SA 119 149.42 2.89 -26.35
CA ALA SA 119 150.47 1.91 -26.10
C ALA SA 119 150.28 1.31 -24.72
N SER SA 120 150.22 -0.01 -24.65
CA SER SA 120 150.07 -0.75 -23.39
C SER SA 120 151.27 -1.66 -23.26
N LEU SA 121 152.23 -1.25 -22.42
CA LEU SA 121 153.46 -2.00 -22.20
C LEU SA 121 153.41 -2.91 -20.99
N GLY SA 122 152.37 -2.83 -20.18
CA GLY SA 122 152.25 -3.70 -19.03
C GLY SA 122 153.39 -3.48 -18.05
N THR SA 123 154.12 -4.55 -17.73
CA THR SA 123 155.22 -4.52 -16.79
C THR SA 123 156.53 -4.68 -17.53
N VAL SA 124 157.53 -3.89 -17.18
CA VAL SA 124 158.86 -3.94 -17.76
C VAL SA 124 159.84 -4.40 -16.69
N VAL SA 125 160.63 -5.42 -17.00
CA VAL SA 125 161.62 -5.94 -16.09
C VAL SA 125 163.01 -5.64 -16.65
N LYS SA 126 164.02 -5.79 -15.79
CA LYS SA 126 165.41 -5.57 -16.17
C LYS SA 126 166.18 -6.85 -15.90
N ALA SA 127 166.98 -7.26 -16.88
CA ALA SA 127 167.80 -8.47 -16.80
C ALA SA 127 169.27 -8.08 -16.90
N GLU SA 128 170.08 -8.69 -16.05
CA GLU SA 128 171.50 -8.36 -15.96
C GLU SA 128 172.24 -9.51 -15.30
N THR SA 129 173.56 -9.51 -15.49
CA THR SA 129 174.39 -10.54 -14.89
C THR SA 129 174.28 -10.53 -13.37
N ILE SA 130 174.33 -11.71 -12.77
CA ILE SA 130 174.23 -11.81 -11.32
C ILE SA 130 175.39 -11.08 -10.65
N ASP SA 131 176.61 -11.28 -11.16
CA ASP SA 131 177.79 -10.60 -10.65
C ASP SA 131 178.57 -10.05 -11.82
N ILE SA 132 178.71 -8.73 -11.88
CA ILE SA 132 179.44 -8.09 -12.98
C ILE SA 132 180.92 -7.97 -12.67
N THR SA 133 181.28 -7.90 -11.39
CA THR SA 133 182.69 -7.76 -11.02
C THR SA 133 183.50 -8.97 -11.48
N LYS SA 134 182.96 -10.18 -11.29
CA LYS SA 134 183.67 -11.37 -11.74
C LYS SA 134 183.83 -11.37 -13.26
N VAL SA 135 182.78 -10.99 -13.98
CA VAL SA 135 182.86 -10.93 -15.44
C VAL SA 135 183.93 -9.95 -15.87
N LEU SA 136 183.97 -8.78 -15.23
CA LEU SA 136 184.98 -7.77 -15.58
C LEU SA 136 186.38 -8.28 -15.28
N ALA SA 137 186.58 -8.93 -14.14
CA ALA SA 137 187.90 -9.45 -13.80
C ALA SA 137 188.35 -10.48 -14.83
N LYS SA 138 187.48 -11.43 -15.15
CA LYS SA 138 187.83 -12.46 -16.13
C LYS SA 138 188.10 -11.86 -17.50
N VAL SA 139 187.32 -10.86 -17.90
CA VAL SA 139 187.58 -10.18 -19.18
C VAL SA 139 188.97 -9.58 -19.18
N ARG SA 140 189.30 -8.85 -18.12
CA ARG SA 140 190.61 -8.19 -18.04
C ARG SA 140 191.74 -9.20 -18.07
N THR SA 141 191.53 -10.38 -17.46
CA THR SA 141 192.59 -11.39 -17.44
C THR SA 141 192.50 -12.37 -18.61
N ALA SA 142 191.55 -12.20 -19.52
CA ALA SA 142 191.35 -13.14 -20.62
C ALA SA 142 191.69 -12.49 -21.95
N LYS SA 143 192.18 -13.30 -22.89
CA LYS SA 143 192.51 -12.86 -24.23
C LYS SA 143 191.40 -13.20 -25.22
N ALA SA 144 191.25 -12.33 -26.23
CA ALA SA 144 190.23 -12.53 -27.25
C ALA SA 144 190.61 -13.68 -28.18
N LYS SA 145 189.65 -14.09 -29.00
CA LYS SA 145 189.86 -15.18 -29.93
C LYS SA 145 190.71 -14.71 -31.11
N VAL SA 146 191.86 -15.36 -31.30
CA VAL SA 146 192.75 -14.99 -32.41
C VAL SA 146 192.08 -15.27 -33.75
N GLU SA 147 191.33 -16.37 -33.84
CA GLU SA 147 190.64 -16.71 -35.08
C GLU SA 147 189.64 -15.65 -35.49
N ASN SA 148 188.96 -15.02 -34.53
CA ASN SA 148 187.90 -14.07 -34.84
C ASN SA 148 188.44 -12.91 -35.68
N ASP SA 149 187.69 -12.55 -36.72
CA ASP SA 149 188.06 -11.47 -37.62
C ASP SA 149 187.58 -10.12 -37.15
N LEU SA 150 186.41 -10.06 -36.51
CA LEU SA 150 185.86 -8.81 -36.02
C LEU SA 150 186.81 -8.12 -35.06
N VAL SA 151 187.38 -8.89 -34.12
CA VAL SA 151 188.32 -8.32 -33.15
C VAL SA 151 189.51 -7.71 -33.85
N SER SA 152 190.07 -8.41 -34.84
CA SER SA 152 191.21 -7.89 -35.57
C SER SA 152 190.84 -6.62 -36.33
N ARG SA 153 189.66 -6.61 -36.95
CA ARG SA 153 189.21 -5.40 -37.64
C ARG SA 153 189.14 -4.22 -36.68
N VAL SA 154 188.50 -4.41 -35.53
CA VAL SA 154 188.37 -3.33 -34.56
C VAL SA 154 189.73 -2.90 -34.04
N MET SA 155 190.66 -3.84 -33.89
CA MET SA 155 192.00 -3.51 -33.42
C MET SA 155 192.73 -2.64 -34.44
N LYS SA 156 192.66 -3.01 -35.72
CA LYS SA 156 193.40 -2.26 -36.73
C LYS SA 156 192.76 -0.91 -37.01
N THR SA 157 191.43 -0.84 -36.95
CA THR SA 157 190.76 0.44 -37.18
C THR SA 157 190.75 1.27 -35.90
N LYS SA 158 190.67 2.59 -36.08
CA LYS SA 158 190.67 3.53 -34.95
C LYS SA 158 189.28 4.03 -34.60
N ARG SA 159 188.37 4.09 -35.56
CA ARG SA 159 187.01 4.57 -35.27
C ARG SA 159 186.22 3.53 -34.51
N LEU SA 160 186.35 2.25 -34.88
CA LEU SA 160 185.54 1.21 -34.29
C LEU SA 160 185.92 0.95 -32.84
N CYS SA 161 184.90 0.72 -32.01
CA CYS SA 161 185.10 0.36 -30.62
C CYS SA 161 184.16 -0.79 -30.27
N LEU SA 162 184.54 -1.57 -29.26
CA LEU SA 162 183.74 -2.70 -28.82
C LEU SA 162 182.99 -2.36 -27.54
N GLY SA 163 181.78 -2.87 -27.42
CA GLY SA 163 180.98 -2.65 -26.24
C GLY SA 163 180.26 -3.90 -25.77
N LEU SA 164 180.29 -4.17 -24.47
CA LEU SA 164 179.63 -5.32 -23.88
C LEU SA 164 178.34 -4.85 -23.22
N VAL SA 165 177.22 -5.46 -23.62
CA VAL SA 165 175.91 -5.09 -23.07
C VAL SA 165 175.77 -5.74 -21.70
N VAL SA 166 175.36 -4.94 -20.71
CA VAL SA 166 175.33 -5.39 -19.33
C VAL SA 166 173.93 -5.40 -18.71
N GLU SA 167 172.97 -4.68 -19.25
CA GLU SA 167 171.62 -4.71 -18.71
C GLU SA 167 170.62 -4.43 -19.82
N THR SA 168 169.46 -5.07 -19.73
CA THR SA 168 168.45 -4.95 -20.77
C THR SA 168 167.06 -4.87 -20.16
N ALA SA 169 166.22 -4.00 -20.72
CA ALA SA 169 164.84 -3.85 -20.28
C ALA SA 169 163.92 -4.58 -21.25
N CYS SA 170 163.12 -5.50 -20.72
CA CYS SA 170 162.26 -6.36 -21.52
C CYS SA 170 160.85 -6.38 -20.95
N VAL SA 171 159.86 -6.50 -21.83
CA VAL SA 171 158.48 -6.57 -21.41
C VAL SA 171 158.20 -7.95 -20.84
N ALA SA 172 157.56 -7.98 -19.66
CA ALA SA 172 157.24 -9.27 -19.03
C ALA SA 172 156.11 -9.98 -19.76
N ALA SA 173 155.12 -9.24 -20.23
CA ALA SA 173 153.97 -9.81 -20.91
C ALA SA 173 153.81 -9.15 -22.28
N ALA SA 174 152.78 -9.57 -23.01
CA ALA SA 174 152.56 -9.05 -24.34
C ALA SA 174 152.21 -7.56 -24.29
N GLY SA 175 152.73 -6.81 -25.24
CA GLY SA 175 152.49 -5.37 -25.33
C GLY SA 175 151.69 -5.03 -26.57
N LYS SA 176 150.72 -4.14 -26.41
CA LYS SA 176 149.78 -3.81 -27.48
C LYS SA 176 149.98 -2.37 -27.95
N LEU SA 177 150.11 -2.18 -29.25
CA LEU SA 177 150.31 -0.86 -29.84
C LEU SA 177 149.25 -0.63 -30.90
N THR SA 178 148.46 0.45 -30.75
CA THR SA 178 147.37 0.76 -31.66
C THR SA 178 147.49 2.20 -32.15
N GLU SA 179 147.24 2.40 -33.44
CA GLU SA 179 147.31 3.72 -34.07
C GLU SA 179 146.18 3.88 -35.06
N ALA SA 180 145.55 5.05 -35.05
CA ALA SA 180 144.48 5.38 -35.98
C ALA SA 180 144.71 6.76 -36.56
N ASP SA 181 144.53 6.89 -37.88
CA ASP SA 181 144.76 8.14 -38.59
C ASP SA 181 143.58 8.39 -39.51
N ASN SA 182 143.08 9.64 -39.53
CA ASN SA 182 142.01 10.03 -40.44
C ASN SA 182 142.27 11.47 -40.85
N TRP SA 183 142.61 11.70 -42.11
CA TRP SA 183 142.83 13.08 -42.54
C TRP SA 183 142.14 13.33 -43.87
N GLU SA 184 141.83 14.60 -44.12
CA GLU SA 184 140.98 15.00 -45.23
C GLU SA 184 141.40 16.36 -45.76
N ILE SA 185 141.35 16.52 -47.09
CA ILE SA 185 141.68 17.76 -47.77
C ILE SA 185 140.57 18.08 -48.75
N SER SA 186 140.09 19.33 -48.75
CA SER SA 186 139.09 19.78 -49.69
C SER SA 186 139.48 21.15 -50.22
N GLY SA 187 139.71 21.24 -51.53
CA GLY SA 187 140.14 22.48 -52.14
C GLY SA 187 139.28 22.85 -53.33
N HIS SA 188 139.19 24.16 -53.57
CA HIS SA 188 138.38 24.70 -54.65
C HIS SA 188 139.05 25.94 -55.21
N THR SA 189 139.02 26.09 -56.52
CA THR SA 189 139.66 27.20 -57.22
C THR SA 189 138.72 27.73 -58.28
N ASN SA 190 138.61 29.06 -58.37
CA ASN SA 190 137.77 29.71 -59.38
C ASN SA 190 138.57 30.87 -59.97
N ALA SA 191 138.97 30.72 -61.23
CA ALA SA 191 139.67 31.77 -61.96
C ALA SA 191 138.71 32.33 -63.00
N ASN SA 192 138.20 33.52 -62.76
CA ASN SA 192 137.27 34.20 -63.66
C ASN SA 192 138.03 35.27 -64.43
N ILE SA 193 137.99 35.18 -65.75
CA ILE SA 193 138.61 36.15 -66.64
C ILE SA 193 137.56 36.60 -67.64
N GLY SA 194 137.82 37.73 -68.30
CA GLY SA 194 136.86 38.28 -69.24
C GLY SA 194 136.46 37.31 -70.33
N GLU SA 195 137.39 36.45 -70.77
CA GLU SA 195 137.11 35.49 -71.83
C GLU SA 195 137.35 34.04 -71.39
N ALA SA 196 137.58 33.79 -70.10
CA ALA SA 196 137.84 32.45 -69.63
C ALA SA 196 137.32 32.30 -68.21
N VAL SA 197 136.70 31.14 -67.95
CA VAL SA 197 136.20 30.79 -66.62
C VAL SA 197 136.67 29.38 -66.31
N VAL SA 198 137.42 29.22 -65.21
CA VAL SA 198 137.92 27.92 -64.78
C VAL SA 198 137.43 27.66 -63.37
N THR SA 199 136.83 26.49 -63.14
CA THR SA 199 136.32 26.09 -61.83
C THR SA 199 136.80 24.68 -61.53
N ALA SA 200 137.74 24.56 -60.60
CA ALA SA 200 138.31 23.27 -60.23
C ALA SA 200 137.98 22.95 -58.77
N THR SA 201 137.83 21.67 -58.49
CA THR SA 201 137.50 21.21 -57.14
C THR SA 201 138.15 19.85 -56.93
N ALA SA 202 138.68 19.63 -55.73
CA ALA SA 202 139.31 18.35 -55.40
C ALA SA 202 139.10 18.01 -53.93
N GLU SA 203 138.59 16.81 -53.68
CA GLU SA 203 138.38 16.32 -52.32
C GLU SA 203 139.02 14.96 -52.17
N LEU SA 204 139.70 14.75 -51.05
CA LEU SA 204 140.24 13.43 -50.75
C LEU SA 204 140.33 13.24 -49.24
N ASP SA 205 140.39 11.98 -48.83
CA ASP SA 205 140.49 11.66 -47.41
C ASP SA 205 141.04 10.25 -47.26
N LYS SA 206 141.98 10.08 -46.34
CA LYS SA 206 142.64 8.81 -46.08
C LYS SA 206 142.41 8.39 -44.65
N ASN SA 207 142.15 7.09 -44.46
CA ASN SA 207 141.93 6.49 -43.15
C ASN SA 207 142.83 5.27 -43.02
N LEU SA 208 143.57 5.20 -41.91
CA LEU SA 208 144.48 4.08 -41.64
C LEU SA 208 144.32 3.63 -40.19
N SER SA 209 144.60 2.36 -39.95
CA SER SA 209 144.57 1.81 -38.60
C SER SA 209 145.53 0.63 -38.53
N ARG SA 210 146.47 0.69 -37.58
CA ARG SA 210 147.46 -0.35 -37.41
C ARG SA 210 147.49 -0.80 -35.96
N LYS SA 211 147.37 -2.11 -35.72
CA LYS SA 211 147.36 -2.66 -34.38
C LYS SA 211 148.26 -3.88 -34.34
N ILE SA 212 149.27 -3.85 -33.46
CA ILE SA 212 150.23 -4.94 -33.34
C ILE SA 212 150.39 -5.30 -31.86
N GLU SA 213 151.02 -6.45 -31.63
CA GLU SA 213 151.23 -6.97 -30.28
C GLU SA 213 152.60 -7.64 -30.21
N ILE SA 214 153.54 -7.01 -29.53
CA ILE SA 214 154.86 -7.60 -29.33
C ILE SA 214 154.78 -8.69 -28.27
N PRO SA 215 155.49 -9.79 -28.43
CA PRO SA 215 155.38 -10.91 -27.49
C PRO SA 215 156.23 -10.68 -26.25
N PRO SA 216 156.02 -11.44 -25.18
CA PRO SA 216 156.86 -11.30 -23.99
C PRO SA 216 158.32 -11.59 -24.30
N GLY SA 217 159.20 -10.85 -23.63
CA GLY SA 217 160.64 -11.02 -23.79
C GLY SA 217 161.28 -10.05 -24.75
N THR SA 218 160.50 -9.27 -25.49
CA THR SA 218 161.06 -8.32 -26.44
C THR SA 218 161.84 -7.24 -25.72
N ALA SA 219 163.08 -7.02 -26.15
CA ALA SA 219 163.93 -6.02 -25.54
C ALA SA 219 163.49 -4.62 -25.95
N LEU SA 220 163.63 -3.66 -25.02
CA LEU SA 220 163.28 -2.27 -25.27
C LEU SA 220 164.47 -1.34 -25.26
N ALA SA 221 165.39 -1.49 -24.32
CA ALA SA 221 166.53 -0.60 -24.19
C ALA SA 221 167.66 -1.33 -23.49
N TYR SA 222 168.86 -0.76 -23.57
CA TYR SA 222 170.03 -1.43 -23.05
C TYR SA 222 171.09 -0.40 -22.69
N SER SA 223 172.07 -0.85 -21.91
CA SER SA 223 173.26 -0.07 -21.58
C SER SA 223 174.48 -0.95 -21.72
N PHE SA 224 175.61 -0.35 -22.09
CA PHE SA 224 176.80 -1.14 -22.39
C PHE SA 224 178.04 -0.45 -21.84
N MET SA 225 179.10 -1.25 -21.70
CA MET SA 225 180.40 -0.78 -21.22
C MET SA 225 181.43 -0.94 -22.32
N ASP SA 226 182.32 0.04 -22.47
CA ASP SA 226 183.29 0.03 -23.54
C ASP SA 226 184.44 -0.93 -23.24
N LEU SA 227 185.14 -1.33 -24.31
CA LEU SA 227 186.28 -2.22 -24.21
C LEU SA 227 187.40 -1.70 -25.11
N GLU SA 228 188.57 -2.30 -24.95
CA GLU SA 228 189.76 -1.90 -25.71
C GLU SA 228 190.65 -3.11 -25.94
N ILE SA 229 191.00 -3.35 -27.20
CA ILE SA 229 191.88 -4.45 -27.57
C ILE SA 229 193.33 -4.02 -27.36
N LEU SA 230 194.08 -4.78 -26.57
CA LEU SA 230 195.50 -4.52 -26.42
C LEU SA 230 196.23 -4.90 -27.71
N GLU SA 231 197.55 -4.69 -27.71
CA GLU SA 231 198.38 -5.17 -28.81
C GLU SA 231 198.19 -6.66 -29.02
N ASP SA 232 198.22 -7.43 -27.93
CA ASP SA 232 197.88 -8.84 -27.96
C ASP SA 232 196.36 -9.01 -28.02
N ARG SA 233 195.92 -10.27 -27.95
CA ARG SA 233 194.49 -10.55 -27.91
C ARG SA 233 193.85 -10.14 -26.59
N SER SA 234 194.63 -9.71 -25.61
CA SER SA 234 194.10 -9.29 -24.32
C SER SA 234 193.12 -8.14 -24.47
N LEU SA 235 192.12 -8.11 -23.59
CA LEU SA 235 191.09 -7.07 -23.58
C LEU SA 235 191.15 -6.30 -22.26
N ARG SA 236 190.82 -5.01 -22.34
CA ARG SA 236 190.79 -4.14 -21.17
C ARG SA 236 189.51 -3.34 -21.19
N VAL SA 237 189.12 -2.85 -20.02
CA VAL SA 237 187.91 -2.03 -19.90
C VAL SA 237 188.34 -0.57 -19.83
N SER SA 238 187.56 0.30 -20.46
CA SER SA 238 187.87 1.71 -20.56
C SER SA 238 186.73 2.54 -20.02
N SER SA 239 187.05 3.61 -19.30
CA SER SA 239 186.06 4.47 -18.66
C SER SA 239 186.33 5.91 -19.05
N SER SA 240 185.39 6.52 -19.75
CA SER SA 240 185.46 7.95 -20.06
C SER SA 240 185.05 8.74 -18.82
N ALA SA 241 186.03 9.37 -18.18
CA ALA SA 241 185.82 10.11 -16.93
C ALA SA 241 185.23 9.20 -15.85
N GLY SA 242 185.59 7.92 -15.87
CA GLY SA 242 185.12 6.97 -14.89
C GLY SA 242 183.65 6.60 -14.99
N ALA SA 243 183.02 6.84 -16.15
CA ALA SA 243 181.60 6.55 -16.29
C ALA SA 243 181.34 5.04 -16.22
N MET SA 244 182.05 4.26 -17.03
CA MET SA 244 181.86 2.81 -17.14
C MET SA 244 180.42 2.44 -17.52
N PHE SA 245 179.66 3.39 -18.04
CA PHE SA 245 178.29 3.14 -18.51
C PHE SA 245 178.04 4.08 -19.67
N ASP SA 246 178.13 3.55 -20.88
CA ASP SA 246 178.01 4.37 -22.08
C ASP SA 246 176.59 4.24 -22.63
N SER SA 247 175.97 5.39 -22.91
CA SER SA 247 174.62 5.44 -23.46
C SER SA 247 174.61 5.89 -24.91
N GLY SA 248 175.74 5.79 -25.60
CA GLY SA 248 175.82 6.25 -26.97
C GLY SA 248 175.58 7.74 -27.12
N LYS SA 249 176.09 8.52 -26.18
CA LYS SA 249 175.91 9.97 -26.18
C LYS SA 249 177.16 10.67 -26.68
N ALA SA 250 176.97 11.84 -27.27
CA ALA SA 250 178.09 12.64 -27.74
C ALA SA 250 178.91 13.15 -26.56
N GLU SA 251 180.21 13.35 -26.80
CA GLU SA 251 181.08 13.82 -25.74
C GLU SA 251 180.68 15.20 -25.25
N SER SA 252 180.31 16.09 -26.19
CA SER SA 252 179.88 17.45 -25.87
C SER SA 252 180.94 18.20 -25.06
CA ARG TA 3 160.05 17.09 -17.06
C ARG TA 3 159.49 15.72 -16.70
N PRO TA 4 160.39 14.74 -16.55
CA PRO TA 4 159.94 13.39 -16.19
C PRO TA 4 159.22 13.38 -14.85
N MET TA 5 158.19 12.53 -14.76
CA MET TA 5 157.43 12.44 -13.52
C MET TA 5 158.30 11.95 -12.37
N PHE TA 6 159.20 11.00 -12.64
CA PHE TA 6 160.07 10.51 -11.59
C PHE TA 6 160.97 11.63 -11.06
N ALA TA 7 161.52 12.45 -11.97
CA ALA TA 7 162.36 13.56 -11.52
C ALA TA 7 161.55 14.58 -10.73
N VAL TA 8 160.32 14.87 -11.17
CA VAL TA 8 159.48 15.82 -10.45
C VAL TA 8 159.17 15.29 -9.05
N ALA TA 9 158.82 14.01 -8.94
CA ALA TA 9 158.51 13.44 -7.65
C ALA TA 9 159.74 13.42 -6.74
N VAL TA 10 160.91 13.13 -7.31
CA VAL TA 10 162.14 13.14 -6.53
C VAL TA 10 162.42 14.54 -5.98
N ASN TA 11 162.24 15.56 -6.83
CA ASN TA 11 162.43 16.94 -6.37
C ASN TA 11 161.44 17.31 -5.28
N GLU TA 12 160.17 16.91 -5.44
CA GLU TA 12 159.18 17.19 -4.41
C GLU TA 12 159.55 16.54 -3.09
N PHE TA 13 159.96 15.28 -3.14
CA PHE TA 13 160.34 14.57 -1.91
C PHE TA 13 161.55 15.22 -1.26
N ILE TA 14 162.57 15.55 -2.06
CA ILE TA 14 163.80 16.10 -1.48
C ILE TA 14 163.54 17.49 -0.92
N ARG TA 15 162.60 18.25 -1.50
CA ARG TA 15 162.25 19.54 -0.92
C ARG TA 15 161.49 19.36 0.38
N SER TA 16 160.49 18.48 0.39
CA SER TA 16 159.68 18.30 1.59
C SER TA 16 160.52 17.77 2.76
N ALA TA 17 161.40 16.81 2.49
CA ALA TA 17 162.24 16.22 3.51
C ALA TA 17 163.67 16.16 3.00
N GLY TA 18 164.63 16.54 3.86
CA GLY TA 18 166.03 16.46 3.50
C GLY TA 18 166.45 17.38 2.37
N GLN TA 19 166.04 18.65 2.43
CA GLN TA 19 166.44 19.60 1.40
C GLN TA 19 167.96 19.78 1.39
N ASP TA 20 168.61 19.57 2.51
CA ASP TA 20 170.06 19.63 2.61
C ASP TA 20 170.62 18.22 2.81
N SER TA 21 171.86 18.02 2.35
CA SER TA 21 172.57 16.75 2.49
C SER TA 21 171.80 15.61 1.85
N LEU TA 22 171.36 15.82 0.61
CA LEU TA 22 170.62 14.80 -0.12
C LEU TA 22 170.74 15.08 -1.61
N CYS TA 23 170.97 14.03 -2.40
CA CYS TA 23 171.15 14.14 -3.84
C CYS TA 23 170.05 13.34 -4.54
N GLY TA 24 169.39 13.98 -5.51
CA GLY TA 24 168.36 13.31 -6.26
C GLY TA 24 168.90 12.20 -7.13
N VAL TA 25 168.03 11.24 -7.44
CA VAL TA 25 168.38 10.11 -8.29
C VAL TA 25 168.09 10.48 -9.74
N PRO TA 26 169.04 10.27 -10.66
CA PRO TA 26 168.82 10.71 -12.05
C PRO TA 26 167.66 10.03 -12.74
N ASP TA 27 167.53 8.71 -12.59
CA ASP TA 27 166.48 7.98 -13.30
C ASP TA 27 166.19 6.67 -12.61
N ILE TA 28 165.05 6.06 -12.96
CA ILE TA 28 164.62 4.82 -12.33
C ILE TA 28 165.61 3.71 -12.62
N ASN TA 29 166.13 3.65 -13.85
CA ASN TA 29 167.05 2.59 -14.22
C ASN TA 29 168.31 2.62 -13.37
N SER TA 30 168.87 3.81 -13.15
CA SER TA 30 170.09 3.95 -12.39
C SER TA 30 169.84 4.14 -10.90
N SER TA 31 168.57 4.11 -10.47
CA SER TA 31 168.28 4.25 -9.04
C SER TA 31 168.91 3.13 -8.23
N GLY TA 32 168.97 1.91 -8.79
CA GLY TA 32 169.49 0.78 -8.04
C GLY TA 32 170.98 0.78 -7.84
N ASP TA 33 171.71 1.69 -8.49
CA ASP TA 33 173.15 1.77 -8.36
C ASP TA 33 173.60 2.72 -7.26
N PHE TA 34 172.66 3.31 -6.52
CA PHE TA 34 172.98 4.27 -5.46
C PHE TA 34 172.58 3.73 -4.10
N MET TA 35 172.66 2.43 -3.90
CA MET TA 35 172.44 1.83 -2.60
C MET TA 35 173.66 2.05 -1.71
N PRO TA 36 173.52 1.89 -0.39
CA PRO TA 36 174.64 2.13 0.51
C PRO TA 36 175.83 1.24 0.19
N LEU TA 37 177.03 1.77 0.47
CA LEU TA 37 178.30 1.09 0.22
C LEU TA 37 178.54 0.88 -1.27
N HIS TA 38 178.30 1.94 -2.05
CA HIS TA 38 178.58 1.96 -3.47
C HIS TA 38 179.55 3.09 -3.78
N ILE TA 39 180.43 2.86 -4.75
CA ILE TA 39 181.42 3.84 -5.18
C ILE TA 39 180.84 4.66 -6.31
N ILE TA 40 181.01 5.99 -6.24
CA ILE TA 40 180.61 6.90 -7.30
C ILE TA 40 181.77 7.82 -7.60
N VAL TA 41 181.74 8.43 -8.79
CA VAL TA 41 182.79 9.32 -9.25
C VAL TA 41 182.22 10.72 -9.36
N LYS TA 42 182.96 11.70 -8.85
CA LYS TA 42 182.55 13.10 -8.89
C LYS TA 42 183.52 13.87 -9.79
N GLU TA 43 182.96 14.65 -10.71
CA GLU TA 43 183.72 15.46 -11.65
C GLU TA 43 183.42 16.92 -11.41
N VAL TA 44 184.47 17.73 -11.30
CA VAL TA 44 184.35 19.15 -11.03
C VAL TA 44 183.82 19.87 -12.27
N PRO TA 45 183.13 21.00 -12.11
CA PRO TA 45 182.61 21.71 -13.30
C PRO TA 45 183.67 22.15 -14.28
N LYS TA 46 184.86 22.51 -13.78
CA LYS TA 46 186.02 22.98 -14.55
C LYS TA 46 185.81 24.35 -15.17
N VAL TA 47 184.63 24.96 -15.01
CA VAL TA 47 184.36 26.28 -15.55
C VAL TA 47 184.08 27.24 -14.40
N LEU TA 48 183.05 26.94 -13.62
CA LEU TA 48 182.67 27.71 -12.44
C LEU TA 48 182.49 26.74 -11.28
N PRO TA 49 183.59 26.21 -10.73
CA PRO TA 49 183.47 25.20 -9.67
C PRO TA 49 182.69 25.68 -8.46
N CYS TA 50 182.84 26.95 -8.08
CA CYS TA 50 182.13 27.48 -6.93
C CYS TA 50 180.70 27.92 -7.26
N CYS TA 51 180.32 27.95 -8.53
CA CYS TA 51 179.00 28.38 -8.93
C CYS TA 51 178.13 27.27 -9.52
N ARG TA 52 178.73 26.14 -9.90
CA ARG TA 52 178.00 25.05 -10.53
C ARG TA 52 178.20 23.77 -9.74
N ARG TA 53 177.14 22.99 -9.59
CA ARG TA 53 177.23 21.73 -8.88
C ARG TA 53 177.98 20.70 -9.73
N PRO TA 54 178.75 19.82 -9.09
CA PRO TA 54 179.55 18.85 -9.85
C PRO TA 54 178.70 17.78 -10.53
N LYS TA 55 179.36 16.89 -11.28
CA LYS TA 55 178.70 15.83 -12.01
C LYS TA 55 178.98 14.48 -11.35
N ILE TA 56 177.93 13.70 -11.13
CA ILE TA 56 178.03 12.44 -10.40
C ILE TA 56 177.82 11.29 -11.38
N LYS TA 57 178.75 10.33 -11.38
CA LYS TA 57 178.73 9.19 -12.27
C LYS TA 57 178.68 7.91 -11.45
N ARG TA 58 177.76 7.02 -11.79
CA ARG TA 58 177.63 5.74 -11.11
C ARG TA 58 178.66 4.76 -11.64
N THR TA 59 179.07 3.84 -10.77
CA THR TA 59 180.01 2.79 -11.13
C THR TA 59 179.51 1.45 -10.63
N PRO TA 60 179.86 0.35 -11.32
CA PRO TA 60 179.43 -0.99 -10.89
C PRO TA 60 180.41 -1.61 -9.90
N TYR TA 61 180.63 -0.92 -8.78
CA TYR TA 61 181.58 -1.38 -7.77
C TYR TA 61 181.00 -1.17 -6.38
N THR TA 62 181.37 -2.06 -5.47
CA THR TA 62 181.13 -1.90 -4.05
C THR TA 62 182.44 -1.69 -3.32
N LEU TA 63 182.34 -1.35 -2.03
CA LEU TA 63 183.53 -1.09 -1.25
C LEU TA 63 184.42 -2.31 -1.15
N ASN TA 64 183.83 -3.49 -0.92
CA ASN TA 64 184.62 -4.71 -0.78
C ASN TA 64 185.31 -5.07 -2.09
N ASP TA 65 184.65 -4.82 -3.23
CA ASP TA 65 185.28 -5.09 -4.51
C ASP TA 65 186.41 -4.10 -4.78
N ILE TA 66 186.21 -2.82 -4.46
CA ILE TA 66 187.22 -1.82 -4.76
C ILE TA 66 188.41 -1.94 -3.82
N LEU TA 67 188.21 -2.52 -2.64
CA LEU TA 67 189.28 -2.63 -1.65
C LEU TA 67 189.87 -4.02 -1.64
N ASP TA 68 191.20 -4.09 -1.50
CA ASP TA 68 191.87 -5.36 -1.33
C ASP TA 68 191.43 -6.04 -0.04
N GLU TA 69 191.30 -5.28 1.04
CA GLU TA 69 190.88 -5.82 2.32
C GLU TA 69 189.39 -5.58 2.50
N PRO TA 70 188.58 -6.63 2.74
CA PRO TA 70 187.14 -6.43 2.90
C PRO TA 70 186.79 -5.73 4.20
N CYS TA 71 185.59 -5.17 4.22
CA CYS TA 71 185.04 -4.45 5.36
C CYS TA 71 183.65 -5.01 5.65
N PRO TA 72 183.18 -4.88 6.90
CA PRO TA 72 181.80 -5.29 7.20
C PRO TA 72 180.81 -4.48 6.37
N ASN TA 73 179.72 -5.14 5.96
CA ASN TA 73 178.78 -4.53 5.03
C ASN TA 73 177.32 -4.71 5.45
N GLN TA 74 177.05 -5.09 6.69
CA GLN TA 74 175.68 -5.26 7.12
C GLN TA 74 174.94 -3.93 7.12
N LEU TA 75 173.64 -3.98 6.84
CA LEU TA 75 172.81 -2.79 6.71
C LEU TA 75 171.62 -2.86 7.65
N LYS TA 76 170.93 -1.73 7.78
CA LYS TA 76 169.71 -1.64 8.57
C LYS TA 76 168.85 -0.52 7.99
N SER TA 77 167.54 -0.64 8.18
CA SER TA 77 166.60 0.32 7.64
C SER TA 77 165.62 0.75 8.72
N SER TA 78 165.14 1.99 8.59
CA SER TA 78 164.18 2.55 9.52
C SER TA 78 163.35 3.61 8.82
N ASP TA 79 162.16 3.86 9.34
CA ASP TA 79 161.25 4.80 8.70
C ASP TA 79 161.80 6.22 8.73
N LEU TA 80 161.51 6.96 7.67
CA LEU TA 80 161.96 8.35 7.54
C LEU TA 80 160.82 9.34 7.47
N VAL TA 81 159.87 9.15 6.56
CA VAL TA 81 158.73 10.06 6.39
C VAL TA 81 157.59 9.27 5.77
N THR TA 82 156.38 9.80 5.91
CA THR TA 82 155.18 9.13 5.44
C THR TA 82 154.25 10.16 4.80
N PHE TA 83 154.00 10.03 3.51
CA PHE TA 83 153.06 10.89 2.79
C PHE TA 83 151.68 10.27 2.89
N THR TA 84 150.86 10.79 3.80
CA THR TA 84 149.55 10.19 4.05
C THR TA 84 148.62 10.35 2.85
N GLU TA 85 148.70 11.48 2.15
CA GLU TA 85 147.85 11.73 1.00
C GLU TA 85 148.69 12.11 -0.21
N PRO TA 86 148.20 11.83 -1.41
CA PRO TA 86 149.00 12.13 -2.60
C PRO TA 86 149.24 13.62 -2.78
N LEU TA 87 150.43 13.95 -3.27
CA LEU TA 87 150.73 15.32 -3.69
C LEU TA 87 149.99 15.61 -4.98
N VAL TA 88 149.09 16.59 -4.95
CA VAL TA 88 148.21 16.92 -6.07
C VAL TA 88 148.52 18.33 -6.52
N SER TA 89 148.69 18.52 -7.83
CA SER TA 89 148.98 19.82 -8.41
C SER TA 89 148.07 20.06 -9.60
N ASN TA 90 147.53 21.27 -9.70
CA ASN TA 90 146.67 21.67 -10.80
C ASN TA 90 147.12 23.02 -11.33
N VAL TA 91 147.22 23.14 -12.65
CA VAL TA 91 147.53 24.40 -13.32
C VAL TA 91 146.52 24.58 -14.44
N LYS TA 92 145.95 25.77 -14.54
CA LYS TA 92 144.95 26.05 -15.57
C LYS TA 92 145.18 27.46 -16.08
N ALA TA 93 145.57 27.57 -17.34
CA ALA TA 93 145.84 28.87 -17.97
C ALA TA 93 144.93 29.05 -19.18
N SER TA 94 144.55 30.29 -19.43
CA SER TA 94 143.73 30.62 -20.60
C SER TA 94 143.98 32.07 -20.98
N SER TA 95 144.25 32.32 -22.25
CA SER TA 95 144.58 33.66 -22.72
C SER TA 95 143.97 33.88 -24.10
N SER TA 96 143.77 35.16 -24.43
CA SER TA 96 143.23 35.55 -25.72
C SER TA 96 143.85 36.88 -26.13
N ILE TA 97 144.15 37.01 -27.42
CA ILE TA 97 144.76 38.20 -27.98
C ILE TA 97 143.95 38.65 -29.18
N GLY TA 98 143.69 39.95 -29.28
CA GLY TA 98 143.00 40.50 -30.44
C GLY TA 98 143.68 41.75 -30.96
N LEU TA 99 144.13 41.71 -32.22
CA LEU TA 99 144.83 42.83 -32.84
C LEU TA 99 144.03 43.30 -34.05
N GLN TA 100 143.88 44.62 -34.17
CA GLN TA 100 143.19 45.20 -35.30
C GLN TA 100 143.97 46.41 -35.80
N ILE TA 101 144.24 46.45 -37.10
CA ILE TA 101 144.87 47.59 -37.76
C ILE TA 101 143.86 48.12 -38.77
N LEU TA 102 143.15 49.19 -38.40
CA LEU TA 102 142.18 49.88 -39.24
C LEU TA 102 141.16 48.86 -39.72
N LYS TA 103 140.80 48.83 -41.00
CA LYS TA 103 140.00 47.76 -41.59
C LYS TA 103 140.84 46.89 -42.51
N HIS TA 104 142.17 46.88 -42.31
CA HIS TA 104 143.09 46.14 -43.15
C HIS TA 104 143.63 44.87 -42.50
N PHE TA 105 143.82 44.87 -41.17
CA PHE TA 105 144.33 43.69 -40.49
C PHE TA 105 143.44 43.37 -39.29
N ASP TA 106 143.15 42.09 -39.10
CA ASP TA 106 142.33 41.66 -37.96
C ASP TA 106 142.72 40.24 -37.58
N SER TA 107 143.41 40.08 -36.45
CA SER TA 107 143.85 38.78 -35.99
C SER TA 107 143.28 38.50 -34.60
N GLY TA 108 142.79 37.28 -34.40
CA GLY TA 108 142.32 36.86 -33.10
C GLY TA 108 142.85 35.49 -32.73
N ALA TA 109 143.62 35.42 -31.65
CA ALA TA 109 144.21 34.17 -31.20
C ALA TA 109 143.75 33.87 -29.79
N LYS TA 110 143.77 32.60 -29.42
CA LYS TA 110 143.41 32.20 -28.07
C LYS TA 110 144.05 30.85 -27.77
N GLY TA 111 144.36 30.65 -26.50
CA GLY TA 111 144.99 29.41 -26.07
C GLY TA 111 144.54 29.04 -24.68
N SER TA 112 144.60 27.75 -24.38
CA SER TA 112 144.24 27.25 -23.06
C SER TA 112 145.07 26.01 -22.75
N LYS TA 113 145.29 25.78 -21.47
CA LYS TA 113 146.10 24.67 -21.01
C LYS TA 113 145.62 24.21 -19.65
N ASN TA 114 145.53 22.90 -19.45
CA ASN TA 114 145.13 22.30 -18.19
C ASN TA 114 146.06 21.15 -17.88
N PHE TA 115 146.76 21.25 -16.75
CA PHE TA 115 147.80 20.30 -16.37
C PHE TA 115 147.53 19.80 -14.96
N ILE TA 116 147.49 18.48 -14.79
CA ILE TA 116 147.17 17.86 -13.51
C ILE TA 116 148.21 16.81 -13.19
N THR TA 117 148.69 16.81 -11.95
CA THR TA 117 149.71 15.88 -11.51
C THR TA 117 149.32 15.29 -10.15
N SER TA 118 149.60 14.01 -9.96
CA SER TA 118 149.35 13.34 -8.68
C SER TA 118 150.47 12.34 -8.42
N ALA TA 119 151.06 12.42 -7.23
CA ALA TA 119 152.14 11.52 -6.84
C ALA TA 119 151.82 10.91 -5.48
N SER TA 120 151.82 9.58 -5.42
CA SER TA 120 151.56 8.84 -4.18
C SER TA 120 152.80 8.01 -3.88
N LEU TA 121 153.61 8.49 -2.94
CA LEU TA 121 154.85 7.82 -2.56
C LEU TA 121 154.70 6.91 -1.36
N GLY TA 122 153.56 6.92 -0.68
CA GLY TA 122 153.36 6.05 0.46
C GLY TA 122 154.34 6.35 1.57
N THR TA 123 155.09 5.33 1.99
CA THR TA 123 156.07 5.44 3.07
C THR TA 123 157.47 5.36 2.50
N VAL TA 124 158.35 6.22 2.97
CA VAL TA 124 159.75 6.24 2.56
C VAL TA 124 160.62 5.85 3.75
N VAL TA 125 161.50 4.88 3.56
CA VAL TA 125 162.41 4.43 4.59
C VAL TA 125 163.83 4.82 4.21
N LYS TA 126 164.73 4.74 5.18
CA LYS TA 126 166.14 5.04 4.98
C LYS TA 126 166.96 3.82 5.37
N ALA TA 127 167.90 3.46 4.49
CA ALA TA 127 168.76 2.31 4.70
C ALA TA 127 170.21 2.79 4.77
N GLU TA 128 170.94 2.24 5.74
CA GLU TA 128 172.31 2.66 6.00
C GLU TA 128 173.04 1.56 6.76
N THR TA 129 174.37 1.64 6.74
CA THR TA 129 175.19 0.67 7.44
C THR TA 129 174.88 0.68 8.94
N ILE TA 130 174.92 -0.49 9.55
CA ILE TA 130 174.65 -0.59 10.99
C ILE TA 130 175.67 0.21 11.78
N ASP TA 131 176.94 0.09 11.43
CA ASP TA 131 178.01 0.84 12.09
C ASP TA 131 178.90 1.43 11.01
N ILE TA 132 178.95 2.76 10.96
CA ILE TA 132 179.78 3.44 9.95
C ILE TA 132 181.21 3.66 10.45
N THR TA 133 181.39 3.77 11.76
CA THR TA 133 182.73 3.99 12.30
C THR TA 133 183.67 2.84 11.98
N LYS TA 134 183.19 1.60 12.10
CA LYS TA 134 184.00 0.45 11.75
C LYS TA 134 184.37 0.45 10.27
N VAL TA 135 183.40 0.76 9.42
CA VAL TA 135 183.66 0.82 7.98
C VAL TA 135 184.72 1.87 7.68
N LEU TA 136 184.59 3.05 8.31
CA LEU TA 136 185.57 4.11 8.08
C LEU TA 136 186.95 3.69 8.55
N ALA TA 137 187.04 3.07 9.72
CA ALA TA 137 188.34 2.63 10.23
C ALA TA 137 188.99 1.63 9.28
N LYS TA 138 188.22 0.63 8.86
CA LYS TA 138 188.76 -0.38 7.94
C LYS TA 138 189.17 0.23 6.61
N VAL TA 139 188.39 1.18 6.10
CA VAL TA 139 188.76 1.86 4.86
C VAL TA 139 190.10 2.56 5.03
N ARG TA 140 190.25 3.31 6.12
CA ARG TA 140 191.49 4.04 6.34
C ARG TA 140 192.67 3.11 6.47
N THR TA 141 192.47 1.93 7.07
CA THR TA 141 193.57 0.99 7.24
C THR TA 141 193.71 0.00 6.07
N ALA TA 142 192.86 0.10 5.04
CA ALA TA 142 192.85 -0.86 3.94
C ALA TA 142 193.33 -0.19 2.66
N LYS TA 143 193.97 -0.97 1.80
CA LYS TA 143 194.46 -0.51 0.51
C LYS TA 143 193.51 -0.92 -0.61
N ALA TA 144 193.43 -0.07 -1.64
CA ALA TA 144 192.56 -0.34 -2.78
C ALA TA 144 193.13 -1.47 -3.64
N LYS TA 145 192.30 -1.93 -4.57
CA LYS TA 145 192.70 -3.02 -5.46
C LYS TA 145 193.67 -2.50 -6.53
N VAL TA 146 194.87 -3.07 -6.56
CA VAL TA 146 195.87 -2.65 -7.55
C VAL TA 146 195.38 -2.97 -8.96
N GLU TA 147 194.73 -4.12 -9.13
CA GLU TA 147 194.23 -4.51 -10.45
C GLU TA 147 193.22 -3.51 -10.99
N ASN TA 148 192.39 -2.93 -10.12
CA ASN TA 148 191.32 -2.04 -10.59
C ASN TA 148 191.88 -0.86 -11.36
N ASP TA 149 191.24 -0.55 -12.49
CA ASP TA 149 191.66 0.54 -13.36
C ASP TA 149 191.04 1.87 -12.96
N LEU TA 150 189.80 1.84 -12.49
CA LEU TA 150 189.11 3.07 -12.08
C LEU TA 150 189.89 3.82 -11.01
N VAL TA 151 190.38 3.08 -10.00
CA VAL TA 151 191.15 3.72 -8.92
C VAL TA 151 192.38 4.41 -9.47
N SER TA 152 193.10 3.74 -10.37
CA SER TA 152 194.30 4.33 -10.97
C SER TA 152 193.94 5.57 -11.77
N ARG TA 153 192.86 5.51 -12.54
CA ARG TA 153 192.41 6.67 -13.30
C ARG TA 153 192.14 7.85 -12.38
N VAL TA 154 191.38 7.62 -11.31
CA VAL TA 154 191.05 8.70 -10.37
C VAL TA 154 192.32 9.21 -9.69
N MET TA 155 193.28 8.34 -9.40
CA MET TA 155 194.53 8.76 -8.78
C MET TA 155 195.32 9.67 -9.71
N LYS TA 156 195.44 9.29 -10.98
CA LYS TA 156 196.25 10.08 -11.90
C LYS TA 156 195.57 11.39 -12.27
N THR TA 157 194.25 11.38 -12.38
CA THR TA 157 193.52 12.60 -12.71
C THR TA 157 193.29 13.44 -11.45
N LYS TA 158 193.16 14.75 -11.65
CA LYS TA 158 192.95 15.69 -10.55
C LYS TA 158 191.50 16.11 -10.37
N ARG TA 159 190.71 16.10 -11.46
CA ARG TA 159 189.31 16.49 -11.33
C ARG TA 159 188.49 15.41 -10.67
N LEU TA 160 188.76 14.14 -11.01
CA LEU TA 160 187.94 13.05 -10.52
C LEU TA 160 188.15 12.82 -9.02
N CYS TA 161 187.06 12.53 -8.33
CA CYS TA 161 187.09 12.19 -6.92
C CYS TA 161 186.19 10.98 -6.67
N LEU TA 162 186.49 10.23 -5.62
CA LEU TA 162 185.71 9.04 -5.28
C LEU TA 162 184.78 9.34 -4.11
N GLY TA 163 183.59 8.76 -4.14
CA GLY TA 163 182.65 8.93 -3.06
C GLY TA 163 181.95 7.64 -2.67
N LEU TA 164 181.83 7.38 -1.37
CA LEU TA 164 181.18 6.19 -0.86
C LEU TA 164 179.78 6.58 -0.38
N VAL TA 165 178.77 5.90 -0.91
CA VAL TA 165 177.39 6.18 -0.53
C VAL TA 165 177.10 5.53 0.82
N VAL TA 166 176.51 6.30 1.73
CA VAL TA 166 176.34 5.85 3.11
C VAL TA 166 174.89 5.75 3.54
N GLU TA 167 173.95 6.42 2.88
CA GLU TA 167 172.55 6.30 3.24
C GLU TA 167 171.68 6.51 2.01
N THR TA 168 170.56 5.79 1.96
CA THR TA 168 169.69 5.84 0.79
C THR TA 168 168.23 5.84 1.22
N ALA TA 169 167.42 6.65 0.56
CA ALA TA 169 165.98 6.72 0.82
C ALA TA 169 165.25 5.92 -0.25
N CYS TA 170 164.44 4.95 0.18
CA CYS TA 170 163.75 4.04 -0.71
C CYS TA 170 162.29 3.93 -0.32
N VAL TA 171 161.43 3.74 -1.33
CA VAL TA 171 160.00 3.59 -1.08
C VAL TA 171 159.74 2.19 -0.53
N ALA TA 172 158.97 2.12 0.56
CA ALA TA 172 158.65 0.82 1.16
C ALA TA 172 157.68 0.03 0.30
N ALA TA 173 156.70 0.71 -0.30
CA ALA TA 173 155.69 0.06 -1.12
C ALA TA 173 155.66 0.70 -2.50
N ALA TA 174 154.76 0.21 -3.35
CA ALA TA 174 154.67 0.72 -4.72
C ALA TA 174 154.22 2.18 -4.72
N GLY TA 175 154.82 2.96 -5.61
CA GLY TA 175 154.51 4.38 -5.74
C GLY TA 175 153.85 4.67 -7.07
N LYS TA 176 152.80 5.50 -7.05
CA LYS TA 176 151.99 5.76 -8.23
C LYS TA 176 152.16 7.21 -8.69
N LEU TA 177 152.44 7.40 -9.97
CA LEU TA 177 152.63 8.72 -10.54
C LEU TA 177 151.70 8.88 -11.74
N THR TA 178 150.83 9.91 -11.69
CA THR TA 178 149.84 10.15 -12.74
C THR TA 178 149.94 11.59 -13.23
N GLU TA 179 149.84 11.77 -14.54
CA GLU TA 179 149.91 13.09 -15.16
C GLU TA 179 148.91 13.17 -16.30
N ALA TA 180 148.21 14.31 -16.38
CA ALA TA 180 147.24 14.56 -17.44
C ALA TA 180 147.46 15.95 -18.00
N ASP TA 181 147.43 16.07 -19.33
CA ASP TA 181 147.67 17.32 -20.03
C ASP TA 181 146.61 17.49 -21.10
N ASN TA 182 146.04 18.70 -21.19
CA ASN TA 182 145.07 19.03 -22.23
C ASN TA 182 145.28 20.48 -22.62
N TRP TA 183 145.77 20.73 -23.84
CA TRP TA 183 145.96 22.11 -24.25
C TRP TA 183 145.43 22.32 -25.65
N GLU TA 184 145.07 23.57 -25.96
CA GLU TA 184 144.35 23.91 -27.17
C GLU TA 184 144.74 25.29 -27.65
N ILE TA 185 144.85 25.44 -28.98
CA ILE TA 185 145.19 26.70 -29.63
C ILE TA 185 144.19 26.94 -30.75
N SER TA 186 143.64 28.15 -30.82
CA SER TA 186 142.73 28.54 -31.89
C SER TA 186 143.10 29.93 -32.39
N GLY TA 187 143.49 30.03 -33.66
CA GLY TA 187 143.92 31.29 -34.22
C GLY TA 187 143.20 31.60 -35.51
N HIS TA 188 143.05 32.90 -35.77
CA HIS TA 188 142.36 33.39 -36.96
C HIS TA 188 143.01 34.67 -37.44
N THR TA 189 143.14 34.80 -38.75
CA THR TA 189 143.79 35.96 -39.37
C THR TA 189 142.97 36.42 -40.55
N ASN TA 190 142.77 37.74 -40.67
CA ASN TA 190 142.03 38.34 -41.77
C ASN TA 190 142.83 39.54 -42.28
N ALA TA 191 143.39 39.41 -43.47
CA ALA TA 191 144.12 40.49 -44.12
C ALA TA 191 143.26 40.99 -45.29
N ASN TA 192 142.64 42.15 -45.12
CA ASN TA 192 141.80 42.77 -46.14
C ASN TA 192 142.58 43.88 -46.82
N ILE TA 193 142.72 43.78 -48.14
CA ILE TA 193 143.38 44.79 -48.95
C ILE TA 193 142.44 45.16 -50.08
N GLY TA 194 142.71 46.30 -50.72
CA GLY TA 194 141.84 46.78 -51.78
C GLY TA 194 141.64 45.79 -52.90
N GLU TA 195 142.67 44.99 -53.21
CA GLU TA 195 142.58 44.01 -54.28
C GLU TA 195 142.87 42.59 -53.79
N ALA TA 196 142.95 42.36 -52.48
CA ALA TA 196 143.24 41.03 -51.97
C ALA TA 196 142.54 40.85 -50.63
N VAL TA 197 141.96 39.66 -50.43
CA VAL TA 197 141.33 39.28 -49.17
C VAL TA 197 141.85 37.91 -48.79
N VAL TA 198 142.45 37.80 -47.60
CA VAL TA 198 142.98 36.54 -47.10
C VAL TA 198 142.33 36.24 -45.76
N THR TA 199 141.79 35.04 -45.60
CA THR TA 199 141.14 34.62 -44.36
C THR TA 199 141.66 33.24 -43.98
N ALA TA 200 142.48 33.18 -42.95
CA ALA TA 200 143.08 31.94 -42.49
C ALA TA 200 142.60 31.60 -41.08
N THR TA 201 142.49 30.31 -40.80
CA THR TA 201 142.02 29.84 -39.50
C THR TA 201 142.72 28.52 -39.19
N ALA TA 202 143.10 28.34 -37.93
CA ALA TA 202 143.77 27.10 -37.51
C ALA TA 202 143.39 26.76 -36.08
N GLU TA 203 142.94 25.52 -35.88
CA GLU TA 203 142.58 25.03 -34.55
C GLU TA 203 143.29 23.71 -34.31
N LEU TA 204 143.83 23.55 -33.10
CA LEU TA 204 144.41 22.27 -32.72
C LEU TA 204 144.32 22.09 -31.21
N ASP TA 205 144.40 20.84 -30.78
CA ASP TA 205 144.35 20.53 -29.35
C ASP TA 205 144.96 19.16 -29.12
N LYS TA 206 145.78 19.05 -28.09
CA LYS TA 206 146.49 17.83 -27.74
C LYS TA 206 146.10 17.40 -26.33
N ASN TA 207 145.90 16.09 -26.16
CA ASN TA 207 145.57 15.48 -24.88
C ASN TA 207 146.51 14.32 -24.63
N LEU TA 208 147.11 14.30 -23.45
CA LEU TA 208 148.04 13.25 -23.04
C LEU TA 208 147.73 12.79 -21.63
N SER TA 209 148.06 11.54 -21.33
CA SER TA 209 147.89 10.99 -19.99
C SER TA 209 148.91 9.88 -19.78
N ARG TA 210 149.71 10.00 -18.72
CA ARG TA 210 150.75 9.03 -18.41
C ARG TA 210 150.60 8.59 -16.97
N LYS TA 211 150.55 7.27 -16.74
CA LYS TA 211 150.40 6.73 -15.39
C LYS TA 211 151.36 5.56 -15.22
N ILE TA 212 152.25 5.67 -14.22
CA ILE TA 212 153.25 4.64 -13.97
C ILE TA 212 153.25 4.30 -12.49
N GLU TA 213 153.92 3.19 -12.16
CA GLU TA 213 153.99 2.69 -10.79
C GLU TA 213 155.37 2.11 -10.54
N ILE TA 214 156.18 2.80 -9.76
CA ILE TA 214 157.50 2.30 -9.38
C ILE TA 214 157.35 1.21 -8.32
N PRO TA 215 158.15 0.15 -8.38
CA PRO TA 215 157.98 -0.96 -7.45
C PRO TA 215 158.66 -0.68 -6.11
N PRO TA 216 158.36 -1.45 -5.08
CA PRO TA 216 159.04 -1.26 -3.80
C PRO TA 216 160.54 -1.45 -3.91
N GLY TA 217 161.28 -0.65 -3.13
CA GLY TA 217 162.72 -0.73 -3.12
C GLY TA 217 163.43 0.28 -4.01
N THR TA 218 162.69 1.01 -4.84
CA THR TA 218 163.31 1.98 -5.73
C THR TA 218 163.93 3.12 -4.92
N ALA TA 219 165.20 3.42 -5.20
CA ALA TA 219 165.89 4.48 -4.48
C ALA TA 219 165.42 5.84 -4.96
N LEU TA 220 165.38 6.80 -4.05
CA LEU TA 220 164.98 8.17 -4.35
C LEU TA 220 166.10 9.18 -4.20
N ALA TA 221 166.90 9.09 -3.14
CA ALA TA 221 167.95 10.05 -2.88
C ALA TA 221 169.03 9.40 -2.04
N TYR TA 222 170.19 10.05 -1.97
CA TYR TA 222 171.34 9.45 -1.30
C TYR TA 222 172.26 10.55 -0.82
N SER TA 223 173.17 10.17 0.09
CA SER TA 223 174.25 11.03 0.55
C SER TA 223 175.53 10.22 0.57
N PHE TA 224 176.65 10.89 0.34
CA PHE TA 224 177.92 10.19 0.21
C PHE TA 224 179.04 10.95 0.90
N MET TA 225 180.12 10.23 1.19
CA MET TA 225 181.31 10.78 1.82
C MET TA 225 182.50 10.68 0.86
N ASP TA 226 183.32 11.72 0.82
CA ASP TA 226 184.42 11.76 -0.12
C ASP TA 226 185.58 10.87 0.32
N LEU TA 227 186.43 10.52 -0.64
CA LEU TA 227 187.61 9.70 -0.39
C LEU TA 227 188.80 10.30 -1.13
N GLU TA 228 189.98 9.77 -0.83
CA GLU TA 228 191.22 10.24 -1.43
C GLU TA 228 192.20 9.09 -1.54
N ILE TA 229 192.73 8.87 -2.74
CA ILE TA 229 193.72 7.83 -2.98
C ILE TA 229 195.10 8.36 -2.59
N LEU TA 230 195.79 7.65 -1.70
CA LEU TA 230 197.16 8.00 -1.38
C LEU TA 230 198.08 7.66 -2.56
N GLU TA 231 199.37 7.96 -2.40
CA GLU TA 231 200.36 7.53 -3.38
C GLU TA 231 200.29 6.02 -3.60
N ASP TA 232 200.23 5.27 -2.50
CA ASP TA 232 199.99 3.84 -2.56
C ASP TA 232 198.50 3.56 -2.81
N ARG TA 233 198.13 2.29 -2.78
CA ARG TA 233 196.73 1.91 -2.92
C ARG TA 233 195.90 2.29 -1.69
N SER TA 234 196.53 2.77 -0.63
CA SER TA 234 195.81 3.15 0.58
C SER TA 234 194.78 4.25 0.29
N LEU TA 235 193.68 4.21 1.05
CA LEU TA 235 192.60 5.18 0.91
C LEU TA 235 192.44 5.95 2.21
N ARG TA 236 192.05 7.22 2.08
CA ARG TA 236 191.81 8.09 3.22
C ARG TA 236 190.49 8.80 3.04
N VAL TA 237 189.92 9.27 4.14
CA VAL TA 237 188.66 10.02 4.09
C VAL TA 237 188.98 11.50 4.20
N SER TA 238 188.24 12.31 3.46
CA SER TA 238 188.48 13.74 3.39
C SER TA 238 187.21 14.50 3.77
N SER TA 239 187.38 15.59 4.52
CA SER TA 239 186.27 16.39 5.02
C SER TA 239 186.49 17.85 4.65
N SER TA 240 185.60 18.39 3.82
CA SER TA 240 185.62 19.81 3.51
C SER TA 240 185.01 20.58 4.68
N ALA TA 241 185.85 21.28 5.43
CA ALA TA 241 185.44 22.00 6.64
C ALA TA 241 184.78 21.06 7.65
N GLY TA 242 185.21 19.80 7.68
CA GLY TA 242 184.69 18.84 8.61
C GLY TA 242 183.27 18.37 8.33
N ALA TA 243 182.78 18.57 7.10
CA ALA TA 243 181.41 18.18 6.77
C ALA TA 243 181.23 16.66 6.83
N MET TA 244 182.09 15.92 6.13
CA MET TA 244 182.01 14.47 6.02
C MET TA 244 180.66 14.01 5.46
N PHE TA 245 179.91 14.90 4.83
CA PHE TA 245 178.63 14.56 4.21
C PHE TA 245 178.47 15.47 3.00
N ASP TA 246 178.75 14.95 1.82
CA ASP TA 246 178.73 15.76 0.61
C ASP TA 246 177.40 15.53 -0.12
N SER TA 247 176.75 16.64 -0.50
CA SER TA 247 175.48 16.60 -1.20
C SER TA 247 175.63 17.04 -2.66
N GLY TA 248 176.84 17.02 -3.19
CA GLY TA 248 177.06 17.47 -4.55
C GLY TA 248 176.75 18.94 -4.74
N LYS TA 249 177.10 19.76 -3.76
CA LYS TA 249 176.81 21.20 -3.79
C LYS TA 249 178.07 21.97 -4.14
N ALA TA 250 177.88 23.12 -4.77
CA ALA TA 250 179.00 23.99 -5.09
C ALA TA 250 179.64 24.56 -3.83
N GLU TA 251 180.94 24.84 -3.90
CA GLU TA 251 181.64 25.37 -2.74
C GLU TA 251 181.09 26.73 -2.33
N SER TA 252 180.79 27.59 -3.31
CA SER TA 252 180.24 28.92 -3.07
C SER TA 252 181.13 29.74 -2.14
CA ARG UA 3 159.51 27.32 3.16
C ARG UA 3 159.01 25.90 3.46
N PRO UA 4 159.93 24.99 3.73
CA PRO UA 4 159.54 23.61 4.05
C PRO UA 4 158.66 23.56 5.29
N MET UA 5 157.68 22.65 5.26
CA MET UA 5 156.77 22.51 6.39
C MET UA 5 157.51 22.08 7.64
N PHE UA 6 158.49 21.19 7.50
CA PHE UA 6 159.27 20.76 8.66
C PHE UA 6 160.00 21.94 9.28
N ALA UA 7 160.62 22.79 8.46
CA ALA UA 7 161.32 23.95 8.98
C ALA UA 7 160.35 24.92 9.65
N VAL UA 8 159.19 25.12 9.06
CA VAL UA 8 158.19 26.03 9.66
C VAL UA 8 157.75 25.49 11.01
N ALA UA 9 157.47 24.19 11.09
CA ALA UA 9 157.03 23.60 12.35
C ALA UA 9 158.13 23.66 13.40
N VAL UA 10 159.39 23.45 12.98
CA VAL UA 10 160.50 23.54 13.92
C VAL UA 10 160.62 24.95 14.47
N ASN UA 11 160.48 25.96 13.60
CA ASN UA 11 160.53 27.34 14.06
C ASN UA 11 159.38 27.65 15.01
N GLU UA 12 158.17 27.17 14.70
CA GLU UA 12 157.04 27.40 15.59
C GLU UA 12 157.28 26.77 16.96
N PHE UA 13 157.78 25.54 16.98
CA PHE UA 13 158.04 24.87 18.25
C PHE UA 13 159.11 25.59 19.03
N ILE UA 14 160.20 25.98 18.37
CA ILE UA 14 161.30 26.62 19.10
C ILE UA 14 160.90 27.98 19.60
N ARG UA 15 160.00 28.68 18.90
CA ARG UA 15 159.49 29.94 19.42
C ARG UA 15 158.59 29.73 20.62
N SER UA 16 157.64 28.78 20.51
CA SER UA 16 156.71 28.55 21.60
C SER UA 16 157.42 28.08 22.87
N ALA UA 17 158.38 27.18 22.72
CA ALA UA 17 159.13 26.65 23.85
C ALA UA 17 160.62 26.68 23.53
N GLY UA 18 161.42 27.12 24.49
CA GLY UA 18 162.86 27.13 24.31
C GLY UA 18 163.36 28.07 23.24
N GLN UA 19 162.87 29.32 23.23
CA GLN UA 19 163.34 30.29 22.26
C GLN UA 19 164.83 30.57 22.43
N ASP UA 20 165.35 30.41 23.63
CA ASP UA 20 166.77 30.55 23.91
C ASP UA 20 167.39 29.18 24.19
N SER UA 21 168.68 29.07 23.91
CA SER UA 21 169.45 27.84 24.14
C SER UA 21 168.84 26.65 23.41
N LEU UA 22 168.54 26.83 22.13
CA LEU UA 22 167.98 25.76 21.32
C LEU UA 22 168.26 26.04 19.85
N CYS UA 23 168.66 25.01 19.12
CA CYS UA 23 169.01 25.12 17.71
C CYS UA 23 168.07 24.26 16.89
N GLY UA 24 167.50 24.85 15.84
CA GLY UA 24 166.61 24.11 14.97
C GLY UA 24 167.33 23.03 14.18
N VAL UA 25 166.58 22.02 13.78
CA VAL UA 25 167.10 20.91 13.00
C VAL UA 25 166.97 21.25 11.51
N PRO UA 26 168.03 21.11 10.72
CA PRO UA 26 167.96 21.52 9.31
C PRO UA 26 166.95 20.76 8.48
N ASP UA 27 166.88 19.43 8.62
CA ASP UA 27 165.97 18.65 7.80
C ASP UA 27 165.70 17.32 8.47
N ILE UA 28 164.64 16.64 7.99
CA ILE UA 28 164.22 15.38 8.57
C ILE UA 28 165.32 14.33 8.42
N ASN UA 29 165.97 14.30 7.27
CA ASN UA 29 167.01 13.30 7.03
C ASN UA 29 168.14 13.41 8.03
N SER UA 30 168.60 14.63 8.30
CA SER UA 30 169.70 14.86 9.22
C SER UA 30 169.25 15.04 10.66
N SER UA 31 167.94 14.93 10.93
CA SER UA 31 167.46 15.05 12.30
C SER UA 31 168.06 13.98 13.20
N GLY UA 32 168.26 12.77 12.67
CA GLY UA 32 168.74 11.67 13.49
C GLY UA 32 170.21 11.77 13.88
N ASP UA 33 170.94 12.72 13.30
CA ASP UA 33 172.35 12.89 13.62
C ASP UA 33 172.60 13.87 14.76
N PHE UA 34 171.54 14.41 15.37
CA PHE UA 34 171.66 15.38 16.44
C PHE UA 34 171.13 14.83 17.76
N MET UA 35 171.27 13.53 17.98
CA MET UA 35 170.92 12.92 19.24
C MET UA 35 172.00 13.22 20.28
N PRO UA 36 171.69 13.06 21.57
CA PRO UA 36 172.68 13.38 22.61
C PRO UA 36 173.95 12.57 22.46
N LEU UA 37 175.06 13.18 22.88
CA LEU UA 37 176.39 12.57 22.79
C LEU UA 37 176.84 12.38 21.35
N HIS UA 38 176.64 13.42 20.54
CA HIS UA 38 177.09 13.45 19.16
C HIS UA 38 178.01 14.64 18.95
N ILE UA 39 179.03 14.46 18.11
CA ILE UA 39 180.00 15.50 17.80
C ILE UA 39 179.53 16.27 16.59
N ILE UA 40 179.60 17.61 16.67
CA ILE UA 40 179.27 18.49 15.56
C ILE UA 40 180.41 19.49 15.40
N VAL UA 41 180.49 20.09 14.21
CA VAL UA 41 181.53 21.05 13.88
C VAL UA 41 180.89 22.41 13.68
N LYS UA 42 181.49 23.43 14.27
CA LYS UA 42 181.01 24.81 14.16
C LYS UA 42 182.03 25.64 13.39
N GLU UA 43 181.54 26.37 12.38
CA GLU UA 43 182.37 27.22 11.54
C GLU UA 43 181.94 28.67 11.73
N VAL UA 44 182.92 29.54 11.95
CA VAL UA 44 182.67 30.96 12.20
C VAL UA 44 182.26 31.63 10.88
N PRO UA 45 181.49 32.71 10.94
CA PRO UA 45 181.07 33.39 9.70
C PRO UA 45 182.23 33.89 8.86
N LYS UA 46 183.32 34.33 9.49
CA LYS UA 46 184.53 34.87 8.87
C LYS UA 46 184.31 36.22 8.21
N VAL UA 47 183.09 36.75 8.21
CA VAL UA 47 182.81 38.05 7.63
C VAL UA 47 182.32 38.99 8.72
N LEU UA 48 181.21 38.63 9.37
CA LEU UA 48 180.65 39.38 10.48
C LEU UA 48 180.39 38.40 11.62
N PRO UA 49 181.44 37.95 12.31
CA PRO UA 49 181.24 36.94 13.36
C PRO UA 49 180.30 37.37 14.46
N CYS UA 50 180.31 38.64 14.83
CA CYS UA 50 179.42 39.14 15.88
C CYS UA 50 178.03 39.48 15.37
N CYS UA 51 177.81 39.48 14.06
CA CYS UA 51 176.52 39.82 13.48
C CYS UA 51 175.81 38.66 12.81
N ARG UA 52 176.52 37.56 12.52
CA ARG UA 52 175.95 36.43 11.82
C ARG UA 52 176.14 35.17 12.65
N ARG UA 53 175.10 34.32 12.67
CA ARG UA 53 175.18 33.07 13.39
C ARG UA 53 176.10 32.09 12.66
N PRO UA 54 176.83 31.26 13.40
CA PRO UA 54 177.79 30.34 12.75
C PRO UA 54 177.11 29.22 11.98
N LYS UA 55 177.91 28.37 11.35
CA LYS UA 55 177.42 27.26 10.54
C LYS UA 55 177.70 25.95 11.25
N ILE UA 56 176.69 25.10 11.34
CA ILE UA 56 176.76 23.84 12.09
C ILE UA 56 176.75 22.68 11.11
N LYS UA 57 177.73 21.79 11.24
CA LYS UA 57 177.91 20.64 10.37
C LYS UA 57 177.82 19.37 11.19
N ARG UA 58 177.02 18.42 10.74
CA ARG UA 58 176.89 17.14 11.41
C ARG UA 58 178.04 16.22 11.03
N THR UA 59 178.38 15.33 11.95
CA THR UA 59 179.44 14.35 11.73
C THR UA 59 178.96 12.98 12.18
N PRO UA 60 179.46 11.90 11.56
CA PRO UA 60 179.06 10.54 11.95
C PRO UA 60 179.95 9.98 13.06
N TYR UA 61 179.98 10.69 14.19
CA TYR UA 61 180.81 10.29 15.31
C TYR UA 61 180.06 10.47 16.62
N THR UA 62 180.37 9.61 17.58
CA THR UA 62 179.93 9.76 18.95
C THR UA 62 181.13 10.06 19.84
N LEU UA 63 180.84 10.38 21.10
CA LEU UA 63 181.91 10.74 22.03
C LEU UA 63 182.86 9.57 22.25
N ASN UA 64 182.31 8.36 22.41
CA ASN UA 64 183.16 7.19 22.66
C ASN UA 64 184.02 6.87 21.46
N ASP UA 65 183.50 7.07 20.24
CA ASP UA 65 184.31 6.84 19.06
C ASP UA 65 185.40 7.90 18.92
N ILE UA 66 185.07 9.17 19.19
CA ILE UA 66 186.05 10.23 19.01
C ILE UA 66 187.12 10.19 20.10
N LEU UA 67 186.81 9.60 21.25
CA LEU UA 67 187.73 9.56 22.38
C LEU UA 67 188.42 8.21 22.48
N ASP UA 68 189.71 8.24 22.79
CA ASP UA 68 190.44 7.01 23.05
C ASP UA 68 189.88 6.30 24.28
N GLU UA 69 189.57 7.07 25.34
CA GLU UA 69 189.03 6.50 26.55
C GLU UA 69 187.51 6.64 26.54
N PRO UA 70 186.75 5.55 26.69
CA PRO UA 70 185.29 5.65 26.65
C PRO UA 70 184.73 6.33 27.90
N CYS UA 71 183.51 6.81 27.76
CA CYS UA 71 182.77 7.49 28.80
C CYS UA 71 181.40 6.85 28.93
N PRO UA 72 180.77 6.95 30.10
CA PRO UA 72 179.39 6.46 30.23
C PRO UA 72 178.46 7.20 29.29
N ASN UA 73 177.48 6.47 28.74
CA ASN UA 73 176.63 7.01 27.69
C ASN UA 73 175.14 6.74 27.92
N GLN UA 74 174.73 6.35 29.12
CA GLN UA 74 173.32 6.09 29.38
C GLN UA 74 172.51 7.37 29.27
N LEU UA 75 171.26 7.24 28.83
CA LEU UA 75 170.39 8.37 28.58
C LEU UA 75 169.09 8.23 29.37
N LYS UA 76 168.32 9.31 29.40
CA LYS UA 76 167.01 9.33 30.02
C LYS UA 76 166.17 10.38 29.33
N SER UA 77 164.85 10.18 29.35
CA SER UA 77 163.92 11.08 28.68
C SER UA 77 162.79 11.45 29.62
N SER UA 78 162.25 12.66 29.42
CA SER UA 78 161.15 13.16 30.22
C SER UA 78 160.35 14.16 29.40
N ASP UA 79 159.09 14.33 29.76
CA ASP UA 79 158.21 15.20 29.00
C ASP UA 79 158.66 16.66 29.09
N LEU UA 80 158.46 17.38 27.98
CA LEU UA 80 158.84 18.79 27.91
C LEU UA 80 157.65 19.71 27.68
N VAL UA 81 156.84 19.45 26.65
CA VAL UA 81 155.68 20.29 26.33
C VAL UA 81 154.68 19.42 25.58
N THR UA 82 153.42 19.87 25.56
CA THR UA 82 152.34 19.12 24.95
C THR UA 82 151.43 20.10 24.19
N PHE UA 83 151.36 19.94 22.87
CA PHE UA 83 150.47 20.74 22.04
C PHE UA 83 149.13 20.02 21.96
N THR UA 84 148.17 20.49 22.76
CA THR UA 84 146.88 19.82 22.84
C THR UA 84 146.10 19.91 21.53
N GLU UA 85 146.20 21.04 20.84
CA GLU UA 85 145.48 21.23 19.59
C GLU UA 85 146.44 21.67 18.50
N PRO UA 86 146.14 21.34 17.25
CA PRO UA 86 147.05 21.69 16.15
C PRO UA 86 147.23 23.20 16.00
N LEU UA 87 148.44 23.61 15.66
CA LEU UA 87 148.70 24.98 15.26
C LEU UA 87 148.11 25.22 13.89
N VAL UA 88 147.16 26.15 13.79
CA VAL UA 88 146.42 26.41 12.56
C VAL UA 88 146.70 27.84 12.14
N SER UA 89 147.02 28.03 10.86
CA SER UA 89 147.29 29.35 10.31
C SER UA 89 146.52 29.53 9.00
N ASN UA 90 145.92 30.69 8.83
CA ASN UA 90 145.19 31.04 7.62
C ASN UA 90 145.62 32.42 7.14
N VAL UA 91 145.87 32.53 5.84
CA VAL UA 91 146.18 33.80 5.19
C VAL UA 91 145.32 33.91 3.96
N LYS UA 92 144.69 35.07 3.76
CA LYS UA 92 143.81 35.28 2.62
C LYS UA 92 144.02 36.70 2.13
N ALA UA 93 144.56 36.84 0.92
CA ALA UA 93 144.81 38.14 0.32
C ALA UA 93 144.07 38.27 -0.99
N SER UA 94 143.64 39.48 -1.31
CA SER UA 94 142.96 39.75 -2.57
C SER UA 94 143.17 41.21 -2.94
N SER UA 95 143.58 41.47 -4.17
CA SER UA 95 143.87 42.82 -4.61
C SER UA 95 143.43 43.01 -6.05
N SER UA 96 143.19 44.26 -6.42
CA SER UA 96 142.80 44.62 -7.78
C SER UA 96 143.38 45.99 -8.12
N ILE UA 97 143.83 46.13 -9.36
CA ILE UA 97 144.43 47.36 -9.85
C ILE UA 97 143.75 47.74 -11.15
N GLY UA 98 143.42 49.03 -11.29
CA GLY UA 98 142.86 49.53 -12.54
C GLY UA 98 143.52 50.81 -12.99
N LEU UA 99 144.12 50.81 -14.18
CA LEU UA 99 144.83 51.96 -14.72
C LEU UA 99 144.16 52.38 -16.02
N GLN UA 100 143.93 53.68 -16.17
CA GLN UA 100 143.36 54.21 -17.40
C GLN UA 100 144.13 55.47 -17.81
N ILE UA 101 144.55 55.52 -19.06
CA ILE UA 101 145.19 56.70 -19.65
C ILE UA 101 144.28 57.16 -20.78
N LEU UA 102 143.47 58.18 -20.51
CA LEU UA 102 142.57 58.81 -21.48
C LEU UA 102 141.68 57.72 -22.07
N LYS UA 103 141.49 57.66 -23.39
CA LYS UA 103 140.85 56.55 -24.06
C LYS UA 103 141.86 55.73 -24.86
N HIS UA 104 143.13 55.80 -24.49
CA HIS UA 104 144.20 55.12 -25.20
C HIS UA 104 144.74 53.90 -24.46
N PHE UA 105 144.75 53.90 -23.13
CA PHE UA 105 145.24 52.76 -22.38
C PHE UA 105 144.24 52.39 -21.30
N ASP UA 106 144.00 51.09 -21.12
CA ASP UA 106 143.08 50.62 -20.09
C ASP UA 106 143.51 49.23 -19.65
N SER UA 107 144.05 49.12 -18.45
CA SER UA 107 144.51 47.84 -17.92
C SER UA 107 143.79 47.54 -16.61
N GLY UA 108 143.35 46.29 -16.46
CA GLY UA 108 142.75 45.84 -15.23
C GLY UA 108 143.32 44.51 -14.77
N ALA UA 109 143.95 44.49 -13.60
CA ALA UA 109 144.55 43.29 -13.06
C ALA UA 109 143.94 42.96 -11.72
N LYS UA 110 143.99 41.69 -11.34
CA LYS UA 110 143.49 41.28 -10.04
C LYS UA 110 144.17 39.98 -9.65
N GLY UA 111 144.33 39.79 -8.35
CA GLY UA 111 144.98 38.61 -7.83
C GLY UA 111 144.37 38.21 -6.50
N SER UA 112 144.49 36.93 -6.18
CA SER UA 112 143.99 36.41 -4.90
C SER UA 112 144.85 35.23 -4.48
N LYS UA 113 144.92 35.02 -3.18
CA LYS UA 113 145.74 33.95 -2.62
C LYS UA 113 145.11 33.48 -1.31
N ASN UA 114 145.08 32.17 -1.12
CA ASN UA 114 144.55 31.54 0.09
C ASN UA 114 145.53 30.46 0.53
N PHE UA 115 146.06 30.60 1.73
CA PHE UA 115 147.11 29.73 2.26
C PHE UA 115 146.69 29.22 3.62
N ILE UA 116 146.71 27.89 3.80
CA ILE UA 116 146.26 27.26 5.04
C ILE UA 116 147.33 26.28 5.51
N THR UA 117 147.64 26.32 6.80
CA THR UA 117 148.65 25.45 7.37
C THR UA 117 148.14 24.85 8.68
N SER UA 118 148.47 23.58 8.91
CA SER UA 118 148.10 22.90 10.15
C SER UA 118 149.24 21.98 10.57
N ALA UA 119 149.67 22.11 11.82
CA ALA UA 119 150.73 21.27 12.36
C ALA UA 119 150.29 20.65 13.67
N SER UA 120 150.38 19.33 13.76
CA SER UA 120 150.00 18.57 14.95
C SER UA 120 151.24 17.83 15.42
N LEU UA 121 151.90 18.35 16.45
CA LEU UA 121 153.12 17.77 16.99
C LEU UA 121 152.87 16.86 18.18
N GLY UA 122 151.65 16.80 18.70
CA GLY UA 122 151.38 15.92 19.81
C GLY UA 122 152.18 16.29 21.05
N THR UA 123 152.93 15.32 21.57
CA THR UA 123 153.76 15.49 22.76
C THR UA 123 155.22 15.50 22.37
N VAL UA 124 155.99 16.42 22.94
CA VAL UA 124 157.43 16.53 22.70
C VAL UA 124 158.14 16.20 24.00
N VAL UA 125 159.11 15.29 23.93
CA VAL UA 125 159.90 14.90 25.08
C VAL UA 125 161.34 15.37 24.87
N LYS UA 126 162.11 15.36 25.95
CA LYS UA 126 163.50 15.75 25.94
C LYS UA 126 164.34 14.58 26.42
N ALA UA 127 165.40 14.28 25.69
CA ALA UA 127 166.32 13.19 26.01
C ALA UA 127 167.70 13.77 26.27
N GLU UA 128 168.35 13.26 27.32
CA GLU UA 128 169.63 13.77 27.75
C GLU UA 128 170.34 12.73 28.60
N THR UA 129 171.64 12.90 28.76
CA THR UA 129 172.42 11.98 29.57
C THR UA 129 171.92 11.97 31.01
N ILE UA 130 171.97 10.81 31.64
CA ILE UA 130 171.52 10.70 33.03
C ILE UA 130 172.38 11.57 33.95
N ASP UA 131 173.69 11.53 33.75
CA ASP UA 131 174.62 12.35 34.53
C ASP UA 131 175.60 12.99 33.57
N ILE UA 132 175.58 14.32 33.50
CA ILE UA 132 176.47 15.05 32.61
C ILE UA 132 177.81 15.37 33.28
N THR UA 133 177.82 15.48 34.61
CA THR UA 133 179.07 15.80 35.31
C THR UA 133 180.11 14.71 35.11
N LYS UA 134 179.69 13.44 35.19
CA LYS UA 134 180.63 12.34 34.97
C LYS UA 134 181.17 12.36 33.54
N VAL UA 135 180.30 12.60 32.56
CA VAL UA 135 180.74 12.68 31.18
C VAL UA 135 181.75 13.79 30.99
N LEU UA 136 181.48 14.96 31.59
CA LEU UA 136 182.41 16.08 31.47
C LEU UA 136 183.74 15.76 32.12
N ALA UA 137 183.73 15.14 33.30
CA ALA UA 137 184.96 14.79 33.98
C ALA UA 137 185.80 13.84 33.13
N LYS UA 138 185.16 12.78 32.62
CA LYS UA 138 185.86 11.80 31.80
C LYS UA 138 186.41 12.44 30.52
N VAL UA 139 185.63 13.33 29.91
CA VAL UA 139 186.11 14.03 28.71
C VAL UA 139 187.37 14.81 29.04
N ARG UA 140 187.34 15.58 30.14
CA ARG UA 140 188.48 16.39 30.50
C ARG UA 140 189.71 15.54 30.80
N THR UA 141 189.50 14.35 31.36
CA THR UA 141 190.63 13.48 31.69
C THR UA 141 190.97 12.50 30.57
N ALA UA 142 190.26 12.54 29.44
CA ALA UA 142 190.45 11.58 28.35
C ALA UA 142 191.05 12.28 27.13
N LYS UA 143 191.84 11.53 26.37
CA LYS UA 143 192.45 12.03 25.15
C LYS UA 143 191.68 11.54 23.92
N ALA UA 144 191.68 12.38 22.87
CA ALA UA 144 190.99 12.06 21.65
C ALA UA 144 191.72 10.97 20.87
N LYS UA 145 191.07 10.45 19.84
CA LYS UA 145 191.64 9.39 19.03
C LYS UA 145 192.69 9.96 18.09
N VAL UA 146 193.93 9.47 18.22
CA VAL UA 146 195.02 9.95 17.36
C VAL UA 146 194.73 9.59 15.90
N GLU UA 147 194.18 8.40 15.66
CA GLU UA 147 193.88 7.98 14.29
C GLU UA 147 192.88 8.91 13.62
N ASN UA 148 191.92 9.44 14.36
CA ASN UA 148 190.86 10.25 13.77
C ASN UA 148 191.44 11.46 13.05
N ASP UA 149 190.93 11.72 11.84
CA ASP UA 149 191.39 12.84 11.02
C ASP UA 149 190.64 14.13 11.32
N LEU UA 150 189.35 14.03 11.64
CA LEU UA 150 188.54 15.20 11.95
C LEU UA 150 189.12 16.01 13.10
N VAL UA 151 189.54 15.31 14.17
CA VAL UA 151 190.11 15.99 15.32
C VAL UA 151 191.36 16.76 14.92
N SER UA 152 192.23 16.14 14.14
CA SER UA 152 193.45 16.80 13.69
C SER UA 152 193.12 18.02 12.83
N ARG UA 153 192.16 17.87 11.92
CA ARG UA 153 191.73 19.01 11.10
C ARG UA 153 191.28 20.17 11.98
N VAL UA 154 190.40 19.90 12.94
CA VAL UA 154 189.89 20.95 13.81
C VAL UA 154 191.02 21.55 14.65
N MET UA 155 191.99 20.74 15.06
CA MET UA 155 193.12 21.24 15.83
C MET UA 155 193.97 22.20 15.00
N LYS UA 156 194.26 21.83 13.76
CA LYS UA 156 195.15 22.67 12.95
C LYS UA 156 194.43 23.93 12.47
N THR UA 157 193.13 23.83 12.19
CA THR UA 157 192.38 25.00 11.77
C THR UA 157 191.95 25.83 12.98
N LYS UA 158 191.75 27.12 12.75
CA LYS UA 158 191.35 28.05 13.80
C LYS UA 158 189.86 28.37 13.78
N ARG UA 159 189.22 28.32 12.62
CA ARG UA 159 187.80 28.61 12.55
C ARG UA 159 186.96 27.48 13.12
N LEU UA 160 187.34 26.23 12.83
CA LEU UA 160 186.55 25.09 13.22
C LEU UA 160 186.58 24.89 14.74
N CYS UA 161 185.43 24.53 15.29
CA CYS UA 161 185.30 24.19 16.70
C CYS UA 161 184.46 22.93 16.84
N LEU UA 162 184.67 22.20 17.94
CA LEU UA 162 183.93 20.97 18.19
C LEU UA 162 182.85 21.21 19.23
N GLY UA 163 181.71 20.55 19.06
CA GLY UA 163 180.62 20.66 20.00
C GLY UA 163 179.96 19.33 20.31
N LEU UA 164 179.70 19.07 21.58
CA LEU UA 164 179.06 17.84 22.03
C LEU UA 164 177.60 18.14 22.32
N VAL UA 165 176.70 17.40 21.68
CA VAL UA 165 175.27 17.59 21.88
C VAL UA 165 174.86 16.93 23.19
N VAL UA 166 174.12 17.66 24.02
CA VAL UA 166 173.80 17.21 25.35
C VAL UA 166 172.31 17.02 25.60
N GLU UA 167 171.42 17.62 24.81
CA GLU UA 167 169.99 17.42 25.01
C GLU UA 167 169.28 17.56 23.68
N THR UA 168 168.22 16.77 23.48
CA THR UA 168 167.51 16.77 22.23
C THR UA 168 166.01 16.67 22.46
N ALA UA 169 165.24 17.42 21.69
CA ALA UA 169 163.78 17.40 21.76
C ALA UA 169 163.23 16.55 20.61
N CYS UA 170 162.44 15.54 20.96
CA CYS UA 170 161.93 14.58 20.00
C CYS UA 170 160.44 14.37 20.19
N VAL UA 171 159.73 14.13 19.10
CA VAL UA 171 158.29 13.88 19.16
C VAL UA 171 158.05 12.47 19.69
N ALA UA 172 157.16 12.36 20.67
CA ALA UA 172 156.85 11.05 21.24
C ALA UA 172 156.05 10.19 20.27
N ALA UA 173 155.11 10.80 19.54
CA ALA UA 173 154.26 10.09 18.61
C ALA UA 173 154.37 10.72 17.23
N ALA UA 174 153.62 10.17 16.28
CA ALA UA 174 153.66 10.67 14.91
C ALA UA 174 153.13 12.10 14.83
N GLY UA 175 153.78 12.91 14.02
CA GLY UA 175 153.40 14.31 13.83
C GLY UA 175 152.90 14.55 12.42
N LYS UA 176 151.81 15.31 12.31
CA LYS UA 176 151.14 15.52 11.03
C LYS UA 176 151.27 16.97 10.57
N LEU UA 177 151.70 17.17 9.34
CA LEU UA 177 151.88 18.50 8.78
C LEU UA 177 151.09 18.60 7.47
N THR UA 178 150.17 19.57 7.39
CA THR UA 178 149.31 19.74 6.23
C THR UA 178 149.37 21.18 5.75
N GLU UA 179 149.43 21.36 4.43
CA GLU UA 179 149.50 22.67 3.80
C GLU UA 179 148.64 22.69 2.55
N ALA UA 180 147.88 23.77 2.37
CA ALA UA 180 147.05 23.95 1.19
C ALA UA 180 147.25 25.36 0.64
N ASP UA 181 147.39 25.47 -0.68
CA ASP UA 181 147.64 26.73 -1.36
C ASP UA 181 146.70 26.83 -2.55
N ASN UA 182 146.07 28.00 -2.73
CA ASN UA 182 145.23 28.26 -3.89
C ASN UA 182 145.39 29.72 -4.27
N TRP UA 183 146.01 30.00 -5.41
CA TRP UA 183 146.17 31.39 -5.81
C TRP UA 183 145.81 31.56 -7.27
N GLU UA 184 145.42 32.78 -7.63
CA GLU UA 184 144.83 33.06 -8.94
C GLU UA 184 145.19 34.47 -9.38
N ILE UA 185 145.46 34.63 -10.68
CA ILE UA 185 145.79 35.90 -11.30
C ILE UA 185 144.93 36.07 -12.55
N SER UA 186 144.32 37.24 -12.69
CA SER UA 186 143.54 37.57 -13.88
C SER UA 186 143.88 38.98 -14.34
N GLY UA 187 144.41 39.10 -15.54
CA GLY UA 187 144.83 40.38 -16.07
C GLY UA 187 144.26 40.64 -17.44
N HIS UA 188 144.07 41.93 -17.74
CA HIS UA 188 143.49 42.36 -19.01
C HIS UA 188 144.13 43.69 -19.41
N THR UA 189 144.41 43.82 -20.70
CA THR UA 189 145.06 45.02 -21.24
C THR UA 189 144.36 45.42 -22.53
N ASN UA 190 144.11 46.72 -22.68
CA ASN UA 190 143.48 47.27 -23.88
C ASN UA 190 144.25 48.52 -24.29
N ALA UA 191 144.97 48.42 -25.40
CA ALA UA 191 145.70 49.55 -25.97
C ALA UA 191 144.97 49.98 -27.24
N ASN UA 192 144.27 51.11 -27.16
CA ASN UA 192 143.52 51.66 -28.29
C ASN UA 192 144.31 52.82 -28.88
N ILE UA 193 144.62 52.72 -30.16
CA ILE UA 193 145.32 53.77 -30.90
C ILE UA 193 144.50 54.08 -32.14
N GLY UA 194 144.78 55.23 -32.75
CA GLY UA 194 144.02 55.65 -33.92
C GLY UA 194 144.04 54.64 -35.05
N GLU UA 195 145.14 53.92 -35.21
CA GLU UA 195 145.26 52.93 -36.28
C GLU UA 195 145.56 51.53 -35.74
N ALA UA 196 145.49 51.31 -34.43
CA ALA UA 196 145.79 50.00 -33.87
C ALA UA 196 144.94 49.78 -32.63
N VAL UA 197 144.42 48.56 -32.49
CA VAL UA 197 143.67 48.14 -31.31
C VAL UA 197 144.22 46.80 -30.86
N VAL UA 198 144.67 46.73 -29.61
CA VAL UA 198 145.21 45.51 -29.03
C VAL UA 198 144.41 45.19 -27.76
N THR UA 199 143.93 43.95 -27.67
CA THR UA 199 143.15 43.49 -26.51
C THR UA 199 143.71 42.15 -26.06
N ALA UA 200 144.40 42.14 -24.93
CA ALA UA 200 145.02 40.95 -24.38
C ALA UA 200 144.38 40.58 -23.04
N THR UA 201 144.31 39.29 -22.76
CA THR UA 201 143.72 38.80 -21.52
C THR UA 201 144.45 37.53 -21.11
N ALA UA 202 144.69 37.37 -19.81
CA ALA UA 202 145.38 36.19 -19.29
C ALA UA 202 144.84 35.82 -17.93
N GLU UA 203 144.44 34.56 -17.76
CA GLU UA 203 143.95 34.05 -16.49
C GLU UA 203 144.70 32.78 -16.15
N LEU UA 204 145.09 32.66 -14.88
CA LEU UA 204 145.71 31.42 -14.42
C LEU UA 204 145.43 31.24 -12.93
N ASP UA 205 145.54 30.00 -12.48
CA ASP UA 205 145.32 29.69 -11.07
C ASP UA 205 145.99 28.36 -10.75
N LYS UA 206 146.68 28.31 -9.61
CA LYS UA 206 147.40 27.14 -9.15
C LYS UA 206 146.87 26.69 -7.81
N ASN UA 207 146.74 25.37 -7.65
CA ASN UA 207 146.28 24.74 -6.42
C ASN UA 207 147.25 23.65 -6.03
N LEU UA 208 147.71 23.67 -4.78
CA LEU UA 208 148.64 22.68 -4.25
C LEU UA 208 148.18 22.21 -2.88
N SER UA 209 148.54 20.98 -2.53
CA SER UA 209 148.23 20.43 -1.22
C SER UA 209 149.29 19.39 -0.87
N ARG UA 210 149.94 19.56 0.28
CA ARG UA 210 150.99 18.66 0.73
C ARG UA 210 150.70 18.22 2.15
N LYS UA 211 150.70 16.90 2.39
CA LYS UA 211 150.40 16.35 3.70
C LYS UA 211 151.41 15.26 4.02
N ILE UA 212 152.16 15.42 5.11
CA ILE UA 212 153.19 14.46 5.51
C ILE UA 212 153.02 14.12 6.98
N GLU UA 213 153.71 13.06 7.40
CA GLU UA 213 153.64 12.57 8.77
C GLU UA 213 155.02 12.07 9.20
N ILE UA 214 155.66 12.83 10.08
CA ILE UA 214 156.96 12.41 10.63
C ILE UA 214 156.75 11.32 11.67
N PRO UA 215 157.60 10.31 11.73
CA PRO UA 215 157.40 9.20 12.64
C PRO UA 215 157.88 9.52 14.04
N PRO UA 216 157.50 8.74 15.04
CA PRO UA 216 157.99 8.98 16.40
C PRO UA 216 159.51 8.88 16.47
N GLY UA 217 160.09 9.73 17.33
CA GLY UA 217 161.52 9.75 17.54
C GLY UA 217 162.27 10.79 16.72
N THR UA 218 161.60 11.47 15.80
CA THR UA 218 162.26 12.48 14.99
C THR UA 218 162.70 13.66 15.86
N ALA UA 219 163.98 14.04 15.74
CA ALA UA 219 164.50 15.14 16.52
C ALA UA 219 164.01 16.47 15.96
N LEU UA 220 163.79 17.43 16.86
CA LEU UA 220 163.35 18.77 16.49
C LEU UA 220 164.37 19.85 16.77
N ALA UA 221 165.04 19.81 17.92
CA ALA UA 221 165.98 20.84 18.30
C ALA UA 221 166.98 20.26 19.28
N TYR UA 222 168.08 20.98 19.49
CA TYR UA 222 169.17 20.47 20.31
C TYR UA 222 169.97 21.62 20.89
N SER UA 223 170.76 21.30 21.91
CA SER UA 223 171.71 22.23 22.50
C SER UA 223 173.04 21.51 22.70
N PHE UA 224 174.14 22.25 22.60
CA PHE UA 224 175.46 21.63 22.63
C PHE UA 224 176.42 22.47 23.45
N MET UA 225 177.50 21.81 23.88
CA MET UA 225 178.57 22.44 24.65
C MET UA 225 179.86 22.41 23.85
N ASP UA 226 180.62 23.51 23.91
CA ASP UA 226 181.83 23.62 23.11
C ASP UA 226 182.97 22.81 23.71
N LEU UA 227 183.96 22.51 22.87
CA LEU UA 227 185.16 21.77 23.27
C LEU UA 227 186.38 22.44 22.68
N GLU UA 228 187.55 21.99 23.14
CA GLU UA 228 188.82 22.54 22.69
C GLU UA 228 189.88 21.45 22.72
N ILE UA 229 190.57 21.26 21.59
CA ILE UA 229 191.64 20.28 21.49
C ILE UA 229 192.93 20.90 22.05
N LEU UA 230 193.54 20.24 23.03
CA LEU UA 230 194.84 20.68 23.52
C LEU UA 230 195.91 20.40 22.46
N GLU UA 231 197.15 20.78 22.79
CA GLU UA 231 198.28 20.41 21.94
C GLU UA 231 198.34 18.91 21.75
N ASP UA 232 198.19 18.15 22.83
CA ASP UA 232 198.05 16.71 22.76
C ASP UA 232 196.63 16.34 22.32
N ARG UA 233 196.34 15.04 22.31
CA ARG UA 233 194.99 14.57 22.01
C ARG UA 233 193.99 14.89 23.11
N SER UA 234 194.45 15.43 24.25
CA SER UA 234 193.55 15.77 25.35
C SER UA 234 192.50 16.79 24.92
N LEU UA 235 191.32 16.68 25.53
CA LEU UA 235 190.21 17.58 25.24
C LEU UA 235 189.84 18.35 26.51
N ARG UA 236 189.38 19.58 26.30
CA ARG UA 236 188.95 20.44 27.40
C ARG UA 236 187.62 21.07 27.05
N VAL UA 237 186.88 21.50 28.06
CA VAL UA 237 185.60 22.16 27.85
C VAL UA 237 185.81 23.66 27.98
N SER UA 238 185.11 24.42 27.14
CA SER UA 238 185.27 25.87 27.08
C SER UA 238 183.92 26.55 27.30
N SER UA 239 183.92 27.64 28.04
CA SER UA 239 182.70 28.37 28.39
C SER UA 239 182.88 29.84 28.03
N SER UA 240 182.07 30.32 27.10
CA SER UA 240 182.04 31.74 26.77
C SER UA 240 181.24 32.47 27.84
N ALA UA 241 181.94 33.23 28.69
CA ALA UA 241 181.33 33.92 29.82
C ALA UA 241 180.61 32.95 30.76
N GLY UA 242 181.11 31.72 30.85
CA GLY UA 242 180.52 30.72 31.72
C GLY UA 242 179.20 30.17 31.26
N ALA UA 243 178.85 30.33 29.98
CA ALA UA 243 177.56 29.85 29.50
C ALA UA 243 177.48 28.33 29.55
N MET UA 244 178.47 27.64 28.97
CA MET UA 244 178.48 26.18 28.86
C MET UA 244 177.26 25.63 28.14
N PHE UA 245 176.53 26.48 27.41
CA PHE UA 245 175.37 26.05 26.63
C PHE UA 245 175.30 26.95 25.41
N ASP UA 246 175.77 26.44 24.28
CA ASP UA 246 175.84 27.24 23.06
C ASP UA 246 174.64 26.93 22.18
N SER UA 247 173.98 27.99 21.71
CA SER UA 247 172.81 27.87 20.85
C SER UA 247 173.11 28.31 19.42
N GLY UA 248 174.38 28.36 19.04
CA GLY UA 248 174.75 28.83 17.72
C GLY UA 248 174.36 30.27 17.47
N LYS UA 249 174.53 31.12 18.48
CA LYS UA 249 174.16 32.53 18.40
C LYS UA 249 175.41 33.38 18.20
N ALA UA 250 175.22 34.52 17.54
CA ALA UA 250 176.32 35.46 17.35
C ALA UA 250 176.74 36.07 18.68
N GLU UA 251 178.03 36.43 18.77
CA GLU UA 251 178.55 37.01 20.00
C GLU UA 251 177.86 38.33 20.32
N SER UA 252 177.64 39.17 19.31
CA SER UA 252 176.97 40.46 19.46
C SER UA 252 177.68 41.34 20.48
CA ARG VA 3 155.75 37.54 23.02
C ARG VA 3 155.30 36.11 23.28
N PRO VA 4 156.24 35.25 23.68
CA PRO VA 4 155.89 33.86 23.96
C PRO VA 4 154.87 33.75 25.07
N MET VA 5 153.96 32.78 24.93
CA MET VA 5 152.92 32.58 25.93
C MET VA 5 153.54 32.20 27.28
N PHE VA 6 154.58 31.38 27.28
CA PHE VA 6 155.22 31.01 28.53
C PHE VA 6 155.80 32.23 29.23
N ALA VA 7 156.46 33.11 28.47
CA ALA VA 7 157.02 34.33 29.07
C ALA VA 7 155.91 35.23 29.61
N VAL VA 8 154.81 35.36 28.86
CA VAL VA 8 153.70 36.19 29.32
C VAL VA 8 153.11 35.63 30.61
N ALA VA 9 152.91 34.32 30.67
CA ALA VA 9 152.36 33.71 31.87
C ALA VA 9 153.31 33.85 33.05
N VAL VA 10 154.62 33.71 32.80
CA VAL VA 10 155.59 33.88 33.87
C VAL VA 10 155.55 35.30 34.41
N ASN VA 11 155.46 36.29 33.52
CA ASN VA 11 155.36 37.68 33.97
C ASN VA 11 154.09 37.92 34.77
N GLU VA 12 152.97 37.36 34.31
CA GLU VA 12 151.71 37.51 35.04
C GLU VA 12 151.82 36.91 36.44
N PHE VA 13 152.38 35.71 36.53
CA PHE VA 13 152.53 35.06 37.83
C PHE VA 13 153.44 35.85 38.74
N ILE VA 14 154.58 36.31 38.22
CA ILE VA 14 155.53 37.02 39.07
C ILE VA 14 154.98 38.36 39.51
N ARG VA 15 154.13 38.99 38.68
CA ARG VA 15 153.48 40.22 39.12
C ARG VA 15 152.45 39.95 40.19
N SER VA 16 151.60 38.94 39.99
CA SER VA 16 150.54 38.66 40.95
C SER VA 16 151.12 38.24 42.30
N ALA VA 17 152.14 37.40 42.29
CA ALA VA 17 152.78 36.93 43.51
C ALA VA 17 154.29 37.05 43.38
N GLY VA 18 154.94 37.54 44.43
CA GLY VA 18 156.39 37.65 44.43
C GLY VA 18 156.96 38.61 43.42
N GLN VA 19 156.38 39.83 43.34
CA GLN VA 19 156.92 40.83 42.43
C GLN VA 19 158.35 41.20 42.77
N ASP VA 20 158.73 41.07 44.04
CA ASP VA 20 160.08 41.31 44.49
C ASP VA 20 160.74 39.98 44.86
N SER VA 21 162.07 39.96 44.74
CA SER VA 21 162.88 38.78 45.09
C SER VA 21 162.44 37.55 44.30
N LEU VA 22 162.31 37.70 42.99
CA LEU VA 22 161.91 36.60 42.13
C LEU VA 22 162.36 36.89 40.71
N CYS VA 23 162.92 35.89 40.04
CA CYS VA 23 163.44 36.02 38.69
C CYS VA 23 162.67 35.09 37.76
N GLY VA 24 162.19 35.64 36.65
CA GLY VA 24 161.47 34.84 35.68
C GLY VA 24 162.36 33.81 35.00
N VAL VA 25 161.72 32.75 34.52
CA VAL VA 25 162.41 31.67 33.82
C VAL VA 25 162.44 32.01 32.32
N PRO VA 26 163.62 31.93 31.68
CA PRO VA 26 163.69 32.33 30.27
C PRO VA 26 162.84 31.50 29.33
N ASP VA 27 162.84 30.18 29.48
CA ASP VA 27 162.10 29.33 28.55
C ASP VA 27 161.83 27.99 29.20
N ILE VA 28 160.89 27.24 28.60
CA ILE VA 28 160.49 25.95 29.12
C ILE VA 28 161.64 24.98 29.13
N ASN VA 29 162.45 24.98 28.07
CA ASN VA 29 163.56 24.05 27.97
C ASN VA 29 164.56 24.24 29.11
N SER VA 30 164.88 25.49 29.43
CA SER VA 30 165.85 25.79 30.47
C SER VA 30 165.21 25.95 31.84
N SER VA 31 163.89 25.75 31.95
CA SER VA 31 163.23 25.85 33.24
C SER VA 31 163.78 24.82 34.22
N GLY VA 32 164.12 23.62 33.73
CA GLY VA 32 164.57 22.57 34.62
C GLY VA 32 165.95 22.76 35.19
N ASP VA 33 166.70 23.75 34.70
CA ASP VA 33 168.04 24.01 35.20
C ASP VA 33 168.07 25.01 36.35
N PHE VA 34 166.92 25.48 36.81
CA PHE VA 34 166.84 26.46 37.88
C PHE VA 34 166.18 25.89 39.13
N MET VA 35 166.37 24.60 39.37
CA MET VA 35 165.90 23.97 40.59
C MET VA 35 166.82 24.35 41.76
N PRO VA 36 166.36 24.17 43.00
CA PRO VA 36 167.19 24.55 44.14
C PRO VA 36 168.52 23.82 44.16
N LEU VA 37 169.53 24.50 44.72
CA LEU VA 37 170.90 23.99 44.81
C LEU VA 37 171.53 23.82 43.43
N HIS VA 38 171.37 24.84 42.59
CA HIS VA 38 172.00 24.89 41.27
C HIS VA 38 172.86 26.14 41.18
N ILE VA 39 173.98 26.02 40.48
CA ILE VA 39 174.91 27.13 40.29
C ILE VA 39 174.55 27.86 39.01
N ILE VA 40 174.52 29.20 39.08
CA ILE VA 40 174.29 30.06 37.93
C ILE VA 40 175.37 31.13 37.91
N VAL VA 41 175.56 31.72 36.73
CA VAL VA 41 176.57 32.75 36.52
C VAL VA 41 175.88 34.06 36.23
N LYS VA 42 176.33 35.12 36.87
CA LYS VA 42 175.79 36.46 36.69
C LYS VA 42 176.84 37.36 36.04
N GLU VA 43 176.44 38.05 34.98
CA GLU VA 43 177.30 38.95 34.23
C GLU VA 43 176.78 40.36 34.35
N VAL VA 44 177.66 41.30 34.69
CA VAL VA 44 177.29 42.70 34.88
C VAL VA 44 177.00 43.34 33.53
N PRO VA 45 176.17 44.38 33.48
CA PRO VA 45 175.87 45.01 32.17
C PRO VA 45 177.09 45.60 31.49
N LYS VA 46 178.07 46.10 32.24
CA LYS VA 46 179.30 46.71 31.77
C LYS VA 46 179.09 48.04 31.08
N VAL VA 47 177.84 48.49 30.91
CA VAL VA 47 177.56 49.78 30.29
C VAL VA 47 176.87 50.68 31.30
N LEU VA 48 175.72 50.26 31.81
CA LEU VA 48 174.97 50.97 32.83
C LEU VA 48 174.63 49.97 33.93
N PRO VA 49 175.61 49.60 34.76
CA PRO VA 49 175.35 48.58 35.79
C PRO VA 49 174.24 48.95 36.75
N CYS VA 50 174.12 50.23 37.11
CA CYS VA 50 173.08 50.66 38.03
C CYS VA 50 171.75 50.91 37.35
N CYS VA 51 171.70 50.90 36.02
CA CYS VA 51 170.47 51.16 35.28
C CYS VA 51 169.94 49.95 34.53
N ARG VA 52 170.74 48.90 34.35
CA ARG VA 52 170.34 47.72 33.59
C ARG VA 52 170.50 46.49 34.45
N ARG VA 53 169.52 45.57 34.35
CA ARG VA 53 169.60 44.33 35.10
C ARG VA 53 170.66 43.41 34.50
N PRO VA 54 171.34 42.63 35.33
CA PRO VA 54 172.42 41.78 34.83
C PRO VA 54 171.93 40.61 33.99
N LYS VA 55 172.85 39.81 33.47
CA LYS VA 55 172.54 38.67 32.61
C LYS VA 55 172.80 37.38 33.38
N ILE VA 56 171.84 36.47 33.34
CA ILE VA 56 171.91 35.22 34.11
C ILE VA 56 172.09 34.06 33.15
N LYS VA 57 173.11 33.23 33.41
CA LYS VA 57 173.47 32.10 32.58
C LYS VA 57 173.36 30.82 33.40
N ARG VA 58 172.67 29.82 32.87
CA ARG VA 58 172.54 28.53 33.53
C ARG VA 58 173.78 27.69 33.31
N THR VA 59 174.07 26.83 34.28
CA THR VA 59 175.19 25.92 34.21
C THR VA 59 174.76 24.52 34.60
N PRO VA 60 175.40 23.48 34.06
CA PRO VA 60 175.05 22.10 34.42
C PRO VA 60 175.82 21.60 35.64
N TYR VA 61 175.66 22.31 36.75
CA TYR VA 61 176.36 21.97 37.97
C TYR VA 61 175.44 22.11 39.17
N THR VA 62 175.68 21.27 40.17
CA THR VA 62 175.05 21.39 41.48
C THR VA 62 176.12 21.77 42.51
N LEU VA 63 175.65 22.08 43.72
CA LEU VA 63 176.56 22.50 44.77
C LEU VA 63 177.55 21.40 45.12
N ASN VA 64 177.07 20.16 45.23
CA ASN VA 64 177.94 19.05 45.60
C ASN VA 64 178.98 18.78 44.52
N ASP VA 65 178.60 18.95 43.25
CA ASP VA 65 179.57 18.77 42.18
C ASP VA 65 180.60 19.89 42.17
N ILE VA 66 180.16 21.13 42.37
CA ILE VA 66 181.08 22.26 42.31
C ILE VA 66 182.00 22.29 43.52
N LEU VA 67 181.59 21.69 44.64
CA LEU VA 67 182.37 21.71 45.87
C LEU VA 67 183.12 20.41 46.07
N ASP VA 68 184.36 20.52 46.54
CA ASP VA 68 185.12 19.34 46.91
C ASP VA 68 184.45 18.61 48.07
N GLU VA 69 183.97 19.35 49.07
CA GLU VA 69 183.30 18.75 50.21
C GLU VA 69 181.79 18.79 50.00
N PRO VA 70 181.10 17.65 50.06
CA PRO VA 70 179.65 17.66 49.85
C PRO VA 70 178.90 18.31 51.00
N CYS VA 71 177.68 18.71 50.70
CA CYS VA 71 176.76 19.35 51.64
C CYS VA 71 175.42 18.62 51.59
N PRO VA 72 174.65 18.68 52.67
CA PRO VA 72 173.30 18.10 52.63
C PRO VA 72 172.46 18.78 51.57
N ASN VA 73 171.60 17.99 50.92
CA ASN VA 73 170.85 18.47 49.75
C ASN VA 73 169.36 18.11 49.80
N GLN VA 74 168.84 17.69 50.95
CA GLN VA 74 167.43 17.34 51.02
C GLN VA 74 166.56 18.57 50.80
N LEU VA 75 165.39 18.35 50.20
CA LEU VA 75 164.48 19.43 49.84
C LEU VA 75 163.11 19.20 50.45
N LYS VA 76 162.27 20.23 50.38
CA LYS VA 76 160.89 20.17 50.82
C LYS VA 76 160.07 21.17 50.02
N SER VA 77 158.79 20.88 49.88
CA SER VA 77 157.89 21.71 49.08
C SER VA 77 156.63 22.01 49.87
N SER VA 78 156.06 23.18 49.58
CA SER VA 78 154.83 23.61 50.24
C SER VA 78 154.08 24.56 49.32
N ASP VA 79 152.77 24.65 49.51
CA ASP VA 79 151.94 25.46 48.63
C ASP VA 79 152.28 26.94 48.75
N LEU VA 80 152.18 27.65 47.63
CA LEU VA 80 152.47 29.07 47.59
C LEU VA 80 151.27 29.92 47.21
N VAL VA 81 150.61 29.60 46.08
CA VAL VA 81 149.46 30.36 45.61
C VAL VA 81 148.61 29.43 44.75
N THR VA 82 147.35 29.80 44.56
CA THR VA 82 146.39 28.98 43.83
C THR VA 82 145.54 29.89 42.95
N PHE VA 83 145.64 29.73 41.64
CA PHE VA 83 144.82 30.46 40.68
C PHE VA 83 143.54 29.66 40.45
N THR VA 84 142.46 30.08 41.11
CA THR VA 84 141.21 29.32 41.04
C THR VA 84 140.62 29.35 39.64
N GLU VA 85 140.72 30.49 38.95
CA GLU VA 85 140.16 30.62 37.62
C GLU VA 85 141.21 31.12 36.65
N PRO VA 86 141.10 30.77 35.37
CA PRO VA 86 142.12 31.18 34.40
C PRO VA 86 142.20 32.69 34.25
N LEU VA 87 143.43 33.17 34.06
CA LEU VA 87 143.65 34.56 33.69
C LEU VA 87 143.23 34.75 32.24
N VAL VA 88 142.25 35.62 32.02
CA VAL VA 88 141.65 35.84 30.71
C VAL VA 88 141.88 37.28 30.30
N SER VA 89 142.35 37.48 29.07
CA SER VA 89 142.61 38.81 28.54
C SER VA 89 142.00 38.93 27.15
N ASN VA 90 141.36 40.06 26.89
CA ASN VA 90 140.76 40.35 25.60
C ASN VA 90 141.17 41.75 25.15
N VAL VA 91 141.57 41.88 23.89
CA VAL VA 91 141.88 43.17 23.29
C VAL VA 91 141.18 43.22 21.94
N LYS VA 92 140.51 44.33 21.66
CA LYS VA 92 139.77 44.48 20.41
C LYS VA 92 139.95 45.91 19.93
N ALA VA 93 140.62 46.08 18.80
CA ALA VA 93 140.87 47.40 18.23
C ALA VA 93 140.30 47.46 16.82
N SER VA 94 139.84 48.64 16.44
CA SER VA 94 139.30 48.86 15.10
C SER VA 94 139.45 50.34 14.75
N SER VA 95 140.00 50.62 13.57
CA SER VA 95 140.27 51.99 13.16
C SER VA 95 140.00 52.14 11.67
N SER VA 96 139.74 53.37 11.27
CA SER VA 96 139.49 53.70 9.87
C SER VA 96 140.02 55.10 9.59
N ILE VA 97 140.62 55.27 8.40
CA ILE VA 97 141.21 56.53 7.98
C ILE VA 97 140.67 56.87 6.60
N GLY VA 98 140.28 58.13 6.40
CA GLY VA 98 139.85 58.59 5.10
C GLY VA 98 140.48 59.91 4.72
N LEU VA 99 141.23 59.94 3.61
CA LEU VA 99 141.92 61.13 3.15
C LEU VA 99 141.40 61.50 1.77
N GLN VA 100 141.11 62.78 1.57
CA GLN VA 100 140.67 63.28 0.28
C GLN VA 100 141.39 64.58 -0.04
N ILE VA 101 141.96 64.65 -1.23
CA ILE VA 101 142.60 65.87 -1.74
C ILE VA 101 141.82 66.26 -2.99
N LEU VA 102 140.92 67.23 -2.85
CA LEU VA 102 140.11 67.80 -3.93
C LEU VA 102 139.37 66.65 -4.61
N LYS VA 103 139.36 66.58 -5.94
CA LYS VA 103 138.88 65.42 -6.68
C LYS VA 103 140.03 64.67 -7.33
N HIS VA 104 141.24 64.83 -6.80
CA HIS VA 104 142.43 64.21 -7.35
C HIS VA 104 142.95 63.03 -6.55
N PHE VA 105 142.79 63.04 -5.23
CA PHE VA 105 143.26 61.94 -4.40
C PHE VA 105 142.14 61.50 -3.46
N ASP VA 106 141.97 60.19 -3.30
CA ASP VA 106 140.96 59.67 -2.39
C ASP VA 106 141.41 58.30 -1.88
N SER VA 107 141.81 58.23 -0.62
CA SER VA 107 142.27 57.00 -0.01
C SER VA 107 141.42 56.65 1.19
N GLY VA 108 141.05 55.38 1.30
CA GLY VA 108 140.32 54.89 2.45
C GLY VA 108 140.90 53.60 2.99
N ALA VA 109 141.38 53.63 4.23
CA ALA VA 109 141.99 52.47 4.86
C ALA VA 109 141.23 52.11 6.12
N LYS VA 110 141.32 50.84 6.51
CA LYS VA 110 140.68 50.40 7.74
C LYS VA 110 141.38 49.15 8.23
N GLY VA 111 141.39 48.98 9.55
CA GLY VA 111 142.04 47.84 10.16
C GLY VA 111 141.30 47.41 11.41
N SER VA 112 141.45 46.14 11.74
CA SER VA 112 140.83 45.59 12.95
C SER VA 112 141.70 44.47 13.50
N LYS VA 113 141.62 44.28 14.81
CA LYS VA 113 142.42 43.26 15.48
C LYS VA 113 141.67 42.76 16.70
N ASN VA 114 141.70 41.44 16.90
CA ASN VA 114 141.07 40.79 18.04
C ASN VA 114 142.04 39.78 18.61
N PHE VA 115 142.41 39.95 19.87
CA PHE VA 115 143.43 39.15 20.53
C PHE VA 115 142.87 38.62 21.84
N ILE VA 116 142.95 37.30 22.03
CA ILE VA 116 142.39 36.64 23.20
C ILE VA 116 143.45 35.74 23.82
N THR VA 117 143.60 35.80 25.14
CA THR VA 117 144.58 35.00 25.85
C THR VA 117 143.93 34.37 27.09
N SER VA 118 144.32 33.13 27.38
CA SER VA 118 143.85 32.43 28.57
C SER VA 118 144.97 31.59 29.13
N ALA VA 119 145.23 31.74 30.43
CA ALA VA 119 146.27 30.98 31.11
C ALA VA 119 145.70 30.33 32.36
N SER VA 120 145.86 29.02 32.47
CA SER VA 120 145.39 28.25 33.62
C SER VA 120 146.60 27.59 34.25
N LEU VA 121 147.09 28.16 35.35
CA LEU VA 121 148.26 27.65 36.05
C LEU VA 121 147.93 26.73 37.20
N GLY VA 122 146.66 26.60 37.58
CA GLY VA 122 146.30 25.71 38.65
C GLY VA 122 146.92 26.13 39.96
N THR VA 123 147.66 25.21 40.59
CA THR VA 123 148.30 25.44 41.87
C THR VA 123 149.81 25.54 41.66
N VAL VA 124 150.43 26.51 42.32
CA VAL VA 124 151.88 26.71 42.27
C VAL VA 124 152.44 26.43 43.66
N VAL VA 125 153.46 25.59 43.72
CA VAL VA 125 154.13 25.25 44.96
C VAL VA 125 155.54 25.82 44.93
N LYS VA 126 156.17 25.86 46.11
CA LYS VA 126 157.54 26.34 46.26
C LYS VA 126 158.38 25.23 46.87
N ALA VA 127 159.54 24.99 46.27
CA ALA VA 127 160.47 23.97 46.72
C ALA VA 127 161.78 24.63 47.14
N GLU VA 128 162.31 24.17 48.27
CA GLU VA 128 163.50 24.77 48.86
C GLU VA 128 164.15 23.77 49.80
N THR VA 129 165.42 24.02 50.12
CA THR VA 129 166.14 23.17 51.04
C THR VA 129 165.47 23.13 52.40
N ILE VA 130 165.51 21.97 53.04
CA ILE VA 130 164.89 21.83 54.36
C ILE VA 130 165.57 22.76 55.37
N ASP VA 131 166.90 22.81 55.36
CA ASP VA 131 167.66 23.69 56.23
C ASP VA 131 168.72 24.39 55.40
N ILE VA 132 168.61 25.71 55.31
CA ILE VA 132 169.57 26.50 54.53
C ILE VA 132 170.79 26.90 55.36
N THR VA 133 170.63 27.02 56.68
CA THR VA 133 171.74 27.42 57.53
C THR VA 133 172.87 26.40 57.47
N LYS VA 134 172.53 25.10 57.51
CA LYS VA 134 173.55 24.07 57.43
C LYS VA 134 174.27 24.12 56.08
N VAL VA 135 173.52 24.30 54.99
CA VAL VA 135 174.12 24.40 53.67
C VAL VA 135 175.08 25.58 53.62
N LEU VA 136 174.66 26.73 54.15
CA LEU VA 136 175.52 27.91 54.14
C LEU VA 136 176.79 27.67 54.96
N ALA VA 137 176.66 27.06 56.13
CA ALA VA 137 177.82 26.79 56.97
C ALA VA 137 178.81 25.89 56.24
N LYS VA 138 178.30 24.79 55.67
CA LYS VA 138 179.18 23.86 54.95
C LYS VA 138 179.83 24.53 53.74
N VAL VA 139 179.09 25.36 53.03
CA VAL VA 139 179.67 26.09 51.90
C VAL VA 139 180.83 26.95 52.38
N ARG VA 140 180.61 27.71 53.44
CA ARG VA 140 181.64 28.60 53.94
C ARG VA 140 182.87 27.83 54.41
N THR VA 141 182.67 26.63 54.95
CA THR VA 141 183.80 25.84 55.42
C THR VA 141 184.33 24.88 54.37
N ALA VA 142 183.78 24.87 53.16
CA ALA VA 142 184.17 23.93 52.12
C ALA VA 142 184.87 24.65 50.97
N LYS VA 143 185.80 23.96 50.33
CA LYS VA 143 186.53 24.48 49.18
C LYS VA 143 185.96 23.95 47.88
N ALA VA 144 186.03 24.79 46.83
CA ALA VA 144 185.52 24.41 45.52
C ALA VA 144 186.42 23.37 44.87
N LYS VA 145 185.93 22.80 43.77
CA LYS VA 145 186.67 21.77 43.04
C LYS VA 145 187.79 22.41 42.24
N VAL VA 146 189.03 22.00 42.53
CA VAL VA 146 190.19 22.55 41.81
C VAL VA 146 190.12 22.17 40.33
N GLU VA 147 189.68 20.95 40.03
CA GLU VA 147 189.58 20.50 38.65
C GLU VA 147 188.62 21.36 37.83
N ASN VA 148 187.53 21.83 38.44
CA ASN VA 148 186.51 22.57 37.71
C ASN VA 148 187.10 23.82 37.07
N ASP VA 149 186.73 24.04 35.80
CA ASP VA 149 187.21 25.19 35.03
C ASP VA 149 186.36 26.42 35.23
N LEU VA 150 185.04 26.23 35.37
CA LEU VA 150 184.13 27.36 35.56
C LEU VA 150 184.51 28.20 36.77
N VAL VA 151 184.82 27.54 37.89
CA VAL VA 151 185.20 28.26 39.10
C VAL VA 151 186.45 29.10 38.85
N SER VA 152 187.44 28.53 38.19
CA SER VA 152 188.67 29.27 37.89
C SER VA 152 188.38 30.46 36.99
N ARG VA 153 187.54 30.25 35.96
CA ARG VA 153 187.16 31.36 35.08
C ARG VA 153 186.52 32.49 35.87
N VAL VA 154 185.55 32.17 36.72
CA VAL VA 154 184.87 33.19 37.52
C VAL VA 154 185.84 33.86 38.48
N MET VA 155 186.80 33.12 39.02
CA MET VA 155 187.79 33.70 39.93
C MET VA 155 188.67 34.70 39.20
N LYS VA 156 189.15 34.34 38.01
CA LYS VA 156 190.07 35.24 37.31
C LYS VA 156 189.34 36.44 36.73
N THR VA 157 188.10 36.26 36.29
CA THR VA 157 187.33 37.39 35.76
C THR VA 157 186.69 38.18 36.89
N LYS VA 158 186.45 39.47 36.63
CA LYS VA 158 185.86 40.36 37.60
C LYS VA 158 184.37 40.59 37.40
N ARG VA 159 183.89 40.49 36.16
CA ARG VA 159 182.46 40.70 35.91
C ARG VA 159 181.64 39.51 36.39
N LEU VA 160 182.14 38.29 36.16
CA LEU VA 160 181.38 37.10 36.46
C LEU VA 160 181.22 36.90 37.96
N CYS VA 161 180.03 36.47 38.37
CA CYS VA 161 179.75 36.13 39.76
C CYS VA 161 178.98 34.82 39.80
N LEU VA 162 179.09 34.11 40.93
CA LEU VA 162 178.41 32.84 41.10
C LEU VA 162 177.18 33.01 42.00
N GLY VA 163 176.13 32.28 41.68
CA GLY VA 163 174.93 32.32 42.48
C GLY VA 163 174.31 30.95 42.72
N LEU VA 164 173.91 30.68 43.96
CA LEU VA 164 173.30 29.41 44.33
C LEU VA 164 171.80 29.62 44.43
N VAL VA 165 171.04 28.82 43.69
CA VAL VA 165 169.58 28.92 43.70
C VAL VA 165 169.05 28.24 44.96
N VAL VA 166 168.16 28.92 45.67
CA VAL VA 166 167.70 28.46 46.97
C VAL VA 166 166.21 28.17 47.03
N GLU VA 167 165.39 28.71 46.13
CA GLU VA 167 163.97 28.42 46.14
C GLU VA 167 163.43 28.50 44.72
N THR VA 168 162.46 27.66 44.41
CA THR VA 168 161.90 27.60 43.07
C THR VA 168 160.39 27.40 43.12
N ALA VA 169 159.68 28.10 42.24
CA ALA VA 169 158.23 27.99 42.13
C ALA VA 169 157.90 27.10 40.94
N CYS VA 170 157.13 26.04 41.19
CA CYS VA 170 156.81 25.04 40.18
C CYS VA 170 155.32 24.74 40.18
N VAL VA 171 154.77 24.45 39.01
CA VAL VA 171 153.35 24.12 38.90
C VAL VA 171 153.14 22.69 39.40
N ALA VA 172 152.14 22.52 40.27
CA ALA VA 172 151.85 21.20 40.81
C ALA VA 172 151.23 20.29 39.75
N ALA VA 173 150.35 20.83 38.91
CA ALA VA 173 149.67 20.07 37.89
C ALA VA 173 149.92 20.70 36.52
N ALA VA 174 149.33 20.10 35.49
CA ALA VA 174 149.52 20.60 34.13
C ALA VA 174 148.91 21.98 33.97
N GLY VA 175 149.61 22.84 33.24
CA GLY VA 175 149.16 24.21 32.98
C GLY VA 175 148.83 24.41 31.52
N LYS VA 176 147.72 25.09 31.26
CA LYS VA 176 147.20 25.26 29.91
C LYS VA 176 147.30 26.71 29.46
N LEU VA 177 147.87 26.94 28.28
CA LEU VA 177 148.03 28.28 27.73
C LEU VA 177 147.42 28.32 26.34
N THR VA 178 146.45 29.22 26.13
CA THR VA 178 145.74 29.34 24.87
C THR VA 178 145.77 30.78 24.38
N GLU VA 179 145.99 30.95 23.07
CA GLU VA 179 146.05 32.27 22.45
C GLU VA 179 145.35 32.22 21.09
N ALA VA 180 144.56 33.25 20.81
CA ALA VA 180 143.87 33.38 19.53
C ALA VA 180 144.05 34.80 19.00
N ASP VA 181 144.35 34.91 17.70
CA ASP VA 181 144.60 36.18 17.05
C ASP VA 181 143.82 36.22 15.74
N ASN VA 182 143.14 37.35 15.48
CA ASN VA 182 142.44 37.55 14.21
C ASN VA 182 142.56 39.01 13.84
N TRP VA 183 143.31 39.33 12.79
CA TRP VA 183 143.41 40.72 12.39
C TRP VA 183 143.24 40.86 10.88
N GLU VA 184 142.82 42.05 10.47
CA GLU VA 184 142.38 42.30 9.10
C GLU VA 184 142.71 43.72 8.69
N ILE VA 185 143.14 43.89 7.44
CA ILE VA 185 143.47 45.18 6.85
C ILE VA 185 142.76 45.29 5.50
N SER VA 186 142.09 46.42 5.26
CA SER VA 186 141.44 46.69 3.99
C SER VA 186 141.76 48.12 3.56
N GLY VA 187 142.43 48.27 2.42
CA GLY VA 187 142.83 49.58 1.95
C GLY VA 187 142.42 49.79 0.51
N HIS VA 188 142.19 51.06 0.18
CA HIS VA 188 141.75 51.46 -1.17
C HIS VA 188 142.34 52.82 -1.49
N THR VA 189 142.79 52.97 -2.74
CA THR VA 189 143.43 54.20 -3.21
C THR VA 189 142.87 54.55 -4.58
N ASN VA 190 142.55 55.83 -4.78
CA ASN VA 190 142.05 56.33 -6.06
C ASN VA 190 142.79 57.63 -6.38
N ALA VA 191 143.64 57.57 -7.39
CA ALA VA 191 144.37 58.75 -7.87
C ALA VA 191 143.78 59.13 -9.23
N ASN VA 192 143.00 60.20 -9.25
CA ASN VA 192 142.37 60.70 -10.47
C ASN VA 192 143.15 61.91 -10.97
N ILE VA 193 143.63 61.83 -12.21
CA ILE VA 193 144.34 62.92 -12.86
C ILE VA 193 143.67 63.16 -14.20
N GLY VA 194 143.96 64.34 -14.78
CA GLY VA 194 143.33 64.70 -16.04
C GLY VA 194 143.55 63.69 -17.15
N GLU VA 195 144.71 63.04 -17.16
CA GLU VA 195 145.02 62.05 -18.19
C GLU VA 195 145.34 60.67 -17.62
N ALA VA 196 145.12 60.46 -16.31
CA ALA VA 196 145.44 59.18 -15.70
C ALA VA 196 144.46 58.90 -14.58
N VAL VA 197 144.00 57.65 -14.49
CA VAL VA 197 143.13 57.19 -13.42
C VAL VA 197 143.69 55.90 -12.87
N VAL VA 198 143.98 55.86 -11.57
CA VAL VA 198 144.52 54.68 -10.92
C VAL VA 198 143.60 54.30 -9.77
N THR VA 199 143.18 53.04 -9.72
CA THR VA 199 142.30 52.54 -8.66
C THR VA 199 142.88 51.24 -8.13
N ALA VA 200 143.42 51.28 -6.91
CA ALA VA 200 144.03 50.12 -6.28
C ALA VA 200 143.26 49.73 -5.03
N THR VA 201 143.23 48.43 -4.75
CA THR VA 201 142.53 47.90 -3.59
C THR VA 201 143.27 46.69 -3.07
N ALA VA 202 143.35 46.55 -1.75
CA ALA VA 202 144.05 45.41 -1.15
C ALA VA 202 143.37 45.02 0.16
N GLU VA 203 143.03 43.73 0.28
CA GLU VA 203 142.41 43.20 1.48
C GLU VA 203 143.20 41.98 1.93
N LEU VA 204 143.43 41.89 3.25
CA LEU VA 204 144.06 40.69 3.80
C LEU VA 204 143.60 40.50 5.24
N ASP VA 205 143.73 39.27 5.72
CA ASP VA 205 143.35 38.95 7.09
C ASP VA 205 144.06 37.68 7.52
N LYS VA 206 144.60 37.67 8.72
CA LYS VA 206 145.34 36.55 9.28
C LYS VA 206 144.66 36.06 10.55
N ASN VA 207 144.60 34.74 10.70
CA ASN VA 207 144.03 34.09 11.88
C ASN VA 207 145.02 33.06 12.40
N LEU VA 208 145.30 33.12 13.70
CA LEU VA 208 146.22 32.19 14.35
C LEU VA 208 145.62 31.70 15.66
N SER VA 209 146.02 30.50 16.07
CA SER VA 209 145.58 29.93 17.34
C SER VA 209 146.65 28.96 17.83
N ARG VA 210 147.13 29.18 19.05
CA ARG VA 210 148.17 28.35 19.63
C ARG VA 210 147.72 27.89 21.01
N LYS VA 211 147.77 26.58 21.27
CA LYS VA 211 147.36 26.02 22.54
C LYS VA 211 148.39 24.99 22.99
N ILE VA 212 148.98 25.21 24.17
CA ILE VA 212 150.00 24.32 24.70
C ILE VA 212 149.67 23.98 26.15
N GLU VA 213 150.36 22.96 26.66
CA GLU VA 213 150.15 22.47 28.02
C GLU VA 213 151.49 22.07 28.62
N ILE VA 214 151.98 22.86 29.57
CA ILE VA 214 153.22 22.53 30.28
C ILE VA 214 152.93 21.44 31.30
N PRO VA 215 153.85 20.49 31.48
CA PRO VA 215 153.60 19.36 32.38
C PRO VA 215 153.87 19.72 33.82
N PRO VA 216 153.42 18.92 34.77
CA PRO VA 216 153.72 19.20 36.18
C PRO VA 216 155.21 19.20 36.45
N GLY VA 217 155.64 20.08 37.35
CA GLY VA 217 157.02 20.19 37.74
C GLY VA 217 157.80 21.28 37.02
N THR VA 218 157.21 21.91 36.01
CA THR VA 218 157.90 22.96 35.28
C THR VA 218 158.15 24.16 36.18
N ALA VA 219 159.41 24.62 36.21
CA ALA VA 219 159.76 25.76 37.05
C ALA VA 219 159.26 27.06 36.42
N LEU VA 220 158.87 28.00 37.27
CA LEU VA 220 158.39 29.31 36.83
C LEU VA 220 159.30 30.45 37.23
N ALA VA 221 159.81 30.46 38.46
CA ALA VA 221 160.63 31.55 38.94
C ALA VA 221 161.53 31.04 40.05
N TYR VA 222 162.56 31.83 40.38
CA TYR VA 222 163.56 31.39 41.34
C TYR VA 222 164.20 32.60 42.00
N SER VA 223 164.88 32.33 43.11
CA SER VA 223 165.69 33.32 43.81
C SER VA 223 167.02 32.69 44.18
N PHE VA 224 168.07 33.50 44.22
CA PHE VA 224 169.41 32.96 44.42
C PHE VA 224 170.22 33.87 45.35
N MET VA 225 171.27 33.28 45.92
CA MET VA 225 172.19 33.98 46.81
C MET VA 225 173.57 34.03 46.19
N ASP VA 226 174.25 35.17 46.32
CA ASP VA 226 175.53 35.36 45.68
C ASP VA 226 176.65 34.63 46.43
N LEU VA 227 177.74 34.39 45.73
CA LEU VA 227 178.92 33.73 46.29
C LEU VA 227 180.17 34.48 45.85
N GLU VA 228 181.29 34.10 46.45
CA GLU VA 228 182.58 34.73 46.16
C GLU VA 228 183.69 33.71 46.34
N ILE VA 229 184.53 33.56 45.32
CA ILE VA 229 185.67 32.66 45.36
C ILE VA 229 186.83 33.36 46.07
N LEU VA 230 187.35 32.74 47.12
CA LEU VA 230 188.54 33.26 47.77
C LEU VA 230 189.76 33.05 46.87
N GLU VA 231 190.92 33.52 47.34
CA GLU VA 231 192.17 33.22 46.65
C GLU VA 231 192.35 31.71 46.47
N ASP VA 232 192.11 30.96 47.54
CA ASP VA 232 192.07 29.51 47.47
C ASP VA 232 190.75 29.05 46.87
N ARG VA 233 190.54 27.73 46.83
CA ARG VA 233 189.28 27.18 46.36
C ARG VA 233 188.13 27.44 47.33
N SER VA 234 188.39 28.00 48.50
CA SER VA 234 187.35 28.29 49.48
C SER VA 234 186.30 29.24 48.91
N LEU VA 235 185.06 29.05 49.36
CA LEU VA 235 183.94 29.88 48.94
C LEU VA 235 183.36 30.63 50.12
N ARG VA 236 182.87 31.83 49.86
CA ARG VA 236 182.24 32.66 50.88
C ARG VA 236 180.92 33.20 50.35
N VAL VA 237 180.05 33.59 51.26
CA VAL VA 237 178.76 34.17 50.88
C VAL VA 237 178.85 35.68 51.02
N SER VA 238 178.22 36.39 50.09
CA SER VA 238 178.29 37.84 50.04
C SER VA 238 176.88 38.43 50.07
N SER VA 239 176.72 39.53 50.80
CA SER VA 239 175.42 40.18 50.98
C SER VA 239 175.55 41.65 50.63
N SER VA 240 174.84 42.08 49.59
CA SER VA 240 174.77 43.49 49.25
C SER VA 240 173.79 44.17 50.20
N ALA VA 241 174.32 44.98 51.12
CA ALA VA 241 173.53 45.64 52.16
C ALA VA 241 172.76 44.62 53.01
N GLY VA 242 173.33 43.43 53.18
CA GLY VA 242 172.70 42.40 53.98
C GLY VA 242 171.48 41.75 53.36
N ALA VA 243 171.29 41.89 52.05
CA ALA VA 243 170.10 41.33 51.41
C ALA VA 243 170.10 39.80 51.47
N MET VA 244 171.20 39.18 51.03
CA MET VA 244 171.33 37.72 50.93
C MET VA 244 170.24 37.09 50.07
N PHE VA 245 169.57 37.89 49.25
CA PHE VA 245 168.54 37.38 48.34
C PHE VA 245 168.57 38.27 47.10
N ASP VA 246 169.21 37.79 46.04
CA ASP VA 246 169.38 38.59 44.84
C ASP VA 246 168.33 38.20 43.82
N SER VA 247 167.65 39.21 43.25
CA SER VA 247 166.62 39.02 42.25
C SER VA 247 167.07 39.47 40.87
N GLY VA 248 168.38 39.60 40.66
CA GLY VA 248 168.87 40.09 39.38
C GLY VA 248 168.44 41.50 39.07
N LYS VA 249 168.42 42.36 40.09
CA LYS VA 249 167.98 43.75 39.94
C LYS VA 249 169.19 44.68 39.89
N ALA VA 250 169.01 45.79 39.20
CA ALA VA 250 170.06 46.80 39.14
C ALA VA 250 170.27 47.44 40.50
N GLU VA 251 171.51 47.89 40.75
CA GLU VA 251 171.83 48.50 42.03
C GLU VA 251 171.03 49.78 42.25
N SER VA 252 170.88 50.60 41.20
CA SER VA 252 170.13 51.84 41.25
C SER VA 252 170.64 52.77 42.35
CA ARG WA 3 148.89 47.58 42.14
C ARG WA 3 148.49 46.11 42.35
N PRO WA 4 149.43 45.32 42.87
CA PRO WA 4 149.13 43.91 43.12
C PRO WA 4 147.99 43.74 44.11
N MET WA 5 147.17 42.71 43.85
CA MET WA 5 146.03 42.45 44.73
C MET WA 5 146.48 42.12 46.15
N PHE WA 6 147.57 41.36 46.27
CA PHE WA 6 148.07 41.04 47.61
C PHE WA 6 148.48 42.30 48.36
N ALA WA 7 149.17 43.22 47.69
CA ALA WA 7 149.57 44.47 48.33
C ALA WA 7 148.34 45.30 48.71
N VAL WA 8 147.34 45.35 47.83
CA VAL WA 8 146.14 46.12 48.14
C VAL WA 8 145.42 45.52 49.35
N ALA WA 9 145.30 44.20 49.40
CA ALA WA 9 144.64 43.56 50.52
C ALA WA 9 145.43 43.76 51.82
N VAL WA 10 146.76 43.71 51.74
CA VAL WA 10 147.58 43.94 52.92
C VAL WA 10 147.38 45.36 53.44
N ASN WA 11 147.34 46.34 52.53
CA ASN WA 11 147.10 47.72 52.94
C ASN WA 11 145.72 47.88 53.57
N GLU WA 12 144.70 47.25 52.98
CA GLU WA 12 143.36 47.32 53.55
C GLU WA 12 143.32 46.73 54.95
N PHE WA 13 143.95 45.57 55.12
CA PHE WA 13 143.97 44.94 56.45
C PHE WA 13 144.71 45.80 57.46
N ILE WA 14 145.88 46.32 57.08
CA ILE WA 14 146.67 47.09 58.03
C ILE WA 14 145.98 48.39 58.38
N ARG WA 15 145.21 48.97 57.45
CA ARG WA 15 144.42 50.16 57.78
C ARG WA 15 143.28 49.82 58.72
N SER WA 16 142.53 48.76 58.42
CA SER WA 16 141.38 48.42 59.25
C SER WA 16 141.80 48.04 60.67
N ALA WA 17 142.88 47.27 60.79
CA ALA WA 17 143.37 46.84 62.09
C ALA WA 17 144.88 47.06 62.15
N GLY WA 18 145.36 47.59 63.26
CA GLY WA 18 146.78 47.80 63.45
C GLY WA 18 147.41 48.79 62.51
N GLN WA 19 146.79 49.96 62.35
CA GLN WA 19 147.37 50.99 61.49
C GLN WA 19 148.71 51.46 62.02
N ASP WA 20 148.93 51.36 63.32
CA ASP WA 20 150.20 51.69 63.93
C ASP WA 20 150.90 50.40 64.41
N SER WA 21 152.23 50.46 64.45
CA SER WA 21 153.06 49.35 64.92
C SER WA 21 152.80 48.08 64.10
N LEU WA 22 152.82 48.22 62.78
CA LEU WA 22 152.61 47.09 61.89
C LEU WA 22 153.22 47.42 60.53
N CYS WA 23 153.92 46.44 59.94
CA CYS WA 23 154.60 46.60 58.67
C CYS WA 23 154.01 45.62 57.66
N GLY WA 24 153.65 46.14 56.48
CA GLY WA 24 153.11 45.29 55.45
C GLY WA 24 154.14 44.31 54.90
N VAL WA 25 153.63 43.22 54.35
CA VAL WA 25 154.47 42.18 53.75
C VAL WA 25 154.68 42.51 52.27
N PRO WA 26 155.92 42.50 51.78
CA PRO WA 26 156.16 42.91 50.39
C PRO WA 26 155.49 42.02 49.36
N ASP WA 27 155.55 40.70 49.52
CA ASP WA 27 154.99 39.80 48.52
C ASP WA 27 154.71 38.45 49.14
N ILE WA 28 153.92 37.64 48.43
CA ILE WA 28 153.52 36.34 48.92
C ILE WA 28 154.74 35.44 49.08
N ASN WA 29 155.67 35.49 48.14
CA ASN WA 29 156.85 34.63 48.19
C ASN WA 29 157.67 34.89 49.44
N SER WA 30 157.87 36.16 49.78
CA SER WA 30 158.68 36.52 50.94
C SER WA 30 157.86 36.64 52.21
N SER WA 31 156.55 36.36 52.15
CA SER WA 31 155.73 36.42 53.35
C SER WA 31 156.21 35.43 54.41
N GLY WA 32 156.69 34.26 53.98
CA GLY WA 32 157.08 33.23 54.93
C GLY WA 32 158.37 33.52 55.67
N ASP WA 33 159.11 34.56 55.27
CA ASP WA 33 160.36 34.90 55.93
C ASP WA 33 160.18 35.91 57.06
N PHE WA 34 158.95 36.30 57.36
CA PHE WA 34 158.67 37.28 58.41
C PHE WA 34 157.89 36.67 59.57
N MET WA 35 158.14 35.40 59.85
CA MET WA 35 157.56 34.74 61.00
C MET WA 35 158.29 35.18 62.27
N PRO WA 36 157.70 34.98 63.45
CA PRO WA 36 158.34 35.42 64.69
C PRO WA 36 159.71 34.78 64.88
N LEU WA 37 160.59 35.52 65.55
CA LEU WA 37 161.97 35.10 65.83
C LEU WA 37 162.78 34.96 64.53
N HIS WA 38 162.66 35.97 63.67
CA HIS WA 38 163.45 36.06 62.45
C HIS WA 38 164.23 37.36 62.45
N ILE WA 39 165.44 37.31 61.89
CA ILE WA 39 166.31 38.47 61.81
C ILE WA 39 166.07 39.18 60.49
N ILE WA 40 165.95 40.51 60.54
CA ILE WA 40 165.81 41.35 59.36
C ILE WA 40 166.82 42.48 59.46
N VAL WA 41 167.12 43.09 58.31
CA VAL WA 41 168.08 44.17 58.22
C VAL WA 41 167.35 45.44 57.82
N LYS WA 42 167.65 46.53 58.51
CA LYS WA 42 167.05 47.83 58.24
C LYS WA 42 168.12 48.79 57.72
N GLU WA 43 167.81 49.46 56.61
CA GLU WA 43 168.71 50.40 55.97
C GLU WA 43 168.08 51.78 56.00
N VAL WA 44 168.85 52.78 56.45
CA VAL WA 44 168.37 54.15 56.57
C VAL WA 44 168.21 54.77 55.18
N PRO WA 45 167.32 55.74 55.01
CA PRO WA 45 167.16 56.36 53.68
C PRO WA 45 168.41 57.01 53.14
N LYS WA 46 169.25 57.58 54.01
CA LYS WA 46 170.50 58.27 53.70
C LYS WA 46 170.28 59.58 52.96
N VAL WA 47 169.05 59.95 52.64
CA VAL WA 47 168.77 61.21 51.96
C VAL WA 47 167.91 62.08 52.87
N LEU WA 48 166.73 61.57 53.23
CA LEU WA 48 165.81 62.25 54.14
C LEU WA 48 165.40 61.24 55.21
N PRO WA 49 166.28 60.93 56.17
CA PRO WA 49 165.96 59.89 57.15
C PRO WA 49 164.71 60.20 57.96
N CYS WA 50 164.47 61.46 58.29
CA CYS WA 50 163.30 61.84 59.07
C CYS WA 50 162.05 62.00 58.22
N CYS WA 51 162.18 61.97 56.89
CA CYS WA 51 161.03 62.15 56.01
C CYS WA 51 160.68 60.91 55.21
N ARG WA 52 161.56 59.91 55.14
CA ARG WA 52 161.34 58.71 54.35
C ARG WA 52 161.45 57.49 55.24
N ARG WA 53 160.57 56.52 55.03
CA ARG WA 53 160.62 55.28 55.79
C ARG WA 53 161.81 54.43 55.34
N PRO WA 54 162.43 53.70 56.26
CA PRO WA 54 163.62 52.91 55.90
C PRO WA 54 163.30 51.71 55.03
N LYS WA 55 164.34 50.97 54.64
CA LYS WA 55 164.20 49.81 53.76
C LYS WA 55 164.46 48.54 54.57
N ILE WA 56 163.56 47.57 54.42
CA ILE WA 56 163.61 46.34 55.21
C ILE WA 56 163.99 45.18 54.30
N LYS WA 57 165.01 44.43 54.70
CA LYS WA 57 165.54 43.31 53.92
C LYS WA 57 165.42 42.04 54.74
N ARG WA 58 164.87 40.99 54.14
CA ARG WA 58 164.73 39.71 54.79
C ARG WA 58 166.06 38.94 54.74
N THR WA 59 166.26 38.10 55.74
CA THR WA 59 167.45 37.26 55.82
C THR WA 59 167.05 35.84 56.18
N PRO WA 60 167.82 34.84 55.74
CA PRO WA 60 167.51 33.44 56.05
C PRO WA 60 168.15 33.00 57.37
N TYR WA 61 167.81 33.70 58.45
CA TYR WA 61 168.38 33.42 59.76
C TYR WA 61 167.30 33.49 60.83
N THR WA 62 167.47 32.68 61.86
CA THR WA 62 166.67 32.76 63.07
C THR WA 62 167.56 33.21 64.23
N LEU WA 63 166.92 33.50 65.36
CA LEU WA 63 167.67 33.98 66.51
C LEU WA 63 168.67 32.95 67.00
N ASN WA 64 168.26 31.68 67.07
CA ASN WA 64 169.15 30.63 67.56
C ASN WA 64 170.33 30.42 66.62
N ASP WA 65 170.11 30.56 65.31
CA ASP WA 65 171.22 30.44 64.36
C ASP WA 65 172.16 31.63 64.48
N ILE WA 66 171.62 32.84 64.62
CA ILE WA 66 172.48 34.02 64.66
C ILE WA 66 173.23 34.11 65.97
N LEU WA 67 172.72 33.49 67.03
CA LEU WA 67 173.33 33.57 68.35
C LEU WA 67 174.13 32.32 68.66
N ASP WA 68 175.30 32.51 69.28
CA ASP WA 68 176.07 31.38 69.75
C ASP WA 68 175.31 30.61 70.83
N GLU WA 69 174.65 31.32 71.75
CA GLU WA 69 173.89 30.69 72.80
C GLU WA 69 172.42 30.63 72.41
N PRO WA 70 171.80 29.45 72.40
CA PRO WA 70 170.39 29.36 71.99
C PRO WA 70 169.46 29.97 73.04
N CYS WA 71 168.26 30.29 72.58
CA CYS WA 71 167.20 30.87 73.39
C CYS WA 71 165.93 30.06 73.19
N PRO WA 72 165.02 30.07 74.16
CA PRO WA 72 163.72 29.40 73.95
C PRO WA 72 162.98 30.02 72.78
N ASN WA 73 162.27 29.17 72.04
CA ASN WA 73 161.64 29.60 70.79
C ASN WA 73 160.19 29.15 70.65
N GLN WA 74 159.55 28.70 71.72
CA GLN WA 74 158.16 28.26 71.62
C GLN WA 74 157.25 29.43 71.27
N LEU WA 75 156.19 29.13 70.54
CA LEU WA 75 155.26 30.15 70.05
C LEU WA 75 153.84 29.84 70.49
N LYS WA 76 152.96 30.81 70.29
CA LYS WA 76 151.54 30.66 70.56
C LYS WA 76 150.78 31.60 69.65
N SER WA 77 149.53 31.23 69.35
CA SER WA 77 148.70 32.00 68.43
C SER WA 77 147.32 32.22 69.05
N SER WA 78 146.72 33.35 68.69
CA SER WA 78 145.39 33.70 69.17
C SER WA 78 144.71 34.60 68.16
N ASP WA 79 143.38 34.60 68.18
CA ASP WA 79 142.62 35.36 67.20
C ASP WA 79 142.85 36.85 67.34
N LEU WA 80 142.85 37.55 66.21
CA LEU WA 80 143.06 39.00 66.19
C LEU WA 80 141.86 39.75 65.64
N VAL WA 81 141.37 39.40 64.45
CA VAL WA 81 140.24 40.08 63.82
C VAL WA 81 139.57 39.09 62.87
N THR WA 82 138.32 39.38 62.52
CA THR WA 82 137.52 38.50 61.68
C THR WA 82 136.72 39.35 60.70
N PHE WA 83 137.00 39.18 59.41
CA PHE WA 83 136.27 39.86 58.35
C PHE WA 83 135.08 38.99 57.97
N THR WA 84 133.90 39.33 58.48
CA THR WA 84 132.72 38.49 58.26
C THR WA 84 132.30 38.48 56.80
N GLU WA 85 132.43 39.62 56.12
CA GLU WA 85 132.03 39.72 54.72
C GLU WA 85 133.17 40.27 53.89
N PRO WA 86 133.24 39.92 52.61
CA PRO WA 86 134.35 40.38 51.77
C PRO WA 86 134.35 41.90 51.62
N LEU WA 87 135.56 42.46 51.58
CA LEU WA 87 135.74 43.86 51.22
C LEU WA 87 135.50 44.02 49.73
N VAL WA 88 134.49 44.82 49.38
CA VAL WA 88 134.05 44.99 47.99
C VAL WA 88 134.25 46.44 47.61
N SER WA 89 134.85 46.67 46.44
CA SER WA 89 135.08 48.01 45.93
C SER WA 89 134.67 48.09 44.48
N ASN WA 90 133.98 49.18 44.13
CA ASN WA 90 133.54 49.42 42.76
C ASN WA 90 133.91 50.85 42.36
N VAL WA 91 134.46 50.99 41.16
CA VAL WA 91 134.77 52.30 40.58
C VAL WA 91 134.23 52.30 39.15
N LYS WA 92 133.53 53.36 38.78
CA LYS WA 92 132.95 53.46 37.45
C LYS WA 92 133.09 54.90 36.97
N ALA WA 93 133.90 55.10 35.94
CA ALA WA 93 134.14 56.43 35.38
C ALA WA 93 133.74 56.46 33.92
N SER WA 94 133.26 57.60 33.46
CA SER WA 94 132.89 57.78 32.06
C SER WA 94 132.99 59.27 31.73
N SER WA 95 133.67 59.58 30.62
CA SER WA 95 133.90 60.96 30.23
C SER WA 95 133.82 61.09 28.72
N SER WA 96 133.52 62.30 28.26
CA SER WA 96 133.44 62.61 26.84
C SER WA 96 133.91 64.04 26.62
N ILE WA 97 134.63 64.24 25.53
CA ILE WA 97 135.19 65.54 25.16
C ILE WA 97 134.82 65.83 23.71
N GLY WA 98 134.38 67.06 23.46
CA GLY WA 98 134.08 67.50 22.11
C GLY WA 98 134.67 68.85 21.79
N LEU WA 99 135.55 68.93 20.79
CA LEU WA 99 136.22 70.16 20.41
C LEU WA 99 135.86 70.49 18.97
N GLN WA 100 135.51 71.75 18.72
CA GLN WA 100 135.21 72.21 17.37
C GLN WA 100 135.89 73.55 17.13
N ILE WA 101 136.61 73.66 16.02
CA ILE WA 101 137.21 74.92 15.58
C ILE WA 101 136.58 75.25 14.24
N LEU WA 102 135.61 76.16 14.26
CA LEU WA 102 134.91 76.67 13.08
C LEU WA 102 134.33 75.48 12.31
N LYS WA 103 134.50 75.40 11.00
CA LYS WA 103 134.19 74.21 10.23
C LYS WA 103 135.45 73.53 9.73
N HIS WA 104 136.58 73.77 10.41
CA HIS WA 104 137.87 73.22 10.01
C HIS WA 104 138.36 72.09 10.90
N PHE WA 105 138.03 72.09 12.18
CA PHE WA 105 138.46 71.02 13.07
C PHE WA 105 137.26 70.52 13.87
N ASP WA 106 137.16 69.20 14.02
CA ASP WA 106 136.06 68.62 14.81
C ASP WA 106 136.54 67.29 15.38
N SER WA 107 136.78 67.25 16.69
CA SER WA 107 137.24 66.04 17.36
C SER WA 107 136.26 65.64 18.45
N GLY WA 108 135.95 64.35 18.53
CA GLY WA 108 135.12 63.82 19.58
C GLY WA 108 135.72 62.58 20.21
N ALA WA 109 136.02 62.63 21.49
CA ALA WA 109 136.63 61.52 22.20
C ALA WA 109 135.73 61.12 23.37
N LYS WA 110 135.85 59.86 23.78
CA LYS WA 110 135.09 59.39 24.93
C LYS WA 110 135.80 58.19 25.52
N GLY WA 111 135.66 58.02 26.82
CA GLY WA 111 136.29 56.92 27.52
C GLY WA 111 135.43 56.45 28.67
N SER WA 112 135.61 55.20 29.05
CA SER WA 112 134.88 54.62 30.17
C SER WA 112 135.75 53.55 30.83
N LYS WA 113 135.52 53.35 32.12
CA LYS WA 113 136.29 52.40 32.90
C LYS WA 113 135.42 51.85 34.02
N ASN WA 114 135.51 50.54 34.23
CA ASN WA 114 134.77 49.85 35.30
C ASN WA 114 135.73 48.90 36.00
N PHE WA 115 135.92 49.11 37.30
CA PHE WA 115 136.90 48.38 38.09
C PHE WA 115 136.21 47.81 39.32
N ILE WA 116 136.36 46.50 39.54
CA ILE WA 116 135.70 45.82 40.64
C ILE WA 116 136.73 44.98 41.39
N THR WA 117 136.70 45.06 42.72
CA THR WA 117 137.63 44.33 43.56
C THR WA 117 136.88 43.66 44.70
N SER WA 118 137.29 42.45 45.06
CA SER WA 118 136.72 41.73 46.19
C SER WA 118 137.82 40.96 46.91
N ALA WA 119 137.90 41.13 48.22
CA ALA WA 119 138.89 40.44 49.03
C ALA WA 119 138.21 39.76 50.21
N SER WA 120 138.43 38.46 50.35
CA SER WA 120 137.87 37.67 51.45
C SER WA 120 139.03 37.09 52.23
N LEU WA 121 139.33 37.69 53.38
CA LEU WA 121 140.45 37.27 54.22
C LEU WA 121 140.03 36.33 55.34
N GLY WA 122 138.73 36.12 55.55
CA GLY WA 122 138.29 35.21 56.58
C GLY WA 122 138.71 35.68 57.96
N THR WA 123 139.41 34.81 58.68
CA THR WA 123 139.89 35.08 60.03
C THR WA 123 141.39 35.28 60.01
N VAL WA 124 141.87 36.28 60.73
CA VAL WA 124 143.29 36.58 60.86
C VAL WA 124 143.69 36.35 62.31
N VAL WA 125 144.75 35.56 62.51
CA VAL WA 125 145.27 35.28 63.83
C VAL WA 125 146.64 35.94 63.98
N LYS WA 126 147.10 36.02 65.22
CA LYS WA 126 148.41 36.59 65.54
C LYS WA 126 149.23 35.53 66.26
N ALA WA 127 150.48 35.38 65.82
CA ALA WA 127 151.41 34.41 66.40
C ALA WA 127 152.60 35.16 66.97
N GLU WA 128 153.02 34.74 68.16
CA GLU WA 128 154.08 35.41 68.89
C GLU WA 128 154.66 34.46 69.92
N THR WA 129 155.86 34.80 70.39
CA THR WA 129 156.52 33.99 71.40
C THR WA 129 155.68 33.91 72.67
N ILE WA 130 155.71 32.77 73.33
CA ILE WA 130 154.94 32.59 74.57
C ILE WA 130 155.43 33.56 75.64
N ASP WA 131 156.74 33.70 75.79
CA ASP WA 131 157.33 34.63 76.75
C ASP WA 131 158.44 35.39 76.04
N ILE WA 132 158.27 36.71 75.93
CA ILE WA 132 159.25 37.55 75.27
C ILE WA 132 160.33 38.03 76.24
N THR WA 133 160.00 38.15 77.52
CA THR WA 133 160.97 38.62 78.50
C THR WA 133 162.16 37.67 78.61
N LYS WA 134 161.90 36.35 78.61
CA LYS WA 134 162.99 35.39 78.67
C LYS WA 134 163.87 35.48 77.42
N VAL WA 135 163.25 35.62 76.26
CA VAL WA 135 164.00 35.74 75.02
C VAL WA 135 164.88 36.98 75.06
N LEU WA 136 164.33 38.10 75.53
CA LEU WA 136 165.12 39.33 75.62
C LEU WA 136 166.28 39.18 76.59
N ALA WA 137 166.03 38.57 77.74
CA ALA WA 137 167.09 38.38 78.72
C ALA WA 137 168.23 37.54 78.14
N LYS WA 138 167.87 36.41 77.52
CA LYS WA 138 168.87 35.54 76.93
C LYS WA 138 169.64 36.24 75.81
N VAL WA 139 168.94 37.02 75.00
CA VAL WA 139 169.61 37.78 73.93
C VAL WA 139 170.65 38.72 74.55
N ARG WA 140 170.24 39.47 75.57
CA ARG WA 140 171.14 40.42 76.19
C ARG WA 140 172.36 39.73 76.81
N THR WA 141 172.16 38.53 77.35
CA THR WA 141 173.27 37.81 77.96
C THR WA 141 174.00 36.88 76.99
N ALA WA 142 173.60 36.84 75.72
CA ALA WA 142 174.17 35.92 74.76
C ALA WA 142 174.97 36.68 73.70
N LYS WA 143 176.02 36.05 73.18
CA LYS WA 143 176.85 36.61 72.13
C LYS WA 143 176.48 36.04 70.77
N ALA WA 144 176.64 36.88 69.74
CA ALA WA 144 176.32 36.46 68.37
C ALA WA 144 177.37 35.48 67.85
N LYS WA 145 177.05 34.88 66.71
CA LYS WA 145 177.94 33.90 66.10
C LYS WA 145 179.12 34.60 65.43
N VAL WA 146 180.34 34.28 65.88
CA VAL WA 146 181.53 34.89 65.30
C VAL WA 146 181.68 34.50 63.83
N GLU WA 147 181.35 33.25 63.49
CA GLU WA 147 181.46 32.80 62.12
C GLU WA 147 180.55 33.59 61.18
N ASN WA 148 179.38 33.99 61.64
CA ASN WA 148 178.42 34.67 60.78
C ASN WA 148 178.99 35.94 60.20
N ASP WA 149 178.79 36.14 58.90
CA ASP WA 149 179.29 37.31 58.17
C ASP WA 149 178.33 38.49 58.24
N LEU WA 150 177.03 38.22 58.23
CA LEU WA 150 176.02 39.28 58.28
C LEU WA 150 176.20 40.15 59.52
N VAL WA 151 176.40 39.51 60.68
CA VAL WA 151 176.59 40.26 61.93
C VAL WA 151 177.79 41.18 61.82
N SER WA 152 178.91 40.67 61.29
CA SER WA 152 180.10 41.49 61.14
C SER WA 152 179.85 42.66 60.20
N ARG WA 153 179.17 42.40 59.09
CA ARG WA 153 178.83 43.46 58.15
C ARG WA 153 178.03 44.56 58.84
N VAL WA 154 176.98 44.18 59.57
CA VAL WA 154 176.14 45.16 60.26
C VAL WA 154 176.94 45.89 61.32
N MET WA 155 177.86 45.21 61.99
CA MET WA 155 178.69 45.85 63.01
C MET WA 155 179.59 46.91 62.38
N LYS WA 156 180.24 46.58 61.26
CA LYS WA 156 181.18 47.53 60.67
C LYS WA 156 180.45 48.69 60.00
N THR WA 157 179.29 48.42 59.41
CA THR WA 157 178.54 49.49 58.77
C THR WA 157 177.71 50.26 59.81
N LYS WA 158 177.42 51.52 59.50
CA LYS WA 158 176.65 52.38 60.38
C LYS WA 158 175.19 52.51 59.99
N ARG WA 159 174.88 52.37 58.70
CA ARG WA 159 173.48 52.48 58.27
C ARG WA 159 172.69 51.25 58.65
N LEU WA 160 173.28 50.07 58.50
CA LEU WA 160 172.56 48.83 58.71
C LEU WA 160 172.24 48.63 60.19
N CYS WA 161 171.03 48.12 60.45
CA CYS WA 161 170.60 47.77 61.80
C CYS WA 161 169.92 46.41 61.76
N LEU WA 162 169.93 45.72 62.89
CA LEU WA 162 169.31 44.40 62.99
C LEU WA 162 167.98 44.50 63.72
N GLY WA 163 167.02 43.70 63.29
CA GLY WA 163 165.72 43.67 63.93
C GLY WA 163 165.17 42.26 64.10
N LEU WA 164 164.63 41.97 65.28
CA LEU WA 164 164.06 40.67 65.59
C LEU WA 164 162.55 40.77 65.49
N VAL WA 165 161.94 39.92 64.67
CA VAL WA 165 160.49 39.93 64.50
C VAL WA 165 159.85 39.22 65.69
N VAL WA 166 158.83 39.84 66.27
CA VAL WA 166 158.24 39.36 67.51
C VAL WA 166 156.78 38.98 67.38
N GLU WA 167 156.05 39.45 66.37
CA GLU WA 167 154.66 39.07 66.21
C GLU WA 167 154.30 39.12 64.74
N THR WA 168 153.43 38.21 64.32
CA THR WA 168 153.06 38.11 62.91
C THR WA 168 151.57 37.82 62.77
N ALA WA 169 150.93 38.47 61.81
CA ALA WA 169 149.52 38.26 61.52
C ALA WA 169 149.39 37.35 60.30
N CYS WA 170 148.67 36.24 60.46
CA CYS WA 170 148.55 35.23 59.43
C CYS WA 170 147.08 34.83 59.25
N VAL WA 171 146.71 34.50 58.02
CA VAL WA 171 145.35 34.08 57.73
C VAL WA 171 145.15 32.64 58.23
N ALA WA 172 144.06 32.42 58.96
CA ALA WA 172 143.79 31.07 59.47
C ALA WA 172 143.38 30.12 58.36
N ALA WA 173 142.58 30.61 57.40
CA ALA WA 173 142.09 29.79 56.31
C ALA WA 173 142.46 30.44 54.99
N ALA WA 174 142.04 29.80 53.89
CA ALA WA 174 142.38 30.30 52.56
C ALA WA 174 141.71 31.64 52.31
N GLY WA 175 142.44 32.54 51.65
CA GLY WA 175 141.94 33.88 51.34
C GLY WA 175 141.79 34.05 49.84
N LYS WA 176 140.68 34.66 49.43
CA LYS WA 176 140.33 34.79 48.02
C LYS WA 176 140.39 36.25 47.58
N LEU WA 177 141.09 36.50 46.48
CA LEU WA 177 141.23 37.85 45.94
C LEU WA 177 140.80 37.84 44.48
N THR WA 178 139.81 38.69 44.14
CA THR WA 178 139.26 38.75 42.80
C THR WA 178 139.26 40.19 42.29
N GLU WA 179 139.62 40.37 41.03
CA GLU WA 179 139.68 41.69 40.40
C GLU WA 179 139.17 41.59 38.98
N ALA WA 180 138.37 42.57 38.58
CA ALA WA 180 137.84 42.65 37.22
C ALA WA 180 137.99 44.07 36.70
N ASP WA 181 138.44 44.19 35.44
CA ASP WA 181 138.69 45.48 34.81
C ASP WA 181 138.09 45.46 33.43
N ASN WA 182 137.38 46.54 33.06
CA ASN WA 182 136.83 46.69 31.72
C ASN WA 182 136.90 48.16 31.35
N TRP WA 183 137.75 48.52 30.39
CA TRP WA 183 137.82 49.92 30.00
C TRP WA 183 137.83 50.04 28.48
N GLU WA 184 137.39 51.20 28.00
CA GLU WA 184 137.12 51.41 26.58
C GLU WA 184 137.41 52.85 26.20
N ILE WA 185 137.98 53.05 25.01
CA ILE WA 185 138.29 54.35 24.46
C ILE WA 185 137.75 54.41 23.02
N SER WA 186 137.06 55.50 22.69
CA SER WA 186 136.57 55.72 21.34
C SER WA 186 136.84 57.16 20.94
N GLY WA 187 137.64 57.35 19.90
CA GLY WA 187 138.01 58.68 19.47
C GLY WA 187 137.77 58.87 17.98
N HIS WA 188 137.50 60.12 17.60
CA HIS WA 188 137.22 60.48 16.22
C HIS WA 188 137.76 61.87 15.95
N THR WA 189 138.34 62.05 14.76
CA THR WA 189 138.96 63.31 14.36
C THR WA 189 138.57 63.62 12.93
N ASN WA 190 138.19 64.89 12.68
CA ASN WA 190 137.82 65.34 11.34
C ASN WA 190 138.51 66.69 11.11
N ALA WA 191 139.49 66.68 10.21
CA ALA WA 191 140.20 67.90 9.81
C ALA WA 191 139.76 68.24 8.38
N ASN WA 192 138.93 69.26 8.25
CA ASN WA 192 138.43 69.71 6.96
C ASN WA 192 139.19 70.97 6.55
N ILE WA 193 139.82 70.91 5.38
CA ILE WA 193 140.55 72.04 4.82
C ILE WA 193 140.04 72.24 3.40
N GLY WA 194 140.32 73.42 2.84
CA GLY WA 194 139.83 73.75 1.51
C GLY WA 194 140.25 72.75 0.44
N GLU WA 195 141.45 72.17 0.58
CA GLU WA 195 141.95 71.21 -0.38
C GLU WA 195 142.28 69.86 0.26
N ALA WA 196 141.91 69.63 1.51
CA ALA WA 196 142.22 68.38 2.18
C ALA WA 196 141.12 68.04 3.17
N VAL WA 197 140.75 66.76 3.21
CA VAL WA 197 139.77 66.25 4.17
C VAL WA 197 140.34 64.99 4.80
N VAL WA 198 140.48 64.98 6.12
CA VAL WA 198 141.00 63.84 6.86
C VAL WA 198 139.95 63.41 7.89
N THR WA 199 139.62 62.13 7.90
CA THR WA 199 138.64 61.57 8.84
C THR WA 199 139.23 60.31 9.46
N ALA WA 200 139.61 60.39 10.72
CA ALA WA 200 140.22 59.28 11.44
C ALA WA 200 139.30 58.83 12.59
N THR WA 201 139.33 57.54 12.88
CA THR WA 201 138.51 56.97 13.94
C THR WA 201 139.27 55.81 14.58
N ALA WA 202 139.19 55.68 15.89
CA ALA WA 202 139.87 54.60 16.60
C ALA WA 202 139.05 54.16 17.80
N GLU WA 203 138.79 52.86 17.89
CA GLU WA 203 138.06 52.29 19.02
C GLU WA 203 138.85 51.13 19.59
N LEU WA 204 138.92 51.05 20.91
CA LEU WA 204 139.54 49.90 21.55
C LEU WA 204 138.93 49.69 22.92
N ASP WA 205 139.07 48.47 23.44
CA ASP WA 205 138.55 48.13 24.75
C ASP WA 205 139.28 46.90 25.28
N LYS WA 206 139.65 46.94 26.55
CA LYS WA 206 140.39 45.87 27.20
C LYS WA 206 139.59 45.35 28.39
N ASN WA 207 139.59 44.02 28.54
CA ASN WA 207 138.91 43.34 29.64
C ASN WA 207 139.89 42.38 30.30
N LEU WA 208 140.00 42.45 31.62
CA LEU WA 208 140.89 41.60 32.40
C LEU WA 208 140.16 41.07 33.62
N SER WA 209 140.58 39.90 34.08
CA SER WA 209 140.02 39.31 35.30
C SER WA 209 141.07 38.41 35.93
N ARG WA 210 141.39 38.66 37.20
CA ARG WA 210 142.40 37.90 37.93
C ARG WA 210 141.81 37.42 39.24
N LYS WA 211 141.91 36.12 39.52
CA LYS WA 211 141.37 35.53 40.73
C LYS WA 211 142.40 34.58 41.31
N ILE WA 212 142.81 34.83 42.56
CA ILE WA 212 143.82 34.01 43.23
C ILE WA 212 143.33 33.65 44.62
N GLU WA 213 144.02 32.69 45.23
CA GLU WA 213 143.66 32.19 46.56
C GLU WA 213 144.94 31.87 47.33
N ILE WA 214 145.25 32.70 48.32
CA ILE WA 214 146.40 32.45 49.18
C ILE WA 214 146.07 31.35 50.18
N PRO WA 215 147.01 30.46 50.48
CA PRO WA 215 146.71 29.32 51.35
C PRO WA 215 146.78 29.71 52.81
N PRO WA 216 146.27 28.88 53.71
CA PRO WA 216 146.36 29.18 55.14
C PRO WA 216 147.81 29.28 55.60
N GLY WA 217 148.06 30.19 56.54
CA GLY WA 217 149.37 30.40 57.10
C GLY WA 217 150.16 31.52 56.47
N THR WA 218 149.67 32.12 55.39
CA THR WA 218 150.38 33.20 54.74
C THR WA 218 150.45 34.42 55.65
N ALA WA 219 151.64 34.96 55.84
CA ALA WA 219 151.82 36.12 56.69
C ALA WA 219 151.32 37.38 56.00
N LEU WA 220 150.76 38.30 56.78
CA LEU WA 220 150.27 39.57 56.26
C LEU WA 220 151.03 40.78 56.76
N ALA WA 221 151.39 40.82 58.04
CA ALA WA 221 152.07 41.97 58.62
C ALA WA 221 152.86 41.51 59.83
N TYR WA 222 153.77 42.37 60.28
CA TYR WA 222 154.67 42.00 61.36
C TYR WA 222 155.15 43.25 62.09
N SER WA 223 155.70 43.03 63.28
CA SER WA 223 156.35 44.07 64.06
C SER WA 223 157.66 43.53 64.61
N PHE WA 224 158.64 44.40 64.77
CA PHE WA 224 159.98 43.95 65.14
C PHE WA 224 160.59 44.91 66.15
N MET WA 225 161.60 44.40 66.86
CA MET WA 225 162.35 45.16 67.85
C MET WA 225 163.80 45.30 67.41
N ASP WA 226 164.38 46.48 67.62
CA ASP WA 226 165.72 46.74 67.14
C ASP WA 226 166.77 46.09 68.03
N LEU WA 227 167.97 45.92 67.48
CA LEU WA 227 169.10 45.34 68.19
C LEU WA 227 170.35 46.16 67.90
N GLU WA 228 171.41 45.86 68.66
CA GLU WA 228 172.67 46.57 68.52
C GLU WA 228 173.82 45.63 68.85
N ILE WA 229 174.78 45.53 67.94
CA ILE WA 229 175.97 44.70 68.15
C ILE WA 229 176.98 45.48 68.98
N LEU WA 230 177.40 44.90 70.11
CA LEU WA 230 178.47 45.50 70.89
C LEU WA 230 179.80 45.36 70.15
N GLU WA 231 180.86 45.90 70.76
CA GLU WA 231 182.20 45.68 70.23
C GLU WA 231 182.49 44.20 70.10
N ASP WA 232 182.17 43.42 71.13
CA ASP WA 232 182.24 41.97 71.07
C ASP WA 232 181.03 41.43 70.31
N ARG WA 233 180.92 40.10 70.27
CA ARG WA 233 179.75 39.47 69.66
C ARG WA 233 178.47 39.66 70.46
N SER WA 234 178.56 40.24 71.65
CA SER WA 234 177.39 40.46 72.49
C SER WA 234 176.36 41.34 71.78
N LEU WA 235 175.09 41.08 72.07
CA LEU WA 235 173.98 41.83 71.49
C LEU WA 235 173.21 42.54 72.60
N ARG WA 236 172.67 43.71 72.25
CA ARG WA 236 171.87 44.51 73.18
C ARG WA 236 170.60 44.96 72.48
N VAL WA 237 169.59 45.29 73.27
CA VAL WA 237 168.33 45.78 72.73
C VAL WA 237 168.31 47.29 72.85
N SER WA 238 167.76 47.96 71.84
CA SER WA 238 167.74 49.41 71.78
C SER WA 238 166.31 49.91 71.63
N SER WA 239 165.99 51.00 72.32
CA SER WA 239 164.64 51.56 72.32
C SER WA 239 164.71 53.04 71.98
N SER WA 240 164.11 53.42 70.86
CA SER WA 240 163.99 54.82 70.49
C SER WA 240 162.86 55.44 71.30
N ALA WA 241 163.22 56.28 72.27
CA ALA WA 241 162.26 56.89 73.20
C ALA WA 241 161.46 55.83 73.95
N GLY WA 242 162.07 54.68 74.20
CA GLY WA 242 161.42 53.61 74.93
C GLY WA 242 160.32 52.89 74.18
N ALA WA 243 160.30 53.01 72.84
CA ALA WA 243 159.24 52.37 72.07
C ALA WA 243 159.33 50.85 72.14
N MET WA 244 160.52 50.30 71.85
CA MET WA 244 160.75 48.85 71.79
C MET WA 244 159.81 48.15 70.81
N PHE WA 245 159.20 48.89 69.89
CA PHE WA 245 158.33 48.32 68.87
C PHE WA 245 158.46 49.21 67.63
N ASP WA 246 159.26 48.77 66.67
CA ASP WA 246 159.54 49.57 65.49
C ASP WA 246 158.65 49.11 64.34
N SER WA 247 157.99 50.08 63.69
CA SER WA 247 157.11 49.81 62.57
C SER WA 247 157.70 50.29 61.25
N GLY WA 248 159.01 50.50 61.20
CA GLY WA 248 159.63 51.01 59.99
C GLY WA 248 159.15 52.40 59.62
N LYS WA 249 158.95 53.26 60.62
CA LYS WA 249 158.44 54.61 60.39
C LYS WA 249 159.58 55.62 60.49
N ALA WA 250 159.43 56.72 59.77
CA ALA WA 250 160.41 57.79 59.83
C ALA WA 250 160.41 58.45 61.20
N GLU WA 251 161.57 58.97 61.59
CA GLU WA 251 161.69 59.61 62.91
C GLU WA 251 160.79 60.84 63.00
N SER WA 252 160.72 61.63 61.93
CA SER WA 252 159.89 62.83 61.88
C SER WA 252 160.20 63.79 63.02
CA ARG XA 3 138.96 57.20 60.09
C ARG XA 3 138.65 55.71 60.27
N PRO XA 4 139.55 54.99 60.92
CA PRO XA 4 139.32 53.56 61.14
C PRO XA 4 138.06 53.32 61.97
N MET XA 5 137.35 52.24 61.64
CA MET XA 5 136.14 51.91 62.36
C MET XA 5 136.43 51.61 63.82
N PHE XA 6 137.53 50.93 64.10
CA PHE XA 6 137.88 50.64 65.49
C PHE XA 6 138.10 51.93 66.27
N ALA XA 7 138.82 52.89 65.68
CA ALA XA 7 139.05 54.16 66.36
C ALA XA 7 137.74 54.92 66.57
N VAL XA 8 136.85 54.90 65.57
CA VAL XA 8 135.57 55.59 65.71
C VAL XA 8 134.75 54.96 66.84
N ALA XA 9 134.70 53.62 66.88
CA ALA XA 9 133.96 52.95 67.92
C ALA XA 9 134.55 53.20 69.29
N VAL XA 10 135.89 53.24 69.39
CA VAL XA 10 136.54 53.53 70.66
C VAL XA 10 136.17 54.93 71.13
N ASN XA 11 136.20 55.90 70.21
CA ASN XA 11 135.81 57.26 70.58
C ASN XA 11 134.36 57.34 71.02
N GLU XA 12 133.46 56.64 70.32
CA GLU XA 12 132.06 56.63 70.71
C GLU XA 12 131.88 56.04 72.10
N PHE XA 13 132.55 54.92 72.37
CA PHE XA 13 132.44 54.29 73.69
C PHE XA 13 132.99 55.21 74.78
N ILE XA 14 134.16 55.80 74.54
CA ILE XA 14 134.77 56.62 75.58
C ILE XA 14 133.96 57.88 75.83
N ARG XA 15 133.29 58.40 74.80
CA ARG XA 15 132.39 59.54 75.01
C ARG XA 15 131.16 59.14 75.81
N SER XA 16 130.52 58.03 75.42
CA SER XA 16 129.31 57.61 76.10
C SER XA 16 129.56 57.27 77.56
N ALA XA 17 130.67 56.57 77.83
CA ALA XA 17 131.02 56.17 79.19
C ALA XA 17 132.49 56.49 79.44
N GLY XA 18 132.78 57.06 80.60
CA GLY XA 18 134.15 57.36 80.97
C GLY XA 18 134.84 58.38 80.10
N GLN XA 19 134.16 59.52 79.84
CA GLN XA 19 134.78 60.57 79.06
C GLN XA 19 136.02 61.13 79.74
N ASP XA 20 136.07 61.05 81.06
CA ASP XA 20 137.24 61.46 81.84
C ASP XA 20 137.93 60.23 82.41
N SER XA 21 139.25 60.37 82.62
CA SER XA 21 140.08 59.31 83.19
C SER XA 21 140.02 58.03 82.36
N LEU XA 22 140.19 58.17 81.05
CA LEU XA 22 140.17 57.02 80.15
C LEU XA 22 140.93 57.38 78.88
N CYS XA 23 141.75 56.45 78.41
CA CYS XA 23 142.58 56.65 77.22
C CYS XA 23 142.18 55.63 76.16
N GLY XA 24 141.94 56.12 74.94
CA GLY XA 24 141.60 55.23 73.86
C GLY XA 24 142.75 54.33 73.46
N VAL XA 25 142.39 53.19 72.85
CA VAL XA 25 143.36 52.21 72.38
C VAL XA 25 143.73 52.55 70.94
N PRO XA 26 145.02 52.62 70.61
CA PRO XA 26 145.40 53.04 69.26
C PRO XA 26 144.93 52.11 68.16
N ASP XA 27 145.07 50.79 68.33
CA ASP XA 27 144.68 49.86 67.29
C ASP XA 27 144.42 48.49 67.88
N ILE XA 28 143.77 47.64 67.08
CA ILE XA 28 143.40 46.31 67.54
C ILE XA 28 144.64 45.49 67.86
N ASN XA 29 145.69 45.60 67.04
CA ASN XA 29 146.89 44.81 67.25
C ASN XA 29 147.53 45.13 68.60
N SER XA 30 147.61 46.41 68.94
CA SER XA 30 148.24 46.83 70.19
C SER XA 30 147.26 46.90 71.35
N SER XA 31 145.99 46.54 71.13
CA SER XA 31 145.02 46.55 72.21
C SER XA 31 145.43 45.60 73.33
N GLY XA 32 146.03 44.46 72.98
CA GLY XA 32 146.36 43.46 73.98
C GLY XA 32 147.53 43.83 74.88
N ASP XA 33 148.24 44.91 74.56
CA ASP XA 33 149.38 45.34 75.37
C ASP XA 33 148.99 46.34 76.45
N PHE XA 34 147.70 46.65 76.60
CA PHE XA 34 147.23 47.62 77.59
C PHE XA 34 146.36 46.96 78.65
N MET XA 35 146.65 45.70 78.97
CA MET XA 35 145.97 45.02 80.05
C MET XA 35 146.50 45.51 81.40
N PRO XA 36 145.77 45.27 82.49
CA PRO XA 36 146.23 45.75 83.79
C PRO XA 36 147.60 45.20 84.17
N LEU XA 37 148.34 46.00 84.93
CA LEU XA 37 149.69 45.67 85.39
C LEU XA 37 150.67 45.58 84.21
N HIS XA 38 150.60 46.58 83.33
CA HIS XA 38 151.52 46.71 82.22
C HIS XA 38 152.22 48.06 82.30
N ILE XA 39 153.49 48.09 81.90
CA ILE XA 39 154.30 49.30 81.92
C ILE XA 39 154.17 49.99 80.57
N ILE XA 40 153.97 51.31 80.59
CA ILE XA 40 153.92 52.14 79.39
C ILE XA 40 154.83 53.33 79.60
N VAL XA 41 155.24 53.95 78.49
CA VAL XA 41 156.14 55.10 78.52
C VAL XA 41 155.38 56.31 78.01
N LYS XA 42 155.52 57.42 78.72
CA LYS XA 42 154.87 58.68 78.36
C LYS XA 42 155.94 59.70 77.97
N GLU XA 43 155.73 60.34 76.82
CA GLU XA 43 156.64 61.35 76.29
C GLU XA 43 155.92 62.68 76.23
N VAL XA 44 156.57 63.72 76.75
CA VAL XA 44 156.00 65.06 76.80
C VAL XA 44 155.99 65.67 75.40
N PRO XA 45 155.06 66.58 75.11
CA PRO XA 45 155.03 67.18 73.75
C PRO XA 45 156.30 67.91 73.37
N LYS XA 46 156.98 68.54 74.33
CA LYS XA 46 158.22 69.31 74.17
C LYS XA 46 158.01 70.60 73.41
N VAL XA 47 156.80 70.89 72.92
CA VAL XA 47 156.52 72.12 72.21
C VAL XA 47 155.51 72.93 72.98
N LEU XA 48 154.32 72.36 73.19
CA LEU XA 48 153.26 72.97 73.98
C LEU XA 48 152.78 71.94 74.99
N PRO XA 49 153.55 71.69 76.05
CA PRO XA 49 153.17 70.64 77.01
C PRO XA 49 151.81 70.87 77.65
N CYS XA 50 151.46 72.12 77.94
CA CYS XA 50 150.17 72.42 78.55
C CYS XA 50 149.03 72.49 77.55
N CYS XA 51 149.32 72.47 76.24
CA CYS XA 51 148.30 72.57 75.22
C CYS XA 51 148.13 71.31 74.40
N ARG XA 52 149.07 70.37 74.45
CA ARG XA 52 149.02 69.15 73.66
C ARG XA 52 149.11 67.95 74.56
N ARG XA 53 148.32 66.92 74.26
CA ARG XA 53 148.35 65.70 75.04
C ARG XA 53 149.63 64.92 74.75
N PRO XA 54 150.18 64.23 75.74
CA PRO XA 54 151.46 63.52 75.55
C PRO XA 54 151.33 62.30 74.66
N LYS XA 55 152.45 61.63 74.40
CA LYS XA 55 152.50 60.46 73.54
C LYS XA 55 152.73 59.21 74.38
N ILE XA 56 151.93 58.18 74.14
CA ILE XA 56 151.96 56.96 74.93
C ILE XA 56 152.52 55.83 74.09
N LYS XA 57 153.53 55.14 74.62
CA LYS XA 57 154.22 54.06 73.94
C LYS XA 57 154.07 52.79 74.76
N ARG XA 58 153.68 51.70 74.09
CA ARG XA 58 153.55 50.41 74.74
C ARG XA 58 154.90 49.73 74.87
N THR XA 59 155.04 48.91 75.90
CA THR XA 59 156.25 48.15 76.14
C THR XA 59 155.90 46.71 76.46
N PRO XA 60 156.79 45.76 76.12
CA PRO XA 60 156.53 44.34 76.42
C PRO XA 60 157.02 43.95 77.81
N TYR XA 61 156.50 44.63 78.83
CA TYR XA 61 156.92 44.38 80.20
C TYR XA 61 155.71 44.39 81.12
N THR XA 62 155.79 43.60 82.18
CA THR XA 62 154.85 43.64 83.28
C THR XA 62 155.56 44.15 84.53
N LEU XA 63 154.76 44.39 85.57
CA LEU XA 63 155.32 44.93 86.81
C LEU XA 63 156.32 43.96 87.43
N ASN XA 64 155.98 42.67 87.46
CA ASN XA 64 156.87 41.68 88.07
C ASN XA 64 158.17 41.55 87.28
N ASP XA 65 158.11 41.67 85.96
CA ASP XA 65 159.33 41.61 85.16
C ASP XA 65 160.18 42.86 85.38
N ILE XA 66 159.54 44.04 85.44
CA ILE XA 66 160.31 45.27 85.57
C ILE XA 66 160.88 45.41 86.97
N LEU XA 67 160.29 44.76 87.97
CA LEU XA 67 160.71 44.88 89.35
C LEU XA 67 161.55 43.69 89.77
N ASP XA 68 162.61 43.96 90.54
CA ASP XA 68 163.39 42.88 91.12
C ASP XA 68 162.55 42.07 92.10
N GLU XA 69 161.74 42.74 92.91
CA GLU XA 69 160.88 42.06 93.88
C GLU XA 69 159.48 41.91 93.30
N PRO XA 70 158.95 40.69 93.22
CA PRO XA 70 157.60 40.51 92.64
C PRO XA 70 156.51 41.06 93.55
N CYS XA 71 155.36 41.30 92.94
CA CYS XA 71 154.17 41.81 93.60
C CYS XA 71 152.99 40.92 93.25
N PRO XA 72 151.97 40.88 94.10
CA PRO XA 72 150.75 40.13 93.74
C PRO XA 72 150.13 40.69 92.47
N ASN XA 73 149.57 39.80 91.66
CA ASN XA 73 149.09 40.18 90.33
C ASN XA 73 147.69 39.63 90.02
N GLN XA 74 146.96 39.15 91.00
CA GLN XA 74 145.62 38.62 90.73
C GLN XA 74 144.69 39.73 90.26
N LEU XA 75 143.75 39.36 89.40
CA LEU XA 75 142.83 40.32 88.78
C LEU XA 75 141.39 39.91 89.05
N LYS XA 76 140.48 40.82 88.72
CA LYS XA 76 139.06 40.59 88.82
C LYS XA 76 138.34 41.47 87.80
N SER XA 77 137.18 41.02 87.35
CA SER XA 77 136.43 41.73 86.33
C SER XA 77 134.97 41.86 86.76
N SER XA 78 134.34 42.95 86.31
CA SER XA 78 132.95 43.22 86.63
C SER XA 78 132.35 44.07 85.52
N ASP XA 79 131.02 43.99 85.38
CA ASP XA 79 130.35 44.69 84.29
C ASP XA 79 130.46 46.20 84.45
N LEU XA 80 130.57 46.89 83.32
CA LEU XA 80 130.68 48.34 83.30
C LEU XA 80 129.52 49.02 82.60
N VAL XA 81 129.21 48.63 81.36
CA VAL XA 81 128.12 49.23 80.59
C VAL XA 81 127.65 48.20 79.57
N THR XA 82 126.43 48.41 79.07
CA THR XA 82 125.80 47.47 78.14
C THR XA 82 125.08 48.27 77.05
N PHE XA 83 125.54 48.12 75.81
CA PHE XA 83 124.90 48.74 74.66
C PHE XA 83 123.83 47.79 74.13
N THR XA 84 122.58 48.06 74.50
CA THR XA 84 121.49 47.14 74.14
C THR XA 84 121.26 47.10 72.63
N GLU XA 85 121.40 48.25 71.95
CA GLU XA 85 121.18 48.31 70.52
C GLU XA 85 122.38 48.94 69.84
N PRO XA 86 122.63 48.58 68.58
CA PRO XA 86 123.80 49.12 67.89
C PRO XA 86 123.74 50.63 67.71
N LEU XA 87 124.90 51.26 67.83
CA LEU XA 87 125.03 52.67 67.48
C LEU XA 87 124.96 52.81 65.97
N VAL XA 88 123.97 53.54 65.47
CA VAL XA 88 123.71 53.68 64.05
C VAL XA 88 123.85 55.14 63.67
N SER XA 89 124.58 55.41 62.59
CA SER XA 89 124.79 56.76 62.10
C SER XA 89 124.56 56.81 60.60
N ASN XA 90 123.86 57.84 60.15
CA ASN XA 90 123.58 58.05 58.74
C ASN XA 90 123.90 59.50 58.37
N VAL XA 91 124.59 59.68 57.25
CA VAL XA 91 124.89 61.00 56.70
C VAL XA 91 124.54 60.96 55.22
N LYS XA 92 123.83 61.97 54.75
CA LYS XA 92 123.42 62.03 53.35
C LYS XA 92 123.52 63.47 52.88
N ALA XA 93 124.45 63.72 51.95
CA ALA XA 93 124.67 65.07 51.42
C ALA XA 93 124.45 65.06 49.91
N SER XA 94 123.97 66.17 49.39
CA SER XA 94 123.77 66.33 47.96
C SER XA 94 123.81 67.81 47.61
N SER XA 95 124.60 68.16 46.60
CA SER XA 95 124.79 69.55 46.23
C SER XA 95 124.89 69.67 44.72
N SER XA 96 124.58 70.86 44.22
CA SER XA 96 124.67 71.16 42.79
C SER XA 96 125.07 72.61 42.61
N ILE XA 97 125.92 72.86 41.61
CA ILE XA 97 126.42 74.19 41.31
C ILE XA 97 126.22 74.45 39.82
N GLY XA 98 125.75 75.65 39.50
CA GLY XA 98 125.60 76.06 38.11
C GLY XA 98 126.13 77.45 37.87
N LEU XA 99 127.12 77.58 36.98
CA LEU XA 99 127.76 78.85 36.67
C LEU XA 99 127.56 79.15 35.19
N GLN XA 100 127.17 80.38 34.89
CA GLN XA 100 127.01 80.82 33.51
C GLN XA 100 127.64 82.21 33.35
N ILE XA 101 128.48 82.35 32.33
CA ILE XA 101 129.05 83.64 31.96
C ILE XA 101 128.57 83.93 30.54
N LEU XA 102 127.55 84.78 30.43
CA LEU XA 102 126.97 85.24 29.16
C LEU XA 102 126.58 84.01 28.35
N LYS XA 103 126.92 83.94 27.07
CA LYS XA 103 126.79 82.73 26.27
C LYS XA 103 128.14 82.12 25.95
N HIS XA 104 129.16 82.44 26.76
CA HIS XA 104 130.52 81.98 26.54
C HIS XA 104 130.96 80.87 27.48
N PHE XA 105 130.47 80.86 28.71
CA PHE XA 105 130.85 79.83 29.67
C PHE XA 105 129.60 79.25 30.31
N ASP XA 106 129.56 77.93 30.47
CA ASP XA 106 128.42 77.28 31.12
C ASP XA 106 128.89 75.98 31.76
N SER XA 107 128.96 75.96 33.09
CA SER XA 107 129.42 74.79 33.82
C SER XA 107 128.33 74.33 34.79
N GLY XA 108 128.10 73.03 34.84
CA GLY XA 108 127.18 72.45 35.79
C GLY XA 108 127.77 71.25 36.49
N ALA XA 109 127.90 71.33 37.81
CA ALA XA 109 128.48 70.26 38.60
C ALA XA 109 127.47 69.80 39.65
N LYS XA 110 127.62 68.56 40.09
CA LYS XA 110 126.75 68.04 41.14
C LYS XA 110 127.45 66.89 41.83
N GLY XA 111 127.15 66.72 43.10
CA GLY XA 111 127.76 65.67 43.89
C GLY XA 111 126.79 65.15 44.92
N SER XA 112 127.01 63.91 45.33
CA SER XA 112 126.18 63.29 46.37
C SER XA 112 127.02 62.28 47.14
N LYS XA 113 126.64 62.07 48.39
CA LYS XA 113 127.36 61.17 49.28
C LYS XA 113 126.39 60.57 50.28
N ASN XA 114 126.54 59.27 50.52
CA ASN XA 114 125.72 58.54 51.49
C ASN XA 114 126.64 57.66 52.32
N PHE XA 115 126.65 57.88 53.62
CA PHE XA 115 127.57 57.21 54.55
C PHE XA 115 126.77 56.61 55.69
N ILE XA 116 126.96 55.31 55.93
CA ILE XA 116 126.22 54.59 56.96
C ILE XA 116 127.19 53.82 57.84
N THR XA 117 126.98 53.90 59.15
CA THR XA 117 127.84 53.24 60.11
C THR XA 117 127.00 52.53 61.16
N SER XA 118 127.44 51.34 61.58
CA SER XA 118 126.77 50.59 62.63
C SER XA 118 127.82 49.90 63.49
N ALA XA 119 127.72 50.08 64.81
CA ALA XA 119 128.64 49.46 65.75
C ALA XA 119 127.86 48.74 66.83
N SER XA 120 128.15 47.46 67.02
CA SER XA 120 127.50 46.64 68.04
C SER XA 120 128.60 46.13 68.97
N LEU XA 121 128.71 46.76 70.14
CA LEU XA 121 129.73 46.41 71.13
C LEU XA 121 129.23 45.45 72.19
N GLY XA 122 127.93 45.16 72.23
CA GLY XA 122 127.42 44.22 73.21
C GLY XA 122 127.64 44.72 74.63
N THR XA 123 128.30 43.90 75.44
CA THR XA 123 128.57 44.21 76.83
C THR XA 123 130.06 44.50 77.01
N VAL XA 124 130.36 45.54 77.77
CA VAL XA 124 131.74 45.93 78.08
C VAL XA 124 131.97 45.73 79.57
N VAL XA 125 133.05 45.01 79.91
CA VAL XA 125 133.40 44.77 81.30
C VAL XA 125 134.70 45.51 81.60
N LYS XA 126 135.00 45.63 82.89
CA LYS XA 126 136.21 46.28 83.37
C LYS XA 126 137.00 45.29 84.20
N ALA XA 127 138.30 45.20 83.92
CA ALA XA 127 139.21 44.31 84.62
C ALA XA 127 140.27 45.13 85.33
N GLU XA 128 140.56 44.74 86.57
CA GLU XA 128 141.48 45.49 87.43
C GLU XA 128 141.98 44.58 88.53
N THR XA 129 143.08 44.99 89.15
CA THR XA 129 143.67 44.23 90.24
C THR XA 129 142.66 44.11 91.40
N ILE XA 130 142.69 42.96 92.07
CA ILE XA 130 141.79 42.74 93.19
C ILE XA 130 142.06 43.75 94.31
N ASP XA 131 143.34 43.97 94.62
CA ASP XA 131 143.74 44.93 95.63
C ASP XA 131 144.87 45.77 95.07
N ILE XA 132 144.63 47.07 94.92
CA ILE XA 132 145.65 47.97 94.38
C ILE XA 132 146.56 48.53 95.48
N THR XA 133 146.06 48.63 96.71
CA THR XA 133 146.86 49.16 97.80
C THR XA 133 148.09 48.29 98.06
N LYS XA 134 147.91 46.96 98.05
CA LYS XA 134 149.05 46.07 98.25
C LYS XA 134 150.07 46.22 97.13
N VAL XA 135 149.60 46.30 95.89
CA VAL XA 135 150.49 46.48 94.76
C VAL XA 135 151.28 47.77 94.90
N LEU XA 136 150.61 48.85 95.28
CA LEU XA 136 151.28 50.13 95.45
C LEU XA 136 152.32 50.06 96.56
N ALA XA 137 151.97 49.43 97.68
CA ALA XA 137 152.92 49.32 98.79
C ALA XA 137 154.17 48.55 98.36
N LYS XA 138 153.96 47.40 97.72
CA LYS XA 138 155.09 46.59 97.28
C LYS XA 138 155.94 47.34 96.25
N VAL XA 139 155.30 48.07 95.34
CA VAL XA 139 156.05 48.87 94.37
C VAL XA 139 156.95 49.87 95.09
N ARG XA 140 156.36 50.60 96.05
CA ARG XA 140 157.12 51.61 96.77
C ARG XA 140 158.28 51.00 97.54
N THR XA 141 158.10 49.79 98.07
CA THR XA 141 159.16 49.14 98.83
C THR XA 141 160.06 48.26 97.97
N ALA XA 142 159.84 48.19 96.66
CA ALA XA 142 160.59 47.30 95.78
C ALA XA 142 161.46 48.11 94.82
N LYS XA 143 162.60 47.55 94.46
CA LYS XA 143 163.52 48.16 93.51
C LYS XA 143 163.37 47.56 92.12
N ALA XA 144 163.61 48.40 91.11
CA ALA XA 144 163.49 47.97 89.72
C ALA XA 144 164.65 47.05 89.34
N LYS XA 145 164.53 46.43 88.18
CA LYS XA 145 165.54 45.50 87.69
C LYS XA 145 166.75 46.28 87.18
N VAL XA 146 167.92 46.03 87.77
CA VAL XA 146 169.13 46.72 87.35
C VAL XA 146 169.49 46.34 85.92
N GLU XA 147 169.29 45.07 85.56
CA GLU XA 147 169.60 44.62 84.21
C GLU XA 147 168.78 45.35 83.15
N ASN XA 148 167.53 45.68 83.46
CA ASN XA 148 166.64 46.28 82.47
C ASN XA 148 167.21 47.59 81.95
N ASP XA 149 167.15 47.77 80.63
CA ASP XA 149 167.67 48.97 79.97
C ASP XA 149 166.64 50.08 79.90
N LEU XA 150 165.36 49.73 79.72
CA LEU XA 150 164.30 50.72 79.64
C LEU XA 150 164.26 51.61 80.88
N VAL XA 151 164.36 50.99 82.06
CA VAL XA 151 164.34 51.75 83.31
C VAL XA 151 165.47 52.75 83.35
N SER XA 152 166.67 52.31 82.98
CA SER XA 152 167.83 53.21 82.98
C SER XA 152 167.63 54.35 81.98
N ARG XA 153 167.11 54.04 80.80
CA ARG XA 153 166.83 55.08 79.81
C ARG XA 153 165.88 56.12 80.39
N VAL XA 154 164.77 55.68 80.97
CA VAL XA 154 163.79 56.60 81.54
C VAL XA 154 164.40 57.39 82.69
N MET XA 155 165.27 56.78 83.49
CA MET XA 155 165.92 57.48 84.59
C MET XA 155 166.83 58.59 84.07
N LYS XA 156 167.63 58.29 83.05
CA LYS XA 156 168.57 59.30 82.57
C LYS XA 156 167.87 60.40 81.79
N THR XA 157 166.81 60.07 81.07
CA THR XA 157 166.08 61.08 80.32
C THR XA 157 165.08 61.79 81.24
N LYS XA 158 164.75 63.03 80.88
CA LYS XA 158 163.82 63.84 81.65
C LYS XA 158 162.42 63.88 81.07
N ARG XA 159 162.28 63.72 79.75
CA ARG XA 159 160.94 63.74 79.15
C ARG XA 159 160.19 62.46 79.44
N LEU XA 160 160.87 61.31 79.38
CA LEU XA 160 160.21 60.03 79.52
C LEU XA 160 159.71 59.81 80.95
N CYS XA 161 158.52 59.23 81.06
CA CYS XA 161 157.94 58.86 82.34
C CYS XA 161 157.36 57.46 82.23
N LEU XA 162 157.27 56.77 83.37
CA LEU XA 162 156.73 55.42 83.41
C LEU XA 162 155.31 55.43 83.96
N GLY XA 163 154.46 54.57 83.41
CA GLY XA 163 153.10 54.46 83.88
C GLY XA 163 152.63 53.02 84.00
N LEU XA 164 151.96 52.70 85.10
CA LEU XA 164 151.44 51.36 85.35
C LEU XA 164 149.94 51.37 85.07
N VAL XA 165 149.50 50.48 84.18
CA VAL XA 165 148.09 50.39 83.82
C VAL XA 165 147.35 49.65 84.94
N VAL XA 166 146.23 50.21 85.38
CA VAL XA 166 145.52 49.69 86.54
C VAL XA 166 144.11 49.21 86.23
N GLU XA 167 143.49 49.64 85.13
CA GLU XA 167 142.15 49.17 84.80
C GLU XA 167 141.98 49.19 83.29
N THR XA 168 141.23 48.22 82.77
CA THR XA 168 141.05 48.09 81.34
C THR XA 168 139.62 47.71 81.01
N ALA XA 169 139.07 48.31 79.96
CA ALA XA 169 137.71 48.01 79.49
C ALA XA 169 137.80 47.09 78.29
N CYS XA 170 137.14 45.94 78.37
CA CYS XA 170 137.21 44.91 77.34
C CYS XA 170 135.82 44.42 76.98
N VAL XA 171 135.62 44.06 75.72
CA VAL XA 171 134.34 43.55 75.27
C VAL XA 171 134.17 42.11 75.75
N ALA XA 172 133.02 41.81 76.34
CA ALA XA 172 132.76 40.46 76.83
C ALA XA 172 132.55 39.48 75.68
N ALA XA 173 131.86 39.91 74.63
CA ALA XA 173 131.56 39.06 73.49
C ALA XA 173 132.06 39.73 72.22
N ALA XA 174 131.83 39.06 71.09
CA ALA XA 174 132.30 39.57 69.81
C ALA XA 174 131.57 40.88 69.45
N GLY XA 175 132.33 41.81 68.89
CA GLY XA 175 131.79 43.12 68.50
C GLY XA 175 131.83 43.27 66.99
N LYS XA 176 130.73 43.81 66.44
CA LYS XA 176 130.56 43.91 64.99
C LYS XA 176 130.59 45.36 64.53
N LEU XA 177 131.40 45.66 63.53
CA LEU XA 177 131.52 47.01 63.00
C LEU XA 177 131.28 46.97 61.50
N THR XA 178 130.29 47.75 61.03
CA THR XA 178 129.91 47.77 59.63
C THR XA 178 129.88 49.21 59.11
N GLU XA 179 130.40 49.41 57.90
CA GLU XA 179 130.45 50.72 57.27
C GLU XA 179 130.13 50.59 55.79
N ALA XA 180 129.33 51.51 55.28
CA ALA XA 180 128.96 51.55 53.87
C ALA XA 180 129.09 52.98 53.35
N ASP XA 181 129.69 53.13 52.17
CA ASP XA 181 129.93 54.43 51.56
C ASP XA 181 129.51 54.36 50.10
N ASN XA 182 128.80 55.40 49.64
CA ASN XA 182 128.41 55.51 48.24
C ASN XA 182 128.44 56.98 47.86
N TRP XA 183 129.38 57.38 47.01
CA TRP XA 183 129.41 58.78 46.61
C TRP XA 183 129.60 58.90 45.11
N GLU XA 184 129.15 60.03 44.56
CA GLU XA 184 129.06 60.22 43.13
C GLU XA 184 129.30 61.67 42.76
N ILE XA 185 130.00 61.90 41.65
CA ILE XA 185 130.29 63.22 41.13
C ILE XA 185 129.95 63.24 39.64
N SER XA 186 129.24 64.28 39.21
CA SER XA 186 128.89 64.47 37.81
C SER XA 186 129.13 65.92 37.42
N GLY XA 187 130.04 66.16 36.49
CA GLY XA 187 130.37 67.51 36.09
C GLY XA 187 130.32 67.67 34.59
N HIS XA 188 130.02 68.90 34.17
CA HIS XA 188 129.89 69.24 32.76
C HIS XA 188 130.38 70.66 32.53
N THR XA 189 131.10 70.87 31.44
CA THR XA 189 131.68 72.17 31.10
C THR XA 189 131.44 72.45 29.64
N ASN XA 190 131.03 73.68 29.31
CA ASN XA 190 130.80 74.12 27.94
C ASN XA 190 131.43 75.50 27.78
N ALA XA 191 132.51 75.56 27.02
CA ALA XA 191 133.19 76.81 26.69
C ALA XA 191 132.92 77.12 25.22
N ASN XA 192 132.04 78.08 24.96
CA ASN XA 192 131.68 78.50 23.62
C ASN XA 192 132.41 79.80 23.29
N ILE XA 193 133.19 79.78 22.21
CA ILE XA 193 133.90 80.96 21.73
C ILE XA 193 133.57 81.12 20.25
N GLY XA 194 133.85 82.31 19.73
CA GLY XA 194 133.51 82.60 18.34
C GLY XA 194 134.13 81.63 17.35
N GLU XA 195 135.33 81.12 17.65
CA GLU XA 195 136.01 80.19 16.77
C GLU XA 195 136.34 78.87 17.45
N ALA XA 196 135.82 78.62 18.66
CA ALA XA 196 136.13 77.39 19.37
C ALA XA 196 134.94 76.99 20.22
N VAL XA 197 134.64 75.69 20.23
CA VAL XA 197 133.58 75.12 21.06
C VAL XA 197 134.16 73.91 21.77
N VAL XA 198 134.12 73.91 23.10
CA VAL XA 198 134.60 72.80 23.91
C VAL XA 198 133.48 72.31 24.80
N THR XA 199 133.23 71.01 24.79
CA THR XA 199 132.17 70.39 25.60
C THR XA 199 132.75 69.17 26.30
N ALA XA 200 132.96 69.28 27.61
CA ALA XA 200 133.55 68.22 28.41
C ALA XA 200 132.52 67.72 29.44
N THR XA 201 132.59 66.43 29.75
CA THR XA 201 131.68 65.82 30.71
C THR XA 201 132.44 64.70 31.43
N ALA XA 202 132.19 64.58 32.74
CA ALA XA 202 132.84 63.54 33.54
C ALA XA 202 131.90 63.06 34.63
N GLU XA 203 131.72 61.74 34.70
CA GLU XA 203 130.90 61.13 35.73
C GLU XA 203 131.68 60.02 36.41
N LEU XA 204 131.58 59.95 37.73
CA LEU XA 204 132.20 58.85 38.46
C LEU XA 204 131.42 58.60 39.75
N ASP XA 205 131.58 57.40 40.29
CA ASP XA 205 130.91 57.03 41.53
C ASP XA 205 131.64 55.85 42.15
N LYS XA 206 131.85 55.92 43.46
CA LYS XA 206 132.56 54.90 44.21
C LYS XA 206 131.65 54.33 45.29
N ASN XA 207 131.72 53.01 45.46
CA ASN XA 207 130.96 52.29 46.48
C ASN XA 207 131.90 51.39 47.26
N LEU XA 208 131.84 51.48 48.59
CA LEU XA 208 132.67 50.68 49.48
C LEU XA 208 131.83 50.11 50.61
N SER XA 209 132.25 48.97 51.13
CA SER XA 209 131.58 48.35 52.27
C SER XA 209 132.61 47.53 53.05
N ARG XA 210 132.74 47.80 54.34
CA ARG XA 210 133.69 47.11 55.20
C ARG XA 210 132.97 46.60 56.44
N LYS XA 211 133.12 45.31 56.73
CA LYS XA 211 132.47 44.69 57.88
C LYS XA 211 133.48 43.81 58.60
N ILE XA 212 133.71 44.09 59.88
CA ILE XA 212 134.68 43.34 60.69
C ILE XA 212 134.03 42.96 62.01
N GLU XA 213 134.69 42.04 62.72
CA GLU XA 213 134.21 41.52 63.99
C GLU XA 213 135.39 41.30 64.92
N ILE XA 214 135.52 42.14 65.93
CA ILE XA 214 136.57 41.97 66.94
C ILE XA 214 136.18 40.85 67.89
N PRO XA 215 137.13 40.03 68.32
CA PRO XA 215 136.81 38.87 69.16
C PRO XA 215 136.66 39.27 70.62
N PRO XA 216 136.09 38.41 71.45
CA PRO XA 216 135.98 38.72 72.88
C PRO XA 216 137.35 38.92 73.52
N GLY XA 217 137.42 39.84 74.47
CA GLY XA 217 138.63 40.13 75.19
C GLY XA 217 139.42 41.31 74.65
N THR XA 218 139.03 41.87 73.51
CA THR XA 218 139.75 42.99 72.94
C THR XA 218 139.62 44.22 73.84
N ALA XA 219 140.76 44.84 74.17
CA ALA XA 219 140.74 46.01 75.03
C ALA XA 219 140.25 47.23 74.26
N LEU XA 220 139.55 48.12 74.95
CA LEU XA 220 139.04 49.35 74.37
C LEU XA 220 139.66 50.61 74.95
N ALA XA 221 139.85 50.67 76.26
CA ALA XA 221 140.38 51.86 76.90
C ALA XA 221 141.03 51.47 78.22
N TYR XA 222 141.83 52.38 78.77
CA TYR XA 222 142.59 52.07 79.96
C TYR XA 222 142.90 53.35 80.72
N SER XA 223 143.30 53.17 81.98
CA SER XA 223 143.78 54.26 82.83
C SER XA 223 145.04 53.80 83.54
N PHE XA 224 145.95 54.74 83.81
CA PHE XA 224 147.24 54.38 84.36
C PHE XA 224 147.66 55.38 85.43
N MET XA 225 148.60 54.93 86.26
CA MET XA 225 149.18 55.74 87.33
C MET XA 225 150.65 55.97 87.07
N ASP XA 226 151.13 57.19 87.34
CA ASP XA 226 152.50 57.54 87.04
C ASP XA 226 153.46 56.96 88.07
N LEU XA 227 154.73 56.86 87.67
CA LEU XA 227 155.80 56.36 88.52
C LEU XA 227 157.02 57.26 88.39
N GLU XA 228 157.99 57.03 89.26
CA GLU XA 228 159.22 57.82 89.28
C GLU XA 228 160.36 56.96 89.77
N ILE XA 229 161.45 56.92 88.99
CA ILE XA 229 162.64 56.16 89.35
C ILE XA 229 163.49 57.01 90.30
N LEU XA 230 163.80 56.46 91.48
CA LEU XA 230 164.72 57.13 92.38
C LEU XA 230 166.14 57.08 91.81
N GLU XA 231 167.08 57.68 92.55
CA GLU XA 231 168.49 57.55 92.20
C GLU XA 231 168.89 56.09 92.12
N ASP XA 232 168.48 55.30 93.12
CA ASP XA 232 168.65 53.86 93.09
C ASP XA 232 167.59 53.23 92.18
N ARG XA 233 167.56 51.90 92.14
CA ARG XA 233 166.54 51.19 91.39
C ARG XA 233 165.15 51.30 92.02
N SER XA 234 165.05 51.89 93.22
CA SER XA 234 163.76 52.04 93.89
C SER XA 234 162.78 52.85 93.04
N LEU XA 235 161.51 52.51 93.18
CA LEU XA 235 160.43 53.18 92.45
C LEU XA 235 159.49 53.85 93.45
N ARG XA 236 158.92 54.98 93.02
CA ARG XA 236 157.97 55.72 93.83
C ARG XA 236 156.76 56.09 92.97
N VAL XA 237 155.64 56.36 93.62
CA VAL XA 237 154.43 56.77 92.91
C VAL XA 237 154.30 58.27 93.02
N SER XA 238 153.84 58.90 91.94
CA SER XA 238 153.74 60.35 91.87
C SER XA 238 152.31 60.75 91.52
N SER XA 239 151.83 61.82 92.16
CA SER XA 239 150.46 62.29 91.98
C SER XA 239 150.48 63.78 91.63
N SER XA 240 150.00 64.11 90.44
CA SER XA 240 149.85 65.50 90.04
C SER XA 240 148.58 66.05 90.70
N ALA XA 241 148.77 66.91 91.70
CA ALA XA 241 147.66 67.46 92.49
C ALA XA 241 146.83 66.35 93.15
N GLY XA 242 147.48 65.24 93.49
CA GLY XA 242 146.81 64.14 94.14
C GLY XA 242 145.87 63.35 93.26
N ALA XA 243 146.01 63.46 91.93
CA ALA XA 243 145.10 62.75 91.03
C ALA XA 243 145.28 61.24 91.13
N MET XA 244 146.52 60.76 91.01
CA MET XA 244 146.85 59.34 91.00
C MET XA 244 146.10 58.57 89.91
N PHE XA 245 145.56 59.27 88.91
CA PHE XA 245 144.87 58.64 87.79
C PHE XA 245 145.09 59.53 86.58
N ASP XA 246 146.04 59.14 85.72
CA ASP XA 246 146.41 59.95 84.58
C ASP XA 246 145.70 59.44 83.34
N SER XA 247 145.08 60.35 82.59
CA SER XA 247 144.36 60.03 81.37
C SER XA 247 145.08 60.54 80.13
N GLY XA 248 146.38 60.84 80.25
CA GLY XA 248 147.11 61.38 79.13
C GLY XA 248 146.59 62.73 78.67
N LYS XA 249 146.21 63.58 79.63
CA LYS XA 249 145.66 64.90 79.33
C LYS XA 249 146.71 65.97 79.56
N ALA XA 250 146.57 67.06 78.81
CA ALA XA 250 147.47 68.19 78.98
C ALA XA 250 147.25 68.85 80.33
N GLU XA 251 148.32 69.46 80.87
CA GLU XA 251 148.22 70.11 82.17
C GLU XA 251 147.25 71.27 82.15
N SER XA 252 147.27 72.06 81.07
CA SER XA 252 146.37 73.20 80.89
C SER XA 252 146.47 74.18 82.05
CA ARG YA 3 126.30 66.24 76.58
C ARG YA 3 126.06 64.74 76.73
N PRO YA 4 126.93 64.08 77.50
CA PRO YA 4 126.76 62.64 77.70
C PRO YA 4 125.43 62.32 78.38
N MET YA 5 124.84 61.20 77.96
CA MET YA 5 123.55 60.79 78.52
C MET YA 5 123.68 60.52 80.02
N PHE YA 6 124.78 59.91 80.45
CA PHE YA 6 124.96 59.65 81.87
C PHE YA 6 125.01 60.95 82.66
N ALA YA 7 125.73 61.95 82.15
CA ALA YA 7 125.79 63.24 82.84
C ALA YA 7 124.42 63.91 82.88
N VAL YA 8 123.68 63.83 81.77
CA VAL YA 8 122.34 64.43 81.74
C VAL YA 8 121.42 63.76 82.76
N ALA YA 9 121.46 62.42 82.81
CA ALA YA 9 120.63 61.71 83.76
C ALA YA 9 121.03 62.00 85.20
N VAL YA 10 122.33 62.12 85.45
CA VAL YA 10 122.79 62.46 86.79
C VAL YA 10 122.29 63.84 87.20
N ASN YA 11 122.36 64.81 86.28
CA ASN YA 11 121.85 66.14 86.58
C ASN YA 11 120.35 66.12 86.83
N GLU YA 12 119.61 65.37 86.03
CA GLU YA 12 118.17 65.27 86.24
C GLU YA 12 117.84 64.67 87.61
N PHE YA 13 118.54 63.61 87.98
CA PHE YA 13 118.30 62.97 89.28
C PHE YA 13 118.65 63.92 90.41
N ILE YA 14 119.81 64.59 90.32
CA ILE YA 14 120.23 65.45 91.42
C ILE YA 14 119.32 66.66 91.54
N ARG YA 15 118.74 67.13 90.43
CA ARG YA 15 117.76 68.20 90.52
C ARG YA 15 116.47 67.73 91.16
N SER YA 16 115.96 66.58 90.71
CA SER YA 16 114.69 66.09 91.23
C SER YA 16 114.78 65.76 92.71
N ALA YA 17 115.88 65.14 93.13
CA ALA YA 17 116.08 64.78 94.53
C ALA YA 17 117.49 65.19 94.95
N GLY YA 18 117.59 65.78 96.14
CA GLY YA 18 118.88 66.16 96.67
C GLY YA 18 119.61 67.22 95.88
N GLN YA 19 118.90 68.31 95.53
CA GLN YA 19 119.54 69.41 94.82
C GLN YA 19 120.64 70.04 95.65
N ASP YA 20 120.54 69.97 96.96
CA ASP YA 20 121.57 70.46 97.87
C ASP YA 20 122.27 69.28 98.55
N SER YA 21 123.53 69.50 98.92
CA SER YA 21 124.35 68.50 99.61
C SER YA 21 124.47 67.22 98.79
N LEU YA 22 124.80 67.36 97.52
CA LEU YA 22 124.97 66.21 96.63
C LEU YA 22 125.86 66.61 95.46
N CYS YA 23 126.79 65.74 95.11
CA CYS YA 23 127.75 65.98 94.03
C CYS YA 23 127.55 64.94 92.94
N GLY YA 24 127.45 65.41 91.70
CA GLY YA 24 127.29 64.50 90.59
C GLY YA 24 128.54 63.66 90.34
N VAL YA 25 128.33 62.51 89.72
CA VAL YA 25 129.42 61.59 89.38
C VAL YA 25 129.94 61.95 87.99
N PRO YA 26 131.26 62.11 87.83
CA PRO YA 26 131.78 62.54 86.53
C PRO YA 26 131.51 61.58 85.39
N ASP YA 27 131.71 60.27 85.60
CA ASP YA 27 131.52 59.31 84.52
C ASP YA 27 131.28 57.94 85.10
N ILE YA 28 130.79 57.03 84.23
CA ILE YA 28 130.45 55.68 84.65
C ILE YA 28 131.69 54.95 85.14
N ASN YA 29 132.81 55.12 84.45
CA ASN YA 29 134.03 54.42 84.83
C ASN YA 29 134.48 54.78 86.24
N SER YA 30 134.43 56.07 86.58
CA SER YA 30 134.86 56.53 87.88
C SER YA 30 133.74 56.54 88.91
N SER YA 31 132.54 56.10 88.54
CA SER YA 31 131.44 56.05 89.49
C SER YA 31 131.76 55.12 90.66
N GLY YA 32 132.47 54.03 90.41
CA GLY YA 32 132.74 53.06 91.45
C GLY YA 32 133.75 53.51 92.48
N ASP YA 33 134.44 54.63 92.25
CA ASP YA 33 135.42 55.13 93.19
C ASP YA 33 134.85 56.10 94.20
N PHE YA 34 133.54 56.33 94.18
CA PHE YA 34 132.87 57.27 95.09
C PHE YA 34 131.92 56.56 96.03
N MET YA 35 132.24 55.32 96.40
CA MET YA 35 131.48 54.61 97.41
C MET YA 35 131.81 55.13 98.80
N PRO YA 36 130.96 54.85 99.79
CA PRO YA 36 131.22 55.37 101.15
C PRO YA 36 132.56 54.91 101.69
N LEU YA 37 133.15 55.76 102.54
CA LEU YA 37 134.45 55.52 103.16
C LEU YA 37 135.57 55.49 102.12
N HIS YA 38 135.55 56.47 101.22
CA HIS YA 38 136.60 56.66 100.24
C HIS YA 38 137.19 58.05 100.39
N ILE YA 39 138.49 58.16 100.15
CA ILE YA 39 139.21 59.43 100.26
C ILE YA 39 139.22 60.10 98.90
N ILE YA 40 138.93 61.41 98.88
CA ILE YA 40 138.98 62.22 97.67
C ILE YA 40 139.78 63.47 97.98
N VAL YA 41 140.29 64.11 96.93
CA VAL YA 41 141.11 65.31 97.05
C VAL YA 41 140.34 66.48 96.45
N LYS YA 42 140.31 67.60 97.15
CA LYS YA 42 139.64 68.81 96.69
C LYS YA 42 140.68 69.89 96.43
N GLU YA 43 140.58 70.52 95.26
CA GLU YA 43 141.49 71.58 94.83
C GLU YA 43 140.70 72.86 94.67
N VAL YA 44 141.21 73.94 95.25
CA VAL YA 44 140.54 75.24 95.22
C VAL YA 44 140.67 75.84 93.82
N PRO YA 45 139.74 76.69 93.40
CA PRO YA 45 139.85 77.28 92.04
C PRO YA 45 141.10 78.10 91.82
N LYS YA 46 141.61 78.77 92.85
CA LYS YA 46 142.81 79.61 92.84
C LYS YA 46 142.62 80.89 92.04
N VAL YA 47 141.46 81.09 91.40
CA VAL YA 47 141.21 82.31 90.65
C VAL YA 47 140.04 83.05 91.28
N LEU YA 48 138.89 82.40 91.35
CA LEU YA 48 137.69 82.95 91.98
C LEU YA 48 137.15 81.89 92.93
N PRO YA 49 137.80 81.70 94.09
CA PRO YA 49 137.36 80.63 95.00
C PRO YA 49 135.93 80.77 95.46
N CYS YA 50 135.47 82.00 95.68
CA CYS YA 50 134.09 82.21 96.13
C CYS YA 50 133.09 82.21 94.99
N CYS YA 51 133.54 82.20 93.73
CA CYS YA 51 132.65 82.24 92.59
C CYS YA 51 132.67 80.96 91.76
N ARG YA 52 133.65 80.09 91.95
CA ARG YA 52 133.79 78.87 91.17
C ARG YA 52 133.83 77.67 92.09
N ARG YA 53 133.16 76.59 91.70
CA ARG YA 53 133.17 75.38 92.49
C ARG YA 53 134.53 74.68 92.37
N PRO YA 54 134.97 74.04 93.44
CA PRO YA 54 136.31 73.41 93.43
C PRO YA 54 136.38 72.18 92.53
N LYS YA 55 137.57 71.58 92.43
CA LYS YA 55 137.79 70.41 91.59
C LYS YA 55 138.00 69.19 92.47
N ILE YA 56 137.30 68.11 92.14
CA ILE YA 56 137.30 66.89 92.95
C ILE YA 56 138.04 65.79 92.20
N LYS YA 57 139.01 65.17 92.86
CA LYS YA 57 139.85 64.14 92.28
C LYS YA 57 139.69 62.86 93.09
N ARG YA 58 139.45 61.75 92.38
CA ARG YA 58 139.31 60.46 93.03
C ARG YA 58 140.68 59.87 93.34
N THR YA 59 140.74 59.06 94.39
CA THR YA 59 141.95 58.38 94.78
C THR YA 59 141.67 56.92 95.08
N PRO YA 60 142.64 56.03 94.87
CA PRO YA 60 142.43 54.60 95.15
C PRO YA 60 142.77 54.24 96.59
N TYR YA 61 142.08 54.89 97.52
CA TYR YA 61 142.34 54.68 98.95
C TYR YA 61 141.02 54.61 99.70
N THR YA 62 141.02 53.83 100.77
CA THR YA 62 139.95 53.81 101.75
C THR YA 62 140.45 54.37 103.07
N LEU YA 63 139.52 54.57 104.00
CA LEU YA 63 139.88 55.14 105.30
C LEU YA 63 140.86 54.24 106.04
N ASN YA 64 140.60 52.93 106.04
CA ASN YA 64 141.47 52.01 106.78
C ASN YA 64 142.86 51.95 106.16
N ASP YA 65 142.96 52.06 104.84
CA ASP YA 65 144.27 52.08 104.20
C ASP YA 65 145.01 53.38 104.51
N ILE YA 66 144.29 54.52 104.48
CA ILE YA 66 144.96 55.80 104.69
C ILE YA 66 145.34 55.98 106.15
N LEU YA 67 144.65 55.29 107.06
CA LEU YA 67 144.90 55.45 108.49
C LEU YA 67 145.75 54.32 109.03
N ASP YA 68 146.69 54.65 109.92
CA ASP YA 68 147.45 53.63 110.61
C ASP YA 68 146.55 52.77 111.49
N GLU YA 69 145.60 53.39 112.19
CA GLU YA 69 144.68 52.66 113.04
C GLU YA 69 143.37 52.42 112.28
N PRO YA 70 142.92 51.17 112.15
CA PRO YA 70 141.68 50.90 111.41
C PRO YA 70 140.45 51.38 112.17
N CYS YA 71 139.38 51.54 111.42
CA CYS YA 71 138.08 51.98 111.92
C CYS YA 71 137.01 51.01 111.43
N PRO YA 72 135.89 50.91 112.14
CA PRO YA 72 134.79 50.08 111.64
C PRO YA 72 134.29 50.60 110.30
N ASN YA 73 133.90 49.67 109.43
CA ASN YA 73 133.57 50.01 108.05
C ASN YA 73 132.26 49.38 107.57
N GLN YA 74 131.44 48.85 108.46
CA GLN YA 74 130.18 48.24 108.03
C GLN YA 74 129.25 49.28 107.43
N LEU YA 75 128.46 48.85 106.46
CA LEU YA 75 127.57 49.74 105.72
C LEU YA 75 126.13 49.25 105.80
N LYS YA 76 125.21 50.10 105.36
CA LYS YA 76 123.81 49.77 105.27
C LYS YA 76 123.17 50.61 104.17
N SER YA 77 122.11 50.07 103.57
CA SER YA 77 121.44 50.73 102.46
C SER YA 77 119.94 50.78 102.71
N SER YA 78 119.31 51.82 102.17
CA SER YA 78 117.86 52.00 102.30
C SER YA 78 117.36 52.80 101.11
N ASP YA 79 116.07 52.63 100.80
CA ASP YA 79 115.51 53.29 99.63
C ASP YA 79 115.50 54.80 99.79
N LEU YA 80 115.70 55.49 98.67
CA LEU YA 80 115.72 56.95 98.65
C LEU YA 80 114.62 57.55 97.80
N VAL YA 81 114.49 57.14 96.54
CA VAL YA 81 113.48 57.66 95.63
C VAL YA 81 113.20 56.60 94.57
N THR YA 82 112.05 56.73 93.92
CA THR YA 82 111.60 55.75 92.93
C THR YA 82 110.98 56.49 91.74
N PHE YA 83 111.60 56.37 90.57
CA PHE YA 83 111.07 56.95 89.34
C PHE YA 83 110.14 55.93 88.70
N THR YA 84 108.83 56.11 88.89
CA THR YA 84 107.87 55.13 88.42
C THR YA 84 107.84 55.07 86.89
N GLU YA 85 107.98 56.22 86.23
CA GLU YA 85 107.94 56.27 84.78
C GLU YA 85 109.18 56.97 84.24
N PRO YA 86 109.61 56.62 83.03
CA PRO YA 86 110.83 57.23 82.48
C PRO YA 86 110.69 58.73 82.29
N LEU YA 87 111.78 59.44 82.54
CA LEU YA 87 111.87 60.85 82.19
C LEU YA 87 111.99 60.98 80.68
N VAL YA 88 111.02 61.65 80.06
CA VAL YA 88 110.93 61.76 78.61
C VAL YA 88 111.02 63.23 78.24
N SER YA 89 111.87 63.54 77.26
CA SER YA 89 112.06 64.90 76.78
C SER YA 89 112.01 64.93 75.27
N ASN YA 90 111.31 65.91 74.72
CA ASN YA 90 111.20 66.10 73.28
C ASN YA 90 111.48 67.57 72.94
N VAL YA 91 112.29 67.78 71.91
CA VAL YA 91 112.56 69.12 71.39
C VAL YA 91 112.41 69.05 69.87
N LYS YA 92 111.70 70.02 69.31
CA LYS YA 92 111.47 70.04 67.87
C LYS YA 92 111.54 71.49 67.40
N ALA YA 93 112.56 71.79 66.59
CA ALA YA 93 112.76 73.15 66.07
C ALA YA 93 112.74 73.12 64.55
N SER YA 94 112.26 74.20 63.96
CA SER YA 94 112.22 74.33 62.52
C SER YA 94 112.22 75.81 62.16
N SER YA 95 113.12 76.21 61.26
CA SER YA 95 113.25 77.61 60.89
C SER YA 95 113.54 77.73 59.40
N SER YA 96 113.22 78.90 58.85
CA SER YA 96 113.47 79.20 57.44
C SER YA 96 113.79 80.67 57.30
N ILE YA 97 114.75 80.97 56.42
CA ILE YA 97 115.21 82.33 56.16
C ILE YA 97 115.18 82.57 54.66
N GLY YA 98 114.67 83.74 54.27
CA GLY YA 98 114.67 84.13 52.87
C GLY YA 98 115.15 85.55 52.68
N LEU YA 99 116.23 85.74 51.92
CA LEU YA 99 116.82 87.05 51.68
C LEU YA 99 116.80 87.33 50.19
N GLN YA 100 116.37 88.54 49.82
CA GLN YA 100 116.36 88.96 48.43
C GLN YA 100 116.90 90.38 48.33
N ILE YA 101 117.86 90.58 47.43
CA ILE YA 101 118.39 91.90 47.11
C ILE YA 101 118.09 92.15 45.64
N LEU YA 102 117.03 92.93 45.40
CA LEU YA 102 116.59 93.35 44.06
C LEU YA 102 116.39 92.10 43.22
N LYS YA 103 116.88 92.04 41.98
CA LYS YA 103 116.93 90.82 41.19
C LYS YA 103 118.36 90.31 41.06
N HIS YA 104 119.24 90.69 41.98
CA HIS YA 104 120.64 90.32 41.94
C HIS YA 104 121.03 89.25 42.95
N PHE YA 105 120.39 89.21 44.12
CA PHE YA 105 120.70 88.20 45.12
C PHE YA 105 119.42 87.55 45.61
N ASP YA 106 119.45 86.23 45.77
CA ASP YA 106 118.27 85.51 46.27
C ASP YA 106 118.75 84.25 46.99
N SER YA 107 118.65 84.24 48.31
CA SER YA 107 119.07 83.10 49.11
C SER YA 107 117.91 82.58 49.94
N GLY YA 108 117.77 81.26 49.97
CA GLY YA 108 116.76 80.62 50.80
C GLY YA 108 117.33 79.46 51.59
N ALA YA 109 117.29 79.56 52.92
CA ALA YA 109 117.83 78.53 53.78
C ALA YA 109 116.73 78.02 54.70
N LYS YA 110 116.90 76.79 55.17
CA LYS YA 110 115.94 76.21 56.10
C LYS YA 110 116.63 75.11 56.89
N GLY YA 111 116.17 74.93 58.12
CA GLY YA 111 116.74 73.92 58.99
C GLY YA 111 115.68 73.34 59.90
N SER YA 112 115.92 72.12 60.35
CA SER YA 112 115.01 71.45 61.27
C SER YA 112 115.80 70.50 62.16
N LYS YA 113 115.28 70.27 63.36
CA LYS YA 113 115.95 69.43 64.34
C LYS YA 113 114.89 68.77 65.22
N ASN YA 114 115.09 67.48 65.49
CA ASN YA 114 114.21 66.70 66.36
C ASN YA 114 115.07 65.88 67.30
N PHE YA 115 114.89 66.11 68.60
CA PHE YA 115 115.74 65.51 69.64
C PHE YA 115 114.84 64.86 70.67
N ILE YA 116 115.08 63.57 70.96
CA ILE YA 116 114.25 62.81 71.88
C ILE YA 116 115.15 62.11 72.89
N THR YA 117 114.78 62.18 74.16
CA THR YA 117 115.55 61.57 75.23
C THR YA 117 114.63 60.81 76.18
N SER YA 118 115.08 59.67 76.67
CA SER YA 118 114.33 58.87 77.63
C SER YA 118 115.31 58.25 78.62
N ALA YA 119 115.03 58.44 79.92
CA ALA YA 119 115.87 57.88 80.97
C ALA YA 119 115.00 57.11 81.95
N SER YA 120 115.34 55.86 82.20
CA SER YA 120 114.62 54.99 83.13
C SER YA 120 115.61 54.56 84.20
N LEU YA 121 115.55 55.20 85.37
CA LEU YA 121 116.44 54.92 86.47
C LEU YA 121 115.89 53.93 87.48
N GLY YA 122 114.61 53.56 87.36
CA GLY YA 122 114.04 52.59 88.28
C GLY YA 122 114.04 53.11 89.70
N THR YA 123 114.64 52.34 90.61
CA THR YA 123 114.72 52.67 92.02
C THR YA 123 116.15 53.06 92.38
N VAL YA 124 116.29 54.12 93.17
CA VAL YA 124 117.58 54.59 93.63
C VAL YA 124 117.64 54.41 95.14
N VAL YA 125 118.70 53.77 95.63
CA VAL YA 125 118.90 53.56 97.05
C VAL YA 125 120.09 54.38 97.51
N LYS YA 126 120.22 54.52 98.83
CA LYS YA 126 121.32 55.25 99.44
C LYS YA 126 122.06 54.31 100.38
N ALA YA 127 123.39 54.31 100.27
CA ALA YA 127 124.26 53.47 101.09
C ALA YA 127 125.16 54.37 101.92
N GLU YA 128 125.31 54.00 103.19
CA GLU YA 128 126.07 54.80 104.14
C GLU YA 128 126.49 53.94 105.32
N THR YA 129 127.47 54.42 106.06
CA THR YA 129 127.95 53.71 107.23
C THR YA 129 126.83 53.52 108.25
N ILE YA 130 126.84 52.38 108.93
CA ILE YA 130 125.81 52.11 109.94
C ILE YA 130 125.89 53.14 111.07
N ASP YA 131 127.09 53.44 111.54
CA ASP YA 131 127.30 54.43 112.58
C ASP YA 131 128.45 55.34 112.15
N ILE YA 132 128.14 56.62 111.96
CA ILE YA 132 129.16 57.58 111.54
C ILE YA 132 129.89 58.19 112.73
N THR YA 133 129.22 58.27 113.89
CA THR YA 133 129.85 58.86 115.07
C THR YA 133 131.08 58.07 115.49
N LYS YA 134 131.00 56.73 115.48
CA LYS YA 134 132.16 55.91 115.83
C LYS YA 134 133.30 56.12 114.85
N VAL YA 135 132.98 56.17 113.55
CA VAL YA 135 134.01 56.40 112.54
C VAL YA 135 134.68 57.75 112.78
N LEU YA 136 133.89 58.78 113.05
CA LEU YA 136 134.46 60.10 113.29
C LEU YA 136 135.35 60.10 114.53
N ALA YA 137 134.90 59.46 115.60
CA ALA YA 137 135.70 59.41 116.82
C ALA YA 137 137.03 58.72 116.57
N LYS YA 138 137.00 57.55 115.91
CA LYS YA 138 138.23 56.82 115.62
C LYS YA 138 139.14 57.62 114.70
N VAL YA 139 138.58 58.31 113.72
CA VAL YA 139 139.40 59.15 112.84
C VAL YA 139 140.12 60.20 113.65
N ARG YA 140 139.38 60.90 114.52
CA ARG YA 140 139.98 61.96 115.33
C ARG YA 140 141.06 61.43 116.24
N THR YA 141 140.90 60.21 116.76
CA THR YA 141 141.88 59.64 117.65
C THR YA 141 142.96 58.81 116.92
N ALA YA 142 142.90 58.72 115.60
CA ALA YA 142 143.81 57.88 114.84
C ALA YA 142 144.74 58.74 113.99
N LYS YA 143 145.96 58.25 113.77
CA LYS YA 143 146.95 58.92 112.95
C LYS YA 143 147.01 58.30 111.55
N ALA YA 144 147.31 59.15 110.55
CA ALA YA 144 147.41 58.71 109.18
C ALA YA 144 148.66 57.87 108.96
N LYS YA 145 148.72 57.23 107.80
CA LYS YA 145 149.86 56.37 107.45
C LYS YA 145 151.07 57.23 107.09
N VAL YA 146 152.16 57.06 107.83
CA VAL YA 146 153.37 57.83 107.55
C VAL YA 146 153.94 57.46 106.19
N GLU YA 147 153.86 56.18 105.81
CA GLU YA 147 154.37 55.74 104.52
C GLU YA 147 153.65 56.41 103.36
N ASN YA 148 152.35 56.66 103.51
CA ASN YA 148 151.56 57.21 102.40
C ASN YA 148 152.10 58.55 101.94
N ASP YA 149 152.21 58.72 100.62
CA ASP YA 149 152.72 59.95 100.03
C ASP YA 149 151.64 60.99 99.81
N LEU YA 150 150.42 60.55 99.48
CA LEU YA 150 149.32 61.48 99.25
C LEU YA 150 149.06 62.36 100.46
N VAL YA 151 149.05 61.76 101.66
CA VAL YA 151 148.81 62.52 102.88
C VAL YA 151 149.88 63.59 103.05
N SER YA 152 151.14 63.23 102.84
CA SER YA 152 152.22 64.20 102.97
C SER YA 152 152.09 65.32 101.96
N ARG YA 153 151.74 64.97 100.71
CA ARG YA 153 151.52 65.99 99.69
C ARG YA 153 150.44 66.97 100.13
N VAL YA 154 149.30 66.46 100.58
CA VAL YA 154 148.19 67.32 101.00
C VAL YA 154 148.60 68.15 102.22
N MET YA 155 149.41 67.59 103.11
CA MET YA 155 149.86 68.34 104.29
C MET YA 155 150.76 69.50 103.88
N LYS YA 156 151.70 69.26 102.96
CA LYS YA 156 152.63 70.32 102.60
C LYS YA 156 151.96 71.38 101.73
N THR YA 157 151.02 70.97 100.88
CA THR YA 157 150.33 71.93 100.04
C THR YA 157 149.18 72.58 100.81
N LYS YA 158 148.82 73.79 100.39
CA LYS YA 158 147.75 74.54 101.03
C LYS YA 158 146.43 74.49 100.28
N ARG YA 159 146.47 74.31 98.96
CA ARG YA 159 145.24 74.25 98.19
C ARG YA 159 144.53 72.92 98.39
N LEU YA 160 145.29 71.83 98.44
CA LEU YA 160 144.69 70.50 98.51
C LEU YA 160 144.03 70.26 99.86
N CYS YA 161 142.88 69.61 99.83
CA CYS YA 161 142.16 69.19 101.03
C CYS YA 161 141.69 67.76 100.86
N LEU YA 162 141.50 67.07 101.98
CA LEU YA 162 141.04 65.69 101.97
C LEU YA 162 139.57 65.61 102.34
N GLY YA 163 138.85 64.69 101.70
CA GLY YA 163 137.46 64.50 102.00
C GLY YA 163 137.06 63.03 102.07
N LEU YA 164 136.29 62.67 103.08
CA LEU YA 164 135.82 61.31 103.28
C LEU YA 164 134.38 61.22 102.81
N VAL YA 165 134.11 60.29 101.88
CA VAL YA 165 132.76 60.12 101.36
C VAL YA 165 131.93 59.33 102.37
N VAL YA 166 130.73 59.82 102.66
CA VAL YA 166 129.93 59.26 103.73
C VAL YA 166 128.59 58.69 103.25
N GLU YA 167 128.09 59.07 102.07
CA GLU YA 167 126.84 58.52 101.58
C GLU YA 167 126.85 58.52 100.06
N THR YA 168 126.24 57.51 99.46
CA THR YA 168 126.25 57.36 98.01
C THR YA 168 124.89 56.89 97.52
N ALA YA 169 124.45 57.45 96.41
CA ALA YA 169 123.19 57.06 95.77
C ALA YA 169 123.49 56.14 94.60
N CYS YA 170 122.89 54.95 94.61
CA CYS YA 170 123.16 53.93 93.61
C CYS YA 170 121.85 53.35 93.09
N VAL YA 171 121.85 52.97 91.81
CA VAL YA 171 120.67 52.38 91.20
C VAL YA 171 120.54 50.93 91.68
N ALA YA 172 119.33 50.57 92.12
CA ALA YA 172 119.11 49.20 92.59
C ALA YA 172 119.11 48.20 91.43
N ALA YA 173 118.53 48.58 90.29
CA ALA YA 173 118.42 47.71 89.13
C ALA YA 173 119.05 48.41 87.93
N ALA YA 174 119.00 47.72 86.79
CA ALA YA 174 119.59 48.26 85.57
C ALA YA 174 118.84 49.51 85.11
N GLY YA 175 119.59 50.49 84.64
CA GLY YA 175 119.04 51.76 84.17
C GLY YA 175 119.25 51.91 82.67
N LYS YA 176 118.21 52.37 81.98
CA LYS YA 176 118.21 52.46 80.52
C LYS YA 176 118.20 53.91 80.06
N LEU YA 177 119.12 54.25 79.17
CA LEU YA 177 119.22 55.61 78.64
C LEU YA 177 119.17 55.55 77.12
N THR YA 178 118.21 56.26 76.52
CA THR YA 178 118.00 56.25 75.07
C THR YA 178 117.95 57.68 74.55
N GLU YA 179 118.60 57.91 73.41
CA GLU YA 179 118.65 59.22 72.77
C GLU YA 179 118.54 59.07 71.27
N ALA YA 180 117.74 59.94 70.65
CA ALA YA 180 117.56 59.95 69.21
C ALA YA 180 117.66 61.37 68.69
N ASP YA 181 118.40 61.56 67.59
CA ASP YA 181 118.63 62.87 67.00
C ASP YA 181 118.40 62.78 65.51
N ASN YA 182 117.69 63.76 64.94
CA ASN YA 182 117.48 63.84 63.50
C ASN YA 182 117.46 65.30 63.11
N TRP YA 183 118.47 65.77 62.39
CA TRP YA 183 118.46 67.16 61.99
C TRP YA 183 118.83 67.29 60.52
N GLU YA 184 118.39 68.39 59.91
CA GLU YA 184 118.47 68.56 58.46
C GLU YA 184 118.65 70.03 58.12
N ILE YA 185 119.48 70.29 57.10
CA ILE YA 185 119.76 71.63 56.60
C ILE YA 185 119.60 71.63 55.08
N SER YA 186 118.88 72.61 54.55
CA SER YA 186 118.71 72.77 53.11
C SER YA 186 118.89 74.24 52.75
N GLY YA 187 119.91 74.53 51.94
CA GLY YA 187 120.21 75.89 51.56
C GLY YA 187 120.33 76.05 50.07
N HIS YA 188 120.01 77.26 49.60
CA HIS YA 188 120.04 77.59 48.18
C HIS YA 188 120.45 79.03 48.01
N THR YA 189 121.29 79.29 47.00
CA THR YA 189 121.82 80.62 46.73
C THR YA 189 121.77 80.88 45.24
N ASN YA 190 121.32 82.08 44.85
CA ASN YA 190 121.24 82.49 43.46
C ASN YA 190 121.80 83.91 43.36
N ALA YA 191 122.96 84.04 42.74
CA ALA YA 191 123.59 85.33 42.49
C ALA YA 191 123.50 85.61 40.99
N ASN YA 192 122.59 86.52 40.62
CA ASN YA 192 122.38 86.91 39.23
C ASN YA 192 123.06 88.25 38.99
N ILE YA 193 123.97 88.28 38.01
CA ILE YA 193 124.67 89.50 37.62
C ILE YA 193 124.51 89.63 36.11
N GLY YA 194 124.78 90.84 35.61
CA GLY YA 194 124.60 91.10 34.19
C GLY YA 194 125.40 90.17 33.30
N GLU YA 195 126.58 89.75 33.75
CA GLU YA 195 127.43 88.85 32.97
C GLU YA 195 127.75 87.56 33.70
N ALA YA 196 127.11 87.28 34.84
CA ALA YA 196 127.40 86.08 35.60
C ALA YA 196 126.13 85.60 36.29
N VAL YA 197 125.92 84.29 36.28
CA VAL YA 197 124.81 83.65 36.98
C VAL YA 197 125.36 82.48 37.77
N VAL YA 198 125.15 82.48 39.08
CA VAL YA 198 125.61 81.41 39.95
C VAL YA 198 124.41 80.85 40.71
N THR YA 199 124.24 79.54 40.68
CA THR YA 199 123.14 78.85 41.35
C THR YA 199 123.70 77.68 42.14
N ALA YA 200 123.73 77.81 43.47
CA ALA YA 200 124.27 76.79 44.34
C ALA YA 200 123.16 76.22 45.23
N THR YA 201 123.28 74.95 45.57
CA THR YA 201 122.30 74.28 46.41
C THR YA 201 123.01 73.22 47.24
N ALA YA 202 122.61 73.08 48.50
CA ALA YA 202 123.22 72.09 49.39
C ALA YA 202 122.20 71.55 50.36
N GLU YA 203 122.07 70.23 50.43
CA GLU YA 203 121.16 69.57 51.35
C GLU YA 203 121.93 68.51 52.14
N LEU YA 204 121.67 68.44 53.43
CA LEU YA 204 122.25 67.38 54.25
C LEU YA 204 121.34 67.09 55.42
N ASP YA 205 121.50 65.90 56.00
CA ASP YA 205 120.71 65.49 57.14
C ASP YA 205 121.42 64.37 57.87
N LYS YA 206 121.46 64.45 59.20
CA LYS YA 206 122.14 63.48 60.05
C LYS YA 206 121.14 62.86 61.01
N ASN YA 207 121.26 61.55 61.21
CA ASN YA 207 120.43 60.78 62.12
C ASN YA 207 121.31 59.95 63.02
N LEU YA 208 121.08 60.04 64.33
CA LEU YA 208 121.84 59.30 65.33
C LEU YA 208 120.89 58.68 66.35
N SER YA 209 121.33 57.58 66.94
CA SER YA 209 120.56 56.92 67.99
C SER YA 209 121.53 56.16 68.90
N ARG YA 210 121.47 56.45 70.20
CA ARG YA 210 122.35 55.82 71.17
C ARG YA 210 121.51 55.27 72.32
N LYS YA 211 121.70 53.99 72.65
CA LYS YA 211 120.95 53.34 73.71
C LYS YA 211 121.91 52.52 74.56
N ILE YA 212 121.97 52.82 75.86
CA ILE YA 212 122.86 52.14 76.78
C ILE YA 212 122.09 51.72 78.02
N GLU YA 213 122.71 50.85 78.82
CA GLU YA 213 122.10 50.31 80.03
C GLU YA 213 123.17 50.16 81.10
N ILE YA 214 123.11 51.02 82.11
CA ILE YA 214 124.04 50.92 83.25
C ILE YA 214 123.60 49.78 84.15
N PRO YA 215 124.54 49.01 84.70
CA PRO YA 215 124.19 47.85 85.51
C PRO YA 215 123.83 48.24 86.93
N PRO YA 216 123.21 47.35 87.70
CA PRO YA 216 122.90 47.66 89.10
C PRO YA 216 124.17 47.94 89.90
N GLY YA 217 124.05 48.87 90.84
CA GLY YA 217 125.15 49.24 91.71
C GLY YA 217 125.92 50.47 91.26
N THR YA 218 125.65 50.99 90.07
CA THR YA 218 126.36 52.16 89.59
C THR YA 218 126.04 53.38 90.45
N ALA YA 219 127.08 54.07 90.92
CA ALA YA 219 126.87 55.24 91.75
C ALA YA 219 126.42 56.43 90.91
N LEU YA 220 125.58 57.27 91.50
CA LEU YA 220 125.07 58.47 90.84
C LEU YA 220 125.54 59.76 91.48
N ALA YA 221 125.54 59.84 92.80
CA ALA YA 221 125.91 61.06 93.49
C ALA YA 221 126.42 60.72 94.89
N TYR YA 222 127.07 61.68 95.52
CA TYR YA 222 127.71 61.43 96.80
C TYR YA 222 127.82 62.72 97.58
N SER YA 223 128.08 62.58 98.88
CA SER YA 223 128.38 63.69 99.77
C SER YA 223 129.56 63.32 100.64
N PHE YA 224 130.36 64.32 101.02
CA PHE YA 224 131.60 64.04 101.73
C PHE YA 224 131.82 65.07 102.83
N MET YA 225 132.67 64.69 103.79
CA MET YA 225 133.04 65.54 104.91
C MET YA 225 134.53 65.86 104.83
N ASP YA 226 134.88 67.11 105.14
CA ASP YA 226 136.26 67.55 105.01
C ASP YA 226 137.12 67.03 106.16
N LEU YA 227 138.44 67.01 105.92
CA LEU YA 227 139.41 66.58 106.92
C LEU YA 227 140.59 67.56 106.93
N GLU YA 228 141.45 67.40 107.93
CA GLU YA 228 142.61 68.26 108.09
C GLU YA 228 143.74 67.48 108.73
N ILE YA 229 144.91 67.50 108.09
CA ILE YA 229 146.09 66.83 108.61
C ILE YA 229 146.75 67.73 109.65
N LEU YA 230 146.95 67.21 110.86
CA LEU YA 230 147.71 67.94 111.86
C LEU YA 230 149.19 67.98 111.48
N GLU YA 231 149.98 68.65 112.33
CA GLU YA 231 151.43 68.60 112.16
C GLU YA 231 151.93 67.17 112.16
N ASP YA 232 151.45 66.36 113.10
CA ASP YA 232 151.72 64.93 113.10
C ASP YA 232 150.82 64.24 112.08
N ARG YA 233 150.89 62.90 112.05
CA ARG YA 233 150.01 62.12 111.18
C ARG YA 233 148.55 62.15 111.63
N SER YA 234 148.26 62.74 112.79
CA SER YA 234 146.89 62.80 113.30
C SER YA 234 145.98 63.54 112.33
N LEU YA 235 144.72 63.12 112.30
CA LEU YA 235 143.70 63.73 111.45
C LEU YA 235 142.60 64.33 112.30
N ARG YA 236 142.02 65.42 111.79
CA ARG YA 236 140.92 66.11 112.47
C ARG YA 236 139.82 66.39 111.46
N VAL YA 237 138.61 66.59 111.95
CA VAL YA 237 137.48 66.92 111.10
C VAL YA 237 137.24 68.41 111.16
N SER YA 238 136.88 69.01 110.03
CA SER YA 238 136.70 70.44 109.92
C SER YA 238 135.30 70.75 109.40
N SER YA 239 134.68 71.79 109.96
CA SER YA 239 133.32 72.18 109.61
C SER YA 239 133.29 73.66 109.25
N SER YA 240 132.95 73.95 108.00
CA SER YA 240 132.76 75.33 107.57
C SER YA 240 131.39 75.80 108.06
N ALA YA 241 131.38 76.68 109.06
CA ALA YA 241 130.15 77.16 109.70
C ALA YA 241 129.32 76.00 110.25
N GLY YA 242 129.99 74.93 110.69
CA GLY YA 242 129.31 73.79 111.27
C GLY YA 242 128.55 72.94 110.28
N ALA YA 243 128.84 73.05 108.98
CA ALA YA 243 128.11 72.29 107.98
C ALA YA 243 128.36 70.79 108.13
N MET YA 244 129.64 70.39 108.16
CA MET YA 244 130.05 68.99 108.20
C MET YA 244 129.49 68.18 107.04
N PHE YA 245 129.05 68.83 105.98
CA PHE YA 245 128.54 68.16 104.79
C PHE YA 245 128.87 69.06 103.60
N ASP YA 246 129.93 68.72 102.88
CA ASP YA 246 130.40 69.56 101.78
C ASP YA 246 129.89 68.99 100.46
N SER YA 247 129.30 69.86 99.63
CA SER YA 247 128.76 69.48 98.34
C SER YA 247 129.61 70.04 97.20
N GLY YA 248 130.85 70.42 97.47
CA GLY YA 248 131.69 71.00 96.44
C GLY YA 248 131.14 72.32 95.91
N LYS YA 249 130.60 73.14 96.79
CA LYS YA 249 130.00 74.42 96.42
C LYS YA 249 130.94 75.56 96.76
N ALA YA 250 130.84 76.64 95.99
CA ALA YA 250 131.64 77.83 96.26
C ALA YA 250 131.20 78.48 97.57
N GLU YA 251 132.15 79.14 98.23
CA GLU YA 251 131.85 79.79 99.50
C GLU YA 251 130.82 80.89 99.34
N SER YA 252 130.92 81.68 98.26
CA SER YA 252 129.98 82.76 97.96
C SER YA 252 129.88 83.75 99.11
CA ARG ZA 3 111.06 74.48 91.16
C ARG ZA 3 110.89 72.97 91.30
N PRO ZA 4 111.70 72.36 92.17
CA PRO ZA 4 111.59 70.91 92.37
C PRO ZA 4 110.21 70.52 92.88
N MET ZA 5 109.74 69.35 92.40
CA MET ZA 5 108.44 68.87 92.81
C MET ZA 5 108.38 68.61 94.31
N PHE ZA 6 109.45 68.07 94.88
CA PHE ZA 6 109.48 67.83 96.32
C PHE ZA 6 109.33 69.14 97.09
N ALA ZA 7 110.04 70.18 96.67
CA ALA ZA 7 109.94 71.47 97.34
C ALA ZA 7 108.54 72.05 97.19
N VAL ZA 8 107.94 71.93 96.01
CA VAL ZA 8 106.59 72.44 95.80
C VAL ZA 8 105.60 71.71 96.70
N ALA ZA 9 105.71 70.38 96.78
CA ALA ZA 9 104.81 69.61 97.61
C ALA ZA 9 105.01 69.94 99.09
N VAL ZA 10 106.26 70.14 99.51
CA VAL ZA 10 106.52 70.51 100.90
C VAL ZA 10 105.89 71.86 101.22
N ASN ZA 11 106.01 72.82 100.30
CA ASN ZA 11 105.38 74.13 100.52
C ASN ZA 11 103.87 74.01 100.59
N GLU ZA 12 103.27 73.20 99.70
CA GLU ZA 12 101.83 73.01 99.72
C GLU ZA 12 101.38 72.40 101.05
N PHE ZA 13 102.09 71.39 101.51
CA PHE ZA 13 101.74 70.74 102.78
C PHE ZA 13 101.88 71.71 103.94
N ILE ZA 14 102.98 72.46 103.99
CA ILE ZA 14 103.21 73.35 105.11
C ILE ZA 14 102.21 74.49 105.11
N ARG ZA 15 101.75 74.92 103.93
CA ARG ZA 15 100.70 75.94 103.88
C ARG ZA 15 99.38 75.38 104.36
N SER ZA 16 98.99 74.20 103.86
CA SER ZA 16 97.70 73.62 104.22
C SER ZA 16 97.62 73.32 105.72
N ALA ZA 17 98.70 72.76 106.28
CA ALA ZA 17 98.75 72.42 107.69
C ALA ZA 17 100.05 72.92 108.28
N GLY ZA 18 99.97 73.52 109.46
CA GLY ZA 18 101.16 73.99 110.15
C GLY ZA 18 101.91 75.09 109.45
N GLN ZA 19 101.18 76.13 109.00
CA GLN ZA 19 101.84 77.26 108.36
C GLN ZA 19 102.79 77.97 109.32
N ASP ZA 20 102.53 77.89 110.61
CA ASP ZA 20 103.39 78.45 111.63
C ASP ZA 20 104.07 77.32 112.41
N SER ZA 21 105.26 77.63 112.93
CA SER ZA 21 106.05 76.68 113.73
C SER ZA 21 106.35 75.41 112.95
N LEU ZA 22 106.83 75.57 111.72
CA LEU ZA 22 107.18 74.43 110.88
C LEU ZA 22 108.19 74.88 109.83
N CYS ZA 23 109.21 74.07 109.60
CA CYS ZA 23 110.27 74.38 108.66
C CYS ZA 23 110.29 73.32 107.56
N GLY ZA 24 110.32 73.77 106.32
CA GLY ZA 24 110.37 72.85 105.20
C GLY ZA 24 111.68 72.10 105.13
N VAL ZA 25 111.62 70.93 104.50
CA VAL ZA 25 112.80 70.08 104.31
C VAL ZA 25 113.47 70.47 102.99
N PRO ZA 26 114.80 70.71 103.00
CA PRO ZA 26 115.45 71.17 101.77
C PRO ZA 26 115.39 70.19 100.62
N ASP ZA 27 115.64 68.90 100.86
CA ASP ZA 27 115.66 67.93 99.79
C ASP ZA 27 115.43 66.54 100.34
N ILE ZA 28 115.11 65.61 99.43
CA ILE ZA 28 114.81 64.24 99.82
C ILE ZA 28 116.02 63.58 100.46
N ASN ZA 29 117.20 63.83 99.93
CA ASN ZA 29 118.41 63.21 100.46
C ASN ZA 29 118.65 63.60 101.91
N SER ZA 30 118.47 64.88 102.22
CA SER ZA 30 118.71 65.38 103.58
C SER ZA 30 117.46 65.32 104.45
N SER ZA 31 116.35 64.80 103.93
CA SER ZA 31 115.14 64.68 104.73
C SER ZA 31 115.38 63.78 105.95
N GLY ZA 32 116.18 62.73 105.80
CA GLY ZA 32 116.37 61.79 106.88
C GLY ZA 32 117.21 62.30 108.02
N ASP ZA 33 117.84 63.46 107.87
CA ASP ZA 33 118.68 64.03 108.91
C ASP ZA 33 117.91 64.97 109.84
N PHE ZA 34 116.60 65.12 109.65
CA PHE ZA 34 115.78 66.01 110.46
C PHE ZA 34 114.75 65.24 111.28
N MET ZA 35 115.10 64.03 111.70
CA MET ZA 35 114.27 63.27 112.60
C MET ZA 35 114.39 63.82 114.03
N PRO ZA 36 113.44 63.49 114.90
CA PRO ZA 36 113.49 64.03 116.27
C PRO ZA 36 114.77 63.66 117.00
N LEU ZA 37 115.19 64.54 117.89
CA LEU ZA 37 116.42 64.39 118.68
C LEU ZA 37 117.66 64.43 117.79
N HIS ZA 38 117.69 65.41 116.89
CA HIS ZA 38 118.84 65.66 116.03
C HIS ZA 38 119.32 67.09 116.25
N ILE ZA 39 120.63 67.28 116.18
CA ILE ZA 39 121.25 68.58 116.35
C ILE ZA 39 121.38 69.25 115.00
N ILE ZA 40 121.02 70.54 114.94
CA ILE ZA 40 121.18 71.35 113.73
C ILE ZA 40 121.85 72.66 114.13
N VAL ZA 41 122.44 73.32 113.14
CA VAL ZA 41 123.16 74.57 113.35
C VAL ZA 41 122.40 75.68 112.64
N LYS ZA 42 122.22 76.80 113.33
CA LYS ZA 42 121.53 77.97 112.77
C LYS ZA 42 122.52 79.12 112.63
N GLU ZA 43 122.54 79.73 111.45
CA GLU ZA 43 123.43 80.84 111.13
C GLU ZA 43 122.59 82.07 110.86
N VAL ZA 44 122.94 83.19 111.49
CA VAL ZA 44 122.22 84.44 111.35
C VAL ZA 44 122.48 85.04 109.97
N PRO ZA 45 121.55 85.83 109.42
CA PRO ZA 45 121.79 86.42 108.09
C PRO ZA 45 123.01 87.31 108.02
N LYS ZA 46 123.34 88.02 109.10
CA LYS ZA 46 124.47 88.94 109.23
C LYS ZA 46 124.31 90.20 108.40
N VAL ZA 47 123.23 90.33 107.62
CA VAL ZA 47 123.00 91.52 106.81
C VAL ZA 47 121.72 92.19 107.29
N LEU ZA 48 120.61 91.46 107.21
CA LEU ZA 48 119.30 91.94 107.69
C LEU ZA 48 118.72 90.85 108.58
N PRO ZA 49 119.22 90.70 109.81
CA PRO ZA 49 118.75 89.61 110.66
C PRO ZA 49 117.26 89.66 110.95
N CYS ZA 50 116.69 90.86 111.09
CA CYS ZA 50 115.26 90.99 111.36
C CYS ZA 50 114.41 90.92 110.10
N CYS ZA 51 115.03 90.93 108.92
CA CYS ZA 51 114.29 90.91 107.66
C CYS ZA 51 114.48 89.63 106.86
N ARG ZA 52 115.50 88.82 107.18
CA ARG ZA 52 115.80 87.61 106.43
C ARG ZA 52 115.81 86.42 107.38
N ARG ZA 53 115.26 85.30 106.91
CA ARG ZA 53 115.24 84.09 107.71
C ARG ZA 53 116.64 83.48 107.77
N PRO ZA 54 117.00 82.87 108.90
CA PRO ZA 54 118.36 82.33 109.06
C PRO ZA 54 118.62 81.11 108.19
N LYS ZA 55 119.84 80.59 108.25
CA LYS ZA 55 120.25 79.43 107.46
C LYS ZA 55 120.42 78.23 108.38
N ILE ZA 56 119.83 77.10 107.97
CA ILE ZA 56 119.82 75.89 108.79
C ILE ZA 56 120.71 74.84 108.15
N LYS ZA 57 121.63 74.29 108.94
CA LYS ZA 57 122.60 73.31 108.48
C LYS ZA 57 122.41 72.02 109.27
N ARG ZA 58 122.34 70.89 108.56
CA ARG ZA 58 122.21 69.60 109.20
C ARG ZA 58 123.56 69.10 109.68
N THR ZA 59 123.53 68.30 110.73
CA THR ZA 59 124.73 67.71 111.29
C THR ZA 59 124.50 66.23 111.56
N PRO ZA 60 125.54 65.40 111.49
CA PRO ZA 60 125.40 63.96 111.75
C PRO ZA 60 125.57 63.63 113.24
N TYR ZA 61 124.74 64.24 114.07
CA TYR ZA 61 124.82 64.05 115.51
C TYR ZA 61 123.43 63.90 116.10
N THR ZA 62 123.34 63.12 117.17
CA THR ZA 62 122.15 63.04 118.00
C THR ZA 62 122.44 63.63 119.37
N LEU ZA 63 121.39 63.77 120.17
CA LEU ZA 63 121.55 64.37 121.49
C LEU ZA 63 122.47 63.54 122.37
N ASN ZA 64 122.31 62.22 122.35
CA ASN ZA 64 123.12 61.35 123.19
C ASN ZA 64 124.59 61.39 122.77
N ASP ZA 65 124.84 61.50 121.46
CA ASP ZA 65 126.22 61.60 121.01
C ASP ZA 65 126.83 62.95 121.39
N ILE ZA 66 126.06 64.03 121.25
CA ILE ZA 66 126.61 65.35 121.53
C ILE ZA 66 126.79 65.57 123.03
N LEU ZA 67 126.04 64.84 123.86
CA LEU ZA 67 126.08 65.02 125.30
C LEU ZA 67 126.94 63.94 125.95
N ASP ZA 68 127.72 64.34 126.95
CA ASP ZA 68 128.46 63.38 127.75
C ASP ZA 68 127.50 62.46 128.50
N GLU ZA 69 126.45 63.02 129.07
CA GLU ZA 69 125.46 62.23 129.80
C GLU ZA 69 124.29 61.90 128.90
N PRO ZA 70 123.94 60.62 128.73
CA PRO ZA 70 122.83 60.28 127.85
C PRO ZA 70 121.47 60.67 128.43
N CYS ZA 71 120.49 60.77 127.55
CA CYS ZA 71 119.12 61.12 127.87
C CYS ZA 71 118.19 60.09 127.27
N PRO ZA 72 117.00 59.92 127.83
CA PRO ZA 72 116.02 59.02 127.20
C PRO ZA 72 115.67 59.50 125.81
N ASN ZA 73 115.45 58.54 124.90
CA ASN ZA 73 115.27 58.86 123.48
C ASN ZA 73 114.08 58.14 122.85
N GLN ZA 74 113.19 57.56 123.63
CA GLN ZA 74 112.04 56.87 123.06
C GLN ZA 74 111.13 57.85 122.34
N LEU ZA 75 110.48 57.36 121.27
CA LEU ZA 75 109.65 58.19 120.42
C LEU ZA 75 108.25 57.60 120.32
N LYS ZA 76 107.33 58.39 119.75
CA LYS ZA 76 105.97 57.97 119.49
C LYS ZA 76 105.44 58.76 118.30
N SER ZA 77 104.49 58.17 117.59
CA SER ZA 77 103.93 58.77 116.40
C SER ZA 77 102.41 58.72 116.45
N SER ZA 78 101.79 59.72 115.82
CA SER ZA 78 100.34 59.81 115.76
C SER ZA 78 99.93 60.57 114.51
N ASP ZA 79 98.72 60.32 114.05
CA ASP ZA 79 98.26 60.93 112.81
C ASP ZA 79 98.13 62.44 112.95
N LEU ZA 80 98.43 63.14 111.85
CA LEU ZA 80 98.36 64.60 111.82
C LEU ZA 80 97.34 65.12 110.83
N VAL ZA 81 97.40 64.69 109.56
CA VAL ZA 81 96.48 65.16 108.53
C VAL ZA 81 96.41 64.07 107.46
N THR ZA 82 95.35 64.12 106.66
CA THR ZA 82 95.09 63.12 105.64
C THR ZA 82 94.58 63.81 104.38
N PHE ZA 83 95.35 63.73 103.29
CA PHE ZA 83 94.95 64.27 102.00
C PHE ZA 83 94.17 63.18 101.26
N THR ZA 84 92.84 63.29 101.28
CA THR ZA 84 92.01 62.24 100.69
C THR ZA 84 92.17 62.18 99.18
N GLU ZA 85 92.33 63.33 98.53
CA GLU ZA 85 92.48 63.37 97.08
C GLU ZA 85 93.72 64.15 96.70
N PRO ZA 86 94.32 63.83 95.56
CA PRO ZA 86 95.56 64.51 95.16
C PRO ZA 86 95.35 66.00 94.93
N LEU ZA 87 96.36 66.78 95.31
CA LEU ZA 87 96.40 68.19 94.96
C LEU ZA 87 96.70 68.32 93.48
N VAL ZA 88 95.77 68.92 92.73
CA VAL ZA 88 95.86 69.03 91.28
C VAL ZA 88 95.91 70.49 90.90
N SER ZA 89 96.86 70.85 90.04
CA SER ZA 89 97.02 72.23 89.57
C SER ZA 89 97.16 72.24 88.06
N ASN ZA 90 96.48 73.18 87.42
CA ASN ZA 90 96.53 73.36 85.98
C ASN ZA 90 96.76 74.83 85.65
N VAL ZA 91 97.68 75.10 84.74
CA VAL ZA 91 97.94 76.45 84.24
C VAL ZA 91 97.98 76.36 82.72
N LYS ZA 92 97.30 77.28 82.06
CA LYS ZA 92 97.24 77.29 80.60
C LYS ZA 92 97.29 78.73 80.13
N ALA ZA 93 98.37 79.10 79.45
CA ALA ZA 93 98.55 80.46 78.94
C ALA ZA 93 98.73 80.43 77.44
N SER ZA 94 98.25 81.47 76.77
CA SER ZA 94 98.39 81.60 75.34
C SER ZA 94 98.35 83.07 74.96
N SER ZA 95 99.32 83.53 74.17
CA SER ZA 95 99.42 84.93 73.81
C SER ZA 95 99.88 85.06 72.37
N SER ZA 96 99.56 86.21 71.78
CA SER ZA 96 99.97 86.52 70.41
C SER ZA 96 100.21 88.01 70.29
N ILE ZA 97 101.24 88.37 69.53
CA ILE ZA 97 101.65 89.75 69.32
C ILE ZA 97 101.80 89.98 67.83
N GLY ZA 98 101.27 91.11 67.36
CA GLY ZA 98 101.43 91.50 65.96
C GLY ZA 98 101.83 92.95 65.81
N LEU ZA 99 102.99 93.20 65.20
CA LEU ZA 99 103.52 94.55 65.02
C LEU ZA 99 103.67 94.82 63.54
N GLN ZA 100 103.21 96.00 63.11
CA GLN ZA 100 103.36 96.42 61.72
C GLN ZA 100 103.82 97.87 61.67
N ILE ZA 101 104.86 98.13 60.90
CA ILE ZA 101 105.35 99.47 60.63
C ILE ZA 101 105.22 99.71 59.14
N LEU ZA 102 104.15 100.41 58.75
CA LEU ZA 102 103.86 100.80 57.37
C LEU ZA 102 103.85 99.53 56.52
N LYS ZA 103 104.50 99.50 55.36
CA LYS ZA 103 104.72 98.28 54.59
C LYS ZA 103 106.18 97.87 54.64
N HIS ZA 104 106.91 98.31 55.67
CA HIS ZA 104 108.33 98.03 55.81
C HIS ZA 104 108.65 96.98 56.87
N PHE ZA 105 107.87 96.91 57.95
CA PHE ZA 105 108.13 95.93 58.99
C PHE ZA 105 106.83 95.20 59.33
N ASP ZA 106 106.92 93.88 59.50
CA ASP ZA 106 105.75 93.08 59.86
C ASP ZA 106 106.20 91.86 60.64
N SER ZA 107 105.93 91.85 61.95
CA SER ZA 107 106.33 90.75 62.81
C SER ZA 107 105.10 90.15 63.48
N GLY ZA 108 105.03 88.83 63.52
CA GLY ZA 108 103.97 88.13 64.22
C GLY ZA 108 104.51 87.01 65.09
N ALA ZA 109 104.31 87.11 66.39
CA ALA ZA 109 104.79 86.12 67.34
C ALA ZA 109 103.62 85.54 68.12
N LYS ZA 110 103.80 84.32 68.62
CA LYS ZA 110 102.77 83.69 69.43
C LYS ZA 110 103.42 82.64 70.30
N GLY ZA 111 102.82 82.43 71.47
CA GLY ZA 111 103.35 81.47 72.42
C GLY ZA 111 102.22 80.83 73.20
N SER ZA 112 102.47 79.62 73.68
CA SER ZA 112 101.49 78.89 74.49
C SER ZA 112 102.23 78.01 75.48
N LYS ZA 113 101.57 77.75 76.61
CA LYS ZA 113 102.16 76.95 77.68
C LYS ZA 113 101.05 76.22 78.41
N ASN ZA 114 101.29 74.95 78.73
CA ASN ZA 114 100.35 74.12 79.48
C ASN ZA 114 101.13 73.36 80.53
N PHE ZA 115 100.79 73.59 81.81
CA PHE ZA 115 101.52 73.04 82.95
C PHE ZA 115 100.55 72.34 83.86
N ILE ZA 116 100.83 71.08 84.20
CA ILE ZA 116 99.94 70.26 85.01
C ILE ZA 116 100.75 69.63 86.14
N THR ZA 117 100.21 69.67 87.35
CA THR ZA 117 100.89 69.12 88.52
C THR ZA 117 99.89 68.31 89.35
N SER ZA 118 100.37 67.20 89.90
CA SER ZA 118 99.55 66.36 90.78
C SER ZA 118 100.42 65.81 91.89
N ALA ZA 119 99.97 65.98 93.13
CA ALA ZA 119 100.70 65.47 94.29
C ALA ZA 119 99.76 64.66 95.17
N SER ZA 120 100.16 63.43 95.46
CA SER ZA 120 99.38 62.52 96.31
C SER ZA 120 100.25 62.16 97.50
N LEU ZA 121 99.99 62.79 98.64
CA LEU ZA 121 100.76 62.58 99.85
C LEU ZA 121 100.14 61.56 100.80
N GLY ZA 122 98.91 61.10 100.52
CA GLY ZA 122 98.30 60.11 101.37
C GLY ZA 122 98.08 60.63 102.78
N THR ZA 123 98.62 59.90 103.75
CA THR ZA 123 98.48 60.24 105.17
C THR ZA 123 99.82 60.72 105.70
N VAL ZA 124 99.80 61.79 106.49
CA VAL ZA 124 101.00 62.35 107.10
C VAL ZA 124 100.87 62.18 108.62
N VAL ZA 125 101.90 61.61 109.24
CA VAL ZA 125 101.93 61.41 110.67
C VAL ZA 125 103.00 62.31 111.27
N LYS ZA 126 102.95 62.47 112.59
CA LYS ZA 126 103.91 63.26 113.33
C LYS ZA 126 104.59 62.38 114.37
N ALA ZA 127 105.91 62.46 114.42
CA ALA ZA 127 106.71 61.69 115.36
C ALA ZA 127 107.45 62.64 116.29
N GLU ZA 128 107.47 62.29 117.58
CA GLU ZA 128 108.04 63.14 118.60
C GLU ZA 128 108.36 62.31 119.83
N THR ZA 129 109.21 62.86 120.69
CA THR ZA 129 109.58 62.18 121.91
C THR ZA 129 108.36 61.93 122.78
N ILE ZA 130 108.34 60.79 123.47
CA ILE ZA 130 107.22 60.46 124.35
C ILE ZA 130 107.09 61.49 125.47
N ASP ZA 131 108.20 61.87 126.08
CA ASP ZA 131 108.22 62.88 127.13
C ASP ZA 131 109.34 63.85 126.84
N ILE ZA 132 108.98 65.11 126.60
CA ILE ZA 132 109.99 66.13 126.29
C ILE ZA 132 110.51 66.80 127.57
N THR ZA 133 109.71 66.83 128.63
CA THR ZA 133 110.13 67.47 129.87
C THR ZA 133 111.35 66.76 130.46
N LYS ZA 134 111.35 65.42 130.45
CA LYS ZA 134 112.50 64.68 130.96
C LYS ZA 134 113.75 64.96 130.12
N VAL ZA 135 113.60 64.99 128.80
CA VAL ZA 135 114.73 65.27 127.92
C VAL ZA 135 115.29 66.66 128.22
N LEU ZA 136 114.40 67.65 128.39
CA LEU ZA 136 114.85 69.00 128.68
C LEU ZA 136 115.58 69.06 130.02
N ALA ZA 137 115.03 68.39 131.03
CA ALA ZA 137 115.67 68.40 132.34
C ALA ZA 137 117.07 67.80 132.27
N LYS ZA 138 117.19 66.63 131.63
CA LYS ZA 138 118.48 65.98 131.51
C LYS ZA 138 119.47 66.82 130.70
N VAL ZA 139 118.99 67.47 129.64
CA VAL ZA 139 119.85 68.37 128.87
C VAL ZA 139 120.40 69.47 129.76
N ARG ZA 140 119.51 70.12 130.52
CA ARG ZA 140 119.93 71.22 131.37
C ARG ZA 140 120.93 70.76 132.43
N THR ZA 141 120.77 69.53 132.92
CA THR ZA 141 121.68 69.03 133.95
C THR ZA 141 122.87 68.27 133.37
N ALA ZA 142 122.99 68.18 132.05
CA ALA ZA 142 124.05 67.39 131.42
C ALA ZA 142 125.02 68.31 130.69
N LYS ZA 143 126.29 67.89 130.63
CA LYS ZA 143 127.33 68.62 129.93
C LYS ZA 143 127.61 68.01 128.56
N ALA ZA 144 127.98 68.87 127.61
CA ALA ZA 144 128.28 68.43 126.26
C ALA ZA 144 129.59 67.67 126.21
N LYS ZA 145 129.85 67.04 125.07
CA LYS ZA 145 131.06 66.26 124.89
C LYS ZA 145 132.25 67.18 124.66
N VAL ZA 146 133.26 67.09 125.54
CA VAL ZA 146 134.44 67.93 125.41
C VAL ZA 146 135.20 67.60 124.13
N GLU ZA 147 135.26 66.31 123.77
CA GLU ZA 147 135.95 65.91 122.55
C GLU ZA 147 135.34 66.52 121.30
N ASN ZA 148 134.02 66.69 121.28
CA ASN ZA 148 133.34 67.18 120.08
C ASN ZA 148 133.86 68.55 119.68
N ASP ZA 149 134.11 68.72 118.39
CA ASP ZA 149 134.62 69.98 117.84
C ASP ZA 149 133.50 70.95 117.48
N LEU ZA 150 132.37 70.44 117.00
CA LEU ZA 150 131.26 71.28 116.62
C LEU ZA 150 130.79 72.16 117.78
N VAL ZA 151 130.66 71.55 118.97
CA VAL ZA 151 130.22 72.31 120.15
C VAL ZA 151 131.18 73.44 120.44
N SER ZA 152 132.49 73.16 120.40
CA SER ZA 152 133.49 74.20 120.65
C SER ZA 152 133.40 75.30 119.61
N ARG ZA 153 133.24 74.93 118.35
CA ARG ZA 153 133.09 75.93 117.29
C ARG ZA 153 131.91 76.84 117.58
N VAL ZA 154 130.74 76.25 117.88
CA VAL ZA 154 129.55 77.04 118.15
C VAL ZA 154 129.74 77.91 119.40
N MET ZA 155 130.46 77.40 120.39
CA MET ZA 155 130.72 78.18 121.60
C MET ZA 155 131.58 79.40 121.30
N LYS ZA 156 132.64 79.22 120.52
CA LYS ZA 156 133.54 80.33 120.27
C LYS ZA 156 132.93 81.34 119.30
N THR ZA 157 132.14 80.87 118.34
CA THR ZA 157 131.49 81.78 117.41
C THR ZA 157 130.22 82.36 118.03
N LYS ZA 158 129.83 83.54 117.55
CA LYS ZA 158 128.65 84.23 118.05
C LYS ZA 158 127.44 84.08 117.12
N ARG ZA 159 127.67 83.91 115.82
CA ARG ZA 159 126.54 83.76 114.91
C ARG ZA 159 125.90 82.39 115.04
N LEU ZA 160 126.71 81.34 115.18
CA LEU ZA 160 126.20 79.99 115.19
C LEU ZA 160 125.39 79.71 116.46
N CYS ZA 161 124.29 78.98 116.29
CA CYS ZA 161 123.45 78.53 117.39
C CYS ZA 161 123.10 77.07 117.19
N LEU ZA 162 122.81 76.37 118.28
CA LEU ZA 162 122.45 74.96 118.22
C LEU ZA 162 120.95 74.79 118.40
N GLY ZA 163 120.38 73.83 117.69
CA GLY ZA 163 118.97 73.54 117.80
C GLY ZA 163 118.66 72.06 117.85
N LEU ZA 164 117.79 71.65 118.76
CA LEU ZA 164 117.39 70.26 118.91
C LEU ZA 164 116.03 70.07 118.25
N VAL ZA 165 115.95 69.13 117.32
CA VAL ZA 165 114.68 68.87 116.62
C VAL ZA 165 113.78 68.03 117.54
N VAL ZA 166 112.53 68.44 117.67
CA VAL ZA 166 111.62 67.83 118.62
C VAL ZA 166 110.41 67.18 117.99
N GLU ZA 167 110.03 67.52 116.76
CA GLU ZA 167 108.89 66.89 116.12
C GLU ZA 167 109.11 66.89 114.61
N THR ZA 168 108.63 65.84 113.96
CA THR ZA 168 108.84 65.69 112.52
C THR ZA 168 107.59 65.12 111.86
N ALA ZA 169 107.26 65.65 110.69
CA ALA ZA 169 106.11 65.18 109.91
C ALA ZA 169 106.62 64.28 108.79
N CYS ZA 170 106.10 63.05 108.74
CA CYS ZA 170 106.56 62.05 107.80
C CYS ZA 170 105.37 61.38 107.12
N VAL ZA 171 105.55 61.00 105.86
CA VAL ZA 171 104.50 60.33 105.11
C VAL ZA 171 104.40 58.88 105.59
N ALA ZA 172 103.18 58.44 105.87
CA ALA ZA 172 102.98 57.06 106.32
C ALA ZA 172 103.19 56.06 105.19
N ALA ZA 173 102.73 56.40 103.99
CA ALA ZA 173 102.84 55.53 102.84
C ALA ZA 173 103.57 56.25 101.70
N ALA ZA 174 103.71 55.56 100.58
CA ALA ZA 174 104.41 56.13 99.44
C ALA ZA 174 103.65 57.33 98.87
N GLY ZA 175 104.39 58.36 98.48
CA GLY ZA 175 103.82 59.58 97.93
C GLY ZA 175 104.20 59.74 96.48
N LYS ZA 176 103.23 60.14 95.65
CA LYS ZA 176 103.42 60.22 94.21
C LYS ZA 176 103.37 61.66 93.73
N LEU ZA 177 104.37 62.06 92.96
CA LEU ZA 177 104.46 63.42 92.43
C LEU ZA 177 104.61 63.36 90.92
N THR ZA 178 103.68 63.99 90.19
CA THR ZA 178 103.67 63.97 88.74
C THR ZA 178 103.59 65.39 88.18
N GLU ZA 179 104.37 65.66 87.14
CA GLU ZA 179 104.40 66.97 86.50
C GLU ZA 179 104.50 66.80 85.00
N ALA ZA 180 103.73 67.61 84.27
CA ALA ZA 180 103.74 67.61 82.82
C ALA ZA 180 103.82 69.04 82.30
N ASP ZA 181 104.67 69.27 81.30
CA ASP ZA 181 104.90 70.58 80.73
C ASP ZA 181 104.87 70.48 79.22
N ASN ZA 182 104.17 71.40 78.56
CA ASN ZA 182 104.14 71.47 77.10
C ASN ZA 182 104.07 72.93 76.70
N TRP ZA 183 105.14 73.45 76.10
CA TRP ZA 183 105.10 74.85 75.69
C TRP ZA 183 105.64 74.99 74.27
N GLU ZA 184 105.21 76.06 73.60
CA GLU ZA 184 105.45 76.23 72.17
C GLU ZA 184 105.59 77.70 71.84
N ILE ZA 185 106.52 78.02 70.93
CA ILE ZA 185 106.78 79.37 70.46
C ILE ZA 185 106.81 79.35 68.93
N SER ZA 186 106.11 80.29 68.31
CA SER ZA 186 106.12 80.43 66.86
C SER ZA 186 106.25 81.90 66.50
N GLY ZA 187 107.33 82.26 65.81
CA GLY ZA 187 107.59 83.64 65.47
C GLY ZA 187 107.90 83.80 63.99
N HIS ZA 188 107.56 84.98 63.48
CA HIS ZA 188 107.75 85.30 62.07
C HIS ZA 188 108.09 86.77 61.94
N THR ZA 189 109.03 87.08 61.04
CA THR ZA 189 109.51 88.44 60.82
C THR ZA 189 109.63 88.69 59.33
N ASN ZA 190 109.15 89.86 58.88
CA ASN ZA 190 109.23 90.26 57.49
C ASN ZA 190 109.70 91.71 57.44
N ALA ZA 191 110.93 91.91 56.97
CA ALA ZA 191 111.50 93.24 56.79
C ALA ZA 191 111.57 93.51 55.28
N ASN ZA 192 110.68 94.36 54.79
CA ASN ZA 192 110.62 94.73 53.38
C ASN ZA 192 111.23 96.11 53.21
N ILE ZA 193 112.26 96.19 52.36
CA ILE ZA 193 112.91 97.45 52.05
C ILE ZA 193 112.94 97.57 50.53
N GLY ZA 194 113.20 98.79 50.04
CA GLY ZA 194 113.19 99.04 48.61
C GLY ZA 194 114.15 98.15 47.84
N GLU ZA 195 115.29 97.81 48.44
CA GLU ZA 195 116.28 96.97 47.78
C GLU ZA 195 116.59 95.70 48.57
N ALA ZA 196 115.82 95.39 49.62
CA ALA ZA 196 116.10 94.21 50.43
C ALA ZA 196 114.79 93.66 50.96
N VAL ZA 197 114.66 92.33 50.94
CA VAL ZA 197 113.51 91.63 51.50
C VAL ZA 197 114.03 90.49 52.36
N VAL ZA 198 113.66 90.49 53.64
CA VAL ZA 198 114.06 89.46 54.58
C VAL ZA 198 112.81 88.82 55.17
N THR ZA 199 112.74 87.50 55.14
CA THR ZA 199 111.61 86.75 55.68
C THR ZA 199 112.13 85.61 56.54
N ALA ZA 200 111.99 85.75 57.85
CA ALA ZA 200 112.48 84.76 58.81
C ALA ZA 200 111.31 84.14 59.57
N THR ZA 201 111.46 82.87 59.92
CA THR ZA 201 110.42 82.14 60.64
C THR ZA 201 111.08 81.13 61.56
N ALA ZA 202 110.54 80.97 62.77
CA ALA ZA 202 111.10 80.02 63.73
C ALA ZA 202 109.98 79.43 64.58
N GLU ZA 203 109.94 78.10 64.65
CA GLU ZA 203 108.97 77.38 65.45
C GLU ZA 203 109.69 76.38 66.34
N LEU ZA 204 109.27 76.30 67.60
CA LEU ZA 204 109.82 75.28 68.48
C LEU ZA 204 108.78 74.94 69.55
N ASP ZA 205 108.95 73.76 70.15
CA ASP ZA 205 108.04 73.31 71.19
C ASP ZA 205 108.73 72.23 72.01
N LYS ZA 206 108.58 72.33 73.33
CA LYS ZA 206 109.21 71.40 74.26
C LYS ZA 206 108.14 70.72 75.10
N ASN ZA 207 108.33 69.42 75.33
CA ASN ZA 207 107.42 68.60 76.14
C ASN ZA 207 108.24 67.84 77.16
N LEU ZA 208 107.84 67.91 78.42
CA LEU ZA 208 108.51 67.23 79.51
C LEU ZA 208 107.48 66.55 80.42
N SER ZA 209 107.91 65.48 81.07
CA SER ZA 209 107.05 64.78 82.03
C SER ZA 209 107.94 64.09 83.05
N ARG ZA 210 107.71 64.38 84.34
CA ARG ZA 210 108.49 63.81 85.42
C ARG ZA 210 107.56 63.21 86.45
N LYS ZA 211 107.79 61.94 86.82
CA LYS ZA 211 106.95 61.25 87.79
C LYS ZA 211 107.83 60.50 88.76
N ILE ZA 212 107.70 60.81 90.05
CA ILE ZA 212 108.53 60.19 91.09
C ILE ZA 212 107.62 59.72 92.22
N GLU ZA 213 108.19 58.90 93.10
CA GLU ZA 213 107.48 58.32 94.23
C GLU ZA 213 108.40 58.25 95.44
N ILE ZA 214 108.16 59.10 96.42
CA ILE ZA 214 108.94 59.07 97.66
C ILE ZA 214 108.46 57.90 98.52
N PRO ZA 215 109.37 57.20 99.19
CA PRO ZA 215 108.99 56.01 99.96
C PRO ZA 215 108.43 56.39 101.32
N PRO ZA 216 107.78 55.46 102.01
CA PRO ZA 216 107.28 55.76 103.36
C PRO ZA 216 108.40 56.12 104.31
N GLY ZA 217 108.11 57.05 105.22
CA GLY ZA 217 109.06 57.49 106.22
C GLY ZA 217 109.81 58.76 105.86
N THR ZA 218 109.65 59.26 104.63
CA THR ZA 218 110.36 60.48 104.23
C THR ZA 218 109.84 61.67 105.03
N ALA ZA 219 110.76 62.43 105.61
CA ALA ZA 219 110.40 63.59 106.41
C ALA ZA 219 109.97 64.74 105.50
N LEU ZA 220 109.01 65.53 105.97
CA LEU ZA 220 108.51 66.69 105.24
C LEU ZA 220 108.81 68.01 105.92
N ALA ZA 221 108.64 68.10 107.23
CA ALA ZA 221 108.84 69.34 107.94
C ALA ZA 221 109.18 69.03 109.40
N TYR ZA 222 109.70 70.04 110.10
CA TYR ZA 222 110.17 69.84 111.46
C TYR ZA 222 110.11 71.14 112.23
N SER ZA 223 110.21 71.01 113.56
CA SER ZA 223 110.31 72.15 114.46
C SER ZA 223 111.41 71.85 115.47
N PHE ZA 224 112.09 72.90 115.94
CA PHE ZA 224 113.24 72.71 116.80
C PHE ZA 224 113.25 73.75 117.92
N MET ZA 225 114.00 73.43 118.97
CA MET ZA 225 114.17 74.31 120.12
C MET ZA 225 115.63 74.73 120.24
N ASP ZA 226 115.86 75.99 120.57
CA ASP ZA 226 117.21 76.52 120.62
C ASP ZA 226 117.95 76.06 121.86
N LEU ZA 227 119.28 76.13 121.80
CA LEU ZA 227 120.16 75.76 122.91
C LEU ZA 227 121.24 76.82 123.06
N GLU ZA 228 121.99 76.71 124.16
CA GLU ZA 228 123.06 77.65 124.46
C GLU ZA 228 124.15 76.94 125.24
N ILE ZA 229 125.38 77.04 124.77
CA ILE ZA 229 126.53 76.45 125.44
C ILE ZA 229 127.00 77.40 126.54
N LEU ZA 230 127.07 76.89 127.77
CA LEU ZA 230 127.64 77.67 128.86
C LEU ZA 230 129.16 77.80 128.66
N GLU ZA 231 129.80 78.52 129.59
CA GLU ZA 231 131.25 78.58 129.62
C GLU ZA 231 131.84 77.17 129.69
N ASP ZA 232 131.29 76.34 130.57
CA ASP ZA 232 131.65 74.93 130.62
C ASP ZA 232 130.93 74.18 129.51
N ARG ZA 233 131.09 72.85 129.50
CA ARG ZA 233 130.38 72.02 128.54
C ARG ZA 233 128.87 71.94 128.80
N SER ZA 234 128.40 72.52 129.90
CA SER ZA 234 126.98 72.50 130.24
C SER ZA 234 126.16 73.17 129.15
N LEU ZA 235 124.93 72.67 128.97
CA LEU ZA 235 124.00 73.20 127.98
C LEU ZA 235 122.76 73.74 128.68
N ARG ZA 236 122.18 74.79 128.10
CA ARG ZA 236 120.97 75.41 128.61
C ARG ZA 236 119.99 75.61 127.47
N VAL ZA 237 118.71 75.74 127.81
CA VAL ZA 237 117.69 75.99 126.81
C VAL ZA 237 117.34 77.47 126.83
N SER ZA 238 117.09 78.03 125.65
CA SER ZA 238 116.83 79.45 125.51
C SER ZA 238 115.49 79.67 124.80
N SER ZA 239 114.74 80.67 125.27
CA SER ZA 239 113.42 80.96 124.74
C SER ZA 239 113.35 82.43 124.37
N SER ZA 240 113.15 82.71 123.08
CA SER ZA 240 112.92 84.06 122.61
C SER ZA 240 111.47 84.45 122.91
N ALA ZA 241 111.29 85.32 123.90
CA ALA ZA 241 109.96 85.73 124.37
C ALA ZA 241 109.14 84.52 124.83
N GLY ZA 242 109.81 83.50 125.37
CA GLY ZA 242 109.14 82.32 125.86
C GLY ZA 242 108.56 81.42 124.80
N ALA ZA 243 109.01 81.54 123.54
CA ALA ZA 243 108.46 80.73 122.47
C ALA ZA 243 108.79 79.25 122.66
N MET ZA 244 110.07 78.94 122.86
CA MET ZA 244 110.57 77.57 122.97
C MET ZA 244 110.22 76.71 121.75
N PHE ZA 245 109.86 77.34 120.64
CA PHE ZA 245 109.56 76.63 119.40
C PHE ZA 245 109.98 77.54 118.25
N ASP ZA 246 111.14 77.27 117.67
CA ASP ZA 246 111.69 78.13 116.64
C ASP ZA 246 111.39 77.53 115.27
N SER ZA 247 110.86 78.36 114.38
CA SER ZA 247 110.52 77.95 113.02
C SER ZA 247 111.46 78.55 111.98
N GLY ZA 248 112.64 79.01 112.41
CA GLY ZA 248 113.55 79.65 111.49
C GLY ZA 248 113.00 80.92 110.88
N LYS ZA 249 112.30 81.71 111.68
CA LYS ZA 249 111.68 82.95 111.22
C LYS ZA 249 112.48 84.15 111.66
N ALA ZA 250 112.41 85.21 110.87
CA ALA ZA 250 113.09 86.45 111.23
C ALA ZA 250 112.46 87.08 112.47
N GLU ZA 251 113.27 87.80 113.23
CA GLU ZA 251 112.77 88.44 114.45
C GLU ZA 251 111.69 89.46 114.13
N SER ZA 252 111.89 90.25 113.07
CA SER ZA 252 110.93 91.27 112.65
C SER ZA 252 110.61 92.26 113.77
CA ARG AB 3 93.61 81.80 103.66
C ARG AB 3 93.52 80.28 103.80
N PRO AB 4 94.25 79.73 104.77
CA PRO AB 4 94.21 78.28 104.98
C PRO AB 4 92.81 77.79 105.30
N MET AB 5 92.48 76.60 104.79
CA MET AB 5 91.16 76.03 105.02
C MET AB 5 90.93 75.78 106.51
N PHE AB 6 91.96 75.31 107.21
CA PHE AB 6 91.81 75.08 108.65
C PHE AB 6 91.49 76.37 109.38
N ALA AB 7 92.18 77.46 109.05
CA ALA AB 7 91.90 78.74 109.68
C ALA AB 7 90.50 79.23 109.35
N VAL AB 8 90.07 79.06 108.10
CA VAL AB 8 88.73 79.49 107.72
C VAL AB 8 87.68 78.69 108.50
N ALA AB 9 87.86 77.38 108.59
CA ALA AB 9 86.91 76.56 109.33
C ALA AB 9 86.90 76.90 110.81
N VAL AB 10 88.07 77.19 111.38
CA VAL AB 10 88.13 77.58 112.79
C VAL AB 10 87.38 78.88 113.01
N ASN AB 11 87.56 79.85 112.10
CA ASN AB 11 86.82 81.11 112.23
C ASN AB 11 85.33 80.89 112.10
N GLU AB 12 84.90 80.05 111.16
CA GLU AB 12 83.48 79.77 111.00
C GLU AB 12 82.90 79.14 112.27
N PHE AB 13 83.61 78.17 112.83
CA PHE AB 13 83.14 77.50 114.04
C PHE AB 13 83.07 78.49 115.21
N ILE AB 14 84.11 79.30 115.38
CA ILE AB 14 84.14 80.21 116.52
C ILE AB 14 83.08 81.29 116.38
N ARG AB 15 82.74 81.68 115.15
CA ARG AB 15 81.65 82.63 114.96
C ARG AB 15 80.31 81.98 115.26
N SER AB 16 80.07 80.78 114.74
CA SER AB 16 78.78 80.13 114.94
C SER AB 16 78.54 79.82 116.41
N ALA AB 17 79.56 79.34 117.11
CA ALA AB 17 79.46 79.00 118.52
C ALA AB 17 80.64 79.59 119.27
N GLY AB 18 80.37 80.19 120.42
CA GLY AB 18 81.43 80.73 121.25
C GLY AB 18 82.19 81.88 120.64
N GLN AB 19 81.47 82.86 120.08
CA GLN AB 19 82.12 84.03 119.52
C GLN AB 19 82.90 84.81 120.59
N ASP AB 20 82.47 84.72 121.83
CA ASP AB 20 83.17 85.33 122.95
C ASP AB 20 83.82 84.25 123.81
N SER AB 21 84.90 84.63 124.48
CA SER AB 21 85.64 83.75 125.39
C SER AB 21 86.12 82.49 124.66
N LEU AB 22 86.74 82.68 123.51
CA LEU AB 22 87.26 81.57 122.74
C LEU AB 22 88.37 82.08 121.81
N CYS AB 23 89.46 81.33 121.73
CA CYS AB 23 90.62 81.70 120.92
C CYS AB 23 90.84 80.64 119.84
N GLY AB 24 90.99 81.09 118.60
CA GLY AB 24 91.25 80.17 117.52
C GLY AB 24 92.60 79.51 117.62
N VAL AB 25 92.70 78.34 117.00
CA VAL AB 25 93.94 77.56 116.97
C VAL AB 25 94.76 77.99 115.75
N PRO AB 26 96.04 78.31 115.92
CA PRO AB 26 96.82 78.81 114.78
C PRO AB 26 96.97 77.83 113.63
N ASP AB 27 97.26 76.56 113.93
CA ASP AB 27 97.47 75.58 112.87
C ASP AB 27 97.27 74.18 113.40
N ILE AB 28 97.13 73.23 112.47
CA ILE AB 28 96.87 71.85 112.84
C ILE AB 28 98.02 71.28 113.64
N ASN AB 29 99.26 71.59 113.26
CA ASN AB 29 100.42 71.05 113.94
C ASN AB 29 100.45 71.46 115.41
N SER AB 30 100.16 72.73 115.69
CA SER AB 30 100.18 73.25 117.05
C SER AB 30 98.85 73.11 117.76
N SER AB 31 97.85 72.52 117.11
CA SER AB 31 96.55 72.33 117.76
C SER AB 31 96.68 71.45 119.00
N GLY AB 32 97.56 70.45 118.96
CA GLY AB 32 97.68 69.52 120.07
C GLY AB 32 98.34 70.10 121.31
N ASP AB 33 98.91 71.30 121.22
CA ASP AB 33 99.55 71.92 122.36
C ASP AB 33 98.62 72.81 123.17
N PHE AB 34 97.34 72.88 122.81
CA PHE AB 34 96.37 73.71 123.50
C PHE AB 34 95.29 72.88 124.19
N MET AB 35 95.66 71.70 124.68
CA MET AB 35 94.77 70.89 125.47
C MET AB 35 94.67 71.45 126.89
N PRO AB 36 93.65 71.06 127.64
CA PRO AB 36 93.48 71.61 129.00
C PRO AB 36 94.69 71.32 129.88
N LEU AB 37 94.93 72.23 130.81
CA LEU AB 37 96.05 72.16 131.75
C LEU AB 37 97.39 72.28 131.03
N HIS AB 38 97.48 73.25 130.12
CA HIS AB 38 98.71 73.58 129.42
C HIS AB 38 99.06 75.04 129.68
N ILE AB 39 100.37 75.31 129.78
CA ILE AB 39 100.87 76.66 130.01
C ILE AB 39 101.14 77.33 128.68
N ILE AB 40 100.70 78.59 128.55
CA ILE AB 40 100.96 79.40 127.37
C ILE AB 40 101.49 80.75 127.84
N VAL AB 41 102.16 81.45 126.93
CA VAL AB 41 102.76 82.75 127.21
C VAL AB 41 102.04 83.80 126.39
N LYS AB 42 101.70 84.91 127.04
CA LYS AB 42 101.01 86.02 126.39
C LYS AB 42 101.94 87.23 126.36
N GLU AB 43 102.06 87.84 125.18
CA GLU AB 43 102.91 89.01 124.96
C GLU AB 43 102.03 90.18 124.57
N VAL AB 44 102.24 91.32 125.23
CA VAL AB 44 101.46 92.52 124.99
C VAL AB 44 101.86 93.13 123.64
N PRO AB 45 100.96 93.86 122.97
CA PRO AB 45 101.32 94.46 121.67
C PRO AB 45 102.49 95.43 121.75
N LYS AB 46 102.63 96.16 122.85
CA LYS AB 46 103.68 97.15 123.11
C LYS AB 46 103.54 98.39 122.26
N VAL AB 47 102.56 98.45 121.34
CA VAL AB 47 102.36 99.62 120.51
C VAL AB 47 100.99 100.21 120.81
N LEU AB 48 99.94 99.42 120.60
CA LEU AB 48 98.57 99.80 120.90
C LEU AB 48 97.93 98.69 121.72
N PRO AB 49 98.30 98.57 123.01
CA PRO AB 49 97.79 97.46 123.81
C PRO AB 49 96.27 97.41 123.90
N CYS AB 50 95.61 98.57 123.96
CA CYS AB 50 94.15 98.61 124.04
C CYS AB 50 93.48 98.48 122.69
N CYS AB 51 94.24 98.53 121.58
CA CYS AB 51 93.67 98.45 120.25
C CYS AB 51 94.05 97.18 119.49
N ARG AB 52 95.06 96.45 119.95
CA ARG AB 52 95.54 95.25 119.26
C ARG AB 52 95.49 94.07 120.21
N ARG AB 53 95.08 92.92 119.69
CA ARG AB 53 95.04 91.71 120.50
C ARG AB 53 96.45 91.19 120.75
N PRO AB 54 96.71 90.61 121.92
CA PRO AB 54 98.07 90.16 122.24
C PRO AB 54 98.52 88.96 121.44
N LYS AB 55 99.75 88.51 121.66
CA LYS AB 55 100.33 87.39 120.94
C LYS AB 55 100.45 86.19 121.88
N ILE AB 56 100.00 85.04 121.42
CA ILE AB 56 99.95 83.83 122.24
C ILE AB 56 100.99 82.83 121.72
N LYS AB 57 101.83 82.34 122.63
CA LYS AB 57 102.91 81.43 122.32
C LYS AB 57 102.71 80.14 123.09
N ARG AB 58 102.79 79.01 122.39
CA ARG AB 58 102.66 77.70 123.01
C ARG AB 58 103.97 77.29 123.67
N THR AB 59 103.86 76.50 124.72
CA THR AB 59 105.02 75.98 125.44
C THR AB 59 104.85 74.50 125.70
N PRO AB 60 105.94 73.74 125.76
CA PRO AB 60 105.86 72.29 126.03
C PRO AB 60 105.86 71.98 127.52
N TYR AB 61 104.89 72.54 128.24
CA TYR AB 61 104.80 72.36 129.68
C TYR AB 61 103.35 72.12 130.08
N THR AB 62 103.18 71.34 131.14
CA THR AB 62 101.90 71.18 131.81
C THR AB 62 101.98 71.80 133.21
N LEU AB 63 100.83 71.87 133.86
CA LEU AB 63 100.79 72.49 135.19
C LEU AB 63 101.64 71.71 136.18
N ASN AB 64 101.56 70.38 136.16
CA ASN AB 64 102.32 69.58 137.11
C ASN AB 64 103.82 69.71 136.88
N ASP AB 65 104.24 69.83 135.61
CA ASP AB 65 105.65 70.02 135.33
C ASP AB 65 106.11 71.40 135.77
N ILE AB 66 105.30 72.44 135.52
CA ILE AB 66 105.72 73.79 135.86
C ILE AB 66 105.69 74.02 137.36
N LEU AB 67 104.90 73.25 138.10
CA LEU AB 67 104.75 73.43 139.54
C LEU AB 67 105.57 72.42 140.30
N ASP AB 68 106.20 72.87 141.38
CA ASP AB 68 106.90 71.96 142.28
C ASP AB 68 105.91 70.98 142.92
N GLU AB 69 104.75 71.47 143.34
CA GLU AB 69 103.74 70.63 143.96
C GLU AB 69 102.71 70.22 142.91
N PRO AB 70 102.46 68.93 142.72
CA PRO AB 70 101.50 68.50 141.70
C PRO AB 70 100.06 68.82 142.11
N CYS AB 71 99.20 68.85 141.11
CA CYS AB 71 97.77 69.11 141.25
C CYS AB 71 97.00 68.01 140.54
N PRO AB 72 95.76 67.77 140.95
CA PRO AB 72 94.92 66.81 140.22
C PRO AB 72 94.73 67.26 138.78
N ASN AB 73 94.68 66.29 137.87
CA ASN AB 73 94.67 66.59 136.44
C ASN AB 73 93.62 65.79 135.66
N GLN AB 74 92.67 65.16 136.34
CA GLN AB 74 91.65 64.39 135.63
C GLN AB 74 90.78 65.31 134.78
N LEU AB 75 90.31 64.78 133.65
CA LEU AB 75 89.53 65.55 132.69
C LEU AB 75 88.19 64.87 132.42
N LYS AB 76 87.31 65.60 131.73
CA LYS AB 76 86.02 65.09 131.31
C LYS AB 76 85.60 65.84 130.06
N SER AB 77 84.79 65.18 129.24
CA SER AB 77 84.35 65.75 127.97
C SER AB 77 82.84 65.60 127.83
N SER AB 78 82.24 66.55 127.12
CA SER AB 78 80.81 66.55 126.88
C SER AB 78 80.52 67.28 125.57
N ASP AB 79 79.38 66.94 124.96
CA ASP AB 79 79.05 67.52 123.66
C ASP AB 79 78.81 69.02 123.77
N LEU AB 80 79.20 69.73 122.71
CA LEU AB 80 79.04 71.19 122.66
C LEU AB 80 78.12 71.64 121.54
N VAL AB 81 78.38 71.22 120.31
CA VAL AB 81 77.57 71.61 119.15
C VAL AB 81 77.69 70.52 118.09
N THR AB 82 76.74 70.50 117.16
CA THR AB 82 76.69 69.48 116.13
C THR AB 82 76.30 70.13 114.80
N PHE AB 83 77.20 70.10 113.83
CA PHE AB 83 76.94 70.60 112.49
C PHE AB 83 76.33 69.47 111.67
N THR AB 84 75.00 69.48 111.52
CA THR AB 84 74.32 68.39 110.84
C THR AB 84 74.68 68.33 109.36
N GLU AB 85 74.84 69.49 108.72
CA GLU AB 85 75.17 69.53 107.31
C GLU AB 85 76.40 70.38 107.08
N PRO AB 86 77.16 70.10 106.02
CA PRO AB 86 78.39 70.86 105.77
C PRO AB 86 78.12 72.33 105.51
N LEU AB 87 79.02 73.18 106.01
CA LEU AB 87 79.01 74.59 105.64
C LEU AB 87 79.49 74.74 104.21
N VAL AB 88 78.63 75.27 103.34
CA VAL AB 88 78.90 75.37 101.91
C VAL AB 88 78.90 76.84 101.54
N SER AB 89 79.92 77.26 100.79
CA SER AB 89 80.05 78.64 100.33
C SER AB 89 80.38 78.66 98.85
N ASN AB 90 79.73 79.55 98.12
CA ASN AB 90 79.96 79.72 96.69
C ASN AB 90 80.13 81.21 96.38
N VAL AB 91 81.14 81.54 95.60
CA VAL AB 91 81.38 82.89 95.11
C VAL AB 91 81.62 82.81 93.61
N LYS AB 92 80.96 83.67 92.86
CA LYS AB 92 81.09 83.67 91.40
C LYS AB 92 81.12 85.11 90.92
N ALA AB 93 82.25 85.55 90.39
CA ALA AB 93 82.39 86.92 89.90
C ALA AB 93 82.77 86.89 88.42
N SER AB 94 82.31 87.90 87.69
CA SER AB 94 82.64 88.03 86.27
C SER AB 94 82.55 89.50 85.89
N SER AB 95 83.58 90.01 85.22
CA SER AB 95 83.63 91.42 84.86
C SER AB 95 84.26 91.58 83.49
N SER AB 96 83.95 92.70 82.85
CA SER AB 96 84.50 93.02 81.53
C SER AB 96 84.67 94.53 81.43
N ILE AB 97 85.76 94.95 80.80
CA ILE AB 97 86.11 96.35 80.63
C ILE AB 97 86.43 96.59 79.16
N GLY AB 98 85.89 97.69 78.62
CA GLY AB 98 86.20 98.08 77.26
C GLY AB 98 86.52 99.55 77.13
N LEU AB 99 87.73 99.87 76.68
CA LEU AB 99 88.19 101.25 76.55
C LEU AB 99 88.52 101.53 75.09
N GLN AB 100 88.05 102.67 74.59
CA GLN AB 100 88.34 103.09 73.24
C GLN AB 100 88.70 104.57 73.22
N ILE AB 101 89.82 104.89 72.58
CA ILE AB 101 90.25 106.27 72.38
C ILE AB 101 90.29 106.48 70.87
N LEU AB 102 89.25 107.12 70.34
CA LEU AB 102 89.11 107.48 68.92
C LEU AB 102 89.28 106.21 68.09
N LYS AB 103 90.07 106.22 67.03
CA LYS AB 103 90.48 105.02 66.32
C LYS AB 103 91.95 104.70 66.56
N HIS AB 104 92.51 105.19 67.66
CA HIS AB 104 93.91 105.00 67.98
C HIS AB 104 94.15 103.98 69.09
N PHE AB 105 93.25 103.86 70.06
CA PHE AB 105 93.43 102.91 71.14
C PHE AB 105 92.16 102.09 71.32
N ASP AB 106 92.31 100.78 71.52
CA ASP AB 106 91.15 99.92 71.73
C ASP AB 106 91.58 98.73 72.58
N SER AB 107 91.15 98.70 73.83
CA SER AB 107 91.51 97.63 74.75
C SER AB 107 90.24 96.96 75.28
N GLY AB 108 90.26 95.63 75.31
CA GLY AB 108 89.16 94.87 75.89
C GLY AB 108 89.65 93.79 76.83
N ALA AB 109 89.27 93.88 78.10
CA ALA AB 109 89.70 92.93 79.10
C ALA AB 109 88.48 92.27 79.73
N LYS AB 110 88.67 91.08 80.27
CA LYS AB 110 87.58 90.38 80.95
C LYS AB 110 88.18 89.38 81.91
N GLY AB 111 87.46 89.14 82.99
CA GLY AB 111 87.92 88.21 84.01
C GLY AB 111 86.74 87.50 84.65
N SER AB 112 87.01 86.32 85.18
CA SER AB 112 85.99 85.53 85.86
C SER AB 112 86.64 84.70 86.95
N LYS AB 113 85.86 84.40 87.98
CA LYS AB 113 86.36 83.64 89.12
C LYS AB 113 85.21 82.85 89.73
N ASN AB 114 85.49 81.60 90.08
CA ASN AB 114 84.52 80.71 90.73
C ASN AB 114 85.21 80.01 91.88
N PHE AB 115 84.69 80.21 93.09
CA PHE AB 115 85.31 79.72 94.32
C PHE AB 115 84.27 78.96 95.12
N ILE AB 116 84.58 77.72 95.50
CA ILE AB 116 83.66 76.85 96.21
C ILE AB 116 84.35 76.27 97.43
N THR AB 117 83.66 76.29 98.57
CA THR AB 117 84.22 75.79 99.82
C THR AB 117 83.18 74.91 100.52
N SER AB 118 83.64 73.84 101.15
CA SER AB 118 82.78 72.95 101.92
C SER AB 118 83.53 72.46 103.14
N ALA AB 119 82.92 72.60 104.31
CA ALA AB 119 83.53 72.15 105.55
C ALA AB 119 82.55 71.28 106.32
N SER AB 120 82.97 70.08 106.67
CA SER AB 120 82.15 69.13 107.42
C SER AB 120 82.89 68.83 108.72
N LEU AB 121 82.45 69.45 109.81
CA LEU AB 121 83.07 69.28 111.12
C LEU AB 121 82.39 68.23 111.98
N GLY AB 122 81.25 67.70 111.56
CA GLY AB 122 80.59 66.67 112.34
C GLY AB 122 80.17 67.18 113.70
N THR AB 123 80.62 66.49 114.75
CA THR AB 123 80.29 66.82 116.13
C THR AB 123 81.52 67.39 116.82
N VAL AB 124 81.33 68.46 117.58
CA VAL AB 124 82.39 69.10 118.35
C VAL AB 124 82.09 68.92 119.83
N VAL AB 125 83.07 68.42 120.58
CA VAL AB 125 82.93 68.23 122.01
C VAL AB 125 83.85 69.20 122.73
N LYS AB 126 83.63 69.35 124.03
CA LYS AB 126 84.43 70.22 124.88
C LYS AB 126 85.02 69.38 126.00
N ALA AB 127 86.32 69.55 126.22
CA ALA AB 127 87.05 68.83 127.26
C ALA AB 127 87.60 69.83 128.26
N GLU AB 128 87.47 69.49 129.55
CA GLU AB 128 87.85 70.38 130.63
C GLU AB 128 88.07 69.57 131.89
N THR AB 129 88.77 70.18 132.85
CA THR AB 129 89.02 69.53 134.13
C THR AB 129 87.71 69.20 134.83
N ILE AB 130 87.68 68.07 135.53
CA ILE AB 130 86.49 67.67 136.26
C ILE AB 130 86.14 68.69 137.34
N ASP AB 131 87.15 69.14 138.08
CA ASP AB 131 86.96 70.16 139.12
C ASP AB 131 88.05 71.20 138.96
N ILE AB 132 87.64 72.43 138.66
CA ILE AB 132 88.61 73.52 138.47
C ILE AB 132 88.92 74.22 139.79
N THR AB 133 88.00 74.20 140.74
CA THR AB 133 88.22 74.87 142.02
C THR AB 133 89.40 74.24 142.77
N LYS AB 134 89.48 72.91 142.77
CA LYS AB 134 90.60 72.24 143.43
C LYS AB 134 91.92 72.60 142.75
N VAL AB 135 91.94 72.61 141.42
CA VAL AB 135 93.15 72.97 140.69
C VAL AB 135 93.58 74.39 141.04
N LEU AB 136 92.62 75.32 141.09
CA LEU AB 136 92.94 76.70 141.42
C LEU AB 136 93.49 76.81 142.84
N ALA AB 137 92.86 76.12 143.79
CA ALA AB 137 93.33 76.17 145.17
C ALA AB 137 94.77 75.65 145.27
N LYS AB 138 95.03 74.49 144.67
CA LYS AB 138 96.37 73.92 144.72
C LYS AB 138 97.39 74.83 144.04
N VAL AB 139 97.01 75.44 142.92
CA VAL AB 139 97.92 76.39 142.25
C VAL AB 139 98.27 77.53 143.19
N ARG AB 140 97.26 78.12 143.82
CA ARG AB 140 97.49 79.25 144.71
C ARG AB 140 98.37 78.86 145.89
N THR AB 141 98.23 77.62 146.38
CA THR AB 141 99.03 77.18 147.51
C THR AB 141 100.34 76.51 147.10
N ALA AB 142 100.63 76.41 145.80
CA ALA AB 142 101.80 75.69 145.32
C ALA AB 142 102.80 76.67 144.71
N LYS AB 143 104.08 76.34 144.82
CA LYS AB 143 105.16 77.13 144.24
C LYS AB 143 105.65 76.53 142.93
N ALA AB 144 106.09 77.41 142.02
CA ALA AB 144 106.57 76.99 140.72
C ALA AB 144 107.94 76.31 140.85
N LYS AB 145 108.37 75.69 139.76
CA LYS AB 145 109.65 74.99 139.73
C LYS AB 145 110.80 75.99 139.66
N VAL AB 146 111.68 75.97 140.67
CA VAL AB 146 112.82 76.88 140.67
C VAL AB 146 113.75 76.59 139.50
N GLU AB 147 113.93 75.32 139.17
CA GLU AB 147 114.80 74.95 138.05
C GLU AB 147 114.32 75.52 136.73
N ASN AB 148 112.99 75.60 136.53
CA ASN AB 148 112.46 76.04 135.25
C ASN AB 148 112.93 77.44 134.91
N ASP AB 149 113.33 77.63 133.65
CA ASP AB 149 113.83 78.91 133.16
C ASP AB 149 112.71 79.81 132.65
N LEU AB 150 111.68 79.22 132.04
CA LEU AB 150 110.57 79.99 131.50
C LEU AB 150 109.91 80.83 132.59
N VAL AB 151 109.67 80.23 133.76
CA VAL AB 151 109.04 80.95 134.86
C VAL AB 151 109.88 82.15 135.27
N SER AB 152 111.20 81.96 135.39
CA SER AB 152 112.08 83.05 135.75
C SER AB 152 112.06 84.15 134.70
N ARG AB 153 112.09 83.76 133.42
CA ARG AB 153 112.00 84.75 132.35
C ARG AB 153 110.73 85.58 132.47
N VAL AB 154 109.59 84.93 132.64
CA VAL AB 154 108.32 85.64 132.75
C VAL AB 154 108.29 86.51 133.99
N MET AB 155 108.92 86.06 135.08
CA MET AB 155 108.96 86.85 136.30
C MET AB 155 109.78 88.13 136.10
N LYS AB 156 110.94 88.01 135.46
CA LYS AB 156 111.80 89.18 135.31
C LYS AB 156 111.25 90.15 134.26
N THR AB 157 110.61 89.62 133.22
CA THR AB 157 110.03 90.49 132.20
C THR AB 157 108.66 90.98 132.64
N LYS AB 158 108.27 92.14 132.11
CA LYS AB 158 106.98 92.75 132.44
C LYS AB 158 105.92 92.52 131.38
N ARG AB 159 106.31 92.36 130.12
CA ARG AB 159 105.33 92.13 129.06
C ARG AB 159 104.76 90.73 129.13
N LEU AB 160 105.62 89.74 129.39
CA LEU AB 160 105.19 88.35 129.36
C LEU AB 160 104.25 88.02 130.50
N CYS AB 161 103.22 87.22 130.21
CA CYS AB 161 102.29 86.73 131.20
C CYS AB 161 102.06 85.24 130.97
N LEU AB 162 101.68 84.53 132.03
CA LEU AB 162 101.41 83.10 131.94
C LEU AB 162 99.91 82.84 131.93
N GLY AB 163 99.51 81.84 131.17
CA GLY AB 163 98.11 81.46 131.10
C GLY AB 163 97.91 79.95 131.12
N LEU AB 164 96.95 79.50 131.93
CA LEU AB 164 96.62 78.08 132.04
C LEU AB 164 95.37 77.81 131.22
N VAL AB 165 95.46 76.86 130.29
CA VAL AB 165 94.32 76.52 129.45
C VAL AB 165 93.37 75.63 130.24
N VAL AB 166 92.08 75.96 130.21
CA VAL AB 166 91.10 75.29 131.05
C VAL AB 166 90.01 74.56 130.27
N GLU AB 167 89.79 74.88 129.00
CA GLU AB 167 88.78 74.16 128.23
C GLU AB 167 89.18 74.18 126.76
N THR AB 168 88.87 73.09 126.06
CA THR AB 168 89.26 72.95 124.67
C THR AB 168 88.14 72.30 123.86
N ALA AB 169 87.92 72.81 122.65
CA ALA AB 169 86.93 72.26 121.74
C ALA AB 169 87.62 71.40 120.71
N CYS AB 170 87.20 70.14 120.61
CA CYS AB 170 87.83 69.15 119.73
C CYS AB 170 86.79 68.41 118.92
N VAL AB 171 87.15 68.05 117.70
CA VAL AB 171 86.25 67.30 116.83
C VAL AB 171 86.18 65.85 117.30
N ALA AB 172 84.95 65.33 117.44
CA ALA AB 172 84.79 63.95 117.88
C ALA AB 172 85.21 62.96 116.79
N ALA AB 173 84.89 63.26 115.54
CA ALA AB 173 85.19 62.39 114.41
C ALA AB 173 86.00 63.15 113.38
N ALA AB 174 86.33 62.47 112.28
CA ALA AB 174 87.14 63.08 111.23
C ALA AB 174 86.38 64.23 110.57
N GLY AB 175 87.11 65.30 110.26
CA GLY AB 175 86.53 66.48 109.63
C GLY AB 175 87.08 66.67 108.23
N LYS AB 176 86.21 67.00 107.30
CA LYS AB 176 86.57 67.08 105.88
C LYS AB 176 86.49 68.52 105.39
N LEU AB 177 87.55 68.98 104.74
CA LEU AB 177 87.62 70.34 104.22
C LEU AB 177 87.96 70.28 102.73
N THR AB 178 87.10 70.86 101.89
CA THR AB 178 87.27 70.82 100.43
C THR AB 178 87.18 72.24 99.87
N GLU AB 179 88.06 72.55 98.92
CA GLU AB 179 88.10 73.86 98.28
C GLU AB 179 88.39 73.69 96.80
N ALA AB 180 87.67 74.45 95.97
CA ALA AB 180 87.86 74.44 94.53
C ALA AB 180 87.91 75.87 94.02
N ASP AB 181 88.87 76.15 93.13
CA ASP AB 181 89.09 77.48 92.59
C ASP AB 181 89.25 77.36 91.07
N ASN AB 182 88.59 78.24 90.33
CA ASN AB 182 88.73 78.30 88.87
C ASN AB 182 88.63 79.75 88.45
N TRP AB 183 89.74 80.34 87.98
CA TRP AB 183 89.65 81.73 87.55
C TRP AB 183 90.36 81.90 86.22
N GLU AB 184 89.95 82.93 85.48
CA GLU AB 184 90.37 83.12 84.10
C GLU AB 184 90.45 84.59 83.76
N ILE AB 185 91.47 84.97 82.98
CA ILE AB 185 91.70 86.33 82.53
C ILE AB 185 91.92 86.31 81.02
N SER AB 186 91.24 87.19 80.29
CA SER AB 186 91.44 87.33 78.85
C SER AB 186 91.52 88.81 78.50
N GLY AB 187 92.65 89.23 77.96
CA GLY AB 187 92.86 90.63 77.63
C GLY AB 187 93.34 90.80 76.21
N HIS AB 188 93.00 91.95 75.63
CA HIS AB 188 93.35 92.29 74.26
C HIS AB 188 93.61 93.77 74.15
N THR AB 189 94.63 94.13 73.38
CA THR AB 189 95.05 95.53 73.22
C THR AB 189 95.34 95.78 71.74
N ASN AB 190 94.85 96.92 71.23
CA ASN AB 190 95.08 97.32 69.85
C ASN AB 190 95.46 98.79 69.84
N ALA AB 191 96.72 99.07 69.53
CA ALA AB 191 97.23 100.43 69.40
C ALA AB 191 97.47 100.70 67.92
N ASN AB 192 96.59 101.49 67.31
CA ASN AB 192 96.69 101.85 65.91
C ASN AB 192 97.24 103.27 65.80
N ILE AB 193 98.35 103.41 65.08
CA ILE AB 193 98.96 104.71 64.83
C ILE AB 193 99.18 104.83 63.33
N GLY AB 194 99.41 106.06 62.87
CA GLY AB 194 99.57 106.30 61.45
C GLY AB 194 100.68 105.48 60.81
N GLU AB 195 101.75 105.21 61.55
CA GLU AB 195 102.87 104.44 61.05
C GLU AB 195 103.16 103.19 61.88
N ALA AB 196 102.29 102.83 62.82
CA ALA AB 196 102.52 101.67 63.67
C ALA AB 196 101.19 101.04 64.04
N VAL AB 197 101.16 99.71 64.01
CA VAL AB 197 99.98 98.93 64.43
C VAL AB 197 100.46 97.84 65.37
N VAL AB 198 99.93 97.81 66.58
CA VAL AB 198 100.29 96.81 67.58
C VAL AB 198 99.01 96.10 68.03
N THR AB 199 99.02 94.77 67.99
CA THR AB 199 97.88 93.96 68.40
C THR AB 199 98.37 92.86 69.33
N ALA AB 200 98.06 92.99 70.62
CA ALA AB 200 98.47 92.04 71.63
C ALA AB 200 97.26 91.34 72.24
N THR AB 201 97.44 90.09 72.63
CA THR AB 201 96.37 89.29 73.21
C THR AB 201 96.98 88.34 74.23
N ALA AB 202 96.30 88.15 75.36
CA ALA AB 202 96.78 87.24 76.40
C ALA AB 202 95.61 86.58 77.10
N GLU AB 203 95.64 85.24 77.18
CA GLU AB 203 94.63 84.47 77.86
C GLU AB 203 95.29 83.52 78.84
N LEU AB 204 94.72 83.42 80.04
CA LEU AB 204 95.21 82.44 81.00
C LEU AB 204 94.07 82.03 81.92
N ASP AB 205 94.24 80.87 82.55
CA ASP AB 205 93.23 80.37 83.48
C ASP AB 205 93.88 79.34 84.39
N LYS AB 206 93.57 79.43 85.69
CA LYS AB 206 94.12 78.55 86.70
C LYS AB 206 93.00 77.80 87.41
N ASN AB 207 93.23 76.52 87.67
CA ASN AB 207 92.30 75.65 88.37
C ASN AB 207 93.03 74.94 89.49
N LEU AB 208 92.46 75.00 90.69
CA LEU AB 208 93.02 74.36 91.88
C LEU AB 208 91.94 73.62 92.64
N SER AB 209 92.35 72.58 93.36
CA SER AB 209 91.42 71.82 94.20
C SER AB 209 92.22 71.20 95.34
N ARG AB 210 91.80 71.47 96.58
CA ARG AB 210 92.47 70.96 97.76
C ARG AB 210 91.45 70.31 98.68
N LYS AB 211 91.72 69.06 99.08
CA LYS AB 211 90.81 68.31 99.94
C LYS AB 211 91.61 67.63 101.03
N ILE AB 212 91.30 67.93 102.29
CA ILE AB 212 92.01 67.37 103.43
C ILE AB 212 91.00 66.85 104.45
N GLU AB 213 91.51 66.07 105.41
CA GLU AB 213 90.70 65.45 106.43
C GLU AB 213 91.47 65.44 107.75
N ILE AB 214 91.05 66.28 108.68
CA ILE AB 214 91.67 66.30 110.02
C ILE AB 214 91.17 65.11 110.82
N PRO AB 215 92.02 64.47 111.62
CA PRO AB 215 91.61 63.27 112.34
C PRO AB 215 90.87 63.61 113.62
N PRO AB 216 90.19 62.64 114.23
CA PRO AB 216 89.51 62.91 115.50
C PRO AB 216 90.48 63.35 116.58
N GLY AB 217 90.02 64.26 117.44
CA GLY AB 217 90.80 64.77 118.54
C GLY AB 217 91.51 66.08 118.26
N THR AB 218 91.48 66.56 117.02
CA THR AB 218 92.13 67.82 116.70
C THR AB 218 91.46 68.99 117.42
N ALA AB 219 92.25 69.80 118.10
CA ALA AB 219 91.71 70.94 118.82
C ALA AB 219 91.33 72.05 117.86
N LEU AB 220 90.27 72.78 118.20
CA LEU AB 220 89.80 73.90 117.40
C LEU AB 220 89.93 75.25 118.09
N ALA AB 221 89.58 75.32 119.37
CA ALA AB 221 89.61 76.59 120.09
C ALA AB 221 89.79 76.30 121.57
N TYR AB 222 90.14 77.34 122.33
CA TYR AB 222 90.46 77.17 123.73
C TYR AB 222 90.21 78.47 124.48
N SER AB 223 90.15 78.36 125.81
CA SER AB 223 90.07 79.50 126.70
C SER AB 223 91.03 79.28 127.86
N PHE AB 224 91.58 80.37 128.38
CA PHE AB 224 92.62 80.26 129.40
C PHE AB 224 92.42 81.30 130.48
N MET AB 225 93.05 81.03 131.63
CA MET AB 225 93.03 81.92 132.78
C MET AB 225 94.43 82.43 133.08
N ASP AB 226 94.53 83.71 133.43
CA ASP AB 226 95.83 84.33 133.63
C ASP AB 226 96.44 83.92 134.97
N LEU AB 227 97.75 84.07 135.07
CA LEU AB 227 98.49 83.77 136.29
C LEU AB 227 99.49 84.89 136.56
N GLU AB 228 100.09 84.84 137.75
CA GLU AB 228 101.05 85.85 138.17
C GLU AB 228 102.08 85.21 139.10
N ILE AB 229 103.35 85.39 138.78
CA ILE AB 229 104.45 84.88 139.60
C ILE AB 229 104.71 85.85 140.74
N LEU AB 230 104.66 85.35 141.97
CA LEU AB 230 105.03 86.18 143.12
C LEU AB 230 106.55 86.40 143.12
N GLU AB 231 107.02 87.17 144.11
CA GLU AB 231 108.46 87.31 144.32
C GLU AB 231 109.11 85.95 144.48
N ASP AB 232 108.52 85.09 145.30
CA ASP AB 232 108.95 83.70 145.40
C ASP AB 232 108.43 82.90 144.22
N ARG AB 233 108.67 81.59 144.24
CA ARG AB 233 108.14 80.71 143.21
C ARG AB 233 106.63 80.54 143.28
N SER AB 234 105.98 81.09 144.31
CA SER AB 234 104.53 80.98 144.46
C SER AB 234 103.81 81.59 143.26
N LEU AB 235 102.65 81.01 142.94
CA LEU AB 235 101.82 81.48 141.84
C LEU AB 235 100.47 81.94 142.37
N ARG AB 236 99.90 82.95 141.70
CA ARG AB 236 98.61 83.48 142.06
C ARG AB 236 97.77 83.62 140.79
N VAL AB 237 96.45 83.67 140.97
CA VAL AB 237 95.54 83.85 139.84
C VAL AB 237 95.10 85.30 139.80
N SER AB 238 94.98 85.84 138.60
CA SER AB 238 94.64 87.24 138.40
C SER AB 238 93.40 87.38 137.54
N SER AB 239 92.54 88.32 137.89
CA SER AB 239 91.26 88.53 137.20
C SER AB 239 91.15 89.99 136.80
N SER AB 240 91.10 90.24 135.49
CA SER AB 240 90.84 91.59 134.98
C SER AB 240 89.35 91.88 135.10
N ALA AB 241 88.99 92.74 136.04
CA ALA AB 241 87.59 93.06 136.33
C ALA AB 241 86.80 91.80 136.70
N GLY AB 242 87.46 90.84 137.33
CA GLY AB 242 86.80 89.62 137.75
C GLY AB 242 86.42 88.67 136.63
N ALA AB 243 87.02 88.82 135.44
CA ALA AB 243 86.66 87.97 134.31
C ALA AB 243 87.06 86.52 134.56
N MET AB 244 88.32 86.29 134.92
CA MET AB 244 88.88 84.95 135.11
C MET AB 244 88.75 84.08 133.88
N PHE AB 245 88.50 84.67 132.71
CA PHE AB 245 88.40 83.94 131.46
C PHE AB 245 88.90 84.88 130.37
N ASP AB 246 90.14 84.68 129.95
CA ASP AB 246 90.77 85.57 128.97
C ASP AB 246 90.68 84.94 127.58
N SER AB 247 90.21 85.74 126.62
CA SER AB 247 90.08 85.30 125.24
C SER AB 247 91.11 85.95 124.32
N GLY AB 248 92.18 86.49 124.89
CA GLY AB 248 93.18 87.18 124.08
C GLY AB 248 92.62 88.42 123.40
N LYS AB 249 91.77 89.16 124.09
CA LYS AB 249 91.14 90.35 123.53
C LYS AB 249 91.81 91.61 124.07
N ALA AB 250 91.77 92.66 123.27
CA ALA AB 250 92.32 93.94 123.69
C ALA AB 250 91.49 94.53 124.83
N GLU AB 251 92.15 95.31 125.68
CA GLU AB 251 91.47 95.91 126.81
C GLU AB 251 90.37 96.87 126.36
N SER AB 252 90.64 97.66 125.32
CA SER AB 252 89.69 98.61 124.76
C SER AB 252 89.17 99.58 125.83
CA ARG BB 3 74.28 88.00 113.73
C ARG BB 3 74.28 86.48 113.87
N PRO BB 4 74.91 85.98 114.93
CA PRO BB 4 74.94 84.53 115.15
C PRO BB 4 73.54 83.96 115.30
N MET BB 5 73.36 82.74 114.76
CA MET BB 5 72.06 82.09 114.84
C MET BB 5 71.65 81.82 116.28
N PHE BB 6 72.61 81.43 117.12
CA PHE BB 6 72.30 81.19 118.53
C PHE BB 6 71.80 82.46 119.19
N ALA BB 7 72.46 83.59 118.93
CA ALA BB 7 72.03 84.86 119.51
C ALA BB 7 70.65 85.25 119.00
N VAL BB 8 70.40 85.05 117.71
CA VAL BB 8 69.08 85.39 117.16
C VAL BB 8 68.00 84.53 117.81
N ALA BB 9 68.25 83.23 117.94
CA ALA BB 9 67.27 82.35 118.56
C ALA BB 9 67.05 82.70 120.02
N VAL BB 10 68.11 83.06 120.74
CA VAL BB 10 67.98 83.46 122.13
C VAL BB 10 67.11 84.71 122.24
N ASN BB 11 67.35 85.69 121.35
CA ASN BB 11 66.53 86.90 121.37
C ASN BB 11 65.06 86.59 121.05
N GLU BB 12 64.83 85.72 120.08
CA GLU BB 12 63.45 85.34 119.75
C GLU BB 12 62.76 84.68 120.93
N PHE BB 13 63.46 83.76 121.59
CA PHE BB 13 62.88 83.07 122.75
C PHE BB 13 62.59 84.05 123.87
N ILE BB 14 63.55 84.93 124.18
CA ILE BB 14 63.37 85.84 125.29
C ILE BB 14 62.28 86.85 125.01
N ARG BB 15 62.08 87.22 123.74
CA ARG BB 15 60.96 88.09 123.40
C ARG BB 15 59.64 87.36 123.54
N SER BB 16 59.55 86.14 123.00
CA SER BB 16 58.28 85.41 123.05
C SER BB 16 57.87 85.09 124.48
N ALA BB 17 58.82 84.68 125.31
CA ALA BB 17 58.57 84.34 126.70
C ALA BB 17 59.61 85.00 127.58
N GLY BB 18 59.15 85.59 128.69
CA GLY BB 18 60.07 86.20 129.63
C GLY BB 18 60.82 87.40 129.11
N GLN BB 19 60.11 88.33 128.46
CA GLN BB 19 60.76 89.54 127.98
C GLN BB 19 61.34 90.36 129.12
N ASP BB 20 60.76 90.25 130.30
CA ASP BB 20 61.27 90.91 131.49
C ASP BB 20 61.88 89.87 132.44
N SER BB 21 62.84 90.33 133.24
CA SER BB 21 63.51 89.50 134.24
C SER BB 21 64.16 88.27 133.59
N LEU BB 22 64.91 88.50 132.53
CA LEU BB 22 65.60 87.42 131.84
C LEU BB 22 66.77 87.99 131.05
N CYS BB 23 67.91 87.32 131.12
CA CYS BB 23 69.14 87.76 130.47
C CYS BB 23 69.56 86.72 129.44
N GLY BB 24 69.84 87.17 128.22
CA GLY BB 24 70.28 86.27 127.18
C GLY BB 24 71.66 85.69 127.46
N VAL BB 25 71.91 84.53 126.88
CA VAL BB 25 73.20 83.84 127.02
C VAL BB 25 74.13 84.31 125.90
N PRO BB 26 75.35 84.71 126.23
CA PRO BB 26 76.24 85.26 125.19
C PRO BB 26 76.59 84.28 124.08
N ASP BB 27 76.92 83.03 124.43
CA ASP BB 27 77.34 82.08 123.42
C ASP BB 27 77.16 80.67 123.94
N ILE BB 28 77.20 79.70 123.01
CA ILE BB 28 76.97 78.30 123.35
C ILE BB 28 78.06 77.81 124.31
N ASN BB 29 79.31 78.21 124.07
CA ASN BB 29 80.40 77.74 124.91
C ASN BB 29 80.21 78.16 126.36
N SER BB 30 79.81 79.41 126.58
CA SER BB 30 79.63 79.93 127.93
C SER BB 30 78.23 79.71 128.47
N SER BB 31 77.36 79.05 127.71
CA SER BB 31 76.00 78.78 128.18
C SER BB 31 76.03 77.92 129.44
N GLY BB 32 76.97 76.98 129.53
CA GLY BB 32 77.00 76.06 130.66
C GLY BB 32 77.46 76.68 131.96
N ASP BB 33 77.96 77.91 131.93
CA ASP BB 33 78.43 78.59 133.13
C ASP BB 33 77.34 79.41 133.81
N PHE BB 34 76.10 79.39 133.29
CA PHE BB 34 75.01 80.17 133.84
C PHE BB 34 73.91 79.28 134.41
N MET BB 35 74.29 78.12 134.94
CA MET BB 35 73.36 77.25 135.62
C MET BB 35 73.04 77.81 137.01
N PRO BB 36 71.95 77.36 137.63
CA PRO BB 36 71.59 77.90 138.96
C PRO BB 36 72.68 77.70 139.98
N LEU BB 37 72.75 78.63 140.94
CA LEU BB 37 73.75 78.63 142.01
C LEU BB 37 75.16 78.83 141.45
N HIS BB 38 75.29 79.81 140.56
CA HIS BB 38 76.58 80.21 140.02
C HIS BB 38 76.81 81.68 140.30
N ILE BB 39 78.06 82.04 140.55
CA ILE BB 39 78.45 83.42 140.84
C ILE BB 39 78.83 84.10 139.54
N ILE BB 40 78.34 85.33 139.34
CA ILE BB 40 78.70 86.16 138.20
C ILE BB 40 79.08 87.53 138.71
N VAL BB 41 79.82 88.28 137.88
CA VAL BB 41 80.29 89.61 138.22
C VAL BB 41 79.61 90.61 137.31
N LYS BB 42 79.12 91.69 137.89
CA LYS BB 42 78.46 92.76 137.16
C LYS BB 42 79.30 94.03 137.23
N GLU BB 43 79.53 94.65 136.07
CA GLU BB 43 80.32 95.86 135.95
C GLU BB 43 79.44 96.97 135.43
N VAL BB 44 79.48 98.13 136.10
CA VAL BB 44 78.66 99.27 135.74
C VAL BB 44 79.18 99.91 134.46
N PRO BB 45 78.34 100.57 133.67
CA PRO BB 45 78.82 101.19 132.42
C PRO BB 45 79.91 102.23 132.63
N LYS BB 46 79.86 102.97 133.74
CA LYS BB 46 80.80 104.03 134.12
C LYS BB 46 80.69 105.26 133.23
N VAL BB 47 79.85 105.25 132.21
CA VAL BB 47 79.67 106.40 131.33
C VAL BB 47 78.24 106.90 131.46
N LEU BB 48 77.28 106.04 131.13
CA LEU BB 48 75.86 106.34 131.24
C LEU BB 48 75.20 105.19 131.99
N PRO BB 49 75.40 105.10 133.31
CA PRO BB 49 74.86 103.96 134.06
C PRO BB 49 73.35 103.82 133.96
N CYS BB 50 72.62 104.93 133.91
CA CYS BB 50 71.17 104.87 133.81
C CYS BB 50 70.68 104.70 132.38
N CYS BB 51 71.57 104.79 131.39
CA CYS BB 51 71.17 104.67 129.99
C CYS BB 51 71.73 103.43 129.30
N ARG BB 52 72.71 102.76 129.89
CA ARG BB 52 73.35 101.60 129.28
C ARG BB 52 73.26 100.42 130.23
N ARG BB 53 73.00 99.24 129.67
CA ARG BB 53 72.93 98.04 130.49
C ARG BB 53 74.34 97.61 130.92
N PRO BB 54 74.47 97.05 132.12
CA PRO BB 54 75.81 96.69 132.63
C PRO BB 54 76.42 95.51 131.90
N LYS BB 55 77.64 95.15 132.27
CA LYS BB 55 78.39 94.06 131.65
C LYS BB 55 78.46 92.88 132.61
N ILE BB 56 78.14 91.70 132.11
CA ILE BB 56 78.07 90.49 132.93
C ILE BB 56 79.23 89.56 132.56
N LYS BB 57 79.97 89.13 133.57
CA LYS BB 57 81.15 88.29 133.41
C LYS BB 57 80.93 86.99 134.16
N ARG BB 58 81.17 85.86 133.49
CA ARG BB 58 81.04 84.56 134.12
C ARG BB 58 82.28 84.24 134.94
N THR BB 59 82.09 83.44 135.98
CA THR BB 59 83.18 83.00 136.84
C THR BB 59 83.07 81.50 137.08
N PRO BB 60 84.20 80.82 137.30
CA PRO BB 60 84.17 79.37 137.57
C PRO BB 60 84.00 79.07 139.05
N TYR BB 61 82.91 79.56 139.63
CA TYR BB 61 82.65 79.38 141.05
C TYR BB 61 81.18 79.05 141.28
N THR BB 62 80.92 78.26 142.31
CA THR BB 62 79.59 78.03 142.82
C THR BB 62 79.45 78.65 144.20
N LEU BB 63 78.22 78.66 144.72
CA LEU BB 63 77.97 79.27 146.01
C LEU BB 63 78.74 78.56 147.12
N ASN BB 64 78.74 77.23 147.10
CA ASN BB 64 79.42 76.47 148.15
C ASN BB 64 80.92 76.69 148.09
N ASP BB 65 81.50 76.84 146.90
CA ASP BB 65 82.92 77.12 146.80
C ASP BB 65 83.24 78.53 147.27
N ILE BB 66 82.40 79.51 146.91
CA ILE BB 66 82.68 80.89 147.29
C ILE BB 66 82.46 81.13 148.77
N LEU BB 67 81.62 80.31 149.41
CA LEU BB 67 81.28 80.49 150.81
C LEU BB 67 82.06 79.53 151.69
N ASP BB 68 82.52 80.02 152.84
CA ASP BB 68 83.15 79.16 153.82
C ASP BB 68 82.15 78.12 154.34
N GLU BB 69 80.92 78.54 154.61
CA GLU BB 69 79.89 77.64 155.10
C GLU BB 69 79.03 77.16 153.94
N PRO BB 70 78.90 75.85 153.73
CA PRO BB 70 78.09 75.36 152.60
C PRO BB 70 76.61 75.58 152.82
N CYS BB 71 75.87 75.55 151.72
CA CYS BB 71 74.44 75.73 151.68
C CYS BB 71 73.82 74.58 150.89
N PRO BB 72 72.56 74.25 151.14
CA PRO BB 72 71.89 73.24 150.32
C PRO BB 72 71.84 73.68 148.87
N ASN BB 73 71.98 72.70 147.96
CA ASN BB 73 72.13 72.99 146.54
C ASN BB 73 71.25 72.12 145.65
N GLN BB 74 70.25 71.44 146.20
CA GLN BB 74 69.38 70.61 145.38
C GLN BB 74 68.57 71.46 144.42
N LEU BB 75 68.27 70.90 143.25
CA LEU BB 75 67.59 71.61 142.19
C LEU BB 75 66.33 70.85 141.76
N LYS BB 76 65.51 71.52 140.96
CA LYS BB 76 64.32 70.92 140.38
C LYS BB 76 64.01 71.64 139.07
N SER BB 77 63.36 70.93 138.17
CA SER BB 77 63.04 71.46 136.85
C SER BB 77 61.58 71.22 136.52
N SER BB 78 61.01 72.12 135.72
CA SER BB 78 59.63 72.03 135.30
C SER BB 78 59.46 72.73 133.96
N ASP BB 79 58.43 72.33 133.22
CA ASP BB 79 58.24 72.88 131.88
C ASP BB 79 57.89 74.36 131.94
N LEU BB 80 58.36 75.09 130.93
CA LEU BB 80 58.12 76.53 130.84
C LEU BB 80 57.32 76.92 129.61
N VAL BB 81 57.76 76.51 128.42
CA VAL BB 81 57.09 76.85 127.17
C VAL BB 81 57.41 75.76 126.15
N THR BB 82 56.60 75.68 125.11
CA THR BB 82 56.73 74.65 124.08
C THR BB 82 56.47 75.28 122.71
N PHE BB 83 57.49 75.29 121.86
CA PHE BB 83 57.37 75.78 120.49
C PHE BB 83 56.94 74.61 119.61
N THR BB 84 55.65 74.54 119.30
CA THR BB 84 55.13 73.39 118.55
C THR BB 84 55.68 73.35 117.14
N GLU BB 85 55.85 74.52 116.50
CA GLU BB 85 56.34 74.58 115.14
C GLU BB 85 57.54 75.51 115.07
N PRO BB 86 58.44 75.27 114.11
CA PRO BB 86 59.65 76.11 114.02
C PRO BB 86 59.32 77.56 113.70
N LEU BB 87 60.09 78.46 114.29
CA LEU BB 87 60.05 79.87 113.93
C LEU BB 87 60.69 80.04 112.56
N VAL BB 88 59.92 80.51 111.59
CA VAL BB 88 60.35 80.63 110.20
C VAL BB 88 60.31 82.10 109.81
N SER BB 89 61.39 82.58 109.20
CA SER BB 89 61.49 83.96 108.74
C SER BB 89 62.01 83.99 107.32
N ASN BB 90 61.40 84.84 106.50
CA ASN BB 90 61.79 85.02 105.11
C ASN BB 90 61.91 86.51 104.81
N VAL BB 91 62.99 86.90 104.14
CA VAL BB 91 63.20 88.27 103.68
C VAL BB 91 63.64 88.19 102.22
N LYS BB 92 63.03 89.02 101.39
CA LYS BB 92 63.34 89.02 99.96
C LYS BB 92 63.32 90.46 99.47
N ALA BB 93 64.48 90.97 99.08
CA ALA BB 93 64.61 92.34 98.59
C ALA BB 93 65.17 92.33 97.17
N SER BB 94 64.75 93.30 96.38
CA SER BB 94 65.24 93.45 95.02
C SER BB 94 65.10 94.91 94.60
N SER BB 95 66.17 95.48 94.06
CA SER BB 95 66.18 96.89 93.70
C SER BB 95 66.99 97.09 92.42
N SER BB 96 66.68 98.18 91.73
CA SER BB 96 67.37 98.54 90.50
C SER BB 96 67.46 100.05 90.39
N ILE BB 97 68.59 100.53 89.90
CA ILE BB 97 68.86 101.96 89.76
C ILE BB 97 69.35 102.22 88.35
N GLY BB 98 68.82 103.27 87.73
CA GLY BB 98 69.27 103.68 86.40
C GLY BB 98 69.52 105.17 86.32
N LEU BB 99 70.75 105.57 86.01
CA LEU BB 99 71.14 106.97 85.93
C LEU BB 99 71.62 107.26 84.51
N GLN BB 100 71.15 108.37 83.95
CA GLN BB 100 71.58 108.80 82.62
C GLN BB 100 71.85 110.30 82.65
N ILE BB 101 73.02 110.69 82.16
CA ILE BB 101 73.39 112.10 81.99
C ILE BB 101 73.61 112.31 80.49
N LEU BB 102 72.60 112.88 79.83
CA LEU BB 102 72.62 113.22 78.40
C LEU BB 102 72.98 111.96 77.62
N LYS BB 103 73.89 112.02 76.67
CA LYS BB 103 74.45 110.85 76.02
C LYS BB 103 75.90 110.62 76.45
N HIS BB 104 76.29 111.15 77.61
CA HIS BB 104 77.65 111.05 78.11
C HIS BB 104 77.82 110.06 79.25
N PHE BB 105 76.81 109.88 80.09
CA PHE BB 105 76.91 108.94 81.20
C PHE BB 105 75.68 108.05 81.22
N ASP BB 106 75.88 106.75 81.45
CA ASP BB 106 74.75 105.81 81.53
C ASP BB 106 75.15 104.66 82.44
N SER BB 107 74.57 104.61 83.63
CA SER BB 107 74.87 103.57 84.61
C SER BB 107 73.60 102.81 84.97
N GLY BB 108 73.69 101.49 85.02
CA GLY BB 108 72.59 100.66 85.46
C GLY BB 108 73.02 99.63 86.47
N ALA BB 109 72.48 99.69 87.68
CA ALA BB 109 72.82 98.77 88.75
C ALA BB 109 71.58 98.04 89.22
N LYS BB 110 71.78 96.86 89.79
CA LYS BB 110 70.67 96.10 90.33
C LYS BB 110 71.20 95.14 91.38
N GLY BB 111 70.37 94.85 92.36
CA GLY BB 111 70.74 93.96 93.44
C GLY BB 111 69.54 93.18 93.93
N SER BB 112 69.82 92.02 94.50
CA SER BB 112 68.77 91.17 95.06
C SER BB 112 69.32 90.38 96.23
N LYS BB 113 68.45 90.04 97.17
CA LYS BB 113 68.84 89.32 98.36
C LYS BB 113 67.67 88.46 98.83
N ASN BB 114 67.98 87.23 99.23
CA ASN BB 114 67.01 86.29 99.76
C ASN BB 114 67.58 85.63 100.99
N PHE BB 115 66.90 85.80 102.12
CA PHE BB 115 67.39 85.35 103.43
C PHE BB 115 66.30 84.53 104.10
N ILE BB 116 66.65 83.31 104.53
CA ILE BB 116 65.69 82.39 105.13
C ILE BB 116 66.27 81.87 106.44
N THR BB 117 65.44 81.84 107.47
CA THR BB 117 65.86 81.38 108.78
C THR BB 117 64.80 80.44 109.36
N SER BB 118 65.25 79.40 110.05
CA SER BB 118 64.35 78.46 110.72
C SER BB 118 64.97 78.02 112.03
N ALA BB 119 64.21 78.13 113.12
CA ALA BB 119 64.68 77.73 114.44
C ALA BB 119 63.66 76.80 115.08
N SER BB 120 64.11 75.62 115.50
CA SER BB 120 63.27 74.62 116.15
C SER BB 120 63.85 74.38 117.53
N LEU BB 121 63.24 74.97 118.55
CA LEU BB 121 63.70 74.85 119.93
C LEU BB 121 62.98 73.76 120.70
N GLY BB 122 61.94 73.15 120.16
CA GLY BB 122 61.26 72.09 120.85
C GLY BB 122 60.63 72.57 122.15
N THR BB 123 60.99 71.92 123.25
CA THR BB 123 60.47 72.24 124.57
C THR BB 123 61.56 72.89 125.41
N VAL BB 124 61.21 73.94 126.13
CA VAL BB 124 62.12 74.64 127.01
C VAL BB 124 61.64 74.45 128.44
N VAL BB 125 62.54 74.02 129.32
CA VAL BB 125 62.24 73.83 130.72
C VAL BB 125 63.01 74.86 131.54
N LYS BB 126 62.60 75.00 132.80
CA LYS BB 126 63.24 75.92 133.74
C LYS BB 126 63.73 75.12 134.93
N ALA BB 127 64.98 75.38 135.32
CA ALA BB 127 65.61 74.71 136.45
C ALA BB 127 65.97 75.75 137.50
N GLU BB 128 65.70 75.40 138.76
CA GLU BB 128 65.89 76.32 139.87
C GLU BB 128 65.98 75.53 141.17
N THR BB 129 66.52 76.19 142.19
CA THR BB 129 66.65 75.56 143.50
C THR BB 129 65.28 75.15 144.03
N ILE BB 130 65.24 74.02 144.73
CA ILE BB 130 63.98 73.54 145.31
C ILE BB 130 63.45 74.55 146.33
N ASP BB 131 64.32 75.06 147.19
CA ASP BB 131 63.93 76.07 148.17
C ASP BB 131 64.97 77.18 148.15
N ILE BB 132 64.53 78.38 147.79
CA ILE BB 132 65.43 79.53 147.71
C ILE BB 132 65.54 80.25 149.05
N THR BB 133 64.49 80.18 149.88
CA THR BB 133 64.52 80.86 151.17
C THR BB 133 65.62 80.31 152.06
N LYS BB 134 65.80 78.99 152.10
CA LYS BB 134 66.86 78.40 152.89
C LYS BB 134 68.23 78.84 152.39
N VAL BB 135 68.42 78.84 151.07
CA VAL BB 135 69.68 79.28 150.50
C VAL BB 135 69.97 80.72 150.88
N LEU BB 136 68.96 81.59 150.79
CA LEU BB 136 69.15 82.99 151.15
C LEU BB 136 69.50 83.14 152.62
N ALA BB 137 68.81 82.41 153.49
CA ALA BB 137 69.08 82.49 154.92
C ALA BB 137 70.52 82.07 155.21
N LYS BB 138 70.94 80.93 154.66
CA LYS BB 138 72.30 80.45 154.88
C LYS BB 138 73.34 81.42 154.33
N VAL BB 139 73.06 82.00 153.16
CA VAL BB 139 73.99 83.00 152.61
C VAL BB 139 74.14 84.16 153.57
N ARG BB 140 73.02 84.69 154.06
CA ARG BB 140 73.07 85.83 154.95
C ARG BB 140 73.81 85.51 156.24
N THR BB 141 73.69 84.27 156.72
CA THR BB 141 74.36 83.88 157.95
C THR BB 141 75.75 83.29 157.72
N ALA BB 142 76.21 83.21 156.47
CA ALA BB 142 77.48 82.57 156.15
C ALA BB 142 78.49 83.61 155.66
N LYS BB 143 79.77 83.35 155.93
CA LYS BB 143 80.85 84.21 155.49
C LYS BB 143 81.54 83.64 154.26
N ALA BB 144 82.03 84.55 153.41
CA ALA BB 144 82.71 84.15 152.18
C ALA BB 144 84.09 83.57 152.49
N LYS BB 145 84.70 82.97 151.47
CA LYS BB 145 86.00 82.35 151.62
C LYS BB 145 87.09 83.43 151.67
N VAL BB 146 87.84 83.46 152.78
CA VAL BB 146 88.91 84.45 152.93
C VAL BB 146 90.00 84.22 151.88
N GLU BB 147 90.30 82.95 151.58
CA GLU BB 147 91.33 82.64 150.60
C GLU BB 147 90.98 83.17 149.21
N ASN BB 148 89.70 83.17 148.85
CA ASN BB 148 89.28 83.57 147.51
C ASN BB 148 89.70 85.00 147.21
N ASP BB 149 90.26 85.20 146.02
CA ASP BB 149 90.73 86.51 145.58
C ASP BB 149 89.64 87.33 144.92
N LEU BB 150 88.74 86.68 144.19
CA LEU BB 150 87.64 87.38 143.51
C LEU BB 150 86.80 88.18 144.49
N VAL BB 151 86.45 87.57 145.63
CA VAL BB 151 85.64 88.25 146.64
C VAL BB 151 86.35 89.50 147.13
N SER BB 152 87.64 89.39 147.42
CA SER BB 152 88.41 90.55 147.89
C SER BB 152 88.46 91.64 146.82
N ARG BB 153 88.66 91.25 145.56
CA ARG BB 153 88.66 92.22 144.48
C ARG BB 153 87.34 92.97 144.43
N VAL BB 154 86.22 92.24 144.45
CA VAL BB 154 84.90 92.87 144.39
C VAL BB 154 84.67 93.75 145.62
N MET BB 155 85.16 93.34 146.78
CA MET BB 155 85.01 94.14 147.99
C MET BB 155 85.76 95.46 147.87
N LYS BB 156 87.00 95.41 147.39
CA LYS BB 156 87.80 96.64 147.33
C LYS BB 156 87.32 97.56 146.22
N THR BB 157 86.86 97.00 145.10
CA THR BB 157 86.36 97.82 144.01
C THR BB 157 84.91 98.22 144.27
N LYS BB 158 84.52 99.35 143.68
CA LYS BB 158 83.17 99.88 143.84
C LYS BB 158 82.26 99.58 142.65
N ARG BB 159 82.82 99.44 141.45
CA ARG BB 159 82.00 99.15 140.29
C ARG BB 159 81.51 97.71 140.30
N LEU BB 160 82.39 96.78 140.67
CA LEU BB 160 82.07 95.37 140.60
C LEU BB 160 81.01 94.98 141.63
N CYS BB 161 80.08 94.12 141.21
CA CYS BB 161 79.06 93.56 142.08
C CYS BB 161 78.95 92.06 141.83
N LEU BB 162 78.50 91.34 142.85
CA LEU BB 162 78.33 89.89 142.75
C LEU BB 162 76.86 89.53 142.55
N GLY BB 163 76.63 88.50 141.74
CA GLY BB 163 75.28 88.04 141.52
C GLY BB 163 75.16 86.53 141.53
N LEU BB 164 74.15 86.01 142.21
CA LEU BB 164 73.89 84.57 142.29
C LEU BB 164 72.77 84.22 141.32
N VAL BB 165 73.04 83.28 140.42
CA VAL BB 165 72.04 82.86 139.44
C VAL BB 165 71.06 81.91 140.12
N VAL BB 166 69.77 82.15 139.93
CA VAL BB 166 68.73 81.44 140.65
C VAL BB 166 67.80 80.63 139.75
N GLU BB 167 67.71 80.92 138.45
CA GLU BB 167 66.86 80.15 137.57
C GLU BB 167 67.44 80.18 136.16
N THR BB 168 67.30 79.07 135.44
CA THR BB 168 67.87 78.95 134.11
C THR BB 168 66.91 78.23 133.17
N ALA BB 169 66.81 78.72 131.94
CA ALA BB 169 65.98 78.11 130.92
C ALA BB 169 66.85 77.28 129.99
N CYS BB 170 66.53 76.00 129.85
CA CYS BB 170 67.33 75.06 129.08
C CYS BB 170 66.44 74.25 128.14
N VAL BB 171 66.98 73.90 126.98
CA VAL BB 171 66.24 73.10 126.01
C VAL BB 171 66.20 71.64 126.49
N ALA BB 172 65.02 71.05 126.48
CA ALA BB 172 64.88 69.66 126.91
C ALA BB 172 65.49 68.70 125.89
N ALA BB 173 65.32 68.97 124.60
CA ALA BB 173 65.82 68.12 123.54
C ALA BB 173 66.71 68.93 122.61
N ALA BB 174 67.22 68.27 121.58
CA ALA BB 174 68.11 68.93 120.63
C ALA BB 174 67.37 70.02 119.86
N GLY BB 175 68.05 71.14 119.64
CA GLY BB 175 67.48 72.28 118.93
C GLY BB 175 68.20 72.49 117.60
N LYS BB 176 67.43 72.76 116.56
CA LYS BB 176 67.97 72.86 115.20
C LYS BB 176 67.86 74.29 114.69
N LEU BB 177 68.97 74.82 114.17
CA LEU BB 177 69.02 76.17 113.64
C LEU BB 177 69.55 76.13 112.22
N THR BB 178 68.76 76.65 111.26
CA THR BB 178 69.12 76.63 109.85
C THR BB 178 69.01 78.03 109.26
N GLU BB 179 69.98 78.39 108.42
CA GLU BB 179 70.01 79.70 107.78
C GLU BB 179 70.51 79.55 106.35
N ALA BB 180 69.85 80.25 105.43
CA ALA BB 180 70.23 80.25 104.03
C ALA BB 180 70.25 81.68 103.51
N ASP BB 181 71.29 82.02 102.74
CA ASP BB 181 71.49 83.36 102.21
C ASP BB 181 71.86 83.24 100.74
N ASN BB 182 71.23 84.08 99.90
CA ASN BB 182 71.57 84.14 98.48
C ASN BB 182 71.42 85.58 98.03
N TRP BB 183 72.53 86.24 97.70
CA TRP BB 183 72.43 87.62 97.25
C TRP BB 183 73.29 87.83 96.01
N GLU BB 184 72.91 88.83 95.21
CA GLU BB 184 73.48 89.04 93.89
C GLU BB 184 73.51 90.52 93.56
N ILE BB 185 74.60 90.95 92.90
CA ILE BB 185 74.79 92.32 92.46
C ILE BB 185 75.21 92.32 91.00
N SER BB 186 74.57 93.15 90.18
CA SER BB 186 74.93 93.30 88.78
C SER BB 186 74.97 94.78 88.43
N GLY BB 187 76.13 95.27 88.02
CA GLY BB 187 76.29 96.67 87.70
C GLY BB 187 76.94 96.87 86.35
N HIS BB 188 76.60 98.00 85.74
CA HIS BB 188 77.11 98.34 84.41
C HIS BB 188 77.28 99.85 84.32
N THR BB 189 78.36 100.27 83.68
CA THR BB 189 78.71 101.69 83.54
C THR BB 189 79.17 101.95 82.12
N ASN BB 190 78.68 103.05 81.54
CA ASN BB 190 79.05 103.46 80.19
C ASN BB 190 79.34 104.96 80.22
N ALA BB 191 80.61 105.32 80.07
CA ALA BB 191 81.04 106.71 79.99
C ALA BB 191 81.45 106.99 78.55
N ASN BB 192 80.61 107.72 77.82
CA ASN BB 192 80.86 108.08 76.43
C ASN BB 192 81.32 109.53 76.38
N ILE BB 193 82.51 109.75 75.81
CA ILE BB 193 83.06 111.08 75.63
C ILE BB 193 83.46 111.20 74.16
N GLY BB 194 83.67 112.45 73.72
CA GLY BB 194 84.00 112.69 72.32
C GLY BB 194 85.22 111.94 71.85
N GLU BB 195 86.21 111.74 72.73
CA GLU BB 195 87.43 111.04 72.37
C GLU BB 195 87.70 109.82 73.24
N ALA BB 196 86.73 109.41 74.07
CA ALA BB 196 86.93 108.27 74.95
C ALA BB 196 85.61 107.56 75.16
N VAL BB 197 85.66 106.22 75.15
CA VAL BB 197 84.50 105.37 75.42
C VAL BB 197 84.93 104.32 76.42
N VAL BB 198 84.24 104.26 77.57
CA VAL BB 198 84.53 103.29 78.61
C VAL BB 198 83.26 102.50 78.90
N THR BB 199 83.37 101.17 78.88
CA THR BB 199 82.22 100.28 79.14
C THR BB 199 82.66 99.23 80.15
N ALA BB 200 82.17 99.34 81.38
CA ALA BB 200 82.52 98.42 82.46
C ALA BB 200 81.29 97.65 82.91
N THR BB 201 81.50 96.42 83.34
CA THR BB 201 80.41 95.55 83.79
C THR BB 201 80.95 94.64 84.89
N ALA BB 202 80.14 94.41 85.91
CA ALA BB 202 80.55 93.54 87.02
C ALA BB 202 79.34 92.80 87.58
N GLU BB 203 79.45 91.48 87.67
CA GLU BB 203 78.41 90.64 88.23
C GLU BB 203 79.00 89.74 89.29
N LEU BB 204 78.29 89.61 90.41
CA LEU BB 204 78.72 88.67 91.45
C LEU BB 204 77.49 88.19 92.22
N ASP BB 205 77.65 87.04 92.88
CA ASP BB 205 76.57 86.47 93.67
C ASP BB 205 77.16 85.50 94.68
N LYS BB 206 76.68 85.57 95.92
CA LYS BB 206 77.15 84.73 97.01
C LYS BB 206 76.01 83.92 97.57
N ASN BB 207 76.28 82.65 97.87
CA ASN BB 207 75.32 81.73 98.46
C ASN BB 207 75.95 81.07 99.67
N LEU BB 208 75.23 81.09 100.80
CA LEU BB 208 75.68 80.49 102.04
C LEU BB 208 74.56 79.69 102.68
N SER BB 209 74.93 78.68 103.45
CA SER BB 209 73.96 77.87 104.18
C SER BB 209 74.63 77.30 105.42
N ARG BB 210 74.05 77.55 106.59
CA ARG BB 210 74.60 77.09 107.86
C ARG BB 210 73.52 76.37 108.64
N LYS BB 211 73.81 75.15 109.09
CA LYS BB 211 72.84 74.34 109.83
C LYS BB 211 73.54 73.72 111.03
N ILE BB 212 73.06 74.01 112.24
CA ILE BB 212 73.65 73.49 113.46
C ILE BB 212 72.56 72.91 114.34
N GLU BB 213 72.99 72.17 115.37
CA GLU BB 213 72.08 71.50 116.29
C GLU BB 213 72.69 71.54 117.69
N ILE BB 214 72.10 72.36 118.56
CA ILE BB 214 72.54 72.42 119.96
C ILE BB 214 72.01 71.21 120.71
N PRO BB 215 72.79 70.63 121.60
CA PRO BB 215 72.38 69.40 122.29
C PRO BB 215 71.46 69.70 123.46
N PRO BB 216 70.77 68.69 123.99
CA PRO BB 216 69.92 68.92 125.16
C PRO BB 216 70.72 69.43 126.35
N GLY BB 217 70.09 70.31 127.13
CA GLY BB 217 70.69 70.87 128.32
C GLY BB 217 71.35 72.22 128.12
N THR BB 218 71.44 72.70 126.88
CA THR BB 218 72.06 74.00 126.63
C THR BB 218 71.22 75.12 127.24
N ALA BB 219 71.87 75.98 128.01
CA ALA BB 219 71.16 77.08 128.65
C ALA BB 219 70.84 78.17 127.63
N LEU BB 220 69.70 78.83 127.82
CA LEU BB 220 69.27 79.92 126.95
C LEU BB 220 69.21 81.27 127.64
N ALA BB 221 68.72 81.33 128.87
CA ALA BB 221 68.57 82.59 129.57
C ALA BB 221 68.57 82.33 131.07
N TYR BB 222 68.76 83.39 131.84
CA TYR BB 222 68.90 83.24 133.28
C TYR BB 222 68.48 84.52 133.98
N SER BB 223 68.26 84.41 135.29
CA SER BB 223 67.99 85.55 136.16
C SER BB 223 68.81 85.40 137.41
N PHE BB 224 69.22 86.52 138.00
CA PHE BB 224 70.13 86.48 139.14
C PHE BB 224 69.73 87.51 140.18
N MET BB 225 70.22 87.29 141.40
CA MET BB 225 69.99 88.18 142.54
C MET BB 225 71.31 88.78 142.99
N ASP BB 226 71.30 90.06 143.34
CA ASP BB 226 72.51 90.76 143.70
C ASP BB 226 72.97 90.40 145.11
N LEU BB 227 74.25 90.64 145.38
CA LEU BB 227 74.85 90.39 146.69
C LEU BB 227 75.72 91.57 147.07
N GLU BB 228 76.17 91.56 148.32
CA GLU BB 228 77.01 92.63 148.85
C GLU BB 228 77.94 92.06 149.90
N ILE BB 229 79.24 92.32 149.75
CA ILE BB 229 80.25 91.88 150.70
C ILE BB 229 80.30 92.88 151.86
N LEU BB 230 80.12 92.39 153.09
CA LEU BB 230 80.29 93.23 154.25
C LEU BB 230 81.78 93.56 154.44
N GLU BB 231 82.07 94.35 155.48
CA GLU BB 231 83.45 94.59 155.87
C GLU BB 231 84.18 93.28 156.13
N ASP BB 232 83.54 92.38 156.87
CA ASP BB 232 84.03 91.02 157.05
C ASP BB 232 83.73 90.18 155.81
N ARG BB 233 84.04 88.89 155.89
CA ARG BB 233 83.70 87.97 154.81
C ARG BB 233 82.20 87.71 154.69
N SER BB 234 81.41 88.22 155.62
CA SER BB 234 79.96 88.01 155.59
C SER BB 234 79.36 88.58 154.30
N LEU BB 235 78.29 87.92 153.83
CA LEU BB 235 77.58 88.34 152.63
C LEU BB 235 76.15 88.70 152.98
N ARG BB 236 75.61 89.68 152.24
CA ARG BB 236 74.24 90.13 152.42
C ARG BB 236 73.56 90.21 151.06
N VAL BB 237 72.23 90.17 151.07
CA VAL BB 237 71.47 90.29 149.83
C VAL BB 237 70.95 91.70 149.71
N SER BB 238 70.93 92.23 148.49
CA SER BB 238 70.54 93.61 148.25
C SER BB 238 69.41 93.66 147.23
N SER BB 239 68.45 94.55 147.47
CA SER BB 239 67.28 94.67 146.61
C SER BB 239 67.11 96.12 146.18
N SER BB 240 67.21 96.37 144.88
CA SER BB 240 66.94 97.69 144.33
C SER BB 240 65.43 97.88 144.25
N ALA BB 241 64.89 98.73 145.13
CA ALA BB 241 63.46 98.96 145.24
C ALA BB 241 62.70 97.65 145.52
N GLY BB 242 63.34 96.73 146.23
CA GLY BB 242 62.72 95.47 146.58
C GLY BB 242 62.54 94.50 145.43
N ALA BB 243 63.28 94.68 144.33
CA ALA BB 243 63.12 93.81 143.18
C ALA BB 243 63.57 92.38 143.49
N MET BB 244 64.79 92.24 144.02
CA MET BB 244 65.41 90.94 144.28
C MET BB 244 65.48 90.05 143.05
N PHE BB 245 65.36 90.63 141.86
CA PHE BB 245 65.46 89.89 140.60
C PHE BB 245 66.04 90.85 139.57
N ASP BB 246 67.33 90.73 139.31
CA ASP BB 246 68.01 91.66 138.42
C ASP BB 246 68.14 91.02 137.04
N SER BB 247 67.76 91.78 136.02
CA SER BB 247 67.82 91.33 134.64
C SER BB 247 68.91 92.05 133.85
N GLY BB 248 69.88 92.66 134.55
CA GLY BB 248 70.92 93.41 133.86
C GLY BB 248 70.38 94.60 133.10
N LYS BB 249 69.39 95.29 133.67
CA LYS BB 249 68.76 96.44 133.03
C LYS BB 249 69.28 97.73 133.62
N ALA BB 250 69.27 98.78 132.81
CA ALA BB 250 69.68 100.09 133.28
C ALA BB 250 68.69 100.63 134.30
N GLU BB 251 69.19 101.46 135.22
CA GLU BB 251 68.32 102.02 136.26
C GLU BB 251 67.23 102.90 135.65
N SER BB 252 67.58 103.71 134.65
CA SER BB 252 66.65 104.59 133.96
C SER BB 252 65.94 105.53 134.94
CA ARG CB 3 53.48 92.98 121.21
C ARG CB 3 53.56 91.46 121.36
N PRO CB 4 54.08 91.01 122.51
CA PRO CB 4 54.16 89.57 122.74
C PRO CB 4 52.80 88.91 122.72
N MET CB 5 52.77 87.68 122.18
CA MET CB 5 51.50 86.95 122.10
C MET CB 5 50.94 86.66 123.49
N PHE CB 6 51.81 86.33 124.44
CA PHE CB 6 51.33 86.08 125.80
C PHE CB 6 50.69 87.32 126.39
N ALA CB 7 51.30 88.49 126.20
CA ALA CB 7 50.71 89.72 126.70
C ALA CB 7 49.39 90.03 126.02
N VAL CB 8 49.31 89.81 124.71
CA VAL CB 8 48.06 90.06 123.99
C VAL CB 8 46.96 89.14 124.51
N ALA CB 9 47.27 87.85 124.68
CA ALA CB 9 46.28 86.91 125.18
C ALA CB 9 45.86 87.25 126.60
N VAL CB 10 46.80 87.69 127.44
CA VAL CB 10 46.45 88.08 128.80
C VAL CB 10 45.51 89.27 128.79
N ASN CB 11 45.79 90.26 127.93
CA ASN CB 11 44.90 91.41 127.83
C ASN CB 11 43.51 91.01 127.33
N GLU CB 12 43.46 90.12 126.35
CA GLU CB 12 42.17 89.65 125.85
C GLU CB 12 41.37 88.95 126.94
N PHE CB 13 42.04 88.08 127.69
CA PHE CB 13 41.35 87.37 128.78
C PHE CB 13 40.87 88.33 129.85
N ILE CB 14 41.72 89.26 130.25
CA ILE CB 14 41.35 90.17 131.33
C ILE CB 14 40.24 91.10 130.90
N ARG CB 15 40.18 91.45 129.61
CA ARG CB 15 39.06 92.25 129.12
C ARG CB 15 37.77 91.44 129.10
N SER CB 16 37.83 90.21 128.57
CA SER CB 16 36.62 89.40 128.46
C SER CB 16 36.06 89.06 129.83
N ALA CB 17 36.92 88.71 130.78
CA ALA CB 17 36.50 88.36 132.13
C ALA CB 17 37.38 89.10 133.13
N GLY CB 18 36.75 89.65 134.16
CA GLY CB 18 37.49 90.33 135.22
C GLY CB 18 38.23 91.57 134.78
N GLN CB 19 37.55 92.45 134.03
CA GLN CB 19 38.19 93.70 133.62
C GLN CB 19 38.56 94.56 134.81
N ASP CB 20 37.85 94.42 135.92
CA ASP CB 20 38.16 95.12 137.15
C ASP CB 20 38.70 94.12 138.18
N SER CB 21 39.52 94.64 139.09
CA SER CB 21 40.11 93.86 140.18
C SER CB 21 40.91 92.68 139.64
N LEU CB 22 41.78 92.94 138.67
CA LEU CB 22 42.62 91.91 138.09
C LEU CB 22 43.84 92.56 137.46
N CYS CB 23 45.01 91.96 137.67
CA CYS CB 23 46.27 92.47 137.17
C CYS CB 23 46.89 91.46 136.22
N GLY CB 24 47.29 91.92 135.03
CA GLY CB 24 47.92 91.04 134.08
C GLY CB 24 49.28 90.55 134.53
N VAL CB 25 49.68 89.41 134.00
CA VAL CB 25 50.98 88.81 134.31
C VAL CB 25 52.01 89.33 133.31
N PRO CB 26 53.16 89.82 133.79
CA PRO CB 26 54.13 90.42 132.86
C PRO CB 26 54.69 89.46 131.83
N ASP CB 27 55.05 88.23 132.22
CA ASP CB 27 55.65 87.30 131.28
C ASP CB 27 55.50 85.88 131.79
N ILE CB 28 55.71 84.92 130.89
CA ILE CB 28 55.54 83.52 131.22
C ILE CB 28 56.51 83.10 132.30
N ASN CB 29 57.76 83.57 132.22
CA ASN CB 29 58.77 83.18 133.20
C ASN CB 29 58.37 83.59 134.60
N SER CB 30 57.86 84.81 134.77
CA SER CB 30 57.48 85.33 136.08
C SER CB 30 56.04 85.02 136.43
N SER CB 31 55.31 84.30 135.57
CA SER CB 31 53.93 83.94 135.87
C SER CB 31 53.85 83.09 137.14
N GLY CB 32 54.83 82.21 137.35
CA GLY CB 32 54.78 81.31 138.49
C GLY CB 32 55.03 81.96 139.83
N ASP CB 33 55.45 83.22 139.85
CA ASP CB 33 55.70 83.92 141.10
C ASP CB 33 54.49 84.68 141.62
N PHE CB 34 53.35 84.58 140.95
CA PHE CB 34 52.14 85.29 141.35
C PHE CB 34 51.03 84.32 141.78
N MET CB 35 51.42 83.20 142.37
CA MET CB 35 50.47 82.28 142.94
C MET CB 35 49.94 82.82 144.27
N PRO CB 36 48.81 82.30 144.76
CA PRO CB 36 48.25 82.82 146.01
C PRO CB 36 49.21 82.69 147.17
N LEU CB 37 49.09 83.63 148.11
CA LEU CB 37 49.95 83.70 149.30
C LEU CB 37 51.40 83.99 148.93
N HIS CB 38 51.59 84.96 148.05
CA HIS CB 38 52.91 85.45 147.67
C HIS CB 38 53.00 86.94 147.97
N ILE CB 39 54.19 87.38 148.38
CA ILE CB 39 54.45 88.78 148.69
C ILE CB 39 54.95 89.47 147.44
N ILE CB 40 54.42 90.67 147.17
CA ILE CB 40 54.86 91.51 146.07
C ILE CB 40 55.08 92.92 146.61
N VAL CB 41 55.86 93.70 145.87
CA VAL CB 41 56.21 95.06 146.26
C VAL CB 41 55.59 96.01 145.25
N LYS CB 42 54.96 97.07 145.75
CA LYS CB 42 54.33 98.09 144.93
C LYS CB 42 55.07 99.41 145.10
N GLU CB 43 55.41 100.03 143.97
CA GLU CB 43 56.13 101.29 143.93
C GLU CB 43 55.25 102.35 143.29
N VAL CB 44 55.14 103.50 143.94
CA VAL CB 44 54.30 104.59 143.48
C VAL CB 44 54.94 105.25 142.26
N PRO CB 45 54.16 105.86 141.37
CA PRO CB 45 54.76 106.50 140.18
C PRO CB 45 55.74 107.61 140.51
N LYS CB 46 55.51 108.35 141.60
CA LYS CB 46 56.32 109.47 142.08
C LYS CB 46 56.25 110.68 141.17
N VAL CB 47 55.55 110.62 140.05
CA VAL CB 47 55.41 111.76 139.16
C VAL CB 47 53.95 112.16 139.08
N LEU CB 48 53.09 111.24 138.64
CA LEU CB 48 51.65 111.45 138.58
C LEU CB 48 50.98 110.26 139.25
N PRO CB 49 51.01 110.19 140.58
CA PRO CB 49 50.45 109.02 141.27
C PRO CB 49 48.98 108.78 140.98
N CYS CB 50 48.19 109.84 140.83
CA CYS CB 50 46.77 109.69 140.55
C CYS CB 50 46.49 109.48 139.07
N CYS CB 51 47.48 109.63 138.19
CA CYS CB 51 47.28 109.48 136.76
C CYS CB 51 47.99 108.27 136.16
N ARG CB 52 48.94 107.67 136.88
CA ARG CB 52 49.72 106.55 136.37
C ARG CB 52 49.59 105.37 137.32
N ARG CB 53 49.47 104.17 136.75
CA ARG CB 53 49.38 102.97 137.55
C ARG CB 53 50.74 102.64 138.16
N PRO CB 54 50.76 102.10 139.38
CA PRO CB 54 52.04 101.82 140.05
C PRO CB 54 52.81 100.68 139.42
N LYS CB 55 53.99 100.40 139.95
CA LYS CB 55 54.88 99.36 139.43
C LYS CB 55 54.90 98.19 140.41
N ILE CB 56 54.73 96.99 139.90
CA ILE CB 56 54.63 95.78 140.71
C ILE CB 56 55.88 94.93 140.51
N LYS CB 57 56.52 94.55 141.61
CA LYS CB 57 57.75 93.78 141.61
C LYS CB 57 57.52 92.47 142.34
N ARG CB 58 57.91 91.36 141.72
CA ARG CB 58 57.80 90.06 142.34
C ARG CB 58 58.94 89.81 143.31
N THR CB 59 58.67 89.01 144.33
CA THR CB 59 59.66 88.65 145.32
C THR CB 59 59.62 87.15 145.57
N PRO CB 60 60.75 86.54 145.93
CA PRO CB 60 60.78 85.09 146.21
C PRO CB 60 60.44 84.78 147.67
N TYR CB 61 59.26 85.20 148.10
CA TYR CB 61 58.83 85.01 149.48
C TYR CB 61 57.38 84.59 149.52
N THR CB 62 57.04 83.80 150.53
CA THR CB 62 55.67 83.47 150.86
C THR CB 62 55.32 84.09 152.21
N LEU CB 63 54.04 84.02 152.56
CA LEU CB 63 53.57 84.62 153.80
C LEU CB 63 54.24 83.97 155.01
N ASN CB 64 54.33 82.63 155.00
CA ASN CB 64 54.92 81.93 156.14
C ASN CB 64 56.41 82.25 156.28
N ASP CB 65 57.11 82.42 155.15
CA ASP CB 65 58.52 82.80 155.23
C ASP CB 65 58.68 84.23 155.73
N ILE CB 66 57.83 85.15 155.25
CA ILE CB 66 57.98 86.55 155.65
C ILE CB 66 57.56 86.77 157.09
N LEU CB 67 56.70 85.90 157.62
CA LEU CB 67 56.17 86.06 158.97
C LEU CB 67 56.89 85.15 159.95
N ASP CB 68 57.16 85.69 161.14
CA ASP CB 68 57.72 84.87 162.21
C ASP CB 68 56.74 83.77 162.61
N GLU CB 69 55.45 84.11 162.72
CA GLU CB 69 54.43 83.15 163.08
C GLU CB 69 53.76 82.61 161.84
N PRO CB 70 53.74 81.29 161.62
CA PRO CB 70 53.12 80.75 160.40
C PRO CB 70 51.60 80.88 160.44
N CYS CB 71 51.02 80.79 159.24
CA CYS CB 71 49.59 80.88 159.02
C CYS CB 71 49.15 79.69 158.17
N PRO CB 72 47.89 79.29 158.27
CA PRO CB 72 47.39 78.22 157.38
C PRO CB 72 47.51 78.65 155.92
N ASN CB 73 47.82 77.68 155.06
CA ASN CB 73 48.13 77.98 153.66
C ASN CB 73 47.42 77.05 152.67
N GLN CB 74 46.41 76.31 153.11
CA GLN CB 74 45.71 75.42 152.19
C GLN CB 74 44.97 76.21 151.12
N LEU CB 75 44.87 75.63 149.94
CA LEU CB 75 44.27 76.29 148.78
C LEU CB 75 43.14 75.46 148.21
N LYS CB 76 42.38 76.07 147.31
CA LYS CB 76 41.31 75.40 146.59
C LYS CB 76 41.13 76.09 145.24
N SER CB 77 40.64 75.33 144.26
CA SER CB 77 40.46 75.84 142.91
C SER CB 77 39.08 75.49 142.40
N SER CB 78 38.56 76.36 141.53
CA SER CB 78 37.24 76.18 140.94
C SER CB 78 37.21 76.86 139.58
N ASP CB 79 36.31 76.39 138.72
CA ASP CB 79 36.24 76.92 137.37
C ASP CB 79 35.80 78.38 137.36
N LEU CB 80 36.35 79.14 136.41
CA LEU CB 80 36.03 80.56 136.28
C LEU CB 80 35.38 80.89 134.95
N VAL CB 81 35.98 80.50 133.83
CA VAL CB 81 35.45 80.79 132.50
C VAL CB 81 35.98 79.73 131.54
N THR CB 82 35.30 79.59 130.40
CA THR CB 82 35.64 78.57 129.41
C THR CB 82 35.52 79.17 128.02
N PHE CB 83 36.63 79.25 127.30
CA PHE CB 83 36.65 79.72 125.92
C PHE CB 83 36.42 78.52 125.01
N THR CB 84 35.18 78.37 124.54
CA THR CB 84 34.83 77.19 123.74
C THR CB 84 35.56 77.18 122.40
N GLU CB 85 35.74 78.35 121.79
CA GLU CB 85 36.40 78.44 120.51
C GLU CB 85 37.53 79.45 120.56
N PRO CB 86 38.57 79.26 119.74
CA PRO CB 86 39.71 80.17 119.79
C PRO CB 86 39.33 81.60 119.41
N LEU CB 87 39.97 82.55 120.09
CA LEU CB 87 39.88 83.96 119.70
C LEU CB 87 40.68 84.16 118.43
N VAL CB 88 40.00 84.58 117.35
CA VAL CB 88 40.61 84.73 116.04
C VAL CB 88 40.52 86.18 115.62
N SER CB 89 41.64 86.73 115.15
CA SER CB 89 41.70 88.11 114.69
C SER CB 89 42.40 88.18 113.35
N ASN CB 90 41.84 88.98 112.45
CA ASN CB 90 42.40 89.18 111.12
C ASN CB 90 42.46 90.67 110.81
N VAL CB 91 43.59 91.13 110.29
CA VAL CB 91 43.76 92.51 109.84
C VAL CB 91 44.38 92.46 108.45
N LYS CB 92 43.84 93.23 107.53
CA LYS CB 92 44.34 93.25 106.16
C LYS CB 92 44.28 94.69 105.65
N ALA CB 93 45.45 95.27 105.41
CA ALA CB 93 45.56 96.64 104.92
C ALA CB 93 46.29 96.67 103.59
N SER CB 94 45.91 97.61 102.74
CA SER CB 94 46.56 97.78 101.45
C SER CB 94 46.39 99.23 101.01
N SER CB 95 47.48 99.87 100.60
CA SER CB 95 47.45 101.27 100.23
C SER CB 95 48.39 101.52 99.06
N SER CB 96 48.11 102.58 98.31
CA SER CB 96 48.93 102.98 97.18
C SER CB 96 48.92 104.50 97.07
N ILE CB 97 50.08 105.05 96.73
CA ILE CB 97 50.28 106.49 96.60
C ILE CB 97 50.93 106.77 95.25
N GLY CB 98 50.41 107.79 94.56
CA GLY CB 98 51.00 108.22 93.30
C GLY CB 98 51.16 109.72 93.22
N LEU CB 99 52.39 110.20 93.07
CA LEU CB 99 52.70 111.62 93.02
C LEU CB 99 53.34 111.94 91.68
N GLN CB 100 52.87 113.02 91.05
CA GLN CB 100 53.44 113.47 89.79
C GLN CB 100 53.61 114.98 89.82
N ILE CB 101 54.81 115.45 89.48
CA ILE CB 101 55.10 116.87 89.34
C ILE CB 101 55.50 117.09 87.88
N LEU CB 102 54.55 117.59 87.09
CA LEU CB 102 54.73 117.93 85.68
C LEU CB 102 55.26 116.70 84.96
N LYS CB 103 56.28 116.81 84.13
CA LYS CB 103 57.00 115.67 83.57
C LYS CB 103 58.39 115.54 84.18
N HIS CB 104 58.59 116.09 85.37
CA HIS CB 104 59.88 116.08 86.04
C HIS CB 104 59.96 115.11 87.20
N PHE CB 105 58.86 114.87 87.92
CA PHE CB 105 58.89 113.94 89.05
C PHE CB 105 57.72 112.97 88.91
N ASP CB 106 57.97 111.69 89.19
CA ASP CB 106 56.91 110.68 89.13
C ASP CB 106 57.25 109.56 90.10
N SER CB 107 56.53 109.48 91.21
CA SER CB 107 56.77 108.46 92.22
C SER CB 107 55.51 107.63 92.43
N GLY CB 108 55.69 106.31 92.51
CA GLY CB 108 54.59 105.42 92.82
C GLY CB 108 54.96 104.41 93.89
N ALA CB 109 54.25 104.45 95.01
CA ALA CB 109 54.54 103.56 96.13
C ALA CB 109 53.29 102.75 96.45
N LYS CB 110 53.48 101.59 97.05
CA LYS CB 110 52.36 100.76 97.46
C LYS CB 110 52.81 99.84 98.57
N GLY CB 111 51.88 99.51 99.45
CA GLY CB 111 52.18 98.64 100.58
C GLY CB 111 50.98 97.78 100.92
N SER CB 112 51.25 96.64 101.53
CA SER CB 112 50.19 95.73 101.96
C SER CB 112 50.65 94.98 103.20
N LYS CB 113 49.68 94.59 104.03
CA LYS CB 113 49.96 93.90 105.27
C LYS CB 113 48.81 92.97 105.60
N ASN CB 114 49.14 91.76 106.04
CA ASN CB 114 48.16 90.76 106.46
C ASN CB 114 48.62 90.15 107.76
N PHE CB 115 47.79 90.28 108.80
CA PHE CB 115 48.13 89.87 110.16
C PHE CB 115 47.03 88.98 110.69
N ILE CB 116 47.39 87.79 111.18
CA ILE CB 116 46.42 86.81 111.66
C ILE CB 116 46.87 86.32 113.03
N THR CB 117 45.91 86.25 113.96
CA THR CB 117 46.19 85.82 115.32
C THR CB 117 45.13 84.82 115.77
N SER CB 118 45.55 83.81 116.52
CA SER CB 118 44.64 82.82 117.08
C SER CB 118 45.12 82.42 118.47
N ALA CB 119 44.22 82.49 119.45
CA ALA CB 119 44.53 82.12 120.82
C ALA CB 119 43.50 81.13 121.34
N SER CB 120 43.97 79.99 121.82
CA SER CB 120 43.12 78.94 122.38
C SER CB 120 43.53 78.73 123.82
N LEU CB 121 42.76 79.29 124.75
CA LEU CB 121 43.05 79.21 126.18
C LEU CB 121 42.32 78.08 126.87
N GLY CB 122 41.39 77.40 126.19
CA GLY CB 122 40.69 76.29 126.81
C GLY CB 122 39.87 76.74 128.01
N THR CB 123 40.13 76.12 129.16
CA THR CB 123 39.42 76.40 130.40
C THR CB 123 40.36 77.12 131.36
N VAL CB 124 39.85 78.15 132.01
CA VAL CB 124 40.60 78.92 133.00
C VAL CB 124 39.95 78.70 134.36
N VAL CB 125 40.76 78.33 135.35
CA VAL CB 125 40.30 78.13 136.71
C VAL CB 125 40.88 79.21 137.61
N LYS CB 126 40.31 79.33 138.80
CA LYS CB 126 40.77 80.29 139.80
C LYS CB 126 41.16 79.53 141.07
N ALA CB 127 42.33 79.86 141.60
CA ALA CB 127 42.85 79.24 142.81
C ALA CB 127 43.00 80.30 143.88
N GLU CB 128 42.59 79.95 145.10
CA GLU CB 128 42.58 80.88 146.22
C GLU CB 128 42.57 80.10 147.52
N THR CB 129 42.92 80.79 148.60
CA THR CB 129 42.93 80.18 149.92
C THR CB 129 41.53 79.68 150.29
N ILE CB 130 41.47 78.56 150.99
CA ILE CB 130 40.19 78.00 151.40
C ILE CB 130 39.46 78.97 152.33
N ASP CB 131 40.17 79.55 153.29
CA ASP CB 131 39.61 80.53 154.21
C ASP CB 131 40.56 81.70 154.30
N ILE CB 132 40.10 82.87 153.88
CA ILE CB 132 40.93 84.07 153.90
C ILE CB 132 40.82 84.81 155.23
N THR CB 133 39.69 84.67 155.93
CA THR CB 133 39.51 85.35 157.20
C THR CB 133 40.52 84.89 158.24
N LYS CB 134 40.77 83.57 158.30
CA LYS CB 134 41.76 83.05 159.23
C LYS CB 134 43.16 83.58 158.91
N VAL CB 135 43.50 83.60 157.62
CA VAL CB 135 44.81 84.11 157.21
C VAL CB 135 44.95 85.57 157.61
N LEU CB 136 43.91 86.37 157.38
CA LEU CB 136 43.96 87.78 157.74
C LEU CB 136 44.11 87.96 159.24
N ALA CB 137 43.36 87.18 160.03
CA ALA CB 137 43.45 87.29 161.48
C ALA CB 137 44.86 86.97 161.95
N LYS CB 138 45.42 85.85 161.48
CA LYS CB 138 46.76 85.46 161.88
C LYS CB 138 47.80 86.49 161.44
N VAL CB 139 47.64 87.06 160.25
CA VAL CB 139 48.55 88.11 159.80
C VAL CB 139 48.52 89.28 160.76
N ARG CB 140 47.31 89.74 161.10
CA ARG CB 140 47.16 90.88 161.98
C ARG CB 140 47.76 90.61 163.36
N THR CB 141 47.66 89.36 163.83
CA THR CB 141 48.20 89.03 165.14
C THR CB 141 49.64 88.53 165.09
N ALA CB 142 50.26 88.47 163.91
CA ALA CB 142 51.60 87.91 163.76
C ALA CB 142 52.60 89.01 163.39
N LYS CB 143 53.83 88.84 163.82
CA LYS CB 143 54.91 89.77 163.51
C LYS CB 143 55.79 89.24 162.38
N ALA CB 144 56.32 90.18 161.59
CA ALA CB 144 57.17 89.82 160.46
C ALA CB 144 58.54 89.33 160.96
N LYS CB 145 59.31 88.77 160.03
CA LYS CB 145 60.63 88.24 160.35
C LYS CB 145 61.62 89.38 160.53
N VAL CB 146 62.22 89.46 161.72
CA VAL CB 146 63.20 90.51 161.99
C VAL CB 146 64.42 90.35 161.09
N GLU CB 147 64.84 89.11 160.85
CA GLU CB 147 66.00 88.86 160.01
C GLU CB 147 65.80 89.37 158.59
N ASN CB 148 64.58 89.27 158.06
CA ASN CB 148 64.31 89.64 156.67
C ASN CB 148 64.68 91.10 156.42
N ASP CB 149 65.37 91.33 155.30
CA ASP CB 149 65.81 92.67 154.90
C ASP CB 149 64.75 93.41 154.10
N LEU CB 150 64.00 92.70 153.28
CA LEU CB 150 62.97 93.33 152.46
C LEU CB 150 61.95 94.08 153.31
N VAL CB 151 61.50 93.44 154.41
CA VAL CB 151 60.52 94.08 155.29
C VAL CB 151 61.08 95.38 155.86
N SER CB 152 62.33 95.35 156.30
CA SER CB 152 62.96 96.55 156.85
C SER CB 152 63.07 97.64 155.79
N ARG CB 153 63.46 97.26 154.58
CA ARG CB 153 63.53 98.23 153.48
C ARG CB 153 62.18 98.89 153.27
N VAL CB 154 61.12 98.09 153.15
CA VAL CB 154 59.78 98.63 152.91
C VAL CB 154 59.33 99.50 154.09
N MET CB 155 59.71 99.13 155.31
CA MET CB 155 59.35 99.92 156.48
C MET CB 155 60.02 101.29 156.45
N LYS CB 156 61.32 101.32 156.13
CA LYS CB 156 62.04 102.59 156.16
C LYS CB 156 61.64 103.48 154.97
N THR CB 157 61.37 102.88 153.83
CA THR CB 157 60.97 103.67 152.67
C THR CB 157 59.47 103.98 152.74
N LYS CB 158 59.08 105.08 152.09
CA LYS CB 158 57.69 105.51 152.07
C LYS CB 158 56.97 105.16 150.78
N ARG CB 159 57.68 105.05 149.67
CA ARG CB 159 57.03 104.70 148.41
C ARG CB 159 56.64 103.23 148.37
N LEU CB 160 57.52 102.36 148.87
CA LEU CB 160 57.30 100.93 148.77
C LEU CB 160 56.15 100.48 149.66
N CYS CB 161 55.34 99.56 149.14
CA CYS CB 161 54.25 98.94 149.89
C CYS CB 161 54.26 97.44 149.64
N LEU CB 162 53.73 96.69 150.60
CA LEU CB 162 53.68 95.23 150.48
C LEU CB 162 52.27 94.78 150.11
N GLY CB 163 52.20 93.73 149.30
CA GLY CB 163 50.93 93.18 148.91
C GLY CB 163 50.90 91.66 148.91
N LEU CB 164 49.84 91.08 149.46
CA LEU CB 164 49.68 89.64 149.53
C LEU CB 164 48.71 89.21 148.44
N VAL CB 165 49.15 88.28 147.59
CA VAL CB 165 48.32 87.80 146.50
C VAL CB 165 47.32 86.79 147.06
N VAL CB 166 46.05 86.95 146.70
CA VAL CB 166 44.98 86.17 147.30
C VAL CB 166 44.23 85.30 146.29
N GLU CB 167 44.29 85.59 144.99
CA GLU CB 167 43.61 84.75 144.01
C GLU CB 167 44.36 84.82 142.69
N THR CB 168 44.37 83.70 141.97
CA THR CB 168 45.11 83.61 140.72
C THR CB 168 44.33 82.83 139.69
N ALA CB 169 44.35 83.30 138.44
CA ALA CB 169 43.70 82.64 137.33
C ALA CB 169 44.74 81.87 136.52
N CYS CB 170 44.52 80.56 136.36
CA CYS CB 170 45.47 79.67 135.71
C CYS CB 170 44.75 78.80 134.68
N VAL CB 171 45.45 78.49 133.60
CA VAL CB 171 44.90 77.64 132.56
C VAL CB 171 44.90 76.19 133.04
N ALA CB 172 43.76 75.51 132.88
CA ALA CB 172 43.66 74.12 133.32
C ALA CB 172 44.45 73.20 132.39
N ALA CB 173 44.43 73.46 131.09
CA ALA CB 173 45.11 72.63 130.11
C ALA CB 173 46.06 73.50 129.29
N ALA CB 174 46.74 72.87 128.34
CA ALA CB 174 47.70 73.58 127.50
C ALA CB 174 46.99 74.62 126.63
N GLY CB 175 47.63 75.78 126.49
CA GLY CB 175 47.09 76.88 125.69
C GLY CB 175 47.96 77.13 124.47
N LYS CB 176 47.31 77.35 123.33
CA LYS CB 176 48.00 77.48 122.05
C LYS CB 176 47.87 78.89 121.51
N LEU CB 177 49.00 79.49 121.13
CA LEU CB 177 49.02 80.84 120.59
C LEU CB 177 49.74 80.83 119.25
N THR CB 178 49.04 81.30 118.20
CA THR CB 178 49.58 81.29 116.85
C THR CB 178 49.46 82.68 116.23
N GLU CB 179 50.50 83.10 115.52
CA GLU CB 179 50.54 84.41 114.87
C GLU CB 179 51.21 84.28 113.52
N ALA CB 180 50.64 84.94 112.52
CA ALA CB 180 51.19 84.96 111.17
C ALA CB 180 51.18 86.39 110.63
N ASP CB 181 52.30 86.79 110.01
CA ASP CB 181 52.47 88.14 109.49
C ASP CB 181 53.03 88.04 108.08
N ASN CB 182 52.47 88.83 107.16
CA ASN CB 182 52.98 88.91 105.79
C ASN CB 182 52.80 90.34 105.31
N TRP CB 183 53.90 91.06 105.11
CA TRP CB 183 53.76 92.43 104.63
C TRP CB 183 54.76 92.70 103.52
N GLU CB 184 54.42 93.66 102.66
CA GLU CB 184 55.14 93.90 101.42
C GLU CB 184 55.12 95.38 101.08
N ILE CB 185 56.25 95.88 100.56
CA ILE CB 185 56.41 97.27 100.14
C ILE CB 185 57.02 97.27 98.74
N SER CB 186 56.43 98.07 97.84
CA SER CB 186 56.95 98.23 96.49
C SER CB 186 56.95 99.71 96.12
N GLY CB 187 58.11 100.27 95.87
CA GLY CB 187 58.23 101.68 95.56
C GLY CB 187 59.03 101.92 94.30
N HIS CB 188 58.70 103.02 93.63
CA HIS CB 188 59.34 103.39 92.37
C HIS CB 188 59.44 104.91 92.29
N THR CB 189 60.56 105.39 91.78
CA THR CB 189 60.83 106.83 91.69
C THR CB 189 61.45 107.12 90.33
N ASN CB 190 60.96 108.18 89.67
CA ASN CB 190 61.49 108.61 88.37
C ASN CB 190 61.67 110.12 88.42
N ALA CB 191 62.92 110.56 88.43
CA ALA CB 191 63.27 111.98 88.40
C ALA CB 191 63.84 112.28 87.01
N ASN CB 192 63.05 112.95 86.18
CA ASN CB 192 63.46 113.32 84.83
C ASN CB 192 63.84 114.80 84.82
N ILE CB 193 65.06 115.09 84.40
CA ILE CB 193 65.56 116.45 84.27
C ILE CB 193 66.13 116.60 82.87
N GLY CB 194 66.31 117.85 82.44
CA GLY CB 194 66.80 118.11 81.10
C GLY CB 194 68.12 117.44 80.78
N GLU CB 195 68.99 117.31 81.79
CA GLU CB 195 70.30 116.69 81.59
C GLU CB 195 70.52 115.49 82.51
N ALA CB 196 69.49 115.02 83.22
CA ALA CB 196 69.64 113.90 84.12
C ALA CB 196 68.35 113.10 84.17
N VAL CB 197 68.49 111.78 84.18
CA VAL CB 197 67.36 110.85 84.31
C VAL CB 197 67.72 109.83 85.38
N VAL CB 198 66.91 109.74 86.43
CA VAL CB 198 67.11 108.79 87.51
C VAL CB 198 65.86 107.92 87.64
N THR CB 199 66.06 106.60 87.65
CA THR CB 199 64.97 105.64 87.78
C THR CB 199 65.33 104.62 88.84
N ALA CB 200 64.68 104.70 90.00
CA ALA CB 200 64.95 103.82 91.12
C ALA CB 200 63.72 102.96 91.42
N THR CB 201 63.95 101.75 91.89
CA THR CB 201 62.88 100.82 92.21
C THR CB 201 63.32 99.95 93.38
N ALA CB 202 62.40 99.67 94.30
CA ALA CB 202 62.73 98.83 95.45
C ALA CB 202 61.51 98.02 95.86
N GLU CB 203 61.69 96.70 95.98
CA GLU CB 203 60.63 95.80 96.42
C GLU CB 203 61.14 94.95 97.57
N LEU CB 204 60.31 94.77 98.58
CA LEU CB 204 60.66 93.86 99.66
C LEU CB 204 59.38 93.31 100.28
N ASP CB 205 59.52 92.18 100.97
CA ASP CB 205 58.39 91.54 101.63
C ASP CB 205 58.90 90.61 102.71
N LYS CB 206 58.27 90.66 103.88
CA LYS CB 206 58.66 89.86 105.03
C LYS CB 206 57.50 88.97 105.46
N ASN CB 207 57.82 87.73 105.81
CA ASN CB 207 56.84 86.74 106.28
C ASN CB 207 57.35 86.13 107.56
N LEU CB 208 56.49 86.11 108.58
CA LEU CB 208 56.83 85.55 109.89
C LEU CB 208 55.68 84.68 110.39
N SER CB 209 56.02 83.69 111.21
CA SER CB 209 55.01 82.82 111.82
C SER CB 209 55.56 82.30 113.14
N ARG CB 210 54.82 82.52 114.22
CA ARG CB 210 55.24 82.11 115.56
C ARG CB 210 54.10 81.32 116.20
N LYS CB 211 54.41 80.12 116.70
CA LYS CB 211 53.42 79.26 117.33
C LYS CB 211 54.00 78.68 118.61
N ILE CB 212 53.34 78.94 119.73
CA ILE CB 212 53.81 78.47 121.04
C ILE CB 212 52.65 77.82 121.78
N GLU CB 213 53.00 77.11 122.86
CA GLU CB 213 52.03 76.39 123.67
C GLU CB 213 52.43 76.47 125.13
N ILE CB 214 51.70 77.26 125.91
CA ILE CB 214 51.95 77.35 127.35
C ILE CB 214 51.41 76.11 128.04
N PRO CB 215 52.11 75.58 129.04
CA PRO CB 215 51.69 74.34 129.68
C PRO CB 215 50.61 74.58 130.72
N PRO CB 216 49.93 73.53 131.17
CA PRO CB 216 48.92 73.70 132.23
C PRO CB 216 49.52 74.27 133.50
N GLY CB 217 48.74 75.11 134.19
CA GLY CB 217 49.16 75.71 135.43
C GLY CB 217 49.74 77.10 135.30
N THR CB 218 49.97 77.58 134.08
CA THR CB 218 50.52 78.91 133.89
C THR CB 218 49.55 79.98 134.38
N ALA CB 219 50.04 80.89 135.21
CA ALA CB 219 49.19 81.94 135.75
C ALA CB 219 48.93 83.00 134.68
N LEU CB 220 47.74 83.58 134.72
CA LEU CB 220 47.35 84.64 133.78
C LEU CB 220 47.12 85.99 134.45
N ALA CB 221 46.47 86.02 135.60
CA ALA CB 221 46.15 87.27 136.27
C ALA CB 221 45.99 87.01 137.75
N TYR CB 222 46.00 88.09 138.54
CA TYR CB 222 45.96 87.96 139.99
C TYR CB 222 45.38 89.21 140.61
N SER CB 223 45.00 89.09 141.88
CA SER CB 223 44.56 90.21 142.69
C SER CB 223 45.22 90.12 144.05
N PHE CB 224 45.48 91.27 144.67
CA PHE CB 224 46.23 91.29 145.91
C PHE CB 224 45.65 92.29 146.88
N MET CB 225 45.99 92.11 148.16
CA MET CB 225 45.55 92.98 149.24
C MET CB 225 46.77 93.67 149.86
N ASP CB 226 46.62 94.95 150.18
CA ASP CB 226 47.74 95.72 150.69
C ASP CB 226 48.03 95.40 152.15
N LEU CB 227 49.25 95.72 152.58
CA LEU CB 227 49.69 95.52 153.95
C LEU CB 227 50.44 96.75 154.43
N GLU CB 228 50.73 96.78 155.73
CA GLU CB 228 51.41 97.90 156.34
C GLU CB 228 52.24 97.40 157.52
N ILE CB 229 53.53 97.74 157.52
CA ILE CB 229 54.44 97.37 158.60
C ILE CB 229 54.27 98.37 159.74
N LEU CB 230 53.98 97.87 160.94
CA LEU CB 230 53.95 98.73 162.11
C LEU CB 230 55.37 99.15 162.49
N GLU CB 231 55.47 99.97 163.54
CA GLU CB 231 56.78 100.30 164.10
C GLU CB 231 57.55 99.03 164.46
N ASP CB 232 56.88 98.09 165.13
CA ASP CB 232 57.43 96.78 165.39
C ASP CB 232 57.33 95.91 164.13
N ARG CB 233 57.72 94.64 164.25
CA ARG CB 233 57.58 93.70 163.15
C ARG CB 233 56.13 93.34 162.85
N SER CB 234 55.18 93.80 163.67
CA SER CB 234 53.78 93.51 163.45
C SER CB 234 53.30 94.03 162.10
N LEU CB 235 52.36 93.30 161.51
CA LEU CB 235 51.78 93.66 160.21
C LEU CB 235 50.29 93.94 160.37
N ARG CB 236 49.79 94.87 159.56
CA ARG CB 236 48.38 95.23 159.56
C ARG CB 236 47.88 95.27 158.13
N VAL CB 237 46.57 95.14 157.96
CA VAL CB 237 45.96 95.20 156.64
C VAL CB 237 45.37 96.59 156.45
N SER CB 238 45.48 97.12 155.24
CA SER CB 238 45.04 98.46 154.92
C SER CB 238 44.04 98.43 153.76
N SER CB 239 43.00 99.26 153.87
CA SER CB 239 41.94 99.30 152.87
C SER CB 239 41.74 100.74 152.41
N SER CB 240 41.99 100.99 151.12
CA SER CB 240 41.70 102.29 150.53
C SER CB 240 40.22 102.38 150.25
N ALA CB 241 39.52 103.19 151.05
CA ALA CB 241 38.05 103.33 150.97
C ALA CB 241 37.36 101.98 151.17
N GLY CB 242 37.96 101.10 151.97
CA GLY CB 242 37.38 99.80 152.24
C GLY CB 242 37.41 98.82 151.10
N ALA CB 243 38.27 99.05 150.10
CA ALA CB 243 38.31 98.16 148.94
C ALA CB 243 38.82 96.77 149.33
N MET CB 244 39.96 96.71 150.00
CA MET CB 244 40.62 95.45 150.37
C MET CB 244 40.91 94.57 149.16
N PHE CB 245 40.90 95.13 147.96
CA PHE CB 245 41.21 94.39 146.74
C PHE CB 245 41.85 95.39 145.78
N ASP CB 246 43.17 95.35 145.68
CA ASP CB 246 43.90 96.31 144.87
C ASP CB 246 44.24 95.69 143.53
N SER CB 247 43.95 96.41 142.45
CA SER CB 247 44.22 95.96 141.10
C SER CB 247 45.35 96.75 140.45
N GLY CB 248 46.17 97.42 141.25
CA GLY CB 248 47.24 98.23 140.70
C GLY CB 248 46.74 99.38 139.86
N LYS CB 249 45.65 100.02 140.29
CA LYS CB 249 45.03 101.12 139.56
C LYS CB 249 45.38 102.44 140.20
N ALA CB 250 45.42 103.49 139.39
CA ALA CB 250 45.67 104.83 139.89
C ALA CB 250 44.53 105.30 140.77
N GLU CB 251 44.84 106.16 141.73
CA GLU CB 251 43.82 106.67 142.65
C GLU CB 251 42.76 107.47 141.90
N SER CB 252 43.20 108.30 140.94
CA SER CB 252 42.29 109.12 140.13
C SER CB 252 41.41 110.01 140.99
CA ARG DB 3 31.64 96.64 125.93
C ARG DB 3 31.78 95.13 126.12
N PRO DB 4 32.18 94.71 127.31
CA PRO DB 4 32.34 93.28 127.58
C PRO DB 4 31.02 92.53 127.39
N MET DB 5 31.14 91.30 126.86
CA MET DB 5 29.95 90.49 126.63
C MET DB 5 29.23 90.17 127.94
N PHE DB 6 29.99 89.90 129.00
CA PHE DB 6 29.37 89.62 130.29
C PHE DB 6 28.57 90.82 130.77
N ALA DB 7 29.12 92.03 130.65
CA ALA DB 7 28.40 93.22 131.07
C ALA DB 7 27.15 93.44 130.22
N VAL DB 8 27.27 93.21 128.91
CA VAL DB 8 26.10 93.38 128.03
C VAL DB 8 25.00 92.39 128.42
N ALA DB 9 25.37 91.13 128.65
CA ALA DB 9 24.39 90.13 129.03
C ALA DB 9 23.76 90.44 130.38
N VAL DB 10 24.56 90.94 131.32
CA VAL DB 10 24.02 91.32 132.63
C VAL DB 10 23.02 92.44 132.48
N ASN DB 11 23.33 93.44 131.65
CA ASN DB 11 22.40 94.54 131.43
C ASN DB 11 21.11 94.04 130.76
N GLU DB 12 21.24 93.15 129.78
CA GLU DB 12 20.05 92.60 129.13
C GLU DB 12 19.17 91.85 130.13
N PHE DB 13 19.79 91.03 130.97
CA PHE DB 13 19.03 90.27 131.96
C PHE DB 13 18.35 91.21 132.96
N ILE DB 14 19.09 92.20 133.46
CA ILE DB 14 18.51 93.08 134.47
C ILE DB 14 17.40 93.94 133.89
N ARG DB 15 17.50 94.28 132.59
CA ARG DB 15 16.40 95.00 131.96
C ARG DB 15 15.17 94.11 131.79
N SER DB 16 15.38 92.89 131.28
CA SER DB 16 14.25 92.00 131.03
C SER DB 16 13.54 91.63 132.33
N ALA DB 17 14.30 91.34 133.38
CA ALA DB 17 13.74 90.97 134.67
C ALA DB 17 14.42 91.76 135.76
N GLY DB 18 13.64 92.28 136.71
CA GLY DB 18 14.19 93.01 137.83
C GLY DB 18 14.90 94.29 137.47
N GLN DB 19 14.27 95.12 136.63
CA GLN DB 19 14.87 96.41 136.29
C GLN DB 19 15.03 97.30 137.51
N ASP DB 20 14.20 97.11 138.52
CA ASP DB 20 14.30 97.83 139.78
C ASP DB 20 14.77 96.88 140.88
N SER DB 21 15.43 97.45 141.88
CA SER DB 21 15.94 96.71 143.04
C SER DB 21 16.87 95.58 142.62
N LEU DB 22 17.83 95.90 141.77
CA LEU DB 22 18.80 94.92 141.31
C LEU DB 22 20.05 95.64 140.82
N CYS DB 23 21.22 95.12 141.19
CA CYS DB 23 22.50 95.71 140.85
C CYS DB 23 23.30 94.74 140.00
N GLY DB 24 23.81 95.22 138.87
CA GLY DB 24 24.62 94.39 138.01
C GLY DB 24 25.94 93.99 138.64
N VAL DB 25 26.47 92.87 138.17
CA VAL DB 25 27.75 92.35 138.66
C VAL DB 25 28.87 92.94 137.79
N PRO DB 26 29.92 93.50 138.40
CA PRO DB 26 30.96 94.16 137.60
C PRO DB 26 31.70 93.23 136.66
N ASP DB 27 32.08 92.04 137.11
CA ASP DB 27 32.86 91.14 136.26
C ASP DB 27 32.72 89.72 136.76
N ILE DB 28 33.12 88.77 135.90
CA ILE DB 28 33.00 87.36 136.22
C ILE DB 28 33.86 87.00 137.43
N ASN DB 29 35.07 87.56 137.51
CA ASN DB 29 35.96 87.24 138.60
C ASN DB 29 35.37 87.62 139.95
N SER DB 30 34.77 88.81 140.03
CA SER DB 30 34.19 89.30 141.27
C SER DB 30 32.73 88.91 141.45
N SER DB 31 32.17 88.14 140.51
CA SER DB 31 30.79 87.69 140.65
C SER DB 31 30.60 86.84 141.89
N GLY DB 32 31.60 86.03 142.24
CA GLY DB 32 31.47 85.13 143.37
C GLY DB 32 31.49 85.80 144.72
N ASP DB 33 31.83 87.08 144.78
CA ASP DB 33 31.88 87.80 146.04
C ASP DB 33 30.57 88.49 146.40
N PHE DB 34 29.53 88.31 145.59
CA PHE DB 34 28.23 88.94 145.82
C PHE DB 34 27.15 87.91 146.12
N MET DB 35 27.52 86.81 146.77
CA MET DB 35 26.56 85.83 147.23
C MET DB 35 25.84 86.34 148.47
N PRO DB 36 24.70 85.75 148.82
CA PRO DB 36 23.95 86.24 149.98
C PRO DB 36 24.76 86.17 151.26
N LEU DB 37 24.47 87.11 152.17
CA LEU DB 37 25.15 87.23 153.45
C LEU DB 37 26.62 87.61 153.27
N HIS DB 38 26.86 88.60 152.41
CA HIS DB 38 28.18 89.17 152.19
C HIS DB 38 28.14 90.66 152.47
N ILE DB 39 29.24 91.17 153.02
CA ILE DB 39 29.36 92.59 153.36
C ILE DB 39 29.98 93.32 152.18
N ILE DB 40 29.40 94.47 151.82
CA ILE DB 40 29.92 95.34 150.78
C ILE DB 40 29.99 96.76 151.33
N VAL DB 41 30.81 97.58 150.68
CA VAL DB 41 31.02 98.97 151.10
C VAL DB 41 30.47 99.88 150.01
N LYS DB 42 29.72 100.89 150.42
CA LYS DB 42 29.13 101.86 149.50
C LYS DB 42 29.77 103.23 149.75
N GLU DB 43 30.20 103.87 148.67
CA GLU DB 43 30.84 105.17 148.70
C GLU DB 43 29.98 106.17 147.95
N VAL DB 44 29.71 107.31 148.57
CA VAL DB 44 28.87 108.35 147.99
C VAL DB 44 29.62 109.04 146.85
N PRO DB 45 28.92 109.59 145.86
CA PRO DB 45 29.63 110.27 144.76
C PRO DB 45 30.49 111.44 145.19
N LYS DB 46 30.07 112.17 146.24
CA LYS DB 46 30.74 113.34 146.80
C LYS DB 46 30.71 114.55 145.88
N VAL DB 47 30.16 114.43 144.67
CA VAL DB 47 30.07 115.55 143.76
C VAL DB 47 28.60 115.87 143.50
N LEU DB 48 27.87 114.89 142.96
CA LEU DB 48 26.44 115.00 142.71
C LEU DB 48 25.76 113.77 143.31
N PRO DB 49 25.63 113.71 144.64
CA PRO DB 49 25.07 112.51 145.26
C PRO DB 49 23.67 112.18 144.79
N CYS DB 50 22.83 113.18 144.53
CA CYS DB 50 21.47 112.94 144.07
C CYS DB 50 21.39 112.70 142.57
N CYS DB 51 22.47 112.91 141.82
CA CYS DB 51 22.47 112.75 140.38
C CYS DB 51 23.32 111.59 139.89
N ARG DB 52 24.21 111.05 140.73
CA ARG DB 52 25.12 109.98 140.34
C ARG DB 52 24.95 108.80 141.26
N ARG DB 53 24.98 107.60 140.70
CA ARG DB 53 24.85 106.39 141.50
C ARG DB 53 26.15 106.15 142.29
N PRO DB 54 26.04 105.61 143.50
CA PRO DB 54 27.24 105.43 144.33
C PRO DB 54 28.17 104.34 143.82
N LYS DB 55 29.29 104.13 144.50
CA LYS DB 55 30.30 103.15 144.11
C LYS DB 55 30.27 101.99 145.10
N ILE DB 56 30.24 100.77 144.57
CA ILE DB 56 30.11 99.56 145.39
C ILE DB 56 31.43 98.80 145.35
N LYS DB 57 31.95 98.46 146.53
CA LYS DB 57 33.22 97.77 146.69
C LYS DB 57 32.98 96.45 147.40
N ARG DB 58 33.52 95.37 146.85
CA ARG DB 58 33.41 94.06 147.46
C ARG DB 58 34.43 93.90 148.58
N THR DB 59 34.08 93.08 149.56
CA THR DB 59 34.96 92.79 150.68
C THR DB 59 34.98 91.29 150.94
N PRO DB 60 36.09 90.76 151.46
CA PRO DB 60 36.18 89.32 151.75
C PRO DB 60 35.68 88.99 153.15
N TYR DB 61 34.43 89.33 153.42
CA TYR DB 61 33.84 89.12 154.73
C TYR DB 61 32.41 88.61 154.60
N THR DB 62 32.01 87.79 155.56
CA THR DB 62 30.63 87.39 155.72
C THR DB 62 30.08 87.99 157.01
N LEU DB 63 28.76 87.83 157.19
CA LEU DB 63 28.11 88.40 158.37
C LEU DB 63 28.66 87.80 159.65
N ASN DB 64 28.84 86.48 159.68
CA ASN DB 64 29.33 85.81 160.89
C ASN DB 64 30.75 86.23 161.21
N ASP DB 65 31.58 86.45 160.18
CA ASP DB 65 32.94 86.91 160.43
C ASP DB 65 32.95 88.35 160.94
N ILE DB 66 32.11 89.21 160.34
CA ILE DB 66 32.12 90.62 160.73
C ILE DB 66 31.50 90.82 162.10
N LEU DB 67 30.63 89.90 162.54
CA LEU DB 67 29.93 90.03 163.80
C LEU DB 67 30.59 89.17 164.88
N ASP DB 68 30.67 89.72 166.09
CA ASP DB 68 31.13 88.95 167.23
C ASP DB 68 30.17 87.79 167.52
N GLU DB 69 28.87 88.05 167.45
CA GLU DB 69 27.87 87.02 167.70
C GLU DB 69 27.40 86.44 166.37
N PRO DB 70 27.49 85.12 166.18
CA PRO DB 70 27.07 84.54 164.90
C PRO DB 70 25.55 84.56 164.73
N CYS DB 71 25.13 84.44 163.49
CA CYS DB 71 23.74 84.43 163.08
C CYS DB 71 23.49 83.21 162.20
N PRO DB 72 22.25 82.73 162.14
CA PRO DB 72 21.95 81.64 161.20
C PRO DB 72 22.21 82.06 159.77
N ASN DB 73 22.70 81.11 158.95
CA ASN DB 73 23.17 81.43 157.61
C ASN DB 73 22.64 80.45 156.55
N GLN DB 74 21.64 79.65 156.86
CA GLN DB 74 21.11 78.71 155.88
C GLN DB 74 20.47 79.45 154.72
N LEU DB 75 20.56 78.86 153.53
CA LEU DB 75 20.08 79.48 152.30
C LEU DB 75 19.08 78.57 151.60
N LYS DB 76 18.40 79.13 150.60
CA LYS DB 76 17.48 78.39 149.76
C LYS DB 76 17.42 79.06 148.40
N SER DB 77 17.12 78.27 147.37
CA SER DB 77 17.08 78.76 146.00
C SER DB 77 15.78 78.33 145.33
N SER DB 78 15.34 79.16 144.39
CA SER DB 78 14.11 78.88 143.63
C SER DB 78 14.21 79.56 142.28
N ASP DB 79 13.46 79.03 141.31
CA ASP DB 79 13.53 79.55 139.95
C ASP DB 79 13.01 80.98 139.88
N LEU DB 80 13.62 81.77 139.00
CA LEU DB 80 13.24 83.16 138.81
C LEU DB 80 12.73 83.45 137.41
N VAL DB 81 13.50 83.10 136.38
CA VAL DB 81 13.12 83.35 134.98
C VAL DB 81 13.84 82.32 134.11
N THR DB 82 13.32 82.13 132.90
CA THR DB 82 13.84 81.13 131.97
C THR DB 82 13.86 81.72 130.57
N PHE DB 83 15.05 81.87 130.00
CA PHE DB 83 15.21 82.33 128.62
C PHE DB 83 15.18 81.12 127.71
N THR DB 84 14.03 80.89 127.09
CA THR DB 84 13.85 79.69 126.26
C THR DB 84 14.74 79.72 125.03
N GLU DB 85 14.92 80.90 124.43
CA GLU DB 85 15.73 81.02 123.24
C GLU DB 85 16.78 82.10 123.42
N PRO DB 86 17.92 81.98 122.74
CA PRO DB 86 19.00 82.96 122.92
C PRO DB 86 18.58 84.36 122.49
N LEU DB 87 19.06 85.35 123.23
CA LEU DB 87 18.93 86.75 122.82
C LEU DB 87 19.87 87.00 121.65
N VAL DB 88 19.32 87.37 120.50
CA VAL DB 88 20.07 87.55 119.27
C VAL DB 88 19.95 88.99 118.83
N SER DB 89 21.08 89.61 118.50
CA SER DB 89 21.12 90.99 118.04
C SER DB 89 21.97 91.10 116.78
N ASN DB 90 21.49 91.86 115.81
CA ASN DB 90 22.19 92.10 114.56
C ASN DB 90 22.19 93.59 114.25
N VAL DB 91 23.35 94.11 113.87
CA VAL DB 91 23.49 95.50 113.43
C VAL DB 91 24.29 95.48 112.13
N LYS DB 92 23.82 96.22 111.14
CA LYS DB 92 24.48 96.27 109.84
C LYS DB 92 24.40 97.69 109.32
N ALA DB 93 25.56 98.35 109.22
CA ALA DB 93 25.63 99.72 108.73
C ALA DB 93 26.52 99.79 107.51
N SER DB 94 26.19 100.70 106.60
CA SER DB 94 27.00 100.91 105.40
C SER DB 94 26.78 102.35 104.92
N SER DB 95 27.88 103.05 104.65
CA SER DB 95 27.80 104.45 104.26
C SER DB 95 28.86 104.74 103.21
N SER DB 96 28.62 105.79 102.43
CA SER DB 96 29.54 106.24 101.40
C SER DB 96 29.46 107.75 101.28
N ILE DB 97 30.61 108.38 101.08
CA ILE DB 97 30.73 109.83 100.96
C ILE DB 97 31.52 110.15 99.70
N GLY DB 98 31.04 111.12 98.94
CA GLY DB 98 31.76 111.59 97.76
C GLY DB 98 31.84 113.09 97.69
N LEU DB 99 33.04 113.65 97.69
CA LEU DB 99 33.26 115.09 97.66
C LEU DB 99 34.04 115.45 96.41
N GLN DB 100 33.59 116.49 95.71
CA GLN DB 100 34.29 116.97 94.52
C GLN DB 100 34.36 118.50 94.57
N ILE DB 101 35.55 119.03 94.37
CA ILE DB 101 35.77 120.47 94.25
C ILE DB 101 36.33 120.71 92.85
N LEU DB 102 35.46 121.14 91.94
CA LEU DB 102 35.80 121.49 90.56
C LEU DB 102 36.49 120.29 89.93
N LYS DB 103 37.61 120.47 89.22
CA LYS DB 103 38.46 119.38 88.78
C LYS DB 103 39.77 119.34 89.57
N HIS DB 104 39.77 119.91 90.77
CA HIS DB 104 40.97 119.99 91.60
C HIS DB 104 40.96 119.02 92.77
N PHE DB 105 39.81 118.72 93.35
CA PHE DB 105 39.74 117.80 94.47
C PHE DB 105 38.67 116.75 94.21
N ASP DB 106 38.96 115.49 94.53
CA ASP DB 106 37.98 114.41 94.34
C ASP DB 106 38.27 113.32 95.36
N SER DB 107 37.42 113.20 96.38
CA SER DB 107 37.60 112.20 97.42
C SER DB 107 36.38 111.29 97.48
N GLY DB 108 36.62 109.99 97.59
CA GLY DB 108 35.55 109.03 97.77
C GLY DB 108 35.84 108.05 98.88
N ALA DB 109 35.01 108.04 99.92
CA ALA DB 109 35.19 107.18 101.06
C ALA DB 109 33.96 106.29 101.23
N LYS DB 110 34.16 105.14 101.87
CA LYS DB 110 33.05 104.24 102.14
C LYS DB 110 33.42 103.36 103.31
N GLY DB 111 32.40 102.97 104.07
CA GLY DB 111 32.60 102.13 105.23
C GLY DB 111 31.43 101.20 105.43
N SER DB 112 31.69 100.08 106.09
CA SER DB 112 30.65 99.10 106.39
C SER DB 112 30.99 98.39 107.69
N LYS DB 113 29.95 97.94 108.39
CA LYS DB 113 30.12 97.27 109.66
C LYS DB 113 28.99 96.27 109.86
N ASN DB 114 29.34 95.09 110.36
CA ASN DB 114 28.38 94.02 110.65
C ASN DB 114 28.71 93.45 112.01
N PHE DB 115 27.75 93.53 112.93
CA PHE DB 115 27.94 93.15 114.33
C PHE DB 115 26.84 92.19 114.73
N ILE DB 116 27.21 91.03 115.26
CA ILE DB 116 26.26 89.99 115.64
C ILE DB 116 26.54 89.54 117.06
N THR DB 117 25.49 89.40 117.86
CA THR DB 117 25.62 89.00 119.25
C THR DB 117 24.57 87.93 119.57
N SER DB 118 24.96 86.95 120.38
CA SER DB 118 24.05 85.91 120.84
C SER DB 118 24.37 85.55 122.28
N ALA DB 119 23.35 85.56 123.13
CA ALA DB 119 23.52 85.22 124.54
C ALA DB 119 22.49 84.16 124.93
N SER DB 120 22.96 83.06 125.49
CA SER DB 120 22.12 81.96 125.94
C SER DB 120 22.37 81.78 127.43
N LEU DB 121 21.44 82.29 128.24
CA LEU DB 121 21.54 82.23 129.69
C LEU DB 121 20.80 81.06 130.30
N GLY DB 122 20.01 80.32 129.52
CA GLY DB 122 19.32 79.17 130.06
C GLY DB 122 18.33 79.57 131.14
N THR DB 123 18.48 78.97 132.32
CA THR DB 123 17.60 79.21 133.46
C THR DB 123 18.36 79.99 134.52
N VAL DB 124 17.70 81.00 135.09
CA VAL DB 124 18.28 81.82 136.16
C VAL DB 124 17.48 81.56 137.43
N VAL DB 125 18.18 81.25 138.52
CA VAL DB 125 17.56 81.01 139.80
C VAL DB 125 17.95 82.13 140.76
N LYS DB 126 17.23 82.22 141.87
CA LYS DB 126 17.49 83.21 142.91
C LYS DB 126 17.77 82.48 144.21
N ALA DB 127 18.83 82.89 144.89
CA ALA DB 127 19.24 82.31 146.16
C ALA DB 127 19.18 83.39 147.24
N GLU DB 128 18.65 83.00 148.40
CA GLU DB 128 18.44 83.94 149.50
C GLU DB 128 18.30 83.17 150.80
N THR DB 129 18.48 83.88 151.90
CA THR DB 129 18.35 83.27 153.21
C THR DB 129 16.95 82.69 153.42
N ILE DB 130 16.88 81.57 154.11
CA ILE DB 130 15.59 80.93 154.37
C ILE DB 130 14.69 81.85 155.18
N ASP DB 131 15.24 82.48 156.22
CA ASP DB 131 14.50 83.42 157.05
C ASP DB 131 15.36 84.66 157.25
N ILE DB 132 14.88 85.79 156.75
CA ILE DB 132 15.63 87.05 156.88
C ILE DB 132 15.29 87.77 158.17
N THR DB 133 14.10 87.57 158.71
CA THR DB 133 13.71 88.24 159.94
C THR DB 133 14.61 87.85 161.10
N LYS DB 134 14.93 86.55 161.22
CA LYS DB 134 15.83 86.10 162.27
C LYS DB 134 17.22 86.71 162.12
N VAL DB 135 17.72 86.75 160.89
CA VAL DB 135 19.03 87.34 160.64
C VAL DB 135 19.03 88.81 161.04
N LEU DB 136 17.98 89.54 160.66
CA LEU DB 136 17.89 90.95 161.02
C LEU DB 136 17.83 91.15 162.53
N ALA DB 137 17.04 90.33 163.22
CA ALA DB 137 16.94 90.45 164.67
C ALA DB 137 18.30 90.22 165.32
N LYS DB 138 18.98 89.13 164.92
CA LYS DB 138 20.29 88.83 165.50
C LYS DB 138 21.30 89.93 165.19
N VAL DB 139 21.27 90.47 163.98
CA VAL DB 139 22.16 91.59 163.64
C VAL DB 139 21.93 92.76 164.57
N ARG DB 140 20.66 93.13 164.74
CA ARG DB 140 20.33 94.27 165.60
C ARG DB 140 20.76 94.04 167.04
N THR DB 141 20.68 92.79 167.51
CA THR DB 141 21.07 92.50 168.88
C THR DB 141 22.53 92.09 169.02
N ALA DB 142 23.30 92.07 167.93
CA ALA DB 142 24.68 91.60 167.96
C ALA DB 142 25.64 92.76 167.70
N LYS DB 143 26.83 92.67 168.29
CA LYS DB 143 27.88 93.66 168.11
C LYS DB 143 28.92 93.19 167.11
N ALA DB 144 29.49 94.15 166.37
CA ALA DB 144 30.50 93.85 165.38
C ALA DB 144 31.82 93.44 166.04
N LYS DB 145 32.74 92.93 165.22
CA LYS DB 145 34.03 92.49 165.71
C LYS DB 145 34.92 93.69 166.00
N VAL DB 146 35.36 93.82 167.26
CA VAL DB 146 36.22 94.93 167.64
C VAL DB 146 37.56 94.85 166.91
N GLU DB 147 38.09 93.63 166.74
CA GLU DB 147 39.36 93.45 166.04
C GLU DB 147 39.30 93.94 164.61
N ASN DB 148 38.16 93.77 163.93
CA ASN DB 148 38.06 94.12 162.52
C ASN DB 148 38.37 95.59 162.29
N ASP DB 149 39.17 95.87 161.26
CA ASP DB 149 39.57 97.23 160.92
C ASP DB 149 38.58 97.90 159.99
N LEU DB 150 37.98 97.14 159.07
CA LEU DB 150 37.02 97.69 158.12
C LEU DB 150 35.86 98.38 158.83
N VAL DB 151 35.32 97.72 159.87
CA VAL DB 151 34.21 98.30 160.62
C VAL DB 151 34.60 99.63 161.24
N SER DB 152 35.79 99.68 161.84
CA SER DB 152 36.25 100.92 162.44
C SER DB 152 36.43 102.01 161.39
N ARG DB 153 37.00 101.66 160.24
CA ARG DB 153 37.14 102.63 159.16
C ARG DB 153 35.79 103.20 158.75
N VAL DB 154 34.81 102.33 158.52
CA VAL DB 154 33.48 102.79 158.11
C VAL DB 154 32.84 103.62 159.21
N MET DB 155 33.08 103.28 160.48
CA MET DB 155 32.52 104.05 161.58
C MET DB 155 33.11 105.46 161.62
N LYS DB 156 34.43 105.58 161.47
CA LYS DB 156 35.05 106.89 161.57
C LYS DB 156 34.76 107.75 160.34
N THR DB 157 34.67 107.13 159.17
CA THR DB 157 34.37 107.88 157.96
C THR DB 157 32.85 108.10 157.83
N LYS DB 158 32.49 109.17 157.13
CA LYS DB 158 31.08 109.51 156.92
C LYS DB 158 30.56 109.11 155.56
N ARG DB 159 31.41 109.04 154.55
CA ARG DB 159 30.94 108.64 153.22
C ARG DB 159 30.67 107.15 153.15
N LEU DB 160 31.52 106.34 153.77
CA LEU DB 160 31.40 104.90 153.66
C LEU DB 160 30.17 104.38 154.40
N CYS DB 161 29.51 103.41 153.79
CA CYS DB 161 28.38 102.73 154.40
C CYS DB 161 28.51 101.23 154.18
N LEU DB 162 27.91 100.44 155.07
CA LEU DB 162 27.97 98.99 154.98
C LEU DB 162 26.65 98.44 154.42
N GLY DB 163 26.75 97.39 153.62
CA GLY DB 163 25.57 96.76 153.07
C GLY DB 163 25.65 95.25 153.10
N LEU DB 164 24.56 94.60 153.52
CA LEU DB 164 24.48 93.15 153.58
C LEU DB 164 23.69 92.65 152.38
N VAL DB 165 24.30 91.76 151.61
CA VAL DB 165 23.64 91.21 150.42
C VAL DB 165 22.64 90.14 150.86
N VAL DB 166 21.42 90.22 150.34
CA VAL DB 166 20.33 89.37 150.80
C VAL DB 166 19.77 88.46 149.72
N GLU DB 167 19.98 88.74 148.43
CA GLU DB 167 19.48 87.86 147.39
C GLU DB 167 20.38 87.97 146.18
N THR DB 168 20.56 86.86 145.48
CA THR DB 168 21.46 86.81 144.33
C THR DB 168 20.87 85.98 143.21
N ALA DB 169 21.03 86.45 141.98
CA ALA DB 169 20.56 85.74 140.80
C ALA DB 169 21.74 85.03 140.14
N CYS DB 170 21.62 83.71 139.96
CA CYS DB 170 22.70 82.89 139.45
C CYS DB 170 22.18 81.97 138.35
N VAL DB 171 23.04 81.69 137.36
CA VAL DB 171 22.67 80.81 136.27
C VAL DB 171 22.70 79.37 136.78
N ALA DB 172 21.63 78.62 136.48
CA ALA DB 172 21.58 77.22 136.91
C ALA DB 172 22.53 76.35 136.11
N ALA DB 173 22.66 76.61 134.81
CA ALA DB 173 23.51 75.82 133.94
C ALA DB 173 24.49 76.74 133.22
N ALA DB 174 25.33 76.15 132.37
CA ALA DB 174 26.34 76.92 131.66
C ALA DB 174 25.69 77.91 130.70
N GLY DB 175 26.26 79.11 130.62
CA GLY DB 175 25.76 80.16 129.75
C GLY DB 175 26.75 80.47 128.65
N LYS DB 176 26.25 80.64 127.43
CA LYS DB 176 27.08 80.81 126.25
C LYS DB 176 26.94 82.22 125.68
N LEU DB 177 28.06 82.88 125.44
CA LEU DB 177 28.07 84.24 124.90
C LEU DB 177 28.94 84.27 123.66
N THR DB 178 28.37 84.68 122.52
CA THR DB 178 29.07 84.70 121.25
C THR DB 178 28.94 86.08 120.60
N GLU DB 179 30.03 86.57 120.03
CA GLU DB 179 30.08 87.87 119.37
C GLU DB 179 30.92 87.78 118.11
N ALA DB 180 30.43 88.40 117.04
CA ALA DB 180 31.15 88.45 115.77
C ALA DB 180 31.13 89.87 115.23
N ASP DB 181 32.28 90.34 114.74
CA ASP DB 181 32.43 91.70 114.24
C ASP DB 181 33.17 91.63 112.91
N ASN DB 182 32.68 92.38 111.91
CA ASN DB 182 33.35 92.49 110.62
C ASN DB 182 33.14 93.90 110.11
N TRP DB 183 34.21 94.69 110.05
CA TRP DB 183 34.05 96.04 109.53
C TRP DB 183 35.17 96.37 108.54
N GLU DB 184 34.87 97.32 107.65
CA GLU DB 184 35.73 97.60 106.51
C GLU DB 184 35.67 99.07 106.15
N ILE DB 185 36.82 99.64 105.77
CA ILE DB 185 36.94 101.03 105.35
C ILE DB 185 37.71 101.07 104.04
N SER DB 186 37.20 101.82 103.07
CA SER DB 186 37.89 102.01 101.79
C SER DB 186 37.82 103.49 101.41
N GLY DB 187 38.98 104.13 101.30
CA GLY DB 187 39.04 105.54 101.00
C GLY DB 187 39.97 105.82 99.84
N HIS DB 188 39.67 106.90 99.12
CA HIS DB 188 40.44 107.31 97.95
C HIS DB 188 40.45 108.82 97.86
N THR DB 189 41.59 109.38 97.51
CA THR DB 189 41.78 110.83 97.42
C THR DB 189 42.54 111.16 96.15
N ASN DB 190 42.09 112.18 95.42
CA ASN DB 190 42.74 112.64 94.20
C ASN DB 190 42.82 114.16 94.25
N ALA DB 191 44.03 114.68 94.41
CA ALA DB 191 44.28 116.12 94.40
C ALA DB 191 45.01 116.45 93.10
N ASN DB 192 44.29 117.06 92.16
CA ASN DB 192 44.85 117.46 90.87
C ASN DB 192 45.13 118.95 90.89
N ILE DB 193 46.38 119.32 90.63
CA ILE DB 193 46.80 120.71 90.55
C ILE DB 193 47.53 120.89 89.23
N GLY DB 194 47.68 122.15 88.82
CA GLY DB 194 48.31 122.44 87.54
C GLY DB 194 49.70 121.85 87.41
N GLU DB 195 50.45 121.78 88.52
CA GLU DB 195 51.81 121.25 88.50
C GLU DB 195 51.98 120.06 89.44
N ALA DB 196 50.92 119.53 90.02
CA ALA DB 196 51.02 118.43 90.95
C ALA DB 196 49.79 117.55 90.84
N VAL DB 197 50.01 116.23 90.89
CA VAL DB 197 48.93 115.24 90.89
C VAL DB 197 49.22 114.25 92.00
N VAL DB 198 48.28 114.10 92.94
CA VAL DB 198 48.41 113.17 94.05
C VAL DB 198 47.22 112.22 94.03
N THR DB 199 47.49 110.92 94.08
CA THR DB 199 46.45 109.90 94.08
C THR DB 199 46.74 108.90 95.19
N ALA DB 200 45.94 108.95 96.26
CA ALA DB 200 46.12 108.09 97.41
C ALA DB 200 44.92 107.16 97.57
N THR DB 201 45.17 105.96 98.07
CA THR DB 201 44.12 104.97 98.27
C THR DB 201 44.48 104.13 99.49
N ALA DB 202 43.47 103.79 100.29
CA ALA DB 202 43.69 102.98 101.49
C ALA DB 202 42.48 102.09 101.74
N GLU DB 203 42.73 100.79 101.91
CA GLU DB 203 41.69 99.83 102.22
C GLU DB 203 42.10 99.01 103.42
N LEU DB 204 41.15 98.79 104.33
CA LEU DB 204 41.42 97.91 105.46
C LEU DB 204 40.11 97.27 105.93
N ASP DB 205 40.24 96.16 106.64
CA ASP DB 205 39.08 95.45 107.15
C ASP DB 205 39.51 94.56 108.30
N LYS DB 206 38.73 94.56 109.38
CA LYS DB 206 39.01 93.79 110.57
C LYS DB 206 37.86 92.84 110.86
N ASN DB 207 38.22 91.62 111.26
CA ASN DB 207 37.26 90.57 111.61
C ASN DB 207 37.63 90.00 112.96
N LEU DB 208 36.65 89.93 113.87
CA LEU DB 208 36.86 89.39 115.21
C LEU DB 208 35.71 88.45 115.57
N SER DB 209 36.00 87.49 116.44
CA SER DB 209 34.99 86.57 116.93
C SER DB 209 35.40 86.09 118.32
N ARG DB 210 34.51 86.26 119.30
CA ARG DB 210 34.77 85.87 120.67
C ARG DB 210 33.63 85.02 121.18
N LYS DB 211 33.94 83.84 121.73
CA LYS DB 211 32.93 82.92 122.23
C LYS DB 211 33.39 82.39 123.58
N ILE DB 212 32.57 82.61 124.62
CA ILE DB 212 32.90 82.17 125.97
C ILE DB 212 31.70 81.46 126.57
N GLU DB 213 31.96 80.77 127.69
CA GLU DB 213 30.93 79.99 128.38
C GLU DB 213 31.14 80.11 129.88
N ILE DB 214 30.27 80.84 130.55
CA ILE DB 214 30.32 80.96 132.01
C ILE DB 214 29.79 79.68 132.64
N PRO DB 215 30.38 79.21 133.72
CA PRO DB 215 29.97 77.94 134.32
C PRO DB 215 28.75 78.11 135.21
N PRO DB 216 28.09 77.03 135.58
CA PRO DB 216 26.94 77.14 136.50
C PRO DB 216 27.34 77.75 137.84
N GLY DB 217 26.43 78.53 138.40
CA GLY DB 217 26.64 79.17 139.69
C GLY DB 217 27.14 80.59 139.62
N THR DB 218 27.50 81.09 138.43
CA THR DB 218 27.98 82.45 138.30
C THR DB 218 26.89 83.45 138.64
N ALA DB 219 27.21 84.39 139.53
CA ALA DB 219 26.23 85.39 139.93
C ALA DB 219 26.05 86.43 138.84
N LEU DB 220 24.82 86.93 138.71
CA LEU DB 220 24.49 87.96 137.72
C LEU DB 220 24.11 89.29 138.34
N ALA DB 221 23.31 89.29 139.40
CA ALA DB 221 22.83 90.52 140.01
C ALA DB 221 22.48 90.25 141.46
N TYR DB 222 22.33 91.33 142.22
CA TYR DB 222 22.13 91.20 143.66
C TYR DB 222 21.39 92.41 144.18
N SER DB 223 20.86 92.27 145.40
CA SER DB 223 20.24 93.36 146.14
C SER DB 223 20.74 93.32 147.57
N PHE DB 224 20.84 94.49 148.21
CA PHE DB 224 21.43 94.56 149.53
C PHE DB 224 20.65 95.53 150.41
N MET DB 225 20.85 95.37 151.72
CA MET DB 225 20.23 96.22 152.73
C MET DB 225 21.30 96.98 153.48
N ASP DB 226 21.03 98.25 153.77
CA ASP DB 226 22.03 99.10 154.41
C ASP DB 226 22.15 98.80 155.90
N LEU DB 227 23.28 99.20 156.48
CA LEU DB 227 23.56 99.03 157.89
C LEU DB 227 24.16 100.31 158.45
N GLU DB 228 24.28 100.36 159.77
CA GLU DB 228 24.81 101.53 160.47
C GLU DB 228 25.52 101.09 161.74
N ILE DB 229 26.76 101.51 161.90
CA ILE DB 229 27.55 101.20 163.09
C ILE DB 229 27.17 102.19 164.19
N LEU DB 230 26.76 101.67 165.34
CA LEU DB 230 26.53 102.54 166.50
C LEU DB 230 27.86 103.05 167.04
N GLU DB 231 27.78 103.87 168.09
CA GLU DB 231 28.99 104.29 168.81
C GLU DB 231 29.77 103.07 169.27
N ASP DB 232 29.09 102.10 169.86
CA ASP DB 232 29.68 100.83 170.21
C ASP DB 232 29.81 99.95 168.95
N ARG DB 233 30.25 98.71 169.15
CA ARG DB 233 30.32 97.76 168.04
C ARG DB 233 28.94 97.31 167.57
N SER DB 234 27.88 97.70 168.25
CA SER DB 234 26.52 97.32 167.86
C SER DB 234 26.20 97.80 166.45
N LEU DB 235 25.38 97.02 165.76
CA LEU DB 235 24.95 97.33 164.40
C LEU DB 235 23.43 97.52 164.36
N ARG DB 236 22.98 98.41 163.48
CA ARG DB 236 21.56 98.68 163.29
C ARG DB 236 21.24 98.68 161.81
N VAL DB 237 19.98 98.47 161.49
CA VAL DB 237 19.54 98.49 160.09
C VAL DB 237 18.89 99.83 159.81
N SER DB 238 19.12 100.36 158.62
CA SER DB 238 18.64 101.67 158.23
C SER DB 238 17.80 101.58 156.97
N SER DB 239 16.71 102.33 156.92
CA SER DB 239 15.78 102.30 155.79
C SER DB 239 15.56 103.72 155.30
N SER DB 240 15.95 103.98 154.06
CA SER DB 240 15.66 105.26 153.41
C SER DB 240 14.21 105.26 152.95
N ALA DB 241 13.37 106.02 153.64
CA ALA DB 241 11.93 106.06 153.38
C ALA DB 241 11.30 104.67 153.50
N GLY DB 242 11.84 103.84 154.38
CA GLY DB 242 11.32 102.51 154.60
C GLY DB 242 11.56 101.52 153.47
N ALA DB 243 12.52 101.81 152.59
CA ALA DB 243 12.76 100.92 151.45
C ALA DB 243 13.30 99.57 151.92
N MET DB 244 14.35 99.58 152.73
CA MET DB 244 15.04 98.37 153.20
C MET DB 244 15.54 97.50 152.04
N PHE DB 245 15.63 98.06 150.84
CA PHE DB 245 16.15 97.34 149.68
C PHE DB 245 16.85 98.37 148.80
N ASP DB 246 18.16 98.42 148.87
CA ASP DB 246 18.94 99.42 148.15
C ASP DB 246 19.48 98.81 146.87
N SER DB 247 19.27 99.52 145.76
CA SER DB 247 19.75 99.08 144.45
C SER DB 247 20.90 99.93 143.94
N GLY DB 248 21.58 100.66 144.83
CA GLY DB 248 22.65 101.54 144.41
C GLY DB 248 22.18 102.65 143.50
N LYS DB 249 21.00 103.21 143.78
CA LYS DB 249 20.42 104.27 142.96
C LYS DB 249 20.60 105.62 143.64
N ALA DB 250 20.67 106.66 142.82
CA ALA DB 250 20.78 108.01 143.34
C ALA DB 250 19.49 108.42 144.05
N GLU DB 251 19.64 109.30 145.04
CA GLU DB 251 18.48 109.74 145.81
C GLU DB 251 17.48 110.48 144.93
N SER DB 252 17.97 111.32 144.02
CA SER DB 252 17.13 112.08 143.09
C SER DB 252 16.09 112.92 143.83
CA ARG EB 3 9.16 98.90 127.82
C ARG EB 3 9.39 97.40 128.03
N PRO EB 4 9.65 97.02 129.28
CA PRO EB 4 9.86 95.60 129.58
C PRO EB 4 8.64 94.76 129.23
N MET EB 5 8.89 93.55 128.74
CA MET EB 5 7.80 92.66 128.36
C MET EB 5 6.94 92.30 129.58
N PHE EB 6 7.58 92.08 130.73
CA PHE EB 6 6.81 91.77 131.93
C PHE EB 6 5.88 92.92 132.30
N ALA EB 7 6.37 94.15 132.23
CA ALA EB 7 5.52 95.30 132.55
C ALA EB 7 4.39 95.43 131.54
N VAL EB 8 4.67 95.21 130.25
CA VAL EB 8 3.62 95.30 129.24
C VAL EB 8 2.55 94.24 129.49
N ALA EB 9 2.96 93.01 129.79
CA ALA EB 9 2.01 91.95 130.04
C ALA EB 9 1.19 92.23 131.30
N VAL EB 10 1.83 92.78 132.34
CA VAL EB 10 1.11 93.12 133.55
C VAL EB 10 0.06 94.18 133.27
N ASN EB 11 0.42 95.20 132.48
CA ASN EB 11 -0.55 96.22 132.11
C ASN EB 11 -1.70 95.65 131.31
N GLU EB 12 -1.39 94.76 130.36
CA GLU EB 12 -2.46 94.13 129.57
C GLU EB 12 -3.40 93.33 130.45
N PHE EB 13 -2.85 92.55 131.37
CA PHE EB 13 -3.68 91.75 132.27
C PHE EB 13 -4.53 92.64 133.16
N ILE EB 14 -3.94 93.69 133.74
CA ILE EB 14 -4.69 94.53 134.66
C ILE EB 14 -5.77 95.32 133.94
N ARG EB 15 -5.53 95.66 132.66
CA ARG EB 15 -6.58 96.30 131.88
C ARG EB 15 -7.72 95.33 131.57
N SER EB 16 -7.37 94.13 131.10
CA SER EB 16 -8.40 93.17 130.73
C SER EB 16 -9.25 92.76 131.92
N ALA EB 17 -8.62 92.52 133.06
CA ALA EB 17 -9.31 92.12 134.28
C ALA EB 17 -8.82 92.96 135.45
N GLY EB 18 -9.74 93.43 136.27
CA GLY EB 18 -9.38 94.19 137.45
C GLY EB 18 -8.72 95.52 137.17
N GLN EB 19 -9.28 96.31 136.25
CA GLN EB 19 -8.74 97.63 135.97
C GLN EB 19 -8.79 98.53 137.20
N ASP EB 20 -9.73 98.29 138.09
CA ASP EB 20 -9.83 99.02 139.34
C ASP EB 20 -9.45 98.10 140.51
N SER EB 21 -8.95 98.72 141.57
CA SER EB 21 -8.57 98.01 142.80
C SER EB 21 -7.51 96.95 142.51
N LEU EB 22 -6.47 97.33 141.78
CA LEU EB 22 -5.38 96.41 141.46
C LEU EB 22 -4.13 97.21 141.14
N CYS EB 23 -3.00 96.77 141.65
CA CYS EB 23 -1.72 97.44 141.47
C CYS EB 23 -0.76 96.51 140.74
N GLY EB 24 -0.13 97.03 139.68
CA GLY EB 24 0.82 96.24 138.93
C GLY EB 24 2.07 95.93 139.74
N VAL EB 25 2.73 94.85 139.35
CA VAL EB 25 3.98 94.41 139.99
C VAL EB 25 5.16 95.07 139.28
N PRO EB 26 6.07 95.70 140.00
CA PRO EB 26 7.16 96.42 139.33
C PRO EB 26 8.08 95.54 138.50
N ASP EB 27 8.48 94.38 139.01
CA ASP EB 27 9.41 93.53 138.28
C ASP EB 27 9.31 92.10 138.78
N ILE EB 28 9.86 91.18 137.99
CA ILE EB 28 9.79 89.76 138.31
C ILE EB 28 10.51 89.47 139.61
N ASN EB 29 11.66 90.10 139.83
CA ASN EB 29 12.43 89.84 141.04
C ASN EB 29 11.64 90.19 142.30
N SER EB 30 10.97 91.34 142.28
CA SER EB 30 10.21 91.80 143.44
C SER EB 30 8.76 91.30 143.43
N SER EB 31 8.37 90.50 142.44
CA SER EB 31 7.03 89.97 142.40
C SER EB 31 6.74 89.11 143.62
N GLY EB 32 7.73 88.36 144.11
CA GLY EB 32 7.51 87.46 145.22
C GLY EB 32 7.32 88.13 146.56
N ASP EB 33 7.56 89.44 146.65
CA ASP EB 33 7.41 90.17 147.90
C ASP EB 33 6.02 90.77 148.08
N PHE EB 34 5.10 90.51 147.14
CA PHE EB 34 3.75 91.06 147.20
C PHE EB 34 2.70 89.96 147.37
N MET EB 35 3.07 88.90 148.07
CA MET EB 35 2.12 87.86 148.41
C MET EB 35 1.22 88.33 149.55
N PRO EB 36 0.07 87.67 149.77
CA PRO EB 36 -0.85 88.11 150.82
C PRO EB 36 -0.20 88.10 152.19
N LEU EB 37 -0.66 89.01 153.04
CA LEU EB 37 -0.16 89.19 154.41
C LEU EB 37 1.30 89.66 154.40
N HIS EB 38 1.58 90.66 153.56
CA HIS EB 38 2.88 91.31 153.51
C HIS EB 38 2.71 92.80 153.78
N ILE EB 39 3.68 93.38 154.45
CA ILE EB 39 3.68 94.80 154.78
C ILE EB 39 4.40 95.57 153.68
N ILE EB 40 3.79 96.68 153.24
CA ILE EB 40 4.40 97.58 152.26
C ILE EB 40 4.30 98.99 152.79
N VAL EB 41 5.15 99.87 152.25
CA VAL EB 41 5.20 101.27 152.67
C VAL EB 41 4.74 102.14 151.52
N LYS EB 42 3.87 103.10 151.82
CA LYS EB 42 3.36 104.03 150.82
C LYS EB 42 3.86 105.43 151.12
N GLU EB 43 4.40 106.10 150.11
CA GLU EB 43 4.94 107.45 150.21
C GLU EB 43 4.12 108.37 149.34
N VAL EB 44 3.71 109.50 149.91
CA VAL EB 44 2.87 110.48 149.21
C VAL EB 44 3.72 111.22 148.17
N PRO EB 45 3.12 111.72 147.09
CA PRO EB 45 3.92 112.44 146.08
C PRO EB 45 4.63 113.66 146.61
N LYS EB 46 4.04 114.37 147.58
CA LYS EB 46 4.56 115.58 148.22
C LYS EB 46 4.57 116.78 147.28
N VAL EB 47 4.19 116.62 146.02
CA VAL EB 47 4.15 117.74 145.09
C VAL EB 47 2.71 117.95 144.63
N LEU EB 48 2.11 116.93 144.02
CA LEU EB 48 0.72 116.95 143.60
C LEU EB 48 0.05 115.68 144.11
N PRO EB 49 -0.25 115.61 145.41
CA PRO EB 49 -0.80 114.38 145.98
C PRO EB 49 -2.11 113.95 145.33
N CYS EB 50 -2.96 114.90 144.96
CA CYS EB 50 -4.24 114.57 144.34
C CYS EB 50 -4.12 114.32 142.83
N CYS EB 51 -2.96 114.61 142.23
CA CYS EB 51 -2.77 114.43 140.80
C CYS EB 51 -1.78 113.33 140.44
N ARG EB 52 -0.99 112.85 141.39
CA ARG EB 52 0.03 111.85 141.13
C ARG EB 52 -0.18 110.66 142.05
N ARG EB 53 -0.01 109.45 141.50
CA ARG EB 53 -0.14 108.25 142.29
C ARG EB 53 1.04 108.09 143.24
N PRO EB 54 0.82 107.55 144.43
CA PRO EB 54 1.92 107.45 145.42
C PRO EB 54 2.97 106.42 145.03
N LYS EB 55 4.00 106.29 145.85
CA LYS EB 55 5.11 105.37 145.61
C LYS EB 55 5.03 104.21 146.59
N ILE EB 56 5.15 103.00 146.08
CA ILE EB 56 5.00 101.79 146.89
C ILE EB 56 6.35 101.11 147.03
N LYS EB 57 6.73 100.81 148.26
CA LYS EB 57 8.01 100.21 148.60
C LYS EB 57 7.77 98.88 149.29
N ARG EB 58 8.45 97.83 148.82
CA ARG EB 58 8.34 96.52 149.43
C ARG EB 58 9.23 96.43 150.67
N THR EB 59 8.80 95.59 151.61
CA THR EB 59 9.55 95.36 152.83
C THR EB 59 9.63 93.86 153.10
N PRO EB 60 10.70 93.40 153.76
CA PRO EB 60 10.84 91.97 154.08
C PRO EB 60 10.20 91.62 155.41
N TYR EB 61 8.89 91.88 155.52
CA TYR EB 61 8.17 91.64 156.76
C TYR EB 61 6.80 91.03 156.44
N THR EB 62 6.32 90.20 157.36
CA THR EB 62 4.96 89.70 157.35
C THR EB 62 4.22 90.27 158.54
N LEU EB 63 2.90 90.03 158.56
CA LEU EB 63 2.07 90.56 159.63
C LEU EB 63 2.49 90.00 160.99
N ASN EB 64 2.74 88.69 161.05
CA ASN EB 64 3.12 88.06 162.32
C ASN EB 64 4.47 88.57 162.81
N ASP EB 65 5.39 88.84 161.90
CA ASP EB 65 6.68 89.39 162.32
C ASP EB 65 6.54 90.83 162.79
N ILE EB 66 5.73 91.63 162.10
CA ILE EB 66 5.60 93.04 162.46
C ILE EB 66 4.80 93.20 163.75
N LEU EB 67 3.94 92.23 164.08
CA LEU EB 67 3.08 92.32 165.24
C LEU EB 67 3.64 91.51 166.40
N ASP EB 68 3.53 92.07 167.60
CA ASP EB 68 3.90 91.33 168.80
C ASP EB 68 2.99 90.12 168.98
N GLU EB 69 1.70 90.29 168.75
CA GLU EB 69 0.73 89.20 168.88
C GLU EB 69 0.47 88.58 167.51
N PRO EB 70 0.67 87.27 167.34
CA PRO EB 70 0.45 86.66 166.03
C PRO EB 70 -1.03 86.58 165.67
N CYS EB 71 -1.27 86.43 164.38
CA CYS EB 71 -2.60 86.33 163.80
C CYS EB 71 -2.65 85.10 162.91
N PRO EB 72 -3.85 84.54 162.70
CA PRO EB 72 -3.96 83.42 161.75
C PRO EB 72 -3.54 83.86 160.35
N ASN EB 73 -2.90 82.94 159.62
CA ASN EB 73 -2.29 83.28 158.34
C ASN EB 73 -2.60 82.27 157.24
N GLN EB 74 -3.59 81.40 157.42
CA GLN EB 74 -3.93 80.43 156.39
C GLN EB 74 -4.46 81.13 155.15
N LEU EB 75 -4.19 80.54 153.99
CA LEU EB 75 -4.55 81.12 152.70
C LEU EB 75 -5.39 80.14 151.89
N LYS EB 76 -5.97 80.65 150.81
CA LYS EB 76 -6.72 79.85 149.87
C LYS EB 76 -6.65 80.51 148.50
N SER EB 77 -6.77 79.70 147.45
CA SER EB 77 -6.66 80.19 146.09
C SER EB 77 -7.83 79.67 145.26
N SER EB 78 -8.21 80.47 144.26
CA SER EB 78 -9.30 80.11 143.36
C SER EB 78 -9.09 80.79 142.02
N ASP EB 79 -9.67 80.21 140.98
CA ASP EB 79 -9.45 80.73 139.63
C ASP EB 79 -10.05 82.12 139.47
N LEU EB 80 -9.39 82.94 138.67
CA LEU EB 80 -9.82 84.31 138.41
C LEU EB 80 -10.17 84.56 136.95
N VAL EB 81 -9.26 84.25 136.03
CA VAL EB 81 -9.47 84.48 134.61
C VAL EB 81 -8.58 83.49 133.84
N THR EB 82 -8.94 83.27 132.58
CA THR EB 82 -8.23 82.30 131.74
C THR EB 82 -8.08 82.88 130.33
N PHE EB 83 -6.83 83.11 129.92
CA PHE EB 83 -6.53 83.57 128.57
C PHE EB 83 -6.37 82.36 127.67
N THR EB 84 -7.42 82.05 126.91
CA THR EB 84 -7.40 80.84 126.09
C THR EB 84 -6.37 80.92 124.97
N GLU EB 85 -6.18 82.11 124.39
CA GLU EB 85 -5.25 82.28 123.30
C GLU EB 85 -4.29 83.42 123.61
N PRO EB 86 -3.07 83.38 123.08
CA PRO EB 86 -2.09 84.43 123.39
C PRO EB 86 -2.55 85.79 122.89
N LEU EB 87 -2.23 86.82 123.67
CA LEU EB 87 -2.39 88.20 123.23
C LEU EB 87 -1.33 88.51 122.19
N VAL EB 88 -1.75 88.84 120.97
CA VAL EB 88 -0.86 89.06 119.85
C VAL EB 88 -1.02 90.49 119.37
N SER EB 89 0.10 91.18 119.17
CA SER EB 89 0.12 92.56 118.72
C SER EB 89 1.11 92.72 117.58
N ASN EB 90 0.70 93.44 116.54
CA ASN EB 90 1.55 93.72 115.39
C ASN EB 90 1.49 95.21 115.07
N VAL EB 91 2.65 95.81 114.83
CA VAL EB 91 2.76 97.20 114.40
C VAL EB 91 3.72 97.23 113.21
N LYS EB 92 3.33 97.93 112.16
CA LYS EB 92 4.14 98.02 110.95
C LYS EB 92 4.05 99.43 110.41
N ALA EB 93 5.16 100.16 110.45
CA ALA EB 93 5.21 101.53 109.96
C ALA EB 93 6.24 101.66 108.86
N SER EB 94 5.98 102.54 107.91
CA SER EB 94 6.91 102.80 106.82
C SER EB 94 6.67 104.21 106.30
N SER EB 95 7.74 104.99 106.16
CA SER EB 95 7.63 106.38 105.74
C SER EB 95 8.80 106.74 104.84
N SER EB 96 8.58 107.76 104.02
CA SER EB 96 9.61 108.26 103.11
C SER EB 96 9.44 109.77 102.95
N ILE EB 97 10.57 110.47 102.89
CA ILE EB 97 10.61 111.92 102.78
C ILE EB 97 11.53 112.28 101.63
N GLY EB 98 11.09 113.22 100.79
CA GLY EB 98 11.91 113.73 99.72
C GLY EB 98 11.90 115.24 99.63
N LEU EB 99 13.07 115.87 99.78
CA LEU EB 99 13.20 117.32 99.76
C LEU EB 99 14.10 117.73 98.62
N GLN EB 100 13.68 118.73 97.86
CA GLN EB 100 14.49 119.26 96.77
C GLN EB 100 14.45 120.78 96.80
N ILE EB 101 15.63 121.39 96.75
CA ILE EB 101 15.77 122.85 96.64
C ILE EB 101 16.49 123.11 95.33
N LEU EB 102 15.71 123.49 94.31
CA LEU EB 102 16.21 123.85 92.98
C LEU EB 102 17.05 122.70 92.45
N LYS EB 103 18.23 122.94 91.89
CA LYS EB 103 19.20 121.91 91.57
C LYS EB 103 20.39 121.95 92.52
N HIS EB 104 20.21 122.53 93.70
CA HIS EB 104 21.28 122.68 94.67
C HIS EB 104 21.19 121.73 95.85
N PHE EB 105 20.00 121.35 96.28
CA PHE EB 105 19.84 120.43 97.39
C PHE EB 105 18.88 119.32 97.01
N ASP EB 106 19.22 118.08 97.38
CA ASP EB 106 18.34 116.94 97.09
C ASP EB 106 18.56 115.87 98.15
N SER EB 107 17.60 115.70 99.05
CA SER EB 107 17.70 114.71 100.11
C SER EB 107 16.54 113.73 100.02
N GLY EB 108 16.85 112.45 100.18
CA GLY EB 108 15.83 111.42 100.23
C GLY EB 108 16.04 110.46 101.39
N ALA EB 109 15.09 110.41 102.31
CA ALA EB 109 15.18 109.56 103.48
C ALA EB 109 14.00 108.60 103.50
N LYS EB 110 14.18 107.47 104.17
CA LYS EB 110 13.11 106.50 104.31
C LYS EB 110 13.38 105.64 105.53
N GLY EB 111 12.30 105.19 106.16
CA GLY EB 111 12.40 104.37 107.35
C GLY EB 111 11.28 103.37 107.40
N SER EB 112 11.52 102.27 108.10
CA SER EB 112 10.52 101.23 108.28
C SER EB 112 10.73 100.55 109.63
N LYS EB 113 9.65 100.03 110.18
CA LYS EB 113 9.69 99.38 111.48
C LYS EB 113 8.61 98.31 111.54
N ASN EB 114 8.97 97.15 112.10
CA ASN EB 114 8.05 96.03 112.28
C ASN EB 114 8.24 95.48 113.68
N PHE EB 115 7.17 95.50 114.46
CA PHE EB 115 7.21 95.14 115.88
C PHE EB 115 6.12 94.11 116.15
N ILE EB 116 6.50 92.98 116.74
CA ILE EB 116 5.57 91.88 117.00
C ILE EB 116 5.71 91.45 118.45
N THR EB 117 4.56 91.26 119.11
CA THR EB 117 4.54 90.86 120.51
C THR EB 117 3.53 89.74 120.71
N SER EB 118 3.87 88.79 121.58
CA SER EB 118 2.98 87.69 121.92
C SER EB 118 3.14 87.36 123.40
N ALA EB 119 2.03 87.30 124.11
CA ALA EB 119 2.03 86.97 125.53
C ALA EB 119 1.04 85.86 125.81
N SER EB 120 1.50 84.78 126.43
CA SER EB 120 0.67 83.63 126.78
C SER EB 120 0.74 83.48 128.30
N LEU EB 121 -0.31 83.93 128.98
CA LEU EB 121 -0.39 83.88 130.43
C LEU EB 121 -1.13 82.67 130.96
N GLY EB 122 -1.76 81.88 130.09
CA GLY EB 122 -2.44 80.69 130.55
C GLY EB 122 -3.59 81.03 131.50
N THR EB 123 -3.56 80.44 132.69
CA THR EB 123 -4.58 80.63 133.70
C THR EB 123 -4.01 81.46 134.84
N VAL EB 124 -4.79 82.42 135.32
CA VAL EB 124 -4.42 83.28 136.44
C VAL EB 124 -5.36 82.98 137.60
N VAL EB 125 -4.78 82.71 138.77
CA VAL EB 125 -5.54 82.45 139.97
C VAL EB 125 -5.35 83.59 140.96
N LYS EB 126 -6.21 83.63 141.97
CA LYS EB 126 -6.15 84.64 143.01
C LYS EB 126 -6.00 83.94 144.36
N ALA EB 127 -5.06 84.42 145.16
CA ALA EB 127 -4.77 83.87 146.47
C ALA EB 127 -5.03 84.94 147.53
N GLU EB 128 -5.68 84.53 148.61
CA GLU EB 128 -6.09 85.45 149.66
C GLU EB 128 -6.34 84.68 150.94
N THR EB 129 -6.36 85.41 152.05
CA THR EB 129 -6.61 84.79 153.35
C THR EB 129 -7.99 84.13 153.38
N ILE EB 130 -8.07 83.01 154.08
CA ILE EB 130 -9.34 82.28 154.17
C ILE EB 130 -10.39 83.15 154.85
N ASP EB 131 -10.03 83.81 155.95
CA ASP EB 131 -10.92 84.71 156.66
C ASP EB 131 -10.18 86.00 156.96
N ILE EB 132 -10.65 87.10 156.38
CA ILE EB 132 -10.01 88.40 156.59
C ILE EB 132 -10.55 89.11 157.83
N THR EB 133 -11.80 88.83 158.21
CA THR EB 133 -12.38 89.48 159.38
C THR EB 133 -11.60 89.15 160.65
N LYS EB 134 -11.22 87.88 160.82
CA LYS EB 134 -10.44 87.49 161.99
C LYS EB 134 -9.08 88.19 162.00
N VAL EB 135 -8.42 88.25 160.84
CA VAL EB 135 -7.14 88.93 160.76
C VAL EB 135 -7.28 90.39 161.13
N LEU EB 136 -8.32 91.05 160.62
CA LEU EB 136 -8.54 92.46 160.94
C LEU EB 136 -8.80 92.65 162.43
N ALA EB 137 -9.62 91.79 163.03
CA ALA EB 137 -9.91 91.90 164.44
C ALA EB 137 -8.63 91.76 165.27
N LYS EB 138 -7.84 90.73 164.98
CA LYS EB 138 -6.61 90.51 165.72
C LYS EB 138 -5.63 91.67 165.52
N VAL EB 139 -5.55 92.21 164.31
CA VAL EB 139 -4.69 93.37 164.07
C VAL EB 139 -5.12 94.53 164.96
N ARG EB 140 -6.41 94.82 164.97
CA ARG EB 140 -6.92 95.94 165.75
C ARG EB 140 -6.66 95.74 167.23
N THR EB 141 -6.72 94.49 167.71
CA THR EB 141 -6.49 94.23 169.13
C THR EB 141 -5.04 93.92 169.46
N ALA EB 142 -4.14 93.94 168.48
CA ALA EB 142 -2.75 93.56 168.67
C ALA EB 142 -1.84 94.78 168.52
N LYS EB 143 -0.73 94.77 169.27
CA LYS EB 143 0.26 95.83 169.21
C LYS EB 143 1.46 95.42 168.36
N ALA EB 144 2.05 96.41 167.69
CA ALA EB 144 3.20 96.17 166.83
C ALA EB 144 4.45 95.86 167.66
N LYS EB 145 5.49 95.40 166.96
CA LYS EB 145 6.74 95.05 167.63
C LYS EB 145 7.51 96.31 168.01
N VAL EB 146 7.77 96.46 169.31
CA VAL EB 146 8.51 97.63 169.79
C VAL EB 146 9.93 97.63 169.23
N GLU EB 147 10.54 96.45 169.14
CA GLU EB 147 11.91 96.35 168.62
C GLU EB 147 12.01 96.83 167.18
N ASN EB 148 10.97 96.59 166.37
CA ASN EB 148 11.03 96.92 164.95
C ASN EB 148 11.27 98.41 164.75
N ASP EB 149 12.18 98.73 163.82
CA ASP EB 149 12.53 100.11 163.51
C ASP EB 149 11.62 100.72 162.45
N LEU EB 150 11.20 99.92 161.48
CA LEU EB 150 10.34 100.41 160.42
C LEU EB 150 9.06 101.02 160.97
N VAL EB 151 8.42 100.33 161.94
CA VAL EB 151 7.19 100.84 162.53
C VAL EB 151 7.42 102.19 163.17
N SER EB 152 8.51 102.33 163.93
CA SER EB 152 8.82 103.60 164.57
C SER EB 152 9.06 104.69 163.54
N ARG EB 153 9.79 104.37 162.47
CA ARG EB 153 10.01 105.34 161.40
C ARG EB 153 8.68 105.83 160.83
N VAL EB 154 7.80 104.89 160.48
CA VAL EB 154 6.51 105.26 159.91
C VAL EB 154 5.67 106.06 160.90
N MET EB 155 5.77 105.74 162.19
CA MET EB 155 5.03 106.47 163.21
C MET EB 155 5.52 107.92 163.30
N LYS EB 156 6.84 108.11 163.31
CA LYS EB 156 7.36 109.47 163.48
C LYS EB 156 7.18 110.30 162.22
N THR EB 157 7.27 109.67 161.05
CA THR EB 157 7.08 110.40 159.80
C THR EB 157 5.58 110.52 159.48
N LYS EB 158 5.25 111.56 158.73
CA LYS EB 158 3.86 111.82 158.35
C LYS EB 158 3.53 111.37 156.93
N ARG EB 159 4.51 111.36 156.03
CA ARG EB 159 4.24 110.93 154.66
C ARG EB 159 4.07 109.42 154.57
N LEU EB 160 4.89 108.67 155.31
CA LEU EB 160 4.89 107.22 155.20
C LEU EB 160 3.61 106.63 155.78
N CYS EB 161 3.08 105.61 155.10
CA CYS EB 161 1.92 104.86 155.57
C CYS EB 161 2.19 103.37 155.39
N LEU EB 162 1.53 102.55 156.20
CA LEU EB 162 1.69 101.11 156.12
C LEU EB 162 0.49 100.47 155.42
N GLY EB 163 0.76 99.43 154.65
CA GLY EB 163 -0.30 98.72 153.97
C GLY EB 163 -0.13 97.22 154.03
N LEU EB 164 -1.22 96.50 154.30
CA LEU EB 164 -1.22 95.05 154.38
C LEU EB 164 -1.81 94.50 153.09
N VAL EB 165 -1.06 93.64 152.41
CA VAL EB 165 -1.52 93.05 151.16
C VAL EB 165 -2.51 91.92 151.48
N VAL EB 166 -3.65 91.92 150.81
CA VAL EB 166 -4.73 91.01 151.14
C VAL EB 166 -5.09 90.05 150.00
N GLU EB 167 -4.74 90.34 148.75
CA GLU EB 167 -5.04 89.43 147.66
C GLU EB 167 -3.99 89.59 146.57
N THR EB 168 -3.66 88.49 145.91
CA THR EB 168 -2.62 88.50 144.89
C THR EB 168 -3.02 87.62 143.71
N ALA EB 169 -2.74 88.10 142.51
CA ALA EB 169 -3.01 87.35 141.28
C ALA EB 169 -1.70 86.72 140.79
N CYS EB 170 -1.72 85.41 140.62
CA CYS EB 170 -0.53 84.65 140.25
C CYS EB 170 -0.84 83.70 139.10
N VAL EB 171 0.14 83.47 138.24
CA VAL EB 171 -0.02 82.56 137.12
C VAL EB 171 0.03 81.12 137.64
N ALA EB 172 -0.93 80.31 137.22
CA ALA EB 172 -0.96 78.91 137.65
C ALA EB 172 0.15 78.10 136.99
N ALA EB 173 0.42 78.36 135.71
CA ALA EB 173 1.43 77.63 134.96
C ALA EB 173 2.43 78.61 134.37
N ALA EB 174 3.40 78.07 133.64
CA ALA EB 174 4.44 78.91 133.06
C ALA EB 174 3.86 79.84 132.00
N GLY EB 175 4.37 81.07 131.99
CA GLY EB 175 3.91 82.10 131.05
C GLY EB 175 5.01 82.46 130.08
N LYS EB 176 4.65 82.59 128.81
CA LYS EB 176 5.62 82.81 127.73
C LYS EB 176 5.46 84.20 127.13
N LEU EB 177 6.56 84.94 127.03
CA LEU EB 177 6.55 86.29 126.48
C LEU EB 177 7.57 86.37 125.36
N THR EB 178 7.12 86.74 124.15
CA THR EB 178 7.98 86.81 122.98
C THR EB 178 7.84 88.17 122.30
N GLU EB 179 8.97 88.73 121.87
CA GLU EB 179 9.01 90.03 121.21
C GLU EB 179 10.01 89.99 120.07
N ALA EB 180 9.62 90.57 118.94
CA ALA EB 180 10.49 90.67 117.78
C ALA EB 180 10.45 92.08 117.21
N ASP EB 181 11.62 92.62 116.87
CA ASP EB 181 11.75 93.98 116.37
C ASP EB 181 12.66 93.96 115.15
N ASN EB 182 12.25 94.67 114.09
CA ASN EB 182 13.07 94.82 112.90
C ASN EB 182 12.85 96.21 112.34
N TRP EB 183 13.85 97.07 112.41
CA TRP EB 183 13.68 98.41 111.86
C TRP EB 183 14.88 98.80 111.02
N GLU EB 184 14.65 99.72 110.08
CA GLU EB 184 15.63 100.06 109.06
C GLU EB 184 15.51 101.52 108.67
N ILE EB 185 16.66 102.16 108.43
CA ILE EB 185 16.76 103.55 108.03
C ILE EB 185 17.69 103.64 106.82
N SER EB 186 17.25 104.36 105.78
CA SER EB 186 18.08 104.59 104.60
C SER EB 186 17.97 106.05 104.20
N GLY EB 187 19.09 106.76 104.24
CA GLY EB 187 19.10 108.17 103.92
C GLY EB 187 20.15 108.51 102.89
N HIS EB 188 19.87 109.57 102.12
CA HIS EB 188 20.76 110.02 101.06
C HIS EB 188 20.68 111.53 100.95
N THR EB 189 21.83 112.16 100.73
CA THR EB 189 21.92 113.62 100.66
C THR EB 189 22.83 113.99 99.49
N ASN EB 190 22.40 114.98 98.70
CA ASN EB 190 23.17 115.48 97.57
C ASN EB 190 23.15 117.00 97.61
N ALA EB 191 24.30 117.60 97.92
CA ALA EB 191 24.45 119.05 97.92
C ALA EB 191 25.32 119.42 96.72
N ASN EB 192 24.69 119.99 95.70
CA ASN EB 192 25.38 120.41 94.48
C ASN EB 192 25.55 121.92 94.51
N ILE EB 193 26.80 122.36 94.41
CA ILE EB 193 27.14 123.78 94.37
C ILE EB 193 28.02 124.00 93.15
N GLY EB 194 28.15 125.27 92.74
CA GLY EB 194 28.91 125.59 91.56
C GLY EB 194 30.35 125.09 91.60
N GLU EB 195 30.95 125.08 92.80
CA GLU EB 195 32.33 124.63 92.95
C GLU EB 195 32.46 123.47 93.94
N ALA EB 196 31.36 122.87 94.38
CA ALA EB 196 31.41 121.78 95.33
C ALA EB 196 30.26 120.82 95.08
N VAL EB 197 30.56 119.52 95.17
CA VAL EB 197 29.56 118.46 95.04
C VAL EB 197 29.76 117.49 96.18
N VAL EB 198 28.73 117.29 97.00
CA VAL EB 198 28.77 116.37 98.12
C VAL EB 198 27.65 115.35 97.97
N THR EB 199 27.99 114.07 98.07
CA THR EB 199 27.03 112.98 97.94
C THR EB 199 27.24 112.01 99.10
N ALA EB 200 26.32 112.01 100.05
CA ALA EB 200 26.41 111.16 101.23
C ALA EB 200 25.25 110.16 101.25
N THR EB 201 25.52 108.98 101.79
CA THR EB 201 24.51 107.92 101.86
C THR EB 201 24.76 107.11 103.13
N ALA EB 202 23.67 106.72 103.80
CA ALA EB 202 23.79 105.93 105.03
C ALA EB 202 22.63 104.96 105.14
N GLU EB 203 22.93 103.68 105.34
CA GLU EB 203 21.93 102.65 105.52
C GLU EB 203 22.24 101.87 106.79
N LEU EB 204 21.20 101.58 107.57
CA LEU EB 204 21.37 100.72 108.73
C LEU EB 204 20.06 100.01 109.04
N ASP EB 205 20.17 98.90 109.77
CA ASP EB 205 18.99 98.13 110.14
C ASP EB 205 19.33 97.27 111.35
N LYS EB 206 18.42 97.23 112.31
CA LYS EB 206 18.59 96.48 113.55
C LYS EB 206 17.48 95.45 113.69
N ASN EB 207 17.86 94.26 114.15
CA ASN EB 207 16.93 93.16 114.40
C ASN EB 207 17.17 92.61 115.79
N LEU EB 208 16.09 92.48 116.56
CA LEU EB 208 16.16 91.97 117.93
C LEU EB 208 15.04 90.96 118.14
N SER EB 209 15.28 90.02 119.06
CA SER EB 209 14.27 89.04 119.43
C SER EB 209 14.53 88.59 120.86
N ARG EB 210 13.52 88.71 121.72
CA ARG EB 210 13.62 88.34 123.12
C ARG EB 210 12.48 87.42 123.49
N LYS EB 211 12.80 86.26 124.08
CA LYS EB 211 11.79 85.28 124.47
C LYS EB 211 12.10 84.78 125.87
N ILE EB 212 11.15 84.95 126.79
CA ILE EB 212 11.34 84.54 128.18
C ILE EB 212 10.11 83.76 128.63
N GLU EB 213 10.26 83.09 129.78
CA GLU EB 213 9.22 82.25 130.35
C GLU EB 213 9.23 82.38 131.86
N ILE EB 214 8.23 83.07 132.41
CA ILE EB 214 8.09 83.19 133.86
C ILE EB 214 7.55 81.88 134.44
N PRO EB 215 8.04 81.45 135.59
CA PRO EB 215 7.63 80.16 136.14
C PRO EB 215 6.30 80.26 136.87
N PRO EB 216 5.66 79.13 137.16
CA PRO EB 216 4.41 79.17 137.93
C PRO EB 216 4.59 79.81 139.30
N GLY EB 217 3.57 80.54 139.74
CA GLY EB 217 3.58 81.19 141.02
C GLY EB 217 4.00 82.64 141.01
N THR EB 218 4.46 83.15 139.86
CA THR EB 218 4.88 84.54 139.78
C THR EB 218 3.69 85.47 139.97
N ALA EB 219 3.83 86.44 140.88
CA ALA EB 219 2.74 87.37 141.14
C ALA EB 219 2.64 88.40 140.02
N LEU EB 220 1.41 88.82 139.74
CA LEU EB 220 1.14 89.82 138.71
C LEU EB 220 0.59 91.12 139.25
N ALA EB 221 -0.33 91.07 140.20
CA ALA EB 221 -0.95 92.27 140.73
C ALA EB 221 -1.46 91.99 142.14
N TYR EB 222 -1.78 93.06 142.86
CA TYR EB 222 -2.16 92.92 144.26
C TYR EB 222 -3.03 94.09 144.68
N SER EB 223 -3.70 93.91 145.81
CA SER EB 223 -4.47 94.97 146.46
C SER EB 223 -4.17 94.96 147.94
N PHE EB 224 -4.22 96.13 148.57
CA PHE EB 224 -3.81 96.24 149.96
C PHE EB 224 -4.75 97.16 150.72
N MET EB 225 -4.72 97.02 152.04
CA MET EB 225 -5.51 97.83 152.96
C MET EB 225 -4.59 98.67 153.84
N ASP EB 226 -4.98 99.92 154.07
CA ASP EB 226 -4.12 100.83 154.83
C ASP EB 226 -4.18 100.54 156.31
N LEU EB 227 -3.15 101.02 157.02
CA LEU EB 227 -3.04 100.87 158.47
C LEU EB 227 -2.60 102.19 159.08
N GLU EB 228 -2.66 102.25 160.41
CA GLU EB 228 -2.29 103.45 161.15
C GLU EB 228 -1.73 103.06 162.50
N ILE EB 229 -0.54 103.56 162.82
CA ILE EB 229 0.10 103.31 164.10
C ILE EB 229 -0.47 104.28 165.14
N LEU EB 230 -0.99 103.74 166.23
CA LEU EB 230 -1.42 104.59 167.33
C LEU EB 230 -0.20 105.19 168.05
N GLU EB 231 -0.47 106.01 169.06
CA GLU EB 231 0.60 106.51 169.92
C GLU EB 231 1.40 105.35 170.50
N ASP EB 232 0.71 104.33 171.01
CA ASP EB 232 1.34 103.10 171.43
C ASP EB 232 1.67 102.23 170.22
N ARG EB 233 2.17 101.02 170.48
CA ARG EB 233 2.43 100.07 169.41
C ARG EB 233 1.16 99.53 168.76
N SER EB 234 -0.01 99.86 169.30
CA SER EB 234 -1.27 99.38 168.75
C SER EB 234 -1.44 99.84 167.30
N LEU EB 235 -2.13 99.01 166.52
CA LEU EB 235 -2.40 99.29 165.11
C LEU EB 235 -3.90 99.37 164.88
N ARG EB 236 -4.29 100.23 163.94
CA ARG EB 236 -5.69 100.42 163.58
C ARG EB 236 -5.81 100.39 162.06
N VAL EB 237 -7.02 100.09 161.58
CA VAL EB 237 -7.27 100.08 160.15
C VAL EB 237 -7.96 101.38 159.77
N SER EB 238 -7.62 101.91 158.61
CA SER EB 238 -8.13 103.19 158.15
C SER EB 238 -8.79 103.04 156.79
N SER EB 239 -9.91 103.72 156.60
CA SER EB 239 -10.69 103.63 155.37
C SER EB 239 -10.93 105.03 154.82
N SER EB 240 -10.40 105.31 153.64
CA SER EB 240 -10.70 106.56 152.95
C SER EB 240 -12.07 106.47 152.31
N ALA EB 241 -13.03 107.18 152.88
CA ALA EB 241 -14.43 107.13 152.44
C ALA EB 241 -14.99 105.70 152.49
N GLY EB 242 -14.50 104.91 153.45
CA GLY EB 242 -14.97 103.55 153.61
C GLY EB 242 -14.52 102.58 152.54
N ALA EB 243 -13.48 102.91 151.77
CA ALA EB 243 -13.04 102.04 150.69
C ALA EB 243 -12.48 100.72 151.23
N MET EB 244 -11.54 100.81 152.17
CA MET EB 244 -10.84 99.65 152.74
C MET EB 244 -10.15 98.81 151.67
N PHE EB 245 -9.93 99.37 150.48
CA PHE EB 245 -9.23 98.68 149.40
C PHE EB 245 -8.50 99.75 148.60
N ASP EB 246 -7.20 99.89 148.85
CA ASP EB 246 -6.41 100.93 148.21
C ASP EB 246 -5.67 100.36 147.02
N SER EB 247 -5.78 101.04 145.87
CA SER EB 247 -5.12 100.63 144.65
C SER EB 247 -3.96 101.56 144.28
N GLY EB 248 -3.45 102.32 145.24
CA GLY EB 248 -2.39 103.27 144.95
C GLY EB 248 -2.81 104.35 143.98
N LYS EB 249 -4.05 104.83 144.10
CA LYS EB 249 -4.60 105.85 143.20
C LYS EB 249 -4.58 107.21 143.87
N ALA EB 250 -4.47 108.25 143.05
CA ALA EB 250 -4.52 109.61 143.58
C ALA EB 250 -5.90 109.93 144.12
N GLU EB 251 -5.94 110.82 145.11
CA GLU EB 251 -7.21 111.19 145.72
C GLU EB 251 -8.14 111.86 144.71
N SER EB 252 -7.59 112.74 143.86
CA SER EB 252 -8.35 113.44 142.83
C SER EB 252 -9.54 114.20 143.41
CA ARG FB 3 -13.45 99.70 126.80
C ARG FB 3 -13.16 98.23 127.06
N PRO FB 4 -13.03 97.87 128.34
CA PRO FB 4 -12.77 96.46 128.68
C PRO FB 4 -13.88 95.55 128.19
N MET FB 5 -13.50 94.35 127.74
CA MET FB 5 -14.47 93.40 127.25
C MET FB 5 -15.45 92.98 128.34
N PHE FB 6 -14.96 92.81 129.57
CA PHE FB 6 -15.85 92.45 130.67
C PHE FB 6 -16.88 93.54 130.90
N ALA FB 7 -16.47 94.81 130.88
CA ALA FB 7 -17.42 95.90 131.07
C ALA FB 7 -18.43 95.95 129.93
N VAL FB 8 -17.96 95.75 128.70
CA VAL FB 8 -18.89 95.76 127.56
C VAL FB 8 -19.90 94.64 127.68
N ALA FB 9 -19.45 93.44 128.05
CA ALA FB 9 -20.37 92.32 128.19
C ALA FB 9 -21.35 92.55 129.33
N VAL FB 10 -20.88 93.14 130.43
CA VAL FB 10 -21.78 93.44 131.54
C VAL FB 10 -22.85 94.43 131.12
N ASN FB 11 -22.45 95.47 130.37
CA ASN FB 11 -23.44 96.43 129.87
C ASN FB 11 -24.43 95.78 128.93
N GLU FB 12 -23.96 94.91 128.04
CA GLU FB 12 -24.86 94.21 127.13
C GLU FB 12 -25.87 93.36 127.90
N PHE FB 13 -25.39 92.62 128.89
CA PHE FB 13 -26.28 91.77 129.68
C PHE FB 13 -27.29 92.60 130.44
N ILE FB 14 -26.84 93.68 131.08
CA ILE FB 14 -27.75 94.48 131.89
C ILE FB 14 -28.77 95.19 131.02
N ARG FB 15 -28.40 95.55 129.79
CA ARG FB 15 -29.38 96.12 128.87
C ARG FB 15 -30.40 95.08 128.43
N SER FB 16 -29.92 93.89 128.02
CA SER FB 16 -30.83 92.87 127.53
C SER FB 16 -31.80 92.41 128.62
N ALA FB 17 -31.30 92.22 129.83
CA ALA FB 17 -32.12 91.78 130.96
C ALA FB 17 -31.83 92.65 132.16
N GLY FB 18 -32.88 93.06 132.86
CA GLY FB 18 -32.72 93.85 134.06
C GLY FB 18 -32.12 95.21 133.86
N GLN FB 19 -32.62 95.96 132.87
CA GLN FB 19 -32.11 97.31 132.64
C GLN FB 19 -32.38 98.21 133.84
N ASP FB 20 -33.42 97.92 134.61
CA ASP FB 20 -33.72 98.64 135.83
C ASP FB 20 -33.44 97.76 137.04
N SER FB 21 -33.12 98.41 138.16
CA SER FB 21 -32.84 97.73 139.43
C SER FB 21 -31.69 96.74 139.29
N LEU FB 22 -30.59 97.18 138.69
CA LEU FB 22 -29.42 96.33 138.53
C LEU FB 22 -28.20 97.21 138.34
N CYS FB 23 -27.10 96.84 139.02
CA CYS FB 23 -25.85 97.60 138.98
C CYS FB 23 -24.76 96.73 138.39
N GLY FB 24 -24.04 97.28 137.42
CA GLY FB 24 -22.95 96.55 136.80
C GLY FB 24 -21.79 96.33 137.76
N VAL FB 25 -21.01 95.29 137.47
CA VAL FB 25 -19.85 94.94 138.28
C VAL FB 25 -18.64 95.67 137.71
N PRO FB 26 -17.85 96.35 138.54
CA PRO FB 26 -16.73 97.14 138.00
C PRO FB 26 -15.67 96.32 137.30
N ASP FB 27 -15.25 95.19 137.88
CA ASP FB 27 -14.19 94.39 137.27
C ASP FB 27 -14.27 92.97 137.77
N ILE FB 28 -13.56 92.08 137.07
CA ILE FB 28 -13.58 90.66 137.39
C ILE FB 28 -13.01 90.42 138.79
N ASN FB 29 -11.94 91.12 139.14
CA ASN FB 29 -11.32 90.92 140.44
C ASN FB 29 -12.28 91.23 141.58
N SER FB 30 -13.02 92.32 141.46
CA SER FB 30 -13.95 92.74 142.51
C SER FB 30 -15.34 92.16 142.33
N SER FB 31 -15.55 91.33 141.31
CA SER FB 31 -16.85 90.71 141.10
C SER FB 31 -17.23 89.84 142.29
N GLY FB 32 -16.27 89.16 142.91
CA GLY FB 32 -16.57 88.24 143.99
C GLY FB 32 -16.97 88.91 145.29
N ASP FB 33 -16.82 90.23 145.39
CA ASP FB 33 -17.18 90.95 146.60
C ASP FB 33 -18.62 91.46 146.60
N PHE FB 34 -19.39 91.15 145.56
CA PHE FB 34 -20.77 91.60 145.44
C PHE FB 34 -21.75 90.44 145.49
N MET FB 35 -21.42 89.40 146.25
CA MET FB 35 -22.34 88.30 146.47
C MET FB 35 -23.41 88.72 147.49
N PRO FB 36 -24.52 87.99 147.55
CA PRO FB 36 -25.60 88.37 148.47
C PRO FB 36 -25.13 88.41 149.92
N LEU FB 37 -25.75 89.29 150.69
CA LEU FB 37 -25.44 89.51 152.11
C LEU FB 37 -24.03 90.07 152.28
N HIS FB 38 -23.71 91.08 151.48
CA HIS FB 38 -22.45 91.81 151.58
C HIS FB 38 -22.74 93.29 151.80
N ILE FB 39 -21.90 93.94 152.59
CA ILE FB 39 -22.04 95.36 152.90
C ILE FB 39 -21.24 96.16 151.90
N ILE FB 40 -21.85 97.23 151.36
CA ILE FB 40 -21.19 98.16 150.46
C ILE FB 40 -21.44 99.57 150.96
N VAL FB 41 -20.60 100.50 150.52
CA VAL FB 41 -20.67 101.90 150.93
C VAL FB 41 -21.05 102.73 149.72
N LYS FB 42 -21.99 103.64 149.89
CA LYS FB 42 -22.44 104.53 148.83
C LYS FB 42 -22.07 105.97 149.18
N GLU FB 43 -21.45 106.66 148.22
CA GLU FB 43 -21.02 108.04 148.39
C GLU FB 43 -21.78 108.91 147.40
N VAL FB 44 -22.33 110.01 147.90
CA VAL FB 44 -23.13 110.93 147.10
C VAL FB 44 -22.20 111.72 146.16
N PRO FB 45 -22.69 112.18 145.02
CA PRO FB 45 -21.82 112.94 144.09
C PRO FB 45 -21.25 114.21 144.70
N LYS FB 46 -22.01 114.88 145.58
CA LYS FB 46 -21.65 116.13 146.27
C LYS FB 46 -21.59 117.32 145.33
N VAL FB 47 -21.81 117.14 144.03
CA VAL FB 47 -21.80 118.24 143.08
C VAL FB 47 -23.18 118.36 142.45
N LEU FB 48 -23.63 117.30 141.78
CA LEU FB 48 -24.96 117.23 141.17
C LEU FB 48 -25.60 115.92 141.63
N PRO FB 49 -26.06 115.84 142.87
CA PRO FB 49 -26.61 114.58 143.37
C PRO FB 49 -27.78 114.07 142.58
N CYS FB 50 -28.64 114.95 142.09
CA CYS FB 50 -29.80 114.54 141.31
C CYS FB 50 -29.48 114.30 139.85
N CYS FB 51 -28.28 114.65 139.39
CA CYS FB 51 -27.90 114.48 137.99
C CYS FB 51 -26.80 113.45 137.77
N ARG FB 52 -26.11 113.03 138.82
CA ARG FB 52 -25.00 112.08 138.70
C ARG FB 52 -25.25 110.89 139.60
N ARG FB 53 -24.93 109.69 139.09
CA ARG FB 53 -25.10 108.49 139.88
C ARG FB 53 -24.02 108.41 140.96
N PRO FB 54 -24.36 107.86 142.13
CA PRO FB 54 -23.40 107.83 143.25
C PRO FB 54 -22.25 106.87 143.01
N LYS FB 55 -21.32 106.81 143.96
CA LYS FB 55 -20.13 105.97 143.87
C LYS FB 55 -20.26 104.81 144.85
N ILE FB 56 -20.00 103.60 144.36
CA ILE FB 56 -20.17 102.38 145.16
C ILE FB 56 -18.81 101.79 145.48
N LYS FB 57 -18.57 101.53 146.76
CA LYS FB 57 -17.30 101.01 147.26
C LYS FB 57 -17.55 99.67 147.93
N ARG FB 58 -16.75 98.66 147.56
CA ARG FB 58 -16.85 97.35 148.17
C ARG FB 58 -16.13 97.32 149.51
N THR FB 59 -16.62 96.46 150.39
CA THR FB 59 -16.02 96.28 151.71
C THR FB 59 -15.87 94.80 152.01
N PRO FB 60 -14.87 94.41 152.80
CA PRO FB 60 -14.68 92.99 153.15
C PRO FB 60 -15.47 92.60 154.40
N TYR FB 61 -16.79 92.78 154.34
CA TYR FB 61 -17.65 92.49 155.46
C TYR FB 61 -18.92 91.80 154.99
N THR FB 62 -19.45 90.94 155.85
CA THR FB 62 -20.77 90.36 155.67
C THR FB 62 -21.70 90.88 156.76
N LEU FB 63 -22.99 90.56 156.61
CA LEU FB 63 -23.98 91.04 157.57
C LEU FB 63 -23.70 90.51 158.97
N ASN FB 64 -23.37 89.22 159.07
CA ASN FB 64 -23.13 88.62 160.39
C ASN FB 64 -21.90 89.21 161.04
N ASP FB 65 -20.87 89.54 160.25
CA ASP FB 65 -19.68 90.18 160.82
C ASP FB 65 -19.98 91.60 161.26
N ILE FB 66 -20.74 92.35 160.46
CA ILE FB 66 -21.01 93.75 160.79
C ILE FB 66 -21.97 93.86 161.95
N LEU FB 67 -22.79 92.84 162.18
CA LEU FB 67 -23.81 92.87 163.23
C LEU FB 67 -23.35 92.11 164.46
N ASP FB 68 -23.64 92.67 165.64
CA ASP FB 68 -23.39 91.95 166.87
C ASP FB 68 -24.23 90.68 166.96
N GLU FB 69 -25.50 90.77 166.56
CA GLU FB 69 -26.40 89.62 166.58
C GLU FB 69 -26.45 88.98 165.20
N PRO FB 70 -26.14 87.69 165.07
CA PRO FB 70 -26.16 87.06 163.75
C PRO FB 70 -27.57 86.89 163.21
N CYS FB 71 -27.64 86.72 161.89
CA CYS FB 71 -28.87 86.53 161.15
C CYS FB 71 -28.74 85.29 160.28
N PRO FB 72 -29.84 84.65 159.92
CA PRO FB 72 -29.77 83.53 158.97
C PRO FB 72 -29.20 83.99 157.64
N ASN FB 73 -28.42 83.11 157.01
CA ASN FB 73 -27.66 83.48 155.81
C ASN FB 73 -27.78 82.45 154.68
N GLN FB 74 -28.72 81.53 154.76
CA GLN FB 74 -28.86 80.53 153.70
C GLN FB 74 -29.27 81.19 152.40
N LEU FB 75 -28.82 80.61 151.29
CA LEU FB 75 -29.06 81.17 149.96
C LEU FB 75 -29.72 80.14 149.06
N LYS FB 76 -30.18 80.60 147.90
CA LYS FB 76 -30.77 79.75 146.88
C LYS FB 76 -30.55 80.42 145.53
N SER FB 77 -30.50 79.59 144.49
CA SER FB 77 -30.25 80.08 143.14
C SER FB 77 -31.26 79.48 142.17
N SER FB 78 -31.56 80.25 141.13
CA SER FB 78 -32.51 79.82 140.10
C SER FB 78 -32.16 80.51 138.80
N ASP FB 79 -32.57 79.89 137.68
CA ASP FB 79 -32.22 80.41 136.37
C ASP FB 79 -32.88 81.77 136.13
N LEU FB 80 -32.18 82.63 135.40
CA LEU FB 80 -32.67 83.96 135.07
C LEU FB 80 -32.83 84.18 133.59
N VAL FB 81 -31.80 83.93 132.79
CA VAL FB 81 -31.83 84.14 131.34
C VAL FB 81 -30.80 83.21 130.71
N THR FB 82 -30.97 82.96 129.42
CA THR FB 82 -30.12 82.04 128.68
C THR FB 82 -29.81 82.62 127.30
N PHE FB 83 -28.54 82.92 127.04
CA PHE FB 83 -28.10 83.41 125.74
C PHE FB 83 -27.75 82.20 124.88
N THR FB 84 -28.68 81.82 124.00
CA THR FB 84 -28.48 80.61 123.20
C THR FB 84 -27.31 80.76 122.22
N GLU FB 85 -27.14 81.95 121.66
CA GLU FB 85 -26.07 82.18 120.69
C GLU FB 85 -25.25 83.38 121.11
N PRO FB 86 -23.97 83.42 120.74
CA PRO FB 86 -23.10 84.53 121.15
C PRO FB 86 -23.58 85.86 120.59
N LEU FB 87 -23.42 86.91 121.39
CA LEU FB 87 -23.61 88.27 120.91
C LEU FB 87 -22.45 88.65 120.02
N VAL FB 88 -22.74 88.95 118.75
CA VAL FB 88 -21.73 89.22 117.74
C VAL FB 88 -21.92 90.64 117.25
N SER FB 89 -20.83 91.40 117.18
CA SER FB 89 -20.85 92.77 116.71
C SER FB 89 -19.72 92.99 115.70
N ASN FB 90 -20.04 93.68 114.62
CA ASN FB 90 -19.08 94.01 113.58
C ASN FB 90 -19.18 95.49 113.23
N VAL FB 91 -18.04 96.16 113.14
CA VAL FB 91 -17.96 97.55 112.70
C VAL FB 91 -16.87 97.64 111.65
N LYS FB 92 -17.16 98.31 110.55
CA LYS FB 92 -16.21 98.45 109.45
C LYS FB 92 -16.33 99.85 108.89
N ALA FB 93 -15.28 100.65 109.06
CA ALA FB 93 -15.26 102.02 108.56
C ALA FB 93 -14.10 102.21 107.60
N SER FB 94 -14.30 103.07 106.61
CA SER FB 94 -13.26 103.38 105.64
C SER FB 94 -13.52 104.78 105.08
N SER FB 95 -12.49 105.62 105.08
CA SER FB 95 -12.63 107.00 104.63
C SER FB 95 -11.38 107.43 103.87
N SER FB 96 -11.56 108.43 103.02
CA SER FB 96 -10.47 109.00 102.24
C SER FB 96 -10.70 110.49 102.06
N ILE FB 97 -9.62 111.26 102.13
CA ILE FB 97 -9.66 112.71 102.00
C ILE FB 97 -8.62 113.13 100.97
N GLY FB 98 -9.01 114.04 100.08
CA GLY FB 98 -8.09 114.59 99.11
C GLY FB 98 -8.19 116.10 99.01
N LEU FB 99 -7.09 116.81 99.30
CA LEU FB 99 -7.06 118.26 99.28
C LEU FB 99 -6.03 118.72 98.25
N GLN FB 100 -6.42 119.69 97.43
CA GLN FB 100 -5.52 120.26 96.45
C GLN FB 100 -5.65 121.78 96.46
N ILE FB 101 -4.52 122.47 96.55
CA ILE FB 101 -4.46 123.93 96.45
C ILE FB 101 -3.60 124.24 95.23
N LEU FB 102 -4.26 124.56 94.12
CA LEU FB 102 -3.63 124.95 92.85
C LEU FB 102 -2.65 123.85 92.45
N LYS FB 103 -1.43 124.17 92.05
CA LYS FB 103 -0.36 123.19 91.86
C LYS FB 103 0.70 123.32 92.94
N HIS FB 104 0.33 123.89 94.10
CA HIS FB 104 1.26 124.12 95.19
C HIS FB 104 1.08 123.16 96.36
N PHE FB 105 -0.14 122.71 96.64
CA PHE FB 105 -0.37 121.78 97.73
C PHE FB 105 -1.21 120.61 97.24
N ASP FB 106 -0.85 119.40 97.67
CA ASP FB 106 -1.60 118.21 97.29
C ASP FB 106 -1.44 117.15 98.37
N SER FB 107 -2.50 116.92 99.14
CA SER FB 107 -2.48 115.95 100.22
C SER FB 107 -3.55 114.89 100.00
N GLY FB 108 -3.19 113.63 100.22
CA GLY FB 108 -4.14 112.54 100.15
C GLY FB 108 -4.01 111.61 101.34
N ALA FB 109 -5.07 111.49 102.12
CA ALA FB 109 -5.08 110.65 103.30
C ALA FB 109 -6.18 109.62 103.19
N LYS FB 110 -6.02 108.50 103.89
CA LYS FB 110 -7.04 107.47 103.90
C LYS FB 110 -6.87 106.64 105.16
N GLY FB 111 -7.99 106.12 105.64
CA GLY FB 111 -7.98 105.31 106.85
C GLY FB 111 -9.04 104.24 106.77
N SER FB 112 -8.81 103.16 107.52
CA SER FB 112 -9.77 102.06 107.57
C SER FB 112 -9.68 101.40 108.94
N LYS FB 113 -10.79 100.81 109.36
CA LYS FB 113 -10.88 100.17 110.67
C LYS FB 113 -11.88 99.03 110.60
N ASN FB 114 -11.52 97.90 111.21
CA ASN FB 114 -12.39 96.72 111.28
C ASN FB 114 -12.35 96.19 112.70
N PHE FB 115 -13.51 96.15 113.35
CA PHE FB 115 -13.63 95.79 114.76
C PHE FB 115 -14.67 94.70 114.90
N ILE FB 116 -14.30 93.59 115.55
CA ILE FB 116 -15.18 92.44 115.70
C ILE FB 116 -15.21 92.02 117.16
N THR FB 117 -16.41 91.76 117.67
CA THR FB 117 -16.58 91.37 119.07
C THR FB 117 -17.54 90.18 119.15
N SER FB 118 -17.25 89.25 120.06
CA SER FB 118 -18.10 88.10 120.30
C SER FB 118 -18.11 87.79 121.80
N ALA FB 119 -19.30 87.66 122.36
CA ALA FB 119 -19.45 87.34 123.78
C ALA FB 119 -20.40 86.16 123.93
N SER FB 120 -19.96 85.13 124.63
CA SER FB 120 -20.75 83.93 124.88
C SER FB 120 -20.87 83.79 126.39
N LEU FB 121 -22.02 84.17 126.94
CA LEU FB 121 -22.28 84.12 128.37
C LEU FB 121 -23.00 82.86 128.80
N GLY FB 122 -23.46 82.03 127.88
CA GLY FB 122 -24.13 80.80 128.26
C GLY FB 122 -25.40 81.07 129.04
N THR FB 123 -25.48 80.49 130.24
CA THR FB 123 -26.64 80.61 131.12
C THR FB 123 -26.28 81.48 132.31
N VAL FB 124 -27.17 82.39 132.67
CA VAL FB 124 -26.99 83.28 133.82
C VAL FB 124 -28.05 82.92 134.86
N VAL FB 125 -27.62 82.70 136.09
CA VAL FB 125 -28.51 82.38 137.19
C VAL FB 125 -28.51 83.54 138.17
N LYS FB 126 -29.49 83.53 139.07
CA LYS FB 126 -29.62 84.54 140.10
C LYS FB 126 -29.60 83.86 141.46
N ALA FB 127 -28.80 84.40 142.37
CA ALA FB 127 -28.65 83.88 143.72
C ALA FB 127 -29.11 84.93 144.72
N GLU FB 128 -29.87 84.48 145.72
CA GLU FB 128 -30.47 85.38 146.69
C GLU FB 128 -30.82 84.60 147.95
N THR FB 129 -31.03 85.33 149.04
CA THR FB 129 -31.41 84.71 150.30
C THR FB 129 -32.73 83.95 150.15
N ILE FB 130 -32.83 82.82 150.85
CA ILE FB 130 -34.06 82.02 150.79
C ILE FB 130 -35.24 82.82 151.33
N ASP FB 131 -35.06 83.51 152.45
CA ASP FB 131 -36.09 84.35 153.04
C ASP FB 131 -35.47 85.69 153.40
N ILE FB 132 -35.95 86.75 152.77
CA ILE FB 132 -35.41 88.09 153.04
C ILE FB 132 -36.15 88.77 154.19
N THR FB 133 -37.41 88.41 154.41
CA THR FB 133 -38.18 89.03 155.49
C THR FB 133 -37.55 88.75 156.85
N LYS FB 134 -37.12 87.50 157.08
CA LYS FB 134 -36.47 87.17 158.34
C LYS FB 134 -35.17 87.96 158.52
N VAL FB 135 -34.37 88.06 157.46
CA VAL FB 135 -33.13 88.82 157.53
C VAL FB 135 -33.42 90.27 157.86
N LEU FB 136 -34.43 90.86 157.21
CA LEU FB 136 -34.77 92.25 157.49
C LEU FB 136 -35.23 92.43 158.94
N ALA FB 137 -36.07 91.52 159.43
CA ALA FB 137 -36.54 91.62 160.80
C ALA FB 137 -35.37 91.57 161.79
N LYS FB 138 -34.48 90.58 161.61
CA LYS FB 138 -33.35 90.45 162.50
C LYS FB 138 -32.43 91.67 162.42
N VAL FB 139 -32.23 92.20 161.21
CA VAL FB 139 -31.42 93.42 161.07
C VAL FB 139 -32.03 94.55 161.89
N ARG FB 140 -33.33 94.76 161.73
CA ARG FB 140 -34.00 95.85 162.43
C ARG FB 140 -33.92 95.67 163.94
N THR FB 141 -33.96 94.42 164.41
CA THR FB 141 -33.90 94.18 165.85
C THR FB 141 -32.48 93.96 166.36
N ALA FB 142 -31.46 94.04 165.50
CA ALA FB 142 -30.10 93.75 165.89
C ALA FB 142 -29.24 95.03 165.85
N LYS FB 143 -28.24 95.09 166.71
CA LYS FB 143 -27.32 96.21 166.77
C LYS FB 143 -26.01 95.87 166.07
N ALA FB 144 -25.40 96.90 165.48
CA ALA FB 144 -24.14 96.73 164.78
C ALA FB 144 -22.99 96.50 165.76
N LYS FB 145 -21.83 96.11 165.22
CA LYS FB 145 -20.66 95.84 166.03
C LYS FB 145 -20.02 97.15 166.49
N VAL FB 146 -19.95 97.33 167.82
CA VAL FB 146 -19.35 98.54 168.37
C VAL FB 146 -17.87 98.63 167.99
N GLU FB 147 -17.17 97.49 168.00
CA GLU FB 147 -15.76 97.48 167.65
C GLU FB 147 -15.51 97.96 166.23
N ASN FB 148 -16.41 97.65 165.30
CA ASN FB 148 -16.19 97.98 163.90
C ASN FB 148 -16.03 99.48 163.71
N ASP FB 149 -15.04 99.86 162.90
CA ASP FB 149 -14.73 101.26 162.62
C ASP FB 149 -15.52 101.80 161.45
N LEU FB 150 -15.77 100.97 160.45
CA LEU FB 150 -16.53 101.40 159.27
C LEU FB 150 -17.91 101.93 159.65
N VAL FB 151 -18.61 101.20 160.54
CA VAL FB 151 -19.94 101.63 160.97
C VAL FB 151 -19.87 103.00 161.62
N SER FB 152 -18.90 103.20 162.49
CA SER FB 152 -18.75 104.50 163.16
C SER FB 152 -18.46 105.60 162.16
N ARG FB 153 -17.59 105.32 161.20
CA ARG FB 153 -17.28 106.30 160.15
C ARG FB 153 -18.55 106.70 159.41
N VAL FB 154 -19.33 105.71 158.96
CA VAL FB 154 -20.55 105.99 158.22
C VAL FB 154 -21.55 106.74 159.09
N MET FB 155 -21.61 106.43 160.39
CA MET FB 155 -22.52 107.12 161.30
C MET FB 155 -22.13 108.59 161.44
N LYS FB 156 -20.85 108.87 161.61
CA LYS FB 156 -20.44 110.26 161.83
C LYS FB 156 -20.52 111.07 160.54
N THR FB 157 -20.23 110.45 159.40
CA THR FB 157 -20.31 111.16 158.14
C THR FB 157 -21.75 111.18 157.63
N LYS FB 158 -22.06 112.19 156.82
CA LYS FB 158 -23.40 112.36 156.27
C LYS FB 158 -23.51 111.89 154.83
N ARG FB 159 -22.43 111.93 154.06
CA ARG FB 159 -22.49 111.49 152.68
C ARG FB 159 -22.55 109.97 152.58
N LEU FB 160 -21.78 109.27 153.42
CA LEU FB 160 -21.69 107.83 153.32
C LEU FB 160 -22.99 107.15 153.74
N CYS FB 161 -23.36 106.10 153.02
CA CYS FB 161 -24.51 105.28 153.35
C CYS FB 161 -24.14 103.82 153.22
N LEU FB 162 -24.85 102.96 153.95
CA LEU FB 162 -24.58 101.52 153.91
C LEU FB 162 -25.64 100.81 153.07
N GLY FB 163 -25.21 99.79 152.35
CA GLY FB 163 -26.12 99.01 151.55
C GLY FB 163 -25.87 97.52 151.64
N LEU FB 164 -26.93 96.73 151.79
CA LEU FB 164 -26.85 95.28 151.88
C LEU FB 164 -27.24 94.69 150.53
N VAL FB 165 -26.35 93.88 149.96
CA VAL FB 165 -26.62 93.26 148.67
C VAL FB 165 -27.55 92.07 148.88
N VAL FB 166 -28.61 92.00 148.07
CA VAL FB 166 -29.66 91.01 148.26
C VAL FB 166 -29.82 90.04 147.11
N GLU FB 167 -29.33 90.35 145.91
CA GLU FB 167 -29.43 89.41 144.80
C GLU FB 167 -28.27 89.64 143.85
N THR FB 168 -27.78 88.55 143.24
CA THR FB 168 -26.62 88.63 142.37
C THR FB 168 -26.81 87.73 141.17
N ALA FB 169 -26.41 88.21 139.99
CA ALA FB 169 -26.47 87.45 138.76
C ALA FB 169 -25.08 86.90 138.43
N CYS FB 170 -24.98 85.58 138.27
CA CYS FB 170 -23.72 84.90 138.07
C CYS FB 170 -23.81 83.93 136.91
N VAL FB 171 -22.72 83.77 136.18
CA VAL FB 171 -22.68 82.84 135.06
C VAL FB 171 -22.60 81.41 135.59
N ALA FB 172 -23.46 80.53 135.06
CA ALA FB 172 -23.45 79.15 135.51
C ALA FB 172 -22.22 78.40 135.00
N ALA FB 173 -21.80 78.67 133.76
CA ALA FB 173 -20.67 78.01 133.16
C ALA FB 173 -19.65 79.05 132.70
N ALA FB 174 -18.56 78.57 132.09
CA ALA FB 174 -17.52 79.47 131.63
C ALA FB 174 -18.01 80.37 130.51
N GLY FB 175 -17.59 81.62 130.54
CA GLY FB 175 -18.00 82.61 129.54
C GLY FB 175 -16.80 83.05 128.71
N LYS FB 176 -17.00 83.15 127.40
CA LYS FB 176 -15.92 83.43 126.46
C LYS FB 176 -16.10 84.80 125.83
N LEU FB 177 -15.03 85.61 125.86
CA LEU FB 177 -15.06 86.95 125.30
C LEU FB 177 -13.91 87.09 124.31
N THR FB 178 -14.23 87.43 123.06
CA THR FB 178 -13.24 87.55 122.00
C THR FB 178 -13.37 88.90 121.29
N GLU FB 179 -12.24 89.52 121.00
CA GLU FB 179 -12.19 90.82 120.33
C GLU FB 179 -11.05 90.85 119.34
N ALA FB 180 -11.33 91.40 118.15
CA ALA FB 180 -10.33 91.54 117.11
C ALA FB 180 -10.39 92.95 116.53
N ASP FB 181 -9.23 93.57 116.33
CA ASP FB 181 -9.12 94.93 115.84
C ASP FB 181 -8.06 94.96 114.74
N ASN FB 182 -8.37 95.64 113.63
CA ASN FB 182 -7.43 95.84 112.55
C ASN FB 182 -7.66 97.21 111.95
N TRP FB 183 -6.72 98.13 112.14
CA TRP FB 183 -6.91 99.46 111.56
C TRP FB 183 -5.64 99.92 110.87
N GLU FB 184 -5.81 100.83 109.91
CA GLU FB 184 -4.73 101.22 109.01
C GLU FB 184 -4.90 102.67 108.60
N ILE FB 185 -3.77 103.38 108.49
CA ILE FB 185 -3.71 104.78 108.08
C ILE FB 185 -2.64 104.92 107.01
N SER FB 186 -2.98 105.60 105.92
CA SER FB 186 -2.03 105.88 104.85
C SER FB 186 -2.18 107.33 104.41
N GLY FB 187 -1.12 108.12 104.58
CA GLY FB 187 -1.16 109.52 104.25
C GLY FB 187 -0.01 109.93 103.36
N HIS FB 188 -0.25 110.96 102.55
CA HIS FB 188 0.73 111.46 101.60
C HIS FB 188 0.57 112.97 101.47
N THR FB 189 1.69 113.67 101.40
CA THR FB 189 1.71 115.13 101.31
C THR FB 189 2.73 115.55 100.26
N ASN FB 190 2.34 116.52 99.42
CA ASN FB 190 3.22 117.05 98.38
C ASN FB 190 3.09 118.58 98.41
N ALA FB 191 4.15 119.24 98.85
CA ALA FB 191 4.22 120.70 98.86
C ALA FB 191 5.20 121.13 97.77
N ASN FB 192 4.67 121.65 96.67
CA ASN FB 192 5.48 122.11 95.55
C ASN FB 192 5.55 123.62 95.58
N ILE FB 193 6.77 124.15 95.64
CA ILE FB 193 7.02 125.59 95.62
C ILE FB 193 8.03 125.86 94.52
N GLY FB 194 8.13 127.13 94.12
CA GLY FB 194 9.03 127.50 93.03
C GLY FB 194 10.47 127.10 93.27
N GLU FB 195 10.91 127.12 94.53
CA GLU FB 195 12.29 126.76 94.86
C GLU FB 195 12.36 125.61 95.87
N ALA FB 196 11.25 124.95 96.17
CA ALA FB 196 11.26 123.86 97.14
C ALA FB 196 10.21 122.83 96.75
N VAL FB 197 10.57 121.55 96.88
CA VAL FB 197 9.67 120.44 96.65
C VAL FB 197 9.79 119.49 97.83
N VAL FB 198 8.68 119.22 98.50
CA VAL FB 198 8.63 118.31 99.64
C VAL FB 198 7.61 117.22 99.35
N THR FB 199 8.01 115.96 99.51
CA THR FB 199 7.14 114.81 99.28
C THR FB 199 7.27 113.86 100.47
N ALA FB 200 6.23 113.80 101.29
CA ALA FB 200 6.22 112.97 102.48
C ALA FB 200 5.15 111.89 102.36
N THR FB 201 5.40 110.73 102.94
CA THR FB 201 4.47 109.62 102.91
C THR FB 201 4.61 108.82 104.20
N ALA FB 202 3.48 108.37 104.74
CA ALA FB 202 3.49 107.59 105.98
C ALA FB 202 2.38 106.55 105.95
N GLU FB 203 2.74 105.29 106.21
CA GLU FB 203 1.78 104.20 106.27
C GLU FB 203 1.97 103.44 107.57
N LEU FB 204 0.87 103.10 108.22
CA LEU FB 204 0.95 102.26 109.41
C LEU FB 204 -0.34 101.46 109.54
N ASP FB 205 -0.27 100.37 110.30
CA ASP FB 205 -1.42 99.51 110.52
C ASP FB 205 -1.19 98.68 111.77
N LYS FB 206 -2.20 98.59 112.63
CA LYS FB 206 -2.14 97.86 113.88
C LYS FB 206 -3.20 96.76 113.90
N ASN FB 207 -2.81 95.60 114.41
CA ASN FB 207 -3.68 94.44 114.54
C ASN FB 207 -3.59 93.91 115.96
N LEU FB 208 -4.75 93.72 116.60
CA LEU FB 208 -4.83 93.21 117.96
C LEU FB 208 -5.90 92.13 118.05
N SER FB 209 -5.72 91.22 118.99
CA SER FB 209 -6.70 90.17 119.25
C SER FB 209 -6.60 89.74 120.70
N ARG FB 210 -7.72 89.80 121.43
CA ARG FB 210 -7.76 89.45 122.83
C ARG FB 210 -8.89 88.45 123.06
N LYS FB 211 -8.58 87.32 123.71
CA LYS FB 211 -9.55 86.28 123.97
C LYS FB 211 -9.40 85.80 125.40
N ILE FB 212 -10.46 85.92 126.20
CA ILE FB 212 -10.44 85.53 127.61
C ILE FB 212 -11.65 84.66 127.91
N GLU FB 213 -11.60 84.01 129.07
CA GLU FB 213 -12.67 83.11 129.51
C GLU FB 213 -12.85 83.25 131.02
N ILE FB 214 -13.95 83.86 131.41
CA ILE FB 214 -14.28 83.98 132.84
C ILE FB 214 -14.80 82.65 133.36
N PRO FB 215 -14.44 82.25 134.57
CA PRO FB 215 -14.83 80.94 135.09
C PRO FB 215 -16.25 80.95 135.64
N PRO FB 216 -16.84 79.79 135.87
CA PRO FB 216 -18.18 79.75 136.46
C PRO FB 216 -18.22 80.40 137.83
N GLY FB 217 -19.33 81.07 138.13
CA GLY FB 217 -19.53 81.72 139.41
C GLY FB 217 -19.20 83.20 139.41
N THR FB 218 -18.63 83.73 138.34
CA THR FB 218 -18.30 85.15 138.29
C THR FB 218 -19.56 86.00 138.32
N ALA FB 219 -19.60 86.97 139.23
CA ALA FB 219 -20.75 87.84 139.35
C ALA FB 219 -20.79 88.85 138.20
N LEU FB 220 -21.99 89.19 137.76
CA LEU FB 220 -22.19 90.16 136.70
C LEU FB 220 -22.89 91.43 137.15
N ALA FB 221 -23.93 91.33 137.98
CA ALA FB 221 -24.68 92.48 138.41
C ALA FB 221 -25.34 92.18 139.75
N TYR FB 222 -25.82 93.22 140.41
CA TYR FB 222 -26.36 93.07 141.75
C TYR FB 222 -27.35 94.18 142.04
N SER FB 223 -28.15 93.96 143.08
CA SER FB 223 -29.07 94.97 143.61
C SER FB 223 -28.95 94.98 145.12
N PHE FB 224 -29.16 96.15 145.72
CA PHE FB 224 -28.93 96.30 147.16
C PHE FB 224 -30.02 97.16 147.78
N MET FB 225 -30.15 97.02 149.10
CA MET FB 225 -31.10 97.78 149.90
C MET FB 225 -30.35 98.68 150.88
N ASP FB 226 -30.84 99.91 151.05
CA ASP FB 226 -30.15 100.87 151.88
C ASP FB 226 -30.37 100.59 153.37
N LEU FB 227 -29.48 101.13 154.20
CA LEU FB 227 -29.55 100.99 155.65
C LEU FB 227 -29.27 102.34 156.29
N GLU FB 228 -29.51 102.40 157.60
CA GLU FB 228 -29.31 103.63 158.36
C GLU FB 228 -28.90 103.28 159.78
N ILE FB 229 -27.79 103.86 160.24
CA ILE FB 229 -27.30 103.65 161.60
C ILE FB 229 -28.06 104.58 162.54
N LEU FB 230 -28.69 104.02 163.57
CA LEU FB 230 -29.31 104.84 164.60
C LEU FB 230 -28.23 105.52 165.44
N GLU FB 231 -28.68 106.32 166.41
CA GLU FB 231 -27.75 106.89 167.39
C GLU FB 231 -26.96 105.79 168.09
N ASP FB 232 -27.65 104.73 168.51
CA ASP FB 232 -27.00 103.54 169.03
C ASP FB 232 -26.47 102.69 167.87
N ARG FB 233 -25.93 101.52 168.22
CA ARG FB 233 -25.47 100.58 167.19
C ARG FB 233 -26.61 99.96 166.40
N SER FB 234 -27.86 100.22 166.78
CA SER FB 234 -29.01 99.66 166.08
C SER FB 234 -29.03 100.10 164.61
N LEU FB 235 -29.55 99.22 163.76
CA LEU FB 235 -29.65 99.48 162.34
C LEU FB 235 -31.12 99.46 161.91
N ARG FB 236 -31.44 100.29 160.91
CA ARG FB 236 -32.79 100.38 160.37
C ARG FB 236 -32.72 100.34 158.86
N VAL FB 237 -33.83 99.97 158.23
CA VAL FB 237 -33.89 99.93 156.78
C VAL FB 237 -34.62 101.19 156.31
N SER FB 238 -34.16 101.74 155.19
CA SER FB 238 -34.69 102.98 154.66
C SER FB 238 -35.16 102.78 153.22
N SER FB 239 -36.29 103.39 152.88
CA SER FB 239 -36.90 103.24 151.56
C SER FB 239 -37.17 104.63 150.98
N SER FB 240 -36.51 104.94 149.87
CA SER FB 240 -36.78 106.16 149.13
C SER FB 240 -38.06 105.97 148.32
N ALA FB 241 -39.14 106.62 148.75
CA ALA FB 241 -40.46 106.48 148.14
C ALA FB 241 -40.92 105.02 148.14
N GLY FB 242 -40.51 104.26 149.16
CA GLY FB 242 -40.90 102.87 149.28
C GLY FB 242 -40.27 101.93 148.28
N ALA FB 243 -39.16 102.34 147.65
CA ALA FB 243 -38.52 101.49 146.65
C ALA FB 243 -37.96 100.22 147.28
N MET FB 244 -37.16 100.36 148.33
CA MET FB 244 -36.46 99.25 148.98
C MET FB 244 -35.59 98.46 148.02
N PHE FB 245 -35.26 99.02 146.86
CA PHE FB 245 -34.39 98.38 145.89
C PHE FB 245 -33.62 99.49 145.17
N ASP FB 246 -32.38 99.71 145.58
CA ASP FB 246 -31.59 100.80 145.04
C ASP FB 246 -30.66 100.27 143.96
N SER FB 247 -30.66 100.95 142.81
CA SER FB 247 -29.83 100.57 141.67
C SER FB 247 -28.70 101.57 141.44
N GLY FB 248 -28.37 102.37 142.45
CA GLY FB 248 -27.35 103.39 142.29
C GLY FB 248 -27.70 104.43 141.25
N LYS FB 249 -28.97 104.83 141.21
CA LYS FB 249 -29.46 105.81 140.24
C LYS FB 249 -29.62 107.17 140.90
N ALA FB 250 -29.47 108.21 140.09
CA ALA FB 250 -29.67 109.57 140.58
C ALA FB 250 -31.13 109.80 140.94
N GLU FB 251 -31.35 110.69 141.91
CA GLU FB 251 -32.71 110.98 142.35
C GLU FB 251 -33.54 111.58 141.22
N SER FB 252 -32.95 112.49 140.44
CA SER FB 252 -33.62 113.14 139.31
C SER FB 252 -34.90 113.83 139.73
CA ARG GB 3 -35.79 99.05 122.93
C ARG GB 3 -35.45 97.60 123.24
N PRO GB 4 -35.46 97.25 124.52
CA PRO GB 4 -35.15 95.87 124.90
C PRO GB 4 -36.13 94.88 124.29
N MET GB 5 -35.62 93.71 123.91
CA MET GB 5 -36.45 92.69 123.31
C MET GB 5 -37.53 92.22 124.27
N PHE GB 6 -37.19 92.08 125.55
CA PHE GB 6 -38.19 91.67 126.53
C PHE GB 6 -39.32 92.69 126.62
N ALA GB 7 -38.98 93.98 126.65
CA ALA GB 7 -40.01 95.01 126.69
C ALA GB 7 -40.88 95.00 125.44
N VAL GB 8 -40.25 94.81 124.27
CA VAL GB 8 -41.01 94.77 123.03
C VAL GB 8 -41.96 93.58 123.03
N ALA GB 9 -41.49 92.42 123.47
CA ALA GB 9 -42.34 91.24 123.50
C ALA GB 9 -43.48 91.41 124.51
N VAL GB 10 -43.19 92.04 125.65
CA VAL GB 10 -44.24 92.28 126.64
C VAL GB 10 -45.30 93.20 126.06
N ASN GB 11 -44.89 94.25 125.36
CA ASN GB 11 -45.86 95.15 124.74
C ASN GB 11 -46.68 94.43 123.68
N GLU GB 12 -46.04 93.59 122.87
CA GLU GB 12 -46.78 92.84 121.86
C GLU GB 12 -47.82 91.92 122.50
N PHE GB 13 -47.42 91.21 123.55
CA PHE GB 13 -48.34 90.31 124.24
C PHE GB 13 -49.50 91.09 124.86
N ILE GB 14 -49.20 92.19 125.53
CA ILE GB 14 -50.26 92.93 126.22
C ILE GB 14 -51.20 93.57 125.21
N ARG GB 15 -50.70 93.94 124.03
CA ARG GB 15 -51.60 94.45 122.99
C ARG GB 15 -52.48 93.35 122.44
N SER GB 16 -51.89 92.19 122.11
CA SER GB 16 -52.66 91.11 121.52
C SER GB 16 -53.72 90.59 122.48
N ALA GB 17 -53.37 90.44 123.75
CA ALA GB 17 -54.30 89.95 124.76
C ALA GB 17 -54.22 90.84 125.99
N GLY GB 18 -55.37 91.19 126.54
CA GLY GB 18 -55.42 91.99 127.75
C GLY GB 18 -54.88 93.39 127.60
N GLN GB 19 -55.30 94.10 126.55
CA GLN GB 19 -54.86 95.48 126.37
C GLN GB 19 -55.33 96.36 127.52
N ASP GB 20 -56.43 96.01 128.16
CA ASP GB 20 -56.94 96.72 129.32
C ASP GB 20 -56.74 95.85 130.57
N SER GB 21 -56.62 96.53 131.71
CA SER GB 21 -56.46 95.88 133.01
C SER GB 21 -55.24 94.96 133.03
N LEU GB 22 -54.11 95.47 132.58
CA LEU GB 22 -52.88 94.69 132.56
C LEU GB 22 -51.69 95.65 132.54
N CYS GB 23 -50.67 95.36 133.34
CA CYS GB 23 -49.49 96.19 133.46
C CYS GB 23 -48.27 95.39 133.01
N GLY GB 24 -47.47 95.99 132.13
CA GLY GB 24 -46.26 95.33 131.68
C GLY GB 24 -45.22 95.18 132.78
N VAL GB 25 -44.36 94.19 132.60
CA VAL GB 25 -43.28 93.92 133.55
C VAL GB 25 -42.05 94.73 133.13
N PRO GB 26 -41.42 95.46 134.04
CA PRO GB 26 -40.30 96.32 133.64
C PRO GB 26 -39.10 95.57 133.09
N ASP GB 27 -38.70 94.46 133.72
CA ASP GB 27 -37.52 93.74 133.28
C ASP GB 27 -37.56 92.31 133.77
N ILE GB 28 -36.72 91.47 133.18
CA ILE GB 28 -36.68 90.05 133.51
C ILE GB 28 -36.29 89.86 134.96
N ASN GB 29 -35.33 90.63 135.45
CA ASN GB 29 -34.86 90.47 136.82
C ASN GB 29 -35.97 90.72 137.83
N SER GB 30 -36.76 91.76 137.60
CA SER GB 30 -37.84 92.12 138.52
C SER GB 30 -39.16 91.45 138.17
N SER GB 31 -39.18 90.60 137.14
CA SER GB 31 -40.41 89.90 136.78
C SER GB 31 -40.89 89.01 137.91
N GLY GB 32 -39.95 88.40 138.66
CA GLY GB 32 -40.34 87.47 139.71
C GLY GB 32 -40.93 88.11 140.94
N ASP GB 33 -40.90 89.44 141.04
CA ASP GB 33 -41.44 90.14 142.19
C ASP GB 33 -42.89 90.55 141.99
N PHE GB 34 -43.51 90.19 140.87
CA PHE GB 34 -44.89 90.56 140.57
C PHE GB 34 -45.80 89.33 140.50
N MET GB 35 -45.50 88.32 141.31
CA MET GB 35 -46.37 87.17 141.43
C MET GB 35 -47.58 87.52 142.30
N PRO GB 36 -48.65 86.71 142.23
CA PRO GB 36 -49.85 87.03 143.00
C PRO GB 36 -49.57 87.10 144.50
N LEU GB 37 -50.35 87.95 145.17
CA LEU GB 37 -50.22 88.19 146.62
C LEU GB 37 -48.89 88.84 146.96
N HIS GB 38 -48.53 89.87 146.19
CA HIS GB 38 -47.35 90.68 146.45
C HIS GB 38 -47.76 92.13 146.61
N ILE GB 39 -47.06 92.84 147.49
CA ILE GB 39 -47.34 94.25 147.77
C ILE GB 39 -46.46 95.10 146.86
N ILE GB 40 -47.07 96.13 146.25
CA ILE GB 40 -46.36 97.10 145.43
C ILE GB 40 -46.77 98.49 145.87
N VAL GB 41 -45.93 99.47 145.54
CA VAL GB 41 -46.15 100.86 145.91
C VAL GB 41 -46.41 101.66 144.65
N LYS GB 42 -47.43 102.51 144.69
CA LYS GB 42 -47.80 103.37 143.58
C LYS GB 42 -47.57 104.82 143.95
N GLU GB 43 -46.87 105.55 143.07
CA GLU GB 43 -46.55 106.95 143.27
C GLU GB 43 -47.23 107.77 142.20
N VAL GB 44 -47.92 108.84 142.61
CA VAL GB 44 -48.66 109.70 141.69
C VAL GB 44 -47.68 110.54 140.87
N PRO GB 45 -48.05 110.96 139.67
CA PRO GB 45 -47.11 111.78 138.86
C PRO GB 45 -46.71 113.09 139.51
N LYS GB 46 -47.61 113.71 140.29
CA LYS GB 46 -47.42 114.97 141.00
C LYS GB 46 -47.33 116.17 140.06
N VAL GB 47 -47.36 115.96 138.74
CA VAL GB 47 -47.31 117.06 137.79
C VAL GB 47 -48.59 117.09 136.99
N LEU GB 48 -48.89 116.00 136.29
CA LEU GB 48 -50.12 115.84 135.52
C LEU GB 48 -50.72 114.50 135.89
N PRO GB 49 -51.33 114.40 137.09
CA PRO GB 49 -51.87 113.10 137.53
C PRO GB 49 -52.89 112.51 136.59
N CYS GB 50 -53.74 113.34 135.98
CA CYS GB 50 -54.76 112.85 135.07
C CYS GB 50 -54.24 112.62 133.66
N CYS GB 51 -53.01 113.05 133.36
CA CYS GB 51 -52.45 112.91 132.02
C CYS GB 51 -51.28 111.94 131.95
N ARG GB 52 -50.69 111.57 133.09
CA ARG GB 52 -49.52 110.70 133.12
C ARG GB 52 -49.80 109.49 133.98
N ARG GB 53 -49.35 108.32 133.54
CA ARG GB 53 -49.53 107.11 134.31
C ARG GB 53 -48.61 107.11 135.53
N PRO GB 54 -49.06 106.54 136.65
CA PRO GB 54 -48.25 106.57 137.87
C PRO GB 54 -47.01 105.69 137.79
N LYS GB 55 -46.21 105.69 138.85
CA LYS GB 55 -44.97 104.93 138.92
C LYS GB 55 -45.15 103.77 139.90
N ILE GB 56 -44.75 102.58 139.47
CA ILE GB 56 -44.96 101.35 140.25
C ILE GB 56 -43.60 100.85 140.74
N LYS GB 57 -43.51 100.60 142.04
CA LYS GB 57 -42.29 100.17 142.70
C LYS GB 57 -42.53 98.82 143.36
N ARG GB 58 -41.63 97.87 143.10
CA ARG GB 58 -41.72 96.55 143.71
C ARG GB 58 -41.18 96.57 145.13
N THR GB 59 -41.71 95.69 145.95
CA THR GB 59 -41.28 95.55 147.33
C THR GB 59 -41.08 94.08 147.67
N PRO GB 60 -40.16 93.76 148.59
CA PRO GB 60 -39.94 92.36 148.98
C PRO GB 60 -40.85 91.92 150.11
N TYR GB 61 -42.15 92.02 149.89
CA TYR GB 61 -43.14 91.68 150.90
C TYR GB 61 -44.29 90.91 150.28
N THR GB 62 -44.87 90.02 151.07
CA THR GB 62 -46.12 89.35 150.73
C THR GB 62 -47.21 89.82 151.69
N LEU GB 63 -48.44 89.41 151.38
CA LEU GB 63 -49.57 89.83 152.20
C LEU GB 63 -49.44 89.32 153.63
N ASN GB 64 -49.05 88.06 153.79
CA ASN GB 64 -48.94 87.48 155.13
C ASN GB 64 -47.84 88.16 155.93
N ASP GB 65 -46.74 88.54 155.27
CA ASP GB 65 -45.69 89.25 155.98
C ASP GB 65 -46.13 90.66 156.36
N ILE GB 66 -46.82 91.36 155.46
CA ILE GB 66 -47.21 92.73 155.74
C ILE GB 66 -48.32 92.79 156.77
N LEU GB 67 -49.11 91.72 156.91
CA LEU GB 67 -50.24 91.69 157.81
C LEU GB 67 -49.90 90.96 159.10
N ASP GB 68 -50.37 91.50 160.22
CA ASP GB 68 -50.23 90.81 161.50
C ASP GB 68 -51.00 89.49 161.49
N GLU GB 69 -52.21 89.49 160.93
CA GLU GB 69 -53.02 88.29 160.85
C GLU GB 69 -52.84 87.65 159.48
N PRO GB 70 -52.45 86.37 159.41
CA PRO GB 70 -52.26 85.74 158.10
C PRO GB 70 -53.57 85.48 157.39
N CYS GB 71 -53.46 85.29 156.08
CA CYS GB 71 -54.58 85.02 155.19
C CYS GB 71 -54.25 83.80 154.35
N PRO GB 72 -55.27 83.09 153.87
CA PRO GB 72 -55.00 81.97 152.95
C PRO GB 72 -54.30 82.46 151.69
N ASN GB 73 -53.39 81.63 151.18
CA ASN GB 73 -52.52 82.05 150.08
C ASN GB 73 -52.42 81.01 148.96
N GLN GB 74 -53.31 80.02 148.92
CA GLN GB 74 -53.25 79.01 147.87
C GLN GB 74 -53.53 79.64 146.51
N LEU GB 75 -52.91 79.09 145.48
CA LEU GB 75 -53.00 79.62 144.12
C LEU GB 75 -53.48 78.55 143.16
N LYS GB 76 -53.82 78.98 141.95
CA LYS GB 76 -54.21 78.09 140.87
C LYS GB 76 -53.88 78.76 139.55
N SER GB 77 -53.64 77.94 138.53
CA SER GB 77 -53.25 78.44 137.22
C SER GB 77 -54.09 77.77 136.14
N SER GB 78 -54.30 78.52 135.06
CA SER GB 78 -55.08 78.03 133.93
C SER GB 78 -54.62 78.73 132.66
N ASP GB 79 -54.84 78.08 131.52
CA ASP GB 79 -54.37 78.63 130.26
C ASP GB 79 -55.07 79.93 129.91
N LEU GB 80 -54.33 80.83 129.28
CA LEU GB 80 -54.86 82.13 128.88
C LEU GB 80 -54.85 82.33 127.36
N VAL GB 81 -53.70 82.15 126.72
CA VAL GB 81 -53.58 82.35 125.27
C VAL GB 81 -52.41 81.48 124.78
N THR GB 82 -52.40 81.22 123.48
CA THR GB 82 -51.40 80.35 122.87
C THR GB 82 -50.96 80.95 121.54
N PHE GB 83 -49.70 81.33 121.44
CA PHE GB 83 -49.12 81.84 120.20
C PHE GB 83 -48.59 80.66 119.41
N THR GB 84 -49.37 80.22 118.42
CA THR GB 84 -49.00 79.02 117.66
C THR GB 84 -47.73 79.24 116.85
N GLU GB 85 -47.55 80.44 116.28
CA GLU GB 85 -46.40 80.73 115.46
C GLU GB 85 -45.71 81.99 115.96
N PRO GB 86 -44.40 82.10 115.76
CA PRO GB 86 -43.67 83.26 116.27
C PRO GB 86 -44.14 84.56 115.63
N LEU GB 87 -44.16 85.62 116.43
CA LEU GB 87 -44.38 86.97 115.92
C LEU GB 87 -43.13 87.42 115.18
N VAL GB 88 -43.28 87.69 113.89
CA VAL GB 88 -42.16 88.02 113.00
C VAL GB 88 -42.37 89.43 112.47
N SER GB 89 -41.33 90.25 112.53
CA SER GB 89 -41.38 91.62 112.04
C SER GB 89 -40.16 91.91 111.19
N ASN GB 90 -40.38 92.58 110.07
CA ASN GB 90 -39.31 92.96 109.16
C ASN GB 90 -39.47 94.43 108.78
N VAL GB 91 -38.37 95.17 108.83
CA VAL GB 91 -38.33 96.56 108.39
C VAL GB 91 -37.12 96.72 107.48
N LYS GB 92 -37.31 97.37 106.34
CA LYS GB 92 -36.24 97.56 105.38
C LYS GB 92 -36.37 98.95 104.79
N ALA GB 93 -35.40 99.81 105.07
CA ALA GB 93 -35.41 101.19 104.57
C ALA GB 93 -34.15 101.44 103.75
N SER GB 94 -34.27 102.29 102.75
CA SER GB 94 -33.14 102.66 101.91
C SER GB 94 -33.41 104.04 101.31
N SER GB 95 -32.44 104.94 101.42
CA SER GB 95 -32.62 106.31 100.95
C SER GB 95 -31.32 106.82 100.35
N SER GB 96 -31.45 107.81 99.48
CA SER GB 96 -30.30 108.44 98.83
C SER GB 96 -30.61 109.91 98.60
N ILE GB 97 -29.60 110.75 98.81
CA ILE GB 97 -29.71 112.20 98.66
C ILE GB 97 -28.58 112.67 97.76
N GLY GB 98 -28.91 113.55 96.81
CA GLY GB 98 -27.90 114.17 95.97
C GLY GB 98 -28.09 115.66 95.84
N LEU GB 99 -27.08 116.44 96.25
CA LEU GB 99 -27.14 117.89 96.22
C LEU GB 99 -26.02 118.41 95.32
N GLN GB 100 -26.36 119.36 94.45
CA GLN GB 100 -25.38 119.98 93.58
C GLN GB 100 -25.61 121.49 93.56
N ILE GB 101 -24.55 122.24 93.78
CA ILE GB 101 -24.57 123.70 93.68
C ILE GB 101 -23.58 124.07 92.57
N LEU GB 102 -24.11 124.34 91.38
CA LEU GB 102 -23.35 124.76 90.19
C LEU GB 102 -22.27 123.73 89.94
N LYS GB 103 -21.02 124.13 89.69
CA LYS GB 103 -19.88 123.22 89.65
C LYS GB 103 -18.98 123.41 90.86
N HIS GB 104 -19.53 123.96 91.95
CA HIS GB 104 -18.76 124.26 93.15
C HIS GB 104 -19.02 123.29 94.30
N PHE GB 105 -20.23 122.76 94.42
CA PHE GB 105 -20.54 121.83 95.49
C PHE GB 105 -21.24 120.60 94.91
N ASP GB 106 -20.85 119.42 95.39
CA ASP GB 106 -21.48 118.18 94.93
C ASP GB 106 -21.39 117.14 96.04
N SER GB 107 -22.52 116.84 96.68
CA SER GB 107 -22.58 115.88 97.76
C SER GB 107 -23.54 114.76 97.42
N GLY GB 108 -23.13 113.52 97.69
CA GLY GB 108 -23.99 112.37 97.52
C GLY GB 108 -23.96 111.45 98.72
N ALA GB 109 -25.10 111.27 99.37
CA ALA GB 109 -25.21 110.44 100.54
C ALA GB 109 -26.22 109.33 100.31
N LYS GB 110 -26.07 108.23 101.03
CA LYS GB 110 -27.02 107.14 100.93
C LYS GB 110 -26.97 106.32 102.20
N GLY GB 111 -28.10 105.73 102.55
CA GLY GB 111 -28.20 104.93 103.76
C GLY GB 111 -29.17 103.79 103.56
N SER GB 112 -28.96 102.73 104.33
CA SER GB 112 -29.85 101.58 104.29
C SER GB 112 -29.90 100.92 105.66
N LYS GB 113 -31.01 100.27 105.94
CA LYS GB 113 -31.22 99.63 107.23
C LYS GB 113 -32.13 98.42 107.05
N ASN GB 114 -31.79 97.32 107.71
CA ASN GB 114 -32.57 96.09 107.69
C ASN GB 114 -32.68 95.57 109.11
N PHE GB 115 -33.91 95.46 109.61
CA PHE GB 115 -34.19 95.09 110.99
C PHE GB 115 -35.17 93.94 111.02
N ILE GB 116 -34.81 92.86 111.72
CA ILE GB 116 -35.62 91.65 111.77
C ILE GB 116 -35.82 91.24 113.23
N THR GB 117 -37.05 90.90 113.58
CA THR GB 117 -37.37 90.51 114.95
C THR GB 117 -38.26 89.26 114.92
N SER GB 118 -38.02 88.36 115.88
CA SER GB 118 -38.83 87.15 116.01
C SER GB 118 -39.01 86.84 117.50
N ALA GB 119 -40.25 86.64 117.92
CA ALA GB 119 -40.56 86.32 119.30
C ALA GB 119 -41.45 85.08 119.35
N SER GB 120 -41.02 84.08 120.10
CA SER GB 120 -41.76 82.83 120.27
C SER GB 120 -42.07 82.68 121.75
N LEU GB 121 -43.30 83.00 122.14
CA LEU GB 121 -43.74 82.94 123.53
C LEU GB 121 -44.43 81.64 123.90
N GLY GB 122 -44.71 80.77 122.92
CA GLY GB 122 -45.34 79.50 123.23
C GLY GB 122 -46.71 79.69 123.84
N THR GB 123 -46.92 79.11 125.03
CA THR GB 123 -48.18 79.16 125.74
C THR GB 123 -48.02 80.06 126.96
N VAL GB 124 -49.01 80.91 127.20
CA VAL GB 124 -49.04 81.81 128.36
C VAL GB 124 -50.20 81.39 129.25
N VAL GB 125 -49.91 81.20 130.53
CA VAL GB 125 -50.91 80.83 131.51
C VAL GB 125 -51.11 81.99 132.48
N LYS GB 126 -52.20 81.92 133.25
CA LYS GB 126 -52.53 82.93 134.25
C LYS GB 126 -52.64 82.24 135.59
N ALA GB 127 -51.99 82.85 136.60
CA ALA GB 127 -51.99 82.34 137.96
C ALA GB 127 -52.63 83.36 138.87
N GLU GB 128 -53.48 82.87 139.78
CA GLU GB 128 -54.26 83.73 140.66
C GLU GB 128 -54.72 82.93 141.87
N THR GB 129 -55.11 83.65 142.91
CA THR GB 129 -55.60 83.00 144.12
C THR GB 129 -56.83 82.16 143.82
N ILE GB 130 -56.96 81.04 144.51
CA ILE GB 130 -58.11 80.16 144.31
C ILE GB 130 -59.41 80.88 144.68
N ASP GB 131 -59.41 81.59 145.81
CA ASP GB 131 -60.56 82.36 146.25
C ASP GB 131 -60.08 83.73 146.67
N ILE GB 132 -60.53 84.76 145.98
CA ILE GB 132 -60.13 86.13 146.29
C ILE GB 132 -61.05 86.77 147.33
N THR GB 133 -62.31 86.33 147.40
CA THR GB 133 -63.24 86.90 148.37
C THR GB 133 -62.77 86.67 149.80
N LYS GB 134 -62.29 85.45 150.10
CA LYS GB 134 -61.79 85.17 151.44
C LYS GB 134 -60.57 86.04 151.76
N VAL GB 135 -59.66 86.19 150.81
CA VAL GB 135 -58.49 87.02 151.02
C VAL GB 135 -58.91 88.45 151.30
N LEU GB 136 -59.86 88.97 150.53
CA LEU GB 136 -60.33 90.34 150.74
C LEU GB 136 -60.98 90.50 152.11
N ALA GB 137 -61.80 89.53 152.51
CA ALA GB 137 -62.46 89.61 153.81
C ALA GB 137 -61.43 89.63 154.93
N LYS GB 138 -60.46 88.71 154.88
CA LYS GB 138 -59.43 88.65 155.92
C LYS GB 138 -58.59 89.93 155.94
N VAL GB 139 -58.27 90.47 154.76
CA VAL GB 139 -57.53 91.74 154.71
C VAL GB 139 -58.31 92.83 155.42
N ARG GB 140 -59.59 92.95 155.10
CA ARG GB 140 -60.41 94.00 155.70
C ARG GB 140 -60.52 93.83 157.21
N THR GB 141 -60.54 92.59 157.69
CA THR GB 141 -60.64 92.35 159.13
C THR GB 141 -59.29 92.22 159.81
N ALA GB 142 -58.18 92.37 159.09
CA ALA GB 142 -56.85 92.17 159.65
C ALA GB 142 -56.09 93.49 159.69
N LYS GB 143 -55.22 93.63 160.69
CA LYS GB 143 -54.38 94.80 160.85
C LYS GB 143 -52.97 94.55 160.33
N ALA GB 144 -52.36 95.62 159.81
CA ALA GB 144 -51.01 95.53 159.27
C ALA GB 144 -49.98 95.37 160.39
N LYS GB 145 -48.75 95.06 160.00
CA LYS GB 145 -47.67 94.86 160.96
C LYS GB 145 -47.19 96.21 161.48
N VAL GB 146 -47.28 96.40 162.81
CA VAL GB 146 -46.84 97.65 163.41
C VAL GB 146 -45.34 97.83 163.23
N GLU GB 147 -44.57 96.74 163.34
CA GLU GB 147 -43.13 96.82 163.18
C GLU GB 147 -42.73 97.31 161.79
N ASN GB 148 -43.48 96.94 160.76
CA ASN GB 148 -43.11 97.28 159.39
C ASN GB 148 -43.02 98.78 159.20
N ASP GB 149 -41.96 99.22 158.52
CA ASP GB 149 -41.71 100.64 158.27
C ASP GB 149 -42.39 101.12 157.00
N LEU GB 150 -42.45 100.28 155.98
CA LEU GB 150 -43.07 100.65 154.72
C LEU GB 150 -44.52 101.09 154.91
N VAL GB 151 -45.28 100.33 155.71
CA VAL GB 151 -46.68 100.67 155.96
C VAL GB 151 -46.78 102.04 156.60
N SER GB 152 -45.95 102.31 157.59
CA SER GB 152 -45.96 103.61 158.25
C SER GB 152 -45.62 104.73 157.29
N ARG GB 153 -44.61 104.51 156.44
CA ARG GB 153 -44.24 105.50 155.44
C ARG GB 153 -45.43 105.81 154.53
N VAL GB 154 -46.08 104.78 154.01
CA VAL GB 154 -47.22 104.97 153.11
C VAL GB 154 -48.36 105.66 153.85
N MET GB 155 -48.56 105.35 155.12
CA MET GB 155 -49.62 105.98 155.91
C MET GB 155 -49.36 107.48 156.07
N LYS GB 156 -48.12 107.84 156.40
CA LYS GB 156 -47.84 109.25 156.66
C LYS GB 156 -47.79 110.05 155.36
N THR GB 157 -47.32 109.45 154.28
CA THR GB 157 -47.29 110.15 153.00
C THR GB 157 -48.65 110.07 152.31
N LYS GB 158 -48.92 111.06 151.46
CA LYS GB 158 -50.18 111.14 150.74
C LYS GB 158 -50.09 110.65 149.30
N ARG GB 159 -48.92 110.77 148.68
CA ARG GB 159 -48.78 110.31 147.30
C ARG GB 159 -48.74 108.79 147.21
N LEU GB 160 -48.03 108.15 148.15
CA LEU GB 160 -47.83 106.72 148.09
C LEU GB 160 -49.13 105.96 148.35
N CYS GB 161 -49.34 104.89 147.59
CA CYS GB 161 -50.47 104.00 147.79
C CYS GB 161 -49.98 102.55 147.72
N LEU GB 162 -50.73 101.66 148.37
CA LEU GB 162 -50.37 100.24 148.38
C LEU GB 162 -51.27 99.46 147.42
N GLY GB 163 -50.69 98.46 146.78
CA GLY GB 163 -51.43 97.62 145.86
C GLY GB 163 -51.10 96.15 146.01
N LEU GB 164 -52.13 95.30 146.03
CA LEU GB 164 -51.96 93.86 146.15
C LEU GB 164 -52.14 93.24 144.77
N VAL GB 165 -51.14 92.49 144.32
CA VAL GB 165 -51.20 91.85 143.02
C VAL GB 165 -52.07 90.60 143.12
N VAL GB 166 -53.00 90.45 142.18
CA VAL GB 166 -54.00 89.40 142.25
C VAL GB 166 -53.96 88.42 141.10
N GLU GB 167 -53.34 88.75 139.97
CA GLU GB 167 -53.24 87.81 138.86
C GLU GB 167 -51.99 88.11 138.06
N THR GB 168 -51.35 87.05 137.54
CA THR GB 168 -50.11 87.20 136.82
C THR GB 168 -50.08 86.28 135.60
N ALA GB 169 -49.56 86.79 134.49
CA ALA GB 169 -49.42 86.02 133.27
C ALA GB 169 -47.97 85.57 133.14
N CYS GB 170 -47.77 84.25 133.00
CA CYS GB 170 -46.45 83.66 132.97
C CYS GB 170 -46.33 82.68 131.82
N VAL GB 171 -45.15 82.58 131.23
CA VAL GB 171 -44.91 81.65 130.13
C VAL GB 171 -44.81 80.24 130.69
N ALA GB 172 -45.52 79.31 130.07
CA ALA GB 172 -45.49 77.92 130.52
C ALA GB 172 -44.15 77.26 130.19
N ALA GB 173 -43.61 77.55 129.01
CA ALA GB 173 -42.36 76.96 128.55
C ALA GB 173 -41.37 78.06 128.22
N ALA GB 174 -40.18 77.65 127.77
CA ALA GB 174 -39.14 78.61 127.43
C ALA GB 174 -39.55 79.47 126.24
N GLY GB 175 -39.23 80.76 126.31
CA GLY GB 175 -39.55 81.71 125.25
C GLY GB 175 -38.29 82.22 124.58
N LYS GB 176 -38.32 82.30 123.26
CA LYS GB 176 -37.16 82.65 122.45
C LYS GB 176 -37.33 84.01 121.79
N LEU GB 177 -36.34 84.88 121.95
CA LEU GB 177 -36.38 86.22 121.37
C LEU GB 177 -35.13 86.43 120.54
N THR GB 178 -35.30 86.74 119.24
CA THR GB 178 -34.20 86.92 118.31
C THR GB 178 -34.32 88.25 117.59
N GLU GB 179 -33.20 88.95 117.43
CA GLU GB 179 -33.16 90.25 116.76
C GLU GB 179 -31.90 90.34 115.92
N ALA GB 180 -32.06 90.87 114.71
CA ALA GB 180 -30.95 91.07 113.79
C ALA GB 180 -31.03 92.47 113.19
N ASP GB 181 -29.88 93.17 113.15
CA ASP GB 181 -29.80 94.52 112.65
C ASP GB 181 -28.62 94.62 111.69
N ASN GB 182 -28.84 95.28 110.54
CA ASN GB 182 -27.76 95.53 109.58
C ASN GB 182 -28.01 96.89 108.95
N TRP GB 183 -27.17 97.87 109.24
CA TRP GB 183 -27.37 99.18 108.63
C TRP GB 183 -26.04 99.72 108.11
N GLU GB 184 -26.15 100.61 107.12
CA GLU GB 184 -25.00 101.06 106.35
C GLU GB 184 -25.19 102.50 105.91
N ILE GB 185 -24.11 103.29 105.95
CA ILE GB 185 -24.09 104.68 105.53
C ILE GB 185 -22.90 104.89 104.60
N SER GB 186 -23.14 105.54 103.46
CA SER GB 186 -22.09 105.88 102.52
C SER GB 186 -22.26 107.32 102.05
N GLY GB 187 -21.29 108.17 102.35
CA GLY GB 187 -21.38 109.57 102.00
C GLY GB 187 -20.15 110.04 101.26
N HIS GB 188 -20.36 111.05 100.40
CA HIS GB 188 -19.29 111.62 99.59
C HIS GB 188 -19.54 113.11 99.42
N THR GB 189 -18.45 113.88 99.47
CA THR GB 189 -18.52 115.34 99.38
C THR GB 189 -17.41 115.82 98.47
N ASN GB 190 -17.74 116.76 97.57
CA ASN GB 190 -16.78 117.35 96.65
C ASN GB 190 -17.00 118.85 96.63
N ALA GB 191 -16.06 119.59 97.20
CA ALA GB 191 -16.08 121.05 97.20
C ALA GB 191 -15.00 121.53 96.24
N ASN GB 192 -15.41 122.01 95.08
CA ASN GB 192 -14.50 122.52 94.06
C ASN GB 192 -14.53 124.04 94.09
N ILE GB 193 -13.36 124.64 94.28
CA ILE GB 193 -13.20 126.10 94.29
C ILE GB 193 -12.07 126.43 93.32
N GLY GB 194 -12.01 127.71 92.92
CA GLY GB 194 -11.01 128.12 91.95
C GLY GB 194 -9.59 127.81 92.38
N GLU GB 195 -9.31 127.87 93.68
CA GLU GB 195 -7.97 127.60 94.19
C GLU GB 195 -7.94 126.47 95.21
N ALA GB 196 -9.05 125.73 95.38
CA ALA GB 196 -9.09 124.65 96.35
C ALA GB 196 -10.00 123.55 95.84
N VAL GB 197 -9.60 122.31 96.04
CA VAL GB 197 -10.38 121.13 95.70
C VAL GB 197 -10.36 120.19 96.90
N VAL GB 198 -11.53 119.85 97.42
CA VAL GB 198 -11.66 118.95 98.56
C VAL GB 198 -12.56 117.80 98.16
N THR GB 199 -12.10 116.57 98.38
CA THR GB 199 -12.87 115.36 98.05
C THR GB 199 -12.83 114.43 99.26
N ALA GB 200 -13.96 114.31 99.95
CA ALA GB 200 -14.07 113.47 101.14
C ALA GB 200 -15.05 112.33 100.89
N THR GB 201 -14.79 111.20 101.52
CA THR GB 201 -15.63 110.02 101.37
C THR GB 201 -15.62 109.24 102.68
N ALA GB 202 -16.77 108.71 103.08
CA ALA GB 202 -16.87 107.94 104.32
C ALA GB 202 -17.90 106.83 104.16
N GLU GB 203 -17.50 105.60 104.48
CA GLU GB 203 -18.38 104.45 104.43
C GLU GB 203 -18.32 103.71 105.75
N LEU GB 204 -19.47 103.30 106.27
CA LEU GB 204 -19.48 102.46 107.45
C LEU GB 204 -20.73 101.59 107.44
N ASP GB 205 -20.68 100.50 108.21
CA ASP GB 205 -21.80 99.58 108.30
C ASP GB 205 -21.68 98.77 109.58
N LYS GB 206 -22.78 98.61 110.29
CA LYS GB 206 -22.83 97.89 111.55
C LYS GB 206 -23.80 96.73 111.45
N ASN GB 207 -23.41 95.60 112.03
CA ASN GB 207 -24.22 94.38 112.06
C ASN GB 207 -24.29 93.88 113.49
N LEU GB 208 -25.50 93.61 113.97
CA LEU GB 208 -25.71 93.10 115.31
C LEU GB 208 -26.72 91.95 115.29
N SER GB 209 -26.61 91.06 116.26
CA SER GB 209 -27.54 89.94 116.39
C SER GB 209 -27.60 89.53 117.86
N ARG GB 210 -28.80 89.52 118.43
CA ARG GB 210 -29.01 89.17 119.82
C ARG GB 210 -30.09 88.10 119.91
N LYS GB 211 -29.78 87.00 120.61
CA LYS GB 211 -30.72 85.90 120.77
C LYS GB 211 -30.71 85.44 122.21
N ILE GB 212 -31.88 85.48 122.86
CA ILE GB 212 -32.01 85.10 124.26
C ILE GB 212 -33.19 84.16 124.42
N GLU GB 213 -33.25 83.52 125.59
CA GLU GB 213 -34.30 82.55 125.90
C GLU GB 213 -34.68 82.68 127.36
N ILE GB 214 -35.87 83.23 127.62
CA ILE GB 214 -36.38 83.33 128.99
C ILE GB 214 -36.88 81.96 129.44
N PRO GB 215 -36.65 81.60 130.71
CA PRO GB 215 -37.02 80.26 131.17
C PRO GB 215 -38.49 80.19 131.55
N PRO GB 216 -39.03 78.99 131.71
CA PRO GB 216 -40.44 78.87 132.12
C PRO GB 216 -40.68 79.52 133.48
N GLY GB 217 -41.86 80.11 133.63
CA GLY GB 217 -42.26 80.75 134.86
C GLY GB 217 -42.04 82.25 134.89
N THR GB 218 -41.37 82.82 133.89
CA THR GB 218 -41.12 84.25 133.87
C THR GB 218 -42.43 85.02 133.73
N ALA GB 219 -42.64 85.99 134.62
CA ALA GB 219 -43.86 86.78 134.57
C ALA GB 219 -43.82 87.78 133.43
N LEU GB 220 -44.97 88.04 132.83
CA LEU GB 220 -45.10 89.00 131.74
C LEU GB 220 -45.92 90.22 132.09
N ALA GB 221 -47.04 90.05 132.78
CA ALA GB 221 -47.93 91.16 133.09
C ALA GB 221 -48.73 90.81 134.33
N TYR GB 222 -49.35 91.83 134.93
CA TYR GB 222 -50.05 91.65 136.19
C TYR GB 222 -51.14 92.69 136.33
N SER GB 223 -52.04 92.43 137.28
CA SER GB 223 -53.08 93.38 137.67
C SER GB 223 -53.16 93.40 139.17
N PHE GB 224 -53.52 94.56 139.74
CA PHE GB 224 -53.48 94.72 141.18
C PHE GB 224 -54.69 95.51 141.66
N MET GB 225 -54.98 95.37 142.95
CA MET GB 225 -56.07 96.08 143.62
C MET GB 225 -55.52 97.02 144.67
N ASP GB 226 -56.10 98.22 144.77
CA ASP GB 226 -55.58 99.22 145.67
C ASP GB 226 -55.97 98.93 147.11
N LEU GB 227 -55.23 99.53 148.04
CA LEU GB 227 -55.48 99.40 149.47
C LEU GB 227 -55.37 100.76 150.13
N GLU GB 228 -55.77 100.81 151.40
CA GLU GB 228 -55.75 102.05 152.17
C GLU GB 228 -55.51 101.73 153.64
N ILE GB 229 -54.50 102.38 154.22
CA ILE GB 229 -54.18 102.21 155.64
C ILE GB 229 -55.10 103.10 156.46
N LEU GB 230 -55.82 102.50 157.41
CA LEU GB 230 -56.62 103.28 158.34
C LEU GB 230 -55.71 104.03 159.31
N GLU GB 231 -56.32 104.81 160.20
CA GLU GB 231 -55.57 105.43 161.28
C GLU GB 231 -54.80 104.39 162.09
N ASP GB 232 -55.47 103.29 162.43
CA ASP GB 232 -54.82 102.15 163.05
C ASP GB 232 -54.09 101.33 161.98
N ARG GB 233 -53.52 100.20 162.39
CA ARG GB 233 -52.87 99.29 161.45
C ARG GB 233 -53.87 98.59 160.52
N SER GB 234 -55.17 98.77 160.74
CA SER GB 234 -56.18 98.13 159.90
C SER GB 234 -56.04 98.57 158.45
N LEU GB 235 -56.39 97.65 157.55
CA LEU GB 235 -56.34 97.90 156.11
C LEU GB 235 -57.73 97.79 155.51
N ARG GB 236 -57.97 98.60 154.47
CA ARG GB 236 -59.24 98.59 153.77
C ARG GB 236 -58.97 98.55 152.27
N VAL GB 237 -59.97 98.11 151.51
CA VAL GB 237 -59.86 98.07 150.07
C VAL GB 237 -60.59 99.26 149.49
N SER GB 238 -60.02 99.84 148.42
CA SER GB 238 -60.56 101.04 147.81
C SER GB 238 -60.84 100.81 146.34
N SER GB 239 -61.95 101.34 145.85
CA SER GB 239 -62.38 101.15 144.46
C SER GB 239 -62.65 102.51 143.84
N SER GB 240 -61.88 102.86 142.81
CA SER GB 240 -62.13 104.06 142.03
C SER GB 240 -63.28 103.80 141.08
N ALA GB 241 -64.45 104.38 141.36
CA ALA GB 241 -65.66 104.15 140.59
C ALA GB 241 -66.03 102.66 140.55
N GLY GB 242 -65.71 101.93 141.61
CA GLY GB 242 -66.03 100.52 141.69
C GLY GB 242 -65.21 99.62 140.81
N ALA GB 243 -64.05 100.09 140.31
CA ALA GB 243 -63.25 99.28 139.40
C ALA GB 243 -62.69 98.05 140.11
N MET GB 244 -62.03 98.25 141.26
CA MET GB 244 -61.36 97.19 142.01
C MET GB 244 -60.32 96.45 141.17
N PHE GB 245 -59.89 97.03 140.07
CA PHE GB 245 -58.85 96.44 139.21
C PHE GB 245 -58.08 97.59 138.58
N ASP GB 246 -56.92 97.90 139.15
CA ASP GB 246 -56.13 99.04 138.70
C ASP GB 246 -55.05 98.57 137.75
N SER GB 247 -54.94 99.23 136.59
CA SER GB 247 -53.95 98.91 135.58
C SER GB 247 -52.87 99.98 135.49
N GLY GB 248 -52.72 100.80 136.52
CA GLY GB 248 -51.74 101.88 136.47
C GLY GB 248 -52.03 102.90 135.39
N LYS GB 249 -53.31 103.22 135.19
CA LYS GB 249 -53.73 104.15 134.15
C LYS GB 249 -54.06 105.50 134.76
N ALA GB 250 -53.88 106.55 133.97
CA ALA GB 250 -54.23 107.90 134.42
C ALA GB 250 -55.73 108.03 134.58
N GLU GB 251 -56.13 108.91 135.51
CA GLU GB 251 -57.56 109.12 135.77
C GLU GB 251 -58.27 109.66 134.54
N SER GB 252 -57.64 110.60 133.83
CA SER GB 252 -58.19 111.20 132.62
C SER GB 252 -59.58 111.81 132.87
CA ARG HB 3 -57.30 96.95 116.26
C ARG HB 3 -56.91 95.52 116.63
N PRO HB 4 -57.06 95.18 117.91
CA PRO HB 4 -56.72 93.82 118.34
C PRO HB 4 -57.56 92.77 117.62
N MET HB 5 -56.92 91.64 117.33
CA MET HB 5 -57.61 90.56 116.63
C MET HB 5 -58.77 90.03 117.46
N PHE HB 6 -58.59 89.92 118.78
CA PHE HB 6 -59.68 89.45 119.63
C PHE HB 6 -60.87 90.39 119.55
N ALA HB 7 -60.62 91.70 119.61
CA ALA HB 7 -61.72 92.66 119.52
C ALA HB 7 -62.40 92.59 118.15
N VAL HB 8 -61.62 92.44 117.08
CA VAL HB 8 -62.21 92.34 115.76
C VAL HB 8 -63.09 91.09 115.65
N ALA HB 9 -62.59 89.96 116.15
CA ALA HB 9 -63.37 88.73 116.09
C ALA HB 9 -64.63 88.83 116.94
N VAL HB 10 -64.53 89.48 118.11
CA VAL HB 10 -65.71 89.66 118.96
C VAL HB 10 -66.75 90.51 118.25
N ASN HB 11 -66.31 91.58 117.58
CA ASN HB 11 -67.25 92.42 116.83
C ASN HB 11 -67.89 91.64 115.69
N GLU HB 12 -67.10 90.84 114.97
CA GLU HB 12 -67.66 90.04 113.89
C GLU HB 12 -68.70 89.06 114.41
N PHE HB 13 -68.39 88.38 115.51
CA PHE HB 13 -69.35 87.43 116.08
C PHE HB 13 -70.62 88.13 116.54
N ILE HB 14 -70.47 89.25 117.23
CA ILE HB 14 -71.65 89.93 117.78
C ILE HB 14 -72.50 90.50 116.65
N ARG HB 15 -71.88 90.90 115.54
CA ARG HB 15 -72.66 91.34 114.39
C ARG HB 15 -73.40 90.18 113.73
N SER HB 16 -72.70 89.07 113.50
CA SER HB 16 -73.32 87.93 112.82
C SER HB 16 -74.46 87.35 113.65
N ALA HB 17 -74.27 87.23 114.95
CA ALA HB 17 -75.28 86.68 115.84
C ALA HB 17 -75.42 87.58 117.06
N GLY HB 18 -76.65 87.85 117.46
CA GLY HB 18 -76.90 88.66 118.65
C GLY HB 18 -76.44 90.09 118.55
N GLN HB 19 -76.76 90.77 117.45
CA GLN HB 19 -76.39 92.17 117.32
C GLN HB 19 -77.05 93.03 118.38
N ASP HB 20 -78.20 92.60 118.88
CA ASP HB 20 -78.91 93.28 119.96
C ASP HB 20 -78.81 92.43 121.22
N SER HB 21 -78.88 93.13 122.37
CA SER HB 21 -78.84 92.49 123.69
C SER HB 21 -77.59 91.65 123.87
N LEU HB 22 -76.44 92.23 123.56
CA LEU HB 22 -75.16 91.53 123.71
C LEU HB 22 -74.05 92.57 123.82
N CYS HB 23 -73.13 92.34 124.75
CA CYS HB 23 -72.02 93.25 125.01
C CYS HB 23 -70.71 92.53 124.74
N GLY HB 24 -69.84 93.17 123.95
CA GLY HB 24 -68.55 92.59 123.66
C GLY HB 24 -67.65 92.52 124.88
N VAL HB 25 -66.70 91.58 124.83
CA VAL HB 25 -65.74 91.38 125.91
C VAL HB 25 -64.52 92.27 125.64
N PRO HB 26 -64.06 93.05 126.62
CA PRO HB 26 -62.96 93.97 126.36
C PRO HB 26 -61.65 93.30 125.97
N ASP HB 27 -61.26 92.22 126.66
CA ASP HB 27 -59.99 91.57 126.37
C ASP HB 27 -60.01 90.15 126.87
N ILE HB 28 -59.04 89.36 126.41
CA ILE HB 28 -58.97 87.95 126.75
C ILE HB 28 -58.75 87.78 128.25
N ASN HB 29 -57.89 88.62 128.84
CA ASN HB 29 -57.60 88.50 130.26
C ASN HB 29 -58.85 88.67 131.11
N SER HB 30 -59.67 89.66 130.79
CA SER HB 30 -60.87 89.95 131.55
C SER HB 30 -62.09 89.19 131.04
N SER HB 31 -61.93 88.35 130.02
CA SER HB 31 -63.05 87.57 129.53
C SER HB 31 -63.61 86.65 130.61
N GLY HB 32 -62.75 86.10 131.46
CA GLY HB 32 -63.21 85.15 132.46
C GLY HB 32 -64.00 85.76 133.60
N ASP HB 33 -64.05 87.09 133.69
CA ASP HB 33 -64.79 87.76 134.76
C ASP HB 33 -66.22 88.08 134.38
N PHE HB 34 -66.66 87.67 133.18
CA PHE HB 34 -68.02 87.95 132.71
C PHE HB 34 -68.82 86.67 132.55
N MET HB 35 -68.57 85.68 133.39
CA MET HB 35 -69.37 84.47 133.42
C MET HB 35 -70.70 84.74 134.12
N PRO HB 36 -71.70 83.88 133.93
CA PRO HB 36 -73.01 84.11 134.54
C PRO HB 36 -72.93 84.21 136.05
N LEU HB 37 -73.83 85.01 136.62
CA LEU HB 37 -73.92 85.26 138.06
C LEU HB 37 -72.67 86.00 138.57
N HIS HB 38 -72.29 87.04 137.83
CA HIS HB 38 -71.21 87.93 138.23
C HIS HB 38 -71.73 89.35 138.32
N ILE HB 39 -71.20 90.11 139.27
CA ILE HB 39 -71.59 91.50 139.50
C ILE HB 39 -70.66 92.40 138.70
N ILE HB 40 -71.25 93.38 138.00
CA ILE HB 40 -70.51 94.39 137.26
C ILE HB 40 -71.05 95.76 137.65
N VAL HB 41 -70.24 96.79 137.40
CA VAL HB 41 -70.59 98.16 137.73
C VAL HB 41 -70.74 98.94 136.43
N LYS HB 42 -71.82 99.72 136.34
CA LYS HB 42 -72.09 100.55 135.17
C LYS HB 42 -72.00 102.02 135.57
N GLU HB 43 -71.25 102.79 134.77
CA GLU HB 43 -71.04 104.21 134.99
C GLU HB 43 -71.64 104.98 133.83
N VAL HB 44 -72.43 106.00 134.14
CA VAL HB 44 -73.10 106.81 133.13
C VAL HB 44 -72.08 107.71 132.43
N PRO HB 45 -72.32 108.10 131.18
CA PRO HB 45 -71.34 108.98 130.49
C PRO HB 45 -71.11 110.31 131.18
N LYS HB 46 -72.14 110.87 131.82
CA LYS HB 46 -72.13 112.15 132.53
C LYS HB 46 -71.99 113.34 131.60
N VAL HB 47 -71.84 113.13 130.29
CA VAL HB 47 -71.73 114.23 129.35
C VAL HB 47 -72.92 114.18 128.39
N LEU HB 48 -73.04 113.07 127.67
CA LEU HB 48 -74.15 112.83 126.75
C LEU HB 48 -74.72 111.45 127.06
N PRO HB 49 -75.46 111.31 128.17
CA PRO HB 49 -75.96 109.98 128.55
C PRO HB 49 -76.83 109.32 127.49
N CYS HB 50 -77.64 110.10 126.78
CA CYS HB 50 -78.51 109.54 125.75
C CYS HB 50 -77.79 109.34 124.41
N CYS HB 51 -76.57 109.85 124.27
CA CYS HB 51 -75.83 109.73 123.02
C CYS HB 51 -74.59 108.85 123.11
N ARG HB 52 -74.14 108.52 124.32
CA ARG HB 52 -72.93 107.72 124.50
C ARG HB 52 -73.25 106.50 125.34
N ARG HB 53 -72.67 105.37 124.97
CA ARG HB 53 -72.87 104.14 125.72
C ARG HB 53 -72.11 104.21 127.05
N PRO HB 54 -72.66 103.62 128.11
CA PRO HB 54 -72.01 103.70 129.43
C PRO HB 54 -70.73 102.90 129.52
N LYS HB 55 -70.07 102.96 130.67
CA LYS HB 55 -68.80 102.27 130.90
C LYS HB 55 -69.03 101.11 131.86
N ILE HB 56 -68.50 99.95 131.50
CA ILE HB 56 -68.72 98.72 132.26
C ILE HB 56 -67.42 98.30 132.93
N LYS HB 57 -67.47 98.07 134.24
CA LYS HB 57 -66.32 97.71 135.04
C LYS HB 57 -66.56 96.36 135.68
N ARG HB 58 -65.58 95.46 135.55
CA ARG HB 58 -65.66 94.14 136.15
C ARG HB 58 -65.30 94.21 137.64
N THR HB 59 -65.89 93.29 138.40
CA THR HB 59 -65.62 93.19 139.82
C THR HB 59 -65.37 91.73 140.19
N PRO HB 60 -64.57 91.48 141.23
CA PRO HB 60 -64.29 90.09 141.65
C PRO HB 60 -65.31 89.60 142.68
N TYR HB 61 -66.59 89.62 142.28
CA TYR HB 61 -67.67 89.21 143.16
C TYR HB 61 -68.68 88.37 142.41
N THR HB 62 -69.30 87.44 143.13
CA THR HB 62 -70.44 86.69 142.65
C THR HB 62 -71.68 87.09 143.45
N LEU HB 63 -72.83 86.60 143.00
CA LEU HB 63 -74.08 86.96 143.66
C LEU HB 63 -74.10 86.46 145.10
N ASN HB 64 -73.66 85.23 145.33
CA ASN HB 64 -73.68 84.66 146.67
C ASN HB 64 -72.73 85.41 147.60
N ASP HB 65 -71.59 85.87 147.09
CA ASP HB 65 -70.68 86.65 147.91
C ASP HB 65 -71.25 88.02 148.22
N ILE HB 66 -71.87 88.67 147.23
CA ILE HB 66 -72.38 90.02 147.44
C ILE HB 66 -73.62 90.01 148.32
N LEU HB 67 -74.34 88.89 148.37
CA LEU HB 67 -75.58 88.79 149.13
C LEU HB 67 -75.35 88.09 150.46
N ASP HB 68 -76.00 88.60 151.51
CA ASP HB 68 -75.98 87.92 152.79
C ASP HB 68 -76.66 86.56 152.69
N GLU HB 69 -77.78 86.48 151.99
CA GLU HB 69 -78.49 85.23 151.82
C GLU HB 69 -78.11 84.59 150.50
N PRO HB 70 -77.63 83.35 150.48
CA PRO HB 70 -77.23 82.72 149.22
C PRO HB 70 -78.43 82.37 148.35
N CYS HB 71 -78.15 82.19 147.07
CA CYS HB 71 -79.12 81.85 146.05
C CYS HB 71 -78.61 80.64 145.27
N PRO HB 72 -79.51 79.87 144.67
CA PRO HB 72 -79.06 78.77 143.81
C PRO HB 72 -78.23 79.30 142.64
N ASN HB 73 -77.22 78.53 142.26
CA ASN HB 73 -76.24 78.99 141.27
C ASN HB 73 -75.94 77.96 140.19
N GLN HB 74 -76.74 76.92 140.05
CA GLN HB 74 -76.48 75.91 139.02
C GLN HB 74 -76.63 76.51 137.63
N LEU HB 75 -75.84 76.00 136.70
CA LEU HB 75 -75.80 76.53 135.33
C LEU HB 75 -76.08 75.42 134.33
N LYS HB 76 -76.30 75.83 133.08
CA LYS HB 76 -76.49 74.91 131.97
C LYS HB 76 -76.04 75.59 130.70
N SER HB 77 -75.61 74.79 129.73
CA SER HB 77 -75.09 75.30 128.47
C SER HB 77 -75.75 74.58 127.30
N SER HB 78 -75.87 75.31 126.19
CA SER HB 78 -76.46 74.76 124.97
C SER HB 78 -75.89 75.49 123.77
N ASP HB 79 -75.92 74.82 122.62
CA ASP HB 79 -75.32 75.40 121.42
C ASP HB 79 -76.06 76.65 120.97
N LEU HB 80 -75.31 77.60 120.42
CA LEU HB 80 -75.87 78.86 119.95
C LEU HB 80 -75.67 79.05 118.45
N VAL HB 81 -74.44 78.95 117.95
CA VAL HB 81 -74.15 79.14 116.53
C VAL HB 81 -72.88 78.36 116.20
N THR HB 82 -72.68 78.09 114.92
CA THR HB 82 -71.56 77.28 114.45
C THR HB 82 -71.00 77.91 113.18
N PHE HB 83 -69.76 78.37 113.24
CA PHE HB 83 -69.06 78.91 112.08
C PHE HB 83 -68.36 77.76 111.37
N THR HB 84 -68.98 77.27 110.29
CA THR HB 84 -68.43 76.10 109.61
C THR HB 84 -67.09 76.39 108.95
N GLU HB 85 -66.93 77.60 108.40
CA GLU HB 85 -65.69 77.96 107.73
C GLU HB 85 -65.15 79.26 108.30
N PRO HB 86 -63.84 79.46 108.26
CA PRO HB 86 -63.26 80.67 108.85
C PRO HB 86 -63.73 81.93 108.13
N LEU HB 87 -63.92 82.99 108.92
CA LEU HB 87 -64.15 84.32 108.37
C LEU HB 87 -62.85 84.84 107.79
N VAL HB 88 -62.84 85.10 106.48
CA VAL HB 88 -61.66 85.50 105.74
C VAL HB 88 -61.89 86.89 105.17
N SER HB 89 -60.91 87.78 105.36
CA SER HB 89 -60.99 89.14 104.85
C SER HB 89 -59.68 89.50 104.16
N ASN HB 90 -59.80 90.15 103.00
CA ASN HB 90 -58.66 90.60 102.23
C ASN HB 90 -58.85 92.06 101.82
N VAL HB 91 -57.82 92.87 102.00
CA VAL HB 91 -57.81 94.26 101.55
C VAL HB 91 -56.51 94.49 100.80
N LYS HB 92 -56.60 95.12 99.64
CA LYS HB 92 -55.42 95.38 98.82
C LYS HB 92 -55.57 96.75 98.20
N ALA HB 93 -54.70 97.68 98.60
CA ALA HB 93 -54.73 99.05 98.09
C ALA HB 93 -53.40 99.38 97.43
N SER HB 94 -53.45 100.21 96.41
CA SER HB 94 -52.24 100.66 95.72
C SER HB 94 -52.53 102.01 95.07
N SER HB 95 -51.64 102.97 95.29
CA SER HB 95 -51.84 104.33 94.79
C SER HB 95 -50.51 104.91 94.35
N SER HB 96 -50.58 105.89 93.46
CA SER HB 96 -49.40 106.59 92.96
C SER HB 96 -49.77 108.04 92.67
N ILE HB 97 -48.84 108.94 92.99
CA ILE HB 97 -49.04 110.38 92.81
C ILE HB 97 -47.83 110.93 92.07
N GLY HB 98 -48.09 111.78 91.08
CA GLY HB 98 -47.03 112.45 90.35
C GLY HB 98 -47.29 113.93 90.18
N LEU HB 99 -46.40 114.77 90.71
CA LEU HB 99 -46.54 116.22 90.66
C LEU HB 99 -45.37 116.80 89.90
N GLN HB 100 -45.65 117.72 88.98
CA GLN HB 100 -44.60 118.41 88.23
C GLN HB 100 -44.92 119.90 88.17
N ILE HB 101 -43.94 120.72 88.52
CA ILE HB 101 -44.05 122.18 88.39
C ILE HB 101 -42.95 122.60 87.42
N LEU HB 102 -43.34 122.83 86.17
CA LEU HB 102 -42.46 123.30 85.09
C LEU HB 102 -41.29 122.34 84.97
N LYS HB 103 -40.06 122.81 84.88
CA LYS HB 103 -38.87 121.98 85.00
C LYS HB 103 -38.13 122.24 86.31
N HIS HB 104 -38.85 122.76 87.31
CA HIS HB 104 -38.26 123.10 88.60
C HIS HB 104 -38.61 122.12 89.71
N PHE HB 105 -39.79 121.52 89.69
CA PHE HB 105 -40.18 120.57 90.73
C PHE HB 105 -40.71 119.30 90.08
N ASP HB 106 -40.32 118.15 90.62
CA ASP HB 106 -40.79 116.87 90.09
C ASP HB 106 -40.79 115.84 91.22
N SER HB 107 -41.97 115.47 91.71
CA SER HB 107 -42.09 114.51 92.78
C SER HB 107 -42.93 113.32 92.34
N GLY HB 108 -42.49 112.12 92.67
CA GLY HB 108 -43.24 110.92 92.40
C GLY HB 108 -43.30 110.01 93.61
N ALA HB 109 -44.51 109.76 94.11
CA ALA HB 109 -44.70 108.92 95.28
C ALA HB 109 -45.62 107.75 94.92
N LYS HB 110 -45.49 106.67 95.68
CA LYS HB 110 -46.35 105.51 95.46
C LYS HB 110 -46.39 104.70 96.74
N GLY HB 111 -47.53 104.05 96.96
CA GLY HB 111 -47.72 103.24 98.15
C GLY HB 111 -48.59 102.04 97.85
N SER HB 112 -48.42 101.01 98.65
CA SER HB 112 -49.22 99.79 98.51
C SER HB 112 -49.39 99.14 99.87
N LYS HB 113 -50.50 98.42 100.02
CA LYS HB 113 -50.82 97.77 101.28
C LYS HB 113 -51.63 96.51 100.99
N ASN HB 114 -51.30 95.44 101.71
CA ASN HB 114 -51.99 94.15 101.60
C ASN HB 114 -52.25 93.63 103.00
N PHE HB 115 -53.52 93.44 103.33
CA PHE HB 115 -53.95 93.06 104.68
C PHE HB 115 -54.85 91.85 104.59
N ILE HB 116 -54.52 90.80 105.35
CA ILE HB 116 -55.26 89.54 105.30
C ILE HB 116 -55.60 89.12 106.73
N THR HB 117 -56.85 88.71 106.94
CA THR HB 117 -57.32 88.30 108.25
C THR HB 117 -58.10 86.99 108.13
N SER HB 118 -57.94 86.11 109.11
CA SER HB 118 -58.69 84.86 109.17
C SER HB 118 -59.03 84.54 110.62
N ALA HB 119 -60.30 84.26 110.87
CA ALA HB 119 -60.77 83.92 112.21
C ALA HB 119 -61.57 82.63 112.16
N SER HB 120 -61.18 81.66 112.97
CA SER HB 120 -61.85 80.37 113.06
C SER HB 120 -62.34 80.21 114.49
N LEU HB 121 -63.62 80.44 114.72
CA LEU HB 121 -64.22 80.36 116.04
C LEU HB 121 -64.87 79.02 116.33
N GLY HB 122 -64.98 78.13 115.35
CA GLY HB 122 -65.56 76.83 115.58
C GLY HB 122 -67.01 76.93 116.01
N THR HB 123 -67.31 76.34 117.17
CA THR HB 123 -68.66 76.32 117.72
C THR HB 123 -68.73 77.23 118.94
N VAL HB 124 -69.79 78.01 119.04
CA VAL HB 124 -70.02 78.91 120.17
C VAL HB 124 -71.25 78.41 120.92
N VAL HB 125 -71.12 78.25 122.23
CA VAL HB 125 -72.21 77.82 123.08
C VAL HB 125 -72.61 78.97 124.00
N LYS HB 126 -73.77 78.83 124.61
CA LYS HB 126 -74.29 79.82 125.55
C LYS HB 126 -74.53 79.14 126.89
N ALA HB 127 -74.06 79.78 127.96
CA ALA HB 127 -74.19 79.28 129.32
C ALA HB 127 -75.01 80.26 130.13
N GLU HB 128 -75.93 79.72 130.93
CA GLU HB 128 -76.87 80.53 131.69
C GLU HB 128 -77.42 79.70 132.83
N THR HB 129 -77.99 80.40 133.82
CA THR HB 129 -78.59 79.73 134.96
C THR HB 129 -79.72 78.81 134.52
N ILE HB 130 -79.86 77.68 135.20
CA ILE HB 130 -80.93 76.73 134.86
C ILE HB 130 -82.30 77.37 135.06
N ASP HB 131 -82.48 78.08 136.17
CA ASP HB 131 -83.73 78.78 136.46
C ASP HB 131 -83.39 80.18 136.93
N ILE HB 132 -83.82 81.17 136.15
CA ILE HB 132 -83.54 82.57 136.51
C ILE HB 132 -84.63 83.15 137.41
N THR HB 133 -85.85 82.63 137.33
CA THR HB 133 -86.94 83.14 138.16
C THR HB 133 -86.64 82.94 139.65
N LYS HB 134 -86.12 81.76 140.01
CA LYS HB 134 -85.78 81.52 141.41
C LYS HB 134 -84.68 82.46 141.88
N VAL HB 135 -83.66 82.67 141.05
CA VAL HB 135 -82.58 83.57 141.39
C VAL HB 135 -83.12 84.98 141.61
N LEU HB 136 -84.00 85.43 140.71
CA LEU HB 136 -84.57 86.77 140.85
C LEU HB 136 -85.40 86.89 142.12
N ALA HB 137 -86.21 85.87 142.42
CA ALA HB 137 -87.03 85.91 143.63
C ALA HB 137 -86.15 86.01 144.88
N LYS HB 138 -85.13 85.15 144.95
CA LYS HB 138 -84.24 85.16 146.10
C LYS HB 138 -83.49 86.49 146.23
N VAL HB 139 -83.06 87.05 145.10
CA VAL HB 139 -82.40 88.36 145.12
C VAL HB 139 -83.33 89.40 145.72
N ARG HB 140 -84.57 89.44 145.23
CA ARG HB 140 -85.52 90.43 145.71
C ARG HB 140 -85.81 90.27 147.20
N THR HB 141 -85.82 89.02 147.69
CA THR HB 141 -86.08 88.78 149.09
C THR HB 141 -84.82 88.75 149.96
N ALA HB 142 -83.64 88.96 149.38
CA ALA HB 142 -82.38 88.85 150.10
C ALA HB 142 -81.72 90.22 150.23
N LYS HB 143 -80.99 90.41 151.32
CA LYS HB 143 -80.26 91.64 151.58
C LYS HB 143 -78.78 91.48 151.24
N ALA HB 144 -78.17 92.58 150.78
CA ALA HB 144 -76.76 92.57 150.42
C ALA HB 144 -75.88 92.49 151.67
N LYS HB 145 -74.59 92.25 151.44
CA LYS HB 145 -73.63 92.13 152.54
C LYS HB 145 -73.31 93.51 153.10
N VAL HB 146 -73.58 93.69 154.39
CA VAL HB 146 -73.30 94.97 155.03
C VAL HB 146 -71.80 95.25 155.05
N GLU HB 147 -70.98 94.21 155.26
CA GLU HB 147 -69.54 94.39 155.28
C GLU HB 147 -69.00 94.89 153.95
N ASN HB 148 -69.59 94.47 152.84
CA ASN HB 148 -69.08 94.83 151.52
C ASN HB 148 -69.05 96.34 151.33
N ASP HB 149 -67.94 96.84 150.80
CA ASP HB 149 -67.76 98.27 150.56
C ASP HB 149 -68.30 98.71 149.20
N LEU HB 150 -68.18 97.85 148.19
CA LEU HB 150 -68.66 98.18 146.85
C LEU HB 150 -70.14 98.53 146.87
N VAL HB 151 -70.95 97.72 147.56
CA VAL HB 151 -72.39 97.97 147.63
C VAL HB 151 -72.66 99.34 148.23
N SER HB 152 -71.97 99.67 149.33
CA SER HB 152 -72.16 100.97 149.97
C SER HB 152 -71.76 102.10 149.03
N ARG HB 153 -70.65 101.94 148.33
CA ARG HB 153 -70.21 102.95 147.37
C ARG HB 153 -71.29 103.18 146.31
N VAL HB 154 -71.81 102.10 145.72
CA VAL HB 154 -72.83 102.22 144.69
C VAL HB 154 -74.10 102.84 145.26
N MET HB 155 -74.44 102.52 146.51
CA MET HB 155 -75.63 103.09 147.15
C MET HB 155 -75.48 104.59 147.32
N LYS HB 156 -74.32 105.04 147.81
CA LYS HB 156 -74.16 106.46 148.08
C LYS HB 156 -74.01 107.26 146.78
N THR HB 157 -73.37 106.69 145.78
CA THR HB 157 -73.21 107.38 144.51
C THR HB 157 -74.48 107.22 143.66
N LYS HB 158 -74.69 108.18 142.77
CA LYS HB 158 -75.86 108.18 141.89
C LYS HB 158 -75.54 107.70 140.48
N ARG HB 159 -74.32 107.88 140.01
CA ARG HB 159 -73.98 107.43 138.66
C ARG HB 159 -73.83 105.92 138.61
N LEU HB 160 -73.21 105.33 139.63
CA LEU HB 160 -72.91 103.91 139.61
C LEU HB 160 -74.18 103.07 139.72
N CYS HB 161 -74.22 101.98 138.95
CA CYS HB 161 -75.31 101.02 139.01
C CYS HB 161 -74.73 99.62 139.02
N LEU HB 162 -75.49 98.67 139.58
CA LEU HB 162 -75.05 97.28 139.65
C LEU HB 162 -75.77 96.45 138.60
N GLY HB 163 -75.05 95.48 138.04
CA GLY HB 163 -75.62 94.60 137.06
C GLY HB 163 -75.21 93.15 137.25
N LEU HB 164 -76.17 92.23 137.16
CA LEU HB 164 -75.94 90.81 137.31
C LEU HB 164 -75.90 90.17 135.93
N VAL HB 165 -74.80 89.48 135.62
CA VAL HB 165 -74.65 88.83 134.32
C VAL HB 165 -75.46 87.54 134.33
N VAL HB 166 -76.25 87.32 133.28
CA VAL HB 166 -77.18 86.21 133.24
C VAL HB 166 -76.92 85.23 132.12
N GLU HB 167 -76.19 85.60 131.06
CA GLU HB 167 -75.89 84.66 129.99
C GLU HB 167 -74.56 85.04 129.36
N THR HB 168 -73.81 84.02 128.92
CA THR HB 168 -72.49 84.25 128.38
C THR HB 168 -72.25 83.33 127.18
N ALA HB 169 -71.63 83.87 126.14
CA ALA HB 169 -71.29 83.11 124.95
C ALA HB 169 -69.80 82.74 125.00
N CYS HB 170 -69.50 81.45 124.91
CA CYS HB 170 -68.15 80.94 125.06
C CYS HB 170 -67.83 79.96 123.93
N VAL HB 171 -66.58 79.94 123.51
CA VAL HB 171 -66.15 79.03 122.46
C VAL HB 171 -66.02 77.62 123.05
N ALA HB 172 -66.60 76.64 122.34
CA ALA HB 172 -66.53 75.26 122.81
C ALA HB 172 -65.13 74.69 122.66
N ALA HB 173 -64.45 75.01 121.56
CA ALA HB 173 -63.12 74.50 121.28
C ALA HB 173 -62.17 75.66 121.04
N ALA HB 174 -60.91 75.33 120.75
CA ALA HB 174 -59.90 76.35 120.54
C ALA HB 174 -60.21 77.18 119.30
N GLY HB 175 -59.97 78.48 119.40
CA GLY HB 175 -60.22 79.41 118.30
C GLY HB 175 -58.92 79.99 117.78
N LYS HB 176 -58.80 80.07 116.46
CA LYS HB 176 -57.56 80.50 115.82
C LYS HB 176 -57.73 81.84 115.12
N LEU HB 177 -56.83 82.77 115.39
CA LEU HB 177 -56.88 84.10 114.79
C LEU HB 177 -55.54 84.39 114.13
N THR HB 178 -55.58 84.69 112.82
CA THR HB 178 -54.38 84.93 112.04
C THR HB 178 -54.49 86.25 111.29
N GLU HB 179 -53.40 87.02 111.26
CA GLU HB 179 -53.36 88.32 110.59
C GLU HB 179 -52.01 88.49 109.91
N ALA HB 180 -52.05 89.00 108.68
CA ALA HB 180 -50.85 89.27 107.91
C ALA HB 180 -50.94 90.66 107.29
N ASP HB 181 -49.84 91.42 107.37
CA ASP HB 181 -49.78 92.79 106.88
C ASP HB 181 -48.50 92.96 106.08
N ASN HB 182 -48.60 93.59 104.91
CA ASN HB 182 -47.44 93.91 104.09
C ASN HB 182 -47.69 95.24 103.41
N TRP HB 183 -46.96 96.28 103.80
CA TRP HB 183 -47.15 97.57 103.15
C TRP HB 183 -45.82 98.20 102.79
N GLU HB 184 -45.85 99.07 101.78
CA GLU HB 184 -44.64 99.60 101.17
C GLU HB 184 -44.87 101.02 100.69
N ILE HB 185 -43.86 101.87 100.86
CA ILE HB 185 -43.87 103.26 100.43
C ILE HB 185 -42.60 103.55 99.65
N SER HB 186 -42.73 104.18 98.48
CA SER HB 186 -41.58 104.58 97.68
C SER HB 186 -41.79 106.00 97.19
N GLY HB 187 -40.92 106.91 97.58
CA GLY HB 187 -41.05 108.31 97.22
C GLY HB 187 -39.77 108.85 96.62
N HIS HB 188 -39.93 109.85 95.75
CA HIS HB 188 -38.81 110.48 95.06
C HIS HB 188 -39.12 111.95 94.85
N THR HB 189 -38.11 112.79 95.03
CA THR HB 189 -38.25 114.24 94.91
C THR HB 189 -37.07 114.79 94.14
N ASN HB 190 -37.34 115.70 93.19
CA ASN HB 190 -36.31 116.34 92.39
C ASN HB 190 -36.62 117.84 92.34
N ALA HB 191 -35.81 118.63 93.01
CA ALA HB 191 -35.93 120.09 92.99
C ALA HB 191 -34.76 120.64 92.17
N ASN HB 192 -35.05 121.08 90.96
CA ASN HB 192 -34.05 121.65 90.06
C ASN HB 192 -34.18 123.16 90.07
N ILE HB 193 -33.09 123.84 90.41
CA ILE HB 193 -33.02 125.30 90.40
C ILE HB 193 -31.81 125.70 89.59
N GLY HB 194 -31.77 126.98 89.19
CA GLY HB 194 -30.68 127.46 88.35
C GLY HB 194 -29.31 127.24 88.95
N GLU HB 195 -29.20 127.32 90.28
CA GLU HB 195 -27.92 127.14 90.96
C GLU HB 195 -27.96 126.01 91.99
N ALA HB 196 -29.03 125.20 92.02
CA ALA HB 196 -29.13 124.13 92.99
C ALA HB 196 -29.91 122.98 92.39
N VAL HB 197 -29.43 121.76 92.65
CA VAL HB 197 -30.10 120.53 92.23
C VAL HB 197 -30.17 119.60 93.42
N VAL HB 198 -31.38 119.19 93.81
CA VAL HB 198 -31.59 118.28 94.93
C VAL HB 198 -32.36 117.07 94.42
N THR HB 199 -31.86 115.88 94.72
CA THR HB 199 -32.49 114.62 94.31
C THR HB 199 -32.54 113.69 95.52
N ALA HB 200 -33.74 113.50 96.07
CA ALA HB 200 -33.95 112.67 97.24
C ALA HB 200 -34.82 111.47 96.89
N THR HB 201 -34.57 110.35 97.55
CA THR HB 201 -35.31 109.12 97.31
C THR HB 201 -35.41 108.35 98.63
N ALA HB 202 -36.58 107.75 98.88
CA ALA HB 202 -36.78 106.97 100.10
C ALA HB 202 -37.71 105.81 99.83
N GLU HB 203 -37.27 104.61 100.21
CA GLU HB 203 -38.07 103.40 100.06
C GLU HB 203 -38.11 102.67 101.39
N LEU HB 204 -39.30 102.18 101.76
CA LEU HB 204 -39.42 101.35 102.94
C LEU HB 204 -40.59 100.40 102.79
N ASP HB 205 -40.57 99.33 103.57
CA ASP HB 205 -41.63 98.33 103.53
C ASP HB 205 -41.62 97.54 104.83
N LYS HB 206 -42.80 97.31 105.39
CA LYS HB 206 -42.96 96.60 106.64
C LYS HB 206 -43.84 95.37 106.43
N ASN HB 207 -43.45 94.26 107.06
CA ASN HB 207 -44.18 93.00 107.00
C ASN HB 207 -44.39 92.49 108.42
N LEU HB 208 -45.63 92.15 108.75
CA LEU HB 208 -46.00 91.63 110.06
C LEU HB 208 -46.91 90.42 109.92
N SER HB 209 -46.86 89.54 110.90
CA SER HB 209 -47.73 88.37 110.93
C SER HB 209 -47.95 87.96 112.38
N ARG HB 210 -49.21 87.87 112.79
CA ARG HB 210 -49.57 87.52 114.16
C ARG HB 210 -50.58 86.38 114.13
N LYS HB 211 -50.30 85.30 114.87
CA LYS HB 211 -51.18 84.14 114.91
C LYS HB 211 -51.32 83.69 116.35
N ILE HB 212 -52.56 83.66 116.85
CA ILE HB 212 -52.85 83.28 118.23
C ILE HB 212 -53.98 82.26 118.25
N GLU HB 213 -54.15 81.62 119.41
CA GLU HB 213 -55.16 80.59 119.59
C GLU HB 213 -55.73 80.70 121.00
N ILE HB 214 -56.97 81.17 121.09
CA ILE HB 214 -57.66 81.24 122.38
C ILE HB 214 -58.13 79.85 122.79
N PRO HB 215 -58.04 79.50 124.07
CA PRO HB 215 -58.37 78.15 124.51
C PRO HB 215 -59.88 77.98 124.69
N PRO HB 216 -60.36 76.75 124.80
CA PRO HB 216 -61.80 76.54 125.03
C PRO HB 216 -62.25 77.18 126.34
N GLY HB 217 -63.48 77.70 126.33
CA GLY HB 217 -64.06 78.32 127.49
C GLY HB 217 -63.94 79.82 127.54
N THR HB 218 -63.20 80.43 126.62
CA THR HB 218 -63.04 81.87 126.62
C THR HB 218 -64.36 82.56 126.31
N ALA HB 219 -64.74 83.51 127.14
CA ALA HB 219 -66.00 84.23 126.94
C ALA HB 219 -65.87 85.22 125.79
N LEU HB 220 -66.96 85.41 125.05
CA LEU HB 220 -67.00 86.35 123.94
C LEU HB 220 -67.93 87.52 124.17
N ALA HB 221 -69.13 87.28 124.71
CA ALA HB 221 -70.10 88.33 124.91
C ALA HB 221 -71.04 87.94 126.04
N TYR HB 222 -71.79 88.91 126.53
CA TYR HB 222 -72.63 88.69 127.70
C TYR HB 222 -73.80 89.66 127.69
N SER HB 223 -74.80 89.34 128.51
CA SER HB 223 -75.93 90.22 128.76
C SER HB 223 -76.21 90.25 130.26
N PHE HB 224 -76.71 91.38 130.75
CA PHE HB 224 -76.87 91.55 132.19
C PHE HB 224 -78.18 92.26 132.49
N MET HB 225 -78.61 92.11 133.74
CA MET HB 225 -79.83 92.74 134.25
C MET HB 225 -79.47 93.73 135.36
N ASP HB 226 -80.13 94.88 135.36
CA ASP HB 226 -79.80 95.92 136.32
C ASP HB 226 -80.35 95.61 137.70
N LEU HB 227 -79.77 96.27 138.71
CA LEU HB 227 -80.19 96.11 140.10
C LEU HB 227 -80.25 97.49 140.75
N GLU HB 228 -80.81 97.52 141.96
CA GLU HB 228 -80.98 98.75 142.70
C GLU HB 228 -80.89 98.46 144.20
N ILE HB 229 -80.02 99.17 144.89
CA ILE HB 229 -79.87 99.03 146.34
C ILE HB 229 -80.95 99.85 147.03
N LEU HB 230 -81.73 99.21 147.89
CA LEU HB 230 -82.70 99.95 148.71
C LEU HB 230 -81.96 100.76 149.78
N GLU HB 231 -82.73 101.50 150.58
CA GLU HB 231 -82.16 102.17 151.74
C GLU HB 231 -81.44 101.18 152.63
N ASP HB 232 -82.07 100.04 152.91
CA ASP HB 232 -81.43 98.95 153.61
C ASP HB 232 -80.52 98.18 152.66
N ARG HB 233 -79.95 97.08 153.15
CA ARG HB 233 -79.14 96.21 152.30
C ARG HB 233 -79.95 95.45 151.27
N SER HB 234 -81.27 95.54 151.32
CA SER HB 234 -82.13 94.84 150.37
C SER HB 234 -81.84 95.28 148.94
N LEU HB 235 -82.01 94.34 148.01
CA LEU HB 235 -81.78 94.59 146.59
C LEU HB 235 -83.09 94.39 145.82
N ARG HB 236 -83.24 95.17 144.76
CA ARG HB 236 -84.41 95.09 143.89
C ARG HB 236 -83.95 95.06 142.44
N VAL HB 237 -84.82 94.55 141.57
CA VAL HB 237 -84.51 94.51 140.15
C VAL HB 237 -85.24 95.65 139.46
N SER HB 238 -84.59 96.26 138.48
CA SER HB 238 -85.12 97.43 137.79
C SER HB 238 -85.18 97.17 136.30
N SER HB 239 -86.26 97.63 135.67
CA SER HB 239 -86.49 97.41 134.24
C SER HB 239 -86.77 98.75 133.56
N SER HB 240 -85.89 99.14 132.65
CA SER HB 240 -86.13 100.32 131.82
C SER HB 240 -87.12 99.98 130.74
N ALA HB 241 -88.35 100.48 130.86
CA ALA HB 241 -89.45 100.17 129.94
C ALA HB 241 -89.70 98.66 129.87
N GLY HB 242 -89.47 97.96 130.98
CA GLY HB 242 -89.71 96.53 131.03
C GLY HB 242 -88.73 95.68 130.26
N ALA HB 243 -87.56 96.23 129.92
CA ALA HB 243 -86.59 95.47 129.13
C ALA HB 243 -86.05 94.27 129.91
N MET HB 244 -85.56 94.53 131.14
CA MET HB 244 -84.92 93.51 131.98
C MET HB 244 -83.74 92.83 131.29
N PHE HB 245 -83.20 93.44 130.23
CA PHE HB 245 -82.04 92.91 129.53
C PHE HB 245 -81.26 94.11 128.99
N ASP HB 246 -80.21 94.49 129.69
CA ASP HB 246 -79.44 95.68 129.33
C ASP HB 246 -78.21 95.27 128.54
N SER HB 247 -78.01 95.95 127.40
CA SER HB 247 -76.88 95.69 126.53
C SER HB 247 -75.86 96.82 126.55
N GLY HB 248 -75.90 97.65 127.59
CA GLY HB 248 -75.00 98.79 127.65
C GLY HB 248 -75.21 99.78 126.53
N LYS HB 249 -76.47 100.02 126.17
CA LYS HB 249 -76.82 100.92 125.07
C LYS HB 249 -77.30 102.26 125.63
N ALA HB 250 -77.09 103.31 124.85
CA ALA HB 250 -77.58 104.63 125.22
C ALA HB 250 -79.10 104.67 125.20
N GLU HB 251 -79.66 105.52 126.05
CA GLU HB 251 -81.12 105.64 126.13
C GLU HB 251 -81.71 106.13 124.81
N SER HB 252 -81.05 107.10 124.17
CA SER HB 252 -81.49 107.66 122.90
C SER HB 252 -82.92 108.18 122.96
CA ARG IB 3 -77.66 93.43 106.91
C ARG IB 3 -77.22 92.03 107.34
N PRO IB 4 -77.51 91.68 108.59
CA PRO IB 4 -77.14 90.34 109.08
C PRO IB 4 -77.81 89.25 108.28
N MET IB 5 -77.07 88.15 108.08
CA MET IB 5 -77.60 87.03 107.31
C MET IB 5 -78.83 86.43 107.99
N PHE IB 6 -78.80 86.33 109.32
CA PHE IB 6 -79.95 85.79 110.03
C PHE IB 6 -81.18 86.66 109.81
N ALA IB 7 -81.03 87.98 109.87
CA ALA IB 7 -82.16 88.87 109.63
C ALA IB 7 -82.67 88.75 108.20
N VAL IB 8 -81.75 88.65 107.23
CA VAL IB 8 -82.16 88.51 105.83
C VAL IB 8 -82.93 87.21 105.64
N ALA IB 9 -82.43 86.11 106.21
CA ALA IB 9 -83.12 84.83 106.07
C ALA IB 9 -84.48 84.86 106.76
N VAL IB 10 -84.57 85.51 107.91
CA VAL IB 10 -85.85 85.62 108.60
C VAL IB 10 -86.84 86.39 107.75
N ASN IB 11 -86.40 87.49 107.14
CA ASN IB 11 -87.29 88.26 106.27
C ASN IB 11 -87.72 87.44 105.06
N GLU IB 12 -86.80 86.69 104.45
CA GLU IB 12 -87.16 85.85 103.32
C GLU IB 12 -88.19 84.81 103.71
N PHE IB 13 -88.00 84.16 104.86
CA PHE IB 13 -88.95 83.14 105.31
C PHE IB 13 -90.30 83.76 105.60
N ILE IB 14 -90.33 84.90 106.29
CA ILE IB 14 -91.60 85.50 106.67
C ILE IB 14 -92.34 86.01 105.44
N ARG IB 15 -91.60 86.44 104.41
CA ARG IB 15 -92.27 86.83 103.17
C ARG IB 15 -92.83 85.62 102.44
N SER IB 16 -92.03 84.56 102.31
CA SER IB 16 -92.49 83.39 101.57
C SER IB 16 -93.69 82.73 102.25
N ALA IB 17 -93.66 82.62 103.58
CA ALA IB 17 -94.74 82.02 104.34
C ALA IB 17 -95.08 82.91 105.52
N GLY IB 18 -96.38 83.11 105.76
CA GLY IB 18 -96.83 83.89 106.88
C GLY IB 18 -96.44 85.35 106.84
N GLN IB 19 -96.67 86.00 105.69
CA GLN IB 19 -96.38 87.43 105.58
C GLN IB 19 -97.22 88.24 106.55
N ASP IB 20 -98.40 87.75 106.90
CA ASP IB 20 -99.27 88.38 107.88
C ASP IB 20 -99.29 87.55 109.16
N SER IB 21 -99.54 88.24 110.27
CA SER IB 21 -99.63 87.61 111.59
C SER IB 21 -98.37 86.85 111.95
N LEU IB 22 -97.22 87.50 111.78
CA LEU IB 22 -95.94 86.89 112.10
C LEU IB 22 -94.91 87.99 112.33
N CYS IB 23 -94.10 87.83 113.38
CA CYS IB 23 -93.09 88.81 113.76
C CYS IB 23 -91.72 88.17 113.66
N GLY IB 24 -90.80 88.87 112.99
CA GLY IB 24 -89.44 88.38 112.88
C GLY IB 24 -88.71 88.36 114.20
N VAL IB 25 -87.71 87.49 114.27
CA VAL IB 25 -86.88 87.36 115.47
C VAL IB 25 -85.69 88.32 115.35
N PRO IB 26 -85.41 89.13 116.38
CA PRO IB 26 -84.34 90.12 116.24
C PRO IB 26 -82.96 89.53 116.03
N ASP IB 27 -82.60 88.48 116.78
CA ASP IB 27 -81.26 87.92 116.66
C ASP IB 27 -81.26 86.50 117.18
N ILE IB 28 -80.18 85.77 116.83
CA ILE IB 28 -80.07 84.37 117.21
C ILE IB 28 -80.02 84.22 118.72
N ASN IB 29 -79.31 85.11 119.41
CA ASN IB 29 -79.19 85.02 120.86
C ASN IB 29 -80.55 85.11 121.54
N SER IB 30 -81.39 86.05 121.10
CA SER IB 30 -82.69 86.26 121.70
C SER IB 30 -83.78 85.43 121.06
N SER IB 31 -83.44 84.59 120.07
CA SER IB 31 -84.43 83.74 119.45
C SER IB 31 -85.07 82.79 120.46
N GLY IB 32 -84.29 82.30 121.42
CA GLY IB 32 -84.81 81.33 122.37
C GLY IB 32 -85.77 81.89 123.39
N ASP IB 33 -85.92 83.21 123.45
CA ASP IB 33 -86.83 83.83 124.41
C ASP IB 33 -88.22 84.05 123.84
N PHE IB 34 -88.48 83.62 122.61
CA PHE IB 34 -89.78 83.80 121.97
C PHE IB 34 -90.48 82.48 121.72
N MET IB 35 -90.28 81.51 122.60
CA MET IB 35 -90.99 80.25 122.54
C MET IB 35 -92.42 80.44 123.07
N PRO IB 36 -93.32 79.51 122.75
CA PRO IB 36 -94.72 79.67 123.20
C PRO IB 36 -94.83 79.77 124.71
N LEU IB 37 -95.85 80.51 125.14
CA LEU IB 37 -96.13 80.76 126.56
C LEU IB 37 -95.01 81.58 127.21
N HIS IB 38 -94.60 82.65 126.52
CA HIS IB 38 -93.64 83.60 127.04
C HIS IB 38 -94.26 84.99 127.05
N ILE IB 39 -93.90 85.78 128.06
CA ILE IB 39 -94.40 87.14 128.21
C ILE IB 39 -93.44 88.09 127.52
N ILE IB 40 -94.00 89.04 126.75
CA ILE IB 40 -93.23 90.09 126.10
C ILE IB 40 -93.90 91.42 126.38
N VAL IB 41 -93.14 92.50 126.24
CA VAL IB 41 -93.62 93.85 126.51
C VAL IB 41 -93.65 94.61 125.19
N LYS IB 42 -94.75 95.32 124.95
CA LYS IB 42 -94.93 96.12 123.75
C LYS IB 42 -94.97 97.60 124.13
N GLU IB 43 -94.18 98.41 123.43
CA GLU IB 43 -94.09 99.84 123.66
C GLU IB 43 -94.58 100.57 122.42
N VAL IB 44 -95.47 101.54 122.62
CA VAL IB 44 -96.07 102.30 121.52
C VAL IB 44 -95.02 103.27 120.95
N PRO IB 45 -95.13 103.64 119.68
CA PRO IB 45 -94.13 104.57 119.10
C PRO IB 45 -94.07 105.92 119.80
N LYS IB 46 -95.21 106.41 120.30
CA LYS IB 46 -95.36 107.69 121.00
C LYS IB 46 -95.18 108.89 120.08
N VAL IB 47 -94.86 108.69 118.80
CA VAL IB 47 -94.70 109.78 117.85
C VAL IB 47 -95.74 109.65 116.76
N LEU IB 48 -95.70 108.53 116.04
CA LEU IB 48 -96.67 108.22 114.99
C LEU IB 48 -97.19 106.81 115.24
N PRO IB 49 -98.06 106.62 116.24
CA PRO IB 49 -98.51 105.27 116.58
C PRO IB 49 -99.19 104.55 115.44
N CYS IB 50 -99.96 105.27 114.61
CA CYS IB 50 -100.64 104.65 113.49
C CYS IB 50 -99.76 104.50 112.26
N CYS IB 51 -98.56 105.08 112.26
CA CYS IB 51 -97.66 105.01 111.12
C CYS IB 51 -96.40 104.20 111.37
N ARG IB 52 -96.07 103.91 112.63
CA ARG IB 52 -94.86 103.20 112.98
C ARG IB 52 -95.20 101.96 113.78
N ARG IB 53 -94.50 100.86 113.50
CA ARG IB 53 -94.72 99.63 114.24
C ARG IB 53 -94.14 99.74 115.65
N PRO IB 54 -94.78 99.13 116.64
CA PRO IB 54 -94.32 99.26 118.02
C PRO IB 54 -93.00 98.54 118.29
N LYS IB 55 -92.50 98.65 119.52
CA LYS IB 55 -91.23 98.05 119.91
C LYS IB 55 -91.50 96.87 120.85
N ILE IB 56 -90.87 95.74 120.57
CA ILE IB 56 -91.11 94.50 121.30
C ILE IB 56 -89.87 94.18 122.14
N LYS IB 57 -90.08 93.94 123.43
CA LYS IB 57 -89.02 93.67 124.39
C LYS IB 57 -89.25 92.30 125.00
N ARG IB 58 -88.20 91.47 125.01
CA ARG IB 58 -88.28 90.15 125.61
C ARG IB 58 -88.12 90.24 127.12
N THR IB 59 -88.73 89.29 127.82
CA THR IB 59 -88.64 89.21 129.26
C THR IB 59 -88.36 87.78 129.69
N PRO IB 60 -87.66 87.58 130.81
CA PRO IB 60 -87.36 86.22 131.29
C PRO IB 60 -88.48 85.66 132.17
N TYR IB 61 -89.68 85.59 131.62
CA TYR IB 61 -90.84 85.13 132.37
C TYR IB 61 -91.70 84.21 131.50
N THR IB 62 -92.34 83.25 132.15
CA THR IB 62 -93.36 82.43 131.54
C THR IB 62 -94.71 82.75 132.17
N LEU IB 63 -95.77 82.19 131.58
CA LEU IB 63 -97.11 82.46 132.07
C LEU IB 63 -97.29 81.97 133.51
N ASN IB 64 -96.79 80.77 133.80
CA ASN IB 64 -96.96 80.21 135.14
C ASN IB 64 -96.17 81.02 136.17
N ASP IB 65 -95.01 81.55 135.80
CA ASP IB 65 -94.26 82.39 136.73
C ASP IB 65 -94.96 83.72 136.94
N ILE IB 66 -95.49 84.32 135.87
CA ILE IB 66 -96.10 85.64 136.00
C ILE IB 66 -97.44 85.55 136.71
N LEU IB 67 -98.09 84.39 136.69
CA LEU IB 67 -99.40 84.21 137.29
C LEU IB 67 -99.30 83.53 138.64
N ASP IB 68 -100.11 84.00 139.59
CA ASP IB 68 -100.21 83.33 140.87
C ASP IB 68 -100.78 81.93 140.71
N GLU IB 69 -101.80 81.78 139.87
CA GLU IB 69 -102.41 80.48 139.62
C GLU IB 69 -101.82 79.86 138.36
N PRO IB 70 -101.26 78.65 138.43
CA PRO IB 70 -100.66 78.05 137.23
C PRO IB 70 -101.72 77.62 136.22
N CYS IB 71 -101.26 77.46 134.99
CA CYS IB 71 -102.08 77.05 133.86
C CYS IB 71 -101.40 75.88 133.17
N PRO IB 72 -102.16 75.04 132.47
CA PRO IB 72 -101.53 73.97 131.68
C PRO IB 72 -100.60 74.54 130.62
N ASN IB 73 -99.50 73.84 130.38
CA ASN IB 73 -98.44 74.37 129.52
C ASN IB 73 -97.93 73.35 128.50
N GLN IB 74 -98.64 72.26 128.27
CA GLN IB 74 -98.19 71.28 127.30
C GLN IB 74 -98.21 71.86 125.90
N LEU IB 75 -97.27 71.40 125.07
CA LEU IB 75 -97.10 71.92 123.72
C LEU IB 75 -97.17 70.79 122.69
N LYS IB 76 -97.26 71.18 121.43
CA LYS IB 76 -97.24 70.24 120.32
C LYS IB 76 -96.68 70.95 119.10
N SER IB 77 -96.08 70.17 118.20
CA SER IB 77 -95.44 70.72 117.01
C SER IB 77 -95.89 69.95 115.78
N SER IB 78 -95.92 70.66 114.65
CA SER IB 78 -96.32 70.08 113.37
C SER IB 78 -95.64 70.84 112.25
N ASP IB 79 -95.49 70.17 111.11
CA ASP IB 79 -94.78 70.77 109.99
C ASP IB 79 -95.53 71.97 109.44
N LEU IB 80 -94.78 72.96 108.98
CA LEU IB 80 -95.35 74.19 108.42
C LEU IB 80 -94.99 74.39 106.95
N VAL IB 81 -93.70 74.36 106.62
CA VAL IB 81 -93.23 74.57 105.25
C VAL IB 81 -91.89 73.87 105.09
N THR IB 82 -91.51 73.61 103.84
CA THR IB 82 -90.29 72.87 103.53
C THR IB 82 -89.61 73.53 102.34
N PHE IB 83 -88.41 74.07 102.54
CA PHE IB 83 -87.62 74.65 101.47
C PHE IB 83 -86.76 73.55 100.87
N THR IB 84 -87.19 73.01 99.73
CA THR IB 84 -86.50 71.87 99.13
C THR IB 84 -85.11 72.26 98.65
N GLU IB 85 -84.96 73.47 98.12
CA GLU IB 85 -83.67 73.90 97.60
C GLU IB 85 -83.29 75.24 98.22
N PRO IB 86 -82.00 75.52 98.35
CA PRO IB 86 -81.56 76.77 98.98
C PRO IB 86 -82.03 78.00 98.21
N LEU IB 87 -82.37 79.04 98.95
CA LEU IB 87 -82.62 80.35 98.36
C LEU IB 87 -81.30 80.96 97.94
N VAL IB 88 -81.15 81.21 96.63
CA VAL IB 88 -79.90 81.69 96.05
C VAL IB 88 -80.15 83.05 95.44
N SER IB 89 -79.26 84.01 95.75
CA SER IB 89 -79.35 85.36 95.22
C SER IB 89 -78.00 85.80 94.69
N ASN IB 90 -78.01 86.43 93.52
CA ASN IB 90 -76.80 86.96 92.90
C ASN IB 90 -77.05 88.39 92.44
N VAL IB 91 -76.09 89.27 92.75
CA VAL IB 91 -76.12 90.66 92.28
C VAL IB 91 -74.75 90.97 91.71
N LYS IB 92 -74.73 91.59 90.53
CA LYS IB 92 -73.47 91.92 89.86
C LYS IB 92 -73.62 93.28 89.22
N ALA IB 93 -72.88 94.26 89.71
CA ALA IB 93 -72.92 95.62 89.18
C ALA IB 93 -71.54 96.04 88.71
N SER IB 94 -71.52 96.86 87.66
CA SER IB 94 -70.26 97.39 87.14
C SER IB 94 -70.55 98.71 86.43
N SER IB 95 -69.76 99.73 86.76
CA SER IB 95 -69.97 101.06 86.21
C SER IB 95 -68.64 101.74 85.94
N SER IB 96 -68.66 102.70 85.03
CA SER IB 96 -67.48 103.48 84.69
C SER IB 96 -67.90 104.90 84.34
N ILE IB 97 -67.09 105.86 84.76
CA ILE IB 97 -67.34 107.28 84.54
C ILE IB 97 -66.09 107.90 83.94
N GLY IB 98 -66.28 108.73 82.92
CA GLY IB 98 -65.17 109.47 82.33
C GLY IB 98 -65.50 110.93 82.11
N LEU IB 99 -64.74 111.83 82.75
CA LEU IB 99 -64.97 113.26 82.65
C LEU IB 99 -63.74 113.92 82.05
N GLN IB 100 -63.97 114.82 81.09
CA GLN IB 100 -62.88 115.57 80.48
C GLN IB 100 -63.29 117.03 80.35
N ILE IB 101 -62.41 117.92 80.81
CA ILE IB 101 -62.58 119.36 80.65
C ILE IB 101 -61.40 119.85 79.82
N LEU IB 102 -61.65 120.05 78.53
CA LEU IB 102 -60.68 120.57 77.56
C LEU IB 102 -59.43 119.68 77.61
N LYS IB 103 -58.23 120.24 77.68
CA LYS IB 103 -57.02 119.49 77.95
C LYS IB 103 -56.48 119.80 79.34
N HIS IB 104 -57.34 120.27 80.23
CA HIS IB 104 -56.95 120.66 81.58
C HIS IB 104 -57.37 119.66 82.66
N PHE IB 105 -58.50 118.98 82.49
CA PHE IB 105 -58.95 118.01 83.48
C PHE IB 105 -59.31 116.71 82.78
N ASP IB 106 -58.92 115.59 83.38
CA ASP IB 106 -59.25 114.28 82.81
C ASP IB 106 -59.32 113.26 83.94
N SER IB 107 -60.53 112.81 84.28
CA SER IB 107 -60.73 111.85 85.35
C SER IB 107 -61.43 110.61 84.81
N GLY IB 108 -60.95 109.44 85.21
CA GLY IB 108 -61.59 108.19 84.86
C GLY IB 108 -61.75 107.28 86.06
N ALA IB 109 -62.98 106.96 86.41
CA ALA IB 109 -63.28 106.11 87.55
C ALA IB 109 -64.05 104.89 87.10
N LYS IB 110 -63.95 103.82 87.88
CA LYS IB 110 -64.70 102.61 87.57
C LYS IB 110 -64.87 101.80 88.85
N GLY IB 111 -65.97 101.07 88.92
CA GLY IB 111 -66.27 100.26 90.08
C GLY IB 111 -67.01 99.01 89.68
N SER IB 112 -66.88 97.99 90.52
CA SER IB 112 -67.57 96.72 90.28
C SER IB 112 -67.88 96.06 91.62
N LYS IB 113 -68.94 95.28 91.65
CA LYS IB 113 -69.39 94.61 92.86
C LYS IB 113 -70.07 93.30 92.49
N ASN IB 114 -69.76 92.25 93.25
CA ASN IB 114 -70.36 90.93 93.07
C ASN IB 114 -70.75 90.39 94.43
N PHE IB 115 -72.04 90.12 94.61
CA PHE IB 115 -72.61 89.72 95.89
C PHE IB 115 -73.42 88.45 95.70
N ILE IB 116 -73.12 87.43 96.51
CA ILE IB 116 -73.77 86.13 96.39
C ILE IB 116 -74.27 85.69 97.76
N THR IB 117 -75.49 85.20 97.81
CA THR IB 117 -76.10 84.76 99.06
C THR IB 117 -76.79 83.41 98.86
N SER IB 118 -76.69 82.54 99.86
CA SER IB 118 -77.35 81.24 99.83
C SER IB 118 -77.86 80.91 101.23
N ALA IB 119 -79.13 80.55 101.32
CA ALA IB 119 -79.73 80.19 102.60
C ALA IB 119 -80.45 78.85 102.46
N SER IB 120 -80.10 77.91 103.33
CA SER IB 120 -80.70 76.57 103.35
C SER IB 120 -81.34 76.39 104.72
N LEU IB 121 -82.67 76.54 104.77
CA LEU IB 121 -83.42 76.42 106.01
C LEU IB 121 -84.01 75.04 106.22
N GLY IB 122 -83.94 74.15 105.24
CA GLY IB 122 -84.46 72.81 105.42
C GLY IB 122 -85.96 72.82 105.66
N THR IB 123 -86.37 72.22 106.77
CA THR IB 123 -87.77 72.11 107.15
C THR IB 123 -88.05 73.02 108.34
N VAL IB 124 -89.17 73.73 108.30
CA VAL IB 124 -89.60 74.61 109.38
C VAL IB 124 -90.87 74.05 109.97
N VAL IB 125 -90.90 73.89 111.29
CA VAL IB 125 -92.07 73.40 112.00
C VAL IB 125 -92.64 74.52 112.85
N LYS IB 126 -93.86 74.32 113.32
CA LYS IB 126 -94.56 75.26 114.17
C LYS IB 126 -94.92 74.58 115.48
N ALA IB 127 -94.63 75.25 116.58
CA ALA IB 127 -94.90 74.74 117.92
C ALA IB 127 -95.88 75.67 118.61
N GLU IB 128 -96.86 75.07 119.29
CA GLU IB 128 -97.94 75.83 119.92
C GLU IB 128 -98.58 74.97 120.99
N THR IB 129 -99.31 75.63 121.89
CA THR IB 129 -100.01 74.93 122.96
C THR IB 129 -101.02 73.94 122.39
N ILE IB 130 -101.16 72.81 123.06
CA ILE IB 130 -102.12 71.79 122.59
C ILE IB 130 -103.54 72.34 122.61
N ASP IB 131 -103.90 73.03 123.68
CA ASP IB 131 -105.22 73.65 123.80
C ASP IB 131 -105.04 75.08 124.29
N ILE IB 132 -105.44 76.04 123.46
CA ILE IB 132 -105.29 77.45 123.83
C ILE IB 132 -106.52 77.96 124.58
N THR IB 133 -107.68 77.36 124.35
CA THR IB 133 -108.90 77.81 125.03
C THR IB 133 -108.79 77.63 126.54
N LYS IB 134 -108.24 76.49 126.99
CA LYS IB 134 -108.05 76.27 128.42
C LYS IB 134 -107.09 77.29 129.02
N VAL IB 135 -105.99 77.55 128.32
CA VAL IB 135 -105.02 78.53 128.78
C VAL IB 135 -105.67 79.90 128.91
N LEU IB 136 -106.46 80.29 127.91
CA LEU IB 136 -107.13 81.59 127.96
C LEU IB 136 -108.11 81.66 129.12
N ALA IB 137 -108.89 80.60 129.32
CA ALA IB 137 -109.85 80.59 130.42
C ALA IB 137 -109.15 80.74 131.76
N LYS IB 138 -108.09 79.95 131.98
CA LYS IB 138 -107.37 80.02 133.24
C LYS IB 138 -106.72 81.39 133.43
N VAL IB 139 -106.18 81.98 132.36
CA VAL IB 139 -105.62 83.33 132.46
C VAL IB 139 -106.68 84.31 132.92
N ARG IB 140 -107.85 84.26 132.27
CA ARG IB 140 -108.92 85.20 132.62
C ARG IB 140 -109.37 85.02 134.06
N THR IB 141 -109.37 83.78 134.56
CA THR IB 141 -109.80 83.53 135.92
C THR IB 141 -108.65 83.58 136.93
N ALA IB 142 -107.42 83.86 136.51
CA ALA IB 142 -106.27 83.84 137.39
C ALA IB 142 -105.71 85.25 137.58
N LYS IB 143 -105.15 85.49 138.75
CA LYS IB 143 -104.53 86.77 139.09
C LYS IB 143 -103.01 86.69 138.94
N ALA IB 144 -102.42 87.83 138.56
CA ALA IB 144 -100.98 87.91 138.38
C ALA IB 144 -100.26 87.89 139.72
N LYS IB 145 -98.94 87.74 139.66
CA LYS IB 145 -98.12 87.68 140.87
C LYS IB 145 -97.96 89.08 141.46
N VAL IB 146 -98.41 89.25 142.70
CA VAL IB 146 -98.29 90.55 143.36
C VAL IB 146 -96.83 90.92 143.55
N GLU IB 147 -95.99 89.94 143.88
CA GLU IB 147 -94.57 90.20 144.09
C GLU IB 147 -93.90 90.75 142.83
N ASN IB 148 -94.31 90.27 141.65
CA ASN IB 148 -93.65 90.66 140.41
C ASN IB 148 -93.71 92.17 140.21
N ASP IB 149 -92.57 92.74 139.81
CA ASP IB 149 -92.45 94.18 139.59
C ASP IB 149 -92.83 94.58 138.17
N LEU IB 150 -92.53 93.73 137.19
CA LEU IB 150 -92.86 94.03 135.80
C LEU IB 150 -94.35 94.28 135.62
N VAL IB 151 -95.18 93.42 136.22
CA VAL IB 151 -96.64 93.58 136.09
C VAL IB 151 -97.07 94.92 136.65
N SER IB 152 -96.55 95.30 137.81
CA SER IB 152 -96.90 96.59 138.41
C SER IB 152 -96.46 97.74 137.52
N ARG IB 153 -95.25 97.65 136.97
CA ARG IB 153 -94.78 98.69 136.06
C ARG IB 153 -95.72 98.84 134.87
N VAL IB 154 -96.08 97.73 134.23
CA VAL IB 154 -96.97 97.78 133.07
C VAL IB 154 -98.35 98.31 133.48
N MET IB 155 -98.82 97.98 134.68
CA MET IB 155 -100.11 98.47 135.15
C MET IB 155 -100.08 99.98 135.33
N LYS IB 156 -99.02 100.51 135.95
CA LYS IB 156 -98.98 101.94 136.22
C LYS IB 156 -98.72 102.74 134.95
N THR IB 157 -97.93 102.20 134.03
CA THR IB 157 -97.66 102.90 132.79
C THR IB 157 -98.79 102.65 131.79
N LYS IB 158 -98.95 103.60 130.86
CA LYS IB 158 -99.99 103.52 129.84
C LYS IB 158 -99.48 103.05 128.49
N ARG IB 159 -98.21 103.32 128.18
CA ARG IB 159 -97.67 102.89 126.90
C ARG IB 159 -97.41 101.39 126.87
N LEU IB 160 -96.90 100.83 127.97
CA LEU IB 160 -96.51 99.44 128.01
C LEU IB 160 -97.73 98.53 127.97
N CYS IB 161 -97.61 97.44 127.22
CA CYS IB 161 -98.63 96.40 127.15
C CYS IB 161 -97.97 95.03 127.24
N LEU IB 162 -98.73 94.05 127.71
CA LEU IB 162 -98.22 92.69 127.86
C LEU IB 162 -98.73 91.81 126.73
N GLY IB 163 -97.89 90.89 126.28
CA GLY IB 163 -98.28 89.96 125.24
C GLY IB 163 -97.81 88.54 125.50
N LEU IB 164 -98.69 87.57 125.30
CA LEU IB 164 -98.39 86.16 125.49
C LEU IB 164 -98.13 85.53 124.13
N VAL IB 165 -96.96 84.91 123.98
CA VAL IB 165 -96.60 84.27 122.72
C VAL IB 165 -97.32 82.92 122.64
N VAL IB 166 -97.96 82.65 121.49
CA VAL IB 166 -98.81 81.49 121.35
C VAL IB 166 -98.34 80.52 120.28
N GLU IB 167 -97.51 80.93 119.33
CA GLU IB 167 -97.01 80.01 118.32
C GLU IB 167 -95.64 80.47 117.85
N THR IB 168 -94.79 79.50 117.52
CA THR IB 168 -93.42 79.81 117.14
C THR IB 168 -92.98 78.91 116.00
N ALA IB 169 -92.26 79.48 115.04
CA ALA IB 169 -91.72 78.74 113.91
C ALA IB 169 -90.23 78.47 114.16
N CYS IB 170 -89.85 77.20 114.12
CA CYS IB 170 -88.49 76.77 114.44
C CYS IB 170 -87.98 75.81 113.37
N VAL IB 171 -86.68 75.88 113.12
CA VAL IB 171 -86.05 74.99 112.14
C VAL IB 171 -85.91 73.60 112.75
N ALA IB 172 -86.34 72.58 111.99
CA ALA IB 172 -86.24 71.21 112.49
C ALA IB 172 -84.80 70.73 112.52
N ALA IB 173 -84.01 71.09 111.51
CA ALA IB 173 -82.62 70.66 111.40
C ALA IB 173 -81.72 71.88 111.28
N ALA IB 174 -80.43 71.63 111.15
CA ALA IB 174 -79.46 72.72 111.06
C ALA IB 174 -79.66 73.52 109.79
N GLY IB 175 -79.52 74.84 109.90
CA GLY IB 175 -79.68 75.74 108.76
C GLY IB 175 -78.37 76.41 108.41
N LYS IB 176 -78.08 76.49 107.11
CA LYS IB 176 -76.81 76.99 106.62
C LYS IB 176 -76.98 78.31 105.89
N LEU IB 177 -76.18 79.30 106.26
CA LEU IB 177 -76.23 80.62 105.65
C LEU IB 177 -74.85 81.00 105.16
N THR IB 178 -74.73 81.29 103.85
CA THR IB 178 -73.45 81.61 103.23
C THR IB 178 -73.56 82.91 102.45
N GLU IB 179 -72.53 83.75 102.56
CA GLU IB 179 -72.49 85.04 101.88
C GLU IB 179 -71.07 85.30 101.37
N ALA IB 180 -70.99 85.81 100.14
CA ALA IB 180 -69.71 86.15 99.54
C ALA IB 180 -69.81 87.53 98.90
N ASP IB 181 -68.79 88.36 99.10
CA ASP IB 181 -68.75 89.73 98.61
C ASP IB 181 -67.40 89.97 97.97
N ASN IB 182 -67.39 90.60 96.79
CA ASN IB 182 -66.14 90.99 96.13
C ASN IB 182 -66.40 92.30 95.40
N TRP IB 183 -65.79 93.38 95.86
CA TRP IB 183 -65.98 94.65 95.18
C TRP IB 183 -64.65 95.37 94.99
N GLU IB 184 -64.62 96.23 93.98
CA GLU IB 184 -63.37 96.84 93.52
C GLU IB 184 -63.63 98.23 92.99
N ILE IB 185 -62.70 99.15 93.28
CA ILE IB 185 -62.75 100.54 92.84
C ILE IB 185 -61.40 100.90 92.22
N SER IB 186 -61.42 101.52 91.04
CA SER IB 186 -60.21 101.99 90.38
C SER IB 186 -60.45 103.39 89.85
N GLY IB 187 -59.69 104.36 90.34
CA GLY IB 187 -59.86 105.74 89.94
C GLY IB 187 -58.55 106.37 89.52
N HIS IB 188 -58.66 107.35 88.62
CA HIS IB 188 -57.51 108.04 88.07
C HIS IB 188 -57.88 109.49 87.80
N THR IB 189 -56.96 110.40 88.10
CA THR IB 189 -57.18 111.83 87.95
C THR IB 189 -55.94 112.46 87.33
N ASN IB 190 -56.15 113.34 86.34
CA ASN IB 190 -55.07 114.05 85.67
C ASN IB 190 -55.46 115.52 85.56
N ALA IB 191 -54.79 116.37 86.32
CA ALA IB 191 -55.00 117.81 86.27
C ALA IB 191 -53.78 118.44 85.60
N ASN IB 192 -53.94 118.86 84.35
CA ASN IB 192 -52.88 119.48 83.58
C ASN IB 192 -53.09 120.99 83.56
N ILE IB 193 -52.10 121.74 84.02
CA ILE IB 193 -52.14 123.19 84.01
C ILE IB 193 -50.85 123.67 83.35
N GLY IB 194 -50.85 124.94 82.95
CA GLY IB 194 -49.69 125.49 82.24
C GLY IB 194 -48.40 125.37 83.02
N GLU IB 195 -48.46 125.46 84.35
CA GLU IB 195 -47.28 125.36 85.19
C GLU IB 195 -47.37 124.24 86.22
N ALA IB 196 -48.37 123.36 86.12
CA ALA IB 196 -48.53 122.28 87.08
C ALA IB 196 -49.14 121.08 86.41
N VAL IB 197 -48.64 119.89 86.73
CA VAL IB 197 -49.17 118.63 86.25
C VAL IB 197 -49.32 117.70 87.44
N VAL IB 198 -50.54 117.21 87.67
CA VAL IB 198 -50.83 116.30 88.77
C VAL IB 198 -51.46 115.04 88.18
N THR IB 199 -50.93 113.88 88.55
CA THR IB 199 -51.43 112.59 88.08
C THR IB 199 -51.57 111.66 89.28
N ALA IB 200 -52.82 111.39 89.67
CA ALA IB 200 -53.11 110.55 90.82
C ALA IB 200 -53.86 109.30 90.37
N THR IB 201 -53.63 108.20 91.08
CA THR IB 201 -54.25 106.93 90.77
C THR IB 201 -54.47 106.16 92.06
N ALA IB 202 -55.61 105.48 92.17
CA ALA IB 202 -55.91 104.70 93.36
C ALA IB 202 -56.73 103.47 93.00
N GLU IB 203 -56.27 102.30 93.43
CA GLU IB 203 -56.97 101.05 93.21
C GLU IB 203 -57.14 100.32 94.53
N LEU IB 204 -58.32 99.76 94.74
CA LEU IB 204 -58.54 98.93 95.92
C LEU IB 204 -59.61 97.90 95.62
N ASP IB 205 -59.62 96.83 96.41
CA ASP IB 205 -60.62 95.77 96.25
C ASP IB 205 -60.72 94.99 97.54
N LYS IB 206 -61.94 94.68 97.96
CA LYS IB 206 -62.21 93.96 99.19
C LYS IB 206 -62.98 92.68 98.87
N ASN IB 207 -62.60 91.61 99.57
CA ASN IB 207 -63.24 90.30 99.44
C ASN IB 207 -63.59 89.78 100.82
N LEU IB 208 -64.84 89.36 100.99
CA LEU IB 208 -65.33 88.82 102.25
C LEU IB 208 -66.14 87.56 102.01
N SER IB 209 -66.16 86.69 103.01
CA SER IB 209 -66.96 85.46 102.93
C SER IB 209 -67.33 85.04 104.35
N ARG IB 210 -68.63 84.87 104.60
CA ARG IB 210 -69.13 84.50 105.91
C ARG IB 210 -70.05 83.31 105.77
N LYS IB 211 -69.81 82.25 106.55
CA LYS IB 211 -70.61 81.03 106.49
C LYS IB 211 -70.91 80.58 107.91
N ILE IB 212 -72.20 80.47 108.25
CA ILE IB 212 -72.62 80.07 109.59
C ILE IB 212 -73.68 78.99 109.47
N GLU IB 213 -73.96 78.35 110.61
CA GLU IB 213 -74.91 77.25 110.67
C GLU IB 213 -75.67 77.32 111.99
N ILE IB 214 -76.94 77.71 111.92
CA ILE IB 214 -77.79 77.75 113.11
C ILE IB 214 -78.21 76.33 113.48
N PRO IB 215 -78.26 75.99 114.76
CA PRO IB 215 -78.57 74.62 115.17
C PRO IB 215 -80.06 74.36 115.16
N PRO IB 216 -80.48 73.10 115.22
CA PRO IB 216 -81.91 72.80 115.28
C PRO IB 216 -82.58 73.41 116.50
N GLY IB 217 -83.82 73.85 116.33
CA GLY IB 217 -84.60 74.43 117.41
C GLY IB 217 -84.57 75.94 117.45
N THR IB 218 -83.75 76.59 116.63
CA THR IB 218 -83.69 78.04 116.62
C THR IB 218 -85.00 78.64 116.14
N ALA IB 219 -85.55 79.58 116.91
CA ALA IB 219 -86.81 80.20 116.54
C ALA IB 219 -86.60 81.20 115.41
N LEU IB 220 -87.60 81.31 114.54
CA LEU IB 220 -87.55 82.25 113.42
C LEU IB 220 -88.58 83.35 113.51
N ALA IB 221 -89.82 83.04 113.90
CA ALA IB 221 -90.88 84.03 113.96
C ALA IB 221 -91.92 83.57 114.96
N TYR IB 222 -92.80 84.50 115.35
CA TYR IB 222 -93.76 84.23 116.41
C TYR IB 222 -94.97 85.12 116.24
N SER IB 223 -96.04 84.75 116.93
CA SER IB 223 -97.26 85.55 117.03
C SER IB 223 -97.72 85.56 118.47
N PHE IB 224 -98.35 86.66 118.88
CA PHE IB 224 -98.71 86.83 120.29
C PHE IB 224 -100.08 87.46 120.41
N MET IB 225 -100.66 87.28 121.59
CA MET IB 225 -101.96 87.83 121.95
C MET IB 225 -101.81 88.84 123.08
N ASP IB 226 -102.54 89.95 122.99
CA ASP IB 226 -102.41 91.02 123.96
C ASP IB 226 -103.11 90.67 125.26
N LEU IB 227 -102.71 91.36 126.33
CA LEU IB 227 -103.28 91.19 127.66
C LEU IB 227 -103.52 92.57 128.28
N GLU IB 228 -104.23 92.56 129.41
CA GLU IB 228 -104.56 93.79 130.12
C GLU IB 228 -104.65 93.50 131.60
N ILE IB 229 -103.92 94.27 132.41
CA ILE IB 229 -103.95 94.14 133.86
C ILE IB 229 -105.15 94.90 134.40
N LEU IB 230 -106.01 94.21 135.16
CA LEU IB 230 -107.10 94.89 135.84
C LEU IB 230 -106.56 95.74 136.98
N GLU IB 231 -107.47 96.44 137.67
CA GLU IB 231 -107.10 97.15 138.88
C GLU IB 231 -106.43 96.21 139.88
N ASP IB 232 -107.03 95.04 140.08
CA ASP IB 232 -106.41 93.99 140.87
C ASP IB 232 -105.34 93.28 140.06
N ARG IB 233 -104.77 92.22 140.62
CA ARG IB 233 -103.80 91.41 139.90
C ARG IB 233 -104.42 90.58 138.78
N SER IB 234 -105.76 90.59 138.66
CA SER IB 234 -106.43 89.83 137.61
C SER IB 234 -105.99 90.29 136.23
N LEU IB 235 -105.98 89.34 135.30
CA LEU IB 235 -105.60 89.59 133.91
C LEU IB 235 -106.77 89.31 132.99
N ARG IB 236 -106.84 90.07 131.90
CA ARG IB 236 -107.88 89.91 130.90
C ARG IB 236 -107.24 89.90 129.52
N VAL IB 237 -107.95 89.34 128.55
CA VAL IB 237 -107.47 89.31 127.17
C VAL IB 237 -108.17 90.41 126.40
N SER IB 238 -107.44 91.05 125.50
CA SER IB 238 -107.96 92.18 124.74
C SER IB 238 -107.81 91.91 123.24
N SER IB 239 -108.82 92.30 122.47
CA SER IB 239 -108.86 92.06 121.04
C SER IB 239 -109.13 93.37 120.31
N SER IB 240 -108.18 93.82 119.51
CA SER IB 240 -108.38 94.99 118.66
C SER IB 240 -109.20 94.57 117.45
N ALA IB 241 -110.46 95.00 117.41
CA ALA IB 241 -111.41 94.61 116.37
C ALA IB 241 -111.57 93.09 116.28
N GLY IB 242 -111.44 92.40 117.41
CA GLY IB 242 -111.58 90.97 117.46
C GLY IB 242 -110.46 90.18 116.83
N ALA IB 243 -109.29 90.80 116.63
CA ALA IB 243 -108.19 90.10 115.98
C ALA IB 243 -107.67 88.95 116.84
N MET IB 244 -107.36 89.23 118.11
CA MET IB 244 -106.77 88.27 119.04
C MET IB 244 -105.47 87.66 118.51
N PHE IB 245 -104.84 88.30 117.53
CA PHE IB 245 -103.57 87.85 116.98
C PHE IB 245 -102.82 89.09 116.54
N ASP IB 246 -101.88 89.54 117.35
CA ASP IB 246 -101.15 90.77 117.08
C ASP IB 246 -99.81 90.44 116.45
N SER IB 247 -99.51 91.12 115.34
CA SER IB 247 -98.25 90.94 114.62
C SER IB 247 -97.32 92.13 114.77
N GLY IB 248 -97.54 92.97 115.78
CA GLY IB 248 -96.73 94.16 115.94
C GLY IB 248 -96.87 95.13 114.79
N LYS IB 249 -98.08 95.29 114.27
CA LYS IB 249 -98.34 96.17 113.13
C LYS IB 249 -98.98 97.46 113.60
N ALA IB 250 -98.73 98.52 112.84
CA ALA IB 250 -99.34 99.81 113.14
C ALA IB 250 -100.85 99.75 112.92
N GLU IB 251 -101.58 100.57 113.68
CA GLU IB 251 -103.03 100.59 113.58
C GLU IB 251 -103.48 101.04 112.19
N SER IB 252 -102.81 102.05 111.63
CA SER IB 252 -103.12 102.58 110.30
C SER IB 252 -104.57 103.01 110.19
CA ARG JB 3 -96.41 88.61 95.17
C ARG JB 3 -95.94 87.24 95.67
N PRO JB 4 -96.37 86.87 96.88
CA PRO JB 4 -95.99 85.57 97.43
C PRO JB 4 -96.47 84.43 96.55
N MET JB 5 -95.64 83.38 96.46
CA MET JB 5 -96.00 82.23 95.65
C MET JB 5 -97.26 81.55 96.17
N PHE JB 6 -97.39 81.46 97.50
CA PHE JB 6 -98.60 80.85 98.06
C PHE JB 6 -99.84 81.63 97.67
N ALA JB 7 -99.78 82.97 97.74
CA ALA JB 7 -100.93 83.78 97.34
C ALA JB 7 -101.23 83.62 95.86
N VAL JB 8 -100.20 83.58 95.03
CA VAL JB 8 -100.42 83.40 93.59
C VAL JB 8 -101.08 82.06 93.31
N ALA JB 9 -100.59 80.99 93.95
CA ALA JB 9 -101.17 79.68 93.74
C ALA JB 9 -102.60 79.61 94.25
N VAL JB 10 -102.88 80.27 95.38
CA VAL JB 10 -104.25 80.29 95.90
C VAL JB 10 -105.17 81.00 94.93
N ASN JB 11 -104.72 82.12 94.36
CA ASN JB 11 -105.54 82.83 93.37
C ASN JB 11 -105.76 81.98 92.13
N GLU JB 12 -104.73 81.29 91.66
CA GLU JB 12 -104.88 80.42 90.49
C GLU JB 12 -105.89 79.32 90.77
N PHE JB 13 -105.79 78.69 91.93
CA PHE JB 13 -106.73 77.61 92.27
C PHE JB 13 -108.15 78.14 92.38
N ILE JB 14 -108.34 79.28 93.05
CA ILE JB 14 -109.68 79.80 93.26
C ILE JB 14 -110.28 80.25 91.94
N ARG JB 15 -109.46 80.73 91.00
CA ARG JB 15 -109.98 81.07 89.68
C ARG JB 15 -110.37 79.83 88.90
N SER JB 16 -109.50 78.81 88.88
CA SER JB 16 -109.78 77.61 88.11
C SER JB 16 -111.02 76.89 88.64
N ALA JB 17 -111.15 76.79 89.96
CA ALA JB 17 -112.27 76.11 90.59
C ALA JB 17 -112.82 76.98 91.70
N GLY JB 18 -114.14 77.10 91.77
CA GLY JB 18 -114.78 77.86 92.83
C GLY JB 18 -114.49 79.34 92.81
N GLN JB 19 -114.61 79.97 91.64
CA GLN JB 19 -114.39 81.41 91.55
C GLN JB 19 -115.41 82.17 92.39
N ASP JB 20 -116.59 81.60 92.60
CA ASP JB 20 -117.61 82.18 93.45
C ASP JB 20 -117.74 81.35 94.73
N SER JB 21 -118.17 82.03 95.80
CA SER JB 21 -118.40 81.40 97.10
C SER JB 21 -117.13 80.72 97.62
N LEU JB 22 -116.02 81.45 97.59
CA LEU JB 22 -114.76 80.92 98.07
C LEU JB 22 -113.84 82.09 98.42
N CYS JB 23 -113.16 81.99 99.57
CA CYS JB 23 -112.27 83.03 100.07
C CYS JB 23 -110.86 82.48 100.14
N GLY JB 24 -109.90 83.24 99.59
CA GLY JB 24 -108.53 82.82 99.65
C GLY JB 24 -107.96 82.86 101.06
N VAL JB 25 -106.93 82.06 101.28
CA VAL JB 25 -106.24 81.98 102.56
C VAL JB 25 -105.12 83.02 102.58
N PRO JB 26 -105.03 83.85 103.62
CA PRO JB 26 -104.01 84.91 103.62
C PRO JB 26 -102.58 84.41 103.59
N ASP JB 27 -102.24 83.39 104.39
CA ASP JB 27 -100.87 82.91 104.45
C ASP JB 27 -100.83 81.49 104.97
N ILE JB 28 -99.69 80.84 104.78
CA ILE JB 28 -99.53 79.45 105.18
C ILE JB 28 -99.67 79.31 106.69
N ASN JB 29 -99.11 80.24 107.46
CA ASN JB 29 -99.16 80.16 108.90
C ASN JB 29 -100.61 80.17 109.41
N SER JB 30 -101.43 81.05 108.86
CA SER JB 30 -102.82 81.18 109.29
C SER JB 30 -103.77 80.28 108.52
N SER JB 31 -103.25 79.45 107.59
CA SER JB 31 -104.10 78.54 106.86
C SER JB 31 -104.80 77.56 107.79
N GLY JB 32 -104.11 77.12 108.85
CA GLY JB 32 -104.69 76.12 109.73
C GLY JB 32 -105.80 76.62 110.62
N ASP JB 33 -106.05 77.93 110.65
CA ASP JB 33 -107.10 78.50 111.48
C ASP JB 33 -108.43 78.63 110.73
N PHE JB 34 -108.50 78.17 109.49
CA PHE JB 34 -109.71 78.27 108.69
C PHE JB 34 -110.29 76.90 108.36
N MET JB 35 -110.14 75.95 109.28
CA MET JB 35 -110.76 74.65 109.14
C MET JB 35 -112.25 74.75 109.48
N PRO JB 36 -113.04 73.76 109.07
CA PRO JB 36 -114.49 73.83 109.32
C PRO JB 36 -114.80 73.93 110.80
N LEU JB 37 -115.91 74.61 111.10
CA LEU JB 37 -116.39 74.84 112.47
C LEU JB 37 -115.42 75.73 113.24
N HIS JB 38 -114.99 76.82 112.60
CA HIS JB 38 -114.16 77.84 113.23
C HIS JB 38 -114.87 79.18 113.14
N ILE JB 39 -114.70 80.00 114.18
CA ILE JB 39 -115.29 81.32 114.25
C ILE JB 39 -114.32 82.34 113.68
N ILE JB 40 -114.83 83.24 112.83
CA ILE JB 40 -114.05 84.34 112.27
C ILE JB 40 -114.84 85.62 112.46
N VAL JB 41 -114.14 86.75 112.39
CA VAL JB 41 -114.73 88.06 112.58
C VAL JB 41 -114.64 88.82 111.27
N LYS JB 42 -115.74 89.46 110.89
CA LYS JB 42 -115.82 90.24 109.66
C LYS JB 42 -116.01 91.71 110.01
N GLU JB 43 -115.19 92.57 109.41
CA GLU JB 43 -115.23 94.01 109.63
C GLU JB 43 -115.60 94.70 108.33
N VAL JB 44 -116.56 95.61 108.40
CA VAL JB 44 -117.05 96.33 107.23
C VAL JB 44 -116.01 97.35 106.78
N PRO JB 45 -115.98 97.71 105.50
CA PRO JB 45 -114.97 98.71 105.05
C PRO JB 45 -115.09 100.05 105.73
N LYS JB 46 -116.31 100.48 106.08
CA LYS JB 46 -116.63 101.75 106.74
C LYS JB 46 -116.42 102.95 105.83
N VAL JB 47 -115.92 102.77 104.61
CA VAL JB 47 -115.71 103.87 103.68
C VAL JB 47 -116.60 103.66 102.46
N LEU JB 48 -116.39 102.55 101.76
CA LEU JB 48 -117.20 102.17 100.60
C LEU JB 48 -117.65 100.73 100.81
N PRO JB 49 -118.63 100.49 101.69
CA PRO JB 49 -119.03 99.11 101.99
C PRO JB 49 -119.53 98.35 100.77
N CYS JB 50 -120.22 99.01 99.85
CA CYS JB 50 -120.72 98.35 98.65
C CYS JB 50 -119.68 98.25 97.55
N CYS JB 51 -118.52 98.91 97.70
CA CYS JB 51 -117.49 98.89 96.68
C CYS JB 51 -116.22 98.17 97.10
N ARG JB 52 -116.04 97.90 98.39
CA ARG JB 52 -114.83 97.27 98.90
C ARG JB 52 -115.19 96.02 99.67
N ARG JB 53 -114.39 94.96 99.49
CA ARG JB 53 -114.63 93.72 100.21
C ARG JB 53 -114.24 93.88 101.68
N PRO JB 54 -114.96 93.22 102.58
CA PRO JB 54 -114.68 93.39 104.02
C PRO JB 54 -113.37 92.76 104.45
N LYS JB 55 -113.04 92.90 105.73
CA LYS JB 55 -111.80 92.39 106.30
C LYS JB 55 -112.11 91.20 107.20
N ILE JB 56 -111.37 90.11 107.02
CA ILE JB 56 -111.62 88.86 107.74
C ILE JB 56 -110.48 88.62 108.72
N LYS JB 57 -110.84 88.38 109.98
CA LYS JB 57 -109.90 88.18 111.07
C LYS JB 57 -110.11 86.79 111.66
N ARG JB 58 -109.03 86.03 111.81
CA ARG JB 58 -109.10 84.71 112.41
C ARG JB 58 -109.13 84.82 113.93
N THR JB 59 -109.77 83.83 114.55
CA THR JB 59 -109.86 83.76 116.00
C THR JB 59 -109.54 82.35 116.47
N PRO JB 60 -108.98 82.20 117.68
CA PRO JB 60 -108.66 80.87 118.21
C PRO JB 60 -109.85 80.25 118.95
N TYR JB 61 -110.96 80.10 118.25
CA TYR JB 61 -112.17 79.56 118.85
C TYR JB 61 -112.85 78.59 117.89
N THR JB 62 -113.50 77.59 118.46
CA THR JB 62 -114.40 76.70 117.73
C THR JB 62 -115.83 76.94 118.19
N LEU JB 63 -116.76 76.31 117.47
CA LEU JB 63 -118.17 76.49 117.79
C LEU JB 63 -118.50 76.00 119.19
N ASN JB 64 -117.97 74.83 119.56
CA ASN JB 64 -118.26 74.27 120.88
C ASN JB 64 -117.68 75.13 121.99
N ASP JB 65 -116.51 75.73 121.76
CA ASP JB 65 -115.94 76.62 122.77
C ASP JB 65 -116.74 77.91 122.88
N ILE JB 66 -117.16 78.47 121.74
CA ILE JB 66 -117.87 79.74 121.78
C ILE JB 66 -119.29 79.57 122.32
N LEU JB 67 -119.85 78.37 122.22
CA LEU JB 67 -121.22 78.11 122.65
C LEU JB 67 -121.25 77.45 124.02
N ASP JB 68 -122.20 77.86 124.85
CA ASP JB 68 -122.41 77.20 126.13
C ASP JB 68 -122.86 75.75 125.90
N GLU JB 69 -123.76 75.54 124.95
CA GLU JB 69 -124.25 74.20 124.64
C GLU JB 69 -123.47 73.62 123.47
N PRO JB 70 -122.85 72.45 123.62
CA PRO JB 70 -122.07 71.88 122.51
C PRO JB 70 -122.96 71.38 121.38
N CYS JB 71 -122.34 71.24 120.22
CA CYS JB 71 -122.97 70.78 119.00
C CYS JB 71 -122.14 69.65 118.41
N PRO JB 72 -122.75 68.76 117.63
CA PRO JB 72 -121.96 67.73 116.94
C PRO JB 72 -120.95 68.37 116.01
N ASN JB 73 -119.77 67.74 115.91
CA ASN JB 73 -118.65 68.32 115.18
C ASN JB 73 -117.95 67.34 114.25
N GLN JB 74 -118.56 66.20 113.94
CA GLN JB 74 -117.93 65.24 113.05
C GLN JB 74 -117.80 65.82 111.65
N LEU JB 75 -116.74 65.41 110.95
CA LEU JB 75 -116.43 65.94 109.63
C LEU JB 75 -116.30 64.81 108.62
N LYS JB 76 -116.24 65.18 107.34
CA LYS JB 76 -116.03 64.25 106.25
C LYS JB 76 -115.36 65.00 105.11
N SER JB 77 -114.61 64.25 104.30
CA SER JB 77 -113.86 64.83 103.20
C SER JB 77 -114.10 64.03 101.92
N SER JB 78 -114.03 64.74 100.79
CA SER JB 78 -114.22 64.13 99.49
C SER JB 78 -113.46 64.92 98.44
N ASP JB 79 -113.12 64.26 97.34
CA ASP JB 79 -112.31 64.90 96.31
C ASP JB 79 -113.07 66.05 95.65
N LEU JB 80 -112.32 67.09 95.28
CA LEU JB 80 -112.89 68.27 94.64
C LEU JB 80 -112.36 68.49 93.24
N VAL JB 81 -111.03 68.54 93.07
CA VAL JB 81 -110.42 68.78 91.76
C VAL JB 81 -109.02 68.17 91.79
N THR JB 82 -108.48 67.93 90.61
CA THR JB 82 -107.18 67.27 90.46
C THR JB 82 -106.40 67.97 89.35
N PHE JB 83 -105.28 68.58 89.69
CA PHE JB 83 -104.39 69.21 88.73
C PHE JB 83 -103.39 68.16 88.26
N THR JB 84 -103.65 67.59 87.08
CA THR JB 84 -102.81 66.50 86.58
C THR JB 84 -101.39 66.97 86.27
N GLU JB 85 -101.24 68.19 85.75
CA GLU JB 85 -99.94 68.71 85.40
C GLU JB 85 -99.73 70.07 86.05
N PRO JB 86 -98.48 70.43 86.33
CA PRO JB 86 -98.22 71.70 87.00
C PRO JB 86 -98.65 72.90 86.17
N LEU JB 87 -99.16 73.92 86.84
CA LEU JB 87 -99.41 75.21 86.21
C LEU JB 87 -98.09 75.90 85.95
N VAL JB 88 -97.79 76.16 84.67
CA VAL JB 88 -96.50 76.71 84.25
C VAL JB 88 -96.75 78.05 83.60
N SER JB 89 -95.99 79.06 84.00
CA SER JB 89 -96.09 80.40 83.45
C SER JB 89 -94.72 80.93 83.09
N ASN JB 90 -94.62 81.56 81.93
CA ASN JB 90 -93.38 82.16 81.45
C ASN JB 90 -93.65 83.57 80.96
N VAL JB 91 -92.80 84.51 81.36
CA VAL JB 91 -92.85 85.89 80.89
C VAL JB 91 -91.45 86.29 80.49
N LYS JB 92 -91.32 86.90 79.32
CA LYS JB 92 -90.01 87.31 78.81
C LYS JB 92 -90.16 88.66 78.13
N ALA JB 93 -89.55 89.69 78.71
CA ALA JB 93 -89.62 91.05 78.16
C ALA JB 93 -88.21 91.54 77.85
N SER JB 94 -88.10 92.36 76.82
CA SER JB 94 -86.83 92.96 76.44
C SER JB 94 -87.11 94.27 75.70
N SER JB 95 -86.43 95.34 76.11
CA SER JB 95 -86.66 96.65 75.53
C SER JB 95 -85.35 97.41 75.43
N SER JB 96 -85.32 98.37 74.50
CA SER JB 96 -84.15 99.22 74.30
C SER JB 96 -84.61 100.61 73.89
N ILE JB 97 -83.92 101.62 74.40
CA ILE JB 97 -84.24 103.02 74.13
C ILE JB 97 -82.96 103.72 73.69
N GLY JB 98 -83.07 104.53 72.64
CA GLY JB 98 -81.94 105.34 72.19
C GLY JB 98 -82.34 106.77 71.91
N LEU JB 99 -81.72 107.72 72.62
CA LEU JB 99 -82.03 109.14 72.49
C LEU JB 99 -80.78 109.87 72.03
N GLN JB 100 -80.93 110.74 71.04
CA GLN JB 100 -79.83 111.56 70.57
C GLN JB 100 -80.30 113.00 70.38
N ILE JB 101 -79.55 113.94 70.94
CA ILE JB 101 -79.80 115.37 70.74
C ILE JB 101 -78.56 115.93 70.05
N LEU JB 102 -78.64 116.11 68.74
CA LEU JB 102 -77.59 116.69 67.90
C LEU JB 102 -76.32 115.89 68.12
N LYS JB 103 -75.17 116.51 68.32
CA LYS JB 103 -73.95 115.85 68.76
C LYS JB 103 -73.61 116.19 70.20
N HIS JB 104 -74.62 116.61 70.98
CA HIS JB 104 -74.42 117.02 72.36
C HIS JB 104 -74.91 116.01 73.38
N PHE JB 105 -75.96 115.26 73.08
CA PHE JB 105 -76.48 114.27 74.01
C PHE JB 105 -76.67 112.94 73.29
N ASP JB 106 -76.29 111.85 73.95
CA ASP JB 106 -76.46 110.52 73.36
C ASP JB 106 -76.60 109.50 74.48
N SER JB 107 -77.81 108.98 74.67
CA SER JB 107 -78.08 108.01 75.72
C SER JB 107 -78.63 106.72 75.10
N GLY JB 108 -78.13 105.59 75.58
CA GLY JB 108 -78.64 104.30 75.17
C GLY JB 108 -78.90 103.39 76.35
N ALA JB 109 -80.15 102.98 76.54
CA ALA JB 109 -80.53 102.13 77.65
C ALA JB 109 -81.15 100.86 77.12
N LYS JB 110 -81.09 99.79 77.91
CA LYS JB 110 -81.72 98.54 77.53
C LYS JB 110 -81.99 97.72 78.77
N GLY JB 111 -83.05 96.93 78.72
CA GLY JB 111 -83.43 96.11 79.84
C GLY JB 111 -84.04 94.80 79.37
N SER JB 112 -83.95 93.79 80.22
CA SER JB 112 -84.53 92.49 79.92
C SER JB 112 -84.96 91.82 81.22
N LYS JB 113 -85.96 90.96 81.11
CA LYS JB 113 -86.51 90.27 82.26
C LYS JB 113 -87.06 88.92 81.83
N ASN JB 114 -86.79 87.90 82.64
CA ASN JB 114 -87.26 86.54 82.39
C ASN JB 114 -87.80 85.98 83.70
N PHE JB 115 -89.08 85.63 83.72
CA PHE JB 115 -89.78 85.20 84.92
C PHE JB 115 -90.48 83.88 84.65
N ILE JB 116 -90.22 82.87 85.49
CA ILE JB 116 -90.76 81.54 85.30
C ILE JB 116 -91.40 81.08 86.61
N THR JB 117 -92.59 80.50 86.52
CA THR JB 117 -93.33 80.03 87.68
C THR JB 117 -93.89 78.64 87.41
N SER JB 118 -93.87 77.79 88.43
CA SER JB 118 -94.43 76.45 88.33
C SER JB 118 -95.09 76.09 89.65
N ALA JB 119 -96.34 75.65 89.59
CA ALA JB 119 -97.08 75.24 90.78
C ALA JB 119 -97.68 73.87 90.58
N SER JB 120 -97.39 72.95 91.48
CA SER JB 120 -97.90 71.58 91.45
C SER JB 120 -98.70 71.36 92.72
N LEU JB 121 -100.03 71.42 92.60
CA LEU JB 121 -100.92 71.26 93.74
C LEU JB 121 -101.45 69.85 93.89
N GLY JB 122 -101.20 68.96 92.93
CA GLY JB 122 -101.65 67.59 93.06
C GLY JB 122 -103.16 67.50 93.11
N THR JB 123 -103.67 66.88 94.18
CA THR JB 123 -105.10 66.68 94.37
C THR JB 123 -105.58 67.57 95.51
N VAL JB 124 -106.73 68.21 95.31
CA VAL JB 124 -107.35 69.07 96.32
C VAL JB 124 -108.66 68.42 96.76
N VAL JB 125 -108.84 68.28 98.07
CA VAL JB 125 -110.05 67.71 98.62
C VAL JB 125 -110.80 68.80 99.38
N LYS JB 126 -112.06 68.51 99.70
CA LYS JB 126 -112.91 69.42 100.44
C LYS JB 126 -113.39 68.71 101.70
N ALA JB 127 -113.29 69.41 102.82
CA ALA JB 127 -113.70 68.88 104.12
C ALA JB 127 -114.82 69.76 104.67
N GLU JB 128 -115.84 69.10 105.23
CA GLU JB 128 -117.02 69.78 105.71
C GLU JB 128 -117.75 68.89 106.70
N THR JB 129 -118.63 69.50 107.49
CA THR JB 129 -119.41 68.76 108.46
C THR JB 129 -120.27 67.71 107.79
N ILE JB 130 -120.43 66.57 108.44
CA ILE JB 130 -121.24 65.49 107.88
C ILE JB 130 -122.69 65.95 107.71
N ASP JB 131 -123.24 66.62 108.71
CA ASP JB 131 -124.59 67.15 108.66
C ASP JB 131 -124.57 68.59 109.15
N ILE JB 132 -124.91 69.52 108.27
CA ILE JB 132 -124.90 70.94 108.63
C ILE JB 132 -126.24 71.37 109.22
N THR JB 133 -127.33 70.70 108.86
CA THR JB 133 -128.64 71.07 109.37
C THR JB 133 -128.72 70.90 110.88
N LYS JB 134 -128.16 69.80 111.41
CA LYS JB 134 -128.15 69.60 112.85
C LYS JB 134 -127.34 70.68 113.55
N VAL JB 135 -126.18 71.01 112.99
CA VAL JB 135 -125.33 72.05 113.58
C VAL JB 135 -126.08 73.38 113.60
N LEU JB 136 -126.76 73.71 112.50
CA LEU JB 136 -127.51 74.97 112.45
C LEU JB 136 -128.64 74.97 113.47
N ALA JB 137 -129.37 73.87 113.59
CA ALA JB 137 -130.46 73.80 114.56
C ALA JB 137 -129.94 74.00 115.98
N LYS JB 138 -128.87 73.28 116.33
CA LYS JB 138 -128.31 73.40 117.67
C LYS JB 138 -127.79 74.82 117.93
N VAL JB 139 -127.16 75.43 116.93
CA VAL JB 139 -126.70 76.81 117.08
C VAL JB 139 -127.87 77.73 117.40
N ARG JB 140 -128.94 77.61 116.62
CA ARG JB 140 -130.10 78.47 116.81
C ARG JB 140 -130.73 78.26 118.18
N THR JB 141 -130.70 77.03 118.69
CA THR JB 141 -131.29 76.75 119.99
C THR JB 141 -130.29 76.88 121.14
N ALA JB 142 -129.04 77.24 120.87
CA ALA JB 142 -128.00 77.29 121.89
C ALA JB 142 -127.56 78.74 122.13
N LYS JB 143 -127.17 79.02 123.37
CA LYS JB 143 -126.68 80.33 123.76
C LYS JB 143 -125.15 80.36 123.82
N ALA JB 144 -124.59 81.54 123.49
CA ALA JB 144 -123.15 81.71 123.49
C ALA JB 144 -122.60 81.74 124.92
N LYS JB 145 -121.28 81.67 125.03
CA LYS JB 145 -120.62 81.67 126.33
C LYS JB 145 -120.62 83.07 126.92
N VAL JB 146 -121.24 83.22 128.10
CA VAL JB 146 -121.30 84.53 128.75
C VAL JB 146 -119.88 85.00 129.12
N GLU JB 147 -119.04 84.07 129.57
CA GLU JB 147 -117.68 84.43 129.94
C GLU JB 147 -116.89 85.01 128.78
N ASN JB 148 -117.12 84.51 127.56
CA ASN JB 148 -116.33 84.93 126.41
C ASN JB 148 -116.45 86.43 126.18
N ASP JB 149 -115.31 87.07 125.92
CA ASP JB 149 -115.25 88.52 125.70
C ASP JB 149 -115.48 88.89 124.25
N LEU JB 150 -115.01 88.05 123.32
CA LEU JB 150 -115.17 88.32 121.89
C LEU JB 150 -116.64 88.48 121.52
N VAL JB 151 -117.48 87.57 122.02
CA VAL JB 151 -118.92 87.63 121.72
C VAL JB 151 -119.51 88.95 122.19
N SER JB 152 -119.17 89.36 123.41
CA SER JB 152 -119.66 90.63 123.94
C SER JB 152 -119.19 91.80 123.10
N ARG JB 153 -117.92 91.79 122.71
CA ARG JB 153 -117.39 92.85 121.85
C ARG JB 153 -118.19 92.94 120.56
N VAL JB 154 -118.40 91.80 119.88
CA VAL JB 154 -119.14 91.80 118.63
C VAL JB 154 -120.58 92.24 118.84
N MET JB 155 -121.17 91.88 119.98
CA MET JB 155 -122.55 92.29 120.27
C MET JB 155 -122.64 93.80 120.44
N LYS JB 156 -121.71 94.39 121.19
CA LYS JB 156 -121.79 95.83 121.45
C LYS JB 156 -121.43 96.64 120.21
N THR JB 157 -120.48 96.15 119.41
CA THR JB 157 -120.11 96.86 118.20
C THR JB 157 -121.08 96.54 117.07
N LYS JB 158 -121.19 97.47 116.12
CA LYS JB 158 -122.08 97.32 114.98
C LYS JB 158 -121.37 96.88 113.70
N ARG JB 159 -120.09 97.22 113.56
CA ARG JB 159 -119.37 96.82 112.35
C ARG JB 159 -119.01 95.34 112.38
N LEU JB 160 -118.61 94.83 113.54
CA LEU JB 160 -118.15 93.46 113.64
C LEU JB 160 -119.28 92.47 113.45
N CYS JB 161 -118.99 91.39 112.73
CA CYS JB 161 -119.93 90.29 112.55
C CYS JB 161 -119.20 88.97 112.74
N LEU JB 162 -119.95 87.94 113.13
CA LEU JB 162 -119.38 86.62 113.35
C LEU JB 162 -119.69 85.70 112.18
N GLY JB 163 -118.74 84.84 111.85
CA GLY JB 163 -118.94 83.88 110.77
C GLY JB 163 -118.41 82.50 111.12
N LEU JB 164 -119.20 81.47 110.81
CA LEU JB 164 -118.83 80.08 111.06
C LEU JB 164 -118.37 79.47 109.76
N VAL JB 165 -117.15 78.92 109.75
CA VAL JB 165 -116.60 78.30 108.55
C VAL JB 165 -117.21 76.91 108.40
N VAL JB 166 -117.68 76.60 107.20
CA VAL JB 166 -118.43 75.38 106.96
C VAL JB 166 -117.77 74.43 105.96
N GLU JB 167 -116.85 74.90 105.11
CA GLU JB 167 -116.17 74.01 104.18
C GLU JB 167 -114.78 74.55 103.89
N THR JB 168 -113.83 73.65 103.70
CA THR JB 168 -112.45 74.04 103.48
C THR JB 168 -111.80 73.16 102.42
N ALA JB 169 -111.01 73.78 101.54
CA ALA JB 169 -110.29 73.06 100.50
C ALA JB 169 -108.84 72.89 100.94
N CYS JB 170 -108.36 71.65 100.96
CA CYS JB 170 -107.03 71.31 101.46
C CYS JB 170 -106.33 70.39 100.48
N VAL JB 171 -105.01 70.54 100.39
CA VAL JB 171 -104.22 69.68 99.50
C VAL JB 171 -104.08 68.31 100.15
N ALA JB 172 -104.33 67.26 99.35
CA ALA JB 172 -104.21 65.90 99.87
C ALA JB 172 -102.75 65.51 100.09
N ALA JB 173 -101.87 65.92 99.19
CA ALA JB 173 -100.46 65.58 99.26
C ALA JB 173 -99.62 66.86 99.24
N ALA JB 174 -98.31 66.69 99.28
CA ALA JB 174 -97.41 67.84 99.30
C ALA JB 174 -97.50 68.62 98.00
N GLY JB 175 -97.45 69.94 98.11
CA GLY JB 175 -97.54 70.84 96.95
C GLY JB 175 -96.23 71.58 96.76
N LYS JB 176 -95.79 71.67 95.51
CA LYS JB 176 -94.49 72.26 95.19
C LYS JB 176 -94.65 73.56 94.42
N LEU JB 177 -93.97 74.60 94.88
CA LEU JB 177 -94.03 75.92 94.25
C LEU JB 177 -92.62 76.38 93.93
N THR JB 178 -92.35 76.67 92.64
CA THR JB 178 -91.03 77.07 92.19
C THR JB 178 -91.13 78.36 91.39
N GLU JB 179 -90.17 79.27 91.62
CA GLU JB 179 -90.12 80.56 90.93
C GLU JB 179 -88.68 80.90 90.61
N ALA JB 180 -88.46 81.41 89.39
CA ALA JB 180 -87.14 81.83 88.94
C ALA JB 180 -87.25 83.20 88.28
N ASP JB 181 -86.32 84.09 88.60
CA ASP JB 181 -86.31 85.46 88.11
C ASP JB 181 -84.89 85.79 87.65
N ASN JB 182 -84.78 86.41 86.46
CA ASN JB 182 -83.49 86.88 85.95
C ASN JB 182 -83.73 88.17 85.20
N TRP JB 183 -83.25 89.29 85.72
CA TRP JB 183 -83.44 90.54 85.01
C TRP JB 183 -82.14 91.34 84.97
N GLU JB 184 -82.03 92.20 83.97
CA GLU JB 184 -80.78 92.88 83.66
C GLU JB 184 -81.06 94.26 83.09
N ILE JB 185 -80.23 95.24 83.48
CA ILE JB 185 -80.31 96.61 83.02
C ILE JB 185 -78.92 97.06 82.57
N SER JB 186 -78.84 97.67 81.39
CA SER JB 186 -77.58 98.22 80.89
C SER JB 186 -77.85 99.60 80.31
N GLY JB 187 -77.21 100.62 80.89
CA GLY JB 187 -77.42 101.98 80.45
C GLY JB 187 -76.11 102.69 80.19
N HIS JB 188 -76.17 103.66 79.27
CA HIS JB 188 -75.00 104.43 78.87
C HIS JB 188 -75.42 105.85 78.54
N THR JB 189 -74.61 106.81 78.94
CA THR JB 189 -74.89 108.23 78.75
C THR JB 189 -73.64 108.93 78.27
N ASN JB 190 -73.77 109.80 77.27
CA ASN JB 190 -72.67 110.57 76.73
C ASN JB 190 -73.13 112.01 76.55
N ALA JB 191 -72.61 112.90 77.38
CA ALA JB 191 -72.91 114.33 77.29
C ALA JB 191 -71.65 115.03 76.77
N ASN JB 192 -71.69 115.44 75.51
CA ASN JB 192 -70.56 116.13 74.87
C ASN JB 192 -70.88 117.61 74.80
N ILE JB 193 -70.00 118.43 75.38
CA ILE JB 193 -70.12 119.88 75.35
C ILE JB 193 -68.80 120.43 74.85
N GLY JB 194 -68.83 121.70 74.43
CA GLY JB 194 -67.63 122.32 73.88
C GLY JB 194 -66.44 122.28 74.81
N GLU JB 195 -66.68 122.37 76.12
CA GLU JB 195 -65.61 122.36 77.11
C GLU JB 195 -65.75 121.23 78.13
N ALA JB 196 -66.68 120.30 77.92
CA ALA JB 196 -66.88 119.22 78.87
C ALA JB 196 -67.34 117.97 78.12
N VAL JB 197 -66.80 116.82 78.53
CA VAL JB 197 -67.18 115.52 77.99
C VAL JB 197 -67.43 114.59 79.16
N VAL JB 198 -68.64 114.03 79.24
CA VAL JB 198 -69.01 113.10 80.30
C VAL JB 198 -69.47 111.79 79.66
N THR JB 199 -68.91 110.68 80.11
CA THR JB 199 -69.26 109.35 79.60
C THR JB 199 -69.50 108.42 80.78
N ALA JB 200 -70.77 108.08 81.01
CA ALA JB 200 -71.16 107.22 82.12
C ALA JB 200 -71.76 105.92 81.60
N THR JB 201 -71.55 104.84 82.33
CA THR JB 201 -72.04 103.53 81.96
C THR JB 201 -72.38 102.75 83.22
N ALA JB 202 -73.48 102.00 83.20
CA ALA JB 202 -73.88 101.21 84.36
C ALA JB 202 -74.57 99.93 83.90
N GLU JB 203 -74.08 98.79 84.41
CA GLU JB 203 -74.67 97.50 84.11
C GLU JB 203 -74.97 96.76 85.40
N LEU JB 204 -76.12 96.13 85.47
CA LEU JB 204 -76.44 95.29 86.63
C LEU JB 204 -77.40 94.19 86.21
N ASP JB 205 -77.44 93.13 87.00
CA ASP JB 205 -78.33 92.01 86.72
C ASP JB 205 -78.55 91.22 88.01
N LYS JB 206 -79.79 90.84 88.27
CA LYS JB 206 -80.18 90.11 89.46
C LYS JB 206 -80.81 88.78 89.07
N ASN JB 207 -80.46 87.74 89.81
CA ASN JB 207 -80.99 86.39 89.61
C ASN JB 207 -81.48 85.85 90.94
N LEU JB 208 -82.72 85.36 90.97
CA LEU JB 208 -83.32 84.79 92.17
C LEU JB 208 -84.02 83.48 91.83
N SER JB 209 -84.11 82.60 92.82
CA SER JB 209 -84.81 81.33 92.67
C SER JB 209 -85.33 80.89 94.03
N ARG JB 210 -86.64 80.65 94.12
CA ARG JB 210 -87.27 80.24 95.36
C ARG JB 210 -88.10 78.99 95.11
N LYS JB 211 -87.88 77.96 95.94
CA LYS JB 211 -88.59 76.69 95.79
C LYS JB 211 -89.05 76.22 97.16
N ILE JB 212 -90.36 76.04 97.34
CA ILE JB 212 -90.92 75.61 98.61
C ILE JB 212 -91.89 74.46 98.37
N GLU JB 213 -92.27 73.81 99.48
CA GLU JB 213 -93.15 72.65 99.44
C GLU JB 213 -94.07 72.68 100.64
N ILE JB 214 -95.33 72.99 100.41
CA ILE JB 214 -96.34 72.97 101.48
C ILE JB 214 -96.71 71.53 101.81
N PRO JB 215 -96.91 71.20 103.08
CA PRO JB 215 -97.17 69.81 103.46
C PRO JB 215 -98.63 69.45 103.26
N PRO JB 216 -98.97 68.17 103.29
CA PRO JB 216 -100.38 67.77 103.17
C PRO JB 216 -101.22 68.34 104.29
N GLY JB 217 -102.47 68.70 103.96
CA GLY JB 217 -103.41 69.23 104.91
C GLY JB 217 -103.49 70.75 104.95
N THR JB 218 -102.61 71.44 104.23
CA THR JB 218 -102.64 72.90 104.22
C THR JB 218 -103.91 73.40 103.56
N ALA JB 219 -104.62 74.31 104.25
CA ALA JB 219 -105.86 74.85 103.71
C ALA JB 219 -105.57 75.86 102.62
N LEU JB 220 -106.45 75.90 101.62
CA LEU JB 220 -106.33 76.83 100.49
C LEU JB 220 -107.43 77.87 100.45
N ALA JB 221 -108.68 77.48 100.69
CA ALA JB 221 -109.80 78.40 100.60
C ALA JB 221 -110.93 77.88 101.47
N TYR JB 222 -111.90 78.76 101.73
CA TYR JB 222 -112.97 78.42 102.65
C TYR JB 222 -114.21 79.23 102.32
N SER JB 223 -115.34 78.79 102.88
CA SER JB 223 -116.60 79.52 102.81
C SER JB 223 -117.25 79.51 104.18
N PHE JB 224 -117.98 80.56 104.50
CA PHE JB 224 -118.52 80.71 105.85
C PHE JB 224 -119.94 81.25 105.79
N MET JB 225 -120.66 81.04 106.90
CA MET JB 225 -122.03 81.51 107.07
C MET JB 225 -122.09 82.53 108.19
N ASP JB 226 -122.88 83.59 108.00
CA ASP JB 226 -122.93 84.66 108.98
C ASP JB 226 -123.77 84.28 110.19
N LEU JB 227 -123.55 85.00 111.29
CA LEU JB 227 -124.27 84.80 112.54
C LEU JB 227 -124.68 86.15 113.10
N GLU JB 228 -125.52 86.10 114.13
CA GLU JB 228 -126.02 87.31 114.78
C GLU JB 228 -126.28 87.02 116.25
N ILE JB 229 -125.71 87.85 117.13
CA ILE JB 229 -125.91 87.72 118.56
C ILE JB 229 -127.22 88.40 118.94
N LEU JB 230 -128.11 87.66 119.59
CA LEU JB 230 -129.33 88.26 120.11
C LEU JB 230 -129.00 89.16 121.31
N GLU JB 231 -130.03 89.79 121.87
CA GLU JB 231 -129.86 90.53 123.12
C GLU JB 231 -129.27 89.64 124.20
N ASP JB 232 -129.81 88.43 124.34
CA ASP JB 232 -129.23 87.43 125.21
C ASP JB 232 -128.02 86.78 124.54
N ARG JB 233 -127.46 85.76 125.19
CA ARG JB 233 -126.36 85.02 124.61
C ARG JB 233 -126.78 84.15 123.43
N SER JB 234 -128.09 84.07 123.14
CA SER JB 234 -128.58 83.27 122.03
C SER JB 234 -127.99 83.75 120.70
N LEU JB 235 -127.80 82.79 119.78
CA LEU JB 235 -127.26 83.07 118.47
C LEU JB 235 -128.29 82.70 117.40
N ARG JB 236 -128.27 83.46 116.30
CA ARG JB 236 -129.16 83.23 115.18
C ARG JB 236 -128.35 83.26 113.89
N VAL JB 237 -128.89 82.65 112.85
CA VAL JB 237 -128.24 82.65 111.55
C VAL JB 237 -128.91 83.69 110.67
N SER JB 238 -128.11 84.38 109.86
CA SER JB 238 -128.59 85.47 109.03
C SER JB 238 -128.24 85.21 107.57
N SER JB 239 -129.17 85.53 106.68
CA SER JB 239 -129.00 85.28 105.25
C SER JB 239 -129.27 86.57 104.48
N SER JB 240 -128.26 87.08 103.80
CA SER JB 240 -128.42 88.22 102.91
C SER JB 240 -129.05 87.75 101.61
N ALA JB 241 -130.33 88.09 101.42
CA ALA JB 241 -131.10 87.64 100.26
C ALA JB 241 -131.15 86.11 100.17
N GLY JB 242 -131.12 85.45 101.33
CA GLY JB 242 -131.19 84.01 101.37
C GLY JB 242 -129.94 83.29 100.89
N ALA JB 243 -128.79 83.98 100.83
CA ALA JB 243 -127.58 83.35 100.34
C ALA JB 243 -127.11 82.24 101.27
N MET JB 244 -126.97 82.54 102.56
CA MET JB 244 -126.44 81.62 103.57
C MET JB 244 -125.05 81.10 103.22
N PHE JB 245 -124.35 81.77 102.32
CA PHE JB 245 -122.98 81.40 101.94
C PHE JB 245 -122.26 82.69 101.57
N ASP JB 246 -121.47 83.21 102.51
CA ASP JB 246 -120.79 84.48 102.32
C ASP JB 246 -119.36 84.23 101.86
N SER JB 247 -118.96 84.93 100.79
CA SER JB 247 -117.63 84.82 100.24
C SER JB 247 -116.80 86.08 100.49
N GLY JB 248 -117.19 86.89 101.45
CA GLY JB 248 -116.49 88.14 101.71
C GLY JB 248 -116.53 89.10 100.53
N LYS JB 249 -117.68 89.17 99.86
CA LYS JB 249 -117.85 90.03 98.69
C LYS JB 249 -118.63 91.28 99.06
N ALA JB 250 -118.36 92.35 98.33
CA ALA JB 250 -119.08 93.60 98.53
C ALA JB 250 -120.54 93.45 98.13
N GLU JB 251 -121.41 94.22 98.78
CA GLU JB 251 -122.84 94.14 98.49
C GLU JB 251 -123.13 94.56 97.05
N SER JB 252 -122.47 95.61 96.57
CA SER JB 252 -122.62 96.11 95.21
C SER JB 252 -124.08 96.44 94.90
CA ARG KB 3 -113.18 82.50 81.11
C ARG KB 3 -112.69 81.17 81.68
N PRO KB 4 -113.25 80.78 82.83
CA PRO KB 4 -112.85 79.50 83.43
C PRO KB 4 -113.15 78.33 82.52
N MET KB 5 -112.25 77.34 82.54
CA MET KB 5 -112.43 76.17 81.71
C MET KB 5 -113.69 75.41 82.08
N PHE KB 6 -113.99 75.31 83.37
CA PHE KB 6 -115.21 74.63 83.79
C PHE KB 6 -116.45 75.33 83.23
N ALA KB 7 -116.48 76.66 83.29
CA ALA KB 7 -117.62 77.40 82.75
C ALA KB 7 -117.72 77.21 81.24
N VAL KB 8 -116.59 77.24 80.55
CA VAL KB 8 -116.61 77.04 79.10
C VAL KB 8 -117.14 75.66 78.75
N ALA KB 9 -116.67 74.63 79.46
CA ALA KB 9 -117.13 73.27 79.19
C ALA KB 9 -118.61 73.12 79.52
N VAL KB 10 -119.07 73.76 80.59
CA VAL KB 10 -120.49 73.70 80.94
C VAL KB 10 -121.33 74.34 79.84
N ASN KB 11 -120.88 75.49 79.32
CA ASN KB 11 -121.61 76.14 78.23
C ASN KB 11 -121.62 75.27 76.98
N GLU KB 12 -120.49 74.65 76.65
CA GLU KB 12 -120.45 73.77 75.49
C GLU KB 12 -121.41 72.60 75.64
N PHE KB 13 -121.42 71.98 76.82
CA PHE KB 13 -122.33 70.85 77.05
C PHE KB 13 -123.78 71.29 76.97
N ILE KB 14 -124.12 72.41 77.60
CA ILE KB 14 -125.51 72.84 77.63
C ILE KB 14 -125.96 73.26 76.24
N ARG KB 15 -125.06 73.78 75.41
CA ARG KB 15 -125.43 74.09 74.03
C ARG KB 15 -125.64 72.82 73.23
N SER KB 16 -124.71 71.86 73.33
CA SER KB 16 -124.81 70.64 72.53
C SER KB 16 -126.05 69.84 72.91
N ALA KB 17 -126.34 69.74 74.21
CA ALA KB 17 -127.50 68.99 74.69
C ALA KB 17 -128.24 69.83 75.72
N GLY KB 18 -129.56 69.86 75.62
CA GLY KB 18 -130.37 70.58 76.57
C GLY KB 18 -130.18 72.07 76.58
N GLN KB 19 -130.19 72.69 75.39
CA GLN KB 19 -130.06 74.14 75.32
C GLN KB 19 -131.22 74.84 76.02
N ASP KB 20 -132.37 74.20 76.07
CA ASP KB 20 -133.53 74.71 76.79
C ASP KB 20 -133.77 73.89 78.05
N SER KB 21 -134.37 74.53 79.05
CA SER KB 21 -134.73 73.89 80.31
C SER KB 21 -133.49 73.31 81.00
N LEU KB 22 -132.44 74.10 81.10
CA LEU KB 22 -131.21 73.66 81.74
C LEU KB 22 -130.42 74.89 82.20
N CYS KB 23 -129.89 74.83 83.42
CA CYS KB 23 -129.14 75.92 84.01
C CYS KB 23 -127.71 75.47 84.28
N GLY KB 24 -126.75 76.29 83.85
CA GLY KB 24 -125.36 75.96 84.08
C GLY KB 24 -124.99 76.04 85.55
N VAL KB 25 -123.94 75.31 85.90
CA VAL KB 25 -123.43 75.28 87.27
C VAL KB 25 -122.37 76.38 87.42
N PRO KB 26 -122.48 77.22 88.45
CA PRO KB 26 -121.54 78.35 88.56
C PRO KB 26 -120.08 77.94 88.72
N ASP KB 27 -119.79 76.95 89.57
CA ASP KB 27 -118.41 76.56 89.81
C ASP KB 27 -118.35 75.15 90.35
N ILE KB 28 -117.15 74.57 90.32
CA ILE KB 28 -116.96 73.19 90.75
C ILE KB 28 -117.28 73.05 92.23
N ASN KB 29 -116.88 74.02 93.04
CA ASN KB 29 -117.11 73.94 94.48
C ASN KB 29 -118.61 73.86 94.80
N SER KB 30 -119.41 74.68 94.13
CA SER KB 30 -120.85 74.73 94.39
C SER KB 30 -121.63 73.75 93.50
N SER KB 31 -120.94 72.97 92.67
CA SER KB 31 -121.63 71.99 91.84
C SER KB 31 -122.38 70.98 92.69
N GLY KB 32 -121.81 70.59 93.83
CA GLY KB 32 -122.43 69.56 94.65
C GLY KB 32 -123.68 69.98 95.38
N ASP KB 33 -124.01 71.27 95.36
CA ASP KB 33 -125.19 71.78 96.04
C ASP KB 33 -126.41 71.82 95.14
N PHE KB 34 -126.30 71.35 93.89
CA PHE KB 34 -127.41 71.38 92.94
C PHE KB 34 -127.85 69.97 92.56
N MET KB 35 -127.76 69.03 93.50
CA MET KB 35 -128.27 67.69 93.30
C MET KB 35 -129.79 67.70 93.45
N PRO KB 36 -130.47 66.66 92.95
CA PRO KB 36 -131.93 66.63 93.02
C PRO KB 36 -132.44 66.72 94.45
N LEU KB 37 -133.63 67.32 94.60
CA LEU KB 37 -134.27 67.53 95.89
C LEU KB 37 -133.48 68.49 96.78
N HIS KB 38 -133.04 69.60 96.17
CA HIS KB 38 -132.37 70.67 96.89
C HIS KB 38 -133.13 71.97 96.70
N ILE KB 39 -133.14 72.79 97.74
CA ILE KB 39 -133.83 74.08 97.72
C ILE KB 39 -132.86 75.15 97.27
N ILE KB 40 -133.31 76.01 96.35
CA ILE KB 40 -132.55 77.16 95.88
C ILE KB 40 -133.43 78.39 95.95
N VAL KB 41 -132.79 79.56 95.96
CA VAL KB 41 -133.48 80.84 96.06
C VAL KB 41 -133.28 81.59 94.76
N LYS KB 42 -134.36 82.15 94.23
CA LYS KB 42 -134.33 82.93 92.99
C LYS KB 42 -134.66 84.38 93.30
N GLU KB 43 -133.82 85.29 92.80
CA GLU KB 43 -133.98 86.73 93.01
C GLU KB 43 -134.22 87.39 91.66
N VAL KB 44 -135.25 88.23 91.59
CA VAL KB 44 -135.63 88.91 90.36
C VAL KB 44 -134.61 90.00 90.05
N PRO KB 45 -134.43 90.36 88.77
CA PRO KB 45 -133.45 91.41 88.44
C PRO KB 45 -133.74 92.75 89.08
N LYS KB 46 -135.01 93.10 89.27
CA LYS KB 46 -135.50 94.34 89.86
C LYS KB 46 -135.24 95.56 88.99
N VAL KB 47 -134.58 95.40 87.83
CA VAL KB 47 -134.33 96.51 86.93
C VAL KB 47 -135.04 96.25 85.61
N LEU KB 48 -134.68 95.14 84.95
CA LEU KB 48 -135.31 94.71 83.71
C LEU KB 48 -135.68 93.24 83.87
N PRO KB 49 -136.75 92.95 84.62
CA PRO KB 49 -137.11 91.55 84.88
C PRO KB 49 -137.39 90.75 83.62
N CYS KB 50 -137.99 91.37 82.61
CA CYS KB 50 -138.29 90.67 81.37
C CYS KB 50 -137.11 90.63 80.40
N CYS KB 51 -136.04 91.36 80.69
CA CYS KB 51 -134.88 91.41 79.81
C CYS KB 51 -133.63 90.77 80.40
N ARG KB 52 -133.60 90.52 81.71
CA ARG KB 52 -132.43 89.97 82.37
C ARG KB 52 -132.81 88.70 83.10
N ARG KB 53 -131.93 87.69 83.04
CA ARG KB 53 -132.17 86.45 83.74
C ARG KB 53 -131.98 86.63 85.24
N PRO KB 54 -132.77 85.93 86.05
CA PRO KB 54 -132.69 86.13 87.51
C PRO KB 54 -131.41 85.58 88.11
N LYS KB 55 -131.25 85.75 89.43
CA LYS KB 55 -130.06 85.31 90.14
C LYS KB 55 -130.40 84.11 91.02
N ILE KB 56 -129.59 83.07 90.94
CA ILE KB 56 -129.85 81.82 91.64
C ILE KB 56 -128.83 81.65 92.77
N LYS KB 57 -129.33 81.39 93.97
CA LYS KB 57 -128.51 81.25 95.17
C LYS KB 57 -128.72 79.86 95.74
N ARG KB 58 -127.62 79.17 96.04
CA ARG KB 58 -127.68 77.85 96.64
C ARG KB 58 -127.91 77.96 98.14
N THR KB 59 -128.56 76.94 98.69
CA THR KB 59 -128.83 76.87 100.12
C THR KB 59 -128.48 75.48 100.64
N PRO KB 60 -128.07 75.37 101.91
CA PRO KB 60 -127.75 74.06 102.49
C PRO KB 60 -128.96 73.37 103.09
N TYR KB 61 -129.98 73.14 102.25
CA TYR KB 61 -131.22 72.53 102.70
C TYR KB 61 -131.70 71.52 101.68
N THR KB 62 -132.36 70.48 102.17
CA THR KB 62 -133.09 69.54 101.34
C THR KB 62 -134.58 69.68 101.61
N LEU KB 63 -135.38 68.99 100.79
CA LEU KB 63 -136.83 69.08 100.93
C LEU KB 63 -137.30 68.57 102.28
N ASN KB 64 -136.74 67.44 102.73
CA ASN KB 64 -137.17 66.87 104.00
C ASN KB 64 -136.78 67.77 105.17
N ASP KB 65 -135.63 68.44 105.08
CA ASP KB 65 -135.25 69.37 106.14
C ASP KB 65 -136.14 70.61 106.14
N ILE KB 66 -136.45 71.13 104.94
CA ILE KB 66 -137.24 72.36 104.88
C ILE KB 66 -138.70 72.10 105.25
N LEU KB 67 -139.17 70.86 105.09
CA LEU KB 67 -140.56 70.52 105.34
C LEU KB 67 -140.72 69.86 106.70
N ASP KB 68 -141.79 70.21 107.40
CA ASP KB 68 -142.13 69.54 108.64
C ASP KB 68 -142.45 68.07 108.38
N GLU KB 69 -143.21 67.79 107.32
CA GLU KB 69 -143.57 66.42 106.97
C GLU KB 69 -142.61 65.89 105.92
N PRO KB 70 -141.94 64.76 106.16
CA PRO KB 70 -140.99 64.24 105.16
C PRO KB 70 -141.69 63.69 103.94
N CYS KB 71 -140.92 63.59 102.87
CA CYS KB 71 -141.37 63.07 101.57
C CYS KB 71 -140.39 62.00 101.11
N PRO KB 72 -140.84 61.07 100.27
CA PRO KB 72 -139.91 60.09 99.70
C PRO KB 72 -138.83 60.79 98.90
N ASN KB 73 -137.62 60.23 98.96
CA ASN KB 73 -136.44 60.89 98.37
C ASN KB 73 -135.57 59.95 97.54
N GLN KB 74 -136.06 58.78 97.18
CA GLN KB 74 -135.26 57.86 96.38
C GLN KB 74 -135.00 58.44 95.00
N LEU KB 75 -133.83 58.10 94.44
CA LEU KB 75 -133.39 58.64 93.17
C LEU KB 75 -133.07 57.52 92.20
N LYS KB 76 -132.87 57.89 90.93
CA LYS KB 76 -132.46 56.97 89.89
C LYS KB 76 -131.70 57.75 88.83
N SER KB 77 -130.80 57.05 88.13
CA SER KB 77 -129.95 57.67 87.13
C SER KB 77 -129.99 56.86 85.85
N SER KB 78 -129.81 57.56 84.73
CA SER KB 78 -129.80 56.94 83.41
C SER KB 78 -128.97 57.78 82.46
N ASP KB 79 -128.45 57.13 81.43
CA ASP KB 79 -127.55 57.82 80.50
C ASP KB 79 -128.29 58.92 79.74
N LEU KB 80 -127.57 60.00 79.46
CA LEU KB 80 -128.14 61.14 78.73
C LEU KB 80 -127.44 61.39 77.40
N VAL KB 81 -126.11 61.53 77.40
CA VAL KB 81 -125.34 61.80 76.18
C VAL KB 81 -123.93 61.27 76.39
N THR KB 82 -123.22 61.07 75.29
CA THR KB 82 -121.88 60.50 75.32
C THR KB 82 -121.01 61.24 74.30
N PHE KB 83 -119.98 61.93 74.79
CA PHE KB 83 -119.02 62.61 73.94
C PHE KB 83 -117.91 61.62 73.60
N THR KB 84 -117.97 61.04 72.40
CA THR KB 84 -117.01 60.00 72.04
C THR KB 84 -115.60 60.55 71.90
N GLU KB 85 -115.47 61.78 71.38
CA GLU KB 85 -114.16 62.38 71.20
C GLU KB 85 -114.12 63.75 71.85
N PRO KB 86 -112.94 64.20 72.29
CA PRO KB 86 -112.85 65.49 72.98
C PRO KB 86 -113.24 66.65 72.07
N LEU KB 87 -113.90 67.64 72.67
CA LEU KB 87 -114.16 68.91 71.99
C LEU KB 87 -112.84 69.68 71.89
N VAL KB 88 -112.40 69.95 70.67
CA VAL KB 88 -111.12 70.59 70.41
C VAL KB 88 -111.37 71.91 69.71
N SER KB 89 -110.72 72.96 70.19
CA SER KB 89 -110.84 74.30 69.62
C SER KB 89 -109.47 74.91 69.43
N ASN KB 90 -109.26 75.54 68.28
CA ASN KB 90 -108.01 76.21 67.96
C ASN KB 90 -108.32 77.61 67.42
N VAL KB 91 -107.58 78.60 67.91
CA VAL KB 91 -107.67 79.97 67.43
C VAL KB 91 -106.24 80.46 67.20
N LYS KB 92 -106.00 81.08 66.05
CA LYS KB 92 -104.67 81.57 65.71
C LYS KB 92 -104.82 82.90 65.00
N ALA KB 93 -104.36 83.97 65.63
CA ALA KB 93 -104.44 85.31 65.07
C ALA KB 93 -103.04 85.91 64.94
N SER KB 94 -102.86 86.73 63.92
CA SER KB 94 -101.59 87.40 63.69
C SER KB 94 -101.85 88.68 62.91
N SER KB 95 -101.30 89.80 63.39
CA SER KB 95 -101.54 91.09 62.77
C SER KB 95 -100.28 91.93 62.82
N SER KB 96 -100.19 92.89 61.90
CA SER KB 96 -99.06 93.81 61.84
C SER KB 96 -99.55 95.16 61.35
N ILE KB 97 -98.99 96.22 61.93
CA ILE KB 97 -99.35 97.60 61.62
C ILE KB 97 -98.08 98.38 61.34
N GLY KB 98 -98.11 99.18 60.27
CA GLY KB 98 -97.00 100.05 59.95
C GLY KB 98 -97.44 101.45 59.61
N LEU KB 99 -96.98 102.44 60.38
CA LEU KB 99 -97.35 103.84 60.20
C LEU KB 99 -96.11 104.65 59.90
N GLN KB 100 -96.19 105.51 58.89
CA GLN KB 100 -95.09 106.39 58.54
C GLN KB 100 -95.62 107.79 58.28
N ILE KB 101 -95.02 108.79 58.92
CA ILE KB 101 -95.32 110.19 58.67
C ILE KB 101 -94.04 110.83 58.15
N LEU KB 102 -93.97 111.00 56.83
CA LEU KB 102 -92.86 111.65 56.12
C LEU KB 102 -91.58 110.93 56.51
N LYS KB 103 -90.51 111.63 56.85
CA LYS KB 103 -89.32 111.04 57.44
C LYS KB 103 -89.18 111.42 58.92
N HIS KB 104 -90.30 111.77 59.55
CA HIS KB 104 -90.31 112.20 60.94
C HIS KB 104 -90.86 111.16 61.91
N PHE KB 105 -91.82 110.34 61.48
CA PHE KB 105 -92.38 109.32 62.36
C PHE KB 105 -92.39 107.98 61.63
N ASP KB 106 -92.02 106.92 62.35
CA ASP KB 106 -92.04 105.58 61.75
C ASP KB 106 -92.26 104.56 62.86
N SER KB 107 -93.45 103.96 62.90
CA SER KB 107 -93.79 102.98 63.91
C SER KB 107 -94.18 101.66 63.25
N GLY KB 108 -93.67 100.56 63.80
CA GLY KB 108 -94.04 99.24 63.33
C GLY KB 108 -94.38 98.31 64.49
N ALA KB 109 -95.62 97.83 64.53
CA ALA KB 109 -96.07 96.96 65.59
C ALA KB 109 -96.55 95.65 64.99
N LYS KB 110 -96.52 94.59 65.80
CA LYS KB 110 -97.01 93.30 65.36
C LYS KB 110 -97.40 92.48 66.57
N GLY KB 111 -98.37 91.61 66.38
CA GLY KB 111 -98.86 90.77 67.46
C GLY KB 111 -99.31 89.43 66.93
N SER KB 112 -99.26 88.43 67.80
CA SER KB 112 -99.72 87.08 67.44
C SER KB 112 -100.26 86.39 68.68
N LYS KB 113 -101.19 85.47 68.46
CA LYS KB 113 -101.85 84.76 69.54
C LYS KB 113 -102.24 83.37 69.05
N ASN KB 114 -102.00 82.37 69.90
CA ASN KB 114 -102.37 80.98 69.62
C ASN KB 114 -103.03 80.40 70.86
N PHE KB 115 -104.27 79.96 70.71
CA PHE KB 115 -105.10 79.49 71.82
C PHE KB 115 -105.66 78.13 71.48
N ILE KB 116 -105.45 77.15 72.36
CA ILE KB 116 -105.88 75.78 72.13
C ILE KB 116 -106.65 75.28 73.34
N THR KB 117 -107.78 74.63 73.09
CA THR KB 117 -108.62 74.12 74.16
C THR KB 117 -109.05 72.69 73.84
N SER KB 118 -109.11 71.84 74.86
CA SER KB 118 -109.58 70.47 74.72
C SER KB 118 -110.37 70.07 75.95
N ALA KB 119 -111.58 69.55 75.73
CA ALA KB 119 -112.43 69.11 76.83
C ALA KB 119 -112.91 67.69 76.56
N SER KB 120 -112.68 66.80 77.52
CA SER KB 120 -113.10 65.40 77.42
C SER KB 120 -114.04 65.13 78.58
N LEU KB 121 -115.34 65.11 78.30
CA LEU KB 121 -116.36 64.90 79.31
C LEU KB 121 -116.81 63.45 79.42
N GLY KB 122 -116.38 62.57 78.51
CA GLY KB 122 -116.76 61.18 78.59
C GLY KB 122 -118.26 61.00 78.46
N THR KB 123 -118.86 60.35 79.45
CA THR KB 123 -120.28 60.06 79.47
C THR KB 123 -120.96 60.92 80.52
N VAL KB 124 -122.11 61.48 80.18
CA VAL KB 124 -122.91 62.30 81.08
C VAL KB 124 -124.21 61.57 81.36
N VAL KB 125 -124.55 61.42 82.64
CA VAL KB 125 -125.79 60.78 83.04
C VAL KB 125 -126.70 61.81 83.69
N LYS KB 126 -127.96 61.45 83.84
CA LYS KB 126 -128.96 62.30 84.46
C LYS KB 126 -129.55 61.57 85.66
N ALA KB 127 -129.63 62.28 86.78
CA ALA KB 127 -130.17 61.73 88.02
C ALA KB 127 -131.41 62.53 88.41
N GLU KB 128 -132.44 61.81 88.85
CA GLU KB 128 -133.72 62.41 89.16
C GLU KB 128 -134.51 61.48 90.07
N THR KB 129 -135.51 62.04 90.73
CA THR KB 129 -136.37 61.26 91.61
C THR KB 129 -137.07 60.15 90.83
N ILE KB 130 -137.23 59.00 91.48
CA ILE KB 130 -137.90 57.87 90.83
C ILE KB 130 -139.34 58.24 90.47
N ASP KB 131 -140.05 58.87 91.39
CA ASP KB 131 -141.42 59.32 91.16
C ASP KB 131 -141.54 60.75 91.63
N ILE KB 132 -141.83 61.66 90.71
CA ILE KB 132 -141.97 63.08 91.05
C ILE KB 132 -143.39 63.42 91.46
N THR KB 133 -144.38 62.68 90.96
CA THR KB 133 -145.78 62.96 91.30
C THR KB 133 -146.03 62.80 92.79
N LYS KB 134 -145.47 61.74 93.40
CA LYS KB 134 -145.64 61.54 94.84
C LYS KB 134 -144.99 62.67 95.62
N VAL KB 135 -143.78 63.08 95.22
CA VAL KB 135 -143.10 64.18 95.89
C VAL KB 135 -143.92 65.45 95.81
N LEU KB 136 -144.47 65.74 94.63
CA LEU KB 136 -145.29 66.94 94.46
C LEU KB 136 -146.54 66.88 95.34
N ALA KB 137 -147.21 65.72 95.37
CA ALA KB 137 -148.40 65.59 96.19
C ALA KB 137 -148.08 65.83 97.66
N LYS KB 138 -147.03 65.18 98.16
CA LYS KB 138 -146.65 65.35 99.56
C LYS KB 138 -146.25 66.79 99.86
N VAL KB 139 -145.55 67.44 98.94
CA VAL KB 139 -145.19 68.85 99.13
C VAL KB 139 -146.45 69.69 99.29
N ARG KB 140 -147.41 69.49 98.38
CA ARG KB 140 -148.64 70.28 98.41
C ARG KB 140 -149.42 70.04 99.70
N THR KB 141 -149.38 68.81 100.22
CA THR KB 141 -150.10 68.51 101.44
C THR KB 141 -149.27 68.70 102.70
N ALA KB 142 -148.02 69.14 102.59
CA ALA KB 142 -147.13 69.26 103.73
C ALA KB 142 -146.82 70.73 104.01
N LYS KB 143 -146.60 71.05 105.29
CA LYS KB 143 -146.24 72.39 105.72
C LYS KB 143 -144.75 72.51 105.96
N ALA KB 144 -144.22 73.72 105.70
CA ALA KB 144 -142.81 73.99 105.89
C ALA KB 144 -142.45 74.05 107.37
N LYS KB 145 -141.15 74.07 107.65
CA LYS KB 145 -140.66 74.12 109.02
C LYS KB 145 -140.83 75.52 109.59
N VAL KB 146 -141.60 75.63 110.68
CA VAL KB 146 -141.82 76.94 111.30
C VAL KB 146 -140.50 77.49 111.85
N GLU KB 147 -139.66 76.63 112.41
CA GLU KB 147 -138.37 77.07 112.95
C GLU KB 147 -137.49 77.70 111.89
N ASN KB 148 -137.53 77.18 110.66
CA ASN KB 148 -136.63 77.65 109.61
C ASN KB 148 -136.82 79.14 109.35
N ASP KB 149 -135.70 79.85 109.23
CA ASP KB 149 -135.70 81.30 109.00
C ASP KB 149 -135.77 81.64 107.52
N LEU KB 150 -135.13 80.84 106.67
CA LEU KB 150 -135.12 81.09 105.24
C LEU KB 150 -136.54 81.15 104.67
N VAL KB 151 -137.39 80.19 105.08
CA VAL KB 151 -138.77 80.16 104.60
C VAL KB 151 -139.49 81.44 104.97
N SER KB 152 -139.34 81.88 106.23
CA SER KB 152 -139.98 83.11 106.68
C SER KB 152 -139.48 84.31 105.89
N ARG KB 153 -138.17 84.38 105.66
CA ARG KB 153 -137.61 85.47 104.87
C ARG KB 153 -138.24 85.50 103.48
N VAL KB 154 -138.29 84.35 102.80
CA VAL KB 154 -138.86 84.30 101.46
C VAL KB 154 -140.34 84.64 101.49
N MET KB 155 -141.05 84.25 102.54
CA MET KB 155 -142.47 84.57 102.65
C MET KB 155 -142.68 86.07 102.79
N LYS KB 156 -141.89 86.73 103.64
CA LYS KB 156 -142.10 88.15 103.87
C LYS KB 156 -141.63 88.98 102.68
N THR KB 157 -140.57 88.55 102.01
CA THR KB 157 -140.08 89.29 100.85
C THR KB 157 -140.88 88.90 99.61
N LYS KB 158 -140.92 89.81 98.64
CA LYS KB 158 -141.66 89.60 97.40
C LYS KB 158 -140.75 89.21 96.23
N ARG KB 159 -139.50 89.63 96.24
CA ARG KB 159 -138.60 89.28 95.15
C ARG KB 159 -138.17 87.82 95.24
N LEU KB 160 -137.88 87.34 96.44
CA LEU KB 160 -137.35 86.01 96.62
C LEU KB 160 -138.39 84.94 96.29
N CYS KB 161 -137.94 83.87 95.63
CA CYS KB 161 -138.78 82.72 95.34
C CYS KB 161 -138.00 81.45 95.65
N LEU KB 162 -138.72 80.37 95.94
CA LEU KB 162 -138.10 79.09 96.25
C LEU KB 162 -138.20 78.15 95.06
N GLY KB 163 -137.16 77.35 94.86
CA GLY KB 163 -137.16 76.38 93.79
C GLY KB 163 -136.59 75.03 94.20
N LEU KB 164 -137.27 73.96 93.82
CA LEU KB 164 -136.85 72.60 94.13
C LEU KB 164 -136.18 72.01 92.89
N VAL KB 165 -134.94 71.54 93.05
CA VAL KB 165 -134.20 70.95 91.94
C VAL KB 165 -134.70 69.53 91.72
N VAL KB 166 -135.00 69.18 90.47
CA VAL KB 166 -135.63 67.92 90.15
C VAL KB 166 -134.79 67.01 89.26
N GLU KB 167 -133.80 67.53 88.54
CA GLU KB 167 -132.96 66.68 87.71
C GLU KB 167 -131.58 67.32 87.59
N THR KB 168 -130.55 66.47 87.52
CA THR KB 168 -129.18 66.96 87.48
C THR KB 168 -128.35 66.12 86.52
N ALA KB 169 -127.50 66.78 85.75
CA ALA KB 169 -126.60 66.11 84.81
C ALA KB 169 -125.21 66.04 85.43
N CYS KB 170 -124.66 64.82 85.53
CA CYS KB 170 -123.39 64.58 86.19
C CYS KB 170 -122.51 63.70 85.33
N VAL KB 171 -121.20 63.93 85.40
CA VAL KB 171 -120.25 63.13 84.64
C VAL KB 171 -120.10 61.76 85.30
N ALA KB 172 -120.19 60.70 84.50
CA ALA KB 172 -120.05 59.35 85.05
C ALA KB 172 -118.61 59.06 85.45
N ALA KB 173 -117.64 59.52 84.66
CA ALA KB 173 -116.23 59.27 84.91
C ALA KB 173 -115.50 60.61 84.99
N ALA KB 174 -114.18 60.52 85.20
CA ALA KB 174 -113.37 61.72 85.32
C ALA KB 174 -113.33 62.49 84.00
N GLY KB 175 -113.39 63.82 84.10
CA GLY KB 175 -113.38 64.70 82.93
C GLY KB 175 -112.11 65.53 82.91
N LYS KB 176 -111.53 65.64 81.72
CA LYS KB 176 -110.23 66.30 81.55
C LYS KB 176 -110.38 67.60 80.76
N LEU KB 177 -109.83 68.68 81.29
CA LEU KB 177 -109.89 69.99 80.64
C LEU KB 177 -108.48 70.54 80.50
N THR KB 178 -108.07 70.84 79.25
CA THR KB 178 -106.74 71.32 78.97
C THR KB 178 -106.81 72.60 78.14
N GLU KB 179 -105.96 73.57 78.48
CA GLU KB 179 -105.90 74.85 77.79
C GLU KB 179 -104.45 75.29 77.65
N ALA KB 180 -104.11 75.81 76.47
CA ALA KB 180 -102.78 76.32 76.19
C ALA KB 180 -102.89 77.67 75.49
N ASP KB 181 -102.06 78.63 75.93
CA ASP KB 181 -102.08 79.98 75.42
C ASP KB 181 -100.64 80.41 75.14
N ASN KB 182 -100.42 81.03 73.97
CA ASN KB 182 -99.11 81.58 73.63
C ASN KB 182 -99.33 82.84 72.83
N TRP KB 183 -98.99 84.00 73.40
CA TRP KB 183 -99.17 85.24 72.65
C TRP KB 183 -97.93 86.11 72.77
N GLU KB 184 -97.75 86.97 71.77
CA GLU KB 184 -96.51 87.73 71.62
C GLU KB 184 -96.80 89.09 71.00
N ILE KB 185 -96.09 90.12 71.48
CA ILE KB 185 -96.20 91.49 71.00
C ILE KB 185 -94.80 92.02 70.73
N SER KB 186 -94.61 92.63 69.57
CA SER KB 186 -93.33 93.26 69.21
C SER KB 186 -93.60 94.62 68.59
N GLY KB 187 -93.12 95.68 69.24
CA GLY KB 187 -93.36 97.02 68.76
C GLY KB 187 -92.08 97.81 68.66
N HIS KB 188 -92.07 98.77 67.73
CA HIS KB 188 -90.91 99.61 67.47
C HIS KB 188 -91.38 101.00 67.07
N THR KB 189 -90.69 102.02 67.57
CA THR KB 189 -91.03 103.41 67.32
C THR KB 189 -89.77 104.19 67.01
N ASN KB 190 -89.84 105.04 65.97
CA ASN KB 190 -88.72 105.89 65.58
C ASN KB 190 -89.25 107.29 65.32
N ALA KB 191 -88.90 108.22 66.20
CA ALA KB 191 -89.27 109.62 66.05
C ALA KB 191 -88.01 110.40 65.70
N ASN KB 192 -87.90 110.80 64.44
CA ASN KB 192 -86.76 111.56 63.93
C ASN KB 192 -87.15 113.02 63.81
N ILE KB 193 -86.41 113.89 64.49
CA ILE KB 193 -86.62 115.33 64.42
C ILE KB 193 -85.28 115.97 64.09
N GLY KB 194 -85.34 117.24 63.66
CA GLY KB 194 -84.12 117.92 63.25
C GLY KB 194 -83.06 117.97 64.33
N GLU KB 195 -83.46 118.05 65.59
CA GLU KB 195 -82.53 118.10 66.70
C GLU KB 195 -82.73 116.97 67.71
N ALA KB 196 -83.56 115.98 67.40
CA ALA KB 196 -83.82 114.89 68.33
C ALA KB 196 -84.10 113.62 67.55
N VAL KB 197 -83.54 112.51 68.03
CA VAL KB 197 -83.77 111.18 67.47
C VAL KB 197 -84.10 110.24 68.61
N VAL KB 198 -85.28 109.60 68.54
CA VAL KB 198 -85.71 108.66 69.55
C VAL KB 198 -86.01 107.32 68.87
N THR KB 199 -85.44 106.25 69.41
CA THR KB 199 -85.64 104.90 68.86
C THR KB 199 -85.97 103.96 70.01
N ALA KB 200 -87.23 103.54 70.10
CA ALA KB 200 -87.70 102.66 71.15
C ALA KB 200 -88.14 101.32 70.57
N THR KB 201 -87.96 100.26 71.35
CA THR KB 201 -88.32 98.92 70.92
C THR KB 201 -88.77 98.12 72.14
N ALA KB 202 -89.81 97.31 71.99
CA ALA KB 202 -90.31 96.49 73.10
C ALA KB 202 -90.83 95.17 72.57
N GLU KB 203 -90.36 94.07 73.15
CA GLU KB 203 -90.81 92.74 72.79
C GLU KB 203 -91.22 91.99 74.05
N LEU KB 204 -92.34 91.28 73.98
CA LEU KB 204 -92.74 90.43 75.09
C LEU KB 204 -93.58 89.27 74.56
N ASP KB 205 -93.65 88.21 75.36
CA ASP KB 205 -94.42 87.03 74.99
C ASP KB 205 -94.74 86.24 76.24
N LYS KB 206 -95.99 85.78 76.34
CA LYS KB 206 -96.48 85.03 77.48
C LYS KB 206 -96.97 83.66 77.03
N ASN KB 207 -96.65 82.64 77.83
CA ASN KB 207 -97.07 81.26 77.58
C ASN KB 207 -97.68 80.70 78.84
N LEU KB 208 -98.88 80.12 78.71
CA LEU KB 208 -99.60 79.53 79.83
C LEU KB 208 -100.15 78.17 79.43
N SER KB 209 -100.32 77.30 80.41
CA SER KB 209 -100.91 75.98 80.18
C SER KB 209 -101.58 75.51 81.47
N ARG KB 210 -102.86 75.18 81.40
CA ARG KB 210 -103.63 74.74 82.55
C ARG KB 210 -104.33 73.44 82.22
N LYS KB 211 -104.16 72.42 83.07
CA LYS KB 211 -104.76 71.12 82.85
C LYS KB 211 -105.35 70.62 84.16
N ILE KB 212 -106.66 70.35 84.16
CA ILE KB 212 -107.35 69.89 85.36
C ILE KB 212 -108.20 68.69 85.02
N GLU KB 213 -108.68 68.01 86.07
CA GLU KB 213 -109.48 66.79 85.93
C GLU KB 213 -110.54 66.78 87.02
N ILE KB 214 -111.79 67.00 86.62
CA ILE KB 214 -112.91 66.92 87.56
C ILE KB 214 -113.23 65.46 87.85
N PRO KB 215 -113.57 65.12 89.09
CA PRO KB 215 -113.79 63.72 89.45
C PRO KB 215 -115.19 63.27 89.08
N PRO KB 216 -115.45 61.96 89.07
CA PRO KB 216 -116.80 61.48 88.77
C PRO KB 216 -117.82 62.00 89.78
N GLY KB 217 -119.02 62.27 89.28
CA GLY KB 217 -120.11 62.75 90.11
C GLY KB 217 -120.29 64.25 90.11
N THR KB 218 -119.37 65.00 89.50
CA THR KB 218 -119.49 66.45 89.47
C THR KB 218 -120.71 66.87 88.65
N ALA KB 219 -121.54 67.73 89.23
CA ALA KB 219 -122.74 68.19 88.55
C ALA KB 219 -122.38 69.21 87.47
N LEU KB 220 -123.12 69.20 86.38
CA LEU KB 220 -122.92 70.13 85.27
C LEU KB 220 -124.07 71.09 85.07
N ALA KB 221 -125.31 70.62 85.15
CA ALA KB 221 -126.47 71.46 84.90
C ALA KB 221 -127.67 70.88 85.63
N TYR KB 222 -128.72 71.69 85.76
CA TYR KB 222 -129.87 71.29 86.55
C TYR KB 222 -131.11 72.02 86.05
N SER KB 223 -132.27 71.51 86.47
CA SER KB 223 -133.55 72.15 86.23
C SER KB 223 -134.36 72.10 87.51
N PHE KB 224 -135.20 73.11 87.72
CA PHE KB 224 -135.92 73.23 88.98
C PHE KB 224 -137.35 73.67 88.74
N MET KB 225 -138.19 73.43 89.76
CA MET KB 225 -139.60 73.80 89.74
C MET KB 225 -139.87 74.82 90.84
N ASP KB 226 -140.68 75.83 90.54
CA ASP KB 226 -140.93 76.90 91.48
C ASP KB 226 -141.89 76.47 92.59
N LEU KB 227 -141.85 77.21 93.70
CA LEU KB 227 -142.73 76.96 94.84
C LEU KB 227 -143.28 78.29 95.34
N GLU KB 228 -144.25 78.19 96.25
CA GLU KB 228 -144.89 79.36 96.82
C GLU KB 228 -145.32 79.06 98.24
N ILE KB 229 -144.92 79.92 99.18
CA ILE KB 229 -145.29 79.79 100.58
C ILE KB 229 -146.68 80.39 100.78
N LEU KB 230 -147.60 79.59 101.32
CA LEU KB 230 -148.91 80.12 101.68
C LEU KB 230 -148.79 81.04 102.90
N GLU KB 231 -149.92 81.60 103.31
CA GLU KB 231 -149.96 82.36 104.56
C GLU KB 231 -149.45 81.51 105.72
N ASP KB 232 -149.93 80.27 105.80
CA ASP KB 232 -149.41 79.31 106.76
C ASP KB 232 -148.08 78.74 106.25
N ARG KB 233 -147.54 77.76 106.98
CA ARG KB 233 -146.33 77.08 106.55
C ARG KB 233 -146.55 76.19 105.33
N SER KB 234 -147.80 76.02 104.88
CA SER KB 234 -148.09 75.19 103.73
C SER KB 234 -147.37 75.70 102.48
N LEU KB 235 -147.01 74.76 101.62
CA LEU KB 235 -146.32 75.06 100.36
C LEU KB 235 -147.17 74.63 99.18
N ARG KB 236 -147.07 75.38 98.09
CA ARG KB 236 -147.79 75.09 96.86
C ARG KB 236 -146.83 75.17 95.69
N VAL KB 237 -147.20 74.51 94.59
CA VAL KB 237 -146.38 74.55 93.38
C VAL KB 237 -147.00 75.55 92.42
N SER KB 238 -146.15 76.29 91.70
CA SER KB 238 -146.59 77.34 90.81
C SER KB 238 -146.04 77.10 89.41
N SER KB 239 -146.87 77.35 88.40
CA SER KB 239 -146.51 77.11 87.01
C SER KB 239 -146.76 78.38 86.20
N SER KB 240 -145.69 78.95 85.65
CA SER KB 240 -145.82 80.08 84.74
C SER KB 240 -146.24 79.56 83.37
N ALA KB 241 -147.51 79.82 83.00
CA ALA KB 241 -148.10 79.32 81.77
C ALA KB 241 -148.04 77.79 81.70
N GLY KB 242 -148.11 77.13 82.85
CA GLY KB 242 -148.09 75.68 82.90
C GLY KB 242 -146.75 75.05 82.59
N ALA KB 243 -145.66 75.81 82.67
CA ALA KB 243 -144.35 75.27 82.34
C ALA KB 243 -143.92 74.19 83.34
N MET KB 244 -143.98 74.50 84.63
CA MET KB 244 -143.53 73.62 85.71
C MET KB 244 -142.08 73.19 85.54
N PHE KB 245 -141.31 73.90 84.73
CA PHE KB 245 -139.88 73.62 84.54
C PHE KB 245 -139.20 74.95 84.26
N ASP KB 246 -138.57 75.51 85.27
CA ASP KB 246 -137.95 76.83 85.15
C ASP KB 246 -136.47 76.68 84.88
N SER KB 247 -135.98 77.39 83.87
CA SER KB 247 -134.58 77.37 83.49
C SER KB 247 -133.86 78.67 83.83
N GLY KB 248 -134.44 79.47 84.73
CA GLY KB 248 -133.85 80.76 85.05
C GLY KB 248 -133.81 81.71 83.87
N LYS KB 249 -134.86 81.71 83.06
CA LYS KB 249 -134.93 82.54 81.86
C LYS KB 249 -135.82 83.74 82.11
N ALA KB 250 -135.53 84.83 81.41
CA ALA KB 250 -136.35 86.03 81.51
C ALA KB 250 -137.74 85.78 80.92
N GLU KB 251 -138.74 86.50 81.45
CA GLU KB 251 -140.10 86.33 80.98
C GLU KB 251 -140.24 86.72 79.52
N SER KB 252 -139.58 87.81 79.11
CA SER KB 252 -139.60 88.30 77.73
C SER KB 252 -141.02 88.53 77.24
CA ARG LB 3 -127.59 75.32 65.20
C ARG LB 3 -127.10 74.03 65.84
N PRO LB 4 -127.76 73.61 66.91
CA PRO LB 4 -127.37 72.37 67.59
C PRO LB 4 -127.48 71.17 66.65
N MET LB 5 -126.53 70.24 66.80
CA MET LB 5 -126.52 69.05 65.96
C MET LB 5 -127.78 68.22 66.18
N PHE LB 6 -128.24 68.11 67.42
CA PHE LB 6 -129.45 67.35 67.69
C PHE LB 6 -130.64 67.97 66.98
N ALA LB 7 -130.77 69.30 67.02
CA ALA LB 7 -131.87 69.95 66.32
C ALA LB 7 -131.77 69.76 64.82
N VAL LB 8 -130.57 69.85 64.27
CA VAL LB 8 -130.38 69.65 62.83
C VAL LB 8 -130.78 68.23 62.43
N ALA LB 9 -130.34 67.24 63.21
CA ALA LB 9 -130.68 65.86 62.91
C ALA LB 9 -132.18 65.61 63.04
N VAL LB 10 -132.81 66.22 64.04
CA VAL LB 10 -134.26 66.07 64.20
C VAL LB 10 -134.98 66.65 63.00
N ASN LB 11 -134.55 67.83 62.53
CA ASN LB 11 -135.17 68.42 61.35
C ASN LB 11 -134.97 67.56 60.12
N GLU LB 12 -133.77 67.00 59.94
CA GLU LB 12 -133.51 66.13 58.81
C GLU LB 12 -134.42 64.90 58.85
N PHE LB 13 -134.54 64.29 60.02
CA PHE LB 13 -135.40 63.10 60.15
C PHE LB 13 -136.85 63.44 59.88
N ILE LB 14 -137.34 64.54 60.46
CA ILE LB 14 -138.75 64.88 60.29
C ILE LB 14 -139.05 65.27 58.86
N ARG LB 15 -138.08 65.84 58.14
CA ARG LB 15 -138.29 66.12 56.73
C ARG LB 15 -138.31 64.83 55.91
N SER LB 16 -137.35 63.94 56.14
CA SER LB 16 -137.28 62.71 55.36
C SER LB 16 -138.49 61.83 55.58
N ALA LB 17 -138.94 61.71 56.83
CA ALA LB 17 -140.09 60.90 57.18
C ALA LB 17 -141.01 61.70 58.09
N GLY LB 18 -142.31 61.64 57.82
CA GLY LB 18 -143.29 62.31 58.66
C GLY LB 18 -143.19 63.81 58.68
N GLN LB 19 -143.08 64.43 57.49
CA GLN LB 19 -143.03 65.88 57.42
C GLN LB 19 -144.32 66.51 57.96
N ASP LB 20 -145.42 65.79 57.88
CA ASP LB 20 -146.69 66.23 58.43
C ASP LB 20 -147.04 65.39 59.66
N SER LB 21 -147.81 66.01 60.56
CA SER LB 21 -148.28 65.35 61.79
C SER LB 21 -147.11 64.84 62.63
N LEU LB 22 -146.12 65.70 62.85
CA LEU LB 22 -144.97 65.34 63.65
C LEU LB 22 -144.32 66.62 64.19
N CYS LB 23 -143.94 66.60 65.46
CA CYS LB 23 -143.35 67.75 66.13
C CYS LB 23 -141.94 67.39 66.59
N GLY LB 24 -140.99 68.26 66.27
CA GLY LB 24 -139.61 68.03 66.68
C GLY LB 24 -139.45 68.14 68.19
N VAL LB 25 -138.40 67.47 68.68
CA VAL LB 25 -138.06 67.48 70.10
C VAL LB 25 -137.12 68.65 70.37
N PRO LB 26 -137.39 69.49 71.37
CA PRO LB 26 -136.55 70.67 71.58
C PRO LB 26 -135.10 70.36 71.93
N ASP LB 27 -134.87 69.39 72.82
CA ASP LB 27 -133.50 69.09 73.24
C ASP LB 27 -133.42 67.69 73.80
N ILE LB 28 -132.19 67.18 73.92
CA ILE LB 28 -131.97 65.83 74.40
C ILE LB 28 -132.47 65.66 75.82
N ASN LB 29 -132.24 66.66 76.66
CA ASN LB 29 -132.65 66.57 78.06
C ASN LB 29 -134.15 66.40 78.19
N SER LB 30 -134.92 67.17 77.43
CA SER LB 30 -136.38 67.11 77.48
C SER LB 30 -136.98 66.09 76.52
N SER LB 31 -136.14 65.36 75.80
CA SER LB 31 -136.66 64.33 74.89
C SER LB 31 -137.44 63.27 75.66
N GLY LB 32 -137.01 62.93 76.87
CA GLY LB 32 -137.65 61.86 77.61
C GLY LB 32 -139.01 62.21 78.17
N ASP LB 33 -139.42 63.48 78.10
CA ASP LB 33 -140.70 63.90 78.61
C ASP LB 33 -141.80 63.86 77.57
N PHE LB 34 -141.51 63.40 76.35
CA PHE LB 34 -142.47 63.35 75.27
C PHE LB 34 -142.78 61.91 74.85
N MET LB 35 -142.75 60.99 75.80
CA MET LB 35 -143.15 59.62 75.56
C MET LB 35 -144.67 59.52 75.50
N PRO LB 36 -145.21 58.44 74.94
CA PRO LB 36 -146.67 58.32 74.82
C PRO LB 36 -147.35 58.39 76.18
N LEU LB 37 -148.59 58.91 76.16
CA LEU LB 37 -149.41 59.08 77.36
C LEU LB 37 -148.79 60.09 78.33
N HIS LB 38 -148.35 61.22 77.78
CA HIS LB 38 -147.84 62.34 78.56
C HIS LB 38 -148.66 63.58 78.26
N ILE LB 39 -148.86 64.41 79.28
CA ILE LB 39 -149.61 65.65 79.16
C ILE LB 39 -148.67 66.78 78.82
N ILE LB 40 -149.06 67.61 77.84
CA ILE LB 40 -148.30 68.80 77.46
C ILE LB 40 -149.27 69.97 77.41
N VAL LB 41 -148.72 71.18 77.49
CA VAL LB 41 -149.49 72.41 77.48
C VAL LB 41 -149.17 73.17 76.21
N LYS LB 42 -150.21 73.66 75.54
CA LYS LB 42 -150.07 74.43 74.31
C LYS LB 42 -150.53 75.86 74.56
N GLU LB 43 -149.70 76.82 74.15
CA GLU LB 43 -149.96 78.24 74.32
C GLU LB 43 -150.07 78.88 72.95
N VAL LB 44 -151.14 79.66 72.74
CA VAL LB 44 -151.40 80.31 71.46
C VAL LB 44 -150.43 81.46 71.27
N PRO LB 45 -150.11 81.83 70.02
CA PRO LB 45 -149.15 82.94 69.81
C PRO LB 45 -149.61 84.26 70.39
N LYS LB 46 -150.92 84.53 70.41
CA LYS LB 46 -151.56 85.74 70.92
C LYS LB 46 -151.27 86.96 70.06
N VAL LB 47 -150.45 86.84 69.01
CA VAL LB 47 -150.16 87.97 68.13
C VAL LB 47 -150.68 87.65 66.74
N LEU LB 48 -150.17 86.57 66.15
CA LEU LB 48 -150.61 86.10 64.84
C LEU LB 48 -150.91 84.61 64.96
N PRO LB 49 -152.04 84.25 65.59
CA PRO LB 49 -152.33 82.83 65.80
C PRO LB 49 -152.40 82.01 64.53
N CYS LB 50 -152.91 82.58 63.45
CA CYS LB 50 -153.01 81.86 62.18
C CYS LB 50 -151.72 81.90 61.38
N CYS LB 51 -150.73 82.70 61.79
CA CYS LB 51 -149.48 82.82 61.06
C CYS LB 51 -148.27 82.26 61.81
N ARG LB 52 -148.39 82.02 63.12
CA ARG LB 52 -147.28 81.54 63.93
C ARG LB 52 -147.67 80.25 64.62
N ARG LB 53 -146.73 79.31 64.68
CA ARG LB 53 -146.99 78.05 65.36
C ARG LB 53 -147.00 78.25 66.87
N PRO LB 54 -147.84 77.51 67.59
CA PRO LB 54 -147.96 77.71 69.03
C PRO LB 54 -146.72 77.25 69.81
N LYS LB 55 -146.74 77.43 71.13
CA LYS LB 55 -145.64 77.08 72.00
C LYS LB 55 -146.01 75.86 72.83
N ILE LB 56 -145.13 74.87 72.87
CA ILE LB 56 -145.39 73.61 73.55
C ILE LB 56 -144.52 73.51 74.79
N LYS LB 57 -145.14 73.22 75.92
CA LYS LB 57 -144.49 73.14 77.22
C LYS LB 57 -144.68 71.74 77.78
N ARG LB 58 -143.58 71.13 78.22
CA ARG LB 58 -143.63 69.81 78.83
C ARG LB 58 -144.06 69.91 80.29
N THR LB 59 -144.70 68.85 80.76
CA THR LB 59 -145.14 68.76 82.14
C THR LB 59 -144.78 67.40 82.72
N PRO LB 60 -144.53 67.32 84.03
CA PRO LB 60 -144.19 66.04 84.66
C PRO LB 60 -145.43 65.27 85.11
N TYR LB 61 -146.32 64.98 84.15
CA TYR LB 61 -147.56 64.29 84.44
C TYR LB 61 -147.85 63.24 83.38
N THR LB 62 -148.50 62.17 83.80
CA THR LB 62 -149.05 61.18 82.90
C THR LB 62 -150.58 61.22 82.97
N LEU LB 63 -151.21 60.48 82.07
CA LEU LB 63 -152.67 60.48 82.01
C LEU LB 63 -153.27 59.94 83.30
N ASN LB 64 -152.71 58.86 83.84
CA ASN LB 64 -153.26 58.26 85.06
C ASN LB 64 -153.08 59.18 86.24
N ASP LB 65 -151.97 59.93 86.30
CA ASP LB 65 -151.79 60.88 87.39
C ASP LB 65 -152.75 62.06 87.25
N ILE LB 66 -152.94 62.56 86.03
CA ILE LB 66 -153.79 63.74 85.85
C ILE LB 66 -155.26 63.38 86.03
N LEU LB 67 -155.63 62.12 85.83
CA LEU LB 67 -157.02 61.69 85.91
C LEU LB 67 -157.31 61.02 87.24
N ASP LB 68 -158.48 61.31 87.80
CA ASP LB 68 -158.93 60.62 88.99
C ASP LB 68 -159.12 59.13 88.71
N GLU LB 69 -159.71 58.80 87.57
CA GLU LB 69 -159.94 57.41 87.19
C GLU LB 69 -158.82 56.94 86.27
N PRO LB 70 -158.12 55.86 86.61
CA PRO LB 70 -157.02 55.40 85.75
C PRO LB 70 -157.53 54.79 84.45
N CYS LB 71 -156.62 54.73 83.48
CA CYS LB 71 -156.86 54.19 82.16
C CYS LB 71 -155.77 53.18 81.83
N PRO LB 72 -156.05 52.23 80.95
CA PRO LB 72 -155.00 51.30 80.51
C PRO LB 72 -153.86 52.07 79.84
N ASN LB 73 -152.63 51.59 80.06
CA ASN LB 73 -151.45 52.32 79.62
C ASN LB 73 -150.42 51.44 78.93
N GLN LB 74 -150.79 50.23 78.51
CA GLN LB 74 -149.84 49.36 77.83
C GLN LB 74 -149.43 49.95 76.50
N LEU LB 75 -148.19 49.69 76.10
CA LEU LB 75 -147.61 50.25 74.88
C LEU LB 75 -147.10 49.15 73.97
N LYS LB 76 -146.77 49.53 72.74
CA LYS LB 76 -146.18 48.63 71.76
C LYS LB 76 -145.33 49.46 70.80
N SER LB 77 -144.32 48.82 70.23
CA SER LB 77 -143.40 49.49 69.34
C SER LB 77 -143.21 48.67 68.07
N SER LB 78 -142.94 49.38 66.97
CA SER LB 78 -142.72 48.75 65.68
C SER LB 78 -141.82 49.64 64.83
N ASP LB 79 -141.13 49.03 63.87
CA ASP LB 79 -140.19 49.77 63.06
C ASP LB 79 -140.88 50.82 62.20
N LEU LB 80 -140.20 51.94 62.00
CA LEU LB 80 -140.74 53.04 61.19
C LEU LB 80 -139.90 53.33 59.96
N VAL LB 81 -138.59 53.55 60.12
CA VAL LB 81 -137.70 53.87 59.01
C VAL LB 81 -136.29 53.44 59.40
N THR LB 82 -135.44 53.27 58.40
CA THR LB 82 -134.08 52.79 58.60
C THR LB 82 -133.14 53.58 57.70
N PHE LB 83 -132.22 54.34 58.31
CA PHE LB 83 -131.20 55.08 57.58
C PHE LB 83 -129.99 54.16 57.39
N THR LB 84 -129.86 53.57 56.21
CA THR LB 84 -128.80 52.59 55.97
C THR LB 84 -127.43 53.24 56.01
N GLU LB 85 -127.30 54.47 55.50
CA GLU LB 85 -126.03 55.16 55.48
C GLU LB 85 -126.16 56.53 56.12
N PRO LB 86 -125.08 57.04 56.69
CA PRO LB 86 -125.15 58.34 57.37
C PRO LB 86 -125.51 59.47 56.41
N LEU LB 87 -126.30 60.42 56.91
CA LEU LB 87 -126.54 61.67 56.19
C LEU LB 87 -125.28 62.52 56.25
N VAL LB 88 -124.71 62.82 55.09
CA VAL LB 88 -123.44 63.53 54.98
C VAL LB 88 -123.69 64.84 54.25
N SER LB 89 -123.17 65.93 54.79
CA SER LB 89 -123.30 67.25 54.19
C SER LB 89 -121.95 67.95 54.17
N ASN LB 90 -121.65 68.59 53.06
CA ASN LB 90 -120.41 69.34 52.88
C ASN LB 90 -120.72 70.71 52.30
N VAL LB 91 -120.13 71.75 52.87
CA VAL LB 91 -120.24 73.11 52.36
C VAL LB 91 -118.83 73.69 52.31
N LYS LB 92 -118.49 74.32 51.19
CA LYS LB 92 -117.15 74.89 51.01
C LYS LB 92 -117.30 76.21 50.27
N ALA LB 93 -116.99 77.31 50.95
CA ALA LB 93 -117.08 78.64 50.37
C ALA LB 93 -115.72 79.32 50.41
N SER LB 94 -115.46 80.15 49.40
CA SER LB 94 -114.22 80.91 49.34
C SER LB 94 -114.45 82.16 48.51
N SER LB 95 -114.04 83.31 49.04
CA SER LB 95 -114.29 84.59 48.38
C SER LB 95 -113.09 85.51 48.59
N SER LB 96 -112.96 86.47 47.68
CA SER LB 96 -111.88 87.46 47.75
C SER LB 96 -112.39 88.78 47.19
N ILE LB 97 -111.98 89.87 47.82
CA ILE LB 97 -112.40 91.22 47.45
C ILE LB 97 -111.15 92.08 47.32
N GLY LB 98 -111.09 92.87 46.25
CA GLY LB 98 -110.00 93.81 46.06
C GLY LB 98 -110.49 95.18 45.65
N LEU LB 99 -110.19 96.20 46.47
CA LEU LB 99 -110.63 97.57 46.22
C LEU LB 99 -109.41 98.45 46.07
N GLN LB 100 -109.41 99.31 45.05
CA GLN LB 100 -108.33 100.26 44.83
C GLN LB 100 -108.92 101.62 44.48
N ILE LB 101 -108.46 102.65 45.18
CA ILE LB 101 -108.83 104.04 44.89
C ILE LB 101 -107.53 104.75 44.53
N LEU LB 102 -107.30 104.93 43.22
CA LEU LB 102 -106.16 105.64 42.66
C LEU LB 102 -104.89 105.00 43.21
N LYS LB 103 -103.92 105.77 43.67
CA LYS LB 103 -102.78 105.27 44.42
C LYS LB 103 -102.86 105.65 45.89
N HIS LB 104 -104.07 105.94 46.38
CA HIS LB 104 -104.28 106.37 47.75
C HIS LB 104 -104.88 105.30 48.65
N PHE LB 105 -105.72 104.42 48.12
CA PHE LB 105 -106.33 103.37 48.93
C PHE LB 105 -106.17 102.03 48.23
N ASP LB 106 -105.82 100.99 48.99
CA ASP LB 106 -105.67 99.65 48.42
C ASP LB 106 -105.96 98.63 49.50
N SER LB 107 -107.11 97.95 49.39
CA SER LB 107 -107.51 96.95 50.36
C SER LB 107 -107.73 95.61 49.68
N GLY LB 108 -107.23 94.55 50.30
CA GLY LB 108 -107.44 93.20 49.80
C GLY LB 108 -107.87 92.26 50.91
N ALA LB 109 -109.07 91.70 50.80
CA ALA LB 109 -109.61 90.80 51.80
C ALA LB 109 -109.92 89.46 51.16
N LYS LB 110 -109.92 88.41 51.98
CA LYS LB 110 -110.27 87.09 51.50
C LYS LB 110 -110.75 86.25 52.67
N GLY LB 111 -111.65 85.32 52.37
CA GLY LB 111 -112.21 84.45 53.38
C GLY LB 111 -112.51 83.09 52.82
N SER LB 112 -112.51 82.09 53.70
CA SER LB 112 -112.82 80.72 53.29
C SER LB 112 -113.48 80.00 54.46
N LYS LB 113 -114.31 79.02 54.13
CA LYS LB 113 -115.04 78.27 55.13
C LYS LB 113 -115.28 76.86 54.62
N ASN LB 114 -115.11 75.88 55.50
CA ASN LB 114 -115.34 74.46 55.19
C ASN LB 114 -116.10 73.85 56.34
N PHE LB 115 -117.29 73.33 56.05
CA PHE LB 115 -118.22 72.82 57.05
C PHE LB 115 -118.65 71.41 56.65
N ILE LB 116 -118.49 70.45 57.56
CA ILE LB 116 -118.80 69.06 57.30
C ILE LB 116 -119.69 68.52 58.41
N THR LB 117 -120.73 67.79 58.03
CA THR LB 117 -121.67 67.23 58.98
C THR LB 117 -121.96 65.78 58.63
N SER LB 118 -122.10 64.93 59.65
CA SER LB 118 -122.45 63.53 59.45
C SER LB 118 -123.37 63.08 60.58
N ALA LB 119 -124.50 62.49 60.22
CA ALA LB 119 -125.46 61.99 61.20
C ALA LB 119 -125.81 60.55 60.89
N SER LB 120 -125.65 59.68 61.88
CA SER LB 120 -125.96 58.25 61.75
C SER LB 120 -127.02 57.93 62.79
N LEU LB 121 -128.27 57.82 62.34
CA LEU LB 121 -129.40 57.55 63.22
C LEU LB 121 -129.77 56.07 63.28
N GLY LB 122 -129.17 55.23 62.45
CA GLY LB 122 -129.47 53.81 62.50
C GLY LB 122 -130.92 53.53 62.17
N THR LB 123 -131.60 52.84 63.09
CA THR LB 123 -133.00 52.46 62.93
C THR LB 123 -133.85 53.29 63.89
N VAL LB 124 -134.99 53.77 63.39
CA VAL LB 124 -135.94 54.54 64.18
C VAL LB 124 -137.22 53.74 64.30
N VAL LB 125 -137.70 53.56 65.52
CA VAL LB 125 -138.94 52.84 65.77
C VAL LB 125 -139.99 53.82 66.28
N LYS LB 126 -141.24 53.38 66.28
CA LYS LB 126 -142.37 54.16 66.76
C LYS LB 126 -143.05 53.40 67.88
N ALA LB 127 -143.32 54.11 68.98
CA ALA LB 127 -143.98 53.53 70.14
C ALA LB 127 -145.31 54.25 70.37
N GLU LB 128 -146.34 53.47 70.67
CA GLU LB 128 -147.68 53.99 70.82
C GLU LB 128 -148.51 53.01 71.63
N THR LB 129 -149.63 53.51 72.16
CA THR LB 129 -150.54 52.67 72.92
C THR LB 129 -151.05 51.51 72.08
N ILE LB 130 -151.24 50.36 72.71
CA ILE LB 130 -151.74 49.19 71.99
C ILE LB 130 -153.15 49.46 71.45
N ASP LB 131 -154.01 50.05 72.26
CA ASP LB 131 -155.36 50.41 71.86
C ASP LB 131 -155.63 51.83 72.30
N ILE LB 132 -155.86 52.71 71.33
CA ILE LB 132 -156.12 54.12 71.64
C ILE LB 132 -157.61 54.38 71.86
N THR LB 133 -158.48 53.57 71.26
CA THR LB 133 -159.91 53.77 71.41
C THR LB 133 -160.34 53.59 72.87
N LYS LB 134 -159.81 52.57 73.54
CA LYS LB 134 -160.14 52.37 74.95
C LYS LB 134 -159.66 53.54 75.80
N VAL LB 135 -158.45 54.02 75.54
CA VAL LB 135 -157.92 55.16 76.29
C VAL LB 135 -158.81 56.38 76.08
N LEU LB 136 -159.23 56.63 74.83
CA LEU LB 136 -160.09 57.77 74.56
C LEU LB 136 -161.43 57.64 75.27
N ALA LB 137 -162.03 56.44 75.23
CA ALA LB 137 -163.30 56.23 75.89
C ALA LB 137 -163.19 56.50 77.39
N LYS LB 138 -162.17 55.92 78.03
CA LYS LB 138 -161.98 56.12 79.46
C LYS LB 138 -161.73 57.58 79.80
N VAL LB 139 -160.95 58.27 78.96
CA VAL LB 139 -160.71 59.71 79.19
C VAL LB 139 -162.03 60.45 79.16
N ARG LB 140 -162.84 60.20 78.14
CA ARG LB 140 -164.11 60.90 78.01
C ARG LB 140 -165.04 60.62 79.19
N THR LB 141 -164.99 59.40 79.73
CA THR LB 141 -165.84 59.05 80.85
C THR LB 141 -165.19 59.30 82.21
N ALA LB 142 -163.96 59.82 82.25
CA ALA LB 142 -163.23 60.00 83.49
C ALA LB 142 -163.07 61.49 83.80
N LYS LB 143 -163.03 61.82 85.08
CA LYS LB 143 -162.81 63.19 85.55
C LYS LB 143 -161.37 63.41 85.98
N ALA LB 144 -160.90 64.64 85.76
CA ALA LB 144 -159.53 65.00 86.12
C ALA LB 144 -159.38 65.10 87.64
N LYS LB 145 -158.12 65.20 88.08
CA LYS LB 145 -157.82 65.28 89.50
C LYS LB 145 -158.14 66.68 90.03
N VAL LB 146 -159.05 66.74 91.01
CA VAL LB 146 -159.43 68.03 91.59
C VAL LB 146 -158.24 68.67 92.28
N GLU LB 147 -157.42 67.87 92.96
CA GLU LB 147 -156.25 68.39 93.65
C GLU LB 147 -155.26 69.07 92.71
N ASN LB 148 -155.12 68.55 91.48
CA ASN LB 148 -154.13 69.07 90.56
C ASN LB 148 -154.37 70.54 90.26
N ASP LB 149 -153.30 71.33 90.27
CA ASP LB 149 -153.37 72.77 90.03
C ASP LB 149 -153.26 73.10 88.55
N LEU LB 150 -152.47 72.34 87.80
CA LEU LB 150 -152.29 72.59 86.37
C LEU LB 150 -153.64 72.55 85.63
N VAL LB 151 -154.46 71.54 85.94
CA VAL LB 151 -155.76 71.43 85.29
C VAL LB 151 -156.61 72.66 85.56
N SER LB 152 -156.64 73.11 86.81
CA SER LB 152 -157.41 74.29 87.16
C SER LB 152 -156.89 75.52 86.43
N ARG LB 153 -155.58 75.67 86.37
CA ARG LB 153 -154.99 76.79 85.63
C ARG LB 153 -155.44 76.78 84.18
N VAL LB 154 -155.32 75.63 83.52
CA VAL LB 154 -155.71 75.53 82.11
C VAL LB 154 -157.21 75.78 81.94
N MET LB 155 -158.02 75.35 82.91
CA MET LB 155 -159.46 75.58 82.84
C MET LB 155 -159.78 77.07 82.93
N LYS LB 156 -159.15 77.77 83.86
CA LYS LB 156 -159.48 79.18 84.05
C LYS LB 156 -158.91 80.03 82.91
N THR LB 157 -157.74 79.67 82.39
CA THR LB 157 -157.17 80.43 81.30
C THR LB 157 -157.77 79.99 79.97
N LYS LB 158 -157.75 80.90 79.00
CA LYS LB 158 -158.30 80.63 77.67
C LYS LB 158 -157.25 80.30 76.64
N ARG LB 159 -156.02 80.80 76.80
CA ARG LB 159 -154.98 80.50 75.83
C ARG LB 159 -154.47 79.08 75.99
N LEU LB 160 -154.30 78.62 77.23
CA LEU LB 160 -153.71 77.32 77.48
C LEU LB 160 -154.64 76.19 77.04
N CYS LB 161 -154.04 75.15 76.46
CA CYS LB 161 -154.76 73.95 76.08
C CYS LB 161 -153.94 72.73 76.50
N LEU LB 162 -154.63 71.61 76.71
CA LEU LB 162 -153.97 70.37 77.10
C LEU LB 162 -153.86 69.42 75.92
N GLY LB 163 -152.76 68.69 75.87
CA GLY LB 163 -152.55 67.72 74.81
C GLY LB 163 -151.96 66.41 75.31
N LEU LB 164 -152.51 65.29 74.85
CA LEU LB 164 -152.06 63.97 75.23
C LEU LB 164 -151.20 63.41 74.10
N VAL LB 165 -149.96 63.03 74.42
CA VAL LB 165 -149.06 62.49 73.42
C VAL LB 165 -149.43 61.03 73.15
N VAL LB 166 -149.53 60.66 71.88
CA VAL LB 166 -150.04 59.36 71.50
C VAL LB 166 -149.03 58.51 70.73
N GLU LB 167 -148.01 59.09 70.13
CA GLU LB 167 -147.01 58.29 69.43
C GLU LB 167 -145.67 59.01 69.47
N THR LB 168 -144.59 58.24 69.55
CA THR LB 168 -143.26 58.80 69.67
C THR LB 168 -142.27 58.02 68.83
N ALA LB 169 -141.36 58.73 68.17
CA ALA LB 169 -140.31 58.12 67.37
C ALA LB 169 -139.01 58.14 68.15
N CYS LB 170 -138.41 56.96 68.34
CA CYS LB 170 -137.21 56.80 69.16
C CYS LB 170 -136.18 55.97 68.41
N VAL LB 171 -134.91 56.29 68.66
CA VAL LB 171 -133.82 55.55 68.02
C VAL LB 171 -133.67 54.20 68.72
N ALA LB 172 -133.58 53.13 67.93
CA ALA LB 172 -133.43 51.80 68.50
C ALA LB 172 -132.04 51.60 69.09
N ALA LB 173 -131.01 52.12 68.42
CA ALA LB 173 -129.63 51.97 68.85
C ALA LB 173 -128.99 53.34 69.00
N ALA LB 174 -127.71 53.34 69.38
CA ALA LB 174 -127.00 54.59 69.59
C ALA LB 174 -126.85 55.36 68.27
N GLY LB 175 -127.01 56.68 68.36
CA GLY LB 175 -126.90 57.55 67.19
C GLY LB 175 -125.69 58.46 67.31
N LYS LB 176 -124.97 58.61 66.20
CA LYS LB 176 -123.71 59.36 66.20
C LYS LB 176 -123.84 60.63 65.38
N LEU LB 177 -123.42 61.76 65.97
CA LEU LB 177 -123.49 63.05 65.30
C LEU LB 177 -122.11 63.69 65.32
N THR LB 178 -121.57 64.01 64.14
CA THR LB 178 -120.24 64.58 64.01
C THR LB 178 -120.28 65.85 63.17
N GLU LB 179 -119.54 66.87 63.62
CA GLU LB 179 -119.48 68.16 62.92
C GLU LB 179 -118.05 68.68 62.96
N ALA LB 180 -117.60 69.22 61.82
CA ALA LB 180 -116.28 69.81 61.70
C ALA LB 180 -116.39 71.15 60.99
N ASP LB 181 -115.69 72.16 61.52
CA ASP LB 181 -115.72 73.51 60.99
C ASP LB 181 -114.29 74.03 60.89
N ASN LB 182 -113.96 74.66 59.75
CA ASN LB 182 -112.65 75.28 59.57
C ASN LB 182 -112.86 76.53 58.73
N TRP LB 183 -112.67 77.71 59.33
CA TRP LB 183 -112.83 78.93 58.55
C TRP LB 183 -111.67 79.88 58.82
N GLU LB 184 -111.41 80.76 57.85
CA GLU LB 184 -110.22 81.59 57.84
C GLU LB 184 -110.51 82.92 57.18
N ILE LB 185 -109.94 84.00 57.73
CA ILE LB 185 -110.08 85.35 57.22
C ILE LB 185 -108.69 85.98 57.13
N SER LB 186 -108.38 86.59 55.99
CA SER LB 186 -107.12 87.30 55.79
C SER LB 186 -107.39 88.64 55.13
N GLY LB 187 -107.07 89.73 55.81
CA GLY LB 187 -107.32 91.05 55.30
C GLY LB 187 -106.09 91.93 55.35
N HIS LB 188 -106.04 92.88 54.42
CA HIS LB 188 -104.91 93.79 54.29
C HIS LB 188 -105.41 95.14 53.82
N THR LB 189 -104.84 96.20 54.39
CA THR LB 189 -105.25 97.57 54.08
C THR LB 189 -104.01 98.43 53.93
N ASN LB 190 -103.99 99.27 52.88
CA ASN LB 190 -102.89 100.19 52.63
C ASN LB 190 -103.47 101.55 52.28
N ALA LB 191 -103.30 102.51 53.20
CA ALA LB 191 -103.73 103.88 52.99
C ALA LB 191 -102.48 104.74 52.78
N ASN LB 192 -102.25 105.14 51.54
CA ASN LB 192 -101.10 105.97 51.18
C ASN LB 192 -101.57 107.40 50.98
N ILE LB 193 -100.97 108.32 51.75
CA ILE LB 193 -101.27 109.75 51.64
C ILE LB 193 -99.94 110.47 51.46
N GLY LB 194 -100.02 111.72 51.02
CA GLY LB 194 -98.81 112.49 50.76
C GLY LB 194 -97.90 112.61 51.97
N GLU LB 195 -98.47 112.66 53.17
CA GLU LB 195 -97.68 112.78 54.39
C GLU LB 195 -97.94 111.64 55.37
N ALA LB 196 -98.66 110.60 54.97
CA ALA LB 196 -98.96 109.50 55.86
C ALA LB 196 -99.05 108.21 55.07
N VAL LB 197 -98.49 107.14 55.64
CA VAL LB 197 -98.57 105.79 55.06
C VAL LB 197 -98.98 104.84 56.16
N VAL LB 198 -100.09 104.13 55.96
CA VAL LB 198 -100.59 103.16 56.92
C VAL LB 198 -100.72 101.81 56.22
N THR LB 199 -100.16 100.77 56.83
CA THR LB 199 -100.20 99.41 56.28
C THR LB 199 -100.61 98.46 57.40
N ALA LB 200 -101.85 97.95 57.32
CA ALA LB 200 -102.38 97.05 58.32
C ALA LB 200 -102.67 95.68 57.71
N THR LB 201 -102.52 94.64 58.51
CA THR LB 201 -102.73 93.27 58.06
C THR LB 201 -103.27 92.46 59.22
N ALA LB 202 -104.24 91.58 58.95
CA ALA LB 202 -104.82 90.74 59.99
C ALA LB 202 -105.20 89.38 59.41
N GLU LB 203 -104.73 88.31 60.06
CA GLU LB 203 -105.05 86.96 59.67
C GLU LB 203 -105.56 86.19 60.87
N LEU LB 204 -106.62 85.41 60.66
CA LEU LB 204 -107.11 84.53 61.73
C LEU LB 204 -107.79 83.32 61.11
N ASP LB 205 -107.89 82.26 61.91
CA ASP LB 205 -108.54 81.03 61.45
C ASP LB 205 -108.96 80.22 62.66
N LYS LB 206 -110.19 79.69 62.61
CA LYS LB 206 -110.76 78.91 63.70
C LYS LB 206 -111.10 77.51 63.20
N ASN LB 207 -110.82 76.52 64.04
CA ASN LB 207 -111.12 75.12 63.75
C ASN LB 207 -111.85 74.52 64.93
N LEU LB 208 -112.98 73.87 64.66
CA LEU LB 208 -113.80 73.23 65.69
C LEU LB 208 -114.21 71.84 65.24
N SER LB 209 -114.44 70.96 66.20
CA SER LB 209 -114.92 69.61 65.91
C SER LB 209 -115.70 69.10 67.11
N ARG LB 210 -116.95 68.69 66.88
CA ARG LB 210 -117.82 68.20 67.93
C ARG LB 210 -118.41 66.86 67.53
N LYS LB 211 -118.27 65.85 68.40
CA LYS LB 211 -118.76 64.51 68.13
C LYS LB 211 -119.48 63.98 69.36
N ILE LB 212 -120.76 63.63 69.20
CA ILE LB 212 -121.57 63.14 70.31
C ILE LB 212 -122.30 61.87 69.87
N GLU LB 213 -122.85 61.17 70.86
CA GLU LB 213 -123.54 59.91 70.64
C GLU LB 213 -124.74 59.82 71.57
N ILE LB 214 -125.94 59.96 71.02
CA ILE LB 214 -127.16 59.82 71.81
C ILE LB 214 -127.42 58.34 72.08
N PRO LB 215 -127.89 57.98 73.27
CA PRO LB 215 -128.07 56.57 73.61
C PRO LB 215 -129.38 56.02 73.06
N PRO LB 216 -129.54 54.71 73.04
CA PRO LB 216 -130.82 54.14 72.58
C PRO LB 216 -131.99 54.60 73.45
N GLY LB 217 -133.14 54.79 72.80
CA GLY LB 217 -134.35 55.20 73.48
C GLY LB 217 -134.63 56.69 73.44
N THR LB 218 -133.69 57.49 72.95
CA THR LB 218 -133.89 58.93 72.88
C THR LB 218 -135.02 59.27 71.91
N ALA LB 219 -135.97 60.08 72.38
CA ALA LB 219 -137.10 60.46 71.53
C ALA LB 219 -136.66 61.50 70.51
N LEU LB 220 -137.27 61.43 69.32
CA LEU LB 220 -136.98 62.36 68.23
C LEU LB 220 -138.16 63.25 67.88
N ALA LB 221 -139.36 62.71 67.81
CA ALA LB 221 -140.54 63.47 67.41
C ALA LB 221 -141.77 62.82 67.99
N TYR LB 222 -142.88 63.56 67.98
CA TYR LB 222 -144.10 63.08 68.61
C TYR LB 222 -145.31 63.73 67.96
N SER LB 223 -146.48 63.15 68.23
CA SER LB 223 -147.75 63.71 67.82
C SER LB 223 -148.72 63.61 68.98
N PHE LB 224 -149.65 64.56 69.08
CA PHE LB 224 -150.52 64.64 70.24
C PHE LB 224 -151.93 64.99 69.82
N MET LB 225 -152.88 64.69 70.71
CA MET LB 225 -154.29 64.98 70.52
C MET LB 225 -154.76 65.98 71.56
N ASP LB 226 -155.60 66.93 71.15
CA ASP LB 226 -156.03 67.98 72.04
C ASP LB 226 -157.09 67.50 73.02
N LEU LB 227 -157.24 68.24 74.12
CA LEU LB 227 -158.24 67.94 75.14
C LEU LB 227 -158.93 69.23 75.56
N GLU LB 228 -160.00 69.07 76.34
CA GLU LB 228 -160.79 70.20 76.80
C GLU LB 228 -161.37 69.88 78.17
N ILE LB 229 -161.15 70.77 79.13
CA ILE LB 229 -161.69 70.62 80.48
C ILE LB 229 -163.12 71.12 80.50
N LEU LB 230 -164.05 70.27 80.93
CA LEU LB 230 -165.43 70.71 81.11
C LEU LB 230 -165.52 71.65 82.32
N GLU LB 231 -166.73 72.14 82.59
CA GLU LB 231 -166.98 72.89 83.80
C GLU LB 231 -166.58 72.08 85.03
N ASP LB 232 -166.97 70.81 85.06
CA ASP LB 232 -166.52 69.89 86.09
C ASP LB 232 -165.11 69.41 85.76
N ARG LB 233 -164.61 68.47 86.56
CA ARG LB 233 -163.31 67.87 86.30
C ARG LB 233 -163.30 66.96 85.07
N SER LB 234 -164.47 66.72 84.48
CA SER LB 234 -164.57 65.86 83.30
C SER LB 234 -163.73 66.41 82.15
N LEU LB 235 -163.20 65.49 81.35
CA LEU LB 235 -162.38 65.83 80.19
C LEU LB 235 -163.05 65.34 78.92
N ARG LB 236 -162.84 66.10 77.83
CA ARG LB 236 -163.39 65.75 76.52
C ARG LB 236 -162.29 65.89 75.49
N VAL LB 237 -162.47 65.21 74.36
CA VAL LB 237 -161.52 65.30 73.26
C VAL LB 237 -162.07 66.25 72.22
N SER LB 238 -161.19 67.04 71.61
CA SER LB 238 -161.57 68.06 70.65
C SER LB 238 -160.84 67.85 69.34
N SER LB 239 -161.54 68.05 68.23
CA SER LB 239 -161.00 67.82 66.89
C SER LB 239 -161.22 69.07 66.05
N SER LB 240 -160.13 69.70 65.62
CA SER LB 240 -160.20 70.82 64.69
C SER LB 240 -160.43 70.27 63.29
N ALA LB 241 -161.64 70.45 62.77
CA ALA LB 241 -162.05 69.91 61.47
C ALA LB 241 -161.88 68.38 61.43
N GLY LB 242 -162.06 67.72 62.56
CA GLY LB 242 -161.95 66.28 62.63
C GLY LB 242 -160.54 65.73 62.50
N ALA LB 243 -159.52 66.56 62.72
CA ALA LB 243 -158.14 66.10 62.56
C ALA LB 243 -157.79 65.06 63.62
N MET LB 244 -158.02 65.37 64.89
CA MET LB 244 -157.65 64.52 66.03
C MET LB 244 -156.17 64.19 66.05
N PHE LB 245 -155.36 64.95 65.33
CA PHE LB 245 -153.90 64.76 65.32
C PHE LB 245 -153.28 66.13 65.11
N ASP LB 246 -152.81 66.74 66.20
CA ASP LB 246 -152.28 68.09 66.14
C ASP LB 246 -150.76 68.03 66.06
N SER LB 247 -150.19 68.77 65.11
CA SER LB 247 -148.75 68.84 64.91
C SER LB 247 -148.18 70.19 65.32
N GLY LB 248 -148.91 70.95 66.13
CA GLY LB 248 -148.45 72.27 66.51
C GLY LB 248 -148.32 73.22 65.33
N LYS LB 249 -149.25 73.14 64.39
CA LYS LB 249 -149.22 73.97 63.19
C LYS LB 249 -150.22 75.11 63.31
N ALA LB 250 -149.91 76.22 62.65
CA ALA LB 250 -150.81 77.36 62.63
C ALA LB 250 -152.09 77.02 61.87
N GLU LB 251 -153.19 77.67 62.26
CA GLU LB 251 -154.48 77.41 61.62
C GLU LB 251 -154.44 77.79 60.15
N SER LB 252 -153.81 78.92 59.82
CA SER LB 252 -153.69 79.40 58.44
C SER LB 252 -155.05 79.54 57.76
CA ARG MB 3 -139.36 67.15 47.62
C ARG MB 3 -138.87 65.90 48.34
N PRO MB 4 -139.64 65.44 49.32
CA PRO MB 4 -139.26 64.22 50.05
C PRO MB 4 -139.17 63.02 49.12
N MET MB 5 -138.19 62.16 49.41
CA MET MB 5 -138.00 60.97 48.59
C MET MB 5 -139.22 60.05 48.65
N PHE MB 6 -139.82 59.92 49.83
CA PHE MB 6 -141.01 59.09 49.95
C PHE MB 6 -142.14 59.62 49.08
N ALA MB 7 -142.35 60.94 49.09
CA ALA MB 7 -143.40 61.52 48.26
C ALA MB 7 -143.09 61.33 46.77
N VAL MB 8 -141.83 61.50 46.39
CA VAL MB 8 -141.47 61.31 44.98
C VAL MB 8 -141.72 59.86 44.56
N ALA MB 9 -141.31 58.90 45.39
CA ALA MB 9 -141.53 57.51 45.07
C ALA MB 9 -143.01 57.16 45.01
N VAL MB 10 -143.80 57.73 45.91
CA VAL MB 10 -145.24 57.49 45.90
C VAL MB 10 -145.85 58.02 44.60
N ASN MB 11 -145.43 59.22 44.18
CA ASN MB 11 -145.94 59.77 42.93
C ASN MB 11 -145.53 58.91 41.74
N GLU MB 12 -144.28 58.44 41.73
CA GLU MB 12 -143.83 57.57 40.64
C GLU MB 12 -144.65 56.29 40.58
N PHE MB 13 -144.88 55.67 41.73
CA PHE MB 13 -145.66 54.44 41.77
C PHE MB 13 -147.09 54.68 41.31
N ILE MB 14 -147.71 55.75 41.80
CA ILE MB 14 -149.11 56.00 41.46
C ILE MB 14 -149.25 56.35 40.00
N ARG MB 15 -148.24 56.99 39.40
CA ARG MB 15 -148.29 57.25 37.97
C ARG MB 15 -148.13 55.97 37.18
N SER MB 16 -147.14 55.14 37.54
CA SER MB 16 -146.89 53.91 36.78
C SER MB 16 -148.08 52.96 36.86
N ALA MB 17 -148.67 52.82 38.05
CA ALA MB 17 -149.80 51.93 38.25
C ALA MB 17 -150.87 52.67 39.03
N GLY MB 18 -152.12 52.52 38.60
CA GLY MB 18 -153.23 53.13 39.30
C GLY MB 18 -153.24 54.64 39.31
N GLN MB 19 -153.02 55.26 38.14
CA GLN MB 19 -153.06 56.71 38.05
C GLN MB 19 -154.43 57.25 38.42
N ASP MB 20 -155.48 56.47 38.20
CA ASP MB 20 -156.83 56.83 38.59
C ASP MB 20 -157.28 55.97 39.78
N SER MB 21 -158.19 56.54 40.57
CA SER MB 21 -158.77 55.86 41.73
C SER MB 21 -157.68 55.42 42.71
N LEU MB 22 -156.80 56.35 43.05
CA LEU MB 22 -155.73 56.07 44.00
C LEU MB 22 -155.24 57.39 44.60
N CYS MB 23 -155.02 57.39 45.91
CA CYS MB 23 -154.60 58.58 46.64
C CYS MB 23 -153.23 58.31 47.27
N GLY MB 24 -152.31 59.24 47.07
CA GLY MB 24 -150.99 59.10 47.65
C GLY MB 24 -151.01 59.23 49.16
N VAL MB 25 -150.01 58.63 49.79
CA VAL MB 25 -149.85 58.67 51.25
C VAL MB 25 -149.02 59.90 51.62
N PRO MB 26 -149.47 60.72 52.56
CA PRO MB 26 -148.75 61.95 52.87
C PRO MB 26 -147.34 61.73 53.41
N ASP MB 27 -147.15 60.78 54.32
CA ASP MB 27 -145.84 60.58 54.92
C ASP MB 27 -145.74 59.18 55.49
N ILE MB 28 -144.51 58.76 55.78
CA ILE MB 28 -144.26 57.42 56.29
C ILE MB 28 -144.93 57.24 57.65
N ASN MB 29 -144.87 58.25 58.51
CA ASN MB 29 -145.44 58.13 59.83
C ASN MB 29 -146.95 57.87 59.78
N SER MB 30 -147.65 58.58 58.91
CA SER MB 30 -149.09 58.44 58.79
C SER MB 30 -149.50 57.38 57.78
N SER MB 31 -148.54 56.69 57.17
CA SER MB 31 -148.87 55.63 56.21
C SER MB 31 -149.68 54.53 56.88
N GLY MB 32 -149.37 54.21 58.14
CA GLY MB 32 -150.04 53.11 58.81
C GLY MB 32 -151.48 53.37 59.19
N ASP MB 33 -151.94 54.61 59.06
CA ASP MB 33 -153.32 54.95 59.40
C ASP MB 33 -154.27 54.84 58.22
N PHE MB 34 -153.79 54.39 57.05
CA PHE MB 34 -154.61 54.28 55.86
C PHE MB 34 -154.77 52.82 55.43
N MET MB 35 -154.80 51.91 56.39
CA MET MB 35 -155.07 50.51 56.10
C MET MB 35 -156.57 50.32 55.86
N PRO MB 36 -156.96 49.20 55.24
CA PRO MB 36 -158.39 48.99 54.95
C PRO MB 36 -159.24 49.01 56.20
N LEU MB 37 -160.48 49.46 56.03
CA LEU MB 37 -161.47 49.58 57.11
C LEU MB 37 -161.04 50.63 58.14
N HIS MB 38 -160.61 51.78 57.63
CA HIS MB 38 -160.28 52.93 58.45
C HIS MB 38 -161.13 54.12 58.04
N ILE MB 39 -161.50 54.94 59.02
CA ILE MB 39 -162.32 56.13 58.79
C ILE MB 39 -161.41 57.31 58.55
N ILE MB 40 -161.72 58.11 57.53
CA ILE MB 40 -161.01 59.35 57.24
C ILE MB 40 -162.02 60.45 57.04
N VAL MB 41 -161.57 61.70 57.18
CA VAL MB 41 -162.41 62.87 57.06
C VAL MB 41 -161.98 63.65 55.83
N LYS MB 42 -162.96 64.07 55.03
CA LYS MB 42 -162.71 64.85 53.82
C LYS MB 42 -163.29 66.24 53.99
N GLU MB 43 -162.48 67.25 53.68
CA GLU MB 43 -162.85 68.65 53.80
C GLU MB 43 -162.83 69.28 52.42
N VAL MB 44 -163.91 69.99 52.07
CA VAL MB 44 -164.04 70.62 50.77
C VAL MB 44 -163.12 71.83 50.67
N PRO MB 45 -162.67 72.21 49.48
CA PRO MB 45 -161.77 73.38 49.36
C PRO MB 45 -162.39 74.67 49.88
N LYS MB 46 -163.70 74.85 49.73
CA LYS MB 46 -164.46 76.02 50.14
C LYS MB 46 -164.15 77.26 49.31
N VAL MB 47 -163.21 77.19 48.38
CA VAL MB 47 -162.87 78.32 47.52
C VAL MB 47 -163.19 77.97 46.08
N LEU MB 48 -162.55 76.93 45.57
CA LEU MB 48 -162.78 76.42 44.22
C LEU MB 48 -163.00 74.91 44.32
N PRO MB 49 -164.18 74.48 44.80
CA PRO MB 49 -164.40 73.05 45.00
C PRO MB 49 -164.25 72.22 43.73
N CYS MB 50 -164.66 72.76 42.59
CA CYS MB 50 -164.55 72.03 41.34
C CYS MB 50 -163.17 72.14 40.70
N CYS MB 51 -162.30 73.01 41.22
CA CYS MB 51 -160.97 73.20 40.66
C CYS MB 51 -159.84 72.73 41.56
N ARG MB 52 -160.11 72.48 42.84
CA ARG MB 52 -159.08 72.09 43.80
C ARG MB 52 -159.48 70.78 44.44
N ARG MB 53 -158.49 69.90 44.64
CA ARG MB 53 -158.75 68.62 45.28
C ARG MB 53 -158.97 68.83 46.79
N PRO MB 54 -159.84 68.03 47.40
CA PRO MB 54 -160.16 68.24 48.83
C PRO MB 54 -159.01 67.86 49.75
N LYS MB 55 -159.21 68.04 51.04
CA LYS MB 55 -158.19 67.77 52.06
C LYS MB 55 -158.60 66.53 52.85
N ILE MB 56 -157.67 65.60 53.01
CA ILE MB 56 -157.93 64.32 53.66
C ILE MB 56 -157.22 64.28 55.01
N LYS MB 57 -157.96 63.96 56.06
CA LYS MB 57 -157.48 63.93 57.43
C LYS MB 57 -157.64 62.52 57.98
N ARG MB 58 -156.57 61.98 58.56
CA ARG MB 58 -156.62 60.66 59.17
C ARG MB 58 -157.24 60.73 60.56
N THR MB 59 -157.86 59.64 60.96
CA THR MB 59 -158.47 59.53 62.28
C THR MB 59 -158.10 58.20 62.91
N PRO MB 60 -158.01 58.14 64.25
CA PRO MB 60 -157.68 56.88 64.93
C PRO MB 60 -158.91 56.04 65.22
N TYR MB 61 -159.65 55.68 64.17
CA TYR MB 61 -160.87 54.92 64.31
C TYR MB 61 -160.95 53.85 63.23
N THR MB 62 -161.58 52.74 63.57
CA THR MB 62 -161.96 51.71 62.62
C THR MB 62 -163.47 51.66 62.50
N LEU MB 63 -163.95 50.87 61.53
CA LEU MB 63 -165.37 50.78 61.29
C LEU MB 63 -166.11 50.21 62.51
N ASN MB 64 -165.55 49.16 63.11
CA ASN MB 64 -166.20 48.53 64.25
C ASN MB 64 -166.24 49.48 65.46
N ASP MB 65 -165.20 50.29 65.64
CA ASP MB 65 -165.21 51.26 66.73
C ASP MB 65 -166.22 52.37 66.46
N ILE MB 66 -166.29 52.86 65.22
CA ILE MB 66 -167.19 53.97 64.91
C ILE MB 66 -168.64 53.52 64.91
N LEU MB 67 -168.90 52.23 64.68
CA LEU MB 67 -170.25 51.72 64.59
C LEU MB 67 -170.66 51.04 65.89
N ASP MB 68 -171.92 51.26 66.29
CA ASP MB 68 -172.47 50.54 67.42
C ASP MB 68 -172.53 49.04 67.13
N GLU MB 69 -172.95 48.67 65.92
CA GLU MB 69 -173.04 47.27 65.54
C GLU MB 69 -171.79 46.87 64.77
N PRO MB 70 -171.07 45.83 65.21
CA PRO MB 70 -169.84 45.44 64.50
C PRO MB 70 -170.13 44.80 63.16
N CYS MB 71 -169.11 44.80 62.31
CA CYS MB 71 -169.15 44.24 60.97
C CYS MB 71 -167.97 43.30 60.80
N PRO MB 72 -168.07 42.32 59.90
CA PRO MB 72 -166.91 41.47 59.61
C PRO MB 72 -165.75 42.30 59.09
N ASN MB 73 -164.54 41.91 59.46
CA ASN MB 73 -163.35 42.71 59.17
C ASN MB 73 -162.19 41.89 58.62
N GLN MB 74 -162.42 40.66 58.18
CA GLN MB 74 -161.34 39.85 57.63
C GLN MB 74 -160.80 40.46 56.34
N LEU MB 75 -159.51 40.28 56.11
CA LEU MB 75 -158.82 40.88 54.98
C LEU MB 75 -158.13 39.81 54.15
N LYS MB 76 -157.67 40.20 52.96
CA LYS MB 76 -156.90 39.34 52.08
C LYS MB 76 -155.99 40.22 51.23
N SER MB 77 -154.87 39.64 50.80
CA SER MB 77 -153.88 40.37 50.02
C SER MB 77 -153.49 39.56 48.79
N SER MB 78 -153.13 40.28 47.73
CA SER MB 78 -152.71 39.66 46.48
C SER MB 78 -151.77 40.61 45.75
N ASP MB 79 -150.93 40.04 44.89
CA ASP MB 79 -149.93 40.84 44.20
C ASP MB 79 -150.58 41.83 43.24
N LEU MB 80 -149.95 43.00 43.11
CA LEU MB 80 -150.45 44.05 42.23
C LEU MB 80 -149.48 44.40 41.12
N VAL MB 81 -148.22 44.70 41.44
CA VAL MB 81 -147.21 45.07 40.45
C VAL MB 81 -145.84 44.73 41.02
N THR MB 82 -144.86 44.62 40.14
CA THR MB 82 -143.51 44.23 40.51
C THR MB 82 -142.51 45.07 39.73
N PHE MB 83 -141.73 45.89 40.44
CA PHE MB 83 -140.67 46.69 39.83
C PHE MB 83 -139.40 45.85 39.81
N THR MB 84 -139.09 45.27 38.66
CA THR MB 84 -137.94 44.36 38.57
C THR MB 84 -136.63 45.10 38.78
N GLU MB 85 -136.52 46.33 38.28
CA GLU MB 85 -135.30 47.09 38.41
C GLU MB 85 -135.60 48.46 39.01
N PRO MB 86 -134.62 49.04 39.71
CA PRO MB 86 -134.87 50.34 40.36
C PRO MB 86 -135.17 51.44 39.35
N LEU MB 87 -136.07 52.34 39.73
CA LEU MB 87 -136.31 53.56 38.98
C LEU MB 87 -135.12 54.50 39.19
N VAL MB 88 -134.43 54.83 38.10
CA VAL MB 88 -133.20 55.62 38.15
C VAL MB 88 -133.43 56.90 37.37
N SER MB 89 -133.06 58.03 37.97
CA SER MB 89 -133.21 59.34 37.33
C SER MB 89 -131.91 60.12 37.48
N ASN MB 90 -131.50 60.78 36.41
CA ASN MB 90 -130.31 61.60 36.38
C ASN MB 90 -130.63 62.95 35.75
N VAL MB 91 -130.18 64.03 36.38
CA VAL MB 91 -130.30 65.38 35.84
C VAL MB 91 -128.94 66.04 35.96
N LYS MB 92 -128.50 66.69 34.89
CA LYS MB 92 -127.20 67.35 34.87
C LYS MB 92 -127.33 68.65 34.11
N ALA MB 93 -127.17 69.76 34.81
CA ALA MB 93 -127.28 71.09 34.20
C ALA MB 93 -125.98 71.86 34.40
N SER MB 94 -125.65 72.70 33.44
CA SER MB 94 -124.47 73.54 33.52
C SER MB 94 -124.67 74.77 32.66
N SER MB 95 -124.40 75.95 33.22
CA SER MB 95 -124.64 77.20 32.52
C SER MB 95 -123.54 78.20 32.87
N SER MB 96 -123.35 79.16 31.97
CA SER MB 96 -122.37 80.21 32.16
C SER MB 96 -122.88 81.50 31.53
N ILE MB 97 -122.62 82.61 32.19
CA ILE MB 97 -123.07 83.93 31.75
C ILE MB 97 -121.88 84.87 31.78
N GLY MB 98 -121.73 85.66 30.72
CA GLY MB 98 -120.68 86.67 30.65
C GLY MB 98 -121.21 88.01 30.18
N LEU MB 99 -121.08 89.05 31.01
CA LEU MB 99 -121.57 90.38 30.69
C LEU MB 99 -120.39 91.34 30.69
N GLN MB 100 -120.33 92.19 29.66
CA GLN MB 100 -119.29 93.21 29.58
C GLN MB 100 -119.92 94.53 29.14
N ILE MB 101 -119.62 95.59 29.88
CA ILE MB 101 -120.03 96.95 29.53
C ILE MB 101 -118.74 97.75 29.32
N LEU MB 102 -118.37 97.93 28.05
CA LEU MB 102 -117.20 98.71 27.63
C LEU MB 102 -115.97 98.16 28.35
N LYS MB 103 -115.11 99.00 28.92
CA LYS MB 103 -114.06 98.56 29.81
C LYS MB 103 -114.35 98.95 31.26
N HIS MB 104 -115.63 99.16 31.59
CA HIS MB 104 -116.04 99.58 32.91
C HIS MB 104 -116.68 98.48 33.74
N PHE MB 105 -117.38 97.54 33.12
CA PHE MB 105 -118.02 96.46 33.85
C PHE MB 105 -117.68 95.13 33.19
N ASP MB 106 -117.38 94.12 34.00
CA ASP MB 106 -117.06 92.79 33.47
C ASP MB 106 -117.44 91.74 34.51
N SER MB 107 -118.51 91.00 34.28
CA SER MB 107 -118.97 89.99 35.21
C SER MB 107 -119.01 88.63 34.51
N GLY MB 108 -118.52 87.60 35.20
CA GLY MB 108 -118.60 86.25 34.71
C GLY MB 108 -119.11 85.28 35.76
N ALA MB 109 -120.24 84.65 35.50
CA ALA MB 109 -120.83 83.72 36.44
C ALA MB 109 -120.99 82.35 35.78
N LYS MB 110 -121.03 81.31 36.60
CA LYS MB 110 -121.22 79.97 36.09
C LYS MB 110 -121.79 79.10 37.20
N GLY MB 111 -122.58 78.12 36.80
CA GLY MB 111 -123.20 77.22 37.75
C GLY MB 111 -123.34 75.83 37.16
N SER MB 112 -123.40 74.84 38.05
CA SER MB 112 -123.57 73.45 37.63
C SER MB 112 -124.32 72.69 38.70
N LYS MB 113 -125.04 71.66 38.29
CA LYS MB 113 -125.85 70.87 39.20
C LYS MB 113 -125.93 69.44 38.67
N ASN MB 114 -125.80 68.48 39.57
CA ASN MB 114 -125.91 67.06 39.26
C ASN MB 114 -126.77 66.39 40.31
N PHE MB 115 -127.87 65.80 39.87
CA PHE MB 115 -128.89 65.23 40.75
C PHE MB 115 -129.17 63.80 40.32
N ILE MB 116 -129.07 62.86 41.26
CA ILE MB 116 -129.25 61.44 40.96
C ILE MB 116 -130.24 60.85 41.97
N THR MB 117 -131.18 60.06 41.47
CA THR MB 117 -132.19 59.44 42.31
C THR MB 117 -132.35 57.97 41.93
N SER MB 118 -132.56 57.12 42.93
CA SER MB 118 -132.79 55.69 42.70
C SER MB 118 -133.81 55.20 43.71
N ALA MB 119 -134.86 54.53 43.22
CA ALA MB 119 -135.90 53.98 44.08
C ALA MB 119 -136.11 52.51 43.74
N SER MB 120 -136.02 51.66 44.75
CA SER MB 120 -136.22 50.21 44.60
C SER MB 120 -137.38 49.82 45.50
N LEU MB 121 -138.56 49.64 44.90
CA LEU MB 121 -139.77 49.29 45.63
C LEU MB 121 -140.04 47.80 45.66
N GLY MB 122 -139.29 46.99 44.93
CA GLY MB 122 -139.50 45.56 44.96
C GLY MB 122 -140.88 45.19 44.46
N THR MB 123 -141.63 44.46 45.28
CA THR MB 123 -142.97 43.99 44.95
C THR MB 123 -143.99 44.75 45.78
N VAL MB 124 -145.08 45.17 45.14
CA VAL MB 124 -146.17 45.88 45.79
C VAL MB 124 -147.40 44.98 45.75
N VAL MB 125 -148.03 44.79 46.91
CA VAL MB 125 -149.24 43.99 47.01
C VAL MB 125 -150.40 44.90 47.38
N LYS MB 126 -151.62 44.38 47.22
CA LYS MB 126 -152.84 45.09 47.54
C LYS MB 126 -153.61 44.29 48.57
N ALA MB 127 -154.06 44.98 49.61
CA ALA MB 127 -154.83 44.37 50.70
C ALA MB 127 -156.21 45.00 50.75
N GLU MB 128 -157.22 44.15 50.93
CA GLU MB 128 -158.60 44.59 50.90
C GLU MB 128 -159.47 43.56 51.60
N THR MB 129 -160.68 43.98 51.97
CA THR MB 129 -161.61 43.10 52.64
C THR MB 129 -161.94 41.90 51.74
N ILE MB 130 -162.13 40.74 52.36
CA ILE MB 130 -162.47 39.54 51.60
C ILE MB 130 -163.81 39.72 50.88
N ASP MB 131 -164.80 40.26 51.58
CA ASP MB 131 -166.11 40.52 50.99
C ASP MB 131 -166.53 41.93 51.38
N ILE MB 132 -166.69 42.79 50.38
CA ILE MB 132 -167.08 44.18 50.64
C ILE MB 132 -168.59 44.34 50.67
N THR MB 133 -169.33 43.47 49.96
CA THR MB 133 -170.78 43.58 49.93
C THR MB 133 -171.37 43.38 51.32
N LYS MB 134 -170.87 42.40 52.08
CA LYS MB 134 -171.36 42.18 53.43
C LYS MB 134 -171.07 43.39 54.32
N VAL MB 135 -169.87 43.94 54.22
CA VAL MB 135 -169.51 45.12 55.00
C VAL MB 135 -170.44 46.27 54.67
N LEU MB 136 -170.71 46.49 53.38
CA LEU MB 136 -171.61 47.58 52.99
C LEU MB 136 -173.01 47.35 53.52
N ALA MB 137 -173.52 46.13 53.43
CA ALA MB 137 -174.86 45.84 53.93
C ALA MB 137 -174.95 46.11 55.41
N LYS MB 138 -173.99 45.60 56.18
CA LYS MB 138 -173.99 45.82 57.63
C LYS MB 138 -173.87 47.30 57.98
N VAL MB 139 -173.04 48.03 57.24
CA VAL MB 139 -172.93 49.48 57.48
C VAL MB 139 -174.28 50.14 57.29
N ARG MB 140 -174.94 49.83 56.17
CA ARG MB 140 -176.22 50.45 55.87
C ARG MB 140 -177.27 50.12 56.93
N THR MB 141 -177.21 48.90 57.48
CA THR MB 141 -178.18 48.50 58.49
C THR MB 141 -177.72 48.80 59.91
N ALA MB 142 -176.55 49.40 60.10
CA ALA MB 142 -176.00 49.63 61.43
C ALA MB 142 -175.96 51.13 61.73
N LYS MB 143 -176.10 51.46 63.01
CA LYS MB 143 -176.04 52.84 63.47
C LYS MB 143 -174.68 53.16 64.08
N ALA MB 144 -174.26 54.42 63.93
CA ALA MB 144 -172.98 54.86 64.44
C ALA MB 144 -173.03 54.97 65.97
N LYS MB 145 -171.85 55.16 66.57
CA LYS MB 145 -171.74 55.27 68.02
C LYS MB 145 -172.21 56.64 68.48
N VAL MB 146 -173.24 56.65 69.33
CA VAL MB 146 -173.77 57.92 69.85
C VAL MB 146 -172.72 58.63 70.68
N GLU MB 147 -171.93 57.88 71.46
CA GLU MB 147 -170.90 58.49 72.30
C GLU MB 147 -169.85 59.22 71.47
N ASN MB 148 -169.52 58.71 70.29
CA ASN MB 148 -168.45 59.29 69.48
C ASN MB 148 -168.75 60.74 69.14
N ASP MB 149 -167.74 61.59 69.28
CA ASP MB 149 -167.87 63.02 69.01
C ASP MB 149 -167.60 63.36 67.56
N LEU MB 150 -166.67 62.65 66.92
CA LEU MB 150 -166.34 62.90 65.52
C LEU MB 150 -167.56 62.78 64.62
N VAL MB 151 -168.36 61.72 64.83
CA VAL MB 151 -169.55 61.51 64.02
C VAL MB 151 -170.50 62.69 64.17
N SER MB 152 -170.72 63.14 65.40
CA SER MB 152 -171.61 64.28 65.63
C SER MB 152 -171.08 65.54 64.97
N ARG MB 153 -169.77 65.77 65.07
CA ARG MB 153 -169.17 66.92 64.40
C ARG MB 153 -169.43 66.88 62.90
N VAL MB 154 -169.16 65.73 62.27
CA VAL MB 154 -169.36 65.60 60.83
C VAL MB 154 -170.84 65.76 60.48
N MET MB 155 -171.73 65.28 61.33
CA MET MB 155 -173.16 65.41 61.08
C MET MB 155 -173.59 66.88 61.11
N LYS MB 156 -173.12 67.62 62.11
CA LYS MB 156 -173.56 69.01 62.23
C LYS MB 156 -172.92 69.90 61.17
N THR MB 157 -171.67 69.61 60.81
CA THR MB 157 -171.00 70.40 59.78
C THR MB 157 -171.41 69.91 58.39
N LYS MB 158 -171.32 70.82 57.42
CA LYS MB 158 -171.68 70.51 56.04
C LYS MB 158 -170.48 70.24 55.14
N ARG MB 159 -169.32 70.82 55.46
CA ARG MB 159 -168.15 70.59 54.64
C ARG MB 159 -167.57 69.20 54.87
N LEU MB 160 -167.54 68.76 56.13
CA LEU MB 160 -166.91 67.50 56.47
C LEU MB 160 -167.69 66.31 55.93
N CYS MB 161 -166.96 65.31 55.44
CA CYS MB 161 -167.54 64.06 54.98
C CYS MB 161 -166.71 62.90 55.51
N LEU MB 162 -167.34 61.74 55.65
CA LEU MB 162 -166.67 60.55 56.15
C LEU MB 162 -166.35 59.60 54.99
N GLY MB 163 -165.20 58.95 55.09
CA GLY MB 163 -164.81 57.99 54.07
C GLY MB 163 -164.21 56.72 54.66
N LEU MB 164 -164.62 55.57 54.15
CA LEU MB 164 -164.13 54.28 54.60
C LEU MB 164 -163.10 53.78 53.59
N VAL MB 165 -161.90 53.48 54.07
CA VAL MB 165 -160.83 52.98 53.20
C VAL MB 165 -161.07 51.51 52.91
N VAL MB 166 -161.00 51.13 51.64
CA VAL MB 166 -161.37 49.80 51.21
C VAL MB 166 -160.22 49.01 50.58
N GLU MB 167 -159.16 49.65 50.11
CA GLU MB 167 -158.04 48.92 49.55
C GLU MB 167 -156.76 49.72 49.75
N THR MB 168 -155.65 49.02 49.98
CA THR MB 168 -154.39 49.67 50.26
C THR MB 168 -153.25 48.95 49.57
N ALA MB 169 -152.31 49.72 49.01
CA ALA MB 169 -151.13 49.18 48.36
C ALA MB 169 -149.95 49.28 49.30
N CYS MB 170 -149.30 48.14 49.58
CA CYS MB 170 -148.21 48.06 50.54
C CYS MB 170 -147.03 47.30 49.95
N VAL MB 171 -145.83 47.70 50.34
CA VAL MB 171 -144.62 47.03 49.86
C VAL MB 171 -144.47 45.69 50.59
N ALA MB 172 -144.23 44.63 49.82
CA ALA MB 172 -144.07 43.31 50.43
C ALA MB 172 -142.74 43.20 51.18
N ALA MB 173 -141.67 43.79 50.65
CA ALA MB 173 -140.36 43.73 51.26
C ALA MB 173 -139.83 45.14 51.47
N ALA MB 174 -138.61 45.22 52.01
CA ALA MB 174 -138.01 46.52 52.29
C ALA MB 174 -137.75 47.29 51.00
N GLY MB 175 -138.00 48.59 51.04
CA GLY MB 175 -137.79 49.47 49.89
C GLY MB 175 -136.67 50.45 50.15
N LYS MB 176 -135.82 50.65 49.14
CA LYS MB 176 -134.63 51.47 49.29
C LYS MB 176 -134.73 52.73 48.45
N LEU MB 177 -134.47 53.89 49.07
CA LEU MB 177 -134.53 55.17 48.39
C LEU MB 177 -133.21 55.90 48.58
N THR MB 178 -132.55 56.25 47.47
CA THR MB 178 -131.25 56.90 47.50
C THR MB 178 -131.27 58.17 46.65
N GLU MB 179 -130.65 59.23 47.16
CA GLU MB 179 -130.59 60.51 46.47
C GLU MB 179 -129.22 61.13 46.68
N ALA MB 180 -128.65 61.69 45.60
CA ALA MB 180 -127.37 62.37 45.65
C ALA MB 180 -127.47 63.70 44.92
N ASP MB 181 -126.91 64.75 45.51
CA ASP MB 181 -126.96 66.10 44.97
C ASP MB 181 -125.57 66.70 45.04
N ASN MB 182 -125.13 67.35 43.96
CA ASN MB 182 -123.86 68.06 43.93
C ASN MB 182 -124.03 69.29 43.06
N TRP MB 183 -123.99 70.48 43.66
CA TRP MB 183 -124.13 71.68 42.86
C TRP MB 183 -123.08 72.71 43.26
N GLU MB 184 -122.75 73.59 42.31
CA GLU MB 184 -121.62 74.50 42.45
C GLU MB 184 -121.91 75.81 41.74
N ILE MB 185 -121.49 76.92 42.35
CA ILE MB 185 -121.64 78.26 41.81
C ILE MB 185 -120.30 78.97 41.89
N SER MB 186 -119.89 79.61 40.79
CA SER MB 186 -118.66 80.39 40.75
C SER MB 186 -118.94 81.71 40.04
N GLY MB 187 -118.76 82.82 40.75
CA GLY MB 187 -119.03 84.12 40.19
C GLY MB 187 -117.88 85.07 40.39
N HIS MB 188 -117.76 86.02 39.45
CA HIS MB 188 -116.69 87.01 39.47
C HIS MB 188 -117.21 88.32 38.92
N THR MB 189 -116.80 89.42 39.54
CA THR MB 189 -117.24 90.76 39.17
C THR MB 189 -116.05 91.70 39.16
N ASN MB 190 -115.95 92.54 38.13
CA ASN MB 190 -114.88 93.52 37.99
C ASN MB 190 -115.51 94.84 37.57
N ALA MB 191 -115.52 95.81 38.48
CA ALA MB 191 -116.00 97.15 38.20
C ALA MB 191 -114.79 98.09 38.15
N ASN MB 192 -114.43 98.50 36.94
CA ASN MB 192 -113.30 99.40 36.71
C ASN MB 192 -113.83 100.79 36.44
N ILE MB 193 -113.40 101.75 37.27
CA ILE MB 193 -113.76 103.15 37.11
C ILE MB 193 -112.47 103.96 37.10
N GLY MB 194 -112.57 105.21 36.63
CA GLY MB 194 -111.39 106.05 36.52
C GLY MB 194 -110.65 106.23 37.83
N GLU MB 195 -111.37 106.25 38.95
CA GLU MB 195 -110.75 106.43 40.26
C GLU MB 195 -111.06 105.28 41.22
N ALA MB 196 -111.66 104.18 40.74
CA ALA MB 196 -112.01 103.07 41.60
C ALA MB 196 -111.92 101.77 40.82
N VAL MB 197 -111.37 100.74 41.46
CA VAL MB 197 -111.27 99.40 40.89
C VAL MB 197 -111.76 98.42 41.95
N VAL MB 198 -112.79 97.64 41.61
CA VAL MB 198 -113.36 96.64 42.50
C VAL MB 198 -113.30 95.28 41.82
N THR MB 199 -112.75 94.28 42.50
CA THR MB 199 -112.64 92.92 41.97
C THR MB 199 -113.13 91.95 43.04
N ALA MB 200 -114.30 91.37 42.81
CA ALA MB 200 -114.92 90.44 43.74
C ALA MB 200 -115.02 89.05 43.11
N THR MB 201 -114.91 88.03 43.94
CA THR MB 201 -114.99 86.64 43.48
C THR MB 201 -115.62 85.80 44.58
N ALA MB 202 -116.48 84.86 44.20
CA ALA MB 202 -117.13 83.98 45.16
C ALA MB 202 -117.35 82.60 44.56
N GLU MB 203 -116.91 81.57 45.28
CA GLU MB 203 -117.08 80.20 44.86
C GLU MB 203 -117.69 79.40 46.00
N LEU MB 204 -118.66 78.55 45.67
CA LEU MB 204 -119.22 77.66 46.67
C LEU MB 204 -119.75 76.40 45.98
N ASP MB 205 -119.88 75.34 46.77
CA ASP MB 205 -120.39 74.07 46.25
C ASP MB 205 -120.91 73.24 47.41
N LYS MB 206 -122.07 72.62 47.21
CA LYS MB 206 -122.74 71.81 48.22
C LYS MB 206 -122.92 70.40 47.70
N ASN MB 207 -122.69 69.42 48.58
CA ASN MB 207 -122.85 68.00 48.28
C ASN MB 207 -123.70 67.37 49.37
N LEU MB 208 -124.74 66.64 48.96
CA LEU MB 208 -125.64 65.95 49.87
C LEU MB 208 -125.90 64.53 49.38
N SER MB 209 -126.20 63.65 50.33
CA SER MB 209 -126.54 62.27 50.00
C SER MB 209 -127.45 61.72 51.09
N ARG MB 210 -128.62 61.22 50.71
CA ARG MB 210 -129.59 60.69 51.65
C ARG MB 210 -130.02 59.31 51.19
N LYS MB 211 -129.94 58.32 52.09
CA LYS MB 211 -130.30 56.94 51.77
C LYS MB 211 -131.14 56.37 52.90
N ILE MB 212 -132.36 55.94 52.59
CA ILE MB 212 -133.28 55.40 53.59
C ILE MB 212 -133.85 54.09 53.08
N GLU MB 213 -134.49 53.36 54.00
CA GLU MB 213 -135.07 52.05 53.70
C GLU MB 213 -136.36 51.89 54.49
N ILE MB 214 -137.48 51.95 53.78
CA ILE MB 214 -138.79 51.73 54.42
C ILE MB 214 -138.98 50.24 54.66
N PRO MB 215 -139.58 49.85 55.78
CA PRO MB 215 -139.71 48.44 56.12
C PRO MB 215 -140.90 47.81 55.43
N PRO MB 216 -140.99 46.49 55.40
CA PRO MB 216 -142.15 45.83 54.78
C PRO MB 216 -143.44 46.21 55.48
N GLY MB 217 -144.51 46.33 54.70
CA GLY MB 217 -145.82 46.66 55.21
C GLY MB 217 -146.19 48.13 55.12
N THR MB 218 -145.24 48.99 54.74
CA THR MB 218 -145.54 50.42 54.63
C THR MB 218 -146.54 50.68 53.52
N ALA MB 219 -147.60 51.42 53.85
CA ALA MB 219 -148.63 51.72 52.87
C ALA MB 219 -148.13 52.79 51.89
N LEU MB 220 -148.58 52.67 50.64
CA LEU MB 220 -148.22 53.63 49.60
C LEU MB 220 -149.40 54.44 49.08
N ALA MB 221 -150.55 53.81 48.87
CA ALA MB 221 -151.70 54.50 48.31
C ALA MB 221 -152.96 53.76 48.73
N TYR MB 222 -154.10 54.43 48.57
CA TYR MB 222 -155.35 53.88 49.05
C TYR MB 222 -156.51 54.45 48.24
N SER MB 223 -157.66 53.80 48.37
CA SER MB 223 -158.91 54.27 47.80
C SER MB 223 -160.01 54.11 48.83
N PHE MB 224 -161.00 55.01 48.80
CA PHE MB 224 -162.02 55.03 49.83
C PHE MB 224 -163.39 55.28 49.23
N MET MB 225 -164.41 54.93 50.00
CA MET MB 225 -165.81 55.13 49.64
C MET MB 225 -166.47 56.10 50.60
N ASP MB 226 -167.30 56.99 50.07
CA ASP MB 226 -167.91 58.02 50.88
C ASP MB 226 -169.06 57.47 51.73
N LEU MB 227 -169.39 58.20 52.79
CA LEU MB 227 -170.49 57.84 53.68
C LEU MB 227 -171.31 59.09 53.99
N GLU MB 228 -172.45 58.86 54.64
CA GLU MB 228 -173.37 59.94 54.99
C GLU MB 228 -174.09 59.59 56.26
N ILE MB 229 -174.06 60.49 57.24
CA ILE MB 229 -174.75 60.31 58.51
C ILE MB 229 -176.21 60.72 58.34
N LEU MB 230 -177.14 59.82 58.66
CA LEU MB 230 -178.54 60.17 58.65
C LEU MB 230 -178.84 61.09 59.84
N GLU MB 231 -180.11 61.51 59.94
CA GLU MB 231 -180.56 62.25 61.11
C GLU MB 231 -180.27 61.47 62.39
N ASP MB 232 -180.58 60.18 62.39
CA ASP MB 232 -180.20 59.29 63.46
C ASP MB 232 -178.73 58.90 63.33
N ARG MB 233 -178.28 58.00 64.20
CA ARG MB 233 -176.92 57.48 64.11
C ARG MB 233 -176.71 56.57 62.90
N SER MB 234 -177.77 56.25 62.17
CA SER MB 234 -177.66 55.39 61.00
C SER MB 234 -176.72 55.98 59.96
N LEU MB 235 -176.03 55.10 59.24
CA LEU MB 235 -175.10 55.49 58.19
C LEU MB 235 -175.56 54.95 56.85
N ARG MB 236 -175.28 55.72 55.79
CA ARG MB 236 -175.63 55.33 54.43
C ARG MB 236 -174.42 55.54 53.53
N VAL MB 237 -174.41 54.84 52.40
CA VAL MB 237 -173.33 54.99 51.44
C VAL MB 237 -173.80 55.90 50.31
N SER MB 238 -172.90 56.74 49.81
CA SER MB 238 -173.23 57.73 48.80
C SER MB 238 -172.32 57.56 47.59
N SER MB 239 -172.89 57.71 46.40
CA SER MB 239 -172.16 57.52 45.16
C SER MB 239 -172.36 58.75 44.27
N SER MB 240 -171.27 59.45 43.99
CA SER MB 240 -171.29 60.55 43.04
C SER MB 240 -171.30 59.99 41.62
N ALA MB 241 -172.45 60.08 40.95
CA ALA MB 241 -172.65 59.52 39.62
C ALA MB 241 -172.38 58.01 39.62
N GLY MB 242 -172.66 57.34 40.73
CA GLY MB 242 -172.47 55.91 40.83
C GLY MB 242 -171.02 55.45 40.88
N ALA MB 243 -170.09 56.35 41.22
CA ALA MB 243 -168.68 55.97 41.23
C ALA MB 243 -168.40 54.95 42.34
N MET MB 244 -168.82 55.26 43.57
CA MET MB 244 -168.54 54.44 44.75
C MET MB 244 -167.05 54.20 44.97
N PHE MB 245 -166.19 55.01 44.35
CA PHE MB 245 -164.75 54.92 44.54
C PHE MB 245 -164.19 56.32 44.39
N ASP MB 246 -163.90 56.96 45.51
CA ASP MB 246 -163.45 58.35 45.51
C ASP MB 246 -161.93 58.39 45.63
N SER MB 247 -161.30 59.16 44.75
CA SER MB 247 -159.85 59.31 44.73
C SER MB 247 -159.43 60.70 45.19
N GLY MB 248 -160.29 61.42 45.90
CA GLY MB 248 -159.98 62.77 46.32
C GLY MB 248 -159.76 63.72 45.16
N LYS MB 249 -160.56 63.58 44.10
CA LYS MB 249 -160.43 64.41 42.91
C LYS MB 249 -161.51 65.48 42.89
N ALA MB 250 -161.19 66.59 42.24
CA ALA MB 250 -162.14 67.68 42.10
C ALA MB 250 -163.30 67.25 41.20
N GLU MB 251 -164.47 67.84 41.44
CA GLU MB 251 -165.65 67.50 40.65
C GLU MB 251 -165.45 67.87 39.18
N SER MB 252 -164.85 69.03 38.92
CA SER MB 252 -164.59 69.52 37.57
C SER MB 252 -165.86 69.56 36.72
CA ARG NB 3 -148.26 58.20 28.82
C ARG NB 3 -147.80 56.98 29.61
N PRO NB 4 -148.66 56.48 30.49
CA PRO NB 4 -148.30 55.29 31.28
C PRO NB 4 -148.02 54.10 30.39
N MET NB 5 -147.02 53.29 30.80
CA MET NB 5 -146.65 52.12 30.02
C MET NB 5 -147.81 51.12 29.94
N PHE NB 6 -148.54 50.96 31.04
CA PHE NB 6 -149.68 50.05 31.01
C PHE NB 6 -150.73 50.51 30.00
N ALA NB 7 -151.03 51.81 29.97
CA ALA NB 7 -151.99 52.32 29.00
C ALA NB 7 -151.49 52.15 27.58
N VAL NB 8 -150.20 52.39 27.35
CA VAL NB 8 -149.64 52.22 26.01
C VAL NB 8 -149.75 50.76 25.57
N ALA NB 9 -149.40 49.83 26.46
CA ALA NB 9 -149.48 48.43 26.12
C ALA NB 9 -150.91 47.99 25.89
N VAL NB 10 -151.85 48.51 26.68
CA VAL NB 10 -153.26 48.17 26.47
C VAL NB 10 -153.73 48.66 25.11
N ASN NB 11 -153.34 49.88 24.74
CA ASN NB 11 -153.71 50.39 23.42
C ASN NB 11 -153.11 49.56 22.30
N GLU NB 12 -151.83 49.17 22.45
CA GLU NB 12 -151.20 48.33 21.44
C GLU NB 12 -151.92 47.00 21.29
N PHE NB 13 -152.26 46.37 22.41
CA PHE NB 13 -152.95 45.09 22.36
C PHE NB 13 -154.33 45.24 21.73
N ILE NB 14 -155.08 46.27 22.13
CA ILE NB 14 -156.43 46.42 21.61
C ILE NB 14 -156.41 46.76 20.13
N ARG NB 15 -155.37 47.46 19.66
CA ARG NB 15 -155.25 47.71 18.23
C ARG NB 15 -154.91 46.44 17.48
N SER NB 16 -153.93 45.68 17.97
CA SER NB 16 -153.50 44.47 17.27
C SER NB 16 -154.63 43.44 17.21
N ALA NB 17 -155.35 43.26 18.31
CA ALA NB 17 -156.45 42.30 18.37
C ALA NB 17 -157.66 42.97 19.01
N GLY NB 18 -158.83 42.75 18.42
CA GLY NB 18 -160.06 43.28 18.97
C GLY NB 18 -160.16 44.79 18.96
N GLN NB 19 -159.83 45.42 17.83
CA GLN NB 19 -159.95 46.87 17.72
C GLN NB 19 -161.39 47.32 17.90
N ASP NB 20 -162.35 46.47 17.56
CA ASP NB 20 -163.76 46.74 17.77
C ASP NB 20 -164.30 45.86 18.90
N SER NB 21 -165.33 46.37 19.56
CA SER NB 21 -166.02 45.65 20.64
C SER NB 21 -165.05 45.30 21.77
N LEU NB 22 -164.26 46.28 22.21
CA LEU NB 22 -163.31 46.07 23.28
C LEU NB 22 -162.98 47.42 23.93
N CYS NB 23 -162.94 47.45 25.25
CA CYS NB 23 -162.68 48.66 26.02
C CYS NB 23 -161.40 48.49 26.82
N GLY NB 24 -160.51 49.47 26.72
CA GLY NB 24 -159.28 49.42 27.47
C GLY NB 24 -159.49 49.55 28.97
N VAL NB 25 -158.54 49.02 29.73
CA VAL NB 25 -158.58 49.07 31.18
C VAL NB 25 -157.88 50.35 31.64
N PRO NB 26 -158.50 51.14 32.52
CA PRO NB 26 -157.89 52.42 32.90
C PRO NB 26 -156.56 52.30 33.61
N ASP NB 27 -156.43 51.37 34.56
CA ASP NB 27 -155.19 51.25 35.32
C ASP NB 27 -155.09 49.87 35.92
N ILE NB 28 -153.87 49.52 36.36
CA ILE NB 28 -153.60 48.21 36.92
C ILE NB 28 -154.42 47.98 38.17
N ASN NB 29 -154.55 49.00 39.02
CA ASN NB 29 -155.28 48.85 40.27
C ASN NB 29 -156.73 48.49 40.02
N SER NB 30 -157.37 49.15 39.06
CA SER NB 30 -158.78 48.91 38.77
C SER NB 30 -158.98 47.83 37.72
N SER NB 31 -157.91 47.20 37.24
CA SER NB 31 -158.05 46.13 36.28
C SER NB 31 -158.86 44.96 36.84
N GLY NB 32 -158.70 44.68 38.13
CA GLY NB 32 -159.37 43.54 38.73
C GLY NB 32 -160.86 43.71 38.92
N ASP NB 33 -161.39 44.91 38.72
CA ASP NB 33 -162.82 45.16 38.87
C ASP NB 33 -163.60 44.99 37.59
N PHE NB 34 -162.94 44.57 36.50
CA PHE NB 34 -163.60 44.40 35.21
C PHE NB 34 -163.60 42.94 34.78
N MET NB 35 -163.70 42.02 35.73
CA MET NB 35 -163.85 40.61 35.44
C MET NB 35 -165.28 40.32 35.00
N PRO NB 36 -165.52 39.18 34.36
CA PRO NB 36 -166.89 38.88 33.89
C PRO NB 36 -167.89 38.84 35.02
N LEU NB 37 -169.13 39.21 34.69
CA LEU NB 37 -170.25 39.27 35.63
C LEU NB 37 -170.02 40.35 36.70
N HIS NB 38 -169.61 41.53 36.23
CA HIS NB 38 -169.45 42.70 37.08
C HIS NB 38 -170.32 43.83 36.55
N ILE NB 39 -170.86 44.62 37.46
CA ILE NB 39 -171.72 45.76 37.12
C ILE NB 39 -170.86 47.00 36.99
N ILE NB 40 -171.09 47.77 35.93
CA ILE NB 40 -170.42 49.05 35.70
C ILE NB 40 -171.48 50.08 35.37
N VAL NB 41 -171.12 51.36 35.56
CA VAL NB 41 -172.02 52.48 35.31
C VAL NB 41 -171.49 53.28 34.14
N LYS NB 42 -172.38 53.63 33.22
CA LYS NB 42 -172.03 54.41 32.04
C LYS NB 42 -172.71 55.77 32.12
N GLU NB 43 -171.93 56.83 31.91
CA GLU NB 43 -172.41 58.20 31.95
C GLU NB 43 -172.25 58.83 30.58
N VAL NB 44 -173.31 59.46 30.09
CA VAL NB 44 -173.33 60.08 28.77
C VAL NB 44 -172.48 61.35 28.79
N PRO NB 45 -171.90 61.75 27.65
CA PRO NB 45 -171.07 62.98 27.64
C PRO NB 45 -171.82 64.23 28.06
N LYS NB 46 -173.12 64.32 27.74
CA LYS NB 46 -174.00 65.44 28.04
C LYS NB 46 -173.67 66.69 27.24
N VAL NB 47 -172.61 66.68 26.44
CA VAL NB 47 -172.25 67.83 25.62
C VAL NB 47 -172.35 67.46 24.15
N LEU NB 48 -171.59 66.46 23.74
CA LEU NB 48 -171.61 65.93 22.37
C LEU NB 48 -171.75 64.41 22.47
N PRO NB 49 -172.94 63.91 22.80
CA PRO NB 49 -173.10 62.46 22.98
C PRO NB 49 -172.74 61.64 21.76
N CYS NB 50 -173.03 62.15 20.56
CA CYS NB 50 -172.71 61.42 19.34
C CYS NB 50 -171.27 61.63 18.89
N CYS NB 51 -170.53 62.54 19.50
CA CYS NB 51 -169.17 62.82 19.11
C CYS NB 51 -168.13 62.43 20.16
N ARG NB 52 -168.54 62.17 21.39
CA ARG NB 52 -167.62 61.84 22.47
C ARG NB 52 -168.00 60.51 23.09
N ARG NB 53 -167.01 59.70 23.41
CA ARG NB 53 -167.26 58.41 24.04
C ARG NB 53 -167.68 58.61 25.49
N PRO NB 54 -168.57 57.76 26.00
CA PRO NB 54 -169.08 57.95 27.37
C PRO NB 54 -168.04 57.65 28.43
N LYS NB 55 -168.41 57.82 29.69
CA LYS NB 55 -167.51 57.61 30.83
C LYS NB 55 -167.94 56.35 31.58
N ILE NB 56 -166.97 55.49 31.87
CA ILE NB 56 -167.24 54.19 32.49
C ILE NB 56 -166.71 54.21 33.92
N LYS NB 57 -167.56 53.84 34.87
CA LYS NB 57 -167.24 53.85 36.29
C LYS NB 57 -167.39 52.43 36.83
N ARG NB 58 -166.37 51.96 37.55
CA ARG NB 58 -166.41 50.65 38.16
C ARG NB 58 -167.20 50.69 39.46
N THR NB 59 -167.81 49.55 39.79
CA THR NB 59 -168.57 49.41 41.03
C THR NB 59 -168.20 48.11 41.71
N PRO NB 60 -168.28 48.06 43.05
CA PRO NB 60 -167.96 46.83 43.79
C PRO NB 60 -169.16 45.91 43.94
N TYR NB 61 -169.73 45.51 42.80
CA TYR NB 61 -170.92 44.66 42.79
C TYR NB 61 -170.79 43.59 41.72
N THR NB 62 -171.38 42.44 42.00
CA THR NB 62 -171.57 41.39 41.02
C THR NB 62 -173.04 41.24 40.70
N LEU NB 63 -173.34 40.42 39.70
CA LEU NB 63 -174.73 40.23 39.27
C LEU NB 63 -175.57 39.62 40.39
N ASN NB 64 -175.03 38.61 41.08
CA ASN NB 64 -175.77 37.94 42.14
C ASN NB 64 -176.03 38.89 43.31
N ASP NB 65 -175.07 39.77 43.61
CA ASP NB 65 -175.29 40.74 44.68
C ASP NB 65 -176.32 41.78 44.27
N ILE NB 66 -176.26 42.26 43.03
CA ILE NB 66 -177.18 43.31 42.60
C ILE NB 66 -178.59 42.77 42.42
N LEU NB 67 -178.73 41.47 42.18
CA LEU NB 67 -180.03 40.86 41.92
C LEU NB 67 -180.56 40.16 43.16
N ASP NB 68 -181.87 40.30 43.40
CA ASP NB 68 -182.51 39.55 44.46
C ASP NB 68 -182.44 38.05 44.18
N GLU NB 69 -182.68 37.65 42.93
CA GLU NB 69 -182.63 36.25 42.55
C GLU NB 69 -181.26 35.93 41.96
N PRO NB 70 -180.54 34.94 42.50
CA PRO NB 70 -179.21 34.63 41.96
C PRO NB 70 -179.29 33.96 40.59
N CYS NB 71 -178.17 34.02 39.88
CA CYS NB 71 -178.01 33.46 38.56
C CYS NB 71 -176.75 32.59 38.54
N PRO NB 72 -176.68 31.61 37.65
CA PRO NB 72 -175.44 30.84 37.53
C PRO NB 72 -174.27 31.74 37.14
N ASN NB 73 -173.09 31.43 37.67
CA ASN NB 73 -171.93 32.30 37.52
C ASN NB 73 -170.66 31.56 37.13
N GLN NB 74 -170.76 30.31 36.67
CA GLN NB 74 -169.57 29.58 36.29
C GLN NB 74 -168.91 30.22 35.07
N LEU NB 75 -167.58 30.12 35.00
CA LEU NB 75 -166.80 30.75 33.95
C LEU NB 75 -165.94 29.72 33.23
N LYS NB 76 -165.37 30.15 32.11
CA LYS NB 76 -164.43 29.34 31.35
C LYS NB 76 -163.49 30.26 30.60
N SER NB 77 -162.28 29.76 30.32
CA SER NB 77 -161.26 30.54 29.66
C SER NB 77 -160.65 29.76 28.51
N SER NB 78 -160.21 30.50 27.50
CA SER NB 78 -159.59 29.90 26.32
C SER NB 78 -158.63 30.90 25.70
N ASP NB 79 -157.66 30.38 24.96
CA ASP NB 79 -156.62 31.25 24.39
C ASP NB 79 -157.22 32.19 23.34
N LEU NB 80 -156.65 33.40 23.29
CA LEU NB 80 -157.10 34.42 22.35
C LEU NB 80 -156.02 34.82 21.35
N VAL NB 81 -154.83 35.21 21.83
CA VAL NB 81 -153.74 35.64 20.97
C VAL NB 81 -152.42 35.39 21.71
N THR NB 82 -151.33 35.33 20.96
CA THR NB 82 -150.02 35.03 21.51
C THR NB 82 -148.99 35.94 20.85
N PHE NB 83 -148.36 36.81 21.64
CA PHE NB 83 -147.28 37.67 21.17
C PHE NB 83 -145.97 36.92 21.32
N THR NB 84 -145.48 36.35 20.22
CA THR NB 84 -144.28 35.52 20.29
C THR NB 84 -143.05 36.34 20.66
N GLU NB 85 -142.96 37.57 20.16
CA GLU NB 85 -141.80 38.42 20.43
C GLU NB 85 -142.26 39.76 20.98
N PRO NB 86 -141.43 40.41 21.78
CA PRO NB 86 -141.84 41.69 22.38
C PRO NB 86 -142.08 42.76 21.32
N LEU NB 87 -143.08 43.60 21.58
CA LEU NB 87 -143.28 44.81 20.79
C LEU NB 87 -142.20 45.81 21.14
N VAL NB 88 -141.39 46.19 20.15
CA VAL NB 88 -140.24 47.06 20.34
C VAL NB 88 -140.45 48.32 19.52
N SER NB 89 -140.23 49.47 20.15
CA SER NB 89 -140.38 50.77 19.49
C SER NB 89 -139.16 51.63 19.79
N ASN NB 90 -138.66 52.31 18.76
CA ASN NB 90 -137.53 53.21 18.89
C ASN NB 90 -137.85 54.53 18.20
N VAL NB 91 -137.56 55.63 18.87
CA VAL NB 91 -137.69 56.97 18.31
C VAL NB 91 -136.41 57.73 18.59
N LYS NB 92 -135.87 58.39 17.57
CA LYS NB 92 -134.63 59.13 17.72
C LYS NB 92 -134.75 60.43 16.93
N ALA NB 93 -134.74 61.55 17.63
CA ALA NB 93 -134.86 62.87 17.00
C ALA NB 93 -133.65 63.72 17.36
N SER NB 94 -133.24 64.57 16.43
CA SER NB 94 -132.13 65.48 16.65
C SER NB 94 -132.31 66.70 15.76
N SER NB 95 -132.20 67.89 16.33
CA SER NB 95 -132.41 69.12 15.59
C SER NB 95 -131.44 70.19 16.07
N SER NB 96 -131.19 71.16 15.19
CA SER NB 96 -130.31 72.28 15.49
C SER NB 96 -130.83 73.52 14.78
N ILE NB 97 -130.72 74.66 15.47
CA ILE NB 97 -131.19 75.94 14.96
C ILE NB 97 -130.07 76.96 15.12
N GLY NB 98 -129.84 77.75 14.07
CA GLY NB 98 -128.87 78.82 14.14
C GLY NB 98 -129.40 80.12 13.58
N LEU NB 99 -129.46 81.17 14.41
CA LEU NB 99 -129.97 82.47 14.01
C LEU NB 99 -128.88 83.51 14.15
N GLN NB 100 -128.74 84.35 13.13
CA GLN NB 100 -127.77 85.44 13.17
C GLN NB 100 -128.41 86.71 12.64
N ILE NB 101 -128.28 87.79 13.40
CA ILE NB 101 -128.73 89.12 12.98
C ILE NB 101 -127.48 90.00 12.93
N LEU NB 102 -126.96 90.20 11.72
CA LEU NB 102 -125.80 91.05 11.43
C LEU NB 102 -124.64 90.59 12.31
N LYS NB 103 -123.92 91.48 12.98
CA LYS NB 103 -122.95 91.12 14.01
C LYS NB 103 -123.45 91.49 15.40
N HIS NB 104 -124.77 91.61 15.56
CA HIS NB 104 -125.37 92.01 16.82
C HIS NB 104 -126.04 90.87 17.56
N PHE NB 105 -126.61 89.89 16.88
CA PHE NB 105 -127.26 88.77 17.53
C PHE NB 105 -126.75 87.46 16.93
N ASP NB 106 -126.49 86.48 17.79
CA ASP NB 106 -126.03 85.17 17.31
C ASP NB 106 -126.46 84.11 18.32
N SER NB 107 -127.45 83.30 17.96
CA SER NB 107 -127.96 82.25 18.82
C SER NB 107 -127.82 80.90 18.15
N GLY NB 108 -127.37 79.91 18.91
CA GLY NB 108 -127.29 78.55 18.42
C GLY NB 108 -127.86 77.55 19.41
N ALA NB 109 -128.92 76.85 19.02
CA ALA NB 109 -129.57 75.89 19.89
C ALA NB 109 -129.54 74.51 19.23
N LYS NB 110 -129.62 73.47 20.05
CA LYS NB 110 -129.67 72.12 19.53
C LYS NB 110 -130.32 71.22 20.57
N GLY NB 111 -130.98 70.18 20.09
CA GLY NB 111 -131.67 69.25 20.96
C GLY NB 111 -131.64 67.86 20.38
N SER NB 112 -131.74 66.87 21.26
CA SER NB 112 -131.77 65.47 20.83
C SER NB 112 -132.60 64.67 21.82
N LYS NB 113 -133.19 63.59 21.32
CA LYS NB 113 -134.06 62.75 22.13
C LYS NB 113 -133.99 61.32 21.62
N ASN NB 114 -133.91 60.37 22.55
CA ASN NB 114 -133.88 58.94 22.24
C ASN NB 114 -134.83 58.23 23.17
N PHE NB 115 -135.84 57.56 22.61
CA PHE NB 115 -136.91 56.93 23.36
C PHE NB 115 -137.05 55.49 22.91
N ILE NB 116 -137.00 54.56 23.87
CA ILE NB 116 -137.05 53.13 23.57
C ILE NB 116 -138.12 52.48 24.44
N THR NB 117 -138.93 51.62 23.83
CA THR NB 117 -140.01 50.95 24.55
C THR NB 117 -140.03 49.47 24.17
N SER NB 118 -140.30 48.61 25.15
CA SER NB 118 -140.42 47.17 24.91
C SER NB 118 -141.53 46.61 25.79
N ALA NB 119 -142.45 45.88 25.18
CA ALA NB 119 -143.55 45.26 25.89
C ALA NB 119 -143.64 43.79 25.56
N SER NB 120 -143.62 42.94 26.57
CA SER NB 120 -143.70 41.49 26.42
C SER NB 120 -144.95 41.03 27.17
N LEU NB 121 -146.02 40.76 26.43
CA LEU NB 121 -147.29 40.34 27.01
C LEU NB 121 -147.47 38.84 27.02
N GLY NB 122 -146.59 38.08 26.39
CA GLY NB 122 -146.71 36.63 26.41
C GLY NB 122 -147.98 36.17 25.74
N THR NB 123 -148.78 35.40 26.47
CA THR NB 123 -150.04 34.84 25.98
C THR NB 123 -151.20 35.54 26.66
N VAL NB 124 -152.22 35.88 25.88
CA VAL NB 124 -153.43 36.52 26.39
C VAL NB 124 -154.59 35.55 26.20
N VAL NB 125 -155.35 35.32 27.27
CA VAL NB 125 -156.50 34.45 27.23
C VAL NB 125 -157.75 35.29 27.44
N LYS NB 126 -158.90 34.68 27.12
CA LYS NB 126 -160.20 35.32 27.28
C LYS NB 126 -161.04 34.47 28.22
N ALA NB 127 -161.67 35.13 29.19
CA ALA NB 127 -162.52 34.48 30.18
C ALA NB 127 -163.94 35.02 30.05
N GLU NB 128 -164.90 34.11 30.10
CA GLU NB 128 -166.31 34.45 29.89
C GLU NB 128 -167.19 33.37 30.49
N THR NB 129 -168.45 33.72 30.71
CA THR NB 129 -169.41 32.78 31.25
C THR NB 129 -169.55 31.56 30.34
N ILE NB 130 -169.74 30.39 30.94
CA ILE NB 130 -169.90 29.17 30.16
C ILE NB 130 -171.14 29.26 29.28
N ASP NB 131 -172.25 29.74 29.84
CA ASP NB 131 -173.49 29.92 29.09
C ASP NB 131 -174.05 31.29 29.40
N ILE NB 132 -174.12 32.14 28.38
CA ILE NB 132 -174.64 33.50 28.57
C ILE NB 132 -176.15 33.56 28.40
N THR NB 133 -176.73 32.65 27.62
CA THR NB 133 -178.17 32.66 27.41
C THR NB 133 -178.92 32.43 28.71
N LYS NB 134 -178.46 31.48 29.54
CA LYS NB 134 -179.10 31.24 30.82
C LYS NB 134 -179.01 32.46 31.73
N VAL NB 135 -177.84 33.10 31.76
CA VAL NB 135 -177.66 34.29 32.58
C VAL NB 135 -178.61 35.39 32.13
N LEU NB 136 -178.73 35.58 30.81
CA LEU NB 136 -179.63 36.60 30.28
C LEU NB 136 -181.08 36.30 30.64
N ALA NB 137 -181.48 35.04 30.49
CA ALA NB 137 -182.86 34.66 30.82
C ALA NB 137 -183.16 34.94 32.29
N LYS NB 138 -182.27 34.49 33.18
CA LYS NB 138 -182.47 34.71 34.60
C LYS NB 138 -182.49 36.20 34.95
N VAL NB 139 -181.62 36.98 34.32
CA VAL NB 139 -181.63 38.44 34.55
C VAL NB 139 -182.98 39.01 34.18
N ARG NB 140 -183.47 38.65 32.99
CA ARG NB 140 -184.76 39.19 32.53
C ARG NB 140 -185.89 38.79 33.44
N THR NB 141 -185.83 37.58 34.01
CA THR NB 141 -186.89 37.12 34.89
C THR NB 141 -186.64 37.46 36.37
N ALA NB 142 -185.54 38.13 36.69
CA ALA NB 142 -185.18 38.40 38.08
C ALA NB 142 -185.27 39.90 38.37
N LYS NB 143 -185.60 40.23 39.61
CA LYS NB 143 -185.69 41.61 40.06
C LYS NB 143 -184.44 42.01 40.84
N ALA NB 144 -184.09 43.30 40.72
CA ALA NB 144 -182.91 43.83 41.40
C ALA NB 144 -183.16 43.94 42.90
N LYS NB 145 -182.08 44.20 43.63
CA LYS NB 145 -182.15 44.32 45.09
C LYS NB 145 -182.78 45.66 45.47
N VAL NB 146 -183.90 45.61 46.19
CA VAL NB 146 -184.57 46.84 46.62
C VAL NB 146 -183.68 47.63 47.57
N GLU NB 147 -182.96 46.93 48.45
CA GLU NB 147 -182.08 47.60 49.40
C GLU NB 147 -180.99 48.40 48.71
N ASN NB 148 -180.47 47.90 47.58
CA ASN NB 148 -179.35 48.55 46.90
C ASN NB 148 -179.70 49.98 46.52
N ASP NB 149 -178.77 50.90 46.78
CA ASP NB 149 -178.94 52.31 46.47
C ASP NB 149 -178.52 52.67 45.06
N LEU NB 150 -177.47 52.02 44.56
CA LEU NB 150 -176.98 52.28 43.21
C LEU NB 150 -178.07 52.08 42.17
N VAL NB 151 -178.82 50.97 42.28
CA VAL NB 151 -179.89 50.68 41.33
C VAL NB 151 -180.92 51.80 41.34
N SER NB 152 -181.32 52.24 42.53
CA SER NB 152 -182.30 53.31 42.64
C SER NB 152 -181.77 54.60 42.02
N ARG NB 153 -180.50 54.92 42.29
CA ARG NB 153 -179.89 56.11 41.70
C ARG NB 153 -179.96 56.04 40.18
N VAL NB 154 -179.54 54.91 39.59
CA VAL NB 154 -179.54 54.77 38.14
C VAL NB 154 -180.97 54.83 37.60
N MET NB 155 -181.94 54.29 38.34
CA MET NB 155 -183.33 54.33 37.91
C MET NB 155 -183.84 55.76 37.86
N LYS NB 156 -183.57 56.54 38.91
CA LYS NB 156 -184.11 57.90 38.96
C LYS NB 156 -183.38 58.83 37.99
N THR NB 157 -182.08 58.61 37.78
CA THR NB 157 -181.35 59.44 36.84
C THR NB 157 -181.54 58.93 35.42
N LYS NB 158 -181.39 59.83 34.45
CA LYS NB 158 -181.55 59.50 33.04
C LYS NB 158 -180.23 59.30 32.31
N ARG NB 159 -179.16 59.96 32.76
CA ARG NB 159 -177.88 59.80 32.10
C ARG NB 159 -177.24 58.45 32.42
N LEU NB 160 -177.35 58.01 33.67
CA LEU NB 160 -176.68 56.80 34.11
C LEU NB 160 -177.31 55.57 33.49
N CYS NB 161 -176.47 54.62 33.10
CA CYS NB 161 -176.90 53.33 32.59
C CYS NB 161 -176.08 52.23 33.24
N LEU NB 162 -176.65 51.02 33.30
CA LEU NB 162 -175.97 49.88 33.89
C LEU NB 162 -175.44 48.95 32.80
N GLY NB 163 -174.28 48.37 33.05
CA GLY NB 163 -173.70 47.44 32.11
C GLY NB 163 -173.10 46.22 32.79
N LEU NB 164 -173.37 45.04 32.24
CA LEU NB 164 -172.85 43.78 32.75
C LEU NB 164 -171.68 43.34 31.90
N VAL NB 165 -170.52 43.12 32.52
CA VAL NB 165 -169.34 42.70 31.80
C VAL NB 165 -169.45 41.21 31.50
N VAL NB 166 -169.18 40.83 30.25
CA VAL NB 166 -169.41 39.47 29.80
C VAL NB 166 -168.15 38.76 29.33
N GLU NB 167 -167.07 39.47 28.99
CA GLU NB 167 -165.85 38.81 28.58
C GLU NB 167 -164.66 39.69 28.93
N THR NB 168 -163.55 39.06 29.31
CA THR NB 168 -162.37 39.80 29.74
C THR NB 168 -161.11 39.15 29.20
N ALA NB 169 -160.17 39.97 28.76
CA ALA NB 169 -158.88 39.50 28.27
C ALA NB 169 -157.83 39.69 29.36
N CYS NB 170 -157.16 38.60 29.72
CA CYS NB 170 -156.20 38.59 30.81
C CYS NB 170 -154.91 37.90 30.38
N VAL NB 171 -153.79 38.38 30.92
CA VAL NB 171 -152.49 37.79 30.62
C VAL NB 171 -152.36 36.47 31.36
N ALA NB 172 -151.94 35.42 30.65
CA ALA NB 172 -151.77 34.12 31.29
C ALA NB 172 -150.56 34.09 32.21
N ALA NB 173 -149.47 34.75 31.80
CA ALA NB 173 -148.24 34.77 32.57
C ALA NB 173 -147.83 36.21 32.83
N ALA NB 174 -146.70 36.38 33.51
CA ALA NB 174 -146.22 37.71 33.86
C ALA NB 174 -145.85 38.50 32.61
N GLY NB 175 -146.18 39.78 32.60
CA GLY NB 175 -145.89 40.66 31.48
C GLY NB 175 -144.88 41.72 31.86
N LYS NB 176 -143.93 41.97 30.97
CA LYS NB 176 -142.80 42.86 31.25
C LYS NB 176 -142.88 44.11 30.39
N LEU NB 177 -142.77 45.28 31.02
CA LEU NB 177 -142.82 46.55 30.32
C LEU NB 177 -141.59 47.37 30.68
N THR NB 178 -140.82 47.76 29.65
CA THR NB 178 -139.57 48.49 29.85
C THR NB 178 -139.56 49.75 28.99
N GLU NB 179 -139.09 50.85 29.56
CA GLU NB 179 -139.02 52.14 28.87
C GLU NB 179 -137.72 52.84 29.24
N ALA NB 180 -137.07 53.43 28.24
CA ALA NB 180 -135.85 54.19 28.44
C ALA NB 180 -135.94 55.51 27.69
N ASP NB 181 -135.53 56.60 28.34
CA ASP NB 181 -135.59 57.93 27.77
C ASP NB 181 -134.26 58.63 28.02
N ASN NB 182 -133.74 59.30 26.99
CA ASN NB 182 -132.51 60.09 27.12
C ASN NB 182 -132.65 61.31 26.22
N TRP NB 183 -132.76 62.49 26.80
CA TRP NB 183 -132.87 63.68 25.97
C TRP NB 183 -131.95 64.78 26.49
N GLU NB 184 -131.57 65.68 25.59
CA GLU NB 184 -130.53 66.66 25.86
C GLU NB 184 -130.81 67.95 25.10
N ILE NB 185 -130.53 69.09 25.75
CA ILE NB 185 -130.70 70.41 25.18
C ILE NB 185 -129.42 71.21 25.41
N SER NB 186 -128.92 71.86 24.36
CA SER NB 186 -127.75 72.73 24.48
C SER NB 186 -128.01 74.02 23.72
N GLY NB 187 -128.00 75.14 24.43
CA GLY NB 187 -128.29 76.42 23.83
C GLY NB 187 -127.23 77.45 24.16
N HIS NB 188 -127.06 78.39 23.24
CA HIS NB 188 -126.05 79.45 23.38
C HIS NB 188 -126.59 80.73 22.76
N THR NB 189 -126.32 81.85 23.42
CA THR NB 189 -126.81 83.16 22.97
C THR NB 189 -125.68 84.17 23.11
N ASN NB 190 -125.51 85.01 22.08
CA ASN NB 190 -124.49 86.05 22.07
C ASN NB 190 -125.14 87.33 21.55
N ALA NB 191 -125.33 88.30 22.44
CA ALA NB 191 -125.86 89.61 22.10
C ALA NB 191 -124.72 90.62 22.18
N ASN NB 192 -124.23 91.05 21.03
CA ASN NB 192 -123.14 92.02 20.93
C ASN NB 192 -123.71 93.38 20.59
N ILE NB 193 -123.45 94.37 21.45
CA ILE NB 193 -123.88 95.74 21.22
C ILE NB 193 -122.66 96.63 21.37
N GLY NB 194 -122.77 97.87 20.88
CA GLY NB 194 -121.65 98.78 20.91
C GLY NB 194 -121.08 99.01 22.30
N GLU NB 195 -121.94 98.99 23.32
CA GLU NB 195 -121.51 99.21 24.69
C GLU NB 195 -121.87 98.05 25.62
N ALA NB 196 -122.33 96.92 25.08
CA ALA NB 196 -122.71 95.78 25.90
C ALA NB 196 -122.43 94.49 25.15
N VAL NB 197 -121.91 93.50 25.87
CA VAL NB 197 -121.66 92.17 25.34
C VAL NB 197 -122.22 91.16 26.33
N VAL NB 198 -123.14 90.31 25.88
CA VAL NB 198 -123.76 89.29 26.71
C VAL NB 198 -123.52 87.93 26.04
N THR NB 199 -123.00 86.97 26.81
CA THR NB 199 -122.74 85.62 26.31
C THR NB 199 -123.29 84.62 27.31
N ALA NB 200 -124.40 83.96 26.94
CA ALA NB 200 -125.06 83.00 27.80
C ALA NB 200 -125.00 81.61 27.18
N THR NB 201 -124.93 80.59 28.03
CA THR NB 201 -124.86 79.21 27.58
C THR NB 201 -125.57 78.33 28.60
N ALA NB 202 -126.31 77.33 28.11
CA ALA NB 202 -127.03 76.42 29.01
C ALA NB 202 -127.08 75.03 28.40
N GLU NB 203 -126.65 74.03 29.17
CA GLU NB 203 -126.70 72.64 28.75
C GLU NB 203 -127.39 71.81 29.82
N LEU NB 204 -128.26 70.90 29.37
CA LEU NB 204 -128.88 69.97 30.31
C LEU NB 204 -129.23 68.68 29.57
N ASP NB 205 -129.41 67.62 30.35
CA ASP NB 205 -129.76 66.32 29.78
C ASP NB 205 -130.37 65.46 30.88
N LYS NB 206 -131.45 64.77 30.54
CA LYS NB 206 -132.18 63.92 31.47
C LYS NB 206 -132.22 62.50 30.95
N ASN NB 207 -132.04 61.54 31.86
CA ASN NB 207 -132.07 60.12 31.56
C ASN NB 207 -133.01 59.43 32.53
N LEU NB 208 -133.94 58.64 32.01
CA LEU NB 208 -134.90 57.90 32.81
C LEU NB 208 -135.01 56.46 32.31
N SER NB 209 -135.36 55.56 33.22
CA SER NB 209 -135.58 54.16 32.86
C SER NB 209 -136.57 53.56 33.84
N ARG NB 210 -137.66 52.99 33.32
CA ARG NB 210 -138.70 52.39 34.13
C ARG NB 210 -138.98 50.98 33.64
N LYS NB 211 -138.96 50.00 34.55
CA LYS NB 211 -139.19 48.61 34.20
C LYS NB 211 -140.12 47.99 35.22
N ILE NB 212 -141.26 47.48 34.77
CA ILE NB 212 -142.26 46.88 35.65
C ILE NB 212 -142.69 45.54 35.08
N GLU NB 213 -143.38 44.77 35.93
CA GLU NB 213 -143.84 43.43 35.57
C GLU NB 213 -145.21 43.19 36.18
N ILE NB 214 -146.24 43.17 35.35
CA ILE NB 214 -147.60 42.87 35.81
C ILE NB 214 -147.73 41.37 36.05
N PRO NB 215 -148.43 40.95 37.09
CA PRO NB 215 -148.51 39.53 37.42
C PRO NB 215 -149.56 38.82 36.58
N PRO NB 216 -149.56 37.50 36.56
CA PRO NB 216 -150.59 36.77 35.82
C PRO NB 216 -151.98 37.07 36.34
N GLY NB 217 -152.94 37.11 35.42
CA GLY NB 217 -154.33 37.36 35.76
C GLY NB 217 -154.78 38.81 35.62
N THR NB 218 -153.85 39.72 35.34
CA THR NB 218 -154.21 41.12 35.19
C THR NB 218 -155.09 41.32 33.96
N ALA NB 219 -156.22 41.99 34.14
CA ALA NB 219 -157.14 42.23 33.03
C ALA NB 219 -156.59 43.31 32.11
N LEU NB 220 -156.86 43.17 30.82
CA LEU NB 220 -156.43 44.14 29.81
C LEU NB 220 -157.59 44.87 29.15
N ALA NB 221 -158.66 44.17 28.79
CA ALA NB 221 -159.77 44.78 28.08
C ALA NB 221 -161.02 43.97 28.36
N TYR NB 222 -162.17 44.56 28.04
CA TYR NB 222 -163.45 43.94 28.37
C TYR NB 222 -164.52 44.42 27.41
N SER NB 223 -165.64 43.70 27.39
CA SER NB 223 -166.83 44.08 26.67
C SER NB 223 -168.04 43.86 27.56
N PHE NB 224 -169.07 44.69 27.39
CA PHE NB 224 -170.22 44.65 28.29
C PHE NB 224 -171.51 44.82 27.52
N MET NB 225 -172.60 44.40 28.16
CA MET NB 225 -173.94 44.50 27.61
C MET NB 225 -174.79 45.43 28.47
N ASP NB 226 -175.60 46.27 27.83
CA ASP NB 226 -176.37 47.26 28.55
C ASP NB 226 -177.58 46.64 29.24
N LEU NB 227 -178.09 47.35 30.24
CA LEU NB 227 -179.26 46.92 31.00
C LEU NB 227 -180.20 48.11 31.18
N GLU NB 228 -181.40 47.82 31.69
CA GLU NB 228 -182.41 48.84 31.90
C GLU NB 228 -183.27 48.44 33.08
N ILE NB 229 -183.41 49.35 34.05
CA ILE NB 229 -184.26 49.13 35.22
C ILE NB 229 -185.70 49.45 34.86
N LEU NB 230 -186.60 48.48 35.06
CA LEU NB 230 -188.02 48.74 34.89
C LEU NB 230 -188.53 49.65 36.01
N GLU NB 231 -189.81 49.98 35.94
CA GLU NB 231 -190.45 50.70 37.04
C GLU NB 231 -190.27 49.95 38.36
N ASP NB 232 -190.51 48.64 38.33
CA ASP NB 232 -190.21 47.78 39.46
C ASP NB 232 -188.72 47.48 39.51
N ARG NB 233 -188.32 46.62 40.45
CA ARG NB 233 -186.93 46.18 40.53
C ARG NB 233 -186.52 45.29 39.37
N SER NB 234 -187.45 44.89 38.51
CA SER NB 234 -187.13 44.04 37.38
C SER NB 234 -186.11 44.69 36.45
N LEU NB 235 -185.28 43.85 35.84
CA LEU NB 235 -184.24 44.30 34.91
C LEU NB 235 -184.51 43.73 33.52
N ARG NB 236 -184.14 44.50 32.51
CA ARG NB 236 -184.29 44.09 31.12
C ARG NB 236 -182.99 44.37 30.38
N VAL NB 237 -182.79 43.68 29.27
CA VAL NB 237 -181.61 43.88 28.44
C VAL NB 237 -182.00 44.76 27.26
N SER NB 238 -181.09 45.66 26.88
CA SER NB 238 -181.35 46.62 25.82
C SER NB 238 -180.28 46.50 24.73
N SER NB 239 -180.70 46.62 23.48
CA SER NB 239 -179.82 46.47 22.33
C SER NB 239 -179.97 47.68 21.42
N SER NB 240 -178.90 48.45 21.27
CA SER NB 240 -178.87 49.54 20.31
C SER NB 240 -178.67 48.97 18.91
N ALA NB 241 -179.73 48.99 18.10
CA ALA NB 241 -179.71 48.41 16.75
C ALA NB 241 -179.35 46.92 16.80
N GLY NB 242 -179.73 46.24 17.88
CA GLY NB 242 -179.46 44.82 18.02
C GLY NB 242 -178.01 44.46 18.26
N ALA NB 243 -177.19 45.42 18.70
CA ALA NB 243 -175.78 45.13 18.90
C ALA NB 243 -175.56 44.14 20.05
N MET NB 244 -176.16 44.42 21.21
CA MET NB 244 -175.98 43.62 22.43
C MET NB 244 -174.52 43.49 22.83
N PHE NB 245 -173.65 44.34 22.33
CA PHE NB 245 -172.23 44.34 22.68
C PHE NB 245 -171.75 45.78 22.59
N ASP NB 246 -171.65 46.44 23.74
CA ASP NB 246 -171.29 47.85 23.77
C ASP NB 246 -169.81 47.99 24.08
N SER NB 247 -169.12 48.80 23.28
CA SER NB 247 -167.69 49.05 23.44
C SER NB 247 -167.42 50.46 23.94
N GLY NB 248 -168.41 51.12 24.52
CA GLY NB 248 -168.24 52.49 24.96
C GLY NB 248 -167.93 53.45 23.83
N LYS NB 249 -168.58 53.26 22.69
CA LYS NB 249 -168.35 54.08 21.50
C LYS NB 249 -169.48 55.09 21.34
N ALA NB 250 -169.16 56.22 20.74
CA ALA NB 250 -170.15 57.24 20.45
C ALA NB 250 -171.15 56.74 19.42
N GLU NB 251 -172.39 57.25 19.50
CA GLU NB 251 -173.43 56.83 18.57
C GLU NB 251 -173.07 57.21 17.14
N SER NB 252 -172.52 58.41 16.94
CA SER NB 252 -172.12 58.90 15.62
C SER NB 252 -173.27 58.86 14.62
CA ARG OB 3 -154.11 48.63 9.15
C ARG OB 3 -153.67 47.44 9.99
N PRO OB 4 -154.59 46.88 10.77
CA PRO OB 4 -154.26 45.73 11.61
C PRO OB 4 -153.79 44.55 10.77
N MET OB 5 -152.81 43.82 11.32
CA MET OB 5 -152.27 42.67 10.61
C MET OB 5 -153.34 41.60 10.39
N PHE OB 6 -154.20 41.39 11.39
CA PHE OB 6 -155.28 40.41 11.23
C PHE OB 6 -156.21 40.80 10.09
N ALA OB 7 -156.58 42.07 10.00
CA ALA OB 7 -157.45 42.52 8.92
C ALA OB 7 -156.76 42.37 7.56
N VAL OB 8 -155.46 42.70 7.50
CA VAL OB 8 -154.73 42.56 6.24
C VAL OB 8 -154.69 41.09 5.81
N ALA OB 9 -154.40 40.20 6.75
CA ALA OB 9 -154.34 38.78 6.42
C ALA OB 9 -155.71 38.25 6.01
N VAL OB 10 -156.77 38.71 6.67
CA VAL OB 10 -158.11 38.29 6.29
C VAL OB 10 -158.43 38.74 4.88
N ASN OB 11 -158.08 39.98 4.54
CA ASN OB 11 -158.32 40.46 3.18
C ASN OB 11 -157.51 39.67 2.16
N GLU OB 12 -156.26 39.36 2.47
CA GLU OB 12 -155.44 38.56 1.55
C GLU OB 12 -156.05 37.18 1.34
N PHE OB 13 -156.49 36.54 2.42
CA PHE OB 13 -157.10 35.21 2.29
C PHE OB 13 -158.39 35.27 1.48
N ILE OB 14 -159.24 36.26 1.77
CA ILE OB 14 -160.53 36.32 1.08
C ILE OB 14 -160.34 36.65 -0.39
N ARG OB 15 -159.29 37.42 -0.72
CA ARG OB 15 -159.01 37.67 -2.13
C ARG OB 15 -158.49 36.42 -2.83
N SER OB 16 -157.53 35.73 -2.20
CA SER OB 16 -156.96 34.55 -2.82
C SER OB 16 -157.99 33.44 -3.02
N ALA OB 17 -158.84 33.22 -2.01
CA ALA OB 17 -159.87 32.20 -2.07
C ALA OB 17 -161.19 32.79 -1.61
N GLY OB 18 -162.26 32.49 -2.34
CA GLY OB 18 -163.58 32.95 -1.96
C GLY OB 18 -163.77 34.44 -1.99
N GLN OB 19 -163.35 35.08 -3.09
CA GLN OB 19 -163.54 36.52 -3.22
C GLN OB 19 -165.02 36.88 -3.24
N ASP OB 20 -165.87 35.97 -3.67
CA ASP OB 20 -167.31 36.15 -3.66
C ASP OB 20 -167.94 35.25 -2.59
N SER OB 21 -169.08 35.69 -2.08
CA SER OB 21 -169.85 34.94 -1.07
C SER OB 21 -169.00 34.65 0.17
N LEU OB 22 -168.35 35.68 0.69
CA LEU OB 22 -167.53 35.54 1.88
C LEU OB 22 -167.37 36.90 2.54
N CYS OB 23 -167.49 36.94 3.86
CA CYS OB 23 -167.41 38.17 4.64
C CYS OB 23 -166.24 38.08 5.60
N GLY OB 24 -165.41 39.12 5.60
CA GLY OB 24 -164.28 39.15 6.51
C GLY OB 24 -164.69 39.26 7.96
N VAL OB 25 -163.81 38.80 8.84
CA VAL OB 25 -164.04 38.86 10.28
C VAL OB 25 -163.49 40.18 10.81
N PRO OB 26 -164.26 40.94 11.60
CA PRO OB 26 -163.79 42.25 12.04
C PRO OB 26 -162.55 42.21 12.91
N ASP OB 27 -162.48 41.30 13.87
CA ASP OB 27 -161.34 41.26 14.78
C ASP OB 27 -161.23 39.89 15.41
N ILE OB 28 -160.06 39.63 16.01
CA ILE OB 28 -159.78 38.34 16.61
C ILE OB 28 -160.74 38.06 17.76
N ASN OB 29 -161.03 39.07 18.56
CA ASN OB 29 -161.91 38.88 19.71
C ASN OB 29 -163.30 38.42 19.29
N SER OB 30 -163.85 39.04 18.25
CA SER OB 30 -165.19 38.71 17.78
C SER OB 30 -165.19 37.61 16.72
N SER OB 31 -164.02 37.05 16.40
CA SER OB 31 -163.97 35.96 15.42
C SER OB 31 -164.77 34.76 15.91
N GLY OB 32 -164.75 34.49 17.21
CA GLY OB 32 -165.43 33.31 17.73
C GLY OB 32 -166.94 33.38 17.72
N ASP OB 33 -167.51 34.55 17.45
CA ASP OB 33 -168.95 34.71 17.42
C ASP OB 33 -169.56 34.48 16.04
N PHE OB 34 -168.75 34.10 15.05
CA PHE OB 34 -169.22 33.88 13.69
C PHE OB 34 -169.08 32.42 13.28
N MET OB 35 -169.23 31.51 14.23
CA MET OB 35 -169.26 30.09 13.92
C MET OB 35 -170.61 29.71 13.32
N PRO OB 36 -170.69 28.55 12.67
CA PRO OB 36 -171.95 28.16 12.03
C PRO OB 36 -173.09 28.07 13.03
N LEU OB 37 -174.30 28.35 12.53
CA LEU OB 37 -175.52 28.34 13.33
C LEU OB 37 -175.51 29.43 14.39
N HIS OB 38 -175.12 30.64 13.98
CA HIS OB 38 -175.14 31.82 14.83
C HIS OB 38 -176.00 32.88 14.17
N ILE OB 39 -176.71 33.65 15.01
CA ILE OB 39 -177.59 34.72 14.54
C ILE OB 39 -176.80 36.02 14.51
N ILE OB 40 -176.94 36.77 13.41
CA ILE OB 40 -176.33 38.09 13.26
C ILE OB 40 -177.41 39.05 12.79
N VAL OB 41 -177.15 40.34 13.00
CA VAL OB 41 -178.08 41.40 12.63
C VAL OB 41 -177.45 42.23 11.52
N LYS OB 42 -178.24 42.52 10.49
CA LYS OB 42 -177.79 43.33 9.36
C LYS OB 42 -178.57 44.64 9.35
N GLU OB 43 -177.84 45.74 9.22
CA GLU OB 43 -178.40 47.08 9.18
C GLU OB 43 -178.10 47.71 7.84
N VAL OB 44 -179.14 48.27 7.21
CA VAL OB 44 -179.03 48.88 5.89
C VAL OB 44 -178.26 50.20 6.00
N PRO OB 45 -177.58 50.64 4.94
CA PRO OB 45 -176.84 51.92 5.03
C PRO OB 45 -177.71 53.12 5.33
N LYS OB 46 -178.96 53.13 4.85
CA LYS OB 46 -179.94 54.19 5.02
C LYS OB 46 -179.59 55.46 4.26
N VAL OB 47 -178.44 55.51 3.59
CA VAL OB 47 -178.05 56.68 2.81
C VAL OB 47 -177.94 56.30 1.35
N LEU OB 48 -177.06 55.34 1.05
CA LEU OB 48 -176.88 54.81 -0.30
C LEU OB 48 -176.93 53.29 -0.21
N PRO OB 49 -178.13 52.71 -0.02
CA PRO OB 49 -178.22 51.26 0.16
C PRO OB 49 -177.65 50.46 -1.00
N CYS OB 50 -177.82 50.94 -2.24
CA CYS OB 50 -177.30 50.23 -3.40
C CYS OB 50 -175.83 50.52 -3.67
N CYS OB 51 -175.24 51.49 -2.98
CA CYS OB 51 -173.85 51.86 -3.19
C CYS OB 51 -172.93 51.53 -2.02
N ARG OB 52 -173.48 51.25 -0.84
CA ARG OB 52 -172.69 50.99 0.35
C ARG OB 52 -173.06 49.64 0.92
N ARG OB 53 -172.06 48.89 1.37
CA ARG OB 53 -172.31 47.60 1.98
C ARG OB 53 -172.93 47.77 3.37
N PRO OB 54 -173.82 46.87 3.77
CA PRO OB 54 -174.51 47.02 5.06
C PRO OB 54 -173.59 46.79 6.25
N LYS OB 55 -174.13 46.95 7.46
CA LYS OB 55 -173.37 46.80 8.70
C LYS OB 55 -173.81 45.52 9.40
N ILE OB 56 -172.84 44.73 9.82
CA ILE OB 56 -173.10 43.42 10.43
C ILE OB 56 -172.75 43.47 11.91
N LYS OB 57 -173.70 43.05 12.75
CA LYS OB 57 -173.57 43.08 14.20
C LYS OB 57 -173.68 41.66 14.73
N ARG OB 58 -172.74 41.26 15.58
CA ARG OB 58 -172.77 39.95 16.20
C ARG OB 58 -173.72 39.94 17.38
N THR OB 59 -174.30 38.78 17.65
CA THR OB 59 -175.20 38.59 18.77
C THR OB 59 -174.83 37.32 19.52
N PRO OB 60 -175.09 37.26 20.83
CA PRO OB 60 -174.77 36.06 21.62
C PRO OB 60 -175.92 35.06 21.62
N TYR OB 61 -176.33 34.62 20.43
CA TYR OB 61 -177.43 33.70 20.28
C TYR OB 61 -177.11 32.63 19.24
N THR OB 62 -177.66 31.45 19.46
CA THR OB 62 -177.65 30.38 18.48
C THR OB 62 -179.07 30.14 17.98
N LEU OB 63 -179.18 29.30 16.95
CA LEU OB 63 -180.48 29.02 16.36
C LEU OB 63 -181.42 28.36 17.37
N ASN OB 64 -180.91 27.39 18.13
CA ASN OB 64 -181.74 26.68 19.09
C ASN OB 64 -182.20 27.61 20.22
N ASP OB 65 -181.35 28.55 20.63
CA ASP OB 65 -181.76 29.51 21.65
C ASP OB 65 -182.80 30.48 21.10
N ILE OB 66 -182.61 30.96 19.87
CA ILE OB 66 -183.53 31.95 19.32
C ILE OB 66 -184.87 31.32 18.97
N LEU OB 67 -184.90 30.01 18.71
CA LEU OB 67 -186.11 29.32 18.30
C LEU OB 67 -186.75 28.59 19.48
N ASP OB 68 -188.08 28.65 19.54
CA ASP OB 68 -188.81 27.86 20.53
C ASP OB 68 -188.61 26.37 20.28
N GLU OB 69 -188.65 25.95 19.01
CA GLU OB 69 -188.47 24.55 18.66
C GLU OB 69 -187.02 24.31 18.25
N PRO OB 70 -186.31 23.38 18.88
CA PRO OB 70 -184.91 23.15 18.52
C PRO OB 70 -184.77 22.48 17.16
N CYS OB 71 -183.59 22.61 16.60
CA CYS OB 71 -183.21 22.05 15.32
C CYS OB 71 -181.91 21.27 15.47
N PRO OB 72 -181.67 20.29 14.61
CA PRO OB 72 -180.37 19.60 14.65
C PRO OB 72 -179.23 20.57 14.39
N ASN OB 73 -178.11 20.33 15.08
CA ASN OB 73 -177.00 21.29 15.07
C ASN OB 73 -175.63 20.62 14.84
N GLN OB 74 -175.60 19.38 14.40
CA GLN OB 74 -174.32 18.71 14.17
C GLN OB 74 -173.56 19.39 13.04
N LEU OB 75 -172.23 19.38 13.15
CA LEU OB 75 -171.36 20.06 12.20
C LEU OB 75 -170.36 19.08 11.60
N LYS OB 76 -169.66 19.54 10.56
CA LYS OB 76 -168.60 18.78 9.92
C LYS OB 76 -167.62 19.77 9.29
N SER OB 77 -166.37 19.35 9.18
CA SER OB 77 -165.31 20.19 8.65
C SER OB 77 -164.52 19.44 7.58
N SER OB 78 -164.01 20.21 6.63
CA SER OB 78 -163.20 19.65 5.54
C SER OB 78 -162.24 20.71 5.04
N ASP OB 79 -161.14 20.25 4.44
CA ASP OB 79 -160.11 21.18 3.99
C ASP OB 79 -160.62 22.08 2.88
N LEU OB 80 -160.13 23.32 2.87
CA LEU OB 80 -160.51 24.30 1.87
C LEU OB 80 -159.35 24.77 1.02
N VAL OB 81 -158.26 25.23 1.64
CA VAL OB 81 -157.09 25.73 0.91
C VAL OB 81 -155.87 25.57 1.82
N THR OB 82 -154.69 25.58 1.22
CA THR OB 82 -153.44 25.37 1.93
C THR OB 82 -152.40 26.34 1.40
N PHE OB 83 -151.93 27.24 2.25
CA PHE OB 83 -150.85 28.17 1.90
C PHE OB 83 -149.53 27.51 2.24
N THR OB 84 -148.87 26.97 1.22
CA THR OB 84 -147.63 26.22 1.44
C THR OB 84 -146.51 27.11 1.95
N GLU OB 85 -146.43 28.35 1.45
CA GLU OB 85 -145.39 29.27 1.86
C GLU OB 85 -146.00 30.58 2.32
N PRO OB 86 -145.32 31.29 3.23
CA PRO OB 86 -145.88 32.54 3.75
C PRO OB 86 -146.04 33.59 2.67
N LEU OB 87 -147.12 34.36 2.79
CA LEU OB 87 -147.31 35.55 1.96
C LEU OB 87 -146.34 36.63 2.43
N VAL OB 88 -145.44 37.05 1.54
CA VAL OB 88 -144.38 37.99 1.87
C VAL OB 88 -144.56 39.23 1.01
N SER OB 89 -144.50 40.40 1.66
CA SER OB 89 -144.64 41.68 0.97
C SER OB 89 -143.53 42.62 1.41
N ASN OB 90 -142.95 43.33 0.45
CA ASN OB 90 -141.90 44.30 0.70
C ASN OB 90 -142.22 45.59 -0.04
N VAL OB 91 -142.07 46.72 0.65
CA VAL OB 91 -142.23 48.05 0.06
C VAL OB 91 -141.03 48.88 0.50
N LYS OB 92 -140.43 49.58 -0.45
CA LYS OB 92 -139.25 50.40 -0.15
C LYS OB 92 -139.35 51.67 -0.97
N ALA OB 93 -139.52 52.80 -0.29
CA ALA OB 93 -139.62 54.10 -0.94
C ALA OB 93 -138.53 55.03 -0.45
N SER OB 94 -138.07 55.91 -1.33
CA SER OB 94 -137.05 56.89 -0.97
C SER OB 94 -137.19 58.09 -1.90
N SER OB 95 -137.23 59.29 -1.32
CA SER OB 95 -137.43 60.50 -2.10
C SER OB 95 -136.59 61.63 -1.53
N SER OB 96 -136.30 62.61 -2.37
CA SER OB 96 -135.53 63.79 -1.97
C SER OB 96 -136.03 64.99 -2.76
N ILE OB 97 -136.10 66.13 -2.08
CA ILE OB 97 -136.57 67.38 -2.66
C ILE OB 97 -135.55 68.46 -2.37
N GLY OB 98 -135.24 69.27 -3.38
CA GLY OB 98 -134.35 70.41 -3.20
C GLY OB 98 -134.89 71.67 -3.84
N LEU OB 99 -135.11 72.71 -3.04
CA LEU OB 99 -135.67 73.97 -3.51
C LEU OB 99 -134.66 75.08 -3.25
N GLN OB 100 -134.44 75.93 -4.25
CA GLN OB 100 -133.55 77.07 -4.10
C GLN OB 100 -134.21 78.30 -4.72
N ILE OB 101 -134.24 79.39 -3.97
CA ILE OB 101 -134.71 80.69 -4.46
C ILE OB 101 -133.53 81.64 -4.36
N LEU OB 102 -132.87 81.87 -5.49
CA LEU OB 102 -131.74 82.80 -5.64
C LEU OB 102 -130.68 82.41 -4.62
N LYS OB 103 -130.10 83.35 -3.87
CA LYS OB 103 -129.26 83.05 -2.73
C LYS OB 103 -129.95 83.40 -1.42
N HIS OB 104 -131.29 83.44 -1.43
CA HIS OB 104 -132.07 83.80 -0.25
C HIS OB 104 -132.75 82.62 0.41
N PHE OB 105 -133.16 81.61 -0.33
CA PHE OB 105 -133.82 80.45 0.25
C PHE OB 105 -133.16 79.18 -0.26
N ASP OB 106 -132.94 78.21 0.63
CA ASP OB 106 -132.35 76.93 0.23
C ASP OB 106 -132.84 75.85 1.18
N SER OB 107 -133.72 74.97 0.70
CA SER OB 107 -134.27 73.91 1.52
C SER OB 107 -133.96 72.56 0.88
N GLY OB 108 -133.54 71.60 1.71
CA GLY OB 108 -133.31 70.25 1.25
C GLY OB 108 -133.94 69.22 2.17
N ALA OB 109 -134.89 68.45 1.66
CA ALA OB 109 -135.58 67.45 2.44
C ALA OB 109 -135.39 66.07 1.81
N LYS OB 110 -135.51 65.04 2.63
CA LYS OB 110 -135.39 63.68 2.13
C LYS OB 110 -136.11 62.74 3.08
N GLY OB 111 -136.65 61.67 2.53
CA GLY OB 111 -137.38 60.70 3.32
C GLY OB 111 -137.18 59.30 2.76
N SER OB 112 -137.34 58.31 3.63
CA SER OB 112 -137.22 56.92 3.23
C SER OB 112 -138.13 56.07 4.11
N LYS OB 113 -138.58 54.95 3.55
CA LYS OB 113 -139.48 54.06 4.25
C LYS OB 113 -139.26 52.63 3.77
N ASN OB 114 -139.24 51.69 4.71
CA ASN OB 114 -139.08 50.27 4.42
C ASN OB 114 -140.09 49.50 5.24
N PHE OB 115 -140.97 48.77 4.56
CA PHE OB 115 -142.09 48.07 5.17
C PHE OB 115 -142.08 46.62 4.73
N ILE OB 116 -142.10 45.69 5.69
CA ILE OB 116 -142.02 44.27 5.41
C ILE OB 116 -143.14 43.55 6.15
N THR OB 117 -143.82 42.65 5.45
CA THR OB 117 -144.94 41.90 6.03
C THR OB 117 -144.81 40.42 5.66
N SER OB 118 -145.14 39.55 6.61
CA SER OB 118 -145.14 38.11 6.38
C SER OB 118 -146.32 37.49 7.11
N ALA OB 119 -147.10 36.69 6.40
CA ALA OB 119 -148.25 36.01 6.99
C ALA OB 119 -148.19 34.52 6.65
N SER OB 120 -148.25 33.69 7.67
CA SER OB 120 -148.23 32.23 7.53
C SER OB 120 -149.52 31.70 8.12
N LEU OB 121 -150.47 31.36 7.25
CA LEU OB 121 -151.77 30.86 7.66
C LEU OB 121 -151.86 29.34 7.67
N GLY OB 122 -150.85 28.64 7.17
CA GLY OB 122 -150.88 27.19 7.19
C GLY OB 122 -152.03 26.65 6.37
N THR OB 123 -152.87 25.83 7.01
CA THR OB 123 -154.02 25.19 6.37
C THR OB 123 -155.30 25.82 6.88
N VAL OB 124 -156.23 26.09 5.98
CA VAL OB 124 -157.54 26.65 6.32
C VAL OB 124 -158.59 25.61 6.00
N VAL OB 125 -159.46 25.33 6.97
CA VAL OB 125 -160.55 24.39 6.80
C VAL OB 125 -161.87 25.14 6.82
N LYS OB 126 -162.93 24.46 6.38
CA LYS OB 126 -164.27 25.02 6.37
C LYS OB 126 -165.17 24.12 7.20
N ALA OB 127 -165.95 24.74 8.07
CA ALA OB 127 -166.88 24.03 8.95
C ALA OB 127 -168.31 24.49 8.63
N GLU OB 128 -169.22 23.51 8.58
CA GLU OB 128 -170.59 23.76 8.18
C GLU OB 128 -171.47 22.63 8.69
N THR OB 129 -172.77 22.90 8.74
CA THR OB 129 -173.74 21.90 9.16
C THR OB 129 -173.68 20.67 8.26
N ILE OB 130 -173.87 19.50 8.84
CA ILE OB 130 -173.85 18.27 8.06
C ILE OB 130 -174.97 18.27 7.03
N ASP OB 131 -176.17 18.67 7.43
CA ASP OB 131 -177.31 18.77 6.53
C ASP OB 131 -177.98 20.11 6.75
N ILE OB 132 -177.99 20.95 5.73
CA ILE OB 132 -178.61 22.27 5.83
C ILE OB 132 -180.08 22.24 5.47
N THR OB 133 -180.50 21.29 4.64
CA THR OB 133 -181.91 21.20 4.24
C THR OB 133 -182.80 20.93 5.44
N LYS OB 134 -182.39 20.02 6.33
CA LYS OB 134 -183.18 19.74 7.53
C LYS OB 134 -183.27 20.97 8.43
N VAL OB 135 -182.16 21.68 8.60
CA VAL OB 135 -182.16 22.88 9.41
C VAL OB 135 -183.12 23.91 8.83
N LEU OB 136 -183.07 24.10 7.51
CA LEU OB 136 -183.97 25.06 6.87
C LEU OB 136 -185.43 24.66 7.03
N ALA OB 137 -185.73 23.37 6.85
CA ALA OB 137 -187.11 22.92 7.01
C ALA OB 137 -187.61 23.18 8.42
N LYS OB 138 -186.81 22.79 9.43
CA LYS OB 138 -187.22 23.00 10.81
C LYS OB 138 -187.36 24.48 11.13
N VAL OB 139 -186.47 25.32 10.61
CA VAL OB 139 -186.61 26.77 10.82
C VAL OB 139 -187.94 27.25 10.27
N ARG OB 140 -188.24 26.86 9.03
CA ARG OB 140 -189.49 27.31 8.41
C ARG OB 140 -190.71 26.84 9.18
N THR OB 141 -190.64 25.64 9.77
CA THR OB 141 -191.78 25.12 10.52
C THR OB 141 -191.73 25.48 12.00
N ALA OB 142 -190.73 26.22 12.46
CA ALA OB 142 -190.56 26.52 13.87
C ALA OB 142 -190.79 28.01 14.13
N LYS OB 143 -191.30 28.32 15.32
CA LYS OB 143 -191.52 29.69 15.75
C LYS OB 143 -190.41 30.18 16.67
N ALA OB 144 -190.13 31.49 16.57
CA ALA OB 144 -189.09 32.09 17.39
C ALA OB 144 -189.53 32.19 18.85
N LYS OB 145 -188.58 32.53 19.71
CA LYS OB 145 -188.84 32.64 21.13
C LYS OB 145 -189.58 33.94 21.42
N VAL OB 146 -190.78 33.82 22.00
CA VAL OB 146 -191.58 35.01 22.32
C VAL OB 146 -190.87 35.85 23.37
N GLU OB 147 -190.23 35.20 24.34
CA GLU OB 147 -189.52 35.94 25.39
C GLU OB 147 -188.40 36.80 24.83
N ASN OB 148 -187.72 36.34 23.79
CA ASN OB 148 -186.56 37.06 23.26
C ASN OB 148 -186.95 38.46 22.81
N ASP OB 149 -186.11 39.43 23.17
CA ASP OB 149 -186.35 40.83 22.83
C ASP OB 149 -185.77 41.21 21.48
N LEU OB 150 -184.62 40.62 21.11
CA LEU OB 150 -183.99 40.92 19.84
C LEU OB 150 -184.91 40.64 18.67
N VAL OB 151 -185.59 39.48 18.71
CA VAL OB 151 -186.51 39.13 17.62
C VAL OB 151 -187.62 40.17 17.49
N SER OB 152 -188.19 40.59 18.62
CA SER OB 152 -189.24 41.60 18.59
C SER OB 152 -188.72 42.91 18.03
N ARG OB 153 -187.52 43.32 18.45
CA ARG OB 153 -186.92 44.54 17.92
C ARG OB 153 -186.79 44.46 16.41
N VAL OB 154 -186.22 43.37 15.90
CA VAL OB 154 -186.04 43.21 14.46
C VAL OB 154 -187.38 43.18 13.75
N MET OB 155 -188.40 42.58 14.36
CA MET OB 155 -189.72 42.53 13.75
C MET OB 155 -190.32 43.93 13.63
N LYS OB 156 -190.22 44.73 14.69
CA LYS OB 156 -190.85 46.05 14.66
C LYS OB 156 -190.07 47.02 13.77
N THR OB 157 -188.74 46.88 13.74
CA THR OB 157 -187.95 47.76 12.89
C THR OB 157 -187.92 47.22 11.45
N LYS OB 158 -187.71 48.14 10.51
CA LYS OB 158 -187.67 47.79 9.09
C LYS OB 158 -186.26 47.68 8.54
N ARG OB 159 -185.30 48.40 9.11
CA ARG OB 159 -183.93 48.32 8.62
C ARG OB 159 -183.27 47.02 9.03
N LEU OB 160 -183.50 46.58 10.27
CA LEU OB 160 -182.81 45.42 10.80
C LEU OB 160 -183.29 44.14 10.12
N CYS OB 161 -182.34 43.24 9.85
CA CYS OB 161 -182.63 41.93 9.31
C CYS OB 161 -181.82 40.88 10.06
N LEU OB 162 -182.32 39.65 10.07
CA LEU OB 162 -181.65 38.56 10.76
C LEU OB 162 -180.93 37.66 9.75
N GLY OB 163 -179.77 37.15 10.15
CA GLY OB 163 -179.01 36.25 9.30
C GLY OB 163 -178.43 35.08 10.06
N LEU OB 164 -178.55 33.88 9.49
CA LEU OB 164 -178.03 32.67 10.10
C LEU OB 164 -176.73 32.30 9.39
N VAL OB 165 -175.66 32.16 10.17
CA VAL OB 165 -174.36 31.81 9.60
C VAL OB 165 -174.33 30.31 9.30
N VAL OB 166 -173.89 29.95 8.11
CA VAL OB 166 -173.97 28.57 7.64
C VAL OB 166 -172.62 27.95 7.35
N GLU OB 167 -171.56 28.72 7.14
CA GLU OB 167 -170.25 28.14 6.89
C GLU OB 167 -169.18 29.10 7.38
N THR OB 168 -168.09 28.55 7.90
CA THR OB 168 -167.02 29.35 8.48
C THR OB 168 -165.66 28.79 8.11
N ALA OB 169 -164.72 29.67 7.79
CA ALA OB 169 -163.35 29.28 7.46
C ALA OB 169 -162.46 29.53 8.67
N CYS OB 170 -161.78 28.49 9.13
CA CYS OB 170 -160.97 28.55 10.34
C CYS OB 170 -159.59 27.95 10.08
N VAL OB 171 -158.58 28.49 10.75
CA VAL OB 171 -157.22 27.99 10.61
C VAL OB 171 -157.10 26.68 11.39
N ALA OB 172 -156.52 25.66 10.75
CA ALA OB 172 -156.36 24.37 11.42
C ALA OB 172 -155.28 24.43 12.48
N ALA OB 173 -154.19 25.15 12.21
CA ALA OB 173 -153.07 25.26 13.13
C ALA OB 173 -152.79 26.72 13.42
N ALA OB 174 -151.77 26.96 14.24
CA ALA OB 174 -151.43 28.33 14.63
C ALA OB 174 -150.95 29.13 13.42
N GLY OB 175 -151.35 30.39 13.36
CA GLY OB 175 -150.98 31.29 12.27
C GLY OB 175 -150.09 32.41 12.77
N LYS OB 176 -149.05 32.71 12.01
CA LYS OB 176 -148.03 33.68 12.42
C LYS OB 176 -148.08 34.92 11.55
N LEU OB 177 -148.13 36.09 12.17
CA LEU OB 177 -148.18 37.36 11.45
C LEU OB 177 -147.05 38.25 11.95
N THR OB 178 -146.17 38.69 11.03
CA THR OB 178 -145.02 39.50 11.37
C THR OB 178 -144.98 40.75 10.50
N GLU OB 179 -144.65 41.89 11.12
CA GLU OB 179 -144.57 43.17 10.43
C GLU OB 179 -143.39 43.96 10.96
N ALA OB 180 -142.65 44.59 10.04
CA ALA OB 180 -141.51 45.42 10.38
C ALA OB 180 -141.58 46.73 9.60
N ASP OB 181 -141.33 47.84 10.29
CA ASP OB 181 -141.41 49.17 9.71
C ASP OB 181 -140.17 49.95 10.11
N ASN OB 182 -139.56 50.65 9.15
CA ASN OB 182 -138.42 51.52 9.42
C ASN OB 182 -138.52 52.72 8.50
N TRP OB 183 -138.78 53.90 9.06
CA TRP OB 183 -138.85 55.08 8.20
C TRP OB 183 -138.08 56.23 8.82
N GLU OB 184 -137.64 57.15 7.96
CA GLU OB 184 -136.71 58.20 8.35
C GLU OB 184 -136.97 59.46 7.55
N ILE OB 185 -136.85 60.61 8.20
CA ILE OB 185 -137.03 61.93 7.61
C ILE OB 185 -135.85 62.81 8.00
N SER OB 186 -135.26 63.49 7.02
CA SER OB 186 -134.17 64.42 7.26
C SER OB 186 -134.41 65.69 6.46
N GLY OB 187 -134.57 66.82 7.16
CA GLY OB 187 -134.86 68.08 6.51
C GLY OB 187 -133.90 69.17 6.96
N HIS OB 188 -133.68 70.13 6.06
CA HIS OB 188 -132.78 71.24 6.31
C HIS OB 188 -133.30 72.48 5.61
N THR OB 189 -133.20 73.62 6.28
CA THR OB 189 -133.71 74.89 5.77
C THR OB 189 -132.67 75.97 6.03
N ASN OB 190 -132.43 76.82 5.02
CA ASN OB 190 -131.49 77.93 5.14
C ASN OB 190 -132.15 79.16 4.52
N ALA OB 191 -132.50 80.11 5.37
CA ALA OB 191 -133.07 81.39 4.94
C ALA OB 191 -132.01 82.47 5.16
N ASN OB 192 -131.40 82.93 4.07
CA ASN OB 192 -130.38 83.97 4.12
C ASN OB 192 -131.00 85.28 3.68
N ILE OB 193 -130.90 86.29 4.55
CA ILE OB 193 -131.38 87.63 4.26
C ILE OB 193 -130.25 88.59 4.55
N GLY OB 194 -130.38 89.82 4.03
CA GLY OB 194 -129.33 90.81 4.19
C GLY OB 194 -128.97 91.08 5.64
N GLU OB 195 -129.95 91.01 6.55
CA GLU OB 195 -129.71 91.26 7.96
C GLU OB 195 -130.10 90.08 8.84
N ALA OB 196 -130.41 88.92 8.26
CA ALA OB 196 -130.82 87.77 9.05
C ALA OB 196 -130.38 86.50 8.36
N VAL OB 197 -129.89 85.54 9.15
CA VAL OB 197 -129.49 84.22 8.67
C VAL OB 197 -130.10 83.19 9.59
N VAL OB 198 -130.91 82.28 9.03
CA VAL OB 198 -131.55 81.22 9.79
C VAL OB 198 -131.15 79.88 9.18
N THR OB 199 -130.67 78.96 10.01
CA THR OB 199 -130.26 77.63 9.57
C THR OB 199 -130.88 76.59 10.50
N ALA OB 200 -131.87 75.86 10.01
CA ALA OB 200 -132.58 74.86 10.78
C ALA OB 200 -132.35 73.47 10.19
N THR OB 201 -132.33 72.47 11.05
CA THR OB 201 -132.12 71.09 10.63
C THR OB 201 -132.89 70.17 11.56
N ALA OB 202 -133.50 69.13 11.00
CA ALA OB 202 -134.26 68.18 11.80
C ALA OB 202 -134.15 66.78 11.21
N GLU OB 203 -133.77 65.81 12.05
CA GLU OB 203 -133.66 64.42 11.64
C GLU OB 203 -134.44 63.56 12.61
N LEU OB 204 -135.18 62.59 12.08
CA LEU OB 204 -135.86 61.63 12.93
C LEU OB 204 -136.03 60.32 12.18
N ASP OB 205 -136.23 59.24 12.93
CA ASP OB 205 -136.42 57.92 12.35
C ASP OB 205 -137.11 57.03 13.36
N LYS OB 206 -138.10 56.27 12.90
CA LYS OB 206 -138.89 55.38 13.74
C LYS OB 206 -138.76 53.95 13.23
N ASN OB 207 -138.64 53.01 14.16
CA ASN OB 207 -138.55 51.59 13.88
C ASN OB 207 -139.55 50.85 14.74
N LEU OB 208 -140.35 49.99 14.10
CA LEU OB 208 -141.37 49.20 14.80
C LEU OB 208 -141.32 47.75 14.29
N SER OB 209 -141.72 46.83 15.16
CA SER OB 209 -141.81 45.42 14.80
C SER OB 209 -142.88 44.76 15.66
N ARG OB 210 -143.85 44.12 15.00
CA ARG OB 210 -144.94 43.46 15.68
C ARG OB 210 -145.08 42.04 15.18
N LYS OB 211 -145.10 41.06 16.09
CA LYS OB 211 -145.19 39.65 15.73
C LYS OB 211 -146.21 38.99 16.65
N ILE OB 212 -147.25 38.39 16.04
CA ILE OB 212 -148.31 37.74 16.80
C ILE OB 212 -148.58 36.37 16.21
N GLU OB 213 -149.32 35.56 16.96
CA GLU OB 213 -149.64 34.19 16.56
C GLU OB 213 -151.06 33.86 17.00
N ILE OB 214 -151.97 33.78 16.04
CA ILE OB 214 -153.35 33.39 16.33
C ILE OB 214 -153.42 31.89 16.57
N PRO OB 215 -154.23 31.43 17.52
CA PRO OB 215 -154.26 30.01 17.86
C PRO OB 215 -155.15 29.23 16.90
N PRO OB 216 -155.06 27.91 16.89
CA PRO OB 216 -155.94 27.11 16.03
C PRO OB 216 -157.40 27.32 16.37
N GLY OB 217 -158.24 27.30 15.34
CA GLY OB 217 -159.68 27.46 15.50
C GLY OB 217 -160.18 28.87 15.27
N THR OB 218 -159.29 29.85 15.11
CA THR OB 218 -159.72 31.22 14.90
C THR OB 218 -160.44 31.36 13.56
N ALA OB 219 -161.63 31.95 13.59
CA ALA OB 219 -162.40 32.12 12.37
C ALA OB 219 -161.82 33.24 11.52
N LEU OB 220 -161.91 33.08 10.20
CA LEU OB 220 -161.42 34.07 9.25
C LEU OB 220 -162.52 34.72 8.43
N ALA OB 221 -163.49 33.96 7.96
CA ALA OB 221 -164.55 34.49 7.11
C ALA OB 221 -165.77 33.60 7.22
N TYR OB 222 -166.90 34.11 6.76
CA TYR OB 222 -168.17 33.41 6.93
C TYR OB 222 -169.15 33.83 5.84
N SER OB 223 -170.20 33.03 5.70
CA SER OB 223 -171.31 33.33 4.81
C SER OB 223 -172.61 33.04 5.55
N PHE OB 224 -173.66 33.80 5.24
CA PHE OB 224 -174.90 33.69 5.99
C PHE OB 224 -176.10 33.76 5.05
N MET OB 225 -177.23 33.28 5.55
CA MET OB 225 -178.50 33.29 4.84
C MET OB 225 -179.50 34.17 5.57
N ASP OB 226 -180.27 34.95 4.83
CA ASP OB 226 -181.20 35.89 5.44
C ASP OB 226 -182.44 35.20 5.98
N LEU OB 227 -183.12 35.88 6.90
CA LEU OB 227 -184.35 35.38 7.51
C LEU OB 227 -185.37 36.51 7.55
N GLU OB 228 -186.60 36.14 7.90
CA GLU OB 228 -187.71 37.10 7.98
C GLU OB 228 -188.69 36.65 9.05
N ILE OB 229 -189.01 37.55 9.97
CA ILE OB 229 -189.97 37.27 11.03
C ILE OB 229 -191.37 37.49 10.48
N LEU OB 230 -192.22 36.47 10.59
CA LEU OB 230 -193.63 36.65 10.23
C LEU OB 230 -194.33 37.52 11.27
N GLU OB 231 -195.62 37.77 11.03
CA GLU OB 231 -196.44 38.45 12.04
C GLU OB 231 -196.37 37.71 13.36
N ASP OB 232 -196.53 36.39 13.33
CA ASP OB 232 -196.32 35.55 14.49
C ASP OB 232 -194.82 35.36 14.75
N ARG OB 233 -194.50 34.52 15.73
CA ARG OB 233 -193.11 34.19 16.00
C ARG OB 233 -192.49 33.31 14.91
N SER OB 234 -193.28 32.85 13.93
CA SER OB 234 -192.77 32.01 12.86
C SER OB 234 -191.68 32.73 12.07
N LEU OB 235 -190.73 31.94 11.57
CA LEU OB 235 -189.61 32.46 10.79
C LEU OB 235 -189.66 31.86 9.38
N ARG OB 236 -189.22 32.66 8.40
CA ARG OB 236 -189.15 32.23 7.02
C ARG OB 236 -187.79 32.59 6.44
N VAL OB 237 -187.42 31.91 5.38
CA VAL OB 237 -186.15 32.19 4.70
C VAL OB 237 -186.44 33.04 3.47
N SER OB 238 -185.55 33.99 3.19
CA SER OB 238 -185.73 34.93 2.10
C SER OB 238 -184.54 34.88 1.16
N SER OB 239 -184.80 34.96 -0.14
CA SER OB 239 -183.77 34.86 -1.16
C SER OB 239 -183.88 36.06 -2.10
N SER OB 240 -182.85 36.89 -2.13
CA SER OB 240 -182.78 37.98 -3.08
C SER OB 240 -182.35 37.42 -4.44
N ALA OB 241 -183.30 37.37 -5.38
CA ALA OB 241 -183.08 36.79 -6.70
C ALA OB 241 -182.63 35.32 -6.59
N GLY OB 242 -183.10 34.62 -5.56
CA GLY OB 242 -182.77 33.23 -5.37
C GLY OB 242 -181.34 32.96 -4.94
N ALA OB 243 -180.64 33.97 -4.42
CA ALA OB 243 -179.24 33.78 -4.03
C ALA OB 243 -179.13 32.81 -2.86
N MET OB 244 -179.87 33.05 -1.78
CA MET OB 244 -179.81 32.27 -0.54
C MET OB 244 -178.40 32.23 0.05
N PHE OB 245 -177.52 33.14 -0.36
CA PHE OB 245 -176.17 33.23 0.17
C PHE OB 245 -175.77 34.70 0.13
N ASP OB 246 -175.86 35.37 1.27
CA ASP OB 246 -175.60 36.80 1.33
C ASP OB 246 -174.18 37.03 1.83
N SER OB 247 -173.45 37.88 1.11
CA SER OB 247 -172.07 38.22 1.45
C SER OB 247 -171.95 39.65 1.97
N GLY OB 248 -173.06 40.25 2.40
CA GLY OB 248 -173.02 41.63 2.85
C GLY OB 248 -172.64 42.60 1.75
N LYS OB 249 -173.12 42.36 0.54
CA LYS OB 249 -172.80 43.20 -0.61
C LYS OB 249 -173.96 44.13 -0.93
N ALA OB 250 -173.63 45.28 -1.51
CA ALA OB 250 -174.65 46.22 -1.92
C ALA OB 250 -175.47 45.66 -3.07
N GLU OB 251 -176.74 46.09 -3.15
CA GLU OB 251 -177.62 45.60 -4.20
C GLU OB 251 -177.11 45.99 -5.58
N SER OB 252 -176.62 47.23 -5.72
CA SER OB 252 -176.08 47.74 -6.98
C SER OB 252 -177.09 47.63 -8.12
CA ARG PB 3 -156.80 38.63 -11.01
C ARG PB 3 -156.40 37.48 -10.09
N PRO PB 4 -157.38 36.87 -9.43
CA PRO PB 4 -157.08 35.74 -8.55
C PRO PB 4 -156.44 34.59 -9.31
N MET PB 5 -155.49 33.92 -8.63
CA MET PB 5 -154.80 32.80 -9.26
C MET PB 5 -155.77 31.67 -9.59
N PHE PB 6 -156.73 31.41 -8.71
CA PHE PB 6 -157.70 30.36 -8.99
C PHE PB 6 -158.50 30.68 -10.24
N ALA PB 7 -158.94 31.94 -10.38
CA ALA PB 7 -159.69 32.32 -11.58
C ALA PB 7 -158.83 32.21 -12.83
N VAL PB 8 -157.56 32.62 -12.74
CA VAL PB 8 -156.67 32.53 -13.89
C VAL PB 8 -156.47 31.07 -14.30
N ALA PB 9 -156.25 30.19 -13.31
CA ALA PB 9 -156.06 28.78 -13.62
C ALA PB 9 -157.33 28.17 -14.19
N VAL PB 10 -158.49 28.56 -13.68
CA VAL PB 10 -159.75 28.05 -14.22
C VAL PB 10 -159.91 28.47 -15.67
N ASN PB 11 -159.61 29.73 -15.97
CA ASN PB 11 -159.69 30.20 -17.36
C ASN PB 11 -158.72 29.45 -18.26
N GLU PB 12 -157.50 29.22 -17.79
CA GLU PB 12 -156.53 28.48 -18.58
C GLU PB 12 -157.01 27.06 -18.87
N PHE PB 13 -157.54 26.39 -17.85
CA PHE PB 13 -158.04 25.03 -18.03
C PHE PB 13 -159.22 25.01 -18.99
N ILE PB 14 -160.16 25.93 -18.82
CA ILE PB 14 -161.35 25.91 -19.66
C ILE PB 14 -161.00 26.25 -21.11
N ARG PB 15 -159.97 27.08 -21.32
CA ARG PB 15 -159.53 27.35 -22.68
C ARG PB 15 -158.84 26.13 -23.29
N SER PB 16 -157.94 25.50 -22.54
CA SER PB 16 -157.20 24.35 -23.08
C SER PB 16 -158.13 23.19 -23.38
N ALA PB 17 -159.09 22.92 -22.49
CA ALA PB 17 -160.04 21.83 -22.67
C ALA PB 17 -161.44 22.34 -22.39
N GLY PB 18 -162.39 21.96 -23.24
CA GLY PB 18 -163.78 22.34 -23.04
C GLY PB 18 -164.06 23.82 -23.11
N GLN PB 19 -163.53 24.49 -24.15
CA GLN PB 19 -163.80 25.90 -24.33
C GLN PB 19 -165.28 26.17 -24.53
N ASP PB 20 -166.02 25.20 -25.06
CA ASP PB 20 -167.45 25.29 -25.23
C ASP PB 20 -168.14 24.35 -24.24
N SER PB 21 -169.38 24.72 -23.87
CA SER PB 21 -170.21 23.92 -22.97
C SER PB 21 -169.51 23.69 -21.63
N LEU PB 22 -168.99 24.76 -21.05
CA LEU PB 22 -168.33 24.68 -19.76
C LEU PB 22 -168.35 26.06 -19.10
N CYS PB 23 -168.65 26.09 -17.80
CA CYS PB 23 -168.74 27.32 -17.04
C CYS PB 23 -167.69 27.31 -15.93
N GLY PB 24 -166.93 28.40 -15.83
CA GLY PB 24 -165.93 28.51 -14.80
C GLY PB 24 -166.54 28.60 -13.41
N VAL PB 25 -165.75 28.21 -12.42
CA VAL PB 25 -166.15 28.25 -11.02
C VAL PB 25 -165.76 29.61 -10.44
N PRO PB 26 -166.68 30.31 -9.78
CA PRO PB 26 -166.35 31.66 -9.29
C PRO PB 26 -165.23 31.70 -8.27
N ASP PB 27 -165.23 30.79 -7.29
CA ASP PB 27 -164.21 30.83 -6.25
C ASP PB 27 -164.10 29.48 -5.59
N ILE PB 28 -163.00 29.29 -4.85
CA ILE PB 28 -162.72 28.02 -4.20
C ILE PB 28 -163.79 27.69 -3.18
N ASN PB 29 -164.25 28.68 -2.42
CA ASN PB 29 -165.25 28.44 -1.39
C ASN PB 29 -166.54 27.89 -1.98
N SER PB 30 -166.99 28.47 -3.09
CA SER PB 30 -168.24 28.06 -3.72
C SER PB 30 -168.04 26.95 -4.75
N SER PB 31 -166.81 26.47 -4.93
CA SER PB 31 -166.56 25.38 -5.87
C SER PB 31 -167.34 24.13 -5.49
N GLY PB 32 -167.47 23.86 -4.19
CA GLY PB 32 -168.13 22.64 -3.75
C GLY PB 32 -169.63 22.62 -3.94
N ASP PB 33 -170.23 23.75 -4.31
CA ASP PB 33 -171.68 23.82 -4.52
C ASP PB 33 -172.07 23.55 -5.95
N PHE PB 34 -171.13 23.22 -6.83
CA PHE PB 34 -171.40 22.96 -8.24
C PHE PB 34 -171.12 21.51 -8.61
N MET PB 35 -171.34 20.59 -7.68
CA MET PB 35 -171.23 19.17 -7.97
C MET PB 35 -172.47 18.70 -8.73
N PRO PB 36 -172.39 17.54 -9.38
CA PRO PB 36 -173.54 17.07 -10.17
C PRO PB 36 -174.79 16.91 -9.32
N LEU PB 37 -175.94 17.11 -9.97
CA LEU PB 37 -177.25 17.02 -9.33
C LEU PB 37 -177.43 18.12 -8.28
N HIS PB 38 -177.07 19.34 -8.66
CA HIS PB 38 -177.28 20.52 -7.84
C HIS PB 38 -178.12 21.53 -8.60
N ILE PB 39 -178.97 22.25 -7.88
CA ILE PB 39 -179.85 23.26 -8.47
C ILE PB 39 -179.14 24.60 -8.41
N ILE PB 40 -179.20 25.34 -9.53
CA ILE PB 40 -178.65 26.70 -9.61
C ILE PB 40 -179.72 27.59 -10.23
N VAL PB 41 -179.58 28.90 -10.00
CA VAL PB 41 -180.52 29.89 -10.49
C VAL PB 41 -179.81 30.76 -11.52
N LYS PB 42 -180.48 30.99 -12.64
CA LYS PB 42 -179.95 31.82 -13.72
C LYS PB 42 -180.79 33.08 -13.86
N GLU PB 43 -180.12 34.23 -13.90
CA GLU PB 43 -180.75 35.53 -14.02
C GLU PB 43 -180.33 36.17 -15.32
N VAL PB 44 -181.31 36.66 -16.09
CA VAL PB 44 -181.07 37.27 -17.39
C VAL PB 44 -180.41 38.64 -17.20
N PRO PB 45 -179.63 39.12 -18.17
CA PRO PB 45 -178.99 40.44 -18.00
C PRO PB 45 -179.97 41.58 -17.83
N LYS PB 46 -181.14 41.51 -18.47
CA LYS PB 46 -182.21 42.51 -18.43
C LYS PB 46 -181.83 43.79 -19.15
N VAL PB 47 -180.62 43.92 -19.67
CA VAL PB 47 -180.21 45.11 -20.40
C VAL PB 47 -179.89 44.72 -21.84
N LEU PB 48 -178.92 43.83 -22.01
CA LEU PB 48 -178.54 43.30 -23.33
C LEU PB 48 -178.50 41.78 -23.22
N PRO PB 49 -179.68 41.13 -23.18
CA PRO PB 49 -179.69 39.68 -23.00
C PRO PB 49 -178.93 38.91 -24.07
N CYS PB 50 -178.97 39.37 -25.32
CA CYS PB 50 -178.27 38.70 -26.40
C CYS PB 50 -176.80 39.08 -26.49
N CYS PB 51 -176.37 40.09 -25.73
CA CYS PB 51 -174.98 40.55 -25.78
C CYS PB 51 -174.21 40.28 -24.50
N ARG PB 52 -174.88 39.97 -23.39
CA ARG PB 52 -174.23 39.76 -22.11
C ARG PB 52 -174.59 38.40 -21.57
N ARG PB 53 -173.60 37.71 -20.98
CA ARG PB 53 -173.85 36.41 -20.40
C ARG PB 53 -174.64 36.55 -19.10
N PRO PB 54 -175.52 35.59 -18.81
CA PRO PB 54 -176.37 35.71 -17.61
C PRO PB 54 -175.61 35.54 -16.32
N LYS PB 55 -176.30 35.67 -15.18
CA LYS PB 55 -175.70 35.57 -13.86
C LYS PB 55 -176.14 34.27 -13.21
N ILE PB 56 -175.19 33.54 -12.66
CA ILE PB 56 -175.44 32.22 -12.08
C ILE PB 56 -175.28 32.30 -10.56
N LYS PB 57 -176.30 31.82 -9.85
CA LYS PB 57 -176.35 31.86 -8.40
C LYS PB 57 -176.45 30.44 -7.86
N ARG PB 58 -175.60 30.11 -6.89
CA ARG PB 58 -175.63 28.79 -6.27
C ARG PB 58 -176.72 28.73 -5.21
N THR PB 59 -177.24 27.53 -5.01
CA THR PB 59 -178.27 27.29 -4.01
C THR PB 59 -177.93 26.05 -3.20
N PRO PB 60 -178.33 25.98 -1.94
CA PRO PB 60 -178.05 24.80 -1.10
C PRO PB 60 -179.13 23.73 -1.24
N TYR PB 61 -179.34 23.26 -2.46
CA TYR PB 61 -180.36 22.27 -2.74
C TYR PB 61 -179.84 21.23 -3.71
N THR PB 62 -180.34 20.01 -3.56
CA THR PB 62 -180.13 18.94 -4.52
C THR PB 62 -181.47 18.60 -5.19
N LEU PB 63 -181.38 17.76 -6.22
CA LEU PB 63 -182.59 17.40 -6.96
C LEU PB 63 -183.60 16.68 -6.07
N ASN PB 64 -183.12 15.74 -5.25
CA ASN PB 64 -184.03 14.99 -4.38
C ASN PB 64 -184.69 15.89 -3.34
N ASP PB 65 -183.96 16.89 -2.83
CA ASP PB 65 -184.55 17.81 -1.89
C ASP PB 65 -185.58 18.72 -2.57
N ILE PB 66 -185.26 19.20 -3.78
CA ILE PB 66 -186.17 20.13 -4.45
C ILE PB 66 -187.40 19.41 -4.96
N LEU PB 67 -187.32 18.10 -5.20
CA LEU PB 67 -188.42 17.33 -5.75
C LEU PB 67 -189.15 16.57 -4.66
N ASP PB 68 -190.49 16.54 -4.77
CA ASP PB 68 -191.28 15.71 -3.88
C ASP PB 68 -190.96 14.24 -4.07
N GLU PB 69 -190.82 13.81 -5.33
CA GLU PB 69 -190.50 12.42 -5.64
C GLU PB 69 -189.00 12.28 -5.86
N PRO PB 70 -188.32 11.39 -5.13
CA PRO PB 70 -186.87 11.25 -5.31
C PRO PB 70 -186.52 10.59 -6.64
N CYS PB 71 -185.28 10.79 -7.04
CA CYS PB 71 -184.70 10.26 -8.26
C CYS PB 71 -183.39 9.56 -7.93
N PRO PB 72 -182.98 8.60 -8.75
CA PRO PB 72 -181.66 7.99 -8.54
C PRO PB 72 -180.55 9.03 -8.66
N ASN PB 73 -179.52 8.87 -7.83
CA ASN PB 73 -178.48 9.89 -7.71
C ASN PB 73 -177.06 9.32 -7.75
N GLN PB 74 -176.89 8.07 -8.18
CA GLN PB 74 -175.55 7.49 -8.24
C GLN PB 74 -174.69 8.22 -9.26
N LEU PB 75 -173.39 8.29 -9.00
CA LEU PB 75 -172.46 9.02 -9.84
C LEU PB 75 -171.31 8.11 -10.29
N LYS PB 76 -170.55 8.61 -11.23
CA LYS PB 76 -169.35 7.92 -11.72
C LYS PB 76 -168.37 8.96 -12.24
N SER PB 77 -167.09 8.62 -12.19
CA SER PB 77 -166.03 9.54 -12.58
C SER PB 77 -165.06 8.83 -13.53
N SER PB 78 -164.48 9.63 -14.43
CA SER PB 78 -163.51 9.12 -15.40
C SER PB 78 -162.56 10.23 -15.79
N ASP PB 79 -161.36 9.85 -16.24
CA ASP PB 79 -160.34 10.84 -16.56
C ASP PB 79 -160.76 11.70 -17.74
N LEU PB 80 -160.36 12.97 -17.69
CA LEU PB 80 -160.68 13.92 -18.75
C LEU PB 80 -159.44 14.46 -19.45
N VAL PB 81 -158.47 14.99 -18.71
CA VAL PB 81 -157.25 15.56 -19.28
C VAL PB 81 -156.15 15.48 -18.22
N THR PB 82 -154.91 15.57 -18.67
CA THR PB 82 -153.75 15.44 -17.80
C THR PB 82 -152.71 16.47 -18.22
N PHE PB 83 -152.41 17.41 -17.31
CA PHE PB 83 -151.37 18.41 -17.54
C PHE PB 83 -150.05 17.83 -17.04
N THR PB 84 -149.23 17.33 -17.95
CA THR PB 84 -147.99 16.66 -17.56
C THR PB 84 -147.01 17.63 -16.93
N GLU PB 85 -146.95 18.87 -17.43
CA GLU PB 85 -146.02 19.85 -16.90
C GLU PB 85 -146.76 21.12 -16.53
N PRO PB 86 -146.25 21.88 -15.56
CA PRO PB 86 -146.96 23.09 -15.12
C PRO PB 86 -147.04 24.13 -16.23
N LEU PB 87 -148.17 24.83 -16.26
CA LEU PB 87 -148.33 26.00 -17.12
C LEU PB 87 -147.50 27.14 -16.54
N VAL PB 88 -146.52 27.61 -17.32
CA VAL PB 88 -145.57 28.62 -16.87
C VAL PB 88 -145.73 29.85 -17.74
N SER PB 89 -145.82 31.02 -17.12
CA SER PB 89 -145.95 32.28 -17.83
C SER PB 89 -144.97 33.30 -17.27
N ASN PB 90 -144.31 34.03 -18.16
CA ASN PB 90 -143.37 35.08 -17.78
C ASN PB 90 -143.67 36.34 -18.57
N VAL PB 91 -143.69 37.48 -17.88
CA VAL PB 91 -143.85 38.79 -18.50
C VAL PB 91 -142.78 39.70 -17.93
N LYS PB 92 -142.10 40.43 -18.79
CA LYS PB 92 -141.03 41.33 -18.36
C LYS PB 92 -141.11 42.59 -19.20
N ALA PB 93 -141.42 43.71 -18.56
CA ALA PB 93 -141.53 45.00 -19.24
C ALA PB 93 -140.57 45.99 -18.62
N SER PB 94 -140.06 46.90 -19.44
CA SER PB 94 -139.16 47.94 -18.97
C SER PB 94 -139.25 49.13 -19.92
N SER PB 95 -139.44 50.33 -19.37
CA SER PB 95 -139.62 51.52 -20.18
C SER PB 95 -138.94 52.70 -19.51
N SER PB 96 -138.60 53.70 -20.33
CA SER PB 96 -137.97 54.92 -19.85
C SER PB 96 -138.43 56.09 -20.71
N ILE PB 97 -138.66 57.23 -20.05
CA ILE PB 97 -139.13 58.44 -20.70
C ILE PB 97 -138.23 59.59 -20.30
N GLY PB 98 -137.85 60.41 -21.27
CA GLY PB 98 -137.06 61.60 -21.00
C GLY PB 98 -137.59 62.82 -21.72
N LEU PB 99 -137.97 63.85 -20.96
CA LEU PB 99 -138.55 65.07 -21.51
C LEU PB 99 -137.66 66.24 -21.13
N GLN PB 100 -137.36 67.10 -22.11
CA GLN PB 100 -136.57 68.30 -21.87
C GLN PB 100 -137.22 69.48 -22.58
N ILE PB 101 -137.42 70.57 -21.85
CA ILE PB 101 -137.90 71.83 -22.40
C ILE PB 101 -136.81 72.86 -22.17
N LEU PB 102 -136.03 73.13 -23.21
CA LEU PB 102 -134.95 74.13 -23.22
C LEU PB 102 -134.01 73.81 -22.07
N LYS PB 103 -133.60 74.78 -21.27
CA LYS PB 103 -132.88 74.55 -20.03
C LYS PB 103 -133.75 74.85 -18.82
N HIS PB 104 -135.08 74.80 -19.00
CA HIS PB 104 -136.03 75.12 -17.94
C HIS PB 104 -136.71 73.90 -17.35
N PHE PB 105 -136.95 72.86 -18.13
CA PHE PB 105 -137.61 71.66 -17.62
C PHE PB 105 -136.81 70.44 -18.03
N ASP PB 106 -136.65 69.49 -17.11
CA ASP PB 106 -135.93 68.25 -17.41
C ASP PB 106 -136.47 67.14 -16.51
N SER PB 107 -137.22 66.21 -17.09
CA SER PB 107 -137.79 65.11 -16.34
C SER PB 107 -137.32 63.78 -16.92
N GLY PB 108 -136.96 62.85 -16.05
CA GLY PB 108 -136.58 61.52 -16.45
C GLY PB 108 -137.26 60.46 -15.61
N ALA PB 109 -138.09 59.62 -16.23
CA ALA PB 109 -138.81 58.59 -15.52
C ALA PB 109 -138.45 57.23 -16.11
N LYS PB 110 -138.60 56.18 -15.30
CA LYS PB 110 -138.34 54.83 -15.77
C LYS PB 110 -139.12 53.86 -14.90
N GLY PB 111 -139.51 52.75 -15.50
CA GLY PB 111 -140.27 51.73 -14.80
C GLY PB 111 -139.92 50.36 -15.31
N SER PB 112 -140.11 49.36 -14.46
CA SER PB 112 -139.87 47.97 -14.83
C SER PB 112 -140.81 47.07 -14.06
N LYS PB 113 -141.12 45.93 -14.65
CA LYS PB 113 -142.05 44.98 -14.07
C LYS PB 113 -141.67 43.57 -14.50
N ASN PB 114 -141.71 42.64 -13.55
CA ASN PB 114 -141.42 41.22 -13.81
C ASN PB 114 -142.49 40.39 -13.12
N PHE PB 115 -143.22 39.60 -13.90
CA PHE PB 115 -144.37 38.84 -13.41
C PHE PB 115 -144.21 37.39 -13.84
N ILE PB 116 -144.30 36.47 -12.88
CA ILE PB 116 -144.08 35.05 -13.13
C ILE PB 116 -145.25 34.26 -12.53
N THR PB 117 -145.78 33.31 -13.30
CA THR PB 117 -146.90 32.50 -12.85
C THR PB 117 -146.63 31.03 -13.18
N SER PB 118 -147.04 30.15 -12.27
CA SER PB 118 -146.90 28.71 -12.48
C SER PB 118 -148.13 28.01 -11.90
N ALA PB 119 -148.76 27.16 -12.70
CA ALA PB 119 -149.93 26.41 -12.25
C ALA PB 119 -149.73 24.93 -12.56
N SER PB 120 -149.87 24.10 -11.55
CA SER PB 120 -149.74 22.65 -11.67
C SER PB 120 -151.06 22.03 -11.24
N LEU PB 121 -151.87 21.63 -12.22
CA LEU PB 121 -153.18 21.05 -11.97
C LEU PB 121 -153.17 19.53 -11.95
N GLY PB 122 -152.06 18.89 -12.32
CA GLY PB 122 -152.01 17.44 -12.29
C GLY PB 122 -153.00 16.82 -13.24
N THR PB 123 -153.85 15.95 -12.71
CA THR PB 123 -154.86 15.24 -13.48
C THR PB 123 -156.25 15.79 -13.14
N VAL PB 124 -157.07 15.99 -14.15
CA VAL PB 124 -158.44 16.47 -13.99
C VAL PB 124 -159.39 15.36 -14.43
N VAL PB 125 -160.35 15.03 -13.57
CA VAL PB 125 -161.34 14.02 -13.87
C VAL PB 125 -162.70 14.68 -14.02
N LYS PB 126 -163.65 13.94 -14.58
CA LYS PB 126 -165.01 14.40 -14.78
C LYS PB 126 -165.95 13.45 -14.06
N ALA PB 127 -166.88 14.03 -13.30
CA ALA PB 127 -167.87 13.27 -12.53
C ALA PB 127 -169.25 13.62 -13.03
N GLU PB 128 -170.09 12.59 -13.19
CA GLU PB 128 -171.42 12.76 -13.75
C GLU PB 128 -172.29 11.57 -13.36
N THR PB 129 -173.60 11.76 -13.48
CA THR PB 129 -174.53 10.69 -13.16
C THR PB 129 -174.29 9.48 -14.04
N ILE PB 130 -174.48 8.29 -13.47
CA ILE PB 130 -174.28 7.06 -14.23
C ILE PB 130 -175.26 6.98 -15.40
N ASP PB 131 -176.52 7.32 -15.16
CA ASP PB 131 -177.55 7.34 -16.19
C ASP PB 131 -178.33 8.63 -16.07
N ILE PB 132 -178.25 9.46 -17.10
CA ILE PB 132 -178.96 10.74 -17.09
C ILE PB 132 -180.38 10.61 -17.63
N THR PB 133 -180.63 9.64 -18.50
CA THR PB 133 -181.95 9.46 -19.07
C THR PB 133 -182.98 9.13 -17.99
N LYS PB 134 -182.62 8.25 -17.05
CA LYS PB 134 -183.53 7.93 -15.96
C LYS PB 134 -183.82 9.15 -15.10
N VAL PB 135 -182.79 9.93 -14.79
CA VAL PB 135 -182.97 11.14 -13.99
C VAL PB 135 -183.91 12.10 -14.70
N LEU PB 136 -183.71 12.28 -16.01
CA LEU PB 136 -184.58 13.18 -16.77
C LEU PB 136 -186.01 12.69 -16.79
N ALA PB 137 -186.21 11.39 -16.99
CA ALA PB 137 -187.56 10.84 -17.01
C ALA PB 137 -188.26 11.07 -15.67
N LYS PB 138 -187.57 10.74 -14.57
CA LYS PB 138 -188.15 10.93 -13.25
C LYS PB 138 -188.44 12.40 -12.97
N VAL PB 139 -187.54 13.29 -13.39
CA VAL PB 139 -187.80 14.73 -13.20
C VAL PB 139 -189.07 15.13 -13.92
N ARG PB 140 -189.21 14.71 -15.18
CA ARG PB 140 -190.38 15.08 -15.96
C ARG PB 140 -191.66 14.54 -15.35
N THR PB 141 -191.59 13.35 -14.75
CA THR PB 141 -192.77 12.76 -14.14
C THR PB 141 -192.94 13.11 -12.67
N ALA PB 142 -192.05 13.92 -12.10
CA ALA PB 142 -192.08 14.24 -10.68
C ALA PB 142 -192.44 15.71 -10.46
N LYS PB 143 -193.11 15.99 -9.36
CA LYS PB 143 -193.48 17.35 -8.98
C LYS PB 143 -192.53 17.91 -7.93
N ALA PB 144 -192.32 19.23 -8.00
CA ALA PB 144 -191.43 19.91 -7.07
C ALA PB 144 -192.05 19.98 -5.68
N LYS PB 145 -191.24 20.38 -4.71
CA LYS PB 145 -191.69 20.49 -3.32
C LYS PB 145 -192.55 21.74 -3.15
N VAL PB 146 -193.81 21.54 -2.73
CA VAL PB 146 -194.70 22.67 -2.52
C VAL PB 146 -194.19 23.56 -1.40
N GLU PB 147 -193.64 22.97 -0.34
CA GLU PB 147 -193.12 23.74 0.77
C GLU PB 147 -192.00 24.67 0.35
N ASN PB 148 -191.15 24.25 -0.60
CA ASN PB 148 -189.99 25.04 -0.99
C ASN PB 148 -190.40 26.41 -1.50
N ASP PB 149 -189.69 27.44 -1.04
CA ASP PB 149 -189.96 28.82 -1.42
C ASP PB 149 -189.24 29.23 -2.70
N LEU PB 150 -188.03 28.72 -2.90
CA LEU PB 150 -187.24 29.05 -4.09
C LEU PB 150 -188.00 28.71 -5.37
N VAL PB 151 -188.61 27.51 -5.41
CA VAL PB 151 -189.36 27.09 -6.59
C VAL PB 151 -190.50 28.06 -6.87
N SER PB 152 -191.23 28.45 -5.83
CA SER PB 152 -192.33 29.39 -6.01
C SER PB 152 -191.84 30.73 -6.51
N ARG PB 153 -190.72 31.21 -5.94
CA ARG PB 153 -190.14 32.47 -6.40
C ARG PB 153 -189.81 32.40 -7.88
N VAL PB 154 -189.12 31.34 -8.31
CA VAL PB 154 -188.74 31.19 -9.71
C VAL PB 154 -189.98 31.07 -10.59
N MET PB 155 -191.02 30.41 -10.10
CA MET PB 155 -192.25 30.27 -10.87
C MET PB 155 -192.93 31.63 -11.09
N LYS PB 156 -193.01 32.43 -10.03
CA LYS PB 156 -193.71 33.71 -10.16
C LYS PB 156 -192.88 34.72 -10.95
N THR PB 157 -191.56 34.68 -10.82
CA THR PB 157 -190.73 35.60 -11.57
C THR PB 157 -190.48 35.06 -12.98
N LYS PB 158 -190.21 35.98 -13.90
CA LYS PB 158 -189.96 35.64 -15.29
C LYS PB 158 -188.49 35.61 -15.67
N ARG PB 159 -187.66 36.40 -14.99
CA ARG PB 159 -186.23 36.40 -15.30
C ARG PB 159 -185.54 35.15 -14.79
N LEU PB 160 -185.91 34.70 -13.58
CA LEU PB 160 -185.23 33.59 -12.96
C LEU PB 160 -185.53 32.28 -13.68
N CYS PB 161 -184.50 31.45 -13.81
CA CYS PB 161 -184.63 30.11 -14.38
C CYS PB 161 -183.87 29.12 -13.52
N LEU PB 162 -184.28 27.86 -13.56
CA LEU PB 162 -183.63 26.81 -12.78
C LEU PB 162 -182.74 25.96 -13.68
N GLY PB 163 -181.61 25.53 -13.13
CA GLY PB 163 -180.69 24.68 -13.86
C GLY PB 163 -180.13 23.55 -13.02
N LEU PB 164 -180.11 22.34 -13.59
CA LEU PB 164 -179.59 21.16 -12.91
C LEU PB 164 -178.20 20.88 -13.44
N VAL PB 165 -177.21 20.81 -12.53
CA VAL PB 165 -175.83 20.55 -12.92
C VAL PB 165 -175.68 19.05 -13.20
N VAL PB 166 -175.07 18.71 -14.33
CA VAL PB 166 -175.00 17.34 -14.78
C VAL PB 166 -173.58 16.80 -14.90
N GLU PB 167 -172.56 17.64 -14.98
CA GLU PB 167 -171.20 17.14 -15.04
C GLU PB 167 -170.25 18.17 -14.43
N THR PB 168 -169.20 17.69 -13.78
CA THR PB 168 -168.28 18.56 -13.08
C THR PB 168 -166.85 18.08 -13.27
N ALA PB 169 -165.94 19.03 -13.48
CA ALA PB 169 -164.51 18.73 -13.62
C ALA PB 169 -163.80 19.04 -12.31
N CYS PB 170 -163.11 18.05 -11.76
CA CYS PB 170 -162.47 18.16 -10.46
C CYS PB 170 -161.03 17.65 -10.53
N VAL PB 171 -160.16 18.26 -9.74
CA VAL PB 171 -158.76 17.84 -9.71
C VAL PB 171 -158.66 16.55 -8.90
N ALA PB 172 -157.95 15.56 -9.46
CA ALA PB 172 -157.78 14.29 -8.76
C ALA PB 172 -156.85 14.42 -7.57
N ALA PB 173 -155.78 15.21 -7.70
CA ALA PB 173 -154.80 15.39 -6.65
C ALA PB 173 -154.65 16.87 -6.34
N ALA PB 174 -153.76 17.18 -5.41
CA ALA PB 174 -153.55 18.56 -4.99
C ALA PB 174 -152.98 19.39 -6.14
N GLY PB 175 -153.46 20.62 -6.26
CA GLY PB 175 -153.00 21.54 -7.31
C GLY PB 175 -152.26 22.72 -6.71
N LYS PB 176 -151.15 23.08 -7.34
CA LYS PB 176 -150.27 24.12 -6.81
C LYS PB 176 -150.27 25.35 -7.70
N LEU PB 177 -150.47 26.52 -7.10
CA LEU PB 177 -150.51 27.78 -7.83
C LEU PB 177 -149.51 28.74 -7.20
N THR PB 178 -148.56 29.23 -8.01
CA THR PB 178 -147.51 30.12 -7.54
C THR PB 178 -147.44 31.37 -8.41
N GLU PB 179 -147.26 32.52 -7.77
CA GLU PB 179 -147.19 33.81 -8.45
C GLU PB 179 -146.13 34.67 -7.80
N ALA PB 180 -145.32 35.34 -8.62
CA ALA PB 180 -144.29 36.25 -8.15
C ALA PB 180 -144.35 37.54 -8.94
N ASP PB 181 -144.26 38.68 -8.24
CA ASP PB 181 -144.34 39.99 -8.84
C ASP PB 181 -143.21 40.85 -8.29
N ASN PB 182 -142.53 41.59 -9.18
CA ASN PB 182 -141.49 42.53 -8.78
C ASN PB 182 -141.54 43.72 -9.71
N TRP PB 183 -141.95 44.88 -9.22
CA TRP PB 183 -141.99 46.05 -10.08
C TRP PB 183 -141.38 47.25 -9.38
N GLU PB 184 -140.90 48.19 -10.19
CA GLU PB 184 -140.08 49.31 -9.70
C GLU PB 184 -140.33 50.54 -10.54
N ILE PB 185 -140.37 51.71 -9.88
CA ILE PB 185 -140.55 53.00 -10.51
C ILE PB 185 -139.48 53.96 -9.99
N SER PB 186 -138.81 54.67 -10.90
CA SER PB 186 -137.82 55.67 -10.53
C SER PB 186 -138.05 56.93 -11.36
N GLY PB 187 -138.36 58.04 -10.70
CA GLY PB 187 -138.65 59.27 -11.41
C GLY PB 187 -137.83 60.42 -10.85
N HIS PB 188 -137.55 61.39 -11.72
CA HIS PB 188 -136.76 62.56 -11.38
C HIS PB 188 -137.27 63.76 -12.15
N THR PB 189 -137.33 64.91 -11.48
CA THR PB 189 -137.85 66.15 -12.06
C THR PB 189 -136.93 67.29 -11.69
N ASN PB 190 -136.60 68.15 -12.66
CA ASN PB 190 -135.77 69.32 -12.45
C ASN PB 190 -136.41 70.50 -13.16
N ALA PB 191 -136.93 71.44 -12.36
CA ALA PB 191 -137.52 72.67 -12.88
C ALA PB 191 -136.57 73.82 -12.54
N ASN PB 192 -135.86 74.31 -13.55
CA ASN PB 192 -134.92 75.41 -13.39
C ASN PB 192 -135.56 76.68 -13.92
N ILE PB 193 -135.64 77.69 -13.06
CA ILE PB 193 -136.17 79.00 -13.41
C ILE PB 193 -135.14 80.04 -12.99
N GLY PB 194 -135.28 81.25 -13.54
CA GLY PB 194 -134.32 82.30 -13.26
C GLY PB 194 -134.17 82.61 -11.77
N GLU PB 195 -135.24 82.48 -11.00
CA GLU PB 195 -135.20 82.74 -9.57
C GLU PB 195 -135.63 81.54 -8.73
N ALA PB 196 -135.80 80.36 -9.34
CA ALA PB 196 -136.23 79.19 -8.60
C ALA PB 196 -135.61 77.95 -9.21
N VAL PB 197 -135.17 77.03 -8.35
CA VAL PB 197 -134.64 75.74 -8.77
C VAL PB 197 -135.29 74.67 -7.92
N VAL PB 198 -135.95 73.71 -8.56
CA VAL PB 198 -136.63 72.61 -7.88
C VAL PB 198 -136.06 71.30 -8.43
N THR PB 199 -135.65 70.41 -7.53
CA THR PB 199 -135.10 69.11 -7.90
C THR PB 199 -135.76 68.04 -7.04
N ALA PB 200 -136.64 67.25 -7.65
CA ALA PB 200 -137.37 66.21 -6.95
C ALA PB 200 -136.98 64.83 -7.50
N THR PB 201 -137.00 63.84 -6.62
CA THR PB 201 -136.65 62.47 -7.00
C THR PB 201 -137.48 61.50 -6.17
N ALA PB 202 -137.94 60.43 -6.78
CA ALA PB 202 -138.74 59.43 -6.08
C ALA PB 202 -138.46 58.04 -6.63
N GLU PB 203 -138.12 57.10 -5.75
CA GLU PB 203 -137.88 55.72 -6.12
C GLU PB 203 -138.72 54.81 -5.24
N LEU PB 204 -139.32 53.80 -5.86
CA LEU PB 204 -140.04 52.79 -5.08
C LEU PB 204 -140.04 51.47 -5.84
N ASP PB 205 -140.26 50.39 -5.10
CA ASP PB 205 -140.29 49.06 -5.69
C ASP PB 205 -141.05 48.12 -4.76
N LYS PB 206 -141.92 47.30 -5.34
CA LYS PB 206 -142.74 46.37 -4.60
C LYS PB 206 -142.48 44.95 -5.07
N ASN PB 207 -142.41 44.03 -4.11
CA ASN PB 207 -142.19 42.61 -4.37
C ASN PB 207 -143.25 41.80 -3.64
N LEU PB 208 -143.91 40.90 -4.35
CA LEU PB 208 -144.95 40.04 -3.79
C LEU PB 208 -144.74 38.60 -4.26
N SER PB 209 -145.20 37.66 -3.45
CA SER PB 209 -145.14 36.25 -3.80
C SER PB 209 -146.27 35.52 -3.08
N ARG PB 210 -147.11 34.81 -3.84
CA ARG PB 210 -148.24 34.09 -3.30
C ARG PB 210 -148.21 32.66 -3.80
N LYS PB 211 -148.29 31.69 -2.88
CA LYS PB 211 -148.24 30.28 -3.23
C LYS PB 211 -149.33 29.54 -2.46
N ILE PB 212 -150.24 28.89 -3.17
CA ILE PB 212 -151.35 28.17 -2.55
C ILE PB 212 -151.45 26.78 -3.16
N GLU PB 213 -152.23 25.92 -2.50
CA GLU PB 213 -152.41 24.54 -2.91
C GLU PB 213 -153.86 24.12 -2.65
N ILE PB 214 -154.62 23.98 -3.72
CA ILE PB 214 -156.01 23.50 -3.61
C ILE PB 214 -156.01 22.00 -3.36
N PRO PB 215 -156.89 21.49 -2.51
CA PRO PB 215 -156.88 20.07 -2.16
C PRO PB 215 -157.58 19.23 -3.22
N PRO PB 216 -157.41 17.92 -3.20
CA PRO PB 216 -158.13 17.06 -4.16
C PRO PB 216 -159.63 17.19 -4.00
N GLY PB 217 -160.33 17.10 -5.14
CA GLY PB 217 -161.78 17.17 -5.17
C GLY PB 217 -162.34 18.55 -5.46
N THR PB 218 -161.50 19.58 -5.52
CA THR PB 218 -161.99 20.92 -5.81
C THR PB 218 -162.54 21.00 -7.22
N ALA PB 219 -163.76 21.52 -7.35
CA ALA PB 219 -164.38 21.64 -8.66
C ALA PB 219 -163.77 22.79 -9.45
N LEU PB 220 -163.68 22.62 -10.76
CA LEU PB 220 -163.13 23.64 -11.66
C LEU PB 220 -164.16 24.21 -12.62
N ALA PB 221 -165.01 23.39 -13.20
CA ALA PB 221 -165.98 23.84 -14.18
C ALA PB 221 -167.16 22.88 -14.21
N TYR PB 222 -168.25 23.32 -14.82
CA TYR PB 222 -169.47 22.54 -14.80
C TYR PB 222 -170.33 22.88 -16.01
N SER PB 223 -171.31 22.02 -16.29
CA SER PB 223 -172.31 22.25 -17.30
C SER PB 223 -173.67 21.87 -16.74
N PHE PB 224 -174.72 22.56 -17.18
CA PHE PB 224 -176.04 22.37 -16.60
C PHE PB 224 -177.11 22.37 -17.67
N MET PB 225 -178.26 21.82 -17.31
CA MET PB 225 -179.43 21.75 -18.19
C MET PB 225 -180.57 22.56 -17.59
N ASP PB 226 -181.28 23.28 -18.44
CA ASP PB 226 -182.34 24.17 -17.97
C ASP PB 226 -183.59 23.40 -17.57
N LEU PB 227 -184.43 24.03 -16.76
CA LEU PB 227 -185.68 23.46 -16.30
C LEU PB 227 -186.78 24.52 -16.40
N GLU PB 228 -188.02 24.07 -16.21
CA GLU PB 228 -189.18 24.96 -16.29
C GLU PB 228 -190.26 24.45 -15.35
N ILE PB 229 -190.75 25.33 -14.48
CA ILE PB 229 -191.81 25.00 -13.54
C ILE PB 229 -193.15 25.13 -14.27
N LEU PB 230 -193.95 24.06 -14.26
CA LEU PB 230 -195.30 24.13 -14.79
C LEU PB 230 -196.18 24.97 -13.86
N GLU PB 231 -197.45 25.13 -14.26
CA GLU PB 231 -198.42 25.76 -13.38
C GLU PB 231 -198.48 25.03 -12.04
N ASP PB 232 -198.55 23.71 -12.08
CA ASP PB 232 -198.44 22.89 -10.89
C ASP PB 232 -196.98 22.79 -10.45
N ARG PB 233 -196.73 21.98 -9.43
CA ARG PB 233 -195.36 21.73 -8.98
C ARG PB 233 -194.55 20.89 -9.97
N SER PB 234 -195.19 20.39 -11.03
CA SER PB 234 -194.49 19.57 -12.03
C SER PB 234 -193.36 20.36 -12.67
N LEU PB 235 -192.30 19.63 -13.04
CA LEU PB 235 -191.13 20.21 -13.69
C LEU PB 235 -190.96 19.61 -15.08
N ARG PB 236 -190.45 20.43 -16.00
CA ARG PB 236 -190.19 20.01 -17.36
C ARG PB 236 -188.78 20.45 -17.77
N VAL PB 237 -188.24 19.79 -18.78
CA VAL PB 237 -186.92 20.15 -19.28
C VAL PB 237 -187.10 20.97 -20.55
N SER PB 238 -186.24 21.98 -20.72
CA SER PB 238 -186.34 22.90 -21.84
C SER PB 238 -185.04 22.93 -22.62
N SER PB 239 -185.15 22.98 -23.94
CA SER PB 239 -183.98 22.95 -24.82
C SER PB 239 -184.05 24.13 -25.78
N SER PB 240 -183.08 25.03 -25.69
CA SER PB 240 -182.95 26.13 -26.64
C SER PB 240 -182.33 25.59 -27.92
N ALA PB 241 -183.14 25.48 -28.97
CA ALA PB 241 -182.72 24.90 -30.25
C ALA PB 241 -182.20 23.47 -30.07
N GLY PB 242 -182.74 22.74 -29.10
CA GLY PB 242 -182.35 21.37 -28.86
C GLY PB 242 -180.97 21.20 -28.24
N ALA PB 243 -180.41 22.25 -27.65
CA ALA PB 243 -179.07 22.15 -27.09
C ALA PB 243 -179.04 21.19 -25.90
N MET PB 244 -179.93 21.39 -24.93
CA MET PB 244 -179.97 20.63 -23.68
C MET PB 244 -178.65 20.67 -22.92
N PHE PB 245 -177.79 21.64 -23.22
CA PHE PB 245 -176.52 21.82 -22.52
C PHE PB 245 -176.22 23.31 -22.53
N ASP PB 246 -176.50 23.97 -21.42
CA ASP PB 246 -176.34 25.42 -21.34
C ASP PB 246 -175.00 25.74 -20.67
N SER PB 247 -174.24 26.63 -21.30
CA SER PB 247 -172.95 27.06 -20.79
C SER PB 247 -172.98 28.50 -20.28
N GLY PB 248 -174.16 29.03 -19.99
CA GLY PB 248 -174.29 30.41 -19.56
C GLY PB 248 -173.82 31.40 -20.61
N LYS PB 249 -174.13 31.13 -21.88
CA LYS PB 249 -173.72 31.98 -22.99
C LYS PB 249 -174.89 32.83 -23.46
N ALA PB 250 -174.56 34.00 -24.00
CA ALA PB 250 -175.58 34.88 -24.55
C ALA PB 250 -176.21 34.26 -25.79
N GLU PB 251 -177.47 34.60 -26.03
CA GLU PB 251 -178.19 34.05 -27.18
C GLU PB 251 -177.54 34.48 -28.49
N SER PB 252 -177.11 35.74 -28.58
CA SER PB 252 -176.45 36.28 -29.77
C SER PB 252 -177.30 36.10 -31.02
CA ARG QB 3 -156.25 28.42 -31.22
C ARG QB 3 -155.89 27.29 -30.25
N PRO QB 4 -156.92 26.62 -29.71
CA PRO QB 4 -156.66 25.52 -28.78
C PRO QB 4 -155.85 24.41 -29.43
N MET QB 5 -154.95 23.81 -28.64
CA MET QB 5 -154.12 22.74 -29.16
C MET QB 5 -154.96 21.54 -29.60
N PHE QB 6 -156.01 21.22 -28.84
CA PHE QB 6 -156.87 20.11 -29.24
C PHE QB 6 -157.53 20.38 -30.58
N ALA QB 7 -158.03 21.60 -30.80
CA ALA QB 7 -158.64 21.93 -32.08
C ALA QB 7 -157.62 21.88 -33.21
N VAL QB 8 -156.40 22.36 -32.97
CA VAL QB 8 -155.37 22.32 -34.00
C VAL QB 8 -155.03 20.88 -34.35
N ALA QB 9 -154.87 20.02 -33.34
CA ALA QB 9 -154.55 18.63 -33.60
C ALA QB 9 -155.70 17.93 -34.33
N VAL QB 10 -156.94 18.24 -33.97
CA VAL QB 10 -158.09 17.66 -34.65
C VAL QB 10 -158.09 18.06 -36.12
N ASN QB 11 -157.82 19.34 -36.40
CA ASN QB 11 -157.76 19.79 -37.79
C ASN QB 11 -156.64 19.10 -38.55
N GLU QB 12 -155.47 18.96 -37.92
CA GLU QB 12 -154.37 18.27 -38.58
C GLU QB 12 -154.72 16.83 -38.90
N PHE QB 13 -155.33 16.13 -37.95
CA PHE QB 13 -155.71 14.74 -38.18
C PHE QB 13 -156.76 14.64 -39.29
N ILE QB 14 -157.77 15.50 -39.25
CA ILE QB 14 -158.85 15.40 -40.24
C ILE QB 14 -158.34 15.76 -41.63
N ARG QB 15 -157.34 16.65 -41.72
CA ARG QB 15 -156.74 16.94 -43.01
C ARG QB 15 -155.92 15.77 -43.51
N SER QB 16 -155.07 15.20 -42.65
CA SER QB 16 -154.21 14.11 -43.07
C SER QB 16 -155.01 12.88 -43.48
N ALA QB 17 -156.05 12.55 -42.72
CA ALA QB 17 -156.90 11.40 -43.00
C ALA QB 17 -158.36 11.82 -42.90
N GLY QB 18 -159.17 11.38 -43.86
CA GLY QB 18 -160.59 11.67 -43.85
C GLY QB 18 -160.94 13.12 -43.97
N GLN QB 19 -160.34 13.82 -44.94
CA GLN QB 19 -160.67 15.22 -45.16
C GLN QB 19 -162.14 15.39 -45.56
N ASP QB 20 -162.73 14.38 -46.17
CA ASP QB 20 -164.13 14.37 -46.52
C ASP QB 20 -164.89 13.39 -45.62
N SER QB 21 -166.17 13.68 -45.42
CA SER QB 21 -167.06 12.84 -44.61
C SER QB 21 -166.53 12.66 -43.19
N LEU QB 22 -166.17 13.76 -42.56
CA LEU QB 22 -165.66 13.73 -41.19
C LEU QB 22 -165.85 15.09 -40.57
N CYS QB 23 -166.31 15.11 -39.31
CA CYS QB 23 -166.59 16.34 -38.58
C CYS QB 23 -165.68 16.40 -37.35
N GLY QB 24 -165.01 17.54 -37.17
CA GLY QB 24 -164.16 17.71 -36.02
C GLY QB 24 -164.94 17.77 -34.72
N VAL QB 25 -164.26 17.43 -33.63
CA VAL QB 25 -164.84 17.45 -32.30
C VAL QB 25 -164.61 18.83 -31.69
N PRO QB 26 -165.66 19.48 -31.15
CA PRO QB 26 -165.47 20.84 -30.64
C PRO QB 26 -164.50 20.97 -29.49
N ASP QB 27 -164.56 20.06 -28.51
CA ASP QB 27 -163.70 20.17 -27.34
C ASP QB 27 -163.58 18.83 -26.66
N ILE QB 28 -162.58 18.72 -25.78
CA ILE QB 28 -162.29 17.47 -25.10
C ILE QB 28 -163.47 17.07 -24.21
N ASN QB 29 -164.08 18.03 -23.53
CA ASN QB 29 -165.18 17.73 -22.63
C ASN QB 29 -166.35 17.10 -23.38
N SER QB 30 -166.70 17.65 -24.54
CA SER QB 30 -167.82 17.15 -25.32
C SER QB 30 -167.42 16.06 -26.31
N SER QB 31 -166.15 15.65 -26.31
CA SER QB 31 -165.72 14.59 -27.21
C SER QB 31 -166.46 13.29 -26.91
N GLY QB 32 -166.74 13.01 -25.64
CA GLY QB 32 -167.37 11.76 -25.27
C GLY QB 32 -168.83 11.64 -25.65
N ASP QB 33 -169.45 12.73 -26.10
CA ASP QB 33 -170.85 12.70 -26.49
C ASP QB 33 -171.05 12.39 -27.97
N PHE QB 34 -169.98 12.12 -28.72
CA PHE QB 34 -170.06 11.84 -30.14
C PHE QB 34 -169.64 10.41 -30.47
N MET QB 35 -169.91 9.49 -29.55
CA MET QB 35 -169.68 8.08 -29.81
C MET QB 35 -170.78 7.53 -30.71
N PRO QB 36 -170.55 6.37 -31.33
CA PRO QB 36 -171.55 5.82 -32.26
C PRO QB 36 -172.88 5.58 -31.57
N LEU QB 37 -173.96 5.71 -32.37
CA LEU QB 37 -175.33 5.54 -31.90
C LEU QB 37 -175.72 6.63 -30.89
N HIS QB 38 -175.38 7.87 -31.24
CA HIS QB 38 -175.78 9.04 -30.46
C HIS QB 38 -176.57 9.99 -31.34
N ILE QB 39 -177.55 10.65 -30.73
CA ILE QB 39 -178.41 11.60 -31.44
C ILE QB 39 -177.81 12.99 -31.31
N ILE QB 40 -177.76 13.72 -32.44
CA ILE QB 40 -177.31 15.10 -32.46
C ILE QB 40 -178.34 15.93 -33.22
N VAL QB 41 -178.30 17.24 -32.99
CA VAL QB 41 -179.24 18.16 -33.62
C VAL QB 41 -178.46 19.07 -34.56
N LYS QB 42 -178.99 19.26 -35.76
CA LYS QB 42 -178.38 20.12 -36.76
C LYS QB 42 -179.27 21.32 -37.02
N GLU QB 43 -178.69 22.51 -36.99
CA GLU QB 43 -179.38 23.77 -37.21
C GLU QB 43 -178.84 24.43 -38.46
N VAL QB 44 -179.74 24.86 -39.34
CA VAL QB 44 -179.37 25.47 -40.60
C VAL QB 44 -178.83 26.88 -40.35
N PRO QB 45 -177.96 27.40 -41.22
CA PRO QB 45 -177.44 28.76 -40.99
C PRO QB 45 -178.50 29.85 -40.95
N LYS QB 46 -179.57 29.70 -41.73
CA LYS QB 46 -180.70 30.62 -41.84
C LYS QB 46 -180.32 31.93 -42.52
N VAL QB 47 -179.06 32.13 -42.89
CA VAL QB 47 -178.63 33.34 -43.57
C VAL QB 47 -178.11 32.97 -44.96
N LEU QB 48 -177.07 32.14 -45.00
CA LEU QB 48 -176.49 31.63 -46.25
C LEU QB 48 -176.38 30.12 -46.11
N PRO QB 49 -177.50 29.39 -46.23
CA PRO QB 49 -177.44 27.95 -46.02
C PRO QB 49 -176.51 27.23 -46.98
N CYS QB 50 -176.42 27.68 -48.23
CA CYS QB 50 -175.55 27.05 -49.21
C CYS QB 50 -174.11 27.53 -49.11
N CYS QB 51 -173.83 28.56 -48.32
CA CYS QB 51 -172.49 29.10 -48.20
C CYS QB 51 -171.87 28.90 -46.82
N ARG QB 52 -172.65 28.55 -45.80
CA ARG QB 52 -172.16 28.39 -44.45
C ARG QB 52 -172.50 27.00 -43.95
N ARG QB 53 -171.55 26.38 -43.23
CA ARG QB 53 -171.79 25.07 -42.67
C ARG QB 53 -172.75 25.16 -41.48
N PRO QB 54 -173.60 24.15 -41.29
CA PRO QB 54 -174.60 24.21 -40.21
C PRO QB 54 -173.99 24.10 -38.83
N LYS QB 55 -174.83 24.19 -37.80
CA LYS QB 55 -174.40 24.13 -36.41
C LYS QB 55 -174.84 22.81 -35.80
N ILE QB 56 -173.91 22.14 -35.13
CA ILE QB 56 -174.16 20.81 -34.57
C ILE QB 56 -174.19 20.91 -33.04
N LYS QB 57 -175.26 20.37 -32.46
CA LYS QB 57 -175.50 20.41 -31.02
C LYS QB 57 -175.58 18.99 -30.50
N ARG QB 58 -174.84 18.71 -29.42
CA ARG QB 58 -174.86 17.40 -28.80
C ARG QB 58 -176.07 17.27 -27.89
N THR QB 59 -176.54 16.04 -27.73
CA THR QB 59 -177.67 15.74 -26.86
C THR QB 59 -177.35 14.52 -26.01
N PRO QB 60 -177.91 14.43 -24.80
CA PRO QB 60 -177.66 13.28 -23.92
C PRO QB 60 -178.64 12.14 -24.19
N TYR QB 61 -178.67 11.65 -25.42
CA TYR QB 61 -179.59 10.60 -25.81
C TYR QB 61 -178.87 9.59 -26.70
N THR QB 62 -179.31 8.34 -26.59
CA THR QB 62 -178.92 7.28 -27.51
C THR QB 62 -180.13 6.86 -28.34
N LEU QB 63 -179.87 6.02 -29.33
CA LEU QB 63 -180.94 5.58 -30.23
C LEU QB 63 -182.01 4.80 -29.46
N ASN QB 64 -181.59 3.90 -28.57
CA ASN QB 64 -182.54 3.09 -27.83
C ASN QB 64 -183.38 3.95 -26.89
N ASP QB 65 -182.78 4.99 -26.30
CA ASP QB 65 -183.56 5.88 -25.44
C ASP QB 65 -184.54 6.72 -26.27
N ILE QB 66 -184.10 7.22 -27.42
CA ILE QB 66 -184.97 8.08 -28.22
C ILE QB 66 -186.09 7.29 -28.87
N LEU QB 67 -185.89 5.98 -29.08
CA LEU QB 67 -186.87 5.14 -29.77
C LEU QB 67 -187.68 4.34 -28.77
N ASP QB 68 -188.98 4.22 -29.04
CA ASP QB 68 -189.83 3.35 -28.25
C ASP QB 68 -189.39 1.89 -28.39
N GLU QB 69 -189.06 1.47 -29.61
CA GLU QB 69 -188.62 0.11 -29.86
C GLU QB 69 -187.10 0.06 -29.89
N PRO QB 70 -186.46 -0.77 -29.07
CA PRO QB 70 -185.00 -0.82 -29.06
C PRO QB 70 -184.44 -1.47 -30.32
N CYS QB 71 -183.17 -1.18 -30.57
CA CYS QB 71 -182.41 -1.69 -31.71
C CYS QB 71 -181.11 -2.30 -31.21
N PRO QB 72 -180.54 -3.23 -31.95
CA PRO QB 72 -179.21 -3.76 -31.57
C PRO QB 72 -178.18 -2.64 -31.56
N ASN QB 73 -177.24 -2.73 -30.60
CA ASN QB 73 -176.30 -1.65 -30.36
C ASN QB 73 -174.85 -2.13 -30.22
N GLN QB 74 -174.55 -3.36 -30.60
CA GLN QB 74 -173.18 -3.85 -30.48
C GLN QB 74 -172.25 -3.08 -31.41
N LEU QB 75 -171.00 -2.93 -30.98
CA LEU QB 75 -170.02 -2.14 -31.70
C LEU QB 75 -168.77 -2.97 -31.99
N LYS QB 76 -167.92 -2.43 -32.84
CA LYS QB 76 -166.63 -3.04 -33.16
C LYS QB 76 -165.66 -1.94 -33.56
N SER QB 77 -164.37 -2.20 -33.35
CA SER QB 77 -163.34 -1.22 -33.62
C SER QB 77 -162.21 -1.86 -34.43
N SER QB 78 -161.56 -1.03 -35.25
CA SER QB 78 -160.46 -1.48 -36.08
C SER QB 78 -159.54 -0.31 -36.36
N ASP QB 79 -158.27 -0.62 -36.65
CA ASP QB 79 -157.29 0.43 -36.85
C ASP QB 79 -157.61 1.26 -38.09
N LEU QB 80 -157.28 2.55 -38.01
CA LEU QB 80 -157.53 3.48 -39.11
C LEU QB 80 -156.25 4.10 -39.65
N VAL QB 81 -155.42 4.69 -38.80
CA VAL QB 81 -154.18 5.34 -39.22
C VAL QB 81 -153.22 5.33 -38.03
N THR QB 82 -151.94 5.50 -38.32
CA THR QB 82 -150.89 5.44 -37.31
C THR QB 82 -149.87 6.54 -37.59
N PHE QB 83 -149.76 7.50 -36.68
CA PHE QB 83 -148.76 8.56 -36.78
C PHE QB 83 -147.48 8.07 -36.10
N THR QB 84 -146.52 7.62 -36.91
CA THR QB 84 -145.29 7.04 -36.35
C THR QB 84 -144.47 8.07 -35.61
N GLU QB 85 -144.42 9.31 -36.11
CA GLU QB 85 -143.64 10.35 -35.48
C GLU QB 85 -144.50 11.57 -35.23
N PRO QB 86 -144.16 12.36 -34.20
CA PRO QB 86 -144.99 13.53 -33.87
C PRO QB 86 -145.01 14.55 -35.00
N LEU QB 87 -146.16 15.18 -35.18
CA LEU QB 87 -146.28 16.34 -36.06
C LEU QB 87 -145.61 17.53 -35.40
N VAL QB 88 -144.57 18.06 -36.04
CA VAL QB 88 -143.75 19.13 -35.49
C VAL QB 88 -143.87 20.34 -36.39
N SER QB 89 -144.11 21.51 -35.80
CA SER QB 89 -144.24 22.76 -36.54
C SER QB 89 -143.40 23.83 -35.86
N ASN QB 90 -142.69 24.61 -36.68
CA ASN QB 90 -141.86 25.71 -36.19
C ASN QB 90 -142.14 26.95 -37.03
N VAL QB 91 -142.32 28.09 -36.36
CA VAL QB 91 -142.49 29.38 -37.01
C VAL QB 91 -141.55 30.36 -36.31
N LYS QB 92 -140.83 31.14 -37.10
CA LYS QB 92 -139.88 32.10 -36.55
C LYS QB 92 -139.92 33.35 -37.40
N ALA QB 93 -140.39 34.45 -36.82
CA ALA QB 93 -140.50 35.73 -37.52
C ALA QB 93 -139.68 36.78 -36.79
N SER QB 94 -139.13 37.71 -37.55
CA SER QB 94 -138.36 38.82 -36.99
C SER QB 94 -138.41 39.99 -37.96
N SER QB 95 -138.74 41.18 -37.45
CA SER QB 95 -138.90 42.36 -38.28
C SER QB 95 -138.37 43.58 -37.55
N SER QB 96 -138.00 44.59 -38.33
CA SER QB 96 -137.52 45.85 -37.79
C SER QB 96 -137.95 46.99 -38.71
N ILE QB 97 -138.31 48.11 -38.10
CA ILE QB 97 -138.78 49.29 -38.82
C ILE QB 97 -138.01 50.49 -38.32
N GLY QB 98 -137.56 51.33 -39.25
CA GLY QB 98 -136.89 52.57 -38.89
C GLY QB 98 -137.40 53.75 -39.68
N LEU QB 99 -137.96 54.76 -38.99
CA LEU QB 99 -138.52 55.94 -39.62
C LEU QB 99 -137.77 57.17 -39.15
N GLN QB 100 -137.40 58.04 -40.10
CA GLN QB 100 -136.73 59.29 -39.77
C GLN QB 100 -137.36 60.43 -40.56
N ILE QB 101 -137.71 61.50 -39.88
CA ILE QB 101 -138.20 62.72 -40.51
C ILE QB 101 -137.21 63.82 -40.15
N LEU QB 102 -136.32 64.14 -41.09
CA LEU QB 102 -135.32 65.20 -40.97
C LEU QB 102 -134.51 64.95 -39.71
N LYS QB 103 -134.27 65.95 -38.87
CA LYS QB 103 -133.70 65.77 -37.54
C LYS QB 103 -134.74 66.02 -36.46
N HIS QB 104 -136.02 65.89 -36.80
CA HIS QB 104 -137.11 66.15 -35.88
C HIS QB 104 -137.80 64.89 -35.36
N PHE QB 105 -137.87 63.83 -36.16
CA PHE QB 105 -138.51 62.60 -35.72
C PHE QB 105 -137.58 61.42 -36.02
N ASP QB 106 -137.48 60.49 -35.07
CA ASP QB 106 -136.65 59.30 -35.27
C ASP QB 106 -137.23 58.16 -34.43
N SER QB 107 -137.84 57.18 -35.09
CA SER QB 107 -138.43 56.04 -34.41
C SER QB 107 -137.82 54.75 -34.91
N GLY QB 108 -137.50 53.85 -33.98
CA GLY QB 108 -137.00 52.54 -34.32
C GLY QB 108 -137.71 51.44 -33.55
N ALA QB 109 -138.39 50.55 -34.26
CA ALA QB 109 -139.13 49.47 -33.65
C ALA QB 109 -138.62 48.14 -34.16
N LYS QB 110 -138.80 47.09 -33.37
CA LYS QB 110 -138.41 45.76 -33.79
C LYS QB 110 -139.21 44.74 -33.01
N GLY QB 111 -139.46 43.60 -33.66
CA GLY QB 111 -140.23 42.54 -33.03
C GLY QB 111 -139.74 41.19 -33.49
N SER QB 112 -139.97 40.19 -32.65
CA SER QB 112 -139.59 38.81 -32.98
C SER QB 112 -140.57 37.86 -32.32
N LYS QB 113 -140.73 36.69 -32.93
CA LYS QB 113 -141.66 35.69 -32.46
C LYS QB 113 -141.14 34.31 -32.82
N ASN QB 114 -141.24 33.38 -31.88
CA ASN QB 114 -140.84 31.98 -32.08
C ASN QB 114 -141.92 31.09 -31.51
N PHE QB 115 -142.50 30.25 -32.37
CA PHE QB 115 -143.64 29.41 -32.03
C PHE QB 115 -143.35 27.98 -32.42
N ILE QB 116 -143.49 27.06 -31.46
CA ILE QB 116 -143.16 25.65 -31.67
C ILE QB 116 -144.34 24.80 -31.22
N THR QB 117 -144.71 23.81 -32.03
CA THR QB 117 -145.82 22.93 -31.73
C THR QB 117 -145.42 21.48 -32.00
N SER QB 118 -145.88 20.58 -31.14
CA SER QB 118 -145.64 19.15 -31.32
C SER QB 118 -146.87 18.37 -30.88
N ALA QB 119 -147.35 17.48 -31.75
CA ALA QB 119 -148.51 16.66 -31.44
C ALA QB 119 -148.18 15.20 -31.71
N SER QB 120 -148.40 14.36 -30.71
CA SER QB 120 -148.15 12.92 -30.80
C SER QB 120 -149.48 12.22 -30.53
N LEU QB 121 -150.13 11.77 -31.60
CA LEU QB 121 -151.42 11.10 -31.51
C LEU QB 121 -151.33 9.59 -31.48
N GLY QB 122 -150.14 9.02 -31.69
CA GLY QB 122 -149.99 7.58 -31.64
C GLY QB 122 -150.83 6.89 -32.71
N THR QB 123 -151.68 5.97 -32.27
CA THR QB 123 -152.54 5.19 -33.15
C THR QB 123 -153.98 5.65 -32.99
N VAL QB 124 -154.68 5.80 -34.11
CA VAL QB 124 -156.08 6.18 -34.13
C VAL QB 124 -156.89 5.02 -34.67
N VAL QB 125 -157.94 4.62 -33.95
CA VAL QB 125 -158.81 3.55 -34.35
C VAL QB 125 -160.18 4.13 -34.68
N LYS QB 126 -161.00 3.33 -35.34
CA LYS QB 126 -162.36 3.70 -35.71
C LYS QB 126 -163.33 2.69 -35.11
N ALA QB 127 -164.37 3.21 -34.47
CA ALA QB 127 -165.40 2.39 -33.84
C ALA QB 127 -166.73 2.65 -34.51
N GLU QB 128 -167.48 1.57 -34.76
CA GLU QB 128 -168.73 1.65 -35.50
C GLU QB 128 -169.56 0.41 -35.19
N THR QB 129 -170.86 0.51 -35.49
CA THR QB 129 -171.76 -0.61 -35.28
C THR QB 129 -171.33 -1.82 -36.11
N ILE QB 130 -171.51 -3.01 -35.55
CA ILE QB 130 -171.13 -4.23 -36.27
C ILE QB 130 -171.95 -4.37 -37.55
N ASP QB 131 -173.25 -4.12 -37.47
CA ASP QB 131 -174.13 -4.17 -38.63
C ASP QB 131 -175.01 -2.92 -38.62
N ILE QB 132 -174.86 -2.09 -39.65
CA ILE QB 132 -175.64 -0.86 -39.73
C ILE QB 132 -176.96 -1.09 -40.45
N THR QB 133 -177.03 -2.08 -41.34
CA THR QB 133 -178.27 -2.34 -42.07
C THR QB 133 -179.40 -2.73 -41.12
N LYS QB 134 -179.11 -3.58 -40.13
CA LYS QB 134 -180.12 -3.96 -39.16
C LYS QB 134 -180.60 -2.76 -38.36
N VAL QB 135 -179.66 -1.91 -37.92
CA VAL QB 135 -180.03 -0.71 -37.17
C VAL QB 135 -180.93 0.18 -38.02
N LEU QB 136 -180.58 0.37 -39.29
CA LEU QB 136 -181.38 1.21 -40.16
C LEU QB 136 -182.78 0.63 -40.35
N ALA QB 137 -182.87 -0.69 -40.57
CA ALA QB 137 -184.17 -1.32 -40.75
C ALA QB 137 -185.04 -1.13 -39.51
N LYS QB 138 -184.48 -1.40 -38.32
CA LYS QB 138 -185.24 -1.26 -37.10
C LYS QB 138 -185.65 0.19 -36.87
N VAL QB 139 -184.77 1.14 -37.18
CA VAL QB 139 -185.13 2.56 -37.06
C VAL QB 139 -186.33 2.87 -37.93
N ARG QB 140 -186.27 2.45 -39.19
CA ARG QB 140 -187.35 2.74 -40.12
C ARG QB 140 -188.67 2.11 -39.66
N THR QB 141 -188.60 0.93 -39.05
CA THR QB 141 -189.82 0.27 -38.59
C THR QB 141 -190.19 0.62 -37.15
N ALA QB 142 -189.44 1.49 -36.48
CA ALA QB 142 -189.67 1.80 -35.08
C ALA QB 142 -190.14 3.25 -34.93
N LYS QB 143 -190.96 3.49 -33.92
CA LYS QB 143 -191.46 4.82 -33.61
C LYS QB 143 -190.68 5.45 -32.46
N ALA QB 144 -190.55 6.78 -32.51
CA ALA QB 144 -189.83 7.51 -31.48
C ALA QB 144 -190.64 7.55 -30.18
N LYS QB 145 -189.98 8.01 -29.12
CA LYS QB 145 -190.61 8.09 -27.81
C LYS QB 145 -191.56 9.28 -27.75
N VAL QB 146 -192.84 9.00 -27.50
CA VAL QB 146 -193.83 10.07 -27.42
C VAL QB 146 -193.53 11.00 -26.25
N GLU QB 147 -193.07 10.44 -25.14
CA GLU QB 147 -192.74 11.26 -23.97
C GLU QB 147 -191.64 12.26 -24.25
N ASN QB 148 -190.66 11.89 -25.08
CA ASN QB 148 -189.51 12.75 -25.33
C ASN QB 148 -189.94 14.09 -25.90
N ASP QB 149 -189.35 15.17 -25.36
CA ASP QB 149 -189.67 16.53 -25.80
C ASP QB 149 -188.82 16.97 -26.97
N LEU QB 150 -187.55 16.54 -27.01
CA LEU QB 150 -186.65 16.91 -28.10
C LEU QB 150 -187.21 16.52 -29.46
N VAL QB 151 -187.74 15.29 -29.56
CA VAL QB 151 -188.31 14.82 -30.82
C VAL QB 151 -189.45 15.71 -31.25
N SER QB 152 -190.34 16.05 -30.33
CA SER QB 152 -191.46 16.92 -30.65
C SER QB 152 -190.99 18.29 -31.10
N ARG QB 153 -190.00 18.84 -30.41
CA ARG QB 153 -189.44 20.14 -30.80
C ARG QB 153 -188.92 20.08 -32.23
N VAL QB 154 -188.11 19.06 -32.55
CA VAL QB 154 -187.56 18.94 -33.89
C VAL QB 154 -188.67 18.73 -34.92
N MET QB 155 -189.72 18.01 -34.56
CA MET QB 155 -190.83 17.79 -35.48
C MET QB 155 -191.55 19.10 -35.80
N LYS QB 156 -191.82 19.90 -34.76
CA LYS QB 156 -192.58 21.13 -34.99
C LYS QB 156 -191.72 22.19 -35.69
N THR QB 157 -190.43 22.23 -35.39
CA THR QB 157 -189.56 23.20 -36.03
C THR QB 157 -189.10 22.68 -37.40
N LYS QB 158 -188.78 23.61 -38.28
CA LYS QB 158 -188.34 23.28 -39.64
C LYS QB 158 -186.83 23.35 -39.81
N ARG QB 159 -186.14 24.19 -39.05
CA ARG QB 159 -184.70 24.28 -39.18
C ARG QB 159 -184.01 23.08 -38.57
N LEU QB 160 -184.48 22.61 -37.41
CA LEU QB 160 -183.82 21.55 -36.69
C LEU QB 160 -183.94 20.22 -37.43
N CYS QB 161 -182.85 19.45 -37.42
CA CYS QB 161 -182.82 18.11 -37.99
C CYS QB 161 -182.11 17.18 -37.03
N LEU QB 162 -182.43 15.89 -37.10
CA LEU QB 162 -181.82 14.89 -36.23
C LEU QB 162 -180.77 14.09 -37.00
N GLY QB 163 -179.70 13.74 -36.31
CA GLY QB 163 -178.65 12.95 -36.91
C GLY QB 163 -178.14 11.86 -36.00
N LEU QB 164 -177.96 10.66 -36.53
CA LEU QB 164 -177.46 9.51 -35.79
C LEU QB 164 -175.99 9.32 -36.14
N VAL QB 165 -175.13 9.31 -35.11
CA VAL QB 165 -173.70 9.14 -35.32
C VAL QB 165 -173.41 7.66 -35.55
N VAL QB 166 -172.64 7.35 -36.60
CA VAL QB 166 -172.44 5.98 -37.03
C VAL QB 166 -170.98 5.54 -36.94
N GLU QB 167 -170.01 6.44 -36.91
CA GLU QB 167 -168.61 6.03 -36.80
C GLU QB 167 -167.83 7.12 -36.08
N THR QB 168 -166.85 6.71 -35.29
CA THR QB 168 -166.07 7.65 -34.50
C THR QB 168 -164.60 7.26 -34.50
N ALA QB 169 -163.72 8.25 -34.60
CA ALA QB 169 -162.29 8.05 -34.56
C ALA QB 169 -161.77 8.41 -33.18
N CYS QB 170 -161.09 7.46 -32.53
CA CYS QB 170 -160.62 7.62 -31.15
C CYS QB 170 -159.17 7.21 -31.04
N VAL QB 171 -158.44 7.87 -30.16
CA VAL QB 171 -157.03 7.55 -29.93
C VAL QB 171 -156.95 6.27 -29.10
N ALA QB 172 -156.11 5.33 -29.56
CA ALA QB 172 -155.96 4.07 -28.83
C ALA QB 172 -155.20 4.27 -27.53
N ALA QB 173 -154.18 5.12 -27.54
CA ALA QB 173 -153.34 5.37 -26.38
C ALA QB 173 -153.34 6.86 -26.06
N ALA QB 174 -152.59 7.23 -25.02
CA ALA QB 174 -152.52 8.62 -24.61
C ALA QB 174 -151.86 9.48 -25.67
N GLY QB 175 -152.39 10.68 -25.87
CA GLY QB 175 -151.87 11.61 -26.87
C GLY QB 175 -151.29 12.84 -26.20
N LYS QB 176 -150.14 13.28 -26.69
CA LYS QB 176 -149.39 14.37 -26.06
C LYS QB 176 -149.37 15.60 -26.96
N LEU QB 177 -149.71 16.75 -26.40
CA LEU QB 177 -149.74 18.00 -27.14
C LEU QB 177 -148.89 19.03 -26.41
N THR QB 178 -147.87 19.58 -27.09
CA THR QB 178 -146.95 20.53 -26.50
C THR QB 178 -146.85 21.78 -27.37
N GLU QB 179 -146.83 22.94 -26.73
CA GLU QB 179 -146.75 24.23 -27.41
C GLU QB 179 -145.84 25.16 -26.63
N ALA QB 180 -144.97 25.88 -27.36
CA ALA QB 180 -144.07 26.85 -26.76
C ALA QB 180 -144.12 28.14 -27.58
N ASP QB 181 -144.18 29.28 -26.88
CA ASP QB 181 -144.28 30.59 -27.51
C ASP QB 181 -143.28 31.52 -26.83
N ASN QB 182 -142.55 32.30 -27.63
CA ASN QB 182 -141.63 33.30 -27.10
C ASN QB 182 -141.64 34.48 -28.06
N TRP QB 183 -142.17 35.62 -27.62
CA TRP QB 183 -142.18 36.78 -28.51
C TRP QB 183 -141.73 38.02 -27.75
N GLU QB 184 -141.22 38.99 -28.50
CA GLU QB 184 -140.55 40.15 -27.92
C GLU QB 184 -140.75 41.36 -28.81
N ILE QB 185 -140.95 42.52 -28.17
CA ILE QB 185 -141.14 43.81 -28.84
C ILE QB 185 -140.20 44.83 -28.19
N SER QB 186 -139.48 45.58 -29.01
CA SER QB 186 -138.61 46.65 -28.53
C SER QB 186 -138.80 47.88 -29.40
N GLY QB 187 -139.27 48.97 -28.81
CA GLY QB 187 -139.54 50.18 -29.54
C GLY QB 187 -138.88 51.39 -28.91
N HIS QB 188 -138.55 52.37 -29.75
CA HIS QB 188 -137.89 53.58 -29.32
C HIS QB 188 -138.37 54.75 -30.16
N THR QB 189 -138.58 55.89 -29.52
CA THR QB 189 -139.09 57.09 -30.18
C THR QB 189 -138.31 58.29 -29.71
N ASN QB 190 -137.92 59.17 -30.64
CA ASN QB 190 -137.19 60.39 -30.34
C ASN QB 190 -137.82 61.53 -31.13
N ALA QB 191 -138.49 62.43 -30.42
CA ALA QB 191 -139.09 63.62 -31.02
C ALA QB 191 -138.26 64.82 -30.58
N ASN QB 192 -137.46 65.36 -31.50
CA ASN QB 192 -136.61 66.52 -31.23
C ASN QB 192 -137.26 67.75 -31.85
N ILE QB 193 -137.52 68.76 -31.02
CA ILE QB 193 -138.08 70.02 -31.46
C ILE QB 193 -137.18 71.13 -30.92
N GLY QB 194 -137.33 72.33 -31.49
CA GLY QB 194 -136.48 73.44 -31.10
C GLY QB 194 -136.53 73.75 -29.61
N GLU QB 195 -137.69 73.56 -28.99
CA GLU QB 195 -137.85 73.83 -27.56
C GLU QB 195 -138.31 72.61 -26.78
N ALA QB 196 -138.32 71.42 -27.38
CA ALA QB 196 -138.76 70.23 -26.69
C ALA QB 196 -138.00 69.02 -27.21
N VAL QB 197 -137.61 68.14 -26.29
CA VAL QB 197 -136.94 66.88 -26.62
C VAL QB 197 -137.64 65.78 -25.84
N VAL QB 198 -138.16 64.77 -26.55
CA VAL QB 198 -138.82 63.63 -25.95
C VAL QB 198 -138.13 62.36 -26.40
N THR QB 199 -137.76 61.50 -25.45
CA THR QB 199 -137.10 60.24 -25.73
C THR QB 199 -137.79 59.13 -24.95
N ALA QB 200 -138.53 58.28 -25.66
CA ALA QB 200 -139.28 57.20 -25.05
C ALA QB 200 -138.74 55.85 -25.52
N THR QB 201 -138.80 54.86 -24.66
CA THR QB 201 -138.32 53.52 -24.96
C THR QB 201 -139.18 52.50 -24.23
N ALA QB 202 -139.50 51.39 -24.89
CA ALA QB 202 -140.32 50.35 -24.28
C ALA QB 202 -139.88 48.98 -24.78
N GLU QB 203 -139.61 48.07 -23.84
CA GLU QB 203 -139.22 46.71 -24.17
C GLU QB 203 -140.11 45.74 -23.40
N LEU QB 204 -140.57 44.69 -24.07
CA LEU QB 204 -141.32 43.65 -23.38
C LEU QB 204 -141.12 42.33 -24.11
N ASP QB 205 -141.37 41.23 -23.40
CA ASP QB 205 -141.25 39.90 -23.98
C ASP QB 205 -142.05 38.92 -23.14
N LYS QB 206 -142.79 38.05 -23.81
CA LYS QB 206 -143.64 37.06 -23.17
C LYS QB 206 -143.22 35.66 -23.58
N ASN QB 207 -143.22 34.75 -22.61
CA ASN QB 207 -142.88 33.35 -22.82
C ASN QB 207 -143.97 32.48 -22.22
N LEU QB 208 -144.47 31.53 -23.01
CA LEU QB 208 -145.51 30.61 -22.58
C LEU QB 208 -145.17 29.19 -22.99
N SER QB 209 -145.67 28.22 -22.24
CA SER QB 209 -145.47 26.81 -22.56
C SER QB 209 -146.63 26.01 -21.99
N ARG QB 210 -147.32 25.25 -22.84
CA ARG QB 210 -148.46 24.46 -22.43
C ARG QB 210 -148.27 23.03 -22.92
N LYS QB 211 -148.41 22.06 -22.00
CA LYS QB 211 -148.24 20.66 -22.32
C LYS QB 211 -149.36 19.85 -21.69
N ILE QB 212 -150.13 19.14 -22.50
CA ILE QB 212 -151.26 18.35 -22.02
C ILE QB 212 -151.19 16.96 -22.62
N GLU QB 213 -152.00 16.06 -22.05
CA GLU QB 213 -152.04 14.66 -22.47
C GLU QB 213 -153.47 14.16 -22.39
N ILE QB 214 -154.09 13.96 -23.55
CA ILE QB 214 -155.44 13.39 -23.60
C ILE QB 214 -155.38 11.89 -23.34
N PRO QB 215 -156.33 11.33 -22.61
CA PRO QB 215 -156.27 9.92 -22.25
C PRO QB 215 -156.78 9.03 -23.37
N PRO QB 216 -156.53 7.74 -23.31
CA PRO QB 216 -157.06 6.83 -24.34
C PRO QB 216 -158.57 6.85 -24.39
N GLY QB 217 -159.12 6.73 -25.59
CA GLY QB 217 -160.55 6.70 -25.81
C GLY QB 217 -161.16 8.03 -26.19
N THR QB 218 -160.38 9.12 -26.15
CA THR QB 218 -160.91 10.43 -26.51
C THR QB 218 -161.28 10.47 -27.99
N ALA QB 219 -162.51 10.91 -28.28
CA ALA QB 219 -162.96 10.98 -29.66
C ALA QB 219 -162.33 12.16 -30.37
N LEU QB 220 -162.07 11.99 -31.66
CA LEU QB 220 -161.48 13.04 -32.49
C LEU QB 220 -162.41 13.55 -33.58
N ALA QB 221 -163.13 12.66 -34.26
CA ALA QB 221 -163.99 13.06 -35.36
C ALA QB 221 -165.09 12.02 -35.52
N TYR QB 222 -166.12 12.38 -36.28
CA TYR QB 222 -167.29 11.52 -36.41
C TYR QB 222 -168.00 11.81 -37.71
N SER QB 223 -168.88 10.88 -38.10
CA SER QB 223 -169.76 11.05 -39.24
C SER QB 223 -171.15 10.59 -38.84
N PHE QB 224 -172.17 11.20 -39.43
CA PHE QB 224 -173.54 10.94 -39.01
C PHE QB 224 -174.47 10.86 -40.22
N MET QB 225 -175.62 10.23 -40.00
CA MET QB 225 -176.65 10.08 -41.01
C MET QB 225 -177.91 10.83 -40.57
N ASP QB 226 -178.56 11.50 -41.52
CA ASP QB 226 -179.72 12.32 -41.18
C ASP QB 226 -180.97 11.47 -40.95
N LEU QB 227 -181.93 12.05 -40.25
CA LEU QB 227 -183.21 11.40 -39.96
C LEU QB 227 -184.34 12.39 -40.20
N GLU QB 228 -185.56 11.86 -40.16
CA GLU QB 228 -186.75 12.67 -40.40
C GLU QB 228 -187.91 12.09 -39.59
N ILE QB 229 -188.56 12.95 -38.80
CA ILE QB 229 -189.73 12.55 -38.01
C ILE QB 229 -190.96 12.59 -38.90
N LEU QB 230 -191.68 11.47 -38.97
CA LEU QB 230 -192.95 11.46 -39.68
C LEU QB 230 -194.00 12.24 -38.88
N GLU QB 231 -195.21 12.32 -39.44
CA GLU QB 231 -196.34 12.88 -38.69
C GLU QB 231 -196.52 12.16 -37.37
N ASP QB 232 -196.48 10.83 -37.40
CA ASP QB 232 -196.47 10.02 -36.20
C ASP QB 232 -195.08 10.02 -35.57
N ARG QB 233 -194.91 9.23 -34.51
CA ARG QB 233 -193.59 9.07 -33.90
C ARG QB 233 -192.62 8.29 -34.77
N SER QB 234 -193.08 7.74 -35.89
CA SER QB 234 -192.22 6.97 -36.78
C SER QB 234 -191.06 7.82 -37.29
N LEU QB 235 -189.92 7.16 -37.51
CA LEU QB 235 -188.72 7.81 -38.01
C LEU QB 235 -188.34 7.22 -39.36
N ARG QB 236 -187.76 8.07 -40.22
CA ARG QB 236 -187.31 7.66 -41.54
C ARG QB 236 -185.90 8.19 -41.77
N VAL QB 237 -185.18 7.56 -42.69
CA VAL QB 237 -183.84 8.01 -43.02
C VAL QB 237 -183.90 8.81 -44.31
N SER QB 238 -183.10 9.87 -44.39
CA SER QB 238 -183.12 10.78 -45.52
C SER QB 238 -181.72 10.88 -46.13
N SER QB 239 -181.66 10.93 -47.45
CA SER QB 239 -180.40 10.97 -48.18
C SER QB 239 -180.42 12.14 -49.16
N SER QB 240 -179.52 13.10 -48.95
CA SER QB 240 -179.35 14.20 -49.89
C SER QB 240 -178.53 13.70 -51.08
N ALA QB 241 -179.19 13.53 -52.22
CA ALA QB 241 -178.58 12.98 -53.43
C ALA QB 241 -177.99 11.58 -53.17
N GLY QB 242 -178.62 10.83 -52.27
CA GLY QB 242 -178.17 9.49 -51.96
C GLY QB 242 -176.87 9.40 -51.18
N ALA QB 243 -176.46 10.49 -50.52
CA ALA QB 243 -175.20 10.48 -49.80
C ALA QB 243 -175.26 9.53 -48.60
N MET QB 244 -176.27 9.68 -47.75
CA MET QB 244 -176.43 8.91 -46.52
C MET QB 244 -175.22 9.05 -45.60
N PHE QB 245 -174.40 10.06 -45.80
CA PHE QB 245 -173.24 10.32 -44.95
C PHE QB 245 -173.03 11.84 -44.93
N ASP QB 246 -173.49 12.49 -43.87
CA ASP QB 246 -173.43 13.94 -43.78
C ASP QB 246 -172.22 14.35 -42.95
N SER QB 247 -171.44 15.29 -43.50
CA SER QB 247 -170.25 15.80 -42.83
C SER QB 247 -170.44 17.23 -42.35
N GLY QB 248 -171.68 17.68 -42.22
CA GLY QB 248 -171.94 19.05 -41.82
C GLY QB 248 -171.41 20.07 -42.81
N LYS QB 249 -171.55 19.78 -44.10
CA LYS QB 249 -171.06 20.65 -45.17
C LYS QB 249 -172.20 21.42 -45.79
N ALA QB 250 -171.88 22.60 -46.30
CA ALA QB 250 -172.88 23.42 -46.98
C ALA QB 250 -173.31 22.75 -48.29
N GLU QB 251 -174.54 23.01 -48.69
CA GLU QB 251 -175.07 22.41 -49.91
C GLU QB 251 -174.29 22.87 -51.14
N SER QB 252 -173.93 24.16 -51.19
CA SER QB 252 -173.16 24.74 -52.29
C SER QB 252 -173.83 24.51 -53.63
CA ARG RB 3 -152.52 18.18 -51.10
C ARG RB 3 -152.22 17.09 -50.08
N PRO RB 4 -153.25 16.35 -49.67
CA PRO RB 4 -153.04 15.27 -48.70
C PRO RB 4 -152.09 14.22 -49.24
N MET RB 5 -151.27 13.67 -48.33
CA MET RB 5 -150.31 12.66 -48.71
C MET RB 5 -151.00 11.41 -49.24
N PHE RB 6 -152.13 11.02 -48.63
CA PHE RB 6 -152.85 9.86 -49.11
C PHE RB 6 -153.35 10.08 -50.54
N ALA RB 7 -153.89 11.27 -50.82
CA ALA RB 7 -154.35 11.55 -52.18
C ALA RB 7 -153.20 11.56 -53.17
N VAL RB 8 -152.05 12.13 -52.78
CA VAL RB 8 -150.90 12.15 -53.67
C VAL RB 8 -150.42 10.73 -53.97
N ALA RB 9 -150.36 9.89 -52.93
CA ALA RB 9 -149.92 8.51 -53.14
C ALA RB 9 -150.91 7.74 -53.99
N VAL RB 10 -152.21 7.98 -53.80
CA VAL RB 10 -153.21 7.31 -54.62
C VAL RB 10 -153.06 7.71 -56.07
N ASN RB 11 -152.84 9.00 -56.33
CA ASN RB 11 -152.64 9.45 -57.71
C ASN RB 11 -151.39 8.84 -58.31
N GLU RB 12 -150.30 8.77 -57.55
CA GLU RB 12 -149.07 8.16 -58.04
C GLU RB 12 -149.30 6.69 -58.40
N PHE RB 13 -149.97 5.96 -57.52
CA PHE RB 13 -150.24 4.54 -57.78
C PHE RB 13 -151.12 4.37 -59.00
N ILE RB 14 -152.19 5.17 -59.11
CA ILE RB 14 -153.11 4.99 -60.22
C ILE RB 14 -152.46 5.38 -61.54
N ARG RB 15 -151.51 6.34 -61.51
CA ARG RB 15 -150.77 6.66 -62.73
C ARG RB 15 -149.82 5.54 -63.10
N SER RB 16 -149.05 5.03 -62.13
CA SER RB 16 -148.08 3.99 -62.44
C SER RB 16 -148.75 2.72 -62.92
N ALA RB 17 -149.86 2.32 -62.30
CA ALA RB 17 -150.59 1.12 -62.68
C ALA RB 17 -152.06 1.44 -62.77
N GLY RB 18 -152.71 0.95 -63.82
CA GLY RB 18 -154.14 1.14 -63.98
C GLY RB 18 -154.58 2.58 -64.17
N GLN RB 19 -153.89 3.31 -65.06
CA GLN RB 19 -154.29 4.68 -65.34
C GLN RB 19 -155.69 4.76 -65.92
N ASP RB 20 -156.14 3.70 -66.59
CA ASP RB 20 -157.49 3.61 -67.11
C ASP RB 20 -158.28 2.58 -66.31
N SER RB 21 -159.60 2.79 -66.27
CA SER RB 21 -160.53 1.89 -65.58
C SER RB 21 -160.17 1.75 -64.09
N LEU RB 22 -159.96 2.88 -63.43
CA LEU RB 22 -159.64 2.88 -62.02
C LEU RB 22 -159.99 4.24 -61.43
N CYS RB 23 -160.60 4.23 -60.25
CA CYS RB 23 -161.04 5.44 -59.57
C CYS RB 23 -160.32 5.56 -58.24
N GLY RB 24 -159.74 6.74 -57.99
CA GLY RB 24 -159.06 6.98 -56.74
C GLY RB 24 -160.00 6.99 -55.55
N VAL RB 25 -159.44 6.69 -54.39
CA VAL RB 25 -160.19 6.68 -53.13
C VAL RB 25 -160.13 8.08 -52.51
N PRO RB 26 -161.27 8.65 -52.13
CA PRO RB 26 -161.24 10.04 -51.61
C PRO RB 26 -160.43 10.22 -50.34
N ASP RB 27 -160.56 9.32 -49.37
CA ASP RB 27 -159.86 9.49 -48.10
C ASP RB 27 -159.74 8.16 -47.39
N ILE RB 28 -158.85 8.11 -46.40
CA ILE RB 28 -158.58 6.89 -45.67
C ILE RB 28 -159.83 6.42 -44.94
N ASN RB 29 -160.59 7.34 -44.35
CA ASN RB 29 -161.78 6.97 -43.59
C ASN RB 29 -162.80 6.27 -44.47
N SER RB 30 -163.02 6.78 -45.68
CA SER RB 30 -164.01 6.21 -46.58
C SER RB 30 -163.42 5.15 -47.50
N SER RB 31 -162.13 4.82 -47.34
CA SER RB 31 -161.52 3.78 -48.16
C SER RB 31 -162.21 2.44 -47.95
N GLY RB 32 -162.64 2.16 -46.71
CA GLY RB 32 -163.22 0.86 -46.42
C GLY RB 32 -164.61 0.65 -46.97
N ASP RB 33 -165.24 1.69 -47.52
CA ASP RB 33 -166.58 1.57 -48.08
C ASP RB 33 -166.56 1.25 -49.57
N PHE RB 34 -165.39 1.05 -50.17
CA PHE RB 34 -165.27 0.76 -51.59
C PHE RB 34 -164.72 -0.64 -51.83
N MET RB 35 -165.05 -1.58 -50.96
CA MET RB 35 -164.70 -2.97 -51.16
C MET RB 35 -165.63 -3.60 -52.20
N PRO RB 36 -165.25 -4.74 -52.77
CA PRO RB 36 -166.09 -5.36 -53.81
C PRO RB 36 -167.48 -5.68 -53.29
N LEU RB 37 -168.45 -5.63 -54.22
CA LEU RB 37 -169.87 -5.88 -53.93
C LEU RB 37 -170.44 -4.82 -52.99
N HIS RB 38 -170.15 -3.55 -53.30
CA HIS RB 38 -170.71 -2.41 -52.60
C HIS RB 38 -171.45 -1.52 -53.58
N ILE RB 39 -172.53 -0.92 -53.12
CA ILE RB 39 -173.35 -0.03 -53.93
C ILE RB 39 -172.86 1.39 -53.75
N ILE RB 40 -172.72 2.12 -54.86
CA ILE RB 40 -172.36 3.54 -54.84
C ILE RB 40 -173.32 4.29 -55.74
N VAL RB 41 -173.41 5.60 -55.52
CA VAL RB 41 -174.31 6.46 -56.27
C VAL RB 41 -173.48 7.41 -57.11
N LYS RB 42 -173.86 7.56 -58.38
CA LYS RB 42 -173.19 8.46 -59.31
C LYS RB 42 -174.12 9.60 -59.69
N GLU RB 43 -173.61 10.83 -59.60
CA GLU RB 43 -174.35 12.03 -59.91
C GLU RB 43 -173.70 12.72 -61.10
N VAL RB 44 -174.51 13.09 -62.08
CA VAL RB 44 -174.02 13.73 -63.30
C VAL RB 44 -173.61 15.17 -63.00
N PRO RB 45 -172.68 15.74 -63.75
CA PRO RB 45 -172.27 17.13 -63.47
C PRO RB 45 -173.40 18.14 -63.59
N LYS RB 46 -174.36 17.92 -64.49
CA LYS RB 46 -175.51 18.78 -64.75
C LYS RB 46 -175.13 20.09 -65.41
N VAL RB 47 -173.85 20.38 -65.61
CA VAL RB 47 -173.41 21.61 -66.25
C VAL RB 47 -172.70 21.27 -67.55
N LEU RB 48 -171.61 20.51 -67.45
CA LEU RB 48 -170.85 20.04 -68.60
C LEU RB 48 -170.65 18.54 -68.45
N PRO RB 49 -171.70 17.74 -68.69
CA PRO RB 49 -171.59 16.29 -68.47
C PRO RB 49 -170.49 15.64 -69.29
N CYS RB 50 -170.28 16.09 -70.52
CA CYS RB 50 -169.24 15.51 -71.37
C CYS RB 50 -167.86 16.09 -71.10
N CYS RB 51 -167.76 17.14 -70.29
CA CYS RB 51 -166.47 17.77 -70.00
C CYS RB 51 -166.02 17.61 -68.56
N ARG RB 52 -166.91 17.21 -67.65
CA ARG RB 52 -166.58 17.08 -66.23
C ARG RB 52 -166.89 15.68 -65.77
N ARG RB 53 -166.00 15.13 -64.93
CA ARG RB 53 -166.23 13.80 -64.39
C ARG RB 53 -167.33 13.84 -63.33
N PRO RB 54 -168.13 12.77 -63.24
CA PRO RB 54 -169.26 12.77 -62.30
C PRO RB 54 -168.84 12.71 -60.84
N LYS RB 55 -169.80 12.74 -59.93
CA LYS RB 55 -169.55 12.72 -58.50
C LYS RB 55 -169.98 11.37 -57.93
N ILE RB 56 -169.10 10.77 -57.14
CA ILE RB 56 -169.33 9.43 -56.60
C ILE RB 56 -169.57 9.53 -55.10
N LYS RB 57 -170.67 8.92 -54.65
CA LYS RB 57 -171.09 8.95 -53.25
C LYS RB 57 -171.14 7.53 -52.72
N ARG RB 58 -170.53 7.30 -51.56
CA ARG RB 58 -170.55 6.00 -50.93
C ARG RB 58 -171.85 5.79 -50.18
N THR RB 59 -172.27 4.54 -50.07
CA THR RB 59 -173.46 4.16 -49.35
C THR RB 59 -173.18 2.98 -48.44
N PRO RB 60 -173.89 2.86 -47.32
CA PRO RB 60 -173.68 1.72 -46.41
C PRO RB 60 -174.55 0.52 -46.77
N TYR RB 61 -174.38 0.03 -47.99
CA TYR RB 61 -175.17 -1.08 -48.49
C TYR RB 61 -174.30 -2.05 -49.27
N THR RB 62 -174.66 -3.32 -49.20
CA THR RB 62 -174.08 -4.35 -50.05
C THR RB 62 -175.15 -4.86 -51.02
N LEU RB 63 -174.71 -5.68 -51.97
CA LEU RB 63 -175.63 -6.20 -52.98
C LEU RB 63 -176.74 -7.04 -52.34
N ASN RB 64 -176.37 -7.90 -51.40
CA ASN RB 64 -177.36 -8.78 -50.78
C ASN RB 64 -178.37 -7.97 -49.96
N ASP RB 65 -177.92 -6.89 -49.31
CA ASP RB 65 -178.85 -6.05 -48.58
C ASP RB 65 -179.77 -5.28 -49.52
N ILE RB 66 -179.22 -4.76 -50.62
CA ILE RB 66 -180.03 -3.95 -51.53
C ILE RB 66 -181.01 -4.82 -52.31
N LEU RB 67 -180.71 -6.11 -52.48
CA LEU RB 67 -181.53 -7.01 -53.27
C LEU RB 67 -182.41 -7.87 -52.38
N ASP RB 68 -183.66 -8.07 -52.81
CA ASP RB 68 -184.54 -8.99 -52.11
C ASP RB 68 -184.00 -10.41 -52.19
N GLU RB 69 -183.49 -10.82 -53.35
CA GLU RB 69 -182.94 -12.15 -53.52
C GLU RB 69 -181.42 -12.10 -53.37
N PRO RB 70 -180.84 -12.88 -52.46
CA PRO RB 70 -179.39 -12.84 -52.27
C PRO RB 70 -178.64 -13.45 -53.43
N CYS RB 71 -177.37 -13.09 -53.53
CA CYS RB 71 -176.45 -13.55 -54.55
C CYS RB 71 -175.18 -14.07 -53.88
N PRO RB 72 -174.46 -14.97 -54.54
CA PRO RB 72 -173.16 -15.41 -53.99
C PRO RB 72 -172.21 -14.23 -53.86
N ASN RB 73 -171.40 -14.25 -52.79
CA ASN RB 73 -170.56 -13.11 -52.44
C ASN RB 73 -169.12 -13.50 -52.11
N GLN RB 74 -168.69 -14.71 -52.44
CA GLN RB 74 -167.32 -15.11 -52.15
C GLN RB 74 -166.33 -14.28 -52.95
N LEU RB 75 -165.16 -14.05 -52.37
CA LEU RB 75 -164.14 -13.20 -52.97
C LEU RB 75 -162.82 -13.95 -53.09
N LYS RB 76 -161.90 -13.36 -53.83
CA LYS RB 76 -160.55 -13.88 -53.98
C LYS RB 76 -159.61 -12.72 -54.26
N SER RB 77 -158.35 -12.90 -53.89
CA SER RB 77 -157.34 -11.86 -54.03
C SER RB 77 -156.09 -12.43 -54.69
N SER RB 78 -155.40 -11.56 -55.43
CA SER RB 78 -154.17 -11.94 -56.10
C SER RB 78 -153.29 -10.71 -56.28
N ASP RB 79 -151.98 -10.94 -56.40
CA ASP RB 79 -151.05 -9.83 -56.50
C ASP RB 79 -151.26 -9.02 -57.77
N LEU RB 80 -151.04 -7.72 -57.66
CA LEU RB 80 -151.20 -6.81 -58.79
C LEU RB 80 -149.90 -6.12 -59.18
N VAL RB 81 -149.22 -5.47 -58.24
CA VAL RB 81 -147.98 -4.74 -58.50
C VAL RB 81 -147.19 -4.68 -57.20
N THR RB 82 -145.89 -4.43 -57.34
CA THR RB 82 -144.98 -4.42 -56.20
C THR RB 82 -144.01 -3.25 -56.36
N PHE RB 83 -144.06 -2.29 -55.45
CA PHE RB 83 -143.13 -1.17 -55.43
C PHE RB 83 -141.92 -1.57 -54.59
N THR RB 84 -140.84 -1.96 -55.27
CA THR RB 84 -139.66 -2.47 -54.56
C THR RB 84 -139.00 -1.38 -53.73
N GLU RB 85 -138.97 -0.14 -54.23
CA GLU RB 85 -138.34 0.95 -53.52
C GLU RB 85 -139.31 2.12 -53.39
N PRO RB 86 -139.15 2.92 -52.35
CA PRO RB 86 -140.09 4.04 -52.13
C PRO RB 86 -140.02 5.06 -53.26
N LEU RB 87 -141.20 5.61 -53.59
CA LEU RB 87 -141.27 6.75 -54.50
C LEU RB 87 -140.76 7.98 -53.77
N VAL RB 88 -139.69 8.58 -54.29
CA VAL RB 88 -139.02 9.71 -53.64
C VAL RB 88 -139.08 10.90 -54.57
N SER RB 89 -139.48 12.06 -54.02
CA SER RB 89 -139.59 13.29 -54.79
C SER RB 89 -138.91 14.42 -54.02
N ASN RB 90 -138.16 15.23 -54.75
CA ASN RB 90 -137.48 16.39 -54.18
C ASN RB 90 -137.73 17.61 -55.06
N VAL RB 91 -138.06 18.73 -54.42
CA VAL RB 91 -138.22 20.01 -55.11
C VAL RB 91 -137.45 21.05 -54.32
N LYS RB 92 -136.67 21.87 -55.01
CA LYS RB 92 -135.86 22.89 -54.35
C LYS RB 92 -135.88 24.14 -55.22
N ALA RB 93 -136.49 25.20 -54.71
CA ALA RB 93 -136.58 26.47 -55.43
C ALA RB 93 -135.93 27.58 -54.62
N SER RB 94 -135.35 28.54 -55.32
CA SER RB 94 -134.74 29.70 -54.67
C SER RB 94 -134.74 30.86 -55.65
N SER RB 95 -135.20 32.02 -55.21
CA SER RB 95 -135.32 33.19 -56.07
C SER RB 95 -134.98 34.45 -55.29
N SER RB 96 -134.58 35.48 -56.02
CA SER RB 96 -134.24 36.77 -55.44
C SER RB 96 -134.62 37.87 -56.42
N ILE RB 97 -135.14 38.96 -55.88
CA ILE RB 97 -135.59 40.11 -56.66
C ILE RB 97 -134.96 41.37 -56.08
N GLY RB 98 -134.45 42.23 -56.96
CA GLY RB 98 -133.91 43.51 -56.54
C GLY RB 98 -134.40 44.65 -57.39
N LEU RB 99 -135.09 45.62 -56.79
CA LEU RB 99 -135.65 46.77 -57.51
C LEU RB 99 -135.03 48.04 -56.95
N GLN RB 100 -134.61 48.93 -57.86
CA GLN RB 100 -134.07 50.22 -57.45
C GLN RB 100 -134.65 51.31 -58.35
N ILE RB 101 -135.16 52.36 -57.72
CA ILE RB 101 -135.66 53.55 -58.42
C ILE RB 101 -134.79 54.71 -57.95
N LEU RB 102 -133.81 55.08 -58.77
CA LEU RB 102 -132.89 56.21 -58.54
C LEU RB 102 -132.24 56.01 -57.18
N LYS RB 103 -132.17 57.03 -56.33
CA LYS RB 103 -131.76 56.89 -54.95
C LYS RB 103 -132.94 57.08 -54.00
N HIS RB 104 -134.17 56.86 -54.51
CA HIS RB 104 -135.38 57.05 -53.73
C HIS RB 104 -136.04 55.75 -53.29
N PHE RB 105 -135.95 54.69 -54.08
CA PHE RB 105 -136.56 53.42 -53.71
C PHE RB 105 -135.53 52.30 -53.87
N ASP RB 106 -135.49 51.39 -52.90
CA ASP RB 106 -134.57 50.25 -52.99
C ASP RB 106 -135.16 49.08 -52.22
N SER RB 107 -135.63 48.06 -52.94
CA SER RB 107 -136.23 46.89 -52.32
C SER RB 107 -135.47 45.64 -52.72
N GLY RB 108 -135.22 44.77 -51.74
CA GLY RB 108 -134.60 43.49 -52.01
C GLY RB 108 -135.33 42.35 -51.33
N ALA RB 109 -135.86 41.41 -52.11
CA ALA RB 109 -136.59 40.29 -51.58
C ALA RB 109 -135.94 38.99 -52.01
N LYS RB 110 -136.16 37.94 -51.24
CA LYS RB 110 -135.63 36.63 -51.58
C LYS RB 110 -136.46 35.56 -50.91
N GLY RB 111 -136.55 34.41 -51.55
CA GLY RB 111 -137.33 33.31 -51.03
C GLY RB 111 -136.69 31.99 -51.40
N SER RB 112 -136.97 30.98 -50.59
CA SER RB 112 -136.46 29.63 -50.85
C SER RB 112 -137.46 28.61 -50.31
N LYS RB 113 -137.45 27.44 -50.93
CA LYS RB 113 -138.38 26.37 -50.56
C LYS RB 113 -137.73 25.03 -50.84
N ASN RB 114 -137.90 24.09 -49.91
CA ASN RB 114 -137.38 22.73 -50.04
C ASN RB 114 -138.47 21.77 -49.61
N PHE RB 115 -138.88 20.90 -50.52
CA PHE RB 115 -140.00 19.99 -50.32
C PHE RB 115 -139.56 18.58 -50.64
N ILE RB 116 -139.77 17.65 -49.71
CA ILE RB 116 -139.33 16.26 -49.86
C ILE RB 116 -140.50 15.34 -49.54
N THR RB 117 -140.69 14.33 -50.38
CA THR RB 117 -141.78 13.38 -50.21
C THR RB 117 -141.26 11.96 -50.42
N SER RB 118 -141.76 11.03 -49.61
CA SER RB 118 -141.42 9.62 -49.74
C SER RB 118 -142.64 8.76 -49.46
N ALA RB 119 -142.94 7.84 -50.37
CA ALA RB 119 -144.08 6.95 -50.21
C ALA RB 119 -143.63 5.51 -50.41
N SER RB 120 -143.92 4.66 -49.43
CA SER RB 120 -143.58 3.24 -49.48
C SER RB 120 -144.87 2.46 -49.37
N LEU RB 121 -145.35 1.96 -50.51
CA LEU RB 121 -146.60 1.21 -50.58
C LEU RB 121 -146.41 -0.29 -50.51
N GLY RB 122 -145.18 -0.79 -50.57
CA GLY RB 122 -144.94 -2.21 -50.48
C GLY RB 122 -145.59 -2.96 -51.64
N THR RB 123 -146.44 -3.93 -51.30
CA THR RB 123 -147.12 -4.76 -52.28
C THR RB 123 -148.60 -4.40 -52.31
N VAL RB 124 -149.16 -4.30 -53.50
CA VAL RB 124 -150.58 -4.00 -53.71
C VAL RB 124 -151.23 -5.22 -54.33
N VAL RB 125 -152.33 -5.67 -53.74
CA VAL RB 125 -153.08 -6.81 -54.24
C VAL RB 125 -154.42 -6.32 -54.75
N LYS RB 126 -155.11 -7.18 -55.51
CA LYS RB 126 -156.43 -6.89 -56.05
C LYS RB 126 -157.39 -7.96 -55.56
N ALA RB 127 -158.55 -7.51 -55.07
CA ALA RB 127 -159.59 -8.39 -54.56
C ALA RB 127 -160.84 -8.21 -55.40
N GLU RB 128 -161.47 -9.34 -55.73
CA GLU RB 128 -162.62 -9.35 -56.62
C GLU RB 128 -163.40 -10.64 -56.41
N THR RB 129 -164.66 -10.62 -56.86
CA THR RB 129 -165.50 -11.80 -56.76
C THR RB 129 -164.90 -12.98 -57.52
N ILE RB 130 -165.08 -14.17 -56.97
CA ILE RB 130 -164.53 -15.37 -57.62
C ILE RB 130 -165.17 -15.56 -58.98
N ASP RB 131 -166.49 -15.40 -59.08
CA ASP RB 131 -167.21 -15.51 -60.34
C ASP RB 131 -168.16 -14.33 -60.46
N ILE RB 132 -167.93 -13.49 -61.46
CA ILE RB 132 -168.76 -12.31 -61.66
C ILE RB 132 -169.98 -12.62 -62.54
N THR RB 133 -169.87 -13.62 -63.42
CA THR RB 133 -170.98 -13.96 -64.29
C THR RB 133 -172.19 -14.43 -63.50
N LYS RB 134 -171.98 -15.25 -62.46
CA LYS RB 134 -173.09 -15.70 -61.63
C LYS RB 134 -173.73 -14.52 -60.91
N VAL RB 135 -172.92 -13.62 -60.38
CA VAL RB 135 -173.44 -12.44 -59.69
C VAL RB 135 -174.29 -11.61 -60.65
N LEU RB 136 -173.79 -11.40 -61.86
CA LEU RB 136 -174.54 -10.62 -62.84
C LEU RB 136 -175.86 -11.29 -63.20
N ALA RB 137 -175.84 -12.61 -63.40
CA ALA RB 137 -177.06 -13.32 -63.74
C ALA RB 137 -178.09 -13.18 -62.63
N LYS RB 138 -177.66 -13.42 -61.38
CA LYS RB 138 -178.59 -13.31 -60.26
C LYS RB 138 -179.12 -11.89 -60.10
N VAL RB 139 -178.26 -10.89 -60.30
CA VAL RB 139 -178.72 -9.50 -60.25
C VAL RB 139 -179.81 -9.27 -61.27
N ARG RB 140 -179.57 -9.69 -62.51
CA ARG RB 140 -180.55 -9.48 -63.57
C ARG RB 140 -181.86 -10.19 -63.29
N THR RB 141 -181.80 -11.36 -62.64
CA THR RB 141 -183.02 -12.10 -62.34
C THR RB 141 -183.59 -11.76 -60.96
N ALA RB 142 -182.99 -10.85 -60.21
CA ALA RB 142 -183.41 -10.55 -58.86
C ALA RB 142 -183.99 -9.13 -58.78
N LYS RB 143 -184.95 -8.93 -57.89
CA LYS RB 143 -185.57 -7.64 -57.66
C LYS RB 143 -184.99 -6.96 -56.42
N ALA RB 144 -184.94 -5.62 -56.48
CA ALA RB 144 -184.40 -4.84 -55.37
C ALA RB 144 -185.37 -4.85 -54.19
N LYS RB 145 -184.87 -4.35 -53.06
CA LYS RB 145 -185.68 -4.31 -51.83
C LYS RB 145 -186.69 -3.18 -51.92
N VAL RB 146 -187.98 -3.54 -51.82
CA VAL RB 146 -189.04 -2.53 -51.88
C VAL RB 146 -188.94 -1.58 -50.69
N GLU RB 147 -188.60 -2.11 -49.52
CA GLU RB 147 -188.48 -1.27 -48.33
C GLU RB 147 -187.41 -0.20 -48.49
N ASN RB 148 -186.31 -0.51 -49.18
CA ASN RB 148 -185.20 0.42 -49.29
C ASN RB 148 -185.63 1.73 -49.93
N ASP RB 149 -185.19 2.84 -49.34
CA ASP RB 149 -185.52 4.18 -49.82
C ASP RB 149 -184.56 4.67 -50.88
N LEU RB 150 -183.28 4.33 -50.76
CA LEU RB 150 -182.28 4.76 -51.72
C LEU RB 150 -182.64 4.32 -53.14
N VAL RB 151 -183.06 3.06 -53.29
CA VAL RB 151 -183.43 2.55 -54.61
C VAL RB 151 -184.57 3.36 -55.20
N SER RB 152 -185.59 3.65 -54.39
CA SER RB 152 -186.73 4.44 -54.87
C SER RB 152 -186.29 5.84 -55.27
N ARG RB 153 -185.42 6.46 -54.46
CA ARG RB 153 -184.89 7.78 -54.80
C ARG RB 153 -184.20 7.75 -56.15
N VAL RB 154 -183.30 6.79 -56.35
CA VAL RB 154 -182.56 6.70 -57.61
C VAL RB 154 -183.51 6.41 -58.77
N MET RB 155 -184.56 5.63 -58.54
CA MET RB 155 -185.54 5.34 -59.58
C MET RB 155 -186.28 6.60 -60.00
N LYS RB 156 -186.74 7.38 -59.02
CA LYS RB 156 -187.53 8.56 -59.36
C LYS RB 156 -186.67 9.67 -59.95
N THR RB 157 -185.43 9.80 -59.49
CA THR RB 157 -184.55 10.81 -60.04
C THR RB 157 -183.89 10.32 -61.32
N LYS RB 158 -183.51 11.27 -62.18
CA LYS RB 158 -182.89 10.95 -63.46
C LYS RB 158 -181.38 11.12 -63.45
N ARG RB 159 -180.85 12.01 -62.60
CA ARG RB 159 -179.40 12.20 -62.55
C ARG RB 159 -178.72 11.04 -61.85
N LEU RB 160 -179.31 10.55 -60.76
CA LEU RB 160 -178.68 9.53 -59.95
C LEU RB 160 -178.61 8.19 -60.68
N CYS RB 161 -177.48 7.50 -60.53
CA CYS RB 161 -177.31 6.16 -61.06
C CYS RB 161 -176.66 5.28 -60.01
N LEU RB 162 -176.89 3.97 -60.11
CA LEU RB 162 -176.34 3.02 -59.17
C LEU RB 162 -175.15 2.29 -59.78
N GLY RB 163 -174.15 2.01 -58.95
CA GLY RB 163 -172.98 1.28 -59.41
C GLY RB 163 -172.52 0.23 -58.42
N LEU RB 164 -172.20 -0.96 -58.92
CA LEU RB 164 -171.73 -2.07 -58.11
C LEU RB 164 -170.21 -2.16 -58.25
N VAL RB 165 -169.51 -2.11 -57.13
CA VAL RB 165 -168.04 -2.20 -57.16
C VAL RB 165 -167.64 -3.66 -57.34
N VAL RB 166 -166.73 -3.91 -58.27
CA VAL RB 166 -166.37 -5.27 -58.65
C VAL RB 166 -164.92 -5.62 -58.38
N GLU RB 167 -164.01 -4.66 -58.23
CA GLU RB 167 -162.62 -4.97 -57.94
C GLU RB 167 -162.01 -3.83 -57.15
N THR RB 168 -161.11 -4.18 -56.23
CA THR RB 168 -160.50 -3.19 -55.36
C THR RB 168 -159.03 -3.48 -55.17
N ALA RB 169 -158.21 -2.43 -55.17
CA ALA RB 169 -156.77 -2.55 -54.94
C ALA RB 169 -156.46 -2.15 -53.51
N CYS RB 170 -155.82 -3.04 -52.77
CA CYS RB 170 -155.54 -2.85 -51.35
C CYS RB 170 -154.08 -3.17 -51.05
N VAL RB 171 -153.51 -2.45 -50.09
CA VAL RB 171 -152.13 -2.69 -49.68
C VAL RB 171 -152.07 -3.96 -48.84
N ALA RB 172 -151.13 -4.85 -49.17
CA ALA RB 172 -150.99 -6.09 -48.42
C ALA RB 172 -150.41 -5.84 -47.03
N ALA RB 173 -149.45 -4.92 -46.92
CA ALA RB 173 -148.79 -4.62 -45.66
C ALA RB 173 -148.92 -3.12 -45.37
N ALA RB 174 -148.34 -2.71 -44.25
CA ALA RB 174 -148.41 -1.31 -43.84
C ALA RB 174 -147.67 -0.42 -44.83
N GLY RB 175 -148.26 0.74 -45.11
CA GLY RB 175 -147.67 1.71 -46.03
C GLY RB 175 -147.26 2.98 -45.31
N LYS RB 176 -146.08 3.48 -45.65
CA LYS RB 176 -145.48 4.62 -44.95
C LYS RB 176 -145.42 5.84 -45.85
N LEU RB 177 -145.91 6.98 -45.36
CA LEU RB 177 -145.92 8.22 -46.12
C LEU RB 177 -145.25 9.30 -45.29
N THR RB 178 -144.19 9.92 -45.84
CA THR RB 178 -143.41 10.93 -45.15
C THR RB 178 -143.28 12.18 -46.01
N GLU RB 179 -143.42 13.34 -45.39
CA GLU RB 179 -143.34 14.63 -46.07
C GLU RB 179 -142.58 15.62 -45.20
N ALA RB 180 -141.69 16.39 -45.81
CA ALA RB 180 -140.93 17.42 -45.12
C ALA RB 180 -140.95 18.70 -45.94
N ASP RB 181 -141.18 19.83 -45.28
CA ASP RB 181 -141.27 21.13 -45.92
C ASP RB 181 -140.44 22.13 -45.13
N ASN RB 182 -139.65 22.95 -45.85
CA ASN RB 182 -138.87 24.01 -45.22
C ASN RB 182 -138.84 25.19 -46.18
N TRP RB 183 -139.50 26.28 -45.84
CA TRP RB 183 -139.46 27.44 -46.72
C TRP RB 183 -139.20 28.71 -45.93
N GLU RB 184 -138.65 29.71 -46.62
CA GLU RB 184 -138.13 30.91 -45.98
C GLU RB 184 -138.31 32.11 -46.90
N ILE RB 185 -138.66 33.26 -46.30
CA ILE RB 185 -138.84 34.52 -47.00
C ILE RB 185 -138.06 35.60 -46.26
N SER RB 186 -137.28 36.40 -46.98
CA SER RB 186 -136.55 37.52 -46.41
C SER RB 186 -136.71 38.73 -47.31
N GLY RB 187 -137.32 39.79 -46.79
CA GLY RB 187 -137.57 40.99 -47.57
C GLY RB 187 -137.07 42.23 -46.87
N HIS RB 188 -136.71 43.23 -47.68
CA HIS RB 188 -136.18 44.49 -47.18
C HIS RB 188 -136.63 45.61 -48.09
N THR RB 189 -136.98 46.75 -47.49
CA THR RB 189 -137.49 47.90 -48.23
C THR RB 189 -136.84 49.16 -47.67
N ASN RB 190 -136.40 50.05 -48.56
CA ASN RB 190 -135.79 51.32 -48.17
C ASN RB 190 -136.38 52.41 -49.06
N ALA RB 191 -137.20 53.27 -48.45
CA ALA RB 191 -137.79 54.42 -49.13
C ALA RB 191 -137.10 55.68 -48.60
N ASN RB 192 -136.23 56.26 -49.42
CA ASN RB 192 -135.50 57.47 -49.06
C ASN RB 192 -136.14 58.65 -49.77
N ILE RB 193 -136.57 59.64 -48.99
CA ILE RB 193 -137.15 60.88 -49.51
C ILE RB 193 -136.39 62.03 -48.88
N GLY RB 194 -136.54 63.22 -49.48
CA GLY RB 194 -135.82 64.39 -48.99
C GLY RB 194 -136.08 64.70 -47.53
N GLU RB 195 -137.30 64.43 -47.05
CA GLU RB 195 -137.65 64.70 -45.66
C GLU RB 195 -138.12 63.46 -44.92
N ALA RB 196 -137.99 62.26 -45.51
CA ALA RB 196 -138.44 61.04 -44.87
C ALA RB 196 -137.54 59.89 -45.27
N VAL RB 197 -137.22 59.04 -44.30
CA VAL RB 197 -136.43 57.82 -44.53
C VAL RB 197 -137.15 56.68 -43.84
N VAL RB 198 -137.50 55.64 -44.60
CA VAL RB 198 -138.18 54.47 -44.07
C VAL RB 198 -137.35 53.24 -44.41
N THR RB 199 -137.05 52.42 -43.41
CA THR RB 199 -136.27 51.19 -43.59
C THR RB 199 -136.99 50.05 -42.89
N ALA RB 200 -137.58 49.15 -43.68
CA ALA RB 200 -138.33 48.02 -43.16
C ALA RB 200 -137.65 46.71 -43.55
N THR RB 201 -137.76 45.71 -42.68
CA THR RB 201 -137.15 44.41 -42.91
C THR RB 201 -138.05 43.34 -42.28
N ALA RB 202 -138.20 42.21 -42.96
CA ALA RB 202 -139.02 41.12 -42.45
C ALA RB 202 -138.43 39.78 -42.87
N GLU RB 203 -138.23 38.89 -41.90
CA GLU RB 203 -137.73 37.55 -42.16
C GLU RB 203 -138.63 36.54 -41.50
N LEU RB 204 -138.94 35.46 -42.21
CA LEU RB 204 -139.70 34.37 -41.61
C LEU RB 204 -139.33 33.06 -42.29
N ASP RB 205 -139.60 31.96 -41.60
CA ASP RB 205 -139.31 30.64 -42.14
C ASP RB 205 -140.16 29.61 -41.41
N LYS RB 206 -140.74 28.68 -42.16
CA LYS RB 206 -141.62 27.65 -41.62
C LYS RB 206 -141.04 26.28 -41.96
N ASN RB 207 -141.12 25.37 -40.99
CA ASN RB 207 -140.66 23.99 -41.14
C ASN RB 207 -141.77 23.06 -40.67
N LEU RB 208 -142.11 22.07 -41.50
CA LEU RB 208 -143.13 21.09 -41.20
C LEU RB 208 -142.64 19.69 -41.55
N SER RB 209 -143.17 18.70 -40.85
CA SER RB 209 -142.84 17.30 -41.13
C SER RB 209 -144.02 16.43 -40.70
N ARG RB 210 -144.54 15.63 -41.62
CA ARG RB 210 -145.68 14.76 -41.36
C ARG RB 210 -145.34 13.35 -41.79
N LYS RB 211 -145.52 12.38 -40.89
CA LYS RB 211 -145.23 10.98 -41.18
C LYS RB 211 -146.37 10.12 -40.67
N ILE RB 212 -146.98 9.35 -41.57
CA ILE RB 212 -148.11 8.49 -41.22
C ILE RB 212 -147.88 7.10 -41.80
N GLU RB 213 -148.69 6.16 -41.32
CA GLU RB 213 -148.59 4.76 -41.72
C GLU RB 213 -149.99 4.16 -41.83
N ILE RB 214 -150.44 3.92 -43.05
CA ILE RB 214 -151.73 3.26 -43.27
C ILE RB 214 -151.60 1.78 -42.98
N PRO RB 215 -152.61 1.16 -42.37
CA PRO RB 215 -152.51 -0.25 -41.99
C PRO RB 215 -152.82 -1.17 -43.16
N PRO RB 216 -152.48 -2.45 -43.06
CA PRO RB 216 -152.82 -3.39 -44.14
C PRO RB 216 -154.32 -3.46 -44.36
N GLY RB 217 -154.70 -3.63 -45.63
CA GLY RB 217 -156.09 -3.74 -46.02
C GLY RB 217 -156.72 -2.45 -46.50
N THR RB 218 -156.03 -1.32 -46.38
CA THR RB 218 -156.59 -0.05 -46.81
C THR RB 218 -156.77 -0.04 -48.33
N ALA RB 219 -157.97 0.32 -48.78
CA ALA RB 219 -158.26 0.36 -50.20
C ALA RB 219 -157.62 1.58 -50.84
N LEU RB 220 -157.17 1.41 -52.09
CA LEU RB 220 -156.56 2.50 -52.85
C LEU RB 220 -157.37 2.94 -54.05
N ALA RB 221 -157.94 2.01 -54.81
CA ALA RB 221 -158.68 2.34 -56.01
C ALA RB 221 -159.67 1.23 -56.30
N TYR RB 222 -160.63 1.53 -57.18
CA TYR RB 222 -161.71 0.60 -57.45
C TYR RB 222 -162.27 0.84 -58.84
N SER RB 223 -163.03 -0.15 -59.32
CA SER RB 223 -163.77 -0.05 -60.57
C SER RB 223 -165.17 -0.60 -60.34
N PHE RB 224 -166.15 -0.05 -61.06
CA PHE RB 224 -167.53 -0.40 -60.81
C PHE RB 224 -168.29 -0.54 -62.13
N MET RB 225 -169.42 -1.24 -62.06
CA MET RB 225 -170.31 -1.46 -63.18
C MET RB 225 -171.65 -0.80 -62.92
N ASP RB 226 -172.22 -0.17 -63.95
CA ASP RB 226 -173.46 0.57 -63.78
C ASP RB 226 -174.67 -0.36 -63.70
N LEU RB 227 -175.75 0.17 -63.13
CA LEU RB 227 -177.01 -0.56 -62.99
C LEU RB 227 -178.16 0.35 -63.38
N GLU RB 228 -179.34 -0.26 -63.49
CA GLU RB 228 -180.55 0.47 -63.88
C GLU RB 228 -181.76 -0.18 -63.24
N ILE RB 229 -182.55 0.64 -62.53
CA ILE RB 229 -183.78 0.17 -61.90
C ILE RB 229 -184.90 0.13 -62.93
N LEU RB 230 -185.52 -1.04 -63.09
CA LEU RB 230 -186.69 -1.13 -63.95
C LEU RB 230 -187.88 -0.42 -63.30
N GLU RB 231 -189.01 -0.42 -64.01
CA GLU RB 231 -190.25 0.07 -63.41
C GLU RB 231 -190.57 -0.66 -62.11
N ASP RB 232 -190.44 -1.98 -62.13
CA ASP RB 232 -190.54 -2.78 -60.92
C ASP RB 232 -189.23 -2.70 -60.13
N ARG RB 233 -189.15 -3.46 -59.04
CA ARG RB 233 -187.92 -3.54 -58.27
C ARG RB 233 -186.79 -4.26 -59.00
N SER RB 234 -187.07 -4.84 -60.16
CA SER RB 234 -186.05 -5.56 -60.92
C SER RB 234 -184.89 -4.63 -61.29
N LEU RB 235 -183.69 -5.22 -61.37
CA LEU RB 235 -182.48 -4.49 -61.72
C LEU RB 235 -181.89 -5.06 -63.00
N ARG RB 236 -181.26 -4.18 -63.79
CA ARG RB 236 -180.63 -4.57 -65.03
C ARG RB 236 -179.24 -3.95 -65.09
N VAL RB 237 -178.36 -4.53 -65.90
CA VAL RB 237 -177.03 -4.00 -66.07
C VAL RB 237 -176.98 -3.21 -67.36
N SER RB 238 -176.24 -2.10 -67.35
CA SER RB 238 -176.17 -1.20 -68.49
C SER RB 238 -174.73 -1.00 -68.91
N SER RB 239 -174.49 -0.96 -70.22
CA SER RB 239 -173.15 -0.84 -70.79
C SER RB 239 -173.13 0.32 -71.77
N SER RB 240 -172.33 1.34 -71.46
CA SER RB 240 -172.11 2.44 -72.38
C SER RB 240 -171.12 2.00 -73.45
N ALA RB 241 -171.62 1.78 -74.67
CA ALA RB 241 -170.82 1.26 -75.78
C ALA RB 241 -170.18 -0.09 -75.43
N GLY RB 242 -170.87 -0.88 -74.61
CA GLY RB 242 -170.38 -2.19 -74.23
C GLY RB 242 -169.19 -2.19 -73.29
N ALA RB 243 -168.94 -1.07 -72.60
CA ALA RB 243 -167.77 -1.00 -71.72
C ALA RB 243 -167.92 -1.95 -70.53
N MET RB 244 -169.05 -1.86 -69.82
CA MET RB 244 -169.31 -2.63 -68.60
C MET RB 244 -168.23 -2.42 -67.54
N PHE RB 245 -167.46 -1.35 -67.65
CA PHE RB 245 -166.44 -1.01 -66.65
C PHE RB 245 -166.32 0.51 -66.63
N ASP RB 246 -166.96 1.13 -65.65
CA ASP RB 246 -167.00 2.58 -65.57
C ASP RB 246 -165.94 3.08 -64.60
N SER RB 247 -165.15 4.06 -65.05
CA SER RB 247 -164.10 4.65 -64.24
C SER RB 247 -164.44 6.07 -63.81
N GLY RB 248 -165.71 6.44 -63.84
CA GLY RB 248 -166.10 7.79 -63.49
C GLY RB 248 -165.52 8.84 -64.43
N LYS RB 249 -165.47 8.53 -65.72
CA LYS RB 249 -164.90 9.43 -66.72
C LYS RB 249 -166.01 10.12 -67.50
N ALA RB 250 -165.70 11.32 -67.98
CA ALA RB 250 -166.65 12.07 -68.79
C ALA RB 250 -166.86 11.37 -70.13
N GLU RB 251 -168.06 11.55 -70.69
CA GLU RB 251 -168.39 10.92 -71.96
C GLU RB 251 -167.48 11.42 -73.08
N SER RB 252 -167.21 12.73 -73.10
CA SER RB 252 -166.34 13.35 -74.10
C SER RB 252 -166.82 13.07 -75.52
CA ARG SB 3 -145.59 8.16 -70.18
C ARG SB 3 -145.35 7.09 -69.12
N PRO SB 4 -146.39 6.29 -68.84
CA PRO SB 4 -146.23 5.23 -67.84
C PRO SB 4 -145.15 4.24 -68.24
N MET SB 5 -144.42 3.75 -67.23
CA MET SB 5 -143.36 2.79 -67.49
C MET SB 5 -143.90 1.50 -68.09
N PHE SB 6 -145.07 1.05 -67.61
CA PHE SB 6 -145.65 -0.16 -68.17
C PHE SB 6 -145.97 0.02 -69.65
N ALA SB 7 -146.55 1.17 -70.01
CA ALA SB 7 -146.86 1.42 -71.42
C ALA SB 7 -145.58 1.50 -72.26
N VAL SB 8 -144.54 2.14 -71.73
CA VAL SB 8 -143.28 2.24 -72.46
C VAL SB 8 -142.69 0.85 -72.68
N ALA SB 9 -142.69 0.02 -71.64
CA ALA SB 9 -142.15 -1.33 -71.77
C ALA SB 9 -142.97 -2.17 -72.74
N VAL SB 10 -144.30 -2.01 -72.71
CA VAL SB 10 -145.15 -2.75 -73.64
C VAL SB 10 -144.84 -2.34 -75.07
N ASN SB 11 -144.66 -1.04 -75.32
CA ASN SB 11 -144.32 -0.58 -76.66
C ASN SB 11 -142.96 -1.11 -77.09
N GLU SB 12 -141.98 -1.11 -76.19
CA GLU SB 12 -140.66 -1.65 -76.53
C GLU SB 12 -140.75 -3.13 -76.89
N PHE SB 13 -141.48 -3.89 -76.09
CA PHE SB 13 -141.61 -5.33 -76.37
C PHE SB 13 -142.33 -5.56 -77.70
N ILE SB 14 -143.42 -4.83 -77.94
CA ILE SB 14 -144.18 -5.07 -79.16
C ILE SB 14 -143.39 -4.64 -80.39
N ARG SB 15 -142.53 -3.63 -80.25
CA ARG SB 15 -141.66 -3.26 -81.37
C ARG SB 15 -140.60 -4.32 -81.61
N SER SB 16 -139.93 -4.78 -80.55
CA SER SB 16 -138.86 -5.76 -80.71
C SER SB 16 -139.38 -7.07 -81.27
N ALA SB 17 -140.53 -7.53 -80.78
CA ALA SB 17 -141.12 -8.78 -81.23
C ALA SB 17 -142.60 -8.55 -81.51
N GLY SB 18 -143.08 -9.09 -82.63
CA GLY SB 18 -144.48 -8.99 -82.97
C GLY SB 18 -144.98 -7.59 -83.24
N GLN SB 19 -144.24 -6.82 -84.05
CA GLN SB 19 -144.68 -5.47 -84.38
C GLN SB 19 -146.01 -5.49 -85.13
N ASP SB 20 -146.29 -6.58 -85.85
CA ASP SB 20 -147.55 -6.76 -86.54
C ASP SB 20 -148.37 -7.83 -85.82
N SER SB 21 -149.70 -7.71 -85.96
CA SER SB 21 -150.65 -8.66 -85.37
C SER SB 21 -150.48 -8.77 -83.87
N LEU SB 22 -150.41 -7.63 -83.19
CA LEU SB 22 -150.27 -7.61 -81.75
C LEU SB 22 -150.78 -6.27 -81.21
N CYS SB 23 -151.55 -6.31 -80.13
CA CYS SB 23 -152.15 -5.13 -79.52
C CYS SB 23 -151.61 -4.96 -78.12
N GLY SB 24 -151.15 -3.74 -77.81
CA GLY SB 24 -150.64 -3.46 -76.48
C GLY SB 24 -151.73 -3.50 -75.42
N VAL SB 25 -151.30 -3.76 -74.19
CA VAL SB 25 -152.20 -3.82 -73.05
C VAL SB 25 -152.30 -2.42 -72.44
N PRO SB 26 -153.52 -1.91 -72.20
CA PRO SB 26 -153.65 -0.54 -71.71
C PRO SB 26 -153.02 -0.29 -70.35
N ASP SB 27 -153.22 -1.20 -69.38
CA ASP SB 27 -152.69 -0.98 -68.04
C ASP SB 27 -152.57 -2.30 -67.32
N ILE SB 28 -151.83 -2.28 -66.21
CA ILE SB 28 -151.57 -3.48 -65.44
C ILE SB 28 -152.87 -4.03 -64.87
N ASN SB 29 -153.75 -3.15 -64.39
CA ASN SB 29 -155.00 -3.60 -63.79
C ASN SB 29 -155.86 -4.37 -64.78
N SER SB 30 -155.96 -3.88 -66.01
CA SER SB 30 -156.78 -4.51 -67.03
C SER SB 30 -156.01 -5.54 -67.85
N SER SB 31 -154.73 -5.78 -67.53
CA SER SB 31 -153.96 -6.78 -68.25
C SER SB 31 -154.59 -8.16 -68.11
N GLY SB 32 -155.15 -8.47 -66.94
CA GLY SB 32 -155.69 -9.80 -66.70
C GLY SB 32 -156.98 -10.11 -67.43
N ASP SB 33 -157.59 -9.11 -68.06
CA ASP SB 33 -158.83 -9.31 -68.79
C ASP SB 33 -158.62 -9.64 -70.26
N PHE SB 34 -157.37 -9.77 -70.70
CA PHE SB 34 -157.05 -10.05 -72.09
C PHE SB 34 -156.39 -11.42 -72.25
N MET SB 35 -156.76 -12.37 -71.41
CA MET SB 35 -156.31 -13.73 -71.55
C MET SB 35 -157.05 -14.42 -72.69
N PRO SB 36 -156.53 -15.54 -73.21
CA PRO SB 36 -157.19 -16.21 -74.33
C PRO SB 36 -158.62 -16.62 -73.99
N LEU SB 37 -159.46 -16.63 -75.02
CA LEU SB 37 -160.88 -16.98 -74.92
C LEU SB 37 -161.64 -15.95 -74.07
N HIS SB 38 -161.39 -14.67 -74.36
CA HIS SB 38 -162.10 -13.57 -73.74
C HIS SB 38 -162.76 -12.73 -74.83
N ILE SB 39 -163.94 -12.20 -74.51
CA ILE SB 39 -164.70 -11.36 -75.43
C ILE SB 39 -164.33 -9.91 -75.20
N ILE SB 40 -164.09 -9.18 -76.29
CA ILE SB 40 -163.82 -7.75 -76.25
C ILE SB 40 -164.72 -7.06 -77.27
N VAL SB 41 -164.91 -5.76 -77.08
CA VAL SB 41 -165.76 -4.95 -77.94
C VAL SB 41 -164.90 -3.96 -78.68
N LYS SB 42 -165.13 -3.84 -79.99
CA LYS SB 42 -164.39 -2.91 -80.84
C LYS SB 42 -165.34 -1.83 -81.34
N GLU SB 43 -164.92 -0.57 -81.20
CA GLU SB 43 -165.70 0.59 -81.62
C GLU SB 43 -164.95 1.31 -82.72
N VAL SB 44 -165.65 1.62 -83.81
CA VAL SB 44 -165.05 2.28 -84.97
C VAL SB 44 -164.77 3.75 -84.63
N PRO SB 45 -163.78 4.38 -85.27
CA PRO SB 45 -163.50 5.80 -84.95
C PRO SB 45 -164.67 6.74 -85.21
N LYS SB 46 -165.49 6.45 -86.23
CA LYS SB 46 -166.65 7.22 -86.66
C LYS SB 46 -166.28 8.56 -87.27
N VAL SB 47 -165.00 8.93 -87.31
CA VAL SB 47 -164.57 10.19 -87.90
C VAL SB 47 -163.67 9.89 -89.10
N LEU SB 48 -162.56 9.20 -88.85
CA LEU SB 48 -161.64 8.78 -89.89
C LEU SB 48 -161.37 7.29 -89.69
N PRO SB 49 -162.32 6.42 -90.06
CA PRO SB 49 -162.14 4.99 -89.81
C PRO SB 49 -160.91 4.40 -90.48
N CYS SB 50 -160.57 4.87 -91.68
CA CYS SB 50 -159.40 4.35 -92.39
C CYS SB 50 -158.11 5.01 -91.95
N CYS SB 51 -158.17 6.07 -91.14
CA CYS SB 51 -156.98 6.78 -90.70
C CYS SB 51 -156.70 6.66 -89.21
N ARG SB 52 -157.67 6.20 -88.42
CA ARG SB 52 -157.52 6.11 -86.97
C ARG SB 52 -157.79 4.69 -86.53
N ARG SB 53 -157.00 4.20 -85.58
CA ARG SB 53 -157.20 2.86 -85.05
C ARG SB 53 -158.44 2.83 -84.15
N PRO SB 54 -159.16 1.71 -84.15
CA PRO SB 54 -160.40 1.65 -83.36
C PRO SB 54 -160.16 1.61 -81.86
N LYS SB 55 -161.24 1.59 -81.08
CA LYS SB 55 -161.17 1.59 -79.62
C LYS SB 55 -161.58 0.22 -79.10
N ILE SB 56 -160.77 -0.33 -78.19
CA ILE SB 56 -160.98 -1.68 -77.67
C ILE SB 56 -161.42 -1.59 -76.22
N LYS SB 57 -162.52 -2.26 -75.89
CA LYS SB 57 -163.12 -2.25 -74.57
C LYS SB 57 -163.15 -3.68 -74.04
N ARG SB 58 -162.67 -3.86 -72.80
CA ARG SB 58 -162.69 -5.16 -72.16
C ARG SB 58 -164.06 -5.44 -71.57
N THR SB 59 -164.40 -6.73 -71.52
CA THR SB 59 -165.66 -7.18 -70.95
C THR SB 59 -165.41 -8.34 -70.00
N PRO SB 60 -166.25 -8.50 -68.97
CA PRO SB 60 -166.09 -9.61 -68.02
C PRO SB 60 -166.83 -10.87 -68.48
N TYR SB 61 -166.48 -11.35 -69.67
CA TYR SB 61 -167.13 -12.52 -70.25
C TYR SB 61 -166.09 -13.43 -70.89
N THR SB 62 -166.39 -14.72 -70.87
CA THR SB 62 -165.65 -15.72 -71.62
C THR SB 62 -166.54 -16.29 -72.72
N LEU SB 63 -165.93 -17.09 -73.59
CA LEU SB 63 -166.69 -17.66 -74.70
C LEU SB 63 -167.81 -18.57 -74.20
N ASN SB 64 -167.51 -19.41 -73.21
CA ASN SB 64 -168.52 -20.34 -72.70
C ASN SB 64 -169.67 -19.60 -72.03
N ASP SB 65 -169.38 -18.49 -71.35
CA ASP SB 65 -170.44 -17.71 -70.74
C ASP SB 65 -171.28 -17.00 -71.81
N ILE SB 66 -170.64 -16.45 -72.84
CA ILE SB 66 -171.38 -15.71 -73.85
C ILE SB 66 -172.18 -16.64 -74.74
N LEU SB 67 -171.78 -17.90 -74.85
CA LEU SB 67 -172.44 -18.86 -75.73
C LEU SB 67 -173.37 -19.76 -74.94
N ASP SB 68 -174.54 -20.04 -75.52
CA ASP SB 68 -175.44 -21.02 -74.94
C ASP SB 68 -174.80 -22.40 -74.92
N GLU SB 69 -174.12 -22.78 -76.01
CA GLU SB 69 -173.48 -24.07 -76.10
C GLU SB 69 -172.00 -23.93 -75.75
N PRO SB 70 -171.49 -24.67 -74.77
CA PRO SB 70 -170.08 -24.53 -74.39
C PRO SB 70 -169.15 -25.10 -75.46
N CYS SB 71 -167.90 -24.66 -75.39
CA CYS SB 71 -166.83 -25.06 -76.28
C CYS SB 71 -165.63 -25.49 -75.45
N PRO SB 72 -164.77 -26.35 -76.00
CA PRO SB 72 -163.53 -26.70 -75.28
C PRO SB 72 -162.68 -25.46 -75.04
N ASN SB 73 -162.02 -25.43 -73.89
CA ASN SB 73 -161.30 -24.24 -73.46
C ASN SB 73 -159.89 -24.53 -72.94
N GLN SB 74 -159.35 -25.71 -73.19
CA GLN SB 74 -158.00 -26.02 -72.72
C GLN SB 74 -156.97 -25.13 -73.40
N LEU SB 75 -155.91 -24.82 -72.68
CA LEU SB 75 -154.87 -23.91 -73.15
C LEU SB 75 -153.50 -24.58 -73.10
N LYS SB 76 -152.53 -23.93 -73.72
CA LYS SB 76 -151.14 -24.37 -73.69
C LYS SB 76 -150.24 -23.15 -73.87
N SER SB 77 -149.03 -23.24 -73.34
CA SER SB 77 -148.09 -22.14 -73.37
C SER SB 77 -146.73 -22.63 -73.85
N SER SB 78 -146.01 -21.72 -74.51
CA SER SB 78 -144.68 -22.03 -75.02
C SER SB 78 -143.87 -20.74 -75.09
N ASP SB 79 -142.54 -20.89 -75.05
CA ASP SB 79 -141.68 -19.72 -75.03
C ASP SB 79 -141.77 -18.93 -76.33
N LEU SB 80 -141.65 -17.61 -76.22
CA LEU SB 80 -141.72 -16.72 -77.37
C LEU SB 80 -140.43 -15.95 -77.60
N VAL SB 81 -139.93 -15.25 -76.58
CA VAL SB 81 -138.71 -14.45 -76.70
C VAL SB 81 -138.09 -14.34 -75.31
N THR SB 82 -136.80 -14.00 -75.28
CA THR SB 82 -136.05 -13.92 -74.03
C THR SB 82 -135.14 -12.70 -74.08
N PHE SB 83 -135.37 -11.74 -73.20
CA PHE SB 83 -134.53 -10.56 -73.08
C PHE SB 83 -133.41 -10.88 -72.09
N THR SB 84 -132.23 -11.20 -72.62
CA THR SB 84 -131.12 -11.63 -71.76
C THR SB 84 -130.64 -10.50 -70.86
N GLU SB 85 -130.62 -9.27 -71.37
CA GLU SB 85 -130.16 -8.13 -70.59
C GLU SB 85 -131.20 -7.03 -70.60
N PRO SB 86 -131.24 -6.21 -69.56
CA PRO SB 86 -132.25 -5.16 -69.48
C PRO SB 86 -132.12 -4.14 -70.60
N LEU SB 87 -133.27 -3.67 -71.09
CA LEU SB 87 -133.30 -2.54 -72.01
C LEU SB 87 -132.96 -1.27 -71.23
N VAL SB 88 -131.88 -0.60 -71.62
CA VAL SB 88 -131.36 0.56 -70.91
C VAL SB 88 -131.40 1.75 -71.85
N SER SB 89 -131.93 2.87 -71.37
CA SER SB 89 -132.01 4.10 -72.15
C SER SB 89 -131.52 5.27 -71.33
N ASN SB 90 -130.73 6.13 -71.95
CA ASN SB 90 -130.20 7.33 -71.32
C ASN SB 90 -130.41 8.53 -72.23
N VAL SB 91 -130.89 9.63 -71.67
CA VAL SB 91 -131.05 10.89 -72.38
C VAL SB 91 -130.45 11.98 -71.50
N LYS SB 92 -129.64 12.85 -72.10
CA LYS SB 92 -128.99 13.92 -71.36
C LYS SB 92 -128.97 15.16 -72.24
N ALA SB 93 -129.71 16.19 -71.82
CA ALA SB 93 -129.80 17.44 -72.57
C ALA SB 93 -129.33 18.60 -71.69
N SER SB 94 -128.73 19.59 -72.32
CA SER SB 94 -128.27 20.78 -71.62
C SER SB 94 -128.22 21.94 -72.61
N SER SB 95 -128.81 23.07 -72.23
CA SER SB 95 -128.89 24.22 -73.11
C SER SB 95 -128.73 25.50 -72.31
N SER SB 96 -128.31 26.56 -73.00
CA SER SB 96 -128.13 27.87 -72.39
C SER SB 96 -128.45 28.94 -73.43
N ILE SB 97 -129.10 30.00 -72.97
CA ILE SB 97 -129.52 31.11 -73.82
C ILE SB 97 -129.06 32.41 -73.18
N GLY SB 98 -128.50 33.30 -73.99
CA GLY SB 98 -128.10 34.62 -73.51
C GLY SB 98 -128.54 35.72 -74.45
N LEU SB 99 -129.36 36.64 -73.95
CA LEU SB 99 -129.89 37.75 -74.73
C LEU SB 99 -129.44 39.06 -74.13
N GLN SB 100 -128.96 39.97 -74.98
CA GLN SB 100 -128.56 41.29 -74.53
C GLN SB 100 -129.10 42.34 -75.49
N ILE SB 101 -129.75 43.36 -74.95
CA ILE SB 101 -130.21 44.51 -75.72
C ILE SB 101 -129.49 45.73 -75.15
N LEU SB 102 -128.44 46.16 -75.86
CA LEU SB 102 -127.64 47.34 -75.53
C LEU SB 102 -127.15 47.20 -74.09
N LYS SB 103 -127.25 48.22 -73.26
CA LYS SB 103 -127.02 48.11 -71.82
C LYS SB 103 -128.32 48.22 -71.04
N HIS SB 104 -129.45 47.93 -71.69
CA HIS SB 104 -130.77 48.04 -71.08
C HIS SB 104 -131.38 46.70 -70.71
N PHE SB 105 -131.12 45.65 -71.47
CA PHE SB 105 -131.70 44.34 -71.16
C PHE SB 105 -130.59 43.29 -71.18
N ASP SB 106 -130.62 42.38 -70.21
CA ASP SB 106 -129.62 41.31 -70.15
C ASP SB 106 -130.24 40.10 -69.46
N SER SB 107 -130.54 39.06 -70.21
CA SER SB 107 -131.14 37.85 -69.67
C SER SB 107 -130.26 36.65 -69.95
N GLY SB 108 -130.08 35.80 -68.95
CA GLY SB 108 -129.34 34.56 -69.12
C GLY SB 108 -130.08 33.38 -68.52
N ALA SB 109 -130.44 32.41 -69.35
CA ALA SB 109 -131.18 31.24 -68.90
C ALA SB 109 -130.39 29.99 -69.24
N LYS SB 110 -130.64 28.92 -68.48
CA LYS SB 110 -129.98 27.65 -68.75
C LYS SB 110 -130.83 26.54 -68.16
N GLY SB 111 -130.76 25.38 -68.81
CA GLY SB 111 -131.53 24.23 -68.38
C GLY SB 111 -130.77 22.95 -68.64
N SER SB 112 -131.09 21.93 -67.86
CA SER SB 112 -130.46 20.62 -68.03
C SER SB 112 -131.45 19.54 -67.62
N LYS SB 113 -131.29 18.37 -68.22
CA LYS SB 113 -132.19 17.25 -67.96
C LYS SB 113 -131.42 15.94 -68.14
N ASN SB 114 -131.65 15.01 -67.22
CA ASN SB 114 -131.03 13.68 -67.27
C ASN SB 114 -132.11 12.65 -66.97
N PHE SB 115 -132.34 11.75 -67.92
CA PHE SB 115 -133.42 10.77 -67.85
C PHE SB 115 -132.85 9.39 -68.10
N ILE SB 116 -133.12 8.45 -67.19
CA ILE SB 116 -132.57 7.10 -67.27
C ILE SB 116 -133.71 6.10 -67.09
N THR SB 117 -133.73 5.08 -67.94
CA THR SB 117 -134.77 4.06 -67.90
C THR SB 117 -134.15 2.68 -68.02
N SER SB 118 -134.68 1.71 -67.28
CA SER SB 118 -134.23 0.33 -67.34
C SER SB 118 -135.42 -0.60 -67.21
N ALA SB 119 -135.55 -1.54 -68.13
CA ALA SB 119 -136.65 -2.51 -68.11
C ALA SB 119 -136.09 -3.92 -68.24
N SER SB 120 -136.43 -4.78 -67.29
CA SER SB 120 -135.99 -6.17 -67.27
C SER SB 120 -137.24 -7.04 -67.34
N LEU SB 121 -137.55 -7.57 -68.51
CA LEU SB 121 -138.73 -8.39 -68.72
C LEU SB 121 -138.45 -9.88 -68.63
N GLY SB 122 -137.18 -10.30 -68.52
CA GLY SB 122 -136.89 -11.70 -68.39
C GLY SB 122 -137.33 -12.49 -69.60
N THR SB 123 -138.14 -13.51 -69.36
CA THR SB 123 -138.64 -14.39 -70.41
C THR SB 123 -140.13 -14.13 -70.63
N VAL SB 124 -140.54 -14.06 -71.89
CA VAL SB 124 -141.93 -13.86 -72.27
C VAL SB 124 -142.42 -15.12 -72.97
N VAL SB 125 -143.56 -15.65 -72.51
CA VAL SB 125 -144.17 -16.83 -73.10
C VAL SB 125 -145.47 -16.43 -73.77
N LYS SB 126 -145.98 -17.33 -74.60
CA LYS SB 126 -147.24 -17.13 -75.30
C LYS SB 126 -148.19 -18.25 -74.93
N ALA SB 127 -149.42 -17.88 -74.60
CA ALA SB 127 -150.47 -18.82 -74.21
C ALA SB 127 -151.61 -18.73 -75.21
N GLU SB 128 -152.12 -19.90 -75.60
CA GLU SB 128 -153.15 -19.99 -76.63
C GLU SB 128 -153.86 -21.32 -76.50
N THR SB 129 -155.05 -21.39 -77.11
CA THR SB 129 -155.83 -22.61 -77.10
C THR SB 129 -155.05 -23.75 -77.76
N ILE SB 130 -155.22 -24.96 -77.23
CA ILE SB 130 -154.53 -26.12 -77.79
C ILE SB 130 -154.98 -26.36 -79.23
N ASP SB 131 -156.28 -26.28 -79.49
CA ASP SB 131 -156.83 -26.44 -80.83
C ASP SB 131 -157.82 -25.32 -81.08
N ILE SB 132 -157.51 -24.47 -82.06
CA ILE SB 132 -158.40 -23.35 -82.38
C ILE SB 132 -159.46 -23.75 -83.40
N THR SB 133 -159.18 -24.74 -84.24
CA THR SB 133 -160.15 -25.15 -85.25
C THR SB 133 -161.43 -25.69 -84.60
N LYS SB 134 -161.29 -26.49 -83.54
CA LYS SB 134 -162.47 -27.01 -82.85
C LYS SB 134 -163.27 -25.87 -82.23
N VAL SB 135 -162.59 -24.92 -81.61
CA VAL SB 135 -163.28 -23.78 -81.01
C VAL SB 135 -164.03 -23.00 -82.07
N LEU SB 136 -163.40 -22.76 -83.22
CA LEU SB 136 -164.07 -22.03 -84.29
C LEU SB 136 -165.28 -22.80 -84.81
N ALA SB 137 -165.15 -24.11 -84.99
CA ALA SB 137 -166.28 -24.90 -85.48
C ALA SB 137 -167.45 -24.83 -84.51
N LYS SB 138 -167.17 -25.03 -83.22
CA LYS SB 138 -168.23 -24.98 -82.21
C LYS SB 138 -168.87 -23.60 -82.14
N VAL SB 139 -168.06 -22.54 -82.24
CA VAL SB 139 -168.61 -21.18 -82.26
C VAL SB 139 -169.59 -21.03 -83.42
N ARG SB 140 -169.16 -21.44 -84.62
CA ARG SB 140 -170.00 -21.29 -85.79
C ARG SB 140 -171.29 -22.08 -85.66
N THR SB 141 -171.24 -23.24 -85.01
CA THR SB 141 -172.43 -24.06 -84.85
C THR SB 141 -173.20 -23.76 -83.56
N ALA SB 142 -172.75 -22.80 -82.75
CA ALA SB 142 -173.37 -22.52 -81.46
C ALA SB 142 -174.04 -21.15 -81.49
N LYS SB 143 -175.11 -21.01 -80.72
CA LYS SB 143 -175.84 -19.76 -80.59
C LYS SB 143 -175.46 -19.04 -79.30
N ALA SB 144 -175.48 -17.70 -79.36
CA ALA SB 144 -175.15 -16.88 -78.20
C ALA SB 144 -176.26 -16.95 -77.15
N LYS SB 145 -175.95 -16.42 -75.97
CA LYS SB 145 -176.89 -16.42 -74.86
C LYS SB 145 -177.97 -15.36 -75.09
N VAL SB 146 -179.22 -15.80 -75.15
CA VAL SB 146 -180.33 -14.86 -75.35
C VAL SB 146 -180.44 -13.91 -74.18
N GLU SB 147 -180.22 -14.40 -72.95
CA GLU SB 147 -180.30 -13.56 -71.78
C GLU SB 147 -179.29 -12.42 -71.81
N ASN SB 148 -178.10 -12.66 -72.35
CA ASN SB 148 -177.04 -11.66 -72.33
C ASN SB 148 -177.47 -10.39 -73.04
N ASP SB 149 -177.19 -9.24 -72.40
CA ASP SB 149 -177.55 -7.93 -72.94
C ASP SB 149 -176.48 -7.38 -73.88
N LEU SB 150 -175.21 -7.65 -73.59
CA LEU SB 150 -174.12 -7.16 -74.43
C LEU SB 150 -174.27 -7.62 -75.87
N VAL SB 151 -174.59 -8.91 -76.06
CA VAL SB 151 -174.76 -9.45 -77.42
C VAL SB 151 -175.86 -8.71 -78.15
N SER SB 152 -176.99 -8.48 -77.47
CA SER SB 152 -178.10 -7.77 -78.10
C SER SB 152 -177.70 -6.35 -78.46
N ARG SB 153 -176.98 -5.67 -77.55
CA ARG SB 153 -176.52 -4.32 -77.83
C ARG SB 153 -175.65 -4.30 -79.09
N VAL SB 154 -174.68 -5.21 -79.16
CA VAL SB 154 -173.78 -5.26 -80.32
C VAL SB 154 -174.56 -5.60 -81.58
N MET SB 155 -175.57 -6.46 -81.48
CA MET SB 155 -176.37 -6.81 -82.64
C MET SB 155 -177.15 -5.61 -83.16
N LYS SB 156 -177.78 -4.85 -82.26
CA LYS SB 156 -178.59 -3.73 -82.71
C LYS SB 156 -177.73 -2.57 -83.20
N THR SB 157 -176.57 -2.36 -82.58
CA THR SB 157 -175.69 -1.28 -83.02
C THR SB 157 -174.85 -1.74 -84.22
N LYS SB 158 -174.43 -0.77 -85.02
CA LYS SB 158 -173.62 -1.05 -86.21
C LYS SB 158 -172.14 -0.79 -86.01
N ARG SB 159 -171.78 0.13 -85.12
CA ARG SB 159 -170.37 0.41 -84.89
C ARG SB 159 -169.70 -0.69 -84.09
N LEU SB 160 -170.40 -1.21 -83.07
CA LEU SB 160 -169.81 -2.19 -82.18
C LEU SB 160 -169.57 -3.52 -82.88
N CYS SB 161 -168.44 -4.14 -82.58
CA CYS SB 161 -168.10 -5.47 -83.08
C CYS SB 161 -167.55 -6.30 -81.93
N LEU SB 162 -167.67 -7.62 -82.05
CA LEU SB 162 -167.18 -8.53 -81.02
C LEU SB 162 -165.88 -9.19 -81.48
N GLY SB 163 -164.98 -9.40 -80.54
CA GLY SB 163 -163.72 -10.05 -80.83
C GLY SB 163 -163.32 -11.07 -79.78
N LEU SB 164 -162.87 -12.24 -80.22
CA LEU SB 164 -162.43 -13.31 -79.34
C LEU SB 164 -160.91 -13.31 -79.29
N VAL SB 165 -160.35 -13.21 -78.09
CA VAL SB 165 -158.90 -13.20 -77.93
C VAL SB 165 -158.38 -14.63 -78.04
N VAL SB 166 -157.34 -14.82 -78.84
CA VAL SB 166 -156.86 -16.16 -79.16
C VAL SB 166 -155.43 -16.42 -78.71
N GLU SB 167 -154.62 -15.40 -78.46
CA GLU SB 167 -153.26 -15.62 -77.99
C GLU SB 167 -152.82 -14.44 -77.14
N THR SB 168 -152.02 -14.72 -76.11
CA THR SB 168 -151.60 -13.69 -75.17
C THR SB 168 -150.14 -13.89 -74.80
N ALA SB 169 -149.40 -12.79 -74.71
CA ALA SB 169 -148.00 -12.82 -74.31
C ALA SB 169 -147.90 -12.39 -72.84
N CYS SB 170 -147.29 -13.24 -72.01
CA CYS SB 170 -147.22 -13.02 -70.58
C CYS SB 170 -145.79 -13.25 -70.09
N VAL SB 171 -145.39 -12.50 -69.07
CA VAL SB 171 -144.06 -12.64 -68.50
C VAL SB 171 -144.03 -13.90 -67.63
N ALA SB 172 -143.00 -14.73 -67.84
CA ALA SB 172 -142.88 -15.95 -67.05
C ALA SB 172 -142.50 -15.66 -65.61
N ALA SB 173 -141.62 -14.68 -65.39
CA ALA SB 173 -141.15 -14.33 -64.06
C ALA SB 173 -141.40 -12.86 -63.81
N ALA SB 174 -141.00 -12.40 -62.63
CA ALA SB 174 -141.22 -11.00 -62.25
C ALA SB 174 -140.42 -10.07 -63.14
N GLY SB 175 -141.03 -8.95 -63.51
CA GLY SB 175 -140.40 -7.95 -64.37
C GLY SB 175 -140.16 -6.66 -63.61
N LYS SB 176 -138.98 -6.07 -63.80
CA LYS SB 176 -138.56 -4.90 -63.05
C LYS SB 176 -138.46 -3.68 -63.95
N LEU SB 177 -139.07 -2.58 -63.53
CA LEU SB 177 -139.07 -1.34 -64.30
C LEU SB 177 -138.57 -0.21 -63.40
N THR SB 178 -137.50 0.46 -63.83
CA THR SB 178 -136.88 1.52 -63.06
C THR SB 178 -136.72 2.78 -63.91
N GLU SB 179 -137.01 3.94 -63.31
CA GLU SB 179 -136.92 5.22 -64.00
C GLU SB 179 -136.35 6.26 -63.05
N ALA SB 180 -135.44 7.08 -63.56
CA ALA SB 180 -134.84 8.16 -62.79
C ALA SB 180 -134.84 9.44 -63.62
N ASP SB 181 -135.21 10.56 -63.00
CA ASP SB 181 -135.31 11.85 -63.66
C ASP SB 181 -134.64 12.89 -62.79
N ASN SB 182 -133.83 13.76 -63.41
CA ASN SB 182 -133.20 14.87 -62.70
C ASN SB 182 -133.12 16.05 -63.66
N TRP SB 183 -133.89 17.10 -63.42
CA TRP SB 183 -133.82 18.25 -64.30
C TRP SB 183 -133.74 19.54 -63.50
N GLU SB 184 -133.17 20.57 -64.12
CA GLU SB 184 -132.82 21.80 -63.44
C GLU SB 184 -132.95 22.99 -64.37
N ILE SB 185 -133.44 24.11 -63.85
CA ILE SB 185 -133.62 25.36 -64.57
C ILE SB 185 -133.00 26.49 -63.75
N SER SB 186 -132.20 27.33 -64.39
CA SER SB 186 -131.62 28.50 -63.74
C SER SB 186 -131.73 29.70 -64.66
N GLY SB 187 -132.46 30.72 -64.24
CA GLY SB 187 -132.70 31.89 -65.06
C GLY SB 187 -132.37 33.16 -64.32
N HIS SB 188 -131.97 34.18 -65.08
CA HIS SB 188 -131.59 35.48 -64.53
C HIS SB 188 -131.99 36.57 -65.51
N THR SB 189 -132.49 37.67 -64.97
CA THR SB 189 -132.97 38.80 -65.78
C THR SB 189 -132.48 40.09 -65.15
N ASN SB 190 -131.98 41.01 -65.99
CA ASN SB 190 -131.51 42.31 -65.55
C ASN SB 190 -132.06 43.37 -66.51
N ALA SB 191 -132.99 44.17 -66.03
CA ALA SB 191 -133.56 45.27 -66.80
C ALA SB 191 -133.03 46.57 -66.19
N ASN SB 192 -132.10 47.21 -66.90
CA ASN SB 192 -131.51 48.47 -66.47
C ASN SB 192 -132.12 49.60 -67.27
N ILE SB 193 -132.70 50.57 -66.55
CA ILE SB 193 -133.28 51.76 -67.16
C ILE SB 193 -132.69 52.97 -66.45
N GLY SB 194 -132.85 54.14 -67.07
CA GLY SB 194 -132.27 55.35 -66.52
C GLY SB 194 -132.73 55.65 -65.10
N GLU SB 195 -133.98 55.31 -64.78
CA GLU SB 195 -134.52 55.56 -63.45
C GLU SB 195 -135.01 54.29 -62.76
N ALA SB 196 -134.72 53.10 -63.32
CA ALA SB 196 -135.18 51.86 -62.72
C ALA SB 196 -134.15 50.76 -62.99
N VAL SB 197 -133.91 49.94 -61.98
CA VAL SB 197 -133.03 48.78 -62.09
C VAL SB 197 -133.74 47.59 -61.49
N VAL SB 198 -133.93 46.53 -62.27
CA VAL SB 198 -134.60 45.32 -61.82
C VAL SB 198 -133.64 44.14 -62.04
N THR SB 199 -133.44 43.34 -61.01
CA THR SB 199 -132.56 42.17 -61.07
C THR SB 199 -133.29 40.98 -60.46
N ALA SB 200 -133.72 40.05 -61.29
CA ALA SB 200 -134.45 38.87 -60.86
C ALA SB 200 -133.64 37.61 -61.14
N THR SB 201 -133.81 36.61 -60.29
CA THR SB 201 -133.09 35.35 -60.42
C THR SB 201 -133.98 34.23 -59.90
N ALA SB 202 -133.98 33.09 -60.59
CA ALA SB 202 -134.78 31.94 -60.16
C ALA SB 202 -134.07 30.65 -60.50
N GLU SB 203 -133.94 29.78 -59.49
CA GLU SB 203 -133.32 28.47 -59.67
C GLU SB 203 -134.24 27.41 -59.11
N LEU SB 204 -134.38 26.30 -59.85
CA LEU SB 204 -135.13 25.17 -59.34
C LEU SB 204 -134.61 23.88 -59.96
N ASP SB 205 -134.88 22.77 -59.29
CA ASP SB 205 -134.45 21.47 -59.78
C ASP SB 205 -135.31 20.39 -59.14
N LYS SB 206 -135.75 19.42 -59.95
CA LYS SB 206 -136.61 18.34 -59.51
C LYS SB 206 -135.91 17.01 -59.76
N ASN SB 207 -136.05 16.10 -58.80
CA ASN SB 207 -135.49 14.75 -58.87
C ASN SB 207 -136.58 13.75 -58.54
N LEU SB 208 -136.75 12.75 -59.39
CA LEU SB 208 -137.75 11.70 -59.21
C LEU SB 208 -137.13 10.33 -59.48
N SER SB 209 -137.68 9.31 -58.84
CA SER SB 209 -137.24 7.94 -59.06
C SER SB 209 -138.39 7.00 -58.78
N ARG SB 210 -138.74 6.16 -59.75
CA ARG SB 210 -139.85 5.22 -59.62
C ARG SB 210 -139.37 3.83 -59.99
N LYS SB 211 -139.60 2.85 -59.12
CA LYS SB 211 -139.18 1.48 -59.34
C LYS SB 211 -140.32 0.54 -58.97
N ILE SB 212 -140.77 -0.27 -59.94
CA ILE SB 212 -141.87 -1.20 -59.73
C ILE SB 212 -141.48 -2.57 -60.25
N GLU SB 213 -142.29 -3.57 -59.87
CA GLU SB 213 -142.04 -4.95 -60.24
C GLU SB 213 -143.38 -5.64 -60.51
N ILE SB 214 -143.65 -5.92 -61.78
CA ILE SB 214 -144.87 -6.65 -62.15
C ILE SB 214 -144.68 -8.13 -61.84
N PRO SB 215 -145.71 -8.81 -61.35
CA PRO SB 215 -145.57 -10.20 -60.94
C PRO SB 215 -145.67 -11.15 -62.13
N PRO SB 216 -145.28 -12.40 -61.97
CA PRO SB 216 -145.41 -13.36 -63.08
C PRO SB 216 -146.87 -13.53 -63.49
N GLY SB 217 -147.06 -13.73 -64.79
CA GLY SB 217 -148.38 -13.94 -65.36
C GLY SB 217 -149.03 -12.69 -65.93
N THR SB 218 -148.43 -11.52 -65.73
CA THR SB 218 -149.01 -10.29 -66.25
C THR SB 218 -149.00 -10.29 -67.77
N ALA SB 219 -150.15 -10.01 -68.37
CA ALA SB 219 -150.26 -10.00 -69.82
C ALA SB 219 -149.61 -8.74 -70.39
N LEU SB 220 -149.02 -8.88 -71.57
CA LEU SB 220 -148.38 -7.76 -72.26
C LEU SB 220 -149.06 -7.37 -73.55
N ALA SB 221 -149.47 -8.34 -74.37
CA ALA SB 221 -150.06 -8.06 -75.66
C ALA SB 221 -150.95 -9.23 -76.06
N TYR SB 222 -151.79 -9.00 -77.05
CA TYR SB 222 -152.77 -10.01 -77.45
C TYR SB 222 -153.16 -9.81 -78.90
N SER SB 223 -153.79 -10.84 -79.47
CA SER SB 223 -154.38 -10.79 -80.79
C SER SB 223 -155.74 -11.42 -80.74
N PHE SB 224 -156.66 -10.95 -81.59
CA PHE SB 224 -158.05 -11.39 -81.52
C PHE SB 224 -158.61 -11.58 -82.91
N MET SB 225 -159.70 -12.35 -82.97
CA MET SB 225 -160.42 -12.63 -84.20
C MET SB 225 -161.83 -12.05 -84.12
N ASP SB 226 -162.30 -11.47 -85.22
CA ASP SB 226 -163.60 -10.81 -85.21
C ASP SB 226 -164.74 -11.81 -85.27
N LEU SB 227 -165.93 -11.35 -84.85
CA LEU SB 227 -167.13 -12.16 -84.87
C LEU SB 227 -168.29 -11.33 -85.42
N GLU SB 228 -169.41 -12.01 -85.67
CA GLU SB 228 -170.58 -11.37 -86.22
C GLU SB 228 -171.83 -12.08 -85.72
N ILE SB 229 -172.75 -11.33 -85.14
CA ILE SB 229 -174.01 -11.86 -84.65
C ILE SB 229 -174.99 -11.99 -85.82
N LEU SB 230 -175.52 -13.19 -86.04
CA LEU SB 230 -176.56 -13.36 -87.05
C LEU SB 230 -177.86 -12.73 -86.55
N GLU SB 231 -178.90 -12.80 -87.40
CA GLU SB 231 -180.23 -12.38 -86.97
C GLU SB 231 -180.65 -13.13 -85.72
N ASP SB 232 -180.45 -14.44 -85.70
CA ASP SB 232 -180.65 -15.24 -84.50
C ASP SB 232 -179.46 -15.07 -83.55
N ARG SB 233 -179.47 -15.83 -82.46
CA ARG SB 233 -178.34 -15.82 -81.54
C ARG SB 233 -177.09 -16.47 -82.11
N SER SB 234 -177.18 -17.07 -83.29
CA SER SB 234 -176.03 -17.72 -83.91
C SER SB 234 -174.90 -16.73 -84.14
N LEU SB 235 -173.66 -17.24 -84.05
CA LEU SB 235 -172.47 -16.43 -84.25
C LEU SB 235 -171.69 -16.97 -85.45
N ARG SB 236 -171.03 -16.05 -86.16
CA ARG SB 236 -170.20 -16.40 -87.31
C ARG SB 236 -168.86 -15.69 -87.19
N VAL SB 237 -167.86 -16.22 -87.88
CA VAL SB 237 -166.55 -15.60 -87.89
C VAL SB 237 -166.38 -14.82 -89.18
N SER SB 238 -165.73 -13.67 -89.09
CA SER SB 238 -165.57 -12.76 -90.21
C SER SB 238 -164.09 -12.48 -90.46
N SER SB 239 -163.71 -12.42 -91.72
CA SER SB 239 -162.31 -12.22 -92.11
C SER SB 239 -162.23 -11.06 -93.10
N SER SB 240 -161.54 -9.99 -92.70
CA SER SB 240 -161.27 -8.88 -93.60
C SER SB 240 -160.14 -9.27 -94.53
N ALA SB 241 -160.46 -9.52 -95.80
CA ALA SB 241 -159.50 -9.99 -96.80
C ALA SB 241 -158.83 -11.29 -96.35
N GLY SB 242 -159.56 -12.12 -95.61
CA GLY SB 242 -159.03 -13.39 -95.16
C GLY SB 242 -157.98 -13.32 -94.08
N ALA SB 243 -157.88 -12.18 -93.38
CA ALA SB 243 -156.85 -12.03 -92.35
C ALA SB 243 -157.09 -12.98 -91.18
N MET SB 244 -158.31 -12.97 -90.62
CA MET SB 244 -158.67 -13.75 -89.44
C MET SB 244 -157.76 -13.46 -88.25
N PHE SB 245 -157.04 -12.35 -88.27
CA PHE SB 245 -156.18 -11.94 -87.16
C PHE SB 245 -156.17 -10.42 -87.14
N ASP SB 246 -156.96 -9.84 -86.25
CA ASP SB 246 -157.11 -8.39 -86.20
C ASP SB 246 -156.21 -7.82 -85.11
N SER SB 247 -155.44 -6.79 -85.46
CA SER SB 247 -154.53 -6.13 -84.54
C SER SB 247 -155.01 -4.74 -84.17
N GLY SB 248 -156.29 -4.45 -84.37
CA GLY SB 248 -156.80 -3.12 -84.09
C GLY SB 248 -156.18 -2.05 -84.95
N LYS SB 249 -155.94 -2.35 -86.22
CA LYS SB 249 -155.31 -1.43 -87.15
C LYS SB 249 -156.35 -0.81 -88.07
N ALA SB 250 -156.06 0.41 -88.52
CA ALA SB 250 -156.94 1.09 -89.46
C ALA SB 250 -156.95 0.37 -90.80
N GLU SB 251 -158.07 0.48 -91.51
CA GLU SB 251 -158.19 -0.19 -92.81
C GLU SB 251 -157.18 0.38 -93.81
N SER SB 252 -156.99 1.70 -93.81
CA SER SB 252 -156.05 2.37 -94.70
C SER SB 252 -156.32 2.05 -96.17
CA ARG TB 3 -135.69 -1.49 -88.18
C ARG TB 3 -135.52 -2.54 -87.09
N PRO TB 4 -136.52 -3.40 -86.93
CA PRO TB 4 -136.44 -4.44 -85.90
C PRO TB 4 -135.26 -5.37 -86.16
N MET TB 5 -134.63 -5.80 -85.06
CA MET TB 5 -133.48 -6.69 -85.16
C MET TB 5 -133.86 -8.01 -85.81
N PHE TB 6 -135.04 -8.54 -85.48
CA PHE TB 6 -135.47 -9.79 -86.10
C PHE TB 6 -135.61 -9.63 -87.60
N ALA TB 7 -136.21 -8.52 -88.05
CA ALA TB 7 -136.35 -8.30 -89.49
C ALA TB 7 -135.00 -8.14 -90.16
N VAL TB 8 -134.07 -7.43 -89.51
CA VAL TB 8 -132.73 -7.26 -90.08
C VAL TB 8 -132.03 -8.61 -90.21
N ALA TB 9 -132.11 -9.43 -89.16
CA ALA TB 9 -131.47 -10.74 -89.20
C ALA TB 9 -132.12 -11.63 -90.26
N VAL TB 10 -133.44 -11.56 -90.40
CA VAL TB 10 -134.12 -12.35 -91.43
C VAL TB 10 -133.65 -11.93 -92.81
N ASN TB 11 -133.54 -10.62 -93.04
CA ASN TB 11 -133.04 -10.15 -94.34
C ASN TB 11 -131.61 -10.59 -94.59
N GLU TB 12 -130.75 -10.52 -93.58
CA GLU TB 12 -129.38 -10.97 -93.73
C GLU TB 12 -129.32 -12.46 -94.08
N PHE TB 13 -130.11 -13.27 -93.38
CA PHE TB 13 -130.11 -14.70 -93.65
C PHE TB 13 -130.63 -14.99 -95.06
N ILE TB 14 -131.73 -14.34 -95.45
CA ILE TB 14 -132.31 -14.63 -96.76
C ILE TB 14 -131.40 -14.16 -97.88
N ARG TB 15 -130.62 -13.09 -97.65
CA ARG TB 15 -129.65 -12.67 -98.65
C ARG TB 15 -128.49 -13.66 -98.74
N SER TB 16 -127.94 -14.07 -97.59
CA SER TB 16 -126.80 -14.97 -97.61
C SER TB 16 -127.16 -16.32 -98.21
N ALA TB 17 -128.33 -16.85 -97.86
CA ALA TB 17 -128.78 -18.14 -98.38
C ALA TB 17 -130.22 -18.01 -98.85
N GLY TB 18 -130.52 -18.58 -100.01
CA GLY TB 18 -131.87 -18.57 -100.52
C GLY TB 18 -132.42 -17.20 -100.86
N GLN TB 19 -131.63 -16.39 -101.58
CA GLN TB 19 -132.11 -15.08 -101.99
C GLN TB 19 -133.32 -15.19 -102.91
N ASP TB 20 -133.45 -16.29 -103.63
CA ASP TB 20 -134.60 -16.55 -104.47
C ASP TB 20 -135.44 -17.67 -103.86
N SER TB 21 -136.73 -17.64 -104.16
CA SER TB 21 -137.69 -18.65 -103.70
C SER TB 21 -137.71 -18.74 -102.17
N LEU TB 22 -137.81 -17.60 -101.51
CA LEU TB 22 -137.85 -17.56 -100.06
C LEU TB 22 -138.51 -16.26 -99.62
N CYS TB 23 -139.40 -16.35 -98.64
CA CYS TB 23 -140.14 -15.21 -98.12
C CYS TB 23 -139.79 -14.99 -96.65
N GLY TB 24 -139.45 -13.75 -96.31
CA GLY TB 24 -139.14 -13.43 -94.94
C GLY TB 24 -140.35 -13.54 -94.02
N VAL TB 25 -140.07 -13.76 -92.74
CA VAL TB 25 -141.11 -13.87 -91.72
C VAL TB 25 -141.38 -12.48 -91.15
N PRO TB 26 -142.64 -12.06 -91.07
CA PRO TB 26 -142.91 -10.69 -90.61
C PRO TB 26 -142.48 -10.40 -89.18
N ASP TB 27 -142.74 -11.31 -88.25
CA ASP TB 27 -142.40 -11.06 -86.86
C ASP TB 27 -142.31 -12.36 -86.10
N ILE TB 28 -141.69 -12.29 -84.91
CA ILE TB 28 -141.47 -13.48 -84.10
C ILE TB 28 -142.79 -14.10 -83.69
N ASN TB 29 -143.78 -13.28 -83.34
CA ASN TB 29 -145.07 -13.81 -82.90
C ASN TB 29 -145.73 -14.63 -83.97
N SER TB 30 -145.71 -14.15 -85.22
CA SER TB 30 -146.35 -14.84 -86.32
C SER TB 30 -145.43 -15.82 -87.03
N SER TB 31 -144.19 -15.97 -86.54
CA SER TB 31 -143.27 -16.93 -87.15
C SER TB 31 -143.82 -18.35 -87.08
N GLY TB 32 -144.50 -18.69 -85.98
CA GLY TB 32 -144.98 -20.05 -85.80
C GLY TB 32 -146.15 -20.44 -86.68
N ASP TB 33 -146.74 -19.48 -87.39
CA ASP TB 33 -147.87 -19.77 -88.27
C ASP TB 33 -147.44 -20.09 -89.70
N PHE TB 34 -146.14 -20.13 -89.98
CA PHE TB 34 -145.63 -20.40 -91.31
C PHE TB 34 -144.87 -21.72 -91.37
N MET TB 35 -145.28 -22.70 -90.58
CA MET TB 35 -144.72 -24.03 -90.64
C MET TB 35 -145.28 -24.77 -91.85
N PRO TB 36 -144.62 -25.85 -92.28
CA PRO TB 36 -145.10 -26.57 -93.48
C PRO TB 36 -146.52 -27.07 -93.32
N LEU TB 37 -147.22 -27.14 -94.45
CA LEU TB 37 -148.62 -27.58 -94.53
C LEU TB 37 -149.54 -26.59 -93.80
N HIS TB 38 -149.34 -25.31 -94.07
CA HIS TB 38 -150.20 -24.25 -93.56
C HIS TB 38 -150.77 -23.45 -94.71
N ILE TB 39 -152.01 -23.00 -94.56
CA ILE TB 39 -152.70 -22.22 -95.58
C ILE TB 39 -152.45 -20.74 -95.32
N ILE TB 40 -152.12 -20.00 -96.38
CA ILE TB 40 -151.95 -18.55 -96.32
C ILE TB 40 -152.75 -17.93 -97.45
N VAL TB 41 -153.05 -16.64 -97.31
CA VAL TB 41 -153.84 -15.90 -98.29
C VAL TB 41 -152.94 -14.85 -98.92
N LYS TB 42 -153.01 -14.75 -100.24
CA LYS TB 42 -152.23 -13.77 -101.00
C LYS TB 42 -153.18 -12.76 -101.64
N GLU TB 43 -152.86 -11.48 -101.46
CA GLU TB 43 -153.65 -10.38 -101.99
C GLU TB 43 -152.81 -9.61 -102.99
N VAL TB 44 -153.38 -9.35 -104.16
CA VAL TB 44 -152.69 -8.65 -105.24
C VAL TB 44 -152.56 -7.17 -104.88
N PRO TB 45 -151.54 -6.48 -105.40
CA PRO TB 45 -151.39 -5.04 -105.07
C PRO TB 45 -152.56 -4.19 -105.49
N LYS TB 46 -153.23 -4.53 -106.60
CA LYS TB 46 -154.37 -3.83 -107.18
C LYS TB 46 -154.02 -2.47 -107.75
N VAL TB 47 -152.77 -2.03 -107.64
CA VAL TB 47 -152.34 -0.74 -108.18
C VAL TB 47 -151.29 -0.99 -109.25
N LEU TB 48 -150.18 -1.61 -108.86
CA LEU TB 48 -149.09 -1.97 -109.77
C LEU TB 48 -148.76 -3.44 -109.53
N PRO TB 49 -149.61 -4.36 -109.99
CA PRO TB 49 -149.37 -5.78 -109.71
C PRO TB 49 -148.03 -6.29 -110.21
N CYS TB 50 -147.57 -5.81 -111.36
CA CYS TB 50 -146.29 -6.25 -111.91
C CYS TB 50 -145.10 -5.51 -111.32
N CYS TB 51 -145.33 -4.45 -110.54
CA CYS TB 51 -144.26 -3.66 -109.96
C CYS TB 51 -144.17 -3.77 -108.44
N ARG TB 52 -145.20 -4.28 -107.78
CA ARG TB 52 -145.23 -4.36 -106.32
C ARG TB 52 -145.47 -5.79 -105.89
N ARG TB 53 -144.76 -6.23 -104.85
CA ARG TB 53 -144.94 -7.57 -104.34
C ARG TB 53 -146.28 -7.68 -103.60
N PRO TB 54 -146.94 -8.84 -103.67
CA PRO TB 54 -148.26 -8.98 -103.05
C PRO TB 54 -148.20 -9.00 -101.53
N LYS TB 55 -149.37 -9.09 -100.89
CA LYS TB 55 -149.48 -9.08 -99.44
C LYS TB 55 -149.87 -10.47 -98.96
N ILE TB 56 -149.16 -10.96 -97.95
CA ILE TB 56 -149.33 -12.32 -97.44
C ILE TB 56 -149.96 -12.26 -96.06
N LYS TB 57 -151.05 -13.00 -95.87
CA LYS TB 57 -151.81 -13.03 -94.64
C LYS TB 57 -151.82 -14.44 -94.09
N ARG TB 58 -151.49 -14.59 -92.81
CA ARG TB 58 -151.51 -15.89 -92.15
C ARG TB 58 -152.93 -16.26 -91.75
N THR TB 59 -153.19 -17.56 -91.71
CA THR TB 59 -154.48 -18.09 -91.31
C THR TB 59 -154.29 -19.23 -90.33
N PRO TB 60 -155.23 -19.44 -89.40
CA PRO TB 60 -155.12 -20.54 -88.43
C PRO TB 60 -155.71 -21.84 -88.96
N TYR TB 61 -155.18 -22.30 -90.10
CA TYR TB 61 -155.68 -23.50 -90.74
C TYR TB 61 -154.53 -24.35 -91.24
N THR TB 62 -154.73 -25.66 -91.23
CA THR TB 62 -153.84 -26.61 -91.88
C THR TB 62 -154.55 -27.25 -93.07
N LEU TB 63 -153.79 -28.01 -93.85
CA LEU TB 63 -154.35 -28.63 -95.04
C LEU TB 63 -155.47 -29.61 -94.68
N ASN TB 64 -155.25 -30.42 -93.64
CA ASN TB 64 -156.26 -31.41 -93.26
C ASN TB 64 -157.52 -30.74 -92.74
N ASP TB 65 -157.39 -29.62 -92.05
CA ASP TB 65 -158.57 -28.90 -91.59
C ASP TB 65 -159.31 -28.26 -92.76
N ILE TB 66 -158.57 -27.66 -93.70
CA ILE TB 66 -159.23 -26.97 -94.80
C ILE TB 66 -159.84 -27.96 -95.78
N LEU TB 67 -159.35 -29.20 -95.82
CA LEU TB 67 -159.84 -30.19 -96.77
C LEU TB 67 -160.80 -31.16 -96.10
N ASP TB 68 -161.86 -31.51 -96.82
CA ASP TB 68 -162.76 -32.55 -96.35
C ASP TB 68 -162.05 -33.89 -96.23
N GLU TB 69 -161.23 -34.22 -97.22
CA GLU TB 69 -160.48 -35.47 -97.21
C GLU TB 69 -159.08 -35.22 -96.67
N PRO TB 70 -158.65 -35.94 -95.64
CA PRO TB 70 -157.31 -35.70 -95.09
C PRO TB 70 -156.21 -36.21 -96.01
N CYS TB 71 -155.02 -35.69 -95.79
CA CYS TB 71 -153.82 -36.02 -96.53
C CYS TB 71 -152.72 -36.38 -95.56
N PRO TB 72 -151.74 -37.17 -95.98
CA PRO TB 72 -150.58 -37.44 -95.11
C PRO TB 72 -149.84 -36.15 -94.78
N ASN TB 73 -149.34 -36.08 -93.55
CA ASN TB 73 -148.76 -34.83 -93.04
C ASN TB 73 -147.42 -35.03 -92.34
N GLN TB 74 -146.77 -36.18 -92.52
CA GLN TB 74 -145.48 -36.40 -91.88
C GLN TB 74 -144.43 -35.46 -92.44
N LEU TB 75 -143.49 -35.07 -91.58
CA LEU TB 75 -142.46 -34.09 -91.93
C LEU TB 75 -141.06 -34.68 -91.70
N LYS TB 76 -140.06 -33.97 -92.20
CA LYS TB 76 -138.67 -34.32 -92.00
C LYS TB 76 -137.84 -33.04 -92.07
N SER TB 77 -136.70 -33.05 -91.38
CA SER TB 77 -135.83 -31.89 -91.31
C SER TB 77 -134.39 -32.29 -91.60
N SER TB 78 -133.65 -31.35 -92.18
CA SER TB 78 -132.25 -31.57 -92.52
C SER TB 78 -131.52 -30.23 -92.50
N ASP TB 79 -130.20 -30.30 -92.30
CA ASP TB 79 -129.43 -29.07 -92.18
C ASP TB 79 -129.41 -28.30 -93.49
N LEU TB 80 -129.38 -26.97 -93.37
CA LEU TB 80 -129.37 -26.09 -94.53
C LEU TB 80 -128.11 -25.23 -94.60
N VAL TB 81 -127.78 -24.50 -93.54
CA VAL TB 81 -126.61 -23.63 -93.51
C VAL TB 81 -126.19 -23.47 -92.05
N THR TB 82 -124.93 -23.05 -91.87
CA THR TB 82 -124.35 -22.92 -90.53
C THR TB 82 -123.52 -21.65 -90.49
N PHE TB 83 -123.92 -20.69 -89.65
CA PHE TB 83 -123.17 -19.46 -89.43
C PHE TB 83 -122.18 -19.71 -88.31
N THR TB 84 -120.92 -19.95 -88.68
CA THR TB 84 -119.91 -20.30 -87.67
C THR TB 84 -119.62 -19.14 -86.74
N GLU TB 85 -119.62 -17.91 -87.26
CA GLU TB 85 -119.32 -16.75 -86.45
C GLU TB 85 -120.42 -15.72 -86.60
N PRO TB 86 -120.65 -14.90 -85.57
CA PRO TB 86 -121.73 -13.91 -85.64
C PRO TB 86 -121.52 -12.89 -86.75
N LEU TB 87 -122.62 -12.50 -87.38
CA LEU TB 87 -122.61 -11.37 -88.31
C LEU TB 87 -122.46 -10.08 -87.52
N VAL TB 88 -121.37 -9.35 -87.76
CA VAL TB 88 -121.03 -8.15 -87.00
C VAL TB 88 -121.02 -6.97 -87.96
N SER TB 89 -121.68 -5.88 -87.57
CA SER TB 89 -121.74 -4.67 -88.37
C SER TB 89 -121.43 -3.46 -87.50
N ASN TB 90 -120.62 -2.56 -88.03
CA ASN TB 90 -120.26 -1.32 -87.34
C ASN TB 90 -120.42 -0.14 -88.29
N VAL TB 91 -121.05 0.92 -87.81
CA VAL TB 91 -121.18 2.17 -88.54
C VAL TB 91 -120.77 3.30 -87.61
N LYS TB 92 -119.95 4.21 -88.11
CA LYS TB 92 -119.47 5.33 -87.31
C LYS TB 92 -119.43 6.56 -88.19
N ALA TB 93 -120.27 7.54 -87.88
CA ALA TB 93 -120.34 8.79 -88.65
C ALA TB 93 -120.06 9.97 -87.74
N SER TB 94 -119.44 11.00 -88.29
CA SER TB 94 -119.17 12.22 -87.55
C SER TB 94 -119.06 13.38 -88.53
N SER TB 95 -119.76 14.47 -88.25
CA SER TB 95 -119.80 15.61 -89.15
C SER TB 95 -119.82 16.90 -88.35
N SER TB 96 -119.38 17.97 -89.00
CA SER TB 96 -119.38 19.30 -88.39
C SER TB 96 -119.63 20.34 -89.46
N ILE TB 97 -120.40 21.37 -89.10
CA ILE TB 97 -120.77 22.44 -90.02
C ILE TB 97 -120.47 23.77 -89.33
N GLY TB 98 -119.87 24.69 -90.08
CA GLY TB 98 -119.62 26.03 -89.57
C GLY TB 98 -120.01 27.10 -90.56
N LEU TB 99 -120.95 27.97 -90.19
CA LEU TB 99 -121.45 29.04 -91.05
C LEU TB 99 -121.16 30.37 -90.41
N GLN TB 100 -120.64 31.32 -91.19
CA GLN TB 100 -120.38 32.66 -90.72
C GLN TB 100 -120.86 33.67 -91.75
N ILE TB 101 -121.63 34.65 -91.30
CA ILE TB 101 -122.07 35.77 -92.14
C ILE TB 101 -121.50 37.03 -91.51
N LEU TB 102 -120.39 37.52 -92.07
CA LEU TB 102 -119.72 38.76 -91.65
C LEU TB 102 -119.41 38.64 -90.17
N LYS TB 103 -119.68 39.66 -89.36
CA LYS TB 103 -119.63 39.57 -87.91
C LYS TB 103 -121.03 39.60 -87.30
N HIS TB 104 -122.04 39.23 -88.08
CA HIS TB 104 -123.43 39.26 -87.65
C HIS TB 104 -124.01 37.89 -87.35
N PHE TB 105 -123.58 36.85 -88.05
CA PHE TB 105 -124.10 35.51 -87.80
C PHE TB 105 -122.94 34.54 -87.68
N ASP TB 106 -123.03 33.63 -86.70
CA ASP TB 106 -121.99 32.62 -86.51
C ASP TB 106 -122.61 31.38 -85.88
N SER TB 107 -122.74 30.31 -86.66
CA SER TB 107 -123.34 29.07 -86.18
C SER TB 107 -122.34 27.93 -86.33
N GLY TB 108 -122.24 27.10 -85.31
CA GLY TB 108 -121.42 25.91 -85.37
C GLY TB 108 -122.15 24.68 -84.86
N ALA TB 109 -122.34 23.69 -85.71
CA ALA TB 109 -123.05 22.48 -85.35
C ALA TB 109 -122.14 21.28 -85.56
N LYS TB 110 -122.42 20.20 -84.84
CA LYS TB 110 -121.65 18.98 -85.00
C LYS TB 110 -122.50 17.81 -84.52
N GLY TB 111 -122.27 16.66 -85.14
CA GLY TB 111 -123.01 15.46 -84.79
C GLY TB 111 -122.14 14.24 -84.94
N SER TB 112 -122.49 13.19 -84.20
CA SER TB 112 -121.77 11.92 -84.28
C SER TB 112 -122.73 10.79 -83.98
N LYS TB 113 -122.44 9.62 -84.54
CA LYS TB 113 -123.28 8.45 -84.38
C LYS TB 113 -122.42 7.20 -84.45
N ASN TB 114 -122.70 6.26 -83.55
CA ASN TB 114 -122.00 4.97 -83.51
C ASN TB 114 -123.03 3.87 -83.34
N PHE TB 115 -123.08 2.96 -84.29
CA PHE TB 115 -124.10 1.91 -84.35
C PHE TB 115 -123.41 0.56 -84.52
N ILE TB 116 -123.74 -0.38 -83.63
CA ILE TB 116 -123.11 -1.70 -83.63
C ILE TB 116 -124.19 -2.77 -83.58
N THR TB 117 -124.04 -3.79 -84.42
CA THR TB 117 -125.01 -4.87 -84.50
C THR TB 117 -124.28 -6.21 -84.52
N SER TB 118 -124.85 -7.21 -83.84
CA SER TB 118 -124.30 -8.56 -83.83
C SER TB 118 -125.45 -9.56 -83.84
N ALA TB 119 -125.39 -10.51 -84.76
CA ALA TB 119 -126.41 -11.55 -84.87
C ALA TB 119 -125.75 -12.91 -84.90
N SER TB 120 -126.16 -13.80 -84.01
CA SER TB 120 -125.65 -15.16 -83.92
C SER TB 120 -126.83 -16.10 -84.12
N LEU TB 121 -126.94 -16.66 -85.33
CA LEU TB 121 -128.03 -17.56 -85.68
C LEU TB 121 -127.67 -19.02 -85.52
N GLY TB 122 -126.41 -19.35 -85.25
CA GLY TB 122 -126.03 -20.74 -85.07
C GLY TB 122 -126.27 -21.56 -86.31
N THR TB 123 -127.04 -22.63 -86.18
CA THR TB 123 -127.35 -23.54 -87.27
C THR TB 123 -128.81 -23.37 -87.68
N VAL TB 124 -129.06 -23.34 -88.98
CA VAL TB 124 -130.40 -23.23 -89.53
C VAL TB 124 -130.72 -24.53 -90.27
N VAL TB 125 -131.86 -25.12 -89.95
CA VAL TB 125 -132.32 -26.33 -90.60
C VAL TB 125 -133.55 -26.02 -91.44
N LYS TB 126 -133.90 -26.96 -92.32
CA LYS TB 126 -135.06 -26.85 -93.18
C LYS TB 126 -135.98 -28.03 -92.92
N ALA TB 127 -137.26 -27.73 -92.74
CA ALA TB 127 -138.28 -28.74 -92.48
C ALA TB 127 -139.29 -28.73 -93.62
N GLU TB 128 -139.67 -29.92 -94.06
CA GLU TB 128 -140.56 -30.08 -95.20
C GLU TB 128 -141.19 -31.46 -95.16
N THR TB 129 -142.28 -31.60 -95.91
CA THR TB 129 -142.99 -32.88 -95.98
C THR TB 129 -142.07 -33.96 -96.52
N ILE TB 130 -142.22 -35.18 -96.01
CA ILE TB 130 -141.39 -36.29 -96.46
C ILE TB 130 -141.64 -36.57 -97.94
N ASP TB 131 -142.89 -36.57 -98.37
CA ASP TB 131 -143.25 -36.77 -99.77
C ASP TB 131 -144.28 -35.72 -100.15
N ILE TB 132 -143.91 -34.86 -101.09
CA ILE TB 132 -144.81 -33.80 -101.54
C ILE TB 132 -145.71 -34.26 -102.68
N THR TB 133 -145.26 -35.23 -103.46
CA THR TB 133 -146.06 -35.72 -104.58
C THR TB 133 -147.38 -36.33 -104.10
N LYS TB 134 -147.33 -37.13 -103.03
CA LYS TB 134 -148.54 -37.71 -102.48
C LYS TB 134 -149.50 -36.63 -101.98
N VAL TB 135 -148.96 -35.63 -101.29
CA VAL TB 135 -149.78 -34.53 -100.78
C VAL TB 135 -150.45 -33.81 -101.94
N LEU TB 136 -149.69 -33.54 -103.02
CA LEU TB 136 -150.27 -32.86 -104.17
C LEU TB 136 -151.36 -33.69 -104.83
N ALA TB 137 -151.11 -34.99 -104.98
CA ALA TB 137 -152.12 -35.86 -105.59
C ALA TB 137 -153.41 -35.86 -104.77
N LYS TB 138 -153.28 -36.04 -103.46
CA LYS TB 138 -154.46 -36.05 -102.59
C LYS TB 138 -155.19 -34.72 -102.63
N VAL TB 139 -154.44 -33.61 -102.64
CA VAL TB 139 -155.07 -32.29 -102.74
C VAL TB 139 -155.90 -32.20 -104.02
N ARG TB 140 -155.29 -32.59 -105.14
CA ARG TB 140 -155.99 -32.50 -106.42
C ARG TB 140 -157.23 -33.37 -106.44
N THR TB 141 -157.19 -34.53 -105.78
CA THR TB 141 -158.34 -35.42 -105.76
C THR TB 141 -159.28 -35.16 -104.59
N ALA TB 142 -159.00 -34.18 -103.74
CA ALA TB 142 -159.80 -33.93 -102.54
C ALA TB 142 -160.54 -32.60 -102.66
N LYS TB 143 -161.71 -32.53 -102.03
CA LYS TB 143 -162.52 -31.33 -102.01
C LYS TB 143 -162.36 -30.59 -100.69
N ALA TB 144 -162.46 -29.25 -100.76
CA ALA TB 144 -162.33 -28.41 -99.59
C ALA TB 144 -163.55 -28.54 -98.68
N LYS TB 145 -163.43 -27.99 -97.48
CA LYS TB 145 -164.51 -28.05 -96.50
C LYS TB 145 -165.61 -27.06 -96.87
N VAL TB 146 -166.82 -27.58 -97.09
CA VAL TB 146 -167.95 -26.72 -97.44
C VAL TB 146 -168.27 -25.76 -96.30
N GLU TB 147 -168.17 -26.25 -95.06
CA GLU TB 147 -168.46 -25.40 -93.90
C GLU TB 147 -167.53 -24.20 -93.82
N ASN TB 148 -166.26 -24.37 -94.21
CA ASN TB 148 -165.28 -23.30 -94.07
C ASN TB 148 -165.70 -22.06 -94.84
N ASP TB 149 -165.56 -20.90 -94.19
CA ASP TB 149 -165.94 -19.62 -94.78
C ASP TB 149 -164.81 -19.00 -95.58
N LEU TB 150 -163.56 -19.18 -95.13
CA LEU TB 150 -162.41 -18.63 -95.83
C LEU TB 150 -162.35 -19.10 -97.28
N VAL TB 151 -162.56 -20.41 -97.49
CA VAL TB 151 -162.51 -20.96 -98.84
C VAL TB 151 -163.56 -20.30 -99.72
N SER TB 152 -164.78 -20.14 -99.20
CA SER TB 152 -165.85 -19.50 -99.97
C SER TB 152 -165.49 -18.06 -100.29
N ARG TB 153 -164.95 -17.34 -99.31
CA ARG TB 153 -164.53 -15.96 -99.55
C ARG TB 153 -163.51 -15.89 -100.68
N VAL TB 154 -162.48 -16.73 -100.62
CA VAL TB 154 -161.45 -16.72 -101.65
C VAL TB 154 -162.03 -17.13 -103.00
N MET TB 155 -162.99 -18.04 -103.01
CA MET TB 155 -163.63 -18.45 -104.26
C MET TB 155 -164.40 -17.30 -104.89
N LYS TB 156 -165.18 -16.58 -104.09
CA LYS TB 156 -166.00 -15.51 -104.65
C LYS TB 156 -165.16 -14.30 -105.04
N THR TB 157 -164.10 -14.02 -104.28
CA THR TB 157 -163.25 -12.89 -104.62
C THR TB 157 -162.24 -13.30 -105.69
N LYS TB 158 -161.77 -12.31 -106.45
CA LYS TB 158 -160.80 -12.54 -107.53
C LYS TB 158 -159.38 -12.17 -107.13
N ARG TB 159 -159.20 -11.23 -106.22
CA ARG TB 159 -157.85 -10.86 -105.81
C ARG TB 159 -157.22 -11.92 -104.92
N LEU TB 160 -158.00 -12.48 -104.00
CA LEU TB 160 -157.47 -13.41 -103.03
C LEU TB 160 -157.07 -14.73 -103.68
N CYS TB 161 -155.93 -15.27 -103.23
CA CYS TB 161 -155.46 -16.58 -103.66
C CYS TB 161 -155.00 -17.37 -102.45
N LEU TB 162 -155.03 -18.69 -102.56
CA LEU TB 162 -154.62 -19.57 -101.48
C LEU TB 162 -153.23 -20.14 -101.76
N GLY TB 163 -152.44 -20.29 -100.70
CA GLY TB 163 -151.12 -20.86 -100.83
C GLY TB 163 -150.79 -21.85 -99.72
N LEU TB 164 -150.22 -22.99 -100.09
CA LEU TB 164 -149.82 -24.02 -99.14
C LEU TB 164 -148.32 -23.93 -98.91
N VAL TB 165 -147.93 -23.79 -97.65
CA VAL TB 165 -146.51 -23.68 -97.30
C VAL TB 165 -145.90 -25.08 -97.33
N VAL TB 166 -144.75 -25.21 -97.99
CA VAL TB 166 -144.15 -26.51 -98.23
C VAL TB 166 -142.77 -26.67 -97.60
N GLU TB 167 -142.07 -25.60 -97.26
CA GLU TB 167 -140.78 -25.74 -96.62
C GLU TB 167 -140.52 -24.53 -95.73
N THR TB 168 -139.84 -24.76 -94.61
CA THR TB 168 -139.60 -23.70 -93.65
C THR TB 168 -138.20 -23.80 -93.08
N ALA TB 169 -137.55 -22.65 -92.91
CA ALA TB 169 -136.22 -22.58 -92.33
C ALA TB 169 -136.33 -22.15 -90.87
N CYS TB 170 -135.78 -22.96 -89.97
CA CYS TB 170 -135.90 -22.73 -88.53
C CYS TB 170 -134.54 -22.86 -87.86
N VAL TB 171 -134.32 -22.08 -86.81
CA VAL TB 171 -133.07 -22.14 -86.08
C VAL TB 171 -133.06 -23.39 -85.20
N ALA TB 172 -131.97 -24.15 -85.26
CA ALA TB 172 -131.87 -25.36 -84.46
C ALA TB 172 -131.69 -25.04 -82.97
N ALA TB 173 -130.92 -24.01 -82.66
CA ALA TB 173 -130.64 -23.62 -81.29
C ALA TB 173 -131.02 -22.17 -81.08
N ALA TB 174 -130.80 -21.68 -79.87
CA ALA TB 174 -131.15 -20.30 -79.53
C ALA TB 174 -130.30 -19.32 -80.33
N GLY TB 175 -130.93 -18.24 -80.78
CA GLY TB 175 -130.26 -17.21 -81.57
C GLY TB 175 -130.21 -15.90 -80.80
N LYS TB 176 -129.05 -15.25 -80.85
CA LYS TB 176 -128.80 -14.04 -80.06
C LYS TB 176 -128.66 -12.82 -80.96
N LEU TB 177 -129.40 -11.76 -80.63
CA LEU TB 177 -129.37 -10.53 -81.41
C LEU TB 177 -129.07 -9.37 -80.47
N THR TB 178 -128.00 -8.63 -80.76
CA THR TB 178 -127.55 -7.52 -79.93
C THR TB 178 -127.36 -6.26 -80.77
N GLU TB 179 -127.79 -5.13 -80.23
CA GLU TB 179 -127.70 -3.84 -80.91
C GLU TB 179 -127.32 -2.76 -79.91
N ALA TB 180 -126.41 -1.88 -80.30
CA ALA TB 180 -125.99 -0.76 -79.48
C ALA TB 180 -125.96 0.50 -80.32
N ASP TB 181 -126.48 1.60 -79.76
CA ASP TB 181 -126.58 2.87 -80.46
C ASP TB 181 -126.09 3.97 -79.51
N ASN TB 182 -125.26 4.88 -80.03
CA ASN TB 182 -124.80 6.04 -79.27
C ASN TB 182 -124.68 7.21 -80.22
N TRP TB 183 -125.53 8.21 -80.08
CA TRP TB 183 -125.42 9.37 -80.97
C TRP TB 183 -125.53 10.65 -80.18
N GLU TB 184 -124.96 11.72 -80.74
CA GLU TB 184 -124.77 12.98 -80.02
C GLU TB 184 -124.85 14.14 -80.99
N ILE TB 185 -125.48 15.24 -80.54
CA ILE TB 185 -125.63 16.46 -81.30
C ILE TB 185 -125.21 17.64 -80.42
N SER TB 186 -124.39 18.53 -80.95
CA SER TB 186 -123.96 19.73 -80.25
C SER TB 186 -124.04 20.92 -81.20
N GLY TB 187 -124.89 21.89 -80.88
CA GLY TB 187 -125.07 23.04 -81.74
C GLY TB 187 -124.93 24.34 -80.97
N HIS TB 188 -124.51 25.37 -81.69
CA HIS TB 188 -124.28 26.70 -81.11
C HIS TB 188 -124.62 27.76 -82.14
N THR TB 189 -125.26 28.83 -81.69
CA THR TB 189 -125.70 29.91 -82.57
C THR TB 189 -125.37 31.24 -81.90
N ASN TB 190 -124.83 32.19 -82.68
CA ASN TB 190 -124.51 33.52 -82.19
C ASN TB 190 -124.99 34.53 -83.23
N ALA TB 191 -126.02 35.27 -82.88
CA ALA TB 191 -126.57 36.33 -83.72
C ALA TB 191 -126.21 37.67 -83.07
N ASN TB 192 -125.23 38.36 -83.66
CA ASN TB 192 -124.77 39.66 -83.17
C ASN TB 192 -125.36 40.75 -84.05
N ILE TB 193 -126.08 41.68 -83.43
CA ILE TB 193 -126.66 42.82 -84.12
C ILE TB 193 -126.24 44.07 -83.36
N GLY TB 194 -126.39 45.23 -84.01
CA GLY TB 194 -125.96 46.47 -83.40
C GLY TB 194 -126.62 46.75 -82.07
N GLU TB 195 -127.87 46.32 -81.89
CA GLU TB 195 -128.60 46.55 -80.64
C GLU TB 195 -129.08 45.25 -80.01
N ALA TB 196 -128.65 44.09 -80.50
CA ALA TB 196 -129.09 42.82 -79.96
C ALA TB 196 -127.99 41.79 -80.09
N VAL TB 197 -127.81 40.99 -79.04
CA VAL TB 197 -126.86 39.88 -79.03
C VAL TB 197 -127.57 38.65 -78.50
N VAL TB 198 -127.59 37.58 -79.30
CA VAL TB 198 -128.23 36.33 -78.92
C VAL TB 198 -127.18 35.22 -79.00
N THR TB 199 -127.06 34.43 -77.94
CA THR TB 199 -126.11 33.32 -77.88
C THR TB 199 -126.83 32.09 -77.35
N ALA TB 200 -127.09 31.13 -78.23
CA ALA TB 200 -127.80 29.91 -77.87
C ALA TB 200 -126.89 28.70 -78.04
N THR TB 201 -127.09 27.70 -77.20
CA THR TB 201 -126.29 26.48 -77.23
C THR TB 201 -127.16 25.31 -76.81
N ALA TB 202 -127.00 24.17 -77.47
CA ALA TB 202 -127.77 22.98 -77.15
C ALA TB 202 -126.95 21.73 -77.37
N GLU TB 203 -126.87 20.87 -76.35
CA GLU TB 203 -126.17 19.61 -76.43
C GLU TB 203 -127.08 18.49 -75.98
N LEU TB 204 -127.05 17.38 -76.72
CA LEU TB 204 -127.80 16.20 -76.30
C LEU TB 204 -127.11 14.95 -76.83
N ASP TB 205 -127.40 13.82 -76.19
CA ASP TB 205 -126.83 12.55 -76.60
C ASP TB 205 -127.70 11.42 -76.07
N LYS TB 206 -127.96 10.42 -76.91
CA LYS TB 206 -128.80 9.29 -76.57
C LYS TB 206 -128.00 8.00 -76.72
N ASN TB 207 -128.20 7.09 -75.78
CA ASN TB 207 -127.55 5.78 -75.76
C ASN TB 207 -128.61 4.71 -75.56
N LEU TB 208 -128.60 3.69 -76.41
CA LEU TB 208 -129.54 2.59 -76.34
C LEU TB 208 -128.81 1.27 -76.52
N SER TB 209 -129.37 0.21 -75.95
CA SER TB 209 -128.81 -1.13 -76.09
C SER TB 209 -129.94 -2.14 -75.94
N ARG TB 210 -130.10 -3.01 -76.93
CA ARG TB 210 -131.16 -4.01 -76.94
C ARG TB 210 -130.55 -5.37 -77.23
N LYS TB 211 -130.84 -6.36 -76.38
CA LYS TB 211 -130.29 -7.70 -76.53
C LYS TB 211 -131.41 -8.71 -76.30
N ILE TB 212 -131.68 -9.55 -77.31
CA ILE TB 212 -132.74 -10.55 -77.23
C ILE TB 212 -132.20 -11.90 -77.68
N GLU TB 213 -132.98 -12.94 -77.40
CA GLU TB 213 -132.60 -14.31 -77.72
C GLU TB 213 -133.84 -15.08 -78.15
N ILE TB 214 -133.94 -15.38 -79.43
CA ILE TB 214 -135.05 -16.19 -79.95
C ILE TB 214 -134.81 -17.65 -79.59
N PRO TB 215 -135.85 -18.40 -79.24
CA PRO TB 215 -135.67 -19.78 -78.80
C PRO TB 215 -135.56 -20.73 -79.98
N PRO TB 216 -135.11 -21.96 -79.76
CA PRO TB 216 -135.04 -22.93 -80.86
C PRO TB 216 -136.42 -23.19 -81.45
N GLY TB 217 -136.44 -23.41 -82.77
CA GLY TB 217 -137.66 -23.70 -83.49
C GLY TB 217 -138.31 -22.50 -84.15
N THR TB 218 -137.81 -21.29 -83.89
CA THR TB 218 -138.40 -20.10 -84.49
C THR TB 218 -138.20 -20.11 -86.01
N ALA TB 219 -139.28 -19.91 -86.75
CA ALA TB 219 -139.20 -19.90 -88.20
C ALA TB 219 -138.57 -18.61 -88.70
N LEU TB 220 -137.82 -18.71 -89.79
CA LEU TB 220 -137.17 -17.56 -90.41
C LEU TB 220 -137.70 -17.22 -91.79
N ALA TB 221 -137.94 -18.22 -92.63
CA ALA TB 221 -138.38 -17.98 -93.99
C ALA TB 221 -139.13 -19.20 -94.48
N TYR TB 222 -139.86 -19.03 -95.59
CA TYR TB 222 -140.72 -20.10 -96.09
C TYR TB 222 -140.93 -19.93 -97.58
N SER TB 223 -141.41 -21.00 -98.21
CA SER TB 223 -141.83 -21.00 -99.60
C SER TB 223 -143.15 -21.72 -99.72
N PHE TB 224 -143.98 -21.30 -100.68
CA PHE TB 224 -145.33 -21.83 -100.77
C PHE TB 224 -145.70 -22.06 -102.23
N MET TB 225 -146.72 -22.90 -102.41
CA MET TB 225 -147.26 -23.23 -103.73
C MET TB 225 -148.70 -22.75 -103.83
N ASP TB 226 -149.07 -22.20 -104.98
CA ASP TB 226 -150.39 -21.62 -105.15
C ASP TB 226 -151.45 -22.70 -105.34
N LEU TB 227 -152.70 -22.32 -105.08
CA LEU TB 227 -153.85 -23.20 -105.24
C LEU TB 227 -154.97 -22.45 -105.94
N GLU TB 228 -156.00 -23.20 -106.33
CA GLU TB 228 -157.15 -22.64 -107.03
C GLU TB 228 -158.39 -23.43 -106.67
N ILE TB 229 -159.44 -22.73 -106.24
CA ILE TB 229 -160.72 -23.35 -105.90
C ILE TB 229 -161.52 -23.54 -107.18
N LEU TB 230 -161.94 -24.77 -107.45
CA LEU TB 230 -162.83 -25.01 -108.58
C LEU TB 230 -164.22 -24.46 -108.27
N GLU TB 231 -165.13 -24.60 -109.23
CA GLU TB 231 -166.53 -24.28 -108.99
C GLU TB 231 -167.06 -25.04 -107.79
N ASP TB 232 -166.78 -26.34 -107.73
CA ASP TB 232 -167.08 -27.14 -106.56
C ASP TB 232 -166.04 -26.89 -105.47
N ARG TB 233 -166.13 -27.65 -104.37
CA ARG TB 233 -165.14 -27.56 -103.31
C ARG TB 233 -163.78 -28.14 -103.71
N SER TB 234 -163.69 -28.75 -104.89
CA SER TB 234 -162.42 -29.32 -105.35
C SER TB 234 -161.34 -28.26 -105.45
N LEU TB 235 -160.10 -28.68 -105.20
CA LEU TB 235 -158.93 -27.81 -105.26
C LEU TB 235 -157.98 -28.30 -106.34
N ARG TB 236 -157.29 -27.34 -106.97
CA ARG TB 236 -156.31 -27.64 -108.00
C ARG TB 236 -155.04 -26.84 -107.72
N VAL TB 237 -153.93 -27.31 -108.27
CA VAL TB 237 -152.66 -26.61 -108.12
C VAL TB 237 -152.39 -25.82 -109.39
N SER TB 238 -151.82 -24.63 -109.23
CA SER TB 238 -151.59 -23.72 -110.33
C SER TB 238 -150.11 -23.34 -110.39
N SER TB 239 -149.56 -23.26 -111.60
CA SER TB 239 -148.15 -22.97 -111.82
C SER TB 239 -148.02 -21.81 -112.79
N SER TB 240 -147.46 -20.70 -112.33
CA SER TB 240 -147.15 -19.58 -113.20
C SER TB 240 -145.87 -19.89 -113.97
N ALA TB 241 -146.02 -20.17 -115.27
CA ALA TB 241 -144.91 -20.58 -116.13
C ALA TB 241 -144.22 -21.84 -115.58
N GLY TB 242 -144.98 -22.71 -114.94
CA GLY TB 242 -144.45 -23.95 -114.41
C GLY TB 242 -143.55 -23.79 -113.20
N ALA TB 243 -143.61 -22.65 -112.51
CA ALA TB 243 -142.73 -22.43 -111.37
C ALA TB 243 -143.05 -23.40 -110.22
N MET TB 244 -144.33 -23.46 -109.82
CA MET TB 244 -144.79 -24.26 -108.68
C MET TB 244 -144.06 -23.91 -107.39
N PHE TB 245 -143.41 -22.75 -107.33
CA PHE TB 245 -142.73 -22.28 -106.13
C PHE TB 245 -142.82 -20.76 -106.13
N ASP TB 246 -143.75 -20.23 -105.35
CA ASP TB 246 -143.99 -18.79 -105.34
C ASP TB 246 -143.28 -18.17 -104.14
N SER TB 247 -142.53 -17.09 -104.41
CA SER TB 247 -141.79 -16.37 -103.39
C SER TB 247 -142.41 -15.01 -103.09
N GLY TB 248 -143.67 -14.81 -103.46
CA GLY TB 248 -144.30 -13.51 -103.26
C GLY TB 248 -143.64 -12.40 -104.05
N LYS TB 249 -143.23 -12.70 -105.28
CA LYS TB 249 -142.54 -11.73 -106.13
C LYS TB 249 -143.49 -11.19 -107.18
N ALA TB 250 -143.22 -9.96 -107.60
CA ALA TB 250 -144.02 -9.34 -108.65
C ALA TB 250 -143.80 -10.05 -109.98
N GLU TB 251 -144.84 -10.03 -110.82
CA GLU TB 251 -144.74 -10.70 -112.11
C GLU TB 251 -143.66 -10.08 -112.99
N SER TB 252 -143.56 -8.74 -112.98
CA SER TB 252 -142.55 -8.01 -113.75
C SER TB 252 -142.62 -8.36 -115.24
CA ARG UB 3 -123.03 -10.51 -104.62
C ARG UB 3 -122.94 -11.54 -103.50
N PRO UB 4 -123.90 -12.46 -103.45
CA PRO UB 4 -123.88 -13.49 -102.41
C PRO UB 4 -122.62 -14.34 -102.50
N MET UB 5 -122.11 -14.73 -101.32
CA MET UB 5 -120.91 -15.54 -101.28
C MET UB 5 -121.12 -16.89 -101.95
N PHE UB 6 -122.29 -17.49 -101.77
CA PHE UB 6 -122.56 -18.76 -102.42
C PHE UB 6 -122.53 -18.62 -103.93
N ALA UB 7 -123.13 -17.56 -104.47
CA ALA UB 7 -123.09 -17.34 -105.91
C ALA UB 7 -121.67 -17.11 -106.41
N VAL UB 8 -120.89 -16.34 -105.66
CA VAL UB 8 -119.51 -16.08 -106.06
C VAL UB 8 -118.71 -17.38 -106.07
N ALA UB 9 -118.87 -18.21 -105.05
CA ALA UB 9 -118.15 -19.47 -104.99
C ALA UB 9 -118.59 -20.41 -106.11
N VAL UB 10 -119.88 -20.42 -106.42
CA VAL UB 10 -120.38 -21.25 -107.51
C VAL UB 10 -119.76 -20.81 -108.83
N ASN UB 11 -119.71 -19.50 -109.06
CA ASN UB 11 -119.09 -19.00 -110.29
C ASN UB 11 -117.60 -19.35 -110.36
N GLU UB 12 -116.90 -19.22 -109.23
CA GLU UB 12 -115.48 -19.59 -109.22
C GLU UB 12 -115.28 -21.06 -109.54
N PHE UB 13 -116.10 -21.92 -108.93
CA PHE UB 13 -115.99 -23.36 -109.19
C PHE UB 13 -116.30 -23.68 -110.64
N ILE UB 14 -117.38 -23.10 -111.17
CA ILE UB 14 -117.77 -23.43 -112.54
C ILE UB 14 -116.75 -22.90 -113.54
N ARG UB 15 -116.09 -21.79 -113.23
CA ARG UB 15 -115.02 -21.31 -114.10
C ARG UB 15 -113.80 -22.23 -114.04
N SER UB 16 -113.38 -22.59 -112.82
CA SER UB 16 -112.18 -23.42 -112.68
C SER UB 16 -112.37 -24.79 -113.31
N ALA UB 17 -113.54 -25.39 -113.11
CA ALA UB 17 -113.85 -26.71 -113.66
C ALA UB 17 -115.22 -26.67 -114.31
N GLY UB 18 -115.33 -27.27 -115.49
CA GLY UB 18 -116.60 -27.35 -116.18
C GLY UB 18 -117.19 -26.02 -116.61
N GLN UB 19 -116.37 -25.16 -117.22
CA GLN UB 19 -116.88 -23.89 -117.71
C GLN UB 19 -117.96 -24.07 -118.76
N ASP UB 20 -117.91 -25.18 -119.49
CA ASP UB 20 -118.93 -25.52 -120.46
C ASP UB 20 -119.77 -26.70 -119.95
N SER UB 21 -121.02 -26.74 -120.41
CA SER UB 21 -121.96 -27.81 -120.06
C SER UB 21 -122.16 -27.90 -118.55
N LEU UB 22 -122.41 -26.76 -117.92
CA LEU UB 22 -122.65 -26.72 -116.48
C LEU UB 22 -123.44 -25.46 -116.15
N CYS UB 23 -124.44 -25.61 -115.28
CA CYS UB 23 -125.31 -24.51 -114.88
C CYS UB 23 -125.16 -24.27 -113.38
N GLY UB 24 -124.96 -23.01 -113.01
CA GLY UB 24 -124.84 -22.67 -111.61
C GLY UB 24 -126.14 -22.85 -110.86
N VAL UB 25 -126.01 -23.05 -109.55
CA VAL UB 25 -127.17 -23.22 -108.66
C VAL UB 25 -127.60 -21.85 -108.15
N PRO UB 26 -128.88 -21.51 -108.23
CA PRO UB 26 -129.30 -20.16 -107.84
C PRO UB 26 -129.06 -19.84 -106.37
N ASP UB 27 -129.38 -20.76 -105.46
CA ASP UB 27 -129.24 -20.48 -104.04
C ASP UB 27 -129.16 -21.78 -103.26
N ILE UB 28 -128.72 -21.66 -102.00
CA ILE UB 28 -128.52 -22.83 -101.16
C ILE UB 28 -129.84 -23.54 -100.92
N ASN UB 29 -130.91 -22.78 -100.70
CA ASN UB 29 -132.21 -23.38 -100.41
C ASN UB 29 -132.68 -24.26 -101.56
N SER UB 30 -132.53 -23.78 -102.80
CA SER UB 30 -132.98 -24.51 -103.97
C SER UB 30 -131.91 -25.43 -104.54
N SER UB 31 -130.74 -25.50 -103.90
CA SER UB 31 -129.70 -26.40 -104.38
C SER UB 31 -130.15 -27.85 -104.35
N GLY UB 32 -130.95 -28.23 -103.35
CA GLY UB 32 -131.36 -29.62 -103.21
C GLY UB 32 -132.37 -30.08 -104.23
N ASP UB 33 -132.94 -29.17 -105.02
CA ASP UB 33 -133.91 -29.53 -106.03
C ASP UB 33 -133.30 -29.83 -107.39
N PHE UB 34 -131.97 -29.80 -107.51
CA PHE UB 34 -131.28 -30.03 -108.77
C PHE UB 34 -130.43 -31.30 -108.71
N MET UB 35 -130.88 -32.30 -107.96
CA MET UB 35 -130.24 -33.59 -107.94
C MET UB 35 -130.59 -34.37 -109.21
N PRO UB 36 -129.82 -35.41 -109.54
CA PRO UB 36 -130.08 -36.16 -110.77
C PRO UB 36 -131.48 -36.75 -110.79
N LEU UB 37 -132.03 -36.87 -112.00
CA LEU UB 37 -133.38 -37.39 -112.24
C LEU UB 37 -134.45 -36.47 -111.65
N HIS UB 38 -134.29 -35.17 -111.90
CA HIS UB 38 -135.27 -34.17 -111.52
C HIS UB 38 -135.74 -33.42 -112.75
N ILE UB 39 -137.01 -33.04 -112.75
CA ILE UB 39 -137.62 -32.31 -113.87
C ILE UB 39 -137.50 -30.82 -113.60
N ILE UB 40 -137.09 -30.06 -114.62
CA ILE UB 40 -137.02 -28.61 -114.56
C ILE UB 40 -137.71 -28.05 -115.79
N VAL UB 41 -138.10 -26.78 -115.69
CA VAL UB 41 -138.80 -26.09 -116.76
C VAL UB 41 -137.91 -24.99 -117.30
N LYS UB 42 -137.82 -24.90 -118.62
CA LYS UB 42 -137.01 -23.88 -119.29
C LYS UB 42 -137.93 -22.93 -120.05
N GLU UB 43 -137.72 -21.63 -119.85
CA GLU UB 43 -138.50 -20.58 -120.48
C GLU UB 43 -137.58 -19.76 -121.37
N VAL UB 44 -138.02 -19.54 -122.62
CA VAL UB 44 -137.24 -18.81 -123.61
C VAL UB 44 -137.24 -17.32 -123.26
N PRO UB 45 -136.22 -16.56 -123.64
CA PRO UB 45 -136.20 -15.12 -123.32
C PRO UB 45 -137.37 -14.34 -123.89
N LYS UB 46 -137.86 -14.73 -125.07
CA LYS UB 46 -138.97 -14.11 -125.79
C LYS UB 46 -138.63 -12.73 -126.33
N VAL UB 47 -137.44 -12.21 -126.06
CA VAL UB 47 -137.03 -10.90 -126.57
C VAL UB 47 -135.83 -11.08 -127.49
N LEU UB 48 -134.74 -11.63 -126.96
CA LEU UB 48 -133.53 -11.92 -127.72
C LEU UB 48 -133.14 -13.36 -127.41
N PRO UB 49 -133.86 -14.35 -127.98
CA PRO UB 49 -133.57 -15.74 -127.65
C PRO UB 49 -132.15 -16.17 -127.97
N CYS UB 50 -131.58 -15.66 -129.06
CA CYS UB 50 -130.22 -16.02 -129.43
C CYS UB 50 -129.16 -15.20 -128.70
N CYS UB 51 -129.57 -14.15 -127.97
CA CYS UB 51 -128.62 -13.30 -127.28
C CYS UB 51 -128.71 -13.39 -125.76
N ARG UB 52 -129.78 -13.97 -125.22
CA ARG UB 52 -129.99 -14.05 -123.78
C ARG UB 52 -130.19 -15.49 -123.38
N ARG UB 53 -129.60 -15.87 -122.24
CA ARG UB 53 -129.76 -17.22 -121.74
C ARG UB 53 -131.17 -17.42 -121.18
N PRO UB 54 -131.74 -18.62 -121.32
CA PRO UB 54 -133.12 -18.85 -120.87
C PRO UB 54 -133.25 -18.85 -119.35
N LYS UB 55 -134.48 -19.01 -118.87
CA LYS UB 55 -134.78 -19.01 -117.45
C LYS UB 55 -135.13 -20.42 -117.00
N ILE UB 56 -134.53 -20.86 -115.91
CA ILE UB 56 -134.69 -22.23 -115.41
C ILE UB 56 -135.48 -22.20 -114.11
N LYS UB 57 -136.54 -23.01 -114.06
CA LYS UB 57 -137.45 -23.08 -112.93
C LYS UB 57 -137.43 -24.49 -112.37
N ARG UB 58 -137.26 -24.61 -111.05
CA ARG UB 58 -137.29 -25.90 -110.39
C ARG UB 58 -138.72 -26.37 -110.17
N THR UB 59 -138.89 -27.68 -110.14
CA THR UB 59 -140.19 -28.29 -109.90
C THR UB 59 -140.05 -29.41 -108.88
N PRO UB 60 -141.09 -29.68 -108.09
CA PRO UB 60 -141.04 -30.77 -107.11
C PRO UB 60 -141.47 -32.11 -107.70
N TYR UB 61 -140.77 -32.54 -108.75
CA TYR UB 61 -141.10 -33.77 -109.43
C TYR UB 61 -139.84 -34.54 -109.76
N THR UB 62 -139.96 -35.86 -109.78
CA THR UB 62 -138.94 -36.75 -110.29
C THR UB 62 -139.45 -37.44 -111.55
N LEU UB 63 -138.55 -38.16 -112.22
CA LEU UB 63 -138.92 -38.82 -113.47
C LEU UB 63 -140.01 -39.86 -113.24
N ASN UB 64 -139.87 -40.66 -112.17
CA ASN UB 64 -140.85 -41.71 -111.91
C ASN UB 64 -142.21 -41.12 -111.57
N ASP UB 65 -142.24 -39.99 -110.87
CA ASP UB 65 -143.52 -39.34 -110.57
C ASP UB 65 -144.14 -38.76 -111.83
N ILE UB 66 -143.33 -38.12 -112.69
CA ILE UB 66 -143.88 -37.47 -113.87
C ILE UB 66 -144.31 -38.50 -114.91
N LEU UB 67 -143.74 -39.70 -114.87
CA LEU UB 67 -144.03 -40.73 -115.86
C LEU UB 67 -145.00 -41.76 -115.31
N ASP UB 68 -145.94 -42.18 -116.15
CA ASP UB 68 -146.84 -43.27 -115.79
C ASP UB 68 -146.06 -44.56 -115.57
N GLU UB 69 -145.09 -44.84 -116.44
CA GLU UB 69 -144.28 -46.04 -116.32
C GLU UB 69 -142.97 -45.71 -115.61
N PRO UB 70 -142.64 -46.38 -114.52
CA PRO UB 70 -141.39 -46.07 -113.81
C PRO UB 70 -140.16 -46.50 -114.58
N CYS UB 71 -139.03 -45.90 -114.21
CA CYS UB 71 -137.73 -46.16 -114.80
C CYS UB 71 -136.74 -46.44 -113.68
N PRO UB 72 -135.67 -47.18 -113.98
CA PRO UB 72 -134.62 -47.37 -112.95
C PRO UB 72 -134.01 -46.03 -112.56
N ASN UB 73 -133.67 -45.92 -111.27
CA ASN UB 73 -133.24 -44.64 -110.70
C ASN UB 73 -131.99 -44.75 -109.85
N GLN UB 74 -131.25 -45.86 -109.92
CA GLN UB 74 -130.05 -45.99 -109.12
C GLN UB 74 -129.00 -44.98 -109.55
N LEU UB 75 -128.19 -44.53 -108.59
CA LEU UB 75 -127.19 -43.49 -108.82
C LEU UB 75 -125.81 -43.98 -108.40
N LYS UB 76 -124.79 -43.21 -108.78
CA LYS UB 76 -123.42 -43.47 -108.40
C LYS UB 76 -122.67 -42.15 -108.38
N SER UB 77 -121.63 -42.08 -107.55
CA SER UB 77 -120.86 -40.86 -107.38
C SER UB 77 -119.37 -41.18 -107.50
N SER UB 78 -118.62 -40.18 -107.97
CA SER UB 78 -117.18 -40.31 -108.13
C SER UB 78 -116.54 -38.94 -108.04
N ASP UB 79 -115.27 -38.91 -107.66
CA ASP UB 79 -114.58 -37.64 -107.47
C ASP UB 79 -114.44 -36.87 -108.77
N LEU UB 80 -114.52 -35.55 -108.67
CA LEU UB 80 -114.41 -34.67 -109.83
C LEU UB 80 -113.21 -33.74 -109.76
N VAL UB 81 -113.07 -32.98 -108.66
CA VAL UB 81 -111.97 -32.03 -108.49
C VAL UB 81 -111.75 -31.84 -107.00
N THR UB 82 -110.55 -31.34 -106.66
CA THR UB 82 -110.16 -31.17 -105.26
C THR UB 82 -109.42 -29.84 -105.12
N PHE UB 83 -109.99 -28.92 -104.35
CA PHE UB 83 -109.35 -27.64 -104.06
C PHE UB 83 -108.50 -27.81 -102.82
N THR UB 84 -107.18 -27.99 -103.03
CA THR UB 84 -106.28 -28.27 -101.90
C THR UB 84 -106.19 -27.08 -100.94
N GLU UB 85 -106.20 -25.86 -101.48
CA GLU UB 85 -106.09 -24.68 -100.65
C GLU UB 85 -107.23 -23.72 -100.95
N PRO UB 86 -107.63 -22.91 -99.97
CA PRO UB 86 -108.76 -22.00 -100.19
C PRO UB 86 -108.48 -20.97 -101.26
N LEU UB 87 -109.51 -20.65 -102.03
CA LEU UB 87 -109.45 -19.53 -102.96
C LEU UB 87 -109.48 -18.23 -102.17
N VAL UB 88 -108.42 -17.43 -102.29
CA VAL UB 88 -108.25 -16.21 -101.52
C VAL UB 88 -108.20 -15.03 -102.48
N SER UB 89 -108.97 -13.99 -102.18
CA SER UB 89 -109.00 -12.79 -103.00
C SER UB 89 -108.88 -11.56 -102.10
N ASN UB 90 -108.08 -10.60 -102.54
CA ASN UB 90 -107.88 -9.35 -101.83
C ASN UB 90 -108.00 -8.18 -102.81
N VAL UB 91 -108.74 -7.16 -102.42
CA VAL UB 91 -108.86 -5.92 -103.18
C VAL UB 91 -108.66 -4.76 -102.22
N LYS UB 92 -107.83 -3.80 -102.62
CA LYS UB 92 -107.52 -2.65 -101.77
C LYS UB 92 -107.45 -1.42 -102.66
N ALA UB 93 -108.39 -0.50 -102.47
CA ALA UB 93 -108.43 0.74 -103.25
C ALA UB 93 -108.35 1.94 -102.32
N SER UB 94 -107.74 3.00 -102.81
CA SER UB 94 -107.63 4.24 -102.05
C SER UB 94 -107.48 5.40 -103.03
N SER UB 95 -108.28 6.44 -102.85
CA SER UB 95 -108.28 7.57 -103.77
C SER UB 95 -108.49 8.87 -102.99
N SER UB 96 -108.03 9.97 -103.58
CA SER UB 96 -108.18 11.29 -103.00
C SER UB 96 -108.36 12.31 -104.10
N ILE UB 97 -109.24 13.28 -103.86
CA ILE UB 97 -109.56 14.33 -104.81
C ILE UB 97 -109.43 15.67 -104.12
N GLY UB 98 -108.80 16.63 -104.79
CA GLY UB 98 -108.71 17.99 -104.27
C GLY UB 98 -109.03 19.03 -105.32
N LEU UB 99 -110.06 19.84 -105.07
CA LEU UB 99 -110.51 20.86 -106.00
C LEU UB 99 -110.39 22.22 -105.34
N GLN UB 100 -109.84 23.19 -106.07
CA GLN UB 100 -109.72 24.55 -105.58
C GLN UB 100 -110.13 25.52 -106.68
N ILE UB 101 -111.01 26.45 -106.34
CA ILE UB 101 -111.42 27.54 -107.24
C ILE UB 101 -111.02 28.84 -106.55
N LEU UB 102 -109.89 29.39 -106.98
CA LEU UB 102 -109.35 30.67 -106.50
C LEU UB 102 -109.22 30.59 -104.98
N LYS UB 103 -109.66 31.59 -104.22
CA LYS UB 103 -109.78 31.51 -102.78
C LYS UB 103 -111.24 31.45 -102.35
N HIS UB 104 -112.12 31.01 -103.25
CA HIS UB 104 -113.55 30.95 -103.00
C HIS UB 104 -114.08 29.55 -102.75
N PHE UB 105 -113.50 28.53 -103.39
CA PHE UB 105 -113.97 27.17 -103.20
C PHE UB 105 -112.77 26.27 -102.90
N ASP UB 106 -112.92 25.36 -101.94
CA ASP UB 106 -111.85 24.42 -101.61
C ASP UB 106 -112.47 23.15 -101.05
N SER UB 107 -112.43 22.07 -101.83
CA SER UB 107 -113.01 20.80 -101.41
C SER UB 107 -111.93 19.72 -101.43
N GLY UB 108 -111.91 18.90 -100.38
CA GLY UB 108 -111.01 17.76 -100.33
C GLY UB 108 -111.72 16.50 -99.89
N ALA UB 109 -111.74 15.49 -100.76
CA ALA UB 109 -112.40 14.24 -100.48
C ALA UB 109 -111.40 13.10 -100.56
N LYS UB 110 -111.70 12.01 -99.86
CA LYS UB 110 -110.86 10.83 -99.91
C LYS UB 110 -111.67 9.61 -99.54
N GLY UB 111 -111.29 8.48 -100.09
CA GLY UB 111 -112.00 7.24 -99.84
C GLY UB 111 -111.05 6.07 -99.86
N SER UB 112 -111.41 5.01 -99.16
CA SER UB 112 -110.61 3.79 -99.13
C SER UB 112 -111.53 2.59 -98.94
N LYS UB 113 -111.09 1.45 -99.45
CA LYS UB 113 -111.87 0.23 -99.39
C LYS UB 113 -110.92 -0.97 -99.32
N ASN UB 114 -111.25 -1.93 -98.47
CA ASN UB 114 -110.49 -3.16 -98.32
C ASN UB 114 -111.46 -4.33 -98.27
N PHE UB 115 -111.34 -5.25 -99.22
CA PHE UB 115 -112.27 -6.36 -99.39
C PHE UB 115 -111.48 -7.66 -99.45
N ILE UB 116 -111.86 -8.62 -98.59
CA ILE UB 116 -111.15 -9.89 -98.50
C ILE UB 116 -112.16 -11.03 -98.58
N THR UB 117 -111.84 -12.04 -99.37
CA THR UB 117 -112.72 -13.18 -99.56
C THR UB 117 -111.92 -14.47 -99.48
N SER UB 118 -112.50 -15.50 -98.87
CA SER UB 118 -111.88 -16.81 -98.78
C SER UB 118 -112.94 -17.89 -98.92
N ALA UB 119 -112.71 -18.84 -99.82
CA ALA UB 119 -113.64 -19.93 -100.03
C ALA UB 119 -112.89 -21.26 -99.97
N SER UB 120 -113.36 -22.16 -99.12
CA SER UB 120 -112.77 -23.49 -98.95
C SER UB 120 -113.85 -24.51 -99.30
N LEU UB 121 -113.78 -25.07 -100.49
CA LEU UB 121 -114.75 -26.04 -100.98
C LEU UB 121 -114.33 -27.48 -100.76
N GLY UB 122 -113.09 -27.73 -100.33
CA GLY UB 122 -112.66 -29.08 -100.07
C GLY UB 122 -112.67 -29.92 -101.34
N THR UB 123 -113.39 -31.04 -101.29
CA THR UB 123 -113.50 -31.97 -102.40
C THR UB 123 -114.90 -31.90 -102.99
N VAL UB 124 -114.98 -31.89 -104.31
CA VAL UB 124 -116.25 -31.87 -105.04
C VAL UB 124 -116.39 -33.18 -105.79
N VAL UB 125 -117.52 -33.85 -105.62
CA VAL UB 125 -117.82 -35.09 -106.30
C VAL UB 125 -118.94 -34.86 -107.29
N LYS UB 126 -119.12 -35.83 -108.19
CA LYS UB 126 -120.17 -35.79 -109.20
C LYS UB 126 -121.03 -37.03 -109.04
N ALA UB 127 -122.35 -36.81 -109.04
CA ALA UB 127 -123.33 -37.88 -108.89
C ALA UB 127 -124.19 -37.94 -110.15
N GLU UB 128 -124.44 -39.16 -110.63
CA GLU UB 128 -125.15 -39.38 -111.87
C GLU UB 128 -125.70 -40.79 -111.89
N THR UB 129 -126.68 -41.01 -112.77
CA THR UB 129 -127.28 -42.33 -112.92
C THR UB 129 -126.23 -43.36 -113.33
N ILE UB 130 -126.37 -44.57 -112.82
CA ILE UB 130 -125.42 -45.64 -113.15
C ILE UB 130 -125.45 -45.93 -114.65
N ASP UB 131 -126.64 -46.01 -115.22
CA ASP UB 131 -126.81 -46.24 -116.66
C ASP UB 131 -127.84 -45.26 -117.18
N ILE UB 132 -127.41 -44.38 -118.08
CA ILE UB 132 -128.32 -43.38 -118.64
C ILE UB 132 -129.03 -43.91 -119.89
N THR UB 133 -128.42 -44.85 -120.60
CA THR UB 133 -129.05 -45.39 -121.80
C THR UB 133 -130.38 -46.08 -121.48
N LYS UB 134 -130.41 -46.87 -120.40
CA LYS UB 134 -131.65 -47.53 -120.00
C LYS UB 134 -132.72 -46.51 -119.64
N VAL UB 135 -132.35 -45.47 -118.90
CA VAL UB 135 -133.29 -44.43 -118.53
C VAL UB 135 -133.85 -43.76 -119.77
N LEU UB 136 -132.98 -43.44 -120.73
CA LEU UB 136 -133.45 -42.80 -121.96
C LEU UB 136 -134.38 -43.71 -122.74
N ALA UB 137 -134.05 -44.99 -122.84
CA ALA UB 137 -134.90 -45.92 -123.56
C ALA UB 137 -136.29 -46.00 -122.93
N LYS UB 138 -136.31 -46.17 -121.60
CA LYS UB 138 -137.59 -46.26 -120.90
C LYS UB 138 -138.40 -44.97 -121.03
N VAL UB 139 -137.72 -43.82 -120.96
CA VAL UB 139 -138.43 -42.54 -121.16
C VAL UB 139 -139.07 -42.51 -122.53
N ARG UB 140 -138.31 -42.86 -123.56
CA ARG UB 140 -138.84 -42.82 -124.92
C ARG UB 140 -140.02 -43.77 -125.09
N THR UB 141 -139.99 -44.92 -124.41
CA THR UB 141 -141.08 -45.88 -124.53
C THR UB 141 -142.17 -45.69 -123.49
N ALA UB 142 -142.07 -44.68 -122.62
CA ALA UB 142 -143.02 -44.48 -121.54
C ALA UB 142 -143.82 -43.21 -121.76
N LYS UB 143 -145.07 -43.21 -121.29
CA LYS UB 143 -145.95 -42.06 -121.39
C LYS UB 143 -146.00 -41.30 -120.06
N ALA UB 144 -146.19 -39.98 -120.18
CA ALA UB 144 -146.25 -39.12 -119.00
C ALA UB 144 -147.57 -39.33 -118.25
N LYS UB 145 -147.64 -38.77 -117.05
CA LYS UB 145 -148.82 -38.90 -116.22
C LYS UB 145 -149.93 -37.98 -116.73
N VAL UB 146 -151.07 -38.58 -117.09
CA VAL UB 146 -152.19 -37.79 -117.60
C VAL UB 146 -152.72 -36.86 -116.52
N GLU UB 147 -152.76 -37.32 -115.27
CA GLU UB 147 -153.24 -36.50 -114.17
C GLU UB 147 -152.40 -35.24 -113.98
N ASN UB 148 -151.09 -35.33 -114.21
CA ASN UB 148 -150.20 -34.20 -113.94
C ASN UB 148 -150.60 -32.99 -114.78
N ASP UB 149 -150.62 -31.82 -114.13
CA ASP UB 149 -150.99 -30.57 -114.78
C ASP UB 149 -149.81 -29.88 -115.44
N LEU UB 150 -148.63 -29.98 -114.83
CA LEU UB 150 -147.43 -29.35 -115.38
C LEU UB 150 -147.16 -29.83 -116.80
N VAL UB 151 -147.25 -31.15 -117.03
CA VAL UB 151 -147.00 -31.70 -118.37
C VAL UB 151 -147.97 -31.11 -119.37
N SER UB 152 -149.25 -31.03 -119.01
CA SER UB 152 -150.25 -30.46 -119.92
C SER UB 152 -149.96 -29.00 -120.20
N ARG UB 153 -149.59 -28.25 -119.18
CA ARG UB 153 -149.22 -26.84 -119.37
C ARG UB 153 -148.07 -26.71 -120.37
N VAL UB 154 -147.01 -27.48 -120.17
CA VAL UB 154 -145.86 -27.42 -121.06
C VAL UB 154 -146.24 -27.86 -122.47
N MET UB 155 -147.13 -28.83 -122.60
CA MET UB 155 -147.57 -29.29 -123.91
C MET UB 155 -148.33 -28.19 -124.64
N LYS UB 156 -149.24 -27.52 -123.95
CA LYS UB 156 -150.07 -26.51 -124.63
C LYS UB 156 -149.26 -25.25 -124.92
N THR UB 157 -148.32 -24.89 -124.04
CA THR UB 157 -147.50 -23.72 -124.28
C THR UB 157 -146.33 -24.06 -125.20
N LYS UB 158 -145.85 -23.04 -125.91
CA LYS UB 158 -144.75 -23.21 -126.85
C LYS UB 158 -143.40 -22.76 -126.29
N ARG UB 159 -143.40 -21.80 -125.36
CA ARG UB 159 -142.14 -21.34 -124.80
C ARG UB 159 -141.57 -22.35 -123.82
N LEU UB 160 -142.42 -22.97 -123.01
CA LEU UB 160 -141.96 -23.86 -121.96
C LEU UB 160 -141.39 -25.15 -122.54
N CYS UB 161 -140.29 -25.62 -121.95
CA CYS UB 161 -139.69 -26.89 -122.31
C CYS UB 161 -139.33 -27.65 -121.03
N LEU UB 162 -139.26 -28.97 -121.13
CA LEU UB 162 -138.94 -29.82 -119.99
C LEU UB 162 -137.49 -30.29 -120.09
N GLY UB 163 -136.84 -30.39 -118.94
CA GLY UB 163 -135.48 -30.87 -118.89
C GLY UB 163 -135.23 -31.83 -117.74
N LEU UB 164 -134.54 -32.93 -118.01
CA LEU UB 164 -134.21 -33.94 -117.02
C LEU UB 164 -132.76 -33.75 -116.60
N VAL UB 165 -132.54 -33.57 -115.30
CA VAL UB 165 -131.19 -33.38 -114.78
C VAL UB 165 -130.48 -34.73 -114.71
N VAL UB 166 -129.26 -34.79 -115.22
CA VAL UB 166 -128.55 -36.06 -115.38
C VAL UB 166 -127.27 -36.13 -114.57
N GLU UB 167 -126.67 -35.01 -114.15
CA GLU UB 167 -125.46 -35.06 -113.35
C GLU UB 167 -125.40 -33.84 -112.45
N THR UB 168 -124.85 -34.02 -111.25
CA THR UB 168 -124.82 -32.94 -110.28
C THR UB 168 -123.49 -32.95 -109.53
N ALA UB 169 -122.93 -31.76 -109.30
CA ALA UB 169 -121.70 -31.60 -108.55
C ALA UB 169 -122.02 -31.17 -107.13
N CYS UB 170 -121.54 -31.94 -106.16
CA CYS UB 170 -121.85 -31.72 -104.75
C CYS UB 170 -120.58 -31.76 -103.91
N VAL UB 171 -120.55 -30.96 -102.85
CA VAL UB 171 -119.40 -30.94 -101.95
C VAL UB 171 -119.43 -32.18 -101.07
N ALA UB 172 -118.29 -32.87 -100.99
CA ALA UB 172 -118.21 -34.07 -100.16
C ALA UB 172 -118.25 -33.74 -98.68
N ALA UB 173 -117.59 -32.65 -98.27
CA ALA UB 173 -117.51 -32.25 -96.89
C ALA UB 173 -118.01 -30.82 -96.75
N ALA UB 174 -117.97 -30.31 -95.51
CA ALA UB 174 -118.45 -28.96 -95.24
C ALA UB 174 -117.57 -27.92 -95.94
N GLY UB 175 -118.21 -26.89 -96.48
CA GLY UB 175 -117.51 -25.82 -97.18
C GLY UB 175 -117.63 -24.51 -96.43
N LYS UB 176 -116.52 -23.78 -96.34
CA LYS UB 176 -116.45 -22.56 -95.54
C LYS UB 176 -116.28 -21.34 -96.42
N LEU UB 177 -117.12 -20.33 -96.21
CA LEU UB 177 -117.08 -19.10 -96.99
C LEU UB 177 -116.96 -17.91 -96.03
N THR UB 178 -115.91 -17.11 -96.20
CA THR UB 178 -115.64 -15.98 -95.33
C THR UB 178 -115.43 -14.71 -96.15
N GLU UB 179 -116.00 -13.60 -95.68
CA GLU UB 179 -115.90 -12.31 -96.36
C GLU UB 179 -115.73 -11.21 -95.33
N ALA UB 180 -114.83 -10.27 -95.62
CA ALA UB 180 -114.58 -9.13 -94.76
C ALA UB 180 -114.53 -7.86 -95.60
N ASP UB 181 -115.19 -6.80 -95.13
CA ASP UB 181 -115.28 -5.54 -95.84
C ASP UB 181 -114.99 -4.41 -94.87
N ASN UB 182 -114.15 -3.45 -95.29
CA ASN UB 182 -113.87 -2.27 -94.48
C ASN UB 182 -113.69 -1.09 -95.42
N TRP UB 183 -114.63 -0.14 -95.40
CA TRP UB 183 -114.47 1.01 -96.28
C TRP UB 183 -114.77 2.29 -95.53
N GLU UB 184 -114.19 3.39 -96.02
CA GLU UB 184 -114.19 4.66 -95.30
C GLU UB 184 -114.22 5.81 -96.29
N ILE UB 185 -114.97 6.87 -95.93
CA ILE UB 185 -115.10 8.08 -96.72
C ILE UB 185 -114.86 9.28 -95.80
N SER UB 186 -114.04 10.22 -96.24
CA SER UB 186 -113.79 11.45 -95.51
C SER UB 186 -113.82 12.63 -96.47
N GLY UB 187 -114.75 13.55 -96.27
CA GLY UB 187 -114.90 14.68 -97.16
C GLY UB 187 -114.95 15.99 -96.39
N HIS UB 188 -114.49 17.04 -97.06
CA HIS UB 188 -114.43 18.38 -96.48
C HIS UB 188 -114.71 19.41 -97.56
N THR UB 189 -115.47 20.44 -97.20
CA THR UB 189 -115.86 21.49 -98.14
C THR UB 189 -115.70 22.84 -97.45
N ASN UB 190 -115.13 23.81 -98.17
CA ASN UB 190 -114.95 25.17 -97.66
C ASN UB 190 -115.36 26.14 -98.76
N ALA UB 191 -116.48 26.82 -98.55
CA ALA UB 191 -116.97 27.84 -99.46
C ALA UB 191 -116.78 29.20 -98.80
N ASN UB 192 -115.79 29.95 -99.26
CA ASN UB 192 -115.48 31.27 -98.73
C ASN UB 192 -116.01 32.33 -99.69
N ILE UB 193 -116.88 33.21 -99.18
CA ILE UB 193 -117.43 34.31 -99.95
C ILE UB 193 -117.19 35.59 -99.15
N GLY UB 194 -117.32 36.73 -99.83
CA GLY UB 194 -117.06 38.00 -99.19
C GLY UB 194 -117.90 38.24 -97.95
N GLU UB 195 -119.13 37.73 -97.93
CA GLU UB 195 -120.02 37.91 -96.79
C GLU UB 195 -120.51 36.59 -96.20
N ALA UB 196 -119.94 35.46 -96.63
CA ALA UB 196 -120.37 34.16 -96.13
C ALA UB 196 -119.19 33.21 -96.10
N VAL UB 197 -119.10 32.42 -95.04
CA VAL UB 197 -118.08 31.38 -94.89
C VAL UB 197 -118.78 30.11 -94.44
N VAL UB 198 -118.63 29.04 -95.22
CA VAL UB 198 -119.23 27.74 -94.91
C VAL UB 198 -118.11 26.70 -94.86
N THR UB 199 -118.08 25.93 -93.77
CA THR UB 199 -117.08 24.88 -93.58
C THR UB 199 -117.78 23.61 -93.13
N ALA UB 200 -117.86 22.63 -94.02
CA ALA UB 200 -118.53 21.37 -93.75
C ALA UB 200 -117.53 20.22 -93.78
N THR UB 201 -117.77 19.21 -92.96
CA THR UB 201 -116.90 18.05 -92.88
C THR UB 201 -117.74 16.82 -92.56
N ALA UB 202 -117.42 15.70 -93.18
CA ALA UB 202 -118.16 14.46 -92.95
C ALA UB 202 -117.23 13.26 -93.05
N GLU UB 203 -117.24 12.41 -92.02
CA GLU UB 203 -116.44 11.20 -92.00
C GLU UB 203 -117.33 10.02 -91.66
N LEU UB 204 -117.14 8.91 -92.37
CA LEU UB 204 -117.86 7.69 -92.03
C LEU UB 204 -117.03 6.49 -92.45
N ASP UB 205 -117.33 5.34 -91.84
CA ASP UB 205 -116.63 4.11 -92.16
C ASP UB 205 -117.49 2.93 -91.73
N LYS UB 206 -117.58 1.92 -92.59
CA LYS UB 206 -118.38 0.73 -92.35
C LYS UB 206 -117.48 -0.51 -92.38
N ASN UB 207 -117.74 -1.42 -91.45
CA ASN UB 207 -117.02 -2.69 -91.34
C ASN UB 207 -118.02 -3.82 -91.26
N LEU UB 208 -117.84 -4.83 -92.09
CA LEU UB 208 -118.72 -6.00 -92.14
C LEU UB 208 -117.89 -7.28 -92.20
N SER UB 209 -118.44 -8.36 -91.69
CA SER UB 209 -117.79 -9.67 -91.76
C SER UB 209 -118.86 -10.75 -91.74
N ARG UB 210 -118.84 -11.62 -92.73
CA ARG UB 210 -119.82 -12.69 -92.85
C ARG UB 210 -119.09 -14.02 -93.06
N LYS UB 211 -119.42 -15.02 -92.23
CA LYS UB 211 -118.78 -16.32 -92.31
C LYS UB 211 -119.85 -17.40 -92.21
N ILE UB 212 -119.94 -18.26 -93.23
CA ILE UB 212 -120.94 -19.32 -93.27
C ILE UB 212 -120.26 -20.63 -93.64
N GLU UB 213 -121.00 -21.72 -93.44
CA GLU UB 213 -120.49 -23.07 -93.70
C GLU UB 213 -121.62 -23.92 -94.27
N ILE UB 214 -121.54 -24.23 -95.56
CA ILE UB 214 -122.52 -25.11 -96.20
C ILE UB 214 -122.23 -26.55 -95.80
N PRO UB 215 -123.27 -27.36 -95.57
CA PRO UB 215 -123.06 -28.72 -95.09
C PRO UB 215 -122.73 -29.67 -96.24
N PRO UB 216 -122.24 -30.86 -95.95
CA PRO UB 216 -121.97 -31.83 -97.02
C PRO UB 216 -123.23 -32.19 -97.79
N GLY UB 217 -123.08 -32.41 -99.09
CA GLY UB 217 -124.17 -32.78 -99.95
C GLY UB 217 -124.81 -31.63 -100.71
N THR UB 218 -124.43 -30.39 -100.40
CA THR UB 218 -125.01 -29.24 -101.09
C THR UB 218 -124.61 -29.25 -102.56
N ALA UB 219 -125.61 -29.11 -103.44
CA ALA UB 219 -125.34 -29.11 -104.87
C ALA UB 219 -124.74 -27.78 -105.29
N LEU UB 220 -123.85 -27.84 -106.28
CA LEU UB 220 -123.20 -26.64 -106.82
C LEU UB 220 -123.57 -26.35 -108.26
N ALA UB 221 -123.64 -27.36 -109.12
CA ALA UB 221 -123.92 -27.16 -110.53
C ALA UB 221 -124.52 -28.43 -111.10
N TYR UB 222 -125.11 -28.31 -112.29
CA TYR UB 222 -125.83 -29.43 -112.87
C TYR UB 222 -125.86 -29.28 -114.39
N SER UB 223 -126.19 -30.38 -115.06
CA SER UB 223 -126.42 -30.41 -116.50
C SER UB 223 -127.68 -31.21 -116.77
N PHE UB 224 -128.40 -30.85 -117.83
CA PHE UB 224 -129.69 -31.47 -118.09
C PHE UB 224 -129.86 -31.73 -119.58
N MET UB 225 -130.79 -32.64 -119.89
CA MET UB 225 -131.14 -33.00 -121.26
C MET UB 225 -132.58 -32.61 -121.54
N ASP UB 226 -132.83 -32.09 -122.74
CA ASP UB 226 -134.16 -31.60 -123.08
C ASP UB 226 -135.11 -32.75 -123.39
N LEU UB 227 -136.40 -32.45 -123.30
CA LEU UB 227 -137.46 -33.40 -123.58
C LEU UB 227 -138.54 -32.72 -124.43
N GLU UB 228 -139.46 -33.54 -124.93
CA GLU UB 228 -140.54 -33.06 -125.78
C GLU UB 228 -141.77 -33.93 -125.58
N ILE UB 229 -142.90 -33.29 -125.28
CA ILE UB 229 -144.17 -33.99 -125.11
C ILE UB 229 -144.79 -34.23 -126.48
N LEU UB 230 -145.09 -35.50 -126.79
CA LEU UB 230 -145.82 -35.80 -128.02
C LEU UB 230 -147.27 -35.34 -127.89
N GLU UB 231 -148.05 -35.54 -128.96
CA GLU UB 231 -149.48 -35.30 -128.90
C GLU UB 231 -150.10 -36.09 -127.76
N ASP UB 232 -149.75 -37.37 -127.66
CA ASP UB 232 -150.14 -38.19 -126.52
C ASP UB 232 -149.27 -37.87 -125.31
N ARG UB 233 -149.45 -38.63 -124.23
CA ARG UB 233 -148.61 -38.47 -123.05
C ARG UB 233 -147.19 -38.96 -123.28
N SER UB 234 -146.90 -39.57 -124.42
CA SER UB 234 -145.56 -40.06 -124.71
C SER UB 234 -144.53 -38.93 -124.68
N LEU UB 235 -143.31 -39.28 -124.27
CA LEU UB 235 -142.21 -38.33 -124.20
C LEU UB 235 -141.09 -38.75 -125.13
N ARG UB 236 -140.39 -37.76 -125.68
CA ARG UB 236 -139.27 -37.99 -126.58
C ARG UB 236 -138.10 -37.12 -126.16
N VAL UB 237 -136.90 -37.52 -126.56
CA VAL UB 237 -135.70 -36.74 -126.25
C VAL UB 237 -135.33 -35.93 -127.49
N SER UB 238 -134.87 -34.71 -127.27
CA SER UB 238 -134.55 -33.78 -128.34
C SER UB 238 -133.11 -33.31 -128.22
N SER UB 239 -132.42 -33.21 -129.35
CA SER UB 239 -131.01 -32.82 -129.39
C SER UB 239 -130.83 -31.67 -130.36
N SER UB 240 -130.40 -30.52 -129.83
CA SER UB 240 -130.06 -29.38 -130.67
C SER UB 240 -128.68 -29.62 -131.28
N ALA UB 241 -128.64 -29.91 -132.58
CA ALA UB 241 -127.40 -30.25 -133.28
C ALA UB 241 -126.71 -31.45 -132.64
N GLY UB 242 -127.50 -32.37 -132.09
CA GLY UB 242 -126.95 -33.57 -131.48
C GLY UB 242 -126.22 -33.36 -130.17
N ALA UB 243 -126.45 -32.22 -129.50
CA ALA UB 243 -125.74 -31.94 -128.26
C ALA UB 243 -126.14 -32.92 -127.16
N MET UB 244 -127.44 -33.06 -126.92
CA MET UB 244 -128.00 -33.88 -125.84
C MET UB 244 -127.46 -33.48 -124.47
N PHE UB 245 -126.90 -32.28 -124.34
CA PHE UB 245 -126.40 -31.77 -123.07
C PHE UB 245 -126.59 -30.26 -123.09
N ASP UB 246 -127.65 -29.78 -122.45
CA ASP UB 246 -127.98 -28.37 -122.48
C ASP UB 246 -127.46 -27.69 -121.22
N SER UB 247 -126.76 -26.57 -121.41
CA SER UB 247 -126.21 -25.80 -120.30
C SER UB 247 -126.93 -24.48 -120.10
N GLY UB 248 -128.15 -24.36 -120.63
CA GLY UB 248 -128.89 -23.11 -120.53
C GLY UB 248 -128.20 -21.96 -121.24
N LYS UB 249 -127.62 -22.24 -122.40
CA LYS UB 249 -126.88 -21.23 -123.17
C LYS UB 249 -127.74 -20.75 -124.33
N ALA UB 250 -127.49 -19.50 -124.73
CA ALA UB 250 -128.19 -18.95 -125.89
C ALA UB 250 -127.76 -19.65 -127.16
N GLU UB 251 -128.68 -19.69 -128.13
CA GLU UB 251 -128.38 -20.36 -129.40
C GLU UB 251 -127.23 -19.67 -130.13
N SER UB 252 -127.21 -18.34 -130.13
CA SER UB 252 -126.16 -17.54 -130.77
C SER UB 252 -126.02 -17.90 -132.25
CA ARG VB 3 -107.81 -18.78 -119.29
C ARG VB 3 -107.79 -19.80 -118.14
N PRO VB 4 -108.69 -20.79 -118.22
CA PRO VB 4 -108.73 -21.82 -117.17
C PRO VB 4 -107.41 -22.58 -117.09
N MET VB 5 -107.04 -22.93 -115.86
CA MET VB 5 -105.80 -23.66 -115.64
C MET VB 5 -105.84 -25.02 -116.33
N PHE VB 6 -106.99 -25.70 -116.29
CA PHE VB 6 -107.09 -26.99 -116.95
C PHE VB 6 -106.87 -26.85 -118.45
N ALA VB 7 -107.47 -25.83 -119.07
CA ALA VB 7 -107.26 -25.62 -120.50
C ALA VB 7 -105.82 -25.29 -120.82
N VAL VB 8 -105.18 -24.47 -119.98
CA VAL VB 8 -103.78 -24.12 -120.20
C VAL VB 8 -102.90 -25.37 -120.10
N ALA VB 9 -103.14 -26.20 -119.09
CA ALA VB 9 -102.35 -27.42 -118.94
C ALA VB 9 -102.59 -28.38 -120.08
N VAL VB 10 -103.83 -28.48 -120.56
CA VAL VB 10 -104.12 -29.35 -121.70
C VAL VB 10 -103.38 -28.87 -122.93
N ASN VB 11 -103.37 -27.56 -123.17
CA ASN VB 11 -102.64 -27.02 -124.31
C ASN VB 11 -101.14 -27.28 -124.18
N GLU VB 12 -100.59 -27.10 -122.98
CA GLU VB 12 -99.17 -27.37 -122.78
C GLU VB 12 -98.84 -28.83 -123.06
N PHE VB 13 -99.66 -29.74 -122.55
CA PHE VB 13 -99.43 -31.17 -122.78
C PHE VB 13 -99.53 -31.52 -124.26
N ILE VB 14 -100.56 -31.01 -124.93
CA ILE VB 14 -100.76 -31.37 -126.33
C ILE VB 14 -99.67 -30.78 -127.19
N ARG VB 15 -99.12 -29.62 -126.81
CA ARG VB 15 -97.98 -29.08 -127.55
C ARG VB 15 -96.72 -29.91 -127.32
N SER VB 16 -96.43 -30.25 -126.05
CA SER VB 16 -95.22 -31.00 -125.76
C SER VB 16 -95.25 -32.38 -126.39
N ALA VB 17 -96.39 -33.06 -126.33
CA ALA VB 17 -96.54 -34.39 -126.91
C ALA VB 17 -97.81 -34.45 -127.72
N GLY VB 18 -97.73 -35.05 -128.90
CA GLY VB 18 -98.91 -35.21 -129.74
C GLY VB 18 -99.52 -33.93 -130.25
N GLN VB 19 -98.68 -33.02 -130.78
CA GLN VB 19 -99.20 -31.78 -131.33
C GLN VB 19 -100.11 -32.04 -132.52
N ASP VB 20 -99.91 -33.15 -133.22
CA ASP VB 20 -100.77 -33.56 -134.31
C ASP VB 20 -101.59 -34.78 -133.89
N SER VB 21 -102.77 -34.91 -134.51
CA SER VB 21 -103.67 -36.04 -134.27
C SER VB 21 -104.06 -36.14 -132.80
N LEU VB 22 -104.47 -35.01 -132.21
CA LEU VB 22 -104.88 -34.98 -130.82
C LEU VB 22 -105.79 -33.77 -130.60
N CYS VB 23 -106.88 -33.98 -129.86
CA CYS VB 23 -107.87 -32.94 -129.59
C CYS VB 23 -107.93 -32.69 -128.09
N GLY VB 24 -107.85 -31.41 -127.71
CA GLY VB 24 -107.93 -31.06 -126.31
C GLY VB 24 -109.30 -31.33 -125.73
N VAL VB 25 -109.32 -31.52 -124.41
CA VAL VB 25 -110.57 -31.76 -123.67
C VAL VB 25 -111.15 -30.41 -123.23
N PRO VB 26 -112.43 -30.15 -123.48
CA PRO VB 26 -112.98 -28.83 -123.16
C PRO VB 26 -112.96 -28.49 -121.68
N ASP VB 27 -113.33 -29.43 -120.81
CA ASP VB 27 -113.39 -29.14 -119.38
C ASP VB 27 -113.32 -30.42 -118.59
N ILE VB 28 -113.05 -30.27 -117.28
CA ILE VB 28 -112.89 -31.42 -116.41
C ILE VB 28 -114.18 -32.22 -116.33
N ASN VB 29 -115.33 -31.53 -116.26
CA ASN VB 29 -116.61 -32.21 -116.13
C ASN VB 29 -116.87 -33.12 -117.33
N SER VB 30 -116.60 -32.64 -118.53
CA SER VB 30 -116.85 -33.40 -119.74
C SER VB 30 -115.66 -34.25 -120.16
N SER VB 31 -114.57 -34.25 -119.38
CA SER VB 31 -113.42 -35.08 -119.71
C SER VB 31 -113.79 -36.55 -119.72
N GLY VB 32 -114.68 -36.98 -118.83
CA GLY VB 32 -115.02 -38.39 -118.73
C GLY VB 32 -115.86 -38.92 -119.86
N ASP VB 33 -116.37 -38.05 -120.73
CA ASP VB 33 -117.19 -38.48 -121.85
C ASP VB 33 -116.39 -38.74 -123.11
N PHE VB 34 -115.06 -38.62 -123.05
CA PHE VB 34 -114.19 -38.82 -124.22
C PHE VB 34 -113.29 -40.03 -124.04
N MET VB 35 -113.77 -41.05 -123.35
CA MET VB 35 -113.05 -42.30 -123.23
C MET VB 35 -113.18 -43.10 -124.52
N PRO VB 36 -112.31 -44.09 -124.74
CA PRO VB 36 -112.37 -44.86 -125.98
C PRO VB 36 -113.71 -45.54 -126.18
N LEU VB 37 -114.10 -45.69 -127.44
CA LEU VB 37 -115.36 -46.31 -127.85
C LEU VB 37 -116.55 -45.45 -127.41
N HIS VB 38 -116.45 -44.15 -127.65
CA HIS VB 38 -117.54 -43.21 -127.41
C HIS VB 38 -117.89 -42.49 -128.70
N ILE VB 39 -119.17 -42.20 -128.87
CA ILE VB 39 -119.68 -41.52 -130.06
C ILE VB 39 -119.69 -40.02 -129.79
N ILE VB 40 -119.19 -39.24 -130.76
CA ILE VB 40 -119.23 -37.79 -130.71
C ILE VB 40 -119.80 -37.27 -132.02
N VAL VB 41 -120.28 -36.03 -131.99
CA VAL VB 41 -120.88 -35.39 -133.15
C VAL VB 41 -119.99 -34.23 -133.58
N LYS VB 42 -119.74 -34.14 -134.88
CA LYS VB 42 -118.92 -33.08 -135.46
C LYS VB 42 -119.79 -32.19 -136.33
N GLU VB 43 -119.70 -30.88 -136.12
CA GLU VB 43 -120.45 -29.88 -136.86
C GLU VB 43 -119.49 -29.01 -137.64
N VAL VB 44 -119.78 -28.83 -138.93
CA VAL VB 44 -118.93 -28.05 -139.82
C VAL VB 44 -119.07 -26.56 -139.49
N PRO VB 45 -118.05 -25.74 -139.76
CA PRO VB 45 -118.16 -24.30 -139.44
C PRO VB 45 -119.30 -23.61 -140.18
N LYS VB 46 -119.61 -24.03 -141.40
CA LYS VB 46 -120.66 -23.48 -142.27
C LYS VB 46 -120.34 -22.08 -142.77
N VAL VB 47 -119.22 -21.48 -142.36
CA VAL VB 47 -118.83 -20.16 -142.83
C VAL VB 47 -117.52 -20.26 -143.59
N LEU VB 48 -116.48 -20.73 -142.92
CA LEU VB 48 -115.17 -20.95 -143.51
C LEU VB 48 -114.73 -22.36 -143.14
N PRO VB 49 -115.31 -23.39 -143.78
CA PRO VB 49 -114.97 -24.77 -143.40
C PRO VB 49 -113.49 -25.10 -143.54
N CYS VB 50 -112.82 -24.56 -144.55
CA CYS VB 50 -111.40 -24.83 -144.74
C CYS VB 50 -110.51 -23.94 -143.90
N CYS VB 51 -111.06 -22.93 -143.24
CA CYS VB 51 -110.27 -22.01 -142.43
C CYS VB 51 -110.55 -22.10 -140.94
N ARG VB 52 -111.64 -22.74 -140.53
CA ARG VB 52 -112.03 -22.83 -139.14
C ARG VB 52 -112.18 -24.28 -138.74
N ARG VB 53 -111.71 -24.63 -137.54
CA ARG VB 53 -111.85 -25.98 -137.04
C ARG VB 53 -113.31 -26.27 -136.66
N PRO VB 54 -113.78 -27.49 -136.86
CA PRO VB 54 -115.18 -27.81 -136.58
C PRO VB 54 -115.52 -27.82 -135.10
N LYS VB 55 -116.78 -28.06 -134.77
CA LYS VB 55 -117.26 -28.07 -133.40
C LYS VB 55 -117.58 -29.50 -132.98
N ILE VB 56 -117.09 -29.89 -131.82
CA ILE VB 56 -117.21 -31.26 -131.33
C ILE VB 56 -118.17 -31.29 -130.14
N LYS VB 57 -119.17 -32.16 -130.22
CA LYS VB 57 -120.21 -32.29 -129.21
C LYS VB 57 -120.19 -33.69 -128.64
N ARG VB 58 -120.17 -33.80 -127.30
CA ARG VB 58 -120.20 -35.09 -126.64
C ARG VB 58 -121.61 -35.64 -126.59
N THR VB 59 -121.71 -36.96 -126.58
CA THR VB 59 -122.99 -37.65 -126.49
C THR VB 59 -122.90 -38.76 -125.46
N PRO VB 60 -124.02 -39.10 -124.80
CA PRO VB 60 -124.01 -40.17 -123.80
C PRO VB 60 -124.28 -41.54 -124.42
N TYR VB 61 -123.43 -41.93 -125.37
CA TYR VB 61 -123.60 -43.18 -126.08
C TYR VB 61 -122.26 -43.88 -126.25
N THR VB 62 -122.29 -45.20 -126.25
CA THR VB 62 -121.15 -46.02 -126.62
C THR VB 62 -121.47 -46.74 -127.93
N LEU VB 63 -120.44 -47.40 -128.48
CA LEU VB 63 -120.60 -48.09 -129.75
C LEU VB 63 -121.63 -49.20 -129.65
N ASN VB 64 -121.59 -49.98 -128.56
CA ASN VB 64 -122.52 -51.10 -128.42
C ASN VB 64 -123.96 -50.60 -128.26
N ASP VB 65 -124.15 -49.46 -127.58
CA ASP VB 65 -125.48 -48.90 -127.45
C ASP VB 65 -125.98 -48.36 -128.80
N ILE VB 66 -125.11 -47.68 -129.54
CA ILE VB 66 -125.54 -47.07 -130.79
C ILE VB 66 -125.77 -48.13 -131.87
N LEU VB 67 -125.13 -49.29 -131.74
CA LEU VB 67 -125.23 -50.34 -132.75
C LEU VB 67 -126.21 -51.42 -132.31
N ASP VB 68 -127.00 -51.91 -133.26
CA ASP VB 68 -127.86 -53.05 -133.00
C ASP VB 68 -127.04 -54.29 -132.67
N GLU VB 69 -125.95 -54.51 -133.41
CA GLU VB 69 -125.08 -55.66 -133.18
C GLU VB 69 -123.90 -55.24 -132.32
N PRO VB 70 -123.67 -55.89 -131.18
CA PRO VB 70 -122.55 -55.48 -130.32
C PRO VB 70 -121.20 -55.84 -130.92
N CYS VB 71 -120.17 -55.17 -130.42
CA CYS VB 71 -118.79 -55.35 -130.84
C CYS VB 71 -117.94 -55.56 -129.60
N PRO VB 72 -116.79 -56.23 -129.74
CA PRO VB 72 -115.86 -56.35 -128.61
C PRO VB 72 -115.41 -54.97 -128.14
N ASN VB 73 -115.23 -54.84 -126.82
CA ASN VB 73 -114.97 -53.53 -126.22
C ASN VB 73 -113.83 -53.55 -125.21
N GLN VB 74 -113.01 -54.61 -125.18
CA GLN VB 74 -111.91 -54.66 -124.22
C GLN VB 74 -110.88 -53.59 -124.53
N LEU VB 75 -110.24 -53.09 -123.49
CA LEU VB 75 -109.29 -51.99 -123.60
C LEU VB 75 -107.94 -52.38 -123.01
N LYS VB 76 -106.94 -51.55 -123.27
CA LYS VB 76 -105.61 -51.72 -122.71
C LYS VB 76 -104.96 -50.35 -122.61
N SER VB 77 -104.04 -50.22 -121.66
CA SER VB 77 -103.36 -48.95 -121.40
C SER VB 77 -101.86 -49.16 -121.32
N SER VB 78 -101.12 -48.13 -121.72
CA SER VB 78 -99.66 -48.16 -121.69
C SER VB 78 -99.13 -46.75 -121.54
N ASP VB 79 -97.92 -46.64 -121.00
CA ASP VB 79 -97.35 -45.32 -120.72
C ASP VB 79 -97.09 -44.55 -122.01
N LEU VB 80 -97.27 -43.24 -121.93
CA LEU VB 80 -97.06 -42.36 -123.08
C LEU VB 80 -95.95 -41.35 -122.87
N VAL VB 81 -95.99 -40.58 -121.77
CA VAL VB 81 -95.00 -39.56 -121.48
C VAL VB 81 -94.97 -39.36 -119.97
N THR VB 82 -93.87 -38.78 -119.48
CA THR VB 82 -93.66 -38.58 -118.05
C THR VB 82 -93.03 -37.20 -117.84
N PHE VB 83 -93.76 -36.32 -117.16
CA PHE VB 83 -93.24 -35.00 -116.80
C PHE VB 83 -92.53 -35.12 -115.46
N THR VB 84 -91.20 -35.20 -115.49
CA THR VB 84 -90.45 -35.42 -114.26
C THR VB 84 -90.55 -34.23 -113.31
N GLU VB 85 -90.56 -33.01 -113.85
CA GLU VB 85 -90.63 -31.82 -113.03
C GLU VB 85 -91.79 -30.94 -113.49
N PRO VB 86 -92.36 -30.15 -112.57
CA PRO VB 86 -93.51 -29.32 -112.94
C PRO VB 86 -93.15 -28.27 -113.99
N LEU VB 87 -94.09 -28.02 -114.89
CA LEU VB 87 -93.99 -26.91 -115.82
C LEU VB 87 -94.21 -25.61 -115.05
N VAL VB 88 -93.20 -24.74 -115.04
CA VAL VB 88 -93.21 -23.51 -114.27
C VAL VB 88 -93.10 -22.34 -115.23
N SER VB 89 -93.97 -21.35 -115.04
CA SER VB 89 -93.98 -20.15 -115.87
C SER VB 89 -94.05 -18.91 -114.98
N ASN VB 90 -93.25 -17.91 -115.33
CA ASN VB 90 -93.23 -16.64 -114.61
C ASN VB 90 -93.30 -15.49 -115.61
N VAL VB 91 -94.15 -14.52 -115.33
CA VAL VB 91 -94.25 -13.29 -116.12
C VAL VB 91 -94.23 -12.12 -115.15
N LYS VB 92 -93.43 -11.11 -115.46
CA LYS VB 92 -93.32 -9.94 -114.58
C LYS VB 92 -93.20 -8.71 -115.46
N ALA VB 93 -94.21 -7.85 -115.41
CA ALA VB 93 -94.24 -6.62 -116.21
C ALA VB 93 -94.36 -5.41 -115.29
N SER VB 94 -93.75 -4.31 -115.71
CA SER VB 94 -93.82 -3.07 -114.96
C SER VB 94 -93.61 -1.91 -115.92
N SER VB 95 -94.50 -0.91 -115.85
CA SER VB 95 -94.45 0.21 -116.78
C SER VB 95 -94.84 1.49 -116.05
N SER VB 96 -94.39 2.61 -116.59
CA SER VB 96 -94.70 3.93 -116.04
C SER VB 96 -94.80 4.93 -117.17
N ILE VB 97 -95.76 5.84 -117.06
CA ILE VB 97 -96.02 6.87 -118.06
C ILE VB 97 -96.06 8.22 -117.37
N GLY VB 98 -95.42 9.21 -117.97
CA GLY VB 98 -95.47 10.57 -117.46
C GLY VB 98 -95.73 11.59 -118.54
N LEU VB 99 -96.83 12.33 -118.44
CA LEU VB 99 -97.23 13.32 -119.43
C LEU VB 99 -97.27 14.69 -118.78
N GLN VB 100 -96.69 15.69 -119.44
CA GLN VB 100 -96.74 17.05 -118.96
C GLN VB 100 -97.06 18.00 -120.10
N ILE VB 101 -98.04 18.86 -119.90
CA ILE VB 101 -98.39 19.92 -120.86
C ILE VB 101 -98.16 21.24 -120.13
N LEU VB 102 -97.02 21.87 -120.42
CA LEU VB 102 -96.63 23.18 -119.89
C LEU VB 102 -96.69 23.11 -118.37
N LYS VB 103 -97.28 24.08 -117.69
CA LYS VB 103 -97.59 24.00 -116.27
C LYS VB 103 -99.09 23.84 -116.03
N HIS VB 104 -99.82 23.35 -117.03
CA HIS VB 104 -101.26 23.21 -116.95
C HIS VB 104 -101.72 21.77 -116.77
N PHE VB 105 -101.01 20.79 -117.31
CA PHE VB 105 -101.40 19.39 -117.16
C PHE VB 105 -100.19 18.58 -116.70
N ASP VB 106 -100.42 17.67 -115.76
CA ASP VB 106 -99.33 16.80 -115.29
C ASP VB 106 -99.94 15.49 -114.80
N SER VB 107 -99.73 14.42 -115.55
CA SER VB 107 -100.27 13.11 -115.20
C SER VB 107 -99.13 12.10 -115.07
N GLY VB 108 -99.19 11.29 -114.02
CA GLY VB 108 -98.24 10.21 -113.83
C GLY VB 108 -98.92 8.91 -113.48
N ALA VB 109 -98.76 7.90 -114.33
CA ALA VB 109 -99.38 6.60 -114.12
C ALA VB 109 -98.31 5.53 -114.05
N LYS VB 110 -98.63 4.43 -113.39
CA LYS VB 110 -97.69 3.31 -113.32
C LYS VB 110 -98.48 2.04 -113.03
N GLY VB 111 -97.97 0.93 -113.53
CA GLY VB 111 -98.61 -0.35 -113.35
C GLY VB 111 -97.59 -1.46 -113.24
N SER VB 112 -97.98 -2.53 -112.58
CA SER VB 112 -97.12 -3.70 -112.43
C SER VB 112 -97.97 -4.95 -112.35
N LYS VB 113 -97.39 -6.07 -112.78
CA LYS VB 113 -98.10 -7.34 -112.80
C LYS VB 113 -97.10 -8.47 -112.62
N ASN VB 114 -97.47 -9.44 -111.79
CA ASN VB 114 -96.66 -10.63 -111.53
C ASN VB 114 -97.55 -11.85 -111.59
N PHE VB 115 -97.25 -12.77 -112.50
CA PHE VB 115 -98.08 -13.93 -112.78
C PHE VB 115 -97.21 -15.18 -112.73
N ILE VB 116 -97.63 -16.16 -111.92
CA ILE VB 116 -96.86 -17.38 -111.72
C ILE VB 116 -97.77 -18.58 -111.91
N THR VB 117 -97.29 -19.58 -112.66
CA THR VB 117 -98.07 -20.78 -112.94
C THR VB 117 -97.20 -22.01 -112.73
N SER VB 118 -97.79 -23.07 -112.19
CA SER VB 118 -97.10 -24.34 -112.00
C SER VB 118 -98.07 -25.48 -112.26
N ALA VB 119 -97.66 -26.42 -113.12
CA ALA VB 119 -98.49 -27.57 -113.44
C ALA VB 119 -97.67 -28.85 -113.27
N SER VB 120 -98.19 -29.77 -112.48
CA SER VB 120 -97.54 -31.06 -112.22
C SER VB 120 -98.50 -32.15 -112.68
N LEU VB 121 -98.24 -32.71 -113.86
CA LEU VB 121 -99.08 -33.74 -114.45
C LEU VB 121 -98.60 -35.15 -114.16
N GLY VB 122 -97.42 -35.32 -113.57
CA GLY VB 122 -96.93 -36.64 -113.26
C GLY VB 122 -96.73 -37.48 -114.50
N THR VB 123 -97.38 -38.65 -114.52
CA THR VB 123 -97.29 -39.59 -115.63
C THR VB 123 -98.60 -39.61 -116.40
N VAL VB 124 -98.51 -39.61 -117.72
CA VAL VB 124 -99.68 -39.67 -118.60
C VAL VB 124 -99.64 -40.99 -119.35
N VAL VB 125 -100.74 -41.72 -119.31
CA VAL VB 125 -100.86 -42.99 -120.01
C VAL VB 125 -101.87 -42.84 -121.14
N LYS VB 126 -101.87 -43.81 -122.05
CA LYS VB 126 -102.78 -43.84 -123.17
C LYS VB 126 -103.58 -45.14 -123.11
N ALA VB 127 -104.90 -45.01 -123.28
CA ALA VB 127 -105.82 -46.14 -123.25
C ALA VB 127 -106.50 -46.25 -124.60
N GLU VB 128 -106.61 -47.49 -125.09
CA GLU VB 128 -107.15 -47.75 -126.41
C GLU VB 128 -107.60 -49.20 -126.48
N THR VB 129 -108.44 -49.49 -127.49
CA THR VB 129 -108.92 -50.84 -127.69
C THR VB 129 -107.76 -51.80 -127.95
N ILE VB 130 -107.90 -53.02 -127.45
CA ILE VB 130 -106.85 -54.02 -127.65
C ILE VB 130 -106.67 -54.32 -129.13
N ASP VB 131 -107.78 -54.49 -129.86
CA ASP VB 131 -107.74 -54.73 -131.29
C ASP VB 131 -108.76 -53.82 -131.95
N ILE VB 132 -108.27 -52.91 -132.80
CA ILE VB 132 -109.16 -51.98 -133.49
C ILE VB 132 -109.68 -52.55 -134.81
N THR VB 133 -108.93 -53.46 -135.43
CA THR VB 133 -109.36 -54.04 -136.70
C THR VB 133 -110.66 -54.82 -136.54
N LYS VB 134 -110.79 -55.60 -135.46
CA LYS VB 134 -112.02 -56.33 -135.21
C LYS VB 134 -113.20 -55.39 -135.01
N VAL VB 135 -112.98 -54.32 -134.22
CA VAL VB 135 -114.03 -53.35 -133.99
C VAL VB 135 -114.47 -52.72 -135.30
N LEU VB 136 -113.51 -52.34 -136.15
CA LEU VB 136 -113.85 -51.74 -137.43
C LEU VB 136 -114.62 -52.71 -138.31
N ALA VB 137 -114.20 -53.97 -138.37
CA ALA VB 137 -114.89 -54.96 -139.18
C ALA VB 137 -116.34 -55.12 -138.71
N LYS VB 138 -116.52 -55.29 -137.40
CA LYS VB 138 -117.87 -55.46 -136.86
C LYS VB 138 -118.73 -54.22 -137.12
N VAL VB 139 -118.15 -53.03 -136.98
CA VAL VB 139 -118.90 -51.80 -137.27
C VAL VB 139 -119.37 -51.81 -138.71
N ARG VB 140 -118.46 -52.12 -139.64
CA ARG VB 140 -118.82 -52.12 -141.06
C ARG VB 140 -119.89 -53.14 -141.36
N THR VB 141 -119.88 -54.28 -140.67
CA THR VB 141 -120.88 -55.31 -140.91
C THR VB 141 -122.11 -55.19 -140.03
N ALA VB 142 -122.18 -54.18 -139.16
CA ALA VB 142 -123.27 -54.04 -138.21
C ALA VB 142 -124.13 -52.81 -138.55
N LYS VB 143 -125.41 -52.90 -138.24
CA LYS VB 143 -126.35 -51.81 -138.46
C LYS VB 143 -126.62 -51.05 -137.17
N ALA VB 144 -126.87 -49.74 -137.31
CA ALA VB 144 -127.14 -48.89 -136.16
C ALA VB 144 -128.53 -49.18 -135.58
N LYS VB 145 -128.78 -48.61 -134.40
CA LYS VB 145 -130.05 -48.82 -133.73
C LYS VB 145 -131.14 -47.98 -134.39
N VAL VB 146 -132.18 -48.65 -134.89
CA VAL VB 146 -133.28 -47.94 -135.55
C VAL VB 146 -134.00 -47.03 -134.54
N GLU VB 147 -134.16 -47.50 -133.31
CA GLU VB 147 -134.84 -46.70 -132.28
C GLU VB 147 -134.10 -45.39 -132.01
N ASN VB 148 -132.78 -45.39 -132.06
CA ASN VB 148 -132.01 -44.21 -131.71
C ASN VB 148 -132.36 -43.03 -132.60
N ASP VB 149 -132.54 -41.86 -131.97
CA ASP VB 149 -132.91 -40.64 -132.67
C ASP VB 149 -131.70 -39.88 -133.19
N LEU VB 150 -130.60 -39.90 -132.44
CA LEU VB 150 -129.38 -39.20 -132.84
C LEU VB 150 -128.90 -39.66 -134.21
N VAL VB 151 -128.88 -40.99 -134.43
CA VAL VB 151 -128.43 -41.52 -135.71
C VAL VB 151 -129.30 -41.00 -136.84
N SER VB 152 -130.62 -41.01 -136.65
CA SER VB 152 -131.53 -40.51 -137.68
C SER VB 152 -131.29 -39.03 -137.95
N ARG VB 153 -131.10 -38.24 -136.88
CA ARG VB 153 -130.81 -36.82 -137.05
C ARG VB 153 -129.56 -36.62 -137.89
N VAL VB 154 -128.48 -37.32 -137.56
CA VAL VB 154 -127.22 -37.19 -138.29
C VAL VB 154 -127.39 -37.65 -139.73
N MET VB 155 -128.20 -38.68 -139.95
CA MET VB 155 -128.44 -39.18 -141.31
C MET VB 155 -129.17 -38.13 -142.15
N LYS VB 156 -130.21 -37.52 -141.59
CA LYS VB 156 -130.99 -36.57 -142.37
C LYS VB 156 -130.24 -35.25 -142.58
N THR VB 157 -129.45 -34.84 -141.59
CA THR VB 157 -128.68 -33.61 -141.74
C THR VB 157 -127.39 -33.88 -142.50
N LYS VB 158 -126.88 -32.84 -143.16
CA LYS VB 158 -125.65 -32.94 -143.94
C LYS VB 158 -124.43 -32.40 -143.22
N ARG VB 159 -124.60 -31.44 -142.32
CA ARG VB 159 -123.46 -30.90 -141.60
C ARG VB 159 -122.95 -31.87 -140.55
N LEU VB 160 -123.86 -32.53 -139.84
CA LEU VB 160 -123.48 -33.39 -138.73
C LEU VB 160 -122.76 -34.64 -139.22
N CYS VB 161 -121.73 -35.03 -138.48
CA CYS VB 161 -121.00 -36.26 -138.75
C CYS VB 161 -120.76 -36.99 -137.43
N LEU VB 162 -120.59 -38.31 -137.51
CA LEU VB 162 -120.37 -39.13 -136.33
C LEU VB 162 -118.89 -39.52 -136.23
N GLY VB 163 -118.38 -39.56 -135.00
CA GLY VB 163 -117.01 -39.96 -134.79
C GLY VB 163 -116.85 -40.90 -133.60
N LEU VB 164 -116.06 -41.95 -133.78
CA LEU VB 164 -115.80 -42.93 -132.73
C LEU VB 164 -114.43 -42.65 -132.14
N VAL VB 165 -114.39 -42.45 -130.81
CA VAL VB 165 -113.13 -42.17 -130.13
C VAL VB 165 -112.36 -43.48 -129.96
N VAL VB 166 -111.07 -43.46 -130.32
CA VAL VB 166 -110.28 -44.67 -130.36
C VAL VB 166 -109.09 -44.66 -129.40
N GLU VB 167 -108.64 -43.51 -128.92
CA GLU VB 167 -107.53 -43.47 -127.97
C GLU VB 167 -107.67 -42.24 -127.08
N THR VB 168 -107.27 -42.38 -125.82
CA THR VB 168 -107.42 -41.31 -124.86
C THR VB 168 -106.21 -41.22 -123.96
N ALA VB 169 -105.76 -40.01 -123.67
CA ALA VB 169 -104.63 -39.77 -122.78
C ALA VB 169 -105.17 -39.35 -121.41
N CYS VB 170 -104.77 -40.08 -120.37
CA CYS VB 170 -105.27 -39.88 -119.02
C CYS VB 170 -104.12 -39.84 -118.03
N VAL VB 171 -104.27 -39.03 -116.98
CA VAL VB 171 -103.25 -38.93 -115.95
C VAL VB 171 -103.31 -40.18 -115.06
N ALA VB 172 -102.15 -40.78 -114.82
CA ALA VB 172 -102.10 -41.98 -113.98
C ALA VB 172 -102.35 -41.64 -112.51
N ALA VB 173 -101.82 -40.51 -112.05
CA ALA VB 173 -101.94 -40.10 -110.66
C ALA VB 173 -102.54 -38.70 -110.61
N ALA VB 174 -102.69 -38.19 -109.39
CA ALA VB 174 -103.28 -36.87 -109.20
C ALA VB 174 -102.39 -35.78 -109.78
N GLY VB 175 -103.02 -34.80 -110.42
CA GLY VB 175 -102.31 -33.69 -111.04
C GLY VB 175 -102.61 -32.39 -110.32
N LYS VB 176 -101.57 -31.59 -110.10
CA LYS VB 176 -101.68 -30.36 -109.31
C LYS VB 176 -101.47 -29.13 -110.18
N LEU VB 177 -102.40 -28.18 -110.08
CA LEU VB 177 -102.33 -26.95 -110.86
C LEU VB 177 -102.41 -25.76 -109.92
N THR VB 178 -101.40 -24.89 -109.96
CA THR VB 178 -101.32 -23.73 -109.07
C THR VB 178 -101.09 -22.46 -109.88
N GLU VB 179 -101.78 -21.39 -109.50
CA GLU VB 179 -101.68 -20.10 -110.17
C GLU VB 179 -101.71 -18.98 -109.14
N ALA VB 180 -100.84 -17.99 -109.32
CA ALA VB 180 -100.78 -16.83 -108.45
C ALA VB 180 -100.69 -15.57 -109.30
N ASP VB 181 -101.48 -14.55 -108.92
CA ASP VB 181 -101.55 -13.30 -109.66
C ASP VB 181 -101.47 -12.15 -108.66
N ASN VB 182 -100.65 -11.14 -108.98
CA ASN VB 182 -100.55 -9.93 -108.16
C ASN VB 182 -100.34 -8.76 -109.09
N TRP VB 183 -101.32 -7.87 -109.21
CA TRP VB 183 -101.13 -6.71 -110.07
C TRP VB 183 -101.59 -5.45 -109.36
N GLU VB 184 -101.03 -4.32 -109.80
CA GLU VB 184 -101.19 -3.05 -109.10
C GLU VB 184 -101.17 -1.90 -110.09
N ILE VB 185 -102.02 -0.90 -109.84
CA ILE VB 185 -102.13 0.30 -110.66
C ILE VB 185 -102.09 1.52 -109.73
N SER VB 186 -101.28 2.51 -110.08
CA SER VB 186 -101.21 3.76 -109.33
C SER VB 186 -101.19 4.92 -110.30
N GLY VB 187 -102.20 5.78 -110.23
CA GLY VB 187 -102.30 6.90 -111.14
C GLY VB 187 -102.53 8.20 -110.41
N HIS VB 188 -102.06 9.29 -111.02
CA HIS VB 188 -102.16 10.62 -110.45
C HIS VB 188 -102.35 11.63 -111.57
N THR VB 189 -103.22 12.61 -111.32
CA THR VB 189 -103.55 13.63 -112.32
C THR VB 189 -103.58 14.99 -111.63
N ASN VB 190 -102.99 16.00 -112.28
CA ASN VB 190 -102.95 17.36 -111.77
C ASN VB 190 -103.29 18.30 -112.92
N ALA VB 191 -104.46 18.90 -112.86
CA ALA VB 191 -104.90 19.89 -113.84
C ALA VB 191 -104.88 21.26 -113.17
N ASN VB 192 -103.88 22.07 -113.52
CA ASN VB 192 -103.73 23.41 -112.98
C ASN VB 192 -104.20 24.43 -114.00
N ILE VB 193 -105.17 25.25 -113.61
CA ILE VB 193 -105.70 26.31 -114.46
C ILE VB 193 -105.64 27.60 -113.65
N GLY VB 194 -105.76 28.73 -114.36
CA GLY VB 194 -105.66 30.02 -113.70
C GLY VB 194 -106.66 30.21 -112.58
N GLU VB 195 -107.86 29.63 -112.71
CA GLU VB 195 -108.89 29.75 -111.70
C GLU VB 195 -109.36 28.40 -111.16
N ALA VB 196 -108.68 27.31 -111.50
CA ALA VB 196 -109.09 25.99 -111.04
C ALA VB 196 -107.86 25.11 -110.86
N VAL VB 197 -107.86 24.34 -109.78
CA VAL VB 197 -106.80 23.36 -109.49
C VAL VB 197 -107.47 22.05 -109.12
N VAL VB 198 -107.15 20.99 -109.86
CA VAL VB 198 -107.70 19.67 -109.61
C VAL VB 198 -106.54 18.69 -109.40
N THR VB 199 -106.59 17.93 -108.32
CA THR VB 199 -105.56 16.95 -107.99
C THR VB 199 -106.23 15.64 -107.62
N ALA VB 200 -106.13 14.65 -108.50
CA ALA VB 200 -106.75 13.35 -108.30
C ALA VB 200 -105.68 12.27 -108.20
N THR VB 201 -105.96 11.25 -107.40
CA THR VB 201 -105.04 10.15 -107.19
C THR VB 201 -105.84 8.87 -106.97
N ALA VB 202 -105.36 7.76 -107.54
CA ALA VB 202 -106.05 6.48 -107.38
C ALA VB 202 -105.05 5.35 -107.35
N GLU VB 203 -105.13 4.50 -106.32
CA GLU VB 203 -104.27 3.35 -106.18
C GLU VB 203 -105.11 2.11 -105.94
N LEU VB 204 -104.76 1.02 -106.61
CA LEU VB 204 -105.44 -0.25 -106.34
C LEU VB 204 -104.49 -1.40 -106.65
N ASP VB 205 -104.79 -2.56 -106.07
CA ASP VB 205 -103.98 -3.75 -106.29
C ASP VB 205 -104.81 -4.98 -105.95
N LYS VB 206 -104.72 -5.99 -106.81
CA LYS VB 206 -105.47 -7.23 -106.66
C LYS VB 206 -104.51 -8.41 -106.56
N ASN VB 207 -104.82 -9.34 -105.66
CA ASN VB 207 -104.04 -10.55 -105.45
C ASN VB 207 -104.98 -11.74 -105.48
N LEU VB 208 -104.61 -12.75 -106.28
CA LEU VB 208 -105.41 -13.97 -106.41
C LEU VB 208 -104.49 -15.19 -106.35
N SER VB 209 -105.04 -16.31 -105.90
CA SER VB 209 -104.31 -17.57 -105.87
C SER VB 209 -105.29 -18.72 -105.98
N ARG VB 210 -105.10 -19.59 -106.95
CA ARG VB 210 -105.98 -20.72 -107.19
C ARG VB 210 -105.15 -22.00 -107.28
N LYS VB 211 -105.52 -23.01 -106.49
CA LYS VB 211 -104.79 -24.27 -106.47
C LYS VB 211 -105.80 -25.42 -106.49
N ILE VB 212 -105.70 -26.28 -107.50
CA ILE VB 212 -106.61 -27.41 -107.67
C ILE VB 212 -105.82 -28.67 -107.92
N GLU VB 213 -106.50 -29.81 -107.81
CA GLU VB 213 -105.89 -31.12 -107.99
C GLU VB 213 -106.87 -32.05 -108.69
N ILE VB 214 -106.60 -32.35 -109.95
CA ILE VB 214 -107.44 -33.30 -110.70
C ILE VB 214 -107.12 -34.72 -110.26
N PRO VB 215 -108.11 -35.59 -110.15
CA PRO VB 215 -107.87 -36.94 -109.63
C PRO VB 215 -107.35 -37.86 -110.72
N PRO VB 216 -106.82 -39.02 -110.35
CA PRO VB 216 -106.37 -39.97 -111.37
C PRO VB 216 -107.50 -40.41 -112.28
N GLY VB 217 -107.16 -40.62 -113.55
CA GLY VB 217 -108.11 -41.07 -114.55
C GLY VB 217 -108.72 -39.97 -115.39
N THR VB 218 -108.46 -38.70 -115.06
CA THR VB 218 -109.02 -37.60 -115.82
C THR VB 218 -108.43 -37.58 -117.23
N ALA VB 219 -109.32 -37.51 -118.22
CA ALA VB 219 -108.87 -37.50 -119.61
C ALA VB 219 -108.30 -36.14 -119.97
N LEU VB 220 -107.29 -36.14 -120.84
CA LEU VB 220 -106.65 -34.91 -121.31
C LEU VB 220 -106.87 -34.64 -122.78
N ALA VB 221 -106.76 -35.66 -123.63
CA ALA VB 221 -106.87 -35.48 -125.07
C ALA VB 221 -107.31 -36.79 -125.70
N TYR VB 222 -107.75 -36.71 -126.95
CA TYR VB 222 -108.32 -37.88 -127.62
C TYR VB 222 -108.17 -37.73 -129.12
N SER VB 223 -108.34 -38.86 -129.81
CA SER VB 223 -108.38 -38.90 -131.26
C SER VB 223 -109.53 -39.79 -131.68
N PHE VB 224 -110.14 -39.48 -132.83
CA PHE VB 224 -111.34 -40.18 -133.25
C PHE VB 224 -111.31 -40.45 -134.75
N MET VB 225 -112.13 -41.42 -135.15
CA MET VB 225 -112.28 -41.81 -136.55
C MET VB 225 -113.69 -41.52 -137.02
N ASP VB 226 -113.83 -41.02 -138.25
CA ASP VB 226 -115.12 -40.61 -138.76
C ASP VB 226 -115.96 -41.82 -139.18
N LEU VB 227 -117.27 -41.60 -139.25
CA LEU VB 227 -118.22 -42.63 -139.67
C LEU VB 227 -119.21 -42.02 -140.64
N GLU VB 228 -120.01 -42.90 -141.26
CA GLU VB 228 -121.00 -42.48 -142.24
C GLU VB 228 -122.19 -43.43 -142.18
N ILE VB 229 -123.39 -42.87 -142.04
CA ILE VB 229 -124.62 -43.65 -142.01
C ILE VB 229 -125.05 -43.94 -143.45
N LEU VB 230 -125.22 -45.22 -143.78
CA LEU VB 230 -125.77 -45.57 -145.08
C LEU VB 230 -127.25 -45.20 -145.15
N GLU VB 231 -127.87 -45.46 -146.31
CA GLU VB 231 -129.31 -45.31 -146.43
C GLU VB 231 -130.04 -46.14 -145.38
N ASP VB 232 -129.62 -47.39 -145.21
CA ASP VB 232 -130.09 -48.23 -144.12
C ASP VB 232 -129.40 -47.85 -142.82
N ARG VB 233 -129.67 -48.62 -141.77
CA ARG VB 233 -129.00 -48.40 -140.49
C ARG VB 233 -127.53 -48.80 -140.52
N SER VB 234 -127.06 -49.39 -141.62
CA SER VB 234 -125.66 -49.80 -141.73
C SER VB 234 -124.72 -48.60 -141.59
N LEU VB 235 -123.55 -48.86 -141.02
CA LEU VB 235 -122.53 -47.85 -140.82
C LEU VB 235 -121.27 -48.20 -141.60
N ARG VB 236 -120.57 -47.17 -142.07
CA ARG VB 236 -119.33 -47.33 -142.81
C ARG VB 236 -118.29 -46.38 -142.25
N VAL VB 237 -117.03 -46.70 -142.50
CA VAL VB 237 -115.93 -45.85 -142.04
C VAL VB 237 -115.45 -45.02 -143.23
N SER VB 238 -115.10 -43.77 -142.97
CA SER VB 238 -114.70 -42.84 -144.01
C SER VB 238 -113.32 -42.27 -143.70
N SER VB 239 -112.50 -42.13 -144.75
CA SER VB 239 -111.12 -41.65 -144.61
C SER VB 239 -110.90 -40.48 -145.55
N SER VB 240 -110.61 -39.31 -144.99
CA SER VB 240 -110.24 -38.16 -145.80
C SER VB 240 -108.79 -38.31 -146.22
N ALA VB 241 -108.56 -38.60 -147.51
CA ALA VB 241 -107.22 -38.86 -148.04
C ALA VB 241 -106.54 -40.02 -147.31
N GLY VB 242 -107.33 -40.98 -146.84
CA GLY VB 242 -106.80 -42.14 -146.16
C GLY VB 242 -106.25 -41.88 -144.77
N ALA VB 243 -106.64 -40.75 -144.15
CA ALA VB 243 -106.11 -40.42 -142.83
C ALA VB 243 -106.59 -41.42 -141.77
N MET VB 244 -107.90 -41.65 -141.71
CA MET VB 244 -108.52 -42.50 -140.69
C MET VB 244 -108.19 -42.06 -139.27
N PHE VB 245 -107.74 -40.83 -139.09
CA PHE VB 245 -107.44 -40.29 -137.77
C PHE VB 245 -107.71 -38.79 -137.84
N ASP VB 246 -108.88 -38.38 -137.34
CA ASP VB 246 -109.29 -36.98 -137.42
C ASP VB 246 -108.98 -36.28 -136.12
N SER VB 247 -108.33 -35.11 -136.22
CA SER VB 247 -107.97 -34.31 -135.07
C SER VB 247 -108.81 -33.04 -134.98
N GLY VB 248 -109.96 -32.99 -135.65
CA GLY VB 248 -110.77 -31.80 -135.66
C GLY VB 248 -110.07 -30.60 -136.29
N LYS VB 249 -109.33 -30.84 -137.36
CA LYS VB 249 -108.58 -29.80 -138.05
C LYS VB 249 -109.30 -29.37 -139.32
N ALA VB 250 -109.09 -28.12 -139.70
CA ALA VB 250 -109.67 -27.61 -140.93
C ALA VB 250 -109.03 -28.29 -142.14
N GLU VB 251 -109.81 -28.39 -143.21
CA GLU VB 251 -109.31 -29.05 -144.43
C GLU VB 251 -108.13 -28.29 -145.02
N SER VB 252 -108.19 -26.96 -145.03
CA SER VB 252 -107.13 -26.10 -145.54
C SER VB 252 -106.77 -26.44 -146.98
CA ARG WB 3 -90.38 -26.07 -131.73
C ARG WB 3 -90.44 -27.09 -130.59
N PRO WB 4 -91.26 -28.12 -130.76
CA PRO WB 4 -91.37 -29.15 -129.72
C PRO WB 4 -90.03 -29.83 -129.47
N MET WB 5 -89.79 -30.15 -128.18
CA MET WB 5 -88.54 -30.80 -127.81
C MET WB 5 -88.41 -32.16 -128.48
N PHE WB 6 -89.50 -32.91 -128.58
CA PHE WB 6 -89.45 -34.21 -129.23
C PHE WB 6 -89.04 -34.06 -130.70
N ALA WB 7 -89.62 -33.08 -131.40
CA ALA WB 7 -89.25 -32.86 -132.79
C ALA WB 7 -87.79 -32.44 -132.93
N VAL WB 8 -87.32 -31.58 -132.03
CA VAL WB 8 -85.93 -31.14 -132.07
C VAL WB 8 -85.00 -32.33 -131.84
N ALA WB 9 -85.30 -33.18 -130.86
CA ALA WB 9 -84.47 -34.33 -130.59
C ALA WB 9 -84.50 -35.32 -131.75
N VAL WB 10 -85.66 -35.50 -132.38
CA VAL WB 10 -85.75 -36.39 -133.53
C VAL WB 10 -84.89 -35.87 -134.67
N ASN WB 11 -84.93 -34.56 -134.92
CA ASN WB 11 -84.11 -33.98 -135.97
C ASN WB 11 -82.62 -34.14 -135.66
N GLU WB 12 -82.24 -33.92 -134.39
CA GLU WB 12 -80.83 -34.10 -134.01
C GLU WB 12 -80.38 -35.54 -134.23
N PHE WB 13 -81.21 -36.49 -133.82
CA PHE WB 13 -80.85 -37.90 -133.99
C PHE WB 13 -80.74 -38.26 -135.47
N ILE WB 14 -81.72 -37.82 -136.27
CA ILE WB 14 -81.71 -38.20 -137.69
C ILE WB 14 -80.55 -37.55 -138.41
N ARG WB 15 -80.12 -36.35 -137.98
CA ARG WB 15 -78.94 -35.75 -138.57
C ARG WB 15 -77.68 -36.50 -138.18
N SER WB 16 -77.53 -36.81 -136.88
CA SER WB 16 -76.32 -37.47 -136.42
C SER WB 16 -76.18 -38.86 -137.03
N ALA WB 17 -77.27 -39.61 -137.11
CA ALA WB 17 -77.26 -40.95 -137.69
C ALA WB 17 -78.42 -41.09 -138.65
N GLY WB 18 -78.15 -41.69 -139.81
CA GLY WB 18 -79.19 -41.93 -140.79
C GLY WB 18 -79.81 -40.69 -141.38
N GLN WB 19 -78.97 -39.73 -141.81
CA GLN WB 19 -79.49 -38.53 -142.45
C GLN WB 19 -80.24 -38.85 -143.73
N ASP WB 20 -79.88 -39.95 -144.39
CA ASP WB 20 -80.57 -40.41 -145.57
C ASP WB 20 -81.36 -41.68 -145.25
N SER WB 21 -82.43 -41.89 -146.01
CA SER WB 21 -83.29 -43.08 -145.88
C SER WB 21 -83.85 -43.19 -144.46
N LEU WB 22 -84.40 -42.10 -143.95
CA LEU WB 22 -84.98 -42.09 -142.62
C LEU WB 22 -85.99 -40.94 -142.53
N CYS WB 23 -87.15 -41.21 -141.93
CA CYS WB 23 -88.22 -40.24 -141.80
C CYS WB 23 -88.49 -39.99 -140.33
N GLY WB 24 -88.54 -38.71 -139.95
CA GLY WB 24 -88.83 -38.36 -138.58
C GLY WB 24 -90.24 -38.71 -138.17
N VAL WB 25 -90.43 -38.89 -136.86
CA VAL WB 25 -91.73 -39.21 -136.29
C VAL WB 25 -92.44 -37.91 -135.94
N PRO WB 26 -93.70 -37.73 -136.36
CA PRO WB 26 -94.37 -36.45 -136.11
C PRO WB 26 -94.56 -36.10 -134.65
N ASP WB 27 -94.98 -37.06 -133.82
CA ASP WB 27 -95.23 -36.76 -132.42
C ASP WB 27 -95.19 -38.04 -131.61
N ILE WB 28 -95.09 -37.87 -130.28
CA ILE WB 28 -94.98 -39.01 -129.38
C ILE WB 28 -96.21 -39.88 -129.45
N ASN WB 29 -97.40 -39.27 -129.53
CA ASN WB 29 -98.63 -40.03 -129.57
C ASN WB 29 -98.69 -40.96 -130.78
N SER WB 30 -98.30 -40.46 -131.94
CA SER WB 30 -98.34 -41.24 -133.17
C SER WB 30 -97.06 -42.02 -133.42
N SER WB 31 -96.09 -41.94 -132.50
CA SER WB 31 -94.85 -42.69 -132.68
C SER WB 31 -95.11 -44.19 -132.73
N GLY WB 32 -96.08 -44.67 -131.94
CA GLY WB 32 -96.34 -46.10 -131.87
C GLY WB 32 -97.00 -46.69 -133.09
N ASP WB 33 -97.44 -45.86 -134.03
CA ASP WB 33 -98.09 -46.34 -135.24
C ASP WB 33 -97.12 -46.55 -136.39
N PHE WB 34 -95.82 -46.35 -136.17
CA PHE WB 34 -94.80 -46.49 -137.20
C PHE WB 34 -93.84 -47.64 -136.90
N MET WB 35 -94.34 -48.69 -136.26
CA MET WB 35 -93.57 -49.89 -136.04
C MET WB 35 -93.49 -50.70 -137.33
N PRO WB 36 -92.54 -51.63 -137.43
CA PRO WB 36 -92.39 -52.41 -138.66
C PRO WB 36 -93.65 -53.18 -139.02
N LEU WB 37 -93.85 -53.36 -140.32
CA LEU WB 37 -95.02 -54.05 -140.87
C LEU WB 37 -96.31 -53.28 -140.59
N HIS WB 38 -96.27 -51.97 -140.84
CA HIS WB 38 -97.42 -51.10 -140.74
C HIS WB 38 -97.65 -50.41 -142.07
N ILE WB 39 -98.93 -50.21 -142.41
CA ILE WB 39 -99.31 -49.56 -143.66
C ILE WB 39 -99.45 -48.07 -143.41
N ILE WB 40 -98.90 -47.26 -144.33
CA ILE WB 40 -99.02 -45.81 -144.29
C ILE WB 40 -99.45 -45.34 -145.67
N VAL WB 41 -100.01 -44.13 -145.72
CA VAL WB 41 -100.50 -43.53 -146.95
C VAL WB 41 -99.64 -42.32 -147.28
N LYS WB 42 -99.23 -42.22 -148.54
CA LYS WB 42 -98.41 -41.11 -149.01
C LYS WB 42 -99.22 -40.28 -150.01
N GLU WB 43 -99.23 -38.97 -149.80
CA GLU WB 43 -99.95 -38.03 -150.65
C GLU WB 43 -98.96 -37.09 -151.30
N VAL WB 44 -99.09 -36.93 -152.62
CA VAL WB 44 -98.18 -36.10 -153.40
C VAL WB 44 -98.46 -34.63 -153.12
N PRO WB 45 -97.47 -33.75 -153.26
CA PRO WB 45 -97.72 -32.32 -152.98
C PRO WB 45 -98.79 -31.69 -153.86
N LYS WB 46 -98.92 -32.14 -155.11
CA LYS WB 46 -99.88 -31.67 -156.11
C LYS WB 46 -99.58 -30.25 -156.58
N VAL WB 47 -98.57 -29.58 -156.03
CA VAL WB 47 -98.22 -28.23 -156.47
C VAL WB 47 -96.81 -28.25 -157.06
N LEU WB 48 -95.84 -28.65 -156.25
CA LEU WB 48 -94.45 -28.79 -156.67
C LEU WB 48 -93.96 -30.17 -156.24
N PRO WB 49 -94.39 -31.23 -156.93
CA PRO WB 49 -94.02 -32.58 -156.49
C PRO WB 49 -92.53 -32.82 -156.44
N CYS WB 50 -91.76 -32.25 -157.36
CA CYS WB 50 -90.32 -32.43 -157.38
C CYS WB 50 -89.60 -31.48 -156.43
N CYS WB 51 -90.29 -30.50 -155.86
CA CYS WB 51 -89.67 -29.53 -154.97
C CYS WB 51 -90.12 -29.63 -153.53
N ARG WB 52 -91.22 -30.34 -153.26
CA ARG WB 52 -91.78 -30.45 -151.91
C ARG WB 52 -91.89 -31.91 -151.52
N ARG WB 53 -91.56 -32.21 -150.27
CA ARG WB 53 -91.67 -33.58 -149.78
C ARG WB 53 -93.14 -33.95 -149.58
N PRO WB 54 -93.50 -35.21 -149.82
CA PRO WB 54 -94.91 -35.62 -149.73
C PRO WB 54 -95.43 -35.64 -148.29
N LYS WB 55 -96.71 -35.96 -148.12
CA LYS WB 55 -97.35 -35.99 -146.82
C LYS WB 55 -97.63 -37.44 -146.43
N ILE WB 56 -97.27 -37.80 -145.21
CA ILE WB 56 -97.37 -39.18 -144.73
C ILE WB 56 -98.47 -39.26 -143.68
N LYS WB 57 -99.40 -40.19 -143.86
CA LYS WB 57 -100.54 -40.38 -142.99
C LYS WB 57 -100.49 -41.78 -142.41
N ARG WB 58 -100.65 -41.88 -141.09
CA ARG WB 58 -100.67 -43.17 -140.41
C ARG WB 58 -102.04 -43.81 -140.53
N THR WB 59 -102.06 -45.14 -140.53
CA THR WB 59 -103.28 -45.91 -140.59
C THR WB 59 -103.27 -47.01 -139.54
N PRO WB 60 -104.43 -47.40 -139.02
CA PRO WB 60 -104.49 -48.48 -138.02
C PRO WB 60 -104.59 -49.86 -138.66
N TYR WB 61 -103.61 -50.20 -139.49
CA TYR WB 61 -103.60 -51.46 -140.20
C TYR WB 61 -102.20 -52.07 -140.18
N THR WB 62 -102.15 -53.39 -140.18
CA THR WB 62 -100.93 -54.14 -140.40
C THR WB 62 -101.02 -54.88 -141.72
N LEU WB 63 -99.89 -55.48 -142.12
CA LEU WB 63 -99.86 -56.18 -143.40
C LEU WB 63 -100.82 -57.35 -143.42
N ASN WB 64 -100.86 -58.13 -142.33
CA ASN WB 64 -101.74 -59.30 -142.28
C ASN WB 64 -103.21 -58.89 -142.32
N ASP WB 65 -103.56 -57.77 -141.68
CA ASP WB 65 -104.93 -57.30 -141.73
C ASP WB 65 -105.28 -56.79 -143.12
N ILE WB 66 -104.37 -56.06 -143.77
CA ILE WB 66 -104.67 -55.49 -145.08
C ILE WB 66 -104.70 -56.55 -146.15
N LEU WB 67 -104.01 -57.68 -145.94
CA LEU WB 67 -103.91 -58.73 -146.93
C LEU WB 67 -104.86 -59.87 -146.61
N ASP WB 68 -105.49 -60.42 -147.65
CA ASP WB 68 -106.31 -61.61 -147.49
C ASP WB 68 -105.46 -62.79 -147.04
N GLU WB 69 -104.27 -62.95 -147.64
CA GLU WB 69 -103.38 -64.03 -147.28
C GLU WB 69 -102.34 -63.53 -146.28
N PRO WB 70 -102.21 -64.16 -145.11
CA PRO WB 70 -101.24 -63.68 -144.12
C PRO WB 70 -99.80 -63.96 -144.55
N CYS WB 71 -98.90 -63.22 -143.93
CA CYS WB 71 -97.46 -63.31 -144.17
C CYS WB 71 -96.75 -63.46 -142.83
N PRO WB 72 -95.56 -64.05 -142.82
CA PRO WB 72 -94.78 -64.11 -141.57
C PRO WB 72 -94.48 -62.71 -141.07
N ASN WB 73 -94.49 -62.55 -139.74
CA ASN WB 73 -94.37 -61.23 -139.12
C ASN WB 73 -93.38 -61.18 -137.97
N GLN WB 74 -92.52 -62.18 -137.83
CA GLN WB 74 -91.54 -62.16 -136.75
C GLN WB 74 -90.55 -61.02 -136.93
N LEU WB 75 -90.07 -60.48 -135.82
CA LEU WB 75 -89.19 -59.32 -135.82
C LEU WB 75 -87.91 -59.62 -135.05
N LYS WB 76 -86.93 -58.73 -135.19
CA LYS WB 76 -85.68 -58.81 -134.47
C LYS WB 76 -85.12 -57.40 -134.30
N SER WB 77 -84.35 -57.20 -133.24
CA SER WB 77 -83.79 -55.90 -132.93
C SER WB 77 -82.30 -56.01 -132.65
N SER WB 78 -81.59 -54.93 -132.96
CA SER WB 78 -80.15 -54.88 -132.75
C SER WB 78 -79.73 -53.43 -132.54
N ASP WB 79 -78.60 -53.24 -131.85
CA ASP WB 79 -78.15 -51.89 -131.53
C ASP WB 79 -77.79 -51.11 -132.78
N LEU WB 80 -78.06 -49.81 -132.75
CA LEU WB 80 -77.77 -48.92 -133.87
C LEU WB 80 -76.76 -47.84 -133.53
N VAL WB 81 -76.99 -47.08 -132.46
CA VAL WB 81 -76.10 -46.00 -132.06
C VAL WB 81 -76.27 -45.78 -130.55
N THR WB 82 -75.29 -45.13 -129.94
CA THR WB 82 -75.28 -44.91 -128.50
C THR WB 82 -74.77 -43.50 -128.22
N PHE WB 83 -75.62 -42.66 -127.64
CA PHE WB 83 -75.25 -41.31 -127.25
C PHE WB 83 -74.72 -41.37 -125.82
N THR WB 84 -73.38 -41.37 -125.68
CA THR WB 84 -72.78 -41.54 -124.36
C THR WB 84 -73.07 -40.36 -123.45
N GLU WB 85 -73.09 -39.14 -124.00
CA GLU WB 85 -73.35 -37.95 -123.21
C GLU WB 85 -74.48 -37.15 -123.81
N PRO WB 86 -75.22 -36.40 -122.99
CA PRO WB 86 -76.36 -35.64 -123.51
C PRO WB 86 -75.94 -34.58 -124.52
N LEU WB 87 -76.78 -34.40 -125.54
CA LEU WB 87 -76.63 -33.27 -126.45
C LEU WB 87 -77.02 -31.99 -125.74
N VAL WB 88 -76.07 -31.06 -125.61
CA VAL WB 88 -76.26 -29.84 -124.86
C VAL WB 88 -76.11 -28.66 -125.80
N SER WB 89 -77.05 -27.72 -125.74
CA SER WB 89 -77.03 -26.53 -126.58
C SER WB 89 -77.29 -25.30 -125.72
N ASN WB 90 -76.53 -24.25 -125.98
CA ASN WB 90 -76.67 -22.98 -125.27
C ASN WB 90 -76.69 -21.84 -126.29
N VAL WB 91 -77.63 -20.92 -126.13
CA VAL WB 91 -77.71 -19.71 -126.94
C VAL WB 91 -77.89 -18.54 -125.99
N LYS WB 92 -77.12 -17.48 -126.20
CA LYS WB 92 -77.20 -16.30 -125.34
C LYS WB 92 -77.05 -15.07 -126.22
N ALA WB 93 -78.11 -14.27 -126.30
CA ALA WB 93 -78.11 -13.05 -127.10
C ALA WB 93 -78.42 -11.85 -126.22
N SER WB 94 -77.83 -10.71 -126.57
CA SER WB 94 -78.07 -9.48 -125.85
C SER WB 94 -77.83 -8.30 -126.79
N SER WB 95 -78.78 -7.37 -126.85
CA SER WB 95 -78.68 -6.25 -127.77
C SER WB 95 -79.24 -4.99 -127.11
N SER WB 96 -78.79 -3.85 -127.61
CA SER WB 96 -79.25 -2.55 -127.11
C SER WB 96 -79.27 -1.56 -128.26
N ILE WB 97 -80.29 -0.71 -128.27
CA ILE WB 97 -80.49 0.29 -129.32
C ILE WB 97 -80.72 1.64 -128.65
N GLY WB 98 -80.06 2.67 -129.17
CA GLY WB 98 -80.27 4.02 -128.69
C GLY WB 98 -80.44 5.01 -129.82
N LEU WB 99 -81.60 5.69 -129.86
CA LEU WB 99 -81.92 6.65 -130.91
C LEU WB 99 -82.14 8.01 -130.28
N GLN WB 100 -81.55 9.04 -130.88
CA GLN WB 100 -81.74 10.41 -130.41
C GLN WB 100 -81.97 11.32 -131.61
N ILE WB 101 -83.01 12.12 -131.54
CA ILE WB 101 -83.31 13.15 -132.54
C ILE WB 101 -83.26 14.49 -131.82
N LEU WB 102 -82.13 15.19 -131.96
CA LEU WB 102 -81.90 16.53 -131.39
C LEU WB 102 -82.15 16.45 -129.90
N LYS WB 103 -82.88 17.39 -129.31
CA LYS WB 103 -83.37 17.29 -127.94
C LYS WB 103 -84.86 17.04 -127.88
N HIS WB 104 -85.43 16.50 -128.97
CA HIS WB 104 -86.86 16.26 -129.07
C HIS WB 104 -87.25 14.80 -128.93
N PHE WB 105 -86.41 13.87 -129.36
CA PHE WB 105 -86.73 12.45 -129.25
C PHE WB 105 -85.55 11.71 -128.65
N ASP WB 106 -85.82 10.79 -127.72
CA ASP WB 106 -84.76 10.00 -127.10
C ASP WB 106 -85.33 8.65 -126.68
N SER WB 107 -84.97 7.59 -127.39
CA SER WB 107 -85.46 6.25 -127.09
C SER WB 107 -84.29 5.32 -126.80
N GLY WB 108 -84.43 4.51 -125.76
CA GLY WB 108 -83.45 3.50 -125.44
C GLY WB 108 -84.07 2.15 -125.16
N ALA WB 109 -83.75 1.16 -125.97
CA ALA WB 109 -84.30 -0.17 -125.83
C ALA WB 109 -83.18 -1.18 -125.63
N LYS WB 110 -83.51 -2.30 -124.99
CA LYS WB 110 -82.53 -3.35 -124.79
C LYS WB 110 -83.26 -4.67 -124.59
N GLY WB 111 -82.61 -5.75 -125.01
CA GLY WB 111 -83.20 -7.07 -124.90
C GLY WB 111 -82.13 -8.10 -124.65
N SER WB 112 -82.54 -9.20 -124.02
CA SER WB 112 -81.62 -10.31 -123.76
C SER WB 112 -82.40 -11.61 -123.76
N LYS WB 113 -81.70 -12.69 -124.10
CA LYS WB 113 -82.31 -14.01 -124.21
C LYS WB 113 -81.28 -15.07 -123.88
N ASN WB 114 -81.69 -16.06 -123.10
CA ASN WB 114 -80.84 -17.19 -122.73
C ASN WB 114 -81.64 -18.47 -122.88
N PHE WB 115 -81.17 -19.36 -123.73
CA PHE WB 115 -81.88 -20.58 -124.10
C PHE WB 115 -80.95 -21.77 -123.93
N ILE WB 116 -81.40 -22.78 -123.17
CA ILE WB 116 -80.59 -23.95 -122.86
C ILE WB 116 -81.39 -25.20 -123.16
N THR WB 117 -80.76 -26.16 -123.81
CA THR WB 117 -81.42 -27.41 -124.18
C THR WB 117 -80.50 -28.59 -123.85
N SER WB 118 -81.09 -29.68 -123.38
CA SER WB 118 -80.35 -30.90 -123.09
C SER WB 118 -81.20 -32.10 -123.46
N ALA WB 119 -80.63 -33.02 -124.24
CA ALA WB 119 -81.35 -34.22 -124.66
C ALA WB 119 -80.48 -35.44 -124.37
N SER WB 120 -81.03 -36.40 -123.63
CA SER WB 120 -80.33 -37.64 -123.28
C SER WB 120 -81.16 -38.78 -123.85
N LEU WB 121 -80.71 -39.33 -124.97
CA LEU WB 121 -81.41 -40.42 -125.65
C LEU WB 121 -80.87 -41.79 -125.29
N GLY WB 122 -79.77 -41.88 -124.56
CA GLY WB 122 -79.24 -43.17 -124.17
C GLY WB 122 -78.84 -44.00 -125.37
N THR WB 123 -79.40 -45.21 -125.46
CA THR WB 123 -79.10 -46.14 -126.53
C THR WB 123 -80.31 -46.25 -127.47
N VAL WB 124 -80.05 -46.25 -128.77
CA VAL WB 124 -81.09 -46.38 -129.78
C VAL WB 124 -80.87 -47.71 -130.51
N VAL WB 125 -81.93 -48.51 -130.61
CA VAL WB 125 -81.88 -49.78 -131.30
C VAL WB 125 -82.73 -49.70 -132.54
N LYS WB 126 -82.56 -50.67 -133.43
CA LYS WB 126 -83.31 -50.77 -134.67
C LYS WB 126 -84.04 -52.11 -134.69
N ALA WB 127 -85.32 -52.07 -135.03
CA ALA WB 127 -86.16 -53.26 -135.10
C ALA WB 127 -86.67 -53.42 -136.53
N GLU WB 128 -86.63 -54.66 -137.01
CA GLU WB 128 -86.97 -54.96 -138.38
C GLU WB 128 -87.32 -56.44 -138.50
N THR WB 129 -88.01 -56.78 -139.60
CA THR WB 129 -88.38 -58.16 -139.84
C THR WB 129 -87.14 -59.05 -139.95
N ILE WB 130 -87.25 -60.27 -139.45
CA ILE WB 130 -86.13 -61.21 -139.50
C ILE WB 130 -85.74 -61.50 -140.95
N ASP WB 131 -86.74 -61.74 -141.81
CA ASP WB 131 -86.50 -61.98 -143.22
C ASP WB 131 -87.49 -61.14 -144.02
N ILE WB 132 -86.95 -60.21 -144.81
CA ILE WB 132 -87.81 -59.33 -145.61
C ILE WB 132 -88.12 -59.94 -146.97
N THR WB 133 -87.23 -60.80 -147.49
CA THR WB 133 -87.46 -61.41 -148.79
C THR WB 133 -88.72 -62.27 -148.80
N LYS WB 134 -88.93 -63.06 -147.73
CA LYS WB 134 -90.14 -63.87 -147.64
C LYS WB 134 -91.39 -63.00 -147.58
N VAL WB 135 -91.34 -61.92 -146.81
CA VAL WB 135 -92.48 -61.01 -146.71
C VAL WB 135 -92.79 -60.42 -148.08
N LEU WB 136 -91.74 -59.99 -148.80
CA LEU WB 136 -91.96 -59.41 -150.12
C LEU WB 136 -92.56 -60.43 -151.09
N ALA WB 137 -92.04 -61.66 -151.06
CA ALA WB 137 -92.57 -62.69 -151.95
C ALA WB 137 -94.05 -62.95 -151.67
N LYS WB 138 -94.39 -63.12 -150.38
CA LYS WB 138 -95.78 -63.38 -150.02
C LYS WB 138 -96.68 -62.20 -150.39
N VAL WB 139 -96.19 -60.97 -150.20
CA VAL WB 139 -96.97 -59.80 -150.61
C VAL WB 139 -97.26 -59.85 -152.09
N ARG WB 140 -96.23 -60.10 -152.89
CA ARG WB 140 -96.40 -60.12 -154.33
C ARG WB 140 -97.36 -61.21 -154.77
N THR WB 141 -97.36 -62.35 -154.06
CA THR WB 141 -98.25 -63.44 -154.43
C THR WB 141 -99.60 -63.39 -153.70
N ALA WB 142 -99.83 -62.39 -152.87
CA ALA WB 142 -101.04 -62.31 -152.05
C ALA WB 142 -101.92 -61.15 -152.52
N LYS WB 143 -103.23 -61.31 -152.38
CA LYS WB 143 -104.20 -60.29 -152.73
C LYS WB 143 -104.68 -59.54 -151.48
N ALA WB 144 -104.99 -58.25 -151.67
CA ALA WB 144 -105.45 -57.41 -150.57
C ALA WB 144 -106.88 -57.79 -150.17
N LYS WB 145 -107.32 -57.24 -149.04
CA LYS WB 145 -108.65 -57.52 -148.53
C LYS WB 145 -109.70 -56.76 -149.34
N VAL WB 146 -110.62 -57.50 -149.96
CA VAL WB 146 -111.68 -56.86 -150.75
C VAL WB 146 -112.58 -56.00 -149.87
N GLU WB 147 -112.86 -56.47 -148.65
CA GLU WB 147 -113.70 -55.72 -147.73
C GLU WB 147 -113.11 -54.36 -147.38
N ASN WB 148 -111.77 -54.28 -147.26
CA ASN WB 148 -111.14 -53.05 -146.83
C ASN WB 148 -111.46 -51.89 -147.77
N ASP WB 149 -111.78 -50.74 -147.19
CA ASP WB 149 -112.14 -49.55 -147.95
C ASP WB 149 -110.92 -48.71 -148.31
N LEU WB 150 -109.93 -48.66 -147.43
CA LEU WB 150 -108.72 -47.89 -147.68
C LEU WB 150 -108.03 -48.32 -148.97
N VAL WB 151 -107.91 -49.63 -149.17
CA VAL WB 151 -107.26 -50.15 -150.38
C VAL WB 151 -108.01 -49.68 -151.61
N SER WB 152 -109.34 -49.78 -151.60
CA SER WB 152 -110.13 -49.34 -152.74
C SER WB 152 -109.97 -47.85 -152.98
N ARG WB 153 -109.97 -47.05 -151.92
CA ARG WB 153 -109.74 -45.61 -152.06
C ARG WB 153 -108.41 -45.34 -152.74
N VAL WB 154 -107.34 -45.96 -152.26
CA VAL WB 154 -106.02 -45.75 -152.83
C VAL WB 154 -105.97 -46.23 -154.28
N MET WB 155 -106.67 -47.32 -154.60
CA MET WB 155 -106.71 -47.82 -155.96
C MET WB 155 -107.39 -46.83 -156.89
N LYS WB 156 -108.53 -46.28 -156.48
CA LYS WB 156 -109.27 -45.39 -157.36
C LYS WB 156 -108.58 -44.03 -157.49
N THR WB 157 -107.94 -43.56 -156.41
CA THR WB 157 -107.25 -42.29 -156.48
C THR WB 157 -105.85 -42.48 -157.07
N LYS WB 158 -105.33 -41.41 -157.67
CA LYS WB 158 -104.01 -41.43 -158.29
C LYS WB 158 -102.93 -40.81 -157.43
N ARG WB 159 -103.27 -39.86 -156.56
CA ARG WB 159 -102.26 -39.24 -155.71
C ARG WB 159 -101.83 -40.18 -154.60
N LEU WB 160 -102.79 -40.90 -154.00
CA LEU WB 160 -102.50 -41.72 -152.84
C LEU WB 160 -101.64 -42.93 -153.22
N CYS WB 161 -100.68 -43.25 -152.35
CA CYS WB 161 -99.85 -44.43 -152.50
C CYS WB 161 -99.74 -45.14 -151.17
N LEU WB 162 -99.48 -46.44 -151.21
CA LEU WB 162 -99.35 -47.24 -149.99
C LEU WB 162 -97.88 -47.53 -149.71
N GLY WB 163 -97.53 -47.55 -148.43
CA GLY WB 163 -96.17 -47.85 -148.03
C GLY WB 163 -96.11 -48.77 -146.83
N LEU WB 164 -95.23 -49.77 -146.89
CA LEU WB 164 -95.04 -50.73 -145.81
C LEU WB 164 -93.79 -50.36 -145.05
N VAL WB 165 -93.92 -50.16 -143.73
CA VAL WB 165 -92.78 -49.79 -142.90
C VAL WB 165 -91.96 -51.04 -142.62
N VAL WB 166 -90.64 -50.94 -142.80
CA VAL WB 166 -89.77 -52.10 -142.73
C VAL WB 166 -88.72 -52.01 -141.62
N GLU WB 167 -88.40 -50.83 -141.11
CA GLU WB 167 -87.43 -50.72 -140.03
C GLU WB 167 -87.77 -49.50 -139.18
N THR WB 168 -87.51 -49.61 -137.89
CA THR WB 168 -87.86 -48.54 -136.95
C THR WB 168 -86.77 -48.38 -135.91
N ALA WB 169 -86.45 -47.13 -135.58
CA ALA WB 169 -85.46 -46.82 -134.56
C ALA WB 169 -86.19 -46.44 -133.27
N CYS WB 170 -85.88 -47.14 -132.18
CA CYS WB 170 -86.56 -46.96 -130.90
C CYS WB 170 -85.55 -46.84 -129.78
N VAL WB 171 -85.89 -46.05 -128.77
CA VAL WB 171 -85.02 -45.88 -127.62
C VAL WB 171 -85.10 -47.12 -126.73
N ALA WB 172 -83.94 -47.64 -126.33
CA ALA WB 172 -83.94 -48.83 -125.48
C ALA WB 172 -84.38 -48.51 -124.07
N ALA WB 173 -83.98 -47.35 -123.55
CA ALA WB 173 -84.31 -46.94 -122.19
C ALA WB 173 -85.00 -45.58 -122.22
N ALA WB 174 -85.34 -45.07 -121.04
CA ALA WB 174 -86.03 -43.80 -120.95
C ALA WB 174 -85.15 -42.66 -121.43
N GLY WB 175 -85.75 -41.72 -122.15
CA GLY WB 175 -85.03 -40.56 -122.69
C GLY WB 175 -85.51 -39.28 -122.02
N LYS WB 176 -84.56 -38.42 -121.69
CA LYS WB 176 -84.85 -37.20 -120.93
C LYS WB 176 -84.62 -35.96 -121.78
N LEU WB 177 -85.60 -35.07 -121.81
CA LEU WB 177 -85.51 -33.84 -122.59
C LEU WB 177 -85.79 -32.66 -121.68
N THR WB 178 -84.83 -31.72 -121.60
CA THR WB 178 -84.94 -30.56 -120.72
C THR WB 178 -84.69 -29.28 -121.51
N GLU WB 179 -85.49 -28.26 -121.24
CA GLU WB 179 -85.38 -26.96 -121.90
C GLU WB 179 -85.63 -25.85 -120.90
N ALA WB 180 -84.80 -24.80 -120.98
CA ALA WB 180 -84.92 -23.63 -120.12
C ALA WB 180 -84.81 -22.38 -120.97
N ASP WB 181 -85.70 -21.41 -120.71
CA ASP WB 181 -85.77 -20.16 -121.45
C ASP WB 181 -85.87 -19.01 -120.47
N ASN WB 182 -85.10 -17.95 -120.69
CA ASN WB 182 -85.16 -16.74 -119.88
C ASN WB 182 -84.91 -15.55 -120.79
N TRP WB 183 -85.93 -14.73 -121.04
CA TRP WB 183 -85.70 -13.57 -121.88
C TRP WB 183 -86.33 -12.33 -121.26
N GLU WB 184 -85.79 -11.17 -121.63
CA GLU WB 184 -86.12 -9.91 -120.97
C GLU WB 184 -86.05 -8.77 -121.97
N ILE WB 185 -86.99 -7.82 -121.84
CA ILE WB 185 -87.07 -6.63 -122.67
C ILE WB 185 -87.23 -5.42 -121.77
N SER WB 186 -86.43 -4.37 -122.01
CA SER WB 186 -86.54 -3.12 -121.28
C SER WB 186 -86.47 -1.96 -122.25
N GLY WB 187 -87.54 -1.17 -122.32
CA GLY WB 187 -87.60 -0.06 -123.25
C GLY WB 187 -88.00 1.22 -122.57
N HIS WB 188 -87.52 2.33 -123.14
CA HIS WB 188 -87.77 3.66 -122.60
C HIS WB 188 -87.89 4.65 -123.74
N THR WB 189 -88.84 5.58 -123.61
CA THR WB 189 -89.12 6.57 -124.65
C THR WB 189 -89.31 7.93 -124.00
N ASN WB 190 -88.69 8.97 -124.57
CA ASN WB 190 -88.82 10.33 -124.08
C ASN WB 190 -89.07 11.25 -125.27
N ALA WB 191 -90.28 11.78 -125.37
CA ALA WB 191 -90.65 12.73 -126.42
C ALA WB 191 -90.80 14.10 -125.76
N ASN WB 192 -89.82 14.97 -125.98
CA ASN WB 192 -89.82 16.32 -125.44
C ASN WB 192 -90.22 17.30 -126.53
N ILE WB 193 -91.28 18.06 -126.28
CA ILE WB 193 -91.77 19.08 -127.19
C ILE WB 193 -91.89 20.37 -126.40
N GLY WB 194 -91.99 21.49 -127.14
CA GLY WB 194 -92.06 22.79 -126.48
C GLY WB 194 -93.21 22.91 -125.50
N GLU WB 195 -94.33 22.26 -125.78
CA GLU WB 195 -95.50 22.32 -124.90
C GLU WB 195 -95.94 20.94 -124.42
N ALA WB 196 -95.15 19.89 -124.65
CA ALA WB 196 -95.53 18.55 -124.23
C ALA WB 196 -94.28 17.76 -123.88
N VAL WB 197 -94.37 16.98 -122.81
CA VAL WB 197 -93.30 16.09 -122.37
C VAL WB 197 -93.92 14.74 -122.08
N VAL WB 198 -93.45 13.69 -122.76
CA VAL WB 198 -93.93 12.33 -122.57
C VAL WB 198 -92.75 11.44 -122.20
N THR WB 199 -92.90 10.68 -121.12
CA THR WB 199 -91.86 9.77 -120.65
C THR WB 199 -92.48 8.42 -120.36
N ALA WB 200 -92.21 7.44 -121.21
CA ALA WB 200 -92.76 6.10 -121.07
C ALA WB 200 -91.66 5.09 -120.82
N THR WB 201 -91.97 4.06 -120.06
CA THR WB 201 -91.00 3.01 -119.72
C THR WB 201 -91.75 1.69 -119.58
N ALA WB 202 -91.14 0.61 -120.08
CA ALA WB 202 -91.76 -0.71 -119.99
C ALA WB 202 -90.69 -1.77 -119.82
N GLU WB 203 -90.85 -2.62 -118.80
CA GLU WB 203 -89.94 -3.72 -118.54
C GLU WB 203 -90.73 -5.00 -118.40
N LEU WB 204 -90.23 -6.08 -119.00
CA LEU WB 204 -90.85 -7.38 -118.81
C LEU WB 204 -89.80 -8.47 -118.98
N ASP WB 205 -90.10 -9.65 -118.44
CA ASP WB 205 -89.20 -10.78 -118.53
C ASP WB 205 -89.97 -12.06 -118.29
N LYS WB 206 -89.72 -13.07 -119.12
CA LYS WB 206 -90.40 -14.35 -119.04
C LYS WB 206 -89.38 -15.46 -118.82
N ASN WB 207 -89.75 -16.40 -117.95
CA ASN WB 207 -88.92 -17.57 -117.62
C ASN WB 207 -89.78 -18.82 -117.76
N LEU WB 208 -89.26 -19.80 -118.49
CA LEU WB 208 -89.94 -21.07 -118.71
C LEU WB 208 -88.97 -22.23 -118.53
N SER WB 209 -89.50 -23.38 -118.15
CA SER WB 209 -88.69 -24.59 -118.00
C SER WB 209 -89.58 -25.80 -118.21
N ARG WB 210 -89.21 -26.66 -119.15
CA ARG WB 210 -89.99 -27.85 -119.48
C ARG WB 210 -89.07 -29.07 -119.45
N LYS WB 211 -89.47 -30.10 -118.70
CA LYS WB 211 -88.68 -31.31 -118.57
C LYS WB 211 -89.59 -32.52 -118.71
N ILE WB 212 -89.31 -33.38 -119.70
CA ILE WB 212 -90.12 -34.56 -119.95
C ILE WB 212 -89.22 -35.78 -120.10
N GLU WB 213 -89.84 -36.95 -120.06
CA GLU WB 213 -89.13 -38.23 -120.15
C GLU WB 213 -89.96 -39.21 -120.95
N ILE WB 214 -89.52 -39.50 -122.17
CA ILE WB 214 -90.18 -40.50 -123.01
C ILE WB 214 -89.83 -41.90 -122.50
N PRO WB 215 -90.78 -42.83 -122.51
CA PRO WB 215 -90.52 -44.16 -121.96
C PRO WB 215 -89.81 -45.05 -122.96
N PRO WB 216 -89.25 -46.18 -122.52
CA PRO WB 216 -88.61 -47.10 -123.46
C PRO WB 216 -89.59 -47.62 -124.50
N GLY WB 217 -89.08 -47.81 -125.72
CA GLY WB 217 -89.87 -48.32 -126.81
C GLY WB 217 -90.43 -47.26 -127.74
N THR WB 218 -90.30 -45.98 -127.39
CA THR WB 218 -90.82 -44.91 -128.23
C THR WB 218 -90.07 -44.86 -129.56
N ALA WB 219 -90.82 -44.86 -130.66
CA ALA WB 219 -90.21 -44.82 -131.98
C ALA WB 219 -89.68 -43.42 -132.28
N LEU WB 220 -88.57 -43.36 -133.01
CA LEU WB 220 -87.96 -42.10 -133.41
C LEU WB 220 -88.00 -41.85 -134.91
N ALA WB 221 -87.71 -42.86 -135.72
CA ALA WB 221 -87.66 -42.69 -137.16
C ALA WB 221 -87.93 -44.03 -137.82
N TYR WB 222 -88.22 -43.98 -139.12
CA TYR WB 222 -88.61 -45.18 -139.84
C TYR WB 222 -88.28 -45.04 -141.31
N SER WB 223 -88.29 -46.18 -142.01
CA SER WB 223 -88.15 -46.23 -143.46
C SER WB 223 -89.18 -47.19 -144.01
N PHE WB 224 -89.65 -46.92 -145.23
CA PHE WB 224 -90.75 -47.70 -145.79
C PHE WB 224 -90.50 -47.98 -147.27
N MET WB 225 -91.20 -48.99 -147.77
CA MET WB 225 -91.15 -49.40 -149.17
C MET WB 225 -92.51 -49.20 -149.81
N ASP WB 226 -92.51 -48.71 -151.05
CA ASP WB 226 -93.76 -48.40 -151.73
C ASP WB 226 -94.46 -49.65 -152.23
N LEU WB 227 -95.76 -49.52 -152.48
CA LEU WB 227 -96.58 -50.61 -152.99
C LEU WB 227 -97.48 -50.07 -154.10
N GLU WB 228 -98.14 -51.00 -154.79
CA GLU WB 228 -99.02 -50.65 -155.90
C GLU WB 228 -100.15 -51.67 -155.98
N ILE WB 229 -101.38 -51.19 -156.00
CA ILE WB 229 -102.56 -52.05 -156.13
C ILE WB 229 -102.78 -52.37 -157.60
N LEU WB 230 -102.83 -53.66 -157.94
CA LEU WB 230 -103.18 -54.05 -159.30
C LEU WB 230 -104.67 -53.78 -159.55
N GLU WB 231 -105.11 -54.08 -160.78
CA GLU WB 231 -106.54 -54.02 -161.08
C GLU WB 231 -107.32 -54.89 -160.12
N ASP WB 232 -106.85 -56.12 -159.88
CA ASP WB 232 -107.41 -56.98 -158.86
C ASP WB 232 -106.91 -56.55 -157.48
N ARG WB 233 -107.28 -57.33 -156.47
CA ARG WB 233 -106.78 -57.07 -155.11
C ARG WB 233 -105.30 -57.37 -154.96
N SER WB 234 -104.65 -57.93 -155.98
CA SER WB 234 -103.23 -58.25 -155.91
C SER WB 234 -102.40 -56.99 -155.66
N LEU WB 235 -101.29 -57.18 -154.94
CA LEU WB 235 -100.36 -56.10 -154.62
C LEU WB 235 -99.00 -56.37 -155.24
N ARG WB 236 -98.32 -55.30 -155.63
CA ARG WB 236 -96.99 -55.38 -156.20
C ARG WB 236 -96.08 -54.37 -155.53
N VAL WB 237 -94.78 -54.60 -155.60
CA VAL WB 237 -93.81 -53.68 -155.03
C VAL WB 237 -93.23 -52.83 -156.15
N SER WB 238 -93.00 -51.56 -155.86
CA SER WB 238 -92.53 -50.60 -156.85
C SER WB 238 -91.24 -49.95 -156.39
N SER WB 239 -90.31 -49.76 -157.32
CA SER WB 239 -88.99 -49.19 -157.01
C SER WB 239 -88.72 -48.02 -157.94
N SER WB 240 -88.58 -46.83 -157.36
CA SER WB 240 -88.18 -45.65 -158.12
C SER WB 240 -86.68 -45.71 -158.35
N ALA WB 241 -86.29 -45.99 -159.59
CA ALA WB 241 -84.87 -46.17 -159.96
C ALA WB 241 -84.22 -47.28 -159.13
N GLY WB 242 -85.00 -48.29 -158.76
CA GLY WB 242 -84.48 -49.41 -158.00
C GLY WB 242 -84.13 -49.10 -156.55
N ALA WB 243 -84.66 -48.01 -156.00
CA ALA WB 243 -84.32 -47.64 -154.63
C ALA WB 243 -84.88 -48.66 -153.63
N MET WB 244 -86.16 -48.97 -153.72
CA MET WB 244 -86.86 -49.86 -152.79
C MET WB 244 -86.75 -49.40 -151.34
N PHE WB 245 -86.39 -48.14 -151.12
CA PHE WB 245 -86.30 -47.57 -149.77
C PHE WB 245 -86.66 -46.09 -149.90
N ASP WB 246 -87.90 -45.76 -149.55
CA ASP WB 246 -88.39 -44.40 -149.71
C ASP WB 246 -88.29 -43.66 -148.38
N SER WB 247 -87.71 -42.46 -148.41
CA SER WB 247 -87.56 -41.63 -147.23
C SER WB 247 -88.47 -40.41 -147.27
N GLY WB 248 -89.52 -40.44 -148.07
CA GLY WB 248 -90.41 -39.30 -148.20
C GLY WB 248 -89.70 -38.07 -148.75
N LYS WB 249 -88.83 -38.27 -149.72
CA LYS WB 249 -88.05 -37.17 -150.31
C LYS WB 249 -88.63 -36.81 -151.67
N ALA WB 250 -88.46 -35.54 -152.04
CA ALA WB 250 -88.91 -35.07 -153.34
C ALA WB 250 -88.08 -35.71 -154.45
N GLU WB 251 -88.71 -35.87 -155.62
CA GLU WB 251 -88.02 -36.49 -156.75
C GLU WB 251 -86.82 -35.66 -157.19
N SER WB 252 -86.97 -34.34 -157.22
CA SER WB 252 -85.90 -33.42 -157.61
C SER WB 252 -85.35 -33.74 -158.99
CA ARG XB 3 -71.04 -32.29 -141.83
C ARG XB 3 -71.19 -33.30 -140.69
N PRO XB 4 -71.91 -34.39 -140.95
CA PRO XB 4 -72.08 -35.41 -139.92
C PRO XB 4 -70.75 -36.00 -139.48
N MET XB 5 -70.66 -36.31 -138.19
CA MET XB 5 -69.43 -36.87 -137.65
C MET XB 5 -69.12 -38.23 -138.28
N PHE XB 6 -70.14 -39.04 -138.50
CA PHE XB 6 -69.92 -40.33 -139.13
C PHE XB 6 -69.35 -40.17 -140.53
N ALA XB 7 -69.89 -39.23 -141.31
CA ALA XB 7 -69.36 -38.99 -142.65
C ALA XB 7 -67.93 -38.48 -142.60
N VAL XB 8 -67.64 -37.58 -141.66
CA VAL XB 8 -66.27 -37.06 -141.54
C VAL XB 8 -65.31 -38.19 -141.19
N ALA XB 9 -65.68 -39.04 -140.23
CA ALA XB 9 -64.82 -40.15 -139.86
C ALA XB 9 -64.63 -41.14 -141.00
N VAL XB 10 -65.69 -41.39 -141.76
CA VAL XB 10 -65.58 -42.29 -142.90
C VAL XB 10 -64.61 -41.72 -143.93
N ASN XB 11 -64.71 -40.41 -144.20
CA ASN XB 11 -63.79 -39.78 -145.14
C ASN XB 11 -62.35 -39.85 -144.63
N GLU XB 12 -62.14 -39.60 -143.34
CA GLU XB 12 -60.80 -39.69 -142.78
C GLU XB 12 -60.23 -41.10 -142.92
N PHE XB 13 -61.03 -42.10 -142.61
CA PHE XB 13 -60.58 -43.48 -142.72
C PHE XB 13 -60.26 -43.84 -144.16
N ILE XB 14 -61.14 -43.47 -145.10
CA ILE XB 14 -60.93 -43.85 -146.48
C ILE XB 14 -59.73 -43.12 -147.07
N ARG XB 15 -59.44 -41.91 -146.60
CA ARG XB 15 -58.24 -41.22 -147.04
C ARG XB 15 -56.99 -41.89 -146.48
N SER XB 16 -56.99 -42.18 -145.17
CA SER XB 16 -55.80 -42.77 -144.56
C SER XB 16 -55.49 -44.15 -145.14
N ALA XB 17 -56.52 -44.97 -145.35
CA ALA XB 17 -56.36 -46.31 -145.89
C ALA XB 17 -57.37 -46.52 -147.00
N GLY XB 18 -56.92 -47.11 -148.11
CA GLY XB 18 -57.81 -47.42 -149.21
C GLY XB 18 -58.42 -46.22 -149.89
N GLN XB 19 -57.60 -45.22 -150.22
CA GLN XB 19 -58.11 -44.05 -150.93
C GLN XB 19 -58.66 -44.43 -152.29
N ASP XB 20 -58.16 -45.50 -152.89
CA ASP XB 20 -58.66 -46.01 -154.14
C ASP XB 20 -59.40 -47.33 -153.91
N SER XB 21 -60.36 -47.61 -154.80
CA SER XB 21 -61.15 -48.84 -154.76
C SER XB 21 -61.87 -48.99 -153.42
N LEU XB 22 -62.55 -47.93 -153.00
CA LEU XB 22 -63.31 -47.96 -151.76
C LEU XB 22 -64.38 -46.87 -151.80
N CYS XB 23 -65.58 -47.22 -151.36
CA CYS XB 23 -66.73 -46.32 -151.38
C CYS XB 23 -67.19 -46.08 -149.95
N GLY XB 24 -67.38 -44.81 -149.60
CA GLY XB 24 -67.86 -44.47 -148.28
C GLY XB 24 -69.29 -44.91 -148.04
N VAL XB 25 -69.62 -45.10 -146.78
CA VAL XB 25 -70.97 -45.50 -146.37
C VAL XB 25 -71.80 -44.24 -146.12
N PRO XB 26 -73.00 -44.15 -146.70
CA PRO XB 26 -73.78 -42.91 -146.55
C PRO XB 26 -74.16 -42.57 -145.13
N ASP XB 27 -74.63 -43.55 -144.35
CA ASP XB 27 -75.08 -43.27 -142.99
C ASP XB 27 -75.06 -44.54 -142.18
N ILE XB 28 -75.14 -44.36 -140.85
CA ILE XB 28 -75.07 -45.48 -139.92
C ILE XB 28 -76.23 -46.43 -140.15
N ASN XB 29 -77.43 -45.90 -140.38
CA ASN XB 29 -78.60 -46.74 -140.56
C ASN XB 29 -78.44 -47.67 -141.76
N SER XB 30 -77.94 -47.15 -142.87
CA SER XB 30 -77.78 -47.94 -144.08
C SER XB 30 -76.42 -48.63 -144.16
N SER XB 31 -75.59 -48.49 -143.13
CA SER XB 31 -74.28 -49.16 -143.14
C SER XB 31 -74.45 -50.68 -143.20
N GLY XB 32 -75.48 -51.21 -142.54
CA GLY XB 32 -75.65 -52.65 -142.48
C GLY XB 32 -76.10 -53.29 -143.78
N ASP XB 33 -76.48 -52.49 -144.77
CA ASP XB 33 -76.94 -53.02 -146.05
C ASP XB 33 -75.82 -53.17 -147.06
N PHE XB 34 -74.57 -52.88 -146.67
CA PHE XB 34 -73.43 -52.97 -147.58
C PHE XB 34 -72.45 -54.04 -147.14
N MET XB 35 -72.96 -55.12 -146.56
CA MET XB 35 -72.14 -56.27 -146.23
C MET XB 35 -71.84 -57.08 -147.48
N PRO XB 36 -70.83 -57.95 -147.44
CA PRO XB 36 -70.48 -58.72 -148.64
C PRO XB 36 -71.63 -59.57 -149.15
N LEU XB 37 -71.66 -59.77 -150.46
CA LEU XB 37 -72.70 -60.54 -151.15
C LEU XB 37 -74.06 -59.84 -151.05
N HIS XB 38 -74.06 -58.54 -151.30
CA HIS XB 38 -75.28 -57.75 -151.37
C HIS XB 38 -75.39 -57.08 -152.73
N ILE XB 39 -76.61 -56.96 -153.22
CA ILE XB 39 -76.88 -56.34 -154.52
C ILE XB 39 -77.14 -54.86 -154.31
N ILE XB 40 -76.52 -54.02 -155.15
CA ILE XB 40 -76.75 -52.58 -155.15
C ILE XB 40 -77.02 -52.14 -156.57
N VAL XB 41 -77.65 -50.97 -156.71
CA VAL XB 41 -78.01 -50.41 -158.00
C VAL XB 41 -77.20 -49.15 -158.23
N LYS XB 42 -76.65 -49.02 -159.43
CA LYS XB 42 -75.85 -47.86 -159.81
C LYS XB 42 -76.57 -47.10 -160.91
N GLU XB 43 -76.69 -45.78 -160.72
CA GLU XB 43 -77.36 -44.89 -161.66
C GLU XB 43 -76.35 -43.90 -162.20
N VAL XB 44 -76.32 -43.75 -163.52
CA VAL XB 44 -75.38 -42.87 -164.19
C VAL XB 44 -75.78 -41.41 -163.96
N PRO XB 45 -74.84 -40.47 -163.99
CA PRO XB 45 -75.20 -39.06 -163.76
C PRO XB 45 -76.20 -38.51 -164.77
N LYS XB 46 -76.14 -38.97 -166.02
CA LYS XB 46 -76.99 -38.56 -167.13
C LYS XB 46 -76.73 -37.13 -167.59
N VAL XB 47 -75.84 -36.39 -166.93
CA VAL XB 47 -75.52 -35.03 -167.32
C VAL XB 47 -74.05 -34.96 -167.73
N LEU XB 48 -73.16 -35.29 -166.80
CA LEU XB 48 -71.72 -35.35 -167.05
C LEU XB 48 -71.21 -36.69 -166.54
N PRO XB 49 -71.48 -37.78 -167.26
CA PRO XB 49 -71.08 -39.10 -166.77
C PRO XB 49 -69.59 -39.24 -166.52
N CYS XB 50 -68.76 -38.62 -167.35
CA CYS XB 50 -67.32 -38.70 -167.17
C CYS XB 50 -66.78 -37.71 -166.16
N CYS XB 51 -67.61 -36.77 -165.69
CA CYS XB 51 -67.16 -35.76 -164.74
C CYS XB 51 -67.80 -35.89 -163.36
N ARG XB 52 -68.86 -36.67 -163.22
CA ARG XB 52 -69.58 -36.81 -161.96
C ARG XB 52 -69.64 -38.27 -161.58
N ARG XB 53 -69.47 -38.55 -160.28
CA ARG XB 53 -69.54 -39.92 -159.80
C ARG XB 53 -71.01 -40.38 -159.78
N PRO XB 54 -71.24 -41.66 -160.06
CA PRO XB 54 -72.63 -42.16 -160.14
C PRO XB 54 -73.32 -42.21 -158.78
N LYS XB 55 -74.58 -42.61 -158.77
CA LYS XB 55 -75.40 -42.69 -157.56
C LYS XB 55 -75.63 -44.15 -157.19
N ILE XB 56 -75.40 -44.47 -155.93
CA ILE XB 56 -75.48 -45.85 -155.45
C ILE XB 56 -76.69 -46.00 -154.54
N LYS XB 57 -77.52 -46.99 -154.83
CA LYS XB 57 -78.76 -47.26 -154.12
C LYS XB 57 -78.70 -48.65 -153.51
N ARG XB 58 -79.01 -48.75 -152.22
CA ARG XB 58 -79.04 -50.04 -151.54
C ARG XB 58 -80.34 -50.77 -151.83
N THR XB 59 -80.27 -52.09 -151.80
CA THR XB 59 -81.43 -52.94 -152.01
C THR XB 59 -81.47 -54.03 -150.96
N PRO XB 60 -82.67 -54.50 -150.59
CA PRO XB 60 -82.79 -55.57 -149.59
C PRO XB 60 -82.72 -56.96 -150.22
N TYR XB 61 -81.61 -57.24 -150.91
CA TYR XB 61 -81.44 -58.50 -151.60
C TYR XB 61 -80.02 -59.02 -151.40
N THR XB 62 -79.89 -60.33 -151.38
CA THR XB 62 -78.61 -61.01 -151.43
C THR XB 62 -78.47 -61.75 -152.75
N LEU XB 63 -77.28 -62.27 -152.99
CA LEU XB 63 -77.03 -62.98 -154.25
C LEU XB 63 -77.91 -64.21 -154.38
N ASN XB 64 -78.04 -64.98 -153.30
CA ASN XB 64 -78.83 -66.21 -153.35
C ASN XB 64 -80.31 -65.90 -153.57
N ASP XB 65 -80.81 -64.79 -153.00
CA ASP XB 65 -82.19 -64.41 -153.22
C ASP XB 65 -82.40 -63.94 -154.66
N ILE XB 66 -81.45 -63.15 -155.18
CA ILE XB 66 -81.63 -62.60 -156.53
C ILE XB 66 -81.45 -63.68 -157.60
N LEU XB 67 -80.72 -64.75 -157.28
CA LEU XB 67 -80.43 -65.80 -158.24
C LEU XB 67 -81.34 -67.00 -158.03
N ASP XB 68 -81.80 -67.59 -159.14
CA ASP XB 68 -82.56 -68.82 -159.06
C ASP XB 68 -81.69 -69.95 -158.49
N GLU XB 69 -80.43 -70.03 -158.93
CA GLU XB 69 -79.52 -71.05 -158.45
C GLU XB 69 -78.65 -70.48 -157.34
N PRO XB 70 -78.63 -71.10 -156.16
CA PRO XB 70 -77.82 -70.56 -155.06
C PRO XB 70 -76.34 -70.74 -155.29
N CYS XB 71 -75.56 -69.94 -154.57
CA CYS XB 71 -74.11 -69.94 -154.63
C CYS XB 71 -73.57 -70.04 -153.21
N PRO XB 72 -72.35 -70.56 -153.04
CA PRO XB 72 -71.74 -70.56 -151.70
C PRO XB 72 -71.59 -69.14 -151.18
N ASN XB 73 -71.77 -68.98 -149.87
CA ASN XB 73 -71.82 -67.65 -149.26
C ASN XB 73 -70.99 -67.53 -147.99
N GLN XB 74 -70.09 -68.47 -147.72
CA GLN XB 74 -69.26 -68.39 -146.53
C GLN XB 74 -68.33 -67.19 -146.60
N LEU XB 75 -68.04 -66.61 -145.43
CA LEU XB 75 -67.23 -65.40 -145.34
C LEU XB 75 -66.04 -65.62 -144.42
N LYS XB 76 -65.12 -64.66 -144.44
CA LYS XB 76 -63.96 -64.66 -143.56
C LYS XB 76 -63.53 -63.22 -143.35
N SER XB 77 -62.90 -62.97 -142.20
CA SER XB 77 -62.48 -61.63 -141.83
C SER XB 77 -61.03 -61.64 -141.36
N SER XB 78 -60.35 -60.52 -141.59
CA SER XB 78 -58.96 -60.37 -141.20
C SER XB 78 -58.66 -58.90 -140.96
N ASP XB 79 -57.64 -58.64 -140.15
CA ASP XB 79 -57.33 -57.26 -139.78
C ASP XB 79 -56.86 -56.46 -140.99
N LEU XB 80 -57.20 -55.18 -141.00
CA LEU XB 80 -56.83 -54.28 -142.08
C LEU XB 80 -55.95 -53.14 -141.62
N VAL XB 81 -56.36 -52.38 -140.60
CA VAL XB 81 -55.59 -51.24 -140.09
C VAL XB 81 -55.98 -51.04 -138.64
N THR XB 82 -55.12 -50.33 -137.91
CA THR XB 82 -55.31 -50.10 -136.48
C THR XB 82 -54.92 -48.66 -136.16
N PHE XB 83 -55.90 -47.87 -135.71
CA PHE XB 83 -55.67 -46.50 -135.27
C PHE XB 83 -55.31 -46.53 -133.79
N THR XB 84 -54.02 -46.44 -133.49
CA THR XB 84 -53.57 -46.56 -132.10
C THR XB 84 -54.06 -45.40 -131.25
N GLU XB 85 -54.09 -44.19 -131.81
CA GLU XB 85 -54.51 -43.02 -131.08
C GLU XB 85 -55.61 -42.29 -131.83
N PRO XB 86 -56.49 -41.58 -131.11
CA PRO XB 86 -57.60 -40.91 -131.79
C PRO XB 86 -57.13 -39.83 -132.75
N LEU XB 87 -57.84 -39.69 -133.86
CA LEU XB 87 -57.65 -38.57 -134.77
C LEU XB 87 -58.21 -37.31 -134.12
N VAL XB 88 -57.35 -36.33 -133.88
CA VAL XB 88 -57.71 -35.11 -133.17
C VAL XB 88 -57.51 -33.93 -134.11
N SER XB 89 -58.51 -33.05 -134.17
CA SER XB 89 -58.46 -31.87 -135.02
C SER XB 89 -58.91 -30.65 -134.22
N ASN XB 90 -58.18 -29.55 -134.38
CA ASN XB 90 -58.50 -28.29 -133.71
C ASN XB 90 -58.45 -27.16 -134.74
N VAL XB 91 -59.47 -26.30 -134.71
CA VAL XB 91 -59.52 -25.10 -135.54
C VAL XB 91 -59.90 -23.94 -134.63
N LYS XB 92 -59.17 -22.84 -134.76
CA LYS XB 92 -59.42 -21.66 -133.93
C LYS XB 92 -59.25 -20.42 -134.79
N ALA XB 93 -60.33 -19.70 -135.01
CA ALA XB 93 -60.31 -18.49 -135.83
C ALA XB 93 -60.80 -17.31 -135.01
N SER XB 94 -60.26 -16.13 -135.29
CA SER XB 94 -60.67 -14.91 -134.62
C SER XB 94 -60.38 -13.73 -135.54
N SER XB 95 -61.36 -12.86 -135.73
CA SER XB 95 -61.22 -11.73 -136.64
C SER XB 95 -61.94 -10.52 -136.07
N SER XB 96 -61.51 -9.35 -136.52
CA SER XB 96 -62.10 -8.08 -136.10
C SER XB 96 -62.05 -7.10 -137.26
N ILE XB 97 -63.10 -6.31 -137.41
CA ILE XB 97 -63.23 -5.33 -138.48
C ILE XB 97 -63.63 -4.00 -137.87
N GLY XB 98 -62.98 -2.93 -138.31
CA GLY XB 98 -63.32 -1.59 -137.87
C GLY XB 98 -63.43 -0.62 -139.02
N LEU XB 99 -64.60 -0.02 -139.22
CA LEU XB 99 -64.86 0.91 -140.31
C LEU XB 99 -65.24 2.26 -139.73
N GLN XB 100 -64.64 3.33 -140.26
CA GLN XB 100 -64.97 4.68 -139.83
C GLN XB 100 -65.10 5.57 -141.07
N ILE XB 101 -66.21 6.30 -141.14
CA ILE XB 101 -66.43 7.31 -142.18
C ILE XB 101 -66.56 8.65 -141.47
N LEU XB 102 -65.47 9.42 -141.48
CA LEU XB 102 -65.40 10.77 -140.90
C LEU XB 102 -65.83 10.69 -139.45
N LYS XB 103 -66.69 11.58 -138.96
CA LYS XB 103 -67.33 11.45 -137.67
C LYS XB 103 -68.81 11.11 -137.81
N HIS XB 104 -69.20 10.52 -138.94
CA HIS XB 104 -70.59 10.19 -139.22
C HIS XB 104 -70.90 8.71 -139.12
N PHE XB 105 -69.95 7.83 -139.43
CA PHE XB 105 -70.18 6.40 -139.34
C PHE XB 105 -69.05 5.74 -138.58
N ASP XB 106 -69.38 4.81 -137.69
CA ASP XB 106 -68.35 4.09 -136.93
C ASP XB 106 -68.89 2.71 -136.57
N SER XB 107 -68.38 1.67 -137.21
CA SER XB 107 -68.82 0.31 -136.96
C SER XB 107 -67.64 -0.55 -136.53
N GLY XB 108 -67.85 -1.36 -135.50
CA GLY XB 108 -66.86 -2.30 -135.05
C GLY XB 108 -67.43 -3.69 -134.83
N ALA XB 109 -66.94 -4.67 -135.59
CA ALA XB 109 -67.43 -6.03 -135.50
C ALA XB 109 -66.28 -6.96 -135.14
N LYS XB 110 -66.61 -8.10 -134.54
CA LYS XB 110 -65.60 -9.09 -134.21
C LYS XB 110 -66.27 -10.44 -134.08
N GLY XB 111 -65.50 -11.48 -134.40
CA GLY XB 111 -66.01 -12.83 -134.34
C GLY XB 111 -64.91 -13.80 -133.96
N SER XB 112 -65.33 -14.92 -133.38
CA SER XB 112 -64.39 -15.96 -132.98
C SER XB 112 -65.07 -17.32 -133.08
N LYS XB 113 -64.28 -18.35 -133.32
CA LYS XB 113 -64.79 -19.70 -133.47
C LYS XB 113 -63.73 -20.69 -133.01
N ASN XB 114 -64.17 -21.71 -132.27
CA ASN XB 114 -63.31 -22.78 -131.79
C ASN XB 114 -64.01 -24.10 -132.03
N PHE XB 115 -63.36 -24.97 -132.80
CA PHE XB 115 -63.95 -26.24 -133.25
C PHE XB 115 -62.98 -27.36 -132.93
N ILE XB 116 -63.46 -28.39 -132.23
CA ILE XB 116 -62.61 -29.50 -131.81
C ILE XB 116 -63.29 -30.81 -132.19
N THR XB 117 -62.53 -31.73 -132.75
CA THR XB 117 -63.05 -33.02 -133.18
C THR XB 117 -62.11 -34.13 -132.73
N SER XB 118 -62.68 -35.26 -132.32
CA SER XB 118 -61.90 -36.43 -131.93
C SER XB 118 -62.63 -37.69 -132.38
N ALA XB 119 -61.91 -38.56 -133.09
CA ALA XB 119 -62.47 -39.82 -133.57
C ALA XB 119 -61.58 -40.97 -133.16
N SER XB 120 -62.16 -41.96 -132.49
CA SER XB 120 -61.44 -43.15 -132.04
C SER XB 120 -62.11 -44.35 -132.69
N LEU XB 121 -61.49 -44.87 -133.75
CA LEU XB 121 -62.02 -46.01 -134.50
C LEU XB 121 -61.46 -47.34 -134.05
N GLY XB 122 -60.45 -47.36 -133.19
CA GLY XB 122 -59.90 -48.61 -132.71
C GLY XB 122 -59.29 -49.41 -133.84
N THR XB 123 -59.76 -50.65 -133.99
CA THR XB 123 -59.27 -51.57 -135.01
C THR XB 123 -60.34 -51.76 -136.08
N VAL XB 124 -59.92 -51.75 -137.34
CA VAL XB 124 -60.81 -51.95 -138.47
C VAL XB 124 -60.41 -53.26 -139.15
N VAL XB 125 -61.40 -54.13 -139.37
CA VAL XB 125 -61.17 -55.40 -140.04
C VAL XB 125 -61.88 -55.37 -141.39
N LYS XB 126 -61.53 -56.34 -142.24
CA LYS XB 126 -62.11 -56.49 -143.56
C LYS XB 126 -62.74 -57.87 -143.66
N ALA XB 127 -63.97 -57.91 -144.15
CA ALA XB 127 -64.71 -59.15 -144.32
C ALA XB 127 -65.02 -59.35 -145.79
N GLU XB 128 -64.84 -60.59 -146.25
CA GLU XB 128 -64.99 -60.92 -147.66
C GLU XB 128 -65.23 -62.41 -147.80
N THR XB 129 -65.74 -62.80 -148.97
CA THR XB 129 -66.00 -64.21 -149.25
C THR XB 129 -64.70 -65.01 -149.17
N ILE XB 130 -64.80 -66.24 -148.69
CA ILE XB 130 -63.62 -67.10 -148.59
C ILE XB 130 -63.04 -67.37 -149.97
N ASP XB 131 -63.89 -67.67 -150.94
CA ASP XB 131 -63.46 -67.91 -152.31
C ASP XB 131 -64.39 -67.13 -153.24
N ILE XB 132 -63.82 -66.18 -153.97
CA ILE XB 132 -64.61 -65.36 -154.88
C ILE XB 132 -64.72 -65.99 -156.27
N THR XB 133 -63.72 -66.79 -156.66
CA THR XB 133 -63.74 -67.42 -157.97
C THR XB 133 -64.93 -68.36 -158.12
N LYS XB 134 -65.23 -69.15 -157.08
CA LYS XB 134 -66.38 -70.04 -157.13
C LYS XB 134 -67.68 -69.25 -157.25
N VAL XB 135 -67.80 -68.17 -156.48
CA VAL XB 135 -68.99 -67.34 -156.54
C VAL XB 135 -69.16 -66.77 -157.94
N LEU XB 136 -68.07 -66.28 -158.53
CA LEU XB 136 -68.15 -65.72 -159.88
C LEU XB 136 -68.55 -66.78 -160.89
N ALA XB 137 -67.97 -67.97 -160.80
CA ALA XB 137 -68.31 -69.04 -161.73
C ALA XB 137 -69.79 -69.39 -161.63
N LYS XB 138 -70.28 -69.58 -160.41
CA LYS XB 138 -71.69 -69.92 -160.22
C LYS XB 138 -72.61 -68.80 -160.72
N VAL XB 139 -72.23 -67.55 -160.47
CA VAL XB 139 -73.03 -66.43 -160.99
C VAL XB 139 -73.12 -66.50 -162.50
N ARG XB 140 -71.98 -66.69 -163.16
CA ARG XB 140 -71.96 -66.72 -164.61
C ARG XB 140 -72.79 -67.88 -165.16
N THR XB 141 -72.80 -69.01 -164.44
CA THR XB 141 -73.57 -70.16 -164.90
C THR XB 141 -75.00 -70.19 -164.35
N ALA XB 142 -75.40 -69.20 -163.56
CA ALA XB 142 -76.71 -69.20 -162.92
C ALA XB 142 -77.60 -68.10 -163.50
N LYS XB 143 -78.90 -68.35 -163.52
CA LYS XB 143 -79.88 -67.39 -164.00
C LYS XB 143 -80.56 -66.67 -162.84
N ALA XB 144 -80.93 -65.40 -163.08
CA ALA XB 144 -81.58 -64.60 -162.07
C ALA XB 144 -83.02 -65.06 -161.84
N LYS XB 145 -83.62 -64.54 -160.79
CA LYS XB 145 -84.99 -64.90 -160.44
C LYS XB 145 -85.98 -64.21 -161.39
N VAL XB 146 -86.77 -65.01 -162.11
CA VAL XB 146 -87.76 -64.45 -163.03
C VAL XB 146 -88.80 -63.65 -162.28
N GLU XB 147 -89.21 -64.13 -161.10
CA GLU XB 147 -90.22 -63.42 -160.31
C GLU XB 147 -89.75 -62.03 -159.90
N ASN XB 148 -88.46 -61.86 -159.62
CA ASN XB 148 -87.95 -60.59 -159.12
C ASN XB 148 -88.22 -59.46 -160.10
N ASP XB 149 -88.70 -58.34 -159.58
CA ASP XB 149 -89.02 -57.17 -160.39
C ASP XB 149 -87.83 -56.26 -160.61
N LEU XB 150 -86.95 -56.14 -159.61
CA LEU XB 150 -85.78 -55.29 -159.71
C LEU XB 150 -84.91 -55.68 -160.90
N VAL XB 151 -84.67 -56.99 -161.07
CA VAL XB 151 -83.85 -57.46 -162.18
C VAL XB 151 -84.47 -57.05 -163.51
N SER XB 152 -85.78 -57.22 -163.65
CA SER XB 152 -86.45 -56.85 -164.90
C SER XB 152 -86.35 -55.35 -165.14
N ARG XB 153 -86.53 -54.55 -164.08
CA ARG XB 153 -86.39 -53.10 -164.22
C ARG XB 153 -85.00 -52.74 -164.72
N VAL XB 154 -83.96 -53.30 -164.10
CA VAL XB 154 -82.59 -53.00 -164.51
C VAL XB 154 -82.32 -53.48 -165.92
N MET XB 155 -82.91 -54.61 -166.32
CA MET XB 155 -82.74 -55.12 -167.68
C MET XB 155 -83.36 -54.18 -168.70
N LYS XB 156 -84.58 -53.71 -168.43
CA LYS XB 156 -85.25 -52.86 -169.42
C LYS XB 156 -84.64 -51.46 -169.47
N THR XB 157 -84.18 -50.95 -168.33
CA THR XB 157 -83.56 -49.64 -168.32
C THR XB 157 -82.10 -49.74 -168.73
N LYS XB 158 -81.57 -48.64 -169.26
CA LYS XB 158 -80.18 -48.58 -169.72
C LYS XB 158 -79.25 -47.89 -168.73
N ARG XB 159 -79.77 -46.96 -167.92
CA ARG XB 159 -78.92 -46.28 -166.96
C ARG XB 159 -78.58 -47.17 -165.78
N LEU XB 160 -79.55 -47.95 -165.31
CA LEU XB 160 -79.36 -48.75 -164.12
C LEU XB 160 -78.39 -49.90 -164.37
N CYS XB 161 -77.53 -50.16 -163.38
CA CYS XB 161 -76.61 -51.28 -163.42
C CYS XB 161 -76.62 -51.98 -162.06
N LEU XB 162 -76.28 -53.26 -162.06
CA LEU XB 162 -76.25 -54.05 -160.84
C LEU XB 162 -74.82 -54.24 -160.35
N GLY XB 163 -74.64 -54.23 -159.04
CA GLY XB 163 -73.33 -54.45 -158.47
C GLY XB 163 -73.35 -55.36 -157.26
N LEU XB 164 -72.42 -56.30 -157.20
CA LEU XB 164 -72.30 -57.24 -156.10
C LEU XB 164 -71.18 -56.78 -155.18
N VAL XB 165 -71.49 -56.59 -153.90
CA VAL XB 165 -70.49 -56.15 -152.93
C VAL XB 165 -69.64 -57.34 -152.53
N VAL XB 166 -68.32 -57.16 -152.55
CA VAL XB 166 -67.39 -58.26 -152.36
C VAL XB 166 -66.49 -58.10 -151.13
N GLU XB 167 -66.32 -56.89 -150.59
CA GLU XB 167 -65.50 -56.72 -149.40
C GLU XB 167 -66.02 -55.52 -148.61
N THR XB 168 -65.94 -55.61 -147.29
CA THR XB 168 -66.45 -54.56 -146.43
C THR XB 168 -65.52 -54.33 -145.25
N ALA XB 169 -65.32 -53.06 -144.90
CA ALA XB 169 -64.50 -52.68 -143.76
C ALA XB 169 -65.40 -52.34 -142.59
N CYS XB 170 -65.19 -53.02 -141.46
CA CYS XB 170 -66.05 -52.88 -140.28
C CYS XB 170 -65.19 -52.69 -139.03
N VAL XB 171 -65.70 -51.92 -138.09
CA VAL XB 171 -64.99 -51.69 -136.83
C VAL XB 171 -65.12 -52.93 -135.95
N ALA XB 172 -63.99 -53.38 -135.41
CA ALA XB 172 -64.01 -54.56 -134.55
C ALA XB 172 -64.66 -54.26 -133.20
N ALA XB 173 -64.40 -53.08 -132.65
CA ALA XB 173 -64.93 -52.68 -131.35
C ALA XB 173 -65.69 -51.38 -131.49
N ALA XB 174 -66.21 -50.89 -130.36
CA ALA XB 174 -66.99 -49.66 -130.37
C ALA XB 174 -66.12 -48.47 -130.75
N GLY XB 175 -66.68 -47.57 -131.55
CA GLY XB 175 -65.98 -46.37 -132.00
C GLY XB 175 -66.62 -45.12 -131.42
N LYS XB 176 -65.77 -44.20 -130.98
CA LYS XB 176 -66.24 -43.00 -130.28
C LYS XB 176 -65.97 -41.75 -131.11
N LEU XB 177 -67.00 -40.92 -131.28
CA LEU XB 177 -66.90 -39.69 -132.05
C LEU XB 177 -67.36 -38.53 -131.20
N THR XB 178 -66.49 -37.53 -131.00
CA THR XB 178 -66.78 -36.38 -130.16
C THR XB 178 -66.51 -35.09 -130.92
N GLU XB 179 -67.40 -34.11 -130.76
CA GLU XB 179 -67.29 -32.82 -131.43
C GLU XB 179 -67.73 -31.72 -130.48
N ALA XB 180 -66.96 -30.62 -130.46
CA ALA XB 180 -67.27 -29.46 -129.65
C ALA XB 180 -67.14 -28.20 -130.49
N ASP XB 181 -68.11 -27.29 -130.35
CA ASP XB 181 -68.16 -26.06 -131.11
C ASP XB 181 -68.46 -24.91 -130.16
N ASN XB 182 -67.73 -23.80 -130.30
CA ASN XB 182 -67.99 -22.60 -129.52
C ASN XB 182 -67.69 -21.40 -130.40
N TRP XB 183 -68.71 -20.65 -130.78
CA TRP XB 183 -68.45 -19.47 -131.61
C TRP XB 183 -69.24 -18.28 -131.08
N GLU XB 184 -68.73 -17.08 -131.39
CA GLU XB 184 -69.22 -15.85 -130.79
C GLU XB 184 -69.10 -14.70 -131.78
N ILE XB 185 -70.11 -13.82 -131.79
CA ILE XB 185 -70.15 -12.64 -132.64
C ILE XB 185 -70.50 -11.44 -131.78
N SER XB 186 -69.75 -10.35 -131.94
CA SER XB 186 -70.03 -9.10 -131.23
C SER XB 186 -69.92 -7.94 -132.20
N GLY XB 187 -71.00 -7.22 -132.42
CA GLY XB 187 -71.02 -6.12 -133.36
C GLY XB 187 -71.58 -4.86 -132.74
N HIS XB 188 -71.12 -3.72 -133.26
CA HIS XB 188 -71.52 -2.41 -132.77
C HIS XB 188 -71.55 -1.44 -133.93
N THR XB 189 -72.56 -0.58 -133.95
CA THR XB 189 -72.76 0.40 -135.01
C THR XB 189 -73.12 1.74 -134.40
N ASN XB 190 -72.52 2.81 -134.91
CA ASN XB 190 -72.78 4.17 -134.45
C ASN XB 190 -72.93 5.07 -135.68
N ALA XB 191 -74.15 5.51 -135.94
CA ALA XB 191 -74.44 6.43 -137.03
C ALA XB 191 -74.77 7.80 -136.41
N ASN XB 192 -73.82 8.73 -136.53
CA ASN XB 192 -73.98 10.08 -136.00
C ASN XB 192 -74.30 11.02 -137.15
N ILE XB 193 -75.43 11.71 -137.04
CA ILE XB 193 -75.85 12.70 -138.02
C ILE XB 193 -76.17 13.98 -137.27
N GLY XB 194 -76.24 15.09 -138.01
CA GLY XB 194 -76.47 16.39 -137.39
C GLY XB 194 -77.74 16.44 -136.56
N GLU XB 195 -78.79 15.71 -136.97
CA GLU XB 195 -80.05 15.69 -136.26
C GLU XB 195 -80.46 14.30 -135.81
N ALA XB 196 -79.58 13.30 -135.93
CA ALA XB 196 -79.93 11.94 -135.55
C ALA XB 196 -78.69 11.23 -135.04
N VAL XB 197 -78.86 10.45 -133.97
CA VAL XB 197 -77.81 9.63 -133.40
C VAL XB 197 -78.37 8.24 -133.16
N VAL XB 198 -77.75 7.23 -133.76
CA VAL XB 198 -78.17 5.84 -133.63
C VAL XB 198 -76.99 5.03 -133.10
N THR XB 199 -77.22 4.27 -132.04
CA THR XB 199 -76.18 3.43 -131.43
C THR XB 199 -76.76 2.04 -131.20
N ALA XB 200 -76.32 1.07 -132.00
CA ALA XB 200 -76.81 -0.30 -131.93
C ALA XB 200 -75.67 -1.23 -131.52
N THR XB 201 -76.02 -2.28 -130.79
CA THR XB 201 -75.04 -3.26 -130.32
C THR XB 201 -75.71 -4.63 -130.27
N ALA XB 202 -74.98 -5.67 -130.66
CA ALA XB 202 -75.51 -7.03 -130.65
C ALA XB 202 -74.40 -8.02 -130.33
N GLU XB 203 -74.64 -8.87 -129.32
CA GLU XB 203 -73.71 -9.91 -128.94
C GLU XB 203 -74.43 -11.24 -128.88
N LEU XB 204 -73.79 -12.28 -129.41
CA LEU XB 204 -74.35 -13.62 -129.28
C LEU XB 204 -73.21 -14.64 -129.31
N ASP XB 205 -73.51 -15.83 -128.79
CA ASP XB 205 -72.52 -16.90 -128.76
C ASP XB 205 -73.24 -18.23 -128.60
N LYS XB 206 -72.82 -19.22 -129.37
CA LYS XB 206 -73.42 -20.55 -129.37
C LYS XB 206 -72.38 -21.59 -129.00
N ASN XB 207 -72.78 -22.55 -128.19
CA ASN XB 207 -71.95 -23.66 -127.74
C ASN XB 207 -72.68 -24.96 -127.97
N LEU XB 208 -72.02 -25.92 -128.63
CA LEU XB 208 -72.58 -27.23 -128.91
C LEU XB 208 -71.57 -28.31 -128.60
N SER XB 209 -72.07 -29.50 -128.26
CA SER XB 209 -71.21 -30.65 -128.00
C SER XB 209 -71.99 -31.92 -128.32
N ARG XB 210 -71.45 -32.76 -129.19
CA ARG XB 210 -72.09 -33.99 -129.60
C ARG XB 210 -71.12 -35.15 -129.44
N LYS XB 211 -71.54 -36.20 -128.74
CA LYS XB 211 -70.69 -37.36 -128.49
C LYS XB 211 -71.50 -38.63 -128.74
N ILE XB 212 -71.05 -39.47 -129.67
CA ILE XB 212 -71.75 -40.70 -130.02
C ILE XB 212 -70.75 -41.85 -130.03
N GLU XB 213 -71.30 -43.07 -130.06
CA GLU XB 213 -70.50 -44.29 -130.03
C GLU XB 213 -71.17 -45.33 -130.92
N ILE XB 214 -70.55 -45.60 -132.07
CA ILE XB 214 -71.04 -46.64 -132.98
C ILE XB 214 -70.67 -48.01 -132.42
N PRO XB 215 -71.54 -49.00 -132.53
CA PRO XB 215 -71.28 -50.31 -131.94
C PRO XB 215 -70.39 -51.16 -132.83
N PRO XB 216 -69.83 -52.24 -132.31
CA PRO XB 216 -69.01 -53.13 -133.15
C PRO XB 216 -69.81 -53.71 -134.30
N GLY XB 217 -69.14 -53.87 -135.44
CA GLY XB 217 -69.74 -54.44 -136.63
C GLY XB 217 -70.26 -53.42 -137.63
N THR XB 218 -70.25 -52.13 -137.28
CA THR XB 218 -70.73 -51.11 -138.20
C THR XB 218 -69.82 -51.01 -139.41
N ALA XB 219 -70.42 -51.06 -140.60
CA ALA XB 219 -69.65 -50.98 -141.83
C ALA XB 219 -69.18 -49.55 -142.08
N LEU XB 220 -67.99 -49.43 -142.67
CA LEU XB 220 -67.41 -48.12 -142.99
C LEU XB 220 -67.28 -47.88 -144.48
N ALA XB 221 -66.83 -48.88 -145.25
CA ALA XB 221 -66.60 -48.71 -146.67
C ALA XB 221 -66.70 -50.07 -147.35
N TYR XB 222 -66.82 -50.04 -148.67
CA TYR XB 222 -67.05 -51.27 -149.42
C TYR XB 222 -66.54 -51.11 -150.85
N SER XB 223 -66.39 -52.25 -151.53
CA SER XB 223 -66.06 -52.29 -152.94
C SER XB 223 -66.95 -53.32 -153.61
N PHE XB 224 -67.28 -53.09 -154.88
CA PHE XB 224 -68.24 -53.94 -155.57
C PHE XB 224 -67.80 -54.20 -156.99
N MET XB 225 -68.36 -55.26 -157.56
CA MET XB 225 -68.11 -55.67 -158.95
C MET XB 225 -69.38 -55.56 -159.76
N ASP XB 226 -69.26 -55.08 -160.99
CA ASP XB 226 -70.43 -54.84 -161.82
C ASP XB 226 -70.98 -56.15 -162.40
N LEU XB 227 -72.24 -56.10 -162.81
CA LEU XB 227 -72.92 -57.24 -163.42
C LEU XB 227 -73.70 -56.76 -164.63
N GLU XB 228 -74.21 -57.74 -165.39
CA GLU XB 228 -74.97 -57.45 -166.61
C GLU XB 228 -75.99 -58.54 -166.82
N ILE XB 229 -77.25 -58.14 -167.00
CA ILE XB 229 -78.34 -59.07 -167.26
C ILE XB 229 -78.36 -59.41 -168.75
N LEU XB 230 -78.29 -60.70 -169.07
CA LEU XB 230 -78.43 -61.12 -170.46
C LEU XB 230 -79.89 -60.94 -170.91
N GLU XB 231 -80.15 -61.28 -172.18
CA GLU XB 231 -81.52 -61.32 -172.66
C GLU XB 231 -82.38 -62.23 -171.79
N ASP XB 232 -81.86 -63.42 -171.49
CA ASP XB 232 -82.48 -64.32 -170.53
C ASP XB 232 -82.20 -63.85 -169.11
N ARG XB 233 -82.63 -64.65 -168.13
CA ARG XB 233 -82.34 -64.35 -166.74
C ARG XB 233 -80.86 -64.55 -166.39
N SER XB 234 -80.06 -65.08 -167.31
CA SER XB 234 -78.65 -65.30 -167.06
C SER XB 234 -77.93 -63.99 -166.72
N LEU XB 235 -76.91 -64.10 -165.86
CA LEU XB 235 -76.11 -62.97 -165.45
C LEU XB 235 -74.67 -63.16 -165.88
N ARG XB 236 -74.01 -62.04 -166.19
CA ARG XB 236 -72.61 -62.05 -166.60
C ARG XB 236 -71.86 -60.97 -165.82
N VAL XB 237 -70.55 -61.12 -165.72
CA VAL XB 237 -69.72 -60.13 -165.05
C VAL XB 237 -69.06 -59.25 -166.10
N SER XB 238 -68.95 -57.96 -165.80
CA SER XB 238 -68.42 -56.99 -166.73
C SER XB 238 -67.24 -56.25 -166.11
N SER XB 239 -66.21 -56.00 -166.91
CA SER XB 239 -64.98 -55.35 -166.45
C SER XB 239 -64.67 -54.17 -167.35
N SER XB 240 -64.68 -52.97 -166.78
CA SER XB 240 -64.27 -51.77 -167.50
C SER XB 240 -62.75 -51.73 -167.53
N ALA XB 241 -62.17 -51.99 -168.71
CA ALA XB 241 -60.73 -52.08 -168.89
C ALA XB 241 -60.12 -53.14 -167.97
N GLY XB 242 -60.87 -54.20 -167.69
CA GLY XB 242 -60.38 -55.28 -166.86
C GLY XB 242 -60.24 -54.95 -165.39
N ALA XB 243 -60.91 -53.89 -164.92
CA ALA XB 243 -60.77 -53.49 -163.52
C ALA XB 243 -61.37 -54.55 -162.59
N MET XB 244 -62.63 -54.93 -162.83
CA MET XB 244 -63.37 -55.87 -161.99
C MET XB 244 -63.47 -55.39 -160.55
N PHE XB 245 -63.22 -54.11 -160.29
CA PHE XB 245 -63.35 -53.53 -158.95
C PHE XB 245 -63.78 -52.08 -159.13
N ASP XB 246 -65.07 -51.82 -158.95
CA ASP XB 246 -65.62 -50.50 -159.19
C ASP XB 246 -65.74 -49.76 -157.86
N SER XB 247 -65.25 -48.52 -157.84
CA SER XB 247 -65.29 -47.67 -156.66
C SER XB 247 -66.27 -46.52 -156.82
N GLY XB 248 -67.20 -46.63 -157.77
CA GLY XB 248 -68.13 -45.54 -158.01
C GLY XB 248 -67.45 -44.27 -158.48
N LYS XB 249 -66.43 -44.41 -159.33
CA LYS XB 249 -65.67 -43.28 -159.83
C LYS XB 249 -66.09 -42.95 -161.26
N ALA XB 250 -65.95 -41.68 -161.61
CA ALA XB 250 -66.26 -41.24 -162.96
C ALA XB 250 -65.27 -41.84 -163.96
N GLU XB 251 -65.73 -42.04 -165.19
CA GLU XB 251 -64.86 -42.62 -166.22
C GLU XB 251 -63.67 -41.71 -166.51
N SER XB 252 -63.90 -40.40 -166.57
CA SER XB 252 -62.86 -39.41 -166.83
C SER XB 252 -62.10 -39.70 -168.13
CA ARG YB 3 -50.24 -37.26 -149.29
C ARG YB 3 -50.47 -38.28 -148.17
N PRO YB 4 -51.09 -39.41 -148.51
CA PRO YB 4 -51.31 -40.45 -147.50
C PRO YB 4 -50.02 -40.94 -146.89
N MET YB 5 -50.07 -41.24 -145.59
CA MET YB 5 -48.89 -41.72 -144.89
C MET YB 5 -48.42 -43.05 -145.46
N PHE YB 6 -49.36 -43.93 -145.81
CA PHE YB 6 -48.97 -45.21 -146.39
C PHE YB 6 -48.23 -45.02 -147.71
N ALA YB 7 -48.73 -44.12 -148.56
CA ALA YB 7 -48.05 -43.85 -149.83
C ALA YB 7 -46.68 -43.25 -149.60
N VAL YB 8 -46.56 -42.33 -148.64
CA VAL YB 8 -45.26 -41.72 -148.35
C VAL YB 8 -44.28 -42.78 -147.87
N ALA YB 9 -44.71 -43.65 -146.96
CA ALA YB 9 -43.83 -44.70 -146.46
C ALA YB 9 -43.45 -45.68 -147.56
N VAL YB 10 -44.39 -46.00 -148.45
CA VAL YB 10 -44.06 -46.90 -149.56
C VAL YB 10 -43.02 -46.27 -150.46
N ASN YB 11 -43.16 -44.97 -150.75
CA ASN YB 11 -42.17 -44.29 -151.58
C ASN YB 11 -40.80 -44.26 -150.90
N GLU YB 12 -40.79 -44.00 -149.59
CA GLU YB 12 -39.52 -44.00 -148.86
C GLU YB 12 -38.84 -45.36 -148.91
N PHE YB 13 -39.62 -46.42 -148.69
CA PHE YB 13 -39.06 -47.77 -148.73
C PHE YB 13 -38.55 -48.10 -150.12
N ILE YB 14 -39.32 -47.80 -151.15
CA ILE YB 14 -38.91 -48.16 -152.50
C ILE YB 14 -37.70 -47.37 -152.94
N ARG YB 15 -37.55 -46.13 -152.45
CA ARG YB 15 -36.34 -45.38 -152.75
C ARG YB 15 -35.13 -45.95 -152.02
N SER YB 16 -35.28 -46.25 -150.73
CA SER YB 16 -34.15 -46.75 -149.95
C SER YB 16 -33.69 -48.11 -150.48
N ALA YB 17 -34.62 -48.99 -150.80
CA ALA YB 17 -34.30 -50.32 -151.31
C ALA YB 17 -35.15 -50.61 -152.53
N GLY YB 18 -34.52 -51.16 -153.57
CA GLY YB 18 -35.25 -51.54 -154.77
C GLY YB 18 -35.85 -50.39 -155.54
N GLN YB 19 -35.05 -49.33 -155.77
CA GLN YB 19 -35.55 -48.20 -156.55
C GLN YB 19 -35.90 -48.62 -157.97
N ASP YB 20 -35.25 -49.65 -158.48
CA ASP YB 20 -35.55 -50.21 -159.79
C ASP YB 20 -36.23 -51.57 -159.64
N SER YB 21 -37.05 -51.91 -160.63
CA SER YB 21 -37.76 -53.19 -160.67
C SER YB 21 -38.64 -53.38 -159.44
N LEU YB 22 -39.42 -52.37 -159.12
CA LEU YB 22 -40.33 -52.43 -157.98
C LEU YB 22 -41.46 -51.43 -158.18
N CYS YB 23 -42.69 -51.85 -157.89
CA CYS YB 23 -43.87 -51.02 -158.06
C CYS YB 23 -44.54 -50.80 -156.70
N GLY YB 24 -44.83 -49.54 -156.40
CA GLY YB 24 -45.50 -49.24 -155.15
C GLY YB 24 -46.92 -49.76 -155.09
N VAL YB 25 -47.40 -49.97 -153.87
CA VAL YB 25 -48.76 -50.46 -153.64
C VAL YB 25 -49.69 -49.26 -153.52
N PRO YB 26 -50.82 -49.24 -154.24
CA PRO YB 26 -51.68 -48.06 -154.21
C PRO YB 26 -52.26 -47.74 -152.85
N ASP YB 27 -52.76 -48.75 -152.12
CA ASP YB 27 -53.41 -48.49 -150.85
C ASP YB 27 -53.39 -49.75 -150.00
N ILE YB 28 -53.66 -49.57 -148.70
CA ILE YB 28 -53.64 -50.68 -147.76
C ILE YB 28 -54.70 -51.71 -148.12
N ASN YB 29 -55.89 -51.25 -148.52
CA ASN YB 29 -56.97 -52.17 -148.84
C ASN YB 29 -56.60 -53.09 -149.98
N SER YB 30 -55.99 -52.55 -151.03
CA SER YB 30 -55.63 -53.33 -152.21
C SER YB 30 -54.24 -53.93 -152.10
N SER YB 31 -53.54 -53.73 -150.98
CA SER YB 31 -52.22 -54.32 -150.81
C SER YB 31 -52.28 -55.84 -150.88
N GLY YB 32 -53.34 -56.44 -150.35
CA GLY YB 32 -53.43 -57.89 -150.30
C GLY YB 32 -53.68 -58.56 -151.63
N ASP YB 33 -53.99 -57.79 -152.67
CA ASP YB 33 -54.23 -58.34 -153.99
C ASP YB 33 -52.98 -58.43 -154.85
N PHE YB 34 -51.82 -58.06 -154.32
CA PHE YB 34 -50.57 -58.07 -155.06
C PHE YB 34 -49.59 -59.09 -154.50
N MET YB 35 -50.09 -60.19 -153.97
CA MET YB 35 -49.26 -61.28 -153.53
C MET YB 35 -48.74 -62.08 -154.73
N PRO YB 36 -47.70 -62.88 -154.55
CA PRO YB 36 -47.15 -63.63 -155.68
C PRO YB 36 -48.17 -64.55 -156.32
N LEU YB 37 -48.01 -64.76 -157.62
CA LEU YB 37 -48.91 -65.59 -158.43
C LEU YB 37 -50.31 -64.99 -158.51
N HIS YB 38 -50.37 -63.68 -158.77
CA HIS YB 38 -51.62 -62.98 -159.00
C HIS YB 38 -51.58 -62.32 -160.37
N ILE YB 39 -52.74 -62.28 -161.02
CA ILE YB 39 -52.89 -61.68 -162.35
C ILE YB 39 -53.26 -60.22 -162.19
N ILE YB 40 -52.60 -59.35 -162.96
CA ILE YB 40 -52.91 -57.93 -163.00
C ILE YB 40 -53.03 -57.51 -164.46
N VAL YB 41 -53.71 -56.38 -164.67
CA VAL YB 41 -53.94 -55.85 -166.01
C VAL YB 41 -53.19 -54.55 -166.16
N LYS YB 42 -52.48 -54.39 -167.27
CA LYS YB 42 -51.72 -53.18 -167.56
C LYS YB 42 -52.35 -52.46 -168.75
N GLU YB 43 -52.58 -51.16 -168.59
CA GLU YB 43 -53.18 -50.32 -169.62
C GLU YB 43 -52.17 -49.26 -170.04
N VAL YB 44 -51.98 -49.12 -171.35
CA VAL YB 44 -51.02 -48.18 -171.92
C VAL YB 44 -51.55 -46.75 -171.74
N PRO YB 45 -50.66 -45.75 -171.66
CA PRO YB 45 -51.15 -44.36 -171.50
C PRO YB 45 -52.04 -43.88 -172.63
N LYS YB 46 -51.79 -44.34 -173.86
CA LYS YB 46 -52.51 -43.99 -175.08
C LYS YB 46 -52.29 -42.55 -175.51
N VAL YB 47 -51.54 -41.75 -174.76
CA VAL YB 47 -51.26 -40.37 -175.12
C VAL YB 47 -49.77 -40.21 -175.34
N LEU YB 48 -48.98 -40.49 -174.30
CA LEU YB 48 -47.52 -40.44 -174.36
C LEU YB 48 -47.00 -41.75 -173.78
N PRO YB 49 -47.10 -42.86 -174.52
CA PRO YB 49 -46.69 -44.15 -173.97
C PRO YB 49 -45.23 -44.19 -173.53
N CYS YB 50 -44.34 -43.52 -174.26
CA CYS YB 50 -42.93 -43.52 -173.90
C CYS YB 50 -42.59 -42.48 -172.83
N CYS YB 51 -43.53 -41.60 -172.48
CA CYS YB 51 -43.27 -40.56 -171.50
C CYS YB 51 -44.06 -40.73 -170.20
N ARG YB 52 -45.10 -41.57 -170.20
CA ARG YB 52 -45.95 -41.75 -169.03
C ARG YB 52 -45.98 -43.21 -168.64
N ARG YB 53 -45.94 -43.47 -167.33
CA ARG YB 53 -46.00 -44.84 -166.85
C ARG YB 53 -47.42 -45.40 -167.01
N PRO YB 54 -47.53 -46.69 -167.29
CA PRO YB 54 -48.87 -47.28 -167.54
C PRO YB 54 -49.72 -47.37 -166.29
N LYS YB 55 -50.95 -47.86 -166.44
CA LYS YB 55 -51.90 -47.97 -165.33
C LYS YB 55 -52.07 -49.45 -164.98
N ILE YB 56 -52.00 -49.75 -163.69
CA ILE YB 56 -52.04 -51.13 -163.21
C ILE YB 56 -53.35 -51.36 -162.47
N LYS YB 57 -54.07 -52.40 -162.85
CA LYS YB 57 -55.38 -52.74 -162.29
C LYS YB 57 -55.30 -54.12 -161.67
N ARG YB 58 -55.77 -54.24 -160.42
CA ARG YB 58 -55.80 -55.52 -159.74
C ARG YB 58 -57.01 -56.34 -160.18
N THR YB 59 -56.86 -57.65 -160.13
CA THR YB 59 -57.92 -58.58 -160.48
C THR YB 59 -58.03 -59.67 -159.43
N PRO YB 60 -59.23 -60.21 -159.21
CA PRO YB 60 -59.41 -61.28 -158.22
C PRO YB 60 -59.18 -62.67 -158.82
N TYR YB 61 -57.98 -62.87 -159.36
CA TYR YB 61 -57.63 -64.13 -160.00
C TYR YB 61 -56.23 -64.54 -159.62
N THR YB 62 -56.01 -65.85 -159.57
CA THR YB 62 -54.68 -66.44 -159.45
C THR YB 62 -54.35 -67.18 -160.73
N LEU YB 63 -53.09 -67.63 -160.82
CA LEU YB 63 -52.64 -68.32 -162.02
C LEU YB 63 -53.42 -69.61 -162.24
N ASN YB 64 -53.63 -70.38 -161.18
CA ASN YB 64 -54.34 -71.65 -161.32
C ASN YB 64 -55.80 -71.44 -161.73
N ASP YB 65 -56.43 -70.37 -161.24
CA ASP YB 65 -57.79 -70.08 -161.65
C ASP YB 65 -57.84 -69.62 -163.10
N ILE YB 66 -56.89 -68.78 -163.51
CA ILE YB 66 -56.93 -68.24 -164.87
C ILE YB 66 -56.55 -69.31 -165.89
N LEU YB 67 -55.81 -70.33 -165.48
CA LEU YB 67 -55.33 -71.37 -166.38
C LEU YB 67 -56.18 -72.62 -166.27
N ASP YB 68 -56.45 -73.24 -167.42
CA ASP YB 68 -57.13 -74.52 -167.43
C ASP YB 68 -56.27 -75.59 -166.75
N GLU YB 69 -54.97 -75.59 -167.02
CA GLU YB 69 -54.06 -76.55 -166.42
C GLU YB 69 -53.39 -75.92 -165.21
N PRO YB 70 -53.48 -76.53 -164.02
CA PRO YB 70 -52.85 -75.94 -162.84
C PRO YB 70 -51.33 -76.02 -162.88
N CYS YB 71 -50.71 -75.18 -162.08
CA CYS YB 71 -49.27 -75.08 -161.94
C CYS YB 71 -48.91 -75.14 -160.46
N PRO YB 72 -47.69 -75.57 -160.14
CA PRO YB 72 -47.25 -75.53 -158.73
C PRO YB 72 -47.26 -74.10 -158.22
N ASN YB 73 -47.62 -73.95 -156.94
CA ASN YB 73 -47.84 -72.63 -156.36
C ASN YB 73 -47.17 -72.45 -155.00
N GLN YB 74 -46.25 -73.33 -154.62
CA GLN YB 74 -45.59 -73.19 -153.32
C GLN YB 74 -44.74 -71.93 -153.28
N LEU YB 75 -44.64 -71.33 -152.10
CA LEU YB 75 -43.92 -70.07 -151.92
C LEU YB 75 -42.85 -70.21 -150.86
N LYS YB 76 -42.00 -69.20 -150.78
CA LYS YB 76 -40.96 -69.12 -149.75
C LYS YB 76 -40.65 -67.65 -149.49
N SER YB 77 -40.20 -67.36 -148.28
CA SER YB 77 -39.91 -65.99 -147.88
C SER YB 77 -38.53 -65.92 -147.24
N SER YB 78 -37.90 -64.75 -147.39
CA SER YB 78 -36.58 -64.51 -146.82
C SER YB 78 -36.41 -63.02 -146.56
N ASP YB 79 -35.53 -62.69 -145.62
CA ASP YB 79 -35.35 -61.30 -145.24
C ASP YB 79 -34.78 -60.47 -146.39
N LEU YB 80 -35.20 -59.22 -146.46
CA LEU YB 80 -34.75 -58.30 -147.50
C LEU YB 80 -34.00 -57.10 -146.95
N VAL YB 81 -34.59 -56.37 -145.99
CA VAL YB 81 -33.98 -55.18 -145.41
C VAL YB 81 -34.56 -54.99 -144.01
N THR YB 82 -33.84 -54.23 -143.19
CA THR YB 82 -34.22 -54.01 -141.80
C THR YB 82 -33.98 -52.55 -141.45
N PHE YB 83 -35.05 -51.82 -141.13
CA PHE YB 83 -34.95 -50.43 -140.69
C PHE YB 83 -34.79 -50.43 -139.17
N THR YB 84 -33.56 -50.26 -138.71
CA THR YB 84 -33.29 -50.35 -137.27
C THR YB 84 -33.95 -49.22 -136.51
N GLU YB 85 -33.99 -48.02 -137.09
CA GLU YB 85 -34.57 -46.87 -136.41
C GLU YB 85 -35.61 -46.22 -137.31
N PRO YB 86 -36.62 -45.57 -136.72
CA PRO YB 86 -37.67 -44.96 -137.53
C PRO YB 86 -37.14 -43.86 -138.44
N LEU YB 87 -37.72 -43.78 -139.63
CA LEU YB 87 -37.49 -42.65 -140.52
C LEU YB 87 -38.20 -41.43 -139.96
N VAL YB 88 -37.44 -40.39 -139.63
CA VAL YB 88 -37.97 -39.19 -138.99
C VAL YB 88 -37.73 -38.00 -139.90
N SER YB 89 -38.77 -37.19 -140.11
CA SER YB 89 -38.68 -36.01 -140.95
C SER YB 89 -39.31 -34.82 -140.23
N ASN YB 90 -38.64 -33.68 -140.31
CA ASN YB 90 -39.11 -32.44 -139.70
C ASN YB 90 -39.01 -31.32 -140.73
N VAL YB 91 -40.07 -30.52 -140.84
CA VAL YB 91 -40.10 -29.33 -141.68
C VAL YB 91 -40.65 -28.19 -140.84
N LYS YB 92 -40.00 -27.04 -140.89
CA LYS YB 92 -40.42 -25.89 -140.11
C LYS YB 92 -40.23 -24.64 -140.95
N ALA YB 93 -41.31 -23.99 -141.32
CA ALA YB 93 -41.27 -22.78 -142.15
C ALA YB 93 -41.93 -21.63 -141.40
N SER YB 94 -41.43 -20.43 -141.63
CA SER YB 94 -42.00 -19.23 -141.04
C SER YB 94 -41.66 -18.04 -141.92
N SER YB 95 -42.67 -17.23 -142.24
CA SER YB 95 -42.50 -16.10 -143.14
C SER YB 95 -43.36 -14.93 -142.68
N SER YB 96 -42.94 -13.74 -143.08
CA SER YB 96 -43.67 -12.51 -142.76
C SER YB 96 -43.52 -11.53 -143.91
N ILE YB 97 -44.61 -10.82 -144.21
CA ILE YB 97 -44.66 -9.85 -145.30
C ILE YB 97 -45.20 -8.55 -144.75
N GLY YB 98 -44.57 -7.44 -145.12
CA GLY YB 98 -45.06 -6.12 -144.75
C GLY YB 98 -45.08 -5.16 -145.91
N LEU YB 99 -46.26 -4.64 -146.26
CA LEU YB 99 -46.42 -3.73 -147.39
C LEU YB 99 -46.96 -2.41 -146.88
N GLN YB 100 -46.37 -1.30 -147.33
CA GLN YB 100 -46.84 0.02 -146.98
C GLN YB 100 -46.87 0.90 -148.22
N ILE YB 101 -48.00 1.56 -148.44
CA ILE YB 101 -48.14 2.54 -149.52
C ILE YB 101 -48.45 3.88 -148.84
N LEU YB 102 -47.43 4.72 -148.73
CA LEU YB 102 -47.51 6.07 -148.16
C LEU YB 102 -48.12 5.97 -146.77
N LYS YB 103 -49.09 6.80 -146.41
CA LYS YB 103 -49.88 6.64 -145.20
C LYS YB 103 -51.30 6.20 -145.52
N HIS YB 104 -51.50 5.59 -146.69
CA HIS YB 104 -52.82 5.17 -147.14
C HIS YB 104 -53.05 3.67 -147.06
N PHE YB 105 -52.01 2.85 -147.24
CA PHE YB 105 -52.18 1.41 -147.17
C PHE YB 105 -51.10 0.82 -146.26
N ASP YB 106 -51.48 -0.12 -145.41
CA ASP YB 106 -50.52 -0.78 -144.52
C ASP YB 106 -51.01 -2.18 -144.21
N SER YB 107 -50.36 -3.19 -144.77
CA SER YB 107 -50.73 -4.58 -144.56
C SER YB 107 -49.56 -5.35 -143.97
N GLY YB 108 -49.86 -6.18 -142.97
CA GLY YB 108 -48.87 -7.05 -142.39
C GLY YB 108 -49.38 -8.47 -142.24
N ALA YB 109 -48.73 -9.42 -142.91
CA ALA YB 109 -49.14 -10.81 -142.86
C ALA YB 109 -47.99 -11.66 -142.35
N LYS YB 110 -48.32 -12.81 -141.78
CA LYS YB 110 -47.30 -13.73 -141.31
C LYS YB 110 -47.88 -15.13 -141.26
N GLY YB 111 -47.03 -16.12 -141.47
CA GLY YB 111 -47.46 -17.50 -141.47
C GLY YB 111 -46.36 -18.39 -140.93
N SER YB 112 -46.77 -19.54 -140.39
CA SER YB 112 -45.82 -20.52 -139.87
C SER YB 112 -46.41 -21.91 -140.03
N LYS YB 113 -45.51 -22.89 -140.16
CA LYS YB 113 -45.92 -24.27 -140.36
C LYS YB 113 -44.87 -25.19 -139.76
N ASN YB 114 -45.34 -26.23 -139.07
CA ASN YB 114 -44.47 -27.24 -138.46
C ASN YB 114 -45.04 -28.61 -138.78
N PHE YB 115 -44.26 -29.43 -139.45
CA PHE YB 115 -44.70 -30.74 -139.95
C PHE YB 115 -43.71 -31.80 -139.51
N ILE YB 116 -44.20 -32.85 -138.86
CA ILE YB 116 -43.36 -33.91 -138.32
C ILE YB 116 -43.90 -35.26 -138.77
N THR YB 117 -43.00 -36.13 -139.22
CA THR YB 117 -43.38 -37.45 -139.70
C THR YB 117 -42.44 -38.50 -139.12
N SER YB 118 -42.99 -39.66 -138.77
CA SER YB 118 -42.20 -40.78 -138.27
C SER YB 118 -42.78 -42.08 -138.81
N ALA YB 119 -41.92 -42.91 -139.39
CA ALA YB 119 -42.34 -44.20 -139.93
C ALA YB 119 -41.43 -45.29 -139.40
N SER YB 120 -42.03 -46.31 -138.80
CA SER YB 120 -41.30 -47.46 -138.25
C SER YB 120 -41.80 -48.70 -138.96
N LEU YB 121 -41.02 -49.18 -139.93
CA LEU YB 121 -41.38 -50.35 -140.72
C LEU YB 121 -40.79 -51.64 -140.20
N GLY YB 122 -39.90 -51.59 -139.21
CA GLY YB 122 -39.34 -52.80 -138.66
C GLY YB 122 -38.54 -53.57 -139.69
N THR YB 123 -38.91 -54.83 -139.88
CA THR YB 123 -38.23 -55.73 -140.82
C THR YB 123 -39.14 -55.98 -142.01
N VAL YB 124 -38.57 -55.95 -143.21
CA VAL YB 124 -39.29 -56.22 -144.45
C VAL YB 124 -38.73 -57.50 -145.06
N VAL YB 125 -39.62 -58.43 -145.39
CA VAL YB 125 -39.24 -59.68 -146.00
C VAL YB 125 -39.76 -59.71 -147.43
N LYS YB 126 -39.24 -60.65 -148.22
CA LYS YB 126 -39.65 -60.84 -149.60
C LYS YB 126 -40.17 -62.26 -149.77
N ALA YB 127 -41.32 -62.39 -150.41
CA ALA YB 127 -41.96 -63.67 -150.65
C ALA YB 127 -42.06 -63.90 -152.16
N GLU YB 128 -41.75 -65.12 -152.57
CA GLU YB 128 -41.70 -65.47 -153.99
C GLU YB 128 -41.82 -66.97 -154.14
N THR YB 129 -42.16 -67.40 -155.36
CA THR YB 129 -42.29 -68.81 -155.65
C THR YB 129 -40.96 -69.54 -155.41
N ILE YB 130 -41.04 -70.76 -154.92
CA ILE YB 130 -39.83 -71.55 -154.66
C ILE YB 130 -39.06 -71.78 -155.96
N ASP YB 131 -39.76 -72.14 -157.02
CA ASP YB 131 -39.15 -72.36 -158.33
C ASP YB 131 -39.99 -71.65 -159.38
N ILE YB 132 -39.40 -70.65 -160.03
CA ILE YB 132 -40.13 -69.89 -161.05
C ILE YB 132 -40.00 -70.54 -162.43
N THR YB 133 -38.93 -71.27 -162.68
CA THR YB 133 -38.74 -71.91 -163.98
C THR YB 133 -39.84 -72.92 -164.27
N LYS YB 134 -40.22 -73.73 -163.27
CA LYS YB 134 -41.29 -74.69 -163.46
C LYS YB 134 -42.61 -73.98 -163.74
N VAL YB 135 -42.90 -72.92 -163.01
CA VAL YB 135 -44.13 -72.16 -163.23
C VAL YB 135 -44.16 -71.60 -164.65
N LEU YB 136 -43.03 -71.05 -165.10
CA LEU YB 136 -42.96 -70.50 -166.46
C LEU YB 136 -43.17 -71.58 -167.50
N ALA YB 137 -42.53 -72.74 -167.31
CA ALA YB 137 -42.68 -73.83 -168.27
C ALA YB 137 -44.14 -74.27 -168.36
N LYS YB 138 -44.78 -74.49 -167.20
CA LYS YB 138 -46.16 -74.92 -167.19
C LYS YB 138 -47.08 -73.87 -167.81
N VAL YB 139 -46.82 -72.59 -167.54
CA VAL YB 139 -47.61 -71.52 -168.16
C VAL YB 139 -47.51 -71.61 -169.67
N ARG YB 140 -46.27 -71.72 -170.17
CA ARG YB 140 -46.06 -71.77 -171.62
C ARG YB 140 -46.75 -72.97 -172.25
N THR YB 141 -46.79 -74.10 -171.53
CA THR YB 141 -47.41 -75.30 -172.07
C THR YB 141 -48.89 -75.42 -171.70
N ALA YB 142 -49.46 -74.45 -170.98
CA ALA YB 142 -50.84 -74.54 -170.51
C ALA YB 142 -51.70 -73.49 -171.21
N LYS YB 143 -52.97 -73.83 -171.40
CA LYS YB 143 -53.95 -72.94 -172.01
C LYS YB 143 -54.81 -72.26 -170.95
N ALA YB 144 -55.22 -71.02 -171.25
CA ALA YB 144 -56.05 -70.25 -170.33
C ALA YB 144 -57.48 -70.81 -170.29
N LYS YB 145 -58.25 -70.33 -169.33
CA LYS YB 145 -59.63 -70.77 -169.15
C LYS YB 145 -60.52 -70.15 -170.22
N VAL YB 146 -61.16 -71.00 -171.03
CA VAL YB 146 -62.05 -70.50 -172.08
C VAL YB 146 -63.24 -69.77 -171.47
N GLU YB 147 -63.76 -70.27 -170.35
CA GLU YB 147 -64.90 -69.63 -169.70
C GLU YB 147 -64.57 -68.21 -169.25
N ASN YB 148 -63.35 -67.96 -168.81
CA ASN YB 148 -62.99 -66.65 -168.27
C ASN YB 148 -63.21 -65.55 -169.29
N ASP YB 149 -63.81 -64.45 -168.84
CA ASP YB 149 -64.11 -63.31 -169.70
C ASP YB 149 -62.95 -62.33 -169.78
N LEU YB 150 -62.23 -62.15 -168.67
CA LEU YB 150 -61.11 -61.22 -168.64
C LEU YB 150 -60.07 -61.56 -169.71
N VAL YB 151 -59.73 -62.86 -169.83
CA VAL YB 151 -58.74 -63.28 -170.82
C VAL YB 151 -59.20 -62.91 -172.22
N SER YB 152 -60.47 -63.17 -172.53
CA SER YB 152 -61.00 -62.84 -173.84
C SER YB 152 -60.97 -61.34 -174.09
N ARG YB 153 -61.34 -60.55 -173.08
CA ARG YB 153 -61.27 -59.10 -173.21
C ARG YB 153 -59.85 -58.65 -173.54
N VAL YB 154 -58.86 -59.14 -172.79
CA VAL YB 154 -57.47 -58.75 -173.02
C VAL YB 154 -57.01 -59.23 -174.40
N MET YB 155 -57.47 -60.38 -174.83
CA MET YB 155 -57.09 -60.89 -176.16
C MET YB 155 -57.63 -59.99 -177.26
N LYS YB 156 -58.91 -59.60 -177.15
CA LYS YB 156 -59.50 -58.81 -178.23
C LYS YB 156 -58.97 -57.37 -178.22
N THR YB 157 -58.70 -56.83 -177.04
CA THR YB 157 -58.17 -55.47 -176.96
C THR YB 157 -56.66 -55.48 -177.17
N LYS YB 158 -56.14 -54.35 -177.65
CA LYS YB 158 -54.71 -54.20 -177.93
C LYS YB 158 -53.97 -53.45 -176.84
N ARG YB 159 -54.64 -52.55 -176.12
CA ARG YB 159 -53.95 -51.81 -175.06
C ARG YB 159 -53.72 -52.68 -173.84
N LEU YB 160 -54.69 -53.52 -173.48
CA LEU YB 160 -54.60 -54.30 -172.27
C LEU YB 160 -53.53 -55.39 -172.38
N CYS YB 161 -52.79 -55.59 -171.29
CA CYS YB 161 -51.80 -56.65 -171.20
C CYS YB 161 -51.94 -57.34 -169.85
N LEU YB 162 -51.53 -58.60 -169.79
CA LEU YB 162 -51.60 -59.38 -168.56
C LEU YB 162 -50.23 -59.48 -167.90
N GLY YB 163 -50.22 -59.45 -166.58
CA GLY YB 163 -48.99 -59.58 -165.84
C GLY YB 163 -49.10 -60.49 -164.63
N LEU YB 164 -48.13 -61.37 -164.44
CA LEU YB 164 -48.10 -62.29 -163.32
C LEU YB 164 -47.12 -61.76 -162.28
N VAL YB 165 -47.61 -61.58 -161.05
CA VAL YB 165 -46.78 -61.07 -159.97
C VAL YB 165 -45.90 -62.21 -159.45
N VAL YB 166 -44.60 -61.94 -159.30
CA VAL YB 166 -43.65 -62.98 -158.98
C VAL YB 166 -42.93 -62.76 -157.65
N GLU YB 167 -42.90 -61.54 -157.11
CA GLU YB 167 -42.26 -61.32 -155.83
C GLU YB 167 -42.93 -60.15 -155.13
N THR YB 168 -43.02 -60.23 -153.80
CA THR YB 168 -43.70 -59.21 -153.03
C THR YB 168 -42.95 -58.92 -151.75
N ALA YB 169 -42.87 -57.64 -151.38
CA ALA YB 169 -42.24 -57.20 -150.15
C ALA YB 169 -43.29 -56.91 -149.10
N CYS YB 170 -43.18 -57.57 -147.95
CA CYS YB 170 -44.19 -57.49 -146.90
C CYS YB 170 -43.51 -57.24 -145.55
N VAL YB 171 -44.20 -56.50 -144.68
CA VAL YB 171 -43.67 -56.21 -143.35
C VAL YB 171 -43.83 -57.46 -142.48
N ALA YB 172 -42.74 -57.84 -141.79
CA ALA YB 172 -42.80 -59.01 -140.93
C ALA YB 172 -43.62 -58.75 -139.68
N ALA YB 173 -43.53 -57.55 -139.11
CA ALA YB 173 -44.23 -57.19 -137.90
C ALA YB 173 -45.05 -55.93 -138.15
N ALA YB 174 -45.74 -55.48 -137.10
CA ALA YB 174 -46.59 -54.30 -137.22
C ALA YB 174 -45.75 -53.06 -137.50
N GLY YB 175 -46.27 -52.20 -138.37
CA GLY YB 175 -45.60 -50.96 -138.75
C GLY YB 175 -46.37 -49.75 -138.27
N LYS YB 176 -45.66 -48.77 -137.73
CA LYS YB 176 -46.28 -47.60 -137.11
C LYS YB 176 -45.99 -46.34 -137.91
N LEU YB 177 -47.04 -45.58 -138.22
CA LEU YB 177 -46.91 -44.35 -138.99
C LEU YB 177 -47.56 -43.22 -138.21
N THR YB 178 -46.78 -42.16 -137.92
CA THR YB 178 -47.25 -41.03 -137.13
C THR YB 178 -46.97 -39.73 -137.87
N GLU YB 179 -47.94 -38.82 -137.84
CA GLU YB 179 -47.83 -37.52 -138.51
C GLU YB 179 -48.44 -36.44 -137.62
N ALA YB 180 -47.76 -35.30 -137.53
CA ALA YB 180 -48.25 -34.16 -136.77
C ALA YB 180 -48.08 -32.90 -137.59
N ASP YB 181 -49.12 -32.05 -137.60
CA ASP YB 181 -49.14 -30.82 -138.37
C ASP YB 181 -49.65 -29.70 -137.49
N ASN YB 182 -48.97 -28.54 -137.54
CA ASN YB 182 -49.40 -27.36 -136.81
C ASN YB 182 -49.07 -26.14 -137.66
N TRP YB 183 -50.09 -25.46 -138.18
CA TRP YB 183 -49.80 -24.27 -138.97
C TRP YB 183 -50.71 -23.13 -138.57
N GLU YB 184 -50.25 -21.91 -138.83
CA GLU YB 184 -50.89 -20.71 -138.32
C GLU YB 184 -50.72 -19.56 -139.30
N ILE YB 185 -51.77 -18.74 -139.44
CA ILE YB 185 -51.78 -17.57 -140.30
C ILE YB 185 -52.31 -16.39 -139.50
N SER YB 186 -51.62 -15.25 -139.57
CA SER YB 186 -52.06 -14.02 -138.92
C SER YB 186 -51.89 -12.86 -139.89
N GLY YB 187 -53.00 -12.21 -140.24
CA GLY YB 187 -52.96 -11.13 -141.20
C GLY YB 187 -53.68 -9.90 -140.67
N HIS YB 188 -53.22 -8.74 -141.14
CA HIS YB 188 -53.76 -7.45 -140.72
C HIS YB 188 -53.71 -6.49 -141.89
N THR YB 189 -54.76 -5.69 -142.03
CA THR YB 189 -54.89 -4.73 -143.13
C THR YB 189 -55.42 -3.42 -142.58
N ASN YB 190 -54.80 -2.31 -143.02
CA ASN YB 190 -55.22 -0.97 -142.62
C ASN YB 190 -55.27 -0.09 -143.87
N ALA YB 191 -56.47 0.27 -144.28
CA ALA YB 191 -56.69 1.17 -145.41
C ALA YB 191 -57.16 2.52 -144.85
N ASN YB 192 -56.28 3.51 -144.86
CA ASN YB 192 -56.58 4.84 -144.38
C ASN YB 192 -56.82 5.76 -145.56
N ILE YB 193 -57.99 6.38 -145.60
CA ILE YB 193 -58.35 7.33 -146.65
C ILE YB 193 -58.84 8.59 -145.96
N GLY YB 194 -58.89 9.69 -146.72
CA GLY YB 194 -59.28 10.97 -146.14
C GLY YB 194 -60.64 10.95 -145.48
N GLU YB 195 -61.58 10.15 -146.01
CA GLU YB 195 -62.92 10.06 -145.46
C GLU YB 195 -63.30 8.64 -145.05
N ALA YB 196 -62.35 7.70 -145.05
CA ALA YB 196 -62.64 6.32 -144.71
C ALA YB 196 -61.44 5.69 -144.03
N VAL YB 197 -61.70 4.91 -142.98
CA VAL YB 197 -60.67 4.16 -142.27
C VAL YB 197 -61.18 2.74 -142.09
N VAL YB 198 -60.42 1.76 -142.61
CA VAL YB 198 -60.76 0.36 -142.50
C VAL YB 198 -59.61 -0.38 -141.82
N THR YB 199 -59.93 -1.15 -140.79
CA THR YB 199 -58.92 -1.92 -140.05
C THR YB 199 -59.44 -3.34 -139.87
N ALA YB 200 -58.84 -4.28 -140.61
CA ALA YB 200 -59.25 -5.68 -140.57
C ALA YB 200 -58.11 -6.54 -140.01
N THR YB 201 -58.48 -7.60 -139.32
CA THR YB 201 -57.50 -8.52 -138.72
C THR YB 201 -58.09 -9.92 -138.74
N ALA YB 202 -57.24 -10.92 -139.03
CA ALA YB 202 -57.70 -12.31 -139.06
C ALA YB 202 -56.58 -13.22 -138.59
N GLU YB 203 -56.89 -14.08 -137.62
CA GLU YB 203 -55.94 -15.06 -137.10
C GLU YB 203 -56.58 -16.43 -137.13
N LEU YB 204 -55.81 -17.43 -137.56
CA LEU YB 204 -56.29 -18.81 -137.49
C LEU YB 204 -55.11 -19.75 -137.36
N ASP YB 205 -55.38 -20.96 -136.86
CA ASP YB 205 -54.35 -21.96 -136.69
C ASP YB 205 -55.00 -23.33 -136.61
N LYS YB 206 -54.42 -24.30 -137.32
CA LYS YB 206 -54.93 -25.66 -137.38
C LYS YB 206 -53.88 -26.63 -136.87
N ASN YB 207 -54.33 -27.61 -136.09
CA ASN YB 207 -53.48 -28.66 -135.54
C ASN YB 207 -54.09 -30.02 -135.85
N LEU YB 208 -53.29 -30.92 -136.40
CA LEU YB 208 -53.74 -32.27 -136.74
C LEU YB 208 -52.70 -33.29 -136.28
N SER YB 209 -53.17 -34.50 -136.00
CA SER YB 209 -52.28 -35.60 -135.63
C SER YB 209 -52.94 -36.91 -136.02
N ARG YB 210 -52.22 -37.72 -136.81
CA ARG YB 210 -52.74 -38.99 -137.28
C ARG YB 210 -51.71 -40.08 -136.99
N LYS YB 211 -52.16 -41.16 -136.33
CA LYS YB 211 -51.28 -42.27 -135.98
C LYS YB 211 -51.97 -43.58 -136.30
N ILE YB 212 -51.34 -44.39 -137.15
CA ILE YB 212 -51.92 -45.67 -137.57
C ILE YB 212 -50.86 -46.75 -137.45
N GLU YB 213 -51.32 -48.00 -137.53
CA GLU YB 213 -50.45 -49.17 -137.39
C GLU YB 213 -50.92 -50.26 -138.35
N ILE YB 214 -50.16 -50.48 -139.40
CA ILE YB 214 -50.46 -51.56 -140.36
C ILE YB 214 -50.08 -52.90 -139.75
N PRO YB 215 -50.87 -53.95 -139.95
CA PRO YB 215 -50.59 -55.23 -139.31
C PRO YB 215 -49.55 -56.02 -140.07
N PRO YB 216 -48.99 -57.07 -139.48
CA PRO YB 216 -48.01 -57.90 -140.19
C PRO YB 216 -48.62 -58.53 -141.43
N GLY YB 217 -47.80 -58.66 -142.47
CA GLY YB 217 -48.22 -59.26 -143.72
C GLY YB 217 -48.66 -58.28 -144.78
N THR YB 218 -48.79 -57.00 -144.45
CA THR YB 218 -49.20 -56.01 -145.43
C THR YB 218 -48.16 -55.86 -146.54
N ALA YB 219 -48.60 -55.95 -147.78
CA ALA YB 219 -47.68 -55.83 -148.90
C ALA YB 219 -47.28 -54.38 -149.11
N LEU YB 220 -46.04 -54.17 -149.55
CA LEU YB 220 -45.51 -52.84 -149.81
C LEU YB 220 -45.19 -52.59 -151.27
N ALA YB 221 -44.59 -53.56 -151.96
CA ALA YB 221 -44.19 -53.39 -153.35
C ALA YB 221 -44.12 -54.75 -154.02
N TYR YB 222 -44.07 -54.74 -155.35
CA TYR YB 222 -44.12 -55.97 -156.10
C TYR YB 222 -43.45 -55.79 -157.46
N SER YB 223 -43.14 -56.91 -158.10
CA SER YB 223 -42.63 -56.95 -159.46
C SER YB 223 -43.37 -58.03 -160.23
N PHE YB 224 -43.54 -57.82 -161.53
CA PHE YB 224 -44.36 -58.74 -162.33
C PHE YB 224 -43.72 -58.98 -163.68
N MET YB 225 -44.14 -60.07 -164.30
CA MET YB 225 -43.68 -60.46 -165.63
C MET YB 225 -44.85 -60.44 -166.60
N ASP YB 226 -44.60 -59.95 -167.82
CA ASP YB 226 -45.66 -59.80 -168.79
C ASP YB 226 -46.05 -61.14 -169.43
N LEU YB 227 -47.26 -61.17 -169.99
CA LEU YB 227 -47.78 -62.36 -170.66
C LEU YB 227 -48.43 -61.94 -171.98
N GLU YB 228 -48.76 -62.94 -172.78
CA GLU YB 228 -49.38 -62.71 -174.08
C GLU YB 228 -50.31 -63.86 -174.41
N ILE YB 229 -51.56 -63.55 -174.75
CA ILE YB 229 -52.54 -64.55 -175.14
C ILE YB 229 -52.34 -64.89 -176.62
N LEU YB 230 -52.15 -66.17 -176.91
CA LEU YB 230 -52.09 -66.61 -178.31
C LEU YB 230 -53.48 -66.53 -178.93
N GLU YB 231 -53.56 -66.88 -180.21
CA GLU YB 231 -54.86 -67.01 -180.87
C GLU YB 231 -55.76 -67.98 -180.11
N ASP YB 232 -55.20 -69.13 -179.73
CA ASP YB 232 -55.89 -70.06 -178.85
C ASP YB 232 -55.82 -69.57 -177.40
N ARG YB 233 -56.32 -70.39 -176.48
CA ARG YB 233 -56.22 -70.07 -175.07
C ARG YB 233 -54.79 -70.18 -174.53
N SER YB 234 -53.85 -70.65 -175.34
CA SER YB 234 -52.47 -70.78 -174.90
C SER YB 234 -51.89 -69.43 -174.49
N LEU YB 235 -50.98 -69.48 -173.52
CA LEU YB 235 -50.31 -68.28 -173.01
C LEU YB 235 -48.81 -68.38 -173.26
N ARG YB 236 -48.20 -67.22 -173.49
CA ARG YB 236 -46.76 -67.14 -173.72
C ARG YB 236 -46.19 -66.02 -172.87
N VAL YB 237 -44.89 -66.09 -172.61
CA VAL YB 237 -44.21 -65.05 -171.85
C VAL YB 237 -43.49 -64.13 -172.81
N SER YB 238 -43.50 -62.83 -172.51
CA SER YB 238 -42.92 -61.83 -173.38
C SER YB 238 -41.87 -61.01 -172.63
N SER YB 239 -40.77 -60.70 -173.30
CA SER YB 239 -39.66 -59.97 -172.69
C SER YB 239 -39.31 -58.77 -173.55
N SER YB 240 -39.48 -57.57 -173.00
CA SER YB 240 -39.04 -56.36 -173.67
C SER YB 240 -37.54 -56.22 -173.52
N ALA YB 241 -36.81 -56.44 -174.61
CA ALA YB 241 -35.34 -56.43 -174.60
C ALA YB 241 -34.78 -57.46 -173.61
N GLY YB 242 -35.50 -58.56 -173.41
CA GLY YB 242 -35.05 -59.60 -172.51
C GLY YB 242 -35.13 -59.26 -171.04
N ALA YB 243 -35.91 -58.24 -170.67
CA ALA YB 243 -35.98 -57.83 -169.26
C ALA YB 243 -36.62 -58.92 -168.40
N MET YB 244 -37.80 -59.39 -168.81
CA MET YB 244 -38.59 -60.37 -168.05
C MET YB 244 -38.91 -59.90 -166.64
N PHE YB 245 -38.78 -58.60 -166.37
CA PHE YB 245 -39.10 -58.03 -165.07
C PHE YB 245 -39.60 -56.61 -165.32
N ASP YB 246 -40.92 -56.44 -165.30
CA ASP YB 246 -41.51 -55.15 -165.62
C ASP YB 246 -41.85 -54.41 -164.33
N SER YB 247 -41.44 -53.14 -164.26
CA SER YB 247 -41.68 -52.30 -163.11
C SER YB 247 -42.72 -51.21 -163.39
N GLY YB 248 -43.51 -51.38 -164.45
CA GLY YB 248 -44.46 -50.36 -164.83
C GLY YB 248 -43.81 -49.05 -165.22
N LYS YB 249 -42.70 -49.13 -165.93
CA LYS YB 249 -41.94 -47.94 -166.35
C LYS YB 249 -42.20 -47.65 -167.82
N ALA YB 250 -42.11 -46.37 -168.16
CA ALA YB 250 -42.26 -45.96 -169.55
C ALA YB 250 -41.11 -46.49 -170.41
N GLU YB 251 -41.39 -46.73 -171.68
CA GLU YB 251 -40.37 -47.26 -172.59
C GLU YB 251 -39.21 -46.28 -172.74
N SER YB 252 -39.52 -44.98 -172.85
CA SER YB 252 -38.51 -43.93 -172.98
C SER YB 252 -37.59 -44.18 -174.17
CA ARG ZB 3 -28.38 -40.91 -154.01
C ARG ZB 3 -28.68 -41.94 -152.92
N PRO ZB 4 -29.16 -43.11 -153.32
CA PRO ZB 4 -29.47 -44.15 -152.33
C PRO ZB 4 -28.22 -44.57 -151.56
N MET ZB 5 -28.43 -44.86 -150.27
CA MET ZB 5 -27.31 -45.26 -149.43
C MET ZB 5 -26.69 -46.56 -149.91
N PHE ZB 6 -27.51 -47.51 -150.37
CA PHE ZB 6 -26.98 -48.76 -150.88
C PHE ZB 6 -26.10 -48.52 -152.10
N ALA ZB 7 -26.53 -47.65 -153.02
CA ALA ZB 7 -25.72 -47.35 -154.19
C ALA ZB 7 -24.43 -46.66 -153.80
N VAL ZB 8 -24.49 -45.73 -152.84
CA VAL ZB 8 -23.28 -45.04 -152.39
C VAL ZB 8 -22.30 -46.03 -151.78
N ALA ZB 9 -22.79 -46.93 -150.92
CA ALA ZB 9 -21.92 -47.91 -150.30
C ALA ZB 9 -21.33 -48.87 -151.33
N VAL ZB 10 -22.12 -49.26 -152.33
CA VAL ZB 10 -21.62 -50.13 -153.38
C VAL ZB 10 -20.50 -49.44 -154.15
N ASN ZB 11 -20.70 -48.16 -154.48
CA ASN ZB 11 -19.64 -47.41 -155.17
C ASN ZB 11 -18.39 -47.29 -154.32
N GLU ZB 12 -18.54 -47.03 -153.03
CA GLU ZB 12 -17.39 -46.94 -152.14
C GLU ZB 12 -16.62 -48.26 -152.10
N PHE ZB 13 -17.36 -49.36 -151.96
CA PHE ZB 13 -16.71 -50.68 -151.92
C PHE ZB 13 -16.00 -50.98 -153.22
N ILE ZB 14 -16.66 -50.73 -154.35
CA ILE ZB 14 -16.07 -51.08 -155.64
C ILE ZB 14 -14.85 -50.20 -155.92
N ARG ZB 15 -14.85 -48.96 -155.43
CA ARG ZB 15 -13.66 -48.13 -155.58
C ARG ZB 15 -12.52 -48.63 -154.71
N SER ZB 16 -12.81 -48.92 -153.43
CA SER ZB 16 -11.76 -49.35 -152.52
C SER ZB 16 -11.15 -50.68 -152.96
N ALA ZB 17 -11.98 -51.62 -153.39
CA ALA ZB 17 -11.51 -52.93 -153.84
C ALA ZB 17 -12.17 -53.27 -155.16
N GLY ZB 18 -11.39 -53.79 -156.10
CA GLY ZB 18 -11.93 -54.21 -157.38
C GLY ZB 18 -12.49 -53.11 -158.23
N GLN ZB 19 -11.75 -52.00 -158.37
CA GLN ZB 19 -12.22 -50.91 -159.23
C GLN ZB 19 -12.36 -51.35 -160.67
N ASP ZB 20 -11.58 -52.35 -161.09
CA ASP ZB 20 -11.68 -52.92 -162.42
C ASP ZB 20 -12.28 -54.32 -162.33
N SER ZB 21 -12.95 -54.72 -163.42
CA SER ZB 21 -13.56 -56.04 -163.54
C SER ZB 21 -14.57 -56.29 -162.42
N LEU ZB 22 -15.46 -55.32 -162.22
CA LEU ZB 22 -16.50 -55.45 -161.20
C LEU ZB 22 -17.65 -54.51 -161.55
N CYS ZB 23 -18.87 -55.01 -161.41
CA CYS ZB 23 -20.08 -54.27 -161.74
C CYS ZB 23 -20.92 -54.09 -160.49
N GLY ZB 24 -21.34 -52.85 -160.23
CA GLY ZB 24 -22.17 -52.58 -159.08
C GLY ZB 24 -23.55 -53.20 -159.20
N VAL ZB 25 -24.17 -53.43 -158.04
CA VAL ZB 25 -25.51 -54.00 -157.98
C VAL ZB 25 -26.52 -52.86 -157.99
N PRO ZB 26 -27.55 -52.92 -158.85
CA PRO ZB 26 -28.49 -51.80 -158.95
C PRO ZB 26 -29.26 -51.51 -157.68
N ASP ZB 27 -29.78 -52.55 -157.00
CA ASP ZB 27 -30.59 -52.33 -155.82
C ASP ZB 27 -30.62 -53.58 -154.97
N ILE ZB 28 -31.05 -53.42 -153.72
CA ILE ZB 28 -31.08 -54.52 -152.77
C ILE ZB 28 -32.02 -55.61 -153.25
N ASN ZB 29 -33.18 -55.24 -153.79
CA ASN ZB 29 -34.16 -56.22 -154.24
C ASN ZB 29 -33.58 -57.13 -155.32
N SER ZB 30 -32.88 -56.54 -156.29
CA SER ZB 30 -32.32 -57.30 -157.40
C SER ZB 30 -30.92 -57.82 -157.12
N SER ZB 31 -30.39 -57.57 -155.91
CA SER ZB 31 -29.06 -58.07 -155.58
C SER ZB 31 -29.01 -59.59 -155.62
N GLY ZB 32 -30.10 -60.25 -155.23
CA GLY ZB 32 -30.10 -61.71 -155.17
C GLY ZB 32 -30.13 -62.40 -156.52
N ASP ZB 33 -30.34 -61.65 -157.60
CA ASP ZB 33 -30.39 -62.23 -158.93
C ASP ZB 33 -29.03 -62.23 -159.63
N PHE ZB 34 -27.98 -61.79 -158.96
CA PHE ZB 34 -26.64 -61.72 -159.54
C PHE ZB 34 -25.67 -62.67 -158.84
N MET ZB 35 -26.18 -63.80 -158.36
CA MET ZB 35 -25.34 -64.84 -157.81
C MET ZB 35 -24.63 -65.60 -158.93
N PRO ZB 36 -23.56 -66.33 -158.61
CA PRO ZB 36 -22.82 -67.05 -159.65
C PRO ZB 36 -23.70 -68.03 -160.40
N LEU ZB 37 -23.37 -68.24 -161.68
CA LEU ZB 37 -24.09 -69.13 -162.58
C LEU ZB 37 -25.51 -68.62 -162.85
N HIS ZB 38 -25.61 -67.32 -163.13
CA HIS ZB 38 -26.87 -66.69 -163.52
C HIS ZB 38 -26.71 -66.05 -164.88
N ILE ZB 39 -27.77 -66.08 -165.67
CA ILE ZB 39 -27.78 -65.50 -167.01
C ILE ZB 39 -28.27 -64.06 -166.92
N ILE ZB 40 -27.57 -63.15 -167.61
CA ILE ZB 40 -27.96 -61.75 -167.70
C ILE ZB 40 -27.92 -61.35 -169.17
N VAL ZB 41 -28.63 -60.27 -169.49
CA VAL ZB 41 -28.73 -59.76 -170.85
C VAL ZB 41 -28.04 -58.41 -170.91
N LYS ZB 42 -27.23 -58.21 -171.93
CA LYS ZB 42 -26.51 -56.95 -172.13
C LYS ZB 42 -27.03 -56.28 -173.40
N GLU ZB 43 -27.35 -55.00 -173.29
CA GLU ZB 43 -27.87 -54.20 -174.40
C GLU ZB 43 -26.88 -53.08 -174.70
N VAL ZB 44 -26.54 -52.93 -175.97
CA VAL ZB 44 -25.58 -51.93 -176.42
C VAL ZB 44 -26.20 -50.54 -176.34
N PRO ZB 45 -25.41 -49.49 -176.15
CA PRO ZB 45 -26.00 -48.13 -176.07
C PRO ZB 45 -26.76 -47.72 -177.31
N LYS ZB 46 -26.33 -48.16 -178.50
CA LYS ZB 46 -26.92 -47.86 -179.80
C LYS ZB 46 -26.74 -46.41 -180.22
N VAL ZB 47 -26.13 -45.57 -179.38
CA VAL ZB 47 -25.91 -44.17 -179.73
C VAL ZB 47 -24.40 -43.91 -179.75
N LEU ZB 48 -23.74 -44.13 -178.62
CA LEU ZB 48 -22.29 -44.00 -178.49
C LEU ZB 48 -21.76 -45.26 -177.83
N PRO ZB 49 -21.70 -46.38 -178.57
CA PRO ZB 49 -21.28 -47.64 -177.95
C PRO ZB 49 -19.90 -47.59 -177.33
N CYS ZB 50 -18.97 -46.87 -177.95
CA CYS ZB 50 -17.61 -46.76 -177.41
C CYS ZB 50 -17.47 -45.71 -176.32
N CYS ZB 51 -18.51 -44.89 -176.11
CA CYS ZB 51 -18.44 -43.83 -175.11
C CYS ZB 51 -19.38 -44.05 -173.93
N ARG ZB 52 -20.35 -44.95 -174.04
CA ARG ZB 52 -21.33 -45.18 -172.99
C ARG ZB 52 -21.31 -46.64 -172.59
N ARG ZB 53 -21.43 -46.90 -171.29
CA ARG ZB 53 -21.46 -48.26 -170.80
C ARG ZB 53 -22.81 -48.92 -171.14
N PRO ZB 54 -22.80 -50.21 -171.42
CA PRO ZB 54 -24.05 -50.88 -171.82
C PRO ZB 54 -25.05 -51.03 -170.69
N LYS ZB 55 -26.22 -51.59 -170.98
CA LYS ZB 55 -27.30 -51.76 -170.01
C LYS ZB 55 -27.43 -53.24 -169.67
N ILE ZB 56 -27.49 -53.54 -168.37
CA ILE ZB 56 -27.50 -54.92 -167.89
C ILE ZB 56 -28.88 -55.22 -167.31
N LYS ZB 57 -29.49 -56.32 -167.77
CA LYS ZB 57 -30.82 -56.74 -167.38
C LYS ZB 57 -30.73 -58.11 -166.73
N ARG ZB 58 -31.35 -58.25 -165.56
CA ARG ZB 58 -31.39 -59.53 -164.87
C ARG ZB 58 -32.48 -60.42 -165.45
N THR ZB 59 -32.25 -61.73 -165.36
CA THR ZB 59 -33.20 -62.72 -165.84
C THR ZB 59 -33.38 -63.81 -164.79
N PRO ZB 60 -34.56 -64.43 -164.72
CA PRO ZB 60 -34.79 -65.51 -163.75
C PRO ZB 60 -34.39 -66.87 -164.30
N TYR ZB 61 -33.12 -67.01 -164.68
CA TYR ZB 61 -32.62 -68.24 -165.27
C TYR ZB 61 -31.25 -68.56 -164.70
N THR ZB 62 -30.96 -69.85 -164.60
CA THR ZB 62 -29.63 -70.35 -164.31
C THR ZB 62 -29.09 -71.08 -165.53
N LEU ZB 63 -27.80 -71.44 -165.45
CA LEU ZB 63 -27.16 -72.10 -166.58
C LEU ZB 63 -27.82 -73.44 -166.89
N ASN ZB 64 -28.12 -74.22 -165.86
CA ASN ZB 64 -28.72 -75.54 -166.07
C ASN ZB 64 -30.12 -75.42 -166.66
N ASP ZB 65 -30.87 -74.39 -166.27
CA ASP ZB 65 -32.20 -74.19 -166.84
C ASP ZB 65 -32.09 -73.74 -168.30
N ILE ZB 66 -31.15 -72.84 -168.60
CA ILE ZB 66 -31.05 -72.32 -169.95
C ILE ZB 66 -30.48 -73.36 -170.90
N LEU ZB 67 -29.72 -74.33 -170.38
CA LEU ZB 67 -29.07 -75.33 -171.21
C LEU ZB 67 -29.85 -76.64 -171.20
N ASP ZB 68 -29.94 -77.27 -172.36
CA ASP ZB 68 -30.52 -78.60 -172.44
C ASP ZB 68 -29.69 -79.60 -171.64
N GLU ZB 69 -28.37 -79.52 -171.75
CA GLU ZB 69 -27.48 -80.42 -171.03
C GLU ZB 69 -27.00 -79.75 -169.75
N PRO ZB 70 -27.21 -80.36 -168.58
CA PRO ZB 70 -26.78 -79.72 -167.33
C PRO ZB 70 -25.26 -79.71 -167.18
N CYS ZB 71 -24.80 -78.82 -166.32
CA CYS ZB 71 -23.40 -78.63 -166.00
C CYS ZB 71 -23.23 -78.66 -164.49
N PRO ZB 72 -22.04 -79.02 -164.01
CA PRO ZB 72 -21.79 -78.94 -162.56
C PRO ZB 72 -21.95 -77.52 -162.06
N ASN ZB 73 -22.47 -77.39 -160.84
CA ASN ZB 73 -22.85 -76.08 -160.31
C ASN ZB 73 -22.38 -75.86 -158.88
N GLN ZB 74 -21.46 -76.67 -158.37
CA GLN ZB 74 -20.98 -76.48 -157.00
C GLN ZB 74 -20.22 -75.17 -156.88
N LEU ZB 75 -20.31 -74.56 -155.70
CA LEU ZB 75 -19.71 -73.26 -155.45
C LEU ZB 75 -18.77 -73.33 -154.25
N LYS ZB 76 -18.00 -72.26 -154.06
CA LYS ZB 76 -17.11 -72.11 -152.93
C LYS ZB 76 -16.92 -70.62 -152.65
N SER ZB 77 -16.65 -70.30 -151.39
CA SER ZB 77 -16.50 -68.91 -150.97
C SER ZB 77 -15.23 -68.75 -150.16
N SER ZB 78 -14.65 -67.55 -150.25
CA SER ZB 78 -13.44 -67.22 -149.52
C SER ZB 78 -13.40 -65.72 -149.26
N ASP ZB 79 -12.66 -65.33 -148.22
CA ASP ZB 79 -12.63 -63.93 -147.83
C ASP ZB 79 -11.97 -63.07 -148.90
N LEU ZB 80 -12.46 -61.84 -149.04
CA LEU ZB 80 -11.94 -60.90 -150.03
C LEU ZB 80 -11.34 -59.65 -149.40
N VAL ZB 81 -12.09 -58.97 -148.54
CA VAL ZB 81 -11.63 -57.74 -147.89
C VAL ZB 81 -12.39 -57.58 -146.58
N THR ZB 82 -11.84 -56.77 -145.68
CA THR ZB 82 -12.40 -56.57 -144.35
C THR ZB 82 -12.30 -55.09 -143.99
N PHE ZB 83 -13.45 -54.44 -143.82
CA PHE ZB 83 -13.50 -53.05 -143.39
C PHE ZB 83 -13.54 -53.03 -141.87
N THR ZB 84 -12.38 -52.78 -141.25
CA THR ZB 84 -12.28 -52.84 -139.79
C THR ZB 84 -13.11 -51.75 -139.12
N GLU ZB 85 -13.15 -50.56 -139.72
CA GLU ZB 85 -13.89 -49.45 -139.14
C GLU ZB 85 -14.85 -48.87 -140.18
N PRO ZB 86 -15.95 -48.29 -139.72
CA PRO ZB 86 -16.94 -47.75 -140.66
C PRO ZB 86 -16.38 -46.62 -141.50
N LEU ZB 87 -16.80 -46.58 -142.77
CA LEU ZB 87 -16.52 -45.44 -143.64
C LEU ZB 87 -17.38 -44.27 -143.19
N VAL ZB 88 -16.74 -43.17 -142.77
CA VAL ZB 88 -17.41 -42.01 -142.21
C VAL ZB 88 -17.14 -40.82 -143.11
N SER ZB 89 -18.19 -40.08 -143.45
CA SER ZB 89 -18.08 -38.89 -144.29
C SER ZB 89 -18.85 -37.75 -143.67
N ASN ZB 90 -18.26 -36.57 -143.67
CA ASN ZB 90 -18.89 -35.36 -143.15
C ASN ZB 90 -18.73 -34.23 -144.17
N VAL ZB 91 -19.82 -33.50 -144.41
CA VAL ZB 91 -19.80 -32.32 -145.26
C VAL ZB 91 -20.53 -31.22 -144.52
N LYS ZB 92 -19.95 -30.03 -144.50
CA LYS ZB 92 -20.54 -28.90 -143.79
C LYS ZB 92 -20.31 -27.65 -144.61
N ALA ZB 93 -21.40 -27.07 -145.13
CA ALA ZB 93 -21.32 -25.86 -145.95
C ALA ZB 93 -22.14 -24.75 -145.32
N SER ZB 94 -21.69 -23.52 -145.49
CA SER ZB 94 -22.41 -22.36 -144.99
C SER ZB 94 -22.05 -21.15 -145.83
N SER ZB 95 -23.06 -20.42 -146.29
CA SER ZB 95 -22.83 -19.28 -147.17
C SER ZB 95 -23.82 -18.17 -146.84
N SER ZB 96 -23.43 -16.95 -147.20
CA SER ZB 96 -24.26 -15.77 -146.99
C SER ZB 96 -24.03 -14.79 -148.12
N ILE ZB 97 -25.11 -14.15 -148.56
CA ILE ZB 97 -25.09 -13.19 -149.65
C ILE ZB 97 -25.79 -11.92 -149.20
N GLY ZB 98 -25.19 -10.78 -149.50
CA GLY ZB 98 -25.81 -9.49 -149.20
C GLY ZB 98 -25.73 -8.53 -150.37
N LEU ZB 99 -26.88 -8.09 -150.88
CA LEU ZB 99 -26.96 -7.20 -152.03
C LEU ZB 99 -27.64 -5.91 -151.60
N GLN ZB 100 -27.07 -4.78 -152.00
CA GLN ZB 100 -27.66 -3.48 -151.72
C GLN ZB 100 -27.59 -2.61 -152.96
N ILE ZB 101 -28.72 -2.03 -153.33
CA ILE ZB 101 -28.80 -1.06 -154.42
C ILE ZB 101 -29.27 0.26 -153.81
N LEU ZB 102 -28.33 1.16 -153.57
CA LEU ZB 102 -28.57 2.51 -153.04
C LEU ZB 102 -29.34 2.37 -151.74
N LYS ZB 103 -30.39 3.14 -151.52
CA LYS ZB 103 -31.32 2.93 -150.42
C LYS ZB 103 -32.66 2.40 -150.91
N HIS ZB 104 -32.67 1.77 -152.08
CA HIS ZB 104 -33.89 1.27 -152.69
C HIS ZB 104 -34.04 -0.25 -152.62
N PHE ZB 105 -32.94 -1.00 -152.67
CA PHE ZB 105 -33.00 -2.45 -152.59
C PHE ZB 105 -32.02 -2.96 -151.55
N ASP ZB 106 -32.46 -3.92 -150.75
CA ASP ZB 106 -31.57 -4.51 -149.73
C ASP ZB 106 -32.01 -5.94 -149.47
N SER ZB 107 -31.22 -6.91 -149.94
CA SER ZB 107 -31.54 -8.32 -149.76
C SER ZB 107 -30.41 -9.01 -149.01
N GLY ZB 108 -30.77 -9.85 -148.05
CA GLY ZB 108 -29.81 -10.66 -147.33
C GLY ZB 108 -30.24 -12.10 -147.23
N ALA ZB 109 -29.46 -13.01 -147.80
CA ALA ZB 109 -29.77 -14.43 -147.80
C ALA ZB 109 -28.65 -15.20 -147.14
N LYS ZB 110 -28.98 -16.37 -146.60
CA LYS ZB 110 -27.97 -17.22 -145.99
C LYS ZB 110 -28.47 -18.65 -146.00
N GLY ZB 111 -27.53 -19.58 -146.09
CA GLY ZB 111 -27.87 -20.99 -146.12
C GLY ZB 111 -26.79 -21.81 -145.43
N SER ZB 112 -27.19 -22.97 -144.94
CA SER ZB 112 -26.26 -23.89 -144.29
C SER ZB 112 -26.73 -25.32 -144.52
N LYS ZB 113 -25.77 -26.24 -144.52
CA LYS ZB 113 -26.06 -27.64 -144.75
C LYS ZB 113 -25.03 -28.49 -144.01
N ASN ZB 114 -25.52 -29.56 -143.38
CA ASN ZB 114 -24.68 -30.51 -142.65
C ASN ZB 114 -25.11 -31.91 -143.02
N PHE ZB 115 -24.20 -32.69 -143.58
CA PHE ZB 115 -24.49 -34.02 -144.12
C PHE ZB 115 -23.50 -35.01 -143.55
N ILE ZB 116 -24.00 -36.09 -142.95
CA ILE ZB 116 -23.17 -37.09 -142.30
C ILE ZB 116 -23.56 -38.47 -142.79
N THR ZB 117 -22.56 -39.28 -143.11
CA THR ZB 117 -22.79 -40.63 -143.63
C THR ZB 117 -21.86 -41.62 -142.92
N SER ZB 118 -22.39 -42.81 -142.64
CA SER ZB 118 -21.60 -43.87 -142.02
C SER ZB 118 -22.01 -45.21 -142.61
N ALA ZB 119 -21.04 -45.98 -143.07
CA ALA ZB 119 -21.31 -47.30 -143.65
C ALA ZB 119 -20.41 -48.33 -142.99
N SER ZB 120 -21.01 -49.38 -142.46
CA SER ZB 120 -20.28 -50.48 -141.80
C SER ZB 120 -20.61 -51.75 -142.56
N LEU ZB 121 -19.68 -52.19 -143.41
CA LEU ZB 121 -19.87 -53.37 -144.24
C LEU ZB 121 -19.26 -54.63 -143.62
N GLY ZB 122 -18.51 -54.51 -142.53
CA GLY ZB 122 -17.94 -55.69 -141.90
C GLY ZB 122 -16.97 -56.41 -142.82
N THR ZB 123 -17.23 -57.69 -143.04
CA THR ZB 123 -16.40 -58.54 -143.88
C THR ZB 123 -17.13 -58.86 -145.17
N VAL ZB 124 -16.42 -58.79 -146.29
CA VAL ZB 124 -16.95 -59.11 -147.60
C VAL ZB 124 -16.24 -60.35 -148.12
N VAL ZB 125 -17.01 -61.34 -148.55
CA VAL ZB 125 -16.48 -62.57 -149.10
C VAL ZB 125 -16.81 -62.63 -150.58
N LYS ZB 126 -16.15 -63.55 -151.29
CA LYS ZB 126 -16.35 -63.77 -152.70
C LYS ZB 126 -16.76 -65.22 -152.91
N ALA ZB 127 -17.80 -65.42 -153.70
CA ALA ZB 127 -18.33 -66.74 -154.01
C ALA ZB 127 -18.22 -66.98 -155.51
N GLU ZB 128 -17.78 -68.18 -155.87
CA GLU ZB 128 -17.53 -68.53 -157.26
C GLU ZB 128 -17.53 -70.04 -157.41
N THR ZB 129 -17.69 -70.49 -158.65
CA THR ZB 129 -17.68 -71.91 -158.95
C THR ZB 129 -16.36 -72.54 -158.53
N ILE ZB 130 -16.42 -73.77 -158.04
CA ILE ZB 130 -15.21 -74.47 -157.62
C ILE ZB 130 -14.26 -74.67 -158.81
N ASP ZB 131 -14.81 -75.08 -159.96
CA ASP ZB 131 -14.02 -75.25 -161.17
C ASP ZB 131 -14.77 -74.60 -162.32
N ILE ZB 132 -14.16 -73.58 -162.91
CA ILE ZB 132 -14.80 -72.87 -164.02
C ILE ZB 132 -14.45 -73.51 -165.36
N THR ZB 133 -13.31 -74.18 -165.47
CA THR ZB 133 -12.92 -74.80 -166.72
C THR ZB 133 -13.91 -75.88 -167.14
N LYS ZB 134 -14.35 -76.71 -166.19
CA LYS ZB 134 -15.34 -77.74 -166.50
C LYS ZB 134 -16.66 -77.12 -166.95
N VAL ZB 135 -17.10 -76.06 -166.27
CA VAL ZB 135 -18.33 -75.39 -166.66
C VAL ZB 135 -18.22 -74.85 -168.08
N LEU ZB 136 -17.08 -74.21 -168.39
CA LEU ZB 136 -16.88 -73.67 -169.73
C LEU ZB 136 -16.88 -74.77 -170.78
N ALA ZB 137 -16.20 -75.88 -170.50
CA ALA ZB 137 -16.16 -76.98 -171.46
C ALA ZB 137 -17.56 -77.52 -171.72
N LYS ZB 138 -18.32 -77.78 -170.66
CA LYS ZB 138 -19.67 -78.29 -170.82
C LYS ZB 138 -20.57 -77.30 -171.56
N VAL ZB 139 -20.42 -76.01 -171.27
CA VAL ZB 139 -21.19 -75.00 -172.00
C VAL ZB 139 -20.89 -75.08 -173.48
N ARG ZB 140 -19.61 -75.12 -173.83
CA ARG ZB 140 -19.21 -75.15 -175.23
C ARG ZB 140 -19.73 -76.40 -175.93
N THR ZB 141 -19.79 -77.53 -175.21
CA THR ZB 141 -20.27 -78.77 -175.81
C THR ZB 141 -21.77 -78.98 -175.62
N ALA ZB 142 -22.48 -78.05 -175.00
CA ALA ZB 142 -23.89 -78.22 -174.70
C ALA ZB 142 -24.73 -77.24 -175.53
N LYS ZB 143 -25.95 -77.66 -175.86
CA LYS ZB 143 -26.89 -76.83 -176.60
C LYS ZB 143 -27.93 -76.21 -175.67
N ALA ZB 144 -28.37 -75.00 -176.03
CA ALA ZB 144 -29.36 -74.28 -175.24
C ALA ZB 144 -30.74 -74.93 -175.37
N LYS ZB 145 -31.66 -74.49 -174.52
CA LYS ZB 145 -33.01 -75.03 -174.51
C LYS ZB 145 -33.79 -74.46 -175.69
N VAL ZB 146 -34.28 -75.36 -176.57
CA VAL ZB 146 -35.06 -74.92 -177.72
C VAL ZB 146 -36.36 -74.26 -177.28
N GLU ZB 147 -36.99 -74.80 -176.23
CA GLU ZB 147 -38.23 -74.23 -175.73
C GLU ZB 147 -38.06 -72.79 -175.27
N ASN ZB 148 -36.92 -72.46 -174.67
CA ASN ZB 148 -36.72 -71.13 -174.11
C ASN ZB 148 -36.87 -70.05 -175.16
N ASP ZB 149 -37.59 -68.99 -174.81
CA ASP ZB 149 -37.85 -67.87 -175.72
C ASP ZB 149 -36.76 -66.82 -175.65
N LEU ZB 150 -36.19 -66.59 -174.47
CA LEU ZB 150 -35.14 -65.59 -174.30
C LEU ZB 150 -33.96 -65.86 -175.22
N VAL ZB 151 -33.53 -67.13 -175.28
CA VAL ZB 151 -32.40 -67.50 -176.15
C VAL ZB 151 -32.70 -67.17 -177.59
N SER ZB 152 -33.91 -67.51 -178.05
CA SER ZB 152 -34.28 -67.21 -179.43
C SER ZB 152 -34.32 -65.72 -179.69
N ARG ZB 153 -34.85 -64.95 -178.74
CA ARG ZB 153 -34.86 -63.50 -178.88
C ARG ZB 153 -33.44 -62.96 -179.04
N VAL ZB 154 -32.53 -63.38 -178.15
CA VAL ZB 154 -31.15 -62.90 -178.21
C VAL ZB 154 -30.49 -63.35 -179.51
N MET ZB 155 -30.82 -64.54 -180.00
CA MET ZB 155 -30.24 -65.03 -181.25
C MET ZB 155 -30.70 -64.17 -182.43
N LYS ZB 156 -31.99 -63.86 -182.49
CA LYS ZB 156 -32.49 -63.10 -183.63
C LYS ZB 156 -32.07 -61.64 -183.58
N THR ZB 157 -31.98 -61.07 -182.37
CA THR ZB 157 -31.55 -59.69 -182.25
C THR ZB 157 -30.03 -59.60 -182.27
N LYS ZB 158 -29.53 -58.44 -182.70
CA LYS ZB 158 -28.08 -58.20 -182.79
C LYS ZB 158 -27.53 -57.40 -181.63
N ARG ZB 159 -28.35 -56.55 -181.00
CA ARG ZB 159 -27.86 -55.76 -179.87
C ARG ZB 159 -27.71 -56.61 -178.63
N LEU ZB 160 -28.67 -57.51 -178.38
CA LEU ZB 160 -28.68 -58.28 -177.15
C LEU ZB 160 -27.54 -59.29 -177.12
N CYS ZB 161 -26.94 -59.44 -175.94
CA CYS ZB 161 -25.91 -60.44 -175.71
C CYS ZB 161 -26.18 -61.13 -174.39
N LEU ZB 162 -25.68 -62.36 -174.26
CA LEU ZB 162 -25.87 -63.14 -173.04
C LEU ZB 162 -24.59 -63.15 -172.21
N GLY ZB 163 -24.75 -63.12 -170.90
CA GLY ZB 163 -23.61 -63.16 -170.00
C GLY ZB 163 -23.83 -64.07 -168.82
N LEU ZB 164 -22.82 -64.88 -168.49
CA LEU ZB 164 -22.88 -65.81 -167.37
C LEU ZB 164 -22.09 -65.20 -166.21
N VAL ZB 165 -22.74 -65.06 -165.06
CA VAL ZB 165 -22.07 -64.49 -163.89
C VAL ZB 165 -21.21 -65.57 -163.25
N VAL ZB 166 -19.96 -65.22 -162.94
CA VAL ZB 166 -18.98 -66.19 -162.49
C VAL ZB 166 -18.45 -65.91 -161.08
N GLU ZB 167 -18.57 -64.70 -160.56
CA GLU ZB 167 -18.11 -64.43 -159.20
C GLU ZB 167 -18.94 -63.30 -158.61
N THR ZB 168 -19.19 -63.38 -157.30
CA THR ZB 168 -20.03 -62.41 -156.63
C THR ZB 168 -19.47 -62.06 -155.26
N ALA ZB 169 -19.53 -60.78 -154.92
CA ALA ZB 169 -19.07 -60.30 -153.62
C ALA ZB 169 -20.28 -60.08 -152.71
N CYS ZB 170 -20.27 -60.73 -151.55
CA CYS ZB 170 -21.40 -60.70 -150.63
C CYS ZB 170 -20.92 -60.41 -149.22
N VAL ZB 171 -21.75 -59.70 -148.45
CA VAL ZB 171 -21.42 -59.39 -147.07
C VAL ZB 171 -21.61 -60.64 -146.22
N ALA ZB 172 -20.60 -60.94 -145.39
CA ALA ZB 172 -20.69 -62.11 -144.52
C ALA ZB 172 -21.68 -61.90 -143.40
N ALA ZB 173 -21.73 -60.70 -142.83
CA ALA ZB 173 -22.61 -60.38 -141.72
C ALA ZB 173 -23.47 -59.17 -142.08
N ALA ZB 174 -24.31 -58.76 -141.14
CA ALA ZB 174 -25.21 -57.65 -141.38
C ALA ZB 174 -24.43 -56.35 -141.57
N GLY ZB 175 -24.88 -55.53 -142.51
CA GLY ZB 175 -24.25 -54.25 -142.81
C GLY ZB 175 -25.15 -53.09 -142.45
N LYS ZB 176 -24.58 -52.06 -141.83
CA LYS ZB 176 -25.34 -50.94 -141.30
C LYS ZB 176 -25.04 -49.67 -142.09
N LEU ZB 177 -26.08 -48.98 -142.53
CA LEU ZB 177 -25.94 -47.74 -143.29
C LEU ZB 177 -26.75 -46.65 -142.61
N THR ZB 178 -26.08 -45.54 -142.24
CA THR ZB 178 -26.72 -44.45 -141.53
C THR ZB 178 -26.43 -43.13 -142.24
N GLU ZB 179 -27.45 -42.28 -142.34
CA GLU ZB 179 -27.34 -40.98 -143.00
C GLU ZB 179 -28.13 -39.94 -142.22
N ALA ZB 180 -27.54 -38.76 -142.05
CA ALA ZB 180 -28.19 -37.65 -141.37
C ALA ZB 180 -28.00 -36.38 -142.19
N ASP ZB 181 -29.08 -35.60 -142.33
CA ASP ZB 181 -29.09 -34.39 -143.12
C ASP ZB 181 -29.76 -33.29 -142.31
N ASN ZB 182 -29.16 -32.10 -142.30
CA ASN ZB 182 -29.76 -30.93 -141.63
C ASN ZB 182 -29.40 -29.71 -142.45
N TRP ZB 183 -30.38 -29.09 -143.10
CA TRP ZB 183 -30.07 -27.89 -143.87
C TRP ZB 183 -31.11 -26.81 -143.60
N GLU ZB 184 -30.68 -25.56 -143.81
CA GLU ZB 184 -31.46 -24.40 -143.39
C GLU ZB 184 -31.24 -23.24 -144.35
N ILE ZB 185 -32.31 -22.50 -144.65
CA ILE ZB 185 -32.29 -21.33 -145.51
C ILE ZB 185 -32.99 -20.18 -144.80
N SER ZB 186 -32.37 -19.01 -144.80
CA SER ZB 186 -32.97 -17.81 -144.23
C SER ZB 186 -32.76 -16.64 -145.18
N GLY ZB 187 -33.84 -16.07 -145.68
CA GLY ZB 187 -33.76 -14.98 -146.63
C GLY ZB 187 -34.61 -13.80 -146.21
N HIS ZB 188 -34.17 -12.62 -146.63
CA HIS ZB 188 -34.84 -11.37 -146.30
C HIS ZB 188 -34.70 -10.40 -147.45
N THR ZB 189 -35.77 -9.68 -147.75
CA THR ZB 189 -35.82 -8.73 -148.86
C THR ZB 189 -36.49 -7.45 -148.40
N ASN ZB 190 -35.91 -6.31 -148.78
CA ASN ZB 190 -36.46 -5.00 -148.44
C ASN ZB 190 -36.40 -4.13 -149.69
N ALA ZB 191 -37.57 -3.84 -150.26
CA ALA ZB 191 -37.68 -2.96 -151.42
C ALA ZB 191 -38.31 -1.65 -150.95
N ASN ZB 192 -37.51 -0.61 -150.84
CA ASN ZB 192 -37.95 0.71 -150.42
C ASN ZB 192 -38.09 1.60 -151.64
N ILE ZB 193 -39.29 2.15 -151.83
CA ILE ZB 193 -39.57 3.07 -152.93
C ILE ZB 193 -40.22 4.30 -152.32
N GLY ZB 194 -40.24 5.40 -153.09
CA GLY ZB 194 -40.78 6.64 -152.59
C GLY ZB 194 -42.21 6.54 -152.10
N GLU ZB 195 -43.01 5.68 -152.74
CA GLU ZB 195 -44.41 5.50 -152.36
C GLU ZB 195 -44.74 4.06 -151.99
N ALA ZB 196 -43.75 3.18 -151.86
CA ALA ZB 196 -44.01 1.79 -151.53
C ALA ZB 196 -42.85 1.24 -150.71
N VAL ZB 197 -43.19 0.45 -149.69
CA VAL ZB 197 -42.22 -0.23 -148.84
C VAL ZB 197 -42.65 -1.68 -148.72
N VAL ZB 198 -41.78 -2.61 -149.12
CA VAL ZB 198 -42.04 -4.03 -149.04
C VAL ZB 198 -40.94 -4.69 -148.21
N THR ZB 199 -41.33 -5.47 -147.21
CA THR ZB 199 -40.39 -6.18 -146.35
C THR ZB 199 -40.83 -7.63 -146.23
N ALA ZB 200 -40.08 -8.53 -146.86
CA ALA ZB 200 -40.39 -9.95 -146.86
C ALA ZB 200 -39.29 -10.73 -146.16
N THR ZB 201 -39.68 -11.82 -145.51
CA THR ZB 201 -38.73 -12.66 -144.78
C THR ZB 201 -39.22 -14.10 -144.85
N ALA ZB 202 -38.29 -15.04 -145.02
CA ALA ZB 202 -38.64 -16.46 -145.09
C ALA ZB 202 -37.53 -17.30 -144.48
N GLU ZB 203 -37.91 -18.17 -143.54
CA GLU ZB 203 -36.97 -19.09 -142.90
C GLU ZB 203 -37.51 -20.50 -142.99
N LEU ZB 204 -36.64 -21.45 -143.30
CA LEU ZB 204 -37.04 -22.85 -143.28
C LEU ZB 204 -35.82 -23.72 -142.99
N ASP ZB 205 -36.08 -24.93 -142.52
CA ASP ZB 205 -35.01 -25.87 -142.21
C ASP ZB 205 -35.58 -27.28 -142.20
N LYS ZB 206 -34.86 -28.21 -142.81
CA LYS ZB 206 -35.26 -29.60 -142.92
C LYS ZB 206 -34.23 -30.50 -142.27
N ASN ZB 207 -34.71 -31.51 -141.55
CA ASN ZB 207 -33.86 -32.50 -140.88
C ASN ZB 207 -34.35 -33.89 -141.25
N LEU ZB 208 -33.43 -34.74 -141.68
CA LEU ZB 208 -33.75 -36.12 -142.06
C LEU ZB 208 -32.72 -37.07 -141.47
N SER ZB 209 -33.13 -38.30 -141.23
CA SER ZB 209 -32.24 -39.34 -140.73
C SER ZB 209 -32.75 -40.69 -141.19
N ARG ZB 210 -31.89 -41.46 -141.88
CA ARG ZB 210 -32.27 -42.76 -142.39
C ARG ZB 210 -31.22 -43.78 -141.96
N LYS ZB 211 -31.67 -44.89 -141.36
CA LYS ZB 211 -30.77 -45.93 -140.87
C LYS ZB 211 -31.34 -47.28 -141.27
N ILE ZB 212 -30.56 -48.06 -142.03
CA ILE ZB 212 -30.99 -49.37 -142.50
C ILE ZB 212 -29.89 -50.39 -142.23
N GLU ZB 213 -30.26 -51.66 -142.36
CA GLU ZB 213 -29.34 -52.77 -142.10
C GLU ZB 213 -29.61 -53.89 -143.09
N ILE ZB 214 -28.70 -54.07 -144.04
CA ILE ZB 214 -28.82 -55.17 -145.00
C ILE ZB 214 -28.43 -56.48 -144.34
N PRO ZB 215 -29.12 -57.58 -144.64
CA PRO ZB 215 -28.85 -58.84 -143.95
C PRO ZB 215 -27.66 -59.56 -144.56
N PRO ZB 216 -27.12 -60.57 -143.89
CA PRO ZB 216 -26.01 -61.34 -144.46
C PRO ZB 216 -26.42 -62.01 -145.76
N GLY ZB 217 -25.47 -62.09 -146.69
CA GLY ZB 217 -25.68 -62.72 -147.98
C GLY ZB 217 -26.04 -61.78 -149.10
N THR ZB 218 -26.30 -60.50 -148.80
CA THR ZB 218 -26.65 -59.55 -149.84
C THR ZB 218 -25.48 -59.34 -150.80
N ALA ZB 219 -25.75 -59.45 -152.09
CA ALA ZB 219 -24.71 -59.28 -153.09
C ALA ZB 219 -24.38 -57.80 -153.26
N LEU ZB 220 -23.10 -57.52 -153.53
CA LEU ZB 220 -22.64 -56.15 -153.75
C LEU ZB 220 -22.16 -55.90 -155.17
N ALA ZB 221 -21.41 -56.82 -155.76
CA ALA ZB 221 -20.85 -56.63 -157.08
C ALA ZB 221 -20.61 -57.99 -157.73
N TYR ZB 222 -20.39 -57.97 -159.03
CA TYR ZB 222 -20.26 -59.22 -159.77
C TYR ZB 222 -19.43 -58.99 -161.03
N SER ZB 223 -18.98 -60.10 -161.62
CA SER ZB 223 -18.30 -60.10 -162.90
C SER ZB 223 -18.86 -61.23 -163.75
N PHE ZB 224 -18.88 -61.04 -165.06
CA PHE ZB 224 -19.53 -62.01 -165.94
C PHE ZB 224 -18.70 -62.21 -167.20
N MET ZB 225 -18.98 -63.34 -167.87
CA MET ZB 225 -18.33 -63.70 -169.12
C MET ZB 225 -19.36 -63.76 -170.24
N ASP ZB 226 -19.00 -63.26 -171.41
CA ASP ZB 226 -19.93 -63.18 -172.52
C ASP ZB 226 -20.15 -64.54 -173.17
N LEU ZB 227 -21.27 -64.66 -173.89
CA LEU ZB 227 -21.63 -65.87 -174.60
C LEU ZB 227 -22.13 -65.50 -176.00
N GLU ZB 228 -22.30 -66.53 -176.83
CA GLU ZB 228 -22.76 -66.34 -178.20
C GLU ZB 228 -23.56 -67.55 -178.63
N ILE ZB 229 -24.77 -67.32 -179.13
CA ILE ZB 229 -25.63 -68.38 -179.63
C ILE ZB 229 -25.23 -68.71 -181.06
N LEU ZB 230 -24.92 -69.98 -181.32
CA LEU ZB 230 -24.65 -70.41 -182.68
C LEU ZB 230 -25.96 -70.43 -183.48
N GLU ZB 231 -25.85 -70.78 -184.76
CA GLU ZB 231 -27.04 -71.00 -185.58
C GLU ZB 231 -27.96 -72.02 -184.92
N ASP ZB 232 -27.40 -73.13 -184.46
CA ASP ZB 232 -28.12 -74.11 -183.67
C ASP ZB 232 -28.27 -73.61 -182.23
N ARG ZB 233 -28.83 -74.45 -181.37
CA ARG ZB 233 -28.94 -74.13 -179.95
C ARG ZB 233 -27.59 -74.14 -179.24
N SER ZB 234 -26.52 -74.55 -179.92
CA SER ZB 234 -25.20 -74.59 -179.31
C SER ZB 234 -24.76 -73.21 -178.85
N LEU ZB 235 -23.98 -73.19 -177.77
CA LEU ZB 235 -23.46 -71.96 -177.20
C LEU ZB 235 -21.94 -71.96 -177.24
N ARG ZB 236 -21.36 -70.77 -177.42
CA ARG ZB 236 -19.92 -70.59 -177.45
C ARG ZB 236 -19.55 -69.43 -176.55
N VAL ZB 237 -18.29 -69.41 -176.13
CA VAL ZB 237 -17.78 -68.33 -175.29
C VAL ZB 237 -17.00 -67.37 -176.17
N SER ZB 238 -17.12 -66.07 -175.89
CA SER ZB 238 -16.50 -65.03 -176.69
C SER ZB 238 -15.61 -64.16 -175.82
N SER ZB 239 -14.46 -63.77 -176.36
CA SER ZB 239 -13.48 -62.97 -175.61
C SER ZB 239 -13.10 -61.75 -176.44
N SER ZB 240 -13.41 -60.57 -175.93
CA SER ZB 240 -12.98 -59.33 -176.56
C SER ZB 240 -11.51 -59.09 -176.21
N ALA ZB 241 -10.64 -59.27 -177.20
CA ALA ZB 241 -9.19 -59.17 -177.01
C ALA ZB 241 -8.70 -60.15 -175.93
N GLY ZB 242 -9.36 -61.30 -175.82
CA GLY ZB 242 -8.97 -62.31 -174.86
C GLY ZB 242 -9.25 -61.97 -173.41
N ALA ZB 243 -10.14 -61.00 -173.15
CA ALA ZB 243 -10.41 -60.59 -171.78
C ALA ZB 243 -11.09 -61.72 -170.99
N MET ZB 244 -12.18 -62.27 -171.54
CA MET ZB 244 -12.99 -63.28 -170.88
C MET ZB 244 -13.51 -62.83 -169.52
N PHE ZB 245 -13.50 -61.53 -169.25
CA PHE ZB 245 -14.02 -60.97 -168.00
C PHE ZB 245 -14.58 -59.59 -168.34
N ASP ZB 246 -15.89 -59.50 -168.48
CA ASP ZB 246 -16.53 -58.26 -168.90
C ASP ZB 246 -17.07 -57.54 -167.67
N SER ZB 247 -16.75 -56.25 -167.56
CA SER ZB 247 -17.20 -55.42 -166.45
C SER ZB 247 -18.24 -54.40 -166.89
N GLY ZB 248 -18.88 -54.62 -168.03
CA GLY ZB 248 -19.85 -53.67 -168.54
C GLY ZB 248 -19.24 -52.32 -168.86
N LYS ZB 249 -18.03 -52.32 -169.42
CA LYS ZB 249 -17.31 -51.10 -169.76
C LYS ZB 249 -17.40 -50.82 -171.25
N ALA ZB 250 -17.34 -49.55 -171.60
CA ALA ZB 250 -17.34 -49.15 -173.00
C ALA ZB 250 -16.06 -49.61 -173.69
N GLU ZB 251 -16.17 -49.87 -174.99
CA GLU ZB 251 -15.01 -50.33 -175.75
C GLU ZB 251 -13.90 -49.28 -175.77
N SER ZB 252 -14.27 -48.01 -175.93
CA SER ZB 252 -13.33 -46.89 -175.94
C SER ZB 252 -12.24 -47.08 -177.00
CA ARG AC 3 -5.92 -43.17 -155.88
C ARG AC 3 -6.28 -44.21 -154.82
N PRO AC 4 -6.64 -45.41 -155.27
CA PRO AC 4 -7.00 -46.47 -154.32
C PRO AC 4 -5.85 -46.80 -153.39
N MET AC 5 -6.19 -47.09 -152.13
CA MET AC 5 -5.17 -47.42 -151.15
C MET AC 5 -4.41 -48.68 -151.54
N PHE AC 6 -5.11 -49.68 -152.08
CA PHE AC 6 -4.44 -50.90 -152.51
C PHE AC 6 -3.41 -50.60 -153.60
N ALA AC 7 -3.79 -49.77 -154.58
CA ALA AC 7 -2.86 -49.42 -155.65
C ALA AC 7 -1.66 -48.64 -155.10
N VAL AC 8 -1.91 -47.72 -154.17
CA VAL AC 8 -0.82 -46.95 -153.58
C VAL AC 8 0.14 -47.87 -152.83
N ALA AC 9 -0.40 -48.80 -152.04
CA ALA AC 9 0.45 -49.72 -151.31
C ALA AC 9 1.22 -50.64 -152.24
N VAL AC 10 0.58 -51.09 -153.33
CA VAL AC 10 1.28 -51.93 -154.30
C VAL AC 10 2.43 -51.17 -154.93
N ASN AC 11 2.21 -49.90 -155.28
CA ASN AC 11 3.28 -49.10 -155.86
C ASN AC 11 4.42 -48.89 -154.85
N GLU AC 12 4.08 -48.63 -153.59
CA GLU AC 12 5.11 -48.46 -152.56
C GLU AC 12 5.94 -49.74 -152.41
N PHE AC 13 5.27 -50.88 -152.36
CA PHE AC 13 5.98 -52.15 -152.22
C PHE AC 13 6.88 -52.42 -153.42
N ILE AC 14 6.34 -52.21 -154.63
CA ILE AC 14 7.13 -52.52 -155.82
C ILE AC 14 8.30 -51.57 -155.96
N ARG AC 15 8.17 -50.33 -155.49
CA ARG AC 15 9.30 -49.42 -155.50
C ARG AC 15 10.35 -49.84 -154.47
N SER AC 16 9.93 -50.15 -153.25
CA SER AC 16 10.88 -50.51 -152.20
C SER AC 16 11.63 -51.79 -152.54
N ALA AC 17 10.92 -52.79 -153.07
CA ALA AC 17 11.52 -54.07 -153.44
C ALA AC 17 11.05 -54.46 -154.83
N GLY AC 18 11.98 -54.93 -155.65
CA GLY AC 18 11.63 -55.39 -156.98
C GLY AC 18 11.11 -54.33 -157.92
N GLN AC 19 11.80 -53.17 -157.97
CA GLN AC 19 11.38 -52.12 -158.89
C GLN AC 19 11.46 -52.57 -160.34
N ASP AC 20 12.34 -53.52 -160.64
CA ASP AC 20 12.44 -54.10 -161.96
C ASP AC 20 11.93 -55.53 -161.93
N SER AC 21 11.44 -55.98 -163.10
CA SER AC 21 10.92 -57.34 -163.27
C SER AC 21 9.79 -57.65 -162.30
N LEU AC 22 8.82 -56.74 -162.22
CA LEU AC 22 7.69 -56.93 -161.34
C LEU AC 22 6.53 -56.07 -161.84
N CYS AC 23 5.33 -56.65 -161.86
CA CYS AC 23 4.12 -55.98 -162.34
C CYS AC 23 3.13 -55.85 -161.21
N GLY AC 24 2.60 -54.64 -161.02
CA GLY AC 24 1.61 -54.43 -159.99
C GLY AC 24 0.29 -55.13 -160.28
N VAL AC 25 -0.44 -55.40 -159.21
CA VAL AC 25 -1.74 -56.06 -159.30
C VAL AC 25 -2.82 -54.98 -159.46
N PRO AC 26 -3.72 -55.11 -160.44
CA PRO AC 26 -4.71 -54.05 -160.67
C PRO AC 26 -5.66 -53.81 -159.51
N ASP AC 27 -6.19 -54.88 -158.90
CA ASP AC 27 -7.16 -54.71 -157.83
C ASP AC 27 -7.20 -55.96 -156.98
N ILE AC 28 -7.81 -55.82 -155.79
CA ILE AC 28 -7.88 -56.91 -154.84
C ILE AC 28 -8.69 -58.07 -155.42
N ASN AC 29 -9.78 -57.77 -156.11
CA ASN AC 29 -10.63 -58.82 -156.66
C ASN AC 29 -9.88 -59.69 -157.66
N SER AC 30 -9.10 -59.06 -158.53
CA SER AC 30 -8.35 -59.79 -159.55
C SER AC 30 -6.96 -60.21 -159.09
N SER AC 31 -6.60 -59.92 -157.83
CA SER AC 31 -5.30 -60.33 -157.32
C SER AC 31 -5.15 -61.85 -157.35
N GLY AC 32 -6.24 -62.58 -157.09
CA GLY AC 32 -6.15 -64.03 -157.01
C GLY AC 32 -5.97 -64.73 -158.35
N ASP AC 33 -6.09 -64.00 -159.45
CA ASP AC 33 -5.93 -64.58 -160.77
C ASP AC 33 -4.50 -64.50 -161.29
N PHE AC 34 -3.57 -63.99 -160.50
CA PHE AC 34 -2.17 -63.84 -160.90
C PHE AC 34 -1.25 -64.72 -160.08
N MET AC 35 -1.73 -65.88 -159.66
CA MET AC 35 -0.90 -66.86 -158.99
C MET AC 35 -0.02 -67.58 -160.00
N PRO AC 36 1.05 -68.24 -159.54
CA PRO AC 36 1.96 -68.91 -160.47
C PRO AC 36 1.25 -69.95 -161.32
N LEU AC 37 1.76 -70.14 -162.54
CA LEU AC 37 1.21 -71.08 -163.51
C LEU AC 37 -0.20 -70.66 -163.96
N HIS AC 38 -0.35 -69.37 -164.27
CA HIS AC 38 -1.58 -68.83 -164.83
C HIS AC 38 -1.28 -68.17 -166.16
N ILE AC 39 -2.23 -68.28 -167.08
CA ILE AC 39 -2.11 -67.70 -168.42
C ILE AC 39 -2.70 -66.31 -168.41
N ILE AC 40 -1.98 -65.35 -169.01
CA ILE AC 40 -2.44 -63.98 -169.17
C ILE AC 40 -2.24 -63.58 -170.63
N VAL AC 41 -2.97 -62.55 -171.05
CA VAL AC 41 -2.93 -62.06 -172.42
C VAL AC 41 -2.33 -60.66 -172.40
N LYS AC 42 -1.40 -60.41 -173.31
CA LYS AC 42 -0.74 -59.11 -173.44
C LYS AC 42 -1.14 -58.48 -174.77
N GLU AC 43 -1.56 -57.22 -174.72
CA GLU AC 43 -1.97 -56.46 -175.88
C GLU AC 43 -1.03 -55.29 -176.07
N VAL AC 44 -0.55 -55.11 -177.30
CA VAL AC 44 0.40 -54.05 -177.62
C VAL AC 44 -0.32 -52.71 -177.64
N PRO AC 45 0.37 -51.61 -177.38
CA PRO AC 45 -0.30 -50.29 -177.37
C PRO AC 45 -0.92 -49.93 -178.71
N LYS AC 46 -0.32 -50.35 -179.83
CA LYS AC 46 -0.76 -50.09 -181.20
C LYS AC 46 -0.61 -48.63 -181.60
N VAL AC 47 -0.18 -47.75 -180.71
CA VAL AC 47 0.01 -46.34 -181.04
C VAL AC 47 1.48 -45.99 -180.88
N LEU AC 48 2.01 -46.16 -179.67
CA LEU AC 48 3.42 -45.93 -179.36
C LEU AC 48 3.93 -47.16 -178.62
N PRO AC 49 4.16 -48.28 -179.34
CA PRO AC 49 4.58 -49.50 -178.65
C PRO AC 49 5.87 -49.36 -177.87
N CYS AC 50 6.83 -48.58 -178.36
CA CYS AC 50 8.08 -48.39 -177.67
C CYS AC 50 8.02 -47.33 -176.58
N CYS AC 51 6.92 -46.57 -176.50
CA CYS AC 51 6.79 -45.51 -175.52
C CYS AC 51 5.71 -45.78 -174.47
N ARG AC 52 4.83 -46.74 -174.68
CA ARG AC 52 3.74 -47.04 -173.77
C ARG AC 52 3.80 -48.49 -173.35
N ARG AC 53 3.54 -48.75 -172.07
CA ARG AC 53 3.53 -50.11 -171.57
C ARG AC 53 2.28 -50.85 -172.06
N PRO AC 54 2.40 -52.15 -172.33
CA PRO AC 54 1.26 -52.89 -172.88
C PRO AC 54 0.13 -53.10 -171.88
N LYS AC 55 -0.95 -53.73 -172.32
CA LYS AC 55 -2.12 -53.98 -171.49
C LYS AC 55 -2.20 -55.46 -171.15
N ILE AC 56 -2.41 -55.76 -169.87
CA ILE AC 56 -2.40 -57.13 -169.37
C ILE AC 56 -3.82 -57.52 -168.97
N LYS AC 57 -4.29 -58.65 -169.49
CA LYS AC 57 -5.63 -59.16 -169.27
C LYS AC 57 -5.54 -60.52 -168.60
N ARG AC 58 -6.29 -60.70 -167.51
CA ARG AC 58 -6.34 -61.98 -166.82
C ARG AC 58 -7.28 -62.94 -167.52
N THR AC 59 -6.99 -64.22 -167.40
CA THR AC 59 -7.81 -65.28 -167.98
C THR AC 59 -8.04 -66.37 -166.94
N PRO AC 60 -9.18 -67.07 -167.02
CA PRO AC 60 -9.47 -68.16 -166.07
C PRO AC 60 -8.91 -69.50 -166.55
N TYR AC 61 -7.60 -69.54 -166.77
CA TYR AC 61 -6.95 -70.74 -167.27
C TYR AC 61 -5.65 -70.98 -166.53
N THR AC 62 -5.29 -72.25 -166.38
CA THR AC 62 -3.98 -72.66 -165.92
C THR AC 62 -3.24 -73.35 -167.06
N LEU AC 63 -1.96 -73.63 -166.81
CA LEU AC 63 -1.13 -74.25 -167.84
C LEU AC 63 -1.67 -75.63 -168.21
N ASN AC 64 -2.04 -76.43 -167.21
CA ASN AC 64 -2.53 -77.78 -167.49
C ASN AC 64 -3.84 -77.76 -168.25
N ASP AC 65 -4.71 -76.78 -167.96
CA ASP AC 65 -5.95 -76.67 -168.71
C ASP AC 65 -5.69 -76.22 -170.15
N ILE AC 66 -4.79 -75.25 -170.33
CA ILE AC 66 -4.55 -74.73 -171.67
C ILE AC 66 -3.79 -75.73 -172.53
N LEU AC 67 -3.04 -76.65 -171.91
CA LEU AC 67 -2.23 -77.62 -172.64
C LEU AC 67 -2.92 -78.97 -172.71
N ASP AC 68 -2.82 -79.62 -173.87
CA ASP AC 68 -3.31 -80.97 -174.00
C ASP AC 68 -2.52 -81.92 -173.09
N GLU AC 69 -1.20 -81.76 -173.04
CA GLU AC 69 -0.36 -82.59 -172.19
C GLU AC 69 -0.09 -81.89 -170.87
N PRO AC 70 -0.40 -82.50 -169.73
CA PRO AC 70 -0.18 -81.84 -168.45
C PRO AC 70 1.30 -81.73 -168.11
N CYS AC 71 1.60 -80.80 -167.20
CA CYS AC 71 2.93 -80.53 -166.71
C CYS AC 71 2.91 -80.54 -165.19
N PRO AC 72 4.06 -80.82 -164.56
CA PRO AC 72 4.10 -80.72 -163.09
C PRO AC 72 3.79 -79.31 -162.63
N ASN AC 73 3.11 -79.21 -161.49
CA ASN AC 73 2.59 -77.92 -161.03
C ASN AC 73 2.86 -77.66 -159.54
N GLN AC 74 3.75 -78.42 -158.91
CA GLN AC 74 4.04 -78.20 -157.51
C GLN AC 74 4.69 -76.84 -157.30
N LEU AC 75 4.42 -76.23 -156.15
CA LEU AC 75 4.90 -74.89 -155.83
C LEU AC 75 5.68 -74.89 -154.52
N LYS AC 76 6.35 -73.78 -154.26
CA LYS AC 76 7.08 -73.57 -153.02
C LYS AC 76 7.13 -72.07 -152.74
N SER AC 77 7.23 -71.73 -151.47
CA SER AC 77 7.23 -70.33 -151.04
C SER AC 77 8.38 -70.08 -150.07
N SER AC 78 8.88 -68.85 -150.11
CA SER AC 78 9.97 -68.44 -149.23
C SER AC 78 9.88 -66.94 -148.99
N ASP AC 79 10.45 -66.50 -147.87
CA ASP AC 79 10.35 -65.10 -147.49
C ASP AC 79 11.09 -64.21 -148.49
N LEU AC 80 10.54 -63.01 -148.70
CA LEU AC 80 11.12 -62.04 -149.62
C LEU AC 80 11.55 -60.76 -148.93
N VAL AC 81 10.65 -60.11 -148.18
CA VAL AC 81 10.95 -58.86 -147.50
C VAL AC 81 10.01 -58.74 -146.29
N THR AC 82 10.40 -57.90 -145.35
CA THR AC 82 9.66 -57.73 -144.10
C THR AC 82 9.62 -56.25 -143.75
N PHE AC 83 8.42 -55.67 -143.73
CA PHE AC 83 8.22 -54.28 -143.32
C PHE AC 83 8.00 -54.26 -141.82
N THR AC 84 9.05 -53.93 -141.06
CA THR AC 84 8.96 -53.99 -139.60
C THR AC 84 7.99 -52.95 -139.06
N GLU AC 85 7.95 -51.76 -139.67
CA GLU AC 85 7.07 -50.70 -139.20
C GLU AC 85 6.22 -50.19 -140.35
N PRO AC 86 5.03 -49.68 -140.05
CA PRO AC 86 4.13 -49.21 -141.12
C PRO AC 86 4.73 -48.05 -141.90
N LEU AC 87 4.48 -48.04 -143.20
CA LEU AC 87 4.79 -46.88 -144.03
C LEU AC 87 3.81 -45.77 -143.71
N VAL AC 88 4.32 -44.64 -143.24
CA VAL AC 88 3.50 -43.52 -142.78
C VAL AC 88 3.82 -42.31 -143.64
N SER AC 89 2.78 -41.64 -144.13
CA SER AC 89 2.92 -40.46 -144.96
C SER AC 89 1.99 -39.36 -144.45
N ASN AC 90 2.51 -38.14 -144.40
CA ASN AC 90 1.75 -36.97 -143.97
C ASN AC 90 1.97 -35.84 -144.97
N VAL AC 91 0.87 -35.19 -145.36
CA VAL AC 91 0.92 -34.01 -146.22
C VAL AC 91 0.02 -32.95 -145.58
N LYS AC 92 0.52 -31.73 -145.50
CA LYS AC 92 -0.22 -30.64 -144.89
C LYS AC 92 0.03 -29.38 -145.70
N ALA AC 93 -1.01 -28.87 -146.35
CA ALA AC 93 -0.91 -27.66 -147.16
C ALA AC 93 -1.88 -26.61 -146.65
N SER AC 94 -1.49 -25.35 -146.78
CA SER AC 94 -2.34 -24.24 -146.39
C SER AC 94 -1.94 -23.01 -147.19
N SER AC 95 -2.93 -22.34 -147.78
CA SER AC 95 -2.68 -21.20 -148.64
C SER AC 95 -3.75 -20.15 -148.45
N SER AC 96 -3.41 -18.91 -148.77
CA SER AC 96 -4.33 -17.79 -148.68
C SER AC 96 -4.03 -16.80 -149.79
N ILE AC 97 -5.08 -16.23 -150.36
CA ILE AC 97 -4.98 -15.28 -151.46
C ILE AC 97 -5.82 -14.05 -151.11
N GLY AC 98 -5.24 -12.87 -151.35
CA GLY AC 98 -5.97 -11.63 -151.15
C GLY AC 98 -5.81 -10.68 -152.31
N LEU AC 99 -6.92 -10.31 -152.96
CA LEU AC 99 -6.91 -9.43 -154.12
C LEU AC 99 -7.72 -8.18 -153.80
N GLN AC 100 -7.18 -7.02 -154.13
CA GLN AC 100 -7.88 -5.76 -153.94
C GLN AC 100 -7.70 -4.89 -155.18
N ILE AC 101 -8.81 -4.38 -155.70
CA ILE AC 101 -8.82 -3.42 -156.80
C ILE AC 101 -9.44 -2.14 -156.27
N LEU AC 102 -8.59 -1.18 -155.93
CA LEU AC 102 -8.98 0.16 -155.44
C LEU AC 102 -9.90 -0.03 -154.24
N LYS AC 103 -11.03 0.67 -154.16
CA LYS AC 103 -12.07 0.40 -153.19
C LYS AC 103 -13.30 -0.21 -153.84
N HIS AC 104 -13.12 -0.84 -155.01
CA HIS AC 104 -14.22 -1.43 -155.76
C HIS AC 104 -14.28 -2.94 -155.69
N PHE AC 105 -13.13 -3.62 -155.58
CA PHE AC 105 -13.13 -5.07 -155.50
C PHE AC 105 -12.26 -5.51 -154.34
N ASP AC 106 -12.72 -6.51 -153.59
CA ASP AC 106 -11.93 -7.03 -152.46
C ASP AC 106 -12.31 -8.49 -152.24
N SER AC 107 -11.41 -9.40 -152.59
CA SER AC 107 -11.65 -10.82 -152.44
C SER AC 107 -10.58 -11.45 -151.54
N GLY AC 108 -11.02 -12.30 -150.63
CA GLY AC 108 -10.10 -13.04 -149.78
C GLY AC 108 -10.46 -14.51 -149.72
N ALA AC 109 -9.55 -15.37 -150.18
CA ALA AC 109 -9.77 -16.80 -150.20
C ALA AC 109 -8.69 -17.50 -149.39
N LYS AC 110 -9.02 -18.69 -148.89
CA LYS AC 110 -8.04 -19.47 -148.15
C LYS AC 110 -8.44 -20.93 -148.20
N GLY AC 111 -7.44 -21.80 -148.16
CA GLY AC 111 -7.67 -23.23 -148.22
C GLY AC 111 -6.65 -23.97 -147.40
N SER AC 112 -7.04 -25.16 -146.94
CA SER AC 112 -6.13 -26.01 -146.17
C SER AC 112 -6.48 -27.47 -146.43
N LYS AC 113 -5.47 -28.32 -146.30
CA LYS AC 113 -5.64 -29.74 -146.56
C LYS AC 113 -4.67 -30.52 -145.68
N ASN AC 114 -5.16 -31.61 -145.10
CA ASN AC 114 -4.36 -32.51 -144.27
C ASN AC 114 -4.66 -33.94 -144.67
N PHE AC 115 -3.63 -34.66 -145.11
CA PHE AC 115 -3.76 -36.00 -145.66
C PHE AC 115 -2.79 -36.92 -144.95
N ILE AC 116 -3.31 -38.03 -144.41
CA ILE AC 116 -2.49 -38.97 -143.64
C ILE AC 116 -2.73 -40.38 -144.18
N THR AC 117 -1.65 -41.13 -144.36
CA THR AC 117 -1.73 -42.49 -144.88
C THR AC 117 -0.84 -43.41 -144.04
N SER AC 118 -1.31 -44.63 -143.81
CA SER AC 118 -0.54 -45.64 -143.09
C SER AC 118 -0.79 -47.00 -143.72
N ALA AC 119 0.28 -47.71 -144.05
CA ALA AC 119 0.17 -49.04 -144.63
C ALA AC 119 1.04 -50.02 -143.85
N SER AC 120 0.45 -51.11 -143.39
CA SER AC 120 1.15 -52.15 -142.64
C SER AC 120 1.01 -53.44 -143.42
N LEU AC 121 2.07 -53.82 -144.14
CA LEU AC 121 2.06 -55.02 -144.97
C LEU AC 121 2.66 -56.23 -144.27
N GLY AC 122 3.25 -56.06 -143.09
CA GLY AC 122 3.80 -57.20 -142.39
C GLY AC 122 4.93 -57.85 -143.16
N THR AC 123 4.78 -59.15 -143.40
CA THR AC 123 5.77 -59.95 -144.11
C THR AC 123 5.24 -60.32 -145.49
N VAL AC 124 6.08 -60.21 -146.50
CA VAL AC 124 5.73 -60.57 -147.87
C VAL AC 124 6.58 -61.76 -148.28
N VAL AC 125 5.93 -62.81 -148.80
CA VAL AC 125 6.62 -63.99 -149.25
C VAL AC 125 6.47 -64.09 -150.77
N LYS AC 126 7.29 -64.96 -151.37
CA LYS AC 126 7.27 -65.19 -152.81
C LYS AC 126 6.99 -66.67 -153.05
N ALA AC 127 6.06 -66.94 -153.95
CA ALA AC 127 5.67 -68.30 -154.32
C ALA AC 127 5.98 -68.53 -155.78
N GLU AC 128 6.53 -69.70 -156.07
CA GLU AC 128 6.99 -70.04 -157.42
C GLU AC 128 7.09 -71.54 -157.55
N THR AC 129 7.13 -72.01 -158.80
CA THR AC 129 7.26 -73.43 -159.07
C THR AC 129 8.56 -73.97 -158.48
N ILE AC 130 8.51 -75.20 -157.99
CA ILE AC 130 9.70 -75.82 -157.41
C ILE AC 130 10.80 -75.96 -158.47
N ASP AC 131 10.44 -76.40 -159.66
CA ASP AC 131 11.39 -76.54 -160.77
C ASP AC 131 10.75 -75.94 -162.01
N ILE AC 132 11.35 -74.88 -162.54
CA ILE AC 132 10.82 -74.21 -163.72
C ILE AC 132 11.37 -74.83 -165.01
N THR AC 133 12.57 -75.43 -164.96
CA THR AC 133 13.15 -76.03 -166.14
C THR AC 133 12.29 -77.17 -166.67
N LYS AC 134 11.78 -78.02 -165.77
CA LYS AC 134 10.91 -79.12 -166.19
C LYS AC 134 9.64 -78.59 -166.82
N VAL AC 135 9.03 -77.56 -166.21
CA VAL AC 135 7.82 -76.97 -166.77
C VAL AC 135 8.09 -76.42 -168.15
N LEU AC 136 9.22 -75.72 -168.33
CA LEU AC 136 9.54 -75.16 -169.64
C LEU AC 136 9.74 -76.27 -170.67
N ALA AC 137 10.46 -77.33 -170.29
CA ALA AC 137 10.69 -78.43 -171.23
C ALA AC 137 9.37 -79.05 -171.66
N LYS AC 138 8.49 -79.36 -170.69
CA LYS AC 138 7.21 -79.96 -171.02
C LYS AC 138 6.36 -79.04 -171.88
N VAL AC 139 6.38 -77.74 -171.59
CA VAL AC 139 5.64 -76.78 -172.42
C VAL AC 139 6.13 -76.85 -173.86
N ARG AC 140 7.46 -76.80 -174.03
CA ARG AC 140 8.02 -76.81 -175.37
C ARG AC 140 7.68 -78.10 -176.12
N THR AC 141 7.60 -79.22 -175.40
CA THR AC 141 7.29 -80.49 -176.03
C THR AC 141 5.79 -80.80 -176.05
N ALA AC 142 4.94 -79.92 -175.53
CA ALA AC 142 3.52 -80.18 -175.41
C ALA AC 142 2.73 -79.25 -176.34
N LYS AC 143 1.60 -79.74 -176.82
CA LYS AC 143 0.70 -78.99 -177.69
C LYS AC 143 -0.48 -78.43 -176.90
N ALA AC 144 -0.95 -77.25 -177.33
CA ALA AC 144 -2.07 -76.60 -176.68
C ALA AC 144 -3.38 -77.34 -176.98
N LYS AC 145 -4.43 -76.95 -176.25
CA LYS AC 145 -5.74 -77.58 -176.41
C LYS AC 145 -6.39 -77.07 -177.69
N VAL AC 146 -6.70 -78.00 -178.60
CA VAL AC 146 -7.36 -77.61 -179.86
C VAL AC 146 -8.73 -77.04 -179.59
N GLU AC 147 -9.46 -77.61 -178.62
CA GLU AC 147 -10.79 -77.12 -178.30
C GLU AC 147 -10.78 -75.67 -177.82
N ASN AC 148 -9.74 -75.27 -177.10
CA ASN AC 148 -9.70 -73.93 -176.53
C ASN AC 148 -9.79 -72.86 -177.60
N ASP AC 149 -10.61 -71.84 -177.35
CA ASP AC 149 -10.82 -70.75 -178.30
C ASP AC 149 -9.82 -69.62 -178.11
N LEU AC 150 -9.43 -69.36 -176.86
CA LEU AC 150 -8.47 -68.29 -176.58
C LEU AC 150 -7.16 -68.50 -177.34
N VAL AC 151 -6.65 -69.74 -177.34
CA VAL AC 151 -5.39 -70.03 -178.04
C VAL AC 151 -5.54 -69.72 -179.52
N SER AC 152 -6.65 -70.14 -180.13
CA SER AC 152 -6.87 -69.88 -181.54
C SER AC 152 -6.95 -68.39 -181.82
N ARG AC 153 -7.66 -67.65 -180.96
CA ARG AC 153 -7.75 -66.20 -181.11
C ARG AC 153 -6.35 -65.58 -181.09
N VAL AC 154 -5.53 -65.93 -180.10
CA VAL AC 154 -4.19 -65.37 -179.99
C VAL AC 154 -3.34 -65.78 -181.18
N MET AC 155 -3.53 -66.99 -181.69
CA MET AC 155 -2.77 -67.44 -182.86
C MET AC 155 -3.12 -66.62 -184.09
N LYS AC 156 -4.42 -66.39 -184.32
CA LYS AC 156 -4.81 -65.68 -185.54
C LYS AC 156 -4.49 -64.19 -185.43
N THR AC 157 -4.60 -63.61 -184.24
CA THR AC 157 -4.27 -62.20 -184.08
C THR AC 157 -2.77 -62.02 -183.91
N LYS AC 158 -2.29 -60.83 -184.28
CA LYS AC 158 -0.87 -60.49 -184.19
C LYS AC 158 -0.53 -59.66 -182.97
N ARG AC 159 -1.46 -58.86 -182.47
CA ARG AC 159 -1.17 -58.04 -181.30
C ARG AC 159 -1.14 -58.87 -180.03
N LEU AC 160 -2.05 -59.82 -179.90
CA LEU AC 160 -2.18 -60.59 -178.68
C LEU AC 160 -0.99 -61.53 -178.49
N CYS AC 161 -0.53 -61.64 -177.24
CA CYS AC 161 0.53 -62.56 -176.87
C CYS AC 161 0.14 -63.27 -175.58
N LEU AC 162 0.68 -64.46 -175.37
CA LEU AC 162 0.40 -65.25 -174.19
C LEU AC 162 1.55 -65.17 -173.20
N GLY AC 163 1.23 -65.15 -171.92
CA GLY AC 163 2.25 -65.11 -170.89
C GLY AC 163 1.94 -66.03 -169.72
N LEU AC 164 2.94 -66.78 -169.27
CA LEU AC 164 2.80 -67.70 -168.15
C LEU AC 164 3.40 -67.04 -166.91
N VAL AC 165 2.60 -66.93 -165.85
CA VAL AC 165 3.07 -66.32 -164.61
C VAL AC 165 3.92 -67.34 -163.85
N VAL AC 166 5.10 -66.91 -163.40
CA VAL AC 166 6.07 -67.81 -162.81
C VAL AC 166 6.39 -67.50 -161.35
N GLU AC 167 6.13 -66.29 -160.86
CA GLU AC 167 6.40 -65.98 -159.46
C GLU AC 167 5.42 -64.92 -158.99
N THR AC 168 5.02 -65.01 -157.73
CA THR AC 168 4.03 -64.09 -157.18
C THR AC 168 4.40 -63.70 -155.76
N ALA AC 169 4.22 -62.42 -155.43
CA ALA AC 169 4.48 -61.91 -154.09
C ALA AC 169 3.16 -61.77 -153.35
N CYS AC 170 3.04 -62.41 -152.19
CA CYS AC 170 1.81 -62.45 -151.42
C CYS AC 170 2.08 -62.12 -149.96
N VAL AC 171 1.13 -61.47 -149.31
CA VAL AC 171 1.26 -61.13 -147.91
C VAL AC 171 1.04 -62.39 -147.06
N ALA AC 172 1.96 -62.62 -146.11
CA ALA AC 172 1.83 -63.80 -145.25
C ALA AC 172 0.68 -63.64 -144.26
N ALA AC 173 0.50 -62.44 -143.72
CA ALA AC 173 -0.53 -62.17 -142.73
C ALA AC 173 -1.42 -61.04 -143.22
N ALA AC 174 -2.39 -60.68 -142.40
CA ALA AC 174 -3.33 -59.62 -142.76
C ALA AC 174 -2.61 -58.28 -142.87
N GLY AC 175 -2.99 -57.49 -143.86
CA GLY AC 175 -2.41 -56.17 -144.10
C GLY AC 175 -3.43 -55.08 -143.86
N LYS AC 176 -3.00 -54.01 -143.19
CA LYS AC 176 -3.89 -52.93 -142.78
C LYS AC 176 -3.57 -51.65 -143.53
N LEU AC 177 -4.60 -51.03 -144.11
CA LEU AC 177 -4.44 -49.79 -144.86
C LEU AC 177 -5.39 -48.74 -144.30
N THR AC 178 -4.85 -47.60 -143.87
CA THR AC 178 -5.64 -46.54 -143.26
C THR AC 178 -5.35 -45.21 -143.93
N GLU AC 179 -6.40 -44.43 -144.18
CA GLU AC 179 -6.28 -43.13 -144.83
C GLU AC 179 -7.23 -42.15 -144.17
N ALA AC 180 -6.74 -40.93 -143.94
CA ALA AC 180 -7.54 -39.86 -143.36
C ALA AC 180 -7.34 -38.58 -144.15
N ASP AC 181 -8.44 -37.88 -144.45
CA ASP AC 181 -8.42 -36.66 -145.24
C ASP AC 181 -9.26 -35.61 -144.54
N ASN AC 182 -8.74 -34.38 -144.46
CA ASN AC 182 -9.49 -33.26 -143.90
C ASN AC 182 -9.11 -32.01 -144.67
N TRP AC 183 -10.04 -31.46 -145.45
CA TRP AC 183 -9.71 -30.25 -146.19
C TRP AC 183 -10.84 -29.23 -146.06
N GLU AC 184 -10.48 -27.96 -146.24
CA GLU AC 184 -11.37 -26.85 -145.93
C GLU AC 184 -11.10 -25.69 -146.87
N ILE AC 185 -12.17 -25.01 -147.30
CA ILE AC 185 -12.11 -23.85 -148.17
C ILE AC 185 -12.97 -22.75 -147.57
N SER AC 186 -12.43 -21.53 -147.50
CA SER AC 186 -13.18 -20.37 -147.02
C SER AC 186 -12.91 -19.20 -147.95
N GLY AC 187 -13.96 -18.70 -148.59
CA GLY AC 187 -13.83 -17.61 -149.53
C GLY AC 187 -14.80 -16.49 -149.24
N HIS AC 188 -14.38 -15.28 -149.62
CA HIS AC 188 -15.17 -14.07 -149.39
C HIS AC 188 -14.95 -13.10 -150.53
N THR AC 189 -16.02 -12.45 -150.96
CA THR AC 189 -15.98 -11.52 -152.09
C THR AC 189 -16.79 -10.28 -151.74
N ASN AC 190 -16.24 -9.10 -152.04
CA ASN AC 190 -16.91 -7.83 -151.79
C ASN AC 190 -16.74 -6.96 -153.04
N ALA AC 191 -17.84 -6.75 -153.75
CA ALA AC 191 -17.87 -5.88 -154.93
C ALA AC 191 -18.64 -4.62 -154.55
N ASN AC 192 -17.90 -3.52 -154.36
CA ASN AC 192 -18.49 -2.24 -154.01
C ASN AC 192 -18.53 -1.36 -155.25
N ILE AC 193 -19.73 -0.89 -155.60
CA ILE AC 193 -19.92 0.01 -156.73
C ILE AC 193 -20.72 1.20 -156.22
N GLY AC 194 -20.71 2.28 -157.00
CA GLY AC 194 -21.40 3.50 -156.59
C GLY AC 194 -22.87 3.30 -156.29
N GLU AC 195 -23.53 2.39 -157.01
CA GLU AC 195 -24.94 2.12 -156.81
C GLU AC 195 -25.23 0.67 -156.47
N ALA AC 196 -24.21 -0.14 -156.20
CA ALA AC 196 -24.41 -1.55 -155.89
C ALA AC 196 -23.35 -2.02 -154.92
N VAL AC 197 -23.76 -2.83 -153.94
CA VAL AC 197 -22.86 -3.44 -152.97
C VAL AC 197 -23.21 -4.92 -152.89
N VAL AC 198 -22.23 -5.79 -153.17
CA VAL AC 198 -22.42 -7.22 -153.10
C VAL AC 198 -21.39 -7.81 -152.14
N THR AC 199 -21.85 -8.61 -151.19
CA THR AC 199 -20.99 -9.25 -150.20
C THR AC 199 -21.34 -10.73 -150.12
N ALA AC 200 -20.47 -11.58 -150.65
CA ALA AC 200 -20.69 -13.01 -150.66
C ALA AC 200 -19.63 -13.73 -149.82
N THR AC 201 -20.03 -14.83 -149.21
CA THR AC 201 -19.13 -15.61 -148.37
C THR AC 201 -19.51 -17.08 -148.48
N ALA AC 202 -18.51 -17.96 -148.51
CA ALA AC 202 -18.76 -19.39 -148.61
C ALA AC 202 -17.70 -20.16 -147.85
N GLU AC 203 -18.13 -21.05 -146.96
CA GLU AC 203 -17.23 -21.90 -146.20
C GLU AC 203 -17.66 -23.35 -146.34
N LEU AC 204 -16.70 -24.24 -146.53
CA LEU AC 204 -17.01 -25.66 -146.54
C LEU AC 204 -15.78 -26.45 -146.09
N ASP AC 205 -16.01 -27.68 -145.65
CA ASP AC 205 -14.94 -28.54 -145.19
C ASP AC 205 -15.41 -29.99 -145.24
N LYS AC 206 -14.56 -30.87 -145.74
CA LYS AC 206 -14.86 -32.28 -145.88
C LYS AC 206 -13.86 -33.11 -145.10
N ASN AC 207 -14.37 -34.15 -144.43
CA ASN AC 207 -13.56 -35.08 -143.65
C ASN AC 207 -13.90 -36.50 -144.06
N LEU AC 208 -12.88 -37.29 -144.36
CA LEU AC 208 -13.05 -38.68 -144.76
C LEU AC 208 -12.05 -39.57 -144.03
N SER AC 209 -12.41 -40.83 -143.84
CA SER AC 209 -11.53 -41.80 -143.22
C SER AC 209 -11.89 -43.19 -143.72
N ARG AC 210 -10.91 -43.90 -144.28
CA ARG AC 210 -11.12 -45.22 -144.83
C ARG AC 210 -10.08 -46.17 -144.26
N LYS AC 211 -10.53 -47.30 -143.70
CA LYS AC 211 -9.64 -48.28 -143.10
C LYS AC 211 -10.06 -49.67 -143.55
N ILE AC 212 -9.14 -50.40 -144.18
CA ILE AC 212 -9.43 -51.73 -144.69
C ILE AC 212 -8.31 -52.68 -144.27
N GLU AC 213 -8.58 -53.98 -144.44
CA GLU AC 213 -7.63 -55.02 -144.05
C GLU AC 213 -7.71 -56.16 -145.07
N ILE AC 214 -6.67 -56.28 -145.88
CA ILE AC 214 -6.60 -57.39 -146.84
C ILE AC 214 -6.22 -58.67 -146.12
N PRO AC 215 -6.78 -59.81 -146.48
CA PRO AC 215 -6.53 -61.05 -145.76
C PRO AC 215 -5.24 -61.70 -146.21
N PRO AC 216 -4.71 -62.66 -145.46
CA PRO AC 216 -3.50 -63.36 -145.88
C PRO AC 216 -3.69 -64.07 -147.21
N GLY AC 217 -2.63 -64.09 -148.01
CA GLY AC 217 -2.63 -64.74 -149.31
C GLY AC 217 -2.91 -63.82 -150.47
N THR AC 218 -3.27 -62.56 -150.23
CA THR AC 218 -3.56 -61.63 -151.31
C THR AC 218 -2.29 -61.35 -152.11
N ALA AC 219 -2.38 -61.50 -153.44
CA ALA AC 219 -1.24 -61.25 -154.29
C ALA AC 219 -0.98 -59.76 -154.43
N LEU AC 220 0.30 -59.40 -154.55
CA LEU AC 220 0.71 -58.01 -154.72
C LEU AC 220 1.34 -57.73 -156.07
N ALA AC 221 2.21 -58.60 -156.55
CA ALA AC 221 2.93 -58.37 -157.80
C ALA AC 221 3.34 -59.71 -158.38
N TYR AC 222 3.71 -59.69 -159.66
CA TYR AC 222 4.01 -60.93 -160.36
C TYR AC 222 4.97 -60.65 -161.51
N SER AC 223 5.56 -61.73 -162.01
CA SER AC 223 6.41 -61.69 -163.20
C SER AC 223 6.03 -62.86 -164.10
N PHE AC 224 6.16 -62.68 -165.41
CA PHE AC 224 5.69 -63.69 -166.36
C PHE AC 224 6.69 -63.84 -167.50
N MET AC 225 6.58 -64.98 -168.17
CA MET AC 225 7.40 -65.31 -169.33
C MET AC 225 6.52 -65.43 -170.57
N ASP AC 226 7.00 -64.92 -171.69
CA ASP AC 226 6.21 -64.90 -172.91
C ASP AC 226 6.17 -66.28 -173.58
N LEU AC 227 5.15 -66.47 -174.43
CA LEU AC 227 4.97 -67.70 -175.16
C LEU AC 227 4.63 -67.37 -176.62
N GLU AC 228 4.62 -68.41 -177.45
CA GLU AC 228 4.34 -68.25 -178.86
C GLU AC 228 3.68 -69.52 -179.39
N ILE AC 229 2.53 -69.37 -180.04
CA ILE AC 229 1.81 -70.48 -180.62
C ILE AC 229 2.41 -70.79 -181.99
N LEU AC 230 2.83 -72.04 -182.19
CA LEU AC 230 3.29 -72.46 -183.51
C LEU AC 230 2.10 -72.56 -184.47
N GLU AC 231 2.39 -72.92 -185.72
CA GLU AC 231 1.33 -73.22 -186.68
C GLU AC 231 0.39 -74.29 -186.13
N ASP AC 232 0.98 -75.36 -185.59
CA ASP AC 232 0.21 -76.37 -184.89
C ASP AC 232 -0.14 -75.88 -183.49
N ARG AC 233 -0.76 -76.76 -182.70
CA ARG AC 233 -1.06 -76.43 -181.31
C ARG AC 233 0.18 -76.35 -180.43
N SER AC 234 1.35 -76.70 -180.95
CA SER AC 234 2.59 -76.66 -180.19
C SER AC 234 2.88 -75.24 -179.69
N LEU AC 235 3.51 -75.17 -178.51
CA LEU AC 235 3.87 -73.91 -177.90
C LEU AC 235 5.38 -73.81 -177.76
N ARG AC 236 5.89 -72.58 -177.87
CA ARG AC 236 7.32 -72.32 -177.72
C ARG AC 236 7.51 -71.13 -176.79
N VAL AC 237 8.70 -71.03 -176.21
CA VAL AC 237 9.02 -69.91 -175.34
C VAL AC 237 9.84 -68.91 -176.13
N SER AC 238 9.60 -67.62 -175.87
CA SER AC 238 10.25 -66.55 -176.60
C SER AC 238 10.97 -65.61 -175.63
N SER AC 239 12.14 -65.15 -176.02
CA SER AC 239 12.98 -64.29 -175.17
C SER AC 239 13.38 -63.06 -175.96
N SER AC 240 12.93 -61.89 -175.50
CA SER AC 240 13.36 -60.63 -176.08
C SER AC 240 14.75 -60.30 -175.55
N ALA AC 241 15.76 -60.42 -176.42
CA ALA AC 241 17.16 -60.23 -176.05
C ALA AC 241 17.58 -61.17 -174.92
N GLY AC 242 16.98 -62.36 -174.87
CA GLY AC 242 17.31 -63.33 -173.85
C GLY AC 242 16.82 -63.01 -172.46
N ALA AC 243 15.84 -62.10 -172.32
CA ALA AC 243 15.38 -61.71 -171.00
C ALA AC 243 14.68 -62.87 -170.30
N MET AC 244 13.70 -63.49 -170.97
CA MET AC 244 12.88 -64.56 -170.40
C MET AC 244 12.16 -64.13 -169.13
N PHE AC 245 12.05 -62.83 -168.88
CA PHE AC 245 11.34 -62.31 -167.72
C PHE AC 245 10.75 -60.96 -168.13
N ASP AC 246 9.46 -60.96 -168.44
CA ASP AC 246 8.80 -59.76 -168.94
C ASP AC 246 8.07 -59.08 -167.81
N SER AC 247 8.29 -57.77 -167.67
CA SER AC 247 7.65 -56.96 -166.64
C SER AC 247 6.61 -56.01 -167.22
N GLY AC 248 6.13 -56.28 -168.42
CA GLY AC 248 5.18 -55.39 -169.06
C GLY AC 248 5.74 -54.01 -169.32
N LYS AC 249 7.00 -53.94 -169.73
CA LYS AC 249 7.69 -52.67 -169.98
C LYS AC 249 7.77 -52.41 -171.48
N ALA AC 250 7.80 -51.13 -171.83
CA ALA AC 250 7.94 -50.74 -173.22
C ALA AC 250 9.33 -51.11 -173.74
N GLU AC 251 9.41 -51.38 -175.04
CA GLU AC 251 10.68 -51.77 -175.65
C GLU AC 251 11.71 -50.66 -175.53
N SER AC 252 11.27 -49.41 -175.75
CA SER AC 252 12.15 -48.24 -175.66
C SER AC 252 13.37 -48.36 -176.58
CA ARG BC 3 16.71 -43.98 -154.87
C ARG BC 3 16.27 -45.03 -153.85
N PRO BC 4 16.06 -46.26 -154.32
CA PRO BC 4 15.64 -47.33 -153.41
C PRO BC 4 16.70 -47.58 -152.34
N MET BC 5 16.21 -47.90 -151.13
CA MET BC 5 17.12 -48.15 -150.02
C MET BC 5 18.01 -49.37 -150.30
N PHE BC 6 17.44 -50.40 -150.91
CA PHE BC 6 18.24 -51.58 -151.24
C PHE BC 6 19.37 -51.22 -152.21
N ALA BC 7 19.07 -50.42 -153.23
CA ALA BC 7 20.10 -50.02 -154.17
C ALA BC 7 21.17 -49.16 -153.49
N VAL BC 8 20.75 -48.25 -152.60
CA VAL BC 8 21.72 -47.41 -151.89
C VAL BC 8 22.62 -48.27 -151.02
N ALA BC 9 22.05 -49.23 -150.29
CA ALA BC 9 22.84 -50.09 -149.44
C ALA BC 9 23.79 -50.96 -150.26
N VAL BC 10 23.32 -51.45 -151.41
CA VAL BC 10 24.19 -52.25 -152.28
C VAL BC 10 25.37 -51.42 -152.76
N ASN BC 11 25.11 -50.17 -153.16
CA ASN BC 11 26.20 -49.29 -153.59
C ASN BC 11 27.17 -49.02 -152.47
N GLU BC 12 26.66 -48.77 -151.26
CA GLU BC 12 27.54 -48.54 -150.12
C GLU BC 12 28.42 -49.75 -149.84
N PHE BC 13 27.82 -50.94 -149.86
CA PHE BC 13 28.59 -52.16 -149.61
C PHE BC 13 29.64 -52.37 -150.70
N ILE BC 14 29.26 -52.20 -151.96
CA ILE BC 14 30.20 -52.47 -153.04
C ILE BC 14 31.33 -51.45 -153.05
N ARG BC 15 31.06 -50.21 -152.60
CA ARG BC 15 32.12 -49.23 -152.47
C ARG BC 15 33.07 -49.59 -151.33
N SER BC 16 32.50 -49.92 -150.16
CA SER BC 16 33.34 -50.21 -149.00
C SER BC 16 34.20 -51.44 -149.23
N ALA BC 17 33.64 -52.49 -149.83
CA ALA BC 17 34.36 -53.72 -150.10
C ALA BC 17 34.09 -54.14 -151.54
N GLY BC 18 35.15 -54.56 -152.24
CA GLY BC 18 35.00 -55.05 -153.60
C GLY BC 18 34.53 -54.02 -154.59
N GLN BC 19 35.15 -52.82 -154.58
CA GLN BC 19 34.78 -51.80 -155.55
C GLN BC 19 35.08 -52.25 -156.97
N ASP BC 20 36.04 -53.14 -157.15
CA ASP BC 20 36.36 -53.72 -158.44
C ASP BC 20 35.92 -55.19 -158.47
N SER BC 21 35.62 -55.67 -159.67
CA SER BC 21 35.22 -57.06 -159.90
C SER BC 21 34.00 -57.43 -159.07
N LEU BC 22 32.98 -56.59 -159.13
CA LEU BC 22 31.74 -56.85 -158.39
C LEU BC 22 30.61 -56.07 -159.06
N CYS BC 23 29.46 -56.72 -159.21
CA CYS BC 23 28.29 -56.14 -159.86
C CYS BC 23 27.15 -56.07 -158.85
N GLY BC 24 26.52 -54.90 -158.75
CA GLY BC 24 25.40 -54.73 -157.85
C GLY BC 24 24.19 -55.53 -158.30
N VAL BC 25 23.33 -55.84 -157.33
CA VAL BC 25 22.10 -56.58 -157.58
C VAL BC 25 20.98 -55.58 -157.88
N PRO BC 26 20.22 -55.77 -158.97
CA PRO BC 26 19.21 -54.77 -159.33
C PRO BC 26 18.11 -54.59 -158.30
N ASP BC 27 17.57 -55.69 -157.75
CA ASP BC 27 16.47 -55.58 -156.82
C ASP BC 27 16.39 -56.82 -155.96
N ILE BC 28 15.63 -56.72 -154.86
CA ILE BC 28 15.50 -57.82 -153.92
C ILE BC 28 14.86 -59.02 -154.58
N ASN BC 29 13.84 -58.80 -155.41
CA ASN BC 29 13.14 -59.89 -156.05
C ASN BC 29 14.07 -60.72 -156.93
N SER BC 30 14.91 -60.05 -157.71
CA SER BC 30 15.83 -60.73 -158.61
C SER BC 30 17.17 -61.06 -157.97
N SER BC 31 17.34 -60.74 -156.69
CA SER BC 31 18.59 -61.07 -156.01
C SER BC 31 18.84 -62.57 -156.01
N GLY BC 32 17.79 -63.37 -155.87
CA GLY BC 32 17.95 -64.82 -155.78
C GLY BC 32 18.35 -65.50 -157.06
N ASP BC 33 18.32 -64.79 -158.19
CA ASP BC 33 18.69 -65.36 -159.47
C ASP BC 33 20.16 -65.19 -159.80
N PHE BC 34 20.95 -64.61 -158.90
CA PHE BC 34 22.37 -64.38 -159.13
C PHE BC 34 23.24 -65.19 -158.19
N MET BC 35 22.78 -66.38 -157.82
CA MET BC 35 23.57 -67.30 -157.03
C MET BC 35 24.63 -67.96 -157.92
N PRO BC 36 25.67 -68.55 -157.32
CA PRO BC 36 26.73 -69.17 -158.13
C PRO BC 36 26.19 -70.26 -159.04
N LEU BC 37 26.86 -70.41 -160.18
CA LEU BC 37 26.51 -71.39 -161.21
C LEU BC 37 25.15 -71.07 -161.83
N HIS BC 38 24.96 -69.79 -162.18
CA HIS BC 38 23.78 -69.33 -162.89
C HIS BC 38 24.20 -68.67 -164.19
N ILE BC 39 23.38 -68.84 -165.22
CA ILE BC 39 23.63 -68.26 -166.54
C ILE BC 39 22.96 -66.90 -166.61
N ILE BC 40 23.69 -65.91 -167.14
CA ILE BC 40 23.16 -64.57 -167.37
C ILE BC 40 23.52 -64.16 -168.79
N VAL BC 41 22.78 -63.18 -169.31
CA VAL BC 41 22.97 -62.69 -170.67
C VAL BC 41 23.47 -61.25 -170.59
N LYS BC 42 24.49 -60.95 -171.37
CA LYS BC 42 25.08 -59.61 -171.44
C LYS BC 42 24.82 -59.01 -172.81
N GLU BC 43 24.31 -57.78 -172.83
CA GLU BC 43 24.00 -57.05 -174.05
C GLU BC 43 24.88 -55.82 -174.13
N VAL BC 44 25.52 -55.62 -175.29
CA VAL BC 44 26.42 -54.51 -175.50
C VAL BC 44 25.62 -53.21 -175.62
N PRO BC 45 26.21 -52.06 -175.28
CA PRO BC 45 25.45 -50.79 -175.39
C PRO BC 45 24.99 -50.48 -176.80
N LYS BC 46 25.75 -50.85 -177.82
CA LYS BC 46 25.48 -50.64 -179.24
C LYS BC 46 25.58 -49.17 -179.64
N VAL BC 47 25.84 -48.26 -178.70
CA VAL BC 47 25.98 -46.85 -179.03
C VAL BC 47 27.40 -46.40 -178.68
N LEU BC 48 27.77 -46.53 -177.41
CA LEU BC 48 29.11 -46.21 -176.93
C LEU BC 48 29.61 -47.40 -176.12
N PRO BC 49 29.99 -48.50 -176.79
CA PRO BC 49 30.40 -49.69 -176.04
C PRO BC 49 31.57 -49.47 -175.10
N CYS BC 50 32.52 -48.63 -175.48
CA CYS BC 50 33.68 -48.36 -174.63
C CYS BC 50 33.40 -47.29 -173.58
N CYS BC 51 32.25 -46.61 -173.65
CA CYS BC 51 31.93 -45.56 -172.71
C CYS BC 51 30.76 -45.89 -171.79
N ARG BC 52 29.97 -46.91 -172.11
CA ARG BC 52 28.79 -47.27 -171.33
C ARG BC 52 28.89 -48.72 -170.90
N ARG BC 53 28.49 -48.99 -169.66
CA ARG BC 53 28.50 -50.35 -169.15
C ARG BC 53 27.38 -51.17 -169.79
N PRO BC 54 27.61 -52.45 -170.03
CA PRO BC 54 26.59 -53.27 -170.71
C PRO BC 54 25.36 -53.55 -169.85
N LYS BC 55 24.40 -54.25 -170.41
CA LYS BC 55 23.14 -54.57 -169.74
C LYS BC 55 23.11 -56.05 -169.39
N ILE BC 56 22.77 -56.36 -168.15
CA ILE BC 56 22.80 -57.73 -167.64
C ILE BC 56 21.36 -58.21 -167.41
N LYS BC 57 21.05 -59.37 -167.98
CA LYS BC 57 19.71 -59.96 -167.92
C LYS BC 57 19.80 -61.31 -167.23
N ARG BC 58 18.93 -61.53 -166.24
CA ARG BC 58 18.88 -62.81 -165.55
C ARG BC 58 18.10 -63.83 -166.35
N THR BC 59 18.46 -65.10 -166.18
CA THR BC 59 17.78 -66.20 -166.84
C THR BC 59 17.49 -67.30 -165.84
N PRO BC 60 16.42 -68.07 -166.04
CA PRO BC 60 16.08 -69.17 -165.13
C PRO BC 60 16.77 -70.48 -165.53
N TYR BC 61 18.10 -70.44 -165.57
CA TYR BC 61 18.89 -71.60 -165.97
C TYR BC 61 20.11 -71.74 -165.07
N THR BC 62 20.51 -72.99 -164.86
CA THR BC 62 21.77 -73.31 -164.24
C THR BC 62 22.70 -73.96 -165.26
N LEU BC 63 23.95 -74.15 -164.85
CA LEU BC 63 24.94 -74.73 -165.76
C LEU BC 63 24.55 -76.14 -166.18
N ASN BC 64 24.10 -76.96 -165.23
CA ASN BC 64 23.74 -78.34 -165.54
C ASN BC 64 22.53 -78.40 -166.47
N ASP BC 65 21.58 -77.48 -166.31
CA ASP BC 65 20.44 -77.45 -167.21
C ASP BC 65 20.84 -76.99 -168.61
N ILE BC 66 21.71 -75.97 -168.68
CA ILE BC 66 22.08 -75.44 -169.99
C ILE BC 66 23.00 -76.39 -170.73
N LEU BC 67 23.72 -77.26 -170.01
CA LEU BC 67 24.68 -78.17 -170.62
C LEU BC 67 24.09 -79.56 -170.76
N ASP BC 68 24.38 -80.21 -171.89
CA ASP BC 68 24.01 -81.60 -172.07
C ASP BC 68 24.72 -82.49 -171.06
N GLU BC 69 26.00 -82.23 -170.84
CA GLU BC 69 26.78 -83.01 -169.89
C GLU BC 69 26.84 -82.29 -168.55
N PRO BC 70 26.43 -82.92 -167.45
CA PRO BC 70 26.44 -82.23 -166.15
C PRO BC 70 27.85 -82.03 -165.63
N CYS BC 71 27.97 -81.09 -164.71
CA CYS BC 71 29.22 -80.72 -164.05
C CYS BC 71 29.00 -80.73 -162.55
N PRO BC 72 30.07 -80.93 -161.77
CA PRO BC 72 29.94 -80.83 -160.31
C PRO BC 72 29.47 -79.43 -159.91
N ASN BC 73 28.65 -79.37 -158.86
CA ASN BC 73 27.99 -78.13 -158.49
C ASN BC 73 28.06 -77.84 -156.98
N GLN BC 74 28.91 -78.54 -156.24
CA GLN BC 74 28.99 -78.29 -154.81
C GLN BC 74 29.54 -76.89 -154.53
N LEU BC 75 29.08 -76.30 -153.43
CA LEU BC 75 29.43 -74.94 -153.08
C LEU BC 75 30.03 -74.88 -151.68
N LYS BC 76 30.60 -73.73 -151.35
CA LYS BC 76 31.14 -73.46 -150.03
C LYS BC 76 31.06 -71.97 -149.76
N SER BC 77 30.97 -71.61 -148.49
CA SER BC 77 30.84 -70.22 -148.08
C SER BC 77 31.84 -69.89 -146.98
N SER BC 78 32.25 -68.63 -146.96
CA SER BC 78 33.20 -68.15 -145.96
C SER BC 78 32.98 -66.66 -145.75
N ASP BC 79 33.38 -66.18 -144.57
CA ASP BC 79 33.14 -64.78 -144.23
C ASP BC 79 33.94 -63.85 -145.13
N LEU BC 80 33.34 -62.69 -145.42
CA LEU BC 80 33.97 -61.69 -146.28
C LEU BC 80 34.23 -60.38 -145.55
N VAL BC 81 33.21 -59.79 -144.93
CA VAL BC 81 33.33 -58.51 -144.23
C VAL BC 81 32.26 -58.46 -143.16
N THR BC 82 32.46 -57.59 -142.18
CA THR BC 82 31.55 -57.46 -141.04
C THR BC 82 31.38 -55.99 -140.71
N PHE BC 83 30.16 -55.48 -140.85
CA PHE BC 83 29.82 -54.11 -140.49
C PHE BC 83 29.40 -54.10 -139.02
N THR BC 84 30.32 -53.70 -138.14
CA THR BC 84 30.05 -53.76 -136.70
C THR BC 84 28.96 -52.79 -136.30
N GLU BC 85 28.92 -51.60 -136.92
CA GLU BC 85 27.93 -50.60 -136.59
C GLU BC 85 27.20 -50.15 -137.84
N PRO BC 86 25.95 -49.71 -137.70
CA PRO BC 86 25.18 -49.31 -138.88
C PRO BC 86 25.79 -48.11 -139.59
N LEU BC 87 25.70 -48.12 -140.91
CA LEU BC 87 26.04 -46.95 -141.71
C LEU BC 87 24.96 -45.90 -141.53
N VAL BC 88 25.33 -44.74 -141.00
CA VAL BC 88 24.39 -43.67 -140.67
C VAL BC 88 24.74 -42.45 -141.50
N SER BC 89 23.72 -41.85 -142.12
CA SER BC 89 23.89 -40.66 -142.94
C SER BC 89 22.85 -39.63 -142.56
N ASN BC 90 23.28 -38.38 -142.47
CA ASN BC 90 22.39 -37.26 -142.15
C ASN BC 90 22.66 -36.12 -143.12
N VAL BC 91 21.59 -35.54 -143.65
CA VAL BC 91 21.66 -34.37 -144.52
C VAL BC 91 20.64 -33.36 -144.01
N LYS BC 92 21.04 -32.11 -143.88
CA LYS BC 92 20.15 -31.07 -143.38
C LYS BC 92 20.43 -29.79 -144.16
N ALA BC 93 19.45 -29.36 -144.95
CA ALA BC 93 19.58 -28.15 -145.76
C ALA BC 93 18.48 -27.16 -145.39
N SER BC 94 18.82 -25.88 -145.48
CA SER BC 94 17.85 -24.82 -145.20
C SER BC 94 18.26 -23.57 -145.97
N SER BC 95 17.32 -22.97 -146.69
CA SER BC 95 17.61 -21.82 -147.53
C SER BC 95 16.45 -20.84 -147.48
N SER BC 96 16.75 -19.58 -147.78
CA SER BC 96 15.75 -18.53 -147.82
C SER BC 96 16.14 -17.52 -148.89
N ILE BC 97 15.13 -17.02 -149.59
CA ILE BC 97 15.31 -16.06 -150.67
C ILE BC 97 14.36 -14.90 -150.46
N GLY BC 98 14.87 -13.68 -150.63
CA GLY BC 98 14.05 -12.49 -150.54
C GLY BC 98 14.30 -11.53 -151.68
N LEU BC 99 13.26 -11.24 -152.46
CA LEU BC 99 13.36 -10.36 -153.62
C LEU BC 99 12.44 -9.18 -153.43
N GLN BC 100 12.95 -7.97 -153.70
CA GLN BC 100 12.15 -6.76 -153.62
C GLN BC 100 12.42 -5.89 -154.84
N ILE BC 101 11.36 -5.45 -155.49
CA ILE BC 101 11.44 -4.50 -156.60
C ILE BC 101 10.67 -3.26 -156.16
N LEU BC 102 11.40 -2.24 -155.72
CA LEU BC 102 10.88 -0.94 -155.31
C LEU BC 102 9.82 -1.18 -154.24
N LYS BC 103 8.65 -0.55 -154.31
CA LYS BC 103 7.51 -0.88 -153.47
C LYS BC 103 6.42 -1.58 -154.27
N HIS BC 104 6.79 -2.20 -155.39
CA HIS BC 104 5.83 -2.85 -156.27
C HIS BC 104 5.87 -4.37 -156.19
N PHE BC 105 7.02 -4.97 -155.93
CA PHE BC 105 7.12 -6.42 -155.84
C PHE BC 105 7.85 -6.80 -154.56
N ASP BC 106 7.37 -7.82 -153.86
CA ASP BC 106 8.03 -8.29 -152.64
C ASP BC 106 7.72 -9.77 -152.46
N SER BC 107 8.72 -10.62 -152.68
CA SER BC 107 8.54 -12.06 -152.55
C SER BC 107 9.53 -12.61 -151.52
N GLY BC 108 9.03 -13.49 -150.65
CA GLY BC 108 9.88 -14.16 -149.69
C GLY BC 108 9.62 -15.65 -149.66
N ALA BC 109 10.63 -16.45 -149.99
CA ALA BC 109 10.49 -17.89 -150.02
C ALA BC 109 11.51 -18.52 -149.07
N LYS BC 110 11.20 -19.72 -148.60
CA LYS BC 110 12.13 -20.43 -147.73
C LYS BC 110 11.83 -21.92 -147.82
N GLY BC 111 12.86 -22.72 -147.64
CA GLY BC 111 12.73 -24.16 -147.71
C GLY BC 111 13.69 -24.84 -146.76
N SER BC 112 13.32 -26.04 -146.35
CA SER BC 112 14.17 -26.83 -145.46
C SER BC 112 13.96 -28.31 -145.74
N LYS BC 113 14.99 -29.10 -145.48
CA LYS BC 113 14.95 -30.53 -145.73
C LYS BC 113 15.85 -31.24 -144.73
N ASN BC 114 15.36 -32.36 -144.21
CA ASN BC 114 16.10 -33.20 -143.27
C ASN BC 114 15.95 -34.64 -143.69
N PHE BC 115 17.06 -35.30 -143.98
CA PHE BC 115 17.09 -36.65 -144.54
C PHE BC 115 18.02 -37.50 -143.69
N ILE BC 116 17.52 -38.64 -143.21
CA ILE BC 116 18.27 -39.53 -142.34
C ILE BC 116 18.20 -40.95 -142.88
N THR BC 117 19.34 -41.63 -142.92
CA THR BC 117 19.42 -42.99 -143.42
C THR BC 117 20.24 -43.85 -142.48
N SER BC 118 19.83 -45.10 -142.29
CA SER BC 118 20.57 -46.05 -141.47
C SER BC 118 20.48 -47.43 -142.10
N ALA BC 119 21.63 -48.07 -142.29
CA ALA BC 119 21.68 -49.41 -142.86
C ALA BC 119 22.51 -50.32 -141.97
N SER BC 120 21.94 -51.44 -141.57
CA SER BC 120 22.60 -52.43 -140.72
C SER BC 120 22.64 -53.74 -141.51
N LEU BC 121 23.79 -54.05 -142.08
CA LEU BC 121 23.97 -55.25 -142.89
C LEU BC 121 24.56 -56.42 -142.11
N GLY BC 122 24.98 -56.21 -140.87
CA GLY BC 122 25.51 -57.30 -140.08
C GLY BC 122 26.76 -57.89 -140.70
N THR BC 123 26.73 -59.19 -140.94
CA THR BC 123 27.86 -59.93 -141.51
C THR BC 123 27.51 -60.34 -142.94
N VAL BC 124 28.48 -60.18 -143.84
CA VAL BC 124 28.33 -60.56 -145.24
C VAL BC 124 29.30 -61.70 -145.52
N VAL BC 125 28.78 -62.78 -146.10
CA VAL BC 125 29.60 -63.93 -146.46
C VAL BC 125 29.65 -64.04 -147.98
N LYS BC 126 30.59 -64.85 -148.46
CA LYS BC 126 30.77 -65.10 -149.89
C LYS BC 126 30.62 -66.59 -150.15
N ALA BC 127 29.83 -66.91 -151.16
CA ALA BC 127 29.58 -68.30 -151.55
C ALA BC 127 30.09 -68.51 -152.97
N GLU BC 128 30.75 -69.65 -153.17
CA GLU BC 128 31.39 -69.96 -154.44
C GLU BC 128 31.60 -71.46 -154.54
N THR BC 129 31.83 -71.92 -155.77
CA THR BC 129 32.09 -73.33 -156.00
C THR BC 129 33.33 -73.79 -155.25
N ILE BC 130 33.30 -75.02 -154.76
CA ILE BC 130 34.44 -75.56 -154.02
C ILE BC 130 35.67 -75.63 -154.93
N ASP BC 131 35.50 -76.10 -156.16
CA ASP BC 131 36.57 -76.17 -157.13
C ASP BC 131 36.07 -75.62 -158.46
N ILE BC 132 36.67 -74.53 -158.91
CA ILE BC 132 36.26 -73.90 -160.16
C ILE BC 132 37.00 -74.49 -161.36
N THR BC 133 38.21 -75.00 -161.15
CA THR BC 133 38.97 -75.57 -162.25
C THR BC 133 38.27 -76.77 -162.86
N LYS BC 134 37.70 -77.65 -162.02
CA LYS BC 134 36.96 -78.80 -162.54
C LYS BC 134 35.75 -78.35 -163.33
N VAL BC 135 35.01 -77.36 -162.82
CA VAL BC 135 33.84 -76.86 -163.53
C VAL BC 135 34.24 -76.30 -164.88
N LEU BC 136 35.34 -75.53 -164.92
CA LEU BC 136 35.79 -74.95 -166.18
C LEU BC 136 36.20 -76.05 -167.17
N ALA BC 137 36.92 -77.06 -166.69
CA ALA BC 137 37.34 -78.15 -167.57
C ALA BC 137 36.13 -78.86 -168.16
N LYS BC 138 35.16 -79.21 -167.31
CA LYS BC 138 33.97 -79.90 -167.79
C LYS BC 138 33.17 -79.03 -168.76
N VAL BC 139 33.07 -77.73 -168.48
CA VAL BC 139 32.39 -76.83 -169.42
C VAL BC 139 33.07 -76.86 -170.78
N ARG BC 140 34.39 -76.73 -170.79
CA ARG BC 140 35.12 -76.72 -172.04
C ARG BC 140 34.96 -78.02 -172.81
N THR BC 141 34.86 -79.15 -172.09
CA THR BC 141 34.71 -80.43 -172.75
C THR BC 141 33.26 -80.84 -172.95
N ALA BC 142 32.30 -80.01 -172.55
CA ALA BC 142 30.88 -80.36 -172.61
C ALA BC 142 30.16 -79.50 -173.64
N LYS BC 143 29.13 -80.06 -174.27
CA LYS BC 143 28.31 -79.36 -175.24
C LYS BC 143 27.01 -78.88 -174.61
N ALA BC 144 26.52 -77.74 -175.11
CA ALA BC 144 25.29 -77.16 -174.61
C ALA BC 144 24.08 -77.98 -175.07
N LYS BC 145 22.92 -77.66 -174.49
CA LYS BC 145 21.70 -78.37 -174.81
C LYS BC 145 21.16 -77.91 -176.16
N VAL BC 146 21.04 -78.85 -177.10
CA VAL BC 146 20.52 -78.52 -178.43
C VAL BC 146 19.09 -78.04 -178.35
N GLU BC 147 18.28 -78.65 -177.48
CA GLU BC 147 16.89 -78.24 -177.32
C GLU BC 147 16.76 -76.80 -176.87
N ASN BC 148 17.66 -76.32 -176.02
CA ASN BC 148 17.55 -74.98 -175.46
C ASN BC 148 17.53 -73.93 -176.56
N ASP BC 149 16.61 -72.97 -176.43
CA ASP BC 149 16.46 -71.89 -177.40
C ASP BC 149 17.35 -70.70 -177.10
N LEU BC 150 17.57 -70.41 -175.82
CA LEU BC 150 18.41 -69.28 -175.43
C LEU BC 150 19.81 -69.40 -176.01
N VAL BC 151 20.41 -70.60 -175.93
CA VAL BC 151 21.75 -70.82 -176.46
C VAL BC 151 21.78 -70.53 -177.95
N SER BC 152 20.79 -71.02 -178.69
CA SER BC 152 20.73 -70.77 -180.12
C SER BC 152 20.58 -69.29 -180.43
N ARG BC 153 19.73 -68.61 -179.67
CA ARG BC 153 19.58 -67.16 -179.85
C ARG BC 153 20.91 -66.45 -179.66
N VAL BC 154 21.61 -66.75 -178.57
CA VAL BC 154 22.90 -66.10 -178.30
C VAL BC 154 23.92 -66.46 -179.37
N MET BC 155 23.87 -67.68 -179.89
CA MET BC 155 24.80 -68.08 -180.94
C MET BC 155 24.56 -67.29 -182.22
N LYS BC 156 23.29 -67.14 -182.61
CA LYS BC 156 23.00 -66.46 -183.88
C LYS BC 156 23.21 -64.96 -183.75
N THR BC 157 22.92 -64.38 -182.58
CA THR BC 157 23.13 -62.96 -182.40
C THR BC 157 24.59 -62.67 -182.04
N LYS BC 158 25.03 -61.46 -182.36
CA LYS BC 158 26.41 -61.04 -182.10
C LYS BC 158 26.54 -60.17 -180.86
N ARG BC 159 25.50 -59.43 -180.48
CA ARG BC 159 25.59 -58.59 -179.30
C ARG BC 159 25.52 -59.42 -178.03
N LEU BC 160 24.65 -60.43 -178.01
CA LEU BC 160 24.42 -61.20 -176.80
C LEU BC 160 25.64 -62.06 -176.45
N CYS BC 161 25.94 -62.13 -175.15
CA CYS BC 161 27.00 -62.99 -174.64
C CYS BC 161 26.49 -63.71 -173.40
N LEU BC 162 27.07 -64.87 -173.12
CA LEU BC 162 26.69 -65.66 -171.96
C LEU BC 162 27.71 -65.51 -170.84
N GLY BC 163 27.23 -65.50 -169.61
CA GLY BC 163 28.10 -65.39 -168.46
C GLY BC 163 27.70 -66.33 -167.33
N LEU BC 164 28.68 -67.01 -166.74
CA LEU BC 164 28.45 -67.93 -165.64
C LEU BC 164 28.85 -67.24 -164.35
N VAL BC 165 27.92 -67.17 -163.40
CA VAL BC 165 28.19 -66.53 -162.11
C VAL BC 165 29.00 -67.48 -161.24
N VAL BC 166 30.08 -66.98 -160.65
CA VAL BC 166 31.02 -67.81 -159.93
C VAL BC 166 31.14 -67.48 -158.45
N GLU BC 167 30.74 -66.29 -158.00
CA GLU BC 167 30.81 -65.96 -156.58
C GLU BC 167 29.71 -64.96 -156.26
N THR BC 168 29.16 -65.07 -155.06
CA THR BC 168 28.05 -64.22 -154.65
C THR BC 168 28.21 -63.80 -153.20
N ALA BC 169 27.91 -62.54 -152.91
CA ALA BC 169 27.96 -62.00 -151.55
C ALA BC 169 26.55 -61.94 -150.99
N CYS BC 170 26.34 -62.58 -149.84
CA CYS BC 170 25.02 -62.70 -149.23
C CYS BC 170 25.09 -62.35 -147.75
N VAL BC 171 24.01 -61.77 -147.25
CA VAL BC 171 23.94 -61.41 -145.83
C VAL BC 171 23.70 -62.67 -145.01
N ALA BC 172 24.50 -62.85 -143.96
CA ALA BC 172 24.34 -64.03 -143.10
C ALA BC 172 23.07 -63.94 -142.26
N ALA BC 173 22.74 -62.76 -141.77
CA ALA BC 173 21.57 -62.55 -140.92
C ALA BC 173 20.69 -61.47 -141.53
N ALA BC 174 19.59 -61.17 -140.84
CA ALA BC 174 18.65 -60.18 -141.33
C ALA BC 174 19.29 -58.79 -141.36
N GLY BC 175 18.98 -58.03 -142.40
CA GLY BC 175 19.51 -56.69 -142.58
C GLY BC 175 18.40 -55.66 -142.49
N LYS BC 176 18.68 -54.57 -141.78
CA LYS BC 176 17.67 -53.55 -141.50
C LYS BC 176 18.00 -52.24 -142.22
N LEU BC 177 17.02 -51.69 -142.93
CA LEU BC 177 17.20 -50.45 -143.66
C LEU BC 177 16.12 -49.47 -143.25
N THR BC 178 16.52 -48.29 -142.75
CA THR BC 178 15.60 -47.28 -142.26
C THR BC 178 15.89 -45.94 -142.91
N GLU BC 179 14.83 -45.23 -143.30
CA GLU BC 179 14.94 -43.92 -143.95
C GLU BC 179 13.86 -43.00 -143.42
N ALA BC 180 14.23 -41.75 -143.14
CA ALA BC 180 13.30 -40.73 -142.68
C ALA BC 180 13.53 -39.45 -143.47
N ASP BC 181 12.43 -38.82 -143.89
CA ASP BC 181 12.47 -37.61 -144.70
C ASP BC 181 11.48 -36.61 -144.12
N ASN BC 182 11.91 -35.35 -143.99
CA ASN BC 182 11.02 -34.27 -143.54
C ASN BC 182 11.42 -33.01 -144.28
N TRP BC 183 10.56 -32.52 -145.17
CA TRP BC 183 10.90 -31.29 -145.88
C TRP BC 183 9.71 -30.35 -145.90
N GLU BC 184 10.01 -29.06 -146.04
CA GLU BC 184 9.02 -28.01 -145.87
C GLU BC 184 9.33 -26.83 -146.78
N ILE BC 185 8.28 -26.23 -147.35
CA ILE BC 185 8.38 -25.07 -148.23
C ILE BC 185 7.37 -24.02 -147.74
N SER BC 186 7.82 -22.78 -147.62
CA SER BC 186 6.96 -21.67 -147.26
C SER BC 186 7.25 -20.48 -148.15
N GLY BC 187 6.26 -20.05 -148.94
CA GLY BC 187 6.46 -18.96 -149.86
C GLY BC 187 5.38 -17.90 -149.71
N HIS BC 188 5.77 -16.66 -150.04
CA HIS BC 188 4.88 -15.51 -149.93
C HIS BC 188 5.19 -14.53 -151.04
N THR BC 189 4.13 -13.95 -151.62
CA THR BC 189 4.26 -13.02 -152.73
C THR BC 189 3.34 -11.84 -152.50
N ASN BC 190 3.85 -10.63 -152.75
CA ASN BC 190 3.08 -9.40 -152.60
C ASN BC 190 3.34 -8.53 -153.83
N ALA BC 191 2.33 -8.39 -154.67
CA ALA BC 191 2.40 -7.54 -155.86
C ALA BC 191 1.50 -6.32 -155.60
N ASN BC 192 2.13 -5.18 -155.33
CA ASN BC 192 1.43 -3.93 -155.06
C ASN BC 192 1.49 -3.06 -156.31
N ILE BC 193 0.33 -2.67 -156.82
CA ILE BC 193 0.21 -1.79 -157.97
C ILE BC 193 -0.72 -0.65 -157.58
N GLY BC 194 -0.68 0.43 -158.37
CA GLY BC 194 -1.48 1.60 -158.05
C GLY BC 194 -2.97 1.30 -157.94
N GLU BC 195 -3.46 0.35 -158.73
CA GLU BC 195 -4.88 0.00 -158.71
C GLU BC 195 -5.12 -1.48 -158.39
N ALA BC 196 -4.08 -2.22 -157.98
CA ALA BC 196 -4.23 -3.63 -157.69
C ALA BC 196 -3.27 -4.03 -156.58
N VAL BC 197 -3.75 -4.86 -155.66
CA VAL BC 197 -2.94 -5.41 -154.58
C VAL BC 197 -3.21 -6.91 -154.53
N VAL BC 198 -2.16 -7.71 -154.66
CA VAL BC 198 -2.26 -9.16 -154.61
C VAL BC 198 -1.32 -9.67 -153.52
N THR BC 199 -1.85 -10.50 -152.62
CA THR BC 199 -1.08 -11.08 -151.53
C THR BC 199 -1.35 -12.58 -151.47
N ALA BC 200 -0.36 -13.38 -151.88
CA ALA BC 200 -0.49 -14.82 -151.91
C ALA BC 200 0.49 -15.46 -150.92
N THR BC 201 0.10 -16.58 -150.36
CA THR BC 201 0.93 -17.30 -149.39
C THR BC 201 0.65 -18.79 -149.54
N ALA BC 202 1.71 -19.60 -149.44
CA ALA BC 202 1.57 -21.05 -149.55
C ALA BC 202 2.58 -21.75 -148.66
N GLU BC 203 2.09 -22.66 -147.82
CA GLU BC 203 2.94 -23.44 -146.93
C GLU BC 203 2.61 -24.92 -147.11
N LEU BC 204 3.66 -25.75 -147.17
CA LEU BC 204 3.45 -27.19 -147.20
C LEU BC 204 4.64 -27.89 -146.59
N ASP BC 205 4.43 -29.13 -146.17
CA ASP BC 205 5.49 -29.93 -145.57
C ASP BC 205 5.12 -31.40 -145.66
N LYS BC 206 6.09 -32.23 -146.04
CA LYS BC 206 5.89 -33.66 -146.20
C LYS BC 206 6.84 -34.42 -145.29
N ASN BC 207 6.32 -35.48 -144.67
CA ASN BC 207 7.08 -36.35 -143.79
C ASN BC 207 6.88 -37.79 -144.22
N LEU BC 208 7.98 -38.52 -144.39
CA LEU BC 208 7.94 -39.92 -144.79
C LEU BC 208 8.91 -40.73 -143.92
N SER BC 209 8.61 -42.02 -143.77
CA SER BC 209 9.47 -42.93 -143.03
C SER BC 209 9.26 -44.34 -143.56
N ARG BC 210 10.35 -44.98 -143.98
CA ARG BC 210 10.28 -46.32 -144.54
C ARG BC 210 11.30 -47.21 -143.83
N LYS BC 211 10.86 -48.36 -143.32
CA LYS BC 211 11.73 -49.28 -142.60
C LYS BC 211 11.45 -50.69 -143.08
N ILE BC 212 12.49 -51.36 -143.59
CA ILE BC 212 12.36 -52.71 -144.11
C ILE BC 212 13.47 -53.58 -143.55
N GLU BC 213 13.31 -54.89 -143.72
CA GLU BC 213 14.26 -55.88 -143.21
C GLU BC 213 14.39 -57.02 -144.21
N ILE BC 214 15.52 -57.08 -144.89
CA ILE BC 214 15.80 -58.18 -145.82
C ILE BC 214 16.16 -59.43 -145.03
N PRO BC 215 15.71 -60.61 -145.46
CA PRO BC 215 15.96 -61.83 -144.69
C PRO BC 215 17.34 -62.39 -144.96
N PRO BC 216 17.82 -63.32 -144.14
CA PRO BC 216 19.12 -63.94 -144.40
C PRO BC 216 19.14 -64.66 -145.74
N GLY BC 217 20.30 -64.61 -146.40
CA GLY BC 217 20.50 -65.26 -147.67
C GLY BC 217 20.31 -64.37 -148.89
N THR BC 218 19.84 -63.14 -148.69
CA THR BC 218 19.64 -62.23 -149.81
C THR BC 218 20.98 -61.87 -150.45
N ALA BC 219 21.06 -62.03 -151.78
CA ALA BC 219 22.29 -61.71 -152.48
C ALA BC 219 22.47 -60.21 -152.62
N LEU BC 220 23.73 -59.77 -152.57
CA LEU BC 220 24.06 -58.35 -152.70
C LEU BC 220 24.84 -58.03 -153.96
N ALA BC 221 25.82 -58.85 -154.32
CA ALA BC 221 26.68 -58.59 -155.47
C ALA BC 221 27.24 -59.90 -155.98
N TYR BC 222 27.77 -59.86 -157.20
CA TYR BC 222 28.23 -61.08 -157.85
C TYR BC 222 29.32 -60.74 -158.86
N SER BC 223 30.04 -61.78 -159.28
CA SER BC 223 31.01 -61.69 -160.36
C SER BC 223 30.83 -62.89 -161.27
N PHE BC 224 31.12 -62.70 -162.56
CA PHE BC 224 30.84 -63.74 -163.54
C PHE BC 224 31.97 -63.83 -164.55
N MET BC 225 32.02 -64.98 -165.22
CA MET BC 225 33.01 -65.26 -166.26
C MET BC 225 32.31 -65.44 -167.60
N ASP BC 226 32.89 -64.90 -168.66
CA ASP BC 226 32.26 -64.94 -169.97
C ASP BC 226 32.39 -66.32 -170.62
N LEU BC 227 31.51 -66.57 -171.58
CA LEU BC 227 31.50 -67.82 -172.33
C LEU BC 227 31.32 -67.52 -173.81
N GLU BC 228 31.49 -68.56 -174.63
CA GLU BC 228 31.37 -68.42 -176.07
C GLU BC 228 30.87 -69.73 -176.66
N ILE BC 229 29.80 -69.65 -177.45
CA ILE BC 229 29.24 -70.82 -178.12
C ILE BC 229 30.03 -71.09 -179.39
N LEU BC 230 30.55 -72.31 -179.52
CA LEU BC 230 31.20 -72.71 -180.76
C LEU BC 230 30.15 -72.89 -181.87
N GLU BC 231 30.62 -73.23 -183.07
CA GLU BC 231 29.71 -73.60 -184.15
C GLU BC 231 28.78 -74.72 -183.71
N ASP BC 232 29.36 -75.75 -183.09
CA ASP BC 232 28.57 -76.81 -182.47
C ASP BC 232 28.01 -76.34 -181.13
N ARG BC 233 27.36 -77.25 -180.42
CA ARG BC 233 26.85 -76.94 -179.08
C ARG BC 233 27.98 -76.78 -178.05
N SER BC 234 29.23 -77.05 -178.43
CA SER BC 234 30.35 -76.92 -177.51
C SER BC 234 30.47 -75.50 -177.00
N LEU BC 235 30.95 -75.38 -175.75
CA LEU BC 235 31.15 -74.09 -175.10
C LEU BC 235 32.62 -73.90 -174.77
N ARG BC 236 33.06 -72.64 -174.83
CA ARG BC 236 34.44 -72.28 -174.52
C ARG BC 236 34.43 -71.08 -173.58
N VAL BC 237 35.52 -70.90 -172.86
CA VAL BC 237 35.67 -69.77 -171.96
C VAL BC 237 36.52 -68.71 -172.65
N SER BC 238 36.17 -67.44 -172.44
CA SER BC 238 36.84 -66.33 -173.10
C SER BC 238 37.35 -65.35 -172.06
N SER BC 239 38.55 -64.82 -172.29
CA SER BC 239 39.21 -63.90 -171.36
C SER BC 239 39.62 -62.65 -172.11
N SER BC 240 39.05 -61.51 -171.72
CA SER BC 240 39.46 -60.22 -172.26
C SER BC 240 40.75 -59.80 -171.56
N ALA BC 241 41.87 -59.86 -172.29
CA ALA BC 241 43.20 -59.58 -171.75
C ALA BC 241 43.53 -60.49 -170.55
N GLY BC 242 43.01 -61.71 -170.57
CA GLY BC 242 43.26 -62.66 -169.52
C GLY BC 242 42.58 -62.36 -168.19
N ALA BC 243 41.54 -61.52 -168.20
CA ALA BC 243 40.89 -61.15 -166.95
C ALA BC 243 40.18 -62.36 -166.32
N MET BC 244 39.35 -63.04 -167.11
CA MET BC 244 38.52 -64.16 -166.64
C MET BC 244 37.62 -63.77 -165.47
N PHE BC 245 37.41 -62.48 -165.25
CA PHE BC 245 36.51 -62.00 -164.20
C PHE BC 245 35.89 -60.70 -164.69
N ASP BC 246 34.67 -60.78 -165.17
CA ASP BC 246 34.00 -59.63 -165.76
C ASP BC 246 33.08 -58.98 -164.73
N SER BC 247 33.20 -57.66 -164.59
CA SER BC 247 32.39 -56.90 -163.65
C SER BC 247 31.36 -56.02 -164.37
N GLY BC 248 31.06 -56.33 -165.63
CA GLY BC 248 30.15 -55.50 -166.39
C GLY BC 248 30.65 -54.09 -166.59
N LYS BC 249 31.94 -53.93 -166.83
CA LYS BC 249 32.57 -52.62 -167.01
C LYS BC 249 32.83 -52.37 -168.49
N ALA BC 250 32.82 -51.09 -168.85
CA ALA BC 250 33.12 -50.70 -170.22
C ALA BC 250 34.57 -50.98 -170.55
N GLU BC 251 34.84 -51.25 -171.83
CA GLU BC 251 36.19 -51.56 -172.26
C GLU BC 251 37.13 -50.38 -172.04
N SER BC 252 36.65 -49.16 -172.32
CA SER BC 252 37.43 -47.93 -172.13
C SER BC 252 38.76 -47.98 -172.88
CA ARG CC 3 39.01 -43.33 -150.99
C ARG CC 3 38.53 -44.40 -150.03
N PRO CC 4 38.44 -45.64 -150.51
CA PRO CC 4 38.00 -46.74 -149.65
C PRO CC 4 38.91 -46.92 -148.45
N MET CC 5 38.30 -47.26 -147.31
CA MET CC 5 39.07 -47.45 -146.09
C MET CC 5 40.06 -48.61 -146.25
N PHE CC 6 39.65 -49.68 -146.91
CA PHE CC 6 40.56 -50.81 -147.12
C PHE CC 6 41.77 -50.38 -147.93
N ALA CC 7 41.55 -49.60 -149.00
CA ALA CC 7 42.67 -49.13 -149.81
C ALA CC 7 43.58 -48.21 -149.00
N VAL CC 8 43.00 -47.33 -148.19
CA VAL CC 8 43.81 -46.42 -147.37
C VAL CC 8 44.65 -47.22 -146.39
N ALA CC 9 44.05 -48.21 -145.73
CA ALA CC 9 44.78 -49.02 -144.77
C ALA CC 9 45.88 -49.83 -145.45
N VAL CC 10 45.60 -50.35 -146.65
CA VAL CC 10 46.62 -51.09 -147.38
C VAL CC 10 47.79 -50.19 -147.72
N ASN CC 11 47.51 -48.96 -148.17
CA ASN CC 11 48.58 -48.02 -148.47
C ASN CC 11 49.39 -47.68 -147.23
N GLU CC 12 48.71 -47.46 -146.11
CA GLU CC 12 49.42 -47.17 -144.86
C GLU CC 12 50.34 -48.32 -144.46
N PHE CC 13 49.83 -49.54 -144.54
CA PHE CC 13 50.64 -50.71 -144.18
C PHE CC 13 51.82 -50.86 -145.12
N ILE CC 14 51.60 -50.72 -146.43
CA ILE CC 14 52.68 -50.92 -147.37
C ILE CC 14 53.73 -49.83 -147.25
N ARG CC 15 53.33 -48.62 -146.87
CA ARG CC 15 54.31 -47.57 -146.61
C ARG CC 15 55.11 -47.86 -145.35
N SER CC 16 54.43 -48.22 -144.26
CA SER CC 16 55.12 -48.46 -143.00
C SER CC 16 56.08 -49.63 -143.11
N ALA CC 17 55.67 -50.71 -143.76
CA ALA CC 17 56.49 -51.90 -143.93
C ALA CC 17 56.44 -52.34 -145.37
N GLY CC 18 57.60 -52.69 -145.93
CA GLY CC 18 57.67 -53.19 -147.29
C GLY CC 18 57.26 -52.20 -148.36
N GLN CC 19 57.79 -50.97 -148.27
CA GLN CC 19 57.48 -49.97 -149.29
C GLN CC 19 57.98 -50.41 -150.66
N ASP CC 20 59.02 -51.23 -150.71
CA ASP CC 20 59.54 -51.80 -151.94
C ASP CC 20 59.20 -53.29 -152.00
N SER CC 21 59.09 -53.79 -153.23
CA SER CC 21 58.81 -55.21 -153.50
C SER CC 21 57.51 -55.66 -152.82
N LEU CC 22 56.45 -54.88 -153.02
CA LEU CC 22 55.16 -55.22 -152.45
C LEU CC 22 54.08 -54.51 -153.25
N CYS CC 23 53.00 -55.24 -153.54
CA CYS CC 23 51.88 -54.73 -154.34
C CYS CC 23 50.62 -54.74 -153.49
N GLY CC 24 49.91 -53.60 -153.48
CA GLY CC 24 48.68 -53.51 -152.73
C GLY CC 24 47.59 -54.38 -153.32
N VAL CC 25 46.64 -54.75 -152.46
CA VAL CC 25 45.50 -55.57 -152.86
C VAL CC 25 44.36 -54.64 -153.31
N PRO CC 26 43.77 -54.88 -154.49
CA PRO CC 26 42.74 -53.95 -154.98
C PRO CC 26 41.52 -53.84 -154.11
N ASP CC 27 40.98 -54.97 -153.61
CA ASP CC 27 39.76 -54.92 -152.83
C ASP CC 27 39.65 -56.17 -151.98
N ILE CC 28 38.75 -56.11 -150.99
CA ILE CC 28 38.58 -57.22 -150.06
C ILE CC 28 38.10 -58.46 -150.78
N ASN CC 29 37.19 -58.30 -151.73
CA ASN CC 29 36.64 -59.45 -152.44
C ASN CC 29 37.73 -60.21 -153.19
N SER CC 30 38.62 -59.49 -153.85
CA SER CC 30 39.68 -60.12 -154.64
C SER CC 30 40.95 -60.35 -153.82
N SER CC 31 40.94 -60.02 -152.53
CA SER CC 31 42.11 -60.27 -151.70
C SER CC 31 42.46 -61.75 -151.65
N GLY CC 32 41.43 -62.62 -151.63
CA GLY CC 32 41.69 -64.04 -151.50
C GLY CC 32 42.28 -64.71 -152.72
N ASP CC 33 42.36 -64.00 -153.85
CA ASP CC 33 42.91 -64.56 -155.07
C ASP CC 33 44.40 -64.29 -155.21
N PHE CC 34 45.03 -63.66 -154.23
CA PHE CC 34 46.46 -63.34 -154.28
C PHE CC 34 47.25 -64.09 -153.22
N MET CC 35 46.82 -65.31 -152.90
CA MET CC 35 47.57 -66.17 -152.01
C MET CC 35 48.77 -66.76 -152.74
N PRO CC 36 49.75 -67.28 -152.01
CA PRO CC 36 50.95 -67.83 -152.66
C PRO CC 36 50.60 -68.96 -153.64
N LEU CC 37 51.43 -69.08 -154.68
CA LEU CC 37 51.26 -70.08 -155.73
C LEU CC 37 49.97 -69.84 -156.53
N HIS CC 38 49.75 -68.58 -156.91
CA HIS CC 38 48.64 -68.20 -157.76
C HIS CC 38 49.18 -67.51 -159.01
N ILE CC 39 48.51 -67.74 -160.14
CA ILE CC 39 48.89 -67.15 -161.41
C ILE CC 39 48.15 -65.84 -161.59
N ILE CC 40 48.87 -64.80 -162.02
CA ILE CC 40 48.30 -63.50 -162.34
C ILE CC 40 48.81 -63.07 -163.70
N VAL CC 41 48.09 -62.15 -164.33
CA VAL CC 41 48.42 -61.65 -165.66
C VAL CC 41 48.81 -60.19 -165.54
N LYS CC 42 49.89 -59.82 -166.19
CA LYS CC 42 50.40 -58.45 -166.20
C LYS CC 42 50.28 -57.87 -167.60
N GLU CC 43 49.70 -56.67 -167.70
CA GLU CC 43 49.50 -55.97 -168.96
C GLU CC 43 50.30 -54.68 -168.93
N VAL CC 44 51.07 -54.45 -170.00
CA VAL CC 44 51.92 -53.28 -170.11
C VAL CC 44 51.07 -52.03 -170.34
N PRO CC 45 51.53 -50.85 -169.95
CA PRO CC 45 50.71 -49.63 -170.17
C PRO CC 45 50.41 -49.35 -171.62
N LYS CC 46 51.32 -49.69 -172.54
CA LYS CC 46 51.22 -49.49 -173.99
C LYS CC 46 51.28 -48.03 -174.39
N VAL CC 47 51.35 -47.09 -173.44
CA VAL CC 47 51.45 -45.67 -173.75
C VAL CC 47 52.77 -45.13 -173.24
N LEU CC 48 53.00 -45.24 -171.93
CA LEU CC 48 54.24 -44.83 -171.29
C LEU CC 48 54.71 -45.99 -170.41
N PRO CC 49 55.24 -47.06 -171.00
CA PRO CC 49 55.63 -48.22 -170.20
C PRO CC 49 56.64 -47.92 -169.12
N CYS CC 50 57.59 -47.02 -169.39
CA CYS CC 50 58.60 -46.67 -168.40
C CYS CC 50 58.12 -45.62 -167.40
N CYS CC 51 56.96 -45.02 -167.63
CA CYS CC 51 56.46 -43.98 -166.75
C CYS CC 51 55.19 -44.39 -165.98
N ARG CC 52 54.53 -45.46 -166.39
CA ARG CC 52 53.28 -45.90 -165.77
C ARG CC 52 53.41 -47.33 -165.30
N ARG CC 53 52.87 -47.62 -164.11
CA ARG CC 53 52.91 -48.97 -163.60
C ARG CC 53 51.93 -49.87 -164.37
N PRO CC 54 52.27 -51.13 -164.55
CA PRO CC 54 51.41 -52.02 -165.35
C PRO CC 54 50.10 -52.37 -164.66
N LYS CC 55 49.25 -53.14 -165.32
CA LYS CC 55 47.94 -53.54 -164.81
C LYS CC 55 47.97 -55.02 -164.46
N ILE CC 56 47.48 -55.34 -163.26
CA ILE CC 56 47.54 -56.70 -162.73
C ILE CC 56 46.12 -57.27 -162.69
N LYS CC 57 45.95 -58.45 -163.28
CA LYS CC 57 44.66 -59.13 -163.38
C LYS CC 57 44.74 -60.47 -162.67
N ARG CC 58 43.78 -60.75 -161.80
CA ARG CC 58 43.71 -62.01 -161.10
C ARG CC 58 43.11 -63.09 -161.99
N THR CC 59 43.52 -64.33 -161.75
CA THR CC 59 43.01 -65.47 -162.48
C THR CC 59 42.66 -66.59 -161.52
N PRO CC 60 41.68 -67.43 -161.84
CA PRO CC 60 41.30 -68.55 -160.97
C PRO CC 60 42.12 -69.80 -161.25
N TYR CC 61 43.43 -69.68 -161.13
CA TYR CC 61 44.33 -70.79 -161.41
C TYR CC 61 45.44 -70.85 -160.37
N THR CC 62 45.89 -72.07 -160.10
CA THR CC 62 47.09 -72.31 -159.30
C THR CC 62 48.17 -72.90 -160.20
N LEU CC 63 49.37 -73.01 -159.64
CA LEU CC 63 50.50 -73.52 -160.41
C LEU CC 63 50.26 -74.96 -160.86
N ASN CC 64 49.74 -75.80 -159.96
CA ASN CC 64 49.51 -77.20 -160.30
C ASN CC 64 48.44 -77.34 -161.37
N ASP CC 65 47.42 -76.48 -161.34
CA ASP CC 65 46.39 -76.53 -162.38
C ASP CC 65 46.96 -76.05 -163.72
N ILE CC 66 47.76 -74.98 -163.70
CA ILE CC 66 48.26 -74.42 -164.95
C ILE CC 66 49.32 -75.32 -165.56
N LEU CC 67 49.99 -76.14 -164.75
CA LEU CC 67 51.08 -76.99 -165.22
C LEU CC 67 50.60 -78.41 -165.41
N ASP CC 68 51.08 -79.05 -166.50
CA ASP CC 68 50.81 -80.46 -166.71
C ASP CC 68 51.45 -81.30 -165.60
N GLU CC 69 52.68 -80.96 -165.22
CA GLU CC 69 53.38 -81.68 -164.17
C GLU CC 69 53.21 -80.95 -162.84
N PRO CC 70 52.70 -81.60 -161.80
CA PRO CC 70 52.52 -80.92 -160.52
C PRO CC 70 53.83 -80.62 -159.82
N CYS CC 71 53.77 -79.67 -158.91
CA CYS CC 71 54.90 -79.22 -158.10
C CYS CC 71 54.50 -79.25 -156.64
N PRO CC 72 55.46 -79.37 -155.73
CA PRO CC 72 55.14 -79.27 -154.30
C PRO CC 72 54.54 -77.91 -153.98
N ASN CC 73 53.58 -77.90 -153.05
CA ASN CC 73 52.81 -76.69 -152.76
C ASN CC 73 52.67 -76.40 -151.28
N GLN CC 74 53.46 -77.04 -150.42
CA GLN CC 74 53.35 -76.78 -148.98
C GLN CC 74 53.76 -75.35 -148.66
N LEU CC 75 53.14 -74.79 -147.64
CA LEU CC 75 53.34 -73.39 -147.25
C LEU CC 75 53.76 -73.30 -145.80
N LYS CC 76 54.20 -72.11 -145.41
CA LYS CC 76 54.55 -71.81 -144.03
C LYS CC 76 54.35 -70.32 -143.79
N SER CC 77 54.08 -69.96 -142.54
CA SER CC 77 53.80 -68.58 -142.17
C SER CC 77 54.63 -68.19 -140.96
N SER CC 78 54.96 -66.90 -140.90
CA SER CC 78 55.73 -66.36 -139.80
C SER CC 78 55.41 -64.88 -139.63
N ASP CC 79 55.62 -64.38 -138.42
CA ASP CC 79 55.25 -63.00 -138.12
C ASP CC 79 56.09 -62.02 -138.93
N LEU CC 80 55.47 -60.90 -139.31
CA LEU CC 80 56.14 -59.86 -140.08
C LEU CC 80 56.22 -58.54 -139.35
N VAL CC 81 55.08 -58.01 -138.87
CA VAL CC 81 55.05 -56.73 -138.17
C VAL CC 81 53.84 -56.74 -137.25
N THR CC 82 53.86 -55.85 -136.25
CA THR CC 82 52.81 -55.78 -135.24
C THR CC 82 52.50 -54.32 -134.96
N PHE CC 83 51.27 -53.90 -135.25
CA PHE CC 83 50.81 -52.55 -134.96
C PHE CC 83 50.20 -52.56 -133.55
N THR CC 84 50.98 -52.10 -132.57
CA THR CC 84 50.54 -52.17 -131.18
C THR CC 84 49.33 -51.27 -130.93
N GLU CC 85 49.31 -50.09 -131.56
CA GLU CC 85 48.21 -49.16 -131.36
C GLU CC 85 47.63 -48.75 -132.71
N PRO CC 86 46.35 -48.40 -132.73
CA PRO CC 86 45.70 -48.05 -134.00
C PRO CC 86 46.33 -46.82 -134.64
N LEU CC 87 46.40 -46.84 -135.97
CA LEU CC 87 46.77 -45.65 -136.73
C LEU CC 87 45.60 -44.67 -136.70
N VAL CC 88 45.83 -43.49 -136.15
CA VAL CC 88 44.80 -42.48 -135.94
C VAL CC 88 45.16 -41.25 -136.74
N SER CC 89 44.20 -40.72 -137.49
CA SER CC 89 44.40 -39.52 -138.29
C SER CC 89 43.25 -38.55 -138.06
N ASN CC 90 43.58 -37.28 -137.92
CA ASN CC 90 42.60 -36.22 -137.74
C ASN CC 90 42.91 -35.07 -138.68
N VAL CC 91 41.88 -34.56 -139.36
CA VAL CC 91 41.99 -33.38 -140.21
C VAL CC 91 40.85 -32.45 -139.86
N LYS CC 92 41.15 -31.17 -139.69
CA LYS CC 92 40.14 -30.19 -139.31
C LYS CC 92 40.43 -28.90 -140.07
N ALA CC 93 39.54 -28.53 -140.98
CA ALA CC 93 39.69 -27.32 -141.78
C ALA CC 93 38.50 -26.40 -141.56
N SER CC 94 38.76 -25.10 -141.63
CA SER CC 94 37.70 -24.11 -141.49
C SER CC 94 38.13 -22.84 -142.22
N SER CC 95 37.24 -22.30 -143.05
CA SER CC 95 37.57 -21.13 -143.85
C SER CC 95 36.35 -20.23 -143.97
N SER CC 96 36.61 -18.96 -144.24
CA SER CC 96 35.56 -17.97 -144.41
C SER CC 96 36.01 -16.94 -145.43
N ILE CC 97 35.07 -16.51 -146.28
CA ILE CC 97 35.32 -15.55 -147.34
C ILE CC 97 34.28 -14.44 -147.24
N GLY CC 98 34.74 -13.20 -147.37
CA GLY CC 98 33.83 -12.06 -147.40
C GLY CC 98 34.16 -11.09 -148.51
N LEU CC 99 33.22 -10.87 -149.43
CA LEU CC 99 33.41 -9.99 -150.58
C LEU CC 99 32.39 -8.87 -150.50
N GLN CC 100 32.86 -7.64 -150.73
CA GLN CC 100 31.98 -6.48 -150.76
C GLN CC 100 32.35 -5.59 -151.94
N ILE CC 101 31.36 -5.23 -152.74
CA ILE CC 101 31.51 -4.28 -153.84
C ILE CC 101 30.62 -3.09 -153.51
N LEU CC 102 31.22 -2.03 -153.00
CA LEU CC 102 30.57 -0.76 -152.67
C LEU CC 102 29.40 -1.06 -151.74
N LYS CC 103 28.21 -0.51 -151.97
CA LYS CC 103 26.99 -0.91 -151.27
C LYS CC 103 26.06 -1.68 -152.19
N HIS CC 104 26.60 -2.28 -153.25
CA HIS CC 104 25.81 -3.00 -154.24
C HIS CC 104 25.93 -4.51 -154.14
N PHE CC 105 27.08 -5.03 -153.73
CA PHE CC 105 27.25 -6.47 -153.61
C PHE CC 105 27.85 -6.80 -152.25
N ASP CC 106 27.34 -7.85 -151.61
CA ASP CC 106 27.87 -8.27 -150.30
C ASP CC 106 27.64 -9.76 -150.13
N SER CC 107 28.70 -10.55 -150.22
CA SER CC 107 28.61 -11.99 -150.09
C SER CC 107 29.49 -12.47 -148.95
N GLY CC 108 28.95 -13.38 -148.14
CA GLY CC 108 29.71 -14.00 -147.07
C GLY CC 108 29.54 -15.50 -147.05
N ALA CC 109 30.63 -16.23 -147.24
CA ALA CC 109 30.60 -17.69 -147.28
C ALA CC 109 31.51 -18.24 -146.19
N LYS CC 110 31.23 -19.46 -145.76
CA LYS CC 110 32.08 -20.11 -144.77
C LYS CC 110 31.89 -21.61 -144.88
N GLY CC 111 32.94 -22.34 -144.56
CA GLY CC 111 32.91 -23.79 -144.64
C GLY CC 111 33.78 -24.39 -143.56
N SER CC 112 33.44 -25.62 -143.18
CA SER CC 112 34.22 -26.35 -142.18
C SER CC 112 34.14 -27.84 -142.47
N LYS CC 113 35.18 -28.56 -142.07
CA LYS CC 113 35.26 -29.99 -142.31
C LYS CC 113 36.07 -30.64 -141.20
N ASN CC 114 35.59 -31.79 -140.73
CA ASN CC 114 36.25 -32.57 -139.69
C ASN CC 114 36.25 -34.03 -140.11
N PHE CC 115 37.43 -34.61 -140.26
CA PHE CC 115 37.62 -35.96 -140.79
C PHE CC 115 38.48 -36.75 -139.82
N ILE CC 116 38.00 -37.91 -139.39
CA ILE CC 116 38.69 -38.75 -138.43
C ILE CC 116 38.78 -40.17 -138.95
N THR CC 117 39.95 -40.78 -138.84
CA THR CC 117 40.17 -42.13 -139.31
C THR CC 117 40.94 -42.93 -138.26
N SER CC 118 40.58 -44.21 -138.12
CA SER CC 118 41.26 -45.11 -137.20
C SER CC 118 41.34 -46.49 -137.82
N ALA CC 119 42.54 -47.06 -137.85
CA ALA CC 119 42.75 -48.39 -138.40
C ALA CC 119 43.52 -49.24 -137.40
N SER CC 120 42.97 -50.40 -137.06
CA SER CC 120 43.58 -51.34 -136.13
C SER CC 120 43.80 -52.64 -136.89
N LEU CC 121 45.04 -52.88 -137.31
CA LEU CC 121 45.40 -54.07 -138.06
C LEU CC 121 45.94 -55.20 -137.21
N GLY CC 122 46.20 -54.96 -135.92
CA GLY CC 122 46.69 -56.01 -135.06
C GLY CC 122 48.04 -56.52 -135.51
N THR CC 123 48.13 -57.83 -135.74
CA THR CC 123 49.36 -58.49 -136.15
C THR CC 123 49.24 -58.92 -137.61
N VAL CC 124 50.29 -58.70 -138.38
CA VAL CC 124 50.35 -59.10 -139.79
C VAL CC 124 51.41 -60.17 -139.93
N VAL CC 125 51.05 -61.29 -140.56
CA VAL CC 125 51.97 -62.38 -140.80
C VAL CC 125 52.22 -62.49 -142.30
N LYS CC 126 53.27 -63.24 -142.65
CA LYS CC 126 53.64 -63.48 -144.03
C LYS CC 126 53.62 -64.98 -144.29
N ALA CC 127 52.99 -65.36 -145.40
CA ALA CC 127 52.88 -66.76 -145.80
C ALA CC 127 53.57 -66.95 -147.14
N GLU CC 128 54.33 -68.04 -147.24
CA GLU CC 128 55.14 -68.31 -148.41
C GLU CC 128 55.47 -69.79 -148.47
N THR CC 129 55.87 -70.24 -149.65
CA THR CC 129 56.24 -71.63 -149.83
C THR CC 129 57.41 -72.01 -148.93
N ILE CC 130 57.39 -73.24 -148.43
CA ILE CC 130 58.48 -73.70 -147.56
C ILE CC 130 59.80 -73.69 -148.29
N ASP CC 131 59.82 -74.18 -149.53
CA ASP CC 131 61.02 -74.19 -150.36
C ASP CC 131 60.65 -73.67 -151.74
N ILE CC 132 61.22 -72.54 -152.12
CA ILE CC 132 60.93 -71.95 -153.43
C ILE CC 132 61.86 -72.49 -154.52
N THR CC 133 63.06 -72.93 -154.15
CA THR CC 133 64.00 -73.45 -155.13
C THR CC 133 63.45 -74.69 -155.82
N LYS CC 134 62.84 -75.60 -155.05
CA LYS CC 134 62.26 -76.80 -155.64
C LYS CC 134 61.11 -76.43 -156.59
N VAL CC 135 60.26 -75.50 -156.19
CA VAL CC 135 59.16 -75.07 -157.04
C VAL CC 135 59.69 -74.48 -158.34
N LEU CC 136 60.73 -73.65 -158.25
CA LEU CC 136 61.32 -73.05 -159.45
C LEU CC 136 61.91 -74.12 -160.36
N ALA CC 137 62.63 -75.08 -159.79
CA ALA CC 137 63.22 -76.14 -160.59
C ALA CC 137 62.14 -76.93 -161.32
N LYS CC 138 61.10 -77.34 -160.60
CA LYS CC 138 60.02 -78.11 -161.22
C LYS CC 138 59.30 -77.29 -162.29
N VAL CC 139 59.09 -76.00 -162.05
CA VAL CC 139 58.48 -75.14 -163.06
C VAL CC 139 59.32 -75.15 -164.33
N ARG CC 140 60.62 -74.93 -164.18
CA ARG CC 140 61.50 -74.87 -165.33
C ARG CC 140 61.53 -76.19 -166.09
N THR CC 141 61.41 -77.31 -165.38
CA THR CC 141 61.42 -78.61 -166.04
C THR CC 141 60.03 -79.11 -166.41
N ALA CC 142 58.98 -78.34 -166.15
CA ALA CC 142 57.61 -78.79 -166.38
C ALA CC 142 56.97 -77.97 -167.51
N LYS CC 143 56.07 -78.60 -168.24
CA LYS CC 143 55.34 -77.96 -169.33
C LYS CC 143 53.94 -77.56 -168.88
N ALA CC 144 53.45 -76.46 -169.45
CA ALA CC 144 52.12 -75.95 -169.12
C ALA CC 144 51.04 -76.85 -169.71
N LYS CC 145 49.80 -76.61 -169.28
CA LYS CC 145 48.67 -77.39 -169.75
C LYS CC 145 48.28 -76.97 -171.16
N VAL CC 146 48.34 -77.93 -172.10
CA VAL CC 146 47.99 -77.63 -173.49
C VAL CC 146 46.51 -77.24 -173.59
N GLU CC 147 45.65 -77.90 -172.82
CA GLU CC 147 44.22 -77.59 -172.86
C GLU CC 147 43.94 -76.15 -172.44
N ASN CC 148 44.70 -75.61 -171.49
CA ASN CC 148 44.43 -74.28 -170.96
C ASN CC 148 44.49 -73.23 -172.06
N ASP CC 149 43.50 -72.33 -172.06
CA ASP CC 149 43.40 -71.28 -173.06
C ASP CC 149 44.18 -70.03 -172.67
N LEU CC 150 44.21 -69.72 -171.37
CA LEU CC 150 44.92 -68.54 -170.89
C LEU CC 150 46.40 -68.57 -171.29
N VAL CC 151 47.04 -69.73 -171.11
CA VAL CC 151 48.45 -69.86 -171.47
C VAL CC 151 48.65 -69.57 -172.95
N SER CC 152 47.80 -70.13 -173.79
CA SER CC 152 47.91 -69.90 -175.24
C SER CC 152 47.72 -68.43 -175.57
N ARG CC 153 46.73 -67.79 -174.93
CA ARG CC 153 46.50 -66.37 -175.16
C ARG CC 153 47.75 -65.57 -174.80
N VAL CC 154 48.33 -65.82 -173.63
CA VAL CC 154 49.52 -65.09 -173.20
C VAL CC 154 50.69 -65.38 -174.13
N MET CC 155 50.80 -66.60 -174.64
CA MET CC 155 51.87 -66.95 -175.56
C MET CC 155 51.74 -66.18 -176.87
N LYS CC 156 50.53 -66.12 -177.42
CA LYS CC 156 50.37 -65.46 -178.71
C LYS CC 156 50.46 -63.94 -178.59
N THR CC 157 49.99 -63.39 -177.47
CA THR CC 157 50.08 -61.95 -177.27
C THR CC 157 51.46 -61.57 -176.75
N LYS CC 158 51.86 -60.33 -177.02
CA LYS CC 158 53.15 -59.82 -176.59
C LYS CC 158 53.09 -58.94 -175.35
N ARG CC 159 51.96 -58.27 -175.12
CA ARG CC 159 51.84 -57.42 -173.94
C ARG CC 159 51.66 -58.24 -172.68
N LEU CC 160 50.86 -59.31 -172.76
CA LEU CC 160 50.53 -60.09 -171.58
C LEU CC 160 51.74 -60.87 -171.07
N CYS CC 161 51.89 -60.92 -169.75
CA CYS CC 161 52.92 -61.70 -169.09
C CYS CC 161 52.30 -62.45 -167.92
N LEU CC 162 52.93 -63.57 -167.55
CA LEU CC 162 52.44 -64.39 -166.44
C LEU CC 162 53.31 -64.16 -165.20
N GLY CC 163 52.66 -64.18 -164.04
CA GLY CC 163 53.37 -64.02 -162.80
C GLY CC 163 52.90 -64.97 -161.71
N LEU CC 164 53.83 -65.58 -161.00
CA LEU CC 164 53.53 -66.51 -159.92
C LEU CC 164 53.72 -65.79 -158.60
N VAL CC 165 52.67 -65.78 -157.77
CA VAL CC 165 52.73 -65.12 -156.47
C VAL CC 165 53.48 -66.02 -155.50
N VAL CC 166 54.44 -65.44 -154.78
CA VAL CC 166 55.34 -66.22 -153.94
C VAL CC 166 55.25 -65.87 -152.45
N GLU CC 167 54.72 -64.70 -152.07
CA GLU CC 167 54.59 -64.37 -150.67
C GLU CC 167 53.40 -63.43 -150.48
N THR CC 168 52.70 -63.58 -149.37
CA THR CC 168 51.51 -62.80 -149.11
C THR CC 168 51.45 -62.36 -147.66
N ALA CC 169 51.03 -61.12 -147.42
CA ALA CC 169 50.88 -60.58 -146.08
C ALA CC 169 49.40 -60.61 -145.70
N CYS CC 170 49.09 -61.26 -144.58
CA CYS CC 170 47.72 -61.46 -144.14
C CYS CC 170 47.57 -61.11 -142.67
N VAL CC 171 46.41 -60.58 -142.30
CA VAL CC 171 46.14 -60.23 -140.92
C VAL CC 171 45.88 -61.50 -140.12
N ALA CC 172 46.54 -61.62 -138.97
CA ALA CC 172 46.35 -62.81 -138.13
C ALA CC 172 44.97 -62.80 -137.46
N ALA CC 173 44.51 -61.63 -137.02
CA ALA CC 173 43.24 -61.51 -136.34
C ALA CC 173 42.37 -60.49 -137.06
N ALA CC 174 41.17 -60.26 -136.52
CA ALA CC 174 40.24 -59.33 -137.14
C ALA CC 174 40.78 -57.90 -137.10
N GLY CC 175 40.58 -57.17 -138.19
CA GLY CC 175 41.03 -55.79 -138.30
C GLY CC 175 39.86 -54.83 -138.37
N LYS CC 176 39.98 -53.72 -137.64
CA LYS CC 176 38.88 -52.77 -137.51
C LYS CC 176 39.21 -51.45 -138.18
N LEU CC 177 38.30 -50.97 -139.02
CA LEU CC 177 38.48 -49.72 -139.75
C LEU CC 177 37.30 -48.81 -139.48
N THR CC 178 37.57 -47.61 -138.96
CA THR CC 178 36.52 -46.66 -138.60
C THR CC 178 36.81 -45.30 -139.23
N GLU CC 179 35.76 -44.66 -139.75
CA GLU CC 179 35.87 -43.35 -140.39
C GLU CC 179 34.68 -42.50 -140.02
N ALA CC 180 34.93 -41.23 -139.71
CA ALA CC 180 33.89 -40.27 -139.38
C ALA CC 180 34.13 -38.98 -140.15
N ASP CC 181 33.05 -38.42 -140.72
CA ASP CC 181 33.12 -37.21 -141.52
C ASP CC 181 32.00 -36.28 -141.09
N ASN CC 182 32.33 -34.99 -140.91
CA ASN CC 182 31.33 -33.97 -140.59
C ASN CC 182 31.73 -32.69 -141.29
N TRP CC 183 30.98 -32.26 -142.29
CA TRP CC 183 31.32 -31.02 -142.96
C TRP CC 183 30.08 -30.15 -143.15
N GLU CC 184 30.32 -28.84 -143.26
CA GLU CC 184 29.23 -27.86 -143.23
C GLU CC 184 29.59 -26.67 -144.11
N ILE CC 185 28.59 -26.14 -144.81
CA ILE CC 185 28.72 -24.98 -145.68
C ILE CC 185 27.60 -23.99 -145.35
N SER CC 186 27.96 -22.72 -145.18
CA SER CC 186 26.98 -21.67 -144.94
C SER CC 186 27.31 -20.47 -145.81
N GLY CC 187 26.40 -20.10 -146.71
CA GLY CC 187 26.64 -19.01 -147.62
C GLY CC 187 25.49 -18.02 -147.61
N HIS CC 188 25.84 -16.76 -147.91
CA HIS CC 188 24.86 -15.67 -147.92
C HIS CC 188 25.26 -14.68 -149.00
N THR CC 189 24.25 -14.17 -149.71
CA THR CC 189 24.46 -13.24 -150.82
C THR CC 189 23.43 -12.11 -150.71
N ASN CC 190 23.90 -10.87 -150.91
CA ASN CC 190 23.03 -9.70 -150.88
C ASN CC 190 23.40 -8.82 -152.07
N ALA CC 191 22.50 -8.74 -153.04
CA ALA CC 191 22.66 -7.89 -154.21
C ALA CC 191 21.67 -6.73 -154.08
N ASN CC 192 22.18 -5.55 -153.75
CA ASN CC 192 21.37 -4.35 -153.59
C ASN CC 192 21.54 -3.48 -154.82
N ILE CC 193 20.42 -3.18 -155.49
CA ILE CC 193 20.40 -2.30 -156.65
C ILE CC 193 19.35 -1.23 -156.39
N GLY CC 194 19.43 -0.15 -157.18
CA GLY CC 194 18.52 0.97 -156.99
C GLY CC 194 17.06 0.58 -157.06
N GLU CC 195 16.72 -0.41 -157.90
CA GLU CC 195 15.34 -0.85 -158.05
C GLU CC 195 15.16 -2.34 -157.75
N ALA CC 196 16.18 -3.01 -157.20
CA ALA CC 196 16.08 -4.43 -156.92
C ALA CC 196 16.93 -4.76 -155.70
N VAL CC 197 16.38 -5.61 -154.83
CA VAL CC 197 17.07 -6.11 -153.65
C VAL CC 197 16.91 -7.62 -153.61
N VAL CC 198 18.02 -8.35 -153.60
CA VAL CC 198 18.00 -9.81 -153.55
C VAL CC 198 18.81 -10.25 -152.34
N THR CC 199 18.23 -11.12 -151.51
CA THR CC 199 18.90 -11.64 -150.32
C THR CC 199 18.71 -13.14 -150.28
N ALA CC 200 19.80 -13.88 -150.54
CA ALA CC 200 19.77 -15.33 -150.58
C ALA CC 200 20.66 -15.90 -149.47
N THR CC 201 20.25 -17.05 -148.94
CA THR CC 201 21.00 -17.71 -147.88
C THR CC 201 20.85 -19.21 -148.03
N ALA CC 202 21.93 -19.95 -147.79
CA ALA CC 202 21.89 -21.41 -147.91
C ALA CC 202 22.83 -22.04 -146.89
N GLU CC 203 22.29 -22.98 -146.10
CA GLU CC 203 23.07 -23.70 -145.11
C GLU CC 203 22.87 -25.19 -145.31
N LEU CC 204 23.96 -25.95 -145.23
CA LEU CC 204 23.84 -27.40 -145.27
C LEU CC 204 25.00 -28.02 -144.50
N ASP CC 205 24.81 -29.28 -144.09
CA ASP CC 205 25.84 -30.00 -143.35
C ASP CC 205 25.58 -31.49 -143.48
N LYS CC 206 26.63 -32.26 -143.73
CA LYS CC 206 26.56 -33.70 -143.90
C LYS CC 206 27.42 -34.39 -142.86
N ASN CC 207 26.90 -35.48 -142.30
CA ASN CC 207 27.59 -36.31 -141.32
C ASN CC 207 27.54 -37.75 -141.75
N LEU CC 208 28.69 -38.41 -141.77
CA LEU CC 208 28.80 -39.82 -142.16
C LEU CC 208 29.69 -40.56 -141.17
N SER CC 209 29.45 -41.86 -141.04
CA SER CC 209 30.28 -42.70 -140.18
C SER CC 209 30.23 -44.13 -140.72
N ARG CC 210 31.39 -44.71 -140.99
CA ARG CC 210 31.50 -46.05 -141.54
C ARG CC 210 32.47 -46.86 -140.69
N LYS CC 211 32.03 -48.03 -140.23
CA LYS CC 211 32.85 -48.90 -139.40
C LYS CC 211 32.74 -50.33 -139.89
N ILE CC 212 33.88 -50.93 -140.26
CA ILE CC 212 33.90 -52.29 -140.78
C ILE CC 212 34.98 -53.08 -140.07
N GLU CC 213 34.93 -54.41 -140.25
CA GLU CC 213 35.86 -55.32 -139.60
C GLU CC 213 36.19 -56.46 -140.57
N ILE CC 214 37.41 -56.45 -141.10
CA ILE CC 214 37.86 -57.53 -141.98
C ILE CC 214 38.20 -58.75 -141.13
N PRO CC 215 37.89 -59.96 -141.60
CA PRO CC 215 38.10 -61.16 -140.80
C PRO CC 215 39.55 -61.63 -140.88
N PRO CC 216 39.97 -62.52 -140.00
CA PRO CC 216 41.34 -63.06 -140.08
C PRO CC 216 41.58 -63.78 -141.40
N GLY CC 217 42.80 -63.66 -141.91
CA GLY CC 217 43.20 -64.30 -143.14
C GLY CC 217 43.11 -63.43 -144.37
N THR CC 218 42.55 -62.23 -144.25
CA THR CC 218 42.43 -61.34 -145.40
C THR CC 218 43.82 -60.90 -145.87
N ALA CC 219 44.07 -61.05 -147.17
CA ALA CC 219 45.36 -60.66 -147.72
C ALA CC 219 45.46 -59.15 -147.85
N LEU CC 220 46.66 -58.63 -147.65
CA LEU CC 220 46.93 -57.19 -147.75
C LEU CC 220 47.84 -56.83 -148.90
N ALA CC 221 48.91 -57.59 -149.13
CA ALA CC 221 49.88 -57.27 -150.16
C ALA CC 221 50.59 -58.54 -150.58
N TYR CC 222 51.28 -58.47 -151.72
CA TYR CC 222 51.89 -59.66 -152.29
C TYR CC 222 53.06 -59.26 -153.17
N SER CC 223 53.90 -60.25 -153.48
CA SER CC 223 55.00 -60.10 -154.42
C SER CC 223 55.01 -61.31 -155.34
N PHE CC 224 55.45 -61.11 -156.58
CA PHE CC 224 55.36 -62.16 -157.58
C PHE CC 224 56.62 -62.19 -158.44
N MET CC 225 56.83 -63.34 -159.09
CA MET CC 225 57.95 -63.55 -159.99
C MET CC 225 57.44 -63.79 -161.40
N ASP CC 226 58.12 -63.21 -162.39
CA ASP CC 226 57.66 -63.29 -163.76
C ASP CC 226 57.95 -64.66 -164.38
N LEU CC 227 57.23 -64.98 -165.44
CA LEU CC 227 57.39 -66.23 -166.17
C LEU CC 227 57.38 -65.94 -167.66
N GLU CC 228 57.73 -66.97 -168.45
CA GLU CC 228 57.78 -66.85 -169.89
C GLU CC 228 57.44 -68.19 -170.52
N ILE CC 229 56.48 -68.19 -171.45
CA ILE CC 229 56.08 -69.39 -172.16
C ILE CC 229 57.03 -69.61 -173.32
N LEU CC 230 57.65 -70.79 -173.37
CA LEU CC 230 58.47 -71.15 -174.52
C LEU CC 230 57.59 -71.40 -175.74
N GLU CC 231 58.23 -71.71 -176.87
CA GLU CC 231 57.49 -72.14 -178.05
C GLU CC 231 56.59 -73.33 -177.73
N ASP CC 232 57.14 -74.32 -177.02
CA ASP CC 232 56.36 -75.42 -176.50
C ASP CC 232 55.60 -74.98 -175.25
N ARG CC 233 54.92 -75.93 -174.61
CA ARG CC 233 54.23 -75.65 -173.35
C ARG CC 233 55.20 -75.42 -172.19
N SER CC 234 56.50 -75.61 -172.41
CA SER CC 234 57.49 -75.40 -171.34
C SER CC 234 57.46 -73.97 -170.83
N LEU CC 235 57.77 -73.82 -169.55
CA LEU CC 235 57.80 -72.51 -168.89
C LEU CC 235 59.20 -72.23 -168.38
N ARG CC 236 59.56 -70.95 -168.40
CA ARG CC 236 60.86 -70.50 -167.91
C ARG CC 236 60.66 -69.30 -167.01
N VAL CC 237 61.64 -69.05 -166.15
CA VAL CC 237 61.59 -67.90 -165.25
C VAL CC 237 62.46 -66.79 -165.83
N SER CC 238 62.00 -65.55 -165.70
CA SER CC 238 62.68 -64.41 -166.27
C SER CC 238 63.00 -63.38 -165.19
N SER CC 239 64.18 -62.78 -165.28
CA SER CC 239 64.65 -61.82 -164.27
C SER CC 239 65.08 -60.54 -164.98
N SER CC 240 64.39 -59.44 -164.68
CA SER CC 240 64.79 -58.13 -165.18
C SER CC 240 65.95 -57.63 -164.33
N ALA CC 241 67.15 -57.62 -164.91
CA ALA CC 241 68.38 -57.25 -164.21
C ALA CC 241 68.60 -58.13 -162.97
N GLY CC 242 68.17 -59.39 -163.05
CA GLY CC 242 68.35 -60.31 -161.95
C GLY CC 242 67.49 -60.05 -160.73
N ALA CC 243 66.41 -59.28 -160.87
CA ALA CC 243 65.58 -58.95 -159.72
C ALA CC 243 64.87 -60.20 -159.18
N MET CC 244 64.19 -60.93 -160.05
CA MET CC 244 63.38 -62.10 -159.68
C MET CC 244 62.32 -61.77 -158.63
N PHE CC 245 61.99 -60.50 -158.46
CA PHE CC 245 60.95 -60.07 -157.53
C PHE CC 245 60.32 -58.81 -158.12
N ASP CC 246 59.17 -58.97 -158.75
CA ASP CC 246 58.52 -57.87 -159.44
C ASP CC 246 57.43 -57.28 -158.54
N SER CC 247 57.45 -55.96 -158.40
CA SER CC 247 56.47 -55.24 -157.58
C SER CC 247 55.50 -54.44 -158.43
N GLY CC 248 55.38 -54.76 -159.71
CA GLY CC 248 54.52 -54.00 -160.59
C GLY CC 248 54.95 -52.56 -160.75
N LYS CC 249 56.26 -52.33 -160.83
CA LYS CC 249 56.81 -50.98 -160.93
C LYS CC 249 57.23 -50.71 -162.37
N ALA CC 250 57.19 -49.43 -162.74
CA ALA CC 250 57.64 -49.03 -164.07
C ALA CC 250 59.14 -49.22 -164.21
N GLU CC 251 59.58 -49.48 -165.44
CA GLU CC 251 61.00 -49.70 -165.70
C GLU CC 251 61.81 -48.46 -165.37
N SER CC 252 61.31 -47.28 -165.73
CA SER CC 252 61.97 -46.00 -165.46
C SER CC 252 63.38 -45.97 -166.03
CA ARG DC 3 60.58 -41.22 -144.31
C ARG DC 3 60.04 -42.32 -143.40
N PRO DC 4 60.10 -43.56 -143.88
CA PRO DC 4 59.62 -44.68 -143.06
C PRO DC 4 60.39 -44.80 -141.76
N MET DC 5 59.66 -45.18 -140.70
CA MET DC 5 60.28 -45.32 -139.39
C MET DC 5 61.35 -46.40 -139.40
N PHE DC 6 61.09 -47.51 -140.11
CA PHE DC 6 62.09 -48.57 -140.19
C PHE DC 6 63.37 -48.07 -140.84
N ALA DC 7 63.25 -47.31 -141.94
CA ALA DC 7 64.42 -46.77 -142.61
C ALA DC 7 65.17 -45.79 -141.70
N VAL DC 8 64.42 -44.94 -140.98
CA VAL DC 8 65.07 -43.99 -140.08
C VAL DC 8 65.82 -44.72 -138.98
N ALA DC 9 65.20 -45.75 -138.39
CA ALA DC 9 65.86 -46.50 -137.34
C ALA DC 9 67.09 -47.24 -137.86
N VAL DC 10 67.00 -47.78 -139.09
CA VAL DC 10 68.14 -48.46 -139.68
C VAL DC 10 69.29 -47.49 -139.89
N ASN DC 11 68.99 -46.29 -140.38
CA ASN DC 11 70.03 -45.28 -140.55
C ASN DC 11 70.65 -44.88 -139.22
N GLU DC 12 69.82 -44.70 -138.18
CA GLU DC 12 70.36 -44.36 -136.87
C GLU DC 12 71.28 -45.45 -136.34
N PHE DC 13 70.86 -46.70 -136.47
CA PHE DC 13 71.69 -47.82 -136.00
C PHE DC 13 73.00 -47.89 -136.78
N ILE DC 14 72.93 -47.77 -138.11
CA ILE DC 14 74.13 -47.91 -138.90
C ILE DC 14 75.09 -46.75 -138.66
N ARG DC 15 74.56 -45.56 -138.34
CA ARG DC 15 75.43 -44.46 -137.98
C ARG DC 15 76.09 -44.68 -136.62
N SER DC 16 75.30 -45.09 -135.63
CA SER DC 16 75.84 -45.27 -134.28
C SER DC 16 76.89 -46.39 -134.25
N ALA DC 17 76.62 -47.49 -134.94
CA ALA DC 17 77.53 -48.62 -134.99
C ALA DC 17 77.70 -49.08 -136.43
N GLY DC 18 78.93 -49.35 -136.83
CA GLY DC 18 79.20 -49.85 -138.17
C GLY DC 18 78.88 -48.89 -139.28
N GLN DC 19 79.31 -47.63 -139.15
CA GLN DC 19 79.08 -46.66 -140.21
C GLN DC 19 79.78 -47.07 -141.50
N ASP DC 20 80.86 -47.82 -141.40
CA ASP DC 20 81.56 -48.35 -142.55
C ASP DC 20 81.33 -49.86 -142.64
N SER DC 21 81.40 -50.38 -143.87
CA SER DC 21 81.25 -51.81 -144.15
C SER DC 21 79.92 -52.34 -143.64
N LEU DC 22 78.84 -51.64 -143.98
CA LEU DC 22 77.51 -52.05 -143.57
C LEU DC 22 76.49 -51.42 -144.51
N CYS DC 23 75.50 -52.21 -144.93
CA CYS DC 23 74.47 -51.78 -145.87
C CYS DC 23 73.11 -51.87 -145.19
N GLY DC 24 72.34 -50.78 -145.28
CA GLY DC 24 71.02 -50.77 -144.70
C GLY DC 24 70.06 -51.71 -145.41
N VAL DC 25 69.05 -52.13 -144.67
CA VAL DC 25 68.01 -53.02 -145.20
C VAL DC 25 66.89 -52.17 -145.80
N PRO DC 26 66.46 -52.46 -147.04
CA PRO DC 26 65.46 -51.60 -147.68
C PRO DC 26 64.12 -51.56 -146.96
N ASP DC 27 63.60 -52.72 -146.53
CA ASP DC 27 62.29 -52.75 -145.90
C ASP DC 27 62.15 -54.00 -145.05
N ILE DC 28 61.14 -54.00 -144.19
CA ILE DC 28 60.91 -55.10 -143.27
C ILE DC 28 60.61 -56.38 -144.03
N ASN DC 29 59.82 -56.28 -145.10
CA ASN DC 29 59.44 -57.46 -145.86
C ASN DC 29 60.66 -58.16 -146.45
N SER DC 30 61.59 -57.38 -147.02
CA SER DC 30 62.77 -57.94 -147.65
C SER DC 30 63.94 -58.09 -146.68
N SER DC 31 63.74 -57.76 -145.40
CA SER DC 31 64.81 -57.93 -144.43
C SER DC 31 65.23 -59.39 -144.31
N GLY DC 32 64.29 -60.32 -144.42
CA GLY DC 32 64.60 -61.72 -144.24
C GLY DC 32 65.39 -62.35 -145.37
N ASP DC 33 65.56 -61.64 -146.48
CA ASP DC 33 66.31 -62.16 -147.61
C ASP DC 33 67.79 -61.81 -147.58
N PHE DC 34 68.24 -61.13 -146.52
CA PHE DC 34 69.64 -60.72 -146.40
C PHE DC 34 70.33 -61.42 -145.24
N MET DC 35 69.94 -62.65 -144.96
CA MET DC 35 70.63 -63.47 -143.97
C MET DC 35 71.95 -63.98 -144.54
N PRO DC 36 72.87 -64.44 -143.69
CA PRO DC 36 74.17 -64.91 -144.18
C PRO DC 36 74.02 -66.06 -145.16
N LEU DC 37 74.97 -66.12 -146.10
CA LEU DC 37 75.01 -67.14 -147.16
C LEU DC 37 73.81 -66.99 -148.11
N HIS DC 38 73.56 -65.75 -148.53
CA HIS DC 38 72.55 -65.44 -149.52
C HIS DC 38 73.20 -64.73 -150.69
N ILE DC 39 72.69 -65.00 -151.89
CA ILE DC 39 73.20 -64.39 -153.12
C ILE DC 39 72.40 -63.13 -153.41
N ILE DC 40 73.11 -62.05 -153.75
CA ILE DC 40 72.50 -60.79 -154.16
C ILE DC 40 73.15 -60.34 -155.46
N VAL DC 41 72.45 -59.46 -156.17
CA VAL DC 41 72.91 -58.94 -157.45
C VAL DC 41 73.19 -57.46 -157.30
N LYS DC 42 74.34 -57.02 -157.82
CA LYS DC 42 74.74 -55.62 -157.77
C LYS DC 42 74.77 -55.06 -159.19
N GLU DC 43 74.13 -53.90 -159.37
CA GLU DC 43 74.05 -53.22 -160.65
C GLU DC 43 74.76 -51.89 -160.55
N VAL DC 44 75.63 -51.61 -161.51
CA VAL DC 44 76.43 -50.38 -161.52
C VAL DC 44 75.53 -49.19 -161.88
N PRO DC 45 75.86 -47.98 -161.44
CA PRO DC 45 75.00 -46.82 -161.78
C PRO DC 45 74.87 -46.56 -163.26
N LYS DC 46 75.91 -46.84 -164.05
CA LYS DC 46 75.98 -46.66 -165.50
C LYS DC 46 76.00 -45.19 -165.90
N VAL DC 47 75.89 -44.25 -164.96
CA VAL DC 47 75.93 -42.84 -165.29
C VAL DC 47 77.15 -42.21 -164.61
N LEU DC 48 77.20 -42.30 -163.29
CA LEU DC 48 78.33 -41.81 -162.50
C LEU DC 48 78.75 -42.93 -161.55
N PRO DC 49 79.42 -43.96 -162.06
CA PRO DC 49 79.78 -45.10 -161.20
C PRO DC 49 80.63 -44.72 -160.01
N CYS DC 50 81.54 -43.77 -160.16
CA CYS DC 50 82.40 -43.35 -159.06
C CYS DC 50 81.74 -42.33 -158.14
N CYS DC 51 80.57 -41.81 -158.52
CA CYS DC 51 79.89 -40.80 -157.71
C CYS DC 51 78.58 -41.28 -157.11
N ARG DC 52 78.03 -42.40 -157.59
CA ARG DC 52 76.74 -42.91 -157.13
C ARG DC 52 76.91 -44.33 -156.63
N ARG DC 53 76.24 -44.65 -155.52
CA ARG DC 53 76.30 -46.00 -154.98
C ARG DC 53 75.48 -46.96 -155.86
N PRO DC 54 75.92 -48.20 -155.99
CA PRO DC 54 75.22 -49.15 -156.88
C PRO DC 54 73.87 -49.57 -156.35
N LYS DC 55 73.16 -50.40 -157.12
CA LYS DC 55 71.83 -50.87 -156.76
C LYS DC 55 71.90 -52.35 -156.39
N ILE DC 56 71.29 -52.70 -155.27
CA ILE DC 56 71.36 -54.06 -154.72
C ILE DC 56 69.99 -54.72 -154.85
N LYS DC 57 69.97 -55.91 -155.44
CA LYS DC 57 68.75 -56.66 -155.69
C LYS DC 57 68.83 -57.99 -154.97
N ARG DC 58 67.77 -58.33 -154.23
CA ARG DC 58 67.71 -59.60 -153.52
C ARG DC 58 67.29 -60.71 -154.47
N THR DC 59 67.75 -61.92 -154.17
CA THR DC 59 67.41 -63.10 -154.95
C THR DC 59 67.01 -64.23 -154.01
N PRO DC 60 66.13 -65.13 -154.45
CA PRO DC 60 65.71 -66.27 -153.62
C PRO DC 60 66.64 -67.47 -153.79
N TYR DC 61 67.92 -67.27 -153.51
CA TYR DC 61 68.92 -68.31 -153.66
C TYR DC 61 69.88 -68.30 -152.48
N THR DC 62 70.38 -69.49 -152.14
CA THR DC 62 71.47 -69.65 -151.20
C THR DC 62 72.69 -70.17 -151.94
N LEU DC 63 73.82 -70.20 -151.23
CA LEU DC 63 75.06 -70.64 -151.84
C LEU DC 63 74.98 -72.09 -152.30
N ASN DC 64 74.40 -72.96 -151.47
CA ASN DC 64 74.31 -74.37 -151.82
C ASN DC 64 73.40 -74.59 -153.02
N ASP DC 65 72.33 -73.80 -153.13
CA ASP DC 65 71.45 -73.92 -154.29
C ASP DC 65 72.14 -73.40 -155.55
N ILE DC 66 72.86 -72.28 -155.45
CA ILE DC 66 73.48 -71.70 -156.63
C ILE DC 66 74.67 -72.53 -157.09
N LEU DC 67 75.28 -73.30 -156.19
CA LEU DC 67 76.47 -74.08 -156.51
C LEU DC 67 76.11 -75.53 -156.74
N ASP DC 68 76.76 -76.14 -157.75
CA ASP DC 68 76.61 -77.56 -157.97
C ASP DC 68 77.17 -78.36 -156.79
N GLU DC 69 78.31 -77.94 -156.25
CA GLU DC 69 78.91 -78.61 -155.12
C GLU DC 69 78.53 -77.89 -153.83
N PRO DC 70 77.94 -78.57 -152.85
CA PRO DC 70 77.54 -77.89 -151.62
C PRO DC 70 78.74 -77.51 -150.76
N CYS DC 71 78.51 -76.56 -149.87
CA CYS DC 71 79.49 -76.04 -148.94
C CYS DC 71 78.91 -76.08 -147.53
N PRO DC 72 79.76 -76.14 -146.51
CA PRO DC 72 79.24 -76.06 -145.13
C PRO DC 72 78.53 -74.73 -144.91
N ASN DC 73 77.47 -74.79 -144.11
CA ASN DC 73 76.59 -73.63 -143.94
C ASN DC 73 76.24 -73.34 -142.47
N GLN DC 74 76.95 -73.93 -141.52
CA GLN DC 74 76.64 -73.67 -140.12
C GLN DC 74 76.91 -72.22 -139.76
N LEU DC 75 76.13 -71.69 -138.83
CA LEU DC 75 76.20 -70.29 -138.44
C LEU DC 75 76.42 -70.16 -136.94
N LYS DC 76 76.73 -68.94 -136.52
CA LYS DC 76 76.89 -68.61 -135.11
C LYS DC 76 76.56 -67.14 -134.92
N SER DC 77 76.12 -66.80 -133.71
CA SER DC 77 75.70 -65.44 -133.40
C SER DC 77 76.34 -64.99 -132.10
N SER DC 78 76.58 -63.68 -132.01
CA SER DC 78 77.18 -63.08 -130.82
C SER DC 78 76.73 -61.64 -130.71
N ASP DC 79 76.75 -61.11 -129.49
CA ASP DC 79 76.27 -59.76 -129.26
C ASP DC 79 77.14 -58.73 -129.96
N LEU DC 80 76.50 -57.66 -130.43
CA LEU DC 80 77.20 -56.58 -131.13
C LEU DC 80 77.09 -55.25 -130.41
N VAL DC 81 75.88 -54.80 -130.08
CA VAL DC 81 75.67 -53.52 -129.41
C VAL DC 81 74.36 -53.60 -128.64
N THR DC 82 74.20 -52.71 -127.67
CA THR DC 82 73.03 -52.71 -126.80
C THR DC 82 72.58 -51.27 -126.57
N PHE DC 83 71.39 -50.92 -127.03
CA PHE DC 83 70.80 -49.61 -126.80
C PHE DC 83 70.03 -49.66 -125.49
N THR DC 84 70.65 -49.14 -124.43
CA THR DC 84 70.04 -49.23 -123.09
C THR DC 84 68.76 -48.41 -123.01
N GLU DC 85 68.73 -47.24 -123.65
CA GLU DC 85 67.57 -46.38 -123.61
C GLU DC 85 67.12 -46.02 -125.02
N PRO DC 86 65.84 -45.75 -125.21
CA PRO DC 86 65.34 -45.44 -126.55
C PRO DC 86 65.96 -44.17 -127.12
N LEU DC 87 66.21 -44.20 -128.43
CA LEU DC 87 66.59 -42.99 -129.16
C LEU DC 87 65.38 -42.09 -129.29
N VAL DC 88 65.46 -40.89 -128.71
CA VAL DC 88 64.34 -39.95 -128.66
C VAL DC 88 64.73 -38.70 -129.42
N SER DC 89 63.84 -38.23 -130.29
CA SER DC 89 64.06 -37.03 -131.07
C SER DC 89 62.84 -36.14 -131.01
N ASN DC 90 63.06 -34.84 -130.84
CA ASN DC 90 62.00 -33.85 -130.79
C ASN DC 90 62.35 -32.68 -131.71
N VAL DC 91 61.39 -32.24 -132.51
CA VAL DC 91 61.53 -31.07 -133.36
C VAL DC 91 60.29 -30.21 -133.15
N LYS DC 92 60.49 -28.91 -132.96
CA LYS DC 92 59.38 -27.99 -132.74
C LYS DC 92 59.69 -26.69 -133.46
N ALA DC 93 58.90 -26.39 -134.48
CA ALA DC 93 59.07 -25.17 -135.28
C ALA DC 93 57.81 -24.33 -135.21
N SER DC 94 57.98 -23.02 -135.27
CA SER DC 94 56.85 -22.09 -135.27
C SER DC 94 57.30 -20.80 -135.95
N SER DC 95 56.49 -20.32 -136.90
CA SER DC 95 56.84 -19.14 -137.67
C SER DC 95 55.59 -18.32 -137.94
N SER DC 96 55.80 -17.03 -138.19
CA SER DC 96 54.71 -16.11 -138.51
C SER DC 96 55.23 -15.06 -139.48
N ILE DC 97 54.37 -14.70 -140.44
CA ILE DC 97 54.71 -13.72 -141.48
C ILE DC 97 53.60 -12.69 -141.53
N GLY DC 98 53.98 -11.42 -141.61
CA GLY DC 98 53.02 -10.34 -141.76
C GLY DC 98 53.43 -9.36 -142.83
N LEU DC 99 52.60 -9.20 -143.86
CA LEU DC 99 52.87 -8.31 -144.99
C LEU DC 99 51.79 -7.26 -145.06
N GLN DC 100 52.20 -6.00 -145.23
CA GLN DC 100 51.26 -4.90 -145.39
C GLN DC 100 51.71 -4.00 -146.53
N ILE DC 101 50.80 -3.70 -147.45
CA ILE DC 101 51.05 -2.75 -148.53
C ILE DC 101 50.05 -1.62 -148.34
N LEU DC 102 50.51 -0.51 -147.76
CA LEU DC 102 49.73 0.71 -147.54
C LEU DC 102 48.48 0.34 -146.75
N LYS DC 103 47.30 0.81 -147.14
CA LYS DC 103 46.04 0.34 -146.59
C LYS DC 103 45.27 -0.49 -147.62
N HIS DC 104 45.98 -1.06 -148.60
CA HIS DC 104 45.37 -1.83 -149.67
C HIS DC 104 45.57 -3.33 -149.53
N PHE DC 105 46.69 -3.78 -148.98
CA PHE DC 105 46.94 -5.21 -148.82
C PHE DC 105 47.38 -5.49 -147.39
N ASP DC 106 46.86 -6.57 -146.80
CA ASP DC 106 47.24 -6.94 -145.44
C ASP DC 106 47.09 -8.45 -145.29
N SER DC 107 48.20 -9.17 -145.23
CA SER DC 107 48.18 -10.62 -145.10
C SER DC 107 48.93 -11.04 -143.84
N GLY DC 108 48.36 -11.97 -143.10
CA GLY DC 108 49.01 -12.54 -141.93
C GLY DC 108 48.93 -14.05 -141.92
N ALA DC 109 50.08 -14.71 -141.96
CA ALA DC 109 50.15 -16.16 -141.98
C ALA DC 109 50.96 -16.65 -140.79
N LYS DC 110 50.70 -17.88 -140.38
CA LYS DC 110 51.45 -18.47 -139.28
C LYS DC 110 51.37 -19.98 -139.40
N GLY DC 111 52.42 -20.65 -138.94
CA GLY DC 111 52.49 -22.09 -139.00
C GLY DC 111 53.25 -22.64 -137.82
N SER DC 112 52.96 -23.88 -137.47
CA SER DC 112 53.64 -24.56 -136.37
C SER DC 112 53.69 -26.05 -136.66
N LYS DC 113 54.71 -26.70 -136.12
CA LYS DC 113 54.92 -28.12 -136.33
C LYS DC 113 55.62 -28.72 -135.12
N ASN DC 114 55.15 -29.89 -134.70
CA ASN DC 114 55.73 -30.62 -133.57
C ASN DC 114 55.87 -32.08 -133.98
N PHE DC 115 57.10 -32.58 -133.96
CA PHE DC 115 57.43 -33.92 -134.44
C PHE DC 115 58.22 -34.65 -133.37
N ILE DC 116 57.76 -35.85 -133.00
CA ILE DC 116 58.37 -36.62 -131.93
C ILE DC 116 58.61 -38.05 -132.43
N THR DC 117 59.80 -38.57 -132.16
CA THR DC 117 60.18 -39.91 -132.59
C THR DC 117 60.84 -40.66 -131.44
N SER DC 118 60.55 -41.95 -131.32
CA SER DC 118 61.17 -42.80 -130.32
C SER DC 118 61.41 -44.18 -130.91
N ALA DC 119 62.64 -44.67 -130.78
CA ALA DC 119 63.01 -45.99 -131.29
C ALA DC 119 63.69 -46.79 -130.19
N SER DC 120 63.17 -47.97 -129.91
CA SER DC 120 63.73 -48.87 -128.89
C SER DC 120 64.11 -50.16 -129.60
N LEU DC 121 65.41 -50.32 -129.86
CA LEU DC 121 65.94 -51.48 -130.55
C LEU DC 121 66.45 -52.57 -129.62
N GLY DC 122 66.52 -52.31 -128.32
CA GLY DC 122 66.97 -53.33 -127.39
C GLY DC 122 68.40 -53.75 -127.66
N THR DC 123 68.58 -55.05 -127.86
CA THR DC 123 69.90 -55.63 -128.10
C THR DC 123 69.99 -56.08 -129.56
N VAL DC 124 71.12 -55.79 -130.20
CA VAL DC 124 71.38 -56.19 -131.58
C VAL DC 124 72.52 -57.19 -131.57
N VAL DC 125 72.31 -58.33 -132.23
CA VAL DC 125 73.32 -59.37 -132.34
C VAL DC 125 73.78 -59.46 -133.79
N LYS DC 126 74.89 -60.14 -134.00
CA LYS DC 126 75.46 -60.36 -135.32
C LYS DC 126 75.56 -61.86 -135.56
N ALA DC 127 75.11 -62.29 -136.73
CA ALA DC 127 75.13 -63.69 -137.14
C ALA DC 127 76.00 -63.84 -138.37
N GLU DC 128 76.83 -64.88 -138.37
CA GLU DC 128 77.80 -65.10 -139.43
C GLU DC 128 78.22 -66.56 -139.42
N THR DC 129 78.81 -66.99 -140.54
CA THR DC 129 79.29 -68.36 -140.66
C THR DC 129 80.35 -68.65 -139.60
N ILE DC 130 80.35 -69.87 -139.10
CA ILE DC 130 81.34 -70.26 -138.08
C ILE DC 130 82.75 -70.17 -138.65
N ASP DC 131 82.95 -70.66 -139.87
CA ASP DC 131 84.23 -70.59 -140.54
C ASP DC 131 84.01 -70.11 -141.97
N ILE DC 132 84.57 -68.94 -142.28
CA ILE DC 132 84.41 -68.37 -143.62
C ILE DC 132 85.49 -68.86 -144.57
N THR DC 133 86.67 -69.22 -144.05
CA THR DC 133 87.75 -69.68 -144.91
C THR DC 133 87.38 -70.96 -145.64
N LYS DC 134 86.73 -71.90 -144.95
CA LYS DC 134 86.30 -73.14 -145.60
C LYS DC 134 85.27 -72.85 -146.68
N VAL DC 135 84.32 -71.97 -146.39
CA VAL DC 135 83.31 -71.61 -147.39
C VAL DC 135 83.97 -71.00 -148.61
N LEU DC 136 84.92 -70.10 -148.40
CA LEU DC 136 85.61 -69.47 -149.53
C LEU DC 136 86.39 -70.50 -150.34
N ALA DC 137 87.09 -71.41 -149.67
CA ALA DC 137 87.85 -72.43 -150.39
C ALA DC 137 86.92 -73.30 -151.25
N LYS DC 138 85.83 -73.77 -150.65
CA LYS DC 138 84.89 -74.60 -151.39
C LYS DC 138 84.27 -73.85 -152.56
N VAL DC 139 83.94 -72.57 -152.35
CA VAL DC 139 83.40 -71.76 -153.45
C VAL DC 139 84.40 -71.71 -154.60
N ARG DC 140 85.66 -71.41 -154.28
CA ARG DC 140 86.67 -71.29 -155.32
C ARG DC 140 86.87 -72.61 -156.06
N THR DC 141 86.74 -73.74 -155.35
CA THR DC 141 86.91 -75.03 -155.99
C THR DC 141 85.61 -75.62 -156.53
N ALA DC 142 84.49 -74.93 -156.41
CA ALA DC 142 83.19 -75.45 -156.81
C ALA DC 142 82.66 -74.69 -158.02
N LYS DC 143 81.90 -75.38 -158.86
CA LYS DC 143 81.27 -74.79 -160.03
C LYS DC 143 79.80 -74.48 -159.77
N ALA DC 144 79.32 -73.41 -160.40
CA ALA DC 144 77.93 -72.99 -160.25
C ALA DC 144 76.99 -73.96 -160.97
N LYS DC 145 75.70 -73.80 -160.71
CA LYS DC 145 74.69 -74.65 -161.30
C LYS DC 145 74.46 -74.27 -162.76
N VAL DC 146 74.69 -75.22 -163.66
CA VAL DC 146 74.50 -74.95 -165.09
C VAL DC 146 73.03 -74.65 -165.39
N GLU DC 147 72.12 -75.36 -164.72
CA GLU DC 147 70.70 -75.14 -164.94
C GLU DC 147 70.27 -73.73 -164.58
N ASN DC 148 70.87 -73.14 -163.55
CA ASN DC 148 70.45 -71.83 -163.08
C ASN DC 148 70.57 -70.78 -164.17
N ASP DC 149 69.55 -69.95 -164.31
CA ASP DC 149 69.50 -68.90 -165.32
C ASP DC 149 70.14 -67.61 -164.84
N LEU DC 150 69.99 -67.29 -163.56
CA LEU DC 150 70.56 -66.06 -163.00
C LEU DC 150 72.08 -66.00 -163.22
N VAL DC 151 72.76 -67.12 -162.94
CA VAL DC 151 74.22 -67.16 -163.12
C VAL DC 151 74.59 -66.86 -164.56
N SER DC 152 73.88 -67.48 -165.52
CA SER DC 152 74.16 -67.24 -166.93
C SER DC 152 73.91 -65.79 -167.29
N ARG DC 153 72.82 -65.22 -166.80
CA ARG DC 153 72.53 -63.80 -167.06
C ARG DC 153 73.67 -62.93 -166.56
N VAL DC 154 74.11 -63.14 -165.32
CA VAL DC 154 75.19 -62.33 -164.75
C VAL DC 154 76.48 -62.55 -165.53
N MET DC 155 76.73 -63.76 -166.00
CA MET DC 155 77.94 -64.05 -166.78
C MET DC 155 77.92 -63.29 -168.10
N LYS DC 156 76.79 -63.31 -168.80
CA LYS DC 156 76.75 -62.66 -170.11
C LYS DC 156 76.73 -61.14 -169.99
N THR DC 157 76.09 -60.61 -168.95
CA THR DC 157 76.06 -59.17 -168.76
C THR DC 157 77.34 -58.70 -168.06
N LYS DC 158 77.68 -57.44 -168.30
CA LYS DC 158 78.88 -56.85 -167.71
C LYS DC 158 78.59 -55.98 -166.51
N ARG DC 159 77.41 -55.38 -166.43
CA ARG DC 159 77.09 -54.53 -165.28
C ARG DC 159 76.81 -55.36 -164.05
N LEU DC 160 76.10 -56.48 -164.21
CA LEU DC 160 75.66 -57.27 -163.08
C LEU DC 160 76.85 -57.97 -162.41
N CYS DC 161 76.82 -58.00 -161.08
CA CYS DC 161 77.81 -58.72 -160.29
C CYS DC 161 77.10 -59.50 -159.19
N LEU DC 162 77.74 -60.58 -158.74
CA LEU DC 162 77.17 -61.42 -157.68
C LEU DC 162 77.86 -61.13 -156.36
N GLY DC 163 77.08 -61.18 -155.28
CA GLY DC 163 77.61 -60.97 -153.95
C GLY DC 163 77.06 -61.95 -152.93
N LEU DC 164 77.94 -62.50 -152.10
CA LEU DC 164 77.57 -63.45 -151.06
C LEU DC 164 77.53 -62.71 -149.73
N VAL DC 165 76.39 -62.77 -149.05
CA VAL DC 165 76.25 -62.10 -147.75
C VAL DC 165 76.92 -62.94 -146.68
N VAL DC 166 77.74 -62.30 -145.85
CA VAL DC 166 78.57 -63.01 -144.89
C VAL DC 166 78.27 -62.67 -143.45
N GLU DC 167 77.63 -61.54 -143.15
CA GLU DC 167 77.29 -61.21 -141.77
C GLU DC 167 76.03 -60.35 -141.76
N THR DC 168 75.22 -60.54 -140.73
CA THR DC 168 73.94 -59.84 -140.64
C THR DC 168 73.68 -59.40 -139.20
N ALA DC 169 73.16 -58.19 -139.04
CA ALA DC 169 72.80 -57.66 -137.73
C ALA DC 169 71.29 -57.78 -137.55
N CYS DC 170 70.88 -58.44 -136.46
CA CYS DC 170 69.47 -58.73 -136.21
C CYS DC 170 69.12 -58.38 -134.77
N VAL DC 171 67.89 -57.93 -134.56
CA VAL DC 171 67.43 -57.59 -133.22
C VAL DC 171 67.14 -58.88 -132.44
N ALA DC 172 67.66 -58.95 -131.22
CA ALA DC 172 67.44 -60.14 -130.40
C ALA DC 172 66.00 -60.23 -129.91
N ALA DC 173 65.41 -59.09 -129.55
CA ALA DC 173 64.05 -59.04 -129.03
C ALA DC 173 63.23 -58.08 -129.86
N ALA DC 174 61.96 -57.92 -129.48
CA ALA DC 174 61.05 -57.06 -130.23
C ALA DC 174 61.50 -55.60 -130.14
N GLY DC 175 61.38 -54.89 -131.25
CA GLY DC 175 61.76 -53.48 -131.33
C GLY DC 175 60.55 -52.60 -131.55
N LYS DC 176 60.49 -51.49 -130.83
CA LYS DC 176 59.33 -50.61 -130.84
C LYS DC 176 59.66 -49.27 -131.49
N LEU DC 177 58.84 -48.85 -132.44
CA LEU DC 177 59.04 -47.59 -133.15
C LEU DC 177 57.77 -46.76 -133.05
N THR DC 178 57.89 -45.54 -132.51
CA THR DC 178 56.76 -44.66 -132.29
C THR DC 178 57.03 -43.28 -132.89
N GLU DC 179 56.02 -42.72 -133.55
CA GLU DC 179 56.13 -41.41 -134.19
C GLU DC 179 54.84 -40.63 -133.98
N ALA DC 180 54.98 -39.35 -133.66
CA ALA DC 180 53.84 -38.46 -133.48
C ALA DC 180 54.09 -37.16 -134.22
N ASP DC 181 53.07 -36.67 -134.93
CA ASP DC 181 53.16 -35.46 -135.73
C ASP DC 181 51.94 -34.60 -135.45
N ASN DC 182 52.15 -33.29 -135.26
CA ASN DC 182 51.06 -32.34 -135.07
C ASN DC 182 51.47 -31.04 -135.73
N TRP DC 183 50.82 -30.66 -136.82
CA TRP DC 183 51.17 -29.40 -137.46
C TRP DC 183 49.91 -28.62 -137.81
N GLU DC 184 50.07 -27.30 -137.91
CA GLU DC 184 48.94 -26.38 -138.03
C GLU DC 184 49.32 -25.18 -138.86
N ILE DC 185 48.39 -24.72 -139.70
CA ILE DC 185 48.56 -23.55 -140.56
C ILE DC 185 47.34 -22.64 -140.37
N SER DC 186 47.59 -21.35 -140.18
CA SER DC 186 46.53 -20.36 -140.08
C SER DC 186 46.89 -19.14 -140.91
N GLY DC 187 46.09 -18.84 -141.93
CA GLY DC 187 46.36 -17.74 -142.82
C GLY DC 187 45.17 -16.82 -142.96
N HIS DC 188 45.46 -15.55 -143.23
CA HIS DC 188 44.44 -14.52 -143.37
C HIS DC 188 44.90 -13.51 -144.41
N THR DC 189 43.96 -13.07 -145.24
CA THR DC 189 44.24 -12.13 -146.33
C THR DC 189 43.15 -11.07 -146.36
N ASN DC 190 43.55 -9.80 -146.51
CA ASN DC 190 42.62 -8.68 -146.60
C ASN DC 190 43.08 -7.79 -147.75
N ALA DC 191 42.31 -7.78 -148.82
CA ALA DC 191 42.56 -6.92 -149.98
C ALA DC 191 41.49 -5.83 -149.98
N ASN DC 192 41.88 -4.61 -149.60
CA ASN DC 192 40.98 -3.47 -149.57
C ASN DC 192 41.25 -2.59 -150.78
N ILE DC 193 40.20 -2.36 -151.58
CA ILE DC 193 40.28 -1.50 -152.75
C ILE DC 193 39.14 -0.49 -152.64
N GLY DC 194 39.24 0.59 -153.43
CA GLY DC 194 38.26 1.64 -153.36
C GLY DC 194 36.83 1.16 -153.61
N GLU DC 195 36.67 0.15 -154.47
CA GLU DC 195 35.35 -0.38 -154.79
C GLU DC 195 35.24 -1.87 -154.50
N ALA DC 196 36.22 -2.48 -153.82
CA ALA DC 196 36.18 -3.90 -153.54
C ALA DC 196 36.87 -4.17 -152.22
N VAL DC 197 36.27 -5.05 -151.42
CA VAL DC 197 36.85 -5.50 -150.15
C VAL DC 197 36.77 -7.02 -150.11
N VAL DC 198 37.91 -7.68 -149.95
CA VAL DC 198 37.99 -9.13 -149.89
C VAL DC 198 38.67 -9.51 -148.58
N THR DC 199 38.04 -10.41 -147.82
CA THR DC 199 38.57 -10.89 -146.54
C THR DC 199 38.48 -12.40 -146.52
N ALA DC 200 39.63 -13.07 -146.64
CA ALA DC 200 39.71 -14.52 -146.66
C ALA DC 200 40.48 -15.02 -145.44
N THR DC 201 40.10 -16.20 -144.96
CA THR DC 201 40.73 -16.80 -143.79
C THR DC 201 40.69 -18.31 -143.95
N ALA DC 202 41.79 -18.98 -143.57
CA ALA DC 202 41.86 -20.44 -143.67
C ALA DC 202 42.69 -21.00 -142.53
N GLU DC 203 42.12 -21.97 -141.81
CA GLU DC 203 42.81 -22.64 -140.72
C GLU DC 203 42.73 -24.14 -140.92
N LEU DC 204 43.85 -24.83 -140.70
CA LEU DC 204 43.83 -26.28 -140.73
C LEU DC 204 44.92 -26.83 -139.82
N ASP DC 205 44.76 -28.09 -139.42
CA ASP DC 205 45.73 -28.74 -138.56
C ASP DC 205 45.58 -30.25 -138.69
N LYS DC 206 46.71 -30.94 -138.79
CA LYS DC 206 46.74 -32.39 -138.96
C LYS DC 206 47.51 -33.02 -137.81
N ASN DC 207 46.99 -34.14 -137.31
CA ASN DC 207 47.60 -34.91 -136.24
C ASN DC 207 47.70 -36.37 -136.66
N LEU DC 208 48.88 -36.95 -136.53
CA LEU DC 208 49.14 -38.34 -136.88
C LEU DC 208 49.94 -39.02 -135.78
N SER DC 209 49.76 -40.33 -135.66
CA SER DC 209 50.53 -41.13 -134.70
C SER DC 209 50.63 -42.55 -135.22
N ARG DC 210 51.86 -43.05 -135.34
CA ARG DC 210 52.11 -44.39 -135.85
C ARG DC 210 53.02 -45.13 -134.88
N LYS DC 211 52.60 -46.33 -134.47
CA LYS DC 211 53.37 -47.13 -133.52
C LYS DC 211 53.40 -48.57 -134.01
N ILE DC 212 54.62 -49.10 -134.23
CA ILE DC 212 54.79 -50.46 -134.73
C ILE DC 212 55.83 -51.18 -133.87
N GLU DC 213 55.88 -52.50 -134.05
CA GLU DC 213 56.79 -53.35 -133.27
C GLU DC 213 57.30 -54.47 -134.18
N ILE DC 214 58.56 -54.38 -134.56
CA ILE DC 214 59.20 -55.44 -135.35
C ILE DC 214 59.51 -56.63 -134.45
N PRO DC 215 59.33 -57.85 -134.94
CA PRO DC 215 59.52 -59.03 -134.10
C PRO DC 215 60.99 -59.42 -134.01
N PRO DC 216 61.36 -60.28 -133.06
CA PRO DC 216 62.75 -60.72 -132.97
C PRO DC 216 63.20 -61.44 -134.24
N GLY DC 217 64.47 -61.24 -134.59
CA GLY DC 217 65.06 -61.86 -135.75
C GLY DC 217 65.08 -60.99 -136.99
N THR DC 218 64.43 -59.83 -136.96
CA THR DC 218 64.40 -58.96 -138.13
C THR DC 218 65.80 -58.42 -138.42
N ALA DC 219 66.24 -58.56 -139.67
CA ALA DC 219 67.56 -58.10 -140.07
C ALA DC 219 67.57 -56.58 -140.19
N LEU DC 220 68.71 -55.98 -139.85
CA LEU DC 220 68.89 -54.54 -139.94
C LEU DC 220 69.91 -54.11 -140.96
N ALA DC 221 71.05 -54.80 -141.04
CA ALA DC 221 72.12 -54.43 -141.95
C ALA DC 221 72.96 -55.66 -142.27
N TYR DC 222 73.77 -55.54 -143.31
CA TYR DC 222 74.53 -56.69 -143.78
C TYR DC 222 75.78 -56.22 -144.51
N SER DC 223 76.71 -57.15 -144.70
CA SER DC 223 77.91 -56.94 -145.50
C SER DC 223 78.11 -58.15 -146.39
N PHE DC 224 78.69 -57.92 -147.57
CA PHE DC 224 78.80 -58.99 -148.56
C PHE DC 224 80.15 -58.93 -149.25
N MET DC 225 80.52 -60.06 -149.85
CA MET DC 225 81.75 -60.21 -150.60
C MET DC 225 81.44 -60.49 -152.07
N ASP DC 226 82.21 -59.87 -152.96
CA ASP DC 226 81.93 -59.99 -154.39
C ASP DC 226 82.38 -61.33 -154.93
N LEU DC 227 81.83 -61.70 -156.09
CA LEU DC 227 82.16 -62.94 -156.78
C LEU DC 227 82.32 -62.66 -158.27
N GLU DC 228 82.82 -63.67 -158.98
CA GLU DC 228 83.06 -63.55 -160.41
C GLU DC 228 82.89 -64.91 -161.06
N ILE DC 229 82.05 -64.96 -162.09
CA ILE DC 229 81.81 -66.20 -162.85
C ILE DC 229 82.93 -66.36 -163.87
N LEU DC 230 83.62 -67.50 -163.83
CA LEU DC 230 84.60 -67.81 -164.85
C LEU DC 230 83.90 -68.12 -166.18
N GLU DC 231 84.69 -68.40 -167.22
CA GLU DC 231 84.13 -68.87 -168.47
C GLU DC 231 83.28 -70.11 -168.25
N ASP DC 232 83.80 -71.06 -167.47
CA ASP DC 232 83.02 -72.21 -167.05
C ASP DC 232 82.09 -71.82 -165.90
N ARG DC 233 81.40 -72.81 -165.34
CA ARG DC 233 80.55 -72.57 -164.18
C ARG DC 233 81.34 -72.27 -162.91
N SER DC 234 82.66 -72.38 -162.96
CA SER DC 234 83.49 -72.11 -161.79
C SER DC 234 83.31 -70.67 -161.31
N LEU DC 235 83.43 -70.50 -159.99
CA LEU DC 235 83.30 -69.19 -159.35
C LEU DC 235 84.61 -68.82 -158.67
N ARG DC 236 84.89 -67.51 -158.66
CA ARG DC 236 86.09 -66.98 -158.02
C ARG DC 236 85.70 -65.79 -157.15
N VAL DC 237 86.55 -65.48 -156.18
CA VAL DC 237 86.31 -64.33 -155.31
C VAL DC 237 87.17 -63.18 -155.79
N SER DC 238 86.62 -61.97 -155.73
CA SER DC 238 87.29 -60.78 -156.22
C SER DC 238 87.40 -59.73 -155.12
N SER DC 239 88.54 -59.06 -155.07
CA SER DC 239 88.81 -58.07 -154.03
C SER DC 239 89.25 -56.76 -154.68
N SER DC 240 88.46 -55.71 -154.49
CA SER DC 240 88.84 -54.38 -154.94
C SER DC 240 89.84 -53.80 -153.97
N ALA DC 241 91.11 -53.72 -154.39
CA ALA DC 241 92.22 -53.26 -153.54
C ALA DC 241 92.33 -54.13 -152.28
N GLY DC 242 91.99 -55.40 -152.38
CA GLY DC 242 92.09 -56.31 -151.26
C GLY DC 242 91.07 -56.11 -150.17
N ALA DC 243 89.97 -55.40 -150.45
CA ALA DC 243 88.98 -55.13 -149.42
C ALA DC 243 88.29 -56.41 -148.96
N MET DC 244 87.76 -57.19 -149.90
CA MET DC 244 87.00 -58.41 -149.63
C MET DC 244 85.80 -58.15 -148.73
N PHE DC 245 85.37 -56.90 -148.61
CA PHE DC 245 84.19 -56.53 -147.82
C PHE DC 245 83.56 -55.32 -148.50
N ASP DC 246 82.51 -55.56 -149.27
CA ASP DC 246 81.88 -54.50 -150.05
C ASP DC 246 80.65 -53.99 -149.30
N SER DC 247 80.56 -52.66 -149.17
CA SER DC 247 79.46 -52.01 -148.50
C SER DC 247 78.55 -51.27 -149.47
N GLY DC 248 78.62 -51.61 -150.75
CA GLY DC 248 77.82 -50.90 -151.74
C GLY DC 248 78.18 -49.44 -151.86
N LYS DC 249 79.48 -49.12 -151.78
CA LYS DC 249 79.95 -47.74 -151.83
C LYS DC 249 80.54 -47.45 -153.20
N ALA DC 250 80.46 -46.18 -153.59
CA ALA DC 250 81.04 -45.75 -154.85
C ALA DC 250 82.56 -45.85 -154.80
N GLU DC 251 83.16 -46.08 -155.97
CA GLU DC 251 84.62 -46.20 -156.03
C GLU DC 251 85.31 -44.92 -155.62
N SER DC 252 84.78 -43.77 -156.05
CA SER DC 252 85.32 -42.46 -155.72
C SER DC 252 86.79 -42.33 -156.11
CA ARG EC 3 80.95 -37.72 -135.00
C ARG EC 3 80.37 -38.85 -134.17
N PRO EC 4 80.57 -40.09 -134.61
CA PRO EC 4 80.05 -41.24 -133.86
C PRO EC 4 80.66 -41.29 -132.46
N MET EC 5 79.83 -41.71 -131.49
CA MET EC 5 80.29 -41.81 -130.11
C MET EC 5 81.41 -42.83 -129.98
N PHE EC 6 81.32 -43.95 -130.70
CA PHE EC 6 82.39 -44.94 -130.64
C PHE EC 6 83.70 -44.36 -131.14
N ALA EC 7 83.66 -43.62 -132.25
CA ALA EC 7 84.89 -43.00 -132.76
C ALA EC 7 85.44 -41.98 -131.79
N VAL EC 8 84.56 -41.18 -131.17
CA VAL EC 8 85.02 -40.18 -130.21
C VAL EC 8 85.69 -40.86 -129.01
N ALA EC 9 85.06 -41.92 -128.50
CA ALA EC 9 85.63 -42.63 -127.36
C ALA EC 9 86.95 -43.29 -127.72
N VAL EC 10 87.05 -43.84 -128.94
CA VAL EC 10 88.30 -44.45 -129.37
C VAL EC 10 89.40 -43.40 -129.44
N ASN EC 11 89.09 -42.22 -129.97
CA ASN EC 11 90.09 -41.15 -130.03
C ASN EC 11 90.50 -40.71 -128.64
N GLU EC 12 89.54 -40.58 -127.72
CA GLU EC 12 89.87 -40.20 -126.34
C GLU EC 12 90.79 -41.23 -125.70
N PHE EC 13 90.47 -42.50 -125.87
CA PHE EC 13 91.30 -43.56 -125.28
C PHE EC 13 92.70 -43.55 -125.89
N ILE EC 14 92.79 -43.44 -127.21
CA ILE EC 14 94.10 -43.50 -127.85
C ILE EC 14 94.93 -42.29 -127.50
N ARG EC 15 94.30 -41.13 -127.27
CA ARG EC 15 95.05 -39.97 -126.80
C ARG EC 15 95.54 -40.15 -125.38
N SER EC 16 94.65 -40.60 -124.48
CA SER EC 16 95.03 -40.75 -123.07
C SER EC 16 96.13 -41.79 -122.90
N ALA EC 17 96.02 -42.92 -123.61
CA ALA EC 17 97.01 -43.98 -123.53
C ALA EC 17 97.38 -44.43 -124.93
N GLY EC 18 98.68 -44.62 -125.16
CA GLY EC 18 99.14 -45.11 -126.45
C GLY EC 18 98.90 -44.18 -127.61
N GLN EC 19 99.23 -42.89 -127.44
CA GLN EC 19 99.07 -41.94 -128.53
C GLN EC 19 99.96 -42.31 -129.71
N ASP EC 20 101.06 -42.99 -129.47
CA ASP EC 20 101.93 -43.48 -130.53
C ASP EC 20 101.82 -45.00 -130.62
N SER EC 21 102.08 -45.51 -131.83
CA SER EC 21 102.06 -46.95 -132.11
C SER EC 21 100.70 -47.57 -131.77
N LEU EC 22 99.64 -46.94 -132.24
CA LEU EC 22 98.29 -47.43 -132.00
C LEU EC 22 97.36 -46.88 -133.08
N CYS EC 23 96.50 -47.73 -133.60
CA CYS EC 23 95.57 -47.37 -134.67
C CYS EC 23 94.13 -47.54 -134.17
N GLY EC 24 93.32 -46.50 -134.36
CA GLY EC 24 91.93 -46.57 -133.95
C GLY EC 24 91.14 -47.58 -134.77
N VAL EC 25 90.06 -48.07 -134.17
CA VAL EC 25 89.16 -49.02 -134.81
C VAL EC 25 88.08 -48.25 -135.56
N PRO EC 26 87.83 -48.56 -136.84
CA PRO EC 26 86.87 -47.77 -137.60
C PRO EC 26 85.44 -47.82 -137.07
N ASP EC 27 84.95 -49.01 -136.70
CA ASP EC 27 83.58 -49.12 -136.23
C ASP EC 27 83.41 -50.37 -135.40
N ILE EC 28 82.30 -50.43 -134.67
CA ILE EC 28 82.03 -51.54 -133.77
C ILE EC 28 81.91 -52.84 -134.56
N ASN EC 29 81.25 -52.80 -135.71
CA ASN EC 29 81.05 -54.01 -136.50
C ASN EC 29 82.37 -54.62 -136.93
N SER EC 30 83.31 -53.80 -137.38
CA SER EC 30 84.60 -54.28 -137.85
C SER EC 30 85.64 -54.35 -136.74
N SER EC 31 85.27 -54.03 -135.50
CA SER EC 31 86.21 -54.12 -134.39
C SER EC 31 86.71 -55.55 -134.21
N GLY EC 32 85.84 -56.53 -134.42
CA GLY EC 32 86.23 -57.92 -134.19
C GLY EC 32 87.18 -58.50 -135.20
N ASP EC 33 87.45 -57.79 -136.29
CA ASP EC 33 88.36 -58.26 -137.31
C ASP EC 33 89.80 -57.81 -137.09
N PHE EC 34 90.08 -57.11 -136.00
CA PHE EC 34 91.41 -56.60 -135.71
C PHE EC 34 92.00 -57.25 -134.45
N MET EC 35 91.66 -58.51 -134.22
CA MET EC 35 92.26 -59.27 -133.14
C MET EC 35 93.67 -59.71 -133.53
N PRO EC 36 94.50 -60.10 -132.56
CA PRO EC 36 95.88 -60.48 -132.88
C PRO EC 36 95.93 -61.65 -133.87
N LEU EC 37 96.99 -61.65 -134.67
CA LEU EC 37 97.23 -62.66 -135.70
C LEU EC 37 96.17 -62.59 -136.79
N HIS EC 38 95.89 -61.38 -137.26
CA HIS EC 38 95.00 -61.14 -138.38
C HIS EC 38 95.74 -60.39 -139.47
N ILE EC 39 95.41 -60.69 -140.72
CA ILE EC 39 96.03 -60.06 -141.88
C ILE EC 39 95.20 -58.86 -142.28
N ILE EC 40 95.87 -57.73 -142.55
CA ILE EC 40 95.23 -56.52 -143.04
C ILE EC 40 96.01 -56.03 -144.25
N VAL EC 41 95.36 -55.20 -145.06
CA VAL EC 41 95.95 -54.65 -146.27
C VAL EC 41 96.12 -53.16 -146.11
N LYS EC 42 97.29 -52.65 -146.48
CA LYS EC 42 97.59 -51.23 -146.40
C LYS EC 42 97.76 -50.66 -147.80
N GLU EC 43 97.09 -49.55 -148.08
CA GLU EC 43 97.12 -48.88 -149.37
C GLU EC 43 97.73 -47.50 -149.19
N VAL EC 44 98.70 -47.17 -150.04
CA VAL EC 44 99.40 -45.90 -149.97
C VAL EC 44 98.48 -44.77 -150.45
N PRO EC 45 98.67 -43.54 -149.98
CA PRO EC 45 97.80 -42.44 -150.44
C PRO EC 45 97.84 -42.20 -151.93
N LYS EC 46 98.99 -42.41 -152.58
CA LYS EC 46 99.23 -42.22 -154.00
C LYS EC 46 99.20 -40.76 -154.43
N VAL EC 47 98.93 -39.83 -153.51
CA VAL EC 47 98.91 -38.41 -153.84
C VAL EC 47 99.99 -37.71 -153.03
N LEU EC 48 99.89 -37.79 -151.71
CA LEU EC 48 100.87 -37.22 -150.79
C LEU EC 48 101.22 -38.31 -149.78
N PRO EC 49 102.03 -39.30 -150.20
CA PRO EC 49 102.34 -40.41 -149.28
C PRO EC 49 103.01 -39.98 -147.99
N CYS EC 50 103.88 -38.96 -148.04
CA CYS EC 50 104.56 -38.49 -146.85
C CYS EC 50 103.72 -37.52 -146.03
N CYS EC 51 102.58 -37.06 -146.56
CA CYS EC 51 101.73 -36.10 -145.86
C CYS EC 51 100.39 -36.67 -145.43
N ARG EC 52 99.98 -37.82 -145.95
CA ARG EC 52 98.68 -38.41 -145.65
C ARG EC 52 98.87 -39.81 -145.12
N ARG EC 53 98.09 -40.17 -144.10
CA ARG EC 53 98.16 -41.51 -143.55
C ARG EC 53 97.53 -42.52 -144.51
N PRO EC 54 98.06 -43.74 -144.57
CA PRO EC 54 97.54 -44.73 -145.53
C PRO EC 54 96.16 -45.24 -145.17
N LYS EC 55 95.61 -46.11 -146.01
CA LYS EC 55 94.28 -46.67 -145.82
C LYS EC 55 94.39 -48.13 -145.42
N ILE EC 56 93.68 -48.53 -144.39
CA ILE EC 56 93.76 -49.87 -143.82
C ILE EC 56 92.46 -50.62 -144.12
N LYS EC 57 92.58 -51.81 -144.68
CA LYS EC 57 91.46 -52.64 -145.09
C LYS EC 57 91.53 -53.96 -144.34
N ARG EC 58 90.42 -54.36 -143.73
CA ARG EC 58 90.35 -55.63 -143.03
C ARG EC 58 90.12 -56.77 -144.01
N THR EC 59 90.61 -57.95 -143.63
CA THR EC 59 90.45 -59.15 -144.44
C THR EC 59 90.01 -60.30 -143.55
N PRO EC 60 89.25 -61.26 -144.09
CA PRO EC 60 88.81 -62.42 -143.31
C PRO EC 60 89.81 -63.56 -143.34
N TYR EC 61 91.04 -63.27 -142.89
CA TYR EC 61 92.11 -64.25 -142.91
C TYR EC 61 92.91 -64.18 -141.62
N THR EC 62 93.43 -65.32 -141.21
CA THR EC 62 94.40 -65.41 -140.13
C THR EC 62 95.75 -65.85 -140.70
N LEU EC 63 96.77 -65.81 -139.85
CA LEU EC 63 98.11 -66.17 -140.31
C LEU EC 63 98.17 -67.62 -140.75
N ASN EC 64 97.55 -68.52 -139.99
CA ASN EC 64 97.60 -69.94 -140.33
C ASN EC 64 96.86 -70.22 -141.64
N ASP EC 65 95.76 -69.50 -141.89
CA ASP EC 65 95.05 -69.68 -143.15
C ASP EC 65 95.85 -69.13 -144.32
N ILE EC 66 96.49 -67.96 -144.14
CA ILE EC 66 97.21 -67.35 -145.24
C ILE EC 66 98.51 -68.10 -145.53
N LEU EC 67 99.05 -68.82 -144.55
CA LEU EC 67 100.31 -69.52 -144.71
C LEU EC 67 100.09 -71.01 -144.98
N ASP EC 68 100.88 -71.57 -145.89
CA ASP EC 68 100.87 -73.00 -146.11
C ASP EC 68 101.30 -73.75 -144.85
N GLU EC 69 102.35 -73.26 -144.18
CA GLU EC 69 102.84 -73.89 -142.97
C GLU EC 69 102.26 -73.19 -141.76
N PRO EC 70 101.59 -73.90 -140.85
CA PRO EC 70 101.00 -73.24 -139.68
C PRO EC 70 102.05 -72.78 -138.69
N CYS EC 71 101.64 -71.85 -137.84
CA CYS EC 71 102.46 -71.26 -136.80
C CYS EC 71 101.71 -71.34 -135.48
N PRO EC 72 102.42 -71.34 -134.35
CA PRO EC 72 101.74 -71.28 -133.05
C PRO EC 72 100.92 -70.01 -132.93
N ASN EC 73 99.76 -70.13 -132.28
CA ASN EC 73 98.80 -69.03 -132.24
C ASN EC 73 98.24 -68.76 -130.84
N GLN EC 74 98.87 -69.29 -129.79
CA GLN EC 74 98.37 -69.05 -128.44
C GLN EC 74 98.51 -67.58 -128.07
N LEU EC 75 97.57 -67.11 -127.25
CA LEU EC 75 97.50 -65.70 -126.87
C LEU EC 75 97.53 -65.56 -125.36
N LYS EC 76 97.70 -64.32 -124.91
CA LYS EC 76 97.66 -63.97 -123.49
C LYS EC 76 97.21 -62.53 -123.36
N SER EC 77 96.59 -62.21 -122.24
CA SER EC 77 96.06 -60.88 -122.00
C SER EC 77 96.50 -60.39 -120.62
N SER EC 78 96.65 -59.06 -120.52
CA SER EC 78 97.05 -58.43 -119.27
C SER EC 78 96.50 -57.01 -119.24
N ASP EC 79 96.34 -56.48 -118.03
CA ASP EC 79 95.74 -55.16 -117.88
C ASP EC 79 96.63 -54.07 -118.47
N LEU EC 80 95.98 -53.05 -119.03
CA LEU EC 80 96.69 -51.94 -119.65
C LEU EC 80 96.42 -50.61 -118.97
N VAL EC 81 95.15 -50.24 -118.80
CA VAL EC 81 94.77 -48.97 -118.17
C VAL EC 81 93.37 -49.14 -117.58
N THR EC 82 93.03 -48.26 -116.65
CA THR EC 82 91.77 -48.33 -115.93
C THR EC 82 91.21 -46.91 -115.77
N PHE EC 83 90.07 -46.65 -116.38
CA PHE EC 83 89.37 -45.38 -116.25
C PHE EC 83 88.44 -45.47 -115.04
N THR EC 84 88.89 -44.91 -113.92
CA THR EC 84 88.11 -45.04 -112.68
C THR EC 84 86.79 -44.30 -112.76
N GLU EC 85 86.77 -43.14 -113.42
CA GLU EC 85 85.56 -42.35 -113.53
C GLU EC 85 85.28 -42.02 -114.99
N PRO EC 86 84.00 -41.84 -115.34
CA PRO EC 86 83.67 -41.57 -116.74
C PRO EC 86 84.27 -40.27 -117.25
N LEU EC 87 84.69 -40.28 -118.51
CA LEU EC 87 85.08 -39.05 -119.19
C LEU EC 87 83.84 -38.23 -119.48
N VAL EC 88 83.77 -37.02 -118.93
CA VAL EC 88 82.60 -36.16 -119.02
C VAL EC 88 83.00 -34.89 -119.74
N SER EC 89 82.20 -34.48 -120.72
CA SER EC 89 82.44 -33.27 -121.49
C SER EC 89 81.16 -32.46 -121.59
N ASN EC 90 81.28 -31.15 -121.40
CA ASN EC 90 80.16 -30.23 -121.50
C ASN EC 90 80.55 -29.04 -122.38
N VAL EC 91 79.68 -28.67 -123.30
CA VAL EC 91 79.85 -27.49 -124.14
C VAL EC 91 78.54 -26.71 -124.10
N LYS EC 92 78.63 -25.41 -123.91
CA LYS EC 92 77.45 -24.56 -123.83
C LYS EC 92 77.76 -23.25 -124.52
N ALA EC 93 77.08 -23.00 -125.64
CA ALA EC 93 77.28 -21.78 -126.42
C ALA EC 93 75.97 -21.01 -126.53
N SER EC 94 76.07 -19.70 -126.58
CA SER EC 94 74.90 -18.84 -126.73
C SER EC 94 75.33 -17.53 -127.37
N SER EC 95 74.63 -17.11 -128.42
CA SER EC 95 75.00 -15.91 -129.15
C SER EC 95 73.74 -15.17 -129.59
N SER EC 96 73.90 -13.87 -129.82
CA SER EC 96 72.80 -13.02 -130.29
C SER EC 96 73.37 -11.95 -131.20
N ILE EC 97 72.63 -11.64 -132.26
CA ILE EC 97 73.03 -10.65 -133.25
C ILE EC 97 71.86 -9.69 -133.46
N GLY EC 98 72.18 -8.39 -133.50
CA GLY EC 98 71.18 -7.38 -133.79
C GLY EC 98 71.65 -6.38 -134.82
N LEU EC 99 70.95 -6.28 -135.94
CA LEU EC 99 71.32 -5.38 -137.04
C LEU EC 99 70.19 -4.39 -137.25
N GLN EC 100 70.52 -3.12 -137.39
CA GLN EC 100 69.55 -2.08 -137.68
C GLN EC 100 70.09 -1.15 -138.76
N ILE EC 101 69.28 -0.92 -139.79
CA ILE EC 101 69.60 0.04 -140.84
C ILE EC 101 68.51 1.11 -140.79
N LEU EC 102 68.84 2.24 -140.17
CA LEU EC 102 67.96 3.42 -140.06
C LEU EC 102 66.65 2.97 -139.44
N LYS EC 103 65.49 3.36 -139.97
CA LYS EC 103 64.20 2.80 -139.60
C LYS EC 103 63.63 1.92 -140.70
N HIS EC 104 64.49 1.40 -141.57
CA HIS EC 104 64.08 0.59 -142.70
C HIS EC 104 64.35 -0.90 -142.52
N PHE EC 105 65.42 -1.27 -141.82
CA PHE EC 105 65.73 -2.68 -141.62
C PHE EC 105 66.01 -2.93 -140.14
N ASP EC 106 65.48 -4.03 -139.62
CA ASP EC 106 65.71 -4.38 -138.20
C ASP EC 106 65.64 -5.89 -138.06
N SER EC 107 66.77 -6.54 -137.86
CA SER EC 107 66.84 -7.98 -137.71
C SER EC 107 67.44 -8.35 -136.36
N GLY EC 108 66.84 -9.32 -135.69
CA GLY EC 108 67.37 -9.83 -134.44
C GLY EC 108 67.40 -11.35 -134.42
N ALA EC 109 68.58 -11.94 -134.32
CA ALA EC 109 68.73 -13.38 -134.31
C ALA EC 109 69.42 -13.81 -133.02
N LYS EC 110 69.18 -15.05 -132.62
CA LYS EC 110 69.83 -15.60 -131.44
C LYS EC 110 69.86 -17.10 -131.54
N GLY EC 111 70.89 -17.70 -130.95
CA GLY EC 111 71.05 -19.14 -130.99
C GLY EC 111 71.69 -19.63 -129.71
N SER EC 112 71.43 -20.89 -129.39
CA SER EC 112 72.01 -21.51 -128.20
C SER EC 112 72.19 -23.00 -128.46
N LYS EC 113 73.18 -23.58 -127.79
CA LYS EC 113 73.50 -24.99 -127.96
C LYS EC 113 74.07 -25.53 -126.65
N ASN EC 114 73.63 -26.73 -126.29
CA ASN EC 114 74.11 -27.42 -125.09
C ASN EC 114 74.39 -28.87 -125.46
N PHE EC 115 75.64 -29.29 -125.29
CA PHE EC 115 76.11 -30.61 -125.70
C PHE EC 115 76.81 -31.28 -124.53
N ILE EC 116 76.37 -32.50 -124.21
CA ILE EC 116 76.90 -33.23 -123.06
C ILE EC 116 77.29 -34.64 -123.51
N THR EC 117 78.46 -35.08 -123.08
CA THR EC 117 78.97 -36.40 -123.45
C THR EC 117 79.53 -37.10 -122.21
N SER EC 118 79.31 -38.41 -122.13
CA SER EC 118 79.85 -39.22 -121.04
C SER EC 118 80.26 -40.58 -121.58
N ALA EC 119 81.49 -40.99 -121.29
CA ALA EC 119 82.00 -42.28 -121.73
C ALA EC 119 82.58 -43.03 -120.54
N SER EC 120 82.12 -44.24 -120.32
CA SER EC 120 82.59 -45.10 -119.23
C SER EC 120 83.15 -46.37 -119.87
N LEU EC 121 84.48 -46.44 -119.95
CA LEU EC 121 85.16 -47.58 -120.57
C LEU EC 121 85.60 -48.62 -119.57
N GLY EC 122 85.49 -48.35 -118.27
CA GLY EC 122 85.87 -49.33 -117.28
C GLY EC 122 87.36 -49.66 -117.36
N THR EC 123 87.66 -50.95 -117.52
CA THR EC 123 89.02 -51.45 -117.59
C THR EC 123 89.33 -51.89 -119.01
N VAL EC 124 90.51 -51.53 -119.50
CA VAL EC 124 90.96 -51.92 -120.84
C VAL EC 124 92.16 -52.85 -120.68
N VAL EC 125 92.10 -54.00 -121.34
CA VAL EC 125 93.18 -54.96 -121.31
C VAL EC 125 93.82 -55.04 -122.69
N LYS EC 126 95.00 -55.65 -122.74
CA LYS EC 126 95.75 -55.83 -123.98
C LYS EC 126 95.98 -57.32 -124.20
N ALA EC 127 95.70 -57.78 -125.41
CA ALA EC 127 95.86 -59.18 -125.79
C ALA EC 127 96.89 -59.28 -126.90
N GLU EC 128 97.78 -60.27 -126.78
CA GLU EC 128 98.88 -60.43 -127.70
C GLU EC 128 99.39 -61.85 -127.63
N THR EC 129 100.15 -62.25 -128.66
CA THR EC 129 100.72 -63.58 -128.70
C THR EC 129 101.65 -63.80 -127.52
N ILE EC 130 101.67 -65.02 -127.00
CA ILE EC 130 102.54 -65.35 -125.87
C ILE EC 130 104.00 -65.16 -126.25
N ASP EC 131 104.39 -65.64 -127.43
CA ASP EC 131 105.75 -65.49 -127.93
C ASP EC 131 105.68 -65.03 -129.37
N ILE EC 132 106.19 -63.83 -129.64
CA ILE EC 132 106.17 -63.28 -130.99
C ILE EC 132 107.39 -63.70 -131.79
N THR EC 133 108.51 -63.98 -131.13
CA THR EC 133 109.72 -64.37 -131.83
C THR EC 133 109.53 -65.67 -132.59
N LYS EC 134 108.87 -66.66 -131.97
CA LYS EC 134 108.59 -67.92 -132.66
C LYS EC 134 107.69 -67.70 -133.87
N VAL EC 135 106.66 -66.88 -133.71
CA VAL EC 135 105.76 -66.59 -134.83
C VAL EC 135 106.53 -65.95 -135.97
N LEU EC 136 107.40 -64.98 -135.64
CA LEU EC 136 108.19 -64.32 -136.68
C LEU EC 136 109.12 -65.29 -137.38
N ALA EC 137 109.78 -66.16 -136.62
CA ALA EC 137 110.69 -67.13 -137.22
C ALA EC 137 109.94 -68.05 -138.17
N LYS EC 138 108.81 -68.60 -137.72
CA LYS EC 138 108.02 -69.49 -138.56
C LYS EC 138 107.51 -68.78 -139.81
N VAL EC 139 107.08 -67.52 -139.66
CA VAL EC 139 106.64 -66.75 -140.83
C VAL EC 139 107.76 -66.64 -141.84
N ARG EC 140 108.95 -66.26 -141.37
CA ARG EC 140 110.08 -66.09 -142.27
C ARG EC 140 110.46 -67.39 -142.97
N THR EC 141 110.31 -68.52 -142.26
CA THR EC 141 110.65 -69.81 -142.86
C THR EC 141 109.47 -70.48 -143.56
N ALA EC 142 108.30 -69.86 -143.59
CA ALA EC 142 107.10 -70.47 -144.14
C ALA EC 142 106.67 -69.74 -145.42
N LYS EC 143 106.06 -70.48 -146.34
CA LYS EC 143 105.56 -69.94 -147.59
C LYS EC 143 104.05 -69.73 -147.52
N ALA EC 144 103.58 -68.69 -148.23
CA ALA EC 144 102.17 -68.36 -148.25
C ALA EC 144 101.39 -69.39 -149.08
N LYS EC 145 100.06 -69.31 -148.97
CA LYS EC 145 99.19 -70.23 -149.69
C LYS EC 145 99.13 -69.86 -151.16
N VAL EC 146 99.53 -70.80 -152.03
CA VAL EC 146 99.51 -70.55 -153.47
C VAL EC 146 98.07 -70.35 -153.95
N GLU EC 147 97.13 -71.12 -153.40
CA GLU EC 147 95.74 -70.99 -153.80
C GLU EC 147 95.18 -69.60 -153.51
N ASN EC 148 95.61 -68.97 -152.41
CA ASN EC 148 95.05 -67.69 -152.01
C ASN EC 148 95.25 -66.64 -153.10
N ASP EC 149 94.19 -65.88 -153.37
CA ASP EC 149 94.21 -64.84 -154.40
C ASP EC 149 94.70 -63.50 -153.86
N LEU EC 150 94.37 -63.19 -152.61
CA LEU EC 150 94.79 -61.93 -152.00
C LEU EC 150 96.30 -61.77 -152.01
N VAL EC 151 97.02 -62.84 -151.65
CA VAL EC 151 98.48 -62.79 -151.64
C VAL EC 151 99.02 -62.47 -153.02
N SER EC 152 98.47 -63.13 -154.04
CA SER EC 152 98.91 -62.88 -155.41
C SER EC 152 98.63 -61.45 -155.83
N ARG EC 153 97.44 -60.95 -155.48
CA ARG EC 153 97.10 -59.56 -155.79
C ARG EC 153 98.11 -58.61 -155.17
N VAL EC 154 98.40 -58.78 -153.88
CA VAL EC 154 99.34 -57.91 -153.19
C VAL EC 154 100.74 -58.05 -153.79
N MET EC 155 101.12 -59.25 -154.22
CA MET EC 155 102.42 -59.45 -154.83
C MET EC 155 102.54 -58.70 -156.15
N LYS EC 156 101.51 -58.79 -156.99
CA LYS EC 156 101.59 -58.16 -158.30
C LYS EC 156 101.47 -56.65 -158.20
N THR EC 157 100.66 -56.16 -157.26
CA THR EC 157 100.52 -54.72 -157.09
C THR EC 157 101.66 -54.17 -156.24
N LYS EC 158 101.96 -52.89 -156.44
CA LYS EC 158 103.03 -52.22 -155.72
C LYS EC 158 102.53 -51.36 -154.56
N ARG EC 159 101.32 -50.83 -154.65
CA ARG EC 159 100.80 -50.01 -153.56
C ARG EC 159 100.42 -50.85 -152.36
N LEU EC 160 99.80 -52.01 -152.60
CA LEU EC 160 99.29 -52.83 -151.52
C LEU EC 160 100.41 -53.44 -150.70
N CYS EC 161 100.22 -53.48 -149.38
CA CYS EC 161 101.15 -54.12 -148.47
C CYS EC 161 100.35 -54.95 -147.46
N LEU EC 162 100.99 -55.98 -146.92
CA LEU EC 162 100.35 -56.85 -145.94
C LEU EC 162 100.84 -56.52 -144.53
N GLY EC 163 99.94 -56.62 -143.57
CA GLY EC 163 100.29 -56.37 -142.19
C GLY EC 163 99.68 -57.38 -141.23
N LEU EC 164 100.48 -57.87 -140.29
CA LEU EC 164 100.03 -58.83 -139.29
C LEU EC 164 99.78 -58.09 -137.98
N VAL EC 165 98.57 -58.22 -137.45
CA VAL EC 165 98.21 -57.56 -136.20
C VAL EC 165 98.80 -58.35 -135.04
N VAL EC 166 99.46 -57.66 -134.12
CA VAL EC 166 100.21 -58.31 -133.06
C VAL EC 166 99.70 -57.98 -131.66
N GLU EC 167 98.96 -56.90 -131.46
CA GLU EC 167 98.43 -56.58 -130.14
C GLU EC 167 97.13 -55.81 -130.29
N THR EC 168 96.20 -56.04 -129.38
CA THR EC 168 94.89 -55.42 -129.45
C THR EC 168 94.42 -55.00 -128.08
N ALA EC 169 93.80 -53.82 -127.99
CA ALA EC 169 93.24 -53.31 -126.74
C ALA EC 169 91.74 -53.53 -126.74
N CYS EC 170 91.24 -54.22 -125.72
CA CYS EC 170 89.83 -54.60 -125.64
C CYS EC 170 89.28 -54.26 -124.26
N VAL EC 171 88.00 -53.90 -124.22
CA VAL EC 171 87.35 -53.58 -122.95
C VAL EC 171 87.06 -54.88 -122.20
N ALA EC 172 87.42 -54.92 -120.92
CA ALA EC 172 87.17 -56.11 -120.12
C ALA EC 172 85.69 -56.29 -119.82
N ALA EC 173 84.99 -55.19 -119.55
CA ALA EC 173 83.58 -55.23 -119.20
C ALA EC 173 82.80 -54.33 -120.15
N ALA EC 174 81.49 -54.25 -119.93
CA ALA EC 174 80.63 -53.45 -120.79
C ALA EC 174 80.97 -51.97 -120.66
N GLY EC 175 80.94 -51.26 -121.79
CA GLY EC 175 81.25 -49.84 -121.84
C GLY EC 175 80.01 -49.04 -122.22
N LYS EC 176 79.81 -47.93 -121.53
CA LYS EC 176 78.59 -47.12 -121.70
C LYS EC 176 78.93 -45.77 -122.31
N LEU EC 177 78.20 -45.41 -123.37
CA LEU EC 177 78.41 -44.14 -124.06
C LEU EC 177 77.08 -43.39 -124.13
N THR EC 178 77.06 -42.17 -123.59
CA THR EC 178 75.85 -41.36 -123.53
C THR EC 178 76.11 -39.97 -124.11
N GLU EC 179 75.17 -39.47 -124.90
CA GLU EC 179 75.27 -38.16 -125.53
C GLU EC 179 73.92 -37.47 -125.50
N ALA EC 180 73.92 -36.18 -125.17
CA ALA EC 180 72.72 -35.36 -125.14
C ALA EC 180 72.98 -34.05 -125.86
N ASP EC 181 72.03 -33.63 -126.71
CA ASP EC 181 72.14 -32.42 -127.50
C ASP EC 181 70.84 -31.64 -127.39
N ASN EC 182 70.96 -30.33 -127.19
CA ASN EC 182 69.79 -29.44 -127.15
C ASN EC 182 70.19 -28.12 -127.77
N TRP EC 183 69.66 -27.79 -128.94
CA TRP EC 183 70.01 -26.51 -129.54
C TRP EC 183 68.76 -25.81 -130.06
N GLU EC 184 68.84 -24.49 -130.15
CA GLU EC 184 67.69 -23.65 -130.42
C GLU EC 184 68.10 -22.42 -131.22
N ILE EC 185 67.24 -22.02 -132.16
CA ILE EC 185 67.45 -20.85 -133.00
C ILE EC 185 66.17 -20.02 -133.00
N SER EC 186 66.30 -18.71 -132.79
CA SER EC 186 65.17 -17.79 -132.83
C SER EC 186 65.57 -16.56 -133.63
N GLY EC 187 64.87 -16.31 -134.73
CA GLY EC 187 65.20 -15.19 -135.59
C GLY EC 187 63.97 -14.36 -135.90
N HIS EC 188 64.22 -13.07 -136.14
CA HIS EC 188 63.16 -12.11 -136.43
C HIS EC 188 63.67 -11.08 -137.41
N THR EC 189 62.82 -10.70 -138.36
CA THR EC 189 63.18 -9.75 -139.41
C THR EC 189 62.04 -8.77 -139.60
N ASN EC 190 62.37 -7.48 -139.71
CA ASN EC 190 61.40 -6.42 -139.94
C ASN EC 190 61.94 -5.50 -141.02
N ALA EC 191 61.31 -5.54 -142.19
CA ALA EC 191 61.66 -4.67 -143.31
C ALA EC 191 60.52 -3.65 -143.46
N ASN EC 192 60.78 -2.42 -143.05
CA ASN EC 192 59.81 -1.33 -143.14
C ASN EC 192 60.18 -0.44 -144.32
N ILE EC 193 59.24 -0.28 -145.25
CA ILE EC 193 59.40 0.58 -146.41
C ILE EC 193 58.21 1.51 -146.46
N GLY EC 194 58.33 2.60 -147.23
CA GLY EC 194 57.28 3.58 -147.30
C GLY EC 194 55.94 3.01 -147.73
N GLU EC 195 55.95 2.00 -148.59
CA GLU EC 195 54.71 1.38 -149.07
C GLU EC 195 54.66 -0.12 -148.77
N ALA EC 196 55.58 -0.66 -147.98
CA ALA EC 196 55.59 -2.08 -147.68
C ALA EC 196 56.13 -2.30 -146.27
N VAL EC 197 55.49 -3.22 -145.55
CA VAL EC 197 55.93 -3.63 -144.21
C VAL EC 197 55.94 -5.14 -144.17
N VAL EC 198 57.09 -5.73 -143.86
CA VAL EC 198 57.25 -7.17 -143.77
C VAL EC 198 57.78 -7.51 -142.39
N THR EC 199 57.12 -8.44 -141.70
CA THR EC 199 57.52 -8.88 -140.36
C THR EC 199 57.53 -10.40 -140.33
N ALA EC 200 58.72 -10.99 -140.29
CA ALA EC 200 58.88 -12.43 -140.29
C ALA EC 200 59.53 -12.88 -138.97
N THR EC 201 59.16 -14.07 -138.53
CA THR EC 201 59.68 -14.63 -137.29
C THR EC 201 59.77 -16.14 -137.43
N ALA EC 202 60.83 -16.74 -136.91
CA ALA EC 202 61.02 -18.19 -136.98
C ALA EC 202 61.73 -18.69 -135.74
N GLU EC 203 61.14 -19.69 -135.08
CA GLU EC 203 61.72 -20.31 -133.91
C GLU EC 203 61.76 -21.82 -134.11
N LEU EC 204 62.88 -22.43 -133.73
CA LEU EC 204 62.97 -23.89 -133.76
C LEU EC 204 63.96 -24.35 -132.70
N ASP EC 205 63.83 -25.62 -132.32
CA ASP EC 205 64.72 -26.21 -131.33
C ASP EC 205 64.68 -27.71 -131.46
N LYS EC 206 65.86 -28.34 -131.41
CA LYS EC 206 66.00 -29.78 -131.56
C LYS EC 206 66.66 -30.36 -130.31
N ASN EC 207 66.16 -31.51 -129.87
CA ASN EC 207 66.67 -32.23 -128.71
C ASN EC 207 66.91 -33.68 -129.11
N LEU EC 208 68.11 -34.18 -128.81
CA LEU EC 208 68.48 -35.56 -129.12
C LEU EC 208 69.18 -36.18 -127.91
N SER EC 209 69.08 -37.50 -127.81
CA SER EC 209 69.77 -38.24 -126.75
C SER EC 209 70.02 -39.66 -127.24
N ARG EC 210 71.29 -40.08 -127.20
CA ARG EC 210 71.69 -41.40 -127.66
C ARG EC 210 72.51 -42.08 -126.56
N LYS EC 211 72.12 -43.30 -126.19
CA LYS EC 211 72.81 -44.05 -125.15
C LYS EC 211 73.01 -45.49 -125.62
N ILE EC 212 74.25 -45.93 -125.67
CA ILE EC 212 74.58 -47.28 -126.13
C ILE EC 212 75.55 -47.93 -125.14
N GLU EC 213 75.71 -49.24 -125.29
CA GLU EC 213 76.55 -50.04 -124.40
C GLU EC 213 77.25 -51.12 -125.22
N ILE EC 214 78.55 -50.95 -125.43
CA ILE EC 214 79.34 -51.97 -126.13
C ILE EC 214 79.61 -53.14 -125.19
N PRO EC 215 79.57 -54.37 -125.68
CA PRO EC 215 79.73 -55.53 -124.82
C PRO EC 215 81.20 -55.82 -124.52
N PRO EC 216 81.49 -56.65 -123.53
CA PRO EC 216 82.89 -57.01 -123.26
C PRO EC 216 83.53 -57.69 -124.45
N GLY EC 217 84.82 -57.41 -124.64
CA GLY EC 217 85.60 -58.00 -125.71
C GLY EC 217 85.72 -57.14 -126.95
N THR EC 218 85.00 -56.02 -127.02
CA THR EC 218 85.07 -55.15 -128.19
C THR EC 218 86.46 -54.53 -128.31
N ALA EC 219 87.05 -54.65 -129.49
CA ALA EC 219 88.38 -54.10 -129.72
C ALA EC 219 88.32 -52.59 -129.86
N LEU EC 220 89.36 -51.91 -129.38
CA LEU EC 220 89.46 -50.45 -129.46
C LEU EC 220 90.59 -49.98 -130.35
N ALA EC 221 91.76 -50.59 -130.28
CA ALA EC 221 92.91 -50.15 -131.05
C ALA EC 221 93.85 -51.32 -131.24
N TYR EC 222 94.78 -51.16 -132.17
CA TYR EC 222 95.67 -52.26 -132.54
C TYR EC 222 96.97 -51.71 -133.10
N SER EC 223 97.98 -52.58 -133.16
CA SER EC 223 99.25 -52.29 -133.80
C SER EC 223 99.63 -53.49 -134.66
N PHE EC 224 100.35 -53.23 -135.75
CA PHE EC 224 100.65 -54.29 -136.71
C PHE EC 224 102.07 -54.15 -137.22
N MET EC 225 102.58 -55.26 -137.76
CA MET EC 225 103.91 -55.33 -138.35
C MET EC 225 103.80 -55.62 -139.83
N ASP EC 226 104.63 -54.96 -140.63
CA ASP EC 226 104.55 -55.10 -142.07
C ASP EC 226 105.16 -56.42 -142.55
N LEU EC 227 104.77 -56.83 -143.76
CA LEU EC 227 105.26 -58.05 -144.39
C LEU EC 227 105.60 -57.76 -145.84
N GLU EC 228 106.25 -58.73 -146.48
CA GLU EC 228 106.66 -58.60 -147.86
C GLU EC 228 106.65 -59.98 -148.52
N ILE EC 229 105.97 -60.09 -149.65
CA ILE EC 229 105.91 -61.33 -150.41
C ILE EC 229 107.15 -61.43 -151.28
N LEU EC 230 107.90 -62.52 -151.14
CA LEU EC 230 109.02 -62.77 -152.04
C LEU EC 230 108.51 -63.13 -153.44
N GLU EC 231 109.45 -63.36 -154.36
CA GLU EC 231 109.09 -63.88 -155.67
C GLU EC 231 108.30 -65.17 -155.55
N ASP EC 232 108.77 -66.08 -154.70
CA ASP EC 232 108.02 -67.28 -154.36
C ASP EC 232 106.93 -66.94 -153.34
N ARG EC 233 106.23 -67.97 -152.87
CA ARG EC 233 105.23 -67.78 -151.82
C ARG EC 233 105.83 -67.43 -150.47
N SER EC 234 107.15 -67.45 -150.34
CA SER EC 234 107.81 -67.12 -149.08
C SER EC 234 107.47 -65.70 -148.64
N LEU EC 235 107.41 -65.52 -147.32
CA LEU EC 235 107.12 -64.22 -146.72
C LEU EC 235 108.31 -63.76 -145.88
N ARG EC 236 108.50 -62.44 -145.85
CA ARG EC 236 109.57 -61.83 -145.07
C ARG EC 236 108.99 -60.67 -144.28
N VAL EC 237 109.69 -60.29 -143.21
CA VAL EC 237 109.27 -59.16 -142.39
C VAL EC 237 110.12 -57.95 -142.77
N SER EC 238 109.49 -56.78 -142.78
CA SER EC 238 110.14 -55.56 -143.22
C SER EC 238 110.05 -54.50 -142.12
N SER EC 239 111.12 -53.75 -141.92
CA SER EC 239 111.20 -52.74 -140.87
C SER EC 239 111.63 -51.42 -141.48
N SER EC 240 110.76 -50.42 -141.40
CA SER EC 240 111.11 -49.06 -141.82
C SER EC 240 111.94 -48.42 -140.72
N ALA EC 241 113.24 -48.26 -140.99
CA ALA EC 241 114.20 -47.73 -140.01
C ALA EC 241 114.21 -48.58 -138.73
N GLY EC 242 113.96 -49.88 -138.87
CA GLY EC 242 113.98 -50.77 -137.73
C GLY EC 242 112.81 -50.63 -136.78
N ALA EC 243 111.72 -50.00 -137.21
CA ALA EC 243 110.59 -49.79 -136.32
C ALA EC 243 109.93 -51.11 -135.93
N MET EC 244 109.59 -51.93 -136.93
CA MET EC 244 108.86 -53.19 -136.73
C MET EC 244 107.54 -53.00 -136.00
N PHE EC 245 107.03 -51.78 -135.95
CA PHE EC 245 105.74 -51.49 -135.32
C PHE EC 245 105.12 -50.33 -136.09
N ASP EC 246 104.19 -50.64 -136.99
CA ASP EC 246 103.60 -49.62 -137.84
C ASP EC 246 102.26 -49.18 -137.27
N SER EC 247 102.07 -47.86 -137.16
CA SER EC 247 100.85 -47.28 -136.64
C SER EC 247 100.03 -46.61 -137.73
N GLY EC 248 100.28 -46.94 -138.99
CA GLY EC 248 99.57 -46.30 -140.08
C GLY EC 248 99.85 -44.81 -140.17
N LYS EC 249 101.10 -44.41 -139.93
CA LYS EC 249 101.49 -43.00 -139.93
C LYS EC 249 102.23 -42.68 -141.23
N ALA EC 250 102.11 -41.42 -141.64
CA ALA EC 250 102.82 -40.96 -142.82
C ALA EC 250 104.33 -40.96 -142.57
N GLU EC 251 105.09 -41.15 -143.65
CA GLU EC 251 106.54 -41.19 -143.53
C GLU EC 251 107.09 -39.85 -143.04
N SER EC 252 106.55 -38.75 -143.56
CA SER EC 252 106.96 -37.40 -143.17
C SER EC 252 108.46 -37.18 -143.37
CA ARG FC 3 99.68 -32.87 -123.21
C ARG FC 3 99.07 -34.03 -122.43
N PRO FC 4 99.40 -35.26 -122.84
CA PRO FC 4 98.87 -36.43 -122.14
C PRO FC 4 99.29 -36.45 -120.68
N MET FC 5 98.36 -36.91 -119.82
CA MET FC 5 98.65 -36.98 -118.40
C MET FC 5 99.82 -37.92 -118.11
N PHE FC 6 99.88 -39.04 -118.82
CA PHE FC 6 100.99 -39.97 -118.62
C PHE FC 6 102.33 -39.31 -118.95
N ALA FC 7 102.38 -38.57 -120.06
CA ALA FC 7 103.62 -37.88 -120.43
C ALA FC 7 103.98 -36.82 -119.40
N VAL FC 8 102.98 -36.07 -118.91
CA VAL FC 8 103.25 -35.04 -117.90
C VAL FC 8 103.80 -35.68 -116.63
N ALA FC 9 103.18 -36.77 -116.18
CA ALA FC 9 103.65 -37.44 -114.97
C ALA FC 9 105.04 -38.02 -115.16
N VAL FC 10 105.33 -38.56 -116.34
CA VAL FC 10 106.67 -39.09 -116.61
C VAL FC 10 107.69 -37.98 -116.55
N ASN FC 11 107.37 -36.82 -117.14
CA ASN FC 11 108.29 -35.69 -117.08
C ASN FC 11 108.51 -35.21 -115.65
N GLU FC 12 107.43 -35.14 -114.85
CA GLU FC 12 107.56 -34.74 -113.46
C GLU FC 12 108.45 -35.70 -112.69
N PHE FC 13 108.24 -37.00 -112.89
CA PHE FC 13 109.05 -38.00 -112.18
C PHE FC 13 110.51 -37.90 -112.61
N ILE FC 14 110.77 -37.79 -113.91
CA ILE FC 14 112.15 -37.77 -114.38
C ILE FC 14 112.85 -36.50 -113.93
N ARG FC 15 112.12 -35.39 -113.80
CA ARG FC 15 112.73 -34.18 -113.26
C ARG FC 15 113.04 -34.33 -111.78
N SER FC 16 112.08 -34.83 -111.01
CA SER FC 16 112.29 -34.94 -109.56
C SER FC 16 113.42 -35.91 -109.24
N ALA FC 17 113.48 -37.04 -109.94
CA ALA FC 17 114.51 -38.05 -109.72
C ALA FC 17 115.08 -38.48 -111.06
N GLY FC 18 116.41 -38.59 -111.13
CA GLY FC 18 117.06 -39.04 -112.33
C GLY FC 18 116.91 -38.13 -113.52
N GLN FC 19 117.14 -36.82 -113.33
CA GLN FC 19 117.06 -35.89 -114.44
C GLN FC 19 118.11 -36.20 -115.50
N ASP FC 20 119.21 -36.81 -115.12
CA ASP FC 20 120.24 -37.25 -116.04
C ASP FC 20 120.24 -38.78 -116.14
N SER FC 21 120.68 -39.27 -117.29
CA SER FC 21 120.79 -40.71 -117.55
C SER FC 21 119.44 -41.41 -117.38
N LEU FC 22 118.40 -40.85 -117.99
CA LEU FC 22 117.06 -41.43 -117.92
C LEU FC 22 116.25 -40.94 -119.11
N CYS FC 23 115.51 -41.85 -119.74
CA CYS FC 23 114.71 -41.56 -120.91
C CYS FC 23 113.24 -41.82 -120.60
N GLY FC 24 112.39 -40.83 -120.90
CA GLY FC 24 110.97 -41.00 -120.68
C GLY FC 24 110.36 -42.05 -121.58
N VAL FC 25 109.24 -42.60 -121.11
CA VAL FC 25 108.49 -43.62 -121.85
C VAL FC 25 107.47 -42.92 -122.74
N PRO FC 26 107.40 -43.25 -124.03
CA PRO FC 26 106.49 -42.53 -124.92
C PRO FC 26 105.02 -42.67 -124.57
N ASP FC 27 104.57 -43.88 -124.25
CA ASP FC 27 103.15 -44.08 -123.97
C ASP FC 27 102.96 -45.34 -123.14
N ILE FC 28 101.77 -45.46 -122.55
CA ILE FC 28 101.46 -46.59 -121.69
C ILE FC 28 101.52 -47.89 -122.46
N ASN FC 29 101.01 -47.90 -123.70
CA ASN FC 29 100.99 -49.12 -124.50
C ASN FC 29 102.40 -49.65 -124.74
N SER FC 30 103.33 -48.77 -125.08
CA SER FC 30 104.71 -49.16 -125.37
C SER FC 30 105.59 -49.17 -124.14
N SER FC 31 105.04 -48.87 -122.97
CA SER FC 31 105.84 -48.89 -121.74
C SER FC 31 106.41 -50.29 -121.48
N GLY FC 32 105.63 -51.33 -121.79
CA GLY FC 32 106.06 -52.68 -121.49
C GLY FC 32 107.19 -53.20 -122.38
N ASP FC 33 107.55 -52.48 -123.43
CA ASP FC 33 108.61 -52.90 -124.33
C ASP FC 33 109.97 -52.36 -123.93
N PHE FC 34 110.07 -51.63 -122.81
CA PHE FC 34 111.32 -51.04 -122.36
C PHE FC 34 111.78 -51.64 -121.04
N MET FC 35 111.50 -52.92 -120.83
CA MET FC 35 112.00 -53.64 -119.68
C MET FC 35 113.47 -53.99 -119.89
N PRO FC 36 114.19 -54.32 -118.81
CA PRO FC 36 115.62 -54.62 -118.95
C PRO FC 36 115.88 -55.77 -119.90
N LEU FC 37 117.03 -55.72 -120.58
CA LEU FC 37 117.46 -56.72 -121.55
C LEU FC 37 116.54 -56.72 -122.77
N HIS FC 38 116.25 -55.52 -123.28
CA HIS FC 38 115.49 -55.34 -124.51
C HIS FC 38 116.31 -54.55 -125.50
N ILE FC 39 116.17 -54.88 -126.79
CA ILE FC 39 116.89 -54.21 -127.87
C ILE FC 39 116.04 -53.06 -128.37
N ILE FC 40 116.67 -51.90 -128.57
CA ILE FC 40 116.03 -50.73 -129.15
C ILE FC 40 116.93 -50.20 -130.26
N VAL FC 41 116.33 -49.41 -131.15
CA VAL FC 41 117.03 -48.84 -132.30
C VAL FC 41 117.08 -47.33 -132.12
N LYS FC 42 118.25 -46.75 -132.35
CA LYS FC 42 118.45 -45.31 -132.25
C LYS FC 42 118.76 -44.74 -133.62
N GLU FC 43 118.06 -43.68 -134.00
CA GLU FC 43 118.22 -43.01 -135.28
C GLU FC 43 118.70 -41.60 -135.04
N VAL FC 44 119.74 -41.20 -135.76
CA VAL FC 44 120.36 -39.89 -135.62
C VAL FC 44 119.44 -38.83 -136.23
N PRO FC 45 119.49 -37.59 -135.76
CA PRO FC 45 118.61 -36.54 -136.32
C PRO FC 45 118.82 -36.31 -137.81
N LYS FC 46 120.06 -36.44 -138.30
CA LYS FC 46 120.47 -36.25 -139.69
C LYS FC 46 120.40 -34.80 -140.13
N VAL FC 47 119.94 -33.88 -139.27
CA VAL FC 47 119.89 -32.46 -139.61
C VAL FC 47 120.81 -31.69 -138.68
N LEU FC 48 120.54 -31.77 -137.37
CA LEU FC 48 121.37 -31.14 -136.35
C LEU FC 48 121.66 -32.20 -135.29
N PRO FC 49 122.58 -33.14 -135.59
CA PRO FC 49 122.83 -34.22 -134.63
C PRO FC 49 123.30 -33.74 -133.27
N CYS FC 50 124.10 -32.68 -133.22
CA CYS FC 50 124.59 -32.16 -131.96
C CYS FC 50 123.60 -31.24 -131.27
N CYS FC 51 122.51 -30.86 -131.93
CA CYS FC 51 121.53 -29.95 -131.36
C CYS FC 51 120.17 -30.60 -131.10
N ARG FC 52 119.91 -31.78 -131.66
CA ARG FC 52 118.62 -32.45 -131.51
C ARG FC 52 118.83 -33.84 -130.95
N ARG FC 53 117.95 -34.24 -130.03
CA ARG FC 53 118.04 -35.57 -129.45
C ARG FC 53 117.60 -36.62 -130.48
N PRO FC 54 118.20 -37.80 -130.46
CA PRO FC 54 117.88 -38.83 -131.46
C PRO FC 54 116.49 -39.43 -131.28
N LYS FC 55 116.11 -40.34 -132.17
CA LYS FC 55 114.81 -40.98 -132.15
C LYS FC 55 114.97 -42.43 -131.72
N ILE FC 56 114.15 -42.86 -130.77
CA ILE FC 56 114.24 -44.20 -130.19
C ILE FC 56 113.04 -45.03 -130.64
N LYS FC 57 113.32 -46.21 -131.17
CA LYS FC 57 112.31 -47.11 -131.70
C LYS FC 57 112.36 -48.42 -130.94
N ARG FC 58 111.21 -48.90 -130.48
CA ARG FC 58 111.12 -50.16 -129.77
C ARG FC 58 111.10 -51.32 -130.76
N THR FC 59 111.61 -52.46 -130.32
CA THR FC 59 111.63 -53.67 -131.11
C THR FC 59 111.15 -54.85 -130.28
N PRO FC 60 110.53 -55.85 -130.90
CA PRO FC 60 110.07 -57.04 -130.16
C PRO FC 60 111.14 -58.11 -130.06
N TYR FC 61 112.28 -57.74 -129.46
CA TYR FC 61 113.41 -58.65 -129.34
C TYR FC 61 114.03 -58.52 -127.96
N THR FC 62 114.57 -59.63 -127.46
CA THR FC 62 115.40 -59.65 -126.28
C THR FC 62 116.82 -60.01 -126.67
N LEU FC 63 117.74 -59.90 -125.70
CA LEU FC 63 119.14 -60.17 -125.97
C LEU FC 63 119.34 -61.62 -126.39
N ASN FC 64 118.69 -62.56 -125.70
CA ASN FC 64 118.87 -63.97 -126.02
C ASN FC 64 118.32 -64.30 -127.40
N ASP FC 65 117.22 -63.65 -127.80
CA ASP FC 65 116.70 -63.88 -129.13
C ASP FC 65 117.61 -63.28 -130.20
N ILE FC 66 118.13 -62.08 -129.95
CA ILE FC 66 118.96 -61.42 -130.96
C ILE FC 66 120.32 -62.09 -131.09
N LEU FC 67 120.77 -62.77 -130.03
CA LEU FC 67 122.09 -63.40 -130.02
C LEU FC 67 121.99 -64.89 -130.29
N ASP FC 68 122.93 -65.40 -131.09
CA ASP FC 68 123.03 -66.83 -131.30
C ASP FC 68 123.36 -67.55 -129.99
N GLU FC 69 124.27 -66.99 -129.20
CA GLU FC 69 124.65 -67.58 -127.92
C GLU FC 69 123.87 -66.91 -126.80
N PRO FC 70 123.14 -67.67 -125.98
CA PRO FC 70 122.37 -67.04 -124.90
C PRO FC 70 123.25 -66.51 -123.79
N CYS FC 71 122.68 -65.61 -123.01
CA CYS FC 71 123.32 -64.96 -121.88
C CYS FC 71 122.41 -65.08 -120.66
N PRO FC 72 122.98 -65.03 -119.46
CA PRO FC 72 122.14 -65.02 -118.26
C PRO FC 72 121.23 -63.80 -118.26
N ASN FC 73 120.00 -63.99 -117.75
CA ASN FC 73 118.97 -62.96 -117.85
C ASN FC 73 118.24 -62.72 -116.52
N GLN FC 74 118.76 -63.21 -115.41
CA GLN FC 74 118.07 -62.99 -114.13
C GLN FC 74 118.06 -61.52 -113.77
N LEU FC 75 117.01 -61.10 -113.08
CA LEU FC 75 116.80 -59.70 -112.72
C LEU FC 75 116.63 -59.55 -111.22
N LYS FC 76 116.66 -58.30 -110.77
CA LYS FC 76 116.42 -57.95 -109.37
C LYS FC 76 115.87 -56.54 -109.32
N SER FC 77 115.08 -56.26 -108.28
CA SER FC 77 114.45 -54.96 -108.12
C SER FC 77 114.68 -54.44 -106.71
N SER FC 78 114.73 -53.11 -106.61
CA SER FC 78 114.92 -52.44 -105.33
C SER FC 78 114.29 -51.06 -105.38
N ASP FC 79 113.94 -50.54 -104.20
CA ASP FC 79 113.24 -49.26 -104.15
C ASP FC 79 114.13 -48.12 -104.63
N LEU FC 80 113.49 -47.15 -105.28
CA LEU FC 80 114.21 -45.99 -105.82
C LEU FC 80 113.76 -44.68 -105.19
N VAL FC 81 112.46 -44.39 -105.18
CA VAL FC 81 111.92 -43.15 -104.63
C VAL FC 81 110.48 -43.40 -104.22
N THR FC 82 109.97 -42.54 -103.34
CA THR FC 82 108.62 -42.69 -102.79
C THR FC 82 107.96 -41.32 -102.73
N PHE FC 83 106.89 -41.13 -103.49
CA PHE FC 83 106.11 -39.90 -103.45
C PHE FC 83 105.05 -40.05 -102.37
N THR FC 84 105.30 -39.46 -101.20
CA THR FC 84 104.39 -39.64 -100.07
C THR FC 84 103.04 -38.98 -100.33
N GLU FC 85 103.03 -37.83 -101.00
CA GLU FC 85 101.79 -37.12 -101.27
C GLU FC 85 101.68 -36.82 -102.75
N PRO FC 86 100.45 -36.71 -103.27
CA PRO FC 86 100.29 -36.48 -104.71
C PRO FC 86 100.87 -35.13 -105.14
N LEU FC 87 101.43 -35.12 -106.34
CA LEU FC 87 101.83 -33.88 -106.99
C LEU FC 87 100.59 -33.14 -107.45
N VAL FC 88 100.37 -31.94 -106.91
CA VAL FC 88 99.17 -31.16 -107.16
C VAL FC 88 99.58 -29.86 -107.83
N SER FC 89 98.88 -29.51 -108.92
CA SER FC 89 99.15 -28.29 -109.66
C SER FC 89 97.84 -27.56 -109.93
N ASN FC 90 97.86 -26.25 -109.75
CA ASN FC 90 96.69 -25.40 -110.00
C ASN FC 90 97.12 -24.19 -110.83
N VAL FC 91 96.35 -23.88 -111.86
CA VAL FC 91 96.55 -22.70 -112.69
C VAL FC 91 95.21 -22.00 -112.83
N LYS FC 92 95.19 -20.69 -112.63
CA LYS FC 92 93.95 -19.93 -112.72
C LYS FC 92 94.26 -18.60 -113.38
N ALA FC 93 93.72 -18.39 -114.58
CA ALA FC 93 93.93 -17.16 -115.34
C ALA FC 93 92.61 -16.49 -115.62
N SER FC 94 92.63 -15.17 -115.67
CA SER FC 94 91.43 -14.39 -115.99
C SER FC 94 91.85 -13.05 -116.57
N SER FC 95 91.27 -12.68 -117.70
CA SER FC 95 91.65 -11.46 -118.40
C SER FC 95 90.41 -10.81 -119.01
N SER FC 96 90.51 -9.51 -119.23
CA SER FC 96 89.45 -8.73 -119.84
C SER FC 96 90.05 -7.62 -120.69
N ILE FC 97 89.43 -7.37 -121.83
CA ILE FC 97 89.89 -6.36 -122.78
C ILE FC 97 88.70 -5.47 -123.14
N GLY FC 98 88.93 -4.16 -123.17
CA GLY FC 98 87.92 -3.22 -123.59
C GLY FC 98 88.45 -2.19 -124.55
N LEU FC 99 87.90 -2.14 -125.77
CA LEU FC 99 88.34 -1.22 -126.81
C LEU FC 99 87.18 -0.31 -127.19
N GLN FC 100 87.46 0.98 -127.30
CA GLN FC 100 86.46 1.95 -127.72
C GLN FC 100 87.08 2.91 -128.73
N ILE FC 101 86.40 3.09 -129.85
CA ILE FC 101 86.78 4.07 -130.87
C ILE FC 101 85.63 5.06 -130.96
N LEU FC 102 85.80 6.21 -130.33
CA LEU FC 102 84.84 7.33 -130.34
C LEU FC 102 83.49 6.80 -129.89
N LYS FC 103 82.40 7.11 -130.57
CA LYS FC 103 81.11 6.48 -130.35
C LYS FC 103 80.73 5.56 -131.50
N HIS FC 104 81.73 5.09 -132.25
CA HIS FC 104 81.51 4.25 -133.42
C HIS FC 104 81.85 2.78 -133.19
N PHE FC 105 82.85 2.48 -132.36
CA PHE FC 105 83.22 1.10 -132.10
C PHE FC 105 83.33 0.87 -130.60
N ASP FC 106 82.80 -0.26 -130.13
CA ASP FC 106 82.87 -0.59 -128.70
C ASP FC 106 82.88 -2.10 -128.54
N SER FC 107 84.03 -2.67 -128.19
CA SER FC 107 84.16 -4.11 -128.02
C SER FC 107 84.61 -4.43 -126.60
N GLY FC 108 83.99 -5.43 -125.99
CA GLY FC 108 84.39 -5.91 -124.69
C GLY FC 108 84.51 -7.42 -124.65
N ALA FC 109 85.70 -7.93 -124.38
CA ALA FC 109 85.94 -9.36 -124.34
C ALA FC 109 86.48 -9.74 -122.97
N LYS FC 110 86.28 -11.00 -122.60
CA LYS FC 110 86.81 -11.49 -121.33
C LYS FC 110 86.95 -13.00 -121.42
N GLY FC 111 87.92 -13.52 -120.69
CA GLY FC 111 88.18 -14.95 -120.68
C GLY FC 111 88.68 -15.39 -119.33
N SER FC 112 88.46 -16.67 -119.04
CA SER FC 112 88.93 -17.25 -117.78
C SER FC 112 89.23 -18.72 -118.00
N LYS FC 113 90.16 -19.24 -117.20
CA LYS FC 113 90.59 -20.62 -117.31
C LYS FC 113 91.03 -21.12 -115.94
N ASN FC 114 90.63 -22.34 -115.61
CA ASN FC 114 90.99 -23.00 -114.36
C ASN FC 114 91.40 -24.43 -114.67
N PHE FC 115 92.64 -24.77 -114.33
CA PHE FC 115 93.25 -26.05 -114.67
C PHE FC 115 93.83 -26.67 -113.42
N ILE FC 116 93.44 -27.92 -113.14
CA ILE FC 116 93.86 -28.62 -111.93
C ILE FC 116 94.39 -29.99 -112.31
N THR FC 117 95.53 -30.36 -111.73
CA THR FC 117 96.16 -31.64 -112.02
C THR FC 117 96.61 -32.30 -110.71
N SER FC 118 96.46 -33.62 -110.63
CA SER FC 118 96.90 -34.38 -109.47
C SER FC 118 97.46 -35.72 -109.94
N ALA FC 119 98.67 -36.05 -109.49
CA ALA FC 119 99.31 -37.31 -109.86
C ALA FC 119 99.79 -38.01 -108.59
N SER FC 120 99.37 -39.26 -108.42
CA SER FC 120 99.76 -40.08 -107.27
C SER FC 120 100.47 -41.30 -107.81
N LEU FC 121 101.80 -41.29 -107.73
CA LEU FC 121 102.62 -42.38 -108.24
C LEU FC 121 103.00 -43.39 -107.17
N GLY FC 122 102.71 -43.13 -105.90
CA GLY FC 122 103.03 -44.08 -104.87
C GLY FC 122 104.52 -44.32 -104.76
N THR FC 123 104.93 -45.58 -104.86
CA THR FC 123 106.33 -45.99 -104.75
C THR FC 123 106.84 -46.42 -106.12
N VAL FC 124 108.04 -45.99 -106.47
CA VAL FC 124 108.69 -46.34 -107.72
C VAL FC 124 109.90 -47.20 -107.40
N VAL FC 125 110.01 -48.35 -108.05
CA VAL FC 125 111.14 -49.24 -107.88
C VAL FC 125 111.95 -49.28 -109.16
N LYS FC 126 113.16 -49.82 -109.06
CA LYS FC 126 114.06 -49.96 -110.20
C LYS FC 126 114.42 -51.43 -110.36
N ALA FC 127 114.32 -51.91 -111.59
CA ALA FC 127 114.62 -53.29 -111.93
C ALA FC 127 115.79 -53.33 -112.91
N GLU FC 128 116.72 -54.25 -112.66
CA GLU FC 128 117.94 -54.35 -113.43
C GLU FC 128 118.53 -55.74 -113.28
N THR FC 129 119.42 -56.09 -114.20
CA THR FC 129 120.08 -57.38 -114.15
C THR FC 129 120.87 -57.54 -112.86
N ILE FC 130 120.90 -58.75 -112.33
CA ILE FC 130 121.64 -59.02 -111.10
C ILE FC 130 123.12 -58.74 -111.29
N ASP FC 131 123.68 -59.20 -112.41
CA ASP FC 131 125.08 -58.96 -112.73
C ASP FC 131 125.16 -58.51 -114.18
N ILE FC 132 125.63 -57.28 -114.39
CA ILE FC 132 125.75 -56.74 -115.74
C ILE FC 132 127.09 -57.08 -116.38
N THR FC 133 128.13 -57.28 -115.56
CA THR FC 133 129.44 -57.60 -116.11
C THR FC 133 129.42 -58.92 -116.87
N LYS FC 134 128.75 -59.94 -116.33
CA LYS FC 134 128.66 -61.21 -117.03
C LYS FC 134 127.91 -61.06 -118.35
N VAL FC 135 126.81 -60.31 -118.34
CA VAL FC 135 126.05 -60.08 -119.56
C VAL FC 135 126.91 -59.39 -120.60
N LEU FC 136 127.67 -58.37 -120.19
CA LEU FC 136 128.53 -57.66 -121.12
C LEU FC 136 129.61 -58.58 -121.69
N ALA FC 137 130.22 -59.40 -120.83
CA ALA FC 137 131.25 -60.31 -121.30
C ALA FC 137 130.70 -61.28 -122.33
N LYS FC 138 129.55 -61.90 -122.02
CA LYS FC 138 128.94 -62.84 -122.94
C LYS FC 138 128.54 -62.17 -124.25
N VAL FC 139 128.02 -60.95 -124.18
CA VAL FC 139 127.68 -60.21 -125.40
C VAL FC 139 128.92 -60.03 -126.26
N ARG FC 140 130.01 -59.57 -125.65
CA ARG FC 140 131.23 -59.32 -126.40
C ARG FC 140 131.77 -60.60 -127.03
N THR FC 141 131.61 -61.74 -126.34
CA THR FC 141 132.10 -63.00 -126.87
C THR FC 141 131.07 -63.75 -127.70
N ALA FC 142 129.87 -63.21 -127.90
CA ALA FC 142 128.80 -63.90 -128.59
C ALA FC 142 128.49 -63.20 -129.92
N LYS FC 143 128.05 -63.98 -130.90
CA LYS FC 143 127.67 -63.48 -132.20
C LYS FC 143 126.16 -63.36 -132.33
N ALA FC 144 125.73 -62.36 -133.10
CA ALA FC 144 124.30 -62.12 -133.32
C ALA FC 144 123.70 -63.20 -134.21
N LYS FC 145 122.37 -63.20 -134.28
CA LYS FC 145 121.66 -64.19 -135.09
C LYS FC 145 121.76 -63.83 -136.56
N VAL FC 146 122.33 -64.74 -137.36
CA VAL FC 146 122.47 -64.50 -138.80
C VAL FC 146 121.10 -64.39 -139.45
N GLU FC 147 120.15 -65.22 -139.02
CA GLU FC 147 118.80 -65.18 -139.59
C GLU FC 147 118.13 -63.83 -139.40
N ASN FC 148 118.37 -63.17 -138.26
CA ASN FC 148 117.68 -61.93 -137.96
C ASN FC 148 117.96 -60.87 -139.02
N ASP FC 149 116.90 -60.17 -139.43
CA ASP FC 149 116.99 -59.14 -140.46
C ASP FC 149 117.31 -57.78 -139.87
N LEU FC 150 116.80 -57.48 -138.67
CA LEU FC 150 117.06 -56.19 -138.03
C LEU FC 150 118.56 -55.94 -137.86
N VAL FC 151 119.29 -56.96 -137.40
CA VAL FC 151 120.73 -56.81 -137.20
C VAL FC 151 121.41 -56.47 -138.51
N SER FC 152 121.05 -57.17 -139.59
CA SER FC 152 121.65 -56.89 -140.89
C SER FC 152 121.32 -55.48 -141.36
N ARG FC 153 120.08 -55.06 -141.17
CA ARG FC 153 119.69 -53.70 -141.53
C ARG FC 153 120.56 -52.68 -140.80
N VAL FC 154 120.68 -52.83 -139.48
CA VAL FC 154 121.48 -51.89 -138.68
C VAL FC 154 122.94 -51.94 -139.10
N MET FC 155 123.45 -53.12 -139.46
CA MET FC 155 124.83 -53.24 -139.90
C MET FC 155 125.06 -52.49 -141.21
N LYS FC 156 124.16 -52.65 -142.17
CA LYS FC 156 124.36 -52.02 -143.47
C LYS FC 156 124.12 -50.51 -143.40
N THR FC 157 123.18 -50.07 -142.58
CA THR FC 157 122.93 -48.65 -142.45
C THR FC 157 123.91 -48.02 -141.46
N LYS FC 158 124.16 -46.72 -141.64
CA LYS FC 158 125.09 -45.98 -140.79
C LYS FC 158 124.39 -45.15 -139.72
N ARG FC 159 123.16 -44.71 -139.97
CA ARG FC 159 122.46 -43.92 -138.96
C ARG FC 159 121.98 -44.78 -137.81
N LEU FC 160 121.47 -45.97 -138.11
CA LEU FC 160 120.87 -46.82 -137.10
C LEU FC 160 121.93 -47.36 -136.13
N CYS FC 161 121.57 -47.40 -134.85
CA CYS FC 161 122.42 -47.98 -133.82
C CYS FC 161 121.56 -48.86 -132.91
N LEU FC 162 122.19 -49.84 -132.28
CA LEU FC 162 121.49 -50.75 -131.37
C LEU FC 162 121.77 -50.38 -129.92
N GLY FC 163 120.75 -50.53 -129.08
CA GLY FC 163 120.90 -50.26 -127.67
C GLY FC 163 120.25 -51.30 -126.78
N LEU FC 164 120.95 -51.74 -125.75
CA LEU FC 164 120.44 -52.72 -124.81
C LEU FC 164 119.98 -52.00 -123.55
N VAL FC 165 118.72 -52.20 -123.17
CA VAL FC 165 118.17 -51.56 -121.98
C VAL FC 165 118.66 -52.31 -120.75
N VAL FC 166 119.15 -51.57 -119.76
CA VAL FC 166 119.80 -52.17 -118.60
C VAL FC 166 119.09 -51.87 -117.28
N GLU FC 167 118.26 -50.84 -117.20
CA GLU FC 167 117.56 -50.55 -115.96
C GLU FC 167 116.24 -49.86 -116.28
N THR FC 168 115.22 -50.15 -115.48
CA THR FC 168 113.89 -49.62 -115.73
C THR FC 168 113.22 -49.22 -114.43
N ALA FC 169 112.53 -48.09 -114.44
CA ALA FC 169 111.79 -47.61 -113.28
C ALA FC 169 110.30 -47.92 -113.47
N CYS FC 170 109.72 -48.64 -112.51
CA CYS FC 170 108.34 -49.11 -112.60
C CYS FC 170 107.60 -48.81 -111.31
N VAL FC 171 106.31 -48.52 -111.43
CA VAL FC 171 105.48 -48.25 -110.27
C VAL FC 171 105.18 -49.56 -109.55
N ALA FC 172 105.37 -49.56 -108.22
CA ALA FC 172 105.10 -50.77 -107.44
C ALA FC 172 103.61 -51.04 -107.32
N ALA FC 173 102.80 -49.99 -107.16
CA ALA FC 173 101.37 -50.12 -107.00
C ALA FC 173 100.67 -49.27 -108.05
N ALA FC 174 99.34 -49.28 -108.00
CA ALA FC 174 98.55 -48.54 -108.97
C ALA FC 174 98.77 -47.04 -108.82
N GLY FC 175 98.84 -46.34 -109.95
CA GLY FC 175 99.06 -44.90 -109.97
C GLY FC 175 97.84 -44.18 -110.51
N LYS FC 176 97.47 -43.08 -109.87
CA LYS FC 176 96.25 -42.36 -110.20
C LYS FC 176 96.56 -40.99 -110.79
N LEU FC 177 95.95 -40.68 -111.93
CA LEU FC 177 96.17 -39.40 -112.60
C LEU FC 177 94.82 -38.74 -112.85
N THR FC 178 94.65 -37.52 -112.32
CA THR FC 178 93.39 -36.79 -112.43
C THR FC 178 93.65 -35.39 -112.99
N GLU FC 179 92.77 -34.96 -113.89
CA GLU FC 179 92.86 -33.64 -114.52
C GLU FC 179 91.49 -33.04 -114.67
N ALA FC 180 91.37 -31.75 -114.36
CA ALA FC 180 90.12 -31.01 -114.50
C ALA FC 180 90.38 -29.69 -115.19
N ASP FC 181 89.53 -29.34 -116.15
CA ASP FC 181 89.66 -28.13 -116.94
C ASP FC 181 88.31 -27.43 -117.00
N ASN FC 182 88.32 -26.11 -116.80
CA ASN FC 182 87.10 -25.30 -116.93
C ASN FC 182 87.49 -23.96 -117.50
N TRP FC 183 87.10 -23.67 -118.74
CA TRP FC 183 87.43 -22.37 -119.30
C TRP FC 183 86.22 -21.75 -119.98
N GLU FC 184 86.24 -20.43 -120.08
CA GLU FC 184 85.07 -19.66 -120.50
C GLU FC 184 85.50 -18.42 -121.25
N ILE FC 185 84.75 -18.07 -122.31
CA ILE FC 185 84.98 -16.90 -123.13
C ILE FC 185 83.65 -16.15 -123.29
N SER FC 186 83.69 -14.84 -123.08
CA SER FC 186 82.51 -13.99 -123.28
C SER FC 186 82.92 -12.74 -124.03
N GLY FC 187 82.37 -12.54 -125.21
CA GLY FC 187 82.72 -11.41 -126.04
C GLY FC 187 81.49 -10.66 -126.52
N HIS FC 188 81.68 -9.35 -126.74
CA HIS FC 188 80.61 -8.46 -127.17
C HIS FC 188 81.18 -7.40 -128.09
N THR FC 189 80.44 -7.08 -129.14
CA THR FC 189 80.87 -6.11 -130.15
C THR FC 189 79.70 -5.21 -130.49
N ASN FC 190 79.97 -3.90 -130.57
CA ASN FC 190 78.95 -2.91 -130.93
C ASN FC 190 79.56 -1.96 -131.96
N ALA FC 191 79.10 -2.04 -133.18
CA ALA FC 191 79.52 -1.16 -134.27
C ALA FC 191 78.37 -0.21 -134.57
N ASN FC 192 78.49 1.04 -134.15
CA ASN FC 192 77.47 2.06 -134.37
C ASN FC 192 77.93 2.97 -135.50
N ILE FC 193 77.10 3.06 -136.55
CA ILE FC 193 77.36 3.93 -137.68
C ILE FC 193 76.12 4.78 -137.90
N GLY FC 194 76.29 5.86 -138.66
CA GLY FC 194 75.18 6.78 -138.88
C GLY FC 194 73.94 6.12 -139.47
N GLU FC 195 74.13 5.10 -140.31
CA GLU FC 195 73.02 4.41 -140.93
C GLU FC 195 73.01 2.91 -140.63
N ALA FC 196 73.86 2.44 -139.71
CA ALA FC 196 73.91 1.02 -139.40
C ALA FC 196 74.28 0.84 -137.94
N VAL FC 197 73.62 -0.11 -137.29
CA VAL FC 197 73.91 -0.49 -135.90
C VAL FC 197 74.01 -2.00 -135.84
N VAL FC 198 75.16 -2.51 -135.38
CA VAL FC 198 75.39 -3.94 -135.25
C VAL FC 198 75.76 -4.24 -133.80
N THR FC 199 75.07 -5.21 -133.20
CA THR FC 199 75.33 -5.61 -131.82
C THR FC 199 75.43 -7.12 -131.76
N ALA FC 200 76.64 -7.64 -131.58
CA ALA FC 200 76.89 -9.06 -131.53
C ALA FC 200 77.40 -9.47 -130.14
N THR FC 201 77.05 -10.68 -129.74
CA THR FC 201 77.45 -11.20 -128.43
C THR FC 201 77.64 -12.71 -128.55
N ALA FC 202 78.67 -13.23 -127.88
CA ALA FC 202 78.95 -14.66 -127.92
C ALA FC 202 79.52 -15.12 -126.59
N GLU FC 203 78.92 -16.16 -126.01
CA GLU FC 203 79.39 -16.73 -124.76
C GLU FC 203 79.55 -18.23 -124.93
N LEU FC 204 80.66 -18.77 -124.41
CA LEU FC 204 80.83 -20.22 -124.41
C LEU FC 204 81.71 -20.61 -123.23
N ASP FC 205 81.62 -21.89 -122.85
CA ASP FC 205 82.41 -22.41 -121.75
C ASP FC 205 82.48 -23.92 -121.87
N LYS FC 206 83.68 -24.47 -121.66
CA LYS FC 206 83.93 -25.89 -121.76
C LYS FC 206 84.46 -26.42 -120.44
N ASN FC 207 83.98 -27.61 -120.06
CA ASN FC 207 84.39 -28.29 -118.84
C ASN FC 207 84.78 -29.72 -119.18
N LEU FC 208 85.95 -30.15 -118.73
CA LEU FC 208 86.45 -31.49 -118.97
C LEU FC 208 87.02 -32.07 -117.68
N SER FC 209 86.99 -33.39 -117.58
CA SER FC 209 87.58 -34.08 -116.43
C SER FC 209 87.99 -35.48 -116.86
N ARG FC 210 89.26 -35.82 -116.66
CA ARG FC 210 89.81 -37.11 -117.05
C ARG FC 210 90.52 -37.73 -115.86
N LYS FC 211 90.17 -38.98 -115.52
CA LYS FC 211 90.77 -39.68 -114.39
C LYS FC 211 91.10 -41.10 -114.82
N ILE FC 212 92.38 -41.47 -114.71
CA ILE FC 212 92.84 -42.79 -115.10
C ILE FC 212 93.71 -43.37 -113.99
N GLU FC 213 93.97 -44.68 -114.10
CA GLU FC 213 94.75 -45.41 -113.11
C GLU FC 213 95.62 -46.44 -113.82
N ILE FC 214 96.92 -46.20 -113.87
CA ILE FC 214 97.86 -47.16 -114.45
C ILE FC 214 98.08 -48.31 -113.47
N PRO FC 215 98.18 -49.54 -113.95
CA PRO FC 215 98.30 -50.68 -113.04
C PRO FC 215 99.74 -50.88 -112.58
N PRO FC 216 99.95 -51.69 -111.55
CA PRO FC 216 101.32 -51.95 -111.09
C PRO FC 216 102.16 -52.60 -112.18
N GLY FC 217 103.44 -52.23 -112.20
CA GLY FC 217 104.39 -52.77 -113.17
C GLY FC 217 104.60 -51.91 -114.39
N THR FC 218 103.83 -50.84 -114.56
CA THR FC 218 103.98 -49.98 -115.72
C THR FC 218 105.34 -49.27 -115.67
N ALA FC 219 106.09 -49.35 -116.77
CA ALA FC 219 107.39 -48.72 -116.83
C ALA FC 219 107.25 -47.21 -117.00
N LEU FC 220 108.18 -46.47 -116.40
CA LEU FC 220 108.19 -45.01 -116.48
C LEU FC 220 109.39 -44.46 -117.24
N ALA FC 221 110.59 -45.00 -117.00
CA ALA FC 221 111.80 -44.49 -117.63
C ALA FC 221 112.83 -45.59 -117.68
N TYR FC 222 113.86 -45.38 -118.50
CA TYR FC 222 114.86 -46.42 -118.72
C TYR FC 222 116.17 -45.79 -119.13
N SER FC 223 117.23 -46.60 -119.05
CA SER FC 223 118.56 -46.23 -119.53
C SER FC 223 119.12 -47.40 -120.31
N PHE FC 224 119.95 -47.10 -121.31
CA PHE FC 224 120.44 -48.14 -122.21
C PHE FC 224 121.90 -47.91 -122.54
N MET FC 225 122.55 -48.99 -123.00
CA MET FC 225 123.94 -48.97 -123.41
C MET FC 225 124.04 -49.28 -124.90
N ASP FC 226 124.93 -48.57 -125.60
CA ASP FC 226 125.04 -48.72 -127.03
C ASP FC 226 125.78 -50.00 -127.41
N LEU FC 227 125.58 -50.43 -128.66
CA LEU FC 227 126.22 -51.62 -129.20
C LEU FC 227 126.73 -51.32 -130.61
N GLU FC 228 127.51 -52.25 -131.15
CA GLU FC 228 128.09 -52.10 -132.47
C GLU FC 228 128.25 -53.47 -133.10
N ILE FC 229 127.72 -53.63 -134.31
CA ILE FC 229 127.83 -54.88 -135.06
C ILE FC 229 129.18 -54.90 -135.77
N LEU FC 230 129.98 -55.94 -135.52
CA LEU FC 230 131.22 -56.12 -136.26
C LEU FC 230 130.91 -56.52 -137.71
N GLU FC 231 131.97 -56.69 -138.50
CA GLU FC 231 131.82 -57.23 -139.84
C GLU FC 231 131.10 -58.57 -139.80
N ASP FC 232 131.51 -59.45 -138.89
CA ASP FC 232 130.80 -60.69 -138.63
C ASP FC 232 129.57 -60.42 -137.77
N ARG FC 233 128.89 -61.49 -137.38
CA ARG FC 233 127.75 -61.36 -136.48
C ARG FC 233 128.15 -60.96 -135.06
N SER FC 234 129.44 -60.90 -134.77
CA SER FC 234 129.91 -60.53 -133.44
C SER FC 234 129.43 -59.13 -133.05
N LEU FC 235 129.21 -58.95 -131.76
CA LEU FC 235 128.75 -57.67 -131.21
C LEU FC 235 129.79 -57.13 -130.24
N ARG FC 236 129.90 -55.80 -130.20
CA ARG FC 236 130.81 -55.12 -129.29
C ARG FC 236 130.07 -53.99 -128.59
N VAL FC 237 130.60 -53.57 -127.45
CA VAL FC 237 130.01 -52.47 -126.70
C VAL FC 237 130.82 -51.21 -126.99
N SER FC 238 130.12 -50.08 -127.10
CA SER FC 238 130.75 -48.82 -127.45
C SER FC 238 130.44 -47.77 -126.38
N SER FC 239 131.43 -46.95 -126.07
CA SER FC 239 131.32 -45.93 -125.03
C SER FC 239 131.74 -44.58 -125.59
N SER FC 240 130.80 -43.64 -125.63
CA SER FC 240 131.11 -42.27 -126.02
C SER FC 240 131.76 -41.57 -124.83
N ALA FC 241 133.06 -41.32 -124.93
CA ALA FC 241 133.85 -40.73 -123.84
C ALA FC 241 133.76 -41.57 -122.57
N GLY FC 242 133.62 -42.89 -122.72
CA GLY FC 242 133.55 -43.78 -121.59
C GLY FC 242 132.26 -43.70 -120.78
N ALA FC 243 131.19 -43.15 -121.36
CA ALA FC 243 129.94 -43.00 -120.62
C ALA FC 243 129.32 -44.37 -120.30
N MET FC 244 129.16 -45.21 -121.32
CA MET FC 244 128.50 -46.51 -121.21
C MET FC 244 127.09 -46.41 -120.65
N PHE FC 245 126.49 -45.23 -120.69
CA PHE FC 245 125.13 -45.02 -120.23
C PHE FC 245 124.53 -43.90 -121.08
N ASP FC 246 123.75 -44.27 -122.08
CA ASP FC 246 123.21 -43.29 -123.02
C ASP FC 246 121.78 -42.94 -122.62
N SER FC 247 121.50 -41.64 -122.55
CA SER FC 247 120.18 -41.13 -122.20
C SER FC 247 119.47 -40.52 -123.39
N GLY FC 248 119.90 -40.84 -124.61
CA GLY FC 248 119.30 -40.24 -125.79
C GLY FC 248 119.49 -38.74 -125.85
N LYS FC 249 120.66 -38.26 -125.46
CA LYS FC 249 120.97 -36.84 -125.44
C LYS FC 249 121.83 -36.46 -126.63
N ALA FC 250 121.71 -35.22 -127.06
CA ALA FC 250 122.53 -34.72 -128.16
C ALA FC 250 123.99 -34.62 -127.72
N GLU FC 251 124.89 -34.77 -128.69
CA GLU FC 251 126.32 -34.71 -128.38
C GLU FC 251 126.71 -33.34 -127.85
N SER FC 252 126.17 -32.27 -128.44
CA SER FC 252 126.44 -30.90 -128.02
C SER FC 252 127.93 -30.58 -128.03
CA ARG GC 3 116.42 -26.80 -109.23
C ARG GC 3 115.79 -28.00 -108.53
N PRO GC 4 116.25 -29.20 -108.87
CA PRO GC 4 115.70 -30.40 -108.23
C PRO GC 4 115.94 -30.39 -106.73
N MET GC 5 114.95 -30.92 -106.00
CA MET GC 5 115.06 -30.95 -104.54
C MET GC 5 116.23 -31.82 -104.10
N PHE GC 6 116.47 -32.94 -104.78
CA PHE GC 6 117.59 -33.79 -104.42
C PHE GC 6 118.91 -33.04 -104.59
N ALA GC 7 119.06 -32.31 -105.70
CA ALA GC 7 120.28 -31.54 -105.91
C ALA GC 7 120.44 -30.45 -104.86
N VAL GC 8 119.36 -29.77 -104.51
CA VAL GC 8 119.43 -28.73 -103.49
C VAL GC 8 119.84 -29.32 -102.15
N ALA GC 9 119.25 -30.45 -101.77
CA ALA GC 9 119.59 -31.08 -100.51
C ALA GC 9 121.04 -31.57 -100.51
N VAL GC 10 121.50 -32.10 -101.64
CA VAL GC 10 122.89 -32.54 -101.73
C VAL GC 10 123.83 -31.36 -101.55
N ASN GC 11 123.52 -30.23 -102.19
CA ASN GC 11 124.35 -29.03 -102.02
C ASN GC 11 124.35 -28.55 -100.58
N GLU GC 12 123.18 -28.55 -99.94
CA GLU GC 12 123.10 -28.13 -98.55
C GLU GC 12 123.95 -29.03 -97.65
N PHE GC 13 123.85 -30.34 -97.86
CA PHE GC 13 124.63 -31.28 -97.05
C PHE GC 13 126.12 -31.09 -97.28
N ILE GC 14 126.52 -30.96 -98.54
CA ILE GC 14 127.95 -30.86 -98.83
C ILE GC 14 128.52 -29.55 -98.32
N ARG GC 15 127.70 -28.49 -98.29
CA ARG GC 15 128.16 -27.24 -97.70
C ARG GC 15 128.29 -27.36 -96.18
N SER GC 16 127.27 -27.92 -95.52
CA SER GC 16 127.30 -28.02 -94.07
C SER GC 16 128.44 -28.91 -93.60
N ALA GC 17 128.66 -30.03 -94.27
CA ALA GC 17 129.71 -30.97 -93.91
C ALA GC 17 130.48 -31.37 -95.16
N GLY GC 18 131.81 -31.39 -95.06
CA GLY GC 18 132.64 -31.81 -96.17
C GLY GC 18 132.58 -30.91 -97.37
N GLN GC 19 132.69 -29.59 -97.17
CA GLN GC 19 132.70 -28.67 -98.30
C GLN GC 19 133.89 -28.92 -99.21
N ASP GC 20 134.98 -29.45 -98.68
CA ASP GC 20 136.14 -29.83 -99.47
C ASP GC 20 136.25 -31.35 -99.54
N SER GC 21 136.87 -31.82 -100.62
CA SER GC 21 137.09 -33.25 -100.85
C SER GC 21 135.78 -34.03 -100.84
N LEU GC 22 134.81 -33.54 -101.59
CA LEU GC 22 133.51 -34.21 -101.69
C LEU GC 22 132.82 -33.78 -102.97
N CYS GC 23 132.23 -34.74 -103.68
CA CYS GC 23 131.56 -34.50 -104.95
C CYS GC 23 130.09 -34.85 -104.81
N GLY GC 24 129.23 -33.93 -105.24
CA GLY GC 24 127.80 -34.17 -105.19
C GLY GC 24 127.36 -35.27 -106.15
N VAL GC 25 126.23 -35.89 -105.82
CA VAL GC 25 125.66 -36.95 -106.63
C VAL GC 25 124.71 -36.33 -107.66
N PRO GC 26 124.84 -36.67 -108.94
CA PRO GC 26 124.00 -36.01 -109.95
C PRO GC 26 122.51 -36.24 -109.79
N ASP GC 27 122.09 -37.48 -109.51
CA ASP GC 27 120.66 -37.77 -109.41
C ASP GC 27 120.46 -39.03 -108.60
N ILE GC 28 119.21 -39.23 -108.17
CA ILE GC 28 118.86 -40.38 -107.34
C ILE GC 28 119.10 -41.68 -108.09
N ASN GC 29 118.76 -41.72 -109.38
CA ASN GC 29 118.93 -42.94 -110.15
C ASN GC 29 120.38 -43.38 -110.21
N SER GC 30 121.29 -42.44 -110.44
CA SER GC 30 122.71 -42.75 -110.55
C SER GC 30 123.43 -42.69 -109.22
N SER GC 31 122.72 -42.42 -108.12
CA SER GC 31 123.35 -42.39 -106.82
C SER GC 31 123.97 -43.74 -106.46
N GLY GC 32 123.31 -44.84 -106.86
CA GLY GC 32 123.78 -46.16 -106.49
C GLY GC 32 125.04 -46.61 -107.22
N ASP GC 33 125.48 -45.87 -108.23
CA ASP GC 33 126.68 -46.22 -108.98
C ASP GC 33 127.94 -45.59 -108.42
N PHE GC 34 127.85 -44.85 -107.31
CA PHE GC 34 128.99 -44.18 -106.70
C PHE GC 34 129.32 -44.75 -105.33
N MET GC 35 129.09 -46.05 -105.15
CA MET GC 35 129.49 -46.73 -103.93
C MET GC 35 131.00 -46.97 -103.94
N PRO GC 36 131.59 -47.26 -102.79
CA PRO GC 36 133.05 -47.46 -102.73
C PRO GC 36 133.49 -48.60 -103.64
N LEU GC 37 134.71 -48.47 -104.15
CA LEU GC 37 135.32 -49.45 -105.05
C LEU GC 37 134.57 -49.52 -106.39
N HIS GC 38 134.28 -48.34 -106.94
CA HIS GC 38 133.67 -48.22 -108.26
C HIS GC 38 134.56 -47.37 -109.14
N ILE GC 39 134.60 -47.72 -110.43
CA ILE GC 39 135.40 -47.01 -111.42
C ILE GC 39 134.56 -45.92 -112.05
N ILE GC 40 135.13 -44.72 -112.18
CA ILE GC 40 134.50 -43.59 -112.85
C ILE GC 40 135.50 -43.01 -113.84
N VAL GC 41 134.97 -42.27 -114.81
CA VAL GC 41 135.77 -41.65 -115.86
C VAL GC 41 135.70 -40.14 -115.70
N LYS GC 42 136.85 -39.49 -115.78
CA LYS GC 42 136.95 -38.04 -115.67
C LYS GC 42 137.40 -37.46 -117.01
N GLU GC 43 136.68 -36.44 -117.48
CA GLU GC 43 136.95 -35.77 -118.73
C GLU GC 43 137.32 -34.32 -118.45
N VAL GC 44 138.42 -33.87 -119.04
CA VAL GC 44 138.92 -32.52 -118.84
C VAL GC 44 138.01 -31.52 -119.57
N PRO GC 45 137.93 -30.28 -119.11
CA PRO GC 45 137.07 -29.29 -119.80
C PRO GC 45 137.45 -29.05 -121.25
N LYS GC 46 138.75 -29.11 -121.57
CA LYS GC 46 139.32 -28.89 -122.90
C LYS GC 46 139.22 -27.44 -123.36
N VAL GC 47 138.60 -26.56 -122.58
CA VAL GC 47 138.49 -25.15 -122.94
C VAL GC 47 139.23 -24.31 -121.90
N LEU GC 48 138.80 -24.41 -120.66
CA LEU GC 48 139.45 -23.73 -119.53
C LEU GC 48 139.68 -24.76 -118.44
N PRO GC 49 140.68 -25.64 -118.60
CA PRO GC 49 140.88 -26.70 -117.61
C PRO GC 49 141.14 -26.18 -116.20
N CYS GC 50 141.86 -25.07 -116.07
CA CYS GC 50 142.15 -24.51 -114.75
C CYS GC 50 141.02 -23.66 -114.21
N CYS GC 51 140.00 -23.35 -115.01
CA CYS GC 51 138.90 -22.51 -114.58
C CYS GC 51 137.57 -23.25 -114.48
N ARG GC 52 137.45 -24.44 -115.06
CA ARG GC 52 136.20 -25.19 -115.07
C ARG GC 52 136.42 -26.56 -114.47
N ARG GC 53 135.46 -27.02 -113.67
CA ARG GC 53 135.56 -28.34 -113.07
C ARG GC 53 135.32 -29.42 -114.13
N PRO GC 54 136.01 -30.56 -114.02
CA PRO GC 54 135.87 -31.60 -115.04
C PRO GC 54 134.52 -32.29 -115.03
N LYS GC 55 134.31 -33.22 -115.94
CA LYS GC 55 133.05 -33.95 -116.09
C LYS GC 55 133.25 -35.39 -115.63
N ILE GC 56 132.34 -35.87 -114.79
CA ILE GC 56 132.45 -37.19 -114.18
C ILE GC 56 131.37 -38.10 -114.76
N LYS GC 57 131.78 -39.26 -115.25
CA LYS GC 57 130.90 -40.23 -115.89
C LYS GC 57 130.96 -41.53 -115.11
N ARG GC 58 129.78 -42.07 -114.79
CA ARG GC 58 129.69 -43.34 -114.09
C ARG GC 58 129.87 -44.51 -115.06
N THR GC 59 130.39 -45.61 -114.54
CA THR GC 59 130.58 -46.82 -115.32
C THR GC 59 130.08 -48.02 -114.54
N PRO GC 60 129.61 -49.07 -115.22
CA PRO GC 60 129.12 -50.27 -114.53
C PRO GC 60 130.25 -51.27 -114.27
N TYR GC 61 131.27 -50.83 -113.55
CA TYR GC 61 132.43 -51.67 -113.27
C TYR GC 61 132.86 -51.49 -111.82
N THR GC 62 133.40 -52.56 -111.25
CA THR GC 62 134.08 -52.52 -109.97
C THR GC 62 135.57 -52.79 -110.18
N LEU GC 63 136.33 -52.62 -109.10
CA LEU GC 63 137.77 -52.80 -109.18
C LEU GC 63 138.12 -54.23 -109.56
N ASN GC 64 137.45 -55.21 -108.95
CA ASN GC 64 137.76 -56.61 -109.22
C ASN GC 64 137.41 -56.98 -110.66
N ASP GC 65 136.34 -56.41 -111.20
CA ASP GC 65 135.99 -56.67 -112.60
C ASP GC 65 136.99 -56.02 -113.54
N ILE GC 66 137.41 -54.78 -113.24
CA ILE GC 66 138.31 -54.08 -114.15
C ILE GC 66 139.71 -54.66 -114.08
N LEU GC 67 140.07 -55.31 -112.98
CA LEU GC 67 141.40 -55.84 -112.79
C LEU GC 67 141.45 -57.34 -113.06
N ASP GC 68 142.52 -57.79 -113.72
CA ASP GC 68 142.73 -59.21 -113.89
C ASP GC 68 142.92 -59.91 -112.56
N GLU GC 69 143.69 -59.29 -111.66
CA GLU GC 69 143.95 -59.85 -110.34
C GLU GC 69 142.99 -59.23 -109.33
N PRO GC 70 142.21 -60.03 -108.61
CA PRO GC 70 141.26 -59.45 -107.64
C PRO GC 70 141.97 -58.86 -106.43
N CYS GC 71 141.25 -57.99 -105.74
CA CYS GC 71 141.70 -57.30 -104.55
C CYS GC 71 140.66 -57.47 -103.45
N PRO GC 72 141.06 -57.39 -102.19
CA PRO GC 72 140.06 -57.42 -101.10
C PRO GC 72 139.09 -56.26 -101.23
N ASN GC 73 137.82 -56.53 -100.88
CA ASN GC 73 136.76 -55.56 -101.12
C ASN GC 73 135.84 -55.37 -99.91
N GLN GC 74 136.23 -55.82 -98.72
CA GLN GC 74 135.39 -55.65 -97.55
C GLN GC 74 135.25 -54.17 -97.20
N LEU GC 75 134.08 -53.82 -96.66
CA LEU GC 75 133.74 -52.44 -96.35
C LEU GC 75 133.36 -52.29 -94.88
N LYS GC 76 133.27 -51.05 -94.45
CA LYS GC 76 132.82 -50.71 -93.10
C LYS GC 76 132.18 -49.33 -93.13
N SER GC 77 131.26 -49.10 -92.20
CA SER GC 77 130.53 -47.85 -92.14
C SER GC 77 130.54 -47.30 -90.72
N SER GC 78 130.49 -45.98 -90.63
CA SER GC 78 130.47 -45.29 -89.34
C SER GC 78 129.77 -43.96 -89.49
N ASP GC 79 129.24 -43.46 -88.37
CA ASP GC 79 128.46 -42.22 -88.42
C ASP GC 79 129.33 -41.03 -88.80
N LEU GC 80 128.73 -40.10 -89.54
CA LEU GC 80 129.42 -38.90 -89.99
C LEU GC 80 128.82 -37.62 -89.44
N VAL GC 81 127.51 -37.42 -89.61
CA VAL GC 81 126.84 -36.21 -89.14
C VAL GC 81 125.37 -36.56 -88.90
N THR GC 82 124.70 -35.73 -88.11
CA THR GC 82 123.31 -35.96 -87.73
C THR GC 82 122.56 -34.63 -87.77
N PHE GC 83 121.58 -34.52 -88.66
CA PHE GC 83 120.72 -33.34 -88.74
C PHE GC 83 119.54 -33.55 -87.80
N THR GC 84 119.61 -32.95 -86.62
CA THR GC 84 118.57 -33.18 -85.61
C THR GC 84 117.23 -32.61 -86.04
N GLU GC 85 117.23 -31.46 -86.71
CA GLU GC 85 115.99 -30.83 -87.15
C GLU GC 85 116.06 -30.55 -88.64
N PRO GC 86 114.91 -30.52 -89.31
CA PRO GC 86 114.90 -30.30 -90.76
C PRO GC 86 115.44 -28.93 -91.13
N LEU GC 87 116.16 -28.89 -92.26
CA LEU GC 87 116.56 -27.62 -92.85
C LEU GC 87 115.34 -26.96 -93.48
N VAL GC 88 114.98 -25.78 -92.99
CA VAL GC 88 113.78 -25.07 -93.39
C VAL GC 88 114.17 -23.75 -94.03
N SER GC 89 113.60 -23.46 -95.20
CA SER GC 89 113.88 -22.22 -95.91
C SER GC 89 112.58 -21.58 -96.35
N ASN GC 90 112.49 -20.27 -96.19
CA ASN GC 90 111.32 -19.50 -96.60
C ASN GC 90 111.77 -18.27 -97.38
N VAL GC 91 111.11 -18.01 -98.50
CA VAL GC 91 111.34 -16.82 -99.30
C VAL GC 91 109.99 -16.21 -99.62
N LYS GC 92 109.86 -14.91 -99.45
CA LYS GC 92 108.60 -14.22 -99.70
C LYS GC 92 108.91 -12.88 -100.34
N ALA GC 93 108.50 -12.71 -101.59
CA ALA GC 93 108.74 -11.48 -102.34
C ALA GC 93 107.41 -10.89 -102.79
N SER GC 94 107.35 -9.57 -102.85
CA SER GC 94 106.17 -8.87 -103.32
C SER GC 94 106.57 -7.51 -103.87
N SER GC 95 106.12 -7.19 -105.08
CA SER GC 95 106.50 -5.94 -105.72
C SER GC 95 105.32 -5.38 -106.50
N SER GC 96 105.36 -4.07 -106.72
CA SER GC 96 104.34 -3.37 -107.47
C SER GC 96 104.97 -2.22 -108.24
N ILE GC 97 104.48 -2.01 -109.47
CA ILE GC 97 104.99 -0.98 -110.36
C ILE GC 97 103.81 -0.17 -110.87
N GLY GC 98 103.96 1.15 -110.88
CA GLY GC 98 102.95 2.03 -111.44
C GLY GC 98 103.53 3.09 -112.34
N LEU GC 99 103.13 3.10 -113.61
CA LEU GC 99 103.65 4.03 -114.61
C LEU GC 99 102.49 4.87 -115.14
N GLN GC 100 102.71 6.18 -115.22
CA GLN GC 100 101.70 7.08 -115.78
C GLN GC 100 102.38 8.07 -116.71
N ILE GC 101 101.84 8.20 -117.92
CA ILE GC 101 102.28 9.20 -118.89
C ILE GC 101 101.10 10.12 -119.14
N LEU GC 102 101.11 11.28 -118.50
CA LEU GC 102 100.09 12.33 -118.65
C LEU GC 102 98.72 11.71 -118.36
N LYS GC 103 97.71 11.96 -119.18
CA LYS GC 103 96.45 11.24 -119.12
C LYS GC 103 96.29 10.29 -120.30
N HIS GC 104 97.40 9.89 -120.91
CA HIS GC 104 97.39 9.03 -122.09
C HIS GC 104 97.79 7.59 -121.80
N PHE GC 105 98.69 7.36 -120.84
CA PHE GC 105 99.11 6.01 -120.52
C PHE GC 105 99.03 5.79 -119.01
N ASP GC 106 98.53 4.63 -118.60
CA ASP GC 106 98.44 4.31 -117.17
C ASP GC 106 98.52 2.80 -117.01
N SER GC 107 99.65 2.31 -116.49
CA SER GC 107 99.85 0.88 -116.31
C SER GC 107 100.13 0.59 -114.83
N GLY GC 108 99.50 -0.45 -114.30
CA GLY GC 108 99.77 -0.89 -112.95
C GLY GC 108 99.98 -2.39 -112.88
N ALA GC 109 101.15 -2.82 -112.45
CA ALA GC 109 101.48 -4.23 -112.36
C ALA GC 109 101.87 -4.57 -110.93
N LYS GC 110 101.70 -5.84 -110.58
CA LYS GC 110 102.08 -6.29 -109.25
C LYS GC 110 102.33 -7.79 -109.30
N GLY GC 111 103.24 -8.25 -108.45
CA GLY GC 111 103.58 -9.65 -108.39
C GLY GC 111 103.94 -10.06 -106.98
N SER GC 112 103.76 -11.34 -106.70
CA SER GC 112 104.10 -11.89 -105.39
C SER GC 112 104.52 -13.34 -105.55
N LYS GC 113 105.38 -13.79 -104.63
CA LYS GC 113 105.90 -15.14 -104.67
C LYS GC 113 106.18 -15.61 -103.26
N ASN GC 114 105.83 -16.86 -102.97
CA ASN GC 114 106.07 -17.49 -101.67
C ASN GC 114 106.61 -18.88 -101.91
N PHE GC 115 107.81 -19.14 -101.41
CA PHE GC 115 108.54 -20.39 -101.66
C PHE GC 115 108.99 -20.97 -100.33
N ILE GC 116 108.65 -22.23 -100.09
CA ILE GC 116 108.96 -22.90 -98.83
C ILE GC 116 109.62 -24.23 -99.11
N THR GC 117 110.70 -24.53 -98.40
CA THR GC 117 111.44 -25.77 -98.59
C THR GC 117 111.75 -26.39 -97.22
N SER GC 118 111.69 -27.72 -97.16
CA SER GC 118 112.03 -28.45 -95.94
C SER GC 118 112.72 -29.74 -96.32
N ALA GC 119 113.88 -29.99 -95.72
CA ALA GC 119 114.64 -31.21 -95.98
C ALA GC 119 115.00 -31.88 -94.66
N SER GC 120 114.64 -33.15 -94.53
CA SER GC 120 114.92 -33.94 -93.33
C SER GC 120 115.78 -35.12 -93.76
N LEU GC 121 117.09 -35.02 -93.52
CA LEU GC 121 118.04 -36.06 -93.90
C LEU GC 121 118.35 -37.04 -92.78
N GLY GC 122 117.88 -36.79 -91.57
CA GLY GC 122 118.12 -37.72 -90.48
C GLY GC 122 119.60 -37.85 -90.18
N THR GC 123 120.09 -39.09 -90.22
CA THR GC 123 121.49 -39.41 -89.93
C THR GC 123 122.20 -39.80 -91.22
N VAL GC 124 123.40 -39.30 -91.41
CA VAL GC 124 124.22 -39.62 -92.58
C VAL GC 124 125.45 -40.39 -92.09
N VAL GC 125 125.71 -41.53 -92.71
CA VAL GC 125 126.85 -42.35 -92.38
C VAL GC 125 127.82 -42.34 -93.55
N LYS GC 126 129.05 -42.80 -93.29
CA LYS GC 126 130.09 -42.89 -94.31
C LYS GC 126 130.55 -44.33 -94.40
N ALA GC 127 130.65 -44.82 -95.63
CA ALA GC 127 131.08 -46.19 -95.91
C ALA GC 127 132.36 -46.15 -96.73
N GLU GC 128 133.31 -47.01 -96.36
CA GLU GC 128 134.62 -47.03 -96.97
C GLU GC 128 135.27 -48.38 -96.73
N THR GC 129 136.29 -48.67 -97.53
CA THR GC 129 137.02 -49.92 -97.39
C THR GC 129 137.65 -50.02 -95.99
N ILE GC 130 137.69 -51.23 -95.45
CA ILE GC 130 138.28 -51.44 -94.13
C ILE GC 130 139.76 -51.07 -94.14
N ASP GC 131 140.49 -51.49 -95.17
CA ASP GC 131 141.90 -51.17 -95.32
C ASP GC 131 142.13 -50.72 -96.75
N ILE GC 132 142.54 -49.46 -96.91
CA ILE GC 132 142.79 -48.92 -98.24
C ILE GC 132 144.23 -49.18 -98.70
N THR GC 133 145.16 -49.31 -97.76
CA THR GC 133 146.55 -49.54 -98.13
C THR GC 133 146.72 -50.86 -98.88
N LYS GC 134 146.05 -51.91 -98.41
CA LYS GC 134 146.11 -53.20 -99.10
C LYS GC 134 145.54 -53.10 -100.50
N VAL GC 135 144.40 -52.42 -100.64
CA VAL GC 135 143.78 -52.25 -101.95
C VAL GC 135 144.73 -51.51 -102.89
N LEU GC 136 145.37 -50.44 -102.39
CA LEU GC 136 146.30 -49.68 -103.22
C LEU GC 136 147.49 -50.53 -103.63
N ALA GC 137 148.04 -51.30 -102.70
CA ALA GC 137 149.18 -52.14 -103.02
C ALA GC 137 148.82 -53.15 -104.11
N LYS GC 138 147.68 -53.84 -103.93
CA LYS GC 138 147.26 -54.83 -104.91
C LYS GC 138 146.98 -54.18 -106.27
N VAL GC 139 146.38 -53.00 -106.28
CA VAL GC 139 146.16 -52.29 -107.54
C VAL GC 139 147.48 -52.03 -108.24
N ARG GC 140 148.46 -51.50 -107.50
CA ARG GC 140 149.74 -51.18 -108.09
C ARG GC 140 150.43 -52.42 -108.63
N THR GC 141 150.26 -53.56 -107.96
CA THR GC 141 150.90 -54.79 -108.41
C THR GC 141 150.03 -55.61 -109.36
N ALA GC 142 148.84 -55.14 -109.70
CA ALA GC 142 147.90 -55.90 -110.52
C ALA GC 142 147.73 -55.24 -111.88
N LYS GC 143 147.47 -56.05 -112.90
CA LYS GC 143 147.23 -55.57 -114.25
C LYS GC 143 145.73 -55.55 -114.57
N ALA GC 144 145.34 -54.59 -115.41
CA ALA GC 144 143.95 -54.44 -115.79
C ALA GC 144 143.53 -55.56 -116.75
N LYS GC 145 142.23 -55.65 -116.99
CA LYS GC 145 141.68 -56.68 -117.87
C LYS GC 145 141.95 -56.32 -119.32
N VAL GC 146 142.67 -57.19 -120.03
CA VAL GC 146 142.98 -56.95 -121.44
C VAL GC 146 141.70 -56.93 -122.26
N GLU GC 147 140.75 -57.81 -121.94
CA GLU GC 147 139.50 -57.87 -122.68
C GLU GC 147 138.71 -56.56 -122.59
N ASN GC 148 138.77 -55.89 -121.44
CA ASN GC 148 137.97 -54.68 -121.24
C ASN GC 148 138.30 -53.62 -122.27
N ASP GC 149 137.27 -53.00 -122.82
CA ASP GC 149 137.42 -51.96 -123.84
C ASP GC 149 137.58 -50.58 -123.23
N LEU GC 150 136.91 -50.31 -122.12
CA LEU GC 150 136.99 -49.01 -121.46
C LEU GC 150 138.44 -48.66 -121.11
N VAL GC 151 139.17 -49.62 -120.53
CA VAL GC 151 140.56 -49.38 -120.16
C VAL GC 151 141.39 -49.00 -121.38
N SER GC 152 141.20 -49.73 -122.49
CA SER GC 152 141.95 -49.42 -123.70
C SER GC 152 141.59 -48.04 -124.23
N ARG GC 153 140.31 -47.69 -124.20
CA ARG GC 153 139.89 -46.36 -124.63
C ARG GC 153 140.58 -45.28 -123.80
N VAL GC 154 140.55 -45.42 -122.48
CA VAL GC 154 141.17 -44.43 -121.60
C VAL GC 154 142.68 -44.39 -121.82
N MET GC 155 143.30 -45.53 -122.10
CA MET GC 155 144.74 -45.56 -122.36
C MET GC 155 145.08 -44.80 -123.64
N LYS GC 156 144.32 -45.03 -124.71
CA LYS GC 156 144.65 -44.39 -125.98
C LYS GC 156 144.31 -42.90 -125.95
N THR GC 157 143.24 -42.52 -125.26
CA THR GC 157 142.89 -41.11 -125.18
C THR GC 157 143.70 -40.42 -124.09
N LYS GC 158 143.88 -39.11 -124.25
CA LYS GC 158 144.64 -38.31 -123.30
C LYS GC 158 143.77 -37.52 -122.34
N ARG GC 159 142.55 -37.16 -122.74
CA ARG GC 159 141.68 -36.41 -121.84
C ARG GC 159 141.11 -37.30 -120.75
N LEU GC 160 140.73 -38.53 -121.10
CA LEU GC 160 140.06 -39.40 -120.15
C LEU GC 160 141.01 -39.87 -119.06
N CYS GC 161 140.50 -39.93 -117.84
CA CYS GC 161 141.24 -40.45 -116.70
C CYS GC 161 140.33 -41.38 -115.89
N LEU GC 162 140.94 -42.31 -115.17
CA LEU GC 162 140.19 -43.26 -114.36
C LEU GC 162 140.25 -42.87 -112.89
N GLY GC 163 139.16 -43.09 -112.18
CA GLY GC 163 139.11 -42.80 -110.76
C GLY GC 163 138.41 -43.88 -109.96
N LEU GC 164 139.00 -44.27 -108.83
CA LEU GC 164 138.44 -45.28 -107.95
C LEU GC 164 137.78 -44.58 -106.78
N VAL GC 165 136.50 -44.87 -106.55
CA VAL GC 165 135.76 -44.26 -105.45
C VAL GC 165 136.14 -44.97 -104.16
N VAL GC 166 136.45 -44.20 -103.12
CA VAL GC 166 136.98 -44.75 -101.89
C VAL GC 166 136.09 -44.49 -100.67
N GLU GC 167 135.20 -43.51 -100.70
CA GLU GC 167 134.32 -43.27 -99.57
C GLU GC 167 133.01 -42.67 -100.06
N THR GC 168 131.92 -43.02 -99.39
CA THR GC 168 130.60 -42.58 -99.82
C THR GC 168 129.75 -42.22 -98.62
N ALA GC 169 128.99 -41.13 -98.73
CA ALA GC 169 128.08 -40.70 -97.68
C ALA GC 169 126.66 -41.11 -98.05
N CYS GC 170 126.01 -41.86 -97.17
CA CYS GC 170 124.69 -42.41 -97.42
C CYS GC 170 123.77 -42.16 -96.24
N VAL GC 171 122.48 -41.95 -96.52
CA VAL GC 171 121.50 -41.73 -95.47
C VAL GC 171 121.18 -43.06 -94.78
N ALA GC 172 121.22 -43.05 -93.45
CA ALA GC 172 120.92 -44.27 -92.70
C ALA GC 172 119.45 -44.63 -92.77
N ALA GC 173 118.57 -43.64 -92.72
CA ALA GC 173 117.14 -43.85 -92.74
C ALA GC 173 116.51 -43.06 -93.88
N ALA GC 174 115.19 -43.15 -94.00
CA ALA GC 174 114.49 -42.46 -95.07
C ALA GC 174 114.59 -40.95 -94.92
N GLY GC 175 114.77 -40.26 -96.03
CA GLY GC 175 114.89 -38.80 -96.05
C GLY GC 175 113.71 -38.17 -96.74
N LYS GC 176 113.18 -37.09 -96.16
CA LYS GC 176 111.97 -36.45 -96.65
C LYS GC 176 112.27 -35.07 -97.21
N LEU GC 177 111.80 -34.80 -98.43
CA LEU GC 177 112.01 -33.51 -99.08
C LEU GC 177 110.68 -32.94 -99.49
N THR GC 178 110.36 -31.73 -99.02
CA THR GC 178 109.08 -31.09 -99.29
C THR GC 178 109.31 -29.68 -99.83
N GLU GC 179 108.53 -29.30 -100.84
CA GLU GC 179 108.63 -27.99 -101.47
C GLU GC 179 107.24 -27.47 -101.79
N ALA GC 180 107.01 -26.19 -101.52
CA ALA GC 180 105.74 -25.54 -101.82
C ALA GC 180 106.00 -24.20 -102.49
N ASP GC 181 105.25 -23.91 -103.56
CA ASP GC 181 105.41 -22.69 -104.34
C ASP GC 181 104.05 -22.09 -104.58
N ASN GC 182 103.93 -20.76 -104.39
CA ASN GC 182 102.70 -20.04 -104.69
C ASN GC 182 103.07 -18.67 -105.22
N TRP GC 183 102.82 -18.42 -106.50
CA TRP GC 183 103.14 -17.10 -107.03
C TRP GC 183 101.99 -16.57 -107.87
N GLU GC 184 101.92 -15.24 -107.98
CA GLU GC 184 100.78 -14.56 -108.55
C GLU GC 184 101.22 -13.29 -109.26
N ILE GC 185 100.59 -13.00 -110.40
CA ILE GC 185 100.85 -11.81 -111.20
C ILE GC 185 99.52 -11.15 -111.54
N SER GC 186 99.43 -9.84 -111.34
CA SER GC 186 98.24 -9.07 -111.69
C SER GC 186 98.67 -7.80 -112.40
N GLY GC 187 98.25 -7.64 -113.65
CA GLY GC 187 98.63 -6.49 -114.43
C GLY GC 187 97.43 -5.82 -115.07
N HIS GC 188 97.57 -4.51 -115.28
CA HIS GC 188 96.51 -3.69 -115.85
C HIS GC 188 97.12 -2.60 -116.70
N THR GC 189 96.50 -2.33 -117.85
CA THR GC 189 96.99 -1.34 -118.81
C THR GC 189 95.82 -0.51 -119.30
N ASN GC 190 96.01 0.81 -119.37
CA ASN GC 190 94.99 1.73 -119.86
C ASN GC 190 95.67 2.72 -120.81
N ALA GC 191 95.37 2.60 -122.09
CA ALA GC 191 95.87 3.51 -123.12
C ALA GC 191 94.69 4.37 -123.58
N ASN GC 192 94.69 5.63 -123.16
CA ASN GC 192 93.65 6.58 -123.52
C ASN GC 192 94.18 7.51 -124.60
N ILE GC 193 93.49 7.55 -125.73
CA ILE GC 193 93.85 8.43 -126.84
C ILE GC 193 92.59 9.20 -127.22
N GLY GC 194 92.77 10.29 -127.97
CA GLY GC 194 91.65 11.13 -128.34
C GLY GC 194 90.54 10.40 -129.07
N GLU GC 195 90.90 9.39 -129.87
CA GLU GC 195 89.91 8.62 -130.62
C GLU GC 195 89.97 7.13 -130.30
N ALA GC 196 90.72 6.71 -129.28
CA ALA GC 196 90.84 5.30 -128.95
C ALA GC 196 91.02 5.15 -127.45
N VAL GC 197 90.35 4.16 -126.88
CA VAL GC 197 90.48 3.81 -125.46
C VAL GC 197 90.67 2.31 -125.37
N VAL GC 198 91.77 1.87 -124.77
CA VAL GC 198 92.08 0.46 -124.59
C VAL GC 198 92.28 0.19 -123.10
N THR GC 199 91.59 -0.82 -122.58
CA THR GC 199 91.69 -1.20 -121.17
C THR GC 199 91.88 -2.71 -121.09
N ALA GC 200 93.08 -3.14 -120.74
CA ALA GC 200 93.42 -4.55 -120.64
C ALA GC 200 93.76 -4.92 -119.21
N THR GC 201 93.44 -6.14 -118.83
CA THR GC 201 93.71 -6.64 -117.48
C THR GC 201 94.01 -8.13 -117.56
N ALA GC 202 94.98 -8.58 -116.76
CA ALA GC 202 95.34 -9.99 -116.74
C ALA GC 202 95.78 -10.40 -115.34
N GLU GC 203 95.18 -11.47 -114.82
CA GLU GC 203 95.52 -12.01 -113.53
C GLU GC 203 95.79 -13.50 -113.66
N LEU GC 204 96.85 -13.96 -112.99
CA LEU GC 204 97.12 -15.39 -112.95
C LEU GC 204 97.87 -15.73 -111.67
N ASP GC 205 97.80 -17.01 -111.29
CA ASP GC 205 98.48 -17.47 -110.09
C ASP GC 205 98.67 -18.98 -110.18
N LYS GC 206 99.86 -19.45 -109.82
CA LYS GC 206 100.21 -20.86 -109.88
C LYS GC 206 100.60 -21.35 -108.49
N ASN GC 207 100.15 -22.55 -108.16
CA ASN GC 207 100.45 -23.21 -106.89
C ASN GC 207 100.96 -24.61 -107.17
N LEU GC 208 102.09 -24.96 -106.57
CA LEU GC 208 102.70 -26.27 -106.72
C LEU GC 208 103.15 -26.80 -105.36
N SER GC 209 103.19 -28.12 -105.24
CA SER GC 209 103.67 -28.77 -104.03
C SER GC 209 104.21 -30.14 -104.39
N ARG GC 210 105.47 -30.40 -104.02
CA ARG GC 210 106.13 -31.66 -104.32
C ARG GC 210 106.73 -32.22 -103.04
N LYS GC 211 106.42 -33.49 -102.74
CA LYS GC 211 106.91 -34.14 -101.54
C LYS GC 211 107.39 -35.54 -101.90
N ILE GC 212 108.67 -35.83 -101.62
CA ILE GC 212 109.26 -37.12 -101.94
C ILE GC 212 110.02 -37.64 -100.73
N GLU GC 213 110.38 -38.92 -100.79
CA GLU GC 213 111.06 -39.60 -99.69
C GLU GC 213 112.07 -40.58 -100.27
N ILE GC 214 113.35 -40.25 -100.15
CA ILE GC 214 114.42 -41.15 -100.60
C ILE GC 214 114.58 -42.28 -99.60
N PRO GC 215 114.82 -43.50 -100.04
CA PRO GC 215 114.89 -44.64 -99.12
C PRO GC 215 116.27 -44.74 -98.47
N PRO GC 216 116.40 -45.52 -97.41
CA PRO GC 216 117.72 -45.70 -96.78
C PRO GC 216 118.73 -46.29 -97.75
N GLY GC 217 119.98 -45.85 -97.62
CA GLY GC 217 121.07 -46.33 -98.44
C GLY GC 217 121.39 -45.46 -99.64
N THR GC 218 120.57 -44.44 -99.93
CA THR GC 218 120.83 -43.57 -101.06
C THR GC 218 122.11 -42.78 -100.85
N ALA GC 219 123.00 -42.82 -101.85
CA ALA GC 219 124.25 -42.10 -101.75
C ALA GC 219 124.04 -40.61 -101.94
N LEU GC 220 124.83 -39.80 -101.24
CA LEU GC 220 124.77 -38.35 -101.34
C LEU GC 220 126.02 -37.73 -101.94
N ALA GC 221 127.20 -38.18 -101.56
CA ALA GC 221 128.44 -37.60 -102.03
C ALA GC 221 129.54 -38.64 -101.94
N TYR GC 222 130.66 -38.36 -102.61
CA TYR GC 222 131.73 -39.33 -102.71
C TYR GC 222 133.06 -38.62 -102.95
N SER GC 223 134.14 -39.36 -102.72
CA SER GC 223 135.49 -38.91 -103.04
C SER GC 223 136.23 -40.04 -103.73
N PHE GC 224 137.15 -39.69 -104.61
CA PHE GC 224 137.81 -40.70 -105.43
C PHE GC 224 139.30 -40.38 -105.58
N MET GC 225 140.06 -41.41 -105.94
CA MET GC 225 141.49 -41.31 -106.17
C MET GC 225 141.79 -41.61 -107.63
N ASP GC 226 142.72 -40.85 -108.22
CA ASP GC 226 143.02 -41.00 -109.63
C ASP GC 226 143.88 -42.23 -109.90
N LEU GC 227 143.87 -42.68 -111.15
CA LEU GC 227 144.65 -43.82 -111.59
C LEU GC 227 145.31 -43.49 -112.93
N GLU GC 228 146.21 -44.37 -113.35
CA GLU GC 228 146.94 -44.19 -114.59
C GLU GC 228 147.27 -45.55 -115.18
N ILE GC 229 146.91 -45.75 -116.45
CA ILE GC 229 147.20 -46.99 -117.16
C ILE GC 229 148.63 -46.93 -117.69
N LEU GC 230 149.45 -47.91 -117.33
CA LEU GC 230 150.78 -48.01 -117.91
C LEU GC 230 150.68 -48.43 -119.38
N GLU GC 231 151.85 -48.54 -120.03
CA GLU GC 231 151.90 -49.09 -121.37
C GLU GC 231 151.27 -50.48 -121.41
N ASP GC 232 151.62 -51.33 -120.45
CA ASP GC 232 150.96 -52.61 -120.26
C ASP GC 232 149.62 -52.41 -119.57
N ARG GC 233 148.96 -53.53 -119.25
CA ARG GC 233 147.71 -53.47 -118.50
C ARG GC 233 147.90 -53.04 -117.05
N SER GC 234 149.14 -52.90 -116.60
CA SER GC 234 149.41 -52.49 -115.23
C SER GC 234 148.80 -51.12 -114.92
N LEU GC 235 148.39 -50.95 -113.66
CA LEU GC 235 147.79 -49.70 -113.20
C LEU GC 235 148.66 -49.09 -112.10
N ARG GC 236 148.67 -47.76 -112.06
CA ARG GC 236 149.43 -47.02 -111.06
C ARG GC 236 148.53 -45.94 -110.47
N VAL GC 237 148.88 -45.48 -109.28
CA VAL GC 237 148.14 -44.41 -108.62
C VAL GC 237 148.89 -43.11 -108.82
N SER GC 238 148.14 -42.03 -109.03
CA SER GC 238 148.73 -40.73 -109.32
C SER GC 238 148.22 -39.70 -108.31
N SER GC 239 149.12 -38.81 -107.88
CA SER GC 239 148.80 -37.80 -106.87
C SER GC 239 149.20 -36.43 -107.39
N SER GC 240 148.22 -35.55 -107.56
CA SER GC 240 148.49 -34.17 -107.92
C SER GC 240 148.94 -33.42 -106.68
N ALA GC 241 150.23 -33.09 -106.61
CA ALA GC 241 150.83 -32.45 -105.44
C ALA GC 241 150.63 -33.29 -104.17
N GLY GC 242 150.58 -34.61 -104.33
CA GLY GC 242 150.43 -35.50 -103.21
C GLY GC 242 149.06 -35.51 -102.57
N ALA GC 243 148.04 -35.02 -103.28
CA ALA GC 243 146.70 -34.96 -102.71
C ALA GC 243 146.13 -36.36 -102.46
N MET GC 244 146.15 -37.21 -103.49
CA MET GC 244 145.57 -38.55 -103.43
C MET GC 244 144.09 -38.54 -103.06
N PHE GC 245 143.43 -37.40 -103.19
CA PHE GC 245 142.00 -37.27 -102.91
C PHE GC 245 141.46 -36.20 -103.84
N ASP GC 246 140.83 -36.62 -104.93
CA ASP GC 246 140.35 -35.69 -105.94
C ASP GC 246 138.87 -35.43 -105.73
N SER GC 247 138.49 -34.14 -105.71
CA SER GC 247 137.12 -33.72 -105.53
C SER GC 247 136.52 -33.16 -106.82
N GLY GC 248 137.12 -33.46 -107.96
CA GLY GC 248 136.64 -32.91 -109.22
C GLY GC 248 136.74 -31.39 -109.27
N LYS GC 249 137.83 -30.84 -108.74
CA LYS GC 249 138.03 -29.40 -108.70
C LYS GC 249 139.02 -28.97 -109.77
N ALA GC 250 138.86 -27.74 -110.24
CA ALA GC 250 139.79 -27.19 -111.22
C ALA GC 250 141.17 -26.99 -110.60
N GLU GC 251 142.19 -27.09 -111.44
CA GLU GC 251 143.56 -26.94 -110.97
C GLU GC 251 143.80 -25.55 -110.40
N SER GC 252 143.27 -24.51 -111.06
CA SER GC 252 143.40 -23.12 -110.62
C SER GC 252 144.86 -22.72 -110.45
CA ARG HC 3 130.82 -19.60 -93.27
C ARG HC 3 130.18 -20.84 -92.64
N PRO HC 4 130.76 -22.01 -92.91
CA PRO HC 4 130.21 -23.24 -92.33
C PRO HC 4 130.25 -23.21 -90.81
N MET HC 5 129.21 -23.79 -90.19
CA MET HC 5 129.13 -23.81 -88.75
C MET HC 5 130.30 -24.60 -88.15
N PHE HC 6 130.69 -25.70 -88.78
CA PHE HC 6 131.81 -26.48 -88.27
C PHE HC 6 133.09 -25.65 -88.29
N ALA HC 7 133.33 -24.91 -89.37
CA ALA HC 7 134.52 -24.07 -89.44
C ALA HC 7 134.47 -22.97 -88.38
N VAL HC 8 133.30 -22.36 -88.19
CA VAL HC 8 133.18 -21.31 -87.18
C VAL HC 8 133.46 -21.87 -85.79
N ALA HC 9 132.89 -23.04 -85.48
CA ALA HC 9 133.12 -23.64 -84.17
C ALA HC 9 134.58 -24.03 -83.99
N VAL HC 10 135.22 -24.53 -85.04
CA VAL HC 10 136.64 -24.89 -84.95
C VAL HC 10 137.47 -23.64 -84.66
N ASN HC 11 137.17 -22.54 -85.35
CA ASN HC 11 137.90 -21.30 -85.10
C ASN HC 11 137.67 -20.80 -83.67
N GLU HC 12 136.44 -20.88 -83.18
CA GLU HC 12 136.17 -20.46 -81.81
C GLU HC 12 136.94 -21.30 -80.81
N PHE HC 13 136.95 -22.61 -81.01
CA PHE HC 13 137.67 -23.50 -80.10
C PHE HC 13 139.17 -23.21 -80.14
N ILE HC 14 139.73 -23.07 -81.34
CA ILE HC 14 141.18 -22.87 -81.46
C ILE HC 14 141.58 -21.52 -80.89
N ARG HC 15 140.70 -20.51 -80.97
CA ARG HC 15 141.01 -19.24 -80.34
C ARG HC 15 140.94 -19.35 -78.83
N SER HC 16 139.89 -19.97 -78.29
CA SER HC 16 139.74 -20.06 -76.84
C SER HC 16 140.86 -20.88 -76.22
N ALA HC 17 141.24 -21.99 -76.85
CA ALA HC 17 142.29 -22.85 -76.34
C ALA HC 17 143.24 -23.20 -77.48
N GLY HC 18 144.54 -23.14 -77.21
CA GLY HC 18 145.53 -23.51 -78.20
C GLY HC 18 145.57 -22.62 -79.42
N GLN HC 19 145.58 -21.29 -79.21
CA GLN HC 19 145.67 -20.38 -80.35
C GLN HC 19 146.98 -20.55 -81.10
N ASP HC 20 148.01 -21.01 -80.43
CA ASP HC 20 149.29 -21.32 -81.05
C ASP HC 20 149.50 -22.83 -81.09
N SER HC 21 150.28 -23.26 -82.09
CA SER HC 21 150.62 -24.68 -82.27
C SER HC 21 149.37 -25.54 -82.42
N LEU HC 22 148.47 -25.12 -83.29
CA LEU HC 22 147.25 -25.87 -83.53
C LEU HC 22 146.70 -25.48 -84.91
N CYS HC 23 146.26 -26.48 -85.67
CA CYS HC 23 145.75 -26.29 -87.01
C CYS HC 23 144.29 -26.73 -87.06
N GLY HC 24 143.43 -25.87 -87.61
CA GLY HC 24 142.03 -26.21 -87.74
C GLY HC 24 141.80 -27.34 -88.73
N VAL HC 25 140.68 -28.03 -88.54
CA VAL HC 25 140.28 -29.13 -89.42
C VAL HC 25 139.43 -28.57 -90.55
N PRO HC 26 139.74 -28.91 -91.81
CA PRO HC 26 139.00 -28.30 -92.92
C PRO HC 26 137.51 -28.63 -92.95
N ASP HC 27 137.15 -29.89 -92.71
CA ASP HC 27 135.75 -30.27 -92.79
C ASP HC 27 135.51 -31.55 -92.00
N ILE HC 28 134.23 -31.83 -91.73
CA ILE HC 28 133.86 -32.98 -90.93
C ILE HC 28 134.28 -34.27 -91.63
N ASN HC 29 134.10 -34.34 -92.95
CA ASN HC 29 134.43 -35.55 -93.68
C ASN HC 29 135.91 -35.89 -93.55
N SER HC 30 136.78 -34.90 -93.68
CA SER HC 30 138.22 -35.11 -93.60
C SER HC 30 138.77 -35.00 -92.19
N SER HC 31 137.90 -34.78 -91.20
CA SER HC 31 138.37 -34.70 -89.82
C SER HC 31 139.01 -36.01 -89.38
N GLY HC 32 138.49 -37.15 -89.84
CA GLY HC 32 138.99 -38.43 -89.40
C GLY HC 32 140.35 -38.80 -89.96
N ASP HC 33 140.87 -38.04 -90.91
CA ASP HC 33 142.17 -38.32 -91.50
C ASP HC 33 143.31 -37.60 -90.79
N PHE HC 34 143.03 -36.87 -89.71
CA PHE HC 34 144.04 -36.12 -88.97
C PHE HC 34 144.23 -36.67 -87.56
N MET HC 35 144.06 -37.97 -87.39
CA MET HC 35 144.35 -38.62 -86.13
C MET HC 35 145.86 -38.77 -85.95
N PRO HC 36 146.31 -39.01 -84.72
CA PRO HC 36 147.76 -39.13 -84.49
C PRO HC 36 148.39 -40.24 -85.31
N LEU HC 37 149.65 -40.03 -85.67
CA LEU HC 37 150.44 -40.97 -86.48
C LEU HC 37 149.87 -41.09 -87.90
N HIS HC 38 149.57 -39.94 -88.50
CA HIS HC 38 149.13 -39.86 -89.88
C HIS HC 38 150.08 -38.96 -90.66
N ILE HC 39 150.30 -39.31 -91.92
CA ILE HC 39 151.17 -38.55 -92.81
C ILE HC 39 150.35 -37.52 -93.55
N ILE HC 40 150.86 -36.28 -93.62
CA ILE HC 40 150.24 -35.20 -94.37
C ILE HC 40 151.31 -34.56 -95.24
N VAL HC 41 150.87 -33.86 -96.28
CA VAL HC 41 151.76 -33.20 -97.22
C VAL HC 41 151.57 -31.69 -97.09
N LYS HC 42 152.68 -30.97 -97.04
CA LYS HC 42 152.67 -29.52 -96.94
C LYS HC 42 153.25 -28.91 -98.21
N GLU HC 43 152.53 -27.95 -98.78
CA GLU HC 43 152.91 -27.26 -99.99
C GLU HC 43 153.15 -25.79 -99.68
N VAL HC 44 154.29 -25.27 -100.14
CA VAL HC 44 154.68 -23.89 -99.89
C VAL HC 44 153.81 -22.95 -100.74
N PRO HC 45 153.59 -21.71 -100.30
CA PRO HC 45 152.75 -20.79 -101.11
C PRO HC 45 153.31 -20.53 -102.50
N LYS HC 46 154.63 -20.50 -102.66
CA LYS HC 46 155.35 -20.26 -103.91
C LYS HC 46 155.22 -18.82 -104.39
N VAL HC 47 154.45 -17.97 -103.70
CA VAL HC 47 154.31 -16.58 -104.09
C VAL HC 47 154.86 -15.69 -102.98
N LEU HC 48 154.28 -15.81 -101.79
CA LEU HC 48 154.73 -15.08 -100.61
C LEU HC 48 154.88 -16.09 -99.48
N PRO HC 49 155.95 -16.91 -99.51
CA PRO HC 49 156.09 -17.95 -98.49
C PRO HC 49 156.14 -17.42 -97.07
N CYS HC 50 156.76 -16.26 -96.85
CA CYS HC 50 156.85 -15.68 -95.52
C CYS HC 50 155.60 -14.90 -95.13
N CYS HC 51 154.67 -14.66 -96.06
CA CYS HC 51 153.48 -13.89 -95.78
C CYS HC 51 152.19 -14.71 -95.84
N ARG HC 52 152.23 -15.91 -96.42
CA ARG HC 52 151.04 -16.74 -96.58
C ARG HC 52 151.27 -18.09 -95.93
N ARG HC 53 150.25 -18.61 -95.26
CA ARG HC 53 150.35 -19.92 -94.64
C ARG HC 53 150.32 -21.01 -95.70
N PRO HC 54 151.05 -22.10 -95.50
CA PRO HC 54 151.11 -23.16 -96.52
C PRO HC 54 149.82 -23.93 -96.67
N LYS HC 55 149.79 -24.88 -97.60
CA LYS HC 55 148.61 -25.69 -97.88
C LYS HC 55 148.83 -27.11 -97.38
N ILE HC 56 147.86 -27.64 -96.67
CA ILE HC 56 147.97 -28.95 -96.03
C ILE HC 56 147.03 -29.93 -96.74
N LYS HC 57 147.58 -31.07 -97.16
CA LYS HC 57 146.86 -32.09 -97.89
C LYS HC 57 146.89 -33.39 -97.10
N ARG HC 58 145.72 -34.00 -96.92
CA ARG HC 58 145.63 -35.27 -96.23
C ARG HC 58 145.99 -36.42 -97.15
N THR HC 59 146.51 -37.49 -96.56
CA THR HC 59 146.88 -38.69 -97.29
C THR HC 59 146.36 -39.92 -96.56
N PRO HC 60 146.05 -40.99 -97.29
CA PRO HC 60 145.56 -42.22 -96.65
C PRO HC 60 146.70 -43.15 -96.25
N TYR HC 61 147.60 -42.64 -95.40
CA TYR HC 61 148.76 -43.40 -94.97
C TYR HC 61 148.99 -43.19 -93.47
N THR HC 62 149.52 -44.22 -92.84
CA THR HC 62 150.02 -44.14 -91.48
C THR HC 62 151.54 -44.31 -91.48
N LEU HC 63 152.14 -44.08 -90.32
CA LEU HC 63 153.60 -44.17 -90.23
C LEU HC 63 154.08 -45.58 -90.54
N ASN HC 64 153.40 -46.60 -90.00
CA ASN HC 64 153.83 -47.98 -90.22
C ASN HC 64 153.69 -48.37 -91.69
N ASP HC 65 152.66 -47.87 -92.37
CA ASP HC 65 152.51 -48.16 -93.79
C ASP HC 65 153.58 -47.45 -94.61
N ILE HC 66 153.88 -46.18 -94.27
CA ILE HC 66 154.84 -45.43 -95.06
C ILE HC 66 156.26 -45.92 -94.82
N LEU HC 67 156.51 -46.54 -93.67
CA LEU HC 67 157.85 -46.98 -93.31
C LEU HC 67 158.02 -48.47 -93.55
N ASP HC 68 159.18 -48.86 -94.07
CA ASP HC 68 159.51 -50.27 -94.20
C ASP HC 68 159.58 -50.94 -92.83
N GLU HC 69 160.19 -50.27 -91.86
CA GLU HC 69 160.30 -50.81 -90.51
C GLU HC 69 159.19 -50.25 -89.63
N PRO HC 70 158.37 -51.09 -89.00
CA PRO HC 70 157.28 -50.58 -88.17
C PRO HC 70 157.79 -49.94 -86.89
N CYS HC 71 156.93 -49.11 -86.31
CA CYS HC 71 157.18 -48.39 -85.08
C CYS HC 71 156.01 -48.63 -84.12
N PRO HC 72 156.25 -48.51 -82.81
CA PRO HC 72 155.13 -48.61 -81.87
C PRO HC 72 154.10 -47.52 -82.13
N ASN HC 73 152.83 -47.86 -81.94
CA ASN HC 73 151.74 -46.97 -82.32
C ASN HC 73 150.67 -46.83 -81.24
N GLN HC 74 150.94 -47.25 -80.01
CA GLN HC 74 149.95 -47.13 -78.95
C GLN HC 74 149.65 -45.67 -78.64
N LEU HC 75 148.42 -45.39 -78.25
CA LEU HC 75 147.95 -44.03 -78.01
C LEU HC 75 147.38 -43.90 -76.61
N LYS HC 76 147.15 -42.66 -76.20
CA LYS HC 76 146.53 -42.35 -74.92
C LYS HC 76 145.80 -41.02 -75.05
N SER HC 77 144.76 -40.84 -74.24
CA SER HC 77 143.94 -39.64 -74.29
C SER HC 77 143.75 -39.09 -72.88
N SER HC 78 143.59 -37.77 -72.81
CA SER HC 78 143.38 -37.08 -71.55
C SER HC 78 142.61 -35.80 -71.80
N ASP HC 79 141.91 -35.33 -70.77
CA ASP HC 79 141.07 -34.14 -70.92
C ASP HC 79 141.90 -32.90 -71.21
N LEU HC 80 141.34 -32.01 -72.03
CA LEU HC 80 142.02 -30.77 -72.40
C LEU HC 80 141.27 -29.53 -71.94
N VAL HC 81 139.98 -29.41 -72.28
CA VAL HC 81 139.17 -28.25 -71.91
C VAL HC 81 137.71 -28.69 -71.86
N THR HC 82 136.90 -27.91 -71.18
CA THR HC 82 135.49 -28.22 -70.97
C THR HC 82 134.67 -26.95 -71.11
N PHE HC 83 133.80 -26.90 -72.12
CA PHE HC 83 132.88 -25.78 -72.32
C PHE HC 83 131.61 -26.07 -71.54
N THR HC 84 131.49 -25.45 -70.37
CA THR HC 84 130.35 -25.74 -69.49
C THR HC 84 129.04 -25.27 -70.10
N GLU HC 85 129.05 -24.12 -70.78
CA GLU HC 85 127.85 -23.58 -71.38
C GLU HC 85 128.08 -23.29 -72.85
N PRO HC 86 127.02 -23.35 -73.66
CA PRO HC 86 127.18 -23.13 -75.11
C PRO HC 86 127.69 -21.72 -75.42
N LEU HC 87 128.53 -21.64 -76.44
CA LEU HC 87 128.92 -20.35 -77.00
C LEU HC 87 127.75 -19.78 -77.78
N VAL HC 88 127.27 -18.62 -77.36
CA VAL HC 88 126.07 -17.99 -77.92
C VAL HC 88 126.48 -16.65 -78.51
N SER HC 89 126.04 -16.40 -79.75
CA SER HC 89 126.32 -15.15 -80.43
C SER HC 89 125.04 -14.59 -81.04
N ASN HC 90 124.85 -13.29 -80.91
CA ASN HC 90 123.70 -12.60 -81.46
C ASN HC 90 124.16 -11.35 -82.20
N VAL HC 91 123.65 -11.14 -83.40
CA VAL HC 91 123.90 -9.93 -84.18
C VAL HC 91 122.56 -9.42 -84.68
N LYS HC 92 122.33 -8.12 -84.54
CA LYS HC 92 121.06 -7.52 -84.96
C LYS HC 92 121.36 -6.16 -85.57
N ALA HC 93 121.12 -6.03 -86.86
CA ALA HC 93 121.36 -4.77 -87.58
C ALA HC 93 120.07 -4.28 -88.21
N SER HC 94 119.94 -2.96 -88.28
CA SER HC 94 118.77 -2.35 -88.91
C SER HC 94 119.17 -0.97 -89.42
N SER HC 95 118.85 -0.67 -90.68
CA SER HC 95 119.23 0.59 -91.29
C SER HC 95 118.13 1.07 -92.21
N SER HC 96 118.12 2.38 -92.44
CA SER HC 96 117.14 3.01 -93.33
C SER HC 96 117.79 4.20 -94.02
N ILE HC 97 117.46 4.37 -95.30
CA ILE HC 97 118.01 5.43 -96.13
C ILE HC 97 116.86 6.16 -96.81
N GLY HC 98 116.92 7.48 -96.81
CA GLY HC 98 115.94 8.29 -97.50
C GLY HC 98 116.57 9.38 -98.34
N LEU HC 99 116.33 9.36 -99.65
CA LEU HC 99 116.90 10.33 -100.57
C LEU HC 99 115.78 11.08 -101.26
N GLN HC 100 115.90 12.41 -101.33
CA GLN HC 100 114.93 13.24 -102.02
C GLN HC 100 115.66 14.27 -102.87
N ILE HC 101 115.27 14.36 -104.14
CA ILE HC 101 115.77 15.38 -105.05
C ILE HC 101 114.56 16.22 -105.47
N LEU HC 102 114.42 17.39 -104.84
CA LEU HC 102 113.37 18.37 -105.13
C LEU HC 102 112.02 17.67 -105.01
N LYS HC 103 111.10 17.84 -105.95
CA LYS HC 103 109.89 17.04 -106.05
C LYS HC 103 109.94 16.08 -107.23
N HIS HC 104 111.14 15.75 -107.69
CA HIS HC 104 111.33 14.89 -108.85
C HIS HC 104 111.79 13.48 -108.49
N PHE HC 105 112.57 13.31 -107.43
CA PHE HC 105 113.04 11.99 -107.04
C PHE HC 105 112.78 11.77 -105.56
N ASP HC 106 112.31 10.58 -105.19
CA ASP HC 106 112.06 10.26 -103.79
C ASP HC 106 112.21 8.76 -103.59
N SER HC 107 113.29 8.34 -102.95
CA SER HC 107 113.55 6.93 -102.70
C SER HC 107 113.67 6.67 -101.20
N GLY HC 108 113.05 5.59 -100.75
CA GLY HC 108 113.16 5.17 -99.37
C GLY HC 108 113.45 3.69 -99.25
N ALA HC 109 114.59 3.33 -98.68
CA ALA HC 109 115.00 1.95 -98.54
C ALA HC 109 115.22 1.64 -97.06
N LYS HC 110 115.08 0.36 -96.71
CA LYS HC 110 115.33 -0.06 -95.34
C LYS HC 110 115.67 -1.54 -95.34
N GLY HC 111 116.49 -1.93 -94.37
CA GLY HC 111 116.92 -3.31 -94.27
C GLY HC 111 117.11 -3.69 -92.81
N SER HC 112 116.98 -4.98 -92.54
CA SER HC 112 117.19 -5.50 -91.19
C SER HC 112 117.72 -6.92 -91.28
N LYS HC 113 118.47 -7.32 -90.26
CA LYS HC 113 119.08 -8.63 -90.22
C LYS HC 113 119.21 -9.07 -88.77
N ASN HC 114 118.90 -10.34 -88.51
CA ASN HC 114 119.02 -10.95 -87.19
C ASN HC 114 119.67 -12.30 -87.34
N PHE HC 115 120.82 -12.48 -86.69
CA PHE HC 115 121.65 -13.68 -86.84
C PHE HC 115 121.96 -14.23 -85.46
N ILE HC 116 121.68 -15.51 -85.24
CA ILE HC 116 121.86 -16.15 -83.94
C ILE HC 116 122.64 -17.44 -84.13
N THR HC 117 123.63 -17.66 -83.28
CA THR HC 117 124.47 -18.85 -83.36
C THR HC 117 124.64 -19.45 -81.96
N SER HC 118 124.65 -20.78 -81.88
CA SER HC 118 124.88 -21.48 -80.63
C SER HC 118 125.70 -22.74 -80.91
N ALA HC 119 126.79 -22.91 -80.16
CA ALA HC 119 127.65 -24.07 -80.31
C ALA HC 119 127.88 -24.71 -78.94
N SER HC 120 127.59 -26.00 -78.84
CA SER HC 120 127.77 -26.76 -77.60
C SER HC 120 128.75 -27.89 -77.91
N LEU HC 121 130.00 -27.71 -77.51
CA LEU HC 121 131.06 -28.68 -77.76
C LEU HC 121 131.29 -29.63 -76.59
N GLY HC 122 130.65 -29.41 -75.45
CA GLY HC 122 130.82 -30.32 -74.34
C GLY HC 122 132.25 -30.36 -73.84
N THR HC 123 132.82 -31.56 -73.81
CA THR HC 123 134.18 -31.79 -73.34
C THR HC 123 135.06 -32.15 -74.53
N VAL HC 124 136.26 -31.56 -74.57
CA VAL HC 124 137.24 -31.83 -75.61
C VAL HC 124 138.44 -32.52 -74.98
N VAL HC 125 138.85 -33.65 -75.55
CA VAL HC 125 140.00 -34.39 -75.06
C VAL HC 125 141.10 -34.32 -76.10
N LYS HC 126 142.31 -34.70 -75.68
CA LYS HC 126 143.48 -34.72 -76.55
C LYS HC 126 144.03 -36.13 -76.57
N ALA HC 127 144.32 -36.62 -77.78
CA ALA HC 127 144.86 -37.96 -77.98
C ALA HC 127 146.23 -37.84 -78.63
N GLU HC 128 147.18 -38.64 -78.13
CA GLU HC 128 148.56 -38.57 -78.58
C GLU HC 128 149.26 -39.88 -78.24
N THR HC 129 150.39 -40.11 -78.90
CA THR HC 129 151.18 -41.30 -78.65
C THR HC 129 151.62 -41.36 -77.19
N ILE HC 130 151.67 -42.56 -76.64
CA ILE HC 130 152.10 -42.73 -75.24
C ILE HC 130 153.54 -42.26 -75.07
N ASP HC 131 154.42 -42.65 -75.99
CA ASP HC 131 155.82 -42.23 -75.97
C ASP HC 131 156.20 -41.77 -77.36
N ILE HC 132 156.55 -40.49 -77.48
CA ILE HC 132 156.93 -39.94 -78.78
C ILE HC 132 158.42 -40.10 -79.05
N THR HC 133 159.24 -40.17 -78.00
CA THR HC 133 160.68 -40.32 -78.19
C THR HC 133 161.02 -41.62 -78.89
N LYS HC 134 160.36 -42.72 -78.50
CA LYS HC 134 160.61 -44.00 -79.16
C LYS HC 134 160.20 -43.94 -80.64
N VAL HC 135 159.05 -43.33 -80.92
CA VAL HC 135 158.60 -43.21 -82.30
C VAL HC 135 159.60 -42.41 -83.12
N LEU HC 136 160.10 -41.30 -82.55
CA LEU HC 136 161.08 -40.48 -83.26
C LEU HC 136 162.36 -41.26 -83.51
N ALA HC 137 162.85 -41.99 -82.50
CA ALA HC 137 164.07 -42.76 -82.67
C ALA HC 137 163.91 -43.80 -83.79
N LYS HC 138 162.81 -44.55 -83.75
CA LYS HC 138 162.57 -45.57 -84.77
C LYS HC 138 162.44 -44.95 -86.15
N VAL HC 139 161.77 -43.80 -86.24
CA VAL HC 139 161.65 -43.11 -87.54
C VAL HC 139 163.04 -42.77 -88.07
N ARG HC 140 163.87 -42.18 -87.22
CA ARG HC 140 165.21 -41.78 -87.65
C ARG HC 140 166.05 -42.98 -88.08
N THR HC 141 165.85 -44.13 -87.42
CA THR HC 141 166.62 -45.31 -87.77
C THR HC 141 165.94 -46.19 -88.81
N ALA HC 142 164.76 -45.80 -89.31
CA ALA HC 142 163.99 -46.62 -90.23
C ALA HC 142 163.95 -45.97 -91.61
N LYS HC 143 163.87 -46.80 -92.65
CA LYS HC 143 163.77 -46.34 -94.02
C LYS HC 143 162.34 -46.42 -94.53
N ALA HC 144 162.00 -45.48 -95.41
CA ALA HC 144 160.65 -45.43 -95.98
C ALA HC 144 160.43 -46.58 -96.96
N LYS HC 145 159.18 -46.76 -97.37
CA LYS HC 145 158.82 -47.81 -98.29
C LYS HC 145 159.24 -47.44 -99.71
N VAL HC 146 160.11 -48.28 -100.31
CA VAL HC 146 160.58 -48.01 -101.66
C VAL HC 146 159.42 -48.09 -102.66
N GLU HC 147 158.49 -49.02 -102.44
CA GLU HC 147 157.35 -49.16 -103.33
C GLU HC 147 156.47 -47.91 -103.36
N ASN HC 148 156.34 -47.23 -102.22
CA ASN HC 148 155.44 -46.08 -102.13
C ASN HC 148 155.84 -45.00 -103.13
N ASP HC 149 154.85 -44.45 -103.82
CA ASP HC 149 155.05 -43.40 -104.82
C ASP HC 149 155.06 -42.01 -104.21
N LEU HC 150 154.23 -41.79 -103.19
CA LEU HC 150 154.15 -40.48 -102.55
C LEU HC 150 155.51 -40.03 -102.02
N VAL HC 151 156.22 -40.95 -101.34
CA VAL HC 151 157.53 -40.61 -100.80
C VAL HC 151 158.48 -40.19 -101.91
N SER HC 152 158.49 -40.93 -103.02
CA SER HC 152 159.36 -40.58 -104.14
C SER HC 152 158.99 -39.22 -104.72
N ARG HC 153 157.69 -38.96 -104.86
CA ARG HC 153 157.25 -37.66 -105.35
C ARG HC 153 157.76 -36.54 -104.45
N VAL HC 154 157.57 -36.67 -103.14
CA VAL HC 154 158.02 -35.64 -102.20
C VAL HC 154 159.54 -35.50 -102.24
N MET HC 155 160.25 -36.60 -102.42
CA MET HC 155 161.71 -36.55 -102.50
C MET HC 155 162.16 -35.77 -103.73
N LYS HC 156 161.55 -36.04 -104.88
CA LYS HC 156 162.01 -35.39 -106.11
C LYS HC 156 161.58 -33.93 -106.15
N THR HC 157 160.41 -33.61 -105.60
CA THR HC 157 159.96 -32.23 -105.57
C THR HC 157 160.57 -31.48 -104.40
N LYS HC 158 160.69 -30.16 -104.55
CA LYS HC 158 161.27 -29.31 -103.52
C LYS HC 158 160.24 -28.58 -102.68
N ARG HC 159 159.06 -28.30 -103.24
CA ARG HC 159 158.03 -27.60 -102.47
C ARG HC 159 157.39 -28.52 -101.45
N LEU HC 160 157.13 -29.78 -101.84
CA LEU HC 160 156.41 -30.69 -100.97
C LEU HC 160 157.24 -31.09 -99.76
N CYS HC 161 156.58 -31.18 -98.60
CA CYS HC 161 157.20 -31.65 -97.38
C CYS HC 161 156.27 -32.63 -96.69
N LEU HC 162 156.82 -33.52 -95.88
CA LEU HC 162 156.04 -34.51 -95.16
C LEU HC 162 155.90 -34.12 -93.70
N GLY HC 163 154.73 -34.40 -93.13
CA GLY HC 163 154.49 -34.11 -91.73
C GLY HC 163 153.76 -35.23 -91.02
N LEU HC 164 154.23 -35.57 -89.82
CA LEU HC 164 153.63 -36.62 -89.00
C LEU HC 164 152.78 -35.96 -87.92
N VAL HC 165 151.50 -36.33 -87.87
CA VAL HC 165 150.59 -35.76 -86.87
C VAL HC 165 150.84 -36.44 -85.53
N VAL HC 166 150.97 -35.65 -84.47
CA VAL HC 166 151.37 -36.16 -83.18
C VAL HC 166 150.33 -35.96 -82.09
N GLU HC 167 149.38 -35.04 -82.24
CA GLU HC 167 148.35 -34.85 -81.23
C GLU HC 167 147.09 -34.34 -81.90
N THR HC 168 145.94 -34.76 -81.38
CA THR HC 168 144.66 -34.40 -81.97
C THR HC 168 143.64 -34.10 -80.88
N ALA HC 169 142.83 -33.06 -81.10
CA ALA HC 169 141.77 -32.68 -80.18
C ALA HC 169 140.44 -33.18 -80.72
N CYS HC 170 139.73 -33.97 -79.92
CA CYS HC 170 138.48 -34.61 -80.33
C CYS HC 170 137.41 -34.41 -79.28
N VAL HC 171 136.17 -34.29 -79.73
CA VAL HC 171 135.04 -34.13 -78.82
C VAL HC 171 134.74 -35.47 -78.16
N ALA HC 172 134.59 -35.45 -76.83
CA ALA HC 172 134.29 -36.68 -76.11
C ALA HC 172 132.86 -37.14 -76.36
N ALA HC 173 131.92 -36.20 -76.43
CA ALA HC 173 130.51 -36.51 -76.63
C ALA HC 173 129.99 -35.77 -77.85
N ALA HC 174 128.70 -35.94 -78.13
CA ALA HC 174 128.09 -35.31 -79.30
C ALA HC 174 128.09 -33.79 -79.14
N GLY HC 175 128.36 -33.09 -80.23
CA GLY HC 175 128.39 -31.63 -80.25
C GLY HC 175 127.27 -31.08 -81.11
N LYS HC 176 126.61 -30.04 -80.60
CA LYS HC 176 125.43 -29.47 -81.25
C LYS HC 176 125.71 -28.08 -81.78
N LEU HC 177 125.38 -27.84 -83.04
CA LEU HC 177 125.60 -26.55 -83.68
C LEU HC 177 124.28 -26.07 -84.28
N THR HC 178 123.83 -24.88 -83.86
CA THR HC 178 122.57 -24.32 -84.30
C THR HC 178 122.77 -22.90 -84.81
N GLU HC 179 122.10 -22.58 -85.92
CA GLU HC 179 122.19 -21.26 -86.55
C GLU HC 179 120.82 -20.84 -87.06
N ALA HC 180 120.48 -19.57 -86.83
CA ALA HC 180 119.22 -19.00 -87.29
C ALA HC 180 119.48 -17.65 -87.94
N ASP HC 181 118.86 -17.41 -89.09
CA ASP HC 181 119.04 -16.20 -89.86
C ASP HC 181 117.68 -15.68 -90.28
N ASN HC 182 117.46 -14.37 -90.13
CA ASN HC 182 116.22 -13.73 -90.58
C ASN HC 182 116.58 -12.34 -91.08
N TRP HC 183 116.47 -12.10 -92.38
CA TRP HC 183 116.78 -10.77 -92.88
C TRP HC 183 115.71 -10.32 -93.87
N GLU HC 184 115.58 -8.99 -93.99
CA GLU HC 184 114.47 -8.38 -94.72
C GLU HC 184 114.91 -7.09 -95.38
N ILE HC 185 114.42 -6.85 -96.59
CA ILE HC 185 114.70 -5.65 -97.37
C ILE HC 185 113.39 -5.08 -97.87
N SER HC 186 113.19 -3.78 -97.71
CA SER HC 186 112.00 -3.09 -98.22
C SER HC 186 112.44 -1.79 -98.88
N GLY HC 187 112.18 -1.66 -100.18
CA GLY HC 187 112.58 -0.49 -100.92
C GLY HC 187 111.44 0.10 -101.71
N HIS HC 188 111.51 1.41 -101.92
CA HIS HC 188 110.48 2.16 -102.63
C HIS HC 188 111.13 3.28 -103.41
N THR HC 189 110.64 3.51 -104.63
CA THR HC 189 111.19 4.53 -105.53
C THR HC 189 110.04 5.28 -106.17
N ASN HC 190 110.15 6.61 -106.23
CA ASN HC 190 109.14 7.46 -106.86
C ASN HC 190 109.87 8.48 -107.72
N ALA HC 191 109.74 8.33 -109.04
CA ALA HC 191 110.31 9.27 -110.00
C ALA HC 191 109.16 10.06 -110.62
N ASN HC 192 109.02 11.32 -110.21
CA ASN HC 192 107.98 12.20 -110.72
C ASN HC 192 108.58 13.16 -111.72
N ILE HC 193 108.04 13.15 -112.94
CA ILE HC 193 108.47 14.05 -114.00
C ILE HC 193 107.23 14.73 -114.55
N GLY HC 194 107.43 15.83 -115.28
CA GLY HC 194 106.31 16.60 -115.80
C GLY HC 194 105.37 15.79 -116.65
N GLU HC 195 105.89 14.80 -117.39
CA GLU HC 195 105.05 13.97 -118.25
C GLU HC 195 105.16 12.48 -117.91
N ALA HC 196 105.80 12.12 -116.80
CA ALA HC 196 105.96 10.72 -116.44
C ALA HC 196 105.96 10.59 -114.92
N VAL HC 197 105.28 9.56 -114.43
CA VAL HC 197 105.26 9.22 -113.01
C VAL HC 197 105.53 7.73 -112.88
N VAL HC 198 106.58 7.37 -112.14
CA VAL HC 198 106.94 5.99 -111.91
C VAL HC 198 106.97 5.73 -110.40
N THR HC 199 106.29 4.69 -109.95
CA THR HC 199 106.23 4.31 -108.54
C THR HC 199 106.50 2.82 -108.43
N ALA HC 200 107.67 2.47 -107.92
CA ALA HC 200 108.09 1.09 -107.77
C ALA HC 200 108.27 0.75 -106.28
N THR HC 201 107.99 -0.50 -105.94
CA THR HC 201 108.10 -0.97 -104.57
C THR HC 201 108.51 -2.43 -104.58
N ALA HC 202 109.39 -2.82 -103.66
CA ALA HC 202 109.85 -4.20 -103.58
C ALA HC 202 110.12 -4.58 -102.14
N GLU HC 203 109.53 -5.69 -101.69
CA GLU HC 203 109.73 -6.20 -100.35
C GLU HC 203 110.12 -7.67 -100.42
N LEU HC 204 111.11 -8.06 -99.63
CA LEU HC 204 111.47 -9.48 -99.54
C LEU HC 204 112.05 -9.76 -98.17
N ASP HC 205 112.02 -11.03 -97.78
CA ASP HC 205 112.58 -11.45 -96.50
C ASP HC 205 112.87 -12.94 -96.56
N LYS HC 206 114.03 -13.33 -96.04
CA LYS HC 206 114.48 -14.71 -96.03
C LYS HC 206 114.72 -15.17 -94.61
N ASN HC 207 114.31 -16.40 -94.32
CA ASN HC 207 114.49 -17.04 -93.02
C ASN HC 207 115.11 -18.40 -93.21
N LEU HC 208 116.18 -18.67 -92.46
CA LEU HC 208 116.89 -19.95 -92.52
C LEU HC 208 117.19 -20.44 -91.12
N SER HC 209 117.29 -21.76 -90.98
CA SER HC 209 117.65 -22.37 -89.70
C SER HC 209 118.33 -23.71 -89.98
N ARG HC 210 119.54 -23.88 -89.45
CA ARG HC 210 120.32 -25.09 -89.65
C ARG HC 210 120.79 -25.61 -88.30
N LYS HC 211 120.52 -26.90 -88.03
CA LYS HC 211 120.89 -27.51 -86.76
C LYS HC 211 121.50 -28.88 -87.04
N ILE HC 212 122.74 -29.08 -86.60
CA ILE HC 212 123.46 -30.33 -86.83
C ILE HC 212 124.09 -30.80 -85.52
N GLU HC 213 124.53 -32.06 -85.52
CA GLU HC 213 125.11 -32.69 -84.35
C GLU HC 213 126.25 -33.60 -84.78
N ILE HC 214 127.48 -33.19 -84.51
CA ILE HC 214 128.65 -34.02 -84.80
C ILE HC 214 128.75 -35.13 -83.77
N PRO HC 215 129.13 -36.34 -84.17
CA PRO HC 215 129.15 -37.46 -83.23
C PRO HC 215 130.44 -37.47 -82.41
N PRO HC 216 130.48 -38.24 -81.33
CA PRO HC 216 131.72 -38.33 -80.55
C PRO HC 216 132.88 -38.86 -81.37
N GLY HC 217 134.08 -38.34 -81.09
CA GLY HC 217 135.28 -38.75 -81.76
C GLY HC 217 135.69 -37.87 -82.92
N THR HC 218 134.87 -36.90 -83.31
CA THR HC 218 135.21 -36.03 -84.42
C THR HC 218 136.40 -35.15 -84.06
N ALA HC 219 137.40 -35.13 -84.93
CA ALA HC 219 138.60 -34.34 -84.68
C ALA HC 219 138.31 -32.86 -84.92
N LEU HC 220 138.96 -32.01 -84.13
CA LEU HC 220 138.82 -30.56 -84.26
C LEU HC 220 140.09 -29.86 -84.70
N ALA HC 221 141.24 -30.24 -84.17
CA ALA HC 221 142.49 -29.57 -84.48
C ALA HC 221 143.63 -30.54 -84.24
N TYR HC 222 144.81 -30.19 -84.77
CA TYR HC 222 145.94 -31.10 -84.72
C TYR HC 222 147.23 -30.30 -84.79
N SER HC 223 148.33 -30.97 -84.43
CA SER HC 223 149.67 -30.44 -84.58
C SER HC 223 150.57 -31.52 -85.15
N PHE HC 224 151.58 -31.11 -85.92
CA PHE HC 224 152.40 -32.08 -86.64
C PHE HC 224 153.86 -31.67 -86.60
N MET HC 225 154.73 -32.65 -86.84
CA MET HC 225 156.17 -32.45 -86.90
C MET HC 225 156.68 -32.74 -88.30
N ASP HC 226 157.62 -31.93 -88.77
CA ASP HC 226 158.10 -32.06 -90.13
C ASP HC 226 159.07 -33.23 -90.28
N LEU HC 227 159.24 -33.68 -91.51
CA LEU HC 227 160.15 -34.78 -91.85
C LEU HC 227 160.94 -34.41 -93.09
N GLU HC 228 161.95 -35.23 -93.38
CA GLU HC 228 162.81 -35.00 -94.53
C GLU HC 228 163.30 -36.34 -95.06
N ILE HC 229 163.12 -36.57 -96.35
CA ILE HC 229 163.58 -37.79 -97.01
C ILE HC 229 165.05 -37.64 -97.36
N LEU HC 230 165.88 -38.57 -96.89
CA LEU HC 230 167.28 -38.58 -97.29
C LEU HC 230 167.40 -39.02 -98.75
N GLU HC 231 168.64 -39.05 -99.25
CA GLU HC 231 168.90 -39.61 -100.57
C GLU HC 231 168.37 -41.03 -100.67
N ASP HC 232 168.64 -41.84 -99.66
CA ASP HC 232 168.05 -43.17 -99.55
C ASP HC 232 166.62 -43.06 -99.03
N ARG HC 233 165.99 -44.21 -98.79
CA ARG HC 233 164.66 -44.23 -98.20
C ARG HC 233 164.64 -43.79 -96.75
N SER HC 234 165.80 -43.56 -96.14
CA SER HC 234 165.87 -43.13 -94.74
C SER HC 234 165.14 -41.81 -94.54
N LEU HC 235 164.56 -41.65 -93.35
CA LEU HC 235 163.84 -40.45 -92.97
C LEU HC 235 164.52 -39.78 -91.79
N ARG HC 236 164.43 -38.45 -91.76
CA ARG HC 236 165.01 -37.66 -90.68
C ARG HC 236 163.98 -36.63 -90.21
N VAL HC 237 164.15 -36.15 -88.99
CA VAL HC 237 163.26 -35.13 -88.45
C VAL HC 237 163.94 -33.78 -88.56
N SER HC 238 163.16 -32.75 -88.88
CA SER HC 238 163.69 -31.42 -89.11
C SER HC 238 163.00 -30.42 -88.18
N SER HC 239 163.77 -29.48 -87.65
CA SER HC 239 163.27 -28.49 -86.71
C SER HC 239 163.65 -27.09 -87.19
N SER HC 240 162.63 -26.28 -87.49
CA SER HC 240 162.86 -24.88 -87.83
C SER HC 240 163.10 -24.10 -86.54
N ALA HC 241 164.35 -23.69 -86.32
CA ALA HC 241 164.76 -23.01 -85.09
C ALA HC 241 164.45 -23.86 -83.85
N GLY HC 242 164.52 -25.18 -84.00
CA GLY HC 242 164.28 -26.07 -82.89
C GLY HC 242 162.83 -26.16 -82.43
N ALA HC 243 161.87 -25.75 -83.27
CA ALA HC 243 160.47 -25.77 -82.87
C ALA HC 243 159.97 -27.20 -82.68
N MET HC 244 160.17 -28.05 -83.69
CA MET HC 244 159.68 -29.44 -83.70
C MET HC 244 158.17 -29.51 -83.51
N PHE HC 245 157.46 -28.42 -83.74
CA PHE HC 245 156.00 -28.38 -83.64
C PHE HC 245 155.52 -27.35 -84.64
N ASP HC 246 155.06 -27.81 -85.80
CA ASP HC 246 154.66 -26.92 -86.87
C ASP HC 246 153.15 -26.75 -86.86
N SER HC 247 152.70 -25.50 -86.91
CA SER HC 247 151.28 -25.17 -86.91
C SER HC 247 150.81 -24.64 -88.26
N GLY HC 248 151.57 -24.91 -89.32
CA GLY HC 248 151.22 -24.39 -90.63
C GLY HC 248 151.24 -22.88 -90.69
N LYS HC 249 152.20 -22.25 -90.03
CA LYS HC 249 152.31 -20.80 -89.98
C LYS HC 249 153.40 -20.32 -90.92
N ALA HC 250 153.22 -19.10 -91.41
CA ALA HC 250 154.23 -18.49 -92.28
C ALA HC 250 155.50 -18.20 -91.49
N GLU HC 251 156.64 -18.24 -92.21
CA GLU HC 251 157.92 -17.99 -91.55
C GLU HC 251 157.99 -16.59 -90.98
N SER HC 252 157.48 -15.59 -91.72
CA SER HC 252 157.47 -14.20 -91.28
C SER HC 252 158.87 -13.70 -90.93
CA ARG IC 3 142.59 -11.44 -75.72
C ARG IC 3 141.97 -12.72 -75.16
N PRO IC 4 142.64 -13.85 -75.35
CA PRO IC 4 142.12 -15.11 -74.82
C PRO IC 4 141.96 -15.07 -73.31
N MET IC 5 140.89 -15.72 -72.83
CA MET IC 5 140.63 -15.75 -71.40
C MET IC 5 141.75 -16.45 -70.65
N PHE IC 6 142.28 -17.53 -71.21
CA PHE IC 6 143.38 -18.23 -70.57
C PHE IC 6 144.59 -17.32 -70.42
N ALA IC 7 144.93 -16.57 -71.47
CA ALA IC 7 146.06 -15.66 -71.40
C ALA IC 7 145.81 -14.55 -70.37
N VAL IC 8 144.59 -14.03 -70.34
CA VAL IC 8 144.28 -12.98 -69.36
C VAL IC 8 144.41 -13.52 -67.94
N ALA IC 9 143.88 -14.71 -67.69
CA ALA IC 9 143.98 -15.30 -66.36
C ALA IC 9 145.43 -15.59 -65.98
N VAL IC 10 146.23 -16.06 -66.94
CA VAL IC 10 147.63 -16.32 -66.67
C VAL IC 10 148.35 -15.02 -66.29
N ASN IC 11 148.06 -13.94 -67.03
CA ASN IC 11 148.68 -12.66 -66.70
C ASN IC 11 148.24 -12.17 -65.32
N GLU IC 12 146.96 -12.32 -64.99
CA GLU IC 12 146.48 -11.92 -63.67
C GLU IC 12 147.18 -12.71 -62.57
N PHE IC 13 147.30 -14.02 -62.75
CA PHE IC 13 147.96 -14.85 -61.75
C PHE IC 13 149.43 -14.47 -61.60
N ILE IC 14 150.13 -14.29 -62.72
CA ILE IC 14 151.55 -14.00 -62.65
C ILE IC 14 151.80 -12.63 -62.06
N ARG IC 15 150.88 -11.68 -62.26
CA ARG IC 15 151.01 -10.39 -61.61
C ARG IC 15 150.77 -10.49 -60.11
N SER IC 16 149.69 -11.18 -59.72
CA SER IC 16 149.37 -11.28 -58.29
C SER IC 16 150.46 -12.02 -57.52
N ALA IC 17 150.97 -13.10 -58.08
CA ALA IC 17 152.01 -13.90 -57.44
C ALA IC 17 153.11 -14.19 -58.45
N GLY IC 18 154.36 -14.04 -58.02
CA GLY IC 18 155.49 -14.35 -58.87
C GLY IC 18 155.63 -13.46 -60.08
N GLN IC 19 155.53 -12.14 -59.89
CA GLN IC 19 155.71 -11.22 -61.01
C GLN IC 19 157.11 -11.32 -61.59
N ASP IC 20 158.08 -11.71 -60.79
CA ASP IC 20 159.44 -11.93 -61.24
C ASP IC 20 159.75 -13.43 -61.24
N SER IC 21 160.67 -13.81 -62.13
CA SER IC 21 161.13 -15.20 -62.24
C SER IC 21 159.97 -16.14 -62.54
N LEU IC 22 159.16 -15.78 -63.52
CA LEU IC 22 158.02 -16.61 -63.92
C LEU IC 22 157.63 -16.26 -65.34
N CYS IC 23 157.36 -17.29 -66.14
CA CYS IC 23 157.01 -17.14 -67.55
C CYS IC 23 155.59 -17.68 -67.78
N GLY IC 24 154.77 -16.87 -68.44
CA GLY IC 24 153.42 -17.31 -68.74
C GLY IC 24 153.38 -18.44 -69.74
N VAL IC 25 152.30 -19.21 -69.69
CA VAL IC 25 152.08 -20.33 -70.59
C VAL IC 25 151.35 -19.83 -71.84
N PRO IC 26 151.83 -20.15 -73.03
CA PRO IC 26 151.20 -19.60 -74.24
C PRO IC 26 149.76 -20.02 -74.45
N ASP IC 27 149.44 -21.30 -74.25
CA ASP IC 27 148.08 -21.78 -74.50
C ASP IC 27 147.84 -23.06 -73.73
N ILE IC 28 146.56 -23.42 -73.62
CA ILE IC 28 146.16 -24.60 -72.86
C ILE IC 28 146.75 -25.86 -73.49
N ASN IC 29 146.75 -25.94 -74.82
CA ASN IC 29 147.25 -27.13 -75.49
C ASN IC 29 148.71 -27.38 -75.17
N SER IC 30 149.52 -26.33 -75.19
CA SER IC 30 150.95 -26.45 -74.94
C SER IC 30 151.31 -26.30 -73.46
N SER IC 31 150.31 -26.13 -72.60
CA SER IC 31 150.59 -26.02 -71.16
C SER IC 31 151.26 -27.28 -70.64
N GLY IC 32 150.87 -28.45 -71.15
CA GLY IC 32 151.39 -29.70 -70.63
C GLY IC 32 152.84 -29.98 -71.00
N ASP IC 33 153.42 -29.19 -71.90
CA ASP IC 33 154.80 -29.39 -72.31
C ASP IC 33 155.80 -28.60 -71.47
N PHE IC 34 155.32 -27.88 -70.44
CA PHE IC 34 156.19 -27.07 -69.59
C PHE IC 34 156.23 -27.60 -68.17
N MET IC 35 156.13 -28.91 -68.00
CA MET IC 35 156.29 -29.53 -66.71
C MET IC 35 157.77 -29.59 -66.33
N PRO IC 36 158.08 -29.79 -65.06
CA PRO IC 36 159.49 -29.81 -64.65
C PRO IC 36 160.29 -30.88 -65.37
N LEU IC 37 161.58 -30.60 -65.56
CA LEU IC 37 162.52 -31.49 -66.26
C LEU IC 37 162.14 -31.65 -67.73
N HIS IC 38 161.84 -30.52 -68.37
CA HIS IC 38 161.57 -30.47 -69.80
C HIS IC 38 162.55 -29.51 -70.46
N ILE IC 39 162.95 -29.85 -71.69
CA ILE IC 39 163.89 -29.04 -72.47
C ILE IC 39 163.11 -28.07 -73.33
N ILE IC 40 163.54 -26.80 -73.34
CA ILE IC 40 162.96 -25.77 -74.18
C ILE IC 40 164.08 -25.06 -74.91
N VAL IC 41 163.73 -24.39 -76.01
CA VAL IC 41 164.69 -23.68 -76.84
C VAL IC 41 164.39 -22.19 -76.75
N LYS IC 42 165.44 -21.40 -76.57
CA LYS IC 42 165.32 -19.94 -76.47
C LYS IC 42 166.02 -19.31 -77.67
N GLU IC 43 165.32 -18.39 -78.33
CA GLU IC 43 165.81 -17.69 -79.51
C GLU IC 43 165.92 -16.21 -79.19
N VAL IC 44 167.06 -15.62 -79.50
CA VAL IC 44 167.32 -14.21 -79.22
C VAL IC 44 166.52 -13.34 -80.18
N PRO IC 45 166.17 -12.11 -79.79
CA PRO IC 45 165.39 -11.25 -80.71
C PRO IC 45 166.09 -10.95 -82.02
N LYS IC 46 167.42 -10.85 -82.01
CA LYS IC 46 168.27 -10.56 -83.16
C LYS IC 46 168.12 -9.13 -83.67
N VAL IC 47 167.21 -8.33 -83.09
CA VAL IC 47 167.03 -6.95 -83.52
C VAL IC 47 167.37 -6.03 -82.36
N LEU IC 48 166.66 -6.18 -81.25
CA LEU IC 48 166.91 -5.42 -80.02
C LEU IC 48 166.98 -6.41 -78.87
N PRO IC 49 168.09 -7.16 -78.75
CA PRO IC 49 168.17 -8.19 -77.71
C PRO IC 49 168.01 -7.65 -76.30
N CYS IC 50 168.52 -6.45 -76.03
CA CYS IC 50 168.40 -5.87 -74.71
C CYS IC 50 167.07 -5.16 -74.48
N CYS IC 51 166.26 -4.99 -75.53
CA CYS IC 51 164.98 -4.29 -75.41
C CYS IC 51 163.77 -5.19 -75.62
N ARG IC 52 163.96 -6.39 -76.17
CA ARG IC 52 162.85 -7.30 -76.47
C ARG IC 52 163.09 -8.63 -75.79
N ARG IC 53 162.02 -9.21 -75.25
CA ARG IC 53 162.13 -10.50 -74.60
C ARG IC 53 162.30 -11.61 -75.65
N PRO IC 54 163.06 -12.65 -75.34
CA PRO IC 54 163.33 -13.70 -76.33
C PRO IC 54 162.11 -14.56 -76.64
N LYS IC 55 162.26 -15.51 -77.55
CA LYS IC 55 161.18 -16.39 -77.98
C LYS IC 55 161.43 -17.79 -77.44
N ILE IC 56 160.40 -18.38 -76.84
CA ILE IC 56 160.52 -19.68 -76.18
C ILE IC 56 159.75 -20.72 -76.99
N LYS IC 57 160.41 -21.82 -77.32
CA LYS IC 57 159.86 -22.89 -78.13
C LYS IC 57 159.87 -24.18 -77.33
N ARG IC 58 158.73 -24.87 -77.29
CA ARG IC 58 158.62 -26.14 -76.59
C ARG IC 58 159.18 -27.27 -77.45
N THR IC 59 159.68 -28.29 -76.79
CA THR IC 59 160.22 -29.47 -77.46
C THR IC 59 159.69 -30.72 -76.78
N PRO IC 60 159.54 -31.83 -77.54
CA PRO IC 60 159.06 -33.08 -76.95
C PRO IC 60 160.19 -33.93 -76.39
N TYR IC 61 160.94 -33.36 -75.44
CA TYR IC 61 162.08 -34.05 -74.86
C TYR IC 61 162.11 -33.82 -73.35
N THR IC 62 162.62 -34.80 -72.63
CA THR IC 62 162.94 -34.69 -71.23
C THR IC 62 164.45 -34.76 -71.04
N LEU IC 63 164.89 -34.49 -69.81
CA LEU IC 63 166.32 -34.49 -69.54
C LEU IC 63 166.93 -35.87 -69.77
N ASN IC 64 166.26 -36.92 -69.31
CA ASN IC 64 166.79 -38.27 -69.45
C ASN IC 64 166.86 -38.67 -70.92
N ASP IC 65 165.90 -38.25 -71.74
CA ASP IC 65 165.95 -38.55 -73.16
C ASP IC 65 167.07 -37.77 -73.84
N ILE IC 66 167.23 -36.49 -73.49
CA ILE IC 66 168.25 -35.68 -74.16
C ILE IC 66 169.65 -36.07 -73.73
N LEU IC 67 169.80 -36.67 -72.55
CA LEU IC 67 171.10 -37.03 -72.02
C LEU IC 67 171.39 -38.51 -72.23
N ASP IC 68 172.63 -38.82 -72.59
CA ASP IC 68 173.06 -40.20 -72.66
C ASP IC 68 173.00 -40.86 -71.28
N GLU IC 69 173.44 -40.15 -70.24
CA GLU IC 69 173.41 -40.68 -68.89
C GLU IC 69 172.17 -40.19 -68.17
N PRO IC 70 171.34 -41.08 -67.64
CA PRO IC 70 170.11 -40.63 -66.95
C PRO IC 70 170.41 -39.96 -65.63
N CYS IC 71 169.43 -39.19 -65.17
CA CYS IC 71 169.48 -38.45 -63.92
C CYS IC 71 168.23 -38.76 -63.12
N PRO IC 72 168.28 -38.62 -61.80
CA PRO IC 72 167.06 -38.79 -61.00
C PRO IC 72 166.00 -37.76 -61.40
N ASN IC 73 164.74 -38.19 -61.37
CA ASN IC 73 163.65 -37.37 -61.89
C ASN IC 73 162.45 -37.30 -60.96
N GLN IC 74 162.58 -37.69 -59.70
CA GLN IC 74 161.46 -37.64 -58.78
C GLN IC 74 161.04 -36.19 -58.53
N LEU IC 75 159.74 -35.99 -58.30
CA LEU IC 75 159.18 -34.67 -58.14
C LEU IC 75 158.42 -34.57 -56.81
N LYS IC 76 158.06 -33.35 -56.45
CA LYS IC 76 157.25 -33.08 -55.27
C LYS IC 76 156.48 -31.79 -55.50
N SER IC 77 155.33 -31.68 -54.84
CA SER IC 77 154.45 -30.54 -55.01
C SER IC 77 154.03 -29.99 -53.64
N SER IC 78 153.80 -28.68 -53.60
CA SER IC 78 153.38 -28.01 -52.38
C SER IC 78 152.57 -26.78 -52.75
N ASP IC 79 151.72 -26.35 -51.82
CA ASP IC 79 150.83 -25.23 -52.10
C ASP IC 79 151.62 -23.94 -52.29
N LEU IC 80 151.10 -23.08 -53.17
CA LEU IC 80 151.74 -21.80 -53.48
C LEU IC 80 150.86 -20.61 -53.13
N VAL IC 81 149.62 -20.58 -53.62
CA VAL IC 81 148.70 -19.47 -53.38
C VAL IC 81 147.28 -20.00 -53.51
N THR IC 82 146.33 -19.27 -52.94
CA THR IC 82 144.93 -19.68 -52.91
C THR IC 82 144.05 -18.45 -53.17
N PHE IC 83 143.32 -18.47 -54.28
CA PHE IC 83 142.37 -17.41 -54.61
C PHE IC 83 141.03 -17.77 -53.99
N THR IC 84 140.72 -17.17 -52.85
CA THR IC 84 139.50 -17.53 -52.12
C THR IC 84 138.25 -17.14 -52.90
N GLU IC 85 138.28 -16.00 -53.59
CA GLU IC 85 137.13 -15.53 -54.34
C GLU IC 85 137.53 -15.24 -55.78
N PRO IC 86 136.58 -15.36 -56.71
CA PRO IC 86 136.91 -15.14 -58.12
C PRO IC 86 137.37 -13.71 -58.39
N LEU IC 87 138.33 -13.57 -59.30
CA LEU IC 87 138.71 -12.26 -59.82
C LEU IC 87 137.60 -11.77 -60.75
N VAL IC 88 137.00 -10.64 -60.40
CA VAL IC 88 135.85 -10.09 -61.12
C VAL IC 88 136.23 -8.74 -61.67
N SER IC 89 135.94 -8.51 -62.95
CA SER IC 89 136.24 -7.25 -63.61
C SER IC 89 135.02 -6.78 -64.39
N ASN IC 90 134.72 -5.49 -64.29
CA ASN IC 90 133.60 -4.88 -65.00
C ASN IC 90 134.09 -3.60 -65.68
N VAL IC 91 133.71 -3.43 -66.94
CA VAL IC 91 133.98 -2.21 -67.70
C VAL IC 91 132.68 -1.79 -68.36
N LYS IC 92 132.35 -0.51 -68.27
CA LYS IC 92 131.12 0.01 -68.84
C LYS IC 92 131.41 1.38 -69.43
N ALA IC 93 131.33 1.49 -70.75
CA ALA IC 93 131.58 2.76 -71.44
C ALA IC 93 130.35 3.17 -72.24
N SER IC 94 130.14 4.47 -72.35
CA SER IC 94 129.03 5.00 -73.13
C SER IC 94 129.40 6.41 -73.59
N SER IC 95 129.22 6.68 -74.88
CA SER IC 95 129.60 7.96 -75.46
C SER IC 95 128.58 8.37 -76.52
N SER IC 96 128.52 9.67 -76.76
CA SER IC 96 127.64 10.24 -77.77
C SER IC 96 128.29 11.46 -78.39
N ILE IC 97 128.11 11.61 -79.70
CA ILE IC 97 128.70 12.70 -80.47
C ILE IC 97 127.60 13.34 -81.29
N GLY IC 98 127.57 14.67 -81.30
CA GLY IC 98 126.63 15.42 -82.12
C GLY IC 98 127.30 16.54 -82.89
N LEU IC 99 127.23 16.50 -84.22
CA LEU IC 99 127.86 17.50 -85.08
C LEU IC 99 126.77 18.18 -85.90
N GLN IC 100 126.83 19.51 -85.97
CA GLN IC 100 125.90 20.27 -86.79
C GLN IC 100 126.67 21.35 -87.55
N ILE IC 101 126.44 21.41 -88.86
CA ILE IC 101 126.98 22.46 -89.71
C ILE IC 101 125.79 23.21 -90.29
N LEU IC 102 125.49 24.37 -89.70
CA LEU IC 102 124.42 25.28 -90.13
C LEU IC 102 123.12 24.49 -90.18
N LYS IC 103 122.32 24.60 -91.23
CA LYS IC 103 121.18 23.73 -91.46
C LYS IC 103 121.45 22.77 -92.62
N HIS IC 104 122.72 22.51 -92.92
CA HIS IC 104 123.10 21.66 -94.04
C HIS IC 104 123.60 20.29 -93.61
N PHE IC 105 124.24 20.17 -92.46
CA PHE IC 105 124.74 18.88 -91.99
C PHE IC 105 124.31 18.66 -90.56
N ASP IC 106 123.88 17.44 -90.24
CA ASP IC 106 123.47 17.11 -88.87
C ASP IC 106 123.69 15.62 -88.64
N SER IC 107 124.70 15.27 -87.86
CA SER IC 107 125.02 13.88 -87.57
C SER IC 107 124.97 13.64 -86.07
N GLY IC 108 124.36 12.52 -85.68
CA GLY IC 108 124.33 12.11 -84.30
C GLY IC 108 124.69 10.65 -84.13
N ALA IC 109 125.78 10.38 -83.41
CA ALA IC 109 126.24 9.02 -83.19
C ALA IC 109 126.29 8.73 -81.70
N LYS IC 110 126.20 7.45 -81.36
CA LYS IC 110 126.29 7.05 -79.96
C LYS IC 110 126.73 5.60 -79.90
N GLY IC 111 127.44 5.26 -78.84
CA GLY IC 111 127.93 3.91 -78.65
C GLY IC 111 127.96 3.55 -77.19
N SER IC 112 127.89 2.25 -76.92
CA SER IC 112 127.95 1.75 -75.55
C SER IC 112 128.58 0.37 -75.55
N LYS IC 113 129.22 0.03 -74.44
CA LYS IC 113 129.90 -1.24 -74.31
C LYS IC 113 129.88 -1.67 -72.84
N ASN IC 114 129.61 -2.96 -72.62
CA ASN IC 114 129.60 -3.55 -71.29
C ASN IC 114 130.35 -4.87 -71.34
N PHE IC 115 131.41 -4.97 -70.55
CA PHE IC 115 132.33 -6.11 -70.57
C PHE IC 115 132.50 -6.63 -69.16
N ILE IC 116 132.27 -7.93 -68.96
CA ILE IC 116 132.32 -8.55 -67.64
C ILE IC 116 133.21 -9.79 -67.72
N THR IC 117 134.09 -9.95 -66.75
CA THR IC 117 135.01 -11.08 -66.71
C THR IC 117 135.04 -11.66 -65.29
N SER IC 118 135.12 -12.98 -65.20
CA SER IC 118 135.24 -13.66 -63.91
C SER IC 118 136.16 -14.86 -64.07
N ALA IC 119 137.16 -14.96 -63.19
CA ALA IC 119 138.10 -16.07 -63.21
C ALA IC 119 138.19 -16.69 -61.83
N SER IC 120 137.98 -17.99 -61.74
CA SER IC 120 138.05 -18.74 -60.49
C SER IC 120 139.13 -19.80 -60.66
N LEU IC 121 140.30 -19.54 -60.10
CA LEU IC 121 141.45 -20.44 -60.20
C LEU IC 121 141.57 -21.37 -59.01
N GLY IC 122 140.79 -21.19 -57.96
CA GLY IC 122 140.87 -22.08 -56.82
C GLY IC 122 142.23 -22.02 -56.14
N THR IC 123 142.86 -23.19 -56.03
CA THR IC 123 144.17 -23.33 -55.39
C THR IC 123 145.21 -23.63 -56.45
N VAL IC 124 146.36 -22.97 -56.35
CA VAL IC 124 147.48 -23.18 -57.26
C VAL IC 124 148.63 -23.79 -56.46
N VAL IC 125 149.18 -24.89 -56.96
CA VAL IC 125 150.30 -25.56 -56.33
C VAL IC 125 151.53 -25.42 -57.22
N LYS IC 126 152.70 -25.71 -56.65
CA LYS IC 126 153.96 -25.66 -57.36
C LYS IC 126 154.61 -27.04 -57.30
N ALA IC 127 155.07 -27.51 -58.45
CA ALA IC 127 155.73 -28.81 -58.57
C ALA IC 127 157.15 -28.60 -59.04
N GLU IC 128 158.07 -29.34 -58.42
CA GLU IC 128 159.49 -29.18 -58.68
C GLU IC 128 160.23 -30.44 -58.24
N THR IC 129 161.45 -30.60 -58.75
CA THR IC 129 162.27 -31.74 -58.39
C THR IC 129 162.53 -31.76 -56.88
N ILE IC 130 162.58 -32.96 -56.31
CA ILE IC 130 162.84 -33.09 -54.88
C ILE IC 130 164.22 -32.54 -54.53
N ASP IC 131 165.22 -32.87 -55.34
CA ASP IC 131 166.57 -32.36 -55.13
C ASP IC 131 167.11 -31.88 -56.48
N ILE IC 132 167.39 -30.59 -56.56
CA ILE IC 132 167.89 -30.01 -57.81
C ILE IC 132 169.42 -30.08 -57.88
N THR IC 133 170.10 -30.09 -56.73
CA THR IC 133 171.55 -30.14 -56.73
C THR IC 133 172.06 -31.42 -57.37
N LYS IC 134 171.43 -32.57 -57.07
CA LYS IC 134 171.84 -33.82 -57.67
C LYS IC 134 171.62 -33.80 -59.18
N VAL IC 135 170.48 -33.27 -59.62
CA VAL IC 135 170.20 -33.18 -61.05
C VAL IC 135 171.25 -32.32 -61.73
N LEU IC 136 171.60 -31.18 -61.13
CA LEU IC 136 172.61 -30.30 -61.72
C LEU IC 136 173.96 -30.99 -61.79
N ALA IC 137 174.35 -31.69 -60.73
CA ALA IC 137 175.63 -32.38 -60.73
C ALA IC 137 175.68 -33.42 -61.84
N LYS IC 138 174.64 -34.25 -61.93
CA LYS IC 138 174.60 -35.29 -62.97
C LYS IC 138 174.60 -34.68 -64.37
N VAL IC 139 173.87 -33.58 -64.55
CA VAL IC 139 173.89 -32.90 -65.86
C VAL IC 139 175.30 -32.48 -66.21
N ARG IC 140 175.98 -31.83 -65.27
CA ARG IC 140 177.33 -31.34 -65.53
C ARG IC 140 178.29 -32.49 -65.84
N THR IC 141 178.09 -33.64 -65.19
CA THR IC 141 178.97 -34.78 -65.43
C THR IC 141 178.48 -35.70 -66.54
N ALA IC 142 177.36 -35.39 -67.19
CA ALA IC 142 176.76 -36.27 -68.20
C ALA IC 142 176.85 -35.62 -69.57
N LYS IC 143 176.96 -36.46 -70.60
CA LYS IC 143 177.01 -36.01 -71.98
C LYS IC 143 175.66 -36.19 -72.66
N ALA IC 144 175.37 -35.27 -73.60
CA ALA IC 144 174.12 -35.31 -74.33
C ALA IC 144 174.10 -36.47 -75.32
N LYS IC 145 172.92 -36.73 -75.88
CA LYS IC 145 172.75 -37.82 -76.84
C LYS IC 145 173.33 -37.42 -78.19
N VAL IC 146 174.30 -38.20 -78.66
CA VAL IC 146 174.92 -37.91 -79.95
C VAL IC 146 173.91 -38.06 -81.08
N GLU IC 147 173.02 -39.06 -80.98
CA GLU IC 147 172.01 -39.27 -82.01
C GLU IC 147 171.08 -38.08 -82.15
N ASN IC 148 170.75 -37.40 -81.05
CA ASN IC 148 169.79 -36.31 -81.08
C ASN IC 148 170.23 -35.21 -82.03
N ASP IC 149 169.30 -34.73 -82.85
CA ASP IC 149 169.56 -33.67 -83.83
C ASP IC 149 169.41 -32.29 -83.25
N LEU IC 150 168.44 -32.11 -82.35
CA LEU IC 150 168.20 -30.81 -81.72
C LEU IC 150 169.44 -30.27 -81.03
N VAL IC 151 170.13 -31.14 -80.26
CA VAL IC 151 171.34 -30.72 -79.56
C VAL IC 151 172.39 -30.24 -80.55
N SER IC 152 172.58 -30.98 -81.64
CA SER IC 152 173.56 -30.58 -82.65
C SER IC 152 173.19 -29.25 -83.28
N ARG IC 153 171.90 -29.07 -83.59
CA ARG IC 153 171.44 -27.80 -84.15
C ARG IC 153 171.76 -26.65 -83.21
N VAL IC 154 171.42 -26.79 -81.92
CA VAL IC 154 171.68 -25.73 -80.95
C VAL IC 154 173.17 -25.49 -80.79
N MET IC 155 173.98 -26.55 -80.87
CA MET IC 155 175.43 -26.40 -80.76
C MET IC 155 175.99 -25.60 -81.94
N LYS IC 156 175.55 -25.91 -83.15
CA LYS IC 156 176.11 -25.23 -84.32
C LYS IC 156 175.60 -23.80 -84.43
N THR IC 157 174.35 -23.56 -84.04
CA THR IC 157 173.81 -22.21 -84.09
C THR IC 157 174.22 -21.42 -82.85
N LYS IC 158 174.27 -20.10 -83.00
CA LYS IC 158 174.67 -19.21 -81.92
C LYS IC 158 173.49 -18.54 -81.22
N ARG IC 159 172.37 -18.34 -81.93
CA ARG IC 159 171.22 -17.71 -81.30
C ARG IC 159 170.51 -18.66 -80.36
N LEU IC 160 170.38 -19.93 -80.76
CA LEU IC 160 169.62 -20.89 -79.99
C LEU IC 160 170.31 -21.23 -78.68
N CYS IC 161 169.52 -21.36 -77.61
CA CYS IC 161 170.00 -21.78 -76.31
C CYS IC 161 169.04 -22.82 -75.74
N LEU IC 162 169.55 -23.67 -74.86
CA LEU IC 162 168.75 -24.71 -74.23
C LEU IC 162 168.40 -24.32 -72.80
N GLY IC 163 167.19 -24.68 -72.39
CA GLY IC 163 166.76 -24.39 -71.03
C GLY IC 163 166.02 -25.56 -70.40
N LEU IC 164 166.34 -25.86 -69.14
CA LEU IC 164 165.71 -26.94 -68.40
C LEU IC 164 164.69 -26.34 -67.45
N VAL IC 165 163.44 -26.79 -67.55
CA VAL IC 165 162.38 -26.28 -66.68
C VAL IC 165 162.50 -26.94 -65.32
N VAL IC 166 162.45 -26.14 -64.26
CA VAL IC 166 162.72 -26.62 -62.92
C VAL IC 166 161.53 -26.48 -61.97
N GLU IC 167 160.55 -25.62 -62.25
CA GLU IC 167 159.39 -25.49 -61.38
C GLU IC 167 158.19 -25.07 -62.21
N THR IC 168 157.01 -25.56 -61.83
CA THR IC 168 155.80 -25.28 -62.58
C THR IC 168 154.63 -25.04 -61.64
N ALA IC 169 153.80 -24.06 -61.97
CA ALA IC 169 152.60 -23.75 -61.19
C ALA IC 169 151.39 -24.33 -61.90
N CYS IC 170 150.63 -25.16 -61.18
CA CYS IC 170 149.50 -25.89 -61.75
C CYS IC 170 148.28 -25.75 -60.84
N VAL IC 171 147.10 -25.72 -61.44
CA VAL IC 171 145.86 -25.62 -60.68
C VAL IC 171 145.56 -26.97 -60.05
N ALA IC 172 145.25 -26.97 -58.76
CA ALA IC 172 144.94 -28.21 -58.06
C ALA IC 172 143.58 -28.76 -58.49
N ALA IC 173 142.59 -27.89 -58.69
CA ALA IC 173 141.25 -28.29 -59.07
C ALA IC 173 140.85 -27.58 -60.35
N ALA IC 174 139.62 -27.85 -60.79
CA ALA IC 174 139.13 -27.25 -62.03
C ALA IC 174 139.00 -25.74 -61.89
N GLY IC 175 139.37 -25.02 -62.95
CA GLY IC 175 139.30 -23.56 -62.97
C GLY IC 175 138.26 -23.09 -63.97
N LYS IC 176 137.48 -22.09 -63.57
CA LYS IC 176 136.36 -21.61 -64.37
C LYS IC 176 136.61 -20.20 -64.88
N LEU IC 177 136.44 -19.99 -66.18
CA LEU IC 177 136.65 -18.69 -66.80
C LEU IC 177 135.40 -18.29 -67.56
N THR IC 178 134.82 -17.13 -67.21
CA THR IC 178 133.59 -16.65 -67.81
C THR IC 178 133.76 -15.23 -68.32
N GLU IC 179 133.22 -14.95 -69.50
CA GLU IC 179 133.31 -13.63 -70.12
C GLU IC 179 132.00 -13.31 -70.81
N ALA IC 180 131.54 -12.06 -70.64
CA ALA IC 180 130.33 -11.58 -71.27
C ALA IC 180 130.58 -10.22 -71.89
N ASP IC 181 130.09 -10.02 -73.12
CA ASP IC 181 130.29 -8.80 -73.88
C ASP IC 181 128.96 -8.37 -74.47
N ASN IC 182 128.64 -7.07 -74.36
CA ASN IC 182 127.44 -6.52 -74.97
C ASN IC 182 127.76 -5.11 -75.43
N TRP IC 183 127.81 -4.88 -76.74
CA TRP IC 183 128.09 -3.53 -77.21
C TRP IC 183 127.13 -3.16 -78.33
N GLU IC 184 126.93 -1.85 -78.49
CA GLU IC 184 125.88 -1.31 -79.36
C GLU IC 184 126.33 0.00 -79.97
N ILE IC 185 125.98 0.21 -81.25
CA ILE IC 185 126.28 1.42 -81.99
C ILE IC 185 125.00 1.90 -82.67
N SER IC 186 124.71 3.20 -82.54
CA SER IC 186 123.56 3.80 -83.21
C SER IC 186 123.99 5.12 -83.83
N GLY IC 187 123.89 5.23 -85.14
CA GLY IC 187 124.31 6.42 -85.84
C GLY IC 187 123.23 6.93 -86.78
N HIS IC 188 123.25 8.25 -86.98
CA HIS IC 188 122.28 8.92 -87.84
C HIS IC 188 122.95 10.09 -88.54
N THR IC 189 122.61 10.28 -89.81
CA THR IC 189 123.19 11.33 -90.64
C THR IC 189 122.09 12.00 -91.44
N ASN IC 190 122.12 13.33 -91.50
CA ASN IC 190 121.15 14.12 -92.26
C ASN IC 190 121.92 15.18 -93.03
N ALA IC 191 121.97 15.02 -94.34
CA ALA IC 191 122.60 15.99 -95.24
C ALA IC 191 121.48 16.70 -96.02
N ASN IC 192 121.22 17.95 -95.64
CA ASN IC 192 120.19 18.76 -96.28
C ASN IC 192 120.85 19.75 -97.22
N ILE IC 193 120.48 19.70 -98.49
CA ILE IC 193 120.97 20.62 -99.51
C ILE IC 193 119.77 21.23 -100.21
N GLY IC 194 120.00 22.33 -100.92
CA GLY IC 194 118.91 23.03 -101.58
C GLY IC 194 118.13 22.15 -102.54
N GLU IC 195 118.80 21.20 -103.20
CA GLU IC 195 118.14 20.31 -104.15
C GLU IC 195 118.30 18.84 -103.78
N ALA IC 196 118.81 18.52 -102.59
CA ALA IC 196 119.01 17.14 -102.20
C ALA IC 196 118.84 17.01 -100.70
N VAL IC 197 118.17 15.93 -100.28
CA VAL IC 197 117.98 15.60 -98.87
C VAL IC 197 118.32 14.14 -98.69
N VAL IC 198 119.28 13.85 -97.81
CA VAL IC 198 119.71 12.49 -97.52
C VAL IC 198 119.57 12.24 -96.02
N THR IC 199 118.89 11.15 -95.66
CA THR IC 199 118.68 10.79 -94.26
C THR IC 199 119.03 9.31 -94.09
N ALA IC 200 120.15 9.04 -93.43
CA ALA IC 200 120.64 7.69 -93.22
C ALA IC 200 120.64 7.36 -91.72
N THR IC 201 120.40 6.10 -91.40
CA THR IC 201 120.37 5.65 -90.01
C THR IC 201 120.87 4.21 -89.96
N ALA IC 202 121.64 3.89 -88.93
CA ALA IC 202 122.17 2.53 -88.78
C ALA IC 202 122.28 2.18 -87.31
N GLU IC 203 121.71 1.04 -86.93
CA GLU IC 203 121.78 0.54 -85.57
C GLU IC 203 122.26 -0.90 -85.58
N LEU IC 204 123.16 -1.22 -84.66
CA LEU IC 204 123.59 -2.61 -84.52
C LEU IC 204 124.03 -2.85 -83.07
N ASP IC 205 124.03 -4.13 -82.69
CA ASP IC 205 124.44 -4.50 -81.34
C ASP IC 205 124.83 -5.97 -81.33
N LYS IC 206 125.93 -6.28 -80.67
CA LYS IC 206 126.46 -7.63 -80.59
C LYS IC 206 126.55 -8.07 -79.13
N ASN IC 207 126.18 -9.33 -78.89
CA ASN IC 207 126.23 -9.94 -77.56
C ASN IC 207 126.96 -11.27 -77.67
N LEU IC 208 127.95 -11.46 -76.79
CA LEU IC 208 128.74 -12.69 -76.74
C LEU IC 208 128.89 -13.16 -75.30
N SER IC 209 129.06 -14.46 -75.14
CA SER IC 209 129.29 -15.05 -73.82
C SER IC 209 130.09 -16.33 -73.99
N ARG IC 210 131.22 -16.43 -73.31
CA ARG IC 210 132.09 -17.59 -73.40
C ARG IC 210 132.42 -18.08 -72.00
N LYS IC 211 132.20 -19.37 -71.74
CA LYS IC 211 132.45 -19.96 -70.43
C LYS IC 211 133.18 -21.28 -70.61
N ILE IC 212 134.37 -21.40 -70.02
CA ILE IC 212 135.18 -22.61 -70.15
C ILE IC 212 135.66 -23.03 -68.76
N GLU IC 213 136.18 -24.26 -68.69
CA GLU IC 213 136.65 -24.84 -67.44
C GLU IC 213 137.88 -25.68 -67.72
N ILE IC 214 139.03 -25.19 -67.30
CA ILE IC 214 140.29 -25.95 -67.44
C ILE IC 214 140.33 -27.05 -66.38
N PRO IC 215 140.83 -28.23 -66.71
CA PRO IC 215 140.82 -29.35 -65.77
C PRO IC 215 141.97 -29.27 -64.80
N PRO IC 216 141.93 -30.03 -63.71
CA PRO IC 216 143.06 -30.04 -62.77
C PRO IC 216 144.35 -30.49 -63.43
N GLY IC 217 145.46 -29.90 -63.01
CA GLY IC 217 146.77 -30.23 -63.52
C GLY IC 217 147.28 -29.33 -64.63
N THR IC 218 146.43 -28.42 -65.13
CA THR IC 218 146.86 -27.53 -66.20
C THR IC 218 147.94 -26.57 -65.70
N ALA IC 219 149.04 -26.50 -66.44
CA ALA IC 219 150.14 -25.62 -66.05
C ALA IC 219 149.79 -24.17 -66.34
N LEU IC 220 150.28 -23.27 -65.48
CA LEU IC 220 150.06 -21.83 -65.64
C LEU IC 220 151.33 -21.06 -65.93
N ALA IC 221 152.43 -21.36 -65.25
CA ALA IC 221 153.67 -20.62 -65.41
C ALA IC 221 154.83 -21.51 -65.02
N TYR IC 222 156.03 -21.09 -65.40
CA TYR IC 222 157.21 -21.92 -65.19
C TYR IC 222 158.45 -21.04 -65.11
N SER IC 223 159.53 -21.63 -64.60
CA SER IC 223 160.84 -21.01 -64.59
C SER IC 223 161.87 -22.04 -65.03
N PHE IC 224 162.94 -21.57 -65.68
CA PHE IC 224 163.91 -22.49 -66.26
C PHE IC 224 165.32 -21.98 -66.04
N MET IC 225 166.27 -22.90 -66.17
CA MET IC 225 167.69 -22.62 -66.04
C MET IC 225 168.40 -22.88 -67.36
N ASP IC 226 169.33 -22.01 -67.73
CA ASP IC 226 169.99 -22.11 -69.01
C ASP IC 226 171.05 -23.22 -69.02
N LEU IC 227 171.40 -23.66 -70.22
CA LEU IC 227 172.41 -24.69 -70.42
C LEU IC 227 173.33 -24.28 -71.56
N GLU IC 228 174.42 -25.04 -71.71
CA GLU IC 228 175.41 -24.76 -72.74
C GLU IC 228 176.04 -26.07 -73.18
N ILE IC 229 176.04 -26.31 -74.50
CA ILE IC 229 176.65 -27.50 -75.07
C ILE IC 229 178.15 -27.25 -75.23
N LEU IC 230 178.98 -28.13 -74.65
CA LEU IC 230 180.40 -28.05 -74.87
C LEU IC 230 180.74 -28.48 -76.30
N GLU IC 231 182.04 -28.43 -76.63
CA GLU IC 231 182.49 -28.98 -77.90
C GLU IC 231 182.06 -30.43 -78.06
N ASP IC 232 182.26 -31.23 -77.01
CA ASP IC 232 181.75 -32.58 -76.95
C ASP IC 232 180.26 -32.57 -76.63
N ARG IC 233 179.69 -33.75 -76.45
CA ARG IC 233 178.28 -33.86 -76.05
C ARG IC 233 178.06 -33.41 -74.60
N SER IC 234 179.12 -33.11 -73.86
CA SER IC 234 178.98 -32.67 -72.48
C SER IC 234 178.14 -31.40 -72.38
N LEU IC 235 177.41 -31.28 -71.27
CA LEU IC 235 176.57 -30.12 -71.00
C LEU IC 235 177.04 -29.41 -69.75
N ARG IC 236 176.88 -28.08 -69.75
CA ARG IC 236 177.26 -27.25 -68.61
C ARG IC 236 176.12 -26.30 -68.30
N VAL IC 237 176.09 -25.80 -67.07
CA VAL IC 237 175.08 -24.84 -66.66
C VAL IC 237 175.69 -23.45 -66.69
N SER IC 238 174.89 -22.47 -67.11
CA SER IC 238 175.36 -21.10 -67.29
C SER IC 238 174.49 -20.15 -66.47
N SER IC 239 175.13 -19.16 -65.86
CA SER IC 239 174.45 -18.20 -64.99
C SER IC 239 174.80 -16.79 -65.44
N SER IC 240 173.78 -16.04 -65.88
CA SER IC 240 173.97 -14.63 -66.20
C SER IC 240 173.98 -13.84 -64.91
N ALA IC 241 175.17 -13.34 -64.53
CA ALA IC 241 175.37 -12.63 -63.27
C ALA IC 241 174.96 -13.50 -62.07
N GLY IC 242 175.13 -14.81 -62.19
CA GLY IC 242 174.80 -15.71 -61.10
C GLY IC 242 173.32 -15.90 -60.84
N ALA IC 243 172.46 -15.55 -61.80
CA ALA IC 243 171.02 -15.65 -61.58
C ALA IC 243 170.60 -17.12 -61.44
N MET IC 244 170.99 -17.96 -62.40
CA MET IC 244 170.57 -19.37 -62.46
C MET IC 244 169.06 -19.54 -62.47
N PHE IC 245 168.32 -18.49 -62.78
CA PHE IC 245 166.86 -18.56 -62.89
C PHE IC 245 166.44 -17.56 -63.95
N ASP IC 246 166.16 -18.06 -65.15
CA ASP IC 246 165.84 -17.19 -66.27
C ASP IC 246 164.33 -17.12 -66.45
N SER IC 247 163.81 -15.90 -66.57
CA SER IC 247 162.39 -15.66 -66.75
C SER IC 247 162.07 -15.17 -68.16
N GLY IC 248 162.97 -15.39 -69.12
CA GLY IC 248 162.76 -14.90 -70.46
C GLY IC 248 162.69 -13.39 -70.54
N LYS IC 249 163.52 -12.70 -69.77
CA LYS IC 249 163.52 -11.25 -69.72
C LYS IC 249 164.69 -10.70 -70.52
N ALA IC 250 164.51 -9.49 -71.05
CA ALA IC 250 165.57 -8.83 -71.78
C ALA IC 250 166.72 -8.46 -70.85
N GLU IC 251 167.93 -8.42 -71.41
CA GLU IC 251 169.10 -8.09 -70.61
C GLU IC 251 169.02 -6.68 -70.04
N SER IC 252 168.54 -5.73 -70.85
CA SER IC 252 168.38 -4.33 -70.44
C SER IC 252 169.69 -3.74 -69.91
CA ARG JC 3 151.50 -2.48 -56.91
C ARG JC 3 150.88 -3.79 -56.42
N PRO JC 4 151.65 -4.87 -56.49
CA PRO JC 4 151.14 -6.17 -56.03
C PRO JC 4 150.79 -6.13 -54.55
N MET JC 5 149.71 -6.85 -54.20
CA MET JC 5 149.27 -6.89 -52.82
C MET JC 5 150.33 -7.52 -51.92
N PHE JC 6 151.01 -8.56 -52.41
CA PHE JC 6 152.05 -9.19 -51.61
C PHE JC 6 153.18 -8.20 -51.33
N ALA JC 7 153.60 -7.43 -52.33
CA ALA JC 7 154.65 -6.45 -52.13
C ALA JC 7 154.20 -5.36 -51.15
N VAL JC 8 152.96 -4.91 -51.28
CA VAL JC 8 152.44 -3.88 -50.36
C VAL JC 8 152.43 -4.41 -48.94
N ALA JC 9 151.96 -5.64 -48.74
CA ALA JC 9 151.92 -6.20 -47.40
C ALA JC 9 153.32 -6.41 -46.84
N VAL JC 10 154.27 -6.82 -47.68
CA VAL JC 10 155.65 -6.99 -47.23
C VAL JC 10 156.22 -5.65 -46.79
N ASN JC 11 155.96 -4.59 -47.56
CA ASN JC 11 156.45 -3.27 -47.17
C ASN JC 11 155.82 -2.81 -45.86
N GLU JC 12 154.51 -3.04 -45.69
CA GLU JC 12 153.85 -2.67 -44.45
C GLU JC 12 154.45 -3.40 -43.26
N PHE JC 13 154.67 -4.70 -43.41
CA PHE JC 13 155.25 -5.49 -42.32
C PHE JC 13 156.65 -5.02 -42.00
N ILE JC 14 157.48 -4.80 -43.02
CA ILE JC 14 158.86 -4.42 -42.78
C ILE JC 14 158.94 -3.03 -42.17
N ARG JC 15 158.00 -2.14 -42.50
CA ARG JC 15 157.97 -0.84 -41.85
C ARG JC 15 157.54 -0.95 -40.40
N SER JC 16 156.47 -1.71 -40.13
CA SER JC 16 155.97 -1.82 -38.77
C SER JC 16 157.00 -2.48 -37.85
N ALA JC 17 157.65 -3.54 -38.33
CA ALA JC 17 158.65 -4.26 -37.55
C ALA JC 17 159.89 -4.48 -38.41
N GLY JC 18 161.06 -4.26 -37.82
CA GLY JC 18 162.30 -4.49 -38.52
C GLY JC 18 162.55 -3.60 -39.71
N GLN JC 19 162.33 -2.29 -39.56
CA GLN JC 19 162.58 -1.36 -40.65
C GLN JC 19 164.06 -1.37 -41.06
N ASP JC 20 164.95 -1.70 -40.13
CA ASP JC 20 166.36 -1.83 -40.40
C ASP JC 20 166.77 -3.31 -40.35
N SER JC 21 167.81 -3.63 -41.10
CA SER JC 21 168.37 -4.99 -41.15
C SER JC 21 167.31 -6.01 -41.58
N LEU JC 22 166.61 -5.70 -42.66
CA LEU JC 22 165.60 -6.60 -43.18
C LEU JC 22 165.36 -6.29 -44.65
N CYS JC 23 165.27 -7.34 -45.47
CA CYS JC 23 165.08 -7.21 -46.91
C CYS JC 23 163.76 -7.84 -47.31
N GLY JC 24 162.97 -7.09 -48.08
CA GLY JC 24 161.70 -7.61 -48.54
C GLY JC 24 161.86 -8.76 -49.53
N VAL JC 25 160.82 -9.59 -49.61
CA VAL JC 25 160.80 -10.73 -50.51
C VAL JC 25 160.20 -10.27 -51.84
N PRO JC 26 160.85 -10.56 -52.97
CA PRO JC 26 160.35 -10.06 -54.26
C PRO JC 26 158.98 -10.58 -54.63
N ASP JC 27 158.71 -11.88 -54.46
CA ASP JC 27 157.43 -12.43 -54.87
C ASP JC 27 157.18 -13.73 -54.13
N ILE JC 28 155.91 -14.17 -54.18
CA ILE JC 28 155.50 -15.37 -53.47
C ILE JC 28 156.24 -16.59 -54.00
N ASN JC 29 156.41 -16.68 -55.32
CA ASN JC 29 157.07 -17.84 -55.91
C ASN JC 29 158.49 -17.99 -55.40
N SER JC 30 159.24 -16.88 -55.33
CA SER JC 30 160.63 -16.92 -54.90
C SER JC 30 160.78 -16.74 -53.39
N SER JC 31 159.67 -16.63 -52.65
CA SER JC 31 159.76 -16.50 -51.21
C SER JC 31 160.43 -17.71 -50.58
N GLY JC 32 160.19 -18.90 -51.13
CA GLY JC 32 160.72 -20.11 -50.53
C GLY JC 32 162.21 -20.31 -50.72
N ASP JC 33 162.86 -19.48 -51.53
CA ASP JC 33 164.28 -19.59 -51.77
C ASP JC 33 165.11 -18.73 -50.82
N PHE JC 34 164.48 -18.05 -49.87
CA PHE JC 34 165.17 -17.18 -48.93
C PHE JC 34 165.06 -17.70 -47.50
N MET JC 35 165.02 -19.01 -47.33
CA MET JC 35 165.05 -19.62 -46.02
C MET JC 35 166.48 -19.58 -45.46
N PRO JC 36 166.64 -19.76 -44.16
CA PRO JC 36 167.99 -19.68 -43.56
C PRO JC 36 168.93 -20.71 -44.17
N LEU JC 37 170.21 -20.34 -44.20
CA LEU JC 37 171.29 -21.17 -44.76
C LEU JC 37 171.11 -21.35 -46.27
N HIS JC 38 170.83 -20.25 -46.96
CA HIS JC 38 170.75 -20.23 -48.42
C HIS JC 38 171.74 -19.21 -48.96
N ILE JC 39 172.31 -19.53 -50.12
CA ILE JC 39 173.28 -18.66 -50.77
C ILE JC 39 172.55 -17.74 -51.73
N ILE JC 40 172.90 -16.45 -51.71
CA ILE JC 40 172.36 -15.46 -52.63
C ILE JC 40 173.53 -14.68 -53.22
N VAL JC 41 173.27 -14.04 -54.36
CA VAL JC 41 174.29 -13.27 -55.07
C VAL JC 41 173.89 -11.80 -55.03
N LYS JC 42 174.85 -10.94 -54.73
CA LYS JC 42 174.63 -9.50 -54.67
C LYS JC 42 175.43 -8.83 -55.78
N GLU JC 43 174.76 -7.96 -56.54
CA GLU JC 43 175.37 -7.23 -57.64
C GLU JC 43 175.33 -5.75 -57.33
N VAL JC 44 176.46 -5.08 -57.50
CA VAL JC 44 176.60 -3.66 -57.20
C VAL JC 44 175.87 -2.84 -58.27
N PRO JC 45 175.39 -1.64 -57.94
CA PRO JC 45 174.68 -0.84 -58.96
C PRO JC 45 175.53 -0.50 -60.18
N LYS JC 46 176.83 -0.31 -60.00
CA LYS JC 46 177.81 0.03 -61.04
C LYS JC 46 177.62 1.44 -61.58
N VAL JC 47 176.61 2.18 -61.14
CA VAL JC 47 176.39 3.54 -61.60
C VAL JC 47 176.53 4.49 -60.41
N LEU JC 48 175.69 4.30 -59.40
CA LEU JC 48 175.74 5.08 -58.16
C LEU JC 48 175.72 4.10 -56.99
N PRO JC 49 176.85 3.42 -56.74
CA PRO JC 49 176.87 2.41 -55.68
C PRO JC 49 176.49 2.94 -54.31
N CYS JC 50 176.89 4.17 -53.98
CA CYS JC 50 176.56 4.75 -52.69
C CYS JC 50 175.16 5.37 -52.65
N CYS JC 51 174.49 5.48 -53.79
CA CYS JC 51 173.17 6.09 -53.84
C CYS JC 51 172.05 5.12 -54.19
N ARG JC 52 172.38 3.93 -54.70
CA ARG JC 52 171.39 2.96 -55.13
C ARG JC 52 171.61 1.65 -54.41
N ARG JC 53 170.52 1.00 -53.99
CA ARG JC 53 170.63 -0.29 -53.33
C ARG JC 53 171.00 -1.37 -54.33
N PRO JC 54 171.78 -2.36 -53.92
CA PRO JC 54 172.24 -3.40 -54.85
C PRO JC 54 171.13 -4.34 -55.30
N LYS JC 55 171.46 -5.28 -56.18
CA LYS JC 55 170.49 -6.23 -56.73
C LYS JC 55 170.77 -7.61 -56.15
N ILE JC 56 169.71 -8.26 -55.68
CA ILE JC 56 169.83 -9.55 -54.99
C ILE JC 56 169.23 -10.64 -55.88
N LYS JC 57 170.00 -11.70 -56.11
CA LYS JC 57 169.62 -12.81 -56.98
C LYS JC 57 169.61 -14.09 -56.16
N ARG JC 58 168.52 -14.85 -56.26
CA ARG JC 58 168.41 -16.12 -55.57
C ARG JC 58 169.14 -17.21 -56.34
N THR JC 59 169.62 -18.20 -55.60
CA THR JC 59 170.31 -19.34 -56.18
C THR JC 59 169.79 -20.63 -55.57
N PRO JC 60 169.80 -21.74 -56.32
CA PRO JC 60 169.33 -23.02 -55.79
C PRO JC 60 170.43 -23.79 -55.08
N TYR JC 61 171.01 -23.18 -54.06
CA TYR JC 61 172.12 -23.78 -53.32
C TYR JC 61 171.94 -23.54 -51.83
N THR JC 62 172.41 -24.50 -51.05
CA THR JC 62 172.54 -24.35 -49.60
C THR JC 62 174.01 -24.33 -49.23
N LEU JC 63 174.28 -24.03 -47.95
CA LEU JC 63 175.66 -23.93 -47.49
C LEU JC 63 176.39 -25.27 -47.63
N ASN JC 64 175.72 -26.36 -47.25
CA ASN JC 64 176.36 -27.67 -47.32
C ASN JC 64 176.64 -28.08 -48.76
N ASP JC 65 175.76 -27.71 -49.70
CA ASP JC 65 176.02 -28.02 -51.10
C ASP JC 65 177.16 -27.17 -51.64
N ILE JC 66 177.20 -25.89 -51.28
CA ILE JC 66 178.23 -25.01 -51.83
C ILE JC 66 179.59 -25.31 -51.22
N LEU JC 67 179.62 -25.90 -50.02
CA LEU JC 67 180.87 -26.17 -49.33
C LEU JC 67 181.27 -27.62 -49.48
N ASP JC 68 182.58 -27.85 -49.67
CA ASP JC 68 183.09 -29.21 -49.67
C ASP JC 68 182.90 -29.87 -48.31
N GLU JC 69 183.16 -29.13 -47.23
CA GLU JC 69 183.00 -29.65 -45.89
C GLU JC 69 181.63 -29.23 -45.33
N PRO JC 70 180.80 -30.18 -44.91
CA PRO JC 70 179.47 -29.81 -44.39
C PRO JC 70 179.55 -29.11 -43.04
N CYS JC 71 178.48 -28.41 -42.72
CA CYS JC 71 178.33 -27.66 -41.49
C CYS JC 71 177.00 -28.05 -40.84
N PRO JC 72 176.88 -27.90 -39.52
CA PRO JC 72 175.58 -28.14 -38.88
C PRO JC 72 174.52 -27.19 -39.44
N ASN JC 73 173.29 -27.70 -39.56
CA ASN JC 73 172.23 -26.95 -40.23
C ASN JC 73 170.91 -26.95 -39.45
N GLN JC 74 170.92 -27.33 -38.17
CA GLN JC 74 169.68 -27.35 -37.41
C GLN JC 74 169.14 -25.94 -37.23
N LEU JC 75 167.81 -25.82 -37.17
CA LEU JC 75 167.15 -24.53 -37.09
C LEU JC 75 166.23 -24.48 -35.88
N LYS JC 76 165.75 -23.28 -35.57
CA LYS JC 76 164.78 -23.06 -34.51
C LYS JC 76 163.96 -21.82 -34.86
N SER JC 77 162.73 -21.79 -34.35
CA SER JC 77 161.81 -20.70 -34.63
C SER JC 77 161.20 -20.18 -33.35
N SER JC 78 160.87 -18.89 -33.35
CA SER JC 78 160.26 -18.24 -32.20
C SER JC 78 159.42 -17.07 -32.68
N ASP JC 79 158.44 -16.69 -31.87
CA ASP JC 79 157.52 -15.63 -32.27
C ASP JC 79 158.24 -14.29 -32.37
N LEU JC 80 157.79 -13.47 -33.33
CA LEU JC 80 158.38 -12.16 -33.56
C LEU JC 80 157.39 -11.03 -33.35
N VAL JC 81 156.22 -11.07 -33.99
CA VAL JC 81 155.21 -10.02 -33.87
C VAL JC 81 153.85 -10.65 -34.19
N THR JC 82 152.80 -9.97 -33.75
CA THR JC 82 151.43 -10.47 -33.90
C THR JC 82 150.52 -9.31 -34.27
N PHE JC 83 149.94 -9.37 -35.47
CA PHE JC 83 148.97 -8.38 -35.92
C PHE JC 83 147.59 -8.83 -35.48
N THR JC 84 147.10 -8.24 -34.39
CA THR JC 84 145.83 -8.67 -33.82
C THR JC 84 144.66 -8.37 -34.75
N GLU JC 85 144.71 -7.23 -35.44
CA GLU JC 85 143.62 -6.84 -36.34
C GLU JC 85 144.18 -6.53 -37.72
N PRO JC 86 143.38 -6.72 -38.77
CA PRO JC 86 143.87 -6.48 -40.13
C PRO JC 86 144.26 -5.02 -40.35
N LEU JC 87 145.32 -4.83 -41.13
CA LEU JC 87 145.68 -3.50 -41.62
C LEU JC 87 144.68 -3.08 -42.68
N VAL JC 88 143.95 -1.99 -42.42
CA VAL JC 88 142.88 -1.52 -43.28
C VAL JC 88 143.24 -0.14 -43.80
N SER JC 89 143.11 0.06 -45.11
CA SER JC 89 143.39 1.34 -45.75
C SER JC 89 142.25 1.72 -46.68
N ASN JC 90 141.87 2.99 -46.63
CA ASN JC 90 140.82 3.53 -47.48
C ASN JC 90 141.30 4.83 -48.11
N VAL JC 91 141.08 4.97 -49.42
CA VAL JC 91 141.36 6.20 -50.15
C VAL JC 91 140.14 6.54 -50.97
N LYS JC 92 139.72 7.80 -50.93
CA LYS JC 92 138.54 8.23 -51.67
C LYS JC 92 138.81 9.62 -52.22
N ALA JC 93 138.88 9.72 -53.55
CA ALA JC 93 139.15 10.99 -54.22
C ALA JC 93 138.00 11.32 -55.17
N SER JC 94 137.73 12.61 -55.32
CA SER JC 94 136.70 13.07 -56.24
C SER JC 94 137.03 14.49 -56.67
N SER JC 95 137.00 14.74 -57.98
CA SER JC 95 137.37 16.04 -58.52
C SER JC 95 136.47 16.39 -59.70
N SER JC 96 136.36 17.68 -59.96
CA SER JC 96 135.57 18.19 -61.08
C SER JC 96 136.23 19.44 -61.63
N ILE JC 97 136.20 19.57 -62.95
CA ILE JC 97 136.81 20.70 -63.65
C ILE JC 97 135.78 21.27 -64.61
N GLY JC 98 135.68 22.60 -64.64
CA GLY JC 98 134.81 23.27 -65.59
C GLY JC 98 135.49 24.43 -66.27
N LEU JC 99 135.59 24.39 -67.60
CA LEU JC 99 136.25 25.42 -68.39
C LEU JC 99 135.25 26.02 -69.35
N GLN JC 100 135.24 27.36 -69.42
CA GLN JC 100 134.37 28.05 -70.36
C GLN JC 100 135.15 29.17 -71.04
N ILE JC 101 135.09 29.21 -72.36
CA ILE JC 101 135.67 30.30 -73.15
C ILE JC 101 134.52 30.97 -73.88
N LEU JC 102 134.08 32.10 -73.35
CA LEU JC 102 133.01 32.94 -73.92
C LEU JC 102 131.78 32.07 -74.12
N LYS JC 103 131.11 32.13 -75.27
CA LYS JC 103 130.07 31.19 -75.64
C LYS JC 103 130.53 30.25 -76.74
N HIS JC 104 131.85 30.07 -76.88
CA HIS JC 104 132.43 29.24 -77.92
C HIS JC 104 132.95 27.90 -77.42
N PHE JC 105 133.45 27.83 -76.19
CA PHE JC 105 133.97 26.58 -75.65
C PHE JC 105 133.38 26.33 -74.28
N ASP JC 106 132.98 25.09 -74.01
CA ASP JC 106 132.43 24.74 -72.70
C ASP JC 106 132.71 23.27 -72.43
N SER JC 107 133.63 22.99 -71.51
CA SER JC 107 134.00 21.62 -71.17
C SER JC 107 133.77 21.38 -69.69
N GLY JC 108 133.19 20.23 -69.37
CA GLY JC 108 133.01 19.82 -67.99
C GLY JC 108 133.44 18.39 -67.76
N ALA JC 109 134.44 18.19 -66.90
CA ALA JC 109 134.96 16.87 -66.62
C ALA JC 109 134.84 16.58 -65.14
N LYS JC 110 134.78 15.30 -64.79
CA LYS JC 110 134.72 14.91 -63.39
C LYS JC 110 135.24 13.49 -63.25
N GLY JC 111 135.83 13.20 -62.10
CA GLY JC 111 136.38 11.89 -61.84
C GLY JC 111 136.25 11.53 -60.39
N SER JC 112 136.22 10.23 -60.12
CA SER JC 112 136.14 9.74 -58.74
C SER JC 112 136.85 8.40 -58.65
N LYS JC 113 137.36 8.11 -57.46
CA LYS JC 113 138.11 6.88 -57.23
C LYS JC 113 137.92 6.46 -55.77
N ASN JC 114 137.72 5.16 -55.57
CA ASN JC 114 137.56 4.57 -54.24
C ASN JC 114 138.40 3.31 -54.18
N PHE JC 115 139.37 3.28 -53.26
CA PHE JC 115 140.35 2.20 -53.16
C PHE JC 115 140.37 1.69 -51.73
N ILE JC 116 140.19 0.38 -51.55
CA ILE JC 116 140.12 -0.22 -50.23
C ILE JC 116 141.08 -1.41 -50.18
N THR JC 117 141.84 -1.51 -49.10
CA THR JC 117 142.82 -2.58 -48.93
C THR JC 117 142.71 -3.14 -47.51
N SER JC 118 142.86 -4.46 -47.39
CA SER JC 118 142.85 -5.13 -46.10
C SER JC 118 143.87 -6.27 -46.12
N ALA JC 119 144.73 -6.30 -45.12
CA ALA JC 119 145.75 -7.34 -45.01
C ALA JC 119 145.71 -7.95 -43.61
N SER JC 120 145.56 -9.27 -43.55
CA SER JC 120 145.52 -10.01 -42.29
C SER JC 120 146.68 -10.99 -42.31
N LEU JC 121 147.76 -10.66 -41.61
CA LEU JC 121 148.95 -11.48 -41.55
C LEU JC 121 149.00 -12.40 -40.35
N GLY JC 122 148.07 -12.26 -39.40
CA GLY JC 122 148.06 -13.14 -38.25
C GLY JC 122 149.31 -13.00 -37.42
N THR JC 123 150.00 -14.12 -37.20
CA THR JC 123 151.22 -14.17 -36.40
C THR JC 123 152.42 -14.41 -37.31
N VAL JC 124 153.50 -13.68 -37.08
CA VAL JC 124 154.74 -13.82 -37.84
C VAL JC 124 155.81 -14.35 -36.89
N VAL JC 125 156.49 -15.41 -37.30
CA VAL JC 125 157.57 -16.01 -36.53
C VAL JC 125 158.88 -15.79 -37.26
N LYS JC 126 159.98 -16.01 -36.54
CA LYS JC 126 161.32 -15.88 -37.09
C LYS JC 126 162.04 -17.21 -36.93
N ALA JC 127 162.67 -17.65 -38.01
CA ALA JC 127 163.41 -18.91 -38.03
C ALA JC 127 164.88 -18.61 -38.32
N GLU JC 128 165.75 -19.29 -37.58
CA GLU JC 128 167.19 -19.04 -37.66
C GLU JC 128 167.94 -20.25 -37.12
N THR JC 129 169.22 -20.33 -37.46
CA THR JC 129 170.05 -21.42 -36.99
C THR JC 129 170.13 -21.42 -35.46
N ILE JC 130 170.18 -22.60 -34.87
CA ILE JC 130 170.26 -22.71 -33.42
C ILE JC 130 171.54 -22.07 -32.91
N ASP JC 131 172.66 -22.33 -33.57
CA ASP JC 131 173.94 -21.74 -33.21
C ASP JC 131 174.61 -21.23 -34.47
N ILE JC 132 174.82 -19.92 -34.54
CA ILE JC 132 175.44 -19.32 -35.71
C ILE JC 132 176.96 -19.29 -35.60
N THR JC 133 177.49 -19.26 -34.38
CA THR JC 133 178.94 -19.21 -34.19
C THR JC 133 179.60 -20.46 -34.75
N LYS JC 134 179.02 -21.64 -34.50
CA LYS JC 134 179.57 -22.88 -35.04
C LYS JC 134 179.55 -22.87 -36.56
N VAL JC 135 178.44 -22.41 -37.15
CA VAL JC 135 178.34 -22.34 -38.61
C VAL JC 135 179.41 -21.42 -39.16
N LEU JC 136 179.60 -20.26 -38.53
CA LEU JC 136 180.62 -19.32 -39.00
C LEU JC 136 182.02 -19.92 -38.90
N ALA JC 137 182.31 -20.59 -37.78
CA ALA JC 137 183.63 -21.20 -37.61
C ALA JC 137 183.88 -22.24 -38.69
N LYS JC 138 182.91 -23.13 -38.90
CA LYS JC 138 183.07 -24.17 -39.92
C LYS JC 138 183.21 -23.57 -41.32
N VAL JC 139 182.44 -22.52 -41.62
CA VAL JC 139 182.58 -21.85 -42.91
C VAL JC 139 184.00 -21.34 -43.09
N ARG JC 140 184.51 -20.64 -42.07
CA ARG JC 140 185.85 -20.07 -42.16
C ARG JC 140 186.91 -21.15 -42.34
N THR JC 141 186.71 -22.31 -41.71
CA THR JC 141 187.68 -23.39 -41.82
C THR JC 141 187.39 -24.35 -42.98
N ALA JC 142 186.34 -24.11 -43.76
CA ALA JC 142 185.94 -25.02 -44.83
C ALA JC 142 186.16 -24.38 -46.19
N LYS JC 143 186.46 -25.21 -47.18
CA LYS JC 143 186.65 -24.77 -48.55
C LYS JC 143 185.41 -25.03 -49.40
N ALA JC 144 185.19 -24.15 -50.38
CA ALA JC 144 184.04 -24.26 -51.26
C ALA JC 144 184.22 -25.43 -52.23
N LYS JC 145 183.14 -25.76 -52.93
CA LYS JC 145 183.15 -26.86 -53.89
C LYS JC 145 183.88 -26.43 -55.16
N VAL JC 146 184.96 -27.15 -55.50
CA VAL JC 146 185.72 -26.83 -56.71
C VAL JC 146 184.86 -27.04 -57.94
N GLU JC 147 184.04 -28.10 -57.95
CA GLU JC 147 183.18 -28.38 -59.10
C GLU JC 147 182.20 -27.24 -59.37
N ASN JC 148 181.70 -26.59 -58.32
CA ASN JC 148 180.68 -25.56 -58.50
C ASN JC 148 181.17 -24.44 -59.39
N ASP JC 149 180.32 -24.02 -60.32
CA ASP JC 149 180.64 -22.96 -61.28
C ASP JC 149 180.31 -21.58 -60.73
N LEU JC 150 179.23 -21.46 -59.96
CA LEU JC 150 178.83 -20.18 -59.39
C LEU JC 150 179.95 -19.56 -58.55
N VAL JC 151 180.59 -20.38 -57.70
CA VAL JC 151 181.67 -19.88 -56.85
C VAL JC 151 182.79 -19.33 -57.70
N SER JC 152 183.18 -20.06 -58.75
CA SER JC 152 184.25 -19.60 -59.63
C SER JC 152 183.87 -18.30 -60.32
N ARG JC 153 182.62 -18.21 -60.79
CA ARG JC 153 182.16 -16.98 -61.42
C ARG JC 153 182.29 -15.80 -60.46
N VAL JC 154 181.80 -15.96 -59.23
CA VAL JC 154 181.85 -14.89 -58.25
C VAL JC 154 183.30 -14.55 -57.90
N MET JC 155 184.18 -15.55 -57.87
CA MET JC 155 185.59 -15.30 -57.58
C MET JC 155 186.24 -14.47 -58.68
N LYS JC 156 185.99 -14.82 -59.94
CA LYS JC 156 186.64 -14.11 -61.03
C LYS JC 156 186.05 -12.72 -61.22
N THR JC 157 184.76 -12.56 -61.00
CA THR JC 157 184.14 -11.24 -61.12
C THR JC 157 184.35 -10.43 -59.85
N LYS JC 158 184.33 -9.10 -60.02
CA LYS JC 158 184.52 -8.18 -58.90
C LYS JC 158 183.23 -7.60 -58.37
N ARG JC 159 182.21 -7.47 -59.21
CA ARG JC 159 180.94 -6.91 -58.74
C ARG JC 159 180.17 -7.91 -57.90
N LEU JC 160 180.18 -9.18 -58.29
CA LEU JC 160 179.38 -10.18 -57.61
C LEU JC 160 179.94 -10.48 -56.21
N CYS JC 161 179.02 -10.65 -55.26
CA CYS JC 161 179.36 -11.04 -53.90
C CYS JC 161 178.40 -12.13 -53.44
N LEU JC 162 178.85 -12.95 -52.49
CA LEU JC 162 178.04 -14.03 -51.96
C LEU JC 162 177.49 -13.66 -50.59
N GLY JC 163 176.26 -14.09 -50.33
CA GLY JC 163 175.64 -13.84 -49.05
C GLY JC 163 174.90 -15.04 -48.49
N LEU JC 164 175.08 -15.32 -47.21
CA LEU JC 164 174.43 -16.44 -46.54
C LEU JC 164 173.27 -15.89 -45.73
N VAL JC 165 172.06 -16.42 -45.98
CA VAL JC 165 170.87 -15.98 -45.27
C VAL JC 165 170.86 -16.63 -43.89
N VAL JC 166 170.63 -15.83 -42.85
CA VAL JC 166 170.75 -16.29 -41.49
C VAL JC 166 169.44 -16.22 -40.69
N GLU JC 167 168.46 -15.43 -41.11
CA GLU JC 167 167.20 -15.38 -40.40
C GLU JC 167 166.09 -15.03 -41.37
N THR JC 168 164.90 -15.59 -41.14
CA THR JC 168 163.78 -15.40 -42.04
C THR JC 168 162.49 -15.23 -41.26
N ALA JC 169 161.65 -14.31 -41.70
CA ALA JC 169 160.35 -14.07 -41.08
C ALA JC 169 159.26 -14.73 -41.93
N CYS JC 170 158.48 -15.61 -41.31
CA CYS JC 170 157.47 -16.40 -42.00
C CYS JC 170 156.15 -16.34 -41.26
N VAL JC 171 155.05 -16.39 -42.01
CA VAL JC 171 153.72 -16.37 -41.41
C VAL JC 171 153.43 -17.74 -40.81
N ALA JC 172 152.95 -17.75 -39.56
CA ALA JC 172 152.63 -19.01 -38.90
C ALA JC 172 151.38 -19.64 -39.49
N ALA JC 173 150.38 -18.84 -39.82
CA ALA JC 173 149.12 -19.32 -40.36
C ALA JC 173 148.84 -18.64 -41.69
N ALA JC 174 147.70 -18.99 -42.29
CA ALA JC 174 147.33 -18.43 -43.58
C ALA JC 174 147.09 -16.93 -43.47
N GLY JC 175 147.54 -16.20 -44.49
CA GLY JC 175 147.38 -14.75 -44.54
C GLY JC 175 146.46 -14.34 -45.66
N LYS JC 176 145.57 -13.39 -45.38
CA LYS JC 176 144.53 -12.99 -46.32
C LYS JC 176 144.76 -11.56 -46.80
N LEU JC 177 144.73 -11.37 -48.12
CA LEU JC 177 144.94 -10.06 -48.72
C LEU JC 177 143.77 -9.75 -49.64
N THR JC 178 143.09 -8.63 -49.38
CA THR JC 178 141.90 -8.24 -50.14
C THR JC 178 142.05 -6.80 -50.63
N GLU JC 179 141.66 -6.57 -51.89
CA GLU JC 179 141.74 -5.25 -52.51
C GLU JC 179 140.50 -5.01 -53.35
N ALA JC 180 139.95 -3.80 -53.26
CA ALA JC 180 138.79 -3.39 -54.04
C ALA JC 180 139.04 -2.02 -54.64
N ASP JC 181 138.70 -1.86 -55.93
CA ASP JC 181 138.91 -0.63 -56.66
C ASP JC 181 137.65 -0.28 -57.42
N ASN JC 182 137.24 0.99 -57.37
CA ASN JC 182 136.09 1.46 -58.14
C ASN JC 182 136.38 2.89 -58.57
N TRP JC 183 136.57 3.11 -59.87
CA TRP JC 183 136.83 4.47 -60.32
C TRP JC 183 135.99 4.79 -61.54
N GLU JC 184 135.74 6.08 -61.75
CA GLU JC 184 134.78 6.54 -62.75
C GLU JC 184 135.21 7.88 -63.30
N ILE JC 185 135.01 8.06 -64.62
CA ILE JC 185 135.34 9.28 -65.34
C ILE JC 185 134.12 9.68 -66.17
N SER JC 186 133.73 10.95 -66.10
CA SER JC 186 132.64 11.48 -66.91
C SER JC 186 133.06 12.83 -67.49
N GLY JC 187 133.12 12.92 -68.81
CA GLY JC 187 133.56 14.13 -69.47
C GLY JC 187 132.57 14.57 -70.53
N HIS JC 188 132.53 15.89 -70.76
CA HIS JC 188 131.63 16.49 -71.73
C HIS JC 188 132.31 17.70 -72.35
N THR JC 189 132.12 17.86 -73.66
CA THR JC 189 132.74 18.94 -74.42
C THR JC 189 131.71 19.53 -75.37
N ASN JC 190 131.67 20.87 -75.43
CA ASN JC 190 130.76 21.59 -76.31
C ASN JC 190 131.55 22.70 -77.00
N ALA JC 191 131.78 22.54 -78.30
CA ALA JC 191 132.44 23.55 -79.11
C ALA JC 191 131.39 24.18 -80.03
N ASN JC 192 131.00 25.40 -79.71
CA ASN JC 192 130.02 26.15 -80.48
C ASN JC 192 130.73 27.17 -81.34
N ILE JC 193 130.52 27.10 -82.65
CA ILE JC 193 131.09 28.04 -83.60
C ILE JC 193 129.94 28.57 -84.45
N GLY JC 194 130.20 29.68 -85.15
CA GLY JC 194 129.16 30.30 -85.96
C GLY JC 194 128.56 29.38 -86.99
N GLU JC 195 129.36 28.47 -87.55
CA GLU JC 195 128.89 27.53 -88.57
C GLU JC 195 129.09 26.07 -88.17
N ALA JC 196 129.47 25.80 -86.91
CA ALA JC 196 129.71 24.43 -86.48
C ALA JC 196 129.35 24.30 -85.02
N VAL JC 197 128.70 23.18 -84.67
CA VAL JC 197 128.36 22.84 -83.30
C VAL JC 197 128.78 21.40 -83.05
N VAL JC 198 129.63 21.18 -82.06
CA VAL JC 198 130.10 19.86 -81.70
C VAL JC 198 129.78 19.60 -80.23
N THR JC 199 129.15 18.47 -79.94
CA THR JC 199 128.78 18.10 -78.57
C THR JC 199 129.19 16.65 -78.35
N ALA JC 200 130.24 16.46 -77.55
CA ALA JC 200 130.76 15.13 -77.26
C ALA JC 200 130.61 14.82 -75.77
N THR JC 201 130.40 13.55 -75.47
CA THR JC 201 130.23 13.10 -74.09
C THR JC 201 130.81 11.69 -73.96
N ALA JC 202 131.47 11.42 -72.84
CA ALA JC 202 132.06 10.10 -72.61
C ALA JC 202 132.01 9.76 -71.13
N GLU JC 203 131.46 8.59 -70.81
CA GLU JC 203 131.38 8.10 -69.45
C GLU JC 203 131.95 6.70 -69.38
N LEU JC 204 132.76 6.44 -68.35
CA LEU JC 204 133.25 5.08 -68.13
C LEU JC 204 133.51 4.87 -66.65
N ASP JC 205 133.54 3.61 -66.24
CA ASP JC 205 133.80 3.26 -64.85
C ASP JC 205 134.27 1.82 -64.78
N LYS JC 206 135.31 1.58 -63.98
CA LYS JC 206 135.91 0.27 -63.82
C LYS JC 206 135.84 -0.16 -62.36
N ASN JC 207 135.52 -1.44 -62.16
CA ASN JC 207 135.44 -2.04 -60.83
C ASN JC 207 136.26 -3.32 -60.81
N LEU JC 208 137.14 -3.45 -59.81
CA LEU JC 208 137.99 -4.62 -59.66
C LEU JC 208 137.98 -5.07 -58.21
N SER JC 209 138.21 -6.36 -58.00
CA SER JC 209 138.32 -6.93 -56.66
C SER JC 209 139.20 -8.16 -56.72
N ARG JC 210 140.25 -8.18 -55.89
CA ARG JC 210 141.20 -9.28 -55.86
C ARG JC 210 141.37 -9.74 -54.42
N LYS JC 211 141.21 -11.05 -54.18
CA LYS JC 211 141.33 -11.61 -52.84
C LYS JC 211 142.15 -12.89 -52.92
N ILE JC 212 143.26 -12.93 -52.18
CA ILE JC 212 144.16 -14.08 -52.18
C ILE JC 212 144.48 -14.47 -50.75
N GLU JC 213 145.06 -15.66 -50.60
CA GLU JC 213 145.40 -16.21 -49.29
C GLU JC 213 146.72 -16.97 -49.40
N ILE JC 214 147.78 -16.40 -48.84
CA ILE JC 214 149.08 -17.08 -48.81
C ILE JC 214 149.07 -18.17 -47.75
N PRO JC 215 149.67 -19.32 -48.00
CA PRO JC 215 149.60 -20.43 -47.06
C PRO JC 215 150.62 -20.27 -45.94
N PRO JC 216 150.50 -21.04 -44.86
CA PRO JC 216 151.49 -20.97 -43.79
C PRO JC 216 152.88 -21.34 -44.28
N GLY JC 217 153.89 -20.67 -43.72
CA GLY JC 217 155.27 -20.92 -44.06
C GLY JC 217 155.85 -19.99 -45.10
N THR JC 218 155.04 -19.14 -45.72
CA THR JC 218 155.53 -18.22 -46.73
C THR JC 218 156.48 -17.21 -46.12
N ALA JC 219 157.66 -17.06 -46.71
CA ALA JC 219 158.64 -16.12 -46.20
C ALA JC 219 158.25 -14.69 -46.54
N LEU JC 220 158.56 -13.76 -45.64
CA LEU JC 220 158.27 -12.34 -45.84
C LEU JC 220 159.51 -11.48 -45.98
N ALA JC 221 160.53 -11.71 -45.15
CA ALA JC 221 161.73 -10.89 -45.17
C ALA JC 221 162.89 -11.70 -44.62
N TYR JC 222 164.10 -11.21 -44.86
CA TYR JC 222 165.29 -11.95 -44.49
C TYR JC 222 166.46 -11.00 -44.26
N SER JC 223 167.50 -11.52 -43.62
CA SER JC 223 168.76 -10.82 -43.43
C SER JC 223 169.90 -11.78 -43.74
N PHE JC 224 171.00 -11.24 -44.24
CA PHE JC 224 172.10 -12.10 -44.69
C PHE JC 224 173.44 -11.50 -44.31
N MET JC 225 174.45 -12.36 -44.30
CA MET JC 225 175.82 -11.98 -44.00
C MET JC 225 176.71 -12.20 -45.21
N ASP JC 226 177.61 -11.27 -45.47
CA ASP JC 226 178.45 -11.34 -46.66
C ASP JC 226 179.56 -12.37 -46.52
N LEU JC 227 180.08 -12.80 -47.66
CA LEU JC 227 181.18 -13.77 -47.71
C LEU JC 227 182.21 -13.30 -48.74
N GLU JC 228 183.35 -13.98 -48.74
CA GLU JC 228 184.45 -13.65 -49.63
C GLU JC 228 185.21 -14.91 -49.99
N ILE JC 229 185.39 -15.16 -51.28
CA ILE JC 229 186.15 -16.31 -51.76
C ILE JC 229 187.64 -15.97 -51.73
N LEU JC 230 188.43 -16.79 -51.04
CA LEU JC 230 189.87 -16.62 -51.08
C LEU JC 230 190.41 -17.03 -52.45
N GLU JC 231 191.73 -16.90 -52.62
CA GLU JC 231 192.38 -17.42 -53.82
C GLU JC 231 192.06 -18.89 -54.00
N ASP JC 232 192.19 -19.67 -52.93
CA ASP JC 232 191.75 -21.06 -52.93
C ASP JC 232 190.24 -21.14 -52.79
N ARG JC 233 189.72 -22.36 -52.67
CA ARG JC 233 188.29 -22.55 -52.44
C ARG JC 233 187.85 -22.12 -51.05
N SER JC 234 188.78 -21.74 -50.18
CA SER JC 234 188.44 -21.32 -48.84
C SER JC 234 187.52 -20.09 -48.85
N LEU JC 235 186.66 -20.02 -47.85
CA LEU JC 235 185.71 -18.92 -47.71
C LEU JC 235 185.98 -18.17 -46.41
N ARG JC 236 185.73 -16.86 -46.44
CA ARG JC 236 185.91 -16.00 -45.28
C ARG JC 236 184.68 -15.12 -45.12
N VAL JC 237 184.47 -14.62 -43.91
CA VAL JC 237 183.35 -13.73 -43.64
C VAL JC 237 183.87 -12.30 -43.62
N SER JC 238 183.07 -11.37 -44.15
CA SER JC 238 183.47 -9.99 -44.29
C SER JC 238 182.45 -9.09 -43.59
N SER JC 239 182.94 -8.06 -42.92
CA SER JC 239 182.09 -7.14 -42.15
C SER JC 239 182.40 -5.71 -42.57
N SER JC 240 181.41 -5.03 -43.14
CA SER JC 240 181.54 -3.61 -43.46
C SER JC 240 181.35 -2.81 -42.18
N ALA JC 241 182.44 -2.25 -41.66
CA ALA JC 241 182.43 -1.52 -40.39
C ALA JC 241 181.94 -2.40 -39.24
N GLY JC 242 182.20 -3.70 -39.32
CA GLY JC 242 181.79 -4.62 -38.28
C GLY JC 242 180.31 -4.90 -38.21
N ALA JC 243 179.56 -4.61 -39.27
CA ALA JC 243 178.11 -4.81 -39.23
C ALA JC 243 177.75 -6.29 -39.12
N MET JC 244 178.32 -7.11 -40.02
CA MET JC 244 178.02 -8.54 -40.11
C MET JC 244 176.53 -8.81 -40.31
N PHE JC 245 175.76 -7.81 -40.73
CA PHE JC 245 174.34 -7.97 -41.01
C PHE JC 245 174.00 -7.01 -42.14
N ASP JC 246 173.90 -7.53 -43.36
CA ASP JC 246 173.68 -6.69 -44.52
C ASP JC 246 172.20 -6.72 -44.89
N SER JC 247 171.62 -5.53 -45.09
CA SER JC 247 170.23 -5.38 -45.45
C SER JC 247 170.06 -4.92 -46.90
N GLY JC 248 171.08 -5.09 -47.72
CA GLY JC 248 171.01 -4.62 -49.09
C GLY JC 248 170.85 -3.11 -49.20
N LYS JC 249 171.53 -2.37 -48.34
CA LYS JC 249 171.44 -0.92 -48.30
C LYS JC 249 172.67 -0.30 -48.96
N ALA JC 250 172.47 0.89 -49.51
CA ALA JC 250 173.57 1.62 -50.12
C ALA JC 250 174.57 2.07 -49.05
N GLU JC 251 175.83 2.18 -49.45
CA GLU JC 251 176.88 2.59 -48.51
C GLU JC 251 176.62 3.99 -47.98
N SER JC 252 176.20 4.91 -48.85
CA SER JC 252 175.91 6.29 -48.48
C SER JC 252 177.10 6.97 -47.80
#